data_5FM1
#
_entry.id   5FM1
#
_cell.length_a   1.000
_cell.length_b   1.000
_cell.length_c   1.000
_cell.angle_alpha   90.00
_cell.angle_beta   90.00
_cell.angle_gamma   90.00
#
_symmetry.space_group_name_H-M   'P 1'
#
loop_
_entity.id
_entity.type
_entity.pdbx_description
1 polymer 'SPINDLE POLE BODY COMPONENT SPC97'
2 polymer 'SPINDLE POLE BODY COMPONENT SPC98'
3 polymer 'TUBULIN GAMMA CHAIN'
4 polymer 'SPINDLE POLE BODY COMPONENT 110'
#
loop_
_entity_poly.entity_id
_entity_poly.type
_entity_poly.pdbx_seq_one_letter_code
_entity_poly.pdbx_strand_id
1 'polypeptide(L)'
;MEIKEVDDRAELLRYTNNIPLLGKLVNHQPLWSTNPKLKSFSLEKISAPDQRRVQEALVVKDLLNVLIGLEGTYIRYFND
YEPSDPETPIEFKIAKKMDPSFKTFSRRIVRYGKQYMILTRAYEKWSDTSFGMVLQRFAYEIRRFLEDVYLKTLVERLER
DFNKVPNFSIRELEQIINETEVNKQMELLYNIYEEIFREIEERRTNQSSQEDFNNFMDSMKNESSLHLRLMVAFDTTVYP
VPKGGAILKIFQQKILENLGDRSSVMFLKKLLNNISQDYCTMLYEWLTQGILNDPYQEFMTYDDLEGKTDNIFDTRDRAW
DTQYFIRKDVLLRDCDSEEDKNLLFKMLRTGILLKVVRASLQIPTIPSNSSDITIQEINDFADLMEGSNLELYVDKCYSR
ANEIFLKLFFQGYDLINVLKHLQQIFLGYQSGHNVLKFLTKNMGELTKHYRNDNNANYDKLLQNFELERQSENPNNLMRQ
LLMIQFDTETLPQVLSHYLQIYPEVPENNSANDDSDPLMHANNFKNMNAILFDELSKERTGAYHGSNLELYTPKSAIYHL
KFDINIPYPLNIIISRTCMIKYQIILRYQLVLQYHSRLLDETWMDLNKTPSWKYRGYSHTVKRRIVRATRVLHAKMNHFI
KTIMEYFNQNVIDKEVYSLEKCYRNPTLAVAIQNELEGGLTNIMTNRCLSDLIPLQLQIFDIVYKFCKFIKSMRAKLCQL
DPVLYEKHKSGMMKTLNEGYRTNNGGQEDVGYQEDAALELIQKLIEYISNASSIFRKCLINFTQELSTEKFDFYDSSSVD
AAGIERVLYSIVPPRSASASSQR
;
A
2 'polypeptide(L)'
;MELEPTLFGIIEALAPQLLSQSHLQTFVSDVVNLLRSSTKSATQLGPLIDFYKLQSLDSPETTIMWHKIEKFLDALFGIQ
NTDDMVKYLSVFQSLLPSNYRAKIVQKSSGLNMENLANHEHLLSPVRAPSIYTEASFENMDRFSERRSMVSSPNRYVPSS
TYSSVTLRQLSNPYYVNTIPEEDILKYVSYTLLATTSALFPFDHEQIQIPSKIPNFESGLLHLIFEAGLLYQSLGYKVEK
FRMLNISPMKKALIIEISEELQNYTAFVNNLVSSGTVVSLKSLYREIYENIIRLRIYCRFTEHLEELSGDTFLIELNIFK
SHGDLTIRKIATNLFNSMISLYYEYLMNWLTKGLLRATYGEFFIAENTDTNGTDDDFIYHIPIEFNQERVPAFIPKELAY
KIFMIGKSYIFLEKYCKEVQWTNEFSKKYHVLYQSNSYRGISTNFFEIINDQYSEIVNHTNQILNQKFHYRDVVFALKNI
LLMGKSDFMDALIEKANDILATPSDSLPNYKLTRVLQEAVQLSSLRHLMNSPRNSSVINGLDARVLDLGHGSVGWDVFTL
DYILYPPLSLVLNVNRPFGRKEYLRIFNFLWRFKKNNYFYQKEMLKSNDIIRSFKKIRGYNPLIRDIINKLSRISILRTQ
FQQFNSKMESYYLNCIIEENFKEMTRKLQRTENKSQNQFDLIRLNNGTIELNGILTPKAEVLTKSSSSKPQKHAIEKTLN
IDELESVHNTFLTNILSHKLFATNTSEISVGDYSGQPYPTSLVLLLNSVYEFVKVYCNLNDIGYEIFIKMNLNDHEASNG
LLGKFNTNLKEIVSQYKNFKDRLYIFRADLKNDGDEELFLLSKSLR
;
B
3 'polypeptide(L)'
;MGGEIITLQAGQCGNHVGKFLWSQLAKEHAIGTDGLSQLPDSSTERDDDTKPFFRENSRNKFTPRAIMMDSEPSVIADVE
NTFRGFFDPRNTWVASDGASAGNSWANGYDIGTRNQDDILNKIDKEIDSTDNFEGFQLLHSVAGGTGSGLGSNLLEALCD
RYPKKILTTYSVFPARSSEVVVQSYNTILALRRLIEDSDATVVFDNASLLNISGKVFRNPNIDLQHTNQLISTIISSVTN
SIRFPSYMYSSMSSIYSTLIPSPELHFLSPSFTPFTSDYIHDDIAHKGHSSYDVMLDLLDPSNSLVSTAMNNPTYFNVYN
TIIGNVEPRQISRAMTKLQQRIKFPSWSSSAMHVNIGRRSPYLPLQPNENEVSGMMLSNMSTVVNVFENACNTFDKVFAK
GAFLNNYNVGDLFQSMQNVQDEFAESREVVQSLMEDYVAAEQDSYLDDVLVDDENMVGELEEDLDADGDHKLV
;
C,D
4 'polypeptide(L)'
;(UNK)(UNK)(UNK)(UNK)(UNK)(UNK)(UNK)(UNK)(UNK)(UNK)(UNK)(UNK)(UNK)(UNK)(UNK)(UNK)
(UNK)(UNK)(UNK)(UNK)(UNK)(UNK)(UNK)(UNK)(UNK)(UNK)(UNK)(UNK)(UNK)(UNK)(UNK)(UNK)
(UNK)(UNK)(UNK)(UNK)(UNK)(UNK)(UNK)(UNK)(UNK)(UNK)(UNK)(UNK)
;
E,F
#
# COMPACT_ATOMS: atom_id res chain seq x y z
N GLN A 55 -69.66 35.67 69.15
CA GLN A 55 -69.95 34.84 68.00
C GLN A 55 -69.19 35.40 66.78
N GLU A 56 -69.59 36.58 66.35
CA GLU A 56 -69.06 37.24 65.16
C GLU A 56 -67.55 37.52 65.27
N ALA A 57 -67.04 38.09 66.36
CA ALA A 57 -65.62 38.38 66.57
C ALA A 57 -64.77 37.18 66.63
N LEU A 58 -65.30 36.09 67.36
CA LEU A 58 -64.60 34.82 67.44
C LEU A 58 -64.42 34.08 66.11
N VAL A 59 -65.51 34.03 65.30
CA VAL A 59 -65.59 33.40 63.99
C VAL A 59 -64.64 34.10 63.04
N VAL A 60 -64.62 35.47 63.08
CA VAL A 60 -63.69 36.21 62.24
C VAL A 60 -62.25 35.97 62.61
N LYS A 61 -61.99 35.85 63.94
CA LYS A 61 -60.71 35.51 64.36
C LYS A 61 -60.15 34.18 63.96
N ASP A 62 -60.98 33.10 63.98
CA ASP A 62 -60.64 31.73 63.70
C ASP A 62 -60.25 31.70 62.30
N LEU A 63 -60.98 32.48 61.50
CA LEU A 63 -60.74 32.58 60.12
C LEU A 63 -59.39 33.23 59.76
N LEU A 64 -58.90 34.28 60.41
CA LEU A 64 -57.65 34.89 60.25
C LEU A 64 -56.48 33.92 60.64
N ASN A 65 -56.63 33.20 61.76
CA ASN A 65 -55.59 32.39 62.32
C ASN A 65 -55.18 31.30 61.39
N VAL A 66 -56.21 30.68 60.75
CA VAL A 66 -56.20 29.54 59.89
C VAL A 66 -55.37 29.83 58.64
N LEU A 67 -55.43 31.05 58.06
CA LEU A 67 -54.81 31.41 56.78
C LEU A 67 -53.30 31.29 56.63
N ILE A 68 -52.53 31.52 57.74
CA ILE A 68 -51.05 31.36 57.83
C ILE A 68 -50.65 29.81 57.71
N GLY A 69 -51.53 28.82 58.01
CA GLY A 69 -51.24 27.40 57.92
C GLY A 69 -52.50 26.68 57.71
N LEU A 70 -52.80 26.23 56.47
CA LEU A 70 -53.86 25.42 56.13
C LEU A 70 -53.59 23.99 56.18
N GLU A 71 -52.34 23.57 56.54
CA GLU A 71 -51.91 22.21 56.56
C GLU A 71 -51.99 21.78 57.98
N GLY A 72 -52.67 22.46 58.93
CA GLY A 72 -52.93 22.17 60.28
C GLY A 72 -53.51 20.82 60.77
N THR A 73 -53.79 20.77 62.11
CA THR A 73 -54.20 19.65 62.82
C THR A 73 -55.66 19.60 63.05
N TYR A 74 -56.55 20.52 62.43
CA TYR A 74 -57.99 20.53 62.64
C TYR A 74 -58.57 21.02 61.38
N ILE A 75 -57.70 21.69 60.58
CA ILE A 75 -57.92 22.10 59.24
C ILE A 75 -57.15 21.03 58.52
N ARG A 76 -57.93 20.08 57.98
CA ARG A 76 -57.51 18.79 57.39
C ARG A 76 -57.32 18.96 55.89
N TYR A 77 -56.58 17.95 55.39
CA TYR A 77 -56.28 17.90 53.95
C TYR A 77 -56.82 16.71 53.28
N PHE A 78 -57.51 16.94 52.14
CA PHE A 78 -57.96 15.94 51.21
C PHE A 78 -57.11 16.14 49.96
N ASN A 79 -56.59 14.96 49.45
CA ASN A 79 -55.48 14.78 48.55
C ASN A 79 -55.73 15.39 47.14
N ASP A 80 -56.91 15.18 46.57
CA ASP A 80 -57.18 15.50 45.21
C ASP A 80 -57.56 16.92 44.91
N ILE A 90 -60.70 17.41 47.25
CA ILE A 90 -61.34 18.72 47.57
C ILE A 90 -60.26 19.71 47.57
N GLU A 91 -59.36 19.53 48.52
CA GLU A 91 -58.17 20.33 48.94
C GLU A 91 -58.21 20.20 50.39
N PHE A 92 -57.70 21.18 51.08
CA PHE A 92 -57.83 21.39 52.48
C PHE A 92 -59.30 21.76 52.76
N LYS A 93 -59.84 21.22 53.88
CA LYS A 93 -61.18 21.59 54.24
C LYS A 93 -61.19 21.76 55.70
N ILE A 94 -62.03 22.62 56.15
CA ILE A 94 -62.22 22.89 57.58
C ILE A 94 -63.73 22.85 57.61
N ALA A 95 -64.30 22.54 58.78
CA ALA A 95 -65.76 22.56 59.05
C ALA A 95 -66.13 23.99 58.92
N LYS A 96 -67.31 24.19 58.34
CA LYS A 96 -67.82 25.53 58.10
C LYS A 96 -68.84 25.83 59.08
N LYS A 97 -69.01 27.15 59.45
CA LYS A 97 -69.83 27.61 60.51
C LYS A 97 -70.70 28.73 60.01
N MET A 98 -71.60 29.19 60.84
CA MET A 98 -72.50 30.21 60.47
C MET A 98 -72.04 31.58 60.83
N ASP A 99 -72.77 32.54 60.06
CA ASP A 99 -72.64 33.92 59.91
C ASP A 99 -72.60 34.02 58.36
N PRO A 100 -73.30 35.00 57.68
CA PRO A 100 -73.25 35.25 56.20
C PRO A 100 -71.85 35.63 55.79
N SER A 101 -71.19 36.38 56.69
CA SER A 101 -69.94 36.97 56.39
C SER A 101 -68.87 35.91 56.18
N PHE A 102 -68.85 34.94 57.10
CA PHE A 102 -67.90 33.82 57.14
C PHE A 102 -68.00 32.85 55.95
N LYS A 103 -69.27 32.44 55.56
CA LYS A 103 -69.39 31.54 54.48
C LYS A 103 -68.91 32.19 53.17
N THR A 104 -69.14 33.57 52.95
CA THR A 104 -68.62 34.23 51.74
C THR A 104 -67.13 34.15 51.70
N PHE A 105 -66.51 34.45 52.87
CA PHE A 105 -65.08 34.52 53.07
C PHE A 105 -64.37 33.21 52.89
N SER A 106 -64.98 32.10 53.38
CA SER A 106 -64.45 30.75 53.19
C SER A 106 -64.37 30.31 51.69
N ARG A 107 -65.34 30.81 50.85
CA ARG A 107 -65.31 30.57 49.45
C ARG A 107 -64.10 31.24 48.78
N ARG A 108 -63.74 32.49 49.10
CA ARG A 108 -62.61 33.17 48.55
C ARG A 108 -61.32 32.44 48.91
N ILE A 109 -61.25 32.03 50.21
CA ILE A 109 -60.17 31.36 50.75
C ILE A 109 -59.86 30.01 50.05
N VAL A 110 -60.96 29.35 49.68
CA VAL A 110 -60.88 28.04 49.01
C VAL A 110 -60.09 28.03 47.73
N ARG A 111 -60.36 29.06 46.89
CA ARG A 111 -59.73 29.19 45.60
C ARG A 111 -58.20 29.33 45.76
N TYR A 112 -57.78 30.18 46.73
CA TYR A 112 -56.38 30.55 47.05
C TYR A 112 -55.63 29.35 47.45
N GLY A 113 -56.30 28.59 48.31
CA GLY A 113 -55.86 27.37 48.90
C GLY A 113 -55.65 26.25 47.94
N LYS A 114 -56.55 26.15 46.98
CA LYS A 114 -56.44 25.12 46.01
C LYS A 114 -55.23 25.23 45.17
N GLN A 115 -54.96 26.48 44.65
CA GLN A 115 -53.76 26.75 43.83
C GLN A 115 -52.47 26.53 44.59
N TYR A 116 -52.37 26.97 45.87
CA TYR A 116 -51.16 26.77 46.73
C TYR A 116 -50.78 25.34 46.86
N MET A 117 -51.81 24.47 47.14
CA MET A 117 -51.60 23.03 47.35
C MET A 117 -51.12 22.38 46.08
N ILE A 118 -51.76 22.72 44.91
CA ILE A 118 -51.45 22.14 43.60
C ILE A 118 -50.06 22.53 43.15
N LEU A 119 -49.59 23.84 43.39
CA LEU A 119 -48.29 24.27 42.92
C LEU A 119 -47.19 23.45 43.56
N THR A 120 -47.33 23.17 44.93
CA THR A 120 -46.49 22.25 45.67
C THR A 120 -46.58 20.79 45.08
N ARG A 121 -47.70 20.22 44.66
CA ARG A 121 -47.66 18.86 44.11
C ARG A 121 -46.91 18.62 42.88
N ALA A 122 -47.10 19.65 41.96
CA ALA A 122 -46.51 19.72 40.71
C ALA A 122 -44.99 19.81 40.70
N TYR A 123 -44.51 20.66 41.68
CA TYR A 123 -43.16 21.02 41.87
C TYR A 123 -42.38 19.72 42.22
N GLU A 124 -42.93 18.79 43.14
CA GLU A 124 -42.27 17.61 43.64
C GLU A 124 -41.92 16.67 42.54
N LYS A 125 -42.86 16.58 41.59
CA LYS A 125 -42.76 15.60 40.45
C LYS A 125 -41.59 15.93 39.60
N TRP A 126 -41.48 17.20 39.24
CA TRP A 126 -40.48 17.76 38.41
C TRP A 126 -39.11 17.79 39.02
N SER A 127 -39.02 17.91 40.41
CA SER A 127 -37.76 17.98 41.20
C SER A 127 -37.35 16.63 41.66
N ASP A 128 -35.98 16.52 41.84
CA ASP A 128 -35.25 15.38 42.33
C ASP A 128 -35.28 14.25 41.34
N THR A 129 -35.56 14.53 40.02
CA THR A 129 -35.59 13.45 39.15
C THR A 129 -35.64 14.15 37.82
N SER A 130 -35.43 13.43 36.73
CA SER A 130 -35.17 14.00 35.36
C SER A 130 -36.27 13.27 34.52
N PHE A 131 -36.87 14.08 33.61
CA PHE A 131 -37.77 13.73 32.54
C PHE A 131 -37.41 14.61 31.44
N GLY A 132 -36.78 15.80 31.66
CA GLY A 132 -36.37 16.70 30.65
C GLY A 132 -35.50 17.60 31.42
N MET A 133 -34.36 18.19 30.88
CA MET A 133 -33.56 19.15 31.61
C MET A 133 -34.35 20.40 31.90
N VAL A 134 -35.19 20.81 30.89
CA VAL A 134 -36.02 21.99 30.80
C VAL A 134 -37.04 22.01 31.86
N LEU A 135 -37.66 20.90 32.13
CA LEU A 135 -38.71 20.65 33.10
C LEU A 135 -38.19 20.92 34.48
N GLN A 136 -36.98 20.50 34.75
CA GLN A 136 -36.38 20.72 36.09
C GLN A 136 -36.21 22.16 36.50
N ARG A 137 -35.69 22.93 35.55
CA ARG A 137 -35.41 24.39 35.62
C ARG A 137 -36.72 25.15 35.76
N PHE A 138 -37.79 24.69 34.97
CA PHE A 138 -39.04 25.42 34.97
C PHE A 138 -39.64 25.31 36.44
N ALA A 139 -39.67 24.14 37.06
CA ALA A 139 -40.21 23.85 38.40
C ALA A 139 -39.54 24.53 39.51
N TYR A 140 -38.16 24.60 39.45
CA TYR A 140 -37.50 25.25 40.51
C TYR A 140 -37.74 26.75 40.68
N GLU A 141 -37.72 27.40 39.45
CA GLU A 141 -38.06 28.79 39.26
C GLU A 141 -39.49 29.08 39.56
N ILE A 142 -40.50 28.31 39.14
CA ILE A 142 -41.88 28.66 39.27
C ILE A 142 -42.26 28.77 40.73
N ARG A 143 -41.81 27.74 41.49
CA ARG A 143 -42.08 27.60 42.89
C ARG A 143 -41.45 28.72 43.68
N ARG A 144 -40.23 29.03 43.32
CA ARG A 144 -39.56 29.98 44.05
C ARG A 144 -40.10 31.38 44.11
N PHE A 145 -40.51 31.84 42.89
CA PHE A 145 -41.15 33.12 42.85
C PHE A 145 -42.47 33.13 43.53
N LEU A 146 -43.35 32.12 43.28
CA LEU A 146 -44.67 32.16 43.75
C LEU A 146 -44.81 32.16 45.27
N GLU A 147 -43.99 31.32 45.89
CA GLU A 147 -43.93 31.15 47.33
C GLU A 147 -43.51 32.37 47.99
N ASP A 148 -42.48 33.04 47.34
CA ASP A 148 -41.83 34.20 47.93
C ASP A 148 -42.80 35.37 48.14
N VAL A 149 -43.62 35.57 47.08
CA VAL A 149 -44.57 36.58 47.05
C VAL A 149 -45.61 36.36 48.12
N TYR A 150 -46.17 35.16 48.15
CA TYR A 150 -47.30 34.79 48.97
C TYR A 150 -46.93 34.84 50.41
N LEU A 151 -45.79 34.27 50.85
CA LEU A 151 -45.43 34.28 52.24
C LEU A 151 -45.20 35.72 52.64
N LYS A 152 -44.50 36.61 51.84
CA LYS A 152 -44.00 37.89 52.32
C LYS A 152 -45.20 38.75 52.64
N THR A 153 -46.19 38.85 51.72
CA THR A 153 -47.34 39.73 51.79
C THR A 153 -48.26 39.26 52.98
N LEU A 154 -48.44 37.91 52.98
CA LEU A 154 -49.42 37.33 53.88
C LEU A 154 -48.94 37.48 55.31
N VAL A 155 -47.59 37.19 55.56
CA VAL A 155 -47.09 37.02 56.96
C VAL A 155 -47.26 38.37 57.62
N GLU A 156 -46.85 39.46 56.84
CA GLU A 156 -46.84 40.91 57.19
C GLU A 156 -48.23 41.44 57.40
N ARG A 157 -49.17 41.07 56.53
CA ARG A 157 -50.51 41.55 56.56
C ARG A 157 -51.28 41.11 57.75
N LEU A 158 -51.08 39.75 58.09
CA LEU A 158 -51.65 39.12 59.24
C LEU A 158 -51.15 39.65 60.49
N GLU A 159 -49.84 39.96 60.58
CA GLU A 159 -49.19 40.43 61.83
C GLU A 159 -49.75 41.68 62.18
N ARG A 160 -50.05 42.67 61.18
CA ARG A 160 -50.46 44.04 61.45
C ARG A 160 -51.84 43.99 62.14
N ASP A 161 -52.66 43.05 61.57
CA ASP A 161 -54.13 42.90 61.87
C ASP A 161 -54.28 42.49 63.28
N PHE A 162 -53.44 41.55 63.67
CA PHE A 162 -53.29 40.93 64.96
C PHE A 162 -52.85 41.97 66.02
N ASN A 163 -51.84 42.84 65.66
CA ASN A 163 -51.20 43.87 66.52
C ASN A 163 -52.28 44.90 66.99
N LYS A 164 -53.03 45.35 66.00
CA LYS A 164 -54.05 46.41 66.21
C LYS A 164 -55.16 45.90 67.02
N VAL A 165 -55.73 44.74 66.70
CA VAL A 165 -56.88 44.20 67.44
C VAL A 165 -57.13 43.05 66.49
N PRO A 166 -56.97 41.72 66.84
CA PRO A 166 -57.03 40.61 65.88
C PRO A 166 -58.53 40.19 65.57
N ASN A 167 -59.32 41.12 64.95
CA ASN A 167 -60.69 40.94 64.47
C ASN A 167 -60.88 41.76 63.22
N PHE A 168 -59.74 42.32 62.65
CA PHE A 168 -59.67 43.30 61.57
C PHE A 168 -59.78 42.64 60.24
N SER A 169 -60.31 43.44 59.26
CA SER A 169 -60.78 43.04 57.98
C SER A 169 -59.83 42.13 57.19
N ILE A 170 -60.40 40.94 56.93
CA ILE A 170 -59.96 39.83 56.12
C ILE A 170 -59.89 40.43 54.68
N ARG A 171 -60.86 41.36 54.26
CA ARG A 171 -61.14 41.79 52.93
C ARG A 171 -59.91 42.40 52.32
N GLU A 172 -59.17 43.25 53.01
CA GLU A 172 -57.98 43.94 52.54
C GLU A 172 -56.83 43.05 52.27
N LEU A 173 -56.60 42.05 53.10
CA LEU A 173 -55.64 40.99 52.90
C LEU A 173 -56.09 40.24 51.65
N GLU A 174 -57.39 39.96 51.47
CA GLU A 174 -57.81 39.15 50.26
C GLU A 174 -57.60 39.80 48.97
N GLN A 175 -57.95 41.11 48.86
CA GLN A 175 -57.89 41.80 47.52
C GLN A 175 -56.52 41.89 46.97
N ILE A 176 -55.49 42.26 47.84
CA ILE A 176 -54.15 42.37 47.32
C ILE A 176 -53.57 40.97 46.89
N ILE A 177 -53.72 39.89 47.68
CA ILE A 177 -53.14 38.60 47.31
C ILE A 177 -53.77 38.10 46.06
N ASN A 178 -55.13 38.29 45.81
CA ASN A 178 -55.89 37.82 44.64
C ASN A 178 -55.33 38.41 43.45
N GLU A 179 -54.99 39.74 43.46
CA GLU A 179 -54.52 40.49 42.33
C GLU A 179 -53.19 39.98 41.88
N THR A 180 -52.27 39.76 42.79
CA THR A 180 -50.93 39.43 42.51
C THR A 180 -50.90 38.03 41.86
N GLU A 181 -51.61 37.12 42.44
CA GLU A 181 -51.62 35.73 42.03
C GLU A 181 -52.14 35.48 40.64
N VAL A 182 -53.31 36.06 40.27
CA VAL A 182 -54.28 35.53 39.38
C VAL A 182 -53.59 35.28 37.98
N ASN A 183 -52.91 36.30 37.55
CA ASN A 183 -52.41 36.52 36.19
C ASN A 183 -51.32 35.45 35.93
N LYS A 184 -50.39 35.38 36.95
CA LYS A 184 -49.16 34.59 36.94
C LYS A 184 -49.55 33.12 37.01
N GLN A 185 -50.35 32.77 38.01
CA GLN A 185 -50.56 31.45 38.59
C GLN A 185 -51.31 30.58 37.60
N MET A 186 -52.40 31.14 36.94
CA MET A 186 -53.29 30.28 36.15
C MET A 186 -52.61 29.67 35.02
N GLU A 187 -51.86 30.59 34.35
CA GLU A 187 -51.18 30.29 33.11
C GLU A 187 -50.07 29.29 33.40
N LEU A 188 -49.26 29.46 34.49
CA LEU A 188 -48.15 28.74 34.86
C LEU A 188 -48.54 27.35 35.13
N LEU A 189 -49.62 27.16 35.93
CA LEU A 189 -50.01 25.82 36.35
C LEU A 189 -50.55 25.02 35.14
N TYR A 190 -51.33 25.66 34.26
CA TYR A 190 -51.96 24.93 33.11
C TYR A 190 -50.87 24.39 32.18
N ASN A 191 -49.87 25.28 31.97
CA ASN A 191 -48.82 25.00 31.00
C ASN A 191 -48.03 23.74 31.37
N ILE A 192 -47.69 23.60 32.69
CA ILE A 192 -46.90 22.48 33.18
C ILE A 192 -47.58 21.15 32.98
N TYR A 193 -48.92 21.18 33.20
CA TYR A 193 -49.70 20.01 32.87
C TYR A 193 -49.73 19.71 31.40
N GLU A 194 -49.85 20.68 30.48
CA GLU A 194 -50.05 20.46 29.08
C GLU A 194 -48.79 19.76 28.62
N GLU A 195 -47.57 20.17 29.11
CA GLU A 195 -46.27 19.65 28.74
C GLU A 195 -46.23 18.19 29.19
N ILE A 196 -46.81 17.79 30.36
CA ILE A 196 -46.79 16.49 30.82
C ILE A 196 -47.59 15.54 29.98
N PHE A 197 -48.87 15.90 29.47
CA PHE A 197 -49.76 15.11 28.66
C PHE A 197 -49.16 14.79 27.40
N ARG A 198 -48.48 15.82 26.79
CA ARG A 198 -47.81 15.79 25.56
C ARG A 198 -46.63 14.87 25.55
N GLU A 199 -45.81 14.86 26.67
CA GLU A 199 -44.70 13.95 26.86
C GLU A 199 -45.27 12.55 26.94
N ILE A 200 -46.42 12.27 27.57
CA ILE A 200 -47.02 10.92 27.76
C ILE A 200 -47.35 10.33 26.38
N GLU A 201 -47.87 11.22 25.57
CA GLU A 201 -48.23 10.94 24.16
C GLU A 201 -46.99 10.68 23.32
N GLU A 202 -45.87 11.50 23.53
CA GLU A 202 -44.72 11.32 22.74
C GLU A 202 -44.07 9.98 23.01
N ARG A 203 -44.05 9.60 24.35
CA ARG A 203 -43.38 8.44 24.79
C ARG A 203 -44.00 7.17 24.22
N ARG A 204 -45.37 7.12 24.16
CA ARG A 204 -46.15 6.09 23.64
C ARG A 204 -45.83 5.96 22.08
N THR A 205 -45.75 7.14 21.44
CA THR A 205 -45.44 7.25 20.03
C THR A 205 -44.01 6.90 19.71
N LYS A 243 -39.72 14.15 22.42
CA LYS A 243 -38.91 14.38 23.59
C LYS A 243 -38.44 15.80 23.66
N GLY A 244 -37.09 16.03 23.38
CA GLY A 244 -36.44 17.35 23.49
C GLY A 244 -37.04 18.34 22.60
N GLY A 245 -37.06 17.95 21.32
CA GLY A 245 -37.42 18.82 20.25
C GLY A 245 -38.89 19.19 20.32
N ALA A 246 -39.68 18.23 20.79
CA ALA A 246 -41.13 18.28 21.05
C ALA A 246 -41.41 19.28 22.13
N ILE A 247 -40.55 19.40 23.23
CA ILE A 247 -40.74 20.41 24.28
C ILE A 247 -40.52 21.79 23.75
N LEU A 248 -39.52 21.99 22.92
CA LEU A 248 -39.26 23.32 22.33
C LEU A 248 -40.36 23.77 21.44
N LYS A 249 -40.93 22.82 20.63
CA LYS A 249 -42.03 23.16 19.86
C LYS A 249 -43.25 23.55 20.57
N ILE A 250 -43.55 22.80 21.67
CA ILE A 250 -44.74 23.17 22.42
C ILE A 250 -44.61 24.55 23.06
N PHE A 251 -43.47 24.88 23.71
CA PHE A 251 -43.36 26.22 24.35
C PHE A 251 -43.33 27.45 23.46
N GLN A 252 -42.71 27.35 22.24
CA GLN A 252 -42.81 28.36 21.22
C GLN A 252 -44.21 28.58 20.72
N GLN A 253 -44.92 27.46 20.57
CA GLN A 253 -46.37 27.45 20.13
C GLN A 253 -47.24 28.14 21.17
N LYS A 254 -47.01 27.91 22.51
CA LYS A 254 -47.72 28.53 23.64
C LYS A 254 -47.53 30.00 23.79
N ILE A 255 -46.32 30.57 23.56
CA ILE A 255 -46.11 32.01 23.55
C ILE A 255 -46.83 32.70 22.48
N LEU A 256 -46.89 32.11 21.26
CA LEU A 256 -47.77 32.55 20.16
C LEU A 256 -49.18 32.42 20.46
N GLU A 257 -49.59 31.32 21.08
CA GLU A 257 -50.97 31.06 21.37
C GLU A 257 -51.60 32.06 22.29
N ASN A 258 -50.91 32.39 23.43
CA ASN A 258 -51.53 33.22 24.43
C ASN A 258 -51.72 34.68 23.97
N LEU A 259 -50.88 35.10 22.97
CA LEU A 259 -50.87 36.43 22.53
C LEU A 259 -50.68 37.39 23.68
N GLY A 260 -51.69 38.30 23.73
CA GLY A 260 -51.83 39.40 24.68
C GLY A 260 -51.93 38.89 26.17
N ASP A 261 -51.96 39.81 27.15
CA ASP A 261 -52.10 39.58 28.55
C ASP A 261 -50.64 39.77 28.94
N ARG A 262 -50.24 41.04 29.22
CA ARG A 262 -48.87 41.50 29.52
C ARG A 262 -48.20 40.91 30.72
N SER A 263 -48.80 40.74 31.91
CA SER A 263 -48.14 40.28 33.14
C SER A 263 -47.59 38.89 33.00
N SER A 264 -48.55 38.01 32.48
CA SER A 264 -48.30 36.65 32.27
C SER A 264 -47.27 36.32 31.22
N VAL A 265 -47.31 36.89 30.04
CA VAL A 265 -46.37 36.71 28.96
C VAL A 265 -44.92 37.13 29.20
N MET A 266 -44.61 38.33 29.84
CA MET A 266 -43.35 38.78 30.26
C MET A 266 -42.74 37.85 31.32
N PHE A 267 -43.60 37.36 32.28
CA PHE A 267 -43.16 36.36 33.28
C PHE A 267 -42.73 35.10 32.62
N LEU A 268 -43.55 34.58 31.70
CA LEU A 268 -43.26 33.37 30.98
C LEU A 268 -41.97 33.48 30.08
N LYS A 269 -41.74 34.65 29.46
CA LYS A 269 -40.59 34.98 28.65
C LYS A 269 -39.31 34.86 29.51
N LYS A 270 -39.34 35.35 30.76
CA LYS A 270 -38.16 35.34 31.63
C LYS A 270 -37.68 33.94 31.93
N LEU A 271 -38.63 33.02 32.15
CA LEU A 271 -38.47 31.59 32.31
C LEU A 271 -37.98 30.89 31.01
N LEU A 272 -38.56 31.31 29.90
CA LEU A 272 -38.26 30.77 28.59
C LEU A 272 -36.80 30.97 28.19
N ASN A 273 -36.25 32.23 28.44
CA ASN A 273 -34.90 32.58 28.06
C ASN A 273 -33.95 31.68 28.88
N ASN A 274 -34.16 31.35 30.21
CA ASN A 274 -33.36 30.48 31.02
C ASN A 274 -33.36 29.06 30.53
N ILE A 275 -34.53 28.49 30.06
CA ILE A 275 -34.87 27.16 29.49
C ILE A 275 -34.13 27.07 28.15
N SER A 276 -34.03 28.10 27.33
CA SER A 276 -33.45 28.02 25.98
C SER A 276 -31.99 27.62 25.91
N GLN A 277 -31.27 27.89 26.99
CA GLN A 277 -29.84 27.81 27.07
C GLN A 277 -29.27 26.47 26.75
N ASP A 278 -29.88 25.32 27.17
CA ASP A 278 -29.31 23.97 26.87
C ASP A 278 -29.37 23.75 25.39
N TYR A 279 -30.51 24.17 24.74
CA TYR A 279 -30.60 24.07 23.33
C TYR A 279 -29.52 24.93 22.66
N CYS A 280 -29.34 26.18 23.14
CA CYS A 280 -28.27 27.04 22.65
C CYS A 280 -26.86 26.41 22.76
N THR A 281 -26.49 25.73 23.95
CA THR A 281 -25.22 25.14 24.20
C THR A 281 -25.00 23.98 23.20
N MET A 282 -26.03 23.13 22.92
CA MET A 282 -26.01 22.05 22.01
C MET A 282 -25.81 22.58 20.65
N LEU A 283 -26.50 23.68 20.20
CA LEU A 283 -26.34 24.18 18.87
C LEU A 283 -24.94 24.75 18.61
N TYR A 284 -24.37 25.54 19.60
CA TYR A 284 -23.07 26.00 19.45
C TYR A 284 -22.08 24.88 19.39
N GLU A 285 -22.13 23.85 20.24
CA GLU A 285 -21.22 22.78 20.20
C GLU A 285 -21.24 22.01 18.93
N TRP A 286 -22.41 21.72 18.45
CA TRP A 286 -22.64 20.88 17.18
C TRP A 286 -22.20 21.59 15.94
N LEU A 287 -22.79 22.78 15.75
CA LEU A 287 -22.49 23.56 14.54
C LEU A 287 -21.03 24.07 14.48
N THR A 288 -20.43 24.61 15.59
CA THR A 288 -19.08 25.23 15.64
C THR A 288 -17.95 24.33 15.88
N GLN A 289 -18.14 23.28 16.68
CA GLN A 289 -17.01 22.38 17.07
C GLN A 289 -17.29 20.94 16.92
N GLY A 290 -18.43 20.66 16.18
CA GLY A 290 -18.63 19.26 15.81
C GLY A 290 -19.02 18.25 16.81
N ILE A 291 -19.55 18.65 18.06
CA ILE A 291 -19.85 17.61 19.04
C ILE A 291 -21.33 17.58 19.18
N LEU A 292 -21.95 16.43 18.95
CA LEU A 292 -23.41 16.26 19.20
C LEU A 292 -23.54 15.81 20.67
N ASN A 293 -24.48 16.48 21.42
CA ASN A 293 -24.65 16.13 22.81
C ASN A 293 -26.04 15.58 22.80
N ASP A 294 -26.31 14.66 23.78
CA ASP A 294 -27.63 14.07 23.93
C ASP A 294 -27.51 13.08 25.09
N PRO A 295 -27.87 13.42 26.33
CA PRO A 295 -27.70 12.50 27.43
C PRO A 295 -28.96 11.61 27.44
N TYR A 296 -30.22 12.04 27.07
CA TYR A 296 -31.47 11.33 27.11
C TYR A 296 -32.42 12.15 26.33
N GLN A 297 -32.06 13.44 25.93
CA GLN A 297 -32.82 14.39 25.12
C GLN A 297 -32.06 15.70 25.37
N GLU A 298 -31.79 16.53 24.37
CA GLU A 298 -31.37 17.86 24.48
C GLU A 298 -31.65 18.50 23.20
N PHE A 299 -32.13 17.76 22.11
CA PHE A 299 -32.50 18.32 20.86
C PHE A 299 -33.23 17.26 20.23
N MET A 300 -32.87 16.87 18.92
CA MET A 300 -33.67 15.93 18.19
C MET A 300 -32.74 15.50 17.05
N THR A 301 -31.40 15.73 17.13
CA THR A 301 -30.42 15.29 16.13
C THR A 301 -29.76 14.03 16.70
N TYR A 302 -29.61 12.95 15.83
CA TYR A 302 -28.92 11.72 16.20
C TYR A 302 -27.98 11.36 15.06
N ASP A 303 -26.90 10.60 15.50
CA ASP A 303 -25.96 10.15 14.52
C ASP A 303 -26.57 9.00 13.73
N ASP A 304 -26.11 8.88 12.50
CA ASP A 304 -26.57 7.89 11.52
C ASP A 304 -28.05 8.17 11.04
N TRP A 320 -16.37 6.18 8.38
CA TRP A 320 -15.26 7.06 7.93
C TRP A 320 -15.54 8.44 8.32
N ASP A 321 -16.49 9.02 7.58
CA ASP A 321 -16.89 10.45 7.62
C ASP A 321 -18.26 10.50 8.26
N THR A 322 -18.95 9.36 8.33
CA THR A 322 -20.29 9.18 8.81
C THR A 322 -21.35 10.23 8.32
N GLN A 323 -22.62 10.01 8.68
CA GLN A 323 -23.81 10.84 8.36
C GLN A 323 -24.58 11.21 9.64
N TYR A 324 -25.46 12.26 9.57
CA TYR A 324 -26.26 12.63 10.70
C TYR A 324 -27.59 12.91 10.11
N PHE A 325 -28.65 12.77 11.04
CA PHE A 325 -30.02 13.01 10.64
C PHE A 325 -30.84 13.44 11.91
N ILE A 326 -32.08 13.86 11.69
CA ILE A 326 -33.03 14.47 12.60
C ILE A 326 -33.87 13.29 13.06
N ARG A 327 -34.14 13.13 14.36
CA ARG A 327 -35.20 12.21 14.80
C ARG A 327 -36.50 12.98 14.70
N LYS A 328 -37.35 12.55 13.76
CA LYS A 328 -38.65 12.95 13.35
C LYS A 328 -39.63 12.64 14.52
N ASP A 329 -39.39 11.48 15.22
CA ASP A 329 -40.24 11.02 16.29
C ASP A 329 -40.22 11.95 17.40
N VAL A 330 -39.00 12.53 17.75
CA VAL A 330 -38.74 13.47 18.84
C VAL A 330 -39.37 14.78 18.44
N LEU A 331 -39.61 15.01 17.12
CA LEU A 331 -40.24 16.17 16.51
C LEU A 331 -39.25 17.20 16.12
N LEU A 332 -39.55 17.93 15.04
CA LEU A 332 -38.61 18.85 14.47
C LEU A 332 -38.65 20.19 15.23
N ARG A 333 -37.75 21.12 14.79
CA ARG A 333 -37.56 22.36 15.48
C ARG A 333 -38.81 23.24 15.45
N ASP A 334 -39.48 23.30 14.22
CA ASP A 334 -40.68 24.03 14.01
C ASP A 334 -41.59 23.11 13.16
N CYS A 335 -41.25 21.76 13.04
CA CYS A 335 -42.15 20.73 12.50
C CYS A 335 -42.84 21.10 11.22
N ASP A 336 -41.92 21.29 10.17
CA ASP A 336 -42.28 21.52 8.76
C ASP A 336 -42.58 22.95 8.49
N SER A 337 -41.86 23.43 7.48
CA SER A 337 -41.98 24.72 6.86
C SER A 337 -40.67 24.83 6.05
N GLU A 338 -40.74 25.54 4.90
CA GLU A 338 -39.63 25.59 3.93
C GLU A 338 -38.39 26.17 4.36
N GLU A 339 -38.53 27.26 5.19
CA GLU A 339 -37.54 27.87 5.97
C GLU A 339 -36.93 26.92 7.01
N ASP A 340 -37.84 26.16 7.72
CA ASP A 340 -37.41 25.17 8.72
C ASP A 340 -36.51 24.08 8.10
N LYS A 341 -36.90 23.51 7.01
CA LYS A 341 -36.27 22.46 6.26
C LYS A 341 -34.93 22.87 5.73
N ASN A 342 -34.76 24.10 5.12
CA ASN A 342 -33.51 24.46 4.61
C ASN A 342 -32.44 24.57 5.79
N LEU A 343 -32.90 25.14 6.88
CA LEU A 343 -32.12 25.48 8.08
C LEU A 343 -31.58 24.27 8.72
N LEU A 344 -32.41 23.18 8.79
CA LEU A 344 -31.96 21.91 9.31
C LEU A 344 -30.95 21.28 8.47
N PHE A 345 -31.10 21.38 7.08
CA PHE A 345 -30.16 20.79 6.18
C PHE A 345 -28.77 21.40 6.25
N LYS A 346 -28.76 22.74 6.40
CA LYS A 346 -27.65 23.59 6.63
C LYS A 346 -26.96 23.29 7.98
N MET A 347 -27.64 23.02 9.07
CA MET A 347 -27.12 22.63 10.35
C MET A 347 -26.36 21.27 10.37
N LEU A 348 -26.97 20.30 9.57
CA LEU A 348 -26.39 18.97 9.44
C LEU A 348 -25.08 19.10 8.70
N ARG A 349 -25.07 19.90 7.63
CA ARG A 349 -23.87 20.06 6.81
C ARG A 349 -22.67 20.71 7.47
N THR A 350 -22.89 21.80 8.28
CA THR A 350 -21.86 22.49 9.03
C THR A 350 -21.24 21.61 10.07
N GLY A 351 -22.06 20.81 10.83
CA GLY A 351 -21.66 19.90 11.83
C GLY A 351 -20.83 18.72 11.35
N ILE A 352 -21.13 18.11 10.15
CA ILE A 352 -20.40 17.05 9.58
C ILE A 352 -18.98 17.44 9.18
N LEU A 353 -18.83 18.71 8.62
CA LEU A 353 -17.54 19.18 8.20
C LEU A 353 -16.65 19.24 9.36
N LEU A 354 -17.15 19.77 10.49
CA LEU A 354 -16.37 19.96 11.67
C LEU A 354 -15.85 18.75 12.42
N LYS A 355 -16.78 17.78 12.49
CA LYS A 355 -16.46 16.49 13.04
C LYS A 355 -15.42 15.70 12.23
N VAL A 356 -15.42 15.74 10.89
CA VAL A 356 -14.43 15.03 10.15
C VAL A 356 -12.95 15.61 10.34
N VAL A 357 -12.90 16.93 10.40
CA VAL A 357 -11.76 17.77 10.68
C VAL A 357 -11.27 17.54 12.13
N ARG A 358 -12.21 17.35 13.12
CA ARG A 358 -11.81 17.08 14.52
C ARG A 358 -11.17 15.76 14.57
N ALA A 359 -11.62 14.84 13.79
CA ALA A 359 -11.07 13.49 13.68
C ALA A 359 -9.75 13.35 13.19
N SER A 360 -9.35 14.27 12.28
CA SER A 360 -8.03 14.46 11.59
C SER A 360 -6.86 14.79 12.48
N LEU A 361 -7.09 14.75 13.84
CA LEU A 361 -6.21 14.99 14.98
C LEU A 361 -5.86 16.45 15.01
N GLN A 362 -4.56 16.72 15.52
CA GLN A 362 -3.86 18.02 15.77
C GLN A 362 -3.31 18.58 14.55
N ILE A 363 -3.90 18.24 13.40
CA ILE A 363 -3.62 18.85 12.14
C ILE A 363 -4.68 19.96 12.13
N PRO A 364 -4.35 21.29 11.83
CA PRO A 364 -5.24 22.46 11.87
C PRO A 364 -6.75 22.20 12.02
N THR A 365 -7.27 22.33 13.27
CA THR A 365 -8.72 22.25 13.66
C THR A 365 -9.17 23.39 14.56
N ILE A 366 -10.49 23.64 14.67
CA ILE A 366 -11.16 24.57 15.42
C ILE A 366 -11.18 25.82 14.64
N PRO A 367 -12.32 26.49 14.29
CA PRO A 367 -12.33 27.71 13.56
C PRO A 367 -11.51 28.68 14.31
N SER A 368 -10.76 29.45 13.54
CA SER A 368 -9.94 30.52 14.04
C SER A 368 -10.46 31.82 13.72
N ASN A 369 -11.72 31.81 13.26
CA ASN A 369 -12.50 33.08 13.24
C ASN A 369 -13.41 33.08 14.42
N SER A 370 -13.92 34.25 14.71
CA SER A 370 -14.76 34.56 15.87
C SER A 370 -16.05 33.78 16.01
N SER A 371 -16.42 33.58 17.31
CA SER A 371 -17.61 32.86 17.81
C SER A 371 -18.93 33.50 17.51
N ASP A 372 -19.96 32.70 17.59
CA ASP A 372 -21.31 33.13 17.34
C ASP A 372 -22.20 32.73 18.51
N ILE A 373 -21.67 32.47 19.68
CA ILE A 373 -22.50 32.17 20.82
C ILE A 373 -23.36 33.39 21.17
N THR A 374 -22.73 34.58 21.11
CA THR A 374 -23.14 35.92 21.48
C THR A 374 -24.40 36.28 20.51
N ILE A 375 -24.36 35.97 19.24
CA ILE A 375 -25.39 36.08 18.21
C ILE A 375 -26.58 35.15 18.48
N GLN A 376 -26.40 33.86 18.89
CA GLN A 376 -27.38 32.85 19.27
C GLN A 376 -28.17 33.20 20.50
N GLU A 377 -27.49 33.74 21.53
CA GLU A 377 -27.98 34.13 22.85
C GLU A 377 -28.91 35.26 22.67
N ILE A 378 -28.65 36.27 21.76
CA ILE A 378 -29.53 37.38 21.51
C ILE A 378 -30.81 36.84 20.83
N ASN A 379 -30.70 35.79 19.91
CA ASN A 379 -31.91 35.12 19.36
C ASN A 379 -32.76 34.47 20.52
N ASP A 380 -32.16 33.81 21.59
CA ASP A 380 -32.99 33.17 22.63
C ASP A 380 -33.81 34.23 23.41
N PHE A 381 -33.20 35.46 23.73
CA PHE A 381 -33.74 36.60 24.50
C PHE A 381 -34.90 37.28 23.78
N ALA A 382 -34.79 37.27 22.44
CA ALA A 382 -35.86 37.64 21.56
C ALA A 382 -37.11 36.76 21.80
N ASP A 383 -36.89 35.35 21.91
CA ASP A 383 -38.02 34.40 22.07
C ASP A 383 -38.96 34.55 20.90
N LEU A 384 -38.33 34.38 19.72
CA LEU A 384 -39.13 34.23 18.52
C LEU A 384 -38.58 32.95 17.89
N MET A 385 -39.07 32.59 16.69
CA MET A 385 -38.70 31.47 15.92
C MET A 385 -38.48 31.94 14.46
N GLU A 386 -38.35 33.29 14.30
CA GLU A 386 -38.20 33.92 12.98
C GLU A 386 -37.04 33.49 12.12
N GLY A 387 -37.31 33.37 10.81
CA GLY A 387 -36.39 32.74 9.86
C GLY A 387 -35.09 33.49 9.69
N SER A 388 -35.16 34.89 9.62
CA SER A 388 -34.06 35.74 9.34
C SER A 388 -32.92 35.71 10.35
N ASN A 389 -33.24 35.73 11.71
CA ASN A 389 -32.27 35.59 12.77
C ASN A 389 -31.55 34.23 12.79
N LEU A 390 -32.31 33.16 12.60
CA LEU A 390 -31.95 31.79 12.65
C LEU A 390 -31.02 31.54 11.50
N GLU A 391 -31.33 32.12 10.31
CA GLU A 391 -30.59 31.98 9.10
C GLU A 391 -29.26 32.65 9.20
N LEU A 392 -29.20 33.81 9.88
CA LEU A 392 -27.99 34.55 10.22
C LEU A 392 -27.06 33.69 11.05
N TYR A 393 -27.57 32.93 12.05
CA TYR A 393 -26.75 32.09 12.84
C TYR A 393 -26.13 31.01 12.03
N VAL A 394 -26.89 30.30 11.17
CA VAL A 394 -26.29 29.15 10.48
C VAL A 394 -25.20 29.61 9.49
N ASP A 395 -25.48 30.76 8.70
CA ASP A 395 -24.49 31.16 7.64
C ASP A 395 -23.14 31.51 8.23
N LYS A 396 -22.99 32.10 9.39
CA LYS A 396 -21.78 32.40 10.15
C LYS A 396 -21.10 31.13 10.58
N CYS A 397 -21.84 30.15 11.13
CA CYS A 397 -21.31 28.89 11.66
C CYS A 397 -20.71 28.07 10.53
N TYR A 398 -21.44 28.14 9.39
CA TYR A 398 -21.22 27.48 8.13
C TYR A 398 -19.91 27.99 7.61
N SER A 399 -19.71 29.33 7.58
CA SER A 399 -18.48 29.86 7.02
C SER A 399 -17.29 29.43 7.68
N ARG A 400 -17.34 29.45 9.06
CA ARG A 400 -16.25 29.20 10.01
C ARG A 400 -15.80 27.76 9.75
N ALA A 401 -16.80 26.82 9.65
CA ALA A 401 -16.73 25.42 9.41
C ALA A 401 -16.14 25.22 8.00
N ASN A 402 -16.47 26.00 6.91
CA ASN A 402 -16.03 25.90 5.56
C ASN A 402 -14.56 26.23 5.46
N GLU A 403 -14.14 27.33 6.06
CA GLU A 403 -12.78 27.79 6.04
C GLU A 403 -11.82 26.84 6.78
N ILE A 404 -12.19 26.32 7.99
CA ILE A 404 -11.36 25.37 8.65
C ILE A 404 -11.19 24.06 7.97
N PHE A 405 -12.28 23.61 7.28
CA PHE A 405 -12.44 22.46 6.50
C PHE A 405 -11.43 22.52 5.35
N LEU A 406 -11.43 23.71 4.73
CA LEU A 406 -10.53 23.96 3.61
C LEU A 406 -9.11 23.86 4.00
N LYS A 407 -8.84 24.53 5.11
CA LYS A 407 -7.49 24.62 5.67
C LYS A 407 -6.95 23.21 6.00
N LEU A 408 -7.78 22.30 6.60
CA LEU A 408 -7.40 20.96 6.95
C LEU A 408 -6.93 20.27 5.73
N PHE A 409 -7.65 20.39 4.68
CA PHE A 409 -7.48 19.65 3.49
C PHE A 409 -6.28 20.08 2.72
N PHE A 410 -6.12 21.40 2.46
CA PHE A 410 -5.12 22.05 1.65
C PHE A 410 -3.78 21.86 2.33
N GLN A 411 -3.68 22.24 3.59
CA GLN A 411 -2.36 22.31 4.28
C GLN A 411 -1.98 20.91 4.57
N GLY A 412 -2.89 20.14 5.29
CA GLY A 412 -2.43 18.85 5.93
C GLY A 412 -2.25 17.68 5.05
N TYR A 413 -3.29 17.34 4.17
CA TYR A 413 -3.29 16.18 3.34
C TYR A 413 -2.79 16.51 1.93
N ASP A 414 -3.01 17.80 1.50
CA ASP A 414 -2.87 18.14 0.10
C ASP A 414 -3.97 17.45 -0.70
N LEU A 415 -5.27 17.69 -0.40
CA LEU A 415 -6.51 17.20 -1.02
C LEU A 415 -6.57 17.57 -2.43
N ILE A 416 -6.29 18.82 -2.77
CA ILE A 416 -6.45 19.33 -4.12
C ILE A 416 -5.58 18.64 -5.18
N ASN A 417 -4.35 18.36 -4.81
CA ASN A 417 -3.54 17.58 -5.74
C ASN A 417 -4.06 16.19 -5.97
N VAL A 418 -4.55 15.54 -4.91
CA VAL A 418 -5.15 14.22 -4.94
C VAL A 418 -6.40 14.27 -5.77
N LEU A 419 -7.16 15.34 -5.71
CA LEU A 419 -8.43 15.62 -6.45
C LEU A 419 -8.21 15.65 -7.92
N LYS A 420 -7.09 16.30 -8.27
CA LYS A 420 -6.67 16.39 -9.65
C LYS A 420 -6.37 15.05 -10.26
N HIS A 421 -5.69 14.14 -9.51
CA HIS A 421 -5.29 12.81 -9.83
C HIS A 421 -6.46 11.90 -10.04
N LEU A 422 -7.54 12.13 -9.24
CA LEU A 422 -8.78 11.37 -9.31
C LEU A 422 -9.45 11.58 -10.58
N GLN A 423 -9.53 12.83 -11.07
CA GLN A 423 -10.06 13.08 -12.39
C GLN A 423 -9.21 12.50 -13.52
N GLN A 424 -7.87 12.60 -13.37
CA GLN A 424 -6.93 12.14 -14.35
C GLN A 424 -6.95 10.60 -14.64
N ILE A 425 -6.77 9.80 -13.56
CA ILE A 425 -6.79 8.41 -13.71
C ILE A 425 -8.14 7.82 -13.85
N PHE A 426 -8.98 8.08 -12.85
CA PHE A 426 -10.26 7.37 -12.62
C PHE A 426 -11.29 7.66 -13.67
N LEU A 427 -11.45 8.95 -13.99
CA LEU A 427 -12.42 9.41 -15.00
C LEU A 427 -12.10 9.02 -16.46
N GLY A 428 -10.78 8.93 -16.78
CA GLY A 428 -10.31 8.26 -17.98
C GLY A 428 -9.80 9.29 -18.77
N TYR A 429 -9.32 10.42 -18.23
CA TYR A 429 -8.82 11.61 -18.87
C TYR A 429 -7.43 11.57 -19.44
N GLN A 430 -6.47 10.93 -18.76
CA GLN A 430 -5.12 10.98 -19.25
C GLN A 430 -4.14 9.93 -18.77
N SER A 431 -4.67 8.77 -18.22
CA SER A 431 -3.88 7.66 -17.70
C SER A 431 -3.23 6.88 -18.78
N GLY A 432 -3.87 7.03 -19.98
CA GLY A 432 -3.38 6.85 -21.31
C GLY A 432 -2.46 5.69 -21.56
N HIS A 433 -1.14 5.94 -21.48
CA HIS A 433 -0.07 5.01 -21.90
C HIS A 433 -0.12 3.73 -21.09
N ASN A 434 -0.38 3.88 -19.76
CA ASN A 434 -0.48 2.76 -18.84
C ASN A 434 -1.66 1.81 -19.16
N VAL A 435 -2.77 2.40 -19.59
CA VAL A 435 -3.87 1.73 -20.06
C VAL A 435 -3.49 0.97 -21.35
N LEU A 436 -2.69 1.64 -22.20
CA LEU A 436 -2.23 1.02 -23.41
C LEU A 436 -1.36 -0.20 -23.21
N LYS A 437 -0.43 -0.12 -22.25
CA LYS A 437 0.51 -1.15 -21.85
C LYS A 437 -0.23 -2.35 -21.29
N PHE A 438 -1.29 -2.11 -20.51
CA PHE A 438 -2.16 -3.08 -19.96
C PHE A 438 -2.87 -3.85 -20.98
N LEU A 439 -3.40 -3.16 -22.01
CA LEU A 439 -4.05 -3.80 -23.15
C LEU A 439 -3.24 -4.73 -24.02
N THR A 440 -1.97 -4.28 -24.35
CA THR A 440 -0.97 -4.94 -25.18
C THR A 440 -0.61 -6.24 -24.51
N LYS A 441 -0.28 -6.22 -23.21
CA LYS A 441 0.15 -7.37 -22.49
C LYS A 441 -0.93 -8.37 -22.37
N ASN A 442 -2.13 -7.86 -22.14
CA ASN A 442 -3.38 -8.66 -21.92
C ASN A 442 -3.99 -9.31 -23.10
N MET A 443 -3.60 -8.79 -24.32
CA MET A 443 -4.34 -8.89 -25.58
C MET A 443 -4.75 -10.26 -25.98
N GLY A 444 -3.89 -11.34 -25.83
CA GLY A 444 -4.12 -12.74 -26.15
C GLY A 444 -5.22 -13.34 -25.30
N GLU A 445 -5.22 -12.96 -23.97
CA GLU A 445 -6.12 -13.41 -22.92
C GLU A 445 -7.57 -12.87 -23.07
N LEU A 446 -7.66 -11.60 -23.56
CA LEU A 446 -8.84 -10.81 -23.70
C LEU A 446 -9.60 -11.30 -24.89
N THR A 447 -8.94 -11.87 -25.95
CA THR A 447 -9.54 -12.47 -27.20
C THR A 447 -10.48 -13.57 -26.80
N LYS A 448 -10.12 -14.35 -25.79
CA LYS A 448 -10.84 -15.56 -25.29
C LYS A 448 -11.84 -15.07 -24.36
N HIS A 449 -13.06 -15.73 -24.40
CA HIS A 449 -14.26 -15.57 -23.52
C HIS A 449 -13.85 -15.39 -22.12
N TYR A 450 -13.43 -16.51 -21.46
CA TYR A 450 -12.90 -16.45 -20.19
C TYR A 450 -12.13 -17.72 -19.86
N ARG A 451 -11.23 -17.64 -18.88
CA ARG A 451 -10.55 -18.78 -18.42
C ARG A 451 -10.21 -18.41 -17.04
N ASN A 452 -10.01 -19.45 -16.18
CA ASN A 452 -9.78 -19.48 -14.80
C ASN A 452 -8.52 -18.74 -14.38
N ASP A 453 -7.46 -18.87 -15.17
CA ASP A 453 -6.25 -18.27 -14.92
C ASP A 453 -6.22 -16.75 -15.13
N ASN A 454 -7.12 -16.24 -16.05
CA ASN A 454 -7.19 -14.89 -16.55
C ASN A 454 -7.22 -13.75 -15.47
N ASN A 455 -8.10 -13.86 -14.51
CA ASN A 455 -8.27 -12.89 -13.43
C ASN A 455 -7.05 -12.62 -12.59
N ALA A 456 -6.32 -13.71 -12.23
CA ALA A 456 -5.06 -13.61 -11.56
C ALA A 456 -3.99 -12.97 -12.32
N ASN A 457 -3.86 -13.31 -13.63
CA ASN A 457 -2.90 -12.73 -14.55
C ASN A 457 -3.17 -11.29 -14.71
N TYR A 458 -4.40 -10.85 -14.87
CA TYR A 458 -4.79 -9.45 -14.97
C TYR A 458 -4.47 -8.72 -13.63
N ASP A 459 -4.70 -9.30 -12.40
CA ASP A 459 -4.50 -8.53 -11.23
C ASP A 459 -3.01 -8.22 -11.14
N LYS A 460 -2.13 -9.27 -11.48
CA LYS A 460 -0.74 -9.13 -11.32
C LYS A 460 -0.19 -8.09 -12.29
N LEU A 461 -0.72 -8.23 -13.53
CA LEU A 461 -0.37 -7.29 -14.54
C LEU A 461 -0.78 -5.85 -14.30
N LEU A 462 -1.97 -5.71 -13.72
CA LEU A 462 -2.59 -4.38 -13.43
C LEU A 462 -1.73 -3.66 -12.46
N GLN A 463 -1.31 -4.45 -11.42
CA GLN A 463 -0.49 -3.98 -10.35
C GLN A 463 0.89 -3.61 -10.90
N ASN A 464 1.35 -4.46 -11.87
CA ASN A 464 2.67 -4.40 -12.42
C ASN A 464 2.96 -3.17 -13.19
N PHE A 465 1.98 -2.63 -13.98
CA PHE A 465 2.22 -1.39 -14.68
C PHE A 465 2.36 -0.16 -13.83
N GLU A 466 1.56 -0.11 -12.77
CA GLU A 466 1.62 0.94 -11.76
C GLU A 466 2.98 0.99 -11.13
N LEU A 467 3.58 -0.19 -10.77
CA LEU A 467 4.85 -0.18 -10.07
C LEU A 467 5.92 0.39 -10.98
N GLU A 468 5.96 -0.08 -12.24
CA GLU A 468 7.05 0.07 -13.09
C GLU A 468 7.43 1.49 -13.46
N ARG A 469 6.42 2.43 -13.61
CA ARG A 469 6.60 3.80 -14.00
C ARG A 469 7.08 4.57 -12.79
N GLN A 470 6.95 3.97 -11.58
CA GLN A 470 7.29 4.41 -10.31
C GLN A 470 6.41 5.54 -9.81
N SER A 471 6.98 6.42 -8.98
CA SER A 471 6.42 7.66 -8.55
C SER A 471 6.57 8.78 -9.53
N GLU A 472 5.58 9.67 -9.47
CA GLU A 472 5.48 10.83 -10.28
C GLU A 472 4.49 11.74 -9.74
N ASN A 473 3.83 11.46 -8.62
CA ASN A 473 2.74 12.24 -8.02
C ASN A 473 3.08 12.15 -6.52
N PRO A 474 2.95 13.11 -5.56
CA PRO A 474 3.28 12.91 -4.19
C PRO A 474 2.48 11.83 -3.45
N ASN A 475 1.25 11.64 -3.99
CA ASN A 475 0.28 10.74 -3.48
C ASN A 475 0.01 9.71 -4.64
N ASN A 476 0.17 8.41 -4.36
CA ASN A 476 -0.04 7.34 -5.20
C ASN A 476 -1.24 6.58 -4.60
N LEU A 477 -2.30 7.32 -4.14
CA LEU A 477 -3.59 6.77 -3.66
C LEU A 477 -4.29 6.10 -4.76
N MET A 478 -4.12 6.75 -5.92
CA MET A 478 -4.76 6.23 -7.14
C MET A 478 -4.21 4.87 -7.58
N ARG A 479 -2.84 4.74 -7.59
CA ARG A 479 -2.08 3.62 -8.13
C ARG A 479 -2.45 2.47 -7.27
N GLN A 480 -2.36 2.50 -5.95
CA GLN A 480 -2.59 1.38 -5.01
C GLN A 480 -3.98 0.92 -4.79
N LEU A 481 -4.93 1.88 -4.52
CA LEU A 481 -6.33 1.67 -4.05
C LEU A 481 -7.21 1.27 -5.14
N LEU A 482 -6.79 1.66 -6.38
CA LEU A 482 -7.40 1.19 -7.59
C LEU A 482 -7.16 -0.25 -7.78
N MET A 483 -8.30 -0.90 -8.01
CA MET A 483 -8.41 -2.38 -8.16
C MET A 483 -9.28 -2.71 -9.30
N ILE A 484 -9.10 -3.94 -9.77
CA ILE A 484 -9.82 -4.44 -10.87
C ILE A 484 -10.70 -5.41 -10.29
N GLN A 485 -11.98 -5.34 -10.78
CA GLN A 485 -13.08 -6.03 -10.27
C GLN A 485 -13.48 -6.97 -11.37
N PHE A 486 -14.15 -8.19 -11.09
CA PHE A 486 -14.64 -9.06 -12.13
C PHE A 486 -16.04 -9.31 -11.80
N ASP A 487 -16.97 -9.27 -12.79
CA ASP A 487 -18.37 -9.59 -12.68
C ASP A 487 -18.56 -11.03 -12.41
N THR A 488 -17.82 -11.83 -13.17
CA THR A 488 -17.91 -13.27 -13.03
C THR A 488 -16.46 -13.77 -13.02
N GLU A 489 -16.19 -14.85 -12.28
CA GLU A 489 -14.88 -15.46 -12.08
C GLU A 489 -13.92 -14.63 -11.22
N THR A 490 -14.40 -13.93 -10.17
CA THR A 490 -13.59 -13.04 -9.36
C THR A 490 -12.55 -13.70 -8.46
N LYS A 554 -20.74 -10.96 -22.10
CA LYS A 554 -20.28 -11.47 -23.45
C LYS A 554 -18.83 -11.95 -23.30
N SER A 555 -17.82 -11.20 -23.92
CA SER A 555 -16.41 -11.67 -23.87
C SER A 555 -15.62 -11.19 -22.58
N ALA A 556 -14.28 -11.34 -22.53
CA ALA A 556 -13.54 -10.95 -21.37
C ALA A 556 -13.61 -9.45 -21.15
N ILE A 557 -13.50 -8.59 -22.24
CA ILE A 557 -13.45 -7.16 -22.15
C ILE A 557 -14.66 -6.57 -21.49
N TYR A 558 -15.85 -7.10 -21.78
CA TYR A 558 -17.09 -6.63 -21.18
C TYR A 558 -17.03 -6.86 -19.64
N HIS A 559 -16.50 -8.04 -19.15
CA HIS A 559 -16.43 -8.40 -17.74
C HIS A 559 -15.46 -7.61 -16.87
N LEU A 560 -14.45 -6.89 -17.42
CA LEU A 560 -13.49 -6.10 -16.68
C LEU A 560 -14.19 -4.95 -16.05
N LYS A 561 -13.90 -4.49 -14.81
CA LYS A 561 -14.71 -3.54 -14.06
C LYS A 561 -13.72 -2.91 -13.13
N PHE A 562 -13.96 -1.68 -12.50
CA PHE A 562 -13.03 -1.07 -11.55
C PHE A 562 -13.68 -0.87 -10.22
N ASP A 563 -12.88 -1.12 -9.21
CA ASP A 563 -13.35 -0.75 -7.86
C ASP A 563 -12.22 0.17 -7.35
N ILE A 564 -12.50 1.26 -6.65
CA ILE A 564 -11.58 2.17 -6.00
C ILE A 564 -11.95 1.99 -4.58
N ASN A 565 -10.95 1.84 -3.68
CA ASN A 565 -11.19 1.58 -2.31
C ASN A 565 -11.58 2.87 -1.56
N ILE A 566 -11.21 4.04 -2.16
CA ILE A 566 -11.39 5.44 -1.81
C ILE A 566 -10.35 6.02 -0.78
N PRO A 567 -9.73 7.22 -0.92
CA PRO A 567 -8.88 7.71 0.14
C PRO A 567 -9.68 8.33 1.32
N TYR A 568 -9.00 8.61 2.47
CA TYR A 568 -9.43 9.43 3.62
C TYR A 568 -8.66 10.79 3.62
N PRO A 569 -9.14 11.98 3.90
CA PRO A 569 -10.54 12.27 4.32
C PRO A 569 -11.29 12.87 3.07
N LEU A 570 -12.07 11.95 2.44
CA LEU A 570 -12.63 12.23 1.11
C LEU A 570 -13.56 11.08 0.66
N ASN A 571 -14.86 11.10 1.12
CA ASN A 571 -15.86 10.12 0.84
C ASN A 571 -17.00 10.60 1.75
N ILE A 572 -17.35 11.90 1.77
CA ILE A 572 -18.34 12.61 2.54
C ILE A 572 -19.62 12.92 1.77
N ILE A 573 -19.66 12.39 0.56
CA ILE A 573 -20.85 12.37 -0.28
C ILE A 573 -20.71 11.07 -1.10
N ILE A 574 -19.58 10.36 -1.05
CA ILE A 574 -19.47 9.16 -1.83
C ILE A 574 -20.43 8.02 -1.42
N SER A 575 -21.10 7.55 -2.50
CA SER A 575 -22.18 6.64 -2.43
C SER A 575 -21.89 5.62 -3.36
N ARG A 576 -22.74 4.54 -3.35
CA ARG A 576 -22.41 3.39 -4.12
C ARG A 576 -22.40 3.65 -5.64
N THR A 577 -23.29 4.53 -6.13
CA THR A 577 -23.62 4.79 -7.43
C THR A 577 -22.50 5.36 -8.25
N CYS A 578 -21.71 6.33 -7.61
CA CYS A 578 -20.69 7.07 -8.26
C CYS A 578 -19.55 6.26 -8.89
N MET A 579 -19.04 5.24 -8.13
CA MET A 579 -18.03 4.28 -8.58
C MET A 579 -18.49 3.47 -9.71
N ILE A 580 -19.82 3.09 -9.70
CA ILE A 580 -20.40 2.34 -10.76
C ILE A 580 -20.37 3.13 -12.01
N LYS A 581 -20.74 4.43 -11.93
CA LYS A 581 -20.84 5.36 -13.02
C LYS A 581 -19.47 5.69 -13.71
N TYR A 582 -18.35 6.01 -12.88
CA TYR A 582 -16.98 6.26 -13.34
C TYR A 582 -16.45 5.02 -14.09
N GLN A 583 -16.85 3.84 -13.62
CA GLN A 583 -16.61 2.54 -14.22
C GLN A 583 -17.18 2.32 -15.60
N ILE A 584 -18.41 2.73 -15.91
CA ILE A 584 -19.06 2.60 -17.22
C ILE A 584 -18.39 3.46 -18.25
N ILE A 585 -17.99 4.73 -17.92
CA ILE A 585 -17.25 5.65 -18.83
C ILE A 585 -15.92 5.01 -19.13
N LEU A 586 -15.21 4.36 -18.16
CA LEU A 586 -14.02 3.57 -18.39
C LEU A 586 -14.19 2.41 -19.31
N ARG A 587 -15.31 1.71 -19.16
CA ARG A 587 -15.51 0.51 -19.94
C ARG A 587 -15.68 0.66 -21.43
N TYR A 588 -16.48 1.74 -21.82
CA TYR A 588 -16.72 2.15 -23.22
C TYR A 588 -15.44 2.67 -23.87
N GLN A 589 -14.62 3.57 -23.18
CA GLN A 589 -13.42 3.99 -23.73
C GLN A 589 -12.47 2.82 -23.91
N LEU A 590 -12.46 1.93 -22.87
CA LEU A 590 -11.52 0.85 -22.82
C LEU A 590 -11.63 -0.14 -23.99
N VAL A 591 -12.81 -0.52 -24.45
CA VAL A 591 -12.98 -1.46 -25.58
C VAL A 591 -12.43 -0.86 -26.83
N LEU A 592 -12.60 0.52 -27.14
CA LEU A 592 -12.15 1.21 -28.32
C LEU A 592 -10.65 1.21 -28.38
N GLN A 593 -9.95 1.50 -27.26
CA GLN A 593 -8.51 1.61 -27.19
C GLN A 593 -7.86 0.18 -27.50
N TYR A 594 -8.51 -0.90 -26.99
CA TYR A 594 -8.08 -2.32 -27.06
C TYR A 594 -8.12 -2.72 -28.53
N HIS A 595 -9.18 -2.35 -29.32
CA HIS A 595 -9.38 -2.64 -30.72
C HIS A 595 -8.28 -1.93 -31.55
N SER A 596 -7.94 -0.76 -31.17
CA SER A 596 -6.84 -0.05 -31.76
C SER A 596 -5.42 -0.65 -31.64
N ARG A 597 -5.14 -1.20 -30.44
CA ARG A 597 -3.85 -1.87 -30.11
C ARG A 597 -3.69 -3.13 -30.95
N LEU A 598 -4.77 -3.94 -31.09
CA LEU A 598 -4.77 -5.17 -31.81
C LEU A 598 -4.58 -4.92 -33.25
N LEU A 599 -5.21 -3.83 -33.76
CA LEU A 599 -5.20 -3.39 -35.17
C LEU A 599 -3.83 -3.01 -35.55
N ASP A 600 -3.14 -2.30 -34.67
CA ASP A 600 -1.74 -1.92 -34.89
C ASP A 600 -0.79 -3.08 -34.99
N GLU A 601 -1.01 -4.13 -34.19
CA GLU A 601 -0.26 -5.32 -34.04
C GLU A 601 -0.26 -6.13 -35.28
N THR A 602 -1.49 -6.18 -35.97
CA THR A 602 -1.83 -6.91 -37.19
C THR A 602 -1.05 -6.39 -38.30
N TRP A 603 -0.86 -5.00 -38.40
CA TRP A 603 -0.05 -4.37 -39.47
C TRP A 603 1.39 -4.72 -39.39
N MET A 604 1.87 -4.71 -38.12
CA MET A 604 3.28 -4.88 -37.82
C MET A 604 3.73 -6.25 -38.28
N ASP A 605 2.88 -7.27 -38.09
CA ASP A 605 3.19 -8.65 -38.50
C ASP A 605 3.41 -8.81 -40.00
N LEU A 606 2.59 -8.09 -40.84
CA LEU A 606 2.53 -8.34 -42.27
C LEU A 606 3.84 -7.92 -42.98
N ASN A 607 4.63 -6.91 -42.50
CA ASN A 607 5.86 -6.38 -43.00
C ASN A 607 6.97 -7.35 -42.99
N LYS A 608 7.05 -8.18 -41.90
CA LYS A 608 8.18 -9.10 -41.63
C LYS A 608 8.11 -10.31 -42.56
N THR A 609 9.27 -11.09 -42.64
CA THR A 609 9.55 -12.09 -43.68
C THR A 609 8.65 -13.33 -43.89
N PRO A 610 8.01 -13.95 -42.89
CA PRO A 610 7.19 -15.08 -43.10
C PRO A 610 5.91 -14.77 -43.83
N SER A 611 5.44 -13.52 -43.85
CA SER A 611 4.28 -13.16 -44.70
C SER A 611 4.54 -13.30 -46.20
N TRP A 612 5.67 -12.76 -46.65
CA TRP A 612 6.11 -12.64 -48.03
C TRP A 612 4.94 -12.09 -48.92
N LYS A 613 4.87 -12.56 -50.22
CA LYS A 613 3.88 -12.50 -51.27
C LYS A 613 3.51 -11.08 -51.54
N TYR A 614 4.48 -10.21 -51.72
CA TYR A 614 4.14 -8.88 -51.98
C TYR A 614 3.93 -8.73 -53.47
N ARG A 623 0.57 -10.41 -54.20
CA ARG A 623 -0.65 -11.27 -54.03
C ARG A 623 -1.73 -10.51 -53.44
N ARG A 624 -3.02 -10.97 -53.49
CA ARG A 624 -4.20 -10.34 -53.15
C ARG A 624 -4.21 -10.15 -51.64
N ILE A 625 -3.62 -11.08 -50.79
CA ILE A 625 -3.72 -10.97 -49.31
C ILE A 625 -3.15 -9.69 -48.83
N VAL A 626 -1.96 -9.29 -49.38
CA VAL A 626 -1.21 -8.09 -48.91
C VAL A 626 -1.96 -6.75 -49.06
N ARG A 627 -2.63 -6.69 -50.27
CA ARG A 627 -3.42 -5.55 -50.74
C ARG A 627 -4.65 -5.24 -49.96
N ALA A 628 -5.37 -6.33 -49.50
CA ALA A 628 -6.51 -6.39 -48.55
C ALA A 628 -6.10 -5.97 -47.17
N THR A 629 -4.92 -6.45 -46.67
CA THR A 629 -4.53 -6.01 -45.37
C THR A 629 -4.37 -4.51 -45.36
N ARG A 630 -3.79 -3.94 -46.45
CA ARG A 630 -3.57 -2.49 -46.52
C ARG A 630 -4.83 -1.71 -46.52
N VAL A 631 -5.86 -2.13 -47.33
CA VAL A 631 -7.11 -1.45 -47.55
C VAL A 631 -7.99 -1.43 -46.26
N LEU A 632 -8.09 -2.60 -45.63
CA LEU A 632 -8.86 -2.86 -44.44
C LEU A 632 -8.26 -2.02 -43.31
N HIS A 633 -6.92 -1.95 -43.26
CA HIS A 633 -6.26 -1.22 -42.18
C HIS A 633 -6.66 0.24 -42.21
N ALA A 634 -6.66 0.88 -43.40
CA ALA A 634 -6.97 2.27 -43.39
C ALA A 634 -8.35 2.64 -42.87
N LYS A 635 -9.33 1.87 -43.40
CA LYS A 635 -10.66 2.13 -42.94
C LYS A 635 -10.97 1.92 -41.47
N MET A 636 -10.46 0.80 -40.96
CA MET A 636 -10.68 0.45 -39.58
C MET A 636 -10.19 1.35 -38.50
N ASN A 637 -8.96 1.88 -38.71
CA ASN A 637 -8.26 2.79 -37.86
C ASN A 637 -8.89 4.16 -37.78
N HIS A 638 -9.33 4.65 -38.94
CA HIS A 638 -9.97 5.95 -38.93
C HIS A 638 -11.33 5.90 -38.15
N PHE A 639 -12.16 4.88 -38.45
CA PHE A 639 -13.48 4.87 -37.76
C PHE A 639 -13.38 4.78 -36.24
N ILE A 640 -12.48 3.89 -35.77
CA ILE A 640 -12.25 3.70 -34.30
C ILE A 640 -11.71 4.97 -33.76
N LYS A 641 -10.78 5.61 -34.47
CA LYS A 641 -10.20 6.83 -33.98
C LYS A 641 -11.20 7.95 -33.87
N THR A 642 -12.15 8.08 -34.78
CA THR A 642 -13.19 9.10 -34.69
C THR A 642 -14.18 8.89 -33.49
N ILE A 643 -14.57 7.58 -33.21
CA ILE A 643 -15.40 7.16 -32.07
C ILE A 643 -14.72 7.53 -30.82
N MET A 644 -13.41 7.23 -30.72
CA MET A 644 -12.49 7.57 -29.62
C MET A 644 -12.33 9.05 -29.43
N GLU A 645 -12.22 9.85 -30.51
CA GLU A 645 -12.03 11.27 -30.46
C GLU A 645 -13.20 11.93 -29.72
N TYR A 646 -14.46 11.60 -30.10
CA TYR A 646 -15.71 12.03 -29.54
C TYR A 646 -16.01 11.59 -28.21
N PHE A 647 -15.68 10.26 -27.96
CA PHE A 647 -15.89 9.75 -26.64
C PHE A 647 -15.05 10.57 -25.54
N ASN A 648 -13.79 10.86 -25.85
CA ASN A 648 -12.75 11.50 -25.01
C ASN A 648 -13.24 12.95 -24.80
N GLN A 649 -13.54 13.59 -25.96
CA GLN A 649 -13.83 14.98 -26.10
C GLN A 649 -15.14 15.46 -25.49
N ASN A 650 -16.29 14.81 -25.96
CA ASN A 650 -17.63 15.28 -25.53
C ASN A 650 -17.89 14.92 -24.15
N VAL A 651 -17.21 13.92 -23.57
CA VAL A 651 -17.52 13.38 -22.27
C VAL A 651 -16.43 13.79 -21.20
N ILE A 652 -15.32 13.01 -21.21
CA ILE A 652 -14.34 13.02 -20.18
C ILE A 652 -13.65 14.33 -20.02
N ASP A 653 -13.12 14.90 -21.16
CA ASP A 653 -12.37 16.10 -21.18
C ASP A 653 -13.25 17.30 -20.84
N LYS A 654 -14.53 17.32 -21.30
CA LYS A 654 -15.54 18.36 -21.12
C LYS A 654 -15.98 18.54 -19.64
N GLU A 655 -16.30 17.40 -19.01
CA GLU A 655 -16.66 17.24 -17.63
C GLU A 655 -15.56 17.61 -16.60
N VAL A 656 -14.29 17.15 -16.85
CA VAL A 656 -13.18 17.45 -15.94
C VAL A 656 -12.93 18.95 -15.91
N TYR A 657 -13.06 19.69 -17.08
CA TYR A 657 -12.84 21.14 -17.07
C TYR A 657 -13.83 21.78 -16.12
N SER A 658 -15.15 21.39 -16.21
CA SER A 658 -16.11 21.92 -15.37
C SER A 658 -15.98 21.63 -13.89
N LEU A 659 -15.55 20.39 -13.39
CA LEU A 659 -15.36 19.98 -12.03
C LEU A 659 -14.32 20.76 -11.36
N GLU A 660 -13.16 21.01 -11.97
CA GLU A 660 -12.10 21.85 -11.39
C GLU A 660 -12.49 23.26 -11.20
N LYS A 661 -13.26 23.81 -12.17
CA LYS A 661 -13.78 25.21 -12.05
C LYS A 661 -14.74 25.31 -10.85
N CYS A 662 -15.77 24.36 -10.67
CA CYS A 662 -16.76 24.51 -9.65
C CYS A 662 -16.04 24.42 -8.30
N TYR A 663 -15.04 23.55 -8.20
CA TYR A 663 -14.27 23.41 -6.95
C TYR A 663 -13.48 24.67 -6.54
N ARG A 664 -12.83 25.37 -7.56
CA ARG A 664 -11.87 26.49 -7.21
C ARG A 664 -12.40 27.78 -6.58
N ASN A 665 -13.58 28.29 -7.12
CA ASN A 665 -14.10 29.60 -6.91
C ASN A 665 -14.60 29.82 -5.41
N PRO A 666 -15.45 28.93 -4.81
CA PRO A 666 -15.85 29.05 -3.42
C PRO A 666 -15.03 28.15 -2.53
N THR A 667 -15.46 27.98 -1.24
CA THR A 667 -14.87 26.99 -0.37
C THR A 667 -15.92 26.00 0.09
N LEU A 668 -17.14 26.13 -0.43
CA LEU A 668 -18.37 25.45 -0.02
C LEU A 668 -18.29 23.96 -0.29
N ALA A 669 -18.73 23.11 0.73
CA ALA A 669 -18.85 21.64 0.77
C ALA A 669 -19.90 21.20 -0.23
N VAL A 670 -20.97 22.02 -0.29
CA VAL A 670 -22.17 21.82 -1.16
C VAL A 670 -21.83 21.80 -2.58
N ALA A 671 -20.84 22.70 -2.94
CA ALA A 671 -20.34 22.82 -4.30
C ALA A 671 -19.75 21.52 -4.76
N ILE A 672 -19.08 20.75 -3.81
CA ILE A 672 -18.47 19.45 -4.18
C ILE A 672 -19.48 18.47 -4.56
N GLN A 673 -20.52 18.32 -3.70
CA GLN A 673 -21.60 17.41 -3.92
C GLN A 673 -22.35 17.72 -5.19
N ASN A 674 -22.62 19.01 -5.52
CA ASN A 674 -23.38 19.47 -6.68
C ASN A 674 -22.62 19.05 -7.94
N GLU A 675 -21.26 19.32 -7.99
CA GLU A 675 -20.41 19.02 -9.19
C GLU A 675 -20.36 17.53 -9.42
N LEU A 676 -20.26 16.65 -8.34
CA LEU A 676 -20.24 15.22 -8.55
C LEU A 676 -21.53 14.70 -9.20
N GLU A 677 -22.70 15.24 -8.77
CA GLU A 677 -24.08 14.95 -9.18
C GLU A 677 -24.28 15.27 -10.59
N GLY A 678 -23.73 16.42 -10.98
CA GLY A 678 -23.85 16.83 -12.35
C GLY A 678 -23.17 15.97 -13.28
N GLY A 679 -21.97 15.58 -12.89
CA GLY A 679 -21.08 14.74 -13.61
C GLY A 679 -21.84 13.38 -13.73
N LEU A 680 -22.51 12.80 -12.71
CA LEU A 680 -23.18 11.52 -12.80
C LEU A 680 -24.38 11.48 -13.75
N THR A 681 -25.17 12.60 -13.73
CA THR A 681 -26.29 12.71 -14.66
C THR A 681 -25.83 12.74 -16.14
N ASN A 682 -24.70 13.49 -16.40
CA ASN A 682 -24.16 13.48 -17.77
C ASN A 682 -23.73 12.02 -18.15
N ILE A 683 -23.16 11.24 -17.14
CA ILE A 683 -22.70 9.83 -17.26
C ILE A 683 -23.93 8.96 -17.69
N MET A 684 -25.11 9.26 -17.06
CA MET A 684 -26.28 8.54 -17.16
C MET A 684 -26.88 8.54 -18.52
N THR A 685 -26.88 9.74 -19.15
CA THR A 685 -27.22 9.97 -20.54
C THR A 685 -26.23 9.20 -21.40
N ASN A 686 -24.87 9.27 -21.12
CA ASN A 686 -23.88 8.40 -21.90
C ASN A 686 -24.12 6.88 -21.76
N ARG A 687 -24.45 6.34 -20.55
CA ARG A 687 -24.78 4.95 -20.30
C ARG A 687 -25.96 4.39 -21.05
N CYS A 688 -27.09 5.19 -21.09
CA CYS A 688 -28.28 4.85 -21.80
C CYS A 688 -28.01 4.80 -23.29
N LEU A 689 -27.29 5.83 -23.83
CA LEU A 689 -26.96 6.08 -25.22
C LEU A 689 -26.01 4.92 -25.76
N SER A 690 -24.96 4.49 -25.03
CA SER A 690 -23.90 3.72 -25.62
C SER A 690 -24.23 2.26 -25.68
N ASP A 691 -23.72 1.48 -26.65
CA ASP A 691 -23.86 0.04 -26.80
C ASP A 691 -23.07 -0.31 -27.98
N LEU A 692 -21.87 0.27 -27.88
CA LEU A 692 -20.75 0.18 -28.78
C LEU A 692 -20.15 -1.24 -28.83
N ILE A 693 -20.05 -1.93 -27.66
CA ILE A 693 -19.28 -3.14 -27.35
C ILE A 693 -19.75 -4.34 -28.12
N PRO A 694 -20.99 -4.66 -28.43
CA PRO A 694 -21.33 -5.84 -29.17
C PRO A 694 -20.81 -5.87 -30.64
N LEU A 695 -20.81 -4.70 -31.47
CA LEU A 695 -20.31 -4.68 -32.80
C LEU A 695 -18.85 -4.86 -32.95
N GLN A 696 -18.14 -4.17 -32.04
CA GLN A 696 -16.68 -4.22 -31.92
C GLN A 696 -16.19 -5.56 -31.56
N LEU A 697 -16.90 -6.31 -30.67
CA LEU A 697 -16.48 -7.66 -30.24
C LEU A 697 -16.48 -8.63 -31.47
N GLN A 698 -17.48 -8.55 -32.33
CA GLN A 698 -17.56 -9.29 -33.50
C GLN A 698 -16.43 -8.95 -34.53
N ILE A 699 -16.15 -7.62 -34.77
CA ILE A 699 -15.02 -7.33 -35.59
C ILE A 699 -13.67 -7.88 -35.07
N PHE A 700 -13.33 -7.83 -33.74
CA PHE A 700 -12.06 -8.24 -33.17
C PHE A 700 -11.84 -9.68 -33.47
N ASP A 701 -12.88 -10.57 -33.36
CA ASP A 701 -12.69 -12.02 -33.57
C ASP A 701 -12.33 -12.28 -34.93
N ILE A 702 -12.96 -11.64 -35.93
CA ILE A 702 -12.58 -11.88 -37.36
C ILE A 702 -11.11 -11.46 -37.70
N VAL A 703 -10.73 -10.30 -37.14
CA VAL A 703 -9.41 -9.69 -37.30
C VAL A 703 -8.29 -10.57 -36.80
N TYR A 704 -8.48 -11.23 -35.61
CA TYR A 704 -7.57 -12.14 -35.00
C TYR A 704 -7.39 -13.36 -35.88
N LYS A 705 -8.49 -13.88 -36.53
CA LYS A 705 -8.34 -14.94 -37.58
C LYS A 705 -7.55 -14.53 -38.82
N PHE A 706 -7.78 -13.28 -39.28
CA PHE A 706 -7.08 -12.65 -40.36
C PHE A 706 -5.59 -12.53 -40.05
N CYS A 707 -5.23 -12.11 -38.81
CA CYS A 707 -3.91 -11.92 -38.23
C CYS A 707 -3.11 -13.23 -38.22
N LYS A 708 -3.76 -14.36 -37.81
CA LYS A 708 -3.17 -15.63 -37.74
C LYS A 708 -2.80 -16.01 -39.17
N PHE A 709 -3.75 -15.78 -40.16
CA PHE A 709 -3.54 -16.19 -41.53
C PHE A 709 -2.41 -15.48 -42.16
N ILE A 710 -2.37 -14.10 -42.02
CA ILE A 710 -1.44 -13.29 -42.71
C ILE A 710 0.03 -13.61 -42.31
N LYS A 711 0.31 -13.80 -41.00
CA LYS A 711 1.65 -13.99 -40.56
C LYS A 711 2.34 -15.20 -41.10
N SER A 712 1.57 -16.22 -41.55
CA SER A 712 2.06 -17.49 -41.99
C SER A 712 2.22 -17.40 -43.48
N MET A 713 2.85 -18.41 -44.08
CA MET A 713 3.17 -18.40 -45.52
C MET A 713 1.85 -18.90 -46.17
N ARG A 714 1.57 -18.38 -47.38
CA ARG A 714 0.26 -18.59 -48.01
C ARG A 714 0.45 -19.28 -49.38
N GLU A 754 -3.36 -20.74 -52.56
CA GLU A 754 -4.47 -21.34 -51.86
C GLU A 754 -5.77 -20.54 -51.87
N ASP A 755 -6.84 -21.38 -51.98
CA ASP A 755 -8.23 -21.06 -51.99
C ASP A 755 -8.67 -20.41 -50.70
N ALA A 756 -8.18 -20.93 -49.60
CA ALA A 756 -8.63 -20.47 -48.25
C ALA A 756 -8.36 -19.04 -47.91
N ALA A 757 -7.18 -18.56 -48.28
CA ALA A 757 -6.71 -17.20 -48.04
C ALA A 757 -7.68 -16.24 -48.76
N LEU A 758 -8.09 -16.59 -50.00
CA LEU A 758 -8.99 -15.88 -50.86
C LEU A 758 -10.41 -15.79 -50.27
N GLU A 759 -10.89 -16.85 -49.66
CA GLU A 759 -12.20 -16.99 -49.11
C GLU A 759 -12.45 -16.00 -47.97
N LEU A 760 -11.41 -15.95 -47.09
CA LEU A 760 -11.34 -15.01 -45.93
C LEU A 760 -11.26 -13.56 -46.33
N ILE A 761 -10.42 -13.36 -47.40
CA ILE A 761 -10.15 -12.09 -47.99
C ILE A 761 -11.42 -11.42 -48.51
N GLN A 762 -12.28 -12.22 -49.14
CA GLN A 762 -13.56 -11.82 -49.65
C GLN A 762 -14.59 -11.53 -48.61
N LYS A 763 -14.63 -12.29 -47.49
CA LYS A 763 -15.50 -12.17 -46.29
C LYS A 763 -15.19 -10.89 -45.64
N LEU A 764 -13.89 -10.53 -45.55
CA LEU A 764 -13.39 -9.35 -44.79
C LEU A 764 -13.88 -8.04 -45.30
N ILE A 765 -13.91 -7.91 -46.67
CA ILE A 765 -14.40 -6.73 -47.40
C ILE A 765 -15.89 -6.58 -47.22
N GLU A 766 -16.62 -7.74 -47.21
CA GLU A 766 -18.10 -7.73 -46.97
C GLU A 766 -18.40 -7.26 -45.55
N TYR A 767 -17.59 -7.72 -44.56
CA TYR A 767 -17.79 -7.34 -43.22
C TYR A 767 -17.59 -5.82 -43.06
N ILE A 768 -16.49 -5.33 -43.62
CA ILE A 768 -16.05 -3.97 -43.55
C ILE A 768 -17.07 -2.97 -44.18
N SER A 769 -17.68 -3.32 -45.34
CA SER A 769 -18.59 -2.43 -45.96
C SER A 769 -19.79 -2.04 -45.21
N ASN A 770 -20.36 -3.12 -44.58
CA ASN A 770 -21.42 -3.14 -43.68
C ASN A 770 -21.01 -2.34 -42.44
N ALA A 771 -19.76 -2.62 -41.91
CA ALA A 771 -19.36 -1.85 -40.75
C ALA A 771 -19.24 -0.32 -40.99
N SER A 772 -18.73 0.03 -42.23
CA SER A 772 -18.45 1.41 -42.57
C SER A 772 -19.69 2.31 -42.54
N SER A 773 -20.80 1.75 -43.05
CA SER A 773 -21.99 2.53 -43.05
C SER A 773 -22.53 2.78 -41.63
N ILE A 774 -22.43 1.77 -40.73
CA ILE A 774 -22.89 1.82 -39.32
C ILE A 774 -22.07 2.93 -38.56
N PHE A 775 -20.76 2.88 -38.80
CA PHE A 775 -19.79 3.76 -38.14
C PHE A 775 -20.12 5.21 -38.49
N ARG A 776 -20.43 5.43 -39.78
CA ARG A 776 -20.61 6.72 -40.26
C ARG A 776 -21.82 7.38 -39.59
N LYS A 777 -22.90 6.62 -39.43
CA LYS A 777 -24.12 7.02 -38.71
C LYS A 777 -23.77 7.29 -37.27
N CYS A 778 -22.94 6.50 -36.63
CA CYS A 778 -22.62 6.53 -35.17
C CYS A 778 -21.97 7.77 -34.77
N LEU A 779 -21.05 8.43 -35.59
CA LEU A 779 -20.25 9.61 -35.28
C LEU A 779 -21.11 10.82 -35.00
N ILE A 780 -22.30 10.99 -35.74
CA ILE A 780 -23.30 12.00 -35.70
C ILE A 780 -23.98 12.04 -34.35
N ASN A 781 -24.27 10.86 -33.70
CA ASN A 781 -24.93 10.72 -32.39
C ASN A 781 -24.18 11.31 -31.17
N PHE A 782 -22.84 11.19 -31.12
CA PHE A 782 -22.17 11.75 -29.88
C PHE A 782 -22.35 13.28 -29.77
N THR A 783 -22.26 13.92 -30.94
CA THR A 783 -22.48 15.38 -30.91
C THR A 783 -23.91 15.79 -30.59
N GLN A 784 -24.88 15.05 -31.26
CA GLN A 784 -26.36 15.33 -31.20
C GLN A 784 -27.12 14.97 -29.89
N GLU A 785 -26.79 13.99 -29.14
CA GLU A 785 -27.49 13.43 -28.05
C GLU A 785 -28.93 13.07 -28.39
N LEU A 786 -29.26 12.38 -29.55
CA LEU A 786 -30.46 11.85 -30.01
C LEU A 786 -30.36 10.32 -29.98
N SER A 787 -31.48 9.66 -29.70
CA SER A 787 -31.46 8.20 -29.51
C SER A 787 -32.11 7.37 -30.61
N THR A 788 -32.69 8.07 -31.66
CA THR A 788 -33.42 7.37 -32.68
C THR A 788 -32.44 6.69 -33.66
N GLU A 789 -31.32 7.44 -34.12
CA GLU A 789 -30.28 6.99 -35.01
C GLU A 789 -29.53 5.86 -34.34
N LYS A 790 -29.40 6.02 -33.05
CA LYS A 790 -28.73 5.14 -32.16
C LYS A 790 -29.45 3.82 -32.10
N PHE A 791 -30.83 3.84 -32.11
CA PHE A 791 -31.73 2.72 -31.97
C PHE A 791 -31.44 1.75 -33.15
N ASP A 792 -31.23 2.29 -34.40
CA ASP A 792 -30.78 1.57 -35.63
C ASP A 792 -29.43 0.89 -35.39
N PHE A 793 -28.55 1.63 -34.71
CA PHE A 793 -27.18 1.21 -34.36
C PHE A 793 -27.24 0.00 -33.42
N TYR A 794 -28.16 -0.04 -32.39
CA TYR A 794 -28.32 -1.17 -31.49
C TYR A 794 -28.65 -2.43 -32.22
N ASP A 795 -29.64 -2.33 -33.18
CA ASP A 795 -30.02 -3.53 -33.94
C ASP A 795 -28.83 -4.03 -34.80
N SER A 796 -28.00 -3.13 -35.41
CA SER A 796 -26.81 -3.50 -36.18
C SER A 796 -25.77 -4.24 -35.47
N SER A 797 -25.45 -3.72 -34.25
CA SER A 797 -24.37 -4.13 -33.39
C SER A 797 -24.53 -5.54 -32.87
N SER A 798 -25.76 -5.96 -32.47
CA SER A 798 -26.13 -7.20 -31.92
C SER A 798 -25.71 -8.35 -32.87
N VAL A 799 -26.32 -8.29 -34.07
CA VAL A 799 -26.03 -9.30 -35.11
C VAL A 799 -26.10 -8.49 -36.42
N ASP A 800 -25.02 -8.52 -37.30
CA ASP A 800 -25.02 -7.98 -38.59
C ASP A 800 -25.83 -8.92 -39.45
N PRO B 180 -44.87 30.23 76.23
CA PRO B 180 -44.66 31.09 75.06
C PRO B 180 -44.30 30.26 73.86
N GLU B 181 -44.32 30.98 72.71
CA GLU B 181 -43.85 30.52 71.42
C GLU B 181 -42.37 30.19 71.35
N GLU B 182 -41.57 30.80 72.31
CA GLU B 182 -40.18 30.70 72.42
C GLU B 182 -39.79 29.30 72.63
N ASP B 183 -40.59 28.57 73.44
CA ASP B 183 -40.45 27.15 73.62
C ASP B 183 -40.65 26.39 72.34
N ILE B 184 -41.61 26.74 71.52
CA ILE B 184 -41.85 26.03 70.29
C ILE B 184 -40.71 26.12 69.26
N LEU B 185 -40.13 27.34 69.17
CA LEU B 185 -38.99 27.70 68.33
C LEU B 185 -37.77 26.89 68.72
N LYS B 186 -37.54 26.73 70.04
CA LYS B 186 -36.40 26.10 70.58
C LYS B 186 -36.27 24.67 70.17
N TYR B 187 -37.40 23.87 70.21
CA TYR B 187 -37.27 22.45 69.84
C TYR B 187 -36.87 22.24 68.34
N VAL B 188 -37.46 23.10 67.56
CA VAL B 188 -37.47 23.14 66.14
C VAL B 188 -36.06 23.40 65.74
N SER B 189 -35.42 24.27 66.54
CA SER B 189 -33.95 24.58 66.38
C SER B 189 -33.06 23.46 66.64
N TYR B 190 -33.42 22.59 67.68
CA TYR B 190 -32.64 21.47 68.05
C TYR B 190 -32.59 20.51 66.88
N THR B 191 -33.79 20.29 66.30
CA THR B 191 -33.98 19.37 65.15
C THR B 191 -33.24 19.82 63.98
N LEU B 192 -33.26 21.16 63.65
CA LEU B 192 -32.37 21.72 62.62
C LEU B 192 -30.83 21.57 62.87
N LEU B 193 -30.30 21.49 64.09
CA LEU B 193 -28.95 21.28 64.57
C LEU B 193 -28.43 19.88 64.39
N ALA B 194 -29.35 18.89 64.08
CA ALA B 194 -29.15 17.50 63.97
C ALA B 194 -28.99 16.97 65.42
N THR B 195 -29.91 17.34 66.32
CA THR B 195 -30.10 16.79 67.70
C THR B 195 -31.59 16.52 67.69
N THR B 196 -31.96 15.25 68.09
CA THR B 196 -33.36 14.75 68.07
C THR B 196 -34.01 15.29 69.29
N SER B 197 -35.21 15.85 69.13
CA SER B 197 -36.01 16.49 70.18
C SER B 197 -36.91 15.46 70.77
N ALA B 198 -37.10 15.46 72.11
CA ALA B 198 -38.02 14.56 72.77
C ALA B 198 -39.46 14.94 72.46
N LEU B 199 -39.75 16.17 72.10
CA LEU B 199 -41.11 16.69 72.03
C LEU B 199 -41.64 16.95 70.66
N PHE B 200 -41.10 16.19 69.73
CA PHE B 200 -41.77 15.93 68.46
C PHE B 200 -41.49 14.56 68.10
N PRO B 201 -42.42 13.68 67.80
CA PRO B 201 -42.14 12.28 67.51
C PRO B 201 -41.37 12.07 66.21
N PHE B 202 -40.48 11.07 66.05
CA PHE B 202 -39.64 10.84 64.94
C PHE B 202 -40.22 9.54 64.43
N ASP B 203 -40.69 9.49 63.17
CA ASP B 203 -41.02 8.29 62.55
C ASP B 203 -39.92 8.12 61.52
N HIS B 204 -39.89 8.91 60.38
CA HIS B 204 -38.86 8.87 59.38
C HIS B 204 -39.03 10.12 58.48
N GLU B 205 -40.11 10.97 58.52
CA GLU B 205 -40.27 12.08 57.58
C GLU B 205 -41.15 13.17 58.13
N GLN B 206 -42.00 12.87 59.21
CA GLN B 206 -42.86 13.81 59.73
C GLN B 206 -43.36 13.47 61.09
N ILE B 207 -43.84 14.59 61.67
CA ILE B 207 -44.62 14.73 62.89
C ILE B 207 -45.91 13.95 62.84
N GLN B 208 -46.36 13.46 64.01
CA GLN B 208 -47.50 12.57 64.04
C GLN B 208 -48.20 13.08 65.32
N ILE B 209 -48.01 14.38 65.62
CA ILE B 209 -48.39 15.12 66.78
C ILE B 209 -49.94 15.25 66.81
N PRO B 210 -50.69 14.77 67.79
CA PRO B 210 -52.23 14.80 67.84
C PRO B 210 -52.68 16.18 67.96
N SER B 211 -54.04 16.29 67.85
CA SER B 211 -54.77 17.46 68.07
C SER B 211 -54.85 17.68 69.57
N LYS B 212 -54.42 18.87 70.04
CA LYS B 212 -54.12 19.16 71.44
C LYS B 212 -53.31 20.41 71.44
N ILE B 213 -53.04 20.97 70.24
CA ILE B 213 -52.10 22.10 70.01
C ILE B 213 -52.69 22.78 68.78
N PRO B 214 -52.43 24.02 68.51
CA PRO B 214 -53.00 24.80 67.41
C PRO B 214 -52.73 24.24 66.10
N ASN B 215 -53.87 24.14 65.21
CA ASN B 215 -53.87 23.42 63.88
C ASN B 215 -52.85 24.05 62.99
N PHE B 216 -52.93 25.41 63.08
CA PHE B 216 -52.30 26.36 62.29
C PHE B 216 -50.80 26.16 62.42
N GLU B 217 -50.27 26.07 63.74
CA GLU B 217 -48.87 25.88 64.14
C GLU B 217 -48.51 24.48 63.79
N SER B 218 -49.40 23.45 63.87
CA SER B 218 -49.04 22.06 63.59
C SER B 218 -48.62 21.93 62.13
N GLY B 219 -49.35 22.61 61.23
CA GLY B 219 -49.10 22.57 59.80
C GLY B 219 -47.75 23.12 59.44
N LEU B 220 -47.40 24.20 60.07
CA LEU B 220 -46.18 24.92 59.89
C LEU B 220 -44.99 24.09 60.36
N LEU B 221 -45.24 23.42 61.52
CA LEU B 221 -44.45 22.45 62.17
C LEU B 221 -44.20 21.21 61.30
N HIS B 222 -45.20 20.81 60.42
CA HIS B 222 -45.06 19.72 59.48
C HIS B 222 -44.00 19.94 58.46
N LEU B 223 -44.08 21.21 57.94
CA LEU B 223 -43.07 21.66 56.97
C LEU B 223 -41.71 21.73 57.56
N ILE B 224 -41.60 22.24 58.82
CA ILE B 224 -40.22 22.33 59.38
C ILE B 224 -39.48 20.99 59.52
N PHE B 225 -40.23 19.97 59.91
CA PHE B 225 -39.66 18.70 60.23
C PHE B 225 -39.03 18.09 58.99
N GLU B 226 -39.63 18.25 57.79
CA GLU B 226 -39.13 17.67 56.48
C GLU B 226 -37.81 18.15 56.18
N ALA B 227 -37.59 19.54 56.32
CA ALA B 227 -36.31 20.10 56.17
C ALA B 227 -35.24 19.67 57.14
N GLY B 228 -35.73 19.62 58.42
CA GLY B 228 -34.80 19.29 59.58
C GLY B 228 -34.34 17.93 59.56
N LEU B 229 -35.27 16.91 59.07
CA LEU B 229 -35.11 15.43 58.91
C LEU B 229 -34.03 15.27 57.88
N LEU B 230 -34.05 16.04 56.77
CA LEU B 230 -33.14 15.87 55.65
C LEU B 230 -31.73 16.11 56.06
N TYR B 231 -31.48 17.24 56.84
CA TYR B 231 -30.23 17.61 57.39
C TYR B 231 -29.62 16.50 58.35
N GLN B 232 -30.50 15.98 59.17
CA GLN B 232 -30.01 15.07 60.24
C GLN B 232 -29.49 13.80 59.58
N SER B 233 -30.30 13.35 58.55
CA SER B 233 -30.06 12.09 57.89
C SER B 233 -28.71 12.18 57.18
N LEU B 234 -28.43 13.35 56.45
CA LEU B 234 -27.18 13.64 55.68
C LEU B 234 -26.04 13.70 56.58
N GLY B 235 -26.22 14.37 57.76
CA GLY B 235 -25.18 14.56 58.79
C GLY B 235 -24.71 13.24 59.37
N TYR B 236 -25.63 12.23 59.59
CA TYR B 236 -25.36 10.87 59.99
C TYR B 236 -24.56 10.16 58.94
N LYS B 237 -24.88 10.30 57.64
CA LYS B 237 -24.15 9.65 56.57
C LYS B 237 -22.70 10.08 56.43
N VAL B 238 -22.43 11.41 56.47
CA VAL B 238 -21.14 11.98 56.33
C VAL B 238 -20.20 11.50 57.44
N GLU B 239 -20.74 11.50 58.70
CA GLU B 239 -20.05 11.08 59.95
C GLU B 239 -19.65 9.64 59.99
N LYS B 240 -20.52 8.79 59.54
CA LYS B 240 -20.26 7.38 59.44
C LYS B 240 -19.18 6.97 58.36
N PHE B 241 -19.26 7.62 57.16
CA PHE B 241 -18.42 7.32 56.04
C PHE B 241 -17.06 7.81 56.40
N ARG B 242 -16.93 8.84 57.26
CA ARG B 242 -15.71 9.34 57.89
C ARG B 242 -15.30 8.26 58.91
N MET B 243 -14.17 7.52 58.64
CA MET B 243 -13.54 6.60 59.53
C MET B 243 -12.20 6.30 58.93
N LEU B 244 -11.86 7.09 57.84
CA LEU B 244 -10.63 7.06 57.01
C LEU B 244 -10.43 5.69 56.36
N ASN B 245 -9.25 5.54 55.58
CA ASN B 245 -8.77 4.29 55.00
C ASN B 245 -9.86 3.81 54.09
N ILE B 246 -10.10 4.69 53.01
CA ILE B 246 -11.11 4.56 51.96
C ILE B 246 -10.37 5.22 50.76
N SER B 247 -11.18 5.36 49.69
CA SER B 247 -10.82 6.14 48.60
C SER B 247 -10.63 7.59 48.98
N PRO B 248 -9.61 8.31 48.56
CA PRO B 248 -9.55 9.79 48.80
C PRO B 248 -10.60 10.54 48.07
N MET B 249 -11.13 9.94 47.01
CA MET B 249 -12.08 10.43 46.14
C MET B 249 -13.38 10.55 46.87
N LYS B 250 -13.73 9.54 47.75
CA LYS B 250 -14.77 9.57 48.77
C LYS B 250 -14.49 10.63 49.84
N LYS B 251 -13.20 10.75 50.40
CA LYS B 251 -12.78 11.63 51.45
C LYS B 251 -13.01 13.03 51.05
N ALA B 252 -12.69 13.35 49.73
CA ALA B 252 -12.79 14.65 49.15
C ALA B 252 -14.29 15.15 49.09
N LEU B 253 -15.28 14.26 48.80
CA LEU B 253 -16.72 14.46 48.89
C LEU B 253 -17.18 14.73 50.29
N ILE B 254 -16.70 13.87 51.31
CA ILE B 254 -17.05 14.02 52.71
C ILE B 254 -16.62 15.32 53.29
N ILE B 255 -15.40 15.75 52.87
CA ILE B 255 -14.84 17.08 53.20
C ILE B 255 -15.66 18.20 52.68
N GLU B 256 -16.15 18.17 51.39
CA GLU B 256 -16.91 19.21 50.77
C GLU B 256 -18.29 19.32 51.38
N ILE B 257 -18.84 18.16 51.70
CA ILE B 257 -20.16 18.03 52.29
C ILE B 257 -20.29 18.63 53.63
N SER B 258 -19.29 18.34 54.53
CA SER B 258 -19.07 18.83 55.83
C SER B 258 -18.86 20.32 56.01
N GLU B 259 -18.12 20.86 55.02
CA GLU B 259 -17.99 22.28 54.94
C GLU B 259 -19.29 23.03 54.53
N GLU B 260 -20.11 22.45 53.62
CA GLU B 260 -21.37 22.97 53.20
C GLU B 260 -22.44 22.95 54.29
N LEU B 261 -22.33 21.90 55.17
CA LEU B 261 -23.26 21.77 56.33
C LEU B 261 -23.02 22.81 57.36
N GLN B 262 -21.79 23.31 57.40
CA GLN B 262 -21.42 24.35 58.36
C GLN B 262 -22.33 25.59 58.26
N ASN B 263 -22.67 26.01 57.04
CA ASN B 263 -23.39 27.15 56.71
C ASN B 263 -24.80 27.10 57.33
N TYR B 264 -25.41 25.88 57.31
CA TYR B 264 -26.65 25.63 57.88
C TYR B 264 -26.66 25.95 59.39
N THR B 265 -25.62 25.45 60.06
CA THR B 265 -25.56 25.60 61.50
C THR B 265 -25.50 27.10 61.95
N ALA B 266 -24.73 27.95 61.17
CA ALA B 266 -24.59 29.39 61.30
C ALA B 266 -25.89 30.10 61.10
N PHE B 267 -26.75 29.64 60.15
CA PHE B 267 -28.07 30.14 59.84
C PHE B 267 -29.09 30.03 60.94
N VAL B 268 -29.11 28.81 61.65
CA VAL B 268 -29.99 28.43 62.74
C VAL B 268 -29.61 29.50 63.81
N ASN B 269 -28.27 29.71 63.92
CA ASN B 269 -27.83 30.64 64.96
C ASN B 269 -28.34 32.07 64.72
N ASN B 270 -28.37 32.58 63.50
CA ASN B 270 -28.94 33.92 63.17
C ASN B 270 -30.40 34.03 63.46
N LEU B 271 -31.13 32.97 63.12
CA LEU B 271 -32.49 32.93 63.41
C LEU B 271 -32.78 32.93 64.84
N VAL B 272 -32.09 32.16 65.68
CA VAL B 272 -32.44 32.23 67.17
C VAL B 272 -32.15 33.54 67.79
N SER B 273 -30.99 34.16 67.47
CA SER B 273 -30.44 35.40 67.96
C SER B 273 -31.21 36.67 67.75
N SER B 274 -31.77 36.80 66.53
CA SER B 274 -32.50 37.96 66.15
C SER B 274 -33.83 37.46 65.57
N GLY B 275 -34.39 36.36 66.14
CA GLY B 275 -35.72 35.96 65.89
C GLY B 275 -36.26 35.06 66.94
N THR B 276 -36.12 35.49 68.23
CA THR B 276 -36.53 34.83 69.49
C THR B 276 -38.04 34.36 69.48
N VAL B 277 -38.92 35.27 68.98
CA VAL B 277 -40.32 34.91 68.77
C VAL B 277 -40.54 35.18 67.33
N VAL B 278 -40.52 34.08 66.50
CA VAL B 278 -40.46 34.17 65.06
C VAL B 278 -41.39 33.08 64.59
N SER B 279 -41.98 33.33 63.46
CA SER B 279 -43.02 32.51 62.83
C SER B 279 -42.33 31.39 62.09
N LEU B 280 -42.94 30.20 62.28
CA LEU B 280 -42.58 28.98 61.65
C LEU B 280 -42.72 28.93 60.13
N LYS B 281 -43.73 29.60 59.52
CA LYS B 281 -43.96 29.71 58.11
C LYS B 281 -42.82 30.48 57.48
N SER B 282 -42.52 31.54 58.16
CA SER B 282 -41.42 32.52 57.91
C SER B 282 -40.09 31.83 58.06
N LEU B 283 -39.87 30.95 59.03
CA LEU B 283 -38.68 30.21 59.44
C LEU B 283 -38.28 29.30 58.26
N TYR B 284 -39.39 28.67 57.65
CA TYR B 284 -39.40 27.74 56.60
C TYR B 284 -38.91 28.38 55.33
N ARG B 285 -39.46 29.63 55.04
CA ARG B 285 -39.10 30.41 53.82
C ARG B 285 -37.60 30.83 53.89
N GLU B 286 -37.12 31.26 55.11
CA GLU B 286 -35.80 31.83 55.21
C GLU B 286 -34.71 30.78 54.89
N ILE B 287 -34.99 29.54 55.29
CA ILE B 287 -33.99 28.49 55.13
C ILE B 287 -34.42 27.71 53.92
N TYR B 288 -34.93 28.33 52.85
CA TYR B 288 -35.36 27.63 51.67
C TYR B 288 -34.24 26.99 50.83
N GLU B 289 -33.14 27.76 50.63
CA GLU B 289 -32.10 27.36 49.72
C GLU B 289 -31.39 26.13 50.02
N ASN B 290 -31.20 25.99 51.36
CA ASN B 290 -30.55 24.83 52.00
C ASN B 290 -31.24 23.55 51.81
N ILE B 291 -32.59 23.53 51.68
CA ILE B 291 -33.46 22.37 51.32
C ILE B 291 -33.23 21.85 49.97
N ILE B 292 -33.02 22.67 49.01
CA ILE B 292 -32.82 22.44 47.58
C ILE B 292 -31.45 21.72 47.57
N ARG B 293 -30.49 22.25 48.31
CA ARG B 293 -29.13 21.71 48.28
C ARG B 293 -29.03 20.30 48.89
N LEU B 294 -29.68 20.05 50.08
CA LEU B 294 -29.58 18.81 50.86
C LEU B 294 -30.10 17.72 50.05
N ARG B 295 -31.22 17.93 49.30
CA ARG B 295 -31.97 16.87 48.71
C ARG B 295 -31.20 16.13 47.67
N ILE B 296 -30.57 16.96 46.88
CA ILE B 296 -29.73 16.47 45.77
C ILE B 296 -28.61 15.62 46.34
N TYR B 297 -27.94 16.06 47.43
CA TYR B 297 -26.90 15.34 48.13
C TYR B 297 -27.28 14.04 48.67
N CYS B 298 -28.49 13.87 49.17
CA CYS B 298 -29.01 12.66 49.69
C CYS B 298 -29.11 11.53 48.58
N ARG B 299 -29.40 11.94 47.33
CA ARG B 299 -29.33 10.96 46.23
C ARG B 299 -27.92 10.37 46.06
N PHE B 300 -26.93 11.29 46.18
CA PHE B 300 -25.50 11.02 46.00
C PHE B 300 -24.86 10.08 46.92
N THR B 301 -25.15 10.25 48.24
CA THR B 301 -24.67 9.46 49.39
C THR B 301 -25.16 8.02 49.26
N GLU B 302 -26.39 7.85 48.73
CA GLU B 302 -27.04 6.58 48.42
C GLU B 302 -26.27 5.84 47.30
N HIS B 303 -25.94 6.49 46.22
CA HIS B 303 -25.19 5.92 45.21
C HIS B 303 -23.70 5.60 45.60
N LEU B 304 -23.11 6.38 46.54
CA LEU B 304 -21.76 6.17 47.13
C LEU B 304 -21.63 4.85 47.74
N GLU B 305 -22.76 4.29 48.32
CA GLU B 305 -22.81 2.93 48.95
C GLU B 305 -22.46 1.74 48.03
N GLU B 306 -22.95 1.84 46.72
CA GLU B 306 -22.85 0.75 45.84
C GLU B 306 -21.52 0.40 45.39
N LEU B 307 -20.66 1.45 45.09
CA LEU B 307 -19.52 1.25 44.28
C LEU B 307 -18.47 2.03 45.03
N SER B 308 -17.14 1.96 44.57
CA SER B 308 -16.08 2.52 45.32
C SER B 308 -15.18 3.10 44.27
N GLY B 309 -14.62 4.31 44.48
CA GLY B 309 -13.53 4.86 43.73
C GLY B 309 -14.06 5.68 42.59
N ASP B 310 -13.53 5.38 41.35
CA ASP B 310 -13.63 6.05 40.05
C ASP B 310 -14.98 5.99 39.43
N THR B 311 -15.80 5.10 40.02
CA THR B 311 -17.20 4.95 39.79
C THR B 311 -17.98 6.20 40.13
N PHE B 312 -17.59 6.99 41.20
CA PHE B 312 -18.18 8.19 41.59
C PHE B 312 -18.20 9.22 40.48
N LEU B 313 -17.17 9.32 39.64
CA LEU B 313 -17.03 10.28 38.56
C LEU B 313 -18.12 10.09 37.50
N ILE B 314 -18.51 8.78 37.22
CA ILE B 314 -19.57 8.36 36.35
C ILE B 314 -20.89 8.84 36.98
N GLU B 315 -21.09 8.63 38.29
CA GLU B 315 -22.32 8.94 39.08
C GLU B 315 -22.57 10.42 39.03
N LEU B 316 -21.39 11.09 39.20
CA LEU B 316 -21.25 12.50 39.11
C LEU B 316 -21.63 13.08 37.67
N ASN B 317 -21.20 12.39 36.57
CA ASN B 317 -21.37 12.75 35.12
C ASN B 317 -22.83 12.69 34.77
N ILE B 318 -23.58 11.60 35.15
CA ILE B 318 -25.04 11.45 34.88
C ILE B 318 -25.76 12.51 35.60
N PHE B 319 -25.48 12.83 36.85
CA PHE B 319 -26.17 13.85 37.65
C PHE B 319 -26.07 15.27 37.02
N LYS B 320 -24.85 15.62 36.49
CA LYS B 320 -24.53 16.95 35.84
C LYS B 320 -25.46 17.11 34.59
N SER B 321 -25.81 15.94 33.91
CA SER B 321 -26.61 15.91 32.73
C SER B 321 -28.01 16.42 33.02
N HIS B 322 -28.59 16.17 34.19
CA HIS B 322 -29.85 16.73 34.52
C HIS B 322 -29.84 18.22 34.71
N GLY B 323 -30.89 18.89 34.21
CA GLY B 323 -31.06 20.35 34.19
C GLY B 323 -31.09 21.00 35.56
N ASP B 324 -31.23 22.33 35.66
CA ASP B 324 -31.19 23.15 36.82
C ASP B 324 -29.79 23.63 37.15
N LEU B 325 -29.66 24.95 37.31
CA LEU B 325 -28.40 25.74 37.52
C LEU B 325 -27.72 25.16 38.73
N THR B 326 -28.46 24.82 39.82
CA THR B 326 -27.86 24.30 41.03
C THR B 326 -27.14 22.96 40.93
N ILE B 327 -27.81 22.00 40.25
CA ILE B 327 -27.39 20.58 40.33
C ILE B 327 -26.05 20.42 39.70
N ARG B 328 -25.85 21.03 38.57
CA ARG B 328 -24.64 21.07 37.84
C ARG B 328 -23.52 21.68 38.63
N LYS B 329 -23.79 22.83 39.39
CA LYS B 329 -22.88 23.54 40.18
C LYS B 329 -22.37 22.73 41.33
N ILE B 330 -23.32 22.06 41.99
CA ILE B 330 -23.00 21.20 43.09
C ILE B 330 -22.16 20.03 42.61
N ALA B 331 -22.51 19.43 41.48
CA ALA B 331 -21.74 18.40 40.88
C ALA B 331 -20.33 18.83 40.47
N THR B 332 -20.10 20.00 39.90
CA THR B 332 -18.81 20.52 39.56
C THR B 332 -17.92 20.76 40.67
N ASN B 333 -18.37 21.27 41.84
CA ASN B 333 -17.57 21.41 43.01
C ASN B 333 -16.94 20.14 43.67
N LEU B 334 -17.80 19.10 43.65
CA LEU B 334 -17.34 17.70 44.03
C LEU B 334 -16.24 17.23 43.03
N PHE B 335 -16.47 17.54 41.72
CA PHE B 335 -15.63 17.15 40.69
C PHE B 335 -14.21 17.71 40.80
N ASN B 336 -14.08 19.07 41.07
CA ASN B 336 -12.79 19.74 41.12
C ASN B 336 -11.98 19.06 42.13
N SER B 337 -12.56 18.65 43.32
CA SER B 337 -11.84 17.92 44.25
C SER B 337 -11.35 16.47 43.92
N MET B 338 -12.22 15.65 43.26
CA MET B 338 -11.86 14.37 42.87
C MET B 338 -10.82 14.29 41.79
N ILE B 339 -10.93 15.15 40.74
CA ILE B 339 -10.08 15.20 39.62
C ILE B 339 -8.62 15.55 39.98
N SER B 340 -8.47 16.42 41.04
CA SER B 340 -7.12 16.75 41.49
C SER B 340 -6.28 15.54 41.90
N LEU B 341 -7.03 14.60 42.53
CA LEU B 341 -6.58 13.31 42.90
C LEU B 341 -6.22 12.40 41.73
N TYR B 342 -7.04 12.37 40.64
CA TYR B 342 -6.75 11.55 39.44
C TYR B 342 -5.49 11.95 38.77
N TYR B 343 -5.30 13.25 38.65
CA TYR B 343 -4.18 13.89 38.00
C TYR B 343 -2.85 13.52 38.65
N GLU B 344 -2.89 13.48 39.98
CA GLU B 344 -1.80 12.96 40.80
C GLU B 344 -1.44 11.53 40.57
N TYR B 345 -2.48 10.61 40.52
CA TYR B 345 -2.38 9.17 40.37
C TYR B 345 -1.81 8.85 39.03
N LEU B 346 -2.26 9.56 37.98
CA LEU B 346 -1.81 9.53 36.63
C LEU B 346 -0.33 9.95 36.62
N MET B 347 0.08 10.98 37.33
CA MET B 347 1.47 11.48 37.28
C MET B 347 2.43 10.44 37.88
N ASN B 348 2.03 9.79 38.97
CA ASN B 348 2.80 8.69 39.60
C ASN B 348 2.89 7.52 38.47
N TRP B 349 1.78 7.26 37.80
CA TRP B 349 1.68 6.11 36.97
C TRP B 349 2.65 6.26 35.76
N LEU B 350 2.45 7.37 35.04
CA LEU B 350 3.22 7.65 33.85
C LEU B 350 4.71 7.87 34.17
N THR B 351 5.10 8.64 35.24
CA THR B 351 6.43 9.02 35.43
C THR B 351 7.30 7.94 36.09
N LYS B 352 6.76 7.10 37.06
CA LYS B 352 7.64 6.21 37.81
C LYS B 352 7.07 4.83 37.83
N GLY B 353 6.12 4.51 36.92
CA GLY B 353 5.60 3.24 36.77
C GLY B 353 4.63 2.96 37.85
N LEU B 354 4.01 1.75 37.78
CA LEU B 354 2.99 1.19 38.70
C LEU B 354 2.46 1.95 39.88
N LEU B 355 1.15 2.40 39.68
CA LEU B 355 0.32 3.04 40.65
C LEU B 355 -0.90 2.09 40.67
N ARG B 356 -1.09 1.21 41.68
CA ARG B 356 -2.22 0.32 41.77
C ARG B 356 -3.33 1.09 42.39
N ALA B 357 -4.54 0.77 41.90
CA ALA B 357 -5.85 1.39 42.17
C ALA B 357 -6.14 1.27 43.60
N THR B 358 -6.00 0.08 44.22
CA THR B 358 -6.22 -0.22 45.66
C THR B 358 -7.70 -0.29 45.89
N TYR B 359 -8.30 0.90 45.99
CA TYR B 359 -9.74 1.08 46.25
C TYR B 359 -10.32 1.65 45.01
N GLY B 360 -9.59 1.90 43.96
CA GLY B 360 -10.02 2.44 42.75
C GLY B 360 -9.66 3.80 42.74
N GLU B 361 -8.41 4.03 42.23
CA GLU B 361 -7.87 5.33 41.98
C GLU B 361 -7.36 5.45 40.63
N PHE B 362 -7.35 4.33 39.96
CA PHE B 362 -6.78 4.18 38.62
C PHE B 362 -7.39 3.00 37.97
N PHE B 363 -7.02 2.76 36.66
CA PHE B 363 -7.44 1.70 35.73
C PHE B 363 -6.36 0.65 35.70
N ILE B 364 -5.70 0.21 36.84
CA ILE B 364 -4.81 -0.88 36.80
C ILE B 364 -5.62 -2.02 37.41
N ALA B 365 -5.59 -3.21 36.78
CA ALA B 365 -6.21 -4.45 37.30
C ALA B 365 -5.18 -5.49 37.22
N GLU B 366 -5.26 -6.39 38.22
CA GLU B 366 -4.32 -7.49 38.37
C GLU B 366 -4.64 -8.63 37.39
N ASN B 367 -3.56 -9.31 36.92
CA ASN B 367 -3.70 -10.40 36.01
C ASN B 367 -4.24 -9.81 34.62
N TYR B 379 6.61 -9.81 39.54
CA TYR B 379 7.81 -10.56 38.92
C TYR B 379 7.49 -10.91 37.50
N HIS B 380 6.46 -11.77 37.37
CA HIS B 380 5.98 -12.36 36.14
C HIS B 380 4.47 -12.10 36.02
N ILE B 381 3.85 -11.40 36.99
CA ILE B 381 2.40 -11.18 37.02
C ILE B 381 2.16 -9.89 36.27
N PRO B 382 1.29 -9.84 35.23
CA PRO B 382 0.99 -8.64 34.49
C PRO B 382 -0.10 -7.82 35.10
N ILE B 383 -0.38 -6.72 34.45
CA ILE B 383 -1.54 -5.86 34.73
C ILE B 383 -2.21 -5.73 33.45
N GLU B 384 -3.45 -5.13 33.52
CA GLU B 384 -4.31 -4.96 32.42
C GLU B 384 -5.23 -3.69 32.76
N PHE B 385 -5.94 -3.33 31.69
CA PHE B 385 -6.72 -2.16 31.46
C PHE B 385 -8.09 -2.27 31.88
N ASN B 386 -8.68 -1.27 32.64
CA ASN B 386 -10.07 -1.18 32.92
C ASN B 386 -10.83 -0.13 32.17
N GLN B 387 -11.48 -0.58 31.14
CA GLN B 387 -12.26 0.34 30.31
C GLN B 387 -13.43 0.93 31.00
N GLU B 388 -14.16 0.21 31.88
CA GLU B 388 -15.31 0.50 32.55
C GLU B 388 -15.24 1.68 33.49
N ARG B 389 -14.10 1.84 34.21
CA ARG B 389 -14.02 2.89 35.25
C ARG B 389 -13.99 4.34 34.91
N VAL B 390 -13.39 4.70 33.76
CA VAL B 390 -13.23 6.04 33.25
C VAL B 390 -14.60 6.68 32.97
N PRO B 391 -14.92 7.99 33.37
CA PRO B 391 -16.26 8.52 32.97
C PRO B 391 -16.17 8.92 31.53
N ALA B 392 -17.14 9.60 30.93
CA ALA B 392 -17.09 9.90 29.50
C ALA B 392 -16.19 10.92 29.15
N PHE B 393 -15.74 11.70 30.23
CA PHE B 393 -14.88 12.89 30.11
C PHE B 393 -13.47 12.51 29.75
N ILE B 394 -13.04 11.28 30.03
CA ILE B 394 -11.87 10.71 29.50
C ILE B 394 -12.42 9.63 28.65
N PRO B 395 -12.21 9.56 27.30
CA PRO B 395 -12.63 8.43 26.53
C PRO B 395 -11.91 7.17 26.93
N LYS B 396 -12.52 6.01 26.70
CA LYS B 396 -11.91 4.71 26.89
C LYS B 396 -10.75 4.47 26.02
N GLU B 397 -10.77 4.97 24.72
CA GLU B 397 -9.63 4.92 23.87
C GLU B 397 -8.43 5.69 24.39
N LEU B 398 -8.68 6.92 24.98
CA LEU B 398 -7.62 7.84 25.49
C LEU B 398 -6.92 7.14 26.66
N ALA B 399 -7.67 6.53 27.51
CA ALA B 399 -7.26 5.86 28.73
C ALA B 399 -6.35 4.66 28.45
N TYR B 400 -6.73 3.92 27.38
CA TYR B 400 -5.99 2.78 26.88
C TYR B 400 -4.59 3.13 26.42
N LYS B 401 -4.40 4.26 25.71
CA LYS B 401 -3.18 4.79 25.15
C LYS B 401 -2.24 5.08 26.27
N ILE B 402 -2.86 5.63 27.37
CA ILE B 402 -2.17 6.00 28.64
C ILE B 402 -1.64 4.70 29.30
N PHE B 403 -2.44 3.67 29.30
CA PHE B 403 -2.16 2.31 29.82
C PHE B 403 -1.01 1.74 29.03
N MET B 404 -1.00 1.90 27.69
CA MET B 404 -0.02 1.41 26.81
C MET B 404 1.37 1.99 27.00
N ILE B 405 1.40 3.32 27.15
CA ILE B 405 2.62 4.07 27.38
C ILE B 405 3.30 3.73 28.67
N GLY B 406 2.41 3.61 29.71
CA GLY B 406 2.73 3.38 31.08
C GLY B 406 3.41 1.99 31.17
N LYS B 407 2.80 1.06 30.41
CA LYS B 407 3.22 -0.34 30.37
C LYS B 407 4.63 -0.44 29.86
N SER B 408 4.97 0.39 28.83
CA SER B 408 6.26 0.49 28.20
C SER B 408 7.28 1.02 29.22
N TYR B 409 6.95 2.06 30.07
CA TYR B 409 7.85 2.66 31.09
C TYR B 409 8.18 1.60 32.08
N ILE B 410 7.24 0.75 32.54
CA ILE B 410 7.50 -0.33 33.52
C ILE B 410 8.46 -1.29 32.89
N PHE B 411 8.36 -1.68 31.58
CA PHE B 411 9.20 -2.56 30.84
C PHE B 411 10.61 -1.93 30.73
N LEU B 412 10.81 -0.60 30.56
CA LEU B 412 12.13 0.03 30.55
C LEU B 412 12.92 -0.08 31.89
N GLU B 413 12.29 0.06 33.06
CA GLU B 413 12.78 -0.14 34.38
C GLU B 413 13.11 -1.65 34.67
N LYS B 414 12.36 -2.62 34.20
CA LYS B 414 12.66 -4.04 34.33
C LYS B 414 13.84 -4.46 33.60
N TYR B 415 14.13 -3.82 32.42
CA TYR B 415 15.29 -4.12 31.61
C TYR B 415 16.57 -3.91 32.40
N CYS B 416 16.56 -2.71 33.08
CA CYS B 416 17.61 -2.29 34.01
C CYS B 416 17.18 -0.85 34.24
N LYS B 417 16.89 -0.46 35.55
CA LYS B 417 16.28 0.76 36.12
C LYS B 417 16.94 1.98 35.59
N GLU B 418 16.14 2.87 35.07
CA GLU B 418 16.55 4.07 34.48
C GLU B 418 16.35 5.16 35.41
N VAL B 419 17.31 6.14 35.38
CA VAL B 419 17.35 7.30 36.20
C VAL B 419 16.31 8.34 35.66
N GLN B 420 15.55 9.02 36.62
CA GLN B 420 14.49 9.95 36.36
C GLN B 420 14.92 11.10 35.42
N TRP B 421 14.53 11.05 34.13
CA TRP B 421 15.00 11.95 33.08
C TRP B 421 14.10 13.18 32.99
N THR B 422 14.11 13.77 31.80
CA THR B 422 13.42 15.05 31.48
C THR B 422 11.94 14.96 31.42
N ASN B 423 11.39 13.74 31.24
CA ASN B 423 10.02 13.43 31.28
C ASN B 423 9.37 13.79 32.60
N GLU B 424 9.99 13.62 33.75
CA GLU B 424 9.31 13.92 34.96
C GLU B 424 8.95 15.47 35.08
N PHE B 425 9.89 16.35 34.69
CA PHE B 425 9.47 17.73 34.83
C PHE B 425 8.30 18.08 33.81
N SER B 426 8.37 17.60 32.55
CA SER B 426 7.39 18.00 31.54
C SER B 426 5.98 17.50 31.88
N LYS B 427 5.79 16.21 32.39
CA LYS B 427 4.61 15.58 33.00
C LYS B 427 4.13 16.26 34.29
N LYS B 428 5.03 16.71 35.13
CA LYS B 428 4.71 17.50 36.26
C LYS B 428 4.09 18.85 35.90
N TYR B 429 4.56 19.52 34.86
CA TYR B 429 4.03 20.80 34.44
C TYR B 429 2.64 20.54 34.02
N HIS B 430 2.47 19.42 33.24
CA HIS B 430 1.24 19.09 32.56
C HIS B 430 0.06 18.86 33.49
N VAL B 431 0.37 18.15 34.61
CA VAL B 431 -0.62 17.96 35.64
C VAL B 431 -1.04 19.22 36.32
N LEU B 432 -0.11 20.14 36.57
CA LEU B 432 -0.52 21.45 37.05
C LEU B 432 -1.39 22.19 36.10
N TYR B 433 -1.23 22.11 34.73
CA TYR B 433 -2.08 22.74 33.67
C TYR B 433 -3.45 22.22 33.73
N GLN B 434 -3.59 20.91 33.88
CA GLN B 434 -4.78 20.09 33.87
C GLN B 434 -5.57 20.51 35.10
N SER B 435 -4.93 20.76 36.21
CA SER B 435 -5.61 21.15 37.43
C SER B 435 -6.37 22.49 37.31
N ASN B 436 -5.95 23.44 36.41
CA ASN B 436 -6.65 24.73 36.21
C ASN B 436 -7.96 24.49 35.56
N SER B 437 -7.99 23.49 34.68
CA SER B 437 -9.28 23.08 34.09
C SER B 437 -10.18 22.48 35.23
N TYR B 438 -11.44 22.82 35.17
CA TYR B 438 -12.41 22.45 36.12
C TYR B 438 -12.88 21.08 35.82
N ARG B 439 -12.87 20.73 34.54
CA ARG B 439 -13.36 19.42 34.14
C ARG B 439 -12.56 19.24 32.89
N GLY B 440 -11.85 18.10 32.72
CA GLY B 440 -10.99 17.88 31.55
C GLY B 440 -11.76 17.90 30.26
N ILE B 441 -11.07 18.60 29.33
CA ILE B 441 -11.48 18.86 28.02
C ILE B 441 -10.66 17.93 27.16
N SER B 442 -11.30 17.26 26.13
CA SER B 442 -10.67 16.20 25.47
C SER B 442 -9.44 16.64 24.72
N THR B 443 -9.43 17.80 24.04
CA THR B 443 -8.41 18.35 23.24
C THR B 443 -7.12 18.64 23.97
N ASN B 444 -7.24 19.31 25.20
CA ASN B 444 -6.10 19.53 25.98
C ASN B 444 -5.43 18.33 26.56
N PHE B 445 -6.19 17.32 27.01
CA PHE B 445 -5.77 16.05 27.54
C PHE B 445 -5.04 15.36 26.35
N PHE B 446 -5.60 15.39 25.13
CA PHE B 446 -4.91 14.67 24.03
C PHE B 446 -3.52 15.16 23.68
N GLU B 447 -3.31 16.52 23.57
CA GLU B 447 -2.08 17.21 23.21
C GLU B 447 -0.95 16.87 24.26
N ILE B 448 -1.35 16.83 25.63
CA ILE B 448 -0.45 16.50 26.64
C ILE B 448 -0.04 15.00 26.50
N ILE B 449 -0.98 14.05 26.19
CA ILE B 449 -0.65 12.65 25.95
C ILE B 449 0.19 12.45 24.78
N ASN B 450 -0.07 13.13 23.62
CA ASN B 450 0.63 12.93 22.36
C ASN B 450 2.11 13.35 22.66
N ASP B 451 2.32 14.42 23.49
CA ASP B 451 3.73 14.76 23.87
C ASP B 451 4.45 13.67 24.69
N GLN B 452 3.73 13.08 25.71
CA GLN B 452 4.31 12.06 26.63
C GLN B 452 4.58 10.81 25.86
N TYR B 453 3.68 10.48 24.93
CA TYR B 453 3.71 9.30 24.15
C TYR B 453 4.95 9.35 23.27
N SER B 454 5.30 10.52 22.65
CA SER B 454 6.45 10.64 21.78
C SER B 454 7.71 10.44 22.58
N GLU B 455 7.77 11.07 23.83
CA GLU B 455 8.96 10.93 24.67
C GLU B 455 9.25 9.50 25.16
N ILE B 456 8.23 8.71 25.65
CA ILE B 456 8.43 7.35 26.03
C ILE B 456 8.78 6.50 24.88
N VAL B 457 8.15 6.70 23.68
CA VAL B 457 8.32 5.87 22.53
C VAL B 457 9.76 5.94 21.94
N ASN B 458 10.21 7.27 21.93
CA ASN B 458 11.56 7.53 21.46
C ASN B 458 12.53 6.87 22.38
N HIS B 459 12.34 6.94 23.69
CA HIS B 459 13.19 6.29 24.62
C HIS B 459 13.16 4.72 24.56
N THR B 460 11.97 4.16 24.28
CA THR B 460 11.72 2.74 24.19
C THR B 460 12.42 2.07 23.01
N ASN B 461 12.41 2.75 21.83
CA ASN B 461 13.23 2.35 20.70
C ASN B 461 14.70 2.33 21.05
N GLN B 462 15.36 3.37 21.69
CA GLN B 462 16.78 3.26 21.93
C GLN B 462 17.06 2.11 22.87
N ILE B 463 16.23 1.96 23.97
CA ILE B 463 16.61 1.07 25.06
C ILE B 463 16.70 -0.26 24.42
N LEU B 464 15.73 -0.62 23.58
CA LEU B 464 15.65 -1.91 22.98
C LEU B 464 16.79 -2.01 21.98
N ASN B 465 16.81 -1.03 21.06
CA ASN B 465 17.61 -1.20 19.90
C ASN B 465 19.17 -1.03 20.14
N GLN B 466 19.64 0.01 20.79
CA GLN B 466 21.06 0.20 20.97
C GLN B 466 21.60 -0.81 21.98
N LYS B 467 21.02 -0.77 23.21
CA LYS B 467 21.66 -1.40 24.35
C LYS B 467 21.41 -2.81 24.34
N PHE B 468 20.20 -3.20 24.14
CA PHE B 468 19.82 -4.51 24.17
C PHE B 468 20.20 -5.25 22.93
N HIS B 469 20.34 -4.48 21.79
CA HIS B 469 20.66 -4.93 20.49
C HIS B 469 19.52 -5.82 20.11
N TYR B 470 18.18 -5.38 20.26
CA TYR B 470 16.92 -6.15 20.10
C TYR B 470 16.71 -6.71 18.78
N ARG B 471 16.97 -5.94 17.73
CA ARG B 471 16.84 -6.49 16.35
C ARG B 471 17.78 -7.63 16.13
N ASP B 472 19.02 -7.62 16.60
CA ASP B 472 19.96 -8.64 16.42
C ASP B 472 19.51 -9.90 17.13
N VAL B 473 19.07 -9.67 18.37
CA VAL B 473 18.78 -10.84 19.17
C VAL B 473 17.62 -11.62 18.69
N VAL B 474 16.56 -10.89 18.19
CA VAL B 474 15.40 -11.61 17.60
C VAL B 474 15.76 -12.53 16.32
N PHE B 475 16.63 -11.93 15.47
CA PHE B 475 17.08 -12.66 14.29
C PHE B 475 17.91 -13.89 14.53
N ALA B 476 18.82 -13.70 15.49
CA ALA B 476 19.73 -14.56 16.15
C ALA B 476 18.98 -15.61 16.82
N LEU B 477 17.84 -15.24 17.51
CA LEU B 477 16.95 -16.21 18.15
C LEU B 477 16.24 -17.14 17.21
N LYS B 478 15.80 -16.64 16.10
CA LYS B 478 15.20 -17.41 15.04
C LYS B 478 16.17 -18.42 14.49
N ASN B 479 17.44 -18.03 14.25
CA ASN B 479 18.42 -18.86 13.66
C ASN B 479 18.70 -20.01 14.57
N ILE B 480 18.87 -19.77 15.94
CA ILE B 480 19.26 -20.85 16.77
C ILE B 480 18.16 -21.79 17.28
N LEU B 481 17.12 -21.19 17.94
CA LEU B 481 16.03 -21.90 18.60
C LEU B 481 15.08 -22.64 17.74
N LEU B 482 14.64 -22.00 16.63
CA LEU B 482 13.61 -22.40 15.64
C LEU B 482 14.30 -22.93 14.39
N MET B 483 15.63 -23.14 14.43
CA MET B 483 16.46 -23.79 13.32
C MET B 483 16.43 -22.95 12.08
N GLY B 484 16.41 -21.62 12.25
CA GLY B 484 16.19 -20.70 11.15
C GLY B 484 17.44 -20.49 10.33
N LYS B 485 18.61 -21.13 10.71
CA LYS B 485 19.81 -21.17 9.99
C LYS B 485 20.13 -22.58 9.78
N SER B 486 20.19 -22.96 8.52
CA SER B 486 20.53 -24.31 8.02
C SER B 486 21.99 -24.71 8.33
N ASP B 487 22.92 -23.77 8.17
CA ASP B 487 24.44 -23.85 8.29
C ASP B 487 24.83 -24.24 9.68
N PHE B 488 24.10 -23.55 10.63
CA PHE B 488 24.17 -23.75 12.02
C PHE B 488 23.77 -25.11 12.36
N MET B 489 22.66 -25.64 11.79
CA MET B 489 22.23 -27.01 12.02
C MET B 489 23.17 -28.04 11.45
N ASP B 490 23.76 -27.81 10.29
CA ASP B 490 24.77 -28.68 9.69
C ASP B 490 26.02 -28.87 10.51
N ALA B 491 26.63 -27.75 11.04
CA ALA B 491 27.79 -27.81 11.96
C ALA B 491 27.45 -28.50 13.25
N LEU B 492 26.27 -28.24 13.84
CA LEU B 492 25.87 -28.90 15.02
C LEU B 492 25.70 -30.38 14.88
N ILE B 493 24.99 -30.89 13.81
CA ILE B 493 24.70 -32.34 13.69
C ILE B 493 25.97 -33.10 13.54
N GLU B 494 26.95 -32.42 12.75
CA GLU B 494 28.25 -32.90 12.45
C GLU B 494 29.11 -33.10 13.73
N LYS B 495 29.16 -32.17 14.66
CA LYS B 495 29.89 -32.34 15.94
C LYS B 495 29.24 -33.31 16.89
N ALA B 496 27.93 -33.13 16.94
CA ALA B 496 27.06 -33.82 17.86
C ALA B 496 27.00 -35.27 17.62
N ASN B 497 27.23 -35.77 16.37
CA ASN B 497 26.95 -37.09 15.80
C ASN B 497 27.44 -38.17 16.65
N ASP B 498 28.68 -38.13 17.16
CA ASP B 498 29.31 -39.24 17.95
C ASP B 498 28.61 -39.48 19.28
N ILE B 499 28.31 -38.29 19.89
CA ILE B 499 27.75 -38.15 21.22
C ILE B 499 26.29 -38.62 21.29
N LEU B 500 25.56 -38.26 20.25
CA LEU B 500 24.17 -38.62 19.99
C LEU B 500 23.94 -39.98 19.51
N ALA B 501 24.96 -40.64 18.82
CA ALA B 501 24.80 -41.99 18.30
C ALA B 501 24.54 -42.88 19.50
N THR B 502 25.19 -42.71 20.68
CA THR B 502 25.04 -43.59 21.85
C THR B 502 23.97 -43.03 22.70
N PRO B 503 23.27 -43.67 23.63
CA PRO B 503 22.31 -43.06 24.64
C PRO B 503 22.85 -41.76 25.30
N SER B 504 21.96 -40.85 25.74
CA SER B 504 22.37 -39.56 26.35
C SER B 504 22.14 -39.67 27.82
N ASP B 505 23.19 -39.39 28.56
CA ASP B 505 23.16 -39.44 30.01
C ASP B 505 23.76 -38.14 30.52
N SER B 506 24.23 -38.08 31.80
CA SER B 506 24.85 -36.95 32.55
C SER B 506 25.89 -36.26 31.77
N LEU B 507 26.92 -37.04 31.36
CA LEU B 507 28.03 -36.49 30.61
C LEU B 507 27.67 -35.99 29.23
N PRO B 508 26.79 -36.61 28.44
CA PRO B 508 26.33 -36.07 27.16
C PRO B 508 25.78 -34.70 27.21
N ASN B 509 25.00 -34.25 28.21
CA ASN B 509 24.31 -32.94 28.29
C ASN B 509 25.31 -31.81 28.22
N TYR B 510 26.41 -32.02 29.01
CA TYR B 510 27.40 -31.03 29.06
C TYR B 510 28.11 -30.88 27.74
N LYS B 511 28.45 -32.08 27.13
CA LYS B 511 29.17 -32.16 25.93
C LYS B 511 28.34 -31.54 24.80
N LEU B 512 27.02 -31.82 24.82
CA LEU B 512 26.14 -31.26 23.82
C LEU B 512 26.04 -29.79 23.93
N THR B 513 26.00 -29.18 25.13
CA THR B 513 25.89 -27.71 25.28
C THR B 513 27.17 -27.12 24.71
N ARG B 514 28.37 -27.83 24.91
CA ARG B 514 29.59 -27.23 24.32
C ARG B 514 29.57 -27.23 22.84
N VAL B 515 29.13 -28.33 22.23
CA VAL B 515 29.04 -28.36 20.79
C VAL B 515 28.04 -27.32 20.20
N LEU B 516 26.91 -27.08 20.90
CA LEU B 516 25.90 -26.08 20.57
C LEU B 516 26.50 -24.74 20.67
N GLN B 517 27.25 -24.43 21.74
CA GLN B 517 27.90 -23.17 21.85
C GLN B 517 29.01 -22.89 20.79
N GLU B 518 29.86 -23.90 20.55
CA GLU B 518 31.01 -23.84 19.58
C GLU B 518 30.55 -23.59 18.11
N ALA B 519 29.37 -24.20 17.79
CA ALA B 519 28.72 -24.25 16.51
C ALA B 519 28.33 -22.82 16.11
N VAL B 520 27.79 -21.95 17.02
CA VAL B 520 27.35 -20.63 16.68
C VAL B 520 28.54 -19.79 16.25
N GLN B 521 29.72 -19.94 17.02
CA GLN B 521 30.98 -19.32 16.66
C GLN B 521 31.49 -19.83 15.33
N LEU B 522 31.45 -21.12 15.05
CA LEU B 522 31.92 -21.62 13.78
C LEU B 522 31.15 -21.20 12.56
N SER B 523 29.78 -21.12 12.69
CA SER B 523 28.85 -20.65 11.66
C SER B 523 28.86 -19.15 11.40
N SER B 524 29.59 -18.32 12.27
CA SER B 524 29.82 -16.90 12.17
C SER B 524 28.60 -16.14 12.56
N LEU B 525 28.31 -16.28 13.89
CA LEU B 525 27.13 -15.66 14.48
C LEU B 525 27.49 -15.31 15.95
N ARG B 526 28.82 -15.39 16.24
CA ARG B 526 29.34 -14.99 17.56
C ARG B 526 30.87 -14.94 17.39
N HIS B 527 31.31 -14.78 16.12
CA HIS B 527 32.70 -14.88 15.80
C HIS B 527 33.39 -13.61 16.10
N LEU B 528 32.76 -12.48 15.78
CA LEU B 528 33.23 -11.14 16.14
C LEU B 528 32.12 -10.44 16.85
N MET B 529 32.24 -9.07 16.99
CA MET B 529 31.26 -8.22 17.67
C MET B 529 30.34 -7.54 16.78
N ASN B 530 30.38 -7.80 15.51
CA ASN B 530 29.47 -7.25 14.57
C ASN B 530 28.22 -8.07 14.72
N SER B 531 28.43 -9.44 14.98
CA SER B 531 27.47 -10.42 15.25
C SER B 531 27.06 -10.42 16.65
N PRO B 532 26.02 -11.10 17.14
CA PRO B 532 25.67 -11.16 18.56
C PRO B 532 26.82 -11.80 19.35
N ARG B 533 27.40 -11.05 20.29
CA ARG B 533 28.39 -11.42 21.23
C ARG B 533 28.35 -10.43 22.34
N ASN B 534 27.71 -9.26 22.02
CA ASN B 534 27.53 -8.14 22.94
C ASN B 534 26.28 -8.40 23.88
N SER B 535 25.56 -9.49 23.53
CA SER B 535 24.32 -9.82 24.13
C SER B 535 24.58 -11.21 24.66
N SER B 536 23.83 -11.70 25.70
CA SER B 536 23.95 -13.03 26.19
C SER B 536 22.83 -13.89 25.85
N VAL B 537 21.92 -13.34 24.96
CA VAL B 537 20.85 -14.12 24.46
C VAL B 537 21.16 -15.46 23.81
N ILE B 538 22.30 -15.54 23.09
CA ILE B 538 22.80 -16.62 22.27
C ILE B 538 23.84 -17.44 22.97
N ASN B 539 24.15 -17.15 24.26
CA ASN B 539 24.96 -17.98 25.13
C ASN B 539 23.93 -18.40 26.25
N GLY B 540 22.77 -17.80 26.14
CA GLY B 540 21.59 -17.95 26.93
C GLY B 540 20.90 -19.20 26.57
N LEU B 541 21.29 -19.88 25.55
CA LEU B 541 20.70 -21.16 25.07
C LEU B 541 21.57 -22.35 25.55
N ASP B 542 20.89 -23.40 26.04
CA ASP B 542 21.47 -24.57 26.70
C ASP B 542 20.71 -25.69 26.00
N ALA B 543 21.39 -26.87 25.83
CA ALA B 543 20.79 -28.04 25.25
C ALA B 543 20.30 -28.86 26.44
N ARG B 544 19.12 -29.48 26.28
CA ARG B 544 18.48 -30.29 27.22
C ARG B 544 18.40 -31.68 26.60
N VAL B 545 18.45 -32.65 27.50
CA VAL B 545 18.26 -33.99 27.03
C VAL B 545 17.09 -34.37 27.94
N LEU B 546 16.00 -34.98 27.42
CA LEU B 546 14.85 -35.30 28.23
C LEU B 546 14.70 -36.82 28.00
N ASP B 547 13.67 -37.31 27.26
CA ASP B 547 13.45 -38.76 27.13
C ASP B 547 12.36 -38.93 26.13
N LEU B 548 12.37 -37.96 25.10
CA LEU B 548 11.51 -38.05 23.98
C LEU B 548 11.93 -39.17 23.08
N GLY B 549 10.89 -39.76 22.42
CA GLY B 549 10.95 -40.93 21.68
C GLY B 549 11.79 -42.04 22.37
N HIS B 550 12.77 -42.59 21.58
CA HIS B 550 13.58 -43.71 22.00
C HIS B 550 14.78 -43.27 22.88
N GLY B 551 15.01 -43.98 24.06
CA GLY B 551 16.09 -43.78 24.95
C GLY B 551 17.17 -44.74 24.57
N SER B 552 16.91 -45.46 23.46
CA SER B 552 17.87 -46.39 22.89
C SER B 552 18.86 -45.63 22.05
N VAL B 553 18.62 -44.33 21.69
CA VAL B 553 19.53 -43.50 21.04
C VAL B 553 19.30 -42.18 21.62
N GLY B 554 20.37 -41.36 21.44
CA GLY B 554 20.52 -40.02 22.00
C GLY B 554 19.90 -39.11 20.99
N TRP B 555 19.72 -39.64 19.76
CA TRP B 555 19.21 -38.72 18.78
C TRP B 555 17.84 -38.10 19.00
N ASP B 556 16.90 -38.91 19.39
CA ASP B 556 15.57 -38.39 19.69
C ASP B 556 15.50 -37.47 20.84
N VAL B 557 16.29 -37.80 21.89
CA VAL B 557 16.20 -37.25 23.21
C VAL B 557 16.63 -35.75 23.25
N PHE B 558 17.46 -35.32 22.25
CA PHE B 558 18.00 -33.94 22.21
C PHE B 558 16.85 -32.97 21.95
N THR B 559 16.90 -31.79 22.64
CA THR B 559 16.01 -30.67 22.50
C THR B 559 16.93 -29.50 22.80
N LEU B 560 16.55 -28.21 22.45
CA LEU B 560 17.20 -26.99 22.85
C LEU B 560 16.20 -26.31 23.66
N ASP B 561 16.71 -25.63 24.67
CA ASP B 561 15.88 -24.84 25.56
C ASP B 561 16.50 -23.41 25.61
N TYR B 562 15.63 -22.41 25.59
CA TYR B 562 15.98 -20.96 25.62
C TYR B 562 15.33 -20.45 26.92
N ILE B 563 16.17 -19.70 27.70
CA ILE B 563 15.79 -19.09 28.92
C ILE B 563 15.84 -17.59 28.69
N LEU B 564 14.67 -17.00 28.80
CA LEU B 564 14.27 -15.61 28.55
C LEU B 564 14.92 -14.72 29.56
N TYR B 565 15.20 -13.41 29.13
CA TYR B 565 15.90 -12.38 29.84
C TYR B 565 15.11 -11.12 29.91
N PRO B 566 15.27 -10.24 30.88
CA PRO B 566 14.42 -9.04 31.01
C PRO B 566 14.32 -8.18 29.75
N PRO B 567 13.31 -7.54 29.20
CA PRO B 567 12.02 -7.44 29.86
C PRO B 567 11.09 -8.45 29.41
N LEU B 568 11.48 -9.39 28.46
CA LEU B 568 10.65 -10.42 27.95
C LEU B 568 10.21 -11.38 28.94
N SER B 569 11.00 -11.63 30.03
CA SER B 569 10.60 -12.52 31.07
C SER B 569 9.32 -12.19 31.79
N LEU B 570 8.82 -10.89 31.78
CA LEU B 570 7.47 -10.55 32.29
C LEU B 570 6.40 -11.25 31.51
N VAL B 571 6.51 -11.33 30.15
CA VAL B 571 5.69 -12.07 29.22
C VAL B 571 5.69 -13.56 29.42
N LEU B 572 6.84 -14.21 29.66
CA LEU B 572 6.87 -15.65 29.49
C LEU B 572 8.13 -16.01 30.19
N ASN B 573 8.03 -17.24 30.74
CA ASN B 573 8.85 -17.65 31.80
C ASN B 573 8.67 -19.15 31.91
N VAL B 574 9.46 -19.80 32.73
CA VAL B 574 9.69 -21.22 32.92
C VAL B 574 8.60 -21.67 33.88
N ASN B 575 7.84 -20.76 34.45
CA ASN B 575 6.77 -21.00 35.34
C ASN B 575 5.63 -20.50 34.57
N ARG B 576 4.60 -21.37 34.26
CA ARG B 576 3.58 -21.20 33.33
C ARG B 576 4.16 -21.08 31.91
N PRO B 577 4.59 -22.19 31.28
CA PRO B 577 5.37 -22.10 30.12
C PRO B 577 4.59 -22.56 28.89
N PHE B 578 3.43 -21.87 28.60
CA PHE B 578 2.66 -22.27 27.46
C PHE B 578 3.41 -22.02 26.13
N GLY B 579 4.03 -20.83 25.90
CA GLY B 579 4.73 -20.46 24.71
C GLY B 579 5.91 -21.32 24.59
N ARG B 580 6.62 -21.57 25.77
CA ARG B 580 7.87 -22.36 25.74
C ARG B 580 7.52 -23.82 25.24
N LYS B 581 6.34 -24.34 25.64
CA LYS B 581 5.92 -25.64 25.19
C LYS B 581 5.74 -25.78 23.70
N GLU B 582 5.15 -24.76 23.10
CA GLU B 582 4.90 -24.69 21.67
C GLU B 582 6.18 -24.78 20.90
N TYR B 583 7.17 -23.98 21.32
CA TYR B 583 8.46 -23.90 20.58
C TYR B 583 9.13 -25.27 20.55
N LEU B 584 9.06 -26.03 21.66
CA LEU B 584 9.58 -27.38 21.81
C LEU B 584 9.04 -28.44 20.80
N ARG B 585 7.74 -28.38 20.49
CA ARG B 585 7.05 -29.21 19.55
C ARG B 585 7.52 -28.99 18.14
N ILE B 586 7.66 -27.71 17.79
CA ILE B 586 8.04 -27.45 16.49
C ILE B 586 9.45 -27.94 16.16
N PHE B 587 10.37 -27.76 17.13
CA PHE B 587 11.78 -28.03 17.14
C PHE B 587 12.03 -29.48 16.87
N ASN B 588 11.27 -30.38 17.54
CA ASN B 588 11.35 -31.79 17.21
C ASN B 588 11.00 -32.16 15.81
N PHE B 589 9.98 -31.54 15.28
CA PHE B 589 9.51 -31.94 13.96
C PHE B 589 10.51 -31.65 12.89
N LEU B 590 11.09 -30.39 12.97
CA LEU B 590 12.10 -29.97 12.06
C LEU B 590 13.38 -30.81 12.12
N TRP B 591 13.79 -31.05 13.38
CA TRP B 591 14.98 -31.80 13.76
C TRP B 591 14.95 -33.26 13.33
N ARG B 592 13.71 -33.91 13.43
CA ARG B 592 13.53 -35.32 13.03
C ARG B 592 13.83 -35.42 11.52
N PHE B 593 13.33 -34.43 10.69
CA PHE B 593 13.64 -34.51 9.24
C PHE B 593 15.09 -34.37 8.98
N LYS B 594 15.76 -33.47 9.71
CA LYS B 594 17.12 -33.14 9.70
C LYS B 594 17.98 -34.31 10.12
N LYS B 595 17.55 -35.11 11.10
CA LYS B 595 18.22 -36.31 11.65
C LYS B 595 18.37 -37.39 10.59
N ASN B 596 17.20 -37.71 9.85
CA ASN B 596 17.25 -38.66 8.79
C ASN B 596 18.15 -38.09 7.72
N ASN B 597 18.07 -36.72 7.52
CA ASN B 597 18.83 -36.04 6.45
C ASN B 597 20.31 -36.21 6.60
N TYR B 598 20.82 -36.08 7.89
CA TYR B 598 22.19 -36.16 8.30
C TYR B 598 22.74 -37.51 8.01
N PHE B 599 21.96 -38.55 8.33
CA PHE B 599 22.34 -39.86 8.15
C PHE B 599 22.47 -40.13 6.74
N TYR B 600 21.55 -39.58 5.92
CA TYR B 600 21.69 -39.76 4.49
C TYR B 600 22.91 -39.19 3.92
N GLN B 601 23.18 -37.90 4.34
CA GLN B 601 24.40 -37.31 3.72
C GLN B 601 25.67 -37.97 4.02
N LYS B 602 25.93 -38.38 5.24
CA LYS B 602 27.14 -39.06 5.52
C LYS B 602 27.27 -40.46 4.86
N GLU B 603 26.12 -41.23 4.82
CA GLU B 603 26.07 -42.56 4.27
C GLU B 603 26.41 -42.66 2.84
N MET B 604 25.80 -41.72 2.10
CA MET B 604 26.05 -41.57 0.67
C MET B 604 27.48 -41.09 0.52
N LEU B 605 27.96 -40.08 1.37
CA LEU B 605 29.21 -39.49 1.11
C LEU B 605 30.32 -40.49 1.16
N LYS B 606 30.28 -41.42 2.13
CA LYS B 606 31.33 -42.44 2.21
C LYS B 606 31.49 -43.26 0.93
N SER B 607 30.41 -43.65 0.33
CA SER B 607 30.38 -44.45 -0.84
C SER B 607 30.88 -43.73 -2.09
N ASN B 608 30.72 -42.40 -2.21
CA ASN B 608 31.09 -41.51 -3.30
C ASN B 608 32.58 -41.42 -3.34
N ASP B 609 33.21 -41.51 -2.14
CA ASP B 609 34.66 -41.43 -2.07
C ASP B 609 35.25 -42.70 -2.54
N ILE B 610 36.31 -42.44 -3.39
CA ILE B 610 37.05 -43.54 -3.99
C ILE B 610 37.80 -44.35 -3.02
N ILE B 611 38.05 -45.63 -3.40
CA ILE B 611 38.67 -46.61 -2.48
C ILE B 611 37.70 -47.08 -1.42
N ARG B 612 36.63 -47.89 -1.68
CA ARG B 612 35.82 -48.44 -0.52
C ARG B 612 35.23 -49.75 -1.01
N ILE B 628 31.74 -50.98 -13.89
CA ILE B 628 30.69 -51.25 -14.90
C ILE B 628 29.35 -50.74 -14.51
N ASN B 629 28.26 -51.30 -15.16
CA ASN B 629 26.86 -50.89 -15.03
C ASN B 629 26.30 -51.16 -13.67
N LYS B 630 26.75 -52.16 -12.87
CA LYS B 630 26.25 -52.32 -11.46
C LYS B 630 26.58 -51.03 -10.66
N LEU B 631 27.84 -50.53 -10.89
CA LEU B 631 28.38 -49.34 -10.40
C LEU B 631 27.64 -48.22 -11.07
N SER B 632 27.65 -46.95 -10.46
CA SER B 632 27.07 -45.79 -11.08
C SER B 632 25.54 -45.69 -11.05
N ARG B 633 24.81 -46.86 -11.26
CA ARG B 633 23.40 -47.07 -11.12
C ARG B 633 23.06 -47.03 -9.63
N ILE B 634 23.83 -47.69 -8.78
CA ILE B 634 23.70 -47.62 -7.33
C ILE B 634 23.98 -46.13 -6.87
N SER B 635 25.02 -45.52 -7.53
CA SER B 635 25.43 -44.19 -7.21
C SER B 635 24.38 -43.05 -7.52
N ILE B 636 23.72 -43.09 -8.71
CA ILE B 636 22.78 -42.03 -8.97
C ILE B 636 21.58 -42.08 -8.04
N LEU B 637 21.02 -43.31 -7.77
CA LEU B 637 19.80 -43.50 -7.03
C LEU B 637 20.01 -42.95 -5.63
N ARG B 638 21.16 -43.30 -5.00
CA ARG B 638 21.47 -42.84 -3.65
C ARG B 638 21.62 -41.33 -3.50
N THR B 639 22.32 -40.72 -4.49
CA THR B 639 22.57 -39.32 -4.55
C THR B 639 21.25 -38.58 -4.79
N GLN B 640 20.34 -39.09 -5.64
CA GLN B 640 19.09 -38.50 -6.10
C GLN B 640 18.30 -38.31 -4.89
N PHE B 641 18.17 -39.32 -4.02
CA PHE B 641 17.35 -39.24 -2.82
C PHE B 641 17.87 -38.24 -1.83
N GLN B 642 19.22 -38.10 -1.65
CA GLN B 642 19.79 -37.13 -0.68
C GLN B 642 19.46 -35.72 -1.19
N GLN B 643 19.44 -35.51 -2.52
CA GLN B 643 19.22 -34.22 -3.09
C GLN B 643 17.79 -33.72 -2.78
N PHE B 644 16.91 -34.71 -2.95
CA PHE B 644 15.47 -34.56 -2.80
C PHE B 644 15.16 -34.13 -1.42
N ASN B 645 15.70 -34.81 -0.36
CA ASN B 645 15.51 -34.42 1.00
C ASN B 645 16.08 -33.03 1.29
N SER B 646 17.26 -32.62 0.78
CA SER B 646 17.87 -31.32 1.02
C SER B 646 17.03 -30.15 0.49
N LYS B 647 16.31 -30.21 -0.74
CA LYS B 647 15.50 -29.20 -1.29
C LYS B 647 14.32 -29.00 -0.45
N MET B 648 13.70 -30.08 0.02
CA MET B 648 12.51 -29.95 0.87
C MET B 648 12.79 -29.20 2.20
N GLU B 649 13.90 -29.55 2.80
CA GLU B 649 14.39 -29.00 4.06
C GLU B 649 14.72 -27.55 3.93
N SER B 650 15.33 -27.20 2.77
CA SER B 650 15.74 -25.84 2.42
C SER B 650 14.52 -24.95 2.39
N TYR B 651 13.45 -25.37 1.66
CA TYR B 651 12.32 -24.49 1.42
C TYR B 651 11.60 -24.26 2.72
N TYR B 652 11.37 -25.26 3.62
CA TYR B 652 10.61 -25.02 4.87
C TYR B 652 11.32 -24.01 5.73
N LEU B 653 12.68 -24.10 5.90
CA LEU B 653 13.45 -23.20 6.76
C LEU B 653 13.48 -21.79 6.22
N ASN B 654 13.82 -21.76 4.94
CA ASN B 654 14.04 -20.50 4.27
C ASN B 654 12.76 -19.72 3.98
N CYS B 655 11.87 -20.41 3.27
CA CYS B 655 10.72 -19.80 2.63
C CYS B 655 9.66 -19.41 3.65
N ILE B 656 9.34 -20.28 4.69
CA ILE B 656 8.41 -19.96 5.76
C ILE B 656 9.03 -19.29 6.99
N ILE B 657 9.99 -19.96 7.70
CA ILE B 657 10.33 -19.45 9.03
C ILE B 657 11.06 -18.09 8.86
N GLU B 658 12.07 -18.05 7.99
CA GLU B 658 12.97 -16.94 7.89
C GLU B 658 12.23 -15.66 7.38
N GLU B 659 11.38 -15.80 6.39
CA GLU B 659 10.54 -14.79 5.81
C GLU B 659 9.49 -14.21 6.75
N ASN B 660 8.75 -14.96 7.55
CA ASN B 660 7.76 -14.46 8.46
C ASN B 660 8.42 -13.69 9.64
N PHE B 661 9.52 -14.22 10.13
CA PHE B 661 10.34 -13.73 11.24
C PHE B 661 10.98 -12.38 10.98
N LYS B 662 11.47 -12.19 9.72
CA LYS B 662 12.12 -11.05 9.21
C LYS B 662 11.13 -9.85 9.32
N GLU B 663 9.90 -10.03 8.97
CA GLU B 663 8.84 -9.00 9.05
C GLU B 663 8.57 -8.60 10.55
N MET B 664 8.60 -9.68 11.44
CA MET B 664 8.35 -9.44 12.91
C MET B 664 9.45 -8.49 13.50
N THR B 665 10.72 -8.75 13.11
CA THR B 665 11.90 -7.92 13.50
C THR B 665 11.81 -6.49 12.89
N ARG B 666 11.42 -6.50 11.60
CA ARG B 666 11.42 -5.33 10.81
C ARG B 666 10.46 -4.31 11.42
N LYS B 667 9.22 -4.70 11.86
CA LYS B 667 8.29 -3.80 12.51
C LYS B 667 8.80 -3.19 13.76
N LEU B 668 9.44 -4.05 14.56
CA LEU B 668 9.99 -3.72 15.90
C LEU B 668 11.07 -2.74 15.88
N GLN B 669 12.04 -2.84 15.01
CA GLN B 669 13.09 -1.94 14.86
C GLN B 669 12.53 -0.67 14.30
N ARG B 670 11.60 -0.73 13.31
CA ARG B 670 11.14 0.43 12.63
C ARG B 670 10.41 1.47 13.50
N THR B 671 9.50 0.96 14.33
CA THR B 671 8.68 1.79 15.17
C THR B 671 9.36 1.96 16.52
N LEU B 719 6.13 0.05 19.52
CA LEU B 719 5.86 -1.42 19.78
C LEU B 719 6.68 -1.93 21.00
N ASN B 720 6.40 -3.18 21.43
CA ASN B 720 7.03 -3.68 22.63
C ASN B 720 7.21 -5.12 22.46
N ILE B 721 7.81 -5.80 23.47
CA ILE B 721 8.07 -7.19 23.54
C ILE B 721 6.88 -8.12 23.55
N ASP B 722 5.82 -7.65 24.32
CA ASP B 722 4.60 -8.28 24.56
C ASP B 722 3.84 -8.57 23.18
N GLU B 723 3.90 -7.63 22.17
CA GLU B 723 3.35 -7.79 20.83
C GLU B 723 4.07 -8.89 20.07
N LEU B 724 5.44 -9.07 20.23
CA LEU B 724 6.20 -10.06 19.54
C LEU B 724 5.80 -11.47 19.97
N GLU B 725 5.69 -11.69 21.23
CA GLU B 725 5.34 -13.07 21.70
C GLU B 725 4.02 -13.57 21.26
N SER B 726 3.03 -12.58 21.26
CA SER B 726 1.63 -12.77 20.85
C SER B 726 1.57 -13.20 19.42
N VAL B 727 2.31 -12.45 18.54
CA VAL B 727 2.47 -12.75 17.10
C VAL B 727 3.17 -14.05 16.95
N HIS B 728 4.18 -14.37 17.78
CA HIS B 728 4.99 -15.62 17.69
C HIS B 728 4.15 -16.91 17.88
N ASN B 729 3.23 -16.80 18.85
CA ASN B 729 2.38 -17.93 19.26
C ASN B 729 1.50 -18.41 18.13
N THR B 730 0.95 -17.48 17.38
CA THR B 730 0.06 -17.55 16.21
C THR B 730 0.82 -18.19 15.10
N PHE B 731 2.11 -17.78 14.92
CA PHE B 731 3.04 -18.44 13.99
C PHE B 731 3.25 -19.90 14.28
N LEU B 732 3.51 -20.27 15.58
CA LEU B 732 3.84 -21.62 15.98
C LEU B 732 2.67 -22.55 15.71
N THR B 733 1.50 -22.04 16.01
CA THR B 733 0.29 -22.91 15.93
C THR B 733 0.06 -23.33 14.59
N ASN B 734 0.26 -22.46 13.57
CA ASN B 734 0.07 -22.69 12.16
C ASN B 734 0.98 -23.82 11.68
N ILE B 735 2.26 -23.78 12.18
CA ILE B 735 3.31 -24.71 11.88
C ILE B 735 2.95 -26.13 12.37
N LEU B 736 2.30 -26.24 13.55
CA LEU B 736 1.82 -27.46 14.14
C LEU B 736 0.79 -28.05 13.30
N SER B 737 -0.16 -27.17 12.82
CA SER B 737 -1.27 -27.62 12.01
C SER B 737 -0.79 -28.28 10.73
N HIS B 738 0.21 -27.52 10.19
CA HIS B 738 0.84 -27.83 8.95
C HIS B 738 1.51 -29.16 9.00
N LYS B 739 2.12 -29.42 10.18
CA LYS B 739 3.00 -30.67 10.38
C LYS B 739 2.22 -31.92 10.22
N LEU B 740 1.06 -31.97 10.86
CA LEU B 740 0.17 -33.09 10.93
C LEU B 740 -0.43 -33.37 9.53
N PHE B 741 -0.92 -32.32 8.81
CA PHE B 741 -1.56 -32.62 7.51
C PHE B 741 -0.59 -33.06 6.45
N ALA B 742 0.46 -32.25 6.13
CA ALA B 742 1.41 -32.64 5.10
C ALA B 742 2.48 -33.65 5.55
N THR B 743 3.25 -33.54 6.68
CA THR B 743 4.37 -34.38 7.08
C THR B 743 3.90 -35.12 8.33
N GLN B 756 1.23 -36.87 6.38
CA GLN B 756 1.74 -38.15 6.95
C GLN B 756 2.29 -39.07 5.94
N PRO B 757 2.07 -38.85 4.59
CA PRO B 757 2.76 -39.71 3.63
C PRO B 757 4.27 -39.56 3.53
N TYR B 758 4.85 -38.35 3.64
CA TYR B 758 6.26 -38.18 3.57
C TYR B 758 7.02 -38.81 4.73
N PRO B 759 6.90 -38.75 6.04
CA PRO B 759 7.71 -39.48 7.02
C PRO B 759 7.53 -40.98 6.82
N THR B 760 6.35 -41.57 6.25
CA THR B 760 6.16 -43.05 6.10
C THR B 760 7.16 -43.53 5.08
N SER B 761 7.27 -42.79 3.97
CA SER B 761 8.21 -43.05 2.91
C SER B 761 9.65 -42.90 3.43
N LEU B 762 9.89 -41.82 4.19
CA LEU B 762 11.22 -41.52 4.67
C LEU B 762 11.91 -42.49 5.66
N VAL B 763 11.12 -43.03 6.60
CA VAL B 763 11.68 -44.01 7.52
C VAL B 763 12.11 -45.24 6.80
N LEU B 764 11.28 -45.68 5.82
CA LEU B 764 11.63 -46.81 4.96
C LEU B 764 12.85 -46.66 4.09
N LEU B 765 13.03 -45.47 3.50
CA LEU B 765 14.16 -45.13 2.68
C LEU B 765 15.40 -45.23 3.53
N LEU B 766 15.37 -44.77 4.81
CA LEU B 766 16.46 -44.78 5.73
C LEU B 766 16.93 -46.18 6.04
N ASN B 767 16.00 -47.19 6.13
CA ASN B 767 16.33 -48.60 6.29
C ASN B 767 17.14 -49.07 5.05
N SER B 768 16.68 -48.70 3.79
CA SER B 768 17.28 -49.05 2.51
C SER B 768 18.69 -48.57 2.39
N VAL B 769 19.00 -47.34 2.81
CA VAL B 769 20.38 -46.79 2.78
C VAL B 769 21.27 -47.60 3.68
N TYR B 770 20.80 -48.05 4.89
CA TYR B 770 21.60 -48.91 5.79
C TYR B 770 21.91 -50.25 5.20
N GLU B 771 20.88 -50.86 4.46
CA GLU B 771 21.02 -52.08 3.79
C GLU B 771 22.10 -51.97 2.73
N PHE B 772 22.09 -50.91 1.93
CA PHE B 772 23.04 -50.68 0.82
C PHE B 772 24.44 -50.50 1.33
N VAL B 773 24.73 -49.64 2.42
CA VAL B 773 26.05 -49.45 2.94
C VAL B 773 26.63 -50.75 3.49
N LYS B 774 25.81 -51.60 4.19
CA LYS B 774 26.29 -52.73 4.86
C LYS B 774 26.93 -53.69 3.87
N VAL B 775 26.20 -53.86 2.73
CA VAL B 775 26.60 -54.64 1.55
C VAL B 775 27.84 -54.07 0.94
N TYR B 776 27.83 -52.72 0.80
CA TYR B 776 28.84 -51.98 0.10
C TYR B 776 30.22 -52.07 0.70
N CYS B 777 30.29 -52.07 1.99
CA CYS B 777 31.53 -52.02 2.72
C CYS B 777 32.33 -53.26 2.46
N ASN B 778 31.59 -54.42 2.37
CA ASN B 778 32.08 -55.75 2.24
C ASN B 778 32.87 -55.87 0.94
N LEU B 779 32.38 -55.19 -0.16
CA LEU B 779 33.04 -55.30 -1.52
C LEU B 779 34.46 -54.82 -1.55
N ASN B 780 35.19 -55.46 -2.48
CA ASN B 780 36.61 -55.25 -2.75
C ASN B 780 36.71 -53.96 -3.59
N SER B 798 35.04 -63.03 -2.86
CA SER B 798 35.43 -63.11 -4.31
C SER B 798 34.09 -63.26 -5.01
N ASN B 799 33.71 -64.52 -5.21
CA ASN B 799 32.45 -64.93 -5.75
C ASN B 799 31.32 -64.51 -4.91
N GLY B 800 31.46 -64.65 -3.57
CA GLY B 800 30.46 -64.40 -2.59
C GLY B 800 30.02 -62.91 -2.62
N LEU B 801 31.06 -62.05 -2.72
CA LEU B 801 30.93 -60.58 -2.67
C LEU B 801 30.11 -60.19 -3.84
N LEU B 802 30.31 -60.82 -5.07
CA LEU B 802 29.50 -60.59 -6.28
C LEU B 802 28.05 -61.00 -6.14
N GLY B 803 27.77 -62.16 -5.53
CA GLY B 803 26.41 -62.69 -5.37
C GLY B 803 25.55 -61.79 -4.49
N LYS B 804 26.14 -61.27 -3.39
CA LYS B 804 25.49 -60.38 -2.48
C LYS B 804 25.13 -59.11 -3.16
N PHE B 805 26.03 -58.63 -4.01
CA PHE B 805 25.91 -57.39 -4.72
C PHE B 805 24.68 -57.45 -5.68
N ASN B 806 24.50 -58.60 -6.41
CA ASN B 806 23.36 -58.76 -7.33
C ASN B 806 21.98 -58.74 -6.61
N THR B 807 21.90 -59.39 -5.44
CA THR B 807 20.71 -59.31 -4.60
C THR B 807 20.44 -57.94 -4.05
N ASN B 808 21.54 -57.25 -3.56
CA ASN B 808 21.39 -55.94 -3.00
C ASN B 808 20.89 -54.97 -4.06
N LEU B 809 21.46 -55.08 -5.28
CA LEU B 809 21.08 -54.14 -6.35
C LEU B 809 19.64 -54.26 -6.75
N LYS B 810 19.05 -55.46 -6.91
CA LYS B 810 17.61 -55.61 -7.23
C LYS B 810 16.67 -55.11 -6.18
N GLU B 811 16.90 -55.40 -4.88
CA GLU B 811 16.00 -55.01 -3.82
C GLU B 811 15.94 -53.45 -3.64
N ILE B 812 17.11 -52.88 -3.72
CA ILE B 812 17.37 -51.45 -3.54
C ILE B 812 16.75 -50.51 -4.50
N VAL B 813 16.79 -51.00 -5.88
CA VAL B 813 16.04 -50.26 -6.85
C VAL B 813 14.56 -50.31 -6.51
N SER B 814 14.06 -51.51 -6.07
CA SER B 814 12.56 -51.66 -5.94
C SER B 814 11.95 -50.82 -4.90
N GLN B 815 12.64 -50.74 -3.78
CA GLN B 815 12.21 -49.95 -2.66
C GLN B 815 12.26 -48.50 -3.08
N TYR B 816 13.31 -48.06 -3.82
CA TYR B 816 13.53 -46.73 -4.23
C TYR B 816 12.41 -46.31 -5.17
N LYS B 817 12.01 -47.19 -6.11
CA LYS B 817 11.02 -46.82 -7.08
C LYS B 817 9.66 -46.49 -6.45
N ASN B 818 9.29 -47.29 -5.42
CA ASN B 818 8.06 -47.14 -4.65
C ASN B 818 8.08 -45.82 -3.91
N PHE B 819 9.23 -45.45 -3.32
CA PHE B 819 9.34 -44.27 -2.53
C PHE B 819 9.11 -43.02 -3.32
N LYS B 820 9.71 -43.10 -4.57
CA LYS B 820 9.69 -42.07 -5.50
C LYS B 820 8.29 -41.79 -5.98
N ASP B 821 7.47 -42.76 -6.16
CA ASP B 821 6.15 -42.63 -6.62
C ASP B 821 5.26 -41.85 -5.62
N ARG B 822 5.39 -42.16 -4.30
CA ARG B 822 4.85 -41.51 -3.17
C ARG B 822 5.40 -40.10 -3.05
N LEU B 823 6.74 -39.91 -3.34
CA LEU B 823 7.34 -38.64 -3.22
C LEU B 823 6.75 -37.60 -4.19
N TYR B 824 6.45 -38.10 -5.41
CA TYR B 824 5.88 -37.32 -6.50
C TYR B 824 4.52 -36.81 -6.15
N ILE B 825 3.64 -37.70 -5.52
CA ILE B 825 2.36 -37.21 -5.14
C ILE B 825 2.48 -36.12 -4.04
N PHE B 826 3.42 -36.24 -3.04
CA PHE B 826 3.54 -35.29 -2.02
C PHE B 826 3.98 -33.93 -2.59
N ARG B 827 4.88 -33.94 -3.58
CA ARG B 827 5.49 -32.79 -4.34
C ARG B 827 4.39 -32.07 -5.08
N ALA B 828 3.41 -32.83 -5.72
CA ALA B 828 2.33 -32.27 -6.39
C ALA B 828 1.41 -31.43 -5.51
N ASP B 829 1.16 -31.89 -4.31
CA ASP B 829 0.53 -31.19 -3.23
C ASP B 829 1.29 -30.02 -2.81
N LEU B 830 2.61 -30.08 -2.73
CA LEU B 830 3.41 -28.96 -2.24
C LEU B 830 3.25 -27.71 -3.25
N LYS B 831 3.25 -28.02 -4.59
CA LYS B 831 3.12 -27.09 -5.60
C LYS B 831 1.74 -26.40 -5.56
N ASN B 832 0.67 -27.21 -5.30
CA ASN B 832 -0.69 -26.76 -5.28
C ASN B 832 -1.04 -25.93 -4.05
N ASP B 833 -0.31 -26.14 -2.91
CA ASP B 833 -0.63 -25.63 -1.57
C ASP B 833 -1.95 -26.14 -1.08
N GLY B 834 -2.37 -27.35 -1.51
CA GLY B 834 -3.60 -27.90 -1.13
C GLY B 834 -4.01 -28.67 -2.33
N ASP B 835 -3.95 -29.99 -2.11
CA ASP B 835 -4.55 -30.97 -3.00
C ASP B 835 -5.30 -31.86 -2.12
N GLU B 836 -6.44 -32.27 -2.60
CA GLU B 836 -7.37 -33.05 -1.88
C GLU B 836 -6.86 -34.42 -1.58
N GLU B 837 -6.17 -35.02 -2.54
CA GLU B 837 -5.72 -36.35 -2.33
C GLU B 837 -4.80 -36.64 -1.16
N LEU B 838 -3.85 -35.72 -0.91
CA LEU B 838 -2.91 -35.80 0.20
C LEU B 838 -3.61 -35.70 1.50
N PHE B 839 -4.64 -34.85 1.51
CA PHE B 839 -5.45 -34.60 2.64
C PHE B 839 -6.14 -35.85 3.07
N LEU B 840 -6.68 -36.67 2.13
CA LEU B 840 -7.31 -37.99 2.41
C LEU B 840 -6.36 -39.06 3.05
N LEU B 841 -5.09 -39.09 2.44
CA LEU B 841 -4.09 -39.99 2.83
C LEU B 841 -3.61 -39.81 4.18
N SER B 842 -3.50 -38.50 4.52
CA SER B 842 -3.21 -38.09 5.90
C SER B 842 -4.31 -38.47 6.87
N LYS B 843 -5.60 -38.44 6.51
CA LYS B 843 -6.72 -38.94 7.29
C LYS B 843 -6.65 -40.50 7.55
N SER B 844 -6.32 -41.24 6.46
CA SER B 844 -6.21 -42.71 6.53
C SER B 844 -5.20 -43.22 7.47
N LEU B 845 -3.97 -42.64 7.41
CA LEU B 845 -2.91 -42.96 8.31
C LEU B 845 -3.18 -42.70 9.81
N ARG B 846 -3.84 -41.51 10.13
CA ARG B 846 -4.24 -41.11 11.53
C ARG B 846 -5.63 -41.73 11.89
N MET C 1 4.22 11.78 -23.46
CA MET C 1 3.60 10.61 -22.90
C MET C 1 4.62 9.54 -22.49
N GLY C 2 4.09 8.34 -22.15
CA GLY C 2 4.91 7.18 -21.75
C GLY C 2 5.34 6.36 -22.97
N GLY C 3 4.93 6.84 -24.15
CA GLY C 3 5.41 6.29 -25.39
C GLY C 3 6.55 7.16 -25.83
N GLU C 4 7.79 6.67 -25.73
CA GLU C 4 9.04 7.30 -26.14
C GLU C 4 9.21 7.33 -27.61
N ILE C 5 9.90 8.38 -28.11
CA ILE C 5 10.30 8.65 -29.46
C ILE C 5 11.81 8.89 -29.31
N ILE C 6 12.65 8.24 -30.18
CA ILE C 6 14.09 8.44 -30.16
C ILE C 6 14.35 9.15 -31.40
N THR C 7 15.16 10.26 -31.26
CA THR C 7 15.46 11.14 -32.34
C THR C 7 16.83 10.94 -32.89
N LEU C 8 16.92 10.88 -34.28
CA LEU C 8 18.15 10.65 -35.04
C LEU C 8 18.39 11.92 -35.79
N GLN C 9 19.62 12.52 -35.66
CA GLN C 9 19.97 13.64 -36.47
C GLN C 9 21.13 13.44 -37.42
N ALA C 10 21.00 13.65 -38.75
CA ALA C 10 21.98 13.17 -39.67
C ALA C 10 22.19 14.44 -40.51
N GLY C 11 23.48 14.65 -40.87
CA GLY C 11 23.75 15.82 -41.72
C GLY C 11 23.76 17.18 -40.90
N GLN C 12 24.15 18.24 -41.66
CA GLN C 12 24.35 19.55 -41.18
C GLN C 12 23.12 20.11 -40.69
N CYS C 13 22.03 20.01 -41.54
CA CYS C 13 20.68 20.49 -41.42
C CYS C 13 20.01 19.77 -40.25
N GLY C 14 20.11 18.40 -40.08
CA GLY C 14 19.46 17.58 -39.03
C GLY C 14 19.90 17.96 -37.70
N ASN C 15 21.21 18.20 -37.48
CA ASN C 15 21.74 18.66 -36.20
C ASN C 15 21.29 20.01 -35.98
N HIS C 16 21.21 21.00 -36.96
CA HIS C 16 20.81 22.33 -36.78
C HIS C 16 19.38 22.47 -36.35
N VAL C 17 18.48 21.74 -37.05
CA VAL C 17 17.08 21.88 -36.71
C VAL C 17 16.97 21.27 -35.38
N GLY C 18 17.69 20.18 -35.04
CA GLY C 18 17.54 19.47 -33.79
C GLY C 18 17.89 20.32 -32.64
N LYS C 19 19.02 21.07 -32.69
CA LYS C 19 19.46 21.93 -31.52
C LYS C 19 18.51 22.97 -31.20
N PHE C 20 17.97 23.59 -32.26
CA PHE C 20 17.01 24.67 -32.22
C PHE C 20 15.66 24.10 -31.63
N LEU C 21 15.29 22.84 -31.99
CA LEU C 21 14.06 22.17 -31.56
C LEU C 21 13.95 21.97 -30.12
N TRP C 22 15.10 21.52 -29.54
CA TRP C 22 15.30 21.30 -28.11
C TRP C 22 15.24 22.64 -27.36
N SER C 23 15.83 23.75 -27.90
CA SER C 23 15.80 25.08 -27.30
C SER C 23 14.33 25.46 -27.19
N GLN C 24 13.54 25.17 -28.23
CA GLN C 24 12.14 25.51 -28.20
C GLN C 24 11.29 24.86 -27.15
N LEU C 25 11.48 23.54 -26.98
CA LEU C 25 10.69 22.73 -26.06
C LEU C 25 11.06 23.20 -24.66
N ALA C 26 12.39 23.48 -24.43
CA ALA C 26 12.85 23.93 -23.10
C ALA C 26 12.26 25.26 -22.63
N LYS C 27 12.14 26.17 -23.56
CA LYS C 27 11.59 27.48 -23.34
C LYS C 27 10.11 27.37 -22.94
N GLU C 28 9.37 26.46 -23.65
CA GLU C 28 7.91 26.26 -23.50
C GLU C 28 7.51 25.72 -22.09
N HIS C 29 8.31 24.80 -21.46
CA HIS C 29 7.94 24.25 -20.10
C HIS C 29 8.57 24.88 -18.93
N ALA C 30 9.13 26.07 -19.16
CA ALA C 30 9.70 26.93 -18.10
C ALA C 30 10.91 26.19 -17.46
N ILE C 31 11.85 25.73 -18.25
CA ILE C 31 13.12 25.12 -17.83
C ILE C 31 14.32 25.73 -18.58
N GLY C 32 15.51 25.24 -18.12
CA GLY C 32 16.76 25.73 -18.65
C GLY C 32 17.13 25.22 -20.00
N THR C 33 18.20 25.83 -20.53
CA THR C 33 18.70 25.57 -21.87
C THR C 33 19.81 24.54 -21.88
N ASP C 34 20.16 24.14 -20.67
CA ASP C 34 21.01 23.03 -20.45
C ASP C 34 20.10 21.89 -20.10
N GLY C 35 18.84 22.15 -19.69
CA GLY C 35 17.89 21.13 -19.52
C GLY C 35 17.53 20.97 -18.11
N LEU C 36 17.79 21.98 -17.20
CA LEU C 36 17.58 21.88 -15.75
C LEU C 36 16.20 21.46 -15.36
N SER C 37 16.09 20.71 -14.25
CA SER C 37 14.89 20.15 -13.73
C SER C 37 14.25 21.22 -12.93
N GLN C 38 13.20 21.83 -13.48
CA GLN C 38 12.58 22.99 -12.73
C GLN C 38 11.19 23.20 -13.36
N LEU C 39 10.47 22.07 -13.46
CA LEU C 39 9.07 21.98 -13.88
C LEU C 39 8.18 22.53 -12.79
N PRO C 40 7.14 23.37 -13.16
CA PRO C 40 6.25 23.87 -12.10
C PRO C 40 5.17 22.84 -11.91
N ASP C 41 5.14 21.74 -12.75
CA ASP C 41 4.11 20.78 -12.51
C ASP C 41 4.78 19.47 -12.66
N SER C 42 5.09 18.78 -11.53
CA SER C 42 5.85 17.57 -11.37
C SER C 42 5.15 16.91 -10.22
N SER C 43 3.90 17.40 -9.99
CA SER C 43 3.25 17.09 -8.68
C SER C 43 1.85 16.76 -9.05
N THR C 44 1.52 16.81 -10.38
CA THR C 44 0.26 16.46 -10.80
C THR C 44 0.30 16.04 -12.26
N GLU C 45 1.47 16.25 -12.93
CA GLU C 45 1.74 15.93 -14.32
C GLU C 45 0.90 16.69 -15.34
N ARG C 46 1.21 18.01 -15.50
CA ARG C 46 0.67 18.74 -16.59
C ARG C 46 1.84 18.92 -17.59
N ASP C 47 2.99 18.47 -17.19
CA ASP C 47 4.11 18.33 -17.97
C ASP C 47 4.27 16.81 -18.13
N ASP C 48 4.30 16.41 -19.47
CA ASP C 48 4.69 15.09 -19.86
C ASP C 48 5.53 15.17 -21.08
N ASP C 49 6.26 16.32 -21.24
CA ASP C 49 7.01 16.69 -22.45
C ASP C 49 8.45 16.44 -22.10
N THR C 50 8.67 15.98 -20.85
CA THR C 50 9.96 15.75 -20.18
C THR C 50 10.06 14.23 -20.13
N LYS C 51 9.46 13.47 -21.12
CA LYS C 51 9.54 12.01 -21.17
C LYS C 51 9.27 11.29 -22.52
N PRO C 52 8.64 11.82 -23.60
CA PRO C 52 8.60 11.20 -24.88
C PRO C 52 9.73 11.81 -25.63
N PHE C 53 10.46 12.82 -25.11
CA PHE C 53 11.56 13.35 -25.80
C PHE C 53 12.75 13.41 -24.90
N PHE C 54 12.63 13.39 -23.55
CA PHE C 54 13.75 13.54 -22.64
C PHE C 54 13.88 12.39 -21.77
N ARG C 55 15.06 12.09 -21.19
CA ARG C 55 15.32 11.08 -20.32
C ARG C 55 16.03 11.66 -19.12
N GLU C 56 15.92 10.91 -17.97
CA GLU C 56 16.55 11.20 -16.73
C GLU C 56 17.74 10.26 -16.62
N ASN C 57 18.92 10.76 -16.19
CA ASN C 57 20.22 10.09 -16.00
C ASN C 57 20.70 10.23 -14.57
N SER C 58 19.89 10.91 -13.76
CA SER C 58 20.08 11.20 -12.35
C SER C 58 21.29 12.04 -12.27
N ARG C 59 21.46 13.11 -13.05
CA ARG C 59 22.43 14.16 -12.93
C ARG C 59 21.77 15.49 -12.59
N ASN C 60 20.49 15.33 -12.17
CA ASN C 60 19.56 16.32 -11.69
C ASN C 60 19.28 17.29 -12.79
N LYS C 61 18.81 16.83 -13.99
CA LYS C 61 18.60 17.77 -15.08
C LYS C 61 18.31 16.80 -16.22
N PHE C 62 17.23 17.08 -17.01
CA PHE C 62 16.77 16.26 -18.08
C PHE C 62 17.54 16.45 -19.33
N THR C 63 17.75 15.35 -20.09
CA THR C 63 18.54 15.55 -21.28
C THR C 63 17.70 14.91 -22.31
N PRO C 64 17.65 15.43 -23.60
CA PRO C 64 16.87 14.87 -24.70
C PRO C 64 17.46 13.63 -25.19
N ARG C 65 16.65 12.61 -25.55
CA ARG C 65 17.00 11.37 -26.17
C ARG C 65 17.42 11.57 -27.55
N ALA C 66 18.66 12.08 -27.79
CA ALA C 66 18.96 12.40 -29.10
C ALA C 66 20.38 11.96 -29.35
N ILE C 67 20.66 11.52 -30.54
CA ILE C 67 21.88 11.14 -31.06
C ILE C 67 22.09 12.11 -32.24
N MET C 68 23.33 12.83 -32.36
CA MET C 68 23.66 13.78 -33.41
C MET C 68 24.72 13.18 -34.17
N MET C 69 24.59 13.16 -35.56
CA MET C 69 25.57 12.47 -36.35
C MET C 69 25.92 13.38 -37.53
N ASP C 70 27.21 13.52 -37.93
CA ASP C 70 27.66 14.13 -39.11
C ASP C 70 29.10 14.28 -39.02
N SER C 71 29.61 15.22 -39.83
CA SER C 71 30.98 15.75 -39.80
C SER C 71 31.15 16.79 -38.84
N GLU C 72 32.28 17.39 -38.89
CA GLU C 72 32.69 18.31 -37.87
C GLU C 72 31.98 19.68 -37.72
N PRO C 73 31.55 20.46 -38.72
CA PRO C 73 31.10 21.80 -38.56
C PRO C 73 29.93 21.87 -37.58
N SER C 74 28.85 21.00 -37.72
CA SER C 74 27.58 21.19 -36.95
C SER C 74 27.76 20.89 -35.45
N VAL C 75 28.47 19.76 -35.19
CA VAL C 75 28.69 19.31 -33.87
C VAL C 75 29.51 20.36 -33.04
N ILE C 76 30.52 21.08 -33.71
CA ILE C 76 31.29 22.22 -33.13
C ILE C 76 30.42 23.41 -32.80
N ALA C 77 29.46 23.75 -33.70
CA ALA C 77 28.47 24.80 -33.44
C ALA C 77 27.57 24.55 -32.27
N ASP C 78 27.00 23.35 -32.03
CA ASP C 78 26.20 22.97 -30.91
C ASP C 78 26.84 23.02 -29.59
N VAL C 79 28.12 22.55 -29.55
CA VAL C 79 28.96 22.63 -28.37
C VAL C 79 29.40 24.00 -27.91
N GLU C 80 29.56 24.90 -28.88
CA GLU C 80 29.89 26.26 -28.78
C GLU C 80 28.75 27.01 -28.14
N ASN C 81 27.45 26.65 -28.40
CA ASN C 81 26.30 27.35 -27.83
C ASN C 81 25.83 26.64 -26.57
N THR C 82 24.95 27.24 -25.63
CA THR C 82 24.61 26.65 -24.36
C THR C 82 23.61 25.53 -24.42
N PHE C 83 23.29 25.06 -25.62
CA PHE C 83 22.35 23.96 -25.92
C PHE C 83 23.29 22.67 -25.95
N ARG C 84 24.38 22.63 -25.15
CA ARG C 84 25.39 21.59 -25.14
C ARG C 84 25.05 20.76 -23.93
N GLY C 85 24.01 21.15 -23.12
CA GLY C 85 23.69 20.46 -21.94
C GLY C 85 22.63 19.39 -22.24
N PHE C 86 22.13 19.46 -23.49
CA PHE C 86 21.14 18.55 -23.94
C PHE C 86 21.86 17.31 -24.51
N PHE C 87 23.20 17.31 -24.57
CA PHE C 87 23.94 16.30 -25.29
C PHE C 87 25.03 15.98 -24.39
N ASP C 88 25.01 14.69 -24.04
CA ASP C 88 26.07 14.04 -23.36
C ASP C 88 27.21 13.89 -24.33
N PRO C 89 28.49 13.57 -23.93
CA PRO C 89 29.61 13.50 -24.88
C PRO C 89 29.45 12.36 -25.82
N ARG C 90 28.77 11.28 -25.41
CA ARG C 90 28.51 10.11 -26.25
C ARG C 90 27.55 10.45 -27.37
N ASN C 91 26.61 11.41 -27.13
CA ASN C 91 25.64 11.87 -28.12
C ASN C 91 26.23 12.68 -29.27
N THR C 92 27.45 13.25 -29.03
CA THR C 92 28.12 13.92 -30.08
C THR C 92 29.04 12.92 -30.79
N TRP C 93 28.92 12.77 -32.08
CA TRP C 93 29.70 11.87 -32.92
C TRP C 93 30.28 12.66 -34.09
N VAL C 94 31.58 12.44 -34.28
CA VAL C 94 32.38 13.00 -35.36
C VAL C 94 32.98 11.78 -35.89
N ALA C 95 32.85 11.57 -37.21
CA ALA C 95 33.27 10.43 -37.86
C ALA C 95 33.12 10.82 -39.33
N SER C 96 34.24 11.00 -40.07
CA SER C 96 34.27 11.39 -41.46
C SER C 96 35.38 10.67 -41.99
N ASP C 97 35.43 10.24 -43.33
CA ASP C 97 36.50 9.48 -43.91
C ASP C 97 36.50 9.83 -45.37
N GLY C 98 37.68 10.17 -45.97
CA GLY C 98 37.80 10.77 -47.26
C GLY C 98 37.53 12.24 -47.19
N ALA C 99 37.45 12.71 -45.90
CA ALA C 99 37.32 14.09 -45.52
C ALA C 99 35.94 14.66 -45.90
N SER C 100 34.92 14.28 -45.11
CA SER C 100 33.50 14.57 -45.15
C SER C 100 32.91 13.83 -46.36
N ALA C 101 31.57 13.94 -46.45
CA ALA C 101 30.87 13.43 -47.60
C ALA C 101 31.15 14.23 -48.81
N GLY C 102 31.04 15.59 -48.70
CA GLY C 102 31.44 16.49 -49.77
C GLY C 102 30.28 16.77 -50.63
N ASN C 103 29.03 16.45 -50.21
CA ASN C 103 27.75 16.63 -50.97
C ASN C 103 27.60 15.54 -51.95
N SER C 104 27.99 14.33 -51.53
CA SER C 104 27.92 13.06 -52.27
C SER C 104 27.40 11.89 -51.46
N TRP C 105 26.31 11.31 -52.03
CA TRP C 105 25.54 10.26 -51.43
C TRP C 105 26.37 9.08 -51.27
N ALA C 106 27.15 8.73 -52.32
CA ALA C 106 28.03 7.59 -52.39
C ALA C 106 29.18 7.63 -51.38
N ASN C 107 29.83 8.78 -51.18
CA ASN C 107 30.79 8.95 -50.09
C ASN C 107 30.15 8.81 -48.70
N GLY C 108 28.95 9.42 -48.50
CA GLY C 108 28.23 9.56 -47.33
C GLY C 108 27.80 8.26 -46.89
N TYR C 109 27.34 7.47 -47.85
CA TYR C 109 26.91 6.14 -47.59
C TYR C 109 28.02 5.22 -47.05
N ASP C 110 29.16 5.29 -47.68
CA ASP C 110 30.35 4.55 -47.42
C ASP C 110 30.82 4.92 -46.06
N ILE C 111 30.79 6.19 -45.54
CA ILE C 111 31.35 6.55 -44.24
C ILE C 111 30.63 5.86 -43.14
N GLY C 112 29.26 5.66 -43.20
CA GLY C 112 28.44 4.95 -42.25
C GLY C 112 28.89 3.50 -42.08
N THR C 113 29.22 2.82 -43.17
CA THR C 113 29.64 1.39 -43.11
C THR C 113 30.84 1.01 -42.29
N ARG C 114 31.86 1.88 -42.38
CA ARG C 114 33.12 1.57 -41.65
C ARG C 114 32.96 1.50 -40.07
N ASN C 115 32.23 2.51 -39.55
CA ASN C 115 31.93 2.82 -38.20
C ASN C 115 30.50 2.51 -37.92
N GLN C 116 30.09 1.37 -38.48
CA GLN C 116 28.81 0.76 -38.35
C GLN C 116 28.47 0.29 -36.90
N ASP C 117 29.45 -0.37 -36.20
CA ASP C 117 29.45 -0.94 -34.89
C ASP C 117 29.32 0.18 -33.85
N ASP C 118 30.05 1.29 -34.12
CA ASP C 118 30.04 2.44 -33.26
C ASP C 118 28.60 3.01 -33.24
N ILE C 119 27.90 3.10 -34.38
CA ILE C 119 26.61 3.68 -34.37
C ILE C 119 25.67 2.76 -33.59
N LEU C 120 25.77 1.44 -33.82
CA LEU C 120 24.90 0.50 -33.22
C LEU C 120 24.99 0.45 -31.72
N ASN C 121 26.20 0.60 -31.15
CA ASN C 121 26.42 0.67 -29.74
C ASN C 121 25.61 1.87 -29.16
N LYS C 122 25.56 3.02 -29.83
CA LYS C 122 24.79 4.11 -29.39
C LYS C 122 23.25 3.70 -29.45
N ILE C 123 22.74 3.11 -30.50
CA ILE C 123 21.31 2.76 -30.75
C ILE C 123 20.88 1.76 -29.70
N ASP C 124 21.69 0.70 -29.45
CA ASP C 124 21.39 -0.33 -28.49
C ASP C 124 21.30 0.15 -27.07
N LYS C 125 22.18 1.09 -26.67
CA LYS C 125 22.09 1.70 -25.32
C LYS C 125 20.81 2.45 -25.09
N GLU C 126 20.44 3.31 -26.07
CA GLU C 126 19.32 4.22 -26.00
C GLU C 126 18.03 3.41 -25.93
N ILE C 127 17.81 2.29 -26.69
CA ILE C 127 16.67 1.42 -26.67
C ILE C 127 16.52 0.64 -25.39
N ASP C 128 17.63 0.09 -24.86
CA ASP C 128 17.64 -0.70 -23.69
C ASP C 128 17.35 0.18 -22.47
N SER C 129 17.76 1.46 -22.38
CA SER C 129 17.46 2.30 -21.22
C SER C 129 16.00 2.75 -21.15
N THR C 130 15.31 2.62 -22.33
CA THR C 130 13.95 3.18 -22.51
C THR C 130 12.99 2.11 -21.94
N ASP C 131 11.95 2.67 -21.27
CA ASP C 131 10.83 1.88 -20.63
C ASP C 131 10.06 1.19 -21.71
N ASN C 132 9.68 1.90 -22.73
CA ASN C 132 9.01 1.29 -23.88
C ASN C 132 8.95 2.17 -25.09
N PHE C 133 9.93 1.89 -26.02
CA PHE C 133 10.13 2.67 -27.23
C PHE C 133 9.15 2.35 -28.36
N GLU C 134 8.39 3.39 -28.85
CA GLU C 134 7.44 3.22 -29.96
C GLU C 134 8.17 3.10 -31.26
N GLY C 135 9.17 4.02 -31.46
CA GLY C 135 9.88 3.98 -32.71
C GLY C 135 10.64 5.30 -32.88
N PHE C 136 11.14 5.54 -34.09
CA PHE C 136 12.13 6.54 -34.37
C PHE C 136 11.67 7.69 -35.24
N GLN C 137 12.23 8.92 -35.09
CA GLN C 137 12.08 10.01 -35.95
C GLN C 137 13.37 10.53 -36.34
N LEU C 138 13.53 10.70 -37.67
CA LEU C 138 14.76 11.11 -38.33
C LEU C 138 14.56 12.49 -38.77
N LEU C 139 15.53 13.31 -38.41
CA LEU C 139 15.64 14.65 -38.87
C LEU C 139 16.81 14.67 -39.76
N HIS C 140 16.68 15.08 -41.02
CA HIS C 140 17.80 15.17 -41.84
C HIS C 140 17.41 15.90 -43.14
N SER C 141 18.33 16.17 -44.07
CA SER C 141 18.10 16.78 -45.31
C SER C 141 18.60 15.69 -46.24
N VAL C 142 18.00 15.65 -47.40
CA VAL C 142 18.32 14.78 -48.52
C VAL C 142 19.11 15.57 -49.51
N ALA C 143 19.22 16.90 -49.25
CA ALA C 143 20.13 17.72 -50.08
C ALA C 143 21.65 17.46 -49.91
N GLY C 144 22.26 17.27 -48.76
CA GLY C 144 23.67 16.96 -48.76
C GLY C 144 23.96 15.53 -49.12
N GLY C 145 25.23 15.32 -48.82
CA GLY C 145 25.94 14.06 -48.94
C GLY C 145 25.67 13.26 -47.76
N THR C 146 25.95 13.90 -46.65
CA THR C 146 26.06 13.31 -45.37
C THR C 146 24.57 13.00 -45.02
N GLY C 147 23.61 14.02 -45.18
CA GLY C 147 22.21 13.97 -44.72
C GLY C 147 21.55 12.86 -45.46
N SER C 148 21.82 12.76 -46.74
CA SER C 148 21.37 11.73 -47.62
C SER C 148 21.98 10.37 -47.45
N GLY C 149 23.29 10.24 -47.57
CA GLY C 149 23.93 8.97 -47.67
C GLY C 149 23.82 8.33 -46.30
N LEU C 150 24.24 8.99 -45.21
CA LEU C 150 24.17 8.40 -43.89
C LEU C 150 22.73 8.19 -43.41
N GLY C 151 21.84 9.14 -43.72
CA GLY C 151 20.42 9.03 -43.33
C GLY C 151 19.76 7.89 -43.94
N SER C 152 20.01 7.58 -45.25
CA SER C 152 19.52 6.41 -45.96
C SER C 152 20.04 5.12 -45.41
N ASN C 153 21.39 5.13 -45.03
CA ASN C 153 22.14 3.96 -44.57
C ASN C 153 21.58 3.43 -43.26
N LEU C 154 21.29 4.38 -42.30
CA LEU C 154 20.66 4.19 -41.04
C LEU C 154 19.24 3.72 -41.22
N LEU C 155 18.48 4.19 -42.21
CA LEU C 155 17.15 3.68 -42.48
C LEU C 155 17.07 2.24 -42.90
N GLU C 156 18.00 1.80 -43.72
CA GLU C 156 18.12 0.38 -44.25
C GLU C 156 18.48 -0.58 -43.13
N ALA C 157 19.41 -0.20 -42.17
CA ALA C 157 19.61 -1.05 -41.06
C ALA C 157 18.41 -1.24 -40.13
N LEU C 158 17.76 -0.11 -39.86
CA LEU C 158 16.57 -0.10 -38.94
C LEU C 158 15.37 -0.92 -39.37
N CYS C 159 15.04 -0.89 -40.66
CA CYS C 159 13.94 -1.62 -41.26
C CYS C 159 14.15 -3.20 -41.09
N ASP C 160 15.42 -3.59 -41.40
CA ASP C 160 15.94 -4.95 -41.38
C ASP C 160 16.05 -5.59 -40.02
N ARG C 161 16.65 -4.85 -39.10
CA ARG C 161 16.82 -5.25 -37.67
C ARG C 161 15.56 -5.31 -37.06
N TYR C 162 14.71 -4.24 -37.16
CA TYR C 162 13.47 -4.22 -36.47
C TYR C 162 12.44 -4.05 -37.50
N PRO C 163 11.58 -4.96 -37.82
CA PRO C 163 10.56 -4.74 -38.82
C PRO C 163 9.24 -4.35 -38.20
N LYS C 164 9.21 -4.28 -36.86
CA LYS C 164 8.00 -4.10 -36.17
C LYS C 164 8.13 -2.82 -35.44
N LYS C 165 8.99 -1.92 -35.87
CA LYS C 165 9.17 -0.65 -35.15
C LYS C 165 9.07 0.33 -36.27
N ILE C 166 8.30 1.47 -36.12
CA ILE C 166 7.98 2.41 -37.12
C ILE C 166 9.13 3.43 -37.23
N LEU C 167 9.37 3.77 -38.47
CA LEU C 167 10.44 4.73 -38.88
C LEU C 167 9.68 5.76 -39.52
N THR C 168 9.78 6.97 -38.99
CA THR C 168 9.01 8.13 -39.56
C THR C 168 10.16 8.95 -39.85
N THR C 169 10.05 9.73 -40.96
CA THR C 169 11.14 10.57 -41.27
C THR C 169 10.59 11.89 -41.52
N TYR C 170 11.42 12.87 -41.22
CA TYR C 170 11.20 14.25 -41.64
C TYR C 170 12.31 14.44 -42.58
N SER C 171 12.08 14.50 -43.95
CA SER C 171 13.09 14.66 -44.93
C SER C 171 12.93 16.00 -45.57
N VAL C 172 14.07 16.70 -45.57
CA VAL C 172 13.99 17.94 -46.28
C VAL C 172 14.45 17.61 -47.69
N PHE C 173 13.63 17.92 -48.75
CA PHE C 173 13.98 17.56 -50.12
C PHE C 173 14.51 18.90 -50.63
N PRO C 174 15.52 18.93 -51.57
CA PRO C 174 16.20 20.25 -51.92
C PRO C 174 15.34 21.13 -52.71
N ALA C 175 15.92 22.23 -53.17
CA ALA C 175 15.19 23.14 -54.03
C ALA C 175 15.06 22.65 -55.41
N ARG C 176 14.09 23.13 -56.14
CA ARG C 176 13.70 22.54 -57.43
C ARG C 176 14.20 23.50 -58.51
N SER C 177 14.84 24.63 -58.15
CA SER C 177 15.62 25.51 -58.98
C SER C 177 17.07 25.28 -58.72
N SER C 178 17.33 24.45 -57.64
CA SER C 178 18.58 23.95 -57.25
C SER C 178 19.46 24.99 -56.69
N GLU C 179 20.06 24.77 -55.53
CA GLU C 179 21.00 25.71 -54.91
C GLU C 179 22.42 25.23 -55.09
N VAL C 180 22.57 23.85 -55.09
CA VAL C 180 23.79 23.12 -55.39
C VAL C 180 23.32 22.22 -56.55
N VAL C 181 24.23 21.97 -57.56
CA VAL C 181 23.92 21.24 -58.73
C VAL C 181 23.72 19.76 -58.45
N VAL C 182 24.67 19.15 -57.67
CA VAL C 182 24.65 17.71 -57.37
C VAL C 182 23.60 17.13 -56.45
N GLN C 183 22.72 17.92 -55.88
CA GLN C 183 21.63 17.62 -55.02
C GLN C 183 20.70 16.58 -55.64
N SER C 184 20.43 16.71 -57.01
CA SER C 184 19.47 15.91 -57.75
C SER C 184 19.87 14.47 -57.72
N TYR C 185 21.23 14.16 -57.78
CA TYR C 185 21.82 12.85 -57.74
C TYR C 185 21.54 12.27 -56.35
N ASN C 186 21.82 13.09 -55.27
CA ASN C 186 21.65 12.70 -53.87
C ASN C 186 20.23 12.33 -53.65
N THR C 187 19.29 13.05 -54.10
CA THR C 187 17.90 12.87 -53.96
C THR C 187 17.36 11.61 -54.62
N ILE C 188 17.81 11.32 -55.86
CA ILE C 188 17.39 10.08 -56.42
C ILE C 188 17.85 8.88 -55.69
N LEU C 189 19.16 8.83 -55.46
CA LEU C 189 19.87 7.65 -54.88
C LEU C 189 19.39 7.38 -53.41
N ALA C 190 19.18 8.46 -52.58
CA ALA C 190 18.58 8.43 -51.23
C ALA C 190 17.10 8.07 -51.28
N LEU C 191 16.26 8.64 -52.21
CA LEU C 191 14.84 8.48 -52.37
C LEU C 191 14.32 7.13 -52.68
N ARG C 192 15.13 6.34 -53.36
CA ARG C 192 14.89 4.91 -53.54
C ARG C 192 14.87 4.08 -52.24
N ARG C 193 15.82 4.28 -51.35
CA ARG C 193 15.98 3.70 -50.07
C ARG C 193 14.85 4.26 -49.16
N LEU C 194 14.54 5.57 -49.32
CA LEU C 194 13.57 6.24 -48.50
C LEU C 194 12.22 5.67 -48.70
N ILE C 195 11.94 5.34 -49.99
CA ILE C 195 10.69 4.76 -50.28
C ILE C 195 10.54 3.34 -49.75
N GLU C 196 11.53 2.48 -49.98
CA GLU C 196 11.30 1.08 -49.61
C GLU C 196 11.48 0.91 -48.13
N ASP C 197 12.59 1.48 -47.60
CA ASP C 197 13.01 1.22 -46.28
C ASP C 197 12.28 2.00 -45.13
N SER C 198 11.51 3.08 -45.47
CA SER C 198 10.80 3.88 -44.53
C SER C 198 9.36 3.43 -44.51
N ASP C 199 8.75 3.46 -43.29
CA ASP C 199 7.37 3.24 -43.07
C ASP C 199 6.56 4.52 -43.32
N ALA C 200 7.13 5.71 -42.97
CA ALA C 200 6.47 6.96 -43.24
C ALA C 200 7.48 8.06 -43.59
N THR C 201 7.19 8.97 -44.60
CA THR C 201 8.05 10.06 -44.94
C THR C 201 7.10 11.25 -45.04
N VAL C 202 7.48 12.29 -44.25
CA VAL C 202 6.92 13.60 -44.30
C VAL C 202 7.80 14.46 -45.19
N VAL C 203 7.29 14.92 -46.39
CA VAL C 203 8.07 15.67 -47.37
C VAL C 203 7.99 17.10 -46.98
N PHE C 204 9.16 17.74 -46.84
CA PHE C 204 9.38 19.20 -46.68
C PHE C 204 10.15 19.65 -47.88
N ASP C 205 9.53 20.44 -48.78
CA ASP C 205 10.19 20.81 -49.99
C ASP C 205 10.89 22.10 -49.59
N ASN C 206 12.24 22.17 -49.70
CA ASN C 206 13.03 23.29 -49.18
C ASN C 206 12.74 24.58 -49.91
N ALA C 207 12.35 24.51 -51.21
CA ALA C 207 12.19 25.64 -52.08
C ALA C 207 11.14 26.53 -51.50
N SER C 208 10.04 25.90 -51.07
CA SER C 208 8.86 26.49 -50.53
C SER C 208 9.16 27.00 -49.17
N LEU C 209 9.93 26.18 -48.39
CA LEU C 209 10.19 26.40 -46.98
C LEU C 209 10.97 27.64 -46.79
N LEU C 210 11.99 27.87 -47.68
CA LEU C 210 12.94 28.99 -47.73
C LEU C 210 12.18 30.28 -48.03
N ASN C 211 11.24 30.21 -49.04
CA ASN C 211 10.52 31.44 -49.50
C ASN C 211 9.71 32.06 -48.44
N ILE C 212 9.02 31.14 -47.68
CA ILE C 212 8.16 31.51 -46.57
C ILE C 212 9.01 32.13 -45.50
N SER C 213 10.17 31.57 -45.15
CA SER C 213 11.05 31.99 -44.07
C SER C 213 11.55 33.38 -44.33
N GLY C 214 11.96 33.67 -45.60
CA GLY C 214 12.36 35.02 -46.07
C GLY C 214 11.24 36.01 -46.10
N LYS C 215 10.10 35.65 -46.70
CA LYS C 215 9.00 36.58 -46.79
C LYS C 215 8.30 36.83 -45.46
N VAL C 216 7.78 35.78 -44.81
CA VAL C 216 6.88 35.88 -43.65
C VAL C 216 7.68 36.26 -42.39
N PHE C 217 8.82 35.58 -42.06
CA PHE C 217 9.56 35.92 -40.87
C PHE C 217 10.73 36.80 -41.02
N ARG C 218 10.86 37.57 -42.13
CA ARG C 218 11.89 38.51 -42.40
C ARG C 218 13.31 38.15 -42.09
N ASN C 219 14.06 39.07 -41.47
CA ASN C 219 15.46 38.90 -41.00
C ASN C 219 16.36 38.96 -42.21
N PRO C 220 17.19 40.01 -42.44
CA PRO C 220 18.19 40.10 -43.53
C PRO C 220 19.15 38.93 -43.41
N ASN C 221 19.23 38.16 -44.46
CA ASN C 221 20.20 37.09 -44.74
C ASN C 221 19.61 35.80 -44.27
N ILE C 222 18.83 35.05 -45.17
CA ILE C 222 17.98 34.03 -44.73
C ILE C 222 18.87 32.84 -44.16
N ASP C 223 19.82 32.38 -44.96
CA ASP C 223 20.57 31.15 -44.69
C ASP C 223 19.77 29.87 -44.29
N LEU C 224 20.50 28.76 -44.01
CA LEU C 224 20.05 27.45 -43.59
C LEU C 224 19.37 27.59 -42.24
N GLN C 225 20.07 28.45 -41.39
CA GLN C 225 19.72 28.68 -39.99
C GLN C 225 18.38 29.29 -39.79
N HIS C 226 17.94 30.26 -40.61
CA HIS C 226 16.56 30.81 -40.59
C HIS C 226 15.50 29.88 -40.92
N THR C 227 15.79 29.16 -41.99
CA THR C 227 14.92 28.16 -42.64
C THR C 227 14.68 26.99 -41.78
N ASN C 228 15.73 26.55 -40.94
CA ASN C 228 15.64 25.49 -39.87
C ASN C 228 14.81 25.83 -38.68
N GLN C 229 14.65 27.20 -38.36
CA GLN C 229 13.76 27.76 -37.33
C GLN C 229 12.27 27.41 -37.66
N LEU C 230 11.96 27.50 -38.95
CA LEU C 230 10.63 27.18 -39.43
C LEU C 230 10.38 25.69 -39.21
N ILE C 231 11.39 24.83 -39.56
CA ILE C 231 11.32 23.38 -39.53
C ILE C 231 11.11 22.92 -38.07
N SER C 232 11.85 23.50 -37.04
CA SER C 232 11.84 23.21 -35.52
C SER C 232 10.45 23.54 -35.02
N THR C 233 9.77 24.63 -35.53
CA THR C 233 8.36 24.92 -35.13
C THR C 233 7.48 23.81 -35.56
N ILE C 234 7.63 23.25 -36.81
CA ILE C 234 6.88 22.19 -37.45
C ILE C 234 7.04 20.90 -36.65
N ILE C 235 8.30 20.49 -36.27
CA ILE C 235 8.63 19.26 -35.70
C ILE C 235 7.92 19.26 -34.33
N SER C 236 7.91 20.40 -33.56
CA SER C 236 7.33 20.49 -32.21
C SER C 236 5.88 20.28 -32.23
N SER C 237 5.25 20.96 -33.21
CA SER C 237 3.85 20.95 -33.34
C SER C 237 3.15 19.65 -33.73
N VAL C 238 3.85 18.78 -34.54
CA VAL C 238 3.24 17.57 -35.09
C VAL C 238 2.98 16.63 -33.92
N THR C 239 3.83 16.57 -32.81
CA THR C 239 3.68 15.82 -31.65
C THR C 239 2.79 16.43 -30.61
N ASN C 240 2.26 17.66 -30.73
CA ASN C 240 1.65 18.44 -29.67
C ASN C 240 0.58 17.82 -28.81
N SER C 241 -0.46 17.10 -29.37
CA SER C 241 -1.53 16.45 -28.57
C SER C 241 -1.21 15.30 -27.70
N ILE C 242 -0.18 14.50 -28.07
CA ILE C 242 0.34 13.43 -27.30
C ILE C 242 1.20 13.89 -26.12
N ARG C 243 2.08 14.91 -26.26
CA ARG C 243 3.02 15.34 -25.24
C ARG C 243 2.36 16.12 -24.24
N PHE C 244 1.12 16.69 -24.54
CA PHE C 244 0.35 17.46 -23.54
C PHE C 244 -0.73 16.56 -23.05
N PRO C 245 -1.33 16.67 -21.87
CA PRO C 245 -2.31 15.74 -21.43
C PRO C 245 -3.60 15.56 -22.07
N SER C 246 -4.02 16.33 -23.11
CA SER C 246 -5.31 16.55 -23.66
C SER C 246 -5.79 15.23 -24.20
N TYR C 247 -4.81 14.50 -24.79
CA TYR C 247 -4.92 13.17 -25.17
C TYR C 247 -3.67 12.44 -24.76
N MET C 248 -3.87 11.10 -24.58
CA MET C 248 -2.72 10.28 -24.06
C MET C 248 -3.03 8.86 -24.36
N TYR C 249 -4.25 8.58 -24.85
CA TYR C 249 -4.80 7.38 -25.38
C TYR C 249 -4.47 7.16 -26.84
N SER C 250 -4.12 8.26 -27.53
CA SER C 250 -3.48 8.31 -28.92
C SER C 250 -2.08 7.84 -28.68
N SER C 251 -1.53 7.24 -29.76
CA SER C 251 -0.21 6.79 -29.72
C SER C 251 0.29 7.04 -31.05
N MET C 252 1.63 6.91 -31.16
CA MET C 252 2.44 7.21 -32.35
C MET C 252 2.06 6.31 -33.49
N SER C 253 1.94 5.01 -33.19
CA SER C 253 1.52 3.95 -34.10
C SER C 253 0.09 4.15 -34.61
N SER C 254 -0.89 4.47 -33.78
CA SER C 254 -2.24 4.59 -34.33
C SER C 254 -2.45 5.84 -35.18
N ILE C 255 -1.67 6.91 -34.88
CA ILE C 255 -1.65 8.16 -35.67
C ILE C 255 -1.02 7.79 -37.02
N TYR C 256 0.06 7.03 -37.00
CA TYR C 256 0.78 6.56 -38.18
C TYR C 256 -0.08 5.66 -39.01
N SER C 257 -0.83 4.70 -38.43
CA SER C 257 -1.59 3.81 -39.22
C SER C 257 -2.69 4.43 -40.06
N THR C 258 -3.43 5.38 -39.41
CA THR C 258 -4.59 6.11 -39.99
C THR C 258 -4.16 7.01 -41.13
N LEU C 259 -3.05 7.73 -40.96
CA LEU C 259 -2.50 8.64 -41.99
C LEU C 259 -1.90 7.86 -43.08
N ILE C 260 -1.20 6.74 -42.78
CA ILE C 260 -0.44 6.04 -43.79
C ILE C 260 -1.20 4.82 -44.10
N PRO C 261 -1.84 4.67 -45.24
CA PRO C 261 -2.51 3.41 -45.64
C PRO C 261 -1.58 2.39 -46.13
N SER C 262 -0.53 2.63 -46.98
CA SER C 262 0.41 1.60 -47.51
C SER C 262 1.76 2.27 -47.51
N PRO C 263 2.81 1.38 -47.64
CA PRO C 263 4.25 1.78 -47.39
C PRO C 263 4.76 2.30 -48.69
N GLU C 264 3.96 2.35 -49.79
CA GLU C 264 4.20 2.95 -51.08
C GLU C 264 3.14 3.91 -51.38
N LEU C 265 2.55 4.41 -50.25
CA LEU C 265 1.63 5.55 -50.22
C LEU C 265 1.76 6.15 -48.79
N HIS C 266 3.02 6.54 -48.45
CA HIS C 266 3.17 7.01 -47.09
C HIS C 266 3.67 8.43 -46.98
N PHE C 267 3.53 9.14 -48.06
CA PHE C 267 4.07 10.52 -48.27
C PHE C 267 3.06 11.41 -47.74
N LEU C 268 3.49 12.26 -46.79
CA LEU C 268 2.66 13.19 -46.10
C LEU C 268 3.11 14.57 -46.58
N SER C 269 2.08 15.52 -46.55
CA SER C 269 2.25 16.88 -46.96
C SER C 269 1.95 17.65 -45.77
N PRO C 270 2.67 18.71 -45.47
CA PRO C 270 2.29 19.58 -44.39
C PRO C 270 1.61 20.77 -45.02
N SER C 271 0.83 21.44 -44.08
CA SER C 271 0.41 22.77 -44.26
C SER C 271 0.54 23.31 -42.91
N PHE C 272 0.78 24.63 -42.71
CA PHE C 272 0.91 25.18 -41.38
C PHE C 272 0.45 26.59 -41.46
N THR C 273 -0.19 27.22 -40.35
CA THR C 273 -0.32 28.65 -40.21
C THR C 273 -0.34 28.87 -38.67
N PRO C 274 0.13 30.00 -38.23
CA PRO C 274 0.69 31.17 -38.93
C PRO C 274 2.02 30.90 -39.60
N PHE C 275 2.62 29.74 -39.32
CA PHE C 275 3.83 29.20 -39.78
C PHE C 275 4.88 29.16 -38.60
N THR C 276 4.36 29.32 -37.32
CA THR C 276 5.16 29.18 -36.12
C THR C 276 4.32 28.49 -35.12
N SER C 277 3.11 28.93 -34.72
CA SER C 277 2.36 28.50 -33.60
C SER C 277 3.01 29.06 -32.34
N ASP C 278 3.87 28.17 -31.72
CA ASP C 278 4.73 28.52 -30.56
C ASP C 278 5.82 29.31 -31.20
N TYR C 279 5.70 30.65 -30.96
CA TYR C 279 6.60 31.65 -31.37
C TYR C 279 7.99 31.44 -30.89
N ILE C 280 8.87 31.71 -31.82
CA ILE C 280 10.30 31.66 -31.54
C ILE C 280 10.90 32.38 -32.72
N HIS C 281 10.07 32.92 -33.68
CA HIS C 281 10.42 33.83 -34.74
C HIS C 281 9.96 35.14 -34.21
N ASP C 282 9.10 35.83 -34.96
CA ASP C 282 8.67 37.13 -34.72
C ASP C 282 7.30 37.20 -35.50
N ASP C 283 6.53 38.31 -35.22
CA ASP C 283 5.20 38.61 -35.82
C ASP C 283 4.27 37.77 -34.97
N ILE C 284 3.17 38.32 -34.65
CA ILE C 284 2.01 37.83 -33.93
C ILE C 284 0.92 38.00 -34.97
N ALA C 285 -0.13 37.15 -34.94
CA ALA C 285 -1.21 37.31 -35.87
C ALA C 285 -2.45 36.87 -35.13
N HIS C 286 -3.61 37.36 -35.57
CA HIS C 286 -4.83 36.93 -35.03
C HIS C 286 -5.78 37.07 -36.20
N LYS C 287 -6.54 35.98 -36.49
CA LYS C 287 -7.44 35.85 -37.55
C LYS C 287 -8.46 34.81 -36.97
N GLY C 288 -9.76 35.03 -37.22
CA GLY C 288 -10.82 34.18 -36.84
C GLY C 288 -10.65 32.67 -37.04
N HIS C 289 -11.37 31.92 -36.27
CA HIS C 289 -11.38 30.45 -36.25
C HIS C 289 -11.89 29.95 -37.55
N SER C 290 -12.99 30.53 -38.20
CA SER C 290 -13.51 30.06 -39.48
C SER C 290 -12.43 30.21 -40.56
N SER C 291 -11.79 31.46 -40.56
CA SER C 291 -10.79 31.82 -41.49
C SER C 291 -9.57 30.92 -41.36
N TYR C 292 -9.10 30.57 -40.11
CA TYR C 292 -7.93 29.81 -39.69
C TYR C 292 -8.14 28.47 -40.27
N ASP C 293 -9.29 27.81 -40.15
CA ASP C 293 -9.66 26.50 -40.63
C ASP C 293 -9.70 26.35 -42.09
N VAL C 294 -10.21 27.41 -42.83
CA VAL C 294 -10.35 27.45 -44.27
C VAL C 294 -8.99 27.42 -44.93
N MET C 295 -8.01 28.15 -44.36
CA MET C 295 -6.65 28.36 -44.79
C MET C 295 -5.90 27.07 -44.72
N LEU C 296 -6.22 26.19 -43.73
CA LEU C 296 -5.59 24.90 -43.63
C LEU C 296 -5.81 23.92 -44.77
N ASP C 297 -7.03 23.95 -45.40
CA ASP C 297 -7.34 23.05 -46.52
C ASP C 297 -6.61 23.40 -47.73
N LEU C 298 -6.37 24.74 -47.85
CA LEU C 298 -5.73 25.36 -48.97
C LEU C 298 -4.30 24.88 -49.17
N LEU C 299 -3.88 24.64 -50.42
CA LEU C 299 -2.52 24.20 -50.70
C LEU C 299 -1.56 25.34 -51.17
N ASP C 300 -2.01 26.60 -51.27
CA ASP C 300 -1.13 27.72 -51.58
C ASP C 300 -0.26 28.07 -50.36
N PRO C 301 -0.68 28.30 -49.16
CA PRO C 301 0.11 28.28 -47.94
C PRO C 301 0.37 26.85 -47.56
N SER C 302 1.65 26.54 -47.30
CA SER C 302 2.16 25.23 -47.12
C SER C 302 3.61 25.27 -47.40
N ASN C 303 4.34 24.38 -46.71
CA ASN C 303 5.78 24.32 -46.50
C ASN C 303 6.26 23.21 -47.38
N SER C 304 5.48 22.72 -48.37
CA SER C 304 5.94 21.79 -49.42
C SER C 304 5.18 22.22 -50.58
N LEU C 305 5.65 21.90 -51.82
CA LEU C 305 5.10 22.19 -53.11
C LEU C 305 4.33 20.99 -53.50
N VAL C 306 3.18 21.37 -54.08
CA VAL C 306 2.24 20.38 -54.65
C VAL C 306 1.37 21.33 -55.36
N SER C 307 0.67 20.77 -56.39
CA SER C 307 -0.21 21.51 -57.25
C SER C 307 -1.22 22.24 -56.45
N THR C 308 -1.41 23.56 -56.88
CA THR C 308 -2.23 24.54 -56.23
C THR C 308 -3.72 24.14 -56.36
N ALA C 309 -4.57 24.60 -55.37
CA ALA C 309 -6.04 24.40 -55.21
C ALA C 309 -6.36 23.11 -54.52
N MET C 310 -7.34 23.23 -53.61
CA MET C 310 -7.98 22.18 -52.81
C MET C 310 -8.89 21.42 -53.69
N ASN C 311 -9.02 20.11 -53.41
CA ASN C 311 -9.75 19.22 -54.26
C ASN C 311 -8.94 18.91 -55.46
N ASN C 312 -8.31 17.71 -55.52
CA ASN C 312 -7.49 17.28 -56.58
C ASN C 312 -7.98 15.98 -57.25
N PRO C 313 -7.71 15.68 -58.50
CA PRO C 313 -8.07 14.39 -59.16
C PRO C 313 -7.18 13.28 -58.76
N THR C 314 -6.09 13.59 -57.97
CA THR C 314 -5.20 12.66 -57.43
C THR C 314 -5.37 12.86 -55.97
N TYR C 315 -6.56 12.53 -55.50
CA TYR C 315 -7.27 12.81 -54.27
C TYR C 315 -6.48 12.73 -53.00
N PHE C 316 -7.10 13.24 -51.90
CA PHE C 316 -6.56 13.19 -50.56
C PHE C 316 -7.10 11.83 -50.11
N ASN C 317 -6.18 11.00 -49.66
CA ASN C 317 -6.51 9.67 -49.19
C ASN C 317 -7.06 9.76 -47.86
N VAL C 318 -6.36 10.60 -46.99
CA VAL C 318 -6.70 10.81 -45.62
C VAL C 318 -6.12 12.16 -45.11
N TYR C 319 -6.75 12.74 -44.05
CA TYR C 319 -6.40 14.15 -43.63
C TYR C 319 -6.42 14.02 -42.13
N ASN C 320 -5.42 14.71 -41.49
CA ASN C 320 -5.37 14.80 -40.06
C ASN C 320 -5.11 16.20 -39.79
N THR C 321 -5.85 16.80 -38.89
CA THR C 321 -5.61 18.18 -38.56
C THR C 321 -5.30 18.16 -37.16
N ILE C 322 -4.18 18.85 -36.69
CA ILE C 322 -3.82 18.89 -35.35
C ILE C 322 -4.11 20.32 -35.01
N ILE C 323 -5.13 20.61 -34.08
CA ILE C 323 -5.67 21.91 -33.77
C ILE C 323 -5.00 22.22 -32.48
N GLY C 324 -4.52 23.46 -32.42
CA GLY C 324 -3.98 24.02 -31.20
C GLY C 324 -4.62 25.33 -30.95
N ASN C 325 -5.28 25.37 -29.77
CA ASN C 325 -6.03 26.51 -29.35
C ASN C 325 -6.45 26.27 -27.90
N VAL C 326 -6.64 27.35 -27.09
CA VAL C 326 -7.02 27.36 -25.73
C VAL C 326 -8.51 27.76 -25.59
N GLU C 327 -9.18 27.86 -26.70
CA GLU C 327 -10.60 28.14 -26.68
C GLU C 327 -11.30 26.81 -26.45
N PRO C 328 -12.53 26.80 -25.86
CA PRO C 328 -13.39 25.67 -25.78
C PRO C 328 -13.41 24.62 -26.82
N ARG C 329 -13.62 23.34 -26.33
CA ARG C 329 -13.52 22.14 -27.10
C ARG C 329 -14.55 22.16 -28.21
N GLN C 330 -15.75 22.79 -28.00
CA GLN C 330 -16.93 22.73 -28.80
C GLN C 330 -16.72 23.29 -30.19
N ILE C 331 -15.99 24.49 -30.38
CA ILE C 331 -15.76 24.98 -31.69
C ILE C 331 -14.94 24.16 -32.52
N SER C 332 -13.84 23.59 -31.95
CA SER C 332 -12.96 22.71 -32.72
C SER C 332 -13.55 21.47 -33.23
N ARG C 333 -14.40 20.88 -32.39
CA ARG C 333 -15.13 19.70 -32.66
C ARG C 333 -16.20 19.89 -33.74
N ALA C 334 -16.92 21.07 -33.64
CA ALA C 334 -18.00 21.35 -34.55
C ALA C 334 -17.33 21.52 -35.97
N MET C 335 -16.17 22.22 -36.11
CA MET C 335 -15.44 22.44 -37.27
C MET C 335 -14.78 21.20 -37.85
N THR C 336 -14.23 20.20 -37.14
CA THR C 336 -13.67 19.04 -37.80
C THR C 336 -14.73 18.18 -38.53
N LYS C 337 -15.91 18.08 -37.91
CA LYS C 337 -17.11 17.41 -38.43
C LYS C 337 -17.58 18.14 -39.69
N LEU C 338 -17.58 19.50 -39.64
CA LEU C 338 -18.08 20.28 -40.77
C LEU C 338 -17.23 20.17 -41.97
N GLN C 339 -15.88 20.17 -41.77
CA GLN C 339 -14.80 20.16 -42.69
C GLN C 339 -14.77 18.90 -43.56
N GLN C 340 -15.05 17.73 -42.91
CA GLN C 340 -15.14 16.50 -43.57
C GLN C 340 -16.33 16.46 -44.60
N ARG C 341 -17.45 16.96 -44.09
CA ARG C 341 -18.75 17.08 -44.79
C ARG C 341 -18.75 18.05 -45.95
N ILE C 342 -18.12 19.25 -45.88
CA ILE C 342 -18.18 20.24 -46.88
C ILE C 342 -17.44 19.82 -48.17
N LYS C 343 -16.50 18.81 -48.04
CA LYS C 343 -15.58 18.36 -49.08
C LYS C 343 -14.56 19.30 -49.66
N PHE C 344 -13.99 20.16 -48.75
CA PHE C 344 -12.83 20.89 -49.08
C PHE C 344 -11.68 19.91 -49.45
N PRO C 345 -11.36 18.76 -48.74
CA PRO C 345 -10.37 17.83 -49.30
C PRO C 345 -11.17 16.78 -49.95
N SER C 346 -10.88 16.41 -51.25
CA SER C 346 -11.68 15.48 -51.98
C SER C 346 -11.72 14.11 -51.39
N TRP C 347 -12.92 13.51 -51.53
CA TRP C 347 -13.23 12.21 -50.95
C TRP C 347 -13.98 11.36 -51.97
N SER C 348 -13.79 10.01 -51.87
CA SER C 348 -14.39 9.15 -52.91
C SER C 348 -15.11 7.94 -52.31
N SER C 349 -16.05 7.35 -53.04
CA SER C 349 -16.69 6.14 -52.72
C SER C 349 -15.79 5.05 -53.14
N SER C 350 -15.67 4.03 -52.24
CA SER C 350 -14.89 2.92 -52.27
C SER C 350 -13.52 3.22 -51.68
N ALA C 351 -13.56 4.20 -50.75
CA ALA C 351 -12.44 4.56 -49.93
C ALA C 351 -12.96 5.22 -48.69
N MET C 352 -14.28 5.59 -48.61
CA MET C 352 -14.93 6.27 -47.48
C MET C 352 -14.39 7.67 -47.23
N HIS C 353 -15.05 8.37 -46.31
CA HIS C 353 -14.61 9.76 -45.99
C HIS C 353 -13.75 9.41 -44.78
N VAL C 354 -12.45 9.87 -44.81
CA VAL C 354 -11.51 9.64 -43.76
C VAL C 354 -10.95 10.98 -43.43
N ASN C 355 -11.53 11.64 -42.46
CA ASN C 355 -11.01 12.92 -42.00
C ASN C 355 -11.07 12.79 -40.43
N ILE C 356 -9.89 12.93 -39.78
CA ILE C 356 -9.84 12.94 -38.33
C ILE C 356 -9.15 14.22 -37.96
N GLY C 357 -9.44 14.64 -36.75
CA GLY C 357 -9.02 15.90 -36.14
C GLY C 357 -8.52 15.56 -34.73
N ARG C 358 -7.44 16.27 -34.25
CA ARG C 358 -6.83 16.11 -32.95
C ARG C 358 -6.85 17.48 -32.48
N ARG C 359 -7.15 17.57 -31.14
CA ARG C 359 -7.28 18.85 -30.54
C ARG C 359 -6.28 18.97 -29.36
N SER C 360 -5.62 20.17 -29.19
CA SER C 360 -4.68 20.47 -28.04
C SER C 360 -4.76 21.99 -27.56
N PRO C 361 -4.40 22.24 -26.27
CA PRO C 361 -4.22 23.61 -25.83
C PRO C 361 -2.70 23.71 -25.56
N TYR C 362 -2.17 24.93 -25.70
CA TYR C 362 -0.71 25.16 -25.65
C TYR C 362 -0.44 25.51 -24.22
N LEU C 363 0.82 25.25 -23.76
CA LEU C 363 1.32 25.21 -22.37
C LEU C 363 0.97 26.58 -21.78
N PRO C 364 0.67 26.66 -20.52
CA PRO C 364 0.46 27.92 -19.86
C PRO C 364 1.69 28.81 -19.66
N LEU C 365 2.90 28.25 -19.91
CA LEU C 365 4.21 28.87 -19.66
C LEU C 365 4.97 29.02 -20.93
N GLN C 366 4.27 28.84 -22.09
CA GLN C 366 4.67 29.22 -23.39
C GLN C 366 4.10 30.58 -23.54
N PRO C 367 4.90 31.54 -24.07
CA PRO C 367 4.53 32.92 -24.30
C PRO C 367 3.03 33.15 -24.61
N ASN C 368 2.36 33.98 -23.78
CA ASN C 368 0.96 34.31 -23.94
C ASN C 368 0.79 35.40 -24.94
N GLU C 369 0.31 35.05 -26.18
CA GLU C 369 0.22 35.84 -27.43
C GLU C 369 -0.43 34.88 -28.39
N ASN C 370 -0.82 33.77 -27.94
CA ASN C 370 -1.42 32.69 -28.66
C ASN C 370 -2.57 33.09 -29.58
N GLU C 371 -2.97 32.20 -30.55
CA GLU C 371 -4.13 32.38 -31.34
C GLU C 371 -4.51 31.02 -31.76
N VAL C 372 -5.59 30.96 -32.67
CA VAL C 372 -6.04 29.73 -33.25
C VAL C 372 -5.03 29.33 -34.26
N SER C 373 -4.29 28.21 -34.06
CA SER C 373 -3.28 27.90 -35.05
C SER C 373 -3.37 26.39 -35.07
N GLY C 374 -2.71 25.80 -36.09
CA GLY C 374 -2.83 24.39 -36.49
C GLY C 374 -1.78 24.02 -37.43
N MET C 375 -1.60 22.64 -37.51
CA MET C 375 -0.78 22.08 -38.47
C MET C 375 -1.68 21.10 -39.15
N MET C 376 -1.43 20.84 -40.47
CA MET C 376 -2.16 19.86 -41.23
C MET C 376 -1.21 18.80 -41.67
N LEU C 377 -1.58 17.52 -41.53
CA LEU C 377 -0.91 16.37 -42.15
C LEU C 377 -1.89 15.60 -43.00
N SER C 378 -1.63 15.38 -44.35
CA SER C 378 -2.55 14.69 -45.09
C SER C 378 -1.72 13.81 -46.01
N ASN C 379 -2.27 12.72 -46.44
CA ASN C 379 -1.59 11.88 -47.45
C ASN C 379 -2.32 12.05 -48.71
N MET C 380 -1.71 12.77 -49.66
CA MET C 380 -2.35 13.24 -50.86
C MET C 380 -1.46 12.79 -52.04
N SER C 381 -2.10 12.37 -53.11
CA SER C 381 -1.53 11.67 -54.13
C SER C 381 -0.93 12.54 -55.27
N THR C 382 -0.74 13.85 -54.94
CA THR C 382 -0.23 14.85 -55.86
C THR C 382 1.27 15.08 -55.57
N VAL C 383 1.84 14.41 -54.56
CA VAL C 383 3.23 14.55 -54.01
C VAL C 383 4.30 14.29 -55.07
N VAL C 384 3.83 13.51 -56.04
CA VAL C 384 4.66 12.82 -57.07
C VAL C 384 5.47 13.77 -57.88
N ASN C 385 4.93 15.02 -58.06
CA ASN C 385 5.58 16.02 -58.87
C ASN C 385 6.91 16.46 -58.39
N VAL C 386 7.20 16.49 -57.11
CA VAL C 386 8.50 16.83 -56.61
C VAL C 386 9.60 15.84 -57.01
N PHE C 387 9.19 14.54 -56.90
CA PHE C 387 10.05 13.40 -57.22
C PHE C 387 10.43 13.24 -58.61
N GLU C 388 9.45 13.55 -59.55
CA GLU C 388 9.60 13.58 -60.97
C GLU C 388 10.55 14.63 -61.47
N ASN C 389 10.41 15.84 -60.78
CA ASN C 389 11.24 17.04 -61.13
C ASN C 389 12.68 16.77 -60.92
N ALA C 390 13.05 16.19 -59.74
CA ALA C 390 14.34 15.91 -59.35
C ALA C 390 14.96 14.87 -60.23
N CYS C 391 14.19 13.82 -60.70
CA CYS C 391 14.62 12.83 -61.68
C CYS C 391 14.95 13.35 -63.04
N ASN C 392 14.10 14.27 -63.63
CA ASN C 392 14.30 14.94 -64.89
C ASN C 392 15.57 15.84 -64.86
N THR C 393 15.69 16.62 -63.72
CA THR C 393 16.85 17.45 -63.53
C THR C 393 18.12 16.58 -63.38
N PHE C 394 18.03 15.43 -62.70
CA PHE C 394 19.12 14.55 -62.49
C PHE C 394 19.68 14.00 -63.74
N ASP C 395 18.86 13.50 -64.68
CA ASP C 395 19.28 12.94 -65.95
C ASP C 395 19.91 13.92 -66.91
N LYS C 396 19.43 15.18 -66.95
CA LYS C 396 20.05 16.20 -67.70
C LYS C 396 21.45 16.47 -67.23
N VAL C 397 21.73 16.58 -65.88
CA VAL C 397 23.09 16.92 -65.39
C VAL C 397 24.02 15.76 -65.82
N PHE C 398 23.53 14.52 -65.71
CA PHE C 398 24.22 13.27 -65.89
C PHE C 398 24.71 13.18 -67.39
N ALA C 399 23.78 13.52 -68.28
CA ALA C 399 23.86 13.42 -69.76
C ALA C 399 25.02 14.21 -70.30
N LYS C 400 25.21 15.46 -69.69
CA LYS C 400 26.30 16.36 -70.00
C LYS C 400 27.54 15.72 -69.57
N GLY C 401 27.55 14.96 -68.48
CA GLY C 401 28.77 14.37 -67.91
C GLY C 401 29.53 15.33 -67.02
N ALA C 402 28.79 16.30 -66.46
CA ALA C 402 29.30 17.31 -65.53
C ALA C 402 28.88 16.91 -64.21
N PHE C 403 29.72 17.22 -63.26
CA PHE C 403 29.35 17.00 -61.89
C PHE C 403 29.18 15.49 -61.57
N LEU C 404 29.75 14.56 -62.42
CA LEU C 404 29.69 13.16 -62.15
C LEU C 404 30.79 12.82 -61.19
N ASN C 405 31.82 13.73 -61.17
CA ASN C 405 33.11 13.57 -60.57
C ASN C 405 33.08 13.12 -59.07
N ASN C 406 32.21 13.80 -58.22
CA ASN C 406 32.27 13.64 -56.81
C ASN C 406 31.96 12.25 -56.32
N TYR C 407 31.00 11.57 -56.97
CA TYR C 407 30.39 10.27 -56.72
C TYR C 407 31.28 9.12 -56.94
N ASN C 408 32.11 9.19 -58.02
CA ASN C 408 32.91 8.15 -58.65
C ASN C 408 33.97 7.50 -57.73
N VAL C 409 34.47 8.36 -56.81
CA VAL C 409 35.43 7.93 -55.74
C VAL C 409 34.81 6.93 -54.81
N GLY C 410 33.45 7.02 -54.56
CA GLY C 410 32.68 6.08 -53.73
C GLY C 410 32.26 4.96 -54.64
N ASP C 411 32.35 3.71 -54.14
CA ASP C 411 32.15 2.48 -54.84
C ASP C 411 30.77 2.23 -55.40
N LEU C 412 29.71 2.60 -54.69
CA LEU C 412 28.27 2.41 -54.90
C LEU C 412 27.71 3.03 -56.15
N PHE C 413 28.14 4.32 -56.45
CA PHE C 413 27.68 4.90 -57.71
C PHE C 413 28.54 4.49 -58.89
N GLN C 414 29.83 3.99 -58.65
CA GLN C 414 30.80 3.65 -59.64
C GLN C 414 30.34 2.33 -60.23
N SER C 415 29.88 1.51 -59.30
CA SER C 415 29.29 0.27 -59.70
C SER C 415 27.96 0.12 -58.99
N MET C 416 26.92 0.33 -59.84
CA MET C 416 25.53 0.33 -59.69
C MET C 416 24.93 1.69 -60.13
N GLN C 417 24.70 1.78 -61.47
CA GLN C 417 24.06 2.85 -62.17
C GLN C 417 22.59 2.40 -62.32
N ASN C 418 22.28 1.21 -61.75
CA ASN C 418 21.08 0.48 -61.77
C ASN C 418 20.00 1.12 -61.01
N VAL C 419 20.34 1.75 -59.88
CA VAL C 419 19.56 2.38 -58.87
C VAL C 419 18.68 3.51 -59.38
N GLN C 420 19.24 4.31 -60.25
CA GLN C 420 18.50 5.50 -60.79
C GLN C 420 17.31 5.21 -61.68
N ASP C 421 17.57 4.20 -62.55
CA ASP C 421 16.71 3.51 -63.39
C ASP C 421 15.65 2.77 -62.59
N GLU C 422 16.07 2.14 -61.45
CA GLU C 422 15.22 1.35 -60.65
C GLU C 422 14.05 2.13 -60.08
N PHE C 423 14.43 3.33 -59.58
CA PHE C 423 13.56 4.31 -58.91
C PHE C 423 12.52 4.83 -59.91
N ALA C 424 12.94 5.09 -61.20
CA ALA C 424 11.98 5.58 -62.15
C ALA C 424 10.83 4.63 -62.44
N GLU C 425 11.19 3.36 -62.57
CA GLU C 425 10.27 2.23 -62.72
C GLU C 425 9.50 2.14 -61.40
N SER C 426 10.12 2.25 -60.20
CA SER C 426 9.51 2.12 -58.92
C SER C 426 8.42 3.23 -58.78
N ARG C 427 8.73 4.48 -59.23
CA ARG C 427 7.80 5.59 -59.12
C ARG C 427 6.53 5.35 -59.96
N GLU C 428 6.70 4.72 -61.19
CA GLU C 428 5.56 4.39 -61.99
C GLU C 428 4.65 3.40 -61.36
N VAL C 429 5.17 2.34 -60.69
CA VAL C 429 4.37 1.39 -59.98
C VAL C 429 3.58 2.10 -58.89
N VAL C 430 4.16 3.02 -58.10
CA VAL C 430 3.54 3.74 -56.97
C VAL C 430 2.33 4.56 -57.35
N GLN C 431 2.52 5.22 -58.53
CA GLN C 431 1.51 6.04 -59.13
C GLN C 431 0.31 5.24 -59.46
N SER C 432 0.59 4.01 -59.99
CA SER C 432 -0.48 3.10 -60.38
C SER C 432 -1.30 2.68 -59.20
N LEU C 433 -0.64 2.41 -58.15
CA LEU C 433 -1.30 2.03 -56.88
C LEU C 433 -2.14 3.11 -56.24
N MET C 434 -1.68 4.39 -56.31
CA MET C 434 -2.36 5.52 -55.67
C MET C 434 -3.74 5.65 -56.33
N GLU C 435 -3.81 5.46 -57.65
CA GLU C 435 -4.95 5.60 -58.49
C GLU C 435 -5.97 4.60 -58.19
N ASP C 436 -5.62 3.29 -57.85
CA ASP C 436 -6.57 2.20 -57.53
C ASP C 436 -7.30 2.47 -56.26
N TYR C 437 -6.75 3.20 -55.30
CA TYR C 437 -7.24 3.54 -53.99
C TYR C 437 -8.48 4.33 -54.10
N VAL C 438 -8.66 5.09 -55.17
CA VAL C 438 -9.88 5.80 -55.45
C VAL C 438 -11.01 4.84 -55.74
N ALA C 439 -10.81 3.78 -56.51
CA ALA C 439 -11.80 2.89 -56.99
C ALA C 439 -11.77 1.70 -56.11
N ALA C 440 -12.79 0.80 -56.37
CA ALA C 440 -13.11 -0.47 -55.64
C ALA C 440 -12.08 -1.61 -56.03
N GLU C 441 -11.23 -1.34 -57.03
CA GLU C 441 -10.33 -2.24 -57.68
C GLU C 441 -8.99 -2.20 -56.97
N GLN C 442 -8.92 -1.91 -55.65
CA GLN C 442 -7.76 -1.74 -54.78
C GLN C 442 -7.45 -3.07 -54.18
N ASP C 443 -8.35 -4.03 -54.41
CA ASP C 443 -7.95 -5.39 -54.18
C ASP C 443 -9.01 -6.14 -55.00
N SER C 444 -8.73 -7.34 -55.57
CA SER C 444 -9.69 -8.01 -56.38
C SER C 444 -10.75 -8.68 -55.50
N TYR C 445 -12.03 -8.73 -55.91
CA TYR C 445 -13.10 -9.32 -55.19
C TYR C 445 -13.19 -10.63 -55.78
N MET D 1 30.56 -24.62 6.52
CA MET D 1 30.71 -23.91 7.84
C MET D 1 31.86 -22.97 7.63
N GLY D 2 32.66 -22.74 8.70
CA GLY D 2 33.89 -22.01 8.59
C GLY D 2 35.07 -22.73 8.17
N GLY D 3 34.93 -24.12 8.04
CA GLY D 3 35.99 -25.07 7.72
C GLY D 3 36.83 -24.65 6.58
N GLU D 4 38.09 -24.91 6.66
CA GLU D 4 38.98 -24.41 5.63
C GLU D 4 39.03 -25.16 4.37
N ILE D 5 39.29 -24.38 3.27
CA ILE D 5 39.60 -24.88 2.00
C ILE D 5 40.91 -24.21 1.72
N ILE D 6 41.81 -25.05 1.16
CA ILE D 6 43.11 -24.64 0.77
C ILE D 6 43.03 -24.59 -0.79
N THR D 7 43.56 -23.55 -1.34
CA THR D 7 43.44 -23.25 -2.77
C THR D 7 44.86 -23.49 -3.29
N LEU D 8 44.94 -24.21 -4.38
CA LEU D 8 46.22 -24.51 -5.04
C LEU D 8 46.12 -23.81 -6.36
N GLN D 9 47.22 -22.97 -6.65
CA GLN D 9 47.32 -22.22 -7.81
C GLN D 9 48.50 -22.76 -8.49
N ALA D 10 48.27 -23.14 -9.74
CA ALA D 10 49.31 -23.84 -10.52
C ALA D 10 49.42 -23.18 -11.87
N GLY D 11 50.67 -23.02 -12.39
CA GLY D 11 51.02 -22.49 -13.70
C GLY D 11 50.63 -21.06 -13.87
N GLN D 12 50.65 -20.52 -15.10
CA GLN D 12 50.39 -19.14 -15.42
C GLN D 12 48.91 -18.88 -15.11
N CYS D 13 48.08 -19.79 -15.57
CA CYS D 13 46.65 -19.76 -15.61
C CYS D 13 46.02 -19.71 -14.24
N GLY D 14 46.46 -20.59 -13.32
CA GLY D 14 45.98 -20.66 -12.01
C GLY D 14 46.20 -19.37 -11.28
N ASN D 15 47.45 -18.77 -11.42
CA ASN D 15 47.85 -17.55 -10.71
C ASN D 15 47.05 -16.34 -11.19
N HIS D 16 46.85 -16.32 -12.56
CA HIS D 16 46.04 -15.28 -13.16
C HIS D 16 44.55 -15.32 -12.73
N VAL D 17 43.84 -16.50 -12.76
CA VAL D 17 42.42 -16.68 -12.34
C VAL D 17 42.35 -16.43 -10.87
N GLY D 18 43.39 -16.91 -10.10
CA GLY D 18 43.37 -16.72 -8.64
C GLY D 18 43.42 -15.30 -8.12
N LYS D 19 44.28 -14.49 -8.77
CA LYS D 19 44.34 -13.08 -8.35
C LYS D 19 43.06 -12.27 -8.49
N PHE D 20 42.37 -12.51 -9.65
CA PHE D 20 41.08 -11.95 -9.93
C PHE D 20 40.04 -12.41 -8.98
N LEU D 21 40.11 -13.72 -8.57
CA LEU D 21 39.14 -14.35 -7.70
C LEU D 21 39.03 -13.63 -6.34
N TRP D 22 40.23 -13.36 -5.66
CA TRP D 22 40.50 -12.75 -4.33
C TRP D 22 40.10 -11.27 -4.34
N SER D 23 40.35 -10.64 -5.50
CA SER D 23 39.90 -9.28 -5.75
C SER D 23 38.46 -9.13 -5.72
N GLN D 24 37.79 -10.04 -6.41
CA GLN D 24 36.31 -10.10 -6.56
C GLN D 24 35.61 -10.45 -5.30
N LEU D 25 36.27 -11.37 -4.49
CA LEU D 25 35.80 -11.80 -3.15
C LEU D 25 35.86 -10.65 -2.22
N ALA D 26 36.94 -9.86 -2.31
CA ALA D 26 37.25 -8.81 -1.45
C ALA D 26 36.27 -7.67 -1.49
N LYS D 27 35.80 -7.29 -2.71
CA LYS D 27 34.81 -6.22 -2.92
C LYS D 27 33.57 -6.75 -2.22
N GLU D 28 33.25 -8.06 -2.40
CA GLU D 28 32.08 -8.60 -1.93
C GLU D 28 31.94 -8.68 -0.44
N HIS D 29 33.10 -9.00 0.25
CA HIS D 29 33.01 -9.23 1.67
C HIS D 29 33.39 -7.92 2.36
N ALA D 30 33.39 -6.76 1.61
CA ALA D 30 33.78 -5.45 2.08
C ALA D 30 35.07 -5.32 2.78
N ILE D 31 36.20 -5.69 2.14
CA ILE D 31 37.56 -5.54 2.73
C ILE D 31 38.42 -4.97 1.61
N GLY D 32 39.60 -4.33 1.99
CA GLY D 32 40.44 -3.63 1.12
C GLY D 32 41.17 -4.51 0.15
N THR D 33 42.07 -3.99 -0.75
CA THR D 33 42.73 -4.69 -1.78
C THR D 33 43.93 -5.43 -1.28
N ASP D 34 44.36 -5.14 -0.06
CA ASP D 34 45.44 -5.88 0.57
C ASP D 34 44.95 -6.82 1.59
N GLY D 35 43.62 -6.83 1.77
CA GLY D 35 42.94 -7.72 2.71
C GLY D 35 42.80 -7.25 4.15
N LEU D 36 43.06 -5.95 4.36
CA LEU D 36 42.93 -5.40 5.70
C LEU D 36 41.62 -5.38 6.29
N SER D 37 41.62 -5.75 7.60
CA SER D 37 40.33 -5.82 8.33
C SER D 37 39.73 -4.46 8.58
N GLN D 38 38.44 -4.24 8.22
CA GLN D 38 37.71 -3.07 8.41
C GLN D 38 36.72 -3.36 9.41
N LEU D 39 36.72 -2.52 10.44
CA LEU D 39 35.99 -2.81 11.59
C LEU D 39 34.50 -2.61 11.56
N PRO D 40 33.85 -1.48 11.21
CA PRO D 40 32.43 -1.28 11.19
C PRO D 40 31.80 -2.16 10.11
N ASP D 41 32.59 -2.57 9.07
CA ASP D 41 32.16 -3.51 7.96
C ASP D 41 32.07 -4.85 8.56
N SER D 42 31.13 -5.55 7.96
CA SER D 42 30.71 -6.93 8.23
C SER D 42 31.18 -7.86 7.20
N SER D 43 31.70 -9.02 7.69
CA SER D 43 32.28 -10.01 6.83
C SER D 43 32.09 -11.26 7.62
N THR D 44 31.47 -11.21 8.83
CA THR D 44 31.33 -12.36 9.69
C THR D 44 29.86 -12.49 10.09
N GLU D 45 28.96 -11.88 9.37
CA GLU D 45 27.58 -12.21 9.57
C GLU D 45 26.97 -12.32 8.25
N ARG D 46 27.62 -11.53 7.31
CA ARG D 46 27.22 -11.64 5.92
C ARG D 46 27.87 -12.83 5.31
N ASP D 47 28.98 -13.34 5.88
CA ASP D 47 29.57 -14.42 5.28
C ASP D 47 30.23 -15.14 6.38
N ASP D 48 30.62 -16.35 6.01
CA ASP D 48 31.37 -17.35 6.74
C ASP D 48 32.85 -16.99 6.61
N ASP D 49 33.18 -16.46 5.34
CA ASP D 49 34.47 -16.10 4.83
C ASP D 49 35.07 -15.09 5.67
N THR D 50 36.38 -15.03 5.60
CA THR D 50 37.42 -14.52 6.38
C THR D 50 37.89 -15.53 7.42
N LYS D 51 37.63 -16.82 7.12
CA LYS D 51 38.22 -17.95 7.88
C LYS D 51 38.23 -19.17 6.90
N PRO D 52 37.24 -19.48 6.01
CA PRO D 52 37.32 -20.63 5.09
C PRO D 52 38.41 -20.45 4.10
N PHE D 53 38.38 -19.31 3.33
CA PHE D 53 39.43 -19.02 2.43
C PHE D 53 40.50 -18.13 2.97
N PHE D 54 40.40 -17.50 4.15
CA PHE D 54 41.39 -16.52 4.55
C PHE D 54 41.84 -16.93 5.89
N ARG D 55 42.99 -16.38 6.25
CA ARG D 55 43.53 -16.55 7.53
C ARG D 55 44.00 -15.23 8.02
N GLU D 56 44.16 -15.10 9.32
CA GLU D 56 44.44 -13.79 9.93
C GLU D 56 45.94 -13.89 10.39
N ASN D 57 46.65 -12.76 10.21
CA ASN D 57 48.04 -12.41 10.56
C ASN D 57 47.96 -11.79 11.91
N SER D 58 49.10 -11.62 12.61
CA SER D 58 49.17 -11.00 13.92
C SER D 58 49.06 -9.50 13.83
N ARG D 59 49.26 -8.87 12.61
CA ARG D 59 49.09 -7.44 12.36
C ARG D 59 47.72 -7.11 11.73
N ASN D 60 46.78 -8.13 11.73
CA ASN D 60 45.39 -8.15 11.36
C ASN D 60 45.13 -7.86 9.90
N LYS D 61 45.95 -8.56 9.04
CA LYS D 61 45.93 -8.50 7.58
C LYS D 61 45.36 -9.79 7.05
N PHE D 62 44.15 -9.85 6.51
CA PHE D 62 43.71 -11.16 6.07
C PHE D 62 44.37 -11.42 4.83
N THR D 63 44.82 -12.67 4.56
CA THR D 63 45.48 -13.14 3.43
C THR D 63 44.73 -14.46 3.09
N PRO D 64 44.38 -14.81 1.82
CA PRO D 64 43.77 -16.08 1.35
C PRO D 64 44.75 -17.19 1.55
N ARG D 65 44.26 -18.36 2.02
CA ARG D 65 45.01 -19.57 2.18
C ARG D 65 45.23 -20.19 0.85
N ALA D 66 46.33 -19.75 0.25
CA ALA D 66 46.58 -20.22 -1.16
C ALA D 66 48.05 -20.53 -1.27
N ILE D 67 48.37 -21.52 -2.09
CA ILE D 67 49.75 -21.88 -2.35
C ILE D 67 49.92 -21.69 -3.83
N MET D 68 51.00 -20.96 -4.18
CA MET D 68 51.24 -20.54 -5.57
C MET D 68 52.45 -21.34 -5.90
N MET D 69 52.30 -21.93 -7.09
CA MET D 69 53.35 -22.68 -7.73
C MET D 69 53.25 -22.28 -9.16
N ASP D 70 54.44 -22.05 -9.78
CA ASP D 70 54.70 -21.82 -11.21
C ASP D 70 56.05 -21.32 -11.37
N SER D 71 56.32 -20.64 -12.47
CA SER D 71 57.58 -19.93 -12.68
C SER D 71 57.56 -18.45 -12.29
N GLU D 72 58.55 -17.74 -12.73
CA GLU D 72 58.70 -16.31 -12.30
C GLU D 72 57.70 -15.24 -12.83
N PRO D 73 57.21 -15.17 -14.14
CA PRO D 73 56.52 -13.98 -14.63
C PRO D 73 55.31 -13.61 -13.87
N SER D 74 54.53 -14.60 -13.65
CA SER D 74 53.25 -14.41 -12.94
C SER D 74 53.44 -14.06 -11.46
N VAL D 75 54.32 -14.65 -10.68
CA VAL D 75 54.50 -14.24 -9.29
C VAL D 75 54.96 -12.74 -9.29
N ILE D 76 55.85 -12.26 -10.19
CA ILE D 76 56.35 -10.92 -10.28
C ILE D 76 55.21 -9.92 -10.65
N ALA D 77 54.23 -10.29 -11.58
CA ALA D 77 53.20 -9.38 -11.93
C ALA D 77 52.29 -8.94 -10.82
N ASP D 78 51.84 -9.88 -9.93
CA ASP D 78 50.93 -9.62 -8.89
C ASP D 78 51.49 -8.61 -7.84
N VAL D 79 52.80 -8.73 -7.40
CA VAL D 79 53.33 -7.83 -6.38
C VAL D 79 53.43 -6.39 -6.90
N GLU D 80 53.64 -6.20 -8.25
CA GLU D 80 53.72 -4.99 -8.88
C GLU D 80 52.39 -4.36 -8.79
N ASN D 81 51.28 -5.14 -8.82
CA ASN D 81 49.89 -4.67 -8.56
C ASN D 81 49.63 -4.34 -7.04
N THR D 82 48.43 -3.80 -6.74
CA THR D 82 48.07 -3.51 -5.37
C THR D 82 47.46 -4.74 -4.80
N PHE D 83 47.23 -5.78 -5.66
CA PHE D 83 46.63 -6.99 -5.16
C PHE D 83 47.65 -7.84 -4.53
N ARG D 84 48.79 -7.26 -4.08
CA ARG D 84 49.93 -7.91 -3.52
C ARG D 84 49.61 -8.61 -2.13
N GLY D 85 48.63 -8.02 -1.31
CA GLY D 85 48.39 -8.43 -0.04
C GLY D 85 47.67 -9.75 0.02
N PHE D 86 47.24 -10.27 -1.09
CA PHE D 86 46.48 -11.47 -1.13
C PHE D 86 47.49 -12.61 -1.19
N PHE D 87 48.71 -12.39 -1.58
CA PHE D 87 49.78 -13.31 -1.77
C PHE D 87 50.75 -13.11 -0.68
N ASP D 88 51.63 -14.05 -0.37
CA ASP D 88 52.71 -13.78 0.53
C ASP D 88 53.87 -14.57 -0.14
N PRO D 89 55.14 -14.07 0.11
CA PRO D 89 56.27 -14.78 -0.39
C PRO D 89 56.55 -16.14 0.09
N ARG D 90 56.15 -16.51 1.32
CA ARG D 90 56.24 -17.83 1.85
C ARG D 90 55.31 -18.78 1.18
N ASN D 91 54.18 -18.30 0.72
CA ASN D 91 53.22 -19.06 -0.03
C ASN D 91 53.70 -19.37 -1.43
N THR D 92 54.71 -18.62 -1.94
CA THR D 92 55.27 -18.66 -3.29
C THR D 92 56.40 -19.64 -3.28
N TRP D 93 56.22 -20.59 -4.27
CA TRP D 93 57.15 -21.59 -4.53
C TRP D 93 57.32 -21.36 -6.03
N VAL D 94 58.64 -21.13 -6.43
CA VAL D 94 58.98 -20.74 -7.80
C VAL D 94 60.07 -21.54 -8.47
N ALA D 95 59.76 -22.05 -9.70
CA ALA D 95 60.69 -22.87 -10.57
C ALA D 95 61.29 -21.87 -11.50
N SER D 96 62.05 -22.34 -12.53
CA SER D 96 62.67 -21.36 -13.42
C SER D 96 62.80 -22.03 -14.83
N ASP D 97 62.40 -23.29 -14.95
CA ASP D 97 62.68 -24.00 -16.17
C ASP D 97 61.41 -24.93 -16.44
N GLY D 98 60.39 -24.97 -15.50
CA GLY D 98 59.28 -25.80 -15.86
C GLY D 98 58.33 -24.96 -16.72
N ALA D 99 58.65 -23.66 -17.06
CA ALA D 99 57.96 -22.66 -17.87
C ALA D 99 57.56 -23.20 -19.19
N SER D 100 56.45 -22.72 -19.76
CA SER D 100 56.03 -22.74 -21.19
C SER D 100 54.61 -22.37 -21.09
N ALA D 101 54.06 -21.39 -21.89
CA ALA D 101 52.69 -21.03 -22.00
C ALA D 101 51.93 -22.02 -22.73
N GLY D 102 52.57 -22.64 -23.69
CA GLY D 102 52.12 -23.77 -24.48
C GLY D 102 52.26 -25.15 -23.89
N ASN D 103 51.84 -26.17 -24.61
CA ASN D 103 51.72 -27.54 -24.15
C ASN D 103 53.14 -28.21 -24.06
N SER D 104 53.52 -28.80 -22.86
CA SER D 104 54.83 -29.37 -22.62
C SER D 104 54.65 -30.05 -21.29
N TRP D 105 53.82 -31.14 -21.31
CA TRP D 105 53.41 -31.76 -20.10
C TRP D 105 54.56 -32.35 -19.33
N ALA D 106 55.48 -33.01 -20.00
CA ALA D 106 56.57 -33.79 -19.50
C ALA D 106 57.54 -33.03 -18.72
N ASN D 107 57.77 -31.78 -19.29
CA ASN D 107 58.76 -30.87 -18.74
C ASN D 107 58.42 -30.45 -17.29
N GLY D 108 57.09 -30.19 -17.18
CA GLY D 108 56.42 -29.95 -15.94
C GLY D 108 56.34 -31.09 -14.94
N TYR D 109 56.11 -32.34 -15.43
CA TYR D 109 55.98 -33.53 -14.59
C TYR D 109 57.26 -33.78 -13.92
N ASP D 110 58.34 -33.68 -14.76
CA ASP D 110 59.66 -33.96 -14.33
C ASP D 110 60.16 -33.04 -13.29
N ILE D 111 59.89 -31.69 -13.38
CA ILE D 111 60.34 -30.75 -12.42
C ILE D 111 59.72 -30.92 -11.04
N GLY D 112 58.41 -31.28 -11.03
CA GLY D 112 57.73 -31.62 -9.84
C GLY D 112 58.26 -32.74 -9.05
N THR D 113 58.69 -33.78 -9.80
CA THR D 113 59.31 -34.90 -9.26
C THR D 113 60.64 -34.53 -8.58
N ARG D 114 61.46 -33.58 -9.12
CA ARG D 114 62.75 -33.14 -8.53
C ARG D 114 62.55 -32.46 -7.26
N ASN D 115 61.53 -31.57 -7.20
CA ASN D 115 61.28 -30.67 -6.07
C ASN D 115 60.06 -31.15 -5.34
N GLN D 116 59.90 -32.47 -5.10
CA GLN D 116 58.71 -33.06 -4.45
C GLN D 116 58.70 -32.54 -3.01
N ASP D 117 59.84 -32.56 -2.37
CA ASP D 117 59.91 -32.19 -0.94
C ASP D 117 59.55 -30.78 -0.66
N ASP D 118 60.05 -29.78 -1.54
CA ASP D 118 59.95 -28.33 -1.32
C ASP D 118 58.52 -27.96 -1.37
N ILE D 119 57.77 -28.56 -2.37
CA ILE D 119 56.36 -28.39 -2.43
C ILE D 119 55.58 -29.04 -1.26
N LEU D 120 55.98 -30.30 -0.89
CA LEU D 120 55.22 -31.10 0.06
C LEU D 120 55.26 -30.37 1.38
N ASN D 121 56.35 -29.64 1.72
CA ASN D 121 56.61 -28.74 2.86
C ASN D 121 55.62 -27.63 2.93
N LYS D 122 55.28 -26.97 1.77
CA LYS D 122 54.29 -25.91 1.57
C LYS D 122 52.94 -26.39 1.91
N ILE D 123 52.61 -27.63 1.41
CA ILE D 123 51.36 -28.29 1.52
C ILE D 123 51.14 -28.65 2.98
N ASP D 124 52.17 -29.21 3.66
CA ASP D 124 52.07 -29.71 5.00
C ASP D 124 51.75 -28.57 5.93
N LYS D 125 52.36 -27.36 5.70
CA LYS D 125 52.13 -26.13 6.57
C LYS D 125 50.69 -25.70 6.49
N GLU D 126 50.15 -25.70 5.29
CA GLU D 126 48.77 -25.24 5.00
C GLU D 126 47.80 -26.20 5.63
N ILE D 127 48.05 -27.62 5.61
CA ILE D 127 47.24 -28.59 6.25
C ILE D 127 47.34 -28.41 7.76
N ASP D 128 48.53 -28.16 8.30
CA ASP D 128 48.75 -28.09 9.75
C ASP D 128 47.97 -26.92 10.21
N SER D 129 47.88 -25.80 9.45
CA SER D 129 47.09 -24.66 9.89
C SER D 129 45.52 -24.84 9.96
N THR D 130 45.01 -25.87 9.26
CA THR D 130 43.57 -26.10 9.14
C THR D 130 43.00 -26.45 10.47
N ASP D 131 41.69 -26.12 10.65
CA ASP D 131 40.97 -26.40 11.91
C ASP D 131 40.11 -27.56 11.56
N ASN D 132 39.11 -27.36 10.62
CA ASN D 132 38.33 -28.46 10.02
C ASN D 132 38.54 -28.42 8.48
N PHE D 133 39.36 -29.34 7.87
CA PHE D 133 39.73 -29.26 6.48
C PHE D 133 38.61 -29.90 5.74
N GLU D 134 37.97 -29.13 4.84
CA GLU D 134 37.03 -29.67 3.87
C GLU D 134 37.57 -30.50 2.73
N GLY D 135 38.63 -29.84 2.11
CA GLY D 135 39.33 -30.39 0.99
C GLY D 135 40.12 -29.34 0.22
N PHE D 136 40.65 -29.70 -0.97
CA PHE D 136 41.50 -28.91 -1.87
C PHE D 136 40.76 -28.60 -3.16
N GLN D 137 41.18 -27.42 -3.77
CA GLN D 137 40.79 -26.93 -5.11
C GLN D 137 41.97 -26.64 -5.93
N LEU D 138 42.09 -27.18 -7.13
CA LEU D 138 43.14 -26.86 -7.99
C LEU D 138 42.56 -26.10 -9.08
N LEU D 139 43.32 -24.93 -9.27
CA LEU D 139 43.12 -23.95 -10.37
C LEU D 139 44.30 -24.11 -11.24
N HIS D 140 44.09 -24.40 -12.53
CA HIS D 140 45.14 -24.63 -13.49
C HIS D 140 44.52 -24.74 -14.83
N SER D 141 45.43 -24.88 -15.76
CA SER D 141 45.12 -25.14 -17.11
C SER D 141 45.77 -26.45 -17.39
N VAL D 142 45.15 -27.23 -18.29
CA VAL D 142 45.76 -28.48 -18.67
C VAL D 142 46.26 -28.22 -20.14
N ALA D 143 46.52 -26.93 -20.49
CA ALA D 143 47.11 -26.44 -21.70
C ALA D 143 48.45 -25.77 -21.46
N GLY D 144 48.88 -25.56 -20.19
CA GLY D 144 50.21 -25.04 -19.90
C GLY D 144 51.26 -26.10 -19.98
N GLY D 145 52.59 -25.72 -19.71
CA GLY D 145 53.61 -26.65 -19.32
C GLY D 145 53.56 -26.88 -17.88
N THR D 146 53.58 -25.75 -17.18
CA THR D 146 53.59 -25.59 -15.80
C THR D 146 52.25 -25.96 -15.23
N GLY D 147 51.09 -25.38 -15.72
CA GLY D 147 49.77 -25.76 -15.12
C GLY D 147 49.42 -27.22 -15.27
N SER D 148 49.74 -27.73 -16.50
CA SER D 148 49.37 -29.11 -16.93
C SER D 148 50.06 -30.21 -16.28
N GLY D 149 51.39 -30.31 -16.37
CA GLY D 149 52.26 -31.38 -15.97
C GLY D 149 52.37 -31.53 -14.46
N LEU D 150 52.68 -30.36 -13.86
CA LEU D 150 52.92 -30.25 -12.44
C LEU D 150 51.63 -30.46 -11.62
N GLY D 151 50.52 -29.88 -12.19
CA GLY D 151 49.25 -30.01 -11.50
C GLY D 151 48.73 -31.42 -11.30
N SER D 152 48.88 -32.29 -12.35
CA SER D 152 48.63 -33.68 -12.40
C SER D 152 49.60 -34.54 -11.59
N ASN D 153 50.91 -34.19 -11.40
CA ASN D 153 51.88 -34.84 -10.51
C ASN D 153 51.34 -34.74 -9.09
N LEU D 154 50.94 -33.55 -8.69
CA LEU D 154 50.45 -33.12 -7.35
C LEU D 154 49.11 -33.90 -7.08
N LEU D 155 48.26 -34.09 -8.07
CA LEU D 155 47.02 -34.85 -7.86
C LEU D 155 47.28 -36.23 -7.50
N GLU D 156 48.24 -36.94 -8.09
CA GLU D 156 48.60 -38.28 -7.73
C GLU D 156 49.13 -38.32 -6.33
N ALA D 157 50.03 -37.42 -5.84
CA ALA D 157 50.51 -37.39 -4.48
C ALA D 157 49.41 -37.14 -3.41
N LEU D 158 48.46 -36.18 -3.67
CA LEU D 158 47.30 -35.89 -2.88
C LEU D 158 46.25 -37.06 -2.79
N CYS D 159 46.02 -37.85 -3.88
CA CYS D 159 45.18 -39.02 -3.93
C CYS D 159 45.62 -40.03 -2.97
N ASP D 160 46.93 -40.23 -3.03
CA ASP D 160 47.61 -41.28 -2.24
C ASP D 160 47.55 -40.89 -0.83
N ARG D 161 47.94 -39.60 -0.58
CA ARG D 161 48.12 -39.11 0.71
C ARG D 161 46.81 -39.06 1.45
N TYR D 162 45.70 -38.47 0.83
CA TYR D 162 44.35 -38.37 1.44
C TYR D 162 43.27 -38.92 0.53
N PRO D 163 42.54 -39.99 0.84
CA PRO D 163 41.48 -40.53 -0.04
C PRO D 163 40.09 -40.04 0.22
N LYS D 164 39.74 -39.54 1.41
CA LYS D 164 38.33 -39.18 1.80
C LYS D 164 38.15 -37.76 1.80
N LYS D 165 39.12 -36.93 1.29
CA LYS D 165 38.95 -35.44 1.30
C LYS D 165 38.62 -35.02 -0.10
N ILE D 166 37.94 -33.90 -0.30
CA ILE D 166 37.47 -33.66 -1.70
C ILE D 166 38.55 -33.01 -2.38
N LEU D 167 38.66 -33.47 -3.67
CA LEU D 167 39.58 -32.84 -4.59
C LEU D 167 38.60 -32.35 -5.67
N THR D 168 38.57 -31.01 -5.92
CA THR D 168 37.79 -30.38 -7.00
C THR D 168 38.77 -29.70 -7.90
N THR D 169 38.48 -29.66 -9.22
CA THR D 169 39.41 -28.98 -10.08
C THR D 169 38.49 -28.13 -10.91
N TYR D 170 39.00 -26.95 -11.32
CA TYR D 170 38.45 -26.11 -12.38
C TYR D 170 39.62 -26.29 -13.38
N SER D 171 39.43 -27.13 -14.45
CA SER D 171 40.52 -27.47 -15.39
C SER D 171 40.22 -26.89 -16.70
N VAL D 172 41.17 -26.15 -17.26
CA VAL D 172 40.94 -25.57 -18.67
C VAL D 172 41.51 -26.61 -19.52
N PHE D 173 40.74 -27.14 -20.47
CA PHE D 173 41.11 -28.19 -21.45
C PHE D 173 41.60 -27.42 -22.65
N PRO D 174 42.54 -28.02 -23.44
CA PRO D 174 43.20 -27.22 -24.43
C PRO D 174 42.23 -27.18 -25.61
N ALA D 175 42.11 -25.92 -26.18
CA ALA D 175 41.33 -25.49 -27.28
C ALA D 175 41.64 -26.39 -28.53
N ARG D 176 40.69 -26.50 -29.48
CA ARG D 176 40.80 -27.40 -30.62
C ARG D 176 40.71 -26.64 -31.97
N SER D 177 40.93 -25.26 -31.79
CA SER D 177 41.18 -24.36 -32.92
C SER D 177 42.48 -23.75 -32.68
N SER D 178 43.27 -24.34 -31.67
CA SER D 178 44.66 -23.99 -31.43
C SER D 178 45.59 -24.13 -32.63
N GLU D 179 46.89 -23.64 -32.45
CA GLU D 179 47.87 -23.59 -33.41
C GLU D 179 48.92 -24.59 -33.13
N VAL D 180 48.79 -25.40 -32.04
CA VAL D 180 49.71 -26.48 -31.59
C VAL D 180 48.98 -27.79 -31.62
N VAL D 181 49.79 -28.86 -31.86
CA VAL D 181 49.27 -30.22 -31.96
C VAL D 181 49.76 -31.05 -30.73
N VAL D 182 50.63 -30.53 -29.85
CA VAL D 182 51.05 -31.12 -28.62
C VAL D 182 50.00 -31.12 -27.56
N GLN D 183 48.86 -30.50 -27.89
CA GLN D 183 47.65 -30.41 -27.11
C GLN D 183 47.17 -31.79 -26.69
N SER D 184 47.26 -32.78 -27.62
CA SER D 184 46.90 -34.15 -27.39
C SER D 184 47.66 -34.88 -26.33
N TYR D 185 48.98 -34.67 -26.25
CA TYR D 185 49.86 -35.29 -25.31
C TYR D 185 49.54 -34.84 -23.95
N ASN D 186 49.38 -33.51 -23.78
CA ASN D 186 48.96 -33.00 -22.49
C ASN D 186 47.58 -33.55 -22.08
N THR D 187 46.58 -33.56 -22.99
CA THR D 187 45.16 -33.86 -22.62
C THR D 187 45.01 -35.32 -22.15
N ILE D 188 45.59 -36.30 -22.87
CA ILE D 188 45.60 -37.67 -22.56
C ILE D 188 46.31 -38.01 -21.23
N LEU D 189 47.55 -37.45 -21.08
CA LEU D 189 48.34 -37.78 -19.84
C LEU D 189 47.63 -37.25 -18.61
N ALA D 190 47.09 -35.97 -18.67
CA ALA D 190 46.41 -35.36 -17.60
C ALA D 190 45.07 -36.01 -17.27
N LEU D 191 44.25 -36.39 -18.30
CA LEU D 191 42.94 -36.85 -18.21
C LEU D 191 42.79 -38.15 -17.38
N ARG D 192 43.85 -39.00 -17.36
CA ARG D 192 43.95 -40.16 -16.55
C ARG D 192 43.86 -39.78 -15.10
N ARG D 193 44.68 -38.70 -14.78
CA ARG D 193 44.76 -38.18 -13.39
C ARG D 193 43.51 -37.51 -12.96
N LEU D 194 42.94 -36.73 -13.93
CA LEU D 194 41.77 -35.96 -13.64
C LEU D 194 40.59 -36.84 -13.32
N ILE D 195 40.35 -38.02 -13.96
CA ILE D 195 39.27 -38.95 -13.57
C ILE D 195 39.55 -39.60 -12.19
N GLU D 196 40.74 -40.18 -12.02
CA GLU D 196 40.90 -40.97 -10.82
C GLU D 196 41.28 -40.22 -9.55
N ASP D 197 42.26 -39.24 -9.65
CA ASP D 197 42.88 -38.57 -8.49
C ASP D 197 42.03 -37.46 -7.99
N SER D 198 41.06 -37.01 -8.77
CA SER D 198 40.17 -35.97 -8.47
C SER D 198 38.82 -36.57 -8.64
N ASP D 199 37.96 -35.97 -7.86
CA ASP D 199 36.57 -36.28 -7.82
C ASP D 199 35.74 -35.36 -8.65
N ALA D 200 36.26 -34.21 -9.13
CA ALA D 200 35.32 -33.43 -9.96
C ALA D 200 36.18 -32.74 -10.95
N THR D 201 35.76 -32.63 -12.25
CA THR D 201 36.48 -31.77 -13.14
C THR D 201 35.41 -30.95 -13.72
N VAL D 202 35.56 -29.59 -13.59
CA VAL D 202 34.66 -28.64 -14.19
C VAL D 202 35.47 -28.27 -15.39
N VAL D 203 34.97 -28.65 -16.59
CA VAL D 203 35.68 -28.60 -17.83
C VAL D 203 35.40 -27.16 -18.31
N PHE D 204 36.50 -26.46 -18.65
CA PHE D 204 36.38 -25.22 -19.37
C PHE D 204 37.05 -25.53 -20.73
N ASP D 205 36.37 -25.70 -21.87
CA ASP D 205 37.01 -25.99 -23.11
C ASP D 205 37.31 -24.65 -23.82
N ASN D 206 38.61 -24.40 -24.10
CA ASN D 206 39.07 -23.08 -24.45
C ASN D 206 38.49 -22.59 -25.78
N ALA D 207 38.12 -23.54 -26.75
CA ALA D 207 37.58 -23.08 -28.02
C ALA D 207 36.31 -22.27 -27.84
N SER D 208 35.35 -22.75 -27.07
CA SER D 208 34.15 -22.07 -26.75
C SER D 208 34.49 -20.90 -25.90
N LEU D 209 35.41 -21.09 -24.89
CA LEU D 209 35.64 -20.09 -23.87
C LEU D 209 36.13 -18.82 -24.40
N LEU D 210 37.09 -18.93 -25.35
CA LEU D 210 37.89 -17.88 -25.88
C LEU D 210 36.95 -16.90 -26.64
N ASN D 211 35.99 -17.45 -27.33
CA ASN D 211 34.87 -16.73 -27.99
C ASN D 211 33.92 -15.97 -27.10
N ILE D 212 33.62 -16.46 -25.94
CA ILE D 212 32.86 -15.84 -24.85
C ILE D 212 33.68 -14.58 -24.41
N SER D 213 35.07 -14.65 -24.23
CA SER D 213 36.02 -13.58 -23.83
C SER D 213 36.05 -12.57 -24.96
N GLY D 214 36.08 -13.04 -26.22
CA GLY D 214 36.06 -12.25 -27.45
C GLY D 214 34.81 -11.45 -27.75
N LYS D 215 33.63 -12.10 -27.69
CA LYS D 215 32.39 -11.42 -27.96
C LYS D 215 31.89 -10.50 -26.88
N VAL D 216 31.76 -10.98 -25.61
CA VAL D 216 31.10 -10.20 -24.51
C VAL D 216 31.89 -9.08 -23.95
N PHE D 217 33.19 -9.41 -23.56
CA PHE D 217 34.11 -8.45 -22.93
C PHE D 217 34.60 -7.47 -23.95
N ARG D 218 34.60 -7.82 -25.28
CA ARG D 218 34.99 -6.84 -26.30
C ARG D 218 36.48 -6.42 -26.04
N ASN D 219 37.43 -7.38 -26.06
CA ASN D 219 38.80 -7.03 -25.78
C ASN D 219 39.44 -6.58 -27.13
N PRO D 220 40.43 -5.71 -27.10
CA PRO D 220 40.95 -5.10 -28.31
C PRO D 220 42.05 -6.00 -28.86
N ASN D 221 42.68 -6.82 -28.01
CA ASN D 221 43.70 -7.76 -28.33
C ASN D 221 43.57 -8.82 -27.22
N ILE D 222 43.87 -10.09 -27.45
CA ILE D 222 43.63 -11.14 -26.55
C ILE D 222 44.91 -11.46 -25.87
N ASP D 223 44.88 -11.82 -24.53
CA ASP D 223 46.02 -12.10 -23.68
C ASP D 223 45.52 -13.08 -22.65
N LEU D 224 46.42 -13.67 -21.80
CA LEU D 224 46.14 -14.60 -20.76
C LEU D 224 45.31 -14.01 -19.69
N GLN D 225 45.59 -12.70 -19.30
CA GLN D 225 44.87 -12.03 -18.29
C GLN D 225 43.45 -11.91 -18.71
N HIS D 226 43.21 -11.62 -20.01
CA HIS D 226 41.86 -11.34 -20.37
C HIS D 226 40.84 -12.46 -20.18
N THR D 227 41.30 -13.69 -20.72
CA THR D 227 40.45 -14.79 -20.77
C THR D 227 40.20 -15.23 -19.33
N ASN D 228 41.29 -15.12 -18.50
CA ASN D 228 41.34 -15.52 -17.09
C ASN D 228 40.46 -14.77 -16.14
N GLN D 229 40.10 -13.44 -16.47
CA GLN D 229 39.09 -12.61 -15.85
C GLN D 229 37.70 -13.21 -16.05
N LEU D 230 37.40 -13.76 -17.26
CA LEU D 230 36.13 -14.37 -17.64
C LEU D 230 35.95 -15.55 -16.72
N ILE D 231 36.95 -16.39 -16.48
CA ILE D 231 36.97 -17.60 -15.63
C ILE D 231 36.79 -17.25 -14.18
N SER D 232 37.42 -16.18 -13.65
CA SER D 232 37.27 -15.73 -12.26
C SER D 232 35.83 -15.33 -12.00
N THR D 233 35.01 -14.68 -12.91
CA THR D 233 33.65 -14.31 -12.65
C THR D 233 32.79 -15.59 -12.40
N ILE D 234 32.98 -16.66 -13.26
CA ILE D 234 32.20 -17.91 -13.19
C ILE D 234 32.52 -18.60 -11.96
N ILE D 235 33.81 -18.72 -11.58
CA ILE D 235 34.31 -19.41 -10.41
C ILE D 235 33.81 -18.81 -9.13
N SER D 236 33.73 -17.45 -8.97
CA SER D 236 33.28 -16.82 -7.82
C SER D 236 31.86 -17.13 -7.59
N SER D 237 31.04 -17.11 -8.75
CA SER D 237 29.60 -17.32 -8.63
C SER D 237 29.24 -18.71 -8.13
N VAL D 238 30.00 -19.77 -8.49
CA VAL D 238 29.75 -21.18 -8.17
C VAL D 238 29.81 -21.44 -6.68
N THR D 239 30.70 -20.67 -6.00
CA THR D 239 30.88 -20.79 -4.53
C THR D 239 29.92 -20.06 -3.66
N ASN D 240 29.00 -19.22 -4.27
CA ASN D 240 28.08 -18.38 -3.49
C ASN D 240 27.26 -19.04 -2.37
N SER D 241 26.68 -20.23 -2.62
CA SER D 241 25.83 -20.94 -1.65
C SER D 241 26.61 -21.48 -0.46
N ILE D 242 27.98 -21.69 -0.64
CA ILE D 242 28.88 -22.18 0.38
C ILE D 242 29.11 -21.10 1.38
N ARG D 243 29.36 -19.89 0.74
CA ARG D 243 29.89 -18.74 1.48
C ARG D 243 28.88 -18.06 2.33
N PHE D 244 27.61 -18.26 2.02
CA PHE D 244 26.56 -17.66 2.82
C PHE D 244 25.90 -18.59 3.77
N PRO D 245 25.67 -18.25 5.07
CA PRO D 245 24.95 -19.04 6.06
C PRO D 245 23.50 -18.94 5.77
N SER D 246 22.78 -20.00 6.25
CA SER D 246 21.35 -20.32 6.11
C SER D 246 21.08 -21.10 4.93
N TYR D 247 22.11 -21.86 4.42
CA TYR D 247 21.92 -22.75 3.31
C TYR D 247 22.71 -23.95 3.63
N MET D 248 22.13 -25.20 3.49
CA MET D 248 22.77 -26.43 3.88
C MET D 248 23.58 -26.94 2.71
N TYR D 249 23.88 -26.04 1.70
CA TYR D 249 24.76 -26.35 0.68
C TYR D 249 26.15 -25.84 1.09
N SER D 250 26.34 -25.48 2.38
CA SER D 250 27.63 -25.09 2.91
C SER D 250 28.48 -26.25 3.44
N SER D 251 27.84 -27.27 4.04
CA SER D 251 28.53 -28.47 4.50
C SER D 251 29.12 -29.19 3.28
N MET D 252 30.31 -29.81 3.52
CA MET D 252 31.21 -30.50 2.63
C MET D 252 30.58 -31.67 1.99
N SER D 253 29.88 -32.48 2.80
CA SER D 253 29.20 -33.75 2.46
C SER D 253 28.07 -33.50 1.47
N SER D 254 27.23 -32.47 1.77
CA SER D 254 26.00 -32.15 1.00
C SER D 254 26.31 -31.61 -0.34
N ILE D 255 27.42 -30.84 -0.55
CA ILE D 255 27.86 -30.37 -1.87
C ILE D 255 28.27 -31.54 -2.70
N TYR D 256 29.04 -32.47 -2.09
CA TYR D 256 29.57 -33.62 -2.83
C TYR D 256 28.47 -34.54 -3.34
N SER D 257 27.43 -34.88 -2.49
CA SER D 257 26.37 -35.73 -2.88
C SER D 257 25.55 -35.20 -3.99
N THR D 258 25.24 -33.92 -3.92
CA THR D 258 24.44 -33.37 -4.98
C THR D 258 25.02 -33.28 -6.31
N LEU D 259 26.32 -32.78 -6.35
CA LEU D 259 27.11 -32.62 -7.51
C LEU D 259 27.67 -33.80 -8.25
N ILE D 260 28.13 -34.80 -7.53
CA ILE D 260 28.88 -35.93 -8.10
C ILE D 260 27.91 -37.10 -8.12
N PRO D 261 27.53 -37.70 -9.24
CA PRO D 261 26.43 -38.69 -9.21
C PRO D 261 27.03 -40.04 -9.46
N SER D 262 28.38 -40.17 -9.81
CA SER D 262 28.95 -41.54 -9.99
C SER D 262 30.43 -41.28 -9.76
N PRO D 263 31.29 -42.19 -9.37
CA PRO D 263 32.71 -41.87 -9.05
C PRO D 263 33.47 -41.91 -10.37
N GLU D 264 32.66 -42.07 -11.48
CA GLU D 264 33.22 -42.30 -12.78
C GLU D 264 32.71 -41.28 -13.76
N LEU D 265 31.52 -40.75 -13.46
CA LEU D 265 30.96 -39.69 -14.20
C LEU D 265 30.88 -38.58 -13.23
N HIS D 266 31.73 -37.60 -13.49
CA HIS D 266 31.75 -36.48 -12.58
C HIS D 266 32.41 -35.40 -13.29
N PHE D 267 32.16 -35.41 -14.61
CA PHE D 267 32.58 -34.41 -15.54
C PHE D 267 31.49 -33.35 -15.58
N LEU D 268 31.77 -32.06 -15.29
CA LEU D 268 30.76 -31.06 -15.09
C LEU D 268 30.93 -30.13 -16.31
N SER D 269 29.92 -29.45 -16.87
CA SER D 269 29.94 -28.42 -17.87
C SER D 269 29.28 -27.17 -17.16
N PRO D 270 29.87 -25.94 -17.35
CA PRO D 270 29.27 -24.78 -16.83
C PRO D 270 28.47 -24.10 -17.90
N SER D 271 27.53 -23.30 -17.49
CA SER D 271 26.87 -22.27 -18.25
C SER D 271 26.69 -21.23 -17.21
N PHE D 272 26.67 -19.94 -17.62
CA PHE D 272 26.54 -18.84 -16.62
C PHE D 272 25.80 -17.81 -17.46
N THR D 273 24.97 -16.94 -16.77
CA THR D 273 24.41 -15.83 -17.56
C THR D 273 24.17 -14.76 -16.42
N PRO D 274 24.34 -13.48 -16.58
CA PRO D 274 25.16 -12.92 -17.62
C PRO D 274 26.58 -13.24 -17.19
N PHE D 275 27.57 -13.35 -18.12
CA PHE D 275 29.02 -13.58 -17.76
C PHE D 275 29.69 -12.46 -17.08
N THR D 276 29.62 -11.21 -17.50
CA THR D 276 30.09 -9.97 -16.74
C THR D 276 29.44 -9.80 -15.33
N SER D 277 30.20 -9.32 -14.30
CA SER D 277 29.71 -9.47 -12.96
C SER D 277 30.41 -8.48 -12.03
N ASP D 278 31.52 -7.82 -12.56
CA ASP D 278 32.31 -6.82 -11.90
C ASP D 278 33.29 -6.33 -12.86
N TYR D 279 33.23 -6.76 -14.16
CA TYR D 279 34.08 -6.31 -15.19
C TYR D 279 33.32 -5.89 -16.44
N ILE D 280 32.15 -5.24 -16.31
CA ILE D 280 31.19 -4.81 -17.29
C ILE D 280 31.78 -3.87 -18.25
N HIS D 281 31.63 -4.22 -19.61
CA HIS D 281 32.10 -3.45 -20.69
C HIS D 281 30.93 -3.27 -21.65
N ASP D 282 29.77 -3.62 -21.18
CA ASP D 282 28.57 -3.76 -21.99
C ASP D 282 27.58 -2.76 -21.58
N ASP D 283 26.62 -2.41 -22.49
CA ASP D 283 25.74 -1.33 -22.21
C ASP D 283 24.85 -1.69 -21.07
N ILE D 284 24.41 -2.96 -20.95
CA ILE D 284 23.42 -3.36 -19.98
C ILE D 284 23.65 -4.80 -19.54
N ALA D 285 23.14 -5.23 -18.36
CA ALA D 285 23.27 -6.61 -17.92
C ALA D 285 22.16 -6.78 -16.95
N HIS D 286 21.29 -5.71 -16.85
CA HIS D 286 20.17 -5.70 -15.97
C HIS D 286 18.94 -6.24 -16.72
N LYS D 287 18.29 -7.27 -16.13
CA LYS D 287 17.36 -8.18 -16.80
C LYS D 287 16.57 -8.89 -15.74
N GLY D 288 15.33 -9.32 -16.07
CA GLY D 288 14.47 -10.11 -15.17
C GLY D 288 15.03 -11.51 -14.95
N HIS D 289 14.50 -12.27 -13.94
CA HIS D 289 15.02 -13.61 -13.55
C HIS D 289 14.87 -14.60 -14.72
N SER D 290 13.72 -14.47 -15.42
CA SER D 290 13.28 -15.45 -16.41
C SER D 290 14.24 -15.57 -17.53
N SER D 291 14.76 -14.40 -18.07
CA SER D 291 15.73 -14.42 -19.16
C SER D 291 16.99 -15.12 -18.81
N TYR D 292 17.44 -14.81 -17.58
CA TYR D 292 18.70 -15.41 -17.22
C TYR D 292 18.56 -16.87 -17.13
N ASP D 293 17.51 -17.38 -16.43
CA ASP D 293 17.35 -18.78 -16.15
C ASP D 293 17.08 -19.66 -17.34
N VAL D 294 16.26 -19.09 -18.25
CA VAL D 294 15.83 -19.82 -19.45
C VAL D 294 17.04 -19.99 -20.26
N MET D 295 17.92 -18.95 -20.33
CA MET D 295 19.20 -18.99 -21.01
C MET D 295 20.21 -19.99 -20.35
N LEU D 296 20.10 -20.22 -18.98
CA LEU D 296 21.00 -21.14 -18.27
C LEU D 296 20.87 -22.58 -18.80
N ASP D 297 19.70 -23.02 -19.29
CA ASP D 297 19.43 -24.36 -19.83
C ASP D 297 20.05 -24.54 -21.13
N LEU D 298 20.19 -23.39 -21.92
CA LEU D 298 20.73 -23.34 -23.24
C LEU D 298 22.29 -23.69 -23.35
N LEU D 299 22.71 -24.40 -24.40
CA LEU D 299 24.02 -25.00 -24.46
C LEU D 299 24.79 -24.02 -25.28
N ASP D 300 24.12 -23.04 -25.92
CA ASP D 300 24.67 -21.96 -26.70
C ASP D 300 25.50 -21.04 -25.80
N PRO D 301 25.07 -20.54 -24.60
CA PRO D 301 26.01 -19.85 -23.77
C PRO D 301 26.72 -20.81 -22.88
N SER D 302 27.94 -21.27 -23.23
CA SER D 302 28.67 -22.22 -22.39
C SER D 302 30.07 -22.03 -22.66
N ASN D 303 30.87 -22.34 -21.68
CA ASN D 303 32.28 -22.11 -21.54
C ASN D 303 33.05 -23.28 -21.92
N SER D 304 32.40 -24.47 -22.19
CA SER D 304 33.00 -25.67 -22.54
C SER D 304 32.31 -26.18 -23.72
N LEU D 305 32.88 -27.17 -24.44
CA LEU D 305 32.33 -27.53 -25.74
C LEU D 305 31.36 -28.65 -25.51
N VAL D 306 30.09 -28.17 -25.40
CA VAL D 306 29.04 -29.11 -25.22
C VAL D 306 28.27 -29.02 -26.49
N SER D 307 28.74 -28.21 -27.48
CA SER D 307 28.19 -27.98 -28.82
C SER D 307 26.72 -27.45 -28.70
N THR D 308 25.86 -27.64 -29.71
CA THR D 308 24.50 -27.10 -29.67
C THR D 308 23.64 -28.18 -29.25
N ALA D 309 22.31 -28.06 -29.37
CA ALA D 309 21.44 -29.09 -28.92
C ALA D 309 20.93 -30.03 -29.92
N MET D 310 21.06 -29.72 -31.22
CA MET D 310 20.64 -30.62 -32.30
C MET D 310 21.90 -31.52 -32.70
N ASN D 311 21.63 -32.83 -33.01
CA ASN D 311 22.59 -33.83 -33.34
C ASN D 311 23.46 -34.13 -32.15
N ASN D 312 23.07 -33.79 -30.94
CA ASN D 312 23.75 -34.07 -29.69
C ASN D 312 22.82 -34.64 -28.56
N PRO D 313 23.30 -35.37 -27.54
CA PRO D 313 22.45 -35.84 -26.48
C PRO D 313 22.03 -34.66 -25.69
N THR D 314 20.72 -34.76 -25.20
CA THR D 314 19.93 -33.88 -24.45
C THR D 314 19.81 -34.44 -23.08
N TYR D 315 20.61 -35.51 -22.77
CA TYR D 315 20.30 -36.26 -21.51
C TYR D 315 21.28 -35.75 -20.46
N PHE D 316 20.58 -35.07 -19.52
CA PHE D 316 21.15 -34.48 -18.31
C PHE D 316 21.01 -35.55 -17.21
N ASN D 317 22.13 -35.88 -16.53
CA ASN D 317 22.16 -36.71 -15.37
C ASN D 317 21.76 -35.92 -14.10
N VAL D 318 22.14 -34.70 -14.03
CA VAL D 318 21.93 -33.89 -12.89
C VAL D 318 21.94 -32.57 -13.55
N TYR D 319 21.23 -31.64 -12.90
CA TYR D 319 21.27 -30.22 -13.21
C TYR D 319 21.24 -29.52 -11.90
N ASN D 320 22.09 -28.44 -11.71
CA ASN D 320 22.16 -27.69 -10.46
C ASN D 320 22.15 -26.31 -11.03
N THR D 321 21.32 -25.54 -10.43
CA THR D 321 21.18 -24.13 -10.62
C THR D 321 21.46 -23.53 -9.30
N ILE D 322 22.36 -22.50 -9.36
CA ILE D 322 22.86 -21.72 -8.29
C ILE D 322 22.28 -20.36 -8.49
N ILE D 323 21.41 -19.79 -7.58
CA ILE D 323 20.56 -18.58 -7.79
C ILE D 323 21.05 -17.40 -7.03
N GLY D 324 21.15 -16.19 -7.71
CA GLY D 324 21.44 -14.84 -7.19
C GLY D 324 20.38 -13.83 -7.43
N ASN D 325 19.89 -13.21 -6.30
CA ASN D 325 18.85 -12.19 -6.35
C ASN D 325 19.22 -10.92 -5.64
N VAL D 326 18.59 -9.83 -6.03
CA VAL D 326 18.67 -8.39 -5.60
C VAL D 326 17.40 -7.74 -6.20
N GLU D 327 16.41 -8.65 -6.46
CA GLU D 327 15.05 -8.36 -6.89
C GLU D 327 14.14 -9.38 -6.24
N PRO D 328 12.87 -9.11 -5.90
CA PRO D 328 11.94 -9.95 -5.17
C PRO D 328 12.26 -11.45 -5.16
N ARG D 329 12.56 -12.06 -3.88
CA ARG D 329 12.85 -13.46 -3.71
C ARG D 329 11.72 -14.39 -4.05
N GLN D 330 10.47 -14.01 -3.78
CA GLN D 330 9.31 -14.80 -4.03
C GLN D 330 9.14 -15.07 -5.49
N ILE D 331 9.40 -14.10 -6.47
CA ILE D 331 9.20 -14.44 -7.86
C ILE D 331 10.16 -15.53 -8.29
N SER D 332 11.44 -15.39 -7.89
CA SER D 332 12.46 -16.39 -8.19
C SER D 332 12.21 -17.76 -7.53
N ARG D 333 11.68 -17.71 -6.27
CA ARG D 333 11.43 -18.94 -5.56
C ARG D 333 10.39 -19.81 -6.17
N ALA D 334 9.30 -19.19 -6.61
CA ALA D 334 8.20 -19.83 -7.23
C ALA D 334 8.63 -20.46 -8.55
N MET D 335 9.48 -19.70 -9.30
CA MET D 335 9.96 -20.15 -10.54
C MET D 335 10.82 -21.32 -10.44
N THR D 336 11.68 -21.45 -9.43
CA THR D 336 12.53 -22.63 -9.34
C THR D 336 11.75 -23.90 -9.12
N LYS D 337 10.67 -23.79 -8.36
CA LYS D 337 9.76 -24.86 -8.05
C LYS D 337 9.05 -25.36 -9.28
N LEU D 338 8.63 -24.45 -10.16
CA LEU D 338 8.01 -24.83 -11.43
C LEU D 338 8.93 -25.54 -12.39
N GLN D 339 10.23 -25.08 -12.42
CA GLN D 339 11.29 -25.52 -13.33
C GLN D 339 11.62 -26.94 -13.04
N GLN D 340 11.63 -27.38 -11.74
CA GLN D 340 11.94 -28.80 -11.43
C GLN D 340 10.85 -29.72 -11.89
N ARG D 341 9.61 -29.32 -11.63
CA ARG D 341 8.42 -30.06 -12.03
C ARG D 341 8.25 -30.21 -13.53
N ILE D 342 8.58 -29.11 -14.35
CA ILE D 342 8.48 -29.22 -15.77
C ILE D 342 9.42 -30.23 -16.46
N LYS D 343 10.68 -30.51 -15.97
CA LYS D 343 11.54 -31.55 -16.55
C LYS D 343 12.04 -31.13 -17.99
N PHE D 344 12.94 -30.10 -18.07
CA PHE D 344 13.59 -29.72 -19.36
C PHE D 344 14.32 -30.85 -19.99
N PRO D 345 15.23 -31.65 -19.32
CA PRO D 345 15.82 -32.87 -19.92
C PRO D 345 14.84 -33.91 -20.24
N SER D 346 15.35 -34.86 -21.02
CA SER D 346 14.75 -36.15 -21.27
C SER D 346 15.15 -37.03 -20.09
N TRP D 347 14.38 -38.04 -19.76
CA TRP D 347 14.50 -38.94 -18.68
C TRP D 347 13.92 -40.30 -19.00
N SER D 348 14.64 -41.36 -18.59
CA SER D 348 14.39 -42.76 -18.80
C SER D 348 14.39 -43.46 -17.50
N SER D 349 14.72 -44.76 -17.50
CA SER D 349 14.92 -45.52 -16.29
C SER D 349 16.01 -45.13 -15.32
N SER D 350 17.23 -44.75 -15.92
CA SER D 350 18.38 -44.51 -15.05
C SER D 350 18.26 -43.58 -13.83
N ALA D 351 17.48 -42.46 -14.04
CA ALA D 351 17.30 -41.35 -13.15
C ALA D 351 16.13 -40.63 -13.76
N MET D 352 15.51 -39.79 -12.90
CA MET D 352 14.51 -38.91 -13.30
C MET D 352 14.32 -37.87 -12.19
N HIS D 353 13.98 -36.63 -12.63
CA HIS D 353 13.56 -35.49 -11.82
C HIS D 353 14.79 -34.77 -11.16
N VAL D 354 16.01 -35.04 -11.74
CA VAL D 354 17.22 -34.53 -11.20
C VAL D 354 17.43 -33.10 -11.62
N ASN D 355 16.75 -32.14 -10.89
CA ASN D 355 16.93 -30.70 -10.97
C ASN D 355 16.91 -30.24 -9.55
N ILE D 356 18.03 -29.56 -9.19
CA ILE D 356 18.25 -29.04 -7.87
C ILE D 356 18.51 -27.56 -7.94
N GLY D 357 18.19 -26.83 -6.80
CA GLY D 357 18.41 -25.40 -6.72
C GLY D 357 19.07 -25.18 -5.37
N ARG D 358 19.93 -24.21 -5.47
CA ARG D 358 20.57 -23.56 -4.35
C ARG D 358 20.28 -22.13 -4.59
N ARG D 359 20.00 -21.52 -3.45
CA ARG D 359 19.51 -20.13 -3.35
C ARG D 359 20.58 -19.44 -2.51
N SER D 360 20.97 -18.19 -2.92
CA SER D 360 22.00 -17.40 -2.34
C SER D 360 21.63 -15.93 -2.53
N PRO D 361 21.99 -14.93 -1.74
CA PRO D 361 21.84 -13.50 -2.12
C PRO D 361 23.10 -13.09 -2.89
N TYR D 362 22.89 -12.22 -3.94
CA TYR D 362 23.86 -11.56 -4.72
C TYR D 362 24.04 -10.29 -4.06
N LEU D 363 25.31 -9.74 -4.15
CA LEU D 363 25.73 -8.49 -3.46
C LEU D 363 26.03 -7.40 -4.56
N PRO D 364 25.45 -6.21 -4.47
CA PRO D 364 25.55 -5.07 -5.40
C PRO D 364 26.78 -4.29 -5.05
N LEU D 365 27.62 -4.74 -4.07
CA LEU D 365 28.86 -4.12 -3.58
C LEU D 365 29.93 -4.23 -4.67
N GLN D 366 29.66 -5.15 -5.70
CA GLN D 366 30.38 -5.33 -6.93
C GLN D 366 29.79 -4.38 -7.87
N PRO D 367 30.55 -4.00 -8.91
CA PRO D 367 30.06 -3.04 -9.92
C PRO D 367 29.09 -3.73 -10.83
N ASN D 368 27.82 -3.31 -10.82
CA ASN D 368 26.71 -4.02 -11.48
C ASN D 368 25.73 -2.97 -11.86
N GLU D 369 24.56 -3.37 -12.41
CA GLU D 369 23.51 -2.47 -12.90
C GLU D 369 22.25 -2.76 -12.11
N ASN D 370 22.39 -3.37 -10.95
CA ASN D 370 21.54 -4.02 -10.02
C ASN D 370 20.90 -5.27 -10.50
N GLU D 371 21.82 -6.07 -11.25
CA GLU D 371 21.51 -7.27 -12.05
C GLU D 371 21.38 -8.35 -11.09
N VAL D 372 20.68 -9.39 -11.61
CA VAL D 372 20.37 -10.72 -11.01
C VAL D 372 21.03 -11.65 -12.00
N SER D 373 21.64 -12.72 -11.35
CA SER D 373 22.50 -13.69 -12.07
C SER D 373 22.22 -15.02 -11.59
N GLY D 374 22.77 -16.00 -12.36
CA GLY D 374 22.64 -17.35 -11.84
C GLY D 374 23.58 -18.03 -12.69
N MET D 375 23.97 -19.25 -12.21
CA MET D 375 24.92 -20.14 -12.75
C MET D 375 24.32 -21.49 -12.82
N MET D 376 24.71 -22.24 -13.80
CA MET D 376 24.26 -23.62 -13.97
C MET D 376 25.53 -24.43 -13.87
N LEU D 377 25.54 -25.55 -13.07
CA LEU D 377 26.52 -26.59 -13.12
C LEU D 377 25.81 -27.83 -13.40
N SER D 378 26.18 -28.50 -14.49
CA SER D 378 25.35 -29.62 -14.91
C SER D 378 26.25 -30.75 -15.34
N ASN D 379 25.75 -31.99 -15.20
CA ASN D 379 26.35 -33.23 -15.58
C ASN D 379 25.51 -33.76 -16.71
N MET D 380 26.20 -33.71 -17.92
CA MET D 380 25.47 -33.93 -19.16
C MET D 380 26.26 -34.92 -19.99
N SER D 381 25.60 -35.81 -20.75
CA SER D 381 26.16 -36.92 -21.57
C SER D 381 26.90 -36.43 -22.80
N THR D 382 26.61 -35.17 -23.15
CA THR D 382 27.22 -34.49 -24.30
C THR D 382 28.75 -34.25 -24.20
N VAL D 383 29.26 -34.22 -22.95
CA VAL D 383 30.67 -34.11 -22.50
C VAL D 383 31.65 -35.11 -23.02
N VAL D 384 31.14 -36.25 -23.39
CA VAL D 384 31.90 -37.33 -24.11
C VAL D 384 32.52 -36.87 -25.38
N ASN D 385 31.92 -35.83 -26.10
CA ASN D 385 32.40 -35.31 -27.35
C ASN D 385 33.79 -34.78 -27.28
N VAL D 386 34.12 -34.14 -26.11
CA VAL D 386 35.33 -33.45 -25.89
C VAL D 386 36.52 -34.39 -25.89
N PHE D 387 36.32 -35.61 -25.18
CA PHE D 387 37.28 -36.66 -25.05
C PHE D 387 37.45 -37.22 -26.42
N GLU D 388 36.35 -37.36 -27.18
CA GLU D 388 36.40 -37.97 -28.48
C GLU D 388 37.29 -37.26 -29.47
N ASN D 389 37.19 -35.89 -29.50
CA ASN D 389 37.92 -35.02 -30.40
C ASN D 389 39.39 -35.20 -29.97
N ALA D 390 39.77 -35.32 -28.67
CA ALA D 390 41.11 -35.58 -28.20
C ALA D 390 41.62 -36.88 -28.76
N CYS D 391 40.83 -37.92 -28.84
CA CYS D 391 41.27 -39.25 -29.28
C CYS D 391 41.72 -39.14 -30.74
N ASN D 392 41.00 -38.47 -31.60
CA ASN D 392 41.20 -38.25 -33.00
C ASN D 392 42.53 -37.48 -33.19
N THR D 393 42.73 -36.39 -32.38
CA THR D 393 43.86 -35.49 -32.40
C THR D 393 45.14 -36.26 -32.02
N PHE D 394 45.06 -37.13 -31.01
CA PHE D 394 46.17 -37.94 -30.49
C PHE D 394 46.73 -38.87 -31.54
N ASP D 395 45.90 -39.45 -32.34
CA ASP D 395 46.33 -40.41 -33.35
C ASP D 395 47.18 -39.75 -34.44
N LYS D 396 46.76 -38.57 -34.91
CA LYS D 396 47.48 -37.81 -35.98
C LYS D 396 48.85 -37.30 -35.70
N VAL D 397 49.00 -36.80 -34.41
CA VAL D 397 50.27 -36.42 -33.84
C VAL D 397 51.23 -37.64 -33.60
N PHE D 398 50.60 -38.84 -33.22
CA PHE D 398 51.39 -40.09 -33.04
C PHE D 398 52.13 -40.36 -34.32
N ALA D 399 51.37 -40.33 -35.41
CA ALA D 399 51.82 -40.70 -36.75
C ALA D 399 52.93 -39.79 -37.24
N LYS D 400 52.75 -38.48 -37.06
CA LYS D 400 53.71 -37.42 -37.48
C LYS D 400 55.00 -37.49 -36.75
N GLY D 401 55.04 -37.92 -35.44
CA GLY D 401 56.21 -37.87 -34.61
C GLY D 401 56.47 -36.50 -34.04
N ALA D 402 55.52 -35.55 -34.01
CA ALA D 402 55.95 -34.13 -33.86
C ALA D 402 56.30 -33.76 -32.44
N PHE D 403 57.62 -33.38 -32.20
CA PHE D 403 58.16 -32.85 -30.99
C PHE D 403 57.91 -33.78 -29.82
N LEU D 404 58.42 -35.05 -29.99
CA LEU D 404 58.44 -36.09 -28.97
C LEU D 404 59.59 -35.80 -27.91
N ASN D 405 60.61 -35.05 -28.29
CA ASN D 405 61.83 -34.80 -27.66
C ASN D 405 61.72 -34.29 -26.21
N ASN D 406 60.82 -33.29 -25.99
CA ASN D 406 60.57 -32.87 -24.68
C ASN D 406 59.92 -33.95 -23.83
N TYR D 407 59.00 -34.72 -24.44
CA TYR D 407 58.29 -35.71 -23.75
C TYR D 407 59.09 -36.87 -23.23
N ASN D 408 60.05 -37.37 -24.07
CA ASN D 408 60.86 -38.48 -23.66
C ASN D 408 61.68 -38.12 -22.46
N VAL D 409 62.02 -36.82 -22.29
CA VAL D 409 62.78 -36.34 -21.18
C VAL D 409 62.05 -36.57 -19.83
N GLY D 410 60.73 -36.46 -19.89
CA GLY D 410 59.84 -36.84 -18.90
C GLY D 410 59.75 -38.38 -18.62
N ASP D 411 59.35 -38.70 -17.33
CA ASP D 411 59.39 -40.01 -16.76
C ASP D 411 58.49 -41.03 -17.48
N LEU D 412 57.23 -40.58 -17.85
CA LEU D 412 56.22 -41.41 -18.37
C LEU D 412 56.57 -42.06 -19.67
N PHE D 413 57.23 -41.30 -20.63
CA PHE D 413 57.65 -41.78 -21.93
C PHE D 413 58.93 -42.52 -21.96
N GLN D 414 59.84 -42.44 -20.93
CA GLN D 414 61.00 -43.31 -20.91
C GLN D 414 60.67 -44.62 -20.30
N SER D 415 59.38 -44.75 -19.83
CA SER D 415 58.83 -45.91 -19.15
C SER D 415 57.74 -46.49 -20.07
N MET D 416 58.08 -46.43 -21.38
CA MET D 416 57.24 -46.83 -22.57
C MET D 416 55.91 -46.00 -22.49
N GLN D 417 55.16 -46.21 -23.56
CA GLN D 417 53.91 -45.61 -23.99
C GLN D 417 52.78 -46.60 -23.83
N ASN D 418 53.02 -47.65 -22.99
CA ASN D 418 52.14 -48.68 -22.58
C ASN D 418 51.03 -48.10 -21.66
N VAL D 419 51.37 -47.12 -20.75
CA VAL D 419 50.54 -46.42 -19.84
C VAL D 419 49.43 -45.70 -20.55
N GLN D 420 49.77 -45.11 -21.70
CA GLN D 420 48.87 -44.36 -22.58
C GLN D 420 47.78 -45.22 -23.22
N ASP D 421 48.17 -46.46 -23.69
CA ASP D 421 47.33 -47.49 -24.19
C ASP D 421 46.45 -48.01 -23.27
N GLU D 422 46.92 -48.22 -22.03
CA GLU D 422 46.13 -48.78 -20.92
C GLU D 422 45.02 -47.79 -20.60
N PHE D 423 45.35 -46.46 -20.60
CA PHE D 423 44.49 -45.42 -20.36
C PHE D 423 43.49 -45.38 -21.41
N ALA D 424 43.81 -45.53 -22.73
CA ALA D 424 42.91 -45.39 -23.82
C ALA D 424 41.82 -46.40 -23.68
N GLU D 425 42.16 -47.62 -23.29
CA GLU D 425 41.21 -48.72 -23.15
C GLU D 425 40.22 -48.42 -22.05
N SER D 426 40.74 -47.90 -20.89
CA SER D 426 39.88 -47.56 -19.79
C SER D 426 38.91 -46.42 -20.18
N ARG D 427 39.46 -45.38 -20.93
CA ARG D 427 38.72 -44.17 -21.19
C ARG D 427 37.50 -44.39 -22.06
N GLU D 428 37.60 -45.31 -23.08
CA GLU D 428 36.58 -45.62 -23.98
C GLU D 428 35.50 -46.28 -23.26
N VAL D 429 35.85 -47.12 -22.26
CA VAL D 429 34.85 -47.76 -21.42
C VAL D 429 34.03 -46.66 -20.67
N VAL D 430 34.72 -45.58 -20.23
CA VAL D 430 34.00 -44.51 -19.57
C VAL D 430 32.97 -43.78 -20.46
N GLN D 431 33.33 -43.47 -21.74
CA GLN D 431 32.43 -42.87 -22.75
C GLN D 431 31.26 -43.73 -23.12
N SER D 432 31.36 -45.02 -23.28
CA SER D 432 30.34 -45.95 -23.62
C SER D 432 29.36 -45.98 -22.46
N LEU D 433 29.86 -45.98 -21.17
CA LEU D 433 29.00 -46.02 -20.02
C LEU D 433 28.16 -44.76 -19.95
N MET D 434 28.74 -43.55 -20.25
CA MET D 434 28.05 -42.23 -20.25
C MET D 434 26.97 -42.14 -21.30
N GLU D 435 27.23 -42.82 -22.47
CA GLU D 435 26.28 -42.90 -23.59
C GLU D 435 25.07 -43.70 -23.13
N ASP D 436 25.20 -44.79 -22.33
CA ASP D 436 24.20 -45.70 -21.89
C ASP D 436 23.19 -45.01 -21.02
N TYR D 437 23.63 -44.02 -20.28
CA TYR D 437 22.74 -43.22 -19.35
C TYR D 437 21.63 -42.56 -20.13
N VAL D 438 21.88 -42.25 -21.42
CA VAL D 438 21.03 -41.63 -22.37
C VAL D 438 19.69 -42.41 -22.49
N ALA D 439 19.85 -43.73 -22.63
CA ALA D 439 18.79 -44.69 -22.84
C ALA D 439 18.15 -45.16 -21.57
N ALA D 440 17.40 -46.33 -21.68
CA ALA D 440 16.70 -46.86 -20.53
C ALA D 440 17.41 -48.14 -20.04
N GLU D 441 18.72 -48.37 -20.35
CA GLU D 441 19.38 -49.70 -20.15
C GLU D 441 20.29 -49.64 -18.99
N GLN D 442 20.61 -48.46 -18.35
CA GLN D 442 21.45 -48.37 -17.13
C GLN D 442 20.82 -48.86 -15.93
N ASP D 443 19.53 -48.54 -15.69
CA ASP D 443 18.68 -49.11 -14.69
C ASP D 443 17.66 -49.90 -15.47
N SER D 444 17.53 -51.19 -15.06
CA SER D 444 16.85 -52.19 -15.75
C SER D 444 16.11 -53.05 -14.77
N TYR D 445 16.39 -52.94 -13.46
CA TYR D 445 15.58 -53.56 -12.48
C TYR D 445 14.43 -52.82 -12.03
N UNK E 1 -28.23 4.28 44.94
CA UNK E 1 -28.77 3.74 43.63
C UNK E 1 -30.16 4.33 43.30
N UNK E 2 -30.53 4.13 42.02
CA UNK E 2 -31.78 4.60 41.45
C UNK E 2 -33.01 3.90 42.13
N UNK E 3 -32.78 2.58 42.38
CA UNK E 3 -33.74 1.70 43.16
C UNK E 3 -33.93 2.15 44.55
N UNK E 4 -32.83 2.60 45.26
CA UNK E 4 -32.93 3.25 46.56
C UNK E 4 -33.67 4.58 46.58
N UNK E 5 -33.49 5.49 45.59
CA UNK E 5 -34.13 6.77 45.55
C UNK E 5 -35.62 6.73 45.35
N UNK E 6 -36.06 5.78 44.46
CA UNK E 6 -37.47 5.52 44.19
C UNK E 6 -38.19 4.99 45.45
N UNK E 7 -37.42 4.15 46.20
CA UNK E 7 -37.95 3.60 47.50
C UNK E 7 -38.27 4.64 48.51
N UNK E 8 -37.46 5.73 48.58
CA UNK E 8 -37.55 6.80 49.56
C UNK E 8 -38.87 7.51 49.40
N UNK E 9 -39.27 7.72 48.10
CA UNK E 9 -40.44 8.37 47.73
C UNK E 9 -41.67 7.70 48.22
N UNK E 10 -41.61 6.35 48.09
CA UNK E 10 -42.58 5.43 48.49
C UNK E 10 -42.74 5.47 49.95
N UNK E 11 -41.61 5.54 50.73
CA UNK E 11 -41.48 5.57 52.14
C UNK E 11 -42.14 6.89 52.69
N UNK E 12 -42.02 8.09 52.04
CA UNK E 12 -42.55 9.36 52.38
C UNK E 12 -44.05 9.31 52.38
N UNK E 13 -44.62 8.71 51.34
CA UNK E 13 -46.02 8.49 51.20
C UNK E 13 -46.64 7.67 52.31
N UNK E 14 -45.99 6.59 52.91
CA UNK E 14 -46.50 5.75 53.99
C UNK E 14 -46.78 6.60 55.22
N UNK E 15 -45.85 7.60 55.45
CA UNK E 15 -45.95 8.57 56.53
C UNK E 15 -47.15 9.44 56.48
N UNK E 16 -47.47 9.89 55.23
CA UNK E 16 -48.61 10.64 54.75
C UNK E 16 -49.86 9.87 55.01
N UNK E 17 -49.92 8.53 54.78
CA UNK E 17 -51.00 7.69 55.10
C UNK E 17 -51.24 7.62 56.61
N UNK E 18 -50.14 7.46 57.37
CA UNK E 18 -50.28 7.40 58.81
C UNK E 18 -50.90 8.64 59.42
N UNK E 19 -50.46 9.80 58.86
CA UNK E 19 -50.95 11.08 59.22
C UNK E 19 -52.45 11.31 58.98
N UNK E 20 -52.93 10.83 57.84
CA UNK E 20 -54.31 10.97 57.48
C UNK E 20 -55.23 10.15 58.39
N UNK E 21 -54.76 8.94 58.67
CA UNK E 21 -55.52 8.02 59.54
C UNK E 21 -55.67 8.49 60.94
N UNK E 22 -54.72 9.25 61.49
CA UNK E 22 -54.68 9.88 62.75
C UNK E 22 -55.70 10.94 62.95
N UNK E 23 -55.82 11.75 61.85
CA UNK E 23 -56.79 12.87 61.81
C UNK E 23 -58.16 12.35 61.96
N UNK E 24 -58.42 11.20 61.26
CA UNK E 24 -59.72 10.49 61.25
C UNK E 24 -60.10 10.05 62.62
N UNK E 25 -59.16 9.44 63.44
CA UNK E 25 -59.39 8.95 64.82
C UNK E 25 -59.72 10.17 65.71
N UNK E 26 -58.98 11.30 65.54
CA UNK E 26 -59.20 12.57 66.27
C UNK E 26 -60.56 13.18 66.03
N UNK E 27 -60.91 13.24 64.71
CA UNK E 27 -62.12 13.70 64.14
C UNK E 27 -63.29 12.80 64.45
N UNK E 28 -63.20 11.44 64.65
CA UNK E 28 -64.30 10.51 64.99
C UNK E 28 -64.87 10.77 66.34
N UNK E 29 -63.95 11.24 67.26
CA UNK E 29 -64.36 11.49 68.61
C UNK E 29 -65.36 12.64 68.79
N UNK E 30 -65.25 13.75 68.02
CA UNK E 30 -65.97 15.05 68.16
C UNK E 30 -67.44 14.74 67.88
N UNK E 31 -67.66 13.68 67.10
CA UNK E 31 -69.00 13.26 66.67
C UNK E 31 -69.78 12.80 67.83
N UNK E 32 -69.23 11.98 68.83
CA UNK E 32 -69.99 11.47 69.93
C UNK E 32 -70.38 12.58 70.80
N UNK E 33 -69.41 13.57 71.02
CA UNK E 33 -69.59 14.78 71.73
C UNK E 33 -70.62 15.77 71.14
N UNK E 34 -70.62 16.01 69.80
CA UNK E 34 -71.58 16.87 69.14
C UNK E 34 -73.00 16.28 69.17
N UNK E 35 -73.07 14.92 69.02
CA UNK E 35 -74.36 14.28 68.96
C UNK E 35 -75.11 14.45 70.25
N UNK E 36 -74.39 14.38 71.37
CA UNK E 36 -74.84 14.59 72.72
C UNK E 36 -75.29 16.01 72.89
N UNK E 37 -74.53 16.95 72.33
CA UNK E 37 -74.78 18.45 72.36
C UNK E 37 -75.97 18.91 71.65
N UNK E 38 -76.18 18.24 70.47
CA UNK E 38 -77.38 18.44 69.71
C UNK E 38 -78.55 17.99 70.46
N UNK E 39 -78.41 16.81 71.16
CA UNK E 39 -79.45 16.15 71.93
C UNK E 39 -79.95 17.02 72.99
N UNK E 40 -78.99 17.59 73.74
CA UNK E 40 -79.19 18.38 74.88
C UNK E 40 -79.84 19.70 74.47
N UNK E 41 -79.34 20.36 73.41
CA UNK E 41 -79.84 21.64 73.00
C UNK E 41 -81.29 21.58 72.52
N UNK E 42 -81.65 20.56 71.64
CA UNK E 42 -82.89 20.34 70.93
C UNK E 42 -84.09 20.27 71.81
N UNK E 43 -83.94 19.49 72.85
CA UNK E 43 -85.08 19.22 73.78
C UNK E 43 -85.49 20.46 74.58
N UNK E 44 -84.63 21.26 75.15
CA UNK E 44 -84.88 22.42 76.00
C UNK E 44 -85.65 23.50 75.12
N UNK F 1 -40.76 -11.26 37.07
CA UNK F 1 -39.57 -10.50 37.42
C UNK F 1 -39.60 -9.56 38.60
N UNK F 2 -38.42 -9.16 39.10
CA UNK F 2 -38.23 -8.42 40.35
C UNK F 2 -38.82 -7.03 40.30
N UNK F 3 -38.69 -6.35 39.12
CA UNK F 3 -39.13 -4.95 38.87
C UNK F 3 -40.60 -4.80 39.15
N UNK F 4 -41.36 -5.76 38.59
CA UNK F 4 -42.82 -5.84 38.65
C UNK F 4 -43.20 -6.03 40.11
N UNK F 5 -42.46 -6.89 40.84
CA UNK F 5 -42.70 -7.21 42.26
C UNK F 5 -42.57 -5.97 43.13
N UNK F 6 -41.55 -5.09 42.84
CA UNK F 6 -41.28 -3.76 43.45
C UNK F 6 -42.37 -2.82 43.14
N UNK F 7 -42.90 -2.82 41.87
CA UNK F 7 -44.00 -1.99 41.45
C UNK F 7 -45.24 -2.42 42.26
N UNK F 8 -45.45 -3.76 42.45
CA UNK F 8 -46.57 -4.34 43.16
C UNK F 8 -46.65 -3.93 44.64
N UNK F 9 -45.46 -3.83 45.31
CA UNK F 9 -45.37 -3.35 46.70
C UNK F 9 -45.78 -1.94 46.97
N UNK F 10 -45.42 -1.04 46.03
CA UNK F 10 -45.73 0.30 46.04
C UNK F 10 -47.20 0.53 45.93
N UNK F 11 -47.87 -0.26 45.05
CA UNK F 11 -49.36 -0.09 44.87
C UNK F 11 -50.09 -0.40 46.11
N UNK F 12 -49.74 -1.45 46.91
CA UNK F 12 -50.45 -1.81 48.03
C UNK F 12 -50.54 -0.73 49.06
N UNK F 13 -49.38 -0.08 49.30
CA UNK F 13 -49.29 1.02 50.22
C UNK F 13 -50.10 2.16 49.67
N UNK F 14 -50.03 2.40 48.31
CA UNK F 14 -50.76 3.52 47.76
C UNK F 14 -52.26 3.48 47.93
N UNK F 15 -52.88 2.30 47.77
CA UNK F 15 -54.29 2.08 47.95
C UNK F 15 -54.76 2.39 49.35
N UNK F 16 -54.05 1.96 50.47
CA UNK F 16 -54.45 2.33 51.87
C UNK F 16 -54.37 3.83 52.09
N UNK F 17 -53.39 4.56 51.46
CA UNK F 17 -53.18 5.98 51.58
C UNK F 17 -54.34 6.79 51.12
N UNK F 18 -54.82 6.27 49.99
CA UNK F 18 -55.98 6.85 49.36
C UNK F 18 -57.27 6.77 50.16
N UNK F 19 -57.43 5.52 50.68
CA UNK F 19 -58.56 5.11 51.42
C UNK F 19 -58.69 5.80 52.71
N UNK F 20 -57.56 6.09 53.44
CA UNK F 20 -57.42 6.93 54.62
C UNK F 20 -57.84 8.31 54.34
N UNK F 21 -57.62 8.71 53.13
CA UNK F 21 -58.11 10.05 52.73
C UNK F 21 -59.62 10.20 52.58
N UNK F 22 -60.23 9.21 51.91
CA UNK F 22 -61.70 9.17 51.61
C UNK F 22 -62.53 9.12 52.86
N UNK F 23 -62.07 8.21 53.77
CA UNK F 23 -62.73 8.11 55.08
C UNK F 23 -62.54 9.25 55.94
N UNK F 24 -61.34 9.89 55.93
CA UNK F 24 -61.18 11.15 56.64
C UNK F 24 -61.96 12.36 56.15
N UNK F 25 -62.19 12.48 54.79
CA UNK F 25 -63.05 13.57 54.28
C UNK F 25 -64.51 13.51 54.70
N UNK F 26 -65.05 12.33 54.78
CA UNK F 26 -66.42 12.09 55.14
C UNK F 26 -66.77 12.66 56.52
N UNK F 27 -65.82 12.60 57.45
CA UNK F 27 -65.80 13.24 58.75
C UNK F 27 -65.74 14.69 58.77
N UNK F 28 -64.96 15.29 57.83
CA UNK F 28 -64.82 16.71 57.58
C UNK F 28 -66.21 17.39 57.33
N UNK F 29 -66.95 16.77 56.44
CA UNK F 29 -68.26 17.12 56.00
C UNK F 29 -69.30 16.81 57.13
N UNK F 30 -69.24 15.63 57.92
CA UNK F 30 -70.18 15.28 59.00
C UNK F 30 -70.13 16.31 60.09
N UNK F 31 -68.87 16.70 60.48
CA UNK F 31 -68.55 17.59 61.55
C UNK F 31 -69.12 18.94 61.22
N UNK F 32 -69.12 19.35 59.89
CA UNK F 32 -69.63 20.63 59.37
C UNK F 32 -71.06 20.69 59.62
N UNK F 33 -71.70 19.48 59.38
CA UNK F 33 -73.11 19.33 59.53
C UNK F 33 -73.71 19.38 60.96
N UNK F 34 -73.01 18.66 61.92
CA UNK F 34 -73.28 18.71 63.35
C UNK F 34 -73.01 19.98 63.97
N UNK F 35 -72.01 20.77 63.46
CA UNK F 35 -71.76 22.16 63.87
C UNK F 35 -72.90 23.01 63.41
N UNK F 36 -73.44 22.85 62.21
CA UNK F 36 -74.54 23.66 61.67
C UNK F 36 -75.87 23.48 62.36
N UNK F 37 -76.20 22.24 62.75
CA UNK F 37 -77.31 21.78 63.51
C UNK F 37 -77.34 22.40 64.90
N UNK F 38 -76.09 22.57 65.49
CA UNK F 38 -75.90 23.17 66.80
C UNK F 38 -76.31 24.63 66.69
N UNK F 39 -75.83 25.26 65.56
CA UNK F 39 -76.13 26.68 65.33
C UNK F 39 -77.62 26.86 65.23
N UNK F 40 -78.39 26.03 64.40
CA UNK F 40 -79.81 26.40 64.19
C UNK F 40 -80.66 26.36 65.37
N UNK F 41 -80.46 25.33 66.23
CA UNK F 41 -81.24 25.15 67.41
C UNK F 41 -81.06 26.35 68.34
N UNK F 42 -79.80 26.83 68.52
CA UNK F 42 -79.53 27.90 69.43
C UNK F 42 -80.15 29.25 69.09
N UNK F 43 -79.97 29.56 67.82
CA UNK F 43 -80.21 30.85 67.12
C UNK F 43 -81.68 31.26 67.14
N UNK F 44 -82.61 30.36 66.73
CA UNK F 44 -84.06 30.53 66.82
C UNK F 44 -84.71 29.15 67.25
N GLN A 55 -68.08 36.55 68.50
CA GLN A 55 -69.02 36.49 67.38
C GLN A 55 -68.31 36.70 66.09
N GLU A 56 -68.21 37.95 65.69
CA GLU A 56 -67.49 38.47 64.61
C GLU A 56 -66.05 38.24 64.79
N ALA A 57 -65.52 38.42 66.04
CA ALA A 57 -64.10 38.21 66.26
C ALA A 57 -63.72 36.76 65.98
N LEU A 58 -64.58 35.83 66.40
CA LEU A 58 -64.42 34.42 66.25
C LEU A 58 -64.37 33.98 64.80
N VAL A 59 -65.35 34.60 63.96
CA VAL A 59 -65.52 34.43 62.54
C VAL A 59 -64.28 34.88 61.73
N VAL A 60 -63.76 36.05 62.16
CA VAL A 60 -62.54 36.66 61.64
C VAL A 60 -61.35 35.78 61.89
N LYS A 61 -61.21 35.17 63.08
CA LYS A 61 -60.13 34.31 63.43
C LYS A 61 -60.10 33.04 62.58
N ASP A 62 -61.36 32.44 62.40
CA ASP A 62 -61.63 31.23 61.64
C ASP A 62 -61.26 31.54 60.18
N LEU A 63 -61.59 32.74 59.52
CA LEU A 63 -61.17 33.01 58.18
C LEU A 63 -59.71 33.10 57.98
N LEU A 64 -58.94 33.74 58.87
CA LEU A 64 -57.52 33.98 58.85
C LEU A 64 -56.81 32.69 58.83
N ASN A 65 -57.24 31.67 59.67
CA ASN A 65 -56.59 30.41 59.78
C ASN A 65 -56.65 29.62 58.53
N VAL A 66 -57.84 29.76 57.86
CA VAL A 66 -58.00 29.05 56.61
C VAL A 66 -57.04 29.45 55.52
N LEU A 67 -56.80 30.76 55.33
CA LEU A 67 -55.94 31.32 54.33
C LEU A 67 -54.44 30.83 54.46
N ILE A 68 -53.83 30.61 55.68
CA ILE A 68 -52.53 30.01 55.94
C ILE A 68 -52.47 28.53 55.67
N GLY A 69 -53.62 27.94 55.72
CA GLY A 69 -53.90 26.54 55.35
C GLY A 69 -53.35 25.79 56.54
N LEU A 70 -52.38 24.89 56.26
CA LEU A 70 -51.81 24.07 57.28
C LEU A 70 -52.68 23.02 57.87
N GLU A 71 -52.11 21.71 57.98
CA GLU A 71 -52.98 20.62 58.60
C GLU A 71 -53.43 20.78 60.06
N GLY A 72 -54.43 20.07 60.56
CA GLY A 72 -54.81 20.18 61.94
C GLY A 72 -55.91 19.20 62.29
N THR A 73 -56.20 19.04 63.61
CA THR A 73 -57.30 18.25 64.04
C THR A 73 -58.59 18.90 63.73
N TYR A 74 -58.64 20.26 63.96
CA TYR A 74 -59.82 21.10 63.88
C TYR A 74 -59.77 21.97 62.74
N ILE A 75 -58.56 22.26 62.08
CA ILE A 75 -58.50 22.84 60.74
C ILE A 75 -58.25 21.75 59.74
N ARG A 76 -59.45 21.33 59.16
CA ARG A 76 -59.53 20.12 58.42
C ARG A 76 -59.24 20.39 56.98
N TYR A 77 -58.92 19.34 56.22
CA TYR A 77 -58.54 19.35 54.84
C TYR A 77 -59.58 18.60 54.10
N PHE A 78 -60.22 19.24 53.09
CA PHE A 78 -61.22 18.64 52.24
C PHE A 78 -60.54 18.51 50.98
N ASN A 79 -60.58 17.30 50.39
CA ASN A 79 -59.85 16.91 49.20
C ASN A 79 -60.40 17.60 47.94
N ASP A 80 -59.59 17.47 46.80
CA ASP A 80 -59.71 17.98 45.44
C ASP A 80 -59.15 19.37 45.26
N ILE A 90 -60.99 21.55 46.37
CA ILE A 90 -60.97 22.47 47.54
C ILE A 90 -59.61 22.88 48.02
N GLU A 91 -59.22 22.41 49.20
CA GLU A 91 -58.08 22.73 50.12
C GLU A 91 -58.61 22.67 51.54
N PHE A 92 -58.06 23.43 52.51
CA PHE A 92 -58.45 23.48 53.87
C PHE A 92 -59.80 24.17 54.10
N LYS A 93 -60.64 23.60 55.07
CA LYS A 93 -61.94 24.17 55.29
C LYS A 93 -62.16 24.23 56.82
N ILE A 94 -63.01 25.22 57.32
CA ILE A 94 -63.42 25.28 58.71
C ILE A 94 -65.00 25.37 58.68
N ALA A 95 -65.68 24.95 59.83
CA ALA A 95 -67.08 24.89 59.93
C ALA A 95 -67.66 26.26 59.75
N LYS A 96 -68.84 26.19 59.11
CA LYS A 96 -69.45 27.38 58.49
C LYS A 96 -70.63 27.65 59.49
N LYS A 97 -70.48 28.66 60.38
CA LYS A 97 -71.42 29.04 61.42
C LYS A 97 -71.54 30.53 61.19
N MET A 98 -70.86 31.07 60.17
CA MET A 98 -70.76 32.48 59.69
C MET A 98 -71.76 32.88 58.66
N ASP A 99 -71.91 34.24 58.48
CA ASP A 99 -72.89 34.79 57.56
C ASP A 99 -72.58 34.50 56.08
N PRO A 100 -73.53 34.88 55.20
CA PRO A 100 -73.37 34.65 53.73
C PRO A 100 -72.16 35.48 53.23
N SER A 101 -71.85 36.62 53.79
CA SER A 101 -70.80 37.52 53.38
C SER A 101 -69.40 36.93 53.52
N PHE A 102 -69.11 36.41 54.77
CA PHE A 102 -67.96 35.78 55.32
C PHE A 102 -67.70 34.50 54.63
N LYS A 103 -68.76 33.68 54.40
CA LYS A 103 -68.73 32.46 53.70
C LYS A 103 -68.34 32.74 52.29
N THR A 104 -68.83 33.79 51.60
CA THR A 104 -68.45 34.12 50.27
C THR A 104 -66.95 34.43 50.16
N PHE A 105 -66.41 35.20 51.07
CA PHE A 105 -64.98 35.54 51.13
C PHE A 105 -64.20 34.20 51.30
N SER A 106 -64.68 33.24 52.20
CA SER A 106 -63.96 32.02 52.48
C SER A 106 -63.87 31.15 51.25
N ARG A 107 -64.90 31.23 50.35
CA ARG A 107 -64.95 30.57 49.09
C ARG A 107 -63.79 31.08 48.17
N ARG A 108 -63.66 32.41 48.15
CA ARG A 108 -62.69 33.08 47.34
C ARG A 108 -61.29 32.67 47.75
N ILE A 109 -61.05 32.53 49.12
CA ILE A 109 -59.78 32.19 49.84
C ILE A 109 -59.43 30.77 49.38
N VAL A 110 -60.44 29.84 49.09
CA VAL A 110 -60.22 28.45 48.59
C VAL A 110 -59.39 28.49 47.28
N ARG A 111 -59.66 29.47 46.36
CA ARG A 111 -59.05 29.61 45.15
C ARG A 111 -57.59 29.88 45.24
N TYR A 112 -57.25 30.78 46.17
CA TYR A 112 -55.92 31.15 46.50
C TYR A 112 -55.11 29.94 47.03
N GLY A 113 -55.78 29.21 47.87
CA GLY A 113 -55.30 28.01 48.45
C GLY A 113 -55.05 26.82 47.50
N LYS A 114 -55.89 26.64 46.47
CA LYS A 114 -55.76 25.66 45.46
C LYS A 114 -54.57 25.90 44.59
N GLN A 115 -54.39 27.17 44.18
CA GLN A 115 -53.38 27.45 43.19
C GLN A 115 -52.03 27.13 43.75
N TYR A 116 -51.78 27.50 44.98
CA TYR A 116 -50.55 27.16 45.62
C TYR A 116 -50.33 25.70 45.68
N MET A 117 -51.40 24.96 46.02
CA MET A 117 -51.40 23.60 46.27
C MET A 117 -51.06 22.78 45.05
N ILE A 118 -51.64 23.19 43.86
CA ILE A 118 -51.56 22.59 42.59
C ILE A 118 -50.12 22.70 42.08
N LEU A 119 -49.48 23.89 42.27
CA LEU A 119 -48.12 24.13 41.95
C LEU A 119 -47.14 23.31 42.76
N THR A 120 -47.39 23.15 44.06
CA THR A 120 -46.54 22.30 44.95
C THR A 120 -46.37 20.88 44.55
N ARG A 121 -47.50 20.27 44.08
CA ARG A 121 -47.53 18.96 43.55
C ARG A 121 -46.65 18.88 42.35
N ALA A 122 -46.78 19.88 41.49
CA ALA A 122 -46.14 19.90 40.18
C ALA A 122 -44.66 19.90 40.29
N TYR A 123 -44.11 20.66 41.17
CA TYR A 123 -42.64 20.94 41.33
C TYR A 123 -41.88 19.67 41.73
N GLU A 124 -42.48 18.80 42.61
CA GLU A 124 -41.92 17.60 43.15
C GLU A 124 -41.61 16.63 42.03
N LYS A 125 -42.45 16.65 40.97
CA LYS A 125 -42.36 15.68 39.94
C LYS A 125 -40.98 15.73 39.20
N TRP A 126 -40.41 16.93 38.85
CA TRP A 126 -39.31 17.04 37.97
C TRP A 126 -38.17 17.61 38.74
N SER A 127 -38.09 17.24 40.06
CA SER A 127 -36.93 17.50 40.90
C SER A 127 -36.85 16.16 41.53
N ASP A 128 -35.60 15.77 41.76
CA ASP A 128 -35.18 14.50 42.46
C ASP A 128 -35.01 13.51 41.39
N THR A 129 -36.06 13.24 40.57
CA THR A 129 -36.04 12.19 39.55
C THR A 129 -36.49 13.08 38.45
N SER A 130 -35.64 13.28 37.35
CA SER A 130 -35.83 14.36 36.43
C SER A 130 -36.07 13.67 35.20
N PHE A 131 -36.84 14.31 34.27
CA PHE A 131 -37.28 13.70 33.04
C PHE A 131 -36.98 14.60 31.98
N GLY A 132 -36.12 15.63 32.27
CA GLY A 132 -35.59 16.47 31.24
C GLY A 132 -34.94 17.59 32.05
N MET A 133 -33.82 18.04 31.47
CA MET A 133 -33.03 19.07 32.05
C MET A 133 -33.85 20.39 32.07
N VAL A 134 -34.59 20.62 30.94
CA VAL A 134 -35.43 21.79 30.67
C VAL A 134 -36.60 21.80 31.65
N LEU A 135 -37.14 20.60 31.84
CA LEU A 135 -38.29 20.44 32.78
C LEU A 135 -37.98 20.79 34.16
N GLN A 136 -36.80 20.37 34.69
CA GLN A 136 -36.30 20.74 36.02
C GLN A 136 -36.04 22.22 36.19
N ARG A 137 -35.52 22.89 35.16
CA ARG A 137 -35.27 24.32 35.14
C ARG A 137 -36.51 25.06 35.24
N PHE A 138 -37.57 24.53 34.52
CA PHE A 138 -38.92 25.21 34.48
C PHE A 138 -39.47 25.20 35.92
N ALA A 139 -39.38 23.99 36.54
CA ALA A 139 -39.89 23.86 37.97
C ALA A 139 -39.21 24.65 38.99
N TYR A 140 -37.83 24.72 38.93
CA TYR A 140 -37.12 25.42 39.91
C TYR A 140 -37.30 26.94 40.00
N GLU A 141 -37.28 27.60 38.80
CA GLU A 141 -37.61 29.04 38.70
C GLU A 141 -39.01 29.45 39.05
N ILE A 142 -40.00 28.61 38.57
CA ILE A 142 -41.40 28.87 38.81
C ILE A 142 -41.87 28.82 40.26
N ARG A 143 -41.39 27.85 41.00
CA ARG A 143 -41.68 27.72 42.43
C ARG A 143 -41.14 28.87 43.22
N ARG A 144 -39.94 29.28 42.91
CA ARG A 144 -39.33 30.33 43.63
C ARG A 144 -40.06 31.65 43.44
N PHE A 145 -40.54 32.07 42.19
CA PHE A 145 -41.18 33.41 42.11
C PHE A 145 -42.39 33.45 42.88
N LEU A 146 -43.19 32.42 42.68
CA LEU A 146 -44.50 32.38 43.36
C LEU A 146 -44.45 32.32 44.89
N GLU A 147 -43.51 31.42 45.40
CA GLU A 147 -43.51 31.21 46.84
C GLU A 147 -43.18 32.44 47.62
N ASP A 148 -42.20 33.17 47.14
CA ASP A 148 -41.66 34.32 47.85
C ASP A 148 -42.70 35.40 48.03
N VAL A 149 -43.50 35.75 46.93
CA VAL A 149 -44.49 36.87 47.00
C VAL A 149 -45.57 36.52 48.02
N TYR A 150 -46.08 35.24 47.96
CA TYR A 150 -47.24 34.83 48.74
C TYR A 150 -46.97 34.81 50.24
N LEU A 151 -45.76 34.24 50.61
CA LEU A 151 -45.44 34.04 51.97
C LEU A 151 -45.25 35.33 52.67
N LYS A 152 -44.46 36.24 52.00
CA LYS A 152 -44.07 37.47 52.71
C LYS A 152 -45.23 38.32 53.07
N THR A 153 -46.13 38.55 52.11
CA THR A 153 -47.27 39.37 52.19
C THR A 153 -48.31 38.83 53.18
N LEU A 154 -48.68 37.51 53.15
CA LEU A 154 -49.84 37.01 53.87
C LEU A 154 -49.50 37.17 55.29
N VAL A 155 -48.25 36.80 55.63
CA VAL A 155 -47.81 36.67 57.06
C VAL A 155 -47.77 38.00 57.83
N GLU A 156 -47.20 39.01 57.13
CA GLU A 156 -47.16 40.35 57.85
C GLU A 156 -48.58 40.93 58.12
N ARG A 157 -49.43 40.84 57.08
CA ARG A 157 -50.70 41.46 57.07
C ARG A 157 -51.57 40.87 58.18
N LEU A 158 -51.53 39.53 58.36
CA LEU A 158 -52.23 38.93 59.42
C LEU A 158 -51.76 39.28 60.82
N GLU A 159 -50.42 39.31 61.10
CA GLU A 159 -49.96 39.61 62.50
C GLU A 159 -50.35 40.98 62.95
N ARG A 160 -50.21 41.99 62.06
CA ARG A 160 -50.49 43.37 62.41
C ARG A 160 -52.00 43.64 62.84
N ASP A 161 -52.86 43.00 61.98
CA ASP A 161 -54.25 43.08 61.99
C ASP A 161 -54.83 42.51 63.26
N PHE A 162 -54.28 41.38 63.68
CA PHE A 162 -54.56 40.67 64.86
C PHE A 162 -54.15 41.43 66.09
N ASN A 163 -52.92 42.05 66.10
CA ASN A 163 -52.28 42.85 67.16
C ASN A 163 -53.14 44.07 67.40
N LYS A 164 -53.64 44.85 66.38
CA LYS A 164 -54.41 46.09 66.56
C LYS A 164 -55.72 45.87 67.23
N VAL A 165 -56.57 44.90 66.81
CA VAL A 165 -57.83 44.50 67.50
C VAL A 165 -58.06 43.04 67.06
N PRO A 166 -58.86 42.20 67.77
CA PRO A 166 -58.95 40.85 67.26
C PRO A 166 -60.03 40.65 66.23
N ASN A 167 -60.62 41.81 65.76
CA ASN A 167 -61.63 41.85 64.82
C ASN A 167 -60.95 42.82 63.86
N PHE A 168 -60.75 42.31 62.59
CA PHE A 168 -60.25 43.03 61.46
C PHE A 168 -60.84 42.40 60.15
N SER A 169 -60.53 43.05 58.95
CA SER A 169 -61.25 42.73 57.72
C SER A 169 -60.19 42.16 56.79
N ILE A 170 -60.39 40.89 56.41
CA ILE A 170 -59.76 39.98 55.48
C ILE A 170 -59.90 40.54 54.09
N ARG A 171 -60.98 41.14 53.75
CA ARG A 171 -61.39 41.53 52.35
C ARG A 171 -60.43 42.41 51.65
N GLU A 172 -59.88 43.47 52.30
CA GLU A 172 -58.94 44.44 51.65
C GLU A 172 -57.69 43.77 51.32
N LEU A 173 -57.14 42.89 52.21
CA LEU A 173 -55.89 42.23 52.05
C LEU A 173 -55.92 41.29 50.79
N GLU A 174 -57.11 40.51 50.69
CA GLU A 174 -57.46 39.56 49.63
C GLU A 174 -57.63 40.24 48.31
N GLN A 175 -58.27 41.43 48.16
CA GLN A 175 -58.52 42.03 46.90
C GLN A 175 -57.29 42.38 46.13
N ILE A 176 -56.18 42.94 46.73
CA ILE A 176 -54.99 43.25 45.92
C ILE A 176 -54.30 42.08 45.43
N ILE A 177 -54.06 41.07 46.35
CA ILE A 177 -53.23 39.95 46.20
C ILE A 177 -53.76 39.03 45.12
N ASN A 178 -55.09 38.87 45.15
CA ASN A 178 -55.87 37.95 44.36
C ASN A 178 -55.80 38.13 42.85
N GLU A 179 -55.78 39.41 42.37
CA GLU A 179 -55.84 39.77 40.96
C GLU A 179 -54.61 39.33 40.23
N THR A 180 -53.45 39.57 40.88
CA THR A 180 -52.19 39.42 40.28
C THR A 180 -51.92 37.94 39.91
N GLU A 181 -52.13 37.01 40.88
CA GLU A 181 -51.84 35.58 40.72
C GLU A 181 -52.71 35.05 39.66
N VAL A 182 -54.07 35.35 39.74
CA VAL A 182 -55.11 34.54 39.09
C VAL A 182 -54.90 34.53 37.62
N ASN A 183 -54.74 35.77 36.97
CA ASN A 183 -54.86 35.92 35.57
C ASN A 183 -53.70 35.17 35.00
N LYS A 184 -52.46 35.44 35.49
CA LYS A 184 -51.31 34.92 34.76
C LYS A 184 -51.33 33.40 34.88
N GLN A 185 -51.43 32.97 36.11
CA GLN A 185 -50.99 31.63 36.41
C GLN A 185 -51.86 30.51 35.89
N MET A 186 -53.27 30.61 36.01
CA MET A 186 -54.04 29.36 35.92
C MET A 186 -53.97 28.71 34.56
N GLU A 187 -54.11 29.54 33.55
CA GLU A 187 -54.15 29.10 32.16
C GLU A 187 -52.90 28.58 31.59
N LEU A 188 -51.77 29.32 31.89
CA LEU A 188 -50.44 29.02 31.45
C LEU A 188 -49.99 27.69 32.02
N LEU A 189 -50.18 27.46 33.38
CA LEU A 189 -49.74 26.21 34.03
C LEU A 189 -50.52 25.04 33.59
N TYR A 190 -51.83 25.17 33.36
CA TYR A 190 -52.69 24.06 32.91
C TYR A 190 -52.24 23.55 31.49
N ASN A 191 -51.90 24.46 30.54
CA ASN A 191 -51.33 24.05 29.24
C ASN A 191 -49.99 23.38 29.36
N ILE A 192 -49.06 23.89 30.15
CA ILE A 192 -47.73 23.38 30.29
C ILE A 192 -47.66 21.98 30.90
N TYR A 193 -48.43 21.62 31.98
CA TYR A 193 -48.43 20.27 32.48
C TYR A 193 -48.89 19.22 31.50
N GLU A 194 -50.03 19.58 30.76
CA GLU A 194 -50.58 18.64 29.76
C GLU A 194 -49.62 18.34 28.67
N GLU A 195 -48.90 19.38 28.22
CA GLU A 195 -47.90 19.25 27.21
C GLU A 195 -46.76 18.39 27.67
N ILE A 196 -46.39 18.61 28.96
CA ILE A 196 -45.19 17.92 29.49
C ILE A 196 -45.36 16.43 29.53
N PHE A 197 -46.54 15.89 29.94
CA PHE A 197 -46.81 14.43 29.93
C PHE A 197 -46.73 13.78 28.60
N ARG A 198 -47.31 14.53 27.58
CA ARG A 198 -47.38 14.04 26.23
C ARG A 198 -46.00 13.88 25.66
N GLU A 199 -45.15 14.84 25.95
CA GLU A 199 -43.77 14.90 25.52
C GLU A 199 -42.92 13.84 26.08
N ILE A 200 -43.11 13.49 27.36
CA ILE A 200 -42.45 12.33 28.01
C ILE A 200 -42.91 11.00 27.32
N GLU A 201 -44.24 10.89 27.02
CA GLU A 201 -44.86 9.72 26.35
C GLU A 201 -44.28 9.49 25.00
N GLU A 202 -44.05 10.56 24.24
CA GLU A 202 -43.43 10.62 22.90
C GLU A 202 -41.99 10.18 22.94
N ARG A 203 -41.22 10.68 24.02
CA ARG A 203 -39.81 10.50 24.17
C ARG A 203 -39.40 9.07 24.37
N ARG A 204 -40.23 8.37 25.20
CA ARG A 204 -40.17 6.99 25.53
C ARG A 204 -40.42 6.07 24.38
N THR A 205 -41.39 6.37 23.45
CA THR A 205 -41.76 5.51 22.25
C THR A 205 -40.73 5.81 21.11
N LYS A 243 -38.17 18.19 25.13
CA LYS A 243 -36.96 18.51 24.42
C LYS A 243 -36.85 20.03 24.29
N GLY A 244 -35.57 20.54 24.11
CA GLY A 244 -35.32 21.94 24.31
C GLY A 244 -36.17 22.86 23.42
N GLY A 245 -36.11 22.58 22.14
CA GLY A 245 -36.74 23.34 21.09
C GLY A 245 -38.17 23.30 21.12
N ALA A 246 -38.78 22.11 21.52
CA ALA A 246 -40.22 21.88 21.61
C ALA A 246 -41.03 22.72 22.58
N ILE A 247 -40.41 22.97 23.80
CA ILE A 247 -40.80 23.86 24.86
C ILE A 247 -40.78 25.28 24.49
N LEU A 248 -39.71 25.69 23.78
CA LEU A 248 -39.39 26.98 23.29
C LEU A 248 -40.44 27.41 22.27
N LYS A 249 -40.94 26.42 21.39
CA LYS A 249 -42.10 26.57 20.46
C LYS A 249 -43.38 26.80 21.13
N ILE A 250 -43.66 26.04 22.24
CA ILE A 250 -44.86 26.03 23.11
C ILE A 250 -45.06 27.30 23.77
N PHE A 251 -43.91 27.80 24.27
CA PHE A 251 -43.86 29.09 24.99
C PHE A 251 -44.19 30.18 24.04
N GLN A 252 -43.70 30.22 22.79
CA GLN A 252 -43.94 31.27 21.84
C GLN A 252 -45.36 31.31 21.44
N GLN A 253 -46.01 30.13 21.23
CA GLN A 253 -47.40 30.01 20.93
C GLN A 253 -48.24 30.53 22.11
N LYS A 254 -47.78 30.25 23.38
CA LYS A 254 -48.52 30.72 24.52
C LYS A 254 -48.46 32.24 24.53
N ILE A 255 -47.36 32.94 24.17
CA ILE A 255 -47.23 34.41 24.37
C ILE A 255 -48.23 35.09 23.49
N LEU A 256 -48.35 34.51 22.20
CA LEU A 256 -49.21 34.95 21.14
C LEU A 256 -50.74 34.84 21.46
N GLU A 257 -51.01 33.68 22.11
CA GLU A 257 -52.28 33.41 22.67
C GLU A 257 -52.80 34.19 23.84
N ASN A 258 -51.93 34.67 24.79
CA ASN A 258 -52.38 35.60 25.82
C ASN A 258 -52.89 36.95 25.31
N LEU A 259 -52.35 37.27 24.12
CA LEU A 259 -52.55 38.34 23.22
C LEU A 259 -52.48 39.75 23.80
N GLY A 260 -51.44 39.95 24.61
CA GLY A 260 -50.95 41.20 25.09
C GLY A 260 -51.60 41.56 26.34
N ASP A 261 -51.86 40.59 27.29
CA ASP A 261 -52.20 40.92 28.59
C ASP A 261 -50.88 40.94 29.32
N ARG A 262 -50.62 42.01 30.03
CA ARG A 262 -49.36 42.43 30.63
C ARG A 262 -48.76 41.40 31.54
N SER A 263 -49.61 40.83 32.47
CA SER A 263 -49.29 40.01 33.59
C SER A 263 -48.69 38.71 33.04
N SER A 264 -49.46 38.15 32.05
CA SER A 264 -49.27 36.89 31.40
C SER A 264 -48.04 36.96 30.55
N VAL A 265 -47.85 37.99 29.69
CA VAL A 265 -46.68 38.07 28.87
C VAL A 265 -45.34 38.09 29.73
N MET A 266 -45.28 38.90 30.80
CA MET A 266 -44.16 39.06 31.67
C MET A 266 -43.82 37.76 32.33
N PHE A 267 -44.86 37.00 32.82
CA PHE A 267 -44.59 35.68 33.48
C PHE A 267 -43.94 34.75 32.47
N LEU A 268 -44.57 34.65 31.29
CA LEU A 268 -44.14 33.77 30.24
C LEU A 268 -42.81 34.13 29.76
N LYS A 269 -42.44 35.39 29.60
CA LYS A 269 -41.11 35.88 29.24
C LYS A 269 -39.96 35.52 30.20
N LYS A 270 -40.15 35.64 31.57
CA LYS A 270 -39.15 35.22 32.57
C LYS A 270 -38.81 33.78 32.52
N LEU A 271 -39.87 32.96 32.32
CA LEU A 271 -39.64 31.51 32.19
C LEU A 271 -38.88 31.04 30.97
N LEU A 272 -39.15 31.72 29.82
CA LEU A 272 -38.59 31.55 28.54
C LEU A 272 -37.11 31.88 28.46
N ASN A 273 -36.62 33.00 29.17
CA ASN A 273 -35.23 33.21 29.30
C ASN A 273 -34.38 32.13 30.01
N ASN A 274 -34.85 31.56 31.18
CA ASN A 274 -34.14 30.41 31.74
C ASN A 274 -34.09 29.21 30.77
N ILE A 275 -35.20 28.90 30.10
CA ILE A 275 -35.38 27.69 29.32
C ILE A 275 -34.43 27.77 28.13
N SER A 276 -34.33 29.00 27.56
CA SER A 276 -33.62 29.23 26.34
C SER A 276 -32.12 28.96 26.44
N GLN A 277 -31.56 29.09 27.71
CA GLN A 277 -30.15 28.89 27.94
C GLN A 277 -29.62 27.53 27.53
N ASP A 278 -30.41 26.45 27.85
CA ASP A 278 -30.10 25.09 27.51
C ASP A 278 -30.09 24.81 26.00
N TYR A 279 -31.08 25.32 25.22
CA TYR A 279 -31.19 25.18 23.80
C TYR A 279 -30.01 25.86 23.20
N CYS A 280 -29.64 27.08 23.69
CA CYS A 280 -28.58 27.88 23.10
C CYS A 280 -27.32 27.10 23.17
N THR A 281 -27.08 26.48 24.35
CA THR A 281 -25.89 25.72 24.63
C THR A 281 -25.83 24.45 23.79
N MET A 282 -26.95 23.73 23.62
CA MET A 282 -27.04 22.47 22.87
C MET A 282 -26.74 22.68 21.38
N LEU A 283 -27.30 23.75 20.79
CA LEU A 283 -27.00 24.16 19.42
C LEU A 283 -25.54 24.53 19.32
N TYR A 284 -24.96 25.25 20.30
CA TYR A 284 -23.64 25.67 20.15
C TYR A 284 -22.70 24.53 20.10
N GLU A 285 -22.89 23.56 21.04
CA GLU A 285 -22.00 22.39 21.15
C GLU A 285 -22.08 21.57 19.88
N TRP A 286 -23.28 21.36 19.34
CA TRP A 286 -23.41 20.57 18.18
C TRP A 286 -22.79 21.18 16.92
N LEU A 287 -23.24 22.33 16.57
CA LEU A 287 -22.90 22.98 15.30
C LEU A 287 -21.46 23.45 15.15
N THR A 288 -20.94 24.02 16.23
CA THR A 288 -19.63 24.60 16.50
C THR A 288 -18.67 23.53 16.88
N GLN A 289 -19.00 22.42 17.61
CA GLN A 289 -17.94 21.50 18.05
C GLN A 289 -18.32 20.02 17.82
N GLY A 290 -19.24 19.66 16.94
CA GLY A 290 -19.52 18.34 16.44
C GLY A 290 -19.93 17.28 17.43
N ILE A 291 -20.38 17.64 18.64
CA ILE A 291 -20.69 16.62 19.62
C ILE A 291 -21.85 17.16 20.38
N LEU A 292 -22.74 16.24 20.68
CA LEU A 292 -23.95 16.63 21.36
C LEU A 292 -24.13 15.41 22.21
N ASN A 293 -24.38 15.65 23.46
CA ASN A 293 -24.78 14.67 24.40
C ASN A 293 -25.79 15.30 25.28
N ASP A 294 -26.79 14.47 25.64
CA ASP A 294 -28.01 14.80 26.41
C ASP A 294 -28.06 13.72 27.53
N PRO A 295 -28.47 14.04 28.70
CA PRO A 295 -28.62 13.01 29.75
C PRO A 295 -29.92 12.26 29.69
N TYR A 296 -30.89 12.74 28.87
CA TYR A 296 -32.30 12.33 28.85
C TYR A 296 -32.83 12.11 27.50
N GLN A 297 -32.22 12.82 26.56
CA GLN A 297 -32.50 12.80 25.12
C GLN A 297 -33.49 13.91 24.83
N GLU A 298 -32.96 15.18 24.87
CA GLU A 298 -33.63 16.44 24.70
C GLU A 298 -33.38 16.94 23.27
N PHE A 299 -33.26 16.03 22.32
CA PHE A 299 -32.86 16.52 21.04
C PHE A 299 -33.22 15.53 19.99
N MET A 300 -33.39 16.11 18.75
CA MET A 300 -33.95 15.43 17.54
C MET A 300 -32.90 15.07 16.52
N THR A 301 -31.63 15.16 16.93
CA THR A 301 -30.50 14.65 16.16
C THR A 301 -30.10 13.33 16.74
N TYR A 302 -29.83 12.29 15.89
CA TYR A 302 -29.55 10.97 16.34
C TYR A 302 -28.31 10.59 15.56
N ASP A 303 -27.42 9.73 16.13
CA ASP A 303 -26.36 9.24 15.40
C ASP A 303 -26.75 8.12 14.39
N ASP A 304 -25.89 7.95 13.32
CA ASP A 304 -26.09 6.97 12.24
C ASP A 304 -27.13 7.52 11.25
N TRP A 320 -12.34 10.24 6.60
CA TRP A 320 -13.06 10.65 7.80
C TRP A 320 -14.47 10.90 7.37
N ASP A 321 -15.42 10.05 7.85
CA ASP A 321 -16.81 10.20 7.64
C ASP A 321 -17.51 9.64 8.87
N THR A 322 -18.66 10.30 9.19
CA THR A 322 -19.56 10.06 10.27
C THR A 322 -20.84 10.44 9.68
N GLN A 323 -21.96 9.81 10.11
CA GLN A 323 -23.24 10.19 9.63
C GLN A 323 -24.20 10.31 10.77
N TYR A 324 -25.20 11.19 10.64
CA TYR A 324 -26.26 11.45 11.59
C TYR A 324 -27.50 11.56 10.78
N PHE A 325 -28.64 11.30 11.44
CA PHE A 325 -29.86 11.52 10.72
C PHE A 325 -30.87 11.85 11.81
N ILE A 326 -32.11 12.25 11.39
CA ILE A 326 -33.23 12.69 12.16
C ILE A 326 -34.03 11.45 12.57
N ARG A 327 -34.46 11.34 13.88
CA ARG A 327 -35.19 10.14 14.28
C ARG A 327 -36.55 10.47 14.31
N LYS A 328 -37.39 9.60 13.79
CA LYS A 328 -38.83 9.79 13.52
C LYS A 328 -39.61 9.03 14.48
N ASP A 329 -38.99 8.53 15.59
CA ASP A 329 -39.82 7.69 16.57
C ASP A 329 -39.96 8.53 17.86
N VAL A 330 -39.05 9.51 18.07
CA VAL A 330 -39.01 10.38 19.23
C VAL A 330 -39.40 11.76 18.71
N LEU A 331 -39.77 11.83 17.42
CA LEU A 331 -40.19 13.08 16.73
C LEU A 331 -41.33 13.73 17.49
N LEU A 332 -41.17 15.03 17.60
CA LEU A 332 -42.13 15.96 18.16
C LEU A 332 -41.77 17.28 17.63
N ARG A 333 -40.65 17.25 16.86
CA ARG A 333 -40.03 18.47 16.35
C ARG A 333 -39.56 19.56 17.30
N ASP A 334 -38.51 20.27 16.83
CA ASP A 334 -38.08 21.40 17.61
C ASP A 334 -39.04 22.62 17.44
N CYS A 335 -39.31 22.96 16.20
CA CYS A 335 -40.33 23.91 15.84
C CYS A 335 -41.54 23.09 15.55
N ASP A 336 -42.03 23.03 14.27
CA ASP A 336 -43.17 22.23 13.82
C ASP A 336 -42.98 22.10 12.30
N SER A 337 -43.62 21.01 11.77
CA SER A 337 -43.87 20.71 10.36
C SER A 337 -42.61 20.37 9.57
N GLU A 338 -42.66 20.50 8.21
CA GLU A 338 -41.58 20.29 7.24
C GLU A 338 -40.48 21.26 7.43
N GLU A 339 -40.83 22.49 7.82
CA GLU A 339 -39.99 23.63 7.96
C GLU A 339 -38.94 23.40 9.03
N ASP A 340 -39.26 22.77 10.14
CA ASP A 340 -38.32 22.22 11.16
C ASP A 340 -37.41 21.16 10.62
N LYS A 341 -38.02 20.16 9.88
CA LYS A 341 -37.25 18.97 9.48
C LYS A 341 -36.13 19.34 8.51
N ASN A 342 -36.40 20.26 7.55
CA ASN A 342 -35.44 20.78 6.60
C ASN A 342 -34.33 21.58 7.26
N LEU A 343 -34.63 22.40 8.33
CA LEU A 343 -33.70 23.17 9.12
C LEU A 343 -32.75 22.34 9.88
N LEU A 344 -33.29 21.22 10.47
CA LEU A 344 -32.60 20.22 11.19
C LEU A 344 -31.62 19.50 10.28
N PHE A 345 -32.05 19.29 8.91
CA PHE A 345 -31.21 18.63 7.98
C PHE A 345 -29.96 19.46 7.76
N LYS A 346 -30.10 20.79 7.65
CA LYS A 346 -28.98 21.62 7.54
C LYS A 346 -28.05 21.65 8.76
N MET A 347 -28.58 21.61 9.99
CA MET A 347 -27.88 21.65 11.30
C MET A 347 -27.02 20.43 11.46
N LEU A 348 -27.58 19.27 10.97
CA LEU A 348 -26.86 18.01 10.94
C LEU A 348 -25.69 18.02 10.02
N ARG A 349 -25.87 18.67 8.85
CA ARG A 349 -24.80 18.75 7.91
C ARG A 349 -23.51 19.46 8.33
N THR A 350 -23.65 20.64 9.02
CA THR A 350 -22.61 21.45 9.64
C THR A 350 -21.98 20.65 10.73
N GLY A 351 -22.78 19.93 11.55
CA GLY A 351 -22.24 19.16 12.74
C GLY A 351 -21.37 18.06 12.30
N ILE A 352 -21.71 17.34 11.18
CA ILE A 352 -20.85 16.33 10.56
C ILE A 352 -19.58 16.93 10.02
N LEU A 353 -19.64 18.11 9.33
CA LEU A 353 -18.51 18.78 8.78
C LEU A 353 -17.49 19.25 9.74
N LEU A 354 -17.97 19.79 10.87
CA LEU A 354 -17.11 20.15 11.92
C LEU A 354 -16.43 18.88 12.58
N LYS A 355 -17.20 17.69 12.75
CA LYS A 355 -16.68 16.49 13.31
C LYS A 355 -15.52 15.85 12.51
N VAL A 356 -15.52 15.86 11.18
CA VAL A 356 -14.43 15.33 10.40
C VAL A 356 -13.10 16.05 10.50
N VAL A 357 -13.22 17.42 10.62
CA VAL A 357 -12.11 18.28 10.81
C VAL A 357 -11.42 18.02 12.09
N ARG A 358 -12.16 17.73 13.17
CA ARG A 358 -11.80 17.29 14.50
C ARG A 358 -11.20 15.90 14.44
N ALA A 359 -11.74 15.01 13.52
CA ALA A 359 -11.35 13.56 13.41
C ALA A 359 -9.95 13.35 13.07
N SER A 360 -9.38 14.20 12.22
CA SER A 360 -7.98 14.31 11.79
C SER A 360 -6.98 14.66 12.84
N LEU A 361 -7.41 14.76 14.14
CA LEU A 361 -6.84 15.47 15.23
C LEU A 361 -5.49 16.12 15.07
N GLN A 362 -5.53 17.46 15.33
CA GLN A 362 -4.29 18.23 15.52
C GLN A 362 -4.60 19.59 16.03
N ILE A 363 -5.90 20.00 16.09
CA ILE A 363 -6.36 21.26 16.61
C ILE A 363 -7.73 20.96 17.10
N PRO A 364 -8.43 21.65 18.04
CA PRO A 364 -9.75 21.29 18.47
C PRO A 364 -10.81 21.69 17.43
N THR A 365 -10.42 22.52 16.41
CA THR A 365 -11.36 23.05 15.50
C THR A 365 -12.15 24.22 16.19
N ILE A 366 -11.93 25.49 15.67
CA ILE A 366 -12.54 26.68 16.17
C ILE A 366 -13.01 27.60 15.04
N PRO A 367 -13.91 28.60 15.17
CA PRO A 367 -14.41 29.51 14.14
C PRO A 367 -13.31 30.20 13.39
N SER A 368 -13.36 30.17 12.04
CA SER A 368 -12.28 30.61 11.20
C SER A 368 -12.41 32.14 10.93
N ASN A 369 -13.62 32.62 11.21
CA ASN A 369 -14.02 33.98 11.13
C ASN A 369 -15.05 34.14 12.26
N SER A 370 -15.27 35.44 12.58
CA SER A 370 -16.15 35.94 13.50
C SER A 370 -17.57 35.64 13.03
N SER A 371 -18.56 36.11 13.86
CA SER A 371 -19.98 35.85 13.65
C SER A 371 -20.40 34.37 13.66
N ASP A 372 -20.30 33.77 14.92
CA ASP A 372 -20.71 32.44 15.08
C ASP A 372 -21.33 32.29 16.42
N ILE A 373 -20.46 32.44 17.52
CA ILE A 373 -20.83 32.30 18.88
C ILE A 373 -21.81 33.48 19.14
N THR A 374 -21.54 34.66 18.64
CA THR A 374 -22.23 35.91 18.76
C THR A 374 -23.64 36.01 18.14
N ILE A 375 -23.90 35.44 16.86
CA ILE A 375 -25.20 35.56 16.18
C ILE A 375 -26.34 34.89 16.87
N GLN A 376 -26.01 33.72 17.33
CA GLN A 376 -26.90 32.91 18.12
C GLN A 376 -27.27 33.55 19.43
N GLU A 377 -26.28 34.22 20.10
CA GLU A 377 -26.48 34.83 21.36
C GLU A 377 -27.47 35.98 21.20
N ILE A 378 -27.46 36.79 20.08
CA ILE A 378 -28.31 37.84 19.78
C ILE A 378 -29.70 37.31 19.59
N ASN A 379 -29.82 36.11 18.83
CA ASN A 379 -31.06 35.48 18.62
C ASN A 379 -31.76 34.96 19.98
N ASP A 380 -30.97 34.36 20.93
CA ASP A 380 -31.33 33.82 22.12
C ASP A 380 -31.98 34.86 23.05
N PHE A 381 -31.44 36.14 23.11
CA PHE A 381 -31.98 37.12 23.96
C PHE A 381 -33.38 37.52 23.59
N ALA A 382 -33.65 37.46 22.23
CA ALA A 382 -34.86 37.73 21.51
C ALA A 382 -36.02 36.92 21.99
N ASP A 383 -35.71 35.60 22.21
CA ASP A 383 -36.61 34.57 22.66
C ASP A 383 -37.72 34.31 21.65
N LEU A 384 -37.28 34.06 20.33
CA LEU A 384 -38.20 33.83 19.27
C LEU A 384 -37.70 32.53 18.77
N MET A 385 -38.48 31.87 17.92
CA MET A 385 -38.04 30.65 17.42
C MET A 385 -38.59 30.64 16.09
N GLU A 386 -38.42 31.74 15.40
CA GLU A 386 -38.85 31.98 14.10
C GLU A 386 -37.84 31.26 13.21
N GLY A 387 -38.31 30.84 11.95
CA GLY A 387 -37.50 30.13 11.14
C GLY A 387 -36.28 30.89 10.62
N SER A 388 -36.47 32.22 10.22
CA SER A 388 -35.44 33.04 9.51
C SER A 388 -34.19 33.13 10.32
N ASN A 389 -34.34 33.45 11.65
CA ASN A 389 -33.20 33.68 12.52
C ASN A 389 -32.35 32.47 12.63
N LEU A 390 -32.88 31.28 12.75
CA LEU A 390 -32.23 30.07 12.89
C LEU A 390 -31.46 29.74 11.67
N GLU A 391 -32.10 30.04 10.50
CA GLU A 391 -31.53 29.74 9.19
C GLU A 391 -30.29 30.53 8.89
N LEU A 392 -30.18 31.85 9.28
CA LEU A 392 -28.98 32.69 9.18
C LEU A 392 -27.83 32.09 10.03
N TYR A 393 -28.13 31.62 11.25
CA TYR A 393 -27.12 30.90 12.11
C TYR A 393 -26.69 29.66 11.53
N VAL A 394 -27.59 28.78 10.95
CA VAL A 394 -27.11 27.54 10.31
C VAL A 394 -26.17 27.89 9.08
N ASP A 395 -26.57 28.81 8.21
CA ASP A 395 -25.75 29.11 7.05
C ASP A 395 -24.41 29.65 7.49
N LYS A 396 -24.41 30.48 8.56
CA LYS A 396 -23.29 31.22 9.13
C LYS A 396 -22.22 30.30 9.70
N CYS A 397 -22.61 29.26 10.49
CA CYS A 397 -21.82 28.19 11.04
C CYS A 397 -21.30 27.29 9.93
N TYR A 398 -22.07 27.01 8.85
CA TYR A 398 -21.76 26.20 7.66
C TYR A 398 -20.61 26.77 6.88
N SER A 399 -20.69 28.15 6.66
CA SER A 399 -19.64 28.80 5.98
C SER A 399 -18.32 28.68 6.72
N ARG A 400 -18.38 28.85 8.07
CA ARG A 400 -17.18 28.72 8.98
C ARG A 400 -16.58 27.34 8.92
N ALA A 401 -17.42 26.31 8.93
CA ALA A 401 -17.04 24.94 8.83
C ALA A 401 -16.44 24.56 7.58
N ASN A 402 -16.95 25.06 6.47
CA ASN A 402 -16.46 24.80 5.15
C ASN A 402 -15.01 25.35 5.07
N GLU A 403 -14.90 26.61 5.51
CA GLU A 403 -13.64 27.29 5.40
C GLU A 403 -12.45 26.62 6.21
N ILE A 404 -12.60 26.19 7.45
CA ILE A 404 -11.58 25.52 8.32
C ILE A 404 -11.24 24.19 7.71
N PHE A 405 -12.31 23.49 7.15
CA PHE A 405 -12.06 22.19 6.46
C PHE A 405 -11.26 22.33 5.14
N LEU A 406 -11.61 23.37 4.33
CA LEU A 406 -11.09 23.74 3.05
C LEU A 406 -9.63 24.04 3.19
N LYS A 407 -9.28 24.89 4.23
CA LYS A 407 -7.98 25.25 4.62
C LYS A 407 -7.10 24.14 5.05
N LEU A 408 -7.66 23.23 5.85
CA LEU A 408 -6.90 22.06 6.26
C LEU A 408 -6.45 21.17 5.11
N PHE A 409 -7.43 20.87 4.16
CA PHE A 409 -7.31 19.98 3.05
C PHE A 409 -6.47 20.45 1.98
N PHE A 410 -6.80 21.69 1.49
CA PHE A 410 -6.26 22.25 0.27
C PHE A 410 -4.84 22.62 0.29
N GLN A 411 -4.56 23.48 1.32
CA GLN A 411 -3.26 23.96 1.60
C GLN A 411 -2.49 22.85 2.21
N GLY A 412 -3.04 22.30 3.33
CA GLY A 412 -2.17 21.37 4.12
C GLY A 412 -2.05 19.96 3.52
N TYR A 413 -3.16 19.24 3.11
CA TYR A 413 -3.05 17.91 2.54
C TYR A 413 -2.62 17.86 1.08
N ASP A 414 -2.91 18.89 0.27
CA ASP A 414 -2.73 19.10 -1.18
C ASP A 414 -3.93 18.38 -1.82
N LEU A 415 -5.15 18.92 -1.46
CA LEU A 415 -6.39 18.38 -1.83
C LEU A 415 -6.49 18.39 -3.33
N ILE A 416 -6.08 19.48 -3.95
CA ILE A 416 -6.34 19.74 -5.35
C ILE A 416 -5.66 18.65 -6.19
N ASN A 417 -4.43 18.29 -5.78
CA ASN A 417 -3.61 17.29 -6.48
C ASN A 417 -4.26 15.95 -6.44
N VAL A 418 -4.84 15.51 -5.30
CA VAL A 418 -5.52 14.21 -5.17
C VAL A 418 -6.77 14.11 -5.96
N LEU A 419 -7.58 15.21 -6.13
CA LEU A 419 -8.71 15.25 -7.03
C LEU A 419 -8.36 14.96 -8.53
N LYS A 420 -7.25 15.50 -8.97
CA LYS A 420 -6.68 15.38 -10.28
C LYS A 420 -6.41 13.99 -10.61
N HIS A 421 -5.82 13.20 -9.62
CA HIS A 421 -5.56 11.80 -9.75
C HIS A 421 -6.82 11.01 -9.89
N LEU A 422 -7.92 11.30 -9.16
CA LEU A 422 -9.21 10.65 -9.20
C LEU A 422 -9.92 10.79 -10.50
N GLN A 423 -9.88 12.05 -11.04
CA GLN A 423 -10.37 12.32 -12.34
C GLN A 423 -9.73 11.65 -13.45
N GLN A 424 -8.37 11.56 -13.36
CA GLN A 424 -7.39 11.07 -14.36
C GLN A 424 -7.77 9.60 -14.57
N ILE A 425 -7.87 8.77 -13.46
CA ILE A 425 -8.04 7.31 -13.58
C ILE A 425 -9.48 6.98 -13.92
N PHE A 426 -10.46 7.44 -13.03
CA PHE A 426 -11.85 6.92 -13.18
C PHE A 426 -12.55 7.21 -14.40
N LEU A 427 -12.47 8.51 -14.74
CA LEU A 427 -13.23 9.15 -15.74
C LEU A 427 -12.43 9.16 -17.03
N GLY A 428 -11.11 9.19 -17.04
CA GLY A 428 -10.26 8.87 -18.08
C GLY A 428 -9.94 10.26 -18.74
N TYR A 429 -8.67 10.73 -18.76
CA TYR A 429 -8.38 11.99 -19.39
C TYR A 429 -6.91 11.98 -19.69
N GLN A 430 -6.07 11.78 -18.63
CA GLN A 430 -4.64 12.10 -18.67
C GLN A 430 -3.90 10.84 -18.39
N SER A 431 -4.58 9.68 -18.38
CA SER A 431 -4.07 8.38 -18.13
C SER A 431 -4.01 7.47 -19.31
N GLY A 432 -4.06 8.08 -20.48
CA GLY A 432 -4.22 7.41 -21.72
C GLY A 432 -3.01 6.61 -22.01
N HIS A 433 -1.75 7.11 -21.74
CA HIS A 433 -0.51 6.40 -22.00
C HIS A 433 -0.34 5.09 -21.23
N ASN A 434 -0.69 5.18 -19.90
CA ASN A 434 -0.61 4.14 -18.94
C ASN A 434 -1.50 2.98 -19.27
N VAL A 435 -2.67 3.28 -19.70
CA VAL A 435 -3.78 2.42 -20.19
C VAL A 435 -3.36 1.60 -21.39
N LEU A 436 -2.63 2.28 -22.25
CA LEU A 436 -1.99 1.65 -23.43
C LEU A 436 -0.93 0.63 -23.14
N LYS A 437 -0.04 1.03 -22.17
CA LYS A 437 1.05 0.12 -21.81
C LYS A 437 0.45 -1.06 -21.06
N PHE A 438 -0.66 -0.80 -20.30
CA PHE A 438 -1.33 -1.71 -19.52
C PHE A 438 -1.83 -2.83 -20.32
N LEU A 439 -2.47 -2.48 -21.53
CA LEU A 439 -3.03 -3.34 -22.55
C LEU A 439 -2.00 -4.21 -23.18
N THR A 440 -0.79 -3.68 -23.49
CA THR A 440 0.21 -4.45 -24.13
C THR A 440 0.67 -5.69 -23.27
N LYS A 441 0.91 -5.38 -21.98
CA LYS A 441 1.35 -6.29 -20.88
C LYS A 441 0.21 -7.30 -20.55
N ASN A 442 -1.05 -6.77 -20.54
CA ASN A 442 -2.28 -7.54 -20.21
C ASN A 442 -2.68 -8.45 -21.29
N MET A 443 -2.28 -8.32 -22.56
CA MET A 443 -2.91 -8.81 -23.78
C MET A 443 -3.28 -10.25 -23.86
N GLY A 444 -2.38 -11.17 -23.41
CA GLY A 444 -2.45 -12.68 -23.51
C GLY A 444 -3.64 -13.12 -22.73
N GLU A 445 -3.86 -12.42 -21.55
CA GLU A 445 -5.04 -12.75 -20.78
C GLU A 445 -6.33 -12.34 -21.47
N LEU A 446 -6.41 -11.13 -22.21
CA LEU A 446 -7.65 -10.64 -22.73
C LEU A 446 -8.06 -11.38 -23.98
N THR A 447 -7.14 -11.84 -24.83
CA THR A 447 -7.46 -12.46 -26.12
C THR A 447 -8.27 -13.67 -26.00
N LYS A 448 -7.90 -14.41 -24.92
CA LYS A 448 -8.64 -15.61 -24.46
C LYS A 448 -9.98 -15.33 -23.87
N HIS A 449 -10.91 -16.30 -23.93
CA HIS A 449 -12.19 -16.18 -23.36
C HIS A 449 -12.17 -16.40 -21.83
N TYR A 450 -13.25 -16.04 -21.08
CA TYR A 450 -13.35 -16.14 -19.63
C TYR A 450 -12.92 -17.54 -19.05
N ARG A 451 -11.99 -17.48 -18.13
CA ARG A 451 -11.39 -18.64 -17.51
C ARG A 451 -10.92 -18.04 -16.18
N ASN A 452 -10.79 -18.91 -15.12
CA ASN A 452 -10.31 -18.58 -13.80
C ASN A 452 -8.92 -18.07 -13.86
N ASP A 453 -8.09 -18.64 -14.74
CA ASP A 453 -6.66 -18.31 -14.74
C ASP A 453 -6.30 -16.97 -15.20
N ASN A 454 -7.09 -16.42 -16.16
CA ASN A 454 -6.98 -15.06 -16.72
C ASN A 454 -7.02 -14.06 -15.56
N ASN A 455 -7.95 -14.28 -14.69
CA ASN A 455 -8.32 -13.42 -13.58
C ASN A 455 -7.19 -13.18 -12.62
N ALA A 456 -6.54 -14.33 -12.38
CA ALA A 456 -5.42 -14.39 -11.52
C ALA A 456 -4.24 -13.60 -12.08
N ASN A 457 -3.99 -13.83 -13.37
CA ASN A 457 -2.91 -13.17 -14.11
C ASN A 457 -3.13 -11.70 -14.29
N TYR A 458 -4.37 -11.23 -14.58
CA TYR A 458 -4.61 -9.83 -14.76
C TYR A 458 -4.32 -9.12 -13.43
N ASP A 459 -4.69 -9.71 -12.24
CA ASP A 459 -4.47 -9.18 -10.88
C ASP A 459 -3.00 -9.12 -10.51
N LYS A 460 -2.08 -10.12 -10.81
CA LYS A 460 -0.68 -10.02 -10.61
C LYS A 460 -0.05 -8.87 -11.42
N LEU A 461 -0.42 -8.72 -12.70
CA LEU A 461 -0.01 -7.65 -13.57
C LEU A 461 -0.58 -6.31 -13.04
N LEU A 462 -1.81 -6.29 -12.42
CA LEU A 462 -2.34 -5.00 -11.95
C LEU A 462 -1.52 -4.46 -10.84
N GLN A 463 -1.13 -5.37 -9.93
CA GLN A 463 -0.37 -4.99 -8.71
C GLN A 463 1.01 -4.54 -9.19
N ASN A 464 1.66 -5.22 -10.18
CA ASN A 464 2.96 -4.94 -10.67
C ASN A 464 2.94 -3.56 -11.30
N PHE A 465 1.84 -3.26 -12.06
CA PHE A 465 1.71 -2.04 -12.70
C PHE A 465 1.48 -0.89 -11.71
N GLU A 466 0.76 -1.12 -10.58
CA GLU A 466 0.45 -0.14 -9.59
C GLU A 466 1.65 0.46 -8.99
N LEU A 467 2.71 -0.37 -8.72
CA LEU A 467 3.97 0.09 -8.33
C LEU A 467 4.74 0.91 -9.31
N GLU A 468 4.76 0.40 -10.56
CA GLU A 468 5.52 1.10 -11.70
C GLU A 468 5.04 2.48 -12.14
N ARG A 469 3.69 2.72 -11.96
CA ARG A 469 3.05 4.03 -12.15
C ARG A 469 3.17 4.98 -11.03
N GLN A 470 3.59 4.50 -9.81
CA GLN A 470 3.58 5.22 -8.56
C GLN A 470 4.33 6.50 -8.49
N SER A 471 3.76 7.57 -7.95
CA SER A 471 4.51 8.81 -7.70
C SER A 471 4.15 9.20 -6.30
N GLU A 472 4.86 10.19 -5.74
CA GLU A 472 4.61 10.73 -4.39
C GLU A 472 3.32 11.48 -4.33
N ASN A 473 2.58 11.44 -3.20
CA ASN A 473 1.29 12.06 -3.05
C ASN A 473 0.67 11.38 -1.90
N PRO A 474 0.25 12.07 -0.85
CA PRO A 474 -0.32 11.43 0.31
C PRO A 474 -1.63 10.90 -0.13
N ASN A 475 -1.96 9.66 0.27
CA ASN A 475 -3.24 8.92 0.00
C ASN A 475 -3.28 8.55 -1.46
N ASN A 476 -2.87 7.29 -1.63
CA ASN A 476 -2.75 6.58 -2.93
C ASN A 476 -4.08 5.96 -3.25
N LEU A 477 -5.19 6.77 -3.45
CA LEU A 477 -6.50 6.47 -3.88
C LEU A 477 -6.55 5.97 -5.29
N MET A 478 -5.77 6.53 -6.26
CA MET A 478 -5.85 6.12 -7.62
C MET A 478 -5.39 4.69 -7.67
N ARG A 479 -4.30 4.43 -6.96
CA ARG A 479 -3.72 3.14 -6.94
C ARG A 479 -4.48 2.00 -6.31
N GLN A 480 -4.92 2.23 -5.03
CA GLN A 480 -5.58 1.22 -4.18
C GLN A 480 -6.95 0.97 -4.67
N LEU A 481 -7.80 2.05 -4.91
CA LEU A 481 -9.24 1.90 -5.08
C LEU A 481 -9.60 1.36 -6.43
N LEU A 482 -8.78 1.65 -7.53
CA LEU A 482 -9.07 0.96 -8.84
C LEU A 482 -8.53 -0.45 -8.75
N MET A 483 -9.54 -1.33 -8.94
CA MET A 483 -9.39 -2.71 -9.00
C MET A 483 -10.21 -3.22 -10.18
N ILE A 484 -9.81 -4.37 -10.77
CA ILE A 484 -10.54 -4.83 -11.94
C ILE A 484 -11.35 -6.01 -11.46
N GLN A 485 -12.65 -6.10 -11.92
CA GLN A 485 -13.58 -7.06 -11.37
C GLN A 485 -13.91 -8.03 -12.48
N PHE A 486 -14.28 -9.27 -12.21
CA PHE A 486 -14.65 -10.33 -13.09
C PHE A 486 -16.01 -10.86 -12.71
N ASP A 487 -16.88 -11.08 -13.76
CA ASP A 487 -18.22 -11.62 -13.60
C ASP A 487 -18.44 -12.25 -14.91
N THR A 488 -19.38 -13.22 -14.97
CA THR A 488 -19.78 -13.97 -16.11
C THR A 488 -20.96 -13.41 -16.75
N GLU A 489 -20.83 -13.24 -18.09
CA GLU A 489 -21.91 -12.66 -18.86
C GLU A 489 -21.70 -13.23 -20.21
N THR A 490 -22.69 -12.98 -21.04
CA THR A 490 -22.70 -13.60 -22.37
C THR A 490 -21.54 -13.13 -23.24
N LYS A 554 -16.30 -16.14 -26.96
CA LYS A 554 -15.94 -14.78 -27.41
C LYS A 554 -14.49 -14.34 -27.10
N SER A 555 -14.35 -13.23 -26.39
CA SER A 555 -13.23 -12.54 -25.81
C SER A 555 -13.69 -12.22 -24.40
N ALA A 556 -12.72 -11.82 -23.53
CA ALA A 556 -12.87 -11.49 -22.15
C ALA A 556 -13.33 -10.01 -21.84
N ILE A 557 -13.62 -9.28 -22.92
CA ILE A 557 -13.88 -7.85 -22.94
C ILE A 557 -15.17 -7.45 -22.30
N TYR A 558 -16.26 -8.15 -22.58
CA TYR A 558 -17.57 -7.95 -21.90
C TYR A 558 -17.44 -8.27 -20.48
N HIS A 559 -16.83 -9.50 -20.20
CA HIS A 559 -16.78 -10.05 -18.87
C HIS A 559 -15.96 -9.32 -17.87
N LEU A 560 -14.93 -8.62 -18.38
CA LEU A 560 -14.06 -7.81 -17.66
C LEU A 560 -14.80 -6.54 -17.33
N LYS A 561 -14.58 -6.10 -16.06
CA LYS A 561 -15.36 -4.98 -15.43
C LYS A 561 -14.39 -4.31 -14.44
N PHE A 562 -14.81 -3.13 -13.93
CA PHE A 562 -13.93 -2.27 -13.14
C PHE A 562 -14.66 -1.97 -11.86
N ASP A 563 -13.90 -1.98 -10.71
CA ASP A 563 -14.55 -1.72 -9.48
C ASP A 563 -13.63 -0.72 -8.87
N ILE A 564 -14.36 0.34 -8.37
CA ILE A 564 -13.83 1.50 -7.82
C ILE A 564 -14.25 1.39 -6.38
N ASN A 565 -13.40 1.72 -5.39
CA ASN A 565 -13.58 1.61 -4.01
C ASN A 565 -13.73 3.02 -3.55
N ILE A 566 -14.43 3.28 -2.41
CA ILE A 566 -14.88 4.53 -1.87
C ILE A 566 -13.61 5.39 -1.71
N PRO A 567 -13.54 6.70 -1.91
CA PRO A 567 -12.35 7.52 -1.58
C PRO A 567 -12.27 7.95 -0.18
N TYR A 568 -11.07 8.22 0.29
CA TYR A 568 -10.76 8.69 1.65
C TYR A 568 -10.10 10.07 1.44
N PRO A 569 -10.40 11.15 2.19
CA PRO A 569 -11.55 11.23 3.10
C PRO A 569 -12.64 12.11 2.51
N LEU A 570 -13.19 11.74 1.37
CA LEU A 570 -14.12 12.46 0.49
C LEU A 570 -15.29 11.56 0.22
N ASN A 571 -15.46 10.66 1.22
CA ASN A 571 -16.38 9.46 1.07
C ASN A 571 -17.80 9.79 0.71
N ILE A 572 -18.24 10.99 1.18
CA ILE A 572 -19.50 11.66 0.96
C ILE A 572 -19.78 11.91 -0.53
N ILE A 573 -18.77 12.38 -1.34
CA ILE A 573 -18.84 12.57 -2.81
C ILE A 573 -19.41 11.37 -3.56
N ILE A 574 -18.92 10.15 -3.29
CA ILE A 574 -19.13 9.06 -4.22
C ILE A 574 -20.07 8.11 -3.42
N SER A 575 -20.91 7.39 -4.21
CA SER A 575 -21.96 6.59 -3.70
C SER A 575 -21.95 5.30 -4.50
N ARG A 576 -22.98 4.46 -4.22
CA ARG A 576 -23.19 3.21 -4.81
C ARG A 576 -23.52 3.35 -6.24
N THR A 577 -24.31 4.43 -6.55
CA THR A 577 -24.75 4.65 -7.95
C THR A 577 -23.63 4.88 -8.85
N CYS A 578 -22.67 5.69 -8.38
CA CYS A 578 -21.53 6.24 -9.13
C CYS A 578 -20.61 5.16 -9.58
N MET A 579 -20.27 4.13 -8.80
CA MET A 579 -19.43 3.06 -9.18
C MET A 579 -19.95 2.19 -10.34
N ILE A 580 -21.34 2.04 -10.42
CA ILE A 580 -21.93 1.40 -11.53
C ILE A 580 -21.71 2.15 -12.86
N LYS A 581 -21.83 3.52 -12.79
CA LYS A 581 -21.57 4.32 -13.98
C LYS A 581 -20.18 4.19 -14.46
N TYR A 582 -19.16 4.32 -13.55
CA TYR A 582 -17.76 4.40 -13.84
C TYR A 582 -17.28 3.21 -14.60
N GLN A 583 -17.83 2.04 -14.11
CA GLN A 583 -17.36 0.76 -14.71
C GLN A 583 -17.69 0.59 -16.11
N ILE A 584 -18.92 1.09 -16.46
CA ILE A 584 -19.39 1.11 -17.85
C ILE A 584 -18.66 2.06 -18.76
N ILE A 585 -18.29 3.27 -18.38
CA ILE A 585 -17.46 4.12 -19.24
C ILE A 585 -16.11 3.56 -19.43
N LEU A 586 -15.46 2.95 -18.36
CA LEU A 586 -14.11 2.33 -18.40
C LEU A 586 -13.91 1.21 -19.37
N ARG A 587 -14.98 0.36 -19.47
CA ARG A 587 -15.04 -0.81 -20.36
C ARG A 587 -15.03 -0.38 -21.73
N TYR A 588 -15.82 0.64 -22.03
CA TYR A 588 -16.00 1.12 -23.37
C TYR A 588 -14.69 1.76 -23.90
N GLN A 589 -14.04 2.66 -23.08
CA GLN A 589 -12.84 3.37 -23.43
C GLN A 589 -11.80 2.34 -23.67
N LEU A 590 -11.69 1.31 -22.85
CA LEU A 590 -10.70 0.27 -22.90
C LEU A 590 -10.72 -0.53 -24.14
N VAL A 591 -11.96 -0.90 -24.64
CA VAL A 591 -12.14 -1.70 -25.86
C VAL A 591 -11.67 -1.03 -27.12
N LEU A 592 -11.87 0.34 -27.29
CA LEU A 592 -11.32 1.09 -28.47
C LEU A 592 -9.84 1.07 -28.50
N GLN A 593 -9.30 1.35 -27.32
CA GLN A 593 -7.86 1.32 -27.10
C GLN A 593 -7.17 0.01 -27.29
N TYR A 594 -7.85 -1.12 -26.85
CA TYR A 594 -7.35 -2.48 -26.93
C TYR A 594 -7.23 -2.84 -28.33
N HIS A 595 -8.30 -2.53 -29.13
CA HIS A 595 -8.39 -2.83 -30.56
C HIS A 595 -7.33 -2.07 -31.32
N SER A 596 -7.12 -0.81 -30.93
CA SER A 596 -6.13 0.06 -31.55
C SER A 596 -4.69 -0.47 -31.42
N ARG A 597 -4.26 -0.97 -30.17
CA ARG A 597 -3.00 -1.57 -29.95
C ARG A 597 -2.77 -2.83 -30.74
N LEU A 598 -3.78 -3.73 -30.87
CA LEU A 598 -3.55 -4.88 -31.79
C LEU A 598 -3.36 -4.48 -33.25
N LEU A 599 -4.18 -3.50 -33.75
CA LEU A 599 -4.06 -3.12 -35.12
C LEU A 599 -2.70 -2.48 -35.52
N ASP A 600 -2.15 -1.52 -34.70
CA ASP A 600 -0.97 -0.80 -35.12
C ASP A 600 0.21 -1.72 -35.25
N GLU A 601 0.34 -2.70 -34.38
CA GLU A 601 1.42 -3.65 -34.49
C GLU A 601 1.27 -4.60 -35.71
N THR A 602 0.03 -5.09 -36.03
CA THR A 602 -0.11 -6.02 -37.17
C THR A 602 0.23 -5.40 -38.51
N TRP A 603 -0.22 -4.16 -38.78
CA TRP A 603 0.04 -3.35 -39.92
C TRP A 603 1.58 -2.97 -39.90
N MET A 604 2.18 -2.63 -38.78
CA MET A 604 3.53 -2.15 -38.75
C MET A 604 4.49 -3.24 -39.27
N ASP A 605 4.26 -4.52 -38.86
CA ASP A 605 5.01 -5.59 -39.37
C ASP A 605 4.86 -5.74 -40.87
N LEU A 606 3.71 -5.54 -41.41
CA LEU A 606 3.38 -5.71 -42.83
C LEU A 606 4.07 -4.76 -43.79
N ASN A 607 4.36 -3.49 -43.41
CA ASN A 607 4.95 -2.43 -44.17
C ASN A 607 6.40 -2.72 -44.48
N LYS A 608 6.98 -3.61 -43.64
CA LYS A 608 8.39 -4.06 -43.74
C LYS A 608 8.52 -4.91 -45.07
N THR A 609 9.70 -4.90 -45.67
CA THR A 609 9.90 -5.47 -46.98
C THR A 609 9.69 -6.97 -47.10
N PRO A 610 10.23 -7.92 -46.17
CA PRO A 610 9.98 -9.38 -46.31
C PRO A 610 8.54 -9.78 -46.18
N SER A 611 7.64 -8.91 -45.71
CA SER A 611 6.27 -9.32 -45.36
C SER A 611 5.31 -9.19 -46.59
N TRP A 612 5.76 -8.64 -47.71
CA TRP A 612 4.91 -8.57 -48.88
C TRP A 612 4.90 -9.85 -49.61
N LYS A 613 6.05 -10.61 -49.62
CA LYS A 613 6.03 -11.92 -50.11
C LYS A 613 7.20 -12.64 -49.59
N TYR A 614 7.27 -13.96 -49.62
CA TYR A 614 8.32 -14.79 -49.08
C TYR A 614 8.81 -15.73 -50.13
N ARG A 623 0.63 -10.57 -54.34
CA ARG A 623 0.73 -9.27 -55.12
C ARG A 623 -0.54 -8.54 -55.10
N ARG A 624 -1.63 -9.11 -55.72
CA ARG A 624 -2.93 -8.64 -55.81
C ARG A 624 -3.43 -8.74 -54.44
N ILE A 625 -3.11 -9.85 -53.67
CA ILE A 625 -3.61 -10.08 -52.34
C ILE A 625 -3.22 -8.98 -51.47
N VAL A 626 -2.00 -8.43 -51.64
CA VAL A 626 -1.35 -7.33 -50.84
C VAL A 626 -2.25 -6.09 -50.93
N ARG A 627 -2.70 -5.78 -52.19
CA ARG A 627 -3.50 -4.65 -52.45
C ARG A 627 -4.84 -4.80 -51.76
N ALA A 628 -5.43 -6.01 -51.72
CA ALA A 628 -6.65 -6.17 -51.01
C ALA A 628 -6.57 -5.94 -49.55
N THR A 629 -5.53 -6.45 -48.90
CA THR A 629 -5.32 -6.26 -47.47
C THR A 629 -5.22 -4.72 -47.16
N ARG A 630 -4.52 -3.93 -48.02
CA ARG A 630 -4.20 -2.56 -47.88
C ARG A 630 -5.45 -1.79 -47.84
N VAL A 631 -6.46 -2.12 -48.73
CA VAL A 631 -7.73 -1.40 -48.76
C VAL A 631 -8.50 -1.66 -47.56
N LEU A 632 -8.62 -2.92 -47.08
CA LEU A 632 -9.39 -3.17 -45.85
C LEU A 632 -8.81 -2.45 -44.66
N HIS A 633 -7.48 -2.45 -44.49
CA HIS A 633 -6.62 -2.04 -43.41
C HIS A 633 -6.85 -0.58 -43.07
N ALA A 634 -6.90 0.21 -44.16
CA ALA A 634 -7.17 1.63 -44.06
C ALA A 634 -8.49 1.91 -43.55
N LYS A 635 -9.53 1.16 -44.05
CA LYS A 635 -10.91 1.30 -43.53
C LYS A 635 -11.08 0.90 -42.07
N MET A 636 -10.52 -0.27 -41.53
CA MET A 636 -10.64 -0.77 -40.13
C MET A 636 -10.03 0.16 -39.11
N ASN A 637 -8.86 0.76 -39.51
CA ASN A 637 -8.19 1.85 -38.64
C ASN A 637 -9.03 3.11 -38.54
N HIS A 638 -9.67 3.45 -39.66
CA HIS A 638 -10.62 4.58 -39.74
C HIS A 638 -11.91 4.40 -38.97
N PHE A 639 -12.53 3.23 -39.07
CA PHE A 639 -13.76 2.99 -38.29
C PHE A 639 -13.62 3.08 -36.80
N ILE A 640 -12.54 2.40 -36.21
CA ILE A 640 -12.21 2.41 -34.85
C ILE A 640 -11.91 3.84 -34.31
N LYS A 641 -11.15 4.60 -35.15
CA LYS A 641 -10.80 5.94 -34.80
C LYS A 641 -11.99 6.90 -34.66
N THR A 642 -13.05 6.78 -35.54
CA THR A 642 -14.20 7.70 -35.45
C THR A 642 -15.07 7.46 -34.23
N ILE A 643 -15.28 6.18 -33.92
CA ILE A 643 -16.03 5.80 -32.77
C ILE A 643 -15.32 6.36 -31.51
N MET A 644 -13.91 6.21 -31.35
CA MET A 644 -13.18 6.79 -30.22
C MET A 644 -13.22 8.26 -30.15
N GLU A 645 -13.06 8.99 -31.26
CA GLU A 645 -12.94 10.46 -31.35
C GLU A 645 -14.16 11.11 -30.79
N TYR A 646 -15.34 10.60 -31.23
CA TYR A 646 -16.58 11.00 -30.74
C TYR A 646 -16.83 10.59 -29.30
N PHE A 647 -16.49 9.32 -28.82
CA PHE A 647 -16.66 8.84 -27.49
C PHE A 647 -15.91 9.70 -26.53
N ASN A 648 -14.65 10.10 -26.80
CA ASN A 648 -13.81 10.89 -25.92
C ASN A 648 -14.38 12.29 -25.82
N GLN A 649 -14.67 12.87 -27.01
CA GLN A 649 -15.01 14.29 -27.05
C GLN A 649 -16.34 14.70 -26.48
N ASN A 650 -17.48 14.04 -26.94
CA ASN A 650 -18.80 14.48 -26.61
C ASN A 650 -19.27 14.13 -25.28
N VAL A 651 -18.60 13.09 -24.73
CA VAL A 651 -18.97 12.48 -23.46
C VAL A 651 -18.02 12.81 -22.37
N ILE A 652 -16.91 12.04 -22.36
CA ILE A 652 -16.01 11.74 -21.31
C ILE A 652 -15.40 13.04 -20.86
N ASP A 653 -14.82 13.74 -21.86
CA ASP A 653 -14.04 14.92 -21.75
C ASP A 653 -14.85 16.07 -21.16
N LYS A 654 -16.09 16.21 -21.70
CA LYS A 654 -16.97 17.32 -21.29
C LYS A 654 -17.34 17.15 -19.82
N GLU A 655 -17.68 15.96 -19.37
CA GLU A 655 -18.07 15.73 -18.00
C GLU A 655 -16.91 16.05 -17.06
N VAL A 656 -15.67 15.60 -17.44
CA VAL A 656 -14.49 15.85 -16.54
C VAL A 656 -14.13 17.33 -16.38
N TYR A 657 -14.28 18.20 -17.47
CA TYR A 657 -14.05 19.61 -17.31
C TYR A 657 -15.03 20.18 -16.29
N SER A 658 -16.35 19.80 -16.41
CA SER A 658 -17.39 20.47 -15.67
C SER A 658 -17.23 20.25 -14.21
N LEU A 659 -16.76 18.98 -13.80
CA LEU A 659 -16.47 18.48 -12.51
C LEU A 659 -15.37 19.21 -11.83
N GLU A 660 -14.27 19.52 -12.58
CA GLU A 660 -13.04 20.17 -12.18
C GLU A 660 -13.19 21.60 -11.80
N LYS A 661 -14.03 22.41 -12.62
CA LYS A 661 -14.45 23.75 -12.27
C LYS A 661 -15.30 23.67 -11.02
N CYS A 662 -16.23 22.66 -11.02
CA CYS A 662 -17.19 22.68 -9.91
C CYS A 662 -16.61 22.54 -8.47
N TYR A 663 -15.65 21.62 -8.29
CA TYR A 663 -14.90 21.57 -7.03
C TYR A 663 -14.06 22.85 -6.79
N ARG A 664 -13.29 23.38 -7.82
CA ARG A 664 -12.35 24.41 -7.53
C ARG A 664 -12.91 25.70 -7.19
N ASN A 665 -13.94 26.25 -7.82
CA ASN A 665 -14.53 27.56 -7.48
C ASN A 665 -15.25 27.80 -6.19
N PRO A 666 -16.24 27.04 -5.74
CA PRO A 666 -16.87 27.22 -4.38
C PRO A 666 -16.04 26.58 -3.37
N THR A 667 -16.58 26.51 -2.09
CA THR A 667 -15.96 25.73 -1.02
C THR A 667 -17.00 24.65 -0.60
N LEU A 668 -18.15 24.59 -1.33
CA LEU A 668 -19.27 23.79 -0.84
C LEU A 668 -19.06 22.37 -1.26
N ALA A 669 -19.14 21.42 -0.26
CA ALA A 669 -19.14 20.02 -0.55
C ALA A 669 -20.33 19.57 -1.35
N VAL A 670 -21.52 20.14 -1.09
CA VAL A 670 -22.77 19.75 -1.65
C VAL A 670 -22.81 19.95 -3.13
N ALA A 671 -22.16 21.07 -3.51
CA ALA A 671 -22.19 21.56 -4.87
C ALA A 671 -21.58 20.59 -5.81
N ILE A 672 -20.51 19.89 -5.38
CA ILE A 672 -19.71 18.86 -6.02
C ILE A 672 -20.52 17.66 -6.29
N GLN A 673 -21.30 17.16 -5.29
CA GLN A 673 -22.21 16.15 -5.39
C GLN A 673 -23.30 16.42 -6.33
N ASN A 674 -23.85 17.66 -6.35
CA ASN A 674 -24.90 18.05 -7.30
C ASN A 674 -24.43 17.95 -8.76
N GLU A 675 -23.24 18.46 -9.14
CA GLU A 675 -22.61 18.39 -10.48
C GLU A 675 -22.28 16.95 -10.88
N LEU A 676 -21.80 16.10 -9.94
CA LEU A 676 -21.47 14.76 -10.27
C LEU A 676 -22.76 14.04 -10.68
N GLU A 677 -23.94 14.20 -9.99
CA GLU A 677 -25.23 13.58 -10.34
C GLU A 677 -25.64 14.04 -11.71
N GLY A 678 -25.52 15.32 -12.09
CA GLY A 678 -26.04 15.92 -13.34
C GLY A 678 -25.32 15.26 -14.56
N GLY A 679 -24.03 15.11 -14.38
CA GLY A 679 -23.01 14.56 -15.30
C GLY A 679 -23.30 13.11 -15.52
N LEU A 680 -23.61 12.32 -14.40
CA LEU A 680 -23.90 10.91 -14.45
C LEU A 680 -25.17 10.72 -15.23
N THR A 681 -26.20 11.59 -15.05
CA THR A 681 -27.48 11.32 -15.76
C THR A 681 -27.23 11.41 -17.29
N ASN A 682 -26.43 12.38 -17.70
CA ASN A 682 -26.10 12.57 -19.16
C ASN A 682 -25.33 11.42 -19.77
N ILE A 683 -24.35 10.94 -18.95
CA ILE A 683 -23.58 9.70 -19.27
C ILE A 683 -24.48 8.50 -19.33
N MET A 684 -25.51 8.29 -18.51
CA MET A 684 -26.43 7.16 -18.53
C MET A 684 -27.24 7.15 -19.78
N THR A 685 -27.65 8.38 -20.17
CA THR A 685 -28.48 8.42 -21.36
C THR A 685 -27.78 7.98 -22.64
N ASN A 686 -26.48 8.43 -22.89
CA ASN A 686 -25.73 8.04 -23.99
C ASN A 686 -25.40 6.56 -24.06
N ARG A 687 -25.10 6.00 -22.89
CA ARG A 687 -24.64 4.73 -22.51
C ARG A 687 -25.57 3.67 -22.98
N CYS A 688 -26.86 3.93 -22.85
CA CYS A 688 -28.05 3.04 -23.17
C CYS A 688 -28.00 2.74 -24.67
N LEU A 689 -27.74 3.74 -25.52
CA LEU A 689 -27.91 3.61 -26.99
C LEU A 689 -26.51 3.71 -27.62
N SER A 690 -25.53 3.11 -26.94
CA SER A 690 -24.20 3.04 -27.33
C SER A 690 -23.91 1.60 -27.75
N ASP A 691 -23.41 0.74 -26.81
CA ASP A 691 -23.17 -0.66 -27.02
C ASP A 691 -22.22 -1.06 -28.15
N LEU A 692 -20.97 -0.53 -28.06
CA LEU A 692 -19.86 -0.64 -29.02
C LEU A 692 -19.33 -2.05 -29.11
N ILE A 693 -19.24 -2.89 -27.99
CA ILE A 693 -18.58 -4.13 -27.72
C ILE A 693 -19.09 -5.20 -28.65
N PRO A 694 -20.37 -5.45 -28.98
CA PRO A 694 -20.71 -6.49 -29.98
C PRO A 694 -20.15 -6.12 -31.39
N LEU A 695 -20.13 -4.84 -31.78
CA LEU A 695 -19.63 -4.46 -33.15
C LEU A 695 -18.09 -4.73 -33.23
N GLN A 696 -17.42 -4.35 -32.13
CA GLN A 696 -16.02 -4.49 -31.91
C GLN A 696 -15.56 -5.93 -31.93
N LEU A 697 -16.37 -6.83 -31.38
CA LEU A 697 -16.17 -8.23 -31.32
C LEU A 697 -16.06 -8.80 -32.67
N GLN A 698 -16.94 -8.34 -33.61
CA GLN A 698 -16.81 -8.72 -35.02
C GLN A 698 -15.51 -8.21 -35.64
N ILE A 699 -15.07 -6.97 -35.31
CA ILE A 699 -13.78 -6.38 -35.71
C ILE A 699 -12.59 -7.18 -35.13
N PHE A 700 -12.57 -7.70 -33.84
CA PHE A 700 -11.56 -8.54 -33.18
C PHE A 700 -11.36 -9.86 -33.96
N ASP A 701 -12.41 -10.51 -34.42
CA ASP A 701 -12.36 -11.79 -35.16
C ASP A 701 -11.64 -11.52 -36.42
N ILE A 702 -11.95 -10.38 -37.08
CA ILE A 702 -11.38 -9.92 -38.36
C ILE A 702 -9.85 -9.66 -38.28
N VAL A 703 -9.46 -9.03 -37.15
CA VAL A 703 -8.05 -8.73 -36.66
C VAL A 703 -7.27 -10.05 -36.53
N TYR A 704 -7.97 -11.12 -35.94
CA TYR A 704 -7.31 -12.40 -35.71
C TYR A 704 -6.92 -13.05 -36.98
N LYS A 705 -7.85 -12.95 -37.99
CA LYS A 705 -7.59 -13.50 -39.36
C LYS A 705 -6.44 -12.76 -40.03
N PHE A 706 -6.31 -11.38 -39.90
CA PHE A 706 -5.28 -10.55 -40.51
C PHE A 706 -3.94 -11.02 -40.02
N CYS A 707 -3.92 -11.22 -38.73
CA CYS A 707 -2.78 -11.65 -37.96
C CYS A 707 -2.31 -13.05 -38.54
N LYS A 708 -3.30 -13.97 -38.90
CA LYS A 708 -2.98 -15.22 -39.52
C LYS A 708 -2.31 -14.99 -40.87
N PHE A 709 -2.86 -14.16 -41.71
CA PHE A 709 -2.40 -14.01 -43.04
C PHE A 709 -0.99 -13.41 -43.22
N ILE A 710 -0.65 -12.40 -42.45
CA ILE A 710 0.63 -11.71 -42.51
C ILE A 710 1.82 -12.60 -42.19
N LYS A 711 1.61 -13.51 -41.20
CA LYS A 711 2.54 -14.47 -40.66
C LYS A 711 3.15 -15.26 -41.76
N SER A 712 2.31 -15.69 -42.72
CA SER A 712 2.67 -16.51 -43.85
C SER A 712 1.82 -16.03 -44.95
N MET A 713 2.46 -15.04 -45.73
CA MET A 713 1.92 -14.46 -46.90
C MET A 713 1.84 -15.47 -48.01
N ARG A 714 2.94 -16.13 -48.31
CA ARG A 714 3.06 -17.11 -49.36
C ARG A 714 3.31 -18.51 -48.69
N GLU A 754 1.88 -23.64 -49.42
CA GLU A 754 2.22 -22.77 -50.60
C GLU A 754 0.91 -22.33 -51.24
N ASP A 755 0.38 -23.07 -52.30
CA ASP A 755 -0.90 -22.75 -53.02
C ASP A 755 -2.10 -22.81 -52.16
N ALA A 756 -2.18 -23.84 -51.23
CA ALA A 756 -3.37 -24.05 -50.37
C ALA A 756 -3.61 -22.90 -49.49
N ALA A 757 -2.51 -22.35 -48.94
CA ALA A 757 -2.51 -21.19 -48.07
C ALA A 757 -3.04 -19.98 -48.79
N LEU A 758 -2.66 -19.82 -50.05
CA LEU A 758 -3.10 -18.73 -50.95
C LEU A 758 -4.57 -18.80 -51.25
N GLU A 759 -5.03 -20.00 -51.46
CA GLU A 759 -6.45 -20.31 -51.68
C GLU A 759 -7.26 -19.98 -50.44
N LEU A 760 -6.90 -20.36 -49.22
CA LEU A 760 -7.54 -20.06 -48.05
C LEU A 760 -7.58 -18.62 -47.66
N ILE A 761 -6.48 -17.90 -47.85
CA ILE A 761 -6.30 -16.48 -47.55
C ILE A 761 -7.35 -15.65 -48.38
N GLN A 762 -7.54 -16.01 -49.68
CA GLN A 762 -8.40 -15.26 -50.47
C GLN A 762 -9.79 -15.41 -50.01
N LYS A 763 -10.25 -16.63 -49.61
CA LYS A 763 -11.57 -16.89 -49.15
C LYS A 763 -11.89 -16.09 -47.86
N LEU A 764 -10.93 -16.09 -46.91
CA LEU A 764 -11.07 -15.32 -45.65
C LEU A 764 -11.18 -13.85 -45.84
N ILE A 765 -10.42 -13.28 -46.85
CA ILE A 765 -10.43 -11.89 -47.27
C ILE A 765 -11.76 -11.52 -47.87
N GLU A 766 -12.39 -12.38 -48.69
CA GLU A 766 -13.67 -12.09 -49.32
C GLU A 766 -14.77 -11.93 -48.25
N TYR A 767 -14.79 -12.80 -47.20
CA TYR A 767 -15.75 -12.79 -46.11
C TYR A 767 -15.57 -11.48 -45.32
N ILE A 768 -14.28 -11.05 -45.10
CA ILE A 768 -13.97 -9.80 -44.48
C ILE A 768 -14.44 -8.58 -45.26
N SER A 769 -14.29 -8.60 -46.62
CA SER A 769 -14.60 -7.53 -47.56
C SER A 769 -16.10 -7.19 -47.48
N ASN A 770 -16.94 -8.25 -47.43
CA ASN A 770 -18.35 -8.06 -47.41
C ASN A 770 -18.67 -7.34 -46.12
N ALA A 771 -18.15 -7.80 -44.96
CA ALA A 771 -18.38 -7.19 -43.63
C ALA A 771 -17.81 -5.75 -43.63
N SER A 772 -16.65 -5.42 -44.21
CA SER A 772 -15.97 -4.09 -44.20
C SER A 772 -16.86 -3.13 -44.92
N SER A 773 -17.48 -3.56 -46.01
CA SER A 773 -18.37 -2.80 -46.81
C SER A 773 -19.61 -2.42 -45.97
N ILE A 774 -20.21 -3.41 -45.18
CA ILE A 774 -21.35 -3.13 -44.35
C ILE A 774 -20.98 -2.13 -43.23
N PHE A 775 -19.78 -2.33 -42.63
CA PHE A 775 -19.16 -1.55 -41.54
C PHE A 775 -19.01 -0.16 -41.96
N ARG A 776 -18.54 0.05 -43.19
CA ARG A 776 -18.37 1.38 -43.83
C ARG A 776 -19.71 2.07 -43.93
N LYS A 777 -20.79 1.32 -44.34
CA LYS A 777 -22.14 1.82 -44.48
C LYS A 777 -22.64 2.24 -43.08
N CYS A 778 -22.31 1.44 -42.01
CA CYS A 778 -22.64 1.66 -40.59
C CYS A 778 -21.99 2.91 -40.17
N LEU A 779 -20.83 3.19 -40.67
CA LEU A 779 -19.91 4.23 -40.29
C LEU A 779 -20.50 5.60 -40.45
N ILE A 780 -21.32 5.93 -41.47
CA ILE A 780 -22.02 7.19 -41.75
C ILE A 780 -22.97 7.55 -40.66
N ASN A 781 -23.64 6.52 -40.13
CA ASN A 781 -24.47 6.54 -38.98
C ASN A 781 -23.80 6.91 -37.75
N PHE A 782 -22.55 6.46 -37.56
CA PHE A 782 -21.82 6.88 -36.38
C PHE A 782 -21.57 8.31 -36.24
N THR A 783 -21.15 8.99 -37.32
CA THR A 783 -20.92 10.44 -37.35
C THR A 783 -22.16 11.27 -37.12
N GLN A 784 -23.23 11.10 -37.82
CA GLN A 784 -24.51 11.69 -37.50
C GLN A 784 -25.13 10.93 -36.40
N GLU A 785 -25.01 11.45 -35.12
CA GLU A 785 -25.36 10.83 -33.91
C GLU A 785 -26.81 10.53 -33.86
N LEU A 786 -27.14 9.25 -33.52
CA LEU A 786 -28.46 8.67 -33.24
C LEU A 786 -29.12 8.24 -34.50
N SER A 787 -29.21 6.83 -34.62
CA SER A 787 -29.99 6.21 -35.65
C SER A 787 -30.41 4.83 -35.29
N THR A 788 -31.64 4.40 -35.72
CA THR A 788 -32.19 3.12 -35.39
C THR A 788 -31.30 1.95 -36.04
N GLU A 789 -30.82 2.17 -37.29
CA GLU A 789 -29.98 1.17 -38.00
C GLU A 789 -28.70 0.78 -37.27
N LYS A 790 -27.94 1.75 -36.63
CA LYS A 790 -26.73 1.59 -35.84
C LYS A 790 -27.04 0.77 -34.59
N PHE A 791 -28.23 1.12 -33.97
CA PHE A 791 -28.67 0.42 -32.82
C PHE A 791 -29.01 -1.04 -33.06
N ASP A 792 -29.69 -1.29 -34.23
CA ASP A 792 -30.12 -2.56 -34.73
C ASP A 792 -28.85 -3.39 -34.95
N PHE A 793 -27.80 -2.71 -35.55
CA PHE A 793 -26.68 -3.43 -35.95
C PHE A 793 -25.93 -4.02 -34.79
N TYR A 794 -25.81 -3.19 -33.66
CA TYR A 794 -25.19 -3.74 -32.51
C TYR A 794 -25.95 -4.95 -31.94
N ASP A 795 -27.29 -4.86 -31.89
CA ASP A 795 -28.15 -5.95 -31.38
C ASP A 795 -28.03 -7.20 -32.21
N SER A 796 -27.87 -7.17 -33.66
CA SER A 796 -27.57 -8.26 -34.46
C SER A 796 -26.25 -8.94 -34.24
N SER A 797 -25.12 -8.12 -33.95
CA SER A 797 -23.74 -8.47 -33.68
C SER A 797 -23.61 -9.36 -32.44
N SER A 798 -24.39 -9.10 -31.36
CA SER A 798 -24.34 -9.84 -30.06
C SER A 798 -24.72 -11.28 -30.14
N VAL A 799 -25.62 -11.67 -31.08
CA VAL A 799 -25.99 -12.96 -31.47
C VAL A 799 -24.83 -13.80 -32.00
N ASP A 800 -24.00 -13.17 -32.95
CA ASP A 800 -22.96 -13.70 -33.68
C ASP A 800 -21.63 -13.78 -32.90
N PRO B 180 -45.56 32.06 75.79
CA PRO B 180 -45.13 33.09 74.75
C PRO B 180 -44.84 32.33 73.42
N GLU B 181 -44.84 32.96 72.28
CA GLU B 181 -44.37 32.27 71.01
C GLU B 181 -42.87 32.06 71.05
N GLU B 182 -42.19 32.85 71.84
CA GLU B 182 -40.81 32.96 71.87
C GLU B 182 -40.10 31.68 72.19
N ASP B 183 -40.63 30.87 73.16
CA ASP B 183 -40.19 29.53 73.43
C ASP B 183 -40.38 28.56 72.29
N ILE B 184 -41.54 28.68 71.56
CA ILE B 184 -41.77 27.79 70.46
C ILE B 184 -40.71 28.03 69.45
N LEU B 185 -40.36 29.32 69.16
CA LEU B 185 -39.43 29.64 68.10
C LEU B 185 -38.08 29.12 68.40
N LYS B 186 -37.63 29.23 69.68
CA LYS B 186 -36.29 28.76 70.08
C LYS B 186 -36.30 27.27 69.90
N TYR B 187 -37.38 26.50 70.25
CA TYR B 187 -37.46 25.02 70.04
C TYR B 187 -37.44 24.61 68.60
N VAL B 188 -38.20 25.34 67.70
CA VAL B 188 -38.41 25.02 66.28
C VAL B 188 -37.10 25.07 65.50
N SER B 189 -36.27 26.05 65.82
CA SER B 189 -34.92 26.28 65.38
C SER B 189 -33.95 25.18 65.85
N TYR B 190 -34.13 24.71 67.07
CA TYR B 190 -33.44 23.61 67.68
C TYR B 190 -33.75 22.38 66.94
N THR B 191 -35.01 22.14 66.53
CA THR B 191 -35.42 20.95 65.83
C THR B 191 -34.67 20.95 64.51
N LEU B 192 -34.48 22.08 63.73
CA LEU B 192 -33.70 22.07 62.47
C LEU B 192 -32.25 21.74 62.71
N LEU B 193 -31.70 22.07 63.93
CA LEU B 193 -30.30 21.69 64.39
C LEU B 193 -30.15 20.24 64.75
N ALA B 194 -31.25 19.50 64.86
CA ALA B 194 -31.24 18.12 65.30
C ALA B 194 -30.74 17.86 66.72
N THR B 195 -31.11 18.68 67.69
CA THR B 195 -30.86 18.61 69.08
C THR B 195 -32.32 18.38 69.64
N THR B 196 -32.49 17.71 70.82
CA THR B 196 -33.71 17.39 71.55
C THR B 196 -34.27 18.71 72.07
N SER B 197 -35.56 18.72 72.26
CA SER B 197 -36.40 19.85 72.67
C SER B 197 -37.44 19.35 73.60
N ALA B 198 -38.27 20.32 74.14
CA ALA B 198 -39.30 20.02 75.06
C ALA B 198 -40.67 20.18 74.37
N LEU B 199 -40.71 20.51 73.02
CA LEU B 199 -41.91 20.79 72.35
C LEU B 199 -42.02 19.79 71.23
N PHE B 200 -40.92 19.52 70.46
CA PHE B 200 -40.86 18.36 69.60
C PHE B 200 -40.07 17.26 70.26
N PRO B 201 -40.54 16.03 70.35
CA PRO B 201 -39.69 14.96 70.88
C PRO B 201 -39.12 14.37 69.67
N PHE B 202 -37.99 13.64 69.90
CA PHE B 202 -37.28 13.15 68.77
C PHE B 202 -37.52 11.67 68.89
N ASP B 203 -37.55 10.96 67.75
CA ASP B 203 -37.72 9.54 67.78
C ASP B 203 -36.32 8.94 67.78
N HIS B 204 -35.75 8.78 66.57
CA HIS B 204 -34.27 8.58 66.44
C HIS B 204 -33.91 8.60 64.97
N GLU B 205 -34.91 8.81 64.09
CA GLU B 205 -34.63 8.78 62.66
C GLU B 205 -35.60 9.76 61.97
N GLN B 206 -36.43 10.42 62.76
CA GLN B 206 -37.49 11.35 62.32
C GLN B 206 -37.86 12.10 63.57
N ILE B 207 -38.83 13.03 63.42
CA ILE B 207 -39.30 13.85 64.51
C ILE B 207 -40.85 13.78 64.34
N GLN B 208 -41.62 13.40 65.41
CA GLN B 208 -43.04 13.33 65.42
C GLN B 208 -43.61 14.54 65.99
N ILE B 209 -44.42 15.36 65.17
CA ILE B 209 -45.09 16.54 65.63
C ILE B 209 -45.97 16.32 66.84
N PRO B 210 -45.96 17.19 67.84
CA PRO B 210 -46.77 16.99 68.96
C PRO B 210 -48.13 17.32 68.48
N SER B 211 -49.13 16.59 69.02
CA SER B 211 -50.57 16.66 68.75
C SER B 211 -51.37 17.13 69.89
N LYS B 212 -50.68 17.59 70.95
CA LYS B 212 -51.24 17.98 72.25
C LYS B 212 -51.25 19.52 72.31
N ILE B 213 -50.58 20.15 71.32
CA ILE B 213 -50.53 21.55 71.03
C ILE B 213 -51.79 21.95 70.33
N PRO B 214 -52.13 23.26 70.19
CA PRO B 214 -53.19 23.80 69.33
C PRO B 214 -52.93 23.40 67.86
N ASN B 215 -53.88 22.82 67.09
CA ASN B 215 -53.57 22.28 65.78
C ASN B 215 -53.98 23.19 64.64
N PHE B 216 -53.38 24.36 64.69
CA PHE B 216 -53.31 25.36 63.65
C PHE B 216 -51.82 25.59 63.37
N GLU B 217 -51.05 25.53 64.54
CA GLU B 217 -49.60 25.40 64.78
C GLU B 217 -49.07 24.10 64.22
N SER B 218 -49.84 23.02 64.30
CA SER B 218 -49.48 21.68 63.95
C SER B 218 -49.06 21.58 62.53
N GLY B 219 -49.78 22.30 61.55
CA GLY B 219 -49.47 22.32 60.13
C GLY B 219 -48.13 22.92 60.01
N LEU B 220 -47.81 24.07 60.73
CA LEU B 220 -46.52 24.73 60.58
C LEU B 220 -45.45 23.77 61.04
N LEU B 221 -45.74 22.95 62.14
CA LEU B 221 -44.74 22.03 62.67
C LEU B 221 -44.32 20.95 61.69
N HIS B 222 -45.33 20.50 60.85
CA HIS B 222 -45.24 19.45 59.83
C HIS B 222 -44.27 20.00 58.84
N LEU B 223 -44.33 21.34 58.47
CA LEU B 223 -43.32 21.87 57.53
C LEU B 223 -41.97 21.81 58.15
N ILE B 224 -41.72 22.13 59.44
CA ILE B 224 -40.41 22.16 60.11
C ILE B 224 -39.82 20.80 60.16
N PHE B 225 -40.74 19.80 60.33
CA PHE B 225 -40.38 18.39 60.37
C PHE B 225 -39.73 17.88 59.13
N GLU B 226 -40.16 18.35 57.91
CA GLU B 226 -39.49 17.86 56.70
C GLU B 226 -38.05 18.15 56.66
N ALA B 227 -37.60 19.42 57.00
CA ALA B 227 -36.31 20.01 57.06
C ALA B 227 -35.42 19.36 58.03
N GLY B 228 -35.97 19.03 59.25
CA GLY B 228 -35.21 18.45 60.32
C GLY B 228 -34.82 17.07 59.99
N LEU B 229 -35.68 16.34 59.25
CA LEU B 229 -35.40 15.06 58.66
C LEU B 229 -34.27 15.13 57.68
N LEU B 230 -34.23 16.16 56.81
CA LEU B 230 -33.19 16.23 55.81
C LEU B 230 -31.80 16.40 56.40
N TYR B 231 -31.70 17.28 57.44
CA TYR B 231 -30.53 17.66 58.21
C TYR B 231 -29.89 16.37 58.95
N GLN B 232 -30.74 15.52 59.54
CA GLN B 232 -30.27 14.24 60.09
C GLN B 232 -29.74 13.27 59.10
N SER B 233 -30.44 13.16 57.92
CA SER B 233 -30.02 12.23 56.88
C SER B 233 -28.68 12.64 56.32
N LEU B 234 -28.40 13.91 56.02
CA LEU B 234 -27.04 14.19 55.63
C LEU B 234 -26.02 13.94 56.66
N GLY B 235 -26.25 14.38 57.91
CA GLY B 235 -25.40 14.40 59.04
C GLY B 235 -24.96 13.03 59.38
N TYR B 236 -25.87 11.99 59.26
CA TYR B 236 -25.65 10.57 59.37
C TYR B 236 -24.79 10.13 58.28
N LYS B 237 -25.01 10.59 57.04
CA LYS B 237 -24.29 10.17 55.85
C LYS B 237 -22.86 10.54 56.04
N VAL B 238 -22.63 11.86 56.46
CA VAL B 238 -21.37 12.53 56.67
C VAL B 238 -20.49 11.80 57.68
N GLU B 239 -21.04 11.38 58.83
CA GLU B 239 -20.38 10.56 59.83
C GLU B 239 -20.02 9.25 59.32
N LYS B 240 -20.96 8.68 58.53
CA LYS B 240 -20.77 7.35 58.02
C LYS B 240 -19.63 7.25 57.05
N PHE B 241 -19.44 8.23 56.10
CA PHE B 241 -18.56 8.16 54.98
C PHE B 241 -17.14 8.29 55.51
N ARG B 242 -16.95 9.00 56.61
CA ARG B 242 -15.71 9.09 57.44
C ARG B 242 -15.49 7.81 58.20
N MET B 243 -14.17 7.42 58.45
CA MET B 243 -13.77 6.12 59.02
C MET B 243 -14.14 4.98 58.12
N LEU B 244 -15.29 4.34 58.33
CA LEU B 244 -15.94 3.38 57.46
C LEU B 244 -16.15 3.91 56.08
N ASN B 245 -15.89 3.04 55.10
CA ASN B 245 -16.09 3.34 53.70
C ASN B 245 -15.05 4.28 53.03
N ILE B 246 -13.70 3.92 53.30
CA ILE B 246 -12.59 4.65 52.78
C ILE B 246 -12.48 4.60 51.25
N SER B 247 -12.44 5.84 50.62
CA SER B 247 -11.98 6.05 49.26
C SER B 247 -11.59 7.49 49.20
N PRO B 248 -10.60 7.95 48.48
CA PRO B 248 -10.21 9.39 48.44
C PRO B 248 -11.26 10.19 47.79
N MET B 249 -12.05 9.52 46.91
CA MET B 249 -13.20 9.94 46.18
C MET B 249 -14.35 10.21 47.19
N LYS B 250 -14.47 9.31 48.24
CA LYS B 250 -15.43 9.41 49.33
C LYS B 250 -15.17 10.65 50.19
N LYS B 251 -13.83 10.95 50.56
CA LYS B 251 -13.40 12.11 51.28
C LYS B 251 -13.77 13.37 50.61
N ALA B 252 -13.61 13.49 49.26
CA ALA B 252 -13.91 14.69 48.46
C ALA B 252 -15.44 14.90 48.57
N LEU B 253 -16.28 13.79 48.59
CA LEU B 253 -17.76 13.90 48.73
C LEU B 253 -18.25 14.49 50.04
N ILE B 254 -17.77 13.97 51.19
CA ILE B 254 -18.11 14.42 52.51
C ILE B 254 -17.68 15.89 52.69
N ILE B 255 -16.52 16.40 52.22
CA ILE B 255 -16.08 17.76 52.34
C ILE B 255 -17.08 18.61 51.62
N GLU B 256 -17.53 18.23 50.39
CA GLU B 256 -18.47 19.01 49.61
C GLU B 256 -19.82 19.01 50.22
N ILE B 257 -20.27 17.87 50.82
CA ILE B 257 -21.58 17.85 51.61
C ILE B 257 -21.47 18.75 52.77
N SER B 258 -20.36 18.80 53.54
CA SER B 258 -20.13 19.68 54.70
C SER B 258 -20.25 21.15 54.49
N GLU B 259 -19.77 21.62 53.33
CA GLU B 259 -19.93 22.99 52.92
C GLU B 259 -21.42 23.29 52.67
N GLU B 260 -22.22 22.40 52.08
CA GLU B 260 -23.66 22.59 51.94
C GLU B 260 -24.42 22.62 53.20
N LEU B 261 -24.01 21.81 54.21
CA LEU B 261 -24.56 21.76 55.54
C LEU B 261 -24.32 23.06 56.28
N GLN B 262 -23.24 23.81 55.93
CA GLN B 262 -22.84 25.05 56.51
C GLN B 262 -23.55 26.13 55.75
N ASN B 263 -23.61 27.26 56.46
CA ASN B 263 -24.21 28.50 56.18
C ASN B 263 -25.71 28.47 56.51
N TYR B 264 -26.32 27.23 56.42
CA TYR B 264 -27.72 26.81 56.80
C TYR B 264 -27.84 26.85 58.31
N THR B 265 -26.81 26.22 59.01
CA THR B 265 -26.56 26.12 60.41
C THR B 265 -26.33 27.48 61.00
N ALA B 266 -25.61 28.36 60.21
CA ALA B 266 -25.35 29.72 60.59
C ALA B 266 -26.55 30.56 60.71
N PHE B 267 -27.56 30.43 59.75
CA PHE B 267 -28.85 31.11 59.87
C PHE B 267 -29.71 30.77 61.06
N VAL B 268 -29.78 29.49 61.37
CA VAL B 268 -30.46 28.90 62.46
C VAL B 268 -29.93 29.43 63.85
N ASN B 269 -28.60 29.51 63.98
CA ASN B 269 -27.93 30.02 65.16
C ASN B 269 -28.23 31.48 65.35
N ASN B 270 -28.28 32.22 64.28
CA ASN B 270 -28.56 33.67 64.35
C ASN B 270 -29.93 33.93 64.85
N LEU B 271 -30.94 33.15 64.36
CA LEU B 271 -32.32 33.26 64.82
C LEU B 271 -32.39 32.91 66.34
N VAL B 272 -31.74 31.89 66.91
CA VAL B 272 -31.76 31.63 68.34
C VAL B 272 -31.13 32.81 69.14
N SER B 273 -30.01 33.40 68.60
CA SER B 273 -29.25 34.56 69.15
C SER B 273 -30.03 35.85 69.42
N SER B 274 -30.91 36.19 68.48
CA SER B 274 -31.89 37.22 68.55
C SER B 274 -32.87 37.08 69.62
N GLY B 275 -33.88 36.19 69.34
CA GLY B 275 -34.99 35.84 70.18
C GLY B 275 -36.17 36.68 69.69
N THR B 276 -36.83 36.20 68.60
CA THR B 276 -37.92 36.98 68.00
C THR B 276 -39.24 36.29 68.34
N VAL B 277 -40.38 37.01 68.44
CA VAL B 277 -41.68 36.38 68.84
C VAL B 277 -42.46 36.06 67.63
N VAL B 278 -41.95 36.35 66.40
CA VAL B 278 -42.63 36.00 65.18
C VAL B 278 -43.08 34.54 65.06
N SER B 279 -44.04 34.43 64.11
CA SER B 279 -44.57 33.22 63.62
C SER B 279 -43.55 32.22 63.08
N LEU B 280 -43.92 30.93 63.17
CA LEU B 280 -43.20 29.80 62.58
C LEU B 280 -43.22 29.82 61.07
N LYS B 281 -44.31 30.37 60.56
CA LYS B 281 -44.67 30.71 59.22
C LYS B 281 -43.70 31.74 58.54
N SER B 282 -43.40 32.84 59.27
CA SER B 282 -42.38 33.82 58.83
C SER B 282 -41.03 33.16 58.84
N LEU B 283 -40.77 32.32 59.87
CA LEU B 283 -39.45 31.66 59.98
C LEU B 283 -39.20 30.72 58.78
N TYR B 284 -40.25 29.99 58.34
CA TYR B 284 -40.35 29.06 57.24
C TYR B 284 -40.12 29.72 55.88
N ARG B 285 -40.69 30.89 55.68
CA ARG B 285 -40.51 31.64 54.46
C ARG B 285 -39.07 32.12 54.33
N GLU B 286 -38.51 32.58 55.50
CA GLU B 286 -37.16 33.10 55.50
C GLU B 286 -36.09 32.08 55.14
N ILE B 287 -36.22 30.84 55.66
CA ILE B 287 -35.34 29.73 55.51
C ILE B 287 -36.00 28.73 54.58
N TYR B 288 -36.70 29.19 53.53
CA TYR B 288 -37.34 28.40 52.59
C TYR B 288 -36.39 27.61 51.71
N GLU B 289 -35.33 28.37 51.25
CA GLU B 289 -34.41 28.04 50.21
C GLU B 289 -33.59 26.86 50.46
N ASN B 290 -33.11 26.73 51.75
CA ASN B 290 -32.28 25.65 52.15
C ASN B 290 -32.90 24.33 52.13
N ILE B 291 -34.16 24.26 52.41
CA ILE B 291 -34.91 23.01 52.47
C ILE B 291 -34.91 22.41 51.10
N ILE B 292 -35.06 23.22 50.07
CA ILE B 292 -35.16 22.88 48.64
C ILE B 292 -33.89 22.38 48.09
N ARG B 293 -32.81 23.16 48.38
CA ARG B 293 -31.56 23.01 47.65
C ARG B 293 -31.08 21.61 48.09
N LEU B 294 -31.18 21.35 49.46
CA LEU B 294 -30.74 20.09 50.04
C LEU B 294 -31.48 18.91 49.54
N ARG B 295 -32.76 18.90 49.39
CA ARG B 295 -33.52 17.65 49.21
C ARG B 295 -33.08 17.07 47.92
N ILE B 296 -32.89 17.87 46.81
CA ILE B 296 -32.47 17.44 45.54
C ILE B 296 -31.04 16.88 45.58
N TYR B 297 -30.14 17.68 46.27
CA TYR B 297 -28.78 17.25 46.33
C TYR B 297 -28.57 15.94 46.96
N CYS B 298 -29.34 15.60 48.01
CA CYS B 298 -29.23 14.41 48.87
C CYS B 298 -29.43 13.15 48.03
N ARG B 299 -30.27 13.17 47.04
CA ARG B 299 -30.56 11.94 46.27
C ARG B 299 -29.26 11.44 45.63
N PHE B 300 -28.43 12.34 45.06
CA PHE B 300 -27.18 12.18 44.39
C PHE B 300 -26.26 11.56 45.41
N THR B 301 -26.27 12.13 46.68
CA THR B 301 -25.32 11.79 47.71
C THR B 301 -25.43 10.36 48.05
N GLU B 302 -26.77 9.79 48.12
CA GLU B 302 -27.14 8.44 48.41
C GLU B 302 -26.65 7.47 47.35
N HIS B 303 -26.85 7.79 46.10
CA HIS B 303 -26.47 6.93 45.01
C HIS B 303 -24.98 6.77 44.79
N LEU B 304 -24.16 7.82 45.13
CA LEU B 304 -22.72 7.87 44.93
C LEU B 304 -22.00 6.81 45.68
N GLU B 305 -22.57 6.40 46.82
CA GLU B 305 -22.15 5.36 47.73
C GLU B 305 -22.07 4.02 47.01
N GLU B 306 -22.93 3.79 46.00
CA GLU B 306 -23.13 2.60 45.31
C GLU B 306 -22.00 2.28 44.40
N LEU B 307 -21.45 3.28 43.63
CA LEU B 307 -20.56 2.90 42.54
C LEU B 307 -19.45 3.93 42.75
N SER B 308 -18.21 3.42 43.03
CA SER B 308 -17.01 4.11 43.43
C SER B 308 -16.02 3.57 42.42
N GLY B 309 -15.14 4.51 41.95
CA GLY B 309 -14.01 4.23 40.99
C GLY B 309 -14.13 5.23 39.91
N ASP B 310 -13.87 4.81 38.65
CA ASP B 310 -14.05 5.57 37.46
C ASP B 310 -15.55 5.91 37.31
N THR B 311 -16.43 5.06 37.98
CA THR B 311 -17.87 5.17 37.97
C THR B 311 -18.30 6.49 38.58
N PHE B 312 -17.51 6.98 39.55
CA PHE B 312 -17.88 8.12 40.33
C PHE B 312 -18.10 9.30 39.39
N LEU B 313 -17.23 9.42 38.36
CA LEU B 313 -17.10 10.39 37.32
C LEU B 313 -18.29 10.41 36.48
N ILE B 314 -18.80 9.16 36.18
CA ILE B 314 -19.87 9.01 35.23
C ILE B 314 -21.17 9.61 35.76
N GLU B 315 -21.43 9.31 37.06
CA GLU B 315 -22.52 9.85 37.85
C GLU B 315 -22.48 11.40 37.98
N LEU B 316 -21.28 12.03 38.29
CA LEU B 316 -20.99 13.44 38.40
C LEU B 316 -21.20 14.23 37.10
N ASN B 317 -20.78 13.67 35.95
CA ASN B 317 -20.95 14.27 34.62
C ASN B 317 -22.44 14.36 34.24
N ILE B 318 -23.28 13.28 34.47
CA ILE B 318 -24.68 13.26 34.15
C ILE B 318 -25.41 14.27 35.02
N PHE B 319 -25.07 14.35 36.30
CA PHE B 319 -25.52 15.26 37.33
C PHE B 319 -25.19 16.68 36.91
N LYS B 320 -24.03 17.00 36.37
CA LYS B 320 -23.60 18.27 35.88
C LYS B 320 -24.43 18.80 34.67
N SER B 321 -24.93 17.77 33.86
CA SER B 321 -25.79 18.11 32.81
C SER B 321 -27.14 18.64 33.14
N HIS B 322 -27.63 18.21 34.34
CA HIS B 322 -28.97 18.45 34.87
C HIS B 322 -29.32 19.81 35.46
N GLY B 323 -30.65 20.22 35.22
CA GLY B 323 -31.36 21.08 36.06
C GLY B 323 -30.86 22.48 35.95
N ASP B 324 -31.35 23.33 36.92
CA ASP B 324 -31.23 24.73 36.86
C ASP B 324 -29.78 25.01 37.35
N LEU B 325 -29.45 26.32 37.28
CA LEU B 325 -28.07 26.88 37.36
C LEU B 325 -27.36 26.50 38.59
N THR B 326 -28.04 26.53 39.77
CA THR B 326 -27.57 26.20 41.07
C THR B 326 -27.22 24.76 41.15
N ILE B 327 -28.06 23.85 40.50
CA ILE B 327 -27.78 22.44 40.55
C ILE B 327 -26.54 22.11 39.86
N ARG B 328 -26.38 22.66 38.59
CA ARG B 328 -25.26 22.47 37.70
C ARG B 328 -23.97 22.97 38.39
N LYS B 329 -24.01 24.15 39.06
CA LYS B 329 -22.87 24.72 39.72
C LYS B 329 -22.36 23.88 40.87
N ILE B 330 -23.27 23.30 41.71
CA ILE B 330 -22.97 22.36 42.77
C ILE B 330 -22.33 21.13 42.19
N ALA B 331 -22.89 20.57 41.12
CA ALA B 331 -22.36 19.36 40.46
C ALA B 331 -20.97 19.60 39.90
N THR B 332 -20.66 20.81 39.31
CA THR B 332 -19.37 21.11 38.83
C THR B 332 -18.30 21.10 39.94
N ASN B 333 -18.58 21.69 41.16
CA ASN B 333 -17.59 21.72 42.21
C ASN B 333 -17.15 20.40 42.72
N LEU B 334 -18.14 19.44 42.81
CA LEU B 334 -17.96 17.97 43.10
C LEU B 334 -17.16 17.20 42.00
N PHE B 335 -17.40 17.54 40.67
CA PHE B 335 -16.68 16.93 39.52
C PHE B 335 -15.20 17.30 39.69
N ASN B 336 -14.90 18.58 39.99
CA ASN B 336 -13.61 19.16 40.09
C ASN B 336 -12.74 18.58 41.14
N SER B 337 -13.34 18.29 42.35
CA SER B 337 -12.61 17.70 43.50
C SER B 337 -12.09 16.28 43.11
N MET B 338 -12.92 15.47 42.39
CA MET B 338 -12.66 14.18 41.92
C MET B 338 -11.55 14.27 40.83
N ILE B 339 -11.51 15.31 39.94
CA ILE B 339 -10.39 15.49 38.93
C ILE B 339 -9.06 15.66 39.42
N SER B 340 -8.86 16.32 40.64
CA SER B 340 -7.60 16.27 41.29
C SER B 340 -7.03 14.84 41.64
N LEU B 341 -7.92 13.97 42.02
CA LEU B 341 -7.65 12.62 42.38
C LEU B 341 -7.19 11.80 41.21
N TYR B 342 -7.83 12.05 40.08
CA TYR B 342 -7.55 11.46 38.73
C TYR B 342 -6.13 11.83 38.25
N TYR B 343 -5.75 13.15 38.39
CA TYR B 343 -4.37 13.56 38.10
C TYR B 343 -3.34 12.88 38.98
N GLU B 344 -3.66 12.65 40.30
CA GLU B 344 -2.78 12.01 41.28
C GLU B 344 -2.44 10.60 40.79
N TYR B 345 -3.53 9.88 40.35
CA TYR B 345 -3.44 8.52 39.88
C TYR B 345 -2.67 8.35 38.65
N LEU B 346 -2.87 9.29 37.72
CA LEU B 346 -2.15 9.45 36.50
C LEU B 346 -0.68 9.73 36.79
N MET B 347 -0.41 10.62 37.78
CA MET B 347 0.97 11.07 38.10
C MET B 347 1.79 9.94 38.69
N ASN B 348 1.21 9.14 39.65
CA ASN B 348 1.89 7.95 40.21
C ASN B 348 2.17 6.91 39.22
N TRP B 349 1.24 6.63 38.26
CA TRP B 349 1.34 5.59 37.25
C TRP B 349 2.43 5.94 36.29
N LEU B 350 2.33 7.18 35.65
CA LEU B 350 3.21 7.56 34.59
C LEU B 350 4.65 7.77 35.14
N THR B 351 4.87 8.40 36.30
CA THR B 351 6.13 8.78 36.79
C THR B 351 6.89 7.65 37.58
N LYS B 352 6.21 6.74 38.31
CA LYS B 352 6.95 5.73 39.04
C LYS B 352 6.45 4.37 38.74
N GLY B 353 5.52 4.29 37.84
CA GLY B 353 5.01 3.04 37.42
C GLY B 353 4.01 2.41 38.33
N LEU B 354 3.56 3.08 39.43
CA LEU B 354 2.66 2.52 40.43
C LEU B 354 1.27 2.26 39.85
N LEU B 355 0.73 1.06 40.09
CA LEU B 355 -0.62 0.76 39.73
C LEU B 355 -1.53 0.98 40.89
N ARG B 356 -2.71 1.61 40.69
CA ARG B 356 -3.68 1.97 41.75
C ARG B 356 -5.05 1.72 41.23
N ALA B 357 -5.95 0.96 41.94
CA ALA B 357 -7.29 0.66 41.43
C ALA B 357 -7.79 -0.29 42.54
N THR B 358 -7.82 0.33 43.75
CA THR B 358 -8.11 -0.45 45.00
C THR B 358 -9.59 -0.23 45.34
N TYR B 359 -10.21 0.81 44.71
CA TYR B 359 -11.62 1.15 44.90
C TYR B 359 -12.20 1.12 43.54
N GLY B 360 -11.35 0.63 42.56
CA GLY B 360 -11.61 0.61 41.17
C GLY B 360 -11.24 1.98 40.56
N GLU B 361 -10.46 2.76 41.36
CA GLU B 361 -10.07 4.18 41.20
C GLU B 361 -9.62 4.57 39.79
N PHE B 362 -8.68 3.77 39.19
CA PHE B 362 -8.18 4.09 37.84
C PHE B 362 -8.48 2.80 37.13
N PHE B 363 -8.39 2.91 35.82
CA PHE B 363 -8.74 1.85 34.84
C PHE B 363 -7.53 1.12 34.36
N ILE B 364 -6.45 1.22 35.22
CA ILE B 364 -5.23 0.41 35.14
C ILE B 364 -5.43 -0.65 36.16
N ALA B 365 -5.25 -2.00 35.87
CA ALA B 365 -5.45 -2.99 36.86
C ALA B 365 -4.21 -3.81 36.92
N GLU B 366 -3.91 -4.31 38.16
CA GLU B 366 -2.88 -5.21 38.52
C GLU B 366 -3.63 -6.54 38.55
N ASN B 367 -3.14 -7.54 37.88
CA ASN B 367 -3.65 -8.88 37.88
C ASN B 367 -2.53 -9.80 38.31
N TYR B 379 -0.08 -16.55 35.98
CA TYR B 379 1.25 -16.55 35.23
C TYR B 379 2.09 -15.54 36.02
N HIS B 380 2.71 -14.51 35.38
CA HIS B 380 3.46 -13.48 35.99
C HIS B 380 3.34 -12.28 35.13
N ILE B 381 2.12 -11.76 34.98
CA ILE B 381 1.90 -10.57 34.21
C ILE B 381 1.20 -9.65 35.25
N PRO B 382 1.59 -8.46 35.68
CA PRO B 382 0.72 -7.79 36.70
C PRO B 382 0.25 -6.52 36.10
N ILE B 383 -0.07 -6.48 34.79
CA ILE B 383 -0.35 -5.23 34.10
C ILE B 383 -1.45 -5.39 33.04
N GLU B 384 -2.57 -4.67 33.17
CA GLU B 384 -3.48 -4.74 32.01
C GLU B 384 -4.30 -3.56 31.88
N PHE B 385 -4.98 -3.33 30.73
CA PHE B 385 -6.08 -2.36 30.54
C PHE B 385 -7.48 -2.91 30.78
N ASN B 386 -8.32 -2.06 31.45
CA ASN B 386 -9.75 -2.21 31.70
C ASN B 386 -10.50 -1.33 30.78
N GLN B 387 -10.86 -1.86 29.58
CA GLN B 387 -11.42 -1.07 28.49
C GLN B 387 -12.82 -0.57 28.95
N GLU B 388 -13.52 -1.41 29.72
CA GLU B 388 -14.83 -1.26 30.25
C GLU B 388 -15.08 0.01 31.18
N ARG B 389 -14.03 0.23 32.06
CA ARG B 389 -14.12 1.25 33.11
C ARG B 389 -14.05 2.68 32.70
N VAL B 390 -13.49 2.94 31.48
CA VAL B 390 -13.30 4.29 30.99
C VAL B 390 -14.59 5.04 30.78
N PRO B 391 -14.80 6.34 31.19
CA PRO B 391 -16.07 7.00 31.04
C PRO B 391 -16.33 7.33 29.58
N ALA B 392 -17.59 7.79 29.33
CA ALA B 392 -18.05 8.12 28.00
C ALA B 392 -17.95 9.62 27.84
N PHE B 393 -17.08 10.38 28.58
CA PHE B 393 -16.87 11.82 28.49
C PHE B 393 -15.43 12.12 28.52
N ILE B 394 -14.61 11.05 28.59
CA ILE B 394 -13.21 11.22 28.52
C ILE B 394 -12.93 10.22 27.36
N PRO B 395 -12.32 10.52 26.19
CA PRO B 395 -12.22 9.58 25.12
C PRO B 395 -11.42 8.41 25.43
N LYS B 396 -11.89 7.23 24.82
CA LYS B 396 -11.23 5.95 24.96
C LYS B 396 -9.87 5.89 24.49
N GLU B 397 -9.50 6.61 23.35
CA GLU B 397 -8.18 6.66 22.80
C GLU B 397 -7.24 7.28 23.78
N LEU B 398 -7.66 8.36 24.50
CA LEU B 398 -6.86 9.10 25.43
C LEU B 398 -6.44 8.30 26.60
N ALA B 399 -7.34 7.48 27.18
CA ALA B 399 -7.06 6.49 28.16
C ALA B 399 -6.11 5.39 27.66
N TYR B 400 -6.30 4.95 26.39
CA TYR B 400 -5.45 3.91 25.79
C TYR B 400 -3.98 4.31 25.67
N LYS B 401 -3.70 5.54 25.29
CA LYS B 401 -2.37 6.17 25.20
C LYS B 401 -1.78 6.19 26.58
N ILE B 402 -2.52 6.49 27.68
CA ILE B 402 -1.99 6.63 29.04
C ILE B 402 -1.45 5.26 29.48
N PHE B 403 -2.22 4.17 29.09
CA PHE B 403 -1.67 2.85 29.28
C PHE B 403 -0.43 2.50 28.52
N MET B 404 -0.30 2.85 27.14
CA MET B 404 0.86 2.57 26.36
C MET B 404 2.13 3.29 26.82
N ILE B 405 2.07 4.58 27.18
CA ILE B 405 3.24 5.34 27.72
C ILE B 405 3.82 4.84 29.04
N GLY B 406 2.86 4.53 29.97
CA GLY B 406 3.13 3.97 31.17
C GLY B 406 3.72 2.63 31.14
N LYS B 407 3.26 1.73 30.25
CA LYS B 407 3.75 0.42 30.09
C LYS B 407 5.18 0.33 29.61
N SER B 408 5.48 1.21 28.59
CA SER B 408 6.87 1.29 27.99
C SER B 408 7.85 1.72 29.07
N TYR B 409 7.48 2.67 29.93
CA TYR B 409 8.26 3.19 30.98
C TYR B 409 8.54 2.09 32.00
N ILE B 410 7.52 1.27 32.37
CA ILE B 410 7.72 0.15 33.24
C ILE B 410 8.66 -0.86 32.66
N PHE B 411 8.63 -1.23 31.34
CA PHE B 411 9.50 -2.30 30.79
C PHE B 411 10.93 -1.84 30.90
N LEU B 412 11.14 -0.51 30.65
CA LEU B 412 12.40 0.10 30.70
C LEU B 412 13.07 0.07 32.04
N GLU B 413 12.31 0.26 33.17
CA GLU B 413 12.92 0.10 34.49
C GLU B 413 13.34 -1.39 34.69
N LYS B 414 12.55 -2.34 34.24
CA LYS B 414 12.80 -3.78 34.40
C LYS B 414 14.06 -4.14 33.59
N TYR B 415 14.28 -3.48 32.47
CA TYR B 415 15.25 -3.83 31.47
C TYR B 415 16.70 -3.91 31.93
N CYS B 416 17.11 -2.89 32.76
CA CYS B 416 18.33 -2.74 33.48
C CYS B 416 18.25 -1.30 34.10
N LYS B 417 17.04 -0.69 33.99
CA LYS B 417 16.80 0.71 34.36
C LYS B 417 17.43 1.58 33.33
N GLU B 418 16.80 1.59 32.17
CA GLU B 418 17.18 2.21 30.95
C GLU B 418 16.40 3.53 30.75
N VAL B 419 15.45 3.85 31.69
CA VAL B 419 14.57 5.00 31.73
C VAL B 419 15.36 6.31 31.68
N GLN B 420 14.71 7.21 30.92
CA GLN B 420 15.27 8.53 30.96
C GLN B 420 14.67 9.27 32.11
N TRP B 421 15.50 10.07 32.85
CA TRP B 421 15.22 10.73 34.14
C TRP B 421 14.43 12.00 33.96
N THR B 422 14.57 12.62 32.75
CA THR B 422 13.85 13.81 32.38
C THR B 422 12.34 13.60 32.17
N ASN B 423 11.91 12.36 31.91
CA ASN B 423 10.52 11.96 31.77
C ASN B 423 9.75 12.27 33.01
N GLU B 424 10.30 12.11 34.20
CA GLU B 424 9.69 12.45 35.44
C GLU B 424 9.31 13.93 35.66
N PHE B 425 10.22 14.88 35.32
CA PHE B 425 10.05 16.27 35.34
C PHE B 425 9.03 16.70 34.33
N SER B 426 9.05 16.17 33.10
CA SER B 426 8.07 16.49 32.04
C SER B 426 6.66 16.08 32.47
N LYS B 427 6.53 14.87 33.09
CA LYS B 427 5.25 14.41 33.64
C LYS B 427 4.74 15.23 34.77
N LYS B 428 5.65 15.71 35.68
CA LYS B 428 5.23 16.54 36.79
C LYS B 428 4.64 17.85 36.31
N TYR B 429 5.28 18.45 35.27
CA TYR B 429 4.77 19.66 34.64
C TYR B 429 3.44 19.47 33.99
N HIS B 430 3.18 18.33 33.22
CA HIS B 430 1.97 18.07 32.48
C HIS B 430 0.82 17.96 33.41
N VAL B 431 1.03 17.33 34.56
CA VAL B 431 0.00 17.22 35.60
C VAL B 431 -0.36 18.56 36.22
N LEU B 432 0.67 19.41 36.42
CA LEU B 432 0.56 20.77 36.86
C LEU B 432 -0.15 21.77 35.94
N TYR B 433 0.14 21.64 34.60
CA TYR B 433 -0.37 22.47 33.49
C TYR B 433 -1.92 22.25 33.45
N GLN B 434 -2.35 20.98 33.62
CA GLN B 434 -3.68 20.49 33.71
C GLN B 434 -4.32 20.95 35.01
N SER B 435 -3.61 20.98 36.14
CA SER B 435 -4.15 21.17 37.44
C SER B 435 -4.90 22.47 37.64
N ASN B 436 -4.52 23.55 36.96
CA ASN B 436 -5.10 24.84 37.10
C ASN B 436 -6.55 24.94 36.55
N SER B 437 -6.87 24.12 35.51
CA SER B 437 -8.17 24.11 34.86
C SER B 437 -8.94 23.08 35.71
N TYR B 438 -10.30 23.16 35.70
CA TYR B 438 -11.24 22.22 36.32
C TYR B 438 -11.11 20.83 35.69
N ARG B 439 -11.00 20.82 34.33
CA ARG B 439 -10.87 19.73 33.47
C ARG B 439 -9.98 20.11 32.29
N GLY B 440 -9.04 19.17 31.88
CA GLY B 440 -8.12 19.25 30.78
C GLY B 440 -8.79 19.47 29.49
N ILE B 441 -7.92 20.02 28.56
CA ILE B 441 -8.31 20.19 27.13
C ILE B 441 -7.62 19.02 26.57
N SER B 442 -8.49 18.18 25.88
CA SER B 442 -8.17 16.86 25.40
C SER B 442 -7.14 16.99 24.31
N THR B 443 -7.30 17.93 23.34
CA THR B 443 -6.44 17.97 22.13
C THR B 443 -4.99 18.23 22.59
N ASN B 444 -4.77 19.19 23.46
CA ASN B 444 -3.57 19.67 24.05
C ASN B 444 -2.92 18.55 24.89
N PHE B 445 -3.78 17.87 25.70
CA PHE B 445 -3.38 16.80 26.59
C PHE B 445 -2.85 15.62 25.81
N PHE B 446 -3.53 15.32 24.72
CA PHE B 446 -3.27 14.22 23.87
C PHE B 446 -1.89 14.46 23.26
N GLU B 447 -1.69 15.72 22.83
CA GLU B 447 -0.42 16.17 22.20
C GLU B 447 0.82 15.99 23.01
N ILE B 448 0.82 16.38 24.30
CA ILE B 448 1.91 16.36 25.28
C ILE B 448 2.29 14.95 25.63
N ILE B 449 1.26 14.10 25.82
CA ILE B 449 1.40 12.70 26.05
C ILE B 449 1.97 11.88 24.87
N ASN B 450 1.51 12.16 23.62
CA ASN B 450 2.08 11.65 22.36
C ASN B 450 3.48 12.08 22.03
N ASP B 451 3.97 13.34 22.28
CA ASP B 451 5.32 13.68 22.03
C ASP B 451 6.29 12.93 22.83
N GLN B 452 5.90 12.84 24.18
CA GLN B 452 6.59 12.12 25.24
C GLN B 452 6.65 10.63 24.96
N TYR B 453 5.50 10.02 24.43
CA TYR B 453 5.42 8.59 24.06
C TYR B 453 6.44 8.41 22.92
N SER B 454 6.53 9.26 21.91
CA SER B 454 7.49 9.06 20.89
C SER B 454 8.99 9.07 21.28
N GLU B 455 9.29 10.02 22.28
CA GLU B 455 10.68 9.90 22.80
C GLU B 455 11.03 8.58 23.51
N ILE B 456 10.10 8.07 24.34
CA ILE B 456 10.20 6.88 25.22
C ILE B 456 10.44 5.72 24.30
N VAL B 457 9.69 5.59 23.21
CA VAL B 457 9.67 4.52 22.22
C VAL B 457 10.96 4.45 21.44
N ASN B 458 11.53 5.61 20.98
CA ASN B 458 12.79 5.65 20.28
C ASN B 458 13.88 5.18 21.19
N HIS B 459 13.91 5.62 22.47
CA HIS B 459 14.96 5.17 23.39
C HIS B 459 14.87 3.63 23.65
N THR B 460 13.64 3.04 23.62
CA THR B 460 13.50 1.61 23.78
C THR B 460 14.12 0.90 22.59
N ASN B 461 13.93 1.37 21.34
CA ASN B 461 14.55 0.79 20.21
C ASN B 461 16.05 0.86 20.32
N GLN B 462 16.61 2.08 20.68
CA GLN B 462 18.06 2.25 20.84
C GLN B 462 18.68 1.35 21.91
N ILE B 463 18.06 1.20 23.08
CA ILE B 463 18.62 0.41 24.12
C ILE B 463 18.70 -1.10 23.74
N LEU B 464 17.54 -1.64 23.12
CA LEU B 464 17.50 -3.00 22.72
C LEU B 464 18.41 -3.30 21.61
N ASN B 465 18.32 -2.57 20.47
CA ASN B 465 19.19 -2.90 19.33
C ASN B 465 20.71 -2.52 19.53
N GLN B 466 21.05 -1.22 19.95
CA GLN B 466 22.49 -0.84 20.05
C GLN B 466 23.26 -1.41 21.24
N LYS B 467 22.66 -1.21 22.41
CA LYS B 467 23.31 -1.50 23.67
C LYS B 467 23.38 -2.97 23.97
N PHE B 468 22.37 -3.75 23.70
CA PHE B 468 22.37 -5.14 24.07
C PHE B 468 22.04 -6.09 22.93
N HIS B 469 22.37 -5.64 21.71
CA HIS B 469 22.45 -6.41 20.43
C HIS B 469 21.30 -7.29 20.14
N TYR B 470 20.08 -6.75 20.32
CA TYR B 470 18.85 -7.39 20.11
C TYR B 470 18.78 -7.81 18.67
N ARG B 471 19.19 -6.90 17.74
CA ARG B 471 19.18 -7.08 16.32
C ARG B 471 19.99 -8.30 15.91
N ASP B 472 21.15 -8.48 16.58
CA ASP B 472 21.92 -9.66 16.35
C ASP B 472 21.26 -10.98 16.72
N VAL B 473 20.52 -10.96 17.91
CA VAL B 473 19.91 -12.13 18.53
C VAL B 473 18.80 -12.68 17.75
N VAL B 474 17.91 -11.80 17.12
CA VAL B 474 16.90 -12.32 16.23
C VAL B 474 17.56 -13.02 15.00
N PHE B 475 18.62 -12.51 14.42
CA PHE B 475 19.31 -13.16 13.29
C PHE B 475 19.84 -14.56 13.70
N ALA B 476 20.45 -14.63 14.84
CA ALA B 476 20.96 -15.86 15.50
C ALA B 476 19.90 -16.87 15.84
N LEU B 477 18.67 -16.39 16.29
CA LEU B 477 17.48 -17.26 16.58
C LEU B 477 17.05 -17.94 15.35
N LYS B 478 16.97 -17.29 14.16
CA LYS B 478 16.52 -17.84 12.95
C LYS B 478 17.40 -18.96 12.57
N ASN B 479 18.72 -18.82 12.77
CA ASN B 479 19.82 -19.75 12.55
C ASN B 479 19.78 -21.00 13.43
N ILE B 480 19.54 -20.99 14.77
CA ILE B 480 19.47 -22.21 15.55
C ILE B 480 18.12 -22.84 15.40
N LEU B 481 17.04 -22.14 15.67
CA LEU B 481 15.70 -22.70 15.84
C LEU B 481 15.07 -23.26 14.61
N LEU B 482 15.12 -22.51 13.46
CA LEU B 482 14.58 -22.93 12.20
C LEU B 482 15.63 -23.67 11.31
N MET B 483 16.84 -23.93 11.85
CA MET B 483 17.89 -24.67 11.21
C MET B 483 18.48 -23.93 10.09
N GLY B 484 18.64 -22.52 10.21
CA GLY B 484 18.99 -21.68 9.15
C GLY B 484 20.53 -21.79 8.84
N LYS B 485 21.40 -22.50 9.63
CA LYS B 485 22.82 -22.74 9.15
C LYS B 485 23.10 -24.23 9.23
N SER B 486 23.24 -24.87 8.08
CA SER B 486 23.21 -26.33 8.03
C SER B 486 24.29 -27.06 8.79
N ASP B 487 25.41 -26.41 8.63
CA ASP B 487 26.67 -26.89 9.19
C ASP B 487 26.70 -26.98 10.69
N PHE B 488 26.08 -25.96 11.40
CA PHE B 488 25.99 -25.91 12.80
C PHE B 488 25.23 -27.05 13.33
N MET B 489 24.03 -27.32 12.69
CA MET B 489 23.19 -28.46 13.02
C MET B 489 23.88 -29.80 12.74
N ASP B 490 24.58 -29.95 11.65
CA ASP B 490 25.25 -31.22 11.25
C ASP B 490 26.30 -31.64 12.23
N ALA B 491 27.13 -30.66 12.67
CA ALA B 491 28.20 -30.77 13.66
C ALA B 491 27.59 -31.11 15.04
N LEU B 492 26.44 -30.47 15.35
CA LEU B 492 25.82 -30.71 16.63
C LEU B 492 25.39 -32.18 16.80
N ILE B 493 24.77 -32.67 15.66
CA ILE B 493 24.26 -33.99 15.59
C ILE B 493 25.34 -35.08 15.71
N GLU B 494 26.49 -34.93 15.06
CA GLU B 494 27.62 -35.89 15.12
C GLU B 494 28.11 -36.06 16.53
N LYS B 495 28.41 -34.90 17.16
CA LYS B 495 28.95 -34.82 18.52
C LYS B 495 27.96 -35.29 19.60
N ALA B 496 26.73 -34.95 19.53
CA ALA B 496 25.68 -35.28 20.45
C ALA B 496 25.38 -36.82 20.40
N ASN B 497 25.61 -37.52 19.21
CA ASN B 497 25.01 -38.83 18.85
C ASN B 497 25.13 -39.85 19.90
N ASP B 498 26.30 -39.96 20.48
CA ASP B 498 26.64 -40.87 21.50
C ASP B 498 25.86 -40.67 22.77
N ILE B 499 25.70 -39.43 23.21
CA ILE B 499 25.03 -39.02 24.41
C ILE B 499 23.48 -39.25 24.28
N LEU B 500 22.96 -39.00 23.06
CA LEU B 500 21.50 -39.08 22.79
C LEU B 500 21.12 -40.57 22.69
N ALA B 501 22.10 -41.38 22.22
CA ALA B 501 21.93 -42.82 22.02
C ALA B 501 21.56 -43.66 23.32
N THR B 502 22.16 -43.20 24.38
CA THR B 502 22.02 -43.62 25.77
C THR B 502 20.77 -42.80 26.36
N PRO B 503 20.10 -43.27 27.35
CA PRO B 503 18.99 -42.66 28.13
C PRO B 503 19.24 -41.23 28.60
N SER B 504 18.26 -40.26 28.57
CA SER B 504 18.46 -38.90 28.88
C SER B 504 18.13 -38.80 30.33
N ASP B 505 19.04 -38.16 31.11
CA ASP B 505 18.87 -37.84 32.47
C ASP B 505 19.54 -36.60 32.70
N SER B 506 19.97 -36.34 33.97
CA SER B 506 20.63 -35.15 34.44
C SER B 506 21.98 -34.84 33.68
N LEU B 507 22.85 -35.87 33.63
CA LEU B 507 24.15 -35.71 33.10
C LEU B 507 24.26 -35.46 31.65
N PRO B 508 23.44 -36.05 30.70
CA PRO B 508 23.46 -35.79 29.25
C PRO B 508 23.29 -34.40 28.90
N ASN B 509 22.39 -33.74 29.63
CA ASN B 509 22.03 -32.39 29.44
C ASN B 509 23.27 -31.43 29.54
N TYR B 510 24.13 -31.64 30.61
CA TYR B 510 25.31 -30.85 30.87
C TYR B 510 26.33 -31.06 29.81
N LYS B 511 26.55 -32.36 29.42
CA LYS B 511 27.56 -32.77 28.42
C LYS B 511 27.15 -32.14 27.06
N LEU B 512 25.83 -32.16 26.70
CA LEU B 512 25.19 -31.67 25.52
C LEU B 512 25.34 -30.14 25.47
N THR B 513 25.29 -29.40 26.62
CA THR B 513 25.51 -28.00 26.61
C THR B 513 26.92 -27.55 26.18
N ARG B 514 28.00 -28.23 26.61
CA ARG B 514 29.33 -28.00 26.23
C ARG B 514 29.57 -28.33 24.76
N VAL B 515 29.04 -29.43 24.26
CA VAL B 515 29.08 -29.88 22.83
C VAL B 515 28.40 -28.88 21.98
N LEU B 516 27.29 -28.30 22.50
CA LEU B 516 26.56 -27.28 21.81
C LEU B 516 27.47 -26.02 21.58
N GLN B 517 28.25 -25.60 22.58
CA GLN B 517 29.21 -24.50 22.43
C GLN B 517 30.36 -24.79 21.45
N GLU B 518 30.84 -26.01 21.54
CA GLU B 518 31.96 -26.53 20.75
C GLU B 518 31.59 -26.56 19.28
N ALA B 519 30.34 -26.92 18.94
CA ALA B 519 29.89 -27.10 17.61
C ALA B 519 29.98 -25.80 16.85
N VAL B 520 29.66 -24.73 17.53
CA VAL B 520 29.62 -23.38 17.02
C VAL B 520 31.01 -22.93 16.50
N GLN B 521 32.03 -23.16 17.35
CA GLN B 521 33.37 -22.83 17.01
C GLN B 521 33.88 -23.70 15.86
N LEU B 522 33.58 -25.03 15.94
CA LEU B 522 34.07 -26.07 15.08
C LEU B 522 33.65 -25.88 13.65
N SER B 523 32.39 -25.44 13.45
CA SER B 523 31.86 -25.09 12.23
C SER B 523 32.30 -23.77 11.62
N SER B 524 33.16 -22.95 12.26
CA SER B 524 33.68 -21.71 11.79
C SER B 524 32.63 -20.74 11.21
N LEU B 525 31.76 -20.18 12.08
CA LEU B 525 30.52 -19.47 11.68
C LEU B 525 30.73 -18.01 11.74
N ARG B 526 31.99 -17.48 11.66
CA ARG B 526 32.46 -16.13 11.37
C ARG B 526 32.40 -15.46 12.72
N HIS B 527 33.57 -15.16 13.21
CA HIS B 527 33.72 -14.47 14.46
C HIS B 527 34.98 -13.56 14.35
N LEU B 528 35.76 -13.58 13.26
CA LEU B 528 36.97 -12.89 13.12
C LEU B 528 36.79 -11.52 12.48
N MET B 529 37.78 -10.60 12.81
CA MET B 529 37.83 -9.24 12.25
C MET B 529 36.65 -8.48 12.82
N ASN B 530 36.50 -8.61 14.14
CA ASN B 530 35.33 -8.09 14.93
C ASN B 530 33.97 -8.40 14.34
N SER B 531 33.83 -9.74 13.94
CA SER B 531 32.58 -10.31 13.64
C SER B 531 32.01 -10.97 14.94
N PRO B 532 30.65 -10.90 15.24
CA PRO B 532 30.06 -11.34 16.47
C PRO B 532 30.66 -12.28 17.42
N ARG B 533 30.88 -11.76 18.69
CA ARG B 533 31.62 -12.47 19.74
C ARG B 533 31.40 -11.70 21.09
N ASN B 534 30.78 -10.51 20.98
CA ASN B 534 30.46 -9.47 22.03
C ASN B 534 28.92 -9.23 21.90
N SER B 535 28.50 -9.51 20.61
CA SER B 535 27.10 -9.59 20.19
C SER B 535 26.93 -11.06 20.09
N SER B 536 25.81 -11.52 20.74
CA SER B 536 25.47 -12.92 20.85
C SER B 536 25.11 -13.62 19.51
N VAL B 537 25.84 -14.78 19.27
CA VAL B 537 25.55 -15.68 18.20
C VAL B 537 26.34 -16.95 18.57
N ILE B 538 27.29 -16.85 19.56
CA ILE B 538 28.15 -17.78 20.17
C ILE B 538 27.72 -17.78 21.68
N ASN B 539 27.00 -16.75 22.21
CA ASN B 539 26.65 -16.75 23.60
C ASN B 539 25.22 -16.88 23.73
N GLY B 540 24.70 -17.36 24.82
CA GLY B 540 23.28 -17.57 25.07
C GLY B 540 22.75 -18.85 24.46
N LEU B 541 23.51 -19.92 24.08
CA LEU B 541 22.86 -21.16 23.68
C LEU B 541 22.88 -22.10 24.88
N ASP B 542 21.73 -22.82 25.09
CA ASP B 542 21.57 -23.82 26.12
C ASP B 542 20.95 -25.04 25.43
N ALA B 543 21.28 -26.30 25.89
CA ALA B 543 20.80 -27.54 25.40
C ALA B 543 19.67 -27.82 26.39
N ARG B 544 18.58 -28.32 25.82
CA ARG B 544 17.43 -28.60 26.60
C ARG B 544 17.11 -30.09 26.49
N VAL B 545 16.46 -30.60 27.58
CA VAL B 545 15.75 -31.83 27.79
C VAL B 545 14.48 -31.33 28.22
N LEU B 546 13.37 -32.00 27.69
CA LEU B 546 12.02 -31.62 27.89
C LEU B 546 11.60 -31.55 29.35
N ASP B 547 10.94 -30.44 29.63
CA ASP B 547 10.58 -30.06 31.01
C ASP B 547 9.49 -30.87 31.58
N LEU B 548 8.66 -31.63 30.81
CA LEU B 548 7.44 -32.38 31.32
C LEU B 548 7.94 -33.78 31.54
N GLY B 549 9.30 -33.97 31.43
CA GLY B 549 9.96 -35.18 31.63
C GLY B 549 10.36 -35.65 30.23
N HIS B 550 11.54 -36.25 30.08
CA HIS B 550 12.15 -36.69 28.85
C HIS B 550 12.07 -38.22 28.76
N GLY B 551 12.30 -38.77 29.97
CA GLY B 551 12.23 -40.17 30.16
C GLY B 551 13.40 -40.89 29.42
N SER B 552 13.13 -42.14 28.99
CA SER B 552 13.91 -43.19 28.42
C SER B 552 14.43 -42.71 27.06
N VAL B 553 13.55 -42.06 26.31
CA VAL B 553 13.65 -41.41 25.05
C VAL B 553 14.76 -40.33 25.13
N GLY B 554 15.51 -40.14 24.04
CA GLY B 554 16.57 -39.23 23.95
C GLY B 554 16.70 -38.57 22.64
N TRP B 555 15.59 -38.57 21.78
CA TRP B 555 15.76 -38.21 20.41
C TRP B 555 14.57 -37.44 19.92
N ASP B 556 13.42 -37.65 20.55
CA ASP B 556 12.08 -37.17 20.26
C ASP B 556 11.63 -36.39 21.47
N VAL B 557 12.62 -35.95 22.38
CA VAL B 557 12.37 -35.17 23.58
C VAL B 557 13.41 -34.03 23.63
N PHE B 558 14.60 -34.34 23.05
CA PHE B 558 15.76 -33.48 22.99
C PHE B 558 15.37 -32.26 22.18
N THR B 559 15.77 -31.04 22.65
CA THR B 559 15.44 -29.74 22.11
C THR B 559 16.59 -28.87 22.35
N LEU B 560 16.55 -27.70 21.73
CA LEU B 560 17.59 -26.64 21.88
C LEU B 560 16.82 -25.35 22.24
N ASP B 561 17.34 -24.57 23.25
CA ASP B 561 16.70 -23.31 23.66
C ASP B 561 17.71 -22.24 23.61
N TYR B 562 17.22 -21.06 23.05
CA TYR B 562 18.10 -19.92 22.81
C TYR B 562 17.55 -18.79 23.66
N ILE B 563 18.49 -18.13 24.43
CA ILE B 563 18.20 -17.11 25.42
C ILE B 563 17.11 -16.10 25.12
N LEU B 564 16.08 -15.82 26.05
CA LEU B 564 15.06 -14.90 25.72
C LEU B 564 15.21 -13.71 26.64
N TYR B 565 15.59 -12.56 25.98
CA TYR B 565 15.72 -11.23 26.46
C TYR B 565 14.31 -10.60 26.71
N PRO B 566 14.13 -9.63 27.65
CA PRO B 566 12.82 -9.12 28.00
C PRO B 566 12.29 -8.37 26.82
N PRO B 567 11.08 -8.03 26.73
CA PRO B 567 10.03 -8.35 27.70
C PRO B 567 9.52 -9.81 27.66
N LEU B 568 10.04 -10.55 26.68
CA LEU B 568 9.55 -11.88 26.37
C LEU B 568 9.74 -12.75 27.55
N SER B 569 10.82 -12.46 28.46
CA SER B 569 11.10 -13.19 29.71
C SER B 569 9.89 -13.25 30.66
N LEU B 570 9.07 -12.20 30.67
CA LEU B 570 8.03 -12.05 31.69
C LEU B 570 7.03 -13.17 31.67
N VAL B 571 6.60 -13.66 30.46
CA VAL B 571 5.70 -14.74 30.22
C VAL B 571 6.40 -16.05 30.68
N LEU B 572 7.72 -16.18 30.37
CA LEU B 572 8.51 -17.35 30.49
C LEU B 572 9.08 -17.35 31.91
N ASN B 573 8.19 -17.59 32.97
CA ASN B 573 8.47 -17.53 34.37
C ASN B 573 7.39 -18.38 34.98
N VAL B 574 7.50 -18.51 36.34
CA VAL B 574 6.66 -19.20 37.28
C VAL B 574 6.43 -20.68 36.93
N ASN B 575 5.47 -21.35 37.60
CA ASN B 575 5.09 -22.74 37.46
C ASN B 575 4.84 -23.13 36.10
N ARG B 576 4.18 -22.20 35.35
CA ARG B 576 3.87 -22.45 33.95
C ARG B 576 4.70 -21.35 33.21
N PRO B 577 5.68 -21.77 32.53
CA PRO B 577 6.34 -20.83 31.55
C PRO B 577 5.83 -21.33 30.23
N PHE B 578 4.53 -20.99 29.93
CA PHE B 578 3.73 -21.38 28.83
C PHE B 578 4.38 -21.19 27.47
N GLY B 579 4.98 -20.01 27.18
CA GLY B 579 5.68 -19.68 25.98
C GLY B 579 6.84 -20.58 25.64
N ARG B 580 7.65 -20.91 26.65
CA ARG B 580 8.82 -21.71 26.45
C ARG B 580 8.60 -23.16 26.04
N LYS B 581 7.52 -23.79 26.54
CA LYS B 581 7.03 -25.07 26.23
C LYS B 581 6.58 -25.27 24.77
N GLU B 582 5.88 -24.24 24.27
CA GLU B 582 5.47 -24.13 22.92
C GLU B 582 6.69 -24.05 21.96
N TYR B 583 7.75 -23.20 22.36
CA TYR B 583 9.01 -23.16 21.55
C TYR B 583 9.74 -24.46 21.40
N LEU B 584 9.75 -25.26 22.48
CA LEU B 584 10.23 -26.67 22.45
C LEU B 584 9.45 -27.56 21.56
N ARG B 585 8.16 -27.38 21.54
CA ARG B 585 7.32 -28.26 20.74
C ARG B 585 7.61 -28.15 19.20
N ILE B 586 7.71 -26.90 18.68
CA ILE B 586 7.98 -26.62 17.27
C ILE B 586 9.35 -27.09 16.88
N PHE B 587 10.31 -26.91 17.78
CA PHE B 587 11.71 -27.32 17.66
C PHE B 587 11.72 -28.81 17.38
N ASN B 588 10.91 -29.55 18.16
CA ASN B 588 10.90 -31.03 18.15
C ASN B 588 10.48 -31.46 16.82
N PHE B 589 9.46 -30.85 16.24
CA PHE B 589 8.95 -31.31 14.99
C PHE B 589 9.95 -31.13 13.88
N LEU B 590 10.54 -29.92 13.92
CA LEU B 590 11.56 -29.50 12.96
C LEU B 590 12.76 -30.43 13.14
N TRP B 591 13.17 -30.77 14.41
CA TRP B 591 14.35 -31.47 14.76
C TRP B 591 14.40 -32.85 14.16
N ARG B 592 13.23 -33.52 14.20
CA ARG B 592 13.16 -34.91 13.74
C ARG B 592 13.55 -34.97 12.26
N PHE B 593 13.06 -33.96 11.50
CA PHE B 593 13.35 -33.90 10.09
C PHE B 593 14.75 -33.77 9.75
N LYS B 594 15.45 -32.80 10.40
CA LYS B 594 16.86 -32.41 10.13
C LYS B 594 17.83 -33.52 10.52
N LYS B 595 17.59 -34.34 11.59
CA LYS B 595 18.42 -35.50 11.86
C LYS B 595 18.38 -36.51 10.74
N ASN B 596 17.16 -36.84 10.30
CA ASN B 596 17.02 -37.87 9.19
C ASN B 596 17.65 -37.38 7.90
N ASN B 597 17.52 -36.05 7.56
CA ASN B 597 18.18 -35.43 6.48
C ASN B 597 19.69 -35.48 6.47
N TYR B 598 20.32 -35.20 7.69
CA TYR B 598 21.74 -35.18 7.90
C TYR B 598 22.36 -36.54 7.66
N PHE B 599 21.74 -37.61 8.20
CA PHE B 599 22.17 -38.95 8.09
C PHE B 599 22.05 -39.47 6.67
N TYR B 600 20.99 -39.08 5.94
CA TYR B 600 20.84 -39.57 4.60
C TYR B 600 21.97 -39.10 3.71
N GLN B 601 22.24 -37.76 3.86
CA GLN B 601 23.29 -37.12 3.10
C GLN B 601 24.64 -37.64 3.35
N LYS B 602 24.97 -37.88 4.64
CA LYS B 602 26.28 -38.39 4.99
C LYS B 602 26.51 -39.77 4.45
N GLU B 603 25.49 -40.69 4.45
CA GLU B 603 25.68 -42.06 3.99
C GLU B 603 26.03 -42.22 2.52
N MET B 604 25.33 -41.47 1.68
CA MET B 604 25.59 -41.41 0.24
C MET B 604 26.87 -40.77 -0.10
N LEU B 605 27.27 -39.67 0.57
CA LEU B 605 28.54 -38.94 0.34
C LEU B 605 29.65 -39.83 0.57
N LYS B 606 29.55 -40.62 1.66
CA LYS B 606 30.56 -41.62 1.93
C LYS B 606 30.82 -42.71 0.95
N SER B 607 29.71 -43.26 0.40
CA SER B 607 29.81 -44.21 -0.66
C SER B 607 30.36 -43.67 -1.93
N ASN B 608 30.18 -42.30 -2.16
CA ASN B 608 30.60 -41.63 -3.44
C ASN B 608 32.11 -41.70 -3.62
N ASP B 609 32.94 -41.52 -2.45
CA ASP B 609 34.37 -41.47 -2.43
C ASP B 609 34.94 -42.78 -2.99
N ILE B 610 36.21 -42.68 -3.48
CA ILE B 610 36.91 -43.70 -4.08
C ILE B 610 37.14 -44.76 -3.07
N ILE B 611 37.57 -44.38 -1.81
CA ILE B 611 37.74 -45.32 -0.78
C ILE B 611 36.41 -45.45 0.02
N ARG B 612 36.11 -46.64 0.56
CA ARG B 612 34.75 -46.87 1.11
C ARG B 612 34.66 -46.12 2.53
N ILE B 628 32.77 -52.06 -11.84
CA ILE B 628 32.98 -51.11 -12.93
C ILE B 628 31.74 -50.41 -13.48
N ASN B 629 31.04 -50.99 -14.57
CA ASN B 629 29.86 -50.42 -15.13
C ASN B 629 28.68 -50.47 -14.13
N LYS B 630 28.61 -51.57 -13.35
CA LYS B 630 27.66 -51.72 -12.27
C LYS B 630 27.76 -50.62 -11.14
N LEU B 631 29.03 -50.28 -10.88
CA LEU B 631 29.37 -49.31 -9.85
C LEU B 631 28.83 -47.95 -10.21
N SER B 632 28.92 -47.55 -11.49
CA SER B 632 28.59 -46.22 -11.89
C SER B 632 27.17 -46.02 -11.75
N ARG B 633 26.35 -47.08 -12.14
CA ARG B 633 24.86 -46.97 -12.20
C ARG B 633 24.37 -46.74 -10.72
N ILE B 634 24.93 -47.49 -9.74
CA ILE B 634 24.50 -47.36 -8.36
C ILE B 634 24.77 -45.99 -7.78
N SER B 635 25.96 -45.44 -8.14
CA SER B 635 26.46 -44.12 -7.75
C SER B 635 25.51 -43.05 -8.24
N ILE B 636 25.00 -43.05 -9.50
CA ILE B 636 24.06 -41.98 -9.95
C ILE B 636 22.77 -42.07 -9.21
N LEU B 637 22.16 -43.31 -9.02
CA LEU B 637 20.88 -43.49 -8.46
C LEU B 637 20.86 -42.98 -7.01
N ARG B 638 21.86 -43.24 -6.15
CA ARG B 638 21.90 -42.83 -4.78
C ARG B 638 21.91 -41.30 -4.60
N THR B 639 22.72 -40.62 -5.45
CA THR B 639 22.83 -39.19 -5.45
C THR B 639 21.63 -38.43 -5.81
N GLN B 640 20.91 -38.93 -6.86
CA GLN B 640 19.64 -38.38 -7.32
C GLN B 640 18.60 -38.52 -6.24
N PHE B 641 18.54 -39.71 -5.58
CA PHE B 641 17.62 -40.06 -4.59
C PHE B 641 17.88 -39.13 -3.31
N GLN B 642 19.17 -38.76 -3.04
CA GLN B 642 19.58 -37.85 -2.01
C GLN B 642 19.10 -36.46 -2.23
N GLN B 643 19.09 -35.97 -3.50
CA GLN B 643 18.61 -34.69 -3.92
C GLN B 643 17.16 -34.55 -3.65
N PHE B 644 16.42 -35.66 -3.97
CA PHE B 644 14.96 -35.58 -3.85
C PHE B 644 14.46 -35.26 -2.39
N ASN B 645 14.92 -35.95 -1.39
CA ASN B 645 14.52 -35.79 -0.07
C ASN B 645 14.82 -34.45 0.49
N SER B 646 16.02 -33.94 0.11
CA SER B 646 16.43 -32.58 0.46
C SER B 646 15.60 -31.61 -0.05
N LYS B 647 15.07 -31.79 -1.32
CA LYS B 647 14.24 -30.80 -2.02
C LYS B 647 12.95 -30.66 -1.33
N MET B 648 12.33 -31.79 -0.83
CA MET B 648 11.08 -31.71 -0.14
C MET B 648 11.23 -30.82 1.09
N GLU B 649 12.39 -31.09 1.85
CA GLU B 649 12.66 -30.36 3.10
C GLU B 649 12.92 -28.93 2.93
N SER B 650 13.65 -28.58 1.86
CA SER B 650 14.00 -27.24 1.38
C SER B 650 12.77 -26.47 1.14
N TYR B 651 11.81 -26.96 0.39
CA TYR B 651 10.70 -26.15 0.04
C TYR B 651 9.83 -25.80 1.25
N TYR B 652 9.58 -26.78 2.17
CA TYR B 652 8.81 -26.54 3.34
C TYR B 652 9.36 -25.50 4.25
N LEU B 653 10.69 -25.65 4.47
CA LEU B 653 11.33 -24.66 5.33
C LEU B 653 11.44 -23.25 4.78
N ASN B 654 11.91 -23.09 3.49
CA ASN B 654 12.17 -21.84 2.85
C ASN B 654 10.97 -21.14 2.55
N CYS B 655 10.03 -21.77 1.80
CA CYS B 655 8.92 -21.00 1.27
C CYS B 655 7.96 -20.56 2.31
N ILE B 656 7.61 -21.43 3.28
CA ILE B 656 6.73 -20.99 4.31
C ILE B 656 7.42 -20.40 5.55
N ILE B 657 8.31 -21.14 6.26
CA ILE B 657 8.76 -20.74 7.53
C ILE B 657 9.74 -19.53 7.62
N GLU B 658 10.82 -19.55 6.78
CA GLU B 658 11.88 -18.60 6.76
C GLU B 658 11.31 -17.26 6.35
N GLU B 659 10.42 -17.33 5.32
CA GLU B 659 9.76 -16.17 4.73
C GLU B 659 8.93 -15.54 5.78
N ASN B 660 8.13 -16.34 6.56
CA ASN B 660 7.24 -15.83 7.62
C ASN B 660 7.99 -15.17 8.70
N PHE B 661 9.12 -15.75 9.14
CA PHE B 661 9.98 -15.35 10.20
C PHE B 661 10.59 -14.01 9.81
N LYS B 662 10.97 -13.77 8.53
CA LYS B 662 11.46 -12.50 8.02
C LYS B 662 10.44 -11.36 8.16
N GLU B 663 9.17 -11.70 7.77
CA GLU B 663 8.17 -10.65 7.78
C GLU B 663 7.87 -10.09 9.17
N MET B 664 7.88 -11.07 10.11
CA MET B 664 7.67 -10.90 11.57
C MET B 664 8.83 -10.01 12.09
N THR B 665 10.10 -10.26 11.64
CA THR B 665 11.35 -9.64 12.10
C THR B 665 11.26 -8.21 11.72
N ARG B 666 10.75 -7.91 10.49
CA ARG B 666 10.68 -6.60 9.96
C ARG B 666 9.76 -5.66 10.78
N LYS B 667 8.59 -6.18 11.12
CA LYS B 667 7.56 -5.59 11.99
C LYS B 667 8.07 -5.34 13.39
N LEU B 668 8.80 -6.41 13.86
CA LEU B 668 9.28 -6.40 15.28
C LEU B 668 10.21 -5.23 15.57
N GLN B 669 11.14 -5.05 14.59
CA GLN B 669 12.11 -4.02 14.58
C GLN B 669 11.43 -2.71 14.37
N ARG B 670 10.43 -2.71 13.46
CA ARG B 670 9.89 -1.44 12.99
C ARG B 670 9.26 -0.43 14.05
N THR B 671 8.31 -0.96 14.85
CA THR B 671 7.60 -0.22 15.96
C THR B 671 8.46 -0.49 17.18
N LEU B 719 8.89 -3.31 20.75
CA LEU B 719 8.64 -2.39 21.81
C LEU B 719 7.94 -3.15 22.92
N ASN B 720 6.59 -3.41 22.97
CA ASN B 720 5.89 -4.05 24.04
C ASN B 720 5.84 -5.56 23.90
N ILE B 721 5.28 -6.24 24.93
CA ILE B 721 5.22 -7.74 25.03
C ILE B 721 4.42 -8.27 23.91
N ASP B 722 3.31 -7.51 23.57
CA ASP B 722 2.36 -7.98 22.63
C ASP B 722 3.00 -8.25 21.17
N GLU B 723 4.03 -7.43 20.66
CA GLU B 723 4.55 -7.76 19.35
C GLU B 723 5.20 -9.03 19.35
N LEU B 724 5.84 -9.39 20.45
CA LEU B 724 6.51 -10.69 20.57
C LEU B 724 5.56 -11.83 20.60
N GLU B 725 4.45 -11.82 21.38
CA GLU B 725 3.53 -12.94 21.56
C GLU B 725 2.86 -13.21 20.21
N SER B 726 2.49 -12.22 19.35
CA SER B 726 1.86 -12.27 18.09
C SER B 726 2.77 -13.02 17.09
N VAL B 727 4.12 -12.61 17.12
CA VAL B 727 5.09 -13.19 16.21
C VAL B 727 5.24 -14.65 16.51
N HIS B 728 5.27 -15.04 17.90
CA HIS B 728 5.33 -16.41 18.32
C HIS B 728 4.03 -17.16 17.86
N ASN B 729 2.80 -16.53 17.93
CA ASN B 729 1.53 -17.14 17.67
C ASN B 729 1.40 -17.62 16.20
N THR B 730 1.83 -16.76 15.23
CA THR B 730 1.81 -17.11 13.79
C THR B 730 2.76 -18.26 13.46
N PHE B 731 4.00 -18.34 13.97
CA PHE B 731 4.82 -19.51 13.74
C PHE B 731 4.23 -20.84 14.36
N LEU B 732 3.79 -20.79 15.60
CA LEU B 732 3.34 -22.00 16.26
C LEU B 732 2.10 -22.57 15.69
N THR B 733 1.12 -21.68 15.25
CA THR B 733 -0.02 -22.19 14.47
C THR B 733 0.23 -22.73 13.08
N ASN B 734 1.12 -22.15 12.29
CA ASN B 734 1.36 -22.68 10.94
C ASN B 734 1.96 -24.10 10.99
N ILE B 735 2.91 -24.28 11.98
CA ILE B 735 3.55 -25.59 12.11
C ILE B 735 2.62 -26.79 12.51
N LEU B 736 1.56 -26.52 13.38
CA LEU B 736 0.50 -27.48 13.73
C LEU B 736 -0.33 -27.85 12.51
N SER B 737 -0.67 -26.88 11.67
CA SER B 737 -1.33 -27.25 10.39
C SER B 737 -0.34 -28.09 9.51
N HIS B 738 0.93 -27.72 9.44
CA HIS B 738 1.87 -28.51 8.61
C HIS B 738 2.15 -29.89 8.94
N LYS B 739 2.28 -30.11 10.27
CA LYS B 739 2.59 -31.34 10.88
C LYS B 739 1.48 -32.34 10.53
N LEU B 740 0.18 -31.87 10.71
CA LEU B 740 -0.84 -32.81 10.36
C LEU B 740 -1.05 -33.23 8.87
N PHE B 741 -1.09 -32.24 7.92
CA PHE B 741 -1.17 -32.62 6.52
C PHE B 741 0.10 -33.15 5.92
N ALA B 742 1.24 -32.40 5.96
CA ALA B 742 2.54 -32.78 5.36
C ALA B 742 3.45 -33.69 6.13
N THR B 743 3.81 -33.43 7.40
CA THR B 743 5.04 -33.81 7.91
C THR B 743 4.93 -34.23 9.38
N GLN B 756 1.71 -36.15 7.61
CA GLN B 756 2.31 -37.42 8.00
C GLN B 756 3.12 -38.07 6.90
N PRO B 757 2.92 -38.06 5.61
CA PRO B 757 3.62 -38.92 4.66
C PRO B 757 5.11 -38.84 4.64
N TYR B 758 5.74 -37.61 4.84
CA TYR B 758 7.19 -37.45 4.94
C TYR B 758 7.94 -38.10 6.12
N PRO B 759 7.57 -38.01 7.41
CA PRO B 759 8.30 -38.79 8.43
C PRO B 759 8.24 -40.27 8.22
N THR B 760 7.16 -40.76 7.61
CA THR B 760 7.05 -42.14 7.25
C THR B 760 8.02 -42.46 6.16
N SER B 761 8.21 -41.61 5.14
CA SER B 761 9.16 -41.82 4.04
C SER B 761 10.59 -41.79 4.57
N LEU B 762 10.91 -40.85 5.48
CA LEU B 762 12.26 -40.61 5.90
C LEU B 762 12.82 -41.79 6.63
N VAL B 763 12.01 -42.47 7.48
CA VAL B 763 12.44 -43.68 8.15
C VAL B 763 12.73 -44.87 7.28
N LEU B 764 11.92 -45.11 6.24
CA LEU B 764 12.23 -46.21 5.30
C LEU B 764 13.46 -46.00 4.59
N LEU B 765 13.68 -44.76 4.18
CA LEU B 765 14.93 -44.25 3.59
C LEU B 765 16.20 -44.43 4.44
N LEU B 766 16.01 -44.12 5.71
CA LEU B 766 17.04 -44.15 6.66
C LEU B 766 17.63 -45.51 6.86
N ASN B 767 16.73 -46.58 6.93
CA ASN B 767 17.13 -47.94 6.97
C ASN B 767 17.85 -48.38 5.70
N SER B 768 17.33 -47.93 4.51
CA SER B 768 17.93 -48.23 3.28
C SER B 768 19.41 -47.68 3.20
N VAL B 769 19.72 -46.44 3.63
CA VAL B 769 21.10 -45.91 3.59
C VAL B 769 22.08 -46.66 4.48
N TYR B 770 21.60 -47.11 5.72
CA TYR B 770 22.38 -47.84 6.72
C TYR B 770 22.83 -49.21 6.28
N GLU B 771 21.84 -49.92 5.65
CA GLU B 771 21.98 -51.21 4.99
C GLU B 771 22.92 -51.19 3.81
N PHE B 772 22.77 -50.15 2.94
CA PHE B 772 23.56 -49.92 1.74
C PHE B 772 25.07 -49.76 2.00
N VAL B 773 25.40 -48.86 2.94
CA VAL B 773 26.76 -48.68 3.34
C VAL B 773 27.31 -49.92 3.98
N LYS B 774 26.49 -50.63 4.78
CA LYS B 774 26.99 -51.88 5.44
C LYS B 774 27.46 -53.07 4.46
N VAL B 775 26.65 -53.33 3.37
CA VAL B 775 26.94 -54.11 2.25
C VAL B 775 28.16 -53.62 1.36
N TYR B 776 28.18 -52.33 1.05
CA TYR B 776 29.14 -51.72 0.18
C TYR B 776 30.57 -51.85 0.78
N CYS B 777 30.72 -51.65 2.10
CA CYS B 777 31.93 -51.67 2.79
C CYS B 777 32.72 -52.98 2.80
N ASN B 778 31.99 -54.14 2.81
CA ASN B 778 32.65 -55.42 2.83
C ASN B 778 33.55 -55.58 1.52
N LEU B 779 32.95 -55.30 0.35
CA LEU B 779 33.65 -55.28 -1.00
C LEU B 779 34.32 -56.66 -1.28
N ASN B 780 35.63 -56.70 -1.62
CA ASN B 780 36.43 -57.95 -1.71
C ASN B 780 36.94 -58.20 -0.27
N SER B 798 36.29 -63.64 -0.50
CA SER B 798 36.21 -62.58 -1.44
C SER B 798 35.01 -62.74 -2.34
N ASN B 799 34.92 -63.88 -3.02
CA ASN B 799 33.85 -64.22 -3.98
C ASN B 799 32.52 -64.24 -3.32
N GLY B 800 32.42 -64.80 -2.08
CA GLY B 800 31.22 -64.86 -1.34
C GLY B 800 30.63 -63.51 -0.95
N LEU B 801 31.49 -62.50 -0.52
CA LEU B 801 31.02 -61.22 -0.06
C LEU B 801 30.33 -60.40 -1.11
N LEU B 802 30.98 -60.41 -2.33
CA LEU B 802 30.54 -59.76 -3.56
C LEU B 802 29.23 -60.36 -4.00
N GLY B 803 29.07 -61.74 -3.97
CA GLY B 803 27.87 -62.42 -4.45
C GLY B 803 26.73 -61.94 -3.56
N LYS B 804 26.97 -61.85 -2.19
CA LYS B 804 25.99 -61.44 -1.20
C LYS B 804 25.54 -59.96 -1.40
N PHE B 805 26.49 -59.06 -1.74
CA PHE B 805 26.43 -57.62 -2.03
C PHE B 805 25.58 -57.36 -3.20
N ASN B 806 25.78 -58.18 -4.25
CA ASN B 806 25.00 -58.15 -5.46
C ASN B 806 23.57 -58.49 -5.18
N THR B 807 23.28 -59.52 -4.35
CA THR B 807 21.97 -59.83 -4.04
C THR B 807 21.23 -58.72 -3.26
N ASN B 808 21.87 -58.10 -2.30
CA ASN B 808 21.45 -57.09 -1.46
C ASN B 808 21.18 -55.81 -2.25
N LEU B 809 22.03 -55.58 -3.27
CA LEU B 809 21.98 -54.43 -4.12
C LEU B 809 20.78 -54.30 -4.97
N LYS B 810 20.32 -55.50 -5.54
CA LYS B 810 19.11 -55.64 -6.33
C LYS B 810 17.88 -55.34 -5.53
N GLU B 811 17.93 -55.87 -4.30
CA GLU B 811 16.86 -55.61 -3.36
C GLU B 811 16.74 -54.13 -2.89
N ILE B 812 17.90 -53.42 -2.63
CA ILE B 812 17.87 -52.04 -2.24
C ILE B 812 17.30 -51.12 -3.37
N VAL B 813 17.71 -51.35 -4.66
CA VAL B 813 17.22 -50.57 -5.81
C VAL B 813 15.70 -50.76 -6.08
N SER B 814 15.22 -52.02 -5.94
CA SER B 814 13.83 -52.26 -6.12
C SER B 814 12.93 -51.55 -5.04
N GLN B 815 13.36 -51.54 -3.76
CA GLN B 815 12.64 -50.84 -2.74
C GLN B 815 12.67 -49.38 -3.09
N TYR B 816 13.81 -48.80 -3.59
CA TYR B 816 13.96 -47.38 -3.98
C TYR B 816 13.04 -46.99 -5.08
N LYS B 817 12.80 -47.83 -6.13
CA LYS B 817 11.92 -47.44 -7.09
C LYS B 817 10.47 -47.22 -6.58
N ASN B 818 9.96 -48.13 -5.68
CA ASN B 818 8.65 -48.05 -5.05
C ASN B 818 8.49 -46.80 -4.17
N PHE B 819 9.50 -46.41 -3.39
CA PHE B 819 9.58 -45.23 -2.61
C PHE B 819 9.56 -43.96 -3.43
N LYS B 820 10.24 -44.08 -4.56
CA LYS B 820 10.42 -43.08 -5.54
C LYS B 820 9.06 -42.66 -6.13
N ASP B 821 8.17 -43.73 -6.32
CA ASP B 821 6.80 -43.51 -6.78
C ASP B 821 6.08 -42.72 -5.73
N ARG B 822 6.31 -43.03 -4.41
CA ARG B 822 5.65 -42.38 -3.28
C ARG B 822 6.04 -40.88 -3.24
N LEU B 823 7.31 -40.52 -3.53
CA LEU B 823 7.97 -39.21 -3.68
C LEU B 823 7.35 -38.46 -4.85
N TYR B 824 6.91 -39.18 -5.95
CA TYR B 824 6.28 -38.44 -7.03
C TYR B 824 5.03 -37.78 -6.61
N ILE B 825 4.19 -38.51 -5.81
CA ILE B 825 2.93 -38.10 -5.33
C ILE B 825 3.15 -36.95 -4.43
N PHE B 826 4.14 -36.99 -3.60
CA PHE B 826 4.54 -35.93 -2.68
C PHE B 826 5.01 -34.63 -3.37
N ARG B 827 5.72 -34.76 -4.51
CA ARG B 827 6.07 -33.63 -5.37
C ARG B 827 4.88 -32.98 -5.97
N ALA B 828 3.89 -33.77 -6.37
CA ALA B 828 2.63 -33.42 -7.06
C ALA B 828 1.79 -32.48 -6.19
N ASP B 829 1.77 -32.76 -4.84
CA ASP B 829 1.18 -32.03 -3.75
C ASP B 829 1.85 -30.73 -3.47
N LEU B 830 3.24 -30.62 -3.61
CA LEU B 830 3.86 -29.32 -3.62
C LEU B 830 3.56 -28.43 -4.80
N LYS B 831 3.47 -29.06 -6.01
CA LYS B 831 3.26 -28.25 -7.19
C LYS B 831 1.93 -27.57 -7.20
N ASN B 832 0.90 -28.38 -6.74
CA ASN B 832 -0.42 -27.97 -6.68
C ASN B 832 -0.69 -27.04 -5.51
N ASP B 833 0.13 -27.09 -4.49
CA ASP B 833 0.01 -26.52 -3.16
C ASP B 833 -1.29 -26.93 -2.56
N GLY B 834 -1.51 -28.26 -2.48
CA GLY B 834 -2.65 -28.78 -1.76
C GLY B 834 -3.50 -29.64 -2.62
N ASP B 835 -3.28 -30.97 -2.48
CA ASP B 835 -4.12 -31.90 -3.16
C ASP B 835 -4.89 -32.59 -2.02
N GLU B 836 -6.15 -32.92 -2.22
CA GLU B 836 -7.03 -33.59 -1.24
C GLU B 836 -6.64 -35.05 -1.05
N GLU B 837 -6.16 -35.70 -2.19
CA GLU B 837 -5.76 -37.11 -2.15
C GLU B 837 -4.66 -37.39 -1.18
N LEU B 838 -3.60 -36.51 -1.08
CA LEU B 838 -2.54 -36.62 -0.14
C LEU B 838 -3.02 -36.47 1.35
N PHE B 839 -3.97 -35.53 1.55
CA PHE B 839 -4.62 -35.30 2.89
C PHE B 839 -5.29 -36.52 3.34
N LEU B 840 -6.05 -37.23 2.48
CA LEU B 840 -6.78 -38.45 2.79
C LEU B 840 -5.89 -39.51 3.22
N LEU B 841 -4.75 -39.54 2.41
CA LEU B 841 -3.65 -40.47 2.57
C LEU B 841 -3.02 -40.28 3.91
N SER B 842 -2.84 -38.99 4.34
CA SER B 842 -2.24 -38.57 5.54
C SER B 842 -2.95 -39.05 6.73
N LYS B 843 -4.28 -39.03 6.66
CA LYS B 843 -5.22 -39.49 7.62
C LYS B 843 -5.03 -40.97 7.82
N SER B 844 -4.79 -41.71 6.73
CA SER B 844 -4.78 -43.14 6.76
C SER B 844 -3.72 -43.69 7.67
N LEU B 845 -2.55 -43.04 7.60
CA LEU B 845 -1.33 -43.39 8.36
C LEU B 845 -1.53 -42.99 9.83
N ARG B 846 -2.39 -41.95 10.06
CA ARG B 846 -2.62 -41.45 11.36
C ARG B 846 -3.65 -42.23 12.14
N MET C 1 5.33 10.31 -18.90
CA MET C 1 4.46 9.28 -19.54
C MET C 1 4.68 9.00 -20.96
N GLY C 2 4.55 7.71 -21.44
CA GLY C 2 4.61 7.34 -22.80
C GLY C 2 5.90 6.78 -23.21
N GLY C 3 5.88 5.82 -24.11
CA GLY C 3 7.03 5.22 -24.69
C GLY C 3 8.08 6.13 -25.33
N GLU C 4 9.41 5.78 -25.33
CA GLU C 4 10.58 6.46 -25.77
C GLU C 4 10.76 6.58 -27.33
N ILE C 5 11.39 7.64 -27.78
CA ILE C 5 11.82 7.86 -29.12
C ILE C 5 13.34 8.15 -29.17
N ILE C 6 14.07 7.56 -30.14
CA ILE C 6 15.42 7.71 -30.35
C ILE C 6 15.51 8.44 -31.68
N THR C 7 16.37 9.49 -31.63
CA THR C 7 16.47 10.42 -32.73
C THR C 7 17.76 10.13 -33.45
N LEU C 8 17.73 10.05 -34.79
CA LEU C 8 18.91 9.91 -35.64
C LEU C 8 18.88 11.20 -36.42
N GLN C 9 20.05 11.94 -36.39
CA GLN C 9 20.25 13.15 -37.16
C GLN C 9 21.41 12.92 -38.15
N ALA C 10 21.17 13.14 -39.46
CA ALA C 10 22.19 12.98 -40.45
C ALA C 10 22.18 14.17 -41.36
N GLY C 11 23.41 14.64 -41.76
CA GLY C 11 23.67 15.72 -42.64
C GLY C 11 23.54 17.11 -42.07
N GLN C 12 23.66 18.08 -42.99
CA GLN C 12 23.64 19.45 -42.57
C GLN C 12 22.42 19.88 -42.00
N CYS C 13 21.29 19.61 -42.69
CA CYS C 13 20.02 19.91 -42.32
C CYS C 13 19.65 19.24 -41.01
N GLY C 14 19.89 17.94 -40.80
CA GLY C 14 19.53 17.19 -39.63
C GLY C 14 20.12 17.76 -38.37
N ASN C 15 21.40 18.15 -38.37
CA ASN C 15 21.97 18.75 -37.20
C ASN C 15 21.38 20.20 -36.87
N HIS C 16 21.15 21.00 -37.99
CA HIS C 16 20.53 22.32 -37.85
C HIS C 16 19.10 22.21 -37.33
N VAL C 17 18.26 21.36 -37.92
CA VAL C 17 16.93 21.23 -37.47
C VAL C 17 16.78 20.67 -36.04
N GLY C 18 17.56 19.67 -35.67
CA GLY C 18 17.64 19.03 -34.41
C GLY C 18 18.08 19.86 -33.19
N LYS C 19 19.09 20.73 -33.36
CA LYS C 19 19.56 21.69 -32.42
C LYS C 19 18.51 22.81 -32.00
N PHE C 20 17.81 23.39 -33.04
CA PHE C 20 16.72 24.26 -32.89
C PHE C 20 15.47 23.61 -32.28
N LEU C 21 15.18 22.38 -32.68
CA LEU C 21 14.06 21.65 -32.05
C LEU C 21 14.21 21.38 -30.53
N TRP C 22 15.38 20.99 -30.05
CA TRP C 22 15.68 20.70 -28.61
C TRP C 22 15.57 21.99 -27.87
N SER C 23 15.99 23.19 -28.45
CA SER C 23 15.78 24.40 -27.78
C SER C 23 14.29 24.71 -27.54
N GLN C 24 13.54 24.46 -28.65
CA GLN C 24 12.10 24.86 -28.63
C GLN C 24 11.24 24.03 -27.67
N LEU C 25 11.44 22.73 -27.54
CA LEU C 25 10.67 21.86 -26.56
C LEU C 25 11.01 22.36 -25.16
N ALA C 26 12.29 22.67 -24.89
CA ALA C 26 12.69 23.24 -23.63
C ALA C 26 12.03 24.68 -23.42
N LYS C 27 11.90 25.56 -24.45
CA LYS C 27 11.35 26.87 -24.33
C LYS C 27 9.84 26.77 -23.92
N GLU C 28 9.07 25.90 -24.61
CA GLU C 28 7.65 25.83 -24.47
C GLU C 28 7.32 25.38 -23.06
N HIS C 29 8.05 24.43 -22.50
CA HIS C 29 7.68 23.76 -21.28
C HIS C 29 8.50 24.44 -20.11
N ALA C 30 8.87 25.74 -20.35
CA ALA C 30 9.55 26.64 -19.45
C ALA C 30 10.72 26.03 -18.71
N ILE C 31 11.75 25.59 -19.37
CA ILE C 31 12.94 25.12 -18.69
C ILE C 31 14.12 25.66 -19.48
N GLY C 32 15.37 25.50 -18.93
CA GLY C 32 16.53 26.13 -19.56
C GLY C 32 16.78 25.69 -20.97
N THR C 33 17.29 26.60 -21.85
CA THR C 33 17.47 26.46 -23.25
C THR C 33 19.01 26.33 -23.50
N ASP C 34 19.82 26.31 -22.34
CA ASP C 34 21.19 26.10 -22.32
C ASP C 34 21.46 24.63 -22.06
N GLY C 35 20.40 23.76 -22.05
CA GLY C 35 20.54 22.36 -21.77
C GLY C 35 20.34 22.16 -20.31
N LEU C 36 20.23 23.31 -19.48
CA LEU C 36 19.92 23.24 -18.11
C LEU C 36 18.45 22.76 -17.92
N SER C 37 18.03 22.51 -16.63
CA SER C 37 16.63 22.12 -16.47
C SER C 37 16.13 22.79 -15.23
N GLN C 38 14.79 23.10 -15.15
CA GLN C 38 14.12 23.69 -14.02
C GLN C 38 13.27 22.53 -13.62
N LEU C 39 13.61 21.96 -12.44
CA LEU C 39 13.03 20.80 -11.90
C LEU C 39 11.56 20.91 -11.66
N PRO C 40 10.90 22.02 -11.12
CA PRO C 40 9.49 21.95 -10.78
C PRO C 40 8.61 22.14 -12.06
N ASP C 41 9.26 22.34 -13.21
CA ASP C 41 8.59 22.70 -14.44
C ASP C 41 8.72 21.53 -15.36
N SER C 42 8.83 20.31 -14.77
CA SER C 42 9.05 19.05 -15.50
C SER C 42 8.74 17.91 -14.58
N SER C 43 8.15 18.20 -13.40
CA SER C 43 7.78 17.31 -12.40
C SER C 43 6.23 17.40 -12.40
N THR C 44 5.69 18.20 -13.36
CA THR C 44 4.22 18.36 -13.56
C THR C 44 3.68 17.23 -14.41
N GLU C 45 2.36 17.29 -14.77
CA GLU C 45 1.71 16.45 -15.66
C GLU C 45 1.66 17.10 -17.07
N ARG C 46 2.11 18.33 -17.16
CA ARG C 46 2.15 19.01 -18.42
C ARG C 46 3.22 18.42 -19.26
N ASP C 47 4.33 18.09 -18.56
CA ASP C 47 5.51 17.47 -19.15
C ASP C 47 5.36 16.06 -18.97
N ASP C 48 5.54 15.36 -20.07
CA ASP C 48 5.53 13.89 -20.13
C ASP C 48 6.26 13.65 -21.41
N ASP C 49 6.75 14.73 -22.04
CA ASP C 49 7.59 14.81 -23.16
C ASP C 49 8.97 14.45 -22.71
N THR C 50 9.22 14.62 -21.42
CA THR C 50 10.52 14.58 -20.84
C THR C 50 11.21 13.30 -21.09
N LYS C 51 10.71 12.15 -20.59
CA LYS C 51 11.29 10.85 -20.72
C LYS C 51 11.37 10.36 -22.10
N PRO C 52 10.37 10.49 -23.02
CA PRO C 52 10.49 10.03 -24.39
C PRO C 52 11.59 10.63 -25.27
N PHE C 53 11.68 12.02 -25.28
CA PHE C 53 12.56 12.71 -26.20
C PHE C 53 13.97 12.85 -25.57
N PHE C 54 14.01 12.99 -24.22
CA PHE C 54 15.16 13.49 -23.41
C PHE C 54 15.44 12.41 -22.37
N ARG C 55 16.71 12.46 -21.82
CA ARG C 55 17.09 11.64 -20.73
C ARG C 55 17.79 12.43 -19.70
N GLU C 56 17.74 11.81 -18.50
CA GLU C 56 18.46 12.40 -17.37
C GLU C 56 19.63 11.51 -17.05
N ASN C 57 20.81 12.14 -16.97
CA ASN C 57 21.97 11.51 -16.46
C ASN C 57 22.27 11.89 -15.00
N SER C 58 21.20 12.37 -14.28
CA SER C 58 21.21 12.74 -12.93
C SER C 58 22.23 13.74 -12.61
N ARG C 59 22.31 14.81 -13.46
CA ARG C 59 23.21 15.97 -13.29
C ARG C 59 22.42 17.30 -13.18
N ASN C 60 21.05 17.11 -13.29
CA ASN C 60 20.00 18.08 -13.57
C ASN C 60 20.34 18.90 -14.72
N LYS C 61 20.57 18.18 -15.80
CA LYS C 61 20.85 18.75 -17.10
C LYS C 61 20.36 17.76 -18.10
N PHE C 62 19.40 18.13 -19.00
CA PHE C 62 18.73 17.22 -19.90
C PHE C 62 19.64 17.03 -21.08
N THR C 63 19.61 15.84 -21.58
CA THR C 63 20.41 15.62 -22.74
C THR C 63 19.46 14.87 -23.66
N PRO C 64 19.48 15.11 -24.97
CA PRO C 64 18.56 14.52 -25.91
C PRO C 64 18.80 13.06 -26.17
N ARG C 65 17.81 12.15 -26.36
CA ARG C 65 18.07 10.76 -26.69
C ARG C 65 18.37 10.76 -28.22
N ALA C 66 19.55 11.30 -28.59
CA ALA C 66 19.82 11.54 -30.00
C ALA C 66 21.28 11.27 -30.31
N ILE C 67 21.57 10.76 -31.52
CA ILE C 67 22.93 10.56 -31.97
C ILE C 67 22.92 11.54 -33.15
N MET C 68 23.98 12.36 -33.12
CA MET C 68 24.12 13.47 -34.12
C MET C 68 25.26 13.10 -34.95
N MET C 69 25.02 13.15 -36.27
CA MET C 69 25.97 12.60 -37.20
C MET C 69 26.13 13.64 -38.28
N ASP C 70 27.39 13.87 -38.77
CA ASP C 70 27.75 14.73 -39.87
C ASP C 70 29.27 14.75 -39.80
N SER C 71 30.00 15.71 -40.44
CA SER C 71 31.44 15.76 -40.29
C SER C 71 31.76 17.22 -40.29
N GLU C 72 32.81 17.73 -40.98
CA GLU C 72 33.38 19.05 -40.83
C GLU C 72 32.27 20.18 -40.83
N PRO C 73 31.26 20.24 -41.73
CA PRO C 73 30.34 21.36 -41.76
C PRO C 73 29.29 21.12 -40.71
N SER C 74 28.84 22.26 -40.30
CA SER C 74 27.65 22.57 -39.54
C SER C 74 27.81 22.34 -38.01
N VAL C 75 28.77 21.43 -37.61
CA VAL C 75 29.16 21.04 -36.28
C VAL C 75 29.65 22.25 -35.48
N ILE C 76 30.40 23.18 -36.19
CA ILE C 76 30.93 24.50 -35.80
C ILE C 76 29.85 25.52 -35.44
N ALA C 77 28.73 25.58 -36.16
CA ALA C 77 27.59 26.46 -35.87
C ALA C 77 26.91 26.16 -34.51
N ASP C 78 26.77 24.84 -34.21
CA ASP C 78 26.25 24.42 -33.01
C ASP C 78 27.02 24.80 -31.75
N VAL C 79 28.38 24.68 -31.75
CA VAL C 79 29.26 25.06 -30.67
C VAL C 79 29.25 26.51 -30.41
N GLU C 80 29.07 27.36 -31.45
CA GLU C 80 29.08 28.82 -31.20
C GLU C 80 27.83 29.17 -30.42
N ASN C 81 26.74 28.36 -30.75
CA ASN C 81 25.44 28.54 -30.26
C ASN C 81 25.30 27.85 -28.94
N THR C 82 24.10 28.01 -28.32
CA THR C 82 23.74 27.59 -26.97
C THR C 82 23.00 26.27 -26.94
N PHE C 83 23.25 25.38 -27.95
CA PHE C 83 22.64 24.10 -28.07
C PHE C 83 23.62 23.02 -27.68
N ARG C 84 24.71 23.42 -27.02
CA ARG C 84 25.54 22.51 -26.39
C ARG C 84 25.31 22.69 -24.86
N GLY C 85 25.31 21.51 -24.19
CA GLY C 85 24.68 21.32 -22.83
C GLY C 85 23.66 20.24 -22.97
N PHE C 86 23.12 20.22 -24.24
CA PHE C 86 22.25 19.17 -24.70
C PHE C 86 23.29 18.21 -25.26
N PHE C 87 23.81 18.40 -26.50
CA PHE C 87 24.78 17.50 -27.16
C PHE C 87 26.10 17.63 -26.41
N ASP C 88 26.54 16.38 -26.01
CA ASP C 88 27.64 16.09 -25.12
C ASP C 88 28.57 15.25 -25.98
N PRO C 89 29.81 14.99 -25.75
CA PRO C 89 30.74 14.37 -26.67
C PRO C 89 30.46 12.98 -27.10
N ARG C 90 29.72 12.14 -26.31
CA ARG C 90 29.32 10.77 -26.72
C ARG C 90 28.35 10.82 -27.86
N ASN C 91 27.48 11.83 -27.86
CA ASN C 91 26.52 12.16 -28.89
C ASN C 91 27.16 12.78 -30.18
N THR C 92 28.42 13.21 -30.08
CA THR C 92 29.14 13.81 -31.18
C THR C 92 29.86 12.82 -32.00
N TRP C 93 29.58 12.78 -33.35
CA TRP C 93 30.24 11.81 -34.28
C TRP C 93 30.82 12.69 -35.42
N VAL C 94 32.13 12.53 -35.71
CA VAL C 94 32.93 13.25 -36.71
C VAL C 94 33.59 12.11 -37.42
N ALA C 95 33.40 12.11 -38.72
CA ALA C 95 34.09 11.21 -39.63
C ALA C 95 35.27 11.99 -40.23
N SER C 96 35.13 12.56 -41.47
CA SER C 96 36.08 13.47 -42.16
C SER C 96 37.04 12.57 -42.91
N ASP C 97 36.56 11.40 -43.40
CA ASP C 97 37.46 10.46 -44.01
C ASP C 97 37.27 10.57 -45.49
N GLY C 98 36.23 11.32 -45.94
CA GLY C 98 35.83 11.51 -47.31
C GLY C 98 36.29 12.78 -47.87
N ALA C 99 36.54 13.83 -47.12
CA ALA C 99 36.88 15.22 -47.41
C ALA C 99 35.54 15.89 -47.11
N SER C 100 35.31 16.18 -45.79
CA SER C 100 34.10 16.84 -45.38
C SER C 100 32.93 15.91 -45.73
N ALA C 101 31.64 16.31 -45.70
CA ALA C 101 30.50 15.46 -46.10
C ALA C 101 30.56 15.07 -47.55
N GLY C 102 30.86 16.12 -48.33
CA GLY C 102 31.23 16.04 -49.77
C GLY C 102 30.06 16.42 -50.65
N ASN C 103 28.87 16.48 -50.02
CA ASN C 103 27.56 16.83 -50.60
C ASN C 103 27.32 15.82 -51.75
N SER C 104 27.50 14.50 -51.48
CA SER C 104 27.48 13.43 -52.44
C SER C 104 27.10 12.23 -51.63
N TRP C 105 26.26 11.42 -52.30
CA TRP C 105 25.65 10.21 -51.83
C TRP C 105 26.74 9.25 -51.60
N ALA C 106 27.69 9.19 -52.57
CA ALA C 106 28.79 8.24 -52.47
C ALA C 106 29.65 8.49 -51.31
N ASN C 107 30.00 9.74 -50.97
CA ASN C 107 30.90 9.99 -49.82
C ASN C 107 30.33 9.55 -48.50
N GLY C 108 28.98 9.84 -48.34
CA GLY C 108 28.24 9.51 -47.12
C GLY C 108 28.13 8.09 -46.89
N TYR C 109 27.88 7.37 -47.98
CA TYR C 109 27.76 5.95 -48.03
C TYR C 109 29.06 5.22 -47.71
N ASP C 110 30.13 5.73 -48.33
CA ASP C 110 31.49 5.23 -48.09
C ASP C 110 32.05 5.43 -46.70
N ILE C 111 31.84 6.62 -46.01
CA ILE C 111 32.33 6.91 -44.71
C ILE C 111 31.65 5.95 -43.78
N GLY C 112 30.33 5.66 -44.06
CA GLY C 112 29.49 4.82 -43.29
C GLY C 112 29.89 3.39 -43.09
N THR C 113 30.39 2.75 -44.13
CA THR C 113 31.03 1.48 -44.05
C THR C 113 32.23 1.44 -43.24
N ARG C 114 33.12 2.52 -43.32
CA ARG C 114 34.35 2.45 -42.53
C ARG C 114 34.07 2.48 -41.01
N ASN C 115 33.23 3.40 -40.61
CA ASN C 115 32.80 3.71 -39.24
C ASN C 115 31.40 3.21 -38.96
N GLN C 116 31.16 2.01 -39.50
CA GLN C 116 29.89 1.27 -39.40
C GLN C 116 29.72 0.87 -37.91
N ASP C 117 30.82 0.39 -37.30
CA ASP C 117 30.84 -0.02 -35.92
C ASP C 117 30.61 1.14 -34.94
N ASP C 118 31.26 2.31 -35.21
CA ASP C 118 31.08 3.42 -34.39
C ASP C 118 29.77 3.99 -34.35
N ILE C 119 29.01 4.15 -35.53
CA ILE C 119 27.60 4.70 -35.45
C ILE C 119 26.71 3.78 -34.72
N LEU C 120 26.78 2.40 -34.97
CA LEU C 120 25.97 1.36 -34.35
C LEU C 120 26.25 1.20 -32.82
N ASN C 121 27.55 1.51 -32.37
CA ASN C 121 27.88 1.39 -30.92
C ASN C 121 27.01 2.29 -30.07
N LYS C 122 26.86 3.51 -30.56
CA LYS C 122 26.04 4.57 -29.96
C LYS C 122 24.53 4.29 -30.00
N ILE C 123 24.08 3.81 -31.18
CA ILE C 123 22.66 3.44 -31.33
C ILE C 123 22.20 2.28 -30.46
N ASP C 124 22.98 1.18 -30.42
CA ASP C 124 22.71 -0.03 -29.69
C ASP C 124 22.66 0.27 -28.15
N LYS C 125 23.60 1.19 -27.69
CA LYS C 125 23.64 1.59 -26.32
C LYS C 125 22.32 2.24 -25.98
N GLU C 126 21.83 3.14 -26.82
CA GLU C 126 20.62 3.94 -26.60
C GLU C 126 19.40 3.17 -26.55
N ILE C 127 19.22 2.10 -27.39
CA ILE C 127 18.06 1.21 -27.36
C ILE C 127 17.94 0.28 -26.10
N ASP C 128 19.18 -0.31 -25.72
CA ASP C 128 19.32 -1.26 -24.64
C ASP C 128 19.00 -0.53 -23.33
N SER C 129 19.36 0.82 -23.16
CA SER C 129 19.06 1.51 -21.95
C SER C 129 17.57 1.83 -21.73
N THR C 130 16.71 1.73 -22.76
CA THR C 130 15.30 2.10 -22.87
C THR C 130 14.45 0.91 -22.91
N ASP C 131 13.28 0.96 -22.18
CA ASP C 131 12.30 -0.06 -22.32
C ASP C 131 11.12 0.65 -22.90
N ASN C 132 10.37 -0.15 -23.72
CA ASN C 132 9.09 0.34 -24.38
C ASN C 132 9.40 1.39 -25.40
N PHE C 133 10.43 1.18 -26.23
CA PHE C 133 10.74 2.07 -27.29
C PHE C 133 9.94 1.76 -28.52
N GLU C 134 9.16 2.82 -28.93
CA GLU C 134 8.13 2.78 -30.01
C GLU C 134 8.76 2.69 -31.35
N GLY C 135 9.82 3.51 -31.57
CA GLY C 135 10.53 3.50 -32.87
C GLY C 135 11.38 4.70 -32.93
N PHE C 136 11.92 4.85 -34.20
CA PHE C 136 12.99 5.87 -34.50
C PHE C 136 12.44 6.91 -35.42
N GLN C 137 13.05 8.13 -35.33
CA GLN C 137 12.76 9.22 -36.11
C GLN C 137 13.99 9.65 -36.82
N LEU C 138 13.99 9.81 -38.17
CA LEU C 138 15.20 10.29 -38.77
C LEU C 138 15.03 11.67 -39.26
N LEU C 139 15.96 12.59 -38.87
CA LEU C 139 15.90 13.94 -39.34
C LEU C 139 17.05 13.97 -40.27
N HIS C 140 16.82 14.35 -41.54
CA HIS C 140 17.88 14.38 -42.51
C HIS C 140 17.54 15.02 -43.77
N SER C 141 18.58 15.09 -44.69
CA SER C 141 18.50 15.84 -45.93
C SER C 141 18.70 14.91 -47.15
N VAL C 142 18.05 15.24 -48.32
CA VAL C 142 18.28 14.61 -49.61
C VAL C 142 19.05 15.60 -50.35
N ALA C 143 20.16 16.17 -49.82
CA ALA C 143 20.94 17.24 -50.40
C ALA C 143 22.25 17.27 -49.63
N GLY C 144 22.47 16.33 -48.68
CA GLY C 144 23.76 16.46 -48.02
C GLY C 144 24.74 15.40 -48.43
N GLY C 145 25.92 15.26 -47.75
CA GLY C 145 26.81 14.14 -47.99
C GLY C 145 26.40 13.02 -47.17
N THR C 146 26.27 13.34 -45.87
CA THR C 146 25.93 12.49 -44.82
C THR C 146 24.44 12.24 -44.92
N GLY C 147 23.57 13.33 -45.05
CA GLY C 147 22.12 13.07 -45.01
C GLY C 147 21.67 12.16 -46.13
N SER C 148 22.21 12.34 -47.36
CA SER C 148 21.92 11.52 -48.50
C SER C 148 22.54 10.11 -48.37
N GLY C 149 23.86 9.92 -48.30
CA GLY C 149 24.48 8.56 -48.34
C GLY C 149 24.26 7.77 -47.11
N LEU C 150 24.65 8.42 -45.96
CA LEU C 150 24.57 7.78 -44.67
C LEU C 150 23.12 7.58 -44.31
N GLY C 151 22.27 8.53 -44.60
CA GLY C 151 20.78 8.31 -44.35
C GLY C 151 20.15 7.14 -45.07
N SER C 152 20.49 6.95 -46.38
CA SER C 152 20.17 5.84 -47.24
C SER C 152 20.77 4.53 -46.79
N ASN C 153 22.05 4.59 -46.30
CA ASN C 153 22.75 3.42 -45.72
C ASN C 153 22.05 2.93 -44.49
N LEU C 154 21.75 3.88 -43.64
CA LEU C 154 21.03 3.57 -42.44
C LEU C 154 19.59 3.13 -42.65
N LEU C 155 18.83 3.61 -43.67
CA LEU C 155 17.49 3.16 -43.98
C LEU C 155 17.41 1.66 -44.34
N GLU C 156 18.43 1.19 -45.14
CA GLU C 156 18.52 -0.14 -45.52
C GLU C 156 18.77 -1.00 -44.32
N ALA C 157 19.69 -0.54 -43.37
CA ALA C 157 19.92 -1.22 -42.08
C ALA C 157 18.87 -1.36 -41.05
N LEU C 158 18.10 -0.18 -40.83
CA LEU C 158 16.99 -0.20 -39.85
C LEU C 158 15.90 -1.16 -40.26
N CYS C 159 15.58 -1.21 -41.57
CA CYS C 159 14.53 -2.04 -42.06
C CYS C 159 14.82 -3.55 -41.77
N ASP C 160 16.12 -4.05 -42.06
CA ASP C 160 16.53 -5.42 -41.93
C ASP C 160 16.63 -5.71 -40.41
N ARG C 161 17.19 -4.75 -39.66
CA ARG C 161 17.52 -4.95 -38.24
C ARG C 161 16.26 -5.19 -37.40
N TYR C 162 15.27 -4.31 -37.54
CA TYR C 162 14.01 -4.39 -36.74
C TYR C 162 12.92 -4.79 -37.67
N PRO C 163 12.00 -5.73 -37.34
CA PRO C 163 11.17 -6.27 -38.36
C PRO C 163 9.79 -5.88 -37.96
N LYS C 164 9.58 -4.94 -37.00
CA LYS C 164 8.27 -4.62 -36.45
C LYS C 164 8.23 -3.29 -35.80
N LYS C 165 9.41 -2.63 -35.67
CA LYS C 165 9.54 -1.41 -34.93
C LYS C 165 9.19 -0.27 -35.91
N ILE C 166 8.86 0.96 -35.46
CA ILE C 166 8.51 2.01 -36.38
C ILE C 166 9.70 2.75 -36.91
N LEU C 167 9.78 3.15 -38.22
CA LEU C 167 10.72 4.09 -38.76
C LEU C 167 9.85 5.21 -39.44
N THR C 168 10.05 6.44 -38.95
CA THR C 168 9.36 7.55 -39.56
C THR C 168 10.53 8.41 -39.99
N THR C 169 10.49 9.14 -41.14
CA THR C 169 11.59 9.93 -41.52
C THR C 169 10.94 11.24 -41.84
N TYR C 170 11.78 12.28 -41.59
CA TYR C 170 11.48 13.61 -42.00
C TYR C 170 12.55 13.86 -43.09
N SER C 171 12.22 13.87 -44.44
CA SER C 171 13.25 13.99 -45.52
C SER C 171 12.94 15.34 -46.09
N VAL C 172 13.93 16.25 -46.17
CA VAL C 172 13.78 17.52 -46.89
C VAL C 172 14.23 17.15 -48.27
N PHE C 173 13.38 17.40 -49.28
CA PHE C 173 13.66 17.34 -50.67
C PHE C 173 14.07 18.71 -51.28
N PRO C 174 14.91 18.82 -52.30
CA PRO C 174 15.38 20.03 -52.94
C PRO C 174 14.31 20.48 -53.94
N ALA C 175 14.35 21.74 -54.43
CA ALA C 175 13.53 22.17 -55.55
C ALA C 175 13.92 21.32 -56.78
N ARG C 176 13.26 21.73 -57.86
CA ARG C 176 13.29 21.14 -59.15
C ARG C 176 14.54 21.54 -59.83
N SER C 177 15.03 22.86 -59.71
CA SER C 177 16.29 23.34 -60.29
C SER C 177 17.17 23.60 -59.16
N SER C 178 18.15 22.72 -58.91
CA SER C 178 18.88 22.69 -57.64
C SER C 178 19.47 23.99 -57.15
N GLU C 179 19.81 23.99 -55.81
CA GLU C 179 20.51 25.06 -55.11
C GLU C 179 22.02 24.92 -55.27
N VAL C 180 22.47 23.69 -54.99
CA VAL C 180 23.81 23.27 -54.97
C VAL C 180 23.79 22.29 -56.07
N VAL C 181 24.95 22.18 -56.77
CA VAL C 181 24.98 21.44 -58.06
C VAL C 181 24.74 19.95 -57.86
N VAL C 182 25.41 19.33 -56.91
CA VAL C 182 25.32 17.88 -56.69
C VAL C 182 24.05 17.34 -56.11
N GLN C 183 23.11 18.17 -55.69
CA GLN C 183 21.81 17.83 -55.16
C GLN C 183 21.06 16.85 -56.12
N SER C 184 21.19 17.15 -57.42
CA SER C 184 20.44 16.51 -58.42
C SER C 184 20.69 15.00 -58.55
N TYR C 185 21.97 14.55 -58.41
CA TYR C 185 22.49 13.23 -58.31
C TYR C 185 22.01 12.56 -57.05
N ASN C 186 22.08 13.27 -55.83
CA ASN C 186 21.90 12.90 -54.47
C ASN C 186 20.41 12.45 -54.41
N THR C 187 19.45 13.19 -55.05
CA THR C 187 18.04 12.68 -55.03
C THR C 187 17.78 11.36 -55.68
N ILE C 188 18.39 11.17 -56.94
CA ILE C 188 18.11 9.96 -57.65
C ILE C 188 18.56 8.79 -56.90
N LEU C 189 19.78 8.84 -56.43
CA LEU C 189 20.37 7.70 -55.74
C LEU C 189 19.60 7.35 -54.46
N ALA C 190 19.15 8.43 -53.71
CA ALA C 190 18.49 8.28 -52.37
C ALA C 190 17.08 7.56 -52.41
N LEU C 191 16.39 7.95 -53.50
CA LEU C 191 15.01 7.61 -53.67
C LEU C 191 14.61 6.20 -53.72
N ARG C 192 15.48 5.33 -54.29
CA ARG C 192 15.07 3.91 -54.28
C ARG C 192 14.94 3.38 -52.90
N ARG C 193 15.90 3.74 -51.98
CA ARG C 193 16.03 3.34 -50.62
C ARG C 193 14.86 3.95 -49.80
N LEU C 194 14.50 5.22 -50.09
CA LEU C 194 13.43 5.98 -49.47
C LEU C 194 12.00 5.44 -49.73
N ILE C 195 11.82 4.96 -50.98
CA ILE C 195 10.54 4.33 -51.32
C ILE C 195 10.30 3.04 -50.61
N GLU C 196 11.36 2.17 -50.76
CA GLU C 196 11.17 0.83 -50.30
C GLU C 196 11.32 0.63 -48.78
N ASP C 197 12.41 1.21 -48.21
CA ASP C 197 12.80 0.95 -46.81
C ASP C 197 12.11 1.81 -45.78
N SER C 198 11.43 2.93 -46.18
CA SER C 198 10.88 3.93 -45.24
C SER C 198 9.47 3.61 -45.11
N ASP C 199 9.01 3.46 -43.79
CA ASP C 199 7.60 3.15 -43.40
C ASP C 199 6.85 4.41 -43.47
N ALA C 200 7.42 5.57 -43.14
CA ALA C 200 6.78 6.88 -43.35
C ALA C 200 7.81 7.86 -43.67
N THR C 201 7.54 8.79 -44.63
CA THR C 201 8.36 9.94 -45.04
C THR C 201 7.44 11.08 -45.11
N VAL C 202 7.80 12.11 -44.35
CA VAL C 202 7.16 13.30 -44.45
C VAL C 202 8.04 14.11 -45.42
N VAL C 203 7.59 14.39 -46.64
CA VAL C 203 8.41 15.14 -47.59
C VAL C 203 8.23 16.61 -47.33
N PHE C 204 9.31 17.31 -47.18
CA PHE C 204 9.41 18.71 -46.98
C PHE C 204 10.07 19.28 -48.14
N ASP C 205 9.36 20.03 -49.03
CA ASP C 205 9.85 20.48 -50.28
C ASP C 205 10.44 21.86 -49.98
N ASN C 206 11.79 22.05 -50.30
CA ASN C 206 12.49 23.23 -50.04
C ASN C 206 11.99 24.39 -50.80
N ALA C 207 11.36 24.17 -51.94
CA ALA C 207 10.85 25.27 -52.73
C ALA C 207 9.76 26.13 -51.90
N SER C 208 8.78 25.48 -51.20
CA SER C 208 7.69 26.00 -50.41
C SER C 208 8.13 26.58 -49.14
N LEU C 209 9.12 25.95 -48.48
CA LEU C 209 9.71 26.45 -47.24
C LEU C 209 10.48 27.70 -47.41
N LEU C 210 11.28 27.87 -48.54
CA LEU C 210 12.00 29.12 -48.76
C LEU C 210 11.07 30.22 -48.98
N ASN C 211 9.99 30.14 -49.75
CA ASN C 211 9.04 31.24 -50.04
C ASN C 211 8.27 31.76 -48.84
N ILE C 212 7.89 30.90 -47.85
CA ILE C 212 7.34 31.27 -46.55
C ILE C 212 8.33 32.07 -45.72
N SER C 213 9.60 31.56 -45.70
CA SER C 213 10.68 32.20 -44.94
C SER C 213 11.02 33.53 -45.49
N GLY C 214 11.19 33.62 -46.78
CA GLY C 214 11.56 34.80 -47.42
C GLY C 214 10.53 35.90 -47.42
N LYS C 215 9.24 35.63 -47.80
CA LYS C 215 8.12 36.62 -47.84
C LYS C 215 7.63 37.04 -46.50
N VAL C 216 7.21 35.99 -45.69
CA VAL C 216 6.51 36.13 -44.40
C VAL C 216 7.37 36.64 -43.34
N PHE C 217 8.57 35.93 -43.10
CA PHE C 217 9.52 36.28 -42.06
C PHE C 217 10.28 37.50 -42.38
N ARG C 218 10.56 37.82 -43.65
CA ARG C 218 11.35 38.95 -44.11
C ARG C 218 12.80 38.99 -43.64
N ASN C 219 13.51 37.89 -43.76
CA ASN C 219 14.91 37.73 -43.43
C ASN C 219 15.92 38.37 -44.41
N PRO C 220 16.94 39.17 -44.06
CA PRO C 220 17.77 39.88 -45.01
C PRO C 220 18.87 39.00 -45.50
N ASN C 221 18.94 37.77 -44.91
CA ASN C 221 19.80 36.62 -45.36
C ASN C 221 19.02 35.34 -45.19
N ILE C 222 18.85 34.66 -46.38
CA ILE C 222 18.01 33.47 -46.38
C ILE C 222 19.05 32.44 -46.73
N ASP C 223 18.87 31.26 -46.03
CA ASP C 223 19.73 30.18 -46.13
C ASP C 223 19.05 28.94 -45.57
N LEU C 224 19.75 27.82 -45.75
CA LEU C 224 19.28 26.52 -45.29
C LEU C 224 19.13 26.46 -43.74
N GLN C 225 20.10 27.13 -43.00
CA GLN C 225 20.07 27.34 -41.57
C GLN C 225 18.87 28.18 -41.17
N HIS C 226 18.46 29.27 -41.87
CA HIS C 226 17.36 30.12 -41.58
C HIS C 226 16.07 29.40 -41.65
N THR C 227 15.92 28.61 -42.73
CA THR C 227 14.83 27.74 -43.06
C THR C 227 14.68 26.59 -42.00
N ASN C 228 15.74 25.95 -41.43
CA ASN C 228 15.63 24.76 -40.56
C ASN C 228 14.81 25.05 -39.29
N GLN C 229 14.79 26.32 -38.83
CA GLN C 229 14.03 26.96 -37.75
C GLN C 229 12.54 26.89 -38.04
N LEU C 230 12.16 27.12 -39.37
CA LEU C 230 10.80 27.01 -39.80
C LEU C 230 10.31 25.56 -39.66
N ILE C 231 11.19 24.65 -40.05
CA ILE C 231 10.96 23.23 -40.12
C ILE C 231 10.70 22.78 -38.66
N SER C 232 11.55 23.37 -37.74
CA SER C 232 11.68 22.99 -36.33
C SER C 232 10.34 23.22 -35.62
N THR C 233 9.71 24.41 -35.97
CA THR C 233 8.43 24.86 -35.47
C THR C 233 7.37 23.87 -35.89
N ILE C 234 7.45 23.44 -37.16
CA ILE C 234 6.51 22.41 -37.78
C ILE C 234 6.65 21.05 -37.11
N ILE C 235 7.88 20.57 -36.84
CA ILE C 235 8.23 19.28 -36.25
C ILE C 235 7.63 19.19 -34.86
N SER C 236 7.74 20.31 -34.05
CA SER C 236 7.21 20.43 -32.72
C SER C 236 5.72 20.31 -32.66
N SER C 237 5.00 20.95 -33.63
CA SER C 237 3.52 20.93 -33.59
C SER C 237 3.02 19.46 -33.78
N VAL C 238 3.68 18.61 -34.59
CA VAL C 238 3.36 17.25 -34.79
C VAL C 238 3.45 16.34 -33.50
N THR C 239 4.41 16.68 -32.63
CA THR C 239 4.69 16.00 -31.42
C THR C 239 3.76 16.38 -30.28
N ASN C 240 2.98 17.47 -30.56
CA ASN C 240 2.10 18.17 -29.58
C ASN C 240 1.13 17.25 -28.82
N SER C 241 0.48 16.23 -29.47
CA SER C 241 -0.50 15.26 -28.94
C SER C 241 0.23 14.22 -27.99
N ILE C 242 1.51 13.99 -28.26
CA ILE C 242 2.33 13.05 -27.48
C ILE C 242 2.67 13.80 -26.12
N ARG C 243 2.98 15.11 -26.27
CA ARG C 243 3.41 15.93 -25.14
C ARG C 243 2.47 16.43 -24.15
N PHE C 244 1.16 16.44 -24.63
CA PHE C 244 0.06 16.76 -23.68
C PHE C 244 -0.66 15.50 -23.43
N PRO C 245 -1.14 15.18 -22.20
CA PRO C 245 -1.57 13.88 -21.91
C PRO C 245 -3.04 13.70 -22.27
N SER C 246 -3.62 14.83 -22.71
CA SER C 246 -4.99 14.96 -23.22
C SER C 246 -5.18 14.07 -24.38
N TYR C 247 -6.40 13.43 -24.46
CA TYR C 247 -6.76 12.56 -25.54
C TYR C 247 -6.22 11.18 -25.18
N MET C 248 -6.83 10.11 -25.71
CA MET C 248 -6.66 8.75 -25.18
C MET C 248 -5.75 8.06 -26.18
N TYR C 249 -5.12 8.86 -27.11
CA TYR C 249 -4.08 8.42 -28.00
C TYR C 249 -3.08 9.50 -27.90
N SER C 250 -2.08 9.26 -27.01
CA SER C 250 -1.03 10.16 -26.78
C SER C 250 0.27 9.45 -27.11
N SER C 251 0.19 8.55 -28.13
CA SER C 251 1.33 7.74 -28.59
C SER C 251 1.59 8.02 -30.02
N MET C 252 2.87 7.89 -30.40
CA MET C 252 3.37 8.00 -31.76
C MET C 252 2.75 6.89 -32.65
N SER C 253 2.69 5.62 -32.18
CA SER C 253 2.46 4.47 -33.06
C SER C 253 1.16 4.38 -33.80
N SER C 254 0.01 4.56 -33.07
CA SER C 254 -1.28 4.34 -33.65
C SER C 254 -1.64 5.38 -34.65
N ILE C 255 -1.04 6.59 -34.40
CA ILE C 255 -1.19 7.72 -35.29
C ILE C 255 -0.51 7.54 -36.54
N TYR C 256 0.74 7.07 -36.60
CA TYR C 256 1.40 6.79 -37.84
C TYR C 256 0.76 5.63 -38.57
N SER C 257 0.29 4.55 -37.95
CA SER C 257 -0.30 3.37 -38.57
C SER C 257 -1.51 3.68 -39.36
N THR C 258 -2.40 4.57 -38.83
CA THR C 258 -3.66 5.04 -39.40
C THR C 258 -3.42 5.83 -40.60
N LEU C 259 -2.36 6.73 -40.43
CA LEU C 259 -2.01 7.85 -41.31
C LEU C 259 -1.40 7.35 -42.62
N ILE C 260 -0.62 6.26 -42.64
CA ILE C 260 -0.05 5.62 -43.71
C ILE C 260 -1.09 4.60 -44.21
N PRO C 261 -1.45 4.59 -45.51
CA PRO C 261 -2.52 3.72 -46.00
C PRO C 261 -1.78 2.55 -46.68
N SER C 262 -0.47 2.72 -47.05
CA SER C 262 0.29 1.76 -47.81
C SER C 262 1.78 2.11 -47.76
N PRO C 263 2.78 1.34 -48.11
CA PRO C 263 4.16 1.65 -47.79
C PRO C 263 4.75 2.02 -49.12
N GLU C 264 3.95 2.09 -50.15
CA GLU C 264 4.22 2.29 -51.56
C GLU C 264 3.50 3.51 -51.91
N LEU C 265 3.14 4.42 -50.87
CA LEU C 265 2.40 5.66 -51.04
C LEU C 265 2.30 6.02 -49.61
N HIS C 266 3.46 6.38 -49.04
CA HIS C 266 3.54 6.62 -47.56
C HIS C 266 4.05 8.00 -47.41
N PHE C 267 4.16 8.73 -48.52
CA PHE C 267 4.84 9.99 -48.64
C PHE C 267 3.78 11.03 -48.25
N LEU C 268 4.07 11.81 -47.21
CA LEU C 268 3.01 12.66 -46.56
C LEU C 268 3.33 14.08 -46.93
N SER C 269 2.30 14.99 -46.99
CA SER C 269 2.54 16.39 -47.05
C SER C 269 1.97 17.14 -45.87
N PRO C 270 2.66 18.08 -45.31
CA PRO C 270 2.15 18.84 -44.21
C PRO C 270 1.53 20.23 -44.64
N SER C 271 0.68 20.77 -43.79
CA SER C 271 0.38 22.22 -44.00
C SER C 271 0.33 22.67 -42.55
N PHE C 272 0.61 23.96 -42.15
CA PHE C 272 0.57 24.45 -40.81
C PHE C 272 0.21 25.88 -41.02
N THR C 273 -0.52 26.50 -40.06
CA THR C 273 -0.69 27.88 -39.88
C THR C 273 -1.04 28.05 -38.46
N PRO C 274 -0.66 29.07 -37.71
CA PRO C 274 0.32 30.09 -38.12
C PRO C 274 1.72 29.47 -38.34
N PHE C 275 2.57 30.29 -38.96
CA PHE C 275 3.96 29.99 -39.23
C PHE C 275 4.84 30.07 -38.05
N THR C 276 4.48 30.97 -37.10
CA THR C 276 5.30 31.20 -35.89
C THR C 276 4.55 30.72 -34.72
N SER C 277 5.29 30.10 -33.73
CA SER C 277 4.61 29.44 -32.59
C SER C 277 5.68 29.06 -31.59
N ASP C 278 6.86 29.76 -31.67
CA ASP C 278 7.86 29.65 -30.72
C ASP C 278 8.60 30.96 -30.75
N TYR C 279 8.02 31.98 -31.49
CA TYR C 279 8.45 33.34 -31.57
C TYR C 279 9.93 33.43 -32.16
N ILE C 280 9.97 32.77 -33.36
CA ILE C 280 11.18 32.59 -34.10
C ILE C 280 11.72 33.76 -34.95
N HIS C 281 10.85 34.46 -35.71
CA HIS C 281 11.29 35.54 -36.51
C HIS C 281 10.27 36.63 -36.45
N ASP C 282 9.01 36.23 -36.14
CA ASP C 282 7.99 37.31 -36.07
C ASP C 282 6.90 36.65 -35.32
N ASP C 283 5.66 37.15 -35.59
CA ASP C 283 4.44 36.79 -34.95
C ASP C 283 3.44 36.73 -36.03
N ILE C 284 2.33 36.05 -35.84
CA ILE C 284 1.24 36.02 -36.74
C ILE C 284 0.05 36.47 -35.93
N ALA C 285 -0.74 37.40 -36.50
CA ALA C 285 -2.02 37.85 -35.93
C ALA C 285 -3.23 36.94 -35.92
N HIS C 286 -4.14 37.20 -34.98
CA HIS C 286 -5.25 36.35 -34.63
C HIS C 286 -6.15 36.02 -35.78
N LYS C 287 -6.44 34.75 -35.87
CA LYS C 287 -7.26 34.11 -36.90
C LYS C 287 -7.99 33.01 -36.12
N GLY C 288 -9.36 32.95 -36.23
CA GLY C 288 -10.19 31.94 -35.58
C GLY C 288 -10.23 30.57 -36.21
N HIS C 289 -11.15 29.71 -35.72
CA HIS C 289 -11.23 28.36 -36.29
C HIS C 289 -11.60 28.28 -37.72
N SER C 290 -12.53 29.09 -38.16
CA SER C 290 -13.03 29.18 -39.51
C SER C 290 -11.95 29.61 -40.47
N SER C 291 -11.07 30.56 -40.10
CA SER C 291 -9.94 31.04 -40.84
C SER C 291 -8.94 29.87 -41.10
N TYR C 292 -8.65 29.00 -40.13
CA TYR C 292 -7.77 27.85 -40.14
C TYR C 292 -8.32 26.92 -41.10
N ASP C 293 -9.64 26.61 -41.11
CA ASP C 293 -10.30 25.59 -41.83
C ASP C 293 -10.17 25.77 -43.32
N VAL C 294 -10.29 27.03 -43.80
CA VAL C 294 -10.07 27.46 -45.13
C VAL C 294 -8.59 27.33 -45.49
N MET C 295 -7.61 27.65 -44.59
CA MET C 295 -6.22 27.72 -44.99
C MET C 295 -5.60 26.42 -45.46
N LEU C 296 -5.96 25.23 -44.92
CA LEU C 296 -5.31 23.98 -45.29
C LEU C 296 -5.54 23.65 -46.77
N ASP C 297 -6.69 24.10 -47.43
CA ASP C 297 -6.82 23.90 -48.85
C ASP C 297 -5.82 24.59 -49.68
N LEU C 298 -5.61 25.87 -49.35
CA LEU C 298 -4.82 26.78 -50.16
C LEU C 298 -3.30 26.45 -50.17
N LEU C 299 -2.69 26.73 -51.33
CA LEU C 299 -1.35 26.39 -51.68
C LEU C 299 -0.29 26.99 -50.71
N ASP C 300 -0.45 28.26 -50.31
CA ASP C 300 0.39 29.11 -49.60
C ASP C 300 0.52 28.74 -48.11
N PRO C 301 -0.47 28.26 -47.36
CA PRO C 301 -0.17 27.78 -46.01
C PRO C 301 0.44 26.41 -46.01
N SER C 302 0.56 25.70 -47.11
CA SER C 302 1.25 24.43 -47.13
C SER C 302 2.74 24.54 -47.16
N ASN C 303 3.47 23.47 -46.82
CA ASN C 303 4.89 23.37 -46.81
C ASN C 303 5.35 22.44 -47.95
N SER C 304 4.40 21.91 -48.74
CA SER C 304 4.74 21.03 -49.79
C SER C 304 3.80 21.50 -50.90
N LEU C 305 4.22 21.20 -52.15
CA LEU C 305 3.43 21.48 -53.35
C LEU C 305 2.13 20.72 -53.34
N VAL C 306 0.93 21.36 -53.60
CA VAL C 306 -0.37 20.79 -53.64
C VAL C 306 -1.08 21.26 -54.87
N SER C 307 -2.32 20.76 -55.07
CA SER C 307 -3.19 21.09 -56.19
C SER C 307 -4.32 21.90 -55.56
N THR C 308 -4.63 23.04 -56.13
CA THR C 308 -5.62 24.01 -55.55
C THR C 308 -6.52 24.39 -56.65
N ALA C 309 -7.80 24.50 -56.27
CA ALA C 309 -8.81 24.92 -57.21
C ALA C 309 -9.91 25.59 -56.44
N MET C 310 -9.75 25.91 -55.06
CA MET C 310 -10.59 26.60 -54.13
C MET C 310 -11.64 25.71 -53.47
N ASN C 311 -11.29 24.42 -53.57
CA ASN C 311 -11.91 23.24 -53.13
C ASN C 311 -10.91 22.27 -53.81
N ASN C 312 -10.45 21.17 -53.16
CA ASN C 312 -9.38 20.40 -53.59
C ASN C 312 -9.86 19.32 -54.59
N PRO C 313 -9.29 19.22 -55.82
CA PRO C 313 -9.75 18.20 -56.75
C PRO C 313 -8.83 17.05 -56.57
N THR C 314 -7.66 17.21 -55.87
CA THR C 314 -6.82 16.14 -55.56
C THR C 314 -7.47 15.20 -54.52
N TYR C 315 -7.25 13.82 -54.76
CA TYR C 315 -7.77 12.73 -53.95
C TYR C 315 -6.88 12.63 -52.74
N PHE C 316 -7.52 12.76 -51.55
CA PHE C 316 -6.92 12.74 -50.24
C PHE C 316 -7.13 11.24 -49.98
N ASN C 317 -6.04 10.47 -49.64
CA ASN C 317 -6.07 9.12 -49.17
C ASN C 317 -6.31 8.97 -47.70
N VAL C 318 -5.74 9.95 -46.90
CA VAL C 318 -5.88 9.94 -45.48
C VAL C 318 -5.71 11.41 -45.08
N TYR C 319 -6.34 11.80 -43.96
CA TYR C 319 -6.19 13.12 -43.38
C TYR C 319 -6.04 12.91 -41.90
N ASN C 320 -5.13 13.70 -41.23
CA ASN C 320 -5.09 13.75 -39.77
C ASN C 320 -4.96 15.26 -39.49
N THR C 321 -5.81 15.86 -38.61
CA THR C 321 -5.74 17.23 -38.20
C THR C 321 -5.56 17.13 -36.72
N ILE C 322 -4.55 17.91 -36.24
CA ILE C 322 -4.31 18.11 -34.82
C ILE C 322 -4.59 19.53 -34.59
N ILE C 323 -5.59 19.83 -33.69
CA ILE C 323 -6.03 21.17 -33.42
C ILE C 323 -5.43 21.55 -32.08
N GLY C 324 -4.89 22.76 -32.00
CA GLY C 324 -4.25 23.22 -30.78
C GLY C 324 -4.88 24.47 -30.39
N ASN C 325 -5.46 24.51 -29.13
CA ASN C 325 -6.02 25.70 -28.49
C ASN C 325 -6.90 25.12 -27.42
N VAL C 326 -7.04 25.89 -26.30
CA VAL C 326 -7.77 25.57 -25.11
C VAL C 326 -9.29 25.58 -25.27
N GLU C 327 -9.82 25.98 -26.44
CA GLU C 327 -11.13 25.89 -26.89
C GLU C 327 -11.74 24.59 -26.70
N PRO C 328 -13.00 24.43 -26.36
CA PRO C 328 -13.64 23.15 -26.10
C PRO C 328 -13.62 22.17 -27.19
N ARG C 329 -13.87 20.92 -26.80
CA ARG C 329 -13.88 19.78 -27.77
C ARG C 329 -14.93 19.88 -28.87
N GLN C 330 -16.13 20.36 -28.54
CA GLN C 330 -17.26 20.45 -29.41
C GLN C 330 -17.02 21.37 -30.58
N ILE C 331 -16.34 22.47 -30.39
CA ILE C 331 -15.99 23.44 -31.46
C ILE C 331 -15.02 22.87 -32.46
N SER C 332 -14.00 22.16 -31.96
CA SER C 332 -12.94 21.51 -32.77
C SER C 332 -13.51 20.39 -33.61
N ARG C 333 -14.48 19.64 -33.01
CA ARG C 333 -15.20 18.64 -33.70
C ARG C 333 -16.01 19.17 -34.75
N ALA C 334 -16.74 20.36 -34.54
CA ALA C 334 -17.62 20.92 -35.50
C ALA C 334 -16.76 21.26 -36.71
N MET C 335 -15.55 21.79 -36.49
CA MET C 335 -14.69 22.10 -37.59
C MET C 335 -14.29 20.90 -38.38
N THR C 336 -13.93 19.79 -37.74
CA THR C 336 -13.50 18.62 -38.41
C THR C 336 -14.63 17.97 -39.26
N LYS C 337 -15.79 18.08 -38.64
CA LYS C 337 -17.12 17.60 -39.13
C LYS C 337 -17.43 18.33 -40.34
N LEU C 338 -17.19 19.69 -40.34
CA LEU C 338 -17.48 20.55 -41.52
C LEU C 338 -16.59 20.23 -42.65
N GLN C 339 -15.27 19.93 -42.35
CA GLN C 339 -14.27 19.70 -43.30
C GLN C 339 -14.60 18.52 -44.21
N GLN C 340 -15.17 17.46 -43.63
CA GLN C 340 -15.82 16.42 -44.28
C GLN C 340 -17.10 16.74 -44.99
N ARG C 341 -17.90 17.50 -44.35
CA ARG C 341 -19.27 17.80 -44.88
C ARG C 341 -19.29 18.55 -46.18
N ILE C 342 -18.38 19.62 -46.31
CA ILE C 342 -18.24 20.49 -47.53
C ILE C 342 -17.75 19.67 -48.71
N LYS C 343 -16.99 18.62 -48.40
CA LYS C 343 -16.45 17.62 -49.28
C LYS C 343 -15.37 18.23 -50.14
N PHE C 344 -14.50 18.99 -49.48
CA PHE C 344 -13.28 19.49 -50.09
C PHE C 344 -12.29 18.45 -50.35
N PRO C 345 -12.00 17.53 -49.46
CA PRO C 345 -11.21 16.38 -49.77
C PRO C 345 -11.97 15.56 -50.80
N SER C 346 -11.19 14.87 -51.59
CA SER C 346 -11.83 13.96 -52.57
C SER C 346 -11.51 12.58 -52.13
N TRP C 347 -12.42 11.68 -52.51
CA TRP C 347 -12.61 10.39 -51.92
C TRP C 347 -13.00 9.45 -53.02
N SER C 348 -12.53 8.22 -52.81
CA SER C 348 -12.57 7.10 -53.73
C SER C 348 -13.76 6.21 -53.54
N SER C 349 -13.74 5.08 -54.29
CA SER C 349 -14.71 4.04 -54.19
C SER C 349 -14.15 2.96 -53.30
N SER C 350 -12.80 2.92 -53.05
CA SER C 350 -12.18 1.91 -52.27
C SER C 350 -12.51 2.13 -50.86
N ALA C 351 -12.17 3.37 -50.43
CA ALA C 351 -12.37 3.85 -49.12
C ALA C 351 -12.95 5.24 -49.23
N MET C 352 -14.18 5.39 -48.68
CA MET C 352 -14.92 6.60 -48.68
C MET C 352 -14.83 7.10 -47.25
N HIS C 353 -13.98 8.17 -47.04
CA HIS C 353 -13.63 8.85 -45.81
C HIS C 353 -12.50 8.16 -44.96
N VAL C 354 -11.35 8.83 -44.82
CA VAL C 354 -10.37 8.29 -43.99
C VAL C 354 -9.86 9.61 -43.27
N ASN C 355 -10.49 9.94 -42.14
CA ASN C 355 -10.33 11.24 -41.52
C ASN C 355 -10.16 10.97 -40.01
N ILE C 356 -9.07 11.45 -39.40
CA ILE C 356 -8.77 11.20 -38.04
C ILE C 356 -8.60 12.55 -37.48
N GLY C 357 -8.78 12.68 -36.08
CA GLY C 357 -8.58 13.91 -35.39
C GLY C 357 -7.82 13.65 -34.09
N ARG C 358 -6.90 14.64 -33.75
CA ARG C 358 -6.14 14.62 -32.52
C ARG C 358 -6.45 16.01 -31.90
N ARG C 359 -6.59 16.04 -30.59
CA ARG C 359 -6.90 17.23 -29.86
C ARG C 359 -5.75 17.50 -28.95
N SER C 360 -5.34 18.80 -28.82
CA SER C 360 -4.33 19.18 -27.85
C SER C 360 -4.68 20.51 -27.30
N PRO C 361 -4.36 20.92 -26.08
CA PRO C 361 -4.55 22.23 -25.57
C PRO C 361 -3.40 23.08 -26.12
N TYR C 362 -3.27 24.31 -25.61
CA TYR C 362 -2.13 25.25 -25.87
C TYR C 362 -1.05 25.22 -24.87
N LEU C 363 0.12 25.72 -25.28
CA LEU C 363 1.33 25.68 -24.57
C LEU C 363 1.40 26.27 -23.14
N PRO C 364 2.41 25.90 -22.26
CA PRO C 364 2.51 26.40 -20.87
C PRO C 364 2.94 27.84 -20.86
N LEU C 365 3.35 28.47 -22.05
CA LEU C 365 3.76 29.82 -22.20
C LEU C 365 3.43 30.33 -23.59
N GLN C 366 3.11 31.58 -23.78
CA GLN C 366 2.64 32.17 -25.04
C GLN C 366 3.82 32.71 -25.84
N PRO C 367 3.89 32.62 -27.15
CA PRO C 367 4.94 33.20 -28.01
C PRO C 367 4.22 34.37 -28.66
N ASN C 368 3.40 35.12 -27.87
CA ASN C 368 2.47 36.20 -28.21
C ASN C 368 1.31 35.73 -29.05
N GLU C 369 0.83 34.52 -28.75
CA GLU C 369 -0.38 34.01 -29.34
C GLU C 369 -1.11 33.13 -28.52
N ASN C 370 -2.41 33.07 -28.83
CA ASN C 370 -3.24 32.17 -28.14
C ASN C 370 -4.47 32.12 -29.03
N GLU C 371 -4.27 32.13 -30.34
CA GLU C 371 -5.36 31.99 -31.29
C GLU C 371 -5.54 30.53 -31.61
N VAL C 372 -6.68 30.23 -32.35
CA VAL C 372 -7.10 28.91 -32.58
C VAL C 372 -6.25 28.52 -33.72
N SER C 373 -5.50 27.37 -33.58
CA SER C 373 -4.49 27.07 -34.52
C SER C 373 -4.53 25.56 -34.76
N GLY C 374 -3.85 25.16 -35.90
CA GLY C 374 -3.79 23.77 -36.16
C GLY C 374 -2.67 23.40 -37.13
N MET C 375 -2.45 22.09 -37.16
CA MET C 375 -1.53 21.50 -38.13
C MET C 375 -2.13 20.29 -38.73
N MET C 376 -1.88 20.03 -40.02
CA MET C 376 -2.40 18.90 -40.77
C MET C 376 -1.24 18.09 -41.20
N LEU C 377 -1.39 16.76 -41.01
CA LEU C 377 -0.58 15.70 -41.57
C LEU C 377 -1.47 14.83 -42.41
N SER C 378 -1.17 14.71 -43.70
CA SER C 378 -2.06 14.12 -44.64
C SER C 378 -1.33 13.32 -45.60
N ASN C 379 -1.94 12.30 -46.21
CA ASN C 379 -1.46 11.41 -47.25
C ASN C 379 -2.27 11.88 -48.44
N MET C 380 -1.63 12.47 -49.38
CA MET C 380 -2.25 13.21 -50.47
C MET C 380 -1.75 12.79 -51.77
N SER C 381 -2.56 12.77 -52.79
CA SER C 381 -2.24 12.35 -54.12
C SER C 381 -1.53 13.47 -54.94
N THR C 382 -0.90 14.36 -54.19
CA THR C 382 0.00 15.41 -54.77
C THR C 382 1.44 15.05 -54.63
N VAL C 383 1.76 14.01 -53.83
CA VAL C 383 3.05 13.59 -53.51
C VAL C 383 3.94 13.22 -54.60
N VAL C 384 3.36 12.78 -55.77
CA VAL C 384 4.01 12.33 -56.97
C VAL C 384 4.87 13.43 -57.58
N ASN C 385 4.54 14.69 -57.28
CA ASN C 385 5.14 15.88 -57.78
C ASN C 385 6.61 15.95 -57.48
N VAL C 386 7.11 15.39 -56.28
CA VAL C 386 8.49 15.38 -55.90
C VAL C 386 9.30 14.53 -56.89
N PHE C 387 8.69 13.33 -57.27
CA PHE C 387 9.28 12.41 -58.25
C PHE C 387 9.36 13.14 -59.56
N GLU C 388 8.36 13.93 -59.93
CA GLU C 388 8.35 14.72 -61.15
C GLU C 388 9.49 15.73 -61.22
N ASN C 389 9.78 16.34 -60.08
CA ASN C 389 10.89 17.21 -59.84
C ASN C 389 12.20 16.45 -60.02
N ALA C 390 12.24 15.23 -59.51
CA ALA C 390 13.29 14.29 -59.60
C ALA C 390 13.56 13.92 -61.03
N CYS C 391 12.49 13.73 -61.88
CA CYS C 391 12.58 13.42 -63.31
C CYS C 391 13.21 14.45 -64.06
N ASN C 392 12.86 15.75 -63.77
CA ASN C 392 13.28 16.98 -64.49
C ASN C 392 14.76 17.09 -64.25
N THR C 393 15.13 16.77 -62.97
CA THR C 393 16.50 16.71 -62.43
C THR C 393 17.25 15.55 -63.14
N PHE C 394 16.61 14.35 -63.39
CA PHE C 394 17.24 13.12 -63.84
C PHE C 394 17.74 13.37 -65.22
N ASP C 395 16.91 14.08 -66.12
CA ASP C 395 17.26 14.44 -67.44
C ASP C 395 18.43 15.43 -67.51
N LYS C 396 18.46 16.35 -66.54
CA LYS C 396 19.60 17.31 -66.40
C LYS C 396 20.84 16.60 -66.04
N VAL C 397 20.75 15.58 -65.11
CA VAL C 397 21.99 14.83 -64.71
C VAL C 397 22.64 14.11 -65.84
N PHE C 398 21.78 13.50 -66.64
CA PHE C 398 22.23 12.88 -67.91
C PHE C 398 22.81 13.94 -68.90
N ALA C 399 22.11 15.06 -69.03
CA ALA C 399 22.47 16.12 -70.01
C ALA C 399 23.81 16.82 -69.82
N LYS C 400 24.21 17.21 -68.57
CA LYS C 400 25.44 17.92 -68.38
C LYS C 400 26.78 17.22 -68.61
N GLY C 401 26.78 15.90 -68.34
CA GLY C 401 27.99 15.09 -68.57
C GLY C 401 29.06 15.45 -67.53
N ALA C 402 28.67 16.12 -66.36
CA ALA C 402 29.62 16.69 -65.38
C ALA C 402 29.03 16.34 -64.02
N PHE C 403 29.88 16.25 -62.92
CA PHE C 403 29.52 15.96 -61.57
C PHE C 403 29.36 14.52 -61.34
N LEU C 404 29.82 13.70 -62.33
CA LEU C 404 29.86 12.27 -62.14
C LEU C 404 30.98 11.87 -61.35
N ASN C 405 32.07 12.72 -61.28
CA ASN C 405 33.28 12.32 -60.69
C ASN C 405 33.33 11.71 -59.31
N ASN C 406 32.61 12.38 -58.35
CA ASN C 406 32.58 12.10 -56.93
C ASN C 406 31.99 10.77 -56.69
N TYR C 407 31.01 10.40 -57.51
CA TYR C 407 30.29 9.14 -57.44
C TYR C 407 31.28 8.01 -57.87
N ASN C 408 32.07 8.35 -58.94
CA ASN C 408 32.81 7.34 -59.77
C ASN C 408 33.86 6.56 -58.86
N VAL C 409 34.46 7.22 -57.80
CA VAL C 409 35.35 6.49 -56.88
C VAL C 409 34.61 5.39 -56.16
N GLY C 410 33.32 5.61 -55.82
CA GLY C 410 32.42 4.69 -55.20
C GLY C 410 32.36 3.35 -55.83
N ASP C 411 32.16 2.31 -55.01
CA ASP C 411 32.10 0.95 -55.52
C ASP C 411 30.67 0.51 -55.94
N LEU C 412 29.69 1.47 -55.56
CA LEU C 412 28.27 1.37 -55.95
C LEU C 412 27.99 2.05 -57.28
N PHE C 413 28.81 3.00 -57.77
CA PHE C 413 28.63 3.74 -59.10
C PHE C 413 29.41 3.03 -60.13
N GLN C 414 30.01 1.78 -59.94
CA GLN C 414 30.84 1.14 -60.96
C GLN C 414 29.90 0.56 -62.01
N SER C 415 28.64 0.34 -61.60
CA SER C 415 27.62 -0.27 -62.41
C SER C 415 26.80 0.87 -63.02
N MET C 416 26.88 2.09 -62.40
CA MET C 416 26.37 3.39 -62.75
C MET C 416 24.86 3.44 -62.81
N GLN C 417 24.24 3.13 -64.03
CA GLN C 417 22.83 3.20 -64.26
C GLN C 417 22.08 1.97 -63.77
N ASN C 418 22.78 0.92 -63.11
CA ASN C 418 22.04 -0.13 -62.51
C ASN C 418 21.30 0.32 -61.34
N VAL C 419 21.90 1.25 -60.53
CA VAL C 419 21.25 1.88 -59.43
C VAL C 419 19.99 2.71 -59.94
N GLN C 420 20.09 3.45 -61.13
CA GLN C 420 19.12 4.32 -61.72
C GLN C 420 17.92 3.53 -62.20
N ASP C 421 18.17 2.32 -62.78
CA ASP C 421 17.22 1.31 -63.26
C ASP C 421 16.41 0.75 -62.04
N GLU C 422 17.11 0.50 -60.93
CA GLU C 422 16.52 0.00 -59.62
C GLU C 422 15.53 1.09 -59.13
N PHE C 423 15.93 2.36 -59.17
CA PHE C 423 15.10 3.50 -58.74
C PHE C 423 13.87 3.66 -59.61
N ALA C 424 13.94 3.53 -60.95
CA ALA C 424 12.92 3.66 -61.93
C ALA C 424 11.83 2.69 -61.68
N GLU C 425 12.17 1.50 -61.31
CA GLU C 425 11.19 0.50 -60.99
C GLU C 425 10.47 0.92 -59.68
N SER C 426 11.17 1.41 -58.61
CA SER C 426 10.62 1.72 -57.31
C SER C 426 9.57 2.82 -57.28
N ARG C 427 9.89 3.95 -58.03
CA ARG C 427 8.95 5.01 -58.23
C ARG C 427 7.72 4.51 -59.04
N GLU C 428 7.85 3.58 -60.03
CA GLU C 428 6.74 3.15 -60.80
C GLU C 428 5.71 2.47 -60.00
N VAL C 429 6.11 1.67 -59.02
CA VAL C 429 5.23 0.98 -58.15
C VAL C 429 4.42 2.01 -57.39
N VAL C 430 5.04 3.09 -56.90
CA VAL C 430 4.44 4.16 -56.18
C VAL C 430 3.36 4.88 -56.99
N GLN C 431 3.67 5.21 -58.27
CA GLN C 431 2.84 5.95 -59.15
C GLN C 431 1.58 5.19 -59.39
N SER C 432 1.79 3.87 -59.57
CA SER C 432 0.80 2.84 -59.80
C SER C 432 -0.20 2.59 -58.68
N LEU C 433 0.29 2.60 -57.39
CA LEU C 433 -0.61 2.49 -56.27
C LEU C 433 -1.52 3.69 -56.19
N MET C 434 -1.02 4.94 -56.52
CA MET C 434 -1.90 6.08 -56.36
C MET C 434 -3.16 6.04 -57.24
N GLU C 435 -2.95 5.62 -58.48
CA GLU C 435 -4.00 5.57 -59.53
C GLU C 435 -4.98 4.57 -59.19
N ASP C 436 -4.51 3.45 -58.55
CA ASP C 436 -5.37 2.35 -58.11
C ASP C 436 -6.29 2.72 -57.04
N TYR C 437 -5.79 3.66 -56.20
CA TYR C 437 -6.52 4.04 -55.02
C TYR C 437 -7.87 4.68 -55.33
N VAL C 438 -7.91 5.41 -56.55
CA VAL C 438 -9.21 5.96 -57.08
C VAL C 438 -10.14 4.84 -57.51
N ALA C 439 -9.56 3.71 -57.97
CA ALA C 439 -10.38 2.62 -58.49
C ALA C 439 -10.81 1.57 -57.43
N ALA C 440 -12.02 0.97 -57.59
CA ALA C 440 -12.56 -0.07 -56.80
C ALA C 440 -11.71 -1.34 -56.91
N GLU C 441 -11.09 -1.63 -58.06
CA GLU C 441 -10.35 -2.91 -58.34
C GLU C 441 -9.18 -3.19 -57.44
N GLN C 442 -8.70 -2.20 -56.72
CA GLN C 442 -7.62 -2.31 -55.81
C GLN C 442 -7.81 -3.47 -54.81
N ASP C 443 -9.02 -3.59 -54.21
CA ASP C 443 -9.59 -4.65 -53.44
C ASP C 443 -10.12 -5.55 -54.48
N SER C 444 -9.38 -6.59 -54.71
CA SER C 444 -9.55 -7.48 -55.86
C SER C 444 -10.30 -8.74 -55.34
N TYR C 445 -10.58 -8.75 -54.03
CA TYR C 445 -11.24 -9.83 -53.39
C TYR C 445 -12.22 -9.28 -52.40
N MET D 1 29.53 -19.92 7.29
CA MET D 1 29.60 -21.38 7.10
C MET D 1 30.97 -21.88 7.05
N GLY D 2 31.13 -23.23 7.23
CA GLY D 2 32.38 -23.94 7.26
C GLY D 2 32.64 -24.73 6.01
N GLY D 3 33.72 -25.52 6.09
CA GLY D 3 34.18 -26.34 4.97
C GLY D 3 35.10 -25.56 4.19
N GLU D 4 36.34 -25.59 4.61
CA GLU D 4 37.34 -24.83 3.89
C GLU D 4 37.80 -25.49 2.67
N ILE D 5 38.23 -24.63 1.71
CA ILE D 5 38.83 -25.01 0.49
C ILE D 5 40.10 -24.33 0.38
N ILE D 6 41.11 -25.15 -0.11
CA ILE D 6 42.49 -24.72 -0.42
C ILE D 6 42.60 -24.83 -1.91
N THR D 7 43.20 -23.82 -2.60
CA THR D 7 43.38 -23.78 -4.00
C THR D 7 44.81 -23.94 -4.50
N LEU D 8 44.96 -24.85 -5.49
CA LEU D 8 46.30 -25.08 -6.07
C LEU D 8 46.09 -24.61 -7.53
N GLN D 9 46.94 -23.67 -7.96
CA GLN D 9 46.89 -23.09 -9.23
C GLN D 9 48.18 -23.47 -9.83
N ALA D 10 48.14 -24.07 -11.02
CA ALA D 10 49.28 -24.56 -11.78
C ALA D 10 49.20 -24.01 -13.16
N GLY D 11 50.32 -23.72 -13.80
CA GLY D 11 50.47 -23.29 -15.14
C GLY D 11 50.21 -21.82 -15.33
N GLN D 12 50.36 -21.21 -16.57
CA GLN D 12 50.21 -19.75 -16.84
C GLN D 12 48.83 -19.35 -16.65
N CYS D 13 47.86 -20.12 -17.20
CA CYS D 13 46.41 -19.85 -17.08
C CYS D 13 45.86 -19.90 -15.67
N GLY D 14 46.25 -21.04 -14.91
CA GLY D 14 45.78 -21.25 -13.53
C GLY D 14 46.19 -20.06 -12.66
N ASN D 15 47.40 -19.57 -12.78
CA ASN D 15 47.81 -18.40 -12.11
C ASN D 15 47.18 -17.09 -12.48
N HIS D 16 47.01 -16.87 -13.82
CA HIS D 16 46.33 -15.64 -14.32
C HIS D 16 44.89 -15.49 -13.93
N VAL D 17 44.13 -16.61 -14.11
CA VAL D 17 42.72 -16.70 -13.76
C VAL D 17 42.59 -16.64 -12.29
N GLY D 18 43.47 -17.32 -11.50
CA GLY D 18 43.46 -17.41 -10.08
C GLY D 18 43.58 -16.05 -9.45
N LYS D 19 44.47 -15.12 -9.99
CA LYS D 19 44.70 -13.73 -9.52
C LYS D 19 43.45 -12.91 -9.69
N PHE D 20 42.76 -13.07 -10.83
CA PHE D 20 41.55 -12.35 -11.10
C PHE D 20 40.43 -12.69 -10.13
N LEU D 21 40.31 -14.00 -9.74
CA LEU D 21 39.35 -14.49 -8.72
C LEU D 21 39.59 -13.77 -7.40
N TRP D 22 40.91 -13.61 -6.87
CA TRP D 22 41.12 -12.87 -5.69
C TRP D 22 40.82 -11.36 -5.75
N SER D 23 41.19 -10.79 -6.92
CA SER D 23 41.06 -9.41 -7.25
C SER D 23 39.70 -8.91 -7.17
N GLN D 24 38.75 -9.68 -7.76
CA GLN D 24 37.31 -9.48 -7.81
C GLN D 24 36.56 -9.70 -6.56
N LEU D 25 37.06 -10.68 -5.73
CA LEU D 25 36.65 -10.93 -4.34
C LEU D 25 37.05 -9.72 -3.50
N ALA D 26 38.17 -9.11 -3.72
CA ALA D 26 38.50 -7.92 -2.98
C ALA D 26 37.59 -6.75 -3.17
N LYS D 27 37.19 -6.56 -4.52
CA LYS D 27 36.33 -5.48 -4.95
C LYS D 27 34.93 -5.62 -4.37
N GLU D 28 34.31 -6.80 -4.36
CA GLU D 28 32.99 -7.15 -3.95
C GLU D 28 32.79 -6.93 -2.46
N HIS D 29 33.76 -7.18 -1.55
CA HIS D 29 33.60 -6.98 -0.13
C HIS D 29 34.12 -5.66 0.26
N ALA D 30 34.32 -4.79 -0.70
CA ALA D 30 34.78 -3.41 -0.46
C ALA D 30 35.99 -3.31 0.53
N ILE D 31 36.97 -4.30 0.37
CA ILE D 31 38.21 -4.31 1.07
C ILE D 31 39.28 -3.96 0.10
N GLY D 32 40.49 -3.90 0.73
CA GLY D 32 41.74 -3.49 0.19
C GLY D 32 42.37 -4.36 -0.92
N THR D 33 43.42 -3.81 -1.50
CA THR D 33 44.29 -4.54 -2.42
C THR D 33 45.56 -4.81 -1.73
N ASP D 34 45.65 -4.55 -0.40
CA ASP D 34 46.74 -4.97 0.53
C ASP D 34 46.08 -5.88 1.59
N GLY D 35 44.80 -6.13 1.40
CA GLY D 35 44.03 -7.10 2.11
C GLY D 35 43.50 -6.71 3.48
N LEU D 36 43.65 -5.37 3.81
CA LEU D 36 43.26 -4.87 5.13
C LEU D 36 41.91 -4.28 4.85
N SER D 37 40.89 -4.60 5.70
CA SER D 37 39.48 -4.25 5.52
C SER D 37 39.30 -2.70 5.61
N GLN D 38 38.78 -2.04 4.52
CA GLN D 38 38.73 -0.61 4.32
C GLN D 38 37.24 -0.20 4.48
N LEU D 39 36.34 -1.15 4.71
CA LEU D 39 34.99 -0.74 4.98
C LEU D 39 34.49 -1.89 5.82
N PRO D 40 33.33 -1.82 6.56
CA PRO D 40 33.15 -2.78 7.63
C PRO D 40 32.06 -3.70 7.22
N ASP D 41 32.48 -4.61 6.38
CA ASP D 41 31.72 -5.72 5.90
C ASP D 41 32.28 -7.03 6.44
N SER D 42 33.37 -6.87 7.19
CA SER D 42 34.09 -7.93 7.78
C SER D 42 33.70 -8.09 9.22
N SER D 43 32.79 -7.20 9.67
CA SER D 43 32.27 -7.15 11.06
C SER D 43 30.80 -7.55 11.15
N THR D 44 30.22 -7.99 10.02
CA THR D 44 28.89 -8.61 9.89
C THR D 44 29.08 -9.98 9.37
N GLU D 45 28.09 -10.86 9.66
CA GLU D 45 28.11 -12.25 9.16
C GLU D 45 27.37 -12.40 7.93
N ARG D 46 26.87 -11.30 7.25
CA ARG D 46 26.30 -11.49 5.95
C ARG D 46 27.35 -11.82 5.06
N ASP D 47 28.45 -11.11 5.15
CA ASP D 47 29.55 -11.39 4.27
C ASP D 47 30.66 -11.82 5.20
N ASP D 48 31.08 -13.05 4.99
CA ASP D 48 32.11 -13.71 5.77
C ASP D 48 33.44 -13.44 5.08
N ASP D 49 33.43 -12.58 4.01
CA ASP D 49 34.51 -12.07 3.25
C ASP D 49 35.34 -13.21 2.76
N THR D 50 34.61 -14.12 2.09
CA THR D 50 34.91 -15.50 1.98
C THR D 50 35.90 -16.04 3.05
N LYS D 51 35.34 -16.43 4.18
CA LYS D 51 35.99 -17.07 5.26
C LYS D 51 36.56 -18.50 4.91
N PRO D 52 35.95 -19.31 4.07
CA PRO D 52 36.68 -20.58 3.79
C PRO D 52 37.82 -20.46 2.79
N PHE D 53 37.94 -19.44 1.96
CA PHE D 53 39.00 -19.36 0.97
C PHE D 53 40.09 -18.42 1.34
N PHE D 54 39.97 -17.74 2.47
CA PHE D 54 40.96 -16.72 2.88
C PHE D 54 41.32 -17.32 4.22
N ARG D 55 42.47 -16.90 4.72
CA ARG D 55 42.95 -17.21 6.08
C ARG D 55 43.26 -15.87 6.61
N GLU D 56 43.24 -15.67 7.96
CA GLU D 56 43.64 -14.37 8.53
C GLU D 56 44.89 -14.63 9.34
N ASN D 57 45.91 -13.79 9.02
CA ASN D 57 47.26 -13.72 9.60
C ASN D 57 47.15 -13.09 11.00
N SER D 58 48.29 -13.09 11.76
CA SER D 58 48.37 -12.50 13.05
C SER D 58 48.89 -11.09 12.87
N ARG D 59 49.17 -10.65 11.57
CA ARG D 59 49.27 -9.23 11.20
C ARG D 59 47.89 -8.65 11.05
N ASN D 60 46.79 -9.51 11.09
CA ASN D 60 45.41 -9.04 10.95
C ASN D 60 45.06 -8.55 9.54
N LYS D 61 45.24 -9.44 8.57
CA LYS D 61 44.95 -9.15 7.19
C LYS D 61 44.78 -10.49 6.53
N PHE D 62 43.89 -10.55 5.54
CA PHE D 62 43.47 -11.75 4.83
C PHE D 62 44.56 -12.04 3.77
N THR D 63 44.79 -13.32 3.54
CA THR D 63 45.67 -13.74 2.54
C THR D 63 44.89 -14.78 1.82
N PRO D 64 44.93 -14.92 0.47
CA PRO D 64 44.32 -16.10 -0.18
C PRO D 64 45.08 -17.37 0.11
N ARG D 65 44.25 -18.46 0.29
CA ARG D 65 44.71 -19.83 0.53
C ARG D 65 45.12 -20.36 -0.78
N ALA D 66 46.31 -20.01 -1.29
CA ALA D 66 46.62 -20.37 -2.65
C ALA D 66 48.00 -20.76 -2.70
N ILE D 67 48.24 -21.68 -3.57
CA ILE D 67 49.59 -21.87 -4.09
C ILE D 67 49.55 -21.67 -5.55
N MET D 68 50.54 -20.87 -6.07
CA MET D 68 50.71 -20.62 -7.41
C MET D 68 51.93 -21.22 -7.89
N MET D 69 51.80 -21.98 -9.01
CA MET D 69 52.95 -22.62 -9.57
C MET D 69 52.90 -22.39 -11.04
N ASP D 70 54.15 -22.16 -11.58
CA ASP D 70 54.32 -21.87 -12.97
C ASP D 70 55.82 -21.89 -13.03
N SER D 71 56.47 -21.49 -14.21
CA SER D 71 57.87 -21.06 -14.26
C SER D 71 57.79 -19.57 -13.98
N GLU D 72 58.79 -18.75 -14.42
CA GLU D 72 59.04 -17.37 -13.99
C GLU D 72 57.89 -16.47 -14.50
N PRO D 73 57.31 -16.44 -15.72
CA PRO D 73 56.38 -15.42 -16.26
C PRO D 73 55.25 -15.00 -15.42
N SER D 74 54.38 -15.95 -14.97
CA SER D 74 53.17 -15.58 -14.17
C SER D 74 53.57 -15.10 -12.82
N VAL D 75 54.51 -15.68 -12.09
CA VAL D 75 54.82 -15.33 -10.73
C VAL D 75 55.37 -13.89 -10.67
N ILE D 76 56.17 -13.46 -11.73
CA ILE D 76 56.69 -12.09 -12.02
C ILE D 76 55.46 -11.12 -12.22
N ALA D 77 54.38 -11.56 -12.95
CA ALA D 77 53.28 -10.74 -13.17
C ALA D 77 52.59 -10.41 -11.88
N ASP D 78 52.46 -11.41 -10.92
CA ASP D 78 51.64 -11.28 -9.79
C ASP D 78 52.16 -10.15 -8.93
N VAL D 79 53.49 -10.03 -8.82
CA VAL D 79 54.23 -9.00 -8.09
C VAL D 79 54.10 -7.56 -8.62
N GLU D 80 53.95 -7.39 -9.99
CA GLU D 80 53.88 -6.10 -10.60
C GLU D 80 52.52 -5.37 -10.25
N ASN D 81 51.45 -6.14 -10.10
CA ASN D 81 50.10 -5.63 -9.86
C ASN D 81 50.00 -5.03 -8.43
N THR D 82 48.82 -4.45 -8.19
CA THR D 82 48.56 -3.75 -6.94
C THR D 82 47.91 -4.82 -6.03
N PHE D 83 47.83 -6.09 -6.35
CA PHE D 83 47.24 -7.12 -5.62
C PHE D 83 48.41 -7.81 -5.08
N ARG D 84 49.12 -7.06 -4.21
CA ARG D 84 50.28 -7.42 -3.50
C ARG D 84 50.20 -6.72 -2.17
N GLY D 85 50.66 -7.35 -1.10
CA GLY D 85 50.32 -6.94 0.24
C GLY D 85 49.19 -7.87 0.73
N PHE D 86 48.28 -8.16 -0.26
CA PHE D 86 47.13 -9.08 -0.24
C PHE D 86 47.67 -10.51 -0.27
N PHE D 87 48.78 -10.69 -1.07
CA PHE D 87 49.48 -11.90 -1.29
C PHE D 87 50.67 -11.86 -0.38
N ASP D 88 51.51 -12.95 -0.42
CA ASP D 88 52.76 -12.90 0.33
C ASP D 88 53.75 -13.78 -0.40
N PRO D 89 55.08 -13.73 -0.15
CA PRO D 89 56.03 -14.56 -0.87
C PRO D 89 55.75 -16.04 -0.76
N ARG D 90 55.12 -16.43 0.37
CA ARG D 90 54.83 -17.77 0.74
C ARG D 90 53.81 -18.36 -0.23
N ASN D 91 52.92 -17.54 -0.76
CA ASN D 91 51.91 -18.11 -1.68
C ASN D 91 52.50 -18.46 -2.99
N THR D 92 53.67 -17.92 -3.26
CA THR D 92 54.43 -17.99 -4.41
C THR D 92 55.36 -19.12 -4.37
N TRP D 93 55.33 -20.04 -5.39
CA TRP D 93 56.35 -21.10 -5.63
C TRP D 93 56.67 -21.00 -7.08
N VAL D 94 57.98 -20.89 -7.42
CA VAL D 94 58.50 -20.82 -8.76
C VAL D 94 59.09 -22.16 -9.00
N ALA D 95 59.11 -22.54 -10.33
CA ALA D 95 59.66 -23.69 -10.91
C ALA D 95 61.16 -23.67 -10.76
N SER D 96 61.72 -24.56 -9.90
CA SER D 96 63.11 -24.50 -9.60
C SER D 96 64.06 -24.87 -10.65
N ASP D 97 63.94 -26.10 -11.17
CA ASP D 97 64.88 -26.61 -12.08
C ASP D 97 64.14 -26.99 -13.35
N GLY D 98 64.72 -26.55 -14.52
CA GLY D 98 64.16 -26.92 -15.77
C GLY D 98 63.28 -25.94 -16.44
N ALA D 99 62.91 -24.83 -15.75
CA ALA D 99 61.97 -23.84 -16.19
C ALA D 99 60.66 -24.43 -16.63
N SER D 100 60.13 -23.88 -17.74
CA SER D 100 58.87 -24.22 -18.32
C SER D 100 58.83 -25.61 -18.82
N ALA D 101 57.62 -26.21 -18.67
CA ALA D 101 57.43 -27.48 -19.28
C ALA D 101 57.58 -27.57 -20.80
N GLY D 102 57.11 -26.48 -21.46
CA GLY D 102 57.20 -26.25 -22.87
C GLY D 102 56.33 -27.16 -23.74
N ASN D 103 55.09 -27.09 -23.33
CA ASN D 103 53.95 -27.69 -23.99
C ASN D 103 54.10 -29.17 -23.99
N SER D 104 54.52 -29.74 -22.83
CA SER D 104 54.71 -31.15 -22.76
C SER D 104 54.40 -31.59 -21.40
N TRP D 105 53.50 -32.65 -21.31
CA TRP D 105 52.88 -33.19 -20.09
C TRP D 105 53.92 -33.77 -19.19
N ALA D 106 54.91 -34.60 -19.73
CA ALA D 106 55.94 -35.33 -18.98
C ALA D 106 56.86 -34.38 -18.20
N ASN D 107 57.28 -33.25 -18.81
CA ASN D 107 58.17 -32.27 -18.26
C ASN D 107 57.56 -31.65 -17.06
N GLY D 108 56.22 -31.40 -17.24
CA GLY D 108 55.47 -30.81 -16.12
C GLY D 108 55.35 -31.75 -14.90
N TYR D 109 55.09 -33.05 -15.19
CA TYR D 109 54.88 -34.07 -14.22
C TYR D 109 56.16 -34.24 -13.45
N ASP D 110 57.37 -34.31 -14.14
CA ASP D 110 58.67 -34.37 -13.50
C ASP D 110 59.03 -33.19 -12.65
N ILE D 111 58.75 -31.96 -12.99
CA ILE D 111 59.12 -30.85 -12.18
C ILE D 111 58.33 -30.82 -10.87
N GLY D 112 57.08 -31.21 -10.89
CA GLY D 112 56.18 -31.31 -9.86
C GLY D 112 56.61 -32.26 -8.73
N THR D 113 57.24 -33.40 -9.25
CA THR D 113 57.94 -34.36 -8.38
C THR D 113 59.15 -33.91 -7.58
N ARG D 114 59.97 -33.13 -8.23
CA ARG D 114 61.06 -32.43 -7.60
C ARG D 114 60.63 -31.41 -6.58
N ASN D 115 59.54 -30.60 -6.85
CA ASN D 115 59.17 -29.56 -5.82
C ASN D 115 57.93 -29.98 -5.03
N GLN D 116 57.86 -31.32 -4.79
CA GLN D 116 56.78 -31.98 -4.12
C GLN D 116 56.69 -31.64 -2.70
N ASP D 117 57.87 -31.60 -2.02
CA ASP D 117 58.11 -31.28 -0.63
C ASP D 117 57.76 -29.86 -0.40
N ASP D 118 58.21 -29.04 -1.35
CA ASP D 118 58.03 -27.61 -1.24
C ASP D 118 56.62 -27.07 -1.23
N ILE D 119 55.73 -27.50 -2.12
CA ILE D 119 54.26 -27.20 -2.11
C ILE D 119 53.61 -27.86 -0.88
N LEU D 120 54.00 -29.11 -0.59
CA LEU D 120 53.40 -29.92 0.44
C LEU D 120 53.46 -29.42 1.82
N ASN D 121 54.63 -28.78 2.18
CA ASN D 121 54.91 -28.09 3.39
C ASN D 121 54.02 -26.89 3.63
N LYS D 122 53.72 -26.08 2.54
CA LYS D 122 52.80 -24.99 2.72
C LYS D 122 51.38 -25.53 3.05
N ILE D 123 50.93 -26.55 2.24
CA ILE D 123 49.59 -27.09 2.31
C ILE D 123 49.31 -27.74 3.59
N ASP D 124 50.27 -28.58 4.14
CA ASP D 124 50.06 -29.17 5.39
C ASP D 124 49.85 -28.22 6.61
N LYS D 125 50.57 -27.05 6.66
CA LYS D 125 50.42 -25.98 7.60
C LYS D 125 49.02 -25.37 7.63
N GLU D 126 48.55 -25.07 6.41
CA GLU D 126 47.32 -24.47 6.16
C GLU D 126 46.18 -25.37 6.60
N ILE D 127 46.33 -26.71 6.32
CA ILE D 127 45.28 -27.73 6.64
C ILE D 127 45.10 -27.93 8.12
N ASP D 128 46.25 -27.99 8.79
CA ASP D 128 46.35 -28.22 10.25
C ASP D 128 45.75 -27.00 10.93
N SER D 129 45.86 -25.71 10.50
CA SER D 129 45.29 -24.60 11.25
C SER D 129 43.74 -24.71 11.19
N THR D 130 43.21 -25.47 10.26
CA THR D 130 41.80 -25.68 9.99
C THR D 130 41.31 -26.89 10.70
N ASP D 131 40.13 -26.79 11.38
CA ASP D 131 39.57 -27.90 12.14
C ASP D 131 38.38 -28.55 11.51
N ASN D 132 38.06 -28.17 10.25
CA ASN D 132 36.95 -28.76 9.49
C ASN D 132 37.26 -28.50 8.02
N PHE D 133 38.39 -29.11 7.56
CA PHE D 133 38.76 -28.91 6.17
C PHE D 133 38.01 -29.90 5.34
N GLU D 134 37.18 -29.42 4.37
CA GLU D 134 36.51 -30.22 3.37
C GLU D 134 37.48 -30.71 2.28
N GLY D 135 38.37 -29.91 1.65
CA GLY D 135 39.03 -30.37 0.46
C GLY D 135 39.75 -29.42 -0.38
N PHE D 136 40.12 -29.92 -1.61
CA PHE D 136 41.01 -29.24 -2.51
C PHE D 136 40.26 -28.80 -3.76
N GLN D 137 40.77 -27.69 -4.36
CA GLN D 137 40.31 -27.17 -5.66
C GLN D 137 41.56 -26.99 -6.53
N LEU D 138 41.60 -27.55 -7.74
CA LEU D 138 42.71 -27.35 -8.62
C LEU D 138 42.22 -26.46 -9.75
N LEU D 139 42.91 -25.36 -10.03
CA LEU D 139 42.60 -24.46 -11.14
C LEU D 139 43.74 -24.63 -12.15
N HIS D 140 43.40 -25.00 -13.39
CA HIS D 140 44.49 -25.32 -14.22
C HIS D 140 43.95 -25.51 -15.62
N SER D 141 44.79 -25.75 -16.58
CA SER D 141 44.47 -25.97 -17.96
C SER D 141 44.95 -27.29 -18.31
N VAL D 142 44.19 -27.99 -19.28
CA VAL D 142 44.60 -29.19 -19.81
C VAL D 142 45.13 -29.04 -21.17
N ALA D 143 45.49 -27.77 -21.48
CA ALA D 143 46.08 -27.28 -22.75
C ALA D 143 47.48 -27.03 -22.62
N GLY D 144 47.91 -26.52 -21.40
CA GLY D 144 49.32 -26.20 -21.15
C GLY D 144 50.19 -27.35 -21.17
N GLY D 145 51.51 -27.09 -21.04
CA GLY D 145 52.55 -28.00 -20.71
C GLY D 145 52.62 -28.12 -19.24
N THR D 146 52.73 -26.97 -18.56
CA THR D 146 52.99 -26.76 -17.14
C THR D 146 51.71 -27.11 -16.46
N GLY D 147 50.62 -26.51 -16.89
CA GLY D 147 49.35 -26.56 -16.30
C GLY D 147 48.76 -27.94 -16.31
N SER D 148 48.91 -28.73 -17.44
CA SER D 148 48.52 -30.09 -17.72
C SER D 148 49.33 -31.04 -16.95
N GLY D 149 50.71 -31.07 -17.17
CA GLY D 149 51.55 -32.08 -16.54
C GLY D 149 51.73 -31.99 -15.04
N LEU D 150 52.15 -30.85 -14.42
CA LEU D 150 52.43 -30.55 -13.04
C LEU D 150 51.16 -30.61 -12.23
N GLY D 151 50.04 -30.09 -12.78
CA GLY D 151 48.71 -30.11 -12.09
C GLY D 151 48.32 -31.50 -11.73
N SER D 152 48.54 -32.35 -12.73
CA SER D 152 48.37 -33.77 -12.66
C SER D 152 49.28 -34.49 -11.67
N ASN D 153 50.49 -34.11 -11.51
CA ASN D 153 51.38 -34.65 -10.55
C ASN D 153 50.82 -34.37 -9.17
N LEU D 154 50.36 -33.14 -8.89
CA LEU D 154 49.96 -32.70 -7.54
C LEU D 154 48.72 -33.54 -7.18
N LEU D 155 47.81 -33.82 -8.15
CA LEU D 155 46.56 -34.54 -7.97
C LEU D 155 46.85 -35.91 -7.53
N GLU D 156 47.90 -36.49 -8.17
CA GLU D 156 48.22 -37.88 -7.98
C GLU D 156 48.69 -38.19 -6.53
N ALA D 157 49.55 -37.27 -6.03
CA ALA D 157 50.01 -37.21 -4.65
C ALA D 157 48.84 -36.98 -3.64
N LEU D 158 47.96 -36.04 -4.02
CA LEU D 158 46.87 -35.62 -3.17
C LEU D 158 45.87 -36.69 -2.87
N CYS D 159 45.54 -37.53 -3.90
CA CYS D 159 44.56 -38.57 -3.72
C CYS D 159 45.02 -39.53 -2.67
N ASP D 160 46.27 -39.99 -2.71
CA ASP D 160 46.87 -41.06 -1.96
C ASP D 160 46.88 -40.54 -0.50
N ARG D 161 47.38 -39.28 -0.24
CA ARG D 161 47.62 -38.61 1.00
C ARG D 161 46.32 -38.42 1.69
N TYR D 162 45.30 -37.86 1.02
CA TYR D 162 43.98 -37.59 1.60
C TYR D 162 42.99 -38.32 0.79
N PRO D 163 42.34 -39.43 1.22
CA PRO D 163 41.46 -40.19 0.27
C PRO D 163 40.07 -40.02 0.49
N LYS D 164 39.70 -39.61 1.69
CA LYS D 164 38.37 -39.38 2.19
C LYS D 164 37.98 -38.02 1.71
N LYS D 165 38.99 -37.09 1.69
CA LYS D 165 38.70 -35.68 1.44
C LYS D 165 38.38 -35.47 -0.03
N ILE D 166 37.52 -34.50 -0.35
CA ILE D 166 37.00 -34.24 -1.66
C ILE D 166 37.88 -33.38 -2.59
N LEU D 167 37.99 -33.78 -3.91
CA LEU D 167 38.88 -33.08 -4.85
C LEU D 167 38.00 -32.62 -5.90
N THR D 168 37.89 -31.29 -6.24
CA THR D 168 37.12 -30.74 -7.36
C THR D 168 38.05 -29.97 -8.26
N THR D 169 37.81 -29.94 -9.66
CA THR D 169 38.78 -29.31 -10.52
C THR D 169 37.99 -28.37 -11.36
N TYR D 170 38.68 -27.26 -11.76
CA TYR D 170 38.32 -26.27 -12.79
C TYR D 170 39.38 -26.49 -13.84
N SER D 171 39.01 -27.14 -14.93
CA SER D 171 39.96 -27.52 -16.00
C SER D 171 39.49 -26.63 -17.13
N VAL D 172 40.47 -25.87 -17.74
CA VAL D 172 40.21 -25.04 -18.88
C VAL D 172 40.52 -25.95 -20.05
N PHE D 173 39.58 -26.19 -20.98
CA PHE D 173 39.74 -27.07 -22.10
C PHE D 173 40.10 -26.22 -23.27
N PRO D 174 40.95 -26.64 -24.19
CA PRO D 174 41.35 -25.76 -25.24
C PRO D 174 40.33 -25.71 -26.35
N ALA D 175 40.75 -24.93 -27.37
CA ALA D 175 40.08 -24.82 -28.65
C ALA D 175 40.22 -26.15 -29.44
N ARG D 176 39.21 -26.26 -30.27
CA ARG D 176 38.87 -27.46 -31.05
C ARG D 176 40.04 -27.86 -31.93
N SER D 177 40.68 -26.86 -32.52
CA SER D 177 41.83 -27.00 -33.35
C SER D 177 42.61 -25.77 -33.18
N SER D 178 43.96 -25.90 -33.16
CA SER D 178 44.84 -24.78 -33.04
C SER D 178 46.11 -25.19 -33.56
N GLU D 179 47.01 -24.20 -33.72
CA GLU D 179 48.34 -24.40 -34.21
C GLU D 179 49.17 -25.38 -33.47
N VAL D 180 48.96 -25.39 -32.10
CA VAL D 180 49.64 -26.23 -31.16
C VAL D 180 48.84 -27.57 -31.27
N VAL D 181 49.59 -28.63 -31.66
CA VAL D 181 49.14 -29.96 -32.01
C VAL D 181 49.50 -30.93 -30.90
N VAL D 182 50.47 -30.53 -30.04
CA VAL D 182 50.69 -31.36 -28.86
C VAL D 182 49.47 -31.23 -27.81
N GLN D 183 48.48 -30.32 -28.19
CA GLN D 183 47.29 -29.98 -27.48
C GLN D 183 46.61 -31.32 -27.14
N SER D 184 46.57 -32.33 -28.08
CA SER D 184 45.83 -33.59 -27.86
C SER D 184 46.41 -34.41 -26.80
N TYR D 185 47.82 -34.39 -26.75
CA TYR D 185 48.49 -35.27 -25.82
C TYR D 185 48.24 -34.88 -24.44
N ASN D 186 48.36 -33.50 -24.21
CA ASN D 186 48.19 -32.86 -22.92
C ASN D 186 46.77 -33.11 -22.42
N THR D 187 45.79 -32.97 -23.24
CA THR D 187 44.36 -33.17 -22.88
C THR D 187 43.93 -34.60 -22.47
N ILE D 188 44.39 -35.57 -23.32
CA ILE D 188 44.14 -36.99 -23.06
C ILE D 188 44.77 -37.45 -21.71
N LEU D 189 46.07 -37.07 -21.54
CA LEU D 189 46.89 -37.42 -20.43
C LEU D 189 46.30 -36.88 -19.13
N ALA D 190 45.73 -35.59 -19.16
CA ALA D 190 45.13 -34.94 -18.03
C ALA D 190 43.83 -35.56 -17.57
N LEU D 191 42.97 -36.01 -18.56
CA LEU D 191 41.75 -36.72 -18.22
C LEU D 191 41.84 -38.04 -17.43
N ARG D 192 42.90 -38.81 -17.63
CA ARG D 192 43.06 -40.03 -16.94
C ARG D 192 43.15 -39.79 -15.45
N ARG D 193 43.94 -38.78 -15.11
CA ARG D 193 44.15 -38.27 -13.80
C ARG D 193 42.87 -37.65 -13.24
N LEU D 194 42.11 -36.91 -14.10
CA LEU D 194 40.90 -36.20 -13.59
C LEU D 194 39.88 -37.19 -13.15
N ILE D 195 39.76 -38.31 -13.87
CA ILE D 195 38.84 -39.41 -13.55
C ILE D 195 39.20 -40.12 -12.24
N GLU D 196 40.48 -40.53 -12.09
CA GLU D 196 40.79 -41.44 -11.01
C GLU D 196 40.94 -40.69 -9.71
N ASP D 197 41.68 -39.56 -9.77
CA ASP D 197 42.02 -38.73 -8.63
C ASP D 197 41.01 -37.74 -8.19
N SER D 198 40.00 -37.42 -9.01
CA SER D 198 39.02 -36.40 -8.60
C SER D 198 37.67 -37.06 -8.66
N ASP D 199 36.71 -36.55 -7.82
CA ASP D 199 35.32 -36.96 -7.72
C ASP D 199 34.45 -35.94 -8.46
N ALA D 200 34.97 -34.66 -8.82
CA ALA D 200 34.28 -33.71 -9.60
C ALA D 200 35.25 -32.99 -10.47
N THR D 201 34.86 -32.67 -11.84
CA THR D 201 35.60 -31.93 -12.86
C THR D 201 34.64 -30.87 -13.43
N VAL D 202 34.84 -29.53 -13.45
CA VAL D 202 34.10 -28.55 -14.11
C VAL D 202 34.80 -28.23 -15.43
N VAL D 203 34.19 -28.54 -16.54
CA VAL D 203 34.77 -28.34 -17.81
C VAL D 203 34.43 -26.95 -18.24
N PHE D 204 35.47 -26.23 -18.61
CA PHE D 204 35.38 -24.84 -19.15
C PHE D 204 35.86 -24.96 -20.55
N ASP D 205 35.05 -24.84 -21.63
CA ASP D 205 35.50 -25.06 -22.99
C ASP D 205 35.91 -23.63 -23.46
N ASN D 206 37.22 -23.43 -23.85
CA ASN D 206 37.79 -22.17 -24.25
C ASN D 206 37.17 -21.67 -25.52
N ALA D 207 36.73 -22.58 -26.39
CA ALA D 207 36.09 -22.28 -27.60
C ALA D 207 34.81 -21.44 -27.38
N SER D 208 34.04 -21.86 -26.42
CA SER D 208 32.81 -21.22 -25.92
C SER D 208 33.08 -19.90 -25.22
N LEU D 209 34.18 -19.94 -24.38
CA LEU D 209 34.63 -18.79 -23.61
C LEU D 209 35.03 -17.70 -24.64
N LEU D 210 35.68 -18.09 -25.77
CA LEU D 210 36.18 -17.23 -26.81
C LEU D 210 35.05 -16.42 -27.52
N ASN D 211 33.96 -17.10 -27.79
CA ASN D 211 32.77 -16.41 -28.33
C ASN D 211 32.08 -15.37 -27.54
N ILE D 212 32.00 -15.68 -26.21
CA ILE D 212 31.46 -14.79 -25.19
C ILE D 212 32.29 -13.53 -25.05
N SER D 213 33.62 -13.59 -25.04
CA SER D 213 34.58 -12.51 -24.87
C SER D 213 34.46 -11.55 -25.94
N GLY D 214 34.41 -12.08 -27.25
CA GLY D 214 34.27 -11.26 -28.45
C GLY D 214 32.87 -10.60 -28.49
N LYS D 215 31.80 -11.39 -28.27
CA LYS D 215 30.45 -10.81 -28.43
C LYS D 215 30.13 -9.77 -27.32
N VAL D 216 30.13 -10.11 -26.00
CA VAL D 216 29.56 -9.18 -25.07
C VAL D 216 30.43 -7.95 -24.76
N PHE D 217 31.75 -8.18 -24.52
CA PHE D 217 32.69 -7.03 -24.25
C PHE D 217 32.88 -6.21 -25.48
N ARG D 218 32.80 -6.87 -26.69
CA ARG D 218 32.99 -6.19 -27.97
C ARG D 218 34.39 -5.72 -28.16
N ASN D 219 35.30 -6.67 -27.86
CA ASN D 219 36.70 -6.55 -28.09
C ASN D 219 37.12 -6.32 -29.51
N PRO D 220 38.05 -5.41 -29.79
CA PRO D 220 38.47 -5.14 -31.16
C PRO D 220 39.69 -5.97 -31.46
N ASN D 221 40.28 -6.49 -30.44
CA ASN D 221 41.33 -7.46 -30.49
C ASN D 221 41.13 -8.20 -29.29
N ILE D 222 41.01 -9.54 -29.38
CA ILE D 222 40.67 -10.57 -28.41
C ILE D 222 42.04 -11.03 -27.83
N ASP D 223 42.18 -11.04 -26.51
CA ASP D 223 43.41 -11.44 -25.83
C ASP D 223 42.88 -12.38 -24.80
N LEU D 224 43.82 -13.19 -24.27
CA LEU D 224 43.73 -14.27 -23.31
C LEU D 224 43.35 -13.67 -22.04
N GLN D 225 43.84 -12.42 -21.77
CA GLN D 225 43.55 -11.66 -20.56
C GLN D 225 42.07 -11.40 -20.39
N HIS D 226 41.39 -11.06 -21.54
CA HIS D 226 39.96 -10.74 -21.68
C HIS D 226 39.10 -12.01 -21.34
N THR D 227 39.60 -13.10 -21.92
CA THR D 227 38.92 -14.38 -21.71
C THR D 227 38.99 -14.93 -20.26
N ASN D 228 40.14 -14.67 -19.58
CA ASN D 228 40.28 -14.95 -18.12
C ASN D 228 39.34 -14.25 -17.14
N GLN D 229 38.84 -13.06 -17.48
CA GLN D 229 37.88 -12.26 -16.82
C GLN D 229 36.55 -12.94 -16.69
N LEU D 230 36.16 -13.66 -17.76
CA LEU D 230 34.92 -14.50 -17.84
C LEU D 230 35.02 -15.62 -16.88
N ILE D 231 36.20 -16.23 -16.88
CA ILE D 231 36.54 -17.38 -16.09
C ILE D 231 36.55 -17.10 -14.59
N SER D 232 37.14 -15.97 -14.19
CA SER D 232 37.15 -15.52 -12.85
C SER D 232 35.82 -15.17 -12.30
N THR D 233 34.92 -14.58 -13.18
CA THR D 233 33.58 -14.17 -12.94
C THR D 233 32.70 -15.37 -12.57
N ILE D 234 32.84 -16.47 -13.35
CA ILE D 234 32.11 -17.66 -13.04
C ILE D 234 32.59 -18.38 -11.79
N ILE D 235 33.95 -18.50 -11.59
CA ILE D 235 34.50 -19.21 -10.47
C ILE D 235 34.11 -18.63 -9.12
N SER D 236 34.11 -17.30 -9.06
CA SER D 236 33.74 -16.49 -7.91
C SER D 236 32.28 -16.64 -7.51
N SER D 237 31.36 -16.59 -8.50
CA SER D 237 29.92 -16.58 -8.25
C SER D 237 29.41 -17.85 -7.58
N VAL D 238 30.06 -19.01 -7.91
CA VAL D 238 29.76 -20.33 -7.35
C VAL D 238 29.99 -20.37 -5.83
N THR D 239 31.05 -19.61 -5.29
CA THR D 239 31.45 -19.44 -3.93
C THR D 239 30.61 -18.41 -3.17
N ASN D 240 29.72 -17.60 -3.83
CA ASN D 240 28.82 -16.72 -3.21
C ASN D 240 27.94 -17.28 -2.09
N SER D 241 27.37 -18.48 -2.28
CA SER D 241 26.49 -19.30 -1.48
C SER D 241 27.14 -19.77 -0.21
N ILE D 242 28.47 -19.93 -0.27
CA ILE D 242 29.28 -20.35 0.85
C ILE D 242 29.40 -19.24 1.78
N ARG D 243 29.70 -18.06 1.20
CA ARG D 243 29.98 -16.86 2.00
C ARG D 243 28.77 -16.25 2.56
N PHE D 244 27.55 -16.55 1.95
CA PHE D 244 26.33 -16.03 2.49
C PHE D 244 25.68 -17.13 3.30
N PRO D 245 25.42 -17.03 4.60
CA PRO D 245 24.76 -18.03 5.44
C PRO D 245 23.32 -17.65 5.43
N SER D 246 22.57 -18.17 6.44
CA SER D 246 21.16 -18.02 6.63
C SER D 246 20.30 -18.80 5.67
N TYR D 247 20.94 -19.89 5.25
CA TYR D 247 20.34 -20.84 4.27
C TYR D 247 21.03 -22.09 4.60
N MET D 248 20.29 -23.20 4.44
CA MET D 248 20.61 -24.49 4.90
C MET D 248 20.77 -25.43 3.70
N TYR D 249 20.99 -24.89 2.46
CA TYR D 249 21.42 -25.78 1.36
C TYR D 249 22.40 -25.01 0.61
N SER D 250 22.91 -23.90 1.20
CA SER D 250 23.87 -23.04 0.52
C SER D 250 25.24 -23.24 1.09
N SER D 251 25.37 -24.15 2.05
CA SER D 251 26.61 -24.71 2.50
C SER D 251 27.26 -25.56 1.42
N MET D 252 28.64 -25.60 1.56
CA MET D 252 29.45 -26.27 0.62
C MET D 252 29.17 -27.71 0.60
N SER D 253 29.02 -28.34 1.80
CA SER D 253 28.99 -29.72 2.04
C SER D 253 27.76 -30.22 1.34
N SER D 254 26.59 -29.50 1.52
CA SER D 254 25.30 -29.91 0.97
C SER D 254 25.23 -29.82 -0.46
N ILE D 255 25.83 -28.80 -1.02
CA ILE D 255 25.92 -28.58 -2.48
C ILE D 255 26.75 -29.58 -3.21
N TYR D 256 27.93 -29.86 -2.61
CA TYR D 256 28.92 -30.77 -3.11
C TYR D 256 28.44 -32.14 -3.17
N SER D 257 27.74 -32.58 -2.06
CA SER D 257 27.15 -33.87 -1.91
C SER D 257 26.12 -34.15 -2.94
N THR D 258 25.23 -33.20 -3.19
CA THR D 258 24.14 -33.27 -4.16
C THR D 258 24.71 -33.33 -5.63
N LEU D 259 25.75 -32.47 -5.96
CA LEU D 259 26.22 -32.24 -7.30
C LEU D 259 27.03 -33.38 -7.87
N ILE D 260 27.88 -34.07 -7.04
CA ILE D 260 28.58 -35.21 -7.41
C ILE D 260 27.63 -36.29 -7.98
N PRO D 261 28.04 -36.88 -9.12
CA PRO D 261 27.06 -37.94 -9.61
C PRO D 261 27.62 -39.40 -9.48
N SER D 262 28.88 -39.58 -10.00
CA SER D 262 29.50 -40.84 -9.91
C SER D 262 30.98 -40.53 -9.83
N PRO D 263 31.72 -41.46 -9.31
CA PRO D 263 33.13 -41.23 -9.16
C PRO D 263 33.81 -41.30 -10.54
N GLU D 264 33.19 -41.64 -11.65
CA GLU D 264 33.75 -41.88 -12.92
C GLU D 264 33.11 -41.02 -13.96
N LEU D 265 31.87 -40.42 -13.68
CA LEU D 265 31.15 -39.54 -14.60
C LEU D 265 30.73 -38.47 -13.70
N HIS D 266 31.34 -37.30 -13.90
CA HIS D 266 31.14 -36.13 -13.08
C HIS D 266 31.66 -34.92 -13.82
N PHE D 267 31.63 -34.95 -15.17
CA PHE D 267 32.16 -33.79 -15.86
C PHE D 267 30.94 -32.94 -16.03
N LEU D 268 31.03 -31.64 -15.55
CA LEU D 268 29.92 -30.73 -15.35
C LEU D 268 30.09 -29.65 -16.46
N SER D 269 28.95 -29.04 -16.85
CA SER D 269 29.03 -27.97 -17.79
C SER D 269 28.46 -26.81 -17.05
N PRO D 270 29.08 -25.62 -17.12
CA PRO D 270 28.44 -24.40 -16.66
C PRO D 270 27.82 -23.59 -17.69
N SER D 271 26.88 -22.70 -17.25
CA SER D 271 26.29 -21.63 -18.03
C SER D 271 26.12 -20.46 -17.09
N PHE D 272 26.05 -19.17 -17.49
CA PHE D 272 25.98 -18.05 -16.55
C PHE D 272 25.14 -17.10 -17.45
N THR D 273 24.32 -16.19 -16.84
CA THR D 273 23.60 -15.16 -17.53
C THR D 273 23.44 -14.11 -16.41
N PRO D 274 23.56 -12.80 -16.70
CA PRO D 274 24.09 -12.15 -17.90
C PRO D 274 25.60 -11.90 -17.57
N PHE D 275 26.42 -11.48 -18.49
CA PHE D 275 27.77 -11.27 -18.24
C PHE D 275 27.86 -9.80 -18.11
N THR D 276 28.32 -9.37 -16.91
CA THR D 276 28.29 -7.94 -16.53
C THR D 276 29.19 -7.56 -15.34
N SER D 277 29.66 -8.67 -14.73
CA SER D 277 30.47 -8.52 -13.57
C SER D 277 31.98 -8.50 -14.05
N ASP D 278 32.20 -8.44 -15.41
CA ASP D 278 33.56 -8.34 -15.96
C ASP D 278 34.10 -6.90 -15.99
N TYR D 279 35.44 -6.70 -16.07
CA TYR D 279 36.03 -5.43 -15.78
C TYR D 279 35.79 -4.44 -16.87
N ILE D 280 35.51 -4.89 -18.13
CA ILE D 280 35.41 -3.89 -19.22
C ILE D 280 34.00 -4.02 -19.79
N HIS D 281 33.50 -2.81 -20.23
CA HIS D 281 32.29 -2.49 -20.85
C HIS D 281 31.13 -3.06 -20.06
N ASP D 282 30.20 -3.61 -20.85
CA ASP D 282 28.84 -4.10 -20.42
C ASP D 282 27.87 -2.95 -20.09
N ASP D 283 26.78 -2.91 -20.87
CA ASP D 283 25.68 -2.03 -20.68
C ASP D 283 24.58 -2.97 -20.32
N ILE D 284 23.97 -2.75 -19.12
CA ILE D 284 23.09 -3.67 -18.48
C ILE D 284 21.88 -2.92 -18.31
N ALA D 285 20.69 -3.61 -18.35
CA ALA D 285 19.42 -3.09 -18.18
C ALA D 285 18.70 -4.36 -17.68
N HIS D 286 17.58 -4.17 -16.88
CA HIS D 286 16.81 -5.26 -16.28
C HIS D 286 15.93 -6.12 -17.17
N LYS D 287 15.88 -7.46 -16.84
CA LYS D 287 14.95 -8.33 -17.48
C LYS D 287 14.30 -9.18 -16.47
N GLY D 288 13.19 -9.79 -16.84
CA GLY D 288 12.36 -10.66 -15.98
C GLY D 288 12.88 -12.06 -15.92
N HIS D 289 12.19 -12.81 -15.02
CA HIS D 289 12.50 -14.18 -14.67
C HIS D 289 12.40 -15.18 -15.74
N SER D 290 11.39 -15.17 -16.61
CA SER D 290 11.20 -16.05 -17.73
C SER D 290 12.32 -16.02 -18.77
N SER D 291 12.79 -14.76 -19.10
CA SER D 291 13.89 -14.42 -19.97
C SER D 291 15.18 -14.96 -19.44
N TYR D 292 15.39 -14.85 -18.08
CA TYR D 292 16.47 -15.34 -17.33
C TYR D 292 16.52 -16.91 -17.44
N ASP D 293 15.39 -17.60 -17.28
CA ASP D 293 15.27 -19.07 -17.35
C ASP D 293 15.58 -19.63 -18.78
N VAL D 294 15.13 -18.88 -19.78
CA VAL D 294 15.41 -19.15 -21.26
C VAL D 294 16.93 -19.04 -21.71
N MET D 295 17.67 -18.04 -21.20
CA MET D 295 19.11 -17.77 -21.47
C MET D 295 20.04 -18.81 -20.90
N LEU D 296 19.72 -19.51 -19.76
CA LEU D 296 20.53 -20.59 -19.32
C LEU D 296 20.61 -21.75 -20.34
N ASP D 297 19.53 -22.07 -21.13
CA ASP D 297 19.48 -23.10 -22.16
C ASP D 297 20.28 -22.78 -23.38
N LEU D 298 20.43 -21.43 -23.70
CA LEU D 298 21.07 -20.93 -24.90
C LEU D 298 22.51 -21.33 -25.09
N LEU D 299 22.94 -21.55 -26.41
CA LEU D 299 24.22 -22.21 -26.62
C LEU D 299 25.44 -21.36 -26.37
N ASP D 300 25.34 -20.05 -26.56
CA ASP D 300 26.48 -19.12 -26.58
C ASP D 300 26.83 -18.66 -25.24
N PRO D 301 25.98 -18.44 -24.25
CA PRO D 301 26.43 -17.99 -22.90
C PRO D 301 27.11 -19.12 -22.10
N SER D 302 26.89 -20.38 -22.59
CA SER D 302 27.34 -21.59 -21.93
C SER D 302 28.82 -21.66 -22.07
N ASN D 303 29.51 -21.89 -20.90
CA ASN D 303 30.92 -21.60 -20.80
C ASN D 303 31.57 -22.86 -21.18
N SER D 304 30.72 -23.90 -21.37
CA SER D 304 31.08 -25.16 -21.95
C SER D 304 30.35 -25.36 -23.23
N LEU D 305 30.88 -26.14 -24.19
CA LEU D 305 30.21 -26.57 -25.41
C LEU D 305 28.94 -27.28 -25.18
N VAL D 306 27.94 -27.04 -26.02
CA VAL D 306 26.60 -27.59 -25.79
C VAL D 306 25.95 -27.60 -27.17
N SER D 307 25.32 -28.77 -27.41
CA SER D 307 24.42 -29.18 -28.50
C SER D 307 24.89 -28.67 -29.90
N THR D 308 26.20 -28.98 -30.21
CA THR D 308 26.85 -28.41 -31.43
C THR D 308 26.90 -29.56 -32.43
N ALA D 309 27.47 -30.67 -32.07
CA ALA D 309 27.29 -31.95 -32.72
C ALA D 309 26.13 -32.71 -32.29
N MET D 310 25.44 -33.37 -33.23
CA MET D 310 24.31 -34.11 -33.00
C MET D 310 24.54 -35.48 -32.51
N ASN D 311 23.34 -35.99 -32.10
CA ASN D 311 23.09 -37.28 -31.40
C ASN D 311 23.60 -37.28 -29.95
N ASN D 312 23.64 -36.06 -29.31
CA ASN D 312 24.09 -35.71 -27.99
C ASN D 312 22.84 -35.31 -27.26
N PRO D 313 22.27 -36.04 -26.34
CA PRO D 313 21.05 -35.65 -25.65
C PRO D 313 21.16 -34.53 -24.67
N THR D 314 19.99 -33.82 -24.45
CA THR D 314 19.87 -32.56 -23.66
C THR D 314 19.44 -33.05 -22.22
N TYR D 315 19.27 -34.36 -21.99
CA TYR D 315 18.84 -34.90 -20.69
C TYR D 315 19.86 -34.67 -19.60
N PHE D 316 19.38 -34.19 -18.40
CA PHE D 316 20.06 -33.75 -17.20
C PHE D 316 20.18 -34.93 -16.38
N ASN D 317 21.44 -35.21 -15.91
CA ASN D 317 21.64 -36.26 -14.94
C ASN D 317 21.23 -35.72 -13.54
N VAL D 318 21.65 -34.47 -13.21
CA VAL D 318 21.30 -33.71 -12.06
C VAL D 318 21.61 -32.29 -12.51
N TYR D 319 20.90 -31.35 -11.90
CA TYR D 319 20.94 -29.95 -12.31
C TYR D 319 21.01 -29.26 -10.98
N ASN D 320 21.93 -28.24 -10.85
CA ASN D 320 21.95 -27.38 -9.66
C ASN D 320 21.91 -25.94 -10.10
N THR D 321 21.06 -25.10 -9.50
CA THR D 321 20.93 -23.72 -9.92
C THR D 321 21.24 -22.85 -8.78
N ILE D 322 22.18 -21.89 -9.10
CA ILE D 322 22.51 -20.90 -8.13
C ILE D 322 21.90 -19.67 -8.63
N ILE D 323 20.94 -19.09 -7.88
CA ILE D 323 20.11 -18.00 -8.30
C ILE D 323 20.67 -16.83 -7.37
N GLY D 324 20.94 -15.62 -8.02
CA GLY D 324 21.31 -14.40 -7.39
C GLY D 324 20.23 -13.43 -7.84
N ASN D 325 19.54 -12.81 -6.87
CA ASN D 325 18.49 -11.80 -7.12
C ASN D 325 18.27 -11.33 -5.72
N VAL D 326 17.35 -10.30 -5.46
CA VAL D 326 16.94 -9.81 -4.20
C VAL D 326 15.50 -10.15 -3.98
N GLU D 327 14.79 -10.79 -4.91
CA GLU D 327 13.40 -11.18 -4.85
C GLU D 327 13.10 -12.19 -3.70
N PRO D 328 11.93 -12.35 -3.01
CA PRO D 328 11.59 -13.31 -1.97
C PRO D 328 12.08 -14.72 -2.18
N ARG D 329 12.32 -15.58 -1.13
CA ARG D 329 12.84 -16.89 -1.32
C ARG D 329 11.87 -17.76 -2.18
N GLN D 330 10.54 -17.56 -1.93
CA GLN D 330 9.41 -18.33 -2.43
C GLN D 330 9.29 -18.16 -3.87
N ILE D 331 9.51 -16.98 -4.50
CA ILE D 331 9.42 -16.76 -5.95
C ILE D 331 10.47 -17.52 -6.65
N SER D 332 11.72 -17.57 -6.15
CA SER D 332 12.78 -18.27 -6.79
C SER D 332 12.54 -19.74 -6.77
N ARG D 333 12.00 -20.19 -5.63
CA ARG D 333 11.69 -21.63 -5.54
C ARG D 333 10.61 -21.98 -6.50
N ALA D 334 9.58 -21.13 -6.62
CA ALA D 334 8.37 -21.37 -7.48
C ALA D 334 8.80 -21.44 -8.92
N MET D 335 9.73 -20.59 -9.31
CA MET D 335 10.30 -20.45 -10.65
C MET D 335 11.09 -21.58 -11.19
N THR D 336 11.96 -22.17 -10.31
CA THR D 336 12.77 -23.29 -10.52
C THR D 336 11.94 -24.53 -10.80
N LYS D 337 10.72 -24.62 -10.05
CA LYS D 337 9.68 -25.62 -10.07
C LYS D 337 9.00 -25.67 -11.39
N LEU D 338 8.70 -24.44 -11.95
CA LEU D 338 8.10 -24.25 -13.26
C LEU D 338 9.08 -24.68 -14.31
N GLN D 339 10.41 -24.38 -14.15
CA GLN D 339 11.47 -24.71 -15.11
C GLN D 339 11.57 -26.18 -15.25
N GLN D 340 11.49 -26.93 -14.13
CA GLN D 340 11.58 -28.36 -14.06
C GLN D 340 10.40 -29.08 -14.69
N ARG D 341 9.15 -28.56 -14.43
CA ARG D 341 7.94 -29.03 -15.06
C ARG D 341 7.96 -28.87 -16.52
N ILE D 342 8.38 -27.67 -17.07
CA ILE D 342 8.52 -27.32 -18.45
C ILE D 342 9.73 -28.15 -18.88
N LYS D 343 9.85 -28.54 -20.20
CA LYS D 343 10.79 -29.47 -20.64
C LYS D 343 11.82 -28.67 -21.34
N PHE D 344 12.37 -27.65 -20.56
CA PHE D 344 13.71 -27.12 -20.95
C PHE D 344 14.75 -28.16 -20.62
N PRO D 345 14.62 -28.92 -19.53
CA PRO D 345 15.39 -30.11 -19.35
C PRO D 345 14.53 -31.25 -19.83
N SER D 346 15.06 -32.48 -19.86
CA SER D 346 14.24 -33.65 -20.22
C SER D 346 14.57 -34.61 -19.17
N TRP D 347 13.57 -35.57 -19.01
CA TRP D 347 13.65 -36.47 -17.83
C TRP D 347 13.23 -37.85 -18.29
N SER D 348 14.11 -38.85 -17.92
CA SER D 348 14.01 -40.19 -18.36
C SER D 348 12.91 -40.96 -17.58
N SER D 349 12.84 -42.27 -17.75
CA SER D 349 11.90 -43.10 -17.10
C SER D 349 12.60 -43.72 -15.92
N SER D 350 13.92 -43.56 -15.71
CA SER D 350 14.54 -44.02 -14.55
C SER D 350 14.14 -43.10 -13.46
N ALA D 351 14.10 -41.76 -13.76
CA ALA D 351 13.79 -40.85 -12.72
C ALA D 351 13.41 -39.53 -13.34
N MET D 352 12.69 -38.72 -12.62
CA MET D 352 12.30 -37.44 -13.07
C MET D 352 12.34 -36.57 -11.90
N HIS D 353 12.33 -35.24 -12.27
CA HIS D 353 12.37 -34.09 -11.40
C HIS D 353 13.65 -34.09 -10.59
N VAL D 354 14.79 -33.91 -11.31
CA VAL D 354 16.14 -34.03 -10.73
C VAL D 354 16.83 -32.72 -10.91
N ASN D 355 16.13 -31.63 -10.45
CA ASN D 355 16.58 -30.31 -10.54
C ASN D 355 16.31 -29.65 -9.24
N ILE D 356 17.33 -29.07 -8.59
CA ILE D 356 17.18 -28.44 -7.27
C ILE D 356 17.75 -27.10 -7.43
N GLY D 357 17.29 -26.13 -6.65
CA GLY D 357 17.85 -24.78 -6.78
C GLY D 357 18.06 -24.20 -5.42
N ARG D 358 19.16 -23.38 -5.29
CA ARG D 358 19.29 -22.59 -4.07
C ARG D 358 19.46 -21.18 -4.53
N ARG D 359 18.89 -20.28 -3.74
CA ARG D 359 18.82 -18.86 -4.03
C ARG D 359 19.59 -18.26 -2.86
N SER D 360 20.33 -17.22 -3.29
CA SER D 360 21.22 -16.46 -2.41
C SER D 360 20.97 -15.03 -2.67
N PRO D 361 21.19 -14.09 -1.75
CA PRO D 361 21.07 -12.67 -2.06
C PRO D 361 22.24 -12.31 -3.03
N TYR D 362 22.00 -11.23 -3.87
CA TYR D 362 22.85 -10.75 -5.01
C TYR D 362 24.07 -10.20 -4.36
N LEU D 363 25.26 -10.41 -5.07
CA LEU D 363 26.64 -10.02 -4.89
C LEU D 363 26.70 -8.81 -4.11
N PRO D 364 27.54 -8.83 -3.03
CA PRO D 364 27.58 -7.67 -2.15
C PRO D 364 28.09 -6.35 -2.79
N LEU D 365 28.55 -6.38 -4.04
CA LEU D 365 29.08 -5.25 -4.81
C LEU D 365 27.91 -4.29 -5.20
N GLN D 366 26.75 -4.77 -5.70
CA GLN D 366 25.61 -3.91 -5.93
C GLN D 366 24.41 -4.75 -5.52
N PRO D 367 24.02 -4.87 -4.29
CA PRO D 367 22.94 -5.76 -3.86
C PRO D 367 21.62 -5.20 -3.79
N ASN D 368 21.35 -4.01 -4.30
CA ASN D 368 20.03 -3.31 -4.27
C ASN D 368 19.51 -3.19 -5.73
N GLU D 369 20.28 -3.88 -6.66
CA GLU D 369 19.90 -3.97 -8.06
C GLU D 369 18.80 -4.98 -8.08
N ASN D 370 17.87 -4.88 -9.13
CA ASN D 370 16.80 -5.82 -9.36
C ASN D 370 17.14 -6.63 -10.58
N GLU D 371 18.50 -6.64 -10.96
CA GLU D 371 18.91 -7.50 -12.01
C GLU D 371 18.83 -8.93 -11.55
N VAL D 372 18.51 -9.86 -12.45
CA VAL D 372 18.43 -11.29 -12.03
C VAL D 372 19.60 -11.95 -12.84
N SER D 373 20.32 -12.75 -12.16
CA SER D 373 21.48 -13.41 -12.62
C SER D 373 21.42 -14.80 -12.08
N GLY D 374 22.33 -15.64 -12.61
CA GLY D 374 22.35 -17.05 -12.18
C GLY D 374 23.67 -17.69 -12.61
N MET D 375 24.02 -18.85 -11.95
CA MET D 375 25.06 -19.67 -12.44
C MET D 375 24.41 -21.00 -12.57
N MET D 376 24.81 -21.81 -13.51
CA MET D 376 24.36 -23.18 -13.52
C MET D 376 25.53 -24.08 -13.34
N LEU D 377 25.45 -25.14 -12.51
CA LEU D 377 26.37 -26.27 -12.65
C LEU D 377 25.50 -27.40 -12.83
N SER D 378 25.66 -28.12 -14.00
CA SER D 378 24.72 -29.21 -14.32
C SER D 378 25.58 -30.32 -14.86
N ASN D 379 25.07 -31.62 -14.64
CA ASN D 379 25.70 -32.74 -15.27
C ASN D 379 24.65 -33.07 -16.30
N MET D 380 25.02 -32.79 -17.56
CA MET D 380 24.11 -32.89 -18.67
C MET D 380 24.90 -33.77 -19.68
N SER D 381 24.18 -34.63 -20.37
CA SER D 381 24.70 -35.66 -21.27
C SER D 381 25.17 -35.11 -22.64
N THR D 382 25.46 -33.80 -22.59
CA THR D 382 25.84 -33.05 -23.76
C THR D 382 27.35 -32.68 -23.56
N VAL D 383 27.89 -32.81 -22.37
CA VAL D 383 29.30 -32.59 -22.04
C VAL D 383 30.17 -33.52 -22.92
N VAL D 384 29.56 -34.67 -23.43
CA VAL D 384 30.08 -35.82 -24.13
C VAL D 384 30.75 -35.34 -25.43
N ASN D 385 30.22 -34.24 -26.01
CA ASN D 385 30.74 -33.58 -27.17
C ASN D 385 32.16 -33.16 -27.11
N VAL D 386 32.64 -32.71 -25.92
CA VAL D 386 34.01 -32.30 -25.63
C VAL D 386 34.90 -33.49 -25.74
N PHE D 387 34.40 -34.69 -25.20
CA PHE D 387 35.11 -35.96 -25.24
C PHE D 387 35.26 -36.41 -26.69
N GLU D 388 34.21 -36.22 -27.51
CA GLU D 388 34.17 -36.69 -28.81
C GLU D 388 35.25 -36.04 -29.69
N ASN D 389 35.35 -34.73 -29.45
CA ASN D 389 36.29 -33.84 -30.07
C ASN D 389 37.72 -34.12 -29.78
N ALA D 390 38.04 -34.39 -28.49
CA ALA D 390 39.37 -34.62 -28.04
C ALA D 390 39.94 -35.84 -28.67
N CYS D 391 39.03 -36.91 -28.71
CA CYS D 391 39.28 -38.17 -29.27
C CYS D 391 39.54 -38.07 -30.68
N ASN D 392 38.74 -37.34 -31.52
CA ASN D 392 39.06 -37.36 -32.97
C ASN D 392 40.36 -36.69 -33.28
N THR D 393 40.59 -35.54 -32.54
CA THR D 393 41.80 -34.77 -32.77
C THR D 393 42.99 -35.56 -32.44
N PHE D 394 42.91 -36.33 -31.33
CA PHE D 394 43.99 -37.16 -30.82
C PHE D 394 44.30 -38.21 -31.79
N ASP D 395 43.36 -38.90 -32.42
CA ASP D 395 43.66 -39.97 -33.39
C ASP D 395 44.47 -39.51 -34.60
N LYS D 396 44.16 -38.28 -35.24
CA LYS D 396 44.96 -37.72 -36.33
C LYS D 396 46.41 -37.37 -35.94
N VAL D 397 46.51 -36.75 -34.72
CA VAL D 397 47.71 -36.26 -34.14
C VAL D 397 48.64 -37.37 -33.85
N PHE D 398 48.11 -38.52 -33.37
CA PHE D 398 48.80 -39.72 -33.08
C PHE D 398 49.48 -40.51 -34.20
N ALA D 399 48.67 -40.62 -35.24
CA ALA D 399 48.84 -41.31 -36.51
C ALA D 399 50.01 -40.80 -37.23
N LYS D 400 50.23 -39.47 -37.27
CA LYS D 400 51.48 -38.92 -37.85
C LYS D 400 52.71 -39.24 -37.03
N GLY D 401 52.55 -39.27 -35.69
CA GLY D 401 53.61 -39.65 -34.82
C GLY D 401 54.55 -38.54 -34.56
N ALA D 402 54.25 -37.38 -35.05
CA ALA D 402 55.11 -36.23 -34.90
C ALA D 402 54.83 -35.67 -33.53
N PHE D 403 56.00 -35.55 -32.78
CA PHE D 403 56.33 -34.84 -31.55
C PHE D 403 56.17 -35.67 -30.28
N LEU D 404 56.23 -37.01 -30.44
CA LEU D 404 56.02 -37.96 -29.34
C LEU D 404 57.29 -38.05 -28.50
N ASN D 405 58.50 -37.73 -29.06
CA ASN D 405 59.84 -38.06 -28.55
C ASN D 405 59.92 -37.50 -27.07
N ASN D 406 59.46 -36.24 -26.77
CA ASN D 406 59.61 -35.54 -25.48
C ASN D 406 58.86 -36.18 -24.33
N TYR D 407 57.65 -36.68 -24.63
CA TYR D 407 56.86 -37.39 -23.64
C TYR D 407 57.54 -38.66 -23.30
N ASN D 408 58.18 -39.39 -24.29
CA ASN D 408 58.76 -40.66 -24.10
C ASN D 408 59.86 -40.57 -23.11
N VAL D 409 60.52 -39.37 -23.03
CA VAL D 409 61.63 -39.15 -22.08
C VAL D 409 61.21 -39.29 -20.67
N GLY D 410 59.92 -38.93 -20.30
CA GLY D 410 59.28 -39.17 -19.04
C GLY D 410 59.32 -40.66 -18.59
N ASP D 411 59.23 -40.84 -17.24
CA ASP D 411 59.30 -42.15 -16.67
C ASP D 411 58.18 -43.10 -17.02
N LEU D 412 56.93 -42.56 -17.15
CA LEU D 412 55.69 -43.28 -17.49
C LEU D 412 55.72 -43.96 -18.86
N PHE D 413 56.35 -43.25 -19.80
CA PHE D 413 56.22 -43.55 -21.24
C PHE D 413 57.46 -44.12 -21.90
N GLN D 414 58.43 -44.75 -21.14
CA GLN D 414 59.70 -45.30 -21.60
C GLN D 414 59.57 -46.56 -22.34
N SER D 415 58.56 -47.35 -21.99
CA SER D 415 58.27 -48.60 -22.61
C SER D 415 57.44 -48.35 -23.82
N MET D 416 56.35 -47.53 -23.63
CA MET D 416 55.37 -47.15 -24.68
C MET D 416 54.59 -46.09 -24.16
N GLN D 417 53.64 -45.58 -24.92
CA GLN D 417 52.62 -44.64 -24.48
C GLN D 417 51.38 -45.34 -23.89
N ASN D 418 51.58 -46.09 -22.79
CA ASN D 418 50.52 -46.89 -22.05
C ASN D 418 49.50 -46.05 -21.39
N VAL D 419 49.86 -44.83 -20.83
CA VAL D 419 48.93 -43.95 -20.16
C VAL D 419 47.89 -43.49 -21.12
N GLN D 420 48.26 -43.16 -22.39
CA GLN D 420 47.37 -42.76 -23.39
C GLN D 420 46.41 -43.78 -23.87
N ASP D 421 46.89 -45.06 -24.03
CA ASP D 421 46.10 -46.18 -24.47
C ASP D 421 45.03 -46.57 -23.52
N GLU D 422 45.42 -46.52 -22.25
CA GLU D 422 44.63 -46.78 -21.10
C GLU D 422 43.52 -45.79 -20.98
N PHE D 423 43.84 -44.50 -21.22
CA PHE D 423 42.85 -43.49 -21.27
C PHE D 423 41.90 -43.79 -22.39
N ALA D 424 42.34 -44.19 -23.59
CA ALA D 424 41.43 -44.38 -24.70
C ALA D 424 40.36 -45.46 -24.40
N GLU D 425 40.68 -46.63 -23.75
CA GLU D 425 39.68 -47.71 -23.43
C GLU D 425 38.73 -47.24 -22.38
N SER D 426 39.12 -46.53 -21.27
CA SER D 426 38.24 -45.99 -20.22
C SER D 426 37.23 -44.94 -20.76
N ARG D 427 37.69 -44.01 -21.64
CA ARG D 427 36.92 -42.86 -22.09
C ARG D 427 35.76 -43.29 -22.79
N GLU D 428 35.80 -44.36 -23.61
CA GLU D 428 34.64 -44.86 -24.36
C GLU D 428 33.59 -45.39 -23.37
N VAL D 429 34.11 -46.01 -22.28
CA VAL D 429 33.28 -46.44 -21.23
C VAL D 429 32.46 -45.37 -20.42
N VAL D 430 33.11 -44.13 -20.12
CA VAL D 430 32.34 -43.02 -19.47
C VAL D 430 31.32 -42.49 -20.37
N GLN D 431 31.64 -42.28 -21.62
CA GLN D 431 30.63 -41.79 -22.57
C GLN D 431 29.46 -42.72 -22.79
N SER D 432 29.67 -44.02 -22.84
CA SER D 432 28.53 -44.96 -23.10
C SER D 432 27.50 -44.89 -22.03
N LEU D 433 27.99 -44.77 -20.81
CA LEU D 433 27.18 -44.74 -19.59
C LEU D 433 26.23 -43.55 -19.55
N MET D 434 26.89 -42.36 -20.01
CA MET D 434 26.24 -41.04 -20.12
C MET D 434 25.12 -41.13 -21.17
N GLU D 435 25.21 -41.88 -22.27
CA GLU D 435 24.09 -42.11 -23.16
C GLU D 435 23.00 -42.95 -22.54
N ASP D 436 23.40 -43.96 -21.78
CA ASP D 436 22.56 -44.98 -21.27
C ASP D 436 21.53 -44.45 -20.30
N TYR D 437 21.91 -43.35 -19.51
CA TYR D 437 21.04 -42.71 -18.57
C TYR D 437 19.85 -42.08 -19.26
N VAL D 438 19.79 -41.63 -20.51
CA VAL D 438 18.72 -41.12 -21.28
C VAL D 438 17.60 -42.15 -21.53
N ALA D 439 18.06 -43.47 -21.75
CA ALA D 439 17.19 -44.64 -21.92
C ALA D 439 16.91 -45.19 -20.51
N ALA D 440 15.96 -46.15 -20.41
CA ALA D 440 15.65 -46.91 -19.24
C ALA D 440 16.41 -48.18 -19.15
N GLU D 441 17.55 -48.23 -18.38
CA GLU D 441 18.41 -49.39 -18.36
C GLU D 441 19.54 -49.24 -17.39
N GLN D 442 19.60 -47.95 -16.92
CA GLN D 442 20.74 -47.54 -16.06
C GLN D 442 20.44 -47.81 -14.64
N ASP D 443 19.37 -48.64 -14.50
CA ASP D 443 19.08 -49.26 -13.25
C ASP D 443 19.99 -50.40 -13.12
N SER D 444 20.40 -50.80 -11.91
CA SER D 444 21.34 -51.83 -11.65
C SER D 444 20.58 -52.88 -10.86
N TYR D 445 20.33 -54.03 -11.50
CA TYR D 445 19.62 -55.19 -11.04
C TYR D 445 20.68 -56.17 -10.60
N UNK E 1 -32.29 8.62 47.50
CA UNK E 1 -33.12 9.05 48.74
C UNK E 1 -34.48 9.57 48.34
N UNK E 2 -34.90 9.25 47.04
CA UNK E 2 -36.26 9.48 46.51
C UNK E 2 -37.19 8.60 47.27
N UNK E 3 -36.77 7.33 47.60
CA UNK E 3 -37.44 6.33 48.32
C UNK E 3 -37.70 6.76 49.77
N UNK E 4 -36.76 7.43 50.44
CA UNK E 4 -36.99 8.08 51.73
C UNK E 4 -38.02 9.26 51.64
N UNK E 5 -38.03 10.03 50.56
CA UNK E 5 -38.98 11.10 50.47
C UNK E 5 -40.44 10.69 50.44
N UNK E 6 -40.69 9.63 49.68
CA UNK E 6 -42.08 9.07 49.47
C UNK E 6 -42.72 8.54 50.68
N UNK E 7 -41.82 7.84 51.41
CA UNK E 7 -42.13 7.35 52.74
C UNK E 7 -42.48 8.49 53.67
N UNK E 8 -41.84 9.68 53.63
CA UNK E 8 -42.14 10.85 54.46
C UNK E 8 -43.48 11.34 54.23
N UNK E 9 -43.93 11.34 52.94
CA UNK E 9 -45.25 11.82 52.62
C UNK E 9 -46.36 11.03 53.26
N UNK E 10 -46.28 9.71 53.32
CA UNK E 10 -47.24 8.86 53.97
C UNK E 10 -47.27 9.11 55.50
N UNK E 11 -46.08 9.23 56.22
CA UNK E 11 -46.05 9.38 57.68
C UNK E 11 -46.74 10.66 58.11
N UNK E 12 -46.44 11.70 57.25
CA UNK E 12 -46.87 13.08 57.42
C UNK E 12 -48.30 13.15 57.41
N UNK E 13 -48.90 12.56 56.37
CA UNK E 13 -50.34 12.49 56.16
C UNK E 13 -50.96 11.71 57.29
N UNK E 14 -50.32 10.56 57.75
CA UNK E 14 -50.80 9.53 58.69
C UNK E 14 -51.06 10.17 59.95
N UNK E 15 -50.27 11.11 60.43
CA UNK E 15 -50.54 11.77 61.67
C UNK E 15 -51.83 12.60 61.74
N UNK E 16 -52.22 13.29 60.65
CA UNK E 16 -53.42 14.10 60.36
C UNK E 16 -54.63 13.24 60.43
N UNK E 17 -54.54 12.07 59.83
CA UNK E 17 -55.60 11.10 59.77
C UNK E 17 -55.87 10.61 61.26
N UNK E 18 -54.70 10.29 62.02
CA UNK E 18 -54.81 9.80 63.36
C UNK E 18 -55.45 10.90 64.17
N UNK E 19 -55.11 12.18 64.04
CA UNK E 19 -55.81 13.15 64.79
C UNK E 19 -57.27 13.26 64.49
N UNK E 20 -57.56 13.18 63.19
CA UNK E 20 -58.89 13.39 62.70
C UNK E 20 -59.93 12.40 63.18
N UNK E 21 -59.51 11.09 63.15
CA UNK E 21 -60.33 9.98 63.66
C UNK E 21 -60.59 10.02 65.19
N UNK E 22 -59.63 10.55 66.01
CA UNK E 22 -60.00 10.85 67.40
C UNK E 22 -61.04 11.90 67.62
N UNK E 23 -60.96 13.08 66.91
CA UNK E 23 -61.74 14.23 66.99
C UNK E 23 -63.09 13.82 66.62
N UNK E 24 -63.21 12.94 65.59
CA UNK E 24 -64.42 12.34 65.12
C UNK E 24 -65.16 11.49 66.10
N UNK E 25 -64.46 10.56 66.87
CA UNK E 25 -64.99 9.68 67.89
C UNK E 25 -65.54 10.53 69.06
N UNK E 26 -64.72 11.62 69.43
CA UNK E 26 -65.03 12.48 70.54
C UNK E 26 -66.34 13.21 70.27
N UNK E 27 -66.47 13.79 69.00
CA UNK E 27 -67.66 14.60 68.58
C UNK E 27 -68.92 13.79 68.49
N UNK E 28 -68.79 12.44 68.20
CA UNK E 28 -69.87 11.50 68.15
C UNK E 28 -70.51 11.36 69.47
N UNK E 29 -69.79 11.46 70.64
CA UNK E 29 -70.31 11.18 72.00
C UNK E 29 -71.35 12.14 72.26
N UNK E 30 -71.11 13.39 71.79
CA UNK E 30 -72.02 14.54 72.06
C UNK E 30 -73.39 14.31 71.46
N UNK E 31 -73.51 13.68 70.27
CA UNK E 31 -74.81 13.49 69.52
C UNK E 31 -75.59 12.60 70.46
N UNK E 32 -75.07 11.57 71.10
CA UNK E 32 -75.80 10.72 72.05
C UNK E 32 -76.24 11.58 73.22
N UNK E 33 -75.36 12.43 73.77
CA UNK E 33 -75.71 13.24 74.94
C UNK E 33 -76.87 14.20 74.59
N UNK E 34 -76.83 14.83 73.43
CA UNK E 34 -77.91 15.77 72.93
C UNK E 34 -79.16 15.08 72.68
N UNK E 35 -79.27 13.91 72.08
CA UNK E 35 -80.49 13.15 71.75
C UNK E 35 -81.25 12.74 73.00
N UNK E 36 -80.58 12.42 74.09
CA UNK E 36 -81.30 12.08 75.36
C UNK E 36 -81.99 13.31 75.86
N UNK E 37 -81.28 14.46 75.81
CA UNK E 37 -81.73 15.68 76.29
C UNK E 37 -82.98 16.21 75.53
N UNK E 38 -83.02 15.98 74.16
CA UNK E 38 -84.16 16.33 73.25
C UNK E 38 -85.37 15.55 73.61
N UNK E 39 -85.20 14.23 73.94
CA UNK E 39 -86.23 13.36 74.45
C UNK E 39 -86.87 13.83 75.77
N UNK E 40 -85.96 14.14 76.65
CA UNK E 40 -86.45 14.51 78.00
C UNK E 40 -87.20 15.81 78.03
N UNK E 41 -86.71 16.88 77.38
CA UNK E 41 -87.34 18.19 77.32
C UNK E 41 -88.67 18.04 76.56
N UNK E 42 -88.69 17.30 75.37
CA UNK E 42 -89.87 17.18 74.51
C UNK E 42 -91.08 16.61 75.13
N UNK E 43 -90.86 15.54 75.86
CA UNK E 43 -91.93 14.86 76.59
C UNK E 43 -92.61 15.57 77.66
N UNK E 44 -91.79 16.26 78.47
CA UNK E 44 -92.42 17.05 79.50
C UNK E 44 -92.73 18.42 78.96
N UNK F 1 -47.72 -9.00 42.35
CA UNK F 1 -46.74 -9.44 43.33
C UNK F 1 -46.55 -8.66 44.58
N UNK F 2 -45.33 -8.76 45.25
CA UNK F 2 -45.07 -8.08 46.52
C UNK F 2 -45.17 -6.57 46.40
N UNK F 3 -44.72 -5.94 45.33
CA UNK F 3 -44.70 -4.54 45.02
C UNK F 3 -46.05 -3.89 44.97
N UNK F 4 -47.10 -4.56 44.37
CA UNK F 4 -48.44 -4.06 44.31
C UNK F 4 -49.04 -4.02 45.67
N UNK F 5 -48.80 -5.07 46.48
CA UNK F 5 -49.16 -5.19 47.91
C UNK F 5 -48.60 -4.18 48.81
N UNK F 6 -47.28 -3.89 48.65
CA UNK F 6 -46.58 -2.88 49.47
C UNK F 6 -47.11 -1.46 49.21
N UNK F 7 -47.38 -1.21 47.87
CA UNK F 7 -47.96 0.01 47.34
C UNK F 7 -49.41 0.17 47.84
N UNK F 8 -50.20 -0.95 47.89
CA UNK F 8 -51.53 -1.02 48.24
C UNK F 8 -51.89 -0.60 49.71
N UNK F 9 -51.02 -0.94 50.69
CA UNK F 9 -51.21 -0.79 52.11
C UNK F 9 -51.33 0.66 52.34
N UNK F 10 -50.50 1.45 51.60
CA UNK F 10 -50.54 2.92 51.62
C UNK F 10 -51.91 3.48 51.11
N UNK F 11 -52.38 2.83 50.01
CA UNK F 11 -53.62 3.23 49.34
C UNK F 11 -54.82 3.07 50.21
N UNK F 12 -54.93 2.01 51.01
CA UNK F 12 -55.98 1.71 51.99
C UNK F 12 -56.02 2.81 53.07
N UNK F 13 -54.85 3.22 53.58
CA UNK F 13 -54.67 4.30 54.56
C UNK F 13 -55.00 5.62 53.97
N UNK F 14 -54.67 5.90 52.65
CA UNK F 14 -54.95 7.10 51.95
C UNK F 14 -56.51 7.32 51.87
N UNK F 15 -57.37 6.19 51.66
CA UNK F 15 -58.80 6.30 51.62
C UNK F 15 -59.45 6.80 52.88
N UNK F 16 -58.94 6.17 54.00
CA UNK F 16 -59.26 6.40 55.42
C UNK F 16 -58.92 7.83 55.80
N UNK F 17 -57.79 8.39 55.33
CA UNK F 17 -57.42 9.74 55.58
C UNK F 17 -58.41 10.72 55.06
N UNK F 18 -58.92 10.50 53.81
CA UNK F 18 -59.84 11.44 53.17
C UNK F 18 -61.16 11.59 53.95
N UNK F 19 -61.72 10.42 54.31
CA UNK F 19 -62.93 10.22 55.03
C UNK F 19 -63.00 10.73 56.44
N UNK F 20 -61.88 10.58 57.30
CA UNK F 20 -61.80 11.03 58.65
C UNK F 20 -61.97 12.53 58.85
N UNK F 21 -61.50 13.35 57.82
CA UNK F 21 -61.64 14.79 57.79
C UNK F 21 -63.00 15.21 57.49
N UNK F 22 -63.60 14.53 56.47
CA UNK F 22 -64.97 14.82 56.08
C UNK F 22 -66.04 14.62 57.16
N UNK F 23 -66.04 13.43 57.80
CA UNK F 23 -67.00 12.98 58.73
C UNK F 23 -66.94 13.86 60.04
N UNK F 24 -65.76 14.34 60.46
CA UNK F 24 -65.70 15.25 61.56
C UNK F 24 -66.30 16.60 61.36
N UNK F 25 -66.26 17.19 60.18
CA UNK F 25 -66.88 18.37 59.88
C UNK F 25 -68.44 18.24 59.79
N UNK F 26 -69.03 17.13 59.33
CA UNK F 26 -70.48 16.91 59.40
C UNK F 26 -71.09 16.94 60.79
N UNK F 27 -70.24 16.38 61.73
CA UNK F 27 -70.52 16.35 63.20
C UNK F 27 -70.56 17.74 63.78
N UNK F 28 -69.66 18.64 63.33
CA UNK F 28 -69.67 20.02 63.74
C UNK F 28 -70.92 20.71 63.49
N UNK F 29 -71.46 20.54 62.21
CA UNK F 29 -72.59 21.19 61.68
C UNK F 29 -73.82 20.63 62.38
N UNK F 30 -73.89 19.27 62.51
CA UNK F 30 -75.00 18.62 63.18
C UNK F 30 -75.13 19.07 64.56
N UNK F 31 -74.04 19.23 65.37
CA UNK F 31 -74.15 19.62 66.70
C UNK F 31 -74.76 21.01 66.85
N UNK F 32 -74.48 21.91 65.95
CA UNK F 32 -74.86 23.32 65.95
C UNK F 32 -76.35 23.40 65.90
N UNK F 33 -76.98 22.51 64.99
CA UNK F 33 -78.41 22.38 64.88
C UNK F 33 -79.05 21.80 66.12
N UNK F 34 -78.47 20.72 66.74
CA UNK F 34 -78.94 20.07 67.97
C UNK F 34 -78.95 21.05 69.15
N UNK F 35 -77.97 21.94 69.20
CA UNK F 35 -77.89 22.95 70.23
C UNK F 35 -79.02 23.90 70.15
N UNK F 36 -79.36 24.38 68.95
CA UNK F 36 -80.44 25.32 68.74
C UNK F 36 -81.74 24.56 69.02
N UNK F 37 -81.89 23.25 68.66
CA UNK F 37 -83.10 22.54 68.91
C UNK F 37 -83.43 22.49 70.43
N UNK F 38 -82.37 22.29 71.28
CA UNK F 38 -82.40 22.31 72.72
C UNK F 38 -82.76 23.69 73.28
N UNK F 39 -82.20 24.84 72.73
CA UNK F 39 -82.54 26.15 73.22
C UNK F 39 -84.04 26.28 73.01
N UNK F 40 -84.56 25.97 71.84
CA UNK F 40 -85.96 26.24 71.57
C UNK F 40 -86.81 25.41 72.49
N UNK F 41 -86.53 24.14 72.71
CA UNK F 41 -87.40 23.23 73.52
C UNK F 41 -87.52 23.67 74.96
N UNK F 42 -86.41 24.10 75.55
CA UNK F 42 -86.36 24.48 76.96
C UNK F 42 -87.21 25.68 77.20
N UNK F 43 -87.14 26.67 76.29
CA UNK F 43 -87.84 27.89 76.24
C UNK F 43 -89.32 27.63 76.08
N UNK F 44 -89.71 26.72 75.14
CA UNK F 44 -91.07 26.35 74.88
C UNK F 44 -91.66 25.47 76.04
N GLN A 55 -71.54 27.50 68.60
CA GLN A 55 -72.32 28.58 68.10
C GLN A 55 -71.47 29.87 67.75
N GLU A 56 -71.45 30.88 68.74
CA GLU A 56 -70.70 32.04 68.70
C GLU A 56 -69.27 31.72 68.76
N ALA A 57 -68.91 30.77 69.60
CA ALA A 57 -67.53 30.38 69.85
C ALA A 57 -66.83 29.78 68.63
N LEU A 58 -67.63 28.95 67.95
CA LEU A 58 -67.29 28.45 66.64
C LEU A 58 -67.14 29.47 65.52
N VAL A 59 -68.04 30.46 65.48
CA VAL A 59 -68.00 31.51 64.47
C VAL A 59 -66.74 32.33 64.56
N VAL A 60 -66.33 32.75 65.83
CA VAL A 60 -65.16 33.52 66.06
C VAL A 60 -63.85 32.78 65.72
N LYS A 61 -63.83 31.46 66.07
CA LYS A 61 -62.75 30.56 65.80
C LYS A 61 -62.58 30.38 64.33
N ASP A 62 -63.74 30.26 63.55
CA ASP A 62 -63.78 30.05 62.11
C ASP A 62 -63.19 31.23 61.42
N LEU A 63 -63.59 32.40 61.94
CA LEU A 63 -63.08 33.65 61.43
C LEU A 63 -61.57 33.79 61.63
N LEU A 64 -61.02 33.39 62.79
CA LEU A 64 -59.53 33.47 63.05
C LEU A 64 -58.83 32.52 62.08
N ASN A 65 -59.43 31.30 61.92
CA ASN A 65 -58.82 30.25 61.10
C ASN A 65 -58.69 30.53 59.63
N VAL A 66 -59.79 31.16 59.05
CA VAL A 66 -59.72 31.57 57.62
C VAL A 66 -58.68 32.54 57.27
N LEU A 67 -58.50 33.48 58.20
CA LEU A 67 -57.47 34.42 58.17
C LEU A 67 -56.06 33.94 58.17
N ILE A 68 -55.77 32.78 58.80
CA ILE A 68 -54.49 32.18 58.72
C ILE A 68 -54.12 31.70 57.37
N GLY A 69 -55.08 31.36 56.48
CA GLY A 69 -54.83 30.85 55.11
C GLY A 69 -55.01 29.40 55.23
N LEU A 70 -53.92 28.61 55.51
CA LEU A 70 -54.04 27.24 55.93
C LEU A 70 -53.16 26.92 57.11
N GLU A 71 -53.57 25.72 57.77
CA GLU A 71 -53.01 25.24 59.03
C GLU A 71 -53.11 23.75 58.81
N GLY A 72 -52.66 22.99 59.82
CA GLY A 72 -52.43 21.57 59.81
C GLY A 72 -53.05 21.11 61.08
N THR A 73 -54.16 21.76 61.50
CA THR A 73 -54.75 21.32 62.76
C THR A 73 -56.25 21.62 62.89
N TYR A 74 -56.88 22.29 61.88
CA TYR A 74 -58.36 22.46 61.86
C TYR A 74 -58.83 22.65 60.47
N ILE A 75 -57.93 23.14 59.57
CA ILE A 75 -58.14 23.38 58.16
C ILE A 75 -57.43 22.19 57.45
N ARG A 76 -58.27 21.20 57.01
CA ARG A 76 -57.79 19.96 56.63
C ARG A 76 -57.51 20.01 55.15
N TYR A 77 -56.78 19.07 54.64
CA TYR A 77 -56.50 18.93 53.21
C TYR A 77 -57.05 17.61 52.79
N PHE A 78 -57.91 17.68 51.74
CA PHE A 78 -58.52 16.52 51.09
C PHE A 78 -57.89 16.54 49.73
N ASN A 79 -57.31 15.41 49.31
CA ASN A 79 -56.49 15.22 48.10
C ASN A 79 -57.29 15.40 46.89
N ASP A 80 -58.45 14.72 46.96
CA ASP A 80 -59.45 14.68 46.01
C ASP A 80 -60.62 15.57 46.40
N ILE A 90 -62.50 18.51 49.65
CA ILE A 90 -62.50 18.56 48.14
C ILE A 90 -61.33 19.48 47.78
N GLU A 91 -60.28 19.56 48.66
CA GLU A 91 -59.13 20.42 48.74
C GLU A 91 -59.05 20.92 50.15
N PHE A 92 -58.51 22.15 50.44
CA PHE A 92 -58.51 22.61 51.84
C PHE A 92 -59.87 22.97 52.20
N LYS A 93 -60.38 22.52 53.44
CA LYS A 93 -61.72 22.83 53.89
C LYS A 93 -61.60 23.23 55.33
N ILE A 94 -62.54 24.12 55.80
CA ILE A 94 -62.66 24.58 57.19
C ILE A 94 -64.15 24.31 57.48
N ALA A 95 -64.50 24.01 58.80
CA ALA A 95 -65.83 23.96 59.32
C ALA A 95 -66.53 25.30 59.12
N LYS A 96 -67.80 25.28 58.70
CA LYS A 96 -68.49 26.44 58.16
C LYS A 96 -69.64 26.72 59.05
N LYS A 97 -69.92 28.01 59.10
CA LYS A 97 -70.94 28.61 59.98
C LYS A 97 -70.77 30.07 59.71
N MET A 98 -70.31 30.36 58.47
CA MET A 98 -70.15 31.76 58.19
C MET A 98 -71.30 32.14 57.32
N ASP A 99 -71.57 33.45 57.36
CA ASP A 99 -72.53 34.13 56.52
C ASP A 99 -71.97 34.16 55.03
N PRO A 100 -72.90 34.43 54.02
CA PRO A 100 -72.57 34.15 52.65
C PRO A 100 -71.41 34.93 52.14
N SER A 101 -71.25 36.28 52.53
CA SER A 101 -70.21 37.12 51.94
C SER A 101 -68.78 36.64 52.33
N PHE A 102 -68.62 36.23 53.60
CA PHE A 102 -67.42 35.59 54.22
C PHE A 102 -67.04 34.26 53.65
N LYS A 103 -68.08 33.46 53.52
CA LYS A 103 -67.98 32.05 53.19
C LYS A 103 -67.46 31.82 51.79
N THR A 104 -67.96 32.73 50.87
CA THR A 104 -67.52 32.77 49.46
C THR A 104 -66.02 33.08 49.40
N PHE A 105 -65.56 34.07 50.23
CA PHE A 105 -64.20 34.51 50.38
C PHE A 105 -63.21 33.41 50.86
N SER A 106 -63.74 32.65 51.90
CA SER A 106 -63.06 31.52 52.45
C SER A 106 -62.81 30.50 51.37
N ARG A 107 -63.64 30.25 50.35
CA ARG A 107 -63.27 29.35 49.26
C ARG A 107 -62.15 29.86 48.40
N ARG A 108 -62.14 31.20 48.03
CA ARG A 108 -61.10 31.77 47.17
C ARG A 108 -59.79 31.66 47.92
N ILE A 109 -59.72 32.02 49.18
CA ILE A 109 -58.42 31.93 49.87
C ILE A 109 -57.79 30.51 50.03
N VAL A 110 -58.69 29.44 50.22
CA VAL A 110 -58.22 28.03 50.26
C VAL A 110 -57.60 27.63 49.01
N ARG A 111 -58.10 28.10 47.83
CA ARG A 111 -57.70 27.75 46.49
C ARG A 111 -56.31 28.15 46.23
N TYR A 112 -55.92 29.38 46.60
CA TYR A 112 -54.65 29.96 46.44
C TYR A 112 -53.58 29.12 47.15
N GLY A 113 -53.95 28.75 48.39
CA GLY A 113 -53.15 27.82 49.15
C GLY A 113 -53.05 26.41 48.56
N LYS A 114 -54.14 26.05 47.97
CA LYS A 114 -54.25 24.67 47.28
C LYS A 114 -53.30 24.56 46.13
N GLN A 115 -53.33 25.62 45.26
CA GLN A 115 -52.50 25.74 44.09
C GLN A 115 -51.07 25.77 44.51
N TYR A 116 -50.77 26.54 45.56
CA TYR A 116 -49.44 26.62 46.10
C TYR A 116 -48.95 25.27 46.53
N MET A 117 -49.76 24.37 47.19
CA MET A 117 -49.36 23.03 47.66
C MET A 117 -49.03 22.12 46.45
N ILE A 118 -49.94 22.22 45.42
CA ILE A 118 -49.94 21.40 44.22
C ILE A 118 -48.72 21.65 43.40
N LEU A 119 -48.37 22.93 43.27
CA LEU A 119 -47.25 23.40 42.51
C LEU A 119 -45.94 22.97 43.05
N THR A 120 -45.90 23.01 44.34
CA THR A 120 -44.74 22.63 45.08
C THR A 120 -44.44 21.21 44.76
N ARG A 121 -45.48 20.29 44.67
CA ARG A 121 -45.28 18.89 44.34
C ARG A 121 -44.73 18.71 42.97
N ALA A 122 -45.22 19.47 42.02
CA ALA A 122 -44.93 19.38 40.60
C ALA A 122 -43.52 19.64 40.30
N TYR A 123 -42.92 20.73 40.95
CA TYR A 123 -41.52 21.09 40.82
C TYR A 123 -40.52 20.02 41.32
N GLU A 124 -40.86 19.44 42.52
CA GLU A 124 -40.10 18.36 43.11
C GLU A 124 -40.05 17.09 42.27
N LYS A 125 -41.12 16.82 41.55
CA LYS A 125 -41.54 15.73 40.67
C LYS A 125 -40.53 15.78 39.59
N TRP A 126 -40.25 17.03 39.14
CA TRP A 126 -39.61 17.24 37.87
C TRP A 126 -38.30 17.87 38.22
N SER A 127 -37.61 17.44 39.26
CA SER A 127 -36.23 17.80 39.54
C SER A 127 -35.60 16.47 39.89
N ASP A 128 -34.38 16.16 39.32
CA ASP A 128 -33.73 14.84 39.46
C ASP A 128 -34.60 13.79 38.83
N THR A 129 -34.92 14.07 37.55
CA THR A 129 -35.91 13.25 36.83
C THR A 129 -35.14 12.89 35.59
N SER A 130 -35.59 11.80 34.93
CA SER A 130 -34.98 11.31 33.70
C SER A 130 -35.79 11.81 32.54
N PHE A 131 -36.65 12.85 32.71
CA PHE A 131 -37.28 13.64 31.68
C PHE A 131 -36.46 14.88 31.39
N GLY A 132 -36.79 15.51 30.21
CA GLY A 132 -36.09 16.64 29.65
C GLY A 132 -35.64 17.70 30.68
N MET A 133 -34.52 18.35 30.25
CA MET A 133 -33.72 19.44 30.92
C MET A 133 -34.54 20.65 31.04
N VAL A 134 -35.33 20.88 30.00
CA VAL A 134 -36.23 21.97 29.88
C VAL A 134 -37.31 21.95 30.92
N LEU A 135 -37.87 20.75 31.22
CA LEU A 135 -38.80 20.71 32.34
C LEU A 135 -38.13 21.05 33.65
N GLN A 136 -36.95 20.51 33.92
CA GLN A 136 -36.29 20.69 35.19
C GLN A 136 -35.91 22.10 35.49
N ARG A 137 -35.38 22.84 34.48
CA ARG A 137 -35.02 24.24 34.68
C ARG A 137 -36.14 25.14 34.90
N PHE A 138 -37.24 24.79 34.17
CA PHE A 138 -38.46 25.59 34.13
C PHE A 138 -39.11 25.67 35.49
N ALA A 139 -39.20 24.53 36.10
CA ALA A 139 -39.74 24.43 37.41
C ALA A 139 -38.94 25.20 38.45
N TYR A 140 -37.53 25.12 38.33
CA TYR A 140 -36.63 25.80 39.29
C TYR A 140 -36.71 27.28 39.22
N GLU A 141 -36.78 27.84 37.98
CA GLU A 141 -36.91 29.31 37.84
C GLU A 141 -38.33 29.77 38.36
N ILE A 142 -39.40 29.02 38.07
CA ILE A 142 -40.65 29.30 38.62
C ILE A 142 -40.80 29.17 40.13
N ARG A 143 -40.21 28.08 40.71
CA ARG A 143 -40.28 27.66 42.11
C ARG A 143 -39.69 28.72 42.99
N ARG A 144 -38.58 29.29 42.57
CA ARG A 144 -37.96 30.41 43.27
C ARG A 144 -38.85 31.62 43.27
N PHE A 145 -39.46 31.92 42.12
CA PHE A 145 -40.38 33.07 41.98
C PHE A 145 -41.66 32.92 42.83
N LEU A 146 -42.27 31.72 42.83
CA LEU A 146 -43.53 31.45 43.57
C LEU A 146 -43.30 31.59 45.01
N GLU A 147 -42.17 31.07 45.47
CA GLU A 147 -41.86 31.11 46.85
C GLU A 147 -41.71 32.47 47.51
N ASP A 148 -41.01 33.35 46.77
CA ASP A 148 -40.89 34.74 47.21
C ASP A 148 -42.19 35.59 47.33
N VAL A 149 -43.15 35.52 46.34
CA VAL A 149 -44.40 36.31 46.29
C VAL A 149 -45.28 35.95 47.44
N TYR A 150 -45.39 34.61 47.57
CA TYR A 150 -46.30 33.93 48.52
C TYR A 150 -45.85 34.23 49.93
N LEU A 151 -44.53 34.10 50.26
CA LEU A 151 -44.03 34.10 51.59
C LEU A 151 -44.19 35.47 52.23
N LYS A 152 -43.84 36.49 51.38
CA LYS A 152 -43.81 37.87 51.74
C LYS A 152 -45.21 38.31 52.10
N THR A 153 -46.19 37.99 51.22
CA THR A 153 -47.56 38.46 51.24
C THR A 153 -48.20 37.99 52.49
N LEU A 154 -48.04 36.65 52.78
CA LEU A 154 -48.79 35.97 53.83
C LEU A 154 -48.50 36.42 55.18
N VAL A 155 -47.15 36.58 55.41
CA VAL A 155 -46.67 37.01 56.70
C VAL A 155 -47.08 38.45 57.05
N GLU A 156 -46.97 39.39 56.01
CA GLU A 156 -47.32 40.77 56.34
C GLU A 156 -48.73 41.01 56.65
N ARG A 157 -49.64 40.41 55.83
CA ARG A 157 -51.05 40.46 55.95
C ARG A 157 -51.56 39.79 57.22
N LEU A 158 -50.97 38.66 57.55
CA LEU A 158 -51.46 37.93 58.71
C LEU A 158 -51.27 38.64 60.05
N GLU A 159 -50.06 39.24 60.15
CA GLU A 159 -49.67 40.03 61.27
C GLU A 159 -50.35 41.28 61.45
N ARG A 160 -50.66 42.09 60.40
CA ARG A 160 -51.30 43.37 60.41
C ARG A 160 -52.75 43.24 60.86
N ASP A 161 -53.50 42.19 60.38
CA ASP A 161 -54.92 41.94 60.74
C ASP A 161 -54.93 41.64 62.17
N PHE A 162 -53.98 40.80 62.67
CA PHE A 162 -53.94 40.32 64.01
C PHE A 162 -53.64 41.53 64.92
N ASN A 163 -52.69 42.41 64.56
CA ASN A 163 -52.39 43.57 65.34
C ASN A 163 -53.57 44.53 65.54
N LYS A 164 -54.28 44.80 64.45
CA LYS A 164 -55.38 45.78 64.44
C LYS A 164 -56.49 45.39 65.32
N VAL A 165 -57.08 44.20 65.24
CA VAL A 165 -58.25 43.72 65.99
C VAL A 165 -57.94 42.16 66.06
N PRO A 166 -58.18 41.50 67.19
CA PRO A 166 -57.79 40.07 67.37
C PRO A 166 -58.45 39.07 66.39
N ASN A 167 -59.77 39.15 66.05
CA ASN A 167 -60.44 38.31 65.02
C ASN A 167 -60.79 39.43 64.01
N PHE A 168 -60.13 39.33 62.83
CA PHE A 168 -60.25 40.30 61.84
C PHE A 168 -60.85 39.76 60.58
N SER A 169 -61.48 40.56 59.78
CA SER A 169 -62.39 40.21 58.69
C SER A 169 -61.58 39.60 57.45
N ILE A 170 -62.25 38.63 56.72
CA ILE A 170 -61.87 37.89 55.55
C ILE A 170 -61.62 38.79 54.36
N ARG A 171 -62.54 39.84 54.23
CA ARG A 171 -62.75 40.64 53.08
C ARG A 171 -61.56 41.41 52.65
N GLU A 172 -60.85 42.04 53.61
CA GLU A 172 -59.62 42.71 53.18
C GLU A 172 -58.60 41.78 52.80
N LEU A 173 -58.44 40.65 53.50
CA LEU A 173 -57.36 39.67 53.22
C LEU A 173 -57.55 39.19 51.82
N GLU A 174 -58.81 38.81 51.31
CA GLU A 174 -59.11 38.28 50.02
C GLU A 174 -58.80 39.28 48.88
N GLN A 175 -59.11 40.56 49.12
CA GLN A 175 -58.99 41.62 48.15
C GLN A 175 -57.55 41.89 47.76
N ILE A 176 -56.60 41.92 48.78
CA ILE A 176 -55.17 42.17 48.51
C ILE A 176 -54.58 41.03 47.74
N ILE A 177 -54.97 39.76 48.20
CA ILE A 177 -54.50 38.54 47.60
C ILE A 177 -54.89 38.44 46.14
N ASN A 178 -56.12 38.84 45.69
CA ASN A 178 -56.69 38.66 44.37
C ASN A 178 -55.87 39.29 43.30
N GLU A 179 -55.31 40.54 43.55
CA GLU A 179 -54.60 41.32 42.54
C GLU A 179 -53.34 40.49 42.20
N THR A 180 -52.63 39.96 43.22
CA THR A 180 -51.39 39.23 43.08
C THR A 180 -51.79 37.95 42.30
N GLU A 181 -52.88 37.27 42.70
CA GLU A 181 -53.22 35.88 42.38
C GLU A 181 -53.38 35.55 40.94
N VAL A 182 -54.20 36.35 40.22
CA VAL A 182 -54.82 35.98 38.95
C VAL A 182 -53.77 35.62 37.84
N ASN A 183 -52.83 36.53 37.65
CA ASN A 183 -51.87 36.50 36.49
C ASN A 183 -50.96 35.23 36.60
N LYS A 184 -50.40 35.10 37.83
CA LYS A 184 -49.31 34.27 38.19
C LYS A 184 -49.79 32.85 38.04
N GLN A 185 -50.95 32.48 38.68
CA GLN A 185 -51.37 31.10 38.95
C GLN A 185 -51.72 30.47 37.62
N MET A 186 -52.44 31.33 36.80
CA MET A 186 -52.99 30.93 35.56
C MET A 186 -51.95 30.59 34.60
N GLU A 187 -50.91 31.44 34.55
CA GLU A 187 -49.93 31.37 33.53
C GLU A 187 -49.12 30.07 33.64
N LEU A 188 -48.70 29.75 34.92
CA LEU A 188 -47.80 28.63 35.30
C LEU A 188 -48.46 27.32 34.99
N LEU A 189 -49.73 27.25 35.40
CA LEU A 189 -50.62 26.09 35.31
C LEU A 189 -50.92 25.78 33.88
N TYR A 190 -51.08 26.83 33.01
CA TYR A 190 -51.26 26.55 31.59
C TYR A 190 -50.10 25.84 30.95
N ASN A 191 -48.84 26.26 31.28
CA ASN A 191 -47.63 25.59 30.74
C ASN A 191 -47.37 24.11 31.10
N ILE A 192 -47.49 23.69 32.41
CA ILE A 192 -47.21 22.39 32.91
C ILE A 192 -48.21 21.43 32.20
N TYR A 193 -49.47 21.78 32.05
CA TYR A 193 -50.45 20.99 31.35
C TYR A 193 -50.17 20.77 29.91
N GLU A 194 -49.71 21.77 29.20
CA GLU A 194 -49.32 21.63 27.82
C GLU A 194 -48.12 20.73 27.66
N GLU A 195 -47.09 20.90 28.61
CA GLU A 195 -45.89 20.17 28.63
C GLU A 195 -46.06 18.72 28.91
N ILE A 196 -46.97 18.38 29.87
CA ILE A 196 -47.29 16.97 30.23
C ILE A 196 -47.95 16.25 29.04
N PHE A 197 -48.91 16.98 28.38
CA PHE A 197 -49.65 16.56 27.29
C PHE A 197 -48.83 16.27 26.07
N ARG A 198 -47.86 17.18 25.77
CA ARG A 198 -46.82 17.12 24.67
C ARG A 198 -45.89 15.91 24.93
N GLU A 199 -45.52 15.66 26.20
CA GLU A 199 -44.58 14.62 26.49
C GLU A 199 -45.10 13.25 26.13
N ILE A 200 -46.48 12.94 26.43
CA ILE A 200 -47.13 11.63 26.22
C ILE A 200 -47.13 11.36 24.74
N GLU A 201 -47.45 12.43 23.85
CA GLU A 201 -47.43 12.31 22.43
C GLU A 201 -46.12 12.04 21.74
N GLU A 202 -45.05 12.69 22.20
CA GLU A 202 -43.68 12.48 21.62
C GLU A 202 -43.30 11.06 21.95
N ARG A 203 -43.64 10.58 23.19
CA ARG A 203 -43.31 9.14 23.60
C ARG A 203 -44.06 8.11 22.73
N ARG A 204 -45.36 8.36 22.43
CA ARG A 204 -46.22 7.51 21.59
C ARG A 204 -45.76 7.36 20.24
N THR A 205 -45.34 8.46 19.58
CA THR A 205 -44.76 8.39 18.23
C THR A 205 -43.51 7.49 18.11
N LYS A 243 -37.63 17.37 22.51
CA LYS A 243 -38.40 17.75 23.70
C LYS A 243 -38.12 19.16 24.04
N GLY A 244 -36.82 19.54 24.29
CA GLY A 244 -36.50 20.83 24.78
C GLY A 244 -36.95 22.00 23.88
N GLY A 245 -36.58 21.90 22.58
CA GLY A 245 -36.89 22.78 21.50
C GLY A 245 -38.39 22.78 21.21
N ALA A 246 -39.09 21.66 21.34
CA ALA A 246 -40.49 21.50 21.02
C ALA A 246 -41.44 22.35 21.82
N ILE A 247 -41.11 22.45 23.12
CA ILE A 247 -41.72 23.25 24.15
C ILE A 247 -41.53 24.68 23.80
N LEU A 248 -40.35 25.06 23.29
CA LEU A 248 -39.98 26.41 22.86
C LEU A 248 -40.86 26.84 21.72
N LYS A 249 -41.18 25.96 20.77
CA LYS A 249 -42.02 26.35 19.66
C LYS A 249 -43.43 26.76 20.15
N ILE A 250 -43.94 25.96 21.13
CA ILE A 250 -45.28 26.04 21.77
C ILE A 250 -45.32 27.38 22.51
N PHE A 251 -44.24 27.70 23.18
CA PHE A 251 -44.06 28.98 23.88
C PHE A 251 -44.04 30.14 22.96
N GLN A 252 -43.47 29.99 21.76
CA GLN A 252 -43.53 31.04 20.74
C GLN A 252 -44.99 31.20 20.32
N GLN A 253 -45.83 30.07 20.18
CA GLN A 253 -47.20 30.28 19.76
C GLN A 253 -47.99 31.04 20.89
N LYS A 254 -47.76 30.68 22.21
CA LYS A 254 -48.48 31.33 23.35
C LYS A 254 -48.18 32.74 23.48
N ILE A 255 -46.92 33.23 23.26
CA ILE A 255 -46.63 34.66 23.41
C ILE A 255 -47.36 35.52 22.46
N LEU A 256 -47.56 35.19 21.17
CA LEU A 256 -48.17 36.13 20.27
C LEU A 256 -49.62 36.45 20.65
N GLU A 257 -50.47 35.49 21.13
CA GLU A 257 -51.77 35.68 21.61
C GLU A 257 -51.69 36.53 22.87
N ASN A 258 -50.74 36.30 23.75
CA ASN A 258 -50.50 37.02 24.94
C ASN A 258 -49.97 38.46 24.76
N LEU A 259 -49.38 38.93 23.62
CA LEU A 259 -48.91 40.33 23.40
C LEU A 259 -49.93 41.37 23.74
N GLY A 260 -51.25 41.15 23.41
CA GLY A 260 -52.35 41.96 23.76
C GLY A 260 -52.53 42.14 25.25
N ASP A 261 -52.20 41.16 26.12
CA ASP A 261 -52.22 41.29 27.59
C ASP A 261 -50.83 41.44 28.00
N ARG A 262 -50.41 42.71 28.09
CA ARG A 262 -48.99 43.16 28.19
C ARG A 262 -48.20 42.48 29.35
N SER A 263 -48.89 42.36 30.51
CA SER A 263 -48.25 41.75 31.68
C SER A 263 -47.85 40.36 31.46
N SER A 264 -48.75 39.46 30.90
CA SER A 264 -48.51 38.03 30.70
C SER A 264 -47.44 37.86 29.69
N VAL A 265 -47.38 38.57 28.52
CA VAL A 265 -46.30 38.37 27.51
C VAL A 265 -44.96 38.71 28.10
N MET A 266 -44.81 39.75 28.93
CA MET A 266 -43.58 40.07 29.58
C MET A 266 -43.05 38.97 30.49
N PHE A 267 -43.96 38.36 31.32
CA PHE A 267 -43.66 37.34 32.24
C PHE A 267 -43.18 36.06 31.52
N LEU A 268 -43.91 35.75 30.46
CA LEU A 268 -43.62 34.62 29.59
C LEU A 268 -42.31 34.73 28.92
N LYS A 269 -41.86 35.93 28.44
CA LYS A 269 -40.55 36.15 27.81
C LYS A 269 -39.37 35.89 28.67
N LYS A 270 -39.54 36.30 29.93
CA LYS A 270 -38.49 36.02 30.94
C LYS A 270 -38.30 34.52 31.12
N LEU A 271 -39.36 33.70 31.14
CA LEU A 271 -39.28 32.29 31.27
C LEU A 271 -38.57 31.58 30.08
N LEU A 272 -38.91 32.12 28.89
CA LEU A 272 -38.53 31.72 27.58
C LEU A 272 -37.07 31.80 27.37
N ASN A 273 -36.44 32.95 27.82
CA ASN A 273 -35.05 33.11 27.67
C ASN A 273 -34.24 32.05 28.37
N ASN A 274 -34.63 31.65 29.58
CA ASN A 274 -33.85 30.54 30.30
C ASN A 274 -33.99 29.27 29.47
N ILE A 275 -35.20 28.99 28.96
CA ILE A 275 -35.55 27.76 28.20
C ILE A 275 -34.81 27.65 26.89
N SER A 276 -34.72 28.77 26.12
CA SER A 276 -33.99 28.87 24.84
C SER A 276 -32.50 28.64 25.06
N GLN A 277 -31.96 28.89 26.25
CA GLN A 277 -30.48 28.79 26.54
C GLN A 277 -29.78 27.48 26.37
N ASP A 278 -30.47 26.35 26.79
CA ASP A 278 -30.02 24.99 26.52
C ASP A 278 -30.06 24.75 25.10
N TYR A 279 -31.12 25.19 24.39
CA TYR A 279 -31.31 24.98 22.94
C TYR A 279 -30.20 25.70 22.14
N CYS A 280 -29.89 26.98 22.52
CA CYS A 280 -28.82 27.79 21.92
C CYS A 280 -27.43 27.19 22.17
N THR A 281 -27.19 26.61 23.38
CA THR A 281 -25.89 25.95 23.78
C THR A 281 -25.68 24.71 22.95
N MET A 282 -26.68 23.83 22.71
CA MET A 282 -26.63 22.60 21.86
C MET A 282 -26.41 22.94 20.50
N LEU A 283 -27.08 24.00 20.08
CA LEU A 283 -26.92 24.49 18.71
C LEU A 283 -25.58 24.96 18.49
N TYR A 284 -24.93 25.76 19.40
CA TYR A 284 -23.54 26.21 19.18
C TYR A 284 -22.56 25.04 19.21
N GLU A 285 -22.73 24.07 20.11
CA GLU A 285 -21.83 22.95 20.10
C GLU A 285 -21.80 22.16 18.86
N TRP A 286 -23.02 21.87 18.34
CA TRP A 286 -23.18 21.11 17.17
C TRP A 286 -22.68 21.84 15.98
N LEU A 287 -23.13 23.02 15.68
CA LEU A 287 -22.70 23.66 14.52
C LEU A 287 -21.19 24.10 14.45
N THR A 288 -20.62 24.71 15.59
CA THR A 288 -19.26 25.31 15.75
C THR A 288 -18.23 24.25 16.15
N GLN A 289 -18.48 23.13 16.92
CA GLN A 289 -17.45 22.22 17.42
C GLN A 289 -17.84 20.76 17.15
N GLY A 290 -18.84 20.54 16.23
CA GLY A 290 -19.34 19.31 15.63
C GLY A 290 -19.81 18.30 16.60
N ILE A 291 -20.20 18.72 17.86
CA ILE A 291 -20.57 17.78 18.87
C ILE A 291 -22.00 18.06 19.34
N LEU A 292 -22.82 16.94 19.27
CA LEU A 292 -24.16 16.85 19.76
C LEU A 292 -24.23 15.90 20.96
N ASN A 293 -24.90 16.21 22.03
CA ASN A 293 -25.23 15.43 23.17
C ASN A 293 -26.81 15.36 23.26
N ASP A 294 -27.29 14.24 23.75
CA ASP A 294 -28.69 13.95 24.01
C ASP A 294 -28.64 13.27 25.39
N PRO A 295 -29.10 13.84 26.50
CA PRO A 295 -29.13 13.12 27.79
C PRO A 295 -30.48 12.55 27.92
N TYR A 296 -31.47 13.30 27.39
CA TYR A 296 -32.88 12.88 27.47
C TYR A 296 -33.59 12.95 26.19
N GLN A 297 -32.82 13.12 25.08
CA GLN A 297 -33.38 13.33 23.76
C GLN A 297 -33.94 14.75 23.66
N GLU A 298 -33.04 15.77 23.60
CA GLU A 298 -33.45 17.11 23.62
C GLU A 298 -33.29 17.74 22.32
N PHE A 299 -32.90 17.08 21.21
CA PHE A 299 -32.72 17.61 19.91
C PHE A 299 -33.53 16.67 18.99
N MET A 300 -32.96 16.34 17.80
CA MET A 300 -33.74 15.53 16.91
C MET A 300 -32.85 14.95 15.88
N THR A 301 -31.51 15.29 15.90
CA THR A 301 -30.59 14.68 14.96
C THR A 301 -29.89 13.61 15.76
N TYR A 302 -29.77 12.39 15.15
CA TYR A 302 -29.23 11.17 15.67
C TYR A 302 -28.27 10.72 14.59
N ASP A 303 -27.18 9.99 14.94
CA ASP A 303 -26.17 9.53 14.01
C ASP A 303 -26.79 8.34 13.28
N ASP A 304 -26.26 8.11 12.01
CA ASP A 304 -26.77 7.21 10.95
C ASP A 304 -28.04 6.37 11.37
N TRP A 320 -16.95 5.76 7.09
CA TRP A 320 -15.66 6.43 7.27
C TRP A 320 -15.82 7.67 8.11
N ASP A 321 -16.59 8.65 7.61
CA ASP A 321 -16.97 9.91 8.20
C ASP A 321 -18.51 9.85 8.27
N THR A 322 -18.97 10.17 9.51
CA THR A 322 -20.39 9.85 9.75
C THR A 322 -21.40 10.84 9.21
N GLN A 323 -22.55 10.22 8.85
CA GLN A 323 -23.73 11.02 8.40
C GLN A 323 -24.73 11.06 9.54
N TYR A 324 -25.63 12.02 9.59
CA TYR A 324 -26.59 12.20 10.67
C TYR A 324 -27.82 12.45 9.98
N PHE A 325 -28.90 12.18 10.70
CA PHE A 325 -30.22 12.30 10.16
C PHE A 325 -31.17 12.58 11.32
N ILE A 326 -32.45 12.87 10.99
CA ILE A 326 -33.46 13.31 11.89
C ILE A 326 -34.37 12.13 12.23
N ARG A 327 -34.71 11.95 13.52
CA ARG A 327 -35.74 11.05 14.05
C ARG A 327 -37.14 11.59 13.99
N LYS A 328 -38.09 10.64 13.91
CA LYS A 328 -39.45 10.73 13.62
C LYS A 328 -40.12 9.98 14.74
N ASP A 329 -39.42 9.80 15.92
CA ASP A 329 -39.83 9.06 17.08
C ASP A 329 -39.94 10.00 18.25
N VAL A 330 -39.56 11.31 18.05
CA VAL A 330 -39.58 12.21 19.19
C VAL A 330 -40.13 13.48 18.66
N LEU A 331 -39.91 13.71 17.35
CA LEU A 331 -40.08 14.84 16.50
C LEU A 331 -39.52 16.10 17.22
N LEU A 332 -39.95 17.31 16.86
CA LEU A 332 -39.42 18.51 17.51
C LEU A 332 -40.25 19.64 17.00
N ARG A 333 -41.23 19.30 16.10
CA ARG A 333 -42.05 20.23 15.39
C ARG A 333 -43.41 20.14 15.99
N ASP A 334 -44.07 21.29 16.26
CA ASP A 334 -45.38 21.35 16.83
C ASP A 334 -46.17 22.41 16.06
N CYS A 335 -45.40 23.40 15.55
CA CYS A 335 -45.88 24.35 14.63
C CYS A 335 -45.12 24.14 13.44
N ASP A 336 -45.73 23.80 12.35
CA ASP A 336 -45.16 23.21 11.19
C ASP A 336 -45.44 24.04 9.91
N SER A 337 -44.41 24.46 9.14
CA SER A 337 -44.48 25.14 7.90
C SER A 337 -43.23 24.77 7.11
N GLU A 338 -43.24 24.96 5.73
CA GLU A 338 -42.24 24.47 4.84
C GLU A 338 -40.91 25.06 5.20
N GLU A 339 -40.89 26.34 5.67
CA GLU A 339 -39.69 27.06 6.08
C GLU A 339 -38.98 26.45 7.26
N ASP A 340 -39.65 25.92 8.32
CA ASP A 340 -39.19 25.37 9.52
C ASP A 340 -38.32 24.18 9.10
N LYS A 341 -38.88 23.32 8.13
CA LYS A 341 -38.35 22.07 7.64
C LYS A 341 -37.03 22.25 6.98
N ASN A 342 -36.94 23.37 6.12
CA ASN A 342 -35.75 23.79 5.41
C ASN A 342 -34.68 24.30 6.45
N LEU A 343 -35.07 25.05 7.45
CA LEU A 343 -34.12 25.63 8.45
C LEU A 343 -33.42 24.55 9.27
N LEU A 344 -34.25 23.51 9.66
CA LEU A 344 -33.77 22.35 10.34
C LEU A 344 -32.80 21.53 9.51
N PHE A 345 -33.01 21.32 8.17
CA PHE A 345 -32.12 20.55 7.29
C PHE A 345 -30.75 21.14 7.12
N LYS A 346 -30.76 22.54 6.99
CA LYS A 346 -29.55 23.35 6.93
C LYS A 346 -28.72 23.23 8.14
N MET A 347 -29.36 23.25 9.35
CA MET A 347 -28.63 23.05 10.62
C MET A 347 -27.97 21.68 10.74
N LEU A 348 -28.71 20.68 10.30
CA LEU A 348 -28.30 19.30 10.36
C LEU A 348 -27.07 19.03 9.50
N ARG A 349 -27.13 19.63 8.32
CA ARG A 349 -26.00 19.59 7.39
C ARG A 349 -24.71 20.25 7.94
N THR A 350 -24.88 21.41 8.57
CA THR A 350 -23.78 22.12 9.17
C THR A 350 -23.06 21.41 10.27
N GLY A 351 -23.82 20.74 11.14
CA GLY A 351 -23.27 19.95 12.24
C GLY A 351 -22.47 18.76 11.69
N ILE A 352 -22.93 18.08 10.61
CA ILE A 352 -22.30 16.97 9.93
C ILE A 352 -20.95 17.51 9.33
N LEU A 353 -20.88 18.73 8.73
CA LEU A 353 -19.74 19.41 8.15
C LEU A 353 -18.63 19.75 9.12
N LEU A 354 -18.98 20.21 10.35
CA LEU A 354 -18.02 20.39 11.42
C LEU A 354 -17.41 19.12 12.00
N LYS A 355 -18.22 18.02 12.10
CA LYS A 355 -17.86 16.65 12.49
C LYS A 355 -16.94 16.08 11.42
N VAL A 356 -17.13 16.33 10.11
CA VAL A 356 -16.28 15.80 9.09
C VAL A 356 -14.90 16.33 9.20
N VAL A 357 -14.75 17.66 9.56
CA VAL A 357 -13.46 18.28 9.69
C VAL A 357 -12.75 17.62 10.84
N ARG A 358 -13.44 17.24 11.96
CA ARG A 358 -12.63 16.48 12.91
C ARG A 358 -12.21 15.06 12.35
N ALA A 359 -13.12 14.41 11.59
CA ALA A 359 -13.11 13.03 11.06
C ALA A 359 -11.96 12.83 10.17
N SER A 360 -11.66 13.94 9.40
CA SER A 360 -10.53 14.15 8.50
C SER A 360 -9.14 14.12 9.01
N LEU A 361 -9.01 13.78 10.28
CA LEU A 361 -7.82 14.04 11.05
C LEU A 361 -7.47 15.54 10.99
N GLN A 362 -6.12 15.87 10.93
CA GLN A 362 -5.60 17.20 11.07
C GLN A 362 -6.19 18.14 12.11
N ILE A 363 -6.68 19.36 11.74
CA ILE A 363 -7.30 20.28 12.66
C ILE A 363 -8.68 19.83 13.06
N PRO A 364 -9.27 19.97 14.29
CA PRO A 364 -10.63 19.56 14.63
C PRO A 364 -11.45 20.81 14.98
N THR A 365 -10.94 21.99 14.74
CA THR A 365 -11.68 23.20 14.87
C THR A 365 -11.40 23.70 16.23
N ILE A 366 -10.25 24.34 16.45
CA ILE A 366 -9.81 25.00 17.65
C ILE A 366 -10.60 26.22 17.74
N PRO A 367 -11.24 26.72 18.89
CA PRO A 367 -12.03 27.93 18.92
C PRO A 367 -11.13 29.17 18.51
N SER A 368 -9.78 29.06 18.56
CA SER A 368 -8.88 30.12 18.06
C SER A 368 -8.84 30.00 16.55
N ASN A 369 -9.01 31.19 15.87
CA ASN A 369 -9.04 31.50 14.45
C ASN A 369 -10.32 30.94 13.97
N SER A 370 -11.33 31.22 14.75
CA SER A 370 -12.71 30.79 14.47
C SER A 370 -13.57 31.73 15.20
N SER A 371 -14.76 32.03 14.62
CA SER A 371 -15.52 33.05 15.20
C SER A 371 -16.94 32.68 14.96
N ASP A 372 -17.73 32.49 16.01
CA ASP A 372 -19.11 32.07 16.06
C ASP A 372 -19.62 32.53 17.44
N ILE A 373 -18.76 33.11 18.33
CA ILE A 373 -19.12 33.47 19.63
C ILE A 373 -20.19 34.60 19.55
N THR A 374 -20.05 35.44 18.56
CA THR A 374 -20.85 36.66 18.31
C THR A 374 -22.35 36.44 18.08
N ILE A 375 -22.68 35.37 17.29
CA ILE A 375 -24.00 34.85 17.01
C ILE A 375 -24.64 34.27 18.25
N GLN A 376 -23.88 33.55 19.07
CA GLN A 376 -24.38 32.84 20.18
C GLN A 376 -25.00 33.71 21.23
N GLU A 377 -24.29 34.82 21.50
CA GLU A 377 -24.77 35.84 22.37
C GLU A 377 -26.00 36.51 21.80
N ILE A 378 -25.98 36.71 20.45
CA ILE A 378 -27.13 37.29 19.67
C ILE A 378 -28.37 36.43 19.70
N ASN A 379 -28.20 35.11 19.57
CA ASN A 379 -29.35 34.25 19.48
C ASN A 379 -30.09 34.29 20.84
N ASP A 380 -29.29 34.33 21.97
CA ASP A 380 -29.77 34.39 23.31
C ASP A 380 -30.57 35.69 23.59
N PHE A 381 -30.08 36.85 23.04
CA PHE A 381 -30.69 38.10 23.21
C PHE A 381 -32.06 38.23 22.60
N ALA A 382 -32.22 37.49 21.48
CA ALA A 382 -33.47 37.45 20.70
C ALA A 382 -34.67 36.94 21.47
N ASP A 383 -34.44 35.86 22.25
CA ASP A 383 -35.44 35.19 23.08
C ASP A 383 -36.73 34.92 22.31
N LEU A 384 -36.47 34.56 20.98
CA LEU A 384 -37.37 34.21 19.96
C LEU A 384 -36.66 33.25 19.03
N MET A 385 -37.43 32.41 18.27
CA MET A 385 -37.00 31.48 17.27
C MET A 385 -37.49 32.10 15.97
N GLU A 386 -36.74 33.06 15.49
CA GLU A 386 -37.11 33.84 14.29
C GLU A 386 -36.36 33.20 13.12
N GLY A 387 -36.99 33.13 11.95
CA GLY A 387 -36.47 32.43 10.82
C GLY A 387 -35.23 33.07 10.30
N SER A 388 -35.19 34.40 10.16
CA SER A 388 -34.03 35.12 9.72
C SER A 388 -32.89 35.03 10.66
N ASN A 389 -33.14 35.20 12.04
CA ASN A 389 -32.09 35.21 13.01
C ASN A 389 -31.35 33.85 13.14
N LEU A 390 -32.15 32.71 13.09
CA LEU A 390 -31.63 31.43 13.00
C LEU A 390 -30.91 31.24 11.70
N GLU A 391 -31.47 31.71 10.51
CA GLU A 391 -30.85 31.45 9.20
C GLU A 391 -29.52 32.05 8.99
N LEU A 392 -29.34 33.28 9.55
CA LEU A 392 -28.07 33.93 9.62
C LEU A 392 -27.09 33.10 10.46
N TYR A 393 -27.57 32.53 11.61
CA TYR A 393 -26.77 31.81 12.59
C TYR A 393 -26.11 30.60 11.89
N VAL A 394 -26.95 29.87 11.14
CA VAL A 394 -26.62 28.64 10.37
C VAL A 394 -25.61 28.99 9.26
N ASP A 395 -25.89 30.06 8.48
CA ASP A 395 -25.02 30.42 7.35
C ASP A 395 -23.63 30.82 7.80
N LYS A 396 -23.47 31.49 8.94
CA LYS A 396 -22.21 31.91 9.57
C LYS A 396 -21.45 30.71 9.94
N CYS A 397 -22.15 29.73 10.54
CA CYS A 397 -21.58 28.53 11.01
C CYS A 397 -21.09 27.73 9.83
N TYR A 398 -21.81 27.70 8.76
CA TYR A 398 -21.53 26.88 7.56
C TYR A 398 -20.22 27.43 6.95
N SER A 399 -20.13 28.83 6.81
CA SER A 399 -18.90 29.43 6.21
C SER A 399 -17.68 29.15 7.04
N ARG A 400 -17.76 29.23 8.38
CA ARG A 400 -16.73 28.95 9.29
C ARG A 400 -16.24 27.55 9.18
N ALA A 401 -17.16 26.57 9.02
CA ALA A 401 -17.00 25.14 8.88
C ALA A 401 -16.22 24.82 7.63
N ASN A 402 -16.49 25.57 6.60
CA ASN A 402 -15.89 25.51 5.27
C ASN A 402 -14.48 25.95 5.34
N GLU A 403 -14.24 27.15 6.05
CA GLU A 403 -13.00 27.82 6.09
C GLU A 403 -11.95 26.95 6.73
N ILE A 404 -12.32 26.26 7.86
CA ILE A 404 -11.44 25.32 8.53
C ILE A 404 -11.11 24.11 7.68
N PHE A 405 -12.07 23.54 6.88
CA PHE A 405 -12.03 22.34 6.07
C PHE A 405 -10.92 22.64 4.95
N LEU A 406 -11.05 23.88 4.29
CA LEU A 406 -10.12 24.33 3.23
C LEU A 406 -8.71 24.47 3.85
N LYS A 407 -8.49 25.08 5.02
CA LYS A 407 -7.23 25.30 5.69
C LYS A 407 -6.59 23.96 5.95
N LEU A 408 -7.36 22.95 6.36
CA LEU A 408 -7.04 21.58 6.65
C LEU A 408 -6.48 20.94 5.31
N PHE A 409 -7.23 21.21 4.20
CA PHE A 409 -7.00 20.65 2.91
C PHE A 409 -5.67 21.09 2.33
N PHE A 410 -5.39 22.45 2.27
CA PHE A 410 -4.22 23.03 1.64
C PHE A 410 -2.95 22.75 2.43
N GLN A 411 -2.98 22.93 3.75
CA GLN A 411 -1.81 22.75 4.59
C GLN A 411 -1.34 21.31 4.64
N GLY A 412 -2.30 20.29 4.72
CA GLY A 412 -1.91 18.91 4.96
C GLY A 412 -1.93 17.94 3.84
N TYR A 413 -2.60 18.29 2.66
CA TYR A 413 -2.63 17.35 1.57
C TYR A 413 -2.44 18.02 0.26
N ASP A 414 -2.68 19.37 0.28
CA ASP A 414 -2.75 20.26 -0.81
C ASP A 414 -4.05 19.97 -1.72
N LEU A 415 -5.02 20.93 -1.61
CA LEU A 415 -6.33 20.93 -2.36
C LEU A 415 -6.08 20.88 -3.86
N ILE A 416 -5.10 21.63 -4.44
CA ILE A 416 -4.87 21.79 -5.88
C ILE A 416 -4.60 20.39 -6.49
N ASN A 417 -3.85 19.49 -5.79
CA ASN A 417 -3.50 18.21 -6.20
C ASN A 417 -4.74 17.35 -6.33
N VAL A 418 -5.68 17.49 -5.37
CA VAL A 418 -6.85 16.62 -5.26
C VAL A 418 -7.75 16.85 -6.48
N LEU A 419 -7.83 18.12 -6.95
CA LEU A 419 -8.71 18.46 -8.16
C LEU A 419 -8.22 17.69 -9.37
N LYS A 420 -6.88 17.63 -9.58
CA LYS A 420 -6.14 16.84 -10.60
C LYS A 420 -6.43 15.36 -10.43
N HIS A 421 -6.43 14.80 -9.22
CA HIS A 421 -6.56 13.41 -8.87
C HIS A 421 -7.88 12.88 -9.30
N LEU A 422 -8.94 13.79 -9.15
CA LEU A 422 -10.32 13.44 -9.55
C LEU A 422 -10.59 13.23 -11.01
N GLN A 423 -9.95 14.09 -11.83
CA GLN A 423 -9.95 14.03 -13.22
C GLN A 423 -9.32 12.80 -13.77
N GLN A 424 -8.20 12.44 -13.14
CA GLN A 424 -7.38 11.32 -13.53
C GLN A 424 -8.10 10.01 -13.40
N ILE A 425 -8.68 9.60 -12.26
CA ILE A 425 -9.30 8.35 -11.98
C ILE A 425 -10.73 8.14 -12.56
N PHE A 426 -11.68 9.06 -12.19
CA PHE A 426 -13.09 8.68 -12.57
C PHE A 426 -13.27 8.76 -14.07
N LEU A 427 -12.76 9.91 -14.61
CA LEU A 427 -12.81 10.24 -16.01
C LEU A 427 -11.84 9.46 -16.85
N GLY A 428 -10.69 9.01 -16.21
CA GLY A 428 -9.65 8.12 -16.89
C GLY A 428 -8.82 8.88 -17.84
N TYR A 429 -8.96 10.23 -17.81
CA TYR A 429 -8.60 11.14 -18.86
C TYR A 429 -7.10 11.46 -18.74
N GLN A 430 -6.65 11.83 -17.50
CA GLN A 430 -5.40 12.49 -17.34
C GLN A 430 -4.23 11.54 -16.98
N SER A 431 -4.41 10.33 -17.33
CA SER A 431 -3.51 9.24 -17.04
C SER A 431 -3.72 8.39 -18.24
N GLY A 432 -3.70 9.04 -19.44
CA GLY A 432 -3.91 8.34 -20.62
C GLY A 432 -2.93 7.39 -21.13
N HIS A 433 -1.66 7.76 -20.98
CA HIS A 433 -0.52 6.95 -21.44
C HIS A 433 -0.46 5.66 -20.71
N ASN A 434 -0.73 5.83 -19.42
CA ASN A 434 -0.61 4.77 -18.50
C ASN A 434 -1.54 3.65 -18.81
N VAL A 435 -2.79 4.12 -19.13
CA VAL A 435 -3.92 3.29 -19.49
C VAL A 435 -3.69 2.55 -20.79
N LEU A 436 -3.01 3.29 -21.72
CA LEU A 436 -2.66 2.74 -23.01
C LEU A 436 -1.75 1.54 -23.03
N LYS A 437 -0.61 1.59 -22.28
CA LYS A 437 0.41 0.59 -22.16
C LYS A 437 -0.18 -0.60 -21.35
N PHE A 438 -1.11 -0.38 -20.38
CA PHE A 438 -1.82 -1.38 -19.58
C PHE A 438 -2.62 -2.23 -20.51
N LEU A 439 -3.32 -1.54 -21.49
CA LEU A 439 -4.13 -2.23 -22.54
C LEU A 439 -3.33 -3.06 -23.47
N THR A 440 -2.13 -2.60 -23.89
CA THR A 440 -1.24 -3.40 -24.68
C THR A 440 -0.82 -4.68 -23.95
N LYS A 441 -0.42 -4.59 -22.69
CA LYS A 441 0.02 -5.71 -21.85
C LYS A 441 -1.01 -6.77 -21.53
N ASN A 442 -2.26 -6.29 -21.18
CA ASN A 442 -3.39 -7.05 -20.75
C ASN A 442 -4.07 -7.80 -21.86
N MET A 443 -3.72 -7.35 -23.11
CA MET A 443 -4.49 -7.70 -24.29
C MET A 443 -4.72 -9.24 -24.53
N GLY A 444 -3.60 -10.01 -24.31
CA GLY A 444 -3.65 -11.42 -24.60
C GLY A 444 -4.67 -12.12 -23.77
N GLU A 445 -4.69 -11.77 -22.50
CA GLU A 445 -5.53 -12.31 -21.52
C GLU A 445 -7.00 -11.84 -21.77
N LEU A 446 -7.29 -10.59 -22.24
CA LEU A 446 -8.64 -10.24 -22.57
C LEU A 446 -9.23 -10.73 -23.84
N THR A 447 -8.48 -10.95 -24.91
CA THR A 447 -9.01 -11.38 -26.22
C THR A 447 -9.70 -12.70 -25.98
N LYS A 448 -9.27 -13.58 -25.12
CA LYS A 448 -9.85 -14.87 -24.81
C LYS A 448 -11.06 -14.83 -23.93
N HIS A 449 -11.66 -16.03 -23.75
CA HIS A 449 -12.76 -16.32 -22.84
C HIS A 449 -12.30 -16.06 -21.42
N TYR A 450 -13.27 -15.67 -20.54
CA TYR A 450 -13.14 -15.63 -19.08
C TYR A 450 -12.70 -17.02 -18.55
N ARG A 451 -11.77 -17.00 -17.60
CA ARG A 451 -11.26 -18.18 -16.93
C ARG A 451 -11.16 -17.79 -15.57
N ASN A 452 -11.02 -18.82 -14.69
CA ASN A 452 -10.86 -18.66 -13.23
C ASN A 452 -9.48 -18.15 -12.85
N ASP A 453 -8.49 -18.44 -13.68
CA ASP A 453 -7.10 -18.07 -13.51
C ASP A 453 -6.90 -16.61 -13.81
N ASN A 454 -7.74 -15.99 -14.65
CA ASN A 454 -7.72 -14.65 -15.16
C ASN A 454 -7.65 -13.55 -14.12
N ASN A 455 -8.47 -13.78 -13.08
CA ASN A 455 -8.61 -12.97 -11.88
C ASN A 455 -7.36 -12.80 -11.04
N ALA A 456 -6.59 -13.89 -10.82
CA ALA A 456 -5.37 -13.94 -10.07
C ALA A 456 -4.27 -13.08 -10.76
N ASN A 457 -4.24 -13.31 -12.10
CA ASN A 457 -3.19 -12.66 -12.83
C ASN A 457 -3.43 -11.17 -12.78
N TYR A 458 -4.74 -10.81 -12.97
CA TYR A 458 -5.19 -9.44 -13.09
C TYR A 458 -4.98 -8.50 -11.96
N ASP A 459 -5.20 -9.11 -10.79
CA ASP A 459 -5.02 -8.41 -9.49
C ASP A 459 -3.59 -8.03 -9.20
N LYS A 460 -2.57 -8.91 -9.53
CA LYS A 460 -1.19 -8.58 -9.29
C LYS A 460 -0.77 -7.47 -10.19
N LEU A 461 -1.19 -7.55 -11.48
CA LEU A 461 -0.93 -6.34 -12.36
C LEU A 461 -1.64 -5.05 -11.86
N LEU A 462 -2.89 -5.13 -11.31
CA LEU A 462 -3.71 -3.93 -10.81
C LEU A 462 -2.90 -3.36 -9.67
N GLN A 463 -2.30 -4.17 -8.78
CA GLN A 463 -1.54 -3.67 -7.62
C GLN A 463 -0.32 -2.94 -8.06
N ASN A 464 0.45 -3.45 -9.15
CA ASN A 464 1.56 -2.71 -9.74
C ASN A 464 1.11 -1.41 -10.30
N PHE A 465 -0.05 -1.36 -11.00
CA PHE A 465 -0.62 -0.24 -11.72
C PHE A 465 -1.05 0.87 -10.80
N GLU A 466 -1.51 0.46 -9.60
CA GLU A 466 -1.84 1.25 -8.46
C GLU A 466 -0.64 2.08 -7.94
N LEU A 467 0.54 1.38 -7.92
CA LEU A 467 1.84 2.01 -7.67
C LEU A 467 2.24 2.91 -8.72
N GLU A 468 2.10 2.70 -10.02
CA GLU A 468 2.52 3.59 -11.09
C GLU A 468 1.83 4.97 -11.13
N ARG A 469 0.55 4.96 -10.73
CA ARG A 469 -0.26 6.17 -10.63
C ARG A 469 0.02 6.94 -9.36
N GLN A 470 0.79 6.42 -8.31
CA GLN A 470 1.16 7.06 -7.07
C GLN A 470 1.88 8.35 -7.40
N SER A 471 1.70 9.39 -6.61
CA SER A 471 2.22 10.72 -6.80
C SER A 471 3.16 10.95 -5.58
N GLU A 472 3.04 12.06 -4.83
CA GLU A 472 3.78 12.37 -3.63
C GLU A 472 2.76 12.90 -2.69
N ASN A 473 1.46 12.36 -2.82
CA ASN A 473 0.32 12.93 -2.18
C ASN A 473 -0.23 11.90 -1.28
N PRO A 474 -0.46 12.05 0.02
CA PRO A 474 -1.07 10.96 0.81
C PRO A 474 -2.55 11.09 0.65
N ASN A 475 -3.24 9.96 0.80
CA ASN A 475 -4.65 9.68 0.75
C ASN A 475 -5.21 9.90 -0.63
N ASN A 476 -4.40 9.48 -1.61
CA ASN A 476 -4.53 9.53 -3.08
C ASN A 476 -5.78 8.89 -3.58
N LEU A 477 -6.55 9.61 -4.36
CA LEU A 477 -7.73 9.02 -5.00
C LEU A 477 -7.49 7.81 -5.95
N MET A 478 -6.46 7.83 -6.88
CA MET A 478 -6.28 6.77 -7.84
C MET A 478 -5.84 5.46 -7.23
N ARG A 479 -4.86 5.47 -6.30
CA ARG A 479 -4.40 4.21 -5.72
C ARG A 479 -5.53 3.53 -4.93
N GLN A 480 -6.19 4.21 -3.97
CA GLN A 480 -7.04 3.75 -3.00
C GLN A 480 -8.39 3.32 -3.53
N LEU A 481 -9.06 4.23 -4.36
CA LEU A 481 -10.46 4.06 -4.78
C LEU A 481 -10.69 3.03 -5.91
N LEU A 482 -9.74 2.85 -6.79
CA LEU A 482 -9.99 2.05 -7.98
C LEU A 482 -9.83 0.55 -7.72
N MET A 483 -10.80 -0.27 -8.21
CA MET A 483 -10.77 -1.71 -8.25
C MET A 483 -11.29 -2.09 -9.64
N ILE A 484 -10.90 -3.28 -10.12
CA ILE A 484 -11.46 -3.79 -11.31
C ILE A 484 -12.34 -4.87 -10.81
N GLN A 485 -13.58 -4.95 -11.39
CA GLN A 485 -14.73 -5.76 -10.99
C GLN A 485 -14.99 -6.77 -12.08
N PHE A 486 -15.51 -7.95 -11.72
CA PHE A 486 -15.87 -8.85 -12.71
C PHE A 486 -17.27 -9.22 -12.45
N ASP A 487 -17.99 -9.23 -13.59
CA ASP A 487 -19.42 -9.50 -13.72
C ASP A 487 -19.79 -9.00 -15.11
N THR A 488 -21.04 -9.32 -15.61
CA THR A 488 -21.56 -8.80 -16.91
C THR A 488 -21.68 -7.27 -16.70
N GLU A 489 -21.77 -6.49 -17.81
CA GLU A 489 -21.96 -5.05 -17.72
C GLU A 489 -23.26 -4.57 -16.99
N THR A 490 -23.18 -3.47 -16.20
CA THR A 490 -24.42 -3.08 -15.46
C THR A 490 -24.50 -1.51 -15.67
N LYS A 554 -19.39 -15.65 -22.92
CA LYS A 554 -18.82 -14.36 -23.35
C LYS A 554 -17.39 -14.44 -23.04
N SER A 555 -16.71 -13.37 -23.51
CA SER A 555 -15.30 -13.13 -23.40
C SER A 555 -14.95 -12.31 -22.16
N ALA A 556 -13.69 -12.31 -21.75
CA ALA A 556 -13.11 -11.79 -20.54
C ALA A 556 -13.36 -10.33 -20.60
N ILE A 557 -13.23 -9.65 -21.81
CA ILE A 557 -13.42 -8.21 -21.96
C ILE A 557 -14.83 -7.75 -21.58
N TYR A 558 -15.92 -8.52 -21.88
CA TYR A 558 -17.30 -8.24 -21.56
C TYR A 558 -17.35 -8.19 -20.05
N HIS A 559 -16.64 -9.15 -19.28
CA HIS A 559 -16.70 -9.23 -17.82
C HIS A 559 -15.99 -8.10 -17.23
N LEU A 560 -15.11 -7.40 -17.88
CA LEU A 560 -14.39 -6.27 -17.35
C LEU A 560 -15.30 -5.10 -16.92
N LYS A 561 -15.18 -4.66 -15.63
CA LYS A 561 -15.97 -3.55 -15.17
C LYS A 561 -15.08 -3.00 -14.12
N PHE A 562 -15.40 -1.76 -13.64
CA PHE A 562 -14.57 -1.01 -12.72
C PHE A 562 -15.48 -0.64 -11.55
N ASP A 563 -14.96 -0.63 -10.31
CA ASP A 563 -15.80 -0.21 -9.25
C ASP A 563 -14.93 0.80 -8.56
N ILE A 564 -15.55 1.95 -8.25
CA ILE A 564 -14.83 3.09 -7.65
C ILE A 564 -15.44 3.10 -6.28
N ASN A 565 -14.61 3.20 -5.14
CA ASN A 565 -15.15 3.30 -3.81
C ASN A 565 -15.24 4.74 -3.36
N ILE A 566 -15.64 4.94 -2.02
CA ILE A 566 -16.05 6.24 -1.62
C ILE A 566 -14.93 7.36 -1.46
N PRO A 567 -14.80 8.52 -2.09
CA PRO A 567 -13.74 9.48 -1.75
C PRO A 567 -13.66 10.01 -0.40
N TYR A 568 -12.47 10.32 0.07
CA TYR A 568 -12.18 10.88 1.37
C TYR A 568 -11.68 12.30 1.15
N PRO A 569 -11.93 13.23 2.01
CA PRO A 569 -12.79 13.20 3.22
C PRO A 569 -14.03 14.03 2.83
N LEU A 570 -15.03 13.31 2.19
CA LEU A 570 -16.05 13.95 1.25
C LEU A 570 -17.27 13.03 1.22
N ASN A 571 -17.37 12.00 2.15
CA ASN A 571 -18.38 10.99 2.19
C ASN A 571 -19.84 11.47 2.20
N ILE A 572 -20.13 12.68 2.80
CA ILE A 572 -21.52 13.10 3.06
C ILE A 572 -22.42 13.20 1.80
N ILE A 573 -21.86 13.75 0.66
CA ILE A 573 -22.68 13.74 -0.53
C ILE A 573 -22.52 12.53 -1.36
N ILE A 574 -21.38 11.82 -1.28
CA ILE A 574 -21.20 10.70 -2.16
C ILE A 574 -21.98 9.56 -1.69
N SER A 575 -22.79 9.01 -2.53
CA SER A 575 -23.56 7.90 -2.48
C SER A 575 -23.06 7.04 -3.58
N ARG A 576 -23.52 5.75 -3.62
CA ARG A 576 -23.16 4.70 -4.58
C ARG A 576 -23.56 4.96 -5.95
N THR A 577 -24.73 5.57 -6.21
CA THR A 577 -25.44 5.80 -7.45
C THR A 577 -24.48 6.68 -8.21
N CYS A 578 -23.85 7.62 -7.55
CA CYS A 578 -22.84 8.59 -8.08
C CYS A 578 -21.66 7.92 -8.62
N MET A 579 -21.17 6.89 -7.88
CA MET A 579 -20.07 6.11 -8.36
C MET A 579 -20.44 5.34 -9.58
N ILE A 580 -21.74 4.81 -9.68
CA ILE A 580 -22.21 3.93 -10.78
C ILE A 580 -22.16 4.73 -12.02
N LYS A 581 -22.47 6.07 -11.96
CA LYS A 581 -22.38 6.86 -13.21
C LYS A 581 -20.96 6.93 -13.80
N TYR A 582 -20.04 7.32 -12.94
CA TYR A 582 -18.65 7.54 -13.38
C TYR A 582 -18.02 6.18 -13.98
N GLN A 583 -18.35 5.06 -13.31
CA GLN A 583 -17.92 3.69 -13.64
C GLN A 583 -18.38 3.37 -15.03
N ILE A 584 -19.70 3.76 -15.43
CA ILE A 584 -20.23 3.49 -16.80
C ILE A 584 -19.44 4.16 -17.83
N ILE A 585 -19.11 5.44 -17.60
CA ILE A 585 -18.31 6.10 -18.58
C ILE A 585 -16.97 5.51 -18.76
N LEU A 586 -16.32 5.09 -17.63
CA LEU A 586 -14.94 4.65 -17.51
C LEU A 586 -14.74 3.44 -18.45
N ARG A 587 -15.73 2.58 -18.39
CA ARG A 587 -15.75 1.35 -19.18
C ARG A 587 -15.85 1.57 -20.67
N TYR A 588 -16.67 2.56 -21.08
CA TYR A 588 -16.92 2.91 -22.46
C TYR A 588 -15.67 3.49 -23.13
N GLN A 589 -14.96 4.37 -22.42
CA GLN A 589 -13.75 4.95 -22.87
C GLN A 589 -12.68 3.91 -23.08
N LEU A 590 -12.59 2.90 -22.15
CA LEU A 590 -11.71 1.80 -22.09
C LEU A 590 -11.90 0.91 -23.25
N VAL A 591 -13.18 0.64 -23.69
CA VAL A 591 -13.42 -0.11 -24.94
C VAL A 591 -13.00 0.44 -26.19
N LEU A 592 -13.20 1.77 -26.39
CA LEU A 592 -12.79 2.42 -27.62
C LEU A 592 -11.30 2.42 -27.71
N GLN A 593 -10.51 2.77 -26.59
CA GLN A 593 -9.08 2.82 -26.52
C GLN A 593 -8.45 1.60 -26.67
N TYR A 594 -9.03 0.49 -26.13
CA TYR A 594 -8.54 -0.84 -26.28
C TYR A 594 -8.58 -1.32 -27.79
N HIS A 595 -9.72 -1.04 -28.50
CA HIS A 595 -9.97 -1.48 -29.83
C HIS A 595 -8.98 -0.78 -30.75
N SER A 596 -8.69 0.50 -30.50
CA SER A 596 -7.81 1.32 -31.27
C SER A 596 -6.40 0.82 -31.31
N ARG A 597 -5.94 0.33 -30.12
CA ARG A 597 -4.63 -0.29 -29.96
C ARG A 597 -4.50 -1.54 -30.77
N LEU A 598 -5.66 -2.32 -30.75
CA LEU A 598 -5.70 -3.51 -31.57
C LEU A 598 -5.64 -3.17 -33.06
N LEU A 599 -6.32 -2.06 -33.52
CA LEU A 599 -6.43 -1.68 -34.95
C LEU A 599 -4.99 -1.39 -35.39
N ASP A 600 -4.26 -0.63 -34.55
CA ASP A 600 -2.95 -0.11 -34.94
C ASP A 600 -1.91 -1.19 -35.27
N GLU A 601 -1.89 -2.28 -34.50
CA GLU A 601 -1.03 -3.43 -34.77
C GLU A 601 -1.32 -4.19 -36.07
N THR A 602 -2.61 -4.35 -36.37
CA THR A 602 -3.06 -5.17 -37.53
C THR A 602 -2.55 -4.51 -38.81
N TRP A 603 -2.65 -3.10 -38.83
CA TRP A 603 -2.33 -2.28 -40.01
C TRP A 603 -0.86 -2.38 -40.33
N MET A 604 0.01 -2.38 -39.31
CA MET A 604 1.44 -2.39 -39.36
C MET A 604 1.82 -3.70 -40.01
N ASP A 605 1.08 -4.77 -39.61
CA ASP A 605 1.20 -6.12 -40.12
C ASP A 605 0.88 -6.22 -41.60
N LEU A 606 -0.10 -5.48 -42.18
CA LEU A 606 -0.46 -5.58 -43.54
C LEU A 606 0.63 -5.14 -44.45
N ASN A 607 1.43 -4.15 -43.92
CA ASN A 607 2.53 -3.46 -44.58
C ASN A 607 3.68 -4.35 -44.88
N LYS A 608 3.84 -5.45 -44.18
CA LYS A 608 4.96 -6.38 -44.29
C LYS A 608 4.66 -7.33 -45.42
N THR A 609 4.42 -8.66 -45.08
CA THR A 609 4.38 -9.82 -45.96
C THR A 609 3.28 -9.75 -47.02
N PRO A 610 2.06 -9.27 -46.77
CA PRO A 610 0.95 -9.14 -47.79
C PRO A 610 1.26 -8.14 -48.83
N SER A 611 1.93 -7.04 -48.52
CA SER A 611 2.31 -5.98 -49.45
C SER A 611 3.60 -6.19 -50.23
N TRP A 612 4.52 -7.13 -49.88
CA TRP A 612 5.70 -7.38 -50.57
C TRP A 612 5.28 -8.26 -51.73
N LYS A 613 4.37 -9.21 -51.40
CA LYS A 613 3.76 -10.08 -52.46
C LYS A 613 4.61 -11.23 -52.81
N TYR A 614 3.98 -12.42 -52.61
CA TYR A 614 4.58 -13.74 -52.68
C TYR A 614 3.57 -14.51 -53.54
N ARG A 623 -3.14 -10.95 -53.39
CA ARG A 623 -2.82 -10.23 -54.63
C ARG A 623 -3.80 -9.07 -54.71
N ARG A 624 -5.01 -9.37 -55.27
CA ARG A 624 -6.13 -8.43 -55.29
C ARG A 624 -6.72 -8.13 -53.93
N ILE A 625 -6.83 -9.15 -53.07
CA ILE A 625 -7.42 -9.07 -51.77
C ILE A 625 -6.70 -8.10 -50.83
N VAL A 626 -5.28 -8.02 -50.98
CA VAL A 626 -4.52 -7.10 -50.20
C VAL A 626 -4.88 -5.70 -50.40
N ARG A 627 -5.09 -5.19 -51.65
CA ARG A 627 -5.50 -3.78 -51.94
C ARG A 627 -6.85 -3.45 -51.38
N ALA A 628 -7.77 -4.44 -51.43
CA ALA A 628 -9.13 -4.29 -50.94
C ALA A 628 -9.06 -4.05 -49.45
N THR A 629 -8.21 -4.87 -48.75
CA THR A 629 -8.08 -4.85 -47.30
C THR A 629 -7.63 -3.45 -46.88
N ARG A 630 -6.65 -2.89 -47.67
CA ARG A 630 -6.09 -1.62 -47.42
C ARG A 630 -7.01 -0.42 -47.46
N VAL A 631 -7.94 -0.33 -48.48
CA VAL A 631 -8.97 0.74 -48.62
C VAL A 631 -10.03 0.65 -47.53
N LEU A 632 -10.48 -0.63 -47.33
CA LEU A 632 -11.62 -1.03 -46.49
C LEU A 632 -11.27 -0.68 -45.01
N HIS A 633 -9.96 -0.94 -44.61
CA HIS A 633 -9.40 -0.70 -43.27
C HIS A 633 -9.51 0.79 -43.00
N ALA A 634 -9.20 1.72 -43.97
CA ALA A 634 -9.18 3.17 -43.85
C ALA A 634 -10.60 3.73 -43.57
N LYS A 635 -11.68 3.27 -44.23
CA LYS A 635 -13.07 3.69 -43.90
C LYS A 635 -13.43 3.22 -42.51
N MET A 636 -13.07 1.91 -42.12
CA MET A 636 -13.48 1.31 -40.87
C MET A 636 -12.83 2.12 -39.69
N ASN A 637 -11.61 2.55 -39.91
CA ASN A 637 -10.81 3.32 -39.02
C ASN A 637 -11.43 4.71 -38.80
N HIS A 638 -12.05 5.27 -39.88
CA HIS A 638 -12.76 6.46 -39.81
C HIS A 638 -13.91 6.27 -38.90
N PHE A 639 -14.73 5.13 -39.01
CA PHE A 639 -15.97 5.07 -38.20
C PHE A 639 -15.74 5.10 -36.75
N ILE A 640 -14.71 4.21 -36.36
CA ILE A 640 -14.42 4.14 -34.97
C ILE A 640 -13.89 5.46 -34.36
N LYS A 641 -13.02 6.21 -35.09
CA LYS A 641 -12.38 7.46 -34.70
C LYS A 641 -13.39 8.53 -34.56
N THR A 642 -14.40 8.57 -35.47
CA THR A 642 -15.44 9.60 -35.44
C THR A 642 -16.33 9.35 -34.22
N ILE A 643 -16.64 8.08 -33.89
CA ILE A 643 -17.45 7.78 -32.64
C ILE A 643 -16.77 8.24 -31.39
N MET A 644 -15.41 7.94 -31.34
CA MET A 644 -14.49 8.18 -30.25
C MET A 644 -14.42 9.68 -30.00
N GLU A 645 -14.41 10.44 -31.11
CA GLU A 645 -14.23 11.92 -31.18
C GLU A 645 -15.32 12.57 -30.46
N TYR A 646 -16.53 12.09 -30.75
CA TYR A 646 -17.78 12.57 -30.18
C TYR A 646 -17.85 12.28 -28.72
N PHE A 647 -17.39 11.03 -28.35
CA PHE A 647 -17.36 10.50 -27.01
C PHE A 647 -16.52 11.40 -26.09
N ASN A 648 -15.32 11.79 -26.62
CA ASN A 648 -14.29 12.50 -25.97
C ASN A 648 -14.81 13.94 -25.66
N GLN A 649 -15.37 14.61 -26.71
CA GLN A 649 -15.75 16.09 -26.74
C GLN A 649 -16.99 16.40 -25.93
N ASN A 650 -18.11 15.64 -26.12
CA ASN A 650 -19.41 15.90 -25.49
C ASN A 650 -19.39 15.46 -24.02
N VAL A 651 -18.48 14.56 -23.64
CA VAL A 651 -18.53 14.00 -22.28
C VAL A 651 -17.34 14.58 -21.62
N ILE A 652 -16.10 14.02 -21.79
CA ILE A 652 -14.98 14.24 -20.90
C ILE A 652 -14.64 15.71 -20.85
N ASP A 653 -14.45 16.28 -22.05
CA ASP A 653 -13.77 17.60 -22.27
C ASP A 653 -14.55 18.68 -21.58
N LYS A 654 -15.88 18.66 -21.74
CA LYS A 654 -16.81 19.64 -21.11
C LYS A 654 -16.71 19.49 -19.57
N GLU A 655 -16.68 18.18 -19.03
CA GLU A 655 -16.61 18.04 -17.58
C GLU A 655 -15.27 18.60 -17.08
N VAL A 656 -14.00 18.38 -17.68
CA VAL A 656 -12.76 18.79 -17.17
C VAL A 656 -12.78 20.25 -17.14
N TYR A 657 -13.37 20.97 -18.07
CA TYR A 657 -13.51 22.41 -18.02
C TYR A 657 -14.26 22.92 -16.80
N SER A 658 -15.39 22.29 -16.47
CA SER A 658 -16.29 22.61 -15.34
C SER A 658 -15.59 22.37 -13.95
N LEU A 659 -14.85 21.31 -13.76
CA LEU A 659 -14.16 21.03 -12.52
C LEU A 659 -13.13 22.08 -12.10
N GLU A 660 -12.34 22.47 -13.15
CA GLU A 660 -11.31 23.50 -13.15
C GLU A 660 -11.95 24.82 -12.87
N LYS A 661 -13.06 25.12 -13.51
CA LYS A 661 -13.83 26.37 -13.33
C LYS A 661 -14.43 26.64 -11.96
N CYS A 662 -15.07 25.59 -11.49
CA CYS A 662 -15.82 25.63 -10.27
C CYS A 662 -14.81 25.90 -9.16
N TYR A 663 -13.63 25.23 -9.27
CA TYR A 663 -12.58 25.32 -8.36
C TYR A 663 -11.98 26.66 -8.29
N ARG A 664 -11.73 27.35 -9.44
CA ARG A 664 -11.14 28.75 -9.45
C ARG A 664 -11.91 29.84 -8.90
N ASN A 665 -13.24 29.90 -9.31
CA ASN A 665 -14.03 31.09 -8.96
C ASN A 665 -14.34 31.23 -7.42
N PRO A 666 -14.90 30.22 -6.72
CA PRO A 666 -14.92 30.15 -5.28
C PRO A 666 -13.77 29.24 -5.02
N THR A 667 -13.82 28.28 -4.05
CA THR A 667 -12.74 27.35 -3.75
C THR A 667 -13.35 26.41 -2.74
N LEU A 668 -14.63 26.72 -2.39
CA LEU A 668 -15.37 26.09 -1.30
C LEU A 668 -15.48 24.58 -1.46
N ALA A 669 -16.02 23.97 -0.31
CA ALA A 669 -16.65 22.71 -0.23
C ALA A 669 -17.94 22.55 -1.05
N VAL A 670 -18.79 23.64 -1.08
CA VAL A 670 -20.04 23.77 -1.80
C VAL A 670 -19.81 23.57 -3.30
N ALA A 671 -18.64 24.13 -3.79
CA ALA A 671 -18.22 24.00 -5.16
C ALA A 671 -17.95 22.57 -5.65
N ILE A 672 -17.38 21.65 -4.84
CA ILE A 672 -17.13 20.28 -5.08
C ILE A 672 -18.42 19.50 -5.28
N GLN A 673 -19.48 19.70 -4.39
CA GLN A 673 -20.84 19.08 -4.39
C GLN A 673 -21.49 19.45 -5.60
N ASN A 674 -21.27 20.74 -6.06
CA ASN A 674 -21.80 21.36 -7.20
C ASN A 674 -21.33 20.64 -8.39
N GLU A 675 -20.00 20.32 -8.40
CA GLU A 675 -19.35 19.67 -9.58
C GLU A 675 -19.86 18.32 -9.79
N LEU A 676 -20.03 17.52 -8.66
CA LEU A 676 -20.44 16.19 -8.59
C LEU A 676 -21.89 16.05 -9.10
N GLU A 677 -22.84 16.97 -8.78
CA GLU A 677 -24.18 16.94 -9.32
C GLU A 677 -24.24 17.18 -10.79
N GLY A 678 -23.41 18.14 -11.24
CA GLY A 678 -23.41 18.53 -12.66
C GLY A 678 -22.95 17.37 -13.50
N GLY A 679 -21.92 16.66 -13.02
CA GLY A 679 -21.36 15.55 -13.67
C GLY A 679 -22.38 14.44 -13.85
N LEU A 680 -23.21 14.13 -12.84
CA LEU A 680 -24.11 13.05 -12.92
C LEU A 680 -25.14 13.30 -13.95
N THR A 681 -25.63 14.60 -14.05
CA THR A 681 -26.71 14.89 -14.95
C THR A 681 -26.30 14.64 -16.43
N ASN A 682 -25.06 15.02 -16.82
CA ASN A 682 -24.48 14.80 -18.14
C ASN A 682 -24.35 13.33 -18.49
N ILE A 683 -23.89 12.50 -17.51
CA ILE A 683 -23.60 11.05 -17.70
C ILE A 683 -24.85 10.31 -18.02
N MET A 684 -25.91 10.81 -17.32
CA MET A 684 -27.24 10.31 -17.44
C MET A 684 -27.89 10.47 -18.80
N THR A 685 -27.73 11.66 -19.45
CA THR A 685 -28.19 11.96 -20.79
C THR A 685 -27.52 11.11 -21.80
N ASN A 686 -26.14 11.03 -21.57
CA ASN A 686 -25.27 10.30 -22.48
C ASN A 686 -25.64 8.84 -22.43
N ARG A 687 -26.05 8.27 -21.27
CA ARG A 687 -26.40 6.86 -21.01
C ARG A 687 -27.51 6.33 -21.91
N CYS A 688 -28.61 7.07 -22.03
CA CYS A 688 -29.77 6.78 -22.80
C CYS A 688 -29.29 6.89 -24.29
N LEU A 689 -28.51 7.96 -24.61
CA LEU A 689 -28.05 8.49 -25.93
C LEU A 689 -27.11 7.45 -26.59
N SER A 690 -26.22 6.76 -25.85
CA SER A 690 -25.08 5.96 -26.38
C SER A 690 -25.10 4.65 -25.66
N ASP A 691 -24.98 3.57 -26.45
CA ASP A 691 -24.98 2.21 -25.88
C ASP A 691 -24.23 1.45 -26.88
N LEU A 692 -23.02 1.97 -27.12
CA LEU A 692 -22.09 1.52 -28.17
C LEU A 692 -21.47 0.08 -28.13
N ILE A 693 -21.09 -0.36 -26.91
CA ILE A 693 -20.17 -1.46 -26.59
C ILE A 693 -20.56 -2.83 -27.10
N PRO A 694 -21.78 -3.45 -27.20
CA PRO A 694 -21.93 -4.84 -27.71
C PRO A 694 -21.48 -5.00 -29.16
N LEU A 695 -21.80 -3.89 -29.92
CA LEU A 695 -21.58 -3.68 -31.35
C LEU A 695 -20.16 -3.62 -31.54
N GLN A 696 -19.40 -2.84 -30.72
CA GLN A 696 -17.98 -2.58 -30.94
C GLN A 696 -17.21 -3.89 -30.86
N LEU A 697 -17.64 -4.80 -29.91
CA LEU A 697 -17.02 -6.04 -29.62
C LEU A 697 -17.13 -6.92 -30.83
N GLN A 698 -18.21 -6.84 -31.60
CA GLN A 698 -18.29 -7.59 -32.81
C GLN A 698 -17.22 -7.32 -33.90
N ILE A 699 -17.03 -5.98 -34.13
CA ILE A 699 -15.94 -5.51 -35.07
C ILE A 699 -14.58 -5.92 -34.57
N PHE A 700 -14.36 -5.79 -33.18
CA PHE A 700 -13.09 -6.07 -32.49
C PHE A 700 -12.68 -7.51 -32.72
N ASP A 701 -13.62 -8.44 -32.70
CA ASP A 701 -13.35 -9.87 -32.99
C ASP A 701 -12.81 -10.14 -34.39
N ILE A 702 -13.40 -9.44 -35.39
CA ILE A 702 -13.01 -9.56 -36.71
C ILE A 702 -11.58 -9.04 -36.98
N VAL A 703 -11.16 -7.94 -36.40
CA VAL A 703 -9.88 -7.29 -36.51
C VAL A 703 -8.81 -8.30 -35.99
N TYR A 704 -9.21 -9.00 -34.87
CA TYR A 704 -8.33 -10.05 -34.30
C TYR A 704 -8.10 -11.14 -35.32
N LYS A 705 -9.13 -11.60 -36.05
CA LYS A 705 -9.01 -12.62 -37.07
C LYS A 705 -8.14 -12.19 -38.21
N PHE A 706 -8.20 -10.89 -38.70
CA PHE A 706 -7.29 -10.30 -39.75
C PHE A 706 -5.88 -10.27 -39.21
N CYS A 707 -5.55 -9.82 -37.96
CA CYS A 707 -4.25 -9.71 -37.35
C CYS A 707 -3.55 -11.06 -37.29
N LYS A 708 -4.29 -12.15 -36.92
CA LYS A 708 -3.79 -13.46 -36.97
C LYS A 708 -3.51 -13.87 -38.44
N PHE A 709 -4.43 -13.48 -39.40
CA PHE A 709 -4.29 -14.01 -40.77
C PHE A 709 -3.00 -13.57 -41.39
N ILE A 710 -2.72 -12.27 -41.27
CA ILE A 710 -1.47 -11.70 -41.67
C ILE A 710 -0.20 -12.26 -40.88
N LYS A 711 -0.31 -12.56 -39.55
CA LYS A 711 0.80 -13.07 -38.77
C LYS A 711 1.36 -14.41 -39.28
N SER A 712 0.45 -15.18 -39.93
CA SER A 712 0.68 -16.50 -40.51
C SER A 712 1.79 -16.50 -41.55
N MET A 713 1.88 -15.33 -42.27
CA MET A 713 2.91 -14.97 -43.24
C MET A 713 2.69 -15.54 -44.62
N ARG A 714 3.05 -14.66 -45.63
CA ARG A 714 2.91 -14.84 -47.05
C ARG A 714 4.28 -15.26 -47.55
N GLU A 754 4.38 -20.58 -52.43
CA GLU A 754 3.92 -21.58 -51.45
C GLU A 754 2.44 -21.71 -51.46
N ASP A 755 2.04 -22.88 -50.93
CA ASP A 755 0.70 -23.37 -50.72
C ASP A 755 -0.04 -22.50 -49.70
N ALA A 756 0.58 -22.09 -48.55
CA ALA A 756 -0.05 -21.38 -47.46
C ALA A 756 -0.66 -20.00 -47.89
N ALA A 757 0.04 -19.22 -48.77
CA ALA A 757 -0.29 -17.91 -49.30
C ALA A 757 -1.62 -18.04 -50.07
N LEU A 758 -1.82 -19.13 -50.91
CA LEU A 758 -3.06 -19.31 -51.67
C LEU A 758 -4.30 -19.56 -50.80
N GLU A 759 -4.13 -20.30 -49.71
CA GLU A 759 -5.07 -20.65 -48.68
C GLU A 759 -5.57 -19.44 -47.97
N LEU A 760 -4.55 -18.66 -47.57
CA LEU A 760 -4.71 -17.44 -46.84
C LEU A 760 -5.46 -16.42 -47.63
N ILE A 761 -5.20 -16.25 -48.94
CA ILE A 761 -5.96 -15.34 -49.78
C ILE A 761 -7.46 -15.67 -49.89
N GLN A 762 -7.72 -16.97 -49.95
CA GLN A 762 -9.15 -17.42 -49.98
C GLN A 762 -9.95 -17.11 -48.64
N LYS A 763 -9.30 -17.33 -47.52
CA LYS A 763 -9.90 -17.13 -46.21
C LYS A 763 -10.26 -15.68 -46.06
N LEU A 764 -9.28 -14.88 -46.50
CA LEU A 764 -9.25 -13.44 -46.52
C LEU A 764 -10.43 -13.04 -47.46
N ILE A 765 -10.68 -13.67 -48.64
CA ILE A 765 -11.81 -13.15 -49.40
C ILE A 765 -13.12 -13.30 -48.67
N GLU A 766 -13.26 -14.46 -47.97
CA GLU A 766 -14.53 -14.67 -47.27
C GLU A 766 -14.75 -13.67 -46.10
N TYR A 767 -13.67 -13.36 -45.34
CA TYR A 767 -13.68 -12.47 -44.25
C TYR A 767 -14.00 -11.03 -44.64
N ILE A 768 -13.37 -10.63 -45.69
CA ILE A 768 -13.43 -9.34 -46.19
C ILE A 768 -14.83 -8.90 -46.67
N SER A 769 -15.57 -9.78 -47.39
CA SER A 769 -16.93 -9.49 -47.79
C SER A 769 -17.83 -9.39 -46.62
N ASN A 770 -17.60 -10.30 -45.65
CA ASN A 770 -18.45 -10.30 -44.41
C ASN A 770 -18.35 -9.09 -43.54
N ALA A 771 -17.09 -8.72 -43.28
CA ALA A 771 -16.60 -7.59 -42.55
C ALA A 771 -17.07 -6.25 -43.20
N SER A 772 -17.10 -6.12 -44.59
CA SER A 772 -17.63 -4.86 -45.21
C SER A 772 -19.08 -4.76 -44.83
N SER A 773 -19.81 -5.92 -44.77
CA SER A 773 -21.27 -5.75 -44.57
C SER A 773 -21.60 -5.16 -43.24
N ILE A 774 -20.91 -5.59 -42.14
CA ILE A 774 -21.09 -5.05 -40.81
C ILE A 774 -20.71 -3.65 -40.85
N PHE A 775 -19.59 -3.26 -41.58
CA PHE A 775 -18.97 -1.98 -41.64
C PHE A 775 -19.86 -0.96 -42.15
N ARG A 776 -20.57 -1.36 -43.20
CA ARG A 776 -21.51 -0.53 -43.97
C ARG A 776 -22.61 -0.15 -42.95
N LYS A 777 -23.15 -1.02 -42.03
CA LYS A 777 -24.15 -0.70 -41.06
C LYS A 777 -23.68 0.32 -40.09
N CYS A 778 -22.41 0.16 -39.70
CA CYS A 778 -21.73 0.95 -38.76
C CYS A 778 -21.54 2.39 -39.26
N LEU A 779 -21.47 2.65 -40.58
CA LEU A 779 -21.27 3.95 -41.14
C LEU A 779 -22.31 4.90 -40.79
N ILE A 780 -23.60 4.49 -40.75
CA ILE A 780 -24.86 5.16 -40.41
C ILE A 780 -24.82 5.66 -38.98
N ASN A 781 -24.31 4.81 -38.06
CA ASN A 781 -24.24 5.01 -36.62
C ASN A 781 -23.50 6.21 -36.03
N PHE A 782 -22.33 6.69 -36.60
CA PHE A 782 -21.67 7.85 -36.10
C PHE A 782 -22.59 9.05 -36.22
N THR A 783 -23.28 9.14 -37.46
CA THR A 783 -24.01 10.30 -37.98
C THR A 783 -25.17 10.39 -37.02
N GLN A 784 -25.89 9.32 -36.69
CA GLN A 784 -27.09 9.33 -35.83
C GLN A 784 -26.70 9.50 -34.47
N GLU A 785 -25.46 9.05 -34.05
CA GLU A 785 -25.14 9.01 -32.65
C GLU A 785 -26.06 7.97 -31.88
N LEU A 786 -25.86 6.71 -32.40
CA LEU A 786 -26.50 5.54 -32.00
C LEU A 786 -27.65 5.28 -32.91
N SER A 787 -27.42 4.38 -33.90
CA SER A 787 -28.49 4.05 -34.76
C SER A 787 -29.16 2.83 -34.16
N THR A 788 -30.42 2.66 -34.62
CA THR A 788 -31.33 1.56 -34.19
C THR A 788 -30.86 0.25 -34.74
N GLU A 789 -30.37 0.29 -35.97
CA GLU A 789 -30.07 -0.82 -36.90
C GLU A 789 -29.07 -1.74 -36.35
N LYS A 790 -27.92 -1.17 -35.79
CA LYS A 790 -26.88 -1.95 -35.23
C LYS A 790 -27.38 -2.57 -33.91
N PHE A 791 -28.31 -1.95 -33.17
CA PHE A 791 -28.90 -2.47 -31.99
C PHE A 791 -29.59 -3.79 -32.24
N ASP A 792 -30.39 -3.79 -33.31
CA ASP A 792 -31.20 -4.87 -33.70
C ASP A 792 -30.28 -5.99 -34.19
N PHE A 793 -29.21 -5.69 -34.93
CA PHE A 793 -28.22 -6.59 -35.49
C PHE A 793 -27.56 -7.34 -34.38
N TYR A 794 -27.08 -6.70 -33.29
CA TYR A 794 -26.53 -7.52 -32.22
C TYR A 794 -27.48 -8.43 -31.50
N ASP A 795 -28.70 -7.88 -31.37
CA ASP A 795 -29.79 -8.72 -30.87
C ASP A 795 -30.02 -10.03 -31.67
N SER A 796 -30.03 -9.95 -32.99
CA SER A 796 -30.17 -11.04 -33.96
C SER A 796 -29.02 -11.99 -34.06
N SER A 797 -27.75 -11.59 -33.79
CA SER A 797 -26.58 -12.41 -33.69
C SER A 797 -26.83 -13.46 -32.66
N SER A 798 -27.33 -13.10 -31.42
CA SER A 798 -27.64 -14.18 -30.41
C SER A 798 -28.84 -15.21 -30.77
N VAL A 799 -29.83 -14.76 -31.51
CA VAL A 799 -30.96 -15.57 -32.00
C VAL A 799 -30.48 -16.67 -32.86
N ASP A 800 -29.59 -16.31 -33.83
CA ASP A 800 -29.10 -17.10 -34.89
C ASP A 800 -28.01 -18.00 -34.32
N PRO B 180 -47.58 32.43 70.20
CA PRO B 180 -46.86 31.16 70.62
C PRO B 180 -46.26 31.32 71.97
N GLU B 181 -46.07 30.19 72.63
CA GLU B 181 -45.34 30.19 73.85
C GLU B 181 -43.87 30.04 73.51
N GLU B 182 -43.09 30.36 74.48
CA GLU B 182 -41.64 30.28 74.63
C GLU B 182 -41.10 28.91 74.42
N ASP B 183 -41.80 27.90 75.01
CA ASP B 183 -41.49 26.46 74.86
C ASP B 183 -41.71 25.94 73.46
N ILE B 184 -42.75 26.37 72.73
CA ILE B 184 -42.98 25.94 71.32
C ILE B 184 -41.91 26.50 70.35
N LEU B 185 -41.46 27.77 70.60
CA LEU B 185 -40.37 28.35 69.91
C LEU B 185 -39.04 27.68 70.10
N LYS B 186 -38.79 27.20 71.34
CA LYS B 186 -37.64 26.47 71.68
C LYS B 186 -37.53 25.18 70.94
N TYR B 187 -38.64 24.42 70.86
CA TYR B 187 -38.74 23.13 70.17
C TYR B 187 -38.53 23.29 68.69
N VAL B 188 -39.13 24.36 68.09
CA VAL B 188 -39.06 24.70 66.68
C VAL B 188 -37.61 24.97 66.36
N SER B 189 -36.86 25.68 67.27
CA SER B 189 -35.49 25.90 67.12
C SER B 189 -34.65 24.62 67.14
N TYR B 190 -35.04 23.67 68.05
CA TYR B 190 -34.40 22.39 68.14
C TYR B 190 -34.53 21.49 66.88
N THR B 191 -35.78 21.44 66.33
CA THR B 191 -36.14 20.62 65.21
C THR B 191 -35.44 21.03 63.98
N LEU B 192 -35.34 22.40 63.70
CA LEU B 192 -34.69 22.87 62.56
C LEU B 192 -33.22 22.63 62.54
N LEU B 193 -32.55 22.59 63.75
CA LEU B 193 -31.19 22.25 63.94
C LEU B 193 -30.85 20.81 63.61
N ALA B 194 -31.73 19.82 63.98
CA ALA B 194 -31.55 18.40 63.85
C ALA B 194 -31.20 17.86 65.23
N THR B 195 -31.94 18.41 66.23
CA THR B 195 -31.87 17.89 67.58
C THR B 195 -33.23 17.35 67.91
N THR B 196 -33.28 16.17 68.58
CA THR B 196 -34.51 15.47 68.94
C THR B 196 -35.26 16.32 69.91
N SER B 197 -36.59 16.52 69.68
CA SER B 197 -37.48 17.18 70.61
C SER B 197 -38.28 16.12 71.30
N ALA B 198 -38.88 16.32 72.50
CA ALA B 198 -39.62 15.27 73.22
C ALA B 198 -41.05 15.51 72.92
N LEU B 199 -41.53 16.78 72.62
CA LEU B 199 -42.95 17.21 72.59
C LEU B 199 -43.42 16.88 71.24
N PHE B 200 -42.53 16.92 70.27
CA PHE B 200 -42.80 16.58 68.93
C PHE B 200 -41.94 15.46 68.46
N PRO B 201 -42.43 14.28 67.96
CA PRO B 201 -41.66 13.16 67.42
C PRO B 201 -40.60 13.49 66.41
N PHE B 202 -39.32 13.25 66.69
CA PHE B 202 -38.23 13.78 65.80
C PHE B 202 -37.05 12.93 66.19
N ASP B 203 -37.22 11.57 66.08
CA ASP B 203 -36.17 10.62 66.11
C ASP B 203 -35.97 10.10 64.71
N HIS B 204 -36.27 10.97 63.69
CA HIS B 204 -36.31 10.89 62.28
C HIS B 204 -37.62 10.36 61.90
N GLU B 205 -38.57 10.52 62.87
CA GLU B 205 -39.97 10.05 62.80
C GLU B 205 -40.81 11.25 62.43
N GLN B 206 -42.05 11.00 62.06
CA GLN B 206 -43.03 11.96 61.52
C GLN B 206 -43.89 12.44 62.70
N ILE B 207 -44.01 13.79 62.81
CA ILE B 207 -44.72 14.45 63.91
C ILE B 207 -46.21 14.11 64.00
N GLN B 208 -46.69 14.13 65.25
CA GLN B 208 -48.08 13.90 65.62
C GLN B 208 -48.39 15.17 66.36
N ILE B 209 -49.21 16.07 65.75
CA ILE B 209 -49.51 17.42 66.19
C ILE B 209 -50.68 17.42 67.17
N PRO B 210 -50.76 18.30 68.24
CA PRO B 210 -51.92 18.25 69.14
C PRO B 210 -53.16 18.78 68.43
N SER B 211 -54.36 18.23 68.60
CA SER B 211 -55.58 18.72 67.95
C SER B 211 -56.29 19.74 68.71
N LYS B 212 -55.56 20.66 69.39
CA LYS B 212 -56.23 21.69 70.26
C LYS B 212 -55.41 22.96 70.40
N ILE B 213 -54.12 22.95 69.95
CA ILE B 213 -53.35 24.20 69.78
C ILE B 213 -53.81 24.99 68.67
N PRO B 214 -53.57 26.32 68.63
CA PRO B 214 -53.86 27.21 67.55
C PRO B 214 -53.38 26.80 66.20
N ASN B 215 -54.15 27.12 65.10
CA ASN B 215 -53.99 26.74 63.73
C ASN B 215 -52.70 27.25 63.14
N PHE B 216 -52.34 28.54 63.46
CA PHE B 216 -51.23 29.22 62.82
C PHE B 216 -49.92 28.61 63.03
N GLU B 217 -49.64 28.31 64.32
CA GLU B 217 -48.37 27.81 64.84
C GLU B 217 -48.15 26.46 64.24
N SER B 218 -49.23 25.62 64.18
CA SER B 218 -49.11 24.32 63.60
C SER B 218 -48.79 24.28 62.15
N GLY B 219 -49.40 25.23 61.34
CA GLY B 219 -49.18 25.30 59.94
C GLY B 219 -47.77 25.60 59.64
N LEU B 220 -47.18 26.61 60.37
CA LEU B 220 -45.77 26.98 60.16
C LEU B 220 -44.95 25.82 60.50
N LEU B 221 -45.28 25.09 61.66
CA LEU B 221 -44.48 23.94 62.20
C LEU B 221 -44.35 22.75 61.34
N HIS B 222 -45.40 22.43 60.56
CA HIS B 222 -45.45 21.34 59.66
C HIS B 222 -44.34 21.53 58.62
N LEU B 223 -44.31 22.74 58.02
CA LEU B 223 -43.31 23.09 57.07
C LEU B 223 -41.91 23.12 57.62
N ILE B 224 -41.76 23.64 58.87
CA ILE B 224 -40.50 23.61 59.53
C ILE B 224 -39.88 22.24 59.85
N PHE B 225 -40.83 21.31 60.21
CA PHE B 225 -40.45 19.95 60.46
C PHE B 225 -39.85 19.23 59.22
N GLU B 226 -40.39 19.54 57.97
CA GLU B 226 -39.91 19.00 56.76
C GLU B 226 -38.52 19.45 56.53
N ALA B 227 -38.14 20.76 56.74
CA ALA B 227 -36.86 21.26 56.53
C ALA B 227 -35.82 20.58 57.41
N GLY B 228 -36.22 20.39 58.68
CA GLY B 228 -35.39 19.71 59.65
C GLY B 228 -35.20 18.26 59.41
N LEU B 229 -36.24 17.53 58.88
CA LEU B 229 -36.23 16.09 58.66
C LEU B 229 -35.12 15.72 57.69
N LEU B 230 -35.09 16.51 56.59
CA LEU B 230 -34.15 16.40 55.51
C LEU B 230 -32.71 16.62 55.94
N TYR B 231 -32.49 17.64 56.76
CA TYR B 231 -31.27 18.03 57.40
C TYR B 231 -30.73 16.91 58.30
N GLN B 232 -31.61 16.25 59.04
CA GLN B 232 -31.30 15.10 59.90
C GLN B 232 -30.79 13.87 59.13
N SER B 233 -31.46 13.65 57.97
CA SER B 233 -31.26 12.53 57.09
C SER B 233 -29.86 12.63 56.53
N LEU B 234 -29.54 13.88 56.10
CA LEU B 234 -28.26 14.27 55.58
C LEU B 234 -27.13 14.10 56.48
N GLY B 235 -27.36 14.54 57.72
CA GLY B 235 -26.41 14.32 58.75
C GLY B 235 -26.03 12.89 59.08
N TYR B 236 -27.05 12.00 59.13
CA TYR B 236 -26.75 10.60 59.40
C TYR B 236 -25.93 9.89 58.36
N LYS B 237 -26.23 10.17 57.07
CA LYS B 237 -25.50 9.65 55.93
C LYS B 237 -24.07 10.17 55.96
N VAL B 238 -23.88 11.49 56.16
CA VAL B 238 -22.57 12.14 56.19
C VAL B 238 -21.66 11.57 57.35
N GLU B 239 -22.27 11.34 58.55
CA GLU B 239 -21.57 10.76 59.72
C GLU B 239 -21.05 9.38 59.49
N LYS B 240 -21.82 8.52 58.77
CA LYS B 240 -21.50 7.13 58.41
C LYS B 240 -20.32 7.16 57.52
N PHE B 241 -20.35 8.08 56.51
CA PHE B 241 -19.32 8.15 55.50
C PHE B 241 -18.00 8.68 55.98
N ARG B 242 -18.08 9.57 57.05
CA ARG B 242 -16.96 10.22 57.72
C ARG B 242 -16.12 9.14 58.42
N MET B 243 -16.75 8.17 59.16
CA MET B 243 -16.17 7.07 59.82
C MET B 243 -15.53 6.10 58.97
N LEU B 244 -16.24 5.68 57.93
CA LEU B 244 -15.80 4.59 56.99
C LEU B 244 -15.91 5.22 55.54
N ASN B 245 -14.73 5.38 54.95
CA ASN B 245 -14.44 5.88 53.70
C ASN B 245 -13.98 4.72 52.88
N ILE B 246 -14.45 4.61 51.69
CA ILE B 246 -14.28 3.51 50.77
C ILE B 246 -13.85 4.06 49.35
N SER B 247 -13.45 5.35 49.29
CA SER B 247 -12.77 5.93 48.15
C SER B 247 -12.12 7.27 48.81
N PRO B 248 -11.00 7.84 48.32
CA PRO B 248 -10.40 9.15 48.81
C PRO B 248 -11.35 10.15 48.20
N MET B 249 -12.12 9.83 47.12
CA MET B 249 -13.00 10.66 46.48
C MET B 249 -14.09 11.08 47.42
N LYS B 250 -14.55 10.04 48.23
CA LYS B 250 -15.60 10.12 49.18
C LYS B 250 -15.15 11.04 50.27
N LYS B 251 -13.83 10.90 50.79
CA LYS B 251 -13.28 11.77 51.86
C LYS B 251 -13.34 13.21 51.43
N ALA B 252 -12.97 13.48 50.15
CA ALA B 252 -12.94 14.73 49.58
C ALA B 252 -14.34 15.42 49.53
N LEU B 253 -15.44 14.61 49.28
CA LEU B 253 -16.87 14.97 49.21
C LEU B 253 -17.33 15.43 50.55
N ILE B 254 -16.95 14.62 51.55
CA ILE B 254 -17.32 14.73 52.94
C ILE B 254 -16.80 16.10 53.42
N ILE B 255 -15.55 16.53 53.00
CA ILE B 255 -15.06 17.83 53.45
C ILE B 255 -15.91 19.02 52.87
N GLU B 256 -16.26 18.95 51.60
CA GLU B 256 -17.16 19.95 51.09
C GLU B 256 -18.54 19.97 51.62
N ILE B 257 -19.15 18.77 51.77
CA ILE B 257 -20.54 18.69 52.26
C ILE B 257 -20.77 19.27 53.63
N SER B 258 -19.88 18.85 54.52
CA SER B 258 -19.84 19.21 55.92
C SER B 258 -19.68 20.76 56.08
N GLU B 259 -18.91 21.38 55.18
CA GLU B 259 -18.61 22.79 55.09
C GLU B 259 -19.86 23.55 54.74
N GLU B 260 -20.75 23.04 53.88
CA GLU B 260 -22.01 23.65 53.41
C GLU B 260 -23.06 23.75 54.49
N LEU B 261 -23.09 22.74 55.43
CA LEU B 261 -23.99 22.70 56.55
C LEU B 261 -23.68 23.70 57.68
N GLN B 262 -22.38 24.14 57.85
CA GLN B 262 -21.91 25.02 58.90
C GLN B 262 -22.64 26.39 58.92
N ASN B 263 -22.89 26.97 57.67
CA ASN B 263 -23.60 28.21 57.44
C ASN B 263 -25.00 28.07 57.90
N TYR B 264 -25.68 26.94 57.64
CA TYR B 264 -27.06 26.72 58.06
C TYR B 264 -27.16 26.80 59.59
N THR B 265 -26.21 26.06 60.28
CA THR B 265 -26.21 25.94 61.72
C THR B 265 -25.98 27.25 62.41
N ALA B 266 -25.07 28.01 61.75
CA ALA B 266 -24.65 29.37 62.25
C ALA B 266 -25.85 30.25 62.25
N PHE B 267 -26.69 30.18 61.11
CA PHE B 267 -27.87 31.08 61.01
C PHE B 267 -28.90 30.83 62.10
N VAL B 268 -29.18 29.56 62.43
CA VAL B 268 -30.10 29.25 63.46
C VAL B 268 -29.72 29.79 64.79
N ASN B 269 -28.37 29.67 65.12
CA ASN B 269 -27.84 30.22 66.36
C ASN B 269 -27.97 31.75 66.41
N ASN B 270 -27.76 32.47 65.28
CA ASN B 270 -27.86 33.93 65.24
C ASN B 270 -29.24 34.43 65.60
N LEU B 271 -30.24 33.72 65.00
CA LEU B 271 -31.59 33.94 65.35
C LEU B 271 -31.88 33.64 66.76
N VAL B 272 -31.33 32.54 67.43
CA VAL B 272 -31.46 32.26 68.82
C VAL B 272 -30.92 33.39 69.72
N SER B 273 -29.76 33.97 69.36
CA SER B 273 -29.10 35.12 70.06
C SER B 273 -29.95 36.35 70.04
N SER B 274 -30.60 36.65 68.95
CA SER B 274 -31.33 37.84 68.64
C SER B 274 -32.38 38.14 69.63
N GLY B 275 -33.31 37.16 69.70
CA GLY B 275 -34.25 36.97 70.80
C GLY B 275 -34.76 35.59 70.55
N THR B 276 -35.55 35.02 71.56
CA THR B 276 -36.11 33.71 71.60
C THR B 276 -37.65 33.93 71.56
N VAL B 277 -38.12 35.18 71.33
CA VAL B 277 -39.43 35.66 71.28
C VAL B 277 -39.75 35.99 69.81
N VAL B 278 -38.86 35.60 68.81
CA VAL B 278 -39.09 35.93 67.42
C VAL B 278 -39.68 34.67 66.76
N SER B 279 -40.94 34.82 66.25
CA SER B 279 -41.80 33.81 65.62
C SER B 279 -41.14 32.74 64.75
N LEU B 280 -41.90 31.63 64.64
CA LEU B 280 -41.70 30.49 63.81
C LEU B 280 -41.67 30.91 62.39
N LYS B 281 -42.45 31.97 62.04
CA LYS B 281 -42.63 32.63 60.76
C LYS B 281 -41.36 33.22 60.24
N SER B 282 -40.67 33.94 61.16
CA SER B 282 -39.46 34.54 60.86
C SER B 282 -38.31 33.64 60.55
N LEU B 283 -38.14 32.58 61.36
CA LEU B 283 -37.07 31.64 61.20
C LEU B 283 -37.21 30.86 59.80
N TYR B 284 -38.51 30.52 59.45
CA TYR B 284 -38.84 29.93 58.25
C TYR B 284 -38.51 30.74 57.02
N ARG B 285 -38.82 32.05 57.19
CA ARG B 285 -38.60 33.14 56.27
C ARG B 285 -37.11 33.36 56.01
N GLU B 286 -36.33 33.40 57.15
CA GLU B 286 -34.91 33.67 57.09
C GLU B 286 -34.13 32.54 56.43
N ILE B 287 -34.54 31.31 56.65
CA ILE B 287 -33.78 30.19 56.19
C ILE B 287 -34.48 29.71 54.94
N TYR B 288 -35.02 30.63 54.07
CA TYR B 288 -35.76 30.29 52.87
C TYR B 288 -34.92 29.65 51.74
N GLU B 289 -33.69 30.19 51.45
CA GLU B 289 -32.95 29.71 50.30
C GLU B 289 -32.64 28.20 50.42
N ASN B 290 -32.28 27.80 51.66
CA ASN B 290 -31.85 26.52 52.11
C ASN B 290 -32.90 25.50 51.94
N ILE B 291 -34.27 25.85 52.03
CA ILE B 291 -35.40 24.86 51.95
C ILE B 291 -35.41 24.26 50.61
N ILE B 292 -35.14 25.15 49.58
CA ILE B 292 -35.06 24.71 48.19
C ILE B 292 -33.81 23.84 47.86
N ARG B 293 -32.62 24.37 48.30
CA ARG B 293 -31.34 23.73 48.11
C ARG B 293 -31.16 22.33 48.87
N LEU B 294 -31.53 22.22 50.17
CA LEU B 294 -31.23 21.15 51.04
C LEU B 294 -31.74 19.82 50.59
N ARG B 295 -32.97 19.79 50.01
CA ARG B 295 -33.68 18.62 49.53
C ARG B 295 -32.89 17.97 48.37
N ILE B 296 -32.37 18.81 47.42
CA ILE B 296 -31.64 18.38 46.25
C ILE B 296 -30.39 17.67 46.65
N TYR B 297 -29.65 18.24 47.63
CA TYR B 297 -28.37 17.72 48.14
C TYR B 297 -28.59 16.33 48.78
N CYS B 298 -29.76 16.08 49.46
CA CYS B 298 -30.06 14.74 49.93
C CYS B 298 -30.25 13.68 48.90
N ARG B 299 -30.85 14.05 47.73
CA ARG B 299 -31.02 13.17 46.56
C ARG B 299 -29.75 12.68 45.98
N PHE B 300 -28.77 13.58 45.81
CA PHE B 300 -27.43 13.24 45.34
C PHE B 300 -26.75 12.24 46.29
N THR B 301 -26.83 12.54 47.59
CA THR B 301 -26.23 11.77 48.68
C THR B 301 -26.82 10.35 48.76
N GLU B 302 -28.17 10.22 48.51
CA GLU B 302 -28.84 8.95 48.52
C GLU B 302 -28.30 8.09 47.41
N HIS B 303 -28.10 8.66 46.18
CA HIS B 303 -27.55 7.88 45.16
C HIS B 303 -26.09 7.38 45.41
N LEU B 304 -25.30 8.26 46.16
CA LEU B 304 -23.87 7.97 46.38
C LEU B 304 -23.71 6.63 47.15
N GLU B 305 -24.72 6.16 47.97
CA GLU B 305 -24.66 4.98 48.83
C GLU B 305 -24.33 3.71 48.10
N GLU B 306 -24.98 3.44 46.94
CA GLU B 306 -24.77 2.20 46.13
C GLU B 306 -23.38 2.29 45.47
N LEU B 307 -23.00 3.50 44.93
CA LEU B 307 -21.95 3.60 43.94
C LEU B 307 -20.89 4.55 44.42
N SER B 308 -19.71 4.06 44.58
CA SER B 308 -18.52 4.75 45.18
C SER B 308 -17.31 4.18 44.51
N GLY B 309 -16.41 5.10 44.02
CA GLY B 309 -15.11 4.70 43.46
C GLY B 309 -14.86 5.51 42.25
N ASP B 310 -14.32 4.86 41.20
CA ASP B 310 -14.20 5.46 39.94
C ASP B 310 -15.56 5.79 39.37
N THR B 311 -16.64 5.06 39.82
CA THR B 311 -18.07 5.20 39.39
C THR B 311 -18.67 6.57 39.76
N PHE B 312 -18.09 7.24 40.83
CA PHE B 312 -18.47 8.50 41.38
C PHE B 312 -18.39 9.56 40.26
N LEU B 313 -17.31 9.46 39.38
CA LEU B 313 -17.01 10.33 38.27
C LEU B 313 -18.15 10.33 37.27
N ILE B 314 -18.76 9.16 36.91
CA ILE B 314 -19.84 8.93 35.97
C ILE B 314 -21.18 9.51 36.53
N GLU B 315 -21.44 9.38 37.86
CA GLU B 315 -22.59 9.96 38.59
C GLU B 315 -22.57 11.45 38.51
N LEU B 316 -21.42 12.14 38.72
CA LEU B 316 -21.14 13.58 38.63
C LEU B 316 -21.41 13.99 37.18
N ASN B 317 -20.98 13.11 36.23
CA ASN B 317 -21.16 13.37 34.84
C ASN B 317 -22.56 13.39 34.38
N ILE B 318 -23.42 12.39 34.76
CA ILE B 318 -24.85 12.32 34.51
C ILE B 318 -25.56 13.47 35.22
N PHE B 319 -25.26 13.84 36.45
CA PHE B 319 -25.82 14.90 37.21
C PHE B 319 -25.64 16.29 36.64
N LYS B 320 -24.51 16.70 36.08
CA LYS B 320 -24.41 17.99 35.53
C LYS B 320 -25.37 18.29 34.38
N SER B 321 -25.72 17.23 33.64
CA SER B 321 -26.59 17.32 32.46
C SER B 321 -27.99 17.73 32.81
N HIS B 322 -28.47 17.34 33.96
CA HIS B 322 -29.73 17.55 34.46
C HIS B 322 -29.93 19.09 34.65
N GLY B 323 -31.16 19.64 34.50
CA GLY B 323 -31.43 21.05 34.58
C GLY B 323 -31.44 21.44 36.04
N ASP B 324 -32.02 22.59 36.47
CA ASP B 324 -31.92 23.16 37.83
C ASP B 324 -30.50 23.60 38.02
N LEU B 325 -30.36 24.90 38.23
CA LEU B 325 -29.17 25.68 38.39
C LEU B 325 -28.26 25.16 39.46
N THR B 326 -28.84 24.78 40.65
CA THR B 326 -28.19 24.23 41.83
C THR B 326 -27.58 22.93 41.52
N ILE B 327 -28.31 22.04 40.72
CA ILE B 327 -27.83 20.67 40.39
C ILE B 327 -26.64 20.86 39.54
N ARG B 328 -26.69 21.71 38.53
CA ARG B 328 -25.51 21.78 37.65
C ARG B 328 -24.29 22.29 38.37
N LYS B 329 -24.48 23.31 39.24
CA LYS B 329 -23.42 23.96 39.99
C LYS B 329 -22.73 23.01 40.95
N ILE B 330 -23.52 22.17 41.65
CA ILE B 330 -23.10 21.19 42.66
C ILE B 330 -22.25 20.18 42.04
N ALA B 331 -22.65 19.68 40.84
CA ALA B 331 -21.92 18.66 40.15
C ALA B 331 -20.56 19.15 39.77
N THR B 332 -20.46 20.45 39.31
CA THR B 332 -19.18 21.01 38.99
C THR B 332 -18.11 21.25 40.07
N ASN B 333 -18.56 21.78 41.24
CA ASN B 333 -17.57 21.96 42.34
C ASN B 333 -16.95 20.66 42.77
N LEU B 334 -17.86 19.70 42.85
CA LEU B 334 -17.48 18.36 43.25
C LEU B 334 -16.59 17.70 42.28
N PHE B 335 -16.82 17.84 40.95
CA PHE B 335 -16.07 17.25 39.89
C PHE B 335 -14.67 17.73 39.97
N ASN B 336 -14.41 19.07 40.18
CA ASN B 336 -13.07 19.53 40.29
C ASN B 336 -12.32 18.92 41.45
N SER B 337 -12.88 18.84 42.66
CA SER B 337 -12.25 18.36 43.85
C SER B 337 -11.91 16.77 43.81
N MET B 338 -12.78 15.91 43.22
CA MET B 338 -12.43 14.57 42.95
C MET B 338 -11.32 14.34 41.97
N ILE B 339 -11.37 15.16 40.89
CA ILE B 339 -10.52 15.18 39.72
C ILE B 339 -9.11 15.50 40.12
N SER B 340 -8.85 16.34 41.18
CA SER B 340 -7.44 16.52 41.68
C SER B 340 -6.73 15.26 42.03
N LEU B 341 -7.40 14.29 42.65
CA LEU B 341 -7.02 13.00 43.13
C LEU B 341 -6.71 12.06 42.03
N TYR B 342 -7.55 12.19 40.98
CA TYR B 342 -7.36 11.48 39.70
C TYR B 342 -6.04 11.85 39.06
N TYR B 343 -5.71 13.16 39.05
CA TYR B 343 -4.45 13.78 38.67
C TYR B 343 -3.23 13.39 39.52
N GLU B 344 -3.45 13.25 40.81
CA GLU B 344 -2.37 12.79 41.70
C GLU B 344 -1.93 11.35 41.29
N TYR B 345 -2.94 10.43 41.09
CA TYR B 345 -2.81 9.02 40.79
C TYR B 345 -2.23 8.86 39.45
N LEU B 346 -2.67 9.63 38.51
CA LEU B 346 -2.26 9.63 37.08
C LEU B 346 -0.81 9.98 37.02
N MET B 347 -0.40 11.02 37.83
CA MET B 347 0.97 11.49 37.79
C MET B 347 1.90 10.41 38.20
N ASN B 348 1.63 9.66 39.28
CA ASN B 348 2.53 8.59 39.81
C ASN B 348 2.65 7.46 38.78
N TRP B 349 1.55 7.09 38.04
CA TRP B 349 1.55 6.01 37.04
C TRP B 349 2.40 6.34 35.87
N LEU B 350 2.23 7.50 35.20
CA LEU B 350 2.99 7.87 34.10
C LEU B 350 4.50 8.06 34.40
N THR B 351 4.80 8.77 35.56
CA THR B 351 6.23 9.12 35.88
C THR B 351 7.06 8.14 36.60
N LYS B 352 6.53 7.25 37.53
CA LYS B 352 7.51 6.32 38.17
C LYS B 352 6.94 4.86 38.05
N GLY B 353 5.88 4.62 37.27
CA GLY B 353 5.25 3.38 36.96
C GLY B 353 4.59 2.65 38.10
N LEU B 354 4.12 3.42 39.12
CA LEU B 354 3.47 2.86 40.27
C LEU B 354 1.99 3.03 40.17
N LEU B 355 1.27 2.21 40.91
CA LEU B 355 -0.20 2.10 40.90
C LEU B 355 -0.74 2.77 42.20
N ARG B 356 -1.85 3.52 42.12
CA ARG B 356 -2.34 4.13 43.31
C ARG B 356 -3.80 4.01 43.32
N ALA B 357 -4.21 2.74 43.40
CA ALA B 357 -5.59 2.35 43.53
C ALA B 357 -5.47 1.63 44.86
N THR B 358 -6.35 2.10 45.80
CA THR B 358 -6.39 1.64 47.19
C THR B 358 -7.79 1.20 47.48
N TYR B 359 -8.76 1.65 46.64
CA TYR B 359 -10.14 1.28 47.09
C TYR B 359 -10.88 1.13 45.78
N GLY B 360 -10.19 0.86 44.69
CA GLY B 360 -10.91 0.94 43.45
C GLY B 360 -11.11 2.44 42.98
N GLU B 361 -10.08 3.26 43.53
CA GLU B 361 -10.16 4.69 43.32
C GLU B 361 -9.71 5.10 41.98
N PHE B 362 -8.96 4.18 41.22
CA PHE B 362 -8.26 4.55 40.03
C PHE B 362 -8.54 3.46 38.92
N PHE B 363 -8.40 3.96 37.69
CA PHE B 363 -8.76 3.33 36.49
C PHE B 363 -7.72 2.46 35.92
N ILE B 364 -6.53 2.29 36.52
CA ILE B 364 -5.50 1.31 36.28
C ILE B 364 -5.66 0.31 37.34
N ALA B 365 -5.68 -1.06 37.09
CA ALA B 365 -5.93 -2.16 38.03
C ALA B 365 -4.86 -3.15 37.89
N GLU B 366 -4.46 -3.77 39.03
CA GLU B 366 -3.52 -4.80 39.07
C GLU B 366 -4.27 -6.14 38.85
N ASN B 367 -3.68 -7.07 38.04
CA ASN B 367 -4.29 -8.36 37.76
C ASN B 367 -4.10 -9.22 39.02
N TYR B 379 1.43 -12.18 31.36
CA TYR B 379 0.76 -13.32 32.16
C TYR B 379 0.75 -12.81 33.55
N HIS B 380 1.92 -12.84 34.28
CA HIS B 380 1.94 -12.56 35.70
C HIS B 380 2.64 -11.32 35.81
N ILE B 381 1.95 -10.30 36.41
CA ILE B 381 2.29 -8.98 36.69
C ILE B 381 2.66 -8.14 35.44
N PRO B 382 1.70 -7.81 34.54
CA PRO B 382 1.92 -6.80 33.48
C PRO B 382 1.27 -5.60 33.94
N ILE B 383 0.22 -5.76 34.74
CA ILE B 383 -0.65 -4.61 35.11
C ILE B 383 -1.59 -4.30 33.98
N GLU B 384 -2.84 -3.90 34.19
CA GLU B 384 -3.76 -3.79 33.10
C GLU B 384 -4.87 -2.81 33.38
N PHE B 385 -5.63 -2.51 32.33
CA PHE B 385 -6.72 -1.59 32.31
C PHE B 385 -8.02 -2.22 32.67
N ASN B 386 -8.84 -1.50 33.55
CA ASN B 386 -10.13 -1.84 34.04
C ASN B 386 -11.10 -0.97 33.16
N GLN B 387 -11.66 -1.56 32.06
CA GLN B 387 -12.35 -0.78 31.07
C GLN B 387 -13.81 -0.57 31.48
N GLU B 388 -14.40 -1.42 32.33
CA GLU B 388 -15.81 -1.36 32.73
C GLU B 388 -16.00 -0.09 33.53
N ARG B 389 -15.11 0.20 34.52
CA ARG B 389 -15.28 1.47 35.23
C ARG B 389 -14.26 2.47 34.70
N VAL B 390 -14.74 3.50 33.98
CA VAL B 390 -13.89 4.48 33.37
C VAL B 390 -14.79 5.71 33.21
N PRO B 391 -14.33 7.03 33.41
CA PRO B 391 -15.23 8.19 33.30
C PRO B 391 -15.69 8.42 31.91
N ALA B 392 -16.74 9.20 31.75
CA ALA B 392 -17.32 9.55 30.50
C ALA B 392 -16.93 10.90 30.07
N PHE B 393 -16.10 11.53 30.92
CA PHE B 393 -15.61 12.86 30.64
C PHE B 393 -14.18 12.71 30.04
N ILE B 394 -13.61 11.52 30.05
CA ILE B 394 -12.35 11.24 29.41
C ILE B 394 -12.70 10.04 28.50
N PRO B 395 -12.74 10.31 27.19
CA PRO B 395 -12.96 9.38 26.17
C PRO B 395 -12.01 8.14 26.33
N LYS B 396 -12.53 6.94 25.95
CA LYS B 396 -11.99 5.63 26.08
C LYS B 396 -10.73 5.61 25.30
N GLU B 397 -10.69 6.29 24.14
CA GLU B 397 -9.48 6.26 23.37
C GLU B 397 -8.31 6.94 24.13
N LEU B 398 -8.53 8.10 24.85
CA LEU B 398 -7.59 8.94 25.54
C LEU B 398 -6.93 8.16 26.72
N ALA B 399 -7.81 7.43 27.41
CA ALA B 399 -7.58 6.55 28.53
C ALA B 399 -6.71 5.40 28.13
N TYR B 400 -6.92 4.85 26.93
CA TYR B 400 -6.09 3.83 26.40
C TYR B 400 -4.65 4.22 26.12
N LYS B 401 -4.40 5.47 25.59
CA LYS B 401 -3.12 6.04 25.34
C LYS B 401 -2.38 6.28 26.59
N ILE B 402 -3.07 6.76 27.63
CA ILE B 402 -2.49 6.96 28.95
C ILE B 402 -2.09 5.57 29.44
N PHE B 403 -2.90 4.49 29.24
CA PHE B 403 -2.51 3.13 29.73
C PHE B 403 -1.28 2.60 29.13
N MET B 404 -1.14 2.72 27.72
CA MET B 404 0.01 2.29 27.04
C MET B 404 1.40 3.00 27.32
N ILE B 405 1.45 4.37 27.44
CA ILE B 405 2.63 5.04 27.63
C ILE B 405 3.16 4.61 29.00
N GLY B 406 2.23 4.49 30.02
CA GLY B 406 2.36 4.13 31.39
C GLY B 406 2.78 2.76 31.60
N LYS B 407 2.25 1.76 30.79
CA LYS B 407 2.61 0.38 30.72
C LYS B 407 4.05 0.26 30.25
N SER B 408 4.56 1.07 29.22
CA SER B 408 5.85 0.99 28.70
C SER B 408 6.86 1.28 29.74
N TYR B 409 6.55 2.36 30.57
CA TYR B 409 7.46 2.87 31.62
C TYR B 409 7.72 1.80 32.77
N ILE B 410 6.60 1.10 33.29
CA ILE B 410 6.68 0.05 34.25
C ILE B 410 7.37 -1.12 33.75
N PHE B 411 7.14 -1.51 32.48
CA PHE B 411 7.77 -2.61 31.78
C PHE B 411 9.19 -2.40 31.64
N LEU B 412 9.65 -1.17 31.37
CA LEU B 412 11.07 -0.85 31.22
C LEU B 412 11.72 -1.16 32.58
N GLU B 413 11.00 -0.83 33.70
CA GLU B 413 11.56 -1.03 35.02
C GLU B 413 11.81 -2.56 35.34
N LYS B 414 10.88 -3.43 34.90
CA LYS B 414 11.07 -4.84 35.16
C LYS B 414 12.28 -5.48 34.53
N TYR B 415 12.69 -4.99 33.31
CA TYR B 415 13.86 -5.52 32.52
C TYR B 415 15.11 -5.35 33.35
N CYS B 416 15.39 -4.09 33.76
CA CYS B 416 16.51 -3.65 34.49
C CYS B 416 15.93 -2.32 34.97
N LYS B 417 16.59 -1.84 36.11
CA LYS B 417 16.19 -0.66 36.77
C LYS B 417 16.44 0.57 35.93
N GLU B 418 15.57 1.60 36.14
CA GLU B 418 15.43 2.89 35.37
C GLU B 418 16.56 3.77 35.69
N VAL B 419 16.76 4.84 34.89
CA VAL B 419 17.67 5.98 35.15
C VAL B 419 16.93 7.23 34.77
N GLN B 420 17.03 8.27 35.68
CA GLN B 420 16.09 9.36 35.54
C GLN B 420 16.45 10.13 34.25
N TRP B 421 15.31 10.44 33.50
CA TRP B 421 15.43 11.04 32.19
C TRP B 421 14.65 12.35 32.29
N THR B 422 14.87 13.29 31.32
CA THR B 422 14.15 14.57 31.31
C THR B 422 12.64 14.39 30.89
N ASN B 423 12.33 13.28 30.15
CA ASN B 423 11.01 12.85 29.89
C ASN B 423 10.13 12.61 31.06
N GLU B 424 10.65 12.09 32.20
CA GLU B 424 9.94 11.86 33.44
C GLU B 424 9.43 13.15 34.05
N PHE B 425 10.24 14.26 34.09
CA PHE B 425 9.88 15.55 34.65
C PHE B 425 8.83 16.09 33.75
N SER B 426 8.98 15.90 32.39
CA SER B 426 8.08 16.52 31.46
C SER B 426 6.64 16.02 31.67
N LYS B 427 6.49 14.72 31.91
CA LYS B 427 5.18 14.02 32.09
C LYS B 427 4.51 14.57 33.36
N LYS B 428 5.37 14.80 34.40
CA LYS B 428 4.90 15.38 35.68
C LYS B 428 4.37 16.75 35.44
N TYR B 429 5.05 17.60 34.59
CA TYR B 429 4.51 18.88 34.25
C TYR B 429 3.26 18.92 33.50
N HIS B 430 3.18 18.06 32.50
CA HIS B 430 2.15 18.02 31.54
C HIS B 430 0.83 17.71 32.15
N VAL B 431 0.72 16.77 33.06
CA VAL B 431 -0.45 16.41 33.88
C VAL B 431 -0.84 17.51 34.85
N LEU B 432 0.24 18.12 35.35
CA LEU B 432 0.11 19.29 36.34
C LEU B 432 -0.59 20.47 35.64
N TYR B 433 -0.25 20.66 34.36
CA TYR B 433 -0.76 21.72 33.54
C TYR B 433 -2.27 21.53 33.39
N GLN B 434 -2.79 20.32 33.12
CA GLN B 434 -4.19 20.09 32.89
C GLN B 434 -5.05 20.34 34.13
N SER B 435 -4.44 19.95 35.26
CA SER B 435 -5.07 20.09 36.56
C SER B 435 -5.39 21.51 36.90
N ASN B 436 -4.55 22.49 36.36
CA ASN B 436 -4.65 23.96 36.54
C ASN B 436 -5.82 24.48 35.81
N SER B 437 -6.13 23.89 34.64
CA SER B 437 -7.26 24.28 33.84
C SER B 437 -8.65 24.03 34.50
N TYR B 438 -8.79 22.83 35.12
CA TYR B 438 -9.89 22.29 35.92
C TYR B 438 -9.92 20.74 35.69
N ARG B 439 -9.59 20.36 34.45
CA ARG B 439 -9.64 19.06 33.86
C ARG B 439 -9.21 19.32 32.53
N GLY B 440 -9.77 20.29 31.77
CA GLY B 440 -9.43 20.61 30.41
C GLY B 440 -10.58 20.15 29.57
N ILE B 441 -10.54 20.46 28.28
CA ILE B 441 -11.54 20.01 27.29
C ILE B 441 -10.76 18.84 26.68
N SER B 442 -11.42 17.95 25.95
CA SER B 442 -10.93 16.72 25.36
C SER B 442 -9.82 16.94 24.37
N THR B 443 -9.94 17.93 23.53
CA THR B 443 -9.12 18.31 22.40
C THR B 443 -7.73 18.68 22.79
N ASN B 444 -7.60 19.51 23.86
CA ASN B 444 -6.30 19.88 24.41
C ASN B 444 -5.58 18.68 25.01
N PHE B 445 -6.37 17.85 25.71
CA PHE B 445 -5.97 16.65 26.36
C PHE B 445 -5.49 15.71 25.36
N PHE B 446 -6.13 15.53 24.18
CA PHE B 446 -5.68 14.64 23.19
C PHE B 446 -4.35 15.09 22.67
N GLU B 447 -4.19 16.41 22.36
CA GLU B 447 -2.91 16.95 21.92
C GLU B 447 -1.75 16.81 22.91
N ILE B 448 -1.88 17.11 24.20
CA ILE B 448 -0.68 16.94 25.03
C ILE B 448 -0.30 15.50 25.18
N ILE B 449 -1.22 14.49 25.41
CA ILE B 449 -0.94 13.07 25.53
C ILE B 449 -0.41 12.54 24.19
N ASN B 450 -0.95 12.87 22.97
CA ASN B 450 -0.50 12.36 21.71
C ASN B 450 0.92 12.81 21.48
N ASP B 451 1.23 14.03 21.93
CA ASP B 451 2.57 14.60 21.80
C ASP B 451 3.60 13.82 22.59
N GLN B 452 3.24 13.51 23.86
CA GLN B 452 4.04 12.82 24.80
C GLN B 452 4.15 11.34 24.33
N TYR B 453 3.11 10.73 23.75
CA TYR B 453 2.98 9.38 23.34
C TYR B 453 4.02 9.22 22.28
N SER B 454 4.12 10.11 21.26
CA SER B 454 5.18 9.91 20.17
C SER B 454 6.61 9.99 20.64
N GLU B 455 6.95 10.83 21.55
CA GLU B 455 8.30 10.91 22.06
C GLU B 455 8.79 9.71 22.78
N ILE B 456 7.93 9.13 23.63
CA ILE B 456 8.21 7.95 24.47
C ILE B 456 8.37 6.76 23.64
N VAL B 457 7.57 6.59 22.62
CA VAL B 457 7.63 5.34 21.91
C VAL B 457 8.94 5.24 21.15
N ASN B 458 9.34 6.33 20.47
CA ASN B 458 10.58 6.33 19.81
C ASN B 458 11.83 6.26 20.73
N HIS B 459 11.84 6.96 21.88
CA HIS B 459 12.96 6.79 22.90
C HIS B 459 13.05 5.45 23.51
N THR B 460 11.87 4.81 23.81
CA THR B 460 11.80 3.50 24.36
C THR B 460 12.22 2.52 23.29
N ASN B 461 11.83 2.72 21.96
CA ASN B 461 12.32 1.76 20.97
C ASN B 461 13.87 1.76 20.87
N GLN B 462 14.61 2.97 20.84
CA GLN B 462 16.07 3.00 20.87
C GLN B 462 16.71 2.39 22.14
N ILE B 463 16.20 2.58 23.38
CA ILE B 463 16.67 1.98 24.61
C ILE B 463 16.57 0.53 24.66
N LEU B 464 15.41 0.02 24.20
CA LEU B 464 15.13 -1.36 24.09
C LEU B 464 15.94 -2.05 23.04
N ASN B 465 15.93 -1.59 21.73
CA ASN B 465 16.57 -2.27 20.69
C ASN B 465 18.04 -2.23 20.79
N GLN B 466 18.61 -0.97 20.86
CA GLN B 466 20.09 -0.83 20.81
C GLN B 466 20.65 -1.21 22.17
N LYS B 467 20.10 -0.62 23.29
CA LYS B 467 20.81 -0.65 24.57
C LYS B 467 20.61 -1.86 25.45
N PHE B 468 19.37 -2.40 25.52
CA PHE B 468 19.21 -3.65 26.29
C PHE B 468 19.21 -4.79 25.28
N HIS B 469 19.40 -4.52 23.94
CA HIS B 469 19.65 -5.47 22.94
C HIS B 469 18.49 -6.30 22.51
N TYR B 470 17.27 -5.80 22.56
CA TYR B 470 16.01 -6.52 22.26
C TYR B 470 15.92 -7.02 20.82
N ARG B 471 16.24 -6.18 19.80
CA ARG B 471 16.20 -6.61 18.47
C ARG B 471 17.12 -7.75 18.15
N ASP B 472 18.31 -7.70 18.76
CA ASP B 472 19.43 -8.60 18.56
C ASP B 472 19.13 -9.95 19.02
N VAL B 473 18.42 -10.03 20.21
CA VAL B 473 17.89 -11.20 20.83
C VAL B 473 16.71 -11.88 20.00
N VAL B 474 15.85 -11.01 19.39
CA VAL B 474 14.77 -11.53 18.43
C VAL B 474 15.34 -12.26 17.21
N PHE B 475 16.42 -11.71 16.59
CA PHE B 475 17.18 -12.39 15.53
C PHE B 475 17.74 -13.68 15.97
N ALA B 476 18.37 -13.74 17.20
CA ALA B 476 19.06 -14.85 17.74
C ALA B 476 18.14 -16.01 17.94
N LEU B 477 16.88 -15.69 18.40
CA LEU B 477 15.88 -16.64 18.71
C LEU B 477 15.50 -17.37 17.51
N LYS B 478 15.32 -16.53 16.42
CA LYS B 478 14.88 -17.00 15.14
C LYS B 478 15.88 -17.95 14.49
N ASN B 479 17.16 -17.62 14.69
CA ASN B 479 18.28 -18.41 14.23
C ASN B 479 18.37 -19.80 14.82
N ILE B 480 18.30 -19.90 16.12
CA ILE B 480 18.44 -21.09 16.79
C ILE B 480 17.25 -21.87 16.78
N LEU B 481 16.14 -21.31 17.27
CA LEU B 481 15.07 -22.18 17.58
C LEU B 481 14.39 -22.69 16.34
N LEU B 482 14.26 -21.79 15.38
CA LEU B 482 13.55 -22.01 14.20
C LEU B 482 14.43 -22.42 13.14
N MET B 483 15.74 -22.77 13.36
CA MET B 483 16.74 -23.20 12.36
C MET B 483 16.89 -22.19 11.22
N GLY B 484 17.01 -20.92 11.58
CA GLY B 484 17.33 -19.81 10.70
C GLY B 484 18.73 -19.85 10.23
N LYS B 485 19.72 -20.05 11.23
CA LYS B 485 21.15 -20.07 10.84
C LYS B 485 21.35 -21.54 10.73
N SER B 486 21.37 -21.98 9.43
CA SER B 486 21.41 -23.37 9.05
C SER B 486 22.67 -24.10 9.44
N ASP B 487 23.78 -23.31 9.44
CA ASP B 487 25.08 -23.71 9.81
C ASP B 487 25.13 -24.16 11.26
N PHE B 488 24.53 -23.42 12.21
CA PHE B 488 24.71 -23.71 13.59
C PHE B 488 24.08 -25.08 13.91
N MET B 489 22.91 -25.29 13.26
CA MET B 489 22.21 -26.57 13.35
C MET B 489 22.99 -27.71 12.76
N ASP B 490 23.63 -27.54 11.59
CA ASP B 490 24.42 -28.57 10.94
C ASP B 490 25.57 -28.97 11.85
N ALA B 491 26.21 -27.94 12.43
CA ALA B 491 27.32 -28.21 13.30
C ALA B 491 26.97 -28.96 14.55
N LEU B 492 25.85 -28.59 15.20
CA LEU B 492 25.34 -29.10 16.43
C LEU B 492 25.09 -30.54 16.30
N ILE B 493 24.37 -30.88 15.21
CA ILE B 493 24.04 -32.27 14.87
C ILE B 493 25.19 -33.20 14.59
N GLU B 494 26.23 -32.71 13.87
CA GLU B 494 27.42 -33.53 13.58
C GLU B 494 28.12 -33.87 14.89
N LYS B 495 28.41 -32.91 15.74
CA LYS B 495 29.22 -33.01 16.93
C LYS B 495 28.50 -33.86 17.94
N ALA B 496 27.14 -33.64 18.10
CA ALA B 496 26.25 -34.21 19.11
C ALA B 496 26.01 -35.73 18.84
N ASN B 497 26.07 -36.24 17.56
CA ASN B 497 25.53 -37.49 17.08
C ASN B 497 25.85 -38.76 17.86
N ASP B 498 27.10 -38.92 18.32
CA ASP B 498 27.71 -39.94 19.09
C ASP B 498 27.08 -40.12 20.45
N ILE B 499 26.78 -38.94 21.14
CA ILE B 499 26.17 -38.72 22.40
C ILE B 499 24.73 -39.05 22.41
N LEU B 500 24.03 -38.69 21.30
CA LEU B 500 22.63 -38.81 21.07
C LEU B 500 22.24 -40.22 20.78
N ALA B 501 23.17 -41.03 20.15
CA ALA B 501 22.86 -42.38 19.78
C ALA B 501 22.48 -43.27 20.96
N THR B 502 23.11 -43.09 22.15
CA THR B 502 22.87 -43.78 23.39
C THR B 502 21.93 -42.86 24.08
N PRO B 503 20.86 -43.34 24.80
CA PRO B 503 19.85 -42.49 25.41
C PRO B 503 20.37 -41.40 26.25
N SER B 504 19.63 -40.25 26.27
CA SER B 504 20.05 -39.01 26.94
C SER B 504 19.56 -39.01 28.33
N ASP B 505 20.50 -38.78 29.27
CA ASP B 505 20.33 -38.77 30.67
C ASP B 505 21.04 -37.55 31.10
N SER B 506 21.63 -37.65 32.30
CA SER B 506 22.31 -36.55 32.94
C SER B 506 23.75 -36.31 32.45
N LEU B 507 24.61 -37.36 32.25
CA LEU B 507 25.95 -37.13 31.65
C LEU B 507 25.93 -36.75 30.17
N PRO B 508 24.98 -37.29 29.34
CA PRO B 508 24.83 -36.85 28.00
C PRO B 508 24.57 -35.37 27.88
N ASN B 509 23.74 -34.89 28.86
CA ASN B 509 23.28 -33.54 28.93
C ASN B 509 24.38 -32.48 29.03
N TYR B 510 25.39 -32.76 29.91
CA TYR B 510 26.49 -31.85 30.19
C TYR B 510 27.39 -31.71 28.97
N LYS B 511 27.66 -32.88 28.35
CA LYS B 511 28.45 -33.08 27.10
C LYS B 511 27.77 -32.41 25.97
N LEU B 512 26.43 -32.45 25.91
CA LEU B 512 25.63 -31.84 24.80
C LEU B 512 25.86 -30.30 24.98
N THR B 513 25.94 -29.70 26.16
CA THR B 513 26.08 -28.27 26.38
C THR B 513 27.44 -27.93 25.86
N ARG B 514 28.45 -28.75 26.05
CA ARG B 514 29.72 -28.37 25.55
C ARG B 514 29.87 -28.27 24.01
N VAL B 515 29.26 -29.27 23.29
CA VAL B 515 29.15 -29.27 21.88
C VAL B 515 28.31 -28.17 21.35
N LEU B 516 27.26 -27.85 22.11
CA LEU B 516 26.24 -26.82 21.89
C LEU B 516 26.79 -25.45 21.86
N GLN B 517 27.69 -25.12 22.87
CA GLN B 517 28.48 -23.87 22.91
C GLN B 517 29.54 -23.75 21.82
N GLU B 518 30.23 -24.91 21.56
CA GLU B 518 31.34 -25.11 20.68
C GLU B 518 31.05 -24.86 19.28
N ALA B 519 29.80 -25.34 18.98
CA ALA B 519 29.10 -25.32 17.67
C ALA B 519 28.90 -23.91 17.24
N VAL B 520 28.57 -23.00 18.10
CA VAL B 520 28.46 -21.54 17.82
C VAL B 520 29.75 -21.00 17.44
N GLN B 521 30.83 -21.35 18.15
CA GLN B 521 32.11 -20.82 17.79
C GLN B 521 32.63 -21.29 16.42
N LEU B 522 32.52 -22.63 16.14
CA LEU B 522 32.99 -23.21 14.93
C LEU B 522 32.33 -22.70 13.69
N SER B 523 31.01 -22.38 13.86
CA SER B 523 30.10 -21.92 12.88
C SER B 523 30.36 -20.46 12.46
N SER B 524 31.26 -19.79 13.17
CA SER B 524 31.83 -18.52 12.87
C SER B 524 30.80 -17.41 13.14
N LEU B 525 29.96 -17.48 14.26
CA LEU B 525 29.22 -16.33 14.68
C LEU B 525 30.14 -15.62 15.57
N ARG B 526 30.53 -14.39 15.18
CA ARG B 526 31.69 -13.65 15.68
C ARG B 526 31.31 -12.78 16.90
N HIS B 527 31.78 -11.50 17.04
CA HIS B 527 31.44 -10.68 18.13
C HIS B 527 31.06 -9.42 17.44
N LEU B 528 29.77 -9.21 17.24
CA LEU B 528 29.26 -8.16 16.34
C LEU B 528 27.86 -7.87 16.80
N MET B 529 27.11 -6.99 16.11
CA MET B 529 25.88 -6.39 16.54
C MET B 529 24.79 -7.39 16.78
N ASN B 530 24.70 -8.44 15.92
CA ASN B 530 23.72 -9.58 16.02
C ASN B 530 24.40 -10.85 16.50
N SER B 531 25.73 -10.90 16.50
CA SER B 531 26.59 -12.02 16.82
C SER B 531 26.88 -12.04 18.30
N PRO B 532 27.35 -13.08 18.91
CA PRO B 532 27.56 -13.06 20.35
C PRO B 532 28.50 -11.98 20.90
N ARG B 533 27.99 -11.05 21.70
CA ARG B 533 28.78 -10.03 22.36
C ARG B 533 27.74 -9.14 23.00
N ASN B 534 26.67 -8.86 22.17
CA ASN B 534 25.45 -8.15 22.51
C ASN B 534 24.37 -9.13 22.72
N SER B 535 24.49 -10.41 22.26
CA SER B 535 23.48 -11.44 22.56
C SER B 535 24.24 -12.53 23.28
N SER B 536 23.53 -13.53 23.87
CA SER B 536 24.19 -14.56 24.66
C SER B 536 23.66 -15.86 24.14
N VAL B 537 24.48 -16.48 23.33
CA VAL B 537 24.36 -17.76 22.69
C VAL B 537 25.52 -18.58 23.11
N ILE B 538 26.58 -17.89 23.48
CA ILE B 538 27.89 -18.34 23.79
C ILE B 538 28.05 -18.56 25.30
N ASN B 539 26.97 -18.17 26.09
CA ASN B 539 26.90 -18.44 27.48
C ASN B 539 25.44 -18.47 27.88
N GLY B 540 24.56 -18.31 26.84
CA GLY B 540 23.15 -18.39 27.15
C GLY B 540 22.45 -19.57 26.57
N LEU B 541 23.20 -20.62 26.09
CA LEU B 541 22.60 -21.81 25.56
C LEU B 541 22.66 -22.93 26.64
N ASP B 542 21.53 -23.64 26.74
CA ASP B 542 21.42 -24.72 27.63
C ASP B 542 20.76 -25.87 26.92
N ALA B 543 21.25 -27.06 27.35
CA ALA B 543 20.71 -28.32 26.82
C ALA B 543 19.65 -28.80 27.80
N ARG B 544 18.54 -29.27 27.29
CA ARG B 544 17.35 -29.75 28.02
C ARG B 544 17.13 -31.20 27.69
N VAL B 545 16.55 -31.99 28.62
CA VAL B 545 16.08 -33.31 28.39
C VAL B 545 14.66 -33.17 28.82
N LEU B 546 13.69 -33.67 28.04
CA LEU B 546 12.32 -33.75 28.29
C LEU B 546 11.76 -35.00 27.77
N ASP B 547 10.54 -35.43 28.21
CA ASP B 547 9.92 -36.69 27.87
C ASP B 547 8.95 -36.51 26.79
N LEU B 548 9.41 -35.70 25.80
CA LEU B 548 8.58 -35.43 24.65
C LEU B 548 8.94 -36.41 23.54
N GLY B 549 9.94 -37.21 23.81
CA GLY B 549 10.55 -38.11 22.92
C GLY B 549 9.79 -39.34 22.90
N HIS B 550 10.49 -40.46 22.85
CA HIS B 550 9.93 -41.80 22.82
C HIS B 550 10.33 -42.48 24.06
N GLY B 551 11.34 -41.90 24.79
CA GLY B 551 11.75 -42.32 26.07
C GLY B 551 12.57 -43.54 26.00
N SER B 552 12.95 -43.96 24.80
CA SER B 552 13.85 -45.06 24.47
C SER B 552 14.95 -44.51 23.59
N VAL B 553 14.50 -43.67 22.59
CA VAL B 553 15.35 -42.91 21.77
C VAL B 553 16.17 -41.96 22.60
N GLY B 554 17.34 -41.56 22.09
CA GLY B 554 18.14 -40.45 22.69
C GLY B 554 18.00 -39.27 21.71
N TRP B 555 17.52 -39.55 20.50
CA TRP B 555 17.38 -38.64 19.41
C TRP B 555 16.49 -37.49 19.77
N ASP B 556 15.26 -37.80 20.25
CA ASP B 556 14.13 -36.91 20.26
C ASP B 556 13.79 -36.44 21.62
N VAL B 557 14.53 -36.89 22.65
CA VAL B 557 14.34 -36.46 24.05
C VAL B 557 14.87 -35.04 24.23
N PHE B 558 16.01 -34.69 23.64
CA PHE B 558 16.75 -33.46 23.63
C PHE B 558 15.96 -32.34 22.92
N THR B 559 16.07 -31.15 23.60
CA THR B 559 15.42 -29.97 23.11
C THR B 559 16.44 -28.92 23.62
N LEU B 560 16.16 -27.67 23.15
CA LEU B 560 17.12 -26.57 23.38
C LEU B 560 16.34 -25.54 24.10
N ASP B 561 16.99 -24.94 25.07
CA ASP B 561 16.44 -23.86 25.85
C ASP B 561 17.47 -22.77 25.79
N TYR B 562 16.97 -21.59 25.52
CA TYR B 562 17.75 -20.40 25.26
C TYR B 562 17.20 -19.53 26.39
N ILE B 563 18.18 -18.89 27.19
CA ILE B 563 18.00 -18.06 28.34
C ILE B 563 17.00 -16.99 28.24
N LEU B 564 16.32 -16.71 29.36
CA LEU B 564 15.19 -15.88 29.51
C LEU B 564 15.32 -14.48 29.08
N TYR B 565 14.33 -13.92 28.36
CA TYR B 565 14.31 -12.56 27.82
C TYR B 565 12.90 -12.42 27.34
N PRO B 566 12.28 -11.21 27.17
CA PRO B 566 10.84 -11.05 26.84
C PRO B 566 10.59 -11.50 25.40
N PRO B 567 9.47 -12.15 24.99
CA PRO B 567 8.27 -12.27 25.77
C PRO B 567 8.32 -13.52 26.68
N LEU B 568 9.43 -14.31 26.67
CA LEU B 568 9.53 -15.59 27.36
C LEU B 568 9.50 -15.40 28.87
N SER B 569 10.34 -14.49 29.35
CA SER B 569 10.52 -14.21 30.76
C SER B 569 9.31 -13.87 31.48
N LEU B 570 8.37 -13.20 30.84
CA LEU B 570 7.16 -12.80 31.59
C LEU B 570 6.33 -13.99 32.08
N VAL B 571 6.27 -14.95 31.15
CA VAL B 571 5.58 -16.20 31.34
C VAL B 571 6.14 -17.05 32.49
N LEU B 572 7.47 -16.87 32.67
CA LEU B 572 8.27 -17.55 33.65
C LEU B 572 8.05 -17.02 35.03
N ASN B 573 7.38 -15.89 35.12
CA ASN B 573 7.09 -15.31 36.39
C ASN B 573 5.86 -16.04 36.83
N VAL B 574 5.95 -16.82 37.91
CA VAL B 574 4.99 -17.84 38.29
C VAL B 574 4.69 -18.78 37.09
N ASN B 575 5.76 -19.51 36.61
CA ASN B 575 5.68 -20.39 35.49
C ASN B 575 4.72 -21.59 35.69
N ARG B 576 3.83 -21.75 34.63
CA ARG B 576 2.69 -22.72 34.54
C ARG B 576 2.31 -22.85 33.03
N PRO B 577 2.10 -21.81 32.21
CA PRO B 577 1.84 -21.95 30.77
C PRO B 577 2.48 -23.02 29.97
N PHE B 578 1.79 -23.29 28.85
CA PHE B 578 1.93 -24.38 27.90
C PHE B 578 2.47 -23.83 26.58
N GLY B 579 2.66 -22.50 26.48
CA GLY B 579 3.22 -21.95 25.22
C GLY B 579 4.69 -22.00 25.29
N ARG B 580 5.28 -22.05 26.55
CA ARG B 580 6.73 -22.27 26.71
C ARG B 580 7.09 -23.75 26.32
N LYS B 581 6.22 -24.70 26.70
CA LYS B 581 6.43 -26.09 26.34
C LYS B 581 6.32 -26.42 24.86
N GLU B 582 5.36 -25.74 24.24
CA GLU B 582 4.93 -25.93 22.86
C GLU B 582 6.05 -25.64 21.88
N TYR B 583 6.78 -24.55 22.12
CA TYR B 583 7.94 -24.12 21.29
C TYR B 583 9.02 -25.07 21.17
N LEU B 584 9.26 -25.80 22.31
CA LEU B 584 10.13 -26.88 22.52
C LEU B 584 9.75 -28.05 21.70
N ARG B 585 8.43 -28.37 21.59
CA ARG B 585 7.87 -29.51 20.77
C ARG B 585 8.09 -29.36 19.34
N ILE B 586 7.90 -28.13 18.87
CA ILE B 586 8.12 -27.82 17.50
C ILE B 586 9.64 -28.02 17.16
N PHE B 587 10.59 -27.58 18.06
CA PHE B 587 12.01 -27.62 17.92
C PHE B 587 12.39 -29.02 17.68
N ASN B 588 11.84 -30.03 18.39
CA ASN B 588 12.15 -31.42 18.25
C ASN B 588 11.80 -31.96 16.83
N PHE B 589 10.64 -31.58 16.24
CA PHE B 589 10.29 -32.00 14.90
C PHE B 589 11.24 -31.45 13.88
N LEU B 590 11.61 -30.16 13.99
CA LEU B 590 12.45 -29.44 13.10
C LEU B 590 13.82 -30.01 13.04
N TRP B 591 14.31 -30.33 14.22
CA TRP B 591 15.56 -30.98 14.48
C TRP B 591 15.73 -32.37 13.81
N ARG B 592 14.64 -33.11 13.88
CA ARG B 592 14.55 -34.43 13.29
C ARG B 592 14.72 -34.54 11.77
N PHE B 593 14.11 -33.61 11.00
CA PHE B 593 14.08 -33.64 9.49
C PHE B 593 15.48 -33.39 9.06
N LYS B 594 16.25 -32.43 9.72
CA LYS B 594 17.66 -32.04 9.48
C LYS B 594 18.58 -33.14 9.80
N LYS B 595 18.34 -33.94 10.89
CA LYS B 595 19.22 -35.06 11.22
C LYS B 595 19.17 -36.16 10.22
N ASN B 596 17.97 -36.55 9.66
CA ASN B 596 17.84 -37.47 8.61
C ASN B 596 18.54 -37.04 7.33
N ASN B 597 18.45 -35.69 6.98
CA ASN B 597 19.28 -35.16 5.88
C ASN B 597 20.77 -35.35 6.15
N TYR B 598 21.27 -35.08 7.38
CA TYR B 598 22.67 -35.13 7.74
C TYR B 598 23.17 -36.45 7.62
N PHE B 599 22.42 -37.57 8.01
CA PHE B 599 22.80 -38.90 7.90
C PHE B 599 22.95 -39.31 6.48
N TYR B 600 22.01 -38.87 5.60
CA TYR B 600 22.06 -39.10 4.17
C TYR B 600 23.27 -38.48 3.51
N GLN B 601 23.51 -37.23 3.93
CA GLN B 601 24.68 -36.41 3.54
C GLN B 601 26.09 -37.04 4.03
N LYS B 602 26.24 -37.60 5.22
CA LYS B 602 27.45 -38.33 5.72
C LYS B 602 27.71 -39.60 4.94
N GLU B 603 26.70 -40.33 4.66
CA GLU B 603 26.75 -41.57 3.94
C GLU B 603 27.25 -41.35 2.57
N MET B 604 26.74 -40.29 1.87
CA MET B 604 27.03 -39.87 0.51
C MET B 604 28.44 -39.40 0.45
N LEU B 605 28.86 -38.60 1.46
CA LEU B 605 30.19 -38.02 1.61
C LEU B 605 31.30 -38.99 1.72
N LYS B 606 31.01 -40.10 2.47
CA LYS B 606 31.83 -41.31 2.53
C LYS B 606 32.04 -42.08 1.27
N SER B 607 31.01 -42.22 0.46
CA SER B 607 30.99 -43.04 -0.76
C SER B 607 31.86 -42.47 -1.82
N ASN B 608 32.03 -41.13 -1.72
CA ASN B 608 32.70 -40.27 -2.65
C ASN B 608 34.16 -40.61 -2.60
N ASP B 609 34.59 -41.07 -1.38
CA ASP B 609 36.00 -41.28 -0.99
C ASP B 609 36.46 -42.44 -1.78
N ILE B 610 37.79 -42.55 -2.12
CA ILE B 610 38.20 -43.69 -2.88
C ILE B 610 38.74 -44.67 -1.92
N ILE B 611 38.94 -44.34 -0.66
CA ILE B 611 39.45 -45.25 0.40
C ILE B 611 38.34 -46.13 0.84
N ARG B 612 37.12 -45.56 0.82
CA ARG B 612 36.00 -46.27 1.13
C ARG B 612 35.58 -47.22 -0.06
N ILE B 628 31.60 -51.04 -10.89
CA ILE B 628 30.58 -51.50 -11.91
C ILE B 628 29.34 -50.66 -11.96
N ASN B 629 28.33 -51.18 -12.64
CA ASN B 629 27.04 -50.55 -12.84
C ASN B 629 26.30 -50.47 -11.51
N LYS B 630 26.44 -51.47 -10.66
CA LYS B 630 25.79 -51.45 -9.38
C LYS B 630 26.15 -50.35 -8.41
N LEU B 631 27.48 -49.92 -8.41
CA LEU B 631 27.95 -48.79 -7.66
C LEU B 631 27.39 -47.44 -8.03
N SER B 632 27.23 -47.17 -9.34
CA SER B 632 26.63 -46.05 -9.88
C SER B 632 25.20 -46.01 -9.58
N ARG B 633 24.53 -47.14 -9.58
CA ARG B 633 23.16 -47.25 -9.35
C ARG B 633 22.78 -46.86 -7.98
N ILE B 634 23.51 -47.28 -6.94
CA ILE B 634 23.29 -46.90 -5.51
C ILE B 634 23.49 -45.42 -5.24
N SER B 635 24.56 -44.91 -5.90
CA SER B 635 24.99 -43.55 -5.82
C SER B 635 24.00 -42.53 -6.30
N ILE B 636 23.35 -42.75 -7.49
CA ILE B 636 22.36 -41.88 -8.08
C ILE B 636 21.18 -41.82 -7.18
N LEU B 637 20.67 -42.95 -6.62
CA LEU B 637 19.52 -43.05 -5.76
C LEU B 637 19.72 -42.25 -4.48
N ARG B 638 20.91 -42.44 -3.92
CA ARG B 638 21.30 -41.82 -2.63
C ARG B 638 21.26 -40.27 -2.76
N THR B 639 21.89 -39.75 -3.87
CA THR B 639 22.00 -38.33 -4.22
C THR B 639 20.65 -37.68 -4.55
N GLN B 640 19.71 -38.35 -5.30
CA GLN B 640 18.43 -37.84 -5.61
C GLN B 640 17.43 -37.60 -4.40
N PHE B 641 17.35 -38.56 -3.45
CA PHE B 641 16.51 -38.46 -2.23
C PHE B 641 17.04 -37.37 -1.36
N GLN B 642 18.42 -37.20 -1.28
CA GLN B 642 19.09 -36.20 -0.47
C GLN B 642 18.78 -34.76 -0.94
N GLN B 643 18.69 -34.51 -2.33
CA GLN B 643 18.13 -33.30 -2.89
C GLN B 643 16.61 -33.22 -2.56
N PHE B 644 15.73 -34.26 -2.61
CA PHE B 644 14.33 -34.21 -2.45
C PHE B 644 14.04 -33.72 -1.05
N ASN B 645 14.72 -34.28 0.02
CA ASN B 645 14.61 -33.80 1.45
C ASN B 645 15.07 -32.42 1.55
N SER B 646 16.18 -32.04 0.88
CA SER B 646 16.74 -30.70 0.90
C SER B 646 15.84 -29.67 0.33
N LYS B 647 15.11 -29.97 -0.71
CA LYS B 647 14.23 -29.16 -1.44
C LYS B 647 13.06 -28.76 -0.55
N MET B 648 12.52 -29.71 0.20
CA MET B 648 11.48 -29.43 1.22
C MET B 648 11.94 -28.51 2.31
N GLU B 649 13.17 -28.79 2.80
CA GLU B 649 13.75 -28.03 3.89
C GLU B 649 13.99 -26.55 3.45
N SER B 650 14.39 -26.44 2.15
CA SER B 650 14.56 -25.18 1.39
C SER B 650 13.28 -24.39 1.29
N TYR B 651 12.23 -25.06 0.84
CA TYR B 651 10.98 -24.41 0.52
C TYR B 651 10.41 -23.93 1.81
N TYR B 652 10.51 -24.75 2.89
CA TYR B 652 10.12 -24.37 4.29
C TYR B 652 10.90 -23.22 4.69
N LEU B 653 12.28 -23.20 4.45
CA LEU B 653 13.17 -22.15 4.91
C LEU B 653 12.80 -20.83 4.20
N ASN B 654 12.66 -20.77 2.90
CA ASN B 654 12.51 -19.59 2.15
C ASN B 654 11.16 -18.95 2.22
N CYS B 655 10.07 -19.74 1.98
CA CYS B 655 8.72 -19.30 1.89
C CYS B 655 8.08 -18.87 3.16
N ILE B 656 8.55 -19.47 4.29
CA ILE B 656 7.83 -19.31 5.58
C ILE B 656 8.63 -18.53 6.50
N ILE B 657 9.78 -19.09 6.98
CA ILE B 657 10.62 -18.61 7.98
C ILE B 657 11.23 -17.33 7.66
N GLU B 658 11.86 -17.15 6.49
CA GLU B 658 12.43 -15.87 6.15
C GLU B 658 11.42 -14.83 6.01
N GLU B 659 10.28 -15.15 5.38
CA GLU B 659 9.24 -14.21 5.11
C GLU B 659 8.61 -13.72 6.37
N ASN B 660 8.29 -14.66 7.33
CA ASN B 660 7.73 -14.32 8.60
C ASN B 660 8.75 -13.50 9.35
N PHE B 661 10.07 -13.79 9.35
CA PHE B 661 11.07 -12.97 10.06
C PHE B 661 11.20 -11.56 9.56
N LYS B 662 11.11 -11.32 8.21
CA LYS B 662 11.18 -9.91 7.72
C LYS B 662 9.95 -9.12 8.27
N GLU B 663 8.72 -9.70 8.32
CA GLU B 663 7.52 -9.09 8.84
C GLU B 663 7.63 -8.79 10.32
N MET B 664 8.23 -9.73 11.08
CA MET B 664 8.47 -9.65 12.54
C MET B 664 9.35 -8.49 12.94
N THR B 665 10.43 -8.25 12.22
CA THR B 665 11.36 -7.21 12.42
C THR B 665 10.71 -5.93 12.16
N ARG B 666 9.88 -5.86 11.11
CA ARG B 666 9.19 -4.66 10.77
C ARG B 666 8.22 -4.14 11.78
N LYS B 667 7.37 -5.04 12.31
CA LYS B 667 6.36 -4.72 13.29
C LYS B 667 6.93 -4.17 14.61
N LEU B 668 8.03 -4.80 15.07
CA LEU B 668 8.68 -4.30 16.28
C LEU B 668 9.21 -2.90 16.13
N GLN B 669 9.90 -2.60 14.95
CA GLN B 669 10.60 -1.36 14.77
C GLN B 669 9.74 -0.20 14.66
N ARG B 670 8.62 -0.38 13.94
CA ARG B 670 7.56 0.61 13.74
C ARG B 670 6.98 0.99 15.15
N THR B 671 6.64 0.03 15.98
CA THR B 671 5.90 0.39 17.21
C THR B 671 6.86 0.89 18.27
N LEU B 719 8.48 -0.24 22.53
CA LEU B 719 7.23 -1.01 22.31
C LEU B 719 6.70 -1.67 23.52
N ASN B 720 5.81 -2.67 23.45
CA ASN B 720 5.29 -3.40 24.59
C ASN B 720 5.51 -4.83 24.28
N ILE B 721 5.39 -5.63 25.37
CA ILE B 721 5.50 -7.08 25.37
C ILE B 721 4.40 -7.73 24.45
N ASP B 722 3.17 -7.27 24.40
CA ASP B 722 2.15 -7.90 23.65
C ASP B 722 2.41 -8.12 22.18
N GLU B 723 3.05 -7.06 21.58
CA GLU B 723 3.38 -7.15 20.19
C GLU B 723 4.38 -8.28 19.94
N LEU B 724 5.42 -8.53 20.84
CA LEU B 724 6.37 -9.58 20.75
C LEU B 724 5.76 -10.97 20.91
N GLU B 725 4.94 -11.23 21.94
CA GLU B 725 4.26 -12.50 22.14
C GLU B 725 3.31 -12.91 21.05
N SER B 726 2.56 -11.86 20.62
CA SER B 726 1.60 -12.01 19.49
C SER B 726 2.26 -12.41 18.15
N VAL B 727 3.33 -11.63 17.72
CA VAL B 727 4.09 -11.95 16.46
C VAL B 727 4.83 -13.26 16.46
N HIS B 728 5.46 -13.54 17.70
CA HIS B 728 6.21 -14.76 17.91
C HIS B 728 5.34 -16.01 17.81
N ASN B 729 4.07 -15.88 18.35
CA ASN B 729 3.01 -16.86 18.37
C ASN B 729 2.54 -17.13 16.97
N THR B 730 2.37 -16.10 16.11
CA THR B 730 1.84 -16.26 14.70
C THR B 730 2.89 -17.14 13.95
N PHE B 731 4.22 -16.85 14.15
CA PHE B 731 5.32 -17.55 13.57
C PHE B 731 5.38 -19.03 13.95
N LEU B 732 5.27 -19.33 15.27
CA LEU B 732 5.26 -20.63 15.81
C LEU B 732 4.08 -21.42 15.31
N THR B 733 2.90 -20.74 15.24
CA THR B 733 1.67 -21.32 14.80
C THR B 733 1.55 -21.75 13.40
N ASN B 734 2.10 -20.92 12.42
CA ASN B 734 2.18 -21.37 11.05
C ASN B 734 3.12 -22.61 10.97
N ILE B 735 4.29 -22.65 11.63
CA ILE B 735 5.22 -23.78 11.65
C ILE B 735 4.52 -25.01 12.25
N LEU B 736 3.68 -24.91 13.22
CA LEU B 736 2.90 -26.00 13.88
C LEU B 736 1.92 -26.62 12.86
N SER B 737 1.27 -25.81 12.00
CA SER B 737 0.38 -26.31 10.95
C SER B 737 1.07 -27.23 9.96
N HIS B 738 2.26 -26.71 9.55
CA HIS B 738 3.16 -27.42 8.61
C HIS B 738 3.67 -28.71 9.16
N LYS B 739 4.01 -28.69 10.46
CA LYS B 739 4.49 -29.78 11.23
C LYS B 739 3.44 -30.86 11.26
N LEU B 740 2.14 -30.60 11.49
CA LEU B 740 1.06 -31.47 11.63
C LEU B 740 0.68 -32.15 10.33
N PHE B 741 0.53 -31.53 9.16
CA PHE B 741 0.21 -32.05 7.89
C PHE B 741 1.26 -32.92 7.21
N ALA B 742 2.48 -32.44 6.92
CA ALA B 742 3.52 -33.29 6.35
C ALA B 742 4.31 -34.15 7.28
N THR B 743 4.91 -33.44 8.35
CA THR B 743 6.03 -33.88 9.23
C THR B 743 7.13 -34.38 8.28
N GLN B 756 1.92 -36.67 8.27
CA GLN B 756 1.90 -37.96 8.96
C GLN B 756 2.51 -39.16 8.10
N PRO B 757 2.38 -39.32 6.80
CA PRO B 757 3.07 -40.26 5.95
C PRO B 757 4.56 -40.11 5.85
N TYR B 758 5.06 -38.83 5.93
CA TYR B 758 6.46 -38.61 5.63
C TYR B 758 7.50 -39.22 6.57
N PRO B 759 7.52 -39.11 7.95
CA PRO B 759 8.55 -39.85 8.70
C PRO B 759 8.59 -41.30 8.54
N THR B 760 7.45 -41.96 8.21
CA THR B 760 7.37 -43.39 8.01
C THR B 760 8.19 -43.75 6.85
N SER B 761 8.14 -42.97 5.79
CA SER B 761 8.87 -43.06 4.58
C SER B 761 10.41 -42.83 4.81
N LEU B 762 10.81 -41.80 5.65
CA LEU B 762 12.16 -41.32 6.02
C LEU B 762 12.82 -42.51 6.77
N VAL B 763 12.14 -43.17 7.70
CA VAL B 763 12.74 -44.26 8.44
C VAL B 763 13.13 -45.46 7.66
N LEU B 764 12.24 -45.90 6.63
CA LEU B 764 12.67 -47.00 5.75
C LEU B 764 13.88 -46.66 4.88
N LEU B 765 13.92 -45.35 4.38
CA LEU B 765 15.03 -44.82 3.57
C LEU B 765 16.40 -44.89 4.29
N LEU B 766 16.34 -44.51 5.60
CA LEU B 766 17.49 -44.34 6.46
C LEU B 766 18.23 -45.62 6.61
N ASN B 767 17.52 -46.78 6.79
CA ASN B 767 18.24 -48.07 6.95
C ASN B 767 18.95 -48.46 5.63
N SER B 768 18.23 -48.19 4.51
CA SER B 768 18.63 -48.53 3.15
C SER B 768 19.88 -47.79 2.75
N VAL B 769 20.03 -46.53 3.06
CA VAL B 769 21.16 -45.68 2.87
C VAL B 769 22.33 -46.30 3.62
N TYR B 770 22.22 -46.85 4.86
CA TYR B 770 23.23 -47.52 5.59
C TYR B 770 23.68 -48.73 4.93
N GLU B 771 22.85 -49.59 4.39
CA GLU B 771 23.07 -50.79 3.73
C GLU B 771 23.85 -50.47 2.42
N PHE B 772 23.45 -49.45 1.70
CA PHE B 772 24.04 -49.13 0.34
C PHE B 772 25.49 -48.84 0.54
N VAL B 773 25.86 -47.97 1.58
CA VAL B 773 27.21 -47.60 1.85
C VAL B 773 28.01 -48.86 2.17
N LYS B 774 27.48 -49.87 2.92
CA LYS B 774 28.17 -51.05 3.30
C LYS B 774 28.51 -51.93 2.15
N VAL B 775 27.64 -52.16 1.18
CA VAL B 775 27.88 -52.92 -0.04
C VAL B 775 28.99 -52.20 -0.86
N TYR B 776 28.92 -50.82 -0.94
CA TYR B 776 29.84 -50.02 -1.72
C TYR B 776 31.30 -50.07 -1.23
N CYS B 777 31.56 -50.11 0.09
CA CYS B 777 32.97 -50.11 0.61
C CYS B 777 33.71 -51.34 0.15
N ASN B 778 32.97 -52.46 0.10
CA ASN B 778 33.49 -53.74 -0.27
C ASN B 778 34.16 -53.82 -1.65
N LEU B 779 33.59 -53.09 -2.69
CA LEU B 779 34.06 -52.99 -4.03
C LEU B 779 33.49 -54.18 -4.81
N ASN B 780 32.46 -53.95 -5.64
CA ASN B 780 31.65 -55.04 -6.25
C ASN B 780 32.34 -55.57 -7.49
N SER B 798 35.53 -62.97 -0.16
CA SER B 798 35.72 -64.04 -1.12
C SER B 798 34.72 -63.94 -2.18
N ASN B 799 34.60 -64.86 -3.17
CA ASN B 799 33.67 -64.79 -4.29
C ASN B 799 32.20 -64.81 -3.86
N GLY B 800 31.93 -65.67 -2.88
CA GLY B 800 30.59 -65.92 -2.34
C GLY B 800 30.03 -64.70 -1.68
N LEU B 801 30.87 -63.94 -0.90
CA LEU B 801 30.43 -62.79 -0.14
C LEU B 801 29.91 -61.64 -1.00
N LEU B 802 30.58 -61.25 -2.17
CA LEU B 802 30.23 -60.18 -3.04
C LEU B 802 28.91 -60.49 -3.63
N GLY B 803 28.63 -61.70 -4.04
CA GLY B 803 27.41 -62.17 -4.69
C GLY B 803 26.26 -62.02 -3.77
N LYS B 804 26.37 -62.36 -2.47
CA LYS B 804 25.44 -62.34 -1.39
C LYS B 804 25.00 -60.89 -1.15
N PHE B 805 25.96 -60.00 -1.20
CA PHE B 805 25.81 -58.55 -0.95
C PHE B 805 24.92 -57.96 -1.97
N ASN B 806 25.18 -58.48 -3.25
CA ASN B 806 24.39 -58.05 -4.40
C ASN B 806 22.94 -58.40 -4.27
N THR B 807 22.68 -59.62 -3.73
CA THR B 807 21.33 -60.16 -3.65
C THR B 807 20.51 -59.33 -2.64
N ASN B 808 21.14 -58.99 -1.48
CA ASN B 808 20.46 -58.19 -0.47
C ASN B 808 20.21 -56.80 -1.00
N LEU B 809 21.23 -56.31 -1.74
CA LEU B 809 21.18 -54.99 -2.26
C LEU B 809 20.13 -54.71 -3.32
N LYS B 810 19.86 -55.58 -4.25
CA LYS B 810 18.84 -55.37 -5.35
C LYS B 810 17.44 -55.29 -4.75
N GLU B 811 17.18 -56.16 -3.74
CA GLU B 811 15.88 -56.17 -3.09
C GLU B 811 15.56 -54.89 -2.27
N ILE B 812 16.58 -54.35 -1.54
CA ILE B 812 16.43 -53.14 -0.84
C ILE B 812 16.20 -51.92 -1.63
N VAL B 813 16.88 -51.79 -2.83
CA VAL B 813 16.87 -50.75 -3.86
C VAL B 813 15.46 -50.70 -4.46
N SER B 814 14.81 -51.85 -4.68
CA SER B 814 13.48 -51.94 -5.21
C SER B 814 12.38 -51.36 -4.31
N GLN B 815 12.63 -51.71 -3.02
CA GLN B 815 11.78 -51.10 -2.00
C GLN B 815 11.92 -49.63 -1.84
N TYR B 816 13.21 -49.17 -1.86
CA TYR B 816 13.63 -47.82 -1.63
C TYR B 816 13.06 -46.97 -2.67
N LYS B 817 13.10 -47.45 -3.92
CA LYS B 817 12.59 -46.79 -5.15
C LYS B 817 11.04 -46.58 -5.01
N ASN B 818 10.28 -47.58 -4.53
CA ASN B 818 8.82 -47.40 -4.38
C ASN B 818 8.47 -46.34 -3.38
N PHE B 819 9.07 -46.30 -2.19
CA PHE B 819 8.80 -45.22 -1.24
C PHE B 819 9.19 -43.86 -1.60
N LYS B 820 10.43 -43.82 -2.32
CA LYS B 820 10.95 -42.59 -2.87
C LYS B 820 10.04 -41.99 -3.90
N ASP B 821 9.38 -42.79 -4.82
CA ASP B 821 8.42 -42.31 -5.79
C ASP B 821 7.19 -41.75 -5.14
N ARG B 822 6.61 -42.34 -4.08
CA ARG B 822 5.46 -41.87 -3.38
C ARG B 822 5.75 -40.57 -2.74
N LEU B 823 6.98 -40.44 -2.13
CA LEU B 823 7.39 -39.19 -1.47
C LEU B 823 7.53 -38.11 -2.42
N TYR B 824 8.07 -38.29 -3.63
CA TYR B 824 8.17 -37.25 -4.61
C TYR B 824 6.82 -36.75 -5.04
N ILE B 825 5.84 -37.60 -5.25
CA ILE B 825 4.48 -37.07 -5.65
C ILE B 825 3.82 -36.20 -4.56
N PHE B 826 3.96 -36.64 -3.23
CA PHE B 826 3.32 -35.96 -2.11
C PHE B 826 3.87 -34.53 -2.00
N ARG B 827 5.23 -34.44 -2.26
CA ARG B 827 5.95 -33.16 -2.32
C ARG B 827 5.49 -32.34 -3.47
N ALA B 828 5.20 -32.87 -4.69
CA ALA B 828 4.76 -32.02 -5.78
C ALA B 828 3.40 -31.31 -5.50
N ASP B 829 2.43 -32.05 -4.89
CA ASP B 829 1.10 -31.52 -4.50
C ASP B 829 1.06 -30.47 -3.40
N LEU B 830 1.90 -30.54 -2.36
CA LEU B 830 2.00 -29.46 -1.39
C LEU B 830 2.55 -28.26 -1.97
N LYS B 831 3.53 -28.37 -2.91
CA LYS B 831 4.10 -27.23 -3.57
C LYS B 831 3.10 -26.47 -4.47
N ASN B 832 2.28 -27.19 -5.32
CA ASN B 832 1.44 -26.59 -6.26
C ASN B 832 0.05 -26.10 -5.66
N ASP B 833 -0.35 -26.52 -4.45
CA ASP B 833 -1.61 -26.14 -3.79
C ASP B 833 -1.44 -26.66 -2.32
N GLY B 834 -2.33 -26.17 -1.37
CA GLY B 834 -2.30 -26.63 0.02
C GLY B 834 -2.80 -28.04 0.11
N ASP B 835 -3.63 -28.37 -0.93
CA ASP B 835 -4.04 -29.75 -1.27
C ASP B 835 -4.81 -30.54 -0.20
N GLU B 836 -6.11 -30.62 -0.46
CA GLU B 836 -7.15 -31.14 0.33
C GLU B 836 -6.94 -32.69 0.41
N GLU B 837 -6.53 -33.30 -0.73
CA GLU B 837 -6.25 -34.71 -0.77
C GLU B 837 -5.17 -35.22 0.15
N LEU B 838 -4.06 -34.42 0.19
CA LEU B 838 -2.92 -34.71 1.14
C LEU B 838 -3.25 -34.51 2.58
N PHE B 839 -4.10 -33.56 2.96
CA PHE B 839 -4.61 -33.44 4.27
C PHE B 839 -5.41 -34.71 4.73
N LEU B 840 -6.33 -35.23 3.82
CA LEU B 840 -7.13 -36.36 4.08
C LEU B 840 -6.21 -37.53 4.27
N LEU B 841 -5.18 -37.64 3.43
CA LEU B 841 -4.23 -38.77 3.40
C LEU B 841 -3.46 -38.83 4.70
N SER B 842 -3.04 -37.69 5.09
CA SER B 842 -2.36 -37.51 6.36
C SER B 842 -3.18 -37.88 7.57
N LYS B 843 -4.47 -37.40 7.55
CA LYS B 843 -5.38 -37.65 8.67
C LYS B 843 -5.66 -39.17 8.84
N SER B 844 -5.83 -39.83 7.68
CA SER B 844 -6.10 -41.25 7.52
C SER B 844 -4.98 -42.09 8.12
N LEU B 845 -3.77 -41.64 7.92
CA LEU B 845 -2.65 -42.42 8.36
C LEU B 845 -2.16 -41.82 9.68
N ARG B 846 -3.09 -41.69 10.70
CA ARG B 846 -2.80 -41.24 12.06
C ARG B 846 -2.07 -42.35 12.77
N MET C 1 5.48 6.90 -18.99
CA MET C 1 5.48 7.45 -20.35
C MET C 1 6.23 6.48 -21.29
N GLY C 2 5.52 5.58 -22.05
CA GLY C 2 6.18 4.49 -22.75
C GLY C 2 6.17 4.89 -24.24
N GLY C 3 6.50 3.98 -25.18
CA GLY C 3 6.34 4.31 -26.54
C GLY C 3 7.39 5.28 -27.03
N GLU C 4 8.72 4.96 -26.81
CA GLU C 4 9.90 5.82 -26.98
C GLU C 4 10.18 5.97 -28.43
N ILE C 5 10.78 7.13 -28.81
CA ILE C 5 11.25 7.38 -30.10
C ILE C 5 12.71 7.77 -29.88
N ILE C 6 13.55 7.23 -30.77
CA ILE C 6 14.98 7.48 -30.91
C ILE C 6 15.03 8.27 -32.19
N THR C 7 15.73 9.40 -32.13
CA THR C 7 15.95 10.34 -33.19
C THR C 7 17.31 10.37 -33.75
N LEU C 8 17.35 10.35 -35.10
CA LEU C 8 18.62 10.33 -35.78
C LEU C 8 18.68 11.59 -36.54
N GLN C 9 19.73 12.43 -36.48
CA GLN C 9 19.94 13.62 -37.24
C GLN C 9 21.16 13.46 -38.05
N ALA C 10 20.97 13.72 -39.36
CA ALA C 10 21.96 13.65 -40.38
C ALA C 10 21.80 14.96 -41.11
N GLY C 11 22.94 15.47 -41.52
CA GLY C 11 23.08 16.59 -42.45
C GLY C 11 22.95 17.91 -41.78
N GLN C 12 23.13 18.96 -42.53
CA GLN C 12 23.20 20.31 -42.00
C GLN C 12 21.83 20.73 -41.41
N CYS C 13 20.70 20.48 -42.14
CA CYS C 13 19.37 20.74 -41.80
C CYS C 13 18.86 20.01 -40.59
N GLY C 14 19.10 18.68 -40.59
CA GLY C 14 18.62 17.75 -39.61
C GLY C 14 19.20 18.05 -38.24
N ASN C 15 20.51 18.40 -38.10
CA ASN C 15 21.10 18.88 -36.81
C ASN C 15 20.57 20.23 -36.39
N HIS C 16 20.41 21.07 -37.44
CA HIS C 16 19.94 22.47 -37.25
C HIS C 16 18.50 22.58 -36.69
N VAL C 17 17.55 21.85 -37.28
CA VAL C 17 16.16 21.70 -36.85
C VAL C 17 16.12 21.01 -35.58
N GLY C 18 17.01 19.95 -35.39
CA GLY C 18 17.09 19.08 -34.22
C GLY C 18 17.47 19.94 -33.02
N LYS C 19 18.41 20.88 -33.17
CA LYS C 19 18.86 21.69 -32.00
C LYS C 19 17.76 22.58 -31.46
N PHE C 20 16.96 23.22 -32.39
CA PHE C 20 15.79 24.07 -32.20
C PHE C 20 14.69 23.28 -31.62
N LEU C 21 14.46 22.02 -32.00
CA LEU C 21 13.39 21.16 -31.42
C LEU C 21 13.62 20.92 -29.98
N TRP C 22 14.89 20.58 -29.56
CA TRP C 22 15.15 20.28 -28.14
C TRP C 22 14.97 21.48 -27.25
N SER C 23 15.41 22.69 -27.74
CA SER C 23 15.18 23.88 -26.97
C SER C 23 13.72 24.15 -26.78
N GLN C 24 12.90 23.90 -27.85
CA GLN C 24 11.46 24.25 -27.92
C GLN C 24 10.76 23.44 -26.83
N LEU C 25 11.20 22.14 -26.79
CA LEU C 25 10.58 21.14 -25.87
C LEU C 25 10.92 21.57 -24.44
N ALA C 26 12.17 22.07 -24.30
CA ALA C 26 12.78 22.34 -23.05
C ALA C 26 11.95 23.45 -22.33
N LYS C 27 11.53 24.45 -23.12
CA LYS C 27 10.70 25.58 -22.67
C LYS C 27 9.35 25.10 -22.22
N GLU C 28 8.77 24.18 -22.98
CA GLU C 28 7.40 23.61 -22.83
C GLU C 28 7.22 22.82 -21.56
N HIS C 29 8.24 22.01 -21.15
CA HIS C 29 8.10 21.11 -20.01
C HIS C 29 8.72 21.81 -18.83
N ALA C 30 8.90 23.12 -18.79
CA ALA C 30 9.50 23.96 -17.73
C ALA C 30 10.81 23.49 -17.13
N ILE C 31 11.82 23.33 -18.01
CA ILE C 31 13.08 22.83 -17.55
C ILE C 31 14.10 23.74 -18.18
N GLY C 32 15.31 23.78 -17.50
CA GLY C 32 16.28 24.71 -17.82
C GLY C 32 16.96 24.30 -19.16
N THR C 33 18.16 24.99 -19.52
CA THR C 33 18.75 24.82 -20.80
C THR C 33 19.89 23.93 -20.78
N ASP C 34 20.20 23.36 -19.61
CA ASP C 34 21.17 22.33 -19.42
C ASP C 34 20.30 21.17 -18.94
N GLY C 35 18.94 21.40 -18.95
CA GLY C 35 17.91 20.43 -18.66
C GLY C 35 17.81 20.21 -17.19
N LEU C 36 18.32 21.21 -16.46
CA LEU C 36 18.12 21.22 -15.04
C LEU C 36 16.61 21.29 -14.74
N SER C 37 16.13 20.44 -13.81
CA SER C 37 14.74 20.25 -13.59
C SER C 37 14.15 21.44 -12.94
N GLN C 38 12.95 22.03 -13.37
CA GLN C 38 12.35 23.21 -12.78
C GLN C 38 10.81 23.15 -12.85
N LEU C 39 10.39 21.84 -13.13
CA LEU C 39 9.02 21.25 -13.20
C LEU C 39 8.21 21.73 -12.04
N PRO C 40 6.98 22.19 -12.37
CA PRO C 40 5.96 22.68 -11.41
C PRO C 40 5.09 21.48 -11.12
N ASP C 41 5.40 20.30 -11.60
CA ASP C 41 4.59 19.09 -11.60
C ASP C 41 5.44 18.01 -10.88
N SER C 42 4.91 17.37 -9.89
CA SER C 42 5.46 16.38 -9.00
C SER C 42 4.23 15.65 -8.58
N SER C 43 3.06 16.28 -8.73
CA SER C 43 1.82 15.60 -8.37
C SER C 43 0.69 16.27 -9.13
N THR C 44 1.05 17.21 -10.07
CA THR C 44 0.16 17.97 -10.92
C THR C 44 0.29 17.46 -12.24
N GLU C 45 -0.75 17.78 -13.10
CA GLU C 45 -0.73 17.22 -14.46
C GLU C 45 -1.09 18.47 -15.25
N ARG C 46 -0.43 18.62 -16.43
CA ARG C 46 -0.68 19.66 -17.33
C ARG C 46 -0.11 19.09 -18.59
N ASP C 47 1.15 18.65 -18.43
CA ASP C 47 2.05 18.07 -19.38
C ASP C 47 3.20 17.79 -18.48
N ASP C 48 3.39 16.51 -18.13
CA ASP C 48 4.58 16.02 -17.40
C ASP C 48 5.67 15.63 -18.42
N ASP C 49 6.96 15.72 -17.91
CA ASP C 49 8.22 15.58 -18.66
C ASP C 49 8.30 14.23 -19.42
N THR C 50 8.81 14.29 -20.68
CA THR C 50 8.47 13.30 -21.67
C THR C 50 9.56 12.31 -21.80
N LYS C 51 9.35 11.08 -21.31
CA LYS C 51 10.36 10.05 -21.46
C LYS C 51 10.39 9.55 -22.94
N PRO C 52 9.44 9.67 -23.80
CA PRO C 52 9.71 9.30 -25.17
C PRO C 52 10.70 10.18 -25.89
N PHE C 53 11.01 11.43 -25.49
CA PHE C 53 11.89 12.30 -26.13
C PHE C 53 13.24 12.57 -25.28
N PHE C 54 13.19 12.20 -23.97
CA PHE C 54 14.29 12.58 -23.04
C PHE C 54 14.71 11.20 -22.52
N ARG C 55 16.01 11.13 -22.03
CA ARG C 55 16.40 10.06 -21.19
C ARG C 55 17.14 10.68 -20.04
N GLU C 56 17.19 9.99 -18.92
CA GLU C 56 17.89 10.50 -17.80
C GLU C 56 19.07 9.67 -17.82
N ASN C 57 20.26 10.33 -17.63
CA ASN C 57 21.56 9.72 -17.56
C ASN C 57 21.96 9.76 -16.09
N SER C 58 20.95 10.24 -15.25
CA SER C 58 21.00 10.31 -13.79
C SER C 58 21.94 11.43 -13.45
N ARG C 59 21.95 12.52 -14.23
CA ARG C 59 22.70 13.62 -14.02
C ARG C 59 21.85 14.73 -13.34
N ASN C 60 20.52 14.41 -13.15
CA ASN C 60 19.38 15.27 -12.78
C ASN C 60 19.25 16.23 -13.91
N LYS C 61 19.72 15.99 -15.16
CA LYS C 61 19.73 16.86 -16.27
C LYS C 61 19.32 15.84 -17.32
N PHE C 62 18.31 16.28 -18.06
CA PHE C 62 17.62 15.56 -19.16
C PHE C 62 18.40 15.71 -20.40
N THR C 63 18.45 14.66 -21.22
CA THR C 63 19.27 14.60 -22.39
C THR C 63 18.43 14.14 -23.51
N PRO C 64 18.62 14.69 -24.66
CA PRO C 64 17.78 14.28 -25.74
C PRO C 64 18.17 12.84 -26.13
N ARG C 65 17.23 11.94 -26.44
CA ARG C 65 17.51 10.68 -27.01
C ARG C 65 17.92 10.92 -28.46
N ALA C 66 19.14 11.51 -28.72
CA ALA C 66 19.37 12.03 -30.05
C ALA C 66 20.79 11.74 -30.52
N ILE C 67 20.95 11.48 -31.85
CA ILE C 67 22.30 11.35 -32.44
C ILE C 67 22.42 12.45 -33.45
N MET C 68 23.54 13.14 -33.31
CA MET C 68 23.85 14.27 -34.15
C MET C 68 25.08 13.84 -35.00
N MET C 69 24.89 14.05 -36.35
CA MET C 69 25.76 13.70 -37.41
C MET C 69 25.86 14.85 -38.38
N ASP C 70 27.10 15.11 -38.87
CA ASP C 70 27.39 16.03 -40.04
C ASP C 70 28.90 16.18 -40.00
N SER C 71 29.41 17.27 -40.68
CA SER C 71 30.83 17.73 -40.58
C SER C 71 30.51 19.08 -40.01
N GLU C 72 31.39 19.99 -40.34
CA GLU C 72 31.63 21.26 -39.66
C GLU C 72 30.54 22.35 -39.66
N PRO C 73 29.84 22.73 -40.73
CA PRO C 73 29.00 23.93 -40.79
C PRO C 73 27.91 23.94 -39.71
N SER C 74 27.12 22.82 -39.54
CA SER C 74 26.10 22.82 -38.51
C SER C 74 26.64 22.76 -37.09
N VAL C 75 27.67 21.92 -36.81
CA VAL C 75 28.15 21.76 -35.49
C VAL C 75 28.73 22.93 -34.82
N ILE C 76 29.45 23.76 -35.63
CA ILE C 76 30.11 24.99 -35.16
C ILE C 76 29.09 26.02 -34.72
N ALA C 77 28.01 26.06 -35.49
CA ALA C 77 26.90 26.91 -35.20
C ALA C 77 26.15 26.70 -33.93
N ASP C 78 25.92 25.42 -33.54
CA ASP C 78 25.34 24.82 -32.34
C ASP C 78 26.13 25.18 -31.10
N VAL C 79 27.42 25.13 -31.24
CA VAL C 79 28.35 25.40 -30.14
C VAL C 79 28.31 26.82 -29.62
N GLU C 80 28.07 27.88 -30.44
CA GLU C 80 28.03 29.25 -29.97
C GLU C 80 26.86 29.49 -29.04
N ASN C 81 25.74 28.82 -29.36
CA ASN C 81 24.46 28.78 -28.73
C ASN C 81 24.52 27.81 -27.57
N THR C 82 23.69 28.10 -26.52
CA THR C 82 23.46 27.34 -25.33
C THR C 82 22.52 26.14 -25.64
N PHE C 83 22.38 25.77 -26.94
CA PHE C 83 21.62 24.61 -27.36
C PHE C 83 22.51 23.32 -27.29
N ARG C 84 23.76 23.59 -27.07
CA ARG C 84 24.86 22.70 -26.95
C ARG C 84 25.02 22.14 -25.52
N GLY C 85 24.49 22.87 -24.55
CA GLY C 85 24.67 22.45 -23.17
C GLY C 85 23.55 21.47 -22.73
N PHE C 86 22.59 21.31 -23.67
CA PHE C 86 21.52 20.39 -23.58
C PHE C 86 21.95 19.09 -24.05
N PHE C 87 22.73 19.08 -25.14
CA PHE C 87 23.37 17.92 -25.85
C PHE C 87 24.50 17.31 -24.95
N ASP C 88 24.88 16.14 -25.28
CA ASP C 88 25.98 15.36 -24.80
C ASP C 88 27.00 15.28 -25.95
N PRO C 89 28.29 15.49 -25.68
CA PRO C 89 29.32 15.49 -26.75
C PRO C 89 29.42 14.14 -27.43
N ARG C 90 29.09 12.99 -26.73
CA ARG C 90 29.24 11.64 -27.16
C ARG C 90 28.30 11.31 -28.34
N ASN C 91 27.12 11.96 -28.43
CA ASN C 91 26.17 11.80 -29.54
C ASN C 91 26.71 12.41 -30.80
N THR C 92 27.69 13.34 -30.66
CA THR C 92 28.12 14.26 -31.72
C THR C 92 29.30 13.67 -32.48
N TRP C 93 29.18 13.54 -33.83
CA TRP C 93 30.18 12.95 -34.73
C TRP C 93 30.31 13.99 -35.88
N VAL C 94 31.61 14.29 -36.09
CA VAL C 94 32.15 15.25 -37.02
C VAL C 94 33.21 14.53 -37.86
N ALA C 95 32.95 14.64 -39.20
CA ALA C 95 33.89 14.16 -40.19
C ALA C 95 34.66 15.43 -40.62
N SER C 96 35.85 15.26 -41.31
CA SER C 96 36.72 16.34 -41.71
C SER C 96 36.81 16.48 -43.22
N ASP C 97 35.76 15.93 -43.78
CA ASP C 97 35.51 16.17 -45.19
C ASP C 97 35.12 17.62 -45.34
N GLY C 98 34.05 18.10 -44.62
CA GLY C 98 33.57 19.48 -44.73
C GLY C 98 32.44 19.57 -45.68
N ALA C 99 31.50 20.39 -45.21
CA ALA C 99 30.32 20.83 -45.91
C ALA C 99 29.43 19.58 -46.24
N SER C 100 28.98 18.88 -45.14
CA SER C 100 28.14 17.67 -45.21
C SER C 100 29.12 16.54 -45.47
N ALA C 101 29.34 16.24 -46.78
CA ALA C 101 30.39 15.24 -47.15
C ALA C 101 31.00 15.55 -48.46
N GLY C 102 30.79 16.83 -48.89
CA GLY C 102 31.32 17.27 -50.18
C GLY C 102 30.09 17.28 -51.07
N ASN C 103 28.86 16.98 -50.46
CA ASN C 103 27.63 16.89 -51.11
C ASN C 103 27.65 15.92 -52.22
N SER C 104 27.69 14.60 -51.87
CA SER C 104 27.54 13.61 -52.87
C SER C 104 26.97 12.48 -52.05
N TRP C 105 26.02 11.70 -52.67
CA TRP C 105 25.38 10.52 -52.14
C TRP C 105 26.40 9.43 -51.93
N ALA C 106 27.37 9.21 -52.90
CA ALA C 106 28.41 8.23 -53.02
C ALA C 106 29.43 8.37 -51.92
N ASN C 107 29.82 9.67 -51.64
CA ASN C 107 30.74 10.06 -50.58
C ASN C 107 30.16 9.67 -49.28
N GLY C 108 28.86 9.87 -49.17
CA GLY C 108 28.00 9.70 -48.01
C GLY C 108 27.88 8.26 -47.65
N TYR C 109 27.73 7.41 -48.76
CA TYR C 109 27.64 5.92 -48.67
C TYR C 109 28.92 5.33 -48.18
N ASP C 110 30.09 5.79 -48.69
CA ASP C 110 31.38 5.23 -48.34
C ASP C 110 31.69 5.50 -46.86
N ILE C 111 31.37 6.69 -46.35
CA ILE C 111 31.54 6.93 -44.97
C ILE C 111 30.66 6.18 -44.02
N GLY C 112 29.35 5.92 -44.35
CA GLY C 112 28.41 5.21 -43.59
C GLY C 112 28.87 3.84 -43.27
N THR C 113 29.52 3.19 -44.23
CA THR C 113 30.14 1.90 -44.08
C THR C 113 31.28 1.98 -43.05
N ARG C 114 32.09 3.07 -43.07
CA ARG C 114 33.32 3.27 -42.23
C ARG C 114 32.93 3.39 -40.77
N ASN C 115 31.81 4.15 -40.59
CA ASN C 115 31.34 4.37 -39.28
C ASN C 115 30.10 3.54 -39.01
N GLN C 116 30.05 2.26 -39.48
CA GLN C 116 28.90 1.34 -39.20
C GLN C 116 28.83 1.10 -37.71
N ASP C 117 30.03 0.75 -37.11
CA ASP C 117 30.13 0.44 -35.72
C ASP C 117 29.84 1.51 -34.76
N ASP C 118 30.40 2.70 -35.13
CA ASP C 118 30.28 3.85 -34.35
C ASP C 118 28.78 4.38 -34.17
N ILE C 119 28.03 4.45 -35.32
CA ILE C 119 26.63 4.93 -35.32
C ILE C 119 25.81 3.97 -34.58
N LEU C 120 26.04 2.62 -34.78
CA LEU C 120 25.34 1.53 -34.14
C LEU C 120 25.64 1.57 -32.68
N ASN C 121 26.87 1.95 -32.24
CA ASN C 121 27.09 2.11 -30.76
C ASN C 121 26.33 3.11 -30.01
N LYS C 122 26.14 4.34 -30.71
CA LYS C 122 25.26 5.43 -30.21
C LYS C 122 23.80 4.96 -30.14
N ILE C 123 23.32 4.33 -31.24
CA ILE C 123 21.86 3.93 -31.20
C ILE C 123 21.68 2.87 -30.13
N ASP C 124 22.53 1.87 -30.03
CA ASP C 124 22.35 0.80 -29.09
C ASP C 124 22.29 1.25 -27.68
N LYS C 125 23.16 2.26 -27.17
CA LYS C 125 23.07 2.63 -25.71
C LYS C 125 21.69 3.07 -25.42
N GLU C 126 21.15 3.95 -26.25
CA GLU C 126 19.85 4.49 -26.14
C GLU C 126 18.67 3.57 -26.28
N ILE C 127 18.72 2.58 -27.25
CA ILE C 127 17.67 1.59 -27.62
C ILE C 127 17.50 0.71 -26.50
N ASP C 128 18.59 0.17 -25.80
CA ASP C 128 18.41 -0.68 -24.67
C ASP C 128 17.80 0.11 -23.46
N SER C 129 18.07 1.41 -23.34
CA SER C 129 17.62 2.21 -22.25
C SER C 129 16.07 2.41 -22.27
N THR C 130 15.36 2.08 -23.42
CA THR C 130 13.92 2.29 -23.49
C THR C 130 13.09 1.36 -22.59
N ASP C 131 11.88 1.80 -22.13
CA ASP C 131 11.03 0.94 -21.31
C ASP C 131 9.96 0.38 -22.28
N ASN C 132 9.95 0.72 -23.60
CA ASN C 132 9.09 0.13 -24.59
C ASN C 132 9.42 1.01 -25.86
N PHE C 133 10.19 0.42 -26.84
CA PHE C 133 10.68 1.24 -27.95
C PHE C 133 9.56 1.24 -29.01
N GLU C 134 8.91 2.43 -29.36
CA GLU C 134 7.94 2.50 -30.46
C GLU C 134 8.61 2.42 -31.84
N GLY C 135 9.70 3.22 -32.04
CA GLY C 135 10.21 3.38 -33.37
C GLY C 135 11.18 4.54 -33.60
N PHE C 136 11.43 4.80 -34.92
CA PHE C 136 12.47 5.74 -35.36
C PHE C 136 11.94 6.92 -36.05
N GLN C 137 12.74 8.05 -35.92
CA GLN C 137 12.61 9.23 -36.68
C GLN C 137 14.00 9.43 -37.29
N LEU C 138 14.08 9.66 -38.65
CA LEU C 138 15.25 10.13 -39.34
C LEU C 138 14.96 11.53 -39.78
N LEU C 139 15.83 12.48 -39.42
CA LEU C 139 15.83 13.83 -39.72
C LEU C 139 17.00 13.95 -40.64
N HIS C 140 16.66 14.51 -41.80
CA HIS C 140 17.78 14.60 -42.68
C HIS C 140 17.28 15.44 -43.83
N SER C 141 18.22 15.73 -44.71
CA SER C 141 17.91 16.33 -46.03
C SER C 141 18.45 15.41 -47.12
N VAL C 142 17.64 15.45 -48.20
CA VAL C 142 17.87 14.52 -49.29
C VAL C 142 18.72 15.26 -50.31
N ALA C 143 19.34 16.44 -49.93
CA ALA C 143 20.28 17.15 -50.76
C ALA C 143 21.69 17.21 -50.26
N GLY C 144 21.99 16.67 -49.05
CA GLY C 144 23.32 16.70 -48.41
C GLY C 144 24.19 15.69 -48.97
N GLY C 145 25.47 15.57 -48.56
CA GLY C 145 26.33 14.49 -48.97
C GLY C 145 26.08 13.35 -48.06
N THR C 146 26.11 13.71 -46.83
CA THR C 146 25.91 12.88 -45.65
C THR C 146 24.44 12.63 -45.46
N GLY C 147 23.50 13.64 -45.47
CA GLY C 147 22.08 13.44 -45.09
C GLY C 147 21.47 12.44 -45.97
N SER C 148 21.74 12.48 -47.29
CA SER C 148 21.29 11.46 -48.15
C SER C 148 22.02 10.18 -48.00
N GLY C 149 23.38 10.09 -48.26
CA GLY C 149 24.09 8.80 -48.38
C GLY C 149 24.23 8.03 -47.13
N LEU C 150 24.70 8.60 -45.99
CA LEU C 150 24.81 8.03 -44.70
C LEU C 150 23.38 7.77 -44.23
N GLY C 151 22.42 8.68 -44.47
CA GLY C 151 21.08 8.46 -44.06
C GLY C 151 20.54 7.18 -44.77
N SER C 152 20.83 6.95 -46.11
CA SER C 152 20.31 5.84 -46.90
C SER C 152 20.73 4.46 -46.49
N ASN C 153 22.09 4.31 -46.08
CA ASN C 153 22.62 3.07 -45.54
C ASN C 153 22.00 2.74 -44.17
N LEU C 154 21.82 3.84 -43.42
CA LEU C 154 21.15 3.86 -42.09
C LEU C 154 19.73 3.46 -42.14
N LEU C 155 19.00 3.85 -43.25
CA LEU C 155 17.61 3.50 -43.38
C LEU C 155 17.44 2.01 -43.48
N GLU C 156 18.34 1.38 -44.28
CA GLU C 156 18.42 -0.08 -44.59
C GLU C 156 18.80 -0.87 -43.37
N ALA C 157 19.67 -0.36 -42.53
CA ALA C 157 20.04 -0.98 -41.25
C ALA C 157 18.78 -0.98 -40.31
N LEU C 158 17.90 0.07 -40.19
CA LEU C 158 16.68 0.04 -39.31
C LEU C 158 15.72 -1.03 -39.82
N CYS C 159 15.60 -1.17 -41.14
CA CYS C 159 14.66 -2.07 -41.73
C CYS C 159 14.90 -3.52 -41.29
N ASP C 160 16.16 -3.94 -41.39
CA ASP C 160 16.52 -5.30 -41.16
C ASP C 160 16.36 -5.53 -39.63
N ARG C 161 16.87 -4.59 -38.80
CA ARG C 161 17.06 -4.75 -37.36
C ARG C 161 15.67 -4.89 -36.70
N TYR C 162 14.69 -4.04 -36.94
CA TYR C 162 13.35 -4.00 -36.38
C TYR C 162 12.33 -3.94 -37.49
N PRO C 163 11.36 -4.88 -37.64
CA PRO C 163 10.54 -4.70 -38.85
C PRO C 163 9.11 -4.69 -38.37
N LYS C 164 8.89 -4.82 -37.04
CA LYS C 164 7.56 -4.87 -36.51
C LYS C 164 7.33 -3.53 -35.81
N LYS C 165 8.17 -2.49 -36.14
CA LYS C 165 8.20 -1.12 -35.59
C LYS C 165 7.99 -0.03 -36.60
N ILE C 166 7.66 1.17 -36.12
CA ILE C 166 7.32 2.20 -36.99
C ILE C 166 8.59 2.85 -37.43
N LEU C 167 8.71 3.14 -38.77
CA LEU C 167 9.87 3.92 -39.27
C LEU C 167 9.26 5.13 -39.99
N THR C 168 9.55 6.27 -39.38
CA THR C 168 9.16 7.58 -39.91
C THR C 168 10.37 8.37 -40.24
N THR C 169 10.30 9.26 -41.29
CA THR C 169 11.39 10.14 -41.60
C THR C 169 10.67 11.47 -41.73
N TYR C 170 11.48 12.49 -41.46
CA TYR C 170 11.17 13.84 -41.72
C TYR C 170 12.23 14.09 -42.77
N SER C 171 11.90 14.19 -44.08
CA SER C 171 12.82 14.26 -45.17
C SER C 171 12.73 15.60 -45.78
N VAL C 172 13.82 16.29 -45.96
CA VAL C 172 13.66 17.61 -46.62
C VAL C 172 13.90 17.27 -48.09
N PHE C 173 12.90 17.62 -49.00
CA PHE C 173 12.97 17.43 -50.43
C PHE C 173 13.34 18.78 -51.08
N PRO C 174 14.17 18.86 -52.17
CA PRO C 174 14.50 20.19 -52.85
C PRO C 174 13.61 20.45 -54.02
N ALA C 175 13.11 19.36 -54.73
CA ALA C 175 12.40 19.54 -56.02
C ALA C 175 13.35 19.68 -57.23
N ARG C 176 13.76 20.96 -57.55
CA ARG C 176 14.62 21.21 -58.71
C ARG C 176 15.20 22.59 -58.60
N SER C 177 15.13 23.06 -57.34
CA SER C 177 15.79 24.27 -57.00
C SER C 177 16.78 23.90 -55.97
N SER C 178 18.01 24.33 -56.12
CA SER C 178 19.03 24.28 -55.07
C SER C 178 20.19 25.11 -55.51
N GLU C 179 21.19 25.19 -54.58
CA GLU C 179 22.30 26.05 -54.77
C GLU C 179 23.45 25.14 -55.31
N VAL C 180 23.10 23.88 -55.73
CA VAL C 180 24.03 22.93 -56.24
C VAL C 180 23.32 22.16 -57.33
N VAL C 181 24.09 21.55 -58.18
CA VAL C 181 23.69 20.98 -59.44
C VAL C 181 23.75 19.44 -59.21
N VAL C 182 24.46 18.92 -58.15
CA VAL C 182 24.54 17.47 -57.80
C VAL C 182 23.23 16.97 -57.25
N GLN C 183 22.27 17.90 -56.98
CA GLN C 183 20.95 17.69 -56.26
C GLN C 183 20.13 16.55 -56.76
N SER C 184 20.03 16.40 -58.07
CA SER C 184 19.25 15.47 -58.87
C SER C 184 19.63 13.97 -58.64
N TYR C 185 20.95 13.73 -58.47
CA TYR C 185 21.59 12.48 -58.09
C TYR C 185 21.15 12.16 -56.63
N ASN C 186 21.23 13.10 -55.66
CA ASN C 186 20.89 12.94 -54.30
C ASN C 186 19.40 12.56 -54.14
N THR C 187 18.50 13.23 -54.88
CA THR C 187 17.11 12.87 -54.70
C THR C 187 16.76 11.51 -55.12
N ILE C 188 17.17 11.07 -56.31
CA ILE C 188 16.83 9.80 -57.00
C ILE C 188 17.33 8.66 -56.11
N LEU C 189 18.67 8.82 -55.73
CA LEU C 189 19.33 7.82 -54.95
C LEU C 189 18.72 7.58 -53.56
N ALA C 190 18.29 8.62 -52.86
CA ALA C 190 17.69 8.63 -51.55
C ALA C 190 16.32 7.95 -51.64
N LEU C 191 15.59 8.26 -52.66
CA LEU C 191 14.23 7.89 -52.75
C LEU C 191 14.02 6.39 -52.72
N ARG C 192 14.94 5.54 -53.29
CA ARG C 192 14.74 4.07 -53.35
C ARG C 192 14.57 3.47 -51.95
N ARG C 193 15.46 3.94 -51.08
CA ARG C 193 15.48 3.66 -49.69
C ARG C 193 14.33 4.22 -48.93
N LEU C 194 13.93 5.50 -49.32
CA LEU C 194 12.87 6.23 -48.66
C LEU C 194 11.51 5.57 -48.86
N ILE C 195 11.35 5.09 -50.09
CA ILE C 195 10.09 4.42 -50.47
C ILE C 195 10.04 3.14 -49.67
N GLU C 196 11.13 2.32 -49.76
CA GLU C 196 11.13 0.93 -49.22
C GLU C 196 11.35 0.70 -47.77
N ASP C 197 12.37 1.34 -47.08
CA ASP C 197 12.77 1.10 -45.72
C ASP C 197 11.85 1.86 -44.87
N SER C 198 11.04 2.88 -45.35
CA SER C 198 10.14 3.50 -44.46
C SER C 198 8.73 3.02 -44.72
N ASP C 199 7.93 3.18 -43.64
CA ASP C 199 6.51 2.96 -43.66
C ASP C 199 5.80 4.28 -43.83
N ALA C 200 6.45 5.35 -43.33
CA ALA C 200 5.78 6.67 -43.47
C ALA C 200 6.94 7.60 -43.73
N THR C 201 6.74 8.54 -44.64
CA THR C 201 7.72 9.56 -44.96
C THR C 201 7.02 10.90 -44.97
N VAL C 202 7.50 11.91 -44.17
CA VAL C 202 6.91 13.27 -44.12
C VAL C 202 7.75 14.08 -45.09
N VAL C 203 7.13 14.49 -46.20
CA VAL C 203 7.88 15.20 -47.22
C VAL C 203 7.76 16.64 -46.76
N PHE C 204 8.95 17.27 -46.61
CA PHE C 204 9.08 18.66 -46.31
C PHE C 204 9.78 19.28 -47.58
N ASP C 205 9.03 20.09 -48.37
CA ASP C 205 9.54 20.66 -49.65
C ASP C 205 10.17 22.06 -49.37
N ASN C 206 11.48 22.20 -49.69
CA ASN C 206 12.29 23.35 -49.45
C ASN C 206 11.77 24.53 -50.27
N ALA C 207 11.12 24.31 -51.50
CA ALA C 207 10.57 25.38 -52.35
C ALA C 207 9.47 26.24 -51.68
N SER C 208 8.45 25.52 -51.01
CA SER C 208 7.33 26.09 -50.26
C SER C 208 7.84 26.68 -48.99
N LEU C 209 8.77 26.03 -48.33
CA LEU C 209 9.42 26.48 -47.15
C LEU C 209 10.20 27.79 -47.35
N LEU C 210 10.90 27.96 -48.51
CA LEU C 210 11.69 29.10 -48.86
C LEU C 210 10.75 30.20 -49.01
N ASN C 211 9.57 30.02 -49.65
CA ASN C 211 8.61 31.08 -49.97
C ASN C 211 8.09 31.71 -48.66
N ILE C 212 7.86 30.83 -47.66
CA ILE C 212 7.39 31.19 -46.26
C ILE C 212 8.44 32.03 -45.59
N SER C 213 9.70 31.48 -45.74
CA SER C 213 10.92 31.97 -45.01
C SER C 213 11.15 33.38 -45.46
N GLY C 214 11.10 33.62 -46.81
CA GLY C 214 11.30 34.83 -47.49
C GLY C 214 10.21 35.94 -47.21
N LYS C 215 8.90 35.70 -47.37
CA LYS C 215 7.87 36.64 -47.23
C LYS C 215 7.53 36.96 -45.78
N VAL C 216 7.22 35.99 -45.01
CA VAL C 216 6.65 36.17 -43.70
C VAL C 216 7.70 36.71 -42.67
N PHE C 217 8.89 36.03 -42.55
CA PHE C 217 9.92 36.56 -41.62
C PHE C 217 10.29 37.97 -41.99
N ARG C 218 10.49 38.14 -43.35
CA ARG C 218 10.94 39.45 -43.91
C ARG C 218 12.36 39.59 -43.76
N ASN C 219 13.14 38.54 -43.92
CA ASN C 219 14.58 38.55 -43.92
C ASN C 219 15.02 39.45 -45.08
N PRO C 220 16.16 40.16 -45.02
CA PRO C 220 16.70 40.99 -46.14
C PRO C 220 17.58 40.08 -46.98
N ASN C 221 17.91 38.88 -46.50
CA ASN C 221 18.75 37.92 -47.24
C ASN C 221 18.47 36.65 -46.51
N ILE C 222 18.00 35.61 -47.26
CA ILE C 222 17.57 34.38 -46.73
C ILE C 222 18.78 33.53 -46.54
N ASP C 223 18.73 32.52 -45.64
CA ASP C 223 19.84 31.67 -45.36
C ASP C 223 19.15 30.33 -45.19
N LEU C 224 19.99 29.29 -45.13
CA LEU C 224 19.50 27.93 -44.83
C LEU C 224 18.86 27.79 -43.38
N GLN C 225 19.53 28.53 -42.41
CA GLN C 225 19.33 28.62 -40.94
C GLN C 225 17.90 29.18 -40.72
N HIS C 226 17.44 30.16 -41.56
CA HIS C 226 16.12 30.73 -41.62
C HIS C 226 15.12 29.76 -42.05
N THR C 227 15.41 28.90 -43.06
CA THR C 227 14.46 27.89 -43.54
C THR C 227 14.28 26.84 -42.53
N ASN C 228 15.39 26.49 -41.78
CA ASN C 228 15.36 25.56 -40.67
C ASN C 228 14.51 26.00 -39.47
N GLN C 229 14.35 27.34 -39.23
CA GLN C 229 13.45 27.78 -38.17
C GLN C 229 12.00 27.33 -38.39
N LEU C 230 11.57 27.44 -39.65
CA LEU C 230 10.26 26.96 -39.99
C LEU C 230 10.14 25.47 -39.78
N ILE C 231 11.08 24.69 -40.24
CA ILE C 231 10.98 23.26 -40.18
C ILE C 231 10.94 22.80 -38.68
N SER C 232 11.74 23.31 -37.74
CA SER C 232 11.70 22.95 -36.38
C SER C 232 10.40 23.30 -35.69
N THR C 233 9.75 24.48 -36.05
CA THR C 233 8.48 24.87 -35.51
C THR C 233 7.31 23.94 -35.88
N ILE C 234 7.22 23.50 -37.14
CA ILE C 234 6.19 22.62 -37.76
C ILE C 234 6.38 21.22 -37.13
N ILE C 235 7.60 20.62 -37.04
CA ILE C 235 7.80 19.24 -36.44
C ILE C 235 7.40 19.26 -35.02
N SER C 236 7.74 20.32 -34.20
CA SER C 236 7.50 20.45 -32.74
C SER C 236 6.11 20.55 -32.40
N SER C 237 5.30 21.29 -33.15
CA SER C 237 3.88 21.40 -32.95
C SER C 237 3.03 20.16 -33.15
N VAL C 238 3.52 19.38 -34.15
CA VAL C 238 2.94 18.02 -34.50
C VAL C 238 3.10 16.99 -33.36
N THR C 239 4.20 17.07 -32.53
CA THR C 239 4.32 16.07 -31.47
C THR C 239 3.48 16.42 -30.35
N ASN C 240 2.92 17.66 -30.28
CA ASN C 240 2.28 18.23 -29.12
C ASN C 240 1.23 17.32 -28.54
N SER C 241 0.45 16.77 -29.46
CA SER C 241 -0.69 15.90 -29.16
C SER C 241 -0.32 14.55 -28.57
N ILE C 242 0.94 14.11 -28.85
CA ILE C 242 1.60 12.94 -28.35
C ILE C 242 1.98 13.13 -26.92
N ARG C 243 2.60 14.29 -26.63
CA ARG C 243 3.31 14.63 -25.43
C ARG C 243 2.41 14.95 -24.26
N PHE C 244 1.13 15.35 -24.39
CA PHE C 244 0.16 15.61 -23.37
C PHE C 244 -0.24 14.27 -22.78
N PRO C 245 -0.76 14.23 -21.59
CA PRO C 245 -1.23 12.97 -20.95
C PRO C 245 -2.69 12.96 -20.87
N SER C 246 -3.34 14.03 -21.48
CA SER C 246 -4.78 14.21 -21.54
C SER C 246 -5.22 13.80 -22.94
N TYR C 247 -4.35 13.45 -23.88
CA TYR C 247 -4.64 12.79 -25.13
C TYR C 247 -3.76 11.62 -25.24
N MET C 248 -4.23 10.56 -25.82
CA MET C 248 -3.59 9.28 -25.81
C MET C 248 -4.20 8.55 -26.97
N TYR C 249 -5.29 9.15 -27.56
CA TYR C 249 -5.94 8.66 -28.74
C TYR C 249 -5.25 9.42 -29.90
N SER C 250 -4.23 10.22 -29.61
CA SER C 250 -3.44 11.06 -30.45
C SER C 250 -1.92 10.68 -30.20
N SER C 251 -1.70 9.40 -29.80
CA SER C 251 -0.45 8.84 -29.57
C SER C 251 0.10 8.54 -30.90
N MET C 252 1.38 8.15 -30.95
CA MET C 252 2.24 7.92 -32.14
C MET C 252 1.56 6.83 -32.91
N SER C 253 1.10 5.74 -32.24
CA SER C 253 0.44 4.62 -32.93
C SER C 253 -0.87 5.05 -33.62
N SER C 254 -1.77 5.83 -33.03
CA SER C 254 -3.05 6.22 -33.64
C SER C 254 -2.90 7.19 -34.80
N ILE C 255 -1.86 8.11 -34.76
CA ILE C 255 -1.46 9.02 -35.86
C ILE C 255 -0.95 8.25 -37.01
N TYR C 256 -0.10 7.20 -36.70
CA TYR C 256 0.53 6.38 -37.68
C TYR C 256 -0.52 5.54 -38.49
N SER C 257 -1.46 4.96 -37.74
CA SER C 257 -2.53 4.13 -38.26
C SER C 257 -3.45 4.86 -39.24
N THR C 258 -3.84 6.13 -38.88
CA THR C 258 -4.70 6.93 -39.67
C THR C 258 -4.16 7.41 -40.95
N LEU C 259 -2.91 7.90 -40.94
CA LEU C 259 -2.22 8.47 -42.08
C LEU C 259 -1.74 7.56 -43.15
N ILE C 260 -1.24 6.39 -42.74
CA ILE C 260 -0.77 5.42 -43.66
C ILE C 260 -1.74 4.26 -43.71
N PRO C 261 -2.52 4.00 -44.76
CA PRO C 261 -3.38 2.91 -44.87
C PRO C 261 -2.82 2.03 -45.92
N SER C 262 -1.86 2.49 -46.73
CA SER C 262 -1.35 1.77 -47.89
C SER C 262 0.14 1.95 -47.98
N PRO C 263 0.79 1.14 -48.81
CA PRO C 263 2.23 1.06 -48.79
C PRO C 263 2.82 2.09 -49.82
N GLU C 264 2.19 2.20 -51.01
CA GLU C 264 2.63 3.09 -52.07
C GLU C 264 2.31 4.48 -51.66
N LEU C 265 1.11 4.73 -51.08
CA LEU C 265 0.68 6.06 -50.67
C LEU C 265 1.14 6.03 -49.28
N HIS C 266 2.09 6.86 -48.92
CA HIS C 266 2.59 6.92 -47.61
C HIS C 266 3.37 8.20 -47.45
N PHE C 267 3.40 9.00 -48.57
CA PHE C 267 4.08 10.27 -48.62
C PHE C 267 3.11 11.34 -48.13
N LEU C 268 3.44 12.12 -47.11
CA LEU C 268 2.64 13.01 -46.36
C LEU C 268 3.00 14.34 -46.68
N SER C 269 2.07 15.34 -46.60
CA SER C 269 2.37 16.71 -46.75
C SER C 269 1.95 17.32 -45.40
N PRO C 270 2.74 18.26 -44.84
CA PRO C 270 2.31 19.08 -43.68
C PRO C 270 1.91 20.39 -44.18
N SER C 271 1.10 21.01 -43.34
CA SER C 271 0.69 22.36 -43.37
C SER C 271 0.71 22.67 -41.88
N PHE C 272 0.91 23.93 -41.58
CA PHE C 272 0.70 24.56 -40.29
C PHE C 272 0.31 25.98 -40.52
N THR C 273 -0.52 26.51 -39.57
CA THR C 273 -0.82 27.94 -39.65
C THR C 273 -1.05 28.27 -38.25
N PRO C 274 -0.53 29.39 -37.73
CA PRO C 274 0.35 30.37 -38.50
C PRO C 274 1.81 30.10 -38.29
N PHE C 275 2.71 31.00 -38.57
CA PHE C 275 4.08 30.86 -38.26
C PHE C 275 4.34 32.00 -37.37
N THR C 276 4.55 31.76 -36.03
CA THR C 276 4.70 32.79 -35.01
C THR C 276 5.65 32.39 -33.90
N SER C 277 6.46 31.30 -34.15
CA SER C 277 7.23 30.64 -33.04
C SER C 277 8.58 30.32 -33.55
N ASP C 278 9.08 31.09 -34.53
CA ASP C 278 10.38 30.78 -35.22
C ASP C 278 11.46 31.68 -34.67
N TYR C 279 11.29 32.51 -33.66
CA TYR C 279 12.26 33.33 -32.97
C TYR C 279 12.84 34.39 -33.90
N ILE C 280 12.01 35.19 -34.67
CA ILE C 280 12.67 36.13 -35.65
C ILE C 280 11.62 37.21 -36.05
N HIS C 281 10.32 37.05 -35.77
CA HIS C 281 9.35 38.12 -36.07
C HIS C 281 8.29 38.01 -35.04
N ASP C 282 7.65 36.79 -34.90
CA ASP C 282 6.76 36.43 -33.73
C ASP C 282 5.68 37.43 -33.60
N ASP C 283 4.85 37.55 -34.69
CA ASP C 283 3.76 38.40 -34.80
C ASP C 283 2.59 37.79 -34.06
N ILE C 284 1.45 38.58 -33.98
CA ILE C 284 0.19 38.02 -33.36
C ILE C 284 -0.34 36.82 -34.13
N ALA C 285 -0.77 35.84 -33.37
CA ALA C 285 -1.45 34.65 -33.89
C ALA C 285 -2.88 34.60 -33.68
N HIS C 286 -3.33 35.69 -33.08
CA HIS C 286 -4.72 35.83 -32.71
C HIS C 286 -5.56 36.09 -34.03
N LYS C 287 -6.61 35.33 -34.31
CA LYS C 287 -7.42 35.41 -35.46
C LYS C 287 -8.66 34.70 -35.05
N GLY C 288 -9.78 34.71 -35.87
CA GLY C 288 -10.95 33.89 -35.53
C GLY C 288 -10.77 32.43 -35.97
N HIS C 289 -11.81 31.64 -35.69
CA HIS C 289 -11.83 30.22 -35.97
C HIS C 289 -11.78 29.95 -37.41
N SER C 290 -12.57 30.71 -38.25
CA SER C 290 -12.68 30.55 -39.66
C SER C 290 -11.34 30.69 -40.38
N SER C 291 -10.51 31.65 -39.95
CA SER C 291 -9.22 32.11 -40.61
C SER C 291 -8.28 30.92 -40.62
N TYR C 292 -8.21 30.18 -39.48
CA TYR C 292 -7.36 28.99 -39.43
C TYR C 292 -7.82 27.87 -40.34
N ASP C 293 -9.15 27.63 -40.43
CA ASP C 293 -9.62 26.58 -41.26
C ASP C 293 -9.33 26.84 -42.74
N VAL C 294 -9.54 28.09 -43.15
CA VAL C 294 -9.33 28.49 -44.57
C VAL C 294 -7.88 28.40 -45.02
N MET C 295 -6.96 28.85 -44.10
CA MET C 295 -5.55 28.88 -44.37
C MET C 295 -4.94 27.56 -44.54
N LEU C 296 -5.47 26.55 -43.86
CA LEU C 296 -5.10 25.18 -44.00
C LEU C 296 -5.40 24.59 -45.39
N ASP C 297 -6.46 25.07 -46.08
CA ASP C 297 -6.80 24.75 -47.41
C ASP C 297 -5.86 25.35 -48.44
N LEU C 298 -5.26 26.57 -48.12
CA LEU C 298 -4.40 27.33 -49.02
C LEU C 298 -3.00 26.87 -48.97
N LEU C 299 -2.40 26.82 -50.16
CA LEU C 299 -1.06 26.26 -50.28
C LEU C 299 0.09 27.14 -49.99
N ASP C 300 -0.13 28.40 -49.78
CA ASP C 300 0.86 29.39 -49.33
C ASP C 300 1.42 29.19 -47.91
N PRO C 301 0.59 29.04 -46.87
CA PRO C 301 1.15 28.70 -45.61
C PRO C 301 1.56 27.22 -45.59
N SER C 302 1.24 26.42 -46.67
CA SER C 302 1.51 25.03 -46.54
C SER C 302 2.97 24.74 -46.84
N ASN C 303 3.62 23.74 -46.18
CA ASN C 303 5.09 23.63 -46.20
C ASN C 303 5.56 22.57 -47.18
N SER C 304 4.62 22.11 -48.01
CA SER C 304 4.67 21.26 -49.15
C SER C 304 3.58 21.58 -50.11
N LEU C 305 3.63 20.93 -51.29
CA LEU C 305 2.66 21.07 -52.38
C LEU C 305 1.39 20.27 -51.99
N VAL C 306 0.41 21.05 -51.69
CA VAL C 306 -0.88 20.58 -51.36
C VAL C 306 -1.86 21.02 -52.44
N SER C 307 -1.46 21.79 -53.42
CA SER C 307 -2.25 22.23 -54.59
C SER C 307 -3.64 22.81 -54.26
N THR C 308 -3.74 23.76 -53.30
CA THR C 308 -4.93 24.39 -52.76
C THR C 308 -6.10 23.38 -52.37
N ALA C 309 -7.28 23.82 -51.96
CA ALA C 309 -8.32 22.98 -51.65
C ALA C 309 -9.58 23.84 -51.62
N MET C 310 -9.41 25.08 -52.13
CA MET C 310 -10.42 26.02 -52.38
C MET C 310 -10.33 26.35 -53.86
N ASN C 311 -11.29 25.78 -54.67
CA ASN C 311 -11.56 25.98 -56.09
C ASN C 311 -10.84 24.96 -56.90
N ASN C 312 -10.47 23.81 -56.25
CA ASN C 312 -9.69 22.73 -56.76
C ASN C 312 -9.74 21.74 -55.60
N PRO C 313 -10.29 20.54 -55.78
CA PRO C 313 -10.54 19.59 -54.78
C PRO C 313 -9.34 19.13 -54.05
N THR C 314 -8.43 18.29 -54.63
CA THR C 314 -7.22 17.65 -54.16
C THR C 314 -7.60 16.30 -53.52
N TYR C 315 -7.33 15.20 -54.30
CA TYR C 315 -7.75 13.87 -53.78
C TYR C 315 -7.04 13.60 -52.50
N PHE C 316 -7.73 13.57 -51.40
CA PHE C 316 -7.18 13.26 -50.16
C PHE C 316 -7.50 11.83 -49.94
N ASN C 317 -6.51 10.97 -49.59
CA ASN C 317 -6.71 9.59 -49.27
C ASN C 317 -7.24 9.47 -47.88
N VAL C 318 -6.66 10.27 -46.98
CA VAL C 318 -7.08 10.34 -45.58
C VAL C 318 -6.63 11.70 -45.05
N TYR C 319 -7.31 12.28 -44.01
CA TYR C 319 -7.12 13.57 -43.47
C TYR C 319 -7.17 13.55 -41.98
N ASN C 320 -6.21 14.34 -41.30
CA ASN C 320 -6.18 14.47 -39.89
C ASN C 320 -5.98 15.94 -39.61
N THR C 321 -6.86 16.52 -38.73
CA THR C 321 -6.61 17.92 -38.41
C THR C 321 -6.33 17.82 -36.88
N ILE C 322 -5.20 18.50 -36.51
CA ILE C 322 -4.81 18.66 -35.14
C ILE C 322 -4.95 20.10 -34.82
N ILE C 323 -5.83 20.41 -33.87
CA ILE C 323 -6.09 21.83 -33.59
C ILE C 323 -5.37 22.13 -32.29
N GLY C 324 -4.63 23.27 -32.24
CA GLY C 324 -3.83 23.68 -31.10
C GLY C 324 -4.29 25.05 -30.62
N ASN C 325 -4.63 25.21 -29.34
CA ASN C 325 -5.16 26.45 -28.66
C ASN C 325 -6.19 25.87 -27.77
N VAL C 326 -6.34 26.55 -26.59
CA VAL C 326 -7.42 26.13 -25.74
C VAL C 326 -8.67 26.90 -26.23
N GLU C 327 -9.57 26.18 -26.84
CA GLU C 327 -10.79 26.76 -27.37
C GLU C 327 -11.90 25.76 -27.25
N PRO C 328 -13.22 26.17 -27.42
CA PRO C 328 -14.39 25.31 -27.39
C PRO C 328 -14.42 24.19 -28.35
N ARG C 329 -14.60 22.97 -27.79
CA ARG C 329 -14.58 21.69 -28.52
C ARG C 329 -15.73 21.66 -29.51
N GLN C 330 -16.90 22.28 -29.10
CA GLN C 330 -18.17 22.27 -29.69
C GLN C 330 -18.11 22.92 -31.04
N ILE C 331 -17.38 24.09 -31.16
CA ILE C 331 -17.24 24.88 -32.37
C ILE C 331 -16.50 23.99 -33.41
N SER C 332 -15.49 23.25 -32.94
CA SER C 332 -14.62 22.47 -33.76
C SER C 332 -15.29 21.33 -34.39
N ARG C 333 -16.17 20.79 -33.51
CA ARG C 333 -16.96 19.66 -33.81
C ARG C 333 -17.99 19.95 -34.92
N ALA C 334 -18.65 21.14 -34.81
CA ALA C 334 -19.47 21.63 -35.91
C ALA C 334 -18.75 21.97 -37.22
N MET C 335 -17.52 22.61 -37.10
CA MET C 335 -16.73 22.87 -38.31
C MET C 335 -16.21 21.64 -39.05
N THR C 336 -15.77 20.55 -38.32
CA THR C 336 -15.29 19.33 -38.94
C THR C 336 -16.32 18.62 -39.72
N LYS C 337 -17.51 18.63 -39.19
CA LYS C 337 -18.73 18.11 -39.87
C LYS C 337 -19.10 18.86 -41.14
N LEU C 338 -19.01 20.20 -41.17
CA LEU C 338 -19.28 20.88 -42.44
C LEU C 338 -18.21 20.58 -43.52
N GLN C 339 -16.89 20.45 -43.12
CA GLN C 339 -15.88 20.11 -44.09
C GLN C 339 -16.07 18.74 -44.75
N GLN C 340 -16.48 17.67 -44.02
CA GLN C 340 -16.64 16.37 -44.59
C GLN C 340 -17.81 16.28 -45.55
N ARG C 341 -18.91 16.89 -45.06
CA ARG C 341 -20.15 16.90 -45.83
C ARG C 341 -20.09 17.68 -47.10
N ILE C 342 -19.47 18.90 -47.07
CA ILE C 342 -19.38 19.77 -48.27
C ILE C 342 -18.51 19.07 -49.37
N LYS C 343 -17.53 18.27 -48.92
CA LYS C 343 -16.60 17.49 -49.64
C LYS C 343 -15.71 18.45 -50.40
N PHE C 344 -14.93 19.27 -49.62
CA PHE C 344 -13.83 20.05 -50.28
C PHE C 344 -12.83 19.10 -50.88
N PRO C 345 -12.36 17.92 -50.41
CA PRO C 345 -11.51 17.07 -51.23
C PRO C 345 -12.29 15.99 -51.90
N SER C 346 -12.06 15.83 -53.29
CA SER C 346 -12.76 14.74 -54.04
C SER C 346 -12.45 13.34 -53.43
N TRP C 347 -13.45 12.43 -53.45
CA TRP C 347 -13.46 11.16 -52.72
C TRP C 347 -13.97 10.18 -53.75
N SER C 348 -13.67 8.91 -53.71
CA SER C 348 -14.13 7.91 -54.65
C SER C 348 -14.63 6.77 -53.76
N SER C 349 -14.12 5.52 -53.94
CA SER C 349 -14.48 4.32 -53.19
C SER C 349 -13.38 3.74 -52.33
N SER C 350 -12.23 4.43 -52.46
CA SER C 350 -11.06 4.05 -51.72
C SER C 350 -11.05 4.90 -50.48
N ALA C 351 -12.02 5.81 -50.43
CA ALA C 351 -12.21 6.65 -49.25
C ALA C 351 -13.40 7.41 -49.76
N MET C 352 -14.65 7.10 -49.15
CA MET C 352 -15.85 7.75 -49.42
C MET C 352 -15.87 9.03 -48.62
N HIS C 353 -15.12 9.13 -47.52
CA HIS C 353 -14.96 10.30 -46.69
C HIS C 353 -14.07 9.80 -45.57
N VAL C 354 -13.22 10.64 -45.03
CA VAL C 354 -12.40 10.33 -43.89
C VAL C 354 -11.79 11.68 -43.44
N ASN C 355 -12.44 12.26 -42.41
CA ASN C 355 -11.94 13.50 -41.86
C ASN C 355 -12.04 13.24 -40.39
N ILE C 356 -10.86 13.35 -39.76
CA ILE C 356 -10.71 13.00 -38.37
C ILE C 356 -10.08 14.20 -37.71
N GLY C 357 -10.29 14.38 -36.40
CA GLY C 357 -9.90 15.53 -35.73
C GLY C 357 -9.33 15.06 -34.43
N ARG C 358 -8.27 15.79 -34.05
CA ARG C 358 -7.67 15.66 -32.75
C ARG C 358 -7.68 17.10 -32.19
N ARG C 359 -7.92 17.26 -30.87
CA ARG C 359 -7.96 18.57 -30.23
C ARG C 359 -6.92 18.66 -29.20
N SER C 360 -6.20 19.79 -29.05
CA SER C 360 -5.20 19.91 -28.00
C SER C 360 -5.24 21.37 -27.61
N PRO C 361 -4.87 21.76 -26.35
CA PRO C 361 -4.60 23.14 -26.00
C PRO C 361 -3.23 23.56 -26.42
N TYR C 362 -2.98 24.83 -26.39
CA TYR C 362 -1.62 25.32 -26.61
C TYR C 362 -0.75 25.08 -25.44
N LEU C 363 0.54 24.75 -25.75
CA LEU C 363 1.50 24.59 -24.68
C LEU C 363 2.59 25.60 -25.00
N PRO C 364 2.61 26.68 -24.22
CA PRO C 364 3.56 27.68 -24.39
C PRO C 364 4.99 27.32 -24.52
N LEU C 365 5.73 28.07 -25.37
CA LEU C 365 7.13 27.80 -25.72
C LEU C 365 7.65 29.17 -26.23
N GLN C 366 6.75 30.13 -26.43
CA GLN C 366 6.93 31.37 -26.99
C GLN C 366 5.51 31.86 -27.21
N PRO C 367 4.66 31.98 -26.15
CA PRO C 367 3.31 32.38 -26.24
C PRO C 367 3.15 33.76 -26.75
N ASN C 368 1.97 34.13 -27.26
CA ASN C 368 1.54 35.50 -27.58
C ASN C 368 0.24 35.70 -26.80
N GLU C 369 -0.02 34.74 -25.91
CA GLU C 369 -1.12 34.74 -24.96
C GLU C 369 -2.47 34.55 -25.49
N ASN C 370 -2.61 33.45 -26.18
CA ASN C 370 -3.78 33.10 -26.98
C ASN C 370 -3.31 32.94 -28.43
N GLU C 371 -2.60 31.83 -28.63
CA GLU C 371 -2.06 31.42 -29.94
C GLU C 371 -3.09 30.53 -30.47
N VAL C 372 -3.81 30.97 -31.50
CA VAL C 372 -4.72 30.23 -32.26
C VAL C 372 -3.96 29.64 -33.40
N SER C 373 -3.86 28.31 -33.45
CA SER C 373 -3.10 27.58 -34.44
C SER C 373 -3.92 26.28 -34.83
N GLY C 374 -3.50 25.65 -35.94
CA GLY C 374 -4.01 24.37 -36.37
C GLY C 374 -2.94 23.89 -37.26
N MET C 375 -2.98 22.54 -37.44
CA MET C 375 -2.14 21.83 -38.22
C MET C 375 -2.97 20.94 -39.09
N MET C 376 -2.61 20.71 -40.34
CA MET C 376 -3.14 19.61 -41.14
C MET C 376 -1.95 18.76 -41.44
N LEU C 377 -2.22 17.40 -41.33
CA LEU C 377 -1.42 16.32 -41.74
C LEU C 377 -2.24 15.53 -42.68
N SER C 378 -1.74 15.35 -43.89
CA SER C 378 -2.59 14.70 -44.88
C SER C 378 -1.70 13.76 -45.62
N ASN C 379 -2.39 12.68 -46.10
CA ASN C 379 -1.91 11.80 -47.09
C ASN C 379 -2.80 12.20 -48.29
N MET C 380 -2.22 12.85 -49.30
CA MET C 380 -2.88 13.26 -50.54
C MET C 380 -2.11 12.82 -51.68
N SER C 381 -2.80 12.43 -52.77
CA SER C 381 -2.22 11.73 -53.91
C SER C 381 -1.71 12.73 -54.92
N THR C 382 -1.53 14.01 -54.59
CA THR C 382 -0.87 15.02 -55.41
C THR C 382 0.67 15.05 -55.18
N VAL C 383 1.29 14.33 -54.18
CA VAL C 383 2.65 14.30 -53.78
C VAL C 383 3.59 13.96 -54.93
N VAL C 384 3.00 13.26 -55.91
CA VAL C 384 3.62 12.74 -57.08
C VAL C 384 4.30 13.85 -57.90
N ASN C 385 3.79 15.09 -57.89
CA ASN C 385 4.47 16.14 -58.71
C ASN C 385 5.92 16.30 -58.28
N VAL C 386 6.26 16.17 -56.91
CA VAL C 386 7.66 16.41 -56.44
C VAL C 386 8.59 15.38 -57.02
N PHE C 387 8.19 14.13 -57.00
CA PHE C 387 8.91 12.95 -57.51
C PHE C 387 9.07 13.07 -58.95
N GLU C 388 8.12 13.63 -59.74
CA GLU C 388 8.16 13.90 -61.17
C GLU C 388 9.25 14.95 -61.44
N ASN C 389 9.35 16.05 -60.59
CA ASN C 389 10.18 17.21 -60.71
C ASN C 389 11.58 16.67 -60.66
N ALA C 390 11.78 15.74 -59.66
CA ALA C 390 13.03 15.15 -59.40
C ALA C 390 13.57 14.31 -60.48
N CYS C 391 12.74 13.46 -61.15
CA CYS C 391 13.14 12.65 -62.28
C CYS C 391 13.56 13.56 -63.44
N ASN C 392 12.83 14.66 -63.70
CA ASN C 392 13.02 15.48 -64.88
C ASN C 392 14.40 16.14 -64.87
N THR C 393 14.73 16.68 -63.66
CA THR C 393 15.99 17.29 -63.43
C THR C 393 17.14 16.33 -63.54
N PHE C 394 17.11 15.05 -63.07
CA PHE C 394 18.11 14.05 -63.15
C PHE C 394 18.41 13.63 -64.53
N ASP C 395 17.37 13.40 -65.42
CA ASP C 395 17.64 12.90 -66.70
C ASP C 395 18.38 13.93 -67.53
N LYS C 396 18.01 15.28 -67.38
CA LYS C 396 18.61 16.33 -68.09
C LYS C 396 20.14 16.50 -67.79
N VAL C 397 20.47 16.40 -66.48
CA VAL C 397 21.76 16.42 -65.95
C VAL C 397 22.60 15.16 -66.41
N PHE C 398 21.95 14.00 -66.47
CA PHE C 398 22.60 12.77 -66.81
C PHE C 398 23.05 12.90 -68.26
N ALA C 399 22.21 13.45 -69.19
CA ALA C 399 22.53 13.73 -70.54
C ALA C 399 23.66 14.71 -70.71
N LYS C 400 23.75 15.77 -69.98
CA LYS C 400 24.80 16.69 -70.00
C LYS C 400 26.00 15.99 -69.49
N GLY C 401 25.88 15.08 -68.55
CA GLY C 401 27.00 14.34 -68.07
C GLY C 401 27.92 15.03 -67.14
N ALA C 402 27.42 16.04 -66.48
CA ALA C 402 28.07 16.95 -65.58
C ALA C 402 27.74 16.38 -64.30
N PHE C 403 28.79 16.26 -63.45
CA PHE C 403 28.62 15.75 -62.11
C PHE C 403 28.39 14.24 -61.96
N LEU C 404 29.46 13.44 -62.29
CA LEU C 404 29.50 11.97 -62.27
C LEU C 404 30.95 11.60 -61.98
N ASN C 405 31.73 12.60 -61.57
CA ASN C 405 33.07 12.46 -61.15
C ASN C 405 33.19 12.28 -59.71
N ASN C 406 32.01 12.37 -59.02
CA ASN C 406 31.76 11.99 -57.68
C ASN C 406 30.73 10.92 -57.71
N TYR C 407 30.48 10.23 -58.88
CA TYR C 407 29.50 9.18 -58.76
C TYR C 407 30.22 8.02 -59.39
N ASN C 408 31.43 7.73 -58.86
CA ASN C 408 32.26 6.72 -59.41
C ASN C 408 33.21 6.47 -58.30
N VAL C 409 32.90 7.06 -57.10
CA VAL C 409 33.64 6.99 -55.91
C VAL C 409 33.00 5.74 -55.28
N GLY C 410 31.66 5.76 -55.11
CA GLY C 410 30.96 4.66 -54.43
C GLY C 410 30.90 3.40 -55.14
N ASP C 411 30.72 2.31 -54.34
CA ASP C 411 30.73 0.88 -54.81
C ASP C 411 29.59 0.65 -55.81
N LEU C 412 28.47 1.32 -55.56
CA LEU C 412 27.19 1.19 -56.24
C LEU C 412 27.35 1.57 -57.72
N PHE C 413 28.10 2.72 -58.04
CA PHE C 413 28.30 3.27 -59.37
C PHE C 413 29.40 2.52 -60.15
N GLN C 414 30.35 1.80 -59.46
CA GLN C 414 31.44 1.17 -60.21
C GLN C 414 30.97 -0.10 -60.91
N SER C 415 30.00 -0.79 -60.29
CA SER C 415 29.43 -2.05 -60.77
C SER C 415 28.50 -1.73 -61.90
N MET C 416 27.84 -0.59 -61.81
CA MET C 416 26.95 -0.15 -62.88
C MET C 416 26.41 1.24 -62.54
N GLN C 417 26.12 2.09 -63.57
CA GLN C 417 25.54 3.39 -63.42
C GLN C 417 24.14 3.28 -64.11
N ASN C 418 23.82 2.10 -64.52
CA ASN C 418 22.58 1.72 -65.13
C ASN C 418 21.54 1.77 -64.09
N VAL C 419 21.91 1.41 -62.84
CA VAL C 419 21.08 1.24 -61.65
C VAL C 419 20.35 2.49 -61.19
N GLN C 420 20.93 3.67 -61.26
CA GLN C 420 20.19 4.90 -60.98
C GLN C 420 19.09 5.17 -62.04
N ASP C 421 19.43 4.90 -63.34
CA ASP C 421 18.51 5.16 -64.46
C ASP C 421 17.37 4.30 -64.28
N GLU C 422 17.59 2.99 -63.88
CA GLU C 422 16.60 1.98 -63.65
C GLU C 422 15.60 2.27 -62.62
N PHE C 423 16.09 2.77 -61.42
CA PHE C 423 15.23 3.13 -60.31
C PHE C 423 14.33 4.24 -60.67
N ALA C 424 14.82 5.24 -61.35
CA ALA C 424 14.09 6.41 -61.78
C ALA C 424 12.91 6.02 -62.66
N GLU C 425 13.09 5.03 -63.59
CA GLU C 425 12.04 4.48 -64.37
C GLU C 425 11.02 3.69 -63.53
N SER C 426 11.54 2.79 -62.62
CA SER C 426 10.74 1.81 -61.85
C SER C 426 9.83 2.58 -60.95
N ARG C 427 10.37 3.60 -60.37
CA ARG C 427 9.66 4.49 -59.52
C ARG C 427 8.51 5.27 -60.23
N GLU C 428 8.65 5.73 -61.54
CA GLU C 428 7.69 6.44 -62.28
C GLU C 428 6.38 5.54 -62.49
N VAL C 429 6.62 4.21 -62.72
CA VAL C 429 5.64 3.16 -62.94
C VAL C 429 4.81 3.08 -61.63
N VAL C 430 5.55 3.12 -60.41
CA VAL C 430 4.90 3.13 -59.08
C VAL C 430 3.95 4.35 -58.95
N GLN C 431 4.48 5.55 -59.36
CA GLN C 431 3.79 6.81 -59.31
C GLN C 431 2.50 6.76 -60.11
N SER C 432 2.50 6.10 -61.35
CA SER C 432 1.36 6.00 -62.30
C SER C 432 0.23 5.19 -61.63
N LEU C 433 0.58 4.13 -60.91
CA LEU C 433 -0.31 3.28 -60.12
C LEU C 433 -0.90 4.06 -58.95
N MET C 434 -0.17 4.98 -58.27
CA MET C 434 -0.63 5.73 -57.15
C MET C 434 -1.76 6.66 -57.57
N GLU C 435 -1.60 7.21 -58.82
CA GLU C 435 -2.53 8.05 -59.45
C GLU C 435 -3.79 7.29 -59.81
N ASP C 436 -3.70 5.97 -60.27
CA ASP C 436 -4.75 5.11 -60.77
C ASP C 436 -5.66 4.95 -59.59
N TYR C 437 -5.15 4.94 -58.34
CA TYR C 437 -5.93 4.59 -57.18
C TYR C 437 -7.06 5.51 -56.82
N VAL C 438 -6.93 6.81 -57.20
CA VAL C 438 -7.86 7.84 -56.92
C VAL C 438 -9.20 7.52 -57.57
N ALA C 439 -9.17 6.74 -58.77
CA ALA C 439 -10.34 6.43 -59.58
C ALA C 439 -10.72 4.96 -59.30
N ALA C 440 -10.83 4.59 -58.00
CA ALA C 440 -11.40 3.39 -57.46
C ALA C 440 -10.78 2.09 -57.99
N GLU C 441 -9.47 2.04 -58.25
CA GLU C 441 -8.76 0.95 -58.80
C GLU C 441 -7.94 0.31 -57.70
N GLN C 442 -8.31 0.47 -56.45
CA GLN C 442 -7.57 0.00 -55.30
C GLN C 442 -8.59 -0.73 -54.40
N ASP C 443 -9.74 -1.07 -55.01
CA ASP C 443 -10.80 -1.94 -54.46
C ASP C 443 -10.81 -3.18 -55.37
N SER C 444 -11.43 -4.22 -54.87
CA SER C 444 -11.72 -5.45 -55.42
C SER C 444 -12.97 -5.87 -54.70
N TYR C 445 -13.42 -5.23 -53.63
CA TYR C 445 -14.56 -5.34 -52.82
C TYR C 445 -14.48 -3.98 -52.07
N MET D 1 28.43 -28.05 8.74
CA MET D 1 29.51 -27.08 9.01
C MET D 1 30.37 -26.75 7.87
N GLY D 2 30.72 -25.50 7.70
CA GLY D 2 31.56 -24.95 6.60
C GLY D 2 32.94 -25.43 6.82
N GLY D 3 33.36 -26.40 6.02
CA GLY D 3 34.76 -26.78 5.98
C GLY D 3 35.61 -26.14 4.94
N GLU D 4 36.97 -25.91 5.31
CA GLU D 4 37.94 -25.01 4.63
C GLU D 4 38.48 -25.61 3.36
N ILE D 5 38.81 -24.71 2.39
CA ILE D 5 39.41 -25.10 1.13
C ILE D 5 40.69 -24.32 0.90
N ILE D 6 41.71 -25.06 0.42
CA ILE D 6 43.08 -24.69 0.13
C ILE D 6 43.20 -24.73 -1.43
N THR D 7 43.76 -23.63 -2.03
CA THR D 7 43.66 -23.37 -3.51
C THR D 7 45.04 -23.63 -4.04
N LEU D 8 45.12 -24.47 -5.15
CA LEU D 8 46.37 -24.91 -5.73
C LEU D 8 46.30 -24.23 -7.03
N GLN D 9 47.39 -23.50 -7.29
CA GLN D 9 47.48 -22.74 -8.47
C GLN D 9 48.66 -23.36 -9.22
N ALA D 10 48.39 -23.76 -10.48
CA ALA D 10 49.32 -24.43 -11.32
C ALA D 10 49.38 -23.80 -12.63
N GLY D 11 50.63 -23.53 -13.11
CA GLY D 11 50.77 -22.96 -14.48
C GLY D 11 50.60 -21.55 -14.63
N GLN D 12 50.71 -21.11 -15.85
CA GLN D 12 50.53 -19.72 -16.20
C GLN D 12 49.06 -19.26 -15.98
N CYS D 13 48.04 -20.06 -16.47
CA CYS D 13 46.65 -19.74 -16.35
C CYS D 13 46.22 -19.76 -14.89
N GLY D 14 46.56 -20.82 -14.09
CA GLY D 14 46.02 -21.16 -12.73
C GLY D 14 46.34 -20.02 -11.84
N ASN D 15 47.54 -19.53 -11.96
CA ASN D 15 48.08 -18.39 -11.21
C ASN D 15 47.46 -17.11 -11.61
N HIS D 16 47.18 -16.93 -12.88
CA HIS D 16 46.65 -15.72 -13.48
C HIS D 16 45.24 -15.46 -12.97
N VAL D 17 44.41 -16.52 -13.02
CA VAL D 17 43.07 -16.61 -12.56
C VAL D 17 43.02 -16.51 -11.06
N GLY D 18 44.01 -17.20 -10.33
CA GLY D 18 44.01 -17.11 -8.91
C GLY D 18 44.25 -15.68 -8.32
N LYS D 19 45.16 -14.91 -8.93
CA LYS D 19 45.52 -13.61 -8.49
C LYS D 19 44.41 -12.62 -8.54
N PHE D 20 43.67 -12.62 -9.69
CA PHE D 20 42.46 -11.90 -9.97
C PHE D 20 41.39 -12.36 -9.14
N LEU D 21 41.27 -13.70 -8.80
CA LEU D 21 40.24 -14.22 -7.98
C LEU D 21 40.26 -13.64 -6.55
N TRP D 22 41.47 -13.55 -5.93
CA TRP D 22 41.75 -13.02 -4.64
C TRP D 22 41.51 -11.52 -4.64
N SER D 23 41.82 -10.78 -5.73
CA SER D 23 41.55 -9.33 -5.84
C SER D 23 40.05 -9.07 -5.76
N GLN D 24 39.23 -9.94 -6.45
CA GLN D 24 37.76 -9.87 -6.42
C GLN D 24 37.10 -10.11 -5.09
N LEU D 25 37.65 -11.12 -4.39
CA LEU D 25 37.22 -11.52 -3.05
C LEU D 25 37.54 -10.38 -2.09
N ALA D 26 38.69 -9.71 -2.34
CA ALA D 26 39.13 -8.68 -1.46
C ALA D 26 38.16 -7.58 -1.42
N LYS D 27 37.61 -7.16 -2.66
CA LYS D 27 36.71 -6.01 -2.71
C LYS D 27 35.39 -6.25 -1.97
N GLU D 28 34.88 -7.48 -2.21
CA GLU D 28 33.65 -7.94 -1.72
C GLU D 28 33.58 -8.09 -0.23
N HIS D 29 34.68 -8.41 0.41
CA HIS D 29 34.84 -8.56 1.86
C HIS D 29 35.53 -7.35 2.49
N ALA D 30 35.55 -6.17 1.84
CA ALA D 30 36.04 -4.86 2.40
C ALA D 30 37.45 -4.97 3.07
N ILE D 31 38.49 -5.47 2.32
CA ILE D 31 39.87 -5.59 2.74
C ILE D 31 40.70 -5.05 1.63
N GLY D 32 41.99 -4.73 1.84
CA GLY D 32 42.87 -4.08 0.84
C GLY D 32 43.44 -4.96 -0.30
N THR D 33 44.41 -4.45 -1.14
CA THR D 33 45.10 -5.02 -2.29
C THR D 33 46.27 -5.83 -1.80
N ASP D 34 46.58 -5.75 -0.47
CA ASP D 34 47.54 -6.63 0.23
C ASP D 34 46.77 -7.43 1.25
N GLY D 35 45.45 -7.21 1.37
CA GLY D 35 44.67 -8.02 2.20
C GLY D 35 44.51 -7.55 3.60
N LEU D 36 45.05 -6.32 3.82
CA LEU D 36 45.08 -5.55 5.05
C LEU D 36 43.74 -5.48 5.69
N SER D 37 43.61 -5.66 7.06
CA SER D 37 42.48 -5.64 7.90
C SER D 37 42.08 -4.18 7.79
N GLN D 38 40.77 -3.91 7.76
CA GLN D 38 40.27 -2.55 7.56
C GLN D 38 38.98 -2.42 8.50
N LEU D 39 38.75 -1.16 8.93
CA LEU D 39 37.77 -0.54 9.77
C LEU D 39 36.37 -0.79 9.11
N PRO D 40 36.14 -0.63 7.80
CA PRO D 40 34.85 -1.01 7.33
C PRO D 40 35.02 -2.41 6.84
N ASP D 41 34.08 -3.21 7.29
CA ASP D 41 33.95 -4.64 7.21
C ASP D 41 32.76 -4.91 8.17
N SER D 42 31.65 -5.35 7.53
CA SER D 42 30.52 -5.88 8.22
C SER D 42 30.52 -7.39 7.97
N SER D 43 30.15 -8.13 9.06
CA SER D 43 30.18 -9.55 9.03
C SER D 43 29.37 -10.01 10.19
N THR D 44 28.31 -9.39 10.49
CA THR D 44 27.47 -9.81 11.54
C THR D 44 26.62 -11.05 11.19
N GLU D 45 26.08 -11.07 10.00
CA GLU D 45 25.38 -12.11 9.24
C GLU D 45 25.35 -11.85 7.75
N ARG D 46 26.17 -10.87 7.35
CA ARG D 46 26.30 -10.39 5.96
C ARG D 46 27.25 -11.36 5.19
N ASP D 47 28.37 -11.81 5.81
CA ASP D 47 29.27 -12.61 5.08
C ASP D 47 30.18 -13.24 6.08
N ASP D 48 29.54 -13.92 7.05
CA ASP D 48 30.13 -14.80 8.02
C ASP D 48 30.64 -16.07 7.34
N ASP D 49 31.66 -16.67 8.00
CA ASP D 49 32.47 -17.81 7.54
C ASP D 49 33.40 -17.35 6.48
N THR D 50 34.61 -16.86 6.83
CA THR D 50 35.64 -16.54 5.91
C THR D 50 36.78 -17.50 6.08
N LYS D 51 36.72 -18.58 6.91
CA LYS D 51 37.84 -19.51 7.06
C LYS D 51 38.04 -20.28 5.78
N PRO D 52 37.06 -20.73 4.91
CA PRO D 52 37.30 -21.51 3.68
C PRO D 52 38.04 -20.82 2.57
N PHE D 53 38.54 -19.53 2.69
CA PHE D 53 39.28 -18.96 1.64
C PHE D 53 40.36 -18.09 2.16
N PHE D 54 40.31 -17.54 3.40
CA PHE D 54 41.22 -16.64 3.92
C PHE D 54 41.72 -17.29 5.19
N ARG D 55 42.90 -16.81 5.61
CA ARG D 55 43.46 -17.18 6.89
C ARG D 55 43.85 -15.88 7.54
N GLU D 56 44.05 -15.90 8.87
CA GLU D 56 44.38 -14.82 9.70
C GLU D 56 45.72 -14.97 10.29
N ASN D 57 46.48 -13.85 10.23
CA ASN D 57 47.66 -13.77 11.18
C ASN D 57 47.40 -12.50 11.92
N SER D 58 47.98 -12.44 13.15
CA SER D 58 47.96 -11.32 13.99
C SER D 58 49.03 -10.27 13.70
N ARG D 59 49.36 -10.07 12.35
CA ARG D 59 50.17 -8.97 11.86
C ARG D 59 49.23 -7.96 11.31
N ASN D 60 47.93 -8.21 11.60
CA ASN D 60 46.82 -7.41 11.15
C ASN D 60 46.68 -7.35 9.66
N LYS D 61 46.66 -8.52 9.02
CA LYS D 61 46.20 -8.65 7.68
C LYS D 61 45.84 -10.07 7.50
N PHE D 62 44.85 -10.27 6.51
CA PHE D 62 44.30 -11.48 5.99
C PHE D 62 45.30 -12.01 5.03
N THR D 63 45.43 -13.35 4.91
CA THR D 63 46.39 -14.00 3.98
C THR D 63 45.62 -15.04 3.20
N PRO D 64 45.87 -15.23 1.94
CA PRO D 64 45.18 -16.17 1.03
C PRO D 64 45.45 -17.60 1.25
N ARG D 65 44.43 -18.46 1.11
CA ARG D 65 44.71 -19.83 1.29
C ARG D 65 45.11 -20.45 0.00
N ALA D 66 46.35 -20.16 -0.43
CA ALA D 66 46.78 -20.52 -1.76
C ALA D 66 48.21 -20.97 -1.68
N ILE D 67 48.54 -21.93 -2.54
CA ILE D 67 49.88 -22.36 -2.75
C ILE D 67 50.07 -21.97 -4.23
N MET D 68 51.19 -21.33 -4.65
CA MET D 68 51.48 -21.02 -6.00
C MET D 68 52.71 -21.92 -6.37
N MET D 69 52.52 -22.62 -7.54
CA MET D 69 53.45 -23.53 -8.20
C MET D 69 53.25 -23.04 -9.57
N ASP D 70 54.38 -22.89 -10.41
CA ASP D 70 54.48 -22.43 -11.79
C ASP D 70 55.97 -22.25 -11.99
N SER D 71 56.35 -21.36 -12.97
CA SER D 71 57.68 -20.89 -13.32
C SER D 71 57.63 -19.37 -13.26
N GLU D 72 58.62 -18.77 -13.91
CA GLU D 72 58.98 -17.36 -13.77
C GLU D 72 57.86 -16.45 -14.24
N PRO D 73 57.11 -16.53 -15.39
CA PRO D 73 56.15 -15.48 -15.92
C PRO D 73 55.10 -14.88 -14.94
N SER D 74 54.25 -15.63 -14.22
CA SER D 74 53.20 -15.10 -13.36
C SER D 74 53.76 -14.40 -12.20
N VAL D 75 54.76 -15.04 -11.56
CA VAL D 75 55.45 -14.52 -10.46
C VAL D 75 56.19 -13.31 -10.67
N ILE D 76 56.87 -13.14 -11.81
CA ILE D 76 57.52 -11.92 -12.21
C ILE D 76 56.51 -10.76 -12.41
N ALA D 77 55.32 -11.13 -13.05
CA ALA D 77 54.29 -10.23 -13.26
C ALA D 77 53.69 -9.70 -11.91
N ASP D 78 53.55 -10.65 -10.92
CA ASP D 78 52.92 -10.41 -9.66
C ASP D 78 53.58 -9.37 -8.83
N VAL D 79 54.87 -9.48 -8.92
CA VAL D 79 55.86 -8.65 -8.18
C VAL D 79 55.78 -7.22 -8.64
N GLU D 80 55.42 -6.99 -9.90
CA GLU D 80 54.99 -5.73 -10.52
C GLU D 80 53.61 -5.16 -10.11
N ASN D 81 52.68 -6.13 -9.98
CA ASN D 81 51.29 -5.93 -9.63
C ASN D 81 51.32 -5.71 -8.10
N THR D 82 50.13 -5.21 -7.56
CA THR D 82 50.07 -4.92 -6.12
C THR D 82 49.29 -6.08 -5.41
N PHE D 83 49.14 -7.25 -6.03
CA PHE D 83 48.45 -8.42 -5.44
C PHE D 83 49.44 -9.23 -4.72
N ARG D 84 50.73 -8.98 -5.01
CA ARG D 84 51.90 -9.48 -4.27
C ARG D 84 52.05 -8.62 -3.05
N GLY D 85 52.14 -9.38 -1.93
CA GLY D 85 52.16 -8.69 -0.61
C GLY D 85 51.06 -9.28 0.22
N PHE D 86 50.05 -9.84 -0.44
CA PHE D 86 48.97 -10.60 0.15
C PHE D 86 49.49 -11.99 0.34
N PHE D 87 50.22 -12.50 -0.68
CA PHE D 87 50.73 -13.86 -0.61
C PHE D 87 52.02 -13.79 0.20
N ASP D 88 52.21 -14.66 1.18
CA ASP D 88 53.37 -14.63 2.01
C ASP D 88 54.46 -15.23 1.14
N PRO D 89 55.77 -14.87 1.24
CA PRO D 89 56.79 -15.45 0.38
C PRO D 89 56.93 -16.91 0.42
N ARG D 90 56.66 -17.49 1.60
CA ARG D 90 56.78 -18.97 1.77
C ARG D 90 55.83 -19.84 1.03
N ASN D 91 54.57 -19.34 0.80
CA ASN D 91 53.56 -20.16 0.12
C ASN D 91 53.87 -20.33 -1.34
N THR D 92 54.72 -19.46 -1.85
CA THR D 92 55.13 -19.39 -3.25
C THR D 92 56.35 -20.28 -3.38
N TRP D 93 56.21 -21.29 -4.30
CA TRP D 93 57.37 -22.12 -4.74
C TRP D 93 57.34 -22.02 -6.23
N VAL D 94 58.50 -21.66 -6.78
CA VAL D 94 58.61 -21.31 -8.18
C VAL D 94 59.75 -22.17 -8.70
N ALA D 95 59.45 -22.90 -9.77
CA ALA D 95 60.37 -23.78 -10.40
C ALA D 95 61.20 -22.87 -11.24
N SER D 96 62.37 -22.55 -10.71
CA SER D 96 63.33 -21.61 -11.27
C SER D 96 64.43 -22.32 -11.89
N ASP D 97 64.49 -23.74 -11.86
CA ASP D 97 65.52 -24.61 -12.40
C ASP D 97 64.73 -25.45 -13.41
N GLY D 98 63.53 -25.00 -13.92
CA GLY D 98 62.63 -25.90 -14.61
C GLY D 98 61.69 -24.95 -15.27
N ALA D 99 62.21 -23.72 -15.67
CA ALA D 99 61.34 -22.74 -16.14
C ALA D 99 60.81 -22.98 -17.48
N SER D 100 59.50 -23.25 -17.57
CA SER D 100 58.66 -23.64 -18.72
C SER D 100 58.96 -25.10 -19.03
N ALA D 101 58.56 -25.54 -20.20
CA ALA D 101 58.65 -26.91 -20.58
C ALA D 101 58.35 -27.00 -22.05
N GLY D 102 58.04 -25.87 -22.67
CA GLY D 102 57.89 -25.70 -24.07
C GLY D 102 56.53 -25.96 -24.53
N ASN D 103 55.56 -25.92 -23.56
CA ASN D 103 54.21 -26.36 -23.74
C ASN D 103 54.11 -27.89 -23.97
N SER D 104 54.79 -28.70 -23.10
CA SER D 104 54.92 -30.06 -23.26
C SER D 104 54.59 -30.67 -21.86
N TRP D 105 53.67 -31.67 -21.84
CA TRP D 105 53.12 -32.27 -20.62
C TRP D 105 54.26 -32.96 -19.81
N ALA D 106 55.13 -33.71 -20.59
CA ALA D 106 56.13 -34.64 -20.10
C ALA D 106 57.23 -34.04 -19.22
N ASN D 107 57.71 -32.89 -19.65
CA ASN D 107 58.67 -32.10 -18.87
C ASN D 107 58.16 -31.61 -17.57
N GLY D 108 56.92 -31.15 -17.51
CA GLY D 108 56.29 -30.67 -16.41
C GLY D 108 56.10 -31.78 -15.38
N TYR D 109 55.71 -32.98 -15.86
CA TYR D 109 55.51 -34.15 -15.04
C TYR D 109 56.84 -34.60 -14.40
N ASP D 110 57.92 -34.65 -15.17
CA ASP D 110 59.25 -34.99 -14.70
C ASP D 110 59.90 -34.04 -13.65
N ILE D 111 59.71 -32.72 -13.84
CA ILE D 111 60.07 -31.72 -12.82
C ILE D 111 59.20 -31.85 -11.56
N GLY D 112 57.86 -32.16 -11.71
CA GLY D 112 56.99 -32.28 -10.61
C GLY D 112 57.42 -33.31 -9.57
N THR D 113 57.92 -34.53 -10.10
CA THR D 113 58.52 -35.59 -9.31
C THR D 113 59.79 -35.26 -8.57
N ARG D 114 60.64 -34.42 -9.24
CA ARG D 114 61.93 -33.89 -8.74
C ARG D 114 61.68 -32.96 -7.50
N ASN D 115 60.68 -32.09 -7.51
CA ASN D 115 60.40 -31.15 -6.41
C ASN D 115 59.15 -31.60 -5.63
N GLN D 116 58.94 -32.89 -5.42
CA GLN D 116 57.87 -33.48 -4.67
C GLN D 116 58.04 -33.10 -3.20
N ASP D 117 59.35 -33.18 -2.72
CA ASP D 117 59.66 -33.00 -1.34
C ASP D 117 59.34 -31.57 -0.88
N ASP D 118 59.80 -30.67 -1.79
CA ASP D 118 59.70 -29.25 -1.62
C ASP D 118 58.34 -28.69 -1.56
N ILE D 119 57.44 -29.11 -2.49
CA ILE D 119 56.01 -28.84 -2.67
C ILE D 119 55.28 -29.44 -1.49
N LEU D 120 55.54 -30.71 -1.04
CA LEU D 120 54.92 -31.37 0.13
C LEU D 120 55.23 -30.69 1.38
N ASN D 121 56.41 -30.07 1.60
CA ASN D 121 56.79 -29.30 2.78
C ASN D 121 55.81 -28.10 2.92
N LYS D 122 55.50 -27.43 1.84
CA LYS D 122 54.68 -26.27 1.72
C LYS D 122 53.25 -26.51 2.03
N ILE D 123 52.80 -27.64 1.43
CA ILE D 123 51.42 -28.15 1.50
C ILE D 123 51.18 -28.51 2.96
N ASP D 124 52.08 -29.23 3.61
CA ASP D 124 51.94 -29.71 4.98
C ASP D 124 51.85 -28.55 5.92
N LYS D 125 52.61 -27.42 5.63
CA LYS D 125 52.62 -26.25 6.45
C LYS D 125 51.18 -25.67 6.47
N GLU D 126 50.56 -25.52 5.38
CA GLU D 126 49.29 -24.97 5.10
C GLU D 126 48.15 -25.78 5.70
N ILE D 127 48.30 -27.13 5.55
CA ILE D 127 47.31 -28.13 6.02
C ILE D 127 47.31 -28.10 7.53
N ASP D 128 48.49 -28.08 8.21
CA ASP D 128 48.53 -28.05 9.69
C ASP D 128 47.90 -26.81 10.25
N SER D 129 48.04 -25.58 9.64
CA SER D 129 47.43 -24.31 10.16
C SER D 129 45.90 -24.29 10.12
N THR D 130 45.24 -25.09 9.24
CA THR D 130 43.78 -25.25 9.01
C THR D 130 42.99 -25.71 10.17
N ASP D 131 41.75 -25.24 10.41
CA ASP D 131 40.91 -25.77 11.45
C ASP D 131 40.27 -27.11 10.95
N ASN D 132 39.01 -27.05 10.38
CA ASN D 132 38.36 -28.22 9.84
C ASN D 132 38.44 -28.19 8.36
N PHE D 133 39.48 -28.91 7.75
CA PHE D 133 39.82 -28.91 6.29
C PHE D 133 38.90 -29.91 5.60
N GLU D 134 38.03 -29.47 4.66
CA GLU D 134 37.34 -30.34 3.77
C GLU D 134 38.23 -30.88 2.72
N GLY D 135 39.04 -30.03 2.08
CA GLY D 135 39.63 -30.59 0.87
C GLY D 135 40.25 -29.39 0.01
N PHE D 136 40.57 -29.75 -1.22
CA PHE D 136 41.41 -28.93 -2.12
C PHE D 136 40.62 -28.47 -3.28
N GLN D 137 40.99 -27.31 -3.88
CA GLN D 137 40.51 -26.79 -5.14
C GLN D 137 41.74 -26.49 -6.03
N LEU D 138 41.73 -27.02 -7.27
CA LEU D 138 42.79 -26.78 -8.20
C LEU D 138 42.28 -25.94 -9.37
N LEU D 139 43.00 -24.85 -9.60
CA LEU D 139 42.79 -23.88 -10.67
C LEU D 139 43.92 -24.12 -11.55
N HIS D 140 43.67 -24.48 -12.85
CA HIS D 140 44.72 -24.79 -13.87
C HIS D 140 44.21 -24.97 -15.27
N SER D 141 45.11 -25.17 -16.23
CA SER D 141 44.80 -25.44 -17.60
C SER D 141 45.36 -26.78 -17.80
N VAL D 142 44.79 -27.62 -18.67
CA VAL D 142 45.35 -28.82 -19.13
C VAL D 142 45.86 -28.62 -20.55
N ALA D 143 45.84 -27.40 -21.05
CA ALA D 143 46.49 -27.09 -22.30
C ALA D 143 47.89 -26.49 -22.25
N GLY D 144 48.39 -26.02 -21.10
CA GLY D 144 49.72 -25.47 -20.93
C GLY D 144 50.64 -26.52 -20.77
N GLY D 145 51.93 -26.09 -20.55
CA GLY D 145 53.04 -26.93 -20.27
C GLY D 145 53.13 -27.25 -18.79
N THR D 146 53.13 -26.11 -18.06
CA THR D 146 53.23 -25.98 -16.64
C THR D 146 52.01 -26.38 -15.96
N GLY D 147 50.86 -25.89 -16.33
CA GLY D 147 49.53 -26.16 -15.75
C GLY D 147 49.18 -27.63 -15.86
N SER D 148 49.45 -28.23 -17.04
CA SER D 148 49.20 -29.64 -17.40
C SER D 148 50.14 -30.54 -16.69
N GLY D 149 51.52 -30.39 -16.87
CA GLY D 149 52.44 -31.38 -16.36
C GLY D 149 52.51 -31.32 -14.85
N LEU D 150 52.77 -30.11 -14.31
CA LEU D 150 52.86 -29.96 -12.83
C LEU D 150 51.56 -30.27 -12.08
N GLY D 151 50.42 -29.78 -12.64
CA GLY D 151 49.07 -29.97 -12.03
C GLY D 151 48.66 -31.44 -11.97
N SER D 152 48.88 -32.17 -13.05
CA SER D 152 48.49 -33.57 -13.18
C SER D 152 49.30 -34.48 -12.20
N ASN D 153 50.59 -34.11 -12.02
CA ASN D 153 51.64 -34.76 -11.17
C ASN D 153 51.06 -34.61 -9.75
N LEU D 154 50.63 -33.42 -9.47
CA LEU D 154 50.07 -33.01 -8.15
C LEU D 154 48.79 -33.71 -7.78
N LEU D 155 47.90 -33.93 -8.81
CA LEU D 155 46.59 -34.63 -8.66
C LEU D 155 46.76 -36.02 -8.22
N GLU D 156 47.79 -36.71 -8.87
CA GLU D 156 48.17 -38.05 -8.53
C GLU D 156 48.79 -38.13 -7.15
N ALA D 157 49.69 -37.19 -6.74
CA ALA D 157 50.31 -37.15 -5.43
C ALA D 157 49.21 -36.95 -4.35
N LEU D 158 48.21 -36.07 -4.57
CA LEU D 158 47.07 -35.75 -3.73
C LEU D 158 46.15 -36.88 -3.50
N CYS D 159 45.88 -37.80 -4.51
CA CYS D 159 45.04 -39.02 -4.35
C CYS D 159 45.67 -39.91 -3.30
N ASP D 160 47.00 -40.08 -3.45
CA ASP D 160 47.80 -41.08 -2.72
C ASP D 160 47.83 -40.66 -1.25
N ARG D 161 48.18 -39.40 -1.03
CA ARG D 161 48.31 -38.80 0.26
C ARG D 161 46.96 -38.58 0.94
N TYR D 162 45.97 -38.05 0.21
CA TYR D 162 44.72 -37.69 0.82
C TYR D 162 43.55 -38.19 -0.03
N PRO D 163 42.92 -39.31 0.36
CA PRO D 163 41.89 -39.89 -0.55
C PRO D 163 40.54 -39.74 0.11
N LYS D 164 40.57 -39.45 1.40
CA LYS D 164 39.36 -39.16 2.16
C LYS D 164 39.00 -37.67 2.02
N LYS D 165 39.97 -36.81 1.67
CA LYS D 165 39.72 -35.40 1.51
C LYS D 165 39.49 -35.15 0.00
N ILE D 166 38.53 -34.22 -0.32
CA ILE D 166 37.99 -34.05 -1.67
C ILE D 166 38.80 -33.17 -2.48
N LEU D 167 38.95 -33.50 -3.80
CA LEU D 167 39.75 -32.78 -4.77
C LEU D 167 38.76 -32.40 -5.76
N THR D 168 38.64 -31.08 -5.97
CA THR D 168 37.78 -30.55 -7.00
C THR D 168 38.72 -29.84 -7.85
N THR D 169 38.43 -29.79 -9.22
CA THR D 169 39.27 -28.98 -10.10
C THR D 169 38.34 -28.13 -10.99
N TYR D 170 38.90 -26.95 -11.40
CA TYR D 170 38.35 -26.05 -12.35
C TYR D 170 39.41 -26.22 -13.37
N SER D 171 39.05 -26.98 -14.43
CA SER D 171 40.04 -27.36 -15.41
C SER D 171 39.66 -26.68 -16.67
N VAL D 172 40.55 -25.99 -17.23
CA VAL D 172 40.30 -25.26 -18.48
C VAL D 172 40.67 -26.24 -19.56
N PHE D 173 39.84 -26.59 -20.49
CA PHE D 173 40.13 -27.37 -21.72
C PHE D 173 40.41 -26.37 -22.83
N PRO D 174 41.16 -26.60 -23.86
CA PRO D 174 41.40 -25.55 -24.87
C PRO D 174 40.25 -25.85 -25.85
N ALA D 175 40.41 -25.16 -27.03
CA ALA D 175 39.51 -25.40 -28.20
C ALA D 175 40.11 -26.62 -28.96
N ARG D 176 39.30 -27.13 -29.86
CA ARG D 176 39.55 -28.33 -30.72
C ARG D 176 39.63 -27.80 -32.19
N SER D 177 39.56 -26.45 -32.30
CA SER D 177 39.73 -25.54 -33.49
C SER D 177 41.00 -24.90 -33.28
N SER D 178 41.85 -25.36 -32.31
CA SER D 178 43.17 -24.77 -32.07
C SER D 178 44.13 -24.98 -33.25
N GLU D 179 45.09 -24.02 -33.38
CA GLU D 179 46.14 -24.01 -34.41
C GLU D 179 47.46 -24.41 -33.71
N VAL D 180 47.32 -24.98 -32.48
CA VAL D 180 48.50 -25.37 -31.68
C VAL D 180 48.35 -26.83 -31.82
N VAL D 181 49.51 -27.47 -32.25
CA VAL D 181 49.57 -28.88 -32.51
C VAL D 181 49.84 -29.68 -31.28
N VAL D 182 50.72 -29.28 -30.32
CA VAL D 182 50.97 -30.08 -29.11
C VAL D 182 49.79 -30.02 -28.16
N GLN D 183 48.73 -29.22 -28.50
CA GLN D 183 47.48 -29.11 -27.75
C GLN D 183 46.83 -30.42 -27.37
N SER D 184 46.80 -31.34 -28.38
CA SER D 184 46.21 -32.59 -28.18
C SER D 184 47.00 -33.50 -27.12
N TYR D 185 48.38 -33.42 -27.13
CA TYR D 185 49.07 -34.22 -26.15
C TYR D 185 48.82 -33.76 -24.73
N ASN D 186 48.91 -32.45 -24.55
CA ASN D 186 48.84 -31.88 -23.23
C ASN D 186 47.52 -32.19 -22.59
N THR D 187 46.42 -31.96 -23.37
CA THR D 187 45.05 -32.10 -22.81
C THR D 187 44.70 -33.42 -22.39
N ILE D 188 45.03 -34.40 -23.26
CA ILE D 188 44.86 -35.81 -23.02
C ILE D 188 45.59 -36.51 -21.86
N LEU D 189 46.88 -36.25 -21.74
CA LEU D 189 47.77 -36.81 -20.73
C LEU D 189 47.38 -36.41 -19.38
N ALA D 190 47.05 -35.14 -19.18
CA ALA D 190 46.51 -34.69 -17.90
C ALA D 190 45.18 -35.28 -17.63
N LEU D 191 44.33 -35.38 -18.63
CA LEU D 191 42.99 -35.69 -18.54
C LEU D 191 42.73 -37.08 -17.94
N ARG D 192 43.60 -38.10 -18.13
CA ARG D 192 43.43 -39.44 -17.61
C ARG D 192 43.42 -39.33 -16.12
N ARG D 193 44.36 -38.55 -15.55
CA ARG D 193 44.55 -38.35 -14.13
C ARG D 193 43.43 -37.60 -13.58
N LEU D 194 42.91 -36.58 -14.29
CA LEU D 194 41.88 -35.65 -13.92
C LEU D 194 40.59 -36.35 -13.72
N ILE D 195 40.36 -37.33 -14.54
CA ILE D 195 39.18 -38.17 -14.42
C ILE D 195 39.21 -39.00 -13.21
N GLU D 196 40.35 -39.77 -12.96
CA GLU D 196 40.45 -40.69 -11.84
C GLU D 196 40.78 -40.19 -10.42
N ASP D 197 41.83 -39.31 -10.29
CA ASP D 197 42.25 -38.79 -9.01
C ASP D 197 41.48 -37.63 -8.46
N SER D 198 40.65 -36.95 -9.31
CA SER D 198 39.88 -35.86 -8.86
C SER D 198 38.51 -36.35 -8.90
N ASP D 199 37.80 -36.14 -7.74
CA ASP D 199 36.39 -36.39 -7.46
C ASP D 199 35.35 -35.68 -8.41
N ALA D 200 35.57 -34.38 -8.79
CA ALA D 200 34.64 -33.66 -9.66
C ALA D 200 35.46 -32.78 -10.46
N THR D 201 35.14 -32.65 -11.77
CA THR D 201 35.86 -31.75 -12.68
C THR D 201 34.97 -30.80 -13.50
N VAL D 202 35.22 -29.52 -13.38
CA VAL D 202 34.47 -28.44 -13.93
C VAL D 202 35.09 -28.03 -15.27
N VAL D 203 34.41 -28.23 -16.41
CA VAL D 203 35.04 -27.90 -17.69
C VAL D 203 34.75 -26.54 -18.08
N PHE D 204 35.87 -25.82 -18.34
CA PHE D 204 35.86 -24.45 -18.81
C PHE D 204 36.40 -24.64 -20.26
N ASP D 205 35.55 -24.44 -21.33
CA ASP D 205 36.03 -24.60 -22.69
C ASP D 205 36.46 -23.29 -23.23
N ASN D 206 37.75 -23.12 -23.65
CA ASN D 206 38.40 -21.88 -24.03
C ASN D 206 37.82 -21.30 -25.27
N ALA D 207 37.21 -22.12 -26.17
CA ALA D 207 36.50 -21.63 -27.35
C ALA D 207 35.36 -20.74 -26.99
N SER D 208 34.58 -21.15 -25.95
CA SER D 208 33.42 -20.51 -25.47
C SER D 208 33.73 -19.25 -24.77
N LEU D 209 34.83 -19.36 -23.94
CA LEU D 209 35.28 -18.26 -23.06
C LEU D 209 35.70 -17.09 -23.86
N LEU D 210 36.34 -17.34 -24.99
CA LEU D 210 36.82 -16.39 -25.98
C LEU D 210 35.60 -15.71 -26.68
N ASN D 211 34.44 -16.44 -27.01
CA ASN D 211 33.25 -15.75 -27.61
C ASN D 211 32.67 -14.74 -26.68
N ILE D 212 32.60 -15.02 -25.36
CA ILE D 212 32.17 -14.15 -24.25
C ILE D 212 33.10 -12.99 -24.18
N SER D 213 34.42 -13.25 -24.16
CA SER D 213 35.48 -12.23 -23.95
C SER D 213 35.40 -11.25 -25.08
N GLY D 214 35.22 -11.70 -26.34
CA GLY D 214 35.11 -10.90 -27.53
C GLY D 214 33.83 -10.11 -27.42
N LYS D 215 32.64 -10.77 -27.07
CA LYS D 215 31.30 -10.17 -27.11
C LYS D 215 31.03 -9.05 -26.05
N VAL D 216 31.20 -9.34 -24.73
CA VAL D 216 30.82 -8.42 -23.68
C VAL D 216 31.71 -7.28 -23.43
N PHE D 217 33.05 -7.50 -23.33
CA PHE D 217 34.05 -6.45 -23.23
C PHE D 217 34.13 -5.74 -24.59
N ARG D 218 33.90 -6.37 -25.78
CA ARG D 218 33.99 -5.69 -27.03
C ARG D 218 35.38 -5.26 -27.31
N ASN D 219 36.37 -6.15 -27.15
CA ASN D 219 37.69 -5.96 -27.69
C ASN D 219 37.89 -7.07 -28.65
N PRO D 220 38.34 -6.81 -29.88
CA PRO D 220 38.53 -7.94 -30.86
C PRO D 220 39.93 -8.60 -30.56
N ASN D 221 40.80 -8.00 -29.62
CA ASN D 221 42.12 -8.50 -29.41
C ASN D 221 42.07 -9.09 -28.02
N ILE D 222 42.27 -10.43 -27.98
CA ILE D 222 42.01 -11.27 -26.81
C ILE D 222 43.29 -11.94 -26.51
N ASP D 223 44.04 -11.51 -25.46
CA ASP D 223 45.25 -12.10 -25.06
C ASP D 223 44.91 -13.25 -24.14
N LEU D 224 45.88 -14.15 -23.64
CA LEU D 224 45.56 -15.21 -22.65
C LEU D 224 45.10 -14.57 -21.31
N GLN D 225 45.73 -13.43 -20.93
CA GLN D 225 45.48 -12.75 -19.73
C GLN D 225 44.06 -12.27 -19.67
N HIS D 226 43.56 -11.75 -20.83
CA HIS D 226 42.27 -11.16 -20.99
C HIS D 226 41.28 -12.28 -20.73
N THR D 227 41.51 -13.48 -21.29
CA THR D 227 40.62 -14.65 -21.17
C THR D 227 40.51 -15.18 -19.76
N ASN D 228 41.66 -15.14 -18.96
CA ASN D 228 41.75 -15.51 -17.56
C ASN D 228 40.85 -14.62 -16.68
N GLN D 229 40.56 -13.36 -17.07
CA GLN D 229 39.63 -12.38 -16.44
C GLN D 229 38.29 -12.86 -16.40
N LEU D 230 37.91 -13.52 -17.49
CA LEU D 230 36.61 -14.08 -17.64
C LEU D 230 36.47 -15.28 -16.66
N ILE D 231 37.51 -16.12 -16.54
CA ILE D 231 37.51 -17.28 -15.67
C ILE D 231 37.42 -16.89 -14.23
N SER D 232 38.18 -15.82 -13.83
CA SER D 232 38.23 -15.29 -12.48
C SER D 232 36.81 -14.78 -12.12
N THR D 233 36.01 -14.19 -13.03
CA THR D 233 34.65 -13.71 -12.76
C THR D 233 33.70 -14.87 -12.38
N ILE D 234 33.76 -15.94 -13.12
CA ILE D 234 32.84 -17.09 -12.92
C ILE D 234 32.99 -17.80 -11.62
N ILE D 235 34.31 -18.04 -11.39
CA ILE D 235 34.73 -18.69 -10.14
C ILE D 235 34.46 -17.88 -8.94
N SER D 236 34.68 -16.53 -8.89
CA SER D 236 34.46 -15.66 -7.78
C SER D 236 33.00 -15.51 -7.35
N SER D 237 32.05 -15.38 -8.38
CA SER D 237 30.60 -15.27 -8.12
C SER D 237 30.03 -16.50 -7.53
N VAL D 238 30.45 -17.74 -7.90
CA VAL D 238 29.95 -18.96 -7.35
C VAL D 238 30.26 -19.22 -5.87
N THR D 239 31.40 -18.73 -5.35
CA THR D 239 31.70 -18.95 -4.00
C THR D 239 30.96 -18.00 -3.16
N ASN D 240 30.25 -16.94 -3.66
CA ASN D 240 29.54 -16.00 -2.90
C ASN D 240 28.60 -16.55 -1.94
N SER D 241 27.84 -17.60 -2.32
CA SER D 241 26.84 -18.22 -1.46
C SER D 241 27.45 -19.00 -0.30
N ILE D 242 28.72 -19.49 -0.40
CA ILE D 242 29.43 -20.21 0.70
C ILE D 242 29.83 -19.28 1.77
N ARG D 243 30.30 -18.12 1.31
CA ARG D 243 30.69 -17.04 2.19
C ARG D 243 29.48 -16.31 2.78
N PHE D 244 28.28 -16.46 2.18
CA PHE D 244 27.06 -15.88 2.62
C PHE D 244 26.52 -16.99 3.63
N PRO D 245 26.37 -16.68 4.86
CA PRO D 245 26.01 -17.69 5.93
C PRO D 245 24.56 -18.09 5.90
N SER D 246 23.92 -18.72 6.91
CA SER D 246 22.49 -19.13 6.91
C SER D 246 22.07 -20.09 5.78
N TYR D 247 22.96 -20.90 5.28
CA TYR D 247 22.66 -21.94 4.32
C TYR D 247 23.72 -22.99 4.54
N MET D 248 23.40 -24.18 4.18
CA MET D 248 24.20 -25.38 4.25
C MET D 248 23.80 -26.25 3.11
N TYR D 249 23.32 -25.56 1.99
CA TYR D 249 23.23 -26.19 0.70
C TYR D 249 24.26 -25.56 -0.13
N SER D 250 25.13 -24.76 0.59
CA SER D 250 26.34 -24.19 0.05
C SER D 250 27.51 -24.41 0.93
N SER D 251 27.26 -25.45 1.71
CA SER D 251 28.26 -26.17 2.42
C SER D 251 28.97 -26.91 1.32
N MET D 252 30.25 -27.17 1.48
CA MET D 252 31.02 -27.94 0.55
C MET D 252 30.54 -29.33 0.37
N SER D 253 30.27 -30.01 1.47
CA SER D 253 29.93 -31.43 1.37
C SER D 253 28.66 -31.65 0.56
N SER D 254 27.62 -30.84 0.79
CA SER D 254 26.31 -30.96 0.10
C SER D 254 26.49 -30.57 -1.41
N ILE D 255 27.45 -29.60 -1.75
CA ILE D 255 27.67 -29.13 -3.18
C ILE D 255 28.17 -30.28 -4.05
N TYR D 256 29.15 -31.00 -3.49
CA TYR D 256 29.86 -32.09 -4.19
C TYR D 256 28.98 -33.19 -4.35
N SER D 257 28.13 -33.46 -3.29
CA SER D 257 27.22 -34.61 -3.37
C SER D 257 26.27 -34.53 -4.50
N THR D 258 25.72 -33.28 -4.71
CA THR D 258 24.80 -32.98 -5.83
C THR D 258 25.37 -33.05 -7.20
N LEU D 259 26.57 -32.45 -7.33
CA LEU D 259 27.33 -32.35 -8.57
C LEU D 259 27.87 -33.67 -9.01
N ILE D 260 28.41 -34.52 -8.04
CA ILE D 260 28.90 -35.89 -8.25
C ILE D 260 27.85 -36.91 -8.06
N PRO D 261 27.32 -37.55 -9.12
CA PRO D 261 26.18 -38.45 -8.92
C PRO D 261 26.58 -39.90 -8.91
N SER D 262 27.83 -40.25 -9.41
CA SER D 262 28.29 -41.59 -9.50
C SER D 262 29.79 -41.50 -9.27
N PRO D 263 30.63 -42.45 -9.00
CA PRO D 263 31.97 -42.22 -8.62
C PRO D 263 32.88 -42.33 -9.85
N GLU D 264 32.38 -42.81 -10.98
CA GLU D 264 33.23 -42.98 -12.18
C GLU D 264 32.81 -41.98 -13.25
N LEU D 265 31.77 -41.10 -12.89
CA LEU D 265 31.29 -40.10 -13.86
C LEU D 265 30.98 -38.91 -12.97
N HIS D 266 31.55 -37.74 -13.30
CA HIS D 266 31.41 -36.63 -12.48
C HIS D 266 31.93 -35.46 -13.29
N PHE D 267 31.73 -35.39 -14.65
CA PHE D 267 32.19 -34.31 -15.45
C PHE D 267 31.11 -33.24 -15.43
N LEU D 268 31.46 -32.00 -15.03
CA LEU D 268 30.50 -30.89 -14.77
C LEU D 268 30.69 -29.87 -15.86
N SER D 269 29.60 -29.12 -16.19
CA SER D 269 29.57 -27.92 -17.06
C SER D 269 29.04 -26.77 -16.27
N PRO D 270 29.63 -25.59 -16.41
CA PRO D 270 29.06 -24.38 -15.93
C PRO D 270 28.35 -23.62 -17.02
N SER D 271 27.51 -22.75 -16.61
CA SER D 271 26.98 -21.57 -17.31
C SER D 271 26.86 -20.47 -16.27
N PHE D 272 26.93 -19.16 -16.70
CA PHE D 272 26.86 -18.08 -15.79
C PHE D 272 26.19 -17.00 -16.47
N THR D 273 25.49 -16.11 -15.66
CA THR D 273 24.79 -15.01 -16.18
C THR D 273 24.81 -13.93 -15.10
N PRO D 274 25.08 -12.62 -15.46
CA PRO D 274 25.48 -12.06 -16.73
C PRO D 274 26.97 -11.91 -16.61
N PHE D 275 27.66 -11.00 -17.35
CA PHE D 275 29.11 -10.70 -17.32
C PHE D 275 29.31 -9.23 -17.29
N THR D 276 28.23 -8.48 -16.79
CA THR D 276 28.08 -6.99 -16.80
C THR D 276 28.22 -6.46 -15.40
N SER D 277 28.80 -7.23 -14.53
CA SER D 277 28.92 -7.00 -13.12
C SER D 277 30.37 -6.54 -12.84
N ASP D 278 31.19 -6.57 -13.90
CA ASP D 278 32.64 -6.33 -13.82
C ASP D 278 33.02 -5.41 -14.98
N TYR D 279 32.02 -5.11 -15.89
CA TYR D 279 32.09 -4.25 -16.98
C TYR D 279 30.75 -3.58 -17.14
N ILE D 280 30.68 -2.45 -17.89
CA ILE D 280 29.51 -1.71 -18.08
C ILE D 280 29.63 -1.23 -19.49
N HIS D 281 28.52 -0.91 -20.11
CA HIS D 281 28.44 -0.48 -21.50
C HIS D 281 28.06 1.01 -21.43
N ASP D 282 28.09 1.62 -20.20
CA ASP D 282 27.83 3.02 -19.87
C ASP D 282 26.32 3.28 -19.97
N ASP D 283 25.59 2.14 -19.98
CA ASP D 283 24.18 1.97 -19.90
C ASP D 283 23.82 0.99 -18.76
N ILE D 284 22.74 1.35 -18.00
CA ILE D 284 22.24 0.64 -16.82
C ILE D 284 21.64 -0.73 -17.26
N ALA D 285 21.71 -1.73 -16.36
CA ALA D 285 21.41 -3.09 -16.58
C ALA D 285 21.00 -3.60 -15.15
N HIS D 286 19.97 -4.42 -15.00
CA HIS D 286 19.47 -4.82 -13.70
C HIS D 286 18.82 -6.15 -13.86
N LYS D 287 18.54 -6.58 -15.08
CA LYS D 287 17.71 -7.75 -15.41
C LYS D 287 16.44 -7.91 -14.63
N GLY D 288 15.90 -9.14 -14.68
CA GLY D 288 14.67 -9.64 -14.15
C GLY D 288 14.91 -11.09 -13.98
N HIS D 289 14.07 -11.74 -13.10
CA HIS D 289 14.23 -13.10 -12.78
C HIS D 289 14.12 -14.00 -13.96
N SER D 290 13.20 -13.63 -14.88
CA SER D 290 12.88 -14.28 -16.07
C SER D 290 14.04 -14.31 -17.05
N SER D 291 14.72 -13.10 -17.14
CA SER D 291 15.84 -12.75 -17.99
C SER D 291 17.06 -13.56 -17.64
N TYR D 292 17.30 -13.71 -16.37
CA TYR D 292 18.38 -14.57 -15.84
C TYR D 292 18.18 -15.95 -16.17
N ASP D 293 16.92 -16.50 -15.98
CA ASP D 293 16.68 -17.90 -16.36
C ASP D 293 16.76 -18.16 -17.85
N VAL D 294 16.31 -17.26 -18.75
CA VAL D 294 16.38 -17.50 -20.18
C VAL D 294 17.81 -17.55 -20.69
N MET D 295 18.70 -16.61 -20.21
CA MET D 295 20.04 -16.45 -20.63
C MET D 295 20.87 -17.63 -20.26
N LEU D 296 20.52 -18.31 -19.16
CA LEU D 296 21.11 -19.49 -18.59
C LEU D 296 21.03 -20.76 -19.43
N ASP D 297 19.97 -20.85 -20.27
CA ASP D 297 19.81 -21.87 -21.30
C ASP D 297 20.75 -21.53 -22.46
N LEU D 298 21.12 -20.29 -22.73
CA LEU D 298 21.87 -19.98 -23.95
C LEU D 298 23.37 -20.40 -23.93
N LEU D 299 23.83 -20.75 -25.19
CA LEU D 299 25.19 -21.18 -25.63
C LEU D 299 26.24 -20.19 -25.39
N ASP D 300 26.00 -18.96 -25.79
CA ASP D 300 26.97 -17.88 -25.80
C ASP D 300 27.27 -17.37 -24.39
N PRO D 301 26.39 -17.34 -23.43
CA PRO D 301 26.72 -17.03 -22.03
C PRO D 301 27.39 -18.38 -21.53
N SER D 302 27.18 -19.60 -22.17
CA SER D 302 27.76 -20.84 -21.64
C SER D 302 29.23 -20.73 -21.70
N ASN D 303 29.87 -21.13 -20.59
CA ASN D 303 31.33 -21.04 -20.51
C ASN D 303 31.90 -22.47 -20.70
N SER D 304 31.15 -23.33 -21.46
CA SER D 304 31.63 -24.75 -21.77
C SER D 304 30.93 -25.11 -23.07
N LEU D 305 31.48 -26.16 -23.73
CA LEU D 305 31.02 -26.59 -24.99
C LEU D 305 30.03 -27.57 -24.58
N VAL D 306 28.82 -27.23 -24.96
CA VAL D 306 27.54 -27.95 -24.78
C VAL D 306 26.76 -27.97 -26.09
N SER D 307 27.53 -28.30 -27.17
CA SER D 307 27.16 -28.54 -28.59
C SER D 307 26.10 -27.55 -29.13
N THR D 308 25.33 -27.82 -30.16
CA THR D 308 24.27 -26.93 -30.77
C THR D 308 23.19 -26.50 -29.85
N ALA D 309 22.78 -27.39 -28.97
CA ALA D 309 21.82 -27.18 -27.95
C ALA D 309 22.34 -28.03 -26.85
N MET D 310 22.08 -27.58 -25.59
CA MET D 310 22.54 -28.25 -24.37
C MET D 310 21.46 -29.07 -23.80
N ASN D 311 20.22 -28.85 -24.35
CA ASN D 311 19.12 -29.64 -24.00
C ASN D 311 18.91 -30.67 -25.10
N ASN D 312 18.97 -31.93 -24.63
CA ASN D 312 18.86 -33.07 -25.52
C ASN D 312 18.01 -34.15 -24.87
N PRO D 313 17.51 -35.20 -25.51
CA PRO D 313 16.77 -36.28 -24.79
C PRO D 313 17.55 -37.10 -23.78
N THR D 314 18.91 -36.94 -23.70
CA THR D 314 19.75 -37.77 -22.88
C THR D 314 19.54 -37.30 -21.48
N TYR D 315 19.76 -38.16 -20.47
CA TYR D 315 19.51 -37.98 -19.06
C TYR D 315 20.48 -37.03 -18.46
N PHE D 316 19.93 -36.14 -17.61
CA PHE D 316 20.60 -35.22 -16.74
C PHE D 316 20.73 -35.92 -15.52
N ASN D 317 22.00 -35.98 -15.07
CA ASN D 317 22.47 -36.57 -13.95
C ASN D 317 22.14 -35.68 -12.73
N VAL D 318 22.37 -34.35 -12.93
CA VAL D 318 21.99 -33.38 -11.97
C VAL D 318 21.79 -32.07 -12.57
N TYR D 319 20.95 -31.17 -11.90
CA TYR D 319 20.80 -29.82 -12.29
C TYR D 319 20.79 -29.04 -11.05
N ASN D 320 21.51 -27.92 -11.02
CA ASN D 320 21.54 -27.02 -9.86
C ASN D 320 21.37 -25.65 -10.51
N THR D 321 20.43 -24.82 -9.96
CA THR D 321 20.42 -23.48 -10.35
C THR D 321 20.68 -22.74 -9.08
N ILE D 322 21.67 -21.79 -9.15
CA ILE D 322 22.12 -21.00 -8.09
C ILE D 322 21.68 -19.57 -8.38
N ILE D 323 20.74 -18.99 -7.56
CA ILE D 323 20.23 -17.69 -7.80
C ILE D 323 21.00 -16.86 -6.82
N GLY D 324 21.48 -15.73 -7.43
CA GLY D 324 22.38 -14.68 -6.86
C GLY D 324 21.68 -13.38 -7.00
N ASN D 325 21.54 -12.64 -5.84
CA ASN D 325 20.92 -11.39 -5.65
C ASN D 325 19.61 -11.57 -4.94
N VAL D 326 19.27 -10.60 -4.06
CA VAL D 326 18.06 -10.61 -3.27
C VAL D 326 16.85 -10.44 -4.14
N GLU D 327 15.85 -11.29 -3.99
CA GLU D 327 14.65 -11.48 -4.77
C GLU D 327 13.53 -11.71 -3.71
N PRO D 328 12.18 -11.72 -3.92
CA PRO D 328 11.22 -12.07 -2.89
C PRO D 328 11.26 -13.62 -2.96
N ARG D 329 11.18 -14.22 -1.81
CA ARG D 329 11.52 -15.62 -1.73
C ARG D 329 10.69 -16.62 -2.54
N GLN D 330 9.36 -16.35 -2.54
CA GLN D 330 8.31 -17.14 -3.12
C GLN D 330 8.35 -17.34 -4.57
N ILE D 331 8.72 -16.30 -5.34
CA ILE D 331 8.88 -16.44 -6.76
C ILE D 331 10.00 -17.35 -7.23
N SER D 332 11.19 -17.26 -6.51
CA SER D 332 12.32 -18.12 -6.76
C SER D 332 12.14 -19.64 -6.50
N ARG D 333 11.39 -19.88 -5.37
CA ARG D 333 10.92 -21.28 -5.12
C ARG D 333 9.91 -21.66 -6.11
N ALA D 334 8.96 -20.80 -6.54
CA ALA D 334 7.96 -21.16 -7.57
C ALA D 334 8.54 -21.46 -8.89
N MET D 335 9.60 -20.70 -9.29
CA MET D 335 10.40 -20.77 -10.49
C MET D 335 11.10 -22.10 -10.58
N THR D 336 11.69 -22.63 -9.48
CA THR D 336 12.40 -23.98 -9.35
C THR D 336 11.40 -25.12 -9.57
N LYS D 337 10.18 -24.88 -9.09
CA LYS D 337 9.04 -25.77 -9.25
C LYS D 337 8.59 -25.93 -10.76
N LEU D 338 8.63 -24.74 -11.46
CA LEU D 338 8.25 -24.71 -12.85
C LEU D 338 9.20 -25.45 -13.73
N GLN D 339 10.55 -25.37 -13.53
CA GLN D 339 11.62 -26.04 -14.21
C GLN D 339 11.53 -27.51 -14.06
N GLN D 340 11.19 -28.01 -12.86
CA GLN D 340 11.06 -29.43 -12.69
C GLN D 340 9.83 -30.05 -13.39
N ARG D 341 8.62 -29.45 -13.26
CA ARG D 341 7.46 -30.03 -13.85
C ARG D 341 7.52 -29.99 -15.38
N ILE D 342 8.03 -28.85 -15.89
CA ILE D 342 8.14 -28.70 -17.34
C ILE D 342 9.05 -29.73 -17.97
N LYS D 343 10.13 -30.17 -17.19
CA LYS D 343 11.08 -31.17 -17.68
C LYS D 343 12.03 -30.56 -18.68
N PHE D 344 12.75 -29.52 -18.20
CA PHE D 344 13.83 -29.00 -18.96
C PHE D 344 15.05 -29.92 -18.75
N PRO D 345 15.44 -30.31 -17.55
CA PRO D 345 16.34 -31.43 -17.46
C PRO D 345 15.61 -32.67 -17.64
N SER D 346 16.15 -33.68 -18.35
CA SER D 346 15.41 -34.78 -18.90
C SER D 346 15.61 -35.93 -17.92
N TRP D 347 14.50 -36.77 -17.83
CA TRP D 347 14.46 -37.83 -16.91
C TRP D 347 14.50 -39.10 -17.73
N SER D 348 14.42 -40.20 -17.00
CA SER D 348 14.46 -41.57 -17.56
C SER D 348 13.46 -42.39 -16.87
N SER D 349 13.38 -43.70 -17.26
CA SER D 349 12.45 -44.61 -16.55
C SER D 349 13.13 -45.41 -15.47
N SER D 350 14.46 -45.16 -15.22
CA SER D 350 15.13 -45.71 -14.09
C SER D 350 14.77 -45.03 -12.76
N ALA D 351 14.61 -43.63 -12.84
CA ALA D 351 14.44 -42.83 -11.72
C ALA D 351 13.85 -41.60 -12.32
N MET D 352 13.24 -40.77 -11.46
CA MET D 352 12.32 -39.74 -11.77
C MET D 352 12.68 -38.48 -11.00
N HIS D 353 12.94 -37.29 -11.63
CA HIS D 353 13.34 -36.03 -11.04
C HIS D 353 14.72 -36.03 -10.40
N VAL D 354 15.40 -34.88 -10.52
CA VAL D 354 16.68 -34.50 -10.00
C VAL D 354 16.89 -33.09 -10.56
N ASN D 355 16.11 -32.09 -10.00
CA ASN D 355 16.30 -30.68 -10.25
C ASN D 355 16.20 -29.97 -8.92
N ILE D 356 17.26 -29.20 -8.52
CA ILE D 356 17.24 -28.49 -7.24
C ILE D 356 17.51 -27.07 -7.61
N GLY D 357 17.13 -26.11 -6.72
CA GLY D 357 17.45 -24.67 -6.81
C GLY D 357 17.80 -24.33 -5.36
N ARG D 358 18.86 -23.45 -5.19
CA ARG D 358 19.17 -22.73 -4.06
C ARG D 358 19.32 -21.27 -4.34
N ARG D 359 18.93 -20.37 -3.41
CA ARG D 359 18.80 -18.97 -3.45
C ARG D 359 19.71 -18.40 -2.41
N SER D 360 20.30 -17.28 -2.88
CA SER D 360 21.14 -16.49 -2.02
C SER D 360 20.99 -15.05 -2.34
N PRO D 361 21.20 -14.15 -1.41
CA PRO D 361 21.19 -12.77 -1.75
C PRO D 361 22.57 -12.41 -2.05
N TYR D 362 22.86 -11.28 -2.67
CA TYR D 362 24.20 -10.79 -2.87
C TYR D 362 24.43 -9.76 -1.72
N LEU D 363 25.72 -9.51 -1.46
CA LEU D 363 26.25 -8.71 -0.37
C LEU D 363 26.06 -7.24 -0.67
N PRO D 364 25.84 -6.30 0.27
CA PRO D 364 25.64 -4.89 0.04
C PRO D 364 26.96 -4.28 -0.32
N LEU D 365 28.07 -5.06 -0.08
CA LEU D 365 29.38 -4.67 -0.46
C LEU D 365 29.85 -5.73 -1.48
N GLN D 366 29.77 -5.23 -2.65
CA GLN D 366 30.23 -5.86 -3.87
C GLN D 366 30.59 -4.71 -4.80
N PRO D 367 31.44 -4.86 -5.87
CA PRO D 367 31.88 -3.74 -6.64
C PRO D 367 30.99 -3.72 -7.87
N ASN D 368 29.93 -2.92 -7.69
CA ASN D 368 28.91 -2.72 -8.72
C ASN D 368 28.25 -3.98 -9.16
N GLU D 369 27.72 -4.78 -8.20
CA GLU D 369 26.91 -5.91 -8.48
C GLU D 369 25.69 -5.91 -7.58
N ASN D 370 24.51 -5.81 -8.12
CA ASN D 370 23.25 -5.64 -7.40
C ASN D 370 22.20 -5.95 -8.36
N GLU D 371 22.55 -6.82 -9.31
CA GLU D 371 21.76 -7.18 -10.48
C GLU D 371 21.55 -8.60 -10.39
N VAL D 372 20.28 -9.05 -10.65
CA VAL D 372 19.90 -10.51 -10.66
C VAL D 372 20.81 -11.28 -11.53
N SER D 373 21.51 -12.38 -10.95
CA SER D 373 22.48 -13.12 -11.59
C SER D 373 22.25 -14.54 -11.24
N GLY D 374 22.86 -15.55 -11.94
CA GLY D 374 22.70 -16.95 -11.58
C GLY D 374 23.78 -17.74 -12.17
N MET D 375 24.11 -18.92 -11.58
CA MET D 375 25.11 -19.77 -12.16
C MET D 375 24.37 -21.05 -12.28
N MET D 376 24.71 -21.86 -13.34
CA MET D 376 24.17 -23.25 -13.46
C MET D 376 25.38 -24.13 -13.32
N LEU D 377 25.33 -25.23 -12.54
CA LEU D 377 26.27 -26.24 -12.54
C LEU D 377 25.49 -27.54 -12.80
N SER D 378 25.81 -28.27 -13.89
CA SER D 378 25.06 -29.43 -14.21
C SER D 378 26.06 -30.41 -14.71
N ASN D 379 25.62 -31.66 -14.48
CA ASN D 379 26.24 -32.76 -15.02
C ASN D 379 25.32 -33.20 -16.05
N MET D 380 25.78 -32.98 -17.34
CA MET D 380 24.95 -33.21 -18.41
C MET D 380 25.74 -34.05 -19.32
N SER D 381 24.99 -34.98 -20.00
CA SER D 381 25.58 -36.03 -20.82
C SER D 381 25.85 -35.52 -22.21
N THR D 382 25.80 -34.21 -22.41
CA THR D 382 25.98 -33.47 -23.70
C THR D 382 27.50 -33.16 -23.78
N VAL D 383 28.20 -33.09 -22.60
CA VAL D 383 29.61 -32.82 -22.39
C VAL D 383 30.52 -33.77 -23.15
N VAL D 384 30.02 -34.94 -23.48
CA VAL D 384 30.70 -36.05 -24.17
C VAL D 384 31.29 -35.71 -25.55
N ASN D 385 30.69 -34.76 -26.26
CA ASN D 385 31.18 -34.33 -27.63
C ASN D 385 32.62 -33.84 -27.59
N VAL D 386 33.02 -33.17 -26.41
CA VAL D 386 34.35 -32.66 -26.23
C VAL D 386 35.43 -33.79 -26.24
N PHE D 387 35.11 -34.87 -25.49
CA PHE D 387 35.98 -36.00 -25.25
C PHE D 387 36.34 -36.73 -26.48
N GLU D 388 35.32 -36.89 -27.33
CA GLU D 388 35.57 -37.51 -28.66
C GLU D 388 36.46 -36.73 -29.57
N ASN D 389 36.28 -35.37 -29.48
CA ASN D 389 37.07 -34.43 -30.33
C ASN D 389 38.53 -34.51 -30.05
N ALA D 390 38.92 -34.61 -28.75
CA ALA D 390 40.26 -34.81 -28.28
C ALA D 390 40.89 -36.12 -28.77
N CYS D 391 40.10 -37.25 -28.77
CA CYS D 391 40.65 -38.52 -29.14
C CYS D 391 41.13 -38.65 -30.56
N ASN D 392 40.34 -38.11 -31.51
CA ASN D 392 40.66 -38.23 -32.92
C ASN D 392 41.85 -37.42 -33.14
N THR D 393 41.93 -36.22 -32.49
CA THR D 393 42.97 -35.25 -32.65
C THR D 393 44.31 -35.75 -32.11
N PHE D 394 44.22 -36.48 -30.97
CA PHE D 394 45.39 -37.08 -30.35
C PHE D 394 45.97 -38.10 -31.36
N ASP D 395 45.13 -38.90 -32.03
CA ASP D 395 45.59 -39.94 -32.92
C ASP D 395 46.37 -39.39 -34.08
N LYS D 396 45.85 -38.26 -34.63
CA LYS D 396 46.55 -37.70 -35.86
C LYS D 396 47.95 -37.20 -35.68
N VAL D 397 48.26 -36.41 -34.59
CA VAL D 397 49.55 -35.81 -34.18
C VAL D 397 50.47 -36.96 -33.81
N PHE D 398 49.92 -38.03 -33.14
CA PHE D 398 50.63 -39.24 -32.75
C PHE D 398 51.14 -40.00 -33.95
N ALA D 399 50.27 -40.10 -35.02
CA ALA D 399 50.63 -40.73 -36.27
C ALA D 399 51.80 -40.07 -36.95
N LYS D 400 51.80 -38.71 -36.90
CA LYS D 400 52.83 -37.98 -37.63
C LYS D 400 54.23 -38.16 -37.03
N GLY D 401 54.26 -38.23 -35.64
CA GLY D 401 55.49 -38.40 -34.96
C GLY D 401 56.05 -36.96 -34.83
N ALA D 402 55.24 -35.88 -35.16
CA ALA D 402 55.72 -34.57 -35.18
C ALA D 402 55.52 -34.02 -33.83
N PHE D 403 56.66 -33.68 -33.20
CA PHE D 403 56.86 -33.11 -31.82
C PHE D 403 56.72 -34.19 -30.75
N LEU D 404 57.03 -35.48 -31.15
CA LEU D 404 57.02 -36.67 -30.31
C LEU D 404 58.27 -36.77 -29.46
N ASN D 405 59.34 -36.14 -29.90
CA ASN D 405 60.70 -36.11 -29.38
C ASN D 405 60.79 -35.73 -27.90
N ASN D 406 60.13 -34.69 -27.48
CA ASN D 406 60.01 -34.15 -26.11
C ASN D 406 59.30 -35.20 -25.17
N TYR D 407 58.29 -35.96 -25.63
CA TYR D 407 57.58 -37.05 -24.95
C TYR D 407 58.47 -38.23 -24.63
N ASN D 408 59.37 -38.66 -25.54
CA ASN D 408 60.21 -39.85 -25.45
C ASN D 408 61.07 -39.77 -24.26
N VAL D 409 61.53 -38.56 -23.83
CA VAL D 409 62.48 -38.32 -22.72
C VAL D 409 61.92 -38.89 -21.40
N GLY D 410 60.56 -38.81 -21.27
CA GLY D 410 59.84 -39.18 -20.09
C GLY D 410 59.80 -40.68 -19.89
N ASP D 411 59.49 -41.13 -18.65
CA ASP D 411 59.63 -42.50 -18.32
C ASP D 411 58.38 -43.34 -18.72
N LEU D 412 57.22 -42.75 -18.99
CA LEU D 412 56.02 -43.54 -19.35
C LEU D 412 55.88 -43.76 -20.86
N PHE D 413 56.81 -43.20 -21.61
CA PHE D 413 56.73 -43.03 -23.00
C PHE D 413 58.15 -43.40 -23.57
N GLN D 414 58.31 -44.35 -24.51
CA GLN D 414 59.59 -44.64 -25.06
C GLN D 414 59.57 -44.23 -26.52
N SER D 415 58.37 -44.43 -27.11
CA SER D 415 58.05 -44.10 -28.45
C SER D 415 56.58 -44.55 -28.64
N MET D 416 56.08 -45.10 -27.52
CA MET D 416 54.77 -45.61 -27.42
C MET D 416 54.19 -44.86 -26.26
N GLN D 417 53.03 -44.34 -26.27
CA GLN D 417 52.53 -43.53 -25.13
C GLN D 417 51.47 -44.39 -24.42
N ASN D 418 51.72 -44.97 -23.19
CA ASN D 418 50.87 -45.86 -22.52
C ASN D 418 49.65 -45.16 -22.02
N VAL D 419 49.87 -43.90 -21.55
CA VAL D 419 48.90 -43.01 -20.88
C VAL D 419 47.76 -42.65 -21.79
N GLN D 420 48.03 -42.46 -23.11
CA GLN D 420 47.10 -42.24 -24.18
C GLN D 420 46.22 -43.47 -24.44
N ASP D 421 46.91 -44.68 -24.38
CA ASP D 421 46.28 -45.96 -24.58
C ASP D 421 45.32 -46.20 -23.43
N GLU D 422 45.76 -45.90 -22.19
CA GLU D 422 44.99 -46.03 -20.96
C GLU D 422 43.80 -45.18 -20.87
N PHE D 423 43.89 -43.91 -21.28
CA PHE D 423 42.83 -42.92 -21.34
C PHE D 423 41.77 -43.40 -22.32
N ALA D 424 42.22 -43.93 -23.47
CA ALA D 424 41.30 -44.38 -24.53
C ALA D 424 40.29 -45.45 -24.13
N GLU D 425 40.73 -46.47 -23.35
CA GLU D 425 39.91 -47.43 -22.71
C GLU D 425 39.08 -46.83 -21.61
N SER D 426 39.56 -45.93 -20.73
CA SER D 426 38.94 -45.33 -19.56
C SER D 426 37.72 -44.48 -19.92
N ARG D 427 37.84 -43.69 -20.99
CA ARG D 427 36.77 -42.89 -21.49
C ARG D 427 35.62 -43.66 -22.05
N GLU D 428 35.90 -44.78 -22.74
CA GLU D 428 34.91 -45.68 -23.27
C GLU D 428 34.03 -46.34 -22.23
N VAL D 429 34.61 -46.78 -21.05
CA VAL D 429 33.85 -47.46 -19.99
C VAL D 429 32.82 -46.49 -19.34
N VAL D 430 33.22 -45.22 -19.17
CA VAL D 430 32.47 -44.05 -18.80
C VAL D 430 31.39 -43.65 -19.74
N GLN D 431 31.70 -43.62 -21.06
CA GLN D 431 30.76 -43.34 -22.12
C GLN D 431 29.66 -44.35 -22.16
N SER D 432 29.96 -45.70 -21.97
CA SER D 432 28.93 -46.69 -22.07
C SER D 432 27.83 -46.50 -21.01
N LEU D 433 28.22 -46.17 -19.78
CA LEU D 433 27.43 -45.94 -18.58
C LEU D 433 26.54 -44.73 -18.73
N MET D 434 27.13 -43.65 -19.36
CA MET D 434 26.35 -42.44 -19.70
C MET D 434 25.33 -42.71 -20.76
N GLU D 435 25.61 -43.66 -21.70
CA GLU D 435 24.61 -44.18 -22.57
C GLU D 435 23.59 -45.01 -21.82
N ASP D 436 23.93 -45.84 -20.81
CA ASP D 436 23.01 -46.63 -20.05
C ASP D 436 22.09 -45.79 -19.25
N TYR D 437 22.46 -44.60 -18.76
CA TYR D 437 21.65 -43.83 -17.84
C TYR D 437 20.31 -43.40 -18.44
N VAL D 438 20.35 -43.25 -19.82
CA VAL D 438 19.27 -42.82 -20.60
C VAL D 438 18.10 -43.88 -20.54
N ALA D 439 18.45 -45.18 -20.42
CA ALA D 439 17.50 -46.36 -20.47
C ALA D 439 17.24 -46.56 -19.01
N ALA D 440 16.19 -47.39 -18.75
CA ALA D 440 15.76 -47.72 -17.38
C ALA D 440 16.51 -48.99 -16.86
N GLU D 441 17.50 -49.55 -17.66
CA GLU D 441 18.20 -50.78 -17.29
C GLU D 441 19.33 -50.46 -16.39
N GLN D 442 19.45 -49.14 -16.07
CA GLN D 442 20.41 -48.58 -15.18
C GLN D 442 20.04 -48.87 -13.79
N ASP D 443 18.72 -48.64 -13.52
CA ASP D 443 18.11 -49.18 -12.27
C ASP D 443 16.73 -49.69 -12.50
N SER D 444 16.59 -51.00 -12.18
CA SER D 444 15.42 -51.80 -12.26
C SER D 444 15.77 -53.20 -11.64
N TYR D 445 16.98 -53.18 -11.03
CA TYR D 445 17.57 -54.26 -10.27
C TYR D 445 16.81 -54.19 -8.88
N UNK E 1 -32.14 4.65 42.41
CA UNK E 1 -32.26 5.57 41.30
C UNK E 1 -33.47 6.37 41.46
N UNK E 2 -34.55 6.00 40.68
CA UNK E 2 -35.90 6.56 40.70
C UNK E 2 -36.72 6.28 41.98
N UNK E 3 -36.58 5.13 42.55
CA UNK E 3 -37.32 4.69 43.70
C UNK E 3 -37.11 5.46 45.01
N UNK E 4 -35.79 5.79 45.27
CA UNK E 4 -35.37 6.53 46.36
C UNK E 4 -35.93 7.96 46.26
N UNK E 5 -36.05 8.67 45.10
CA UNK E 5 -36.51 10.04 44.93
C UNK E 5 -37.99 10.22 45.39
N UNK E 6 -38.80 9.23 44.93
CA UNK E 6 -40.26 9.18 45.13
C UNK E 6 -40.67 9.06 46.58
N UNK E 7 -39.93 8.21 47.37
CA UNK E 7 -40.11 7.88 48.80
C UNK E 7 -40.00 9.07 49.68
N UNK E 8 -39.08 10.09 49.41
CA UNK E 8 -39.07 11.29 50.22
C UNK E 8 -40.41 12.02 50.21
N UNK E 9 -41.06 12.13 49.00
CA UNK E 9 -42.38 12.67 48.87
C UNK E 9 -43.49 11.95 49.53
N UNK E 10 -43.37 10.61 49.39
CA UNK E 10 -44.29 9.64 49.97
C UNK E 10 -44.25 9.77 51.47
N UNK E 11 -43.10 9.91 52.10
CA UNK E 11 -42.88 10.06 53.55
C UNK E 11 -43.55 11.39 53.93
N UNK E 12 -43.41 12.39 53.04
CA UNK E 12 -43.96 13.79 53.25
C UNK E 12 -45.56 13.73 53.38
N UNK E 13 -46.16 13.03 52.35
CA UNK E 13 -47.58 12.85 52.13
C UNK E 13 -48.11 12.04 53.32
N UNK E 14 -47.38 11.07 53.79
CA UNK E 14 -47.76 10.25 54.94
C UNK E 14 -47.97 10.98 56.20
N UNK E 15 -47.09 11.97 56.48
CA UNK E 15 -47.11 12.82 57.70
C UNK E 15 -48.41 13.64 57.73
N UNK E 16 -48.82 14.18 56.56
CA UNK E 16 -50.10 14.94 56.43
C UNK E 16 -51.31 14.18 56.76
N UNK E 17 -51.32 12.81 56.28
CA UNK E 17 -52.33 11.91 56.57
C UNK E 17 -52.42 11.50 57.97
N UNK E 18 -51.21 11.21 58.62
CA UNK E 18 -51.13 10.66 59.98
C UNK E 18 -51.76 11.65 61.05
N UNK E 19 -51.44 12.97 60.78
CA UNK E 19 -51.95 14.14 61.45
C UNK E 19 -53.43 14.29 61.27
N UNK E 20 -53.91 14.01 60.05
CA UNK E 20 -55.27 14.23 59.73
C UNK E 20 -56.09 13.29 60.54
N UNK E 21 -55.68 12.04 60.60
CA UNK E 21 -56.38 10.97 61.34
C UNK E 21 -56.39 11.23 62.89
N UNK E 22 -55.42 11.89 63.52
CA UNK E 22 -55.36 12.21 64.87
C UNK E 22 -56.55 13.15 65.15
N UNK E 23 -56.78 14.17 64.17
CA UNK E 23 -57.79 15.17 64.32
C UNK E 23 -59.14 14.45 64.32
N UNK E 24 -59.29 13.45 63.42
CA UNK E 24 -60.47 12.69 63.09
C UNK E 24 -60.95 11.98 64.33
N UNK E 25 -60.03 11.36 65.11
CA UNK E 25 -60.34 10.64 66.37
C UNK E 25 -60.95 11.59 67.43
N UNK E 26 -60.28 12.78 67.56
CA UNK E 26 -60.40 13.78 68.54
C UNK E 26 -61.77 14.42 68.42
N UNK E 27 -62.18 14.80 67.14
CA UNK E 27 -63.39 15.39 66.77
C UNK E 27 -64.60 14.44 66.87
N UNK E 28 -64.44 13.11 66.71
CA UNK E 28 -65.50 12.09 66.81
C UNK E 28 -66.18 11.88 68.18
N UNK E 29 -65.42 12.10 69.32
CA UNK E 29 -65.90 12.00 70.62
C UNK E 29 -66.94 13.11 70.81
N UNK E 30 -66.78 14.30 70.19
CA UNK E 30 -67.76 15.35 70.32
C UNK E 30 -69.12 15.01 69.83
N UNK E 31 -69.15 14.18 68.76
CA UNK E 31 -70.42 13.87 68.16
C UNK E 31 -71.28 13.06 69.11
N UNK E 32 -70.62 12.09 69.77
CA UNK E 32 -71.24 11.19 70.72
C UNK E 32 -71.78 11.83 71.97
N UNK E 33 -71.00 12.78 72.57
CA UNK E 33 -71.31 13.52 73.81
C UNK E 33 -72.62 14.42 73.59
N UNK E 34 -72.67 15.05 72.45
CA UNK E 34 -73.83 15.94 72.09
C UNK E 34 -75.12 15.24 71.91
N UNK E 35 -75.08 13.98 71.35
CA UNK E 35 -76.15 13.01 71.14
C UNK E 35 -76.81 12.48 72.41
N UNK E 36 -76.02 12.30 73.53
CA UNK E 36 -76.61 12.01 74.87
C UNK E 36 -77.47 13.10 75.44
N UNK E 37 -77.00 14.32 75.24
CA UNK E 37 -77.63 15.55 75.62
C UNK E 37 -78.95 15.83 74.92
N UNK E 38 -78.99 15.55 73.63
CA UNK E 38 -80.26 15.56 72.94
C UNK E 38 -81.30 14.58 73.43
N UNK E 39 -80.84 13.35 73.73
CA UNK E 39 -81.68 12.30 74.27
C UNK E 39 -82.22 12.75 75.54
N UNK E 40 -81.48 13.29 76.52
CA UNK E 40 -81.93 13.63 77.82
C UNK E 40 -82.94 14.73 77.79
N UNK E 41 -82.67 15.84 77.01
CA UNK E 41 -83.54 16.97 76.92
C UNK E 41 -84.85 16.55 76.21
N UNK E 42 -84.73 15.73 75.08
CA UNK E 42 -85.74 15.46 74.08
C UNK E 42 -86.99 14.82 74.81
N UNK E 43 -86.80 13.87 75.79
CA UNK E 43 -87.86 13.27 76.53
C UNK E 43 -88.63 14.21 77.46
N UNK E 44 -87.80 15.08 78.23
CA UNK E 44 -88.30 15.83 79.31
C UNK E 44 -89.33 16.86 78.77
N UNK F 1 -39.92 -6.26 39.59
CA UNK F 1 -40.36 -7.46 40.34
C UNK F 1 -40.38 -6.94 41.81
N UNK F 2 -39.17 -6.60 42.34
CA UNK F 2 -38.99 -6.10 43.69
C UNK F 2 -39.69 -4.77 43.90
N UNK F 3 -39.61 -3.94 42.82
CA UNK F 3 -40.14 -2.62 42.65
C UNK F 3 -41.65 -2.71 42.76
N UNK F 4 -42.23 -3.75 42.11
CA UNK F 4 -43.62 -4.01 42.06
C UNK F 4 -44.19 -4.34 43.39
N UNK F 5 -43.40 -5.11 44.22
CA UNK F 5 -43.78 -5.44 45.58
C UNK F 5 -43.96 -4.17 46.43
N UNK F 6 -43.02 -3.18 46.26
CA UNK F 6 -42.87 -1.87 46.94
C UNK F 6 -44.05 -1.01 46.48
N UNK F 7 -44.41 -1.12 45.16
CA UNK F 7 -45.49 -0.36 44.53
C UNK F 7 -46.85 -0.69 45.20
N UNK F 8 -47.06 -2.01 45.49
CA UNK F 8 -48.27 -2.53 46.09
C UNK F 8 -48.46 -1.87 47.45
N UNK F 9 -47.34 -1.63 48.23
CA UNK F 9 -47.32 -0.95 49.47
C UNK F 9 -47.78 0.50 49.43
N UNK F 10 -47.36 1.22 48.35
CA UNK F 10 -47.77 2.57 48.14
C UNK F 10 -49.29 2.71 48.00
N UNK F 11 -49.86 1.82 47.18
CA UNK F 11 -51.27 1.86 46.93
C UNK F 11 -52.09 1.57 48.11
N UNK F 12 -51.69 0.66 49.02
CA UNK F 12 -52.40 0.38 50.24
C UNK F 12 -52.51 1.63 51.20
N UNK F 13 -51.39 2.39 51.41
CA UNK F 13 -51.38 3.59 52.22
C UNK F 13 -52.24 4.67 51.49
N UNK F 14 -52.21 4.80 50.14
CA UNK F 14 -52.92 5.74 49.38
C UNK F 14 -54.41 5.56 49.53
N UNK F 15 -54.74 4.23 49.54
CA UNK F 15 -56.11 3.84 49.86
C UNK F 15 -56.50 4.25 51.22
N UNK F 16 -55.63 4.05 52.24
CA UNK F 16 -55.88 4.32 53.62
C UNK F 16 -56.14 5.75 53.82
N UNK F 17 -55.41 6.66 53.09
CA UNK F 17 -55.57 8.11 53.17
C UNK F 17 -56.94 8.44 52.74
N UNK F 18 -57.41 7.85 51.62
CA UNK F 18 -58.78 8.15 51.11
C UNK F 18 -59.91 7.82 51.95
N UNK F 19 -59.97 6.60 52.53
CA UNK F 19 -61.08 6.30 53.42
C UNK F 19 -61.16 7.19 54.65
N UNK F 20 -59.95 7.46 55.26
CA UNK F 20 -59.85 8.36 56.33
C UNK F 20 -60.29 9.79 56.12
N UNK F 21 -60.11 10.31 54.85
CA UNK F 21 -60.49 11.66 54.35
C UNK F 21 -61.97 11.67 54.20
N UNK F 22 -62.53 10.59 53.62
CA UNK F 22 -63.98 10.47 53.25
C UNK F 22 -64.89 10.59 54.47
N UNK F 23 -64.49 9.78 55.52
CA UNK F 23 -65.13 9.81 56.82
C UNK F 23 -64.83 11.14 57.51
N UNK F 24 -63.64 11.75 57.30
CA UNK F 24 -63.26 13.02 57.95
C UNK F 24 -64.10 14.19 57.50
N UNK F 25 -64.54 14.20 56.23
CA UNK F 25 -65.44 15.25 55.76
C UNK F 25 -66.79 15.23 56.38
N UNK F 26 -67.18 13.95 56.71
CA UNK F 26 -68.38 13.74 57.41
C UNK F 26 -68.58 14.36 58.76
N UNK F 27 -67.48 14.37 59.60
CA UNK F 27 -67.33 14.91 60.92
C UNK F 27 -67.44 16.40 60.89
N UNK F 28 -66.88 17.07 59.85
CA UNK F 28 -67.00 18.51 59.66
C UNK F 28 -68.46 18.97 59.52
N UNK F 29 -69.26 18.21 58.70
CA UNK F 29 -70.72 18.48 58.61
C UNK F 29 -71.37 18.09 59.87
N UNK F 30 -71.06 16.93 60.47
CA UNK F 30 -71.81 16.36 61.56
C UNK F 30 -71.82 17.23 62.78
N UNK F 31 -70.65 17.85 63.16
CA UNK F 31 -70.62 18.62 64.39
C UNK F 31 -71.53 19.81 64.22
N UNK F 32 -71.61 20.47 63.08
CA UNK F 32 -72.45 21.60 62.86
C UNK F 32 -73.87 21.24 63.00
N UNK F 33 -74.42 20.13 62.52
CA UNK F 33 -75.82 19.78 62.65
C UNK F 33 -76.17 19.55 64.10
N UNK F 34 -75.34 18.82 64.77
CA UNK F 34 -75.53 18.60 66.18
C UNK F 34 -75.44 19.83 67.04
N UNK F 35 -74.60 20.75 66.63
CA UNK F 35 -74.42 22.01 67.39
C UNK F 35 -75.66 22.92 67.38
N UNK F 36 -76.27 23.00 66.23
CA UNK F 36 -77.47 23.83 66.00
C UNK F 36 -78.59 23.22 66.75
N UNK F 37 -78.61 21.87 66.80
CA UNK F 37 -79.52 20.99 67.49
C UNK F 37 -79.57 21.14 68.95
N UNK F 38 -78.39 21.24 69.67
CA UNK F 38 -78.35 21.36 71.06
C UNK F 38 -78.88 22.72 71.47
N UNK F 39 -78.56 23.82 70.71
CA UNK F 39 -79.01 25.16 71.04
C UNK F 39 -80.52 25.36 71.07
N UNK F 40 -81.16 24.85 70.01
CA UNK F 40 -82.57 24.98 69.77
C UNK F 40 -83.37 24.24 70.83
N UNK F 41 -82.84 23.12 71.20
CA UNK F 41 -83.38 22.19 72.20
C UNK F 41 -83.38 22.74 73.57
N UNK F 42 -82.30 23.47 74.00
CA UNK F 42 -82.09 24.03 75.27
C UNK F 42 -83.04 25.09 75.57
N UNK F 43 -83.18 25.96 74.59
CA UNK F 43 -84.19 27.00 74.60
C UNK F 43 -85.66 26.53 74.61
N UNK F 44 -86.13 25.57 73.76
CA UNK F 44 -87.55 25.13 73.77
C UNK F 44 -88.03 24.43 75.02
N GLN A 55 -72.50 34.53 66.82
CA GLN A 55 -72.44 34.48 65.33
C GLN A 55 -71.35 35.23 64.63
N GLU A 56 -71.44 36.57 64.67
CA GLU A 56 -70.37 37.33 64.07
C GLU A 56 -69.00 37.11 64.77
N ALA A 57 -68.99 36.96 66.14
CA ALA A 57 -67.82 36.80 66.95
C ALA A 57 -67.09 35.47 66.63
N LEU A 58 -67.90 34.36 66.41
CA LEU A 58 -67.42 33.01 66.13
C LEU A 58 -66.69 32.99 64.79
N VAL A 59 -67.28 33.63 63.77
CA VAL A 59 -66.72 33.62 62.44
C VAL A 59 -65.40 34.24 62.23
N VAL A 60 -65.14 35.42 62.89
CA VAL A 60 -63.88 36.17 62.81
C VAL A 60 -62.81 35.22 63.38
N LYS A 61 -63.18 34.54 64.52
CA LYS A 61 -62.23 33.62 65.24
C LYS A 61 -61.75 32.41 64.42
N ASP A 62 -62.70 31.78 63.64
CA ASP A 62 -62.56 30.61 62.77
C ASP A 62 -61.63 30.87 61.60
N LEU A 63 -61.72 32.12 61.02
CA LEU A 63 -60.86 32.60 60.02
C LEU A 63 -59.43 32.82 60.44
N LEU A 64 -59.28 33.36 61.69
CA LEU A 64 -57.97 33.66 62.31
C LEU A 64 -57.22 32.45 62.50
N ASN A 65 -57.92 31.36 63.02
CA ASN A 65 -57.31 30.10 63.29
C ASN A 65 -56.83 29.44 62.00
N VAL A 66 -57.59 29.60 60.84
CA VAL A 66 -57.25 28.93 59.57
C VAL A 66 -55.98 29.43 59.05
N LEU A 67 -55.80 30.80 59.12
CA LEU A 67 -54.64 31.47 58.62
C LEU A 67 -53.34 31.13 59.26
N ILE A 68 -53.34 30.79 60.58
CA ILE A 68 -52.10 30.34 61.30
C ILE A 68 -51.77 28.98 60.84
N GLY A 69 -52.79 28.22 60.27
CA GLY A 69 -52.55 26.93 59.59
C GLY A 69 -52.43 27.07 58.13
N LEU A 70 -52.73 25.93 57.40
CA LEU A 70 -52.84 25.87 55.98
C LEU A 70 -53.66 24.71 55.58
N GLU A 71 -53.76 23.79 56.55
CA GLU A 71 -54.46 22.57 56.55
C GLU A 71 -54.75 22.41 58.00
N GLY A 72 -56.00 21.86 58.22
CA GLY A 72 -56.36 21.61 59.58
C GLY A 72 -57.60 20.81 59.64
N THR A 73 -58.47 20.96 60.67
CA THR A 73 -59.79 20.31 60.77
C THR A 73 -60.75 21.07 60.02
N TYR A 74 -60.79 22.40 60.27
CA TYR A 74 -61.65 23.40 59.59
C TYR A 74 -61.45 23.49 58.04
N ILE A 75 -60.17 23.65 57.69
CA ILE A 75 -59.67 23.82 56.34
C ILE A 75 -59.17 22.42 56.00
N ARG A 76 -59.98 21.59 55.25
CA ARG A 76 -59.65 20.22 54.91
C ARG A 76 -58.83 20.32 53.65
N TYR A 77 -58.04 19.22 53.41
CA TYR A 77 -57.36 18.96 52.16
C TYR A 77 -58.03 17.68 51.69
N PHE A 78 -58.62 17.75 50.50
CA PHE A 78 -59.19 16.61 49.94
C PHE A 78 -58.42 16.16 48.72
N ASN A 79 -58.03 14.86 48.74
CA ASN A 79 -57.35 14.11 47.72
C ASN A 79 -58.16 13.90 46.51
N ASP A 80 -57.44 13.43 45.45
CA ASP A 80 -58.03 13.23 44.16
C ASP A 80 -58.66 11.77 44.25
N ILE A 90 -60.27 17.44 45.15
CA ILE A 90 -60.05 18.71 44.43
C ILE A 90 -59.04 19.68 45.02
N GLU A 91 -58.32 19.24 46.01
CA GLU A 91 -57.24 19.97 46.74
C GLU A 91 -58.08 20.60 47.83
N PHE A 92 -57.80 21.88 48.27
CA PHE A 92 -58.33 22.54 49.37
C PHE A 92 -59.78 22.91 49.33
N LYS A 93 -60.42 22.77 50.57
CA LYS A 93 -61.84 23.11 50.74
C LYS A 93 -61.87 23.68 52.15
N ILE A 94 -62.89 24.60 52.48
CA ILE A 94 -62.95 25.23 53.82
C ILE A 94 -64.31 25.11 54.36
N ALA A 95 -64.44 25.07 55.71
CA ALA A 95 -65.58 24.98 56.52
C ALA A 95 -66.41 26.18 56.24
N LYS A 96 -67.79 26.03 56.09
CA LYS A 96 -68.72 27.04 55.69
C LYS A 96 -69.45 27.63 56.83
N LYS A 97 -68.84 27.65 58.08
CA LYS A 97 -69.46 28.06 59.34
C LYS A 97 -69.24 29.60 59.38
N MET A 98 -70.09 30.22 58.54
CA MET A 98 -69.96 31.60 58.13
C MET A 98 -71.30 32.22 57.87
N ASP A 99 -71.31 33.55 57.72
CA ASP A 99 -72.36 34.42 57.20
C ASP A 99 -72.02 34.76 55.72
N PRO A 100 -72.87 35.24 54.80
CA PRO A 100 -72.60 35.30 53.34
C PRO A 100 -71.40 36.13 52.91
N SER A 101 -71.16 37.25 53.65
CA SER A 101 -70.03 38.18 53.51
C SER A 101 -68.78 37.45 53.71
N PHE A 102 -68.65 36.72 54.87
CA PHE A 102 -67.54 35.94 55.36
C PHE A 102 -67.26 34.77 54.40
N LYS A 103 -68.31 34.07 53.91
CA LYS A 103 -68.30 32.90 53.12
C LYS A 103 -67.58 33.18 51.80
N THR A 104 -67.91 34.35 51.21
CA THR A 104 -67.29 34.75 49.91
C THR A 104 -65.76 34.89 50.00
N PHE A 105 -65.41 35.55 51.18
CA PHE A 105 -64.01 35.85 51.56
C PHE A 105 -63.23 34.56 51.68
N SER A 106 -63.89 33.54 52.34
CA SER A 106 -63.43 32.19 52.57
C SER A 106 -63.24 31.44 51.27
N ARG A 107 -64.09 31.64 50.15
CA ARG A 107 -63.87 31.01 48.89
C ARG A 107 -62.60 31.46 48.28
N ARG A 108 -62.36 32.79 48.33
CA ARG A 108 -61.22 33.50 47.75
C ARG A 108 -59.86 33.07 48.33
N ILE A 109 -59.73 32.86 49.65
CA ILE A 109 -58.50 32.35 50.26
C ILE A 109 -58.16 30.96 49.89
N VAL A 110 -59.14 30.09 49.66
CA VAL A 110 -58.99 28.73 49.16
C VAL A 110 -58.27 28.66 47.91
N ARG A 111 -58.65 29.52 46.99
CA ARG A 111 -58.17 29.57 45.60
C ARG A 111 -56.70 29.84 45.60
N TYR A 112 -56.28 30.83 46.44
CA TYR A 112 -54.92 31.36 46.63
C TYR A 112 -54.06 30.21 47.19
N GLY A 113 -54.51 29.40 48.22
CA GLY A 113 -53.90 28.21 48.76
C GLY A 113 -53.87 27.08 47.84
N LYS A 114 -54.91 26.93 47.00
CA LYS A 114 -55.09 25.79 46.13
C LYS A 114 -53.94 25.63 45.08
N GLN A 115 -53.62 26.83 44.45
CA GLN A 115 -52.61 27.03 43.47
C GLN A 115 -51.24 26.78 44.02
N TYR A 116 -51.06 27.33 45.29
CA TYR A 116 -49.85 27.11 45.93
C TYR A 116 -49.63 25.61 46.16
N MET A 117 -50.68 24.83 46.58
CA MET A 117 -50.61 23.41 46.91
C MET A 117 -50.32 22.51 45.76
N ILE A 118 -50.91 22.87 44.61
CA ILE A 118 -50.69 22.13 43.33
C ILE A 118 -49.27 22.34 42.93
N LEU A 119 -48.70 23.60 42.96
CA LEU A 119 -47.34 23.98 42.44
C LEU A 119 -46.33 23.16 43.30
N THR A 120 -46.60 22.99 44.68
CA THR A 120 -45.77 22.20 45.55
C THR A 120 -45.68 20.75 45.21
N ARG A 121 -46.79 20.10 44.79
CA ARG A 121 -46.91 18.74 44.33
C ARG A 121 -46.08 18.66 43.09
N ALA A 122 -46.22 19.66 42.13
CA ALA A 122 -45.56 19.69 40.79
C ALA A 122 -44.02 19.73 40.89
N TYR A 123 -43.49 20.57 41.80
CA TYR A 123 -42.08 20.72 41.93
C TYR A 123 -41.39 19.52 42.37
N GLU A 124 -42.00 18.70 43.24
CA GLU A 124 -41.32 17.43 43.69
C GLU A 124 -41.05 16.46 42.59
N LYS A 125 -41.90 16.32 41.59
CA LYS A 125 -41.80 15.46 40.41
C LYS A 125 -40.63 15.84 39.57
N TRP A 126 -40.52 17.15 39.29
CA TRP A 126 -39.45 17.61 38.53
C TRP A 126 -38.10 17.69 39.22
N SER A 127 -38.00 17.81 40.58
CA SER A 127 -36.84 17.76 41.42
C SER A 127 -36.07 16.40 41.17
N ASP A 128 -34.72 16.44 40.95
CA ASP A 128 -33.85 15.33 40.88
C ASP A 128 -34.06 14.75 39.47
N THR A 129 -35.10 13.86 39.29
CA THR A 129 -35.50 13.37 38.03
C THR A 129 -35.85 14.36 36.94
N SER A 130 -34.80 14.54 36.11
CA SER A 130 -34.66 15.46 34.98
C SER A 130 -34.90 14.78 33.74
N PHE A 131 -35.96 15.39 33.07
CA PHE A 131 -36.44 14.95 31.83
C PHE A 131 -36.11 16.11 30.91
N GLY A 132 -35.22 17.04 31.35
CA GLY A 132 -34.66 18.11 30.58
C GLY A 132 -34.20 19.23 31.44
N MET A 133 -33.18 20.01 30.99
CA MET A 133 -32.71 21.16 31.82
C MET A 133 -33.76 22.23 31.97
N VAL A 134 -34.53 22.42 30.85
CA VAL A 134 -35.65 23.37 30.74
C VAL A 134 -36.73 23.07 31.67
N LEU A 135 -37.14 21.82 31.88
CA LEU A 135 -38.36 21.54 32.69
C LEU A 135 -38.14 22.01 34.17
N GLN A 136 -36.94 21.71 34.65
CA GLN A 136 -36.41 22.12 35.93
C GLN A 136 -36.24 23.54 36.06
N ARG A 137 -35.79 24.23 35.03
CA ARG A 137 -35.55 25.63 35.02
C ARG A 137 -36.82 26.50 35.16
N PHE A 138 -37.89 26.07 34.48
CA PHE A 138 -39.22 26.72 34.55
C PHE A 138 -39.74 26.53 35.95
N ALA A 139 -39.62 25.26 36.45
CA ALA A 139 -40.16 24.89 37.80
C ALA A 139 -39.47 25.65 38.91
N TYR A 140 -38.11 25.86 38.80
CA TYR A 140 -37.39 26.62 39.80
C TYR A 140 -37.78 28.01 39.89
N GLU A 141 -37.91 28.68 38.73
CA GLU A 141 -38.21 30.13 38.75
C GLU A 141 -39.61 30.39 39.20
N ILE A 142 -40.66 29.58 38.76
CA ILE A 142 -42.08 29.85 39.11
C ILE A 142 -42.26 29.72 40.55
N ARG A 143 -41.65 28.64 41.10
CA ARG A 143 -41.81 28.26 42.47
C ARG A 143 -41.24 29.29 43.40
N ARG A 144 -40.08 29.85 43.06
CA ARG A 144 -39.47 30.89 43.81
C ARG A 144 -40.28 32.21 43.90
N PHE A 145 -40.86 32.62 42.70
CA PHE A 145 -41.61 33.93 42.55
C PHE A 145 -42.82 33.82 43.41
N LEU A 146 -43.55 32.71 43.42
CA LEU A 146 -44.71 32.54 44.22
C LEU A 146 -44.43 32.59 45.70
N GLU A 147 -43.34 31.92 46.17
CA GLU A 147 -43.05 31.61 47.57
C GLU A 147 -42.78 32.87 48.37
N ASP A 148 -41.99 33.86 47.83
CA ASP A 148 -41.80 35.04 48.51
C ASP A 148 -43.07 35.87 48.74
N VAL A 149 -43.94 35.94 47.75
CA VAL A 149 -45.20 36.64 47.71
C VAL A 149 -46.23 36.04 48.73
N TYR A 150 -46.36 34.66 48.76
CA TYR A 150 -47.33 33.90 49.54
C TYR A 150 -47.06 34.16 51.02
N LEU A 151 -45.75 34.04 51.35
CA LEU A 151 -45.26 34.13 52.71
C LEU A 151 -45.48 35.50 53.28
N LYS A 152 -45.13 36.55 52.47
CA LYS A 152 -45.11 37.90 52.96
C LYS A 152 -46.50 38.33 53.36
N THR A 153 -47.42 38.03 52.43
CA THR A 153 -48.74 38.58 52.52
C THR A 153 -49.48 38.04 53.74
N LEU A 154 -49.43 36.65 53.93
CA LEU A 154 -50.26 35.97 54.92
C LEU A 154 -49.88 36.35 56.25
N VAL A 155 -48.55 36.34 56.50
CA VAL A 155 -47.99 36.55 57.79
C VAL A 155 -48.30 37.99 58.16
N GLU A 156 -48.14 38.92 57.20
CA GLU A 156 -48.29 40.31 57.47
C GLU A 156 -49.70 40.74 57.87
N ARG A 157 -50.73 40.24 57.15
CA ARG A 157 -52.12 40.55 57.37
C ARG A 157 -52.55 40.01 58.64
N LEU A 158 -52.08 38.80 58.97
CA LEU A 158 -52.36 38.17 60.18
C LEU A 158 -51.82 38.93 61.35
N GLU A 159 -50.55 39.43 61.34
CA GLU A 159 -49.92 40.12 62.48
C GLU A 159 -50.53 41.38 62.88
N ARG A 160 -50.86 42.16 61.83
CA ARG A 160 -51.42 43.51 61.94
C ARG A 160 -52.77 43.33 62.61
N ASP A 161 -53.58 42.29 62.16
CA ASP A 161 -54.92 42.11 62.69
C ASP A 161 -54.76 41.67 64.13
N PHE A 162 -53.80 40.74 64.47
CA PHE A 162 -53.61 40.14 65.77
C PHE A 162 -53.20 41.17 66.79
N ASN A 163 -52.28 42.06 66.37
CA ASN A 163 -51.72 43.14 67.16
C ASN A 163 -52.85 44.09 67.56
N LYS A 164 -53.67 44.50 66.63
CA LYS A 164 -54.76 45.43 66.79
C LYS A 164 -55.90 44.86 67.71
N VAL A 165 -56.36 43.63 67.39
CA VAL A 165 -57.53 43.03 67.98
C VAL A 165 -57.42 41.46 68.07
N PRO A 166 -58.03 40.79 69.05
CA PRO A 166 -57.83 39.36 69.15
C PRO A 166 -58.80 38.70 68.18
N ASN A 167 -59.69 39.51 67.46
CA ASN A 167 -60.59 38.92 66.50
C ASN A 167 -59.81 39.13 65.17
N PHE A 168 -60.54 39.30 64.05
CA PHE A 168 -60.02 39.47 62.81
C PHE A 168 -60.87 40.41 62.06
N SER A 169 -60.42 40.98 60.95
CA SER A 169 -61.17 42.05 60.26
C SER A 169 -61.31 41.67 58.84
N ILE A 170 -62.43 42.06 58.23
CA ILE A 170 -62.83 41.93 56.78
C ILE A 170 -62.11 42.57 55.55
N ARG A 171 -61.57 43.75 55.77
CA ARG A 171 -60.86 44.75 54.90
C ARG A 171 -59.57 44.10 54.31
N GLU A 172 -58.80 43.29 55.16
CA GLU A 172 -57.56 42.68 54.80
C GLU A 172 -57.76 41.64 53.73
N LEU A 173 -58.91 40.85 53.73
CA LEU A 173 -59.24 39.84 52.75
C LEU A 173 -59.38 40.36 51.30
N GLU A 174 -59.98 41.60 51.14
CA GLU A 174 -60.14 42.28 49.85
C GLU A 174 -58.77 42.54 49.24
N GLN A 175 -57.79 42.81 50.14
CA GLN A 175 -56.46 43.25 49.85
C GLN A 175 -55.73 42.14 49.16
N ILE A 176 -55.97 40.92 49.70
CA ILE A 176 -55.45 39.62 49.26
C ILE A 176 -55.84 39.16 47.88
N ILE A 177 -57.11 39.40 47.46
CA ILE A 177 -57.57 38.99 46.14
C ILE A 177 -56.82 39.74 45.03
N ASN A 178 -56.30 40.98 45.30
CA ASN A 178 -55.32 41.67 44.44
C ASN A 178 -54.07 40.91 44.27
N GLU A 179 -53.59 40.24 45.32
CA GLU A 179 -52.43 39.35 45.30
C GLU A 179 -52.79 38.13 44.46
N THR A 180 -54.01 37.61 44.48
CA THR A 180 -54.36 36.42 43.78
C THR A 180 -54.36 36.56 42.22
N GLU A 181 -54.42 37.83 41.67
CA GLU A 181 -54.27 38.22 40.28
C GLU A 181 -52.86 37.83 39.73
N VAL A 182 -51.85 37.91 40.59
CA VAL A 182 -50.49 37.47 40.29
C VAL A 182 -50.56 36.00 39.99
N ASN A 183 -51.44 35.18 40.78
CA ASN A 183 -51.56 33.75 40.70
C ASN A 183 -52.18 33.34 39.36
N LYS A 184 -52.88 34.22 38.61
CA LYS A 184 -53.40 34.00 37.24
C LYS A 184 -52.28 33.78 36.30
N GLN A 185 -51.15 34.37 36.55
CA GLN A 185 -49.89 34.08 35.81
C GLN A 185 -49.37 32.64 35.96
N MET A 186 -49.58 32.00 37.17
CA MET A 186 -49.31 30.62 37.47
C MET A 186 -50.20 29.66 36.66
N GLU A 187 -51.41 30.04 36.30
CA GLU A 187 -52.26 29.30 35.39
C GLU A 187 -51.71 29.10 33.98
N LEU A 188 -50.94 30.07 33.54
CA LEU A 188 -50.21 29.99 32.24
C LEU A 188 -49.15 28.83 32.30
N LEU A 189 -48.47 28.70 33.42
CA LEU A 189 -47.54 27.60 33.73
C LEU A 189 -48.26 26.24 33.78
N TYR A 190 -49.58 26.22 34.25
CA TYR A 190 -50.43 25.06 34.22
C TYR A 190 -50.73 24.59 32.76
N ASN A 191 -50.89 25.49 31.73
CA ASN A 191 -51.11 25.08 30.36
C ASN A 191 -49.90 24.36 29.79
N ILE A 192 -48.66 24.84 30.11
CA ILE A 192 -47.50 24.10 29.67
C ILE A 192 -47.46 22.77 30.30
N TYR A 193 -47.78 22.67 31.63
CA TYR A 193 -47.79 21.39 32.40
C TYR A 193 -48.79 20.41 31.86
N GLU A 194 -50.04 20.87 31.39
CA GLU A 194 -50.98 20.01 30.68
C GLU A 194 -50.39 19.50 29.37
N GLU A 195 -49.63 20.32 28.53
CA GLU A 195 -49.09 19.94 27.24
C GLU A 195 -48.08 18.81 27.36
N ILE A 196 -47.18 18.88 28.41
CA ILE A 196 -46.18 17.89 28.80
C ILE A 196 -46.92 16.63 29.24
N PHE A 197 -48.06 16.65 29.96
CA PHE A 197 -48.90 15.52 30.36
C PHE A 197 -49.41 14.87 29.12
N ARG A 198 -49.82 15.67 28.05
CA ARG A 198 -50.24 15.11 26.77
C ARG A 198 -49.07 14.42 26.10
N GLU A 199 -47.78 14.96 26.15
CA GLU A 199 -46.67 14.24 25.48
C GLU A 199 -46.42 12.91 26.14
N ILE A 200 -46.42 12.81 27.53
CA ILE A 200 -46.03 11.57 28.24
C ILE A 200 -47.14 10.58 27.88
N GLU A 201 -48.45 10.97 27.82
CA GLU A 201 -49.54 10.05 27.51
C GLU A 201 -49.36 9.50 26.06
N GLU A 202 -48.96 10.35 25.04
CA GLU A 202 -48.87 10.03 23.62
C GLU A 202 -47.80 9.04 23.38
N ARG A 203 -46.65 9.23 24.09
CA ARG A 203 -45.39 8.46 24.06
C ARG A 203 -45.57 7.05 24.51
N ARG A 204 -46.38 6.95 25.57
CA ARG A 204 -46.74 5.70 26.16
C ARG A 204 -47.57 4.81 25.28
N THR A 205 -48.56 5.41 24.49
CA THR A 205 -49.60 4.69 23.79
C THR A 205 -49.75 5.55 22.58
N LYS A 243 -38.28 17.66 24.91
CA LYS A 243 -39.46 18.46 25.21
C LYS A 243 -39.12 19.91 25.42
N GLY A 244 -37.74 20.26 25.38
CA GLY A 244 -37.38 21.65 25.59
C GLY A 244 -38.07 22.49 24.56
N GLY A 245 -37.89 22.14 23.23
CA GLY A 245 -38.27 22.89 22.06
C GLY A 245 -39.77 23.09 21.86
N ALA A 246 -40.52 22.04 22.29
CA ALA A 246 -41.99 21.99 22.31
C ALA A 246 -42.47 23.09 23.25
N ILE A 247 -41.79 23.32 24.40
CA ILE A 247 -42.06 24.36 25.42
C ILE A 247 -41.86 25.77 24.87
N LEU A 248 -40.77 25.92 24.05
CA LEU A 248 -40.41 27.21 23.44
C LEU A 248 -41.54 27.67 22.53
N LYS A 249 -42.10 26.72 21.74
CA LYS A 249 -43.12 26.91 20.84
C LYS A 249 -44.38 27.36 21.67
N ILE A 250 -44.69 26.75 22.86
CA ILE A 250 -45.86 27.20 23.61
C ILE A 250 -45.72 28.62 24.12
N PHE A 251 -44.50 29.00 24.63
CA PHE A 251 -44.31 30.33 25.10
C PHE A 251 -44.55 31.41 24.06
N GLN A 252 -43.99 31.13 22.85
CA GLN A 252 -44.00 32.04 21.73
C GLN A 252 -45.38 32.27 21.31
N GLN A 253 -46.24 31.22 21.31
CA GLN A 253 -47.65 31.28 20.95
C GLN A 253 -48.49 32.07 21.85
N LYS A 254 -48.29 32.00 23.20
CA LYS A 254 -48.91 32.89 24.22
C LYS A 254 -48.49 34.31 24.05
N ILE A 255 -47.18 34.55 23.71
CA ILE A 255 -46.74 35.93 23.53
C ILE A 255 -47.52 36.60 22.38
N LEU A 256 -47.68 35.89 21.13
CA LEU A 256 -48.48 36.44 20.07
C LEU A 256 -49.88 36.56 20.41
N GLU A 257 -50.49 35.59 21.14
CA GLU A 257 -51.90 35.71 21.39
C GLU A 257 -52.31 36.85 22.25
N ASN A 258 -51.51 37.23 23.34
CA ASN A 258 -51.74 38.48 24.08
C ASN A 258 -51.50 39.73 23.27
N LEU A 259 -50.57 39.59 22.26
CA LEU A 259 -50.18 40.52 21.25
C LEU A 259 -49.72 41.86 21.91
N GLY A 260 -48.89 41.70 22.99
CA GLY A 260 -48.24 42.79 23.70
C GLY A 260 -49.14 43.44 24.72
N ASP A 261 -49.87 42.58 25.54
CA ASP A 261 -50.33 42.78 26.87
C ASP A 261 -49.13 42.65 27.77
N ARG A 262 -48.84 43.76 28.53
CA ARG A 262 -47.64 44.03 29.22
C ARG A 262 -47.24 42.99 30.15
N SER A 263 -48.23 42.56 30.95
CA SER A 263 -48.01 41.57 32.01
C SER A 263 -47.53 40.27 31.51
N SER A 264 -48.32 39.62 30.67
CA SER A 264 -48.15 38.26 30.10
C SER A 264 -46.94 38.25 29.18
N VAL A 265 -46.79 39.23 28.29
CA VAL A 265 -45.67 39.28 27.36
C VAL A 265 -44.28 39.30 28.10
N MET A 266 -44.17 40.17 29.16
CA MET A 266 -43.03 40.33 30.05
C MET A 266 -42.74 39.12 30.85
N PHE A 267 -43.77 38.52 31.45
CA PHE A 267 -43.60 37.38 32.29
C PHE A 267 -43.02 36.23 31.53
N LEU A 268 -43.69 35.91 30.39
CA LEU A 268 -43.36 34.84 29.47
C LEU A 268 -42.06 35.09 28.80
N LYS A 269 -41.68 36.30 28.35
CA LYS A 269 -40.44 36.63 27.64
C LYS A 269 -39.25 36.39 28.57
N LYS A 270 -39.31 36.74 29.87
CA LYS A 270 -38.32 36.46 30.85
C LYS A 270 -38.00 35.01 31.19
N LEU A 271 -39.06 34.15 31.28
CA LEU A 271 -39.04 32.67 31.48
C LEU A 271 -38.47 32.01 30.25
N LEU A 272 -38.80 32.58 29.08
CA LEU A 272 -38.39 32.15 27.83
C LEU A 272 -36.93 32.36 27.77
N ASN A 273 -36.34 33.55 28.18
CA ASN A 273 -34.90 33.83 28.04
C ASN A 273 -34.04 32.85 28.83
N ASN A 274 -34.42 32.49 30.10
CA ASN A 274 -33.65 31.50 30.84
C ASN A 274 -33.71 30.08 30.13
N ILE A 275 -34.88 29.57 29.68
CA ILE A 275 -35.01 28.25 29.12
C ILE A 275 -34.34 28.02 27.78
N SER A 276 -34.43 29.01 26.88
CA SER A 276 -33.85 28.97 25.55
C SER A 276 -32.35 28.85 25.52
N GLN A 277 -31.68 29.31 26.64
CA GLN A 277 -30.22 29.29 26.79
C GLN A 277 -29.66 27.92 26.70
N ASP A 278 -30.39 26.96 27.32
CA ASP A 278 -29.87 25.57 27.18
C ASP A 278 -29.91 25.01 25.80
N TYR A 279 -30.95 25.29 24.99
CA TYR A 279 -31.11 24.87 23.60
C TYR A 279 -30.03 25.45 22.74
N CYS A 280 -29.80 26.74 22.92
CA CYS A 280 -28.77 27.45 22.23
C CYS A 280 -27.36 26.92 22.52
N THR A 281 -27.08 26.55 23.83
CA THR A 281 -25.83 26.10 24.29
C THR A 281 -25.49 24.78 23.53
N MET A 282 -26.50 23.85 23.35
CA MET A 282 -26.39 22.65 22.58
C MET A 282 -26.23 22.98 21.15
N LEU A 283 -26.97 23.99 20.62
CA LEU A 283 -26.92 24.34 19.25
C LEU A 283 -25.56 24.82 18.85
N TYR A 284 -24.92 25.70 19.70
CA TYR A 284 -23.67 26.27 19.49
C TYR A 284 -22.55 25.23 19.38
N GLU A 285 -22.59 24.18 20.28
CA GLU A 285 -21.66 23.06 20.24
C GLU A 285 -21.82 22.22 18.94
N TRP A 286 -23.04 21.87 18.53
CA TRP A 286 -23.29 21.12 17.33
C TRP A 286 -22.91 21.83 16.08
N LEU A 287 -23.51 23.03 15.82
CA LEU A 287 -23.17 23.75 14.65
C LEU A 287 -21.70 24.27 14.52
N THR A 288 -21.03 24.84 15.59
CA THR A 288 -19.75 25.43 15.51
C THR A 288 -18.59 24.48 15.59
N GLN A 289 -18.69 23.31 16.36
CA GLN A 289 -17.52 22.52 16.53
C GLN A 289 -17.84 21.06 16.34
N GLY A 290 -18.97 20.70 15.69
CA GLY A 290 -19.22 19.31 15.29
C GLY A 290 -19.52 18.31 16.38
N ILE A 291 -19.61 18.81 17.66
CA ILE A 291 -19.87 17.86 18.76
C ILE A 291 -21.23 18.08 19.45
N LEU A 292 -21.96 17.01 19.75
CA LEU A 292 -23.25 17.06 20.42
C LEU A 292 -23.36 15.88 21.40
N ASN A 293 -23.86 16.27 22.66
CA ASN A 293 -24.31 15.39 23.68
C ASN A 293 -25.66 15.84 24.18
N ASP A 294 -26.58 14.89 24.31
CA ASP A 294 -27.97 15.13 24.61
C ASP A 294 -28.41 13.86 25.29
N PRO A 295 -28.36 13.76 26.66
CA PRO A 295 -28.78 12.54 27.43
C PRO A 295 -30.18 12.72 27.97
N TYR A 296 -30.66 14.00 28.09
CA TYR A 296 -31.99 14.34 28.56
C TYR A 296 -32.63 15.11 27.59
N GLN A 297 -33.94 14.95 27.38
CA GLN A 297 -34.79 15.55 26.36
C GLN A 297 -34.64 16.99 26.36
N GLU A 298 -33.91 17.59 25.35
CA GLU A 298 -33.85 18.99 25.29
C GLU A 298 -33.38 19.44 23.90
N PHE A 299 -33.00 18.43 23.06
CA PHE A 299 -32.57 18.81 21.75
C PHE A 299 -33.12 17.67 20.96
N MET A 300 -33.35 17.82 19.68
CA MET A 300 -33.94 16.76 18.86
C MET A 300 -33.05 16.10 17.95
N THR A 301 -31.75 16.42 17.97
CA THR A 301 -30.78 15.66 17.11
C THR A 301 -30.10 14.58 18.05
N TYR A 302 -29.99 13.31 17.53
CA TYR A 302 -29.40 12.32 18.31
C TYR A 302 -28.34 11.60 17.45
N ASP A 303 -27.22 11.09 18.03
CA ASP A 303 -26.32 10.29 17.23
C ASP A 303 -26.85 8.89 17.06
N ASP A 304 -26.52 8.21 15.91
CA ASP A 304 -26.86 6.87 15.63
C ASP A 304 -25.60 5.98 15.70
N TRP A 320 -16.63 6.07 6.83
CA TRP A 320 -17.04 7.31 6.14
C TRP A 320 -17.41 8.44 7.05
N ASP A 321 -18.75 8.59 7.31
CA ASP A 321 -19.27 9.81 8.01
C ASP A 321 -20.04 9.49 9.28
N THR A 322 -19.82 10.42 10.27
CA THR A 322 -20.61 10.40 11.50
C THR A 322 -22.05 10.68 11.09
N GLN A 323 -22.93 9.74 11.61
CA GLN A 323 -24.35 9.80 11.22
C GLN A 323 -25.15 10.19 12.44
N TYR A 324 -26.05 11.16 12.17
CA TYR A 324 -26.91 11.87 13.10
C TYR A 324 -28.27 11.86 12.43
N PHE A 325 -29.47 11.92 13.20
CA PHE A 325 -30.77 11.82 12.60
C PHE A 325 -31.68 12.55 13.57
N ILE A 326 -32.95 12.77 13.04
CA ILE A 326 -33.91 13.62 13.70
C ILE A 326 -34.69 12.63 14.51
N ARG A 327 -34.83 13.02 15.77
CA ARG A 327 -35.69 12.42 16.75
C ARG A 327 -36.98 13.13 16.80
N LYS A 328 -38.08 12.37 17.03
CA LYS A 328 -39.42 12.85 17.09
C LYS A 328 -40.27 11.93 18.01
N ASP A 329 -39.60 10.93 18.59
CA ASP A 329 -40.20 9.96 19.43
C ASP A 329 -40.30 10.41 20.85
N VAL A 330 -39.99 11.74 21.03
CA VAL A 330 -39.98 12.40 22.32
C VAL A 330 -40.89 13.58 22.22
N LEU A 331 -41.77 13.71 21.16
CA LEU A 331 -42.63 14.84 20.82
C LEU A 331 -41.94 16.21 20.83
N LEU A 332 -40.79 16.27 20.15
CA LEU A 332 -39.95 17.49 20.20
C LEU A 332 -39.85 17.99 18.81
N ARG A 333 -40.56 19.19 18.53
CA ARG A 333 -40.53 19.93 17.30
C ARG A 333 -40.76 21.38 17.70
N ASP A 334 -39.99 22.32 17.03
CA ASP A 334 -40.03 23.76 17.26
C ASP A 334 -41.06 24.40 16.34
N CYS A 335 -41.35 23.77 15.15
CA CYS A 335 -42.51 24.10 14.38
C CYS A 335 -42.95 22.82 13.68
N ASP A 336 -44.17 22.73 13.15
CA ASP A 336 -44.57 21.67 12.27
C ASP A 336 -44.55 22.17 10.85
N SER A 337 -43.95 23.36 10.60
CA SER A 337 -43.87 23.97 9.24
C SER A 337 -42.85 23.23 8.42
N GLU A 338 -42.99 23.54 7.08
CA GLU A 338 -42.06 23.09 6.01
C GLU A 338 -40.61 23.65 6.21
N GLU A 339 -40.63 24.91 6.71
CA GLU A 339 -39.45 25.72 6.87
C GLU A 339 -38.56 25.05 7.85
N ASP A 340 -39.14 24.46 8.90
CA ASP A 340 -38.52 23.74 9.95
C ASP A 340 -37.76 22.55 9.47
N LYS A 341 -38.42 21.70 8.57
CA LYS A 341 -37.89 20.47 7.96
C LYS A 341 -36.68 20.73 7.06
N ASN A 342 -36.61 21.81 6.21
CA ASN A 342 -35.44 22.15 5.42
C ASN A 342 -34.25 22.55 6.28
N LEU A 343 -34.54 23.29 7.34
CA LEU A 343 -33.68 23.89 8.27
C LEU A 343 -32.95 22.84 9.04
N LEU A 344 -33.64 21.79 9.39
CA LEU A 344 -33.13 20.61 10.08
C LEU A 344 -32.12 19.88 9.31
N PHE A 345 -32.30 19.68 7.95
CA PHE A 345 -31.40 19.00 7.03
C PHE A 345 -30.07 19.76 6.93
N LYS A 346 -30.16 21.10 6.86
CA LYS A 346 -29.01 21.95 6.86
C LYS A 346 -28.22 21.88 8.16
N MET A 347 -28.92 21.81 9.29
CA MET A 347 -28.26 21.70 10.57
C MET A 347 -27.50 20.41 10.75
N LEU A 348 -28.06 19.21 10.29
CA LEU A 348 -27.29 18.03 10.39
C LEU A 348 -26.00 18.04 9.49
N ARG A 349 -26.13 18.52 8.21
CA ARG A 349 -24.98 18.49 7.33
C ARG A 349 -23.78 19.32 7.83
N THR A 350 -24.00 20.52 8.39
CA THR A 350 -23.01 21.33 8.95
C THR A 350 -22.33 20.72 10.12
N GLY A 351 -22.95 20.04 11.17
CA GLY A 351 -22.39 19.46 12.34
C GLY A 351 -21.49 18.34 11.91
N ILE A 352 -21.90 17.58 10.87
CA ILE A 352 -21.10 16.46 10.42
C ILE A 352 -19.76 16.92 9.81
N LEU A 353 -19.79 18.06 9.02
CA LEU A 353 -18.69 18.68 8.26
C LEU A 353 -17.56 19.13 9.18
N LEU A 354 -17.97 19.80 10.30
CA LEU A 354 -17.06 20.21 11.37
C LEU A 354 -16.49 19.01 12.01
N LYS A 355 -17.26 17.95 12.27
CA LYS A 355 -16.70 16.75 12.93
C LYS A 355 -15.66 15.96 12.12
N VAL A 356 -15.85 15.81 10.76
CA VAL A 356 -14.90 15.14 9.99
C VAL A 356 -13.64 15.91 9.95
N VAL A 357 -13.67 17.28 9.93
CA VAL A 357 -12.55 18.21 9.93
C VAL A 357 -11.74 18.13 11.27
N ARG A 358 -12.46 17.95 12.40
CA ARG A 358 -12.01 17.72 13.70
C ARG A 358 -11.33 16.39 13.87
N ALA A 359 -11.84 15.29 13.20
CA ALA A 359 -11.30 13.97 13.23
C ALA A 359 -9.92 13.90 12.65
N SER A 360 -9.68 14.73 11.56
CA SER A 360 -8.36 14.76 10.85
C SER A 360 -7.17 15.28 11.70
N LEU A 361 -7.33 15.49 13.02
CA LEU A 361 -6.50 16.12 14.04
C LEU A 361 -5.41 16.98 13.42
N GLN A 362 -5.81 18.18 13.05
CA GLN A 362 -5.08 19.28 12.47
C GLN A 362 -5.66 20.52 13.06
N ILE A 363 -6.99 20.50 13.46
CA ILE A 363 -7.66 21.64 14.13
C ILE A 363 -8.79 20.93 14.91
N PRO A 364 -9.31 21.55 16.02
CA PRO A 364 -10.43 21.03 16.75
C PRO A 364 -11.71 21.75 16.44
N THR A 365 -11.67 22.69 15.48
CA THR A 365 -12.77 23.30 14.81
C THR A 365 -13.29 24.47 15.62
N ILE A 366 -12.43 25.47 15.93
CA ILE A 366 -12.88 26.66 16.57
C ILE A 366 -12.74 27.75 15.50
N PRO A 367 -13.56 28.82 15.39
CA PRO A 367 -13.38 29.74 14.36
C PRO A 367 -12.11 30.45 14.48
N SER A 368 -11.40 30.67 13.35
CA SER A 368 -10.11 31.33 13.36
C SER A 368 -10.02 32.11 12.10
N ASN A 369 -10.89 31.78 11.19
CA ASN A 369 -11.22 32.42 9.94
C ASN A 369 -12.22 33.51 10.22
N SER A 370 -13.18 33.20 11.09
CA SER A 370 -14.06 34.27 11.47
C SER A 370 -14.30 34.04 12.97
N SER A 371 -15.43 34.52 13.47
CA SER A 371 -15.72 34.38 14.91
C SER A 371 -17.26 34.31 15.07
N ASP A 372 -17.69 33.08 15.33
CA ASP A 372 -19.11 32.82 15.46
C ASP A 372 -19.65 32.90 16.84
N ILE A 373 -18.81 33.38 17.83
CA ILE A 373 -19.16 33.53 19.23
C ILE A 373 -20.25 34.54 19.36
N THR A 374 -20.11 35.67 18.60
CA THR A 374 -20.94 36.84 18.68
C THR A 374 -22.38 36.50 18.28
N ILE A 375 -22.56 35.68 17.21
CA ILE A 375 -23.80 35.41 16.50
C ILE A 375 -24.79 34.69 17.42
N GLN A 376 -24.43 33.71 18.25
CA GLN A 376 -25.31 32.98 19.20
C GLN A 376 -25.93 33.88 20.25
N GLU A 377 -25.09 34.83 20.81
CA GLU A 377 -25.43 35.77 21.88
C GLU A 377 -26.45 36.74 21.44
N ILE A 378 -26.40 37.29 20.17
CA ILE A 378 -27.29 38.15 19.50
C ILE A 378 -28.61 37.47 19.23
N ASN A 379 -28.59 36.17 18.78
CA ASN A 379 -29.76 35.34 18.55
C ASN A 379 -30.46 35.07 19.86
N ASP A 380 -29.75 34.85 21.01
CA ASP A 380 -30.30 34.55 22.29
C ASP A 380 -31.13 35.70 22.79
N PHE A 381 -30.54 36.89 22.55
CA PHE A 381 -31.13 38.16 22.93
C PHE A 381 -32.38 38.58 22.27
N ALA A 382 -32.59 38.15 20.96
CA ALA A 382 -33.81 38.34 20.17
C ALA A 382 -34.95 37.66 20.96
N ASP A 383 -34.68 36.40 21.41
CA ASP A 383 -35.68 35.67 22.25
C ASP A 383 -37.08 35.42 21.66
N LEU A 384 -37.08 34.92 20.44
CA LEU A 384 -38.27 34.64 19.70
C LEU A 384 -37.76 33.59 18.75
N MET A 385 -38.57 32.51 18.42
CA MET A 385 -38.11 31.36 17.73
C MET A 385 -38.75 31.33 16.39
N GLU A 386 -38.78 32.57 15.77
CA GLU A 386 -39.15 32.79 14.41
C GLU A 386 -38.22 32.07 13.49
N GLY A 387 -38.58 31.71 12.23
CA GLY A 387 -37.82 31.05 11.25
C GLY A 387 -36.69 31.82 10.73
N SER A 388 -36.84 33.17 10.48
CA SER A 388 -35.76 33.98 9.98
C SER A 388 -34.52 34.05 10.90
N ASN A 389 -34.68 34.28 12.22
CA ASN A 389 -33.58 34.43 13.14
C ASN A 389 -32.72 33.12 13.19
N LEU A 390 -33.40 31.91 13.23
CA LEU A 390 -32.83 30.58 13.24
C LEU A 390 -32.11 30.34 11.94
N GLU A 391 -32.70 30.77 10.84
CA GLU A 391 -32.13 30.52 9.48
C GLU A 391 -30.82 31.25 9.37
N LEU A 392 -30.78 32.48 9.91
CA LEU A 392 -29.62 33.36 9.91
C LEU A 392 -28.45 32.71 10.61
N TYR A 393 -28.71 32.09 11.79
CA TYR A 393 -27.75 31.39 12.58
C TYR A 393 -27.10 30.21 11.93
N VAL A 394 -27.93 29.41 11.27
CA VAL A 394 -27.49 28.25 10.51
C VAL A 394 -26.66 28.63 9.37
N ASP A 395 -27.08 29.67 8.60
CA ASP A 395 -26.43 30.06 7.44
C ASP A 395 -25.04 30.53 7.82
N LYS A 396 -24.82 31.27 8.97
CA LYS A 396 -23.55 31.78 9.48
C LYS A 396 -22.69 30.65 9.77
N CYS A 397 -23.19 29.57 10.47
CA CYS A 397 -22.47 28.37 10.86
C CYS A 397 -22.01 27.54 9.71
N TYR A 398 -22.78 27.36 8.58
CA TYR A 398 -22.48 26.55 7.37
C TYR A 398 -21.31 27.14 6.68
N SER A 399 -21.38 28.44 6.57
CA SER A 399 -20.44 29.25 5.95
C SER A 399 -19.05 29.17 6.60
N ARG A 400 -19.04 29.15 7.96
CA ARG A 400 -17.85 28.89 8.73
C ARG A 400 -17.38 27.49 8.42
N ALA A 401 -18.27 26.52 8.32
CA ALA A 401 -17.89 25.14 8.18
C ALA A 401 -17.14 24.90 6.94
N ASN A 402 -17.60 25.59 5.90
CA ASN A 402 -16.93 25.50 4.58
C ASN A 402 -15.50 26.06 4.70
N GLU A 403 -15.37 27.27 5.35
CA GLU A 403 -14.12 27.97 5.50
C GLU A 403 -13.14 27.14 6.28
N ILE A 404 -13.55 26.49 7.36
CA ILE A 404 -12.78 25.63 8.25
C ILE A 404 -12.31 24.38 7.47
N PHE A 405 -13.21 23.81 6.47
CA PHE A 405 -12.80 22.71 5.61
C PHE A 405 -11.67 23.15 4.76
N LEU A 406 -11.79 24.29 4.14
CA LEU A 406 -10.80 24.86 3.28
C LEU A 406 -9.43 25.11 4.05
N LYS A 407 -9.43 25.69 5.34
CA LYS A 407 -8.28 25.96 6.15
C LYS A 407 -7.55 24.70 6.45
N LEU A 408 -8.31 23.59 6.79
CA LEU A 408 -7.84 22.25 7.09
C LEU A 408 -7.09 21.77 5.85
N PHE A 409 -7.67 21.94 4.66
CA PHE A 409 -7.24 21.38 3.36
C PHE A 409 -5.96 22.10 2.89
N PHE A 410 -5.92 23.43 2.86
CA PHE A 410 -4.82 24.18 2.24
C PHE A 410 -3.44 24.10 2.96
N GLN A 411 -3.45 24.29 4.29
CA GLN A 411 -2.22 24.36 5.05
C GLN A 411 -1.51 23.00 5.30
N GLY A 412 -2.26 21.84 4.99
CA GLY A 412 -1.94 20.51 5.39
C GLY A 412 -1.43 19.71 4.19
N TYR A 413 -1.82 20.12 2.98
CA TYR A 413 -1.32 19.48 1.79
C TYR A 413 -1.62 20.22 0.49
N ASP A 414 -2.30 21.36 0.69
CA ASP A 414 -2.80 22.23 -0.42
C ASP A 414 -3.99 21.58 -1.06
N LEU A 415 -5.06 22.37 -0.99
CA LEU A 415 -6.43 22.07 -1.35
C LEU A 415 -6.44 21.75 -2.76
N ILE A 416 -5.70 22.49 -3.60
CA ILE A 416 -5.60 22.37 -4.97
C ILE A 416 -5.08 21.11 -5.46
N ASN A 417 -4.00 20.51 -4.81
CA ASN A 417 -3.49 19.16 -5.08
C ASN A 417 -4.53 18.05 -4.80
N VAL A 418 -5.28 18.25 -3.64
CA VAL A 418 -6.33 17.27 -3.45
C VAL A 418 -7.46 17.24 -4.47
N LEU A 419 -7.92 18.49 -4.90
CA LEU A 419 -9.01 18.53 -5.95
C LEU A 419 -8.63 17.87 -7.23
N LYS A 420 -7.36 18.15 -7.58
CA LYS A 420 -6.63 17.70 -8.78
C LYS A 420 -6.64 16.17 -8.85
N HIS A 421 -6.36 15.56 -7.73
CA HIS A 421 -6.39 14.14 -7.56
C HIS A 421 -7.81 13.60 -7.73
N LEU A 422 -8.86 14.25 -7.21
CA LEU A 422 -10.26 13.83 -7.25
C LEU A 422 -10.83 13.82 -8.67
N GLN A 423 -10.43 14.82 -9.41
CA GLN A 423 -10.70 14.83 -10.86
C GLN A 423 -10.01 13.67 -11.53
N GLN A 424 -8.73 13.43 -11.10
CA GLN A 424 -7.81 12.46 -11.70
C GLN A 424 -8.25 11.03 -11.63
N ILE A 425 -8.62 10.53 -10.44
CA ILE A 425 -8.90 9.20 -10.15
C ILE A 425 -10.25 8.86 -10.62
N PHE A 426 -11.28 9.55 -10.14
CA PHE A 426 -12.68 9.20 -10.32
C PHE A 426 -13.20 9.29 -11.73
N LEU A 427 -12.89 10.46 -12.29
CA LEU A 427 -13.19 10.73 -13.75
C LEU A 427 -12.32 9.93 -14.69
N GLY A 428 -11.09 9.64 -14.19
CA GLY A 428 -10.24 8.61 -14.69
C GLY A 428 -9.49 8.95 -15.97
N TYR A 429 -9.51 10.19 -16.42
CA TYR A 429 -9.02 10.54 -17.70
C TYR A 429 -7.60 10.92 -17.52
N GLN A 430 -7.30 11.54 -16.40
CA GLN A 430 -6.08 12.28 -16.13
C GLN A 430 -4.82 11.49 -15.98
N SER A 431 -4.99 10.22 -15.56
CA SER A 431 -3.87 9.42 -15.40
C SER A 431 -3.38 8.86 -16.75
N GLY A 432 -4.25 8.95 -17.76
CA GLY A 432 -4.17 8.86 -19.23
C GLY A 432 -3.22 7.89 -19.68
N HIS A 433 -1.93 8.33 -19.82
CA HIS A 433 -0.91 7.56 -20.44
C HIS A 433 -0.67 6.17 -19.69
N ASN A 434 -0.60 6.21 -18.38
CA ASN A 434 -0.26 5.10 -17.54
C ASN A 434 -1.22 4.01 -17.71
N VAL A 435 -2.52 4.38 -17.78
CA VAL A 435 -3.60 3.46 -17.97
C VAL A 435 -3.48 2.82 -19.34
N LEU A 436 -3.13 3.59 -20.42
CA LEU A 436 -2.99 3.15 -21.82
C LEU A 436 -1.95 2.12 -21.96
N LYS A 437 -0.73 2.33 -21.43
CA LYS A 437 0.41 1.39 -21.43
C LYS A 437 0.16 0.20 -20.44
N PHE A 438 -0.59 0.35 -19.34
CA PHE A 438 -1.00 -0.69 -18.33
C PHE A 438 -1.79 -1.75 -19.07
N LEU A 439 -2.71 -1.33 -19.96
CA LEU A 439 -3.61 -2.17 -20.77
C LEU A 439 -2.80 -3.00 -21.70
N THR A 440 -1.71 -2.47 -22.29
CA THR A 440 -0.81 -3.13 -23.24
C THR A 440 -0.12 -4.28 -22.59
N LYS A 441 0.41 -4.01 -21.34
CA LYS A 441 1.20 -4.93 -20.53
C LYS A 441 0.34 -6.10 -20.12
N ASN A 442 -0.91 -5.80 -19.69
CA ASN A 442 -1.84 -6.71 -19.11
C ASN A 442 -2.47 -7.55 -20.20
N MET A 443 -2.34 -7.10 -21.49
CA MET A 443 -3.13 -7.38 -22.63
C MET A 443 -3.23 -8.79 -22.91
N GLY A 444 -2.13 -9.58 -22.78
CA GLY A 444 -2.04 -10.95 -22.97
C GLY A 444 -2.94 -11.74 -22.01
N GLU A 445 -3.02 -11.35 -20.72
CA GLU A 445 -3.83 -11.99 -19.68
C GLU A 445 -5.25 -11.75 -19.99
N LEU A 446 -5.61 -10.55 -20.54
CA LEU A 446 -7.02 -10.17 -20.89
C LEU A 446 -7.49 -10.88 -22.21
N THR A 447 -6.46 -11.10 -23.16
CA THR A 447 -6.75 -11.77 -24.47
C THR A 447 -7.32 -13.18 -24.23
N LYS A 448 -6.75 -13.85 -23.16
CA LYS A 448 -7.06 -15.20 -22.80
C LYS A 448 -8.32 -15.15 -22.06
N HIS A 449 -9.09 -16.31 -21.99
CA HIS A 449 -10.32 -16.35 -21.22
C HIS A 449 -9.95 -16.43 -19.80
N TYR A 450 -10.95 -16.06 -18.94
CA TYR A 450 -10.97 -16.02 -17.46
C TYR A 450 -10.55 -17.27 -16.73
N ARG A 451 -9.84 -17.16 -15.57
CA ARG A 451 -9.56 -18.25 -14.81
C ARG A 451 -9.65 -17.65 -13.40
N ASN A 452 -9.40 -18.57 -12.41
CA ASN A 452 -9.28 -18.41 -10.95
C ASN A 452 -7.94 -17.72 -10.70
N ASP A 453 -6.83 -18.18 -11.38
CA ASP A 453 -5.56 -17.65 -11.20
C ASP A 453 -5.34 -16.34 -11.83
N ASN A 454 -6.08 -15.99 -12.93
CA ASN A 454 -6.05 -14.76 -13.76
C ASN A 454 -6.22 -13.53 -12.84
N ASN A 455 -7.18 -13.53 -11.85
CA ASN A 455 -7.43 -12.48 -10.83
C ASN A 455 -6.25 -12.12 -9.94
N ALA A 456 -5.57 -13.27 -9.47
CA ALA A 456 -4.44 -13.30 -8.56
C ALA A 456 -3.25 -12.64 -9.26
N ASN A 457 -2.91 -12.95 -10.52
CA ASN A 457 -1.80 -12.42 -11.24
C ASN A 457 -1.95 -11.00 -11.51
N TYR A 458 -3.21 -10.56 -11.87
CA TYR A 458 -3.56 -9.17 -12.21
C TYR A 458 -3.27 -8.24 -11.02
N ASP A 459 -3.67 -8.71 -9.79
CA ASP A 459 -3.52 -7.88 -8.64
C ASP A 459 -2.08 -7.63 -8.21
N LYS A 460 -1.18 -8.62 -8.38
CA LYS A 460 0.21 -8.45 -8.13
C LYS A 460 0.84 -7.45 -9.10
N LEU A 461 0.52 -7.48 -10.43
CA LEU A 461 1.01 -6.55 -11.49
C LEU A 461 0.49 -5.13 -11.20
N LEU A 462 -0.72 -5.04 -10.65
CA LEU A 462 -1.41 -3.83 -10.28
C LEU A 462 -0.67 -3.06 -9.21
N GLN A 463 -0.22 -3.83 -8.13
CA GLN A 463 0.58 -3.24 -7.05
C GLN A 463 1.90 -2.79 -7.54
N ASN A 464 2.58 -3.52 -8.41
CA ASN A 464 3.91 -3.13 -8.91
C ASN A 464 3.74 -1.79 -9.68
N PHE A 465 2.68 -1.69 -10.44
CA PHE A 465 2.43 -0.56 -11.22
C PHE A 465 2.05 0.67 -10.38
N GLU A 466 1.39 0.38 -9.22
CA GLU A 466 0.93 1.41 -8.30
C GLU A 466 2.15 2.18 -7.84
N LEU A 467 3.32 1.51 -7.51
CA LEU A 467 4.59 2.00 -7.07
C LEU A 467 5.27 2.85 -8.14
N GLU A 468 5.22 2.39 -9.49
CA GLU A 468 5.78 3.09 -10.55
C GLU A 468 5.15 4.45 -10.74
N ARG A 469 3.78 4.58 -10.44
CA ARG A 469 3.10 5.88 -10.49
C ARG A 469 3.37 6.73 -9.26
N GLN A 470 3.89 6.23 -8.11
CA GLN A 470 4.20 7.08 -6.97
C GLN A 470 5.25 8.12 -7.25
N SER A 471 5.03 9.39 -6.79
CA SER A 471 5.99 10.47 -7.10
C SER A 471 6.13 11.35 -5.87
N GLU A 472 6.15 12.73 -6.02
CA GLU A 472 6.48 13.58 -4.90
C GLU A 472 5.32 14.09 -4.09
N ASN A 473 4.09 13.79 -4.53
CA ASN A 473 2.79 14.38 -4.13
C ASN A 473 2.54 14.06 -2.73
N PRO A 474 1.85 14.91 -1.92
CA PRO A 474 1.81 14.78 -0.46
C PRO A 474 0.86 13.63 -0.10
N ASN A 475 -0.02 13.23 -1.10
CA ASN A 475 -0.89 12.08 -0.97
C ASN A 475 -0.69 11.51 -2.31
N ASN A 476 -0.74 10.20 -2.44
CA ASN A 476 -0.45 9.69 -3.74
C ASN A 476 -1.73 9.50 -4.56
N LEU A 477 -1.54 9.56 -5.97
CA LEU A 477 -2.64 9.24 -6.89
C LEU A 477 -3.14 7.82 -6.74
N MET A 478 -2.27 6.77 -6.62
CA MET A 478 -2.70 5.39 -6.30
C MET A 478 -1.80 5.01 -5.14
N ARG A 479 -2.40 4.36 -4.08
CA ARG A 479 -1.84 4.11 -2.77
C ARG A 479 -2.70 2.96 -2.22
N GLN A 480 -3.20 2.13 -3.15
CA GLN A 480 -4.53 1.46 -3.09
C GLN A 480 -5.76 2.36 -3.03
N LEU A 481 -5.90 3.32 -4.02
CA LEU A 481 -7.00 4.15 -4.21
C LEU A 481 -7.71 3.77 -5.49
N LEU A 482 -6.96 3.10 -6.37
CA LEU A 482 -7.54 2.32 -7.49
C LEU A 482 -7.26 0.89 -7.17
N MET A 483 -8.29 0.07 -7.25
CA MET A 483 -8.21 -1.27 -6.92
C MET A 483 -8.96 -1.99 -8.06
N ILE A 484 -8.74 -3.31 -8.23
CA ILE A 484 -9.36 -4.10 -9.23
C ILE A 484 -10.35 -5.07 -8.64
N GLN A 485 -11.55 -5.07 -9.33
CA GLN A 485 -12.69 -5.75 -8.90
C GLN A 485 -12.96 -6.71 -10.10
N PHE A 486 -13.55 -7.91 -9.93
CA PHE A 486 -13.94 -8.73 -11.08
C PHE A 486 -15.34 -9.03 -10.81
N ASP A 487 -16.19 -8.92 -11.85
CA ASP A 487 -17.64 -9.04 -11.84
C ASP A 487 -18.08 -10.47 -11.52
N THR A 488 -17.41 -11.48 -12.08
CA THR A 488 -17.76 -12.85 -11.83
C THR A 488 -17.10 -13.39 -10.53
N GLU A 489 -17.41 -14.61 -10.06
CA GLU A 489 -16.82 -15.23 -8.97
C GLU A 489 -15.41 -15.65 -9.29
N THR A 490 -14.50 -15.26 -8.33
CA THR A 490 -13.09 -15.43 -8.42
C THR A 490 -12.67 -16.91 -8.04
N LYS A 554 -17.09 -15.06 -20.80
CA LYS A 554 -16.72 -14.32 -22.09
C LYS A 554 -15.23 -14.15 -22.12
N SER A 555 -14.76 -12.87 -22.09
CA SER A 555 -13.43 -12.48 -22.19
C SER A 555 -13.18 -11.97 -20.84
N ALA A 556 -11.91 -11.58 -20.52
CA ALA A 556 -11.66 -10.83 -19.32
C ALA A 556 -11.89 -9.39 -19.47
N ILE A 557 -11.99 -8.96 -20.70
CA ILE A 557 -12.12 -7.54 -20.94
C ILE A 557 -13.41 -6.96 -20.31
N TYR A 558 -14.56 -7.72 -20.46
CA TYR A 558 -15.84 -7.42 -19.84
C TYR A 558 -15.75 -7.53 -18.35
N HIS A 559 -15.01 -8.55 -17.76
CA HIS A 559 -14.92 -8.72 -16.29
C HIS A 559 -14.12 -7.64 -15.64
N LEU A 560 -13.27 -6.95 -16.37
CA LEU A 560 -12.28 -5.95 -15.85
C LEU A 560 -13.01 -4.78 -15.29
N LYS A 561 -12.77 -4.49 -13.98
CA LYS A 561 -13.42 -3.38 -13.37
C LYS A 561 -12.54 -2.97 -12.32
N PHE A 562 -12.80 -1.70 -11.81
CA PHE A 562 -12.11 -0.89 -10.78
C PHE A 562 -13.03 -0.50 -9.63
N ASP A 563 -12.45 -0.55 -8.40
CA ASP A 563 -13.10 -0.23 -7.21
C ASP A 563 -12.17 0.84 -6.68
N ILE A 564 -12.78 2.03 -6.16
CA ILE A 564 -12.17 3.32 -5.80
C ILE A 564 -12.39 3.52 -4.29
N ASN A 565 -11.37 3.93 -3.43
CA ASN A 565 -11.49 4.29 -2.08
C ASN A 565 -11.31 5.75 -2.09
N ILE A 566 -11.93 6.48 -1.10
CA ILE A 566 -11.90 7.91 -0.97
C ILE A 566 -10.91 8.20 0.14
N PRO A 567 -9.95 9.18 0.04
CA PRO A 567 -9.33 9.71 1.26
C PRO A 567 -10.12 10.29 2.40
N TYR A 568 -9.43 10.57 3.51
CA TYR A 568 -10.13 11.18 4.62
C TYR A 568 -9.93 12.63 4.49
N PRO A 569 -10.71 13.59 4.86
CA PRO A 569 -12.12 13.36 5.25
C PRO A 569 -12.96 13.92 4.15
N LEU A 570 -12.99 13.18 2.96
CA LEU A 570 -13.75 13.74 1.82
C LEU A 570 -15.03 12.90 1.62
N ASN A 571 -15.20 11.88 2.53
CA ASN A 571 -16.36 11.02 2.43
C ASN A 571 -17.76 11.62 2.44
N ILE A 572 -17.91 12.81 3.19
CA ILE A 572 -19.04 13.65 3.29
C ILE A 572 -19.48 14.22 1.96
N ILE A 573 -18.53 14.61 1.08
CA ILE A 573 -18.79 15.17 -0.24
C ILE A 573 -19.36 14.21 -1.24
N ILE A 574 -18.80 12.93 -1.19
CA ILE A 574 -18.97 11.96 -2.25
C ILE A 574 -20.15 11.15 -1.85
N SER A 575 -20.84 10.75 -2.92
CA SER A 575 -22.09 10.02 -2.89
C SER A 575 -21.87 8.66 -3.49
N ARG A 576 -22.49 7.64 -2.92
CA ARG A 576 -22.19 6.25 -3.21
C ARG A 576 -22.61 6.01 -4.63
N THR A 577 -23.83 6.61 -5.00
CA THR A 577 -24.49 6.44 -6.29
C THR A 577 -23.68 7.02 -7.43
N CYS A 578 -23.14 8.20 -7.07
CA CYS A 578 -22.27 8.97 -7.99
C CYS A 578 -20.98 8.32 -8.39
N MET A 579 -20.34 7.75 -7.38
CA MET A 579 -19.08 7.04 -7.58
C MET A 579 -19.26 5.80 -8.46
N ILE A 580 -20.39 5.04 -8.26
CA ILE A 580 -20.69 3.91 -9.12
C ILE A 580 -20.98 4.29 -10.58
N LYS A 581 -21.64 5.45 -10.77
CA LYS A 581 -21.87 5.95 -12.12
C LYS A 581 -20.58 6.23 -12.83
N TYR A 582 -19.61 6.91 -12.17
CA TYR A 582 -18.27 7.27 -12.66
C TYR A 582 -17.46 6.02 -13.02
N GLN A 583 -17.58 4.94 -12.23
CA GLN A 583 -16.88 3.73 -12.48
C GLN A 583 -17.35 3.05 -13.79
N ILE A 584 -18.65 3.19 -14.07
CA ILE A 584 -19.27 2.49 -15.19
C ILE A 584 -18.77 3.13 -16.51
N ILE A 585 -18.70 4.50 -16.53
CA ILE A 585 -18.17 5.25 -17.71
C ILE A 585 -16.73 4.92 -17.86
N LEU A 586 -15.96 4.77 -16.73
CA LEU A 586 -14.57 4.35 -16.66
C LEU A 586 -14.31 3.02 -17.24
N ARG A 587 -15.20 2.01 -17.00
CA ARG A 587 -15.08 0.68 -17.69
C ARG A 587 -15.26 0.79 -19.15
N TYR A 588 -16.24 1.64 -19.64
CA TYR A 588 -16.49 1.79 -21.05
C TYR A 588 -15.22 2.42 -21.68
N GLN A 589 -14.61 3.48 -20.99
CA GLN A 589 -13.49 4.23 -21.53
C GLN A 589 -12.36 3.25 -21.64
N LEU A 590 -12.15 2.40 -20.58
CA LEU A 590 -11.00 1.47 -20.51
C LEU A 590 -10.99 0.50 -21.56
N VAL A 591 -12.19 -0.04 -21.94
CA VAL A 591 -12.38 -1.02 -23.04
C VAL A 591 -11.97 -0.41 -24.32
N LEU A 592 -12.25 0.89 -24.60
CA LEU A 592 -11.78 1.59 -25.76
C LEU A 592 -10.30 1.77 -25.93
N GLN A 593 -9.58 2.13 -24.84
CA GLN A 593 -8.20 2.40 -24.78
C GLN A 593 -7.42 1.12 -25.09
N TYR A 594 -7.90 -0.01 -24.60
CA TYR A 594 -7.35 -1.32 -24.83
C TYR A 594 -7.54 -1.81 -26.31
N HIS A 595 -8.74 -1.50 -26.81
CA HIS A 595 -9.10 -1.95 -28.19
C HIS A 595 -8.20 -1.33 -29.21
N SER A 596 -7.85 -0.03 -28.99
CA SER A 596 -7.06 0.68 -29.98
C SER A 596 -5.71 0.03 -30.17
N ARG A 597 -5.10 -0.32 -29.02
CA ARG A 597 -3.72 -0.85 -28.97
C ARG A 597 -3.52 -2.12 -29.59
N LEU A 598 -4.54 -3.02 -29.39
CA LEU A 598 -4.63 -4.36 -29.93
C LEU A 598 -4.77 -4.33 -31.44
N LEU A 599 -5.58 -3.36 -32.07
CA LEU A 599 -5.62 -3.17 -33.52
C LEU A 599 -4.27 -2.70 -33.99
N ASP A 600 -3.63 -1.72 -33.32
CA ASP A 600 -2.44 -1.05 -33.87
C ASP A 600 -1.29 -2.05 -33.97
N GLU A 601 -1.18 -2.93 -32.95
CA GLU A 601 -0.14 -3.99 -32.97
C GLU A 601 -0.27 -5.07 -34.09
N THR A 602 -1.59 -5.44 -34.37
CA THR A 602 -1.94 -6.42 -35.43
C THR A 602 -1.54 -5.88 -36.73
N TRP A 603 -1.85 -4.53 -37.05
CA TRP A 603 -1.62 -3.81 -38.26
C TRP A 603 -0.12 -3.58 -38.56
N MET A 604 0.64 -3.22 -37.53
CA MET A 604 2.11 -3.00 -37.54
C MET A 604 2.82 -4.29 -37.93
N ASP A 605 2.34 -5.48 -37.37
CA ASP A 605 2.97 -6.75 -37.69
C ASP A 605 2.91 -7.00 -39.22
N LEU A 606 1.70 -6.66 -39.84
CA LEU A 606 1.30 -6.97 -41.21
C LEU A 606 2.15 -6.18 -42.21
N ASN A 607 2.66 -4.93 -41.86
CA ASN A 607 3.37 -4.13 -42.74
C ASN A 607 4.68 -4.64 -43.16
N LYS A 608 5.26 -5.56 -42.40
CA LYS A 608 6.59 -6.13 -42.53
C LYS A 608 7.14 -6.39 -43.89
N THR A 609 8.51 -6.46 -43.93
CA THR A 609 9.37 -6.67 -45.12
C THR A 609 9.20 -8.05 -45.75
N PRO A 610 8.98 -9.14 -45.02
CA PRO A 610 8.70 -10.41 -45.61
C PRO A 610 7.21 -10.55 -45.65
N SER A 611 6.48 -9.62 -46.22
CA SER A 611 5.05 -9.70 -46.40
C SER A 611 4.66 -8.65 -47.43
N TRP A 612 5.63 -8.40 -48.36
CA TRP A 612 5.47 -7.33 -49.44
C TRP A 612 5.01 -7.94 -50.75
N LYS A 613 4.82 -9.26 -50.82
CA LYS A 613 4.35 -9.96 -51.99
C LYS A 613 2.85 -9.59 -52.07
N TYR A 614 2.50 -9.11 -53.32
CA TYR A 614 1.22 -8.64 -53.67
C TYR A 614 0.91 -9.52 -54.86
N ARG A 623 0.02 -12.07 -50.48
CA ARG A 623 -0.40 -12.18 -51.90
C ARG A 623 -1.71 -11.38 -52.21
N ARG A 624 -2.83 -12.01 -52.77
CA ARG A 624 -4.15 -11.33 -53.02
C ARG A 624 -4.79 -11.03 -51.70
N ILE A 625 -4.66 -11.98 -50.72
CA ILE A 625 -5.14 -11.87 -49.35
C ILE A 625 -4.53 -10.69 -48.56
N VAL A 626 -3.21 -10.35 -48.74
CA VAL A 626 -2.58 -9.26 -48.08
C VAL A 626 -3.22 -7.92 -48.49
N ARG A 627 -3.52 -7.75 -49.83
CA ARG A 627 -4.06 -6.51 -50.36
C ARG A 627 -5.42 -6.27 -49.78
N ALA A 628 -6.22 -7.37 -49.58
CA ALA A 628 -7.52 -7.37 -48.93
C ALA A 628 -7.44 -6.98 -47.43
N THR A 629 -6.49 -7.58 -46.72
CA THR A 629 -6.34 -7.36 -45.30
C THR A 629 -6.01 -5.93 -45.03
N ARG A 630 -5.15 -5.32 -45.90
CA ARG A 630 -4.59 -3.95 -45.77
C ARG A 630 -5.68 -2.84 -45.84
N VAL A 631 -6.54 -2.98 -46.80
CA VAL A 631 -7.70 -2.04 -47.03
C VAL A 631 -8.64 -2.19 -45.88
N LEU A 632 -8.90 -3.45 -45.44
CA LEU A 632 -9.78 -3.74 -44.36
C LEU A 632 -9.25 -3.16 -43.11
N HIS A 633 -7.96 -3.25 -42.85
CA HIS A 633 -7.36 -2.68 -41.73
C HIS A 633 -7.44 -1.19 -41.59
N ALA A 634 -7.20 -0.49 -42.72
CA ALA A 634 -7.13 0.96 -42.82
C ALA A 634 -8.49 1.51 -42.47
N LYS A 635 -9.56 0.90 -43.08
CA LYS A 635 -10.88 1.28 -42.76
C LYS A 635 -11.26 0.96 -41.39
N MET A 636 -10.98 -0.23 -40.87
CA MET A 636 -11.38 -0.67 -39.58
C MET A 636 -10.81 0.14 -38.39
N ASN A 637 -9.53 0.58 -38.53
CA ASN A 637 -8.79 1.45 -37.71
C ASN A 637 -9.44 2.81 -37.75
N HIS A 638 -9.92 3.25 -38.90
CA HIS A 638 -10.66 4.52 -39.03
C HIS A 638 -11.98 4.52 -38.20
N PHE A 639 -12.80 3.38 -38.24
CA PHE A 639 -14.06 3.35 -37.58
C PHE A 639 -13.86 3.55 -36.05
N ILE A 640 -12.92 2.78 -35.45
CA ILE A 640 -12.71 2.83 -34.05
C ILE A 640 -12.23 4.19 -33.63
N LYS A 641 -11.33 4.82 -34.37
CA LYS A 641 -10.75 6.14 -34.06
C LYS A 641 -11.82 7.23 -33.97
N THR A 642 -12.85 7.19 -34.91
CA THR A 642 -14.01 8.09 -34.88
C THR A 642 -14.90 7.75 -33.64
N ILE A 643 -15.17 6.48 -33.24
CA ILE A 643 -16.09 6.22 -32.09
C ILE A 643 -15.57 6.74 -30.78
N MET A 644 -14.21 6.46 -30.60
CA MET A 644 -13.48 6.84 -29.39
C MET A 644 -13.39 8.35 -29.21
N GLU A 645 -13.16 9.07 -30.34
CA GLU A 645 -13.01 10.47 -30.50
C GLU A 645 -14.31 11.13 -30.10
N TYR A 646 -15.44 10.62 -30.61
CA TYR A 646 -16.78 11.12 -30.40
C TYR A 646 -17.15 10.93 -28.96
N PHE A 647 -16.85 9.73 -28.42
CA PHE A 647 -17.14 9.31 -27.11
C PHE A 647 -16.50 10.24 -26.19
N ASN A 648 -15.21 10.55 -26.45
CA ASN A 648 -14.36 11.52 -25.67
C ASN A 648 -14.82 12.95 -25.73
N GLN A 649 -15.05 13.54 -26.95
CA GLN A 649 -15.35 14.94 -27.06
C GLN A 649 -16.72 15.28 -26.60
N ASN A 650 -17.74 14.54 -27.05
CA ASN A 650 -19.07 14.93 -26.65
C ASN A 650 -19.45 14.61 -25.29
N VAL A 651 -18.76 13.61 -24.64
CA VAL A 651 -19.20 13.25 -23.31
C VAL A 651 -18.22 13.78 -22.38
N ILE A 652 -17.13 13.03 -22.14
CA ILE A 652 -16.20 13.13 -21.06
C ILE A 652 -15.51 14.44 -21.08
N ASP A 653 -14.87 14.92 -22.23
CA ASP A 653 -13.98 16.09 -22.21
C ASP A 653 -14.67 17.38 -21.81
N LYS A 654 -15.86 17.56 -22.42
CA LYS A 654 -16.66 18.74 -22.08
C LYS A 654 -17.15 18.71 -20.63
N GLU A 655 -17.64 17.54 -20.10
CA GLU A 655 -18.02 17.48 -18.74
C GLU A 655 -16.93 17.72 -17.70
N VAL A 656 -15.72 17.15 -17.91
CA VAL A 656 -14.64 17.35 -16.97
C VAL A 656 -14.25 18.82 -16.92
N TYR A 657 -14.29 19.43 -18.14
CA TYR A 657 -13.81 20.80 -18.28
C TYR A 657 -14.64 21.77 -17.43
N SER A 658 -16.00 21.63 -17.51
CA SER A 658 -16.97 22.35 -16.68
C SER A 658 -16.91 22.04 -15.17
N LEU A 659 -16.67 20.74 -14.82
CA LEU A 659 -16.52 20.34 -13.43
C LEU A 659 -15.40 20.94 -12.76
N GLU A 660 -14.17 20.94 -13.49
CA GLU A 660 -13.00 21.47 -12.88
C GLU A 660 -13.17 22.98 -12.63
N LYS A 661 -13.79 23.71 -13.61
CA LYS A 661 -14.03 25.10 -13.57
C LYS A 661 -15.01 25.60 -12.48
N CYS A 662 -16.12 24.76 -12.37
CA CYS A 662 -17.14 25.00 -11.41
C CYS A 662 -16.55 24.91 -9.97
N TYR A 663 -15.62 23.89 -9.71
CA TYR A 663 -14.99 23.75 -8.40
C TYR A 663 -14.17 24.96 -8.18
N ARG A 664 -13.41 25.47 -9.17
CA ARG A 664 -12.49 26.55 -8.90
C ARG A 664 -13.10 27.89 -8.49
N ASN A 665 -14.17 28.39 -9.12
CA ASN A 665 -14.60 29.74 -8.93
C ASN A 665 -15.26 30.14 -7.53
N PRO A 666 -16.18 29.40 -6.88
CA PRO A 666 -16.72 29.81 -5.60
C PRO A 666 -15.90 29.11 -4.48
N THR A 667 -15.37 27.87 -4.73
CA THR A 667 -14.56 27.05 -3.87
C THR A 667 -15.14 26.92 -2.45
N LEU A 668 -16.35 26.33 -2.39
CA LEU A 668 -17.15 26.17 -1.24
C LEU A 668 -17.45 24.68 -1.28
N ALA A 669 -17.54 24.09 -0.08
CA ALA A 669 -17.74 22.62 0.10
C ALA A 669 -19.06 22.10 -0.48
N VAL A 670 -20.11 22.89 -0.31
CA VAL A 670 -21.44 22.75 -0.79
C VAL A 670 -21.43 22.74 -2.29
N ALA A 671 -20.54 23.55 -2.96
CA ALA A 671 -20.42 23.51 -4.39
C ALA A 671 -19.99 22.24 -4.94
N ILE A 672 -19.09 21.53 -4.22
CA ILE A 672 -18.52 20.23 -4.67
C ILE A 672 -19.63 19.17 -4.75
N GLN A 673 -20.43 19.07 -3.67
CA GLN A 673 -21.45 18.10 -3.55
C GLN A 673 -22.57 18.26 -4.63
N ASN A 674 -23.03 19.47 -4.98
CA ASN A 674 -24.07 19.67 -6.01
C ASN A 674 -23.59 19.21 -7.38
N GLU A 675 -22.38 19.54 -7.71
CA GLU A 675 -21.78 19.23 -8.98
C GLU A 675 -21.62 17.73 -9.09
N LEU A 676 -21.26 17.00 -8.04
CA LEU A 676 -21.09 15.52 -8.16
C LEU A 676 -22.46 14.97 -8.54
N GLU A 677 -23.54 15.55 -7.88
CA GLU A 677 -24.88 15.14 -8.02
C GLU A 677 -25.38 15.25 -9.43
N GLY A 678 -24.94 16.37 -10.09
CA GLY A 678 -25.20 16.72 -11.50
C GLY A 678 -24.50 15.74 -12.46
N GLY A 679 -23.26 15.32 -12.07
CA GLY A 679 -22.38 14.53 -12.81
C GLY A 679 -22.91 13.13 -13.12
N LEU A 680 -23.51 12.48 -12.11
CA LEU A 680 -24.08 11.16 -12.15
C LEU A 680 -25.25 11.04 -13.01
N THR A 681 -26.13 12.06 -13.00
CA THR A 681 -27.33 12.10 -13.81
C THR A 681 -27.04 12.10 -15.24
N ASN A 682 -26.00 12.82 -15.68
CA ASN A 682 -25.59 12.84 -17.03
C ASN A 682 -25.09 11.43 -17.45
N ILE A 683 -24.34 10.67 -16.59
CA ILE A 683 -23.79 9.31 -16.88
C ILE A 683 -24.91 8.34 -17.14
N MET A 684 -26.01 8.46 -16.38
CA MET A 684 -27.17 7.61 -16.44
C MET A 684 -27.83 7.73 -17.78
N THR A 685 -28.00 8.96 -18.37
CA THR A 685 -28.56 9.01 -19.71
C THR A 685 -27.66 8.36 -20.76
N ASN A 686 -26.32 8.57 -20.76
CA ASN A 686 -25.42 7.92 -21.76
C ASN A 686 -25.30 6.37 -21.63
N ARG A 687 -25.34 5.96 -20.36
CA ARG A 687 -25.24 4.59 -19.95
C ARG A 687 -26.38 3.82 -20.53
N CYS A 688 -27.64 4.38 -20.44
CA CYS A 688 -28.81 3.71 -20.92
C CYS A 688 -28.75 3.64 -22.41
N LEU A 689 -28.37 4.70 -23.20
CA LEU A 689 -28.51 4.78 -24.65
C LEU A 689 -27.69 3.79 -25.34
N SER A 690 -26.34 3.56 -24.97
CA SER A 690 -25.42 2.72 -25.75
C SER A 690 -24.50 1.91 -24.89
N ASP A 691 -24.44 0.61 -25.11
CA ASP A 691 -23.56 -0.30 -24.41
C ASP A 691 -22.45 -0.43 -25.36
N LEU A 692 -21.19 0.06 -25.13
CA LEU A 692 -19.98 -0.10 -25.89
C LEU A 692 -19.37 -1.53 -25.91
N ILE A 693 -19.44 -2.23 -24.72
CA ILE A 693 -18.82 -3.51 -24.57
C ILE A 693 -19.29 -4.60 -25.57
N PRO A 694 -20.58 -4.94 -25.89
CA PRO A 694 -20.85 -6.00 -26.93
C PRO A 694 -20.21 -5.68 -28.32
N LEU A 695 -20.21 -4.39 -28.79
CA LEU A 695 -19.78 -3.87 -30.08
C LEU A 695 -18.24 -4.11 -30.16
N GLN A 696 -17.49 -3.77 -29.01
CA GLN A 696 -16.08 -3.95 -28.89
C GLN A 696 -15.81 -5.41 -28.96
N LEU A 697 -16.68 -6.32 -28.43
CA LEU A 697 -16.53 -7.73 -28.39
C LEU A 697 -16.45 -8.47 -29.72
N GLN A 698 -17.26 -7.99 -30.72
CA GLN A 698 -17.25 -8.45 -32.11
C GLN A 698 -15.98 -8.15 -32.80
N ILE A 699 -15.53 -6.86 -32.59
CA ILE A 699 -14.24 -6.44 -33.19
C ILE A 699 -13.11 -7.25 -32.62
N PHE A 700 -13.05 -7.62 -31.35
CA PHE A 700 -12.00 -8.48 -30.71
C PHE A 700 -11.97 -9.81 -31.41
N ASP A 701 -13.10 -10.44 -31.72
CA ASP A 701 -13.09 -11.71 -32.48
C ASP A 701 -12.52 -11.58 -33.89
N ILE A 702 -12.92 -10.51 -34.62
CA ILE A 702 -12.45 -10.18 -36.02
C ILE A 702 -10.98 -9.88 -36.05
N VAL A 703 -10.50 -9.17 -34.99
CA VAL A 703 -9.09 -8.87 -34.77
C VAL A 703 -8.33 -10.18 -34.62
N TYR A 704 -8.86 -11.14 -33.83
CA TYR A 704 -8.18 -12.36 -33.58
C TYR A 704 -7.99 -13.11 -34.87
N LYS A 705 -9.01 -13.20 -35.73
CA LYS A 705 -8.91 -13.91 -37.02
C LYS A 705 -7.94 -13.19 -37.90
N PHE A 706 -7.96 -11.86 -37.91
CA PHE A 706 -7.03 -11.13 -38.73
C PHE A 706 -5.61 -11.44 -38.34
N CYS A 707 -5.30 -11.42 -36.99
CA CYS A 707 -4.03 -11.59 -36.37
C CYS A 707 -3.45 -12.92 -36.67
N LYS A 708 -4.28 -13.96 -36.58
CA LYS A 708 -3.86 -15.36 -36.86
C LYS A 708 -3.42 -15.57 -38.29
N PHE A 709 -4.13 -14.94 -39.28
CA PHE A 709 -3.86 -15.01 -40.74
C PHE A 709 -2.52 -14.32 -41.00
N ILE A 710 -2.25 -13.16 -40.42
CA ILE A 710 -1.11 -12.29 -40.60
C ILE A 710 0.15 -12.96 -40.22
N LYS A 711 0.21 -13.81 -39.16
CA LYS A 711 1.51 -14.45 -38.76
C LYS A 711 2.13 -15.31 -39.89
N SER A 712 1.22 -15.91 -40.68
CA SER A 712 1.53 -16.85 -41.70
C SER A 712 1.53 -16.34 -43.12
N MET A 713 1.45 -15.02 -43.40
CA MET A 713 1.36 -14.43 -44.73
C MET A 713 2.64 -14.77 -45.44
N ARG A 714 2.52 -15.09 -46.73
CA ARG A 714 3.57 -15.18 -47.70
C ARG A 714 3.81 -13.76 -48.29
N GLU A 754 -0.05 -24.34 -49.95
CA GLU A 754 -0.32 -22.94 -49.59
C GLU A 754 -1.66 -22.46 -49.90
N ASP A 755 -2.10 -22.91 -51.11
CA ASP A 755 -3.33 -22.51 -51.76
C ASP A 755 -4.55 -22.84 -50.95
N ALA A 756 -4.57 -24.00 -50.25
CA ALA A 756 -5.74 -24.37 -49.44
C ALA A 756 -5.90 -23.27 -48.32
N ALA A 757 -4.75 -22.83 -47.73
CA ALA A 757 -4.76 -21.75 -46.78
C ALA A 757 -5.31 -20.46 -47.37
N LEU A 758 -4.90 -20.11 -48.63
CA LEU A 758 -5.30 -18.93 -49.31
C LEU A 758 -6.85 -18.87 -49.62
N GLU A 759 -7.44 -20.00 -50.04
CA GLU A 759 -8.82 -20.07 -50.26
C GLU A 759 -9.64 -19.91 -48.99
N LEU A 760 -9.25 -20.58 -47.90
CA LEU A 760 -10.00 -20.57 -46.64
C LEU A 760 -10.08 -19.23 -46.09
N ILE A 761 -8.89 -18.50 -46.21
CA ILE A 761 -8.67 -17.15 -45.77
C ILE A 761 -9.60 -16.13 -46.42
N GLN A 762 -9.80 -16.32 -47.73
CA GLN A 762 -10.58 -15.53 -48.66
C GLN A 762 -12.00 -15.61 -48.33
N LYS A 763 -12.63 -16.73 -47.95
CA LYS A 763 -14.00 -16.87 -47.48
C LYS A 763 -14.29 -16.04 -46.32
N LEU A 764 -13.36 -16.13 -45.30
CA LEU A 764 -13.41 -15.40 -44.05
C LEU A 764 -13.30 -13.90 -44.25
N ILE A 765 -12.40 -13.51 -45.23
CA ILE A 765 -12.16 -12.17 -45.60
C ILE A 765 -13.34 -11.50 -46.17
N GLU A 766 -14.10 -12.18 -47.01
CA GLU A 766 -15.30 -11.72 -47.68
C GLU A 766 -16.35 -11.46 -46.57
N TYR A 767 -16.46 -12.31 -45.53
CA TYR A 767 -17.48 -12.19 -44.47
C TYR A 767 -17.22 -10.90 -43.70
N ILE A 768 -15.92 -10.61 -43.38
CA ILE A 768 -15.31 -9.46 -42.74
C ILE A 768 -15.49 -8.27 -43.57
N SER A 769 -15.38 -8.33 -44.94
CA SER A 769 -15.69 -7.23 -45.82
C SER A 769 -17.21 -6.85 -45.71
N ASN A 770 -18.18 -7.83 -45.66
CA ASN A 770 -19.63 -7.56 -45.65
C ASN A 770 -19.89 -6.81 -44.32
N ALA A 771 -19.35 -7.31 -43.18
CA ALA A 771 -19.44 -6.65 -41.87
C ALA A 771 -18.74 -5.31 -41.85
N SER A 772 -17.57 -5.17 -42.48
CA SER A 772 -16.83 -3.89 -42.43
C SER A 772 -17.66 -2.83 -43.09
N SER A 773 -18.36 -3.18 -44.21
CA SER A 773 -19.14 -2.25 -45.02
C SER A 773 -20.30 -1.75 -44.22
N ILE A 774 -20.98 -2.62 -43.43
CA ILE A 774 -22.17 -2.32 -42.64
C ILE A 774 -21.82 -1.30 -41.55
N PHE A 775 -20.63 -1.55 -40.97
CA PHE A 775 -19.99 -0.74 -40.01
C PHE A 775 -19.68 0.67 -40.52
N ARG A 776 -19.20 0.79 -41.83
CA ARG A 776 -18.92 2.07 -42.45
C ARG A 776 -20.22 2.82 -42.56
N LYS A 777 -21.38 2.14 -42.95
CA LYS A 777 -22.64 2.76 -43.04
C LYS A 777 -23.11 3.23 -41.74
N CYS A 778 -22.98 2.44 -40.68
CA CYS A 778 -23.33 2.75 -39.32
C CYS A 778 -22.60 3.92 -38.72
N LEU A 779 -21.35 4.06 -39.13
CA LEU A 779 -20.43 4.98 -38.56
C LEU A 779 -20.89 6.45 -38.56
N ILE A 780 -21.56 6.81 -39.70
CA ILE A 780 -22.01 8.10 -40.07
C ILE A 780 -22.99 8.69 -39.08
N ASN A 781 -23.86 7.80 -38.58
CA ASN A 781 -24.72 8.13 -37.49
C ASN A 781 -23.96 8.59 -36.23
N PHE A 782 -22.91 7.81 -36.01
CA PHE A 782 -22.11 7.85 -34.87
C PHE A 782 -21.48 9.24 -34.79
N THR A 783 -21.01 9.79 -35.90
CA THR A 783 -20.41 11.11 -36.10
C THR A 783 -21.43 12.15 -35.76
N GLN A 784 -22.65 12.06 -36.33
CA GLN A 784 -23.80 12.90 -35.91
C GLN A 784 -24.24 12.64 -34.53
N GLU A 785 -25.24 13.44 -34.10
CA GLU A 785 -25.84 13.49 -32.82
C GLU A 785 -26.70 12.22 -32.53
N LEU A 786 -26.77 11.82 -31.19
CA LEU A 786 -27.55 10.70 -30.59
C LEU A 786 -28.87 10.33 -31.21
N SER A 787 -29.04 8.97 -31.53
CA SER A 787 -30.27 8.48 -32.13
C SER A 787 -30.67 7.10 -31.65
N THR A 788 -31.74 6.70 -32.30
CA THR A 788 -32.50 5.51 -32.23
C THR A 788 -31.61 4.37 -32.75
N GLU A 789 -30.86 4.75 -33.83
CA GLU A 789 -30.00 3.85 -34.48
C GLU A 789 -28.90 3.33 -33.60
N LYS A 790 -28.31 4.20 -32.69
CA LYS A 790 -27.19 3.81 -31.86
C LYS A 790 -27.65 2.66 -30.93
N PHE A 791 -28.89 2.77 -30.37
CA PHE A 791 -29.48 1.79 -29.43
C PHE A 791 -29.58 0.36 -30.03
N ASP A 792 -30.08 0.36 -31.32
CA ASP A 792 -30.26 -0.83 -32.20
C ASP A 792 -29.00 -1.44 -32.60
N PHE A 793 -27.91 -0.60 -32.84
CA PHE A 793 -26.63 -1.08 -33.23
C PHE A 793 -26.06 -1.94 -32.16
N TYR A 794 -26.16 -1.52 -30.84
CA TYR A 794 -25.66 -2.22 -29.67
C TYR A 794 -26.29 -3.52 -29.49
N ASP A 795 -27.68 -3.49 -29.68
CA ASP A 795 -28.53 -4.72 -29.62
C ASP A 795 -28.15 -5.77 -30.67
N SER A 796 -27.81 -5.33 -31.98
CA SER A 796 -27.33 -6.22 -33.02
C SER A 796 -26.06 -6.93 -32.61
N SER A 797 -25.16 -6.13 -32.02
CA SER A 797 -23.82 -6.60 -31.59
C SER A 797 -23.91 -7.61 -30.50
N SER A 798 -24.82 -7.44 -29.54
CA SER A 798 -25.12 -8.19 -28.37
C SER A 798 -25.50 -9.53 -28.59
N VAL A 799 -26.61 -9.86 -29.29
CA VAL A 799 -26.99 -11.18 -29.67
C VAL A 799 -25.90 -11.63 -30.67
N ASP A 800 -25.62 -13.02 -30.60
CA ASP A 800 -24.66 -13.53 -31.59
C ASP A 800 -25.57 -14.13 -32.60
N PRO B 180 -47.17 32.80 73.66
CA PRO B 180 -46.48 34.08 73.41
C PRO B 180 -45.66 33.95 72.13
N GLU B 181 -45.45 35.14 71.55
CA GLU B 181 -44.79 35.29 70.27
C GLU B 181 -43.30 34.80 70.34
N GLU B 182 -42.72 35.00 71.61
CA GLU B 182 -41.35 34.69 71.96
C GLU B 182 -41.09 33.21 71.78
N ASP B 183 -42.17 32.35 72.16
CA ASP B 183 -41.92 30.94 72.17
C ASP B 183 -41.65 30.40 70.79
N ILE B 184 -42.31 30.89 69.71
CA ILE B 184 -42.29 30.50 68.36
C ILE B 184 -40.90 30.74 67.78
N LEU B 185 -40.30 31.90 68.19
CA LEU B 185 -38.98 32.25 67.76
C LEU B 185 -37.92 31.24 68.26
N LYS B 186 -38.10 30.77 69.55
CA LYS B 186 -37.27 29.72 70.16
C LYS B 186 -37.47 28.39 69.45
N TYR B 187 -38.73 28.04 69.04
CA TYR B 187 -39.00 26.81 68.43
C TYR B 187 -38.37 26.60 67.14
N VAL B 188 -38.32 27.59 66.18
CA VAL B 188 -37.72 27.44 64.85
C VAL B 188 -36.22 27.21 65.03
N SER B 189 -35.65 27.97 65.99
CA SER B 189 -34.22 28.01 66.28
C SER B 189 -33.84 26.55 66.79
N TYR B 190 -34.71 25.97 67.60
CA TYR B 190 -34.48 24.62 68.16
C TYR B 190 -34.44 23.50 67.14
N THR B 191 -35.32 23.45 66.08
CA THR B 191 -35.43 22.47 65.00
C THR B 191 -34.15 22.47 64.18
N LEU B 192 -33.53 23.67 63.86
CA LEU B 192 -32.25 23.64 63.12
C LEU B 192 -31.09 23.03 63.90
N LEU B 193 -31.06 23.04 65.37
CA LEU B 193 -30.09 22.32 66.17
C LEU B 193 -30.34 20.82 66.07
N ALA B 194 -31.51 20.46 65.51
CA ALA B 194 -32.03 19.16 65.41
C ALA B 194 -32.20 18.67 66.77
N THR B 195 -32.76 19.49 67.68
CA THR B 195 -33.18 19.08 69.02
C THR B 195 -34.11 20.08 69.62
N THR B 196 -35.44 19.59 69.69
CA THR B 196 -36.58 20.43 70.12
C THR B 196 -36.58 20.44 71.65
N SER B 197 -37.52 21.29 72.24
CA SER B 197 -37.68 21.38 73.73
C SER B 197 -39.07 21.71 74.01
N ALA B 198 -39.96 22.15 73.05
CA ALA B 198 -41.40 22.22 73.30
C ALA B 198 -42.21 22.46 72.05
N LEU B 199 -41.65 22.16 70.91
CA LEU B 199 -42.33 22.28 69.62
C LEU B 199 -43.00 20.97 69.28
N PHE B 200 -42.28 19.85 69.33
CA PHE B 200 -42.71 18.44 69.15
C PHE B 200 -41.46 17.58 69.20
N PRO B 201 -41.37 16.60 70.11
CA PRO B 201 -40.17 15.69 70.29
C PRO B 201 -39.53 15.19 69.02
N PHE B 202 -38.25 15.52 68.97
CA PHE B 202 -37.33 15.05 68.02
C PHE B 202 -36.71 13.90 68.74
N ASP B 203 -36.09 12.95 68.02
CA ASP B 203 -35.40 11.81 68.52
C ASP B 203 -34.21 11.66 67.51
N HIS B 204 -33.40 10.66 67.79
CA HIS B 204 -32.08 10.45 67.24
C HIS B 204 -32.15 10.11 65.73
N GLU B 205 -33.16 9.34 65.28
CA GLU B 205 -33.17 8.98 63.90
C GLU B 205 -34.38 9.52 63.12
N GLN B 206 -35.22 10.34 63.76
CA GLN B 206 -36.47 10.94 63.18
C GLN B 206 -36.90 12.16 63.99
N ILE B 207 -37.94 12.82 63.48
CA ILE B 207 -38.82 13.84 64.11
C ILE B 207 -40.12 13.09 64.26
N GLN B 208 -40.72 13.18 65.47
CA GLN B 208 -41.94 12.47 65.78
C GLN B 208 -43.14 13.26 65.32
N ILE B 209 -44.24 12.56 64.99
CA ILE B 209 -45.51 13.07 64.58
C ILE B 209 -46.37 13.93 65.53
N PRO B 210 -47.18 14.90 65.07
CA PRO B 210 -48.07 15.68 65.95
C PRO B 210 -49.43 14.92 66.01
N SER B 211 -50.06 14.72 67.20
CA SER B 211 -51.28 13.89 67.20
C SER B 211 -52.32 14.26 68.20
N LYS B 212 -52.02 15.33 69.00
CA LYS B 212 -52.81 15.83 70.12
C LYS B 212 -52.35 17.28 70.28
N ILE B 213 -51.81 17.86 69.16
CA ILE B 213 -51.46 19.29 69.11
C ILE B 213 -52.57 19.86 68.29
N PRO B 214 -53.16 21.06 68.47
CA PRO B 214 -53.96 21.79 67.51
C PRO B 214 -53.78 21.54 66.00
N ASN B 215 -54.84 21.34 65.22
CA ASN B 215 -54.81 20.97 63.78
C ASN B 215 -54.18 21.91 62.91
N PHE B 216 -54.43 23.21 63.27
CA PHE B 216 -53.88 24.46 62.63
C PHE B 216 -52.35 24.36 62.75
N GLU B 217 -51.75 24.07 63.98
CA GLU B 217 -50.37 23.94 64.22
C GLU B 217 -49.78 22.75 63.51
N SER B 218 -50.46 21.62 63.44
CA SER B 218 -50.14 20.25 62.95
C SER B 218 -49.86 20.44 61.46
N GLY B 219 -50.65 21.29 60.79
CA GLY B 219 -50.48 21.46 59.35
C GLY B 219 -49.15 22.08 58.96
N LEU B 220 -48.71 23.15 59.71
CA LEU B 220 -47.48 23.79 59.60
C LEU B 220 -46.35 22.83 59.88
N LEU B 221 -46.55 21.98 60.91
CA LEU B 221 -45.70 21.00 61.45
C LEU B 221 -45.40 19.92 60.40
N HIS B 222 -46.36 19.58 59.50
CA HIS B 222 -46.14 18.68 58.40
C HIS B 222 -45.16 19.26 57.45
N LEU B 223 -45.25 20.60 57.13
CA LEU B 223 -44.37 21.10 56.14
C LEU B 223 -42.90 21.07 56.55
N ILE B 224 -42.56 21.49 57.78
CA ILE B 224 -41.34 21.50 58.46
C ILE B 224 -40.86 20.13 58.70
N PHE B 225 -41.69 19.13 58.94
CA PHE B 225 -41.31 17.79 59.32
C PHE B 225 -40.46 17.07 58.26
N GLU B 226 -40.82 17.27 56.93
CA GLU B 226 -40.00 16.74 55.91
C GLU B 226 -38.61 17.25 55.90
N ALA B 227 -38.47 18.57 56.10
CA ALA B 227 -37.25 19.37 56.15
C ALA B 227 -36.31 18.88 57.24
N GLY B 228 -36.89 18.64 58.44
CA GLY B 228 -36.24 18.10 59.58
C GLY B 228 -35.84 16.67 59.35
N LEU B 229 -36.57 15.82 58.58
CA LEU B 229 -36.19 14.50 58.33
C LEU B 229 -34.85 14.43 57.49
N LEU B 230 -34.82 15.28 56.47
CA LEU B 230 -33.71 15.26 55.53
C LEU B 230 -32.40 15.62 56.11
N TYR B 231 -32.35 16.67 56.97
CA TYR B 231 -31.19 17.22 57.73
C TYR B 231 -30.59 16.17 58.55
N GLN B 232 -31.40 15.35 59.27
CA GLN B 232 -30.83 14.28 60.16
C GLN B 232 -30.13 13.20 59.32
N SER B 233 -30.72 12.82 58.17
CA SER B 233 -30.27 11.79 57.19
C SER B 233 -28.97 12.11 56.56
N LEU B 234 -28.77 13.37 56.11
CA LEU B 234 -27.56 13.86 55.55
C LEU B 234 -26.42 13.84 56.52
N GLY B 235 -26.79 14.25 57.79
CA GLY B 235 -25.95 14.34 58.98
C GLY B 235 -25.38 13.04 59.36
N TYR B 236 -26.23 12.02 59.19
CA TYR B 236 -25.86 10.66 59.41
C TYR B 236 -24.81 10.20 58.47
N LYS B 237 -25.03 10.57 57.16
CA LYS B 237 -24.25 10.19 56.03
C LYS B 237 -22.87 10.71 56.14
N VAL B 238 -22.62 12.05 56.55
CA VAL B 238 -21.30 12.70 56.74
C VAL B 238 -20.53 11.96 57.80
N GLU B 239 -21.22 11.58 58.92
CA GLU B 239 -20.64 10.84 60.02
C GLU B 239 -20.14 9.47 59.61
N LYS B 240 -20.95 8.75 58.77
CA LYS B 240 -20.71 7.41 58.28
C LYS B 240 -19.52 7.43 57.46
N PHE B 241 -19.43 8.41 56.54
CA PHE B 241 -18.34 8.48 55.64
C PHE B 241 -17.06 9.00 56.27
N ARG B 242 -17.15 9.84 57.38
CA ARG B 242 -15.99 10.20 58.20
C ARG B 242 -15.51 9.09 58.96
N MET B 243 -14.22 8.84 58.60
CA MET B 243 -13.43 7.74 59.12
C MET B 243 -14.01 6.32 59.16
N LEU B 244 -14.60 6.01 58.02
CA LEU B 244 -14.93 4.63 57.77
C LEU B 244 -15.01 4.57 56.21
N ASN B 245 -14.22 3.63 55.54
CA ASN B 245 -14.01 3.43 54.15
C ASN B 245 -13.69 4.71 53.44
N ILE B 246 -12.83 5.58 54.06
CA ILE B 246 -12.56 6.87 53.37
C ILE B 246 -11.89 6.80 51.97
N SER B 247 -12.16 7.87 51.21
CA SER B 247 -11.44 8.07 49.99
C SER B 247 -11.24 9.57 49.82
N PRO B 248 -10.43 10.15 48.95
CA PRO B 248 -10.27 11.58 48.69
C PRO B 248 -11.49 12.08 47.92
N MET B 249 -12.20 11.24 47.12
CA MET B 249 -13.39 11.65 46.41
C MET B 249 -14.45 11.93 47.46
N LYS B 250 -14.51 11.08 48.54
CA LYS B 250 -15.39 11.22 49.67
C LYS B 250 -15.06 12.50 50.50
N LYS B 251 -13.80 12.78 50.72
CA LYS B 251 -13.50 13.97 51.54
C LYS B 251 -13.96 15.33 50.97
N ALA B 252 -13.79 15.48 49.63
CA ALA B 252 -14.20 16.69 48.93
C ALA B 252 -15.69 16.98 49.01
N LEU B 253 -16.47 15.85 48.96
CA LEU B 253 -17.86 15.73 49.10
C LEU B 253 -18.37 16.02 50.44
N ILE B 254 -17.68 15.53 51.56
CA ILE B 254 -18.00 15.74 52.95
C ILE B 254 -17.94 17.28 53.19
N ILE B 255 -16.85 17.91 52.65
CA ILE B 255 -16.63 19.36 52.91
C ILE B 255 -17.79 20.08 52.25
N GLU B 256 -18.25 19.64 51.03
CA GLU B 256 -19.39 20.30 50.34
C GLU B 256 -20.74 20.13 51.00
N ILE B 257 -20.98 18.92 51.60
CA ILE B 257 -22.24 18.72 52.37
C ILE B 257 -22.30 19.74 53.56
N SER B 258 -21.15 19.81 54.31
CA SER B 258 -21.03 20.68 55.46
C SER B 258 -21.25 22.14 55.23
N GLU B 259 -20.87 22.68 54.07
CA GLU B 259 -21.09 23.96 53.60
C GLU B 259 -22.58 24.21 53.37
N GLU B 260 -23.29 23.20 52.84
CA GLU B 260 -24.74 23.34 52.70
C GLU B 260 -25.48 23.41 54.07
N LEU B 261 -24.93 22.62 55.05
CA LEU B 261 -25.40 22.59 56.43
C LEU B 261 -25.08 23.86 57.10
N GLN B 262 -24.05 24.61 56.62
CA GLN B 262 -23.53 25.78 57.22
C GLN B 262 -24.58 26.79 57.39
N ASN B 263 -25.49 26.92 56.30
CA ASN B 263 -26.57 27.81 56.25
C ASN B 263 -27.61 27.59 57.33
N TYR B 264 -27.92 26.36 57.70
CA TYR B 264 -28.78 26.01 58.74
C TYR B 264 -28.22 26.59 60.06
N THR B 265 -26.92 26.41 60.37
CA THR B 265 -26.31 26.87 61.57
C THR B 265 -26.38 28.47 61.70
N ALA B 266 -26.16 29.22 60.54
CA ALA B 266 -26.23 30.62 60.43
C ALA B 266 -27.61 31.15 60.73
N PHE B 267 -28.64 30.42 60.26
CA PHE B 267 -29.97 30.75 60.38
C PHE B 267 -30.50 30.88 61.77
N VAL B 268 -30.13 29.89 62.61
CA VAL B 268 -30.48 29.90 63.96
C VAL B 268 -29.86 31.10 64.67
N ASN B 269 -28.62 31.41 64.38
CA ASN B 269 -27.90 32.47 64.97
C ASN B 269 -28.52 33.80 64.70
N ASN B 270 -28.97 33.98 63.51
CA ASN B 270 -29.71 35.13 63.11
C ASN B 270 -31.01 35.21 63.87
N LEU B 271 -31.74 34.09 64.03
CA LEU B 271 -33.10 34.11 64.60
C LEU B 271 -33.15 34.63 66.02
N VAL B 272 -32.10 34.16 66.84
CA VAL B 272 -31.93 34.59 68.24
C VAL B 272 -31.64 36.08 68.33
N SER B 273 -30.74 36.67 67.36
CA SER B 273 -30.50 38.11 67.24
C SER B 273 -31.72 38.98 66.89
N SER B 274 -32.52 38.43 65.96
CA SER B 274 -33.65 39.18 65.40
C SER B 274 -34.72 39.69 66.26
N GLY B 275 -35.60 38.75 66.70
CA GLY B 275 -36.82 38.98 67.45
C GLY B 275 -38.10 39.09 66.73
N THR B 276 -38.01 39.00 65.38
CA THR B 276 -39.13 39.10 64.48
C THR B 276 -40.18 37.98 64.69
N VAL B 277 -41.49 38.18 64.23
CA VAL B 277 -42.52 37.13 64.29
C VAL B 277 -42.25 36.29 63.04
N VAL B 278 -42.35 35.00 63.29
CA VAL B 278 -41.97 33.92 62.39
C VAL B 278 -43.10 32.81 62.41
N SER B 279 -42.92 31.71 61.65
CA SER B 279 -43.80 30.50 61.65
C SER B 279 -42.92 29.37 61.25
N LEU B 280 -43.42 28.13 61.39
CA LEU B 280 -42.79 26.91 60.95
C LEU B 280 -42.77 26.96 59.41
N LYS B 281 -43.84 27.59 58.82
CA LYS B 281 -44.04 28.00 57.44
C LYS B 281 -43.02 29.03 56.99
N SER B 282 -42.75 30.03 57.77
CA SER B 282 -41.80 31.05 57.49
C SER B 282 -40.40 30.45 57.44
N LEU B 283 -40.07 29.55 58.43
CA LEU B 283 -38.85 28.75 58.40
C LEU B 283 -38.73 27.90 57.18
N TYR B 284 -39.81 27.22 56.77
CA TYR B 284 -39.82 26.32 55.67
C TYR B 284 -39.50 26.94 54.37
N ARG B 285 -40.13 28.13 54.15
CA ARG B 285 -39.97 29.10 53.06
C ARG B 285 -38.61 29.60 53.06
N GLU B 286 -38.08 29.97 54.26
CA GLU B 286 -36.68 30.57 54.38
C GLU B 286 -35.60 29.61 54.01
N ILE B 287 -35.68 28.29 54.27
CA ILE B 287 -34.61 27.34 53.91
C ILE B 287 -34.97 26.49 52.70
N TYR B 288 -35.77 27.11 51.74
CA TYR B 288 -36.47 26.33 50.71
C TYR B 288 -35.45 25.73 49.77
N GLU B 289 -34.43 26.54 49.34
CA GLU B 289 -33.43 26.17 48.32
C GLU B 289 -32.71 24.95 48.79
N ASN B 290 -32.35 24.87 50.12
CA ASN B 290 -31.57 23.79 50.71
C ASN B 290 -32.19 22.47 50.64
N ILE B 291 -33.52 22.37 50.75
CA ILE B 291 -34.31 21.11 50.71
C ILE B 291 -34.16 20.50 49.36
N ILE B 292 -34.22 21.27 48.28
CA ILE B 292 -34.18 20.81 46.95
C ILE B 292 -32.77 20.28 46.61
N ARG B 293 -31.74 21.14 46.96
CA ARG B 293 -30.33 20.90 46.73
C ARG B 293 -29.78 19.68 47.49
N LEU B 294 -30.11 19.51 48.80
CA LEU B 294 -29.72 18.31 49.67
C LEU B 294 -30.34 17.07 49.13
N ARG B 295 -31.69 17.11 48.73
CA ARG B 295 -32.46 15.92 48.37
C ARG B 295 -31.88 15.24 47.12
N ILE B 296 -31.55 16.04 46.16
CA ILE B 296 -30.95 15.69 44.88
C ILE B 296 -29.52 15.10 45.03
N TYR B 297 -28.71 15.82 45.89
CA TYR B 297 -27.42 15.45 46.24
C TYR B 297 -27.26 14.17 46.99
N CYS B 298 -28.27 13.89 47.84
CA CYS B 298 -28.39 12.71 48.69
C CYS B 298 -28.52 11.49 47.79
N ARG B 299 -29.23 11.63 46.67
CA ARG B 299 -29.58 10.56 45.87
C ARG B 299 -28.33 9.83 45.37
N PHE B 300 -27.36 10.68 44.93
CA PHE B 300 -25.98 10.35 44.61
C PHE B 300 -25.24 9.71 45.77
N THR B 301 -25.35 10.25 47.05
CA THR B 301 -24.65 9.84 48.19
C THR B 301 -24.95 8.42 48.59
N GLU B 302 -26.22 7.94 48.42
CA GLU B 302 -26.73 6.62 48.66
C GLU B 302 -26.07 5.58 47.73
N HIS B 303 -26.02 5.97 46.44
CA HIS B 303 -25.51 5.17 45.34
C HIS B 303 -23.99 4.93 45.51
N LEU B 304 -23.14 5.83 46.16
CA LEU B 304 -21.76 5.79 46.45
C LEU B 304 -21.26 4.66 47.32
N GLU B 305 -22.17 4.15 48.24
CA GLU B 305 -21.91 2.93 49.00
C GLU B 305 -21.68 1.66 48.12
N GLU B 306 -22.41 1.50 46.98
CA GLU B 306 -22.40 0.37 46.07
C GLU B 306 -21.16 0.27 45.25
N LEU B 307 -20.70 1.44 44.71
CA LEU B 307 -19.43 1.45 44.03
C LEU B 307 -18.89 2.83 44.13
N SER B 308 -17.54 2.97 44.20
CA SER B 308 -16.75 4.17 44.46
C SER B 308 -15.64 4.32 43.51
N GLY B 309 -14.82 5.32 43.66
CA GLY B 309 -13.59 5.59 42.98
C GLY B 309 -13.91 6.32 41.76
N ASP B 310 -13.75 5.71 40.60
CA ASP B 310 -14.01 6.22 39.26
C ASP B 310 -15.47 6.53 39.01
N THR B 311 -16.36 5.91 39.79
CA THR B 311 -17.79 6.01 39.70
C THR B 311 -18.27 7.41 39.94
N PHE B 312 -17.57 8.18 40.82
CA PHE B 312 -17.98 9.52 41.22
C PHE B 312 -18.09 10.41 40.00
N LEU B 313 -17.13 10.26 39.06
CA LEU B 313 -17.09 11.02 37.89
C LEU B 313 -18.26 10.81 37.01
N ILE B 314 -18.72 9.54 36.86
CA ILE B 314 -19.85 9.21 36.01
C ILE B 314 -21.20 9.81 36.51
N GLU B 315 -21.51 9.71 37.84
CA GLU B 315 -22.69 10.17 38.57
C GLU B 315 -22.73 11.60 38.46
N LEU B 316 -21.57 12.28 38.69
CA LEU B 316 -21.40 13.70 38.59
C LEU B 316 -21.56 14.28 37.23
N ASN B 317 -21.06 13.60 36.11
CA ASN B 317 -21.00 14.04 34.72
C ASN B 317 -22.43 14.16 34.29
N ILE B 318 -23.33 13.15 34.59
CA ILE B 318 -24.72 13.23 34.27
C ILE B 318 -25.42 14.33 35.02
N PHE B 319 -25.08 14.43 36.30
CA PHE B 319 -25.72 15.37 37.18
C PHE B 319 -25.46 16.88 36.92
N LYS B 320 -24.28 17.26 36.50
CA LYS B 320 -24.05 18.63 36.22
C LYS B 320 -24.90 19.28 35.10
N SER B 321 -25.26 18.49 34.08
CA SER B 321 -25.87 18.90 32.84
C SER B 321 -27.26 19.45 32.97
N HIS B 322 -28.06 19.10 34.01
CA HIS B 322 -29.50 19.38 34.00
C HIS B 322 -29.95 20.24 35.07
N GLY B 323 -31.02 20.98 34.78
CA GLY B 323 -31.86 21.59 35.85
C GLY B 323 -31.55 23.05 36.03
N ASP B 324 -31.95 23.55 37.19
CA ASP B 324 -31.75 24.96 37.59
C ASP B 324 -30.26 25.31 37.58
N LEU B 325 -30.01 26.54 37.23
CA LEU B 325 -28.63 27.03 37.08
C LEU B 325 -27.80 26.86 38.35
N THR B 326 -28.32 27.09 39.60
CA THR B 326 -27.65 27.04 40.88
C THR B 326 -27.10 25.64 41.16
N ILE B 327 -27.83 24.54 40.91
CA ILE B 327 -27.37 23.16 41.12
C ILE B 327 -26.24 22.86 40.17
N ARG B 328 -26.36 23.23 38.86
CA ARG B 328 -25.30 22.97 37.90
C ARG B 328 -24.04 23.61 38.27
N LYS B 329 -24.01 24.89 38.75
CA LYS B 329 -22.85 25.65 39.15
C LYS B 329 -22.17 24.89 40.35
N ILE B 330 -22.88 24.36 41.38
CA ILE B 330 -22.29 23.53 42.45
C ILE B 330 -21.71 22.23 41.93
N ALA B 331 -22.43 21.52 41.04
CA ALA B 331 -21.98 20.22 40.51
C ALA B 331 -20.69 20.24 39.70
N THR B 332 -20.48 21.30 38.86
CA THR B 332 -19.31 21.54 38.09
C THR B 332 -18.15 21.75 39.03
N ASN B 333 -18.35 22.53 40.16
CA ASN B 333 -17.31 22.91 41.07
C ASN B 333 -16.66 21.73 41.72
N LEU B 334 -17.54 20.77 42.06
CA LEU B 334 -17.14 19.47 42.61
C LEU B 334 -16.38 18.64 41.66
N PHE B 335 -16.71 18.61 40.42
CA PHE B 335 -16.11 17.83 39.35
C PHE B 335 -14.68 18.19 39.22
N ASN B 336 -14.31 19.55 39.23
CA ASN B 336 -13.05 20.16 39.08
C ASN B 336 -12.10 19.72 40.15
N SER B 337 -12.57 19.64 41.42
CA SER B 337 -11.81 19.08 42.40
C SER B 337 -11.53 17.54 42.19
N MET B 338 -12.57 16.75 41.69
CA MET B 338 -12.43 15.35 41.51
C MET B 338 -11.41 14.93 40.47
N ILE B 339 -11.41 15.63 39.27
CA ILE B 339 -10.49 15.36 38.24
C ILE B 339 -9.03 15.63 38.67
N SER B 340 -8.80 16.57 39.58
CA SER B 340 -7.41 16.76 40.08
C SER B 340 -6.76 15.51 40.68
N LEU B 341 -7.56 14.71 41.36
CA LEU B 341 -7.26 13.42 41.95
C LEU B 341 -6.97 12.43 40.77
N TYR B 342 -7.79 12.46 39.73
CA TYR B 342 -7.55 11.61 38.52
C TYR B 342 -6.23 11.95 37.89
N TYR B 343 -5.91 13.25 37.71
CA TYR B 343 -4.61 13.76 37.25
C TYR B 343 -3.46 13.30 38.20
N GLU B 344 -3.63 13.32 39.57
CA GLU B 344 -2.72 12.94 40.54
C GLU B 344 -2.30 11.51 40.45
N TYR B 345 -3.28 10.60 40.27
CA TYR B 345 -3.25 9.18 40.10
C TYR B 345 -2.59 8.77 38.86
N LEU B 346 -2.89 9.47 37.76
CA LEU B 346 -2.42 9.26 36.47
C LEU B 346 -0.96 9.47 36.46
N MET B 347 -0.55 10.60 37.11
CA MET B 347 0.87 11.05 37.19
C MET B 347 1.70 10.00 37.93
N ASN B 348 1.18 9.48 39.01
CA ASN B 348 1.75 8.50 39.98
C ASN B 348 2.05 7.19 39.32
N TRP B 349 1.12 6.71 38.52
CA TRP B 349 1.12 5.47 37.74
C TRP B 349 2.25 5.58 36.66
N LEU B 350 2.16 6.60 35.82
CA LEU B 350 2.97 6.70 34.64
C LEU B 350 4.43 6.89 35.01
N THR B 351 4.77 7.72 36.04
CA THR B 351 6.13 8.08 36.45
C THR B 351 6.72 7.08 37.40
N LYS B 352 5.97 6.38 38.28
CA LYS B 352 6.57 5.52 39.27
C LYS B 352 5.99 4.05 39.23
N GLY B 353 5.19 3.74 38.16
CA GLY B 353 4.61 2.45 37.84
C GLY B 353 3.52 1.91 38.74
N LEU B 354 3.08 2.68 39.66
CA LEU B 354 2.07 2.18 40.61
C LEU B 354 1.36 3.34 41.22
N LEU B 355 0.14 3.00 41.71
CA LEU B 355 -0.92 3.76 42.35
C LEU B 355 -1.94 2.81 42.58
N ARG B 356 -2.42 2.73 43.80
CA ARG B 356 -3.42 1.82 44.24
C ARG B 356 -4.71 1.74 43.47
N ALA B 357 -5.64 0.83 43.91
CA ALA B 357 -6.93 0.55 43.47
C ALA B 357 -7.66 -0.22 44.50
N THR B 358 -7.68 0.39 45.75
CA THR B 358 -8.25 -0.25 46.88
C THR B 358 -9.71 0.11 46.84
N TYR B 359 -10.15 1.23 46.21
CA TYR B 359 -11.53 1.63 46.19
C TYR B 359 -11.93 1.80 44.73
N GLY B 360 -10.90 1.69 43.86
CA GLY B 360 -11.08 1.82 42.41
C GLY B 360 -10.55 3.19 41.86
N GLU B 361 -9.42 3.66 42.39
CA GLU B 361 -8.78 4.84 42.10
C GLU B 361 -8.23 4.95 40.64
N PHE B 362 -7.53 3.89 40.20
CA PHE B 362 -6.99 3.70 38.90
C PHE B 362 -7.57 2.45 38.37
N PHE B 363 -7.73 2.46 37.02
CA PHE B 363 -8.41 1.49 36.26
C PHE B 363 -7.46 0.35 35.81
N ILE B 364 -6.14 0.56 36.12
CA ILE B 364 -5.20 -0.52 35.86
C ILE B 364 -4.93 -1.29 37.12
N ALA B 365 -5.03 -2.66 36.93
CA ALA B 365 -4.71 -3.60 38.00
C ALA B 365 -3.70 -4.57 37.48
N GLU B 366 -2.83 -5.02 38.39
CA GLU B 366 -1.81 -5.96 38.05
C GLU B 366 -2.44 -7.34 38.05
N ASN B 367 -1.88 -8.18 37.20
CA ASN B 367 -2.37 -9.56 36.92
C ASN B 367 -3.82 -9.68 36.33
N TYR B 379 10.34 -13.63 39.07
CA TYR B 379 8.97 -13.52 38.53
C TYR B 379 8.69 -12.23 37.73
N HIS B 380 7.73 -12.33 36.81
CA HIS B 380 7.55 -11.20 35.91
C HIS B 380 6.04 -10.97 36.04
N ILE B 381 5.67 -9.72 36.24
CA ILE B 381 4.30 -9.26 36.48
C ILE B 381 3.79 -8.42 35.28
N PRO B 382 2.83 -8.83 34.59
CA PRO B 382 2.14 -7.93 33.66
C PRO B 382 1.13 -6.98 34.36
N ILE B 383 0.21 -6.35 33.56
CA ILE B 383 -0.87 -5.45 33.99
C ILE B 383 -1.92 -5.68 32.97
N GLU B 384 -3.18 -5.30 33.35
CA GLU B 384 -4.34 -5.46 32.57
C GLU B 384 -5.36 -4.39 33.02
N PHE B 385 -6.45 -4.22 32.18
CA PHE B 385 -7.60 -3.39 32.38
C PHE B 385 -8.61 -4.12 33.17
N ASN B 386 -9.15 -3.39 34.09
CA ASN B 386 -10.34 -3.67 34.83
C ASN B 386 -11.28 -2.73 34.10
N GLN B 387 -11.93 -3.26 33.03
CA GLN B 387 -12.56 -2.68 31.87
C GLN B 387 -13.77 -1.86 32.19
N GLU B 388 -14.54 -2.39 33.22
CA GLU B 388 -15.73 -1.77 33.75
C GLU B 388 -15.36 -0.39 34.34
N ARG B 389 -14.20 -0.24 35.03
CA ARG B 389 -13.68 0.97 35.65
C ARG B 389 -13.17 2.08 34.80
N VAL B 390 -12.71 1.73 33.59
CA VAL B 390 -12.05 2.59 32.63
C VAL B 390 -13.05 3.78 32.26
N PRO B 391 -12.45 4.97 32.11
CA PRO B 391 -13.06 6.26 31.79
C PRO B 391 -14.00 6.19 30.60
N ALA B 392 -14.83 7.22 30.58
CA ALA B 392 -15.86 7.43 29.53
C ALA B 392 -16.38 8.84 29.82
N PHE B 393 -15.76 9.58 30.78
CA PHE B 393 -15.96 10.96 31.09
C PHE B 393 -14.77 11.68 30.43
N ILE B 394 -13.69 10.93 30.15
CA ILE B 394 -12.53 11.35 29.35
C ILE B 394 -12.40 10.15 28.50
N PRO B 395 -12.35 10.19 27.17
CA PRO B 395 -12.51 9.04 26.28
C PRO B 395 -11.68 7.78 26.54
N LYS B 396 -12.32 6.59 26.11
CA LYS B 396 -11.84 5.25 26.15
C LYS B 396 -10.52 5.06 25.30
N GLU B 397 -10.47 5.74 24.17
CA GLU B 397 -9.34 5.69 23.31
C GLU B 397 -8.05 6.20 23.96
N LEU B 398 -8.19 7.33 24.72
CA LEU B 398 -7.22 8.03 25.49
C LEU B 398 -6.74 7.11 26.60
N ALA B 399 -7.69 6.36 27.24
CA ALA B 399 -7.41 5.34 28.27
C ALA B 399 -6.54 4.16 27.68
N TYR B 400 -6.81 3.72 26.39
CA TYR B 400 -5.96 2.78 25.73
C TYR B 400 -4.54 3.23 25.50
N LYS B 401 -4.33 4.46 25.12
CA LYS B 401 -3.05 5.02 24.90
C LYS B 401 -2.17 5.03 26.18
N ILE B 402 -2.70 5.36 27.33
CA ILE B 402 -2.18 5.43 28.68
C ILE B 402 -1.75 4.05 29.11
N PHE B 403 -2.50 3.03 28.81
CA PHE B 403 -2.27 1.66 29.15
C PHE B 403 -0.96 1.21 28.48
N MET B 404 -0.76 1.60 27.19
CA MET B 404 0.37 1.37 26.33
C MET B 404 1.62 2.03 26.89
N ILE B 405 1.53 3.28 27.37
CA ILE B 405 2.61 4.02 28.02
C ILE B 405 2.98 3.26 29.32
N GLY B 406 1.94 2.83 30.08
CA GLY B 406 2.19 2.21 31.38
C GLY B 406 2.93 0.94 31.28
N LYS B 407 2.53 0.10 30.27
CA LYS B 407 3.15 -1.13 30.06
C LYS B 407 4.65 -0.96 29.64
N SER B 408 4.97 0.04 28.73
CA SER B 408 6.34 0.35 28.28
C SER B 408 7.16 0.82 29.45
N TYR B 409 6.60 1.70 30.31
CA TYR B 409 7.35 2.30 31.40
C TYR B 409 7.80 1.26 32.45
N ILE B 410 6.88 0.34 32.81
CA ILE B 410 6.96 -0.71 33.78
C ILE B 410 8.07 -1.65 33.26
N PHE B 411 8.18 -1.87 31.87
CA PHE B 411 9.25 -2.66 31.41
C PHE B 411 10.68 -2.06 31.58
N LEU B 412 10.74 -0.69 31.43
CA LEU B 412 11.96 0.14 31.68
C LEU B 412 12.38 0.07 33.15
N GLU B 413 11.43 0.06 34.11
CA GLU B 413 11.71 -0.13 35.55
C GLU B 413 12.27 -1.51 35.92
N LYS B 414 11.74 -2.58 35.26
CA LYS B 414 12.27 -3.91 35.32
C LYS B 414 13.69 -4.05 34.73
N TYR B 415 13.95 -3.27 33.60
CA TYR B 415 15.20 -3.29 32.93
C TYR B 415 16.35 -2.86 33.83
N CYS B 416 16.07 -1.71 34.49
CA CYS B 416 17.11 -1.13 35.37
C CYS B 416 16.44 -0.03 36.23
N LYS B 417 16.92 0.20 37.48
CA LYS B 417 16.44 1.20 38.43
C LYS B 417 16.56 2.64 37.86
N GLU B 418 17.64 2.95 37.12
CA GLU B 418 17.89 4.26 36.60
C GLU B 418 17.93 4.21 35.03
N VAL B 419 16.76 4.62 34.50
CA VAL B 419 16.40 4.71 33.07
C VAL B 419 16.37 6.21 32.76
N GLN B 420 15.50 6.57 31.80
CA GLN B 420 15.29 7.86 31.20
C GLN B 420 14.19 8.49 32.06
N TRP B 421 14.48 9.45 32.99
CA TRP B 421 13.62 9.91 34.03
C TRP B 421 13.25 11.25 33.82
N THR B 422 13.48 11.73 32.60
CA THR B 422 12.89 12.94 32.12
C THR B 422 11.39 12.85 31.86
N ASN B 423 10.87 11.63 31.75
CA ASN B 423 9.47 11.34 31.83
C ASN B 423 8.77 11.77 33.07
N GLU B 424 9.48 11.67 34.24
CA GLU B 424 8.82 12.13 35.44
C GLU B 424 8.54 13.64 35.56
N PHE B 425 9.59 14.40 35.12
CA PHE B 425 9.60 15.82 35.14
C PHE B 425 8.65 16.39 34.22
N SER B 426 8.60 15.77 32.96
CA SER B 426 7.73 16.24 31.91
C SER B 426 6.23 16.13 32.25
N LYS B 427 5.88 14.99 32.83
CA LYS B 427 4.53 14.69 33.26
C LYS B 427 3.96 15.55 34.33
N LYS B 428 4.83 15.93 35.31
CA LYS B 428 4.51 16.80 36.42
C LYS B 428 4.14 18.15 35.93
N TYR B 429 4.87 18.63 34.93
CA TYR B 429 4.61 19.85 34.32
C TYR B 429 3.28 19.90 33.60
N HIS B 430 3.07 18.77 32.93
CA HIS B 430 1.86 18.58 32.20
C HIS B 430 0.58 18.54 32.97
N VAL B 431 0.55 17.88 34.16
CA VAL B 431 -0.59 17.89 35.09
C VAL B 431 -0.78 19.31 35.63
N LEU B 432 0.34 20.02 35.88
CA LEU B 432 0.18 21.39 36.43
C LEU B 432 -0.54 22.27 35.42
N TYR B 433 -0.19 22.13 34.10
CA TYR B 433 -0.78 22.89 33.00
C TYR B 433 -2.30 22.64 32.90
N GLN B 434 -2.79 21.36 33.03
CA GLN B 434 -4.20 20.91 32.88
C GLN B 434 -5.02 21.48 33.99
N SER B 435 -4.41 21.57 35.19
CA SER B 435 -5.08 22.21 36.36
C SER B 435 -5.42 23.68 36.38
N ASN B 436 -4.64 24.52 35.67
CA ASN B 436 -4.82 25.93 35.62
C ASN B 436 -6.08 26.29 34.87
N SER B 437 -6.27 25.40 33.87
CA SER B 437 -7.36 25.46 32.96
C SER B 437 -8.47 24.43 33.41
N TYR B 438 -8.50 23.93 34.75
CA TYR B 438 -9.53 23.14 35.34
C TYR B 438 -9.81 21.89 34.56
N ARG B 439 -11.00 21.61 33.95
CA ARG B 439 -11.18 20.47 33.05
C ARG B 439 -10.85 21.10 31.69
N GLY B 440 -10.17 20.23 30.88
CA GLY B 440 -9.61 20.52 29.57
C GLY B 440 -10.48 19.81 28.56
N ILE B 441 -9.98 19.65 27.32
CA ILE B 441 -10.76 19.10 26.26
C ILE B 441 -10.05 17.82 25.84
N SER B 442 -10.65 16.93 24.93
CA SER B 442 -10.10 15.64 24.57
C SER B 442 -8.82 15.91 23.92
N THR B 443 -8.79 16.95 23.03
CA THR B 443 -7.69 17.36 22.21
C THR B 443 -6.36 17.75 22.98
N ASN B 444 -6.51 18.55 24.10
CA ASN B 444 -5.39 18.95 24.89
C ASN B 444 -4.71 17.80 25.54
N PHE B 445 -5.54 16.89 26.06
CA PHE B 445 -5.05 15.68 26.72
C PHE B 445 -4.38 14.81 25.76
N PHE B 446 -4.93 14.69 24.51
CA PHE B 446 -4.43 13.85 23.50
C PHE B 446 -3.03 14.29 23.14
N GLU B 447 -2.75 15.59 23.02
CA GLU B 447 -1.35 16.09 22.84
C GLU B 447 -0.35 15.72 23.89
N ILE B 448 -0.85 15.91 25.13
CA ILE B 448 0.03 15.60 26.28
C ILE B 448 0.38 14.10 26.45
N ILE B 449 -0.55 13.16 26.37
CA ILE B 449 -0.42 11.75 26.51
C ILE B 449 0.39 11.20 25.36
N ASN B 450 0.11 11.65 24.14
CA ASN B 450 0.89 11.19 22.94
C ASN B 450 2.35 11.55 22.95
N ASP B 451 2.60 12.80 23.42
CA ASP B 451 3.99 13.18 23.44
C ASP B 451 4.78 12.39 24.49
N GLN B 452 4.14 12.09 25.70
CA GLN B 452 4.67 11.32 26.82
C GLN B 452 4.86 9.84 26.30
N TYR B 453 3.86 9.36 25.48
CA TYR B 453 3.88 8.03 24.92
C TYR B 453 5.05 7.92 23.99
N SER B 454 5.28 8.93 23.09
CA SER B 454 6.35 8.93 22.15
C SER B 454 7.62 8.90 22.94
N GLU B 455 7.66 9.66 24.07
CA GLU B 455 8.91 9.71 24.87
C GLU B 455 9.33 8.41 25.54
N ILE B 456 8.33 7.65 26.17
CA ILE B 456 8.58 6.36 26.70
C ILE B 456 8.94 5.37 25.58
N VAL B 457 8.25 5.47 24.40
CA VAL B 457 8.41 4.55 23.23
C VAL B 457 9.83 4.57 22.80
N ASN B 458 10.30 5.84 22.60
CA ASN B 458 11.66 6.17 22.11
C ASN B 458 12.69 5.73 23.14
N HIS B 459 12.45 5.93 24.43
CA HIS B 459 13.36 5.41 25.43
C HIS B 459 13.44 3.87 25.35
N THR B 460 12.35 3.18 25.09
CA THR B 460 12.27 1.75 25.01
C THR B 460 12.94 1.18 23.79
N ASN B 461 12.78 1.90 22.62
CA ASN B 461 13.48 1.53 21.44
C ASN B 461 14.96 1.60 21.58
N GLN B 462 15.46 2.72 22.13
CA GLN B 462 16.90 2.84 22.34
C GLN B 462 17.47 1.82 23.20
N ILE B 463 16.76 1.45 24.33
CA ILE B 463 17.20 0.40 25.22
C ILE B 463 17.22 -0.92 24.49
N LEU B 464 16.22 -1.22 23.63
CA LEU B 464 16.23 -2.52 23.05
C LEU B 464 17.32 -2.65 22.01
N ASN B 465 17.31 -1.67 21.11
CA ASN B 465 18.18 -1.70 19.93
C ASN B 465 19.67 -1.46 20.19
N GLN B 466 20.15 -0.42 20.88
CA GLN B 466 21.51 -0.19 21.14
C GLN B 466 22.21 -1.04 22.18
N LYS B 467 21.66 -1.05 23.45
CA LYS B 467 22.37 -1.51 24.60
C LYS B 467 22.36 -3.01 24.74
N PHE B 468 21.15 -3.62 24.59
CA PHE B 468 20.90 -5.06 24.64
C PHE B 468 21.28 -5.82 23.35
N HIS B 469 21.22 -5.11 22.20
CA HIS B 469 21.41 -5.65 20.87
C HIS B 469 20.25 -6.55 20.54
N TYR B 470 19.02 -6.05 20.62
CA TYR B 470 17.75 -6.77 20.33
C TYR B 470 17.73 -7.20 18.88
N ARG B 471 18.18 -6.36 17.91
CA ARG B 471 18.18 -6.59 16.44
C ARG B 471 19.01 -7.87 16.06
N ASP B 472 20.19 -8.08 16.71
CA ASP B 472 21.02 -9.31 16.59
C ASP B 472 20.31 -10.52 17.12
N VAL B 473 19.64 -10.46 18.27
CA VAL B 473 19.00 -11.60 18.87
C VAL B 473 17.83 -12.07 18.01
N VAL B 474 17.03 -11.22 17.38
CA VAL B 474 15.98 -11.65 16.48
C VAL B 474 16.48 -12.49 15.33
N PHE B 475 17.64 -12.05 14.74
CA PHE B 475 18.36 -12.86 13.75
C PHE B 475 18.80 -14.25 14.24
N ALA B 476 19.34 -14.33 15.49
CA ALA B 476 19.77 -15.47 16.21
C ALA B 476 18.67 -16.47 16.50
N LEU B 477 17.52 -15.91 16.86
CA LEU B 477 16.28 -16.64 17.19
C LEU B 477 15.82 -17.36 15.92
N LYS B 478 15.85 -16.70 14.73
CA LYS B 478 15.65 -17.37 13.52
C LYS B 478 16.69 -18.41 13.20
N ASN B 479 18.00 -18.17 13.47
CA ASN B 479 19.03 -19.09 13.03
C ASN B 479 19.00 -20.49 13.60
N ILE B 480 18.93 -20.60 14.96
CA ILE B 480 18.89 -21.89 15.58
C ILE B 480 17.50 -22.48 15.56
N LEU B 481 16.49 -21.71 16.04
CA LEU B 481 15.11 -22.17 16.19
C LEU B 481 14.29 -22.43 14.97
N LEU B 482 14.29 -21.47 14.03
CA LEU B 482 13.53 -21.54 12.81
C LEU B 482 14.41 -22.08 11.72
N MET B 483 15.73 -22.48 12.05
CA MET B 483 16.61 -23.15 11.10
C MET B 483 17.02 -22.29 9.89
N GLY B 484 17.47 -20.97 10.15
CA GLY B 484 17.86 -19.99 9.22
C GLY B 484 19.31 -19.95 8.80
N LYS B 485 20.14 -20.84 9.42
CA LYS B 485 21.58 -20.92 9.07
C LYS B 485 21.95 -22.38 8.90
N SER B 486 22.24 -22.92 7.68
CA SER B 486 22.48 -24.31 7.44
C SER B 486 23.75 -24.70 8.14
N ASP B 487 24.75 -23.88 8.14
CA ASP B 487 26.08 -24.19 8.59
C ASP B 487 26.24 -24.55 10.06
N PHE B 488 25.52 -23.83 11.01
CA PHE B 488 25.51 -24.11 12.41
C PHE B 488 25.00 -25.52 12.60
N MET B 489 23.83 -25.88 11.90
CA MET B 489 23.15 -27.20 12.09
C MET B 489 24.00 -28.33 11.69
N ASP B 490 24.76 -28.16 10.53
CA ASP B 490 25.71 -29.06 10.00
C ASP B 490 26.90 -29.32 10.83
N ALA B 491 27.55 -28.28 11.47
CA ALA B 491 28.60 -28.43 12.44
C ALA B 491 28.08 -29.18 13.74
N LEU B 492 26.85 -28.81 14.27
CA LEU B 492 26.45 -29.46 15.46
C LEU B 492 26.23 -30.91 15.26
N ILE B 493 25.53 -31.27 14.20
CA ILE B 493 25.04 -32.66 13.89
C ILE B 493 26.22 -33.55 13.65
N GLU B 494 27.31 -33.09 12.98
CA GLU B 494 28.48 -33.94 12.77
C GLU B 494 29.20 -34.36 14.07
N LYS B 495 29.38 -33.30 14.98
CA LYS B 495 30.13 -33.37 16.28
C LYS B 495 29.43 -34.27 17.30
N ALA B 496 28.15 -34.05 17.35
CA ALA B 496 27.15 -34.69 18.25
C ALA B 496 26.78 -36.18 18.05
N ASN B 497 26.83 -36.68 16.83
CA ASN B 497 26.34 -37.92 16.31
C ASN B 497 26.65 -39.14 17.11
N ASP B 498 27.91 -39.21 17.59
CA ASP B 498 28.46 -40.32 18.37
C ASP B 498 27.74 -40.46 19.66
N ILE B 499 27.52 -39.24 20.31
CA ILE B 499 26.84 -38.91 21.57
C ILE B 499 25.33 -39.15 21.33
N LEU B 500 24.72 -38.83 20.13
CA LEU B 500 23.26 -38.95 19.94
C LEU B 500 22.85 -40.42 19.78
N ALA B 501 23.67 -41.26 19.17
CA ALA B 501 23.33 -42.58 18.73
C ALA B 501 22.89 -43.44 19.95
N THR B 502 23.51 -43.27 21.14
CA THR B 502 23.20 -43.93 22.42
C THR B 502 22.06 -43.25 23.09
N PRO B 503 21.18 -43.95 23.78
CA PRO B 503 20.04 -43.34 24.56
C PRO B 503 20.63 -42.32 25.57
N SER B 504 20.07 -41.07 25.52
CA SER B 504 20.49 -39.85 26.24
C SER B 504 20.29 -40.05 27.73
N ASP B 505 21.28 -39.64 28.50
CA ASP B 505 21.39 -39.82 29.93
C ASP B 505 21.96 -38.52 30.50
N SER B 506 22.46 -38.65 31.79
CA SER B 506 23.10 -37.58 32.47
C SER B 506 24.31 -37.12 31.81
N LEU B 507 25.33 -37.96 31.38
CA LEU B 507 26.63 -37.59 30.76
C LEU B 507 26.57 -37.00 29.34
N PRO B 508 25.67 -37.51 28.49
CA PRO B 508 25.39 -36.95 27.13
C PRO B 508 25.01 -35.51 27.00
N ASN B 509 24.19 -35.04 27.96
CA ASN B 509 23.78 -33.66 28.06
C ASN B 509 24.83 -32.73 28.29
N TYR B 510 25.77 -33.10 29.20
CA TYR B 510 26.82 -32.22 29.52
C TYR B 510 27.79 -32.03 28.30
N LYS B 511 28.10 -33.20 27.67
CA LYS B 511 28.95 -33.24 26.52
C LYS B 511 28.41 -32.51 25.36
N LEU B 512 27.12 -32.64 25.12
CA LEU B 512 26.44 -32.10 24.03
C LEU B 512 26.48 -30.56 24.08
N THR B 513 26.37 -30.03 25.34
CA THR B 513 26.38 -28.60 25.62
C THR B 513 27.71 -27.96 25.27
N ARG B 514 28.83 -28.73 25.60
CA ARG B 514 30.23 -28.38 25.28
C ARG B 514 30.33 -28.38 23.78
N VAL B 515 29.76 -29.39 23.06
CA VAL B 515 29.79 -29.57 21.64
C VAL B 515 29.09 -28.48 20.89
N LEU B 516 28.00 -27.90 21.45
CA LEU B 516 27.13 -26.79 20.98
C LEU B 516 27.97 -25.57 20.89
N GLN B 517 28.83 -25.34 21.95
CA GLN B 517 29.68 -24.11 22.00
C GLN B 517 30.68 -24.11 20.88
N GLU B 518 31.34 -25.27 20.58
CA GLU B 518 32.29 -25.52 19.53
C GLU B 518 31.77 -25.40 18.14
N ALA B 519 30.50 -25.81 17.99
CA ALA B 519 29.72 -25.70 16.78
C ALA B 519 29.45 -24.31 16.31
N VAL B 520 29.16 -23.39 17.31
CA VAL B 520 28.93 -21.98 17.09
C VAL B 520 30.22 -21.27 16.61
N GLN B 521 31.39 -21.66 17.21
CA GLN B 521 32.72 -21.16 16.86
C GLN B 521 33.09 -21.59 15.45
N LEU B 522 32.82 -22.88 15.03
CA LEU B 522 33.12 -23.42 13.72
C LEU B 522 32.39 -22.69 12.55
N SER B 523 31.09 -22.27 12.76
CA SER B 523 30.10 -21.80 11.79
C SER B 523 30.48 -20.42 11.34
N SER B 524 31.48 -19.72 11.89
CA SER B 524 31.85 -18.38 11.56
C SER B 524 30.82 -17.42 12.07
N LEU B 525 30.55 -17.52 13.34
CA LEU B 525 29.73 -16.81 14.19
C LEU B 525 30.55 -16.26 15.28
N ARG B 526 31.93 -16.38 15.20
CA ARG B 526 32.93 -15.96 16.17
C ARG B 526 32.83 -14.49 16.58
N HIS B 527 32.62 -13.66 15.59
CA HIS B 527 32.57 -12.22 15.67
C HIS B 527 31.98 -11.74 14.36
N LEU B 528 31.41 -12.61 13.48
CA LEU B 528 30.74 -12.22 12.24
C LEU B 528 29.21 -12.05 12.54
N MET B 529 28.94 -11.00 13.33
CA MET B 529 27.66 -10.62 13.86
C MET B 529 27.88 -9.38 14.63
N ASN B 530 26.77 -8.80 15.04
CA ASN B 530 26.81 -7.48 15.72
C ASN B 530 27.65 -7.42 16.96
N SER B 531 27.51 -8.43 17.90
CA SER B 531 28.35 -8.55 19.04
C SER B 531 28.02 -9.88 19.78
N PRO B 532 28.79 -11.03 19.74
CA PRO B 532 28.37 -12.34 20.36
C PRO B 532 28.12 -12.14 21.80
N ARG B 533 28.94 -11.34 22.57
CA ARG B 533 28.81 -11.22 23.95
C ARG B 533 27.53 -10.66 24.42
N ASN B 534 27.02 -9.64 23.72
CA ASN B 534 25.70 -9.13 24.04
C ASN B 534 24.51 -10.03 23.80
N SER B 535 24.71 -10.91 22.75
CA SER B 535 23.77 -11.69 22.12
C SER B 535 23.56 -12.92 22.89
N SER B 536 22.49 -12.85 23.70
CA SER B 536 22.01 -13.75 24.74
C SER B 536 21.66 -15.12 24.29
N VAL B 537 21.18 -15.24 22.99
CA VAL B 537 20.80 -16.45 22.30
C VAL B 537 22.06 -17.31 22.15
N ILE B 538 23.24 -16.71 21.71
CA ILE B 538 24.47 -17.40 21.52
C ILE B 538 25.03 -17.93 22.85
N ASN B 539 25.11 -17.12 23.90
CA ASN B 539 25.77 -17.52 25.10
C ASN B 539 24.95 -18.48 25.98
N GLY B 540 23.63 -18.18 26.27
CA GLY B 540 22.89 -18.85 27.29
C GLY B 540 22.46 -20.23 26.88
N LEU B 541 22.31 -20.47 25.57
CA LEU B 541 21.85 -21.58 24.79
C LEU B 541 22.15 -22.91 25.52
N ASP B 542 21.09 -23.74 25.83
CA ASP B 542 21.32 -24.97 26.51
C ASP B 542 20.53 -25.93 25.69
N ALA B 543 21.04 -27.19 25.74
CA ALA B 543 20.36 -28.25 25.04
C ALA B 543 19.50 -28.93 26.01
N ARG B 544 18.30 -29.28 25.60
CA ARG B 544 17.23 -29.77 26.42
C ARG B 544 17.04 -31.23 25.94
N VAL B 545 16.61 -32.07 26.88
CA VAL B 545 16.30 -33.43 26.67
C VAL B 545 14.88 -33.48 27.20
N LEU B 546 13.97 -33.97 26.37
CA LEU B 546 12.56 -34.12 26.72
C LEU B 546 12.26 -34.99 27.96
N ASP B 547 11.14 -34.73 28.64
CA ASP B 547 10.75 -35.58 29.71
C ASP B 547 9.62 -36.56 29.22
N LEU B 548 9.37 -36.71 27.91
CA LEU B 548 8.45 -37.62 27.42
C LEU B 548 9.19 -38.72 26.81
N GLY B 549 10.54 -38.75 26.89
CA GLY B 549 11.30 -39.83 26.33
C GLY B 549 12.72 -39.51 26.69
N HIS B 550 13.45 -40.52 27.17
CA HIS B 550 14.79 -40.29 27.67
C HIS B 550 15.49 -41.65 27.69
N GLY B 551 14.74 -42.69 27.36
CA GLY B 551 15.26 -44.02 27.35
C GLY B 551 15.24 -44.54 25.94
N SER B 552 14.77 -43.67 25.02
CA SER B 552 14.74 -43.88 23.64
C SER B 552 16.08 -43.44 23.10
N VAL B 553 16.44 -43.85 21.85
CA VAL B 553 17.73 -43.34 21.38
C VAL B 553 17.93 -41.82 21.35
N GLY B 554 19.17 -41.32 21.60
CA GLY B 554 19.37 -39.87 21.91
C GLY B 554 18.81 -38.92 20.88
N TRP B 555 19.00 -39.22 19.57
CA TRP B 555 18.86 -38.24 18.58
C TRP B 555 17.46 -37.58 18.47
N ASP B 556 16.44 -38.44 18.54
CA ASP B 556 15.02 -38.11 18.39
C ASP B 556 14.56 -37.18 19.49
N VAL B 557 15.12 -37.46 20.74
CA VAL B 557 14.85 -36.82 22.04
C VAL B 557 15.36 -35.42 22.00
N PHE B 558 16.40 -35.12 21.11
CA PHE B 558 17.21 -33.93 21.23
C PHE B 558 16.52 -32.65 20.86
N THR B 559 16.77 -31.53 21.62
CA THR B 559 16.20 -30.25 21.30
C THR B 559 17.23 -29.19 21.81
N LEU B 560 16.99 -27.90 21.39
CA LEU B 560 17.81 -26.78 21.80
C LEU B 560 16.72 -25.89 22.38
N ASP B 561 17.06 -25.23 23.54
CA ASP B 561 16.31 -24.24 24.19
C ASP B 561 17.25 -23.06 24.21
N TYR B 562 16.73 -21.94 23.67
CA TYR B 562 17.57 -20.78 23.64
C TYR B 562 17.55 -20.09 25.00
N ILE B 563 16.59 -20.30 26.01
CA ILE B 563 16.45 -19.61 27.27
C ILE B 563 16.05 -18.18 27.05
N LEU B 564 14.88 -17.89 27.60
CA LEU B 564 14.30 -16.62 27.54
C LEU B 564 14.93 -15.56 28.33
N TYR B 565 14.86 -14.31 27.81
CA TYR B 565 15.46 -13.09 28.36
C TYR B 565 14.48 -12.12 27.97
N PRO B 566 14.39 -10.93 28.58
CA PRO B 566 13.52 -9.84 28.11
C PRO B 566 13.88 -9.43 26.71
N PRO B 567 13.01 -8.84 25.90
CA PRO B 567 11.72 -8.19 26.27
C PRO B 567 10.57 -9.09 26.54
N LEU B 568 10.56 -10.34 25.98
CA LEU B 568 9.34 -11.23 25.95
C LEU B 568 8.92 -11.66 27.36
N SER B 569 9.87 -11.67 28.25
CA SER B 569 9.67 -12.12 29.63
C SER B 569 8.60 -11.35 30.38
N LEU B 570 8.26 -10.09 29.96
CA LEU B 570 7.27 -9.24 30.67
C LEU B 570 5.88 -9.75 30.70
N VAL B 571 5.45 -10.26 29.59
CA VAL B 571 4.19 -10.94 29.35
C VAL B 571 4.22 -12.34 29.77
N LEU B 572 5.20 -13.09 29.31
CA LEU B 572 5.23 -14.53 29.45
C LEU B 572 5.87 -14.96 30.70
N ASN B 573 5.17 -15.33 31.81
CA ASN B 573 5.72 -15.57 33.20
C ASN B 573 6.82 -16.66 33.14
N VAL B 574 7.71 -16.66 34.14
CA VAL B 574 8.87 -17.51 34.26
C VAL B 574 8.45 -18.95 34.45
N ASN B 575 7.24 -19.20 35.06
CA ASN B 575 6.50 -20.48 35.24
C ASN B 575 5.98 -21.08 33.94
N ARG B 576 6.82 -21.91 33.27
CA ARG B 576 6.59 -22.52 31.94
C ARG B 576 6.12 -21.53 30.94
N PRO B 577 6.94 -20.63 30.44
CA PRO B 577 6.53 -19.58 29.49
C PRO B 577 5.98 -20.26 28.25
N PHE B 578 4.80 -19.74 27.66
CA PHE B 578 4.13 -20.25 26.55
C PHE B 578 4.88 -20.12 25.32
N GLY B 579 5.48 -18.95 24.99
CA GLY B 579 6.14 -18.73 23.74
C GLY B 579 7.35 -19.58 23.61
N ARG B 580 8.22 -19.81 24.62
CA ARG B 580 9.35 -20.67 24.58
C ARG B 580 9.02 -22.14 24.41
N LYS B 581 7.90 -22.53 25.07
CA LYS B 581 7.35 -23.88 24.90
C LYS B 581 6.90 -24.16 23.46
N GLU B 582 6.33 -23.12 22.75
CA GLU B 582 5.90 -23.17 21.39
C GLU B 582 7.10 -23.44 20.52
N TYR B 583 8.16 -22.65 20.75
CA TYR B 583 9.39 -22.78 19.97
C TYR B 583 10.04 -24.15 20.07
N LEU B 584 10.10 -24.79 21.29
CA LEU B 584 10.71 -26.09 21.57
C LEU B 584 9.94 -27.25 20.80
N ARG B 585 8.59 -27.10 20.68
CA ARG B 585 7.83 -28.03 19.89
C ARG B 585 8.09 -28.02 18.46
N ILE B 586 8.18 -26.77 17.88
CA ILE B 586 8.51 -26.66 16.46
C ILE B 586 9.96 -27.11 16.19
N PHE B 587 10.94 -26.79 17.07
CA PHE B 587 12.36 -27.07 16.93
C PHE B 587 12.54 -28.54 16.72
N ASN B 588 11.84 -29.43 17.46
CA ASN B 588 11.96 -30.83 17.49
C ASN B 588 11.56 -31.37 16.11
N PHE B 589 10.49 -30.90 15.51
CA PHE B 589 10.07 -31.41 14.20
C PHE B 589 11.07 -31.11 13.09
N LEU B 590 11.54 -29.78 13.10
CA LEU B 590 12.34 -29.18 12.12
C LEU B 590 13.66 -29.89 12.11
N TRP B 591 14.20 -30.13 13.35
CA TRP B 591 15.43 -30.84 13.57
C TRP B 591 15.20 -32.25 13.07
N ARG B 592 14.01 -32.93 13.26
CA ARG B 592 13.88 -34.31 12.86
C ARG B 592 14.08 -34.59 11.31
N PHE B 593 13.46 -33.77 10.45
CA PHE B 593 13.80 -33.95 9.08
C PHE B 593 15.28 -33.66 8.82
N LYS B 594 15.82 -32.52 9.36
CA LYS B 594 17.12 -32.10 9.03
C LYS B 594 18.24 -33.05 9.42
N LYS B 595 18.13 -33.66 10.61
CA LYS B 595 19.18 -34.60 11.03
C LYS B 595 19.22 -35.79 10.15
N ASN B 596 18.05 -36.40 9.84
CA ASN B 596 17.91 -37.59 9.10
C ASN B 596 18.38 -37.41 7.66
N ASN B 597 18.14 -36.23 7.01
CA ASN B 597 18.66 -35.93 5.67
C ASN B 597 20.15 -35.86 5.70
N TYR B 598 20.75 -35.32 6.77
CA TYR B 598 22.24 -35.17 6.88
C TYR B 598 22.83 -36.51 6.95
N PHE B 599 22.13 -37.41 7.72
CA PHE B 599 22.56 -38.75 7.89
C PHE B 599 22.56 -39.51 6.70
N TYR B 600 21.56 -39.38 5.79
CA TYR B 600 21.47 -40.02 4.45
C TYR B 600 22.62 -39.56 3.63
N GLN B 601 22.80 -38.24 3.66
CA GLN B 601 23.89 -37.67 2.87
C GLN B 601 25.34 -38.06 3.25
N LYS B 602 25.68 -38.11 4.55
CA LYS B 602 27.02 -38.45 4.96
C LYS B 602 27.44 -39.93 4.64
N GLU B 603 26.46 -40.85 4.86
CA GLU B 603 26.68 -42.28 4.65
C GLU B 603 27.04 -42.49 3.23
N MET B 604 26.21 -41.78 2.38
CA MET B 604 26.33 -41.92 0.95
C MET B 604 27.63 -41.33 0.48
N LEU B 605 28.09 -40.18 0.97
CA LEU B 605 29.21 -39.45 0.56
C LEU B 605 30.47 -40.29 0.75
N LYS B 606 30.57 -40.98 1.92
CA LYS B 606 31.78 -41.73 2.22
C LYS B 606 32.01 -42.79 1.15
N SER B 607 30.93 -43.49 0.65
CA SER B 607 30.95 -44.48 -0.35
C SER B 607 31.30 -44.14 -1.78
N ASN B 608 30.90 -42.86 -2.18
CA ASN B 608 31.22 -42.26 -3.43
C ASN B 608 32.65 -41.82 -3.69
N ASP B 609 33.33 -41.45 -2.58
CA ASP B 609 34.58 -40.68 -2.54
C ASP B 609 35.70 -41.34 -3.37
N ILE B 610 35.98 -42.61 -3.10
CA ILE B 610 36.90 -43.43 -3.81
C ILE B 610 36.57 -44.78 -3.58
N ILE B 611 35.80 -44.97 -2.51
CA ILE B 611 35.35 -46.23 -2.02
C ILE B 611 35.21 -45.81 -0.57
N ARG B 612 34.30 -46.41 0.24
CA ARG B 612 34.29 -46.13 1.63
C ARG B 612 35.41 -46.93 2.33
N ILE B 628 30.91 -48.01 -13.18
CA ILE B 628 31.51 -49.35 -13.08
C ILE B 628 30.45 -50.32 -12.67
N ASN B 629 30.52 -50.86 -11.46
CA ASN B 629 29.58 -51.96 -11.08
C ASN B 629 29.46 -51.98 -9.61
N LYS B 630 30.44 -51.24 -8.91
CA LYS B 630 30.64 -51.07 -7.45
C LYS B 630 30.25 -49.63 -7.19
N LEU B 631 30.93 -48.65 -7.75
CA LEU B 631 30.67 -47.27 -7.94
C LEU B 631 29.66 -46.98 -9.00
N SER B 632 29.05 -45.78 -9.01
CA SER B 632 28.16 -45.30 -10.04
C SER B 632 26.74 -45.76 -9.86
N ARG B 633 26.44 -47.05 -9.51
CA ARG B 633 25.05 -47.56 -9.37
C ARG B 633 24.52 -46.94 -8.12
N ILE B 634 25.31 -46.99 -7.00
CA ILE B 634 25.08 -46.48 -5.75
C ILE B 634 25.02 -44.97 -5.88
N SER B 635 25.97 -44.38 -6.70
CA SER B 635 26.12 -42.95 -6.83
C SER B 635 24.82 -42.34 -7.44
N ILE B 636 24.14 -42.89 -8.51
CA ILE B 636 22.91 -42.40 -9.10
C ILE B 636 21.70 -42.44 -8.21
N LEU B 637 21.49 -43.61 -7.49
CA LEU B 637 20.38 -43.88 -6.55
C LEU B 637 20.44 -42.89 -5.42
N ARG B 638 21.64 -42.59 -4.88
CA ARG B 638 21.76 -41.59 -3.83
C ARG B 638 21.38 -40.19 -4.21
N THR B 639 21.84 -39.73 -5.37
CA THR B 639 21.67 -38.45 -5.94
C THR B 639 20.23 -38.11 -6.28
N GLN B 640 19.41 -39.09 -6.84
CA GLN B 640 18.04 -38.90 -7.17
C GLN B 640 17.30 -38.62 -5.93
N PHE B 641 17.57 -39.42 -4.83
CA PHE B 641 16.87 -39.19 -3.56
C PHE B 641 17.20 -37.87 -2.94
N GLN B 642 18.48 -37.45 -3.06
CA GLN B 642 19.04 -36.21 -2.60
C GLN B 642 18.38 -35.07 -3.24
N GLN B 643 18.10 -35.22 -4.58
CA GLN B 643 17.49 -34.26 -5.46
C GLN B 643 16.03 -34.05 -5.02
N PHE B 644 15.25 -35.10 -4.70
CA PHE B 644 13.95 -34.94 -4.21
C PHE B 644 13.90 -34.21 -2.87
N ASN B 645 14.77 -34.67 -1.90
CA ASN B 645 14.80 -34.20 -0.54
C ASN B 645 15.09 -32.75 -0.48
N SER B 646 16.07 -32.32 -1.35
CA SER B 646 16.55 -30.94 -1.40
C SER B 646 15.38 -30.04 -1.83
N LYS B 647 14.52 -30.41 -2.74
CA LYS B 647 13.43 -29.55 -3.21
C LYS B 647 12.47 -29.35 -2.16
N MET B 648 12.12 -30.35 -1.37
CA MET B 648 11.17 -30.18 -0.28
C MET B 648 11.64 -29.21 0.73
N GLU B 649 12.95 -29.35 1.18
CA GLU B 649 13.57 -28.45 2.15
C GLU B 649 13.71 -27.00 1.63
N SER B 650 14.08 -26.84 0.32
CA SER B 650 14.26 -25.51 -0.30
C SER B 650 13.03 -24.65 -0.26
N TYR B 651 11.87 -25.24 -0.70
CA TYR B 651 10.60 -24.64 -0.84
C TYR B 651 10.04 -24.28 0.56
N TYR B 652 10.15 -25.15 1.58
CA TYR B 652 9.68 -25.08 2.90
C TYR B 652 10.30 -23.89 3.56
N LEU B 653 11.60 -23.73 3.35
CA LEU B 653 12.41 -22.59 3.90
C LEU B 653 11.98 -21.21 3.18
N ASN B 654 11.81 -21.19 1.76
CA ASN B 654 11.60 -19.99 1.00
C ASN B 654 10.27 -19.43 1.22
N CYS B 655 9.20 -20.25 0.93
CA CYS B 655 7.84 -19.80 0.97
C CYS B 655 7.32 -19.55 2.38
N ILE B 656 7.70 -20.39 3.35
CA ILE B 656 7.32 -20.25 4.72
C ILE B 656 8.23 -19.34 5.53
N ILE B 657 9.53 -19.70 5.83
CA ILE B 657 10.33 -19.00 6.82
C ILE B 657 10.81 -17.68 6.41
N GLU B 658 11.41 -17.50 5.23
CA GLU B 658 11.99 -16.29 4.75
C GLU B 658 10.94 -15.17 4.55
N GLU B 659 9.76 -15.51 3.98
CA GLU B 659 8.64 -14.57 3.79
C GLU B 659 8.09 -14.15 5.13
N ASN B 660 7.86 -15.09 6.08
CA ASN B 660 7.29 -14.68 7.38
C ASN B 660 8.21 -13.78 8.17
N PHE B 661 9.54 -14.09 8.14
CA PHE B 661 10.62 -13.43 8.86
C PHE B 661 10.75 -12.04 8.35
N LYS B 662 10.66 -11.77 7.03
CA LYS B 662 10.85 -10.53 6.39
C LYS B 662 9.80 -9.53 6.89
N GLU B 663 8.55 -10.14 6.97
CA GLU B 663 7.50 -9.39 7.57
C GLU B 663 7.72 -8.97 9.00
N MET B 664 8.24 -9.92 9.83
CA MET B 664 8.56 -9.67 11.26
C MET B 664 9.55 -8.59 11.43
N THR B 665 10.66 -8.50 10.65
CA THR B 665 11.64 -7.48 10.85
C THR B 665 11.10 -6.16 10.57
N ARG B 666 10.25 -6.02 9.47
CA ARG B 666 9.75 -4.70 9.03
C ARG B 666 8.86 -4.07 10.08
N LYS B 667 7.95 -4.86 10.71
CA LYS B 667 7.14 -4.41 11.76
C LYS B 667 7.91 -4.03 12.98
N LEU B 668 8.95 -4.82 13.39
CA LEU B 668 9.76 -4.47 14.59
C LEU B 668 10.53 -3.22 14.48
N GLN B 669 11.22 -2.93 13.36
CA GLN B 669 12.06 -1.78 13.17
C GLN B 669 11.33 -0.50 13.04
N ARG B 670 10.21 -0.47 12.31
CA ARG B 670 9.52 0.75 11.99
C ARG B 670 9.03 1.66 13.15
N THR B 671 8.33 1.05 14.22
CA THR B 671 7.99 1.88 15.36
C THR B 671 9.15 2.09 16.38
N LEU B 719 8.98 1.10 20.00
CA LEU B 719 9.05 -0.43 20.26
C LEU B 719 8.12 -0.66 21.36
N ASN B 720 7.29 -1.79 21.28
CA ASN B 720 6.30 -2.11 22.26
C ASN B 720 6.26 -3.57 22.33
N ILE B 721 6.04 -4.10 23.55
CA ILE B 721 6.08 -5.47 23.86
C ILE B 721 4.98 -6.21 23.21
N ASP B 722 3.74 -5.65 23.09
CA ASP B 722 2.60 -6.28 22.43
C ASP B 722 2.78 -6.63 20.98
N GLU B 723 3.53 -5.76 20.25
CA GLU B 723 3.94 -6.01 18.88
C GLU B 723 4.84 -7.18 18.73
N LEU B 724 5.73 -7.35 19.78
CA LEU B 724 6.73 -8.41 19.74
C LEU B 724 6.13 -9.76 19.80
N GLU B 725 5.16 -9.89 20.76
CA GLU B 725 4.40 -11.11 21.08
C GLU B 725 3.55 -11.47 19.89
N SER B 726 3.00 -10.45 19.27
CA SER B 726 2.16 -10.61 18.03
C SER B 726 2.93 -11.15 16.89
N VAL B 727 4.14 -10.61 16.59
CA VAL B 727 4.90 -11.16 15.51
C VAL B 727 5.36 -12.53 15.66
N HIS B 728 5.89 -12.92 16.88
CA HIS B 728 6.31 -14.32 17.04
C HIS B 728 5.22 -15.32 16.95
N ASN B 729 4.03 -15.04 17.56
CA ASN B 729 2.89 -15.85 17.52
C ASN B 729 2.35 -16.12 16.12
N THR B 730 2.23 -15.14 15.18
CA THR B 730 1.75 -15.32 13.82
C THR B 730 2.69 -16.26 13.05
N PHE B 731 4.06 -16.08 13.20
CA PHE B 731 5.06 -16.93 12.57
C PHE B 731 4.86 -18.41 13.08
N LEU B 732 4.74 -18.65 14.42
CA LEU B 732 4.67 -19.94 15.03
C LEU B 732 3.39 -20.66 14.58
N THR B 733 2.17 -19.99 14.46
CA THR B 733 0.95 -20.65 14.02
C THR B 733 1.06 -21.12 12.60
N ASN B 734 1.63 -20.27 11.65
CA ASN B 734 1.82 -20.77 10.25
C ASN B 734 2.71 -21.90 10.07
N ILE B 735 3.88 -21.99 10.74
CA ILE B 735 4.87 -23.09 10.68
C ILE B 735 4.17 -24.39 11.19
N LEU B 736 3.29 -24.27 12.22
CA LEU B 736 2.49 -25.34 12.74
C LEU B 736 1.43 -25.84 11.73
N SER B 737 0.76 -25.00 10.96
CA SER B 737 -0.20 -25.53 9.98
C SER B 737 0.43 -26.40 8.93
N HIS B 738 1.59 -25.88 8.47
CA HIS B 738 2.48 -26.48 7.47
C HIS B 738 3.10 -27.78 7.95
N LYS B 739 3.45 -27.80 9.28
CA LYS B 739 4.01 -28.92 10.04
C LYS B 739 2.99 -30.01 10.06
N LEU B 740 1.69 -29.71 10.41
CA LEU B 740 0.63 -30.72 10.59
C LEU B 740 0.27 -31.43 9.36
N PHE B 741 0.05 -30.75 8.22
CA PHE B 741 -0.22 -31.60 7.00
C PHE B 741 1.03 -32.40 6.40
N ALA B 742 2.08 -31.67 5.95
CA ALA B 742 3.27 -32.17 5.25
C ALA B 742 4.35 -32.75 6.03
N THR B 743 4.93 -31.90 6.91
CA THR B 743 6.20 -32.26 7.59
C THR B 743 5.98 -32.29 9.14
N GLN B 756 1.88 -37.71 9.09
CA GLN B 756 2.97 -36.74 8.84
C GLN B 756 3.89 -37.48 7.82
N PRO B 757 3.64 -37.35 6.51
CA PRO B 757 4.17 -38.19 5.48
C PRO B 757 5.68 -38.00 5.31
N TYR B 758 6.24 -36.76 5.41
CA TYR B 758 7.65 -36.52 5.12
C TYR B 758 8.53 -37.21 6.20
N PRO B 759 8.41 -37.16 7.53
CA PRO B 759 9.24 -37.88 8.46
C PRO B 759 9.19 -39.47 8.34
N THR B 760 8.05 -40.08 7.83
CA THR B 760 7.89 -41.56 7.61
C THR B 760 8.71 -41.95 6.50
N SER B 761 8.72 -41.12 5.43
CA SER B 761 9.54 -41.39 4.30
C SER B 761 10.99 -41.33 4.59
N LEU B 762 11.39 -40.29 5.30
CA LEU B 762 12.75 -40.15 5.72
C LEU B 762 13.31 -41.28 6.71
N VAL B 763 12.55 -41.74 7.73
CA VAL B 763 13.10 -42.80 8.55
C VAL B 763 13.32 -44.11 7.77
N LEU B 764 12.37 -44.45 6.81
CA LEU B 764 12.43 -45.59 5.94
C LEU B 764 13.64 -45.50 5.01
N LEU B 765 13.92 -44.27 4.53
CA LEU B 765 15.12 -44.08 3.61
C LEU B 765 16.33 -44.39 4.31
N LEU B 766 16.39 -43.97 5.60
CA LEU B 766 17.52 -44.14 6.46
C LEU B 766 17.89 -45.56 6.66
N ASN B 767 16.78 -46.42 6.81
CA ASN B 767 16.88 -47.81 7.10
C ASN B 767 17.58 -48.56 5.94
N SER B 768 17.18 -48.15 4.69
CA SER B 768 17.74 -48.62 3.42
C SER B 768 19.16 -48.34 3.28
N VAL B 769 19.64 -47.09 3.74
CA VAL B 769 21.00 -46.72 3.65
C VAL B 769 21.88 -47.64 4.35
N TYR B 770 21.48 -48.09 5.60
CA TYR B 770 22.26 -48.91 6.48
C TYR B 770 22.50 -50.22 5.82
N GLU B 771 21.42 -50.71 5.16
CA GLU B 771 21.52 -51.96 4.40
C GLU B 771 22.47 -51.97 3.23
N PHE B 772 22.48 -50.90 2.43
CA PHE B 772 23.46 -50.69 1.38
C PHE B 772 24.92 -50.61 1.94
N VAL B 773 25.23 -49.82 3.03
CA VAL B 773 26.57 -49.65 3.61
C VAL B 773 27.09 -51.02 4.04
N LYS B 774 26.26 -51.87 4.64
CA LYS B 774 26.70 -53.15 5.21
C LYS B 774 27.29 -54.06 4.09
N VAL B 775 26.53 -54.21 3.00
CA VAL B 775 27.01 -55.01 1.83
C VAL B 775 28.20 -54.44 1.10
N TYR B 776 28.29 -53.13 0.85
CA TYR B 776 29.18 -52.45 -0.11
C TYR B 776 30.56 -52.69 0.29
N CYS B 777 30.79 -52.65 1.61
CA CYS B 777 32.03 -52.84 2.34
C CYS B 777 32.57 -54.23 2.16
N ASN B 778 31.70 -55.26 2.00
CA ASN B 778 32.08 -56.64 1.85
C ASN B 778 32.97 -56.81 0.64
N LEU B 779 32.65 -56.07 -0.45
CA LEU B 779 33.22 -56.18 -1.83
C LEU B 779 34.72 -56.05 -1.77
N ASN B 780 35.36 -56.73 -2.70
CA ASN B 780 36.77 -56.66 -2.91
C ASN B 780 37.02 -55.90 -4.25
N SER B 798 34.91 -65.01 -3.38
CA SER B 798 34.54 -64.18 -4.54
C SER B 798 33.06 -64.31 -4.72
N ASN B 799 32.44 -65.56 -4.85
CA ASN B 799 31.07 -65.71 -5.20
C ASN B 799 30.15 -65.18 -4.19
N GLY B 800 30.46 -65.42 -2.89
CA GLY B 800 29.57 -65.07 -1.78
C GLY B 800 29.33 -63.56 -1.60
N LEU B 801 30.36 -62.76 -1.77
CA LEU B 801 30.24 -61.34 -1.62
C LEU B 801 29.31 -60.69 -2.64
N LEU B 802 29.52 -61.23 -3.87
CA LEU B 802 28.73 -60.76 -5.05
C LEU B 802 27.34 -61.07 -4.82
N GLY B 803 27.08 -62.34 -4.34
CA GLY B 803 25.78 -62.94 -4.30
C GLY B 803 25.01 -62.09 -3.34
N LYS B 804 25.55 -61.61 -2.17
CA LYS B 804 24.90 -60.78 -1.21
C LYS B 804 24.59 -59.43 -1.73
N PHE B 805 25.50 -58.80 -2.48
CA PHE B 805 25.39 -57.45 -2.98
C PHE B 805 24.29 -57.26 -3.99
N ASN B 806 24.13 -58.27 -4.89
CA ASN B 806 23.09 -58.41 -5.93
C ASN B 806 21.63 -58.56 -5.34
N THR B 807 21.52 -59.38 -4.27
CA THR B 807 20.27 -59.53 -3.57
C THR B 807 19.89 -58.14 -2.90
N ASN B 808 20.84 -57.48 -2.26
CA ASN B 808 20.59 -56.24 -1.51
C ASN B 808 20.13 -55.13 -2.37
N LEU B 809 20.74 -55.05 -3.53
CA LEU B 809 20.49 -54.08 -4.63
C LEU B 809 19.11 -54.20 -5.15
N LYS B 810 18.57 -55.45 -5.35
CA LYS B 810 17.25 -55.77 -5.82
C LYS B 810 16.22 -55.29 -4.72
N GLU B 811 16.49 -55.55 -3.44
CA GLU B 811 15.56 -55.12 -2.38
C GLU B 811 15.32 -53.56 -2.19
N ILE B 812 16.49 -52.86 -2.32
CA ILE B 812 16.59 -51.47 -2.21
C ILE B 812 15.80 -50.83 -3.38
N VAL B 813 15.85 -51.42 -4.62
CA VAL B 813 15.19 -50.81 -5.81
C VAL B 813 13.70 -50.80 -5.58
N SER B 814 13.08 -51.82 -4.98
CA SER B 814 11.67 -51.91 -4.67
C SER B 814 11.06 -50.99 -3.62
N GLN B 815 11.88 -50.84 -2.50
CA GLN B 815 11.53 -49.92 -1.46
C GLN B 815 11.59 -48.43 -1.97
N TYR B 816 12.59 -48.12 -2.78
CA TYR B 816 12.89 -46.83 -3.36
C TYR B 816 11.73 -46.36 -4.25
N LYS B 817 11.20 -47.32 -5.04
CA LYS B 817 10.00 -47.12 -5.98
C LYS B 817 8.75 -46.80 -5.25
N ASN B 818 8.55 -47.52 -4.09
CA ASN B 818 7.44 -47.20 -3.23
C ASN B 818 7.63 -45.75 -2.71
N PHE B 819 8.92 -45.37 -2.29
CA PHE B 819 9.20 -44.02 -1.65
C PHE B 819 8.87 -42.98 -2.68
N LYS B 820 9.24 -43.22 -3.97
CA LYS B 820 9.09 -42.25 -5.13
C LYS B 820 7.66 -41.87 -5.40
N ASP B 821 6.79 -42.86 -5.29
CA ASP B 821 5.35 -42.63 -5.53
C ASP B 821 4.92 -41.68 -4.44
N ARG B 822 5.42 -41.91 -3.18
CA ARG B 822 5.01 -40.89 -2.16
C ARG B 822 5.50 -39.44 -2.42
N LEU B 823 6.78 -39.34 -2.83
CA LEU B 823 7.53 -38.12 -3.08
C LEU B 823 6.91 -37.31 -4.16
N TYR B 824 6.37 -37.94 -5.24
CA TYR B 824 5.68 -37.27 -6.29
C TYR B 824 4.40 -36.57 -5.80
N ILE B 825 3.68 -37.25 -4.85
CA ILE B 825 2.55 -36.64 -4.17
C ILE B 825 2.90 -35.49 -3.31
N PHE B 826 4.01 -35.52 -2.55
CA PHE B 826 4.42 -34.45 -1.68
C PHE B 826 4.76 -33.15 -2.29
N ARG B 827 5.45 -33.26 -3.51
CA ARG B 827 5.80 -32.23 -4.45
C ARG B 827 4.63 -31.47 -5.10
N ALA B 828 3.56 -32.26 -5.41
CA ALA B 828 2.33 -31.77 -5.91
C ALA B 828 1.69 -30.91 -4.89
N ASP B 829 1.72 -31.34 -3.62
CA ASP B 829 1.12 -30.60 -2.53
C ASP B 829 1.77 -29.17 -2.38
N LEU B 830 3.15 -29.00 -2.47
CA LEU B 830 3.76 -27.73 -2.46
C LEU B 830 3.40 -26.87 -3.62
N LYS B 831 3.26 -27.45 -4.83
CA LYS B 831 2.99 -26.69 -6.02
C LYS B 831 1.69 -25.94 -5.91
N ASN B 832 0.66 -26.71 -5.45
CA ASN B 832 -0.76 -26.34 -5.35
C ASN B 832 -1.03 -25.61 -4.11
N ASP B 833 -0.11 -25.76 -3.03
CA ASP B 833 -0.25 -25.28 -1.65
C ASP B 833 -1.56 -25.81 -1.10
N GLY B 834 -1.73 -27.14 -1.25
CA GLY B 834 -2.92 -27.88 -0.82
C GLY B 834 -3.33 -28.82 -1.86
N ASP B 835 -3.35 -30.11 -1.59
CA ASP B 835 -3.80 -31.19 -2.48
C ASP B 835 -4.43 -32.33 -1.70
N GLU B 836 -5.48 -32.88 -2.41
CA GLU B 836 -6.37 -33.69 -1.69
C GLU B 836 -5.76 -35.03 -1.20
N GLU B 837 -4.94 -35.67 -2.11
CA GLU B 837 -4.20 -36.92 -1.89
C GLU B 837 -3.25 -36.83 -0.79
N LEU B 838 -2.50 -35.66 -0.56
CA LEU B 838 -1.65 -35.61 0.69
C LEU B 838 -2.51 -35.62 1.95
N PHE B 839 -3.63 -34.84 1.92
CA PHE B 839 -4.47 -34.76 3.09
C PHE B 839 -5.02 -36.09 3.45
N LEU B 840 -5.54 -36.87 2.48
CA LEU B 840 -6.11 -38.25 2.73
C LEU B 840 -5.11 -39.21 3.31
N LEU B 841 -3.87 -39.18 2.79
CA LEU B 841 -2.66 -39.96 3.12
C LEU B 841 -2.31 -39.70 4.61
N SER B 842 -2.30 -38.44 5.00
CA SER B 842 -1.96 -37.99 6.35
C SER B 842 -2.90 -38.61 7.37
N LYS B 843 -4.26 -38.68 7.15
CA LYS B 843 -5.23 -39.36 8.04
C LYS B 843 -5.00 -40.87 8.17
N SER B 844 -4.72 -41.57 7.07
CA SER B 844 -4.44 -42.96 7.09
C SER B 844 -3.28 -43.28 7.93
N LEU B 845 -2.16 -42.51 7.92
CA LEU B 845 -0.95 -42.74 8.65
C LEU B 845 -1.26 -42.80 10.06
N ARG B 846 -1.93 -41.71 10.52
CA ARG B 846 -2.09 -41.56 11.93
C ARG B 846 -3.19 -42.43 12.47
N MET C 1 4.89 8.64 -20.10
CA MET C 1 4.15 7.95 -21.18
C MET C 1 5.27 7.12 -21.84
N GLY C 2 4.92 5.93 -22.42
CA GLY C 2 5.70 5.05 -23.23
C GLY C 2 5.75 5.47 -24.62
N GLY C 3 6.29 4.67 -25.52
CA GLY C 3 6.21 4.84 -26.93
C GLY C 3 7.34 5.73 -27.38
N GLU C 4 8.58 5.50 -26.83
CA GLU C 4 9.68 6.39 -26.92
C GLU C 4 10.22 6.26 -28.37
N ILE C 5 10.83 7.36 -28.91
CA ILE C 5 11.27 7.55 -30.28
C ILE C 5 12.70 7.95 -30.16
N ILE C 6 13.61 7.37 -30.92
CA ILE C 6 15.08 7.61 -30.81
C ILE C 6 15.40 8.28 -32.10
N THR C 7 16.18 9.39 -32.02
CA THR C 7 16.37 10.34 -33.08
C THR C 7 17.72 10.27 -33.71
N LEU C 8 17.71 10.21 -35.04
CA LEU C 8 18.81 10.13 -35.84
C LEU C 8 18.85 11.41 -36.58
N GLN C 9 20.03 12.08 -36.49
CA GLN C 9 20.22 13.33 -37.22
C GLN C 9 21.26 13.03 -38.20
N ALA C 10 20.94 13.31 -39.53
CA ALA C 10 21.89 13.03 -40.65
C ALA C 10 21.93 14.23 -41.55
N GLY C 11 23.17 14.48 -41.97
CA GLY C 11 23.45 15.56 -42.89
C GLY C 11 23.29 16.95 -42.28
N GLN C 12 23.52 18.01 -43.11
CA GLN C 12 23.59 19.43 -42.69
C GLN C 12 22.32 19.89 -42.13
N CYS C 13 21.22 19.58 -42.87
CA CYS C 13 19.85 19.90 -42.54
C CYS C 13 19.44 19.22 -41.27
N GLY C 14 19.76 17.92 -41.14
CA GLY C 14 19.30 17.13 -39.95
C GLY C 14 19.76 17.59 -38.63
N ASN C 15 21.08 17.94 -38.64
CA ASN C 15 21.73 18.28 -37.34
C ASN C 15 21.23 19.59 -37.00
N HIS C 16 20.87 20.47 -38.06
CA HIS C 16 20.25 21.73 -37.89
C HIS C 16 18.82 21.66 -37.32
N VAL C 17 17.92 20.76 -37.89
CA VAL C 17 16.58 20.67 -37.42
C VAL C 17 16.59 20.13 -35.96
N GLY C 18 17.52 19.13 -35.71
CA GLY C 18 17.56 18.46 -34.38
C GLY C 18 17.92 19.36 -33.27
N LYS C 19 18.94 20.22 -33.46
CA LYS C 19 19.31 21.23 -32.47
C LYS C 19 18.24 22.30 -32.19
N PHE C 20 17.58 22.81 -33.29
CA PHE C 20 16.41 23.71 -33.11
C PHE C 20 15.25 23.05 -32.48
N LEU C 21 14.97 21.77 -32.78
CA LEU C 21 13.80 21.07 -32.31
C LEU C 21 13.86 21.00 -30.83
N TRP C 22 15.04 20.67 -30.35
CA TRP C 22 15.29 20.46 -28.91
C TRP C 22 15.12 21.77 -28.18
N SER C 23 15.60 22.91 -28.77
CA SER C 23 15.37 24.26 -28.17
C SER C 23 13.86 24.56 -28.11
N GLN C 24 13.03 24.22 -29.16
CA GLN C 24 11.61 24.52 -29.21
C GLN C 24 10.85 23.78 -28.10
N LEU C 25 11.21 22.49 -27.89
CA LEU C 25 10.70 21.59 -26.89
C LEU C 25 10.99 22.06 -25.45
N ALA C 26 12.24 22.59 -25.16
CA ALA C 26 12.58 23.22 -23.84
C ALA C 26 11.81 24.42 -23.47
N LYS C 27 11.64 25.26 -24.53
CA LYS C 27 10.92 26.56 -24.42
C LYS C 27 9.49 26.35 -24.05
N GLU C 28 8.78 25.36 -24.75
CA GLU C 28 7.39 25.01 -24.54
C GLU C 28 7.13 24.44 -23.17
N HIS C 29 8.13 23.64 -22.71
CA HIS C 29 8.09 22.92 -21.43
C HIS C 29 8.84 23.54 -20.29
N ALA C 30 9.10 24.84 -20.37
CA ALA C 30 9.59 25.66 -19.24
C ALA C 30 10.89 25.19 -18.60
N ILE C 31 11.92 24.99 -19.42
CA ILE C 31 13.15 24.37 -18.81
C ILE C 31 14.34 24.93 -19.59
N GLY C 32 15.57 24.61 -19.05
CA GLY C 32 16.82 25.07 -19.45
C GLY C 32 17.28 24.51 -20.76
N THR C 33 18.45 25.13 -21.20
CA THR C 33 19.16 24.82 -22.42
C THR C 33 20.28 23.78 -22.16
N ASP C 34 20.55 23.51 -20.81
CA ASP C 34 21.36 22.43 -20.31
C ASP C 34 20.49 21.26 -19.91
N GLY C 35 19.15 21.42 -19.91
CA GLY C 35 18.19 20.43 -19.44
C GLY C 35 18.06 20.61 -17.97
N LEU C 36 16.77 20.61 -17.58
CA LEU C 36 16.37 20.83 -16.15
C LEU C 36 15.07 20.21 -15.99
N SER C 37 14.51 20.21 -14.74
CA SER C 37 13.16 19.59 -14.41
C SER C 37 12.46 20.59 -13.43
N GLN C 38 11.13 20.92 -13.58
CA GLN C 38 10.29 21.76 -12.81
C GLN C 38 9.44 20.76 -12.14
N LEU C 39 9.38 20.87 -10.82
CA LEU C 39 8.61 20.01 -9.99
C LEU C 39 7.19 19.78 -10.44
N PRO C 40 6.30 20.73 -10.74
CA PRO C 40 4.94 20.50 -11.06
C PRO C 40 4.81 20.01 -12.47
N ASP C 41 5.85 20.03 -13.33
CA ASP C 41 5.71 19.63 -14.69
C ASP C 41 6.31 18.24 -14.70
N SER C 42 6.29 17.58 -13.51
CA SER C 42 6.76 16.22 -13.35
C SER C 42 6.06 15.64 -12.22
N SER C 43 4.89 16.17 -11.78
CA SER C 43 4.11 15.64 -10.65
C SER C 43 2.64 15.95 -10.93
N THR C 44 2.44 16.63 -12.11
CA THR C 44 1.07 17.01 -12.64
C THR C 44 1.25 16.56 -14.14
N GLU C 45 0.33 15.73 -14.79
CA GLU C 45 0.49 15.33 -16.19
C GLU C 45 -0.38 16.25 -16.99
N ARG C 46 0.40 17.12 -17.70
CA ARG C 46 -0.13 17.97 -18.74
C ARG C 46 0.81 17.96 -19.94
N ASP C 47 1.96 17.42 -19.66
CA ASP C 47 2.88 17.07 -20.66
C ASP C 47 3.47 15.77 -20.14
N ASP C 48 3.98 14.95 -21.13
CA ASP C 48 4.71 13.76 -20.90
C ASP C 48 5.60 13.45 -22.08
N ASP C 49 6.07 14.52 -22.76
CA ASP C 49 6.94 14.63 -23.89
C ASP C 49 8.31 14.19 -23.46
N THR C 50 8.63 14.39 -22.17
CA THR C 50 9.90 14.18 -21.54
C THR C 50 10.45 12.76 -21.66
N LYS C 51 9.69 11.72 -21.18
CA LYS C 51 10.20 10.35 -21.17
C LYS C 51 10.35 9.87 -22.55
N PRO C 52 9.43 9.99 -23.55
CA PRO C 52 9.70 9.58 -24.94
C PRO C 52 10.87 10.30 -25.73
N PHE C 53 11.08 11.58 -25.72
CA PHE C 53 12.11 12.22 -26.48
C PHE C 53 13.43 12.22 -25.82
N PHE C 54 13.45 12.35 -24.47
CA PHE C 54 14.64 12.62 -23.63
C PHE C 54 14.86 11.54 -22.65
N ARG C 55 16.12 11.41 -22.15
CA ARG C 55 16.61 10.62 -21.05
C ARG C 55 17.31 11.59 -20.19
N GLU C 56 17.46 11.20 -18.89
CA GLU C 56 18.15 11.99 -17.92
C GLU C 56 19.45 11.31 -17.59
N ASN C 57 20.53 12.16 -17.56
CA ASN C 57 21.91 11.90 -17.05
C ASN C 57 21.89 12.43 -15.66
N SER C 58 21.60 11.59 -14.64
CA SER C 58 21.44 11.93 -13.26
C SER C 58 22.37 12.92 -12.70
N ARG C 59 21.88 14.20 -12.60
CA ARG C 59 22.53 15.30 -12.02
C ARG C 59 21.66 16.42 -12.52
N ASN C 60 20.48 16.06 -13.03
CA ASN C 60 19.43 16.85 -13.70
C ASN C 60 19.86 17.46 -14.98
N LYS C 61 20.59 16.62 -15.81
CA LYS C 61 21.07 16.96 -17.15
C LYS C 61 20.30 16.05 -18.03
N PHE C 62 19.22 16.55 -18.71
CA PHE C 62 18.48 15.83 -19.69
C PHE C 62 19.29 16.02 -20.95
N THR C 63 19.27 14.93 -21.73
CA THR C 63 19.81 14.72 -23.00
C THR C 63 18.77 14.09 -23.83
N PRO C 64 18.56 14.44 -25.14
CA PRO C 64 17.72 13.78 -26.06
C PRO C 64 18.40 12.53 -26.46
N ARG C 65 17.61 11.46 -26.61
CA ARG C 65 18.13 10.25 -27.14
C ARG C 65 18.40 10.48 -28.54
N ALA C 66 19.62 10.99 -28.92
CA ALA C 66 19.97 11.43 -30.29
C ALA C 66 21.42 11.04 -30.63
N ILE C 67 21.65 10.68 -31.88
CA ILE C 67 22.92 10.48 -32.60
C ILE C 67 22.87 11.44 -33.58
N MET C 68 24.01 12.14 -33.70
CA MET C 68 24.23 13.05 -34.76
C MET C 68 25.33 12.65 -35.67
N MET C 69 25.05 12.73 -37.01
CA MET C 69 25.95 12.27 -37.97
C MET C 69 26.02 13.35 -39.01
N ASP C 70 27.25 13.60 -39.52
CA ASP C 70 27.62 14.56 -40.53
C ASP C 70 29.10 14.43 -40.36
N SER C 71 29.80 15.48 -40.86
CA SER C 71 31.21 15.69 -40.63
C SER C 71 31.23 16.94 -39.83
N GLU C 72 32.31 17.76 -39.92
CA GLU C 72 32.53 18.97 -39.09
C GLU C 72 31.45 20.04 -39.39
N PRO C 73 31.06 20.47 -40.55
CA PRO C 73 30.37 21.79 -40.76
C PRO C 73 29.20 22.21 -39.85
N SER C 74 28.16 21.35 -39.84
CA SER C 74 26.97 21.55 -39.09
C SER C 74 27.23 21.46 -37.59
N VAL C 75 28.05 20.47 -37.18
CA VAL C 75 28.37 20.21 -35.76
C VAL C 75 29.09 21.37 -35.16
N ILE C 76 30.02 22.01 -35.90
CA ILE C 76 30.77 23.14 -35.49
C ILE C 76 29.90 24.36 -35.32
N ALA C 77 28.91 24.51 -36.23
CA ALA C 77 27.96 25.61 -36.24
C ALA C 77 27.10 25.70 -34.98
N ASP C 78 26.65 24.47 -34.57
CA ASP C 78 25.85 24.12 -33.49
C ASP C 78 26.61 24.50 -32.21
N VAL C 79 27.97 24.29 -32.15
CA VAL C 79 28.88 24.52 -31.04
C VAL C 79 28.99 26.00 -30.73
N GLU C 80 28.98 26.80 -31.81
CA GLU C 80 29.09 28.26 -31.63
C GLU C 80 27.93 28.88 -30.96
N ASN C 81 26.67 28.34 -31.24
CA ASN C 81 25.50 28.80 -30.57
C ASN C 81 25.42 28.03 -29.25
N THR C 82 24.46 28.38 -28.42
CA THR C 82 24.21 27.56 -27.20
C THR C 82 23.03 26.70 -27.46
N PHE C 83 23.37 25.42 -27.69
CA PHE C 83 22.35 24.39 -27.87
C PHE C 83 22.91 23.19 -27.23
N ARG C 84 24.21 23.21 -26.85
CA ARG C 84 24.96 22.15 -26.09
C ARG C 84 24.39 21.96 -24.77
N GLY C 85 24.57 20.74 -24.23
CA GLY C 85 23.84 20.18 -23.12
C GLY C 85 22.51 19.50 -23.56
N PHE C 86 22.33 19.33 -24.94
CA PHE C 86 21.46 18.33 -25.53
C PHE C 86 22.39 17.39 -26.20
N PHE C 87 23.65 17.62 -26.12
CA PHE C 87 24.70 17.02 -26.89
C PHE C 87 25.89 16.89 -25.97
N ASP C 88 26.42 15.64 -26.03
CA ASP C 88 27.60 15.15 -25.27
C ASP C 88 28.54 14.67 -26.38
N PRO C 89 29.85 14.49 -26.21
CA PRO C 89 30.78 14.11 -27.27
C PRO C 89 30.53 12.70 -27.87
N ARG C 90 29.89 11.85 -27.08
CA ARG C 90 29.39 10.57 -27.48
C ARG C 90 28.24 10.62 -28.48
N ASN C 91 27.35 11.66 -28.42
CA ASN C 91 26.30 11.80 -29.40
C ASN C 91 26.89 12.25 -30.78
N THR C 92 28.10 12.90 -30.80
CA THR C 92 28.75 13.51 -31.96
C THR C 92 29.67 12.54 -32.69
N TRP C 93 29.33 12.41 -34.02
CA TRP C 93 30.18 11.69 -34.94
C TRP C 93 30.40 12.60 -36.14
N VAL C 94 31.69 12.69 -36.53
CA VAL C 94 32.24 13.53 -37.56
C VAL C 94 33.03 12.68 -38.40
N ALA C 95 32.81 12.70 -39.79
CA ALA C 95 33.54 11.90 -40.76
C ALA C 95 34.85 12.41 -41.05
N SER C 96 35.77 11.55 -41.40
CA SER C 96 37.16 11.88 -41.69
C SER C 96 37.76 10.89 -42.62
N ASP C 97 36.90 10.07 -43.21
CA ASP C 97 37.34 8.99 -44.07
C ASP C 97 37.58 9.65 -45.38
N GLY C 98 36.53 10.39 -45.89
CA GLY C 98 36.64 11.25 -47.09
C GLY C 98 36.77 12.61 -46.46
N ALA C 99 36.14 13.61 -47.12
CA ALA C 99 36.23 14.94 -46.63
C ALA C 99 34.92 15.57 -46.89
N SER C 100 34.43 16.46 -45.95
CA SER C 100 33.15 17.12 -45.91
C SER C 100 32.00 16.17 -46.15
N ALA C 101 30.87 16.59 -46.72
CA ALA C 101 29.74 15.86 -47.19
C ALA C 101 29.95 15.50 -48.65
N GLY C 102 30.41 16.46 -49.46
CA GLY C 102 30.87 16.40 -50.91
C GLY C 102 29.68 16.38 -51.79
N ASN C 103 28.43 16.51 -51.28
CA ASN C 103 27.17 16.64 -51.90
C ASN C 103 26.97 15.56 -52.96
N SER C 104 27.21 14.28 -52.57
CA SER C 104 27.25 13.17 -53.44
C SER C 104 26.68 12.08 -52.53
N TRP C 105 25.73 11.25 -53.05
CA TRP C 105 25.05 10.13 -52.36
C TRP C 105 26.12 9.04 -52.06
N ALA C 106 26.96 8.82 -53.05
CA ALA C 106 28.00 7.79 -53.13
C ALA C 106 29.07 8.00 -51.98
N ASN C 107 29.56 9.24 -51.67
CA ASN C 107 30.43 9.49 -50.65
C ASN C 107 29.81 9.19 -49.32
N GLY C 108 28.49 9.58 -49.16
CA GLY C 108 27.74 9.38 -47.96
C GLY C 108 27.45 7.95 -47.64
N TYR C 109 27.10 7.11 -48.63
CA TYR C 109 26.84 5.65 -48.51
C TYR C 109 28.22 4.99 -48.16
N ASP C 110 29.32 5.38 -48.87
CA ASP C 110 30.59 4.75 -48.72
C ASP C 110 31.16 4.93 -47.33
N ILE C 111 31.07 6.14 -46.69
CA ILE C 111 31.59 6.31 -45.36
C ILE C 111 30.81 5.49 -44.36
N GLY C 112 29.43 5.36 -44.54
CA GLY C 112 28.65 4.55 -43.63
C GLY C 112 29.04 3.06 -43.56
N THR C 113 29.36 2.47 -44.71
CA THR C 113 29.72 1.09 -44.86
C THR C 113 30.95 0.73 -44.13
N ARG C 114 32.00 1.57 -44.17
CA ARG C 114 33.26 1.43 -43.40
C ARG C 114 33.03 1.52 -41.91
N ASN C 115 32.18 2.53 -41.54
CA ASN C 115 31.95 2.90 -40.16
C ASN C 115 30.63 2.35 -39.84
N GLN C 116 30.40 1.09 -40.29
CA GLN C 116 29.13 0.42 -40.02
C GLN C 116 29.07 0.19 -38.44
N ASP C 117 30.24 -0.25 -37.88
CA ASP C 117 30.48 -0.70 -36.54
C ASP C 117 30.24 0.44 -35.55
N ASP C 118 30.81 1.64 -35.90
CA ASP C 118 30.82 2.78 -35.00
C ASP C 118 29.41 3.29 -34.72
N ILE C 119 28.66 3.40 -35.83
CA ILE C 119 27.29 3.86 -35.74
C ILE C 119 26.40 2.86 -35.01
N LEU C 120 26.55 1.51 -35.30
CA LEU C 120 25.73 0.49 -34.69
C LEU C 120 25.99 0.43 -33.15
N ASN C 121 27.24 0.66 -32.62
CA ASN C 121 27.41 0.74 -31.18
C ASN C 121 26.63 1.85 -30.50
N LYS C 122 26.58 3.12 -31.09
CA LYS C 122 25.88 4.25 -30.58
C LYS C 122 24.42 4.01 -30.55
N ILE C 123 23.80 3.49 -31.65
CA ILE C 123 22.37 3.32 -31.80
C ILE C 123 21.89 2.16 -30.88
N ASP C 124 22.61 0.98 -30.81
CA ASP C 124 22.30 -0.19 -30.05
C ASP C 124 22.27 0.21 -28.58
N LYS C 125 23.22 1.12 -28.19
CA LYS C 125 23.15 1.63 -26.84
C LYS C 125 21.89 2.33 -26.46
N GLU C 126 21.41 3.27 -27.28
CA GLU C 126 20.20 3.99 -27.02
C GLU C 126 19.02 3.11 -27.05
N ILE C 127 18.93 2.05 -28.02
CA ILE C 127 17.77 1.17 -28.08
C ILE C 127 17.75 0.33 -26.80
N ASP C 128 18.92 -0.21 -26.38
CA ASP C 128 18.78 -1.18 -25.30
C ASP C 128 18.27 -0.60 -24.04
N SER C 129 18.67 0.63 -23.76
CA SER C 129 18.31 1.44 -22.63
C SER C 129 16.85 1.87 -22.60
N THR C 130 16.16 1.77 -23.78
CA THR C 130 14.70 1.96 -23.79
C THR C 130 14.04 0.59 -23.74
N ASP C 131 12.82 0.51 -23.33
CA ASP C 131 12.12 -0.78 -23.14
C ASP C 131 10.71 -0.73 -23.68
N ASN C 132 10.34 0.47 -24.20
CA ASN C 132 8.96 0.89 -24.53
C ASN C 132 9.09 1.52 -25.84
N PHE C 133 10.00 1.12 -26.70
CA PHE C 133 10.37 1.77 -27.93
C PHE C 133 9.37 1.45 -28.99
N GLU C 134 8.80 2.59 -29.50
CA GLU C 134 7.92 2.73 -30.66
C GLU C 134 8.77 2.59 -31.92
N GLY C 135 9.96 3.31 -32.02
CA GLY C 135 10.70 3.25 -33.34
C GLY C 135 11.73 4.38 -33.38
N PHE C 136 12.30 4.63 -34.58
CA PHE C 136 13.33 5.68 -34.82
C PHE C 136 12.67 6.71 -35.73
N GLN C 137 13.14 7.98 -35.56
CA GLN C 137 12.76 9.13 -36.28
C GLN C 137 14.09 9.65 -36.87
N LEU C 138 14.07 9.80 -38.22
CA LEU C 138 15.23 10.19 -38.92
C LEU C 138 14.81 11.59 -39.37
N LEU C 139 15.72 12.60 -39.11
CA LEU C 139 15.63 13.89 -39.62
C LEU C 139 16.82 14.04 -40.55
N HIS C 140 16.67 14.42 -41.92
CA HIS C 140 17.76 14.47 -42.79
C HIS C 140 17.32 15.12 -44.08
N SER C 141 18.31 15.33 -45.04
CA SER C 141 18.02 15.87 -46.34
C SER C 141 18.46 14.90 -47.40
N VAL C 142 17.71 14.89 -48.52
CA VAL C 142 17.87 14.07 -49.68
C VAL C 142 18.66 14.90 -50.69
N ALA C 143 19.27 15.97 -50.24
CA ALA C 143 19.99 16.86 -51.06
C ALA C 143 21.40 16.91 -50.51
N GLY C 144 21.64 16.41 -49.28
CA GLY C 144 22.93 16.42 -48.50
C GLY C 144 23.78 15.36 -49.18
N GLY C 145 25.09 15.32 -48.92
CA GLY C 145 25.95 14.24 -49.36
C GLY C 145 25.92 13.06 -48.38
N THR C 146 26.13 13.44 -47.09
CA THR C 146 26.08 12.64 -45.90
C THR C 146 24.68 12.28 -45.54
N GLY C 147 23.76 13.29 -45.52
CA GLY C 147 22.36 13.19 -45.06
C GLY C 147 21.61 12.18 -45.91
N SER C 148 21.86 12.28 -47.22
CA SER C 148 21.28 11.41 -48.24
C SER C 148 21.86 10.02 -48.18
N GLY C 149 23.20 9.88 -48.37
CA GLY C 149 23.88 8.57 -48.51
C GLY C 149 23.97 7.79 -47.29
N LEU C 150 24.47 8.32 -46.09
CA LEU C 150 24.66 7.58 -44.83
C LEU C 150 23.30 7.26 -44.33
N GLY C 151 22.35 8.25 -44.48
CA GLY C 151 20.95 8.09 -44.10
C GLY C 151 20.27 6.98 -44.87
N SER C 152 20.50 6.88 -46.19
CA SER C 152 19.99 5.82 -47.01
C SER C 152 20.54 4.47 -46.67
N ASN C 153 21.85 4.25 -46.34
CA ASN C 153 22.48 3.01 -45.89
C ASN C 153 21.89 2.50 -44.56
N LEU C 154 21.70 3.45 -43.60
CA LEU C 154 21.30 3.19 -42.24
C LEU C 154 19.86 2.61 -42.29
N LEU C 155 19.04 3.15 -43.25
CA LEU C 155 17.68 2.74 -43.59
C LEU C 155 17.50 1.41 -44.15
N GLU C 156 18.38 0.94 -45.09
CA GLU C 156 18.34 -0.40 -45.60
C GLU C 156 18.62 -1.41 -44.56
N ALA C 157 19.60 -1.19 -43.67
CA ALA C 157 19.85 -2.04 -42.54
C ALA C 157 18.70 -2.10 -41.52
N LEU C 158 18.06 -0.96 -41.16
CA LEU C 158 17.10 -0.89 -40.06
C LEU C 158 15.87 -1.71 -40.38
N CYS C 159 15.43 -1.59 -41.70
CA CYS C 159 14.32 -2.32 -42.26
C CYS C 159 14.49 -3.86 -42.14
N ASP C 160 15.71 -4.42 -42.50
CA ASP C 160 15.93 -5.87 -42.36
C ASP C 160 15.93 -6.26 -40.90
N ARG C 161 16.67 -5.62 -39.97
CA ARG C 161 16.91 -6.12 -38.61
C ARG C 161 15.62 -6.09 -37.83
N TYR C 162 14.87 -4.98 -37.86
CA TYR C 162 13.59 -4.84 -37.14
C TYR C 162 12.68 -4.30 -38.19
N PRO C 163 11.74 -5.10 -38.72
CA PRO C 163 10.80 -4.76 -39.80
C PRO C 163 9.49 -4.40 -39.11
N LYS C 164 9.29 -4.86 -37.83
CA LYS C 164 8.12 -4.64 -36.91
C LYS C 164 8.12 -3.25 -36.45
N LYS C 165 9.31 -2.81 -36.02
CA LYS C 165 9.56 -1.47 -35.43
C LYS C 165 9.48 -0.38 -36.53
N ILE C 166 8.94 0.79 -36.10
CA ILE C 166 8.59 1.89 -36.98
C ILE C 166 9.83 2.77 -37.18
N LEU C 167 9.90 3.12 -38.44
CA LEU C 167 10.82 4.07 -39.06
C LEU C 167 9.89 5.09 -39.62
N THR C 168 10.04 6.36 -39.21
CA THR C 168 9.48 7.48 -39.77
C THR C 168 10.70 8.36 -40.22
N THR C 169 10.57 9.09 -41.35
CA THR C 169 11.60 9.93 -41.80
C THR C 169 10.89 11.21 -42.05
N TYR C 170 11.65 12.34 -41.86
CA TYR C 170 11.35 13.69 -42.17
C TYR C 170 12.37 14.03 -43.21
N SER C 171 12.05 14.12 -44.54
CA SER C 171 13.02 14.32 -45.61
C SER C 171 12.76 15.66 -46.10
N VAL C 172 13.87 16.43 -46.14
CA VAL C 172 13.87 17.72 -46.77
C VAL C 172 14.37 17.38 -48.10
N PHE C 173 13.50 17.75 -49.12
CA PHE C 173 13.68 17.72 -50.56
C PHE C 173 14.08 19.05 -50.96
N PRO C 174 14.90 19.16 -51.99
CA PRO C 174 15.54 20.41 -52.35
C PRO C 174 14.59 21.44 -52.92
N ALA C 175 15.18 22.68 -53.03
CA ALA C 175 14.67 23.76 -53.74
C ALA C 175 15.06 23.54 -55.19
N ARG C 176 14.14 23.85 -56.16
CA ARG C 176 14.41 23.50 -57.51
C ARG C 176 14.70 24.74 -58.17
N SER C 177 15.09 25.79 -57.46
CA SER C 177 15.43 27.08 -57.97
C SER C 177 16.53 27.55 -57.00
N SER C 178 17.14 26.70 -56.16
CA SER C 178 18.24 27.06 -55.31
C SER C 178 18.96 25.73 -55.09
N GLU C 179 20.08 25.80 -54.30
CA GLU C 179 21.04 24.82 -53.90
C GLU C 179 21.86 24.33 -55.13
N VAL C 180 22.66 23.25 -54.95
CA VAL C 180 23.62 22.66 -55.89
C VAL C 180 22.77 21.87 -56.91
N VAL C 181 23.40 21.71 -58.10
CA VAL C 181 22.76 21.16 -59.32
C VAL C 181 22.78 19.66 -59.24
N VAL C 182 23.67 19.04 -58.44
CA VAL C 182 23.81 17.63 -58.23
C VAL C 182 22.62 17.11 -57.46
N GLN C 183 21.66 17.97 -57.00
CA GLN C 183 20.55 17.70 -56.12
C GLN C 183 19.66 16.52 -56.49
N SER C 184 19.38 16.43 -57.84
CA SER C 184 18.54 15.49 -58.56
C SER C 184 19.06 14.03 -58.47
N TYR C 185 20.43 13.83 -58.54
CA TYR C 185 21.05 12.51 -58.39
C TYR C 185 20.83 12.08 -57.03
N ASN C 186 21.10 12.98 -55.98
CA ASN C 186 20.99 12.60 -54.60
C ASN C 186 19.61 12.20 -54.28
N THR C 187 18.60 12.98 -54.74
CA THR C 187 17.24 12.72 -54.44
C THR C 187 16.74 11.40 -54.96
N ILE C 188 17.08 11.10 -56.23
CA ILE C 188 16.60 9.87 -56.89
C ILE C 188 17.14 8.60 -56.26
N LEU C 189 18.44 8.57 -55.99
CA LEU C 189 19.20 7.45 -55.47
C LEU C 189 18.70 7.15 -54.11
N ALA C 190 18.44 8.19 -53.31
CA ALA C 190 17.82 8.21 -51.93
C ALA C 190 16.39 7.82 -51.94
N LEU C 191 15.56 8.27 -52.90
CA LEU C 191 14.09 8.08 -52.97
C LEU C 191 13.80 6.62 -53.02
N ARG C 192 14.60 5.72 -53.68
CA ARG C 192 14.37 4.28 -53.73
C ARG C 192 14.37 3.62 -52.35
N ARG C 193 15.36 4.10 -51.57
CA ARG C 193 15.68 3.66 -50.20
C ARG C 193 14.56 4.08 -49.33
N LEU C 194 14.03 5.29 -49.51
CA LEU C 194 12.85 5.70 -48.80
C LEU C 194 11.60 4.93 -49.14
N ILE C 195 11.43 4.56 -50.37
CA ILE C 195 10.13 3.93 -50.75
C ILE C 195 10.02 2.60 -50.09
N GLU C 196 11.15 1.77 -50.24
CA GLU C 196 11.10 0.48 -49.63
C GLU C 196 11.36 0.42 -48.11
N ASP C 197 12.36 1.09 -47.60
CA ASP C 197 12.81 0.84 -46.25
C ASP C 197 11.98 1.61 -45.13
N SER C 198 11.21 2.65 -45.59
CA SER C 198 10.48 3.44 -44.65
C SER C 198 8.99 3.10 -44.60
N ASP C 199 8.31 3.36 -43.45
CA ASP C 199 6.96 2.98 -43.22
C ASP C 199 6.22 4.25 -43.33
N ALA C 200 6.89 5.37 -42.98
CA ALA C 200 6.27 6.67 -43.19
C ALA C 200 7.42 7.66 -43.56
N THR C 201 7.14 8.58 -44.51
CA THR C 201 7.99 9.58 -44.93
C THR C 201 7.14 10.82 -44.89
N VAL C 202 7.53 11.83 -44.15
CA VAL C 202 6.93 13.09 -44.07
C VAL C 202 7.76 13.95 -45.00
N VAL C 203 7.16 14.40 -46.13
CA VAL C 203 7.89 15.11 -47.16
C VAL C 203 7.88 16.58 -46.82
N PHE C 204 9.11 17.17 -46.72
CA PHE C 204 9.20 18.64 -46.58
C PHE C 204 9.89 19.16 -47.88
N ASP C 205 9.17 19.86 -48.70
CA ASP C 205 9.78 20.35 -49.88
C ASP C 205 10.24 21.75 -49.54
N ASN C 206 11.57 21.93 -49.71
CA ASN C 206 12.32 23.16 -49.31
C ASN C 206 11.97 24.40 -50.11
N ALA C 207 11.48 24.32 -51.42
CA ALA C 207 11.11 25.45 -52.24
C ALA C 207 10.02 26.27 -51.66
N SER C 208 9.02 25.53 -51.19
CA SER C 208 7.92 26.00 -50.43
C SER C 208 8.33 26.42 -49.06
N LEU C 209 9.22 25.73 -48.27
CA LEU C 209 9.68 26.21 -46.95
C LEU C 209 10.43 27.51 -47.10
N LEU C 210 11.27 27.82 -48.16
CA LEU C 210 11.98 29.07 -48.25
C LEU C 210 11.11 30.28 -48.42
N ASN C 211 10.11 30.17 -49.22
CA ASN C 211 9.08 31.20 -49.49
C ASN C 211 8.29 31.52 -48.22
N ILE C 212 7.97 30.50 -47.41
CA ILE C 212 7.37 30.60 -46.08
C ILE C 212 8.37 31.34 -45.19
N SER C 213 9.70 31.04 -45.16
CA SER C 213 10.59 31.67 -44.22
C SER C 213 10.67 33.18 -44.53
N GLY C 214 10.81 33.52 -45.84
CA GLY C 214 10.95 34.92 -46.14
C GLY C 214 9.73 35.76 -45.87
N LYS C 215 8.56 35.30 -46.41
CA LYS C 215 7.30 36.03 -46.27
C LYS C 215 6.59 35.96 -44.92
N VAL C 216 6.34 34.69 -44.48
CA VAL C 216 5.55 34.45 -43.25
C VAL C 216 6.18 34.75 -41.92
N PHE C 217 7.38 34.20 -41.67
CA PHE C 217 8.15 34.45 -40.44
C PHE C 217 8.66 35.87 -40.54
N ARG C 218 8.94 36.41 -41.75
CA ARG C 218 9.52 37.74 -41.86
C ARG C 218 11.01 37.72 -41.41
N ASN C 219 11.90 36.84 -41.97
CA ASN C 219 13.27 36.88 -41.61
C ASN C 219 13.98 36.89 -42.93
N PRO C 220 14.64 37.96 -43.36
CA PRO C 220 15.34 38.03 -44.61
C PRO C 220 16.57 37.28 -44.42
N ASN C 221 17.27 37.06 -45.58
CA ASN C 221 18.57 36.35 -45.74
C ASN C 221 18.30 34.86 -45.67
N ILE C 222 17.24 34.32 -46.32
CA ILE C 222 16.95 32.98 -46.32
C ILE C 222 18.13 32.17 -46.82
N ASP C 223 18.35 31.01 -46.08
CA ASP C 223 19.37 29.92 -46.35
C ASP C 223 18.78 28.63 -45.80
N LEU C 224 19.49 27.47 -45.82
CA LEU C 224 18.97 26.20 -45.40
C LEU C 224 18.64 26.24 -43.84
N GLN C 225 19.41 26.95 -43.02
CA GLN C 225 19.29 27.07 -41.53
C GLN C 225 17.94 27.63 -41.11
N HIS C 226 17.46 28.66 -41.86
CA HIS C 226 16.19 29.30 -41.68
C HIS C 226 15.13 28.41 -41.93
N THR C 227 15.15 27.58 -42.99
CA THR C 227 14.06 26.60 -43.25
C THR C 227 14.00 25.53 -42.16
N ASN C 228 15.17 25.13 -41.59
CA ASN C 228 15.23 24.11 -40.60
C ASN C 228 14.48 24.41 -39.28
N GLN C 229 14.40 25.70 -38.92
CA GLN C 229 13.54 26.16 -37.85
C GLN C 229 12.05 25.95 -38.12
N LEU C 230 11.53 26.13 -39.41
CA LEU C 230 10.15 26.01 -39.83
C LEU C 230 9.66 24.58 -39.60
N ILE C 231 10.52 23.57 -40.03
CA ILE C 231 10.23 22.17 -39.93
C ILE C 231 10.12 21.82 -38.47
N SER C 232 10.99 22.38 -37.59
CA SER C 232 10.93 22.07 -36.19
C SER C 232 9.57 22.48 -35.56
N THR C 233 9.06 23.67 -35.99
CA THR C 233 7.90 24.24 -35.38
C THR C 233 6.69 23.29 -35.64
N ILE C 234 6.64 22.77 -36.84
CA ILE C 234 5.59 21.83 -37.25
C ILE C 234 5.63 20.42 -36.57
N ILE C 235 6.81 19.72 -36.51
CA ILE C 235 7.01 18.37 -35.91
C ILE C 235 6.68 18.33 -34.41
N SER C 236 7.09 19.34 -33.62
CA SER C 236 6.80 19.55 -32.23
C SER C 236 5.29 19.78 -31.98
N SER C 237 4.60 20.60 -32.88
CA SER C 237 3.18 20.86 -32.64
C SER C 237 2.37 19.62 -32.73
N VAL C 238 2.71 18.71 -33.59
CA VAL C 238 2.08 17.49 -33.84
C VAL C 238 2.04 16.50 -32.72
N THR C 239 3.03 16.44 -31.79
CA THR C 239 2.97 15.47 -30.67
C THR C 239 2.13 16.01 -29.53
N ASN C 240 1.67 17.31 -29.54
CA ASN C 240 0.98 17.98 -28.47
C ASN C 240 -0.26 17.33 -27.92
N SER C 241 -1.07 16.78 -28.85
CA SER C 241 -2.32 16.06 -28.55
C SER C 241 -2.00 14.70 -27.85
N ILE C 242 -0.80 14.07 -28.01
CA ILE C 242 -0.40 12.84 -27.44
C ILE C 242 -0.06 13.02 -25.97
N ARG C 243 0.66 14.06 -25.65
CA ARG C 243 1.24 14.46 -24.36
C ARG C 243 0.18 15.08 -23.51
N PHE C 244 -1.04 15.42 -24.01
CA PHE C 244 -2.21 15.73 -23.22
C PHE C 244 -2.92 14.47 -22.96
N PRO C 245 -3.26 14.13 -21.68
CA PRO C 245 -3.87 12.92 -21.33
C PRO C 245 -5.36 13.09 -21.34
N SER C 246 -5.96 14.19 -21.76
CA SER C 246 -7.36 14.39 -21.92
C SER C 246 -7.60 14.07 -23.41
N TYR C 247 -6.57 13.50 -24.09
CA TYR C 247 -6.75 12.80 -25.32
C TYR C 247 -5.81 11.62 -25.19
N MET C 248 -6.23 10.60 -24.45
CA MET C 248 -5.54 9.38 -24.16
C MET C 248 -5.91 8.33 -25.20
N TYR C 249 -6.61 8.84 -26.32
CA TYR C 249 -6.97 8.10 -27.53
C TYR C 249 -6.08 8.57 -28.66
N SER C 250 -5.36 9.63 -28.41
CA SER C 250 -4.31 10.05 -29.31
C SER C 250 -3.04 9.47 -28.82
N SER C 251 -2.19 8.96 -29.78
CA SER C 251 -0.85 8.59 -29.56
C SER C 251 -0.34 8.67 -31.00
N MET C 252 1.00 8.61 -31.17
CA MET C 252 1.71 8.59 -32.47
C MET C 252 1.26 7.34 -33.11
N SER C 253 1.22 6.14 -32.46
CA SER C 253 0.94 4.85 -32.98
C SER C 253 -0.48 4.73 -33.56
N SER C 254 -1.54 5.20 -32.87
CA SER C 254 -2.91 5.01 -33.33
C SER C 254 -3.23 5.85 -34.58
N ILE C 255 -2.57 7.06 -34.67
CA ILE C 255 -2.57 7.95 -35.78
C ILE C 255 -1.88 7.36 -36.95
N TYR C 256 -0.67 6.70 -36.72
CA TYR C 256 0.16 6.06 -37.79
C TYR C 256 -0.63 4.87 -38.42
N SER C 257 -1.32 4.11 -37.58
CA SER C 257 -2.09 3.06 -38.15
C SER C 257 -3.14 3.41 -39.16
N THR C 258 -3.91 4.49 -38.89
CA THR C 258 -4.89 5.05 -39.82
C THR C 258 -4.32 5.74 -41.02
N LEU C 259 -3.24 6.60 -40.95
CA LEU C 259 -2.67 7.34 -42.01
C LEU C 259 -1.93 6.47 -42.98
N ILE C 260 -1.22 5.44 -42.39
CA ILE C 260 -0.38 4.55 -43.24
C ILE C 260 -1.16 3.26 -43.48
N PRO C 261 -1.40 2.68 -44.62
CA PRO C 261 -2.03 1.36 -44.71
C PRO C 261 -1.14 0.38 -45.49
N SER C 262 -0.06 0.91 -46.06
CA SER C 262 0.90 0.11 -46.86
C SER C 262 2.20 0.84 -46.77
N PRO C 263 3.36 0.25 -47.13
CA PRO C 263 4.67 0.88 -46.99
C PRO C 263 4.93 1.49 -48.24
N GLU C 264 3.99 1.30 -49.17
CA GLU C 264 4.32 1.69 -50.50
C GLU C 264 3.73 3.04 -50.84
N LEU C 265 2.52 3.26 -50.28
CA LEU C 265 1.79 4.52 -50.32
C LEU C 265 1.93 5.03 -48.92
N HIS C 266 2.90 5.95 -48.64
CA HIS C 266 3.23 6.27 -47.26
C HIS C 266 3.90 7.61 -47.20
N PHE C 267 3.97 8.36 -48.34
CA PHE C 267 4.53 9.71 -48.31
C PHE C 267 3.38 10.54 -48.00
N LEU C 268 3.57 11.33 -46.90
CA LEU C 268 2.53 12.13 -46.30
C LEU C 268 3.01 13.50 -46.64
N SER C 269 2.03 14.36 -46.77
CA SER C 269 2.38 15.77 -46.90
C SER C 269 1.75 16.46 -45.73
N PRO C 270 2.48 17.39 -45.05
CA PRO C 270 1.87 18.27 -44.03
C PRO C 270 1.61 19.57 -44.66
N SER C 271 0.65 20.32 -44.07
CA SER C 271 0.44 21.72 -44.34
C SER C 271 0.12 22.22 -42.92
N PHE C 272 0.39 23.50 -42.58
CA PHE C 272 0.10 24.11 -41.28
C PHE C 272 -0.21 25.52 -41.55
N THR C 273 -1.08 26.09 -40.71
CA THR C 273 -1.37 27.51 -40.65
C THR C 273 -1.79 27.95 -39.25
N PRO C 274 -1.38 29.08 -38.61
CA PRO C 274 -0.37 29.98 -39.08
C PRO C 274 0.93 29.39 -38.68
N PHE C 275 2.02 29.54 -39.54
CA PHE C 275 3.25 29.02 -39.21
C PHE C 275 3.79 29.48 -37.94
N THR C 276 3.62 30.80 -37.73
CA THR C 276 4.04 31.60 -36.53
C THR C 276 3.38 30.89 -35.39
N SER C 277 4.23 30.52 -34.39
CA SER C 277 3.84 29.74 -33.18
C SER C 277 4.99 30.07 -32.16
N ASP C 278 5.86 31.13 -32.42
CA ASP C 278 7.10 31.46 -31.67
C ASP C 278 6.99 32.97 -31.46
N TYR C 279 7.89 33.48 -30.64
CA TYR C 279 7.92 34.89 -30.23
C TYR C 279 9.31 35.25 -29.79
N ILE C 280 10.27 34.31 -30.10
CA ILE C 280 11.67 34.53 -29.78
C ILE C 280 12.43 35.05 -30.94
N HIS C 281 11.77 35.20 -32.06
CA HIS C 281 12.34 35.69 -33.27
C HIS C 281 11.21 36.20 -34.14
N ASP C 282 9.94 35.96 -33.73
CA ASP C 282 8.75 36.36 -34.53
C ASP C 282 7.83 37.12 -33.64
N ASP C 283 6.60 37.44 -34.07
CA ASP C 283 5.59 38.09 -33.30
C ASP C 283 4.32 37.51 -33.84
N ILE C 284 3.55 36.96 -32.85
CA ILE C 284 2.26 36.37 -33.03
C ILE C 284 1.22 37.26 -33.69
N ALA C 285 0.32 36.58 -34.42
CA ALA C 285 -0.75 37.16 -35.25
C ALA C 285 -1.95 36.45 -34.71
N HIS C 286 -3.18 36.91 -35.18
CA HIS C 286 -4.45 36.40 -34.68
C HIS C 286 -5.26 36.26 -35.94
N LYS C 287 -5.90 35.07 -36.21
CA LYS C 287 -6.55 34.63 -37.43
C LYS C 287 -7.79 33.99 -36.97
N GLY C 288 -8.79 33.86 -37.87
CA GLY C 288 -10.09 33.19 -37.52
C GLY C 288 -9.93 31.73 -37.88
N HIS C 289 -10.95 30.81 -37.58
CA HIS C 289 -10.94 29.39 -37.98
C HIS C 289 -11.00 29.15 -39.42
N SER C 290 -11.81 29.99 -40.13
CA SER C 290 -12.03 29.97 -41.52
C SER C 290 -10.77 30.20 -42.30
N SER C 291 -9.95 31.12 -41.70
CA SER C 291 -8.70 31.51 -42.29
C SER C 291 -7.76 30.36 -42.44
N TYR C 292 -7.62 29.53 -41.37
CA TYR C 292 -6.70 28.39 -41.46
C TYR C 292 -7.18 27.40 -42.49
N ASP C 293 -8.54 27.17 -42.49
CA ASP C 293 -9.12 26.19 -43.32
C ASP C 293 -8.94 26.35 -44.77
N VAL C 294 -9.10 27.61 -45.29
CA VAL C 294 -8.84 27.85 -46.71
C VAL C 294 -7.39 27.69 -47.08
N MET C 295 -6.48 28.18 -46.23
CA MET C 295 -5.04 28.26 -46.45
C MET C 295 -4.34 26.99 -46.51
N LEU C 296 -4.86 26.03 -45.70
CA LEU C 296 -4.35 24.72 -45.54
C LEU C 296 -4.39 23.87 -46.84
N ASP C 297 -5.36 24.19 -47.68
CA ASP C 297 -5.49 23.48 -48.99
C ASP C 297 -4.41 23.85 -49.92
N LEU C 298 -3.87 25.12 -49.80
CA LEU C 298 -3.13 25.79 -50.84
C LEU C 298 -1.78 25.28 -50.92
N LEU C 299 -1.18 25.28 -52.15
CA LEU C 299 0.03 24.66 -52.56
C LEU C 299 1.23 25.16 -51.75
N ASP C 300 1.31 26.48 -51.53
CA ASP C 300 2.45 27.13 -50.86
C ASP C 300 2.60 26.78 -49.45
N PRO C 301 1.63 26.68 -48.63
CA PRO C 301 1.75 26.09 -47.22
C PRO C 301 2.15 24.60 -47.29
N SER C 302 1.51 23.81 -48.20
CA SER C 302 1.77 22.39 -48.40
C SER C 302 3.23 22.13 -48.80
N ASN C 303 3.89 21.08 -48.26
CA ASN C 303 5.33 20.97 -48.38
C ASN C 303 5.55 19.73 -49.24
N SER C 304 5.12 19.72 -50.50
CA SER C 304 5.36 18.77 -51.50
C SER C 304 5.08 19.56 -52.73
N LEU C 305 5.66 19.14 -53.88
CA LEU C 305 5.40 19.68 -55.14
C LEU C 305 4.57 18.75 -55.96
N VAL C 306 3.22 18.86 -55.70
CA VAL C 306 2.19 17.97 -56.20
C VAL C 306 1.11 18.95 -56.49
N SER C 307 -0.04 18.36 -56.99
CA SER C 307 -1.22 19.18 -57.20
C SER C 307 -2.10 19.07 -55.99
N THR C 308 -2.54 20.30 -55.53
CA THR C 308 -3.38 20.47 -54.42
C THR C 308 -4.06 21.81 -54.40
N ALA C 309 -3.78 22.73 -55.31
CA ALA C 309 -4.51 23.98 -55.39
C ALA C 309 -4.19 24.66 -56.68
N MET C 310 -4.06 23.87 -57.77
CA MET C 310 -3.77 24.41 -59.11
C MET C 310 -4.19 23.49 -60.23
N ASN C 311 -4.53 22.22 -59.87
CA ASN C 311 -5.07 21.26 -60.82
C ASN C 311 -5.85 20.13 -60.19
N ASN C 312 -5.83 20.03 -58.83
CA ASN C 312 -6.50 18.99 -58.04
C ASN C 312 -6.83 19.73 -56.79
N PRO C 313 -8.02 19.74 -56.25
CA PRO C 313 -8.13 20.36 -54.96
C PRO C 313 -8.24 19.27 -53.84
N THR C 314 -7.03 18.70 -53.41
CA THR C 314 -6.83 17.66 -52.36
C THR C 314 -7.25 16.33 -52.85
N TYR C 315 -6.63 15.30 -52.25
CA TYR C 315 -7.00 13.98 -52.55
C TYR C 315 -6.53 13.38 -51.27
N PHE C 316 -7.46 13.23 -50.29
CA PHE C 316 -7.15 12.61 -49.00
C PHE C 316 -7.41 11.16 -49.19
N ASN C 317 -6.48 10.28 -48.81
CA ASN C 317 -6.75 8.89 -48.65
C ASN C 317 -7.41 8.84 -47.19
N VAL C 318 -6.74 9.64 -46.31
CA VAL C 318 -7.10 9.79 -44.98
C VAL C 318 -6.55 11.12 -44.56
N TYR C 319 -7.19 11.73 -43.53
CA TYR C 319 -7.06 13.10 -43.15
C TYR C 319 -7.12 13.07 -41.57
N ASN C 320 -6.14 13.74 -40.94
CA ASN C 320 -6.13 13.89 -39.56
C ASN C 320 -5.82 15.39 -39.50
N THR C 321 -6.55 16.18 -38.70
CA THR C 321 -6.26 17.58 -38.51
C THR C 321 -6.01 17.72 -37.00
N ILE C 322 -4.94 18.56 -36.61
CA ILE C 322 -4.44 18.82 -35.33
C ILE C 322 -4.78 20.23 -35.00
N ILE C 323 -5.62 20.54 -33.94
CA ILE C 323 -6.17 21.82 -33.61
C ILE C 323 -5.33 22.29 -32.39
N GLY C 324 -4.82 23.63 -32.31
CA GLY C 324 -3.94 24.11 -31.25
C GLY C 324 -4.68 25.29 -30.73
N ASN C 325 -4.93 25.21 -29.38
CA ASN C 325 -5.68 26.20 -28.57
C ASN C 325 -7.07 25.71 -28.46
N VAL C 326 -7.74 26.25 -27.39
CA VAL C 326 -9.05 25.85 -26.95
C VAL C 326 -10.06 26.34 -27.87
N GLU C 327 -10.96 25.43 -28.29
CA GLU C 327 -12.07 25.74 -29.15
C GLU C 327 -13.12 24.87 -28.64
N PRO C 328 -14.44 25.09 -28.43
CA PRO C 328 -15.45 24.07 -27.91
C PRO C 328 -15.48 22.78 -28.69
N ARG C 329 -15.81 21.64 -28.01
CA ARG C 329 -15.67 20.32 -28.52
C ARG C 329 -16.56 20.08 -29.71
N GLN C 330 -17.74 20.73 -29.54
CA GLN C 330 -18.90 20.71 -30.39
C GLN C 330 -18.54 21.31 -31.73
N ILE C 331 -17.73 22.44 -31.73
CA ILE C 331 -17.19 23.17 -32.88
C ILE C 331 -16.21 22.29 -33.66
N SER C 332 -15.29 21.59 -32.97
CA SER C 332 -14.27 20.74 -33.60
C SER C 332 -14.94 19.56 -34.29
N ARG C 333 -16.06 19.02 -33.62
CA ARG C 333 -16.94 17.98 -34.04
C ARG C 333 -17.79 18.32 -35.25
N ALA C 334 -18.38 19.55 -35.26
CA ALA C 334 -19.26 20.03 -36.31
C ALA C 334 -18.42 20.14 -37.56
N MET C 335 -17.23 20.65 -37.38
CA MET C 335 -16.23 20.85 -38.42
C MET C 335 -15.70 19.51 -39.08
N THR C 336 -15.52 18.40 -38.34
CA THR C 336 -15.17 17.16 -38.89
C THR C 336 -16.17 16.63 -39.81
N LYS C 337 -17.47 16.83 -39.48
CA LYS C 337 -18.61 16.47 -40.23
C LYS C 337 -18.61 17.24 -41.52
N LEU C 338 -18.28 18.52 -41.63
CA LEU C 338 -18.33 19.32 -42.87
C LEU C 338 -17.29 18.83 -43.81
N GLN C 339 -16.10 18.41 -43.29
CA GLN C 339 -14.97 18.07 -44.09
C GLN C 339 -15.24 16.84 -44.99
N GLN C 340 -15.96 15.83 -44.35
CA GLN C 340 -16.48 14.69 -45.11
C GLN C 340 -17.55 15.09 -46.09
N ARG C 341 -18.47 15.94 -45.55
CA ARG C 341 -19.74 16.31 -46.21
C ARG C 341 -19.59 17.05 -47.54
N ILE C 342 -18.65 17.98 -47.51
CA ILE C 342 -18.35 18.89 -48.64
C ILE C 342 -17.81 18.02 -49.80
N LYS C 343 -17.14 16.93 -49.50
CA LYS C 343 -16.59 15.89 -50.36
C LYS C 343 -15.72 16.50 -51.49
N PHE C 344 -14.91 17.56 -50.99
CA PHE C 344 -14.01 18.34 -51.77
C PHE C 344 -12.85 17.54 -52.37
N PRO C 345 -12.23 16.57 -51.75
CA PRO C 345 -11.15 15.84 -52.40
C PRO C 345 -11.83 14.70 -53.07
N SER C 346 -11.06 14.00 -53.94
CA SER C 346 -11.52 12.79 -54.61
C SER C 346 -11.34 11.66 -53.57
N TRP C 347 -11.96 10.47 -53.76
CA TRP C 347 -11.96 9.39 -52.84
C TRP C 347 -12.01 8.15 -53.68
N SER C 348 -11.43 7.07 -53.10
CA SER C 348 -11.30 5.79 -53.79
C SER C 348 -12.43 4.92 -53.34
N SER C 349 -12.40 3.63 -53.68
CA SER C 349 -13.43 2.68 -53.17
C SER C 349 -12.79 1.73 -52.18
N SER C 350 -11.61 2.15 -51.66
CA SER C 350 -10.80 1.52 -50.65
C SER C 350 -10.58 2.56 -49.56
N ALA C 351 -11.46 3.67 -49.52
CA ALA C 351 -11.25 4.77 -48.62
C ALA C 351 -12.29 5.72 -49.14
N MET C 352 -13.33 6.10 -48.31
CA MET C 352 -14.33 7.09 -48.72
C MET C 352 -14.88 7.65 -47.41
N HIS C 353 -15.02 8.96 -47.34
CA HIS C 353 -15.39 9.83 -46.31
C HIS C 353 -14.54 9.55 -45.01
N VAL C 354 -13.21 9.63 -45.13
CA VAL C 354 -12.27 9.29 -44.19
C VAL C 354 -11.50 10.48 -43.73
N ASN C 355 -12.22 11.35 -42.88
CA ASN C 355 -11.67 12.53 -42.29
C ASN C 355 -11.98 12.55 -40.74
N ILE C 356 -10.92 12.64 -39.94
CA ILE C 356 -11.00 12.68 -38.52
C ILE C 356 -10.28 13.96 -38.11
N GLY C 357 -10.67 14.49 -36.87
CA GLY C 357 -10.04 15.65 -36.21
C GLY C 357 -9.82 15.41 -34.76
N ARG C 358 -8.69 15.95 -34.19
CA ARG C 358 -8.32 15.90 -32.80
C ARG C 358 -8.00 17.32 -32.31
N ARG C 359 -8.47 17.66 -31.05
CA ARG C 359 -8.30 18.92 -30.39
C ARG C 359 -7.54 18.79 -29.14
N SER C 360 -6.67 19.80 -28.94
CA SER C 360 -5.95 19.91 -27.71
C SER C 360 -5.76 21.38 -27.40
N PRO C 361 -5.57 21.79 -26.09
CA PRO C 361 -5.02 23.05 -25.68
C PRO C 361 -3.51 23.08 -26.05
N TYR C 362 -2.94 24.30 -25.94
CA TYR C 362 -1.55 24.52 -26.14
C TYR C 362 -1.16 24.90 -24.73
N LEU C 363 0.06 24.43 -24.29
CA LEU C 363 0.61 24.46 -22.94
C LEU C 363 0.27 25.72 -22.09
N PRO C 364 -0.04 25.64 -20.77
CA PRO C 364 -0.26 26.75 -19.92
C PRO C 364 1.03 27.48 -19.50
N LEU C 365 2.16 26.98 -20.00
CA LEU C 365 3.58 27.27 -19.77
C LEU C 365 4.05 28.01 -20.94
N GLN C 366 3.17 28.30 -21.94
CA GLN C 366 3.51 29.08 -23.00
C GLN C 366 2.52 30.24 -22.81
N PRO C 367 2.74 31.41 -23.47
CA PRO C 367 1.90 32.63 -23.49
C PRO C 367 0.75 32.43 -24.37
N ASN C 368 0.76 31.23 -25.08
CA ASN C 368 -0.27 30.78 -26.03
C ASN C 368 -0.22 31.59 -27.29
N GLU C 369 -0.85 31.09 -28.39
CA GLU C 369 -0.92 31.88 -29.64
C GLU C 369 -2.04 32.87 -29.56
N ASN C 370 -3.00 32.53 -28.70
CA ASN C 370 -4.27 33.24 -28.39
C ASN C 370 -5.09 33.31 -29.65
N GLU C 371 -5.10 32.25 -30.47
CA GLU C 371 -5.88 32.11 -31.63
C GLU C 371 -6.16 30.69 -31.85
N VAL C 372 -7.29 30.28 -32.49
CA VAL C 372 -7.35 28.86 -32.98
C VAL C 372 -6.38 28.81 -34.23
N SER C 373 -5.71 27.61 -34.31
CA SER C 373 -4.72 27.29 -35.35
C SER C 373 -4.97 25.91 -35.73
N GLY C 374 -4.47 25.43 -36.96
CA GLY C 374 -4.64 24.04 -37.27
C GLY C 374 -3.61 23.57 -38.29
N MET C 375 -3.32 22.29 -38.25
CA MET C 375 -2.40 21.57 -39.08
C MET C 375 -3.16 20.50 -39.67
N MET C 376 -2.90 20.10 -40.98
CA MET C 376 -3.48 18.96 -41.55
C MET C 376 -2.27 18.16 -41.87
N LEU C 377 -2.38 16.84 -41.56
CA LEU C 377 -1.42 15.85 -41.92
C LEU C 377 -2.21 14.85 -42.69
N SER C 378 -1.86 14.50 -43.91
CA SER C 378 -2.64 13.67 -44.80
C SER C 378 -1.74 12.79 -45.57
N ASN C 379 -2.44 11.63 -45.97
CA ASN C 379 -1.86 10.56 -46.80
C ASN C 379 -2.60 10.82 -48.03
N MET C 380 -1.82 11.34 -49.03
CA MET C 380 -2.33 11.93 -50.23
C MET C 380 -1.54 11.21 -51.28
N SER C 381 -2.16 10.97 -52.45
CA SER C 381 -1.65 10.02 -53.44
C SER C 381 -1.15 10.77 -54.55
N THR C 382 -0.98 12.05 -54.42
CA THR C 382 -0.54 12.99 -55.44
C THR C 382 0.99 13.11 -55.34
N VAL C 383 1.51 12.54 -54.23
CA VAL C 383 2.96 12.55 -53.82
C VAL C 383 3.92 12.02 -54.85
N VAL C 384 3.41 11.12 -55.77
CA VAL C 384 4.20 10.42 -56.82
C VAL C 384 4.94 11.35 -57.77
N ASN C 385 4.37 12.59 -58.05
CA ASN C 385 4.91 13.65 -58.85
C ASN C 385 6.22 14.20 -58.38
N VAL C 386 6.39 14.29 -57.02
CA VAL C 386 7.60 14.86 -56.38
C VAL C 386 8.87 14.06 -56.76
N PHE C 387 8.65 12.68 -56.68
CA PHE C 387 9.65 11.66 -57.04
C PHE C 387 9.95 11.72 -58.52
N GLU C 388 8.93 11.95 -59.37
CA GLU C 388 8.96 12.11 -60.80
C GLU C 388 9.77 13.31 -61.11
N ASN C 389 9.73 14.44 -60.37
CA ASN C 389 10.45 15.66 -60.70
C ASN C 389 11.87 15.48 -60.65
N ALA C 390 12.27 14.73 -59.58
CA ALA C 390 13.67 14.36 -59.40
C ALA C 390 14.22 13.46 -60.48
N CYS C 391 13.43 12.56 -60.96
CA CYS C 391 13.83 11.69 -62.02
C CYS C 391 14.10 12.49 -63.30
N ASN C 392 13.18 13.44 -63.63
CA ASN C 392 13.31 14.21 -64.83
C ASN C 392 14.55 15.09 -64.80
N THR C 393 14.77 15.77 -63.69
CA THR C 393 15.83 16.74 -63.49
C THR C 393 17.12 15.92 -63.55
N PHE C 394 17.18 14.70 -63.00
CA PHE C 394 18.33 13.81 -63.02
C PHE C 394 18.70 13.45 -64.44
N ASP C 395 17.74 13.12 -65.30
CA ASP C 395 17.96 12.66 -66.66
C ASP C 395 18.57 13.78 -67.47
N LYS C 396 18.17 15.09 -67.28
CA LYS C 396 18.64 16.23 -68.08
C LYS C 396 20.15 16.43 -67.78
N VAL C 397 20.46 16.26 -66.49
CA VAL C 397 21.87 16.33 -66.06
C VAL C 397 22.75 15.23 -66.61
N PHE C 398 22.18 14.03 -66.67
CA PHE C 398 22.72 12.79 -67.19
C PHE C 398 23.01 12.94 -68.66
N ALA C 399 22.00 13.53 -69.43
CA ALA C 399 22.14 13.81 -70.91
C ALA C 399 23.25 14.71 -71.27
N LYS C 400 23.29 15.77 -70.37
CA LYS C 400 24.29 16.78 -70.50
C LYS C 400 25.64 16.10 -70.26
N GLY C 401 25.71 15.07 -69.29
CA GLY C 401 26.82 14.23 -69.04
C GLY C 401 27.62 14.81 -67.93
N ALA C 402 27.17 15.95 -67.36
CA ALA C 402 27.90 16.61 -66.30
C ALA C 402 27.35 16.10 -65.01
N PHE C 403 28.34 15.77 -64.13
CA PHE C 403 28.16 15.66 -62.66
C PHE C 403 27.78 14.23 -62.32
N LEU C 404 28.03 13.30 -63.28
CA LEU C 404 28.11 11.88 -63.03
C LEU C 404 29.45 11.50 -62.36
N ASN C 405 30.54 12.29 -62.56
CA ASN C 405 31.89 11.92 -62.10
C ASN C 405 32.07 11.50 -60.61
N ASN C 406 31.47 12.29 -59.65
CA ASN C 406 31.59 12.00 -58.20
C ASN C 406 30.90 10.77 -57.81
N TYR C 407 29.73 10.45 -58.47
CA TYR C 407 28.98 9.24 -58.23
C TYR C 407 29.71 7.92 -58.66
N ASN C 408 30.38 7.98 -59.80
CA ASN C 408 31.02 6.81 -60.43
C ASN C 408 32.12 6.13 -59.63
N VAL C 409 32.80 6.98 -58.75
CA VAL C 409 33.89 6.61 -57.92
C VAL C 409 33.46 5.56 -57.02
N GLY C 410 32.16 5.59 -56.61
CA GLY C 410 31.49 4.72 -55.67
C GLY C 410 31.38 3.42 -56.27
N ASP C 411 31.43 2.45 -55.33
CA ASP C 411 31.51 1.08 -55.47
C ASP C 411 30.29 0.50 -56.17
N LEU C 412 29.05 0.98 -55.85
CA LEU C 412 27.75 0.53 -56.28
C LEU C 412 27.61 0.74 -57.78
N PHE C 413 28.04 1.87 -58.29
CA PHE C 413 27.94 2.21 -59.68
C PHE C 413 28.97 1.67 -60.60
N GLN C 414 30.12 1.33 -60.01
CA GLN C 414 31.28 0.78 -60.65
C GLN C 414 30.96 -0.40 -61.45
N SER C 415 30.14 -1.35 -60.91
CA SER C 415 29.78 -2.61 -61.52
C SER C 415 28.77 -2.42 -62.62
N MET C 416 27.64 -1.76 -62.21
CA MET C 416 26.67 -1.40 -63.15
C MET C 416 25.81 -0.38 -62.32
N GLN C 417 25.02 0.53 -63.01
CA GLN C 417 24.18 1.57 -62.35
C GLN C 417 22.96 0.94 -61.70
N ASN C 418 23.19 0.10 -60.67
CA ASN C 418 22.14 -0.75 -60.10
C ASN C 418 21.04 -0.08 -59.32
N VAL C 419 21.50 0.95 -58.55
CA VAL C 419 20.70 1.81 -57.78
C VAL C 419 19.72 2.56 -58.55
N GLN C 420 20.12 3.06 -59.76
CA GLN C 420 19.31 3.79 -60.63
C GLN C 420 18.12 2.92 -61.20
N ASP C 421 18.40 1.59 -61.58
CA ASP C 421 17.43 0.60 -62.08
C ASP C 421 16.42 0.31 -61.06
N GLU C 422 16.90 0.17 -59.83
CA GLU C 422 16.09 -0.10 -58.56
C GLU C 422 15.19 1.12 -58.38
N PHE C 423 15.71 2.38 -58.52
CA PHE C 423 14.80 3.53 -58.34
C PHE C 423 13.68 3.57 -59.30
N ALA C 424 14.01 3.30 -60.61
CA ALA C 424 13.08 3.29 -61.68
C ALA C 424 11.95 2.26 -61.50
N GLU C 425 12.40 1.10 -60.98
CA GLU C 425 11.46 0.03 -60.72
C GLU C 425 10.52 0.30 -59.69
N SER C 426 10.97 0.81 -58.51
CA SER C 426 10.29 1.10 -57.28
C SER C 426 9.26 2.15 -57.48
N ARG C 427 9.53 3.21 -58.28
CA ARG C 427 8.66 4.34 -58.57
C ARG C 427 7.42 3.90 -59.33
N GLU C 428 7.55 2.94 -60.24
CA GLU C 428 6.50 2.37 -61.00
C GLU C 428 5.54 1.60 -60.14
N VAL C 429 6.06 0.84 -59.13
CA VAL C 429 5.28 0.00 -58.30
C VAL C 429 4.28 0.69 -57.37
N VAL C 430 4.71 1.86 -56.82
CA VAL C 430 3.85 2.71 -56.01
C VAL C 430 2.70 3.22 -56.90
N GLN C 431 3.05 3.60 -58.19
CA GLN C 431 2.06 4.13 -59.12
C GLN C 431 1.05 3.11 -59.51
N SER C 432 1.54 1.83 -59.74
CA SER C 432 0.66 0.73 -60.04
C SER C 432 -0.32 0.41 -58.90
N LEU C 433 0.21 0.48 -57.64
CA LEU C 433 -0.56 0.20 -56.42
C LEU C 433 -1.64 1.18 -56.17
N MET C 434 -1.40 2.51 -56.38
CA MET C 434 -2.33 3.60 -56.21
C MET C 434 -3.45 3.41 -57.30
N GLU C 435 -3.07 2.86 -58.49
CA GLU C 435 -4.06 2.49 -59.50
C GLU C 435 -4.99 1.36 -59.12
N ASP C 436 -4.50 0.32 -58.47
CA ASP C 436 -5.30 -0.75 -57.91
C ASP C 436 -6.19 -0.23 -56.79
N TYR C 437 -5.64 0.81 -56.05
CA TYR C 437 -6.30 1.26 -54.84
C TYR C 437 -7.71 1.81 -55.04
N VAL C 438 -8.00 2.44 -56.28
CA VAL C 438 -9.29 2.94 -56.68
C VAL C 438 -10.27 1.84 -56.88
N ALA C 439 -9.77 0.70 -57.32
CA ALA C 439 -10.69 -0.42 -57.53
C ALA C 439 -11.28 -0.95 -56.24
N ALA C 440 -12.52 -1.52 -56.28
CA ALA C 440 -13.06 -2.34 -55.16
C ALA C 440 -12.65 -3.81 -55.24
N GLU C 441 -12.13 -4.24 -56.40
CA GLU C 441 -11.68 -5.61 -56.62
C GLU C 441 -10.55 -5.98 -55.63
N GLN C 442 -9.80 -4.92 -55.09
CA GLN C 442 -8.77 -5.11 -54.07
C GLN C 442 -9.27 -5.52 -52.73
N ASP C 443 -10.37 -4.92 -52.24
CA ASP C 443 -11.00 -5.12 -50.98
C ASP C 443 -11.59 -6.46 -50.75
N SER C 444 -12.40 -6.90 -51.73
CA SER C 444 -13.16 -8.17 -51.84
C SER C 444 -12.28 -9.11 -52.62
N TYR C 445 -11.88 -10.21 -51.90
CA TYR C 445 -11.14 -11.28 -52.54
C TYR C 445 -11.40 -12.51 -51.63
N MET D 1 30.58 -20.23 6.89
CA MET D 1 30.40 -21.70 6.95
C MET D 1 31.47 -22.28 7.78
N GLY D 2 32.78 -21.97 7.47
CA GLY D 2 33.89 -22.48 8.24
C GLY D 2 34.45 -23.76 7.77
N GLY D 3 34.02 -24.18 6.55
CA GLY D 3 34.50 -25.38 5.92
C GLY D 3 35.47 -24.90 4.80
N GLU D 4 36.84 -25.06 4.99
CA GLU D 4 37.86 -24.35 4.24
C GLU D 4 37.91 -25.01 2.88
N ILE D 5 38.24 -24.12 1.89
CA ILE D 5 38.57 -24.56 0.53
C ILE D 5 39.95 -23.91 0.41
N ILE D 6 40.94 -24.63 -0.10
CA ILE D 6 42.27 -24.11 -0.46
C ILE D 6 42.39 -24.19 -2.02
N THR D 7 43.01 -23.17 -2.64
CA THR D 7 42.95 -22.85 -4.05
C THR D 7 44.34 -23.23 -4.55
N LEU D 8 44.44 -23.96 -5.62
CA LEU D 8 45.65 -24.33 -6.22
C LEU D 8 45.70 -23.69 -7.55
N GLN D 9 46.73 -22.90 -7.91
CA GLN D 9 46.79 -22.19 -9.18
C GLN D 9 47.94 -22.76 -9.83
N ALA D 10 47.78 -23.29 -11.08
CA ALA D 10 48.86 -23.90 -11.83
C ALA D 10 48.84 -23.34 -13.23
N GLY D 11 50.04 -23.14 -13.74
CA GLY D 11 50.18 -22.66 -15.06
C GLY D 11 49.96 -21.20 -15.21
N GLN D 12 50.09 -20.69 -16.44
CA GLN D 12 49.96 -19.34 -16.81
C GLN D 12 48.54 -18.96 -16.62
N CYS D 13 47.53 -19.80 -17.13
CA CYS D 13 46.10 -19.56 -17.11
C CYS D 13 45.59 -19.52 -15.64
N GLY D 14 45.95 -20.51 -14.79
CA GLY D 14 45.50 -20.69 -13.45
C GLY D 14 45.88 -19.50 -12.62
N ASN D 15 47.08 -19.04 -12.79
CA ASN D 15 47.71 -17.97 -12.03
C ASN D 15 47.08 -16.64 -12.32
N HIS D 16 46.82 -16.43 -13.60
CA HIS D 16 46.13 -15.20 -14.06
C HIS D 16 44.74 -15.13 -13.56
N VAL D 17 43.94 -16.28 -13.69
CA VAL D 17 42.54 -16.28 -13.21
C VAL D 17 42.47 -16.14 -11.74
N GLY D 18 43.38 -16.80 -11.04
CA GLY D 18 43.51 -16.81 -9.64
C GLY D 18 43.84 -15.49 -9.02
N LYS D 19 44.75 -14.64 -9.66
CA LYS D 19 45.01 -13.26 -9.15
C LYS D 19 43.83 -12.36 -9.21
N PHE D 20 43.09 -12.40 -10.33
CA PHE D 20 41.90 -11.58 -10.61
C PHE D 20 40.80 -11.95 -9.64
N LEU D 21 40.64 -13.28 -9.31
CA LEU D 21 39.69 -13.87 -8.37
C LEU D 21 39.83 -13.38 -7.00
N TRP D 22 41.08 -13.25 -6.53
CA TRP D 22 41.36 -12.72 -5.16
C TRP D 22 40.98 -11.22 -5.09
N SER D 23 41.22 -10.42 -6.23
CA SER D 23 40.86 -9.02 -6.25
C SER D 23 39.45 -8.93 -6.12
N GLN D 24 38.62 -9.82 -6.76
CA GLN D 24 37.18 -9.73 -6.91
C GLN D 24 36.55 -9.88 -5.55
N LEU D 25 37.02 -10.86 -4.74
CA LEU D 25 36.60 -11.09 -3.41
C LEU D 25 37.00 -9.88 -2.60
N ALA D 26 38.21 -9.25 -2.75
CA ALA D 26 38.62 -8.13 -1.98
C ALA D 26 37.74 -6.95 -2.18
N LYS D 27 37.32 -6.60 -3.41
CA LYS D 27 36.44 -5.51 -3.70
C LYS D 27 34.99 -5.74 -3.09
N GLU D 28 34.37 -6.93 -3.25
CA GLU D 28 32.99 -7.14 -2.75
C GLU D 28 32.91 -7.05 -1.25
N HIS D 29 33.97 -7.65 -0.62
CA HIS D 29 33.95 -7.91 0.78
C HIS D 29 34.75 -6.84 1.49
N ALA D 30 34.95 -5.62 0.93
CA ALA D 30 35.80 -4.55 1.39
C ALA D 30 36.94 -4.90 2.27
N ILE D 31 38.09 -5.28 1.71
CA ILE D 31 39.31 -5.53 2.52
C ILE D 31 40.39 -4.91 1.72
N GLY D 32 41.53 -4.57 2.34
CA GLY D 32 42.71 -3.79 2.01
C GLY D 32 43.45 -4.11 0.69
N THR D 33 44.54 -3.40 0.49
CA THR D 33 45.32 -3.55 -0.71
C THR D 33 46.40 -4.53 -0.49
N ASP D 34 46.66 -4.91 0.85
CA ASP D 34 47.37 -6.15 1.24
C ASP D 34 46.37 -7.07 1.92
N GLY D 35 45.09 -6.63 2.02
CA GLY D 35 44.01 -7.49 2.50
C GLY D 35 43.55 -7.10 3.80
N LEU D 36 44.12 -5.98 4.32
CA LEU D 36 43.91 -5.35 5.61
C LEU D 36 42.43 -5.51 6.01
N SER D 37 42.24 -6.11 7.23
CA SER D 37 41.01 -6.49 7.94
C SER D 37 40.20 -5.29 8.15
N GLN D 38 38.88 -5.36 7.93
CA GLN D 38 37.95 -4.28 8.07
C GLN D 38 36.65 -4.85 8.64
N LEU D 39 35.83 -3.85 9.13
CA LEU D 39 34.49 -4.06 9.64
C LEU D 39 33.46 -4.86 8.73
N PRO D 40 33.42 -4.64 7.45
CA PRO D 40 32.47 -5.43 6.67
C PRO D 40 32.72 -7.00 6.62
N ASP D 41 33.94 -7.35 7.01
CA ASP D 41 34.52 -8.67 6.85
C ASP D 41 35.14 -9.31 8.13
N SER D 42 34.81 -8.65 9.29
CA SER D 42 35.23 -9.15 10.56
C SER D 42 34.43 -8.46 11.68
N SER D 43 33.17 -8.19 11.46
CA SER D 43 32.34 -7.60 12.50
C SER D 43 30.88 -7.78 12.08
N THR D 44 30.57 -8.62 11.03
CA THR D 44 29.20 -8.63 10.52
C THR D 44 28.99 -9.89 9.66
N GLU D 45 27.69 -10.36 9.52
CA GLU D 45 27.32 -11.66 8.96
C GLU D 45 26.93 -11.60 7.53
N ARG D 46 27.42 -10.58 6.93
CA ARG D 46 27.15 -10.23 5.57
C ARG D 46 27.90 -11.08 4.63
N ASP D 47 29.14 -11.50 5.05
CA ASP D 47 30.05 -12.37 4.36
C ASP D 47 30.56 -13.34 5.36
N ASP D 48 30.52 -14.63 5.06
CA ASP D 48 31.17 -15.64 5.89
C ASP D 48 32.14 -16.41 5.04
N ASP D 49 32.53 -15.64 3.98
CA ASP D 49 33.50 -16.07 2.99
C ASP D 49 34.85 -16.19 3.64
N THR D 50 35.06 -15.33 4.64
CA THR D 50 36.33 -14.95 5.19
C THR D 50 37.08 -16.13 5.65
N LYS D 51 36.52 -16.88 6.64
CA LYS D 51 37.21 -17.96 7.20
C LYS D 51 37.52 -19.19 6.21
N PRO D 52 36.61 -19.64 5.36
CA PRO D 52 36.86 -20.68 4.40
C PRO D 52 37.99 -20.42 3.35
N PHE D 53 37.94 -19.21 2.70
CA PHE D 53 38.85 -18.79 1.67
C PHE D 53 40.11 -18.11 2.12
N PHE D 54 40.03 -17.30 3.29
CA PHE D 54 41.17 -16.52 3.77
C PHE D 54 41.52 -16.96 5.20
N ARG D 55 42.78 -16.60 5.61
CA ARG D 55 43.33 -16.83 6.92
C ARG D 55 43.94 -15.45 7.18
N GLU D 56 44.13 -15.15 8.51
CA GLU D 56 44.65 -13.82 8.89
C GLU D 56 46.03 -14.00 9.40
N ASN D 57 46.89 -13.05 8.95
CA ASN D 57 48.22 -12.71 9.45
C ASN D 57 48.10 -11.95 10.67
N SER D 58 49.10 -12.12 11.60
CA SER D 58 49.05 -11.46 12.89
C SER D 58 49.47 -10.01 12.66
N ARG D 59 50.03 -9.66 11.48
CA ARG D 59 50.09 -8.25 10.97
C ARG D 59 48.73 -7.60 11.02
N ASN D 60 47.69 -8.40 10.72
CA ASN D 60 46.27 -8.12 10.76
C ASN D 60 45.76 -7.96 9.35
N LYS D 61 46.55 -8.49 8.40
CA LYS D 61 46.21 -8.55 6.99
C LYS D 61 45.67 -9.94 6.73
N PHE D 62 44.59 -9.98 5.94
CA PHE D 62 44.04 -11.22 5.46
C PHE D 62 44.93 -11.60 4.26
N THR D 63 45.14 -12.89 4.14
CA THR D 63 45.79 -13.44 2.95
C THR D 63 45.02 -14.59 2.49
N PRO D 64 44.81 -14.80 1.26
CA PRO D 64 44.06 -15.92 0.76
C PRO D 64 44.88 -17.20 0.90
N ARG D 65 44.18 -18.31 1.30
CA ARG D 65 44.61 -19.72 1.46
C ARG D 65 44.62 -20.27 0.14
N ALA D 66 45.65 -19.82 -0.60
CA ALA D 66 45.87 -20.13 -2.04
C ALA D 66 47.36 -20.32 -2.10
N ILE D 67 47.77 -21.24 -3.02
CA ILE D 67 49.12 -21.54 -3.30
C ILE D 67 49.20 -21.14 -4.77
N MET D 68 50.26 -20.39 -5.21
CA MET D 68 50.33 -20.03 -6.59
C MET D 68 51.56 -20.73 -7.06
N MET D 69 51.42 -21.47 -8.15
CA MET D 69 52.42 -22.35 -8.67
C MET D 69 52.56 -22.17 -10.15
N ASP D 70 53.84 -22.18 -10.64
CA ASP D 70 54.32 -22.22 -11.96
C ASP D 70 55.78 -21.98 -11.85
N SER D 71 56.42 -21.61 -12.98
CA SER D 71 57.85 -21.28 -13.05
C SER D 71 57.91 -19.79 -13.09
N GLU D 72 58.23 -19.20 -14.30
CA GLU D 72 58.33 -17.68 -14.35
C GLU D 72 56.97 -17.12 -14.38
N PRO D 73 55.82 -17.64 -14.84
CA PRO D 73 54.51 -16.93 -14.87
C PRO D 73 53.86 -16.84 -13.52
N SER D 74 54.56 -17.25 -12.40
CA SER D 74 54.05 -16.95 -11.05
C SER D 74 54.37 -15.55 -10.82
N VAL D 75 55.56 -15.08 -11.19
CA VAL D 75 55.94 -13.66 -11.08
C VAL D 75 55.11 -12.63 -11.85
N ILE D 76 54.71 -13.05 -13.08
CA ILE D 76 53.93 -12.26 -13.93
C ILE D 76 52.57 -11.97 -13.38
N ALA D 77 52.02 -12.98 -12.75
CA ALA D 77 50.72 -12.88 -12.14
C ALA D 77 50.62 -11.90 -11.01
N ASP D 78 51.63 -11.88 -10.07
CA ASP D 78 51.68 -10.85 -9.01
C ASP D 78 51.88 -9.40 -9.50
N VAL D 79 52.80 -9.18 -10.48
CA VAL D 79 53.09 -7.89 -10.97
C VAL D 79 51.94 -7.24 -11.73
N GLU D 80 51.15 -8.06 -12.47
CA GLU D 80 50.09 -7.58 -13.23
C GLU D 80 48.89 -7.04 -12.47
N ASN D 81 48.66 -7.77 -11.31
CA ASN D 81 47.61 -7.51 -10.33
C ASN D 81 47.86 -6.18 -9.61
N THR D 82 46.86 -5.39 -9.12
CA THR D 82 47.01 -4.11 -8.46
C THR D 82 46.94 -4.26 -6.96
N PHE D 83 46.52 -5.41 -6.43
CA PHE D 83 46.43 -5.76 -5.05
C PHE D 83 47.66 -6.57 -4.79
N ARG D 84 48.73 -5.91 -4.36
CA ARG D 84 50.06 -6.57 -4.19
C ARG D 84 50.45 -6.47 -2.72
N GLY D 85 51.17 -7.52 -2.31
CA GLY D 85 51.63 -7.78 -0.90
C GLY D 85 50.57 -8.59 -0.20
N PHE D 86 49.47 -8.81 -0.92
CA PHE D 86 48.26 -9.47 -0.57
C PHE D 86 48.47 -10.89 -0.41
N PHE D 87 49.37 -11.52 -1.25
CA PHE D 87 49.62 -12.94 -0.99
C PHE D 87 50.99 -12.91 -0.40
N ASP D 88 51.18 -13.93 0.49
CA ASP D 88 52.39 -14.16 1.28
C ASP D 88 53.47 -14.66 0.37
N PRO D 89 54.77 -14.32 0.78
CA PRO D 89 55.95 -14.76 0.04
C PRO D 89 56.10 -16.26 0.06
N ARG D 90 55.51 -16.87 1.18
CA ARG D 90 55.48 -18.24 1.53
C ARG D 90 54.58 -19.01 0.58
N ASN D 91 53.53 -18.33 0.04
CA ASN D 91 52.57 -18.92 -0.91
C ASN D 91 53.32 -19.04 -2.28
N THR D 92 54.42 -18.29 -2.49
CA THR D 92 54.94 -18.23 -3.86
C THR D 92 55.90 -19.26 -4.15
N TRP D 93 55.67 -20.02 -5.28
CA TRP D 93 56.55 -21.13 -5.64
C TRP D 93 56.85 -20.81 -7.07
N VAL D 94 58.18 -20.77 -7.36
CA VAL D 94 58.82 -20.42 -8.62
C VAL D 94 59.76 -21.57 -8.78
N ALA D 95 59.74 -22.30 -9.89
CA ALA D 95 60.54 -23.50 -10.04
C ALA D 95 62.03 -23.37 -10.05
N SER D 96 62.70 -24.44 -9.69
CA SER D 96 64.18 -24.47 -9.56
C SER D 96 64.75 -25.12 -10.73
N ASP D 97 63.94 -25.90 -11.47
CA ASP D 97 64.41 -26.65 -12.59
C ASP D 97 63.34 -26.52 -13.74
N GLY D 98 63.82 -26.43 -15.01
CA GLY D 98 63.01 -26.42 -16.20
C GLY D 98 62.37 -25.00 -16.31
N ALA D 99 61.45 -24.88 -17.25
CA ALA D 99 60.95 -23.58 -17.54
C ALA D 99 59.60 -23.77 -18.10
N SER D 100 58.80 -22.62 -18.15
CA SER D 100 57.47 -22.62 -18.74
C SER D 100 57.31 -23.20 -20.12
N ALA D 101 56.41 -24.13 -20.19
CA ALA D 101 56.00 -24.95 -21.31
C ALA D 101 54.63 -24.43 -21.81
N GLY D 102 54.31 -24.62 -23.17
CA GLY D 102 53.07 -24.08 -23.69
C GLY D 102 52.63 -25.01 -24.81
N ASN D 103 51.74 -26.01 -24.48
CA ASN D 103 51.29 -27.08 -25.31
C ASN D 103 52.34 -28.20 -25.27
N SER D 104 52.45 -28.98 -24.16
CA SER D 104 53.28 -30.13 -23.98
C SER D 104 53.15 -30.38 -22.55
N TRP D 105 52.50 -31.49 -22.24
CA TRP D 105 52.17 -32.12 -20.99
C TRP D 105 53.36 -32.61 -20.22
N ALA D 106 54.25 -33.25 -21.02
CA ALA D 106 55.40 -33.87 -20.49
C ALA D 106 56.31 -32.89 -19.78
N ASN D 107 56.58 -31.66 -20.33
CA ASN D 107 57.50 -30.73 -19.66
C ASN D 107 56.81 -30.18 -18.41
N GLY D 108 55.43 -30.00 -18.34
CA GLY D 108 54.75 -29.57 -17.18
C GLY D 108 54.84 -30.64 -16.16
N TYR D 109 54.69 -31.94 -16.53
CA TYR D 109 54.66 -33.07 -15.61
C TYR D 109 56.00 -33.28 -14.94
N ASP D 110 57.14 -33.20 -15.74
CA ASP D 110 58.49 -33.46 -15.34
C ASP D 110 58.94 -32.53 -14.31
N ILE D 111 58.61 -31.19 -14.44
CA ILE D 111 58.95 -30.25 -13.41
C ILE D 111 58.22 -30.52 -12.08
N GLY D 112 56.91 -30.99 -12.14
CA GLY D 112 56.08 -31.29 -11.01
C GLY D 112 56.73 -32.30 -10.14
N THR D 113 57.36 -33.35 -10.75
CA THR D 113 58.02 -34.43 -10.09
C THR D 113 59.28 -34.00 -9.32
N ARG D 114 60.01 -33.02 -9.93
CA ARG D 114 61.29 -32.43 -9.47
C ARG D 114 61.29 -31.66 -8.15
N ASN D 115 60.28 -30.83 -7.97
CA ASN D 115 59.96 -30.13 -6.80
C ASN D 115 58.76 -30.75 -6.13
N GLN D 116 58.61 -32.05 -6.02
CA GLN D 116 57.48 -32.68 -5.37
C GLN D 116 57.50 -32.38 -3.91
N ASP D 117 58.67 -32.45 -3.27
CA ASP D 117 58.77 -32.20 -1.81
C ASP D 117 58.42 -30.79 -1.49
N ASP D 118 58.93 -29.78 -2.24
CA ASP D 118 58.79 -28.37 -1.88
C ASP D 118 57.32 -27.94 -1.92
N ILE D 119 56.58 -28.34 -2.99
CA ILE D 119 55.17 -28.00 -3.17
C ILE D 119 54.24 -28.64 -2.10
N LEU D 120 54.50 -29.92 -1.81
CA LEU D 120 53.73 -30.65 -0.88
C LEU D 120 53.89 -30.15 0.56
N ASN D 121 55.10 -29.66 0.91
CA ASN D 121 55.44 -29.19 2.26
C ASN D 121 54.47 -28.00 2.59
N LYS D 122 54.26 -27.04 1.56
CA LYS D 122 53.51 -25.75 1.62
C LYS D 122 52.04 -26.11 1.87
N ILE D 123 51.51 -27.09 1.08
CA ILE D 123 50.13 -27.53 1.16
C ILE D 123 49.83 -28.17 2.45
N ASP D 124 50.65 -29.09 3.00
CA ASP D 124 50.50 -29.81 4.22
C ASP D 124 50.49 -28.83 5.36
N LYS D 125 51.30 -27.71 5.37
CA LYS D 125 51.19 -26.76 6.48
C LYS D 125 49.84 -26.10 6.54
N GLU D 126 49.32 -25.76 5.34
CA GLU D 126 48.10 -25.13 5.16
C GLU D 126 46.93 -26.04 5.65
N ILE D 127 47.05 -27.36 5.33
CA ILE D 127 46.11 -28.42 5.70
C ILE D 127 46.19 -28.58 7.25
N ASP D 128 47.39 -28.55 7.89
CA ASP D 128 47.52 -28.79 9.41
C ASP D 128 46.86 -27.68 10.21
N SER D 129 46.89 -26.40 9.76
CA SER D 129 46.28 -25.21 10.43
C SER D 129 44.80 -25.22 10.43
N THR D 130 44.18 -26.01 9.51
CA THR D 130 42.76 -26.01 9.19
C THR D 130 42.00 -26.66 10.33
N ASP D 131 40.76 -26.20 10.62
CA ASP D 131 39.87 -26.58 11.62
C ASP D 131 38.89 -27.66 11.13
N ASN D 132 38.37 -27.60 9.83
CA ASN D 132 37.51 -28.61 9.23
C ASN D 132 37.43 -28.34 7.74
N PHE D 133 38.37 -29.05 7.11
CA PHE D 133 38.74 -28.81 5.70
C PHE D 133 37.78 -29.58 4.82
N GLU D 134 37.08 -28.84 3.91
CA GLU D 134 36.31 -29.43 2.88
C GLU D 134 37.02 -30.05 1.68
N GLY D 135 38.00 -29.29 1.10
CA GLY D 135 38.65 -29.74 -0.11
C GLY D 135 39.46 -28.69 -0.90
N PHE D 136 39.86 -28.99 -2.17
CA PHE D 136 40.72 -28.24 -3.08
C PHE D 136 40.00 -27.76 -4.27
N GLN D 137 40.38 -26.62 -4.84
CA GLN D 137 40.04 -26.21 -6.12
C GLN D 137 41.26 -25.91 -6.96
N LEU D 138 41.32 -26.45 -8.19
CA LEU D 138 42.41 -26.28 -9.04
C LEU D 138 41.92 -25.38 -10.15
N LEU D 139 42.66 -24.23 -10.47
CA LEU D 139 42.36 -23.31 -11.61
C LEU D 139 43.60 -23.62 -12.44
N HIS D 140 43.38 -24.02 -13.72
CA HIS D 140 44.38 -24.51 -14.60
C HIS D 140 43.88 -24.68 -15.97
N SER D 141 44.73 -25.10 -16.92
CA SER D 141 44.37 -25.33 -18.25
C SER D 141 44.69 -26.80 -18.53
N VAL D 142 43.89 -27.39 -19.41
CA VAL D 142 44.15 -28.75 -19.86
C VAL D 142 44.76 -28.74 -21.24
N ALA D 143 45.02 -27.48 -21.71
CA ALA D 143 45.62 -27.22 -22.97
C ALA D 143 46.84 -26.35 -22.88
N GLY D 144 47.31 -26.08 -21.61
CA GLY D 144 48.62 -25.39 -21.43
C GLY D 144 49.71 -26.41 -21.56
N GLY D 145 51.01 -25.95 -21.39
CA GLY D 145 52.10 -26.88 -21.05
C GLY D 145 52.13 -27.06 -19.58
N THR D 146 52.17 -25.90 -18.88
CA THR D 146 52.38 -25.81 -17.43
C THR D 146 51.09 -26.23 -16.73
N GLY D 147 49.92 -25.68 -17.10
CA GLY D 147 48.64 -25.79 -16.44
C GLY D 147 48.19 -27.22 -16.47
N SER D 148 48.40 -27.85 -17.64
CA SER D 148 48.08 -29.23 -17.92
C SER D 148 48.94 -30.15 -17.13
N GLY D 149 50.29 -30.16 -17.32
CA GLY D 149 51.23 -31.16 -16.83
C GLY D 149 51.32 -30.98 -15.38
N LEU D 150 51.61 -29.75 -14.87
CA LEU D 150 51.84 -29.53 -13.48
C LEU D 150 50.66 -29.80 -12.59
N GLY D 151 49.46 -29.45 -12.96
CA GLY D 151 48.21 -29.71 -12.28
C GLY D 151 47.83 -31.18 -12.11
N SER D 152 48.04 -31.97 -13.18
CA SER D 152 47.84 -33.44 -13.33
C SER D 152 48.78 -34.09 -12.36
N ASN D 153 50.06 -33.56 -12.13
CA ASN D 153 51.03 -34.04 -11.11
C ASN D 153 50.48 -33.85 -9.74
N LEU D 154 49.88 -32.61 -9.44
CA LEU D 154 49.28 -32.32 -8.09
C LEU D 154 48.10 -33.14 -7.80
N LEU D 155 47.17 -33.44 -8.76
CA LEU D 155 46.09 -34.28 -8.50
C LEU D 155 46.46 -35.62 -8.18
N GLU D 156 47.47 -36.19 -8.87
CA GLU D 156 47.71 -37.53 -8.61
C GLU D 156 48.19 -37.78 -7.21
N ALA D 157 49.09 -36.94 -6.71
CA ALA D 157 49.69 -36.99 -5.28
C ALA D 157 48.63 -36.70 -4.21
N LEU D 158 47.72 -35.66 -4.43
CA LEU D 158 46.67 -35.24 -3.52
C LEU D 158 45.65 -36.31 -3.29
N CYS D 159 45.36 -37.05 -4.41
CA CYS D 159 44.46 -38.23 -4.47
C CYS D 159 44.81 -39.37 -3.59
N ASP D 160 46.10 -39.86 -3.60
CA ASP D 160 46.59 -40.99 -2.74
C ASP D 160 46.67 -40.46 -1.33
N ARG D 161 47.20 -39.23 -1.12
CA ARG D 161 47.47 -38.72 0.24
C ARG D 161 46.21 -38.52 1.05
N TYR D 162 45.25 -37.80 0.45
CA TYR D 162 43.91 -37.57 0.99
C TYR D 162 42.86 -37.97 -0.03
N PRO D 163 42.24 -39.11 0.22
CA PRO D 163 41.31 -39.66 -0.75
C PRO D 163 39.80 -39.33 -0.29
N LYS D 164 39.66 -38.82 1.01
CA LYS D 164 38.36 -38.54 1.62
C LYS D 164 38.00 -37.06 1.62
N LYS D 165 38.68 -36.20 0.80
CA LYS D 165 38.38 -34.80 0.71
C LYS D 165 37.99 -34.64 -0.76
N ILE D 166 37.27 -33.55 -1.09
CA ILE D 166 36.91 -33.38 -2.50
C ILE D 166 37.98 -32.75 -3.27
N LEU D 167 38.19 -33.17 -4.50
CA LEU D 167 39.13 -32.55 -5.44
C LEU D 167 38.15 -32.17 -6.55
N THR D 168 38.06 -30.83 -6.79
CA THR D 168 37.28 -30.23 -7.92
C THR D 168 38.19 -29.41 -8.73
N THR D 169 37.98 -29.37 -10.03
CA THR D 169 38.88 -28.65 -10.88
C THR D 169 38.05 -27.68 -11.79
N TYR D 170 38.67 -26.59 -12.20
CA TYR D 170 38.16 -25.68 -13.11
C TYR D 170 39.12 -25.82 -14.28
N SER D 171 38.75 -26.48 -15.38
CA SER D 171 39.60 -26.73 -16.51
C SER D 171 39.16 -25.95 -17.69
N VAL D 172 40.12 -25.21 -18.36
CA VAL D 172 39.73 -24.53 -19.58
C VAL D 172 40.18 -25.51 -20.69
N PHE D 173 39.27 -25.81 -21.60
CA PHE D 173 39.48 -26.74 -22.71
C PHE D 173 39.88 -26.06 -23.97
N PRO D 174 40.69 -26.64 -24.89
CA PRO D 174 41.22 -25.92 -26.05
C PRO D 174 40.11 -25.62 -27.01
N ALA D 175 39.13 -26.54 -26.99
CA ALA D 175 37.89 -26.41 -27.87
C ALA D 175 37.18 -27.76 -27.72
N ARG D 176 36.35 -28.17 -28.73
CA ARG D 176 35.62 -29.48 -28.60
C ARG D 176 36.55 -30.61 -29.14
N SER D 177 37.12 -30.21 -30.28
CA SER D 177 38.21 -30.90 -31.00
C SER D 177 39.50 -30.30 -30.65
N SER D 178 40.64 -30.99 -31.04
CA SER D 178 41.96 -30.41 -30.67
C SER D 178 42.55 -30.16 -32.02
N GLU D 179 42.59 -28.84 -32.33
CA GLU D 179 43.01 -28.24 -33.50
C GLU D 179 44.49 -28.33 -33.64
N VAL D 180 45.32 -27.95 -32.62
CA VAL D 180 46.72 -28.06 -32.88
C VAL D 180 47.08 -29.57 -32.70
N VAL D 181 48.28 -29.96 -33.24
CA VAL D 181 48.71 -31.33 -33.42
C VAL D 181 48.82 -32.11 -32.11
N VAL D 182 49.85 -31.80 -31.27
CA VAL D 182 50.17 -32.38 -30.04
C VAL D 182 49.27 -32.01 -28.99
N GLN D 183 48.25 -31.05 -29.25
CA GLN D 183 47.18 -30.74 -28.41
C GLN D 183 46.45 -31.99 -27.97
N SER D 184 46.24 -32.94 -28.91
CA SER D 184 45.50 -34.17 -28.67
C SER D 184 46.14 -35.02 -27.65
N TYR D 185 47.45 -35.10 -27.66
CA TYR D 185 48.17 -35.96 -26.75
C TYR D 185 47.99 -35.43 -25.39
N ASN D 186 48.21 -34.11 -25.22
CA ASN D 186 48.25 -33.30 -24.06
C ASN D 186 46.85 -33.33 -23.30
N THR D 187 45.70 -33.26 -24.05
CA THR D 187 44.30 -33.36 -23.61
C THR D 187 44.10 -34.73 -23.12
N ILE D 188 44.62 -35.75 -23.86
CA ILE D 188 44.45 -37.17 -23.51
C ILE D 188 45.13 -37.48 -22.13
N LEU D 189 46.42 -37.13 -21.92
CA LEU D 189 47.33 -37.49 -20.78
C LEU D 189 46.81 -36.91 -19.48
N ALA D 190 46.29 -35.63 -19.66
CA ALA D 190 45.66 -34.96 -18.55
C ALA D 190 44.35 -35.52 -18.14
N LEU D 191 43.53 -35.88 -19.11
CA LEU D 191 42.15 -36.41 -18.84
C LEU D 191 42.02 -37.67 -18.01
N ARG D 192 43.04 -38.58 -18.11
CA ARG D 192 43.06 -39.80 -17.34
C ARG D 192 43.11 -39.43 -15.92
N ARG D 193 43.95 -38.44 -15.53
CA ARG D 193 44.14 -37.92 -14.22
C ARG D 193 42.87 -37.19 -13.78
N LEU D 194 42.18 -36.44 -14.64
CA LEU D 194 40.95 -35.75 -14.25
C LEU D 194 39.83 -36.66 -13.88
N ILE D 195 39.66 -37.83 -14.64
CA ILE D 195 38.60 -38.76 -14.36
C ILE D 195 38.92 -39.53 -13.04
N GLU D 196 40.12 -40.08 -12.75
CA GLU D 196 40.30 -40.86 -11.54
C GLU D 196 40.53 -39.99 -10.28
N ASP D 197 41.40 -38.99 -10.40
CA ASP D 197 41.89 -38.19 -9.32
C ASP D 197 41.05 -37.10 -8.82
N SER D 198 40.06 -36.73 -9.60
CA SER D 198 39.06 -35.78 -9.28
C SER D 198 37.68 -36.53 -9.25
N ASP D 199 36.81 -35.99 -8.27
CA ASP D 199 35.45 -36.41 -8.25
C ASP D 199 34.54 -35.34 -8.88
N ALA D 200 35.03 -34.16 -9.33
CA ALA D 200 34.18 -33.20 -10.05
C ALA D 200 35.06 -32.50 -11.08
N THR D 201 34.56 -32.22 -12.27
CA THR D 201 35.24 -31.40 -13.22
C THR D 201 34.30 -30.34 -13.78
N VAL D 202 34.69 -29.10 -13.65
CA VAL D 202 34.00 -28.03 -14.30
C VAL D 202 34.70 -27.68 -15.61
N VAL D 203 34.00 -27.95 -16.72
CA VAL D 203 34.46 -27.66 -18.08
C VAL D 203 34.11 -26.29 -18.43
N PHE D 204 35.16 -25.51 -18.89
CA PHE D 204 35.11 -24.17 -19.41
C PHE D 204 35.57 -24.27 -20.83
N ASP D 205 34.71 -24.10 -21.85
CA ASP D 205 35.20 -24.37 -23.16
C ASP D 205 35.76 -23.00 -23.69
N ASN D 206 37.08 -22.77 -24.01
CA ASN D 206 37.64 -21.46 -24.33
C ASN D 206 37.14 -20.85 -25.57
N ALA D 207 36.55 -21.67 -26.54
CA ALA D 207 35.89 -21.17 -27.75
C ALA D 207 34.73 -20.24 -27.42
N SER D 208 33.94 -20.67 -26.40
CA SER D 208 32.86 -19.95 -25.72
C SER D 208 33.30 -18.81 -24.88
N LEU D 209 34.47 -18.88 -24.17
CA LEU D 209 35.00 -17.73 -23.39
C LEU D 209 35.36 -16.57 -24.29
N LEU D 210 36.00 -16.95 -25.46
CA LEU D 210 36.49 -15.98 -26.35
C LEU D 210 35.30 -15.25 -26.98
N ASN D 211 34.20 -16.01 -27.33
CA ASN D 211 32.97 -15.39 -27.90
C ASN D 211 32.25 -14.43 -26.98
N ILE D 212 32.25 -14.84 -25.69
CA ILE D 212 31.70 -13.92 -24.72
C ILE D 212 32.54 -12.67 -24.63
N SER D 213 33.89 -12.76 -24.55
CA SER D 213 34.79 -11.70 -24.32
C SER D 213 34.90 -10.64 -25.40
N GLY D 214 34.93 -11.13 -26.68
CA GLY D 214 34.99 -10.41 -27.90
C GLY D 214 33.71 -9.62 -28.11
N LYS D 215 32.62 -10.33 -27.87
CA LYS D 215 31.32 -9.85 -28.12
C LYS D 215 30.86 -8.74 -27.19
N VAL D 216 30.82 -9.02 -25.83
CA VAL D 216 30.15 -8.22 -24.80
C VAL D 216 30.85 -6.99 -24.39
N PHE D 217 32.15 -7.14 -24.11
CA PHE D 217 33.02 -6.08 -23.68
C PHE D 217 33.30 -5.18 -24.85
N ARG D 218 33.34 -5.74 -26.15
CA ARG D 218 33.60 -4.95 -27.39
C ARG D 218 35.01 -4.46 -27.36
N ASN D 219 35.94 -5.37 -27.59
CA ASN D 219 37.36 -5.20 -27.65
C ASN D 219 37.86 -5.30 -29.12
N PRO D 220 39.03 -4.65 -29.42
CA PRO D 220 39.50 -4.64 -30.82
C PRO D 220 40.39 -5.78 -31.00
N ASN D 221 40.79 -6.36 -29.82
CA ASN D 221 41.60 -7.55 -29.64
C ASN D 221 41.44 -8.00 -28.20
N ILE D 222 41.55 -9.30 -28.06
CA ILE D 222 41.28 -10.06 -26.88
C ILE D 222 42.50 -10.93 -26.70
N ASP D 223 42.74 -11.23 -25.40
CA ASP D 223 43.79 -12.13 -25.04
C ASP D 223 43.32 -12.76 -23.67
N LEU D 224 44.29 -13.42 -22.95
CA LEU D 224 44.08 -14.26 -21.81
C LEU D 224 43.51 -13.40 -20.68
N GLN D 225 43.94 -12.12 -20.43
CA GLN D 225 43.47 -11.34 -19.30
C GLN D 225 42.00 -11.07 -19.24
N HIS D 226 41.39 -10.77 -20.41
CA HIS D 226 40.00 -10.57 -20.59
C HIS D 226 39.14 -11.80 -20.32
N THR D 227 39.53 -12.98 -20.86
CA THR D 227 38.76 -14.21 -20.58
C THR D 227 38.84 -14.66 -19.19
N ASN D 228 40.00 -14.46 -18.51
CA ASN D 228 40.09 -14.76 -17.12
C ASN D 228 39.20 -13.94 -16.36
N GLN D 229 38.76 -12.67 -16.75
CA GLN D 229 37.88 -11.74 -15.98
C GLN D 229 36.50 -12.37 -15.84
N LEU D 230 36.08 -13.04 -16.94
CA LEU D 230 34.86 -13.72 -17.02
C LEU D 230 34.80 -14.95 -16.10
N ILE D 231 35.90 -15.72 -16.08
CA ILE D 231 36.08 -16.99 -15.31
C ILE D 231 36.00 -16.66 -13.85
N SER D 232 36.62 -15.54 -13.36
CA SER D 232 36.62 -15.01 -11.98
C SER D 232 35.23 -14.66 -11.55
N THR D 233 34.42 -14.08 -12.44
CA THR D 233 33.00 -13.74 -12.17
C THR D 233 32.22 -15.05 -11.99
N ILE D 234 32.54 -16.06 -12.79
CA ILE D 234 31.82 -17.30 -12.75
C ILE D 234 32.08 -18.05 -11.39
N ILE D 235 33.35 -18.09 -10.89
CA ILE D 235 33.80 -18.74 -9.63
C ILE D 235 33.18 -18.08 -8.48
N SER D 236 33.06 -16.71 -8.37
CA SER D 236 32.52 -15.89 -7.32
C SER D 236 31.04 -16.15 -7.19
N SER D 237 30.28 -16.32 -8.33
CA SER D 237 28.85 -16.56 -8.34
C SER D 237 28.49 -17.92 -7.73
N VAL D 238 29.42 -18.99 -7.97
CA VAL D 238 29.33 -20.26 -7.27
C VAL D 238 29.52 -20.10 -5.76
N THR D 239 30.40 -19.14 -5.41
CA THR D 239 30.88 -18.90 -4.07
C THR D 239 29.87 -18.07 -3.20
N ASN D 240 28.81 -17.54 -3.89
CA ASN D 240 27.71 -16.86 -3.31
C ASN D 240 27.10 -17.69 -2.19
N SER D 241 26.91 -19.00 -2.43
CA SER D 241 26.36 -19.89 -1.41
C SER D 241 27.08 -20.17 -0.09
N ILE D 242 28.44 -20.02 -0.14
CA ILE D 242 29.31 -20.22 1.04
C ILE D 242 29.14 -18.97 1.96
N ARG D 243 29.15 -17.71 1.42
CA ARG D 243 28.97 -16.53 2.26
C ARG D 243 27.58 -16.18 2.73
N PHE D 244 26.49 -16.63 2.08
CA PHE D 244 25.10 -16.53 2.43
C PHE D 244 24.50 -17.95 2.58
N PRO D 245 24.67 -18.69 3.73
CA PRO D 245 24.09 -19.99 3.88
C PRO D 245 22.75 -19.78 4.64
N SER D 246 21.69 -20.42 4.08
CA SER D 246 20.39 -20.38 4.62
C SER D 246 19.53 -21.57 4.07
N TYR D 247 20.09 -22.40 3.22
CA TYR D 247 19.44 -23.53 2.68
C TYR D 247 20.32 -24.74 2.93
N MET D 248 19.64 -25.91 3.06
CA MET D 248 20.33 -27.08 3.48
C MET D 248 21.06 -27.76 2.37
N TYR D 249 21.19 -26.97 1.22
CA TYR D 249 21.77 -27.31 -0.04
C TYR D 249 22.46 -26.03 -0.53
N SER D 250 23.33 -25.47 0.29
CA SER D 250 23.95 -24.26 0.16
C SER D 250 25.37 -24.53 0.56
N SER D 251 25.69 -25.46 1.52
CA SER D 251 27.04 -25.80 1.85
C SER D 251 27.76 -26.54 0.74
N MET D 252 29.11 -26.64 0.79
CA MET D 252 30.02 -27.27 -0.22
C MET D 252 29.74 -28.73 -0.37
N SER D 253 29.62 -29.47 0.76
CA SER D 253 29.34 -30.93 0.81
C SER D 253 27.96 -31.23 0.25
N SER D 254 26.89 -30.49 0.58
CA SER D 254 25.60 -30.74 0.16
C SER D 254 25.29 -30.51 -1.27
N ILE D 255 25.91 -29.42 -1.89
CA ILE D 255 25.86 -29.11 -3.30
C ILE D 255 26.58 -30.22 -4.04
N TYR D 256 27.73 -30.79 -3.58
CA TYR D 256 28.52 -31.76 -4.27
C TYR D 256 27.81 -33.00 -4.56
N SER D 257 27.10 -33.46 -3.51
CA SER D 257 26.30 -34.65 -3.51
C SER D 257 25.23 -34.55 -4.50
N THR D 258 24.51 -33.37 -4.57
CA THR D 258 23.54 -33.23 -5.67
C THR D 258 24.02 -33.18 -7.06
N LEU D 259 25.12 -32.38 -7.29
CA LEU D 259 25.68 -32.01 -8.58
C LEU D 259 26.37 -33.10 -9.32
N ILE D 260 27.10 -33.97 -8.70
CA ILE D 260 27.86 -34.98 -9.33
C ILE D 260 26.94 -36.17 -9.24
N PRO D 261 26.49 -36.78 -10.38
CA PRO D 261 25.65 -37.94 -10.31
C PRO D 261 26.46 -39.17 -10.33
N SER D 262 27.67 -39.09 -10.94
CA SER D 262 28.60 -40.25 -10.96
C SER D 262 30.01 -39.79 -10.83
N PRO D 263 31.03 -40.52 -10.30
CA PRO D 263 32.42 -40.03 -10.17
C PRO D 263 33.10 -40.09 -11.47
N GLU D 264 32.44 -40.62 -12.54
CA GLU D 264 32.95 -40.83 -13.89
C GLU D 264 32.23 -40.11 -14.87
N LEU D 265 31.08 -39.62 -14.55
CA LEU D 265 30.22 -38.84 -15.49
C LEU D 265 29.94 -37.70 -14.58
N HIS D 266 31.05 -37.13 -14.15
CA HIS D 266 31.14 -36.12 -13.19
C HIS D 266 31.44 -34.77 -13.86
N PHE D 267 31.31 -34.75 -15.19
CA PHE D 267 31.60 -33.60 -15.97
C PHE D 267 30.37 -32.77 -15.95
N LEU D 268 30.62 -31.54 -15.51
CA LEU D 268 29.62 -30.47 -15.27
C LEU D 268 29.85 -29.50 -16.33
N SER D 269 28.74 -28.74 -16.66
CA SER D 269 28.81 -27.65 -17.62
C SER D 269 28.33 -26.43 -16.87
N PRO D 270 28.93 -25.24 -16.91
CA PRO D 270 28.38 -24.08 -16.29
C PRO D 270 27.71 -23.23 -17.22
N SER D 271 26.80 -22.38 -16.71
CA SER D 271 26.14 -21.31 -17.44
C SER D 271 26.17 -20.22 -16.46
N PHE D 272 26.08 -18.94 -16.94
CA PHE D 272 25.90 -17.82 -16.07
C PHE D 272 25.03 -16.92 -16.97
N THR D 273 24.13 -16.04 -16.42
CA THR D 273 23.35 -15.10 -17.09
C THR D 273 23.03 -13.89 -16.28
N PRO D 274 23.03 -12.68 -16.77
CA PRO D 274 23.51 -12.31 -18.08
C PRO D 274 24.98 -12.04 -17.92
N PHE D 275 25.83 -12.53 -18.83
CA PHE D 275 27.26 -12.29 -18.94
C PHE D 275 27.66 -10.97 -19.53
N THR D 276 26.67 -10.39 -20.23
CA THR D 276 26.88 -9.09 -20.82
C THR D 276 26.74 -7.87 -19.90
N SER D 277 26.06 -8.19 -18.67
CA SER D 277 25.64 -7.34 -17.65
C SER D 277 26.61 -6.23 -17.27
N ASP D 278 27.94 -6.49 -17.15
CA ASP D 278 28.98 -5.58 -16.74
C ASP D 278 29.13 -4.40 -17.68
N TYR D 279 29.32 -4.68 -19.02
CA TYR D 279 29.51 -3.69 -19.97
C TYR D 279 28.30 -2.92 -20.21
N ILE D 280 27.15 -3.66 -20.50
CA ILE D 280 25.99 -3.21 -21.16
C ILE D 280 25.17 -2.19 -20.35
N HIS D 281 24.96 -2.71 -19.05
CA HIS D 281 24.06 -2.10 -18.08
C HIS D 281 24.68 -0.81 -17.65
N ASP D 282 26.03 -0.77 -17.59
CA ASP D 282 26.73 0.35 -17.04
C ASP D 282 26.44 1.70 -17.66
N ASP D 283 26.42 1.80 -19.05
CA ASP D 283 26.18 3.07 -19.75
C ASP D 283 24.74 3.47 -19.50
N ILE D 284 23.79 2.52 -19.85
CA ILE D 284 22.36 2.72 -19.71
C ILE D 284 21.62 1.51 -20.01
N ALA D 285 20.99 0.83 -19.04
CA ALA D 285 20.08 -0.26 -19.24
C ALA D 285 20.09 -1.09 -17.98
N HIS D 286 19.04 -1.86 -17.71
CA HIS D 286 19.05 -2.82 -16.50
C HIS D 286 18.43 -4.04 -16.78
N LYS D 287 17.74 -4.23 -17.98
CA LYS D 287 17.00 -5.41 -18.42
C LYS D 287 16.01 -5.71 -17.38
N GLY D 288 15.66 -7.05 -17.05
CA GLY D 288 14.69 -7.32 -15.94
C GLY D 288 14.81 -8.62 -15.34
N HIS D 289 13.82 -8.94 -14.40
CA HIS D 289 13.52 -10.20 -13.86
C HIS D 289 13.03 -11.15 -14.93
N SER D 290 12.17 -10.64 -15.85
CA SER D 290 11.67 -11.43 -16.97
C SER D 290 12.80 -11.91 -17.91
N SER D 291 13.85 -10.99 -18.23
CA SER D 291 14.94 -11.22 -19.14
C SER D 291 15.85 -12.33 -18.69
N TYR D 292 16.21 -12.32 -17.39
CA TYR D 292 16.95 -13.30 -16.68
C TYR D 292 16.22 -14.63 -16.70
N ASP D 293 14.93 -14.63 -16.44
CA ASP D 293 14.10 -15.82 -16.28
C ASP D 293 14.10 -16.49 -17.70
N VAL D 294 13.98 -15.66 -18.76
CA VAL D 294 14.00 -16.18 -20.13
C VAL D 294 15.28 -16.79 -20.51
N MET D 295 16.48 -16.24 -20.18
CA MET D 295 17.76 -16.87 -20.53
C MET D 295 18.02 -18.18 -19.86
N LEU D 296 17.55 -18.41 -18.63
CA LEU D 296 17.77 -19.64 -17.90
C LEU D 296 17.20 -20.88 -18.60
N ASP D 297 16.08 -20.74 -19.34
CA ASP D 297 15.43 -21.85 -20.09
C ASP D 297 16.31 -22.18 -21.23
N LEU D 298 17.06 -21.14 -21.73
CA LEU D 298 17.74 -21.27 -23.01
C LEU D 298 19.14 -21.66 -22.64
N LEU D 299 19.88 -22.23 -23.66
CA LEU D 299 21.12 -22.91 -23.67
C LEU D 299 21.97 -22.17 -24.70
N ASP D 300 21.44 -21.16 -25.40
CA ASP D 300 22.19 -20.34 -26.30
C ASP D 300 23.15 -19.48 -25.51
N PRO D 301 22.79 -18.83 -24.36
CA PRO D 301 23.84 -18.28 -23.52
C PRO D 301 24.38 -19.28 -22.45
N SER D 302 25.67 -19.56 -22.58
CA SER D 302 26.24 -20.50 -21.67
C SER D 302 27.75 -20.21 -21.69
N ASN D 303 28.53 -20.77 -20.71
CA ASN D 303 29.99 -20.46 -20.68
C ASN D 303 30.78 -21.56 -21.33
N SER D 304 30.04 -22.62 -21.80
CA SER D 304 30.68 -23.70 -22.59
C SER D 304 29.69 -23.80 -23.63
N LEU D 305 30.11 -24.11 -24.91
CA LEU D 305 29.14 -24.11 -25.99
C LEU D 305 28.18 -25.30 -25.96
N VAL D 306 26.92 -24.99 -26.32
CA VAL D 306 25.91 -26.04 -26.35
C VAL D 306 25.77 -26.27 -27.79
N SER D 307 26.09 -27.50 -28.29
CA SER D 307 26.12 -27.91 -29.66
C SER D 307 25.53 -29.26 -29.51
N THR D 308 24.82 -29.78 -30.47
CA THR D 308 24.11 -31.06 -30.44
C THR D 308 25.13 -32.18 -30.14
N ALA D 309 24.71 -32.97 -29.16
CA ALA D 309 25.42 -34.06 -28.50
C ALA D 309 24.68 -35.33 -28.71
N MET D 310 25.39 -36.46 -28.35
CA MET D 310 24.85 -37.75 -28.36
C MET D 310 23.80 -37.76 -27.30
N ASN D 311 22.78 -38.68 -27.50
CA ASN D 311 21.66 -38.74 -26.62
C ASN D 311 20.83 -37.52 -26.95
N ASN D 312 20.87 -36.53 -26.04
CA ASN D 312 20.22 -35.28 -26.27
C ASN D 312 21.18 -34.27 -25.69
N PRO D 313 21.30 -33.01 -26.09
CA PRO D 313 22.11 -31.96 -25.39
C PRO D 313 21.24 -31.48 -24.19
N THR D 314 19.91 -31.83 -24.24
CA THR D 314 18.99 -31.20 -23.22
C THR D 314 18.70 -32.14 -22.03
N TYR D 315 19.35 -33.31 -21.98
CA TYR D 315 19.18 -34.21 -20.97
C TYR D 315 20.10 -33.70 -19.83
N PHE D 316 19.48 -33.16 -18.71
CA PHE D 316 20.09 -32.75 -17.51
C PHE D 316 19.99 -33.96 -16.65
N ASN D 317 21.12 -34.39 -16.07
CA ASN D 317 21.17 -35.49 -15.09
C ASN D 317 20.72 -34.83 -13.84
N VAL D 318 21.20 -33.59 -13.54
CA VAL D 318 20.81 -32.85 -12.35
C VAL D 318 21.13 -31.41 -12.67
N TYR D 319 20.40 -30.47 -12.03
CA TYR D 319 20.44 -29.05 -12.37
C TYR D 319 20.37 -28.32 -11.10
N ASN D 320 21.22 -27.32 -10.92
CA ASN D 320 21.29 -26.49 -9.76
C ASN D 320 21.34 -25.10 -10.28
N THR D 321 20.47 -24.27 -9.72
CA THR D 321 20.37 -22.89 -10.10
C THR D 321 20.68 -22.15 -8.82
N ILE D 322 21.61 -21.16 -8.89
CA ILE D 322 22.01 -20.30 -7.81
C ILE D 322 21.43 -19.01 -8.22
N ILE D 323 20.49 -18.38 -7.47
CA ILE D 323 19.83 -17.19 -7.97
C ILE D 323 20.33 -16.13 -7.10
N GLY D 324 20.78 -14.96 -7.66
CA GLY D 324 21.18 -13.87 -6.77
C GLY D 324 20.39 -12.72 -7.20
N ASN D 325 19.71 -12.16 -6.21
CA ASN D 325 18.87 -11.00 -6.34
C ASN D 325 18.13 -10.95 -5.12
N VAL D 326 17.64 -9.75 -4.72
CA VAL D 326 16.92 -9.56 -3.45
C VAL D 326 15.42 -9.81 -3.52
N GLU D 327 14.87 -10.14 -4.72
CA GLU D 327 13.50 -10.29 -5.07
C GLU D 327 12.90 -11.44 -4.22
N PRO D 328 11.60 -11.29 -3.98
CA PRO D 328 10.71 -12.32 -3.32
C PRO D 328 11.07 -13.72 -3.60
N ARG D 329 11.28 -14.56 -2.57
CA ARG D 329 11.56 -15.95 -2.62
C ARG D 329 10.50 -16.77 -3.26
N GLN D 330 9.22 -16.40 -3.06
CA GLN D 330 8.10 -17.03 -3.69
C GLN D 330 8.03 -16.92 -5.19
N ILE D 331 8.36 -15.70 -5.74
CA ILE D 331 8.29 -15.46 -7.25
C ILE D 331 9.37 -16.37 -7.89
N SER D 332 10.54 -16.40 -7.21
CA SER D 332 11.60 -17.25 -7.74
C SER D 332 11.27 -18.79 -7.69
N ARG D 333 10.62 -19.26 -6.61
CA ARG D 333 10.23 -20.61 -6.35
C ARG D 333 9.24 -21.06 -7.39
N ALA D 334 8.25 -20.12 -7.64
CA ALA D 334 7.20 -20.31 -8.63
C ALA D 334 7.66 -20.44 -10.06
N MET D 335 8.70 -19.61 -10.48
CA MET D 335 9.28 -19.77 -11.85
C MET D 335 9.97 -21.10 -12.05
N THR D 336 10.67 -21.56 -11.06
CA THR D 336 11.41 -22.80 -11.08
C THR D 336 10.48 -24.00 -11.18
N LYS D 337 9.31 -23.93 -10.49
CA LYS D 337 8.28 -24.95 -10.54
C LYS D 337 7.73 -25.10 -11.94
N LEU D 338 7.55 -23.94 -12.59
CA LEU D 338 6.97 -23.90 -13.90
C LEU D 338 7.76 -24.54 -14.99
N GLN D 339 9.12 -24.31 -14.83
CA GLN D 339 10.09 -24.89 -15.69
C GLN D 339 10.07 -26.39 -15.61
N GLN D 340 9.92 -27.00 -14.39
CA GLN D 340 9.76 -28.44 -14.21
C GLN D 340 8.53 -28.99 -14.75
N ARG D 341 7.41 -28.32 -14.50
CA ARG D 341 6.12 -28.68 -14.94
C ARG D 341 5.87 -28.78 -16.40
N ILE D 342 6.37 -27.80 -17.13
CA ILE D 342 6.16 -27.75 -18.62
C ILE D 342 6.84 -28.95 -19.32
N LYS D 343 7.96 -29.35 -18.79
CA LYS D 343 8.78 -30.37 -19.30
C LYS D 343 9.61 -29.75 -20.45
N PHE D 344 10.24 -28.57 -20.19
CA PHE D 344 11.19 -27.97 -21.08
C PHE D 344 12.46 -28.80 -21.42
N PRO D 345 13.20 -29.34 -20.45
CA PRO D 345 14.42 -30.22 -20.65
C PRO D 345 13.87 -31.61 -20.89
N SER D 346 14.76 -32.54 -21.35
CA SER D 346 14.57 -33.94 -21.42
C SER D 346 14.81 -34.49 -20.01
N TRP D 347 14.17 -35.64 -19.67
CA TRP D 347 14.12 -36.15 -18.32
C TRP D 347 14.45 -37.64 -18.56
N SER D 348 14.63 -38.45 -17.43
CA SER D 348 14.75 -39.87 -17.36
C SER D 348 13.36 -40.42 -17.28
N SER D 349 13.21 -41.69 -17.57
CA SER D 349 11.97 -42.42 -17.52
C SER D 349 11.72 -43.05 -16.19
N SER D 350 12.75 -43.17 -15.28
CA SER D 350 12.62 -43.64 -13.91
C SER D 350 12.57 -42.56 -12.86
N ALA D 351 12.91 -41.31 -13.20
CA ALA D 351 12.98 -40.20 -12.34
C ALA D 351 12.72 -39.01 -13.11
N MET D 352 11.79 -38.09 -12.63
CA MET D 352 11.36 -36.85 -13.26
C MET D 352 11.36 -35.87 -12.14
N HIS D 353 11.35 -34.54 -12.56
CA HIS D 353 11.26 -33.41 -11.67
C HIS D 353 12.57 -33.35 -10.86
N VAL D 354 13.78 -33.54 -11.50
CA VAL D 354 14.99 -33.62 -10.73
C VAL D 354 15.87 -32.43 -11.13
N ASN D 355 15.36 -31.24 -10.92
CA ASN D 355 15.92 -29.94 -11.25
C ASN D 355 15.63 -29.16 -9.97
N ILE D 356 16.66 -28.54 -9.35
CA ILE D 356 16.48 -27.75 -8.08
C ILE D 356 17.08 -26.36 -8.28
N GLY D 357 16.58 -25.41 -7.43
CA GLY D 357 17.02 -24.01 -7.48
C GLY D 357 17.19 -23.67 -5.97
N ARG D 358 18.28 -22.82 -5.60
CA ARG D 358 18.64 -22.27 -4.32
C ARG D 358 18.74 -20.77 -4.35
N ARG D 359 18.33 -20.08 -3.21
CA ARG D 359 18.16 -18.69 -3.36
C ARG D 359 19.22 -18.16 -2.38
N SER D 360 19.90 -17.12 -2.80
CA SER D 360 20.91 -16.50 -2.02
C SER D 360 20.57 -15.06 -2.24
N PRO D 361 20.87 -14.17 -1.35
CA PRO D 361 20.57 -12.73 -1.59
C PRO D 361 21.76 -12.13 -2.43
N TYR D 362 21.78 -10.76 -2.38
CA TYR D 362 22.66 -10.02 -3.22
C TYR D 362 23.46 -9.01 -2.39
N LEU D 363 24.78 -8.86 -2.59
CA LEU D 363 25.59 -7.86 -1.94
C LEU D 363 25.34 -6.50 -2.51
N PRO D 364 25.62 -5.43 -1.70
CA PRO D 364 25.43 -4.09 -2.21
C PRO D 364 26.79 -3.52 -2.72
N LEU D 365 27.74 -4.43 -3.01
CA LEU D 365 29.01 -3.98 -3.47
C LEU D 365 29.62 -5.11 -4.16
N GLN D 366 29.80 -5.04 -5.49
CA GLN D 366 30.33 -6.15 -6.27
C GLN D 366 30.18 -5.66 -7.72
N PRO D 367 31.03 -6.16 -8.56
CA PRO D 367 30.87 -5.88 -10.02
C PRO D 367 29.58 -6.41 -10.57
N ASN D 368 28.87 -5.79 -11.57
CA ASN D 368 27.54 -6.06 -11.88
C ASN D 368 26.59 -5.89 -10.67
N GLU D 369 26.56 -4.61 -10.18
CA GLU D 369 25.83 -4.29 -8.96
C GLU D 369 24.42 -3.92 -9.30
N ASN D 370 23.46 -4.48 -8.49
CA ASN D 370 22.05 -4.35 -8.70
C ASN D 370 21.55 -4.84 -10.11
N GLU D 371 21.67 -6.21 -10.32
CA GLU D 371 21.13 -6.93 -11.48
C GLU D 371 20.62 -8.18 -10.99
N VAL D 372 19.68 -8.66 -11.79
CA VAL D 372 18.95 -9.85 -11.41
C VAL D 372 19.83 -10.78 -12.21
N SER D 373 20.58 -11.67 -11.50
CA SER D 373 21.56 -12.57 -12.10
C SER D 373 21.49 -13.92 -11.45
N GLY D 374 22.14 -14.84 -12.12
CA GLY D 374 22.18 -16.20 -11.70
C GLY D 374 23.22 -16.94 -12.33
N MET D 375 23.63 -18.09 -11.65
CA MET D 375 24.67 -18.93 -12.17
C MET D 375 24.10 -20.29 -12.07
N MET D 376 24.47 -21.15 -13.08
CA MET D 376 23.88 -22.50 -13.20
C MET D 376 25.07 -23.47 -13.06
N LEU D 377 24.88 -24.55 -12.26
CA LEU D 377 25.87 -25.62 -12.36
C LEU D 377 24.99 -26.82 -12.69
N SER D 378 25.27 -27.52 -13.81
CA SER D 378 24.35 -28.59 -14.21
C SER D 378 25.12 -29.69 -14.71
N ASN D 379 24.65 -30.98 -14.64
CA ASN D 379 25.42 -32.02 -15.27
C ASN D 379 24.59 -32.32 -16.43
N MET D 380 25.13 -31.92 -17.64
CA MET D 380 24.44 -31.97 -18.84
C MET D 380 25.27 -32.70 -19.84
N SER D 381 24.44 -33.45 -20.65
CA SER D 381 24.78 -34.41 -21.64
C SER D 381 25.14 -33.72 -22.93
N THR D 382 25.72 -32.54 -22.84
CA THR D 382 26.21 -31.82 -23.98
C THR D 382 27.68 -32.22 -24.03
N VAL D 383 28.36 -32.36 -22.87
CA VAL D 383 29.72 -32.75 -22.74
C VAL D 383 30.11 -34.06 -23.35
N VAL D 384 29.17 -35.08 -23.48
CA VAL D 384 29.45 -36.43 -24.04
C VAL D 384 30.00 -36.31 -25.44
N ASN D 385 29.62 -35.21 -26.12
CA ASN D 385 29.92 -34.92 -27.52
C ASN D 385 31.39 -34.84 -27.70
N VAL D 386 32.04 -34.23 -26.65
CA VAL D 386 33.42 -33.95 -26.54
C VAL D 386 34.19 -35.19 -26.49
N PHE D 387 33.75 -36.32 -25.73
CA PHE D 387 34.38 -37.57 -25.58
C PHE D 387 34.47 -38.35 -26.90
N GLU D 388 33.37 -38.19 -27.72
CA GLU D 388 33.55 -38.77 -29.07
C GLU D 388 34.67 -38.10 -29.92
N ASN D 389 34.70 -36.78 -29.78
CA ASN D 389 35.58 -35.87 -30.50
C ASN D 389 37.05 -36.20 -30.09
N ALA D 390 37.26 -36.49 -28.75
CA ALA D 390 38.51 -36.74 -28.13
C ALA D 390 39.13 -37.99 -28.67
N CYS D 391 38.30 -39.04 -28.81
CA CYS D 391 38.70 -40.36 -29.27
C CYS D 391 39.17 -40.38 -30.70
N ASN D 392 38.43 -39.65 -31.50
CA ASN D 392 38.71 -39.47 -32.96
C ASN D 392 40.00 -38.74 -33.17
N THR D 393 40.18 -37.58 -32.39
CA THR D 393 41.34 -36.68 -32.57
C THR D 393 42.60 -37.34 -32.21
N PHE D 394 42.48 -38.13 -31.14
CA PHE D 394 43.59 -38.92 -30.61
C PHE D 394 44.02 -39.96 -31.60
N ASP D 395 43.08 -40.61 -32.20
CA ASP D 395 43.32 -41.60 -33.21
C ASP D 395 44.00 -41.00 -34.41
N LYS D 396 43.54 -39.81 -34.86
CA LYS D 396 44.05 -39.12 -35.98
C LYS D 396 45.45 -38.75 -35.77
N VAL D 397 45.81 -38.21 -34.57
CA VAL D 397 47.21 -37.82 -34.26
C VAL D 397 48.17 -38.97 -34.20
N PHE D 398 47.77 -40.07 -33.65
CA PHE D 398 48.50 -41.31 -33.46
C PHE D 398 48.97 -42.01 -34.77
N ALA D 399 48.02 -42.17 -35.72
CA ALA D 399 48.25 -42.86 -37.01
C ALA D 399 49.32 -42.17 -37.81
N LYS D 400 49.09 -40.88 -38.20
CA LYS D 400 49.95 -40.04 -39.06
C LYS D 400 51.00 -39.23 -38.35
N GLY D 401 50.72 -38.59 -37.20
CA GLY D 401 51.51 -37.41 -36.73
C GLY D 401 52.80 -37.59 -36.08
N ALA D 402 53.29 -38.79 -35.69
CA ALA D 402 54.55 -39.05 -35.01
C ALA D 402 54.43 -38.34 -33.68
N PHE D 403 55.51 -37.54 -33.42
CA PHE D 403 55.81 -36.83 -32.22
C PHE D 403 56.05 -37.69 -31.01
N LEU D 404 57.10 -38.48 -31.17
CA LEU D 404 57.69 -39.18 -30.08
C LEU D 404 58.50 -38.13 -29.33
N ASN D 405 58.90 -37.03 -30.02
CA ASN D 405 59.73 -35.95 -29.61
C ASN D 405 59.25 -35.31 -28.31
N ASN D 406 57.88 -34.97 -28.19
CA ASN D 406 57.29 -34.29 -27.03
C ASN D 406 57.39 -35.12 -25.75
N TYR D 407 57.24 -36.46 -25.87
CA TYR D 407 57.31 -37.34 -24.78
C TYR D 407 58.73 -37.35 -24.09
N ASN D 408 59.83 -37.34 -24.91
CA ASN D 408 61.27 -37.57 -24.54
C ASN D 408 61.75 -36.56 -23.54
N VAL D 409 61.18 -35.28 -23.59
CA VAL D 409 61.57 -34.23 -22.73
C VAL D 409 61.24 -34.60 -21.25
N GLY D 410 60.13 -35.31 -21.03
CA GLY D 410 59.62 -35.81 -19.78
C GLY D 410 60.16 -37.18 -19.54
N ASP D 411 61.11 -37.32 -18.61
CA ASP D 411 61.86 -38.65 -18.49
C ASP D 411 60.84 -39.80 -18.15
N LEU D 412 59.82 -39.40 -17.31
CA LEU D 412 58.83 -40.37 -16.81
C LEU D 412 57.99 -41.04 -17.93
N PHE D 413 57.70 -40.23 -18.94
CA PHE D 413 56.93 -40.47 -20.04
C PHE D 413 57.72 -40.59 -21.31
N GLN D 414 59.05 -40.93 -21.29
CA GLN D 414 59.93 -41.06 -22.45
C GLN D 414 59.39 -41.89 -23.67
N SER D 415 58.62 -42.97 -23.31
CA SER D 415 57.97 -43.82 -24.32
C SER D 415 56.74 -44.33 -23.78
N MET D 416 56.29 -43.66 -22.73
CA MET D 416 55.04 -44.18 -22.11
C MET D 416 53.90 -43.75 -22.98
N GLN D 417 52.81 -44.59 -23.01
CA GLN D 417 51.64 -44.34 -23.75
C GLN D 417 50.52 -45.20 -23.16
N ASN D 418 50.75 -45.92 -22.03
CA ASN D 418 49.84 -46.84 -21.38
C ASN D 418 48.66 -46.02 -20.79
N VAL D 419 48.96 -44.79 -20.29
CA VAL D 419 48.03 -43.93 -19.67
C VAL D 419 46.90 -43.48 -20.58
N GLN D 420 47.35 -43.23 -21.88
CA GLN D 420 46.40 -42.75 -22.92
C GLN D 420 45.38 -43.75 -23.33
N ASP D 421 45.80 -45.04 -23.47
CA ASP D 421 45.08 -46.22 -23.74
C ASP D 421 44.15 -46.49 -22.63
N GLU D 422 44.62 -46.27 -21.36
CA GLU D 422 43.91 -46.50 -20.18
C GLU D 422 42.71 -45.59 -20.07
N PHE D 423 42.87 -44.31 -20.39
CA PHE D 423 41.86 -43.27 -20.43
C PHE D 423 40.86 -43.65 -21.47
N ALA D 424 41.30 -44.15 -22.61
CA ALA D 424 40.44 -44.52 -23.70
C ALA D 424 39.43 -45.64 -23.31
N GLU D 425 39.86 -46.65 -22.48
CA GLU D 425 38.91 -47.65 -22.06
C GLU D 425 37.85 -47.14 -21.16
N SER D 426 38.36 -46.26 -20.19
CA SER D 426 37.56 -45.67 -19.15
C SER D 426 36.52 -44.78 -19.75
N ARG D 427 36.89 -43.96 -20.76
CA ARG D 427 36.11 -43.01 -21.49
C ARG D 427 35.08 -43.71 -22.24
N GLU D 428 35.34 -44.86 -22.81
CA GLU D 428 34.45 -45.69 -23.61
C GLU D 428 33.28 -46.16 -22.69
N VAL D 429 33.65 -46.53 -21.43
CA VAL D 429 32.70 -46.92 -20.37
C VAL D 429 31.75 -45.85 -20.02
N VAL D 430 32.25 -44.60 -19.93
CA VAL D 430 31.46 -43.39 -19.64
C VAL D 430 30.43 -43.15 -20.68
N GLN D 431 30.81 -43.28 -22.01
CA GLN D 431 29.90 -42.91 -23.09
C GLN D 431 28.68 -43.71 -23.09
N SER D 432 28.78 -45.03 -22.86
CA SER D 432 27.75 -45.98 -22.85
C SER D 432 26.79 -45.76 -21.74
N LEU D 433 27.34 -45.38 -20.51
CA LEU D 433 26.68 -45.16 -19.32
C LEU D 433 25.70 -44.01 -19.27
N MET D 434 26.05 -42.88 -19.90
CA MET D 434 25.17 -41.74 -19.92
C MET D 434 23.87 -42.02 -20.63
N GLU D 435 24.02 -42.80 -21.73
CA GLU D 435 23.08 -43.16 -22.69
C GLU D 435 22.08 -44.05 -22.14
N ASP D 436 22.51 -44.96 -21.21
CA ASP D 436 21.67 -45.90 -20.55
C ASP D 436 20.67 -45.24 -19.66
N TYR D 437 21.05 -44.06 -18.99
CA TYR D 437 20.22 -43.47 -17.94
C TYR D 437 18.79 -43.04 -18.36
N VAL D 438 18.55 -42.61 -19.64
CA VAL D 438 17.25 -42.19 -20.13
C VAL D 438 16.25 -43.28 -20.22
N ALA D 439 16.77 -44.51 -20.45
CA ALA D 439 15.91 -45.57 -20.81
C ALA D 439 15.44 -46.41 -19.69
N ALA D 440 15.48 -45.79 -18.50
CA ALA D 440 15.10 -46.45 -17.33
C ALA D 440 16.19 -47.47 -16.96
N GLU D 441 17.09 -47.03 -16.07
CA GLU D 441 18.23 -47.87 -15.71
C GLU D 441 18.81 -47.35 -14.35
N GLN D 442 18.26 -46.30 -13.75
CA GLN D 442 18.81 -45.60 -12.60
C GLN D 442 18.19 -46.07 -11.34
N ASP D 443 17.11 -46.87 -11.52
CA ASP D 443 16.43 -47.46 -10.42
C ASP D 443 15.68 -48.60 -11.11
N SER D 444 16.42 -49.57 -11.76
CA SER D 444 15.71 -50.66 -12.45
C SER D 444 16.60 -51.86 -12.38
N TYR D 445 17.72 -51.78 -11.58
CA TYR D 445 18.62 -52.79 -11.33
C TYR D 445 17.96 -53.99 -10.60
N UNK E 1 -32.56 5.54 42.68
CA UNK E 1 -32.73 6.45 41.45
C UNK E 1 -34.13 6.90 41.51
N UNK E 2 -35.03 6.06 40.99
CA UNK E 2 -36.42 6.25 41.12
C UNK E 2 -36.92 6.15 42.53
N UNK E 3 -36.30 5.19 43.29
CA UNK E 3 -36.83 4.86 44.56
C UNK E 3 -36.80 6.01 45.55
N UNK E 4 -35.78 6.84 45.51
CA UNK E 4 -35.80 8.00 46.43
C UNK E 4 -36.97 8.99 46.19
N UNK E 5 -37.27 9.24 44.93
CA UNK E 5 -38.33 10.13 44.44
C UNK E 5 -39.68 9.69 44.90
N UNK E 6 -39.94 8.38 44.82
CA UNK E 6 -41.24 7.74 45.19
C UNK E 6 -41.53 7.84 46.64
N UNK E 7 -40.42 7.71 47.39
CA UNK E 7 -40.47 7.68 48.88
C UNK E 7 -41.02 8.94 49.52
N UNK E 8 -40.68 10.13 48.91
CA UNK E 8 -41.08 11.41 49.47
C UNK E 8 -42.58 11.56 49.50
N UNK E 9 -43.24 11.08 48.39
CA UNK E 9 -44.68 11.03 48.33
C UNK E 9 -45.34 10.10 49.28
N UNK E 10 -44.76 8.89 49.45
CA UNK E 10 -45.35 7.90 50.34
C UNK E 10 -45.36 8.43 51.83
N UNK E 11 -44.22 9.04 52.22
CA UNK E 11 -43.95 9.68 53.47
C UNK E 11 -44.85 10.89 53.69
N UNK E 12 -45.09 11.78 52.70
CA UNK E 12 -45.99 12.92 52.82
C UNK E 12 -47.42 12.43 53.07
N UNK E 13 -47.91 11.48 52.23
CA UNK E 13 -49.23 11.00 52.22
C UNK E 13 -49.52 10.41 53.53
N UNK E 14 -48.56 9.61 54.16
CA UNK E 14 -48.65 8.98 55.46
C UNK E 14 -48.86 9.97 56.61
N UNK E 15 -48.17 11.13 56.56
CA UNK E 15 -48.43 12.16 57.58
C UNK E 15 -49.80 12.74 57.63
N UNK E 16 -50.36 12.96 56.38
CA UNK E 16 -51.66 13.55 56.13
C UNK E 16 -52.69 12.63 56.74
N UNK E 17 -52.52 11.30 56.56
CA UNK E 17 -53.42 10.28 56.99
C UNK E 17 -53.42 10.30 58.54
N UNK E 18 -52.23 10.44 59.22
CA UNK E 18 -52.17 10.60 60.63
C UNK E 18 -52.88 11.86 61.13
N UNK E 19 -52.72 12.98 60.46
CA UNK E 19 -53.30 14.29 60.82
C UNK E 19 -54.86 14.21 60.78
N UNK E 20 -55.50 13.44 59.80
CA UNK E 20 -56.90 13.19 59.52
C UNK E 20 -57.50 12.41 60.70
N UNK E 21 -56.79 11.40 61.17
CA UNK E 21 -57.30 10.56 62.26
C UNK E 21 -57.49 11.32 63.54
N UNK E 22 -56.65 12.33 63.76
CA UNK E 22 -56.75 13.17 64.94
C UNK E 22 -58.05 13.99 64.92
N UNK E 23 -58.37 14.57 63.75
CA UNK E 23 -59.62 15.36 63.53
C UNK E 23 -60.85 14.52 63.77
N UNK E 24 -60.81 13.32 63.28
CA UNK E 24 -61.95 12.41 63.31
C UNK E 24 -62.38 12.03 64.68
N UNK E 25 -61.38 11.69 65.52
CA UNK E 25 -61.50 11.34 66.92
C UNK E 25 -61.98 12.55 67.69
N UNK E 26 -61.47 13.82 67.45
CA UNK E 26 -61.91 15.03 68.11
C UNK E 26 -63.36 15.58 67.81
N UNK E 27 -63.68 15.60 66.52
CA UNK E 27 -64.95 16.14 66.01
C UNK E 27 -66.06 15.27 66.39
N UNK E 28 -65.81 13.96 66.52
CA UNK E 28 -66.82 12.94 66.90
C UNK E 28 -67.31 13.12 68.25
N UNK E 29 -66.42 13.66 69.20
CA UNK E 29 -66.84 13.83 70.60
C UNK E 29 -67.92 14.85 70.63
N UNK E 30 -67.84 15.92 69.79
CA UNK E 30 -68.81 16.97 69.77
C UNK E 30 -70.18 16.46 69.40
N UNK E 31 -70.25 15.44 68.48
CA UNK E 31 -71.54 14.93 67.97
C UNK E 31 -72.30 14.28 69.09
N UNK E 32 -71.61 13.42 69.91
CA UNK E 32 -72.24 12.71 71.02
C UNK E 32 -72.74 13.61 72.08
N UNK E 33 -71.87 14.63 72.43
CA UNK E 33 -72.20 15.61 73.50
C UNK E 33 -73.39 16.40 73.16
N UNK E 34 -73.43 16.88 71.87
CA UNK E 34 -74.53 17.69 71.36
C UNK E 34 -75.79 16.79 71.29
N UNK E 35 -75.68 15.47 70.87
CA UNK E 35 -76.83 14.58 70.67
C UNK E 35 -77.54 14.39 72.01
N UNK E 36 -76.71 14.34 73.07
CA UNK E 36 -77.26 14.31 74.39
C UNK E 36 -77.92 15.58 74.84
N UNK E 37 -77.38 16.73 74.47
CA UNK E 37 -77.94 17.99 74.86
C UNK E 37 -79.32 18.34 74.29
N UNK E 38 -79.54 17.97 72.99
CA UNK E 38 -80.79 18.16 72.31
C UNK E 38 -81.89 17.28 72.94
N UNK E 39 -81.63 15.99 73.30
CA UNK E 39 -82.49 15.01 73.90
C UNK E 39 -82.94 15.53 75.21
N UNK E 40 -82.01 16.06 76.06
CA UNK E 40 -82.21 16.53 77.45
C UNK E 40 -83.03 17.76 77.30
N UNK E 41 -82.69 18.70 76.37
CA UNK E 41 -83.48 20.00 76.29
C UNK E 41 -84.92 19.80 75.86
N UNK E 42 -85.13 18.96 74.86
CA UNK E 42 -86.46 18.59 74.19
C UNK E 42 -87.39 18.04 75.13
N UNK E 43 -86.98 17.13 76.03
CA UNK E 43 -87.85 16.52 76.98
C UNK E 43 -88.42 17.47 77.96
N UNK E 44 -87.54 18.37 78.56
CA UNK E 44 -87.93 19.36 79.56
C UNK E 44 -88.84 20.46 79.04
N UNK F 1 -44.97 -10.24 41.34
CA UNK F 1 -43.72 -10.64 41.99
C UNK F 1 -43.64 -9.92 43.35
N UNK F 2 -42.42 -9.87 43.94
CA UNK F 2 -42.13 -9.13 45.16
C UNK F 2 -42.36 -7.69 44.96
N UNK F 3 -41.93 -7.12 43.79
CA UNK F 3 -42.01 -5.76 43.37
C UNK F 3 -43.49 -5.32 43.26
N UNK F 4 -44.36 -6.19 42.66
CA UNK F 4 -45.79 -5.88 42.49
C UNK F 4 -46.60 -5.78 43.76
N UNK F 5 -46.34 -6.72 44.72
CA UNK F 5 -46.92 -6.74 46.01
C UNK F 5 -46.53 -5.48 46.84
N UNK F 6 -45.23 -5.09 46.71
CA UNK F 6 -44.69 -3.98 47.44
C UNK F 6 -45.37 -2.74 46.97
N UNK F 7 -45.59 -2.61 45.61
CA UNK F 7 -46.22 -1.48 45.02
C UNK F 7 -47.68 -1.29 45.45
N UNK F 8 -48.39 -2.44 45.53
CA UNK F 8 -49.78 -2.54 45.93
C UNK F 8 -50.03 -2.05 47.32
N UNK F 9 -49.05 -2.38 48.26
CA UNK F 9 -49.20 -2.00 49.68
C UNK F 9 -49.27 -0.51 49.73
N UNK F 10 -48.49 0.32 48.96
CA UNK F 10 -48.53 1.75 48.98
C UNK F 10 -49.92 2.28 48.53
N UNK F 11 -50.43 1.60 47.47
CA UNK F 11 -51.71 1.94 46.90
C UNK F 11 -52.79 1.68 47.89
N UNK F 12 -52.78 0.61 48.69
CA UNK F 12 -53.78 0.34 49.71
C UNK F 12 -53.83 1.47 50.72
N UNK F 13 -52.73 1.96 51.21
CA UNK F 13 -52.60 2.96 52.29
C UNK F 13 -53.16 4.30 51.74
N UNK F 14 -52.93 4.61 50.47
CA UNK F 14 -53.48 5.77 49.80
C UNK F 14 -54.98 5.71 49.75
N UNK F 15 -55.62 4.54 49.52
CA UNK F 15 -57.01 4.42 49.66
C UNK F 15 -57.51 4.70 51.00
N UNK F 16 -56.78 4.18 52.07
CA UNK F 16 -57.18 4.41 53.41
C UNK F 16 -57.14 5.89 53.80
N UNK F 17 -56.14 6.59 53.29
CA UNK F 17 -55.89 8.04 53.48
C UNK F 17 -57.04 8.78 52.89
N UNK F 18 -57.50 8.38 51.68
CA UNK F 18 -58.54 9.18 51.02
C UNK F 18 -59.78 9.14 51.83
N UNK F 19 -60.19 7.91 52.32
CA UNK F 19 -61.38 7.51 53.03
C UNK F 19 -61.41 8.27 54.33
N UNK F 20 -60.22 8.41 55.04
CA UNK F 20 -60.12 9.06 56.28
C UNK F 20 -60.50 10.53 56.31
N UNK F 21 -60.25 11.19 55.11
CA UNK F 21 -60.68 12.51 54.83
C UNK F 21 -62.11 12.69 54.58
N UNK F 22 -62.77 11.82 53.81
CA UNK F 22 -64.15 11.87 53.47
C UNK F 22 -65.07 11.78 54.65
N UNK F 23 -64.78 10.75 55.52
CA UNK F 23 -65.48 10.48 56.76
C UNK F 23 -65.24 11.60 57.77
N UNK F 24 -64.00 12.16 57.77
CA UNK F 24 -63.67 13.26 58.60
C UNK F 24 -64.30 14.61 58.30
N UNK F 25 -64.53 14.84 56.97
CA UNK F 25 -65.32 16.02 56.37
C UNK F 25 -66.76 15.97 56.75
N UNK F 26 -67.31 14.70 56.81
CA UNK F 26 -68.69 14.41 57.21
C UNK F 26 -68.89 14.98 58.58
N UNK F 27 -67.90 14.97 59.48
CA UNK F 27 -67.97 15.61 60.86
C UNK F 27 -68.05 17.05 60.86
N UNK F 28 -67.29 17.70 59.85
CA UNK F 28 -67.21 19.18 59.81
C UNK F 28 -68.66 19.78 59.74
N UNK F 29 -69.36 19.17 58.74
CA UNK F 29 -70.75 19.42 58.38
C UNK F 29 -71.61 18.99 59.43
N UNK F 30 -71.42 17.77 60.03
CA UNK F 30 -72.38 17.24 61.04
C UNK F 30 -72.49 18.15 62.25
N UNK F 31 -71.28 18.60 62.72
CA UNK F 31 -71.20 19.53 63.83
C UNK F 31 -71.73 20.97 63.61
N UNK F 32 -71.58 21.61 62.39
CA UNK F 32 -72.07 22.90 61.97
C UNK F 32 -73.59 22.88 61.99
N UNK F 33 -74.22 21.77 61.51
CA UNK F 33 -75.62 21.65 61.59
C UNK F 33 -76.15 21.51 63.03
N UNK F 34 -75.56 20.66 63.92
CA UNK F 34 -75.92 20.52 65.28
C UNK F 34 -75.76 21.74 66.18
N UNK F 35 -74.73 22.66 65.93
CA UNK F 35 -74.60 23.89 66.66
C UNK F 35 -75.79 24.81 66.45
N UNK F 36 -76.32 24.95 65.23
CA UNK F 36 -77.56 25.74 64.98
C UNK F 36 -78.76 25.07 65.64
N UNK F 37 -78.85 23.71 65.68
CA UNK F 37 -79.86 22.84 66.13
C UNK F 37 -80.18 23.08 67.60
N UNK F 38 -79.11 23.19 68.43
CA UNK F 38 -79.22 23.52 69.78
C UNK F 38 -79.69 24.95 70.01
N UNK F 39 -79.24 25.84 69.22
CA UNK F 39 -79.71 27.27 69.40
C UNK F 39 -81.25 27.42 69.40
N UNK F 40 -81.96 26.87 68.41
CA UNK F 40 -83.41 27.13 68.33
C UNK F 40 -84.07 26.48 69.47
N UNK F 41 -83.59 25.28 69.84
CA UNK F 41 -84.02 24.43 70.88
C UNK F 41 -83.95 25.03 72.26
N UNK F 42 -82.79 25.70 72.49
CA UNK F 42 -82.49 26.38 73.76
C UNK F 42 -83.47 27.62 74.00
N UNK F 43 -83.74 28.54 73.00
CA UNK F 43 -84.63 29.61 73.22
C UNK F 43 -86.07 29.17 73.48
N UNK F 44 -86.61 28.23 72.64
CA UNK F 44 -88.02 27.81 72.75
C UNK F 44 -88.29 26.99 73.94
N GLN A 55 -69.38 34.58 66.88
CA GLN A 55 -70.05 34.66 65.53
C GLN A 55 -69.10 35.10 64.58
N GLU A 56 -68.95 36.49 64.48
CA GLU A 56 -67.99 37.21 63.61
C GLU A 56 -66.54 36.82 63.97
N ALA A 57 -66.21 36.77 65.31
CA ALA A 57 -64.87 36.51 65.71
C ALA A 57 -64.39 35.09 65.32
N LEU A 58 -65.31 34.11 65.49
CA LEU A 58 -65.13 32.71 65.24
C LEU A 58 -64.94 32.44 63.81
N VAL A 59 -65.78 33.14 62.95
CA VAL A 59 -65.83 33.14 61.53
C VAL A 59 -64.59 33.68 60.81
N VAL A 60 -63.93 34.78 61.26
CA VAL A 60 -62.73 35.35 60.74
C VAL A 60 -61.58 34.37 60.93
N LYS A 61 -61.46 33.67 62.10
CA LYS A 61 -60.37 32.65 62.33
C LYS A 61 -60.52 31.55 61.37
N ASP A 62 -61.73 31.07 61.14
CA ASP A 62 -61.92 29.89 60.22
C ASP A 62 -61.49 30.29 58.79
N LEU A 63 -61.79 31.55 58.30
CA LEU A 63 -61.32 32.03 56.99
C LEU A 63 -59.87 32.15 56.89
N LEU A 64 -59.26 32.67 57.99
CA LEU A 64 -57.86 32.94 58.17
C LEU A 64 -57.09 31.66 58.08
N ASN A 65 -57.61 30.61 58.71
CA ASN A 65 -57.02 29.26 58.78
C ASN A 65 -57.00 28.70 57.36
N VAL A 66 -58.10 28.89 56.58
CA VAL A 66 -58.13 28.40 55.24
C VAL A 66 -57.07 29.18 54.40
N LEU A 67 -56.99 30.50 54.65
CA LEU A 67 -56.15 31.40 53.83
C LEU A 67 -54.70 31.06 53.84
N ILE A 68 -54.07 30.58 54.93
CA ILE A 68 -52.68 30.05 54.91
C ILE A 68 -52.58 28.78 54.09
N GLY A 69 -53.63 27.93 53.96
CA GLY A 69 -53.74 26.84 53.01
C GLY A 69 -52.85 25.60 53.44
N LEU A 70 -52.61 25.45 54.75
CA LEU A 70 -51.94 24.33 55.29
C LEU A 70 -52.98 23.62 56.19
N GLU A 71 -52.50 22.48 56.75
CA GLU A 71 -53.26 21.57 57.56
C GLU A 71 -53.34 22.04 58.96
N GLY A 72 -54.31 21.55 59.77
CA GLY A 72 -54.59 21.97 61.07
C GLY A 72 -55.28 20.88 61.84
N THR A 73 -55.99 21.29 62.95
CA THR A 73 -56.59 20.39 63.91
C THR A 73 -58.08 20.36 63.72
N TYR A 74 -58.68 21.01 62.66
CA TYR A 74 -60.13 20.95 62.39
C TYR A 74 -60.26 21.21 60.89
N ILE A 75 -59.15 21.64 60.23
CA ILE A 75 -58.97 21.74 58.78
C ILE A 75 -58.16 20.60 58.30
N ARG A 76 -58.84 19.58 57.73
CA ARG A 76 -58.17 18.36 57.30
C ARG A 76 -57.76 18.50 55.87
N TYR A 77 -56.81 17.61 55.37
CA TYR A 77 -56.09 17.74 54.14
C TYR A 77 -56.48 16.57 53.22
N PHE A 78 -56.91 16.91 51.93
CA PHE A 78 -57.03 15.82 50.96
C PHE A 78 -55.98 15.97 49.84
N ASN A 79 -55.35 14.79 49.55
CA ASN A 79 -54.12 14.76 48.80
C ASN A 79 -54.22 15.31 47.34
N ASP A 80 -55.24 14.76 46.66
CA ASP A 80 -55.40 14.90 45.23
C ASP A 80 -56.75 15.65 44.90
N ILE A 90 -59.86 17.54 46.16
CA ILE A 90 -60.32 18.86 46.46
C ILE A 90 -59.12 19.62 46.99
N GLU A 91 -58.47 19.18 48.14
CA GLU A 91 -57.36 19.88 48.83
C GLU A 91 -57.75 19.92 50.27
N PHE A 92 -57.27 20.94 51.04
CA PHE A 92 -57.58 21.14 52.44
C PHE A 92 -59.03 21.61 52.50
N LYS A 93 -59.84 21.08 53.43
CA LYS A 93 -61.27 21.48 53.49
C LYS A 93 -61.61 21.66 54.93
N ILE A 94 -62.65 22.45 55.19
CA ILE A 94 -63.15 22.83 56.45
C ILE A 94 -64.65 22.65 56.48
N ALA A 95 -65.24 22.42 57.71
CA ALA A 95 -66.65 22.38 57.89
C ALA A 95 -67.15 23.82 57.73
N LYS A 96 -68.30 24.03 57.00
CA LYS A 96 -68.85 25.32 56.70
C LYS A 96 -69.97 25.56 57.70
N LYS A 97 -69.95 26.80 58.17
CA LYS A 97 -70.86 27.13 59.28
C LYS A 97 -70.92 28.65 59.33
N MET A 98 -70.12 29.30 58.48
CA MET A 98 -69.91 30.73 58.37
C MET A 98 -71.01 31.37 57.59
N ASP A 99 -71.04 32.73 57.50
CA ASP A 99 -72.12 33.44 56.87
C ASP A 99 -72.03 33.57 55.34
N PRO A 100 -73.00 33.81 54.47
CA PRO A 100 -72.78 33.66 53.00
C PRO A 100 -71.73 34.51 52.32
N SER A 101 -71.59 35.76 52.76
CA SER A 101 -70.51 36.65 52.20
C SER A 101 -69.19 36.09 52.55
N PHE A 102 -68.97 35.59 53.84
CA PHE A 102 -67.74 34.97 54.37
C PHE A 102 -67.40 33.76 53.60
N LYS A 103 -68.42 32.89 53.39
CA LYS A 103 -68.41 31.61 52.79
C LYS A 103 -67.95 31.69 51.38
N THR A 104 -68.46 32.76 50.65
CA THR A 104 -68.12 33.13 49.28
C THR A 104 -66.59 33.42 49.19
N PHE A 105 -65.99 34.20 50.15
CA PHE A 105 -64.55 34.63 50.11
C PHE A 105 -63.70 33.41 50.24
N SER A 106 -63.99 32.48 51.16
CA SER A 106 -63.25 31.23 51.37
C SER A 106 -63.19 30.29 50.16
N ARG A 107 -64.26 30.23 49.32
CA ARG A 107 -64.35 29.44 48.08
C ARG A 107 -63.34 29.87 47.09
N ARG A 108 -63.15 31.24 46.88
CA ARG A 108 -62.18 31.78 45.88
C ARG A 108 -60.81 31.39 46.42
N ILE A 109 -60.55 31.47 47.74
CA ILE A 109 -59.30 31.06 48.31
C ILE A 109 -59.00 29.65 48.14
N VAL A 110 -60.00 28.76 48.13
CA VAL A 110 -59.92 27.34 47.87
C VAL A 110 -59.31 27.05 46.47
N ARG A 111 -59.68 27.87 45.49
CA ARG A 111 -59.18 27.69 44.15
C ARG A 111 -57.67 27.87 44.08
N TYR A 112 -57.10 28.93 44.75
CA TYR A 112 -55.72 29.22 45.00
C TYR A 112 -55.08 28.17 45.75
N GLY A 113 -55.72 27.64 46.82
CA GLY A 113 -55.13 26.67 47.65
C GLY A 113 -54.83 25.41 47.06
N LYS A 114 -55.77 25.02 46.14
CA LYS A 114 -55.63 23.85 45.33
C LYS A 114 -54.50 23.93 44.47
N GLN A 115 -54.36 25.11 43.72
CA GLN A 115 -53.17 25.27 42.86
C GLN A 115 -51.81 25.23 43.52
N TYR A 116 -51.74 25.97 44.75
CA TYR A 116 -50.61 26.09 45.65
C TYR A 116 -50.12 24.78 46.19
N MET A 117 -51.04 23.92 46.59
CA MET A 117 -50.68 22.65 47.09
C MET A 117 -50.04 21.72 46.07
N ILE A 118 -50.68 21.79 44.85
CA ILE A 118 -50.37 20.96 43.72
C ILE A 118 -49.03 21.37 43.19
N LEU A 119 -48.63 22.64 43.08
CA LEU A 119 -47.38 23.08 42.64
C LEU A 119 -46.30 22.50 43.56
N THR A 120 -46.55 22.45 44.93
CA THR A 120 -45.64 21.88 45.87
C THR A 120 -45.34 20.45 45.65
N ARG A 121 -46.36 19.56 45.31
CA ARG A 121 -46.26 18.15 45.03
C ARG A 121 -45.45 18.04 43.77
N ALA A 122 -45.82 18.90 42.84
CA ALA A 122 -45.22 18.84 41.51
C ALA A 122 -43.71 19.09 41.55
N TYR A 123 -43.23 20.08 42.39
CA TYR A 123 -41.82 20.37 42.52
C TYR A 123 -41.08 19.16 43.00
N GLU A 124 -41.53 18.35 44.00
CA GLU A 124 -40.70 17.29 44.58
C GLU A 124 -40.32 16.22 43.52
N LYS A 125 -41.21 15.86 42.61
CA LYS A 125 -40.93 14.91 41.52
C LYS A 125 -39.86 15.45 40.59
N TRP A 126 -40.00 16.74 40.17
CA TRP A 126 -39.21 17.46 39.14
C TRP A 126 -37.93 17.77 39.67
N SER A 127 -37.74 17.91 41.00
CA SER A 127 -36.46 17.92 41.64
C SER A 127 -35.72 16.60 41.44
N ASP A 128 -34.46 16.76 40.82
CA ASP A 128 -33.44 15.85 40.44
C ASP A 128 -33.70 15.43 39.05
N THR A 129 -34.88 14.94 38.68
CA THR A 129 -34.96 14.52 37.35
C THR A 129 -36.42 14.79 37.06
N SER A 130 -36.72 15.09 35.76
CA SER A 130 -38.10 15.15 35.29
C SER A 130 -38.06 14.38 34.02
N PHE A 131 -38.70 14.79 32.92
CA PHE A 131 -38.72 14.04 31.68
C PHE A 131 -38.03 14.86 30.61
N GLY A 132 -37.43 16.00 31.00
CA GLY A 132 -36.76 16.87 30.12
C GLY A 132 -36.07 17.89 31.05
N MET A 133 -35.06 18.45 30.43
CA MET A 133 -34.16 19.47 30.97
C MET A 133 -34.96 20.79 31.20
N VAL A 134 -35.89 21.02 30.24
CA VAL A 134 -36.72 22.23 30.15
C VAL A 134 -37.61 22.36 31.43
N LEU A 135 -38.19 21.23 31.91
CA LEU A 135 -39.05 21.12 33.09
C LEU A 135 -38.36 21.47 34.30
N GLN A 136 -37.06 21.06 34.49
CA GLN A 136 -36.36 21.37 35.77
C GLN A 136 -36.18 22.84 35.93
N ARG A 137 -35.82 23.49 34.82
CA ARG A 137 -35.62 24.91 34.81
C ARG A 137 -36.86 25.71 35.11
N PHE A 138 -38.00 25.19 34.58
CA PHE A 138 -39.29 25.87 34.72
C PHE A 138 -39.70 25.91 36.12
N ALA A 139 -39.55 24.67 36.74
CA ALA A 139 -40.01 24.34 38.02
C ALA A 139 -39.34 25.17 39.08
N TYR A 140 -37.99 25.35 38.92
CA TYR A 140 -37.19 26.10 39.89
C TYR A 140 -37.63 27.49 39.84
N GLU A 141 -37.85 28.11 38.64
CA GLU A 141 -38.23 29.47 38.64
C GLU A 141 -39.62 29.72 39.21
N ILE A 142 -40.63 28.86 38.87
CA ILE A 142 -42.05 29.06 39.25
C ILE A 142 -42.15 29.00 40.78
N ARG A 143 -41.51 28.04 41.46
CA ARG A 143 -41.52 27.95 42.96
C ARG A 143 -40.83 29.14 43.60
N ARG A 144 -39.64 29.67 43.06
CA ARG A 144 -38.87 30.69 43.72
C ARG A 144 -39.67 31.97 43.77
N PHE A 145 -40.33 32.31 42.62
CA PHE A 145 -41.09 33.50 42.61
C PHE A 145 -42.36 33.36 43.48
N LEU A 146 -43.11 32.24 43.44
CA LEU A 146 -44.36 32.23 44.14
C LEU A 146 -44.18 32.43 45.65
N GLU A 147 -43.08 31.67 46.13
CA GLU A 147 -42.77 31.70 47.57
C GLU A 147 -42.38 33.08 48.00
N ASP A 148 -41.50 33.83 47.21
CA ASP A 148 -41.09 35.19 47.72
C ASP A 148 -42.19 36.20 47.91
N VAL A 149 -43.08 36.19 46.86
CA VAL A 149 -44.34 37.04 46.91
C VAL A 149 -45.30 36.63 48.05
N TYR A 150 -45.64 35.29 48.09
CA TYR A 150 -46.72 34.80 48.93
C TYR A 150 -46.38 35.00 50.36
N LEU A 151 -45.14 34.68 50.80
CA LEU A 151 -44.73 34.67 52.23
C LEU A 151 -44.67 36.02 52.79
N LYS A 152 -44.12 36.98 52.01
CA LYS A 152 -43.99 38.32 52.58
C LYS A 152 -45.30 38.94 52.89
N THR A 153 -46.25 38.96 51.98
CA THR A 153 -47.52 39.60 52.26
C THR A 153 -48.23 38.90 53.38
N LEU A 154 -48.29 37.56 53.28
CA LEU A 154 -49.11 36.74 54.23
C LEU A 154 -48.64 36.70 55.67
N VAL A 155 -47.33 36.53 55.86
CA VAL A 155 -46.76 36.50 57.19
C VAL A 155 -46.85 37.83 57.85
N GLU A 156 -46.57 38.96 57.16
CA GLU A 156 -46.57 40.22 57.89
C GLU A 156 -47.90 40.55 58.45
N ARG A 157 -48.89 40.32 57.52
CA ARG A 157 -50.23 40.56 57.76
C ARG A 157 -50.90 39.69 58.91
N LEU A 158 -50.60 38.36 59.01
CA LEU A 158 -51.12 37.40 59.95
C LEU A 158 -50.60 37.74 61.30
N GLU A 159 -49.32 38.18 61.39
CA GLU A 159 -48.72 38.58 62.65
C GLU A 159 -49.40 39.80 63.20
N ARG A 160 -49.74 40.76 62.37
CA ARG A 160 -50.36 42.05 62.62
C ARG A 160 -51.71 41.84 63.18
N ASP A 161 -52.49 40.89 62.59
CA ASP A 161 -53.80 40.53 63.02
C ASP A 161 -53.90 39.92 64.39
N PHE A 162 -52.99 38.98 64.72
CA PHE A 162 -52.91 38.41 66.06
C PHE A 162 -52.49 39.41 67.15
N ASN A 163 -51.45 40.23 66.89
CA ASN A 163 -50.95 41.16 67.90
C ASN A 163 -51.90 42.19 68.43
N LYS A 164 -52.64 42.83 67.54
CA LYS A 164 -53.61 43.85 67.72
C LYS A 164 -54.85 43.37 68.48
N VAL A 165 -55.49 42.18 68.03
CA VAL A 165 -56.63 41.72 68.79
C VAL A 165 -56.59 40.25 68.39
N PRO A 166 -57.35 39.26 68.96
CA PRO A 166 -57.19 37.82 68.64
C PRO A 166 -57.34 37.50 67.21
N ASN A 167 -58.23 38.11 66.44
CA ASN A 167 -58.41 37.95 65.00
C ASN A 167 -58.75 39.34 64.51
N PHE A 168 -58.37 39.59 63.26
CA PHE A 168 -58.73 40.84 62.65
C PHE A 168 -58.90 40.58 61.20
N SER A 169 -59.54 41.60 60.55
CA SER A 169 -59.92 41.89 59.17
C SER A 169 -59.42 40.94 58.10
N ILE A 170 -60.31 40.09 57.57
CA ILE A 170 -60.10 39.23 56.41
C ILE A 170 -59.79 39.84 55.16
N ARG A 171 -60.53 40.96 54.93
CA ARG A 171 -60.77 41.59 53.69
C ARG A 171 -59.42 42.03 53.04
N GLU A 172 -58.47 42.63 53.82
CA GLU A 172 -57.24 43.14 53.31
C GLU A 172 -56.24 42.10 52.79
N LEU A 173 -56.10 40.96 53.57
CA LEU A 173 -55.12 39.97 53.14
C LEU A 173 -55.47 39.41 51.77
N GLU A 174 -56.76 39.08 51.62
CA GLU A 174 -57.22 38.34 50.42
C GLU A 174 -57.09 39.06 49.15
N GLN A 175 -57.42 40.35 49.20
CA GLN A 175 -57.43 41.20 48.04
C GLN A 175 -56.14 41.46 47.44
N ILE A 176 -55.12 41.74 48.23
CA ILE A 176 -53.80 42.11 47.75
C ILE A 176 -53.20 40.90 47.09
N ILE A 177 -53.27 39.73 47.72
CA ILE A 177 -52.78 38.46 47.13
C ILE A 177 -53.52 38.09 45.88
N ASN A 178 -54.89 38.23 45.73
CA ASN A 178 -55.69 37.75 44.56
C ASN A 178 -55.33 38.41 43.26
N GLU A 179 -55.05 39.75 43.26
CA GLU A 179 -54.80 40.51 42.07
C GLU A 179 -53.57 40.07 41.33
N THR A 180 -52.51 39.87 42.17
CA THR A 180 -51.19 39.48 41.85
C THR A 180 -51.27 38.08 41.23
N GLU A 181 -51.95 37.16 42.01
CA GLU A 181 -52.03 35.73 41.80
C GLU A 181 -52.67 35.27 40.46
N VAL A 182 -53.85 35.79 40.09
CA VAL A 182 -54.74 35.09 39.15
C VAL A 182 -54.09 34.88 37.82
N ASN A 183 -53.51 35.90 37.20
CA ASN A 183 -53.13 35.94 35.86
C ASN A 183 -51.97 34.97 35.57
N LYS A 184 -50.93 35.08 36.44
CA LYS A 184 -49.68 34.37 36.25
C LYS A 184 -49.89 32.90 36.46
N GLN A 185 -50.46 32.51 37.64
CA GLN A 185 -50.26 31.17 38.16
C GLN A 185 -51.06 30.11 37.30
N MET A 186 -52.31 30.47 36.93
CA MET A 186 -53.29 29.63 36.31
C MET A 186 -52.92 29.23 34.96
N GLU A 187 -52.42 30.20 34.11
CA GLU A 187 -52.24 29.97 32.68
C GLU A 187 -51.18 28.98 32.54
N LEU A 188 -50.07 29.22 33.34
CA LEU A 188 -48.86 28.45 33.33
C LEU A 188 -49.07 27.01 33.86
N LEU A 189 -49.74 26.76 35.00
CA LEU A 189 -49.69 25.43 35.54
C LEU A 189 -50.45 24.54 34.63
N TYR A 190 -51.57 25.07 34.06
CA TYR A 190 -52.26 24.15 33.13
C TYR A 190 -51.49 23.72 31.88
N ASN A 191 -50.72 24.68 31.18
CA ASN A 191 -49.92 24.45 30.01
C ASN A 191 -48.80 23.55 30.16
N ILE A 192 -48.04 23.68 31.25
CA ILE A 192 -46.90 22.82 31.49
C ILE A 192 -47.36 21.35 31.70
N TYR A 193 -48.45 21.10 32.45
CA TYR A 193 -48.96 19.77 32.71
C TYR A 193 -49.39 19.07 31.47
N GLU A 194 -50.08 19.87 30.62
CA GLU A 194 -50.53 19.33 29.36
C GLU A 194 -49.43 18.88 28.44
N GLU A 195 -48.36 19.72 28.40
CA GLU A 195 -47.24 19.52 27.49
C GLU A 195 -46.53 18.27 27.82
N ILE A 196 -46.33 18.06 29.16
CA ILE A 196 -45.56 16.96 29.71
C ILE A 196 -46.25 15.67 29.37
N PHE A 197 -47.60 15.66 29.50
CA PHE A 197 -48.39 14.43 29.25
C PHE A 197 -48.27 14.00 27.78
N ARG A 198 -48.28 15.06 26.91
CA ARG A 198 -48.07 14.97 25.48
C ARG A 198 -46.66 14.46 25.08
N GLU A 199 -45.65 14.96 25.88
CA GLU A 199 -44.28 14.58 25.67
C GLU A 199 -44.09 13.10 25.98
N ILE A 200 -44.76 12.55 27.06
CA ILE A 200 -44.78 11.15 27.30
C ILE A 200 -45.43 10.29 26.30
N GLU A 201 -46.65 10.71 25.75
CA GLU A 201 -47.39 10.04 24.71
C GLU A 201 -46.71 9.99 23.39
N GLU A 202 -46.06 11.13 22.99
CA GLU A 202 -45.34 11.25 21.77
C GLU A 202 -44.15 10.38 21.80
N ARG A 203 -43.40 10.26 22.94
CA ARG A 203 -42.21 9.40 23.00
C ARG A 203 -42.62 7.94 22.80
N ARG A 204 -43.76 7.49 23.35
CA ARG A 204 -44.08 6.02 23.34
C ARG A 204 -44.28 5.51 22.01
N THR A 205 -45.02 6.20 21.12
CA THR A 205 -45.16 5.77 19.78
C THR A 205 -43.84 6.09 19.08
N LYS A 243 -42.85 18.64 24.79
CA LYS A 243 -41.70 18.41 23.85
C LYS A 243 -40.86 19.65 24.15
N GLY A 244 -39.56 19.54 24.11
CA GLY A 244 -38.76 20.68 24.48
C GLY A 244 -38.87 21.93 23.80
N GLY A 245 -38.68 21.83 22.41
CA GLY A 245 -38.63 22.93 21.45
C GLY A 245 -40.04 23.60 21.37
N ALA A 246 -41.13 22.75 21.41
CA ALA A 246 -42.58 23.00 21.34
C ALA A 246 -43.01 23.88 22.51
N ILE A 247 -42.47 23.65 23.72
CA ILE A 247 -42.84 24.34 24.94
C ILE A 247 -42.47 25.82 24.79
N LEU A 248 -41.28 26.11 24.13
CA LEU A 248 -40.75 27.46 23.83
C LEU A 248 -41.65 28.21 22.86
N LYS A 249 -42.12 27.45 21.84
CA LYS A 249 -42.97 27.89 20.81
C LYS A 249 -44.35 28.32 21.39
N ILE A 250 -44.85 27.49 22.39
CA ILE A 250 -46.16 27.83 23.00
C ILE A 250 -46.14 29.14 23.74
N PHE A 251 -45.03 29.42 24.46
CA PHE A 251 -44.79 30.66 25.22
C PHE A 251 -44.67 31.93 24.33
N GLN A 252 -44.00 31.87 23.16
CA GLN A 252 -43.91 32.89 22.12
C GLN A 252 -45.35 33.16 21.51
N GLN A 253 -46.24 32.17 21.23
CA GLN A 253 -47.57 32.43 20.81
C GLN A 253 -48.42 33.09 21.84
N LYS A 254 -48.25 32.63 23.12
CA LYS A 254 -49.02 33.10 24.21
C LYS A 254 -48.83 34.56 24.54
N ILE A 255 -47.53 35.06 24.45
CA ILE A 255 -47.28 36.43 24.69
C ILE A 255 -47.94 37.35 23.68
N LEU A 256 -47.94 36.91 22.38
CA LEU A 256 -48.60 37.66 21.34
C LEU A 256 -50.12 37.79 21.48
N GLU A 257 -50.77 36.66 21.92
CA GLU A 257 -52.18 36.56 22.11
C GLU A 257 -52.60 37.47 23.28
N ASN A 258 -51.84 37.49 24.38
CA ASN A 258 -51.95 38.08 25.66
C ASN A 258 -51.85 39.59 25.70
N LEU A 259 -51.17 40.13 24.63
CA LEU A 259 -50.44 41.36 24.52
C LEU A 259 -51.14 42.61 25.04
N GLY A 260 -52.50 42.73 25.02
CA GLY A 260 -53.20 43.92 25.52
C GLY A 260 -53.09 44.10 27.03
N ASP A 261 -52.91 43.01 27.78
CA ASP A 261 -52.74 43.05 29.18
C ASP A 261 -51.27 42.81 29.28
N ARG A 262 -50.55 43.89 29.64
CA ARG A 262 -49.09 43.88 29.75
C ARG A 262 -48.47 42.81 30.70
N SER A 263 -49.02 42.62 31.92
CA SER A 263 -48.47 41.88 33.06
C SER A 263 -48.32 40.48 32.67
N SER A 264 -49.28 39.87 31.98
CA SER A 264 -49.34 38.41 31.68
C SER A 264 -48.10 38.06 30.78
N VAL A 265 -47.91 38.95 29.84
CA VAL A 265 -46.86 38.95 28.83
C VAL A 265 -45.52 38.92 29.46
N MET A 266 -45.34 39.87 30.41
CA MET A 266 -44.09 40.07 31.10
C MET A 266 -43.57 38.92 31.95
N PHE A 267 -44.49 38.30 32.72
CA PHE A 267 -44.27 37.20 33.63
C PHE A 267 -43.81 36.12 32.72
N LEU A 268 -44.57 35.87 31.60
CA LEU A 268 -44.31 34.75 30.67
C LEU A 268 -43.03 34.83 29.97
N LYS A 269 -42.72 36.08 29.67
CA LYS A 269 -41.51 36.41 29.02
C LYS A 269 -40.25 36.08 29.85
N LYS A 270 -40.30 36.37 31.15
CA LYS A 270 -39.17 36.09 32.05
C LYS A 270 -38.81 34.70 32.20
N LEU A 271 -39.81 33.89 32.30
CA LEU A 271 -39.66 32.44 32.34
C LEU A 271 -39.06 31.83 31.11
N LEU A 272 -39.51 32.39 29.97
CA LEU A 272 -39.12 32.03 28.61
C LEU A 272 -37.67 32.25 28.41
N ASN A 273 -37.14 33.41 28.93
CA ASN A 273 -35.72 33.64 28.76
C ASN A 273 -34.82 32.63 29.40
N ASN A 274 -35.06 32.22 30.66
CA ASN A 274 -34.28 31.20 31.38
C ASN A 274 -34.36 29.76 30.81
N ILE A 275 -35.60 29.35 30.33
CA ILE A 275 -35.86 28.09 29.65
C ILE A 275 -35.09 28.03 28.26
N SER A 276 -35.09 29.17 27.57
CA SER A 276 -34.53 29.25 26.22
C SER A 276 -33.02 28.97 26.27
N GLN A 277 -32.40 29.29 27.42
CA GLN A 277 -31.00 29.14 27.67
C GLN A 277 -30.43 27.81 27.52
N ASP A 278 -31.15 26.72 27.99
CA ASP A 278 -30.68 25.36 27.81
C ASP A 278 -30.74 25.01 26.35
N TYR A 279 -31.74 25.45 25.61
CA TYR A 279 -31.95 25.27 24.13
C TYR A 279 -30.84 25.91 23.29
N CYS A 280 -30.50 27.15 23.70
CA CYS A 280 -29.43 27.98 23.19
C CYS A 280 -28.05 27.47 23.35
N THR A 281 -27.80 26.85 24.46
CA THR A 281 -26.61 26.11 24.76
C THR A 281 -26.37 24.94 23.87
N MET A 282 -27.44 24.12 23.70
CA MET A 282 -27.43 22.96 22.95
C MET A 282 -27.17 23.26 21.43
N LEU A 283 -27.79 24.34 20.89
CA LEU A 283 -27.58 24.80 19.57
C LEU A 283 -26.16 25.22 19.31
N TYR A 284 -25.55 25.97 20.28
CA TYR A 284 -24.20 26.46 20.19
C TYR A 284 -23.17 25.39 20.12
N GLU A 285 -23.34 24.34 20.90
CA GLU A 285 -22.48 23.25 20.95
C GLU A 285 -22.51 22.45 19.66
N TRP A 286 -23.74 22.21 19.07
CA TRP A 286 -23.87 21.46 17.93
C TRP A 286 -23.20 22.22 16.73
N LEU A 287 -23.62 23.48 16.49
CA LEU A 287 -23.16 24.26 15.30
C LEU A 287 -21.74 24.69 15.24
N THR A 288 -21.33 25.17 16.46
CA THR A 288 -19.97 25.73 16.73
C THR A 288 -18.89 24.72 16.98
N GLN A 289 -19.26 23.60 17.63
CA GLN A 289 -18.37 22.58 18.05
C GLN A 289 -18.85 21.14 17.72
N GLY A 290 -19.72 20.87 16.68
CA GLY A 290 -19.88 19.59 16.19
C GLY A 290 -20.30 18.39 17.04
N ILE A 291 -20.94 18.54 18.20
CA ILE A 291 -21.19 17.41 18.98
C ILE A 291 -22.41 17.77 19.73
N LEU A 292 -23.09 16.69 20.15
CA LEU A 292 -24.27 16.82 20.95
C LEU A 292 -24.44 15.64 21.70
N ASN A 293 -25.06 15.68 22.83
CA ASN A 293 -25.41 14.63 23.69
C ASN A 293 -26.20 15.32 24.68
N ASP A 294 -27.22 14.57 25.20
CA ASP A 294 -28.16 15.02 26.21
C ASP A 294 -28.73 13.74 26.78
N PRO A 295 -29.12 13.71 28.02
CA PRO A 295 -29.63 12.44 28.62
C PRO A 295 -31.08 12.06 28.13
N TYR A 296 -31.95 13.04 27.91
CA TYR A 296 -33.29 12.85 27.46
C TYR A 296 -33.38 12.99 25.99
N GLN A 297 -32.32 13.22 25.22
CA GLN A 297 -32.25 13.46 23.84
C GLN A 297 -32.96 14.77 23.47
N GLU A 298 -32.68 15.88 24.22
CA GLU A 298 -33.21 17.20 23.77
C GLU A 298 -32.50 17.84 22.59
N PHE A 299 -33.26 18.82 22.00
CA PHE A 299 -32.91 19.59 20.76
C PHE A 299 -33.45 18.78 19.56
N MET A 300 -33.84 19.49 18.49
CA MET A 300 -34.58 18.92 17.42
C MET A 300 -33.80 17.83 16.74
N THR A 301 -32.47 17.92 16.63
CA THR A 301 -31.60 16.89 15.99
C THR A 301 -31.02 15.97 17.02
N TYR A 302 -30.96 14.63 16.82
CA TYR A 302 -30.46 13.75 17.89
C TYR A 302 -29.53 12.86 17.23
N ASP A 303 -28.47 12.36 18.01
CA ASP A 303 -27.46 11.53 17.51
C ASP A 303 -27.93 10.14 17.35
N ASP A 304 -27.31 9.32 16.41
CA ASP A 304 -27.57 7.92 16.25
C ASP A 304 -26.19 7.26 16.24
N TRP A 320 -16.28 10.98 15.13
CA TRP A 320 -15.85 10.72 13.67
C TRP A 320 -17.05 10.85 12.81
N ASP A 321 -17.42 9.73 12.18
CA ASP A 321 -18.49 9.71 11.23
C ASP A 321 -19.59 9.12 12.05
N THR A 322 -20.67 9.86 12.20
CA THR A 322 -21.75 9.68 13.14
C THR A 322 -22.92 10.31 12.42
N GLN A 323 -23.98 9.50 12.24
CA GLN A 323 -25.23 9.94 11.72
C GLN A 323 -26.07 10.63 12.74
N TYR A 324 -26.97 11.57 12.21
CA TYR A 324 -27.83 12.36 13.05
C TYR A 324 -29.13 12.28 12.28
N PHE A 325 -30.23 12.47 13.02
CA PHE A 325 -31.60 12.40 12.47
C PHE A 325 -32.55 13.26 13.12
N ILE A 326 -33.79 13.34 12.53
CA ILE A 326 -34.78 14.32 12.69
C ILE A 326 -35.38 14.40 14.07
N ARG A 327 -35.52 13.21 14.67
CA ARG A 327 -36.23 13.02 15.93
C ARG A 327 -37.74 13.39 15.79
N LYS A 328 -38.50 13.38 16.90
CA LYS A 328 -39.96 13.52 16.86
C LYS A 328 -40.66 13.93 18.11
N ASP A 329 -39.88 14.22 19.17
CA ASP A 329 -40.45 14.43 20.46
C ASP A 329 -39.63 15.44 21.23
N VAL A 330 -38.77 16.08 20.49
CA VAL A 330 -38.03 17.24 21.07
C VAL A 330 -38.01 18.39 20.06
N LEU A 331 -38.74 18.14 18.94
CA LEU A 331 -38.78 19.09 17.79
C LEU A 331 -39.14 20.45 18.26
N LEU A 332 -38.48 21.41 17.54
CA LEU A 332 -38.59 22.88 17.72
C LEU A 332 -39.64 23.30 16.77
N ARG A 333 -39.76 22.59 15.63
CA ARG A 333 -40.82 22.75 14.64
C ARG A 333 -42.08 22.13 15.09
N ASP A 334 -43.19 22.76 14.62
CA ASP A 334 -44.50 22.26 15.09
C ASP A 334 -45.43 22.24 13.90
N CYS A 335 -44.77 22.29 12.67
CA CYS A 335 -45.43 22.40 11.43
C CYS A 335 -44.77 21.52 10.40
N ASP A 336 -45.52 21.40 9.28
CA ASP A 336 -45.14 20.63 8.08
C ASP A 336 -44.61 21.62 7.05
N SER A 337 -44.42 22.95 7.42
CA SER A 337 -44.00 24.08 6.47
C SER A 337 -42.75 23.77 5.79
N GLU A 338 -42.42 24.47 4.64
CA GLU A 338 -41.11 24.33 4.07
C GLU A 338 -40.03 24.77 4.93
N GLU A 339 -40.24 25.84 5.73
CA GLU A 339 -39.24 26.57 6.54
C GLU A 339 -38.58 25.68 7.59
N ASP A 340 -39.34 24.88 8.20
CA ASP A 340 -38.95 23.90 9.26
C ASP A 340 -37.88 22.93 8.80
N LYS A 341 -38.21 22.25 7.66
CA LYS A 341 -37.43 21.26 7.00
C LYS A 341 -36.13 21.95 6.48
N ASN A 342 -36.22 23.21 5.85
CA ASN A 342 -34.99 23.76 5.25
C ASN A 342 -33.97 24.13 6.26
N LEU A 343 -34.43 24.67 7.40
CA LEU A 343 -33.58 25.14 8.49
C LEU A 343 -32.84 24.01 9.09
N LEU A 344 -33.59 22.89 9.26
CA LEU A 344 -33.15 21.62 9.79
C LEU A 344 -32.11 21.03 8.92
N PHE A 345 -32.22 21.14 7.58
CA PHE A 345 -31.26 20.63 6.65
C PHE A 345 -29.97 21.33 6.80
N LYS A 346 -30.11 22.69 6.96
CA LYS A 346 -28.98 23.65 7.19
C LYS A 346 -28.18 23.39 8.48
N MET A 347 -28.85 23.12 9.59
CA MET A 347 -28.25 22.77 10.85
C MET A 347 -27.52 21.47 10.88
N LEU A 348 -28.16 20.45 10.27
CA LEU A 348 -27.59 19.08 10.35
C LEU A 348 -26.29 19.13 9.64
N ARG A 349 -26.26 19.78 8.46
CA ARG A 349 -25.09 19.91 7.58
C ARG A 349 -24.01 20.65 8.20
N THR A 350 -24.30 21.80 8.89
CA THR A 350 -23.26 22.63 9.41
C THR A 350 -22.54 21.85 10.49
N GLY A 351 -23.29 21.16 11.34
CA GLY A 351 -22.82 20.45 12.49
C GLY A 351 -21.96 19.28 12.13
N ILE A 352 -22.34 18.52 11.10
CA ILE A 352 -21.67 17.34 10.60
C ILE A 352 -20.34 17.75 10.07
N LEU A 353 -20.39 18.89 9.34
CA LEU A 353 -19.16 19.39 8.71
C LEU A 353 -18.11 19.71 9.70
N LEU A 354 -18.52 20.30 10.87
CA LEU A 354 -17.70 20.78 11.93
C LEU A 354 -16.98 19.67 12.56
N LYS A 355 -17.77 18.57 12.77
CA LYS A 355 -17.38 17.44 13.54
C LYS A 355 -16.25 16.72 12.82
N VAL A 356 -16.39 16.62 11.48
CA VAL A 356 -15.28 16.08 10.69
C VAL A 356 -14.01 16.79 10.60
N VAL A 357 -14.00 18.13 10.55
CA VAL A 357 -12.78 18.99 10.60
C VAL A 357 -12.10 18.91 11.87
N ARG A 358 -12.89 18.81 12.96
CA ARG A 358 -12.33 18.64 14.30
C ARG A 358 -11.60 17.33 14.50
N ALA A 359 -12.18 16.29 13.87
CA ALA A 359 -11.79 14.86 13.89
C ALA A 359 -10.38 14.70 13.23
N SER A 360 -10.01 15.54 12.20
CA SER A 360 -8.79 15.66 11.54
C SER A 360 -7.52 16.10 12.30
N LEU A 361 -7.61 16.13 13.65
CA LEU A 361 -6.64 16.54 14.59
C LEU A 361 -5.96 17.84 14.25
N GLN A 362 -6.72 18.94 14.15
CA GLN A 362 -6.16 20.16 13.59
C GLN A 362 -7.05 21.28 14.00
N ILE A 363 -8.33 20.99 14.11
CA ILE A 363 -9.31 21.93 14.68
C ILE A 363 -9.47 21.46 16.04
N PRO A 364 -9.24 22.35 17.05
CA PRO A 364 -9.34 22.00 18.40
C PRO A 364 -10.67 21.60 18.83
N THR A 365 -11.63 22.52 18.65
CA THR A 365 -12.97 22.25 19.00
C THR A 365 -13.65 23.50 18.46
N ILE A 366 -12.86 24.60 18.16
CA ILE A 366 -13.30 25.85 17.51
C ILE A 366 -12.33 26.08 16.38
N PRO A 367 -12.84 26.26 15.11
CA PRO A 367 -12.04 26.54 13.96
C PRO A 367 -11.08 27.67 13.93
N SER A 368 -10.36 27.87 12.84
CA SER A 368 -9.28 28.85 12.65
C SER A 368 -9.58 30.04 11.80
N ASN A 369 -10.88 30.48 11.71
CA ASN A 369 -11.23 31.66 11.00
C ASN A 369 -12.56 32.18 11.52
N SER A 370 -13.07 31.60 12.70
CA SER A 370 -14.46 31.78 13.19
C SER A 370 -14.51 33.28 13.53
N SER A 371 -15.71 33.87 13.37
CA SER A 371 -16.07 35.24 13.80
C SER A 371 -17.59 35.33 13.71
N ASP A 372 -18.20 34.13 13.71
CA ASP A 372 -19.60 33.97 13.73
C ASP A 372 -20.03 33.38 15.07
N ILE A 373 -19.10 33.08 15.97
CA ILE A 373 -19.36 32.68 17.34
C ILE A 373 -19.95 33.90 18.11
N THR A 374 -19.47 35.14 17.82
CA THR A 374 -19.98 36.41 18.43
C THR A 374 -21.45 36.58 18.04
N ILE A 375 -21.76 36.29 16.75
CA ILE A 375 -23.05 36.32 16.12
C ILE A 375 -23.98 35.35 16.74
N GLN A 376 -23.58 34.12 17.09
CA GLN A 376 -24.32 33.14 17.80
C GLN A 376 -24.58 33.58 19.17
N GLU A 377 -23.63 34.25 19.97
CA GLU A 377 -23.86 34.63 21.36
C GLU A 377 -24.95 35.68 21.56
N ILE A 378 -24.99 36.71 20.64
CA ILE A 378 -25.89 37.79 20.61
C ILE A 378 -27.32 37.39 20.34
N ASN A 379 -27.38 36.37 19.41
CA ASN A 379 -28.58 35.66 18.93
C ASN A 379 -29.15 34.93 20.10
N ASP A 380 -28.34 34.29 20.98
CA ASP A 380 -28.75 33.47 22.13
C ASP A 380 -29.44 34.36 23.14
N PHE A 381 -28.89 35.62 23.33
CA PHE A 381 -29.31 36.55 24.40
C PHE A 381 -30.75 37.06 24.21
N ALA A 382 -31.10 37.18 22.89
CA ALA A 382 -32.40 37.72 22.36
C ALA A 382 -33.65 36.99 22.90
N ASP A 383 -33.56 35.73 22.83
CA ASP A 383 -34.51 34.69 23.23
C ASP A 383 -35.80 34.89 22.36
N LEU A 384 -35.73 35.08 21.01
CA LEU A 384 -36.94 35.13 20.19
C LEU A 384 -36.77 33.91 19.35
N MET A 385 -37.88 33.19 19.07
CA MET A 385 -37.96 31.98 18.37
C MET A 385 -38.57 32.34 17.05
N GLU A 386 -38.16 33.54 16.56
CA GLU A 386 -38.43 34.03 15.26
C GLU A 386 -37.54 33.15 14.30
N GLY A 387 -38.14 32.54 13.28
CA GLY A 387 -37.40 31.74 12.31
C GLY A 387 -36.41 32.47 11.48
N SER A 388 -36.83 33.73 10.99
CA SER A 388 -36.03 34.55 10.16
C SER A 388 -34.69 34.94 10.88
N ASN A 389 -34.68 35.34 12.16
CA ASN A 389 -33.43 35.73 12.86
C ASN A 389 -32.48 34.66 12.96
N LEU A 390 -33.00 33.43 13.38
CA LEU A 390 -32.29 32.21 13.52
C LEU A 390 -31.74 31.66 12.21
N GLU A 391 -32.52 31.73 11.09
CA GLU A 391 -31.95 31.37 9.80
C GLU A 391 -30.81 32.25 9.34
N LEU A 392 -30.86 33.60 9.58
CA LEU A 392 -29.82 34.58 9.17
C LEU A 392 -28.50 34.18 9.84
N TYR A 393 -28.48 33.79 11.13
CA TYR A 393 -27.48 33.24 11.95
C TYR A 393 -26.97 31.94 11.36
N VAL A 394 -27.88 31.06 10.94
CA VAL A 394 -27.60 29.71 10.38
C VAL A 394 -26.85 29.75 9.02
N ASP A 395 -27.24 30.71 8.08
CA ASP A 395 -26.48 30.93 6.80
C ASP A 395 -25.05 31.37 7.06
N LYS A 396 -24.80 32.24 8.08
CA LYS A 396 -23.42 32.68 8.46
C LYS A 396 -22.55 31.50 8.97
N CYS A 397 -23.15 30.64 9.85
CA CYS A 397 -22.42 29.50 10.46
C CYS A 397 -22.01 28.40 9.40
N TYR A 398 -23.04 28.23 8.48
CA TYR A 398 -22.95 27.23 7.45
C TYR A 398 -21.80 27.57 6.47
N SER A 399 -21.68 28.76 5.97
CA SER A 399 -20.66 29.26 5.07
C SER A 399 -19.25 29.12 5.62
N ARG A 400 -19.09 29.46 6.90
CA ARG A 400 -17.90 29.44 7.67
C ARG A 400 -17.35 28.03 7.83
N ALA A 401 -18.22 27.06 8.12
CA ALA A 401 -17.95 25.62 8.30
C ALA A 401 -17.47 25.06 6.95
N ASN A 402 -18.10 25.55 5.87
CA ASN A 402 -17.81 25.12 4.46
C ASN A 402 -16.40 25.64 4.05
N GLU A 403 -16.03 26.88 4.42
CA GLU A 403 -14.74 27.51 4.20
C GLU A 403 -13.54 26.84 4.93
N ILE A 404 -13.76 26.50 6.24
CA ILE A 404 -12.83 25.75 6.98
C ILE A 404 -12.60 24.36 6.39
N PHE A 405 -13.58 23.65 5.81
CA PHE A 405 -13.49 22.35 5.27
C PHE A 405 -12.54 22.33 4.08
N LEU A 406 -12.76 23.23 3.08
CA LEU A 406 -12.10 23.44 1.81
C LEU A 406 -10.64 23.81 2.15
N LYS A 407 -10.38 24.71 3.06
CA LYS A 407 -9.04 25.25 3.59
C LYS A 407 -8.25 24.06 4.11
N LEU A 408 -8.92 23.14 4.89
CA LEU A 408 -8.41 21.97 5.53
C LEU A 408 -7.86 20.97 4.45
N PHE A 409 -8.62 20.73 3.37
CA PHE A 409 -8.28 19.84 2.31
C PHE A 409 -7.13 20.50 1.57
N PHE A 410 -7.26 21.75 1.12
CA PHE A 410 -6.20 22.22 0.25
C PHE A 410 -4.79 22.37 0.91
N GLN A 411 -4.73 22.99 2.16
CA GLN A 411 -3.57 23.60 2.85
C GLN A 411 -3.15 22.66 3.92
N GLY A 412 -3.65 21.39 3.92
CA GLY A 412 -3.30 20.46 4.97
C GLY A 412 -3.40 19.07 4.57
N TYR A 413 -4.17 18.74 3.50
CA TYR A 413 -4.28 17.42 2.84
C TYR A 413 -4.01 17.46 1.40
N ASP A 414 -3.53 18.58 0.83
CA ASP A 414 -3.19 18.74 -0.54
C ASP A 414 -4.34 18.28 -1.40
N LEU A 415 -5.57 18.90 -1.46
CA LEU A 415 -6.82 18.53 -2.18
C LEU A 415 -6.62 18.47 -3.66
N ILE A 416 -5.86 19.50 -4.14
CA ILE A 416 -5.61 19.66 -5.60
C ILE A 416 -4.92 18.48 -6.15
N ASN A 417 -3.92 17.89 -5.41
CA ASN A 417 -3.11 16.69 -5.79
C ASN A 417 -4.03 15.53 -5.96
N VAL A 418 -5.05 15.33 -5.04
CA VAL A 418 -5.96 14.21 -5.08
C VAL A 418 -6.86 14.29 -6.27
N LEU A 419 -7.32 15.52 -6.64
CA LEU A 419 -8.18 15.69 -7.83
C LEU A 419 -7.49 15.24 -9.08
N LYS A 420 -6.22 15.62 -9.27
CA LYS A 420 -5.41 15.20 -10.45
C LYS A 420 -5.28 13.66 -10.50
N HIS A 421 -5.00 12.98 -9.27
CA HIS A 421 -4.90 11.54 -9.28
C HIS A 421 -6.16 10.91 -9.69
N LEU A 422 -7.32 11.51 -9.22
CA LEU A 422 -8.63 10.97 -9.51
C LEU A 422 -8.91 11.02 -11.03
N GLN A 423 -8.56 12.17 -11.62
CA GLN A 423 -8.74 12.58 -13.03
C GLN A 423 -7.89 11.69 -13.95
N GLN A 424 -6.62 11.33 -13.54
CA GLN A 424 -5.75 10.41 -14.20
C GLN A 424 -6.37 9.04 -14.25
N ILE A 425 -6.75 8.45 -13.15
CA ILE A 425 -7.25 7.09 -13.18
C ILE A 425 -8.59 6.91 -13.63
N PHE A 426 -9.61 7.52 -12.99
CA PHE A 426 -10.95 7.24 -13.41
C PHE A 426 -11.33 7.71 -14.76
N LEU A 427 -10.98 9.02 -15.16
CA LEU A 427 -11.26 9.61 -16.44
C LEU A 427 -10.40 9.02 -17.48
N GLY A 428 -9.20 8.58 -17.03
CA GLY A 428 -8.36 7.61 -17.83
C GLY A 428 -7.92 8.11 -19.16
N TYR A 429 -7.67 9.42 -19.19
CA TYR A 429 -7.29 10.11 -20.46
C TYR A 429 -6.16 10.96 -20.23
N GLN A 430 -6.02 11.41 -18.96
CA GLN A 430 -5.09 12.40 -18.56
C GLN A 430 -3.78 11.72 -18.23
N SER A 431 -3.93 10.43 -17.82
CA SER A 431 -2.87 9.59 -17.47
C SER A 431 -2.17 9.15 -18.70
N GLY A 432 -2.87 9.23 -19.88
CA GLY A 432 -2.50 8.94 -21.27
C GLY A 432 -1.65 7.76 -21.48
N HIS A 433 -0.23 8.02 -21.44
CA HIS A 433 0.85 7.03 -21.68
C HIS A 433 0.78 5.85 -20.69
N ASN A 434 0.54 6.10 -19.38
CA ASN A 434 0.63 5.02 -18.41
C ASN A 434 -0.30 3.87 -18.66
N VAL A 435 -1.52 4.31 -18.99
CA VAL A 435 -2.63 3.40 -19.35
C VAL A 435 -2.31 2.63 -20.65
N LEU A 436 -1.74 3.37 -21.59
CA LEU A 436 -1.46 2.95 -22.86
C LEU A 436 -0.42 1.81 -22.98
N LYS A 437 0.64 1.99 -22.19
CA LYS A 437 1.67 0.98 -21.94
C LYS A 437 1.08 -0.21 -21.22
N PHE A 438 0.20 0.02 -20.20
CA PHE A 438 -0.39 -0.98 -19.33
C PHE A 438 -1.23 -2.04 -20.08
N LEU A 439 -2.06 -1.59 -21.01
CA LEU A 439 -2.89 -2.39 -22.01
C LEU A 439 -2.10 -3.17 -22.97
N THR A 440 -0.92 -2.66 -23.37
CA THR A 440 0.10 -3.29 -24.18
C THR A 440 0.68 -4.53 -23.47
N LYS A 441 1.00 -4.42 -22.17
CA LYS A 441 1.51 -5.40 -21.31
C LYS A 441 0.37 -6.43 -21.06
N ASN A 442 0.80 -7.70 -21.07
CA ASN A 442 -0.03 -8.89 -20.82
C ASN A 442 -0.99 -9.16 -21.96
N MET A 443 -0.48 -9.03 -23.22
CA MET A 443 -1.34 -9.03 -24.45
C MET A 443 -1.97 -10.36 -24.74
N GLY A 444 -1.26 -11.51 -24.56
CA GLY A 444 -1.77 -12.87 -24.80
C GLY A 444 -2.90 -13.33 -23.90
N GLU A 445 -2.77 -12.94 -22.56
CA GLU A 445 -3.58 -13.47 -21.51
C GLU A 445 -5.01 -12.92 -21.67
N LEU A 446 -5.10 -11.69 -22.08
CA LEU A 446 -6.28 -10.98 -22.33
C LEU A 446 -7.03 -11.33 -23.65
N THR A 447 -6.33 -11.76 -24.74
CA THR A 447 -7.00 -12.00 -26.06
C THR A 447 -7.96 -13.09 -25.83
N LYS A 448 -7.57 -14.08 -25.00
CA LYS A 448 -8.35 -15.19 -24.62
C LYS A 448 -9.12 -14.78 -23.46
N HIS A 449 -10.26 -15.55 -23.12
CA HIS A 449 -11.09 -15.21 -22.00
C HIS A 449 -10.38 -15.44 -20.66
N TYR A 450 -11.14 -15.02 -19.58
CA TYR A 450 -10.70 -14.91 -18.21
C TYR A 450 -10.21 -16.29 -17.75
N ARG A 451 -9.14 -16.17 -16.90
CA ARG A 451 -8.35 -17.24 -16.28
C ARG A 451 -7.85 -16.69 -15.04
N ASN A 452 -7.54 -17.58 -14.09
CA ASN A 452 -7.10 -17.15 -12.81
C ASN A 452 -5.73 -16.36 -12.75
N ASP A 453 -4.83 -16.66 -13.75
CA ASP A 453 -3.43 -16.27 -13.72
C ASP A 453 -3.21 -14.81 -13.96
N ASN A 454 -4.21 -14.17 -14.67
CA ASN A 454 -4.21 -12.79 -15.12
C ASN A 454 -3.93 -11.79 -14.03
N ASN A 455 -4.66 -11.99 -12.94
CA ASN A 455 -4.61 -11.29 -11.72
C ASN A 455 -3.25 -11.42 -11.05
N ALA A 456 -2.70 -12.64 -11.02
CA ALA A 456 -1.38 -12.82 -10.35
C ALA A 456 -0.32 -12.06 -11.01
N ASN A 457 -0.32 -12.15 -12.39
CA ASN A 457 0.64 -11.41 -13.21
C ASN A 457 0.49 -9.89 -13.12
N TYR A 458 -0.80 -9.48 -13.07
CA TYR A 458 -1.18 -8.08 -12.98
C TYR A 458 -0.73 -7.39 -11.71
N ASP A 459 -0.84 -8.15 -10.54
CA ASP A 459 -0.45 -7.61 -9.27
C ASP A 459 1.03 -7.27 -9.18
N LYS A 460 1.90 -8.20 -9.70
CA LYS A 460 3.35 -8.02 -9.62
C LYS A 460 3.79 -6.81 -10.44
N LEU A 461 3.10 -6.75 -11.59
CA LEU A 461 3.33 -5.77 -12.64
C LEU A 461 2.99 -4.38 -12.21
N LEU A 462 1.97 -4.26 -11.36
CA LEU A 462 1.37 -3.08 -10.69
C LEU A 462 2.39 -2.50 -9.72
N GLN A 463 3.11 -3.36 -8.92
CA GLN A 463 4.09 -2.95 -8.01
C GLN A 463 5.31 -2.41 -8.70
N ASN A 464 5.58 -3.13 -9.83
CA ASN A 464 6.65 -2.59 -10.65
C ASN A 464 6.33 -1.25 -11.21
N PHE A 465 5.06 -0.97 -11.60
CA PHE A 465 4.56 0.20 -12.27
C PHE A 465 4.72 1.32 -11.39
N GLU A 466 4.50 1.09 -10.08
CA GLU A 466 4.49 2.06 -9.00
C GLU A 466 5.86 2.71 -8.87
N LEU A 467 6.87 1.74 -8.98
CA LEU A 467 8.30 2.20 -8.85
C LEU A 467 8.63 3.06 -10.00
N GLU A 468 8.12 2.68 -11.25
CA GLU A 468 8.38 3.34 -12.51
C GLU A 468 7.94 4.75 -12.60
N ARG A 469 6.78 5.15 -11.95
CA ARG A 469 6.16 6.45 -12.01
C ARG A 469 6.41 7.13 -10.69
N GLN A 470 7.45 6.72 -9.91
CA GLN A 470 8.03 7.33 -8.69
C GLN A 470 9.11 8.17 -9.25
N SER A 471 8.80 9.50 -9.47
CA SER A 471 9.69 10.60 -9.94
C SER A 471 8.90 11.88 -9.80
N GLU A 472 7.83 11.76 -8.93
CA GLU A 472 6.89 12.81 -8.50
C GLU A 472 6.42 12.29 -7.15
N ASN A 473 5.93 13.23 -6.27
CA ASN A 473 5.85 13.18 -4.81
C ASN A 473 5.79 11.80 -4.29
N PRO A 474 6.74 11.43 -3.45
CA PRO A 474 6.83 10.21 -2.76
C PRO A 474 5.59 9.76 -2.02
N ASN A 475 5.22 8.43 -2.15
CA ASN A 475 4.10 7.76 -1.51
C ASN A 475 2.73 8.23 -2.06
N ASN A 476 2.53 8.25 -3.39
CA ASN A 476 1.31 8.92 -3.92
C ASN A 476 0.10 8.06 -3.55
N LEU A 477 -1.02 8.77 -3.58
CA LEU A 477 -2.35 8.20 -3.50
C LEU A 477 -2.63 7.28 -4.67
N MET A 478 -2.22 7.71 -5.91
CA MET A 478 -2.38 7.01 -7.13
C MET A 478 -1.52 5.81 -7.13
N ARG A 479 -0.28 5.97 -6.67
CA ARG A 479 0.66 4.89 -6.66
C ARG A 479 0.28 3.74 -5.71
N GLN A 480 0.06 4.16 -4.46
CA GLN A 480 -0.17 3.14 -3.44
C GLN A 480 -1.57 2.49 -3.53
N LEU A 481 -2.67 3.33 -3.54
CA LEU A 481 -4.00 2.77 -3.28
C LEU A 481 -4.56 2.06 -4.46
N LEU A 482 -4.15 2.44 -5.70
CA LEU A 482 -4.52 1.83 -6.97
C LEU A 482 -4.55 0.36 -6.90
N MET A 483 -5.70 -0.25 -7.37
CA MET A 483 -5.68 -1.73 -7.46
C MET A 483 -6.37 -2.02 -8.76
N ILE A 484 -6.26 -3.37 -9.23
CA ILE A 484 -6.98 -3.72 -10.40
C ILE A 484 -8.07 -4.72 -9.92
N GLN A 485 -9.32 -4.61 -10.52
CA GLN A 485 -10.36 -5.60 -10.16
C GLN A 485 -10.77 -6.23 -11.44
N PHE A 486 -11.19 -7.52 -11.31
CA PHE A 486 -11.75 -8.33 -12.35
C PHE A 486 -13.12 -8.79 -11.90
N ASP A 487 -14.13 -8.70 -12.85
CA ASP A 487 -15.43 -9.09 -12.54
C ASP A 487 -15.62 -10.57 -12.35
N THR A 488 -15.03 -11.42 -13.24
CA THR A 488 -15.17 -12.85 -13.33
C THR A 488 -16.50 -13.19 -13.98
N GLU A 489 -16.36 -13.80 -15.18
CA GLU A 489 -17.36 -14.46 -15.99
C GLU A 489 -18.27 -15.41 -15.22
N THR A 490 -19.56 -15.48 -15.73
CA THR A 490 -20.62 -16.29 -15.20
C THR A 490 -21.47 -16.83 -16.40
N LYS A 554 -17.75 -12.69 -19.76
CA LYS A 554 -17.89 -12.39 -21.23
C LYS A 554 -16.53 -12.68 -21.66
N SER A 555 -15.50 -11.90 -21.26
CA SER A 555 -14.12 -12.07 -21.73
C SER A 555 -13.28 -11.35 -20.72
N ALA A 556 -11.91 -11.55 -20.80
CA ALA A 556 -10.92 -11.04 -19.81
C ALA A 556 -10.84 -9.53 -19.80
N ILE A 557 -10.88 -8.98 -21.04
CA ILE A 557 -10.73 -7.65 -21.48
C ILE A 557 -11.83 -6.77 -20.92
N TYR A 558 -13.05 -7.35 -20.98
CA TYR A 558 -14.20 -6.79 -20.39
C TYR A 558 -14.08 -6.72 -18.91
N HIS A 559 -13.58 -7.71 -18.22
CA HIS A 559 -13.63 -7.59 -16.78
C HIS A 559 -12.67 -6.62 -16.12
N LEU A 560 -11.60 -6.21 -16.87
CA LEU A 560 -10.50 -5.35 -16.56
C LEU A 560 -10.90 -3.98 -16.23
N LYS A 561 -10.59 -3.52 -14.99
CA LYS A 561 -10.84 -2.12 -14.64
C LYS A 561 -9.91 -1.70 -13.55
N PHE A 562 -9.67 -0.35 -13.32
CA PHE A 562 -8.90 0.05 -12.20
C PHE A 562 -9.61 1.00 -11.31
N ASP A 563 -9.44 0.74 -9.98
CA ASP A 563 -10.05 1.56 -8.87
C ASP A 563 -8.94 2.06 -7.99
N ILE A 564 -9.12 3.33 -7.64
CA ILE A 564 -8.30 4.17 -6.80
C ILE A 564 -9.19 4.43 -5.65
N ASN A 565 -8.64 4.22 -4.42
CA ASN A 565 -9.42 4.41 -3.22
C ASN A 565 -9.29 5.89 -2.83
N ILE A 566 -10.31 6.37 -2.08
CA ILE A 566 -10.33 7.75 -1.62
C ILE A 566 -10.06 7.73 -0.06
N PRO A 567 -9.01 8.36 0.55
CA PRO A 567 -8.80 8.33 1.99
C PRO A 567 -9.60 9.44 2.74
N TYR A 568 -9.83 9.29 4.06
CA TYR A 568 -10.47 10.30 4.85
C TYR A 568 -9.68 11.57 4.99
N PRO A 569 -10.20 12.82 5.07
CA PRO A 569 -11.63 13.19 5.18
C PRO A 569 -12.19 13.46 3.84
N LEU A 570 -11.40 13.18 2.81
CA LEU A 570 -11.70 13.59 1.45
C LEU A 570 -12.97 12.95 0.98
N ASN A 571 -13.21 11.77 1.55
CA ASN A 571 -14.25 10.84 1.16
C ASN A 571 -15.65 11.33 1.11
N ILE A 572 -16.01 12.32 1.98
CA ILE A 572 -17.28 13.03 2.14
C ILE A 572 -17.65 13.74 0.85
N ILE A 573 -16.76 14.39 0.06
CA ILE A 573 -17.14 15.07 -1.16
C ILE A 573 -17.51 14.07 -2.31
N ILE A 574 -16.65 13.05 -2.49
CA ILE A 574 -16.67 12.05 -3.53
C ILE A 574 -16.56 10.74 -2.84
N SER A 575 -17.71 10.08 -2.81
CA SER A 575 -17.99 8.92 -2.04
C SER A 575 -17.61 7.66 -2.81
N ARG A 576 -17.83 6.49 -2.20
CA ARG A 576 -17.69 5.17 -2.86
C ARG A 576 -18.70 5.01 -3.98
N THR A 577 -19.93 5.49 -3.81
CA THR A 577 -21.00 5.28 -4.77
C THR A 577 -20.65 6.02 -6.09
N CYS A 578 -20.13 7.21 -5.94
CA CYS A 578 -19.67 8.00 -7.01
C CYS A 578 -18.55 7.40 -7.81
N MET A 579 -17.58 6.82 -7.13
CA MET A 579 -16.53 6.12 -7.71
C MET A 579 -16.92 4.89 -8.47
N ILE A 580 -17.99 4.09 -8.09
CA ILE A 580 -18.40 3.01 -8.90
C ILE A 580 -18.93 3.40 -10.26
N LYS A 581 -19.66 4.50 -10.32
CA LYS A 581 -20.29 5.07 -11.57
C LYS A 581 -19.25 5.45 -12.57
N TYR A 582 -18.17 6.20 -12.14
CA TYR A 582 -16.98 6.56 -12.88
C TYR A 582 -16.17 5.31 -13.31
N GLN A 583 -16.12 4.27 -12.46
CA GLN A 583 -15.48 3.00 -12.68
C GLN A 583 -16.17 2.22 -13.85
N ILE A 584 -17.50 2.26 -14.10
CA ILE A 584 -18.17 1.66 -15.23
C ILE A 584 -17.79 2.33 -16.58
N ILE A 585 -17.70 3.66 -16.68
CA ILE A 585 -17.33 4.33 -17.92
C ILE A 585 -15.90 3.98 -18.30
N LEU A 586 -14.98 3.90 -17.31
CA LEU A 586 -13.58 3.53 -17.38
C LEU A 586 -13.48 2.14 -17.98
N ARG A 587 -14.34 1.21 -17.52
CA ARG A 587 -14.33 -0.17 -17.97
C ARG A 587 -14.70 -0.28 -19.47
N TYR A 588 -15.71 0.46 -19.88
CA TYR A 588 -16.15 0.58 -21.27
C TYR A 588 -15.12 1.21 -22.19
N GLN A 589 -14.50 2.29 -21.65
CA GLN A 589 -13.44 3.03 -22.23
C GLN A 589 -12.22 2.16 -22.41
N LEU A 590 -11.86 1.35 -21.40
CA LEU A 590 -10.71 0.49 -21.53
C LEU A 590 -10.95 -0.54 -22.57
N VAL A 591 -12.15 -1.13 -22.69
CA VAL A 591 -12.33 -2.23 -23.68
C VAL A 591 -12.09 -1.68 -25.09
N LEU A 592 -12.60 -0.42 -25.30
CA LEU A 592 -12.41 0.26 -26.55
C LEU A 592 -10.95 0.65 -26.85
N GLN A 593 -10.25 1.20 -25.83
CA GLN A 593 -8.91 1.71 -25.95
C GLN A 593 -8.04 0.59 -26.30
N TYR A 594 -8.28 -0.61 -25.72
CA TYR A 594 -7.53 -1.84 -25.83
C TYR A 594 -7.55 -2.43 -27.25
N HIS A 595 -8.77 -2.47 -27.91
CA HIS A 595 -8.81 -2.91 -29.29
C HIS A 595 -8.16 -1.99 -30.28
N SER A 596 -8.28 -0.64 -30.02
CA SER A 596 -7.66 0.38 -30.88
C SER A 596 -6.15 0.24 -30.88
N ARG A 597 -5.59 -0.01 -29.69
CA ARG A 597 -4.19 -0.16 -29.50
C ARG A 597 -3.61 -1.42 -30.26
N LEU A 598 -4.37 -2.53 -30.24
CA LEU A 598 -4.08 -3.77 -30.97
C LEU A 598 -4.20 -3.50 -32.46
N LEU A 599 -5.22 -2.67 -32.81
CA LEU A 599 -5.42 -2.48 -34.22
C LEU A 599 -4.25 -1.77 -34.84
N ASP A 600 -3.68 -0.68 -34.22
CA ASP A 600 -2.56 -0.04 -34.81
C ASP A 600 -1.26 -0.89 -34.88
N GLU A 601 -0.98 -1.73 -33.84
CA GLU A 601 0.17 -2.65 -33.82
C GLU A 601 0.19 -3.77 -34.88
N THR A 602 -1.09 -4.32 -35.17
CA THR A 602 -1.31 -5.33 -36.21
C THR A 602 -0.90 -4.72 -37.50
N TRP A 603 -1.40 -3.46 -37.75
CA TRP A 603 -1.12 -2.85 -39.06
C TRP A 603 0.34 -2.62 -39.21
N MET A 604 0.98 -2.11 -38.13
CA MET A 604 2.33 -1.68 -38.35
C MET A 604 3.30 -2.72 -38.81
N ASP A 605 3.02 -3.87 -38.13
CA ASP A 605 3.80 -5.04 -38.34
C ASP A 605 3.76 -5.54 -39.78
N LEU A 606 2.60 -5.50 -40.55
CA LEU A 606 2.42 -6.04 -41.89
C LEU A 606 3.28 -5.24 -42.87
N ASN A 607 3.46 -3.94 -42.51
CA ASN A 607 4.20 -3.01 -43.34
C ASN A 607 5.69 -3.37 -43.39
N LYS A 608 6.16 -4.15 -42.40
CA LYS A 608 7.58 -4.56 -42.33
C LYS A 608 7.97 -5.52 -43.48
N THR A 609 7.15 -6.66 -43.68
CA THR A 609 7.30 -7.60 -44.80
C THR A 609 6.01 -8.36 -45.30
N PRO A 610 4.92 -8.47 -44.61
CA PRO A 610 3.79 -9.25 -45.16
C PRO A 610 2.81 -8.70 -46.22
N SER A 611 3.10 -7.57 -46.77
CA SER A 611 2.44 -6.95 -47.83
C SER A 611 3.07 -7.42 -49.11
N TRP A 612 3.91 -8.47 -49.12
CA TRP A 612 4.55 -8.85 -50.31
C TRP A 612 4.60 -10.31 -50.30
N LYS A 613 5.14 -10.87 -51.42
CA LYS A 613 5.37 -12.29 -51.66
C LYS A 613 6.74 -12.71 -51.43
N TYR A 614 6.82 -13.76 -50.52
CA TYR A 614 8.08 -14.40 -50.12
C TYR A 614 7.86 -15.92 -50.14
N ARG A 623 0.18 -10.23 -54.53
CA ARG A 623 -0.86 -10.93 -53.79
C ARG A 623 -2.05 -10.12 -53.77
N ARG A 624 -3.21 -10.64 -54.20
CA ARG A 624 -4.47 -9.96 -54.21
C ARG A 624 -5.04 -9.72 -52.79
N ILE A 625 -4.87 -10.72 -51.87
CA ILE A 625 -5.33 -10.86 -50.51
C ILE A 625 -4.85 -9.81 -49.56
N VAL A 626 -3.54 -9.34 -49.68
CA VAL A 626 -2.99 -8.23 -48.95
C VAL A 626 -3.72 -6.94 -49.23
N ARG A 627 -4.04 -6.67 -50.51
CA ARG A 627 -4.68 -5.37 -51.04
C ARG A 627 -5.98 -5.21 -50.40
N ALA A 628 -6.74 -6.36 -50.28
CA ALA A 628 -7.99 -6.39 -49.57
C ALA A 628 -7.89 -6.07 -48.05
N THR A 629 -6.86 -6.69 -47.46
CA THR A 629 -6.60 -6.49 -46.05
C THR A 629 -6.23 -5.05 -45.70
N ARG A 630 -5.42 -4.41 -46.56
CA ARG A 630 -4.96 -3.06 -46.27
C ARG A 630 -6.09 -2.09 -46.24
N VAL A 631 -7.01 -2.13 -47.28
CA VAL A 631 -8.13 -1.22 -47.32
C VAL A 631 -9.11 -1.51 -46.09
N LEU A 632 -9.42 -2.79 -45.76
CA LEU A 632 -10.37 -3.11 -44.64
C LEU A 632 -9.88 -2.70 -43.47
N HIS A 633 -8.56 -2.91 -43.27
CA HIS A 633 -7.88 -2.51 -42.08
C HIS A 633 -7.97 -1.06 -41.81
N ALA A 634 -7.83 -0.23 -42.87
CA ALA A 634 -7.93 1.22 -42.73
C ALA A 634 -9.32 1.70 -42.23
N LYS A 635 -10.38 1.16 -42.82
CA LYS A 635 -11.71 1.52 -42.46
C LYS A 635 -12.08 1.17 -41.04
N MET A 636 -11.75 -0.06 -40.59
CA MET A 636 -12.04 -0.63 -39.36
C MET A 636 -11.43 0.09 -38.21
N ASN A 637 -10.20 0.59 -38.44
CA ASN A 637 -9.44 1.44 -37.59
C ASN A 637 -10.03 2.82 -37.44
N HIS A 638 -10.63 3.33 -38.52
CA HIS A 638 -11.36 4.59 -38.43
C HIS A 638 -12.52 4.50 -37.57
N PHE A 639 -13.32 3.40 -37.64
CA PHE A 639 -14.47 3.25 -36.82
C PHE A 639 -14.20 3.15 -35.37
N ILE A 640 -13.27 2.34 -34.88
CA ILE A 640 -12.83 2.24 -33.43
C ILE A 640 -12.24 3.49 -32.95
N LYS A 641 -11.42 4.15 -33.76
CA LYS A 641 -10.83 5.49 -33.46
C LYS A 641 -11.79 6.64 -33.31
N THR A 642 -12.83 6.72 -34.14
CA THR A 642 -13.89 7.70 -34.03
C THR A 642 -14.71 7.42 -32.82
N ILE A 643 -14.97 6.11 -32.55
CA ILE A 643 -15.75 5.85 -31.38
C ILE A 643 -15.09 6.38 -30.12
N MET A 644 -13.80 6.12 -29.95
CA MET A 644 -13.13 6.69 -28.76
C MET A 644 -13.11 8.18 -28.72
N GLU A 645 -12.92 8.87 -29.88
CA GLU A 645 -12.84 10.37 -29.94
C GLU A 645 -14.11 11.05 -29.40
N TYR A 646 -15.30 10.58 -29.91
CA TYR A 646 -16.54 11.07 -29.56
C TYR A 646 -16.89 10.76 -28.11
N PHE A 647 -16.60 9.50 -27.69
CA PHE A 647 -16.85 8.97 -26.35
C PHE A 647 -16.16 9.83 -25.27
N ASN A 648 -14.86 10.18 -25.47
CA ASN A 648 -14.19 11.09 -24.63
C ASN A 648 -14.68 12.46 -24.70
N GLN A 649 -14.81 12.98 -25.90
CA GLN A 649 -15.01 14.39 -26.13
C GLN A 649 -16.27 14.91 -25.72
N ASN A 650 -17.37 14.31 -26.19
CA ASN A 650 -18.64 14.92 -25.93
C ASN A 650 -19.09 14.74 -24.49
N VAL A 651 -18.54 13.71 -23.84
CA VAL A 651 -18.98 13.31 -22.52
C VAL A 651 -17.96 13.71 -21.51
N ILE A 652 -16.92 12.80 -21.35
CA ILE A 652 -16.00 12.77 -20.25
C ILE A 652 -15.21 14.06 -20.15
N ASP A 653 -14.56 14.49 -21.20
CA ASP A 653 -13.70 15.68 -21.35
C ASP A 653 -14.37 17.00 -21.17
N LYS A 654 -15.54 17.18 -21.78
CA LYS A 654 -16.26 18.38 -21.64
C LYS A 654 -16.72 18.63 -20.25
N GLU A 655 -17.23 17.53 -19.61
CA GLU A 655 -17.80 17.55 -18.26
C GLU A 655 -16.83 17.86 -17.29
N VAL A 656 -15.62 17.27 -17.36
CA VAL A 656 -14.57 17.51 -16.44
C VAL A 656 -14.03 18.92 -16.51
N TYR A 657 -14.03 19.53 -17.74
CA TYR A 657 -13.63 20.88 -17.91
C TYR A 657 -14.54 21.82 -17.17
N SER A 658 -15.96 21.67 -17.27
CA SER A 658 -16.89 22.42 -16.55
C SER A 658 -16.85 22.27 -15.07
N LEU A 659 -16.57 21.00 -14.66
CA LEU A 659 -16.41 20.53 -13.28
C LEU A 659 -15.17 21.22 -12.64
N GLU A 660 -14.04 21.26 -13.36
CA GLU A 660 -12.79 21.79 -12.93
C GLU A 660 -12.79 23.23 -12.62
N LYS A 661 -13.45 24.01 -13.46
CA LYS A 661 -13.65 25.47 -13.21
C LYS A 661 -14.44 25.79 -11.95
N CYS A 662 -15.54 24.96 -11.82
CA CYS A 662 -16.64 25.00 -10.77
C CYS A 662 -16.00 24.79 -9.40
N TYR A 663 -15.01 23.83 -9.27
CA TYR A 663 -14.47 23.53 -7.99
C TYR A 663 -13.76 24.77 -7.44
N ARG A 664 -12.95 25.42 -8.33
CA ARG A 664 -12.06 26.52 -7.98
C ARG A 664 -12.80 27.79 -7.53
N ASN A 665 -13.85 28.25 -8.14
CA ASN A 665 -14.35 29.58 -7.81
C ASN A 665 -14.89 29.69 -6.45
N PRO A 666 -15.84 28.82 -5.96
CA PRO A 666 -16.37 28.85 -4.57
C PRO A 666 -15.44 28.26 -3.56
N THR A 667 -15.55 28.79 -2.29
CA THR A 667 -14.86 28.19 -1.14
C THR A 667 -15.85 27.39 -0.34
N LEU A 668 -17.00 26.98 -0.93
CA LEU A 668 -18.07 26.44 -0.22
C LEU A 668 -18.39 25.06 -0.69
N ALA A 669 -18.55 24.20 0.27
CA ALA A 669 -18.74 22.75 0.22
C ALA A 669 -20.04 22.34 -0.51
N VAL A 670 -21.12 23.09 -0.31
CA VAL A 670 -22.40 22.73 -0.83
C VAL A 670 -22.43 22.62 -2.33
N ALA A 671 -21.63 23.56 -3.02
CA ALA A 671 -21.36 23.75 -4.42
C ALA A 671 -20.71 22.55 -5.03
N ILE A 672 -19.76 21.93 -4.19
CA ILE A 672 -18.96 20.80 -4.59
C ILE A 672 -19.90 19.65 -4.82
N GLN A 673 -20.87 19.41 -3.85
CA GLN A 673 -21.83 18.34 -3.96
C GLN A 673 -22.68 18.53 -5.20
N ASN A 674 -23.08 19.79 -5.48
CA ASN A 674 -23.93 20.11 -6.63
C ASN A 674 -23.34 19.76 -7.98
N GLU A 675 -22.03 20.18 -8.16
CA GLU A 675 -21.35 19.95 -9.41
C GLU A 675 -21.14 18.45 -9.65
N LEU A 676 -20.78 17.75 -8.51
CA LEU A 676 -20.55 16.33 -8.60
C LEU A 676 -21.75 15.51 -9.00
N GLU A 677 -22.92 15.85 -8.50
CA GLU A 677 -24.14 15.17 -8.91
C GLU A 677 -24.53 15.30 -10.33
N GLY A 678 -24.33 16.50 -10.86
CA GLY A 678 -24.68 16.96 -12.22
C GLY A 678 -23.82 16.05 -13.15
N GLY A 679 -22.50 15.85 -12.77
CA GLY A 679 -21.43 15.13 -13.49
C GLY A 679 -21.82 13.69 -13.64
N LEU A 680 -22.38 13.04 -12.47
CA LEU A 680 -22.79 11.71 -12.46
C LEU A 680 -23.95 11.39 -13.41
N THR A 681 -24.97 12.29 -13.52
CA THR A 681 -26.18 12.10 -14.35
C THR A 681 -25.80 12.00 -15.86
N ASN A 682 -24.93 12.84 -16.33
CA ASN A 682 -24.40 12.95 -17.62
C ASN A 682 -23.60 11.67 -18.00
N ILE A 683 -22.73 11.11 -17.06
CA ILE A 683 -22.10 9.78 -17.32
C ILE A 683 -23.11 8.68 -17.46
N MET A 684 -24.21 8.70 -16.64
CA MET A 684 -25.30 7.75 -16.57
C MET A 684 -26.07 7.69 -17.85
N THR A 685 -26.42 8.80 -18.54
CA THR A 685 -27.11 8.89 -19.82
C THR A 685 -26.25 8.23 -20.84
N ASN A 686 -24.89 8.45 -20.86
CA ASN A 686 -24.01 7.79 -21.80
C ASN A 686 -23.94 6.31 -21.69
N ARG A 687 -23.99 5.77 -20.44
CA ARG A 687 -23.97 4.38 -20.12
C ARG A 687 -25.07 3.60 -20.75
N CYS A 688 -26.36 4.02 -20.67
CA CYS A 688 -27.51 3.23 -21.14
C CYS A 688 -27.42 3.15 -22.67
N LEU A 689 -26.99 4.25 -23.35
CA LEU A 689 -26.96 4.34 -24.80
C LEU A 689 -26.01 3.29 -25.38
N SER A 690 -24.82 3.05 -24.77
CA SER A 690 -23.65 2.25 -25.18
C SER A 690 -24.02 0.81 -25.01
N ASP A 691 -23.73 0.14 -26.15
CA ASP A 691 -24.00 -1.30 -26.37
C ASP A 691 -23.03 -1.81 -27.42
N LEU A 692 -21.89 -1.04 -27.60
CA LEU A 692 -20.85 -1.11 -28.57
C LEU A 692 -20.02 -2.34 -28.48
N ILE A 693 -19.72 -2.75 -27.23
CA ILE A 693 -18.72 -3.72 -26.79
C ILE A 693 -18.92 -5.21 -27.25
N PRO A 694 -20.08 -5.87 -27.33
CA PRO A 694 -20.21 -7.21 -27.92
C PRO A 694 -19.83 -7.20 -29.35
N LEU A 695 -20.21 -6.15 -30.13
CA LEU A 695 -20.02 -5.95 -31.55
C LEU A 695 -18.51 -5.74 -31.83
N GLN A 696 -17.86 -4.86 -30.94
CA GLN A 696 -16.46 -4.64 -31.16
C GLN A 696 -15.69 -5.93 -31.01
N LEU A 697 -16.10 -6.82 -30.03
CA LEU A 697 -15.39 -8.07 -29.70
C LEU A 697 -15.24 -9.01 -30.86
N GLN A 698 -16.34 -9.12 -31.68
CA GLN A 698 -16.46 -9.98 -32.77
C GLN A 698 -15.51 -9.58 -33.91
N ILE A 699 -15.43 -8.25 -34.21
CA ILE A 699 -14.56 -7.64 -35.21
C ILE A 699 -13.12 -7.84 -34.81
N PHE A 700 -12.75 -7.72 -33.50
CA PHE A 700 -11.35 -7.92 -33.02
C PHE A 700 -10.79 -9.38 -33.31
N ASP A 701 -11.68 -10.41 -33.11
CA ASP A 701 -11.40 -11.80 -33.29
C ASP A 701 -11.17 -12.01 -34.74
N ILE A 702 -11.95 -11.36 -35.68
CA ILE A 702 -11.87 -11.35 -37.17
C ILE A 702 -10.62 -10.75 -37.70
N VAL A 703 -10.15 -9.60 -37.01
CA VAL A 703 -8.88 -8.89 -37.32
C VAL A 703 -7.72 -9.85 -36.99
N TYR A 704 -7.81 -10.61 -35.89
CA TYR A 704 -6.82 -11.56 -35.49
C TYR A 704 -6.68 -12.65 -36.54
N LYS A 705 -7.82 -13.15 -37.12
CA LYS A 705 -7.85 -14.18 -38.17
C LYS A 705 -7.19 -13.75 -39.50
N PHE A 706 -7.46 -12.48 -39.92
CA PHE A 706 -6.86 -11.85 -41.07
C PHE A 706 -5.36 -11.72 -40.93
N CYS A 707 -4.87 -11.20 -39.77
CA CYS A 707 -3.45 -10.99 -39.45
C CYS A 707 -2.75 -12.32 -39.50
N LYS A 708 -3.36 -13.42 -38.92
CA LYS A 708 -2.72 -14.68 -38.92
C LYS A 708 -2.48 -15.27 -40.27
N PHE A 709 -3.48 -15.17 -41.19
CA PHE A 709 -3.38 -15.70 -42.56
C PHE A 709 -2.21 -15.00 -43.37
N ILE A 710 -2.22 -13.65 -43.30
CA ILE A 710 -1.35 -12.82 -44.04
C ILE A 710 0.12 -13.00 -43.64
N LYS A 711 0.41 -13.12 -42.29
CA LYS A 711 1.77 -13.19 -41.84
C LYS A 711 2.62 -14.36 -42.37
N SER A 712 1.97 -15.52 -42.65
CA SER A 712 2.47 -16.79 -43.19
C SER A 712 3.13 -16.64 -44.56
N MET A 713 2.61 -15.71 -45.47
CA MET A 713 3.15 -15.40 -46.80
C MET A 713 3.01 -16.55 -47.79
N ARG A 714 2.06 -16.42 -48.69
CA ARG A 714 1.72 -17.31 -49.73
C ARG A 714 2.69 -17.04 -51.00
N GLU A 754 -4.09 -23.83 -48.46
CA GLU A 754 -4.01 -23.23 -49.81
C GLU A 754 -5.26 -22.80 -50.44
N ASP A 755 -6.07 -23.76 -50.95
CA ASP A 755 -7.39 -23.50 -51.49
C ASP A 755 -8.19 -23.08 -50.31
N ALA A 756 -8.13 -23.80 -49.14
CA ALA A 756 -9.00 -23.49 -48.04
C ALA A 756 -8.78 -22.15 -47.42
N ALA A 757 -7.50 -21.80 -47.35
CA ALA A 757 -6.96 -20.54 -46.85
C ALA A 757 -7.44 -19.32 -47.63
N LEU A 758 -7.49 -19.42 -49.03
CA LEU A 758 -8.06 -18.39 -49.93
C LEU A 758 -9.58 -18.17 -49.80
N GLU A 759 -10.36 -19.28 -49.68
CA GLU A 759 -11.80 -19.31 -49.58
C GLU A 759 -12.16 -18.69 -48.28
N LEU A 760 -11.52 -19.02 -47.16
CA LEU A 760 -11.77 -18.58 -45.82
C LEU A 760 -11.52 -17.09 -45.78
N ILE A 761 -10.40 -16.59 -46.43
CA ILE A 761 -10.20 -15.14 -46.46
C ILE A 761 -11.30 -14.39 -47.21
N GLN A 762 -11.83 -14.86 -48.34
CA GLN A 762 -12.75 -14.15 -49.12
C GLN A 762 -14.06 -13.83 -48.41
N LYS A 763 -14.63 -14.86 -47.72
CA LYS A 763 -15.89 -14.81 -46.99
C LYS A 763 -15.76 -13.90 -45.86
N LEU A 764 -14.58 -13.84 -45.15
CA LEU A 764 -14.27 -12.88 -44.09
C LEU A 764 -14.23 -11.45 -44.64
N ILE A 765 -13.62 -11.14 -45.83
CA ILE A 765 -13.46 -9.79 -46.42
C ILE A 765 -14.78 -9.25 -46.74
N GLU A 766 -15.70 -10.12 -47.29
CA GLU A 766 -17.03 -9.77 -47.75
C GLU A 766 -17.99 -9.33 -46.64
N TYR A 767 -17.91 -10.06 -45.42
CA TYR A 767 -18.71 -9.79 -44.23
C TYR A 767 -18.38 -8.42 -43.70
N ILE A 768 -17.03 -8.09 -43.69
CA ILE A 768 -16.51 -6.79 -43.24
C ILE A 768 -17.09 -5.70 -44.09
N SER A 769 -17.21 -5.86 -45.41
CA SER A 769 -17.62 -4.83 -46.37
C SER A 769 -19.09 -4.47 -46.10
N ASN A 770 -19.94 -5.51 -45.87
CA ASN A 770 -21.25 -5.29 -45.47
C ASN A 770 -21.38 -4.55 -44.11
N ALA A 771 -20.66 -5.00 -43.07
CA ALA A 771 -20.70 -4.45 -41.77
C ALA A 771 -20.22 -3.05 -41.70
N SER A 772 -19.20 -2.74 -42.43
CA SER A 772 -18.61 -1.45 -42.61
C SER A 772 -19.59 -0.52 -43.29
N SER A 773 -20.37 -0.90 -44.32
CA SER A 773 -21.26 0.07 -44.95
C SER A 773 -22.27 0.58 -43.99
N ILE A 774 -22.84 -0.36 -43.16
CA ILE A 774 -23.87 -0.09 -42.24
C ILE A 774 -23.29 0.91 -41.14
N PHE A 775 -22.03 0.68 -40.76
CA PHE A 775 -21.20 1.46 -39.83
C PHE A 775 -21.08 2.88 -40.30
N ARG A 776 -20.84 3.03 -41.61
CA ARG A 776 -20.61 4.26 -42.28
C ARG A 776 -21.86 5.12 -42.15
N LYS A 777 -23.08 4.63 -42.26
CA LYS A 777 -24.32 5.36 -41.99
C LYS A 777 -24.43 5.83 -40.52
N CYS A 778 -24.00 4.93 -39.57
CA CYS A 778 -23.91 4.98 -38.15
C CYS A 778 -23.06 6.01 -37.59
N LEU A 779 -21.91 6.41 -38.28
CA LEU A 779 -20.89 7.22 -37.69
C LEU A 779 -21.33 8.56 -37.16
N ILE A 780 -22.30 9.26 -37.87
CA ILE A 780 -22.96 10.52 -37.49
C ILE A 780 -23.73 10.39 -36.23
N ASN A 781 -24.43 9.26 -36.03
CA ASN A 781 -25.30 8.93 -34.94
C ASN A 781 -24.56 8.93 -33.60
N PHE A 782 -23.31 8.48 -33.58
CA PHE A 782 -22.52 8.40 -32.36
C PHE A 782 -22.27 9.72 -31.71
N THR A 783 -22.02 10.75 -32.51
CA THR A 783 -21.86 12.10 -32.07
C THR A 783 -23.23 12.66 -31.57
N GLN A 784 -24.27 12.47 -32.36
CA GLN A 784 -25.56 13.04 -32.22
C GLN A 784 -26.36 12.51 -31.06
N GLU A 785 -26.13 11.20 -30.72
CA GLU A 785 -26.71 10.38 -29.70
C GLU A 785 -28.18 10.01 -30.03
N LEU A 786 -28.49 8.72 -30.15
CA LEU A 786 -29.78 8.00 -30.27
C LEU A 786 -30.42 8.21 -31.61
N SER A 787 -30.68 7.11 -32.34
CA SER A 787 -31.58 7.09 -33.45
C SER A 787 -31.82 5.60 -33.66
N THR A 788 -32.19 5.17 -34.93
CA THR A 788 -32.56 3.92 -35.56
C THR A 788 -31.25 3.23 -35.63
N GLU A 789 -30.19 4.03 -35.96
CA GLU A 789 -28.83 3.67 -36.40
C GLU A 789 -28.06 2.83 -35.35
N LYS A 790 -28.18 3.13 -33.99
CA LYS A 790 -27.48 2.31 -32.99
C LYS A 790 -28.01 0.88 -32.89
N PHE A 791 -29.33 0.65 -33.00
CA PHE A 791 -30.09 -0.58 -33.13
C PHE A 791 -29.62 -1.34 -34.37
N ASP A 792 -29.49 -0.65 -35.53
CA ASP A 792 -29.09 -1.15 -36.81
C ASP A 792 -27.62 -1.61 -36.72
N PHE A 793 -26.77 -0.83 -35.95
CA PHE A 793 -25.36 -1.13 -35.67
C PHE A 793 -25.31 -2.52 -34.97
N TYR A 794 -26.20 -2.69 -33.93
CA TYR A 794 -26.11 -3.90 -33.15
C TYR A 794 -26.48 -5.22 -33.86
N ASP A 795 -27.55 -5.17 -34.75
CA ASP A 795 -27.75 -6.29 -35.68
C ASP A 795 -26.62 -6.56 -36.71
N SER A 796 -26.02 -5.50 -37.34
CA SER A 796 -25.17 -5.62 -38.48
C SER A 796 -23.93 -6.37 -38.14
N SER A 797 -23.34 -6.16 -37.00
CA SER A 797 -22.20 -6.98 -36.51
C SER A 797 -22.57 -8.48 -36.20
N SER A 798 -23.79 -8.67 -35.63
CA SER A 798 -24.30 -9.99 -35.33
C SER A 798 -24.57 -10.93 -36.47
N VAL A 799 -25.21 -10.37 -37.52
CA VAL A 799 -25.41 -11.05 -38.82
C VAL A 799 -24.10 -11.36 -39.49
N ASP A 800 -23.15 -10.35 -39.49
CA ASP A 800 -21.87 -10.32 -40.21
C ASP A 800 -20.77 -10.75 -39.27
N PRO B 180 -44.89 28.99 76.30
CA PRO B 180 -44.61 30.40 75.82
C PRO B 180 -43.93 30.32 74.47
N GLU B 181 -44.11 31.38 73.70
CA GLU B 181 -43.66 31.44 72.33
C GLU B 181 -42.11 31.36 72.25
N GLU B 182 -41.48 31.95 73.22
CA GLU B 182 -39.97 31.95 73.19
C GLU B 182 -39.35 30.58 73.26
N ASP B 183 -39.91 29.75 74.22
CA ASP B 183 -39.50 28.43 74.48
C ASP B 183 -39.83 27.57 73.30
N ILE B 184 -41.00 27.74 72.64
CA ILE B 184 -41.28 26.94 71.51
C ILE B 184 -40.34 27.15 70.39
N LEU B 185 -39.99 28.42 70.09
CA LEU B 185 -39.20 28.85 69.03
C LEU B 185 -37.78 28.25 69.20
N LYS B 186 -37.17 28.22 70.45
CA LYS B 186 -35.91 27.60 70.60
C LYS B 186 -35.87 26.09 70.35
N TYR B 187 -36.89 25.34 70.84
CA TYR B 187 -37.00 23.91 70.72
C TYR B 187 -37.14 23.50 69.31
N VAL B 188 -37.96 24.28 68.55
CA VAL B 188 -38.04 23.99 67.09
C VAL B 188 -36.79 24.16 66.28
N SER B 189 -36.01 25.25 66.59
CA SER B 189 -34.77 25.46 65.92
C SER B 189 -33.70 24.42 66.20
N TYR B 190 -33.64 24.01 67.45
CA TYR B 190 -32.78 22.90 68.00
C TYR B 190 -33.19 21.58 67.41
N THR B 191 -34.51 21.36 67.19
CA THR B 191 -34.89 20.12 66.60
C THR B 191 -34.38 20.01 65.22
N LEU B 192 -34.43 21.14 64.46
CA LEU B 192 -34.01 21.29 63.16
C LEU B 192 -32.51 21.07 62.97
N LEU B 193 -31.65 21.40 63.98
CA LEU B 193 -30.21 21.16 63.93
C LEU B 193 -29.92 19.70 64.24
N ALA B 194 -30.94 18.89 64.63
CA ALA B 194 -30.91 17.50 65.13
C ALA B 194 -30.33 17.35 66.51
N THR B 195 -30.91 18.09 67.47
CA THR B 195 -30.70 17.88 68.92
C THR B 195 -32.07 17.60 69.56
N THR B 196 -31.95 16.85 70.68
CA THR B 196 -33.05 16.42 71.45
C THR B 196 -33.74 17.48 72.22
N SER B 197 -35.00 17.46 72.27
CA SER B 197 -35.75 18.47 73.04
C SER B 197 -36.87 17.68 73.81
N ALA B 198 -37.52 18.44 74.75
CA ALA B 198 -38.42 17.94 75.84
C ALA B 198 -39.82 18.43 75.72
N LEU B 199 -40.00 19.18 74.58
CA LEU B 199 -41.33 19.76 74.35
C LEU B 199 -41.75 19.30 73.01
N PHE B 200 -40.71 18.89 72.13
CA PHE B 200 -41.02 18.30 70.80
C PHE B 200 -40.11 17.11 70.82
N PRO B 201 -40.53 15.90 71.14
CA PRO B 201 -39.69 14.73 71.35
C PRO B 201 -38.84 14.41 70.09
N PHE B 202 -37.60 14.01 70.23
CA PHE B 202 -36.75 13.71 69.08
C PHE B 202 -37.24 12.51 68.24
N ASP B 203 -37.88 12.73 67.10
CA ASP B 203 -38.26 11.65 66.12
C ASP B 203 -37.27 11.63 65.10
N HIS B 204 -37.66 11.07 63.90
CA HIS B 204 -36.90 10.86 62.76
C HIS B 204 -37.90 10.63 61.61
N GLU B 205 -39.22 10.89 61.97
CA GLU B 205 -40.30 10.70 61.08
C GLU B 205 -41.12 12.00 61.20
N GLN B 206 -42.08 12.07 62.23
CA GLN B 206 -42.84 13.22 62.58
C GLN B 206 -42.46 13.76 63.91
N ILE B 207 -41.91 14.96 64.06
CA ILE B 207 -41.78 15.57 65.33
C ILE B 207 -43.16 15.99 65.70
N GLN B 208 -43.59 15.60 66.89
CA GLN B 208 -44.98 15.61 67.32
C GLN B 208 -45.68 16.94 67.25
N ILE B 209 -46.96 16.83 66.85
CA ILE B 209 -47.82 17.88 66.61
C ILE B 209 -48.94 17.79 67.66
N PRO B 210 -49.11 18.85 68.47
CA PRO B 210 -50.29 18.95 69.27
C PRO B 210 -51.55 19.28 68.64
N SER B 211 -52.66 18.88 69.24
CA SER B 211 -54.04 18.97 68.69
C SER B 211 -54.89 19.97 69.57
N LYS B 212 -54.11 20.59 70.50
CA LYS B 212 -54.63 21.58 71.41
C LYS B 212 -53.96 22.93 71.08
N ILE B 213 -53.32 23.04 69.87
CA ILE B 213 -52.64 24.27 69.56
C ILE B 213 -53.38 24.86 68.36
N PRO B 214 -53.30 26.13 68.03
CA PRO B 214 -54.04 26.66 66.93
C PRO B 214 -53.77 26.06 65.51
N ASN B 215 -54.69 26.23 64.58
CA ASN B 215 -54.69 25.67 63.23
C ASN B 215 -53.45 26.07 62.42
N PHE B 216 -53.04 27.37 62.64
CA PHE B 216 -51.88 27.91 61.89
C PHE B 216 -50.62 27.14 62.19
N GLU B 217 -50.37 26.98 63.49
CA GLU B 217 -49.17 26.48 64.01
C GLU B 217 -49.09 24.98 63.67
N SER B 218 -50.27 24.28 63.73
CA SER B 218 -50.24 22.83 63.36
C SER B 218 -49.81 22.68 61.88
N GLY B 219 -50.25 23.54 60.93
CA GLY B 219 -49.79 23.50 59.54
C GLY B 219 -48.38 23.71 59.26
N LEU B 220 -47.80 24.70 59.94
CA LEU B 220 -46.40 25.23 59.90
C LEU B 220 -45.48 24.08 60.36
N LEU B 221 -45.92 23.37 61.44
CA LEU B 221 -45.13 22.41 62.13
C LEU B 221 -44.76 21.26 61.20
N HIS B 222 -45.69 20.89 60.24
CA HIS B 222 -45.46 19.86 59.31
C HIS B 222 -44.33 20.25 58.39
N LEU B 223 -44.37 21.53 57.90
CA LEU B 223 -43.26 21.96 57.07
C LEU B 223 -41.93 21.98 57.86
N ILE B 224 -41.89 22.47 59.13
CA ILE B 224 -40.64 22.54 59.81
C ILE B 224 -40.13 21.11 60.02
N PHE B 225 -40.96 20.07 60.24
CA PHE B 225 -40.45 18.71 60.32
C PHE B 225 -39.80 18.26 59.01
N GLU B 226 -40.28 18.57 57.78
CA GLU B 226 -39.58 18.05 56.59
C GLU B 226 -38.13 18.47 56.51
N ALA B 227 -37.80 19.82 56.72
CA ALA B 227 -36.49 20.40 56.64
C ALA B 227 -35.63 19.73 57.69
N GLY B 228 -36.20 19.47 58.95
CA GLY B 228 -35.50 18.79 59.96
C GLY B 228 -35.18 17.34 59.73
N LEU B 229 -36.12 16.59 59.10
CA LEU B 229 -36.03 15.15 58.83
C LEU B 229 -34.86 14.93 57.90
N LEU B 230 -34.72 15.82 56.90
CA LEU B 230 -33.64 15.89 55.99
C LEU B 230 -32.31 16.16 56.59
N TYR B 231 -32.17 17.11 57.60
CA TYR B 231 -31.01 17.46 58.29
C TYR B 231 -30.47 16.23 59.04
N GLN B 232 -31.43 15.38 59.67
CA GLN B 232 -31.15 14.19 60.37
C GLN B 232 -30.59 13.11 59.55
N SER B 233 -31.17 13.02 58.33
CA SER B 233 -30.75 11.97 57.44
C SER B 233 -29.31 12.20 56.98
N LEU B 234 -29.02 13.45 56.59
CA LEU B 234 -27.72 13.90 56.17
C LEU B 234 -26.73 13.82 57.28
N GLY B 235 -27.07 14.23 58.49
CA GLY B 235 -26.15 14.13 59.60
C GLY B 235 -25.70 12.75 59.93
N TYR B 236 -26.60 11.81 59.87
CA TYR B 236 -26.29 10.41 60.11
C TYR B 236 -25.32 9.95 59.05
N LYS B 237 -25.67 10.26 57.79
CA LYS B 237 -24.76 9.74 56.69
C LYS B 237 -23.37 10.26 56.60
N VAL B 238 -23.19 11.61 56.70
CA VAL B 238 -21.91 12.23 56.70
C VAL B 238 -21.12 11.71 57.83
N GLU B 239 -21.67 11.53 59.04
CA GLU B 239 -20.91 11.10 60.20
C GLU B 239 -20.29 9.70 60.09
N LYS B 240 -21.03 8.74 59.54
CA LYS B 240 -20.53 7.36 59.35
C LYS B 240 -19.36 7.30 58.40
N PHE B 241 -19.53 8.04 57.24
CA PHE B 241 -18.61 8.01 56.14
C PHE B 241 -17.32 8.75 56.45
N ARG B 242 -17.42 9.83 57.30
CA ARG B 242 -16.28 10.55 57.77
C ARG B 242 -15.56 9.80 58.86
N MET B 243 -14.19 9.82 58.67
CA MET B 243 -13.12 9.24 59.45
C MET B 243 -13.03 7.74 59.50
N LEU B 244 -14.02 7.03 58.90
CA LEU B 244 -14.03 5.60 58.71
C LEU B 244 -14.72 5.24 57.44
N ASN B 245 -14.23 4.11 56.86
CA ASN B 245 -14.46 3.62 55.51
C ASN B 245 -13.51 4.55 54.61
N ILE B 246 -12.27 4.84 55.07
CA ILE B 246 -11.33 5.66 54.43
C ILE B 246 -11.13 5.33 52.93
N SER B 247 -11.47 6.33 52.07
CA SER B 247 -11.19 6.20 50.63
C SER B 247 -10.98 7.70 50.31
N PRO B 248 -9.97 8.13 49.56
CA PRO B 248 -9.90 9.55 49.30
C PRO B 248 -10.96 9.94 48.29
N MET B 249 -11.50 9.01 47.46
CA MET B 249 -12.45 9.26 46.38
C MET B 249 -13.74 9.68 47.06
N LYS B 250 -14.07 8.97 48.15
CA LYS B 250 -15.23 9.31 48.98
C LYS B 250 -15.09 10.62 49.65
N LYS B 251 -13.89 10.80 50.23
CA LYS B 251 -13.61 11.89 51.12
C LYS B 251 -13.70 13.23 50.52
N ALA B 252 -13.25 13.44 49.28
CA ALA B 252 -13.38 14.73 48.66
C ALA B 252 -14.81 15.08 48.45
N LEU B 253 -15.66 14.05 48.16
CA LEU B 253 -17.09 14.32 48.14
C LEU B 253 -17.68 14.75 49.49
N ILE B 254 -17.38 13.93 50.53
CA ILE B 254 -17.87 14.00 51.89
C ILE B 254 -17.44 15.28 52.52
N ILE B 255 -16.17 15.81 52.27
CA ILE B 255 -15.77 17.09 52.83
C ILE B 255 -16.68 18.13 52.34
N GLU B 256 -17.11 18.18 51.02
CA GLU B 256 -18.09 19.21 50.60
C GLU B 256 -19.47 19.16 51.17
N ILE B 257 -20.11 17.94 51.27
CA ILE B 257 -21.43 17.81 51.89
C ILE B 257 -21.36 18.18 53.32
N SER B 258 -20.37 17.72 54.09
CA SER B 258 -20.16 17.98 55.52
C SER B 258 -20.00 19.52 55.77
N GLU B 259 -19.26 20.18 54.84
CA GLU B 259 -18.91 21.61 54.89
C GLU B 259 -20.13 22.48 54.69
N GLU B 260 -21.03 22.04 53.74
CA GLU B 260 -22.23 22.70 53.32
C GLU B 260 -23.15 22.77 54.52
N LEU B 261 -23.14 21.71 55.30
CA LEU B 261 -23.92 21.59 56.54
C LEU B 261 -23.43 22.48 57.71
N GLN B 262 -22.09 22.82 57.74
CA GLN B 262 -21.56 23.70 58.71
C GLN B 262 -22.25 25.02 58.66
N ASN B 263 -22.51 25.52 57.50
CA ASN B 263 -23.14 26.83 57.26
C ASN B 263 -24.48 26.88 57.86
N TYR B 264 -25.24 25.78 57.77
CA TYR B 264 -26.55 25.64 58.29
C TYR B 264 -26.53 25.85 59.71
N THR B 265 -25.57 25.17 60.41
CA THR B 265 -25.41 25.27 61.82
C THR B 265 -25.09 26.67 62.25
N ALA B 266 -24.20 27.37 61.53
CA ALA B 266 -24.03 28.76 61.90
C ALA B 266 -25.22 29.65 61.77
N PHE B 267 -26.12 29.58 60.69
CA PHE B 267 -27.29 30.38 60.65
C PHE B 267 -28.24 30.17 61.79
N VAL B 268 -28.53 28.93 62.19
CA VAL B 268 -29.46 28.66 63.29
C VAL B 268 -28.93 29.22 64.63
N ASN B 269 -27.60 29.09 64.92
CA ASN B 269 -26.92 29.56 66.08
C ASN B 269 -26.97 31.00 66.23
N ASN B 270 -26.67 31.68 65.10
CA ASN B 270 -26.71 33.12 65.16
C ASN B 270 -28.12 33.65 65.35
N LEU B 271 -29.09 32.99 64.72
CA LEU B 271 -30.44 33.37 64.85
C LEU B 271 -31.02 33.32 66.27
N VAL B 272 -30.64 32.21 67.04
CA VAL B 272 -30.99 32.04 68.43
C VAL B 272 -30.34 33.14 69.25
N SER B 273 -29.09 33.44 68.87
CA SER B 273 -28.33 34.47 69.63
C SER B 273 -29.03 35.83 69.52
N SER B 274 -29.58 36.14 68.33
CA SER B 274 -30.29 37.31 67.92
C SER B 274 -31.47 37.46 68.81
N GLY B 275 -32.27 36.38 68.82
CA GLY B 275 -33.24 35.98 69.83
C GLY B 275 -34.33 35.32 69.14
N THR B 276 -35.31 34.87 70.03
CA THR B 276 -36.47 34.07 69.67
C THR B 276 -37.71 34.95 69.69
N VAL B 277 -37.52 36.22 69.25
CA VAL B 277 -38.54 37.26 69.39
C VAL B 277 -39.32 37.34 68.13
N VAL B 278 -39.26 36.22 67.33
CA VAL B 278 -39.77 36.01 65.90
C VAL B 278 -40.94 35.02 66.10
N SER B 279 -41.43 34.45 64.96
CA SER B 279 -42.50 33.53 64.97
C SER B 279 -42.11 32.35 64.01
N LEU B 280 -42.89 31.18 64.22
CA LEU B 280 -42.72 29.90 63.52
C LEU B 280 -43.00 30.18 62.03
N LYS B 281 -43.95 31.07 61.70
CA LYS B 281 -44.26 31.33 60.32
C LYS B 281 -43.06 31.85 59.62
N SER B 282 -42.43 32.88 60.29
CA SER B 282 -41.27 33.56 59.78
C SER B 282 -40.08 32.60 59.66
N LEU B 283 -39.91 31.71 60.71
CA LEU B 283 -38.72 30.88 60.91
C LEU B 283 -38.49 29.94 59.78
N TYR B 284 -39.64 29.28 59.28
CA TYR B 284 -39.66 28.42 58.14
C TYR B 284 -39.32 29.17 56.86
N ARG B 285 -39.91 30.33 56.73
CA ARG B 285 -39.71 31.14 55.50
C ARG B 285 -38.23 31.55 55.27
N GLU B 286 -37.66 32.01 56.36
CA GLU B 286 -36.34 32.68 56.45
C GLU B 286 -35.19 31.76 56.07
N ILE B 287 -35.36 30.49 56.45
CA ILE B 287 -34.55 29.36 56.09
C ILE B 287 -35.15 28.41 55.00
N TYR B 288 -35.85 28.97 53.96
CA TYR B 288 -36.37 28.23 52.88
C TYR B 288 -35.19 27.71 52.06
N GLU B 289 -34.13 28.53 51.78
CA GLU B 289 -33.12 28.31 50.76
C GLU B 289 -32.35 27.05 50.96
N ASN B 290 -31.92 26.73 52.22
CA ASN B 290 -31.09 25.70 52.59
C ASN B 290 -31.65 24.34 52.28
N ILE B 291 -33.03 24.23 52.32
CA ILE B 291 -33.82 23.01 52.24
C ILE B 291 -33.56 22.40 50.90
N ILE B 292 -33.55 23.27 49.87
CA ILE B 292 -33.26 22.88 48.48
C ILE B 292 -31.92 22.45 48.18
N ARG B 293 -30.84 23.16 48.65
CA ARG B 293 -29.46 22.80 48.23
C ARG B 293 -29.14 21.47 48.89
N LEU B 294 -29.59 21.37 50.17
CA LEU B 294 -29.46 20.15 50.93
C LEU B 294 -30.15 18.93 50.32
N ARG B 295 -31.39 19.13 49.80
CA ARG B 295 -32.28 18.14 49.23
C ARG B 295 -31.84 17.48 48.04
N ILE B 296 -31.25 18.25 47.03
CA ILE B 296 -30.60 17.82 45.86
C ILE B 296 -29.34 17.06 46.16
N TYR B 297 -28.50 17.56 47.14
CA TYR B 297 -27.23 16.95 47.63
C TYR B 297 -27.56 15.64 48.23
N CYS B 298 -28.77 15.43 48.89
CA CYS B 298 -29.21 14.16 49.50
C CYS B 298 -29.39 13.07 48.53
N ARG B 299 -29.87 13.32 47.28
CA ARG B 299 -29.85 12.26 46.34
C ARG B 299 -28.47 11.69 46.00
N PHE B 300 -27.47 12.60 45.83
CA PHE B 300 -26.10 12.20 45.63
C PHE B 300 -25.55 11.36 46.78
N THR B 301 -25.83 11.80 48.06
CA THR B 301 -25.32 11.19 49.27
C THR B 301 -25.85 9.76 49.32
N GLU B 302 -27.09 9.52 48.95
CA GLU B 302 -27.72 8.22 48.96
C GLU B 302 -27.06 7.26 48.00
N HIS B 303 -26.78 7.70 46.75
CA HIS B 303 -26.17 6.93 45.64
C HIS B 303 -24.75 6.53 45.97
N LEU B 304 -23.99 7.39 46.82
CA LEU B 304 -22.61 7.17 47.28
C LEU B 304 -22.52 5.89 48.02
N GLU B 305 -23.62 5.47 48.61
CA GLU B 305 -23.72 4.14 49.16
C GLU B 305 -23.44 2.94 48.27
N GLU B 306 -23.95 2.95 47.04
CA GLU B 306 -23.89 1.94 46.08
C GLU B 306 -22.46 1.76 45.51
N LEU B 307 -21.64 2.82 45.34
CA LEU B 307 -20.51 2.86 44.50
C LEU B 307 -19.32 3.59 45.09
N SER B 308 -18.11 3.30 44.67
CA SER B 308 -16.83 3.85 45.08
C SER B 308 -16.03 3.89 43.89
N GLY B 309 -15.02 4.83 43.82
CA GLY B 309 -14.08 4.69 42.76
C GLY B 309 -14.41 5.56 41.59
N ASP B 310 -13.90 5.10 40.38
CA ASP B 310 -13.77 5.82 39.14
C ASP B 310 -15.12 6.26 38.54
N THR B 311 -16.13 5.48 38.94
CA THR B 311 -17.49 5.57 38.59
C THR B 311 -18.15 6.87 39.02
N PHE B 312 -17.63 7.46 40.12
CA PHE B 312 -18.11 8.75 40.56
C PHE B 312 -18.03 9.82 39.54
N LEU B 313 -17.01 9.91 38.77
CA LEU B 313 -16.80 10.92 37.70
C LEU B 313 -17.91 10.75 36.67
N ILE B 314 -18.31 9.51 36.37
CA ILE B 314 -19.44 9.33 35.41
C ILE B 314 -20.76 9.83 35.94
N GLU B 315 -21.14 9.53 37.24
CA GLU B 315 -22.42 9.92 37.85
C GLU B 315 -22.44 11.41 37.85
N LEU B 316 -21.27 12.01 38.25
CA LEU B 316 -21.15 13.41 38.31
C LEU B 316 -21.27 14.12 36.94
N ASN B 317 -20.74 13.54 35.83
CA ASN B 317 -21.02 14.10 34.49
C ASN B 317 -22.48 14.04 34.12
N ILE B 318 -23.16 12.86 34.35
CA ILE B 318 -24.54 12.57 34.03
C ILE B 318 -25.47 13.47 34.83
N PHE B 319 -25.29 13.67 36.13
CA PHE B 319 -26.01 14.62 36.98
C PHE B 319 -25.87 16.09 36.62
N LYS B 320 -24.63 16.54 36.25
CA LYS B 320 -24.42 17.94 35.82
C LYS B 320 -25.21 18.39 34.66
N SER B 321 -25.45 17.42 33.70
CA SER B 321 -26.16 17.49 32.47
C SER B 321 -27.53 17.76 32.74
N HIS B 322 -28.11 17.32 33.88
CA HIS B 322 -29.49 17.48 34.28
C HIS B 322 -29.80 18.92 34.42
N GLY B 323 -31.13 19.17 34.25
CA GLY B 323 -31.64 20.57 34.22
C GLY B 323 -31.81 21.19 35.60
N ASP B 324 -31.97 22.53 35.63
CA ASP B 324 -32.03 23.32 36.79
C ASP B 324 -30.68 23.60 37.38
N LEU B 325 -30.41 24.90 37.70
CA LEU B 325 -29.17 25.47 38.04
C LEU B 325 -28.52 24.84 39.17
N THR B 326 -29.33 24.43 40.23
CA THR B 326 -28.84 23.94 41.47
C THR B 326 -28.13 22.59 41.30
N ILE B 327 -28.76 21.67 40.45
CA ILE B 327 -28.19 20.41 40.22
C ILE B 327 -26.93 20.58 39.38
N ARG B 328 -26.86 21.37 38.32
CA ARG B 328 -25.58 21.54 37.57
C ARG B 328 -24.37 22.06 38.36
N LYS B 329 -24.66 23.09 39.19
CA LYS B 329 -23.67 23.76 40.13
C LYS B 329 -23.08 22.84 41.23
N ILE B 330 -23.93 22.03 41.87
CA ILE B 330 -23.52 21.05 42.88
C ILE B 330 -22.63 20.02 42.36
N ALA B 331 -23.00 19.46 41.14
CA ALA B 331 -22.15 18.51 40.43
C ALA B 331 -20.86 19.14 40.04
N THR B 332 -20.83 20.44 39.61
CA THR B 332 -19.62 21.11 39.33
C THR B 332 -18.70 21.19 40.49
N ASN B 333 -19.25 21.53 41.67
CA ASN B 333 -18.46 21.62 42.87
C ASN B 333 -17.71 20.34 43.31
N LEU B 334 -18.37 19.14 43.19
CA LEU B 334 -17.91 17.82 43.46
C LEU B 334 -16.83 17.39 42.61
N PHE B 335 -16.95 17.73 41.31
CA PHE B 335 -15.96 17.44 40.28
C PHE B 335 -14.65 18.12 40.55
N ASN B 336 -14.66 19.43 40.99
CA ASN B 336 -13.43 20.17 41.37
C ASN B 336 -12.66 19.56 42.46
N SER B 337 -13.29 19.09 43.59
CA SER B 337 -12.61 18.40 44.71
C SER B 337 -12.08 17.03 44.35
N MET B 338 -12.84 16.30 43.48
CA MET B 338 -12.41 15.04 42.86
C MET B 338 -11.23 15.03 41.94
N ILE B 339 -11.16 16.07 41.02
CA ILE B 339 -10.08 16.12 40.02
C ILE B 339 -8.63 16.19 40.54
N SER B 340 -8.43 16.85 41.67
CA SER B 340 -7.15 16.93 42.35
C SER B 340 -6.57 15.61 42.77
N LEU B 341 -7.48 14.64 43.15
CA LEU B 341 -7.15 13.26 43.49
C LEU B 341 -6.65 12.54 42.28
N TYR B 342 -7.35 12.78 41.10
CA TYR B 342 -7.12 12.26 39.79
C TYR B 342 -5.70 12.74 39.33
N TYR B 343 -5.29 14.00 39.46
CA TYR B 343 -3.99 14.52 39.00
C TYR B 343 -2.89 13.85 39.78
N GLU B 344 -3.02 13.59 41.13
CA GLU B 344 -1.96 12.95 41.85
C GLU B 344 -1.67 11.56 41.33
N TYR B 345 -2.73 10.78 41.04
CA TYR B 345 -2.74 9.40 40.51
C TYR B 345 -2.20 9.24 39.15
N LEU B 346 -2.60 10.20 38.25
CA LEU B 346 -1.98 10.23 36.93
C LEU B 346 -0.47 10.48 37.05
N MET B 347 -0.05 11.43 37.92
CA MET B 347 1.38 11.76 38.04
C MET B 347 2.15 10.62 38.57
N ASN B 348 1.65 9.88 39.61
CA ASN B 348 2.39 8.76 40.23
C ASN B 348 2.61 7.64 39.19
N TRP B 349 1.51 7.36 38.40
CA TRP B 349 1.46 6.27 37.47
C TRP B 349 2.41 6.57 36.34
N LEU B 350 2.22 7.72 35.69
CA LEU B 350 3.01 8.07 34.53
C LEU B 350 4.48 8.34 34.80
N THR B 351 4.72 9.05 35.93
CA THR B 351 6.05 9.53 36.32
C THR B 351 6.85 8.51 37.07
N LYS B 352 6.26 7.59 37.89
CA LYS B 352 7.03 6.61 38.73
C LYS B 352 6.55 5.22 38.63
N GLY B 353 5.62 4.83 37.72
CA GLY B 353 5.20 3.45 37.65
C GLY B 353 4.45 2.99 38.87
N LEU B 354 3.78 3.86 39.67
CA LEU B 354 3.00 3.54 40.80
C LEU B 354 1.56 3.77 40.54
N LEU B 355 0.76 2.67 40.58
CA LEU B 355 -0.71 2.81 40.52
C LEU B 355 -1.28 2.69 41.87
N ARG B 356 -2.47 3.32 41.85
CA ARG B 356 -3.38 3.48 42.91
C ARG B 356 -4.67 2.94 42.33
N ALA B 357 -5.35 2.02 43.09
CA ALA B 357 -6.55 1.43 42.57
C ALA B 357 -7.11 0.49 43.54
N THR B 358 -6.91 0.86 44.84
CA THR B 358 -7.30 -0.12 45.82
C THR B 358 -8.72 0.24 46.33
N TYR B 359 -9.27 1.37 45.79
CA TYR B 359 -10.66 1.76 46.18
C TYR B 359 -11.30 2.25 44.95
N GLY B 360 -10.67 1.95 43.76
CA GLY B 360 -11.07 2.34 42.47
C GLY B 360 -10.34 3.63 42.22
N GLU B 361 -9.18 3.94 42.82
CA GLU B 361 -8.61 5.26 42.75
C GLU B 361 -8.21 5.67 41.34
N PHE B 362 -7.62 4.71 40.52
CA PHE B 362 -7.34 4.95 39.11
C PHE B 362 -7.84 3.65 38.39
N PHE B 363 -7.97 3.78 37.06
CA PHE B 363 -8.74 2.72 36.35
C PHE B 363 -7.77 1.70 35.74
N ILE B 364 -6.40 1.83 35.96
CA ILE B 364 -5.44 0.79 35.66
C ILE B 364 -5.10 -0.03 36.87
N ALA B 365 -5.13 -1.35 36.76
CA ALA B 365 -4.85 -2.25 37.95
C ALA B 365 -3.67 -3.05 37.64
N GLU B 366 -2.94 -3.32 38.72
CA GLU B 366 -1.81 -4.14 38.73
C GLU B 366 -2.28 -5.56 38.50
N ASN B 367 -3.47 -5.99 38.91
CA ASN B 367 -4.00 -7.34 38.71
C ASN B 367 -5.25 -7.23 37.76
N TYR B 379 6.07 -14.91 41.02
CA TYR B 379 4.95 -14.53 40.14
C TYR B 379 4.93 -13.05 39.96
N HIS B 380 4.62 -12.57 38.73
CA HIS B 380 4.67 -11.20 38.42
C HIS B 380 3.27 -10.75 38.09
N ILE B 381 3.04 -9.43 38.36
CA ILE B 381 1.72 -8.80 38.21
C ILE B 381 1.33 -8.83 36.78
N PRO B 382 0.02 -8.88 36.44
CA PRO B 382 -0.36 -8.70 35.02
C PRO B 382 -0.92 -7.31 34.91
N ILE B 383 -0.20 -6.19 34.84
CA ILE B 383 -0.64 -4.85 34.69
C ILE B 383 -1.43 -4.64 33.41
N GLU B 384 -2.65 -4.04 33.64
CA GLU B 384 -3.67 -3.89 32.61
C GLU B 384 -4.64 -2.76 32.83
N PHE B 385 -5.39 -2.48 31.70
CA PHE B 385 -6.43 -1.54 31.67
C PHE B 385 -7.71 -2.30 32.02
N ASN B 386 -8.54 -1.61 32.86
CA ASN B 386 -9.92 -1.92 33.21
C ASN B 386 -10.81 -0.92 32.45
N GLN B 387 -11.27 -1.39 31.20
CA GLN B 387 -11.90 -0.50 30.22
C GLN B 387 -13.20 -0.04 30.77
N GLU B 388 -13.94 -0.93 31.49
CA GLU B 388 -15.16 -0.61 32.03
C GLU B 388 -15.17 0.58 32.99
N ARG B 389 -14.12 0.68 33.85
CA ARG B 389 -14.15 1.67 34.92
C ARG B 389 -13.99 3.09 34.42
N VAL B 390 -13.32 3.25 33.20
CA VAL B 390 -12.92 4.48 32.60
C VAL B 390 -13.84 5.67 32.79
N PRO B 391 -13.43 6.84 33.29
CA PRO B 391 -14.37 7.92 33.56
C PRO B 391 -14.80 8.70 32.37
N ALA B 392 -15.72 9.70 32.48
CA ALA B 392 -16.43 10.27 31.32
C ALA B 392 -15.94 11.63 30.97
N PHE B 393 -15.23 12.28 31.89
CA PHE B 393 -14.58 13.57 31.68
C PHE B 393 -13.28 13.48 30.92
N ILE B 394 -12.64 12.30 30.89
CA ILE B 394 -11.41 12.13 30.20
C ILE B 394 -11.72 11.09 29.17
N PRO B 395 -11.59 11.29 27.92
CA PRO B 395 -12.06 10.29 26.97
C PRO B 395 -11.23 9.04 27.01
N LYS B 396 -11.81 7.96 26.51
CA LYS B 396 -11.26 6.61 26.39
C LYS B 396 -10.07 6.53 25.53
N GLU B 397 -10.02 7.32 24.40
CA GLU B 397 -8.80 7.26 23.55
C GLU B 397 -7.55 7.77 24.31
N LEU B 398 -7.80 8.86 25.07
CA LEU B 398 -6.90 9.61 25.88
C LEU B 398 -6.39 8.71 27.00
N ALA B 399 -7.33 7.87 27.65
CA ALA B 399 -7.09 6.94 28.73
C ALA B 399 -6.20 5.87 28.31
N TYR B 400 -6.42 5.36 27.06
CA TYR B 400 -5.63 4.31 26.45
C TYR B 400 -4.17 4.70 26.24
N LYS B 401 -3.95 5.98 25.77
CA LYS B 401 -2.62 6.60 25.49
C LYS B 401 -1.84 6.66 26.76
N ILE B 402 -2.52 7.00 27.87
CA ILE B 402 -2.00 7.16 29.22
C ILE B 402 -1.49 5.80 29.69
N PHE B 403 -2.24 4.75 29.41
CA PHE B 403 -1.83 3.43 29.79
C PHE B 403 -0.49 3.04 29.14
N MET B 404 -0.43 3.39 27.84
CA MET B 404 0.68 3.00 26.97
C MET B 404 1.98 3.64 27.47
N ILE B 405 1.99 4.95 27.87
CA ILE B 405 3.09 5.63 28.43
C ILE B 405 3.55 5.13 29.72
N GLY B 406 2.63 4.81 30.64
CA GLY B 406 2.88 4.26 31.93
C GLY B 406 3.45 2.93 31.92
N LYS B 407 2.91 2.08 30.99
CA LYS B 407 3.33 0.63 30.90
C LYS B 407 4.77 0.53 30.48
N SER B 408 5.23 1.39 29.53
CA SER B 408 6.58 1.47 29.13
C SER B 408 7.45 1.91 30.20
N TYR B 409 6.97 2.94 31.03
CA TYR B 409 7.77 3.60 32.04
C TYR B 409 8.10 2.66 33.18
N ILE B 410 7.11 1.87 33.66
CA ILE B 410 7.29 0.91 34.73
C ILE B 410 8.18 -0.16 34.35
N PHE B 411 8.20 -0.75 33.08
CA PHE B 411 8.98 -1.86 32.59
C PHE B 411 10.40 -1.49 32.61
N LEU B 412 10.71 -0.23 32.25
CA LEU B 412 12.02 0.31 32.23
C LEU B 412 12.67 0.37 33.57
N GLU B 413 11.81 0.76 34.57
CA GLU B 413 12.12 0.64 35.96
C GLU B 413 12.27 -0.79 36.53
N LYS B 414 11.42 -1.74 36.09
CA LYS B 414 11.47 -3.17 36.49
C LYS B 414 12.67 -3.93 36.10
N TYR B 415 13.20 -3.53 34.93
CA TYR B 415 14.44 -4.03 34.25
C TYR B 415 15.59 -3.77 35.16
N CYS B 416 15.61 -2.51 35.67
CA CYS B 416 16.67 -1.93 36.44
C CYS B 416 17.87 -1.73 35.53
N LYS B 417 18.32 -0.41 35.38
CA LYS B 417 19.52 -0.12 34.62
C LYS B 417 19.60 1.33 34.73
N GLU B 418 18.49 2.00 34.34
CA GLU B 418 18.30 3.41 34.22
C GLU B 418 16.86 3.68 33.91
N VAL B 419 16.69 4.97 33.71
CA VAL B 419 15.46 5.67 33.65
C VAL B 419 15.52 6.68 32.56
N GLN B 420 14.37 7.39 32.22
CA GLN B 420 14.33 8.45 31.15
C GLN B 420 13.74 9.67 31.79
N TRP B 421 14.65 10.58 32.10
CA TRP B 421 14.50 11.68 33.04
C TRP B 421 13.71 12.76 32.49
N THR B 422 13.86 13.07 31.16
CA THR B 422 12.99 14.05 30.62
C THR B 422 11.49 13.65 30.46
N ASN B 423 11.05 12.29 30.48
CA ASN B 423 9.71 11.95 30.67
C ASN B 423 9.19 12.49 31.95
N GLU B 424 10.01 12.46 33.07
CA GLU B 424 9.48 12.91 34.34
C GLU B 424 9.14 14.37 34.38
N PHE B 425 10.09 15.11 33.71
CA PHE B 425 10.12 16.54 33.72
C PHE B 425 8.92 17.11 33.04
N SER B 426 8.58 16.47 31.84
CA SER B 426 7.46 16.80 31.01
C SER B 426 6.18 16.50 31.75
N LYS B 427 6.06 15.39 32.51
CA LYS B 427 4.93 15.06 33.30
C LYS B 427 4.62 16.07 34.43
N LYS B 428 5.74 16.61 35.11
CA LYS B 428 5.65 17.60 36.16
C LYS B 428 5.11 18.92 35.56
N TYR B 429 5.60 19.23 34.36
CA TYR B 429 5.10 20.43 33.72
C TYR B 429 3.64 20.42 33.39
N HIS B 430 3.28 19.27 32.83
CA HIS B 430 1.96 19.01 32.40
C HIS B 430 0.91 18.99 33.50
N VAL B 431 1.16 18.35 34.70
CA VAL B 431 0.29 18.33 35.85
C VAL B 431 0.13 19.77 36.32
N LEU B 432 1.17 20.66 36.30
CA LEU B 432 1.01 22.02 36.72
C LEU B 432 0.05 22.76 35.80
N TYR B 433 0.05 22.54 34.46
CA TYR B 433 -0.77 23.19 33.49
C TYR B 433 -2.25 22.89 33.71
N GLN B 434 -2.68 21.67 33.96
CA GLN B 434 -4.01 21.15 34.20
C GLN B 434 -4.64 21.53 35.46
N SER B 435 -3.78 21.54 36.54
CA SER B 435 -4.07 22.00 37.86
C SER B 435 -4.45 23.50 37.85
N ASN B 436 -3.93 24.35 36.94
CA ASN B 436 -4.05 25.79 37.01
C ASN B 436 -5.39 26.31 36.77
N SER B 437 -6.10 25.68 35.86
CA SER B 437 -7.44 26.02 35.42
C SER B 437 -8.47 25.27 36.30
N TYR B 438 -7.98 24.46 37.27
CA TYR B 438 -8.77 23.90 38.39
C TYR B 438 -9.78 22.82 38.06
N ARG B 439 -9.60 22.17 36.83
CA ARG B 439 -10.60 21.33 36.22
C ARG B 439 -9.96 20.68 34.99
N GLY B 440 -10.47 19.44 34.63
CA GLY B 440 -9.94 18.81 33.41
C GLY B 440 -10.54 19.47 32.15
N ILE B 441 -9.66 19.57 31.20
CA ILE B 441 -9.89 20.14 29.95
C ILE B 441 -9.38 19.10 29.01
N SER B 442 -10.12 18.52 28.05
CA SER B 442 -9.86 17.39 27.21
C SER B 442 -8.81 17.65 26.19
N THR B 443 -8.89 18.88 25.54
CA THR B 443 -7.90 19.34 24.54
C THR B 443 -6.53 19.48 25.17
N ASN B 444 -6.50 20.08 26.36
CA ASN B 444 -5.33 20.33 27.13
C ASN B 444 -4.67 19.02 27.52
N PHE B 445 -5.51 18.07 27.94
CA PHE B 445 -5.06 16.79 28.36
C PHE B 445 -4.41 16.05 27.26
N PHE B 446 -5.06 16.17 26.12
CA PHE B 446 -4.68 15.55 24.89
C PHE B 446 -3.29 16.03 24.49
N GLU B 447 -3.00 17.38 24.49
CA GLU B 447 -1.70 17.80 24.10
C GLU B 447 -0.54 17.28 25.01
N ILE B 448 -0.72 17.20 26.37
CA ILE B 448 0.25 16.71 27.32
C ILE B 448 0.57 15.24 27.16
N ILE B 449 -0.54 14.44 26.98
CA ILE B 449 -0.48 13.05 26.72
C ILE B 449 0.21 12.81 25.40
N ASN B 450 -0.11 13.59 24.34
CA ASN B 450 0.43 13.33 23.02
C ASN B 450 1.95 13.54 23.10
N ASP B 451 2.36 14.56 23.92
CA ASP B 451 3.72 14.92 24.06
C ASP B 451 4.55 13.78 24.69
N GLN B 452 3.96 13.11 25.74
CA GLN B 452 4.46 11.97 26.42
C GLN B 452 4.52 10.67 25.57
N TYR B 453 3.41 10.55 24.80
CA TYR B 453 3.14 9.41 24.00
C TYR B 453 4.16 9.23 22.89
N SER B 454 4.40 10.33 22.09
CA SER B 454 5.33 10.37 20.98
C SER B 454 6.77 10.13 21.47
N GLU B 455 7.13 10.77 22.56
CA GLU B 455 8.46 10.62 23.15
C GLU B 455 8.74 9.22 23.68
N ILE B 456 7.76 8.57 24.38
CA ILE B 456 7.92 7.18 24.81
C ILE B 456 8.03 6.20 23.64
N VAL B 457 7.21 6.42 22.53
CA VAL B 457 7.20 5.51 21.40
C VAL B 457 8.62 5.49 20.74
N ASN B 458 9.28 6.65 20.51
CA ASN B 458 10.63 6.64 19.98
C ASN B 458 11.59 5.97 20.93
N HIS B 459 11.55 6.27 22.23
CA HIS B 459 12.38 5.75 23.24
C HIS B 459 12.29 4.35 23.49
N THR B 460 11.03 3.83 23.42
CA THR B 460 10.73 2.46 23.67
C THR B 460 11.26 1.57 22.57
N ASN B 461 11.17 2.10 21.30
CA ASN B 461 11.75 1.37 20.20
C ASN B 461 13.27 1.22 20.35
N GLN B 462 13.98 2.33 20.71
CA GLN B 462 15.44 2.32 21.02
C GLN B 462 15.78 1.41 22.18
N ILE B 463 14.99 1.40 23.27
CA ILE B 463 15.12 0.47 24.46
C ILE B 463 14.94 -1.04 24.11
N LEU B 464 13.96 -1.45 23.29
CA LEU B 464 13.85 -2.82 22.86
C LEU B 464 15.02 -3.23 21.98
N ASN B 465 15.22 -2.52 20.82
CA ASN B 465 16.27 -3.01 19.89
C ASN B 465 17.72 -2.81 20.29
N GLN B 466 18.11 -1.50 20.66
CA GLN B 466 19.43 -1.18 21.01
C GLN B 466 19.85 -1.62 22.40
N LYS B 467 19.04 -1.25 23.39
CA LYS B 467 19.57 -1.38 24.80
C LYS B 467 19.48 -2.80 25.28
N PHE B 468 18.29 -3.53 24.91
CA PHE B 468 17.97 -4.83 25.51
C PHE B 468 17.88 -5.81 24.48
N HIS B 469 18.67 -5.46 23.41
CA HIS B 469 19.23 -6.28 22.36
C HIS B 469 18.23 -7.19 21.60
N TYR B 470 16.99 -6.68 21.40
CA TYR B 470 15.93 -7.53 20.72
C TYR B 470 16.28 -7.93 19.28
N ARG B 471 16.81 -6.94 18.49
CA ARG B 471 17.15 -7.17 17.12
C ARG B 471 18.16 -8.27 16.94
N ASP B 472 19.16 -8.28 17.89
CA ASP B 472 20.20 -9.30 17.89
C ASP B 472 19.78 -10.74 18.12
N VAL B 473 18.87 -11.00 19.13
CA VAL B 473 18.47 -12.30 19.44
C VAL B 473 17.73 -13.01 18.45
N VAL B 474 16.87 -12.27 17.71
CA VAL B 474 16.13 -12.68 16.51
C VAL B 474 17.17 -13.06 15.48
N PHE B 475 18.27 -12.35 15.31
CA PHE B 475 19.29 -12.76 14.33
C PHE B 475 19.94 -14.08 14.59
N ALA B 476 20.24 -14.36 15.87
CA ALA B 476 20.77 -15.55 16.38
C ALA B 476 19.84 -16.75 16.18
N LEU B 477 18.53 -16.55 16.35
CA LEU B 477 17.42 -17.51 16.20
C LEU B 477 17.27 -17.94 14.68
N LYS B 478 17.40 -16.92 13.73
CA LYS B 478 17.28 -16.94 12.32
C LYS B 478 18.30 -17.92 11.81
N ASN B 479 19.50 -17.85 12.45
CA ASN B 479 20.65 -18.67 12.19
C ASN B 479 20.34 -20.17 12.50
N ILE B 480 19.74 -20.43 13.70
CA ILE B 480 19.59 -21.81 14.19
C ILE B 480 18.40 -22.48 13.47
N LEU B 481 17.23 -21.89 13.55
CA LEU B 481 16.00 -22.50 13.05
C LEU B 481 15.93 -22.65 11.57
N LEU B 482 16.26 -21.65 10.73
CA LEU B 482 16.06 -21.60 9.31
C LEU B 482 17.34 -22.03 8.59
N MET B 483 18.33 -22.60 9.38
CA MET B 483 19.58 -23.14 9.00
C MET B 483 20.40 -22.06 8.27
N GLY B 484 20.25 -20.81 8.79
CA GLY B 484 20.81 -19.64 8.18
C GLY B 484 22.27 -19.47 8.48
N LYS B 485 22.88 -20.40 9.25
CA LYS B 485 24.30 -20.49 9.56
C LYS B 485 24.36 -21.93 9.61
N SER B 486 24.73 -22.48 8.42
CA SER B 486 24.77 -23.88 8.07
C SER B 486 25.82 -24.65 8.87
N ASP B 487 27.04 -23.95 9.10
CA ASP B 487 28.25 -24.48 9.72
C ASP B 487 28.03 -24.87 11.11
N PHE B 488 27.26 -23.98 11.77
CA PHE B 488 26.91 -24.14 13.16
C PHE B 488 26.13 -25.37 13.32
N MET B 489 25.15 -25.61 12.48
CA MET B 489 24.29 -26.76 12.46
C MET B 489 25.00 -28.02 12.19
N ASP B 490 25.97 -28.00 11.25
CA ASP B 490 26.73 -29.15 10.86
C ASP B 490 27.57 -29.68 11.98
N ALA B 491 28.27 -28.75 12.66
CA ALA B 491 29.08 -29.08 13.83
C ALA B 491 28.28 -29.61 15.03
N LEU B 492 27.11 -28.94 15.30
CA LEU B 492 26.26 -29.26 16.46
C LEU B 492 25.70 -30.64 16.43
N ILE B 493 25.19 -31.05 15.22
CA ILE B 493 24.71 -32.43 14.97
C ILE B 493 25.82 -33.41 15.07
N GLU B 494 27.01 -33.12 14.57
CA GLU B 494 28.11 -34.05 14.48
C GLU B 494 28.52 -34.47 15.87
N LYS B 495 28.71 -33.55 16.81
CA LYS B 495 29.09 -33.72 18.22
C LYS B 495 27.93 -34.33 18.96
N ALA B 496 26.71 -33.86 18.69
CA ALA B 496 25.54 -34.33 19.48
C ALA B 496 25.09 -35.82 19.26
N ASN B 497 25.35 -36.39 18.04
CA ASN B 497 25.03 -37.67 17.61
C ASN B 497 25.45 -38.72 18.58
N ASP B 498 26.74 -38.64 19.18
CA ASP B 498 27.30 -39.59 20.12
C ASP B 498 26.51 -39.64 21.40
N ILE B 499 26.14 -38.44 21.90
CA ILE B 499 25.54 -38.12 23.16
C ILE B 499 24.05 -38.59 23.26
N LEU B 500 23.38 -38.47 22.16
CA LEU B 500 22.00 -38.92 21.98
C LEU B 500 21.93 -40.42 21.83
N ALA B 501 22.99 -41.03 21.24
CA ALA B 501 22.94 -42.43 20.87
C ALA B 501 22.70 -43.29 22.08
N THR B 502 23.26 -42.84 23.25
CA THR B 502 23.05 -43.46 24.57
C THR B 502 21.85 -42.89 25.16
N PRO B 503 20.83 -43.70 25.61
CA PRO B 503 19.54 -43.21 26.25
C PRO B 503 19.67 -42.11 27.21
N SER B 504 18.55 -41.32 27.39
CA SER B 504 18.35 -40.15 28.16
C SER B 504 18.60 -40.40 29.61
N ASP B 505 19.34 -39.46 30.20
CA ASP B 505 19.67 -39.41 31.59
C ASP B 505 19.94 -37.98 31.97
N SER B 506 20.18 -37.75 33.23
CA SER B 506 20.44 -36.42 33.70
C SER B 506 21.78 -35.89 33.00
N LEU B 507 22.74 -36.81 32.78
CA LEU B 507 24.04 -36.48 32.22
C LEU B 507 24.11 -36.02 30.71
N PRO B 508 23.30 -36.57 29.79
CA PRO B 508 23.17 -35.90 28.43
C PRO B 508 22.76 -34.47 28.42
N ASN B 509 21.83 -34.05 29.31
CA ASN B 509 21.28 -32.74 29.33
C ASN B 509 22.38 -31.68 29.49
N TYR B 510 23.33 -31.88 30.46
CA TYR B 510 24.41 -30.98 30.71
C TYR B 510 25.44 -31.02 29.53
N LYS B 511 25.79 -32.20 28.95
CA LYS B 511 26.69 -32.34 27.83
C LYS B 511 26.10 -31.62 26.59
N LEU B 512 24.78 -31.74 26.32
CA LEU B 512 24.15 -31.15 25.12
C LEU B 512 24.23 -29.63 25.14
N THR B 513 24.08 -29.12 26.31
CA THR B 513 24.24 -27.63 26.49
C THR B 513 25.68 -27.18 26.26
N ARG B 514 26.75 -27.85 26.72
CA ARG B 514 28.14 -27.55 26.57
C ARG B 514 28.45 -27.64 25.08
N VAL B 515 27.94 -28.65 24.36
CA VAL B 515 28.06 -28.79 22.95
C VAL B 515 27.45 -27.66 22.19
N LEU B 516 26.33 -27.12 22.72
CA LEU B 516 25.68 -25.96 22.14
C LEU B 516 26.61 -24.76 22.21
N GLN B 517 27.27 -24.49 23.39
CA GLN B 517 28.15 -23.39 23.52
C GLN B 517 29.38 -23.43 22.70
N GLU B 518 30.03 -24.61 22.64
CA GLU B 518 31.22 -24.81 21.87
C GLU B 518 30.99 -24.57 20.38
N ALA B 519 29.81 -24.97 19.86
CA ALA B 519 29.40 -24.89 18.45
C ALA B 519 29.32 -23.50 17.93
N VAL B 520 28.82 -22.62 18.73
CA VAL B 520 28.80 -21.22 18.35
C VAL B 520 30.15 -20.67 18.18
N GLN B 521 31.09 -20.97 19.07
CA GLN B 521 32.47 -20.47 19.03
C GLN B 521 33.26 -21.07 17.86
N LEU B 522 33.03 -22.40 17.58
CA LEU B 522 33.71 -23.07 16.53
C LEU B 522 33.47 -22.55 15.11
N SER B 523 32.18 -22.25 14.95
CA SER B 523 31.63 -21.99 13.63
C SER B 523 32.03 -20.62 13.09
N SER B 524 32.71 -19.80 13.91
CA SER B 524 33.11 -18.39 13.70
C SER B 524 31.87 -17.59 13.71
N LEU B 525 31.09 -17.76 14.85
CA LEU B 525 29.84 -17.09 15.01
C LEU B 525 30.03 -16.22 16.18
N ARG B 526 29.84 -14.88 15.97
CA ARG B 526 30.15 -13.96 17.03
C ARG B 526 28.74 -13.48 17.43
N HIS B 527 28.85 -12.60 18.50
CA HIS B 527 27.70 -11.99 19.14
C HIS B 527 27.44 -10.52 18.68
N LEU B 528 27.66 -10.33 17.30
CA LEU B 528 27.35 -9.21 16.55
C LEU B 528 28.27 -8.00 16.88
N MET B 529 29.09 -7.57 15.92
CA MET B 529 29.91 -6.40 15.96
C MET B 529 29.12 -5.21 15.92
N ASN B 530 29.49 -4.09 16.61
CA ASN B 530 28.74 -2.84 16.64
C ASN B 530 27.38 -2.97 17.03
N SER B 531 27.16 -3.85 18.09
CA SER B 531 25.95 -4.16 18.71
C SER B 531 26.44 -4.73 20.02
N PRO B 532 25.59 -4.73 21.08
CA PRO B 532 25.86 -5.39 22.36
C PRO B 532 26.10 -6.84 22.16
N ARG B 533 27.25 -7.35 22.71
CA ARG B 533 27.64 -8.73 22.79
C ARG B 533 26.61 -9.40 23.60
N ASN B 534 25.71 -10.18 22.89
CA ASN B 534 24.56 -10.83 23.53
C ASN B 534 24.04 -11.45 22.33
N SER B 535 24.18 -12.80 22.26
CA SER B 535 23.73 -13.69 21.22
C SER B 535 22.85 -14.63 21.95
N SER B 536 21.68 -14.87 21.24
CA SER B 536 20.61 -15.60 21.74
C SER B 536 20.98 -17.01 22.08
N VAL B 537 21.89 -17.62 21.31
CA VAL B 537 22.24 -19.00 21.54
C VAL B 537 22.95 -19.10 22.87
N ILE B 538 23.93 -18.23 23.15
CA ILE B 538 24.64 -18.34 24.39
C ILE B 538 23.70 -18.03 25.57
N ASN B 539 23.04 -16.85 25.52
CA ASN B 539 22.15 -16.50 26.59
C ASN B 539 20.78 -17.18 26.81
N GLY B 540 19.89 -17.19 25.76
CA GLY B 540 18.55 -17.78 25.89
C GLY B 540 18.44 -19.27 25.88
N LEU B 541 19.44 -20.00 25.19
CA LEU B 541 19.29 -21.41 24.93
C LEU B 541 19.97 -22.35 25.80
N ASP B 542 19.24 -23.38 26.20
CA ASP B 542 19.80 -24.45 27.01
C ASP B 542 19.15 -25.59 26.22
N ALA B 543 19.92 -26.65 26.10
CA ALA B 543 19.44 -27.79 25.38
C ALA B 543 18.79 -28.75 26.39
N ARG B 544 17.64 -29.37 26.02
CA ARG B 544 16.94 -30.25 26.94
C ARG B 544 16.81 -31.58 26.36
N VAL B 545 16.72 -32.64 27.27
CA VAL B 545 16.32 -33.92 26.92
C VAL B 545 15.17 -34.05 27.88
N LEU B 546 14.04 -34.60 27.43
CA LEU B 546 12.89 -34.82 28.26
C LEU B 546 12.00 -35.84 27.66
N ASP B 547 12.21 -36.28 26.45
CA ASP B 547 11.40 -37.30 25.81
C ASP B 547 12.38 -38.14 25.08
N LEU B 548 11.88 -39.26 24.61
CA LEU B 548 12.47 -40.26 23.75
C LEU B 548 13.69 -40.85 24.31
N GLY B 549 14.21 -41.88 23.63
CA GLY B 549 15.35 -42.69 24.08
C GLY B 549 14.92 -43.76 25.08
N HIS B 550 13.55 -43.79 25.41
CA HIS B 550 12.82 -44.57 26.41
C HIS B 550 12.37 -45.78 25.67
N GLY B 551 13.32 -46.53 25.01
CA GLY B 551 12.88 -47.68 24.20
C GLY B 551 12.55 -47.27 22.82
N SER B 552 13.02 -46.12 22.44
CA SER B 552 12.64 -45.41 21.21
C SER B 552 13.89 -45.07 20.55
N VAL B 553 13.82 -44.32 19.48
CA VAL B 553 14.82 -43.65 18.62
C VAL B 553 15.79 -42.88 19.56
N GLY B 554 17.10 -42.83 19.13
CA GLY B 554 18.19 -42.26 19.99
C GLY B 554 18.93 -41.29 19.14
N TRP B 555 18.13 -40.37 18.52
CA TRP B 555 18.65 -39.43 17.55
C TRP B 555 17.80 -38.17 17.59
N ASP B 556 16.74 -38.16 18.46
CA ASP B 556 15.71 -37.12 18.64
C ASP B 556 15.30 -37.04 20.06
N VAL B 557 16.28 -37.34 20.95
CA VAL B 557 16.17 -37.16 22.39
C VAL B 557 16.25 -35.73 22.70
N PHE B 558 16.93 -34.94 21.79
CA PHE B 558 17.09 -33.48 21.77
C PHE B 558 15.86 -32.75 21.55
N THR B 559 15.72 -31.64 22.28
CA THR B 559 14.78 -30.65 22.02
C THR B 559 15.52 -29.46 22.47
N LEU B 560 14.98 -28.22 22.18
CA LEU B 560 15.59 -26.99 22.47
C LEU B 560 14.74 -26.01 23.27
N ASP B 561 15.31 -25.35 24.32
CA ASP B 561 14.45 -24.51 25.19
C ASP B 561 15.02 -23.13 25.17
N TYR B 562 14.14 -22.12 25.03
CA TYR B 562 14.37 -20.72 25.02
C TYR B 562 13.60 -20.19 26.21
N ILE B 563 14.32 -19.39 27.04
CA ILE B 563 13.74 -18.82 28.20
C ILE B 563 13.55 -17.37 27.93
N LEU B 564 12.36 -16.86 28.34
CA LEU B 564 11.91 -15.58 27.96
C LEU B 564 12.50 -14.63 28.99
N TYR B 565 12.60 -13.32 28.60
CA TYR B 565 13.22 -12.30 29.33
C TYR B 565 12.36 -11.05 29.17
N PRO B 566 12.43 -9.91 30.03
CA PRO B 566 11.66 -8.63 30.00
C PRO B 566 11.54 -8.07 28.58
N PRO B 567 10.52 -7.38 28.19
CA PRO B 567 9.34 -7.02 29.05
C PRO B 567 8.28 -8.17 29.06
N LEU B 568 8.57 -9.29 28.36
CA LEU B 568 7.76 -10.54 28.23
C LEU B 568 7.51 -11.23 29.57
N SER B 569 8.42 -11.20 30.62
CA SER B 569 8.28 -11.95 31.79
C SER B 569 6.97 -11.76 32.58
N LEU B 570 6.25 -10.63 32.44
CA LEU B 570 5.01 -10.20 33.12
C LEU B 570 3.86 -11.16 32.80
N VAL B 571 3.68 -11.60 31.51
CA VAL B 571 2.43 -12.15 31.13
C VAL B 571 2.52 -13.62 30.92
N LEU B 572 3.76 -14.22 30.91
CA LEU B 572 3.97 -15.57 30.85
C LEU B 572 5.10 -15.64 31.86
N ASN B 573 4.99 -16.51 32.82
CA ASN B 573 5.86 -16.67 33.92
C ASN B 573 5.47 -17.98 34.60
N VAL B 574 5.79 -18.11 35.93
CA VAL B 574 5.42 -19.21 36.71
C VAL B 574 3.91 -19.23 36.95
N ASN B 575 3.31 -20.41 37.10
CA ASN B 575 1.92 -20.78 37.20
C ASN B 575 1.20 -20.73 35.86
N ARG B 576 1.97 -20.59 34.73
CA ARG B 576 1.56 -20.59 33.35
C ARG B 576 2.83 -20.85 32.49
N PRO B 577 3.45 -22.02 32.51
CA PRO B 577 4.65 -22.37 31.74
C PRO B 577 4.61 -22.35 30.24
N PHE B 578 3.40 -22.02 29.59
CA PHE B 578 3.05 -22.15 28.23
C PHE B 578 3.98 -21.49 27.30
N GLY B 579 4.50 -20.24 27.52
CA GLY B 579 5.34 -19.57 26.49
C GLY B 579 6.64 -20.28 26.14
N ARG B 580 7.43 -20.76 27.12
CA ARG B 580 8.68 -21.37 26.84
C ARG B 580 8.50 -22.73 26.06
N LYS B 581 7.46 -23.52 26.48
CA LYS B 581 6.99 -24.80 26.03
C LYS B 581 6.45 -24.74 24.57
N GLU B 582 5.76 -23.59 24.19
CA GLU B 582 5.26 -23.36 22.85
C GLU B 582 6.38 -23.28 21.88
N TYR B 583 7.35 -22.43 22.30
CA TYR B 583 8.65 -22.37 21.54
C TYR B 583 9.41 -23.72 21.50
N LEU B 584 9.43 -24.50 22.60
CA LEU B 584 10.14 -25.76 22.69
C LEU B 584 9.55 -26.71 21.68
N ARG B 585 8.21 -26.76 21.50
CA ARG B 585 7.70 -27.72 20.57
C ARG B 585 8.02 -27.58 19.17
N ILE B 586 7.99 -26.31 18.69
CA ILE B 586 8.23 -25.90 17.30
C ILE B 586 9.65 -26.19 16.90
N PHE B 587 10.59 -25.87 17.84
CA PHE B 587 11.97 -26.00 17.66
C PHE B 587 12.43 -27.40 17.29
N ASN B 588 11.80 -28.39 18.03
CA ASN B 588 11.97 -29.80 17.99
C ASN B 588 11.59 -30.32 16.58
N PHE B 589 10.42 -29.85 15.99
CA PHE B 589 10.01 -30.30 14.66
C PHE B 589 10.94 -29.85 13.56
N LEU B 590 11.37 -28.52 13.65
CA LEU B 590 12.29 -27.82 12.74
C LEU B 590 13.66 -28.50 12.82
N TRP B 591 14.18 -28.72 14.05
CA TRP B 591 15.45 -29.31 14.26
C TRP B 591 15.43 -30.74 13.74
N ARG B 592 14.28 -31.51 13.90
CA ARG B 592 14.14 -32.92 13.51
C ARG B 592 14.28 -33.09 12.05
N PHE B 593 13.73 -32.19 11.17
CA PHE B 593 13.84 -32.40 9.72
C PHE B 593 15.32 -32.27 9.27
N LYS B 594 16.01 -31.28 9.86
CA LYS B 594 17.43 -31.08 9.65
C LYS B 594 18.29 -32.13 10.09
N LYS B 595 18.05 -32.76 11.23
CA LYS B 595 18.85 -33.91 11.70
C LYS B 595 18.76 -35.04 10.77
N ASN B 596 17.56 -35.41 10.29
CA ASN B 596 17.54 -36.56 9.45
C ASN B 596 18.29 -36.32 8.08
N ASN B 597 18.20 -35.08 7.55
CA ASN B 597 18.90 -34.72 6.31
C ASN B 597 20.40 -34.82 6.48
N TYR B 598 20.96 -34.33 7.57
CA TYR B 598 22.41 -34.36 7.89
C TYR B 598 23.01 -35.74 8.03
N PHE B 599 22.30 -36.72 8.71
CA PHE B 599 22.78 -38.05 8.87
C PHE B 599 22.86 -38.74 7.62
N TYR B 600 21.90 -38.50 6.75
CA TYR B 600 21.74 -39.06 5.43
C TYR B 600 22.89 -38.54 4.59
N GLN B 601 23.26 -37.20 4.68
CA GLN B 601 24.26 -36.59 3.84
C GLN B 601 25.66 -37.16 4.00
N LYS B 602 26.04 -37.48 5.30
CA LYS B 602 27.47 -37.93 5.52
C LYS B 602 27.74 -39.27 4.86
N GLU B 603 26.74 -40.16 4.95
CA GLU B 603 26.80 -41.48 4.29
C GLU B 603 26.90 -41.46 2.81
N MET B 604 26.06 -40.59 2.17
CA MET B 604 26.10 -40.33 0.74
C MET B 604 27.46 -39.66 0.27
N LEU B 605 27.93 -38.72 1.01
CA LEU B 605 29.11 -37.98 0.77
C LEU B 605 30.41 -38.79 0.68
N LYS B 606 30.59 -39.79 1.64
CA LYS B 606 31.73 -40.68 1.68
C LYS B 606 31.77 -41.52 0.43
N SER B 607 30.56 -42.04 0.01
CA SER B 607 30.44 -42.87 -1.16
C SER B 607 30.81 -42.13 -2.41
N ASN B 608 30.58 -40.77 -2.55
CA ASN B 608 30.85 -40.02 -3.76
C ASN B 608 32.38 -39.87 -4.01
N ASP B 609 33.21 -39.69 -2.94
CA ASP B 609 34.63 -39.53 -2.98
C ASP B 609 35.31 -40.85 -3.35
N ILE B 610 34.78 -41.99 -2.85
CA ILE B 610 35.14 -43.43 -3.13
C ILE B 610 33.98 -44.17 -2.55
N ILE B 611 33.58 -45.27 -3.26
CA ILE B 611 32.41 -46.09 -2.93
C ILE B 611 32.41 -46.67 -1.58
N ARG B 612 33.63 -47.19 -1.18
CA ARG B 612 33.87 -47.85 0.10
C ARG B 612 34.11 -46.80 1.26
N ILE B 628 34.28 -52.07 -12.62
CA ILE B 628 32.96 -52.66 -13.07
C ILE B 628 31.99 -51.60 -13.33
N ASN B 629 31.03 -51.76 -14.31
CA ASN B 629 29.94 -50.82 -14.70
C ASN B 629 28.92 -50.48 -13.77
N LYS B 630 28.59 -51.49 -12.93
CA LYS B 630 27.58 -51.49 -11.92
C LYS B 630 27.82 -50.34 -10.94
N LEU B 631 29.11 -50.10 -10.71
CA LEU B 631 29.60 -49.04 -9.79
C LEU B 631 29.21 -47.68 -10.16
N SER B 632 29.30 -47.35 -11.44
CA SER B 632 28.87 -46.11 -11.95
C SER B 632 27.34 -45.95 -11.90
N ARG B 633 26.58 -47.10 -12.20
CA ARG B 633 25.13 -47.03 -12.35
C ARG B 633 24.53 -46.75 -11.04
N ILE B 634 25.08 -47.44 -9.93
CA ILE B 634 24.59 -47.26 -8.48
C ILE B 634 24.79 -45.84 -8.03
N SER B 635 25.91 -45.18 -8.43
CA SER B 635 26.37 -43.85 -8.11
C SER B 635 25.36 -42.88 -8.63
N ILE B 636 24.87 -43.11 -9.88
CA ILE B 636 23.86 -42.17 -10.48
C ILE B 636 22.53 -42.20 -9.70
N LEU B 637 22.11 -43.43 -9.38
CA LEU B 637 20.90 -43.76 -8.66
C LEU B 637 21.02 -43.13 -7.25
N ARG B 638 22.23 -43.20 -6.60
CA ARG B 638 22.52 -42.66 -5.28
C ARG B 638 22.25 -41.17 -5.30
N THR B 639 22.73 -40.48 -6.33
CA THR B 639 22.64 -39.05 -6.51
C THR B 639 21.25 -38.63 -6.64
N GLN B 640 20.47 -39.47 -7.37
CA GLN B 640 19.02 -39.26 -7.56
C GLN B 640 18.33 -39.29 -6.23
N PHE B 641 18.63 -40.25 -5.27
CA PHE B 641 17.90 -40.37 -4.00
C PHE B 641 18.02 -39.19 -3.11
N GLN B 642 19.21 -38.56 -3.03
CA GLN B 642 19.51 -37.27 -2.41
C GLN B 642 18.84 -36.13 -3.05
N GLN B 643 18.73 -36.11 -4.43
CA GLN B 643 17.98 -35.09 -5.21
C GLN B 643 16.46 -35.14 -4.98
N PHE B 644 15.76 -36.36 -4.89
CA PHE B 644 14.40 -36.41 -4.55
C PHE B 644 14.09 -35.83 -3.21
N ASN B 645 14.90 -36.19 -2.19
CA ASN B 645 14.74 -35.71 -0.84
C ASN B 645 14.96 -34.25 -0.86
N SER B 646 15.96 -33.68 -1.57
CA SER B 646 16.47 -32.28 -1.40
C SER B 646 15.37 -31.29 -1.72
N LYS B 647 14.56 -31.60 -2.73
CA LYS B 647 13.43 -30.82 -3.18
C LYS B 647 12.31 -30.74 -2.21
N MET B 648 11.92 -31.87 -1.55
CA MET B 648 10.84 -31.82 -0.55
C MET B 648 11.20 -30.94 0.65
N GLU B 649 12.45 -31.06 1.07
CA GLU B 649 13.01 -30.29 2.16
C GLU B 649 13.07 -28.78 1.84
N SER B 650 13.41 -28.51 0.50
CA SER B 650 13.56 -27.16 -0.06
C SER B 650 12.28 -26.48 0.03
N TYR B 651 11.23 -27.10 -0.43
CA TYR B 651 9.92 -26.49 -0.60
C TYR B 651 9.37 -26.20 0.79
N TYR B 652 9.54 -27.13 1.82
CA TYR B 652 9.01 -26.92 3.17
C TYR B 652 9.65 -25.69 3.76
N LEU B 653 10.99 -25.56 3.63
CA LEU B 653 11.71 -24.43 4.25
C LEU B 653 11.26 -23.15 3.50
N ASN B 654 11.17 -23.16 2.15
CA ASN B 654 10.95 -21.89 1.47
C ASN B 654 9.53 -21.38 1.68
N CYS B 655 8.52 -22.19 1.33
CA CYS B 655 7.22 -21.56 1.28
C CYS B 655 6.54 -21.20 2.59
N ILE B 656 6.56 -22.12 3.57
CA ILE B 656 6.00 -21.72 4.88
C ILE B 656 7.08 -21.16 5.77
N ILE B 657 8.11 -21.90 6.14
CA ILE B 657 8.90 -21.56 7.36
C ILE B 657 9.71 -20.27 7.10
N GLU B 658 10.54 -20.15 6.00
CA GLU B 658 11.43 -18.99 5.73
C GLU B 658 10.66 -17.71 5.45
N GLU B 659 9.58 -17.84 4.69
CA GLU B 659 8.70 -16.77 4.46
C GLU B 659 8.04 -16.26 5.81
N ASN B 660 7.46 -17.08 6.67
CA ASN B 660 6.76 -16.55 7.83
C ASN B 660 7.60 -15.95 8.89
N PHE B 661 8.80 -16.59 9.09
CA PHE B 661 9.84 -16.16 10.02
C PHE B 661 10.34 -14.88 9.58
N LYS B 662 10.52 -14.64 8.22
CA LYS B 662 11.06 -13.47 7.66
C LYS B 662 10.11 -12.32 8.01
N GLU B 663 8.69 -12.56 7.85
CA GLU B 663 7.73 -11.58 8.08
C GLU B 663 7.73 -11.16 9.53
N MET B 664 7.93 -12.17 10.46
CA MET B 664 7.98 -11.97 11.97
C MET B 664 9.08 -11.09 12.30
N THR B 665 10.23 -11.30 11.65
CA THR B 665 11.45 -10.51 11.80
C THR B 665 11.22 -9.11 11.38
N ARG B 666 10.46 -8.97 10.23
CA ARG B 666 10.19 -7.68 9.74
C ARG B 666 9.35 -6.89 10.74
N LYS B 667 8.32 -7.49 11.41
CA LYS B 667 7.58 -6.87 12.40
C LYS B 667 8.36 -6.47 13.60
N LEU B 668 9.28 -7.33 14.07
CA LEU B 668 10.05 -7.07 15.25
C LEU B 668 11.01 -5.89 15.18
N GLN B 669 11.75 -5.79 14.07
CA GLN B 669 12.76 -4.76 13.89
C GLN B 669 12.28 -3.34 13.70
N ARG B 670 11.16 -3.13 12.88
CA ARG B 670 10.65 -1.76 12.55
C ARG B 670 10.15 -0.92 13.73
N THR B 671 9.35 -1.52 14.59
CA THR B 671 8.88 -1.02 15.82
C THR B 671 9.32 -1.77 17.05
N LEU B 719 7.40 -2.37 19.71
CA LEU B 719 6.75 -1.32 20.61
C LEU B 719 7.01 -1.66 22.07
N ASN B 720 6.24 -2.65 22.59
CA ASN B 720 6.45 -3.18 24.00
C ASN B 720 6.40 -4.67 23.99
N ILE B 721 5.70 -5.27 24.98
CA ILE B 721 5.49 -6.64 25.26
C ILE B 721 4.74 -7.29 24.14
N ASP B 722 3.78 -6.49 23.58
CA ASP B 722 2.87 -6.86 22.62
C ASP B 722 3.49 -7.31 21.31
N GLU B 723 4.63 -6.74 20.86
CA GLU B 723 5.32 -7.10 19.63
C GLU B 723 5.88 -8.47 19.67
N LEU B 724 6.36 -8.92 20.82
CA LEU B 724 6.78 -10.30 21.06
C LEU B 724 5.65 -11.26 21.00
N GLU B 725 4.46 -10.95 21.65
CA GLU B 725 3.30 -11.84 21.73
C GLU B 725 2.79 -12.04 20.30
N SER B 726 2.78 -10.89 19.50
CA SER B 726 2.33 -10.98 18.12
C SER B 726 3.14 -11.88 17.22
N VAL B 727 4.51 -11.75 17.20
CA VAL B 727 5.36 -12.56 16.46
C VAL B 727 5.28 -13.98 16.83
N HIS B 728 5.20 -14.30 18.17
CA HIS B 728 5.12 -15.65 18.73
C HIS B 728 3.80 -16.38 18.28
N ASN B 729 2.71 -15.61 18.29
CA ASN B 729 1.35 -16.00 18.00
C ASN B 729 1.29 -16.42 16.58
N THR B 730 1.96 -15.68 15.60
CA THR B 730 2.06 -15.98 14.20
C THR B 730 2.82 -17.28 14.05
N PHE B 731 3.85 -17.39 14.85
CA PHE B 731 4.87 -18.42 14.73
C PHE B 731 4.27 -19.78 14.90
N LEU B 732 3.50 -19.76 16.03
CA LEU B 732 2.73 -20.97 16.38
C LEU B 732 1.62 -21.32 15.44
N THR B 733 0.87 -20.34 14.91
CA THR B 733 -0.25 -20.67 14.02
C THR B 733 0.23 -21.32 12.72
N ASN B 734 1.30 -20.83 12.10
CA ASN B 734 1.80 -21.49 10.97
C ASN B 734 2.34 -22.85 11.16
N ILE B 735 3.09 -22.94 12.25
CA ILE B 735 3.74 -24.23 12.65
C ILE B 735 2.76 -25.36 12.97
N LEU B 736 1.61 -24.98 13.62
CA LEU B 736 0.56 -25.89 13.96
C LEU B 736 -0.17 -26.47 12.74
N SER B 737 -0.45 -25.63 11.71
CA SER B 737 -1.09 -26.01 10.44
C SER B 737 -0.27 -27.01 9.68
N HIS B 738 1.10 -26.79 9.63
CA HIS B 738 2.11 -27.57 9.05
C HIS B 738 2.14 -28.81 9.72
N LYS B 739 1.89 -28.84 11.10
CA LYS B 739 1.96 -30.00 11.90
C LYS B 739 0.94 -30.99 11.51
N LEU B 740 -0.30 -30.51 11.20
CA LEU B 740 -1.32 -31.41 10.79
C LEU B 740 -1.12 -32.08 9.42
N PHE B 741 -0.74 -31.33 8.39
CA PHE B 741 -0.61 -31.91 7.08
C PHE B 741 0.52 -32.83 6.91
N ALA B 742 1.77 -32.35 7.07
CA ALA B 742 2.93 -33.19 6.91
C ALA B 742 3.33 -34.12 8.06
N THR B 743 3.44 -33.39 9.17
CA THR B 743 4.39 -33.75 10.26
C THR B 743 3.71 -34.67 11.30
N GLN B 756 1.36 -36.83 8.77
CA GLN B 756 2.14 -37.95 9.22
C GLN B 756 2.83 -38.65 8.11
N PRO B 757 2.64 -38.55 6.81
CA PRO B 757 3.43 -39.24 5.86
C PRO B 757 4.88 -38.82 5.78
N TYR B 758 5.30 -37.54 5.97
CA TYR B 758 6.68 -37.13 5.77
C TYR B 758 7.73 -37.76 6.73
N PRO B 759 7.58 -37.77 8.10
CA PRO B 759 8.62 -38.38 8.95
C PRO B 759 8.89 -39.80 8.74
N THR B 760 7.80 -40.50 8.31
CA THR B 760 7.74 -41.90 8.05
C THR B 760 8.59 -42.25 6.87
N SER B 761 8.58 -41.37 5.86
CA SER B 761 9.42 -41.51 4.72
C SER B 761 10.86 -41.32 5.13
N LEU B 762 11.18 -40.22 5.95
CA LEU B 762 12.53 -39.78 6.31
C LEU B 762 13.22 -40.87 7.17
N VAL B 763 12.52 -41.51 8.15
CA VAL B 763 13.21 -42.54 8.93
C VAL B 763 13.64 -43.73 8.04
N LEU B 764 12.80 -44.08 7.02
CA LEU B 764 13.01 -45.13 6.08
C LEU B 764 14.18 -44.86 5.21
N LEU B 765 14.34 -43.58 4.72
CA LEU B 765 15.53 -43.21 3.94
C LEU B 765 16.81 -43.37 4.72
N LEU B 766 16.77 -43.04 6.04
CA LEU B 766 17.88 -43.15 6.94
C LEU B 766 18.39 -44.61 7.10
N ASN B 767 17.40 -45.50 7.21
CA ASN B 767 17.82 -46.94 7.33
C ASN B 767 18.49 -47.43 6.11
N SER B 768 17.97 -47.03 4.89
CA SER B 768 18.55 -47.47 3.67
C SER B 768 19.97 -47.02 3.43
N VAL B 769 20.22 -45.72 3.71
CA VAL B 769 21.52 -45.17 3.42
C VAL B 769 22.66 -45.82 4.21
N TYR B 770 22.38 -46.12 5.54
CA TYR B 770 23.26 -46.71 6.56
C TYR B 770 23.60 -48.15 6.05
N GLU B 771 22.56 -48.87 5.49
CA GLU B 771 22.75 -50.21 5.00
C GLU B 771 23.69 -50.15 3.85
N PHE B 772 23.51 -49.11 2.91
CA PHE B 772 24.19 -48.94 1.59
C PHE B 772 25.69 -48.88 1.77
N VAL B 773 26.16 -48.05 2.78
CA VAL B 773 27.58 -47.87 3.08
C VAL B 773 28.31 -49.15 3.47
N LYS B 774 27.65 -49.99 4.24
CA LYS B 774 28.21 -51.31 4.65
C LYS B 774 28.50 -52.33 3.56
N VAL B 775 27.55 -52.48 2.65
CA VAL B 775 27.56 -53.33 1.50
C VAL B 775 28.66 -52.87 0.55
N TYR B 776 28.75 -51.53 0.37
CA TYR B 776 29.64 -50.89 -0.54
C TYR B 776 31.06 -51.15 -0.12
N CYS B 777 31.34 -51.16 1.19
CA CYS B 777 32.64 -51.32 1.71
C CYS B 777 33.30 -52.68 1.42
N ASN B 778 32.40 -53.75 1.39
CA ASN B 778 32.75 -55.08 0.91
C ASN B 778 33.24 -55.01 -0.51
N LEU B 779 32.54 -54.17 -1.32
CA LEU B 779 32.72 -54.00 -2.77
C LEU B 779 32.56 -55.34 -3.48
N ASN B 780 33.17 -55.62 -4.65
CA ASN B 780 33.19 -56.78 -5.49
C ASN B 780 33.70 -58.06 -4.87
N SER B 798 34.90 -62.63 -2.28
CA SER B 798 35.25 -63.20 -3.61
C SER B 798 34.02 -63.33 -4.49
N ASN B 799 33.83 -64.41 -5.21
CA ASN B 799 32.81 -64.59 -6.16
C ASN B 799 31.43 -64.58 -5.49
N GLY B 800 31.16 -65.18 -4.31
CA GLY B 800 30.03 -65.24 -3.49
C GLY B 800 29.62 -63.90 -2.99
N LEU B 801 30.65 -63.08 -2.56
CA LEU B 801 30.60 -61.78 -2.00
C LEU B 801 30.05 -60.84 -3.00
N LEU B 802 30.42 -60.93 -4.32
CA LEU B 802 29.87 -60.14 -5.36
C LEU B 802 28.41 -60.48 -5.51
N GLY B 803 28.03 -61.81 -5.44
CA GLY B 803 26.58 -62.14 -5.68
C GLY B 803 25.64 -61.54 -4.55
N LYS B 804 26.06 -61.61 -3.27
CA LYS B 804 25.32 -61.09 -2.11
C LYS B 804 25.21 -59.56 -2.18
N PHE B 805 26.28 -58.83 -2.54
CA PHE B 805 26.39 -57.38 -2.61
C PHE B 805 25.41 -56.92 -3.69
N ASN B 806 25.34 -57.60 -4.81
CA ASN B 806 24.34 -57.32 -5.87
C ASN B 806 22.93 -57.49 -5.42
N THR B 807 22.73 -58.59 -4.64
CA THR B 807 21.34 -58.80 -4.15
C THR B 807 20.93 -57.65 -3.21
N ASN B 808 21.80 -57.31 -2.29
CA ASN B 808 21.49 -56.22 -1.33
C ASN B 808 21.23 -54.85 -1.96
N LEU B 809 22.01 -54.51 -3.03
CA LEU B 809 21.85 -53.28 -3.78
C LEU B 809 20.45 -53.28 -4.46
N LYS B 810 19.94 -54.46 -5.03
CA LYS B 810 18.69 -54.52 -5.72
C LYS B 810 17.64 -54.23 -4.73
N GLU B 811 17.63 -54.79 -3.52
CA GLU B 811 16.66 -54.53 -2.48
C GLU B 811 16.64 -53.09 -1.98
N ILE B 812 17.80 -52.45 -1.79
CA ILE B 812 17.92 -51.08 -1.37
C ILE B 812 17.38 -50.11 -2.40
N VAL B 813 17.69 -50.45 -3.71
CA VAL B 813 17.14 -49.70 -4.84
C VAL B 813 15.64 -49.77 -4.96
N SER B 814 15.05 -50.92 -4.75
CA SER B 814 13.67 -51.09 -4.80
C SER B 814 12.89 -50.31 -3.76
N GLN B 815 13.49 -50.26 -2.54
CA GLN B 815 12.89 -49.54 -1.43
C GLN B 815 12.80 -48.08 -1.71
N TYR B 816 13.88 -47.52 -2.29
CA TYR B 816 14.05 -46.16 -2.68
C TYR B 816 13.10 -45.71 -3.71
N LYS B 817 12.81 -46.61 -4.70
CA LYS B 817 11.92 -46.40 -5.84
C LYS B 817 10.45 -46.23 -5.38
N ASN B 818 10.06 -47.16 -4.35
CA ASN B 818 8.73 -47.15 -3.85
C ASN B 818 8.47 -45.81 -3.10
N PHE B 819 9.43 -45.33 -2.29
CA PHE B 819 9.38 -44.05 -1.58
C PHE B 819 9.34 -42.92 -2.52
N LYS B 820 10.06 -42.95 -3.61
CA LYS B 820 10.22 -41.99 -4.64
C LYS B 820 8.82 -41.77 -5.29
N ASP B 821 8.01 -42.85 -5.51
CA ASP B 821 6.67 -42.86 -6.02
C ASP B 821 5.72 -42.11 -5.01
N ARG B 822 5.97 -42.38 -3.71
CA ARG B 822 5.22 -41.73 -2.71
C ARG B 822 5.43 -40.24 -2.64
N LEU B 823 6.69 -39.87 -2.79
CA LEU B 823 7.16 -38.50 -2.82
C LEU B 823 6.63 -37.64 -3.91
N TYR B 824 6.42 -38.21 -5.19
CA TYR B 824 5.90 -37.57 -6.37
C TYR B 824 4.48 -37.20 -6.14
N ILE B 825 3.63 -38.08 -5.53
CA ILE B 825 2.28 -37.71 -5.15
C ILE B 825 2.26 -36.63 -4.11
N PHE B 826 3.14 -36.74 -3.14
CA PHE B 826 3.24 -35.74 -2.07
C PHE B 826 3.68 -34.37 -2.61
N ARG B 827 4.61 -34.31 -3.62
CA ARG B 827 5.12 -33.10 -4.21
C ARG B 827 4.02 -32.40 -4.97
N ALA B 828 3.09 -33.16 -5.67
CA ALA B 828 1.96 -32.59 -6.41
C ALA B 828 1.06 -31.85 -5.51
N ASP B 829 0.82 -32.36 -4.29
CA ASP B 829 0.03 -31.74 -3.12
C ASP B 829 0.74 -30.52 -2.72
N LEU B 830 2.05 -30.47 -2.64
CA LEU B 830 2.89 -29.25 -2.34
C LEU B 830 2.75 -28.22 -3.42
N LYS B 831 2.60 -28.59 -4.71
CA LYS B 831 2.47 -27.65 -5.78
C LYS B 831 1.19 -26.84 -5.64
N ASN B 832 0.04 -27.46 -5.30
CA ASN B 832 -1.23 -26.87 -5.08
C ASN B 832 -1.18 -26.14 -3.75
N ASP B 833 -0.31 -26.61 -2.80
CA ASP B 833 -0.18 -26.21 -1.41
C ASP B 833 -1.42 -26.47 -0.64
N GLY B 834 -1.89 -27.72 -0.83
CA GLY B 834 -2.91 -28.39 -0.05
C GLY B 834 -4.27 -28.60 -0.73
N ASP B 835 -4.60 -29.90 -0.80
CA ASP B 835 -5.90 -30.39 -1.11
C ASP B 835 -6.25 -31.44 -0.17
N GLU B 836 -7.10 -32.39 -0.65
CA GLU B 836 -7.56 -33.56 0.09
C GLU B 836 -6.58 -34.73 0.31
N GLU B 837 -5.75 -35.11 -0.69
CA GLU B 837 -5.09 -36.40 -0.59
C GLU B 837 -4.16 -36.58 0.54
N LEU B 838 -3.30 -35.53 0.87
CA LEU B 838 -2.40 -35.50 1.96
C LEU B 838 -3.16 -35.49 3.29
N PHE B 839 -4.33 -34.80 3.38
CA PHE B 839 -5.19 -34.80 4.53
C PHE B 839 -5.68 -36.23 4.95
N LEU B 840 -6.17 -37.07 4.00
CA LEU B 840 -6.67 -38.45 4.05
C LEU B 840 -5.63 -39.49 4.51
N LEU B 841 -4.41 -39.39 3.90
CA LEU B 841 -3.21 -40.22 4.25
C LEU B 841 -2.76 -39.97 5.66
N SER B 842 -2.77 -38.67 6.04
CA SER B 842 -2.50 -38.25 7.43
C SER B 842 -3.43 -38.72 8.50
N LYS B 843 -4.72 -38.64 8.18
CA LYS B 843 -5.78 -39.02 9.04
C LYS B 843 -5.76 -40.52 9.35
N SER B 844 -5.55 -41.29 8.25
CA SER B 844 -5.51 -42.75 8.35
C SER B 844 -4.49 -43.29 9.33
N LEU B 845 -3.32 -42.71 9.26
CA LEU B 845 -2.12 -43.07 9.93
C LEU B 845 -2.18 -42.58 11.39
N ARG B 846 -3.19 -41.73 11.62
CA ARG B 846 -3.57 -41.11 12.93
C ARG B 846 -2.51 -40.22 13.63
N MET C 1 6.61 8.24 -18.72
CA MET C 1 6.31 8.24 -20.16
C MET C 1 7.19 7.18 -20.77
N GLY C 2 6.67 6.64 -21.86
CA GLY C 2 7.27 5.60 -22.68
C GLY C 2 7.22 6.13 -24.07
N GLY C 3 7.62 5.19 -25.00
CA GLY C 3 7.51 5.41 -26.46
C GLY C 3 8.63 6.28 -26.97
N GLU C 4 9.89 6.03 -26.56
CA GLU C 4 11.01 6.85 -26.78
C GLU C 4 11.55 6.82 -28.16
N ILE C 5 12.12 8.01 -28.57
CA ILE C 5 12.58 8.37 -29.90
C ILE C 5 13.98 8.84 -29.84
N ILE C 6 14.86 8.38 -30.82
CA ILE C 6 16.19 8.84 -30.97
C ILE C 6 16.15 9.56 -32.32
N THR C 7 16.76 10.78 -32.34
CA THR C 7 16.66 11.58 -33.46
C THR C 7 18.10 11.60 -33.96
N LEU C 8 18.23 11.42 -35.34
CA LEU C 8 19.53 11.23 -36.03
C LEU C 8 19.64 12.45 -36.85
N GLN C 9 20.76 13.23 -36.73
CA GLN C 9 20.94 14.38 -37.47
C GLN C 9 22.13 14.17 -38.32
N ALA C 10 21.90 14.41 -39.59
CA ALA C 10 22.83 14.22 -40.64
C ALA C 10 22.85 15.45 -41.57
N GLY C 11 24.10 15.90 -42.10
CA GLY C 11 24.15 17.03 -42.97
C GLY C 11 24.01 18.29 -42.25
N GLN C 12 24.17 19.51 -42.92
CA GLN C 12 24.03 20.83 -42.28
C GLN C 12 22.59 21.02 -41.78
N CYS C 13 21.64 20.71 -42.68
CA CYS C 13 20.21 21.04 -42.40
C CYS C 13 19.74 20.27 -41.22
N GLY C 14 19.97 19.01 -41.10
CA GLY C 14 19.47 18.09 -40.07
C GLY C 14 19.90 18.55 -38.68
N ASN C 15 21.20 18.97 -38.63
CA ASN C 15 21.83 19.46 -37.40
C ASN C 15 21.21 20.78 -36.98
N HIS C 16 20.94 21.67 -37.97
CA HIS C 16 20.41 22.97 -37.82
C HIS C 16 18.97 22.92 -37.27
N VAL C 17 18.10 22.06 -37.90
CA VAL C 17 16.76 21.84 -37.40
C VAL C 17 16.81 21.23 -35.99
N GLY C 18 17.75 20.29 -35.70
CA GLY C 18 17.83 19.72 -34.38
C GLY C 18 18.13 20.62 -33.15
N LYS C 19 19.07 21.58 -33.32
CA LYS C 19 19.38 22.52 -32.32
C LYS C 19 18.22 23.39 -31.98
N PHE C 20 17.46 23.86 -33.03
CA PHE C 20 16.23 24.69 -32.87
C PHE C 20 15.10 23.97 -32.21
N LEU C 21 14.91 22.66 -32.50
CA LEU C 21 13.93 21.73 -32.04
C LEU C 21 14.04 21.54 -30.53
N TRP C 22 15.30 21.41 -30.02
CA TRP C 22 15.51 21.26 -28.59
C TRP C 22 15.17 22.54 -27.88
N SER C 23 15.47 23.71 -28.51
CA SER C 23 15.27 25.03 -27.95
C SER C 23 13.77 25.26 -27.64
N GLN C 24 12.89 24.85 -28.61
CA GLN C 24 11.48 24.91 -28.52
C GLN C 24 10.95 24.03 -27.49
N LEU C 25 11.46 22.74 -27.37
CA LEU C 25 10.97 21.79 -26.40
C LEU C 25 11.30 22.32 -25.02
N ALA C 26 12.45 22.87 -24.78
CA ALA C 26 13.04 23.35 -23.55
C ALA C 26 12.19 24.45 -22.98
N LYS C 27 11.68 25.41 -23.82
CA LYS C 27 10.81 26.52 -23.49
C LYS C 27 9.49 25.92 -22.97
N GLU C 28 8.95 24.93 -23.68
CA GLU C 28 7.68 24.25 -23.33
C GLU C 28 7.82 23.52 -22.00
N HIS C 29 8.96 22.87 -21.76
CA HIS C 29 9.04 21.95 -20.60
C HIS C 29 9.70 22.61 -19.37
N ALA C 30 9.74 23.96 -19.39
CA ALA C 30 10.17 24.79 -18.33
C ALA C 30 11.62 24.60 -17.91
N ILE C 31 12.61 24.57 -18.88
CA ILE C 31 13.98 24.36 -18.66
C ILE C 31 14.79 25.29 -19.55
N GLY C 32 16.07 25.48 -19.23
CA GLY C 32 17.11 26.30 -19.87
C GLY C 32 17.33 26.08 -21.25
N THR C 33 18.16 26.95 -21.93
CA THR C 33 18.45 26.85 -23.33
C THR C 33 19.81 26.19 -23.52
N ASP C 34 20.44 26.00 -22.34
CA ASP C 34 21.56 25.16 -22.16
C ASP C 34 21.05 23.91 -21.45
N GLY C 35 19.71 23.83 -21.17
CA GLY C 35 19.04 22.59 -20.82
C GLY C 35 19.15 22.23 -19.39
N LEU C 36 19.75 23.04 -18.48
CA LEU C 36 19.89 22.91 -17.08
C LEU C 36 18.52 22.72 -16.48
N SER C 37 18.32 21.69 -15.63
CA SER C 37 17.05 21.33 -15.00
C SER C 37 16.76 22.38 -14.01
N GLN C 38 15.46 22.70 -13.90
CA GLN C 38 14.91 23.64 -12.94
C GLN C 38 13.92 22.91 -12.19
N LEU C 39 13.34 23.52 -11.20
CA LEU C 39 12.30 22.98 -10.40
C LEU C 39 11.01 22.78 -11.13
N PRO C 40 10.48 23.61 -12.09
CA PRO C 40 9.26 23.27 -12.82
C PRO C 40 9.59 22.28 -13.85
N ASP C 41 8.83 21.18 -13.89
CA ASP C 41 9.01 20.09 -14.82
C ASP C 41 7.95 19.05 -14.69
N SER C 42 6.96 19.35 -13.82
CA SER C 42 5.88 18.45 -13.49
C SER C 42 4.66 19.31 -13.36
N SER C 43 3.49 18.89 -13.89
CA SER C 43 2.35 19.78 -13.80
C SER C 43 1.24 18.80 -13.88
N THR C 44 -0.01 19.29 -13.91
CA THR C 44 -1.25 18.49 -13.95
C THR C 44 -1.55 17.99 -15.35
N GLU C 45 -1.10 18.63 -16.43
CA GLU C 45 -1.19 18.10 -17.75
C GLU C 45 -0.30 18.89 -18.68
N ARG C 46 0.43 19.90 -18.19
CA ARG C 46 1.24 20.67 -19.11
C ARG C 46 2.49 19.88 -19.37
N ASP C 47 3.09 19.23 -18.36
CA ASP C 47 4.25 18.47 -18.41
C ASP C 47 3.95 17.36 -17.51
N ASP C 48 4.55 16.19 -17.69
CA ASP C 48 4.58 15.09 -16.76
C ASP C 48 5.91 14.47 -16.97
N ASP C 49 6.88 15.34 -17.25
CA ASP C 49 8.29 15.13 -17.41
C ASP C 49 8.68 14.42 -18.69
N THR C 50 9.43 15.17 -19.56
CA THR C 50 9.51 14.85 -20.96
C THR C 50 10.55 13.71 -21.10
N LYS C 51 10.06 12.50 -21.37
CA LYS C 51 10.90 11.31 -21.57
C LYS C 51 10.93 10.64 -22.95
N PRO C 52 10.21 10.91 -23.96
CA PRO C 52 10.55 10.49 -25.27
C PRO C 52 11.73 11.30 -25.94
N PHE C 53 11.98 12.56 -25.43
CA PHE C 53 12.84 13.45 -26.09
C PHE C 53 13.93 14.04 -25.22
N PHE C 54 13.83 13.93 -23.89
CA PHE C 54 14.95 14.25 -23.02
C PHE C 54 15.28 13.07 -22.21
N ARG C 55 16.52 13.05 -21.68
CA ARG C 55 16.94 12.12 -20.62
C ARG C 55 17.50 13.03 -19.63
N GLU C 56 17.54 12.66 -18.30
CA GLU C 56 18.13 13.47 -17.21
C GLU C 56 19.39 12.77 -17.04
N ASN C 57 20.47 13.51 -16.99
CA ASN C 57 21.79 12.97 -16.97
C ASN C 57 22.30 13.24 -15.57
N SER C 58 23.58 12.80 -15.26
CA SER C 58 24.26 13.04 -14.02
C SER C 58 25.13 14.32 -14.07
N ARG C 59 24.94 15.08 -15.16
CA ARG C 59 25.48 16.50 -15.35
C ARG C 59 24.59 17.38 -14.59
N ASN C 60 23.36 16.92 -14.29
CA ASN C 60 22.29 17.58 -13.68
C ASN C 60 21.68 18.53 -14.66
N LYS C 61 21.58 18.05 -15.91
CA LYS C 61 20.91 18.76 -16.97
C LYS C 61 20.18 17.76 -17.80
N PHE C 62 19.09 18.27 -18.47
CA PHE C 62 18.24 17.49 -19.38
C PHE C 62 19.08 17.49 -20.66
N THR C 63 19.08 16.33 -21.29
CA THR C 63 19.83 16.10 -22.49
C THR C 63 18.96 15.48 -23.58
N PRO C 64 19.09 15.86 -24.83
CA PRO C 64 18.39 15.25 -25.87
C PRO C 64 18.90 13.89 -26.20
N ARG C 65 18.07 12.85 -26.46
CA ARG C 65 18.51 11.52 -26.82
C ARG C 65 18.81 11.59 -28.34
N ALA C 66 19.79 12.33 -28.75
CA ALA C 66 20.03 12.62 -30.17
C ALA C 66 21.52 12.63 -30.47
N ILE C 67 21.80 12.19 -31.74
CA ILE C 67 23.08 11.93 -32.29
C ILE C 67 23.23 12.86 -33.45
N MET C 68 24.34 13.51 -33.62
CA MET C 68 24.83 14.44 -34.61
C MET C 68 25.93 13.85 -35.42
N MET C 69 25.81 13.91 -36.79
CA MET C 69 26.76 13.48 -37.80
C MET C 69 26.85 14.56 -38.76
N ASP C 70 28.08 14.86 -39.35
CA ASP C 70 28.33 15.91 -40.33
C ASP C 70 29.79 15.99 -40.50
N SER C 71 30.31 17.12 -41.07
CA SER C 71 31.72 17.50 -41.12
C SER C 71 31.71 18.76 -40.27
N GLU C 72 32.63 19.69 -40.48
CA GLU C 72 32.88 20.84 -39.65
C GLU C 72 31.78 21.92 -39.64
N PRO C 73 31.05 22.31 -40.65
CA PRO C 73 30.32 23.59 -40.60
C PRO C 73 29.38 23.77 -39.43
N SER C 74 28.45 22.73 -39.30
CA SER C 74 27.40 22.73 -38.31
C SER C 74 27.86 22.64 -36.92
N VAL C 75 28.85 21.74 -36.72
CA VAL C 75 29.30 21.47 -35.35
C VAL C 75 29.92 22.65 -34.66
N ILE C 76 30.69 23.42 -35.50
CA ILE C 76 31.35 24.61 -35.03
C ILE C 76 30.38 25.71 -34.61
N ALA C 77 29.28 25.84 -35.42
CA ALA C 77 28.18 26.79 -35.16
C ALA C 77 27.52 26.45 -33.85
N ASP C 78 27.25 25.13 -33.61
CA ASP C 78 26.50 24.71 -32.42
C ASP C 78 27.24 25.07 -31.12
N VAL C 79 28.58 24.90 -31.12
CA VAL C 79 29.44 25.20 -29.95
C VAL C 79 29.56 26.69 -29.60
N GLU C 80 29.48 27.58 -30.62
CA GLU C 80 29.46 29.05 -30.45
C GLU C 80 28.11 29.48 -29.74
N ASN C 81 26.98 28.87 -30.10
CA ASN C 81 25.70 29.16 -29.51
C ASN C 81 25.57 28.34 -28.24
N THR C 82 24.53 28.55 -27.35
CA THR C 82 24.28 27.98 -26.07
C THR C 82 23.46 26.70 -26.25
N PHE C 83 23.18 26.32 -27.48
CA PHE C 83 22.61 25.02 -27.80
C PHE C 83 23.67 23.94 -27.87
N ARG C 84 24.93 24.33 -27.46
CA ARG C 84 26.07 23.54 -27.14
C ARG C 84 25.71 22.64 -26.02
N GLY C 85 25.14 23.26 -24.94
CA GLY C 85 25.00 22.65 -23.66
C GLY C 85 23.83 21.68 -23.62
N PHE C 86 22.94 21.56 -24.68
CA PHE C 86 21.97 20.48 -24.79
C PHE C 86 22.81 19.26 -25.10
N PHE C 87 23.83 19.34 -26.06
CA PHE C 87 24.52 18.19 -26.52
C PHE C 87 25.70 17.88 -25.66
N ASP C 88 25.95 16.53 -25.67
CA ASP C 88 27.08 16.08 -24.97
C ASP C 88 28.20 16.05 -26.05
N PRO C 89 29.43 16.18 -25.68
CA PRO C 89 30.50 16.16 -26.60
C PRO C 89 30.54 14.84 -27.31
N ARG C 90 30.00 13.76 -26.65
CA ARG C 90 29.98 12.41 -27.21
C ARG C 90 29.01 12.37 -28.36
N ASN C 91 27.95 13.20 -28.24
CA ASN C 91 26.93 13.24 -29.25
C ASN C 91 27.34 13.87 -30.51
N THR C 92 28.51 14.63 -30.45
CA THR C 92 29.07 15.33 -31.53
C THR C 92 30.01 14.38 -32.21
N TRP C 93 29.84 14.19 -33.53
CA TRP C 93 30.80 13.37 -34.19
C TRP C 93 31.17 14.23 -35.40
N VAL C 94 32.51 14.45 -35.61
CA VAL C 94 33.01 15.29 -36.70
C VAL C 94 34.02 14.56 -37.45
N ALA C 95 33.73 14.56 -38.77
CA ALA C 95 34.63 14.01 -39.74
C ALA C 95 35.24 15.11 -40.45
N SER C 96 36.53 14.97 -40.75
CA SER C 96 37.23 15.97 -41.50
C SER C 96 37.63 15.33 -42.79
N ASP C 97 37.36 16.07 -43.90
CA ASP C 97 37.50 15.73 -45.29
C ASP C 97 36.82 16.75 -46.07
N GLY C 98 36.79 18.05 -45.53
CA GLY C 98 36.15 19.19 -46.16
C GLY C 98 34.76 19.34 -45.71
N ALA C 99 34.11 20.46 -46.11
CA ALA C 99 32.73 20.76 -45.77
C ALA C 99 31.87 19.76 -46.62
N SER C 100 30.74 19.19 -46.02
CA SER C 100 29.70 18.28 -46.62
C SER C 100 30.39 17.03 -47.11
N ALA C 101 30.33 16.70 -48.40
CA ALA C 101 31.02 15.66 -48.97
C ALA C 101 30.91 15.95 -50.43
N GLY C 102 31.03 17.27 -50.82
CA GLY C 102 31.04 17.68 -52.20
C GLY C 102 29.67 17.87 -52.79
N ASN C 103 28.62 17.74 -51.98
CA ASN C 103 27.19 17.73 -52.32
C ASN C 103 26.91 16.67 -53.33
N SER C 104 27.29 15.43 -52.93
CA SER C 104 27.20 14.30 -53.75
C SER C 104 26.88 13.17 -52.79
N TRP C 105 25.93 12.35 -53.21
CA TRP C 105 25.37 11.22 -52.49
C TRP C 105 26.36 10.09 -52.31
N ALA C 106 27.09 9.80 -53.41
CA ALA C 106 28.08 8.71 -53.48
C ALA C 106 29.22 8.91 -52.55
N ASN C 107 29.75 10.14 -52.53
CA ASN C 107 30.90 10.54 -51.67
C ASN C 107 30.47 10.41 -50.17
N GLY C 108 29.21 10.85 -49.91
CA GLY C 108 28.70 10.94 -48.57
C GLY C 108 28.59 9.59 -47.98
N TYR C 109 28.08 8.55 -48.81
CA TYR C 109 27.79 7.17 -48.52
C TYR C 109 29.03 6.51 -48.26
N ASP C 110 30.10 6.74 -49.11
CA ASP C 110 31.32 6.02 -48.94
C ASP C 110 32.05 6.38 -47.60
N ILE C 111 31.95 7.65 -47.17
CA ILE C 111 32.47 8.13 -45.88
C ILE C 111 31.76 7.43 -44.71
N GLY C 112 30.41 7.26 -44.86
CA GLY C 112 29.53 6.55 -43.95
C GLY C 112 29.92 5.14 -43.70
N THR C 113 30.31 4.47 -44.83
CA THR C 113 30.81 3.13 -44.84
C THR C 113 32.14 2.98 -44.08
N ARG C 114 33.06 3.94 -44.19
CA ARG C 114 34.37 3.91 -43.55
C ARG C 114 34.25 3.98 -42.05
N ASN C 115 33.33 4.88 -41.55
CA ASN C 115 33.17 5.20 -40.17
C ASN C 115 31.86 4.54 -39.67
N GLN C 116 31.52 3.25 -40.13
CA GLN C 116 30.35 2.55 -39.76
C GLN C 116 30.30 2.15 -38.30
N ASP C 117 31.49 1.67 -37.87
CA ASP C 117 31.77 1.20 -36.51
C ASP C 117 31.63 2.27 -35.49
N ASP C 118 32.18 3.45 -35.79
CA ASP C 118 32.08 4.71 -34.92
C ASP C 118 30.72 5.25 -34.72
N ILE C 119 29.85 5.39 -35.76
CA ILE C 119 28.50 5.81 -35.59
C ILE C 119 27.71 4.82 -34.83
N LEU C 120 27.86 3.52 -35.09
CA LEU C 120 27.13 2.39 -34.59
C LEU C 120 27.32 2.26 -33.10
N ASN C 121 28.53 2.62 -32.55
CA ASN C 121 28.82 2.83 -31.13
C ASN C 121 27.97 3.92 -30.43
N LYS C 122 27.81 5.06 -31.15
CA LYS C 122 27.01 6.17 -30.58
C LYS C 122 25.64 5.72 -30.46
N ILE C 123 25.11 5.03 -31.51
CA ILE C 123 23.76 4.60 -31.54
C ILE C 123 23.43 3.57 -30.44
N ASP C 124 24.29 2.51 -30.30
CA ASP C 124 24.08 1.59 -29.20
C ASP C 124 24.19 2.15 -27.80
N LYS C 125 25.10 3.16 -27.46
CA LYS C 125 25.24 3.85 -26.15
C LYS C 125 23.90 4.51 -25.83
N GLU C 126 23.34 5.22 -26.77
CA GLU C 126 22.15 5.92 -26.67
C GLU C 126 20.94 5.01 -26.48
N ILE C 127 20.95 3.88 -27.19
CA ILE C 127 19.95 2.75 -27.11
C ILE C 127 20.03 2.18 -25.73
N ASP C 128 21.25 1.99 -25.19
CA ASP C 128 21.25 1.45 -23.78
C ASP C 128 20.60 2.48 -22.77
N SER C 129 20.74 3.80 -23.00
CA SER C 129 20.03 4.80 -22.25
C SER C 129 18.51 4.87 -22.49
N THR C 130 18.05 4.29 -23.59
CA THR C 130 16.56 4.27 -23.86
C THR C 130 15.96 3.08 -23.25
N ASP C 131 14.66 3.04 -23.16
CA ASP C 131 13.80 2.08 -22.54
C ASP C 131 12.54 2.26 -23.26
N ASN C 132 11.74 1.19 -23.56
CA ASN C 132 10.46 1.25 -24.26
C ASN C 132 10.70 1.90 -25.61
N PHE C 133 11.70 1.38 -26.35
CA PHE C 133 12.12 2.14 -27.49
C PHE C 133 11.20 1.78 -28.63
N GLU C 134 10.50 2.83 -29.16
CA GLU C 134 9.71 2.90 -30.34
C GLU C 134 10.34 2.97 -31.69
N GLY C 135 11.38 3.87 -31.99
CA GLY C 135 11.99 3.98 -33.32
C GLY C 135 12.82 5.22 -33.52
N PHE C 136 13.21 5.47 -34.84
CA PHE C 136 14.14 6.55 -35.17
C PHE C 136 13.35 7.53 -35.95
N GLN C 137 13.85 8.82 -35.86
CA GLN C 137 13.39 9.90 -36.65
C GLN C 137 14.63 10.48 -37.25
N LEU C 138 14.64 10.71 -38.55
CA LEU C 138 15.88 11.13 -39.18
C LEU C 138 15.61 12.54 -39.59
N LEU C 139 16.53 13.48 -39.34
CA LEU C 139 16.41 14.87 -39.84
C LEU C 139 17.55 14.99 -40.78
N HIS C 140 17.31 15.42 -42.09
CA HIS C 140 18.46 15.48 -43.01
C HIS C 140 18.14 16.19 -44.23
N SER C 141 19.04 16.46 -45.18
CA SER C 141 18.75 17.10 -46.49
C SER C 141 19.15 16.24 -47.61
N VAL C 142 18.44 16.33 -48.76
CA VAL C 142 18.65 15.54 -49.92
C VAL C 142 18.93 16.52 -50.94
N ALA C 143 20.06 17.22 -50.63
CA ALA C 143 20.65 18.38 -51.34
C ALA C 143 22.12 18.55 -50.78
N GLY C 144 22.45 17.87 -49.69
CA GLY C 144 23.73 17.72 -48.98
C GLY C 144 24.47 16.66 -49.72
N GLY C 145 25.75 16.55 -49.29
CA GLY C 145 26.59 15.40 -49.46
C GLY C 145 26.35 14.37 -48.37
N THR C 146 26.47 14.93 -47.19
CA THR C 146 26.43 14.17 -45.99
C THR C 146 24.96 13.72 -45.75
N GLY C 147 23.98 14.62 -45.77
CA GLY C 147 22.57 14.31 -45.51
C GLY C 147 21.96 13.26 -46.45
N SER C 148 22.30 13.41 -47.76
CA SER C 148 21.91 12.45 -48.66
C SER C 148 22.66 11.08 -48.53
N GLY C 149 24.03 11.02 -48.66
CA GLY C 149 24.75 9.76 -48.75
C GLY C 149 24.88 8.92 -47.54
N LEU C 150 25.41 9.58 -46.44
CA LEU C 150 25.61 8.97 -45.12
C LEU C 150 24.26 8.66 -44.56
N GLY C 151 23.29 9.56 -44.75
CA GLY C 151 21.99 9.48 -44.22
C GLY C 151 21.26 8.21 -44.71
N SER C 152 21.44 7.93 -46.02
CA SER C 152 21.15 6.66 -46.69
C SER C 152 21.98 5.48 -46.26
N ASN C 153 23.27 5.62 -45.98
CA ASN C 153 24.15 4.54 -45.57
C ASN C 153 23.62 4.04 -44.21
N LEU C 154 23.27 5.03 -43.35
CA LEU C 154 22.81 4.76 -42.00
C LEU C 154 21.52 4.05 -42.04
N LEU C 155 20.66 4.47 -42.96
CA LEU C 155 19.23 4.01 -43.22
C LEU C 155 19.30 2.50 -43.57
N GLU C 156 20.27 2.11 -44.37
CA GLU C 156 20.39 0.71 -44.69
C GLU C 156 20.82 -0.16 -43.55
N ALA C 157 21.78 0.38 -42.74
CA ALA C 157 22.16 -0.31 -41.47
C ALA C 157 21.06 -0.41 -40.45
N LEU C 158 20.22 0.68 -40.20
CA LEU C 158 19.24 0.59 -39.24
C LEU C 158 18.19 -0.42 -39.56
N CYS C 159 17.86 -0.48 -40.86
CA CYS C 159 16.88 -1.31 -41.43
C CYS C 159 17.13 -2.77 -41.17
N ASP C 160 18.42 -3.25 -41.38
CA ASP C 160 18.84 -4.61 -41.18
C ASP C 160 18.85 -4.97 -39.74
N ARG C 161 19.50 -4.14 -38.96
CA ARG C 161 19.65 -4.60 -37.58
C ARG C 161 18.28 -4.64 -36.80
N TYR C 162 17.48 -3.57 -36.92
CA TYR C 162 16.27 -3.39 -36.18
C TYR C 162 15.17 -3.31 -37.19
N PRO C 163 14.26 -4.32 -37.40
CA PRO C 163 13.27 -4.25 -38.48
C PRO C 163 11.99 -4.46 -37.75
N LYS C 164 11.85 -4.24 -36.43
CA LYS C 164 10.69 -4.43 -35.67
C LYS C 164 10.38 -3.10 -35.09
N LYS C 165 11.11 -2.04 -35.59
CA LYS C 165 11.11 -0.74 -35.02
C LYS C 165 10.83 0.23 -36.12
N ILE C 166 10.10 1.35 -35.89
CA ILE C 166 9.61 2.26 -36.99
C ILE C 166 10.71 3.13 -37.41
N LEU C 167 10.81 3.39 -38.74
CA LEU C 167 11.88 4.32 -39.20
C LEU C 167 11.11 5.34 -39.95
N THR C 168 11.17 6.65 -39.52
CA THR C 168 10.47 7.76 -40.19
C THR C 168 11.56 8.73 -40.58
N THR C 169 11.38 9.42 -41.76
CA THR C 169 12.36 10.38 -42.05
C THR C 169 11.70 11.62 -42.46
N TYR C 170 12.40 12.80 -42.22
CA TYR C 170 12.02 14.07 -42.54
C TYR C 170 13.02 14.49 -43.59
N SER C 171 12.56 14.47 -44.84
CA SER C 171 13.47 14.59 -45.94
C SER C 171 13.10 15.93 -46.55
N VAL C 172 14.17 16.74 -46.77
CA VAL C 172 14.05 18.02 -47.41
C VAL C 172 14.37 17.56 -48.79
N PHE C 173 13.38 17.82 -49.66
CA PHE C 173 13.40 17.57 -51.04
C PHE C 173 13.80 18.79 -51.81
N PRO C 174 14.47 18.69 -53.00
CA PRO C 174 15.02 19.82 -53.83
C PRO C 174 14.03 20.77 -54.16
N ALA C 175 14.49 21.98 -54.60
CA ALA C 175 13.71 23.02 -55.15
C ALA C 175 13.84 22.76 -56.68
N ARG C 176 12.85 23.20 -57.45
CA ARG C 176 12.75 22.97 -58.86
C ARG C 176 13.13 24.34 -59.50
N SER C 177 13.86 25.17 -58.71
CA SER C 177 14.33 26.51 -58.99
C SER C 177 15.78 26.45 -58.42
N SER C 178 16.24 25.22 -58.15
CA SER C 178 17.43 24.73 -57.49
C SER C 178 18.64 25.62 -57.13
N GLU C 179 19.07 25.51 -55.85
CA GLU C 179 20.22 26.12 -55.29
C GLU C 179 21.50 25.59 -55.88
N VAL C 180 21.59 24.21 -55.93
CA VAL C 180 22.76 23.62 -56.62
C VAL C 180 22.21 22.59 -57.60
N VAL C 181 22.92 22.37 -58.72
CA VAL C 181 22.42 21.61 -59.82
C VAL C 181 22.36 20.10 -59.54
N VAL C 182 23.29 19.53 -58.70
CA VAL C 182 23.47 18.19 -58.42
C VAL C 182 22.33 17.59 -57.55
N GLN C 183 21.34 18.37 -57.13
CA GLN C 183 20.13 18.03 -56.40
C GLN C 183 19.41 16.91 -57.10
N SER C 184 19.32 16.93 -58.49
CA SER C 184 18.65 15.96 -59.30
C SER C 184 19.27 14.60 -59.19
N TYR C 185 20.61 14.57 -59.19
CA TYR C 185 21.37 13.30 -58.96
C TYR C 185 21.14 12.77 -57.53
N ASN C 186 21.20 13.61 -56.51
CA ASN C 186 21.03 13.19 -55.15
C ASN C 186 19.73 12.59 -54.77
N THR C 187 18.67 13.32 -55.27
CA THR C 187 17.29 12.95 -54.95
C THR C 187 16.91 11.59 -55.51
N ILE C 188 17.38 11.36 -56.85
CA ILE C 188 17.08 10.03 -57.40
C ILE C 188 17.74 8.93 -56.60
N LEU C 189 19.12 9.07 -56.28
CA LEU C 189 19.80 8.00 -55.61
C LEU C 189 19.33 7.64 -54.23
N ALA C 190 19.00 8.68 -53.41
CA ALA C 190 18.57 8.67 -52.02
C ALA C 190 17.20 8.00 -51.88
N LEU C 191 16.25 8.31 -52.85
CA LEU C 191 14.82 7.93 -52.88
C LEU C 191 14.72 6.39 -52.89
N ARG C 192 15.63 5.69 -53.53
CA ARG C 192 15.64 4.22 -53.62
C ARG C 192 15.81 3.66 -52.22
N ARG C 193 16.75 4.30 -51.46
CA ARG C 193 16.98 4.04 -50.06
C ARG C 193 15.91 4.45 -49.08
N LEU C 194 15.31 5.64 -49.32
CA LEU C 194 14.17 6.15 -48.48
C LEU C 194 12.96 5.35 -48.56
N ILE C 195 12.67 4.90 -49.79
CA ILE C 195 11.48 4.11 -50.14
C ILE C 195 11.57 2.81 -49.51
N GLU C 196 12.73 2.01 -49.63
CA GLU C 196 12.80 0.63 -49.14
C GLU C 196 12.99 0.62 -47.61
N ASP C 197 13.93 1.49 -47.10
CA ASP C 197 14.28 1.49 -45.75
C ASP C 197 13.41 2.29 -44.81
N SER C 198 12.48 3.24 -45.14
CA SER C 198 11.70 3.83 -44.07
C SER C 198 10.25 3.49 -44.37
N ASP C 199 9.49 3.13 -43.28
CA ASP C 199 8.10 3.01 -43.31
C ASP C 199 7.29 4.33 -43.48
N ALA C 200 7.95 5.51 -43.36
CA ALA C 200 7.35 6.78 -43.66
C ALA C 200 8.37 7.81 -44.16
N THR C 201 8.07 8.70 -45.14
CA THR C 201 8.94 9.80 -45.40
C THR C 201 8.03 11.03 -45.50
N VAL C 202 8.27 12.09 -44.69
CA VAL C 202 7.52 13.30 -44.73
C VAL C 202 8.39 14.17 -45.60
N VAL C 203 7.84 14.43 -46.81
CA VAL C 203 8.49 15.15 -47.86
C VAL C 203 8.15 16.58 -47.57
N PHE C 204 9.25 17.36 -47.52
CA PHE C 204 9.31 18.82 -47.38
C PHE C 204 9.92 19.47 -48.57
N ASP C 205 9.14 20.19 -49.42
CA ASP C 205 9.55 20.77 -50.66
C ASP C 205 10.00 22.15 -50.33
N ASN C 206 11.33 22.23 -50.69
CA ASN C 206 12.15 23.40 -50.40
C ASN C 206 11.72 24.72 -51.09
N ALA C 207 11.07 24.53 -52.32
CA ALA C 207 10.51 25.67 -53.05
C ALA C 207 9.43 26.48 -52.26
N SER C 208 8.52 25.76 -51.61
CA SER C 208 7.49 26.31 -50.77
C SER C 208 8.09 26.88 -49.54
N LEU C 209 9.08 26.20 -48.96
CA LEU C 209 9.74 26.66 -47.75
C LEU C 209 10.44 27.95 -47.84
N LEU C 210 11.15 28.19 -49.00
CA LEU C 210 11.93 29.36 -49.31
C LEU C 210 11.06 30.57 -49.45
N ASN C 211 9.90 30.42 -50.15
CA ASN C 211 8.88 31.35 -50.44
C ASN C 211 8.24 31.85 -49.13
N ILE C 212 7.98 30.98 -48.14
CA ILE C 212 7.40 31.30 -46.82
C ILE C 212 8.30 32.18 -46.01
N SER C 213 9.67 31.83 -45.94
CA SER C 213 10.61 32.61 -45.20
C SER C 213 10.76 33.96 -45.82
N GLY C 214 10.78 34.08 -47.20
CA GLY C 214 10.79 35.40 -47.76
C GLY C 214 9.61 36.30 -47.55
N LYS C 215 8.37 35.81 -47.87
CA LYS C 215 7.17 36.61 -47.65
C LYS C 215 6.73 36.79 -46.18
N VAL C 216 6.49 35.66 -45.44
CA VAL C 216 5.92 35.60 -44.07
C VAL C 216 6.82 36.08 -42.94
N PHE C 217 8.03 35.57 -42.92
CA PHE C 217 8.98 35.91 -41.87
C PHE C 217 9.58 37.30 -41.92
N ARG C 218 9.66 37.88 -43.13
CA ARG C 218 10.12 39.19 -43.52
C ARG C 218 11.59 39.33 -43.21
N ASN C 219 12.40 38.25 -43.38
CA ASN C 219 13.76 38.20 -43.06
C ASN C 219 14.64 39.15 -43.86
N PRO C 220 15.77 39.66 -43.30
CA PRO C 220 16.56 40.65 -44.01
C PRO C 220 17.50 39.94 -44.89
N ASN C 221 17.56 38.58 -44.74
CA ASN C 221 18.57 37.77 -45.32
C ASN C 221 17.92 36.43 -45.42
N ILE C 222 18.51 35.42 -46.18
CA ILE C 222 17.87 34.19 -46.42
C ILE C 222 18.96 33.14 -46.27
N ASP C 223 18.67 31.96 -45.66
CA ASP C 223 19.70 30.98 -45.50
C ASP C 223 18.99 29.72 -45.36
N LEU C 224 19.78 28.61 -45.23
CA LEU C 224 19.35 27.29 -45.00
C LEU C 224 18.73 27.26 -43.63
N GLN C 225 19.26 28.01 -42.61
CA GLN C 225 18.88 28.07 -41.27
C GLN C 225 17.45 28.64 -41.15
N HIS C 226 17.12 29.61 -41.98
CA HIS C 226 15.75 30.24 -42.09
C HIS C 226 14.61 29.30 -42.50
N THR C 227 14.87 28.48 -43.56
CA THR C 227 13.95 27.44 -44.02
C THR C 227 13.87 26.32 -42.99
N ASN C 228 14.97 26.03 -42.26
CA ASN C 228 15.01 25.10 -41.12
C ASN C 228 14.17 25.41 -39.95
N GLN C 229 13.90 26.75 -39.75
CA GLN C 229 12.94 27.28 -38.72
C GLN C 229 11.57 26.79 -38.85
N LEU C 230 11.10 26.78 -40.15
CA LEU C 230 9.76 26.30 -40.48
C LEU C 230 9.66 24.79 -40.16
N ILE C 231 10.71 23.97 -40.51
CA ILE C 231 10.70 22.55 -40.28
C ILE C 231 10.73 22.23 -38.75
N SER C 232 11.52 22.94 -37.89
CA SER C 232 11.55 22.78 -36.51
C SER C 232 10.22 23.09 -35.81
N THR C 233 9.43 24.16 -36.25
CA THR C 233 8.11 24.52 -35.63
C THR C 233 7.06 23.47 -35.83
N ILE C 234 7.12 22.89 -37.02
CA ILE C 234 6.25 21.82 -37.49
C ILE C 234 6.48 20.56 -36.61
N ILE C 235 7.79 20.15 -36.39
CA ILE C 235 8.07 18.92 -35.59
C ILE C 235 7.61 19.07 -34.14
N SER C 236 7.88 20.26 -33.55
CA SER C 236 7.61 20.64 -32.13
C SER C 236 6.15 20.72 -31.81
N SER C 237 5.25 21.21 -32.64
CA SER C 237 3.79 21.28 -32.36
C SER C 237 3.20 19.87 -32.27
N VAL C 238 3.70 18.86 -33.04
CA VAL C 238 3.31 17.43 -32.96
C VAL C 238 3.70 16.81 -31.60
N THR C 239 4.86 17.26 -30.95
CA THR C 239 5.28 16.77 -29.69
C THR C 239 4.45 17.41 -28.62
N ASN C 240 3.62 18.47 -28.84
CA ASN C 240 2.77 18.99 -27.79
C ASN C 240 1.94 17.93 -27.08
N SER C 241 1.38 17.09 -27.93
CA SER C 241 0.39 16.15 -27.49
C SER C 241 1.00 15.12 -26.60
N ILE C 242 2.35 14.97 -26.67
CA ILE C 242 3.07 14.05 -25.89
C ILE C 242 3.20 14.50 -24.50
N ARG C 243 3.57 15.78 -24.26
CA ARG C 243 3.69 16.38 -22.97
C ARG C 243 2.34 16.81 -22.40
N PHE C 244 1.27 16.95 -23.19
CA PHE C 244 -0.03 17.29 -22.86
C PHE C 244 -0.92 16.07 -23.00
N PRO C 245 -1.10 15.25 -21.95
CA PRO C 245 -1.89 14.06 -22.21
C PRO C 245 -3.32 14.47 -21.99
N SER C 246 -4.13 14.00 -22.94
CA SER C 246 -5.57 14.26 -23.07
C SER C 246 -6.07 13.42 -24.22
N TYR C 247 -5.18 12.69 -24.88
CA TYR C 247 -5.46 11.70 -25.93
C TYR C 247 -4.30 10.74 -25.69
N MET C 248 -4.57 9.48 -26.15
CA MET C 248 -3.75 8.31 -25.98
C MET C 248 -3.29 7.89 -27.39
N TYR C 249 -3.39 8.81 -28.42
CA TYR C 249 -2.92 8.44 -29.73
C TYR C 249 -1.75 9.29 -30.01
N SER C 250 -1.27 10.01 -29.03
CA SER C 250 -0.19 10.97 -29.24
C SER C 250 1.07 10.35 -29.73
N SER C 251 1.28 9.09 -29.41
CA SER C 251 2.34 8.26 -29.86
C SER C 251 2.61 8.20 -31.33
N MET C 252 3.86 8.04 -31.64
CA MET C 252 4.30 8.02 -32.95
C MET C 252 3.77 6.85 -33.77
N SER C 253 3.79 5.68 -33.20
CA SER C 253 3.39 4.41 -33.84
C SER C 253 1.95 4.50 -34.23
N SER C 254 0.99 4.92 -33.40
CA SER C 254 -0.45 4.84 -33.64
C SER C 254 -0.89 5.72 -34.78
N ILE C 255 -0.27 6.92 -34.88
CA ILE C 255 -0.50 7.89 -35.92
C ILE C 255 -0.04 7.36 -37.20
N TYR C 256 1.15 6.73 -37.25
CA TYR C 256 1.77 6.23 -38.48
C TYR C 256 1.05 5.04 -39.06
N SER C 257 0.59 4.14 -38.19
CA SER C 257 -0.12 2.92 -38.60
C SER C 257 -1.39 3.25 -39.34
N THR C 258 -2.19 4.26 -38.90
CA THR C 258 -3.48 4.77 -39.39
C THR C 258 -3.28 5.43 -40.71
N LEU C 259 -2.17 6.26 -40.74
CA LEU C 259 -1.80 7.10 -41.94
C LEU C 259 -1.28 6.24 -43.06
N ILE C 260 -0.56 5.18 -42.74
CA ILE C 260 0.09 4.42 -43.80
C ILE C 260 -0.53 3.11 -43.77
N PRO C 261 -1.39 2.74 -44.71
CA PRO C 261 -2.12 1.43 -44.51
C PRO C 261 -1.59 0.50 -45.52
N SER C 262 -0.61 0.91 -46.35
CA SER C 262 0.02 0.10 -47.35
C SER C 262 1.41 0.68 -47.54
N PRO C 263 2.48 -0.13 -47.87
CA PRO C 263 3.83 0.43 -47.80
C PRO C 263 4.14 1.17 -49.03
N GLU C 264 3.28 1.11 -50.01
CA GLU C 264 3.38 1.75 -51.28
C GLU C 264 3.02 3.25 -51.13
N LEU C 265 1.97 3.56 -50.42
CA LEU C 265 1.64 4.86 -50.07
C LEU C 265 1.98 5.15 -48.66
N HIS C 266 3.11 5.86 -48.44
CA HIS C 266 3.62 6.28 -47.14
C HIS C 266 4.39 7.53 -47.25
N PHE C 267 4.20 8.37 -48.30
CA PHE C 267 4.76 9.69 -48.40
C PHE C 267 3.75 10.60 -47.74
N LEU C 268 4.20 11.35 -46.73
CA LEU C 268 3.31 12.17 -46.00
C LEU C 268 3.64 13.54 -46.35
N SER C 269 2.65 14.44 -46.25
CA SER C 269 2.69 15.89 -46.49
C SER C 269 2.28 16.49 -45.21
N PRO C 270 2.90 17.57 -44.71
CA PRO C 270 2.35 18.43 -43.69
C PRO C 270 1.68 19.72 -44.17
N SER C 271 0.87 20.30 -43.31
CA SER C 271 0.36 21.60 -43.61
C SER C 271 0.35 22.27 -42.29
N PHE C 272 0.42 23.59 -42.24
CA PHE C 272 0.51 24.25 -41.00
C PHE C 272 -0.12 25.54 -41.19
N THR C 273 -0.69 26.07 -40.08
CA THR C 273 -1.07 27.47 -40.13
C THR C 273 -1.04 28.00 -38.70
N PRO C 274 -0.63 29.19 -38.43
CA PRO C 274 0.17 30.14 -39.25
C PRO C 274 1.67 29.88 -39.01
N PHE C 275 2.53 30.62 -39.76
CA PHE C 275 3.98 30.67 -39.73
C PHE C 275 4.31 32.07 -39.37
N THR C 276 3.27 33.00 -39.22
CA THR C 276 3.44 34.37 -38.83
C THR C 276 3.58 34.25 -37.32
N SER C 277 4.74 34.78 -36.79
CA SER C 277 4.89 34.87 -35.37
C SER C 277 4.85 33.60 -34.63
N ASP C 278 5.80 32.69 -35.03
CA ASP C 278 6.15 31.41 -34.38
C ASP C 278 7.19 31.55 -33.41
N TYR C 279 8.30 32.24 -33.75
CA TYR C 279 9.37 32.60 -32.87
C TYR C 279 10.37 33.56 -33.53
N ILE C 280 9.93 34.81 -33.85
CA ILE C 280 10.59 35.85 -34.71
C ILE C 280 10.42 37.09 -33.98
N HIS C 281 10.96 38.27 -34.47
CA HIS C 281 10.86 39.61 -33.95
C HIS C 281 9.46 40.20 -33.87
N ASP C 282 8.55 39.81 -34.74
CA ASP C 282 7.18 40.27 -34.71
C ASP C 282 6.38 39.51 -33.74
N ASP C 283 5.32 40.07 -33.19
CA ASP C 283 4.33 39.46 -32.31
C ASP C 283 2.89 39.77 -32.75
N ILE C 284 2.57 39.49 -34.03
CA ILE C 284 1.28 39.61 -34.64
C ILE C 284 0.59 38.26 -34.54
N ALA C 285 -0.56 38.30 -33.91
CA ALA C 285 -1.25 37.07 -33.54
C ALA C 285 -2.65 37.52 -33.30
N HIS C 286 -3.53 36.50 -33.30
CA HIS C 286 -4.92 36.35 -32.91
C HIS C 286 -5.71 36.19 -34.21
N LYS C 287 -6.34 34.97 -34.39
CA LYS C 287 -7.21 34.72 -35.46
C LYS C 287 -8.17 33.66 -35.04
N GLY C 288 -9.30 33.63 -35.72
CA GLY C 288 -10.32 32.71 -35.39
C GLY C 288 -10.07 31.38 -36.04
N HIS C 289 -10.85 30.39 -35.52
CA HIS C 289 -10.86 29.02 -35.90
C HIS C 289 -11.15 28.80 -37.34
N SER C 290 -12.17 29.54 -37.81
CA SER C 290 -12.67 29.44 -39.19
C SER C 290 -11.54 29.90 -40.08
N SER C 291 -10.82 30.99 -39.72
CA SER C 291 -9.73 31.67 -40.46
C SER C 291 -8.64 30.64 -40.62
N TYR C 292 -8.23 29.83 -39.55
CA TYR C 292 -7.19 28.82 -39.52
C TYR C 292 -7.54 27.70 -40.46
N ASP C 293 -8.85 27.22 -40.42
CA ASP C 293 -9.31 26.08 -41.17
C ASP C 293 -9.26 26.38 -42.67
N VAL C 294 -9.65 27.57 -43.07
CA VAL C 294 -9.62 28.04 -44.49
C VAL C 294 -8.19 28.17 -44.95
N MET C 295 -7.25 28.69 -44.10
CA MET C 295 -5.88 28.97 -44.43
C MET C 295 -5.05 27.69 -44.77
N LEU C 296 -5.43 26.56 -44.07
CA LEU C 296 -4.67 25.30 -44.38
C LEU C 296 -4.75 24.72 -45.81
N ASP C 297 -5.80 24.93 -46.53
CA ASP C 297 -6.01 24.44 -47.84
C ASP C 297 -5.15 25.20 -48.84
N LEU C 298 -4.83 26.46 -48.47
CA LEU C 298 -4.11 27.42 -49.31
C LEU C 298 -2.76 26.88 -49.54
N LEU C 299 -2.32 27.32 -50.80
CA LEU C 299 -1.06 26.87 -51.38
C LEU C 299 0.13 27.30 -50.61
N ASP C 300 0.18 28.55 -50.12
CA ASP C 300 1.40 29.10 -49.47
C ASP C 300 1.52 28.65 -48.04
N PRO C 301 0.49 28.36 -47.22
CA PRO C 301 0.71 27.82 -45.89
C PRO C 301 1.18 26.39 -45.99
N SER C 302 1.20 25.79 -47.20
CA SER C 302 1.67 24.36 -47.40
C SER C 302 3.13 24.34 -47.51
N ASN C 303 3.70 23.18 -47.14
CA ASN C 303 5.10 22.91 -47.03
C ASN C 303 5.39 22.04 -48.19
N SER C 304 4.34 21.67 -49.01
CA SER C 304 4.61 20.93 -50.24
C SER C 304 3.54 21.35 -51.23
N LEU C 305 4.00 21.50 -52.50
CA LEU C 305 3.25 21.95 -53.69
C LEU C 305 3.36 20.75 -54.61
N VAL C 306 2.24 20.32 -55.20
CA VAL C 306 2.27 19.24 -56.10
C VAL C 306 1.55 19.71 -57.34
N SER C 307 0.80 20.83 -57.27
CA SER C 307 0.13 21.51 -58.34
C SER C 307 -1.05 22.21 -57.68
N THR C 308 -1.73 21.55 -56.72
CA THR C 308 -2.79 22.14 -56.03
C THR C 308 -2.66 21.49 -54.71
N ALA C 309 -3.03 22.14 -53.54
CA ALA C 309 -2.99 21.53 -52.22
C ALA C 309 -4.40 21.81 -51.66
N MET C 310 -5.44 21.97 -52.52
CA MET C 310 -6.81 21.99 -52.01
C MET C 310 -7.34 20.63 -52.18
N ASN C 311 -7.88 20.37 -53.39
CA ASN C 311 -8.51 19.14 -53.81
C ASN C 311 -7.76 18.77 -55.08
N ASN C 312 -7.16 17.56 -55.11
CA ASN C 312 -6.43 16.99 -56.25
C ASN C 312 -7.39 15.91 -56.80
N PRO C 313 -7.14 15.42 -58.02
CA PRO C 313 -7.94 14.31 -58.59
C PRO C 313 -7.36 13.03 -58.10
N THR C 314 -6.21 13.02 -57.39
CA THR C 314 -5.55 11.94 -56.76
C THR C 314 -6.03 12.13 -55.35
N TYR C 315 -6.46 10.97 -54.75
CA TYR C 315 -7.03 10.87 -53.44
C TYR C 315 -6.11 11.07 -52.40
N PHE C 316 -6.58 11.71 -51.35
CA PHE C 316 -5.93 11.97 -50.11
C PHE C 316 -6.47 10.69 -49.43
N ASN C 317 -5.58 9.85 -48.81
CA ASN C 317 -5.96 8.70 -48.01
C ASN C 317 -6.40 8.98 -46.59
N VAL C 318 -5.68 9.85 -45.85
CA VAL C 318 -6.01 10.04 -44.47
C VAL C 318 -5.42 11.41 -44.21
N TYR C 319 -6.06 12.01 -43.15
CA TYR C 319 -5.83 13.39 -42.70
C TYR C 319 -5.82 13.24 -41.21
N ASN C 320 -4.87 13.91 -40.52
CA ASN C 320 -4.93 14.04 -39.11
C ASN C 320 -4.75 15.54 -38.89
N THR C 321 -5.64 16.12 -38.03
CA THR C 321 -5.53 17.57 -37.77
C THR C 321 -5.28 17.63 -36.29
N ILE C 322 -4.25 18.33 -35.89
CA ILE C 322 -3.84 18.55 -34.51
C ILE C 322 -4.11 19.98 -34.19
N ILE C 323 -4.99 20.32 -33.28
CA ILE C 323 -5.43 21.65 -32.97
C ILE C 323 -4.62 21.92 -31.77
N GLY C 324 -3.94 23.13 -31.68
CA GLY C 324 -3.04 23.47 -30.62
C GLY C 324 -3.59 24.66 -30.14
N ASN C 325 -3.99 24.81 -28.86
CA ASN C 325 -4.41 25.99 -28.13
C ASN C 325 -5.42 25.36 -27.22
N VAL C 326 -5.76 26.08 -26.14
CA VAL C 326 -6.76 25.82 -25.18
C VAL C 326 -7.98 25.98 -26.02
N GLU C 327 -8.77 24.94 -26.27
CA GLU C 327 -9.82 25.00 -27.22
C GLU C 327 -10.93 24.33 -26.44
N PRO C 328 -12.15 24.92 -26.48
CA PRO C 328 -13.40 24.33 -26.05
C PRO C 328 -13.77 23.28 -27.06
N ARG C 329 -14.23 22.05 -26.54
CA ARG C 329 -14.33 20.79 -27.16
C ARG C 329 -15.34 20.85 -28.34
N GLN C 330 -16.48 21.61 -28.09
CA GLN C 330 -17.60 21.89 -29.06
C GLN C 330 -17.09 22.60 -30.28
N ILE C 331 -16.15 23.58 -30.10
CA ILE C 331 -15.56 24.34 -31.19
C ILE C 331 -14.73 23.46 -32.13
N SER C 332 -13.95 22.62 -31.50
CA SER C 332 -13.06 21.67 -32.15
C SER C 332 -13.82 20.58 -32.93
N ARG C 333 -14.91 20.13 -32.36
CA ARG C 333 -15.83 19.15 -32.94
C ARG C 333 -16.48 19.79 -34.17
N ALA C 334 -16.79 21.05 -34.08
CA ALA C 334 -17.25 21.73 -35.26
C ALA C 334 -16.20 21.81 -36.38
N MET C 335 -14.96 22.10 -36.05
CA MET C 335 -13.95 22.04 -37.16
C MET C 335 -13.75 20.68 -37.81
N THR C 336 -13.63 19.63 -36.97
CA THR C 336 -13.36 18.30 -37.46
C THR C 336 -14.40 17.69 -38.31
N LYS C 337 -15.72 17.87 -38.04
CA LYS C 337 -16.91 17.48 -38.70
C LYS C 337 -16.99 18.17 -39.96
N LEU C 338 -16.57 19.49 -40.01
CA LEU C 338 -16.68 20.28 -41.27
C LEU C 338 -15.78 19.70 -42.30
N GLN C 339 -14.60 19.29 -41.88
CA GLN C 339 -13.66 18.69 -42.77
C GLN C 339 -14.09 17.42 -43.38
N GLN C 340 -14.78 16.59 -42.58
CA GLN C 340 -15.32 15.34 -43.07
C GLN C 340 -16.43 15.62 -44.12
N ARG C 341 -17.31 16.56 -43.88
CA ARG C 341 -18.45 16.92 -44.64
C ARG C 341 -18.04 17.41 -46.04
N ILE C 342 -16.93 18.25 -46.08
CA ILE C 342 -16.34 18.87 -47.26
C ILE C 342 -15.75 17.77 -48.15
N LYS C 343 -15.26 16.67 -47.47
CA LYS C 343 -14.91 15.42 -48.09
C LYS C 343 -13.59 15.73 -48.74
N PHE C 344 -12.73 16.31 -47.93
CA PHE C 344 -11.32 16.56 -48.18
C PHE C 344 -10.52 15.29 -48.42
N PRO C 345 -10.67 14.18 -47.60
CA PRO C 345 -10.20 12.87 -48.03
C PRO C 345 -11.42 12.31 -48.72
N SER C 346 -11.24 12.06 -50.04
CA SER C 346 -12.28 11.62 -50.95
C SER C 346 -12.02 10.25 -51.30
N TRP C 347 -13.13 9.48 -51.45
CA TRP C 347 -12.93 8.06 -51.68
C TRP C 347 -14.15 7.59 -52.32
N SER C 348 -14.06 6.31 -52.81
CA SER C 348 -15.05 5.63 -53.50
C SER C 348 -16.14 5.27 -52.50
N SER C 349 -17.26 4.65 -53.03
CA SER C 349 -18.47 4.32 -52.33
C SER C 349 -18.19 3.12 -51.45
N SER C 350 -17.45 2.11 -52.01
CA SER C 350 -17.30 0.85 -51.32
C SER C 350 -16.12 0.82 -50.41
N ALA C 351 -15.67 2.04 -50.03
CA ALA C 351 -14.64 2.15 -49.05
C ALA C 351 -15.02 3.51 -48.34
N MET C 352 -14.30 3.73 -47.16
CA MET C 352 -14.53 4.86 -46.33
C MET C 352 -13.19 5.46 -46.15
N HIS C 353 -13.15 6.84 -46.10
CA HIS C 353 -12.00 7.51 -45.76
C HIS C 353 -11.60 7.52 -44.30
N VAL C 354 -10.40 8.07 -43.99
CA VAL C 354 -10.04 8.09 -42.57
C VAL C 354 -9.68 9.53 -42.29
N ASN C 355 -10.39 10.13 -41.32
CA ASN C 355 -10.15 11.48 -40.82
C ASN C 355 -10.23 11.39 -39.37
N ILE C 356 -9.12 11.83 -38.72
CA ILE C 356 -8.97 11.78 -37.29
C ILE C 356 -8.60 13.18 -36.90
N GLY C 357 -8.85 13.53 -35.55
CA GLY C 357 -8.65 14.75 -34.91
C GLY C 357 -8.01 14.48 -33.58
N ARG C 358 -7.06 15.35 -33.23
CA ARG C 358 -6.34 15.42 -31.96
C ARG C 358 -6.56 16.86 -31.55
N ARG C 359 -6.71 17.04 -30.24
CA ARG C 359 -6.73 18.35 -29.65
C ARG C 359 -5.59 18.35 -28.63
N SER C 360 -4.83 19.43 -28.56
CA SER C 360 -3.85 19.61 -27.53
C SER C 360 -3.86 21.10 -27.17
N PRO C 361 -3.47 21.52 -25.99
CA PRO C 361 -3.40 22.97 -25.63
C PRO C 361 -2.01 23.32 -25.31
N TYR C 362 -1.77 24.60 -25.05
CA TYR C 362 -0.48 24.99 -24.66
C TYR C 362 -0.54 26.42 -24.08
N LEU C 363 0.53 26.88 -23.39
CA LEU C 363 0.41 28.13 -22.66
C LEU C 363 1.34 29.09 -23.34
N PRO C 364 1.04 30.47 -23.34
CA PRO C 364 1.85 31.47 -24.04
C PRO C 364 3.26 31.44 -23.69
N LEU C 365 4.21 31.15 -24.62
CA LEU C 365 5.58 30.99 -24.31
C LEU C 365 6.44 31.26 -25.46
N GLN C 366 5.77 31.63 -26.55
CA GLN C 366 6.29 31.95 -27.86
C GLN C 366 5.36 33.08 -28.28
N PRO C 367 5.80 33.75 -29.29
CA PRO C 367 5.05 34.83 -29.99
C PRO C 367 3.66 34.58 -30.41
N ASN C 368 3.25 33.28 -30.56
CA ASN C 368 1.89 32.92 -30.97
C ASN C 368 0.91 33.30 -29.90
N GLU C 369 1.25 33.08 -28.59
CA GLU C 369 0.45 33.30 -27.39
C GLU C 369 -0.67 32.34 -27.47
N ASN C 370 -1.91 32.81 -27.24
CA ASN C 370 -2.97 31.92 -27.32
C ASN C 370 -3.87 32.40 -28.45
N GLU C 371 -3.79 31.72 -29.62
CA GLU C 371 -4.51 31.95 -30.79
C GLU C 371 -4.69 30.53 -31.22
N VAL C 372 -5.67 30.36 -32.14
CA VAL C 372 -5.79 29.02 -32.74
C VAL C 372 -4.69 28.73 -33.79
N SER C 373 -4.05 27.57 -33.67
CA SER C 373 -3.00 27.24 -34.65
C SER C 373 -3.17 25.79 -34.84
N GLY C 374 -2.53 25.19 -35.90
CA GLY C 374 -2.67 23.80 -35.98
C GLY C 374 -1.80 23.24 -37.04
N MET C 375 -1.68 21.90 -37.02
CA MET C 375 -0.95 21.16 -38.02
C MET C 375 -1.70 20.00 -38.53
N MET C 376 -1.44 19.70 -39.81
CA MET C 376 -2.06 18.53 -40.36
C MET C 376 -0.89 17.61 -40.80
N LEU C 377 -1.02 16.27 -40.56
CA LEU C 377 -0.18 15.28 -41.16
C LEU C 377 -1.07 14.37 -41.95
N SER C 378 -0.78 14.25 -43.22
CA SER C 378 -1.74 13.56 -44.08
C SER C 378 -0.89 12.70 -45.04
N ASN C 379 -1.47 11.61 -45.52
CA ASN C 379 -0.95 10.69 -46.54
C ASN C 379 -1.75 10.85 -47.80
N MET C 380 -1.11 11.46 -48.82
CA MET C 380 -1.80 11.65 -50.02
C MET C 380 -0.84 11.06 -50.93
N SER C 381 -1.47 10.44 -51.88
CA SER C 381 -0.74 9.67 -52.86
C SER C 381 -0.36 10.65 -53.95
N THR C 382 -0.52 12.06 -53.85
CA THR C 382 -0.24 12.97 -54.90
C THR C 382 1.22 13.35 -54.81
N VAL C 383 1.89 13.09 -53.59
CA VAL C 383 3.33 13.28 -53.46
C VAL C 383 4.17 12.55 -54.44
N VAL C 384 3.73 11.43 -55.00
CA VAL C 384 4.49 10.71 -55.94
C VAL C 384 4.87 11.58 -57.15
N ASN C 385 4.02 12.55 -57.62
CA ASN C 385 4.16 13.50 -58.72
C ASN C 385 5.39 14.39 -58.56
N VAL C 386 5.74 14.76 -57.30
CA VAL C 386 6.89 15.57 -56.93
C VAL C 386 8.19 14.76 -57.37
N PHE C 387 8.17 13.47 -57.09
CA PHE C 387 9.25 12.60 -57.46
C PHE C 387 9.39 12.47 -58.99
N GLU C 388 8.24 12.41 -59.70
CA GLU C 388 8.28 12.33 -61.20
C GLU C 388 8.95 13.59 -61.83
N ASN C 389 8.72 14.81 -61.24
CA ASN C 389 9.37 16.04 -61.65
C ASN C 389 10.80 15.95 -61.46
N ALA C 390 11.34 15.36 -60.33
CA ALA C 390 12.79 15.11 -60.06
C ALA C 390 13.41 14.17 -61.02
N CYS C 391 12.63 13.12 -61.31
CA CYS C 391 13.13 12.08 -62.20
C CYS C 391 13.43 12.62 -63.66
N ASN C 392 12.53 13.45 -64.17
CA ASN C 392 12.52 13.93 -65.47
C ASN C 392 13.69 14.75 -65.73
N THR C 393 13.96 15.65 -64.72
CA THR C 393 15.02 16.63 -64.65
C THR C 393 16.35 15.95 -64.52
N PHE C 394 16.45 14.85 -63.76
CA PHE C 394 17.67 14.05 -63.67
C PHE C 394 18.02 13.49 -65.04
N ASP C 395 17.01 12.94 -65.89
CA ASP C 395 17.37 12.28 -67.19
C ASP C 395 17.99 13.40 -68.02
N LYS C 396 17.39 14.65 -67.98
CA LYS C 396 17.94 15.62 -68.90
C LYS C 396 19.39 15.96 -68.61
N VAL C 397 19.71 16.19 -67.32
CA VAL C 397 20.97 16.53 -66.85
C VAL C 397 22.06 15.42 -67.08
N PHE C 398 21.64 14.16 -66.90
CA PHE C 398 22.41 12.98 -66.99
C PHE C 398 22.89 12.80 -68.35
N ALA C 399 21.97 13.07 -69.31
CA ALA C 399 22.19 13.02 -70.74
C ALA C 399 23.22 13.96 -71.20
N LYS C 400 23.24 15.23 -70.63
CA LYS C 400 24.23 16.23 -70.93
C LYS C 400 25.54 15.85 -70.43
N GLY C 401 25.65 15.09 -69.30
CA GLY C 401 26.89 14.75 -68.72
C GLY C 401 27.44 15.78 -67.83
N ALA C 402 26.55 16.69 -67.36
CA ALA C 402 26.98 17.81 -66.54
C ALA C 402 26.94 17.46 -65.06
N PHE C 403 28.05 17.54 -64.39
CA PHE C 403 28.25 17.42 -62.90
C PHE C 403 28.05 15.94 -62.39
N LEU C 404 28.30 14.99 -63.35
CA LEU C 404 28.39 13.60 -63.09
C LEU C 404 29.70 13.34 -62.50
N ASN C 405 30.69 14.24 -62.76
CA ASN C 405 32.07 14.20 -62.36
C ASN C 405 32.24 14.00 -60.90
N ASN C 406 31.52 14.71 -60.12
CA ASN C 406 31.56 14.65 -58.63
C ASN C 406 31.14 13.23 -58.06
N TYR C 407 30.10 12.63 -58.71
CA TYR C 407 29.58 11.30 -58.39
C TYR C 407 30.55 10.27 -58.67
N ASN C 408 31.31 10.39 -59.84
CA ASN C 408 32.25 9.43 -60.27
C ASN C 408 33.42 9.19 -59.34
N VAL C 409 33.87 10.26 -58.56
CA VAL C 409 34.96 10.21 -57.56
C VAL C 409 34.70 9.25 -56.48
N GLY C 410 33.43 9.07 -56.05
CA GLY C 410 32.96 8.21 -54.98
C GLY C 410 33.09 6.79 -55.55
N ASP C 411 33.52 5.85 -54.67
CA ASP C 411 33.86 4.49 -55.00
C ASP C 411 32.77 3.69 -55.54
N LEU C 412 31.51 3.94 -55.06
CA LEU C 412 30.25 3.37 -55.40
C LEU C 412 29.85 3.56 -56.81
N PHE C 413 30.20 4.74 -57.27
CA PHE C 413 29.71 5.14 -58.58
C PHE C 413 30.71 5.27 -59.63
N GLN C 414 31.90 4.60 -59.34
CA GLN C 414 33.05 4.55 -60.22
C GLN C 414 32.86 3.34 -61.17
N SER C 415 32.26 2.25 -60.71
CA SER C 415 32.08 1.03 -61.33
C SER C 415 30.69 1.02 -62.03
N MET C 416 29.76 1.93 -61.74
CA MET C 416 28.43 1.76 -62.26
C MET C 416 27.68 3.00 -62.18
N GLN C 417 26.60 3.09 -63.06
CA GLN C 417 25.62 4.23 -63.17
C GLN C 417 24.27 3.51 -63.50
N ASN C 418 24.31 2.15 -63.24
CA ASN C 418 23.27 1.14 -63.47
C ASN C 418 22.19 1.40 -62.39
N VAL C 419 22.62 1.83 -61.19
CA VAL C 419 21.80 2.03 -60.00
C VAL C 419 20.74 3.10 -60.33
N GLN C 420 21.06 4.14 -61.13
CA GLN C 420 20.06 5.15 -61.43
C GLN C 420 18.99 4.60 -62.34
N ASP C 421 19.26 3.77 -63.33
CA ASP C 421 18.29 3.17 -64.18
C ASP C 421 17.35 2.24 -63.43
N GLU C 422 17.92 1.42 -62.52
CA GLU C 422 17.22 0.41 -61.85
C GLU C 422 16.22 1.03 -61.02
N PHE C 423 16.62 2.13 -60.34
CA PHE C 423 15.71 2.83 -59.47
C PHE C 423 14.54 3.46 -60.24
N ALA C 424 14.81 4.01 -61.43
CA ALA C 424 13.76 4.60 -62.23
C ALA C 424 12.67 3.61 -62.59
N GLU C 425 12.98 2.35 -62.94
CA GLU C 425 12.01 1.33 -63.24
C GLU C 425 11.19 0.95 -62.01
N SER C 426 11.86 0.81 -60.82
CA SER C 426 11.25 0.43 -59.60
C SER C 426 10.21 1.47 -59.16
N ARG C 427 10.53 2.80 -59.25
CA ARG C 427 9.70 3.87 -58.75
C ARG C 427 8.41 3.93 -59.49
N GLU C 428 8.49 3.66 -60.81
CA GLU C 428 7.30 3.54 -61.64
C GLU C 428 6.33 2.43 -61.26
N VAL C 429 6.85 1.27 -60.86
CA VAL C 429 5.95 0.23 -60.36
C VAL C 429 5.22 0.63 -59.06
N VAL C 430 5.89 1.32 -58.11
CA VAL C 430 5.33 1.87 -56.89
C VAL C 430 4.28 2.83 -57.22
N GLN C 431 4.60 3.70 -58.22
CA GLN C 431 3.72 4.73 -58.70
C GLN C 431 2.42 4.21 -59.26
N SER C 432 2.44 3.08 -60.02
CA SER C 432 1.29 2.47 -60.59
C SER C 432 0.33 1.96 -59.58
N LEU C 433 0.89 1.32 -58.49
CA LEU C 433 0.11 0.72 -57.41
C LEU C 433 -0.67 1.71 -56.67
N MET C 434 -0.07 2.85 -56.42
CA MET C 434 -0.64 3.99 -55.73
C MET C 434 -1.79 4.60 -56.52
N GLU C 435 -1.67 4.59 -57.89
CA GLU C 435 -2.70 5.01 -58.82
C GLU C 435 -3.88 4.10 -58.75
N ASP C 436 -3.65 2.76 -58.58
CA ASP C 436 -4.77 1.82 -58.52
C ASP C 436 -5.65 2.07 -57.30
N TYR C 437 -5.09 2.57 -56.13
CA TYR C 437 -5.70 2.83 -54.88
C TYR C 437 -6.75 3.90 -55.12
N VAL C 438 -6.60 4.83 -56.07
CA VAL C 438 -7.42 5.94 -56.34
C VAL C 438 -8.79 5.42 -56.85
N ALA C 439 -8.76 4.25 -57.54
CA ALA C 439 -9.87 3.60 -58.07
C ALA C 439 -10.61 2.80 -56.92
N ALA C 440 -11.92 2.43 -57.13
CA ALA C 440 -12.68 1.66 -56.16
C ALA C 440 -12.29 0.24 -55.95
N GLU C 441 -11.85 -0.42 -56.99
CA GLU C 441 -11.37 -1.78 -56.94
C GLU C 441 -10.04 -1.80 -56.21
N GLN C 442 -9.99 -2.28 -54.92
CA GLN C 442 -8.84 -2.32 -54.07
C GLN C 442 -9.24 -3.28 -52.91
N ASP C 443 -10.51 -3.80 -52.98
CA ASP C 443 -10.94 -4.90 -52.05
C ASP C 443 -11.11 -6.00 -53.01
N SER C 444 -10.05 -6.64 -53.47
CA SER C 444 -9.95 -7.58 -54.57
C SER C 444 -10.07 -9.03 -54.09
N TYR C 445 -10.59 -9.18 -52.84
CA TYR C 445 -11.09 -10.37 -52.25
C TYR C 445 -10.02 -11.50 -52.33
N MET D 1 30.58 -30.79 8.52
CA MET D 1 30.56 -30.07 7.18
C MET D 1 30.61 -28.59 7.12
N GLY D 2 31.01 -28.10 5.85
CA GLY D 2 31.32 -26.82 5.41
C GLY D 2 32.63 -26.45 5.84
N GLY D 3 33.60 -27.38 5.92
CA GLY D 3 35.01 -27.19 6.17
C GLY D 3 35.72 -26.18 5.32
N GLU D 4 37.04 -25.96 5.61
CA GLU D 4 37.89 -25.00 5.00
C GLU D 4 38.30 -25.50 3.68
N ILE D 5 38.61 -24.60 2.76
CA ILE D 5 39.00 -24.90 1.37
C ILE D 5 40.29 -24.20 1.18
N ILE D 6 41.24 -24.95 0.57
CA ILE D 6 42.59 -24.50 0.27
C ILE D 6 42.62 -24.36 -1.24
N THR D 7 43.20 -23.24 -1.76
CA THR D 7 43.18 -22.88 -3.19
C THR D 7 44.54 -23.04 -3.74
N LEU D 8 44.50 -23.71 -4.92
CA LEU D 8 45.68 -24.08 -5.65
C LEU D 8 45.46 -23.21 -6.88
N GLN D 9 46.50 -22.46 -7.26
CA GLN D 9 46.54 -21.65 -8.51
C GLN D 9 47.75 -22.27 -9.24
N ALA D 10 47.51 -22.67 -10.51
CA ALA D 10 48.51 -23.31 -11.28
C ALA D 10 48.56 -22.70 -12.62
N GLY D 11 49.81 -22.51 -13.18
CA GLY D 11 49.90 -21.95 -14.49
C GLY D 11 49.44 -20.53 -14.63
N GLN D 12 49.56 -20.02 -15.89
CA GLN D 12 49.32 -18.62 -16.19
C GLN D 12 47.88 -18.24 -15.91
N CYS D 13 46.96 -19.08 -16.46
CA CYS D 13 45.55 -18.81 -16.30
C CYS D 13 45.08 -18.81 -14.90
N GLY D 14 45.46 -19.91 -14.16
CA GLY D 14 45.09 -20.04 -12.78
C GLY D 14 45.56 -19.00 -11.82
N ASN D 15 46.78 -18.53 -11.89
CA ASN D 15 47.28 -17.44 -11.14
C ASN D 15 46.59 -16.14 -11.56
N HIS D 16 46.30 -15.85 -12.88
CA HIS D 16 45.67 -14.61 -13.26
C HIS D 16 44.27 -14.66 -12.67
N VAL D 17 43.49 -15.74 -12.82
CA VAL D 17 42.09 -15.94 -12.37
C VAL D 17 41.90 -15.91 -10.90
N GLY D 18 42.81 -16.56 -10.10
CA GLY D 18 42.87 -16.58 -8.63
C GLY D 18 43.12 -15.12 -8.11
N LYS D 19 43.97 -14.33 -8.71
CA LYS D 19 44.23 -12.95 -8.36
C LYS D 19 43.05 -12.08 -8.53
N PHE D 20 42.32 -12.29 -9.67
CA PHE D 20 41.13 -11.46 -9.96
C PHE D 20 40.09 -11.65 -8.92
N LEU D 21 39.91 -12.92 -8.45
CA LEU D 21 38.99 -13.41 -7.47
C LEU D 21 39.13 -12.86 -6.10
N TRP D 22 40.42 -12.79 -5.67
CA TRP D 22 40.72 -12.21 -4.36
C TRP D 22 40.46 -10.71 -4.21
N SER D 23 40.75 -9.99 -5.29
CA SER D 23 40.46 -8.56 -5.42
C SER D 23 38.99 -8.36 -5.39
N GLN D 24 38.22 -9.27 -6.03
CA GLN D 24 36.72 -9.16 -6.00
C GLN D 24 36.15 -9.37 -4.62
N LEU D 25 36.64 -10.40 -3.93
CA LEU D 25 36.21 -10.85 -2.61
C LEU D 25 36.50 -9.82 -1.58
N ALA D 26 37.70 -9.21 -1.75
CA ALA D 26 38.03 -8.11 -0.87
C ALA D 26 37.16 -6.93 -0.92
N LYS D 27 36.71 -6.38 -2.08
CA LYS D 27 35.71 -5.22 -2.20
C LYS D 27 34.39 -5.62 -1.70
N GLU D 28 33.87 -6.86 -2.01
CA GLU D 28 32.52 -7.37 -1.61
C GLU D 28 32.36 -7.57 -0.17
N HIS D 29 33.41 -8.05 0.56
CA HIS D 29 33.24 -8.46 1.95
C HIS D 29 33.69 -7.44 2.91
N ALA D 30 33.65 -6.14 2.43
CA ALA D 30 33.92 -4.98 3.20
C ALA D 30 35.12 -5.15 4.15
N ILE D 31 36.34 -5.29 3.47
CA ILE D 31 37.63 -5.37 4.10
C ILE D 31 38.44 -4.52 3.21
N GLY D 32 39.62 -4.01 3.65
CA GLY D 32 40.42 -3.07 3.03
C GLY D 32 41.07 -3.65 1.85
N THR D 33 42.01 -2.85 1.31
CA THR D 33 42.79 -3.18 0.06
C THR D 33 43.93 -4.10 0.49
N ASP D 34 44.12 -4.34 1.85
CA ASP D 34 45.12 -5.20 2.38
C ASP D 34 44.39 -6.39 2.87
N GLY D 35 43.00 -6.34 2.87
CA GLY D 35 42.12 -7.34 3.47
C GLY D 35 41.88 -7.09 4.95
N LEU D 36 42.11 -5.80 5.27
CA LEU D 36 42.06 -5.21 6.55
C LEU D 36 40.76 -5.51 7.31
N SER D 37 40.84 -6.25 8.40
CA SER D 37 39.68 -6.70 9.18
C SER D 37 38.86 -5.51 9.62
N GLN D 38 37.64 -5.30 9.13
CA GLN D 38 36.91 -4.14 9.43
C GLN D 38 36.11 -4.37 10.64
N LEU D 39 35.87 -3.27 11.31
CA LEU D 39 34.95 -3.24 12.49
C LEU D 39 33.45 -3.54 12.31
N PRO D 40 32.70 -3.16 11.24
CA PRO D 40 31.33 -3.68 10.94
C PRO D 40 31.41 -5.15 10.68
N ASP D 41 30.29 -5.94 10.83
CA ASP D 41 30.29 -7.37 10.60
C ASP D 41 30.71 -7.66 9.22
N SER D 42 31.46 -8.80 9.03
CA SER D 42 31.91 -9.19 7.75
C SER D 42 32.53 -10.50 7.91
N SER D 43 32.27 -11.22 9.03
CA SER D 43 32.77 -12.49 9.40
C SER D 43 31.88 -13.20 10.43
N THR D 44 30.87 -12.47 10.99
CA THR D 44 29.89 -13.14 11.84
C THR D 44 28.91 -14.08 11.14
N GLU D 45 28.26 -13.55 10.04
CA GLU D 45 27.34 -14.26 9.19
C GLU D 45 27.04 -13.37 7.97
N ARG D 46 27.76 -12.20 7.79
CA ARG D 46 27.63 -11.36 6.62
C ARG D 46 28.41 -12.04 5.56
N ASP D 47 29.47 -12.75 5.93
CA ASP D 47 30.30 -13.62 5.18
C ASP D 47 30.66 -14.75 6.12
N ASP D 48 30.52 -15.98 5.63
CA ASP D 48 31.00 -17.21 6.29
C ASP D 48 31.85 -17.88 5.32
N ASP D 49 32.30 -17.13 4.30
CA ASP D 49 33.38 -17.29 3.37
C ASP D 49 34.72 -17.06 4.04
N THR D 50 34.79 -16.18 5.10
CA THR D 50 36.00 -15.68 5.73
C THR D 50 36.90 -16.80 6.19
N LYS D 51 36.43 -17.61 7.13
CA LYS D 51 37.17 -18.67 7.75
C LYS D 51 37.51 -19.71 6.67
N PRO D 52 36.66 -20.18 5.74
CA PRO D 52 37.10 -21.14 4.71
C PRO D 52 38.20 -20.76 3.72
N PHE D 53 38.09 -19.58 3.12
CA PHE D 53 39.00 -19.11 2.23
C PHE D 53 40.15 -18.40 2.85
N PHE D 54 40.05 -17.62 3.96
CA PHE D 54 41.12 -16.73 4.38
C PHE D 54 41.40 -17.20 5.77
N ARG D 55 42.59 -16.82 6.25
CA ARG D 55 43.02 -17.05 7.63
C ARG D 55 43.61 -15.73 8.08
N GLU D 56 43.77 -15.59 9.50
CA GLU D 56 44.23 -14.47 10.27
C GLU D 56 45.62 -14.70 10.89
N ASN D 57 46.54 -13.70 10.94
CA ASN D 57 47.72 -14.02 11.73
C ASN D 57 47.57 -12.91 12.77
N SER D 58 48.09 -13.16 13.96
CA SER D 58 47.88 -12.36 15.16
C SER D 58 48.54 -10.97 15.03
N ARG D 59 47.65 -9.98 15.24
CA ARG D 59 47.98 -8.56 15.10
C ARG D 59 48.29 -8.27 13.65
N ASN D 60 47.53 -8.93 12.68
CA ASN D 60 47.69 -8.65 11.24
C ASN D 60 46.29 -8.92 10.63
N LYS D 61 46.26 -8.61 9.29
CA LYS D 61 45.20 -8.58 8.34
C LYS D 61 45.06 -9.91 7.66
N PHE D 62 44.00 -10.09 6.89
CA PHE D 62 43.70 -11.37 6.30
C PHE D 62 44.51 -11.72 5.10
N THR D 63 44.78 -13.09 4.98
CA THR D 63 45.50 -13.75 3.90
C THR D 63 44.73 -14.92 3.46
N PRO D 64 44.62 -15.29 2.18
CA PRO D 64 43.94 -16.50 1.63
C PRO D 64 44.75 -17.76 1.88
N ARG D 65 44.08 -18.85 2.19
CA ARG D 65 44.68 -20.16 2.41
C ARG D 65 45.08 -20.72 1.12
N ALA D 66 46.20 -20.20 0.51
CA ALA D 66 46.49 -20.29 -0.88
C ALA D 66 47.87 -20.54 -1.18
N ILE D 67 48.10 -21.34 -2.26
CA ILE D 67 49.45 -21.61 -2.88
C ILE D 67 49.39 -21.07 -4.27
N MET D 68 50.42 -20.30 -4.65
CA MET D 68 50.42 -19.70 -6.00
C MET D 68 51.59 -20.39 -6.58
N MET D 69 51.33 -20.97 -7.80
CA MET D 69 52.28 -21.84 -8.38
C MET D 69 52.35 -21.40 -9.83
N ASP D 70 53.57 -21.35 -10.42
CA ASP D 70 53.74 -21.15 -11.84
C ASP D 70 55.29 -21.01 -11.97
N SER D 71 55.66 -20.42 -13.11
CA SER D 71 56.93 -19.84 -13.36
C SER D 71 56.80 -18.39 -12.83
N GLU D 72 57.86 -17.60 -12.93
CA GLU D 72 58.01 -16.33 -12.22
C GLU D 72 57.00 -15.22 -12.64
N PRO D 73 56.70 -14.89 -13.92
CA PRO D 73 56.01 -13.64 -14.26
C PRO D 73 54.73 -13.34 -13.39
N SER D 74 53.82 -14.33 -13.40
CA SER D 74 52.49 -14.16 -12.87
C SER D 74 52.57 -14.02 -11.37
N VAL D 75 53.42 -14.86 -10.77
CA VAL D 75 53.54 -14.85 -9.32
C VAL D 75 54.06 -13.58 -8.72
N ILE D 76 55.06 -12.91 -9.38
CA ILE D 76 55.56 -11.61 -9.03
C ILE D 76 54.55 -10.49 -9.19
N ALA D 77 53.80 -10.60 -10.32
CA ALA D 77 52.80 -9.61 -10.77
C ALA D 77 51.74 -9.45 -9.78
N ASP D 78 51.25 -10.58 -9.21
CA ASP D 78 50.18 -10.40 -8.18
C ASP D 78 50.64 -9.63 -6.92
N VAL D 79 51.90 -9.85 -6.52
CA VAL D 79 52.53 -9.17 -5.44
C VAL D 79 52.74 -7.58 -5.74
N GLU D 80 53.03 -7.19 -7.01
CA GLU D 80 53.19 -5.78 -7.33
C GLU D 80 51.95 -4.89 -7.28
N ASN D 81 50.81 -5.46 -7.65
CA ASN D 81 49.54 -4.71 -7.88
C ASN D 81 48.97 -4.05 -6.71
N THR D 82 47.87 -3.20 -6.86
CA THR D 82 47.31 -2.48 -5.74
C THR D 82 47.03 -3.42 -4.59
N PHE D 83 46.45 -4.59 -4.95
CA PHE D 83 46.22 -5.53 -3.90
C PHE D 83 47.46 -6.37 -3.78
N ARG D 84 47.95 -6.52 -2.52
CA ARG D 84 49.26 -7.06 -2.23
C ARG D 84 49.28 -7.66 -0.88
N GLY D 85 48.23 -7.58 -0.05
CA GLY D 85 48.04 -8.08 1.23
C GLY D 85 47.62 -9.52 1.19
N PHE D 86 47.37 -10.06 -0.01
CA PHE D 86 46.86 -11.40 -0.16
C PHE D 86 47.99 -12.13 -0.67
N PHE D 87 49.18 -11.49 -0.63
CA PHE D 87 50.40 -11.94 -1.14
C PHE D 87 51.44 -11.68 -0.13
N ASP D 88 51.89 -12.70 0.56
CA ASP D 88 53.06 -12.72 1.44
C ASP D 88 53.98 -13.79 0.83
N PRO D 89 55.29 -13.90 1.23
CA PRO D 89 56.30 -14.75 0.58
C PRO D 89 55.93 -16.23 0.74
N ARG D 90 55.23 -16.67 1.81
CA ARG D 90 54.89 -18.09 2.00
C ARG D 90 53.89 -18.51 0.94
N ASN D 91 52.99 -17.65 0.48
CA ASN D 91 51.97 -17.93 -0.55
C ASN D 91 52.64 -18.06 -1.91
N THR D 92 53.85 -17.50 -2.03
CA THR D 92 54.53 -17.55 -3.33
C THR D 92 55.42 -18.74 -3.58
N TRP D 93 55.13 -19.39 -4.69
CA TRP D 93 56.03 -20.57 -5.11
C TRP D 93 56.41 -20.40 -6.50
N VAL D 94 57.76 -20.47 -6.75
CA VAL D 94 58.31 -20.33 -8.08
C VAL D 94 59.17 -21.56 -8.24
N ALA D 95 58.91 -22.27 -9.39
CA ALA D 95 59.62 -23.43 -9.79
C ALA D 95 61.11 -23.20 -10.02
N SER D 96 61.94 -24.21 -9.67
CA SER D 96 63.38 -24.20 -9.88
C SER D 96 63.81 -24.33 -11.33
N ASP D 97 63.02 -24.97 -12.22
CA ASP D 97 63.40 -25.29 -13.57
C ASP D 97 62.14 -25.27 -14.29
N GLY D 98 61.92 -24.20 -15.05
CA GLY D 98 60.72 -24.01 -15.86
C GLY D 98 60.70 -24.96 -17.07
N ALA D 99 61.82 -25.60 -17.38
CA ALA D 99 61.98 -26.52 -18.45
C ALA D 99 61.61 -25.98 -19.88
N SER D 100 60.89 -26.82 -20.60
CA SER D 100 60.28 -26.51 -21.87
C SER D 100 58.80 -26.65 -21.49
N ALA D 101 58.34 -25.93 -20.51
CA ALA D 101 56.99 -25.91 -20.04
C ALA D 101 56.12 -24.86 -20.74
N GLY D 102 54.78 -25.02 -20.66
CA GLY D 102 53.75 -24.11 -21.06
C GLY D 102 53.04 -24.76 -22.27
N ASN D 103 53.49 -25.84 -22.83
CA ASN D 103 53.01 -26.49 -23.99
C ASN D 103 53.23 -28.02 -23.81
N SER D 104 53.77 -28.43 -22.63
CA SER D 104 54.16 -29.78 -22.27
C SER D 104 53.79 -30.10 -20.92
N TRP D 105 52.95 -31.18 -20.82
CA TRP D 105 52.47 -31.85 -19.62
C TRP D 105 53.53 -32.58 -18.81
N ALA D 106 54.40 -33.31 -19.52
CA ALA D 106 55.42 -34.13 -18.92
C ALA D 106 56.33 -33.34 -18.16
N ASN D 107 56.78 -32.21 -18.70
CA ASN D 107 57.67 -31.21 -17.91
C ASN D 107 57.06 -30.57 -16.67
N GLY D 108 55.83 -30.18 -16.70
CA GLY D 108 55.16 -29.60 -15.51
C GLY D 108 54.96 -30.63 -14.43
N TYR D 109 54.62 -31.85 -14.78
CA TYR D 109 54.44 -33.01 -13.85
C TYR D 109 55.77 -33.35 -13.24
N ASP D 110 56.83 -33.43 -14.06
CA ASP D 110 58.17 -33.69 -13.60
C ASP D 110 58.81 -32.67 -12.67
N ILE D 111 58.58 -31.40 -12.92
CA ILE D 111 59.07 -30.46 -12.00
C ILE D 111 58.42 -30.48 -10.58
N GLY D 112 57.17 -30.75 -10.58
CA GLY D 112 56.43 -30.97 -9.28
C GLY D 112 56.96 -32.05 -8.40
N THR D 113 57.35 -33.16 -9.10
CA THR D 113 57.92 -34.30 -8.40
C THR D 113 59.27 -34.01 -7.64
N ARG D 114 60.11 -33.21 -8.35
CA ARG D 114 61.39 -32.81 -7.83
C ARG D 114 61.32 -31.95 -6.59
N ASN D 115 60.38 -30.97 -6.58
CA ASN D 115 60.23 -30.01 -5.52
C ASN D 115 59.07 -30.42 -4.67
N GLN D 116 58.87 -31.71 -4.43
CA GLN D 116 57.78 -32.38 -3.75
C GLN D 116 57.83 -31.89 -2.29
N ASP D 117 59.01 -31.81 -1.73
CA ASP D 117 59.16 -31.41 -0.28
C ASP D 117 58.71 -30.00 -0.01
N ASP D 118 59.14 -29.08 -0.89
CA ASP D 118 58.80 -27.61 -0.75
C ASP D 118 57.34 -27.38 -0.81
N ILE D 119 56.67 -28.05 -1.77
CA ILE D 119 55.25 -27.93 -2.10
C ILE D 119 54.50 -28.40 -0.93
N LEU D 120 54.97 -29.57 -0.35
CA LEU D 120 54.44 -30.11 0.83
C LEU D 120 54.61 -29.28 2.06
N ASN D 121 55.71 -28.52 2.19
CA ASN D 121 55.95 -27.73 3.34
C ASN D 121 54.84 -26.76 3.51
N LYS D 122 54.44 -26.11 2.40
CA LYS D 122 53.37 -25.12 2.26
C LYS D 122 52.03 -25.77 2.53
N ILE D 123 51.79 -26.95 1.93
CA ILE D 123 50.50 -27.59 2.16
C ILE D 123 50.39 -27.99 3.68
N ASP D 124 51.43 -28.59 4.35
CA ASP D 124 51.31 -29.12 5.80
C ASP D 124 50.97 -27.98 6.71
N LYS D 125 51.57 -26.75 6.51
CA LYS D 125 51.29 -25.61 7.26
C LYS D 125 49.91 -25.11 7.28
N GLU D 126 49.26 -24.92 6.12
CA GLU D 126 47.88 -24.45 5.80
C GLU D 126 46.83 -25.45 6.25
N ILE D 127 47.07 -26.81 6.11
CA ILE D 127 46.17 -27.88 6.62
C ILE D 127 46.08 -27.88 8.13
N ASP D 128 47.22 -27.74 8.85
CA ASP D 128 47.42 -27.74 10.32
C ASP D 128 46.79 -26.52 10.93
N SER D 129 46.82 -25.40 10.17
CA SER D 129 46.13 -24.20 10.53
C SER D 129 44.63 -24.32 10.42
N THR D 130 44.10 -25.27 9.68
CA THR D 130 42.71 -25.41 9.37
C THR D 130 42.17 -26.46 10.30
N ASP D 131 41.01 -26.27 10.90
CA ASP D 131 40.45 -27.10 11.91
C ASP D 131 39.84 -28.28 11.32
N ASN D 132 39.14 -28.17 10.21
CA ASN D 132 38.54 -29.29 9.63
C ASN D 132 38.51 -28.93 8.14
N PHE D 133 39.35 -29.70 7.38
CA PHE D 133 39.72 -29.54 6.02
C PHE D 133 38.66 -30.33 5.24
N GLU D 134 37.91 -29.60 4.36
CA GLU D 134 37.01 -30.20 3.36
C GLU D 134 37.69 -30.87 2.24
N GLY D 135 38.68 -30.20 1.63
CA GLY D 135 39.28 -30.64 0.33
C GLY D 135 40.03 -29.43 -0.24
N PHE D 136 40.47 -29.54 -1.49
CA PHE D 136 41.26 -28.58 -2.31
C PHE D 136 40.34 -28.17 -3.48
N GLN D 137 40.51 -26.94 -4.02
CA GLN D 137 39.87 -26.44 -5.25
C GLN D 137 40.99 -26.04 -6.15
N LEU D 138 41.03 -26.50 -7.42
CA LEU D 138 42.14 -26.25 -8.32
C LEU D 138 41.68 -25.34 -9.42
N LEU D 139 42.48 -24.27 -9.65
CA LEU D 139 42.11 -23.40 -10.76
C LEU D 139 43.27 -23.59 -11.72
N HIS D 140 43.00 -23.94 -13.03
CA HIS D 140 44.08 -24.24 -13.97
C HIS D 140 43.47 -24.34 -15.33
N SER D 141 44.32 -24.51 -16.37
CA SER D 141 43.86 -24.75 -17.71
C SER D 141 44.53 -26.13 -17.98
N VAL D 142 43.91 -26.97 -18.81
CA VAL D 142 44.54 -28.26 -19.14
C VAL D 142 45.38 -28.09 -20.34
N ALA D 143 45.28 -26.88 -20.96
CA ALA D 143 46.03 -26.42 -22.08
C ALA D 143 47.48 -26.17 -21.75
N GLY D 144 47.73 -25.65 -20.48
CA GLY D 144 49.05 -25.33 -19.89
C GLY D 144 49.91 -26.52 -19.71
N GLY D 145 51.26 -26.43 -19.73
CA GLY D 145 52.15 -27.53 -19.47
C GLY D 145 52.29 -27.63 -17.99
N THR D 146 52.55 -26.43 -17.42
CA THR D 146 52.86 -26.18 -16.09
C THR D 146 51.56 -26.29 -15.33
N GLY D 147 50.52 -25.50 -15.79
CA GLY D 147 49.17 -25.38 -15.14
C GLY D 147 48.52 -26.69 -15.09
N SER D 148 48.63 -27.47 -16.21
CA SER D 148 48.03 -28.83 -16.23
C SER D 148 48.79 -29.84 -15.32
N GLY D 149 50.09 -30.14 -15.59
CA GLY D 149 50.87 -31.25 -15.08
C GLY D 149 51.15 -31.10 -13.61
N LEU D 150 51.66 -29.92 -13.18
CA LEU D 150 52.04 -29.66 -11.79
C LEU D 150 50.71 -29.68 -10.94
N GLY D 151 49.60 -29.12 -11.44
CA GLY D 151 48.25 -29.24 -10.83
C GLY D 151 47.85 -30.70 -10.76
N SER D 152 48.08 -31.51 -11.81
CA SER D 152 47.63 -32.84 -11.80
C SER D 152 48.30 -33.69 -10.73
N ASN D 153 49.54 -33.41 -10.50
CA ASN D 153 50.47 -34.06 -9.53
C ASN D 153 50.02 -33.85 -8.10
N LEU D 154 49.61 -32.59 -7.75
CA LEU D 154 49.17 -32.15 -6.40
C LEU D 154 47.86 -32.79 -6.02
N LEU D 155 46.98 -32.96 -7.08
CA LEU D 155 45.65 -33.58 -6.89
C LEU D 155 45.77 -35.02 -6.45
N GLU D 156 46.79 -35.80 -7.06
CA GLU D 156 47.08 -37.24 -7.00
C GLU D 156 47.50 -37.63 -5.55
N ALA D 157 48.42 -36.80 -4.88
CA ALA D 157 49.01 -37.00 -3.59
C ALA D 157 47.93 -36.92 -2.58
N LEU D 158 47.01 -35.92 -2.81
CA LEU D 158 45.82 -35.70 -2.04
C LEU D 158 44.84 -36.85 -2.09
N CYS D 159 44.70 -37.53 -3.28
CA CYS D 159 43.86 -38.71 -3.52
C CYS D 159 44.34 -39.80 -2.57
N ASP D 160 45.66 -40.05 -2.54
CA ASP D 160 46.32 -41.13 -1.82
C ASP D 160 46.20 -40.96 -0.37
N ARG D 161 46.53 -39.77 0.12
CA ARG D 161 46.46 -39.55 1.54
C ARG D 161 45.04 -39.57 2.12
N TYR D 162 44.07 -38.85 1.46
CA TYR D 162 42.75 -38.64 1.93
C TYR D 162 41.78 -38.96 0.74
N PRO D 163 41.28 -40.15 0.71
CA PRO D 163 40.44 -40.58 -0.41
C PRO D 163 38.97 -40.48 -0.06
N LYS D 164 38.69 -39.85 1.13
CA LYS D 164 37.33 -39.69 1.71
C LYS D 164 37.00 -38.19 1.64
N LYS D 165 37.84 -37.47 0.87
CA LYS D 165 37.83 -36.00 0.89
C LYS D 165 37.71 -35.45 -0.59
N ILE D 166 37.28 -34.19 -0.71
CA ILE D 166 36.92 -33.61 -2.01
C ILE D 166 38.08 -33.16 -2.74
N LEU D 167 38.09 -33.41 -4.12
CA LEU D 167 38.89 -32.65 -5.03
C LEU D 167 37.96 -32.06 -6.02
N THR D 168 37.96 -30.77 -6.09
CA THR D 168 37.12 -30.14 -7.16
C THR D 168 38.18 -29.37 -7.95
N THR D 169 37.93 -29.25 -9.31
CA THR D 169 38.72 -28.53 -10.21
C THR D 169 37.82 -27.64 -11.05
N TYR D 170 38.36 -26.51 -11.47
CA TYR D 170 37.83 -25.62 -12.54
C TYR D 170 38.87 -25.69 -13.61
N SER D 171 38.58 -26.44 -14.69
CA SER D 171 39.56 -26.66 -15.74
C SER D 171 39.09 -25.91 -16.94
N VAL D 172 39.99 -25.07 -17.57
CA VAL D 172 39.64 -24.34 -18.76
C VAL D 172 40.11 -25.21 -19.82
N PHE D 173 39.21 -25.63 -20.73
CA PHE D 173 39.54 -26.52 -21.81
C PHE D 173 39.71 -25.62 -23.04
N PRO D 174 40.72 -25.86 -23.87
CA PRO D 174 40.94 -25.04 -25.02
C PRO D 174 40.05 -25.48 -26.19
N ALA D 175 40.13 -24.60 -27.24
CA ALA D 175 39.52 -24.88 -28.58
C ALA D 175 40.23 -25.90 -29.25
N ARG D 176 39.53 -26.52 -30.23
CA ARG D 176 39.93 -27.61 -31.02
C ARG D 176 39.92 -27.13 -32.44
N SER D 177 39.83 -25.77 -32.61
CA SER D 177 40.10 -25.12 -33.89
C SER D 177 41.48 -24.50 -33.71
N SER D 178 42.21 -24.73 -32.67
CA SER D 178 43.50 -24.35 -32.33
C SER D 178 44.57 -24.61 -33.50
N GLU D 179 45.73 -23.94 -33.40
CA GLU D 179 46.75 -24.16 -34.36
C GLU D 179 47.89 -24.81 -33.62
N VAL D 180 47.69 -25.02 -32.36
CA VAL D 180 48.61 -25.56 -31.39
C VAL D 180 48.45 -27.01 -31.56
N VAL D 181 49.47 -27.71 -32.13
CA VAL D 181 49.44 -29.11 -32.49
C VAL D 181 49.59 -30.11 -31.36
N VAL D 182 50.47 -29.70 -30.40
CA VAL D 182 50.66 -30.51 -29.13
C VAL D 182 49.49 -30.39 -28.17
N GLN D 183 48.44 -29.60 -28.52
CA GLN D 183 47.16 -29.41 -27.82
C GLN D 183 46.52 -30.68 -27.32
N SER D 184 46.47 -31.61 -28.28
CA SER D 184 45.97 -32.95 -28.11
C SER D 184 46.78 -33.72 -27.08
N TYR D 185 48.07 -33.64 -27.09
CA TYR D 185 48.82 -34.38 -26.05
C TYR D 185 48.55 -33.78 -24.70
N ASN D 186 48.57 -32.43 -24.45
CA ASN D 186 48.36 -31.88 -23.10
C ASN D 186 47.01 -32.23 -22.52
N THR D 187 45.93 -32.12 -23.33
CA THR D 187 44.54 -32.45 -22.95
C THR D 187 44.34 -33.92 -22.67
N ILE D 188 44.77 -34.97 -23.54
CA ILE D 188 44.47 -36.35 -23.39
C ILE D 188 45.24 -36.78 -22.18
N LEU D 189 46.53 -36.31 -22.02
CA LEU D 189 47.38 -36.68 -20.90
C LEU D 189 46.78 -36.24 -19.61
N ALA D 190 46.21 -35.03 -19.49
CA ALA D 190 45.60 -34.39 -18.35
C ALA D 190 44.37 -35.00 -17.88
N LEU D 191 43.55 -35.41 -18.81
CA LEU D 191 42.24 -35.94 -18.67
C LEU D 191 42.24 -37.24 -17.87
N ARG D 192 43.35 -38.06 -18.00
CA ARG D 192 43.54 -39.35 -17.35
C ARG D 192 43.49 -39.25 -15.87
N ARG D 193 44.25 -38.26 -15.34
CA ARG D 193 44.31 -37.90 -13.93
C ARG D 193 43.03 -37.30 -13.48
N LEU D 194 42.38 -36.44 -14.38
CA LEU D 194 41.22 -35.70 -14.15
C LEU D 194 40.01 -36.59 -13.94
N ILE D 195 39.89 -37.78 -14.62
CA ILE D 195 38.88 -38.70 -14.31
C ILE D 195 39.09 -39.33 -12.96
N GLU D 196 40.29 -39.83 -12.66
CA GLU D 196 40.44 -40.63 -11.45
C GLU D 196 40.60 -39.90 -10.11
N ASP D 197 41.46 -38.80 -10.14
CA ASP D 197 41.84 -38.07 -8.98
C ASP D 197 40.87 -37.03 -8.57
N SER D 198 39.90 -36.57 -9.49
CA SER D 198 38.96 -35.56 -9.19
C SER D 198 37.61 -36.23 -9.06
N ASP D 199 36.77 -35.62 -8.17
CA ASP D 199 35.35 -35.91 -8.07
C ASP D 199 34.45 -35.00 -8.83
N ALA D 200 34.92 -33.76 -9.23
CA ALA D 200 34.29 -32.77 -10.07
C ALA D 200 35.36 -32.03 -10.89
N THR D 201 35.02 -31.75 -12.16
CA THR D 201 35.74 -30.88 -13.10
C THR D 201 34.76 -29.97 -13.76
N VAL D 202 35.00 -28.65 -13.62
CA VAL D 202 34.13 -27.71 -14.16
C VAL D 202 34.76 -27.36 -15.49
N VAL D 203 34.15 -27.67 -16.62
CA VAL D 203 34.81 -27.41 -17.89
C VAL D 203 34.49 -25.98 -18.33
N PHE D 204 35.44 -25.08 -18.67
CA PHE D 204 35.24 -23.81 -19.25
C PHE D 204 35.86 -23.88 -20.62
N ASP D 205 35.06 -23.87 -21.68
CA ASP D 205 35.50 -24.02 -23.01
C ASP D 205 35.70 -22.62 -23.43
N ASN D 206 36.97 -22.28 -23.74
CA ASN D 206 37.29 -20.88 -24.01
C ASN D 206 36.74 -20.35 -25.26
N ALA D 207 36.31 -21.23 -26.22
CA ALA D 207 35.70 -20.79 -27.48
C ALA D 207 34.44 -19.99 -27.22
N SER D 208 33.57 -20.46 -26.29
CA SER D 208 32.38 -19.81 -25.87
C SER D 208 32.73 -18.60 -25.09
N LEU D 209 33.72 -18.70 -24.22
CA LEU D 209 34.19 -17.72 -23.30
C LEU D 209 34.72 -16.53 -24.03
N LEU D 210 35.51 -16.74 -25.17
CA LEU D 210 36.11 -15.65 -25.95
C LEU D 210 34.92 -14.87 -26.58
N ASN D 211 33.85 -15.54 -27.09
CA ASN D 211 32.77 -14.89 -27.87
C ASN D 211 32.05 -13.89 -27.02
N ILE D 212 31.83 -14.17 -25.74
CA ILE D 212 31.29 -13.44 -24.61
C ILE D 212 32.13 -12.21 -24.27
N SER D 213 33.45 -12.48 -24.24
CA SER D 213 34.45 -11.45 -23.95
C SER D 213 34.52 -10.36 -25.02
N GLY D 214 34.56 -10.80 -26.29
CA GLY D 214 34.65 -9.92 -27.39
C GLY D 214 33.40 -9.11 -27.52
N LYS D 215 32.19 -9.73 -27.48
CA LYS D 215 30.92 -9.06 -27.91
C LYS D 215 30.53 -7.99 -26.89
N VAL D 216 30.39 -8.39 -25.63
CA VAL D 216 29.74 -7.65 -24.60
C VAL D 216 30.54 -6.53 -24.14
N PHE D 217 31.87 -6.82 -23.78
CA PHE D 217 32.74 -5.85 -23.29
C PHE D 217 33.20 -4.84 -24.38
N ARG D 218 33.23 -5.42 -25.63
CA ARG D 218 33.65 -4.67 -26.83
C ARG D 218 35.13 -4.75 -26.90
N ASN D 219 35.77 -6.00 -26.66
CA ASN D 219 37.24 -6.08 -26.74
C ASN D 219 37.72 -5.97 -28.21
N PRO D 220 38.78 -5.32 -28.52
CA PRO D 220 39.23 -5.24 -29.85
C PRO D 220 40.24 -6.28 -30.06
N ASN D 221 40.80 -6.80 -28.88
CA ASN D 221 41.68 -7.94 -28.90
C ASN D 221 41.54 -8.60 -27.57
N ILE D 222 41.50 -9.94 -27.61
CA ILE D 222 41.16 -10.76 -26.49
C ILE D 222 42.48 -11.52 -26.09
N ASP D 223 42.75 -11.61 -24.77
CA ASP D 223 43.95 -12.14 -24.10
C ASP D 223 43.38 -12.96 -22.98
N LEU D 224 44.22 -13.64 -22.16
CA LEU D 224 43.89 -14.50 -21.05
C LEU D 224 43.23 -13.69 -20.05
N GLN D 225 43.62 -12.41 -19.78
CA GLN D 225 43.10 -11.60 -18.68
C GLN D 225 41.63 -11.36 -18.88
N HIS D 226 41.10 -11.11 -20.13
CA HIS D 226 39.73 -10.78 -20.38
C HIS D 226 38.71 -11.84 -20.04
N THR D 227 39.02 -13.10 -20.42
CA THR D 227 38.21 -14.25 -20.17
C THR D 227 38.08 -14.65 -18.70
N ASN D 228 39.18 -14.44 -17.91
CA ASN D 228 39.47 -14.67 -16.52
C ASN D 228 38.53 -13.80 -15.67
N GLN D 229 38.15 -12.63 -16.21
CA GLN D 229 37.25 -11.77 -15.53
C GLN D 229 35.96 -12.47 -15.37
N LEU D 230 35.48 -13.22 -16.38
CA LEU D 230 34.16 -13.94 -16.36
C LEU D 230 34.26 -15.04 -15.30
N ILE D 231 35.35 -15.79 -15.31
CA ILE D 231 35.55 -16.97 -14.50
C ILE D 231 35.59 -16.73 -13.00
N SER D 232 36.32 -15.66 -12.61
CA SER D 232 36.28 -15.14 -11.24
C SER D 232 34.91 -14.72 -10.78
N THR D 233 34.10 -14.05 -11.67
CA THR D 233 32.78 -13.68 -11.42
C THR D 233 31.80 -14.86 -11.18
N ILE D 234 31.99 -15.83 -12.03
CA ILE D 234 31.19 -17.05 -12.05
C ILE D 234 31.45 -17.89 -10.72
N ILE D 235 32.70 -18.04 -10.36
CA ILE D 235 33.23 -18.77 -9.24
C ILE D 235 32.73 -18.17 -7.88
N SER D 236 32.71 -16.82 -7.83
CA SER D 236 32.28 -16.02 -6.73
C SER D 236 30.82 -16.30 -6.43
N SER D 237 29.99 -16.42 -7.52
CA SER D 237 28.52 -16.62 -7.38
C SER D 237 28.28 -17.94 -6.72
N VAL D 238 29.14 -18.95 -6.99
CA VAL D 238 29.16 -20.22 -6.37
C VAL D 238 29.46 -20.10 -4.87
N THR D 239 30.28 -19.15 -4.46
CA THR D 239 30.55 -18.95 -3.04
C THR D 239 29.54 -18.12 -2.33
N ASN D 240 28.55 -17.46 -3.05
CA ASN D 240 27.46 -16.64 -2.53
C ASN D 240 26.64 -17.35 -1.51
N SER D 241 26.35 -18.66 -1.80
CA SER D 241 25.52 -19.35 -0.86
C SER D 241 26.12 -19.68 0.50
N ILE D 242 27.45 -19.76 0.49
CA ILE D 242 28.28 -20.06 1.59
C ILE D 242 28.30 -18.84 2.53
N ARG D 243 28.42 -17.62 2.01
CA ARG D 243 28.49 -16.41 2.82
C ARG D 243 27.21 -15.93 3.42
N PHE D 244 26.01 -16.35 2.90
CA PHE D 244 24.67 -16.17 3.59
C PHE D 244 23.97 -17.50 3.49
N PRO D 245 24.08 -18.48 4.47
CA PRO D 245 23.32 -19.73 4.37
C PRO D 245 21.82 -19.65 4.48
N SER D 246 21.05 -20.62 4.04
CA SER D 246 19.62 -20.56 4.28
C SER D 246 19.02 -22.01 4.30
N TYR D 247 19.98 -23.02 4.11
CA TYR D 247 19.54 -24.40 3.98
C TYR D 247 20.64 -25.28 4.64
N MET D 248 20.64 -26.56 4.31
CA MET D 248 21.59 -27.62 4.72
C MET D 248 22.30 -27.90 3.40
N TYR D 249 21.72 -27.42 2.26
CA TYR D 249 22.25 -27.57 0.95
C TYR D 249 22.87 -26.29 0.59
N SER D 250 23.44 -25.56 1.59
CA SER D 250 24.24 -24.33 1.47
C SER D 250 25.63 -24.65 1.77
N SER D 251 25.86 -25.90 2.33
CA SER D 251 27.19 -26.53 2.45
C SER D 251 27.66 -26.90 1.13
N MET D 252 28.91 -26.67 0.93
CA MET D 252 29.61 -26.96 -0.29
C MET D 252 29.59 -28.47 -0.47
N SER D 253 29.85 -29.31 0.55
CA SER D 253 29.99 -30.74 0.52
C SER D 253 28.64 -31.29 0.03
N SER D 254 27.49 -30.86 0.59
CA SER D 254 26.23 -31.40 0.15
C SER D 254 25.88 -31.00 -1.28
N ILE D 255 26.26 -29.79 -1.80
CA ILE D 255 26.04 -29.34 -3.13
C ILE D 255 26.78 -30.17 -4.18
N TYR D 256 28.10 -30.46 -3.95
CA TYR D 256 28.94 -31.29 -4.83
C TYR D 256 28.49 -32.72 -4.87
N SER D 257 28.11 -33.26 -3.69
CA SER D 257 27.63 -34.64 -3.50
C SER D 257 26.37 -34.87 -4.27
N THR D 258 25.43 -33.93 -4.21
CA THR D 258 24.26 -33.96 -4.96
C THR D 258 24.57 -33.78 -6.47
N LEU D 259 25.45 -32.84 -6.81
CA LEU D 259 25.61 -32.47 -8.20
C LEU D 259 26.32 -33.46 -9.06
N ILE D 260 27.35 -34.18 -8.55
CA ILE D 260 28.25 -35.13 -9.16
C ILE D 260 27.46 -36.42 -9.27
N PRO D 261 27.17 -37.07 -10.43
CA PRO D 261 26.41 -38.31 -10.41
C PRO D 261 27.32 -39.42 -10.09
N SER D 262 28.55 -39.36 -10.66
CA SER D 262 29.54 -40.40 -10.50
C SER D 262 30.83 -39.64 -10.74
N PRO D 263 31.99 -40.13 -10.28
CA PRO D 263 33.17 -39.30 -10.34
C PRO D 263 33.81 -39.80 -11.65
N GLU D 264 33.13 -40.55 -12.47
CA GLU D 264 33.67 -40.95 -13.71
C GLU D 264 33.16 -39.89 -14.69
N LEU D 265 31.82 -39.73 -14.68
CA LEU D 265 30.96 -38.83 -15.47
C LEU D 265 30.74 -37.66 -14.64
N HIS D 266 31.75 -36.81 -14.44
CA HIS D 266 31.74 -35.59 -13.59
C HIS D 266 32.11 -34.36 -14.29
N PHE D 267 31.94 -34.33 -15.62
CA PHE D 267 32.24 -33.13 -16.34
C PHE D 267 30.99 -32.23 -16.32
N LEU D 268 31.09 -30.98 -15.80
CA LEU D 268 30.09 -30.06 -15.57
C LEU D 268 30.23 -28.88 -16.59
N SER D 269 29.12 -28.22 -16.89
CA SER D 269 29.10 -27.06 -17.73
C SER D 269 28.50 -25.92 -16.91
N PRO D 270 29.00 -24.67 -16.92
CA PRO D 270 28.34 -23.56 -16.27
C PRO D 270 27.54 -22.62 -17.25
N SER D 271 26.61 -21.86 -16.72
CA SER D 271 26.03 -20.80 -17.49
C SER D 271 25.87 -19.65 -16.55
N PHE D 272 25.91 -18.43 -17.15
CA PHE D 272 25.76 -17.28 -16.31
C PHE D 272 25.11 -16.21 -17.05
N THR D 273 24.37 -15.45 -16.29
CA THR D 273 23.93 -14.11 -16.65
C THR D 273 23.81 -13.41 -15.41
N PRO D 274 24.17 -12.11 -15.29
CA PRO D 274 24.87 -11.33 -16.28
C PRO D 274 26.28 -11.73 -16.13
N PHE D 275 27.00 -11.52 -17.18
CA PHE D 275 28.33 -12.00 -17.42
C PHE D 275 29.45 -11.46 -16.47
N THR D 276 29.51 -10.14 -16.34
CA THR D 276 30.53 -9.50 -15.45
C THR D 276 29.88 -9.12 -14.16
N SER D 277 28.55 -9.29 -14.01
CA SER D 277 27.70 -8.89 -12.90
C SER D 277 27.37 -7.43 -13.00
N ASP D 278 26.81 -7.03 -14.18
CA ASP D 278 26.46 -5.74 -14.61
C ASP D 278 25.57 -5.04 -13.72
N TYR D 279 25.81 -3.68 -13.67
CA TYR D 279 24.95 -2.85 -12.86
C TYR D 279 24.05 -2.11 -13.82
N ILE D 280 22.75 -2.48 -13.82
CA ILE D 280 21.74 -2.07 -14.76
C ILE D 280 20.67 -1.40 -13.89
N HIS D 281 19.98 -0.33 -14.45
CA HIS D 281 19.01 0.43 -13.74
C HIS D 281 17.85 -0.49 -13.38
N ASP D 282 17.31 -0.18 -12.15
CA ASP D 282 16.38 -1.00 -11.39
C ASP D 282 15.00 -0.42 -11.55
N ASP D 283 14.80 0.61 -12.36
CA ASP D 283 13.45 1.16 -12.62
C ASP D 283 13.13 0.60 -13.98
N ILE D 284 13.67 1.11 -15.05
CA ILE D 284 13.36 0.74 -16.42
C ILE D 284 14.60 -0.13 -16.82
N ALA D 285 14.22 -1.23 -17.48
CA ALA D 285 15.11 -2.35 -17.85
C ALA D 285 15.27 -3.27 -16.66
N HIS D 286 14.26 -3.33 -15.68
CA HIS D 286 14.26 -4.36 -14.68
C HIS D 286 13.54 -5.49 -15.31
N LYS D 287 13.78 -6.74 -14.73
CA LYS D 287 13.29 -7.91 -15.41
C LYS D 287 13.01 -8.79 -14.26
N GLY D 288 12.17 -9.78 -14.58
CA GLY D 288 11.84 -10.76 -13.64
C GLY D 288 12.90 -11.86 -13.45
N HIS D 289 12.66 -12.80 -12.51
CA HIS D 289 13.36 -13.96 -12.12
C HIS D 289 13.39 -15.01 -13.22
N SER D 290 12.24 -15.14 -13.95
CA SER D 290 12.00 -16.10 -15.02
C SER D 290 12.97 -15.81 -16.16
N SER D 291 13.17 -14.52 -16.38
CA SER D 291 14.14 -14.12 -17.44
C SER D 291 15.55 -14.57 -17.19
N TYR D 292 16.08 -14.47 -15.97
CA TYR D 292 17.36 -14.96 -15.61
C TYR D 292 17.37 -16.52 -15.80
N ASP D 293 16.33 -17.25 -15.23
CA ASP D 293 16.33 -18.65 -15.18
C ASP D 293 16.25 -19.31 -16.60
N VAL D 294 15.47 -18.69 -17.48
CA VAL D 294 15.17 -19.05 -18.84
C VAL D 294 16.42 -19.03 -19.64
N MET D 295 17.21 -17.93 -19.37
CA MET D 295 18.47 -17.66 -20.14
C MET D 295 19.51 -18.69 -19.96
N LEU D 296 19.49 -19.26 -18.73
CA LEU D 296 20.52 -20.20 -18.33
C LEU D 296 20.53 -21.47 -19.22
N ASP D 297 19.37 -21.92 -19.78
CA ASP D 297 19.30 -23.07 -20.70
C ASP D 297 19.84 -22.78 -22.03
N LEU D 298 19.74 -21.56 -22.53
CA LEU D 298 20.14 -21.15 -23.84
C LEU D 298 21.65 -21.34 -23.95
N LEU D 299 22.07 -21.74 -25.17
CA LEU D 299 23.43 -22.10 -25.60
C LEU D 299 24.43 -20.91 -25.66
N ASP D 300 24.01 -19.75 -26.12
CA ASP D 300 24.86 -18.54 -26.29
C ASP D 300 25.24 -17.92 -24.99
N PRO D 301 24.41 -17.82 -23.93
CA PRO D 301 24.84 -17.51 -22.55
C PRO D 301 25.97 -18.39 -21.89
N SER D 302 25.88 -19.74 -22.23
CA SER D 302 26.78 -20.72 -21.68
C SER D 302 28.25 -20.51 -21.92
N ASN D 303 29.05 -20.94 -20.88
CA ASN D 303 30.52 -20.59 -20.81
C ASN D 303 31.30 -21.81 -20.97
N SER D 304 30.67 -22.94 -21.52
CA SER D 304 31.35 -24.04 -22.02
C SER D 304 30.49 -24.48 -23.27
N LEU D 305 31.10 -25.27 -24.19
CA LEU D 305 30.47 -25.52 -25.40
C LEU D 305 29.52 -26.67 -25.20
N VAL D 306 28.28 -26.44 -25.74
CA VAL D 306 27.08 -27.24 -25.68
C VAL D 306 26.83 -27.51 -27.10
N SER D 307 26.76 -26.44 -27.96
CA SER D 307 26.59 -26.44 -29.46
C SER D 307 25.35 -27.26 -29.79
N THR D 308 25.27 -27.83 -31.04
CA THR D 308 24.10 -28.48 -31.49
C THR D 308 24.42 -29.34 -32.65
N ALA D 309 23.51 -30.26 -32.97
CA ALA D 309 23.52 -31.19 -34.10
C ALA D 309 24.72 -32.15 -34.13
N MET D 310 24.92 -32.83 -32.95
CA MET D 310 25.92 -33.88 -32.88
C MET D 310 25.70 -34.67 -31.69
N ASN D 311 26.25 -35.91 -31.59
CA ASN D 311 26.04 -36.92 -30.53
C ASN D 311 24.62 -37.30 -30.20
N ASN D 312 24.11 -37.13 -28.95
CA ASN D 312 22.73 -37.40 -28.57
C ASN D 312 22.22 -35.98 -28.51
N PRO D 313 20.92 -35.83 -28.44
CA PRO D 313 20.30 -34.60 -27.99
C PRO D 313 20.76 -34.05 -26.55
N THR D 314 20.87 -32.73 -26.30
CA THR D 314 21.26 -32.24 -25.03
C THR D 314 20.28 -32.63 -23.95
N TYR D 315 20.88 -33.03 -22.73
CA TYR D 315 19.99 -33.52 -21.72
C TYR D 315 20.75 -33.26 -20.43
N PHE D 316 20.03 -32.90 -19.39
CA PHE D 316 20.53 -32.62 -18.08
C PHE D 316 20.51 -33.91 -17.32
N ASN D 317 21.67 -34.31 -16.70
CA ASN D 317 21.65 -35.42 -15.77
C ASN D 317 21.16 -34.96 -14.42
N VAL D 318 21.68 -33.75 -13.98
CA VAL D 318 21.21 -33.05 -12.80
C VAL D 318 21.58 -31.62 -13.02
N TYR D 319 20.77 -30.69 -12.37
CA TYR D 319 20.91 -29.25 -12.54
C TYR D 319 20.72 -28.58 -11.19
N ASN D 320 21.56 -27.51 -10.84
CA ASN D 320 21.56 -26.82 -9.57
C ASN D 320 21.50 -25.37 -10.01
N THR D 321 20.63 -24.56 -9.40
CA THR D 321 20.45 -23.17 -9.83
C THR D 321 20.80 -22.37 -8.59
N ILE D 322 21.73 -21.41 -8.80
CA ILE D 322 22.23 -20.61 -7.70
C ILE D 322 21.70 -19.26 -7.97
N ILE D 323 20.89 -18.71 -7.06
CA ILE D 323 20.16 -17.54 -7.27
C ILE D 323 20.76 -16.42 -6.49
N GLY D 324 20.94 -15.32 -7.19
CA GLY D 324 21.75 -14.23 -6.73
C GLY D 324 20.96 -12.98 -6.69
N ASN D 325 20.96 -12.37 -5.49
CA ASN D 325 20.24 -11.14 -5.25
C ASN D 325 18.79 -11.38 -4.90
N VAL D 326 18.34 -10.50 -4.02
CA VAL D 326 17.04 -10.53 -3.44
C VAL D 326 15.88 -10.79 -4.38
N GLU D 327 14.92 -11.55 -3.86
CA GLU D 327 13.75 -12.10 -4.58
C GLU D 327 13.19 -13.02 -3.54
N PRO D 328 11.91 -12.87 -3.11
CA PRO D 328 11.30 -13.72 -2.16
C PRO D 328 11.28 -15.15 -2.57
N ARG D 329 11.67 -16.11 -1.76
CA ARG D 329 11.89 -17.47 -2.01
C ARG D 329 10.74 -18.24 -2.43
N GLN D 330 9.51 -17.96 -1.85
CA GLN D 330 8.24 -18.67 -2.15
C GLN D 330 7.89 -18.43 -3.61
N ILE D 331 8.13 -17.18 -4.09
CA ILE D 331 7.89 -16.82 -5.44
C ILE D 331 8.84 -17.55 -6.41
N SER D 332 10.13 -17.65 -6.00
CA SER D 332 11.20 -18.33 -6.78
C SER D 332 10.98 -19.81 -6.90
N ARG D 333 10.50 -20.38 -5.84
CA ARG D 333 10.19 -21.76 -5.74
C ARG D 333 9.07 -22.13 -6.64
N ALA D 334 8.00 -21.32 -6.83
CA ALA D 334 6.91 -21.56 -7.69
C ALA D 334 7.35 -21.54 -9.11
N MET D 335 8.26 -20.61 -9.53
CA MET D 335 8.72 -20.57 -10.90
C MET D 335 9.53 -21.83 -11.25
N THR D 336 10.39 -22.30 -10.32
CA THR D 336 11.17 -23.50 -10.49
C THR D 336 10.31 -24.67 -10.61
N LYS D 337 9.18 -24.71 -9.85
CA LYS D 337 8.31 -25.88 -9.85
C LYS D 337 7.70 -26.13 -11.26
N LEU D 338 7.26 -25.05 -11.95
CA LEU D 338 6.66 -25.07 -13.26
C LEU D 338 7.70 -25.55 -14.27
N GLN D 339 9.02 -25.11 -14.17
CA GLN D 339 10.02 -25.54 -15.15
C GLN D 339 10.26 -27.06 -15.12
N GLN D 340 10.24 -27.69 -13.93
CA GLN D 340 10.36 -29.13 -13.85
C GLN D 340 9.19 -29.87 -14.42
N ARG D 341 7.90 -29.45 -14.08
CA ARG D 341 6.66 -30.11 -14.45
C ARG D 341 6.44 -30.03 -16.01
N ILE D 342 6.77 -28.89 -16.70
CA ILE D 342 6.69 -28.71 -18.20
C ILE D 342 7.71 -29.66 -18.86
N LYS D 343 8.84 -29.95 -18.12
CA LYS D 343 9.94 -30.76 -18.53
C LYS D 343 10.92 -30.10 -19.50
N PHE D 344 11.15 -28.76 -19.21
CA PHE D 344 12.02 -27.85 -19.91
C PHE D 344 13.41 -28.34 -19.71
N PRO D 345 13.97 -28.89 -18.60
CA PRO D 345 15.29 -29.54 -18.64
C PRO D 345 15.07 -31.01 -18.76
N SER D 346 15.33 -31.53 -20.02
CA SER D 346 15.05 -32.89 -20.47
C SER D 346 15.35 -33.90 -19.44
N TRP D 347 14.51 -34.99 -19.30
CA TRP D 347 14.73 -36.04 -18.31
C TRP D 347 14.64 -37.40 -19.00
N SER D 348 14.17 -38.44 -18.28
CA SER D 348 14.08 -39.83 -18.67
C SER D 348 12.81 -40.40 -18.14
N SER D 349 12.54 -41.72 -18.35
CA SER D 349 11.30 -42.34 -17.98
C SER D 349 11.38 -42.71 -16.48
N SER D 350 12.61 -43.10 -16.08
CA SER D 350 12.96 -43.56 -14.75
C SER D 350 13.03 -42.53 -13.76
N ALA D 351 13.71 -41.40 -14.04
CA ALA D 351 13.93 -40.39 -13.07
C ALA D 351 13.73 -39.10 -13.64
N MET D 352 13.03 -38.23 -12.89
CA MET D 352 12.66 -36.89 -13.39
C MET D 352 12.64 -35.86 -12.28
N HIS D 353 12.69 -34.53 -12.71
CA HIS D 353 12.70 -33.40 -11.87
C HIS D 353 14.06 -33.32 -11.16
N VAL D 354 15.16 -33.58 -11.78
CA VAL D 354 16.52 -33.64 -11.22
C VAL D 354 17.07 -32.26 -11.27
N ASN D 355 16.35 -31.20 -10.68
CA ASN D 355 16.60 -29.76 -10.63
C ASN D 355 16.34 -29.35 -9.21
N ILE D 356 17.34 -28.71 -8.59
CA ILE D 356 17.26 -28.20 -7.26
C ILE D 356 17.65 -26.77 -7.49
N GLY D 357 17.22 -25.91 -6.54
CA GLY D 357 17.63 -24.57 -6.51
C GLY D 357 17.97 -24.05 -5.12
N ARG D 358 19.03 -23.17 -4.99
CA ARG D 358 19.36 -22.53 -3.75
C ARG D 358 19.43 -21.09 -3.91
N ARG D 359 18.94 -20.30 -2.92
CA ARG D 359 18.94 -18.87 -3.01
C ARG D 359 19.74 -18.17 -1.94
N SER D 360 20.46 -17.08 -2.38
CA SER D 360 21.24 -16.29 -1.43
C SER D 360 21.15 -14.89 -1.97
N PRO D 361 21.26 -13.82 -1.07
CA PRO D 361 21.43 -12.46 -1.44
C PRO D 361 22.84 -12.23 -1.97
N TYR D 362 23.04 -11.67 -3.16
CA TYR D 362 24.35 -11.54 -3.82
C TYR D 362 24.91 -10.21 -3.57
N LEU D 363 26.18 -10.09 -3.28
CA LEU D 363 26.94 -8.88 -3.17
C LEU D 363 27.84 -8.89 -4.44
N PRO D 364 27.65 -8.04 -5.48
CA PRO D 364 28.40 -8.12 -6.67
C PRO D 364 29.61 -7.25 -6.54
N LEU D 365 30.60 -7.47 -7.44
CA LEU D 365 31.80 -6.69 -7.60
C LEU D 365 31.49 -5.25 -7.76
N GLN D 366 30.52 -5.03 -8.69
CA GLN D 366 29.90 -3.75 -9.08
C GLN D 366 28.93 -3.44 -7.94
N PRO D 367 28.48 -2.22 -7.75
CA PRO D 367 27.66 -1.70 -6.67
C PRO D 367 26.36 -2.52 -6.46
N ASN D 368 25.89 -2.69 -5.22
CA ASN D 368 24.67 -3.49 -4.89
C ASN D 368 23.50 -3.18 -5.73
N GLU D 369 22.77 -4.27 -6.10
CA GLU D 369 21.53 -4.13 -6.90
C GLU D 369 20.54 -5.14 -6.34
N ASN D 370 19.32 -4.94 -6.80
CA ASN D 370 18.20 -5.87 -6.51
C ASN D 370 17.69 -6.49 -7.74
N GLU D 371 18.40 -6.37 -8.95
CA GLU D 371 18.02 -7.09 -10.14
C GLU D 371 18.58 -8.48 -9.99
N VAL D 372 17.61 -9.40 -9.91
CA VAL D 372 17.89 -10.77 -9.83
C VAL D 372 18.62 -11.41 -10.97
N SER D 373 19.52 -12.31 -10.52
CA SER D 373 20.51 -12.96 -11.37
C SER D 373 20.57 -14.42 -11.00
N GLY D 374 21.31 -15.19 -11.84
CA GLY D 374 21.62 -16.51 -11.56
C GLY D 374 22.69 -17.00 -12.41
N MET D 375 23.20 -18.14 -11.93
CA MET D 375 24.25 -19.00 -12.40
C MET D 375 23.64 -20.35 -12.39
N MET D 376 24.09 -21.13 -13.36
CA MET D 376 23.65 -22.50 -13.49
C MET D 376 24.89 -23.32 -13.29
N LEU D 377 24.77 -24.41 -12.47
CA LEU D 377 25.76 -25.42 -12.50
C LEU D 377 25.02 -26.69 -12.91
N SER D 378 25.40 -27.37 -14.03
CA SER D 378 24.63 -28.56 -14.43
C SER D 378 25.70 -29.52 -14.94
N ASN D 379 25.38 -30.81 -14.83
CA ASN D 379 26.12 -31.95 -15.31
C ASN D 379 25.23 -32.34 -16.45
N MET D 380 25.71 -32.13 -17.66
CA MET D 380 25.03 -32.36 -18.93
C MET D 380 25.88 -33.17 -19.87
N SER D 381 25.26 -34.07 -20.66
CA SER D 381 25.89 -35.01 -21.52
C SER D 381 26.54 -34.35 -22.67
N THR D 382 26.15 -33.08 -22.98
CA THR D 382 26.59 -32.34 -24.15
C THR D 382 28.09 -32.07 -24.14
N VAL D 383 28.68 -32.09 -22.90
CA VAL D 383 30.14 -31.98 -22.77
C VAL D 383 30.98 -33.06 -23.54
N VAL D 384 30.37 -34.28 -23.81
CA VAL D 384 30.97 -35.36 -24.58
C VAL D 384 31.41 -34.98 -25.93
N ASN D 385 30.76 -33.99 -26.46
CA ASN D 385 31.03 -33.53 -27.84
C ASN D 385 32.41 -33.04 -28.09
N VAL D 386 32.99 -32.36 -27.04
CA VAL D 386 34.37 -31.88 -26.92
C VAL D 386 35.42 -33.01 -26.97
N PHE D 387 35.11 -34.17 -26.24
CA PHE D 387 35.92 -35.32 -26.20
C PHE D 387 36.02 -35.95 -27.52
N GLU D 388 34.96 -36.01 -28.41
CA GLU D 388 35.08 -36.52 -29.73
C GLU D 388 35.99 -35.72 -30.57
N ASN D 389 36.01 -34.34 -30.53
CA ASN D 389 36.91 -33.59 -31.38
C ASN D 389 38.40 -33.79 -31.03
N ALA D 390 38.67 -33.85 -29.74
CA ALA D 390 39.92 -34.03 -29.05
C ALA D 390 40.53 -35.40 -29.40
N CYS D 391 39.68 -36.41 -29.46
CA CYS D 391 39.94 -37.82 -29.83
C CYS D 391 40.40 -37.93 -31.22
N ASN D 392 39.71 -37.09 -32.10
CA ASN D 392 40.06 -37.03 -33.55
C ASN D 392 41.42 -36.54 -33.80
N THR D 393 41.72 -35.43 -33.07
CA THR D 393 43.04 -34.76 -33.14
C THR D 393 44.12 -35.62 -32.56
N PHE D 394 43.89 -36.41 -31.43
CA PHE D 394 44.80 -37.25 -30.75
C PHE D 394 45.19 -38.33 -31.69
N ASP D 395 44.14 -38.91 -32.35
CA ASP D 395 44.25 -40.02 -33.35
C ASP D 395 45.10 -39.54 -34.58
N LYS D 396 44.86 -38.34 -35.11
CA LYS D 396 45.69 -37.86 -36.20
C LYS D 396 47.15 -37.63 -35.84
N VAL D 397 47.43 -37.05 -34.71
CA VAL D 397 48.75 -36.77 -34.25
C VAL D 397 49.63 -37.97 -33.97
N PHE D 398 49.05 -39.02 -33.27
CA PHE D 398 49.80 -40.25 -32.99
C PHE D 398 49.96 -41.08 -34.22
N ALA D 399 49.00 -40.99 -35.20
CA ALA D 399 49.07 -41.61 -36.49
C ALA D 399 50.36 -41.16 -37.17
N LYS D 400 50.69 -39.86 -37.25
CA LYS D 400 51.98 -39.44 -37.77
C LYS D 400 53.15 -39.68 -36.83
N GLY D 401 52.90 -39.70 -35.48
CA GLY D 401 53.98 -40.11 -34.63
C GLY D 401 54.82 -38.92 -34.32
N ALA D 402 54.40 -37.70 -34.75
CA ALA D 402 55.18 -36.47 -34.56
C ALA D 402 54.74 -35.82 -33.28
N PHE D 403 55.63 -34.93 -32.69
CA PHE D 403 55.42 -34.01 -31.59
C PHE D 403 55.40 -34.83 -30.36
N LEU D 404 55.99 -36.08 -30.37
CA LEU D 404 56.19 -36.98 -29.19
C LEU D 404 57.45 -36.61 -28.37
N ASN D 405 58.38 -35.88 -29.04
CA ASN D 405 59.72 -35.57 -28.56
C ASN D 405 59.81 -34.86 -27.25
N ASN D 406 58.94 -33.79 -27.05
CA ASN D 406 59.03 -33.08 -25.73
C ASN D 406 58.46 -33.89 -24.52
N TYR D 407 57.51 -34.82 -24.80
CA TYR D 407 56.98 -35.91 -23.86
C TYR D 407 58.00 -36.89 -23.49
N ASN D 408 58.78 -37.28 -24.52
CA ASN D 408 59.81 -38.33 -24.39
C ASN D 408 60.89 -37.87 -23.32
N VAL D 409 61.16 -36.55 -23.16
CA VAL D 409 62.12 -36.03 -22.16
C VAL D 409 61.71 -36.44 -20.77
N GLY D 410 60.35 -36.50 -20.54
CA GLY D 410 59.79 -37.03 -19.31
C GLY D 410 59.87 -38.52 -19.23
N ASP D 411 60.35 -39.06 -18.13
CA ASP D 411 60.77 -40.47 -17.88
C ASP D 411 59.56 -41.40 -18.01
N LEU D 412 58.31 -40.99 -17.59
CA LEU D 412 57.07 -41.76 -17.62
C LEU D 412 56.71 -42.10 -19.03
N PHE D 413 56.97 -41.19 -20.00
CA PHE D 413 56.67 -41.29 -21.41
C PHE D 413 57.82 -41.46 -22.30
N GLN D 414 58.91 -41.99 -21.72
CA GLN D 414 60.20 -42.17 -22.35
C GLN D 414 60.17 -43.14 -23.54
N SER D 415 59.42 -44.23 -23.39
CA SER D 415 59.29 -45.31 -24.36
C SER D 415 57.93 -45.88 -24.14
N MET D 416 57.20 -45.21 -23.19
CA MET D 416 55.96 -45.73 -22.75
C MET D 416 54.92 -44.74 -23.15
N GLN D 417 54.34 -44.96 -24.31
CA GLN D 417 53.29 -44.24 -24.89
C GLN D 417 51.98 -45.02 -24.97
N ASN D 418 52.00 -46.23 -24.34
CA ASN D 418 50.87 -47.15 -24.17
C ASN D 418 49.73 -46.70 -23.33
N VAL D 419 50.01 -46.02 -22.24
CA VAL D 419 49.18 -45.56 -21.17
C VAL D 419 48.21 -44.59 -21.81
N GLN D 420 48.63 -43.71 -22.76
CA GLN D 420 47.79 -42.72 -23.53
C GLN D 420 46.83 -43.37 -24.53
N ASP D 421 47.27 -44.36 -25.27
CA ASP D 421 46.42 -45.13 -26.11
C ASP D 421 45.37 -45.93 -25.43
N GLU D 422 45.77 -46.49 -24.24
CA GLU D 422 44.93 -47.25 -23.36
C GLU D 422 43.83 -46.34 -22.84
N PHE D 423 44.21 -45.14 -22.43
CA PHE D 423 43.39 -44.10 -21.83
C PHE D 423 42.41 -43.54 -22.92
N ALA D 424 42.80 -43.50 -24.24
CA ALA D 424 42.01 -43.11 -25.35
C ALA D 424 40.80 -44.04 -25.46
N GLU D 425 41.08 -45.42 -25.23
CA GLU D 425 40.00 -46.43 -25.31
C GLU D 425 39.08 -46.19 -24.17
N SER D 426 39.67 -45.95 -22.98
CA SER D 426 38.93 -45.79 -21.74
C SER D 426 38.07 -44.50 -21.74
N ARG D 427 38.48 -43.33 -22.26
CA ARG D 427 37.76 -42.08 -22.37
C ARG D 427 36.53 -42.23 -23.25
N GLU D 428 36.61 -43.03 -24.36
CA GLU D 428 35.57 -43.21 -25.32
C GLU D 428 34.41 -43.99 -24.63
N VAL D 429 34.74 -44.88 -23.70
CA VAL D 429 33.74 -45.59 -22.91
C VAL D 429 32.97 -44.60 -22.04
N VAL D 430 33.68 -43.58 -21.52
CA VAL D 430 33.03 -42.55 -20.72
C VAL D 430 32.06 -41.76 -21.56
N GLN D 431 32.33 -41.45 -22.87
CA GLN D 431 31.43 -40.78 -23.77
C GLN D 431 30.21 -41.57 -23.92
N SER D 432 30.40 -42.94 -24.09
CA SER D 432 29.30 -43.82 -24.28
C SER D 432 28.38 -43.96 -23.09
N LEU D 433 28.92 -44.01 -21.85
CA LEU D 433 28.20 -44.13 -20.65
C LEU D 433 27.27 -42.94 -20.38
N MET D 434 27.86 -41.72 -20.70
CA MET D 434 27.07 -40.51 -20.60
C MET D 434 25.86 -40.45 -21.52
N GLU D 435 26.03 -40.96 -22.74
CA GLU D 435 25.05 -41.02 -23.80
C GLU D 435 24.00 -42.02 -23.42
N ASP D 436 24.34 -43.16 -22.70
CA ASP D 436 23.36 -44.08 -22.27
C ASP D 436 22.33 -43.47 -21.23
N TYR D 437 22.75 -42.57 -20.35
CA TYR D 437 21.98 -41.83 -19.38
C TYR D 437 20.94 -40.88 -19.91
N VAL D 438 21.07 -40.40 -21.14
CA VAL D 438 20.06 -39.62 -21.84
C VAL D 438 18.80 -40.42 -22.10
N ALA D 439 19.00 -41.77 -22.29
CA ALA D 439 17.86 -42.69 -22.51
C ALA D 439 17.34 -43.05 -21.16
N ALA D 440 16.73 -44.28 -21.05
CA ALA D 440 16.19 -44.66 -19.81
C ALA D 440 16.99 -45.75 -19.15
N GLU D 441 18.25 -45.96 -19.55
CA GLU D 441 19.02 -46.92 -18.89
C GLU D 441 19.98 -46.05 -18.07
N GLN D 442 19.83 -46.16 -16.73
CA GLN D 442 20.54 -45.48 -15.75
C GLN D 442 20.43 -46.28 -14.52
N ASP D 443 19.93 -47.52 -14.73
CA ASP D 443 20.01 -48.55 -13.73
C ASP D 443 20.47 -49.81 -14.45
N SER D 444 20.83 -50.89 -13.67
CA SER D 444 21.25 -52.18 -14.12
C SER D 444 20.77 -53.20 -13.09
N TYR D 445 20.03 -52.70 -12.07
CA TYR D 445 19.47 -53.46 -10.93
C TYR D 445 18.02 -53.92 -11.16
N UNK E 1 -29.33 5.28 46.43
CA UNK E 1 -30.36 4.81 45.47
C UNK E 1 -31.64 5.65 45.29
N UNK E 2 -32.40 5.35 44.30
CA UNK E 2 -33.72 5.90 43.96
C UNK E 2 -34.75 5.63 44.96
N UNK E 3 -34.59 4.41 45.54
CA UNK E 3 -35.47 3.88 46.66
C UNK E 3 -35.65 4.67 47.94
N UNK E 4 -34.47 5.17 48.35
CA UNK E 4 -34.38 5.96 49.48
C UNK E 4 -35.12 7.26 49.30
N UNK E 5 -35.05 8.02 48.13
CA UNK E 5 -35.75 9.28 47.93
C UNK E 5 -37.27 9.13 47.93
N UNK E 6 -37.78 8.00 47.24
CA UNK E 6 -39.15 7.70 47.12
C UNK E 6 -39.79 7.38 48.49
N UNK E 7 -39.06 6.60 49.30
CA UNK E 7 -39.42 6.27 50.60
C UNK E 7 -39.47 7.51 51.54
N UNK E 8 -38.69 8.62 51.31
CA UNK E 8 -38.75 9.80 52.13
C UNK E 8 -40.07 10.36 52.11
N UNK E 9 -40.65 10.36 50.88
CA UNK E 9 -41.92 10.89 50.52
C UNK E 9 -43.06 10.12 51.26
N UNK E 10 -42.95 8.80 51.30
CA UNK E 10 -43.83 7.77 51.85
C UNK E 10 -43.89 8.03 53.39
N UNK E 11 -42.74 8.37 54.02
CA UNK E 11 -42.69 8.68 55.44
C UNK E 11 -43.54 9.87 55.78
N UNK E 12 -43.56 10.96 54.92
CA UNK E 12 -44.27 12.24 55.02
C UNK E 12 -45.78 11.90 54.90
N UNK E 13 -46.14 11.14 53.92
CA UNK E 13 -47.49 10.78 53.58
C UNK E 13 -48.10 9.95 54.66
N UNK E 14 -47.29 9.03 55.25
CA UNK E 14 -47.62 8.26 56.41
C UNK E 14 -47.89 9.08 57.61
N UNK E 15 -47.13 10.15 57.85
CA UNK E 15 -47.21 11.03 59.03
C UNK E 15 -48.62 11.68 59.05
N UNK E 16 -49.05 12.06 57.80
CA UNK E 16 -50.27 12.78 57.55
C UNK E 16 -51.44 11.96 58.04
N UNK E 17 -51.45 10.63 57.78
CA UNK E 17 -52.46 9.65 58.19
C UNK E 17 -52.40 9.53 59.70
N UNK E 18 -51.22 9.43 60.35
CA UNK E 18 -51.12 9.29 61.77
C UNK E 18 -51.67 10.48 62.53
N UNK E 19 -51.43 11.74 62.05
CA UNK E 19 -51.99 12.98 62.54
C UNK E 19 -53.49 13.07 62.41
N UNK E 20 -54.05 12.55 61.19
CA UNK E 20 -55.40 12.61 60.89
C UNK E 20 -56.12 11.76 61.88
N UNK E 21 -55.61 10.56 62.19
CA UNK E 21 -56.17 9.73 63.18
C UNK E 21 -56.17 10.21 64.64
N UNK E 22 -55.20 11.15 65.06
CA UNK E 22 -55.26 11.77 66.32
C UNK E 22 -56.52 12.63 66.42
N UNK E 23 -56.77 13.42 65.31
CA UNK E 23 -57.84 14.44 65.27
C UNK E 23 -59.19 13.73 65.42
N UNK E 24 -59.32 12.61 64.71
CA UNK E 24 -60.51 11.89 64.56
C UNK E 24 -61.11 11.38 65.84
N UNK E 25 -60.22 10.80 66.69
CA UNK E 25 -60.58 10.24 67.98
C UNK E 25 -61.11 11.43 68.85
N UNK E 26 -60.40 12.60 68.76
CA UNK E 26 -60.72 13.76 69.58
C UNK E 26 -62.14 14.29 69.34
N UNK E 27 -62.47 14.54 68.03
CA UNK E 27 -63.78 15.12 67.62
C UNK E 27 -64.96 14.19 67.84
N UNK E 28 -64.63 12.84 67.84
CA UNK E 28 -65.64 11.77 68.01
C UNK E 28 -66.27 11.83 69.39
N UNK E 29 -65.43 12.21 70.37
CA UNK E 29 -65.94 12.24 71.75
C UNK E 29 -67.03 13.27 72.05
N UNK E 30 -66.85 14.47 71.42
CA UNK E 30 -67.72 15.64 71.47
C UNK E 30 -69.10 15.32 70.95
N UNK E 31 -69.24 14.51 69.87
CA UNK E 31 -70.51 14.12 69.27
C UNK E 31 -71.26 13.19 70.19
N UNK E 32 -70.56 12.25 70.84
CA UNK E 32 -71.17 11.37 71.78
C UNK E 32 -71.69 12.06 72.99
N UNK E 33 -70.91 13.05 73.49
CA UNK E 33 -71.27 13.90 74.64
C UNK E 33 -72.47 14.70 74.33
N UNK E 34 -72.53 15.31 73.12
CA UNK E 34 -73.66 16.13 72.68
C UNK E 34 -74.92 15.26 72.53
N UNK E 35 -74.79 14.05 71.95
CA UNK E 35 -75.92 13.10 71.65
C UNK E 35 -76.63 12.60 72.85
N UNK E 36 -75.86 12.36 73.97
CA UNK E 36 -76.47 11.92 75.19
C UNK E 36 -77.29 13.02 75.78
N UNK E 37 -76.84 14.28 75.73
CA UNK E 37 -77.58 15.45 76.25
C UNK E 37 -78.86 15.63 75.47
N UNK E 38 -78.81 15.37 74.12
CA UNK E 38 -79.98 15.50 73.28
C UNK E 38 -81.05 14.52 73.59
N UNK E 39 -80.63 13.23 73.77
CA UNK E 39 -81.51 12.07 74.01
C UNK E 39 -82.30 12.26 75.32
N UNK E 40 -81.52 12.68 76.39
CA UNK E 40 -82.03 12.93 77.68
C UNK E 40 -82.93 14.09 77.67
N UNK E 41 -82.57 15.25 77.01
CA UNK E 41 -83.25 16.57 76.97
C UNK E 41 -84.60 16.41 76.23
N UNK E 42 -84.68 15.69 75.12
CA UNK E 42 -85.81 15.43 74.21
C UNK E 42 -86.97 14.79 74.96
N UNK E 43 -86.62 13.84 75.89
CA UNK E 43 -87.56 13.08 76.74
C UNK E 43 -88.30 14.02 77.62
N UNK E 44 -87.55 14.96 78.29
CA UNK E 44 -88.04 15.92 79.22
C UNK E 44 -88.69 17.02 78.37
N UNK F 1 -46.46 -12.64 41.41
CA UNK F 1 -45.10 -11.96 41.33
C UNK F 1 -44.60 -11.17 42.52
N UNK F 2 -43.26 -10.95 42.62
CA UNK F 2 -42.59 -10.29 43.69
C UNK F 2 -43.01 -8.83 43.79
N UNK F 3 -43.15 -8.24 42.57
CA UNK F 3 -43.42 -6.88 42.29
C UNK F 3 -44.76 -6.38 42.81
N UNK F 4 -45.73 -7.31 42.64
CA UNK F 4 -47.14 -7.15 42.95
C UNK F 4 -47.19 -6.98 44.46
N UNK F 5 -46.47 -7.84 45.28
CA UNK F 5 -46.47 -7.72 46.74
C UNK F 5 -45.85 -6.42 47.23
N UNK F 6 -44.73 -6.00 46.56
CA UNK F 6 -44.06 -4.81 47.01
C UNK F 6 -44.89 -3.62 46.81
N UNK F 7 -45.56 -3.53 45.64
CA UNK F 7 -46.36 -2.47 45.24
C UNK F 7 -47.60 -2.43 46.16
N UNK F 8 -48.08 -3.58 46.58
CA UNK F 8 -49.32 -3.89 47.29
C UNK F 8 -49.32 -3.18 48.62
N UNK F 9 -48.20 -3.11 49.33
CA UNK F 9 -48.07 -2.52 50.68
C UNK F 9 -48.38 -1.06 50.64
N UNK F 10 -47.84 -0.35 49.54
CA UNK F 10 -47.94 1.05 49.28
C UNK F 10 -49.48 1.21 49.16
N UNK F 11 -50.23 0.36 48.46
CA UNK F 11 -51.59 0.41 48.16
C UNK F 11 -52.50 0.33 49.36
N UNK F 12 -52.17 -0.50 50.36
CA UNK F 12 -52.83 -0.63 51.63
C UNK F 12 -52.82 0.67 52.45
N UNK F 13 -51.58 1.33 52.44
CA UNK F 13 -51.37 2.60 53.15
C UNK F 13 -52.13 3.71 52.47
N UNK F 14 -52.07 3.75 51.12
CA UNK F 14 -52.71 4.78 50.33
C UNK F 14 -54.25 4.83 50.49
N UNK F 15 -54.87 3.62 50.52
CA UNK F 15 -56.30 3.56 50.88
C UNK F 15 -56.75 4.03 52.21
N UNK F 16 -56.02 3.61 53.26
CA UNK F 16 -56.35 3.88 54.60
C UNK F 16 -56.30 5.34 54.87
N UNK F 17 -55.33 6.06 54.26
CA UNK F 17 -55.09 7.47 54.34
C UNK F 17 -56.17 8.29 53.86
N UNK F 18 -56.85 7.99 52.67
CA UNK F 18 -58.03 8.73 52.05
C UNK F 18 -59.29 8.68 52.92
N UNK F 19 -59.54 7.45 53.38
CA UNK F 19 -60.65 7.22 54.28
C UNK F 19 -60.54 7.90 55.58
N UNK F 20 -59.29 7.94 56.22
CA UNK F 20 -59.00 8.58 57.50
C UNK F 20 -59.31 10.07 57.45
N UNK F 21 -59.08 10.72 56.27
CA UNK F 21 -59.41 12.12 56.13
C UNK F 21 -60.92 12.30 56.01
N UNK F 22 -61.55 11.44 55.19
CA UNK F 22 -63.01 11.50 54.86
C UNK F 22 -63.92 11.27 56.06
N UNK F 23 -63.67 10.24 56.91
CA UNK F 23 -64.39 10.05 58.16
C UNK F 23 -64.18 11.06 59.20
N UNK F 24 -62.98 11.64 59.34
CA UNK F 24 -62.72 12.77 60.22
C UNK F 24 -63.40 14.11 59.89
N UNK F 25 -63.55 14.44 58.53
CA UNK F 25 -64.30 15.62 58.06
C UNK F 25 -65.74 15.57 58.23
N UNK F 26 -66.31 14.34 58.20
CA UNK F 26 -67.70 14.15 58.65
C UNK F 26 -67.97 14.55 60.09
N UNK F 27 -67.00 14.33 61.00
CA UNK F 27 -67.00 14.71 62.37
C UNK F 27 -67.05 16.18 62.58
N UNK F 28 -66.27 16.95 61.71
CA UNK F 28 -66.30 18.36 61.68
C UNK F 28 -67.64 19.01 61.47
N UNK F 29 -68.30 18.39 60.38
CA UNK F 29 -69.63 18.81 59.98
C UNK F 29 -70.68 18.41 61.03
N UNK F 30 -70.66 17.18 61.60
CA UNK F 30 -71.61 16.57 62.54
C UNK F 30 -71.66 17.45 63.78
N UNK F 31 -70.48 17.97 64.22
CA UNK F 31 -70.43 18.75 65.43
C UNK F 31 -71.21 20.00 65.30
N UNK F 32 -71.24 20.63 64.15
CA UNK F 32 -72.04 21.81 63.79
C UNK F 32 -73.50 21.51 63.85
N UNK F 33 -73.93 20.33 63.30
CA UNK F 33 -75.32 19.99 63.20
C UNK F 33 -75.84 19.78 64.62
N UNK F 34 -75.10 19.08 65.46
CA UNK F 34 -75.44 18.85 66.85
C UNK F 34 -75.49 20.09 67.70
N UNK F 35 -74.65 21.12 67.50
CA UNK F 35 -74.74 22.36 68.31
C UNK F 35 -76.03 23.03 68.02
N UNK F 36 -76.48 23.13 66.68
CA UNK F 36 -77.81 23.72 66.38
C UNK F 36 -78.98 22.93 66.83
N UNK F 37 -78.91 21.61 66.78
CA UNK F 37 -79.97 20.76 67.20
C UNK F 37 -80.29 21.01 68.66
N UNK F 38 -79.32 21.19 69.60
CA UNK F 38 -79.56 21.35 71.03
C UNK F 38 -80.31 22.59 71.24
N UNK F 39 -79.94 23.65 70.52
CA UNK F 39 -80.54 24.94 70.67
C UNK F 39 -82.05 24.97 70.46
N UNK F 40 -82.49 24.37 69.30
CA UNK F 40 -83.89 24.35 68.90
C UNK F 40 -84.80 23.57 69.87
N UNK F 41 -84.30 22.36 70.34
CA UNK F 41 -84.95 21.48 71.25
C UNK F 41 -85.13 22.20 72.56
N UNK F 42 -84.11 22.94 73.07
CA UNK F 42 -83.97 23.66 74.33
C UNK F 42 -84.98 24.80 74.37
N UNK F 43 -85.06 25.47 73.23
CA UNK F 43 -85.84 26.62 72.95
C UNK F 43 -87.36 26.53 72.99
N UNK F 44 -87.92 25.43 72.40
CA UNK F 44 -89.34 25.24 72.23
C UNK F 44 -89.83 24.23 73.37
N GLN A 55 -71.03 28.21 69.31
CA GLN A 55 -71.74 29.00 68.18
C GLN A 55 -70.90 30.08 67.56
N GLU A 56 -70.96 31.34 68.10
CA GLU A 56 -70.21 32.51 67.70
C GLU A 56 -68.77 32.21 68.00
N ALA A 57 -68.53 31.44 69.11
CA ALA A 57 -67.18 31.09 69.52
C ALA A 57 -66.53 30.29 68.40
N LEU A 58 -67.21 29.34 67.75
CA LEU A 58 -66.79 28.52 66.64
C LEU A 58 -66.55 29.37 65.42
N VAL A 59 -67.39 30.36 65.16
CA VAL A 59 -67.37 31.29 64.00
C VAL A 59 -66.09 32.12 63.97
N VAL A 60 -65.67 32.66 65.20
CA VAL A 60 -64.37 33.31 65.38
C VAL A 60 -63.19 32.43 65.18
N LYS A 61 -63.20 31.17 65.64
CA LYS A 61 -62.18 30.13 65.55
C LYS A 61 -61.93 29.73 64.15
N ASP A 62 -63.05 29.62 63.40
CA ASP A 62 -62.85 29.36 61.96
C ASP A 62 -62.14 30.50 61.31
N LEU A 63 -62.41 31.85 61.58
CA LEU A 63 -61.88 33.01 60.98
C LEU A 63 -60.37 33.09 61.24
N LEU A 64 -59.82 32.78 62.48
CA LEU A 64 -58.42 32.80 62.77
C LEU A 64 -57.66 31.80 61.96
N ASN A 65 -58.22 30.56 61.82
CA ASN A 65 -57.65 29.52 60.97
C ASN A 65 -57.59 29.95 59.52
N VAL A 66 -58.64 30.62 58.96
CA VAL A 66 -58.75 31.15 57.63
C VAL A 66 -57.74 32.21 57.36
N LEU A 67 -57.51 33.14 58.30
CA LEU A 67 -56.61 34.23 58.16
C LEU A 67 -55.10 33.98 57.94
N ILE A 68 -54.69 32.83 58.56
CA ILE A 68 -53.30 32.33 58.42
C ILE A 68 -53.00 31.93 56.99
N GLY A 69 -54.01 31.53 56.30
CA GLY A 69 -53.92 31.34 54.88
C GLY A 69 -53.55 29.94 54.57
N LEU A 70 -52.96 29.12 55.49
CA LEU A 70 -52.80 27.72 55.23
C LEU A 70 -53.69 27.09 56.24
N GLU A 71 -54.35 25.88 55.90
CA GLU A 71 -55.42 25.26 56.59
C GLU A 71 -54.92 24.42 57.80
N GLY A 72 -55.80 24.25 58.82
CA GLY A 72 -55.62 23.63 60.15
C GLY A 72 -55.60 22.15 60.12
N THR A 73 -56.07 21.43 61.18
CA THR A 73 -56.01 20.00 61.35
C THR A 73 -57.51 19.52 61.19
N TYR A 74 -58.51 20.36 61.68
CA TYR A 74 -59.91 20.01 61.59
C TYR A 74 -60.53 20.51 60.26
N ILE A 75 -59.66 21.23 59.50
CA ILE A 75 -59.82 21.76 58.18
C ILE A 75 -59.03 20.87 57.47
N ARG A 76 -59.67 19.97 56.73
CA ARG A 76 -58.97 18.85 56.08
C ARG A 76 -58.58 19.14 54.70
N TYR A 77 -57.73 18.18 54.25
CA TYR A 77 -57.17 18.12 52.91
C TYR A 77 -57.70 16.80 52.33
N PHE A 78 -58.27 16.72 51.10
CA PHE A 78 -58.60 15.48 50.49
C PHE A 78 -57.79 15.46 49.22
N ASN A 79 -56.95 14.36 49.01
CA ASN A 79 -56.13 14.28 47.80
C ASN A 79 -56.99 14.20 46.55
N ASP A 80 -58.02 13.37 46.49
CA ASP A 80 -58.90 13.22 45.39
C ASP A 80 -60.14 14.05 45.70
N ILE A 90 -62.22 16.31 47.68
CA ILE A 90 -62.92 17.60 47.43
C ILE A 90 -61.78 18.59 47.13
N GLU A 91 -60.81 18.71 48.08
CA GLU A 91 -59.65 19.59 48.22
C GLU A 91 -59.63 19.99 49.67
N PHE A 92 -59.17 21.20 49.97
CA PHE A 92 -59.23 21.64 51.38
C PHE A 92 -60.67 21.90 51.69
N LYS A 93 -61.21 21.52 52.91
CA LYS A 93 -62.51 21.90 53.31
C LYS A 93 -62.61 22.30 54.74
N ILE A 94 -63.60 23.16 55.00
CA ILE A 94 -63.75 23.75 56.35
C ILE A 94 -65.14 23.56 56.91
N ALA A 95 -65.29 23.51 58.29
CA ALA A 95 -66.47 23.38 59.00
C ALA A 95 -67.41 24.49 58.69
N LYS A 96 -68.70 24.14 58.44
CA LYS A 96 -69.69 25.10 58.09
C LYS A 96 -70.43 25.56 59.35
N LYS A 97 -70.22 26.84 59.65
CA LYS A 97 -70.79 27.48 60.86
C LYS A 97 -70.99 28.87 60.43
N MET A 98 -69.85 29.57 60.04
CA MET A 98 -69.63 30.79 59.38
C MET A 98 -70.86 31.41 58.66
N ASP A 99 -71.06 32.75 58.90
CA ASP A 99 -72.07 33.61 58.22
C ASP A 99 -71.68 33.63 56.73
N PRO A 100 -72.62 33.76 55.77
CA PRO A 100 -72.33 33.69 54.35
C PRO A 100 -71.40 34.66 53.80
N SER A 101 -71.28 35.91 54.36
CA SER A 101 -70.32 36.89 53.96
C SER A 101 -68.82 36.46 54.00
N PHE A 102 -68.47 35.83 55.19
CA PHE A 102 -67.17 35.25 55.55
C PHE A 102 -66.84 34.21 54.61
N LYS A 103 -67.87 33.30 54.53
CA LYS A 103 -67.79 32.04 53.96
C LYS A 103 -67.47 31.93 52.49
N THR A 104 -68.06 32.80 51.67
CA THR A 104 -67.81 32.87 50.23
C THR A 104 -66.34 33.21 49.93
N PHE A 105 -65.75 34.23 50.61
CA PHE A 105 -64.33 34.59 50.43
C PHE A 105 -63.31 33.57 50.93
N SER A 106 -63.67 32.81 52.00
CA SER A 106 -63.00 31.68 52.62
C SER A 106 -62.80 30.56 51.67
N ARG A 107 -63.79 30.38 50.78
CA ARG A 107 -63.75 29.40 49.71
C ARG A 107 -62.67 29.80 48.71
N ARG A 108 -62.51 31.06 48.35
CA ARG A 108 -61.42 31.46 47.51
C ARG A 108 -60.06 31.15 48.17
N ILE A 109 -59.91 31.39 49.51
CA ILE A 109 -58.67 31.15 50.20
C ILE A 109 -58.21 29.72 50.11
N VAL A 110 -59.16 28.76 50.17
CA VAL A 110 -59.03 27.34 49.95
C VAL A 110 -58.41 26.98 48.55
N ARG A 111 -58.83 27.59 47.39
CA ARG A 111 -58.33 27.34 46.07
C ARG A 111 -56.91 27.67 45.91
N TYR A 112 -56.50 28.86 46.43
CA TYR A 112 -55.18 29.39 46.41
C TYR A 112 -54.19 28.51 47.10
N GLY A 113 -54.65 28.04 48.28
CA GLY A 113 -53.84 27.12 49.06
C GLY A 113 -53.70 25.78 48.36
N LYS A 114 -54.73 25.25 47.60
CA LYS A 114 -54.67 24.00 46.92
C LYS A 114 -53.59 24.05 45.85
N GLN A 115 -53.46 25.12 44.97
CA GLN A 115 -52.40 25.24 43.93
C GLN A 115 -51.00 25.23 44.52
N TYR A 116 -50.84 25.95 45.61
CA TYR A 116 -49.59 26.10 46.30
C TYR A 116 -49.08 24.73 46.74
N MET A 117 -49.94 23.86 47.29
CA MET A 117 -49.56 22.55 47.72
C MET A 117 -49.14 21.62 46.60
N ILE A 118 -49.87 21.66 45.51
CA ILE A 118 -49.61 20.76 44.37
C ILE A 118 -48.30 21.05 43.80
N LEU A 119 -48.02 22.36 43.66
CA LEU A 119 -46.71 22.82 43.14
C LEU A 119 -45.55 22.30 43.97
N THR A 120 -45.60 22.36 45.35
CA THR A 120 -44.51 21.81 46.10
C THR A 120 -44.27 20.30 45.87
N ARG A 121 -45.36 19.51 45.81
CA ARG A 121 -45.44 18.10 45.58
C ARG A 121 -44.84 17.72 44.26
N ALA A 122 -45.21 18.46 43.24
CA ALA A 122 -44.77 18.40 41.88
C ALA A 122 -43.32 18.69 41.62
N TYR A 123 -42.78 19.77 42.28
CA TYR A 123 -41.43 20.20 42.26
C TYR A 123 -40.46 19.18 42.82
N GLU A 124 -40.83 18.50 43.92
CA GLU A 124 -39.99 17.55 44.56
C GLU A 124 -39.58 16.43 43.69
N LYS A 125 -40.61 16.01 42.96
CA LYS A 125 -40.49 14.85 42.01
C LYS A 125 -39.50 15.22 40.93
N TRP A 126 -39.68 16.41 40.38
CA TRP A 126 -38.90 16.91 39.25
C TRP A 126 -37.47 17.33 39.48
N SER A 127 -37.21 17.78 40.67
CA SER A 127 -35.93 18.25 41.09
C SER A 127 -34.89 17.10 41.34
N ASP A 128 -35.44 15.86 41.56
CA ASP A 128 -34.75 14.61 41.63
C ASP A 128 -34.58 14.08 40.23
N THR A 129 -35.66 14.08 39.40
CA THR A 129 -35.72 13.42 38.13
C THR A 129 -36.69 14.13 37.23
N SER A 130 -36.08 14.61 36.14
CA SER A 130 -36.84 14.94 34.98
C SER A 130 -36.17 14.52 33.75
N PHE A 131 -37.04 14.08 32.79
CA PHE A 131 -36.70 13.82 31.41
C PHE A 131 -37.40 14.90 30.66
N GLY A 132 -36.55 15.95 30.36
CA GLY A 132 -36.90 17.22 29.78
C GLY A 132 -36.43 18.30 30.69
N MET A 133 -35.63 19.25 30.17
CA MET A 133 -35.04 20.38 30.90
C MET A 133 -36.04 21.33 31.45
N VAL A 134 -37.09 21.55 30.66
CA VAL A 134 -38.09 22.56 30.96
C VAL A 134 -38.95 22.39 32.26
N LEU A 135 -39.42 21.15 32.63
CA LEU A 135 -40.35 20.97 33.78
C LEU A 135 -39.69 21.43 35.05
N GLN A 136 -38.36 21.07 35.36
CA GLN A 136 -37.71 21.46 36.57
C GLN A 136 -37.51 22.92 36.60
N ARG A 137 -37.12 23.60 35.49
CA ARG A 137 -36.93 25.03 35.42
C ARG A 137 -38.19 25.88 35.65
N PHE A 138 -39.41 25.38 35.17
CA PHE A 138 -40.63 26.11 35.35
C PHE A 138 -40.90 26.16 36.86
N ALA A 139 -40.75 24.98 37.53
CA ALA A 139 -41.09 24.84 38.94
C ALA A 139 -40.23 25.71 39.91
N TYR A 140 -38.94 25.83 39.62
CA TYR A 140 -38.19 26.67 40.46
C TYR A 140 -38.49 28.20 40.38
N GLU A 141 -38.66 28.77 39.13
CA GLU A 141 -38.91 30.17 39.08
C GLU A 141 -40.26 30.57 39.61
N ILE A 142 -41.29 29.75 39.31
CA ILE A 142 -42.64 30.09 39.78
C ILE A 142 -42.77 30.06 41.26
N ARG A 143 -42.24 28.96 41.82
CA ARG A 143 -42.36 28.77 43.27
C ARG A 143 -41.59 29.80 44.04
N ARG A 144 -40.35 30.18 43.56
CA ARG A 144 -39.48 31.11 44.29
C ARG A 144 -40.05 32.46 44.45
N PHE A 145 -40.58 32.97 43.29
CA PHE A 145 -41.27 34.21 43.10
C PHE A 145 -42.59 34.25 43.91
N LEU A 146 -43.40 33.18 43.89
CA LEU A 146 -44.70 33.07 44.58
C LEU A 146 -44.65 33.12 46.03
N GLU A 147 -43.63 32.39 46.71
CA GLU A 147 -43.37 32.35 48.13
C GLU A 147 -43.01 33.70 48.64
N ASP A 148 -42.22 34.50 47.89
CA ASP A 148 -41.79 35.79 48.28
C ASP A 148 -42.97 36.69 48.40
N VAL A 149 -43.89 36.67 47.37
CA VAL A 149 -45.05 37.51 47.25
C VAL A 149 -45.92 37.23 48.39
N TYR A 150 -46.19 35.90 48.58
CA TYR A 150 -47.21 35.38 49.46
C TYR A 150 -46.97 35.73 50.90
N LEU A 151 -45.68 35.48 51.36
CA LEU A 151 -45.24 35.58 52.76
C LEU A 151 -45.36 37.05 53.19
N LYS A 152 -44.92 37.98 52.36
CA LYS A 152 -44.78 39.44 52.61
C LYS A 152 -46.16 40.03 52.83
N THR A 153 -47.07 39.71 51.93
CA THR A 153 -48.40 40.23 52.01
C THR A 153 -49.13 39.70 53.29
N LEU A 154 -49.02 38.35 53.49
CA LEU A 154 -49.77 37.60 54.45
C LEU A 154 -49.40 37.95 55.81
N VAL A 155 -48.06 38.02 56.17
CA VAL A 155 -47.57 38.22 57.52
C VAL A 155 -47.96 39.58 57.98
N GLU A 156 -47.82 40.60 57.08
CA GLU A 156 -48.07 41.98 57.52
C GLU A 156 -49.47 42.21 57.87
N ARG A 157 -50.39 41.67 57.00
CA ARG A 157 -51.81 41.77 57.09
C ARG A 157 -52.38 41.10 58.34
N LEU A 158 -51.92 39.89 58.66
CA LEU A 158 -52.31 39.11 59.85
C LEU A 158 -51.87 39.71 61.15
N GLU A 159 -50.57 40.29 61.20
CA GLU A 159 -50.08 40.91 62.41
C GLU A 159 -50.85 42.12 62.78
N ARG A 160 -51.22 42.95 61.80
CA ARG A 160 -51.95 44.14 61.88
C ARG A 160 -53.32 43.94 62.36
N ASP A 161 -53.97 42.82 61.91
CA ASP A 161 -55.29 42.31 62.32
C ASP A 161 -55.25 41.89 63.73
N PHE A 162 -54.17 41.13 64.25
CA PHE A 162 -54.05 40.67 65.65
C PHE A 162 -53.92 41.91 66.55
N ASN A 163 -53.14 42.92 66.22
CA ASN A 163 -52.89 44.11 67.00
C ASN A 163 -54.21 44.88 67.19
N LYS A 164 -54.93 45.02 66.10
CA LYS A 164 -56.10 45.82 65.91
C LYS A 164 -57.31 45.42 66.84
N VAL A 165 -57.68 44.15 66.81
CA VAL A 165 -58.56 43.49 67.75
C VAL A 165 -58.22 42.00 67.58
N PRO A 166 -58.51 40.98 68.41
CA PRO A 166 -58.08 39.59 68.25
C PRO A 166 -58.38 38.97 66.88
N ASN A 167 -59.55 39.42 66.26
CA ASN A 167 -60.07 38.75 65.03
C ASN A 167 -60.72 39.84 64.29
N PHE A 168 -60.60 39.85 62.95
CA PHE A 168 -61.00 41.01 62.18
C PHE A 168 -61.15 40.44 60.75
N SER A 169 -62.16 41.02 60.01
CA SER A 169 -62.71 40.74 58.70
C SER A 169 -61.77 40.12 57.70
N ILE A 170 -62.09 39.07 56.98
CA ILE A 170 -61.32 38.29 56.04
C ILE A 170 -60.88 39.12 54.84
N ARG A 171 -61.78 40.06 54.43
CA ARG A 171 -61.88 40.84 53.22
C ARG A 171 -60.61 41.65 52.98
N GLU A 172 -59.96 42.36 53.99
CA GLU A 172 -58.89 43.28 53.68
C GLU A 172 -57.67 42.47 53.16
N LEU A 173 -57.42 41.33 53.85
CA LEU A 173 -56.30 40.41 53.53
C LEU A 173 -56.48 39.82 52.16
N GLU A 174 -57.69 39.37 51.89
CA GLU A 174 -58.12 38.64 50.73
C GLU A 174 -57.92 39.56 49.51
N GLN A 175 -58.24 40.93 49.53
CA GLN A 175 -58.13 41.86 48.43
C GLN A 175 -56.76 42.07 47.95
N ILE A 176 -55.79 42.19 48.90
CA ILE A 176 -54.40 42.49 48.61
C ILE A 176 -53.73 41.33 47.89
N ILE A 177 -53.90 40.03 48.45
CA ILE A 177 -53.32 38.85 47.83
C ILE A 177 -53.85 38.64 46.39
N ASN A 178 -55.20 38.85 46.26
CA ASN A 178 -55.92 38.60 45.00
C ASN A 178 -55.42 39.47 43.87
N GLU A 179 -55.11 40.79 44.09
CA GLU A 179 -54.68 41.64 43.04
C GLU A 179 -53.35 41.18 42.51
N THR A 180 -52.36 40.89 43.41
CA THR A 180 -51.05 40.53 42.87
C THR A 180 -51.06 39.23 42.08
N GLU A 181 -51.71 38.17 42.70
CA GLU A 181 -51.63 36.77 42.25
C GLU A 181 -52.24 36.59 40.89
N VAL A 182 -53.45 37.11 40.63
CA VAL A 182 -54.28 36.58 39.56
C VAL A 182 -53.68 36.64 38.15
N ASN A 183 -53.16 37.83 37.66
CA ASN A 183 -52.82 37.97 36.22
C ASN A 183 -51.65 37.09 35.98
N LYS A 184 -50.62 37.20 36.81
CA LYS A 184 -49.36 36.55 36.50
C LYS A 184 -49.45 35.00 36.55
N GLN A 185 -49.97 34.55 37.66
CA GLN A 185 -49.88 33.11 38.00
C GLN A 185 -50.69 32.33 37.08
N MET A 186 -51.92 32.75 36.80
CA MET A 186 -52.94 31.82 36.29
C MET A 186 -52.66 31.22 34.95
N GLU A 187 -52.17 32.26 34.09
CA GLU A 187 -51.82 32.16 32.69
C GLU A 187 -50.60 31.20 32.60
N LEU A 188 -49.65 31.40 33.51
CA LEU A 188 -48.41 30.59 33.55
C LEU A 188 -48.70 29.16 33.92
N LEU A 189 -49.58 29.05 34.96
CA LEU A 189 -49.83 27.67 35.42
C LEU A 189 -50.59 26.84 34.45
N TYR A 190 -51.54 27.45 33.74
CA TYR A 190 -52.40 26.86 32.77
C TYR A 190 -51.58 26.33 31.68
N ASN A 191 -50.53 27.04 31.19
CA ASN A 191 -49.54 26.53 30.18
C ASN A 191 -48.79 25.37 30.72
N ILE A 192 -48.27 25.28 31.94
CA ILE A 192 -47.60 24.06 32.41
C ILE A 192 -48.42 22.78 32.54
N TYR A 193 -49.62 22.88 33.10
CA TYR A 193 -50.50 21.78 33.20
C TYR A 193 -50.94 21.23 31.83
N GLU A 194 -51.18 22.13 30.87
CA GLU A 194 -51.42 21.85 29.48
C GLU A 194 -50.32 21.22 28.81
N GLU A 195 -49.03 21.61 29.00
CA GLU A 195 -47.76 21.03 28.49
C GLU A 195 -47.51 19.62 29.07
N ILE A 196 -47.77 19.30 30.37
CA ILE A 196 -47.57 18.06 31.00
C ILE A 196 -48.50 17.04 30.37
N PHE A 197 -49.79 17.38 30.09
CA PHE A 197 -50.81 16.49 29.47
C PHE A 197 -50.37 16.13 28.05
N ARG A 198 -49.85 17.18 27.29
CA ARG A 198 -49.43 17.13 25.94
C ARG A 198 -48.26 16.24 25.81
N GLU A 199 -47.30 16.32 26.78
CA GLU A 199 -46.06 15.50 26.77
C GLU A 199 -46.39 13.98 26.89
N ILE A 200 -47.33 13.68 27.80
CA ILE A 200 -47.80 12.29 27.89
C ILE A 200 -48.48 11.78 26.61
N GLU A 201 -49.31 12.64 25.99
CA GLU A 201 -50.03 12.34 24.73
C GLU A 201 -49.08 12.12 23.54
N GLU A 202 -47.97 12.92 23.36
CA GLU A 202 -46.96 12.71 22.37
C GLU A 202 -46.17 11.45 22.57
N ARG A 203 -45.83 11.07 23.79
CA ARG A 203 -45.05 9.92 24.22
C ARG A 203 -45.72 8.60 23.87
N ARG A 204 -47.08 8.56 24.05
CA ARG A 204 -47.97 7.55 23.62
C ARG A 204 -48.03 7.52 22.14
N THR A 205 -48.07 8.64 21.44
CA THR A 205 -48.17 8.69 19.99
C THR A 205 -46.84 8.22 19.40
N LYS A 243 -37.71 14.65 24.10
CA LYS A 243 -39.14 15.18 24.46
C LYS A 243 -39.09 16.64 24.78
N GLY A 244 -37.94 17.14 25.26
CA GLY A 244 -37.70 18.42 25.85
C GLY A 244 -38.13 19.58 24.91
N GLY A 245 -37.55 19.47 23.67
CA GLY A 245 -37.57 20.44 22.65
C GLY A 245 -38.95 20.68 22.17
N ALA A 246 -39.78 19.61 22.10
CA ALA A 246 -41.16 19.72 21.67
C ALA A 246 -41.97 20.60 22.67
N ILE A 247 -41.65 20.47 23.99
CA ILE A 247 -42.23 21.33 25.06
C ILE A 247 -41.93 22.80 25.01
N LEU A 248 -40.66 23.18 24.63
CA LEU A 248 -40.22 24.56 24.37
C LEU A 248 -41.02 25.10 23.19
N LYS A 249 -41.31 24.33 22.09
CA LYS A 249 -42.09 24.93 20.95
C LYS A 249 -43.58 25.28 21.25
N ILE A 250 -44.29 24.35 21.98
CA ILE A 250 -45.67 24.53 22.38
C ILE A 250 -45.64 25.75 23.34
N PHE A 251 -44.69 25.93 24.26
CA PHE A 251 -44.69 27.08 25.30
C PHE A 251 -44.53 28.38 24.63
N GLN A 252 -43.69 28.49 23.58
CA GLN A 252 -43.44 29.68 22.81
C GLN A 252 -44.74 29.99 22.14
N GLN A 253 -45.43 28.93 21.65
CA GLN A 253 -46.56 29.09 20.84
C GLN A 253 -47.65 29.73 21.70
N LYS A 254 -47.68 29.31 23.02
CA LYS A 254 -48.65 29.85 23.99
C LYS A 254 -48.49 31.36 24.29
N ILE A 255 -47.25 31.89 24.36
CA ILE A 255 -46.97 33.32 24.52
C ILE A 255 -47.50 34.05 23.25
N LEU A 256 -47.23 33.49 22.02
CA LEU A 256 -47.72 34.13 20.77
C LEU A 256 -49.25 34.16 20.72
N GLU A 257 -49.88 33.11 21.26
CA GLU A 257 -51.32 33.06 21.29
C GLU A 257 -51.94 34.07 22.22
N ASN A 258 -51.24 34.33 23.37
CA ASN A 258 -51.70 35.36 24.39
C ASN A 258 -51.71 36.77 23.76
N LEU A 259 -50.79 37.06 22.78
CA LEU A 259 -50.72 38.21 22.00
C LEU A 259 -50.30 39.32 22.84
N GLY A 260 -51.25 39.94 23.54
CA GLY A 260 -51.05 41.20 24.27
C GLY A 260 -50.92 40.75 25.72
N ASP A 261 -51.36 41.62 26.74
CA ASP A 261 -51.51 41.34 28.14
C ASP A 261 -50.19 41.57 28.84
N ARG A 262 -49.93 42.86 29.22
CA ARG A 262 -48.63 43.30 29.66
C ARG A 262 -48.06 42.46 30.81
N SER A 263 -48.83 42.14 31.85
CA SER A 263 -48.37 41.44 33.10
C SER A 263 -47.97 40.04 32.76
N SER A 264 -48.84 39.29 32.07
CA SER A 264 -48.78 37.88 31.65
C SER A 264 -47.59 37.69 30.73
N VAL A 265 -47.45 38.57 29.76
CA VAL A 265 -46.37 38.57 28.84
C VAL A 265 -45.00 38.69 29.51
N MET A 266 -44.89 39.68 30.49
CA MET A 266 -43.69 39.90 31.21
C MET A 266 -43.28 38.72 32.00
N PHE A 267 -44.29 38.05 32.63
CA PHE A 267 -44.10 36.85 33.47
C PHE A 267 -43.47 35.77 32.55
N LEU A 268 -44.20 35.56 31.40
CA LEU A 268 -43.97 34.45 30.45
C LEU A 268 -42.54 34.63 29.80
N LYS A 269 -42.18 35.89 29.46
CA LYS A 269 -40.89 36.37 28.96
C LYS A 269 -39.70 36.14 29.95
N LYS A 270 -39.88 36.40 31.27
CA LYS A 270 -38.90 36.08 32.29
C LYS A 270 -38.77 34.60 32.37
N LEU A 271 -39.86 33.80 32.20
CA LEU A 271 -39.76 32.36 32.24
C LEU A 271 -38.99 31.80 31.05
N LEU A 272 -39.11 32.35 29.86
CA LEU A 272 -38.49 31.86 28.67
C LEU A 272 -36.93 31.98 28.69
N ASN A 273 -36.39 33.14 29.25
CA ASN A 273 -34.95 33.29 29.10
C ASN A 273 -34.24 32.18 29.81
N ASN A 274 -34.67 31.79 31.04
CA ASN A 274 -34.11 30.65 31.70
C ASN A 274 -34.28 29.35 31.02
N ILE A 275 -35.50 29.12 30.49
CA ILE A 275 -35.87 27.86 29.83
C ILE A 275 -35.15 27.54 28.55
N SER A 276 -35.01 28.65 27.77
CA SER A 276 -34.27 28.65 26.50
C SER A 276 -32.83 28.38 26.57
N GLN A 277 -32.18 28.66 27.73
CA GLN A 277 -30.69 28.54 27.98
C GLN A 277 -30.12 27.21 27.80
N ASP A 278 -30.77 26.12 28.22
CA ASP A 278 -30.24 24.79 28.19
C ASP A 278 -30.04 24.45 26.78
N TYR A 279 -31.07 24.84 26.02
CA TYR A 279 -31.13 24.66 24.60
C TYR A 279 -30.03 25.38 23.86
N CYS A 280 -29.88 26.69 24.26
CA CYS A 280 -28.98 27.57 23.62
C CYS A 280 -27.49 27.16 23.74
N THR A 281 -27.07 26.61 24.90
CA THR A 281 -25.76 26.05 25.13
C THR A 281 -25.55 24.77 24.31
N MET A 282 -26.55 23.81 24.22
CA MET A 282 -26.41 22.62 23.40
C MET A 282 -26.32 22.94 21.89
N LEU A 283 -27.15 23.94 21.49
CA LEU A 283 -27.23 24.41 20.08
C LEU A 283 -25.88 25.09 19.64
N TYR A 284 -25.23 25.90 20.60
CA TYR A 284 -23.96 26.56 20.38
C TYR A 284 -22.85 25.59 20.07
N GLU A 285 -22.81 24.60 20.86
CA GLU A 285 -21.79 23.55 20.75
C GLU A 285 -21.95 22.75 19.46
N TRP A 286 -23.17 22.47 19.01
CA TRP A 286 -23.42 21.67 17.78
C TRP A 286 -22.96 22.48 16.58
N LEU A 287 -23.52 23.71 16.42
CA LEU A 287 -23.19 24.45 15.26
C LEU A 287 -21.70 24.90 15.21
N THR A 288 -21.17 25.31 16.43
CA THR A 288 -19.83 25.83 16.48
C THR A 288 -18.77 24.86 16.60
N GLN A 289 -18.86 23.73 17.29
CA GLN A 289 -17.71 22.87 17.35
C GLN A 289 -18.06 21.41 17.20
N GLY A 290 -19.23 21.10 16.54
CA GLY A 290 -19.48 19.80 15.99
C GLY A 290 -20.00 18.78 16.97
N ILE A 291 -20.26 19.24 18.24
CA ILE A 291 -20.45 18.42 19.31
C ILE A 291 -21.84 18.62 19.72
N LEU A 292 -22.65 17.52 19.77
CA LEU A 292 -24.03 17.45 20.12
C LEU A 292 -24.24 16.15 20.89
N ASN A 293 -24.92 16.27 22.03
CA ASN A 293 -25.36 15.14 22.88
C ASN A 293 -26.56 15.52 23.55
N ASP A 294 -27.33 14.53 23.93
CA ASP A 294 -28.63 14.76 24.36
C ASP A 294 -28.96 13.62 25.24
N PRO A 295 -28.93 13.82 26.57
CA PRO A 295 -29.05 12.68 27.42
C PRO A 295 -30.51 12.37 27.66
N TYR A 296 -31.46 13.32 27.63
CA TYR A 296 -32.82 13.12 27.97
C TYR A 296 -33.70 13.47 26.72
N GLN A 297 -33.02 13.83 25.62
CA GLN A 297 -33.58 14.29 24.34
C GLN A 297 -34.04 15.73 24.51
N GLU A 298 -33.30 16.68 24.03
CA GLU A 298 -33.58 18.06 24.04
C GLU A 298 -33.57 18.63 22.57
N PHE A 299 -33.16 17.79 21.68
CA PHE A 299 -32.90 18.24 20.31
C PHE A 299 -33.40 17.10 19.43
N MET A 300 -33.90 17.57 18.22
CA MET A 300 -34.52 16.76 17.22
C MET A 300 -33.52 16.10 16.32
N THR A 301 -32.20 16.47 16.51
CA THR A 301 -31.18 15.82 15.74
C THR A 301 -30.51 14.79 16.66
N TYR A 302 -30.36 13.55 16.15
CA TYR A 302 -29.95 12.35 16.87
C TYR A 302 -28.83 11.63 16.11
N ASP A 303 -27.90 10.91 16.75
CA ASP A 303 -26.73 10.32 16.17
C ASP A 303 -27.28 9.02 15.46
N ASP A 304 -26.52 8.59 14.41
CA ASP A 304 -26.74 7.44 13.54
C ASP A 304 -27.91 7.88 12.59
N TRP A 320 -20.30 7.86 5.94
CA TRP A 320 -19.43 9.09 6.00
C TRP A 320 -18.46 9.02 7.16
N ASP A 321 -18.04 10.20 7.71
CA ASP A 321 -17.27 10.29 8.92
C ASP A 321 -18.21 10.11 10.02
N THR A 322 -19.27 10.95 10.00
CA THR A 322 -20.18 11.24 11.05
C THR A 322 -21.53 11.13 10.49
N GLN A 323 -22.46 10.46 11.15
CA GLN A 323 -23.78 10.52 10.62
C GLN A 323 -24.66 10.89 11.72
N TYR A 324 -25.58 11.85 11.36
CA TYR A 324 -26.54 12.39 12.25
C TYR A 324 -27.77 12.39 11.36
N PHE A 325 -28.97 12.28 12.00
CA PHE A 325 -30.16 12.18 11.23
C PHE A 325 -31.36 12.77 11.94
N ILE A 326 -32.54 12.96 11.21
CA ILE A 326 -33.63 13.62 11.86
C ILE A 326 -34.52 12.62 12.53
N ARG A 327 -34.88 12.93 13.82
CA ARG A 327 -35.78 12.13 14.66
C ARG A 327 -37.15 12.02 14.07
N LYS A 328 -37.67 10.77 14.04
CA LYS A 328 -38.95 10.56 13.51
C LYS A 328 -39.49 9.34 14.21
N ASP A 329 -38.72 8.77 15.14
CA ASP A 329 -39.02 7.56 15.82
C ASP A 329 -40.01 7.87 16.91
N VAL A 330 -39.71 8.94 17.69
CA VAL A 330 -40.53 9.42 18.79
C VAL A 330 -41.19 10.71 18.26
N LEU A 331 -40.81 11.12 17.02
CA LEU A 331 -41.29 12.25 16.20
C LEU A 331 -41.26 13.62 16.89
N LEU A 332 -40.09 14.13 17.24
CA LEU A 332 -39.85 15.47 17.84
C LEU A 332 -40.11 16.54 16.84
N ARG A 333 -40.82 17.66 17.19
CA ARG A 333 -41.00 18.72 16.20
C ARG A 333 -40.62 19.87 17.05
N ASP A 334 -39.46 20.46 16.79
CA ASP A 334 -38.89 21.56 17.58
C ASP A 334 -39.09 22.77 16.67
N CYS A 335 -39.19 22.43 15.36
CA CYS A 335 -39.62 23.36 14.40
C CYS A 335 -40.66 22.62 13.57
N ASP A 336 -41.49 23.38 12.84
CA ASP A 336 -42.57 22.86 12.04
C ASP A 336 -42.38 23.16 10.52
N SER A 337 -43.28 22.47 9.73
CA SER A 337 -43.39 22.61 8.31
C SER A 337 -42.10 22.34 7.50
N GLU A 338 -41.97 22.98 6.30
CA GLU A 338 -40.84 23.10 5.42
C GLU A 338 -39.72 23.81 6.15
N GLU A 339 -40.06 24.75 7.05
CA GLU A 339 -39.12 25.64 7.71
C GLU A 339 -38.04 24.90 8.49
N ASP A 340 -38.42 23.81 9.22
CA ASP A 340 -37.55 22.97 9.90
C ASP A 340 -36.53 22.37 9.03
N LYS A 341 -36.99 21.78 7.95
CA LYS A 341 -36.21 20.97 7.02
C LYS A 341 -35.13 21.68 6.28
N ASN A 342 -35.38 22.90 5.75
CA ASN A 342 -34.35 23.61 5.13
C ASN A 342 -33.27 23.99 6.12
N LEU A 343 -33.71 24.42 7.34
CA LEU A 343 -32.80 24.82 8.39
C LEU A 343 -32.00 23.68 8.81
N LEU A 344 -32.62 22.49 8.94
CA LEU A 344 -32.02 21.26 9.39
C LEU A 344 -30.97 20.77 8.43
N PHE A 345 -31.13 20.91 7.10
CA PHE A 345 -30.02 20.46 6.24
C PHE A 345 -28.69 21.31 6.41
N LYS A 346 -28.90 22.60 6.50
CA LYS A 346 -27.84 23.49 6.64
C LYS A 346 -27.09 23.33 7.87
N MET A 347 -27.89 23.11 8.96
CA MET A 347 -27.45 22.82 10.35
C MET A 347 -26.76 21.55 10.53
N LEU A 348 -27.24 20.49 9.89
CA LEU A 348 -26.69 19.16 9.90
C LEU A 348 -25.39 19.03 9.21
N ARG A 349 -25.33 19.71 8.02
CA ARG A 349 -24.03 19.69 7.19
C ARG A 349 -22.90 20.35 7.90
N THR A 350 -23.11 21.60 8.57
CA THR A 350 -22.16 22.41 9.37
C THR A 350 -21.75 21.66 10.58
N GLY A 351 -22.57 20.99 11.27
CA GLY A 351 -22.18 20.28 12.47
C GLY A 351 -21.20 19.15 12.12
N ILE A 352 -21.47 18.46 10.98
CA ILE A 352 -20.59 17.42 10.44
C ILE A 352 -19.27 17.97 10.01
N LEU A 353 -19.19 19.13 9.37
CA LEU A 353 -17.95 19.67 8.88
C LEU A 353 -16.97 20.03 10.01
N LEU A 354 -17.53 20.63 11.13
CA LEU A 354 -16.92 21.03 12.37
C LEU A 354 -16.41 19.83 13.21
N LYS A 355 -17.25 18.70 13.16
CA LYS A 355 -16.80 17.51 13.77
C LYS A 355 -15.62 16.88 13.16
N VAL A 356 -15.42 16.87 11.82
CA VAL A 356 -14.16 16.36 11.20
C VAL A 356 -13.00 17.22 11.56
N VAL A 357 -13.24 18.59 11.67
CA VAL A 357 -12.19 19.58 11.99
C VAL A 357 -11.64 19.33 13.37
N ARG A 358 -12.50 18.99 14.37
CA ARG A 358 -12.05 18.71 15.76
C ARG A 358 -11.20 17.46 15.74
N ALA A 359 -11.57 16.48 14.91
CA ALA A 359 -11.02 15.22 14.78
C ALA A 359 -9.58 15.21 14.31
N SER A 360 -9.31 16.19 13.42
CA SER A 360 -8.05 16.37 12.81
C SER A 360 -7.33 17.32 13.69
N LEU A 361 -6.35 16.73 14.39
CA LEU A 361 -5.68 17.23 15.61
C LEU A 361 -4.41 16.45 15.72
N GLN A 362 -4.14 15.44 14.83
CA GLN A 362 -3.07 14.46 14.92
C GLN A 362 -2.79 13.94 13.55
N ILE A 363 -3.57 14.38 12.50
CA ILE A 363 -3.33 13.97 11.14
C ILE A 363 -3.03 15.34 10.55
N PRO A 364 -1.99 15.47 9.77
CA PRO A 364 -1.33 16.83 9.49
C PRO A 364 -2.33 17.71 8.79
N THR A 365 -2.42 18.90 9.39
CA THR A 365 -3.44 19.88 9.12
C THR A 365 -2.96 21.19 9.67
N ILE A 366 -3.68 22.33 9.39
CA ILE A 366 -3.45 23.68 9.97
C ILE A 366 -4.77 24.01 10.67
N PRO A 367 -5.97 24.31 10.12
CA PRO A 367 -6.98 24.91 10.90
C PRO A 367 -7.75 23.90 11.70
N SER A 368 -7.93 24.32 12.99
CA SER A 368 -8.61 23.56 13.98
C SER A 368 -9.16 24.56 14.99
N ASN A 369 -9.56 25.74 14.46
CA ASN A 369 -10.16 26.75 15.21
C ASN A 369 -11.51 27.23 14.73
N SER A 370 -12.23 27.94 15.65
CA SER A 370 -13.63 28.37 15.43
C SER A 370 -13.66 29.86 15.68
N SER A 371 -14.48 30.60 14.94
CA SER A 371 -14.64 32.01 14.93
C SER A 371 -16.08 32.36 14.79
N ASP A 372 -17.03 31.45 15.07
CA ASP A 372 -18.44 31.62 15.06
C ASP A 372 -18.86 31.70 16.49
N ILE A 373 -17.92 31.58 17.53
CA ILE A 373 -18.24 31.64 18.94
C ILE A 373 -18.80 32.98 19.41
N THR A 374 -18.24 34.14 19.02
CA THR A 374 -18.78 35.43 19.43
C THR A 374 -20.21 35.67 18.85
N ILE A 375 -20.43 35.31 17.57
CA ILE A 375 -21.70 35.57 16.89
C ILE A 375 -22.81 34.73 17.59
N GLN A 376 -22.38 33.47 17.90
CA GLN A 376 -23.24 32.48 18.48
C GLN A 376 -23.70 32.95 19.85
N GLU A 377 -22.80 33.56 20.67
CA GLU A 377 -23.17 34.08 22.00
C GLU A 377 -24.13 35.17 21.88
N ILE A 378 -23.99 36.10 20.91
CA ILE A 378 -24.96 37.18 20.77
C ILE A 378 -26.31 36.70 20.41
N ASN A 379 -26.37 35.71 19.47
CA ASN A 379 -27.70 35.00 19.09
C ASN A 379 -28.29 34.29 20.26
N ASP A 380 -27.49 33.61 21.12
CA ASP A 380 -28.10 32.93 22.24
C ASP A 380 -28.72 33.84 23.25
N PHE A 381 -28.10 35.00 23.59
CA PHE A 381 -28.59 35.79 24.67
C PHE A 381 -29.92 36.39 24.43
N ALA A 382 -30.29 36.70 23.18
CA ALA A 382 -31.47 37.33 22.68
C ALA A 382 -32.83 36.68 23.13
N ASP A 383 -33.04 35.31 23.02
CA ASP A 383 -34.30 34.56 23.38
C ASP A 383 -35.60 35.12 22.70
N LEU A 384 -35.57 35.36 21.35
CA LEU A 384 -36.70 35.78 20.53
C LEU A 384 -37.41 34.57 20.03
N MET A 385 -38.70 34.71 19.63
CA MET A 385 -39.61 33.70 19.19
C MET A 385 -39.72 33.78 17.70
N GLU A 386 -38.99 34.79 17.07
CA GLU A 386 -38.86 34.98 15.65
C GLU A 386 -37.68 34.15 15.26
N GLY A 387 -37.83 33.45 14.13
CA GLY A 387 -36.72 32.75 13.53
C GLY A 387 -36.04 33.52 12.44
N SER A 388 -36.25 34.83 12.32
CA SER A 388 -35.58 35.73 11.34
C SER A 388 -34.13 35.92 11.59
N ASN A 389 -33.78 36.06 12.84
CA ASN A 389 -32.38 36.22 13.22
C ASN A 389 -31.63 34.89 13.41
N LEU A 390 -32.44 33.75 13.49
CA LEU A 390 -32.03 32.39 13.60
C LEU A 390 -31.48 31.98 12.20
N GLU A 391 -32.14 32.34 11.05
CA GLU A 391 -31.79 31.85 9.71
C GLU A 391 -30.45 32.42 9.29
N LEU A 392 -30.18 33.73 9.65
CA LEU A 392 -29.01 34.48 9.40
C LEU A 392 -27.93 33.79 10.17
N TYR A 393 -28.26 33.33 11.46
CA TYR A 393 -27.13 32.66 12.29
C TYR A 393 -26.69 31.39 11.55
N VAL A 394 -27.68 30.64 11.04
CA VAL A 394 -27.42 29.35 10.41
C VAL A 394 -26.50 29.59 9.21
N ASP A 395 -26.78 30.53 8.32
CA ASP A 395 -26.00 30.89 7.11
C ASP A 395 -24.57 31.33 7.47
N LYS A 396 -24.49 32.15 8.60
CA LYS A 396 -23.16 32.66 9.04
C LYS A 396 -22.16 31.53 9.50
N CYS A 397 -22.67 30.56 10.30
CA CYS A 397 -21.84 29.43 10.72
C CYS A 397 -21.48 28.52 9.64
N TYR A 398 -22.46 28.34 8.75
CA TYR A 398 -22.28 27.45 7.65
C TYR A 398 -21.22 28.02 6.69
N SER A 399 -21.22 29.34 6.29
CA SER A 399 -20.34 29.81 5.24
C SER A 399 -18.93 29.59 5.69
N ARG A 400 -18.62 29.91 7.03
CA ARG A 400 -17.36 29.79 7.67
C ARG A 400 -16.96 28.35 7.69
N ALA A 401 -17.93 27.50 7.98
CA ALA A 401 -17.69 26.10 8.18
C ALA A 401 -17.17 25.44 6.88
N ASN A 402 -17.71 25.82 5.70
CA ASN A 402 -17.37 25.31 4.38
C ASN A 402 -15.93 25.79 4.13
N GLU A 403 -15.62 27.07 4.42
CA GLU A 403 -14.36 27.67 4.23
C GLU A 403 -13.25 27.02 5.05
N ILE A 404 -13.49 26.72 6.33
CA ILE A 404 -12.49 26.10 7.19
C ILE A 404 -12.15 24.75 6.66
N PHE A 405 -13.27 23.99 6.20
CA PHE A 405 -13.28 22.63 5.77
C PHE A 405 -12.47 22.46 4.46
N LEU A 406 -12.72 23.43 3.55
CA LEU A 406 -11.98 23.43 2.24
C LEU A 406 -10.49 23.59 2.42
N LYS A 407 -10.13 24.58 3.35
CA LYS A 407 -8.76 24.88 3.76
C LYS A 407 -8.06 23.66 4.34
N LEU A 408 -8.80 22.90 5.19
CA LEU A 408 -8.46 21.73 5.91
C LEU A 408 -8.02 20.61 4.98
N PHE A 409 -8.84 20.47 3.88
CA PHE A 409 -8.64 19.51 2.84
C PHE A 409 -7.35 19.87 2.04
N PHE A 410 -7.31 21.08 1.50
CA PHE A 410 -6.37 21.49 0.52
C PHE A 410 -5.02 21.49 1.18
N GLN A 411 -4.84 22.26 2.29
CA GLN A 411 -3.62 22.65 2.87
C GLN A 411 -3.12 21.50 3.60
N GLY A 412 -3.98 20.80 4.42
CA GLY A 412 -3.47 19.76 5.26
C GLY A 412 -3.16 18.57 4.47
N TYR A 413 -4.15 18.10 3.65
CA TYR A 413 -3.96 16.78 2.97
C TYR A 413 -3.45 16.89 1.52
N ASP A 414 -3.41 18.10 0.92
CA ASP A 414 -3.04 18.38 -0.46
C ASP A 414 -4.07 17.78 -1.33
N LEU A 415 -5.38 18.03 -1.04
CA LEU A 415 -6.56 17.47 -1.68
C LEU A 415 -6.54 17.74 -3.16
N ILE A 416 -6.19 18.88 -3.75
CA ILE A 416 -6.25 19.27 -5.14
C ILE A 416 -5.40 18.37 -5.94
N ASN A 417 -4.18 17.93 -5.34
CA ASN A 417 -3.39 16.99 -6.06
C ASN A 417 -4.20 15.65 -6.23
N VAL A 418 -4.84 15.19 -5.07
CA VAL A 418 -5.56 13.90 -5.14
C VAL A 418 -6.78 13.98 -6.06
N LEU A 419 -7.51 15.08 -6.21
CA LEU A 419 -8.59 15.25 -7.17
C LEU A 419 -8.23 15.11 -8.58
N LYS A 420 -7.06 15.68 -8.98
CA LYS A 420 -6.52 15.46 -10.31
C LYS A 420 -6.21 14.01 -10.53
N HIS A 421 -5.62 13.37 -9.47
CA HIS A 421 -5.30 11.95 -9.53
C HIS A 421 -6.57 11.15 -9.80
N LEU A 422 -7.68 11.47 -9.15
CA LEU A 422 -8.93 10.81 -9.21
C LEU A 422 -9.48 10.89 -10.66
N GLN A 423 -9.38 12.07 -11.30
CA GLN A 423 -9.79 12.38 -12.64
C GLN A 423 -8.96 11.59 -13.60
N GLN A 424 -7.62 11.44 -13.30
CA GLN A 424 -6.69 10.80 -14.19
C GLN A 424 -7.05 9.32 -14.47
N ILE A 425 -7.16 8.47 -13.43
CA ILE A 425 -7.49 7.06 -13.67
C ILE A 425 -8.92 6.71 -13.86
N PHE A 426 -9.72 7.14 -12.89
CA PHE A 426 -11.04 6.68 -12.67
C PHE A 426 -11.97 7.14 -13.74
N LEU A 427 -11.99 8.45 -14.14
CA LEU A 427 -12.81 8.94 -15.19
C LEU A 427 -12.06 8.61 -16.47
N GLY A 428 -10.73 8.57 -16.41
CA GLY A 428 -9.90 7.87 -17.28
C GLY A 428 -9.75 8.46 -18.69
N TYR A 429 -8.65 9.13 -18.94
CA TYR A 429 -8.20 9.57 -20.23
C TYR A 429 -6.84 10.25 -20.10
N GLN A 430 -6.24 10.33 -18.91
CA GLN A 430 -4.98 10.97 -18.85
C GLN A 430 -3.87 9.92 -18.72
N SER A 431 -4.28 8.65 -18.32
CA SER A 431 -3.38 7.60 -17.95
C SER A 431 -2.71 6.92 -19.03
N GLY A 432 -3.13 7.06 -20.28
CA GLY A 432 -2.44 6.72 -21.51
C GLY A 432 -1.51 5.52 -21.47
N HIS A 433 -0.23 5.70 -21.07
CA HIS A 433 0.92 4.80 -21.10
C HIS A 433 0.60 3.54 -20.23
N ASN A 434 -0.06 3.76 -19.03
CA ASN A 434 -0.48 2.70 -18.15
C ASN A 434 -1.47 1.76 -18.76
N VAL A 435 -2.47 2.32 -19.46
CA VAL A 435 -3.56 1.62 -20.13
C VAL A 435 -3.00 0.73 -21.23
N LEU A 436 -2.01 1.32 -21.94
CA LEU A 436 -1.35 0.73 -23.07
C LEU A 436 -0.62 -0.57 -22.71
N LYS A 437 0.19 -0.50 -21.58
CA LYS A 437 0.92 -1.58 -21.16
C LYS A 437 -0.12 -2.64 -20.59
N PHE A 438 -1.25 -2.15 -20.04
CA PHE A 438 -2.31 -2.99 -19.50
C PHE A 438 -2.92 -3.87 -20.58
N LEU A 439 -3.11 -3.18 -21.75
CA LEU A 439 -3.74 -3.81 -22.86
C LEU A 439 -2.96 -4.99 -23.38
N THR A 440 -1.61 -4.84 -23.41
CA THR A 440 -0.66 -5.88 -23.85
C THR A 440 -0.76 -7.02 -22.90
N LYS A 441 -0.76 -6.75 -21.58
CA LYS A 441 -0.72 -7.87 -20.65
C LYS A 441 -2.05 -8.67 -20.67
N ASN A 442 -3.23 -7.95 -20.70
CA ASN A 442 -4.54 -8.48 -20.51
C ASN A 442 -5.03 -9.24 -21.73
N MET A 443 -4.37 -8.91 -22.90
CA MET A 443 -5.01 -9.17 -24.18
C MET A 443 -5.55 -10.59 -24.35
N GLY A 444 -4.77 -11.61 -23.95
CA GLY A 444 -5.03 -12.95 -24.19
C GLY A 444 -6.35 -13.30 -23.48
N GLU A 445 -6.53 -12.77 -22.29
CA GLU A 445 -7.62 -13.05 -21.37
C GLU A 445 -8.92 -12.39 -21.90
N LEU A 446 -8.95 -11.17 -22.53
CA LEU A 446 -10.08 -10.50 -23.05
C LEU A 446 -10.57 -11.13 -24.34
N THR A 447 -9.67 -11.66 -25.17
CA THR A 447 -10.03 -12.33 -26.44
C THR A 447 -10.91 -13.54 -26.21
N LYS A 448 -10.70 -14.28 -25.10
CA LYS A 448 -11.43 -15.39 -24.69
C LYS A 448 -12.53 -14.94 -23.79
N HIS A 449 -13.59 -15.80 -23.76
CA HIS A 449 -14.69 -15.73 -22.90
C HIS A 449 -14.43 -15.79 -21.43
N TYR A 450 -15.29 -14.99 -20.69
CA TYR A 450 -15.35 -14.92 -19.20
C TYR A 450 -15.48 -16.33 -18.62
N ARG A 451 -14.63 -16.68 -17.65
CA ARG A 451 -14.61 -18.05 -17.12
C ARG A 451 -14.17 -18.03 -15.69
N ASN A 452 -14.31 -19.21 -14.95
CA ASN A 452 -13.92 -19.37 -13.58
C ASN A 452 -12.40 -19.12 -13.55
N ASP A 453 -11.63 -19.62 -14.58
CA ASP A 453 -10.22 -19.43 -14.61
C ASP A 453 -9.78 -18.08 -14.92
N ASN A 454 -10.66 -17.29 -15.68
CA ASN A 454 -10.34 -15.96 -16.20
C ASN A 454 -9.88 -15.03 -15.14
N ASN A 455 -10.67 -15.00 -13.96
CA ASN A 455 -10.50 -14.18 -12.82
C ASN A 455 -9.16 -14.37 -12.19
N ALA A 456 -8.70 -15.61 -12.12
CA ALA A 456 -7.41 -15.93 -11.56
C ALA A 456 -6.31 -15.42 -12.34
N ASN A 457 -6.35 -15.59 -13.73
CA ASN A 457 -5.25 -15.21 -14.57
C ASN A 457 -5.08 -13.70 -14.47
N TYR A 458 -6.21 -13.01 -14.51
CA TYR A 458 -6.39 -11.54 -14.47
C TYR A 458 -5.94 -10.97 -13.18
N ASP A 459 -6.23 -11.65 -12.02
CA ASP A 459 -5.83 -11.03 -10.76
C ASP A 459 -4.33 -10.98 -10.69
N LYS A 460 -3.66 -12.08 -11.20
CA LYS A 460 -2.22 -12.18 -11.22
C LYS A 460 -1.67 -11.07 -12.08
N LEU A 461 -2.28 -10.75 -13.25
CA LEU A 461 -1.89 -9.70 -14.21
C LEU A 461 -2.06 -8.33 -13.43
N LEU A 462 -3.10 -8.14 -12.62
CA LEU A 462 -3.34 -6.92 -11.87
C LEU A 462 -2.22 -6.65 -10.81
N GLN A 463 -1.81 -7.74 -10.12
CA GLN A 463 -0.82 -7.59 -9.07
C GLN A 463 0.46 -7.17 -9.64
N ASN A 464 0.81 -7.79 -10.78
CA ASN A 464 1.95 -7.40 -11.66
C ASN A 464 1.79 -6.04 -12.18
N PHE A 465 0.54 -5.63 -12.63
CA PHE A 465 0.37 -4.37 -13.30
C PHE A 465 0.57 -3.23 -12.26
N GLU A 466 0.12 -3.49 -10.92
CA GLU A 466 0.17 -2.66 -9.79
C GLU A 466 1.59 -2.27 -9.39
N LEU A 467 2.49 -3.31 -9.49
CA LEU A 467 3.92 -3.16 -9.35
C LEU A 467 4.49 -2.28 -10.48
N GLU A 468 4.12 -2.45 -11.81
CA GLU A 468 4.57 -1.74 -13.00
C GLU A 468 4.07 -0.29 -12.97
N ARG A 469 3.02 0.07 -12.17
CA ARG A 469 2.54 1.48 -11.97
C ARG A 469 3.39 1.80 -10.85
N GLN A 470 4.46 2.55 -11.16
CA GLN A 470 5.45 2.99 -10.17
C GLN A 470 4.95 4.22 -9.53
N SER A 471 5.30 4.43 -8.27
CA SER A 471 4.87 5.53 -7.46
C SER A 471 5.61 6.81 -7.76
N GLU A 472 4.81 7.73 -8.16
CA GLU A 472 5.27 9.10 -8.42
C GLU A 472 4.65 9.96 -7.38
N ASN A 473 4.08 9.30 -6.36
CA ASN A 473 3.28 10.03 -5.35
C ASN A 473 4.09 10.00 -4.12
N PRO A 474 3.84 10.89 -3.19
CA PRO A 474 4.40 10.81 -1.89
C PRO A 474 3.50 9.97 -0.94
N ASN A 475 2.22 9.72 -1.34
CA ASN A 475 1.21 9.18 -0.47
C ASN A 475 0.79 7.83 -1.00
N ASN A 476 1.37 7.37 -2.18
CA ASN A 476 1.16 6.10 -2.79
C ASN A 476 -0.27 5.84 -2.96
N LEU A 477 -0.91 6.84 -3.58
CA LEU A 477 -2.25 6.79 -4.08
C LEU A 477 -2.25 5.77 -5.17
N MET A 478 -1.23 5.74 -6.11
CA MET A 478 -1.36 4.95 -7.33
C MET A 478 -1.38 3.48 -7.01
N ARG A 479 -0.42 2.99 -6.15
CA ARG A 479 -0.40 1.57 -5.82
C ARG A 479 -1.58 1.16 -4.95
N GLN A 480 -1.77 1.86 -3.85
CA GLN A 480 -2.57 1.44 -2.80
C GLN A 480 -4.06 1.46 -3.00
N LEU A 481 -4.66 2.61 -3.56
CA LEU A 481 -6.17 2.70 -3.57
C LEU A 481 -6.84 1.90 -4.65
N LEU A 482 -6.06 1.76 -5.78
CA LEU A 482 -6.53 1.33 -7.05
C LEU A 482 -6.59 -0.12 -7.15
N MET A 483 -7.76 -0.56 -7.68
CA MET A 483 -8.04 -1.97 -8.04
C MET A 483 -8.82 -1.98 -9.31
N ILE A 484 -8.73 -3.18 -9.99
CA ILE A 484 -9.52 -3.60 -11.17
C ILE A 484 -10.55 -4.61 -10.62
N GLN A 485 -11.87 -4.54 -11.04
CA GLN A 485 -12.90 -5.38 -10.53
C GLN A 485 -13.31 -6.20 -11.72
N PHE A 486 -13.72 -7.40 -11.36
CA PHE A 486 -13.97 -8.42 -12.40
C PHE A 486 -15.39 -8.76 -12.10
N ASP A 487 -16.12 -8.88 -13.23
CA ASP A 487 -17.43 -9.46 -13.27
C ASP A 487 -17.41 -10.74 -14.03
N THR A 488 -16.15 -11.30 -14.14
CA THR A 488 -15.90 -12.49 -14.96
C THR A 488 -16.19 -13.69 -14.09
N GLU A 489 -17.04 -14.58 -14.75
CA GLU A 489 -17.72 -15.76 -14.26
C GLU A 489 -17.93 -16.76 -15.25
N THR A 490 -18.58 -17.87 -14.91
CA THR A 490 -18.79 -19.04 -15.77
C THR A 490 -19.64 -18.71 -17.01
N LYS A 554 -22.22 -12.05 -23.81
CA LYS A 554 -21.13 -11.20 -23.17
C LYS A 554 -19.92 -11.95 -22.92
N SER A 555 -18.83 -11.19 -22.64
CA SER A 555 -17.49 -11.72 -22.51
C SER A 555 -16.88 -10.86 -21.45
N ALA A 556 -15.57 -11.08 -21.25
CA ALA A 556 -14.65 -10.50 -20.36
C ALA A 556 -14.46 -9.02 -20.70
N ILE A 557 -14.46 -8.60 -22.00
CA ILE A 557 -14.25 -7.20 -22.38
C ILE A 557 -15.29 -6.32 -21.79
N TYR A 558 -16.56 -6.71 -21.76
CA TYR A 558 -17.79 -6.23 -21.17
C TYR A 558 -17.74 -6.29 -19.70
N HIS A 559 -17.27 -7.34 -19.01
CA HIS A 559 -17.35 -7.56 -17.58
C HIS A 559 -16.20 -6.92 -16.85
N LEU A 560 -15.51 -5.88 -17.33
CA LEU A 560 -14.39 -5.16 -16.71
C LEU A 560 -14.96 -3.94 -16.04
N LYS A 561 -14.40 -3.61 -14.84
CA LYS A 561 -14.89 -2.57 -13.99
C LYS A 561 -13.75 -2.12 -13.19
N PHE A 562 -13.92 -0.97 -12.57
CA PHE A 562 -12.94 -0.28 -11.78
C PHE A 562 -13.49 -0.09 -10.38
N ASP A 563 -12.56 -0.23 -9.35
CA ASP A 563 -12.96 -0.07 -7.90
C ASP A 563 -11.91 0.94 -7.29
N ILE A 564 -12.41 1.99 -6.52
CA ILE A 564 -11.62 2.98 -5.82
C ILE A 564 -11.96 2.71 -4.37
N ASN A 565 -10.89 2.64 -3.54
CA ASN A 565 -10.89 2.38 -2.06
C ASN A 565 -10.93 3.75 -1.43
N ILE A 566 -11.75 3.95 -0.42
CA ILE A 566 -11.89 5.24 0.26
C ILE A 566 -10.66 5.69 1.05
N PRO A 567 -10.10 6.87 0.76
CA PRO A 567 -9.09 7.53 1.62
C PRO A 567 -9.83 8.27 2.71
N TYR A 568 -9.21 8.36 3.91
CA TYR A 568 -9.75 9.07 5.07
C TYR A 568 -9.05 10.41 5.25
N PRO A 569 -9.73 11.50 5.57
CA PRO A 569 -11.12 11.61 5.80
C PRO A 569 -11.78 12.31 4.54
N LEU A 570 -11.43 11.96 3.24
CA LEU A 570 -11.98 12.64 2.07
C LEU A 570 -13.11 11.87 1.45
N ASN A 571 -13.45 10.77 2.18
CA ASN A 571 -14.52 9.83 1.95
C ASN A 571 -15.93 10.48 1.94
N ILE A 572 -16.12 11.62 2.66
CA ILE A 572 -17.44 12.34 2.64
C ILE A 572 -17.86 12.88 1.22
N ILE A 573 -16.82 13.31 0.44
CA ILE A 573 -17.00 13.71 -0.95
C ILE A 573 -17.58 12.64 -1.89
N ILE A 574 -17.11 11.40 -1.88
CA ILE A 574 -17.46 10.43 -2.88
C ILE A 574 -18.54 9.54 -2.24
N SER A 575 -19.41 8.98 -3.09
CA SER A 575 -20.60 8.22 -2.72
C SER A 575 -20.63 7.07 -3.65
N ARG A 576 -21.53 6.12 -3.41
CA ARG A 576 -21.70 4.79 -4.06
C ARG A 576 -22.00 4.97 -5.54
N THR A 577 -22.89 5.91 -5.85
CA THR A 577 -23.33 6.30 -7.19
C THR A 577 -22.31 6.88 -8.08
N CYS A 578 -21.44 7.70 -7.52
CA CYS A 578 -20.37 8.31 -8.26
C CYS A 578 -19.47 7.25 -8.79
N MET A 579 -19.17 6.22 -8.01
CA MET A 579 -18.29 5.18 -8.40
C MET A 579 -18.81 4.41 -9.55
N ILE A 580 -20.15 4.19 -9.52
CA ILE A 580 -20.76 3.47 -10.63
C ILE A 580 -20.66 4.24 -11.93
N LYS A 581 -20.87 5.62 -11.96
CA LYS A 581 -20.83 6.33 -13.20
C LYS A 581 -19.48 6.21 -13.93
N TYR A 582 -18.43 6.55 -13.13
CA TYR A 582 -16.96 6.51 -13.59
C TYR A 582 -16.47 5.13 -14.05
N GLN A 583 -16.86 4.03 -13.40
CA GLN A 583 -16.45 2.76 -13.83
C GLN A 583 -16.91 2.39 -15.19
N ILE A 584 -18.19 2.71 -15.54
CA ILE A 584 -18.76 2.47 -16.81
C ILE A 584 -18.07 3.32 -17.82
N ILE A 585 -17.68 4.62 -17.60
CA ILE A 585 -16.94 5.37 -18.64
C ILE A 585 -15.63 4.75 -18.95
N LEU A 586 -14.90 4.23 -17.92
CA LEU A 586 -13.57 3.68 -18.06
C LEU A 586 -13.65 2.52 -18.98
N ARG A 587 -14.66 1.71 -18.84
CA ARG A 587 -14.81 0.51 -19.67
C ARG A 587 -14.99 0.79 -21.16
N TYR A 588 -15.85 1.85 -21.45
CA TYR A 588 -16.18 2.38 -22.76
C TYR A 588 -14.89 3.01 -23.34
N GLN A 589 -14.21 3.71 -22.53
CA GLN A 589 -12.93 4.20 -22.99
C GLN A 589 -11.87 3.16 -23.29
N LEU A 590 -11.75 2.11 -22.45
CA LEU A 590 -10.74 1.02 -22.58
C LEU A 590 -11.02 0.25 -23.84
N VAL A 591 -12.38 0.01 -24.16
CA VAL A 591 -12.70 -0.67 -25.43
C VAL A 591 -12.34 0.08 -26.69
N LEU A 592 -12.46 1.37 -26.80
CA LEU A 592 -12.03 2.06 -28.01
C LEU A 592 -10.53 1.97 -28.28
N GLN A 593 -9.75 2.19 -27.16
CA GLN A 593 -8.24 2.13 -27.24
C GLN A 593 -7.74 0.74 -27.53
N TYR A 594 -8.40 -0.27 -26.94
CA TYR A 594 -8.05 -1.66 -27.03
C TYR A 594 -8.21 -2.05 -28.40
N HIS A 595 -9.37 -1.62 -28.97
CA HIS A 595 -9.66 -1.98 -30.33
C HIS A 595 -8.70 -1.32 -31.23
N SER A 596 -8.28 -0.02 -30.91
CA SER A 596 -7.33 0.69 -31.78
C SER A 596 -6.02 -0.06 -31.83
N ARG A 597 -5.53 -0.62 -30.70
CA ARG A 597 -4.34 -1.27 -30.57
C ARG A 597 -4.31 -2.50 -31.39
N LEU A 598 -5.34 -3.35 -31.51
CA LEU A 598 -5.47 -4.56 -32.30
C LEU A 598 -5.48 -4.24 -33.78
N LEU A 599 -6.14 -3.13 -34.23
CA LEU A 599 -6.22 -2.67 -35.59
C LEU A 599 -4.82 -2.26 -36.16
N ASP A 600 -4.13 -1.45 -35.28
CA ASP A 600 -2.80 -0.84 -35.66
C ASP A 600 -1.78 -1.97 -35.83
N GLU A 601 -1.83 -3.09 -35.01
CA GLU A 601 -0.96 -4.20 -35.18
C GLU A 601 -1.11 -4.99 -36.52
N THR A 602 -2.42 -5.22 -36.91
CA THR A 602 -2.80 -5.98 -38.10
C THR A 602 -2.32 -5.30 -39.46
N TRP A 603 -2.55 -3.95 -39.51
CA TRP A 603 -2.15 -3.06 -40.55
C TRP A 603 -0.62 -2.99 -40.58
N MET A 604 0.13 -2.97 -39.44
CA MET A 604 1.54 -2.92 -39.27
C MET A 604 2.22 -4.16 -39.93
N ASP A 605 1.64 -5.38 -39.80
CA ASP A 605 2.06 -6.66 -40.38
C ASP A 605 2.00 -6.62 -41.88
N LEU A 606 0.90 -5.98 -42.45
CA LEU A 606 0.70 -6.01 -43.91
C LEU A 606 1.71 -5.25 -44.66
N ASN A 607 2.31 -4.15 -44.12
CA ASN A 607 3.42 -3.48 -44.75
C ASN A 607 4.78 -4.31 -44.76
N LYS A 608 4.93 -5.33 -43.84
CA LYS A 608 6.04 -6.28 -43.70
C LYS A 608 6.14 -7.20 -44.87
N THR A 609 7.41 -7.73 -45.11
CA THR A 609 7.84 -8.54 -46.23
C THR A 609 7.07 -9.81 -46.53
N PRO A 610 6.79 -10.74 -45.65
CA PRO A 610 6.17 -11.99 -46.02
C PRO A 610 4.70 -11.86 -46.33
N SER A 611 3.97 -10.75 -45.86
CA SER A 611 2.56 -10.60 -46.00
C SER A 611 2.09 -9.99 -47.28
N TRP A 612 2.88 -10.11 -48.37
CA TRP A 612 2.60 -9.80 -49.81
C TRP A 612 2.47 -11.11 -50.60
N LYS A 613 2.86 -12.26 -49.93
CA LYS A 613 2.98 -13.52 -50.63
C LYS A 613 1.70 -14.27 -50.81
N TYR A 614 1.64 -15.24 -51.81
CA TYR A 614 0.42 -15.92 -52.27
C TYR A 614 -0.04 -16.94 -51.21
N ARG A 623 -0.59 -8.82 -55.66
CA ARG A 623 -1.88 -9.51 -55.57
C ARG A 623 -3.00 -8.53 -55.48
N ARG A 624 -4.27 -9.02 -55.84
CA ARG A 624 -5.45 -8.23 -55.64
C ARG A 624 -5.83 -8.01 -54.21
N ILE A 625 -5.54 -9.08 -53.38
CA ILE A 625 -5.94 -9.30 -52.04
C ILE A 625 -5.50 -8.21 -51.17
N VAL A 626 -4.24 -7.71 -51.36
CA VAL A 626 -3.66 -6.60 -50.62
C VAL A 626 -4.41 -5.34 -50.79
N ARG A 627 -4.76 -5.03 -52.05
CA ARG A 627 -5.39 -3.78 -52.31
C ARG A 627 -6.77 -3.66 -51.72
N ALA A 628 -7.53 -4.73 -51.74
CA ALA A 628 -8.85 -4.95 -51.19
C ALA A 628 -8.74 -4.81 -49.69
N THR A 629 -7.62 -5.42 -49.01
CA THR A 629 -7.40 -5.37 -47.58
C THR A 629 -7.20 -3.87 -47.21
N ARG A 630 -6.54 -3.04 -47.99
CA ARG A 630 -6.36 -1.66 -47.76
C ARG A 630 -7.63 -0.88 -47.71
N VAL A 631 -8.53 -1.15 -48.68
CA VAL A 631 -9.69 -0.32 -48.70
C VAL A 631 -10.55 -0.53 -47.40
N LEU A 632 -10.71 -1.86 -47.08
CA LEU A 632 -11.54 -2.33 -46.03
C LEU A 632 -10.93 -1.85 -44.73
N HIS A 633 -9.51 -1.92 -44.55
CA HIS A 633 -8.83 -1.63 -43.33
C HIS A 633 -9.10 -0.18 -42.98
N ALA A 634 -9.05 0.79 -44.01
CA ALA A 634 -9.30 2.19 -43.99
C ALA A 634 -10.72 2.43 -43.58
N LYS A 635 -11.77 1.71 -44.08
CA LYS A 635 -13.11 2.04 -43.59
C LYS A 635 -13.27 1.76 -42.06
N MET A 636 -12.79 0.59 -41.60
CA MET A 636 -12.88 0.05 -40.28
C MET A 636 -12.20 0.87 -39.23
N ASN A 637 -10.95 1.43 -39.53
CA ASN A 637 -10.36 2.28 -38.61
C ASN A 637 -11.10 3.59 -38.56
N HIS A 638 -11.68 4.08 -39.73
CA HIS A 638 -12.42 5.34 -39.82
C HIS A 638 -13.60 5.31 -38.89
N PHE A 639 -14.40 4.24 -38.90
CA PHE A 639 -15.60 4.17 -38.10
C PHE A 639 -15.29 4.29 -36.60
N ILE A 640 -14.33 3.51 -36.10
CA ILE A 640 -13.93 3.46 -34.72
C ILE A 640 -13.38 4.75 -34.19
N LYS A 641 -12.53 5.44 -34.95
CA LYS A 641 -11.92 6.72 -34.58
C LYS A 641 -12.98 7.79 -34.42
N THR A 642 -14.07 7.83 -35.31
CA THR A 642 -15.09 8.85 -35.14
C THR A 642 -15.90 8.77 -33.95
N ILE A 643 -16.28 7.53 -33.51
CA ILE A 643 -16.97 7.29 -32.25
C ILE A 643 -16.04 7.71 -31.13
N MET A 644 -14.72 7.27 -31.25
CA MET A 644 -13.75 7.58 -30.26
C MET A 644 -13.47 9.06 -30.03
N GLU A 645 -13.41 9.90 -31.10
CA GLU A 645 -13.27 11.34 -31.02
C GLU A 645 -14.40 12.03 -30.33
N TYR A 646 -15.69 11.75 -30.72
CA TYR A 646 -16.86 12.52 -30.26
C TYR A 646 -17.01 12.21 -28.75
N PHE A 647 -16.85 10.90 -28.42
CA PHE A 647 -16.86 10.47 -27.03
C PHE A 647 -15.76 11.09 -26.16
N ASN A 648 -14.51 11.16 -26.66
CA ASN A 648 -13.43 11.63 -25.81
C ASN A 648 -13.56 13.11 -25.51
N GLN A 649 -13.79 13.87 -26.58
CA GLN A 649 -13.86 15.34 -26.59
C GLN A 649 -15.10 15.74 -25.90
N ASN A 650 -16.37 15.25 -26.27
CA ASN A 650 -17.58 15.85 -25.71
C ASN A 650 -17.90 15.46 -24.32
N VAL A 651 -17.37 14.31 -23.82
CA VAL A 651 -17.76 13.71 -22.59
C VAL A 651 -16.61 13.97 -21.61
N ILE A 652 -15.51 13.10 -21.55
CA ILE A 652 -14.56 12.99 -20.48
C ILE A 652 -13.85 14.31 -20.40
N ASP A 653 -13.29 14.79 -21.50
CA ASP A 653 -12.48 15.97 -21.51
C ASP A 653 -13.23 17.19 -21.10
N LYS A 654 -14.44 17.29 -21.60
CA LYS A 654 -15.21 18.48 -21.23
C LYS A 654 -15.56 18.62 -19.82
N GLU A 655 -16.05 17.54 -19.26
CA GLU A 655 -16.41 17.60 -17.92
C GLU A 655 -15.21 17.76 -17.01
N VAL A 656 -14.01 17.07 -17.24
CA VAL A 656 -12.84 17.27 -16.38
C VAL A 656 -12.30 18.68 -16.43
N TYR A 657 -12.39 19.40 -17.63
CA TYR A 657 -11.89 20.74 -17.72
C TYR A 657 -12.58 21.65 -16.79
N SER A 658 -13.92 21.65 -16.70
CA SER A 658 -14.68 22.46 -15.71
C SER A 658 -14.45 22.02 -14.29
N LEU A 659 -14.33 20.69 -14.01
CA LEU A 659 -14.21 20.19 -12.66
C LEU A 659 -12.94 20.71 -11.98
N GLU A 660 -11.74 20.68 -12.69
CA GLU A 660 -10.49 21.15 -12.19
C GLU A 660 -10.45 22.67 -12.02
N LYS A 661 -11.06 23.54 -12.91
CA LYS A 661 -11.26 24.94 -12.64
C LYS A 661 -12.13 25.28 -11.49
N CYS A 662 -13.26 24.57 -11.42
CA CYS A 662 -14.35 24.76 -10.51
C CYS A 662 -14.01 24.51 -9.07
N TYR A 663 -13.20 23.48 -8.83
CA TYR A 663 -12.70 23.22 -7.48
C TYR A 663 -11.84 24.34 -6.97
N ARG A 664 -10.95 24.87 -7.85
CA ARG A 664 -9.89 25.81 -7.58
C ARG A 664 -10.46 27.22 -7.14
N ASN A 665 -11.46 27.71 -7.84
CA ASN A 665 -11.97 29.03 -7.69
C ASN A 665 -12.62 29.39 -6.41
N PRO A 666 -13.58 28.70 -5.78
CA PRO A 666 -14.16 29.04 -4.51
C PRO A 666 -13.32 28.39 -3.43
N THR A 667 -13.73 28.56 -2.16
CA THR A 667 -13.15 27.91 -0.99
C THR A 667 -14.25 27.42 -0.14
N LEU A 668 -15.36 26.94 -0.74
CA LEU A 668 -16.51 26.33 0.00
C LEU A 668 -16.47 24.84 -0.31
N ALA A 669 -16.88 24.09 0.72
CA ALA A 669 -17.03 22.68 0.79
C ALA A 669 -18.09 22.20 -0.21
N VAL A 670 -19.15 23.03 -0.31
CA VAL A 670 -20.40 22.87 -1.04
C VAL A 670 -20.12 22.70 -2.55
N ALA A 671 -19.03 23.41 -3.06
CA ALA A 671 -18.70 23.59 -4.43
C ALA A 671 -18.41 22.25 -5.06
N ILE A 672 -17.70 21.30 -4.35
CA ILE A 672 -17.25 20.03 -4.72
C ILE A 672 -18.49 19.25 -4.97
N GLN A 673 -19.51 19.22 -4.14
CA GLN A 673 -20.72 18.40 -4.35
C GLN A 673 -21.48 18.71 -5.58
N ASN A 674 -21.66 20.04 -5.86
CA ASN A 674 -22.41 20.42 -7.10
C ASN A 674 -21.69 20.04 -8.38
N GLU A 675 -20.37 20.16 -8.46
CA GLU A 675 -19.62 19.70 -9.61
C GLU A 675 -19.72 18.23 -9.75
N LEU A 676 -19.63 17.44 -8.62
CA LEU A 676 -19.55 16.01 -8.64
C LEU A 676 -20.81 15.49 -9.22
N GLU A 677 -22.00 16.06 -8.87
CA GLU A 677 -23.31 15.78 -9.30
C GLU A 677 -23.45 16.04 -10.84
N GLY A 678 -22.84 17.10 -11.36
CA GLY A 678 -22.92 17.52 -12.82
C GLY A 678 -22.30 16.49 -13.70
N GLY A 679 -21.20 16.00 -13.19
CA GLY A 679 -20.49 14.92 -13.86
C GLY A 679 -21.26 13.69 -13.97
N LEU A 680 -21.95 13.25 -12.88
CA LEU A 680 -22.77 12.03 -12.91
C LEU A 680 -23.88 12.15 -13.88
N THR A 681 -24.58 13.27 -13.89
CA THR A 681 -25.68 13.55 -14.77
C THR A 681 -25.27 13.51 -16.22
N ASN A 682 -24.12 14.10 -16.66
CA ASN A 682 -23.68 14.09 -18.03
C ASN A 682 -23.36 12.69 -18.52
N ILE A 683 -22.76 11.92 -17.63
CA ILE A 683 -22.52 10.46 -17.95
C ILE A 683 -23.69 9.61 -18.16
N MET A 684 -24.75 9.80 -17.34
CA MET A 684 -26.01 9.18 -17.34
C MET A 684 -26.75 9.46 -18.58
N THR A 685 -26.70 10.75 -19.11
CA THR A 685 -27.24 11.16 -20.38
C THR A 685 -26.55 10.44 -21.60
N ASN A 686 -25.20 10.38 -21.51
CA ASN A 686 -24.39 9.75 -22.51
C ASN A 686 -24.55 8.23 -22.79
N ARG A 687 -24.78 7.50 -21.69
CA ARG A 687 -25.17 6.04 -21.51
C ARG A 687 -26.41 5.70 -22.21
N CYS A 688 -27.47 6.53 -21.96
CA CYS A 688 -28.78 6.29 -22.55
C CYS A 688 -28.70 6.50 -24.01
N LEU A 689 -27.98 7.56 -24.44
CA LEU A 689 -27.89 7.86 -25.82
C LEU A 689 -27.14 6.84 -26.69
N SER A 690 -25.99 6.35 -26.20
CA SER A 690 -25.02 5.70 -27.02
C SER A 690 -24.41 4.60 -26.31
N ASP A 691 -24.30 3.43 -26.98
CA ASP A 691 -23.49 2.35 -26.52
C ASP A 691 -22.75 1.81 -27.63
N LEU A 692 -21.43 2.23 -27.68
CA LEU A 692 -20.42 1.76 -28.69
C LEU A 692 -20.09 0.24 -28.52
N ILE A 693 -19.99 -0.22 -27.23
CA ILE A 693 -19.49 -1.55 -26.86
C ILE A 693 -20.30 -2.71 -27.35
N PRO A 694 -21.66 -2.93 -27.45
CA PRO A 694 -22.28 -4.20 -27.88
C PRO A 694 -21.94 -4.43 -29.30
N LEU A 695 -21.80 -3.36 -30.17
CA LEU A 695 -21.42 -3.45 -31.59
C LEU A 695 -20.01 -3.96 -31.55
N GLN A 696 -19.18 -3.39 -30.69
CA GLN A 696 -17.78 -3.53 -30.64
C GLN A 696 -17.30 -4.94 -30.39
N LEU A 697 -18.00 -5.70 -29.56
CA LEU A 697 -17.66 -7.08 -29.24
C LEU A 697 -17.69 -7.95 -30.45
N GLN A 698 -18.66 -7.74 -31.35
CA GLN A 698 -18.82 -8.41 -32.62
C GLN A 698 -17.64 -8.09 -33.57
N ILE A 699 -17.23 -6.72 -33.62
CA ILE A 699 -16.14 -6.23 -34.44
C ILE A 699 -14.86 -6.84 -33.96
N PHE A 700 -14.74 -6.96 -32.54
CA PHE A 700 -13.58 -7.53 -31.99
C PHE A 700 -13.43 -8.96 -32.55
N ASP A 701 -14.47 -9.89 -32.62
CA ASP A 701 -14.19 -11.21 -33.05
C ASP A 701 -13.71 -11.28 -34.53
N ILE A 702 -14.30 -10.49 -35.42
CA ILE A 702 -13.88 -10.49 -36.76
C ILE A 702 -12.47 -10.01 -36.89
N VAL A 703 -12.05 -8.97 -36.09
CA VAL A 703 -10.66 -8.46 -36.04
C VAL A 703 -9.64 -9.44 -35.61
N TYR A 704 -9.94 -10.22 -34.52
CA TYR A 704 -8.96 -11.15 -33.94
C TYR A 704 -8.62 -12.21 -35.00
N LYS A 705 -9.74 -12.71 -35.72
CA LYS A 705 -9.54 -13.76 -36.73
C LYS A 705 -8.69 -13.43 -37.85
N PHE A 706 -8.93 -12.21 -38.35
CA PHE A 706 -8.32 -11.60 -39.50
C PHE A 706 -6.86 -11.47 -39.26
N CYS A 707 -6.47 -11.00 -38.02
CA CYS A 707 -5.11 -10.86 -37.57
C CYS A 707 -4.39 -12.17 -37.57
N LYS A 708 -5.10 -13.27 -37.10
CA LYS A 708 -4.42 -14.51 -37.31
C LYS A 708 -4.12 -15.01 -38.72
N PHE A 709 -5.07 -14.86 -39.65
CA PHE A 709 -4.96 -15.23 -41.08
C PHE A 709 -3.90 -14.43 -41.76
N ILE A 710 -3.76 -13.13 -41.67
CA ILE A 710 -2.67 -12.40 -42.40
C ILE A 710 -1.28 -12.79 -41.95
N LYS A 711 -1.04 -12.96 -40.62
CA LYS A 711 0.33 -13.30 -40.14
C LYS A 711 1.04 -14.61 -40.58
N SER A 712 0.32 -15.70 -40.89
CA SER A 712 0.86 -16.99 -41.19
C SER A 712 1.87 -17.03 -42.34
N MET A 713 1.71 -16.16 -43.41
CA MET A 713 2.46 -16.07 -44.71
C MET A 713 3.91 -16.09 -44.47
N ARG A 714 4.73 -16.72 -45.33
CA ARG A 714 6.22 -16.77 -45.21
C ARG A 714 6.87 -16.37 -46.52
N GLU A 754 0.64 -21.19 -47.16
CA GLU A 754 0.68 -20.31 -48.38
C GLU A 754 -0.57 -20.30 -49.17
N ASP A 755 -0.75 -21.34 -49.91
CA ASP A 755 -1.94 -21.57 -50.73
C ASP A 755 -3.23 -21.67 -49.94
N ALA A 756 -3.24 -22.47 -48.81
CA ALA A 756 -4.38 -22.64 -47.91
C ALA A 756 -4.76 -21.35 -47.25
N ALA A 757 -3.70 -20.59 -46.84
CA ALA A 757 -3.80 -19.32 -46.15
C ALA A 757 -4.58 -18.34 -47.10
N LEU A 758 -4.23 -18.40 -48.44
CA LEU A 758 -4.76 -17.42 -49.48
C LEU A 758 -6.28 -17.51 -49.62
N GLU A 759 -6.78 -18.76 -49.57
CA GLU A 759 -8.19 -19.06 -49.57
C GLU A 759 -8.80 -18.56 -48.29
N LEU A 760 -8.17 -18.77 -47.07
CA LEU A 760 -8.83 -18.30 -45.86
C LEU A 760 -9.02 -16.83 -45.76
N ILE A 761 -8.01 -15.95 -46.14
CA ILE A 761 -8.09 -14.51 -46.15
C ILE A 761 -9.21 -14.13 -47.07
N GLN A 762 -9.38 -14.79 -48.21
CA GLN A 762 -10.42 -14.51 -49.11
C GLN A 762 -11.85 -14.75 -48.46
N LYS A 763 -12.13 -15.85 -47.69
CA LYS A 763 -13.45 -16.02 -47.03
C LYS A 763 -13.67 -14.93 -46.00
N LEU A 764 -12.58 -14.58 -45.23
CA LEU A 764 -12.68 -13.56 -44.24
C LEU A 764 -13.00 -12.16 -44.79
N ILE A 765 -12.36 -11.83 -45.93
CA ILE A 765 -12.47 -10.54 -46.53
C ILE A 765 -13.89 -10.18 -46.93
N GLU A 766 -14.67 -11.17 -47.50
CA GLU A 766 -16.06 -10.95 -47.81
C GLU A 766 -16.95 -10.73 -46.50
N TYR A 767 -16.59 -11.45 -45.40
CA TYR A 767 -17.42 -11.23 -44.11
C TYR A 767 -17.34 -9.89 -43.54
N ILE A 768 -16.07 -9.45 -43.45
CA ILE A 768 -15.60 -8.19 -42.87
C ILE A 768 -16.13 -7.10 -43.64
N SER A 769 -16.16 -7.21 -45.00
CA SER A 769 -16.58 -6.19 -45.93
C SER A 769 -18.01 -5.82 -45.70
N ASN A 770 -18.87 -6.89 -45.55
CA ASN A 770 -20.32 -6.84 -45.38
C ASN A 770 -20.65 -6.19 -44.06
N ALA A 771 -19.89 -6.62 -42.96
CA ALA A 771 -20.02 -6.07 -41.59
C ALA A 771 -19.71 -4.62 -41.55
N SER A 772 -18.64 -4.30 -42.32
CA SER A 772 -18.21 -2.91 -42.30
C SER A 772 -19.13 -1.90 -42.85
N SER A 773 -19.85 -2.27 -43.98
CA SER A 773 -20.78 -1.40 -44.69
C SER A 773 -21.95 -1.19 -43.73
N ILE A 774 -22.43 -2.21 -42.98
CA ILE A 774 -23.54 -1.99 -42.10
C ILE A 774 -23.03 -1.02 -41.01
N PHE A 775 -21.71 -1.26 -40.54
CA PHE A 775 -21.14 -0.46 -39.49
C PHE A 775 -21.16 1.03 -39.89
N ARG A 776 -20.85 1.38 -41.15
CA ARG A 776 -20.83 2.70 -41.80
C ARG A 776 -22.17 3.38 -41.80
N LYS A 777 -23.26 2.56 -42.15
CA LYS A 777 -24.58 3.06 -42.20
C LYS A 777 -24.94 3.53 -40.84
N CYS A 778 -24.49 2.81 -39.72
CA CYS A 778 -24.73 3.28 -38.38
C CYS A 778 -24.12 4.61 -38.00
N LEU A 779 -22.95 4.98 -38.58
CA LEU A 779 -22.18 6.14 -38.32
C LEU A 779 -22.85 7.40 -38.57
N ILE A 780 -23.70 7.48 -39.56
CA ILE A 780 -24.52 8.70 -39.74
C ILE A 780 -25.47 8.93 -38.57
N ASN A 781 -26.15 7.85 -38.03
CA ASN A 781 -27.04 7.88 -36.84
C ASN A 781 -26.32 8.31 -35.63
N PHE A 782 -25.03 7.83 -35.52
CA PHE A 782 -24.09 8.09 -34.45
C PHE A 782 -23.78 9.55 -34.41
N THR A 783 -23.55 10.18 -35.56
CA THR A 783 -23.04 11.54 -35.73
C THR A 783 -24.11 12.48 -35.32
N GLN A 784 -25.36 12.29 -35.80
CA GLN A 784 -26.50 13.15 -35.74
C GLN A 784 -27.04 13.14 -34.38
N GLU A 785 -26.90 12.00 -33.62
CA GLU A 785 -27.55 11.63 -32.41
C GLU A 785 -29.01 11.43 -32.55
N LEU A 786 -29.61 10.61 -31.66
CA LEU A 786 -31.02 10.29 -31.53
C LEU A 786 -31.68 9.85 -32.78
N SER A 787 -31.14 8.77 -33.48
CA SER A 787 -31.83 8.16 -34.60
C SER A 787 -32.19 6.84 -34.04
N THR A 788 -33.19 6.24 -34.68
CA THR A 788 -33.83 4.95 -34.30
C THR A 788 -32.98 3.74 -34.69
N GLU A 789 -32.32 3.76 -35.86
CA GLU A 789 -31.55 2.67 -36.41
C GLU A 789 -30.44 2.20 -35.48
N LYS A 790 -29.74 3.21 -34.90
CA LYS A 790 -28.58 2.91 -34.05
C LYS A 790 -29.06 2.16 -32.86
N PHE A 791 -30.22 2.50 -32.20
CA PHE A 791 -30.79 1.84 -31.03
C PHE A 791 -31.13 0.45 -31.33
N ASP A 792 -31.75 0.22 -32.59
CA ASP A 792 -32.18 -1.03 -33.13
C ASP A 792 -31.01 -1.97 -33.26
N PHE A 793 -29.87 -1.41 -33.82
CA PHE A 793 -28.70 -2.18 -34.02
C PHE A 793 -28.18 -2.66 -32.70
N TYR A 794 -28.14 -1.81 -31.69
CA TYR A 794 -27.51 -2.11 -30.43
C TYR A 794 -28.27 -3.27 -29.78
N ASP A 795 -29.67 -3.35 -29.81
CA ASP A 795 -30.51 -4.38 -29.22
C ASP A 795 -30.12 -5.74 -29.81
N SER A 796 -29.95 -5.77 -31.10
CA SER A 796 -29.61 -7.02 -31.82
C SER A 796 -28.29 -7.66 -31.41
N SER A 797 -27.21 -6.86 -31.12
CA SER A 797 -25.88 -7.18 -30.79
C SER A 797 -25.69 -7.67 -29.35
N SER A 798 -26.78 -7.73 -28.52
CA SER A 798 -26.77 -8.16 -27.15
C SER A 798 -26.96 -9.64 -27.06
N VAL A 799 -27.04 -10.28 -28.22
CA VAL A 799 -26.92 -11.66 -28.34
C VAL A 799 -25.41 -11.92 -28.14
N ASP A 800 -24.60 -11.11 -28.85
CA ASP A 800 -23.13 -11.27 -28.77
C ASP A 800 -22.57 -10.39 -27.67
N PRO B 180 -48.23 29.87 72.97
CA PRO B 180 -47.47 30.80 72.07
C PRO B 180 -47.08 30.14 70.74
N GLU B 181 -46.89 30.94 69.73
CA GLU B 181 -46.06 30.43 68.64
C GLU B 181 -44.61 30.43 68.99
N GLU B 182 -44.22 31.31 69.87
CA GLU B 182 -42.84 31.42 70.32
C GLU B 182 -42.14 30.15 70.89
N ASP B 183 -42.90 29.35 71.72
CA ASP B 183 -42.34 28.13 72.24
C ASP B 183 -42.05 27.20 71.14
N ILE B 184 -42.96 27.18 70.10
CA ILE B 184 -42.91 26.26 68.93
C ILE B 184 -41.70 26.58 68.15
N LEU B 185 -41.39 27.96 67.95
CA LEU B 185 -40.25 28.39 67.18
C LEU B 185 -38.95 27.90 67.86
N LYS B 186 -38.84 27.98 69.22
CA LYS B 186 -37.66 27.44 69.87
C LYS B 186 -37.42 25.93 69.67
N TYR B 187 -38.47 25.08 69.76
CA TYR B 187 -38.45 23.58 69.66
C TYR B 187 -38.01 23.23 68.27
N VAL B 188 -38.55 23.96 67.19
CA VAL B 188 -38.17 23.76 65.75
C VAL B 188 -36.67 24.05 65.58
N SER B 189 -36.12 25.11 66.23
CA SER B 189 -34.74 25.42 66.17
C SER B 189 -33.92 24.35 66.78
N TYR B 190 -34.29 23.65 67.92
CA TYR B 190 -33.46 22.54 68.45
C TYR B 190 -33.46 21.46 67.45
N THR B 191 -34.59 21.14 66.85
CA THR B 191 -34.73 20.00 65.98
C THR B 191 -33.82 20.04 64.81
N LEU B 192 -33.80 21.24 64.24
CA LEU B 192 -33.02 21.72 63.12
C LEU B 192 -31.54 21.71 63.38
N LEU B 193 -31.13 21.90 64.67
CA LEU B 193 -29.72 21.95 65.11
C LEU B 193 -29.39 20.48 65.21
N ALA B 194 -30.35 19.56 65.51
CA ALA B 194 -30.28 18.09 65.46
C ALA B 194 -30.24 17.54 66.84
N THR B 195 -30.30 18.37 67.86
CA THR B 195 -30.44 18.08 69.27
C THR B 195 -31.94 17.72 69.63
N THR B 196 -32.09 17.05 70.83
CA THR B 196 -33.38 16.80 71.43
C THR B 196 -33.93 18.19 71.89
N SER B 197 -35.25 18.19 71.90
CA SER B 197 -36.17 19.30 72.16
C SER B 197 -36.74 18.89 73.47
N ALA B 198 -38.03 19.01 73.72
CA ALA B 198 -38.62 18.73 75.04
C ALA B 198 -40.11 18.77 74.90
N LEU B 199 -40.74 19.01 73.72
CA LEU B 199 -42.23 18.95 73.55
C LEU B 199 -42.49 18.51 72.11
N PHE B 200 -41.38 18.23 71.38
CA PHE B 200 -41.42 17.64 70.11
C PHE B 200 -40.72 16.31 70.30
N PRO B 201 -41.27 15.12 69.93
CA PRO B 201 -40.63 13.81 69.93
C PRO B 201 -39.55 13.76 68.88
N PHE B 202 -39.82 14.52 67.72
CA PHE B 202 -38.98 14.81 66.57
C PHE B 202 -37.53 15.18 66.88
N ASP B 203 -36.57 14.30 66.46
CA ASP B 203 -35.10 14.44 66.52
C ASP B 203 -34.55 13.33 65.53
N HIS B 204 -35.41 12.40 64.98
CA HIS B 204 -35.11 11.52 63.87
C HIS B 204 -36.43 10.90 63.46
N GLU B 205 -37.61 11.59 63.71
CA GLU B 205 -38.89 10.99 63.44
C GLU B 205 -39.94 12.08 63.20
N GLN B 206 -41.05 11.67 62.51
CA GLN B 206 -42.02 12.64 62.03
C GLN B 206 -43.15 12.53 63.00
N ILE B 207 -43.61 13.79 63.30
CA ILE B 207 -44.68 14.13 64.13
C ILE B 207 -45.98 13.66 63.60
N GLN B 208 -46.80 12.97 64.44
CA GLN B 208 -48.08 12.50 64.07
C GLN B 208 -49.14 12.90 65.03
N ILE B 209 -48.79 13.78 65.97
CA ILE B 209 -49.71 14.27 66.97
C ILE B 209 -50.14 15.61 66.60
N PRO B 210 -51.37 16.14 66.81
CA PRO B 210 -51.62 17.57 66.62
C PRO B 210 -52.35 18.11 67.87
N SER B 211 -52.39 17.44 69.07
CA SER B 211 -53.13 17.95 70.24
C SER B 211 -52.13 18.79 71.07
N LYS B 212 -50.88 18.91 70.70
CA LYS B 212 -49.98 19.72 71.50
C LYS B 212 -49.72 20.97 70.72
N ILE B 213 -50.27 21.22 69.55
CA ILE B 213 -50.15 22.44 68.81
C ILE B 213 -51.39 22.78 68.04
N PRO B 214 -51.91 24.04 67.95
CA PRO B 214 -53.00 24.53 67.09
C PRO B 214 -52.90 24.16 65.62
N ASN B 215 -54.06 23.82 64.91
CA ASN B 215 -54.24 23.09 63.71
C ASN B 215 -53.49 23.68 62.49
N PHE B 216 -53.47 25.03 62.40
CA PHE B 216 -52.72 25.78 61.40
C PHE B 216 -51.25 25.62 61.35
N GLU B 217 -50.65 25.71 62.56
CA GLU B 217 -49.20 25.57 62.80
C GLU B 217 -48.87 24.14 62.49
N SER B 218 -49.81 23.20 62.88
CA SER B 218 -49.70 21.78 62.73
C SER B 218 -49.40 21.58 61.23
N GLY B 219 -50.15 22.16 60.26
CA GLY B 219 -50.04 22.00 58.80
C GLY B 219 -48.77 22.47 58.28
N LEU B 220 -48.25 23.62 58.77
CA LEU B 220 -46.96 24.21 58.41
C LEU B 220 -45.87 23.25 58.83
N LEU B 221 -46.05 22.67 60.04
CA LEU B 221 -45.18 21.77 60.69
C LEU B 221 -45.09 20.50 59.82
N HIS B 222 -46.23 20.15 59.13
CA HIS B 222 -46.24 19.01 58.18
C HIS B 222 -45.29 19.30 57.06
N LEU B 223 -45.25 20.53 56.40
CA LEU B 223 -44.31 20.84 55.29
C LEU B 223 -42.89 20.82 55.64
N ILE B 224 -42.56 21.45 56.84
CA ILE B 224 -41.20 21.34 57.35
C ILE B 224 -40.64 19.98 57.76
N PHE B 225 -41.42 19.05 58.29
CA PHE B 225 -40.93 17.84 58.85
C PHE B 225 -40.22 17.02 57.89
N GLU B 226 -40.73 16.95 56.65
CA GLU B 226 -40.05 16.20 55.64
C GLU B 226 -38.67 16.68 55.35
N ALA B 227 -38.47 18.05 55.20
CA ALA B 227 -37.15 18.75 55.07
C ALA B 227 -36.22 18.53 56.27
N GLY B 228 -36.82 18.64 57.52
CA GLY B 228 -36.03 18.49 58.65
C GLY B 228 -35.50 17.11 58.91
N LEU B 229 -36.21 15.99 58.59
CA LEU B 229 -35.78 14.58 58.71
C LEU B 229 -34.60 14.38 57.87
N LEU B 230 -34.70 14.90 56.60
CA LEU B 230 -33.62 14.71 55.63
C LEU B 230 -32.30 15.38 56.03
N TYR B 231 -32.35 16.64 56.58
CA TYR B 231 -31.14 17.31 57.01
C TYR B 231 -30.38 16.51 58.08
N GLN B 232 -31.13 15.90 59.06
CA GLN B 232 -30.49 15.10 60.11
C GLN B 232 -29.91 13.82 59.57
N SER B 233 -30.55 13.19 58.55
CA SER B 233 -30.12 12.00 57.91
C SER B 233 -28.74 12.13 57.16
N LEU B 234 -28.62 13.29 56.40
CA LEU B 234 -27.46 13.73 55.62
C LEU B 234 -26.31 13.93 56.63
N GLY B 235 -26.57 14.54 57.84
CA GLY B 235 -25.55 14.75 58.96
C GLY B 235 -25.01 13.44 59.50
N TYR B 236 -25.88 12.38 59.70
CA TYR B 236 -25.43 11.03 60.04
C TYR B 236 -24.57 10.36 59.01
N LYS B 237 -24.91 10.46 57.73
CA LYS B 237 -24.13 9.78 56.70
C LYS B 237 -22.74 10.38 56.74
N VAL B 238 -22.55 11.75 56.79
CA VAL B 238 -21.25 12.41 56.71
C VAL B 238 -20.37 12.09 57.86
N GLU B 239 -20.87 11.99 59.12
CA GLU B 239 -20.07 11.72 60.27
C GLU B 239 -19.38 10.37 60.23
N LYS B 240 -20.04 9.31 59.76
CA LYS B 240 -19.56 7.95 59.56
C LYS B 240 -18.46 7.86 58.56
N PHE B 241 -18.69 8.61 57.44
CA PHE B 241 -17.91 8.66 56.25
C PHE B 241 -16.62 9.33 56.55
N ARG B 242 -16.57 10.32 57.52
CA ARG B 242 -15.30 10.92 57.96
C ARG B 242 -14.37 9.94 58.75
N MET B 243 -14.92 9.26 59.75
CA MET B 243 -14.27 8.34 60.56
C MET B 243 -13.79 7.14 59.83
N LEU B 244 -14.60 6.46 59.00
CA LEU B 244 -14.04 5.38 58.21
C LEU B 244 -13.61 5.90 56.85
N ASN B 245 -13.03 4.98 55.99
CA ASN B 245 -12.48 5.51 54.77
C ASN B 245 -12.68 4.32 53.77
N ILE B 246 -13.14 4.64 52.56
CA ILE B 246 -13.41 3.62 51.60
C ILE B 246 -13.26 4.18 50.16
N SER B 247 -12.67 5.45 50.10
CA SER B 247 -12.20 5.99 48.92
C SER B 247 -11.69 7.38 49.28
N PRO B 248 -10.53 7.85 48.88
CA PRO B 248 -10.09 9.19 49.20
C PRO B 248 -10.79 10.22 48.40
N MET B 249 -11.40 9.86 47.27
CA MET B 249 -12.29 10.70 46.44
C MET B 249 -13.57 11.07 47.20
N LYS B 250 -14.00 10.02 47.99
CA LYS B 250 -15.05 10.10 48.97
C LYS B 250 -14.70 10.98 50.13
N LYS B 251 -13.48 10.87 50.64
CA LYS B 251 -13.04 11.66 51.79
C LYS B 251 -13.06 13.14 51.52
N ALA B 252 -12.56 13.53 50.28
CA ALA B 252 -12.62 14.83 49.76
C ALA B 252 -13.95 15.34 49.50
N LEU B 253 -14.83 14.44 49.06
CA LEU B 253 -16.22 14.78 48.91
C LEU B 253 -16.88 15.10 50.29
N ILE B 254 -16.70 14.23 51.30
CA ILE B 254 -17.30 14.60 52.52
C ILE B 254 -16.83 15.89 53.20
N ILE B 255 -15.46 16.20 53.16
CA ILE B 255 -15.01 17.34 53.75
C ILE B 255 -15.52 18.65 53.14
N GLU B 256 -15.65 18.69 51.78
CA GLU B 256 -16.17 19.82 51.10
C GLU B 256 -17.65 19.94 51.42
N ILE B 257 -18.37 18.83 51.55
CA ILE B 257 -19.75 18.85 51.93
C ILE B 257 -20.04 19.41 53.29
N SER B 258 -19.32 19.00 54.35
CA SER B 258 -19.48 19.31 55.73
C SER B 258 -19.49 20.70 56.05
N GLU B 259 -18.69 21.48 55.36
CA GLU B 259 -18.56 22.91 55.52
C GLU B 259 -19.85 23.67 55.11
N GLU B 260 -20.43 23.21 54.00
CA GLU B 260 -21.61 23.85 53.35
C GLU B 260 -22.88 23.78 54.23
N LEU B 261 -23.03 22.62 54.94
CA LEU B 261 -24.09 22.30 55.85
C LEU B 261 -24.01 23.22 57.06
N GLN B 262 -22.79 23.73 57.41
CA GLN B 262 -22.40 24.52 58.60
C GLN B 262 -23.23 25.80 58.59
N ASN B 263 -23.45 26.41 57.35
CA ASN B 263 -24.16 27.63 57.22
C ASN B 263 -25.55 27.47 57.69
N TYR B 264 -26.17 26.30 57.48
CA TYR B 264 -27.56 25.99 57.89
C TYR B 264 -27.70 26.13 59.41
N THR B 265 -26.79 25.57 60.19
CA THR B 265 -26.76 25.64 61.60
C THR B 265 -26.54 27.06 62.14
N ALA B 266 -25.67 27.81 61.39
CA ALA B 266 -25.39 29.20 61.65
C ALA B 266 -26.62 30.09 61.52
N PHE B 267 -27.49 29.81 60.47
CA PHE B 267 -28.79 30.43 60.23
C PHE B 267 -29.79 30.16 61.37
N VAL B 268 -29.83 28.95 62.00
CA VAL B 268 -30.56 28.59 63.22
C VAL B 268 -30.09 29.49 64.41
N ASN B 269 -28.80 29.63 64.60
CA ASN B 269 -28.06 30.26 65.72
C ASN B 269 -28.48 31.73 65.60
N ASN B 270 -28.64 32.31 64.40
CA ASN B 270 -29.20 33.67 64.16
C ASN B 270 -30.66 33.71 64.58
N LEU B 271 -31.49 32.71 64.27
CA LEU B 271 -32.84 32.80 64.75
C LEU B 271 -32.96 32.84 66.24
N VAL B 272 -32.19 31.96 66.90
CA VAL B 272 -32.25 31.77 68.33
C VAL B 272 -31.76 33.10 69.00
N SER B 273 -30.70 33.85 68.51
CA SER B 273 -30.32 35.13 69.10
C SER B 273 -31.52 36.11 69.04
N SER B 274 -32.32 36.22 67.93
CA SER B 274 -33.39 37.16 67.77
C SER B 274 -34.45 37.07 68.83
N GLY B 275 -35.22 36.00 68.80
CA GLY B 275 -36.32 35.53 69.62
C GLY B 275 -37.67 36.12 69.32
N THR B 276 -37.72 36.99 68.30
CA THR B 276 -38.99 37.58 67.82
C THR B 276 -40.06 36.63 67.33
N VAL B 277 -41.37 37.05 67.41
CA VAL B 277 -42.51 36.27 66.87
C VAL B 277 -42.66 36.46 65.36
N VAL B 278 -42.82 35.33 64.68
CA VAL B 278 -42.90 35.21 63.24
C VAL B 278 -43.57 33.87 63.12
N SER B 279 -44.05 33.46 61.89
CA SER B 279 -44.65 32.19 61.57
C SER B 279 -43.58 31.12 61.25
N LEU B 280 -43.88 29.78 61.39
CA LEU B 280 -42.99 28.67 60.97
C LEU B 280 -42.74 28.74 59.44
N LYS B 281 -43.73 29.27 58.67
CA LYS B 281 -43.91 29.54 57.31
C LYS B 281 -42.82 30.52 56.88
N SER B 282 -42.65 31.63 57.65
CA SER B 282 -41.59 32.57 57.34
C SER B 282 -40.21 31.90 57.48
N LEU B 283 -40.01 31.07 58.47
CA LEU B 283 -38.73 30.47 58.65
C LEU B 283 -38.33 29.67 57.53
N TYR B 284 -39.28 28.82 56.96
CA TYR B 284 -39.09 27.90 55.87
C TYR B 284 -38.79 28.63 54.59
N ARG B 285 -39.51 29.80 54.32
CA ARG B 285 -39.42 30.55 53.11
C ARG B 285 -37.97 31.11 52.97
N GLU B 286 -37.43 31.61 54.16
CA GLU B 286 -36.16 32.26 54.19
C GLU B 286 -34.95 31.41 53.89
N ILE B 287 -34.98 30.08 54.29
CA ILE B 287 -33.89 29.14 54.13
C ILE B 287 -34.22 28.21 52.96
N TYR B 288 -34.90 28.77 51.90
CA TYR B 288 -35.49 27.89 50.87
C TYR B 288 -34.32 27.17 50.09
N GLU B 289 -33.26 27.91 49.74
CA GLU B 289 -32.23 27.44 48.88
C GLU B 289 -31.53 26.19 49.36
N ASN B 290 -31.10 26.06 50.63
CA ASN B 290 -30.42 24.82 51.09
C ASN B 290 -31.35 23.55 51.03
N ILE B 291 -32.64 23.71 51.25
CA ILE B 291 -33.61 22.63 51.23
C ILE B 291 -33.79 21.98 49.93
N ILE B 292 -33.84 22.79 48.82
CA ILE B 292 -33.85 22.27 47.44
C ILE B 292 -32.53 21.60 46.97
N ARG B 293 -31.36 22.19 47.19
CA ARG B 293 -30.04 21.66 46.79
C ARG B 293 -29.66 20.41 47.48
N LEU B 294 -29.85 20.39 48.80
CA LEU B 294 -29.60 19.33 49.68
C LEU B 294 -30.38 18.08 49.36
N ARG B 295 -31.65 18.18 48.98
CA ARG B 295 -32.52 17.09 48.68
C ARG B 295 -32.05 16.32 47.49
N ILE B 296 -31.56 17.08 46.39
CA ILE B 296 -31.06 16.45 45.13
C ILE B 296 -29.84 15.61 45.48
N TYR B 297 -28.92 16.24 46.26
CA TYR B 297 -27.63 15.65 46.64
C TYR B 297 -27.72 14.35 47.39
N CYS B 298 -28.78 14.27 48.29
CA CYS B 298 -28.98 13.21 49.17
C CYS B 298 -29.14 11.89 48.52
N ARG B 299 -29.86 11.90 47.36
CA ARG B 299 -30.15 10.69 46.65
C ARG B 299 -28.86 10.03 46.25
N PHE B 300 -27.90 10.84 45.75
CA PHE B 300 -26.58 10.38 45.37
C PHE B 300 -25.84 9.78 46.50
N THR B 301 -25.86 10.38 47.72
CA THR B 301 -25.19 10.02 49.00
C THR B 301 -25.70 8.65 49.49
N GLU B 302 -26.97 8.38 49.27
CA GLU B 302 -27.54 7.07 49.55
C GLU B 302 -26.90 6.01 48.75
N HIS B 303 -26.80 6.17 47.42
CA HIS B 303 -26.23 5.17 46.54
C HIS B 303 -24.75 5.00 46.78
N LEU B 304 -24.15 6.13 47.22
CA LEU B 304 -22.70 6.24 47.53
C LEU B 304 -22.27 5.26 48.68
N GLU B 305 -23.31 4.88 49.55
CA GLU B 305 -23.13 3.93 50.60
C GLU B 305 -22.63 2.56 50.15
N GLU B 306 -23.14 2.14 48.93
CA GLU B 306 -22.80 0.87 48.45
C GLU B 306 -21.44 0.66 47.92
N LEU B 307 -20.91 1.70 47.22
CA LEU B 307 -19.72 1.68 46.40
C LEU B 307 -19.39 3.11 46.30
N SER B 308 -18.10 3.48 46.09
CA SER B 308 -17.59 4.87 46.00
C SER B 308 -16.40 4.89 45.09
N GLY B 309 -16.15 3.73 44.47
CA GLY B 309 -15.08 3.52 43.53
C GLY B 309 -15.36 4.31 42.19
N ASP B 310 -15.12 3.60 41.09
CA ASP B 310 -15.22 4.15 39.73
C ASP B 310 -16.66 4.64 39.34
N THR B 311 -17.64 4.03 40.06
CA THR B 311 -19.07 4.20 39.97
C THR B 311 -19.40 5.64 40.33
N PHE B 312 -18.59 6.28 41.22
CA PHE B 312 -18.70 7.73 41.52
C PHE B 312 -18.55 8.65 40.33
N LEU B 313 -17.62 8.34 39.31
CA LEU B 313 -17.42 8.98 38.06
C LEU B 313 -18.65 8.94 37.23
N ILE B 314 -19.42 7.81 37.20
CA ILE B 314 -20.67 7.67 36.40
C ILE B 314 -21.67 8.61 37.04
N GLU B 315 -21.80 8.64 38.40
CA GLU B 315 -22.80 9.47 39.06
C GLU B 315 -22.58 10.89 38.79
N LEU B 316 -21.28 11.27 38.85
CA LEU B 316 -20.93 12.68 38.71
C LEU B 316 -21.34 13.21 37.34
N ASN B 317 -21.15 12.42 36.23
CA ASN B 317 -21.51 12.94 34.98
C ASN B 317 -23.00 13.17 34.91
N ILE B 318 -23.87 12.22 35.32
CA ILE B 318 -25.28 12.29 35.21
C ILE B 318 -25.82 13.41 36.04
N PHE B 319 -25.26 13.59 37.28
CA PHE B 319 -25.72 14.62 38.16
C PHE B 319 -25.50 16.03 37.59
N LYS B 320 -24.36 16.24 36.97
CA LYS B 320 -23.97 17.41 36.27
C LYS B 320 -24.90 17.78 35.08
N SER B 321 -25.35 16.65 34.40
CA SER B 321 -26.19 16.74 33.23
C SER B 321 -27.60 17.19 33.57
N HIS B 322 -28.15 17.05 34.81
CA HIS B 322 -29.61 17.30 35.07
C HIS B 322 -29.73 18.62 35.83
N GLY B 323 -30.89 19.26 35.71
CA GLY B 323 -31.49 20.07 36.75
C GLY B 323 -30.99 21.49 36.69
N ASP B 324 -31.49 22.34 37.56
CA ASP B 324 -31.19 23.76 37.69
C ASP B 324 -29.77 24.01 37.85
N LEU B 325 -29.46 25.29 37.66
CA LEU B 325 -28.18 25.87 37.69
C LEU B 325 -27.55 25.67 39.00
N THR B 326 -28.41 25.72 40.05
CA THR B 326 -27.98 25.56 41.43
C THR B 326 -27.46 24.12 41.63
N ILE B 327 -28.27 23.15 41.12
CA ILE B 327 -27.97 21.70 41.23
C ILE B 327 -26.76 21.27 40.42
N ARG B 328 -26.62 21.76 39.20
CA ARG B 328 -25.52 21.62 38.31
C ARG B 328 -24.22 22.15 38.96
N LYS B 329 -24.20 23.31 39.71
CA LYS B 329 -23.06 23.90 40.39
C LYS B 329 -22.43 23.05 41.43
N ILE B 330 -23.30 22.49 42.27
CA ILE B 330 -22.96 21.60 43.43
C ILE B 330 -22.27 20.36 42.84
N ALA B 331 -22.82 19.79 41.73
CA ALA B 331 -22.15 18.62 41.08
C ALA B 331 -20.77 18.90 40.58
N THR B 332 -20.54 20.08 40.04
CA THR B 332 -19.23 20.58 39.56
C THR B 332 -18.10 20.64 40.62
N ASN B 333 -18.46 21.13 41.82
CA ASN B 333 -17.63 21.18 42.95
C ASN B 333 -17.19 19.78 43.33
N LEU B 334 -18.12 18.80 43.32
CA LEU B 334 -17.92 17.39 43.65
C LEU B 334 -16.98 16.76 42.68
N PHE B 335 -17.13 17.13 41.36
CA PHE B 335 -16.30 16.76 40.29
C PHE B 335 -14.86 17.21 40.51
N ASN B 336 -14.74 18.52 40.89
CA ASN B 336 -13.53 19.24 41.10
C ASN B 336 -12.61 18.64 42.17
N SER B 337 -13.29 18.25 43.29
CA SER B 337 -12.56 17.60 44.40
C SER B 337 -11.97 16.23 43.96
N MET B 338 -12.84 15.52 43.16
CA MET B 338 -12.53 14.16 42.61
C MET B 338 -11.36 14.09 41.65
N ILE B 339 -11.27 15.03 40.67
CA ILE B 339 -10.23 15.01 39.67
C ILE B 339 -8.88 15.25 40.28
N SER B 340 -8.68 16.05 41.42
CA SER B 340 -7.35 16.21 41.99
C SER B 340 -6.76 14.86 42.36
N LEU B 341 -7.60 13.92 42.87
CA LEU B 341 -7.24 12.59 43.27
C LEU B 341 -6.82 11.80 42.07
N TYR B 342 -7.57 11.95 40.91
CA TYR B 342 -7.41 11.18 39.64
C TYR B 342 -6.04 11.50 39.08
N TYR B 343 -5.71 12.85 39.11
CA TYR B 343 -4.47 13.43 38.65
C TYR B 343 -3.26 12.96 39.33
N GLU B 344 -3.27 12.78 40.71
CA GLU B 344 -2.24 12.25 41.52
C GLU B 344 -2.03 10.78 41.12
N TYR B 345 -3.09 9.93 40.85
CA TYR B 345 -2.87 8.56 40.49
C TYR B 345 -2.14 8.48 39.23
N LEU B 346 -2.61 9.39 38.28
CA LEU B 346 -2.18 9.47 36.89
C LEU B 346 -0.69 9.81 36.74
N MET B 347 -0.19 10.79 37.56
CA MET B 347 1.18 11.19 37.60
C MET B 347 2.04 10.06 38.05
N ASN B 348 1.57 9.27 39.12
CA ASN B 348 2.20 8.13 39.74
C ASN B 348 2.42 7.04 38.74
N TRP B 349 1.44 6.69 37.91
CA TRP B 349 1.49 5.64 36.91
C TRP B 349 2.41 5.94 35.77
N LEU B 350 2.24 7.07 35.09
CA LEU B 350 3.08 7.52 33.97
C LEU B 350 4.58 7.82 34.32
N THR B 351 4.91 8.56 35.52
CA THR B 351 6.26 9.07 35.87
C THR B 351 7.05 8.00 36.55
N LYS B 352 6.39 7.08 37.30
CA LYS B 352 7.30 6.15 38.03
C LYS B 352 6.86 4.70 37.86
N GLY B 353 5.97 4.46 36.86
CA GLY B 353 5.60 3.11 36.53
C GLY B 353 4.77 2.40 37.65
N LEU B 354 3.99 3.15 38.43
CA LEU B 354 3.34 2.60 39.60
C LEU B 354 1.95 3.09 39.70
N LEU B 355 0.97 2.28 39.37
CA LEU B 355 -0.43 2.60 39.37
C LEU B 355 -0.89 2.64 40.88
N ARG B 356 -2.06 3.25 41.21
CA ARG B 356 -2.55 3.21 42.52
C ARG B 356 -4.10 3.32 42.39
N ALA B 357 -4.67 2.15 42.12
CA ALA B 357 -6.09 1.94 41.96
C ALA B 357 -6.74 1.91 43.35
N THR B 358 -6.09 1.31 44.40
CA THR B 358 -6.54 1.11 45.74
C THR B 358 -7.71 0.18 45.86
N TYR B 359 -8.90 0.62 45.49
CA TYR B 359 -10.19 0.02 45.71
C TYR B 359 -10.83 -0.19 44.36
N GLY B 360 -10.18 0.44 43.33
CA GLY B 360 -10.57 0.33 41.96
C GLY B 360 -11.18 1.62 41.73
N GLU B 361 -10.25 2.57 41.50
CA GLU B 361 -10.52 3.97 41.31
C GLU B 361 -9.67 4.48 40.16
N PHE B 362 -9.22 3.59 39.27
CA PHE B 362 -8.29 3.88 38.28
C PHE B 362 -8.55 2.75 37.31
N PHE B 363 -8.11 2.95 36.05
CA PHE B 363 -8.37 2.06 34.94
C PHE B 363 -7.10 1.20 34.46
N ILE B 364 -6.02 1.29 35.22
CA ILE B 364 -4.86 0.41 34.90
C ILE B 364 -4.98 -0.70 35.90
N ALA B 365 -4.83 -2.05 35.45
CA ALA B 365 -4.85 -3.21 36.43
C ALA B 365 -3.65 -3.95 36.05
N GLU B 366 -3.00 -4.64 37.03
CA GLU B 366 -1.93 -5.67 36.79
C GLU B 366 -2.78 -6.85 36.41
N ASN B 367 -2.07 -7.72 35.65
CA ASN B 367 -2.52 -8.91 35.02
C ASN B 367 -3.66 -8.59 34.04
N TYR B 379 11.61 -11.28 38.25
CA TYR B 379 10.20 -11.53 37.91
C TYR B 379 9.69 -10.23 37.33
N HIS B 380 8.66 -10.36 36.38
CA HIS B 380 7.97 -9.19 35.87
C HIS B 380 6.50 -9.47 35.61
N ILE B 381 5.59 -8.56 36.03
CA ILE B 381 4.14 -8.90 36.08
C ILE B 381 3.50 -8.17 34.93
N PRO B 382 2.61 -8.91 34.16
CA PRO B 382 1.77 -8.27 33.14
C PRO B 382 0.90 -7.10 33.63
N ILE B 383 0.29 -6.23 32.74
CA ILE B 383 -0.49 -5.06 32.95
C ILE B 383 -1.49 -5.11 31.77
N GLU B 384 -2.68 -4.52 32.04
CA GLU B 384 -3.69 -4.43 30.97
C GLU B 384 -4.62 -3.28 31.33
N PHE B 385 -5.42 -2.86 30.34
CA PHE B 385 -6.37 -1.77 30.33
C PHE B 385 -7.70 -2.25 30.90
N ASN B 386 -8.31 -1.38 31.76
CA ASN B 386 -9.65 -1.57 32.30
C ASN B 386 -10.52 -0.51 31.57
N GLN B 387 -11.14 -0.92 30.43
CA GLN B 387 -11.85 -0.07 29.56
C GLN B 387 -13.24 0.27 29.96
N GLU B 388 -13.71 -0.05 31.21
CA GLU B 388 -15.02 0.29 31.73
C GLU B 388 -14.91 1.07 33.05
N ARG B 389 -13.69 1.41 33.44
CA ARG B 389 -13.45 2.23 34.67
C ARG B 389 -12.98 3.62 34.26
N VAL B 390 -12.93 3.76 32.90
CA VAL B 390 -12.41 5.03 32.30
C VAL B 390 -13.34 6.20 32.59
N PRO B 391 -12.91 7.46 33.11
CA PRO B 391 -13.70 8.58 33.54
C PRO B 391 -14.69 8.89 32.48
N ALA B 392 -15.82 9.61 32.86
CA ALA B 392 -16.82 10.02 31.91
C ALA B 392 -16.56 11.42 31.58
N PHE B 393 -15.31 11.89 31.72
CA PHE B 393 -14.88 13.30 31.69
C PHE B 393 -13.75 13.41 30.69
N ILE B 394 -13.25 12.24 30.27
CA ILE B 394 -12.33 12.12 29.20
C ILE B 394 -12.84 11.03 28.25
N PRO B 395 -12.44 11.02 27.02
CA PRO B 395 -12.84 10.03 25.99
C PRO B 395 -12.02 8.76 26.09
N LYS B 396 -12.52 7.73 25.38
CA LYS B 396 -11.92 6.41 25.31
C LYS B 396 -10.54 6.35 24.74
N GLU B 397 -10.25 7.18 23.70
CA GLU B 397 -8.93 7.27 23.05
C GLU B 397 -7.97 7.73 24.05
N LEU B 398 -8.36 8.74 24.93
CA LEU B 398 -7.47 9.38 25.85
C LEU B 398 -6.94 8.41 26.87
N ALA B 399 -7.76 7.52 27.42
CA ALA B 399 -7.37 6.46 28.27
C ALA B 399 -6.49 5.45 27.66
N TYR B 400 -6.75 5.06 26.38
CA TYR B 400 -6.09 4.07 25.59
C TYR B 400 -4.66 4.56 25.39
N LYS B 401 -4.53 5.90 25.16
CA LYS B 401 -3.25 6.52 25.01
C LYS B 401 -2.50 6.46 26.31
N ILE B 402 -3.17 6.65 27.51
CA ILE B 402 -2.57 6.72 28.85
C ILE B 402 -1.99 5.47 29.25
N PHE B 403 -2.75 4.39 28.96
CA PHE B 403 -2.34 3.05 29.15
C PHE B 403 -1.14 2.74 28.27
N MET B 404 -1.05 3.11 26.99
CA MET B 404 0.05 2.85 26.15
C MET B 404 1.32 3.51 26.56
N ILE B 405 1.24 4.88 26.97
CA ILE B 405 2.40 5.66 27.34
C ILE B 405 3.00 5.09 28.56
N GLY B 406 2.11 4.79 29.49
CA GLY B 406 2.45 4.27 30.82
C GLY B 406 3.08 2.95 30.59
N LYS B 407 2.58 2.11 29.66
CA LYS B 407 3.10 0.81 29.42
C LYS B 407 4.50 0.80 28.89
N SER B 408 4.90 1.70 27.98
CA SER B 408 6.23 1.86 27.47
C SER B 408 7.22 2.23 28.54
N TYR B 409 6.82 3.14 29.43
CA TYR B 409 7.58 3.61 30.58
C TYR B 409 7.85 2.54 31.62
N ILE B 410 6.91 1.68 32.04
CA ILE B 410 7.02 0.68 33.04
C ILE B 410 8.02 -0.35 32.64
N PHE B 411 7.92 -0.60 31.24
CA PHE B 411 8.90 -1.51 30.66
C PHE B 411 10.38 -1.05 30.74
N LEU B 412 10.68 0.24 30.59
CA LEU B 412 12.02 0.85 30.55
C LEU B 412 12.67 0.66 31.92
N GLU B 413 11.81 0.79 32.99
CA GLU B 413 12.17 0.57 34.38
C GLU B 413 12.50 -0.87 34.69
N LYS B 414 11.71 -1.83 34.12
CA LYS B 414 11.81 -3.27 34.22
C LYS B 414 13.10 -3.76 33.57
N TYR B 415 13.45 -3.20 32.45
CA TYR B 415 14.64 -3.63 31.77
C TYR B 415 15.92 -3.35 32.55
N CYS B 416 15.92 -2.16 33.19
CA CYS B 416 17.04 -1.52 33.89
C CYS B 416 16.58 -0.87 35.18
N LYS B 417 16.39 0.42 35.08
CA LYS B 417 15.88 1.41 36.04
C LYS B 417 17.00 2.42 36.22
N GLU B 418 16.73 3.59 35.65
CA GLU B 418 17.76 4.65 35.70
C GLU B 418 17.12 5.95 35.86
N VAL B 419 15.75 5.99 35.64
CA VAL B 419 14.93 7.13 35.80
C VAL B 419 15.17 8.04 34.60
N GLN B 420 14.08 8.27 33.80
CA GLN B 420 14.07 9.20 32.77
C GLN B 420 13.97 10.60 33.42
N TRP B 421 14.91 11.53 33.13
CA TRP B 421 15.02 12.72 33.92
C TRP B 421 13.91 13.72 33.71
N THR B 422 13.80 14.22 32.48
CA THR B 422 12.91 15.26 32.02
C THR B 422 11.44 14.90 32.08
N ASN B 423 11.08 13.59 32.08
CA ASN B 423 9.69 13.08 32.14
C ASN B 423 8.94 13.55 33.34
N GLU B 424 9.62 13.57 34.53
CA GLU B 424 8.97 14.08 35.64
C GLU B 424 8.54 15.51 35.65
N PHE B 425 9.36 16.44 35.12
CA PHE B 425 8.99 17.82 34.89
C PHE B 425 7.93 18.05 33.84
N SER B 426 7.98 17.39 32.66
CA SER B 426 6.95 17.55 31.68
C SER B 426 5.58 17.02 32.29
N LYS B 427 5.53 15.89 33.02
CA LYS B 427 4.30 15.38 33.58
C LYS B 427 3.68 16.28 34.58
N LYS B 428 4.52 16.96 35.41
CA LYS B 428 4.11 17.85 36.50
C LYS B 428 3.45 19.00 35.95
N TYR B 429 3.97 19.53 34.79
CA TYR B 429 3.32 20.61 34.05
C TYR B 429 2.00 20.16 33.54
N HIS B 430 1.87 18.96 32.88
CA HIS B 430 0.67 18.50 32.19
C HIS B 430 -0.48 18.38 33.11
N VAL B 431 -0.19 17.80 34.34
CA VAL B 431 -1.19 17.66 35.46
C VAL B 431 -1.56 19.03 35.95
N LEU B 432 -0.66 20.01 36.00
CA LEU B 432 -1.04 21.39 36.33
C LEU B 432 -2.00 22.07 35.32
N TYR B 433 -1.83 21.86 33.96
CA TYR B 433 -2.68 22.40 32.92
C TYR B 433 -4.10 21.91 33.03
N GLN B 434 -4.30 20.61 33.28
CA GLN B 434 -5.66 20.09 33.44
C GLN B 434 -6.34 20.53 34.71
N SER B 435 -5.62 20.68 35.90
CA SER B 435 -6.13 21.14 37.20
C SER B 435 -6.67 22.58 37.25
N ASN B 436 -6.02 23.53 36.47
CA ASN B 436 -6.46 24.91 36.43
C ASN B 436 -7.73 25.04 35.63
N SER B 437 -7.90 24.09 34.71
CA SER B 437 -8.99 24.11 33.71
C SER B 437 -10.26 23.51 34.33
N TYR B 438 -10.06 22.74 35.42
CA TYR B 438 -11.08 22.13 36.28
C TYR B 438 -11.93 21.08 35.64
N ARG B 439 -11.40 20.25 34.71
CA ARG B 439 -12.16 19.35 33.87
C ARG B 439 -11.16 19.01 32.79
N GLY B 440 -11.14 17.69 32.49
CA GLY B 440 -10.23 17.22 31.43
C GLY B 440 -10.67 17.55 30.12
N ILE B 441 -9.88 18.41 29.45
CA ILE B 441 -10.25 19.11 28.27
C ILE B 441 -9.43 18.42 27.17
N SER B 442 -10.14 17.72 26.29
CA SER B 442 -9.56 16.71 25.37
C SER B 442 -8.62 17.17 24.30
N THR B 443 -8.89 18.32 23.57
CA THR B 443 -8.04 18.77 22.54
C THR B 443 -6.64 19.01 23.13
N ASN B 444 -6.52 19.74 24.24
CA ASN B 444 -5.31 20.15 24.94
C ASN B 444 -4.61 18.88 25.50
N PHE B 445 -5.41 17.98 26.04
CA PHE B 445 -4.89 16.74 26.68
C PHE B 445 -4.14 15.89 25.69
N PHE B 446 -4.77 15.75 24.41
CA PHE B 446 -4.19 15.03 23.34
C PHE B 446 -2.89 15.62 22.79
N GLU B 447 -2.87 16.95 22.71
CA GLU B 447 -1.69 17.69 22.32
C GLU B 447 -0.44 17.53 23.23
N ILE B 448 -0.62 17.60 24.56
CA ILE B 448 0.46 17.30 25.45
C ILE B 448 0.86 15.79 25.48
N ILE B 449 -0.14 14.92 25.42
CA ILE B 449 -0.08 13.44 25.54
C ILE B 449 0.72 13.01 24.38
N ASN B 450 0.52 13.52 23.14
CA ASN B 450 1.26 13.14 21.93
C ASN B 450 2.74 13.57 22.05
N ASP B 451 3.04 14.76 22.65
CA ASP B 451 4.40 15.21 22.83
C ASP B 451 5.11 14.25 23.79
N GLN B 452 4.41 13.87 24.87
CA GLN B 452 4.93 13.01 25.87
C GLN B 452 5.16 11.68 25.33
N TYR B 453 4.19 11.17 24.46
CA TYR B 453 4.09 9.85 23.83
C TYR B 453 5.34 9.71 23.04
N SER B 454 5.72 10.72 22.16
CA SER B 454 6.81 10.57 21.22
C SER B 454 8.08 10.36 21.96
N GLU B 455 8.30 11.14 23.05
CA GLU B 455 9.54 11.05 23.87
C GLU B 455 9.75 9.76 24.60
N ILE B 456 8.63 9.20 25.27
CA ILE B 456 8.74 7.96 26.01
C ILE B 456 9.00 6.75 25.07
N VAL B 457 8.32 6.84 23.90
CA VAL B 457 8.38 5.78 22.90
C VAL B 457 9.81 5.69 22.35
N ASN B 458 10.39 6.88 21.98
CA ASN B 458 11.72 6.94 21.41
C ASN B 458 12.71 6.45 22.46
N HIS B 459 12.60 6.94 23.68
CA HIS B 459 13.52 6.54 24.73
C HIS B 459 13.51 5.08 25.10
N THR B 460 12.34 4.37 25.12
CA THR B 460 12.26 2.93 25.34
C THR B 460 12.74 2.16 24.15
N ASN B 461 12.54 2.63 22.86
CA ASN B 461 13.21 1.89 21.75
C ASN B 461 14.71 1.92 21.87
N GLN B 462 15.23 3.09 22.24
CA GLN B 462 16.68 3.28 22.44
C GLN B 462 17.32 2.44 23.48
N ILE B 463 16.58 2.31 24.68
CA ILE B 463 17.02 1.54 25.78
C ILE B 463 17.06 0.04 25.29
N LEU B 464 15.97 -0.42 24.52
CA LEU B 464 15.96 -1.84 24.16
C LEU B 464 17.05 -2.16 23.14
N ASN B 465 17.15 -1.43 22.04
CA ASN B 465 18.11 -1.60 20.99
C ASN B 465 19.51 -1.31 21.35
N GLN B 466 19.92 -0.12 21.83
CA GLN B 466 21.36 0.16 22.08
C GLN B 466 21.99 -0.52 23.35
N LYS B 467 21.35 -0.25 24.50
CA LYS B 467 21.80 -0.67 25.84
C LYS B 467 21.59 -2.10 26.23
N PHE B 468 20.40 -2.64 26.06
CA PHE B 468 19.99 -4.01 26.42
C PHE B 468 20.41 -4.99 25.40
N HIS B 469 20.60 -4.53 24.17
CA HIS B 469 20.99 -5.30 22.94
C HIS B 469 19.90 -6.37 22.70
N TYR B 470 18.63 -5.96 22.87
CA TYR B 470 17.47 -6.79 22.74
C TYR B 470 17.24 -7.34 21.37
N ARG B 471 17.45 -6.47 20.36
CA ARG B 471 17.22 -6.80 18.96
C ARG B 471 18.08 -8.04 18.59
N ASP B 472 19.32 -8.01 19.11
CA ASP B 472 20.23 -9.10 18.92
C ASP B 472 19.79 -10.40 19.53
N VAL B 473 19.30 -10.38 20.77
CA VAL B 473 19.01 -11.64 21.46
C VAL B 473 17.81 -12.36 20.74
N VAL B 474 16.80 -11.61 20.23
CA VAL B 474 15.69 -12.21 19.45
C VAL B 474 16.07 -12.93 18.18
N PHE B 475 17.05 -12.38 17.35
CA PHE B 475 17.53 -12.98 16.17
C PHE B 475 18.14 -14.34 16.51
N ALA B 476 18.91 -14.24 17.59
CA ALA B 476 19.61 -15.41 18.06
C ALA B 476 18.60 -16.51 18.44
N LEU B 477 17.40 -16.21 19.06
CA LEU B 477 16.31 -17.16 19.48
C LEU B 477 15.65 -17.84 18.34
N LYS B 478 15.35 -17.01 17.29
CA LYS B 478 14.83 -17.46 16.05
C LYS B 478 15.80 -18.32 15.29
N ASN B 479 17.08 -17.91 15.35
CA ASN B 479 18.06 -18.65 14.64
C ASN B 479 18.31 -20.07 15.13
N ILE B 480 18.40 -20.30 16.47
CA ILE B 480 18.51 -21.66 17.01
C ILE B 480 17.22 -22.45 17.13
N LEU B 481 16.15 -21.97 17.85
CA LEU B 481 14.87 -22.72 18.10
C LEU B 481 14.12 -22.94 16.89
N LEU B 482 14.00 -21.88 16.06
CA LEU B 482 13.14 -21.93 14.90
C LEU B 482 13.90 -21.91 13.65
N MET B 483 15.18 -22.36 13.57
CA MET B 483 16.06 -22.48 12.42
C MET B 483 16.34 -21.12 11.83
N GLY B 484 17.49 -21.01 11.20
CA GLY B 484 17.94 -19.70 10.71
C GLY B 484 19.31 -19.79 10.17
N LYS B 485 20.12 -20.54 10.93
CA LYS B 485 21.44 -20.73 10.57
C LYS B 485 21.62 -22.12 10.48
N SER B 486 21.22 -22.63 9.32
CA SER B 486 21.05 -24.06 9.01
C SER B 486 22.36 -24.74 8.91
N ASP B 487 23.47 -23.96 8.49
CA ASP B 487 24.83 -24.41 8.41
C ASP B 487 25.44 -24.84 9.72
N PHE B 488 25.18 -24.06 10.79
CA PHE B 488 25.49 -24.20 12.24
C PHE B 488 24.79 -25.46 12.66
N MET B 489 23.44 -25.73 12.33
CA MET B 489 22.66 -26.90 12.73
C MET B 489 23.20 -28.09 12.10
N ASP B 490 23.67 -28.09 10.87
CA ASP B 490 24.30 -29.17 10.14
C ASP B 490 25.57 -29.53 10.79
N ALA B 491 26.39 -28.51 11.18
CA ALA B 491 27.66 -28.77 11.84
C ALA B 491 27.45 -29.45 13.18
N LEU B 492 26.39 -28.98 14.02
CA LEU B 492 26.03 -29.36 15.38
C LEU B 492 25.68 -30.80 15.49
N ILE B 493 24.79 -31.20 14.49
CA ILE B 493 24.36 -32.64 14.41
C ILE B 493 25.53 -33.59 14.12
N GLU B 494 26.41 -33.14 13.24
CA GLU B 494 27.62 -33.78 12.81
C GLU B 494 28.59 -34.01 13.95
N LYS B 495 28.90 -33.01 14.86
CA LYS B 495 29.83 -33.11 15.97
C LYS B 495 29.20 -34.01 17.03
N ALA B 496 27.89 -33.85 17.27
CA ALA B 496 27.08 -34.51 18.25
C ALA B 496 26.89 -36.01 17.97
N ASN B 497 26.94 -36.46 16.67
CA ASN B 497 26.37 -37.69 16.22
C ASN B 497 26.78 -38.88 16.98
N ASP B 498 28.11 -38.98 17.28
CA ASP B 498 28.61 -40.07 18.07
C ASP B 498 28.13 -40.23 19.50
N ILE B 499 28.10 -39.14 20.29
CA ILE B 499 27.72 -39.08 21.65
C ILE B 499 26.26 -39.33 21.81
N LEU B 500 25.46 -38.81 20.82
CA LEU B 500 23.99 -38.88 20.87
C LEU B 500 23.57 -40.27 20.56
N ALA B 501 24.31 -41.04 19.70
CA ALA B 501 23.89 -42.33 19.25
C ALA B 501 23.66 -43.28 20.39
N THR B 502 24.48 -43.30 21.44
CA THR B 502 24.22 -44.24 22.59
C THR B 502 22.92 -43.87 23.38
N PRO B 503 22.16 -44.80 24.01
CA PRO B 503 21.00 -44.61 24.89
C PRO B 503 21.14 -43.48 25.81
N SER B 504 20.00 -42.73 25.97
CA SER B 504 19.94 -41.50 26.65
C SER B 504 20.22 -41.73 28.13
N ASP B 505 21.05 -40.71 28.63
CA ASP B 505 21.44 -40.64 29.97
C ASP B 505 21.74 -39.16 30.13
N SER B 506 22.03 -38.76 31.40
CA SER B 506 22.20 -37.40 31.86
C SER B 506 23.40 -36.65 31.24
N LEU B 507 24.54 -37.40 31.10
CA LEU B 507 25.70 -36.80 30.61
C LEU B 507 25.63 -36.44 29.06
N PRO B 508 24.96 -37.18 28.13
CA PRO B 508 24.77 -36.74 26.71
C PRO B 508 24.12 -35.34 26.63
N ASN B 509 23.16 -35.04 27.50
CA ASN B 509 22.39 -33.82 27.52
C ASN B 509 23.34 -32.58 27.75
N TYR B 510 24.36 -32.69 28.69
CA TYR B 510 25.39 -31.69 29.00
C TYR B 510 26.30 -31.48 27.83
N LYS B 511 26.77 -32.59 27.22
CA LYS B 511 27.72 -32.61 26.17
C LYS B 511 27.10 -31.91 24.99
N LEU B 512 25.80 -32.20 24.73
CA LEU B 512 25.10 -31.66 23.60
C LEU B 512 24.92 -30.14 23.74
N THR B 513 24.70 -29.61 24.96
CA THR B 513 24.55 -28.13 25.22
C THR B 513 25.92 -27.45 24.91
N ARG B 514 27.05 -28.12 25.40
CA ARG B 514 28.47 -27.72 25.24
C ARG B 514 28.87 -27.72 23.89
N VAL B 515 28.48 -28.75 23.12
CA VAL B 515 28.69 -28.92 21.67
C VAL B 515 27.99 -27.80 20.97
N LEU B 516 26.83 -27.31 21.46
CA LEU B 516 26.11 -26.23 20.79
C LEU B 516 26.95 -24.93 20.77
N GLN B 517 27.62 -24.51 21.88
CA GLN B 517 28.45 -23.34 21.88
C GLN B 517 29.68 -23.45 20.93
N GLU B 518 30.32 -24.64 21.02
CA GLU B 518 31.53 -24.95 20.29
C GLU B 518 31.20 -24.89 18.79
N ALA B 519 29.93 -25.40 18.43
CA ALA B 519 29.43 -25.29 17.06
C ALA B 519 29.30 -23.86 16.58
N VAL B 520 28.79 -22.92 17.41
CA VAL B 520 28.56 -21.51 17.08
C VAL B 520 29.78 -20.77 16.82
N GLN B 521 30.85 -21.03 17.61
CA GLN B 521 32.25 -20.51 17.40
C GLN B 521 32.83 -21.04 16.06
N LEU B 522 32.68 -22.33 15.76
CA LEU B 522 33.15 -23.10 14.63
C LEU B 522 32.55 -22.57 13.27
N SER B 523 31.24 -22.23 13.22
CA SER B 523 30.48 -21.82 12.09
C SER B 523 30.70 -20.46 11.53
N SER B 524 31.59 -19.76 12.22
CA SER B 524 32.00 -18.39 11.94
C SER B 524 30.90 -17.38 12.05
N LEU B 525 30.28 -17.35 13.28
CA LEU B 525 29.25 -16.39 13.60
C LEU B 525 30.06 -15.26 14.01
N ARG B 526 29.96 -14.09 13.32
CA ARG B 526 30.94 -13.04 13.49
C ARG B 526 30.72 -12.30 14.88
N HIS B 527 31.83 -12.06 15.60
CA HIS B 527 31.74 -11.34 16.82
C HIS B 527 32.63 -10.16 16.64
N LEU B 528 31.98 -9.03 16.29
CA LEU B 528 32.69 -7.81 15.88
C LEU B 528 31.99 -6.69 16.56
N MET B 529 31.27 -6.89 17.68
CA MET B 529 30.68 -5.89 18.42
C MET B 529 30.38 -6.59 19.68
N ASN B 530 30.02 -5.77 20.71
CA ASN B 530 29.66 -6.24 22.00
C ASN B 530 28.41 -7.10 21.87
N SER B 531 27.44 -6.58 21.05
CA SER B 531 26.13 -7.21 20.88
C SER B 531 26.03 -8.64 20.33
N PRO B 532 26.73 -9.22 19.28
CA PRO B 532 26.67 -10.66 18.98
C PRO B 532 27.30 -11.55 20.08
N ARG B 533 28.29 -11.01 20.81
CA ARG B 533 28.95 -11.69 21.86
C ARG B 533 28.03 -12.01 22.94
N ASN B 534 27.22 -11.00 23.39
CA ASN B 534 26.40 -11.28 24.53
C ASN B 534 25.04 -11.58 23.99
N SER B 535 24.98 -12.64 23.10
CA SER B 535 23.79 -13.08 22.49
C SER B 535 23.07 -14.10 23.39
N SER B 536 21.85 -14.62 22.96
CA SER B 536 21.06 -15.48 23.88
C SER B 536 21.82 -16.69 24.23
N VAL B 537 22.51 -17.34 23.22
CA VAL B 537 23.16 -18.61 23.22
C VAL B 537 24.38 -18.58 24.17
N ILE B 538 25.23 -17.55 24.18
CA ILE B 538 26.38 -17.41 25.03
C ILE B 538 26.01 -17.31 26.44
N ASN B 539 25.06 -16.35 26.70
CA ASN B 539 24.60 -16.09 28.06
C ASN B 539 23.82 -17.12 28.75
N GLY B 540 22.95 -17.82 28.00
CA GLY B 540 21.81 -18.50 28.59
C GLY B 540 21.39 -19.58 27.72
N LEU B 541 21.97 -20.81 27.96
CA LEU B 541 21.41 -21.92 27.25
C LEU B 541 21.39 -23.09 28.21
N ASP B 542 20.20 -23.61 28.52
CA ASP B 542 20.16 -24.80 29.39
C ASP B 542 19.30 -25.82 28.57
N ALA B 543 19.56 -27.20 28.63
CA ALA B 543 18.75 -28.21 27.88
C ALA B 543 17.68 -28.76 28.82
N ARG B 544 16.45 -28.87 28.26
CA ARG B 544 15.37 -29.32 29.04
C ARG B 544 15.01 -30.59 28.38
N VAL B 545 14.51 -31.60 29.09
CA VAL B 545 14.15 -32.85 28.44
C VAL B 545 12.62 -33.00 28.71
N LEU B 546 11.87 -33.47 27.68
CA LEU B 546 10.41 -33.58 27.77
C LEU B 546 10.10 -35.07 27.68
N ASP B 547 8.90 -35.40 28.22
CA ASP B 547 8.19 -36.66 28.09
C ASP B 547 7.40 -36.76 26.78
N LEU B 548 7.17 -35.50 26.27
CA LEU B 548 6.38 -35.14 25.06
C LEU B 548 7.31 -35.16 23.92
N GLY B 549 8.61 -35.36 24.26
CA GLY B 549 9.60 -35.42 23.25
C GLY B 549 10.43 -36.65 23.48
N HIS B 550 10.07 -37.49 24.53
CA HIS B 550 10.80 -38.66 24.91
C HIS B 550 10.88 -39.75 23.77
N GLY B 551 12.06 -40.41 23.74
CA GLY B 551 12.41 -41.40 22.81
C GLY B 551 13.11 -42.51 23.50
N SER B 552 14.34 -42.73 23.08
CA SER B 552 15.21 -43.74 23.67
C SER B 552 16.61 -43.55 23.33
N VAL B 553 16.89 -42.44 22.57
CA VAL B 553 18.26 -42.02 22.31
C VAL B 553 18.19 -40.53 22.70
N GLY B 554 19.40 -39.85 22.82
CA GLY B 554 19.52 -38.41 23.09
C GLY B 554 19.08 -37.46 21.92
N TRP B 555 18.53 -38.01 20.83
CA TRP B 555 18.30 -37.24 19.67
C TRP B 555 16.90 -36.71 19.72
N ASP B 556 16.00 -37.16 20.66
CA ASP B 556 14.56 -36.77 20.53
C ASP B 556 14.25 -36.07 21.80
N VAL B 557 14.91 -36.50 22.94
CA VAL B 557 14.49 -36.16 24.31
C VAL B 557 14.54 -34.66 24.58
N PHE B 558 15.63 -34.14 24.06
CA PHE B 558 16.24 -32.89 24.11
C PHE B 558 15.36 -31.81 23.50
N THR B 559 15.33 -30.67 24.15
CA THR B 559 14.77 -29.39 23.82
C THR B 559 15.66 -28.38 24.57
N LEU B 560 15.52 -27.08 24.29
CA LEU B 560 16.22 -25.95 24.90
C LEU B 560 15.30 -24.90 25.59
N ASP B 561 15.78 -24.35 26.67
CA ASP B 561 15.11 -23.31 27.36
C ASP B 561 16.12 -22.25 27.57
N TYR B 562 15.61 -21.09 27.34
CA TYR B 562 16.46 -19.90 27.36
C TYR B 562 15.83 -19.03 28.42
N ILE B 563 16.72 -18.51 29.27
CA ILE B 563 16.44 -17.77 30.44
C ILE B 563 15.74 -16.43 30.10
N LEU B 564 15.33 -15.74 31.18
CA LEU B 564 14.61 -14.48 31.20
C LEU B 564 15.38 -13.39 30.42
N TYR B 565 14.66 -12.59 29.54
CA TYR B 565 15.16 -11.45 28.84
C TYR B 565 13.87 -10.72 28.59
N PRO B 566 13.60 -9.60 29.15
CA PRO B 566 12.38 -8.89 28.97
C PRO B 566 12.44 -8.19 27.61
N PRO B 567 11.35 -7.87 26.91
CA PRO B 567 9.96 -7.90 27.27
C PRO B 567 9.35 -9.30 27.30
N LEU B 568 10.09 -10.33 26.80
CA LEU B 568 9.53 -11.62 26.63
C LEU B 568 9.18 -12.20 28.01
N SER B 569 9.83 -11.73 29.12
CA SER B 569 9.57 -12.11 30.52
C SER B 569 8.28 -11.99 31.13
N LEU B 570 7.44 -11.02 30.66
CA LEU B 570 6.18 -10.90 31.33
C LEU B 570 5.24 -12.17 31.27
N VAL B 571 5.25 -12.76 30.05
CA VAL B 571 4.46 -13.94 29.81
C VAL B 571 4.95 -15.25 30.42
N LEU B 572 6.26 -15.31 30.69
CA LEU B 572 6.95 -16.40 31.40
C LEU B 572 6.73 -16.35 32.88
N ASN B 573 6.17 -15.19 33.31
CA ASN B 573 6.02 -14.96 34.71
C ASN B 573 4.63 -14.54 35.04
N VAL B 574 3.77 -15.57 35.02
CA VAL B 574 2.35 -15.47 35.30
C VAL B 574 2.37 -16.41 36.50
N ASN B 575 3.10 -17.51 36.34
CA ASN B 575 3.52 -18.40 37.44
C ASN B 575 4.48 -19.47 36.86
N ARG B 576 4.63 -19.56 35.50
CA ARG B 576 5.22 -20.72 34.84
C ARG B 576 5.60 -20.25 33.43
N PRO B 577 6.54 -20.94 32.78
CA PRO B 577 6.96 -20.38 31.49
C PRO B 577 6.18 -21.01 30.33
N PHE B 578 4.99 -20.43 30.09
CA PHE B 578 3.94 -20.94 29.24
C PHE B 578 4.38 -20.82 27.78
N GLY B 579 5.00 -19.73 27.45
CA GLY B 579 5.58 -19.50 26.13
C GLY B 579 6.64 -20.47 25.75
N ARG B 580 7.51 -20.80 26.72
CA ARG B 580 8.68 -21.63 26.50
C ARG B 580 8.25 -23.01 26.07
N LYS B 581 7.15 -23.56 26.66
CA LYS B 581 6.59 -24.87 26.36
C LYS B 581 6.15 -25.11 24.97
N GLU B 582 5.49 -24.09 24.39
CA GLU B 582 5.03 -24.15 22.98
C GLU B 582 6.23 -24.22 22.03
N TYR B 583 7.26 -23.45 22.23
CA TYR B 583 8.43 -23.48 21.46
C TYR B 583 9.17 -24.82 21.48
N LEU B 584 9.17 -25.51 22.62
CA LEU B 584 9.89 -26.76 22.71
C LEU B 584 9.36 -27.80 21.72
N ARG B 585 7.98 -27.83 21.53
CA ARG B 585 7.35 -28.75 20.66
C ARG B 585 7.81 -28.44 19.21
N ILE B 586 7.88 -27.12 18.74
CA ILE B 586 8.35 -26.81 17.39
C ILE B 586 9.74 -27.27 17.19
N PHE B 587 10.66 -27.09 18.16
CA PHE B 587 12.07 -27.42 18.03
C PHE B 587 12.20 -28.90 17.68
N ASN B 588 11.41 -29.82 18.39
CA ASN B 588 11.48 -31.24 18.17
C ASN B 588 11.16 -31.68 16.73
N PHE B 589 10.07 -31.12 16.21
CA PHE B 589 9.56 -31.54 14.92
C PHE B 589 10.44 -31.21 13.84
N LEU B 590 10.95 -30.00 13.88
CA LEU B 590 11.83 -29.35 12.99
C LEU B 590 13.19 -29.99 12.91
N TRP B 591 13.76 -30.31 14.09
CA TRP B 591 14.95 -31.16 14.28
C TRP B 591 14.82 -32.57 13.89
N ARG B 592 13.68 -33.28 14.08
CA ARG B 592 13.55 -34.69 13.82
C ARG B 592 13.77 -34.85 12.31
N PHE B 593 13.20 -33.97 11.48
CA PHE B 593 13.40 -34.10 10.04
C PHE B 593 14.85 -33.93 9.64
N LYS B 594 15.38 -32.88 10.29
CA LYS B 594 16.72 -32.43 10.03
C LYS B 594 17.86 -33.39 10.31
N LYS B 595 17.76 -34.10 11.44
CA LYS B 595 18.78 -35.03 11.74
C LYS B 595 18.69 -36.19 10.81
N ASN B 596 17.47 -36.68 10.43
CA ASN B 596 17.31 -37.80 9.54
C ASN B 596 17.92 -37.43 8.21
N ASN B 597 17.73 -36.15 7.72
CA ASN B 597 18.22 -35.67 6.48
C ASN B 597 19.69 -35.73 6.44
N TYR B 598 20.44 -35.31 7.47
CA TYR B 598 21.87 -35.28 7.52
C TYR B 598 22.47 -36.70 7.50
N PHE B 599 21.83 -37.60 8.27
CA PHE B 599 22.33 -38.93 8.44
C PHE B 599 22.29 -39.67 7.16
N TYR B 600 21.22 -39.45 6.40
CA TYR B 600 21.01 -39.93 5.05
C TYR B 600 22.02 -39.33 4.10
N GLN B 601 22.28 -38.00 4.17
CA GLN B 601 23.20 -37.32 3.30
C GLN B 601 24.64 -37.79 3.38
N LYS B 602 25.12 -38.03 4.59
CA LYS B 602 26.53 -38.50 4.73
C LYS B 602 26.89 -39.85 4.11
N GLU B 603 25.92 -40.74 4.28
CA GLU B 603 25.79 -42.13 3.89
C GLU B 603 25.84 -42.17 2.38
N MET B 604 25.07 -41.24 1.68
CA MET B 604 24.93 -41.05 0.30
C MET B 604 26.28 -40.53 -0.24
N LEU B 605 26.96 -39.55 0.39
CA LEU B 605 28.32 -39.02 -0.04
C LEU B 605 29.31 -40.08 0.02
N LYS B 606 29.28 -40.98 1.05
CA LYS B 606 30.16 -42.13 1.19
C LYS B 606 30.01 -43.15 -0.02
N SER B 607 28.78 -43.46 -0.41
CA SER B 607 28.41 -44.33 -1.49
C SER B 607 28.73 -43.82 -2.86
N ASN B 608 28.92 -42.51 -2.95
CA ASN B 608 29.39 -41.84 -4.17
C ASN B 608 30.89 -41.60 -4.17
N ASP B 609 31.66 -42.42 -3.36
CA ASP B 609 33.16 -42.52 -3.38
C ASP B 609 33.34 -43.90 -4.03
N ILE B 610 34.56 -44.15 -4.56
CA ILE B 610 34.93 -45.35 -5.23
C ILE B 610 35.34 -46.39 -4.12
N ILE B 611 35.74 -46.01 -2.88
CA ILE B 611 36.22 -46.85 -1.81
C ILE B 611 35.22 -47.90 -1.46
N ARG B 612 34.02 -47.36 -1.18
CA ARG B 612 32.93 -48.08 -0.78
C ARG B 612 31.73 -47.72 -1.63
N ILE B 628 31.23 -50.62 -11.57
CA ILE B 628 31.28 -49.36 -12.32
C ILE B 628 29.91 -49.00 -12.70
N ASN B 629 29.20 -49.75 -13.61
CA ASN B 629 27.89 -49.47 -14.00
C ASN B 629 26.88 -49.55 -12.83
N LYS B 630 27.08 -50.58 -11.96
CA LYS B 630 26.24 -50.81 -10.77
C LYS B 630 26.23 -49.64 -9.75
N LEU B 631 27.41 -48.99 -9.61
CA LEU B 631 27.64 -47.77 -8.87
C LEU B 631 26.82 -46.65 -9.42
N SER B 632 26.75 -46.50 -10.76
CA SER B 632 26.08 -45.51 -11.58
C SER B 632 24.61 -45.62 -11.51
N ARG B 633 24.01 -46.84 -11.40
CA ARG B 633 22.57 -47.02 -11.19
C ARG B 633 22.16 -46.38 -9.90
N ILE B 634 22.98 -46.69 -8.87
CA ILE B 634 22.75 -46.14 -7.52
C ILE B 634 22.81 -44.69 -7.52
N SER B 635 23.77 -44.03 -8.25
CA SER B 635 24.11 -42.61 -8.36
C SER B 635 23.05 -41.70 -8.84
N ILE B 636 22.32 -42.15 -9.90
CA ILE B 636 21.15 -41.42 -10.48
C ILE B 636 20.04 -41.48 -9.42
N LEU B 637 19.79 -42.64 -8.79
CA LEU B 637 18.69 -42.75 -7.83
C LEU B 637 18.81 -41.85 -6.64
N ARG B 638 20.07 -41.80 -6.11
CA ARG B 638 20.58 -40.98 -5.01
C ARG B 638 20.38 -39.49 -5.33
N THR B 639 20.67 -38.94 -6.58
CA THR B 639 20.56 -37.55 -6.92
C THR B 639 19.17 -37.16 -6.91
N GLN B 640 18.25 -38.01 -7.42
CA GLN B 640 16.85 -37.66 -7.43
C GLN B 640 16.22 -37.59 -6.06
N PHE B 641 16.52 -38.54 -5.14
CA PHE B 641 15.97 -38.53 -3.76
C PHE B 641 16.37 -37.36 -2.91
N GLN B 642 17.64 -36.93 -3.11
CA GLN B 642 18.24 -35.80 -2.53
C GLN B 642 17.63 -34.60 -2.96
N GLN B 643 17.19 -34.51 -4.25
CA GLN B 643 16.42 -33.42 -4.75
C GLN B 643 15.00 -33.26 -4.09
N PHE B 644 14.30 -34.38 -3.89
CA PHE B 644 12.92 -34.35 -3.39
C PHE B 644 12.89 -33.74 -2.03
N ASN B 645 13.84 -34.23 -1.17
CA ASN B 645 13.97 -33.78 0.18
C ASN B 645 14.31 -32.28 0.17
N SER B 646 15.20 -31.93 -0.80
CA SER B 646 15.67 -30.57 -0.92
C SER B 646 14.62 -29.57 -1.25
N LYS B 647 13.63 -29.91 -2.09
CA LYS B 647 12.53 -29.03 -2.40
C LYS B 647 11.66 -28.79 -1.20
N MET B 648 11.33 -29.86 -0.40
CA MET B 648 10.49 -29.71 0.77
C MET B 648 11.14 -28.74 1.80
N GLU B 649 12.47 -28.91 2.06
CA GLU B 649 13.23 -28.08 2.94
C GLU B 649 13.27 -26.61 2.50
N SER B 650 13.52 -26.40 1.19
CA SER B 650 13.66 -25.14 0.59
C SER B 650 12.46 -24.25 0.74
N TYR B 651 11.29 -24.78 0.37
CA TYR B 651 10.10 -24.01 0.24
C TYR B 651 9.61 -23.59 1.61
N TYR B 652 9.65 -24.61 2.61
CA TYR B 652 9.40 -24.37 4.03
C TYR B 652 10.29 -23.37 4.65
N LEU B 653 11.58 -23.44 4.42
CA LEU B 653 12.46 -22.40 4.95
C LEU B 653 12.22 -21.04 4.32
N ASN B 654 12.12 -20.94 2.96
CA ASN B 654 12.00 -19.58 2.42
C ASN B 654 10.69 -18.84 2.74
N CYS B 655 9.51 -19.38 2.37
CA CYS B 655 8.19 -18.69 2.40
C CYS B 655 7.67 -18.61 3.79
N ILE B 656 8.17 -19.39 4.76
CA ILE B 656 7.60 -19.51 6.08
C ILE B 656 8.55 -18.87 6.93
N ILE B 657 9.66 -19.60 7.25
CA ILE B 657 10.56 -19.27 8.32
C ILE B 657 11.23 -17.92 8.14
N GLU B 658 11.88 -17.65 6.99
CA GLU B 658 12.54 -16.47 6.61
C GLU B 658 11.68 -15.27 6.47
N GLU B 659 10.44 -15.40 5.87
CA GLU B 659 9.45 -14.36 5.72
C GLU B 659 8.91 -13.86 7.02
N ASN B 660 8.58 -14.74 7.97
CA ASN B 660 8.09 -14.53 9.31
C ASN B 660 9.17 -13.79 10.11
N PHE B 661 10.50 -14.25 9.99
CA PHE B 661 11.58 -13.62 10.70
C PHE B 661 11.66 -12.19 10.16
N LYS B 662 11.50 -11.94 8.81
CA LYS B 662 11.67 -10.69 8.15
C LYS B 662 10.63 -9.73 8.74
N GLU B 663 9.32 -10.19 8.97
CA GLU B 663 8.25 -9.34 9.47
C GLU B 663 8.65 -8.82 10.87
N MET B 664 9.29 -9.74 11.79
CA MET B 664 9.71 -9.42 13.17
C MET B 664 10.76 -8.31 13.15
N THR B 665 11.79 -8.36 12.26
CA THR B 665 12.82 -7.34 12.17
C THR B 665 12.29 -6.00 11.69
N ARG B 666 11.42 -6.03 10.67
CA ARG B 666 10.87 -4.80 10.07
C ARG B 666 10.05 -4.03 11.04
N LYS B 667 9.21 -4.84 11.86
CA LYS B 667 8.37 -4.30 12.84
C LYS B 667 9.13 -3.63 13.92
N LEU B 668 10.31 -4.15 14.40
CA LEU B 668 11.13 -3.47 15.45
C LEU B 668 11.67 -2.13 14.98
N GLN B 669 12.18 -2.21 13.75
CA GLN B 669 12.87 -1.07 13.21
C GLN B 669 11.91 0.10 12.98
N ARG B 670 10.70 -0.18 12.50
CA ARG B 670 9.64 0.66 12.11
C ARG B 670 9.24 1.43 13.24
N THR B 671 8.99 0.96 14.47
CA THR B 671 8.63 1.77 15.56
C THR B 671 9.86 2.55 16.08
N LEU B 719 9.50 -2.34 20.76
CA LEU B 719 8.89 -1.58 21.92
C LEU B 719 8.28 -2.43 23.01
N ASN B 720 7.39 -3.36 22.63
CA ASN B 720 6.60 -4.19 23.55
C ASN B 720 6.71 -5.64 23.11
N ILE B 721 6.03 -6.42 23.91
CA ILE B 721 5.83 -7.84 23.91
C ILE B 721 5.14 -8.35 22.69
N ASP B 722 4.21 -7.57 22.20
CA ASP B 722 3.21 -7.95 21.20
C ASP B 722 3.76 -8.34 19.93
N GLU B 723 4.85 -7.69 19.50
CA GLU B 723 5.46 -8.09 18.24
C GLU B 723 5.98 -9.46 18.20
N LEU B 724 6.62 -9.94 19.35
CA LEU B 724 7.07 -11.25 19.52
C LEU B 724 5.90 -12.24 19.57
N GLU B 725 4.80 -11.97 20.30
CA GLU B 725 3.61 -12.77 20.38
C GLU B 725 2.93 -12.89 18.99
N SER B 726 2.82 -11.82 18.17
CA SER B 726 2.19 -11.96 16.91
C SER B 726 2.90 -12.96 16.05
N VAL B 727 4.25 -12.74 15.92
CA VAL B 727 5.07 -13.62 15.14
C VAL B 727 5.10 -14.99 15.65
N HIS B 728 5.14 -15.26 16.95
CA HIS B 728 5.15 -16.57 17.57
C HIS B 728 3.87 -17.42 17.18
N ASN B 729 2.70 -16.75 17.19
CA ASN B 729 1.44 -17.35 16.78
C ASN B 729 1.60 -17.73 15.35
N THR B 730 2.24 -16.88 14.50
CA THR B 730 2.39 -17.16 13.06
C THR B 730 3.28 -18.36 12.83
N PHE B 731 4.39 -18.49 13.56
CA PHE B 731 5.32 -19.58 13.53
C PHE B 731 4.66 -20.92 13.90
N LEU B 732 3.89 -20.91 15.01
CA LEU B 732 3.20 -22.07 15.49
C LEU B 732 2.13 -22.59 14.67
N THR B 733 1.30 -21.65 14.14
CA THR B 733 0.14 -22.06 13.29
C THR B 733 0.61 -22.75 12.00
N ASN B 734 1.70 -22.25 11.33
CA ASN B 734 2.24 -22.92 10.17
C ASN B 734 2.79 -24.29 10.47
N ILE B 735 3.47 -24.47 11.60
CA ILE B 735 4.10 -25.63 12.02
C ILE B 735 3.06 -26.79 12.13
N LEU B 736 1.82 -26.51 12.62
CA LEU B 736 0.77 -27.56 12.76
C LEU B 736 0.37 -28.07 11.43
N SER B 737 0.24 -27.13 10.48
CA SER B 737 -0.19 -27.44 9.17
C SER B 737 0.79 -28.37 8.57
N HIS B 738 2.03 -27.99 8.72
CA HIS B 738 3.16 -28.71 8.24
C HIS B 738 3.44 -30.09 8.77
N LYS B 739 3.15 -30.17 10.10
CA LYS B 739 3.18 -31.36 10.92
C LYS B 739 2.23 -32.34 10.41
N LEU B 740 0.91 -31.90 10.15
CA LEU B 740 -0.11 -32.81 9.74
C LEU B 740 0.10 -33.42 8.34
N PHE B 741 0.41 -32.58 7.34
CA PHE B 741 0.64 -33.05 5.96
C PHE B 741 1.96 -33.71 5.76
N ALA B 742 3.14 -33.06 6.07
CA ALA B 742 4.43 -33.75 5.92
C ALA B 742 4.87 -34.66 7.02
N THR B 743 4.95 -34.06 8.25
CA THR B 743 5.85 -34.69 9.26
C THR B 743 5.23 -34.60 10.68
N GLN B 756 3.46 -37.44 8.86
CA GLN B 756 4.23 -38.76 9.15
C GLN B 756 4.73 -39.55 8.01
N PRO B 757 4.31 -39.49 6.69
CA PRO B 757 4.91 -40.24 5.60
C PRO B 757 6.35 -39.90 5.27
N TYR B 758 6.75 -38.57 5.35
CA TYR B 758 8.04 -38.23 4.87
C TYR B 758 9.18 -38.84 5.68
N PRO B 759 9.16 -38.77 7.03
CA PRO B 759 10.13 -39.38 7.85
C PRO B 759 10.20 -40.96 7.73
N THR B 760 9.05 -41.63 7.38
CA THR B 760 8.94 -43.04 7.19
C THR B 760 9.73 -43.52 6.04
N SER B 761 9.61 -42.75 4.94
CA SER B 761 10.38 -43.04 3.79
C SER B 761 11.82 -42.82 4.03
N LEU B 762 12.12 -41.66 4.63
CA LEU B 762 13.45 -41.20 4.64
C LEU B 762 14.38 -42.19 5.36
N VAL B 763 13.82 -42.78 6.47
CA VAL B 763 14.49 -43.76 7.33
C VAL B 763 14.76 -45.04 6.61
N LEU B 764 13.76 -45.45 5.67
CA LEU B 764 13.78 -46.65 4.99
C LEU B 764 14.98 -46.70 4.02
N LEU B 765 15.17 -45.51 3.45
CA LEU B 765 16.30 -45.17 2.58
C LEU B 765 17.62 -45.30 3.35
N LEU B 766 17.61 -44.84 4.61
CA LEU B 766 18.75 -44.68 5.48
C LEU B 766 19.38 -46.04 5.71
N ASN B 767 18.44 -47.08 5.90
CA ASN B 767 18.81 -48.50 6.04
C ASN B 767 19.45 -49.09 4.82
N SER B 768 18.92 -48.76 3.66
CA SER B 768 19.44 -49.25 2.39
C SER B 768 20.83 -48.83 2.03
N VAL B 769 21.19 -47.52 2.30
CA VAL B 769 22.51 -47.01 2.07
C VAL B 769 23.51 -47.72 2.96
N TYR B 770 23.16 -48.09 4.28
CA TYR B 770 24.04 -48.82 5.15
C TYR B 770 24.44 -50.16 4.52
N GLU B 771 23.42 -50.90 3.98
CA GLU B 771 23.66 -52.19 3.47
C GLU B 771 24.59 -52.18 2.32
N PHE B 772 24.42 -51.21 1.40
CA PHE B 772 25.23 -51.21 0.22
C PHE B 772 26.77 -51.02 0.52
N VAL B 773 27.04 -49.95 1.36
CA VAL B 773 28.40 -49.63 1.78
C VAL B 773 29.12 -50.80 2.53
N LYS B 774 28.36 -51.53 3.39
CA LYS B 774 28.95 -52.73 4.05
C LYS B 774 29.35 -53.73 3.10
N VAL B 775 28.57 -54.12 2.04
CA VAL B 775 28.97 -55.05 0.99
C VAL B 775 30.16 -54.63 0.15
N TYR B 776 30.31 -53.39 -0.30
CA TYR B 776 31.32 -52.89 -1.22
C TYR B 776 32.75 -53.05 -0.68
N CYS B 777 32.87 -52.79 0.64
CA CYS B 777 34.10 -52.85 1.39
C CYS B 777 34.72 -54.27 1.41
N ASN B 778 33.86 -55.30 1.50
CA ASN B 778 34.32 -56.72 1.55
C ASN B 778 35.09 -57.08 0.34
N LEU B 779 34.57 -56.59 -0.83
CA LEU B 779 35.19 -56.82 -2.14
C LEU B 779 36.43 -55.89 -2.21
N ASN B 780 37.53 -56.27 -2.93
CA ASN B 780 38.77 -55.47 -3.05
C ASN B 780 39.37 -55.46 -4.49
N SER B 798 36.92 -63.67 -3.97
CA SER B 798 36.50 -62.46 -4.73
C SER B 798 35.05 -62.62 -5.33
N ASN B 799 34.81 -63.80 -6.01
CA ASN B 799 33.63 -64.15 -6.70
C ASN B 799 32.40 -64.25 -5.94
N GLY B 800 32.44 -64.85 -4.73
CA GLY B 800 31.38 -65.03 -3.77
C GLY B 800 30.97 -63.62 -3.29
N LEU B 801 31.96 -62.67 -3.10
CA LEU B 801 31.71 -61.30 -2.56
C LEU B 801 30.89 -60.45 -3.46
N LEU B 802 31.19 -60.57 -4.74
CA LEU B 802 30.60 -59.96 -5.92
C LEU B 802 29.16 -60.37 -6.20
N GLY B 803 28.90 -61.74 -6.02
CA GLY B 803 27.67 -62.43 -6.09
C GLY B 803 26.65 -61.97 -4.98
N LYS B 804 27.20 -61.80 -3.77
CA LYS B 804 26.46 -61.30 -2.68
C LYS B 804 26.02 -59.88 -2.96
N PHE B 805 27.00 -59.11 -3.56
CA PHE B 805 26.83 -57.66 -3.88
C PHE B 805 25.75 -57.44 -4.93
N ASN B 806 25.68 -58.23 -6.03
CA ASN B 806 24.65 -58.02 -7.02
C ASN B 806 23.29 -58.31 -6.37
N THR B 807 23.18 -59.40 -5.52
CA THR B 807 21.86 -59.66 -4.91
C THR B 807 21.46 -58.56 -3.96
N ASN B 808 22.39 -58.01 -3.12
CA ASN B 808 22.03 -56.97 -2.23
C ASN B 808 21.53 -55.69 -2.94
N LEU B 809 22.19 -55.32 -4.07
CA LEU B 809 22.03 -54.18 -4.94
C LEU B 809 20.71 -54.20 -5.58
N LYS B 810 20.21 -55.40 -6.02
CA LYS B 810 18.91 -55.59 -6.62
C LYS B 810 17.76 -55.27 -5.65
N GLU B 811 17.94 -55.74 -4.42
CA GLU B 811 16.92 -55.56 -3.31
C GLU B 811 16.83 -54.14 -2.99
N ILE B 812 17.97 -53.44 -2.93
CA ILE B 812 18.01 -52.00 -2.68
C ILE B 812 17.38 -51.16 -3.77
N VAL B 813 17.57 -51.36 -5.07
CA VAL B 813 16.90 -50.68 -6.16
C VAL B 813 15.42 -50.88 -6.20
N SER B 814 14.94 -52.14 -5.92
CA SER B 814 13.50 -52.46 -5.90
C SER B 814 12.74 -51.75 -4.79
N GLN B 815 13.38 -51.65 -3.56
CA GLN B 815 12.88 -50.89 -2.47
C GLN B 815 12.84 -49.48 -2.86
N TYR B 816 13.86 -48.96 -3.52
CA TYR B 816 13.97 -47.55 -3.97
C TYR B 816 12.86 -47.16 -4.92
N LYS B 817 12.49 -47.98 -5.85
CA LYS B 817 11.45 -47.89 -6.78
C LYS B 817 10.04 -47.80 -6.15
N ASN B 818 9.75 -48.62 -5.09
CA ASN B 818 8.55 -48.46 -4.30
C ASN B 818 8.44 -47.22 -3.58
N PHE B 819 9.62 -46.85 -2.98
CA PHE B 819 9.73 -45.64 -2.13
C PHE B 819 9.44 -44.35 -2.89
N LYS B 820 9.93 -44.35 -4.13
CA LYS B 820 9.94 -43.31 -5.15
C LYS B 820 8.55 -42.95 -5.56
N ASP B 821 7.65 -43.98 -5.64
CA ASP B 821 6.25 -43.78 -5.84
C ASP B 821 5.62 -42.98 -4.67
N ARG B 822 6.05 -43.37 -3.41
CA ARG B 822 5.55 -42.61 -2.33
C ARG B 822 5.94 -41.18 -2.24
N LEU B 823 7.24 -40.95 -2.53
CA LEU B 823 7.89 -39.63 -2.60
C LEU B 823 7.29 -38.75 -3.71
N TYR B 824 6.88 -39.34 -4.83
CA TYR B 824 6.24 -38.55 -5.86
C TYR B 824 4.92 -37.95 -5.36
N ILE B 825 4.13 -38.76 -4.61
CA ILE B 825 2.85 -38.38 -4.14
C ILE B 825 2.94 -37.22 -3.16
N PHE B 826 4.06 -37.30 -2.31
CA PHE B 826 4.31 -36.23 -1.32
C PHE B 826 4.57 -34.94 -2.09
N ARG B 827 5.32 -35.01 -3.24
CA ARG B 827 5.60 -33.89 -4.08
C ARG B 827 4.48 -33.15 -4.80
N ALA B 828 3.44 -33.92 -5.27
CA ALA B 828 2.30 -33.41 -6.00
C ALA B 828 1.55 -32.42 -5.21
N ASP B 829 1.36 -32.66 -3.88
CA ASP B 829 0.74 -31.83 -2.95
C ASP B 829 1.45 -30.45 -2.77
N LEU B 830 2.83 -30.44 -2.78
CA LEU B 830 3.63 -29.31 -2.62
C LEU B 830 3.38 -28.40 -3.79
N LYS B 831 3.22 -28.90 -5.05
CA LYS B 831 2.88 -27.98 -6.12
C LYS B 831 1.58 -27.34 -6.02
N ASN B 832 0.53 -28.11 -5.68
CA ASN B 832 -0.85 -27.66 -5.67
C ASN B 832 -1.18 -26.73 -4.54
N ASP B 833 -0.44 -26.79 -3.40
CA ASP B 833 -0.73 -26.07 -2.14
C ASP B 833 -2.07 -26.46 -1.55
N GLY B 834 -2.22 -27.77 -1.29
CA GLY B 834 -3.55 -28.29 -0.91
C GLY B 834 -3.76 -29.46 -1.74
N ASP B 835 -3.89 -30.68 -1.15
CA ASP B 835 -4.31 -31.84 -1.91
C ASP B 835 -4.84 -33.00 -1.05
N GLU B 836 -5.79 -33.83 -1.61
CA GLU B 836 -6.46 -34.92 -0.90
C GLU B 836 -5.50 -36.02 -0.65
N GLU B 837 -4.68 -36.28 -1.73
CA GLU B 837 -3.93 -37.55 -1.68
C GLU B 837 -2.95 -37.63 -0.54
N LEU B 838 -2.18 -36.57 -0.14
CA LEU B 838 -1.27 -36.63 0.98
C LEU B 838 -2.08 -36.77 2.23
N PHE B 839 -3.23 -36.08 2.35
CA PHE B 839 -4.08 -36.09 3.49
C PHE B 839 -4.59 -37.48 3.84
N LEU B 840 -5.03 -38.28 2.81
CA LEU B 840 -5.45 -39.65 2.94
C LEU B 840 -4.23 -40.46 3.40
N LEU B 841 -3.05 -40.21 2.84
CA LEU B 841 -1.84 -40.91 3.25
C LEU B 841 -1.40 -40.68 4.71
N SER B 842 -1.40 -39.43 5.17
CA SER B 842 -1.09 -39.04 6.55
C SER B 842 -2.10 -39.69 7.54
N LYS B 843 -3.38 -39.71 7.10
CA LYS B 843 -4.40 -40.36 7.87
C LYS B 843 -4.14 -41.84 7.99
N SER B 844 -3.71 -42.50 6.87
CA SER B 844 -3.40 -43.92 6.80
C SER B 844 -2.27 -44.29 7.74
N LEU B 845 -1.24 -43.43 7.78
CA LEU B 845 -0.09 -43.66 8.63
C LEU B 845 -0.33 -43.70 10.17
N ARG B 846 -1.10 -42.72 10.66
CA ARG B 846 -1.36 -42.53 12.06
C ARG B 846 -2.54 -43.50 12.46
N MET C 1 5.01 7.39 -18.66
CA MET C 1 6.18 6.54 -18.80
C MET C 1 6.30 5.77 -20.09
N GLY C 2 7.50 5.78 -20.70
CA GLY C 2 7.71 5.05 -21.85
C GLY C 2 7.36 5.89 -23.04
N GLY C 3 7.47 5.32 -24.30
CA GLY C 3 7.09 5.91 -25.56
C GLY C 3 8.20 6.71 -26.15
N GLU C 4 9.45 6.15 -25.97
CA GLU C 4 10.62 6.86 -26.44
C GLU C 4 10.77 6.84 -27.97
N ILE C 5 11.32 7.86 -28.55
CA ILE C 5 11.67 7.98 -29.97
C ILE C 5 13.09 8.35 -30.00
N ILE C 6 13.91 7.68 -30.92
CA ILE C 6 15.32 7.96 -30.91
C ILE C 6 15.42 8.71 -32.25
N THR C 7 16.15 9.88 -32.22
CA THR C 7 16.31 10.76 -33.34
C THR C 7 17.71 10.55 -33.85
N LEU C 8 17.80 10.38 -35.16
CA LEU C 8 19.06 10.24 -35.82
C LEU C 8 19.29 11.45 -36.70
N GLN C 9 20.43 12.19 -36.61
CA GLN C 9 20.63 13.39 -37.40
C GLN C 9 21.78 13.10 -38.33
N ALA C 10 21.61 13.26 -39.69
CA ALA C 10 22.52 13.02 -40.73
C ALA C 10 22.40 14.19 -41.68
N GLY C 11 23.47 14.70 -42.28
CA GLY C 11 23.54 15.83 -43.16
C GLY C 11 23.34 17.14 -42.55
N GLN C 12 23.49 18.15 -43.48
CA GLN C 12 23.34 19.56 -43.11
C GLN C 12 21.97 19.98 -42.61
N CYS C 13 20.89 19.61 -43.36
CA CYS C 13 19.53 19.90 -42.97
C CYS C 13 19.16 19.22 -41.75
N GLY C 14 19.46 17.92 -41.65
CA GLY C 14 19.07 17.10 -40.54
C GLY C 14 19.66 17.49 -39.19
N ASN C 15 20.96 17.81 -39.13
CA ASN C 15 21.62 18.38 -37.89
C ASN C 15 21.23 19.68 -37.50
N HIS C 16 21.06 20.65 -38.55
CA HIS C 16 20.55 21.97 -38.25
C HIS C 16 19.12 21.88 -37.75
N VAL C 17 18.23 21.17 -38.41
CA VAL C 17 16.85 21.05 -37.89
C VAL C 17 16.75 20.31 -36.60
N GLY C 18 17.49 19.21 -36.31
CA GLY C 18 17.47 18.46 -35.07
C GLY C 18 17.92 19.34 -34.00
N LYS C 19 19.00 20.17 -34.16
CA LYS C 19 19.45 20.96 -33.02
C LYS C 19 18.50 22.04 -32.60
N PHE C 20 17.94 22.63 -33.59
CA PHE C 20 16.94 23.69 -33.39
C PHE C 20 15.67 23.15 -32.72
N LEU C 21 15.27 21.92 -33.03
CA LEU C 21 14.19 21.12 -32.47
C LEU C 21 14.41 20.96 -30.99
N TRP C 22 15.63 20.68 -30.57
CA TRP C 22 15.93 20.57 -29.17
C TRP C 22 15.86 21.83 -28.33
N SER C 23 16.29 22.93 -28.96
CA SER C 23 16.15 24.27 -28.42
C SER C 23 14.70 24.75 -28.23
N GLN C 24 13.82 24.40 -29.19
CA GLN C 24 12.36 24.74 -29.23
C GLN C 24 11.61 24.00 -28.11
N LEU C 25 11.96 22.63 -27.95
CA LEU C 25 11.40 21.78 -26.92
C LEU C 25 11.89 22.29 -25.56
N ALA C 26 13.19 22.68 -25.37
CA ALA C 26 13.70 23.11 -24.12
C ALA C 26 13.02 24.34 -23.62
N LYS C 27 12.78 25.32 -24.54
CA LYS C 27 12.14 26.67 -24.23
C LYS C 27 10.74 26.46 -23.72
N GLU C 28 10.02 25.55 -24.36
CA GLU C 28 8.70 25.22 -24.00
C GLU C 28 8.56 24.53 -22.68
N HIS C 29 9.50 23.62 -22.38
CA HIS C 29 9.39 22.78 -21.19
C HIS C 29 10.18 23.19 -19.95
N ALA C 30 10.55 24.44 -19.76
CA ALA C 30 11.42 24.91 -18.62
C ALA C 30 12.74 24.15 -18.39
N ILE C 31 13.46 23.90 -19.47
CA ILE C 31 14.70 23.17 -19.60
C ILE C 31 15.60 24.28 -20.17
N GLY C 32 16.87 24.38 -19.78
CA GLY C 32 17.85 25.34 -20.26
C GLY C 32 18.31 25.08 -21.66
N THR C 33 19.42 25.69 -22.02
CA THR C 33 20.09 25.56 -23.30
C THR C 33 21.26 24.52 -23.17
N ASP C 34 21.58 24.15 -21.90
CA ASP C 34 22.49 23.08 -21.67
C ASP C 34 21.67 22.06 -21.01
N GLY C 35 20.53 22.44 -20.40
CA GLY C 35 19.59 21.53 -19.71
C GLY C 35 19.51 22.15 -18.38
N LEU C 36 18.25 22.56 -17.90
CA LEU C 36 17.97 23.05 -16.55
C LEU C 36 16.66 22.62 -15.99
N SER C 37 16.56 22.78 -14.69
CA SER C 37 15.52 22.29 -13.78
C SER C 37 14.18 22.81 -14.17
N GLN C 38 13.17 21.96 -14.03
CA GLN C 38 11.80 22.32 -14.26
C GLN C 38 11.31 23.21 -13.14
N LEU C 39 10.24 24.04 -13.39
CA LEU C 39 9.77 24.94 -12.33
C LEU C 39 8.51 24.57 -11.62
N PRO C 40 7.46 23.83 -12.10
CA PRO C 40 6.27 23.52 -11.35
C PRO C 40 6.64 22.55 -10.28
N ASP C 41 7.27 21.41 -10.53
CA ASP C 41 7.60 20.41 -9.58
C ASP C 41 6.43 19.73 -8.93
N SER C 42 5.52 19.23 -9.80
CA SER C 42 4.41 18.40 -9.38
C SER C 42 4.72 17.01 -9.17
N SER C 43 3.98 16.38 -8.28
CA SER C 43 4.00 14.93 -8.07
C SER C 43 3.51 14.14 -9.20
N THR C 44 2.31 14.58 -9.72
CA THR C 44 1.56 13.96 -10.79
C THR C 44 2.06 14.53 -12.05
N GLU C 45 1.82 13.87 -13.23
CA GLU C 45 2.16 14.29 -14.62
C GLU C 45 1.60 15.62 -15.03
N ARG C 46 2.35 16.32 -15.83
CA ARG C 46 1.92 17.64 -16.35
C ARG C 46 2.86 17.81 -17.46
N ASP C 47 3.55 16.70 -17.88
CA ASP C 47 4.40 16.53 -19.02
C ASP C 47 4.34 15.09 -19.24
N ASP C 48 4.85 14.67 -20.44
CA ASP C 48 4.93 13.29 -20.80
C ASP C 48 5.97 13.27 -21.91
N ASP C 49 6.44 14.46 -22.29
CA ASP C 49 7.42 14.78 -23.28
C ASP C 49 8.81 14.50 -22.80
N THR C 50 9.00 14.49 -21.48
CA THR C 50 10.33 14.40 -20.81
C THR C 50 10.98 13.16 -21.33
N LYS C 51 10.38 11.98 -21.01
CA LYS C 51 10.94 10.64 -21.24
C LYS C 51 11.05 10.34 -22.71
N PRO C 52 10.11 10.65 -23.59
CA PRO C 52 10.29 10.35 -25.02
C PRO C 52 11.48 10.94 -25.75
N PHE C 53 11.52 12.26 -25.52
CA PHE C 53 12.46 13.09 -26.16
C PHE C 53 13.81 13.18 -25.42
N PHE C 54 13.80 13.14 -24.11
CA PHE C 54 14.96 13.43 -23.26
C PHE C 54 15.13 12.16 -22.48
N ARG C 55 16.33 12.08 -22.02
CA ARG C 55 16.87 11.09 -21.16
C ARG C 55 17.47 11.97 -20.15
N GLU C 56 17.75 11.43 -18.91
CA GLU C 56 18.25 12.19 -17.79
C GLU C 56 19.69 12.00 -17.50
N ASN C 57 20.51 13.07 -17.39
CA ASN C 57 21.79 12.91 -16.75
C ASN C 57 21.60 13.45 -15.32
N SER C 58 21.66 12.55 -14.26
CA SER C 58 21.28 12.82 -12.83
C SER C 58 22.05 13.96 -12.28
N ARG C 59 21.28 15.19 -12.22
CA ARG C 59 21.76 16.51 -11.78
C ARG C 59 20.58 17.49 -12.32
N ASN C 60 19.46 16.94 -12.88
CA ASN C 60 18.45 17.66 -13.68
C ASN C 60 19.09 18.45 -14.80
N LYS C 61 19.89 17.63 -15.54
CA LYS C 61 20.46 17.90 -16.84
C LYS C 61 19.88 17.03 -17.84
N PHE C 62 18.88 17.47 -18.59
CA PHE C 62 18.20 16.68 -19.61
C PHE C 62 19.02 16.69 -20.86
N THR C 63 19.03 15.53 -21.55
CA THR C 63 19.80 15.24 -22.73
C THR C 63 18.87 14.70 -23.83
N PRO C 64 18.93 15.05 -25.10
CA PRO C 64 18.15 14.45 -26.16
C PRO C 64 18.74 13.07 -26.40
N ARG C 65 17.78 12.09 -26.64
CA ARG C 65 18.02 10.76 -27.06
C ARG C 65 18.27 10.86 -28.57
N ALA C 66 19.28 11.62 -29.05
CA ALA C 66 19.47 11.96 -30.46
C ALA C 66 20.94 11.83 -30.68
N ILE C 67 21.28 11.36 -31.90
CA ILE C 67 22.67 11.10 -32.31
C ILE C 67 22.86 12.03 -33.45
N MET C 68 24.05 12.74 -33.45
CA MET C 68 24.44 13.73 -34.44
C MET C 68 25.62 13.14 -35.10
N MET C 69 25.52 13.10 -36.48
CA MET C 69 26.47 12.54 -37.37
C MET C 69 26.62 13.55 -38.49
N ASP C 70 27.89 13.72 -38.94
CA ASP C 70 28.21 14.47 -40.12
C ASP C 70 29.75 14.52 -40.07
N SER C 71 30.32 15.42 -40.82
CA SER C 71 31.72 15.80 -40.83
C SER C 71 31.99 17.12 -40.39
N GLU C 72 31.83 18.16 -41.29
CA GLU C 72 32.39 19.46 -41.14
C GLU C 72 31.36 20.55 -41.52
N PRO C 73 30.44 20.37 -42.47
CA PRO C 73 29.59 21.53 -42.92
C PRO C 73 28.63 21.99 -41.78
N SER C 74 28.44 21.17 -40.66
CA SER C 74 27.31 21.50 -39.79
C SER C 74 27.92 21.46 -38.42
N VAL C 75 29.01 20.64 -38.12
CA VAL C 75 29.54 20.51 -36.77
C VAL C 75 30.08 21.80 -36.15
N ILE C 76 30.81 22.68 -36.96
CA ILE C 76 31.38 23.94 -36.47
C ILE C 76 30.35 24.91 -35.94
N ALA C 77 29.18 25.00 -36.66
CA ALA C 77 27.99 25.77 -36.39
C ALA C 77 27.34 25.40 -35.07
N ASP C 78 27.26 24.12 -34.74
CA ASP C 78 26.72 23.65 -33.49
C ASP C 78 27.57 24.12 -32.34
N VAL C 79 28.87 24.07 -32.57
CA VAL C 79 29.84 24.54 -31.49
C VAL C 79 29.74 26.04 -31.26
N GLU C 80 29.42 26.81 -32.33
CA GLU C 80 29.30 28.24 -32.22
C GLU C 80 28.16 28.68 -31.42
N ASN C 81 27.04 27.96 -31.57
CA ASN C 81 25.80 28.27 -30.92
C ASN C 81 25.89 27.55 -29.56
N THR C 82 24.93 27.76 -28.63
CA THR C 82 24.90 27.39 -27.26
C THR C 82 24.21 26.05 -27.18
N PHE C 83 23.85 25.38 -28.35
CA PHE C 83 23.19 24.13 -28.38
C PHE C 83 24.12 22.92 -28.32
N ARG C 84 25.27 23.14 -27.64
CA ARG C 84 26.49 22.37 -27.50
C ARG C 84 26.42 21.76 -26.13
N GLY C 85 25.38 22.07 -25.32
CA GLY C 85 25.28 21.61 -23.95
C GLY C 85 24.53 20.36 -23.91
N PHE C 86 23.62 20.23 -24.90
CA PHE C 86 22.59 19.18 -25.07
C PHE C 86 23.20 17.81 -25.33
N PHE C 87 24.26 17.63 -26.11
CA PHE C 87 24.69 16.36 -26.49
C PHE C 87 25.70 15.81 -25.46
N ASP C 88 25.62 14.47 -25.18
CA ASP C 88 26.60 13.76 -24.33
C ASP C 88 27.72 13.43 -25.32
N PRO C 89 28.98 13.22 -25.02
CA PRO C 89 29.94 12.99 -26.10
C PRO C 89 29.81 11.71 -26.92
N ARG C 90 29.22 10.58 -26.40
CA ARG C 90 29.07 9.38 -27.22
C ARG C 90 28.09 9.58 -28.38
N ASN C 91 27.09 10.44 -28.20
CA ASN C 91 26.10 10.81 -29.23
C ASN C 91 26.67 11.72 -30.34
N THR C 92 27.85 12.25 -29.98
CA THR C 92 28.50 13.17 -30.85
C THR C 92 29.45 12.43 -31.79
N TRP C 93 29.34 12.56 -33.19
CA TRP C 93 30.21 11.94 -34.12
C TRP C 93 30.73 12.99 -35.08
N VAL C 94 32.07 13.02 -35.17
CA VAL C 94 32.78 13.92 -35.98
C VAL C 94 33.79 13.13 -36.82
N ALA C 95 33.76 13.28 -38.15
CA ALA C 95 34.72 12.58 -39.05
C ALA C 95 35.31 13.72 -39.79
N SER C 96 36.27 13.43 -40.73
CA SER C 96 36.80 14.47 -41.64
C SER C 96 37.63 13.76 -42.71
N ASP C 97 37.89 12.45 -42.54
CA ASP C 97 38.69 11.65 -43.46
C ASP C 97 37.81 10.84 -44.39
N GLY C 98 38.30 10.22 -45.55
CA GLY C 98 37.45 9.55 -46.53
C GLY C 98 36.73 10.50 -47.42
N ALA C 99 37.01 11.84 -47.31
CA ALA C 99 36.54 12.89 -48.24
C ALA C 99 35.30 13.51 -47.82
N SER C 100 35.09 13.61 -46.50
CA SER C 100 34.13 14.48 -45.84
C SER C 100 32.66 14.19 -46.29
N ALA C 101 31.86 15.26 -46.40
CA ALA C 101 30.50 15.18 -46.84
C ALA C 101 30.47 15.55 -48.28
N GLY C 102 30.46 16.87 -48.58
CA GLY C 102 30.69 17.31 -49.94
C GLY C 102 29.49 17.33 -50.83
N ASN C 103 28.30 16.89 -50.42
CA ASN C 103 27.05 16.76 -51.17
C ASN C 103 27.10 15.63 -52.14
N SER C 104 27.54 14.40 -51.68
CA SER C 104 27.72 13.27 -52.53
C SER C 104 27.38 12.09 -51.59
N TRP C 105 26.58 11.21 -52.22
CA TRP C 105 26.13 9.99 -51.66
C TRP C 105 27.32 9.08 -51.43
N ALA C 106 28.22 9.06 -52.41
CA ALA C 106 29.37 8.16 -52.30
C ALA C 106 30.29 8.43 -51.14
N ASN C 107 30.61 9.74 -50.90
CA ASN C 107 31.47 10.11 -49.85
C ASN C 107 30.76 9.71 -48.49
N GLY C 108 29.43 9.96 -48.37
CA GLY C 108 28.68 9.77 -47.20
C GLY C 108 28.57 8.28 -46.87
N TYR C 109 28.38 7.36 -47.90
CA TYR C 109 28.25 5.98 -47.75
C TYR C 109 29.51 5.41 -47.24
N ASP C 110 30.65 5.83 -47.89
CA ASP C 110 31.92 5.21 -47.55
C ASP C 110 32.35 5.59 -46.10
N ILE C 111 32.07 6.85 -45.63
CA ILE C 111 32.38 7.22 -44.20
C ILE C 111 31.45 6.41 -43.26
N GLY C 112 30.16 6.14 -43.68
CA GLY C 112 29.31 5.21 -42.86
C GLY C 112 29.86 3.79 -42.65
N THR C 113 30.46 3.18 -43.68
CA THR C 113 31.00 1.85 -43.68
C THR C 113 32.11 1.62 -42.67
N ARG C 114 33.06 2.61 -42.58
CA ARG C 114 34.22 2.42 -41.72
C ARG C 114 33.93 2.33 -40.22
N ASN C 115 32.96 3.17 -39.84
CA ASN C 115 32.53 3.35 -38.49
C ASN C 115 31.19 2.59 -38.36
N GLN C 116 30.93 1.40 -38.94
CA GLN C 116 29.64 0.72 -38.78
C GLN C 116 29.36 0.32 -37.41
N ASP C 117 30.44 -0.26 -36.80
CA ASP C 117 30.47 -0.84 -35.52
C ASP C 117 30.27 0.27 -34.44
N ASP C 118 30.98 1.41 -34.64
CA ASP C 118 30.98 2.56 -33.70
C ASP C 118 29.74 3.20 -33.56
N ILE C 119 29.05 3.44 -34.71
CA ILE C 119 27.77 4.10 -34.76
C ILE C 119 26.78 3.18 -34.16
N LEU C 120 26.79 1.88 -34.48
CA LEU C 120 25.82 1.00 -33.97
C LEU C 120 25.80 0.84 -32.46
N ASN C 121 27.03 0.94 -31.84
CA ASN C 121 27.31 0.91 -30.45
C ASN C 121 26.58 2.01 -29.74
N LYS C 122 26.53 3.25 -30.31
CA LYS C 122 25.98 4.42 -29.84
C LYS C 122 24.49 4.26 -29.79
N ILE C 123 23.89 3.69 -30.92
CA ILE C 123 22.49 3.45 -31.02
C ILE C 123 22.12 2.44 -30.01
N ASP C 124 22.77 1.29 -29.84
CA ASP C 124 22.32 0.14 -28.99
C ASP C 124 22.24 0.59 -27.54
N LYS C 125 23.21 1.45 -27.12
CA LYS C 125 23.42 2.03 -25.83
C LYS C 125 22.17 2.82 -25.49
N GLU C 126 21.69 3.66 -26.45
CA GLU C 126 20.48 4.41 -26.29
C GLU C 126 19.24 3.52 -26.23
N ILE C 127 19.23 2.41 -27.06
CA ILE C 127 18.14 1.55 -27.13
C ILE C 127 17.99 0.87 -25.78
N ASP C 128 19.04 0.34 -25.10
CA ASP C 128 18.88 -0.25 -23.79
C ASP C 128 18.40 0.67 -22.74
N SER C 129 18.79 2.01 -22.77
CA SER C 129 18.36 3.01 -21.90
C SER C 129 16.96 3.48 -22.02
N THR C 130 16.30 3.17 -23.13
CA THR C 130 14.87 3.52 -23.33
C THR C 130 14.02 2.61 -22.53
N ASP C 131 12.81 3.10 -22.17
CA ASP C 131 11.88 2.43 -21.27
C ASP C 131 10.71 1.84 -22.02
N ASN C 132 10.60 2.15 -23.34
CA ASN C 132 9.56 1.51 -24.17
C ASN C 132 9.60 2.21 -25.55
N PHE C 133 10.41 1.63 -26.41
CA PHE C 133 10.87 2.16 -27.64
C PHE C 133 9.86 1.93 -28.66
N GLU C 134 9.33 3.00 -29.22
CA GLU C 134 8.50 2.98 -30.46
C GLU C 134 9.17 2.74 -31.70
N GLY C 135 10.28 3.46 -32.04
CA GLY C 135 10.86 3.26 -33.32
C GLY C 135 11.81 4.36 -33.56
N PHE C 136 12.26 4.51 -34.79
CA PHE C 136 13.19 5.54 -35.14
C PHE C 136 12.67 6.63 -36.07
N GLN C 137 13.25 7.83 -35.93
CA GLN C 137 13.04 8.99 -36.70
C GLN C 137 14.37 9.49 -37.24
N LEU C 138 14.45 9.63 -38.57
CA LEU C 138 15.66 10.07 -39.20
C LEU C 138 15.35 11.48 -39.70
N LEU C 139 16.19 12.46 -39.40
CA LEU C 139 16.14 13.82 -39.85
C LEU C 139 17.30 13.97 -40.78
N HIS C 140 17.08 14.36 -42.04
CA HIS C 140 18.16 14.45 -42.99
C HIS C 140 17.69 15.15 -44.26
N SER C 141 18.64 15.35 -45.23
CA SER C 141 18.33 15.89 -46.54
C SER C 141 18.70 14.85 -47.54
N VAL C 142 18.00 14.81 -48.72
CA VAL C 142 18.33 14.00 -49.83
C VAL C 142 19.13 14.90 -50.79
N ALA C 143 20.05 15.74 -50.24
CA ALA C 143 20.92 16.57 -50.95
C ALA C 143 22.27 16.67 -50.22
N GLY C 144 22.34 16.18 -48.95
CA GLY C 144 23.48 16.04 -48.02
C GLY C 144 24.59 15.17 -48.53
N GLY C 145 25.77 15.27 -47.92
CA GLY C 145 26.85 14.30 -48.12
C GLY C 145 26.62 13.15 -47.22
N THR C 146 26.47 13.41 -45.94
CA THR C 146 26.12 12.49 -44.80
C THR C 146 24.68 12.13 -44.96
N GLY C 147 23.74 13.12 -45.12
CA GLY C 147 22.31 12.80 -45.08
C GLY C 147 21.94 11.89 -46.15
N SER C 148 22.44 12.07 -47.42
CA SER C 148 22.20 11.17 -48.49
C SER C 148 22.92 9.82 -48.25
N GLY C 149 24.27 9.80 -48.18
CA GLY C 149 24.95 8.53 -48.18
C GLY C 149 24.82 7.72 -46.88
N LEU C 150 25.13 8.35 -45.70
CA LEU C 150 25.08 7.78 -44.37
C LEU C 150 23.65 7.44 -43.98
N GLY C 151 22.68 8.27 -44.32
CA GLY C 151 21.28 8.13 -44.04
C GLY C 151 20.70 6.92 -44.73
N SER C 152 21.04 6.70 -46.04
CA SER C 152 20.62 5.62 -46.85
C SER C 152 21.07 4.26 -46.31
N ASN C 153 22.33 4.23 -45.79
CA ASN C 153 23.05 3.10 -45.15
C ASN C 153 22.39 2.70 -43.91
N LEU C 154 22.01 3.68 -43.10
CA LEU C 154 21.30 3.38 -41.83
C LEU C 154 19.90 2.72 -41.95
N LEU C 155 19.15 3.15 -43.00
CA LEU C 155 17.83 2.67 -43.35
C LEU C 155 17.90 1.15 -43.69
N GLU C 156 18.97 0.65 -44.43
CA GLU C 156 19.14 -0.73 -44.79
C GLU C 156 19.33 -1.58 -43.53
N ALA C 157 20.19 -1.10 -42.50
CA ALA C 157 20.41 -1.77 -41.23
C ALA C 157 19.27 -1.88 -40.32
N LEU C 158 18.51 -0.76 -40.23
CA LEU C 158 17.36 -0.66 -39.35
C LEU C 158 16.30 -1.56 -39.82
N CYS C 159 16.13 -1.70 -41.20
CA CYS C 159 15.12 -2.62 -41.86
C CYS C 159 15.29 -4.05 -41.52
N ASP C 160 16.54 -4.61 -41.67
CA ASP C 160 16.86 -5.96 -41.41
C ASP C 160 16.85 -6.20 -39.88
N ARG C 161 17.35 -5.29 -39.02
CA ARG C 161 17.44 -5.57 -37.61
C ARG C 161 16.08 -5.70 -36.90
N TYR C 162 15.25 -4.66 -37.14
CA TYR C 162 13.91 -4.70 -36.50
C TYR C 162 13.04 -4.51 -37.72
N PRO C 163 12.41 -5.63 -38.13
CA PRO C 163 11.44 -5.58 -39.20
C PRO C 163 10.08 -5.31 -38.61
N LYS C 164 9.98 -4.96 -37.31
CA LYS C 164 8.73 -4.79 -36.62
C LYS C 164 8.47 -3.48 -35.94
N LYS C 165 9.31 -2.49 -36.20
CA LYS C 165 9.31 -1.18 -35.62
C LYS C 165 9.22 -0.16 -36.75
N ILE C 166 8.67 1.04 -36.43
CA ILE C 166 8.33 2.09 -37.41
C ILE C 166 9.60 2.84 -37.68
N LEU C 167 9.78 3.16 -38.94
CA LEU C 167 10.89 3.96 -39.40
C LEU C 167 10.18 5.05 -40.17
N THR C 168 10.23 6.34 -39.78
CA THR C 168 9.68 7.52 -40.43
C THR C 168 10.86 8.40 -40.76
N THR C 169 10.86 9.18 -41.85
CA THR C 169 11.99 10.03 -42.08
C THR C 169 11.37 11.30 -42.37
N TYR C 170 12.11 12.37 -42.04
CA TYR C 170 11.83 13.72 -42.54
C TYR C 170 12.91 14.09 -43.42
N SER C 171 12.65 14.12 -44.74
CA SER C 171 13.63 14.28 -45.77
C SER C 171 13.24 15.62 -46.23
N VAL C 172 14.26 16.54 -46.31
CA VAL C 172 14.21 17.80 -46.91
C VAL C 172 14.66 17.50 -48.29
N PHE C 173 13.82 17.86 -49.26
CA PHE C 173 14.08 17.67 -50.68
C PHE C 173 14.64 19.03 -51.07
N PRO C 174 15.66 19.06 -52.00
CA PRO C 174 16.32 20.32 -52.42
C PRO C 174 15.55 20.91 -53.60
N ALA C 175 15.98 22.10 -54.09
CA ALA C 175 15.40 22.76 -55.15
C ALA C 175 15.97 22.04 -56.39
N ARG C 176 15.38 22.33 -57.63
CA ARG C 176 15.69 21.81 -58.92
C ARG C 176 16.50 22.87 -59.55
N SER C 177 17.80 22.51 -59.72
CA SER C 177 18.92 23.30 -60.18
C SER C 177 19.20 24.33 -59.19
N SER C 178 19.35 23.98 -57.89
CA SER C 178 19.64 24.84 -56.80
C SER C 178 21.12 25.20 -56.87
N GLU C 179 21.85 25.42 -55.66
CA GLU C 179 23.25 25.79 -55.64
C GLU C 179 24.10 24.77 -56.14
N VAL C 180 23.84 23.55 -55.68
CA VAL C 180 24.47 22.38 -56.11
C VAL C 180 23.58 21.80 -57.20
N VAL C 181 24.22 21.15 -58.23
CA VAL C 181 23.56 20.44 -59.29
C VAL C 181 23.70 18.93 -59.06
N VAL C 182 24.64 18.50 -58.09
CA VAL C 182 24.89 17.13 -57.71
C VAL C 182 23.72 16.57 -56.87
N GLN C 183 22.74 17.49 -56.52
CA GLN C 183 21.53 17.19 -55.83
C GLN C 183 20.71 16.08 -56.43
N SER C 184 20.59 15.99 -57.80
CA SER C 184 19.81 15.14 -58.67
C SER C 184 20.26 13.66 -58.47
N TYR C 185 21.59 13.46 -58.31
CA TYR C 185 22.16 12.22 -57.99
C TYR C 185 21.82 11.76 -56.64
N ASN C 186 21.94 12.69 -55.69
CA ASN C 186 21.70 12.46 -54.30
C ASN C 186 20.29 12.04 -54.09
N THR C 187 19.30 12.74 -54.81
CA THR C 187 17.86 12.50 -54.62
C THR C 187 17.46 11.16 -55.05
N ILE C 188 17.88 10.61 -56.31
CA ILE C 188 17.52 9.26 -56.81
C ILE C 188 18.04 8.18 -55.91
N LEU C 189 19.35 8.29 -55.57
CA LEU C 189 20.10 7.27 -54.79
C LEU C 189 19.53 7.09 -53.43
N ALA C 190 19.14 8.24 -52.81
CA ALA C 190 18.54 8.18 -51.52
C ALA C 190 17.07 7.48 -51.58
N LEU C 191 16.25 7.82 -52.61
CA LEU C 191 14.83 7.50 -52.74
C LEU C 191 14.60 5.98 -52.75
N ARG C 192 15.50 5.09 -53.26
CA ARG C 192 15.31 3.71 -53.30
C ARG C 192 15.16 3.08 -51.97
N ARG C 193 16.08 3.54 -51.07
CA ARG C 193 16.13 3.10 -49.67
C ARG C 193 14.92 3.64 -48.95
N LEU C 194 14.48 4.91 -49.29
CA LEU C 194 13.33 5.46 -48.68
C LEU C 194 12.07 4.79 -48.95
N ILE C 195 11.83 4.35 -50.22
CA ILE C 195 10.64 3.61 -50.61
C ILE C 195 10.64 2.22 -50.00
N GLU C 196 11.65 1.42 -50.03
CA GLU C 196 11.55 0.03 -49.58
C GLU C 196 11.63 -0.13 -48.06
N ASP C 197 12.60 0.53 -47.41
CA ASP C 197 12.91 0.38 -45.99
C ASP C 197 12.03 1.26 -45.03
N SER C 198 11.26 2.24 -45.46
CA SER C 198 10.42 2.96 -44.50
C SER C 198 8.97 2.86 -44.83
N ASP C 199 8.04 2.65 -43.87
CA ASP C 199 6.59 2.59 -44.21
C ASP C 199 6.03 4.00 -44.15
N ALA C 200 6.87 5.01 -43.88
CA ALA C 200 6.46 6.39 -44.00
C ALA C 200 7.63 7.19 -44.41
N THR C 201 7.35 8.12 -45.34
CA THR C 201 8.38 9.19 -45.62
C THR C 201 7.64 10.47 -45.68
N VAL C 202 8.15 11.47 -44.88
CA VAL C 202 7.58 12.79 -44.81
C VAL C 202 8.41 13.58 -45.76
N VAL C 203 7.78 14.03 -46.87
CA VAL C 203 8.41 14.87 -47.80
C VAL C 203 8.18 16.30 -47.34
N PHE C 204 9.27 17.10 -47.16
CA PHE C 204 9.33 18.51 -46.91
C PHE C 204 9.93 19.14 -48.07
N ASP C 205 9.32 19.97 -48.96
CA ASP C 205 9.96 20.44 -50.15
C ASP C 205 10.49 21.79 -49.68
N ASN C 206 11.84 22.03 -49.78
CA ASN C 206 12.60 23.14 -49.27
C ASN C 206 12.20 24.43 -49.96
N ALA C 207 11.78 24.33 -51.24
CA ALA C 207 11.30 25.50 -52.07
C ALA C 207 10.01 26.15 -51.40
N SER C 208 8.98 25.36 -50.90
CA SER C 208 7.81 25.95 -50.36
C SER C 208 8.22 26.59 -49.01
N LEU C 209 9.05 25.86 -48.22
CA LEU C 209 9.52 26.23 -46.89
C LEU C 209 10.32 27.45 -47.00
N LEU C 210 11.24 27.70 -47.99
CA LEU C 210 12.11 28.83 -48.12
C LEU C 210 11.24 30.06 -48.36
N ASN C 211 10.15 29.98 -49.16
CA ASN C 211 9.12 31.05 -49.36
C ASN C 211 8.40 31.43 -48.11
N ILE C 212 7.98 30.43 -47.27
CA ILE C 212 7.30 30.64 -46.04
C ILE C 212 8.17 31.38 -44.99
N SER C 213 9.45 30.96 -44.94
CA SER C 213 10.52 31.53 -44.04
C SER C 213 10.75 32.97 -44.45
N GLY C 214 10.85 33.30 -45.80
CA GLY C 214 11.14 34.66 -46.29
C GLY C 214 9.97 35.60 -45.97
N LYS C 215 8.74 35.15 -46.35
CA LYS C 215 7.56 35.95 -46.36
C LYS C 215 7.04 36.25 -44.88
N VAL C 216 6.83 35.22 -44.02
CA VAL C 216 6.32 35.33 -42.63
C VAL C 216 7.33 35.91 -41.79
N PHE C 217 8.63 35.44 -41.75
CA PHE C 217 9.64 36.01 -40.86
C PHE C 217 9.97 37.50 -41.12
N ARG C 218 10.46 38.20 -40.08
CA ARG C 218 10.82 39.55 -40.11
C ARG C 218 12.31 39.79 -40.20
N ASN C 219 13.01 38.72 -40.60
CA ASN C 219 14.41 38.87 -40.99
C ASN C 219 14.43 39.20 -42.45
N PRO C 220 15.26 40.05 -43.03
CA PRO C 220 15.20 40.38 -44.47
C PRO C 220 16.20 39.46 -45.12
N ASN C 221 17.06 38.82 -44.31
CA ASN C 221 18.04 37.91 -44.73
C ASN C 221 17.44 36.59 -44.71
N ILE C 222 17.96 35.70 -45.67
CA ILE C 222 17.38 34.39 -45.83
C ILE C 222 18.57 33.51 -46.10
N ASP C 223 18.71 32.42 -45.35
CA ASP C 223 19.78 31.45 -45.40
C ASP C 223 19.11 30.07 -45.09
N LEU C 224 19.91 28.96 -45.25
CA LEU C 224 19.54 27.58 -44.99
C LEU C 224 19.24 27.40 -43.50
N GLN C 225 20.06 28.13 -42.72
CA GLN C 225 19.94 28.18 -41.30
C GLN C 225 18.57 28.76 -40.90
N HIS C 226 18.05 29.79 -41.67
CA HIS C 226 16.76 30.48 -41.40
C HIS C 226 15.58 29.63 -41.55
N THR C 227 15.60 28.85 -42.66
CA THR C 227 14.62 27.91 -43.01
C THR C 227 14.48 26.74 -42.08
N ASN C 228 15.64 26.24 -41.57
CA ASN C 228 15.63 25.01 -40.77
C ASN C 228 14.93 25.21 -39.44
N GLN C 229 14.91 26.52 -39.06
CA GLN C 229 14.19 26.99 -37.89
C GLN C 229 12.67 26.75 -37.99
N LEU C 230 12.05 26.98 -39.20
CA LEU C 230 10.69 26.80 -39.59
C LEU C 230 10.37 25.34 -39.56
N ILE C 231 11.32 24.55 -40.05
CA ILE C 231 11.16 23.14 -40.19
C ILE C 231 11.02 22.44 -38.82
N SER C 232 11.78 22.89 -37.78
CA SER C 232 11.76 22.47 -36.45
C SER C 232 10.49 22.81 -35.82
N THR C 233 9.83 23.95 -36.13
CA THR C 233 8.50 24.33 -35.65
C THR C 233 7.43 23.34 -36.17
N ILE C 234 7.45 22.89 -37.45
CA ILE C 234 6.48 21.97 -37.90
C ILE C 234 6.48 20.60 -37.32
N ILE C 235 7.71 20.01 -37.19
CA ILE C 235 7.89 18.76 -36.63
C ILE C 235 7.55 18.69 -35.18
N SER C 236 7.94 19.71 -34.38
CA SER C 236 7.60 19.81 -32.95
C SER C 236 6.13 19.90 -32.66
N SER C 237 5.31 20.78 -33.38
CA SER C 237 3.89 20.94 -33.20
C SER C 237 3.22 19.66 -33.63
N VAL C 238 3.70 18.91 -34.68
CA VAL C 238 3.14 17.65 -35.15
C VAL C 238 3.22 16.63 -34.05
N THR C 239 4.22 16.63 -33.18
CA THR C 239 4.36 15.69 -32.06
C THR C 239 3.54 16.10 -30.83
N ASN C 240 2.87 17.29 -30.82
CA ASN C 240 2.18 17.89 -29.70
C ASN C 240 1.19 16.98 -29.04
N SER C 241 0.35 16.15 -29.73
CA SER C 241 -0.66 15.27 -29.18
C SER C 241 -0.02 14.11 -28.43
N ILE C 242 1.31 13.67 -28.78
CA ILE C 242 2.00 12.67 -27.97
C ILE C 242 2.54 13.19 -26.66
N ARG C 243 3.11 14.42 -26.73
CA ARG C 243 3.89 15.11 -25.70
C ARG C 243 2.99 15.61 -24.55
N PHE C 244 1.65 15.73 -24.83
CA PHE C 244 0.68 16.29 -23.87
C PHE C 244 0.18 15.28 -22.92
N PRO C 245 0.09 15.50 -21.56
CA PRO C 245 -0.35 14.52 -20.62
C PRO C 245 -1.75 13.95 -20.72
N SER C 246 -2.69 14.80 -21.14
CA SER C 246 -4.12 14.55 -21.04
C SER C 246 -4.67 14.18 -22.39
N TYR C 247 -3.81 14.14 -23.44
CA TYR C 247 -4.17 13.53 -24.74
C TYR C 247 -2.97 12.85 -25.23
N MET C 248 -2.96 11.53 -25.65
CA MET C 248 -1.79 10.76 -25.98
C MET C 248 -2.17 9.32 -26.02
N TYR C 249 -3.51 9.12 -26.04
CA TYR C 249 -4.13 7.89 -26.32
C TYR C 249 -3.70 7.59 -27.73
N SER C 250 -3.78 8.63 -28.65
CA SER C 250 -3.28 8.49 -30.02
C SER C 250 -1.85 8.88 -29.89
N SER C 251 -0.99 7.88 -29.85
CA SER C 251 0.45 7.98 -29.88
C SER C 251 1.00 7.84 -31.30
N MET C 252 2.27 7.41 -31.50
CA MET C 252 2.90 7.18 -32.77
C MET C 252 2.29 6.14 -33.64
N SER C 253 1.96 4.94 -33.02
CA SER C 253 1.66 3.67 -33.71
C SER C 253 0.42 3.87 -34.51
N SER C 254 -0.67 4.39 -33.88
CA SER C 254 -1.91 4.50 -34.57
C SER C 254 -1.94 5.57 -35.62
N ILE C 255 -1.17 6.69 -35.53
CA ILE C 255 -1.12 7.72 -36.54
C ILE C 255 -0.55 7.37 -37.84
N TYR C 256 0.59 6.63 -37.84
CA TYR C 256 1.25 6.05 -39.03
C TYR C 256 0.41 4.96 -39.67
N SER C 257 -0.25 4.10 -38.86
CA SER C 257 -1.14 3.05 -39.38
C SER C 257 -2.30 3.58 -40.16
N THR C 258 -2.96 4.69 -39.66
CA THR C 258 -4.05 5.40 -40.30
C THR C 258 -3.57 6.09 -41.57
N LEU C 259 -2.43 6.83 -41.46
CA LEU C 259 -1.84 7.64 -42.48
C LEU C 259 -1.30 6.85 -43.61
N ILE C 260 -0.68 5.67 -43.38
CA ILE C 260 -0.05 4.84 -44.45
C ILE C 260 -0.91 3.62 -44.56
N PRO C 261 -1.77 3.49 -45.60
CA PRO C 261 -2.54 2.27 -45.78
C PRO C 261 -1.64 1.14 -46.35
N SER C 262 -0.83 1.40 -47.43
CA SER C 262 0.11 0.51 -48.10
C SER C 262 1.50 1.17 -48.10
N PRO C 263 2.64 0.59 -48.22
CA PRO C 263 3.93 1.24 -48.08
C PRO C 263 4.41 1.53 -49.47
N GLU C 264 3.53 1.33 -50.48
CA GLU C 264 3.75 1.49 -51.88
C GLU C 264 3.11 2.80 -52.24
N LEU C 265 2.20 3.29 -51.37
CA LEU C 265 1.63 4.61 -51.51
C LEU C 265 1.75 5.05 -50.06
N HIS C 266 2.95 5.62 -49.72
CA HIS C 266 3.26 6.08 -48.41
C HIS C 266 3.96 7.45 -48.33
N PHE C 267 3.86 8.25 -49.40
CA PHE C 267 4.51 9.56 -49.41
C PHE C 267 3.57 10.54 -48.74
N LEU C 268 4.01 11.28 -47.55
CA LEU C 268 3.15 12.15 -46.85
C LEU C 268 3.66 13.52 -47.06
N SER C 269 2.69 14.38 -46.98
CA SER C 269 2.85 15.80 -47.00
C SER C 269 2.22 16.27 -45.70
N PRO C 270 2.82 17.27 -45.05
CA PRO C 270 2.21 18.01 -43.91
C PRO C 270 1.76 19.30 -44.55
N SER C 271 0.84 19.99 -43.82
CA SER C 271 0.23 21.31 -44.11
C SER C 271 0.15 21.89 -42.75
N PHE C 272 0.22 23.23 -42.62
CA PHE C 272 0.34 23.93 -41.33
C PHE C 272 -0.45 25.20 -41.53
N THR C 273 -1.02 25.80 -40.46
CA THR C 273 -1.71 27.07 -40.49
C THR C 273 -1.52 27.54 -39.06
N PRO C 274 -1.14 28.81 -38.74
CA PRO C 274 -0.83 29.87 -39.66
C PRO C 274 0.51 29.64 -40.35
N PHE C 275 1.71 29.85 -39.62
CA PHE C 275 2.98 29.52 -40.16
C PHE C 275 4.04 29.38 -39.12
N THR C 276 3.60 29.62 -37.85
CA THR C 276 4.38 29.64 -36.62
C THR C 276 3.38 29.33 -35.54
N SER C 277 3.93 29.14 -34.34
CA SER C 277 3.24 28.59 -33.18
C SER C 277 4.04 29.19 -32.03
N ASP C 278 4.96 30.22 -32.33
CA ASP C 278 5.65 31.01 -31.27
C ASP C 278 5.80 32.33 -31.79
N TYR C 279 6.18 33.27 -30.87
CA TYR C 279 6.55 34.64 -31.19
C TYR C 279 8.08 34.69 -31.06
N ILE C 280 8.76 34.57 -32.22
CA ILE C 280 10.20 34.50 -32.49
C ILE C 280 10.32 35.26 -33.77
N HIS C 281 9.10 35.51 -34.42
CA HIS C 281 8.99 36.37 -35.58
C HIS C 281 7.52 36.84 -35.55
N ASP C 282 7.13 37.63 -36.64
CA ASP C 282 5.78 38.07 -36.82
C ASP C 282 4.84 36.85 -37.04
N ASP C 283 3.65 36.89 -36.49
CA ASP C 283 2.72 35.88 -36.69
C ASP C 283 1.27 36.33 -36.56
N ILE C 284 0.37 35.79 -37.43
CA ILE C 284 -0.95 36.27 -37.66
C ILE C 284 -1.89 35.63 -36.61
N ALA C 285 -2.68 36.43 -35.91
CA ALA C 285 -3.68 36.09 -34.90
C ALA C 285 -5.05 36.53 -35.12
N HIS C 286 -5.33 37.14 -36.38
CA HIS C 286 -6.59 37.72 -36.85
C HIS C 286 -7.40 36.70 -37.65
N LYS C 287 -6.94 35.44 -37.60
CA LYS C 287 -7.54 34.26 -38.24
C LYS C 287 -8.44 33.66 -37.27
N GLY C 288 -9.67 33.34 -37.79
CA GLY C 288 -10.65 32.70 -36.96
C GLY C 288 -10.33 31.21 -36.80
N HIS C 289 -11.04 30.57 -35.92
CA HIS C 289 -10.93 29.13 -35.72
C HIS C 289 -11.34 28.47 -37.01
N SER C 290 -12.40 28.99 -37.64
CA SER C 290 -13.04 28.50 -38.85
C SER C 290 -12.09 28.51 -39.97
N SER C 291 -11.33 29.64 -40.09
CA SER C 291 -10.42 29.93 -41.12
C SER C 291 -9.26 29.04 -41.22
N TYR C 292 -8.60 28.61 -40.11
CA TYR C 292 -7.51 27.64 -40.08
C TYR C 292 -7.95 26.33 -40.57
N ASP C 293 -9.12 25.88 -40.11
CA ASP C 293 -9.57 24.58 -40.47
C ASP C 293 -9.83 24.41 -41.89
N VAL C 294 -10.41 25.43 -42.56
CA VAL C 294 -10.57 25.26 -43.97
C VAL C 294 -9.35 25.22 -44.83
N MET C 295 -8.37 26.06 -44.52
CA MET C 295 -7.11 26.34 -45.29
C MET C 295 -6.19 25.16 -45.37
N LEU C 296 -6.20 24.31 -44.36
CA LEU C 296 -5.39 23.10 -44.33
C LEU C 296 -5.58 22.11 -45.38
N ASP C 297 -6.86 21.91 -45.86
CA ASP C 297 -7.18 20.91 -46.92
C ASP C 297 -6.64 21.51 -48.24
N LEU C 298 -6.54 22.89 -48.31
CA LEU C 298 -5.99 23.64 -49.44
C LEU C 298 -4.54 23.51 -49.37
N LEU C 299 -3.84 23.38 -50.51
CA LEU C 299 -2.42 23.15 -50.54
C LEU C 299 -1.59 24.44 -50.55
N ASP C 300 -2.27 25.60 -50.26
CA ASP C 300 -1.60 26.90 -50.29
C ASP C 300 -0.63 27.13 -49.06
N PRO C 301 -0.94 26.72 -47.83
CA PRO C 301 -0.05 26.96 -46.73
C PRO C 301 0.69 25.71 -46.45
N SER C 302 0.62 24.62 -47.31
CA SER C 302 1.36 23.40 -47.27
C SER C 302 2.81 23.58 -47.40
N ASN C 303 3.61 22.80 -46.60
CA ASN C 303 5.00 22.95 -46.39
C ASN C 303 5.76 22.04 -47.38
N SER C 304 4.97 21.63 -48.40
CA SER C 304 5.39 20.83 -49.51
C SER C 304 4.75 21.39 -50.74
N LEU C 305 5.39 21.21 -51.92
CA LEU C 305 4.91 21.62 -53.22
C LEU C 305 4.91 20.29 -53.98
N VAL C 306 3.63 19.89 -54.24
CA VAL C 306 3.35 18.67 -54.90
C VAL C 306 3.09 18.83 -56.34
N SER C 307 3.03 20.10 -56.81
CA SER C 307 2.94 20.45 -58.19
C SER C 307 1.78 19.92 -58.85
N THR C 308 0.55 20.29 -58.33
CA THR C 308 -0.80 19.94 -58.70
C THR C 308 -1.64 21.11 -58.28
N ALA C 309 -2.90 21.03 -58.58
CA ALA C 309 -3.98 21.85 -58.10
C ALA C 309 -4.13 21.89 -56.62
N MET C 310 -4.83 22.95 -56.16
CA MET C 310 -4.94 23.11 -54.75
C MET C 310 -5.98 22.24 -54.05
N ASN C 311 -6.75 21.59 -54.88
CA ASN C 311 -7.83 20.76 -54.55
C ASN C 311 -7.60 19.35 -54.95
N ASN C 312 -6.48 19.10 -55.70
CA ASN C 312 -5.90 17.76 -56.01
C ASN C 312 -6.81 17.01 -57.01
N PRO C 313 -6.29 16.59 -58.17
CA PRO C 313 -7.05 15.84 -59.10
C PRO C 313 -7.39 14.43 -58.54
N THR C 314 -6.36 13.91 -57.79
CA THR C 314 -6.26 12.56 -57.35
C THR C 314 -6.80 12.62 -55.95
N TYR C 315 -7.31 11.39 -55.53
CA TYR C 315 -8.04 11.28 -54.24
C TYR C 315 -7.11 11.14 -53.06
N PHE C 316 -7.48 11.62 -51.90
CA PHE C 316 -6.76 11.56 -50.66
C PHE C 316 -7.21 10.24 -50.07
N ASN C 317 -6.21 9.42 -49.71
CA ASN C 317 -6.46 8.07 -49.11
C ASN C 317 -6.84 8.32 -47.62
N VAL C 318 -6.13 9.21 -46.92
CA VAL C 318 -6.42 9.47 -45.55
C VAL C 318 -5.80 10.82 -45.28
N TYR C 319 -6.44 11.52 -44.31
CA TYR C 319 -5.85 12.60 -43.67
C TYR C 319 -6.20 12.62 -42.19
N ASN C 320 -5.34 13.22 -41.32
CA ASN C 320 -5.51 13.40 -39.90
C ASN C 320 -5.23 14.87 -39.58
N THR C 321 -6.06 15.47 -38.70
CA THR C 321 -5.90 16.90 -38.31
C THR C 321 -5.59 16.96 -36.89
N ILE C 322 -4.59 17.75 -36.49
CA ILE C 322 -4.06 17.98 -35.19
C ILE C 322 -4.54 19.36 -35.02
N ILE C 323 -5.46 19.49 -34.04
CA ILE C 323 -6.07 20.84 -33.76
C ILE C 323 -5.31 21.40 -32.56
N GLY C 324 -4.80 22.64 -32.66
CA GLY C 324 -3.82 23.24 -31.75
C GLY C 324 -4.33 24.55 -31.22
N ASN C 325 -4.36 24.50 -29.85
CA ASN C 325 -4.45 25.55 -28.87
C ASN C 325 -5.69 25.07 -28.14
N VAL C 326 -5.97 25.57 -26.89
CA VAL C 326 -7.24 25.48 -26.26
C VAL C 326 -8.37 26.17 -26.98
N GLU C 327 -9.45 25.39 -27.19
CA GLU C 327 -10.69 25.70 -27.88
C GLU C 327 -11.75 24.75 -27.55
N PRO C 328 -13.07 25.19 -27.59
CA PRO C 328 -14.29 24.37 -27.31
C PRO C 328 -14.35 23.05 -27.97
N ARG C 329 -14.72 21.99 -27.21
CA ARG C 329 -14.80 20.61 -27.69
C ARG C 329 -15.87 20.61 -28.77
N GLN C 330 -16.91 21.43 -28.55
CA GLN C 330 -18.03 21.62 -29.49
C GLN C 330 -17.64 22.23 -30.82
N ILE C 331 -16.78 23.25 -30.83
CA ILE C 331 -16.41 23.85 -32.11
C ILE C 331 -15.60 22.92 -32.95
N SER C 332 -14.60 22.14 -32.30
CA SER C 332 -13.76 21.13 -32.98
C SER C 332 -14.61 19.92 -33.51
N ARG C 333 -15.66 19.37 -32.78
CA ARG C 333 -16.55 18.29 -33.23
C ARG C 333 -17.37 18.64 -34.41
N ALA C 334 -17.87 19.86 -34.30
CA ALA C 334 -18.64 20.46 -35.37
C ALA C 334 -17.76 20.66 -36.61
N MET C 335 -16.47 21.12 -36.51
CA MET C 335 -15.57 21.25 -37.66
C MET C 335 -15.38 19.89 -38.26
N THR C 336 -15.13 18.89 -37.40
CA THR C 336 -14.85 17.57 -37.89
C THR C 336 -16.01 16.99 -38.63
N LYS C 337 -17.24 17.23 -38.15
CA LYS C 337 -18.44 16.74 -38.83
C LYS C 337 -18.60 17.36 -40.21
N LEU C 338 -18.29 18.64 -40.42
CA LEU C 338 -18.52 19.30 -41.66
C LEU C 338 -17.58 18.63 -42.74
N GLN C 339 -16.34 18.29 -42.29
CA GLN C 339 -15.33 17.69 -43.12
C GLN C 339 -15.62 16.29 -43.66
N GLN C 340 -16.27 15.46 -42.88
CA GLN C 340 -16.84 14.18 -43.32
C GLN C 340 -17.93 14.42 -44.30
N ARG C 341 -18.92 15.34 -44.10
CA ARG C 341 -20.03 15.71 -44.84
C ARG C 341 -19.71 16.23 -46.18
N ILE C 342 -18.69 17.09 -46.39
CA ILE C 342 -18.33 17.65 -47.69
C ILE C 342 -17.86 16.52 -48.62
N LYS C 343 -17.20 15.54 -48.08
CA LYS C 343 -16.40 14.44 -48.74
C LYS C 343 -15.39 15.03 -49.60
N PHE C 344 -14.29 15.59 -48.95
CA PHE C 344 -13.21 16.20 -49.66
C PHE C 344 -12.31 15.15 -50.29
N PRO C 345 -12.05 13.95 -49.77
CA PRO C 345 -11.20 12.98 -50.47
C PRO C 345 -11.99 12.33 -51.65
N SER C 346 -13.29 11.98 -51.34
CA SER C 346 -14.08 11.19 -52.24
C SER C 346 -13.60 9.77 -52.18
N TRP C 347 -14.39 8.89 -52.74
CA TRP C 347 -14.23 7.42 -52.61
C TRP C 347 -14.76 6.68 -53.82
N SER C 348 -14.30 5.44 -53.98
CA SER C 348 -14.76 4.42 -54.94
C SER C 348 -15.94 3.70 -54.27
N SER C 349 -16.73 2.97 -55.12
CA SER C 349 -17.79 2.13 -54.62
C SER C 349 -17.28 1.09 -53.53
N SER C 350 -17.99 1.10 -52.37
CA SER C 350 -17.84 0.26 -51.19
C SER C 350 -16.57 0.55 -50.48
N ALA C 351 -16.35 1.88 -50.38
CA ALA C 351 -15.21 2.51 -49.78
C ALA C 351 -15.76 3.72 -49.07
N MET C 352 -15.01 4.16 -48.11
CA MET C 352 -15.31 5.26 -47.28
C MET C 352 -14.02 5.93 -46.97
N HIS C 353 -14.08 7.30 -47.10
CA HIS C 353 -12.95 8.18 -46.71
C HIS C 353 -12.56 8.16 -45.21
N VAL C 354 -11.33 8.58 -44.96
CA VAL C 354 -10.75 8.69 -43.66
C VAL C 354 -10.35 10.03 -43.24
N ASN C 355 -11.02 10.59 -42.23
CA ASN C 355 -10.71 11.86 -41.74
C ASN C 355 -10.79 11.67 -40.32
N ILE C 356 -9.65 11.98 -39.71
CA ILE C 356 -9.45 11.88 -38.31
C ILE C 356 -9.12 13.20 -37.84
N GLY C 357 -9.42 13.47 -36.55
CA GLY C 357 -9.14 14.65 -35.81
C GLY C 357 -8.65 14.23 -34.50
N ARG C 358 -7.69 15.05 -34.05
CA ARG C 358 -7.27 15.04 -32.72
C ARG C 358 -7.32 16.50 -32.23
N ARG C 359 -7.73 16.78 -30.94
CA ARG C 359 -7.95 18.08 -30.37
C ARG C 359 -6.97 18.09 -29.23
N SER C 360 -6.26 19.20 -29.02
CA SER C 360 -5.21 19.21 -28.00
C SER C 360 -5.24 20.62 -27.48
N PRO C 361 -4.81 20.84 -26.28
CA PRO C 361 -4.65 22.16 -25.70
C PRO C 361 -3.14 22.42 -25.71
N TYR C 362 -2.72 23.71 -25.60
CA TYR C 362 -1.36 24.09 -25.54
C TYR C 362 -0.79 23.81 -24.18
N LEU C 363 0.58 23.81 -24.17
CA LEU C 363 1.41 23.51 -22.97
C LEU C 363 1.25 24.46 -21.80
N PRO C 364 1.30 24.01 -20.57
CA PRO C 364 0.94 24.81 -19.39
C PRO C 364 2.23 25.49 -18.96
N LEU C 365 3.40 25.13 -19.50
CA LEU C 365 4.61 25.68 -19.16
C LEU C 365 4.85 26.98 -19.83
N GLN C 366 4.07 27.29 -20.91
CA GLN C 366 4.18 28.44 -21.75
C GLN C 366 2.82 29.06 -21.75
N PRO C 367 2.64 30.38 -21.57
CA PRO C 367 1.37 31.04 -21.81
C PRO C 367 0.74 30.70 -23.17
N ASN C 368 -0.53 30.26 -23.24
CA ASN C 368 -1.28 29.85 -24.45
C ASN C 368 -1.09 30.94 -25.51
N GLU C 369 -0.81 30.47 -26.75
CA GLU C 369 -0.64 31.19 -27.97
C GLU C 369 -1.76 32.13 -28.26
N ASN C 370 -1.38 33.38 -28.69
CA ASN C 370 -2.38 34.40 -29.00
C ASN C 370 -3.14 34.10 -30.24
N GLU C 371 -2.53 33.20 -31.10
CA GLU C 371 -3.07 32.69 -32.40
C GLU C 371 -3.58 31.28 -32.22
N VAL C 372 -4.45 30.88 -33.17
CA VAL C 372 -4.98 29.52 -33.29
C VAL C 372 -4.26 28.85 -34.39
N SER C 373 -3.93 27.54 -34.19
CA SER C 373 -3.15 26.88 -35.09
C SER C 373 -3.61 25.43 -35.25
N GLY C 374 -3.13 24.73 -36.29
CA GLY C 374 -3.42 23.37 -36.49
C GLY C 374 -2.47 22.85 -37.58
N MET C 375 -2.32 21.53 -37.73
CA MET C 375 -1.57 20.91 -38.76
C MET C 375 -2.46 19.82 -39.39
N MET C 376 -2.24 19.50 -40.62
CA MET C 376 -2.82 18.37 -41.29
C MET C 376 -1.67 17.54 -41.70
N LEU C 377 -1.85 16.20 -41.57
CA LEU C 377 -0.98 15.21 -42.10
C LEU C 377 -1.78 14.44 -43.09
N SER C 378 -1.28 14.31 -44.33
CA SER C 378 -2.07 13.69 -45.38
C SER C 378 -1.24 12.82 -46.26
N ASN C 379 -1.97 11.77 -46.80
CA ASN C 379 -1.41 10.77 -47.70
C ASN C 379 -2.00 11.13 -49.02
N MET C 380 -1.15 11.61 -49.88
CA MET C 380 -1.53 12.10 -51.16
C MET C 380 -0.66 11.51 -52.17
N SER C 381 -1.35 11.22 -53.34
CA SER C 381 -0.73 10.54 -54.45
C SER C 381 0.28 11.43 -55.14
N THR C 382 0.00 12.77 -55.14
CA THR C 382 0.61 13.74 -56.01
C THR C 382 2.08 13.93 -55.80
N VAL C 383 2.66 13.57 -54.59
CA VAL C 383 4.06 13.71 -54.21
C VAL C 383 5.01 13.10 -55.13
N VAL C 384 4.58 12.03 -55.88
CA VAL C 384 5.43 11.39 -56.86
C VAL C 384 5.96 12.29 -57.99
N ASN C 385 5.18 13.37 -58.33
CA ASN C 385 5.48 14.28 -59.42
C ASN C 385 6.90 14.97 -59.13
N VAL C 386 7.14 15.28 -57.80
CA VAL C 386 8.35 15.95 -57.32
C VAL C 386 9.55 15.00 -57.63
N PHE C 387 9.46 13.67 -57.38
CA PHE C 387 10.45 12.66 -57.59
C PHE C 387 10.74 12.46 -59.04
N GLU C 388 9.70 12.55 -59.92
CA GLU C 388 9.80 12.46 -61.40
C GLU C 388 10.61 13.57 -61.94
N ASN C 389 10.48 14.77 -61.35
CA ASN C 389 11.30 15.98 -61.67
C ASN C 389 12.85 15.83 -61.45
N ALA C 390 13.17 15.21 -60.31
CA ALA C 390 14.50 14.86 -59.85
C ALA C 390 15.13 13.83 -60.81
N CYS C 391 14.32 12.84 -61.26
CA CYS C 391 14.78 11.91 -62.25
C CYS C 391 15.11 12.62 -63.60
N ASN C 392 14.24 13.57 -64.11
CA ASN C 392 14.46 14.17 -65.47
C ASN C 392 15.74 15.02 -65.49
N THR C 393 15.96 15.80 -64.38
CA THR C 393 17.06 16.74 -64.11
C THR C 393 18.37 15.95 -63.99
N PHE C 394 18.31 14.75 -63.29
CA PHE C 394 19.43 13.88 -63.07
C PHE C 394 19.87 13.41 -64.48
N ASP C 395 18.94 13.03 -65.40
CA ASP C 395 19.22 12.39 -66.70
C ASP C 395 20.05 13.36 -67.52
N LYS C 396 19.71 14.65 -67.65
CA LYS C 396 20.37 15.63 -68.44
C LYS C 396 21.81 15.90 -67.92
N VAL C 397 21.91 15.90 -66.59
CA VAL C 397 23.19 16.10 -65.99
C VAL C 397 24.15 15.02 -66.33
N PHE C 398 23.72 13.77 -66.26
CA PHE C 398 24.36 12.49 -66.45
C PHE C 398 24.90 12.29 -67.81
N ALA C 399 24.17 12.66 -68.88
CA ALA C 399 24.52 12.62 -70.30
C ALA C 399 25.73 13.45 -70.53
N LYS C 400 25.86 14.67 -69.95
CA LYS C 400 26.93 15.62 -70.08
C LYS C 400 28.24 15.05 -69.50
N GLY C 401 28.04 14.26 -68.47
CA GLY C 401 29.11 13.63 -67.74
C GLY C 401 29.62 14.44 -66.57
N ALA C 402 28.92 15.57 -66.28
CA ALA C 402 29.35 16.57 -65.31
C ALA C 402 29.21 16.04 -63.91
N PHE C 403 30.43 16.08 -63.23
CA PHE C 403 30.54 15.90 -61.76
C PHE C 403 30.17 14.53 -61.33
N LEU C 404 30.50 13.57 -62.18
CA LEU C 404 30.51 12.13 -61.92
C LEU C 404 31.67 11.72 -61.17
N ASN C 405 32.78 12.55 -61.22
CA ASN C 405 34.07 12.29 -60.64
C ASN C 405 34.07 11.95 -59.15
N ASN C 406 33.27 12.72 -58.37
CA ASN C 406 33.16 12.55 -56.93
C ASN C 406 32.57 11.26 -56.57
N TYR C 407 31.51 10.88 -57.34
CA TYR C 407 30.81 9.68 -57.22
C TYR C 407 31.51 8.42 -57.50
N ASN C 408 32.38 8.34 -58.53
CA ASN C 408 33.10 7.14 -59.09
C ASN C 408 33.96 6.46 -58.05
N VAL C 409 34.58 7.16 -57.07
CA VAL C 409 35.49 6.56 -56.10
C VAL C 409 34.77 5.50 -55.23
N GLY C 410 33.43 5.86 -54.94
CA GLY C 410 32.52 5.11 -54.10
C GLY C 410 32.11 3.72 -54.56
N ASP C 411 31.52 2.97 -53.68
CA ASP C 411 31.27 1.58 -53.98
C ASP C 411 30.35 1.32 -55.10
N LEU C 412 29.32 2.15 -55.16
CA LEU C 412 28.10 2.12 -56.01
C LEU C 412 28.40 2.17 -57.52
N PHE C 413 29.40 2.96 -57.89
CA PHE C 413 29.72 3.36 -59.25
C PHE C 413 31.04 2.65 -59.68
N GLN C 414 31.28 1.46 -59.13
CA GLN C 414 32.29 0.54 -59.59
C GLN C 414 31.57 -0.75 -59.65
N SER C 415 30.19 -0.67 -59.60
CA SER C 415 29.33 -1.84 -59.54
C SER C 415 28.04 -1.41 -60.18
N MET C 416 28.06 -0.40 -61.05
CA MET C 416 27.12 0.04 -61.94
C MET C 416 25.97 0.88 -61.41
N GLN C 417 25.22 1.58 -62.38
CA GLN C 417 24.18 2.59 -62.09
C GLN C 417 22.80 1.83 -61.85
N ASN C 418 22.87 0.57 -61.37
CA ASN C 418 21.69 -0.31 -61.34
C ASN C 418 20.72 0.19 -60.26
N VAL C 419 21.13 0.76 -59.10
CA VAL C 419 20.25 1.37 -58.12
C VAL C 419 19.42 2.56 -58.66
N GLN C 420 20.04 3.40 -59.54
CA GLN C 420 19.50 4.62 -60.13
C GLN C 420 18.38 4.10 -61.06
N ASP C 421 18.67 3.03 -61.82
CA ASP C 421 17.72 2.42 -62.78
C ASP C 421 16.57 1.84 -62.09
N GLU C 422 16.83 1.14 -60.94
CA GLU C 422 15.89 0.28 -60.30
C GLU C 422 14.74 1.11 -59.77
N PHE C 423 15.12 2.29 -59.21
CA PHE C 423 14.22 3.33 -58.70
C PHE C 423 13.37 3.93 -59.79
N ALA C 424 13.90 4.24 -61.01
CA ALA C 424 13.08 4.76 -62.07
C ALA C 424 11.96 3.83 -62.50
N GLU C 425 12.24 2.49 -62.63
CA GLU C 425 11.20 1.48 -63.04
C GLU C 425 10.26 1.42 -61.84
N SER C 426 10.75 1.40 -60.62
CA SER C 426 9.93 1.20 -59.41
C SER C 426 8.95 2.33 -59.18
N ARG C 427 9.38 3.64 -59.40
CA ARG C 427 8.52 4.79 -59.31
C ARG C 427 7.37 4.83 -60.29
N GLU C 428 7.61 4.36 -61.52
CA GLU C 428 6.56 4.25 -62.50
C GLU C 428 5.48 3.21 -62.05
N VAL C 429 5.83 2.03 -61.41
CA VAL C 429 4.94 1.00 -60.95
C VAL C 429 4.02 1.52 -59.93
N VAL C 430 4.66 2.31 -59.04
CA VAL C 430 4.06 2.92 -57.91
C VAL C 430 3.03 3.95 -58.29
N GLN C 431 3.32 4.79 -59.32
CA GLN C 431 2.40 5.74 -59.93
C GLN C 431 1.26 4.96 -60.49
N SER C 432 1.47 3.75 -61.12
CA SER C 432 0.38 3.02 -61.74
C SER C 432 -0.66 2.62 -60.70
N LEU C 433 -0.14 2.18 -59.54
CA LEU C 433 -0.91 1.72 -58.39
C LEU C 433 -1.67 2.82 -57.73
N MET C 434 -1.14 4.11 -57.67
CA MET C 434 -1.82 5.26 -57.18
C MET C 434 -3.01 5.59 -58.04
N GLU C 435 -2.90 5.48 -59.37
CA GLU C 435 -3.95 5.73 -60.32
C GLU C 435 -5.13 4.77 -60.34
N ASP C 436 -4.87 3.44 -60.11
CA ASP C 436 -5.93 2.45 -59.87
C ASP C 436 -6.68 2.80 -58.59
N TYR C 437 -5.94 3.26 -57.54
CA TYR C 437 -6.53 3.58 -56.20
C TYR C 437 -7.58 4.67 -56.33
N VAL C 438 -7.46 5.61 -57.33
CA VAL C 438 -8.44 6.67 -57.57
C VAL C 438 -9.79 6.04 -58.01
N ALA C 439 -9.72 4.94 -58.84
CA ALA C 439 -10.80 4.15 -59.42
C ALA C 439 -11.32 3.15 -58.50
N ALA C 440 -12.36 2.37 -58.92
CA ALA C 440 -12.95 1.33 -58.09
C ALA C 440 -12.25 0.00 -58.37
N GLU C 441 -11.08 0.04 -58.88
CA GLU C 441 -10.36 -1.12 -59.25
C GLU C 441 -9.53 -1.54 -58.10
N GLN C 442 -9.55 -0.82 -56.92
CA GLN C 442 -8.82 -1.15 -55.77
C GLN C 442 -9.66 -2.13 -55.04
N ASP C 443 -10.97 -2.21 -55.33
CA ASP C 443 -11.80 -3.26 -54.80
C ASP C 443 -11.77 -4.48 -55.71
N SER C 444 -11.61 -5.60 -54.98
CA SER C 444 -11.39 -6.92 -55.63
C SER C 444 -11.82 -7.93 -54.62
N TYR C 445 -12.94 -7.56 -53.89
CA TYR C 445 -13.57 -8.37 -52.88
C TYR C 445 -14.19 -9.62 -53.54
N MET D 1 32.17 -20.61 6.29
CA MET D 1 31.89 -21.24 7.67
C MET D 1 32.94 -22.25 8.08
N GLY D 2 32.51 -23.48 8.27
CA GLY D 2 33.34 -24.59 8.58
C GLY D 2 33.69 -25.38 7.32
N GLY D 3 34.84 -26.11 7.26
CA GLY D 3 35.22 -26.99 6.19
C GLY D 3 36.02 -26.33 5.18
N GLU D 4 37.37 -26.29 5.46
CA GLU D 4 38.38 -25.44 4.81
C GLU D 4 38.79 -25.96 3.50
N ILE D 5 39.17 -25.06 2.55
CA ILE D 5 39.68 -25.53 1.26
C ILE D 5 40.99 -24.81 1.13
N ILE D 6 42.03 -25.56 0.65
CA ILE D 6 43.31 -24.90 0.42
C ILE D 6 43.47 -24.98 -1.10
N THR D 7 44.00 -23.96 -1.75
CA THR D 7 44.05 -23.92 -3.14
C THR D 7 45.40 -24.10 -3.65
N LEU D 8 45.62 -24.90 -4.64
CA LEU D 8 46.87 -25.05 -5.28
C LEU D 8 46.70 -24.61 -6.75
N GLN D 9 47.59 -23.69 -7.24
CA GLN D 9 47.50 -23.01 -8.50
C GLN D 9 48.61 -23.45 -9.35
N ALA D 10 48.28 -23.95 -10.60
CA ALA D 10 49.29 -24.60 -11.52
C ALA D 10 49.04 -23.95 -12.87
N GLY D 11 50.11 -23.68 -13.59
CA GLY D 11 50.17 -23.03 -14.94
C GLY D 11 49.94 -21.58 -14.79
N GLN D 12 50.17 -20.89 -15.95
CA GLN D 12 50.06 -19.52 -16.21
C GLN D 12 48.66 -18.96 -16.01
N CYS D 13 47.65 -19.63 -16.55
CA CYS D 13 46.26 -19.27 -16.59
C CYS D 13 45.79 -19.34 -15.14
N GLY D 14 46.16 -20.50 -14.47
CA GLY D 14 45.75 -20.83 -13.10
C GLY D 14 46.18 -19.82 -12.02
N ASN D 15 47.43 -19.28 -12.06
CA ASN D 15 47.84 -18.20 -11.20
C ASN D 15 47.07 -16.93 -11.50
N HIS D 16 46.86 -16.64 -12.83
CA HIS D 16 46.09 -15.43 -13.17
C HIS D 16 44.71 -15.40 -12.70
N VAL D 17 43.93 -16.44 -12.92
CA VAL D 17 42.57 -16.54 -12.56
C VAL D 17 42.46 -16.53 -11.10
N GLY D 18 43.41 -17.21 -10.42
CA GLY D 18 43.50 -17.24 -8.99
C GLY D 18 43.73 -15.88 -8.29
N LYS D 19 44.60 -14.92 -8.75
CA LYS D 19 44.82 -13.62 -8.19
C LYS D 19 43.60 -12.87 -8.29
N PHE D 20 42.94 -12.96 -9.46
CA PHE D 20 41.73 -12.22 -9.84
C PHE D 20 40.59 -12.61 -8.91
N LEU D 21 40.49 -13.92 -8.57
CA LEU D 21 39.46 -14.40 -7.68
C LEU D 21 39.57 -13.82 -6.35
N TRP D 22 40.84 -13.79 -5.81
CA TRP D 22 41.03 -13.24 -4.46
C TRP D 22 40.76 -11.70 -4.51
N SER D 23 41.16 -10.97 -5.61
CA SER D 23 41.02 -9.54 -5.85
C SER D 23 39.52 -9.16 -5.83
N GLN D 24 38.68 -10.00 -6.48
CA GLN D 24 37.27 -9.91 -6.62
C GLN D 24 36.53 -10.01 -5.28
N LEU D 25 37.01 -11.01 -4.48
CA LEU D 25 36.59 -11.36 -3.09
C LEU D 25 36.91 -10.23 -2.18
N ALA D 26 38.11 -9.59 -2.38
CA ALA D 26 38.58 -8.50 -1.58
C ALA D 26 37.67 -7.29 -1.69
N LYS D 27 37.15 -6.96 -2.88
CA LYS D 27 36.29 -5.86 -3.14
C LYS D 27 35.02 -6.08 -2.37
N GLU D 28 34.49 -7.32 -2.40
CA GLU D 28 33.21 -7.59 -1.73
C GLU D 28 33.27 -7.54 -0.28
N HIS D 29 34.31 -7.97 0.40
CA HIS D 29 34.22 -7.88 1.87
C HIS D 29 34.91 -6.69 2.46
N ALA D 30 35.22 -5.59 1.70
CA ALA D 30 35.84 -4.32 2.01
C ALA D 30 37.18 -4.44 2.64
N ILE D 31 38.01 -5.21 1.88
CA ILE D 31 39.37 -5.49 2.26
C ILE D 31 40.15 -4.65 1.37
N GLY D 32 41.27 -4.01 1.87
CA GLY D 32 42.15 -3.10 1.06
C GLY D 32 43.11 -3.76 0.13
N THR D 33 44.23 -3.08 -0.03
CA THR D 33 45.35 -3.44 -0.83
C THR D 33 46.49 -3.52 0.11
N ASP D 34 46.24 -4.19 1.23
CA ASP D 34 47.24 -4.58 2.21
C ASP D 34 46.61 -5.91 2.81
N GLY D 35 45.28 -6.26 2.69
CA GLY D 35 44.69 -7.44 3.17
C GLY D 35 44.08 -7.16 4.51
N LEU D 36 44.31 -5.95 5.11
CA LEU D 36 43.85 -5.59 6.49
C LEU D 36 42.34 -5.82 6.64
N SER D 37 41.96 -6.34 7.79
CA SER D 37 40.57 -6.78 8.08
C SER D 37 39.55 -5.74 7.88
N GLN D 38 38.31 -6.24 7.61
CA GLN D 38 37.08 -5.56 7.31
C GLN D 38 36.96 -4.15 7.83
N LEU D 39 36.55 -3.18 6.93
CA LEU D 39 36.45 -1.76 7.32
C LEU D 39 35.19 -1.43 8.13
N PRO D 40 33.93 -1.88 7.81
CA PRO D 40 32.76 -1.42 8.59
C PRO D 40 32.84 -2.06 9.95
N ASP D 41 33.06 -3.40 10.01
CA ASP D 41 32.87 -4.18 11.19
C ASP D 41 31.45 -4.14 11.66
N SER D 42 31.32 -4.45 12.98
CA SER D 42 30.04 -4.56 13.69
C SER D 42 28.89 -5.41 13.03
N SER D 43 29.31 -6.47 12.26
CA SER D 43 28.47 -7.41 11.61
C SER D 43 28.22 -8.50 12.67
N THR D 44 26.95 -8.80 12.94
CA THR D 44 26.55 -10.02 13.68
C THR D 44 26.56 -11.21 12.80
N GLU D 45 26.20 -11.03 11.47
CA GLU D 45 26.33 -12.00 10.51
C GLU D 45 25.70 -11.24 9.34
N ARG D 46 26.54 -10.87 8.40
CA ARG D 46 26.23 -10.11 7.26
C ARG D 46 27.17 -10.64 6.24
N ASP D 47 28.33 -11.19 6.70
CA ASP D 47 29.23 -11.85 5.75
C ASP D 47 30.07 -12.74 6.52
N ASP D 48 30.53 -13.80 5.77
CA ASP D 48 31.61 -14.68 6.10
C ASP D 48 32.61 -14.03 5.15
N ASP D 49 33.92 -13.95 5.54
CA ASP D 49 34.94 -13.15 4.88
C ASP D 49 35.63 -13.95 3.81
N THR D 50 34.95 -15.07 3.46
CA THR D 50 35.38 -16.31 2.81
C THR D 50 36.47 -17.00 3.56
N LYS D 51 36.32 -17.06 4.93
CA LYS D 51 37.18 -17.69 5.89
C LYS D 51 37.67 -19.11 5.60
N PRO D 52 36.94 -20.07 4.83
CA PRO D 52 37.52 -21.33 4.54
C PRO D 52 38.54 -21.22 3.40
N PHE D 53 38.43 -20.19 2.49
CA PHE D 53 39.52 -19.95 1.53
C PHE D 53 40.66 -19.02 2.03
N PHE D 54 40.48 -18.44 3.22
CA PHE D 54 41.42 -17.44 3.76
C PHE D 54 41.97 -17.98 5.06
N ARG D 55 43.11 -17.41 5.52
CA ARG D 55 43.66 -17.56 6.83
C ARG D 55 43.99 -16.20 7.39
N GLU D 56 44.11 -16.09 8.70
CA GLU D 56 44.40 -14.88 9.38
C GLU D 56 45.84 -14.96 9.82
N ASN D 57 46.66 -13.87 9.61
CA ASN D 57 48.03 -13.71 10.16
C ASN D 57 47.86 -13.23 11.56
N SER D 58 48.83 -12.38 12.00
CA SER D 58 48.84 -11.99 13.41
C SER D 58 49.05 -10.52 13.42
N ARG D 59 48.92 -9.87 12.25
CA ARG D 59 48.87 -8.45 12.04
C ARG D 59 47.39 -8.15 11.73
N ASN D 60 46.55 -9.24 11.73
CA ASN D 60 45.17 -9.27 11.38
C ASN D 60 44.97 -8.81 9.96
N LYS D 61 45.72 -9.51 9.01
CA LYS D 61 45.63 -9.42 7.57
C LYS D 61 45.11 -10.72 7.17
N PHE D 62 44.02 -10.77 6.30
CA PHE D 62 43.60 -11.99 5.77
C PHE D 62 44.49 -12.31 4.54
N THR D 63 44.85 -13.58 4.33
CA THR D 63 45.70 -13.98 3.23
C THR D 63 45.06 -15.17 2.63
N PRO D 64 44.99 -15.34 1.29
CA PRO D 64 44.39 -16.48 0.68
C PRO D 64 45.24 -17.71 1.01
N ARG D 65 44.56 -18.85 1.31
CA ARG D 65 45.21 -20.13 1.57
C ARG D 65 45.56 -20.62 0.22
N ALA D 66 46.74 -20.29 -0.26
CA ALA D 66 47.14 -20.56 -1.61
C ALA D 66 48.49 -20.99 -1.70
N ILE D 67 48.79 -21.91 -2.76
CA ILE D 67 50.07 -22.31 -3.15
C ILE D 67 50.19 -21.89 -4.60
N MET D 68 51.31 -21.21 -5.02
CA MET D 68 51.43 -20.85 -6.42
C MET D 68 52.61 -21.63 -6.93
N MET D 69 52.40 -22.36 -8.06
CA MET D 69 53.37 -23.26 -8.71
C MET D 69 53.27 -22.91 -10.17
N ASP D 70 54.49 -22.86 -10.81
CA ASP D 70 54.48 -22.49 -12.23
C ASP D 70 55.91 -22.48 -12.71
N SER D 71 56.19 -21.80 -13.87
CA SER D 71 57.45 -21.70 -14.59
C SER D 71 57.41 -20.50 -15.47
N GLU D 72 56.25 -19.82 -15.53
CA GLU D 72 55.94 -18.84 -16.56
C GLU D 72 55.33 -17.72 -15.81
N PRO D 73 56.05 -16.64 -15.40
CA PRO D 73 55.53 -15.49 -14.73
C PRO D 73 54.35 -15.53 -13.78
N SER D 74 54.45 -16.21 -12.58
CA SER D 74 53.48 -16.12 -11.51
C SER D 74 53.52 -14.68 -10.90
N VAL D 75 54.76 -14.11 -10.81
CA VAL D 75 55.09 -12.84 -10.22
C VAL D 75 54.48 -11.71 -10.98
N ILE D 76 54.40 -11.84 -12.33
CA ILE D 76 53.71 -11.02 -13.26
C ILE D 76 52.20 -11.05 -13.08
N ALA D 77 51.56 -12.20 -12.73
CA ALA D 77 50.15 -12.24 -12.40
C ALA D 77 49.81 -11.38 -11.17
N ASP D 78 50.78 -11.47 -10.20
CA ASP D 78 50.74 -10.71 -8.93
C ASP D 78 50.85 -9.22 -9.03
N VAL D 79 51.74 -8.72 -9.89
CA VAL D 79 51.96 -7.31 -10.01
C VAL D 79 50.86 -6.50 -10.66
N GLU D 80 50.08 -7.17 -11.50
CA GLU D 80 49.00 -6.55 -12.25
C GLU D 80 47.89 -6.02 -11.32
N ASN D 81 47.60 -6.84 -10.28
CA ASN D 81 46.51 -6.57 -9.39
C ASN D 81 46.99 -5.56 -8.45
N THR D 82 46.17 -4.59 -8.02
CA THR D 82 46.52 -3.56 -7.04
C THR D 82 46.67 -4.20 -5.72
N PHE D 83 45.85 -5.23 -5.49
CA PHE D 83 45.84 -6.07 -4.33
C PHE D 83 47.17 -6.66 -4.11
N ARG D 84 47.61 -6.49 -2.84
CA ARG D 84 48.95 -6.97 -2.36
C ARG D 84 48.66 -7.68 -1.08
N GLY D 85 49.40 -8.74 -0.77
CA GLY D 85 49.00 -9.58 0.37
C GLY D 85 48.02 -10.61 0.02
N PHE D 86 47.82 -10.84 -1.33
CA PHE D 86 47.00 -11.89 -1.75
C PHE D 86 47.76 -12.92 -2.33
N PHE D 87 49.04 -12.98 -1.75
CA PHE D 87 50.10 -13.91 -2.06
C PHE D 87 50.95 -13.72 -0.83
N ASP D 88 51.69 -14.83 -0.50
CA ASP D 88 52.69 -14.97 0.53
C ASP D 88 53.91 -15.28 -0.26
N PRO D 89 55.08 -14.55 -0.18
CA PRO D 89 56.19 -14.71 -1.05
C PRO D 89 56.84 -16.09 -0.93
N ARG D 90 56.81 -16.96 0.17
CA ARG D 90 57.40 -18.26 0.18
C ARG D 90 56.62 -19.21 -0.67
N ASN D 91 55.25 -19.03 -0.76
CA ASN D 91 54.26 -19.82 -1.52
C ASN D 91 54.33 -19.54 -3.00
N THR D 92 54.94 -18.41 -3.46
CA THR D 92 55.01 -18.02 -4.82
C THR D 92 56.23 -18.61 -5.40
N TRP D 93 56.06 -19.41 -6.56
CA TRP D 93 57.07 -20.33 -7.08
C TRP D 93 57.24 -20.15 -8.62
N VAL D 94 58.51 -19.89 -9.03
CA VAL D 94 58.88 -19.72 -10.43
C VAL D 94 60.03 -20.66 -10.62
N ALA D 95 59.96 -21.65 -11.59
CA ALA D 95 61.02 -22.65 -11.85
C ALA D 95 62.34 -22.09 -12.36
N SER D 96 63.48 -22.81 -12.25
CA SER D 96 64.72 -22.54 -12.92
C SER D 96 65.37 -23.92 -13.08
N ASP D 97 64.62 -25.02 -12.77
CA ASP D 97 65.13 -26.40 -12.68
C ASP D 97 64.79 -27.09 -14.02
N GLY D 98 64.29 -26.33 -15.00
CA GLY D 98 63.98 -26.94 -16.26
C GLY D 98 63.38 -25.88 -17.13
N ALA D 99 62.95 -24.73 -16.48
CA ALA D 99 62.33 -23.65 -17.22
C ALA D 99 61.08 -23.97 -18.05
N SER D 100 60.75 -23.12 -18.99
CA SER D 100 59.49 -23.16 -19.73
C SER D 100 59.27 -24.41 -20.56
N ALA D 101 58.04 -24.93 -20.38
CA ALA D 101 57.65 -26.21 -20.87
C ALA D 101 57.67 -26.14 -22.36
N GLY D 102 57.15 -24.97 -22.90
CA GLY D 102 56.86 -24.79 -24.27
C GLY D 102 55.72 -25.57 -24.75
N ASN D 103 54.59 -25.60 -23.95
CA ASN D 103 53.37 -26.38 -24.11
C ASN D 103 53.60 -27.90 -24.18
N SER D 104 54.31 -28.49 -23.22
CA SER D 104 54.50 -29.90 -23.19
C SER D 104 54.17 -30.52 -21.78
N TRP D 105 53.48 -31.67 -21.78
CA TRP D 105 53.04 -32.31 -20.61
C TRP D 105 54.20 -32.78 -19.76
N ALA D 106 55.17 -33.38 -20.47
CA ALA D 106 56.32 -34.02 -19.84
C ALA D 106 57.22 -33.11 -19.02
N ASN D 107 57.51 -31.90 -19.56
CA ASN D 107 58.34 -30.94 -18.92
C ASN D 107 57.69 -30.46 -17.64
N GLY D 108 56.35 -30.21 -17.58
CA GLY D 108 55.63 -29.71 -16.43
C GLY D 108 55.65 -30.72 -15.30
N TYR D 109 55.44 -32.00 -15.61
CA TYR D 109 55.37 -33.03 -14.57
C TYR D 109 56.72 -33.22 -13.94
N ASP D 110 57.70 -33.28 -14.82
CA ASP D 110 59.12 -33.55 -14.50
C ASP D 110 59.75 -32.49 -13.63
N ILE D 111 59.36 -31.21 -13.85
CA ILE D 111 59.82 -30.17 -12.96
C ILE D 111 59.28 -30.37 -11.60
N GLY D 112 58.04 -30.81 -11.54
CA GLY D 112 57.35 -31.11 -10.32
C GLY D 112 57.95 -32.17 -9.52
N THR D 113 58.43 -33.29 -10.17
CA THR D 113 59.12 -34.42 -9.63
C THR D 113 60.47 -34.03 -9.00
N ARG D 114 61.25 -33.07 -9.60
CA ARG D 114 62.55 -32.63 -9.09
C ARG D 114 62.31 -32.01 -7.71
N ASN D 115 61.22 -31.23 -7.64
CA ASN D 115 60.80 -30.32 -6.63
C ASN D 115 59.73 -30.90 -5.78
N GLN D 116 59.80 -32.26 -5.60
CA GLN D 116 58.73 -32.92 -4.89
C GLN D 116 58.65 -32.49 -3.44
N ASP D 117 59.86 -32.35 -2.75
CA ASP D 117 60.06 -32.06 -1.32
C ASP D 117 59.55 -30.71 -1.09
N ASP D 118 59.85 -29.69 -1.99
CA ASP D 118 59.54 -28.29 -1.85
C ASP D 118 58.08 -28.05 -1.79
N ILE D 119 57.33 -28.70 -2.71
CA ILE D 119 55.93 -28.59 -2.87
C ILE D 119 55.23 -29.20 -1.62
N LEU D 120 55.68 -30.38 -1.21
CA LEU D 120 55.17 -31.10 -0.10
C LEU D 120 55.40 -30.36 1.20
N ASN D 121 56.57 -29.60 1.38
CA ASN D 121 56.80 -28.73 2.51
C ASN D 121 55.77 -27.64 2.71
N LYS D 122 55.43 -27.01 1.58
CA LYS D 122 54.47 -26.01 1.51
C LYS D 122 53.07 -26.60 1.82
N ILE D 123 52.73 -27.85 1.26
CA ILE D 123 51.43 -28.46 1.53
C ILE D 123 51.36 -28.71 3.01
N ASP D 124 52.39 -29.32 3.70
CA ASP D 124 52.29 -29.66 5.12
C ASP D 124 52.09 -28.48 6.05
N LYS D 125 52.72 -27.30 5.89
CA LYS D 125 52.50 -26.08 6.66
C LYS D 125 51.01 -25.63 6.47
N GLU D 126 50.40 -25.67 5.23
CA GLU D 126 49.08 -25.32 4.97
C GLU D 126 48.04 -26.18 5.65
N ILE D 127 48.29 -27.52 5.67
CA ILE D 127 47.48 -28.57 6.19
C ILE D 127 47.44 -28.41 7.73
N ASP D 128 48.62 -28.07 8.45
CA ASP D 128 48.68 -27.86 9.83
C ASP D 128 47.85 -26.60 10.19
N SER D 129 47.85 -25.53 9.37
CA SER D 129 46.99 -24.32 9.56
C SER D 129 45.50 -24.57 9.45
N THR D 130 45.07 -25.68 8.71
CA THR D 130 43.64 -25.81 8.56
C THR D 130 43.03 -26.28 9.90
N ASP D 131 41.65 -26.23 10.02
CA ASP D 131 40.80 -26.61 11.15
C ASP D 131 40.30 -27.96 10.66
N ASN D 132 38.95 -28.05 10.72
CA ASN D 132 38.19 -29.14 10.13
C ASN D 132 38.30 -29.00 8.62
N PHE D 133 39.25 -29.79 7.99
CA PHE D 133 39.52 -29.68 6.53
C PHE D 133 38.59 -30.42 5.60
N GLU D 134 37.94 -29.67 4.70
CA GLU D 134 37.06 -30.31 3.69
C GLU D 134 37.79 -31.02 2.55
N GLY D 135 38.83 -30.31 2.02
CA GLY D 135 39.45 -30.82 0.81
C GLY D 135 40.25 -29.84 0.14
N PHE D 136 40.71 -30.11 -1.13
CA PHE D 136 41.69 -29.37 -1.90
C PHE D 136 41.10 -28.78 -3.10
N GLN D 137 41.63 -27.63 -3.61
CA GLN D 137 41.12 -27.11 -4.90
C GLN D 137 42.33 -26.91 -5.92
N LEU D 138 42.27 -27.42 -7.17
CA LEU D 138 43.37 -27.20 -8.11
C LEU D 138 42.87 -26.27 -9.20
N LEU D 139 43.63 -25.21 -9.48
CA LEU D 139 43.27 -24.29 -10.48
C LEU D 139 44.25 -24.48 -11.57
N HIS D 140 43.74 -24.75 -12.80
CA HIS D 140 44.71 -25.01 -13.86
C HIS D 140 44.01 -25.05 -15.14
N SER D 141 44.80 -25.25 -16.25
CA SER D 141 44.35 -25.43 -17.54
C SER D 141 44.90 -26.79 -17.96
N VAL D 142 44.20 -27.49 -18.89
CA VAL D 142 44.63 -28.70 -19.52
C VAL D 142 45.15 -28.46 -20.82
N ALA D 143 45.23 -27.15 -21.18
CA ALA D 143 45.55 -26.58 -22.42
C ALA D 143 47.00 -26.42 -22.43
N GLY D 144 47.53 -25.96 -21.23
CA GLY D 144 48.99 -25.86 -20.94
C GLY D 144 49.68 -27.10 -21.07
N GLY D 145 51.04 -26.99 -21.06
CA GLY D 145 52.02 -28.01 -20.86
C GLY D 145 52.14 -28.25 -19.35
N THR D 146 52.35 -27.08 -18.76
CA THR D 146 52.70 -26.81 -17.38
C THR D 146 51.54 -27.00 -16.51
N GLY D 147 50.35 -26.32 -16.85
CA GLY D 147 49.16 -26.55 -16.09
C GLY D 147 48.73 -27.94 -16.10
N SER D 148 48.77 -28.70 -17.21
CA SER D 148 48.27 -30.03 -17.49
C SER D 148 49.21 -30.93 -16.73
N GLY D 149 50.53 -30.87 -16.99
CA GLY D 149 51.57 -31.82 -16.60
C GLY D 149 51.81 -31.70 -15.09
N LEU D 150 52.05 -30.48 -14.61
CA LEU D 150 52.35 -30.20 -13.15
C LEU D 150 51.18 -30.52 -12.35
N GLY D 151 50.00 -30.17 -12.91
CA GLY D 151 48.75 -30.33 -12.34
C GLY D 151 48.43 -31.74 -12.07
N SER D 152 48.72 -32.68 -13.00
CA SER D 152 48.60 -34.16 -12.92
C SER D 152 49.56 -34.72 -11.88
N ASN D 153 50.78 -34.18 -11.73
CA ASN D 153 51.66 -34.67 -10.61
C ASN D 153 50.99 -34.32 -9.29
N LEU D 154 50.45 -33.08 -9.09
CA LEU D 154 49.86 -32.68 -7.83
C LEU D 154 48.67 -33.50 -7.52
N LEU D 155 47.81 -33.82 -8.50
CA LEU D 155 46.62 -34.64 -8.34
C LEU D 155 46.84 -36.08 -7.91
N GLU D 156 47.85 -36.68 -8.53
CA GLU D 156 48.23 -38.03 -8.12
C GLU D 156 48.79 -38.06 -6.76
N ALA D 157 49.68 -37.07 -6.38
CA ALA D 157 50.21 -37.09 -5.05
C ALA D 157 49.16 -36.85 -3.98
N LEU D 158 48.28 -35.89 -4.19
CA LEU D 158 47.23 -35.65 -3.20
C LEU D 158 46.31 -36.79 -3.00
N CYS D 159 46.00 -37.50 -4.05
CA CYS D 159 45.06 -38.61 -4.07
C CYS D 159 45.49 -39.66 -3.10
N ASP D 160 46.76 -40.15 -3.15
CA ASP D 160 47.34 -41.21 -2.40
C ASP D 160 47.47 -40.69 -0.99
N ARG D 161 48.01 -39.46 -0.83
CA ARG D 161 48.42 -38.86 0.45
C ARG D 161 47.33 -38.63 1.43
N TYR D 162 46.24 -37.91 0.98
CA TYR D 162 45.02 -37.76 1.77
C TYR D 162 43.96 -38.43 0.96
N PRO D 163 43.43 -39.59 1.30
CA PRO D 163 42.53 -40.35 0.48
C PRO D 163 41.04 -40.11 0.69
N LYS D 164 40.65 -39.73 1.89
CA LYS D 164 39.23 -39.56 2.21
C LYS D 164 38.72 -38.16 2.05
N LYS D 165 39.61 -37.22 1.61
CA LYS D 165 39.33 -35.84 1.48
C LYS D 165 38.93 -35.67 0.04
N ILE D 166 38.28 -34.52 -0.16
CA ILE D 166 37.60 -34.16 -1.40
C ILE D 166 38.60 -33.51 -2.27
N LEU D 167 38.60 -33.71 -3.58
CA LEU D 167 39.40 -33.02 -4.58
C LEU D 167 38.43 -32.44 -5.55
N THR D 168 38.46 -31.04 -5.70
CA THR D 168 37.74 -30.33 -6.78
C THR D 168 38.81 -29.62 -7.62
N THR D 169 38.62 -29.50 -8.96
CA THR D 169 39.49 -28.85 -9.86
C THR D 169 38.63 -27.97 -10.69
N TYR D 170 39.16 -26.86 -11.12
CA TYR D 170 38.68 -25.96 -12.16
C TYR D 170 39.72 -26.11 -13.27
N SER D 171 39.36 -26.83 -14.32
CA SER D 171 40.27 -27.11 -15.40
C SER D 171 39.70 -26.38 -16.58
N VAL D 172 40.65 -25.63 -17.25
CA VAL D 172 40.29 -24.93 -18.52
C VAL D 172 40.63 -25.88 -19.66
N PHE D 173 39.67 -26.19 -20.48
CA PHE D 173 39.81 -27.13 -21.58
C PHE D 173 39.98 -26.37 -22.87
N PRO D 174 40.71 -26.89 -23.85
CA PRO D 174 40.70 -26.34 -25.13
C PRO D 174 39.69 -27.16 -25.96
N ALA D 175 38.50 -26.53 -26.27
CA ALA D 175 37.49 -27.23 -27.05
C ALA D 175 37.70 -26.71 -28.50
N ARG D 176 38.74 -25.95 -28.71
CA ARG D 176 39.08 -25.14 -29.86
C ARG D 176 40.23 -25.75 -30.55
N SER D 177 40.64 -25.16 -31.74
CA SER D 177 41.76 -25.67 -32.50
C SER D 177 42.84 -24.60 -32.47
N SER D 178 44.13 -25.00 -32.32
CA SER D 178 45.21 -24.10 -32.13
C SER D 178 46.21 -24.69 -33.03
N GLU D 179 47.40 -23.96 -33.17
CA GLU D 179 48.59 -24.32 -33.90
C GLU D 179 49.48 -25.18 -32.94
N VAL D 180 49.06 -25.44 -31.67
CA VAL D 180 49.82 -26.18 -30.77
C VAL D 180 49.12 -27.58 -30.96
N VAL D 181 49.90 -28.63 -31.37
CA VAL D 181 49.42 -29.94 -31.84
C VAL D 181 49.66 -30.93 -30.72
N VAL D 182 50.69 -30.72 -29.84
CA VAL D 182 50.97 -31.49 -28.72
C VAL D 182 49.89 -31.19 -27.62
N GLN D 183 48.97 -30.17 -27.84
CA GLN D 183 47.83 -29.82 -27.05
C GLN D 183 46.82 -30.85 -26.68
N SER D 184 46.46 -31.68 -27.71
CA SER D 184 45.61 -32.83 -27.56
C SER D 184 46.22 -33.80 -26.69
N TYR D 185 47.60 -34.03 -26.71
CA TYR D 185 48.34 -35.04 -25.92
C TYR D 185 48.20 -34.69 -24.48
N ASN D 186 48.42 -33.37 -24.21
CA ASN D 186 48.33 -32.78 -22.85
C ASN D 186 46.95 -32.97 -22.27
N THR D 187 45.91 -32.70 -23.08
CA THR D 187 44.48 -32.84 -22.68
C THR D 187 44.20 -34.33 -22.45
N ILE D 188 44.68 -35.29 -23.34
CA ILE D 188 44.36 -36.69 -23.20
C ILE D 188 44.91 -37.18 -21.86
N LEU D 189 46.20 -36.97 -21.54
CA LEU D 189 46.95 -37.53 -20.38
C LEU D 189 46.38 -37.01 -19.12
N ALA D 190 45.99 -35.67 -19.15
CA ALA D 190 45.42 -35.00 -18.03
C ALA D 190 44.04 -35.63 -17.72
N LEU D 191 43.27 -35.97 -18.76
CA LEU D 191 41.89 -36.39 -18.63
C LEU D 191 41.78 -37.63 -17.81
N ARG D 192 42.83 -38.53 -17.94
CA ARG D 192 42.89 -39.87 -17.35
C ARG D 192 42.85 -39.57 -15.85
N ARG D 193 43.68 -38.62 -15.46
CA ARG D 193 43.89 -38.24 -14.07
C ARG D 193 42.68 -37.54 -13.56
N LEU D 194 42.01 -36.69 -14.40
CA LEU D 194 40.82 -35.96 -13.95
C LEU D 194 39.66 -36.87 -13.66
N ILE D 195 39.44 -37.98 -14.42
CA ILE D 195 38.34 -38.91 -14.05
C ILE D 195 38.59 -39.70 -12.76
N GLU D 196 39.75 -40.34 -12.64
CA GLU D 196 40.00 -41.21 -11.45
C GLU D 196 40.46 -40.44 -10.23
N ASP D 197 41.50 -39.47 -10.32
CA ASP D 197 42.09 -38.88 -9.15
C ASP D 197 41.30 -37.77 -8.65
N SER D 198 40.31 -37.23 -9.41
CA SER D 198 39.48 -36.07 -8.98
C SER D 198 38.14 -36.54 -8.82
N ASP D 199 37.36 -35.98 -7.85
CA ASP D 199 35.96 -36.41 -7.70
C ASP D 199 35.09 -35.34 -8.36
N ALA D 200 35.63 -34.16 -8.66
CA ALA D 200 34.85 -33.21 -9.42
C ALA D 200 35.89 -32.48 -10.32
N THR D 201 35.52 -32.12 -11.59
CA THR D 201 36.19 -31.23 -12.48
C THR D 201 35.27 -30.26 -13.09
N VAL D 202 35.49 -28.89 -12.99
CA VAL D 202 34.64 -27.92 -13.53
C VAL D 202 35.36 -27.58 -14.87
N VAL D 203 34.68 -27.91 -15.97
CA VAL D 203 35.16 -27.80 -17.34
C VAL D 203 34.85 -26.40 -17.81
N PHE D 204 35.90 -25.64 -18.33
CA PHE D 204 35.75 -24.38 -18.96
C PHE D 204 36.11 -24.58 -20.41
N ASP D 205 35.16 -24.54 -21.38
CA ASP D 205 35.46 -24.85 -22.82
C ASP D 205 35.78 -23.53 -23.37
N ASN D 206 37.04 -23.41 -23.85
CA ASN D 206 37.73 -22.22 -24.40
C ASN D 206 37.01 -21.81 -25.65
N ALA D 207 36.38 -22.66 -26.35
CA ALA D 207 35.67 -22.16 -27.55
C ALA D 207 34.62 -21.18 -27.22
N SER D 208 33.78 -21.45 -26.18
CA SER D 208 32.70 -20.76 -25.69
C SER D 208 33.18 -19.47 -25.05
N LEU D 209 34.24 -19.53 -24.19
CA LEU D 209 34.87 -18.48 -23.42
C LEU D 209 35.43 -17.45 -24.39
N LEU D 210 35.97 -17.80 -25.54
CA LEU D 210 36.47 -16.90 -26.52
C LEU D 210 35.35 -16.01 -27.09
N ASN D 211 34.18 -16.69 -27.36
CA ASN D 211 33.05 -15.96 -28.01
C ASN D 211 32.48 -14.89 -27.07
N ILE D 212 32.46 -15.22 -25.72
CA ILE D 212 31.97 -14.34 -24.61
C ILE D 212 32.82 -13.08 -24.49
N SER D 213 34.15 -13.31 -24.52
CA SER D 213 35.04 -12.20 -24.37
C SER D 213 34.93 -11.18 -25.47
N GLY D 214 34.90 -11.74 -26.72
CA GLY D 214 34.88 -10.93 -27.87
C GLY D 214 33.65 -10.14 -28.03
N LYS D 215 32.52 -10.89 -27.90
CA LYS D 215 31.21 -10.44 -28.22
C LYS D 215 30.77 -9.43 -27.16
N VAL D 216 30.79 -9.90 -25.85
CA VAL D 216 30.06 -9.14 -24.82
C VAL D 216 30.86 -7.94 -24.44
N PHE D 217 32.18 -8.19 -24.11
CA PHE D 217 33.11 -7.16 -23.67
C PHE D 217 33.28 -6.17 -24.80
N ARG D 218 33.04 -6.56 -26.06
CA ARG D 218 33.15 -5.81 -27.33
C ARG D 218 34.59 -5.32 -27.43
N ASN D 219 35.49 -6.34 -27.12
CA ASN D 219 36.94 -6.32 -27.26
C ASN D 219 37.38 -6.57 -28.72
N PRO D 220 38.10 -5.69 -29.43
CA PRO D 220 38.41 -5.91 -30.83
C PRO D 220 39.57 -6.96 -30.88
N ASN D 221 40.35 -7.17 -29.79
CA ASN D 221 41.43 -8.10 -29.79
C ASN D 221 41.16 -9.03 -28.65
N ILE D 222 41.63 -10.28 -28.76
CA ILE D 222 41.39 -11.29 -27.76
C ILE D 222 42.74 -11.69 -27.34
N ASP D 223 42.87 -11.97 -26.03
CA ASP D 223 43.99 -12.32 -25.34
C ASP D 223 43.44 -13.26 -24.30
N LEU D 224 44.38 -13.91 -23.51
CA LEU D 224 44.17 -14.77 -22.36
C LEU D 224 43.54 -14.12 -21.23
N GLN D 225 43.97 -12.92 -21.00
CA GLN D 225 43.58 -12.11 -19.84
C GLN D 225 42.09 -11.77 -19.83
N HIS D 226 41.52 -11.51 -21.04
CA HIS D 226 40.09 -11.23 -21.10
C HIS D 226 39.21 -12.42 -20.69
N THR D 227 39.63 -13.59 -21.18
CA THR D 227 39.04 -14.90 -20.92
C THR D 227 39.19 -15.28 -19.48
N ASN D 228 40.33 -14.87 -18.86
CA ASN D 228 40.65 -15.21 -17.42
C ASN D 228 39.58 -14.61 -16.51
N GLN D 229 38.96 -13.43 -16.84
CA GLN D 229 37.97 -12.76 -16.02
C GLN D 229 36.76 -13.65 -15.88
N LEU D 230 36.36 -14.37 -16.90
CA LEU D 230 35.16 -15.22 -16.91
C LEU D 230 35.29 -16.31 -15.95
N ILE D 231 36.50 -16.93 -15.92
CA ILE D 231 36.80 -17.97 -14.96
C ILE D 231 36.73 -17.50 -13.50
N SER D 232 37.27 -16.27 -13.24
CA SER D 232 37.27 -15.74 -11.93
C SER D 232 35.86 -15.47 -11.39
N THR D 233 34.95 -15.05 -12.27
CA THR D 233 33.52 -14.75 -12.05
C THR D 233 32.91 -16.04 -11.59
N ILE D 234 33.15 -17.24 -12.24
CA ILE D 234 32.52 -18.49 -11.89
C ILE D 234 32.90 -19.05 -10.52
N ILE D 235 34.15 -19.02 -10.16
CA ILE D 235 34.71 -19.52 -8.90
C ILE D 235 34.20 -18.69 -7.68
N SER D 236 34.12 -17.34 -7.83
CA SER D 236 33.64 -16.48 -6.74
C SER D 236 32.19 -16.74 -6.47
N SER D 237 31.34 -16.99 -7.52
CA SER D 237 29.89 -17.22 -7.42
C SER D 237 29.53 -18.51 -6.77
N VAL D 238 30.30 -19.62 -6.95
CA VAL D 238 30.08 -20.88 -6.26
C VAL D 238 30.30 -20.81 -4.79
N THR D 239 31.20 -19.96 -4.31
CA THR D 239 31.44 -19.83 -2.86
C THR D 239 30.43 -18.94 -2.18
N ASN D 240 29.55 -18.32 -3.01
CA ASN D 240 28.43 -17.53 -2.47
C ASN D 240 27.58 -18.22 -1.39
N SER D 241 27.27 -19.51 -1.62
CA SER D 241 26.38 -20.23 -0.72
C SER D 241 26.91 -20.52 0.66
N ILE D 242 28.31 -20.59 0.79
CA ILE D 242 29.05 -20.84 2.02
C ILE D 242 28.98 -19.62 2.83
N ARG D 243 29.16 -18.42 2.15
CA ARG D 243 29.19 -17.23 2.91
C ARG D 243 27.83 -16.76 3.43
N PHE D 244 26.64 -17.18 2.84
CA PHE D 244 25.35 -16.86 3.36
C PHE D 244 24.53 -18.04 3.72
N PRO D 245 24.00 -18.01 4.92
CA PRO D 245 23.13 -19.10 5.33
C PRO D 245 21.76 -18.65 5.03
N SER D 246 21.01 -19.35 4.14
CA SER D 246 19.69 -19.07 3.73
C SER D 246 19.09 -20.31 3.24
N TYR D 247 19.82 -21.48 3.39
CA TYR D 247 19.32 -22.79 3.03
C TYR D 247 20.17 -23.74 3.86
N MET D 248 19.68 -25.02 3.83
CA MET D 248 20.18 -26.13 4.54
C MET D 248 21.18 -26.81 3.67
N TYR D 249 21.28 -26.37 2.38
CA TYR D 249 22.23 -26.91 1.46
C TYR D 249 23.31 -25.85 1.32
N SER D 250 23.43 -24.91 2.22
CA SER D 250 24.46 -23.89 2.08
C SER D 250 25.79 -24.40 2.67
N SER D 251 25.69 -25.52 3.38
CA SER D 251 26.86 -26.23 3.90
C SER D 251 27.68 -26.69 2.70
N MET D 252 29.02 -26.67 2.82
CA MET D 252 29.93 -27.03 1.78
C MET D 252 29.73 -28.49 1.42
N SER D 253 29.58 -29.31 2.55
CA SER D 253 29.41 -30.71 2.46
C SER D 253 28.06 -31.06 1.78
N SER D 254 26.93 -30.41 2.22
CA SER D 254 25.63 -30.73 1.63
C SER D 254 25.54 -30.28 0.22
N ILE D 255 26.12 -29.08 -0.14
CA ILE D 255 26.11 -28.51 -1.45
C ILE D 255 26.85 -29.42 -2.41
N TYR D 256 27.99 -29.93 -2.03
CA TYR D 256 28.88 -30.87 -2.80
C TYR D 256 28.14 -32.16 -3.02
N SER D 257 27.48 -32.70 -1.98
CA SER D 257 26.83 -34.02 -2.07
C SER D 257 25.71 -34.07 -3.15
N THR D 258 24.86 -32.99 -3.23
CA THR D 258 23.84 -32.72 -4.06
C THR D 258 24.34 -32.48 -5.49
N LEU D 259 25.43 -31.70 -5.69
CA LEU D 259 25.96 -31.18 -6.96
C LEU D 259 26.58 -32.22 -7.75
N ILE D 260 27.29 -33.16 -7.03
CA ILE D 260 27.97 -34.32 -7.70
C ILE D 260 27.00 -35.40 -7.73
N PRO D 261 26.70 -36.03 -8.83
CA PRO D 261 25.65 -37.09 -8.78
C PRO D 261 26.32 -38.47 -8.83
N SER D 262 27.37 -38.64 -9.67
CA SER D 262 28.11 -39.86 -9.92
C SER D 262 29.57 -39.37 -9.88
N PRO D 263 30.45 -40.27 -9.65
CA PRO D 263 31.85 -39.94 -9.65
C PRO D 263 32.35 -39.99 -11.06
N GLU D 264 31.70 -40.81 -11.99
CA GLU D 264 32.04 -40.99 -13.41
C GLU D 264 31.65 -39.79 -14.20
N LEU D 265 30.48 -39.15 -13.98
CA LEU D 265 30.20 -37.91 -14.68
C LEU D 265 30.15 -36.94 -13.61
N HIS D 266 31.31 -36.25 -13.54
CA HIS D 266 31.67 -35.27 -12.50
C HIS D 266 32.16 -34.06 -13.16
N PHE D 267 32.00 -34.02 -14.54
CA PHE D 267 32.51 -32.97 -15.34
C PHE D 267 31.40 -32.02 -15.29
N LEU D 268 31.55 -30.77 -14.80
CA LEU D 268 30.49 -29.82 -14.54
C LEU D 268 30.65 -28.89 -15.65
N SER D 269 29.52 -28.21 -16.00
CA SER D 269 29.52 -27.08 -16.95
C SER D 269 29.00 -25.86 -16.28
N PRO D 270 29.66 -24.65 -16.43
CA PRO D 270 29.14 -23.46 -15.88
C PRO D 270 28.41 -22.67 -16.93
N SER D 271 27.49 -21.78 -16.44
CA SER D 271 26.83 -20.79 -17.20
C SER D 271 26.81 -19.59 -16.29
N PHE D 272 26.77 -18.35 -16.81
CA PHE D 272 26.52 -17.18 -16.10
C PHE D 272 25.82 -16.24 -17.01
N THR D 273 24.95 -15.35 -16.42
CA THR D 273 24.32 -14.27 -17.16
C THR D 273 24.16 -13.21 -16.09
N PRO D 274 24.39 -11.92 -16.28
CA PRO D 274 24.92 -11.25 -17.47
C PRO D 274 26.43 -11.17 -17.15
N PHE D 275 27.14 -10.40 -17.99
CA PHE D 275 28.55 -10.12 -17.73
C PHE D 275 28.70 -8.62 -17.71
N THR D 276 27.65 -7.87 -17.20
CA THR D 276 27.67 -6.45 -17.04
C THR D 276 27.18 -6.05 -15.66
N SER D 277 28.00 -5.32 -14.87
CA SER D 277 27.69 -4.82 -13.54
C SER D 277 27.79 -5.87 -12.55
N ASP D 278 28.92 -6.60 -12.56
CA ASP D 278 29.07 -7.55 -11.48
C ASP D 278 30.50 -7.76 -11.28
N TYR D 279 31.35 -7.26 -12.16
CA TYR D 279 32.77 -7.20 -11.95
C TYR D 279 33.38 -6.38 -13.01
N ILE D 280 32.57 -6.01 -14.05
CA ILE D 280 33.10 -5.17 -15.12
C ILE D 280 31.84 -4.44 -15.73
N HIS D 281 32.12 -3.31 -16.33
CA HIS D 281 31.18 -2.38 -16.89
C HIS D 281 30.15 -1.89 -15.93
N ASP D 282 29.22 -1.07 -16.40
CA ASP D 282 28.24 -0.35 -15.64
C ASP D 282 26.85 -0.43 -16.30
N ASP D 283 25.72 -0.22 -15.60
CA ASP D 283 24.35 -0.29 -16.13
C ASP D 283 24.03 0.73 -17.17
N ILE D 284 23.60 0.20 -18.29
CA ILE D 284 23.07 0.99 -19.39
C ILE D 284 21.93 0.17 -19.99
N ALA D 285 21.73 -0.94 -19.33
CA ALA D 285 20.67 -1.87 -19.59
C ALA D 285 20.22 -2.51 -18.34
N HIS D 286 18.90 -2.95 -18.43
CA HIS D 286 18.26 -3.70 -17.40
C HIS D 286 17.40 -4.60 -18.24
N LYS D 287 17.21 -5.85 -17.75
CA LYS D 287 16.48 -6.93 -18.35
C LYS D 287 15.67 -7.78 -17.42
N GLY D 288 14.50 -8.32 -17.78
CA GLY D 288 13.60 -9.05 -17.04
C GLY D 288 14.10 -10.22 -16.22
N HIS D 289 13.30 -10.58 -15.17
CA HIS D 289 13.59 -11.78 -14.34
C HIS D 289 13.49 -13.06 -15.12
N SER D 290 12.48 -13.17 -16.00
CA SER D 290 12.24 -14.19 -17.02
C SER D 290 13.33 -14.31 -18.01
N SER D 291 13.76 -13.07 -18.44
CA SER D 291 14.73 -12.88 -19.45
C SER D 291 16.09 -13.53 -19.01
N TYR D 292 16.50 -13.37 -17.72
CA TYR D 292 17.70 -13.98 -17.13
C TYR D 292 17.60 -15.55 -17.13
N ASP D 293 16.40 -16.00 -16.68
CA ASP D 293 16.21 -17.40 -16.46
C ASP D 293 16.25 -18.25 -17.67
N VAL D 294 15.63 -17.66 -18.76
CA VAL D 294 15.55 -18.23 -20.08
C VAL D 294 16.91 -18.29 -20.71
N MET D 295 17.67 -17.21 -20.49
CA MET D 295 19.05 -17.08 -21.04
C MET D 295 20.05 -18.01 -20.60
N LEU D 296 19.87 -18.40 -19.29
CA LEU D 296 20.76 -19.35 -18.67
C LEU D 296 20.83 -20.72 -19.20
N ASP D 297 19.69 -21.21 -19.81
CA ASP D 297 19.51 -22.45 -20.54
C ASP D 297 20.10 -22.51 -21.93
N LEU D 298 20.29 -21.34 -22.62
CA LEU D 298 20.87 -21.20 -23.89
C LEU D 298 22.38 -21.32 -23.81
N LEU D 299 23.07 -21.52 -24.95
CA LEU D 299 24.49 -21.76 -25.16
C LEU D 299 25.36 -20.58 -25.31
N ASP D 300 24.88 -19.44 -25.81
CA ASP D 300 25.60 -18.22 -26.02
C ASP D 300 25.90 -17.51 -24.73
N PRO D 301 25.10 -17.30 -23.72
CA PRO D 301 25.73 -16.88 -22.43
C PRO D 301 26.42 -17.97 -21.68
N SER D 302 26.14 -19.29 -21.92
CA SER D 302 26.82 -20.41 -21.27
C SER D 302 28.36 -20.29 -21.45
N ASN D 303 29.06 -20.91 -20.43
CA ASN D 303 30.48 -20.90 -20.39
C ASN D 303 30.90 -22.29 -20.74
N SER D 304 29.99 -23.09 -21.38
CA SER D 304 30.16 -24.43 -21.89
C SER D 304 29.65 -24.33 -23.34
N LEU D 305 30.33 -24.92 -24.38
CA LEU D 305 30.03 -24.94 -25.80
C LEU D 305 28.63 -25.39 -26.10
N VAL D 306 28.23 -26.54 -25.53
CA VAL D 306 26.83 -26.94 -25.67
C VAL D 306 26.25 -27.08 -24.31
N SER D 307 24.93 -26.86 -24.31
CA SER D 307 24.11 -26.80 -23.19
C SER D 307 22.90 -27.60 -23.46
N THR D 308 22.24 -27.36 -24.61
CA THR D 308 20.98 -28.04 -24.82
C THR D 308 21.14 -28.30 -26.32
N ALA D 309 20.71 -29.47 -26.78
CA ALA D 309 20.89 -29.81 -28.20
C ALA D 309 19.87 -30.86 -28.59
N MET D 310 19.65 -30.90 -29.88
CA MET D 310 18.73 -31.82 -30.52
C MET D 310 19.72 -32.66 -31.21
N ASN D 311 20.94 -32.21 -31.59
CA ASN D 311 21.85 -32.95 -32.46
C ASN D 311 23.05 -33.46 -31.64
N ASN D 312 22.96 -33.38 -30.27
CA ASN D 312 23.95 -33.92 -29.40
C ASN D 312 23.23 -34.63 -28.39
N PRO D 313 23.70 -35.69 -27.66
CA PRO D 313 23.03 -36.22 -26.51
C PRO D 313 22.75 -35.10 -25.52
N THR D 314 21.67 -35.15 -24.76
CA THR D 314 21.36 -34.20 -23.70
C THR D 314 20.58 -35.02 -22.69
N TYR D 315 20.86 -34.88 -21.35
CA TYR D 315 20.18 -35.46 -20.23
C TYR D 315 20.98 -34.92 -19.13
N PHE D 316 20.30 -34.24 -18.17
CA PHE D 316 20.85 -33.63 -17.01
C PHE D 316 20.74 -34.70 -15.93
N ASN D 317 21.88 -34.99 -15.23
CA ASN D 317 21.85 -35.83 -14.07
C ASN D 317 21.32 -34.88 -13.02
N VAL D 318 21.89 -33.66 -13.04
CA VAL D 318 21.50 -32.71 -11.99
C VAL D 318 21.77 -31.25 -12.52
N TYR D 319 21.02 -30.31 -11.89
CA TYR D 319 21.03 -28.94 -12.19
C TYR D 319 20.92 -28.32 -10.84
N ASN D 320 21.84 -27.28 -10.68
CA ASN D 320 21.80 -26.46 -9.52
C ASN D 320 21.94 -25.04 -10.10
N THR D 321 21.13 -24.05 -9.69
CA THR D 321 21.32 -22.62 -10.08
C THR D 321 21.47 -21.96 -8.73
N ILE D 322 22.56 -21.10 -8.60
CA ILE D 322 22.74 -20.22 -7.48
C ILE D 322 22.56 -18.87 -8.07
N ILE D 323 21.43 -18.20 -7.57
CA ILE D 323 20.84 -16.95 -7.98
C ILE D 323 21.35 -15.98 -6.91
N GLY D 324 21.89 -14.86 -7.44
CA GLY D 324 22.69 -13.82 -6.85
C GLY D 324 22.05 -12.46 -6.98
N ASN D 325 21.85 -11.66 -5.87
CA ASN D 325 21.19 -10.31 -5.68
C ASN D 325 20.21 -10.31 -4.57
N VAL D 326 20.22 -9.21 -3.79
CA VAL D 326 19.26 -8.84 -2.75
C VAL D 326 17.90 -8.77 -3.44
N GLU D 327 17.09 -9.77 -3.13
CA GLU D 327 15.75 -9.82 -3.71
C GLU D 327 14.94 -10.59 -2.73
N PRO D 328 13.62 -10.32 -2.33
CA PRO D 328 12.87 -11.23 -1.41
C PRO D 328 12.84 -12.68 -1.88
N ARG D 329 12.80 -13.57 -0.86
CA ARG D 329 12.84 -15.05 -0.79
C ARG D 329 11.65 -15.76 -1.48
N GLN D 330 10.43 -15.16 -1.34
CA GLN D 330 9.24 -15.67 -1.97
C GLN D 330 9.19 -15.68 -3.51
N ILE D 331 9.75 -14.61 -4.09
CA ILE D 331 10.03 -14.35 -5.53
C ILE D 331 10.98 -15.39 -6.03
N SER D 332 12.02 -15.72 -5.22
CA SER D 332 12.93 -16.69 -5.70
C SER D 332 12.34 -18.07 -5.88
N ARG D 333 11.46 -18.36 -4.86
CA ARG D 333 10.73 -19.68 -4.79
C ARG D 333 9.78 -19.88 -5.97
N ALA D 334 9.00 -18.83 -6.32
CA ALA D 334 8.08 -18.80 -7.44
C ALA D 334 8.81 -18.98 -8.75
N MET D 335 9.99 -18.33 -8.86
CA MET D 335 10.82 -18.62 -10.00
C MET D 335 11.31 -20.11 -10.14
N THR D 336 11.79 -20.74 -9.02
CA THR D 336 12.35 -22.12 -9.05
C THR D 336 11.26 -23.14 -9.48
N LYS D 337 9.98 -22.87 -8.99
CA LYS D 337 8.79 -23.64 -9.46
C LYS D 337 8.55 -23.49 -10.92
N LEU D 338 8.71 -22.27 -11.52
CA LEU D 338 8.52 -22.08 -12.95
C LEU D 338 9.61 -22.80 -13.73
N GLN D 339 10.94 -22.79 -13.36
CA GLN D 339 12.03 -23.47 -14.10
C GLN D 339 11.95 -24.91 -14.18
N GLN D 340 11.49 -25.42 -13.03
CA GLN D 340 11.16 -26.86 -12.95
C GLN D 340 9.88 -27.37 -13.76
N ARG D 341 8.72 -26.62 -13.73
CA ARG D 341 7.48 -27.00 -14.42
C ARG D 341 7.65 -27.01 -15.93
N ILE D 342 8.38 -26.02 -16.47
CA ILE D 342 8.68 -26.01 -17.88
C ILE D 342 9.55 -27.20 -18.35
N LYS D 343 10.51 -27.71 -17.45
CA LYS D 343 11.26 -28.87 -17.85
C LYS D 343 12.17 -28.49 -19.01
N PHE D 344 12.96 -27.43 -18.85
CA PHE D 344 13.96 -26.99 -19.86
C PHE D 344 15.08 -27.96 -20.12
N PRO D 345 15.68 -28.61 -19.08
CA PRO D 345 16.39 -29.89 -19.14
C PRO D 345 15.57 -31.04 -19.76
N SER D 346 16.18 -32.19 -20.14
CA SER D 346 15.46 -33.27 -20.72
C SER D 346 15.35 -34.32 -19.64
N TRP D 347 14.39 -35.26 -19.80
CA TRP D 347 14.22 -36.24 -18.74
C TRP D 347 13.68 -37.54 -19.31
N SER D 348 13.88 -38.63 -18.54
CA SER D 348 13.36 -39.95 -18.84
C SER D 348 12.36 -40.33 -17.76
N SER D 349 11.73 -41.52 -17.89
CA SER D 349 10.68 -41.98 -16.97
C SER D 349 11.15 -42.36 -15.55
N SER D 350 12.45 -42.78 -15.45
CA SER D 350 13.06 -43.18 -14.21
C SER D 350 13.23 -41.97 -13.28
N ALA D 351 14.04 -40.95 -13.58
CA ALA D 351 14.21 -39.83 -12.73
C ALA D 351 13.75 -38.65 -13.50
N MET D 352 13.04 -37.81 -12.74
CA MET D 352 12.32 -36.64 -13.38
C MET D 352 12.31 -35.55 -12.30
N HIS D 353 12.14 -34.32 -12.81
CA HIS D 353 12.14 -33.08 -12.07
C HIS D 353 13.28 -32.91 -10.98
N VAL D 354 14.53 -32.94 -11.41
CA VAL D 354 15.71 -32.96 -10.61
C VAL D 354 16.41 -31.74 -10.89
N ASN D 355 15.74 -30.66 -10.39
CA ASN D 355 16.19 -29.31 -10.57
C ASN D 355 16.07 -28.65 -9.21
N ILE D 356 17.21 -28.09 -8.68
CA ILE D 356 17.20 -27.29 -7.41
C ILE D 356 17.83 -25.91 -7.62
N GLY D 357 17.42 -24.97 -6.73
CA GLY D 357 17.81 -23.60 -6.84
C GLY D 357 18.18 -23.13 -5.48
N ARG D 358 19.26 -22.25 -5.46
CA ARG D 358 19.78 -21.61 -4.26
C ARG D 358 19.80 -20.10 -4.47
N ARG D 359 19.47 -19.37 -3.35
CA ARG D 359 19.38 -17.91 -3.39
C ARG D 359 20.45 -17.54 -2.38
N SER D 360 21.29 -16.52 -2.69
CA SER D 360 22.18 -15.84 -1.84
C SER D 360 22.15 -14.41 -2.35
N PRO D 361 22.45 -13.37 -1.53
CA PRO D 361 22.51 -12.06 -1.99
C PRO D 361 23.97 -11.62 -2.00
N TYR D 362 24.47 -11.28 -3.27
CA TYR D 362 25.90 -10.81 -3.41
C TYR D 362 25.91 -9.44 -2.75
N LEU D 363 27.06 -9.15 -2.09
CA LEU D 363 27.27 -7.90 -1.37
C LEU D 363 27.48 -6.91 -2.46
N PRO D 364 27.09 -5.61 -2.30
CA PRO D 364 27.12 -4.64 -3.39
C PRO D 364 28.21 -3.60 -3.18
N LEU D 365 29.41 -4.09 -3.00
CA LEU D 365 30.63 -3.29 -2.88
C LEU D 365 31.36 -3.33 -4.23
N GLN D 366 31.07 -4.52 -4.91
CA GLN D 366 31.55 -4.69 -6.27
C GLN D 366 30.55 -4.06 -7.20
N PRO D 367 30.67 -3.95 -8.52
CA PRO D 367 29.66 -3.30 -9.37
C PRO D 367 28.28 -4.07 -9.09
N ASN D 368 27.10 -3.29 -9.01
CA ASN D 368 25.79 -3.85 -8.72
C ASN D 368 24.87 -3.31 -9.78
N GLU D 369 23.76 -4.05 -9.96
CA GLU D 369 22.62 -3.76 -10.82
C GLU D 369 21.49 -4.08 -9.94
N ASN D 370 20.22 -3.58 -10.23
CA ASN D 370 19.12 -3.83 -9.37
C ASN D 370 18.32 -5.01 -9.89
N GLU D 371 18.82 -5.80 -10.89
CA GLU D 371 18.22 -7.01 -11.41
C GLU D 371 19.00 -8.13 -10.73
N VAL D 372 18.57 -9.33 -11.00
CA VAL D 372 19.20 -10.52 -10.56
C VAL D 372 20.31 -10.99 -11.53
N SER D 373 21.22 -11.94 -11.04
CA SER D 373 22.27 -12.63 -11.77
C SER D 373 22.24 -14.04 -11.39
N GLY D 374 22.93 -14.94 -12.13
CA GLY D 374 22.94 -16.32 -11.73
C GLY D 374 24.08 -17.04 -12.38
N MET D 375 24.40 -18.16 -11.76
CA MET D 375 25.40 -18.98 -12.21
C MET D 375 24.67 -20.32 -12.28
N MET D 376 25.03 -21.23 -13.26
CA MET D 376 24.45 -22.63 -13.32
C MET D 376 25.62 -23.54 -13.14
N LEU D 377 25.56 -24.64 -12.30
CA LEU D 377 26.51 -25.72 -12.31
C LEU D 377 25.70 -26.98 -12.52
N SER D 378 25.95 -27.71 -13.62
CA SER D 378 25.21 -28.85 -13.98
C SER D 378 26.06 -29.97 -14.49
N ASN D 379 25.51 -31.20 -14.34
CA ASN D 379 26.16 -32.43 -14.91
C ASN D 379 25.27 -32.79 -16.06
N MET D 380 25.78 -32.57 -17.28
CA MET D 380 25.14 -32.70 -18.52
C MET D 380 26.06 -33.59 -19.27
N SER D 381 25.46 -34.51 -20.02
CA SER D 381 26.17 -35.57 -20.77
C SER D 381 26.58 -35.16 -22.15
N THR D 382 26.56 -33.83 -22.37
CA THR D 382 26.88 -33.15 -23.64
C THR D 382 28.33 -32.73 -23.75
N VAL D 383 28.94 -32.93 -22.59
CA VAL D 383 30.35 -32.78 -22.45
C VAL D 383 31.27 -33.60 -23.38
N VAL D 384 30.71 -34.78 -23.77
CA VAL D 384 31.36 -35.75 -24.59
C VAL D 384 31.84 -35.33 -25.93
N ASN D 385 31.15 -34.31 -26.57
CA ASN D 385 31.51 -33.76 -27.82
C ASN D 385 32.89 -33.12 -27.76
N VAL D 386 33.22 -32.49 -26.61
CA VAL D 386 34.53 -31.91 -26.42
C VAL D 386 35.60 -32.90 -26.40
N PHE D 387 35.40 -34.09 -25.74
CA PHE D 387 36.35 -35.16 -25.67
C PHE D 387 36.59 -35.79 -27.02
N GLU D 388 35.50 -35.88 -27.86
CA GLU D 388 35.61 -36.49 -29.21
C GLU D 388 36.48 -35.74 -30.10
N ASN D 389 36.39 -34.38 -30.07
CA ASN D 389 37.19 -33.38 -30.78
C ASN D 389 38.65 -33.45 -30.45
N ALA D 390 38.99 -33.60 -29.18
CA ALA D 390 40.28 -33.85 -28.63
C ALA D 390 40.87 -35.15 -29.08
N CYS D 391 40.02 -36.21 -29.14
CA CYS D 391 40.34 -37.52 -29.65
C CYS D 391 40.66 -37.50 -31.11
N ASN D 392 39.90 -36.70 -31.93
CA ASN D 392 40.23 -36.67 -33.36
C ASN D 392 41.58 -36.09 -33.69
N THR D 393 41.86 -35.01 -33.00
CA THR D 393 43.16 -34.35 -33.10
C THR D 393 44.29 -35.22 -32.60
N PHE D 394 44.02 -35.95 -31.47
CA PHE D 394 44.99 -36.82 -30.84
C PHE D 394 45.30 -37.85 -31.81
N ASP D 395 44.29 -38.43 -32.56
CA ASP D 395 44.49 -39.45 -33.50
C ASP D 395 45.40 -39.01 -34.69
N LYS D 396 45.18 -37.82 -35.25
CA LYS D 396 46.04 -37.38 -36.34
C LYS D 396 47.47 -37.14 -35.98
N VAL D 397 47.75 -36.52 -34.83
CA VAL D 397 49.12 -36.24 -34.28
C VAL D 397 49.89 -37.51 -34.03
N PHE D 398 49.21 -38.55 -33.48
CA PHE D 398 49.61 -39.84 -33.15
C PHE D 398 50.04 -40.68 -34.34
N ALA D 399 49.26 -40.59 -35.41
CA ALA D 399 49.52 -41.23 -36.64
C ALA D 399 50.75 -40.79 -37.36
N LYS D 400 50.95 -39.47 -37.36
CA LYS D 400 52.08 -38.76 -37.97
C LYS D 400 53.29 -39.16 -37.18
N GLY D 401 53.09 -39.33 -35.87
CA GLY D 401 54.07 -39.66 -34.83
C GLY D 401 54.70 -38.44 -34.50
N ALA D 402 53.97 -37.26 -34.49
CA ALA D 402 54.47 -35.92 -34.35
C ALA D 402 54.59 -35.57 -32.86
N PHE D 403 55.83 -35.41 -32.40
CA PHE D 403 56.25 -34.80 -31.16
C PHE D 403 56.06 -35.86 -29.99
N LEU D 404 56.21 -37.14 -30.33
CA LEU D 404 56.20 -38.22 -29.46
C LEU D 404 57.50 -38.32 -28.71
N ASN D 405 58.51 -37.76 -29.36
CA ASN D 405 59.95 -37.89 -29.03
C ASN D 405 60.30 -37.55 -27.64
N ASN D 406 59.78 -36.45 -27.06
CA ASN D 406 60.06 -36.08 -25.70
C ASN D 406 59.61 -37.14 -24.70
N TYR D 407 58.41 -37.74 -25.01
CA TYR D 407 57.65 -38.71 -24.30
C TYR D 407 58.40 -40.04 -24.21
N ASN D 408 59.06 -40.43 -25.31
CA ASN D 408 59.83 -41.65 -25.44
C ASN D 408 60.98 -41.70 -24.52
N VAL D 409 61.57 -40.52 -24.13
CA VAL D 409 62.61 -40.53 -23.23
C VAL D 409 62.36 -41.13 -21.88
N GLY D 410 61.12 -40.91 -21.39
CA GLY D 410 60.60 -41.38 -20.07
C GLY D 410 60.06 -42.78 -20.23
N ASP D 411 60.21 -43.72 -19.29
CA ASP D 411 59.77 -45.10 -19.32
C ASP D 411 58.22 -45.16 -19.45
N LEU D 412 57.50 -44.22 -18.77
CA LEU D 412 56.06 -44.28 -18.62
C LEU D 412 55.46 -44.18 -19.99
N PHE D 413 55.97 -43.34 -20.88
CA PHE D 413 55.41 -43.13 -22.21
C PHE D 413 56.41 -43.66 -23.27
N GLN D 414 57.20 -44.68 -22.90
CA GLN D 414 58.38 -45.16 -23.67
C GLN D 414 58.09 -45.72 -25.05
N SER D 415 57.05 -46.58 -25.14
CA SER D 415 56.66 -47.30 -26.34
C SER D 415 56.33 -46.34 -27.44
N MET D 416 55.45 -45.40 -27.19
CA MET D 416 55.18 -44.33 -28.04
C MET D 416 54.69 -43.33 -26.98
N GLN D 417 53.54 -43.85 -26.35
CA GLN D 417 52.87 -43.25 -25.27
C GLN D 417 51.80 -44.29 -25.03
N ASN D 418 52.03 -45.23 -24.13
CA ASN D 418 51.21 -46.33 -23.76
C ASN D 418 49.97 -45.89 -23.04
N VAL D 419 50.10 -44.82 -22.14
CA VAL D 419 49.17 -44.29 -21.19
C VAL D 419 47.97 -43.79 -21.95
N GLN D 420 48.13 -43.11 -23.16
CA GLN D 420 47.05 -42.70 -24.03
C GLN D 420 46.34 -43.82 -24.63
N ASP D 421 47.05 -44.91 -25.07
CA ASP D 421 46.35 -46.06 -25.64
C ASP D 421 45.39 -46.69 -24.64
N GLU D 422 45.82 -46.90 -23.38
CA GLU D 422 45.08 -47.50 -22.28
C GLU D 422 43.87 -46.60 -21.92
N PHE D 423 44.11 -45.29 -21.89
CA PHE D 423 43.25 -44.23 -21.56
C PHE D 423 42.11 -44.19 -22.47
N ALA D 424 42.37 -44.41 -23.82
CA ALA D 424 41.33 -44.24 -24.87
C ALA D 424 40.23 -45.16 -24.55
N GLU D 425 40.48 -46.41 -24.13
CA GLU D 425 39.49 -47.47 -23.73
C GLU D 425 38.82 -47.16 -22.44
N SER D 426 39.53 -46.57 -21.39
CA SER D 426 38.88 -46.32 -20.05
C SER D 426 37.80 -45.32 -20.17
N ARG D 427 38.12 -44.29 -20.97
CA ARG D 427 37.29 -43.18 -21.30
C ARG D 427 36.08 -43.59 -22.13
N GLU D 428 36.27 -44.56 -23.06
CA GLU D 428 35.20 -44.96 -24.01
C GLU D 428 34.04 -45.53 -23.22
N VAL D 429 34.33 -46.28 -22.19
CA VAL D 429 33.38 -46.91 -21.29
C VAL D 429 32.55 -45.87 -20.40
N VAL D 430 33.26 -44.81 -19.97
CA VAL D 430 32.73 -43.66 -19.30
C VAL D 430 31.79 -42.80 -20.17
N GLN D 431 32.12 -42.57 -21.46
CA GLN D 431 31.20 -41.97 -22.45
C GLN D 431 29.86 -42.78 -22.67
N SER D 432 30.07 -44.11 -22.77
CA SER D 432 29.13 -45.18 -23.02
C SER D 432 28.13 -45.17 -21.91
N LEU D 433 28.62 -44.96 -20.60
CA LEU D 433 27.74 -44.79 -19.44
C LEU D 433 26.92 -43.55 -19.53
N MET D 434 27.51 -42.39 -20.05
CA MET D 434 26.78 -41.12 -20.23
C MET D 434 25.65 -41.22 -21.18
N GLU D 435 25.73 -42.02 -22.26
CA GLU D 435 24.81 -42.31 -23.31
C GLU D 435 23.65 -42.97 -22.79
N ASP D 436 23.83 -43.96 -21.91
CA ASP D 436 22.78 -44.74 -21.24
C ASP D 436 21.98 -44.03 -20.24
N TYR D 437 22.55 -42.93 -19.60
CA TYR D 437 21.79 -42.15 -18.65
C TYR D 437 20.57 -41.49 -19.26
N VAL D 438 20.59 -41.23 -20.62
CA VAL D 438 19.52 -40.70 -21.38
C VAL D 438 18.24 -41.53 -21.49
N ALA D 439 18.48 -42.86 -21.40
CA ALA D 439 17.54 -43.92 -21.57
C ALA D 439 16.87 -44.13 -20.18
N ALA D 440 15.65 -44.65 -20.20
CA ALA D 440 14.90 -45.00 -18.94
C ALA D 440 15.35 -46.28 -18.34
N GLU D 441 16.22 -47.11 -19.01
CA GLU D 441 16.94 -48.26 -18.41
C GLU D 441 18.24 -47.66 -18.06
N GLN D 442 18.45 -47.44 -16.74
CA GLN D 442 19.60 -46.82 -16.15
C GLN D 442 19.54 -47.31 -14.69
N ASP D 443 18.58 -48.13 -14.34
CA ASP D 443 18.36 -48.54 -12.95
C ASP D 443 18.29 -50.08 -13.22
N SER D 444 18.25 -50.85 -12.14
CA SER D 444 18.26 -52.33 -12.18
C SER D 444 16.79 -52.82 -12.25
N TYR D 445 15.82 -51.96 -11.96
CA TYR D 445 14.38 -52.28 -11.89
C TYR D 445 13.57 -50.99 -12.35
N UNK E 1 -31.99 7.99 46.29
CA UNK E 1 -32.79 7.31 45.31
C UNK E 1 -34.05 7.97 44.98
N UNK E 2 -34.70 7.49 43.90
CA UNK E 2 -36.03 7.88 43.39
C UNK E 2 -37.02 7.46 44.39
N UNK E 3 -36.71 6.30 44.95
CA UNK E 3 -37.32 5.61 46.03
C UNK E 3 -37.32 6.35 47.41
N UNK E 4 -36.20 7.08 47.82
CA UNK E 4 -36.08 7.86 49.02
C UNK E 4 -37.05 8.97 49.03
N UNK E 5 -37.24 9.64 47.90
CA UNK E 5 -38.11 10.74 47.79
C UNK E 5 -39.57 10.33 47.98
N UNK E 6 -40.01 9.12 47.43
CA UNK E 6 -41.39 8.63 47.55
C UNK E 6 -41.67 8.31 49.05
N UNK E 7 -40.59 7.79 49.82
CA UNK E 7 -40.71 7.50 51.24
C UNK E 7 -41.03 8.79 52.02
N UNK E 8 -40.51 9.98 51.65
CA UNK E 8 -40.90 11.21 52.43
C UNK E 8 -42.37 11.50 52.33
N UNK E 9 -42.86 11.32 51.03
CA UNK E 9 -44.32 11.54 50.73
C UNK E 9 -45.29 10.57 51.48
N UNK E 10 -44.84 9.26 51.55
CA UNK E 10 -45.44 8.14 52.14
C UNK E 10 -45.54 8.32 53.66
N UNK E 11 -44.47 8.78 54.29
CA UNK E 11 -44.41 9.09 55.68
C UNK E 11 -45.40 10.20 56.04
N UNK E 12 -45.35 11.17 55.08
CA UNK E 12 -46.09 12.41 55.32
C UNK E 12 -47.60 12.17 55.43
N UNK E 13 -48.16 11.39 54.39
CA UNK E 13 -49.59 11.02 54.22
C UNK E 13 -49.99 10.20 55.40
N UNK E 14 -49.11 9.28 55.89
CA UNK E 14 -49.39 8.45 57.10
C UNK E 14 -49.56 9.41 58.28
N UNK E 15 -48.73 10.47 58.44
CA UNK E 15 -48.86 11.30 59.60
C UNK E 15 -50.21 11.96 59.61
N UNK E 16 -50.68 12.38 58.42
CA UNK E 16 -51.96 13.07 58.13
C UNK E 16 -53.09 12.25 58.58
N UNK E 17 -53.06 10.93 58.33
CA UNK E 17 -54.11 10.07 58.59
C UNK E 17 -54.18 10.02 60.17
N UNK E 18 -53.05 9.86 60.97
CA UNK E 18 -53.05 9.84 62.42
C UNK E 18 -53.55 11.10 63.04
N UNK E 19 -53.17 12.35 62.54
CA UNK E 19 -53.73 13.60 63.02
C UNK E 19 -55.21 13.74 62.77
N UNK E 20 -55.69 13.27 61.62
CA UNK E 20 -57.12 13.25 61.17
C UNK E 20 -57.94 12.33 62.09
N UNK E 21 -57.37 11.17 62.45
CA UNK E 21 -57.97 10.31 63.42
C UNK E 21 -58.13 10.90 64.81
N UNK E 22 -57.17 11.76 65.18
CA UNK E 22 -57.17 12.51 66.42
C UNK E 22 -58.25 13.54 66.55
N UNK E 23 -58.50 14.27 65.46
CA UNK E 23 -59.48 15.24 65.23
C UNK E 23 -60.79 14.53 65.33
N UNK E 24 -61.03 13.31 64.78
CA UNK E 24 -62.22 12.59 65.03
C UNK E 24 -62.44 12.21 66.49
N UNK E 25 -61.40 11.72 67.31
CA UNK E 25 -61.50 11.18 68.67
C UNK E 25 -61.97 12.35 69.52
N UNK E 26 -61.39 13.57 69.29
CA UNK E 26 -61.69 14.73 70.01
C UNK E 26 -63.09 15.18 69.85
N UNK E 27 -63.51 15.28 68.55
CA UNK E 27 -64.83 15.70 68.11
C UNK E 27 -66.02 14.79 68.39
N UNK E 28 -65.79 13.45 68.52
CA UNK E 28 -66.86 12.47 68.66
C UNK E 28 -67.57 12.66 70.00
N UNK E 29 -66.82 13.07 71.12
CA UNK E 29 -67.30 13.27 72.46
C UNK E 29 -68.23 14.35 72.55
N UNK E 30 -68.04 15.43 71.75
CA UNK E 30 -68.88 16.64 71.68
C UNK E 30 -70.27 16.30 71.31
N UNK E 31 -70.43 15.32 70.32
CA UNK E 31 -71.75 14.83 69.82
C UNK E 31 -72.44 14.15 71.00
N UNK E 32 -71.70 13.32 71.82
CA UNK E 32 -72.26 12.53 72.91
C UNK E 32 -72.86 13.40 73.90
N UNK E 33 -72.12 14.47 74.33
CA UNK E 33 -72.70 15.36 75.32
C UNK E 33 -73.83 16.17 74.84
N UNK E 34 -73.76 16.70 73.55
CA UNK E 34 -74.92 17.43 73.08
C UNK E 34 -76.25 16.68 72.93
N UNK E 35 -76.11 15.42 72.42
CA UNK E 35 -77.21 14.46 72.17
C UNK E 35 -77.82 14.14 73.48
N UNK E 36 -77.04 14.06 74.61
CA UNK E 36 -77.56 13.74 75.90
C UNK E 36 -78.43 14.84 76.41
N UNK E 37 -78.12 16.23 76.24
CA UNK E 37 -78.82 17.37 76.71
C UNK E 37 -80.20 17.44 76.05
N UNK E 38 -80.35 17.10 74.72
CA UNK E 38 -81.54 17.13 74.01
C UNK E 38 -82.49 16.09 74.59
N UNK E 39 -81.96 14.93 74.93
CA UNK E 39 -82.65 13.82 75.46
C UNK E 39 -83.29 14.25 76.83
N UNK E 40 -82.54 14.93 77.68
CA UNK E 40 -82.97 15.31 79.04
C UNK E 40 -84.08 16.25 79.01
N UNK E 41 -83.93 17.33 78.14
CA UNK E 41 -84.88 18.50 78.04
C UNK E 41 -86.24 18.00 77.48
N UNK E 42 -86.18 17.13 76.41
CA UNK E 42 -87.25 16.70 75.55
C UNK E 42 -88.37 16.01 76.28
N UNK E 43 -87.94 15.17 77.30
CA UNK E 43 -88.85 14.38 78.11
C UNK E 43 -89.83 15.19 79.03
N UNK E 44 -89.25 16.23 79.76
CA UNK E 44 -89.85 16.89 80.86
C UNK E 44 -90.76 17.88 80.22
N UNK F 1 -45.37 -11.73 44.20
CA UNK F 1 -44.51 -10.61 43.92
C UNK F 1 -44.46 -9.62 44.96
N UNK F 2 -43.23 -9.37 45.49
CA UNK F 2 -42.99 -8.46 46.55
C UNK F 2 -43.33 -7.01 46.14
N UNK F 3 -43.00 -6.57 44.86
CA UNK F 3 -43.23 -5.22 44.41
C UNK F 3 -44.72 -4.96 44.39
N UNK F 4 -45.52 -5.90 43.86
CA UNK F 4 -46.94 -5.79 43.76
C UNK F 4 -47.52 -5.77 45.12
N UNK F 5 -46.98 -6.70 46.04
CA UNK F 5 -47.56 -6.91 47.41
C UNK F 5 -47.41 -5.68 48.20
N UNK F 6 -46.25 -4.91 48.14
CA UNK F 6 -46.05 -3.60 48.79
C UNK F 6 -46.93 -2.51 48.26
N UNK F 7 -47.13 -2.49 46.94
CA UNK F 7 -47.86 -1.52 46.24
C UNK F 7 -49.32 -1.53 46.65
N UNK F 8 -49.85 -2.79 46.85
CA UNK F 8 -51.20 -3.02 47.28
C UNK F 8 -51.45 -2.48 48.68
N UNK F 9 -50.52 -2.54 49.67
CA UNK F 9 -50.77 -2.09 51.01
C UNK F 9 -51.03 -0.60 51.10
N UNK F 10 -50.25 0.17 50.28
CA UNK F 10 -50.37 1.58 50.18
C UNK F 10 -51.72 1.99 49.77
N UNK F 11 -52.35 1.27 48.76
CA UNK F 11 -53.75 1.55 48.31
C UNK F 11 -54.76 1.26 49.44
N UNK F 12 -54.54 0.13 50.20
CA UNK F 12 -55.40 -0.30 51.28
C UNK F 12 -55.52 0.72 52.36
N UNK F 13 -54.40 1.26 52.86
CA UNK F 13 -54.41 2.37 53.76
C UNK F 13 -54.89 3.60 53.15
N UNK F 14 -54.63 3.93 51.88
CA UNK F 14 -55.12 5.16 51.24
C UNK F 14 -56.64 5.12 51.28
N UNK F 15 -57.36 3.94 51.04
CA UNK F 15 -58.87 3.88 51.10
C UNK F 15 -59.38 4.21 52.53
N UNK F 16 -58.67 3.63 53.51
CA UNK F 16 -59.05 3.86 54.92
C UNK F 16 -58.95 5.26 55.40
N UNK F 17 -57.94 6.02 54.96
CA UNK F 17 -57.66 7.40 55.22
C UNK F 17 -58.83 8.31 54.67
N UNK F 18 -59.31 7.94 53.43
CA UNK F 18 -60.39 8.62 52.85
C UNK F 18 -61.72 8.51 53.66
N UNK F 19 -62.05 7.25 54.17
CA UNK F 19 -63.25 7.03 54.99
C UNK F 19 -63.14 7.77 56.35
N UNK F 20 -61.95 7.78 56.97
CA UNK F 20 -61.68 8.51 58.16
C UNK F 20 -61.81 9.99 58.07
N UNK F 21 -61.56 10.58 56.86
CA UNK F 21 -61.65 11.95 56.65
C UNK F 21 -63.15 12.34 56.64
N UNK F 22 -63.90 11.54 55.86
CA UNK F 22 -65.33 11.80 55.58
C UNK F 22 -66.06 11.72 56.83
N UNK F 23 -65.78 10.69 57.68
CA UNK F 23 -66.45 10.59 58.95
C UNK F 23 -66.15 11.64 59.96
N UNK F 24 -64.90 12.14 60.02
CA UNK F 24 -64.59 13.24 60.89
C UNK F 24 -65.27 14.51 60.46
N UNK F 25 -65.42 14.75 59.12
CA UNK F 25 -66.08 15.96 58.66
C UNK F 25 -67.57 15.92 58.99
N UNK F 26 -68.19 14.68 58.95
CA UNK F 26 -69.54 14.46 59.46
C UNK F 26 -69.69 14.83 60.90
N UNK F 27 -68.66 14.60 61.77
CA UNK F 27 -68.60 15.01 63.16
C UNK F 27 -68.56 16.50 63.28
N UNK F 28 -67.87 17.19 62.44
CA UNK F 28 -67.69 18.64 62.46
C UNK F 28 -69.01 19.53 62.41
N UNK F 29 -69.77 19.13 61.45
CA UNK F 29 -71.12 19.48 61.09
C UNK F 29 -72.20 18.90 62.03
N UNK F 30 -72.08 17.67 62.45
CA UNK F 30 -73.08 17.04 63.35
C UNK F 30 -73.20 17.76 64.70
N UNK F 31 -72.00 18.29 65.23
CA UNK F 31 -71.94 19.04 66.46
C UNK F 31 -72.69 20.35 66.33
N UNK F 32 -72.66 21.03 65.12
CA UNK F 32 -73.38 22.22 64.73
C UNK F 32 -74.89 21.99 64.74
N UNK F 33 -75.38 20.86 64.26
CA UNK F 33 -76.81 20.59 64.24
C UNK F 33 -77.37 20.38 65.65
N UNK F 34 -76.71 19.61 66.48
CA UNK F 34 -77.08 19.34 67.82
C UNK F 34 -77.03 20.54 68.67
N UNK F 35 -76.14 21.50 68.45
CA UNK F 35 -76.29 22.76 69.15
C UNK F 35 -77.52 23.53 68.85
N UNK F 36 -77.93 23.62 67.59
CA UNK F 36 -79.07 24.42 67.21
C UNK F 36 -80.32 23.77 67.81
N UNK F 37 -80.40 22.51 67.84
CA UNK F 37 -81.45 21.68 68.43
C UNK F 37 -81.62 21.89 69.89
N UNK F 38 -80.51 22.03 70.74
CA UNK F 38 -80.73 22.46 72.11
C UNK F 38 -81.25 23.83 72.32
N UNK F 39 -80.77 24.83 71.57
CA UNK F 39 -81.04 26.23 71.70
C UNK F 39 -82.58 26.48 71.59
N UNK F 40 -83.16 25.89 70.45
CA UNK F 40 -84.61 26.05 70.17
C UNK F 40 -85.41 25.31 71.25
N UNK F 41 -84.90 24.10 71.75
CA UNK F 41 -85.52 23.23 72.71
C UNK F 41 -85.73 23.89 74.00
N UNK F 42 -84.77 24.66 74.56
CA UNK F 42 -84.83 25.34 75.81
C UNK F 42 -85.84 26.51 75.87
N UNK F 43 -85.84 27.40 74.80
CA UNK F 43 -86.83 28.57 74.67
C UNK F 43 -88.23 28.15 74.54
N UNK F 44 -88.49 27.28 73.54
CA UNK F 44 -89.82 26.84 73.12
C UNK F 44 -90.12 25.52 73.87
N GLN A 55 -71.31 32.11 67.85
CA GLN A 55 -71.55 32.03 66.38
C GLN A 55 -70.81 33.21 65.74
N GLU A 56 -71.10 34.47 66.21
CA GLU A 56 -70.35 35.63 65.82
C GLU A 56 -68.92 35.42 66.32
N ALA A 57 -68.74 34.91 67.57
CA ALA A 57 -67.54 34.59 68.19
C ALA A 57 -66.79 33.45 67.48
N LEU A 58 -67.48 32.37 67.01
CA LEU A 58 -66.88 31.28 66.29
C LEU A 58 -66.36 31.83 64.98
N VAL A 59 -67.14 32.69 64.26
CA VAL A 59 -66.81 33.26 62.99
C VAL A 59 -65.56 34.16 63.01
N VAL A 60 -65.35 35.04 64.05
CA VAL A 60 -64.10 35.75 64.18
C VAL A 60 -62.88 34.91 64.40
N LYS A 61 -63.01 33.80 65.20
CA LYS A 61 -61.88 32.90 65.45
C LYS A 61 -61.49 32.33 64.17
N ASP A 62 -62.43 31.94 63.23
CA ASP A 62 -62.32 31.39 61.95
C ASP A 62 -61.70 32.39 61.00
N LEU A 63 -62.03 33.74 61.06
CA LEU A 63 -61.40 34.76 60.23
C LEU A 63 -60.03 34.85 60.54
N LEU A 64 -59.59 34.76 61.84
CA LEU A 64 -58.13 34.69 62.18
C LEU A 64 -57.48 33.46 61.60
N ASN A 65 -58.11 32.32 61.67
CA ASN A 65 -57.65 31.06 61.15
C ASN A 65 -57.46 30.86 59.69
N VAL A 66 -58.31 31.37 58.85
CA VAL A 66 -58.32 31.25 57.39
C VAL A 66 -57.10 31.87 56.70
N LEU A 67 -56.59 33.00 57.15
CA LEU A 67 -55.43 33.83 56.61
C LEU A 67 -54.16 33.01 56.65
N ILE A 68 -54.02 32.15 57.68
CA ILE A 68 -52.82 31.31 57.85
C ILE A 68 -52.77 30.19 56.73
N GLY A 69 -53.86 29.84 56.11
CA GLY A 69 -53.83 28.92 54.99
C GLY A 69 -53.56 27.46 55.25
N LEU A 70 -53.39 27.07 56.50
CA LEU A 70 -53.14 25.70 56.86
C LEU A 70 -53.28 25.66 58.35
N GLU A 71 -54.21 24.83 58.79
CA GLU A 71 -54.62 24.66 60.20
C GLU A 71 -54.82 23.16 60.50
N GLY A 72 -55.21 22.85 61.79
CA GLY A 72 -55.52 21.51 62.26
C GLY A 72 -56.92 21.05 61.90
N THR A 73 -57.93 21.97 61.78
CA THR A 73 -59.25 21.52 61.49
C THR A 73 -60.08 22.66 60.83
N TYR A 74 -59.46 23.80 60.59
CA TYR A 74 -60.20 24.93 59.92
C TYR A 74 -59.90 24.89 58.43
N ILE A 75 -58.63 24.99 57.98
CA ILE A 75 -58.21 24.75 56.62
C ILE A 75 -57.53 23.40 56.58
N ARG A 76 -58.22 22.39 56.11
CA ARG A 76 -57.55 21.12 56.03
C ARG A 76 -56.95 21.00 54.70
N TYR A 77 -56.00 20.01 54.48
CA TYR A 77 -55.40 19.68 53.22
C TYR A 77 -55.91 18.22 53.07
N PHE A 78 -56.53 17.93 51.91
CA PHE A 78 -56.99 16.59 51.50
C PHE A 78 -56.09 16.38 50.39
N ASN A 79 -55.36 15.25 50.39
CA ASN A 79 -54.36 14.99 49.37
C ASN A 79 -54.93 14.91 47.93
N ASP A 80 -55.93 13.97 47.70
CA ASP A 80 -56.31 13.55 46.36
C ASP A 80 -57.80 13.12 46.53
N ILE A 90 -58.73 15.95 47.43
CA ILE A 90 -59.25 16.97 46.66
C ILE A 90 -58.13 18.01 46.74
N GLU A 91 -58.00 18.78 47.84
CA GLU A 91 -57.12 19.88 47.98
C GLU A 91 -57.43 20.51 49.36
N PHE A 92 -57.20 21.80 49.47
CA PHE A 92 -57.52 22.62 50.62
C PHE A 92 -59.02 22.80 50.65
N LYS A 93 -59.54 22.79 51.88
CA LYS A 93 -60.89 22.65 52.30
C LYS A 93 -61.01 23.66 53.36
N ILE A 94 -62.33 24.16 53.60
CA ILE A 94 -62.75 25.20 54.48
C ILE A 94 -63.89 24.77 55.38
N ALA A 95 -64.05 25.46 56.54
CA ALA A 95 -64.91 25.08 57.66
C ALA A 95 -66.30 25.28 57.13
N LYS A 96 -67.28 24.43 57.46
CA LYS A 96 -68.62 24.63 57.14
C LYS A 96 -69.19 25.35 58.38
N LYS A 97 -70.10 26.24 58.03
CA LYS A 97 -70.68 27.24 58.85
C LYS A 97 -69.88 28.51 58.63
N MET A 98 -70.28 29.29 57.60
CA MET A 98 -69.70 30.59 57.31
C MET A 98 -70.85 31.40 56.78
N ASP A 99 -70.59 32.74 56.74
CA ASP A 99 -71.35 33.80 56.19
C ASP A 99 -71.01 33.94 54.73
N PRO A 100 -71.86 34.28 53.75
CA PRO A 100 -71.41 34.21 52.37
C PRO A 100 -70.26 35.07 51.91
N SER A 101 -70.07 36.30 52.46
CA SER A 101 -69.03 37.24 52.20
C SER A 101 -67.74 36.61 52.58
N PHE A 102 -67.67 35.99 53.76
CA PHE A 102 -66.57 35.26 54.36
C PHE A 102 -66.22 34.10 53.52
N LYS A 103 -67.24 33.27 53.15
CA LYS A 103 -67.07 31.99 52.50
C LYS A 103 -66.44 32.21 51.11
N THR A 104 -66.84 33.24 50.34
CA THR A 104 -66.33 33.57 49.03
C THR A 104 -64.81 33.87 49.14
N PHE A 105 -64.40 34.64 50.16
CA PHE A 105 -63.00 34.86 50.47
C PHE A 105 -62.28 33.59 50.89
N SER A 106 -62.79 32.62 51.70
CA SER A 106 -62.23 31.44 52.20
C SER A 106 -61.85 30.52 51.06
N ARG A 107 -62.79 30.50 50.00
CA ARG A 107 -62.80 29.76 48.73
C ARG A 107 -61.58 30.28 47.89
N ARG A 108 -61.36 31.59 47.87
CA ARG A 108 -60.26 32.32 47.20
C ARG A 108 -58.96 31.93 47.72
N ILE A 109 -58.88 31.81 49.12
CA ILE A 109 -57.73 31.40 49.85
C ILE A 109 -57.30 30.00 49.48
N VAL A 110 -58.25 29.16 49.20
CA VAL A 110 -58.06 27.82 48.87
C VAL A 110 -57.21 27.71 47.62
N ARG A 111 -57.57 28.53 46.63
CA ARG A 111 -56.87 28.59 45.36
C ARG A 111 -55.42 29.06 45.47
N TYR A 112 -55.17 30.10 46.35
CA TYR A 112 -53.84 30.60 46.64
C TYR A 112 -52.97 29.52 47.21
N GLY A 113 -53.47 28.71 48.19
CA GLY A 113 -52.83 27.56 48.88
C GLY A 113 -52.59 26.45 47.93
N LYS A 114 -53.58 26.28 47.00
CA LYS A 114 -53.64 25.18 46.02
C LYS A 114 -52.52 25.28 45.10
N GLN A 115 -52.22 26.51 44.54
CA GLN A 115 -51.15 26.70 43.61
C GLN A 115 -49.80 26.43 44.31
N TYR A 116 -49.53 26.95 45.60
CA TYR A 116 -48.24 26.63 46.19
C TYR A 116 -48.02 25.09 46.32
N MET A 117 -49.09 24.34 46.79
CA MET A 117 -49.05 22.91 47.01
C MET A 117 -48.80 22.02 45.80
N ILE A 118 -49.51 22.31 44.64
CA ILE A 118 -49.44 21.56 43.40
C ILE A 118 -48.06 21.78 42.85
N LEU A 119 -47.56 23.03 42.92
CA LEU A 119 -46.27 23.34 42.44
C LEU A 119 -45.18 22.54 43.21
N THR A 120 -45.24 22.43 44.57
CA THR A 120 -44.19 21.79 45.37
C THR A 120 -43.99 20.37 44.93
N ARG A 121 -45.14 19.70 44.67
CA ARG A 121 -45.17 18.37 44.15
C ARG A 121 -44.55 18.31 42.82
N ALA A 122 -44.89 19.29 41.91
CA ALA A 122 -44.51 19.36 40.45
C ALA A 122 -43.02 19.46 40.37
N TYR A 123 -42.25 20.28 41.18
CA TYR A 123 -40.78 20.31 41.20
C TYR A 123 -40.16 19.02 41.64
N GLU A 124 -40.66 18.34 42.73
CA GLU A 124 -40.06 17.05 43.30
C GLU A 124 -40.03 15.91 42.40
N LYS A 125 -41.13 15.91 41.61
CA LYS A 125 -41.55 14.97 40.60
C LYS A 125 -40.56 14.97 39.49
N TRP A 126 -40.12 16.18 39.03
CA TRP A 126 -39.18 16.29 37.91
C TRP A 126 -37.77 16.84 38.46
N SER A 127 -37.31 16.28 39.64
CA SER A 127 -35.92 16.54 39.94
C SER A 127 -35.39 15.43 40.85
N ASP A 128 -36.22 14.46 41.21
CA ASP A 128 -35.85 13.39 42.12
C ASP A 128 -36.05 12.06 41.48
N THR A 129 -37.27 11.77 41.06
CA THR A 129 -37.71 10.40 40.67
C THR A 129 -37.43 10.30 39.19
N SER A 130 -37.50 11.48 38.51
CA SER A 130 -37.33 11.60 37.11
C SER A 130 -36.74 13.01 36.98
N PHE A 131 -36.04 13.37 35.89
CA PHE A 131 -35.40 14.64 35.77
C PHE A 131 -35.39 15.05 34.36
N GLY A 132 -34.91 16.24 34.02
CA GLY A 132 -35.02 16.63 32.66
C GLY A 132 -34.58 17.98 32.95
N MET A 133 -33.49 18.48 32.27
CA MET A 133 -32.82 19.66 32.64
C MET A 133 -33.59 20.88 32.52
N VAL A 134 -34.44 21.06 31.45
CA VAL A 134 -35.36 22.18 31.29
C VAL A 134 -36.41 22.20 32.41
N LEU A 135 -36.96 21.01 32.77
CA LEU A 135 -37.99 20.90 33.74
C LEU A 135 -37.58 21.31 35.09
N GLN A 136 -36.41 20.86 35.63
CA GLN A 136 -35.89 21.19 36.94
C GLN A 136 -35.54 22.58 37.01
N ARG A 137 -34.94 23.21 35.94
CA ARG A 137 -34.57 24.62 35.89
C ARG A 137 -35.71 25.63 35.87
N PHE A 138 -36.79 25.24 35.19
CA PHE A 138 -38.09 25.89 35.04
C PHE A 138 -38.79 25.90 36.34
N ALA A 139 -38.79 24.76 37.07
CA ALA A 139 -39.38 24.59 38.41
C ALA A 139 -38.71 25.42 39.36
N TYR A 140 -37.39 25.54 39.34
CA TYR A 140 -36.61 26.34 40.26
C TYR A 140 -36.89 27.83 40.09
N GLU A 141 -36.99 28.38 38.82
CA GLU A 141 -37.21 29.79 38.73
C GLU A 141 -38.63 30.05 39.28
N ILE A 142 -39.75 29.32 39.00
CA ILE A 142 -41.13 29.62 39.44
C ILE A 142 -41.20 29.55 40.92
N ARG A 143 -40.59 28.52 41.49
CA ARG A 143 -40.65 28.24 42.87
C ARG A 143 -40.02 29.35 43.67
N ARG A 144 -38.92 29.96 43.26
CA ARG A 144 -38.27 31.07 43.90
C ARG A 144 -39.18 32.25 43.91
N PHE A 145 -39.88 32.55 42.79
CA PHE A 145 -40.77 33.64 42.60
C PHE A 145 -41.93 33.54 43.51
N LEU A 146 -42.60 32.39 43.68
CA LEU A 146 -43.80 32.13 44.46
C LEU A 146 -43.57 32.29 45.89
N GLU A 147 -42.41 31.73 46.43
CA GLU A 147 -42.09 31.78 47.78
C GLU A 147 -41.86 33.24 48.22
N ASP A 148 -41.20 34.13 47.51
CA ASP A 148 -40.94 35.46 47.99
C ASP A 148 -42.20 36.27 48.20
N VAL A 149 -43.17 36.20 47.15
CA VAL A 149 -44.41 37.01 47.09
C VAL A 149 -45.24 36.58 48.32
N TYR A 150 -45.40 35.24 48.51
CA TYR A 150 -46.33 34.61 49.49
C TYR A 150 -45.77 34.97 50.86
N LEU A 151 -44.39 34.89 51.02
CA LEU A 151 -43.77 35.04 52.34
C LEU A 151 -44.03 36.42 52.83
N LYS A 152 -43.82 37.43 52.00
CA LYS A 152 -43.89 38.84 52.32
C LYS A 152 -45.31 39.15 52.72
N THR A 153 -46.29 38.70 51.84
CA THR A 153 -47.68 39.12 51.93
C THR A 153 -48.34 38.63 53.14
N LEU A 154 -48.16 37.35 53.41
CA LEU A 154 -48.83 36.68 54.50
C LEU A 154 -48.32 37.16 55.82
N VAL A 155 -46.97 37.26 55.99
CA VAL A 155 -46.39 37.63 57.28
C VAL A 155 -46.71 39.05 57.68
N GLU A 156 -46.62 39.99 56.77
CA GLU A 156 -46.89 41.44 56.93
C GLU A 156 -48.32 41.82 57.31
N ARG A 157 -49.30 41.15 56.60
CA ARG A 157 -50.75 41.21 56.91
C ARG A 157 -51.07 40.62 58.25
N LEU A 158 -50.53 39.44 58.67
CA LEU A 158 -50.89 38.78 59.97
C LEU A 158 -50.45 39.61 61.21
N GLU A 159 -49.24 40.16 61.12
CA GLU A 159 -48.61 40.93 62.20
C GLU A 159 -49.34 42.21 62.49
N ARG A 160 -49.77 42.92 61.40
CA ARG A 160 -50.55 44.15 61.38
C ARG A 160 -51.90 43.92 62.03
N ASP A 161 -52.52 42.76 61.68
CA ASP A 161 -53.83 42.38 62.19
C ASP A 161 -53.89 42.11 63.67
N PHE A 162 -52.92 41.34 64.22
CA PHE A 162 -52.75 40.92 65.52
C PHE A 162 -52.50 42.07 66.44
N ASN A 163 -51.61 43.02 66.01
CA ASN A 163 -51.15 44.26 66.72
C ASN A 163 -52.31 45.22 67.01
N LYS A 164 -53.20 45.59 66.03
CA LYS A 164 -54.33 46.50 66.16
C LYS A 164 -55.48 46.00 67.00
N VAL A 165 -55.95 44.80 66.73
CA VAL A 165 -57.00 44.14 67.52
C VAL A 165 -56.76 42.65 67.47
N PRO A 166 -57.21 41.78 68.38
CA PRO A 166 -56.88 40.33 68.37
C PRO A 166 -57.52 39.69 67.16
N ASN A 167 -58.66 40.20 66.62
CA ASN A 167 -59.27 39.51 65.46
C ASN A 167 -59.48 40.64 64.48
N PHE A 168 -59.37 40.43 63.13
CA PHE A 168 -59.57 41.51 62.16
C PHE A 168 -59.86 40.88 60.81
N SER A 169 -60.40 41.73 59.96
CA SER A 169 -61.12 41.45 58.79
C SER A 169 -60.30 40.97 57.64
N ILE A 170 -60.78 39.86 57.04
CA ILE A 170 -60.24 39.08 55.90
C ILE A 170 -60.24 39.98 54.74
N ARG A 171 -61.28 40.82 54.63
CA ARG A 171 -61.68 41.47 53.40
C ARG A 171 -60.67 42.32 52.70
N GLU A 172 -59.98 43.17 53.56
CA GLU A 172 -58.95 44.11 53.09
C GLU A 172 -57.69 43.45 52.54
N LEU A 173 -57.33 42.37 53.26
CA LEU A 173 -56.16 41.55 52.96
C LEU A 173 -56.27 40.95 51.60
N GLU A 174 -57.50 40.44 51.41
CA GLU A 174 -57.85 39.60 50.25
C GLU A 174 -57.69 40.40 48.97
N GLN A 175 -58.16 41.68 49.14
CA GLN A 175 -58.31 42.67 48.07
C GLN A 175 -56.97 42.91 47.50
N ILE A 176 -55.91 43.03 48.33
CA ILE A 176 -54.46 43.18 47.90
C ILE A 176 -53.99 41.86 47.12
N ILE A 177 -54.26 40.65 47.69
CA ILE A 177 -53.78 39.41 47.09
C ILE A 177 -54.33 39.17 45.70
N ASN A 178 -55.64 39.48 45.44
CA ASN A 178 -56.39 39.16 44.23
C ASN A 178 -55.85 39.71 42.95
N GLU A 179 -55.39 41.01 42.89
CA GLU A 179 -54.94 41.72 41.76
C GLU A 179 -53.66 41.15 41.21
N THR A 180 -52.70 40.86 42.14
CA THR A 180 -51.31 40.38 41.88
C THR A 180 -51.45 39.01 41.24
N GLU A 181 -52.28 38.16 41.92
CA GLU A 181 -52.48 36.77 41.70
C GLU A 181 -52.99 36.38 40.33
N VAL A 182 -54.07 37.08 39.91
CA VAL A 182 -54.91 36.44 38.83
C VAL A 182 -54.07 36.16 37.63
N ASN A 183 -53.32 37.20 37.11
CA ASN A 183 -52.75 37.20 35.73
C ASN A 183 -51.78 36.11 35.77
N LYS A 184 -50.87 36.08 36.78
CA LYS A 184 -49.58 35.32 36.84
C LYS A 184 -49.83 33.85 36.88
N GLN A 185 -50.75 33.49 37.86
CA GLN A 185 -50.92 32.04 38.29
C GLN A 185 -51.54 31.26 37.14
N MET A 186 -52.58 31.93 36.44
CA MET A 186 -53.47 31.24 35.53
C MET A 186 -52.64 30.75 34.42
N GLU A 187 -51.72 31.58 33.89
CA GLU A 187 -50.99 31.40 32.71
C GLU A 187 -50.06 30.28 32.83
N LEU A 188 -49.39 30.28 34.04
CA LEU A 188 -48.37 29.28 34.40
C LEU A 188 -49.04 27.93 34.48
N LEU A 189 -50.22 27.90 35.18
CA LEU A 189 -50.83 26.72 35.67
C LEU A 189 -51.30 25.94 34.43
N TYR A 190 -51.80 26.68 33.41
CA TYR A 190 -52.23 26.08 32.16
C TYR A 190 -51.08 25.44 31.43
N ASN A 191 -49.98 26.12 31.44
CA ASN A 191 -48.74 25.73 30.76
C ASN A 191 -48.11 24.44 31.36
N ILE A 192 -48.02 24.29 32.64
CA ILE A 192 -47.45 23.15 33.34
C ILE A 192 -48.29 21.88 33.07
N TYR A 193 -49.67 22.06 33.13
CA TYR A 193 -50.57 20.94 32.90
C TYR A 193 -50.48 20.41 31.50
N GLU A 194 -50.38 21.35 30.53
CA GLU A 194 -50.26 21.12 29.10
C GLU A 194 -48.95 20.39 28.90
N GLU A 195 -47.87 20.77 29.65
CA GLU A 195 -46.57 20.12 29.57
C GLU A 195 -46.61 18.67 29.99
N ILE A 196 -47.36 18.30 31.06
CA ILE A 196 -47.44 16.88 31.45
C ILE A 196 -48.05 16.02 30.41
N PHE A 197 -49.15 16.49 29.69
CA PHE A 197 -49.84 15.92 28.54
C PHE A 197 -49.00 15.84 27.29
N ARG A 198 -48.17 16.91 27.06
CA ARG A 198 -47.18 16.85 25.96
C ARG A 198 -46.07 15.79 26.06
N GLU A 199 -45.54 15.72 27.28
CA GLU A 199 -44.54 14.78 27.61
C GLU A 199 -44.92 13.32 27.52
N ILE A 200 -46.10 12.91 27.97
CA ILE A 200 -46.60 11.58 27.89
C ILE A 200 -46.84 11.14 26.49
N GLU A 201 -47.35 12.05 25.73
CA GLU A 201 -47.62 11.86 24.32
C GLU A 201 -46.29 11.69 23.64
N GLU A 202 -45.25 12.48 24.05
CA GLU A 202 -43.93 12.40 23.43
C GLU A 202 -43.21 11.08 23.59
N ARG A 203 -43.32 10.56 24.78
CA ARG A 203 -42.63 9.22 24.99
C ARG A 203 -43.21 8.10 24.10
N ARG A 204 -44.56 8.17 24.02
CA ARG A 204 -45.43 7.20 23.28
C ARG A 204 -45.17 7.18 21.79
N THR A 205 -45.06 8.37 21.22
CA THR A 205 -44.79 8.40 19.84
C THR A 205 -43.33 8.08 19.36
N LYS A 243 -38.32 16.28 25.47
CA LYS A 243 -38.78 17.15 26.61
C LYS A 243 -38.64 18.59 26.34
N GLY A 244 -37.38 18.99 25.94
CA GLY A 244 -36.88 20.32 25.81
C GLY A 244 -37.68 21.10 24.80
N GLY A 245 -37.78 20.51 23.60
CA GLY A 245 -38.36 21.19 22.46
C GLY A 245 -39.78 21.50 22.61
N ALA A 246 -40.60 20.64 23.27
CA ALA A 246 -41.95 20.84 23.58
C ALA A 246 -42.25 22.04 24.50
N ILE A 247 -41.40 22.25 25.54
CA ILE A 247 -41.62 23.35 26.49
C ILE A 247 -41.50 24.70 25.83
N LEU A 248 -40.53 24.79 24.94
CA LEU A 248 -40.30 25.97 24.14
C LEU A 248 -41.36 26.29 23.17
N LYS A 249 -41.95 25.29 22.51
CA LYS A 249 -43.11 25.43 21.65
C LYS A 249 -44.41 25.84 22.32
N ILE A 250 -44.68 25.23 23.56
CA ILE A 250 -45.83 25.48 24.33
C ILE A 250 -45.80 26.90 24.77
N PHE A 251 -44.61 27.37 25.17
CA PHE A 251 -44.45 28.76 25.56
C PHE A 251 -44.68 29.75 24.45
N GLN A 252 -44.21 29.47 23.23
CA GLN A 252 -44.33 30.46 22.17
C GLN A 252 -45.69 30.69 21.82
N GLN A 253 -46.49 29.62 21.70
CA GLN A 253 -47.94 29.61 21.42
C GLN A 253 -48.74 30.31 22.50
N LYS A 254 -48.40 30.09 23.78
CA LYS A 254 -49.05 30.56 24.97
C LYS A 254 -48.92 32.05 25.04
N ILE A 255 -47.72 32.62 24.58
CA ILE A 255 -47.53 34.05 24.44
C ILE A 255 -48.47 34.63 23.41
N LEU A 256 -48.62 33.92 22.21
CA LEU A 256 -49.39 34.37 21.13
C LEU A 256 -50.85 34.47 21.47
N GLU A 257 -51.35 33.48 22.26
CA GLU A 257 -52.73 33.29 22.66
C GLU A 257 -53.26 34.40 23.55
N ASN A 258 -52.35 35.04 24.36
CA ASN A 258 -52.74 36.08 25.26
C ASN A 258 -53.32 37.29 24.62
N LEU A 259 -52.94 37.67 23.35
CA LEU A 259 -53.67 38.72 22.70
C LEU A 259 -53.47 40.09 23.37
N GLY A 260 -52.22 40.41 23.72
CA GLY A 260 -51.93 41.76 24.15
C GLY A 260 -52.27 41.89 25.61
N ASP A 261 -52.08 40.83 26.42
CA ASP A 261 -52.15 40.80 27.85
C ASP A 261 -50.71 41.07 28.24
N ARG A 262 -50.37 42.37 28.56
CA ARG A 262 -49.07 42.91 28.80
C ARG A 262 -48.23 42.24 29.89
N SER A 263 -48.89 42.01 31.08
CA SER A 263 -48.31 41.50 32.27
C SER A 263 -47.88 40.10 32.05
N SER A 264 -48.84 39.40 31.47
CA SER A 264 -48.67 37.98 31.16
C SER A 264 -47.50 37.80 30.20
N VAL A 265 -47.58 38.45 28.97
CA VAL A 265 -46.61 38.09 27.97
C VAL A 265 -45.22 38.38 28.41
N MET A 266 -45.02 39.56 29.11
CA MET A 266 -43.73 40.05 29.54
C MET A 266 -43.11 39.05 30.48
N PHE A 267 -43.91 38.51 31.47
CA PHE A 267 -43.52 37.51 32.46
C PHE A 267 -43.10 36.28 31.65
N LEU A 268 -43.97 35.81 30.71
CA LEU A 268 -43.79 34.57 29.97
C LEU A 268 -42.55 34.58 29.12
N LYS A 269 -42.19 35.73 28.45
CA LYS A 269 -41.03 35.89 27.63
C LYS A 269 -39.71 35.73 28.41
N LYS A 270 -39.64 36.28 29.63
CA LYS A 270 -38.47 36.17 30.49
C LYS A 270 -38.15 34.68 30.83
N LEU A 271 -39.19 33.84 31.11
CA LEU A 271 -39.10 32.37 31.33
C LEU A 271 -38.72 31.62 30.05
N LEU A 272 -39.29 32.04 28.84
CA LEU A 272 -38.97 31.46 27.59
C LEU A 272 -37.56 31.65 27.25
N ASN A 273 -36.99 32.83 27.49
CA ASN A 273 -35.56 33.07 27.22
C ASN A 273 -34.67 32.15 27.98
N ASN A 274 -34.90 31.88 29.29
CA ASN A 274 -34.15 30.99 30.12
C ASN A 274 -34.17 29.61 29.69
N ILE A 275 -35.27 29.06 29.30
CA ILE A 275 -35.54 27.72 28.80
C ILE A 275 -34.81 27.57 27.45
N SER A 276 -34.80 28.62 26.63
CA SER A 276 -34.17 28.69 25.37
C SER A 276 -32.63 28.56 25.49
N GLN A 277 -31.97 28.88 26.61
CA GLN A 277 -30.46 28.88 26.69
C GLN A 277 -29.92 27.48 26.42
N ASP A 278 -30.55 26.35 26.86
CA ASP A 278 -30.06 24.99 26.55
C ASP A 278 -30.16 24.75 25.09
N TYR A 279 -31.24 25.24 24.42
CA TYR A 279 -31.43 24.98 22.96
C TYR A 279 -30.36 25.64 22.14
N CYS A 280 -30.09 26.93 22.47
CA CYS A 280 -29.08 27.65 21.77
C CYS A 280 -27.69 27.10 21.90
N THR A 281 -27.41 26.59 23.14
CA THR A 281 -26.10 26.04 23.55
C THR A 281 -25.84 24.79 22.76
N MET A 282 -26.88 23.92 22.60
CA MET A 282 -26.84 22.69 21.83
C MET A 282 -26.67 22.91 20.35
N LEU A 283 -27.36 24.03 19.86
CA LEU A 283 -27.13 24.49 18.48
C LEU A 283 -25.68 24.94 18.35
N TYR A 284 -25.06 25.70 19.26
CA TYR A 284 -23.69 26.20 19.11
C TYR A 284 -22.74 25.05 19.18
N GLU A 285 -22.94 24.05 20.00
CA GLU A 285 -22.17 22.89 19.94
C GLU A 285 -22.22 22.10 18.62
N TRP A 286 -23.46 21.89 18.07
CA TRP A 286 -23.68 21.06 16.92
C TRP A 286 -23.01 21.66 15.66
N LEU A 287 -23.48 22.94 15.43
CA LEU A 287 -22.99 23.70 14.36
C LEU A 287 -21.50 24.13 14.46
N THR A 288 -21.00 24.63 15.65
CA THR A 288 -19.67 25.14 15.69
C THR A 288 -18.58 24.06 15.88
N GLN A 289 -18.71 23.14 16.85
CA GLN A 289 -17.74 22.06 17.11
C GLN A 289 -17.92 20.77 16.33
N GLY A 290 -19.17 20.42 15.92
CA GLY A 290 -19.43 19.23 15.19
C GLY A 290 -19.71 18.12 16.05
N ILE A 291 -19.97 18.35 17.37
CA ILE A 291 -20.28 17.33 18.29
C ILE A 291 -21.55 17.74 18.90
N LEU A 292 -22.47 16.75 19.09
CA LEU A 292 -23.76 16.88 19.75
C LEU A 292 -24.10 15.61 20.45
N ASN A 293 -24.80 15.65 21.66
CA ASN A 293 -25.13 14.56 22.46
C ASN A 293 -26.44 15.05 22.98
N ASP A 294 -27.35 14.03 23.36
CA ASP A 294 -28.67 14.24 23.96
C ASP A 294 -28.45 13.83 25.34
N PRO A 295 -28.94 14.57 26.37
CA PRO A 295 -28.76 14.17 27.72
C PRO A 295 -29.81 13.15 28.13
N TYR A 296 -31.07 13.41 27.73
CA TYR A 296 -32.18 12.57 28.15
C TYR A 296 -33.37 13.09 27.42
N GLN A 297 -33.16 13.37 26.13
CA GLN A 297 -34.15 13.83 25.17
C GLN A 297 -34.46 15.32 25.41
N GLU A 298 -33.44 16.12 25.49
CA GLU A 298 -33.60 17.61 25.55
C GLU A 298 -33.22 18.24 24.28
N PHE A 299 -33.15 17.41 23.22
CA PHE A 299 -32.77 17.92 21.90
C PHE A 299 -33.52 16.96 21.02
N MET A 300 -33.92 17.56 19.87
CA MET A 300 -34.75 16.98 18.82
C MET A 300 -33.91 16.24 17.78
N THR A 301 -32.58 16.42 17.63
CA THR A 301 -31.68 15.75 16.74
C THR A 301 -30.95 14.72 17.54
N TYR A 302 -30.86 13.49 16.96
CA TYR A 302 -30.30 12.30 17.64
C TYR A 302 -29.30 11.74 16.69
N ASP A 303 -28.27 11.17 17.24
CA ASP A 303 -27.21 10.50 16.53
C ASP A 303 -27.73 9.17 16.05
N ASP A 304 -27.49 8.81 14.72
CA ASP A 304 -27.79 7.52 14.15
C ASP A 304 -26.69 6.48 14.61
N TRP A 320 -15.44 7.32 7.40
CA TRP A 320 -16.98 7.50 7.59
C TRP A 320 -17.11 7.80 9.00
N ASP A 321 -18.01 8.79 9.24
CA ASP A 321 -18.27 9.45 10.50
C ASP A 321 -19.68 9.46 10.52
N THR A 322 -20.35 9.28 11.65
CA THR A 322 -21.70 8.84 11.72
C THR A 322 -22.66 9.95 11.25
N GLN A 323 -23.87 9.64 10.89
CA GLN A 323 -24.86 10.58 10.42
C GLN A 323 -25.67 10.95 11.60
N TYR A 324 -26.64 11.85 11.42
CA TYR A 324 -27.50 12.32 12.45
C TYR A 324 -28.84 12.36 11.70
N PHE A 325 -29.99 12.28 12.49
CA PHE A 325 -31.25 12.47 11.82
C PHE A 325 -32.09 13.00 12.91
N ILE A 326 -33.30 13.40 12.56
CA ILE A 326 -34.20 14.15 13.47
C ILE A 326 -35.18 13.22 14.15
N ARG A 327 -35.33 13.36 15.48
CA ARG A 327 -36.16 12.55 16.28
C ARG A 327 -37.57 12.96 16.23
N LYS A 328 -38.45 11.94 15.97
CA LYS A 328 -39.84 12.05 15.66
C LYS A 328 -40.63 11.94 17.01
N ASP A 329 -39.96 11.59 18.16
CA ASP A 329 -40.56 11.45 19.48
C ASP A 329 -40.74 12.80 19.97
N VAL A 330 -39.70 13.68 19.84
CA VAL A 330 -39.80 15.09 20.20
C VAL A 330 -40.66 15.83 19.26
N LEU A 331 -41.55 16.71 19.88
CA LEU A 331 -42.55 17.54 19.21
C LEU A 331 -41.82 18.87 19.20
N LEU A 332 -41.89 19.57 18.07
CA LEU A 332 -41.29 20.82 18.05
C LEU A 332 -41.97 21.62 16.98
N ARG A 333 -41.45 22.84 16.80
CA ARG A 333 -41.90 23.83 15.87
C ARG A 333 -40.78 23.86 14.84
N ASP A 334 -39.86 22.80 14.91
CA ASP A 334 -38.81 22.56 13.89
C ASP A 334 -38.91 21.16 13.47
N CYS A 335 -39.81 20.33 14.16
CA CYS A 335 -40.05 18.95 13.73
C CYS A 335 -41.46 18.76 13.18
N ASP A 336 -42.21 19.89 12.97
CA ASP A 336 -43.53 20.04 12.37
C ASP A 336 -43.23 21.11 11.44
N SER A 337 -43.93 21.15 10.28
CA SER A 337 -43.89 22.18 9.16
C SER A 337 -42.72 22.03 8.33
N GLU A 338 -42.80 22.21 6.97
CA GLU A 338 -41.77 22.01 5.99
C GLU A 338 -40.59 22.91 6.11
N GLU A 339 -40.98 24.25 6.28
CA GLU A 339 -39.99 25.24 6.24
C GLU A 339 -38.98 25.34 7.35
N ASP A 340 -39.38 25.15 8.61
CA ASP A 340 -38.50 25.11 9.71
C ASP A 340 -37.61 23.89 9.58
N LYS A 341 -38.24 22.71 9.12
CA LYS A 341 -37.60 21.45 9.05
C LYS A 341 -36.45 21.44 8.03
N ASN A 342 -36.63 22.11 6.85
CA ASN A 342 -35.73 22.21 5.68
C ASN A 342 -34.49 22.96 6.18
N LEU A 343 -34.69 24.00 7.08
CA LEU A 343 -33.60 24.66 7.75
C LEU A 343 -32.79 23.75 8.63
N LEU A 344 -33.51 22.90 9.41
CA LEU A 344 -33.06 22.06 10.45
C LEU A 344 -32.13 21.03 9.90
N PHE A 345 -32.56 20.51 8.68
CA PHE A 345 -31.88 19.55 7.80
C PHE A 345 -30.53 20.10 7.28
N LYS A 346 -30.39 21.45 6.91
CA LYS A 346 -29.14 22.19 6.59
C LYS A 346 -28.22 22.22 7.76
N MET A 347 -28.68 22.39 8.98
CA MET A 347 -27.94 22.45 10.21
C MET A 347 -27.29 21.08 10.52
N LEU A 348 -28.06 20.00 10.26
CA LEU A 348 -27.55 18.65 10.37
C LEU A 348 -26.48 18.35 9.42
N ARG A 349 -26.67 18.84 8.12
CA ARG A 349 -25.61 18.67 7.10
C ARG A 349 -24.34 19.41 7.45
N THR A 350 -24.46 20.68 7.97
CA THR A 350 -23.32 21.39 8.40
C THR A 350 -22.55 20.78 9.59
N GLY A 351 -23.22 20.30 10.61
CA GLY A 351 -22.68 19.61 11.78
C GLY A 351 -21.99 18.33 11.50
N ILE A 352 -22.55 17.49 10.55
CA ILE A 352 -22.06 16.25 10.12
C ILE A 352 -20.69 16.40 9.43
N LEU A 353 -20.54 17.48 8.58
CA LEU A 353 -19.36 17.90 7.81
C LEU A 353 -18.24 18.30 8.74
N LEU A 354 -18.60 19.07 9.81
CA LEU A 354 -17.76 19.58 10.90
C LEU A 354 -17.18 18.46 11.71
N LYS A 355 -17.92 17.39 12.00
CA LYS A 355 -17.42 16.30 12.79
C LYS A 355 -16.25 15.61 12.15
N VAL A 356 -16.32 15.49 10.80
CA VAL A 356 -15.29 14.83 9.92
C VAL A 356 -13.94 15.62 9.93
N VAL A 357 -14.06 16.93 10.03
CA VAL A 357 -12.93 17.90 10.08
C VAL A 357 -12.14 17.74 11.39
N ARG A 358 -12.87 17.50 12.48
CA ARG A 358 -12.32 17.09 13.72
C ARG A 358 -11.71 15.76 13.67
N ALA A 359 -12.35 14.86 12.96
CA ALA A 359 -11.88 13.48 12.84
C ALA A 359 -10.47 13.44 12.20
N SER A 360 -10.13 14.34 11.31
CA SER A 360 -8.91 14.39 10.54
C SER A 360 -7.60 14.64 11.36
N LEU A 361 -7.65 14.59 12.74
CA LEU A 361 -6.53 14.92 13.63
C LEU A 361 -5.71 16.14 13.24
N GLN A 362 -6.36 17.27 13.00
CA GLN A 362 -5.48 18.41 12.59
C GLN A 362 -6.01 19.80 12.76
N ILE A 363 -7.40 19.89 12.83
CA ILE A 363 -8.12 21.10 13.11
C ILE A 363 -9.12 20.61 14.10
N PRO A 364 -9.01 21.06 15.38
CA PRO A 364 -9.87 20.47 16.40
C PRO A 364 -10.94 21.51 16.74
N THR A 365 -11.49 22.13 15.75
CA THR A 365 -12.37 23.32 15.89
C THR A 365 -11.64 24.52 16.45
N ILE A 366 -10.72 25.09 15.64
CA ILE A 366 -9.78 26.11 16.08
C ILE A 366 -10.57 27.39 16.35
N PRO A 367 -10.20 28.25 17.28
CA PRO A 367 -10.99 29.51 17.63
C PRO A 367 -11.26 30.56 16.56
N SER A 368 -10.38 30.68 15.49
CA SER A 368 -10.56 31.67 14.47
C SER A 368 -11.40 30.96 13.38
N ASN A 369 -12.33 31.71 12.80
CA ASN A 369 -13.25 31.23 11.85
C ASN A 369 -14.38 30.51 12.56
N SER A 370 -14.67 30.92 13.87
CA SER A 370 -15.71 30.31 14.63
C SER A 370 -16.75 31.37 14.75
N SER A 371 -18.01 30.82 14.96
CA SER A 371 -19.34 31.53 15.01
C SER A 371 -19.36 32.69 15.91
N ASP A 372 -20.35 33.61 15.79
CA ASP A 372 -20.36 34.81 16.56
C ASP A 372 -21.21 34.59 17.79
N ILE A 373 -20.66 34.97 19.00
CA ILE A 373 -21.31 34.97 20.24
C ILE A 373 -22.46 35.95 20.41
N THR A 374 -22.31 37.17 19.83
CA THR A 374 -23.30 38.22 19.94
C THR A 374 -24.73 37.96 19.38
N ILE A 375 -24.72 37.33 18.15
CA ILE A 375 -25.88 36.84 17.41
C ILE A 375 -26.43 35.76 18.26
N GLN A 376 -25.57 34.88 18.89
CA GLN A 376 -26.06 33.79 19.74
C GLN A 376 -26.81 34.35 20.94
N GLU A 377 -26.36 35.42 21.63
CA GLU A 377 -27.05 36.10 22.69
C GLU A 377 -28.36 36.74 22.26
N ILE A 378 -28.39 37.35 21.08
CA ILE A 378 -29.48 38.10 20.46
C ILE A 378 -30.63 37.13 20.18
N ASN A 379 -30.30 35.93 19.71
CA ASN A 379 -31.27 34.89 19.47
C ASN A 379 -31.91 34.48 20.79
N ASP A 380 -31.25 34.39 21.93
CA ASP A 380 -31.94 34.02 23.15
C ASP A 380 -33.03 35.04 23.65
N PHE A 381 -32.59 36.30 23.47
CA PHE A 381 -33.39 37.44 23.80
C PHE A 381 -34.63 37.54 22.96
N ALA A 382 -34.60 37.11 21.72
CA ALA A 382 -35.57 37.45 20.71
C ALA A 382 -37.00 37.11 20.99
N ASP A 383 -37.21 35.85 21.47
CA ASP A 383 -38.39 35.17 21.77
C ASP A 383 -39.00 34.75 20.51
N LEU A 384 -38.08 34.37 19.61
CA LEU A 384 -38.49 33.86 18.31
C LEU A 384 -37.78 32.57 18.09
N MET A 385 -38.42 31.77 17.19
CA MET A 385 -37.89 30.52 16.82
C MET A 385 -38.34 30.38 15.40
N GLU A 386 -39.02 31.41 14.83
CA GLU A 386 -39.56 31.63 13.52
C GLU A 386 -38.62 31.32 12.38
N GLY A 387 -39.15 31.15 11.12
CA GLY A 387 -38.31 30.59 10.09
C GLY A 387 -37.18 31.50 9.70
N SER A 388 -37.37 32.83 9.55
CA SER A 388 -36.24 33.66 9.22
C SER A 388 -35.14 33.67 10.23
N ASN A 389 -35.47 33.77 11.50
CA ASN A 389 -34.49 33.87 12.62
C ASN A 389 -33.69 32.66 12.74
N LEU A 390 -34.30 31.43 12.55
CA LEU A 390 -33.54 30.18 12.57
C LEU A 390 -32.57 30.18 11.40
N GLU A 391 -33.03 30.68 10.21
CA GLU A 391 -32.28 30.74 8.97
C GLU A 391 -31.04 31.67 9.09
N LEU A 392 -31.15 32.88 9.75
CA LEU A 392 -30.02 33.82 10.03
C LEU A 392 -28.93 33.10 10.90
N TYR A 393 -29.33 32.35 11.93
CA TYR A 393 -28.51 31.54 12.83
C TYR A 393 -27.77 30.53 11.92
N VAL A 394 -28.39 29.83 10.98
CA VAL A 394 -27.66 28.83 10.16
C VAL A 394 -26.58 29.51 9.29
N ASP A 395 -26.95 30.63 8.64
CA ASP A 395 -26.00 31.27 7.71
C ASP A 395 -24.73 31.71 8.43
N LYS A 396 -24.81 32.26 9.75
CA LYS A 396 -23.61 32.69 10.45
C LYS A 396 -22.72 31.55 10.69
N CYS A 397 -23.31 30.40 11.18
CA CYS A 397 -22.58 29.17 11.45
C CYS A 397 -22.03 28.61 10.19
N TYR A 398 -22.74 28.70 9.04
CA TYR A 398 -22.39 28.16 7.75
C TYR A 398 -21.21 28.88 7.25
N SER A 399 -21.11 30.24 7.29
CA SER A 399 -19.95 30.96 6.70
C SER A 399 -18.61 30.61 7.34
N ARG A 400 -18.68 30.53 8.68
CA ARG A 400 -17.61 30.13 9.50
C ARG A 400 -17.17 28.71 9.25
N ALA A 401 -18.05 27.71 9.09
CA ALA A 401 -17.83 26.30 8.78
C ALA A 401 -17.17 26.22 7.43
N ASN A 402 -17.64 27.10 6.61
CA ASN A 402 -17.23 27.15 5.19
C ASN A 402 -15.70 27.47 5.18
N GLU A 403 -15.32 28.49 5.97
CA GLU A 403 -14.01 28.93 6.11
C GLU A 403 -13.07 27.89 6.72
N ILE A 404 -13.51 27.17 7.83
CA ILE A 404 -12.71 26.09 8.41
C ILE A 404 -12.52 24.93 7.46
N PHE A 405 -13.55 24.62 6.61
CA PHE A 405 -13.59 23.54 5.63
C PHE A 405 -12.51 23.80 4.55
N LEU A 406 -12.38 25.02 3.99
CA LEU A 406 -11.41 25.41 3.02
C LEU A 406 -10.05 25.26 3.60
N LYS A 407 -9.84 25.64 4.87
CA LYS A 407 -8.55 25.49 5.44
C LYS A 407 -8.07 24.02 5.47
N LEU A 408 -8.95 23.07 5.83
CA LEU A 408 -8.65 21.70 5.81
C LEU A 408 -8.27 21.23 4.42
N PHE A 409 -9.10 21.64 3.41
CA PHE A 409 -8.96 21.22 2.04
C PHE A 409 -7.73 21.70 1.31
N PHE A 410 -7.50 23.06 1.34
CA PHE A 410 -6.53 23.62 0.47
C PHE A 410 -5.12 23.13 0.80
N GLN A 411 -4.83 23.17 2.11
CA GLN A 411 -3.65 22.82 2.85
C GLN A 411 -4.04 21.76 3.83
N GLY A 412 -3.30 20.63 3.93
CA GLY A 412 -3.56 19.69 4.96
C GLY A 412 -4.09 18.49 4.28
N TYR A 413 -4.48 18.63 3.02
CA TYR A 413 -4.77 17.42 2.22
C TYR A 413 -4.52 17.56 0.79
N ASP A 414 -4.55 18.83 0.32
CA ASP A 414 -4.37 19.25 -1.08
C ASP A 414 -5.46 18.54 -1.93
N LEU A 415 -6.77 18.54 -1.50
CA LEU A 415 -7.90 17.82 -2.04
C LEU A 415 -8.23 18.13 -3.50
N ILE A 416 -8.19 19.41 -3.93
CA ILE A 416 -8.54 19.88 -5.26
C ILE A 416 -7.66 19.19 -6.28
N ASN A 417 -6.40 19.02 -6.05
CA ASN A 417 -5.44 18.37 -6.83
C ASN A 417 -5.68 16.83 -6.90
N VAL A 418 -6.11 16.20 -5.77
CA VAL A 418 -6.44 14.82 -5.75
C VAL A 418 -7.64 14.37 -6.58
N LEU A 419 -8.63 15.25 -6.53
CA LEU A 419 -9.88 15.19 -7.26
C LEU A 419 -9.52 15.20 -8.75
N LYS A 420 -8.58 16.05 -9.17
CA LYS A 420 -8.05 16.25 -10.43
C LYS A 420 -7.37 14.98 -10.90
N HIS A 421 -6.59 14.31 -10.00
CA HIS A 421 -5.93 13.06 -10.30
C HIS A 421 -6.88 11.93 -10.62
N LEU A 422 -7.98 11.91 -9.85
CA LEU A 422 -9.08 10.98 -9.95
C LEU A 422 -9.87 11.10 -11.28
N GLN A 423 -10.08 12.47 -11.66
CA GLN A 423 -10.69 12.80 -12.93
C GLN A 423 -9.77 12.26 -14.07
N GLN A 424 -8.40 12.38 -13.95
CA GLN A 424 -7.48 11.83 -14.94
C GLN A 424 -7.53 10.27 -15.11
N ILE A 425 -7.38 9.57 -13.98
CA ILE A 425 -7.13 8.12 -13.92
C ILE A 425 -8.33 7.28 -14.09
N PHE A 426 -9.31 7.44 -13.24
CA PHE A 426 -10.43 6.64 -13.25
C PHE A 426 -11.33 6.82 -14.50
N LEU A 427 -11.58 8.05 -14.90
CA LEU A 427 -12.44 8.29 -16.08
C LEU A 427 -11.62 7.88 -17.35
N GLY A 428 -10.26 7.99 -17.18
CA GLY A 428 -9.26 7.30 -18.07
C GLY A 428 -8.96 8.16 -19.29
N TYR A 429 -9.54 9.32 -19.42
CA TYR A 429 -9.37 10.10 -20.64
C TYR A 429 -8.05 10.95 -20.78
N GLN A 430 -7.28 11.14 -19.71
CA GLN A 430 -6.07 11.94 -19.76
C GLN A 430 -4.84 11.16 -19.28
N SER A 431 -5.05 9.96 -18.76
CA SER A 431 -4.03 9.14 -18.09
C SER A 431 -3.08 8.50 -19.13
N GLY A 432 -3.55 8.48 -20.39
CA GLY A 432 -2.84 8.23 -21.68
C GLY A 432 -1.81 7.18 -21.62
N HIS A 433 -0.52 7.58 -21.31
CA HIS A 433 0.75 6.76 -21.42
C HIS A 433 0.64 5.57 -20.44
N ASN A 434 0.01 5.79 -19.25
CA ASN A 434 -0.27 4.73 -18.26
C ASN A 434 -1.24 3.58 -18.85
N VAL A 435 -2.32 4.02 -19.61
CA VAL A 435 -3.22 3.18 -20.37
C VAL A 435 -2.41 2.46 -21.44
N LEU A 436 -1.47 3.19 -22.10
CA LEU A 436 -0.60 2.61 -23.19
C LEU A 436 0.26 1.45 -22.76
N LYS A 437 1.00 1.67 -21.66
CA LYS A 437 1.83 0.59 -21.15
C LYS A 437 1.03 -0.52 -20.51
N PHE A 438 -0.17 -0.24 -19.93
CA PHE A 438 -1.04 -1.22 -19.40
C PHE A 438 -1.52 -2.16 -20.47
N LEU A 439 -1.93 -1.63 -21.67
CA LEU A 439 -2.38 -2.33 -22.86
C LEU A 439 -1.30 -3.32 -23.49
N THR A 440 -0.05 -2.84 -23.54
CA THR A 440 1.09 -3.57 -24.04
C THR A 440 1.42 -4.76 -23.20
N LYS A 441 1.40 -4.53 -21.84
CA LYS A 441 1.70 -5.52 -20.92
C LYS A 441 0.63 -6.56 -20.90
N ASN A 442 -0.61 -6.09 -20.94
CA ASN A 442 -1.83 -6.90 -20.89
C ASN A 442 -2.16 -7.63 -22.16
N MET A 443 -1.59 -7.32 -23.31
CA MET A 443 -2.14 -7.56 -24.68
C MET A 443 -2.52 -8.98 -24.86
N GLY A 444 -1.66 -9.93 -24.37
CA GLY A 444 -1.84 -11.36 -24.48
C GLY A 444 -3.11 -11.76 -23.72
N GLU A 445 -3.37 -11.19 -22.51
CA GLU A 445 -4.45 -11.48 -21.57
C GLU A 445 -5.79 -10.96 -22.08
N LEU A 446 -5.81 -9.76 -22.77
CA LEU A 446 -7.00 -9.19 -23.15
C LEU A 446 -7.45 -10.00 -24.38
N THR A 447 -6.52 -10.56 -25.25
CA THR A 447 -6.92 -11.26 -26.48
C THR A 447 -7.82 -12.50 -26.16
N LYS A 448 -7.44 -13.12 -25.02
CA LYS A 448 -8.24 -14.18 -24.44
C LYS A 448 -9.30 -13.53 -23.58
N HIS A 449 -10.42 -14.30 -23.28
CA HIS A 449 -11.53 -13.82 -22.62
C HIS A 449 -11.30 -14.16 -21.23
N TYR A 450 -10.93 -15.41 -20.93
CA TYR A 450 -10.52 -15.82 -19.59
C TYR A 450 -9.90 -17.24 -19.70
N ARG A 451 -9.14 -17.63 -18.62
CA ARG A 451 -8.45 -18.86 -18.40
C ARG A 451 -8.16 -18.79 -16.97
N ASN A 452 -7.97 -19.99 -16.31
CA ASN A 452 -7.65 -20.02 -14.87
C ASN A 452 -6.39 -19.27 -14.53
N ASP A 453 -5.38 -19.34 -15.43
CA ASP A 453 -4.07 -18.77 -15.05
C ASP A 453 -4.08 -17.26 -15.04
N ASN A 454 -5.00 -16.66 -15.80
CA ASN A 454 -5.03 -15.29 -16.19
C ASN A 454 -4.96 -14.37 -14.95
N ASN A 455 -5.67 -14.53 -13.83
CA ASN A 455 -5.69 -13.74 -12.61
C ASN A 455 -4.35 -13.67 -11.96
N ALA A 456 -3.57 -14.74 -11.88
CA ALA A 456 -2.26 -14.86 -11.25
C ALA A 456 -1.27 -13.99 -12.01
N ASN A 457 -1.28 -14.04 -13.37
CA ASN A 457 -0.44 -13.33 -14.34
C ASN A 457 -0.76 -11.87 -14.25
N TYR A 458 -2.09 -11.53 -14.21
CA TYR A 458 -2.58 -10.15 -14.26
C TYR A 458 -2.12 -9.29 -13.07
N ASP A 459 -2.10 -9.93 -11.87
CA ASP A 459 -1.61 -9.30 -10.70
C ASP A 459 -0.13 -8.95 -10.83
N LYS A 460 0.75 -9.87 -11.37
CA LYS A 460 2.19 -9.61 -11.43
C LYS A 460 2.56 -8.52 -12.34
N LEU A 461 1.83 -8.53 -13.54
CA LEU A 461 1.98 -7.53 -14.52
C LEU A 461 1.58 -6.14 -14.03
N LEU A 462 0.53 -6.08 -13.17
CA LEU A 462 0.10 -4.86 -12.51
C LEU A 462 1.10 -4.35 -11.64
N GLN A 463 1.77 -5.21 -10.83
CA GLN A 463 2.75 -4.68 -9.89
C GLN A 463 4.00 -4.13 -10.57
N ASN A 464 4.49 -4.82 -11.65
CA ASN A 464 5.61 -4.33 -12.44
C ASN A 464 5.28 -3.05 -13.13
N PHE A 465 4.02 -2.94 -13.63
CA PHE A 465 3.62 -1.71 -14.24
C PHE A 465 3.54 -0.53 -13.19
N GLU A 466 3.16 -0.74 -11.94
CA GLU A 466 3.20 0.26 -10.92
C GLU A 466 4.59 0.85 -10.70
N LEU A 467 5.66 0.02 -10.74
CA LEU A 467 7.03 0.44 -10.72
C LEU A 467 7.47 1.21 -11.93
N GLU A 468 7.05 0.70 -13.09
CA GLU A 468 7.44 1.20 -14.36
C GLU A 468 7.05 2.59 -14.68
N ARG A 469 5.83 3.01 -14.19
CA ARG A 469 5.39 4.44 -14.36
C ARG A 469 6.00 5.36 -13.35
N GLN A 470 6.63 4.75 -12.38
CA GLN A 470 7.44 5.42 -11.36
C GLN A 470 6.49 6.22 -10.51
N SER A 471 7.05 7.27 -9.97
CA SER A 471 6.33 8.16 -9.15
C SER A 471 6.65 9.30 -10.06
N GLU A 472 5.63 10.11 -10.23
CA GLU A 472 5.64 11.19 -11.12
C GLU A 472 5.35 12.43 -10.28
N ASN A 473 4.81 12.32 -9.06
CA ASN A 473 4.28 13.41 -8.24
C ASN A 473 5.14 13.03 -7.00
N PRO A 474 5.12 13.92 -6.02
CA PRO A 474 5.82 13.57 -4.78
C PRO A 474 5.31 12.36 -4.08
N ASN A 475 3.97 12.31 -3.93
CA ASN A 475 3.21 11.20 -3.47
C ASN A 475 2.25 11.03 -4.51
N ASN A 476 2.35 9.85 -5.16
CA ASN A 476 1.48 9.65 -6.42
C ASN A 476 0.19 9.08 -5.91
N LEU A 477 -0.87 9.91 -6.11
CA LEU A 477 -2.23 9.52 -5.75
C LEU A 477 -2.80 8.33 -6.47
N MET A 478 -2.59 8.36 -7.84
CA MET A 478 -3.10 7.45 -8.80
C MET A 478 -2.53 6.07 -8.56
N ARG A 479 -1.24 6.01 -8.35
CA ARG A 479 -0.53 4.81 -8.10
C ARG A 479 -0.85 4.18 -6.79
N GLN A 480 -0.72 4.96 -5.70
CA GLN A 480 -0.73 4.55 -4.34
C GLN A 480 -2.10 4.11 -3.83
N LEU A 481 -3.14 4.99 -3.99
CA LEU A 481 -4.49 4.81 -3.42
C LEU A 481 -5.26 3.92 -4.23
N LEU A 482 -4.96 3.85 -5.57
CA LEU A 482 -5.74 3.07 -6.54
C LEU A 482 -4.86 1.87 -6.89
N MET A 483 -5.54 0.71 -6.95
CA MET A 483 -4.95 -0.58 -7.44
C MET A 483 -6.08 -1.15 -8.34
N ILE A 484 -5.72 -2.16 -9.17
CA ILE A 484 -6.59 -2.77 -10.13
C ILE A 484 -6.91 -4.18 -9.68
N GLN A 485 -8.18 -4.50 -9.97
CA GLN A 485 -8.88 -5.69 -9.52
C GLN A 485 -9.18 -6.43 -10.82
N PHE A 486 -9.14 -7.82 -10.74
CA PHE A 486 -9.55 -8.74 -11.72
C PHE A 486 -10.54 -9.62 -11.20
N ASP A 487 -11.64 -9.89 -11.94
CA ASP A 487 -12.66 -10.86 -11.58
C ASP A 487 -12.55 -12.12 -12.44
N THR A 488 -13.25 -13.17 -12.04
CA THR A 488 -13.32 -14.43 -12.76
C THR A 488 -14.40 -14.32 -13.80
N GLU A 489 -14.49 -15.37 -14.65
CA GLU A 489 -15.49 -15.60 -15.65
C GLU A 489 -16.59 -16.39 -15.04
N THR A 490 -17.79 -15.87 -15.16
CA THR A 490 -19.01 -16.47 -14.66
C THR A 490 -20.01 -16.71 -15.87
N LYS A 554 -18.08 -13.94 -20.28
CA LYS A 554 -17.73 -12.48 -20.39
C LYS A 554 -16.64 -12.37 -21.40
N SER A 555 -15.81 -11.36 -21.17
CA SER A 555 -14.49 -11.08 -21.79
C SER A 555 -13.65 -10.64 -20.66
N ALA A 556 -12.37 -10.29 -21.02
CA ALA A 556 -11.28 -9.79 -20.14
C ALA A 556 -11.70 -8.46 -19.57
N ILE A 557 -12.25 -7.59 -20.37
CA ILE A 557 -12.58 -6.20 -20.05
C ILE A 557 -13.74 -6.08 -19.04
N TYR A 558 -14.60 -7.10 -18.75
CA TYR A 558 -15.66 -7.08 -17.79
C TYR A 558 -15.23 -7.66 -16.44
N HIS A 559 -13.97 -8.18 -16.34
CA HIS A 559 -13.37 -8.63 -15.08
C HIS A 559 -12.63 -7.49 -14.39
N LEU A 560 -12.04 -6.68 -15.31
CA LEU A 560 -11.21 -5.52 -14.99
C LEU A 560 -12.06 -4.53 -14.23
N LYS A 561 -11.53 -4.11 -13.07
CA LYS A 561 -12.10 -3.10 -12.23
C LYS A 561 -10.99 -2.37 -11.57
N PHE A 562 -11.29 -1.18 -10.99
CA PHE A 562 -10.30 -0.39 -10.28
C PHE A 562 -10.97 -0.21 -8.92
N ASP A 563 -10.14 -0.28 -7.82
CA ASP A 563 -10.62 -0.07 -6.46
C ASP A 563 -9.77 0.90 -5.84
N ILE A 564 -10.42 1.82 -5.09
CA ILE A 564 -9.92 3.02 -4.46
C ILE A 564 -9.94 2.98 -3.00
N ASN A 565 -8.82 3.41 -2.33
CA ASN A 565 -8.76 3.54 -0.88
C ASN A 565 -9.09 4.93 -0.66
N ILE A 566 -10.18 5.14 0.18
CA ILE A 566 -10.66 6.44 0.41
C ILE A 566 -10.20 6.77 1.83
N PRO A 567 -9.33 7.79 1.96
CA PRO A 567 -9.02 8.44 3.29
C PRO A 567 -10.03 9.49 3.46
N TYR A 568 -9.96 10.12 4.62
CA TYR A 568 -10.65 11.31 5.03
C TYR A 568 -10.34 12.50 4.19
N PRO A 569 -11.16 13.54 3.97
CA PRO A 569 -12.49 13.81 4.43
C PRO A 569 -13.54 12.96 3.88
N LEU A 570 -13.32 12.51 2.62
CA LEU A 570 -14.24 11.76 1.79
C LEU A 570 -14.63 10.41 2.35
N ASN A 571 -15.80 9.82 2.04
CA ASN A 571 -16.20 8.51 2.46
C ASN A 571 -17.57 8.08 1.94
N ILE A 572 -18.21 8.89 1.18
CA ILE A 572 -19.52 8.76 0.62
C ILE A 572 -19.66 9.73 -0.53
N ILE A 573 -18.59 10.59 -0.66
CA ILE A 573 -18.34 11.27 -1.89
C ILE A 573 -17.90 10.31 -3.09
N ILE A 574 -17.07 9.28 -2.74
CA ILE A 574 -16.58 8.29 -3.66
C ILE A 574 -17.27 7.02 -3.21
N SER A 575 -18.08 6.39 -4.09
CA SER A 575 -18.95 5.35 -3.76
C SER A 575 -18.62 4.16 -4.55
N ARG A 576 -19.30 2.99 -4.33
CA ARG A 576 -19.37 1.78 -5.14
C ARG A 576 -20.07 1.95 -6.43
N THR A 577 -21.11 2.76 -6.41
CA THR A 577 -21.95 3.02 -7.55
C THR A 577 -21.16 3.68 -8.64
N CYS A 578 -20.24 4.65 -8.30
CA CYS A 578 -19.34 5.38 -9.20
C CYS A 578 -18.36 4.57 -10.00
N MET A 579 -17.74 3.56 -9.38
CA MET A 579 -16.61 2.74 -9.91
C MET A 579 -17.06 2.05 -11.08
N ILE A 580 -18.29 1.56 -11.06
CA ILE A 580 -18.80 0.90 -12.29
C ILE A 580 -18.88 1.72 -13.51
N LYS A 581 -19.35 3.00 -13.34
CA LYS A 581 -19.52 3.99 -14.39
C LYS A 581 -18.18 4.34 -15.04
N TYR A 582 -17.23 4.67 -14.19
CA TYR A 582 -15.94 5.07 -14.60
C TYR A 582 -15.17 4.04 -15.41
N GLN A 583 -15.36 2.76 -14.99
CA GLN A 583 -14.94 1.59 -15.55
C GLN A 583 -15.53 1.41 -16.98
N ILE A 584 -16.86 1.76 -17.28
CA ILE A 584 -17.43 1.58 -18.61
C ILE A 584 -16.76 2.51 -19.57
N ILE A 585 -16.45 3.77 -19.19
CA ILE A 585 -15.69 4.78 -19.99
C ILE A 585 -14.24 4.23 -20.21
N LEU A 586 -13.52 3.64 -19.25
CA LEU A 586 -12.29 3.02 -19.38
C LEU A 586 -12.34 1.90 -20.40
N ARG A 587 -13.38 1.05 -20.34
CA ARG A 587 -13.55 -0.10 -21.12
C ARG A 587 -13.61 0.09 -22.63
N TYR A 588 -14.36 1.06 -23.01
CA TYR A 588 -14.52 1.59 -24.34
C TYR A 588 -13.32 2.27 -24.94
N GLN A 589 -12.61 3.10 -24.13
CA GLN A 589 -11.38 3.72 -24.59
C GLN A 589 -10.30 2.74 -24.88
N LEU A 590 -10.15 1.69 -23.99
CA LEU A 590 -9.20 0.56 -24.01
C LEU A 590 -9.29 -0.38 -25.14
N VAL A 591 -10.54 -0.65 -25.53
CA VAL A 591 -10.77 -1.44 -26.67
C VAL A 591 -10.34 -0.76 -27.99
N LEU A 592 -10.60 0.58 -28.05
CA LEU A 592 -10.21 1.37 -29.24
C LEU A 592 -8.69 1.30 -29.36
N GLN A 593 -8.01 1.43 -28.27
CA GLN A 593 -6.60 1.44 -28.15
C GLN A 593 -6.01 0.10 -28.61
N TYR A 594 -6.65 -1.09 -28.33
CA TYR A 594 -6.24 -2.46 -28.77
C TYR A 594 -6.34 -2.55 -30.29
N HIS A 595 -7.41 -2.08 -30.90
CA HIS A 595 -7.68 -2.13 -32.30
C HIS A 595 -6.74 -1.37 -33.10
N SER A 596 -6.31 -0.21 -32.53
CA SER A 596 -5.26 0.61 -33.09
C SER A 596 -3.89 -0.06 -33.21
N ARG A 597 -3.54 -0.82 -32.14
CA ARG A 597 -2.26 -1.66 -32.06
C ARG A 597 -2.20 -2.77 -33.04
N LEU A 598 -3.34 -3.48 -33.20
CA LEU A 598 -3.48 -4.60 -34.09
C LEU A 598 -3.28 -4.14 -35.48
N LEU A 599 -3.77 -2.93 -35.89
CA LEU A 599 -3.56 -2.36 -37.23
C LEU A 599 -2.08 -2.10 -37.53
N ASP A 600 -1.33 -1.53 -36.53
CA ASP A 600 0.02 -1.14 -36.67
C ASP A 600 0.92 -2.27 -36.99
N GLU A 601 0.64 -3.39 -36.31
CA GLU A 601 1.25 -4.66 -36.42
C GLU A 601 1.09 -5.29 -37.84
N THR A 602 -0.12 -5.11 -38.38
CA THR A 602 -0.55 -5.68 -39.74
C THR A 602 0.37 -5.02 -40.75
N TRP A 603 0.67 -3.67 -40.62
CA TRP A 603 1.54 -2.98 -41.55
C TRP A 603 2.94 -3.56 -41.42
N MET A 604 3.46 -3.81 -40.19
CA MET A 604 4.84 -4.22 -39.96
C MET A 604 5.11 -5.53 -40.64
N ASP A 605 4.17 -6.48 -40.57
CA ASP A 605 4.19 -7.80 -41.12
C ASP A 605 4.30 -7.82 -42.61
N LEU A 606 3.60 -6.87 -43.22
CA LEU A 606 3.44 -6.90 -44.66
C LEU A 606 4.68 -6.69 -45.40
N ASN A 607 5.66 -5.87 -44.87
CA ASN A 607 7.02 -5.64 -45.37
C ASN A 607 7.85 -6.91 -45.62
N LYS A 608 7.62 -7.95 -44.76
CA LYS A 608 8.40 -9.19 -44.97
C LYS A 608 8.06 -9.87 -46.25
N THR A 609 9.03 -10.70 -46.77
CA THR A 609 9.00 -11.28 -48.16
C THR A 609 7.91 -12.29 -48.50
N PRO A 610 7.55 -13.28 -47.72
CA PRO A 610 6.39 -14.15 -48.04
C PRO A 610 5.11 -13.72 -47.53
N SER A 611 5.06 -12.51 -46.93
CA SER A 611 3.86 -11.91 -46.37
C SER A 611 3.23 -10.93 -47.31
N TRP A 612 3.99 -10.70 -48.37
CA TRP A 612 3.63 -9.70 -49.38
C TRP A 612 2.54 -10.32 -50.21
N LYS A 613 1.82 -9.45 -50.86
CA LYS A 613 0.76 -9.87 -51.70
C LYS A 613 1.44 -10.33 -53.01
N TYR A 614 0.97 -11.48 -53.62
CA TYR A 614 1.51 -12.11 -54.78
C TYR A 614 0.81 -11.71 -56.08
N ARG A 623 -4.08 -11.42 -54.83
CA ARG A 623 -3.35 -10.13 -54.57
C ARG A 623 -4.38 -9.05 -54.11
N ARG A 624 -5.49 -8.99 -54.82
CA ARG A 624 -6.57 -8.13 -54.53
C ARG A 624 -7.26 -8.42 -53.27
N ILE A 625 -7.45 -9.71 -52.87
CA ILE A 625 -8.29 -10.12 -51.80
C ILE A 625 -7.91 -9.65 -50.42
N VAL A 626 -6.54 -9.61 -50.20
CA VAL A 626 -5.79 -9.12 -49.10
C VAL A 626 -6.05 -7.56 -48.95
N ARG A 627 -6.08 -6.83 -50.10
CA ARG A 627 -6.36 -5.39 -50.18
C ARG A 627 -7.73 -5.02 -49.79
N ALA A 628 -8.71 -5.84 -50.20
CA ALA A 628 -10.12 -5.61 -49.84
C ALA A 628 -10.34 -5.73 -48.35
N THR A 629 -9.75 -6.71 -47.71
CA THR A 629 -9.82 -6.86 -46.21
C THR A 629 -9.22 -5.66 -45.50
N ARG A 630 -8.10 -5.17 -46.07
CA ARG A 630 -7.30 -4.09 -45.48
C ARG A 630 -8.01 -2.86 -45.39
N VAL A 631 -8.74 -2.43 -46.41
CA VAL A 631 -9.56 -1.23 -46.51
C VAL A 631 -10.75 -1.35 -45.57
N LEU A 632 -11.49 -2.49 -45.49
CA LEU A 632 -12.67 -2.51 -44.71
C LEU A 632 -12.40 -2.28 -43.25
N HIS A 633 -11.32 -2.94 -42.64
CA HIS A 633 -10.85 -2.72 -41.33
C HIS A 633 -10.36 -1.32 -41.10
N ALA A 634 -9.63 -0.73 -42.07
CA ALA A 634 -9.07 0.62 -42.00
C ALA A 634 -10.15 1.61 -41.87
N LYS A 635 -11.22 1.41 -42.72
CA LYS A 635 -12.28 2.31 -42.81
C LYS A 635 -12.93 2.26 -41.43
N MET A 636 -13.14 1.04 -40.90
CA MET A 636 -13.80 0.82 -39.62
C MET A 636 -13.09 1.43 -38.42
N ASN A 637 -11.75 1.40 -38.40
CA ASN A 637 -10.93 1.97 -37.35
C ASN A 637 -11.03 3.50 -37.32
N HIS A 638 -11.07 4.20 -38.49
CA HIS A 638 -11.19 5.62 -38.69
C HIS A 638 -12.57 6.06 -38.26
N PHE A 639 -13.66 5.23 -38.56
CA PHE A 639 -15.00 5.56 -38.21
C PHE A 639 -15.16 5.59 -36.75
N ILE A 640 -14.68 4.60 -36.01
CA ILE A 640 -14.78 4.45 -34.53
C ILE A 640 -14.07 5.61 -33.99
N LYS A 641 -12.91 6.03 -34.56
CA LYS A 641 -12.11 7.14 -34.05
C LYS A 641 -12.92 8.47 -34.12
N THR A 642 -13.69 8.68 -35.19
CA THR A 642 -14.35 9.95 -35.31
C THR A 642 -15.52 10.02 -34.21
N ILE A 643 -16.21 8.92 -33.95
CA ILE A 643 -17.27 8.62 -32.98
C ILE A 643 -16.63 8.86 -31.62
N MET A 644 -15.38 8.38 -31.31
CA MET A 644 -14.67 8.56 -30.03
C MET A 644 -14.41 10.00 -29.80
N GLU A 645 -14.00 10.78 -30.86
CA GLU A 645 -13.61 12.17 -30.69
C GLU A 645 -14.83 12.92 -30.13
N TYR A 646 -15.99 12.68 -30.79
CA TYR A 646 -17.23 13.42 -30.44
C TYR A 646 -17.75 13.04 -29.06
N PHE A 647 -17.70 11.71 -28.77
CA PHE A 647 -18.15 11.20 -27.48
C PHE A 647 -17.25 11.71 -26.36
N ASN A 648 -15.89 11.77 -26.51
CA ASN A 648 -14.95 12.31 -25.50
C ASN A 648 -15.21 13.81 -25.36
N GLN A 649 -15.34 14.66 -26.43
CA GLN A 649 -15.50 16.07 -26.28
C GLN A 649 -16.77 16.51 -25.71
N ASN A 650 -17.87 15.97 -26.31
CA ASN A 650 -19.23 16.49 -26.03
C ASN A 650 -19.65 16.04 -24.67
N VAL A 651 -19.44 14.73 -24.30
CA VAL A 651 -19.74 14.28 -22.97
C VAL A 651 -18.61 14.38 -22.00
N ILE A 652 -17.44 13.72 -22.11
CA ILE A 652 -16.46 13.56 -21.07
C ILE A 652 -15.75 14.82 -20.69
N ASP A 653 -15.09 15.53 -21.63
CA ASP A 653 -14.24 16.65 -21.42
C ASP A 653 -15.17 17.72 -20.83
N LYS A 654 -16.42 17.92 -21.35
CA LYS A 654 -17.32 18.92 -20.89
C LYS A 654 -17.71 18.71 -19.50
N GLU A 655 -18.08 17.44 -19.15
CA GLU A 655 -18.58 17.06 -17.81
C GLU A 655 -17.59 17.20 -16.77
N VAL A 656 -16.28 16.73 -17.07
CA VAL A 656 -15.27 16.78 -16.07
C VAL A 656 -14.87 18.18 -15.61
N TYR A 657 -14.82 19.15 -16.61
CA TYR A 657 -14.47 20.53 -16.40
C TYR A 657 -15.46 21.22 -15.46
N SER A 658 -16.79 20.98 -15.75
CA SER A 658 -17.91 21.62 -14.99
C SER A 658 -17.95 21.19 -13.54
N LEU A 659 -17.59 19.88 -13.29
CA LEU A 659 -17.48 19.25 -12.01
C LEU A 659 -16.35 19.88 -11.20
N GLU A 660 -15.20 20.20 -11.84
CA GLU A 660 -14.02 20.72 -11.19
C GLU A 660 -14.28 22.08 -10.63
N LYS A 661 -14.98 22.90 -11.45
CA LYS A 661 -15.50 24.13 -11.01
C LYS A 661 -16.50 23.96 -9.89
N CYS A 662 -17.51 23.02 -9.99
CA CYS A 662 -18.53 22.88 -8.98
C CYS A 662 -17.98 22.50 -7.61
N TYR A 663 -16.94 21.62 -7.51
CA TYR A 663 -16.27 21.30 -6.21
C TYR A 663 -15.60 22.50 -5.65
N ARG A 664 -14.91 23.30 -6.52
CA ARG A 664 -14.02 24.43 -6.13
C ARG A 664 -14.72 25.63 -5.54
N ASN A 665 -15.86 26.08 -6.08
CA ASN A 665 -16.48 27.27 -5.69
C ASN A 665 -17.03 27.20 -4.23
N PRO A 666 -17.80 26.23 -3.75
CA PRO A 666 -18.10 26.18 -2.35
C PRO A 666 -17.06 25.21 -1.88
N THR A 667 -17.23 24.70 -0.65
CA THR A 667 -16.28 23.82 0.03
C THR A 667 -17.05 22.82 0.93
N LEU A 668 -18.33 22.73 0.62
CA LEU A 668 -19.30 21.83 1.26
C LEU A 668 -19.27 20.52 0.49
N ALA A 669 -19.01 19.45 1.23
CA ALA A 669 -18.82 18.15 0.79
C ALA A 669 -20.07 17.64 0.17
N VAL A 670 -21.26 17.96 0.67
CA VAL A 670 -22.55 17.48 0.17
C VAL A 670 -22.85 17.88 -1.26
N ALA A 671 -22.41 19.17 -1.73
CA ALA A 671 -22.56 19.67 -3.07
C ALA A 671 -21.74 18.71 -4.04
N ILE A 672 -20.56 18.25 -3.59
CA ILE A 672 -19.63 17.44 -4.34
C ILE A 672 -20.38 16.08 -4.62
N GLN A 673 -21.03 15.50 -3.54
CA GLN A 673 -21.70 14.24 -3.62
C GLN A 673 -22.86 14.34 -4.62
N ASN A 674 -23.55 15.52 -4.58
CA ASN A 674 -24.69 15.78 -5.45
C ASN A 674 -24.38 15.81 -6.96
N GLU A 675 -23.31 16.59 -7.31
CA GLU A 675 -22.82 16.75 -8.68
C GLU A 675 -22.27 15.47 -9.22
N LEU A 676 -21.58 14.75 -8.40
CA LEU A 676 -21.06 13.44 -8.76
C LEU A 676 -22.04 12.36 -9.14
N GLU A 677 -23.14 12.33 -8.39
CA GLU A 677 -24.38 11.51 -8.62
C GLU A 677 -24.98 11.94 -9.96
N GLY A 678 -24.98 13.32 -10.30
CA GLY A 678 -25.55 13.82 -11.55
C GLY A 678 -24.81 13.31 -12.73
N GLY A 679 -23.48 13.35 -12.50
CA GLY A 679 -22.46 12.98 -13.44
C GLY A 679 -22.56 11.53 -13.85
N LEU A 680 -22.78 10.70 -12.79
CA LEU A 680 -23.00 9.24 -12.95
C LEU A 680 -24.27 9.03 -13.76
N THR A 681 -25.36 9.76 -13.59
CA THR A 681 -26.57 9.59 -14.31
C THR A 681 -26.38 9.86 -15.81
N ASN A 682 -25.58 10.89 -16.28
CA ASN A 682 -25.35 11.10 -17.68
C ASN A 682 -24.62 9.89 -18.28
N ILE A 683 -23.66 9.25 -17.60
CA ILE A 683 -22.94 8.07 -18.00
C ILE A 683 -23.88 6.83 -18.17
N MET A 684 -24.89 6.68 -17.27
CA MET A 684 -25.85 5.64 -17.25
C MET A 684 -26.69 5.78 -18.48
N THR A 685 -27.15 7.03 -18.88
CA THR A 685 -27.98 7.10 -20.08
C THR A 685 -27.29 6.70 -21.34
N ASN A 686 -26.04 7.16 -21.57
CA ASN A 686 -25.37 6.80 -22.82
C ASN A 686 -25.13 5.28 -22.87
N ARG A 687 -24.92 4.62 -21.70
CA ARG A 687 -24.74 3.11 -21.70
C ARG A 687 -25.97 2.35 -22.35
N CYS A 688 -27.20 2.73 -21.85
CA CYS A 688 -28.48 2.11 -22.19
C CYS A 688 -28.78 2.41 -23.63
N LEU A 689 -28.53 3.67 -24.11
CA LEU A 689 -28.79 4.15 -25.44
C LEU A 689 -28.03 3.44 -26.53
N SER A 690 -26.73 3.26 -26.27
CA SER A 690 -25.94 2.57 -27.21
C SER A 690 -24.85 1.89 -26.43
N ASP A 691 -24.50 0.71 -26.91
CA ASP A 691 -23.55 -0.25 -26.37
C ASP A 691 -22.56 -0.40 -27.41
N LEU A 692 -21.58 0.48 -27.42
CA LEU A 692 -20.46 0.50 -28.35
C LEU A 692 -19.61 -0.72 -28.11
N ILE A 693 -19.46 -1.11 -26.84
CA ILE A 693 -18.51 -2.17 -26.40
C ILE A 693 -18.76 -3.58 -26.97
N PRO A 694 -19.99 -4.05 -27.16
CA PRO A 694 -20.29 -5.33 -27.80
C PRO A 694 -19.85 -5.36 -29.24
N LEU A 695 -20.03 -4.21 -30.02
CA LEU A 695 -19.67 -4.03 -31.44
C LEU A 695 -18.17 -4.06 -31.59
N GLN A 696 -17.41 -3.42 -30.65
CA GLN A 696 -15.95 -3.37 -30.53
C GLN A 696 -15.42 -4.74 -30.30
N LEU A 697 -16.08 -5.62 -29.52
CA LEU A 697 -15.63 -7.02 -29.41
C LEU A 697 -15.62 -7.81 -30.75
N GLN A 698 -16.65 -7.56 -31.63
CA GLN A 698 -16.63 -8.22 -32.95
C GLN A 698 -15.49 -7.85 -33.80
N ILE A 699 -15.15 -6.52 -33.83
CA ILE A 699 -14.09 -5.88 -34.59
C ILE A 699 -12.79 -6.48 -34.15
N PHE A 700 -12.63 -6.71 -32.80
CA PHE A 700 -11.42 -7.20 -32.17
C PHE A 700 -10.99 -8.54 -32.61
N ASP A 701 -11.96 -9.48 -32.80
CA ASP A 701 -11.61 -10.73 -33.34
C ASP A 701 -11.09 -10.75 -34.69
N ILE A 702 -11.81 -9.98 -35.56
CA ILE A 702 -11.39 -10.02 -36.95
C ILE A 702 -10.04 -9.44 -37.12
N VAL A 703 -9.68 -8.34 -36.42
CA VAL A 703 -8.36 -7.70 -36.55
C VAL A 703 -7.24 -8.64 -36.19
N TYR A 704 -7.38 -9.41 -35.09
CA TYR A 704 -6.29 -10.37 -34.69
C TYR A 704 -6.08 -11.42 -35.75
N LYS A 705 -7.19 -11.90 -36.26
CA LYS A 705 -7.15 -12.98 -37.22
C LYS A 705 -6.50 -12.65 -38.53
N PHE A 706 -6.79 -11.43 -39.06
CA PHE A 706 -6.14 -10.87 -40.20
C PHE A 706 -4.72 -10.72 -39.97
N CYS A 707 -4.36 -10.18 -38.86
CA CYS A 707 -3.01 -9.90 -38.47
C CYS A 707 -2.10 -11.12 -38.35
N LYS A 708 -2.63 -12.26 -37.82
CA LYS A 708 -2.07 -13.62 -37.71
C LYS A 708 -1.84 -14.22 -39.12
N PHE A 709 -2.87 -14.06 -40.08
CA PHE A 709 -2.70 -14.68 -41.36
C PHE A 709 -1.51 -14.11 -42.08
N ILE A 710 -1.35 -12.79 -42.11
CA ILE A 710 -0.29 -12.03 -42.78
C ILE A 710 1.06 -12.41 -42.23
N LYS A 711 1.15 -12.64 -40.87
CA LYS A 711 2.38 -13.05 -40.15
C LYS A 711 2.94 -14.29 -40.69
N SER A 712 2.12 -15.21 -41.24
CA SER A 712 2.54 -16.54 -41.65
C SER A 712 1.94 -16.81 -42.99
N MET A 713 2.74 -16.55 -44.05
CA MET A 713 2.46 -16.77 -45.47
C MET A 713 1.26 -15.86 -45.81
N ARG A 714 1.03 -15.62 -47.13
CA ARG A 714 0.03 -14.63 -47.58
C ARG A 714 -1.41 -15.15 -47.21
N GLU A 754 2.54 -20.86 -50.61
CA GLU A 754 1.92 -21.07 -51.97
C GLU A 754 0.69 -21.89 -51.64
N ASP A 755 0.96 -23.12 -51.14
CA ASP A 755 -0.06 -24.00 -50.68
C ASP A 755 -0.84 -23.50 -49.49
N ALA A 756 -0.01 -22.90 -48.54
CA ALA A 756 -0.50 -22.31 -47.29
C ALA A 756 -1.40 -21.12 -47.60
N ALA A 757 -1.00 -20.38 -48.64
CA ALA A 757 -1.66 -19.18 -49.13
C ALA A 757 -3.02 -19.53 -49.61
N LEU A 758 -3.16 -20.69 -50.33
CA LEU A 758 -4.44 -21.13 -50.86
C LEU A 758 -5.49 -21.43 -49.76
N GLU A 759 -5.04 -22.11 -48.66
CA GLU A 759 -5.92 -22.37 -47.49
C GLU A 759 -6.29 -21.03 -46.82
N LEU A 760 -5.33 -20.16 -46.65
CA LEU A 760 -5.47 -18.93 -45.98
C LEU A 760 -6.44 -18.02 -46.69
N ILE A 761 -6.53 -17.97 -48.06
CA ILE A 761 -7.42 -17.18 -48.89
C ILE A 761 -8.87 -17.49 -48.71
N GLN A 762 -9.08 -18.83 -48.55
CA GLN A 762 -10.46 -19.34 -48.32
C GLN A 762 -11.06 -18.89 -46.99
N LYS A 763 -10.15 -18.90 -45.99
CA LYS A 763 -10.47 -18.31 -44.69
C LYS A 763 -10.70 -16.85 -44.86
N LEU A 764 -9.88 -16.13 -45.66
CA LEU A 764 -9.81 -14.66 -45.84
C LEU A 764 -11.08 -14.07 -46.39
N ILE A 765 -11.69 -14.77 -47.42
CA ILE A 765 -12.95 -14.41 -48.08
C ILE A 765 -14.05 -14.48 -47.03
N GLU A 766 -14.01 -15.51 -46.07
CA GLU A 766 -14.96 -15.46 -45.01
C GLU A 766 -14.78 -14.21 -44.14
N TYR A 767 -13.55 -13.76 -43.89
CA TYR A 767 -13.31 -12.52 -43.09
C TYR A 767 -13.89 -11.29 -43.69
N ILE A 768 -13.68 -11.08 -44.98
CA ILE A 768 -14.19 -9.94 -45.71
C ILE A 768 -15.73 -10.00 -45.69
N SER A 769 -16.27 -11.23 -45.88
CA SER A 769 -17.72 -11.41 -46.12
C SER A 769 -18.57 -10.99 -44.92
N ASN A 770 -18.07 -11.32 -43.70
CA ASN A 770 -18.45 -10.93 -42.35
C ASN A 770 -18.23 -9.47 -42.21
N ALA A 771 -17.00 -8.95 -42.65
CA ALA A 771 -16.56 -7.59 -42.33
C ALA A 771 -17.48 -6.67 -42.97
N SER A 772 -17.98 -6.95 -44.20
CA SER A 772 -18.96 -6.19 -44.92
C SER A 772 -20.24 -6.11 -44.21
N SER A 773 -20.74 -7.21 -43.55
CA SER A 773 -22.00 -7.24 -42.84
C SER A 773 -21.96 -6.39 -41.67
N ILE A 774 -20.79 -6.39 -40.94
CA ILE A 774 -20.62 -5.54 -39.78
C ILE A 774 -20.62 -4.09 -40.11
N PHE A 775 -19.91 -3.81 -41.25
CA PHE A 775 -19.76 -2.50 -41.92
C PHE A 775 -21.10 -1.98 -42.32
N ARG A 776 -22.02 -2.79 -42.93
CA ARG A 776 -23.39 -2.43 -43.35
C ARG A 776 -24.18 -1.99 -42.18
N LYS A 777 -24.00 -2.69 -41.06
CA LYS A 777 -24.65 -2.41 -39.77
C LYS A 777 -24.22 -1.08 -39.22
N CYS A 778 -22.93 -0.72 -39.32
CA CYS A 778 -22.28 0.57 -38.89
C CYS A 778 -22.79 1.78 -39.61
N LEU A 779 -23.14 1.65 -40.89
CA LEU A 779 -23.65 2.81 -41.71
C LEU A 779 -24.85 3.36 -41.16
N ILE A 780 -25.79 2.58 -40.55
CA ILE A 780 -26.97 3.11 -39.88
C ILE A 780 -26.71 3.97 -38.66
N ASN A 781 -25.66 3.55 -37.85
CA ASN A 781 -25.10 4.19 -36.71
C ASN A 781 -24.54 5.53 -36.92
N PHE A 782 -23.84 5.66 -38.02
CA PHE A 782 -23.31 6.98 -38.37
C PHE A 782 -24.31 8.07 -38.56
N THR A 783 -25.44 7.69 -39.23
CA THR A 783 -26.46 8.59 -39.68
C THR A 783 -27.03 9.14 -38.38
N GLN A 784 -27.33 8.19 -37.46
CA GLN A 784 -28.10 8.45 -36.22
C GLN A 784 -27.63 7.40 -35.30
N GLU A 785 -27.26 7.83 -34.06
CA GLU A 785 -26.77 6.98 -33.08
C GLU A 785 -27.90 6.41 -32.28
N LEU A 786 -28.16 5.09 -32.53
CA LEU A 786 -29.16 4.24 -32.01
C LEU A 786 -29.44 3.46 -33.24
N SER A 787 -29.24 2.09 -33.16
CA SER A 787 -29.54 1.18 -34.26
C SER A 787 -29.99 -0.09 -33.70
N THR A 788 -31.17 -0.64 -34.26
CA THR A 788 -31.67 -1.95 -33.92
C THR A 788 -30.79 -3.03 -34.51
N GLU A 789 -30.34 -2.72 -35.77
CA GLU A 789 -29.64 -3.58 -36.67
C GLU A 789 -28.32 -4.08 -36.07
N LYS A 790 -27.46 -3.20 -35.36
CA LYS A 790 -26.20 -3.61 -34.77
C LYS A 790 -26.43 -4.59 -33.63
N PHE A 791 -27.50 -4.40 -32.70
CA PHE A 791 -27.86 -5.22 -31.56
C PHE A 791 -28.24 -6.61 -32.03
N ASP A 792 -29.05 -6.69 -33.10
CA ASP A 792 -29.63 -7.94 -33.66
C ASP A 792 -28.48 -8.75 -34.08
N PHE A 793 -27.44 -8.07 -34.65
CA PHE A 793 -26.22 -8.73 -35.15
C PHE A 793 -25.39 -9.45 -34.04
N TYR A 794 -25.31 -8.78 -32.79
CA TYR A 794 -24.61 -9.48 -31.67
C TYR A 794 -25.33 -10.79 -31.31
N ASP A 795 -26.74 -10.77 -31.20
CA ASP A 795 -27.47 -11.94 -30.85
C ASP A 795 -27.34 -13.09 -31.78
N SER A 796 -27.46 -12.73 -33.12
CA SER A 796 -27.35 -13.65 -34.19
C SER A 796 -25.94 -14.27 -34.22
N SER A 797 -24.90 -13.42 -33.97
CA SER A 797 -23.51 -13.98 -33.93
C SER A 797 -23.34 -14.91 -32.88
N SER A 798 -23.88 -14.59 -31.64
CA SER A 798 -23.70 -15.43 -30.40
C SER A 798 -24.30 -16.80 -30.60
N VAL A 799 -25.58 -16.90 -31.13
CA VAL A 799 -26.32 -18.13 -31.32
C VAL A 799 -25.67 -19.10 -32.24
N ASP A 800 -25.19 -18.74 -33.49
CA ASP A 800 -24.58 -19.57 -34.41
C ASP A 800 -23.07 -19.72 -34.01
N PRO B 180 -46.51 32.22 73.15
CA PRO B 180 -45.13 32.86 72.98
C PRO B 180 -44.55 32.31 71.70
N GLU B 181 -44.05 33.22 70.85
CA GLU B 181 -43.18 32.95 69.73
C GLU B 181 -41.74 32.51 70.13
N GLU B 182 -41.19 32.86 71.34
CA GLU B 182 -39.83 32.36 71.69
C GLU B 182 -39.78 30.86 71.83
N ASP B 183 -40.86 30.22 72.37
CA ASP B 183 -40.87 28.83 72.63
C ASP B 183 -40.83 27.92 71.43
N ILE B 184 -41.46 28.36 70.31
CA ILE B 184 -41.48 27.66 69.03
C ILE B 184 -40.07 27.66 68.50
N LEU B 185 -39.37 28.79 68.64
CA LEU B 185 -38.04 29.01 68.12
C LEU B 185 -37.01 28.06 68.76
N LYS B 186 -37.08 27.86 70.08
CA LYS B 186 -36.30 26.95 70.81
C LYS B 186 -36.55 25.52 70.45
N TYR B 187 -37.80 25.09 70.19
CA TYR B 187 -38.20 23.71 69.75
C TYR B 187 -37.62 23.40 68.41
N VAL B 188 -37.70 24.37 67.43
CA VAL B 188 -37.11 23.99 66.20
C VAL B 188 -35.64 23.77 66.27
N SER B 189 -34.93 24.64 67.01
CA SER B 189 -33.47 24.61 67.21
C SER B 189 -33.09 23.33 67.99
N TYR B 190 -33.90 22.86 68.95
CA TYR B 190 -33.72 21.62 69.56
C TYR B 190 -33.89 20.45 68.59
N THR B 191 -34.86 20.43 67.69
CA THR B 191 -35.13 19.45 66.61
C THR B 191 -34.01 19.32 65.63
N LEU B 192 -33.41 20.49 65.27
CA LEU B 192 -32.28 20.52 64.35
C LEU B 192 -30.99 19.88 64.89
N LEU B 193 -30.86 19.91 66.19
CA LEU B 193 -29.85 19.19 66.96
C LEU B 193 -30.23 17.69 67.15
N ALA B 194 -31.41 17.27 66.69
CA ALA B 194 -32.01 15.98 66.84
C ALA B 194 -32.33 15.59 68.29
N THR B 195 -32.81 16.59 69.13
CA THR B 195 -33.36 16.40 70.47
C THR B 195 -34.59 17.21 70.44
N THR B 196 -35.40 17.20 71.56
CA THR B 196 -36.70 17.82 71.58
C THR B 196 -36.94 18.24 73.03
N SER B 197 -37.87 19.25 73.21
CA SER B 197 -38.41 19.74 74.50
C SER B 197 -39.56 18.75 74.82
N ALA B 198 -40.91 19.03 74.40
CA ALA B 198 -41.95 18.04 74.52
C ALA B 198 -43.14 18.72 73.99
N LEU B 199 -42.97 19.61 72.98
CA LEU B 199 -44.01 20.45 72.37
C LEU B 199 -45.00 19.65 71.65
N PHE B 200 -44.46 18.81 70.81
CA PHE B 200 -45.19 17.82 70.10
C PHE B 200 -44.34 16.54 70.06
N PRO B 201 -44.97 15.38 69.85
CA PRO B 201 -44.28 14.06 69.90
C PRO B 201 -43.27 13.92 68.81
N PHE B 202 -42.11 13.38 69.18
CA PHE B 202 -40.90 13.17 68.41
C PHE B 202 -40.81 11.69 68.16
N ASP B 203 -41.22 11.31 66.97
CA ASP B 203 -41.01 9.98 66.40
C ASP B 203 -39.67 10.13 65.75
N HIS B 204 -38.96 9.00 65.46
CA HIS B 204 -37.64 9.04 64.75
C HIS B 204 -37.82 9.15 63.29
N GLU B 205 -39.08 8.94 62.79
CA GLU B 205 -39.54 9.14 61.46
C GLU B 205 -39.62 10.67 61.07
N GLN B 206 -40.13 11.54 62.00
CA GLN B 206 -40.29 12.95 61.90
C GLN B 206 -41.17 13.33 63.07
N ILE B 207 -41.71 14.54 63.01
CA ILE B 207 -42.59 15.03 63.99
C ILE B 207 -44.00 14.54 63.67
N GLN B 208 -44.66 13.94 64.68
CA GLN B 208 -45.99 13.49 64.61
C GLN B 208 -46.95 14.73 64.66
N ILE B 209 -48.00 14.73 63.88
CA ILE B 209 -48.95 15.80 63.58
C ILE B 209 -50.24 15.56 64.42
N PRO B 210 -50.76 16.66 64.95
CA PRO B 210 -52.15 16.44 65.51
C PRO B 210 -52.94 17.62 65.04
N SER B 211 -54.17 17.84 65.67
CA SER B 211 -55.04 18.90 65.23
C SER B 211 -55.88 19.08 66.47
N LYS B 212 -55.31 18.69 67.67
CA LYS B 212 -56.02 18.70 68.94
C LYS B 212 -55.12 19.08 70.06
N ILE B 213 -53.83 19.19 69.69
CA ILE B 213 -52.76 19.67 70.49
C ILE B 213 -52.55 20.97 69.76
N PRO B 214 -52.62 22.17 70.39
CA PRO B 214 -52.48 23.50 69.80
C PRO B 214 -52.72 23.69 68.30
N ASN B 215 -54.00 24.02 68.03
CA ASN B 215 -54.58 24.02 66.68
C ASN B 215 -53.88 24.99 65.72
N PHE B 216 -53.53 26.17 66.26
CA PHE B 216 -52.85 27.28 65.57
C PHE B 216 -51.48 26.85 65.06
N GLU B 217 -50.76 26.14 65.95
CA GLU B 217 -49.40 25.65 65.84
C GLU B 217 -49.20 24.54 64.76
N SER B 218 -50.22 23.62 64.65
CA SER B 218 -50.19 22.40 63.86
C SER B 218 -50.01 22.56 62.32
N GLY B 219 -50.64 23.54 61.58
CA GLY B 219 -50.41 23.74 60.11
C GLY B 219 -49.02 24.10 59.78
N LEU B 220 -48.41 25.09 60.57
CA LEU B 220 -47.08 25.58 60.44
C LEU B 220 -46.11 24.45 60.68
N LEU B 221 -46.45 23.65 61.67
CA LEU B 221 -45.62 22.50 62.08
C LEU B 221 -45.48 21.48 60.98
N HIS B 222 -46.57 21.27 60.18
CA HIS B 222 -46.54 20.29 59.14
C HIS B 222 -45.51 20.64 58.04
N LEU B 223 -45.57 21.98 57.58
CA LEU B 223 -44.65 22.51 56.61
C LEU B 223 -43.16 22.59 57.03
N ILE B 224 -42.78 22.96 58.28
CA ILE B 224 -41.46 23.02 58.86
C ILE B 224 -40.73 21.65 58.98
N PHE B 225 -41.52 20.65 59.26
CA PHE B 225 -41.02 19.34 59.56
C PHE B 225 -40.26 18.63 58.50
N GLU B 226 -40.63 18.76 57.20
CA GLU B 226 -39.94 18.11 56.09
C GLU B 226 -38.52 18.67 56.08
N ALA B 227 -38.36 19.97 56.20
CA ALA B 227 -37.04 20.54 56.15
C ALA B 227 -36.13 20.00 57.21
N GLY B 228 -36.59 19.87 58.45
CA GLY B 228 -35.79 19.34 59.58
C GLY B 228 -35.34 17.92 59.53
N LEU B 229 -36.25 17.05 58.93
CA LEU B 229 -36.04 15.63 58.66
C LEU B 229 -34.93 15.37 57.75
N LEU B 230 -34.89 16.13 56.64
CA LEU B 230 -33.81 16.04 55.75
C LEU B 230 -32.50 16.49 56.35
N TYR B 231 -32.49 17.57 57.17
CA TYR B 231 -31.30 17.83 57.96
C TYR B 231 -30.80 16.75 58.90
N GLN B 232 -31.67 16.07 59.66
CA GLN B 232 -31.30 15.07 60.60
C GLN B 232 -30.72 13.88 59.92
N SER B 233 -31.29 13.51 58.76
CA SER B 233 -30.91 12.36 57.94
C SER B 233 -29.51 12.52 57.40
N LEU B 234 -29.15 13.76 56.90
CA LEU B 234 -27.82 14.04 56.40
C LEU B 234 -26.77 13.88 57.46
N GLY B 235 -27.08 14.45 58.69
CA GLY B 235 -26.22 14.52 59.82
C GLY B 235 -25.84 13.18 60.27
N TYR B 236 -26.86 12.25 60.24
CA TYR B 236 -26.68 10.83 60.52
C TYR B 236 -25.77 10.18 59.44
N LYS B 237 -26.04 10.55 58.16
CA LYS B 237 -25.25 9.99 57.02
C LYS B 237 -23.78 10.38 57.05
N VAL B 238 -23.47 11.68 57.30
CA VAL B 238 -22.09 12.21 57.43
C VAL B 238 -21.38 11.57 58.62
N GLU B 239 -22.08 11.35 59.77
CA GLU B 239 -21.54 10.80 61.07
C GLU B 239 -20.91 9.47 60.82
N LYS B 240 -21.54 8.56 60.03
CA LYS B 240 -20.94 7.31 59.64
C LYS B 240 -19.61 7.32 58.83
N PHE B 241 -19.71 8.21 57.81
CA PHE B 241 -18.74 8.31 56.74
C PHE B 241 -17.43 8.94 57.17
N ARG B 242 -17.52 9.82 58.17
CA ARG B 242 -16.37 10.49 58.77
C ARG B 242 -15.69 9.65 59.74
N MET B 243 -15.32 8.39 59.35
CA MET B 243 -14.75 7.42 60.27
C MET B 243 -13.82 6.72 59.30
N LEU B 244 -13.47 7.37 58.16
CA LEU B 244 -12.51 6.92 57.15
C LEU B 244 -13.10 5.87 56.30
N ASN B 245 -13.91 6.29 55.36
CA ASN B 245 -14.52 5.33 54.34
C ASN B 245 -13.69 5.28 53.09
N ILE B 246 -13.39 3.99 52.63
CA ILE B 246 -12.66 3.58 51.44
C ILE B 246 -12.90 4.64 50.35
N SER B 247 -11.77 4.84 49.58
CA SER B 247 -11.69 5.50 48.37
C SER B 247 -11.55 6.98 48.61
N PRO B 248 -10.53 7.70 48.10
CA PRO B 248 -10.34 9.09 48.32
C PRO B 248 -11.32 9.94 47.56
N MET B 249 -11.93 9.45 46.46
CA MET B 249 -12.85 10.17 45.64
C MET B 249 -14.10 10.42 46.46
N LYS B 250 -14.52 9.41 47.23
CA LYS B 250 -15.65 9.35 48.14
C LYS B 250 -15.51 10.32 49.30
N LYS B 251 -14.27 10.30 49.94
CA LYS B 251 -13.90 11.08 51.12
C LYS B 251 -14.04 12.58 50.76
N ALA B 252 -13.57 12.99 49.56
CA ALA B 252 -13.55 14.36 49.12
C ALA B 252 -14.99 14.80 49.03
N LEU B 253 -15.94 13.91 48.54
CA LEU B 253 -17.32 14.25 48.42
C LEU B 253 -18.01 14.51 49.73
N ILE B 254 -17.72 13.64 50.74
CA ILE B 254 -18.27 13.87 52.06
C ILE B 254 -17.79 15.18 52.62
N ILE B 255 -16.48 15.53 52.45
CA ILE B 255 -15.83 16.69 53.03
C ILE B 255 -16.56 17.95 52.48
N GLU B 256 -16.90 17.96 51.14
CA GLU B 256 -17.59 19.08 50.50
C GLU B 256 -19.02 19.24 51.01
N ILE B 257 -19.70 18.14 51.27
CA ILE B 257 -20.98 18.04 51.92
C ILE B 257 -20.93 18.52 53.37
N SER B 258 -19.94 18.08 54.17
CA SER B 258 -19.90 18.54 55.52
C SER B 258 -19.88 20.04 55.71
N GLU B 259 -19.15 20.76 54.77
CA GLU B 259 -19.07 22.20 54.64
C GLU B 259 -20.40 22.87 54.24
N GLU B 260 -21.11 22.15 53.43
CA GLU B 260 -22.43 22.54 53.06
C GLU B 260 -23.37 22.56 54.22
N LEU B 261 -23.27 21.56 55.08
CA LEU B 261 -24.14 21.42 56.23
C LEU B 261 -23.76 22.54 57.18
N GLN B 262 -22.47 22.97 57.15
CA GLN B 262 -22.07 24.10 57.93
C GLN B 262 -22.79 25.37 57.60
N ASN B 263 -23.07 25.72 56.39
CA ASN B 263 -23.71 26.93 55.96
C ASN B 263 -25.19 27.05 56.50
N TYR B 264 -25.88 25.90 56.47
CA TYR B 264 -27.19 25.71 56.95
C TYR B 264 -27.25 25.99 58.49
N THR B 265 -26.33 25.40 59.29
CA THR B 265 -26.29 25.52 60.76
C THR B 265 -26.01 26.92 61.18
N ALA B 266 -25.09 27.65 60.48
CA ALA B 266 -24.67 29.05 60.74
C ALA B 266 -25.86 29.90 60.59
N PHE B 267 -26.79 29.71 59.57
CA PHE B 267 -27.99 30.55 59.35
C PHE B 267 -28.97 30.49 60.47
N VAL B 268 -29.17 29.24 61.10
CA VAL B 268 -29.94 28.88 62.29
C VAL B 268 -29.44 29.41 63.57
N ASN B 269 -28.10 29.35 63.84
CA ASN B 269 -27.44 30.05 64.97
C ASN B 269 -27.47 31.49 64.67
N ASN B 270 -27.27 32.34 65.77
CA ASN B 270 -27.36 33.80 65.88
C ASN B 270 -28.79 34.32 65.75
N LEU B 271 -29.65 33.57 65.02
CA LEU B 271 -31.06 33.72 65.11
C LEU B 271 -31.60 33.16 66.36
N VAL B 272 -31.17 31.92 66.76
CA VAL B 272 -31.51 31.31 68.05
C VAL B 272 -30.87 32.08 69.18
N SER B 273 -29.59 32.48 69.00
CA SER B 273 -28.89 33.24 70.03
C SER B 273 -29.59 34.59 70.36
N SER B 274 -30.08 35.30 69.30
CA SER B 274 -30.80 36.50 69.41
C SER B 274 -32.03 36.37 70.28
N GLY B 275 -32.92 35.63 69.57
CA GLY B 275 -34.26 35.23 69.95
C GLY B 275 -35.18 36.08 69.12
N THR B 276 -35.91 35.40 68.22
CA THR B 276 -36.70 36.02 67.14
C THR B 276 -38.12 35.76 67.33
N VAL B 277 -38.99 36.63 66.64
CA VAL B 277 -40.45 36.57 66.68
C VAL B 277 -40.94 35.77 65.50
N VAL B 278 -40.06 35.44 64.54
CA VAL B 278 -40.43 34.86 63.31
C VAL B 278 -41.07 33.53 63.55
N SER B 279 -42.02 33.29 62.57
CA SER B 279 -42.87 32.13 62.53
C SER B 279 -42.10 30.96 61.81
N LEU B 280 -42.62 29.68 62.02
CA LEU B 280 -42.05 28.42 61.51
C LEU B 280 -42.11 28.41 59.98
N LYS B 281 -43.14 29.03 59.39
CA LYS B 281 -43.27 29.29 57.94
C LYS B 281 -42.18 30.22 57.48
N SER B 282 -41.82 31.29 58.17
CA SER B 282 -40.79 32.13 57.67
C SER B 282 -39.46 31.42 57.61
N LEU B 283 -39.13 30.53 58.63
CA LEU B 283 -37.93 29.71 58.62
C LEU B 283 -37.91 28.70 57.47
N TYR B 284 -39.05 28.10 57.17
CA TYR B 284 -39.26 27.13 56.16
C TYR B 284 -39.03 27.70 54.82
N ARG B 285 -39.53 28.96 54.50
CA ARG B 285 -39.36 29.63 53.24
C ARG B 285 -37.93 29.93 52.94
N GLU B 286 -37.26 30.50 54.00
CA GLU B 286 -35.88 30.88 53.71
C GLU B 286 -34.87 29.78 53.37
N ILE B 287 -35.03 28.65 54.12
CA ILE B 287 -34.26 27.44 54.06
C ILE B 287 -34.59 26.64 52.83
N TYR B 288 -35.72 26.89 52.19
CA TYR B 288 -36.31 26.07 51.17
C TYR B 288 -35.33 25.69 50.04
N GLU B 289 -34.49 26.62 49.52
CA GLU B 289 -33.55 26.30 48.49
C GLU B 289 -32.54 25.21 48.81
N ASN B 290 -32.06 25.28 50.12
CA ASN B 290 -31.00 24.33 50.45
C ASN B 290 -31.55 22.88 50.41
N ILE B 291 -32.88 22.77 50.75
CA ILE B 291 -33.59 21.56 50.92
C ILE B 291 -33.64 20.83 49.57
N ILE B 292 -33.85 21.58 48.43
CA ILE B 292 -33.93 21.10 47.08
C ILE B 292 -32.56 20.53 46.72
N ARG B 293 -31.47 21.35 46.97
CA ARG B 293 -30.12 20.89 46.51
C ARG B 293 -29.66 19.62 47.19
N LEU B 294 -29.90 19.61 48.50
CA LEU B 294 -29.47 18.53 49.36
C LEU B 294 -30.18 17.30 48.95
N ARG B 295 -31.51 17.36 48.62
CA ARG B 295 -32.36 16.20 48.35
C ARG B 295 -31.98 15.44 47.12
N ILE B 296 -31.63 16.16 46.00
CA ILE B 296 -31.22 15.52 44.75
C ILE B 296 -29.93 14.75 44.96
N TYR B 297 -29.02 15.42 45.71
CA TYR B 297 -27.72 14.88 46.09
C TYR B 297 -27.70 13.54 46.83
N CYS B 298 -28.71 13.33 47.70
CA CYS B 298 -28.70 12.21 48.62
C CYS B 298 -28.72 10.93 47.86
N ARG B 299 -29.45 10.87 46.70
CA ARG B 299 -29.75 9.65 45.97
C ARG B 299 -28.40 9.03 45.53
N PHE B 300 -27.53 9.93 45.04
CA PHE B 300 -26.13 9.61 44.72
C PHE B 300 -25.12 9.09 45.74
N THR B 301 -25.22 9.78 46.88
CA THR B 301 -24.36 9.65 48.05
C THR B 301 -24.47 8.28 48.67
N GLU B 302 -25.78 7.85 48.67
CA GLU B 302 -26.25 6.59 49.09
C GLU B 302 -25.73 5.53 48.19
N HIS B 303 -25.82 5.77 46.87
CA HIS B 303 -25.51 4.88 45.83
C HIS B 303 -24.01 4.56 45.85
N LEU B 304 -23.16 5.51 46.25
CA LEU B 304 -21.71 5.45 46.35
C LEU B 304 -21.24 4.39 47.29
N GLU B 305 -22.04 3.95 48.31
CA GLU B 305 -21.81 2.80 49.18
C GLU B 305 -21.59 1.48 48.60
N GLU B 306 -22.36 1.26 47.42
CA GLU B 306 -22.24 -0.04 46.69
C GLU B 306 -20.89 -0.16 45.91
N LEU B 307 -20.56 0.97 45.26
CA LEU B 307 -19.53 1.09 44.27
C LEU B 307 -18.22 1.66 44.82
N SER B 308 -17.10 1.69 44.04
CA SER B 308 -15.80 2.20 44.29
C SER B 308 -15.33 2.56 42.92
N GLY B 309 -14.26 3.37 42.85
CA GLY B 309 -13.59 3.53 41.59
C GLY B 309 -14.24 4.41 40.52
N ASP B 310 -14.01 4.15 39.28
CA ASP B 310 -14.42 4.95 38.16
C ASP B 310 -15.93 5.19 37.94
N THR B 311 -16.81 4.29 38.48
CA THR B 311 -18.22 4.43 38.32
C THR B 311 -18.85 5.76 38.93
N PHE B 312 -18.30 6.24 40.05
CA PHE B 312 -18.65 7.46 40.74
C PHE B 312 -18.51 8.68 39.80
N LEU B 313 -17.47 8.65 38.91
CA LEU B 313 -17.21 9.74 37.86
C LEU B 313 -18.42 9.84 36.84
N ILE B 314 -18.94 8.61 36.47
CA ILE B 314 -20.08 8.48 35.50
C ILE B 314 -21.46 8.98 35.97
N GLU B 315 -21.89 8.65 37.21
CA GLU B 315 -23.12 9.11 37.81
C GLU B 315 -23.04 10.65 38.02
N LEU B 316 -21.84 11.06 38.47
CA LEU B 316 -21.57 12.47 38.67
C LEU B 316 -21.69 13.31 37.40
N ASN B 317 -21.21 12.74 36.18
CA ASN B 317 -21.17 13.39 34.88
C ASN B 317 -22.55 13.73 34.38
N ILE B 318 -23.48 12.67 34.55
CA ILE B 318 -24.89 12.78 34.15
C ILE B 318 -25.62 13.81 35.00
N PHE B 319 -25.34 13.78 36.32
CA PHE B 319 -25.89 14.75 37.29
C PHE B 319 -25.50 16.19 36.93
N LYS B 320 -24.25 16.40 36.51
CA LYS B 320 -23.72 17.71 36.13
C LYS B 320 -24.49 18.42 35.00
N SER B 321 -24.98 17.63 34.00
CA SER B 321 -25.76 18.15 32.92
C SER B 321 -27.12 18.54 33.42
N HIS B 322 -27.57 17.94 34.57
CA HIS B 322 -28.91 18.11 35.06
C HIS B 322 -28.98 19.24 36.06
N GLY B 323 -30.24 19.64 36.40
CA GLY B 323 -30.51 20.40 37.59
C GLY B 323 -30.76 21.81 37.13
N ASP B 324 -30.33 22.77 37.93
CA ASP B 324 -30.49 24.20 37.88
C ASP B 324 -29.06 24.64 37.96
N LEU B 325 -28.85 26.00 37.87
CA LEU B 325 -27.56 26.61 37.83
C LEU B 325 -26.77 26.21 39.10
N THR B 326 -27.52 26.26 40.21
CA THR B 326 -27.03 26.00 41.49
C THR B 326 -26.51 24.61 41.67
N ILE B 327 -27.23 23.60 41.11
CA ILE B 327 -27.02 22.16 41.17
C ILE B 327 -25.76 21.77 40.39
N ARG B 328 -25.69 22.28 39.14
CA ARG B 328 -24.66 22.14 38.09
C ARG B 328 -23.30 22.65 38.65
N LYS B 329 -23.43 23.79 39.42
CA LYS B 329 -22.26 24.36 40.06
C LYS B 329 -21.66 23.44 41.08
N ILE B 330 -22.52 22.75 41.89
CA ILE B 330 -22.05 21.85 42.95
C ILE B 330 -21.32 20.66 42.39
N ALA B 331 -21.91 20.11 41.32
CA ALA B 331 -21.37 18.95 40.64
C ALA B 331 -19.97 19.13 40.05
N THR B 332 -19.75 20.37 39.46
CA THR B 332 -18.56 20.85 38.94
C THR B 332 -17.47 20.97 40.05
N ASN B 333 -17.87 21.47 41.26
CA ASN B 333 -16.98 21.45 42.34
C ASN B 333 -16.49 20.05 42.75
N LEU B 334 -17.42 18.99 42.76
CA LEU B 334 -17.22 17.65 43.15
C LEU B 334 -16.23 17.00 42.18
N PHE B 335 -16.48 17.35 40.89
CA PHE B 335 -15.63 16.89 39.79
C PHE B 335 -14.19 17.39 39.94
N ASN B 336 -13.97 18.66 40.29
CA ASN B 336 -12.64 19.23 40.42
C ASN B 336 -11.79 18.56 41.48
N SER B 337 -12.37 18.23 42.68
CA SER B 337 -11.59 17.53 43.67
C SER B 337 -11.13 16.14 43.24
N MET B 338 -12.02 15.32 42.59
CA MET B 338 -11.65 14.02 42.17
C MET B 338 -10.63 14.01 41.09
N ILE B 339 -10.77 14.92 40.09
CA ILE B 339 -9.82 14.91 38.99
C ILE B 339 -8.44 15.19 39.44
N SER B 340 -8.28 16.02 40.55
CA SER B 340 -6.93 16.19 41.23
C SER B 340 -6.34 14.92 41.71
N LEU B 341 -7.15 14.01 42.23
CA LEU B 341 -6.70 12.71 42.71
C LEU B 341 -6.16 11.74 41.61
N TYR B 342 -6.78 11.73 40.36
CA TYR B 342 -6.53 11.04 39.08
C TYR B 342 -5.22 11.54 38.62
N TYR B 343 -4.92 12.85 38.67
CA TYR B 343 -3.63 13.43 38.21
C TYR B 343 -2.48 12.86 39.04
N GLU B 344 -2.76 12.69 40.34
CA GLU B 344 -1.77 12.10 41.23
C GLU B 344 -1.37 10.68 40.91
N TYR B 345 -2.38 9.83 40.59
CA TYR B 345 -2.25 8.37 40.25
C TYR B 345 -1.55 8.28 38.93
N LEU B 346 -1.83 9.20 37.98
CA LEU B 346 -1.19 9.28 36.73
C LEU B 346 0.27 9.58 36.89
N MET B 347 0.63 10.51 37.79
CA MET B 347 2.00 10.93 37.92
C MET B 347 2.87 9.76 38.40
N ASN B 348 2.39 9.03 39.35
CA ASN B 348 2.97 7.79 39.91
C ASN B 348 3.14 6.62 39.00
N TRP B 349 2.14 6.33 38.15
CA TRP B 349 2.14 5.21 37.23
C TRP B 349 3.23 5.47 36.26
N LEU B 350 3.14 6.62 35.64
CA LEU B 350 4.07 7.01 34.63
C LEU B 350 5.49 7.23 35.12
N THR B 351 5.64 7.93 36.31
CA THR B 351 6.93 8.25 36.72
C THR B 351 7.76 7.18 37.52
N LYS B 352 7.11 6.37 38.36
CA LYS B 352 7.82 5.41 39.18
C LYS B 352 7.20 4.07 39.11
N GLY B 353 6.44 3.73 38.12
CA GLY B 353 5.89 2.42 37.92
C GLY B 353 4.73 1.96 38.76
N LEU B 354 4.24 2.82 39.71
CA LEU B 354 3.46 2.53 40.86
C LEU B 354 2.02 2.52 40.39
N LEU B 355 1.55 1.29 40.09
CA LEU B 355 0.19 1.06 39.74
C LEU B 355 -0.80 1.37 40.78
N ARG B 356 -1.96 1.62 40.23
CA ARG B 356 -3.11 1.97 41.14
C ARG B 356 -4.20 1.09 40.70
N ALA B 357 -4.80 0.35 41.65
CA ALA B 357 -5.86 -0.59 41.42
C ALA B 357 -6.57 -0.89 42.70
N THR B 358 -6.28 -0.27 43.87
CA THR B 358 -6.73 -0.62 45.19
C THR B 358 -8.17 -0.28 45.46
N TYR B 359 -8.55 0.94 45.04
CA TYR B 359 -9.94 1.31 45.03
C TYR B 359 -10.42 1.23 43.64
N GLY B 360 -9.43 1.14 42.63
CA GLY B 360 -9.81 0.82 41.27
C GLY B 360 -10.28 2.18 40.68
N GLU B 361 -9.55 3.27 41.08
CA GLU B 361 -9.85 4.56 40.46
C GLU B 361 -9.01 4.81 39.23
N PHE B 362 -8.52 3.74 38.60
CA PHE B 362 -7.50 3.87 37.56
C PHE B 362 -7.76 2.67 36.71
N PHE B 363 -6.98 2.64 35.60
CA PHE B 363 -7.22 1.76 34.51
C PHE B 363 -6.28 0.56 34.58
N ILE B 364 -5.61 0.24 35.73
CA ILE B 364 -4.84 -0.93 36.00
C ILE B 364 -5.55 -1.91 36.86
N ALA B 365 -5.44 -3.19 36.37
CA ALA B 365 -5.99 -4.33 37.06
C ALA B 365 -4.83 -5.35 37.17
N GLU B 366 -4.75 -6.16 38.21
CA GLU B 366 -3.79 -7.20 38.33
C GLU B 366 -4.08 -8.48 37.58
N ASN B 367 -2.97 -9.15 37.17
CA ASN B 367 -3.05 -10.43 36.51
C ASN B 367 -3.81 -10.34 35.13
N TYR B 379 9.80 -14.53 40.30
CA TYR B 379 9.78 -14.64 38.77
C TYR B 379 9.32 -13.32 38.19
N HIS B 380 8.09 -13.32 37.63
CA HIS B 380 7.51 -12.20 37.10
C HIS B 380 6.09 -12.58 37.06
N ILE B 381 5.25 -11.45 37.09
CA ILE B 381 3.82 -11.57 37.01
C ILE B 381 3.29 -10.50 36.13
N PRO B 382 2.28 -10.78 35.30
CA PRO B 382 1.66 -9.82 34.43
C PRO B 382 0.65 -8.91 35.17
N ILE B 383 0.04 -7.92 34.49
CA ILE B 383 -0.78 -6.85 34.91
C ILE B 383 -1.54 -6.58 33.61
N GLU B 384 -2.68 -5.89 33.68
CA GLU B 384 -3.61 -5.72 32.60
C GLU B 384 -4.43 -4.48 32.77
N PHE B 385 -5.17 -4.08 31.71
CA PHE B 385 -5.96 -2.88 31.59
C PHE B 385 -7.35 -3.26 32.17
N ASN B 386 -8.02 -2.35 32.95
CA ASN B 386 -9.27 -2.65 33.62
C ASN B 386 -10.18 -1.87 32.76
N GLN B 387 -10.75 -2.49 31.73
CA GLN B 387 -11.60 -1.84 30.68
C GLN B 387 -12.97 -1.61 31.13
N GLU B 388 -13.42 -2.42 32.13
CA GLU B 388 -14.71 -2.32 32.69
C GLU B 388 -14.88 -1.03 33.50
N ARG B 389 -13.80 -0.52 34.17
CA ARG B 389 -13.86 0.72 34.94
C ARG B 389 -12.72 1.62 34.33
N VAL B 390 -13.09 2.72 33.65
CA VAL B 390 -12.25 3.57 32.98
C VAL B 390 -12.93 4.99 33.13
N PRO B 391 -12.32 6.13 32.92
CA PRO B 391 -12.92 7.42 33.21
C PRO B 391 -14.02 7.72 32.26
N ALA B 392 -14.82 8.77 32.60
CA ALA B 392 -16.06 9.16 31.92
C ALA B 392 -15.84 10.46 31.18
N PHE B 393 -14.56 10.90 31.11
CA PHE B 393 -14.18 12.19 30.65
C PHE B 393 -12.93 12.09 29.89
N ILE B 394 -12.17 11.02 30.14
CA ILE B 394 -11.02 10.77 29.38
C ILE B 394 -11.32 9.47 28.72
N PRO B 395 -11.30 9.39 27.31
CA PRO B 395 -11.64 8.25 26.51
C PRO B 395 -10.96 6.95 26.81
N LYS B 396 -11.57 5.85 26.57
CA LYS B 396 -11.12 4.55 26.82
C LYS B 396 -9.85 4.22 26.03
N GLU B 397 -9.86 4.68 24.79
CA GLU B 397 -8.82 4.58 23.81
C GLU B 397 -7.55 5.30 24.23
N LEU B 398 -7.62 6.52 24.85
CA LEU B 398 -6.53 7.23 25.40
C LEU B 398 -5.91 6.47 26.56
N ALA B 399 -6.80 5.93 27.42
CA ALA B 399 -6.41 5.18 28.60
C ALA B 399 -5.62 3.91 28.22
N TYR B 400 -6.07 3.28 27.16
CA TYR B 400 -5.43 2.08 26.63
C TYR B 400 -3.97 2.31 26.19
N LYS B 401 -3.66 3.49 25.53
CA LYS B 401 -2.26 3.88 25.19
C LYS B 401 -1.36 4.10 26.38
N ILE B 402 -1.92 4.85 27.46
CA ILE B 402 -1.12 5.28 28.65
C ILE B 402 -0.63 4.07 29.39
N PHE B 403 -1.58 3.11 29.44
CA PHE B 403 -1.37 1.86 30.03
C PHE B 403 -0.29 1.11 29.34
N MET B 404 -0.19 1.08 27.95
CA MET B 404 0.87 0.37 27.24
C MET B 404 2.30 0.87 27.45
N ILE B 405 2.41 2.25 27.46
CA ILE B 405 3.72 2.79 27.80
C ILE B 405 4.22 2.52 29.18
N GLY B 406 3.31 2.62 30.16
CA GLY B 406 3.48 2.44 31.57
C GLY B 406 3.86 1.00 31.92
N LYS B 407 3.21 0.01 31.26
CA LYS B 407 3.46 -1.41 31.47
C LYS B 407 4.88 -1.77 31.07
N SER B 408 5.23 -1.12 29.90
CA SER B 408 6.54 -1.33 29.41
C SER B 408 7.56 -0.81 30.32
N TYR B 409 7.38 0.39 30.94
CA TYR B 409 8.40 1.00 31.85
C TYR B 409 8.58 0.17 33.11
N ILE B 410 7.53 -0.29 33.73
CA ILE B 410 7.73 -1.15 34.96
C ILE B 410 8.46 -2.40 34.69
N PHE B 411 8.15 -3.04 33.56
CA PHE B 411 8.80 -4.21 33.05
C PHE B 411 10.28 -3.99 32.66
N LEU B 412 10.67 -2.80 32.11
CA LEU B 412 12.03 -2.46 31.79
C LEU B 412 12.94 -2.47 33.04
N GLU B 413 12.37 -1.98 34.15
CA GLU B 413 13.17 -1.94 35.37
C GLU B 413 13.50 -3.38 35.86
N LYS B 414 12.52 -4.32 35.70
CA LYS B 414 12.71 -5.73 35.99
C LYS B 414 13.70 -6.39 35.10
N TYR B 415 13.64 -5.98 33.81
CA TYR B 415 14.40 -6.53 32.73
C TYR B 415 15.91 -6.36 32.95
N CYS B 416 16.32 -5.09 33.40
CA CYS B 416 17.67 -4.62 33.73
C CYS B 416 17.53 -3.12 33.46
N LYS B 417 18.38 -2.36 34.11
CA LYS B 417 18.53 -1.00 33.87
C LYS B 417 17.68 -0.10 34.67
N GLU B 418 18.27 0.96 35.19
CA GLU B 418 17.59 1.90 35.93
C GLU B 418 16.90 2.92 35.02
N VAL B 419 15.98 3.75 35.63
CA VAL B 419 15.19 4.85 35.09
C VAL B 419 15.72 5.58 33.84
N GLN B 420 14.80 5.94 32.92
CA GLN B 420 15.12 6.54 31.65
C GLN B 420 15.67 7.96 31.78
N TRP B 421 15.30 8.63 32.90
CA TRP B 421 15.64 10.02 33.30
C TRP B 421 14.75 11.01 32.66
N THR B 422 14.83 11.20 31.38
CA THR B 422 14.12 12.30 30.70
C THR B 422 12.57 12.13 30.71
N ASN B 423 11.99 10.88 30.80
CA ASN B 423 10.54 10.68 31.07
C ASN B 423 10.05 11.27 32.37
N GLU B 424 10.78 11.15 33.44
CA GLU B 424 10.38 11.61 34.73
C GLU B 424 10.22 13.12 34.67
N PHE B 425 11.20 13.75 33.97
CA PHE B 425 11.35 15.21 33.85
C PHE B 425 10.25 15.66 33.02
N SER B 426 9.85 14.89 31.95
CA SER B 426 8.72 15.25 31.06
C SER B 426 7.38 15.30 31.79
N LYS B 427 7.22 14.34 32.69
CA LYS B 427 6.14 14.02 33.54
C LYS B 427 5.83 15.08 34.58
N LYS B 428 6.89 15.71 35.10
CA LYS B 428 6.61 16.82 36.02
C LYS B 428 5.90 18.04 35.46
N TYR B 429 6.33 18.39 34.25
CA TYR B 429 5.82 19.44 33.46
C TYR B 429 4.37 19.06 33.14
N HIS B 430 4.14 17.74 32.75
CA HIS B 430 2.79 17.29 32.36
C HIS B 430 1.70 17.37 33.45
N VAL B 431 2.10 17.03 34.74
CA VAL B 431 1.24 17.12 35.89
C VAL B 431 0.91 18.52 36.16
N LEU B 432 1.87 19.42 36.04
CA LEU B 432 1.70 20.81 36.21
C LEU B 432 0.75 21.40 35.19
N TYR B 433 0.86 20.96 33.89
CA TYR B 433 -0.05 21.35 32.81
C TYR B 433 -1.52 20.95 33.04
N GLN B 434 -1.87 19.72 33.53
CA GLN B 434 -3.26 19.30 33.84
C GLN B 434 -3.82 20.14 34.96
N SER B 435 -3.00 20.48 35.97
CA SER B 435 -3.44 21.20 37.13
C SER B 435 -3.99 22.57 36.78
N ASN B 436 -3.44 23.22 35.70
CA ASN B 436 -3.87 24.50 35.20
C ASN B 436 -5.22 24.38 34.56
N SER B 437 -5.62 23.25 33.90
CA SER B 437 -6.96 23.05 33.29
C SER B 437 -8.01 23.05 34.42
N TYR B 438 -7.90 22.19 35.46
CA TYR B 438 -8.77 21.92 36.65
C TYR B 438 -9.98 21.27 36.22
N ARG B 439 -9.90 20.51 35.13
CA ARG B 439 -11.05 19.88 34.55
C ARG B 439 -10.44 18.89 33.58
N GLY B 440 -11.19 17.76 33.23
CA GLY B 440 -10.56 16.76 32.37
C GLY B 440 -10.91 17.01 30.93
N ILE B 441 -10.13 17.93 30.32
CA ILE B 441 -10.29 18.36 28.91
C ILE B 441 -9.49 17.44 27.99
N SER B 442 -10.15 16.96 26.90
CA SER B 442 -9.60 15.91 26.10
C SER B 442 -8.30 16.34 25.42
N THR B 443 -8.24 17.59 24.96
CA THR B 443 -7.15 18.16 24.18
C THR B 443 -5.80 18.17 24.86
N ASN B 444 -5.82 18.65 26.17
CA ASN B 444 -4.60 18.74 26.96
C ASN B 444 -4.18 17.43 27.30
N PHE B 445 -5.16 16.49 27.53
CA PHE B 445 -4.80 15.10 27.78
C PHE B 445 -4.15 14.44 26.69
N PHE B 446 -4.62 14.60 25.46
CA PHE B 446 -4.11 14.01 24.26
C PHE B 446 -2.70 14.56 24.00
N GLU B 447 -2.42 15.85 24.16
CA GLU B 447 -1.00 16.34 24.05
C GLU B 447 0.00 15.75 24.98
N ILE B 448 -0.36 15.62 26.28
CA ILE B 448 0.57 14.99 27.30
C ILE B 448 0.85 13.55 27.08
N ILE B 449 -0.16 12.73 26.70
CA ILE B 449 -0.06 11.34 26.36
C ILE B 449 0.77 11.14 25.15
N ASN B 450 0.53 11.94 24.05
CA ASN B 450 1.33 11.82 22.80
C ASN B 450 2.79 12.13 23.01
N ASP B 451 3.16 13.15 23.86
CA ASP B 451 4.54 13.52 23.98
C ASP B 451 5.33 12.40 24.60
N GLN B 452 4.65 11.93 25.72
CA GLN B 452 5.19 10.83 26.54
C GLN B 452 5.20 9.55 25.78
N TYR B 453 4.18 9.23 24.92
CA TYR B 453 4.10 8.06 24.17
C TYR B 453 5.17 7.94 23.22
N SER B 454 5.44 9.00 22.48
CA SER B 454 6.61 8.90 21.54
C SER B 454 7.91 8.68 22.22
N GLU B 455 8.21 9.32 23.39
CA GLU B 455 9.44 9.25 24.13
C GLU B 455 9.65 7.84 24.65
N ILE B 456 8.56 7.21 25.23
CA ILE B 456 8.77 5.83 25.77
C ILE B 456 9.06 4.86 24.67
N VAL B 457 8.38 4.97 23.48
CA VAL B 457 8.47 4.00 22.37
C VAL B 457 9.87 4.09 21.78
N ASN B 458 10.38 5.35 21.61
CA ASN B 458 11.69 5.64 21.19
C ASN B 458 12.68 5.14 22.18
N HIS B 459 12.52 5.31 23.50
CA HIS B 459 13.54 4.82 24.50
C HIS B 459 13.62 3.31 24.51
N THR B 460 12.52 2.60 24.31
CA THR B 460 12.49 1.15 24.35
C THR B 460 13.24 0.52 23.17
N ASN B 461 13.15 1.13 21.94
CA ASN B 461 13.97 0.65 20.87
C ASN B 461 15.43 0.83 21.11
N GLN B 462 15.85 2.02 21.69
CA GLN B 462 17.26 2.33 21.87
C GLN B 462 17.99 1.34 22.74
N ILE B 463 17.31 0.98 23.86
CA ILE B 463 17.81 -0.02 24.82
C ILE B 463 17.99 -1.41 24.20
N LEU B 464 17.02 -1.94 23.35
CA LEU B 464 17.08 -3.26 22.76
C LEU B 464 18.16 -3.40 21.70
N ASN B 465 18.11 -2.48 20.67
CA ASN B 465 19.03 -2.51 19.55
C ASN B 465 20.39 -2.11 19.82
N GLN B 466 20.57 -0.90 20.54
CA GLN B 466 21.93 -0.29 20.63
C GLN B 466 22.78 -1.01 21.62
N LYS B 467 22.22 -1.18 22.84
CA LYS B 467 22.96 -1.77 24.00
C LYS B 467 23.10 -3.23 23.96
N PHE B 468 21.96 -3.90 23.61
CA PHE B 468 21.82 -5.35 23.87
C PHE B 468 21.46 -6.03 22.58
N HIS B 469 21.88 -5.45 21.41
CA HIS B 469 21.76 -5.99 20.08
C HIS B 469 20.77 -7.10 19.86
N TYR B 470 19.45 -6.79 19.98
CA TYR B 470 18.37 -7.69 19.75
C TYR B 470 18.31 -8.19 18.35
N ARG B 471 18.49 -7.33 17.36
CA ARG B 471 18.36 -7.55 15.93
C ARG B 471 19.29 -8.65 15.40
N ASP B 472 20.51 -8.73 15.85
CA ASP B 472 21.43 -9.80 15.51
C ASP B 472 20.93 -11.10 16.03
N VAL B 473 20.37 -11.19 17.29
CA VAL B 473 19.88 -12.41 17.85
C VAL B 473 18.75 -12.97 17.15
N VAL B 474 17.75 -12.11 16.71
CA VAL B 474 16.64 -12.59 15.98
C VAL B 474 17.07 -13.29 14.67
N PHE B 475 18.07 -12.77 13.88
CA PHE B 475 18.57 -13.44 12.67
C PHE B 475 19.18 -14.81 13.02
N ALA B 476 20.02 -14.88 14.10
CA ALA B 476 20.64 -16.01 14.58
C ALA B 476 19.70 -17.07 15.04
N LEU B 477 18.54 -16.73 15.71
CA LEU B 477 17.54 -17.68 16.18
C LEU B 477 16.89 -18.40 15.02
N LYS B 478 16.54 -17.73 13.88
CA LYS B 478 16.02 -18.50 12.75
C LYS B 478 17.03 -19.50 12.19
N ASN B 479 18.29 -19.12 12.06
CA ASN B 479 19.45 -19.83 11.52
C ASN B 479 19.75 -21.08 12.46
N ILE B 480 19.84 -20.90 13.81
CA ILE B 480 20.17 -21.97 14.78
C ILE B 480 18.97 -22.93 15.05
N LEU B 481 17.89 -22.39 15.57
CA LEU B 481 16.87 -23.29 16.04
C LEU B 481 16.12 -24.09 14.99
N LEU B 482 15.70 -23.41 13.91
CA LEU B 482 14.98 -23.97 12.78
C LEU B 482 15.92 -24.37 11.67
N MET B 483 17.28 -24.42 11.91
CA MET B 483 18.38 -24.81 11.00
C MET B 483 18.27 -24.12 9.63
N GLY B 484 18.21 -22.70 9.60
CA GLY B 484 18.06 -22.01 8.36
C GLY B 484 19.34 -21.92 7.67
N LYS B 485 20.45 -22.39 8.29
CA LYS B 485 21.77 -22.40 7.76
C LYS B 485 22.12 -23.88 7.66
N SER B 486 22.34 -24.39 6.40
CA SER B 486 22.60 -25.81 6.25
C SER B 486 23.86 -26.35 6.76
N ASP B 487 24.92 -25.50 6.67
CA ASP B 487 26.24 -25.88 7.14
C ASP B 487 26.23 -26.13 8.63
N PHE B 488 25.50 -25.28 9.41
CA PHE B 488 25.39 -25.58 10.81
C PHE B 488 24.71 -26.94 11.10
N MET B 489 23.62 -27.31 10.42
CA MET B 489 22.91 -28.54 10.60
C MET B 489 23.92 -29.64 10.18
N ASP B 490 24.72 -29.43 9.12
CA ASP B 490 25.63 -30.38 8.60
C ASP B 490 26.68 -30.74 9.76
N ALA B 491 27.21 -29.70 10.43
CA ALA B 491 28.16 -29.74 11.56
C ALA B 491 27.70 -30.34 12.87
N LEU B 492 26.44 -29.96 13.20
CA LEU B 492 25.74 -30.54 14.29
C LEU B 492 25.47 -32.03 14.07
N ILE B 493 24.96 -32.56 12.90
CA ILE B 493 24.60 -33.92 12.53
C ILE B 493 25.82 -34.79 12.53
N GLU B 494 26.95 -34.35 12.01
CA GLU B 494 28.18 -35.20 11.95
C GLU B 494 28.70 -35.49 13.35
N LYS B 495 28.73 -34.51 14.21
CA LYS B 495 29.08 -34.71 15.60
C LYS B 495 28.07 -35.48 16.36
N ALA B 496 26.73 -35.22 16.14
CA ALA B 496 25.71 -35.77 16.96
C ALA B 496 25.59 -37.23 16.81
N ASN B 497 25.90 -37.85 15.63
CA ASN B 497 25.67 -39.26 15.34
C ASN B 497 26.18 -40.12 16.44
N ASP B 498 27.42 -39.81 16.95
CA ASP B 498 28.28 -40.60 17.85
C ASP B 498 27.62 -40.80 19.20
N ILE B 499 27.07 -39.64 19.66
CA ILE B 499 26.46 -39.58 20.89
C ILE B 499 25.10 -40.36 20.94
N LEU B 500 24.34 -40.28 19.85
CA LEU B 500 23.06 -41.01 19.59
C LEU B 500 23.26 -42.47 19.27
N ALA B 501 24.36 -42.83 18.66
CA ALA B 501 24.60 -44.21 18.14
C ALA B 501 24.54 -45.27 19.17
N THR B 502 25.07 -44.85 20.31
CA THR B 502 25.11 -45.59 21.57
C THR B 502 23.84 -45.22 22.19
N PRO B 503 23.05 -46.12 22.88
CA PRO B 503 21.86 -45.89 23.70
C PRO B 503 22.05 -44.61 24.62
N SER B 504 21.07 -43.64 24.67
CA SER B 504 20.96 -42.35 25.39
C SER B 504 20.65 -42.77 26.84
N ASP B 505 21.34 -42.18 27.82
CA ASP B 505 21.13 -42.25 29.24
C ASP B 505 21.30 -40.85 29.66
N SER B 506 21.80 -40.50 30.90
CA SER B 506 21.84 -39.13 31.37
C SER B 506 23.09 -38.41 30.89
N LEU B 507 24.22 -39.10 30.59
CA LEU B 507 25.42 -38.40 30.02
C LEU B 507 25.34 -37.91 28.61
N PRO B 508 24.68 -38.62 27.67
CA PRO B 508 24.45 -38.17 26.33
C PRO B 508 23.73 -36.85 26.16
N ASN B 509 22.70 -36.65 27.06
CA ASN B 509 21.98 -35.41 27.06
C ASN B 509 22.80 -34.16 27.42
N TYR B 510 23.70 -34.28 28.42
CA TYR B 510 24.61 -33.20 28.89
C TYR B 510 25.59 -32.91 27.67
N LYS B 511 26.11 -33.99 27.10
CA LYS B 511 27.17 -34.00 26.06
C LYS B 511 26.64 -33.33 24.87
N LEU B 512 25.31 -33.64 24.55
CA LEU B 512 24.62 -33.09 23.37
C LEU B 512 24.46 -31.58 23.51
N THR B 513 24.24 -31.07 24.77
CA THR B 513 24.14 -29.67 24.92
C THR B 513 25.36 -28.96 24.61
N ARG B 514 26.55 -29.55 25.04
CA ARG B 514 27.84 -29.02 24.70
C ARG B 514 28.17 -29.04 23.25
N VAL B 515 27.95 -30.13 22.45
CA VAL B 515 28.21 -30.07 21.06
C VAL B 515 27.39 -29.12 20.28
N LEU B 516 26.09 -28.94 20.69
CA LEU B 516 25.11 -28.11 20.10
C LEU B 516 25.48 -26.69 20.16
N GLN B 517 25.97 -26.23 21.39
CA GLN B 517 26.50 -24.87 21.62
C GLN B 517 27.78 -24.67 20.94
N GLU B 518 28.67 -25.65 20.95
CA GLU B 518 29.98 -25.55 20.33
C GLU B 518 29.88 -25.41 18.84
N ALA B 519 28.90 -26.12 18.22
CA ALA B 519 28.50 -26.16 16.81
C ALA B 519 28.03 -24.78 16.35
N VAL B 520 27.25 -24.07 17.23
CA VAL B 520 26.90 -22.68 16.91
C VAL B 520 28.07 -21.78 16.82
N GLN B 521 29.07 -21.91 17.79
CA GLN B 521 30.30 -21.09 17.80
C GLN B 521 31.22 -21.38 16.58
N LEU B 522 31.37 -22.65 16.25
CA LEU B 522 32.14 -23.18 15.18
C LEU B 522 31.61 -22.63 13.87
N SER B 523 30.24 -22.51 13.67
CA SER B 523 29.75 -22.05 12.28
C SER B 523 29.94 -20.55 11.96
N SER B 524 30.32 -19.79 13.02
CA SER B 524 30.35 -18.38 12.92
C SER B 524 29.07 -17.67 12.69
N LEU B 525 28.68 -16.84 13.74
CA LEU B 525 27.56 -15.92 13.70
C LEU B 525 28.06 -14.70 14.28
N ARG B 526 29.13 -14.17 13.62
CA ARG B 526 29.92 -13.09 14.10
C ARG B 526 29.20 -11.88 13.83
N HIS B 527 29.20 -11.02 14.87
CA HIS B 527 28.53 -9.75 14.88
C HIS B 527 29.32 -8.87 15.86
N LEU B 528 28.86 -7.58 16.07
CA LEU B 528 29.49 -6.54 16.88
C LEU B 528 28.52 -6.31 18.05
N MET B 529 29.10 -6.47 19.28
CA MET B 529 28.29 -6.33 20.42
C MET B 529 29.12 -6.04 21.58
N ASN B 530 29.70 -7.09 22.20
CA ASN B 530 30.44 -7.06 23.38
C ASN B 530 31.36 -8.24 23.28
N SER B 531 30.96 -9.15 22.34
CA SER B 531 31.71 -10.31 21.93
C SER B 531 31.07 -10.74 20.56
N PRO B 532 31.75 -11.45 19.61
CA PRO B 532 31.20 -11.91 18.35
C PRO B 532 30.12 -12.93 18.59
N ARG B 533 30.09 -13.57 19.79
CA ARG B 533 29.15 -14.57 20.23
C ARG B 533 28.74 -14.12 21.57
N ASN B 534 27.52 -13.40 21.55
CA ASN B 534 27.08 -12.80 22.78
C ASN B 534 25.64 -12.73 22.41
N SER B 535 25.02 -13.89 22.48
CA SER B 535 23.64 -14.06 22.04
C SER B 535 23.12 -15.09 22.97
N SER B 536 21.79 -15.33 22.82
CA SER B 536 21.00 -16.09 23.77
C SER B 536 20.76 -17.51 23.24
N VAL B 537 21.77 -18.04 22.43
CA VAL B 537 21.61 -19.42 21.84
C VAL B 537 22.80 -20.29 22.16
N ILE B 538 23.84 -19.62 22.73
CA ILE B 538 25.08 -20.16 23.08
C ILE B 538 25.05 -20.37 24.58
N ASN B 539 24.00 -20.01 25.30
CA ASN B 539 23.78 -20.23 26.71
C ASN B 539 22.29 -20.54 26.89
N GLY B 540 21.57 -20.18 25.82
CA GLY B 540 20.13 -20.48 25.76
C GLY B 540 19.74 -21.84 25.38
N LEU B 541 20.62 -22.77 24.83
CA LEU B 541 20.15 -24.01 24.29
C LEU B 541 20.31 -25.10 25.29
N ASP B 542 19.26 -25.99 25.36
CA ASP B 542 19.21 -27.07 26.36
C ASP B 542 18.68 -28.18 25.57
N ALA B 543 19.29 -29.38 25.81
CA ALA B 543 18.98 -30.53 25.09
C ALA B 543 17.90 -31.18 25.85
N ARG B 544 16.90 -31.71 25.11
CA ARG B 544 15.64 -32.32 25.58
C ARG B 544 15.63 -33.74 25.09
N VAL B 545 14.90 -34.60 25.82
CA VAL B 545 14.58 -36.00 25.39
C VAL B 545 13.02 -35.94 25.39
N LEU B 546 12.36 -36.33 24.31
CA LEU B 546 10.93 -36.34 24.28
C LEU B 546 10.28 -37.19 23.18
N ASP B 547 10.94 -37.41 22.07
CA ASP B 547 10.32 -38.11 20.96
C ASP B 547 10.96 -39.46 20.65
N LEU B 548 10.08 -40.39 20.17
CA LEU B 548 10.27 -41.82 19.82
C LEU B 548 11.39 -42.50 20.46
N GLY B 549 11.10 -43.33 21.47
CA GLY B 549 11.92 -44.16 22.23
C GLY B 549 12.62 -43.31 23.25
N HIS B 550 13.53 -43.89 24.12
CA HIS B 550 14.16 -43.11 25.19
C HIS B 550 15.42 -43.85 25.59
N GLY B 551 15.67 -45.06 25.10
CA GLY B 551 16.83 -45.87 25.25
C GLY B 551 16.74 -47.18 24.52
N SER B 552 15.50 -47.48 24.00
CA SER B 552 15.14 -48.75 23.32
C SER B 552 15.60 -48.63 21.84
N VAL B 553 15.68 -47.40 21.38
CA VAL B 553 16.49 -46.94 20.26
C VAL B 553 16.97 -45.55 20.74
N GLY B 554 18.22 -45.12 20.32
CA GLY B 554 18.88 -43.86 20.66
C GLY B 554 18.89 -42.80 19.59
N TRP B 555 18.67 -43.19 18.34
CA TRP B 555 18.75 -42.45 17.12
C TRP B 555 17.73 -41.28 17.08
N ASP B 556 16.54 -41.47 17.76
CA ASP B 556 15.44 -40.53 17.63
C ASP B 556 15.24 -39.80 18.90
N VAL B 557 16.08 -40.07 19.94
CA VAL B 557 15.75 -39.58 21.25
C VAL B 557 15.91 -38.08 21.46
N PHE B 558 16.86 -37.51 20.75
CA PHE B 558 17.32 -36.12 20.88
C PHE B 558 16.24 -35.22 20.29
N THR B 559 15.98 -34.07 21.05
CA THR B 559 14.99 -33.03 20.74
C THR B 559 15.52 -31.76 21.31
N LEU B 560 14.88 -30.60 21.05
CA LEU B 560 15.40 -29.31 21.43
C LEU B 560 14.53 -28.47 22.26
N ASP B 561 15.13 -27.83 23.27
CA ASP B 561 14.39 -26.98 24.18
C ASP B 561 15.15 -25.67 24.11
N TYR B 562 14.43 -24.57 23.92
CA TYR B 562 14.99 -23.25 23.82
C TYR B 562 14.43 -22.57 24.98
N ILE B 563 15.28 -21.96 25.79
CA ILE B 563 14.89 -21.13 26.96
C ILE B 563 14.87 -19.66 26.54
N LEU B 564 13.73 -18.96 26.84
CA LEU B 564 13.43 -17.65 26.37
C LEU B 564 14.40 -16.62 26.96
N TYR B 565 14.69 -15.54 26.30
CA TYR B 565 15.54 -14.46 26.72
C TYR B 565 14.73 -13.19 26.98
N PRO B 566 15.14 -12.25 27.80
CA PRO B 566 14.35 -11.11 28.03
C PRO B 566 14.55 -10.04 26.96
N PRO B 567 13.67 -9.05 26.86
CA PRO B 567 12.47 -8.83 27.69
C PRO B 567 11.28 -9.60 27.23
N LEU B 568 11.40 -10.53 26.21
CA LEU B 568 10.19 -11.27 25.91
C LEU B 568 9.62 -12.12 27.08
N SER B 569 10.47 -12.66 28.02
CA SER B 569 10.09 -13.47 29.12
C SER B 569 9.11 -12.84 30.09
N LEU B 570 9.15 -11.46 30.18
CA LEU B 570 8.29 -10.71 31.01
C LEU B 570 6.86 -10.83 30.69
N VAL B 571 6.59 -10.85 29.34
CA VAL B 571 5.23 -11.03 28.78
C VAL B 571 4.81 -12.46 28.70
N LEU B 572 5.83 -13.40 28.79
CA LEU B 572 5.65 -14.82 28.60
C LEU B 572 6.20 -15.57 29.74
N ASN B 573 5.48 -15.57 30.85
CA ASN B 573 5.89 -16.00 32.15
C ASN B 573 6.23 -17.47 32.33
N VAL B 574 7.03 -17.77 33.36
CA VAL B 574 7.37 -19.13 33.72
C VAL B 574 6.54 -19.47 34.95
N ASN B 575 5.54 -18.56 35.34
CA ASN B 575 4.61 -18.70 36.40
C ASN B 575 3.22 -19.31 35.92
N ARG B 576 3.10 -19.49 34.61
CA ARG B 576 2.07 -20.14 33.91
C ARG B 576 2.97 -20.92 32.93
N PRO B 577 2.94 -22.22 33.16
CA PRO B 577 3.70 -23.14 32.33
C PRO B 577 2.81 -23.79 31.20
N PHE B 578 1.52 -23.51 31.03
CA PHE B 578 0.66 -24.15 30.03
C PHE B 578 0.98 -23.76 28.63
N GLY B 579 1.09 -22.46 28.31
CA GLY B 579 1.38 -22.03 26.98
C GLY B 579 2.81 -22.50 26.47
N ARG B 580 3.85 -22.34 27.36
CA ARG B 580 5.16 -22.67 27.06
C ARG B 580 5.48 -24.18 26.86
N LYS B 581 4.87 -25.00 27.68
CA LYS B 581 4.99 -26.44 27.62
C LYS B 581 4.40 -26.94 26.27
N GLU B 582 3.28 -26.34 25.76
CA GLU B 582 2.65 -26.70 24.52
C GLU B 582 3.48 -26.45 23.35
N TYR B 583 4.05 -25.20 23.29
CA TYR B 583 4.94 -24.75 22.20
C TYR B 583 6.22 -25.55 22.07
N LEU B 584 6.84 -25.98 23.19
CA LEU B 584 8.11 -26.72 23.36
C LEU B 584 7.93 -28.02 22.60
N ARG B 585 6.73 -28.65 22.71
CA ARG B 585 6.44 -29.91 22.09
C ARG B 585 6.45 -29.75 20.62
N ILE B 586 5.90 -28.55 20.07
CA ILE B 586 5.82 -28.32 18.59
C ILE B 586 7.20 -28.26 18.03
N PHE B 587 8.15 -27.61 18.74
CA PHE B 587 9.50 -27.49 18.28
C PHE B 587 10.14 -28.86 18.01
N ASN B 588 9.87 -29.76 19.01
CA ASN B 588 10.53 -31.10 19.03
C ASN B 588 10.10 -31.93 17.84
N PHE B 589 8.75 -31.98 17.47
CA PHE B 589 8.16 -32.70 16.32
C PHE B 589 8.66 -32.17 15.01
N LEU B 590 8.71 -30.81 14.86
CA LEU B 590 9.17 -30.19 13.63
C LEU B 590 10.62 -30.47 13.40
N TRP B 591 11.51 -30.36 14.43
CA TRP B 591 12.88 -30.64 14.38
C TRP B 591 13.20 -32.08 14.05
N ARG B 592 12.37 -32.99 14.62
CA ARG B 592 12.52 -34.47 14.54
C ARG B 592 12.49 -34.94 13.16
N PHE B 593 11.49 -34.43 12.35
CA PHE B 593 11.45 -34.87 10.94
C PHE B 593 12.70 -34.31 10.21
N LYS B 594 13.17 -33.05 10.52
CA LYS B 594 14.41 -32.50 9.95
C LYS B 594 15.72 -33.22 10.23
N LYS B 595 15.88 -33.69 11.49
CA LYS B 595 17.01 -34.39 11.97
C LYS B 595 17.18 -35.71 11.27
N ASN B 596 16.01 -36.42 11.11
CA ASN B 596 16.07 -37.70 10.45
C ASN B 596 16.47 -37.61 9.02
N ASN B 597 15.95 -36.54 8.35
CA ASN B 597 16.09 -36.32 6.90
C ASN B 597 17.53 -36.07 6.52
N TYR B 598 18.19 -35.32 7.47
CA TYR B 598 19.57 -35.01 7.30
C TYR B 598 20.49 -36.21 7.37
N PHE B 599 20.27 -37.19 8.30
CA PHE B 599 20.99 -38.37 8.50
C PHE B 599 20.84 -39.28 7.33
N TYR B 600 19.63 -39.31 6.77
CA TYR B 600 19.43 -40.15 5.65
C TYR B 600 20.31 -39.71 4.43
N GLN B 601 20.34 -38.36 4.19
CA GLN B 601 21.03 -37.65 3.14
C GLN B 601 22.48 -37.83 3.17
N LYS B 602 23.01 -37.80 4.42
CA LYS B 602 24.47 -37.96 4.79
C LYS B 602 25.04 -39.33 4.48
N GLU B 603 24.26 -40.42 4.70
CA GLU B 603 24.68 -41.81 4.35
C GLU B 603 24.95 -42.01 2.97
N MET B 604 24.01 -41.55 2.12
CA MET B 604 24.10 -41.61 0.73
C MET B 604 25.18 -40.77 0.15
N LEU B 605 25.32 -39.55 0.64
CA LEU B 605 26.22 -38.52 0.11
C LEU B 605 27.66 -38.91 0.16
N LYS B 606 28.08 -39.59 1.29
CA LYS B 606 29.31 -40.25 1.55
C LYS B 606 29.63 -41.36 0.55
N SER B 607 28.57 -42.14 0.22
CA SER B 607 28.58 -43.31 -0.61
C SER B 607 28.84 -42.88 -2.03
N ASN B 608 28.51 -41.59 -2.31
CA ASN B 608 28.67 -40.99 -3.65
C ASN B 608 30.11 -40.89 -4.08
N ASP B 609 31.02 -40.69 -3.12
CA ASP B 609 32.43 -40.47 -3.29
C ASP B 609 33.07 -41.56 -4.00
N ILE B 610 34.23 -41.31 -4.69
CA ILE B 610 34.86 -42.28 -5.57
C ILE B 610 35.16 -43.67 -4.97
N ILE B 611 35.76 -43.59 -3.78
CA ILE B 611 36.29 -44.67 -2.95
C ILE B 611 35.36 -44.93 -1.78
N ARG B 612 35.14 -46.27 -1.43
CA ARG B 612 34.20 -46.75 -0.49
C ARG B 612 35.03 -46.91 0.80
N ILE B 628 31.12 -52.46 -12.05
CA ILE B 628 31.46 -51.26 -12.78
C ILE B 628 30.10 -50.57 -13.01
N ASN B 629 29.22 -51.11 -13.94
CA ASN B 629 27.90 -50.56 -14.37
C ASN B 629 26.93 -50.54 -13.17
N LYS B 630 26.90 -51.66 -12.33
CA LYS B 630 26.10 -51.70 -11.17
C LYS B 630 26.46 -50.56 -10.09
N LEU B 631 27.77 -50.14 -9.85
CA LEU B 631 28.13 -49.05 -8.99
C LEU B 631 27.50 -47.74 -9.55
N SER B 632 27.51 -47.49 -10.84
CA SER B 632 27.05 -46.25 -11.39
C SER B 632 25.61 -46.14 -11.16
N ARG B 633 24.78 -47.25 -11.31
CA ARG B 633 23.37 -47.29 -11.17
C ARG B 633 22.84 -46.96 -9.76
N ILE B 634 23.48 -47.55 -8.74
CA ILE B 634 23.20 -47.41 -7.30
C ILE B 634 23.40 -45.91 -6.91
N SER B 635 24.42 -45.37 -7.52
CA SER B 635 24.72 -43.95 -7.51
C SER B 635 23.66 -43.06 -8.09
N ILE B 636 23.02 -43.32 -9.25
CA ILE B 636 22.02 -42.45 -9.89
C ILE B 636 20.78 -42.40 -9.10
N LEU B 637 20.32 -43.58 -8.66
CA LEU B 637 19.10 -43.74 -7.93
C LEU B 637 19.16 -42.93 -6.59
N ARG B 638 20.30 -43.06 -5.82
CA ARG B 638 20.54 -42.44 -4.56
C ARG B 638 20.52 -40.93 -4.66
N THR B 639 21.20 -40.34 -5.71
CA THR B 639 21.27 -38.88 -6.01
C THR B 639 19.97 -38.31 -6.38
N GLN B 640 19.13 -39.05 -7.13
CA GLN B 640 17.80 -38.54 -7.45
C GLN B 640 17.00 -38.37 -6.19
N PHE B 641 16.99 -39.36 -5.20
CA PHE B 641 16.24 -39.21 -3.95
C PHE B 641 16.63 -38.07 -3.02
N GLN B 642 17.97 -37.80 -2.96
CA GLN B 642 18.52 -36.62 -2.23
C GLN B 642 18.06 -35.30 -2.86
N GLN B 643 18.02 -35.26 -4.21
CA GLN B 643 17.55 -34.04 -4.80
C GLN B 643 16.09 -33.81 -4.47
N PHE B 644 15.24 -34.81 -4.54
CA PHE B 644 13.81 -34.60 -4.37
C PHE B 644 13.51 -34.11 -2.95
N ASN B 645 14.17 -34.77 -1.96
CA ASN B 645 14.09 -34.51 -0.51
C ASN B 645 14.59 -33.17 -0.13
N SER B 646 15.74 -32.74 -0.71
CA SER B 646 16.33 -31.39 -0.56
C SER B 646 15.41 -30.34 -1.03
N LYS B 647 14.69 -30.63 -2.16
CA LYS B 647 13.83 -29.62 -2.76
C LYS B 647 12.70 -29.30 -1.83
N MET B 648 12.09 -30.32 -1.19
CA MET B 648 10.97 -30.27 -0.29
C MET B 648 11.40 -29.49 0.98
N GLU B 649 12.65 -29.71 1.53
CA GLU B 649 13.18 -29.07 2.70
C GLU B 649 13.36 -27.58 2.49
N SER B 650 13.85 -27.26 1.27
CA SER B 650 14.09 -25.89 0.91
C SER B 650 12.81 -25.15 0.85
N TYR B 651 11.78 -25.75 0.14
CA TYR B 651 10.60 -24.96 -0.07
C TYR B 651 9.90 -24.76 1.30
N TYR B 652 9.84 -25.80 2.18
CA TYR B 652 9.23 -25.65 3.50
C TYR B 652 9.80 -24.61 4.38
N LEU B 653 11.08 -24.53 4.48
CA LEU B 653 11.87 -23.60 5.27
C LEU B 653 11.73 -22.18 4.76
N ASN B 654 11.94 -22.03 3.45
CA ASN B 654 11.84 -20.68 2.88
C ASN B 654 10.40 -20.11 2.70
N CYS B 655 9.38 -20.81 2.12
CA CYS B 655 8.09 -20.25 1.76
C CYS B 655 7.27 -19.94 2.97
N ILE B 656 7.26 -20.87 4.05
CA ILE B 656 6.54 -20.52 5.22
C ILE B 656 7.34 -19.80 6.26
N ILE B 657 8.37 -20.48 6.78
CA ILE B 657 8.99 -20.06 7.98
C ILE B 657 9.79 -18.84 7.78
N GLU B 658 10.68 -18.88 6.82
CA GLU B 658 11.62 -17.85 6.52
C GLU B 658 10.81 -16.61 6.06
N GLU B 659 9.74 -16.74 5.20
CA GLU B 659 9.01 -15.59 4.93
C GLU B 659 8.32 -15.00 6.12
N ASN B 660 7.60 -15.80 7.02
CA ASN B 660 6.87 -15.12 8.10
C ASN B 660 7.68 -14.49 9.09
N PHE B 661 8.85 -15.11 9.39
CA PHE B 661 9.81 -14.64 10.39
C PHE B 661 10.34 -13.28 9.94
N LYS B 662 10.61 -13.09 8.61
CA LYS B 662 11.16 -11.89 8.03
C LYS B 662 10.23 -10.67 8.27
N GLU B 663 8.89 -10.85 8.06
CA GLU B 663 7.98 -9.78 8.21
C GLU B 663 7.94 -9.23 9.64
N MET B 664 8.04 -10.22 10.63
CA MET B 664 8.06 -9.96 12.07
C MET B 664 9.22 -9.12 12.59
N THR B 665 10.39 -9.48 12.04
CA THR B 665 11.74 -8.84 12.27
C THR B 665 11.78 -7.43 11.81
N ARG B 666 11.17 -7.18 10.59
CA ARG B 666 11.05 -5.79 10.09
C ARG B 666 10.11 -4.91 11.01
N LYS B 667 8.92 -5.48 11.45
CA LYS B 667 7.87 -4.82 12.27
C LYS B 667 8.44 -4.36 13.63
N LEU B 668 9.30 -5.21 14.26
CA LEU B 668 9.83 -4.81 15.55
C LEU B 668 10.71 -3.57 15.44
N GLN B 669 11.51 -3.48 14.44
CA GLN B 669 12.52 -2.46 14.16
C GLN B 669 11.73 -1.21 13.85
N ARG B 670 10.63 -1.33 13.08
CA ARG B 670 9.80 -0.23 12.55
C ARG B 670 9.06 0.55 13.62
N THR B 671 8.44 -0.16 14.48
CA THR B 671 7.60 0.39 15.48
C THR B 671 8.59 0.65 16.67
N LEU B 719 8.85 0.73 20.08
CA LEU B 719 8.76 -0.76 20.40
C LEU B 719 8.24 -0.83 21.81
N ASN B 720 7.60 -2.00 22.11
CA ASN B 720 6.92 -2.30 23.32
C ASN B 720 7.13 -3.81 23.53
N ILE B 721 7.15 -4.23 24.79
CA ILE B 721 7.29 -5.61 25.13
C ILE B 721 6.08 -6.45 24.65
N ASP B 722 4.83 -5.89 24.74
CA ASP B 722 3.59 -6.54 24.41
C ASP B 722 3.61 -6.98 22.95
N GLU B 723 4.21 -6.20 22.12
CA GLU B 723 4.40 -6.28 20.71
C GLU B 723 5.21 -7.49 20.31
N LEU B 724 6.20 -7.83 21.22
CA LEU B 724 7.05 -8.99 21.08
C LEU B 724 6.15 -10.18 21.18
N GLU B 725 5.27 -10.15 22.24
CA GLU B 725 4.44 -11.26 22.51
C GLU B 725 3.44 -11.58 21.39
N SER B 726 2.89 -10.45 20.80
CA SER B 726 1.90 -10.39 19.79
C SER B 726 2.41 -11.09 18.54
N VAL B 727 3.62 -10.70 18.10
CA VAL B 727 4.25 -11.27 16.97
C VAL B 727 4.56 -12.78 17.22
N HIS B 728 5.03 -13.11 18.46
CA HIS B 728 5.54 -14.37 18.88
C HIS B 728 4.50 -15.49 18.78
N ASN B 729 3.23 -15.19 19.14
CA ASN B 729 2.13 -16.16 19.04
C ASN B 729 1.82 -16.55 17.65
N THR B 730 1.84 -15.52 16.75
CA THR B 730 1.53 -15.66 15.33
C THR B 730 2.50 -16.52 14.64
N PHE B 731 3.81 -16.30 14.95
CA PHE B 731 5.03 -16.89 14.45
C PHE B 731 5.01 -18.37 14.70
N LEU B 732 4.70 -18.73 16.00
CA LEU B 732 4.61 -20.08 16.42
C LEU B 732 3.47 -20.88 15.80
N THR B 733 2.31 -20.22 15.64
CA THR B 733 1.12 -20.82 15.02
C THR B 733 1.33 -21.12 13.55
N ASN B 734 1.99 -20.30 12.70
CA ASN B 734 2.15 -20.55 11.30
C ASN B 734 3.01 -21.80 11.23
N ILE B 735 4.07 -21.88 12.08
CA ILE B 735 4.97 -23.03 11.98
C ILE B 735 4.18 -24.30 12.29
N LEU B 736 3.25 -24.26 13.25
CA LEU B 736 2.54 -25.41 13.80
C LEU B 736 1.62 -25.98 12.70
N SER B 737 0.93 -25.05 11.94
CA SER B 737 -0.01 -25.36 10.95
C SER B 737 0.63 -26.08 9.86
N HIS B 738 1.76 -25.54 9.45
CA HIS B 738 2.48 -26.12 8.32
C HIS B 738 2.98 -27.52 8.68
N LYS B 739 3.40 -27.71 9.99
CA LYS B 739 3.81 -28.99 10.54
C LYS B 739 2.82 -30.09 10.54
N LEU B 740 1.52 -29.88 10.98
CA LEU B 740 0.44 -30.90 11.02
C LEU B 740 0.04 -31.34 9.68
N PHE B 741 -0.18 -30.37 8.69
CA PHE B 741 -0.83 -30.68 7.41
C PHE B 741 0.16 -31.47 6.56
N ALA B 742 1.41 -30.86 6.37
CA ALA B 742 2.45 -31.46 5.58
C ALA B 742 3.25 -32.59 6.16
N THR B 743 3.78 -32.52 7.43
CA THR B 743 4.85 -33.35 7.90
C THR B 743 4.48 -33.76 9.37
N GLN B 756 1.75 -35.60 7.02
CA GLN B 756 2.06 -36.80 7.83
C GLN B 756 2.62 -38.01 7.02
N PRO B 757 2.67 -38.13 5.71
CA PRO B 757 3.32 -39.34 5.11
C PRO B 757 4.82 -39.29 5.37
N TYR B 758 5.27 -38.03 5.27
CA TYR B 758 6.67 -37.77 5.15
C TYR B 758 7.48 -38.14 6.35
N PRO B 759 7.34 -37.91 7.66
CA PRO B 759 8.15 -38.59 8.62
C PRO B 759 8.01 -40.08 8.69
N THR B 760 6.81 -40.65 8.37
CA THR B 760 6.59 -42.03 8.50
C THR B 760 7.49 -42.79 7.51
N SER B 761 7.49 -42.28 6.28
CA SER B 761 8.39 -42.80 5.27
C SER B 761 9.84 -42.61 5.54
N LEU B 762 10.37 -41.44 5.99
CA LEU B 762 11.76 -41.16 6.25
C LEU B 762 12.31 -42.06 7.37
N VAL B 763 11.55 -42.34 8.43
CA VAL B 763 12.10 -43.28 9.40
C VAL B 763 12.37 -44.68 8.84
N LEU B 764 11.41 -45.19 7.99
CA LEU B 764 11.64 -46.53 7.40
C LEU B 764 12.79 -46.62 6.46
N LEU B 765 12.88 -45.51 5.65
CA LEU B 765 13.91 -45.33 4.63
C LEU B 765 15.25 -45.29 5.31
N LEU B 766 15.38 -44.62 6.49
CA LEU B 766 16.59 -44.35 7.29
C LEU B 766 17.20 -45.61 7.77
N ASN B 767 16.29 -46.57 8.17
CA ASN B 767 16.71 -47.95 8.60
C ASN B 767 17.33 -48.69 7.47
N SER B 768 16.75 -48.62 6.24
CA SER B 768 17.25 -49.29 5.07
C SER B 768 18.64 -48.84 4.63
N VAL B 769 18.92 -47.43 4.62
CA VAL B 769 20.17 -46.81 4.21
C VAL B 769 21.33 -47.19 5.10
N TYR B 770 21.06 -47.29 6.44
CA TYR B 770 22.12 -47.68 7.32
C TYR B 770 22.67 -49.09 7.02
N GLU B 771 21.76 -50.05 6.77
CA GLU B 771 22.03 -51.40 6.51
C GLU B 771 22.78 -51.46 5.22
N PHE B 772 22.30 -50.68 4.26
CA PHE B 772 22.88 -50.67 2.92
C PHE B 772 24.35 -50.23 3.01
N VAL B 773 24.67 -49.12 3.76
CA VAL B 773 26.03 -48.58 3.93
C VAL B 773 26.90 -49.62 4.56
N LYS B 774 26.46 -50.40 5.53
CA LYS B 774 27.25 -51.46 6.19
C LYS B 774 27.63 -52.54 5.29
N VAL B 775 26.71 -53.07 4.45
CA VAL B 775 26.97 -54.13 3.48
C VAL B 775 27.99 -53.62 2.42
N TYR B 776 27.71 -52.31 1.93
CA TYR B 776 28.46 -51.76 0.84
C TYR B 776 29.94 -51.54 1.21
N CYS B 777 30.28 -51.03 2.45
CA CYS B 777 31.65 -50.96 2.97
C CYS B 777 32.29 -52.35 3.09
N ASN B 778 31.54 -53.44 3.56
CA ASN B 778 32.13 -54.75 3.84
C ASN B 778 32.75 -55.39 2.57
N LEU B 779 31.95 -55.23 1.47
CA LEU B 779 32.14 -55.93 0.24
C LEU B 779 33.20 -55.26 -0.60
N ASN B 780 34.08 -56.13 -1.17
CA ASN B 780 35.17 -55.73 -2.11
C ASN B 780 34.86 -56.38 -3.52
N SER B 798 31.97 -62.88 2.16
CA SER B 798 32.40 -62.99 0.76
C SER B 798 31.13 -63.24 0.05
N ASN B 799 30.76 -64.58 -0.08
CA ASN B 799 29.60 -65.04 -0.88
C ASN B 799 28.33 -64.49 -0.30
N GLY B 800 28.27 -64.50 1.07
CA GLY B 800 27.14 -63.98 1.72
C GLY B 800 26.88 -62.56 1.52
N LEU B 801 27.91 -61.62 1.51
CA LEU B 801 27.78 -60.18 1.32
C LEU B 801 27.22 -59.88 -0.03
N LEU B 802 27.69 -60.61 -1.11
CA LEU B 802 27.21 -60.39 -2.49
C LEU B 802 25.71 -60.72 -2.57
N GLY B 803 25.15 -61.82 -1.99
CA GLY B 803 23.77 -62.07 -1.99
C GLY B 803 22.92 -61.07 -1.27
N LYS B 804 23.46 -60.67 -0.05
CA LYS B 804 22.75 -59.81 0.86
C LYS B 804 22.55 -58.44 0.28
N PHE B 805 23.58 -57.88 -0.39
CA PHE B 805 23.68 -56.62 -0.93
C PHE B 805 22.66 -56.54 -2.05
N ASN B 806 22.55 -57.64 -2.86
CA ASN B 806 21.65 -57.73 -3.94
C ASN B 806 20.23 -57.68 -3.51
N THR B 807 19.86 -58.33 -2.42
CA THR B 807 18.59 -58.44 -1.79
C THR B 807 18.19 -57.08 -1.34
N ASN B 808 19.14 -56.30 -0.72
CA ASN B 808 18.96 -54.96 -0.25
C ASN B 808 18.68 -53.99 -1.39
N LEU B 809 19.42 -54.16 -2.57
CA LEU B 809 19.34 -53.30 -3.68
C LEU B 809 17.92 -53.35 -4.29
N LYS B 810 17.36 -54.58 -4.32
CA LYS B 810 15.97 -54.83 -4.76
C LYS B 810 14.97 -54.23 -3.86
N GLU B 811 15.19 -54.34 -2.44
CA GLU B 811 14.22 -53.83 -1.49
C GLU B 811 14.10 -52.29 -1.60
N ILE B 812 15.27 -51.55 -1.73
CA ILE B 812 15.30 -50.11 -1.85
C ILE B 812 14.65 -49.55 -3.08
N VAL B 813 14.79 -50.23 -4.28
CA VAL B 813 14.17 -49.73 -5.44
C VAL B 813 12.66 -49.71 -5.38
N SER B 814 11.99 -50.77 -4.76
CA SER B 814 10.52 -50.86 -4.59
C SER B 814 9.92 -49.79 -3.74
N GLN B 815 10.61 -49.55 -2.69
CA GLN B 815 10.25 -48.54 -1.64
C GLN B 815 10.36 -47.21 -2.23
N TYR B 816 11.36 -46.91 -3.06
CA TYR B 816 11.63 -45.65 -3.66
C TYR B 816 10.54 -45.20 -4.66
N LYS B 817 10.00 -46.12 -5.56
CA LYS B 817 8.98 -45.85 -6.56
C LYS B 817 7.61 -45.38 -5.94
N ASN B 818 7.24 -46.08 -4.84
CA ASN B 818 6.06 -45.62 -4.06
C ASN B 818 6.23 -44.25 -3.45
N PHE B 819 7.39 -43.89 -2.86
CA PHE B 819 7.74 -42.65 -2.27
C PHE B 819 7.84 -41.48 -3.21
N LYS B 820 8.40 -41.69 -4.40
CA LYS B 820 8.51 -40.74 -5.45
C LYS B 820 7.23 -40.26 -5.95
N ASP B 821 6.18 -41.14 -6.01
CA ASP B 821 4.81 -40.81 -6.39
C ASP B 821 4.21 -39.84 -5.41
N ARG B 822 4.53 -40.10 -4.11
CA ARG B 822 4.13 -39.13 -3.03
C ARG B 822 4.80 -37.81 -3.18
N LEU B 823 6.08 -37.76 -3.49
CA LEU B 823 6.87 -36.52 -3.63
C LEU B 823 6.26 -35.65 -4.71
N TYR B 824 5.80 -36.28 -5.83
CA TYR B 824 5.12 -35.58 -6.94
C TYR B 824 3.82 -34.88 -6.53
N ILE B 825 3.00 -35.55 -5.66
CA ILE B 825 1.83 -34.94 -5.12
C ILE B 825 2.18 -33.78 -4.18
N PHE B 826 3.20 -33.87 -3.32
CA PHE B 826 3.63 -32.84 -2.36
C PHE B 826 4.07 -31.57 -3.04
N ARG B 827 4.80 -31.72 -4.19
CA ARG B 827 5.21 -30.70 -5.02
C ARG B 827 4.00 -29.97 -5.62
N ALA B 828 2.94 -30.77 -6.02
CA ALA B 828 1.63 -30.21 -6.51
C ALA B 828 0.94 -29.42 -5.38
N ASP B 829 0.98 -29.98 -4.10
CA ASP B 829 0.51 -29.29 -2.83
C ASP B 829 1.22 -28.02 -2.51
N LEU B 830 2.57 -28.00 -2.70
CA LEU B 830 3.42 -26.85 -2.49
C LEU B 830 3.07 -25.78 -3.53
N LYS B 831 2.73 -26.16 -4.75
CA LYS B 831 2.33 -25.20 -5.80
C LYS B 831 0.98 -24.50 -5.44
N ASN B 832 -0.05 -25.26 -4.93
CA ASN B 832 -1.42 -24.72 -4.64
C ASN B 832 -1.40 -23.93 -3.36
N ASP B 833 -0.40 -24.23 -2.40
CA ASP B 833 -0.38 -23.77 -1.05
C ASP B 833 -1.53 -24.45 -0.43
N GLY B 834 -1.56 -25.78 -0.42
CA GLY B 834 -2.58 -26.64 0.18
C GLY B 834 -3.28 -27.22 -0.99
N ASP B 835 -3.58 -28.53 -0.92
CA ASP B 835 -4.25 -29.31 -1.92
C ASP B 835 -4.87 -30.46 -1.18
N GLU B 836 -5.95 -30.98 -1.79
CA GLU B 836 -6.66 -31.99 -1.24
C GLU B 836 -5.94 -33.32 -1.21
N GLU B 837 -5.16 -33.58 -2.25
CA GLU B 837 -4.53 -34.90 -2.27
C GLU B 837 -3.68 -35.18 -1.12
N LEU B 838 -2.79 -34.23 -0.62
CA LEU B 838 -2.11 -34.51 0.60
C LEU B 838 -3.00 -34.56 1.88
N PHE B 839 -4.06 -33.71 2.03
CA PHE B 839 -4.87 -33.68 3.22
C PHE B 839 -5.47 -35.03 3.40
N LEU B 840 -6.06 -35.64 2.24
CA LEU B 840 -6.61 -37.00 2.27
C LEU B 840 -5.57 -38.06 2.52
N LEU B 841 -4.28 -38.03 1.99
CA LEU B 841 -3.23 -38.96 2.38
C LEU B 841 -2.91 -38.91 3.75
N SER B 842 -2.74 -37.72 4.37
CA SER B 842 -2.41 -37.48 5.77
C SER B 842 -3.38 -37.98 6.73
N LYS B 843 -4.66 -37.89 6.37
CA LYS B 843 -5.70 -38.42 7.15
C LYS B 843 -5.66 -39.96 7.31
N SER B 844 -5.42 -40.67 6.12
CA SER B 844 -5.29 -42.11 5.96
C SER B 844 -4.23 -42.70 6.71
N LEU B 845 -3.03 -42.02 6.77
CA LEU B 845 -1.85 -42.48 7.50
C LEU B 845 -1.34 -41.39 8.45
N ARG B 846 -1.61 -41.64 9.75
CA ARG B 846 -1.29 -40.73 10.80
C ARG B 846 0.19 -40.98 11.18
N MET C 1 7.43 6.21 -17.38
CA MET C 1 6.69 6.25 -18.62
C MET C 1 7.52 5.73 -19.69
N GLY C 2 6.83 5.44 -20.85
CA GLY C 2 7.36 4.60 -21.97
C GLY C 2 7.12 5.42 -23.14
N GLY C 3 7.21 4.73 -24.32
CA GLY C 3 6.85 5.29 -25.55
C GLY C 3 7.92 6.25 -26.04
N GLU C 4 9.23 5.83 -25.82
CA GLU C 4 10.37 6.72 -26.06
C GLU C 4 10.50 6.79 -27.60
N ILE C 5 11.05 7.98 -28.05
CA ILE C 5 11.36 8.12 -29.43
C ILE C 5 12.77 8.64 -29.48
N ILE C 6 13.58 8.13 -30.42
CA ILE C 6 14.99 8.52 -30.56
C ILE C 6 15.20 9.22 -31.84
N THR C 7 15.99 10.36 -31.77
CA THR C 7 16.14 11.17 -32.96
C THR C 7 17.55 10.93 -33.44
N LEU C 8 17.53 10.72 -34.72
CA LEU C 8 18.70 10.48 -35.44
C LEU C 8 18.67 11.70 -36.32
N GLN C 9 19.83 12.36 -36.18
CA GLN C 9 19.99 13.58 -36.83
C GLN C 9 21.16 13.29 -37.68
N ALA C 10 20.97 13.52 -39.04
CA ALA C 10 21.92 13.17 -40.05
C ALA C 10 22.02 14.39 -40.92
N GLY C 11 23.27 14.71 -41.39
CA GLY C 11 23.57 15.81 -42.26
C GLY C 11 23.56 17.08 -41.55
N GLN C 12 23.84 18.18 -42.32
CA GLN C 12 23.90 19.55 -41.88
C GLN C 12 22.56 20.06 -41.51
N CYS C 13 21.54 19.86 -42.37
CA CYS C 13 20.22 20.41 -42.12
C CYS C 13 19.74 19.82 -40.90
N GLY C 14 19.77 18.47 -40.75
CA GLY C 14 19.26 17.71 -39.62
C GLY C 14 19.93 18.11 -38.40
N ASN C 15 21.27 18.30 -38.36
CA ASN C 15 21.98 18.70 -37.23
C ASN C 15 21.66 20.07 -36.80
N HIS C 16 21.46 21.01 -37.73
CA HIS C 16 21.03 22.38 -37.36
C HIS C 16 19.67 22.43 -36.75
N VAL C 17 18.63 21.72 -37.42
CA VAL C 17 17.28 21.72 -37.01
C VAL C 17 17.07 21.09 -35.70
N GLY C 18 17.82 19.94 -35.45
CA GLY C 18 17.84 19.27 -34.15
C GLY C 18 18.37 20.09 -33.05
N LYS C 19 19.49 20.92 -33.21
CA LYS C 19 20.02 21.75 -32.14
C LYS C 19 18.93 22.75 -31.72
N PHE C 20 18.25 23.37 -32.77
CA PHE C 20 17.26 24.37 -32.63
C PHE C 20 16.01 23.76 -31.97
N LEU C 21 15.60 22.51 -32.22
CA LEU C 21 14.54 21.73 -31.66
C LEU C 21 14.69 21.54 -30.24
N TRP C 22 15.96 21.21 -29.82
CA TRP C 22 16.10 21.11 -28.36
C TRP C 22 15.95 22.36 -27.60
N SER C 23 16.50 23.54 -28.12
CA SER C 23 16.34 24.89 -27.50
C SER C 23 14.91 25.38 -27.38
N GLN C 24 14.04 25.14 -28.43
CA GLN C 24 12.64 25.48 -28.50
C GLN C 24 11.83 24.73 -27.52
N LEU C 25 12.10 23.42 -27.41
CA LEU C 25 11.45 22.56 -26.44
C LEU C 25 11.77 22.90 -25.07
N ALA C 26 13.04 23.28 -24.75
CA ALA C 26 13.53 23.63 -23.47
C ALA C 26 12.85 24.88 -22.91
N LYS C 27 12.62 25.85 -23.77
CA LYS C 27 11.85 26.99 -23.36
C LYS C 27 10.41 26.65 -22.94
N GLU C 28 9.81 25.74 -23.76
CA GLU C 28 8.42 25.32 -23.67
C GLU C 28 8.19 24.62 -22.32
N HIS C 29 9.17 23.81 -21.86
CA HIS C 29 8.98 22.91 -20.73
C HIS C 29 9.69 23.53 -19.54
N ALA C 30 9.84 24.90 -19.50
CA ALA C 30 10.52 25.75 -18.62
C ALA C 30 11.72 25.27 -17.90
N ILE C 31 12.85 25.13 -18.64
CA ILE C 31 14.03 24.60 -18.13
C ILE C 31 15.11 25.38 -18.80
N GLY C 32 16.38 25.21 -18.39
CA GLY C 32 17.47 25.97 -18.95
C GLY C 32 17.65 25.90 -20.48
N THR C 33 18.66 26.68 -20.96
CA THR C 33 19.12 26.70 -22.34
C THR C 33 20.21 25.62 -22.48
N ASP C 34 20.59 24.90 -21.34
CA ASP C 34 21.37 23.66 -21.35
C ASP C 34 20.40 22.51 -20.97
N GLY C 35 19.09 22.90 -20.62
CA GLY C 35 18.09 21.92 -20.18
C GLY C 35 18.33 21.80 -18.70
N LEU C 36 18.85 22.78 -17.96
CA LEU C 36 19.14 22.58 -16.58
C LEU C 36 17.91 22.29 -15.79
N SER C 37 17.91 21.31 -14.85
CA SER C 37 16.60 20.96 -14.13
C SER C 37 16.11 22.13 -13.28
N GLN C 38 14.74 22.31 -13.23
CA GLN C 38 14.08 23.32 -12.49
C GLN C 38 12.95 22.71 -11.81
N LEU C 39 12.36 23.46 -10.89
CA LEU C 39 11.27 23.15 -10.08
C LEU C 39 10.02 22.85 -10.75
N PRO C 40 9.56 23.57 -11.76
CA PRO C 40 8.51 23.17 -12.68
C PRO C 40 8.83 21.91 -13.40
N ASP C 41 7.95 20.95 -13.23
CA ASP C 41 7.96 19.67 -13.68
C ASP C 41 6.57 19.18 -13.56
N SER C 42 6.33 17.93 -14.05
CA SER C 42 5.05 17.21 -13.83
C SER C 42 4.66 17.34 -12.37
N SER C 43 3.36 17.77 -12.17
CA SER C 43 2.71 17.94 -10.84
C SER C 43 1.27 17.73 -11.13
N THR C 44 0.78 17.54 -12.38
CA THR C 44 -0.61 17.10 -12.75
C THR C 44 -0.38 16.75 -14.17
N GLU C 45 0.82 16.12 -14.44
CA GLU C 45 1.25 15.52 -15.66
C GLU C 45 1.47 16.62 -16.63
N ARG C 46 2.10 17.75 -16.13
CA ARG C 46 2.56 18.84 -16.88
C ARG C 46 3.31 18.53 -18.09
N ASP C 47 4.20 17.53 -18.03
CA ASP C 47 4.88 17.12 -19.32
C ASP C 47 4.65 15.65 -19.42
N ASP C 48 4.82 15.12 -20.62
CA ASP C 48 4.72 13.75 -21.05
C ASP C 48 5.66 13.52 -22.10
N ASP C 49 6.27 14.62 -22.69
CA ASP C 49 7.35 14.69 -23.67
C ASP C 49 8.69 14.31 -22.97
N THR C 50 8.80 14.51 -21.62
CA THR C 50 10.03 14.60 -20.90
C THR C 50 10.84 13.34 -21.06
N LYS C 51 10.26 12.14 -20.63
CA LYS C 51 10.88 10.86 -20.67
C LYS C 51 11.06 10.44 -22.16
N PRO C 52 10.05 10.62 -23.06
CA PRO C 52 10.24 10.28 -24.49
C PRO C 52 11.37 10.94 -25.26
N PHE C 53 11.54 12.32 -25.21
CA PHE C 53 12.68 12.85 -25.96
C PHE C 53 13.90 12.84 -25.12
N PHE C 54 13.82 13.03 -23.80
CA PHE C 54 14.96 13.31 -23.01
C PHE C 54 15.09 12.22 -21.98
N ARG C 55 16.26 12.01 -21.39
CA ARG C 55 16.55 11.13 -20.27
C ARG C 55 17.19 12.02 -19.30
N GLU C 56 17.04 11.64 -18.01
CA GLU C 56 17.52 12.43 -16.93
C GLU C 56 18.72 11.68 -16.52
N ASN C 57 19.83 12.50 -16.36
CA ASN C 57 21.11 11.97 -15.87
C ASN C 57 21.34 12.81 -14.62
N SER C 58 22.41 12.44 -13.95
CA SER C 58 22.82 13.10 -12.71
C SER C 58 23.85 14.15 -12.83
N ARG C 59 23.85 14.89 -13.98
CA ARG C 59 24.66 16.03 -14.29
C ARG C 59 23.76 17.22 -14.15
N ASN C 60 22.62 16.98 -13.54
CA ASN C 60 21.46 17.87 -13.29
C ASN C 60 21.12 18.74 -14.47
N LYS C 61 20.80 18.01 -15.50
CA LYS C 61 20.24 18.51 -16.72
C LYS C 61 19.60 17.47 -17.45
N PHE C 62 18.67 17.91 -18.27
CA PHE C 62 17.95 16.99 -19.09
C PHE C 62 18.86 16.79 -20.29
N THR C 63 18.88 15.58 -20.86
CA THR C 63 19.68 15.45 -21.99
C THR C 63 18.76 14.73 -23.01
N PRO C 64 18.83 15.06 -24.28
CA PRO C 64 18.11 14.30 -25.30
C PRO C 64 18.82 12.97 -25.47
N ARG C 65 18.06 11.89 -25.69
CA ARG C 65 18.61 10.68 -26.12
C ARG C 65 18.43 10.72 -27.65
N ALA C 66 19.36 11.48 -28.34
CA ALA C 66 19.33 11.78 -29.70
C ALA C 66 20.75 11.63 -30.03
N ILE C 67 21.08 11.20 -31.28
CA ILE C 67 22.46 10.97 -31.73
C ILE C 67 22.52 11.93 -32.92
N MET C 68 23.66 12.71 -32.98
CA MET C 68 23.87 13.72 -34.06
C MET C 68 25.04 13.22 -34.91
N MET C 69 24.90 13.16 -36.26
CA MET C 69 25.81 12.47 -37.14
C MET C 69 26.00 13.40 -38.31
N ASP C 70 27.23 13.49 -38.78
CA ASP C 70 27.66 14.18 -39.97
C ASP C 70 29.13 14.22 -39.78
N SER C 71 29.66 15.23 -40.47
CA SER C 71 31.11 15.57 -40.48
C SER C 71 31.31 16.76 -39.62
N GLU C 72 32.46 17.42 -39.93
CA GLU C 72 33.01 18.43 -39.08
C GLU C 72 32.18 19.69 -38.97
N PRO C 73 31.60 20.38 -39.93
CA PRO C 73 30.98 21.67 -39.77
C PRO C 73 29.96 21.96 -38.63
N SER C 74 28.88 21.16 -38.49
CA SER C 74 27.86 21.40 -37.46
C SER C 74 28.35 21.17 -36.11
N VAL C 75 29.13 20.05 -35.85
CA VAL C 75 29.62 19.64 -34.62
C VAL C 75 30.58 20.62 -34.03
N ILE C 76 31.43 21.26 -34.89
CA ILE C 76 32.42 22.25 -34.46
C ILE C 76 31.71 23.46 -33.83
N ALA C 77 30.59 23.86 -34.49
CA ALA C 77 29.71 24.90 -33.98
C ALA C 77 29.09 24.54 -32.66
N ASP C 78 28.69 23.23 -32.52
CA ASP C 78 27.90 22.79 -31.31
C ASP C 78 28.71 22.94 -29.99
N VAL C 79 30.02 22.65 -30.08
CA VAL C 79 31.00 22.81 -29.03
C VAL C 79 31.29 24.28 -28.62
N GLU C 80 31.26 25.22 -29.54
CA GLU C 80 31.33 26.65 -29.22
C GLU C 80 30.01 27.04 -28.55
N ASN C 81 28.87 26.46 -28.89
CA ASN C 81 27.49 26.81 -28.49
C ASN C 81 27.03 26.25 -27.16
N THR C 82 25.85 26.71 -26.75
CA THR C 82 25.21 26.37 -25.50
C THR C 82 24.23 25.14 -25.69
N PHE C 83 24.38 24.55 -26.92
CA PHE C 83 23.58 23.40 -27.32
C PHE C 83 24.30 22.15 -27.05
N ARG C 84 25.41 22.21 -26.25
CA ARG C 84 26.17 21.09 -25.87
C ARG C 84 25.43 20.56 -24.65
N GLY C 85 24.42 21.32 -24.20
CA GLY C 85 23.69 20.97 -22.99
C GLY C 85 22.65 19.92 -23.42
N PHE C 86 22.58 19.59 -24.70
CA PHE C 86 21.64 18.74 -25.28
C PHE C 86 22.41 17.65 -25.99
N PHE C 87 23.71 17.46 -25.68
CA PHE C 87 24.52 16.40 -26.24
C PHE C 87 25.59 15.92 -25.25
N ASP C 88 25.73 14.58 -25.22
CA ASP C 88 26.70 13.85 -24.48
C ASP C 88 27.78 13.68 -25.49
N PRO C 89 29.09 13.43 -25.10
CA PRO C 89 30.20 13.26 -26.09
C PRO C 89 30.01 12.02 -26.88
N ARG C 90 29.32 10.95 -26.38
CA ARG C 90 28.98 9.82 -27.15
C ARG C 90 27.99 10.07 -28.17
N ASN C 91 27.07 11.00 -27.85
CA ASN C 91 25.96 11.40 -28.69
C ASN C 91 26.45 12.27 -29.87
N THR C 92 27.71 12.79 -29.71
CA THR C 92 28.33 13.60 -30.68
C THR C 92 29.05 12.63 -31.49
N TRP C 93 28.77 12.74 -32.80
CA TRP C 93 29.43 11.87 -33.79
C TRP C 93 29.94 12.74 -34.85
N VAL C 94 31.19 12.70 -35.24
CA VAL C 94 31.87 13.43 -36.25
C VAL C 94 32.56 12.50 -37.07
N ALA C 95 32.48 12.43 -38.44
CA ALA C 95 33.11 11.51 -39.32
C ALA C 95 34.60 11.66 -39.25
N SER C 96 35.29 10.48 -39.29
CA SER C 96 36.76 10.30 -39.22
C SER C 96 37.28 9.92 -40.58
N ASP C 97 36.39 9.70 -41.56
CA ASP C 97 36.78 9.25 -42.85
C ASP C 97 36.16 10.32 -43.69
N GLY C 98 36.94 11.12 -44.49
CA GLY C 98 36.44 12.43 -45.00
C GLY C 98 36.20 13.47 -43.89
N ALA C 99 35.43 14.48 -44.27
CA ALA C 99 34.98 15.68 -43.56
C ALA C 99 34.12 16.42 -44.53
N SER C 100 34.10 16.00 -45.80
CA SER C 100 33.21 16.61 -46.73
C SER C 100 32.65 15.47 -47.48
N ALA C 101 31.45 15.54 -48.07
CA ALA C 101 31.02 14.54 -48.95
C ALA C 101 31.01 15.27 -50.30
N GLY C 102 31.20 16.60 -50.35
CA GLY C 102 31.30 17.37 -51.51
C GLY C 102 30.01 17.46 -52.28
N ASN C 103 28.94 17.31 -51.46
CA ASN C 103 27.57 17.43 -51.89
C ASN C 103 27.15 16.27 -52.83
N SER C 104 27.49 15.04 -52.42
CA SER C 104 27.16 13.87 -53.25
C SER C 104 26.78 12.69 -52.40
N TRP C 105 25.73 11.98 -52.91
CA TRP C 105 24.95 10.93 -52.24
C TRP C 105 25.91 9.80 -51.97
N ALA C 106 26.72 9.49 -53.02
CA ALA C 106 27.61 8.36 -53.10
C ALA C 106 28.69 8.39 -52.03
N ASN C 107 29.31 9.55 -51.76
CA ASN C 107 30.29 9.71 -50.70
C ASN C 107 29.72 9.56 -49.37
N GLY C 108 28.53 10.11 -49.14
CA GLY C 108 27.73 10.11 -47.88
C GLY C 108 27.34 8.67 -47.49
N TYR C 109 26.91 7.95 -48.57
CA TYR C 109 26.56 6.54 -48.45
C TYR C 109 27.70 5.70 -48.14
N ASP C 110 28.84 5.93 -48.82
CA ASP C 110 30.04 5.14 -48.55
C ASP C 110 30.63 5.22 -47.16
N ILE C 111 30.57 6.43 -46.52
CA ILE C 111 30.95 6.70 -45.15
C ILE C 111 30.07 6.02 -44.14
N GLY C 112 28.80 5.92 -44.37
CA GLY C 112 27.92 5.22 -43.45
C GLY C 112 28.14 3.73 -43.12
N THR C 113 28.50 3.02 -44.19
CA THR C 113 28.93 1.64 -44.17
C THR C 113 30.19 1.42 -43.38
N ARG C 114 31.19 2.34 -43.44
CA ARG C 114 32.41 2.28 -42.64
C ARG C 114 32.24 2.40 -41.15
N ASN C 115 31.39 3.39 -40.75
CA ASN C 115 31.21 3.64 -39.37
C ASN C 115 29.91 3.10 -38.95
N GLN C 116 29.51 1.93 -39.48
CA GLN C 116 28.28 1.25 -39.26
C GLN C 116 28.21 0.74 -37.85
N ASP C 117 29.32 0.20 -37.35
CA ASP C 117 29.39 -0.28 -35.98
C ASP C 117 29.31 0.82 -34.96
N ASP C 118 30.06 1.91 -35.18
CA ASP C 118 30.28 3.01 -34.29
C ASP C 118 28.98 3.70 -33.99
N ILE C 119 28.27 3.92 -35.14
CA ILE C 119 26.94 4.50 -35.13
C ILE C 119 25.96 3.60 -34.53
N LEU C 120 25.96 2.28 -34.85
CA LEU C 120 25.02 1.41 -34.16
C LEU C 120 25.23 1.21 -32.67
N ASN C 121 26.54 1.25 -32.20
CA ASN C 121 26.88 1.08 -30.80
C ASN C 121 26.15 2.16 -29.97
N LYS C 122 26.16 3.41 -30.48
CA LYS C 122 25.63 4.63 -29.95
C LYS C 122 24.17 4.49 -29.85
N ILE C 123 23.61 4.04 -30.90
CA ILE C 123 22.13 3.83 -31.06
C ILE C 123 21.71 2.76 -30.09
N ASP C 124 22.38 1.61 -29.96
CA ASP C 124 22.00 0.43 -29.14
C ASP C 124 21.91 0.83 -27.68
N LYS C 125 22.84 1.69 -27.25
CA LYS C 125 22.97 2.32 -25.93
C LYS C 125 21.76 3.16 -25.59
N GLU C 126 21.35 3.94 -26.56
CA GLU C 126 20.21 4.76 -26.47
C GLU C 126 18.92 4.02 -26.35
N ILE C 127 18.79 2.96 -27.15
CA ILE C 127 17.70 2.07 -27.27
C ILE C 127 17.51 1.23 -26.08
N ASP C 128 18.56 0.69 -25.48
CA ASP C 128 18.49 -0.16 -24.30
C ASP C 128 17.93 0.51 -23.05
N SER C 129 18.22 1.85 -22.85
CA SER C 129 17.92 2.78 -21.72
C SER C 129 16.47 3.08 -21.69
N THR C 130 15.74 2.77 -22.82
CA THR C 130 14.37 3.13 -22.99
C THR C 130 13.56 2.16 -22.24
N ASP C 131 12.45 2.57 -21.54
CA ASP C 131 11.43 1.77 -20.83
C ASP C 131 10.68 0.92 -21.82
N ASN C 132 10.07 1.55 -22.86
CA ASN C 132 9.39 0.91 -23.95
C ASN C 132 9.69 1.77 -25.21
N PHE C 133 10.35 1.27 -26.23
CA PHE C 133 10.64 2.01 -27.46
C PHE C 133 9.44 2.09 -28.44
N GLU C 134 8.92 3.29 -28.75
CA GLU C 134 7.90 3.50 -29.79
C GLU C 134 8.40 3.39 -31.29
N GLY C 135 9.54 4.08 -31.53
CA GLY C 135 10.12 4.23 -32.82
C GLY C 135 11.19 5.34 -32.92
N PHE C 136 11.51 5.57 -34.25
CA PHE C 136 12.57 6.45 -34.65
C PHE C 136 12.08 7.64 -35.36
N GLN C 137 12.81 8.78 -35.22
CA GLN C 137 12.54 9.99 -36.04
C GLN C 137 13.83 10.39 -36.69
N LEU C 138 13.84 10.52 -38.08
CA LEU C 138 15.02 10.89 -38.83
C LEU C 138 14.78 12.27 -39.30
N LEU C 139 15.80 13.14 -39.04
CA LEU C 139 15.83 14.53 -39.56
C LEU C 139 16.93 14.58 -40.47
N HIS C 140 16.66 14.99 -41.69
CA HIS C 140 17.74 15.17 -42.61
C HIS C 140 17.21 15.88 -43.87
N SER C 141 18.14 16.15 -44.77
CA SER C 141 17.83 16.75 -46.01
C SER C 141 18.25 15.72 -46.98
N VAL C 142 17.51 15.77 -48.06
CA VAL C 142 17.79 14.93 -49.14
C VAL C 142 18.34 15.83 -50.27
N ALA C 143 18.35 17.13 -50.01
CA ALA C 143 18.94 18.14 -50.84
C ALA C 143 20.41 18.09 -50.79
N GLY C 144 20.96 17.85 -49.51
CA GLY C 144 22.44 17.79 -49.34
C GLY C 144 23.10 16.53 -49.92
N GLY C 145 24.48 16.39 -49.72
CA GLY C 145 25.24 15.19 -49.89
C GLY C 145 25.22 14.34 -48.78
N THR C 146 25.50 14.96 -47.59
CA THR C 146 25.76 14.29 -46.34
C THR C 146 24.55 13.78 -45.75
N GLY C 147 23.49 14.66 -45.64
CA GLY C 147 22.23 14.33 -45.15
C GLY C 147 21.50 13.23 -45.93
N SER C 148 21.64 13.34 -47.23
CA SER C 148 21.00 12.47 -48.18
C SER C 148 21.66 11.13 -48.03
N GLY C 149 22.94 10.95 -48.29
CA GLY C 149 23.67 9.72 -48.50
C GLY C 149 23.85 8.98 -47.20
N LEU C 150 24.33 9.60 -46.19
CA LEU C 150 24.43 8.92 -44.92
C LEU C 150 23.08 8.50 -44.30
N GLY C 151 22.03 9.35 -44.41
CA GLY C 151 20.66 9.12 -44.00
C GLY C 151 20.16 7.92 -44.75
N SER C 152 20.39 7.74 -46.05
CA SER C 152 19.85 6.57 -46.86
C SER C 152 20.49 5.23 -46.37
N ASN C 153 21.78 5.24 -45.99
CA ASN C 153 22.47 4.09 -45.51
C ASN C 153 21.82 3.58 -44.18
N LEU C 154 21.60 4.52 -43.26
CA LEU C 154 21.02 4.25 -41.95
C LEU C 154 19.59 3.72 -42.08
N LEU C 155 18.77 4.26 -43.01
CA LEU C 155 17.40 3.83 -43.22
C LEU C 155 17.33 2.37 -43.65
N GLU C 156 18.22 1.77 -44.48
CA GLU C 156 18.26 0.36 -44.72
C GLU C 156 18.62 -0.44 -43.51
N ALA C 157 19.65 0.02 -42.71
CA ALA C 157 20.20 -0.65 -41.61
C ALA C 157 19.18 -0.88 -40.50
N LEU C 158 18.37 0.14 -40.20
CA LEU C 158 17.32 0.13 -39.22
C LEU C 158 16.20 -0.88 -39.48
N CYS C 159 15.88 -1.00 -40.81
CA CYS C 159 14.78 -1.77 -41.37
C CYS C 159 14.90 -3.19 -41.04
N ASP C 160 16.13 -3.73 -41.25
CA ASP C 160 16.70 -5.03 -41.02
C ASP C 160 16.78 -5.22 -39.57
N ARG C 161 17.33 -4.25 -38.82
CA ARG C 161 17.64 -4.47 -37.38
C ARG C 161 16.44 -4.67 -36.57
N TYR C 162 15.41 -3.77 -36.67
CA TYR C 162 14.20 -3.85 -35.99
C TYR C 162 13.10 -3.68 -37.05
N PRO C 163 12.33 -4.70 -37.29
CA PRO C 163 11.34 -4.57 -38.38
C PRO C 163 9.97 -4.62 -37.73
N LYS C 164 9.84 -4.20 -36.47
CA LYS C 164 8.57 -4.17 -35.73
C LYS C 164 8.47 -2.93 -34.92
N LYS C 165 8.98 -1.89 -35.51
CA LYS C 165 9.08 -0.59 -34.89
C LYS C 165 8.66 0.41 -35.93
N ILE C 166 8.19 1.60 -35.45
CA ILE C 166 7.78 2.57 -36.44
C ILE C 166 9.02 3.36 -36.74
N LEU C 167 9.24 3.71 -38.06
CA LEU C 167 10.32 4.60 -38.59
C LEU C 167 9.54 5.69 -39.25
N THR C 168 9.71 6.94 -38.79
CA THR C 168 9.20 8.05 -39.41
C THR C 168 10.26 8.93 -39.79
N THR C 169 10.21 9.66 -40.90
CA THR C 169 11.30 10.48 -41.36
C THR C 169 10.62 11.77 -41.63
N TYR C 170 11.38 12.90 -41.48
CA TYR C 170 11.03 14.27 -41.89
C TYR C 170 12.03 14.45 -42.91
N SER C 171 11.59 14.39 -44.16
CA SER C 171 12.58 14.44 -45.19
C SER C 171 12.41 15.75 -45.87
N VAL C 172 13.50 16.49 -46.04
CA VAL C 172 13.42 17.69 -46.71
C VAL C 172 13.72 17.38 -48.16
N PHE C 173 12.78 17.73 -49.05
CA PHE C 173 13.00 17.44 -50.50
C PHE C 173 13.57 18.73 -51.15
N PRO C 174 14.37 18.71 -52.18
CA PRO C 174 14.81 19.89 -52.80
C PRO C 174 13.75 20.36 -53.68
N ALA C 175 13.97 21.61 -54.26
CA ALA C 175 13.10 22.16 -55.28
C ALA C 175 13.78 21.83 -56.63
N ARG C 176 13.14 21.97 -57.79
CA ARG C 176 13.72 21.64 -59.06
C ARG C 176 14.62 22.80 -59.62
N SER C 177 14.79 23.88 -58.87
CA SER C 177 15.73 24.97 -59.17
C SER C 177 16.31 25.40 -57.89
N SER C 178 17.65 25.03 -57.71
CA SER C 178 18.31 25.27 -56.45
C SER C 178 19.67 25.57 -56.79
N GLU C 179 20.54 25.75 -55.78
CA GLU C 179 21.94 26.01 -55.78
C GLU C 179 22.85 24.98 -56.46
N VAL C 180 22.59 23.67 -56.06
CA VAL C 180 23.23 22.53 -56.59
C VAL C 180 22.54 22.15 -57.94
N VAL C 181 23.22 21.24 -58.70
CA VAL C 181 22.79 20.82 -60.03
C VAL C 181 22.65 19.29 -59.63
N VAL C 182 23.45 18.84 -58.62
CA VAL C 182 23.49 17.46 -58.23
C VAL C 182 22.21 17.03 -57.48
N GLN C 183 21.30 18.00 -57.26
CA GLN C 183 20.07 17.78 -56.46
C GLN C 183 19.23 16.62 -56.82
N SER C 184 19.07 16.45 -58.15
CA SER C 184 18.37 15.42 -58.85
C SER C 184 18.92 14.01 -58.68
N TYR C 185 20.27 13.91 -58.66
CA TYR C 185 20.97 12.69 -58.30
C TYR C 185 20.75 12.30 -56.90
N ASN C 186 20.88 13.27 -55.98
CA ASN C 186 20.70 13.02 -54.57
C ASN C 186 19.35 12.58 -54.22
N THR C 187 18.29 13.21 -54.75
CA THR C 187 16.95 12.82 -54.46
C THR C 187 16.60 11.42 -55.03
N ILE C 188 16.94 10.94 -56.27
CA ILE C 188 16.49 9.62 -56.72
C ILE C 188 17.21 8.52 -55.85
N LEU C 189 18.50 8.68 -55.66
CA LEU C 189 19.23 7.69 -54.98
C LEU C 189 18.82 7.51 -53.55
N ALA C 190 18.55 8.59 -52.81
CA ALA C 190 17.86 8.45 -51.51
C ALA C 190 16.49 8.00 -51.51
N LEU C 191 15.65 8.47 -52.47
CA LEU C 191 14.23 8.24 -52.47
C LEU C 191 13.87 6.74 -52.59
N ARG C 192 14.78 5.90 -53.25
CA ARG C 192 14.62 4.46 -53.28
C ARG C 192 14.58 3.82 -51.90
N ARG C 193 15.52 4.23 -51.04
CA ARG C 193 15.67 3.83 -49.65
C ARG C 193 14.49 4.36 -48.87
N LEU C 194 14.03 5.63 -49.15
CA LEU C 194 12.91 6.17 -48.44
C LEU C 194 11.59 5.43 -48.71
N ILE C 195 11.27 4.98 -49.92
CA ILE C 195 10.01 4.27 -50.19
C ILE C 195 10.06 2.92 -49.49
N GLU C 196 11.09 2.15 -49.67
CA GLU C 196 11.05 0.81 -49.12
C GLU C 196 11.31 0.71 -47.68
N ASP C 197 12.37 1.41 -47.19
CA ASP C 197 12.87 1.22 -45.83
C ASP C 197 12.10 1.93 -44.77
N SER C 198 11.23 2.93 -45.08
CA SER C 198 10.52 3.79 -44.16
C SER C 198 9.13 3.39 -44.09
N ASP C 199 8.58 3.28 -42.81
CA ASP C 199 7.15 3.08 -42.60
C ASP C 199 6.29 4.31 -42.93
N ALA C 200 6.79 5.50 -42.67
CA ALA C 200 6.03 6.76 -42.88
C ALA C 200 6.95 7.80 -43.34
N THR C 201 6.63 8.73 -44.33
CA THR C 201 7.53 9.76 -44.84
C THR C 201 6.69 11.01 -44.81
N VAL C 202 7.16 12.07 -44.05
CA VAL C 202 6.61 13.47 -43.94
C VAL C 202 7.42 14.31 -44.86
N VAL C 203 6.87 14.81 -46.01
CA VAL C 203 7.54 15.59 -46.96
C VAL C 203 7.51 16.97 -46.54
N PHE C 204 8.76 17.58 -46.55
CA PHE C 204 9.06 18.91 -46.33
C PHE C 204 9.63 19.49 -47.62
N ASP C 205 8.96 20.36 -48.41
CA ASP C 205 9.36 20.91 -49.70
C ASP C 205 10.03 22.23 -49.37
N ASN C 206 11.33 22.27 -49.86
CA ASN C 206 12.30 23.32 -49.56
C ASN C 206 11.90 24.67 -50.16
N ALA C 207 11.22 24.62 -51.30
CA ALA C 207 10.60 25.79 -51.93
C ALA C 207 9.56 26.42 -51.10
N SER C 208 8.67 25.61 -50.50
CA SER C 208 7.62 26.09 -49.70
C SER C 208 8.09 26.58 -48.35
N LEU C 209 9.08 25.87 -47.74
CA LEU C 209 9.73 26.25 -46.52
C LEU C 209 10.45 27.56 -46.66
N LEU C 210 11.20 27.80 -47.79
CA LEU C 210 11.92 29.12 -47.94
C LEU C 210 11.00 30.26 -48.10
N ASN C 211 9.86 30.13 -48.82
CA ASN C 211 8.91 31.28 -48.87
C ASN C 211 8.36 31.68 -47.55
N ILE C 212 8.07 30.63 -46.82
CA ILE C 212 7.43 30.79 -45.50
C ILE C 212 8.40 31.51 -44.57
N SER C 213 9.73 31.12 -44.54
CA SER C 213 10.68 31.74 -43.69
C SER C 213 10.99 33.15 -44.04
N GLY C 214 11.11 33.50 -45.37
CA GLY C 214 11.19 34.96 -45.77
C GLY C 214 10.00 35.84 -45.54
N LYS C 215 8.80 35.36 -46.04
CA LYS C 215 7.64 36.22 -45.79
C LYS C 215 7.04 36.26 -44.37
N VAL C 216 6.66 35.09 -43.80
CA VAL C 216 5.83 34.95 -42.64
C VAL C 216 6.57 35.35 -41.34
N PHE C 217 7.74 34.76 -41.13
CA PHE C 217 8.58 34.92 -39.96
C PHE C 217 9.24 36.29 -39.92
N ARG C 218 9.47 36.83 -41.09
CA ARG C 218 10.08 38.08 -41.47
C ARG C 218 11.52 38.21 -41.12
N ASN C 219 12.34 37.21 -41.54
CA ASN C 219 13.80 37.21 -41.57
C ASN C 219 14.37 38.22 -42.53
N PRO C 220 15.47 38.97 -42.20
CA PRO C 220 15.81 40.11 -43.03
C PRO C 220 16.08 39.76 -44.40
N ASN C 221 16.70 38.56 -44.67
CA ASN C 221 17.08 38.06 -45.95
C ASN C 221 17.06 36.63 -45.67
N ILE C 222 16.80 35.79 -46.72
CA ILE C 222 16.90 34.34 -46.64
C ILE C 222 18.28 33.81 -46.39
N ASP C 223 18.38 32.65 -45.74
CA ASP C 223 19.63 32.10 -45.37
C ASP C 223 19.18 30.69 -45.15
N LEU C 224 20.13 29.75 -45.28
CA LEU C 224 19.85 28.34 -44.97
C LEU C 224 19.54 28.20 -43.48
N GLN C 225 20.26 28.90 -42.63
CA GLN C 225 19.96 28.77 -41.17
C GLN C 225 18.57 29.21 -40.81
N HIS C 226 18.11 30.26 -41.49
CA HIS C 226 16.78 30.84 -41.23
C HIS C 226 15.69 29.90 -41.47
N THR C 227 15.79 29.20 -42.63
CA THR C 227 14.86 28.17 -43.08
C THR C 227 14.98 26.97 -42.09
N ASN C 228 16.20 26.67 -41.51
CA ASN C 228 16.25 25.64 -40.47
C ASN C 228 15.50 25.81 -39.18
N GLN C 229 15.31 27.04 -38.72
CA GLN C 229 14.44 27.49 -37.64
C GLN C 229 12.96 27.19 -37.91
N LEU C 230 12.53 27.35 -39.15
CA LEU C 230 11.21 27.03 -39.54
C LEU C 230 10.86 25.60 -39.43
N ILE C 231 11.77 24.67 -39.89
CA ILE C 231 11.46 23.27 -39.91
C ILE C 231 11.26 22.90 -38.43
N SER C 232 12.23 23.39 -37.52
CA SER C 232 12.30 23.02 -36.14
C SER C 232 11.05 23.40 -35.41
N THR C 233 10.44 24.61 -35.76
CA THR C 233 9.20 25.17 -35.11
C THR C 233 8.10 24.23 -35.43
N ILE C 234 8.00 23.79 -36.70
CA ILE C 234 6.89 22.96 -37.17
C ILE C 234 6.89 21.57 -36.52
N ILE C 235 8.09 20.89 -36.44
CA ILE C 235 8.27 19.52 -35.84
C ILE C 235 7.95 19.59 -34.30
N SER C 236 8.44 20.66 -33.56
CA SER C 236 8.36 20.91 -32.15
C SER C 236 6.94 21.14 -31.70
N SER C 237 6.14 21.88 -32.55
CA SER C 237 4.76 22.12 -32.19
C SER C 237 3.86 20.83 -32.21
N VAL C 238 4.07 19.83 -33.10
CA VAL C 238 3.16 18.71 -33.29
C VAL C 238 3.12 17.83 -32.11
N THR C 239 4.25 17.74 -31.37
CA THR C 239 4.49 16.89 -30.16
C THR C 239 3.87 17.63 -28.93
N ASN C 240 3.40 18.87 -29.08
CA ASN C 240 2.75 19.66 -28.05
C ASN C 240 1.58 18.94 -27.40
N SER C 241 0.76 18.29 -28.26
CA SER C 241 -0.40 17.63 -27.82
C SER C 241 -0.10 16.40 -26.98
N ILE C 242 1.15 15.82 -27.20
CA ILE C 242 1.62 14.65 -26.46
C ILE C 242 1.96 15.04 -25.01
N ARG C 243 2.64 16.17 -24.79
CA ARG C 243 3.00 16.62 -23.46
C ARG C 243 1.84 17.22 -22.73
N PHE C 244 0.70 17.58 -23.39
CA PHE C 244 -0.56 17.92 -22.67
C PHE C 244 -1.20 16.59 -22.45
N PRO C 245 -1.82 16.35 -21.29
CA PRO C 245 -2.45 15.04 -21.02
C PRO C 245 -3.84 15.00 -21.58
N SER C 246 -4.41 16.10 -22.12
CA SER C 246 -5.78 16.37 -22.30
C SER C 246 -6.54 15.36 -23.18
N TYR C 247 -5.92 14.81 -24.28
CA TYR C 247 -6.36 13.76 -25.13
C TYR C 247 -5.45 12.55 -24.96
N MET C 248 -5.94 11.35 -25.33
CA MET C 248 -5.19 10.13 -25.12
C MET C 248 -5.06 9.44 -26.42
N TYR C 249 -5.32 10.15 -27.57
CA TYR C 249 -5.26 9.68 -28.92
C TYR C 249 -4.37 10.65 -29.53
N SER C 250 -3.56 11.40 -28.70
CA SER C 250 -2.58 12.39 -29.05
C SER C 250 -1.23 11.60 -28.89
N SER C 251 -1.37 10.34 -28.31
CA SER C 251 -0.26 9.51 -28.33
C SER C 251 0.13 9.08 -29.77
N MET C 252 1.37 8.61 -29.91
CA MET C 252 2.08 8.25 -31.16
C MET C 252 1.42 7.09 -31.90
N SER C 253 0.96 6.06 -31.13
CA SER C 253 0.45 4.93 -31.79
C SER C 253 -0.83 5.14 -32.65
N SER C 254 -1.75 5.89 -32.01
CA SER C 254 -3.09 6.20 -32.55
C SER C 254 -2.98 7.09 -33.78
N ILE C 255 -2.07 8.04 -33.80
CA ILE C 255 -1.77 8.92 -34.85
C ILE C 255 -1.25 8.22 -36.09
N TYR C 256 -0.28 7.26 -35.96
CA TYR C 256 0.33 6.39 -36.90
C TYR C 256 -0.74 5.47 -37.47
N SER C 257 -1.69 4.86 -36.71
CA SER C 257 -2.82 4.00 -37.15
C SER C 257 -3.81 4.68 -38.07
N THR C 258 -4.24 5.88 -37.75
CA THR C 258 -5.12 6.67 -38.48
C THR C 258 -4.54 7.23 -39.83
N LEU C 259 -3.29 7.82 -39.83
CA LEU C 259 -2.73 8.46 -40.99
C LEU C 259 -2.32 7.51 -42.04
N ILE C 260 -1.81 6.36 -41.62
CA ILE C 260 -1.32 5.29 -42.49
C ILE C 260 -2.40 4.25 -42.58
N PRO C 261 -3.15 4.07 -43.64
CA PRO C 261 -4.20 3.07 -43.74
C PRO C 261 -3.50 1.84 -44.40
N SER C 262 -2.33 1.92 -45.01
CA SER C 262 -1.60 0.77 -45.63
C SER C 262 -0.17 1.31 -45.87
N PRO C 263 0.99 0.59 -45.77
CA PRO C 263 2.35 1.10 -45.89
C PRO C 263 2.82 1.33 -47.29
N GLU C 264 1.88 1.76 -48.14
CA GLU C 264 2.02 2.08 -49.57
C GLU C 264 1.40 3.47 -49.75
N LEU C 265 0.52 3.85 -48.78
CA LEU C 265 -0.12 5.14 -48.72
C LEU C 265 0.25 5.54 -47.29
N HIS C 266 1.44 6.21 -47.14
CA HIS C 266 1.99 6.64 -45.85
C HIS C 266 2.65 7.92 -46.03
N PHE C 267 2.51 8.58 -47.20
CA PHE C 267 3.22 9.83 -47.53
C PHE C 267 2.37 10.93 -47.00
N LEU C 268 2.97 11.79 -46.10
CA LEU C 268 2.18 12.80 -45.41
C LEU C 268 2.58 14.14 -45.95
N SER C 269 1.59 15.12 -45.88
CA SER C 269 1.84 16.46 -46.19
C SER C 269 1.48 17.21 -44.90
N PRO C 270 2.27 18.21 -44.47
CA PRO C 270 1.89 19.18 -43.39
C PRO C 270 1.31 20.48 -44.01
N SER C 271 0.58 21.27 -43.27
CA SER C 271 0.36 22.68 -43.46
C SER C 271 0.32 23.25 -42.07
N PHE C 272 0.64 24.55 -41.86
CA PHE C 272 0.51 25.15 -40.53
C PHE C 272 0.15 26.57 -40.75
N THR C 273 -0.58 27.14 -39.83
CA THR C 273 -0.88 28.57 -39.85
C THR C 273 -1.02 28.89 -38.34
N PRO C 274 -0.49 29.99 -37.81
CA PRO C 274 0.66 30.72 -38.28
C PRO C 274 1.95 30.18 -37.64
N PHE C 275 2.13 30.34 -36.30
CA PHE C 275 3.13 29.79 -35.39
C PHE C 275 4.44 30.30 -35.91
N THR C 276 4.53 31.57 -36.22
CA THR C 276 5.62 32.26 -36.82
C THR C 276 5.38 33.73 -36.71
N SER C 277 4.16 34.14 -36.41
CA SER C 277 3.84 35.52 -36.46
C SER C 277 3.15 35.86 -35.21
N ASP C 278 2.89 37.16 -35.16
CA ASP C 278 2.18 37.80 -34.11
C ASP C 278 0.98 38.30 -34.82
N TYR C 279 0.89 38.11 -36.21
CA TYR C 279 -0.26 38.46 -37.02
C TYR C 279 -0.52 39.98 -37.02
N ILE C 280 0.44 40.67 -37.58
CA ILE C 280 0.48 42.12 -37.84
C ILE C 280 -0.82 42.79 -38.15
N HIS C 281 -1.03 43.90 -37.39
CA HIS C 281 -2.23 44.70 -37.42
C HIS C 281 -1.83 46.06 -37.15
N ASP C 282 -2.78 46.95 -37.18
CA ASP C 282 -2.58 48.34 -37.01
C ASP C 282 -3.04 48.75 -35.55
N ASP C 283 -3.69 47.80 -34.80
CA ASP C 283 -4.09 47.89 -33.45
C ASP C 283 -3.92 46.62 -32.80
N ILE C 284 -4.79 46.12 -31.96
CA ILE C 284 -4.81 44.87 -31.11
C ILE C 284 -4.69 43.68 -32.01
N ALA C 285 -3.94 42.63 -31.65
CA ALA C 285 -3.83 41.50 -32.51
C ALA C 285 -4.38 40.30 -31.81
N HIS C 286 -5.18 39.48 -32.60
CA HIS C 286 -5.61 38.24 -32.24
C HIS C 286 -5.72 37.54 -33.58
N LYS C 287 -5.79 36.18 -33.57
CA LYS C 287 -6.02 35.37 -34.72
C LYS C 287 -7.39 34.69 -34.45
N GLY C 288 -8.14 34.50 -35.57
CA GLY C 288 -9.45 33.82 -35.54
C GLY C 288 -9.40 32.42 -36.11
N HIS C 289 -10.23 31.42 -35.67
CA HIS C 289 -10.08 30.03 -36.14
C HIS C 289 -10.26 29.76 -37.64
N SER C 290 -11.27 30.50 -38.18
CA SER C 290 -11.66 30.54 -39.55
C SER C 290 -10.50 31.05 -40.46
N SER C 291 -9.78 32.10 -39.93
CA SER C 291 -8.66 32.70 -40.55
C SER C 291 -7.52 31.69 -40.73
N TYR C 292 -7.28 30.87 -39.71
CA TYR C 292 -6.31 29.76 -39.75
C TYR C 292 -6.69 28.72 -40.80
N ASP C 293 -7.96 28.25 -40.88
CA ASP C 293 -8.39 27.16 -41.72
C ASP C 293 -8.23 27.52 -43.18
N VAL C 294 -8.53 28.81 -43.57
CA VAL C 294 -8.43 29.35 -44.93
C VAL C 294 -7.00 29.29 -45.42
N MET C 295 -6.01 29.68 -44.50
CA MET C 295 -4.61 29.72 -44.79
C MET C 295 -4.01 28.38 -45.06
N LEU C 296 -4.52 27.27 -44.41
CA LEU C 296 -4.08 25.92 -44.71
C LEU C 296 -4.31 25.51 -46.19
N ASP C 297 -5.45 26.09 -46.72
CA ASP C 297 -5.90 25.86 -48.12
C ASP C 297 -5.04 26.57 -49.04
N LEU C 298 -4.41 27.68 -48.69
CA LEU C 298 -3.53 28.46 -49.50
C LEU C 298 -2.20 27.70 -49.59
N LEU C 299 -1.52 27.78 -50.72
CA LEU C 299 -0.30 27.01 -51.01
C LEU C 299 0.92 27.45 -50.21
N ASP C 300 0.95 28.71 -49.94
CA ASP C 300 1.95 29.39 -49.37
C ASP C 300 2.14 29.19 -47.81
N PRO C 301 1.12 29.13 -46.95
CA PRO C 301 1.45 28.64 -45.60
C PRO C 301 1.53 27.13 -45.52
N SER C 302 1.25 26.44 -46.67
CA SER C 302 1.35 25.01 -46.67
C SER C 302 2.85 24.67 -46.77
N ASN C 303 3.32 23.75 -45.89
CA ASN C 303 4.70 23.52 -45.76
C ASN C 303 5.17 22.45 -46.68
N SER C 304 4.36 22.07 -47.66
CA SER C 304 4.71 21.09 -48.64
C SER C 304 4.16 21.57 -49.92
N LEU C 305 4.62 20.78 -50.93
CA LEU C 305 4.27 21.14 -52.31
C LEU C 305 3.76 19.79 -52.86
N VAL C 306 2.67 19.77 -53.69
CA VAL C 306 2.07 18.58 -54.20
C VAL C 306 1.55 18.98 -55.56
N SER C 307 2.29 19.93 -56.09
CA SER C 307 2.14 20.67 -57.29
C SER C 307 0.67 20.95 -57.69
N THR C 308 -0.14 21.57 -56.77
CA THR C 308 -1.50 21.92 -56.98
C THR C 308 -1.66 23.31 -56.35
N ALA C 309 -2.88 23.82 -56.45
CA ALA C 309 -3.40 25.08 -55.96
C ALA C 309 -3.54 25.02 -54.41
N MET C 310 -4.08 23.83 -53.91
CA MET C 310 -4.27 23.37 -52.57
C MET C 310 -5.67 23.77 -52.05
N ASN C 311 -6.38 24.37 -53.02
CA ASN C 311 -7.65 24.97 -53.07
C ASN C 311 -8.51 24.06 -53.82
N ASN C 312 -7.96 22.89 -54.26
CA ASN C 312 -8.53 21.84 -55.15
C ASN C 312 -9.23 20.87 -54.22
N PRO C 313 -10.36 20.22 -54.50
CA PRO C 313 -10.82 19.08 -53.65
C PRO C 313 -9.88 17.85 -53.54
N THR C 314 -9.23 17.45 -54.66
CA THR C 314 -8.32 16.34 -54.75
C THR C 314 -8.84 15.08 -54.13
N TYR C 315 -7.97 14.31 -53.48
CA TYR C 315 -8.40 13.08 -52.90
C TYR C 315 -7.59 13.09 -51.68
N PHE C 316 -8.20 13.22 -50.48
CA PHE C 316 -7.67 13.04 -49.19
C PHE C 316 -7.98 11.59 -48.87
N ASN C 317 -6.92 10.90 -48.45
CA ASN C 317 -7.02 9.57 -47.93
C ASN C 317 -7.51 9.61 -46.49
N VAL C 318 -6.96 10.56 -45.74
CA VAL C 318 -7.32 10.71 -44.37
C VAL C 318 -6.92 12.10 -44.12
N TYR C 319 -7.62 12.70 -43.08
CA TYR C 319 -7.45 14.11 -42.75
C TYR C 319 -7.42 14.10 -41.27
N ASN C 320 -6.47 14.86 -40.67
CA ASN C 320 -6.34 15.11 -39.28
C ASN C 320 -6.08 16.63 -39.09
N THR C 321 -6.83 17.33 -38.20
CA THR C 321 -6.56 18.69 -37.96
C THR C 321 -6.22 18.89 -36.47
N ILE C 322 -5.13 19.55 -36.16
CA ILE C 322 -4.69 19.68 -34.83
C ILE C 322 -4.86 21.10 -34.34
N ILE C 323 -5.70 21.33 -33.36
CA ILE C 323 -6.11 22.63 -32.89
C ILE C 323 -5.44 22.88 -31.56
N GLY C 324 -4.87 24.07 -31.57
CA GLY C 324 -4.16 24.55 -30.42
C GLY C 324 -4.86 25.86 -30.14
N ASN C 325 -5.41 25.99 -28.92
CA ASN C 325 -6.21 27.05 -28.37
C ASN C 325 -6.80 26.48 -27.13
N VAL C 326 -7.49 27.23 -26.31
CA VAL C 326 -8.22 26.81 -25.19
C VAL C 326 -9.64 27.05 -25.38
N GLU C 327 -10.18 27.47 -26.55
CA GLU C 327 -11.59 27.54 -26.74
C GLU C 327 -12.31 26.25 -26.39
N PRO C 328 -13.48 26.25 -25.85
CA PRO C 328 -14.25 25.04 -25.60
C PRO C 328 -14.29 23.90 -26.67
N ARG C 329 -14.25 22.65 -26.13
CA ARG C 329 -14.25 21.39 -26.84
C ARG C 329 -15.52 21.16 -27.65
N GLN C 330 -16.77 21.53 -27.24
CA GLN C 330 -17.92 21.46 -28.14
C GLN C 330 -17.82 22.43 -29.30
N ILE C 331 -17.24 23.69 -29.18
CA ILE C 331 -17.11 24.52 -30.32
C ILE C 331 -16.22 23.89 -31.38
N SER C 332 -15.06 23.28 -30.95
CA SER C 332 -14.07 22.59 -31.75
C SER C 332 -14.70 21.40 -32.38
N ARG C 333 -15.64 20.64 -31.61
CA ARG C 333 -16.34 19.43 -32.15
C ARG C 333 -17.24 19.85 -33.29
N ALA C 334 -17.99 20.98 -33.11
CA ALA C 334 -18.93 21.52 -34.05
C ALA C 334 -18.24 21.98 -35.35
N MET C 335 -17.10 22.58 -35.25
CA MET C 335 -16.23 23.08 -36.36
C MET C 335 -15.79 21.80 -37.14
N THR C 336 -15.39 20.70 -36.44
CA THR C 336 -14.95 19.42 -37.07
C THR C 336 -16.01 18.73 -37.85
N LYS C 337 -17.23 18.85 -37.29
CA LYS C 337 -18.47 18.28 -37.80
C LYS C 337 -18.72 18.94 -39.10
N LEU C 338 -18.49 20.25 -39.12
CA LEU C 338 -18.68 21.17 -40.25
C LEU C 338 -17.70 20.93 -41.43
N GLN C 339 -16.43 20.65 -41.18
CA GLN C 339 -15.37 20.31 -42.10
C GLN C 339 -15.74 19.01 -42.79
N GLN C 340 -16.33 18.06 -41.98
CA GLN C 340 -16.80 16.87 -42.57
C GLN C 340 -17.97 16.97 -43.52
N ARG C 341 -18.99 17.81 -43.13
CA ARG C 341 -20.20 18.11 -43.78
C ARG C 341 -20.12 18.77 -45.13
N ILE C 342 -19.18 19.71 -45.21
CA ILE C 342 -19.05 20.49 -46.39
C ILE C 342 -18.69 19.73 -47.66
N LYS C 343 -17.93 18.64 -47.41
CA LYS C 343 -17.44 17.67 -48.40
C LYS C 343 -16.54 18.31 -49.38
N PHE C 344 -15.59 19.07 -48.86
CA PHE C 344 -14.39 19.56 -49.58
C PHE C 344 -13.57 18.44 -49.99
N PRO C 345 -13.15 17.48 -49.16
CA PRO C 345 -12.39 16.32 -49.70
C PRO C 345 -13.36 15.30 -50.43
N SER C 346 -12.84 14.57 -51.38
CA SER C 346 -13.63 13.64 -52.21
C SER C 346 -13.24 12.28 -51.69
N TRP C 347 -14.25 11.32 -51.86
CA TRP C 347 -14.36 10.02 -51.33
C TRP C 347 -14.87 9.16 -52.43
N SER C 348 -14.67 7.84 -52.19
CA SER C 348 -15.21 6.72 -53.03
C SER C 348 -15.68 5.64 -52.09
N SER C 349 -14.92 4.57 -51.94
CA SER C 349 -15.40 3.40 -51.18
C SER C 349 -14.17 2.68 -50.62
N SER C 350 -12.96 3.38 -50.65
CA SER C 350 -11.67 2.98 -50.12
C SER C 350 -11.19 3.93 -49.12
N ALA C 351 -12.13 4.75 -48.56
CA ALA C 351 -11.92 5.73 -47.52
C ALA C 351 -13.16 6.56 -47.71
N MET C 352 -13.98 6.66 -46.69
CA MET C 352 -15.23 7.43 -46.87
C MET C 352 -15.43 8.21 -45.64
N HIS C 353 -15.71 9.58 -45.90
CA HIS C 353 -15.88 10.76 -45.03
C HIS C 353 -15.20 10.64 -43.68
N VAL C 354 -13.89 10.64 -43.63
CA VAL C 354 -13.06 10.55 -42.41
C VAL C 354 -12.40 11.88 -42.39
N ASN C 355 -12.71 12.75 -41.36
CA ASN C 355 -12.02 13.94 -40.96
C ASN C 355 -11.96 13.81 -39.45
N ILE C 356 -10.72 13.88 -38.94
CA ILE C 356 -10.46 13.76 -37.58
C ILE C 356 -9.81 15.00 -37.10
N GLY C 357 -9.95 15.23 -35.76
CA GLY C 357 -9.52 16.39 -35.08
C GLY C 357 -8.83 15.80 -33.84
N ARG C 358 -7.69 16.44 -33.42
CA ARG C 358 -6.92 16.12 -32.27
C ARG C 358 -6.94 17.50 -31.54
N ARG C 359 -7.04 17.51 -30.26
CA ARG C 359 -7.15 18.71 -29.49
C ARG C 359 -6.04 18.85 -28.49
N SER C 360 -5.56 20.07 -28.33
CA SER C 360 -4.61 20.47 -27.32
C SER C 360 -4.92 21.78 -26.84
N PRO C 361 -4.55 22.17 -25.57
CA PRO C 361 -4.60 23.54 -25.04
C PRO C 361 -3.50 24.39 -25.63
N TYR C 362 -3.43 25.68 -25.29
CA TYR C 362 -2.44 26.65 -25.81
C TYR C 362 -1.39 26.81 -24.63
N LEU C 363 -0.10 26.98 -25.01
CA LEU C 363 1.04 26.94 -24.09
C LEU C 363 1.51 28.35 -24.10
N PRO C 364 1.80 29.05 -22.97
CA PRO C 364 2.19 30.40 -23.06
C PRO C 364 3.60 30.57 -23.59
N LEU C 365 4.46 29.58 -23.38
CA LEU C 365 5.88 29.64 -23.63
C LEU C 365 5.99 28.98 -24.95
N GLN C 366 5.79 29.75 -26.02
CA GLN C 366 5.93 29.36 -27.38
C GLN C 366 6.74 30.53 -28.06
N PRO C 367 7.57 30.28 -29.05
CA PRO C 367 8.30 31.36 -29.68
C PRO C 367 7.45 32.33 -30.35
N ASN C 368 6.22 32.00 -30.74
CA ASN C 368 5.31 33.03 -31.32
C ASN C 368 4.05 32.70 -30.61
N GLU C 369 3.32 33.80 -30.32
CA GLU C 369 2.02 33.71 -29.74
C GLU C 369 1.03 34.28 -30.59
N ASN C 370 -0.12 33.57 -30.75
CA ASN C 370 -1.30 33.92 -31.50
C ASN C 370 -2.37 33.40 -30.66
N GLU C 371 -3.70 33.76 -30.90
CA GLU C 371 -4.69 33.29 -29.99
C GLU C 371 -5.04 31.77 -30.30
N VAL C 372 -5.23 31.52 -31.62
CA VAL C 372 -5.53 30.21 -32.08
C VAL C 372 -4.47 29.94 -33.08
N SER C 373 -3.94 28.72 -33.19
CA SER C 373 -3.12 28.27 -34.20
C SER C 373 -3.62 26.86 -34.42
N GLY C 374 -3.20 26.15 -35.53
CA GLY C 374 -3.50 24.78 -35.70
C GLY C 374 -2.60 24.34 -36.82
N MET C 375 -2.48 22.96 -36.95
CA MET C 375 -1.68 22.31 -37.89
C MET C 375 -2.49 21.32 -38.58
N MET C 376 -2.22 21.02 -39.86
CA MET C 376 -2.93 20.05 -40.63
C MET C 376 -1.90 18.94 -40.93
N LEU C 377 -2.27 17.64 -40.82
CA LEU C 377 -1.62 16.45 -41.16
C LEU C 377 -2.58 15.73 -42.04
N SER C 378 -2.18 15.42 -43.30
CA SER C 378 -3.15 14.74 -44.21
C SER C 378 -2.30 13.75 -44.94
N ASN C 379 -2.92 12.62 -45.35
CA ASN C 379 -2.24 11.71 -46.27
C ASN C 379 -3.07 11.95 -47.51
N MET C 380 -2.44 12.47 -48.57
CA MET C 380 -3.19 12.82 -49.77
C MET C 380 -2.46 12.05 -50.83
N SER C 381 -3.24 11.54 -51.89
CA SER C 381 -2.69 10.66 -52.90
C SER C 381 -1.77 11.41 -53.90
N THR C 382 -1.92 12.77 -53.89
CA THR C 382 -1.31 13.78 -54.68
C THR C 382 0.17 13.79 -54.47
N VAL C 383 0.65 13.24 -53.32
CA VAL C 383 2.11 13.25 -53.11
C VAL C 383 2.89 12.54 -54.21
N VAL C 384 2.28 11.67 -55.00
CA VAL C 384 2.90 10.89 -56.06
C VAL C 384 3.61 11.69 -57.13
N ASN C 385 3.14 12.94 -57.55
CA ASN C 385 3.72 13.73 -58.53
C ASN C 385 5.16 14.11 -58.11
N VAL C 386 5.44 14.26 -56.80
CA VAL C 386 6.67 14.73 -56.24
C VAL C 386 7.78 13.74 -56.57
N PHE C 387 7.51 12.41 -56.42
CA PHE C 387 8.33 11.32 -56.83
C PHE C 387 8.50 11.18 -58.34
N GLU C 388 7.41 11.42 -59.15
CA GLU C 388 7.48 11.52 -60.66
C GLU C 388 8.31 12.76 -61.11
N ASN C 389 8.21 13.93 -60.36
CA ASN C 389 9.02 15.11 -60.65
C ASN C 389 10.49 14.88 -60.48
N ALA C 390 10.89 14.21 -59.39
CA ALA C 390 12.22 13.86 -59.08
C ALA C 390 12.80 12.88 -60.14
N CYS C 391 12.00 11.87 -60.62
CA CYS C 391 12.45 10.96 -61.70
C CYS C 391 12.72 11.72 -63.00
N ASN C 392 11.81 12.70 -63.41
CA ASN C 392 11.97 13.39 -64.63
C ASN C 392 13.24 14.26 -64.68
N THR C 393 13.55 15.06 -63.59
CA THR C 393 14.72 15.98 -63.49
C THR C 393 15.90 15.06 -63.50
N PHE C 394 15.83 13.83 -62.83
CA PHE C 394 16.99 12.92 -62.79
C PHE C 394 17.36 12.50 -64.24
N ASP C 395 16.29 12.18 -65.05
CA ASP C 395 16.44 11.59 -66.36
C ASP C 395 17.20 12.48 -67.35
N LYS C 396 16.88 13.78 -67.30
CA LYS C 396 17.53 14.81 -68.06
C LYS C 396 18.98 14.99 -67.65
N VAL C 397 19.34 14.96 -66.32
CA VAL C 397 20.71 15.20 -65.88
C VAL C 397 21.57 14.13 -66.27
N PHE C 398 21.03 12.87 -66.11
CA PHE C 398 21.67 11.61 -66.44
C PHE C 398 21.98 11.48 -67.90
N ALA C 399 20.95 11.83 -68.72
CA ALA C 399 20.99 11.83 -70.11
C ALA C 399 22.07 12.77 -70.66
N LYS C 400 22.21 14.01 -70.09
CA LYS C 400 23.16 14.93 -70.52
C LYS C 400 24.56 14.55 -70.22
N GLY C 401 24.82 13.81 -69.09
CA GLY C 401 26.14 13.41 -68.70
C GLY C 401 26.82 14.50 -67.88
N ALA C 402 26.08 15.60 -67.49
CA ALA C 402 26.63 16.63 -66.64
C ALA C 402 26.49 16.31 -65.18
N PHE C 403 27.72 16.42 -64.48
CA PHE C 403 27.80 16.35 -63.05
C PHE C 403 27.66 14.90 -62.52
N LEU C 404 27.86 13.89 -63.43
CA LEU C 404 27.82 12.47 -63.13
C LEU C 404 29.20 12.08 -62.43
N ASN C 405 30.28 12.83 -62.65
CA ASN C 405 31.63 12.63 -62.34
C ASN C 405 31.79 12.33 -60.84
N ASN C 406 31.24 13.08 -59.95
CA ASN C 406 31.44 13.03 -58.50
C ASN C 406 30.91 11.70 -57.93
N TYR C 407 29.80 11.16 -58.46
CA TYR C 407 29.21 9.88 -58.07
C TYR C 407 30.16 8.84 -58.47
N ASN C 408 30.79 8.96 -59.66
CA ASN C 408 31.77 7.99 -60.25
C ASN C 408 32.99 7.80 -59.40
N VAL C 409 33.42 8.92 -58.70
CA VAL C 409 34.56 8.91 -57.80
C VAL C 409 34.29 7.91 -56.71
N GLY C 410 33.02 7.71 -56.25
CA GLY C 410 32.66 6.74 -55.32
C GLY C 410 32.38 5.42 -56.10
N ASP C 411 32.82 4.33 -55.52
CA ASP C 411 32.76 3.05 -55.95
C ASP C 411 31.43 2.43 -56.15
N LEU C 412 30.48 2.75 -55.22
CA LEU C 412 29.11 2.28 -55.29
C LEU C 412 28.37 2.77 -56.49
N PHE C 413 28.45 4.01 -56.90
CA PHE C 413 27.73 4.39 -58.11
C PHE C 413 28.52 4.08 -59.40
N GLN C 414 29.83 3.85 -59.38
CA GLN C 414 30.68 3.51 -60.48
C GLN C 414 30.33 2.09 -61.02
N SER C 415 30.10 1.19 -60.10
CA SER C 415 29.77 -0.26 -60.35
C SER C 415 28.34 -0.38 -60.45
N MET C 416 27.50 0.67 -60.21
CA MET C 416 26.10 0.29 -59.98
C MET C 416 25.25 1.44 -60.36
N GLN C 417 24.72 1.27 -61.58
CA GLN C 417 23.88 2.23 -62.23
C GLN C 417 22.51 1.57 -62.23
N ASN C 418 22.46 0.29 -61.76
CA ASN C 418 21.46 -0.67 -61.69
C ASN C 418 20.42 -0.26 -60.76
N VAL C 419 20.84 0.34 -59.67
CA VAL C 419 20.03 0.82 -58.57
C VAL C 419 18.98 1.80 -59.08
N GLN C 420 19.31 2.71 -60.11
CA GLN C 420 18.40 3.68 -60.69
C GLN C 420 17.21 3.03 -61.43
N ASP C 421 17.49 1.97 -62.19
CA ASP C 421 16.63 1.11 -63.00
C ASP C 421 15.62 0.38 -62.14
N GLU C 422 16.15 -0.08 -60.97
CA GLU C 422 15.47 -0.78 -59.95
C GLU C 422 14.40 0.13 -59.39
N PHE C 423 14.74 1.37 -59.14
CA PHE C 423 13.77 2.39 -58.63
C PHE C 423 12.69 2.69 -59.53
N ALA C 424 13.00 2.83 -60.83
CA ALA C 424 11.88 3.12 -61.75
C ALA C 424 10.75 2.06 -61.77
N GLU C 425 11.15 0.77 -61.76
CA GLU C 425 10.15 -0.32 -61.79
C GLU C 425 9.26 -0.38 -60.58
N SER C 426 9.92 -0.22 -59.43
CA SER C 426 9.36 -0.19 -58.07
C SER C 426 8.43 0.98 -57.93
N ARG C 427 8.76 2.18 -58.46
CA ARG C 427 8.04 3.45 -58.43
C ARG C 427 6.69 3.36 -59.10
N GLU C 428 6.68 2.68 -60.18
CA GLU C 428 5.47 2.55 -60.92
C GLU C 428 4.46 1.73 -60.17
N VAL C 429 4.90 0.62 -59.42
CA VAL C 429 4.00 -0.19 -58.64
C VAL C 429 3.37 0.61 -57.54
N VAL C 430 4.21 1.46 -56.85
CA VAL C 430 3.78 2.25 -55.78
C VAL C 430 2.77 3.26 -56.21
N GLN C 431 3.04 3.88 -57.38
CA GLN C 431 2.21 4.84 -58.07
C GLN C 431 0.85 4.29 -58.42
N SER C 432 0.81 2.95 -58.92
CA SER C 432 -0.48 2.42 -59.19
C SER C 432 -1.38 2.26 -57.97
N LEU C 433 -0.71 1.79 -56.88
CA LEU C 433 -1.40 1.45 -55.65
C LEU C 433 -2.03 2.74 -55.04
N MET C 434 -1.27 3.85 -55.10
CA MET C 434 -1.69 5.19 -54.59
C MET C 434 -2.83 5.72 -55.43
N GLU C 435 -2.87 5.45 -56.74
CA GLU C 435 -3.99 5.68 -57.67
C GLU C 435 -5.21 4.74 -57.46
N ASP C 436 -5.07 3.46 -57.04
CA ASP C 436 -6.18 2.55 -56.82
C ASP C 436 -7.05 3.02 -55.63
N TYR C 437 -6.41 3.61 -54.61
CA TYR C 437 -7.25 4.23 -53.55
C TYR C 437 -8.15 5.37 -54.00
N VAL C 438 -7.84 6.15 -55.03
CA VAL C 438 -8.59 7.32 -55.49
C VAL C 438 -9.89 6.89 -56.01
N ALA C 439 -9.98 5.67 -56.58
CA ALA C 439 -11.19 5.05 -57.09
C ALA C 439 -11.63 4.09 -56.01
N ALA C 440 -12.27 3.00 -56.44
CA ALA C 440 -12.71 1.98 -55.55
C ALA C 440 -12.19 0.67 -56.07
N GLU C 441 -11.07 0.69 -56.87
CA GLU C 441 -10.54 -0.50 -57.52
C GLU C 441 -9.60 -1.30 -56.68
N GLN C 442 -9.42 -0.85 -55.40
CA GLN C 442 -8.70 -1.42 -54.31
C GLN C 442 -9.46 -2.58 -53.67
N ASP C 443 -10.78 -2.38 -53.48
CA ASP C 443 -11.68 -3.43 -53.15
C ASP C 443 -11.81 -4.42 -54.34
N SER C 444 -12.36 -5.55 -54.00
CA SER C 444 -12.57 -6.59 -54.86
C SER C 444 -13.70 -7.46 -54.36
N TYR C 445 -14.19 -7.20 -53.16
CA TYR C 445 -15.30 -7.96 -52.61
C TYR C 445 -16.23 -7.07 -51.73
N MET D 1 29.72 -25.27 9.71
CA MET D 1 31.13 -25.47 10.22
C MET D 1 31.93 -24.37 9.52
N GLY D 2 33.24 -24.57 9.40
CA GLY D 2 34.16 -23.61 8.76
C GLY D 2 34.15 -23.84 7.29
N GLY D 3 34.26 -25.15 6.89
CA GLY D 3 34.02 -25.52 5.48
C GLY D 3 35.11 -25.05 4.58
N GLU D 4 36.42 -25.27 5.01
CA GLU D 4 37.48 -24.60 4.30
C GLU D 4 37.89 -25.23 2.94
N ILE D 5 38.42 -24.40 2.10
CA ILE D 5 38.93 -24.85 0.78
C ILE D 5 40.33 -24.36 0.75
N ILE D 6 41.24 -25.17 0.23
CA ILE D 6 42.58 -24.64 -0.10
C ILE D 6 42.51 -24.75 -1.56
N THR D 7 43.05 -23.77 -2.32
CA THR D 7 42.97 -23.55 -3.70
C THR D 7 44.41 -23.93 -4.06
N LEU D 8 44.46 -24.70 -5.14
CA LEU D 8 45.65 -25.07 -5.78
C LEU D 8 45.55 -24.43 -7.10
N GLN D 9 46.54 -23.59 -7.59
CA GLN D 9 46.48 -22.98 -8.86
C GLN D 9 47.63 -23.58 -9.58
N ALA D 10 47.41 -24.14 -10.77
CA ALA D 10 48.46 -24.79 -11.55
C ALA D 10 48.20 -24.14 -12.87
N GLY D 11 49.34 -23.78 -13.53
CA GLY D 11 49.19 -23.36 -14.95
C GLY D 11 48.97 -21.94 -15.08
N GLN D 12 49.01 -21.52 -16.37
CA GLN D 12 48.89 -20.13 -16.68
C GLN D 12 47.59 -19.45 -16.39
N CYS D 13 46.47 -20.07 -16.86
CA CYS D 13 45.12 -19.76 -16.67
C CYS D 13 44.83 -19.89 -15.27
N GLY D 14 45.20 -20.94 -14.54
CA GLY D 14 44.94 -21.05 -13.11
C GLY D 14 45.50 -19.99 -12.27
N ASN D 15 46.75 -19.54 -12.43
CA ASN D 15 47.37 -18.53 -11.67
C ASN D 15 46.74 -17.23 -11.92
N HIS D 16 46.38 -16.88 -13.20
CA HIS D 16 45.72 -15.71 -13.50
C HIS D 16 44.32 -15.54 -13.02
N VAL D 17 43.50 -16.62 -13.23
CA VAL D 17 42.09 -16.64 -12.87
C VAL D 17 42.06 -16.58 -11.38
N GLY D 18 43.00 -17.29 -10.69
CA GLY D 18 43.02 -17.24 -9.20
C GLY D 18 43.30 -15.81 -8.71
N LYS D 19 44.29 -15.02 -9.29
CA LYS D 19 44.60 -13.73 -8.79
C LYS D 19 43.40 -12.86 -8.91
N PHE D 20 42.66 -12.85 -10.05
CA PHE D 20 41.42 -12.10 -10.35
C PHE D 20 40.32 -12.51 -9.44
N LEU D 21 40.20 -13.80 -9.14
CA LEU D 21 39.21 -14.27 -8.24
C LEU D 21 39.23 -13.73 -6.85
N TRP D 22 40.52 -13.71 -6.30
CA TRP D 22 40.78 -13.17 -4.98
C TRP D 22 40.53 -11.71 -4.89
N SER D 23 40.91 -10.96 -5.94
CA SER D 23 40.73 -9.54 -6.08
C SER D 23 39.26 -9.19 -6.00
N GLN D 24 38.42 -9.97 -6.63
CA GLN D 24 37.01 -9.77 -6.68
C GLN D 24 36.21 -9.91 -5.38
N LEU D 25 36.55 -10.97 -4.61
CA LEU D 25 36.14 -11.33 -3.30
C LEU D 25 36.67 -10.25 -2.41
N ALA D 26 37.92 -9.77 -2.60
CA ALA D 26 38.56 -8.75 -1.80
C ALA D 26 37.79 -7.43 -1.79
N LYS D 27 37.29 -7.04 -3.03
CA LYS D 27 36.39 -5.86 -3.27
C LYS D 27 35.11 -6.13 -2.53
N GLU D 28 34.54 -7.41 -2.63
CA GLU D 28 33.27 -7.78 -2.13
C GLU D 28 33.18 -7.77 -0.61
N HIS D 29 34.25 -8.14 0.13
CA HIS D 29 34.34 -8.25 1.56
C HIS D 29 34.92 -7.04 2.23
N ALA D 30 34.91 -5.87 1.55
CA ALA D 30 35.35 -4.60 2.10
C ALA D 30 36.82 -4.56 2.51
N ILE D 31 37.73 -5.30 1.81
CA ILE D 31 39.10 -5.37 2.19
C ILE D 31 39.94 -4.93 1.13
N GLY D 32 41.25 -4.80 1.38
CA GLY D 32 42.17 -4.25 0.39
C GLY D 32 42.67 -5.32 -0.49
N THR D 33 43.33 -4.82 -1.52
CA THR D 33 43.69 -5.67 -2.68
C THR D 33 45.18 -5.80 -2.68
N ASP D 34 45.77 -5.19 -1.60
CA ASP D 34 47.04 -5.40 -0.99
C ASP D 34 46.89 -6.20 0.30
N GLY D 35 45.61 -6.55 0.74
CA GLY D 35 45.47 -7.42 1.90
C GLY D 35 45.25 -6.61 3.10
N LEU D 36 44.15 -6.74 3.79
CA LEU D 36 43.92 -5.96 5.06
C LEU D 36 42.71 -6.65 5.62
N SER D 37 42.64 -6.74 6.95
CA SER D 37 41.56 -7.37 7.68
C SER D 37 40.71 -6.23 8.07
N GLN D 38 39.36 -6.38 7.97
CA GLN D 38 38.42 -5.37 8.39
C GLN D 38 37.27 -5.97 8.97
N LEU D 39 36.66 -5.21 9.91
CA LEU D 39 35.48 -5.54 10.59
C LEU D 39 34.28 -5.62 9.73
N PRO D 40 33.96 -4.78 8.81
CA PRO D 40 32.94 -5.07 7.78
C PRO D 40 33.27 -6.37 6.96
N ASP D 41 32.27 -7.33 7.04
CA ASP D 41 32.22 -8.61 6.33
C ASP D 41 33.23 -9.58 6.92
N SER D 42 33.35 -9.55 8.27
CA SER D 42 34.13 -10.46 9.06
C SER D 42 33.72 -10.37 10.47
N SER D 43 32.58 -9.68 10.77
CA SER D 43 31.94 -9.40 12.04
C SER D 43 30.65 -8.79 11.75
N THR D 44 30.02 -9.22 10.70
CA THR D 44 28.71 -8.83 10.33
C THR D 44 27.99 -10.17 10.17
N GLU D 45 26.64 -10.16 10.17
CA GLU D 45 25.93 -11.38 9.96
C GLU D 45 25.62 -11.59 8.49
N ARG D 46 25.72 -10.48 7.77
CA ARG D 46 25.36 -10.26 6.38
C ARG D 46 26.22 -11.05 5.48
N ASP D 47 27.53 -11.20 5.83
CA ASP D 47 28.43 -12.02 5.14
C ASP D 47 29.31 -12.62 6.24
N ASP D 48 29.56 -13.89 6.03
CA ASP D 48 30.44 -14.66 6.80
C ASP D 48 30.94 -15.58 5.76
N ASP D 49 31.96 -16.40 6.19
CA ASP D 49 32.71 -17.39 5.45
C ASP D 49 33.71 -16.51 4.62
N THR D 50 34.73 -16.00 5.38
CA THR D 50 36.03 -15.59 4.97
C THR D 50 37.08 -16.56 5.32
N LYS D 51 36.65 -17.64 5.99
CA LYS D 51 37.55 -18.64 6.51
C LYS D 51 37.92 -19.58 5.35
N PRO D 52 37.11 -19.87 4.33
CA PRO D 52 37.60 -20.70 3.25
C PRO D 52 38.45 -20.01 2.26
N PHE D 53 38.03 -18.75 1.83
CA PHE D 53 38.64 -17.94 0.81
C PHE D 53 40.02 -17.48 1.27
N PHE D 54 39.99 -16.91 2.50
CA PHE D 54 41.09 -16.16 3.12
C PHE D 54 41.47 -16.82 4.37
N ARG D 55 42.71 -16.51 4.87
CA ARG D 55 43.17 -17.03 6.18
C ARG D 55 43.74 -15.85 6.88
N GLU D 56 43.75 -15.99 8.20
CA GLU D 56 44.39 -15.03 9.13
C GLU D 56 45.63 -15.71 9.66
N ASN D 57 46.81 -14.94 9.75
CA ASN D 57 48.05 -15.48 10.25
C ASN D 57 48.51 -14.65 11.44
N SER D 58 47.64 -13.73 11.82
CA SER D 58 47.78 -12.74 12.88
C SER D 58 48.81 -11.67 12.52
N ARG D 59 48.73 -11.11 11.27
CA ARG D 59 49.52 -10.03 10.68
C ARG D 59 48.63 -8.82 10.54
N ASN D 60 47.35 -9.02 10.86
CA ASN D 60 46.23 -8.13 10.80
C ASN D 60 45.90 -7.78 9.36
N LYS D 61 46.05 -8.73 8.51
CA LYS D 61 45.73 -8.71 7.10
C LYS D 61 45.33 -10.10 6.77
N PHE D 62 44.43 -10.31 5.82
CA PHE D 62 44.09 -11.61 5.23
C PHE D 62 45.16 -11.94 4.17
N THR D 63 45.48 -13.27 3.95
CA THR D 63 46.42 -13.72 2.97
C THR D 63 45.52 -14.79 2.33
N PRO D 64 45.44 -15.08 0.98
CA PRO D 64 44.55 -16.05 0.38
C PRO D 64 45.05 -17.42 0.71
N ARG D 65 44.08 -18.37 0.91
CA ARG D 65 44.37 -19.74 1.12
C ARG D 65 44.71 -20.40 -0.27
N ALA D 66 45.82 -19.96 -0.89
CA ALA D 66 46.08 -20.38 -2.20
C ALA D 66 47.54 -20.69 -2.35
N ILE D 67 47.84 -21.73 -3.21
CA ILE D 67 49.24 -22.10 -3.46
C ILE D 67 49.45 -21.88 -5.03
N MET D 68 50.58 -21.24 -5.47
CA MET D 68 50.73 -20.94 -6.86
C MET D 68 51.92 -21.75 -7.40
N MET D 69 51.63 -22.41 -8.53
CA MET D 69 52.65 -23.14 -9.24
C MET D 69 52.40 -22.76 -10.66
N ASP D 70 53.44 -22.48 -11.45
CA ASP D 70 53.42 -22.23 -12.89
C ASP D 70 54.82 -21.83 -13.20
N SER D 71 55.07 -21.22 -14.33
CA SER D 71 56.38 -20.58 -14.72
C SER D 71 56.33 -19.07 -14.51
N GLU D 72 57.16 -18.39 -15.35
CA GLU D 72 57.40 -16.95 -15.21
C GLU D 72 56.19 -16.10 -15.49
N PRO D 73 55.34 -16.30 -16.63
CA PRO D 73 54.38 -15.33 -17.08
C PRO D 73 53.54 -14.80 -16.07
N SER D 74 52.90 -15.78 -15.37
CA SER D 74 51.87 -15.44 -14.42
C SER D 74 52.40 -14.74 -13.20
N VAL D 75 53.54 -15.21 -12.61
CA VAL D 75 54.11 -14.54 -11.44
C VAL D 75 54.60 -13.17 -11.64
N ILE D 76 55.18 -12.81 -12.77
CA ILE D 76 55.65 -11.53 -13.18
C ILE D 76 54.47 -10.64 -13.27
N ALA D 77 53.28 -11.16 -13.78
CA ALA D 77 52.03 -10.34 -13.91
C ALA D 77 51.54 -9.82 -12.62
N ASP D 78 51.58 -10.63 -11.57
CA ASP D 78 51.11 -10.36 -10.22
C ASP D 78 51.92 -9.20 -9.59
N VAL D 79 53.29 -9.09 -9.80
CA VAL D 79 54.20 -8.08 -9.30
C VAL D 79 53.85 -6.73 -9.93
N GLU D 80 53.44 -6.66 -11.19
CA GLU D 80 53.16 -5.43 -11.84
C GLU D 80 51.95 -4.70 -11.30
N ASN D 81 50.90 -5.44 -10.85
CA ASN D 81 49.64 -5.00 -10.42
C ASN D 81 49.70 -4.74 -8.92
N THR D 82 48.53 -4.20 -8.38
CA THR D 82 48.30 -3.86 -7.02
C THR D 82 47.71 -5.10 -6.32
N PHE D 83 48.50 -6.17 -6.14
CA PHE D 83 48.17 -7.41 -5.57
C PHE D 83 49.38 -7.88 -4.88
N ARG D 84 50.54 -7.19 -4.89
CA ARG D 84 51.75 -7.49 -4.15
C ARG D 84 51.48 -7.27 -2.62
N GLY D 85 52.05 -8.15 -1.75
CA GLY D 85 51.76 -8.11 -0.39
C GLY D 85 50.40 -8.62 0.00
N PHE D 86 49.57 -8.99 -1.05
CA PHE D 86 48.37 -9.81 -0.81
C PHE D 86 48.68 -11.25 -1.06
N PHE D 87 49.81 -11.83 -0.51
CA PHE D 87 50.25 -13.19 -0.74
C PHE D 87 51.48 -13.55 0.14
N ASP D 88 51.67 -14.77 0.53
CA ASP D 88 52.71 -15.26 1.41
C ASP D 88 53.85 -15.60 0.47
N PRO D 89 55.08 -15.17 0.66
CA PRO D 89 56.09 -15.51 -0.34
C PRO D 89 56.38 -16.98 -0.51
N ARG D 90 56.20 -17.88 0.53
CA ARG D 90 56.48 -19.27 0.53
C ARG D 90 55.61 -20.08 -0.39
N ASN D 91 54.35 -19.63 -0.58
CA ASN D 91 53.41 -20.30 -1.38
C ASN D 91 53.73 -20.20 -2.88
N THR D 92 54.63 -19.22 -3.29
CA THR D 92 54.88 -18.95 -4.68
C THR D 92 56.02 -19.80 -5.08
N TRP D 93 55.91 -20.63 -6.16
CA TRP D 93 56.90 -21.49 -6.75
C TRP D 93 56.93 -21.15 -8.20
N VAL D 94 58.18 -20.81 -8.70
CA VAL D 94 58.36 -20.28 -10.04
C VAL D 94 59.43 -21.08 -10.68
N ALA D 95 59.09 -21.55 -11.89
CA ALA D 95 59.87 -22.41 -12.68
C ALA D 95 60.30 -21.64 -13.89
N SER D 96 61.44 -21.98 -14.43
CA SER D 96 62.04 -21.36 -15.59
C SER D 96 61.84 -22.27 -16.79
N ASP D 97 60.97 -23.26 -16.72
CA ASP D 97 60.89 -24.27 -17.75
C ASP D 97 59.73 -23.85 -18.59
N GLY D 98 59.98 -23.36 -19.89
CA GLY D 98 58.96 -22.82 -20.83
C GLY D 98 57.93 -21.94 -20.30
N ALA D 99 56.76 -21.81 -20.93
CA ALA D 99 55.69 -20.86 -20.51
C ALA D 99 54.87 -21.57 -19.49
N SER D 100 55.02 -22.91 -19.28
CA SER D 100 54.14 -23.78 -18.55
C SER D 100 55.12 -24.80 -18.06
N ALA D 101 55.38 -25.89 -18.89
CA ALA D 101 56.39 -26.88 -18.76
C ALA D 101 56.91 -27.19 -20.21
N GLY D 102 56.25 -26.58 -21.21
CA GLY D 102 56.57 -26.64 -22.60
C GLY D 102 55.43 -27.03 -23.43
N ASN D 103 54.24 -27.19 -22.78
CA ASN D 103 52.96 -27.65 -23.34
C ASN D 103 52.99 -29.14 -23.61
N SER D 104 53.68 -29.91 -22.70
CA SER D 104 53.67 -31.32 -22.87
C SER D 104 53.44 -31.88 -21.51
N TRP D 105 52.59 -32.90 -21.45
CA TRP D 105 52.09 -33.44 -20.25
C TRP D 105 53.22 -34.10 -19.50
N ALA D 106 54.14 -34.85 -20.20
CA ALA D 106 55.25 -35.54 -19.53
C ALA D 106 56.21 -34.69 -18.87
N ASN D 107 56.58 -33.54 -19.49
CA ASN D 107 57.46 -32.63 -18.83
C ASN D 107 56.85 -32.04 -17.52
N GLY D 108 55.54 -31.66 -17.57
CA GLY D 108 54.91 -31.00 -16.42
C GLY D 108 54.81 -31.98 -15.33
N TYR D 109 54.41 -33.27 -15.64
CA TYR D 109 54.05 -34.37 -14.73
C TYR D 109 55.34 -34.69 -13.96
N ASP D 110 56.51 -34.84 -14.66
CA ASP D 110 57.86 -35.18 -14.24
C ASP D 110 58.36 -34.10 -13.37
N ILE D 111 58.08 -32.77 -13.54
CA ILE D 111 58.49 -31.69 -12.60
C ILE D 111 57.74 -31.92 -11.30
N GLY D 112 56.40 -32.33 -11.26
CA GLY D 112 55.74 -32.54 -9.96
C GLY D 112 56.36 -33.57 -9.12
N THR D 113 56.80 -34.72 -9.73
CA THR D 113 57.55 -35.77 -9.02
C THR D 113 58.89 -35.30 -8.44
N ARG D 114 59.53 -34.43 -9.28
CA ARG D 114 60.88 -33.94 -8.91
C ARG D 114 60.87 -33.13 -7.58
N ASN D 115 59.90 -32.24 -7.43
CA ASN D 115 59.73 -31.29 -6.29
C ASN D 115 58.58 -31.81 -5.49
N GLN D 116 58.51 -33.15 -5.28
CA GLN D 116 57.32 -33.66 -4.53
C GLN D 116 57.30 -33.10 -3.11
N ASP D 117 58.47 -33.13 -2.45
CA ASP D 117 58.68 -32.86 -1.08
C ASP D 117 58.36 -31.42 -0.83
N ASP D 118 58.82 -30.46 -1.70
CA ASP D 118 58.67 -29.04 -1.54
C ASP D 118 57.19 -28.59 -1.54
N ILE D 119 56.44 -29.10 -2.53
CA ILE D 119 55.09 -28.74 -2.79
C ILE D 119 54.23 -29.25 -1.60
N LEU D 120 54.47 -30.49 -1.18
CA LEU D 120 53.76 -31.20 -0.06
C LEU D 120 54.02 -30.48 1.20
N ASN D 121 55.17 -29.87 1.42
CA ASN D 121 55.45 -29.09 2.68
C ASN D 121 54.47 -27.97 2.83
N LYS D 122 54.22 -27.24 1.73
CA LYS D 122 53.30 -26.08 1.57
C LYS D 122 51.92 -26.51 1.78
N ILE D 123 51.62 -27.69 1.24
CA ILE D 123 50.31 -28.32 1.29
C ILE D 123 49.93 -28.70 2.74
N ASP D 124 50.90 -29.33 3.43
CA ASP D 124 50.76 -29.83 4.74
C ASP D 124 50.56 -28.67 5.72
N LYS D 125 51.22 -27.55 5.48
CA LYS D 125 51.04 -26.30 6.26
C LYS D 125 49.62 -25.75 6.09
N GLU D 126 49.10 -25.78 4.79
CA GLU D 126 47.79 -25.27 4.47
C GLU D 126 46.72 -26.13 5.23
N ILE D 127 46.88 -27.50 5.26
CA ILE D 127 45.97 -28.45 5.87
C ILE D 127 46.01 -28.28 7.40
N ASP D 128 47.16 -28.12 8.19
CA ASP D 128 47.20 -28.00 9.60
C ASP D 128 46.56 -26.74 10.02
N SER D 129 46.60 -25.59 9.21
CA SER D 129 46.09 -24.26 9.52
C SER D 129 44.55 -24.10 9.63
N THR D 130 43.82 -25.08 9.00
CA THR D 130 42.41 -25.09 8.96
C THR D 130 41.79 -25.66 10.24
N ASP D 131 40.46 -25.48 10.48
CA ASP D 131 39.77 -26.10 11.52
C ASP D 131 39.07 -27.26 11.01
N ASN D 132 38.05 -27.02 10.17
CA ASN D 132 37.36 -28.12 9.54
C ASN D 132 37.54 -27.93 8.09
N PHE D 133 38.24 -28.90 7.46
CA PHE D 133 38.58 -28.85 6.05
C PHE D 133 37.50 -29.52 5.30
N GLU D 134 36.79 -28.84 4.37
CA GLU D 134 35.84 -29.54 3.49
C GLU D 134 36.53 -30.34 2.40
N GLY D 135 37.49 -29.65 1.74
CA GLY D 135 38.04 -30.38 0.57
C GLY D 135 38.78 -29.38 -0.29
N PHE D 136 39.14 -29.77 -1.52
CA PHE D 136 40.10 -29.12 -2.30
C PHE D 136 39.48 -28.54 -3.58
N GLN D 137 40.09 -27.44 -4.11
CA GLN D 137 39.67 -26.83 -5.34
C GLN D 137 40.89 -26.76 -6.17
N LEU D 138 41.03 -27.30 -7.39
CA LEU D 138 42.14 -27.14 -8.23
C LEU D 138 41.69 -26.27 -9.39
N LEU D 139 42.47 -25.25 -9.73
CA LEU D 139 42.22 -24.36 -10.84
C LEU D 139 43.35 -24.62 -11.86
N HIS D 140 43.01 -24.97 -13.07
CA HIS D 140 44.06 -25.32 -13.97
C HIS D 140 43.42 -25.49 -15.39
N SER D 141 44.25 -25.70 -16.34
CA SER D 141 44.02 -25.96 -17.72
C SER D 141 44.48 -27.33 -17.99
N VAL D 142 43.82 -28.05 -18.94
CA VAL D 142 44.14 -29.34 -19.36
C VAL D 142 44.75 -29.36 -20.77
N ALA D 143 44.93 -28.18 -21.33
CA ALA D 143 45.72 -28.03 -22.57
C ALA D 143 47.11 -27.49 -22.23
N GLY D 144 47.43 -27.24 -20.96
CA GLY D 144 48.71 -26.57 -20.56
C GLY D 144 49.75 -27.66 -20.32
N GLY D 145 51.03 -27.28 -20.15
CA GLY D 145 52.02 -28.27 -19.74
C GLY D 145 52.07 -28.51 -18.23
N THR D 146 52.21 -27.47 -17.32
CA THR D 146 52.25 -27.60 -15.89
C THR D 146 50.83 -27.84 -15.44
N GLY D 147 49.87 -26.96 -15.96
CA GLY D 147 48.59 -26.95 -15.40
C GLY D 147 47.93 -28.34 -15.56
N SER D 148 48.13 -28.98 -16.76
CA SER D 148 47.70 -30.38 -17.03
C SER D 148 48.52 -31.40 -16.26
N GLY D 149 49.85 -31.51 -16.51
CA GLY D 149 50.69 -32.60 -16.01
C GLY D 149 50.91 -32.54 -14.51
N LEU D 150 51.35 -31.38 -13.97
CA LEU D 150 51.65 -31.21 -12.48
C LEU D 150 50.39 -31.37 -11.71
N GLY D 151 49.27 -30.86 -12.25
CA GLY D 151 47.91 -30.88 -11.76
C GLY D 151 47.42 -32.26 -11.66
N SER D 152 47.70 -33.08 -12.68
CA SER D 152 47.26 -34.48 -12.65
C SER D 152 47.91 -35.32 -11.55
N ASN D 153 49.25 -35.06 -11.26
CA ASN D 153 50.06 -35.74 -10.35
C ASN D 153 49.35 -35.47 -9.03
N LEU D 154 48.97 -34.25 -8.79
CA LEU D 154 48.31 -33.86 -7.48
C LEU D 154 47.01 -34.54 -7.20
N LEU D 155 46.11 -34.72 -8.24
CA LEU D 155 44.83 -35.20 -8.07
C LEU D 155 44.96 -36.60 -7.60
N GLU D 156 45.92 -37.37 -8.15
CA GLU D 156 46.11 -38.74 -7.68
C GLU D 156 46.58 -38.83 -6.22
N ALA D 157 47.51 -38.03 -5.74
CA ALA D 157 47.91 -38.07 -4.37
C ALA D 157 46.82 -37.70 -3.30
N LEU D 158 46.12 -36.63 -3.61
CA LEU D 158 45.10 -36.13 -2.80
C LEU D 158 43.94 -37.06 -2.62
N CYS D 159 43.64 -37.84 -3.72
CA CYS D 159 42.63 -38.81 -3.87
C CYS D 159 42.85 -39.92 -2.80
N ASP D 160 44.05 -40.42 -2.73
CA ASP D 160 44.52 -41.51 -1.97
C ASP D 160 44.58 -41.08 -0.55
N ARG D 161 45.09 -39.79 -0.34
CA ARG D 161 45.36 -39.27 0.96
C ARG D 161 44.02 -39.18 1.70
N TYR D 162 43.11 -38.50 1.02
CA TYR D 162 41.76 -38.29 1.38
C TYR D 162 40.83 -38.69 0.23
N PRO D 163 40.13 -39.82 0.21
CA PRO D 163 39.15 -40.04 -0.77
C PRO D 163 37.78 -39.41 -0.33
N LYS D 164 37.51 -39.26 1.06
CA LYS D 164 36.34 -38.79 1.83
C LYS D 164 36.02 -37.35 1.60
N LYS D 165 37.09 -36.57 1.37
CA LYS D 165 37.04 -35.16 1.21
C LYS D 165 36.89 -34.80 -0.24
N ILE D 166 36.18 -33.62 -0.58
CA ILE D 166 35.78 -33.46 -1.86
C ILE D 166 36.90 -32.91 -2.72
N LEU D 167 37.00 -33.38 -3.96
CA LEU D 167 38.03 -32.86 -4.82
C LEU D 167 37.21 -32.31 -5.95
N THR D 168 37.28 -31.01 -6.19
CA THR D 168 36.58 -30.37 -7.24
C THR D 168 37.59 -29.72 -8.08
N THR D 169 37.35 -29.69 -9.44
CA THR D 169 38.29 -28.97 -10.31
C THR D 169 37.55 -28.05 -11.29
N TYR D 170 38.22 -26.90 -11.69
CA TYR D 170 37.68 -26.03 -12.71
C TYR D 170 38.69 -26.19 -13.86
N SER D 171 38.37 -26.93 -14.92
CA SER D 171 39.35 -27.30 -15.91
C SER D 171 38.97 -26.54 -17.13
N VAL D 172 39.97 -25.86 -17.69
CA VAL D 172 39.74 -25.16 -18.98
C VAL D 172 40.17 -26.20 -20.02
N PHE D 173 39.16 -26.49 -20.88
CA PHE D 173 39.22 -27.51 -21.92
C PHE D 173 39.67 -26.77 -23.17
N PRO D 174 40.42 -27.32 -24.13
CA PRO D 174 40.76 -26.69 -25.40
C PRO D 174 39.54 -26.71 -26.28
N ALA D 175 39.56 -26.08 -27.47
CA ALA D 175 38.52 -26.14 -28.50
C ALA D 175 38.85 -27.25 -29.47
N ARG D 176 40.03 -27.19 -30.19
CA ARG D 176 40.54 -28.25 -30.98
C ARG D 176 42.06 -28.09 -31.02
N SER D 177 42.58 -26.86 -30.66
CA SER D 177 43.90 -26.44 -30.61
C SER D 177 43.70 -25.05 -29.98
N SER D 178 44.11 -24.99 -28.69
CA SER D 178 44.13 -23.81 -27.79
C SER D 178 45.18 -22.76 -28.33
N GLU D 179 46.38 -23.31 -28.69
CA GLU D 179 47.59 -22.61 -29.25
C GLU D 179 48.63 -23.58 -29.72
N VAL D 180 48.41 -24.95 -29.56
CA VAL D 180 49.41 -25.91 -29.82
C VAL D 180 48.74 -27.18 -30.36
N VAL D 181 49.55 -28.14 -30.86
CA VAL D 181 49.18 -29.37 -31.46
C VAL D 181 49.21 -30.42 -30.33
N VAL D 182 50.21 -30.20 -29.42
CA VAL D 182 50.44 -31.14 -28.28
C VAL D 182 49.33 -31.03 -27.22
N GLN D 183 48.42 -30.06 -27.51
CA GLN D 183 47.21 -29.84 -26.71
C GLN D 183 46.39 -31.14 -26.53
N SER D 184 46.31 -31.91 -27.59
CA SER D 184 45.53 -33.13 -27.73
C SER D 184 45.97 -34.24 -26.77
N TYR D 185 47.33 -34.38 -26.62
CA TYR D 185 47.93 -35.36 -25.76
C TYR D 185 47.62 -34.99 -24.39
N ASN D 186 47.81 -33.66 -24.07
CA ASN D 186 47.63 -33.16 -22.72
C ASN D 186 46.24 -33.37 -22.20
N THR D 187 45.23 -33.10 -23.04
CA THR D 187 43.83 -33.21 -22.72
C THR D 187 43.48 -34.61 -22.49
N ILE D 188 43.90 -35.59 -23.36
CA ILE D 188 43.51 -36.99 -23.14
C ILE D 188 44.10 -37.59 -21.86
N LEU D 189 45.42 -37.34 -21.63
CA LEU D 189 46.16 -37.81 -20.47
C LEU D 189 45.51 -37.24 -19.19
N ALA D 190 45.13 -35.97 -19.13
CA ALA D 190 44.48 -35.42 -17.93
C ALA D 190 43.16 -36.01 -17.63
N LEU D 191 42.35 -36.22 -18.69
CA LEU D 191 40.94 -36.66 -18.46
C LEU D 191 40.81 -38.03 -17.78
N ARG D 192 41.85 -38.93 -17.99
CA ARG D 192 41.94 -40.17 -17.22
C ARG D 192 41.96 -39.90 -15.68
N ARG D 193 42.81 -38.96 -15.27
CA ARG D 193 43.00 -38.59 -13.88
C ARG D 193 41.73 -37.86 -13.31
N LEU D 194 41.04 -36.99 -14.15
CA LEU D 194 39.79 -36.27 -13.79
C LEU D 194 38.66 -37.28 -13.61
N ILE D 195 38.52 -38.31 -14.41
CA ILE D 195 37.47 -39.30 -14.10
C ILE D 195 37.74 -40.08 -12.79
N GLU D 196 38.95 -40.71 -12.56
CA GLU D 196 39.14 -41.45 -11.25
C GLU D 196 39.48 -40.61 -10.06
N ASP D 197 40.47 -39.70 -10.19
CA ASP D 197 41.00 -38.99 -9.02
C ASP D 197 40.29 -37.82 -8.54
N SER D 198 39.41 -37.24 -9.41
CA SER D 198 38.51 -36.23 -9.09
C SER D 198 37.16 -36.84 -8.85
N ASP D 199 36.37 -36.09 -8.06
CA ASP D 199 34.99 -36.35 -7.72
C ASP D 199 34.01 -35.51 -8.52
N ALA D 200 34.32 -34.29 -8.93
CA ALA D 200 33.52 -33.37 -9.77
C ALA D 200 34.48 -32.58 -10.60
N THR D 201 34.13 -32.35 -11.91
CA THR D 201 34.85 -31.50 -12.79
C THR D 201 33.97 -30.52 -13.47
N VAL D 202 34.25 -29.19 -13.39
CA VAL D 202 33.49 -28.22 -14.15
C VAL D 202 34.24 -27.88 -15.39
N VAL D 203 33.73 -28.23 -16.54
CA VAL D 203 34.37 -28.17 -17.77
C VAL D 203 34.14 -26.76 -18.35
N PHE D 204 35.16 -26.03 -18.75
CA PHE D 204 35.02 -24.72 -19.34
C PHE D 204 35.57 -24.88 -20.70
N ASP D 205 34.71 -24.84 -21.72
CA ASP D 205 35.16 -25.10 -23.09
C ASP D 205 35.53 -23.85 -23.63
N ASN D 206 36.80 -23.75 -24.06
CA ASN D 206 37.40 -22.58 -24.57
C ASN D 206 36.72 -22.10 -25.85
N ALA D 207 36.16 -22.90 -26.76
CA ALA D 207 35.45 -22.50 -27.95
C ALA D 207 34.22 -21.66 -27.64
N SER D 208 33.44 -22.09 -26.65
CA SER D 208 32.33 -21.35 -26.16
C SER D 208 32.67 -20.10 -25.41
N LEU D 209 33.74 -20.21 -24.60
CA LEU D 209 34.23 -19.17 -23.70
C LEU D 209 34.72 -18.02 -24.49
N LEU D 210 35.47 -18.31 -25.61
CA LEU D 210 36.12 -17.30 -26.46
C LEU D 210 35.03 -16.47 -27.07
N ASN D 211 33.86 -17.03 -27.53
CA ASN D 211 32.79 -16.22 -28.20
C ASN D 211 32.27 -15.14 -27.20
N ILE D 212 32.07 -15.51 -25.93
CA ILE D 212 31.53 -14.70 -24.85
C ILE D 212 32.43 -13.57 -24.63
N SER D 213 33.76 -13.84 -24.54
CA SER D 213 34.80 -12.89 -24.30
C SER D 213 34.88 -11.93 -25.43
N GLY D 214 34.90 -12.34 -26.76
CA GLY D 214 34.97 -11.38 -27.88
C GLY D 214 33.70 -10.56 -27.90
N LYS D 215 32.47 -11.15 -27.86
CA LYS D 215 31.15 -10.54 -28.14
C LYS D 215 30.80 -9.60 -27.08
N VAL D 216 30.78 -10.03 -25.77
CA VAL D 216 30.33 -9.14 -24.66
C VAL D 216 31.35 -8.05 -24.29
N PHE D 217 32.58 -8.47 -24.01
CA PHE D 217 33.59 -7.51 -23.47
C PHE D 217 34.03 -6.57 -24.53
N ARG D 218 34.04 -7.06 -25.81
CA ARG D 218 34.27 -6.34 -27.06
C ARG D 218 35.72 -5.97 -26.98
N ASN D 219 36.61 -6.88 -26.58
CA ASN D 219 38.05 -6.62 -26.37
C ASN D 219 38.68 -6.18 -27.65
N PRO D 220 39.66 -5.29 -27.63
CA PRO D 220 40.27 -4.86 -28.90
C PRO D 220 41.30 -5.86 -29.23
N ASN D 221 42.11 -6.31 -28.15
CA ASN D 221 43.09 -7.36 -28.23
C ASN D 221 42.56 -8.33 -27.20
N ILE D 222 42.24 -9.60 -27.61
CA ILE D 222 41.47 -10.44 -26.73
C ILE D 222 42.42 -11.19 -25.87
N ASP D 223 43.44 -11.83 -26.42
CA ASP D 223 44.37 -12.66 -25.58
C ASP D 223 43.93 -13.67 -24.47
N LEU D 224 44.88 -14.37 -23.89
CA LEU D 224 44.58 -15.36 -22.82
C LEU D 224 43.97 -14.79 -21.53
N GLN D 225 44.54 -13.57 -21.15
CA GLN D 225 44.24 -12.82 -19.94
C GLN D 225 42.83 -12.34 -19.74
N HIS D 226 42.21 -11.88 -20.88
CA HIS D 226 40.80 -11.40 -20.97
C HIS D 226 39.82 -12.45 -20.67
N THR D 227 40.14 -13.59 -21.32
CA THR D 227 39.37 -14.80 -21.24
C THR D 227 39.47 -15.40 -19.88
N ASN D 228 40.63 -15.25 -19.19
CA ASN D 228 40.65 -15.58 -17.82
C ASN D 228 39.74 -14.76 -16.88
N GLN D 229 39.47 -13.50 -17.18
CA GLN D 229 38.52 -12.57 -16.52
C GLN D 229 37.16 -13.12 -16.70
N LEU D 230 36.76 -13.72 -17.81
CA LEU D 230 35.49 -14.35 -18.10
C LEU D 230 35.30 -15.62 -17.20
N ILE D 231 36.40 -16.45 -17.13
CA ILE D 231 36.37 -17.58 -16.28
C ILE D 231 36.19 -17.26 -14.78
N SER D 232 36.91 -16.21 -14.32
CA SER D 232 36.84 -15.59 -12.99
C SER D 232 35.54 -15.05 -12.67
N THR D 233 34.74 -14.39 -13.64
CA THR D 233 33.36 -13.85 -13.37
C THR D 233 32.48 -15.03 -13.03
N ILE D 234 32.53 -16.12 -13.75
CA ILE D 234 31.65 -17.30 -13.59
C ILE D 234 31.99 -17.94 -12.30
N ILE D 235 33.31 -18.15 -11.97
CA ILE D 235 33.83 -18.83 -10.75
C ILE D 235 33.38 -17.99 -9.54
N SER D 236 33.54 -16.65 -9.68
CA SER D 236 33.25 -15.70 -8.60
C SER D 236 31.81 -15.68 -8.31
N SER D 237 30.94 -15.74 -9.35
CA SER D 237 29.46 -15.73 -9.23
C SER D 237 29.04 -17.04 -8.50
N VAL D 238 29.82 -18.17 -8.74
CA VAL D 238 29.67 -19.46 -8.02
C VAL D 238 29.97 -19.34 -6.52
N THR D 239 30.98 -18.46 -6.14
CA THR D 239 31.31 -18.39 -4.70
C THR D 239 30.41 -17.55 -3.90
N ASN D 240 29.46 -16.86 -4.61
CA ASN D 240 28.44 -15.95 -3.99
C ASN D 240 27.72 -16.69 -2.91
N SER D 241 27.35 -17.93 -3.19
CA SER D 241 26.57 -18.77 -2.35
C SER D 241 27.29 -19.19 -1.09
N ILE D 242 28.66 -19.27 -1.03
CA ILE D 242 29.41 -19.61 0.16
C ILE D 242 29.38 -18.43 1.10
N ARG D 243 29.58 -17.18 0.56
CA ARG D 243 29.66 -15.93 1.29
C ARG D 243 28.40 -15.35 1.81
N PHE D 244 27.16 -15.80 1.33
CA PHE D 244 25.93 -15.36 1.96
C PHE D 244 25.35 -16.47 2.83
N PRO D 245 25.30 -16.27 4.12
CA PRO D 245 24.74 -17.23 5.01
C PRO D 245 23.24 -17.19 5.03
N SER D 246 22.55 -18.03 5.85
CA SER D 246 21.10 -17.99 6.19
C SER D 246 20.27 -18.57 5.06
N TYR D 247 20.83 -19.54 4.23
CA TYR D 247 20.04 -20.12 3.18
C TYR D 247 20.28 -21.63 3.33
N MET D 248 19.66 -22.53 2.51
CA MET D 248 19.61 -24.02 2.76
C MET D 248 20.50 -24.72 1.88
N TYR D 249 21.45 -24.01 1.27
CA TYR D 249 22.42 -24.51 0.30
C TYR D 249 23.67 -23.63 0.41
N SER D 250 24.01 -23.41 1.73
CA SER D 250 25.13 -22.70 2.17
C SER D 250 26.20 -23.60 2.64
N SER D 251 25.97 -24.92 2.47
CA SER D 251 26.99 -25.92 2.63
C SER D 251 27.41 -26.31 1.26
N MET D 252 28.69 -26.68 1.17
CA MET D 252 29.48 -27.20 0.10
C MET D 252 28.93 -28.53 -0.29
N SER D 253 28.59 -29.34 0.79
CA SER D 253 28.31 -30.79 0.62
C SER D 253 27.07 -30.98 -0.19
N SER D 254 26.07 -30.16 0.15
CA SER D 254 24.71 -30.25 -0.31
C SER D 254 24.77 -29.92 -1.84
N ILE D 255 25.61 -28.96 -2.40
CA ILE D 255 25.72 -28.53 -3.80
C ILE D 255 26.25 -29.67 -4.63
N TYR D 256 27.31 -30.34 -4.15
CA TYR D 256 28.03 -31.39 -4.83
C TYR D 256 27.09 -32.59 -4.98
N SER D 257 26.36 -32.93 -3.93
CA SER D 257 25.49 -34.04 -3.87
C SER D 257 24.35 -33.96 -4.89
N THR D 258 23.62 -32.84 -5.15
CA THR D 258 22.62 -32.72 -6.18
C THR D 258 23.24 -32.81 -7.57
N LEU D 259 24.32 -32.09 -7.72
CA LEU D 259 24.94 -32.07 -9.03
C LEU D 259 25.55 -33.35 -9.52
N ILE D 260 26.24 -34.22 -8.75
CA ILE D 260 26.92 -35.36 -9.29
C ILE D 260 26.06 -36.63 -9.09
N PRO D 261 25.73 -37.24 -10.21
CA PRO D 261 25.00 -38.49 -10.15
C PRO D 261 25.94 -39.75 -10.11
N SER D 262 27.21 -39.75 -10.46
CA SER D 262 27.84 -41.00 -10.45
C SER D 262 29.28 -40.61 -10.34
N PRO D 263 30.25 -41.47 -9.96
CA PRO D 263 31.63 -40.92 -9.78
C PRO D 263 32.24 -40.77 -11.15
N GLU D 264 31.59 -41.24 -12.19
CA GLU D 264 32.08 -41.24 -13.59
C GLU D 264 31.26 -40.20 -14.43
N LEU D 265 30.13 -39.76 -13.91
CA LEU D 265 29.19 -38.86 -14.57
C LEU D 265 29.27 -37.80 -13.53
N HIS D 266 30.13 -36.74 -13.80
CA HIS D 266 30.42 -35.72 -12.88
C HIS D 266 30.86 -34.50 -13.61
N PHE D 267 30.83 -34.51 -14.98
CA PHE D 267 31.29 -33.37 -15.70
C PHE D 267 30.06 -32.40 -15.83
N LEU D 268 30.29 -31.17 -15.34
CA LEU D 268 29.23 -30.24 -15.18
C LEU D 268 29.55 -29.22 -16.27
N SER D 269 28.56 -28.55 -16.84
CA SER D 269 28.78 -27.44 -17.78
C SER D 269 28.08 -26.29 -17.08
N PRO D 270 28.71 -25.13 -17.08
CA PRO D 270 28.00 -23.90 -16.72
C PRO D 270 27.58 -23.01 -17.86
N SER D 271 26.60 -22.21 -17.49
CA SER D 271 26.10 -21.01 -18.26
C SER D 271 25.87 -20.04 -17.13
N PHE D 272 25.88 -18.75 -17.45
CA PHE D 272 25.78 -17.64 -16.56
C PHE D 272 25.12 -16.58 -17.37
N THR D 273 24.37 -15.62 -16.75
CA THR D 273 23.92 -14.34 -17.37
C THR D 273 23.81 -13.48 -16.15
N PRO D 274 24.14 -12.20 -16.26
CA PRO D 274 24.77 -11.55 -17.27
C PRO D 274 26.29 -11.79 -17.00
N PHE D 275 27.17 -11.29 -17.81
CA PHE D 275 28.58 -11.30 -17.51
C PHE D 275 28.97 -10.01 -16.93
N THR D 276 29.21 -9.99 -15.55
CA THR D 276 29.55 -8.88 -14.71
C THR D 276 30.79 -8.14 -15.20
N SER D 277 31.10 -6.91 -14.62
CA SER D 277 32.13 -6.01 -15.12
C SER D 277 33.35 -6.20 -14.33
N ASP D 278 34.51 -6.05 -14.97
CA ASP D 278 35.82 -6.08 -14.32
C ASP D 278 36.88 -5.60 -15.35
N TYR D 279 36.28 -5.27 -16.48
CA TYR D 279 36.80 -4.80 -17.67
C TYR D 279 35.70 -5.09 -18.66
N ILE D 280 35.01 -4.00 -19.22
CA ILE D 280 33.90 -4.13 -20.17
C ILE D 280 33.72 -2.73 -20.80
N HIS D 281 33.22 -2.65 -22.06
CA HIS D 281 33.35 -1.49 -22.91
C HIS D 281 31.93 -0.97 -23.35
N ASP D 282 30.92 -1.51 -22.64
CA ASP D 282 29.51 -1.15 -22.95
C ASP D 282 28.65 -1.57 -21.81
N ASP D 283 27.44 -1.08 -21.68
CA ASP D 283 26.60 -1.43 -20.55
C ASP D 283 25.26 -1.82 -21.09
N ILE D 284 24.52 -2.64 -20.30
CA ILE D 284 23.21 -3.22 -20.63
C ILE D 284 22.33 -2.84 -19.48
N ALA D 285 21.13 -2.32 -19.82
CA ALA D 285 20.15 -2.01 -18.76
C ALA D 285 19.34 -3.21 -18.56
N HIS D 286 18.47 -3.18 -17.46
CA HIS D 286 17.57 -4.16 -16.93
C HIS D 286 17.00 -5.20 -17.95
N LYS D 287 16.74 -6.38 -17.47
CA LYS D 287 16.14 -7.41 -18.18
C LYS D 287 15.19 -8.15 -17.23
N GLY D 288 14.06 -8.88 -17.71
CA GLY D 288 13.23 -9.58 -16.77
C GLY D 288 13.66 -10.82 -16.03
N HIS D 289 12.77 -11.29 -15.11
CA HIS D 289 12.94 -12.51 -14.42
C HIS D 289 12.88 -13.70 -15.33
N SER D 290 11.97 -13.61 -16.33
CA SER D 290 11.78 -14.62 -17.28
C SER D 290 12.97 -14.86 -18.14
N SER D 291 13.57 -13.70 -18.55
CA SER D 291 14.69 -13.65 -19.52
C SER D 291 15.94 -14.32 -19.10
N TYR D 292 16.30 -14.14 -17.76
CA TYR D 292 17.58 -14.72 -17.24
C TYR D 292 17.57 -16.18 -17.34
N ASP D 293 16.41 -16.72 -16.90
CA ASP D 293 16.19 -18.22 -16.84
C ASP D 293 16.20 -18.87 -18.14
N VAL D 294 15.52 -18.18 -19.10
CA VAL D 294 15.36 -18.67 -20.44
C VAL D 294 16.60 -18.82 -21.22
N MET D 295 17.50 -17.74 -21.11
CA MET D 295 18.77 -17.72 -21.73
C MET D 295 19.74 -18.73 -21.20
N LEU D 296 19.65 -19.08 -19.87
CA LEU D 296 20.47 -20.08 -19.21
C LEU D 296 20.22 -21.46 -19.92
N ASP D 297 18.96 -21.81 -20.45
CA ASP D 297 18.69 -23.03 -21.20
C ASP D 297 19.29 -22.95 -22.58
N LEU D 298 19.35 -21.72 -23.13
CA LEU D 298 19.88 -21.40 -24.38
C LEU D 298 21.37 -21.54 -24.33
N LEU D 299 21.94 -21.75 -25.59
CA LEU D 299 23.36 -22.07 -25.58
C LEU D 299 24.26 -20.86 -25.90
N ASP D 300 23.61 -19.78 -26.18
CA ASP D 300 24.34 -18.52 -26.50
C ASP D 300 25.04 -17.86 -25.36
N PRO D 301 24.61 -17.60 -24.10
CA PRO D 301 25.49 -17.01 -23.03
C PRO D 301 26.47 -18.10 -22.50
N SER D 302 26.23 -19.45 -22.89
CA SER D 302 26.81 -20.58 -22.25
C SER D 302 28.31 -20.68 -22.52
N ASN D 303 29.04 -21.22 -21.54
CA ASN D 303 30.46 -21.24 -21.48
C ASN D 303 30.95 -22.59 -21.81
N SER D 304 30.01 -23.52 -22.11
CA SER D 304 30.33 -24.85 -22.54
C SER D 304 29.13 -25.25 -23.37
N LEU D 305 29.12 -26.45 -24.06
CA LEU D 305 28.01 -26.89 -24.91
C LEU D 305 26.87 -27.36 -24.00
N VAL D 306 25.64 -27.14 -24.54
CA VAL D 306 24.37 -27.30 -23.84
C VAL D 306 23.40 -27.93 -24.75
N SER D 307 23.71 -27.86 -26.04
CA SER D 307 23.09 -28.50 -27.15
C SER D 307 24.23 -29.07 -27.93
N THR D 308 23.96 -29.86 -28.97
CA THR D 308 24.98 -30.43 -29.85
C THR D 308 24.31 -31.00 -31.09
N ALA D 309 23.02 -30.96 -30.98
CA ALA D 309 22.18 -31.48 -32.06
C ALA D 309 20.88 -30.71 -31.63
N MET D 310 19.90 -30.82 -32.54
CA MET D 310 18.57 -30.27 -32.38
C MET D 310 17.56 -31.32 -32.67
N ASN D 311 18.02 -32.34 -33.43
CA ASN D 311 17.14 -33.42 -33.84
C ASN D 311 16.68 -34.33 -32.72
N ASN D 312 17.66 -34.68 -31.89
CA ASN D 312 17.57 -35.40 -30.65
C ASN D 312 17.60 -34.31 -29.57
N PRO D 313 16.51 -33.95 -28.81
CA PRO D 313 16.54 -32.99 -27.68
C PRO D 313 17.65 -33.29 -26.71
N THR D 314 18.51 -32.32 -26.25
CA THR D 314 19.54 -32.62 -25.19
C THR D 314 18.78 -32.77 -23.90
N TYR D 315 19.34 -33.62 -23.03
CA TYR D 315 18.68 -34.01 -21.82
C TYR D 315 19.44 -33.52 -20.66
N PHE D 316 18.72 -32.84 -19.72
CA PHE D 316 19.31 -32.39 -18.52
C PHE D 316 19.19 -33.55 -17.64
N ASN D 317 20.32 -33.98 -16.99
CA ASN D 317 20.29 -34.97 -15.91
C ASN D 317 19.94 -34.26 -14.65
N VAL D 318 20.44 -33.03 -14.46
CA VAL D 318 20.22 -32.41 -13.17
C VAL D 318 20.38 -30.94 -13.48
N TYR D 319 19.73 -30.01 -12.72
CA TYR D 319 19.77 -28.60 -12.91
C TYR D 319 19.84 -27.98 -11.51
N ASN D 320 20.72 -26.94 -11.26
CA ASN D 320 20.82 -26.17 -10.07
C ASN D 320 20.90 -24.79 -10.56
N THR D 321 20.04 -23.89 -9.99
CA THR D 321 19.98 -22.52 -10.60
C THR D 321 20.43 -21.68 -9.40
N ILE D 322 21.41 -20.77 -9.57
CA ILE D 322 21.88 -19.92 -8.53
C ILE D 322 21.33 -18.55 -8.93
N ILE D 323 20.35 -18.07 -8.06
CA ILE D 323 19.69 -16.86 -8.45
C ILE D 323 20.38 -15.88 -7.60
N GLY D 324 20.78 -14.75 -8.30
CA GLY D 324 21.48 -13.63 -7.66
C GLY D 324 20.58 -12.49 -8.02
N ASN D 325 20.11 -11.80 -6.94
CA ASN D 325 19.30 -10.59 -6.95
C ASN D 325 18.39 -10.73 -5.77
N VAL D 326 17.98 -9.53 -5.20
CA VAL D 326 17.12 -9.47 -4.00
C VAL D 326 15.70 -9.52 -4.40
N GLU D 327 14.95 -10.54 -3.99
CA GLU D 327 13.64 -10.82 -4.38
C GLU D 327 13.06 -11.60 -3.20
N PRO D 328 11.79 -11.58 -2.94
CA PRO D 328 11.19 -12.56 -2.09
C PRO D 328 11.37 -14.01 -2.47
N ARG D 329 11.54 -14.89 -1.46
CA ARG D 329 11.76 -16.30 -1.68
C ARG D 329 10.64 -17.11 -2.37
N GLN D 330 9.41 -16.78 -2.05
CA GLN D 330 8.29 -17.52 -2.64
C GLN D 330 8.34 -17.27 -4.16
N ILE D 331 8.64 -16.04 -4.57
CA ILE D 331 8.61 -15.63 -5.96
C ILE D 331 9.65 -16.41 -6.74
N SER D 332 10.92 -16.56 -6.27
CA SER D 332 12.00 -17.31 -6.84
C SER D 332 11.74 -18.73 -6.90
N ARG D 333 11.10 -19.22 -5.84
CA ARG D 333 10.70 -20.59 -5.79
C ARG D 333 9.71 -21.00 -6.83
N ALA D 334 8.65 -20.13 -7.01
CA ALA D 334 7.58 -20.27 -7.96
C ALA D 334 8.06 -20.19 -9.43
N MET D 335 8.99 -19.28 -9.78
CA MET D 335 9.51 -19.23 -11.12
C MET D 335 10.34 -20.44 -11.48
N THR D 336 11.12 -21.01 -10.57
CA THR D 336 11.93 -22.24 -10.74
C THR D 336 10.98 -23.38 -10.99
N LYS D 337 9.83 -23.46 -10.30
CA LYS D 337 8.82 -24.46 -10.35
C LYS D 337 8.25 -24.45 -11.76
N LEU D 338 7.98 -23.22 -12.32
CA LEU D 338 7.36 -23.03 -13.60
C LEU D 338 8.25 -23.48 -14.68
N GLN D 339 9.57 -23.27 -14.59
CA GLN D 339 10.49 -23.75 -15.64
C GLN D 339 10.53 -25.23 -15.78
N GLN D 340 10.54 -25.92 -14.64
CA GLN D 340 10.54 -27.38 -14.72
C GLN D 340 9.31 -28.02 -15.29
N ARG D 341 8.14 -27.56 -14.80
CA ARG D 341 6.89 -28.13 -15.12
C ARG D 341 6.61 -27.99 -16.59
N ILE D 342 6.94 -26.89 -17.19
CA ILE D 342 6.71 -26.57 -18.63
C ILE D 342 7.44 -27.58 -19.44
N LYS D 343 8.58 -28.05 -18.98
CA LYS D 343 9.65 -28.80 -19.63
C LYS D 343 10.15 -28.13 -20.86
N PHE D 344 10.65 -26.82 -20.74
CA PHE D 344 11.37 -26.09 -21.73
C PHE D 344 12.78 -26.73 -21.79
N PRO D 345 13.37 -27.16 -20.64
CA PRO D 345 14.51 -28.02 -20.58
C PRO D 345 13.98 -29.41 -20.44
N SER D 346 14.34 -30.33 -21.42
CA SER D 346 13.89 -31.71 -21.55
C SER D 346 14.68 -32.48 -20.49
N TRP D 347 14.13 -33.69 -20.06
CA TRP D 347 14.77 -34.50 -19.06
C TRP D 347 14.86 -35.89 -19.46
N SER D 348 15.46 -36.74 -18.55
CA SER D 348 15.66 -38.15 -18.64
C SER D 348 14.43 -38.69 -18.04
N SER D 349 13.99 -39.90 -18.57
CA SER D 349 12.76 -40.67 -18.09
C SER D 349 13.16 -41.22 -16.76
N SER D 350 12.19 -41.32 -15.82
CA SER D 350 12.34 -41.83 -14.44
C SER D 350 13.34 -40.97 -13.74
N ALA D 351 13.11 -39.63 -13.85
CA ALA D 351 14.02 -38.60 -13.28
C ALA D 351 13.67 -37.23 -13.88
N MET D 352 12.34 -36.92 -13.99
CA MET D 352 11.85 -35.79 -14.80
C MET D 352 11.78 -34.68 -13.79
N HIS D 353 12.04 -33.42 -14.26
CA HIS D 353 11.81 -32.33 -13.30
C HIS D 353 12.87 -32.31 -12.16
N VAL D 354 14.17 -32.40 -12.53
CA VAL D 354 15.29 -32.56 -11.55
C VAL D 354 15.83 -31.14 -11.53
N ASN D 355 15.10 -30.18 -10.92
CA ASN D 355 15.47 -28.76 -10.88
C ASN D 355 15.33 -28.14 -9.56
N ILE D 356 16.46 -27.52 -9.03
CA ILE D 356 16.46 -26.86 -7.78
C ILE D 356 17.00 -25.48 -8.09
N GLY D 357 16.64 -24.64 -7.20
CA GLY D 357 17.03 -23.28 -7.17
C GLY D 357 17.35 -22.88 -5.80
N ARG D 358 18.50 -21.98 -5.69
CA ARG D 358 18.90 -21.41 -4.48
C ARG D 358 18.98 -19.96 -4.71
N ARG D 359 18.59 -19.11 -3.66
CA ARG D 359 18.52 -17.69 -3.94
C ARG D 359 19.46 -17.01 -2.98
N SER D 360 20.16 -16.02 -3.43
CA SER D 360 21.03 -15.25 -2.64
C SER D 360 20.96 -13.87 -3.19
N PRO D 361 21.22 -12.74 -2.47
CA PRO D 361 21.31 -11.40 -3.08
C PRO D 361 22.29 -11.20 -4.17
N TYR D 362 22.49 -9.90 -4.62
CA TYR D 362 23.53 -9.72 -5.66
C TYR D 362 24.60 -8.92 -5.03
N LEU D 363 25.75 -8.78 -5.71
CA LEU D 363 26.94 -8.23 -5.10
C LEU D 363 26.79 -6.75 -5.03
N PRO D 364 27.17 -5.96 -3.99
CA PRO D 364 26.95 -4.51 -3.96
C PRO D 364 28.28 -3.87 -3.94
N LEU D 365 29.36 -4.67 -4.23
CA LEU D 365 30.68 -4.14 -4.13
C LEU D 365 31.62 -4.58 -5.27
N GLN D 366 31.20 -5.60 -5.94
CA GLN D 366 31.80 -6.04 -7.23
C GLN D 366 30.98 -5.33 -8.26
N PRO D 367 31.54 -4.77 -9.36
CA PRO D 367 30.73 -3.92 -10.29
C PRO D 367 29.92 -4.85 -11.21
N ASN D 368 28.73 -4.52 -11.60
CA ASN D 368 27.83 -5.48 -12.22
C ASN D 368 27.11 -4.59 -13.28
N GLU D 369 26.38 -5.20 -14.22
CA GLU D 369 25.62 -4.50 -15.19
C GLU D 369 24.30 -4.03 -14.59
N ASN D 370 23.97 -4.40 -13.39
CA ASN D 370 22.84 -4.13 -12.55
C ASN D 370 21.56 -4.54 -13.16
N GLU D 371 21.37 -5.85 -13.12
CA GLU D 371 20.31 -6.63 -13.74
C GLU D 371 20.11 -7.84 -12.73
N VAL D 372 18.94 -8.48 -12.94
CA VAL D 372 18.50 -9.70 -12.39
C VAL D 372 19.40 -10.77 -13.02
N SER D 373 19.92 -11.76 -12.23
CA SER D 373 20.94 -12.66 -12.72
C SER D 373 20.61 -14.00 -12.21
N GLY D 374 21.34 -14.98 -12.86
CA GLY D 374 21.29 -16.28 -12.33
C GLY D 374 22.42 -16.98 -13.08
N MET D 375 22.87 -18.08 -12.52
CA MET D 375 23.88 -18.95 -13.01
C MET D 375 23.29 -20.29 -13.07
N MET D 376 23.75 -21.11 -14.04
CA MET D 376 23.26 -22.43 -14.13
C MET D 376 24.52 -23.28 -13.95
N LEU D 377 24.39 -24.35 -13.11
CA LEU D 377 25.32 -25.42 -13.01
C LEU D 377 24.40 -26.66 -13.30
N SER D 378 24.73 -27.50 -14.36
CA SER D 378 23.93 -28.64 -14.71
C SER D 378 24.85 -29.77 -15.17
N ASN D 379 24.35 -31.01 -15.00
CA ASN D 379 25.05 -32.22 -15.32
C ASN D 379 24.27 -32.66 -16.49
N MET D 380 24.86 -32.68 -17.69
CA MET D 380 24.20 -32.93 -18.95
C MET D 380 24.94 -33.98 -19.66
N SER D 381 24.25 -34.88 -20.42
CA SER D 381 24.80 -35.96 -21.20
C SER D 381 25.62 -35.38 -22.38
N THR D 382 25.32 -34.10 -22.76
CA THR D 382 25.83 -33.40 -23.93
C THR D 382 27.35 -33.19 -23.83
N VAL D 383 27.91 -33.22 -22.63
CA VAL D 383 29.33 -32.98 -22.29
C VAL D 383 30.16 -33.97 -23.10
N VAL D 384 29.60 -35.10 -23.50
CA VAL D 384 30.28 -36.11 -24.19
C VAL D 384 30.90 -35.56 -25.50
N ASN D 385 30.37 -34.53 -26.19
CA ASN D 385 30.78 -33.97 -27.39
C ASN D 385 32.22 -33.42 -27.47
N VAL D 386 32.60 -32.77 -26.32
CA VAL D 386 33.95 -32.26 -26.13
C VAL D 386 34.97 -33.39 -26.16
N PHE D 387 34.61 -34.52 -25.52
CA PHE D 387 35.44 -35.68 -25.47
C PHE D 387 35.66 -36.28 -26.85
N GLU D 388 34.56 -36.32 -27.68
CA GLU D 388 34.65 -36.83 -28.99
C GLU D 388 35.52 -35.96 -29.90
N ASN D 389 35.57 -34.60 -29.75
CA ASN D 389 36.55 -33.74 -30.40
C ASN D 389 37.98 -33.99 -29.99
N ALA D 390 38.15 -34.21 -28.66
CA ALA D 390 39.44 -34.53 -28.14
C ALA D 390 40.01 -35.87 -28.63
N CYS D 391 39.11 -36.83 -28.70
CA CYS D 391 39.38 -38.20 -29.17
C CYS D 391 39.84 -38.13 -30.62
N ASN D 392 39.21 -37.30 -31.50
CA ASN D 392 39.57 -37.12 -32.92
C ASN D 392 40.99 -36.54 -33.03
N THR D 393 41.30 -35.43 -32.25
CA THR D 393 42.60 -34.66 -32.27
C THR D 393 43.72 -35.62 -31.75
N PHE D 394 43.44 -36.41 -30.68
CA PHE D 394 44.48 -37.31 -30.12
C PHE D 394 44.82 -38.37 -31.14
N ASP D 395 43.78 -38.95 -31.87
CA ASP D 395 44.19 -40.03 -32.79
C ASP D 395 45.10 -39.54 -33.86
N LYS D 396 44.82 -38.40 -34.50
CA LYS D 396 45.64 -37.96 -35.61
C LYS D 396 47.05 -37.58 -35.28
N VAL D 397 47.29 -36.90 -34.06
CA VAL D 397 48.58 -36.62 -33.54
C VAL D 397 49.28 -37.90 -33.23
N PHE D 398 48.62 -38.97 -32.73
CA PHE D 398 49.11 -40.26 -32.33
C PHE D 398 49.71 -40.94 -33.53
N ALA D 399 48.89 -40.94 -34.64
CA ALA D 399 49.16 -41.55 -35.92
C ALA D 399 50.29 -41.04 -36.70
N LYS D 400 50.40 -39.65 -36.69
CA LYS D 400 51.35 -38.96 -37.46
C LYS D 400 52.76 -39.31 -36.95
N GLY D 401 52.88 -39.51 -35.64
CA GLY D 401 54.06 -40.02 -34.98
C GLY D 401 55.22 -39.08 -34.65
N ALA D 402 54.84 -37.79 -34.30
CA ALA D 402 55.61 -36.66 -34.19
C ALA D 402 55.19 -35.81 -33.07
N PHE D 403 56.18 -35.20 -32.48
CA PHE D 403 56.13 -34.49 -31.20
C PHE D 403 55.92 -35.48 -30.12
N LEU D 404 56.51 -36.65 -30.29
CA LEU D 404 56.62 -37.72 -29.38
C LEU D 404 57.86 -37.46 -28.49
N ASN D 405 58.73 -36.56 -28.93
CA ASN D 405 60.07 -36.44 -28.34
C ASN D 405 60.16 -36.27 -26.88
N ASN D 406 59.37 -35.27 -26.38
CA ASN D 406 59.23 -34.87 -25.02
C ASN D 406 58.60 -35.89 -24.13
N TYR D 407 57.65 -36.70 -24.70
CA TYR D 407 56.94 -37.78 -24.04
C TYR D 407 57.96 -38.85 -23.67
N ASN D 408 58.90 -39.17 -24.58
CA ASN D 408 59.92 -40.17 -24.38
C ASN D 408 60.88 -39.97 -23.30
N VAL D 409 61.18 -38.67 -23.05
CA VAL D 409 62.08 -38.20 -21.98
C VAL D 409 61.47 -38.61 -20.69
N GLY D 410 60.14 -38.64 -20.58
CA GLY D 410 59.35 -38.77 -19.38
C GLY D 410 59.54 -40.06 -18.70
N ASP D 411 59.05 -40.12 -17.40
CA ASP D 411 59.27 -41.22 -16.49
C ASP D 411 58.67 -42.58 -16.97
N LEU D 412 57.37 -42.66 -17.33
CA LEU D 412 56.72 -43.96 -17.60
C LEU D 412 56.23 -44.17 -18.95
N PHE D 413 56.54 -43.19 -19.81
CA PHE D 413 56.18 -43.20 -21.24
C PHE D 413 57.50 -43.16 -22.01
N GLN D 414 57.73 -44.05 -23.03
CA GLN D 414 59.02 -44.10 -23.69
C GLN D 414 58.86 -44.32 -25.18
N SER D 415 57.68 -44.83 -25.58
CA SER D 415 57.18 -45.03 -26.96
C SER D 415 55.69 -45.25 -26.93
N MET D 416 55.19 -45.30 -25.70
CA MET D 416 53.84 -45.61 -25.43
C MET D 416 53.31 -44.75 -24.39
N GLN D 417 52.01 -44.57 -24.36
CA GLN D 417 51.36 -43.73 -23.36
C GLN D 417 50.11 -44.54 -23.15
N ASN D 418 50.09 -45.29 -22.01
CA ASN D 418 49.10 -46.22 -21.57
C ASN D 418 47.72 -45.62 -21.15
N VAL D 419 47.78 -44.45 -20.54
CA VAL D 419 46.73 -43.67 -19.99
C VAL D 419 45.80 -43.29 -21.14
N GLN D 420 46.27 -43.02 -22.39
CA GLN D 420 45.46 -42.62 -23.56
C GLN D 420 44.48 -43.70 -24.03
N ASP D 421 44.88 -44.98 -24.10
CA ASP D 421 44.15 -46.23 -24.38
C ASP D 421 43.13 -46.50 -23.26
N GLU D 422 43.53 -46.27 -22.00
CA GLU D 422 42.65 -46.54 -20.89
C GLU D 422 41.43 -45.61 -20.92
N PHE D 423 41.65 -44.32 -21.17
CA PHE D 423 40.63 -43.27 -21.26
C PHE D 423 39.77 -43.37 -22.47
N ALA D 424 40.38 -43.89 -23.62
CA ALA D 424 39.68 -44.21 -24.87
C ALA D 424 38.57 -45.18 -24.67
N GLU D 425 38.83 -46.23 -23.84
CA GLU D 425 37.90 -47.26 -23.49
C GLU D 425 36.74 -46.73 -22.51
N SER D 426 37.19 -45.86 -21.46
CA SER D 426 36.48 -45.21 -20.36
C SER D 426 35.45 -44.27 -20.84
N ARG D 427 35.70 -43.46 -21.94
CA ARG D 427 34.82 -42.57 -22.45
C ARG D 427 33.58 -43.28 -23.02
N GLU D 428 33.78 -44.46 -23.70
CA GLU D 428 32.73 -45.23 -24.30
C GLU D 428 31.81 -45.75 -23.16
N VAL D 429 32.38 -46.18 -21.97
CA VAL D 429 31.45 -46.61 -20.82
C VAL D 429 30.59 -45.47 -20.20
N VAL D 430 31.25 -44.28 -20.09
CA VAL D 430 30.56 -43.10 -19.55
C VAL D 430 29.44 -42.68 -20.47
N GLN D 431 29.64 -42.71 -21.82
CA GLN D 431 28.63 -42.43 -22.89
C GLN D 431 27.51 -43.42 -22.75
N SER D 432 27.84 -44.70 -22.54
CA SER D 432 26.83 -45.74 -22.52
C SER D 432 25.84 -45.62 -21.40
N LEU D 433 26.46 -45.21 -20.20
CA LEU D 433 25.74 -45.00 -18.99
C LEU D 433 24.79 -43.84 -19.05
N MET D 434 25.22 -42.77 -19.76
CA MET D 434 24.44 -41.53 -19.94
C MET D 434 23.15 -41.74 -20.68
N GLU D 435 23.26 -42.59 -21.75
CA GLU D 435 22.17 -43.09 -22.61
C GLU D 435 21.26 -44.00 -21.79
N ASP D 436 21.84 -44.88 -20.85
CA ASP D 436 21.01 -45.81 -20.10
C ASP D 436 20.14 -45.02 -19.11
N TYR D 437 20.59 -43.81 -18.66
CA TYR D 437 19.78 -42.90 -17.85
C TYR D 437 18.57 -42.39 -18.51
N VAL D 438 18.58 -42.23 -19.85
CA VAL D 438 17.47 -41.62 -20.55
C VAL D 438 16.27 -42.52 -20.47
N ALA D 439 16.43 -43.90 -20.41
CA ALA D 439 15.36 -44.87 -20.31
C ALA D 439 14.80 -44.95 -18.88
N ALA D 440 13.64 -45.59 -18.73
CA ALA D 440 13.03 -45.84 -17.51
C ALA D 440 13.48 -47.12 -16.90
N GLU D 441 14.38 -47.91 -17.46
CA GLU D 441 14.79 -49.20 -16.98
C GLU D 441 16.27 -49.23 -17.14
N GLN D 442 17.04 -49.68 -16.09
CA GLN D 442 18.52 -49.70 -16.01
C GLN D 442 18.88 -50.55 -14.79
N ASP D 443 17.86 -50.92 -13.94
CA ASP D 443 17.95 -51.79 -12.83
C ASP D 443 18.41 -53.14 -13.16
N SER D 444 19.20 -53.80 -12.29
CA SER D 444 19.85 -55.06 -12.48
C SER D 444 19.56 -55.98 -11.34
N TYR D 445 18.70 -55.51 -10.37
CA TYR D 445 18.46 -55.93 -9.06
C TYR D 445 17.28 -56.87 -8.98
N UNK E 1 -30.91 5.91 46.45
CA UNK E 1 -31.49 6.21 45.16
C UNK E 1 -33.03 5.83 45.19
N UNK E 2 -33.56 4.74 44.52
CA UNK E 2 -34.98 4.42 44.50
C UNK E 2 -35.51 4.14 45.84
N UNK E 3 -34.81 3.45 46.71
CA UNK E 3 -35.33 3.04 48.00
C UNK E 3 -35.69 4.20 48.94
N UNK E 4 -34.85 5.31 48.94
CA UNK E 4 -35.15 6.46 49.79
C UNK E 4 -36.40 7.16 49.47
N UNK E 5 -36.66 7.30 48.14
CA UNK E 5 -37.79 7.99 47.52
C UNK E 5 -39.06 7.31 47.92
N UNK E 6 -39.00 5.98 47.91
CA UNK E 6 -40.13 5.15 48.39
C UNK E 6 -40.38 5.26 49.86
N UNK E 7 -39.34 5.45 50.71
CA UNK E 7 -39.50 5.76 52.12
C UNK E 7 -40.23 7.01 52.41
N UNK E 8 -40.03 8.07 51.65
CA UNK E 8 -40.64 9.36 51.78
C UNK E 8 -42.11 9.34 51.59
N UNK E 9 -42.52 8.53 50.58
CA UNK E 9 -43.87 8.38 50.29
C UNK E 9 -44.69 7.75 51.34
N UNK E 10 -44.18 6.72 51.99
CA UNK E 10 -44.85 6.14 53.11
C UNK E 10 -44.99 7.04 54.30
N UNK E 11 -43.90 7.84 54.63
CA UNK E 11 -43.86 8.74 55.82
C UNK E 11 -45.00 9.85 55.63
N UNK E 12 -45.09 10.40 54.41
CA UNK E 12 -46.11 11.47 54.10
C UNK E 12 -47.51 10.92 54.21
N UNK E 13 -47.78 9.75 53.54
CA UNK E 13 -49.14 9.18 53.48
C UNK E 13 -49.61 8.79 54.83
N UNK E 14 -48.71 8.25 55.66
CA UNK E 14 -49.01 8.02 57.06
C UNK E 14 -49.34 9.33 57.81
N UNK E 15 -48.58 10.42 57.51
CA UNK E 15 -48.71 11.71 58.23
C UNK E 15 -50.07 12.29 58.01
N UNK E 16 -50.51 12.23 56.75
CA UNK E 16 -51.80 12.81 56.37
C UNK E 16 -52.97 12.18 57.02
N UNK E 17 -52.87 10.81 57.22
CA UNK E 17 -53.92 10.05 57.82
C UNK E 17 -54.05 10.46 59.30
N UNK E 18 -52.95 10.60 60.06
CA UNK E 18 -52.95 10.98 61.50
C UNK E 18 -53.51 12.41 61.72
N UNK E 19 -53.19 13.37 60.85
CA UNK E 19 -53.72 14.77 60.90
C UNK E 19 -55.27 14.92 60.80
N UNK E 20 -55.86 14.14 59.85
CA UNK E 20 -57.31 14.01 59.69
C UNK E 20 -58.01 13.43 60.87
N UNK E 21 -57.52 12.29 61.45
CA UNK E 21 -58.16 11.61 62.56
C UNK E 21 -58.28 12.32 63.89
N UNK E 22 -57.29 13.27 64.16
CA UNK E 22 -57.34 14.17 65.29
C UNK E 22 -58.53 15.14 65.23
N UNK E 23 -58.73 15.74 64.02
CA UNK E 23 -59.83 16.64 63.82
C UNK E 23 -61.19 15.90 63.98
N UNK E 24 -61.35 14.68 63.49
CA UNK E 24 -62.52 13.90 63.63
C UNK E 24 -62.90 13.56 65.06
N UNK E 25 -61.91 13.17 65.87
CA UNK E 25 -62.15 12.93 67.32
C UNK E 25 -62.57 14.20 68.03
N UNK E 26 -61.95 15.37 67.76
CA UNK E 26 -62.22 16.59 68.42
C UNK E 26 -63.63 17.08 68.15
N UNK E 27 -64.06 17.01 66.80
CA UNK E 27 -65.37 17.52 66.32
C UNK E 27 -66.48 16.72 66.77
N UNK E 28 -66.31 15.37 66.94
CA UNK E 28 -67.34 14.48 67.52
C UNK E 28 -67.77 14.70 68.96
N UNK E 29 -66.96 15.21 69.86
CA UNK E 29 -67.33 15.48 71.27
C UNK E 29 -68.40 16.48 71.39
N UNK E 30 -68.37 17.53 70.50
CA UNK E 30 -69.42 18.54 70.49
C UNK E 30 -70.85 18.02 70.21
N UNK E 31 -70.98 17.02 69.32
CA UNK E 31 -72.17 16.56 68.85
C UNK E 31 -72.92 15.90 69.98
N UNK E 32 -72.15 15.11 70.79
CA UNK E 32 -72.52 14.39 71.94
C UNK E 32 -72.94 15.26 73.02
N UNK E 33 -72.20 16.41 73.24
CA UNK E 33 -72.50 17.38 74.19
C UNK E 33 -73.80 18.00 73.87
N UNK E 34 -74.08 18.38 72.61
CA UNK E 34 -75.30 19.03 72.22
C UNK E 34 -76.47 18.12 72.40
N UNK E 35 -76.32 16.78 72.05
CA UNK E 35 -77.39 15.73 72.11
C UNK E 35 -77.85 15.54 73.53
N UNK E 36 -76.89 15.69 74.51
CA UNK E 36 -77.17 15.54 75.94
C UNK E 36 -78.09 16.68 76.39
N UNK E 37 -77.85 17.90 75.89
CA UNK E 37 -78.62 19.11 76.07
C UNK E 37 -80.04 19.05 75.47
N UNK E 38 -80.17 18.40 74.30
CA UNK E 38 -81.35 18.24 73.56
C UNK E 38 -82.38 17.35 74.35
N UNK E 39 -81.88 16.26 74.93
CA UNK E 39 -82.58 15.31 75.72
C UNK E 39 -83.14 15.93 76.97
N UNK E 40 -82.26 16.74 77.66
CA UNK E 40 -82.64 17.40 78.91
C UNK E 40 -83.68 18.47 78.69
N UNK E 41 -83.57 19.37 77.68
CA UNK E 41 -84.46 20.44 77.43
C UNK E 41 -85.75 19.83 77.08
N UNK E 42 -85.76 18.75 76.26
CA UNK E 42 -87.01 18.18 75.77
C UNK E 42 -87.99 17.74 76.88
N UNK E 43 -87.42 17.06 77.86
CA UNK E 43 -88.05 16.42 78.97
C UNK E 43 -88.67 17.39 79.93
N UNK E 44 -87.98 18.49 80.34
CA UNK E 44 -88.35 19.34 81.39
C UNK E 44 -89.51 20.26 81.03
N UNK F 1 -43.29 -7.36 40.80
CA UNK F 1 -43.42 -8.31 41.84
C UNK F 1 -43.19 -7.76 43.15
N UNK F 2 -41.90 -7.32 43.34
CA UNK F 2 -41.55 -6.54 44.48
C UNK F 2 -42.28 -5.18 44.51
N UNK F 3 -42.38 -4.62 43.28
CA UNK F 3 -43.01 -3.39 42.92
C UNK F 3 -44.52 -3.43 43.20
N UNK F 4 -45.16 -4.58 42.90
CA UNK F 4 -46.56 -4.79 43.09
C UNK F 4 -46.93 -4.79 44.48
N UNK F 5 -46.07 -5.44 45.37
CA UNK F 5 -46.35 -5.62 46.79
C UNK F 5 -46.44 -4.28 47.51
N UNK F 6 -45.54 -3.39 47.14
CA UNK F 6 -45.31 -2.06 47.58
C UNK F 6 -46.46 -1.14 47.23
N UNK F 7 -47.03 -1.33 45.99
CA UNK F 7 -48.19 -0.59 45.57
C UNK F 7 -49.40 -0.85 46.35
N UNK F 8 -49.60 -2.18 46.67
CA UNK F 8 -50.72 -2.77 47.34
C UNK F 8 -50.76 -2.17 48.75
N UNK F 9 -49.69 -1.89 49.44
CA UNK F 9 -49.65 -1.33 50.79
C UNK F 9 -50.35 0.01 50.75
N UNK F 10 -50.08 0.76 49.67
CA UNK F 10 -50.60 2.13 49.54
C UNK F 10 -52.06 2.23 49.49
N UNK F 11 -52.65 1.35 48.69
CA UNK F 11 -54.07 1.34 48.46
C UNK F 11 -54.84 1.03 49.73
N UNK F 12 -54.35 0.06 50.59
CA UNK F 12 -54.94 -0.20 51.90
C UNK F 12 -54.85 0.96 52.81
N UNK F 13 -53.68 1.68 52.89
CA UNK F 13 -53.56 2.79 53.86
C UNK F 13 -54.49 3.95 53.50
N UNK F 14 -54.57 4.20 52.13
CA UNK F 14 -55.37 5.18 51.43
C UNK F 14 -56.87 4.94 51.63
N UNK F 15 -57.26 3.63 51.59
CA UNK F 15 -58.66 3.29 51.73
C UNK F 15 -59.17 3.68 53.05
N UNK F 16 -58.41 3.44 54.10
CA UNK F 16 -58.67 3.92 55.44
C UNK F 16 -58.72 5.41 55.62
N UNK F 17 -57.75 6.06 54.87
CA UNK F 17 -57.63 7.50 54.74
C UNK F 17 -58.90 8.11 54.16
N UNK F 18 -59.52 7.45 53.17
CA UNK F 18 -60.68 7.89 52.48
C UNK F 18 -61.86 7.99 53.31
N UNK F 19 -62.09 6.91 54.10
CA UNK F 19 -63.20 6.86 55.02
C UNK F 19 -63.03 7.98 56.04
N UNK F 20 -61.76 8.28 56.55
CA UNK F 20 -61.53 9.39 57.53
C UNK F 20 -61.86 10.82 57.08
N UNK F 21 -61.74 11.10 55.79
CA UNK F 21 -62.07 12.32 55.18
C UNK F 21 -63.52 12.57 55.07
N UNK F 22 -64.29 11.55 54.59
CA UNK F 22 -65.74 11.59 54.42
C UNK F 22 -66.38 11.80 55.73
N UNK F 23 -65.96 10.96 56.78
CA UNK F 23 -66.66 11.00 58.05
C UNK F 23 -66.49 12.37 58.79
N UNK F 24 -65.32 13.05 58.76
CA UNK F 24 -65.01 14.31 59.41
C UNK F 24 -65.85 15.40 58.79
N UNK F 25 -66.14 15.32 57.49
CA UNK F 25 -67.00 16.31 56.92
C UNK F 25 -68.47 16.25 57.32
N UNK F 26 -68.93 14.97 57.53
CA UNK F 26 -70.21 14.74 58.15
C UNK F 26 -70.34 15.34 59.48
N UNK F 27 -69.29 15.37 60.30
CA UNK F 27 -69.31 15.95 61.64
C UNK F 27 -69.51 17.42 61.71
N UNK F 28 -68.90 18.11 60.71
CA UNK F 28 -68.99 19.54 60.43
C UNK F 28 -70.43 19.97 60.27
N UNK F 29 -71.19 19.21 59.43
CA UNK F 29 -72.58 19.44 59.10
C UNK F 29 -73.43 19.11 60.34
N UNK F 30 -73.08 17.98 61.07
CA UNK F 30 -73.77 17.55 62.27
C UNK F 30 -73.78 18.53 63.38
N UNK F 31 -72.62 19.22 63.64
CA UNK F 31 -72.45 20.25 64.63
C UNK F 31 -73.33 21.42 64.28
N UNK F 32 -73.51 21.79 63.02
CA UNK F 32 -74.43 22.82 62.62
C UNK F 32 -75.90 22.57 62.92
N UNK F 33 -76.32 21.31 62.60
CA UNK F 33 -77.74 20.92 62.78
C UNK F 33 -78.11 20.96 64.22
N UNK F 34 -77.21 20.36 65.11
CA UNK F 34 -77.43 20.41 66.51
C UNK F 34 -77.43 21.77 67.05
N UNK F 35 -76.60 22.74 66.53
CA UNK F 35 -76.53 24.14 66.98
C UNK F 35 -77.81 24.91 66.77
N UNK F 36 -78.39 24.83 65.56
CA UNK F 36 -79.64 25.49 65.32
C UNK F 36 -80.75 24.82 66.08
N UNK F 37 -80.76 23.47 66.30
CA UNK F 37 -81.69 22.85 67.13
C UNK F 37 -81.77 23.30 68.55
N UNK F 38 -80.58 23.51 69.21
CA UNK F 38 -80.63 23.83 70.64
C UNK F 38 -81.30 25.21 70.75
N UNK F 39 -81.02 26.14 69.81
CA UNK F 39 -81.62 27.45 69.79
C UNK F 39 -83.15 27.46 69.72
N UNK F 40 -83.81 26.65 68.79
CA UNK F 40 -85.25 26.56 68.66
C UNK F 40 -85.97 25.97 69.92
N UNK F 41 -85.36 24.89 70.45
CA UNK F 41 -85.78 24.19 71.60
C UNK F 41 -85.80 25.10 72.86
N UNK F 42 -84.71 25.92 73.02
CA UNK F 42 -84.66 26.92 74.11
C UNK F 42 -85.75 27.96 74.01
N UNK F 43 -85.96 28.51 72.78
CA UNK F 43 -87.00 29.55 72.52
C UNK F 43 -88.44 29.03 72.78
N UNK F 44 -88.80 27.83 72.19
CA UNK F 44 -90.09 27.21 72.16
C UNK F 44 -90.13 26.51 73.50
N GLN A 55 -70.68 34.84 68.36
CA GLN A 55 -70.48 33.92 67.30
C GLN A 55 -69.82 34.63 66.10
N GLU A 56 -70.04 36.00 65.92
CA GLU A 56 -69.50 36.79 64.78
C GLU A 56 -68.04 36.75 64.94
N ALA A 57 -67.46 36.83 66.20
CA ALA A 57 -66.04 36.82 66.52
C ALA A 57 -65.43 35.49 66.14
N LEU A 58 -66.10 34.33 66.35
CA LEU A 58 -65.63 33.00 66.07
C LEU A 58 -65.40 32.75 64.63
N VAL A 59 -66.34 33.27 63.76
CA VAL A 59 -66.19 33.14 62.32
C VAL A 59 -65.01 33.86 61.86
N VAL A 60 -64.74 35.07 62.42
CA VAL A 60 -63.71 35.98 62.00
C VAL A 60 -62.32 35.26 62.25
N LYS A 61 -62.17 34.54 63.39
CA LYS A 61 -61.05 33.74 63.81
C LYS A 61 -60.76 32.64 62.87
N ASP A 62 -61.74 31.94 62.39
CA ASP A 62 -61.69 30.88 61.46
C ASP A 62 -61.18 31.35 60.15
N LEU A 63 -61.59 32.59 59.68
CA LEU A 63 -61.31 33.15 58.40
C LEU A 63 -59.77 33.43 58.30
N LEU A 64 -59.16 33.92 59.45
CA LEU A 64 -57.77 34.22 59.55
C LEU A 64 -56.98 32.97 59.38
N ASN A 65 -57.38 31.84 60.03
CA ASN A 65 -56.71 30.54 60.06
C ASN A 65 -56.64 29.93 58.66
N VAL A 66 -57.73 29.96 57.80
CA VAL A 66 -57.86 29.57 56.42
C VAL A 66 -56.96 30.39 55.50
N LEU A 67 -56.92 31.74 55.77
CA LEU A 67 -56.22 32.81 54.95
C LEU A 67 -54.67 32.56 54.91
N ILE A 68 -54.04 31.97 56.02
CA ILE A 68 -52.62 31.63 56.03
C ILE A 68 -52.19 30.58 55.07
N GLY A 69 -53.04 29.60 54.65
CA GLY A 69 -52.77 28.56 53.65
C GLY A 69 -52.80 27.21 54.26
N LEU A 70 -53.42 27.16 55.49
CA LEU A 70 -53.48 26.02 56.31
C LEU A 70 -54.87 26.15 56.95
N GLU A 71 -55.12 25.39 58.06
CA GLU A 71 -56.41 25.22 58.76
C GLU A 71 -56.07 25.00 60.17
N GLY A 72 -57.16 25.23 60.90
CA GLY A 72 -57.23 25.27 62.34
C GLY A 72 -57.38 23.83 62.86
N THR A 73 -57.66 23.79 64.19
CA THR A 73 -58.04 22.54 64.83
C THR A 73 -59.34 21.90 64.30
N TYR A 74 -60.54 22.65 64.28
CA TYR A 74 -61.86 22.10 63.93
C TYR A 74 -62.22 22.58 62.48
N ILE A 75 -61.14 23.09 61.85
CA ILE A 75 -61.14 23.64 60.57
C ILE A 75 -60.52 22.50 59.76
N ARG A 76 -61.31 21.71 59.01
CA ARG A 76 -60.76 20.53 58.41
C ARG A 76 -60.23 20.82 57.01
N TYR A 77 -59.38 19.87 56.49
CA TYR A 77 -58.78 19.92 55.25
C TYR A 77 -59.29 18.81 54.45
N PHE A 78 -59.83 18.98 53.28
CA PHE A 78 -60.21 17.82 52.40
C PHE A 78 -59.27 17.95 51.25
N ASN A 79 -58.61 16.84 50.73
CA ASN A 79 -57.49 17.01 49.79
C ASN A 79 -57.83 17.64 48.40
N ASP A 80 -58.94 17.21 47.74
CA ASP A 80 -59.17 17.44 46.27
C ASP A 80 -59.98 18.74 46.14
N ILE A 90 -62.27 19.46 48.49
CA ILE A 90 -63.08 20.69 48.82
C ILE A 90 -62.05 21.74 49.18
N GLU A 91 -60.90 21.40 49.89
CA GLU A 91 -59.81 22.28 50.38
C GLU A 91 -60.11 22.49 51.84
N PHE A 92 -59.73 23.67 52.36
CA PHE A 92 -60.10 24.04 53.68
C PHE A 92 -61.56 24.36 53.71
N LYS A 93 -62.22 23.88 54.75
CA LYS A 93 -63.67 24.26 54.91
C LYS A 93 -63.92 24.53 56.30
N ILE A 94 -64.97 25.35 56.61
CA ILE A 94 -65.18 25.85 57.92
C ILE A 94 -66.60 25.56 58.39
N ALA A 95 -66.77 25.40 59.72
CA ALA A 95 -67.90 24.92 60.44
C ALA A 95 -69.04 25.91 60.22
N LYS A 96 -70.31 25.37 60.08
CA LYS A 96 -71.54 26.21 59.78
C LYS A 96 -71.88 26.90 61.03
N LYS A 97 -71.74 28.25 60.93
CA LYS A 97 -71.82 29.34 61.92
C LYS A 97 -71.95 30.67 61.15
N MET A 98 -71.70 30.55 59.88
CA MET A 98 -71.52 31.72 59.00
C MET A 98 -72.66 32.70 58.85
N ASP A 99 -72.31 34.01 58.80
CA ASP A 99 -73.31 35.02 58.57
C ASP A 99 -73.14 35.40 57.17
N PRO A 100 -74.04 36.09 56.55
CA PRO A 100 -73.99 36.29 55.03
C PRO A 100 -72.83 36.97 54.52
N SER A 101 -72.27 38.04 55.24
CA SER A 101 -71.04 38.82 54.87
C SER A 101 -69.88 37.96 54.87
N PHE A 102 -69.70 37.18 55.90
CA PHE A 102 -68.58 36.23 56.03
C PHE A 102 -68.63 35.13 55.03
N LYS A 103 -69.77 34.53 54.80
CA LYS A 103 -69.96 33.39 53.96
C LYS A 103 -69.53 33.69 52.51
N THR A 104 -69.83 34.82 51.92
CA THR A 104 -69.41 35.22 50.60
C THR A 104 -67.92 35.31 50.52
N PHE A 105 -67.29 35.92 51.53
CA PHE A 105 -65.84 36.15 51.77
C PHE A 105 -65.02 34.90 51.94
N SER A 106 -65.57 33.93 52.70
CA SER A 106 -64.93 32.67 52.96
C SER A 106 -64.73 31.81 51.71
N ARG A 107 -65.67 31.89 50.74
CA ARG A 107 -65.64 31.15 49.51
C ARG A 107 -64.55 31.59 48.66
N ARG A 108 -64.48 32.91 48.62
CA ARG A 108 -63.44 33.53 47.89
C ARG A 108 -62.09 33.30 48.33
N ILE A 109 -61.81 33.39 49.70
CA ILE A 109 -60.51 33.07 50.19
C ILE A 109 -60.03 31.63 50.00
N VAL A 110 -61.00 30.68 50.07
CA VAL A 110 -60.65 29.32 49.77
C VAL A 110 -60.08 29.03 48.38
N ARG A 111 -60.68 29.65 47.32
CA ARG A 111 -60.29 29.37 45.92
C ARG A 111 -58.90 29.85 45.73
N TYR A 112 -58.47 31.02 46.26
CA TYR A 112 -57.07 31.53 46.23
C TYR A 112 -56.09 30.53 46.89
N GLY A 113 -56.46 29.95 48.14
CA GLY A 113 -55.62 29.00 48.93
C GLY A 113 -55.49 27.70 48.23
N LYS A 114 -56.58 27.30 47.51
CA LYS A 114 -56.65 26.02 46.83
C LYS A 114 -55.62 25.95 45.75
N GLN A 115 -55.53 27.12 45.05
CA GLN A 115 -54.60 27.41 44.01
C GLN A 115 -53.17 27.39 44.55
N TYR A 116 -52.91 27.94 45.79
CA TYR A 116 -51.59 27.81 46.36
C TYR A 116 -51.16 26.29 46.45
N MET A 117 -52.18 25.44 46.93
CA MET A 117 -51.95 24.01 47.18
C MET A 117 -51.68 23.24 45.98
N ILE A 118 -52.45 23.62 44.90
CA ILE A 118 -52.35 22.99 43.59
C ILE A 118 -50.98 23.34 43.03
N LEU A 119 -50.44 24.60 43.16
CA LEU A 119 -49.13 24.89 42.67
C LEU A 119 -48.06 24.03 43.34
N THR A 120 -48.11 23.78 44.69
CA THR A 120 -47.19 23.00 45.46
C THR A 120 -46.99 21.61 45.02
N ARG A 121 -48.11 20.94 44.70
CA ARG A 121 -48.10 19.57 44.07
C ARG A 121 -47.50 19.58 42.68
N ALA A 122 -47.91 20.57 41.88
CA ALA A 122 -47.47 20.65 40.52
C ALA A 122 -45.98 20.91 40.38
N TYR A 123 -45.24 21.83 41.06
CA TYR A 123 -43.80 21.96 40.93
C TYR A 123 -42.98 20.74 41.44
N GLU A 124 -43.39 20.08 42.57
CA GLU A 124 -42.80 18.94 43.22
C GLU A 124 -42.74 17.83 42.31
N LYS A 125 -43.79 17.60 41.43
CA LYS A 125 -43.93 16.46 40.58
C LYS A 125 -42.78 16.45 39.55
N TRP A 126 -42.47 17.59 38.92
CA TRP A 126 -41.41 17.62 37.81
C TRP A 126 -40.16 18.47 38.32
N SER A 127 -39.79 18.25 39.63
CA SER A 127 -38.58 18.73 40.23
C SER A 127 -37.85 17.55 40.81
N ASP A 128 -36.55 17.59 40.54
CA ASP A 128 -35.70 16.49 40.95
C ASP A 128 -35.95 15.25 40.13
N THR A 129 -36.53 15.43 38.91
CA THR A 129 -36.65 14.36 37.86
C THR A 129 -35.28 14.00 37.25
N SER A 130 -35.08 12.71 36.85
CA SER A 130 -33.87 12.34 36.12
C SER A 130 -34.28 12.32 34.66
N PHE A 131 -35.56 12.35 34.28
CA PHE A 131 -35.92 12.34 32.87
C PHE A 131 -36.60 13.69 32.70
N GLY A 132 -35.90 14.62 32.01
CA GLY A 132 -36.40 15.96 31.71
C GLY A 132 -35.75 16.90 32.64
N MET A 133 -34.48 17.25 32.31
CA MET A 133 -33.66 18.17 33.04
C MET A 133 -34.22 19.56 32.96
N VAL A 134 -34.75 19.90 31.75
CA VAL A 134 -35.24 21.17 31.30
C VAL A 134 -36.52 21.53 32.09
N LEU A 135 -37.42 20.49 32.34
CA LEU A 135 -38.62 20.55 33.16
C LEU A 135 -38.21 20.87 34.54
N GLN A 136 -37.11 20.30 35.15
CA GLN A 136 -36.78 20.55 36.48
C GLN A 136 -36.39 22.01 36.79
N ARG A 137 -35.61 22.62 35.87
CA ARG A 137 -35.17 24.02 35.98
C ARG A 137 -36.28 24.92 35.93
N PHE A 138 -37.29 24.63 35.06
CA PHE A 138 -38.45 25.43 35.04
C PHE A 138 -39.28 25.41 36.34
N ALA A 139 -39.47 24.24 36.94
CA ALA A 139 -40.19 24.14 38.24
C ALA A 139 -39.48 24.87 39.35
N TYR A 140 -38.10 24.77 39.40
CA TYR A 140 -37.21 25.35 40.35
C TYR A 140 -37.33 26.89 40.25
N GLU A 141 -37.40 27.46 39.02
CA GLU A 141 -37.55 28.94 38.91
C GLU A 141 -38.88 29.36 39.44
N ILE A 142 -39.94 28.56 39.16
CA ILE A 142 -41.28 28.88 39.56
C ILE A 142 -41.53 28.89 41.06
N ARG A 143 -41.04 27.88 41.73
CA ARG A 143 -41.24 27.80 43.11
C ARG A 143 -40.53 28.94 43.89
N ARG A 144 -39.27 29.36 43.55
CA ARG A 144 -38.58 30.41 44.20
C ARG A 144 -39.25 31.72 44.07
N PHE A 145 -39.80 32.01 42.81
CA PHE A 145 -40.40 33.28 42.49
C PHE A 145 -41.65 33.52 43.20
N LEU A 146 -42.53 32.45 43.30
CA LEU A 146 -43.79 32.51 44.00
C LEU A 146 -43.67 32.74 45.46
N GLU A 147 -42.70 32.00 46.08
CA GLU A 147 -42.46 31.94 47.50
C GLU A 147 -42.02 33.31 48.02
N ASP A 148 -41.16 34.02 47.30
CA ASP A 148 -40.79 35.34 47.79
C ASP A 148 -41.95 36.30 47.84
N VAL A 149 -42.84 36.45 46.81
CA VAL A 149 -43.89 37.45 46.86
C VAL A 149 -44.89 37.17 47.95
N TYR A 150 -45.33 35.85 47.98
CA TYR A 150 -46.42 35.39 48.83
C TYR A 150 -46.13 35.41 50.25
N LEU A 151 -44.92 34.89 50.70
CA LEU A 151 -44.56 34.74 52.08
C LEU A 151 -44.45 36.11 52.70
N LYS A 152 -43.70 37.09 52.08
CA LYS A 152 -43.52 38.36 52.70
C LYS A 152 -44.82 39.13 52.92
N THR A 153 -45.71 39.23 51.85
CA THR A 153 -46.82 40.10 51.97
C THR A 153 -47.71 39.68 53.10
N LEU A 154 -47.99 38.38 52.96
CA LEU A 154 -48.98 37.76 53.80
C LEU A 154 -48.48 37.76 55.16
N VAL A 155 -47.22 37.37 55.45
CA VAL A 155 -46.82 37.17 56.83
C VAL A 155 -46.88 38.52 57.55
N GLU A 156 -46.43 39.70 57.01
CA GLU A 156 -46.49 40.96 57.72
C GLU A 156 -47.90 41.44 58.02
N ARG A 157 -48.87 41.29 57.05
CA ARG A 157 -50.22 41.74 57.36
C ARG A 157 -50.78 40.90 58.44
N LEU A 158 -50.63 39.57 58.43
CA LEU A 158 -51.25 38.62 59.37
C LEU A 158 -50.75 38.86 60.75
N GLU A 159 -49.47 39.09 60.92
CA GLU A 159 -48.80 39.19 62.20
C GLU A 159 -49.25 40.33 62.98
N ARG A 160 -49.43 41.48 62.31
CA ARG A 160 -49.89 42.70 62.87
C ARG A 160 -51.39 42.61 63.41
N ASP A 161 -52.30 41.95 62.65
CA ASP A 161 -53.66 41.75 63.06
C ASP A 161 -53.80 40.83 64.24
N PHE A 162 -53.06 39.64 64.40
CA PHE A 162 -53.24 38.68 65.50
C PHE A 162 -52.80 39.36 66.79
N ASN A 163 -51.62 40.07 66.75
CA ASN A 163 -51.10 40.71 67.97
C ASN A 163 -52.07 41.75 68.59
N LYS A 164 -52.66 42.82 67.85
CA LYS A 164 -53.48 43.89 68.45
C LYS A 164 -54.77 43.35 68.96
N VAL A 165 -55.45 42.50 68.12
CA VAL A 165 -56.75 41.97 68.47
C VAL A 165 -56.72 40.57 67.95
N PRO A 166 -56.93 39.47 68.67
CA PRO A 166 -56.89 38.05 68.16
C PRO A 166 -57.61 37.89 66.79
N ASN A 167 -58.84 38.41 66.65
CA ASN A 167 -59.62 38.36 65.45
C ASN A 167 -59.94 39.78 65.01
N PHE A 168 -59.68 40.09 63.71
CA PHE A 168 -59.89 41.33 63.15
C PHE A 168 -60.38 41.06 61.77
N SER A 169 -61.03 42.13 61.29
CA SER A 169 -61.98 42.26 60.22
C SER A 169 -61.60 41.77 58.82
N ILE A 170 -62.60 41.29 58.01
CA ILE A 170 -62.44 40.82 56.68
C ILE A 170 -61.92 41.83 55.64
N ARG A 171 -62.36 43.10 55.84
CA ARG A 171 -62.10 44.19 54.95
C ARG A 171 -60.57 44.43 54.81
N GLU A 172 -59.77 44.30 55.92
CA GLU A 172 -58.35 44.40 55.69
C GLU A 172 -57.75 43.19 54.90
N LEU A 173 -58.23 41.95 55.10
CA LEU A 173 -57.81 40.82 54.41
C LEU A 173 -58.07 41.01 52.89
N GLU A 174 -59.19 41.64 52.65
CA GLU A 174 -59.80 41.99 51.36
C GLU A 174 -58.85 42.91 50.62
N GLN A 175 -58.07 43.75 51.28
CA GLN A 175 -56.99 44.52 50.52
C GLN A 175 -55.88 43.66 50.02
N ILE A 176 -55.48 42.64 50.86
CA ILE A 176 -54.47 41.69 50.48
C ILE A 176 -54.95 40.90 49.25
N ILE A 177 -56.28 40.59 49.23
CA ILE A 177 -57.01 39.96 48.17
C ILE A 177 -56.99 40.75 46.88
N ASN A 178 -56.87 42.09 46.85
CA ASN A 178 -56.61 42.88 45.66
C ASN A 178 -55.22 42.48 45.06
N GLU A 179 -54.24 42.21 45.89
CA GLU A 179 -52.94 41.77 45.53
C GLU A 179 -53.04 40.35 44.96
N THR A 180 -53.95 39.48 45.47
CA THR A 180 -54.15 38.14 45.01
C THR A 180 -54.66 38.04 43.62
N GLU A 181 -55.26 39.13 43.10
CA GLU A 181 -55.71 39.23 41.71
C GLU A 181 -54.56 39.13 40.74
N VAL A 182 -53.35 39.59 41.01
CA VAL A 182 -52.11 39.45 40.24
C VAL A 182 -51.81 38.01 40.18
N ASN A 183 -52.08 37.29 41.30
CA ASN A 183 -51.87 35.86 41.43
C ASN A 183 -52.71 34.94 40.50
N LYS A 184 -53.81 35.45 40.00
CA LYS A 184 -54.58 34.81 38.92
C LYS A 184 -53.81 34.66 37.64
N GLN A 185 -52.75 35.53 37.33
CA GLN A 185 -51.90 35.30 36.14
C GLN A 185 -51.19 33.97 36.24
N MET A 186 -50.75 33.59 37.50
CA MET A 186 -50.22 32.31 37.91
C MET A 186 -51.25 31.15 37.74
N GLU A 187 -52.60 31.26 37.79
CA GLU A 187 -53.52 30.18 37.40
C GLU A 187 -53.42 29.84 35.92
N LEU A 188 -53.14 30.84 35.08
CA LEU A 188 -52.94 30.74 33.65
C LEU A 188 -51.73 29.89 33.31
N LEU A 189 -50.66 30.07 34.13
CA LEU A 189 -49.47 29.33 34.12
C LEU A 189 -49.72 27.84 34.37
N TYR A 190 -50.68 27.42 35.28
CA TYR A 190 -51.06 26.03 35.59
C TYR A 190 -51.68 25.36 34.33
N ASN A 191 -52.44 26.15 33.53
CA ASN A 191 -52.93 25.68 32.26
C ASN A 191 -51.77 25.28 31.36
N ILE A 192 -50.60 26.04 31.35
CA ILE A 192 -49.34 25.70 30.59
C ILE A 192 -48.73 24.36 30.99
N TYR A 193 -48.76 24.14 32.31
CA TYR A 193 -48.25 22.97 32.99
C TYR A 193 -49.04 21.72 32.55
N GLU A 194 -50.34 21.79 32.35
CA GLU A 194 -51.27 20.75 31.83
C GLU A 194 -51.01 20.38 30.42
N GLU A 195 -50.63 21.41 29.56
CA GLU A 195 -50.23 21.37 28.16
C GLU A 195 -48.89 20.57 28.07
N ILE A 196 -47.94 20.79 29.01
CA ILE A 196 -46.69 20.13 29.15
C ILE A 196 -46.81 18.64 29.38
N PHE A 197 -47.81 18.16 30.26
CA PHE A 197 -48.22 16.85 30.55
C PHE A 197 -48.78 16.19 29.33
N ARG A 198 -49.67 16.91 28.50
CA ARG A 198 -50.19 16.31 27.26
C ARG A 198 -49.05 16.03 26.28
N GLU A 199 -48.07 16.94 26.14
CA GLU A 199 -47.01 16.69 25.19
C GLU A 199 -46.10 15.44 25.46
N ILE A 200 -45.68 15.09 26.75
CA ILE A 200 -44.88 14.00 27.20
C ILE A 200 -45.63 12.71 26.89
N GLU A 201 -47.03 12.75 27.12
CA GLU A 201 -47.85 11.62 26.76
C GLU A 201 -47.82 11.38 25.24
N GLU A 202 -47.88 12.49 24.45
CA GLU A 202 -48.05 12.39 22.98
C GLU A 202 -46.86 11.67 22.38
N ARG A 203 -45.61 11.97 22.89
CA ARG A 203 -44.31 11.50 22.46
C ARG A 203 -44.17 10.03 22.67
N ARG A 204 -44.67 9.55 23.89
CA ARG A 204 -44.75 8.14 24.26
C ARG A 204 -45.60 7.28 23.34
N THR A 205 -46.74 7.78 22.90
CA THR A 205 -47.80 7.05 22.15
C THR A 205 -47.31 6.77 20.71
N LYS A 243 -39.45 15.89 23.57
CA LYS A 243 -38.76 16.03 24.88
C LYS A 243 -38.47 17.44 25.10
N GLY A 244 -37.16 17.77 25.30
CA GLY A 244 -36.71 19.07 25.75
C GLY A 244 -37.14 20.18 24.78
N GLY A 245 -36.85 20.08 23.47
CA GLY A 245 -36.98 21.07 22.42
C GLY A 245 -38.45 21.38 22.22
N ALA A 246 -39.27 20.24 22.32
CA ALA A 246 -40.72 20.36 22.27
C ALA A 246 -41.33 21.19 23.37
N ILE A 247 -40.72 21.08 24.63
CA ILE A 247 -41.15 21.97 25.75
C ILE A 247 -40.91 23.41 25.54
N LEU A 248 -39.81 23.80 25.02
CA LEU A 248 -39.69 25.20 24.64
C LEU A 248 -40.63 25.74 23.61
N LYS A 249 -40.87 24.90 22.51
CA LYS A 249 -41.64 25.29 21.33
C LYS A 249 -43.14 25.51 21.68
N ILE A 250 -43.70 24.65 22.54
CA ILE A 250 -45.06 24.83 23.02
C ILE A 250 -45.26 26.11 23.89
N PHE A 251 -44.21 26.32 24.78
CA PHE A 251 -44.24 27.45 25.68
C PHE A 251 -44.19 28.76 24.83
N GLN A 252 -43.41 28.89 23.74
CA GLN A 252 -43.37 30.03 22.91
C GLN A 252 -44.64 30.25 22.21
N GLN A 253 -45.32 29.22 21.71
CA GLN A 253 -46.59 29.44 20.96
C GLN A 253 -47.61 30.00 21.82
N LYS A 254 -47.66 29.44 23.06
CA LYS A 254 -48.65 29.90 24.02
C LYS A 254 -48.41 31.39 24.45
N ILE A 255 -47.18 31.84 24.63
CA ILE A 255 -46.87 33.19 25.12
C ILE A 255 -47.39 34.20 24.07
N LEU A 256 -47.25 33.92 22.80
CA LEU A 256 -47.78 34.78 21.75
C LEU A 256 -49.36 34.85 21.78
N GLU A 257 -49.96 33.67 22.01
CA GLU A 257 -51.38 33.47 22.20
C GLU A 257 -51.97 34.17 23.39
N ASN A 258 -51.42 34.14 24.65
CA ASN A 258 -52.18 34.81 25.78
C ASN A 258 -52.16 36.33 25.74
N LEU A 259 -51.07 36.86 25.02
CA LEU A 259 -50.56 38.19 24.92
C LEU A 259 -51.08 39.14 25.93
N GLY A 260 -51.88 40.12 25.51
CA GLY A 260 -52.55 40.99 26.40
C GLY A 260 -51.72 41.73 27.49
N ASP A 261 -52.07 41.57 28.77
CA ASP A 261 -51.47 42.05 29.96
C ASP A 261 -49.94 42.01 29.99
N ARG A 262 -49.32 43.16 30.34
CA ARG A 262 -47.87 43.35 30.29
C ARG A 262 -47.10 42.44 31.26
N SER A 263 -47.63 42.33 32.48
CA SER A 263 -46.93 41.55 33.49
C SER A 263 -46.88 40.06 33.11
N SER A 264 -48.00 39.48 32.60
CA SER A 264 -48.05 38.05 32.26
C SER A 264 -47.12 37.64 31.22
N VAL A 265 -47.09 38.31 30.04
CA VAL A 265 -46.25 38.08 28.89
C VAL A 265 -44.79 38.22 29.29
N MET A 266 -44.47 39.29 30.06
CA MET A 266 -43.11 39.42 30.57
C MET A 266 -42.62 38.31 31.53
N PHE A 267 -43.41 37.81 32.50
CA PHE A 267 -43.09 36.76 33.45
C PHE A 267 -42.79 35.55 32.72
N LEU A 268 -43.68 35.16 31.81
CA LEU A 268 -43.59 33.97 31.07
C LEU A 268 -42.34 34.02 30.17
N LYS A 269 -42.07 35.19 29.56
CA LYS A 269 -40.93 35.34 28.69
C LYS A 269 -39.63 35.14 29.45
N LYS A 270 -39.41 35.67 30.66
CA LYS A 270 -38.11 35.49 31.31
C LYS A 270 -37.81 34.05 31.65
N LEU A 271 -38.89 33.30 32.04
CA LEU A 271 -38.76 31.88 32.29
C LEU A 271 -38.45 31.14 31.06
N LEU A 272 -39.06 31.44 29.91
CA LEU A 272 -38.81 30.75 28.67
C LEU A 272 -37.37 30.91 28.21
N ASN A 273 -36.92 32.18 28.30
CA ASN A 273 -35.64 32.56 27.79
C ASN A 273 -34.50 31.77 28.59
N ASN A 274 -34.64 31.64 29.95
CA ASN A 274 -33.63 30.85 30.75
C ASN A 274 -33.60 29.36 30.35
N ILE A 275 -34.79 28.69 30.06
CA ILE A 275 -34.89 27.28 29.72
C ILE A 275 -34.27 26.96 28.33
N SER A 276 -34.60 27.89 27.36
CA SER A 276 -34.05 27.87 26.03
C SER A 276 -32.55 28.11 25.97
N GLN A 277 -31.93 28.79 26.98
CA GLN A 277 -30.49 29.05 26.96
C GLN A 277 -29.70 27.78 26.94
N ASP A 278 -30.06 26.67 27.68
CA ASP A 278 -29.28 25.41 27.75
C ASP A 278 -29.29 24.84 26.42
N TYR A 279 -30.45 24.92 25.70
CA TYR A 279 -30.64 24.41 24.36
C TYR A 279 -29.76 25.11 23.38
N CYS A 280 -29.74 26.47 23.55
CA CYS A 280 -28.96 27.39 22.66
C CYS A 280 -27.47 27.09 22.77
N THR A 281 -27.00 26.80 24.08
CA THR A 281 -25.62 26.45 24.33
C THR A 281 -25.30 25.13 23.59
N MET A 282 -26.17 24.05 23.65
CA MET A 282 -25.91 22.79 22.97
C MET A 282 -25.87 22.97 21.43
N LEU A 283 -26.77 23.81 20.87
CA LEU A 283 -26.96 24.19 19.46
C LEU A 283 -25.78 24.85 18.97
N TYR A 284 -25.19 25.74 19.79
CA TYR A 284 -23.93 26.49 19.50
C TYR A 284 -22.85 25.47 19.33
N GLU A 285 -22.69 24.43 20.13
CA GLU A 285 -21.66 23.43 20.04
C GLU A 285 -21.76 22.60 18.79
N TRP A 286 -23.01 22.19 18.46
CA TRP A 286 -23.35 21.45 17.25
C TRP A 286 -23.12 22.21 15.95
N LEU A 287 -23.76 23.38 15.74
CA LEU A 287 -23.60 24.11 14.53
C LEU A 287 -22.25 24.65 14.31
N THR A 288 -21.60 25.17 15.40
CA THR A 288 -20.31 25.81 15.20
C THR A 288 -19.15 24.80 15.08
N GLN A 289 -19.13 23.68 15.92
CA GLN A 289 -18.01 22.71 15.93
C GLN A 289 -18.35 21.26 16.04
N GLY A 290 -19.59 20.88 15.51
CA GLY A 290 -19.98 19.46 15.20
C GLY A 290 -19.79 18.42 16.24
N ILE A 291 -20.39 18.61 17.39
CA ILE A 291 -20.40 17.70 18.43
C ILE A 291 -21.73 17.93 19.19
N LEU A 292 -22.51 16.85 19.42
CA LEU A 292 -23.74 16.93 20.11
C LEU A 292 -23.39 17.01 21.59
N ASN A 293 -24.38 17.30 22.38
CA ASN A 293 -24.24 17.21 23.84
C ASN A 293 -25.66 16.97 24.22
N ASP A 294 -25.98 16.00 25.15
CA ASP A 294 -27.29 15.62 25.54
C ASP A 294 -27.21 15.11 26.96
N PRO A 295 -27.97 15.66 27.88
CA PRO A 295 -28.01 15.22 29.28
C PRO A 295 -28.98 14.04 29.48
N TYR A 296 -29.85 13.78 28.47
CA TYR A 296 -30.81 12.70 28.64
C TYR A 296 -31.45 12.41 27.32
N GLN A 297 -31.03 13.19 26.32
CA GLN A 297 -31.54 13.28 25.00
C GLN A 297 -32.46 14.47 25.04
N GLU A 298 -32.26 15.38 24.01
CA GLU A 298 -33.17 16.45 23.81
C GLU A 298 -32.82 17.12 22.51
N PHE A 299 -31.87 16.56 21.76
CA PHE A 299 -31.34 17.18 20.60
C PHE A 299 -31.96 16.44 19.41
N MET A 300 -32.46 17.16 18.48
CA MET A 300 -33.23 16.57 17.44
C MET A 300 -32.45 15.63 16.52
N THR A 301 -31.13 15.94 16.23
CA THR A 301 -30.24 15.05 15.41
C THR A 301 -29.37 14.31 16.37
N TYR A 302 -29.28 13.04 16.12
CA TYR A 302 -28.61 12.07 16.91
C TYR A 302 -27.65 11.29 16.05
N ASP A 303 -26.50 10.84 16.71
CA ASP A 303 -25.41 10.20 16.05
C ASP A 303 -25.76 8.75 15.75
N ASP A 304 -25.49 8.32 14.48
CA ASP A 304 -25.64 6.95 13.97
C ASP A 304 -24.29 6.25 14.05
N TRP A 320 -14.16 10.59 8.45
CA TRP A 320 -14.30 9.39 9.26
C TRP A 320 -15.33 8.52 8.60
N ASP A 321 -16.52 8.25 9.26
CA ASP A 321 -17.59 7.41 8.64
C ASP A 321 -18.90 7.85 9.26
N THR A 322 -18.88 8.86 10.19
CA THR A 322 -20.01 9.13 11.01
C THR A 322 -21.19 9.66 10.28
N GLN A 323 -22.46 9.51 10.74
CA GLN A 323 -23.68 10.07 10.12
C GLN A 323 -24.63 10.59 11.17
N TYR A 324 -25.57 11.41 10.85
CA TYR A 324 -26.44 11.94 11.77
C TYR A 324 -27.76 11.82 11.00
N PHE A 325 -28.88 11.81 11.87
CA PHE A 325 -30.23 11.64 11.38
C PHE A 325 -31.16 12.29 12.43
N ILE A 326 -32.51 12.36 12.04
CA ILE A 326 -33.50 13.03 12.83
C ILE A 326 -34.27 12.07 13.67
N ARG A 327 -34.42 12.38 14.97
CA ARG A 327 -35.27 11.80 15.87
C ARG A 327 -36.54 12.63 15.81
N LYS A 328 -37.64 11.85 15.58
CA LYS A 328 -38.98 12.45 15.62
C LYS A 328 -39.61 12.45 17.02
N ASP A 329 -39.06 11.69 18.01
CA ASP A 329 -39.53 11.68 19.37
C ASP A 329 -39.31 13.02 20.06
N VAL A 330 -38.10 13.58 19.89
CA VAL A 330 -37.90 14.95 20.28
C VAL A 330 -37.84 15.69 18.98
N LEU A 331 -38.78 16.58 18.72
CA LEU A 331 -38.86 17.42 17.55
C LEU A 331 -39.79 18.56 18.05
N LEU A 332 -39.57 19.77 17.43
CA LEU A 332 -40.25 21.00 17.57
C LEU A 332 -41.69 20.80 17.09
N ARG A 333 -42.73 21.05 17.93
CA ARG A 333 -44.04 20.59 17.55
C ARG A 333 -44.79 21.59 16.66
N ASP A 334 -44.28 22.78 16.49
CA ASP A 334 -44.95 23.85 15.78
C ASP A 334 -44.05 24.15 14.57
N CYS A 335 -43.12 23.30 14.31
CA CYS A 335 -42.33 23.33 13.11
C CYS A 335 -42.43 21.92 12.52
N ASP A 336 -43.20 21.69 11.35
CA ASP A 336 -43.34 20.43 10.78
C ASP A 336 -43.75 20.63 9.32
N SER A 337 -43.57 21.89 8.80
CA SER A 337 -43.87 22.20 7.42
C SER A 337 -42.53 21.94 6.62
N GLU A 338 -42.52 22.14 5.22
CA GLU A 338 -41.40 21.96 4.36
C GLU A 338 -40.36 22.89 4.70
N GLU A 339 -40.68 24.20 4.92
CA GLU A 339 -39.60 25.14 5.14
C GLU A 339 -38.85 24.91 6.44
N ASP A 340 -39.59 24.49 7.50
CA ASP A 340 -39.10 24.21 8.79
C ASP A 340 -38.20 23.00 8.77
N LYS A 341 -38.60 21.94 7.98
CA LYS A 341 -37.83 20.73 7.81
C LYS A 341 -36.48 21.07 7.06
N ASN A 342 -36.47 21.97 6.00
CA ASN A 342 -35.25 22.35 5.22
C ASN A 342 -34.19 23.04 6.15
N LEU A 343 -34.65 23.88 7.11
CA LEU A 343 -33.78 24.45 8.06
C LEU A 343 -33.09 23.42 8.93
N LEU A 344 -33.85 22.42 9.33
CA LEU A 344 -33.35 21.27 10.09
C LEU A 344 -32.38 20.48 9.35
N PHE A 345 -32.64 20.32 8.02
CA PHE A 345 -31.66 19.68 7.16
C PHE A 345 -30.37 20.47 7.08
N LYS A 346 -30.42 21.87 7.02
CA LYS A 346 -29.21 22.74 6.95
C LYS A 346 -28.34 22.62 8.18
N MET A 347 -29.02 22.52 9.40
CA MET A 347 -28.44 22.48 10.72
C MET A 347 -27.68 21.18 10.84
N LEU A 348 -28.34 20.06 10.28
CA LEU A 348 -27.70 18.75 10.27
C LEU A 348 -26.48 18.76 9.40
N ARG A 349 -26.51 19.37 8.17
CA ARG A 349 -25.48 19.46 7.16
C ARG A 349 -24.24 20.19 7.64
N THR A 350 -24.37 21.32 8.33
CA THR A 350 -23.23 21.95 8.84
C THR A 350 -22.52 21.13 9.85
N GLY A 351 -23.33 20.52 10.72
CA GLY A 351 -22.80 19.77 11.82
C GLY A 351 -22.00 18.49 11.40
N ILE A 352 -22.51 17.74 10.39
CA ILE A 352 -21.92 16.50 9.89
C ILE A 352 -20.53 16.72 9.24
N LEU A 353 -20.50 17.82 8.52
CA LEU A 353 -19.25 18.34 7.82
C LEU A 353 -18.24 18.69 8.85
N LEU A 354 -18.66 19.33 9.92
CA LEU A 354 -17.73 19.61 10.97
C LEU A 354 -17.16 18.42 11.70
N LYS A 355 -18.02 17.39 12.01
CA LYS A 355 -17.64 16.17 12.73
C LYS A 355 -16.67 15.30 12.02
N VAL A 356 -16.83 15.17 10.68
CA VAL A 356 -15.83 14.43 9.95
C VAL A 356 -14.46 15.09 9.99
N VAL A 357 -14.41 16.48 9.94
CA VAL A 357 -13.25 17.24 10.16
C VAL A 357 -12.69 17.10 11.56
N ARG A 358 -13.60 16.99 12.55
CA ARG A 358 -13.24 17.02 13.97
C ARG A 358 -12.35 15.83 14.49
N ALA A 359 -12.65 14.59 13.97
CA ALA A 359 -11.87 13.39 14.20
C ALA A 359 -10.47 13.43 13.67
N SER A 360 -10.27 14.07 12.50
CA SER A 360 -8.99 14.26 11.86
C SER A 360 -7.87 15.08 12.62
N LEU A 361 -8.25 15.44 13.88
CA LEU A 361 -7.73 16.39 14.86
C LEU A 361 -6.29 16.82 14.57
N GLN A 362 -6.16 18.15 14.21
CA GLN A 362 -4.88 18.85 14.17
C GLN A 362 -5.21 20.32 14.30
N ILE A 363 -6.50 20.66 14.09
CA ILE A 363 -7.10 22.01 14.21
C ILE A 363 -8.26 21.82 15.30
N PRO A 364 -8.93 22.83 15.88
CA PRO A 364 -10.01 22.67 17.01
C PRO A 364 -11.46 22.61 16.43
N THR A 365 -11.63 22.51 15.10
CA THR A 365 -12.89 22.57 14.42
C THR A 365 -13.65 23.95 14.50
N ILE A 366 -12.86 25.00 14.61
CA ILE A 366 -13.33 26.37 14.47
C ILE A 366 -12.10 27.03 13.79
N PRO A 367 -12.34 28.14 12.97
CA PRO A 367 -11.32 28.88 12.29
C PRO A 367 -10.98 30.04 13.12
N SER A 368 -9.86 30.72 12.75
CA SER A 368 -9.33 31.90 13.45
C SER A 368 -8.67 32.78 12.47
N ASN A 369 -8.61 32.26 11.19
CA ASN A 369 -8.07 33.04 10.12
C ASN A 369 -9.15 33.79 9.46
N SER A 370 -10.41 33.46 9.83
CA SER A 370 -11.62 34.10 9.50
C SER A 370 -12.57 33.87 10.68
N SER A 371 -13.22 34.97 11.16
CA SER A 371 -14.06 34.98 12.31
C SER A 371 -15.41 35.49 11.97
N ASP A 372 -16.40 34.66 12.43
CA ASP A 372 -17.81 34.95 12.17
C ASP A 372 -18.53 34.16 13.35
N ILE A 373 -17.63 33.67 14.24
CA ILE A 373 -17.94 32.85 15.42
C ILE A 373 -18.77 33.64 16.38
N THR A 374 -18.44 34.95 16.50
CA THR A 374 -18.94 36.00 17.34
C THR A 374 -20.41 36.25 17.00
N ILE A 375 -20.80 36.21 15.69
CA ILE A 375 -22.20 36.39 15.30
C ILE A 375 -22.98 35.22 15.96
N GLN A 376 -22.39 33.96 15.87
CA GLN A 376 -23.15 32.79 16.26
C GLN A 376 -23.53 32.88 17.73
N GLU A 377 -22.60 33.32 18.62
CA GLU A 377 -22.72 33.41 20.09
C GLU A 377 -23.77 34.46 20.42
N ILE A 378 -23.74 35.58 19.60
CA ILE A 378 -24.58 36.76 19.87
C ILE A 378 -26.04 36.33 19.77
N ASN A 379 -26.37 35.43 18.74
CA ASN A 379 -27.68 34.84 18.59
C ASN A 379 -28.15 34.04 19.72
N ASP A 380 -27.20 33.20 20.31
CA ASP A 380 -27.57 32.50 21.48
C ASP A 380 -27.93 33.21 22.75
N PHE A 381 -27.19 34.30 23.08
CA PHE A 381 -27.41 35.06 24.29
C PHE A 381 -28.81 35.68 24.23
N ALA A 382 -29.32 36.03 23.00
CA ALA A 382 -30.62 36.71 22.80
C ALA A 382 -31.76 35.91 23.39
N ASP A 383 -31.70 34.59 23.12
CA ASP A 383 -32.65 33.61 23.47
C ASP A 383 -33.91 33.69 22.64
N LEU A 384 -33.97 34.43 21.55
CA LEU A 384 -35.11 34.50 20.73
C LEU A 384 -34.89 33.49 19.59
N MET A 385 -35.96 32.67 19.28
CA MET A 385 -35.83 31.58 18.43
C MET A 385 -36.57 31.84 17.16
N GLU A 386 -37.11 33.09 16.85
CA GLU A 386 -37.92 33.23 15.69
C GLU A 386 -37.08 33.55 14.48
N GLY A 387 -37.50 32.92 13.33
CA GLY A 387 -36.80 32.94 12.00
C GLY A 387 -36.79 34.24 11.26
N SER A 388 -35.73 35.04 11.51
CA SER A 388 -35.33 36.35 11.03
C SER A 388 -33.92 36.68 11.56
N ASN A 389 -33.58 35.75 12.45
CA ASN A 389 -32.29 35.82 13.18
C ASN A 389 -31.81 34.38 13.52
N LEU A 390 -32.74 33.39 13.42
CA LEU A 390 -32.52 31.94 13.34
C LEU A 390 -31.95 31.56 11.96
N GLU A 391 -32.54 32.22 10.93
CA GLU A 391 -32.16 31.91 9.56
C GLU A 391 -30.80 32.36 9.25
N LEU A 392 -30.40 33.49 9.89
CA LEU A 392 -29.07 34.03 9.91
C LEU A 392 -28.12 33.09 10.57
N TYR A 393 -28.54 32.40 11.68
CA TYR A 393 -27.74 31.44 12.47
C TYR A 393 -27.28 30.28 11.69
N VAL A 394 -28.17 29.61 10.94
CA VAL A 394 -27.82 28.50 10.11
C VAL A 394 -26.99 28.85 8.86
N ASP A 395 -27.27 29.96 8.13
CA ASP A 395 -26.48 30.37 7.05
C ASP A 395 -24.98 30.71 7.34
N LYS A 396 -24.80 31.49 8.50
CA LYS A 396 -23.43 31.90 8.89
C LYS A 396 -22.57 30.74 9.38
N CYS A 397 -23.25 29.81 10.11
CA CYS A 397 -22.68 28.54 10.53
C CYS A 397 -22.30 27.69 9.37
N TYR A 398 -23.17 27.63 8.34
CA TYR A 398 -23.02 26.70 7.18
C TYR A 398 -21.69 27.04 6.51
N SER A 399 -21.40 28.35 6.23
CA SER A 399 -20.27 28.93 5.55
C SER A 399 -19.06 28.59 6.45
N ARG A 400 -19.17 28.60 7.82
CA ARG A 400 -18.10 28.31 8.73
C ARG A 400 -17.59 26.87 8.52
N ALA A 401 -18.56 25.93 8.44
CA ALA A 401 -18.34 24.52 8.17
C ALA A 401 -17.74 24.21 6.85
N ASN A 402 -18.13 24.90 5.80
CA ASN A 402 -17.53 24.78 4.50
C ASN A 402 -16.12 25.23 4.40
N GLU A 403 -15.94 26.44 4.86
CA GLU A 403 -14.61 27.00 4.81
C GLU A 403 -13.57 26.33 5.68
N ILE A 404 -13.83 25.89 6.94
CA ILE A 404 -12.93 25.14 7.80
C ILE A 404 -12.57 23.81 7.20
N PHE A 405 -13.52 23.14 6.45
CA PHE A 405 -13.32 21.88 5.75
C PHE A 405 -12.20 22.11 4.73
N LEU A 406 -12.40 23.16 3.97
CA LEU A 406 -11.41 23.60 2.99
C LEU A 406 -10.12 24.04 3.55
N LYS A 407 -10.17 24.77 4.68
CA LYS A 407 -8.97 25.14 5.41
C LYS A 407 -8.17 23.91 5.86
N LEU A 408 -8.85 22.85 6.38
CA LEU A 408 -8.26 21.66 6.89
C LEU A 408 -7.55 20.99 5.77
N PHE A 409 -8.28 20.92 4.61
CA PHE A 409 -7.87 20.26 3.38
C PHE A 409 -6.72 20.94 2.61
N PHE A 410 -6.86 22.28 2.33
CA PHE A 410 -5.95 23.03 1.50
C PHE A 410 -4.62 23.27 2.13
N GLN A 411 -4.67 23.65 3.40
CA GLN A 411 -3.47 23.99 4.20
C GLN A 411 -3.09 22.94 5.24
N GLY A 412 -3.32 21.63 4.92
CA GLY A 412 -3.04 20.56 5.84
C GLY A 412 -3.13 19.16 5.18
N TYR A 413 -3.69 19.11 3.93
CA TYR A 413 -3.61 17.86 3.16
C TYR A 413 -3.24 18.17 1.69
N ASP A 414 -3.22 19.50 1.30
CA ASP A 414 -2.98 19.83 -0.07
C ASP A 414 -4.04 19.32 -1.03
N LEU A 415 -5.20 20.09 -1.01
CA LEU A 415 -6.40 19.93 -1.79
C LEU A 415 -6.20 19.98 -3.26
N ILE A 416 -5.38 20.98 -3.75
CA ILE A 416 -5.20 21.25 -5.13
C ILE A 416 -4.68 20.01 -5.83
N ASN A 417 -3.70 19.30 -5.19
CA ASN A 417 -3.17 18.12 -5.74
C ASN A 417 -4.16 17.01 -5.79
N VAL A 418 -5.04 16.82 -4.70
CA VAL A 418 -5.93 15.69 -4.65
C VAL A 418 -6.97 15.80 -5.78
N LEU A 419 -7.46 17.02 -6.04
CA LEU A 419 -8.37 17.26 -7.16
C LEU A 419 -7.79 16.93 -8.49
N LYS A 420 -6.53 17.31 -8.72
CA LYS A 420 -5.83 17.00 -10.00
C LYS A 420 -5.71 15.52 -10.32
N HIS A 421 -5.36 14.66 -9.38
CA HIS A 421 -5.40 13.23 -9.53
C HIS A 421 -6.77 12.72 -9.69
N LEU A 422 -7.79 13.26 -8.97
CA LEU A 422 -9.25 12.85 -9.09
C LEU A 422 -9.73 13.13 -10.49
N GLN A 423 -9.36 14.26 -11.11
CA GLN A 423 -9.76 14.63 -12.49
C GLN A 423 -9.25 13.66 -13.51
N GLN A 424 -8.03 13.24 -13.30
CA GLN A 424 -7.42 12.26 -14.19
C GLN A 424 -8.16 10.85 -14.19
N ILE A 425 -8.39 10.30 -13.01
CA ILE A 425 -8.95 9.02 -12.87
C ILE A 425 -10.50 8.82 -13.01
N PHE A 426 -11.33 9.54 -12.16
CA PHE A 426 -12.73 9.27 -12.11
C PHE A 426 -13.58 9.61 -13.38
N LEU A 427 -13.36 10.91 -13.91
CA LEU A 427 -14.00 11.47 -15.06
C LEU A 427 -13.60 10.86 -16.39
N GLY A 428 -12.65 9.93 -16.42
CA GLY A 428 -12.47 9.11 -17.61
C GLY A 428 -11.00 8.90 -17.46
N TYR A 429 -10.22 9.27 -18.53
CA TYR A 429 -8.81 9.10 -18.64
C TYR A 429 -8.30 10.45 -19.14
N GLN A 430 -7.35 11.02 -18.35
CA GLN A 430 -6.54 12.15 -18.66
C GLN A 430 -5.17 11.78 -18.05
N SER A 431 -4.98 10.48 -17.72
CA SER A 431 -3.69 9.88 -17.45
C SER A 431 -3.67 8.73 -18.44
N GLY A 432 -3.44 9.08 -19.72
CA GLY A 432 -3.52 8.18 -20.86
C GLY A 432 -2.54 7.02 -20.92
N HIS A 433 -1.31 7.38 -20.45
CA HIS A 433 -0.13 6.50 -20.36
C HIS A 433 -0.22 5.29 -19.47
N ASN A 434 -0.90 5.46 -18.33
CA ASN A 434 -1.19 4.43 -17.32
C ASN A 434 -2.04 3.28 -17.80
N VAL A 435 -3.14 3.66 -18.55
CA VAL A 435 -4.07 2.84 -19.27
C VAL A 435 -3.40 2.09 -20.39
N LEU A 436 -2.48 2.79 -21.10
CA LEU A 436 -1.78 2.28 -22.29
C LEU A 436 -0.93 1.12 -21.89
N LYS A 437 -0.07 1.16 -20.77
CA LYS A 437 0.73 0.05 -20.32
C LYS A 437 -0.15 -1.08 -19.65
N PHE A 438 -1.29 -0.73 -19.01
CA PHE A 438 -2.28 -1.66 -18.53
C PHE A 438 -2.84 -2.50 -19.69
N LEU A 439 -3.19 -1.83 -20.79
CA LEU A 439 -3.80 -2.37 -22.01
C LEU A 439 -2.84 -3.38 -22.67
N THR A 440 -1.53 -3.11 -22.70
CA THR A 440 -0.56 -4.08 -23.21
C THR A 440 -0.50 -5.29 -22.41
N LYS A 441 -0.47 -5.17 -21.07
CA LYS A 441 -0.41 -6.27 -20.17
C LYS A 441 -1.67 -7.08 -20.24
N ASN A 442 -2.90 -6.51 -20.29
CA ASN A 442 -4.18 -7.20 -20.24
C ASN A 442 -4.59 -8.04 -21.52
N MET A 443 -3.95 -7.74 -22.69
CA MET A 443 -4.44 -8.14 -24.00
C MET A 443 -4.78 -9.57 -24.19
N GLY A 444 -3.97 -10.52 -23.66
CA GLY A 444 -4.08 -11.95 -23.93
C GLY A 444 -5.37 -12.47 -23.38
N GLU A 445 -5.72 -11.99 -22.13
CA GLU A 445 -6.91 -12.26 -21.29
C GLU A 445 -8.15 -11.62 -21.80
N LEU A 446 -8.02 -10.38 -22.37
CA LEU A 446 -9.17 -9.65 -22.79
C LEU A 446 -9.65 -10.18 -24.17
N THR A 447 -8.77 -10.73 -25.08
CA THR A 447 -8.99 -11.42 -26.34
C THR A 447 -9.77 -12.71 -26.07
N LYS A 448 -9.49 -13.32 -24.93
CA LYS A 448 -10.09 -14.55 -24.48
C LYS A 448 -11.39 -14.16 -23.90
N HIS A 449 -12.22 -15.22 -23.70
CA HIS A 449 -13.52 -15.09 -23.06
C HIS A 449 -13.32 -15.13 -21.50
N TYR A 450 -14.42 -14.76 -20.77
CA TYR A 450 -14.31 -14.79 -19.34
C TYR A 450 -14.55 -16.22 -18.90
N ARG A 451 -13.87 -16.62 -17.82
CA ARG A 451 -13.99 -17.86 -17.10
C ARG A 451 -13.72 -17.49 -15.62
N ASN A 452 -13.78 -18.48 -14.72
CA ASN A 452 -13.44 -18.43 -13.32
C ASN A 452 -12.01 -18.05 -13.19
N ASP A 453 -11.10 -18.55 -14.08
CA ASP A 453 -9.62 -18.26 -14.04
C ASP A 453 -9.29 -16.90 -14.47
N ASN A 454 -10.10 -16.25 -15.35
CA ASN A 454 -9.87 -14.96 -15.89
C ASN A 454 -9.66 -13.88 -14.78
N ASN A 455 -10.53 -13.88 -13.72
CA ASN A 455 -10.50 -12.95 -12.67
C ASN A 455 -9.24 -12.99 -11.90
N ALA A 456 -8.72 -14.21 -11.61
CA ALA A 456 -7.51 -14.46 -10.81
C ALA A 456 -6.24 -13.93 -11.49
N ASN A 457 -6.10 -14.16 -12.75
CA ASN A 457 -4.99 -13.84 -13.62
C ASN A 457 -5.02 -12.36 -13.68
N TYR A 458 -6.25 -11.77 -13.72
CA TYR A 458 -6.49 -10.30 -13.79
C TYR A 458 -6.04 -9.50 -12.61
N ASP A 459 -6.35 -10.08 -11.43
CA ASP A 459 -5.89 -9.49 -10.18
C ASP A 459 -4.40 -9.45 -10.00
N LYS A 460 -3.60 -10.51 -10.37
CA LYS A 460 -2.15 -10.48 -10.28
C LYS A 460 -1.70 -9.45 -11.33
N LEU A 461 -2.33 -9.34 -12.53
CA LEU A 461 -1.81 -8.36 -13.47
C LEU A 461 -1.90 -6.94 -13.05
N LEU A 462 -3.01 -6.59 -12.33
CA LEU A 462 -3.30 -5.32 -11.70
C LEU A 462 -2.26 -5.11 -10.58
N GLN A 463 -1.95 -6.13 -9.75
CA GLN A 463 -0.96 -6.01 -8.66
C GLN A 463 0.52 -5.77 -9.19
N ASN A 464 0.99 -6.44 -10.28
CA ASN A 464 2.32 -6.16 -10.86
C ASN A 464 2.37 -4.74 -11.35
N PHE A 465 1.24 -4.26 -12.00
CA PHE A 465 1.21 -2.90 -12.53
C PHE A 465 1.23 -1.79 -11.48
N GLU A 466 0.60 -2.09 -10.31
CA GLU A 466 0.64 -1.25 -9.14
C GLU A 466 2.08 -1.04 -8.68
N LEU A 467 2.85 -2.12 -8.74
CA LEU A 467 4.29 -2.05 -8.41
C LEU A 467 4.98 -1.19 -9.48
N GLU A 468 4.63 -1.46 -10.79
CA GLU A 468 5.41 -0.96 -11.93
C GLU A 468 5.55 0.53 -12.10
N ARG A 469 4.46 1.30 -11.78
CA ARG A 469 4.42 2.77 -11.99
C ARG A 469 5.20 3.52 -10.93
N GLN A 470 5.65 2.84 -9.87
CA GLN A 470 6.62 3.38 -8.82
C GLN A 470 6.27 4.73 -8.27
N SER A 471 4.94 4.88 -7.99
CA SER A 471 4.37 6.19 -7.61
C SER A 471 5.02 6.64 -6.40
N GLU A 472 5.29 7.99 -6.37
CA GLU A 472 5.93 8.89 -5.38
C GLU A 472 4.94 9.01 -4.23
N ASN A 473 5.38 8.43 -3.11
CA ASN A 473 4.68 7.95 -1.95
C ASN A 473 3.76 6.71 -2.30
N PRO A 474 3.55 5.71 -1.48
CA PRO A 474 2.72 4.54 -1.72
C PRO A 474 1.32 4.89 -1.43
N ASN A 475 1.08 6.08 -0.91
CA ASN A 475 -0.13 6.60 -0.43
C ASN A 475 -0.56 7.69 -1.42
N ASN A 476 -0.13 7.59 -2.75
CA ASN A 476 -0.39 8.41 -3.94
C ASN A 476 -1.83 8.19 -4.21
N LEU A 477 -2.57 9.22 -4.70
CA LEU A 477 -3.96 9.24 -5.06
C LEU A 477 -4.23 8.32 -6.22
N MET A 478 -3.31 8.33 -7.24
CA MET A 478 -3.41 7.43 -8.41
C MET A 478 -3.24 6.05 -8.14
N ARG A 479 -2.21 5.66 -7.23
CA ARG A 479 -1.85 4.31 -6.87
C ARG A 479 -3.03 3.69 -6.14
N GLN A 480 -3.50 4.33 -5.05
CA GLN A 480 -4.50 3.81 -4.10
C GLN A 480 -5.86 3.87 -4.65
N LEU A 481 -6.35 4.99 -5.26
CA LEU A 481 -7.75 4.98 -5.69
C LEU A 481 -8.10 4.19 -6.95
N LEU A 482 -7.11 4.09 -7.85
CA LEU A 482 -7.41 3.37 -9.11
C LEU A 482 -7.29 1.88 -8.95
N MET A 483 -8.40 1.00 -9.06
CA MET A 483 -8.26 -0.37 -9.26
C MET A 483 -9.39 -0.73 -10.19
N ILE A 484 -9.09 -1.84 -10.96
CA ILE A 484 -10.00 -2.47 -11.85
C ILE A 484 -10.33 -3.75 -11.14
N GLN A 485 -11.65 -4.18 -11.14
CA GLN A 485 -12.01 -5.47 -10.66
C GLN A 485 -12.65 -6.10 -11.84
N PHE A 486 -12.58 -7.41 -11.87
CA PHE A 486 -13.03 -8.27 -12.93
C PHE A 486 -14.09 -9.11 -12.36
N ASP A 487 -15.18 -9.32 -13.15
CA ASP A 487 -16.35 -10.00 -12.74
C ASP A 487 -17.08 -10.49 -13.98
N THR A 488 -18.39 -10.32 -14.19
CA THR A 488 -19.10 -10.88 -15.28
C THR A 488 -20.11 -9.83 -15.57
N GLU A 489 -20.54 -9.65 -16.82
CA GLU A 489 -21.54 -8.68 -17.36
C GLU A 489 -22.15 -7.78 -16.39
N THR A 490 -21.63 -6.52 -16.44
CA THR A 490 -22.26 -5.33 -15.77
C THR A 490 -21.87 -4.11 -16.61
N LYS A 554 -20.60 -11.53 -23.42
CA LYS A 554 -20.16 -10.82 -24.63
C LYS A 554 -18.71 -11.28 -24.80
N SER A 555 -17.65 -10.74 -24.14
CA SER A 555 -16.34 -11.36 -24.35
C SER A 555 -15.66 -11.21 -22.99
N ALA A 556 -15.10 -10.03 -22.78
CA ALA A 556 -14.55 -9.62 -21.49
C ALA A 556 -14.47 -8.17 -21.53
N ILE A 557 -15.28 -7.53 -22.48
CA ILE A 557 -15.33 -6.14 -22.80
C ILE A 557 -16.39 -5.41 -22.05
N TYR A 558 -17.31 -6.22 -21.44
CA TYR A 558 -18.41 -5.75 -20.69
C TYR A 558 -18.43 -6.33 -19.21
N HIS A 559 -17.31 -7.11 -18.94
CA HIS A 559 -17.26 -7.97 -17.81
C HIS A 559 -16.41 -7.44 -16.71
N LEU A 560 -16.08 -6.13 -16.86
CA LEU A 560 -15.17 -5.42 -15.94
C LEU A 560 -15.93 -4.54 -14.96
N LYS A 561 -15.33 -4.01 -13.83
CA LYS A 561 -15.93 -3.05 -12.95
C LYS A 561 -14.81 -2.24 -12.35
N PHE A 562 -15.12 -1.16 -11.61
CA PHE A 562 -14.23 -0.13 -11.07
C PHE A 562 -14.44 -0.22 -9.61
N ASP A 563 -13.32 -0.13 -8.90
CA ASP A 563 -13.31 0.04 -7.47
C ASP A 563 -12.50 1.25 -7.15
N ILE A 564 -13.11 2.08 -6.28
CA ILE A 564 -12.51 3.28 -5.78
C ILE A 564 -12.30 3.16 -4.28
N ASN A 565 -11.10 3.56 -3.80
CA ASN A 565 -10.75 3.39 -2.44
C ASN A 565 -10.33 4.77 -1.93
N ILE A 566 -11.29 5.68 -1.89
CA ILE A 566 -11.22 7.06 -1.48
C ILE A 566 -10.67 7.28 -0.08
N PRO A 567 -10.02 8.46 0.18
CA PRO A 567 -9.46 8.81 1.47
C PRO A 567 -10.55 9.57 2.20
N TYR A 568 -10.53 9.69 3.53
CA TYR A 568 -11.55 10.37 4.33
C TYR A 568 -10.88 11.56 5.05
N PRO A 569 -11.60 12.59 5.49
CA PRO A 569 -13.00 12.95 5.31
C PRO A 569 -13.45 13.10 3.86
N LEU A 570 -14.50 12.35 3.39
CA LEU A 570 -15.11 12.23 2.08
C LEU A 570 -16.16 11.18 2.18
N ASN A 571 -16.86 11.04 3.31
CA ASN A 571 -17.95 10.04 3.53
C ASN A 571 -19.29 10.61 3.31
N ILE A 572 -19.45 11.98 3.10
CA ILE A 572 -20.77 12.67 2.89
C ILE A 572 -20.61 13.56 1.61
N ILE A 573 -19.41 13.39 1.01
CA ILE A 573 -19.17 13.77 -0.36
C ILE A 573 -19.58 12.58 -1.21
N ILE A 574 -18.64 11.66 -1.42
CA ILE A 574 -18.76 10.48 -2.28
C ILE A 574 -19.54 9.40 -1.60
N SER A 575 -20.28 8.65 -2.40
CA SER A 575 -21.19 7.61 -2.01
C SER A 575 -21.14 6.45 -3.04
N ARG A 576 -21.97 5.42 -2.92
CA ARG A 576 -22.07 4.23 -3.70
C ARG A 576 -22.47 4.56 -5.07
N THR A 577 -23.37 5.60 -5.25
CA THR A 577 -24.00 5.99 -6.53
C THR A 577 -22.91 6.49 -7.47
N CYS A 578 -21.95 7.24 -6.89
CA CYS A 578 -20.89 7.83 -7.55
C CYS A 578 -19.95 6.79 -8.17
N MET A 579 -19.68 5.67 -7.42
CA MET A 579 -18.85 4.60 -7.89
C MET A 579 -19.32 3.80 -9.15
N ILE A 580 -20.68 3.54 -9.22
CA ILE A 580 -21.38 2.96 -10.38
C ILE A 580 -21.33 3.89 -11.51
N LYS A 581 -21.47 5.16 -11.17
CA LYS A 581 -21.33 6.22 -12.16
C LYS A 581 -19.98 6.33 -12.82
N TYR A 582 -18.85 6.32 -12.05
CA TYR A 582 -17.52 6.33 -12.51
C TYR A 582 -17.11 5.17 -13.36
N GLN A 583 -17.57 3.98 -12.97
CA GLN A 583 -17.39 2.66 -13.59
C GLN A 583 -17.94 2.54 -14.97
N ILE A 584 -19.17 3.09 -15.29
CA ILE A 584 -19.66 3.12 -16.65
C ILE A 584 -18.85 4.02 -17.65
N ILE A 585 -18.39 5.25 -17.20
CA ILE A 585 -17.61 6.05 -18.06
C ILE A 585 -16.28 5.41 -18.36
N LEU A 586 -15.61 4.75 -17.39
CA LEU A 586 -14.35 4.06 -17.55
C LEU A 586 -14.38 2.95 -18.51
N ARG A 587 -15.42 2.14 -18.54
CA ARG A 587 -15.67 0.94 -19.32
C ARG A 587 -15.74 1.28 -20.86
N TYR A 588 -16.49 2.43 -21.12
CA TYR A 588 -16.61 2.94 -22.48
C TYR A 588 -15.33 3.48 -23.05
N GLN A 589 -14.62 4.26 -22.24
CA GLN A 589 -13.32 4.84 -22.55
C GLN A 589 -12.23 3.77 -22.77
N LEU A 590 -12.23 2.73 -21.84
CA LEU A 590 -11.29 1.61 -21.93
C LEU A 590 -11.44 0.71 -23.14
N VAL A 591 -12.69 0.32 -23.63
CA VAL A 591 -12.84 -0.47 -24.84
C VAL A 591 -12.37 0.18 -26.13
N LEU A 592 -12.57 1.51 -26.26
CA LEU A 592 -12.00 2.31 -27.34
C LEU A 592 -10.53 2.44 -27.41
N GLN A 593 -9.87 2.66 -26.22
CA GLN A 593 -8.40 2.81 -26.08
C GLN A 593 -7.78 1.57 -26.44
N TYR A 594 -8.39 0.38 -26.04
CA TYR A 594 -7.89 -0.93 -26.24
C TYR A 594 -7.83 -1.21 -27.72
N HIS A 595 -8.95 -0.92 -28.42
CA HIS A 595 -9.05 -1.13 -29.81
C HIS A 595 -8.14 -0.29 -30.65
N SER A 596 -7.90 1.02 -30.32
CA SER A 596 -6.96 1.78 -31.00
C SER A 596 -5.49 1.33 -30.90
N ARG A 597 -5.05 0.93 -29.71
CA ARG A 597 -3.72 0.32 -29.59
C ARG A 597 -3.54 -0.96 -30.30
N LEU A 598 -4.52 -1.86 -30.22
CA LEU A 598 -4.50 -3.21 -30.71
C LEU A 598 -4.38 -3.12 -32.19
N LEU A 599 -5.10 -2.11 -32.80
CA LEU A 599 -5.10 -1.84 -34.21
C LEU A 599 -3.66 -1.40 -34.68
N ASP A 600 -3.05 -0.49 -33.88
CA ASP A 600 -1.89 0.15 -34.32
C ASP A 600 -0.79 -0.80 -34.55
N GLU A 601 -0.58 -1.80 -33.64
CA GLU A 601 0.64 -2.58 -33.76
C GLU A 601 0.71 -3.43 -34.97
N THR A 602 -0.48 -4.03 -35.31
CA THR A 602 -0.64 -4.98 -36.40
C THR A 602 -0.30 -4.23 -37.70
N TRP A 603 -0.80 -2.95 -37.95
CA TRP A 603 -0.51 -2.21 -39.14
C TRP A 603 0.95 -1.82 -39.21
N MET A 604 1.62 -1.37 -38.10
CA MET A 604 2.98 -0.87 -38.16
C MET A 604 3.92 -1.91 -38.67
N ASP A 605 3.76 -3.17 -38.23
CA ASP A 605 4.64 -4.24 -38.63
C ASP A 605 4.58 -4.48 -40.11
N LEU A 606 3.32 -4.43 -40.69
CA LEU A 606 3.03 -4.59 -42.09
C LEU A 606 3.66 -3.48 -42.84
N ASN A 607 3.70 -2.26 -42.16
CA ASN A 607 4.32 -1.05 -42.72
C ASN A 607 5.84 -1.08 -42.86
N LYS A 608 6.58 -1.94 -42.12
CA LYS A 608 8.05 -1.79 -42.04
C LYS A 608 8.80 -2.66 -43.01
N THR A 609 9.32 -3.82 -42.48
CA THR A 609 10.21 -4.67 -43.22
C THR A 609 9.53 -5.29 -44.44
N PRO A 610 8.37 -5.92 -44.32
CA PRO A 610 7.83 -6.61 -45.50
C PRO A 610 6.88 -5.64 -46.29
N SER A 611 7.03 -5.58 -47.61
CA SER A 611 6.23 -4.62 -48.44
C SER A 611 5.52 -5.58 -49.38
N TRP A 612 5.26 -6.80 -48.85
CA TRP A 612 4.76 -7.90 -49.65
C TRP A 612 3.95 -8.82 -48.76
N LYS A 613 2.94 -9.44 -49.43
CA LYS A 613 2.20 -10.49 -48.85
C LYS A 613 1.79 -11.29 -50.04
N TYR A 614 1.62 -12.63 -49.83
CA TYR A 614 1.39 -13.61 -50.90
C TYR A 614 -0.18 -13.53 -51.03
N ARG A 623 -1.96 -10.28 -54.45
CA ARG A 623 -1.61 -9.06 -55.15
C ARG A 623 -2.61 -8.06 -54.83
N ARG A 624 -3.74 -8.00 -55.58
CA ARG A 624 -4.77 -7.00 -55.43
C ARG A 624 -5.46 -7.11 -54.15
N ILE A 625 -5.75 -8.31 -53.62
CA ILE A 625 -6.54 -8.59 -52.36
C ILE A 625 -5.75 -7.97 -51.17
N VAL A 626 -4.39 -8.01 -51.18
CA VAL A 626 -3.53 -7.43 -50.13
C VAL A 626 -3.80 -5.91 -50.04
N ARG A 627 -3.91 -5.27 -51.25
CA ARG A 627 -4.17 -3.86 -51.36
C ARG A 627 -5.52 -3.51 -50.83
N ALA A 628 -6.62 -4.34 -51.06
CA ALA A 628 -7.84 -4.09 -50.39
C ALA A 628 -7.87 -4.21 -48.87
N THR A 629 -7.20 -5.31 -48.26
CA THR A 629 -7.21 -5.53 -46.83
C THR A 629 -6.54 -4.30 -46.19
N ARG A 630 -5.49 -3.74 -46.86
CA ARG A 630 -4.72 -2.62 -46.34
C ARG A 630 -5.60 -1.30 -46.23
N VAL A 631 -6.38 -1.04 -47.26
CA VAL A 631 -7.29 0.13 -47.35
C VAL A 631 -8.33 0.04 -46.33
N LEU A 632 -8.96 -1.12 -46.07
CA LEU A 632 -9.99 -1.37 -45.07
C LEU A 632 -9.29 -1.07 -43.70
N HIS A 633 -8.04 -1.51 -43.47
CA HIS A 633 -7.48 -1.34 -42.14
C HIS A 633 -7.38 0.11 -41.68
N ALA A 634 -6.92 1.00 -42.57
CA ALA A 634 -6.68 2.40 -42.38
C ALA A 634 -7.93 3.13 -42.08
N LYS A 635 -8.98 2.76 -42.88
CA LYS A 635 -10.32 3.33 -42.88
C LYS A 635 -10.95 3.05 -41.50
N MET A 636 -10.79 1.74 -41.06
CA MET A 636 -11.41 1.20 -39.86
C MET A 636 -10.91 1.94 -38.61
N ASN A 637 -9.57 2.26 -38.66
CA ASN A 637 -8.80 2.94 -37.60
C ASN A 637 -9.23 4.31 -37.46
N HIS A 638 -9.53 5.00 -38.58
CA HIS A 638 -10.11 6.38 -38.61
C HIS A 638 -11.49 6.29 -37.98
N PHE A 639 -12.37 5.29 -38.31
CA PHE A 639 -13.78 5.26 -37.88
C PHE A 639 -13.94 5.20 -36.36
N ILE A 640 -13.15 4.30 -35.76
CA ILE A 640 -13.16 4.11 -34.26
C ILE A 640 -12.68 5.38 -33.57
N LYS A 641 -11.63 5.95 -34.20
CA LYS A 641 -11.04 7.20 -33.78
C LYS A 641 -11.98 8.41 -33.85
N THR A 642 -12.88 8.51 -34.91
CA THR A 642 -13.80 9.65 -34.99
C THR A 642 -14.84 9.56 -33.86
N ILE A 643 -15.33 8.38 -33.48
CA ILE A 643 -16.23 8.26 -32.37
C ILE A 643 -15.57 8.72 -31.07
N MET A 644 -14.26 8.29 -30.82
CA MET A 644 -13.59 8.53 -29.63
C MET A 644 -13.40 10.04 -29.42
N GLU A 645 -13.13 10.81 -30.56
CA GLU A 645 -12.95 12.18 -30.53
C GLU A 645 -14.20 12.95 -30.12
N TYR A 646 -15.31 12.55 -30.70
CA TYR A 646 -16.56 13.27 -30.52
C TYR A 646 -17.03 13.13 -29.09
N PHE A 647 -16.91 11.86 -28.54
CA PHE A 647 -17.19 11.47 -27.18
C PHE A 647 -16.40 12.19 -26.20
N ASN A 648 -15.08 12.29 -26.46
CA ASN A 648 -14.07 12.89 -25.51
C ASN A 648 -14.34 14.34 -25.39
N GLN A 649 -14.46 15.07 -26.55
CA GLN A 649 -14.50 16.57 -26.55
C GLN A 649 -15.77 17.06 -25.96
N ASN A 650 -16.85 16.51 -26.55
CA ASN A 650 -18.12 17.01 -26.11
C ASN A 650 -18.74 16.67 -24.78
N VAL A 651 -18.70 15.41 -24.28
CA VAL A 651 -19.08 15.13 -22.83
C VAL A 651 -17.90 15.25 -21.91
N ILE A 652 -16.75 14.50 -22.06
CA ILE A 652 -15.70 14.32 -21.11
C ILE A 652 -14.83 15.61 -20.82
N ASP A 653 -14.29 16.20 -21.90
CA ASP A 653 -13.44 17.43 -21.85
C ASP A 653 -14.19 18.60 -21.33
N LYS A 654 -15.45 18.80 -21.78
CA LYS A 654 -16.36 19.90 -21.45
C LYS A 654 -16.67 19.84 -19.96
N GLU A 655 -16.99 18.60 -19.52
CA GLU A 655 -17.28 18.32 -18.11
C GLU A 655 -16.11 18.58 -17.26
N VAL A 656 -14.81 18.17 -17.61
CA VAL A 656 -13.64 18.37 -16.71
C VAL A 656 -13.34 19.78 -16.46
N TYR A 657 -13.52 20.61 -17.57
CA TYR A 657 -13.25 22.02 -17.57
C TYR A 657 -14.16 22.66 -16.49
N SER A 658 -15.46 22.27 -16.50
CA SER A 658 -16.51 22.82 -15.62
C SER A 658 -16.23 22.55 -14.17
N LEU A 659 -15.68 21.33 -13.89
CA LEU A 659 -15.32 20.85 -12.61
C LEU A 659 -14.24 21.74 -12.03
N GLU A 660 -13.24 22.15 -12.88
CA GLU A 660 -12.21 23.10 -12.49
C GLU A 660 -12.63 24.51 -12.12
N LYS A 661 -13.54 25.04 -12.93
CA LYS A 661 -14.10 26.36 -12.72
C LYS A 661 -14.84 26.42 -11.34
N CYS A 662 -15.70 25.37 -11.14
CA CYS A 662 -16.55 25.28 -10.02
C CYS A 662 -15.83 25.14 -8.69
N TYR A 663 -14.69 24.31 -8.62
CA TYR A 663 -13.92 24.15 -7.45
C TYR A 663 -13.24 25.50 -7.05
N ARG A 664 -12.74 26.20 -8.11
CA ARG A 664 -11.82 27.39 -7.98
C ARG A 664 -12.34 28.66 -7.35
N ASN A 665 -13.60 29.02 -7.71
CA ASN A 665 -14.26 30.33 -7.38
C ASN A 665 -14.53 30.50 -5.90
N PRO A 666 -15.20 29.55 -5.20
CA PRO A 666 -15.48 29.70 -3.80
C PRO A 666 -14.44 28.86 -3.07
N THR A 667 -14.62 28.64 -1.77
CA THR A 667 -13.79 27.75 -0.87
C THR A 667 -14.79 27.20 0.00
N LEU A 668 -15.84 26.51 -0.58
CA LEU A 668 -16.91 25.94 0.19
C LEU A 668 -16.97 24.50 -0.22
N ALA A 669 -17.33 23.63 0.72
CA ALA A 669 -17.48 22.19 0.59
C ALA A 669 -18.55 21.91 -0.39
N VAL A 670 -19.54 22.76 -0.38
CA VAL A 670 -20.76 22.74 -1.15
C VAL A 670 -20.59 22.74 -2.64
N ALA A 671 -19.50 23.52 -3.11
CA ALA A 671 -19.14 23.56 -4.56
C ALA A 671 -18.73 22.19 -5.09
N ILE A 672 -18.03 21.41 -4.27
CA ILE A 672 -17.54 20.07 -4.57
C ILE A 672 -18.57 19.10 -4.70
N GLN A 673 -19.59 19.09 -3.79
CA GLN A 673 -20.80 18.25 -3.81
C GLN A 673 -21.63 18.54 -5.05
N ASN A 674 -21.76 19.79 -5.39
CA ASN A 674 -22.47 20.15 -6.59
C ASN A 674 -21.94 19.68 -7.82
N GLU A 675 -20.62 19.86 -8.03
CA GLU A 675 -19.91 19.52 -9.31
C GLU A 675 -19.91 18.10 -9.57
N LEU A 676 -19.70 17.27 -8.49
CA LEU A 676 -19.72 15.87 -8.64
C LEU A 676 -21.07 15.37 -9.07
N GLU A 677 -22.15 15.92 -8.54
CA GLU A 677 -23.55 15.61 -8.77
C GLU A 677 -23.91 15.89 -10.13
N GLY A 678 -23.36 17.01 -10.63
CA GLY A 678 -23.44 17.40 -12.01
C GLY A 678 -22.75 16.39 -12.98
N GLY A 679 -21.55 15.87 -12.59
CA GLY A 679 -20.86 14.90 -13.31
C GLY A 679 -21.68 13.63 -13.34
N LEU A 680 -22.29 13.16 -12.20
CA LEU A 680 -22.94 11.90 -12.10
C LEU A 680 -24.15 11.83 -12.91
N THR A 681 -24.92 13.01 -12.99
CA THR A 681 -26.09 13.20 -13.84
C THR A 681 -25.66 13.10 -15.26
N ASN A 682 -24.42 13.69 -15.65
CA ASN A 682 -24.00 13.60 -17.04
C ASN A 682 -23.81 12.16 -17.40
N ILE A 683 -23.31 11.26 -16.50
CA ILE A 683 -23.02 9.87 -16.87
C ILE A 683 -24.26 9.20 -17.27
N MET A 684 -25.34 9.53 -16.50
CA MET A 684 -26.64 8.90 -16.63
C MET A 684 -27.25 9.22 -17.95
N THR A 685 -27.22 10.47 -18.42
CA THR A 685 -27.85 10.85 -19.70
C THR A 685 -27.09 10.15 -20.91
N ASN A 686 -25.77 10.11 -20.84
CA ASN A 686 -24.82 9.50 -21.75
C ASN A 686 -25.03 7.98 -21.89
N ARG A 687 -25.40 7.25 -20.77
CA ARG A 687 -25.48 5.83 -20.72
C ARG A 687 -26.49 5.22 -21.59
N CYS A 688 -27.64 5.85 -21.56
CA CYS A 688 -28.79 5.40 -22.27
C CYS A 688 -28.54 5.62 -23.82
N LEU A 689 -27.77 6.75 -24.14
CA LEU A 689 -27.43 7.14 -25.48
C LEU A 689 -26.55 6.04 -26.17
N SER A 690 -25.54 5.61 -25.40
CA SER A 690 -24.32 5.01 -26.04
C SER A 690 -24.23 3.51 -26.00
N ASP A 691 -24.76 2.79 -27.00
CA ASP A 691 -24.77 1.37 -27.26
C ASP A 691 -23.42 1.03 -27.87
N LEU A 692 -22.32 1.62 -27.41
CA LEU A 692 -21.00 1.47 -27.99
C LEU A 692 -20.35 0.09 -27.90
N ILE A 693 -20.43 -0.58 -26.72
CA ILE A 693 -19.81 -1.89 -26.42
C ILE A 693 -20.47 -2.93 -27.34
N PRO A 694 -21.72 -2.98 -27.65
CA PRO A 694 -22.20 -3.91 -28.68
C PRO A 694 -21.68 -3.61 -30.17
N LEU A 695 -21.52 -2.38 -30.61
CA LEU A 695 -21.04 -2.02 -31.92
C LEU A 695 -19.58 -2.45 -32.06
N GLN A 696 -18.79 -2.16 -31.00
CA GLN A 696 -17.40 -2.40 -30.69
C GLN A 696 -17.08 -3.88 -30.71
N LEU A 697 -17.96 -4.76 -30.19
CA LEU A 697 -17.74 -6.18 -30.23
C LEU A 697 -17.67 -6.79 -31.58
N GLN A 698 -18.51 -6.31 -32.57
CA GLN A 698 -18.46 -6.77 -33.96
C GLN A 698 -17.19 -6.42 -34.60
N ILE A 699 -16.71 -5.20 -34.38
CA ILE A 699 -15.50 -4.60 -34.93
C ILE A 699 -14.26 -5.38 -34.44
N PHE A 700 -14.32 -5.80 -33.16
CA PHE A 700 -13.23 -6.62 -32.57
C PHE A 700 -13.08 -7.96 -33.29
N ASP A 701 -14.22 -8.68 -33.63
CA ASP A 701 -14.08 -9.97 -34.29
C ASP A 701 -13.41 -9.78 -35.70
N ILE A 702 -13.71 -8.70 -36.55
CA ILE A 702 -13.06 -8.62 -37.88
C ILE A 702 -11.57 -8.36 -37.70
N VAL A 703 -11.15 -7.50 -36.73
CA VAL A 703 -9.69 -7.20 -36.51
C VAL A 703 -8.93 -8.43 -36.09
N TYR A 704 -9.42 -9.31 -35.22
CA TYR A 704 -8.59 -10.37 -34.78
C TYR A 704 -8.23 -11.30 -35.88
N LYS A 705 -9.23 -11.61 -36.72
CA LYS A 705 -9.12 -12.49 -37.87
C LYS A 705 -8.14 -11.94 -38.96
N PHE A 706 -8.18 -10.62 -39.28
CA PHE A 706 -7.33 -9.92 -40.23
C PHE A 706 -5.94 -10.07 -39.70
N CYS A 707 -5.71 -9.76 -38.41
CA CYS A 707 -4.38 -9.75 -37.76
C CYS A 707 -3.75 -11.14 -37.83
N LYS A 708 -4.47 -12.34 -37.60
CA LYS A 708 -3.95 -13.68 -37.72
C LYS A 708 -3.51 -14.06 -39.15
N PHE A 709 -4.35 -13.70 -40.15
CA PHE A 709 -4.12 -13.95 -41.57
C PHE A 709 -2.85 -13.28 -42.00
N ILE A 710 -2.60 -11.95 -41.67
CA ILE A 710 -1.41 -11.28 -42.05
C ILE A 710 -0.12 -11.87 -41.49
N LYS A 711 -0.12 -12.26 -40.15
CA LYS A 711 1.16 -12.67 -39.53
C LYS A 711 1.91 -13.85 -40.17
N SER A 712 1.24 -14.87 -40.80
CA SER A 712 1.90 -15.99 -41.46
C SER A 712 2.94 -15.48 -42.45
N MET A 713 2.45 -14.69 -43.45
CA MET A 713 3.19 -14.14 -44.59
C MET A 713 3.74 -15.37 -45.31
N ARG A 714 2.94 -16.53 -45.27
CA ARG A 714 3.29 -17.79 -46.03
C ARG A 714 2.47 -17.58 -47.37
N GLU A 754 2.24 -20.99 -50.91
CA GLU A 754 1.81 -21.31 -52.30
C GLU A 754 0.46 -21.96 -52.21
N ASP A 755 0.33 -23.23 -51.87
CA ASP A 755 -1.02 -23.91 -51.77
C ASP A 755 -1.80 -23.25 -50.60
N ALA A 756 -0.93 -23.00 -49.58
CA ALA A 756 -1.37 -22.34 -48.34
C ALA A 756 -1.79 -20.94 -48.64
N ALA A 757 -1.09 -20.21 -49.59
CA ALA A 757 -1.42 -18.88 -50.04
C ALA A 757 -2.77 -18.74 -50.65
N LEU A 758 -3.17 -19.71 -51.50
CA LEU A 758 -4.51 -19.74 -52.23
C LEU A 758 -5.64 -19.92 -51.26
N GLU A 759 -5.36 -20.76 -50.22
CA GLU A 759 -6.27 -21.15 -49.22
C GLU A 759 -6.59 -19.89 -48.48
N LEU A 760 -5.49 -19.15 -48.12
CA LEU A 760 -5.59 -17.94 -47.38
C LEU A 760 -6.32 -16.86 -48.08
N ILE A 761 -6.05 -16.76 -49.42
CA ILE A 761 -6.64 -15.82 -50.29
C ILE A 761 -8.15 -15.93 -50.39
N GLN A 762 -8.60 -17.15 -50.41
CA GLN A 762 -10.00 -17.48 -50.46
C GLN A 762 -10.72 -17.02 -49.20
N LYS A 763 -10.11 -17.23 -47.96
CA LYS A 763 -10.59 -16.70 -46.68
C LYS A 763 -10.58 -15.25 -46.67
N LEU A 764 -9.50 -14.57 -47.18
CA LEU A 764 -9.29 -13.13 -47.01
C LEU A 764 -10.40 -12.43 -47.72
N ILE A 765 -10.81 -12.91 -48.94
CA ILE A 765 -11.91 -12.33 -49.74
C ILE A 765 -13.26 -12.43 -49.05
N GLU A 766 -13.53 -13.59 -48.42
CA GLU A 766 -14.81 -13.83 -47.72
C GLU A 766 -14.93 -12.91 -46.59
N TYR A 767 -13.76 -12.68 -45.91
CA TYR A 767 -13.64 -11.76 -44.80
C TYR A 767 -13.91 -10.33 -45.19
N ILE A 768 -13.36 -9.91 -46.31
CA ILE A 768 -13.52 -8.47 -46.80
C ILE A 768 -15.08 -8.31 -47.03
N SER A 769 -15.84 -9.31 -47.52
CA SER A 769 -17.30 -9.04 -47.69
C SER A 769 -18.05 -8.80 -46.34
N ASN A 770 -17.72 -9.59 -45.30
CA ASN A 770 -18.33 -9.58 -43.99
C ASN A 770 -18.08 -8.26 -43.32
N ALA A 771 -16.80 -7.84 -43.41
CA ALA A 771 -16.18 -6.65 -42.91
C ALA A 771 -16.79 -5.38 -43.49
N SER A 772 -17.15 -5.48 -44.76
CA SER A 772 -17.73 -4.47 -45.58
C SER A 772 -19.08 -4.11 -45.04
N SER A 773 -19.80 -5.17 -44.59
CA SER A 773 -21.12 -5.11 -44.02
C SER A 773 -21.07 -4.37 -42.73
N ILE A 774 -20.07 -4.65 -41.83
CA ILE A 774 -19.82 -3.96 -40.61
C ILE A 774 -19.43 -2.56 -40.79
N PHE A 775 -18.53 -2.15 -41.78
CA PHE A 775 -18.15 -0.88 -42.04
C PHE A 775 -19.36 -0.08 -42.40
N ARG A 776 -20.22 -0.67 -43.24
CA ARG A 776 -21.39 0.07 -43.73
C ARG A 776 -22.33 0.43 -42.60
N LYS A 777 -22.65 -0.46 -41.63
CA LYS A 777 -23.51 -0.22 -40.49
C LYS A 777 -22.89 0.81 -39.62
N CYS A 778 -21.50 0.87 -39.50
CA CYS A 778 -20.86 1.79 -38.61
C CYS A 778 -21.15 3.22 -39.01
N LEU A 779 -21.23 3.55 -40.34
CA LEU A 779 -21.38 4.96 -40.67
C LEU A 779 -22.67 5.73 -40.11
N ILE A 780 -23.77 4.96 -40.05
CA ILE A 780 -25.03 5.45 -39.52
C ILE A 780 -24.96 5.91 -38.06
N ASN A 781 -24.17 5.22 -37.13
CA ASN A 781 -23.98 5.47 -35.69
C ASN A 781 -23.43 6.73 -35.26
N PHE A 782 -22.43 7.19 -36.06
CA PHE A 782 -21.72 8.41 -35.87
C PHE A 782 -22.55 9.62 -35.92
N THR A 783 -23.48 9.66 -36.90
CA THR A 783 -24.43 10.69 -37.27
C THR A 783 -25.41 10.86 -36.06
N GLN A 784 -25.97 9.66 -35.55
CA GLN A 784 -26.78 9.53 -34.42
C GLN A 784 -26.86 8.04 -34.29
N GLU A 785 -27.13 7.67 -32.97
CA GLU A 785 -27.09 6.26 -32.48
C GLU A 785 -28.49 5.72 -32.25
N LEU A 786 -28.73 4.50 -31.66
CA LEU A 786 -30.04 3.92 -31.45
C LEU A 786 -30.87 3.72 -32.68
N SER A 787 -30.25 3.05 -33.65
CA SER A 787 -30.83 2.74 -34.91
C SER A 787 -31.26 1.27 -34.80
N THR A 788 -32.29 0.88 -35.59
CA THR A 788 -32.87 -0.44 -35.68
C THR A 788 -32.01 -1.44 -36.36
N GLU A 789 -31.25 -1.14 -37.45
CA GLU A 789 -30.45 -2.06 -38.21
C GLU A 789 -29.33 -2.73 -37.39
N LYS A 790 -28.65 -1.90 -36.56
CA LYS A 790 -27.58 -2.18 -35.71
C LYS A 790 -27.95 -3.09 -34.61
N PHE A 791 -29.15 -2.91 -34.02
CA PHE A 791 -29.69 -3.63 -32.84
C PHE A 791 -29.84 -5.06 -33.20
N ASP A 792 -30.36 -5.30 -34.41
CA ASP A 792 -30.37 -6.69 -34.94
C ASP A 792 -29.07 -7.37 -35.15
N PHE A 793 -28.06 -6.66 -35.65
CA PHE A 793 -26.84 -7.32 -35.94
C PHE A 793 -26.13 -7.88 -34.64
N TYR A 794 -26.20 -7.05 -33.55
CA TYR A 794 -25.71 -7.32 -32.17
C TYR A 794 -26.42 -8.52 -31.66
N ASP A 795 -27.76 -8.56 -31.89
CA ASP A 795 -28.64 -9.60 -31.52
C ASP A 795 -28.31 -10.88 -32.15
N SER A 796 -28.02 -10.83 -33.44
CA SER A 796 -27.69 -12.00 -34.17
C SER A 796 -26.39 -12.62 -33.72
N SER A 797 -25.34 -11.80 -33.41
CA SER A 797 -24.11 -12.39 -32.91
C SER A 797 -24.21 -13.02 -31.53
N SER A 798 -25.10 -12.45 -30.64
CA SER A 798 -25.46 -12.95 -29.34
C SER A 798 -26.09 -14.32 -29.37
N VAL A 799 -27.02 -14.56 -30.32
CA VAL A 799 -27.77 -15.80 -30.47
C VAL A 799 -28.27 -15.74 -31.82
N ASP A 800 -28.52 -16.92 -32.41
CA ASP A 800 -29.08 -17.01 -33.73
C ASP A 800 -30.63 -16.78 -33.67
N PRO B 180 -48.23 30.85 71.70
CA PRO B 180 -46.90 31.56 71.71
C PRO B 180 -46.16 31.34 70.45
N GLU B 181 -46.52 32.18 69.48
CA GLU B 181 -46.08 32.09 68.14
C GLU B 181 -44.56 32.25 68.02
N GLU B 182 -43.93 33.10 68.84
CA GLU B 182 -42.49 33.31 68.92
C GLU B 182 -41.85 32.00 69.38
N ASP B 183 -42.49 31.33 70.42
CA ASP B 183 -41.91 30.11 70.92
C ASP B 183 -41.89 28.98 69.96
N ILE B 184 -42.96 28.79 69.14
CA ILE B 184 -43.10 27.66 68.15
C ILE B 184 -42.06 27.79 67.12
N LEU B 185 -41.81 29.07 66.65
CA LEU B 185 -40.81 29.28 65.59
C LEU B 185 -39.47 28.92 66.04
N LYS B 186 -39.09 29.19 67.31
CA LYS B 186 -37.78 28.96 67.88
C LYS B 186 -37.49 27.52 67.97
N TYR B 187 -38.46 26.72 68.39
CA TYR B 187 -38.41 25.25 68.55
C TYR B 187 -38.26 24.56 67.22
N VAL B 188 -39.00 25.16 66.26
CA VAL B 188 -39.00 24.74 64.86
C VAL B 188 -37.58 24.91 64.23
N SER B 189 -36.94 26.06 64.57
CA SER B 189 -35.62 26.16 64.03
C SER B 189 -34.71 25.09 64.61
N TYR B 190 -34.86 24.77 65.90
CA TYR B 190 -34.06 23.77 66.60
C TYR B 190 -34.28 22.38 66.01
N THR B 191 -35.54 21.94 65.58
CA THR B 191 -35.89 20.65 65.04
C THR B 191 -35.18 20.36 63.72
N LEU B 192 -35.08 21.41 62.88
CA LEU B 192 -34.35 21.33 61.59
C LEU B 192 -32.88 21.08 61.82
N LEU B 193 -32.35 21.63 62.99
CA LEU B 193 -31.03 21.49 63.55
C LEU B 193 -30.86 20.11 64.18
N ALA B 194 -31.92 19.32 64.26
CA ALA B 194 -32.02 18.00 64.84
C ALA B 194 -31.97 17.95 66.31
N THR B 195 -32.73 18.77 67.06
CA THR B 195 -32.65 18.69 68.53
C THR B 195 -34.08 18.71 69.02
N THR B 196 -34.42 17.73 69.88
CA THR B 196 -35.78 17.42 70.49
C THR B 196 -36.15 18.54 71.34
N SER B 197 -37.42 19.01 71.16
CA SER B 197 -37.90 20.14 71.90
C SER B 197 -39.14 19.69 72.58
N ALA B 198 -39.73 20.62 73.42
CA ALA B 198 -40.92 20.48 74.22
C ALA B 198 -42.17 20.28 73.40
N LEU B 199 -42.34 21.14 72.39
CA LEU B 199 -43.53 21.16 71.60
C LEU B 199 -43.62 19.92 70.60
N PHE B 200 -42.50 19.70 69.89
CA PHE B 200 -42.46 18.62 68.97
C PHE B 200 -41.10 17.97 69.16
N PRO B 201 -41.07 16.75 69.76
CA PRO B 201 -39.89 15.88 69.83
C PRO B 201 -39.12 15.58 68.51
N PHE B 202 -37.86 15.27 68.60
CA PHE B 202 -37.10 14.96 67.42
C PHE B 202 -36.63 13.61 67.70
N ASP B 203 -37.21 12.65 67.00
CA ASP B 203 -36.74 11.29 67.00
C ASP B 203 -36.46 11.19 65.56
N HIS B 204 -35.85 10.00 65.14
CA HIS B 204 -35.39 9.73 63.85
C HIS B 204 -36.56 9.51 62.94
N GLU B 205 -37.57 8.87 63.52
CA GLU B 205 -38.73 8.44 62.83
C GLU B 205 -39.74 8.65 63.82
N GLN B 206 -40.71 9.46 63.51
CA GLN B 206 -41.71 9.89 64.47
C GLN B 206 -43.05 10.00 63.71
N ILE B 207 -44.18 9.63 64.35
CA ILE B 207 -45.39 9.66 63.52
C ILE B 207 -46.40 10.21 64.44
N GLN B 208 -46.10 10.38 65.72
CA GLN B 208 -47.04 10.95 66.69
C GLN B 208 -46.86 12.42 66.77
N ILE B 209 -47.92 13.18 67.16
CA ILE B 209 -48.10 14.54 67.04
C ILE B 209 -49.16 14.92 68.08
N PRO B 210 -49.18 16.10 68.79
CA PRO B 210 -50.23 16.49 69.81
C PRO B 210 -51.62 16.66 69.15
N SER B 211 -52.62 16.37 70.00
CA SER B 211 -54.01 16.18 69.55
C SER B 211 -54.87 17.42 69.34
N LYS B 212 -54.52 18.57 69.94
CA LYS B 212 -55.34 19.74 70.11
C LYS B 212 -54.66 20.88 69.38
N ILE B 213 -53.42 20.79 68.74
CA ILE B 213 -52.86 21.94 68.07
C ILE B 213 -53.56 22.05 66.69
N PRO B 214 -53.52 23.11 65.95
CA PRO B 214 -53.92 23.24 64.55
C PRO B 214 -53.50 22.13 63.64
N ASN B 215 -54.47 21.62 62.81
CA ASN B 215 -54.37 20.51 61.87
C ASN B 215 -53.34 20.86 60.93
N PHE B 216 -53.44 22.06 60.25
CA PHE B 216 -52.46 22.39 59.21
C PHE B 216 -51.09 22.93 59.74
N GLU B 217 -51.00 23.37 61.06
CA GLU B 217 -49.71 23.54 61.71
C GLU B 217 -48.88 22.28 61.82
N SER B 218 -49.60 21.15 62.10
CA SER B 218 -49.07 19.77 62.06
C SER B 218 -48.47 19.43 60.70
N GLY B 219 -49.21 19.80 59.57
CA GLY B 219 -48.83 19.59 58.22
C GLY B 219 -47.53 20.34 57.95
N LEU B 220 -47.38 21.60 58.41
CA LEU B 220 -46.18 22.35 58.31
C LEU B 220 -45.09 21.69 59.09
N LEU B 221 -45.39 21.16 60.30
CA LEU B 221 -44.47 20.39 61.16
C LEU B 221 -43.97 19.11 60.59
N HIS B 222 -44.80 18.36 59.77
CA HIS B 222 -44.45 17.20 59.03
C HIS B 222 -43.39 17.45 57.99
N LEU B 223 -43.54 18.63 57.23
CA LEU B 223 -42.62 19.11 56.21
C LEU B 223 -41.28 19.46 56.86
N ILE B 224 -41.32 20.10 58.04
CA ILE B 224 -40.22 20.56 58.86
C ILE B 224 -39.49 19.31 59.29
N PHE B 225 -40.21 18.18 59.61
CA PHE B 225 -39.59 16.97 60.06
C PHE B 225 -38.66 16.38 59.01
N GLU B 226 -39.10 16.45 57.70
CA GLU B 226 -38.29 15.91 56.60
C GLU B 226 -36.93 16.56 56.46
N ALA B 227 -36.89 17.88 56.48
CA ALA B 227 -35.69 18.68 56.38
C ALA B 227 -34.77 18.40 57.49
N GLY B 228 -35.33 18.31 58.69
CA GLY B 228 -34.58 18.02 59.89
C GLY B 228 -33.98 16.69 59.97
N LEU B 229 -34.67 15.67 59.42
CA LEU B 229 -34.19 14.32 59.28
C LEU B 229 -33.00 14.24 58.33
N LEU B 230 -33.05 14.95 57.17
CA LEU B 230 -32.05 14.88 56.18
C LEU B 230 -30.71 15.45 56.66
N TYR B 231 -30.70 16.59 57.42
CA TYR B 231 -29.49 17.10 57.98
C TYR B 231 -28.83 16.09 58.87
N GLN B 232 -29.63 15.40 59.68
CA GLN B 232 -29.12 14.33 60.54
C GLN B 232 -28.61 13.14 59.85
N SER B 233 -29.30 12.73 58.76
CA SER B 233 -28.98 11.51 58.06
C SER B 233 -27.65 11.55 57.41
N LEU B 234 -27.35 12.67 56.76
CA LEU B 234 -26.06 12.93 56.24
C LEU B 234 -25.01 12.99 57.36
N GLY B 235 -25.27 13.70 58.50
CA GLY B 235 -24.30 14.09 59.55
C GLY B 235 -23.64 12.84 60.17
N TYR B 236 -24.39 11.72 60.43
CA TYR B 236 -23.74 10.53 60.92
C TYR B 236 -22.74 9.90 59.93
N LYS B 237 -23.16 9.79 58.62
CA LYS B 237 -22.43 9.18 57.57
C LYS B 237 -21.14 9.97 57.43
N VAL B 238 -21.19 11.35 57.35
CA VAL B 238 -20.05 12.18 57.13
C VAL B 238 -18.99 12.06 58.16
N GLU B 239 -19.40 11.97 59.41
CA GLU B 239 -18.56 11.79 60.53
C GLU B 239 -17.76 10.47 60.49
N LYS B 240 -18.30 9.30 60.16
CA LYS B 240 -17.66 8.02 60.08
C LYS B 240 -16.69 8.01 58.88
N PHE B 241 -17.19 8.58 57.74
CA PHE B 241 -16.53 8.47 56.42
C PHE B 241 -15.27 9.31 56.34
N ARG B 242 -15.27 10.45 57.13
CA ARG B 242 -14.00 11.16 57.35
C ARG B 242 -13.12 10.42 58.31
N MET B 243 -11.87 10.33 57.79
CA MET B 243 -10.75 9.66 58.47
C MET B 243 -10.83 8.14 58.65
N LEU B 244 -11.65 7.48 57.78
CA LEU B 244 -11.94 6.06 57.86
C LEU B 244 -12.85 5.73 56.73
N ASN B 245 -12.26 5.25 55.55
CA ASN B 245 -13.02 5.18 54.34
C ASN B 245 -12.37 4.15 53.47
N ILE B 246 -12.92 4.16 52.21
CA ILE B 246 -12.35 3.52 51.02
C ILE B 246 -12.41 4.45 49.90
N SER B 247 -11.18 4.76 49.35
CA SER B 247 -10.87 5.55 48.19
C SER B 247 -10.75 7.02 48.52
N PRO B 248 -9.69 7.71 48.23
CA PRO B 248 -9.52 9.11 48.53
C PRO B 248 -10.42 10.05 47.76
N MET B 249 -10.93 9.62 46.64
CA MET B 249 -11.86 10.48 45.82
C MET B 249 -13.14 10.65 46.66
N LYS B 250 -13.52 9.52 47.27
CA LYS B 250 -14.72 9.39 48.11
C LYS B 250 -14.43 10.24 49.30
N LYS B 251 -13.24 10.19 49.90
CA LYS B 251 -12.99 10.99 51.09
C LYS B 251 -13.12 12.51 50.86
N ALA B 252 -12.66 12.99 49.67
CA ALA B 252 -12.70 14.33 49.19
C ALA B 252 -14.11 14.90 48.97
N LEU B 253 -14.98 13.98 48.54
CA LEU B 253 -16.41 14.17 48.38
C LEU B 253 -17.09 14.45 49.68
N ILE B 254 -16.72 13.55 50.69
CA ILE B 254 -17.20 13.66 52.05
C ILE B 254 -16.72 14.91 52.70
N ILE B 255 -15.49 15.41 52.52
CA ILE B 255 -15.14 16.66 53.16
C ILE B 255 -15.98 17.86 52.67
N GLU B 256 -16.20 17.97 51.32
CA GLU B 256 -16.90 19.02 50.69
C GLU B 256 -18.40 19.11 51.04
N ILE B 257 -19.15 18.01 51.17
CA ILE B 257 -20.50 17.93 51.69
C ILE B 257 -20.56 18.34 53.17
N SER B 258 -19.61 17.87 53.99
CA SER B 258 -19.49 18.23 55.43
C SER B 258 -19.30 19.71 55.66
N GLU B 259 -18.58 20.35 54.79
CA GLU B 259 -18.46 21.81 54.74
C GLU B 259 -19.77 22.53 54.45
N GLU B 260 -20.56 21.90 53.53
CA GLU B 260 -21.80 22.32 53.02
C GLU B 260 -22.84 22.24 54.16
N LEU B 261 -22.75 21.25 55.11
CA LEU B 261 -23.69 21.14 56.22
C LEU B 261 -23.47 22.29 57.18
N GLN B 262 -22.26 22.95 57.24
CA GLN B 262 -21.98 24.12 58.04
C GLN B 262 -22.90 25.29 57.72
N ASN B 263 -23.16 25.55 56.40
CA ASN B 263 -23.93 26.66 55.89
C ASN B 263 -25.31 26.64 56.39
N TYR B 264 -25.90 25.46 56.53
CA TYR B 264 -27.20 25.10 57.10
C TYR B 264 -27.32 25.49 58.52
N THR B 265 -26.28 25.18 59.36
CA THR B 265 -26.23 25.55 60.77
C THR B 265 -26.13 27.05 60.94
N ALA B 266 -25.36 27.77 60.02
CA ALA B 266 -25.26 29.23 60.06
C ALA B 266 -26.63 29.82 59.83
N PHE B 267 -27.45 29.23 58.90
CA PHE B 267 -28.79 29.64 58.52
C PHE B 267 -29.83 29.65 59.60
N VAL B 268 -29.91 28.50 60.39
CA VAL B 268 -30.85 28.39 61.52
C VAL B 268 -30.54 29.40 62.60
N ASN B 269 -29.19 29.63 62.84
CA ASN B 269 -28.60 30.57 63.77
C ASN B 269 -28.98 31.98 63.46
N ASN B 270 -28.96 32.32 62.13
CA ASN B 270 -29.40 33.63 61.76
C ASN B 270 -30.90 33.70 62.13
N LEU B 271 -31.74 32.63 61.79
CA LEU B 271 -33.19 32.81 62.01
C LEU B 271 -33.58 32.95 63.47
N VAL B 272 -32.96 32.17 64.40
CA VAL B 272 -33.18 32.31 65.83
C VAL B 272 -32.73 33.64 66.29
N SER B 273 -31.53 34.25 65.85
CA SER B 273 -31.01 35.52 66.31
C SER B 273 -31.80 36.75 66.02
N SER B 274 -32.42 36.86 64.81
CA SER B 274 -33.08 38.07 64.37
C SER B 274 -33.73 37.69 63.14
N GLY B 275 -34.75 38.42 62.78
CA GLY B 275 -35.66 38.14 61.69
C GLY B 275 -36.67 37.17 62.25
N THR B 276 -37.07 37.37 63.51
CA THR B 276 -38.07 36.63 64.15
C THR B 276 -39.33 37.39 64.08
N VAL B 277 -40.39 36.93 64.83
CA VAL B 277 -41.77 37.32 64.89
C VAL B 277 -42.36 37.08 63.55
N VAL B 278 -42.48 35.83 63.22
CA VAL B 278 -43.12 35.41 61.99
C VAL B 278 -43.64 34.00 62.25
N SER B 279 -44.30 33.41 61.29
CA SER B 279 -45.01 32.12 61.40
C SER B 279 -44.02 31.10 60.93
N LEU B 280 -44.33 29.79 60.95
CA LEU B 280 -43.54 28.67 60.47
C LEU B 280 -43.26 28.74 58.99
N LYS B 281 -44.24 29.24 58.23
CA LYS B 281 -44.36 29.31 56.74
C LYS B 281 -43.20 30.13 56.15
N SER B 282 -42.92 31.35 56.78
CA SER B 282 -41.84 32.23 56.40
C SER B 282 -40.51 31.54 56.68
N LEU B 283 -40.37 30.84 57.81
CA LEU B 283 -39.11 30.13 58.07
C LEU B 283 -38.90 29.05 57.02
N TYR B 284 -39.94 28.32 56.58
CA TYR B 284 -39.90 27.16 55.70
C TYR B 284 -39.38 27.61 54.34
N ARG B 285 -39.88 28.74 53.79
CA ARG B 285 -39.50 29.39 52.54
C ARG B 285 -38.14 29.90 52.61
N GLU B 286 -37.65 30.52 53.71
CA GLU B 286 -36.27 31.03 53.77
C GLU B 286 -35.22 30.02 53.69
N ILE B 287 -35.36 28.77 54.30
CA ILE B 287 -34.40 27.73 54.10
C ILE B 287 -34.90 26.67 53.12
N TYR B 288 -35.74 27.02 52.05
CA TYR B 288 -36.32 26.00 51.24
C TYR B 288 -35.38 25.12 50.35
N GLU B 289 -34.47 25.85 49.73
CA GLU B 289 -33.51 25.43 48.72
C GLU B 289 -32.58 24.32 49.22
N ASN B 290 -32.19 24.52 50.52
CA ASN B 290 -31.33 23.59 51.21
C ASN B 290 -31.91 22.21 51.40
N ILE B 291 -33.19 22.17 51.61
CA ILE B 291 -33.98 20.95 51.69
C ILE B 291 -33.89 20.12 50.41
N ILE B 292 -33.92 20.77 49.25
CA ILE B 292 -33.88 20.22 47.88
C ILE B 292 -32.48 19.62 47.74
N ARG B 293 -31.45 20.39 48.10
CA ARG B 293 -30.10 20.06 47.89
C ARG B 293 -29.63 18.90 48.75
N LEU B 294 -29.96 18.93 50.08
CA LEU B 294 -29.60 17.92 51.05
C LEU B 294 -30.23 16.58 50.60
N ARG B 295 -31.51 16.65 50.04
CA ARG B 295 -32.27 15.44 49.52
C ARG B 295 -31.69 14.75 48.33
N ILE B 296 -31.21 15.52 47.31
CA ILE B 296 -30.61 14.99 46.16
C ILE B 296 -29.41 14.28 46.53
N TYR B 297 -28.55 14.90 47.48
CA TYR B 297 -27.32 14.47 47.91
C TYR B 297 -27.35 13.07 48.66
N CYS B 298 -28.46 12.75 49.44
CA CYS B 298 -28.60 11.55 50.20
C CYS B 298 -28.62 10.35 49.23
N ARG B 299 -29.24 10.49 48.00
CA ARG B 299 -29.40 9.43 47.01
C ARG B 299 -28.03 8.96 46.56
N PHE B 300 -27.16 9.98 46.28
CA PHE B 300 -25.81 9.92 45.81
C PHE B 300 -24.99 9.09 46.80
N THR B 301 -25.12 9.44 48.06
CA THR B 301 -24.40 8.99 49.22
C THR B 301 -24.66 7.47 49.46
N GLU B 302 -25.91 7.00 49.21
CA GLU B 302 -26.28 5.64 49.43
C GLU B 302 -25.42 4.86 48.40
N HIS B 303 -25.43 5.38 47.13
CA HIS B 303 -24.84 4.66 45.98
C HIS B 303 -23.38 4.47 46.08
N LEU B 304 -22.77 5.48 46.75
CA LEU B 304 -21.34 5.71 46.85
C LEU B 304 -20.67 4.53 47.50
N GLU B 305 -21.35 3.81 48.40
CA GLU B 305 -20.95 2.63 49.00
C GLU B 305 -20.65 1.47 48.13
N GLU B 306 -21.62 1.30 47.22
CA GLU B 306 -21.87 0.11 46.32
C GLU B 306 -20.96 -0.07 45.22
N LEU B 307 -20.61 1.11 44.62
CA LEU B 307 -19.91 1.25 43.40
C LEU B 307 -18.88 2.28 43.81
N SER B 308 -17.59 1.90 43.73
CA SER B 308 -16.48 2.69 44.17
C SER B 308 -15.34 2.60 43.15
N GLY B 309 -14.78 3.79 42.84
CA GLY B 309 -13.61 3.94 42.05
C GLY B 309 -13.82 5.00 41.07
N ASP B 310 -13.52 4.73 39.79
CA ASP B 310 -13.75 5.52 38.64
C ASP B 310 -15.20 5.85 38.28
N THR B 311 -16.19 5.05 38.69
CA THR B 311 -17.64 5.07 38.55
C THR B 311 -18.36 6.23 39.23
N PHE B 312 -17.66 6.80 40.24
CA PHE B 312 -18.10 7.97 40.95
C PHE B 312 -18.27 9.11 39.97
N LEU B 313 -17.34 9.16 39.02
CA LEU B 313 -17.32 10.24 38.04
C LEU B 313 -18.51 10.30 37.18
N ILE B 314 -19.03 9.19 36.67
CA ILE B 314 -20.20 9.03 35.88
C ILE B 314 -21.51 9.35 36.61
N GLU B 315 -21.67 8.86 37.86
CA GLU B 315 -22.83 9.00 38.73
C GLU B 315 -23.02 10.49 39.00
N LEU B 316 -21.84 11.11 39.32
CA LEU B 316 -21.69 12.54 39.53
C LEU B 316 -22.05 13.35 38.31
N ASN B 317 -21.68 12.95 37.11
CA ASN B 317 -21.85 13.68 35.83
C ASN B 317 -23.34 13.80 35.62
N ILE B 318 -24.05 12.68 35.81
CA ILE B 318 -25.52 12.67 35.54
C ILE B 318 -26.26 13.58 36.49
N PHE B 319 -25.91 13.57 37.81
CA PHE B 319 -26.57 14.48 38.81
C PHE B 319 -26.29 15.99 38.57
N LYS B 320 -25.08 16.36 38.06
CA LYS B 320 -24.67 17.65 37.63
C LYS B 320 -25.61 18.17 36.57
N SER B 321 -26.21 17.26 35.75
CA SER B 321 -27.12 17.62 34.63
C SER B 321 -28.38 18.28 35.21
N HIS B 322 -28.84 17.79 36.43
CA HIS B 322 -30.09 18.11 37.10
C HIS B 322 -30.36 19.56 37.20
N GLY B 323 -31.57 19.91 36.88
CA GLY B 323 -32.17 21.18 36.75
C GLY B 323 -31.84 22.10 37.86
N ASP B 324 -31.69 23.34 37.43
CA ASP B 324 -31.46 24.47 38.24
C ASP B 324 -30.00 24.65 38.62
N LEU B 325 -29.51 25.95 38.65
CA LEU B 325 -28.11 26.44 38.76
C LEU B 325 -27.43 25.91 39.95
N THR B 326 -28.12 25.90 41.08
CA THR B 326 -27.48 25.64 42.38
C THR B 326 -26.88 24.24 42.44
N ILE B 327 -27.64 23.23 41.94
CA ILE B 327 -27.33 21.88 42.12
C ILE B 327 -26.05 21.66 41.34
N ARG B 328 -26.14 22.25 40.12
CA ARG B 328 -25.05 22.12 39.14
C ARG B 328 -23.73 22.74 39.63
N LYS B 329 -23.82 23.94 40.25
CA LYS B 329 -22.65 24.59 40.82
C LYS B 329 -21.95 23.82 41.88
N ILE B 330 -22.71 23.20 42.81
CA ILE B 330 -22.16 22.28 43.77
C ILE B 330 -21.58 21.01 43.14
N ALA B 331 -22.30 20.37 42.20
CA ALA B 331 -21.76 19.14 41.59
C ALA B 331 -20.50 19.36 40.82
N THR B 332 -20.33 20.50 40.09
CA THR B 332 -19.12 20.93 39.27
C THR B 332 -17.96 21.03 40.25
N ASN B 333 -18.15 21.61 41.45
CA ASN B 333 -17.06 21.60 42.42
C ASN B 333 -16.57 20.26 42.80
N LEU B 334 -17.50 19.29 43.01
CA LEU B 334 -17.22 17.89 43.45
C LEU B 334 -16.41 17.15 42.47
N PHE B 335 -16.76 17.40 41.13
CA PHE B 335 -16.13 16.87 39.94
C PHE B 335 -14.64 17.28 39.88
N ASN B 336 -14.40 18.57 40.11
CA ASN B 336 -13.07 19.10 40.04
C ASN B 336 -12.12 18.39 41.01
N SER B 337 -12.62 18.14 42.24
CA SER B 337 -11.87 17.47 43.28
C SER B 337 -11.51 16.05 42.96
N MET B 338 -12.45 15.31 42.32
CA MET B 338 -12.17 13.95 41.92
C MET B 338 -11.09 13.86 40.90
N ILE B 339 -11.13 14.73 39.87
CA ILE B 339 -10.19 14.74 38.78
C ILE B 339 -8.75 14.99 39.36
N SER B 340 -8.59 15.85 40.44
CA SER B 340 -7.26 16.14 41.04
C SER B 340 -6.47 14.88 41.47
N LEU B 341 -7.23 13.95 42.05
CA LEU B 341 -6.70 12.68 42.62
C LEU B 341 -6.19 11.84 41.51
N TYR B 342 -6.96 11.81 40.37
CA TYR B 342 -6.75 11.06 39.17
C TYR B 342 -5.45 11.47 38.53
N TYR B 343 -5.26 12.82 38.51
CA TYR B 343 -4.01 13.38 37.94
C TYR B 343 -2.79 12.93 38.73
N GLU B 344 -2.93 12.89 40.07
CA GLU B 344 -1.87 12.57 40.99
C GLU B 344 -1.39 11.17 40.64
N TYR B 345 -2.33 10.23 40.42
CA TYR B 345 -2.19 8.84 40.20
C TYR B 345 -1.56 8.61 38.95
N LEU B 346 -1.95 9.40 37.96
CA LEU B 346 -1.42 9.46 36.64
C LEU B 346 0.05 9.92 36.67
N MET B 347 0.34 10.95 37.48
CA MET B 347 1.75 11.39 37.64
C MET B 347 2.67 10.36 38.29
N ASN B 348 2.26 9.62 39.33
CA ASN B 348 3.17 8.61 39.97
C ASN B 348 3.41 7.42 39.01
N TRP B 349 2.37 7.04 38.22
CA TRP B 349 2.38 5.87 37.39
C TRP B 349 3.37 6.01 36.33
N LEU B 350 3.22 7.10 35.53
CA LEU B 350 4.11 7.37 34.49
C LEU B 350 5.52 7.69 34.96
N THR B 351 5.73 8.47 36.10
CA THR B 351 7.03 8.93 36.46
C THR B 351 7.80 7.82 37.20
N LYS B 352 7.22 6.92 38.01
CA LYS B 352 8.08 6.00 38.73
C LYS B 352 7.58 4.58 38.64
N GLY B 353 6.65 4.30 37.68
CA GLY B 353 6.24 2.94 37.39
C GLY B 353 5.35 2.34 38.38
N LEU B 354 4.79 3.21 39.30
CA LEU B 354 4.32 2.72 40.55
C LEU B 354 2.82 3.04 40.63
N LEU B 355 1.92 2.06 40.57
CA LEU B 355 0.50 2.38 40.75
C LEU B 355 0.19 2.85 42.21
N ARG B 356 -0.91 3.61 42.32
CA ARG B 356 -1.44 4.10 43.58
C ARG B 356 -2.93 3.84 43.46
N ALA B 357 -3.28 2.68 42.96
CA ALA B 357 -4.60 2.20 42.82
C ALA B 357 -4.61 0.87 43.41
N THR B 358 -5.71 0.52 44.17
CA THR B 358 -5.77 -0.70 45.01
C THR B 358 -7.19 -0.80 45.46
N TYR B 359 -8.02 0.22 45.11
CA TYR B 359 -9.42 0.18 45.36
C TYR B 359 -10.15 0.41 44.17
N GLY B 360 -9.42 0.52 43.07
CA GLY B 360 -9.92 0.84 41.77
C GLY B 360 -9.77 2.33 41.49
N GLU B 361 -8.88 2.97 42.19
CA GLU B 361 -8.62 4.44 42.21
C GLU B 361 -8.34 5.00 40.86
N PHE B 362 -7.65 4.16 40.05
CA PHE B 362 -7.20 4.52 38.76
C PHE B 362 -7.53 3.25 38.08
N PHE B 363 -7.65 3.33 36.77
CA PHE B 363 -8.14 2.25 35.94
C PHE B 363 -7.00 1.44 35.38
N ILE B 364 -5.74 1.66 35.82
CA ILE B 364 -4.69 0.65 35.49
C ILE B 364 -4.63 -0.16 36.71
N ALA B 365 -4.63 -1.51 36.57
CA ALA B 365 -4.50 -2.43 37.72
C ALA B 365 -3.31 -3.30 37.66
N GLU B 366 -2.77 -3.61 38.89
CA GLU B 366 -1.64 -4.48 39.10
C GLU B 366 -1.96 -5.95 38.81
N ASN B 367 -3.25 -6.37 39.05
CA ASN B 367 -3.69 -7.66 38.76
C ASN B 367 -4.54 -7.48 37.50
N TYR B 379 3.59 -19.31 37.64
CA TYR B 379 2.99 -18.00 37.34
C TYR B 379 3.84 -16.77 37.71
N HIS B 380 3.32 -15.58 37.26
CA HIS B 380 4.02 -14.32 37.45
C HIS B 380 3.02 -13.21 37.63
N ILE B 381 1.71 -13.43 37.30
CA ILE B 381 0.57 -12.49 37.46
C ILE B 381 0.63 -11.34 36.46
N PRO B 382 -0.31 -11.25 35.47
CA PRO B 382 -0.38 -10.18 34.59
C PRO B 382 -0.82 -8.92 35.33
N ILE B 383 -0.27 -7.85 34.73
CA ILE B 383 -0.53 -6.45 35.01
C ILE B 383 -1.26 -6.01 33.78
N GLU B 384 -2.47 -5.25 33.94
CA GLU B 384 -3.26 -4.99 32.78
C GLU B 384 -4.11 -3.73 32.97
N PHE B 385 -4.77 -3.22 31.90
CA PHE B 385 -5.72 -2.16 31.83
C PHE B 385 -7.06 -2.77 32.10
N ASN B 386 -7.83 -2.03 32.96
CA ASN B 386 -9.15 -2.52 33.25
C ASN B 386 -10.20 -1.69 32.38
N GLN B 387 -10.54 -2.20 31.17
CA GLN B 387 -11.27 -1.51 30.12
C GLN B 387 -12.65 -1.12 30.43
N GLU B 388 -13.36 -2.03 31.22
CA GLU B 388 -14.69 -1.71 31.58
C GLU B 388 -14.85 -0.46 32.46
N ARG B 389 -13.92 -0.27 33.38
CA ARG B 389 -14.04 0.65 34.51
C ARG B 389 -13.93 2.15 34.10
N VAL B 390 -13.21 2.45 32.96
CA VAL B 390 -12.78 3.81 32.44
C VAL B 390 -13.99 4.64 32.27
N PRO B 391 -14.07 5.93 32.79
CA PRO B 391 -15.20 6.78 32.55
C PRO B 391 -15.44 7.08 31.03
N ALA B 392 -16.49 7.88 30.69
CA ALA B 392 -16.80 8.25 29.28
C ALA B 392 -16.40 9.81 29.16
N PHE B 393 -15.81 10.35 30.24
CA PHE B 393 -15.43 11.74 30.35
C PHE B 393 -13.97 11.85 30.40
N ILE B 394 -13.33 10.71 30.67
CA ILE B 394 -11.90 10.45 30.41
C ILE B 394 -11.90 9.24 29.52
N PRO B 395 -11.51 9.25 28.24
CA PRO B 395 -11.74 8.10 27.28
C PRO B 395 -10.81 7.00 27.53
N LYS B 396 -11.21 5.88 26.99
CA LYS B 396 -10.49 4.62 26.98
C LYS B 396 -9.18 4.79 26.20
N GLU B 397 -9.23 5.56 25.10
CA GLU B 397 -8.21 5.82 24.14
C GLU B 397 -7.05 6.51 24.82
N LEU B 398 -7.31 7.46 25.77
CA LEU B 398 -6.28 8.15 26.47
C LEU B 398 -5.57 7.22 27.35
N ALA B 399 -6.37 6.33 28.02
CA ALA B 399 -6.05 5.37 29.04
C ALA B 399 -5.08 4.23 28.64
N TYR B 400 -5.27 3.68 27.40
CA TYR B 400 -4.45 2.68 26.85
C TYR B 400 -3.05 3.14 26.65
N LYS B 401 -2.87 4.44 26.15
CA LYS B 401 -1.52 4.99 25.95
C LYS B 401 -0.76 5.11 27.24
N ILE B 402 -1.50 5.54 28.31
CA ILE B 402 -1.00 5.75 29.64
C ILE B 402 -0.52 4.39 30.15
N PHE B 403 -1.33 3.28 29.93
CA PHE B 403 -1.01 1.90 30.36
C PHE B 403 0.31 1.47 29.68
N MET B 404 0.43 1.74 28.36
CA MET B 404 1.67 1.35 27.61
C MET B 404 2.83 2.15 28.18
N ILE B 405 2.71 3.44 28.52
CA ILE B 405 3.80 4.31 28.97
C ILE B 405 4.31 3.75 30.27
N GLY B 406 3.38 3.34 31.20
CA GLY B 406 3.72 2.71 32.46
C GLY B 406 4.36 1.38 32.46
N LYS B 407 3.85 0.53 31.50
CA LYS B 407 4.31 -0.82 31.21
C LYS B 407 5.72 -0.75 30.64
N SER B 408 6.09 0.23 29.76
CA SER B 408 7.40 0.51 29.20
C SER B 408 8.41 0.90 30.35
N TYR B 409 7.87 1.67 31.31
CA TYR B 409 8.65 2.10 32.43
C TYR B 409 9.11 0.93 33.39
N ILE B 410 8.16 -0.02 33.64
CA ILE B 410 8.53 -1.20 34.37
C ILE B 410 9.55 -2.01 33.62
N PHE B 411 9.31 -2.08 32.27
CA PHE B 411 10.12 -2.89 31.35
C PHE B 411 11.57 -2.44 31.31
N LEU B 412 11.72 -1.10 31.33
CA LEU B 412 13.01 -0.39 31.45
C LEU B 412 13.69 -0.68 32.78
N GLU B 413 12.90 -0.81 33.93
CA GLU B 413 13.45 -1.14 35.17
C GLU B 413 14.04 -2.52 35.18
N LYS B 414 13.37 -3.49 34.50
CA LYS B 414 13.81 -4.83 34.52
C LYS B 414 15.18 -4.88 33.78
N TYR B 415 15.34 -4.10 32.76
CA TYR B 415 16.66 -3.99 32.11
C TYR B 415 17.78 -3.55 33.06
N CYS B 416 17.47 -2.51 33.86
CA CYS B 416 18.23 -1.86 34.95
C CYS B 416 18.80 -0.60 34.34
N LYS B 417 18.59 -0.45 33.00
CA LYS B 417 18.95 0.68 32.27
C LYS B 417 17.57 1.22 31.97
N GLU B 418 17.33 2.43 32.43
CA GLU B 418 16.09 3.18 32.28
C GLU B 418 16.37 4.56 31.74
N VAL B 419 15.33 5.34 31.61
CA VAL B 419 15.27 6.75 31.33
C VAL B 419 14.65 7.43 32.44
N GLN B 420 15.46 8.15 33.28
CA GLN B 420 15.00 8.77 34.48
C GLN B 420 15.35 10.16 34.34
N TRP B 421 15.62 10.66 33.12
CA TRP B 421 16.18 11.95 32.85
C TRP B 421 14.98 12.84 32.58
N THR B 422 14.92 13.47 31.43
CA THR B 422 13.92 14.57 31.22
C THR B 422 12.44 14.14 31.18
N ASN B 423 12.07 12.91 30.88
CA ASN B 423 10.69 12.42 30.86
C ASN B 423 10.03 12.60 32.22
N GLU B 424 10.79 12.35 33.31
CA GLU B 424 10.19 12.51 34.64
C GLU B 424 9.76 13.91 34.91
N PHE B 425 10.58 14.92 34.51
CA PHE B 425 10.38 16.30 34.70
C PHE B 425 9.13 16.82 33.99
N SER B 426 9.03 16.28 32.70
CA SER B 426 8.01 16.64 31.81
C SER B 426 6.67 16.23 32.37
N LYS B 427 6.59 15.02 32.97
CA LYS B 427 5.34 14.56 33.57
C LYS B 427 4.89 15.40 34.73
N LYS B 428 5.84 15.84 35.57
CA LYS B 428 5.39 16.61 36.74
C LYS B 428 4.78 17.91 36.36
N TYR B 429 5.45 18.59 35.35
CA TYR B 429 5.06 19.88 34.78
C TYR B 429 3.65 19.70 34.03
N HIS B 430 3.41 18.53 33.27
CA HIS B 430 2.19 18.35 32.53
C HIS B 430 0.98 18.35 33.38
N VAL B 431 1.06 17.63 34.55
CA VAL B 431 -0.04 17.57 35.45
C VAL B 431 -0.36 19.01 36.04
N LEU B 432 0.72 19.77 36.37
CA LEU B 432 0.70 21.16 37.00
C LEU B 432 0.03 22.14 36.07
N TYR B 433 0.33 21.96 34.75
CA TYR B 433 -0.44 22.82 33.76
C TYR B 433 -1.90 22.62 33.71
N GLN B 434 -2.38 21.37 33.80
CA GLN B 434 -3.74 21.10 33.80
C GLN B 434 -4.42 21.62 35.06
N SER B 435 -3.73 21.52 36.26
CA SER B 435 -4.27 22.02 37.47
C SER B 435 -4.47 23.51 37.47
N ASN B 436 -3.61 24.29 36.70
CA ASN B 436 -3.72 25.69 36.57
C ASN B 436 -4.95 26.18 35.84
N SER B 437 -5.36 25.34 34.79
CA SER B 437 -6.40 25.57 33.90
C SER B 437 -7.63 25.07 34.57
N TYR B 438 -7.54 24.67 35.93
CA TYR B 438 -8.60 24.38 36.84
C TYR B 438 -9.47 23.29 36.31
N ARG B 439 -8.76 22.20 35.77
CA ARG B 439 -9.20 20.97 35.26
C ARG B 439 -9.34 21.12 33.82
N GLY B 440 -8.66 20.30 32.99
CA GLY B 440 -8.77 20.38 31.57
C GLY B 440 -9.95 19.71 30.95
N ILE B 441 -9.71 19.53 29.65
CA ILE B 441 -10.63 18.81 28.67
C ILE B 441 -9.81 17.80 28.05
N SER B 442 -10.37 17.10 27.04
CA SER B 442 -9.87 15.99 26.33
C SER B 442 -8.66 16.32 25.51
N THR B 443 -8.75 17.50 24.84
CA THR B 443 -7.67 17.85 23.93
C THR B 443 -6.36 17.98 24.59
N ASN B 444 -6.42 18.69 25.72
CA ASN B 444 -5.27 18.94 26.55
C ASN B 444 -4.62 17.67 27.19
N PHE B 445 -5.51 16.71 27.68
CA PHE B 445 -5.09 15.45 28.27
C PHE B 445 -4.36 14.69 27.22
N PHE B 446 -4.90 14.69 26.05
CA PHE B 446 -4.25 14.04 24.98
C PHE B 446 -2.90 14.66 24.57
N GLU B 447 -2.75 16.07 24.53
CA GLU B 447 -1.54 16.72 24.04
C GLU B 447 -0.41 16.37 24.85
N ILE B 448 -0.63 16.38 26.21
CA ILE B 448 0.35 15.96 27.20
C ILE B 448 0.78 14.48 27.14
N ILE B 449 -0.21 13.61 26.97
CA ILE B 449 -0.01 12.15 26.81
C ILE B 449 0.77 11.80 25.57
N ASN B 450 0.45 12.37 24.43
CA ASN B 450 1.06 12.00 23.18
C ASN B 450 2.47 12.41 23.18
N ASP B 451 2.79 13.57 23.84
CA ASP B 451 4.23 13.98 23.94
C ASP B 451 5.07 12.98 24.72
N GLN B 452 4.53 12.49 25.89
CA GLN B 452 5.22 11.50 26.69
C GLN B 452 5.35 10.13 25.97
N TYR B 453 4.29 9.74 25.19
CA TYR B 453 4.20 8.45 24.44
C TYR B 453 5.19 8.47 23.44
N SER B 454 5.35 9.51 22.66
CA SER B 454 6.27 9.57 21.60
C SER B 454 7.71 9.42 22.04
N GLU B 455 8.05 10.12 23.21
CA GLU B 455 9.39 10.01 23.71
C GLU B 455 9.74 8.55 24.11
N ILE B 456 8.72 7.89 24.78
CA ILE B 456 8.81 6.52 25.23
C ILE B 456 8.89 5.58 24.01
N VAL B 457 8.14 5.77 22.84
CA VAL B 457 8.20 4.89 21.71
C VAL B 457 9.59 4.98 21.12
N ASN B 458 10.20 6.19 20.97
CA ASN B 458 11.49 6.26 20.45
C ASN B 458 12.58 5.59 21.37
N HIS B 459 12.57 5.89 22.67
CA HIS B 459 13.54 5.36 23.62
C HIS B 459 13.43 3.89 23.82
N THR B 460 12.21 3.34 23.76
CA THR B 460 12.01 1.91 23.86
C THR B 460 12.53 1.13 22.73
N ASN B 461 12.41 1.56 21.48
CA ASN B 461 13.00 0.87 20.37
C ASN B 461 14.54 0.82 20.46
N GLN B 462 15.17 1.98 20.78
CA GLN B 462 16.59 2.10 20.94
C GLN B 462 17.06 1.16 22.06
N ILE B 463 16.30 1.16 23.18
CA ILE B 463 16.69 0.33 24.32
C ILE B 463 16.63 -1.11 23.97
N LEU B 464 15.54 -1.56 23.32
CA LEU B 464 15.37 -3.00 23.02
C LEU B 464 16.32 -3.47 22.00
N ASN B 465 16.31 -2.79 20.79
CA ASN B 465 17.05 -3.32 19.69
C ASN B 465 18.53 -3.15 19.90
N GLN B 466 18.95 -1.95 20.14
CA GLN B 466 20.31 -1.52 20.01
C GLN B 466 21.14 -1.92 21.11
N LYS B 467 20.68 -1.70 22.30
CA LYS B 467 21.34 -2.00 23.57
C LYS B 467 21.32 -3.38 23.93
N PHE B 468 20.17 -4.11 23.78
CA PHE B 468 20.03 -5.47 24.36
C PHE B 468 19.68 -6.44 23.27
N HIS B 469 20.14 -6.09 22.03
CA HIS B 469 20.29 -6.95 20.88
C HIS B 469 19.09 -7.67 20.36
N TYR B 470 17.84 -7.05 20.34
CA TYR B 470 16.63 -7.70 19.97
C TYR B 470 16.52 -8.10 18.58
N ARG B 471 16.99 -7.16 17.72
CA ARG B 471 16.97 -7.44 16.31
C ARG B 471 17.77 -8.77 15.85
N ASP B 472 18.96 -8.99 16.52
CA ASP B 472 19.71 -10.20 16.56
C ASP B 472 19.04 -11.37 17.20
N VAL B 473 18.32 -11.28 18.38
CA VAL B 473 17.68 -12.40 19.03
C VAL B 473 16.57 -12.92 18.24
N VAL B 474 15.74 -12.14 17.51
CA VAL B 474 14.63 -12.73 16.74
C VAL B 474 15.28 -13.70 15.65
N PHE B 475 16.36 -13.28 15.04
CA PHE B 475 17.08 -14.06 14.05
C PHE B 475 17.58 -15.40 14.61
N ALA B 476 18.15 -15.29 15.77
CA ALA B 476 18.77 -16.43 16.52
C ALA B 476 17.76 -17.48 16.80
N LEU B 477 16.54 -17.00 17.18
CA LEU B 477 15.37 -17.84 17.40
C LEU B 477 14.97 -18.49 16.05
N LYS B 478 14.97 -17.66 14.93
CA LYS B 478 14.45 -18.06 13.68
C LYS B 478 15.28 -19.24 13.18
N ASN B 479 16.65 -19.15 13.29
CA ASN B 479 17.62 -20.10 12.86
C ASN B 479 17.63 -21.41 13.59
N ILE B 480 17.54 -21.43 14.94
CA ILE B 480 17.53 -22.58 15.78
C ILE B 480 16.21 -23.29 15.87
N LEU B 481 15.15 -22.53 16.29
CA LEU B 481 13.85 -23.06 16.67
C LEU B 481 13.08 -23.54 15.50
N LEU B 482 13.04 -22.80 14.36
CA LEU B 482 12.28 -23.23 13.19
C LEU B 482 13.24 -23.70 12.06
N MET B 483 14.56 -23.90 12.45
CA MET B 483 15.58 -24.56 11.65
C MET B 483 15.84 -23.74 10.36
N GLY B 484 16.18 -22.40 10.56
CA GLY B 484 16.45 -21.58 9.37
C GLY B 484 17.81 -21.83 8.83
N LYS B 485 18.74 -22.06 9.75
CA LYS B 485 20.08 -22.42 9.36
C LYS B 485 20.14 -23.93 9.74
N SER B 486 20.17 -24.77 8.64
CA SER B 486 20.28 -26.24 8.72
C SER B 486 21.64 -26.70 9.26
N ASP B 487 22.71 -25.87 8.94
CA ASP B 487 24.14 -26.03 9.15
C ASP B 487 24.48 -26.13 10.61
N PHE B 488 23.80 -25.22 11.40
CA PHE B 488 23.93 -25.27 12.81
C PHE B 488 23.41 -26.58 13.41
N MET B 489 22.20 -26.99 12.97
CA MET B 489 21.51 -28.23 13.47
C MET B 489 22.29 -29.47 13.06
N ASP B 490 22.88 -29.57 11.83
CA ASP B 490 23.58 -30.67 11.25
C ASP B 490 24.81 -30.97 12.03
N ALA B 491 25.48 -29.81 12.37
CA ALA B 491 26.72 -29.82 13.15
C ALA B 491 26.46 -30.28 14.49
N LEU B 492 25.37 -29.85 15.10
CA LEU B 492 25.03 -30.11 16.42
C LEU B 492 24.81 -31.56 16.63
N ILE B 493 24.07 -32.24 15.69
CA ILE B 493 23.70 -33.67 15.72
C ILE B 493 24.93 -34.59 15.64
N GLU B 494 25.82 -34.20 14.77
CA GLU B 494 27.11 -34.89 14.52
C GLU B 494 28.02 -34.93 15.71
N LYS B 495 28.15 -33.76 16.33
CA LYS B 495 28.93 -33.68 17.51
C LYS B 495 28.31 -34.44 18.71
N ALA B 496 26.94 -34.25 18.83
CA ALA B 496 26.10 -34.89 19.84
C ALA B 496 25.92 -36.40 19.74
N ASN B 497 25.99 -37.06 18.53
CA ASN B 497 25.52 -38.42 18.20
C ASN B 497 26.00 -39.46 19.22
N ASP B 498 27.27 -39.38 19.59
CA ASP B 498 27.95 -40.22 20.50
C ASP B 498 27.36 -40.09 21.87
N ILE B 499 27.03 -38.94 22.35
CA ILE B 499 26.54 -38.62 23.67
C ILE B 499 25.20 -39.12 23.82
N LEU B 500 24.46 -38.96 22.74
CA LEU B 500 23.08 -39.16 22.76
C LEU B 500 22.81 -40.69 22.72
N ALA B 501 23.79 -41.35 22.11
CA ALA B 501 23.80 -42.85 21.93
C ALA B 501 23.78 -43.63 23.24
N THR B 502 24.46 -43.12 24.24
CA THR B 502 24.47 -43.76 25.56
C THR B 502 23.23 -43.27 26.23
N PRO B 503 22.58 -44.06 27.17
CA PRO B 503 21.40 -43.72 27.95
C PRO B 503 21.69 -42.66 28.86
N SER B 504 20.68 -41.70 28.94
CA SER B 504 20.82 -40.45 29.63
C SER B 504 21.29 -40.66 31.02
N ASP B 505 22.16 -39.84 31.55
CA ASP B 505 22.61 -39.83 32.91
C ASP B 505 23.10 -38.51 33.15
N SER B 506 23.72 -38.25 34.35
CA SER B 506 24.15 -36.87 34.71
C SER B 506 25.21 -36.23 33.76
N LEU B 507 26.16 -37.05 33.24
CA LEU B 507 27.23 -36.64 32.50
C LEU B 507 26.86 -36.08 31.12
N PRO B 508 25.85 -36.64 30.40
CA PRO B 508 25.40 -36.12 29.10
C PRO B 508 25.02 -34.68 29.09
N ASN B 509 24.37 -34.16 30.14
CA ASN B 509 23.87 -32.77 30.23
C ASN B 509 24.99 -31.76 30.12
N TYR B 510 26.15 -31.99 30.75
CA TYR B 510 27.36 -31.29 30.60
C TYR B 510 28.11 -31.37 29.24
N LYS B 511 28.24 -32.59 28.72
CA LYS B 511 28.81 -32.90 27.41
C LYS B 511 28.07 -32.28 26.26
N LEU B 512 26.76 -32.30 26.25
CA LEU B 512 25.88 -31.77 25.27
C LEU B 512 25.94 -30.30 25.14
N THR B 513 26.12 -29.57 26.27
CA THR B 513 26.28 -28.07 26.40
C THR B 513 27.50 -27.58 25.77
N ARG B 514 28.58 -28.39 25.98
CA ARG B 514 29.89 -28.24 25.44
C ARG B 514 29.87 -28.41 23.95
N VAL B 515 29.12 -29.50 23.52
CA VAL B 515 28.85 -29.87 22.11
C VAL B 515 28.05 -28.88 21.38
N LEU B 516 27.07 -28.11 22.03
CA LEU B 516 26.33 -26.99 21.36
C LEU B 516 27.28 -25.86 20.96
N GLN B 517 28.19 -25.50 21.89
CA GLN B 517 29.20 -24.46 21.56
C GLN B 517 30.18 -24.88 20.49
N GLU B 518 30.69 -26.11 20.43
CA GLU B 518 31.61 -26.71 19.44
C GLU B 518 30.91 -26.77 18.05
N ALA B 519 29.62 -27.08 18.03
CA ALA B 519 28.73 -27.06 16.87
C ALA B 519 28.57 -25.70 16.21
N VAL B 520 28.46 -24.57 17.03
CA VAL B 520 28.34 -23.17 16.55
C VAL B 520 29.58 -22.83 15.79
N GLN B 521 30.74 -23.28 16.42
CA GLN B 521 32.09 -23.13 15.85
C GLN B 521 32.25 -23.85 14.52
N LEU B 522 31.79 -25.10 14.36
CA LEU B 522 31.93 -25.93 13.16
C LEU B 522 31.25 -25.37 11.96
N SER B 523 30.04 -24.70 12.17
CA SER B 523 29.19 -24.28 11.09
C SER B 523 29.63 -23.11 10.24
N SER B 524 30.76 -22.41 10.53
CA SER B 524 31.27 -21.28 9.84
C SER B 524 30.54 -20.04 10.22
N LEU B 525 30.06 -19.94 11.51
CA LEU B 525 29.55 -18.83 12.20
C LEU B 525 30.76 -18.35 13.11
N ARG B 526 30.84 -17.00 13.14
CA ARG B 526 31.91 -16.15 13.71
C ARG B 526 31.29 -15.70 14.99
N HIS B 527 32.14 -15.19 15.90
CA HIS B 527 31.72 -14.90 17.24
C HIS B 527 32.35 -13.52 17.42
N LEU B 528 32.02 -12.58 16.45
CA LEU B 528 32.81 -11.31 16.40
C LEU B 528 31.83 -10.35 15.87
N MET B 529 32.31 -9.08 15.92
CA MET B 529 31.73 -7.81 15.52
C MET B 529 30.54 -7.76 14.49
N ASN B 530 29.40 -7.14 14.92
CA ASN B 530 28.11 -7.13 14.21
C ASN B 530 27.34 -8.38 14.77
N SER B 531 26.28 -8.75 13.97
CA SER B 531 25.32 -9.83 14.23
C SER B 531 25.82 -11.18 14.68
N PRO B 532 27.10 -11.61 14.34
CA PRO B 532 27.55 -12.93 14.86
C PRO B 532 27.71 -13.01 16.35
N ARG B 533 28.28 -12.06 17.12
CA ARG B 533 28.43 -12.32 18.54
C ARG B 533 27.21 -11.81 19.32
N ASN B 534 26.15 -11.24 18.68
CA ASN B 534 25.05 -10.71 19.44
C ASN B 534 23.88 -11.67 19.50
N SER B 535 23.99 -12.78 18.69
CA SER B 535 23.04 -13.82 18.51
C SER B 535 22.93 -14.51 19.87
N SER B 536 21.85 -15.28 20.07
CA SER B 536 21.60 -16.09 21.25
C SER B 536 22.12 -17.46 20.88
N VAL B 537 22.62 -17.75 19.63
CA VAL B 537 23.31 -18.96 19.20
C VAL B 537 24.70 -19.04 19.90
N ILE B 538 25.44 -17.89 19.95
CA ILE B 538 26.75 -17.86 20.57
C ILE B 538 26.74 -17.93 22.05
N ASN B 539 25.99 -17.10 22.81
CA ASN B 539 25.96 -17.06 24.29
C ASN B 539 24.49 -17.31 24.66
N GLY B 540 24.29 -17.97 25.85
CA GLY B 540 22.90 -18.12 26.27
C GLY B 540 22.23 -19.41 26.07
N LEU B 541 23.04 -20.38 25.49
CA LEU B 541 22.53 -21.72 25.25
C LEU B 541 23.03 -22.58 26.39
N ASP B 542 22.05 -23.37 26.86
CA ASP B 542 22.41 -24.46 27.72
C ASP B 542 21.55 -25.59 27.15
N ALA B 543 22.09 -26.88 27.20
CA ALA B 543 21.29 -27.93 26.72
C ALA B 543 20.67 -28.53 27.90
N ARG B 544 19.40 -28.95 27.75
CA ARG B 544 18.67 -29.54 28.85
C ARG B 544 18.40 -30.95 28.41
N VAL B 545 18.28 -31.89 29.38
CA VAL B 545 17.74 -33.20 29.11
C VAL B 545 16.60 -33.24 30.09
N LEU B 546 15.43 -33.68 29.57
CA LEU B 546 14.17 -33.79 30.26
C LEU B 546 13.37 -34.93 29.51
N ASP B 547 12.61 -35.65 30.43
CA ASP B 547 11.79 -36.79 30.09
C ASP B 547 10.41 -36.26 29.68
N LEU B 548 10.23 -34.98 30.03
CA LEU B 548 9.21 -34.01 29.72
C LEU B 548 9.44 -33.55 28.31
N GLY B 549 10.61 -33.72 27.75
CA GLY B 549 10.95 -33.24 26.40
C GLY B 549 10.43 -34.23 25.36
N HIS B 550 9.72 -35.37 25.77
CA HIS B 550 8.96 -36.27 24.90
C HIS B 550 9.79 -37.35 24.39
N GLY B 551 10.82 -37.66 25.27
CA GLY B 551 11.80 -38.73 24.97
C GLY B 551 11.77 -39.69 26.11
N SER B 552 12.08 -40.99 25.85
CA SER B 552 12.19 -41.95 26.88
C SER B 552 13.20 -42.96 26.38
N VAL B 553 14.15 -42.37 25.64
CA VAL B 553 15.30 -43.08 25.03
C VAL B 553 16.39 -42.00 25.18
N GLY B 554 17.70 -42.25 24.81
CA GLY B 554 18.74 -41.17 24.91
C GLY B 554 18.76 -40.18 23.81
N TRP B 555 18.08 -40.41 22.68
CA TRP B 555 18.04 -39.52 21.54
C TRP B 555 17.02 -38.39 21.64
N ASP B 556 15.76 -38.64 22.05
CA ASP B 556 14.63 -37.73 21.97
C ASP B 556 14.39 -36.99 23.21
N VAL B 557 15.31 -37.09 24.18
CA VAL B 557 15.16 -36.42 25.42
C VAL B 557 15.85 -35.15 25.34
N PHE B 558 16.55 -34.97 24.17
CA PHE B 558 17.27 -33.72 24.03
C PHE B 558 16.31 -32.54 23.98
N THR B 559 16.73 -31.45 24.67
CA THR B 559 15.89 -30.25 24.84
C THR B 559 16.77 -29.06 24.91
N LEU B 560 16.17 -27.85 24.89
CA LEU B 560 16.88 -26.59 24.83
C LEU B 560 16.48 -25.74 25.95
N ASP B 561 17.43 -25.02 26.62
CA ASP B 561 17.11 -24.09 27.71
C ASP B 561 17.75 -22.71 27.48
N TYR B 562 16.89 -21.64 27.66
CA TYR B 562 17.19 -20.28 27.27
C TYR B 562 17.20 -19.44 28.48
N ILE B 563 18.30 -18.67 28.64
CA ILE B 563 18.55 -17.68 29.68
C ILE B 563 17.81 -16.34 29.30
N LEU B 564 17.55 -15.43 30.23
CA LEU B 564 16.78 -14.18 30.05
C LEU B 564 17.38 -13.20 29.01
N TYR B 565 16.44 -12.66 28.17
CA TYR B 565 16.73 -11.68 27.18
C TYR B 565 15.52 -11.35 26.32
N PRO B 566 15.46 -10.30 25.57
CA PRO B 566 14.31 -10.04 24.69
C PRO B 566 14.13 -11.03 23.59
N PRO B 567 13.02 -11.62 23.20
CA PRO B 567 11.69 -11.19 23.65
C PRO B 567 11.33 -11.92 24.98
N LEU B 568 12.03 -12.96 25.31
CA LEU B 568 11.73 -13.89 26.38
C LEU B 568 11.72 -13.27 27.79
N SER B 569 12.50 -12.20 28.07
CA SER B 569 12.61 -11.68 29.43
C SER B 569 11.29 -11.28 29.95
N LEU B 570 10.42 -10.88 29.00
CA LEU B 570 9.14 -10.25 29.29
C LEU B 570 8.27 -11.27 30.09
N VAL B 571 8.29 -12.54 29.69
CA VAL B 571 7.37 -13.53 30.29
C VAL B 571 7.99 -14.23 31.42
N LEU B 572 9.10 -13.56 31.91
CA LEU B 572 9.88 -13.99 33.05
C LEU B 572 9.82 -12.86 34.14
N ASN B 573 9.10 -11.75 33.74
CA ASN B 573 8.96 -10.55 34.43
C ASN B 573 7.48 -10.61 34.97
N VAL B 574 6.56 -9.80 34.43
CA VAL B 574 5.17 -9.65 34.88
C VAL B 574 4.23 -10.57 34.15
N ASN B 575 4.66 -11.33 33.19
CA ASN B 575 3.64 -12.05 32.42
C ASN B 575 3.99 -13.57 32.58
N ARG B 576 2.96 -14.42 32.64
CA ARG B 576 3.12 -15.87 32.95
C ARG B 576 3.97 -16.55 31.95
N PRO B 577 4.66 -17.67 32.23
CA PRO B 577 5.69 -18.06 31.29
C PRO B 577 5.12 -19.07 30.37
N PHE B 578 4.15 -18.64 29.49
CA PHE B 578 3.57 -19.34 28.40
C PHE B 578 4.60 -19.48 27.32
N GLY B 579 5.27 -18.35 27.03
CA GLY B 579 6.11 -18.30 25.78
C GLY B 579 7.24 -19.26 25.72
N ARG B 580 7.97 -19.47 26.85
CA ARG B 580 9.07 -20.44 26.94
C ARG B 580 8.63 -21.90 26.75
N LYS B 581 7.46 -22.28 27.32
CA LYS B 581 6.88 -23.59 26.98
C LYS B 581 6.55 -23.83 25.51
N GLU B 582 5.96 -22.88 24.74
CA GLU B 582 5.61 -23.09 23.33
C GLU B 582 6.87 -23.34 22.51
N TYR B 583 7.90 -22.50 22.72
CA TYR B 583 9.15 -22.59 21.94
C TYR B 583 9.84 -23.92 22.07
N LEU B 584 9.83 -24.41 23.36
CA LEU B 584 10.39 -25.65 23.72
C LEU B 584 9.75 -26.87 23.05
N ARG B 585 8.42 -26.89 22.83
CA ARG B 585 7.67 -27.88 22.08
C ARG B 585 7.94 -27.96 20.66
N ILE B 586 8.01 -26.76 20.01
CA ILE B 586 8.20 -26.79 18.51
C ILE B 586 9.50 -27.40 18.02
N PHE B 587 10.56 -27.06 18.77
CA PHE B 587 11.95 -27.49 18.66
C PHE B 587 11.87 -28.96 18.73
N ASN B 588 11.10 -29.58 19.68
CA ASN B 588 11.09 -31.08 19.77
C ASN B 588 10.59 -31.89 18.60
N PHE B 589 9.50 -31.38 18.03
CA PHE B 589 8.87 -31.94 16.86
C PHE B 589 9.70 -31.86 15.54
N LEU B 590 10.22 -30.61 15.27
CA LEU B 590 11.15 -30.22 14.27
C LEU B 590 12.40 -31.00 14.40
N TRP B 591 12.99 -31.14 15.65
CA TRP B 591 14.29 -31.79 15.99
C TRP B 591 14.38 -33.24 15.67
N ARG B 592 13.31 -33.99 15.93
CA ARG B 592 13.20 -35.35 15.46
C ARG B 592 13.19 -35.56 14.02
N PHE B 593 12.38 -34.72 13.29
CA PHE B 593 12.39 -34.81 11.85
C PHE B 593 13.70 -34.40 11.12
N LYS B 594 14.41 -33.31 11.60
CA LYS B 594 15.64 -32.77 11.16
C LYS B 594 16.72 -33.79 11.30
N LYS B 595 16.68 -34.57 12.44
CA LYS B 595 17.65 -35.54 12.73
C LYS B 595 17.65 -36.65 11.76
N ASN B 596 16.44 -37.19 11.42
CA ASN B 596 16.38 -38.28 10.45
C ASN B 596 16.91 -37.88 9.11
N ASN B 597 16.53 -36.62 8.72
CA ASN B 597 17.04 -36.03 7.50
C ASN B 597 18.58 -35.83 7.40
N TYR B 598 19.28 -35.45 8.53
CA TYR B 598 20.69 -35.31 8.52
C TYR B 598 21.33 -36.63 8.29
N PHE B 599 20.76 -37.63 8.98
CA PHE B 599 21.24 -38.99 9.01
C PHE B 599 21.15 -39.57 7.70
N TYR B 600 20.08 -39.22 6.94
CA TYR B 600 19.77 -39.66 5.66
C TYR B 600 20.92 -39.25 4.73
N GLN B 601 21.35 -37.94 4.82
CA GLN B 601 22.41 -37.31 4.10
C GLN B 601 23.71 -37.93 4.44
N LYS B 602 23.99 -38.30 5.73
CA LYS B 602 25.30 -38.85 6.09
C LYS B 602 25.62 -40.17 5.43
N GLU B 603 24.58 -41.03 5.30
CA GLU B 603 24.57 -42.33 4.59
C GLU B 603 24.91 -42.21 3.05
N MET B 604 24.23 -41.19 2.43
CA MET B 604 24.32 -40.82 1.05
C MET B 604 25.74 -40.33 0.76
N LEU B 605 26.29 -39.49 1.70
CA LEU B 605 27.63 -38.92 1.62
C LEU B 605 28.65 -40.04 1.67
N LYS B 606 28.35 -41.09 2.52
CA LYS B 606 29.21 -42.18 2.58
C LYS B 606 29.38 -42.91 1.26
N SER B 607 28.33 -43.06 0.51
CA SER B 607 28.15 -43.85 -0.68
C SER B 607 28.93 -43.41 -1.88
N ASN B 608 29.20 -42.15 -2.16
CA ASN B 608 29.95 -41.69 -3.31
C ASN B 608 31.37 -42.10 -3.15
N ASP B 609 31.95 -42.29 -1.92
CA ASP B 609 33.30 -42.78 -1.81
C ASP B 609 33.42 -44.24 -2.20
N ILE B 610 34.57 -44.55 -2.95
CA ILE B 610 34.68 -45.88 -3.52
C ILE B 610 34.92 -46.91 -2.52
N ILE B 611 35.50 -46.52 -1.37
CA ILE B 611 35.85 -47.40 -0.32
C ILE B 611 34.62 -47.67 0.52
N ARG B 612 33.59 -46.88 0.33
CA ARG B 612 32.35 -47.02 1.04
C ARG B 612 31.32 -47.25 -0.02
N ILE B 628 31.93 -53.05 -11.31
CA ILE B 628 32.19 -51.87 -12.10
C ILE B 628 30.98 -50.98 -12.22
N ASN B 629 30.08 -51.34 -13.16
CA ASN B 629 28.90 -50.63 -13.47
C ASN B 629 27.98 -50.64 -12.33
N LYS B 630 27.85 -51.69 -11.52
CA LYS B 630 26.95 -51.86 -10.44
C LYS B 630 27.10 -50.79 -9.37
N LEU B 631 28.35 -50.39 -9.08
CA LEU B 631 28.77 -49.35 -8.14
C LEU B 631 28.21 -48.01 -8.56
N SER B 632 28.31 -47.74 -9.90
CA SER B 632 27.80 -46.58 -10.51
C SER B 632 26.29 -46.48 -10.50
N ARG B 633 25.56 -47.60 -10.74
CA ARG B 633 24.15 -47.72 -10.81
C ARG B 633 23.52 -47.38 -9.47
N ILE B 634 24.06 -47.94 -8.35
CA ILE B 634 23.61 -47.57 -7.04
C ILE B 634 23.81 -46.11 -6.75
N SER B 635 24.96 -45.59 -7.27
CA SER B 635 25.39 -44.23 -7.14
C SER B 635 24.29 -43.30 -7.75
N ILE B 636 23.72 -43.63 -8.95
CA ILE B 636 22.74 -42.83 -9.53
C ILE B 636 21.44 -42.77 -8.70
N LEU B 637 20.99 -43.96 -8.26
CA LEU B 637 19.78 -44.12 -7.54
C LEU B 637 19.68 -43.34 -6.31
N ARG B 638 20.75 -43.33 -5.48
CA ARG B 638 20.89 -42.56 -4.22
C ARG B 638 20.84 -41.04 -4.44
N THR B 639 21.54 -40.54 -5.49
CA THR B 639 21.65 -39.14 -5.78
C THR B 639 20.34 -38.51 -6.18
N GLN B 640 19.55 -39.32 -7.01
CA GLN B 640 18.27 -38.87 -7.69
C GLN B 640 17.35 -38.61 -6.50
N PHE B 641 17.32 -39.57 -5.47
CA PHE B 641 16.52 -39.45 -4.27
C PHE B 641 16.97 -38.34 -3.38
N GLN B 642 18.30 -38.06 -3.28
CA GLN B 642 18.83 -37.00 -2.43
C GLN B 642 18.36 -35.71 -2.97
N GLN B 643 18.34 -35.57 -4.32
CA GLN B 643 17.87 -34.40 -5.05
C GLN B 643 16.41 -34.16 -4.88
N PHE B 644 15.51 -35.14 -4.91
CA PHE B 644 14.15 -34.86 -4.62
C PHE B 644 13.90 -34.38 -3.20
N ASN B 645 14.52 -35.07 -2.28
CA ASN B 645 14.37 -34.88 -0.84
C ASN B 645 14.85 -33.53 -0.46
N SER B 646 15.95 -33.15 -0.98
CA SER B 646 16.58 -31.88 -0.73
C SER B 646 15.72 -30.66 -1.15
N LYS B 647 14.99 -30.85 -2.27
CA LYS B 647 14.04 -29.95 -2.94
C LYS B 647 12.81 -29.64 -2.13
N MET B 648 12.20 -30.68 -1.45
CA MET B 648 11.15 -30.49 -0.51
C MET B 648 11.57 -29.64 0.68
N GLU B 649 12.77 -29.91 1.25
CA GLU B 649 13.19 -29.13 2.45
C GLU B 649 13.39 -27.66 2.07
N SER B 650 13.94 -27.47 0.87
CA SER B 650 14.28 -26.21 0.28
C SER B 650 12.97 -25.38 0.18
N TYR B 651 11.87 -25.93 -0.43
CA TYR B 651 10.67 -25.21 -0.66
C TYR B 651 9.98 -24.83 0.59
N TYR B 652 9.91 -25.84 1.51
CA TYR B 652 9.28 -25.61 2.83
C TYR B 652 9.89 -24.51 3.56
N LEU B 653 11.21 -24.57 3.58
CA LEU B 653 12.00 -23.59 4.35
C LEU B 653 11.90 -22.19 3.87
N ASN B 654 12.09 -22.02 2.51
CA ASN B 654 12.21 -20.73 1.78
C ASN B 654 10.84 -20.09 1.74
N CYS B 655 9.82 -20.84 1.22
CA CYS B 655 8.52 -20.26 0.88
C CYS B 655 7.71 -19.93 2.07
N ILE B 656 7.64 -20.76 3.12
CA ILE B 656 6.85 -20.38 4.33
C ILE B 656 7.70 -19.58 5.33
N ILE B 657 8.81 -20.14 5.85
CA ILE B 657 9.54 -19.63 6.99
C ILE B 657 10.31 -18.36 6.72
N GLU B 658 11.15 -18.42 5.65
CA GLU B 658 11.99 -17.32 5.19
C GLU B 658 11.26 -16.10 4.67
N GLU B 659 10.18 -16.35 3.91
CA GLU B 659 9.44 -15.29 3.36
C GLU B 659 8.70 -14.42 4.45
N ASN B 660 8.16 -15.22 5.44
CA ASN B 660 7.48 -14.60 6.60
C ASN B 660 8.58 -13.80 7.40
N PHE B 661 9.83 -14.42 7.49
CA PHE B 661 10.92 -13.87 8.22
C PHE B 661 11.32 -12.54 7.55
N LYS B 662 11.25 -12.42 6.14
CA LYS B 662 11.56 -11.19 5.52
C LYS B 662 10.62 -10.07 5.92
N GLU B 663 9.26 -10.38 6.00
CA GLU B 663 8.26 -9.38 6.43
C GLU B 663 8.54 -8.98 7.74
N MET B 664 8.88 -9.90 8.63
CA MET B 664 9.21 -9.64 9.98
C MET B 664 10.40 -8.72 10.19
N THR B 665 11.53 -8.95 9.42
CA THR B 665 12.74 -8.20 9.63
C THR B 665 12.50 -6.73 9.24
N ARG B 666 11.73 -6.53 8.14
CA ARG B 666 11.25 -5.18 7.77
C ARG B 666 10.34 -4.55 8.87
N LYS B 667 9.34 -5.27 9.47
CA LYS B 667 8.50 -4.77 10.52
C LYS B 667 9.18 -4.36 11.79
N LEU B 668 10.21 -5.12 12.32
CA LEU B 668 10.83 -4.86 13.62
C LEU B 668 11.54 -3.53 13.72
N GLN B 669 12.31 -3.22 12.61
CA GLN B 669 13.06 -2.07 12.27
C GLN B 669 12.20 -0.82 11.97
N ARG B 670 11.08 -1.09 11.26
CA ARG B 670 10.14 -0.13 10.94
C ARG B 670 9.46 0.56 12.10
N THR B 671 8.97 -0.27 13.10
CA THR B 671 8.36 0.19 14.38
C THR B 671 9.39 0.66 15.49
N LEU B 719 10.20 -1.69 20.13
CA LEU B 719 8.76 -1.10 20.18
C LEU B 719 8.28 -1.43 21.59
N ASN B 720 7.61 -2.56 21.78
CA ASN B 720 6.91 -2.82 23.02
C ASN B 720 6.50 -4.20 23.13
N ILE B 721 5.59 -4.50 24.09
CA ILE B 721 5.05 -5.78 24.46
C ILE B 721 4.31 -6.37 23.30
N ASP B 722 3.58 -5.56 22.49
CA ASP B 722 2.85 -6.11 21.35
C ASP B 722 3.72 -6.79 20.33
N GLU B 723 4.90 -6.24 20.11
CA GLU B 723 5.85 -6.71 19.08
C GLU B 723 6.35 -8.13 19.32
N LEU B 724 6.56 -8.47 20.61
CA LEU B 724 7.00 -9.73 21.13
C LEU B 724 6.04 -10.76 20.84
N GLU B 725 4.78 -10.54 21.12
CA GLU B 725 3.66 -11.42 21.00
C GLU B 725 3.43 -11.77 19.57
N SER B 726 3.60 -10.73 18.65
CA SER B 726 3.50 -10.79 17.23
C SER B 726 4.52 -11.68 16.62
N VAL B 727 5.81 -11.55 17.01
CA VAL B 727 6.95 -12.42 16.67
C VAL B 727 6.70 -13.81 17.25
N HIS B 728 6.16 -14.07 18.50
CA HIS B 728 5.89 -15.42 18.91
C HIS B 728 4.82 -16.10 18.03
N ASN B 729 3.79 -15.29 17.67
CA ASN B 729 2.57 -15.78 16.87
C ASN B 729 2.97 -16.23 15.57
N THR B 730 3.89 -15.52 14.88
CA THR B 730 4.29 -15.78 13.51
C THR B 730 4.98 -17.10 13.45
N PHE B 731 5.85 -17.35 14.46
CA PHE B 731 6.58 -18.63 14.64
C PHE B 731 5.66 -19.84 14.81
N LEU B 732 4.62 -19.74 15.70
CA LEU B 732 3.67 -20.83 16.13
C LEU B 732 2.79 -21.24 14.97
N THR B 733 2.39 -20.14 14.17
CA THR B 733 1.59 -20.39 12.97
C THR B 733 2.29 -21.24 11.89
N ASN B 734 3.57 -20.89 11.66
CA ASN B 734 4.27 -21.54 10.60
C ASN B 734 4.54 -23.05 10.72
N ILE B 735 4.90 -23.50 11.95
CA ILE B 735 5.11 -24.89 12.26
C ILE B 735 3.87 -25.74 12.06
N LEU B 736 2.73 -25.13 12.45
CA LEU B 736 1.37 -25.76 12.40
C LEU B 736 0.99 -26.00 10.99
N SER B 737 1.24 -25.03 10.12
CA SER B 737 1.07 -25.24 8.65
C SER B 737 1.93 -26.32 8.07
N HIS B 738 3.26 -26.39 8.41
CA HIS B 738 4.26 -27.36 8.00
C HIS B 738 3.97 -28.72 8.49
N LYS B 739 3.46 -28.78 9.70
CA LYS B 739 3.07 -30.05 10.31
C LYS B 739 2.02 -30.74 9.55
N LEU B 740 1.07 -29.92 9.12
CA LEU B 740 -0.10 -30.42 8.41
C LEU B 740 0.29 -30.97 7.02
N PHE B 741 1.13 -30.28 6.18
CA PHE B 741 1.42 -30.83 4.88
C PHE B 741 2.35 -32.02 4.97
N ALA B 742 3.59 -31.85 5.56
CA ALA B 742 4.60 -32.97 5.68
C ALA B 742 4.55 -34.02 6.78
N THR B 743 4.53 -33.49 8.04
CA THR B 743 5.13 -34.30 9.12
C THR B 743 4.14 -34.53 10.25
N GLN B 756 2.05 -36.33 7.74
CA GLN B 756 2.62 -37.59 8.27
C GLN B 756 3.22 -38.61 7.29
N PRO B 757 2.90 -38.74 6.01
CA PRO B 757 3.59 -39.63 5.06
C PRO B 757 5.08 -39.28 4.81
N TYR B 758 5.53 -37.99 4.73
CA TYR B 758 6.87 -37.75 4.37
C TYR B 758 7.88 -38.30 5.40
N PRO B 759 7.88 -38.10 6.77
CA PRO B 759 8.91 -38.61 7.62
C PRO B 759 8.98 -40.08 7.60
N THR B 760 7.83 -40.74 7.35
CA THR B 760 7.69 -42.20 7.35
C THR B 760 8.53 -42.77 6.22
N SER B 761 8.37 -42.11 5.06
CA SER B 761 9.04 -42.51 3.85
C SER B 761 10.49 -42.30 3.99
N LEU B 762 11.01 -41.13 4.54
CA LEU B 762 12.40 -40.82 4.71
C LEU B 762 13.22 -41.79 5.59
N VAL B 763 12.59 -42.21 6.67
CA VAL B 763 13.22 -43.13 7.59
C VAL B 763 13.49 -44.44 6.90
N LEU B 764 12.54 -44.92 6.04
CA LEU B 764 12.65 -46.11 5.24
C LEU B 764 13.71 -46.05 4.16
N LEU B 765 13.92 -44.89 3.52
CA LEU B 765 15.02 -44.57 2.54
C LEU B 765 16.41 -44.78 3.12
N LEU B 766 16.63 -44.34 4.40
CA LEU B 766 17.82 -44.45 5.11
C LEU B 766 18.18 -45.88 5.31
N ASN B 767 17.19 -46.80 5.63
CA ASN B 767 17.43 -48.25 5.83
C ASN B 767 17.95 -48.88 4.58
N SER B 768 17.40 -48.56 3.36
CA SER B 768 17.88 -49.06 2.12
C SER B 768 19.30 -48.72 1.81
N VAL B 769 19.63 -47.41 2.09
CA VAL B 769 20.98 -46.84 1.85
C VAL B 769 22.00 -47.60 2.62
N TYR B 770 21.69 -47.93 3.90
CA TYR B 770 22.58 -48.51 4.87
C TYR B 770 23.02 -49.90 4.36
N GLU B 771 22.01 -50.62 3.71
CA GLU B 771 22.20 -51.88 3.05
C GLU B 771 23.17 -51.73 1.94
N PHE B 772 22.97 -50.69 1.10
CA PHE B 772 23.92 -50.48 0.00
C PHE B 772 25.32 -50.24 0.41
N VAL B 773 25.49 -49.34 1.37
CA VAL B 773 26.80 -48.95 1.88
C VAL B 773 27.57 -50.12 2.45
N LYS B 774 26.84 -51.04 3.21
CA LYS B 774 27.52 -52.16 3.78
C LYS B 774 28.11 -53.19 2.73
N VAL B 775 27.34 -53.54 1.71
CA VAL B 775 27.79 -54.43 0.59
C VAL B 775 28.92 -53.88 -0.21
N TYR B 776 28.79 -52.65 -0.54
CA TYR B 776 29.64 -51.92 -1.43
C TYR B 776 31.00 -51.78 -0.86
N CYS B 777 31.10 -51.46 0.50
CA CYS B 777 32.41 -51.47 1.11
C CYS B 777 33.06 -52.83 1.09
N ASN B 778 32.19 -53.84 1.27
CA ASN B 778 32.73 -55.28 1.30
C ASN B 778 33.38 -55.60 -0.05
N LEU B 779 32.81 -55.11 -1.19
CA LEU B 779 33.35 -55.31 -2.51
C LEU B 779 34.69 -54.57 -2.76
N ASN B 780 34.78 -53.27 -2.38
CA ASN B 780 35.95 -52.52 -2.43
C ASN B 780 35.88 -51.52 -1.32
N SER B 798 33.46 -60.11 -2.81
CA SER B 798 33.75 -61.02 -3.94
C SER B 798 32.44 -61.34 -4.76
N ASN B 799 32.21 -62.55 -5.37
CA ASN B 799 31.13 -62.95 -6.25
C ASN B 799 29.82 -62.93 -5.58
N GLY B 800 29.70 -63.45 -4.32
CA GLY B 800 28.53 -63.64 -3.52
C GLY B 800 27.87 -62.42 -3.20
N LEU B 801 28.73 -61.39 -2.86
CA LEU B 801 28.41 -60.09 -2.44
C LEU B 801 27.68 -59.41 -3.58
N LEU B 802 28.22 -59.61 -4.82
CA LEU B 802 27.69 -59.08 -6.09
C LEU B 802 26.30 -59.67 -6.42
N GLY B 803 26.11 -61.02 -6.20
CA GLY B 803 24.92 -61.73 -6.53
C GLY B 803 23.75 -61.12 -5.70
N LYS B 804 24.03 -60.85 -4.40
CA LYS B 804 23.12 -60.29 -3.46
C LYS B 804 22.76 -58.90 -3.86
N PHE B 805 23.83 -58.15 -4.31
CA PHE B 805 23.73 -56.71 -4.48
C PHE B 805 22.69 -56.60 -5.60
N ASN B 806 22.76 -57.48 -6.66
CA ASN B 806 21.85 -57.26 -7.82
C ASN B 806 20.41 -57.43 -7.44
N THR B 807 20.12 -58.40 -6.60
CA THR B 807 18.79 -58.73 -6.05
C THR B 807 18.21 -57.63 -5.21
N ASN B 808 19.05 -57.06 -4.34
CA ASN B 808 18.72 -56.06 -3.41
C ASN B 808 18.32 -54.85 -4.21
N LEU B 809 19.02 -54.52 -5.34
CA LEU B 809 18.88 -53.40 -6.14
C LEU B 809 17.46 -53.49 -6.73
N LYS B 810 16.95 -54.69 -7.25
CA LYS B 810 15.64 -54.73 -7.86
C LYS B 810 14.50 -54.44 -6.88
N GLU B 811 14.61 -55.03 -5.65
CA GLU B 811 13.61 -54.79 -4.61
C GLU B 811 13.52 -53.36 -4.08
N ILE B 812 14.68 -52.63 -3.82
CA ILE B 812 14.78 -51.26 -3.41
C ILE B 812 14.28 -50.36 -4.50
N VAL B 813 14.57 -50.65 -5.82
CA VAL B 813 13.96 -49.87 -6.91
C VAL B 813 12.44 -50.04 -6.90
N SER B 814 11.86 -51.19 -6.65
CA SER B 814 10.39 -51.26 -6.66
C SER B 814 9.79 -50.39 -5.55
N GLN B 815 10.32 -50.34 -4.28
CA GLN B 815 9.88 -49.60 -3.21
C GLN B 815 10.04 -48.04 -3.51
N TYR B 816 11.15 -47.64 -4.17
CA TYR B 816 11.61 -46.27 -4.58
C TYR B 816 10.69 -45.69 -5.53
N LYS B 817 10.19 -46.51 -6.47
CA LYS B 817 9.20 -46.14 -7.49
C LYS B 817 7.89 -45.79 -6.84
N ASN B 818 7.51 -46.54 -5.84
CA ASN B 818 6.28 -46.33 -5.05
C ASN B 818 6.33 -45.04 -4.30
N PHE B 819 7.45 -44.73 -3.65
CA PHE B 819 7.71 -43.51 -2.96
C PHE B 819 7.74 -42.34 -3.96
N LYS B 820 8.28 -42.48 -5.13
CA LYS B 820 8.50 -41.48 -6.17
C LYS B 820 7.21 -40.96 -6.60
N ASP B 821 6.15 -41.81 -6.78
CA ASP B 821 4.75 -41.38 -7.09
C ASP B 821 4.17 -40.50 -6.02
N ARG B 822 4.50 -40.95 -4.79
CA ARG B 822 4.08 -40.32 -3.56
C ARG B 822 4.64 -38.91 -3.49
N LEU B 823 5.93 -38.73 -3.96
CA LEU B 823 6.70 -37.51 -3.87
C LEU B 823 5.98 -36.51 -4.79
N TYR B 824 5.41 -36.95 -5.97
CA TYR B 824 4.67 -36.14 -6.90
C TYR B 824 3.39 -35.56 -6.24
N ILE B 825 2.71 -36.35 -5.41
CA ILE B 825 1.51 -35.81 -4.62
C ILE B 825 1.95 -34.67 -3.68
N PHE B 826 3.13 -34.74 -3.00
CA PHE B 826 3.74 -33.68 -2.20
C PHE B 826 4.07 -32.47 -3.00
N ARG B 827 4.59 -32.76 -4.28
CA ARG B 827 5.02 -31.78 -5.19
C ARG B 827 3.97 -30.86 -5.65
N ALA B 828 2.73 -31.38 -5.82
CA ALA B 828 1.60 -30.69 -6.27
C ALA B 828 1.21 -29.58 -5.35
N ASP B 829 1.27 -29.76 -4.02
CA ASP B 829 1.12 -28.84 -2.97
C ASP B 829 2.22 -27.80 -3.08
N LEU B 830 3.52 -28.29 -3.43
CA LEU B 830 4.63 -27.28 -3.40
C LEU B 830 4.37 -26.24 -4.50
N LYS B 831 3.87 -26.64 -5.64
CA LYS B 831 3.37 -25.79 -6.74
C LYS B 831 2.23 -24.92 -6.50
N ASN B 832 1.08 -25.35 -5.91
CA ASN B 832 0.02 -24.51 -5.54
C ASN B 832 -0.49 -25.08 -4.23
N ASP B 833 -0.71 -24.13 -3.29
CA ASP B 833 -0.82 -24.56 -1.92
C ASP B 833 -2.26 -24.68 -1.49
N GLY B 834 -2.60 -25.72 -0.72
CA GLY B 834 -3.99 -25.82 -0.22
C GLY B 834 -4.74 -26.92 -0.91
N ASP B 835 -3.99 -27.81 -1.61
CA ASP B 835 -4.53 -28.96 -2.29
C ASP B 835 -5.28 -29.90 -1.38
N GLU B 836 -6.56 -30.21 -1.70
CA GLU B 836 -7.47 -31.06 -0.92
C GLU B 836 -7.01 -32.49 -0.83
N GLU B 837 -6.51 -32.99 -1.99
CA GLU B 837 -6.01 -34.35 -2.19
C GLU B 837 -4.83 -34.65 -1.29
N LEU B 838 -3.90 -33.66 -1.06
CA LEU B 838 -2.74 -33.88 -0.21
C LEU B 838 -3.18 -34.09 1.21
N PHE B 839 -4.17 -33.31 1.57
CA PHE B 839 -4.72 -33.35 2.87
C PHE B 839 -5.20 -34.69 3.27
N LEU B 840 -5.99 -35.37 2.33
CA LEU B 840 -6.51 -36.67 2.51
C LEU B 840 -5.46 -37.68 2.65
N LEU B 841 -4.36 -37.55 1.79
CA LEU B 841 -3.38 -38.57 1.89
C LEU B 841 -2.72 -38.49 3.25
N SER B 842 -2.43 -37.26 3.85
CA SER B 842 -1.85 -36.99 5.14
C SER B 842 -2.73 -37.57 6.28
N LYS B 843 -4.06 -37.51 6.20
CA LYS B 843 -4.98 -38.07 7.16
C LYS B 843 -5.46 -39.49 6.99
N SER B 844 -4.91 -40.16 6.03
CA SER B 844 -5.18 -41.57 5.84
C SER B 844 -3.95 -42.28 6.31
N LEU B 845 -3.20 -41.67 7.27
CA LEU B 845 -2.18 -42.28 8.03
C LEU B 845 -2.39 -42.06 9.55
N ARG B 846 -3.11 -40.99 10.01
CA ARG B 846 -3.22 -40.69 11.39
C ARG B 846 -4.73 -40.59 11.76
N MET C 1 5.23 11.09 -20.64
CA MET C 1 4.58 9.74 -20.77
C MET C 1 5.54 8.70 -21.22
N GLY C 2 4.98 7.46 -21.11
CA GLY C 2 5.56 6.22 -21.65
C GLY C 2 5.39 6.02 -23.13
N GLY C 3 6.36 6.70 -23.87
CA GLY C 3 6.42 6.49 -25.30
C GLY C 3 7.59 7.26 -25.71
N GLU C 4 8.83 6.76 -25.54
CA GLU C 4 10.07 7.48 -25.75
C GLU C 4 10.36 7.55 -27.18
N ILE C 5 11.07 8.63 -27.59
CA ILE C 5 11.57 8.88 -28.91
C ILE C 5 13.02 9.08 -28.77
N ILE C 6 13.74 8.45 -29.71
CA ILE C 6 15.11 8.56 -29.85
C ILE C 6 15.24 9.27 -31.15
N THR C 7 16.07 10.30 -31.17
CA THR C 7 16.18 11.14 -32.37
C THR C 7 17.55 10.91 -32.90
N LEU C 8 17.69 10.62 -34.22
CA LEU C 8 18.92 10.53 -34.92
C LEU C 8 18.94 11.69 -35.92
N GLN C 9 20.05 12.43 -35.83
CA GLN C 9 20.18 13.54 -36.62
C GLN C 9 21.35 13.32 -37.51
N ALA C 10 21.10 13.50 -38.77
CA ALA C 10 22.11 13.31 -39.79
C ALA C 10 22.11 14.44 -40.69
N GLY C 11 23.25 14.95 -41.21
CA GLY C 11 23.40 15.98 -42.22
C GLY C 11 23.38 17.32 -41.61
N GLN C 12 23.80 18.37 -42.36
CA GLN C 12 23.94 19.74 -41.81
C GLN C 12 22.57 20.32 -41.42
N CYS C 13 21.55 20.20 -42.33
CA CYS C 13 20.22 20.69 -42.29
C CYS C 13 19.37 20.00 -41.17
N GLY C 14 19.40 18.68 -41.09
CA GLY C 14 18.70 17.85 -40.15
C GLY C 14 19.10 18.16 -38.70
N ASN C 15 20.39 18.35 -38.50
CA ASN C 15 21.05 18.56 -37.24
C ASN C 15 20.57 19.93 -36.76
N HIS C 16 20.50 20.88 -37.63
CA HIS C 16 20.05 22.22 -37.42
C HIS C 16 18.62 22.27 -37.05
N VAL C 17 17.70 21.59 -37.75
CA VAL C 17 16.34 21.74 -37.45
C VAL C 17 16.08 21.20 -36.09
N GLY C 18 16.75 20.06 -35.79
CA GLY C 18 16.67 19.36 -34.53
C GLY C 18 17.17 20.15 -33.34
N LYS C 19 18.28 20.88 -33.51
CA LYS C 19 18.84 21.74 -32.46
C LYS C 19 17.90 22.84 -32.00
N PHE C 20 17.26 23.51 -33.01
CA PHE C 20 16.30 24.64 -32.90
C PHE C 20 15.05 24.11 -32.18
N LEU C 21 14.69 22.77 -32.54
CA LEU C 21 13.54 22.04 -31.97
C LEU C 21 13.65 21.89 -30.47
N TRP C 22 14.89 21.52 -30.04
CA TRP C 22 15.22 21.26 -28.62
C TRP C 22 15.13 22.50 -27.80
N SER C 23 15.58 23.69 -28.36
CA SER C 23 15.27 24.89 -27.70
C SER C 23 13.82 25.22 -27.63
N GLN C 24 13.04 24.97 -28.77
CA GLN C 24 11.63 25.35 -28.80
C GLN C 24 10.72 24.58 -27.82
N LEU C 25 10.85 23.23 -27.70
CA LEU C 25 10.08 22.41 -26.68
C LEU C 25 10.58 22.80 -25.32
N ALA C 26 11.87 23.04 -25.15
CA ALA C 26 12.37 23.31 -23.84
C ALA C 26 11.81 24.56 -23.23
N LYS C 27 11.71 25.59 -24.12
CA LYS C 27 11.19 26.86 -23.91
C LYS C 27 9.70 26.82 -23.54
N GLU C 28 8.95 26.04 -24.31
CA GLU C 28 7.50 25.94 -24.14
C GLU C 28 7.08 25.33 -22.82
N HIS C 29 7.86 24.35 -22.32
CA HIS C 29 7.38 23.60 -21.17
C HIS C 29 7.97 23.94 -19.88
N ALA C 30 8.48 25.19 -19.77
CA ALA C 30 9.12 25.77 -18.65
C ALA C 30 10.28 24.87 -18.27
N ILE C 31 11.31 24.70 -19.16
CA ILE C 31 12.52 23.97 -19.05
C ILE C 31 13.57 24.99 -19.38
N GLY C 32 14.64 25.09 -18.48
CA GLY C 32 15.78 25.97 -18.51
C GLY C 32 16.50 26.06 -19.79
N THR C 33 17.38 27.11 -19.91
CA THR C 33 18.17 27.43 -21.06
C THR C 33 19.30 26.41 -21.46
N ASP C 34 19.76 25.66 -20.43
CA ASP C 34 20.75 24.57 -20.58
C ASP C 34 20.05 23.35 -20.07
N GLY C 35 18.71 23.43 -19.65
CA GLY C 35 17.90 22.39 -19.14
C GLY C 35 17.91 22.65 -17.63
N LEU C 36 16.66 22.59 -17.10
CA LEU C 36 16.38 22.76 -15.67
C LEU C 36 15.16 21.91 -15.37
N SER C 37 15.11 21.28 -14.20
CA SER C 37 13.94 20.51 -13.83
C SER C 37 13.22 21.32 -12.83
N GLN C 38 12.03 21.71 -13.24
CA GLN C 38 11.24 22.76 -12.55
C GLN C 38 9.78 22.56 -12.85
N LEU C 39 9.47 21.38 -13.45
CA LEU C 39 8.20 20.99 -13.82
C LEU C 39 7.42 20.70 -12.53
N PRO C 40 6.07 20.79 -12.52
CA PRO C 40 5.35 20.58 -11.30
C PRO C 40 4.73 19.21 -11.26
N ASP C 41 5.15 18.21 -12.14
CA ASP C 41 4.60 16.83 -12.15
C ASP C 41 4.88 16.16 -10.87
N SER C 42 3.78 15.51 -10.35
CA SER C 42 3.85 14.81 -9.08
C SER C 42 2.78 13.89 -9.31
N SER C 43 3.00 12.97 -10.31
CA SER C 43 2.06 12.00 -10.81
C SER C 43 0.89 12.63 -11.46
N THR C 44 1.12 13.82 -12.05
CA THR C 44 0.04 14.59 -12.72
C THR C 44 0.66 15.16 -13.98
N GLU C 45 0.13 14.62 -15.10
CA GLU C 45 0.65 14.95 -16.40
C GLU C 45 -0.33 15.79 -17.17
N ARG C 46 0.01 17.12 -17.22
CA ARG C 46 -0.64 18.11 -18.01
C ARG C 46 0.33 18.38 -19.17
N ASP C 47 1.61 17.90 -19.07
CA ASP C 47 2.57 17.98 -20.13
C ASP C 47 3.32 16.63 -20.03
N ASP C 48 3.28 15.99 -21.22
CA ASP C 48 3.74 14.64 -21.48
C ASP C 48 4.89 14.68 -22.50
N ASP C 49 5.36 15.79 -23.04
CA ASP C 49 6.44 15.74 -24.00
C ASP C 49 7.73 15.43 -23.27
N THR C 50 7.88 15.90 -21.98
CA THR C 50 9.15 15.89 -21.33
C THR C 50 9.86 14.56 -21.32
N LYS C 51 9.30 13.53 -20.75
CA LYS C 51 9.97 12.23 -20.53
C LYS C 51 10.23 11.61 -21.89
N PRO C 52 9.38 11.64 -22.86
CA PRO C 52 9.75 11.08 -24.16
C PRO C 52 10.91 11.69 -24.88
N PHE C 53 10.96 13.04 -24.99
CA PHE C 53 11.95 13.75 -25.76
C PHE C 53 13.24 14.05 -25.03
N PHE C 54 13.26 14.31 -23.74
CA PHE C 54 14.38 14.65 -22.92
C PHE C 54 14.46 13.58 -21.87
N ARG C 55 15.71 13.44 -21.30
CA ARG C 55 16.02 12.42 -20.28
C ARG C 55 16.67 13.23 -19.19
N GLU C 56 16.61 12.68 -17.97
CA GLU C 56 17.34 13.28 -16.88
C GLU C 56 18.57 12.42 -16.59
N ASN C 57 19.76 13.02 -16.33
CA ASN C 57 20.98 12.36 -16.00
C ASN C 57 21.28 12.58 -14.50
N SER C 58 20.23 12.92 -13.72
CA SER C 58 20.28 13.12 -12.26
C SER C 58 21.23 14.21 -11.87
N ARG C 59 20.92 15.47 -12.36
CA ARG C 59 21.62 16.65 -12.09
C ARG C 59 20.70 17.83 -12.26
N ASN C 60 19.39 17.68 -12.48
CA ASN C 60 18.36 18.73 -12.59
C ASN C 60 18.66 19.44 -13.85
N LYS C 61 19.15 18.71 -14.90
CA LYS C 61 19.34 19.26 -16.23
C LYS C 61 18.86 18.16 -17.10
N PHE C 62 17.83 18.60 -17.91
CA PHE C 62 17.35 17.69 -18.94
C PHE C 62 18.35 17.79 -20.06
N THR C 63 18.56 16.60 -20.76
CA THR C 63 19.33 16.56 -21.95
C THR C 63 18.52 15.81 -22.97
N PRO C 64 18.44 16.16 -24.25
CA PRO C 64 17.63 15.53 -25.23
C PRO C 64 18.27 14.17 -25.50
N ARG C 65 17.39 13.15 -25.63
CA ARG C 65 17.70 11.77 -25.98
C ARG C 65 17.95 11.82 -27.48
N ALA C 66 19.12 12.35 -27.92
CA ALA C 66 19.43 12.70 -29.35
C ALA C 66 20.84 12.39 -29.57
N ILE C 67 21.15 11.93 -30.77
CA ILE C 67 22.52 11.71 -31.26
C ILE C 67 22.64 12.59 -32.41
N MET C 68 23.76 13.33 -32.45
CA MET C 68 24.00 14.28 -33.48
C MET C 68 25.11 13.77 -34.27
N MET C 69 24.89 13.77 -35.59
CA MET C 69 25.88 13.11 -36.49
C MET C 69 26.05 14.13 -37.62
N ASP C 70 27.32 14.32 -38.11
CA ASP C 70 27.66 15.13 -39.28
C ASP C 70 29.13 15.15 -39.25
N SER C 71 29.75 16.10 -39.95
CA SER C 71 31.08 16.53 -39.88
C SER C 71 31.17 17.65 -38.89
N GLU C 72 32.29 18.46 -38.92
CA GLU C 72 32.67 19.47 -37.99
C GLU C 72 31.68 20.69 -37.93
N PRO C 73 31.12 21.39 -38.94
CA PRO C 73 30.29 22.53 -38.84
C PRO C 73 29.15 22.43 -37.88
N SER C 74 28.24 21.47 -38.03
CA SER C 74 27.09 21.47 -37.21
C SER C 74 27.31 21.17 -35.77
N VAL C 75 28.17 20.18 -35.38
CA VAL C 75 28.44 19.83 -34.05
C VAL C 75 29.02 20.97 -33.27
N ILE C 76 29.93 21.76 -33.91
CA ILE C 76 30.61 23.03 -33.41
C ILE C 76 29.66 24.15 -33.14
N ALA C 77 28.65 24.36 -34.09
CA ALA C 77 27.66 25.38 -33.98
C ALA C 77 26.81 25.26 -32.84
N ASP C 78 26.37 24.02 -32.42
CA ASP C 78 25.59 23.80 -31.24
C ASP C 78 26.40 24.20 -29.99
N VAL C 79 27.76 23.91 -30.00
CA VAL C 79 28.70 24.20 -28.89
C VAL C 79 28.83 25.74 -28.73
N GLU C 80 28.79 26.62 -29.81
CA GLU C 80 28.90 28.03 -29.70
C GLU C 80 27.72 28.68 -29.02
N ASN C 81 26.49 28.15 -29.14
CA ASN C 81 25.24 28.68 -28.58
C ASN C 81 25.12 28.16 -27.27
N THR C 82 24.15 28.73 -26.49
CA THR C 82 23.78 28.23 -25.17
C THR C 82 22.75 27.10 -25.30
N PHE C 83 22.70 26.52 -26.51
CA PHE C 83 22.08 25.20 -26.81
C PHE C 83 23.03 24.09 -26.49
N ARG C 84 24.00 24.45 -25.66
CA ARG C 84 25.15 23.55 -25.38
C ARG C 84 24.88 22.60 -24.29
N GLY C 85 23.70 22.91 -23.57
CA GLY C 85 23.10 22.19 -22.52
C GLY C 85 21.96 21.39 -23.03
N PHE C 86 21.83 21.31 -24.44
CA PHE C 86 20.87 20.50 -25.10
C PHE C 86 21.81 19.60 -25.88
N PHE C 87 22.98 19.38 -25.37
CA PHE C 87 23.99 18.70 -26.10
C PHE C 87 24.90 18.07 -25.05
N ASP C 88 25.66 17.01 -25.35
CA ASP C 88 26.57 16.43 -24.31
C ASP C 88 27.75 15.75 -25.04
N PRO C 89 28.91 15.55 -24.51
CA PRO C 89 30.00 15.06 -25.31
C PRO C 89 29.72 13.61 -25.82
N ARG C 90 28.92 12.79 -24.98
CA ARG C 90 28.61 11.32 -25.37
C ARG C 90 27.77 11.30 -26.60
N ASN C 91 26.93 12.39 -26.73
CA ASN C 91 26.03 12.69 -27.81
C ASN C 91 26.73 13.11 -29.10
N THR C 92 28.04 13.54 -29.08
CA THR C 92 28.68 14.23 -30.21
C THR C 92 29.31 13.07 -30.98
N TRP C 93 28.93 13.05 -32.30
CA TRP C 93 29.53 12.13 -33.21
C TRP C 93 29.93 12.97 -34.32
N VAL C 94 31.21 12.81 -34.63
CA VAL C 94 32.00 13.59 -35.56
C VAL C 94 32.75 12.71 -36.58
N ALA C 95 32.55 12.97 -37.86
CA ALA C 95 33.23 12.23 -38.91
C ALA C 95 34.18 13.17 -39.65
N SER C 96 35.29 12.53 -40.27
CA SER C 96 36.29 13.24 -41.02
C SER C 96 37.22 12.37 -41.80
N ASP C 97 36.84 11.04 -41.77
CA ASP C 97 37.49 9.93 -42.28
C ASP C 97 37.25 9.91 -43.74
N GLY C 98 38.41 9.79 -44.49
CA GLY C 98 38.39 10.10 -45.90
C GLY C 98 38.30 11.50 -46.41
N ALA C 99 38.44 12.44 -45.47
CA ALA C 99 38.26 13.87 -45.66
C ALA C 99 36.78 14.09 -45.96
N SER C 100 35.84 13.47 -45.21
CA SER C 100 34.36 13.54 -45.20
C SER C 100 33.77 13.39 -46.58
N ALA C 101 32.48 13.83 -46.72
CA ALA C 101 31.74 13.67 -47.94
C ALA C 101 31.96 14.84 -48.84
N GLY C 102 31.85 14.66 -50.18
CA GLY C 102 32.01 15.67 -51.14
C GLY C 102 30.72 16.40 -51.63
N ASN C 103 29.68 15.95 -50.95
CA ASN C 103 28.27 16.09 -51.09
C ASN C 103 27.79 14.84 -51.91
N SER C 104 28.21 13.56 -51.43
CA SER C 104 27.85 12.39 -52.27
C SER C 104 27.27 11.39 -51.31
N TRP C 105 26.42 10.49 -51.94
CA TRP C 105 25.83 9.39 -51.18
C TRP C 105 26.89 8.41 -50.68
N ALA C 106 27.85 8.07 -51.64
CA ALA C 106 28.82 7.05 -51.52
C ALA C 106 29.79 7.34 -50.42
N ASN C 107 30.24 8.59 -50.31
CA ASN C 107 31.16 8.94 -49.23
C ASN C 107 30.51 8.83 -47.86
N GLY C 108 29.26 9.25 -47.73
CA GLY C 108 28.47 9.20 -46.51
C GLY C 108 28.14 7.85 -46.00
N TYR C 109 27.76 6.97 -46.92
CA TYR C 109 27.46 5.56 -46.67
C TYR C 109 28.67 4.83 -46.20
N ASP C 110 29.85 5.11 -46.94
CA ASP C 110 31.15 4.43 -46.75
C ASP C 110 31.59 4.82 -45.34
N ILE C 111 31.36 6.10 -44.88
CA ILE C 111 31.70 6.59 -43.56
C ILE C 111 30.83 5.85 -42.52
N GLY C 112 29.54 5.54 -42.77
CA GLY C 112 28.71 4.86 -41.82
C GLY C 112 29.24 3.55 -41.46
N THR C 113 29.81 2.79 -42.43
CA THR C 113 30.46 1.50 -42.26
C THR C 113 31.72 1.49 -41.42
N ARG C 114 32.57 2.54 -41.58
CA ARG C 114 33.84 2.65 -40.84
C ARG C 114 33.65 2.77 -39.34
N ASN C 115 32.58 3.59 -38.92
CA ASN C 115 32.11 3.89 -37.56
C ASN C 115 30.80 3.22 -37.29
N GLN C 116 30.71 2.01 -37.81
CA GLN C 116 29.52 1.25 -37.58
C GLN C 116 29.25 0.85 -36.14
N ASP C 117 30.34 0.41 -35.47
CA ASP C 117 30.40 -0.12 -34.14
C ASP C 117 30.03 0.92 -33.11
N ASP C 118 30.55 2.20 -33.22
CA ASP C 118 30.51 3.40 -32.41
C ASP C 118 29.09 3.86 -32.37
N ILE C 119 28.42 3.92 -33.51
CA ILE C 119 26.99 4.38 -33.69
C ILE C 119 26.08 3.38 -33.00
N LEU C 120 26.40 2.08 -33.14
CA LEU C 120 25.63 1.05 -32.50
C LEU C 120 25.76 1.10 -31.01
N ASN C 121 26.95 1.49 -30.53
CA ASN C 121 27.17 1.65 -29.08
C ASN C 121 26.31 2.63 -28.40
N LYS C 122 26.09 3.83 -28.98
CA LYS C 122 25.24 4.94 -28.55
C LYS C 122 23.78 4.56 -28.53
N ILE C 123 23.26 3.95 -29.69
CA ILE C 123 21.86 3.65 -29.87
C ILE C 123 21.48 2.63 -28.90
N ASP C 124 22.31 1.58 -28.73
CA ASP C 124 21.91 0.51 -27.76
C ASP C 124 21.84 1.05 -26.30
N LYS C 125 22.81 1.97 -25.93
CA LYS C 125 22.87 2.52 -24.62
C LYS C 125 21.58 3.23 -24.32
N GLU C 126 21.07 4.11 -25.26
CA GLU C 126 19.89 4.92 -25.12
C GLU C 126 18.61 4.09 -25.00
N ILE C 127 18.48 2.95 -25.76
CA ILE C 127 17.39 2.01 -25.90
C ILE C 127 17.17 1.27 -24.64
N ASP C 128 18.25 0.83 -24.03
CA ASP C 128 18.23 0.00 -22.85
C ASP C 128 17.59 0.79 -21.67
N SER C 129 17.80 2.14 -21.65
CA SER C 129 17.42 3.04 -20.53
C SER C 129 15.85 3.21 -20.34
N THR C 130 15.10 2.81 -21.39
CA THR C 130 13.71 3.19 -21.75
C THR C 130 12.65 2.71 -20.70
N ASP C 131 11.45 3.30 -20.63
CA ASP C 131 10.42 2.84 -19.79
C ASP C 131 9.45 2.10 -20.68
N ASN C 132 9.38 2.49 -21.99
CA ASN C 132 8.47 1.91 -22.99
C ASN C 132 8.82 2.64 -24.25
N PHE C 133 9.64 2.09 -25.17
CA PHE C 133 10.08 2.77 -26.39
C PHE C 133 8.97 2.72 -27.43
N GLU C 134 8.43 3.90 -27.89
CA GLU C 134 7.48 4.02 -28.91
C GLU C 134 8.15 3.86 -30.25
N GLY C 135 9.28 4.58 -30.50
CA GLY C 135 9.91 4.53 -31.78
C GLY C 135 10.89 5.62 -31.95
N PHE C 136 11.35 5.75 -33.21
CA PHE C 136 12.44 6.67 -33.61
C PHE C 136 11.94 7.73 -34.58
N GLN C 137 12.65 8.88 -34.47
CA GLN C 137 12.44 9.98 -35.41
C GLN C 137 13.83 10.19 -36.03
N LEU C 138 13.89 10.24 -37.38
CA LEU C 138 15.12 10.61 -38.07
C LEU C 138 14.83 11.94 -38.69
N LEU C 139 15.73 12.95 -38.41
CA LEU C 139 15.66 14.26 -38.99
C LEU C 139 16.84 14.36 -39.81
N HIS C 140 16.70 14.68 -41.13
CA HIS C 140 17.84 14.77 -42.04
C HIS C 140 17.44 15.34 -43.36
N SER C 141 18.44 15.54 -44.21
CA SER C 141 18.20 16.03 -45.54
C SER C 141 18.74 14.96 -46.38
N VAL C 142 18.06 14.85 -47.54
CA VAL C 142 18.40 13.83 -48.62
C VAL C 142 18.99 14.58 -49.79
N ALA C 143 19.01 15.89 -49.61
CA ALA C 143 19.61 16.92 -50.51
C ALA C 143 21.12 17.01 -50.32
N GLY C 144 21.58 16.70 -49.08
CA GLY C 144 22.96 16.64 -48.71
C GLY C 144 23.59 15.48 -49.26
N GLY C 145 24.94 15.36 -49.06
CA GLY C 145 25.69 14.20 -49.19
C GLY C 145 25.74 13.28 -47.97
N THR C 146 26.00 13.86 -46.82
CA THR C 146 26.18 13.26 -45.56
C THR C 146 24.84 12.77 -45.06
N GLY C 147 23.77 13.60 -45.07
CA GLY C 147 22.44 13.43 -44.56
C GLY C 147 21.78 12.24 -45.30
N SER C 148 22.03 12.19 -46.61
CA SER C 148 21.51 11.21 -47.58
C SER C 148 22.21 9.84 -47.40
N GLY C 149 23.57 9.82 -47.47
CA GLY C 149 24.35 8.58 -47.36
C GLY C 149 24.42 7.96 -45.99
N LEU C 150 24.75 8.74 -44.88
CA LEU C 150 24.81 8.30 -43.51
C LEU C 150 23.45 7.92 -43.03
N GLY C 151 22.43 8.73 -43.50
CA GLY C 151 21.01 8.49 -43.13
C GLY C 151 20.42 7.18 -43.55
N SER C 152 20.73 6.81 -44.84
CA SER C 152 20.27 5.60 -45.53
C SER C 152 20.75 4.37 -44.87
N ASN C 153 22.02 4.45 -44.45
CA ASN C 153 22.70 3.34 -43.78
C ASN C 153 21.97 3.04 -42.50
N LEU C 154 21.73 4.15 -41.73
CA LEU C 154 21.12 4.08 -40.42
C LEU C 154 19.67 3.52 -40.44
N LEU C 155 18.85 3.92 -41.41
CA LEU C 155 17.49 3.46 -41.63
C LEU C 155 17.33 1.96 -41.96
N GLU C 156 18.22 1.40 -42.78
CA GLU C 156 18.23 -0.05 -43.07
C GLU C 156 18.54 -0.79 -41.80
N ALA C 157 19.53 -0.33 -40.97
CA ALA C 157 19.92 -1.00 -39.78
C ALA C 157 18.87 -1.03 -38.77
N LEU C 158 18.08 0.08 -38.56
CA LEU C 158 16.92 0.14 -37.71
C LEU C 158 15.77 -0.77 -38.12
N CYS C 159 15.51 -0.92 -39.48
CA CYS C 159 14.53 -1.79 -40.10
C CYS C 159 14.70 -3.24 -39.76
N ASP C 160 15.93 -3.81 -39.88
CA ASP C 160 16.27 -5.17 -39.46
C ASP C 160 16.24 -5.30 -37.98
N ARG C 161 16.87 -4.36 -37.24
CA ARG C 161 17.08 -4.41 -35.83
C ARG C 161 15.86 -4.35 -35.02
N TYR C 162 14.94 -3.41 -35.15
CA TYR C 162 13.73 -3.33 -34.38
C TYR C 162 12.63 -3.22 -35.50
N PRO C 163 11.76 -4.17 -35.66
CA PRO C 163 10.78 -4.18 -36.74
C PRO C 163 9.47 -3.90 -36.21
N LYS C 164 9.28 -3.75 -34.88
CA LYS C 164 7.99 -3.73 -34.35
C LYS C 164 7.74 -2.37 -33.77
N LYS C 165 8.48 -1.35 -34.26
CA LYS C 165 8.46 0.01 -33.80
C LYS C 165 8.14 0.85 -35.00
N ILE C 166 7.75 2.11 -34.90
CA ILE C 166 7.59 3.01 -35.98
C ILE C 166 8.91 3.64 -36.19
N LEU C 167 9.22 3.82 -37.47
CA LEU C 167 10.40 4.62 -37.87
C LEU C 167 9.73 5.64 -38.68
N THR C 168 9.91 6.93 -38.29
CA THR C 168 9.31 8.06 -39.03
C THR C 168 10.44 8.88 -39.43
N THR C 169 10.32 9.49 -40.60
CA THR C 169 11.45 10.25 -41.13
C THR C 169 10.85 11.52 -41.51
N TYR C 170 11.68 12.57 -41.34
CA TYR C 170 11.51 13.92 -41.86
C TYR C 170 12.59 14.11 -42.84
N SER C 171 12.23 14.04 -44.13
CA SER C 171 13.31 14.21 -45.06
C SER C 171 13.12 15.52 -45.77
N VAL C 172 14.21 16.31 -45.81
CA VAL C 172 14.19 17.58 -46.60
C VAL C 172 14.72 17.18 -47.93
N PHE C 173 13.91 17.46 -48.96
CA PHE C 173 14.10 17.28 -50.41
C PHE C 173 14.58 18.57 -51.01
N PRO C 174 15.40 18.56 -52.03
CA PRO C 174 15.92 19.74 -52.64
C PRO C 174 14.95 20.52 -53.47
N ALA C 175 15.32 21.78 -53.75
CA ALA C 175 14.75 22.62 -54.75
C ALA C 175 15.22 22.38 -56.10
N ARG C 176 14.61 23.10 -57.14
CA ARG C 176 14.81 22.90 -58.51
C ARG C 176 16.15 23.40 -58.94
N SER C 177 16.69 24.50 -58.43
CA SER C 177 18.06 24.90 -58.63
C SER C 177 18.41 25.15 -57.24
N SER C 178 19.65 24.79 -56.87
CA SER C 178 20.22 24.90 -55.51
C SER C 178 21.66 25.19 -55.71
N GLU C 179 22.44 25.09 -54.58
CA GLU C 179 23.85 25.17 -54.67
C GLU C 179 24.55 24.15 -55.42
N VAL C 180 24.27 22.86 -55.02
CA VAL C 180 24.76 21.65 -55.63
C VAL C 180 23.73 21.23 -56.59
N VAL C 181 24.03 20.40 -57.60
CA VAL C 181 23.07 19.87 -58.53
C VAL C 181 23.21 18.35 -58.44
N VAL C 182 24.23 17.83 -57.68
CA VAL C 182 24.41 16.41 -57.42
C VAL C 182 23.30 15.92 -56.49
N GLN C 183 22.47 16.89 -55.97
CA GLN C 183 21.29 16.85 -55.10
C GLN C 183 20.36 15.77 -55.51
N SER C 184 20.06 15.66 -56.79
CA SER C 184 19.13 14.70 -57.34
C SER C 184 19.59 13.23 -57.23
N TYR C 185 20.93 13.00 -57.37
CA TYR C 185 21.53 11.71 -57.35
C TYR C 185 21.41 11.13 -55.95
N ASN C 186 21.69 12.00 -54.99
CA ASN C 186 21.65 11.74 -53.52
C ASN C 186 20.28 11.37 -53.12
N THR C 187 19.34 12.14 -53.70
CA THR C 187 17.96 11.89 -53.44
C THR C 187 17.40 10.55 -53.94
N ILE C 188 17.63 10.09 -55.18
CA ILE C 188 17.06 8.84 -55.73
C ILE C 188 17.65 7.68 -54.95
N LEU C 189 18.92 7.60 -54.66
CA LEU C 189 19.56 6.61 -53.82
C LEU C 189 19.13 6.47 -52.46
N ALA C 190 18.91 7.55 -51.73
CA ALA C 190 18.40 7.67 -50.42
C ALA C 190 16.98 7.26 -50.38
N LEU C 191 16.18 7.72 -51.42
CA LEU C 191 14.77 7.49 -51.51
C LEU C 191 14.41 6.05 -51.61
N ARG C 192 15.26 5.17 -52.14
CA ARG C 192 15.15 3.73 -52.19
C ARG C 192 15.00 3.21 -50.83
N ARG C 193 15.92 3.71 -49.95
CA ARG C 193 15.91 3.30 -48.55
C ARG C 193 14.68 3.84 -47.91
N LEU C 194 14.26 5.08 -48.26
CA LEU C 194 13.14 5.79 -47.58
C LEU C 194 11.77 4.97 -47.89
N ILE C 195 11.57 4.46 -49.12
CA ILE C 195 10.40 3.67 -49.38
C ILE C 195 10.31 2.26 -48.68
N GLU C 196 11.43 1.52 -48.74
CA GLU C 196 11.39 0.19 -48.12
C GLU C 196 11.50 0.19 -46.63
N ASP C 197 12.51 0.95 -46.09
CA ASP C 197 12.87 0.89 -44.69
C ASP C 197 12.02 1.69 -43.78
N SER C 198 11.17 2.63 -44.31
CA SER C 198 10.35 3.45 -43.41
C SER C 198 8.88 3.25 -43.52
N ASP C 199 8.24 3.22 -42.33
CA ASP C 199 6.86 3.16 -42.20
C ASP C 199 6.20 4.53 -42.66
N ALA C 200 6.88 5.65 -42.38
CA ALA C 200 6.31 6.94 -42.76
C ALA C 200 7.49 7.76 -43.09
N THR C 201 7.33 8.60 -44.18
CA THR C 201 8.35 9.54 -44.58
C THR C 201 7.55 10.80 -44.79
N VAL C 202 7.93 11.95 -44.10
CA VAL C 202 7.35 13.30 -44.16
C VAL C 202 8.22 14.12 -45.12
N VAL C 203 7.63 14.58 -46.36
CA VAL C 203 8.40 15.24 -47.33
C VAL C 203 8.38 16.76 -47.04
N PHE C 204 9.63 17.37 -46.96
CA PHE C 204 9.75 18.82 -46.93
C PHE C 204 10.43 19.31 -48.19
N ASP C 205 9.74 20.04 -49.04
CA ASP C 205 10.27 20.41 -50.29
C ASP C 205 10.88 21.73 -50.01
N ASN C 206 12.20 21.84 -50.29
CA ASN C 206 13.02 22.98 -50.06
C ASN C 206 12.57 24.21 -50.93
N ALA C 207 12.01 23.98 -52.18
CA ALA C 207 11.45 25.02 -53.06
C ALA C 207 10.31 25.75 -52.42
N SER C 208 9.39 24.99 -51.80
CA SER C 208 8.27 25.43 -51.13
C SER C 208 8.66 26.11 -49.88
N LEU C 209 9.60 25.63 -49.15
CA LEU C 209 10.17 26.19 -47.96
C LEU C 209 10.86 27.47 -48.12
N LEU C 210 11.60 27.61 -49.17
CA LEU C 210 12.29 28.87 -49.39
C LEU C 210 11.26 29.94 -49.69
N ASN C 211 10.19 29.58 -50.46
CA ASN C 211 9.25 30.63 -50.90
C ASN C 211 8.53 31.30 -49.66
N ILE C 212 8.21 30.40 -48.71
CA ILE C 212 7.64 30.67 -47.40
C ILE C 212 8.56 31.51 -46.47
N SER C 213 9.89 31.21 -46.35
CA SER C 213 10.79 31.90 -45.52
C SER C 213 10.91 33.35 -45.95
N GLY C 214 11.09 33.63 -47.31
CA GLY C 214 11.10 34.99 -47.77
C GLY C 214 9.75 35.71 -47.61
N LYS C 215 8.57 35.22 -48.07
CA LYS C 215 7.33 36.00 -48.04
C LYS C 215 6.70 36.12 -46.67
N VAL C 216 6.38 34.95 -46.00
CA VAL C 216 5.64 34.88 -44.75
C VAL C 216 6.32 35.25 -43.45
N PHE C 217 7.53 34.69 -43.28
CA PHE C 217 8.32 35.04 -42.12
C PHE C 217 8.86 36.45 -42.22
N ARG C 218 9.09 36.86 -43.53
CA ARG C 218 9.45 38.14 -43.92
C ARG C 218 10.84 38.46 -43.52
N ASN C 219 11.83 37.55 -43.88
CA ASN C 219 13.18 37.63 -43.54
C ASN C 219 13.92 38.02 -44.83
N PRO C 220 14.63 39.21 -44.86
CA PRO C 220 15.45 39.61 -45.95
C PRO C 220 16.66 38.77 -45.98
N ASN C 221 17.23 38.50 -47.19
CA ASN C 221 18.50 37.85 -47.34
C ASN C 221 18.41 36.41 -46.80
N ILE C 222 17.43 35.62 -47.33
CA ILE C 222 17.24 34.30 -46.86
C ILE C 222 18.45 33.36 -47.18
N ASP C 223 18.78 32.47 -46.24
CA ASP C 223 19.84 31.56 -46.15
C ASP C 223 19.25 30.33 -45.52
N LEU C 224 20.10 29.28 -45.32
CA LEU C 224 19.61 28.00 -44.88
C LEU C 224 19.08 28.04 -43.48
N GLN C 225 19.75 28.82 -42.65
CA GLN C 225 19.55 28.87 -41.23
C GLN C 225 18.21 29.29 -40.90
N HIS C 226 17.64 30.20 -41.66
CA HIS C 226 16.33 30.73 -41.65
C HIS C 226 15.26 29.72 -42.00
N THR C 227 15.49 28.88 -43.00
CA THR C 227 14.53 27.84 -43.37
C THR C 227 14.40 26.77 -42.29
N ASN C 228 15.45 26.41 -41.55
CA ASN C 228 15.48 25.36 -40.58
C ASN C 228 14.50 25.66 -39.35
N GLN C 229 14.32 27.01 -39.05
CA GLN C 229 13.38 27.48 -38.11
C GLN C 229 12.00 27.13 -38.54
N LEU C 230 11.74 27.22 -39.87
CA LEU C 230 10.41 26.94 -40.37
C LEU C 230 10.09 25.49 -40.17
N ILE C 231 10.99 24.58 -40.44
CA ILE C 231 10.90 23.19 -40.30
C ILE C 231 10.72 22.86 -38.85
N SER C 232 11.44 23.50 -37.86
CA SER C 232 11.40 23.21 -36.43
C SER C 232 9.99 23.50 -35.85
N THR C 233 9.31 24.56 -36.41
CA THR C 233 7.92 24.97 -36.07
C THR C 233 6.96 23.88 -36.48
N ILE C 234 7.22 23.33 -37.72
CA ILE C 234 6.30 22.35 -38.32
C ILE C 234 6.30 21.07 -37.50
N ILE C 235 7.55 20.58 -37.14
CA ILE C 235 7.85 19.43 -36.38
C ILE C 235 7.28 19.57 -34.93
N SER C 236 7.41 20.72 -34.25
CA SER C 236 6.99 20.93 -32.89
C SER C 236 5.50 20.86 -32.73
N SER C 237 4.67 21.39 -33.71
CA SER C 237 3.31 21.54 -33.84
C SER C 237 2.59 20.13 -33.95
N VAL C 238 3.21 19.11 -34.63
CA VAL C 238 2.67 17.71 -34.61
C VAL C 238 2.68 17.16 -33.16
N THR C 239 3.64 17.53 -32.27
CA THR C 239 3.72 16.96 -30.96
C THR C 239 2.78 17.58 -29.97
N ASN C 240 2.10 18.70 -30.36
CA ASN C 240 1.15 19.40 -29.50
C ASN C 240 0.06 18.53 -28.87
N SER C 241 -0.57 17.58 -29.63
CA SER C 241 -1.58 16.62 -29.13
C SER C 241 -1.05 15.58 -28.20
N ILE C 242 0.28 15.29 -28.21
CA ILE C 242 0.85 14.37 -27.27
C ILE C 242 0.88 15.04 -25.88
N ARG C 243 1.36 16.33 -25.93
CA ARG C 243 1.61 17.09 -24.70
C ARG C 243 0.43 17.62 -24.10
N PHE C 244 -0.73 17.74 -24.81
CA PHE C 244 -1.91 18.05 -24.04
C PHE C 244 -2.54 16.76 -23.61
N PRO C 245 -3.03 16.71 -22.37
CA PRO C 245 -3.56 15.51 -21.77
C PRO C 245 -4.86 14.99 -22.37
N SER C 246 -5.56 15.65 -23.29
CA SER C 246 -6.81 15.30 -23.80
C SER C 246 -6.80 14.27 -24.92
N TYR C 247 -5.58 13.85 -25.33
CA TYR C 247 -5.47 12.89 -26.38
C TYR C 247 -4.40 11.95 -26.01
N MET C 248 -4.74 10.65 -26.29
CA MET C 248 -3.94 9.50 -25.81
C MET C 248 -4.39 8.39 -26.69
N TYR C 249 -4.96 8.75 -27.84
CA TYR C 249 -5.30 7.93 -29.02
C TYR C 249 -4.88 8.68 -30.19
N SER C 250 -4.15 9.82 -29.97
CA SER C 250 -3.62 10.62 -31.02
C SER C 250 -2.18 10.75 -30.82
N SER C 251 -1.59 9.68 -30.29
CA SER C 251 -0.13 9.45 -30.31
C SER C 251 0.49 9.52 -31.68
N MET C 252 1.83 9.45 -31.81
CA MET C 252 2.48 9.50 -33.10
C MET C 252 2.08 8.32 -33.96
N SER C 253 2.11 7.17 -33.27
CA SER C 253 1.81 5.76 -33.69
C SER C 253 0.31 5.60 -34.10
N SER C 254 -0.55 6.21 -33.24
CA SER C 254 -2.00 6.08 -33.53
C SER C 254 -2.35 6.91 -34.74
N ILE C 255 -1.72 8.09 -35.04
CA ILE C 255 -1.89 8.91 -36.22
C ILE C 255 -1.36 8.21 -37.47
N TYR C 256 -0.14 7.59 -37.43
CA TYR C 256 0.42 7.02 -38.64
C TYR C 256 -0.39 5.84 -39.10
N SER C 257 -0.86 4.99 -38.19
CA SER C 257 -1.66 3.79 -38.44
C SER C 257 -2.95 4.19 -39.12
N THR C 258 -3.66 5.29 -38.69
CA THR C 258 -4.84 5.73 -39.51
C THR C 258 -4.47 6.28 -40.90
N LEU C 259 -3.43 7.05 -40.95
CA LEU C 259 -3.05 7.94 -42.02
C LEU C 259 -2.52 7.28 -43.24
N ILE C 260 -1.74 6.22 -42.99
CA ILE C 260 -0.86 5.57 -43.91
C ILE C 260 -1.58 4.26 -44.02
N PRO C 261 -1.86 3.70 -45.19
CA PRO C 261 -2.54 2.48 -45.39
C PRO C 261 -1.60 1.45 -45.80
N SER C 262 -0.55 1.74 -46.62
CA SER C 262 0.30 0.67 -47.12
C SER C 262 1.78 1.22 -47.01
N PRO C 263 2.84 0.42 -47.20
CA PRO C 263 4.25 0.79 -46.97
C PRO C 263 4.78 1.31 -48.27
N GLU C 264 3.87 1.62 -49.29
CA GLU C 264 4.23 2.04 -50.59
C GLU C 264 3.65 3.37 -50.77
N LEU C 265 2.38 3.53 -50.33
CA LEU C 265 1.70 4.82 -50.33
C LEU C 265 1.79 5.23 -48.86
N HIS C 266 2.81 6.05 -48.53
CA HIS C 266 3.06 6.39 -47.14
C HIS C 266 3.90 7.62 -47.15
N PHE C 267 4.06 8.28 -48.36
CA PHE C 267 4.82 9.51 -48.49
C PHE C 267 3.75 10.54 -48.17
N LEU C 268 3.98 11.40 -47.12
CA LEU C 268 3.07 12.29 -46.52
C LEU C 268 3.48 13.76 -46.84
N SER C 269 2.48 14.76 -46.88
CA SER C 269 2.84 16.16 -47.12
C SER C 269 2.31 16.81 -45.86
N PRO C 270 3.01 17.72 -45.26
CA PRO C 270 2.49 18.55 -44.12
C PRO C 270 2.11 19.81 -44.68
N SER C 271 1.28 20.55 -43.99
CA SER C 271 0.97 21.91 -44.38
C SER C 271 0.89 22.58 -43.02
N PHE C 272 1.18 23.87 -42.99
CA PHE C 272 1.12 24.57 -41.69
C PHE C 272 0.75 26.04 -41.89
N THR C 273 0.13 26.74 -40.92
CA THR C 273 -0.23 28.19 -41.02
C THR C 273 -0.25 28.70 -39.66
N PRO C 274 0.17 29.91 -39.31
CA PRO C 274 0.98 30.92 -40.11
C PRO C 274 2.36 30.71 -39.77
N PHE C 275 3.31 31.40 -40.50
CA PHE C 275 4.71 31.23 -40.29
C PHE C 275 5.16 32.58 -39.79
N THR C 276 4.23 33.51 -39.45
CA THR C 276 4.50 34.87 -38.92
C THR C 276 5.05 34.71 -37.47
N SER C 277 4.70 33.54 -36.86
CA SER C 277 4.88 33.13 -35.48
C SER C 277 5.54 31.73 -35.67
N ASP C 278 6.79 31.55 -35.14
CA ASP C 278 7.65 30.37 -35.38
C ASP C 278 8.12 29.87 -34.03
N TYR C 279 8.15 30.88 -33.08
CA TYR C 279 8.70 30.59 -31.76
C TYR C 279 7.96 31.47 -30.89
N ILE C 280 6.69 31.72 -31.21
CA ILE C 280 5.75 32.47 -30.42
C ILE C 280 5.90 33.94 -30.62
N HIS C 281 4.92 34.53 -31.29
CA HIS C 281 4.90 35.92 -31.61
C HIS C 281 3.49 36.35 -31.45
N ASP C 282 3.30 37.66 -31.48
CA ASP C 282 2.02 38.32 -31.52
C ASP C 282 1.86 39.03 -32.79
N ASP C 283 2.69 38.84 -33.81
CA ASP C 283 2.54 39.42 -35.18
C ASP C 283 1.28 38.94 -35.71
N ILE C 284 0.58 39.88 -36.44
CA ILE C 284 -0.72 39.70 -37.14
C ILE C 284 -0.71 38.63 -38.19
N ALA C 285 -1.77 37.87 -38.23
CA ALA C 285 -2.03 36.73 -39.05
C ALA C 285 -3.38 36.20 -38.72
N HIS C 286 -4.03 36.84 -37.74
CA HIS C 286 -5.29 36.28 -37.18
C HIS C 286 -6.38 36.52 -38.18
N LYS C 287 -7.38 35.61 -38.22
CA LYS C 287 -8.46 35.71 -39.14
C LYS C 287 -9.44 34.66 -38.69
N GLY C 288 -10.63 34.68 -39.31
CA GLY C 288 -11.75 33.73 -39.06
C GLY C 288 -11.39 32.34 -39.36
N HIS C 289 -12.13 31.43 -38.76
CA HIS C 289 -11.95 30.04 -38.78
C HIS C 289 -12.12 29.51 -40.17
N SER C 290 -13.15 30.03 -40.84
CA SER C 290 -13.55 29.59 -42.19
C SER C 290 -12.48 29.80 -43.21
N SER C 291 -11.86 30.93 -43.10
CA SER C 291 -10.73 31.34 -43.79
C SER C 291 -9.53 30.55 -43.58
N TYR C 292 -9.30 30.20 -42.34
CA TYR C 292 -8.23 29.42 -41.90
C TYR C 292 -8.24 28.02 -42.50
N ASP C 293 -9.41 27.31 -42.52
CA ASP C 293 -9.50 25.98 -43.13
C ASP C 293 -9.30 25.89 -44.59
N VAL C 294 -9.86 26.80 -45.35
CA VAL C 294 -9.62 26.85 -46.87
C VAL C 294 -8.17 27.11 -47.19
N MET C 295 -7.54 28.07 -46.45
CA MET C 295 -6.21 28.61 -46.63
C MET C 295 -5.25 27.56 -46.36
N LEU C 296 -5.56 26.72 -45.39
CA LEU C 296 -4.59 25.62 -44.99
C LEU C 296 -4.32 24.55 -46.06
N ASP C 297 -5.30 24.37 -46.97
CA ASP C 297 -5.11 23.60 -48.17
C ASP C 297 -4.17 24.15 -49.28
N LEU C 298 -4.03 25.51 -49.47
CA LEU C 298 -3.31 26.22 -50.53
C LEU C 298 -1.83 25.97 -50.38
N LEU C 299 -1.21 26.30 -51.48
CA LEU C 299 0.15 25.98 -51.75
C LEU C 299 1.02 26.81 -50.89
N ASP C 300 0.68 28.08 -50.64
CA ASP C 300 1.48 28.96 -49.73
C ASP C 300 1.65 28.32 -48.33
N PRO C 301 0.65 27.74 -47.66
CA PRO C 301 0.86 26.96 -46.43
C PRO C 301 1.57 25.67 -46.60
N SER C 302 1.38 24.93 -47.70
CA SER C 302 2.01 23.63 -48.01
C SER C 302 3.44 23.79 -48.16
N ASN C 303 4.18 22.81 -47.66
CA ASN C 303 5.62 22.74 -47.68
C ASN C 303 6.06 21.73 -48.73
N SER C 304 5.08 21.03 -49.50
CA SER C 304 5.40 20.23 -50.62
C SER C 304 4.75 20.88 -51.80
N LEU C 305 5.21 20.40 -52.99
CA LEU C 305 4.82 20.93 -54.27
C LEU C 305 3.59 20.09 -54.68
N VAL C 306 2.40 20.70 -54.48
CA VAL C 306 1.10 20.10 -54.76
C VAL C 306 0.99 20.11 -56.24
N SER C 307 0.98 21.29 -56.99
CA SER C 307 1.05 21.31 -58.43
C SER C 307 2.48 21.58 -58.80
N THR C 308 2.73 22.84 -59.30
CA THR C 308 4.05 23.29 -59.63
C THR C 308 4.23 24.61 -59.01
N ALA C 309 3.21 25.33 -58.68
CA ALA C 309 3.32 26.57 -58.03
C ALA C 309 1.93 27.17 -57.82
N MET C 310 0.87 26.34 -57.85
CA MET C 310 -0.49 26.74 -57.57
C MET C 310 -1.05 25.70 -56.79
N ASN C 311 -2.46 25.74 -56.60
CA ASN C 311 -3.15 24.78 -55.70
C ASN C 311 -4.52 24.53 -56.26
N ASN C 312 -4.84 23.16 -56.26
CA ASN C 312 -6.04 22.61 -56.73
C ASN C 312 -6.42 21.49 -55.77
N PRO C 313 -7.74 21.15 -55.74
CA PRO C 313 -8.16 20.07 -54.91
C PRO C 313 -7.65 18.74 -55.50
N THR C 314 -7.08 17.87 -54.71
CA THR C 314 -6.50 16.63 -55.06
C THR C 314 -6.94 15.65 -54.09
N TYR C 315 -6.67 14.35 -54.54
CA TYR C 315 -7.21 13.25 -53.88
C TYR C 315 -6.48 13.01 -52.58
N PHE C 316 -7.21 13.19 -51.50
CA PHE C 316 -6.81 12.84 -50.16
C PHE C 316 -7.31 11.48 -49.96
N ASN C 317 -6.40 10.58 -49.52
CA ASN C 317 -6.78 9.24 -48.99
C ASN C 317 -7.25 9.40 -47.60
N VAL C 318 -6.58 10.20 -46.73
CA VAL C 318 -6.93 10.39 -45.39
C VAL C 318 -6.22 11.68 -45.10
N TYR C 319 -6.87 12.34 -44.05
CA TYR C 319 -6.59 13.71 -43.72
C TYR C 319 -6.63 13.73 -42.13
N ASN C 320 -5.64 14.38 -41.50
CA ASN C 320 -5.80 14.69 -40.08
C ASN C 320 -5.35 16.15 -39.85
N THR C 321 -6.25 16.91 -39.12
CA THR C 321 -5.93 18.26 -38.70
C THR C 321 -5.90 18.47 -37.19
N ILE C 322 -4.77 19.09 -36.57
CA ILE C 322 -4.72 19.50 -35.14
C ILE C 322 -4.63 21.00 -35.18
N ILE C 323 -5.68 21.58 -34.61
CA ILE C 323 -6.07 22.94 -34.51
C ILE C 323 -5.59 23.37 -33.09
N GLY C 324 -4.92 24.54 -33.06
CA GLY C 324 -4.29 25.08 -31.88
C GLY C 324 -4.87 26.45 -31.76
N ASN C 325 -5.50 26.54 -30.54
CA ASN C 325 -6.12 27.80 -30.04
C ASN C 325 -7.23 27.33 -29.11
N VAL C 326 -7.58 28.16 -28.06
CA VAL C 326 -8.71 27.84 -27.23
C VAL C 326 -10.00 28.24 -27.87
N GLU C 327 -10.92 27.29 -28.06
CA GLU C 327 -12.22 27.59 -28.66
C GLU C 327 -13.12 26.48 -27.99
N PRO C 328 -14.45 26.65 -27.82
CA PRO C 328 -15.29 25.65 -27.20
C PRO C 328 -15.34 24.38 -28.10
N ARG C 329 -15.77 23.25 -27.53
CA ARG C 329 -15.97 21.96 -28.11
C ARG C 329 -16.99 21.95 -29.13
N GLN C 330 -18.04 22.77 -28.89
CA GLN C 330 -19.09 22.93 -29.88
C GLN C 330 -18.71 23.44 -31.22
N ILE C 331 -17.79 24.44 -31.24
CA ILE C 331 -17.29 25.01 -32.50
C ILE C 331 -16.54 23.99 -33.29
N SER C 332 -15.65 23.16 -32.70
CA SER C 332 -14.88 22.14 -33.33
C SER C 332 -15.87 21.11 -33.85
N ARG C 333 -16.95 20.80 -33.08
CA ARG C 333 -17.86 19.80 -33.46
C ARG C 333 -18.66 20.23 -34.76
N ALA C 334 -19.07 21.54 -34.86
CA ALA C 334 -19.75 22.14 -35.99
C ALA C 334 -18.77 22.09 -37.20
N MET C 335 -17.47 22.43 -36.98
CA MET C 335 -16.52 22.47 -38.01
C MET C 335 -16.25 21.08 -38.60
N THR C 336 -16.16 19.92 -37.77
CA THR C 336 -15.99 18.58 -38.27
C THR C 336 -17.16 18.04 -39.20
N LYS C 337 -18.42 18.44 -38.78
CA LYS C 337 -19.60 18.23 -39.54
C LYS C 337 -19.59 18.98 -40.87
N LEU C 338 -19.07 20.25 -40.83
CA LEU C 338 -19.01 21.07 -42.02
C LEU C 338 -18.05 20.54 -43.03
N GLN C 339 -16.87 20.01 -42.58
CA GLN C 339 -15.80 19.44 -43.42
C GLN C 339 -16.21 18.24 -44.22
N GLN C 340 -17.03 17.41 -43.56
CA GLN C 340 -17.62 16.28 -44.21
C GLN C 340 -18.65 16.68 -45.34
N ARG C 341 -19.61 17.61 -45.00
CA ARG C 341 -20.72 18.05 -45.93
C ARG C 341 -20.26 18.82 -47.13
N ILE C 342 -19.22 19.74 -47.00
CA ILE C 342 -18.69 20.53 -48.15
C ILE C 342 -18.08 19.56 -49.17
N LYS C 343 -17.41 18.38 -48.70
CA LYS C 343 -16.74 17.38 -49.48
C LYS C 343 -15.72 17.90 -50.48
N PHE C 344 -14.74 18.68 -50.02
CA PHE C 344 -13.60 19.31 -50.72
C PHE C 344 -12.42 18.47 -50.79
N PRO C 345 -12.21 17.42 -50.04
CA PRO C 345 -11.16 16.51 -50.46
C PRO C 345 -11.87 15.48 -51.39
N SER C 346 -11.04 14.81 -52.22
CA SER C 346 -11.52 13.82 -53.18
C SER C 346 -11.44 12.47 -52.52
N TRP C 347 -12.52 11.61 -52.69
CA TRP C 347 -12.67 10.29 -52.09
C TRP C 347 -13.38 9.50 -53.12
N SER C 348 -13.28 8.21 -52.94
CA SER C 348 -13.99 7.26 -53.78
C SER C 348 -14.38 6.05 -53.01
N SER C 349 -14.76 5.00 -53.67
CA SER C 349 -15.27 3.74 -53.06
C SER C 349 -14.13 2.87 -52.55
N SER C 350 -12.90 3.45 -52.47
CA SER C 350 -11.78 2.75 -51.78
C SER C 350 -12.02 2.94 -50.34
N ALA C 351 -12.26 4.21 -49.86
CA ALA C 351 -12.54 4.43 -48.38
C ALA C 351 -13.50 5.59 -48.35
N MET C 352 -14.54 5.51 -47.49
CA MET C 352 -15.55 6.52 -47.45
C MET C 352 -15.07 7.71 -46.71
N HIS C 353 -15.69 8.90 -46.95
CA HIS C 353 -15.30 10.19 -46.42
C HIS C 353 -15.36 10.26 -44.88
N VAL C 354 -14.35 10.96 -44.25
CA VAL C 354 -14.21 11.21 -42.79
C VAL C 354 -13.19 12.30 -42.67
N ASN C 355 -13.53 13.45 -42.15
CA ASN C 355 -12.67 14.54 -42.06
C ASN C 355 -12.84 15.05 -40.70
N ILE C 356 -11.70 15.16 -39.98
CA ILE C 356 -11.65 15.50 -38.58
C ILE C 356 -10.74 16.65 -38.36
N GLY C 357 -11.06 17.37 -37.28
CA GLY C 357 -10.22 18.49 -36.71
C GLY C 357 -10.28 18.14 -35.35
N ARG C 358 -9.15 18.37 -34.59
CA ARG C 358 -8.99 18.16 -33.18
C ARG C 358 -8.52 19.49 -32.68
N ARG C 359 -9.08 19.87 -31.51
CA ARG C 359 -8.87 21.16 -30.94
C ARG C 359 -8.18 20.99 -29.67
N SER C 360 -7.15 21.89 -29.43
CA SER C 360 -6.42 22.00 -28.24
C SER C 360 -6.02 23.39 -27.89
N PRO C 361 -5.75 23.85 -26.67
CA PRO C 361 -5.37 25.24 -26.38
C PRO C 361 -4.15 25.84 -27.07
N TYR C 362 -3.71 26.98 -26.63
CA TYR C 362 -2.50 27.61 -27.09
C TYR C 362 -1.24 26.88 -26.65
N LEU C 363 -1.10 26.83 -25.30
CA LEU C 363 0.08 26.51 -24.53
C LEU C 363 -0.17 27.14 -23.22
N PRO C 364 0.04 26.51 -22.04
CA PRO C 364 -0.42 27.15 -20.75
C PRO C 364 0.77 27.40 -19.88
N LEU C 365 1.95 27.00 -20.31
CA LEU C 365 3.14 27.13 -19.48
C LEU C 365 4.05 28.31 -19.75
N GLN C 366 3.65 29.21 -20.75
CA GLN C 366 4.37 30.30 -21.30
C GLN C 366 3.18 31.17 -21.73
N PRO C 367 3.37 32.45 -22.20
CA PRO C 367 2.41 33.23 -22.96
C PRO C 367 1.70 32.50 -23.98
N ASN C 368 0.53 33.07 -24.37
CA ASN C 368 -0.39 32.58 -25.41
C ASN C 368 0.35 32.73 -26.68
N GLU C 369 0.06 31.83 -27.57
CA GLU C 369 0.56 31.84 -28.92
C GLU C 369 -0.14 32.83 -29.77
N ASN C 370 -1.40 33.12 -29.50
CA ASN C 370 -2.22 34.09 -30.18
C ASN C 370 -2.59 33.63 -31.54
N GLU C 371 -3.64 34.34 -32.02
CA GLU C 371 -4.21 34.16 -33.35
C GLU C 371 -5.01 32.89 -33.47
N VAL C 372 -5.04 32.25 -34.68
CA VAL C 372 -5.59 30.93 -34.86
C VAL C 372 -4.51 30.33 -35.64
N SER C 373 -4.12 29.07 -35.30
CA SER C 373 -3.20 28.28 -36.07
C SER C 373 -3.58 26.90 -36.07
N GLY C 374 -3.01 26.13 -36.98
CA GLY C 374 -3.26 24.70 -37.12
C GLY C 374 -2.24 24.12 -37.98
N MET C 375 -2.14 22.68 -37.87
CA MET C 375 -1.17 21.82 -38.54
C MET C 375 -1.92 20.76 -39.25
N MET C 376 -1.47 20.34 -40.49
CA MET C 376 -2.06 19.32 -41.28
C MET C 376 -1.04 18.25 -41.53
N LEU C 377 -1.56 16.94 -41.31
CA LEU C 377 -0.84 15.74 -41.81
C LEU C 377 -1.75 15.07 -42.74
N SER C 378 -1.28 14.88 -44.06
CA SER C 378 -2.25 14.24 -44.96
C SER C 378 -1.48 13.26 -45.85
N ASN C 379 -2.23 12.24 -46.28
CA ASN C 379 -1.68 11.25 -47.19
C ASN C 379 -2.41 11.67 -48.45
N MET C 380 -1.67 12.26 -49.47
CA MET C 380 -2.18 12.75 -50.72
C MET C 380 -1.37 12.13 -51.82
N SER C 381 -1.99 11.75 -52.97
CA SER C 381 -1.35 11.10 -54.06
C SER C 381 -0.46 12.08 -54.79
N THR C 382 -0.70 13.41 -54.60
CA THR C 382 -0.15 14.56 -55.22
C THR C 382 1.26 14.66 -54.99
N VAL C 383 1.83 14.02 -53.89
CA VAL C 383 3.27 14.06 -53.51
C VAL C 383 4.21 13.54 -54.61
N VAL C 384 3.63 12.65 -55.49
CA VAL C 384 4.31 11.97 -56.58
C VAL C 384 4.93 12.99 -57.54
N ASN C 385 4.34 14.24 -57.68
CA ASN C 385 4.87 15.29 -58.53
C ASN C 385 6.26 15.69 -58.13
N VAL C 386 6.58 15.72 -56.82
CA VAL C 386 7.88 16.16 -56.29
C VAL C 386 9.02 15.17 -56.78
N PHE C 387 8.68 13.89 -56.77
CA PHE C 387 9.58 12.85 -57.34
C PHE C 387 9.85 12.99 -58.81
N GLU C 388 8.78 13.40 -59.55
CA GLU C 388 8.80 13.57 -60.99
C GLU C 388 9.82 14.63 -61.29
N ASN C 389 9.87 15.74 -60.49
CA ASN C 389 10.77 16.90 -60.65
C ASN C 389 12.19 16.49 -60.48
N ALA C 390 12.35 15.65 -59.41
CA ALA C 390 13.68 15.23 -58.93
C ALA C 390 14.40 14.44 -59.99
N CYS C 391 13.57 13.54 -60.65
CA CYS C 391 13.90 12.71 -61.80
C CYS C 391 14.25 13.53 -63.05
N ASN C 392 13.48 14.61 -63.25
CA ASN C 392 13.79 15.49 -64.36
C ASN C 392 15.17 16.13 -64.27
N THR C 393 15.44 16.69 -63.12
CA THR C 393 16.62 17.47 -62.85
C THR C 393 17.77 16.49 -62.94
N PHE C 394 17.57 15.23 -62.51
CA PHE C 394 18.57 14.21 -62.59
C PHE C 394 18.97 14.00 -64.02
N ASP C 395 17.98 13.93 -64.94
CA ASP C 395 18.26 13.62 -66.32
C ASP C 395 19.15 14.65 -66.90
N LYS C 396 18.81 15.89 -66.58
CA LYS C 396 19.39 17.09 -67.20
C LYS C 396 20.90 17.18 -66.94
N VAL C 397 21.34 16.86 -65.65
CA VAL C 397 22.65 16.84 -65.09
C VAL C 397 23.50 15.78 -65.71
N PHE C 398 22.81 14.57 -65.90
CA PHE C 398 23.45 13.50 -66.55
C PHE C 398 23.77 13.74 -68.02
N ALA C 399 22.90 14.31 -68.82
CA ALA C 399 22.89 14.51 -70.23
C ALA C 399 24.07 15.29 -70.57
N LYS C 400 24.39 16.40 -69.76
CA LYS C 400 25.53 17.23 -70.06
C LYS C 400 26.77 16.47 -69.78
N GLY C 401 26.81 15.48 -68.82
CA GLY C 401 27.99 14.73 -68.61
C GLY C 401 28.89 15.31 -67.54
N ALA C 402 28.32 16.21 -66.72
CA ALA C 402 29.09 17.06 -65.84
C ALA C 402 28.53 16.80 -64.47
N PHE C 403 29.40 16.96 -63.43
CA PHE C 403 29.16 16.81 -62.01
C PHE C 403 28.83 15.38 -61.73
N LEU C 404 29.58 14.47 -62.50
CA LEU C 404 29.57 13.09 -62.27
C LEU C 404 30.66 12.76 -61.24
N ASN C 405 31.58 13.74 -61.10
CA ASN C 405 32.83 13.81 -60.36
C ASN C 405 32.70 13.51 -58.89
N ASN C 406 31.67 14.06 -58.21
CA ASN C 406 31.52 14.06 -56.76
C ASN C 406 31.46 12.67 -56.20
N TYR C 407 30.70 11.80 -56.90
CA TYR C 407 30.44 10.42 -56.65
C TYR C 407 31.72 9.65 -56.80
N ASN C 408 32.62 9.97 -57.83
CA ASN C 408 33.77 9.15 -58.24
C ASN C 408 34.83 8.84 -57.13
N VAL C 409 35.01 9.86 -56.27
CA VAL C 409 35.95 9.66 -55.14
C VAL C 409 35.44 8.54 -54.16
N GLY C 410 34.06 8.50 -54.08
CA GLY C 410 33.41 7.48 -53.35
C GLY C 410 33.61 6.25 -54.12
N ASP C 411 34.29 5.24 -53.42
CA ASP C 411 34.78 4.01 -53.98
C ASP C 411 33.63 3.16 -54.47
N LEU C 412 32.41 3.12 -53.78
CA LEU C 412 31.34 2.26 -54.11
C LEU C 412 30.72 2.52 -55.50
N PHE C 413 30.62 3.78 -55.84
CA PHE C 413 30.10 4.23 -57.11
C PHE C 413 31.22 4.90 -57.92
N GLN C 414 32.44 4.53 -57.72
CA GLN C 414 33.53 4.92 -58.54
C GLN C 414 33.41 4.19 -59.89
N SER C 415 33.07 2.88 -59.73
CA SER C 415 32.91 1.87 -60.73
C SER C 415 31.64 2.07 -61.63
N MET C 416 30.55 2.61 -61.10
CA MET C 416 29.29 2.56 -61.89
C MET C 416 28.43 3.77 -61.47
N GLN C 417 27.52 4.19 -62.30
CA GLN C 417 26.50 5.17 -62.00
C GLN C 417 25.12 4.55 -62.30
N ASN C 418 25.18 3.18 -62.57
CA ASN C 418 24.14 2.36 -63.07
C ASN C 418 22.94 2.18 -62.18
N VAL C 419 23.19 2.03 -60.86
CA VAL C 419 22.22 1.82 -59.82
C VAL C 419 21.32 3.00 -59.76
N GLN C 420 21.91 4.20 -59.94
CA GLN C 420 21.18 5.42 -59.95
C GLN C 420 20.15 5.45 -61.14
N ASP C 421 20.52 5.06 -62.38
CA ASP C 421 19.43 4.98 -63.46
C ASP C 421 18.40 3.90 -63.18
N GLU C 422 18.75 2.69 -62.67
CA GLU C 422 17.86 1.59 -62.50
C GLU C 422 16.82 1.85 -61.49
N PHE C 423 17.27 2.44 -60.32
CA PHE C 423 16.28 2.84 -59.30
C PHE C 423 15.51 4.01 -59.93
N ALA C 424 16.12 4.91 -60.76
CA ALA C 424 15.34 6.03 -61.20
C ALA C 424 14.10 5.56 -62.01
N GLU C 425 14.27 4.51 -62.86
CA GLU C 425 13.26 3.91 -63.75
C GLU C 425 12.27 3.23 -62.82
N SER C 426 12.73 2.49 -61.77
CA SER C 426 12.04 1.61 -60.82
C SER C 426 11.06 2.53 -60.01
N ARG C 427 11.62 3.71 -59.75
CA ARG C 427 11.05 4.75 -58.95
C ARG C 427 9.78 5.24 -59.59
N GLU C 428 9.80 5.36 -60.95
CA GLU C 428 8.61 5.75 -61.73
C GLU C 428 7.52 4.72 -61.55
N VAL C 429 7.80 3.41 -61.54
CA VAL C 429 6.92 2.35 -61.32
C VAL C 429 6.34 2.42 -59.96
N VAL C 430 7.16 2.79 -58.99
CA VAL C 430 6.78 2.92 -57.55
C VAL C 430 5.74 3.99 -57.39
N GLN C 431 5.94 5.17 -58.00
CA GLN C 431 5.12 6.33 -58.00
C GLN C 431 3.82 6.08 -58.73
N SER C 432 3.86 5.36 -59.87
CA SER C 432 2.77 4.99 -60.73
C SER C 432 1.85 4.04 -59.93
N LEU C 433 2.34 3.11 -59.11
CA LEU C 433 1.48 2.22 -58.23
C LEU C 433 0.74 3.04 -57.18
N MET C 434 1.42 4.05 -56.57
CA MET C 434 0.87 4.97 -55.58
C MET C 434 -0.34 5.83 -56.21
N GLU C 435 -0.23 6.26 -57.48
CA GLU C 435 -1.19 6.97 -58.26
C GLU C 435 -2.43 6.16 -58.55
N ASP C 436 -2.16 4.91 -58.83
CA ASP C 436 -3.13 3.84 -59.06
C ASP C 436 -3.91 3.60 -57.82
N TYR C 437 -3.38 3.75 -56.60
CA TYR C 437 -3.97 3.34 -55.30
C TYR C 437 -5.33 4.03 -55.02
N VAL C 438 -5.52 5.29 -55.56
CA VAL C 438 -6.74 6.05 -55.33
C VAL C 438 -7.95 5.42 -55.96
N ALA C 439 -7.73 4.70 -57.13
CA ALA C 439 -8.78 3.91 -57.85
C ALA C 439 -9.27 2.85 -56.91
N ALA C 440 -10.60 2.72 -56.97
CA ALA C 440 -11.45 1.83 -56.18
C ALA C 440 -11.67 0.56 -56.98
N GLU C 441 -10.96 0.45 -58.07
CA GLU C 441 -11.09 -0.64 -59.04
C GLU C 441 -9.94 -1.65 -58.89
N GLN C 442 -8.90 -1.37 -58.06
CA GLN C 442 -7.73 -2.22 -57.92
C GLN C 442 -7.92 -2.92 -56.57
N ASP C 443 -9.07 -2.65 -55.84
CA ASP C 443 -9.46 -3.34 -54.64
C ASP C 443 -10.30 -4.49 -55.04
N SER C 444 -10.70 -5.34 -54.10
CA SER C 444 -11.55 -6.51 -54.23
C SER C 444 -12.71 -6.10 -53.32
N TYR C 445 -13.04 -4.74 -53.19
CA TYR C 445 -14.10 -4.30 -52.36
C TYR C 445 -15.44 -4.56 -53.11
N MET D 1 37.07 -21.33 10.73
CA MET D 1 35.76 -21.89 11.13
C MET D 1 35.19 -22.54 9.86
N GLY D 2 34.49 -23.62 9.99
CA GLY D 2 33.87 -24.32 8.94
C GLY D 2 34.77 -25.12 7.96
N GLY D 3 34.21 -25.61 6.84
CA GLY D 3 34.82 -26.44 5.89
C GLY D 3 35.79 -25.61 5.07
N GLU D 4 37.10 -25.70 5.31
CA GLU D 4 38.08 -24.95 4.65
C GLU D 4 38.38 -25.55 3.27
N ILE D 5 38.80 -24.66 2.34
CA ILE D 5 39.28 -25.09 1.07
C ILE D 5 40.66 -24.49 0.87
N ILE D 6 41.55 -25.33 0.43
CA ILE D 6 42.89 -24.94 0.10
C ILE D 6 42.91 -25.08 -1.43
N THR D 7 43.50 -24.06 -2.00
CA THR D 7 43.40 -23.78 -3.39
C THR D 7 44.82 -24.08 -3.89
N LEU D 8 44.97 -24.84 -4.97
CA LEU D 8 46.18 -25.12 -5.70
C LEU D 8 45.94 -24.48 -7.02
N GLN D 9 46.85 -23.58 -7.50
CA GLN D 9 46.74 -22.86 -8.71
C GLN D 9 47.93 -23.41 -9.48
N ALA D 10 47.68 -23.96 -10.69
CA ALA D 10 48.70 -24.59 -11.54
C ALA D 10 48.52 -23.98 -12.90
N GLY D 11 49.65 -23.73 -13.65
CA GLY D 11 49.70 -23.13 -14.93
C GLY D 11 49.53 -21.69 -14.99
N GLN D 12 49.66 -21.13 -16.29
CA GLN D 12 49.53 -19.69 -16.52
C GLN D 12 48.10 -19.24 -16.18
N CYS D 13 47.15 -19.98 -16.78
CA CYS D 13 45.71 -19.68 -16.67
C CYS D 13 45.31 -19.80 -15.18
N GLY D 14 45.69 -20.86 -14.44
CA GLY D 14 45.21 -21.14 -13.12
C GLY D 14 45.61 -20.00 -12.18
N ASN D 15 46.86 -19.56 -12.33
CA ASN D 15 47.33 -18.48 -11.50
C ASN D 15 46.63 -17.20 -11.88
N HIS D 16 46.40 -16.87 -13.23
CA HIS D 16 45.86 -15.60 -13.63
C HIS D 16 44.41 -15.45 -13.07
N VAL D 17 43.58 -16.49 -13.28
CA VAL D 17 42.19 -16.68 -12.96
C VAL D 17 42.01 -16.67 -11.47
N GLY D 18 42.95 -17.35 -10.76
CA GLY D 18 43.06 -17.48 -9.28
C GLY D 18 43.19 -16.19 -8.59
N LYS D 19 44.04 -15.30 -9.22
CA LYS D 19 44.20 -13.92 -8.76
C LYS D 19 43.04 -13.08 -8.78
N PHE D 20 42.31 -13.14 -9.95
CA PHE D 20 41.14 -12.37 -10.42
C PHE D 20 40.03 -12.73 -9.52
N LEU D 21 39.98 -14.02 -9.03
CA LEU D 21 39.01 -14.61 -8.07
C LEU D 21 39.10 -13.93 -6.85
N TRP D 22 40.35 -13.72 -6.31
CA TRP D 22 40.66 -13.04 -5.04
C TRP D 22 40.27 -11.65 -5.14
N SER D 23 40.51 -11.01 -6.31
CA SER D 23 40.18 -9.60 -6.62
C SER D 23 38.71 -9.31 -6.57
N GLN D 24 37.85 -10.25 -7.08
CA GLN D 24 36.42 -10.11 -6.97
C GLN D 24 35.98 -10.18 -5.50
N LEU D 25 36.54 -11.19 -4.63
CA LEU D 25 36.04 -11.40 -3.30
C LEU D 25 36.29 -10.15 -2.41
N ALA D 26 37.46 -9.54 -2.61
CA ALA D 26 37.86 -8.34 -1.90
C ALA D 26 36.92 -7.22 -2.15
N LYS D 27 36.54 -7.00 -3.43
CA LYS D 27 35.64 -5.95 -3.82
C LYS D 27 34.26 -6.11 -3.20
N GLU D 28 33.68 -7.34 -3.21
CA GLU D 28 32.39 -7.66 -2.68
C GLU D 28 32.32 -7.53 -1.14
N HIS D 29 33.48 -7.92 -0.49
CA HIS D 29 33.44 -7.98 0.95
C HIS D 29 34.19 -6.72 1.45
N ALA D 30 34.18 -5.59 0.66
CA ALA D 30 34.63 -4.25 0.95
C ALA D 30 35.84 -4.13 1.79
N ILE D 31 36.94 -4.83 1.36
CA ILE D 31 38.19 -4.88 2.07
C ILE D 31 39.33 -4.41 1.12
N GLY D 32 40.59 -4.28 1.62
CA GLY D 32 41.70 -3.78 0.91
C GLY D 32 42.19 -4.58 -0.19
N THR D 33 43.30 -4.10 -0.72
CA THR D 33 44.19 -4.70 -1.70
C THR D 33 45.31 -5.42 -1.00
N ASP D 34 45.45 -5.23 0.34
CA ASP D 34 46.38 -5.88 1.16
C ASP D 34 45.68 -6.89 1.98
N GLY D 35 44.30 -6.81 1.96
CA GLY D 35 43.47 -7.75 2.71
C GLY D 35 43.16 -7.25 4.05
N LEU D 36 43.33 -5.94 4.23
CA LEU D 36 43.12 -5.29 5.59
C LEU D 36 41.68 -5.39 5.96
N SER D 37 41.52 -6.01 7.12
CA SER D 37 40.34 -6.38 7.78
C SER D 37 39.57 -5.16 8.29
N GLN D 38 38.22 -5.14 7.96
CA GLN D 38 37.35 -4.08 8.32
C GLN D 38 36.30 -4.79 9.12
N LEU D 39 36.10 -4.31 10.32
CA LEU D 39 35.19 -4.85 11.29
C LEU D 39 33.71 -4.97 10.91
N PRO D 40 33.12 -4.13 10.11
CA PRO D 40 31.65 -4.31 9.77
C PRO D 40 31.56 -4.73 8.27
N ASP D 41 32.71 -5.24 7.56
CA ASP D 41 32.65 -5.68 6.16
C ASP D 41 33.36 -7.08 6.15
N SER D 42 33.79 -7.59 7.27
CA SER D 42 34.38 -8.91 7.33
C SER D 42 34.01 -9.47 8.65
N SER D 43 33.94 -10.92 8.69
CA SER D 43 33.60 -11.53 9.91
C SER D 43 32.13 -11.29 10.33
N THR D 44 31.27 -11.25 9.30
CA THR D 44 29.89 -10.77 9.38
C THR D 44 29.01 -11.88 8.90
N GLU D 45 27.69 -11.72 8.79
CA GLU D 45 26.73 -12.79 8.42
C GLU D 45 26.50 -12.85 6.98
N ARG D 46 26.99 -11.78 6.22
CA ARG D 46 26.73 -11.67 4.80
C ARG D 46 27.83 -12.40 4.07
N ASP D 47 29.02 -12.50 4.65
CA ASP D 47 30.10 -13.25 4.05
C ASP D 47 30.77 -14.09 5.15
N ASP D 48 30.58 -15.40 4.94
CA ASP D 48 31.06 -16.41 5.80
C ASP D 48 32.10 -17.15 4.97
N ASP D 49 32.58 -16.47 3.91
CA ASP D 49 33.72 -16.75 2.99
C ASP D 49 35.14 -16.64 3.56
N THR D 50 35.31 -15.71 4.51
CA THR D 50 36.56 -15.35 5.06
C THR D 50 37.38 -16.45 5.65
N LYS D 51 36.83 -17.10 6.74
CA LYS D 51 37.58 -18.13 7.44
C LYS D 51 37.84 -19.35 6.56
N PRO D 52 36.85 -19.99 5.75
CA PRO D 52 37.23 -21.12 4.87
C PRO D 52 38.22 -20.78 3.75
N PHE D 53 38.22 -19.67 2.92
CA PHE D 53 39.10 -19.30 1.84
C PHE D 53 40.35 -18.55 2.24
N PHE D 54 40.31 -17.74 3.28
CA PHE D 54 41.42 -16.83 3.72
C PHE D 54 41.85 -17.16 5.17
N ARG D 55 43.04 -16.75 5.62
CA ARG D 55 43.42 -16.80 7.05
C ARG D 55 43.98 -15.49 7.38
N GLU D 56 43.97 -15.06 8.69
CA GLU D 56 44.50 -13.78 8.99
C GLU D 56 45.83 -14.12 9.53
N ASN D 57 46.91 -13.46 9.09
CA ASN D 57 48.24 -13.56 9.74
C ASN D 57 48.40 -12.38 10.64
N SER D 58 48.87 -12.63 11.90
CA SER D 58 48.91 -11.72 13.13
C SER D 58 49.49 -10.37 12.88
N ARG D 59 48.71 -9.41 12.24
CA ARG D 59 49.07 -8.00 12.15
C ARG D 59 47.77 -7.34 11.61
N ASN D 60 46.72 -8.14 11.22
CA ASN D 60 45.40 -7.65 10.84
C ASN D 60 45.26 -7.69 9.32
N LYS D 61 46.28 -8.17 8.61
CA LYS D 61 46.08 -8.45 7.22
C LYS D 61 45.62 -9.88 6.95
N PHE D 62 44.63 -10.06 6.07
CA PHE D 62 44.16 -11.35 5.51
C PHE D 62 45.07 -11.79 4.38
N THR D 63 45.28 -13.12 4.28
CA THR D 63 46.12 -13.73 3.24
C THR D 63 45.23 -14.85 2.75
N PRO D 64 45.17 -15.19 1.47
CA PRO D 64 44.37 -16.29 0.89
C PRO D 64 45.06 -17.58 1.25
N ARG D 65 44.20 -18.63 1.54
CA ARG D 65 44.70 -19.92 1.66
C ARG D 65 44.93 -20.61 0.30
N ALA D 66 45.82 -20.08 -0.51
CA ALA D 66 46.06 -20.56 -1.90
C ALA D 66 47.52 -20.58 -2.17
N ILE D 67 47.97 -21.56 -2.97
CA ILE D 67 49.32 -21.75 -3.42
C ILE D 67 49.44 -21.67 -4.91
N MET D 68 50.42 -20.86 -5.39
CA MET D 68 50.57 -20.62 -6.77
C MET D 68 51.86 -21.18 -7.09
N MET D 69 51.76 -22.02 -8.14
CA MET D 69 52.71 -22.84 -8.68
C MET D 69 52.69 -22.73 -10.18
N ASP D 70 53.92 -22.71 -10.74
CA ASP D 70 54.36 -22.54 -12.12
C ASP D 70 55.90 -22.33 -12.02
N SER D 71 56.58 -21.76 -13.12
CA SER D 71 57.91 -21.27 -13.06
C SER D 71 57.58 -19.81 -12.93
N GLU D 72 58.19 -18.88 -13.79
CA GLU D 72 58.01 -17.47 -13.79
C GLU D 72 56.62 -16.94 -14.22
N PRO D 73 55.95 -17.51 -15.33
CA PRO D 73 54.64 -17.06 -15.74
C PRO D 73 53.55 -16.83 -14.74
N SER D 74 52.95 -15.62 -14.75
CA SER D 74 51.86 -15.09 -13.95
C SER D 74 52.33 -14.55 -12.64
N VAL D 75 53.26 -15.22 -11.99
CA VAL D 75 53.83 -14.84 -10.72
C VAL D 75 54.50 -13.43 -10.78
N ILE D 76 55.12 -13.19 -11.95
CA ILE D 76 55.87 -12.02 -12.31
C ILE D 76 54.94 -10.79 -12.31
N ALA D 77 53.73 -11.03 -12.86
CA ALA D 77 52.56 -10.16 -12.86
C ALA D 77 52.03 -9.89 -11.50
N ASP D 78 51.98 -10.96 -10.64
CA ASP D 78 51.45 -10.79 -9.29
C ASP D 78 52.34 -9.76 -8.51
N VAL D 79 53.72 -9.90 -8.67
CA VAL D 79 54.73 -9.06 -7.99
C VAL D 79 54.70 -7.61 -8.51
N GLU D 80 54.36 -7.40 -9.78
CA GLU D 80 54.15 -6.15 -10.40
C GLU D 80 52.87 -5.43 -9.95
N ASN D 81 51.81 -6.14 -9.61
CA ASN D 81 50.50 -5.63 -9.29
C ASN D 81 50.17 -5.51 -7.80
N THR D 82 48.96 -4.92 -7.57
CA THR D 82 48.47 -4.65 -6.24
C THR D 82 47.79 -5.88 -5.63
N PHE D 83 48.21 -7.07 -6.16
CA PHE D 83 47.64 -8.37 -5.84
C PHE D 83 48.61 -9.15 -4.96
N ARG D 84 49.88 -8.59 -4.81
CA ARG D 84 50.97 -9.18 -4.02
C ARG D 84 50.69 -8.83 -2.64
N GLY D 85 49.71 -7.90 -2.36
CA GLY D 85 49.31 -7.44 -1.01
C GLY D 85 48.51 -8.50 -0.36
N PHE D 86 47.72 -9.29 -1.11
CA PHE D 86 46.90 -10.34 -0.49
C PHE D 86 47.90 -11.41 -0.11
N PHE D 87 48.65 -11.90 -1.12
CA PHE D 87 49.48 -13.05 -0.91
C PHE D 87 50.62 -12.71 0.07
N ASP D 88 51.02 -13.85 0.78
CA ASP D 88 52.23 -13.92 1.60
C ASP D 88 53.30 -14.64 0.79
N PRO D 89 54.60 -14.40 1.05
CA PRO D 89 55.64 -14.99 0.18
C PRO D 89 55.72 -16.50 0.23
N ARG D 90 55.28 -17.10 1.30
CA ARG D 90 55.41 -18.52 1.41
C ARG D 90 54.52 -19.19 0.40
N ASN D 91 53.30 -18.53 0.07
CA ASN D 91 52.37 -19.02 -0.96
C ASN D 91 52.76 -18.88 -2.42
N THR D 92 53.78 -17.99 -2.68
CA THR D 92 54.29 -17.84 -4.02
C THR D 92 55.50 -18.82 -4.15
N TRP D 93 55.50 -19.70 -5.16
CA TRP D 93 56.48 -20.77 -5.37
C TRP D 93 56.87 -20.63 -6.78
N VAL D 94 58.14 -20.65 -7.24
CA VAL D 94 58.76 -20.48 -8.51
C VAL D 94 59.67 -21.72 -8.58
N ALA D 95 59.57 -22.53 -9.74
CA ALA D 95 60.26 -23.73 -9.85
C ALA D 95 61.77 -23.52 -9.78
N SER D 96 62.47 -24.65 -9.92
CA SER D 96 63.90 -24.76 -10.04
C SER D 96 64.40 -24.05 -11.21
N ASP D 97 63.77 -24.46 -12.36
CA ASP D 97 64.14 -23.97 -13.64
C ASP D 97 63.26 -22.81 -14.11
N GLY D 98 63.80 -22.05 -15.14
CA GLY D 98 63.17 -20.85 -15.70
C GLY D 98 62.15 -21.10 -16.75
N ALA D 99 61.91 -22.35 -17.13
CA ALA D 99 60.88 -22.74 -18.01
C ALA D 99 60.41 -24.06 -17.68
N SER D 100 59.23 -24.46 -18.18
CA SER D 100 58.64 -25.74 -18.01
C SER D 100 57.48 -26.05 -18.90
N ALA D 101 57.21 -25.17 -19.88
CA ALA D 101 56.14 -25.45 -20.78
C ALA D 101 56.50 -25.18 -22.20
N GLY D 102 55.49 -25.40 -23.05
CA GLY D 102 55.61 -25.23 -24.41
C GLY D 102 54.51 -26.03 -24.96
N ASN D 103 53.49 -26.25 -24.15
CA ASN D 103 52.37 -27.08 -24.41
C ASN D 103 52.77 -28.51 -24.42
N SER D 104 53.59 -28.93 -23.41
CA SER D 104 54.17 -30.17 -23.36
C SER D 104 53.95 -30.58 -21.87
N TRP D 105 53.13 -31.66 -21.79
CA TRP D 105 52.59 -32.29 -20.59
C TRP D 105 53.70 -32.85 -19.83
N ALA D 106 54.64 -33.55 -20.57
CA ALA D 106 55.74 -34.36 -20.05
C ALA D 106 56.75 -33.55 -19.28
N ASN D 107 57.03 -32.36 -19.87
CA ASN D 107 57.98 -31.39 -19.32
C ASN D 107 57.49 -30.88 -17.94
N GLY D 108 56.17 -30.54 -17.81
CA GLY D 108 55.55 -30.05 -16.57
C GLY D 108 55.53 -31.21 -15.59
N TYR D 109 55.23 -32.42 -16.08
CA TYR D 109 55.08 -33.57 -15.21
C TYR D 109 56.43 -33.91 -14.58
N ASP D 110 57.52 -33.91 -15.40
CA ASP D 110 58.86 -34.25 -14.83
C ASP D 110 59.37 -33.26 -13.80
N ILE D 111 59.22 -31.92 -14.05
CA ILE D 111 59.76 -30.91 -13.16
C ILE D 111 59.11 -30.95 -11.83
N GLY D 112 57.80 -31.21 -11.78
CA GLY D 112 57.00 -31.35 -10.59
C GLY D 112 57.52 -32.44 -9.60
N THR D 113 57.97 -33.57 -10.19
CA THR D 113 58.55 -34.73 -9.54
C THR D 113 59.82 -34.42 -8.81
N ARG D 114 60.67 -33.56 -9.49
CA ARG D 114 61.96 -33.05 -9.07
C ARG D 114 61.89 -32.13 -7.78
N ASN D 115 60.89 -31.23 -7.68
CA ASN D 115 60.76 -30.31 -6.55
C ASN D 115 59.69 -30.69 -5.60
N GLN D 116 59.66 -32.08 -5.35
CA GLN D 116 58.57 -32.78 -4.62
C GLN D 116 58.52 -32.29 -3.14
N ASP D 117 59.74 -32.18 -2.57
CA ASP D 117 59.99 -31.87 -1.19
C ASP D 117 59.51 -30.48 -0.93
N ASP D 118 59.85 -29.58 -1.89
CA ASP D 118 59.58 -28.17 -1.79
C ASP D 118 58.11 -27.85 -1.78
N ILE D 119 57.32 -28.42 -2.65
CA ILE D 119 55.87 -28.21 -2.78
C ILE D 119 55.22 -28.78 -1.56
N LEU D 120 55.60 -30.03 -1.05
CA LEU D 120 54.86 -30.56 0.10
C LEU D 120 54.91 -29.79 1.41
N ASN D 121 56.10 -29.10 1.59
CA ASN D 121 56.31 -28.26 2.75
C ASN D 121 55.36 -27.15 2.77
N LYS D 122 55.07 -26.46 1.63
CA LYS D 122 54.18 -25.37 1.49
C LYS D 122 52.75 -25.85 1.72
N ILE D 123 52.30 -27.05 1.18
CA ILE D 123 51.00 -27.62 1.18
C ILE D 123 50.71 -27.92 2.65
N ASP D 124 51.68 -28.55 3.38
CA ASP D 124 51.62 -28.96 4.74
C ASP D 124 51.44 -27.73 5.57
N LYS D 125 52.11 -26.65 5.20
CA LYS D 125 52.08 -25.42 5.93
C LYS D 125 50.63 -24.90 6.03
N GLU D 126 49.97 -24.98 4.84
CA GLU D 126 48.64 -24.57 4.66
C GLU D 126 47.69 -25.43 5.40
N ILE D 127 47.91 -26.77 5.44
CA ILE D 127 47.10 -27.77 6.04
C ILE D 127 47.12 -27.55 7.56
N ASP D 128 48.28 -27.25 8.13
CA ASP D 128 48.39 -27.01 9.57
C ASP D 128 47.65 -25.78 10.03
N SER D 129 47.63 -24.72 9.17
CA SER D 129 46.89 -23.53 9.44
C SER D 129 45.38 -23.72 9.46
N THR D 130 44.77 -24.78 8.82
CA THR D 130 43.34 -25.03 8.89
C THR D 130 42.86 -25.67 10.14
N ASP D 131 41.52 -25.68 10.26
CA ASP D 131 40.77 -26.19 11.41
C ASP D 131 40.28 -27.55 10.92
N ASN D 132 39.08 -27.61 10.43
CA ASN D 132 38.45 -28.74 9.82
C ASN D 132 38.54 -28.55 8.37
N PHE D 133 39.35 -29.38 7.71
CA PHE D 133 39.67 -29.32 6.31
C PHE D 133 38.56 -29.99 5.52
N GLU D 134 37.77 -29.31 4.61
CA GLU D 134 36.93 -29.99 3.75
C GLU D 134 37.65 -30.67 2.63
N GLY D 135 38.60 -29.98 1.95
CA GLY D 135 39.32 -30.53 0.81
C GLY D 135 40.04 -29.46 -0.02
N PHE D 136 40.50 -29.92 -1.21
CA PHE D 136 41.38 -29.24 -2.13
C PHE D 136 40.54 -28.99 -3.31
N GLN D 137 40.94 -27.88 -3.93
CA GLN D 137 40.44 -27.34 -5.12
C GLN D 137 41.57 -27.16 -6.05
N LEU D 138 41.46 -27.75 -7.34
CA LEU D 138 42.56 -27.55 -8.25
C LEU D 138 42.05 -26.63 -9.32
N LEU D 139 42.78 -25.58 -9.63
CA LEU D 139 42.49 -24.58 -10.61
C LEU D 139 43.58 -24.81 -11.62
N HIS D 140 43.29 -25.06 -12.96
CA HIS D 140 44.30 -25.31 -13.93
C HIS D 140 43.67 -25.36 -15.35
N SER D 141 44.50 -25.51 -16.35
CA SER D 141 44.09 -25.83 -17.66
C SER D 141 44.69 -27.19 -18.03
N VAL D 142 43.92 -27.91 -18.84
CA VAL D 142 44.37 -29.15 -19.52
C VAL D 142 44.85 -28.80 -20.83
N ALA D 143 44.86 -27.49 -21.14
CA ALA D 143 45.41 -26.95 -22.39
C ALA D 143 46.82 -26.40 -22.31
N GLY D 144 47.46 -26.31 -21.15
CA GLY D 144 48.79 -25.82 -21.12
C GLY D 144 49.78 -26.96 -21.15
N GLY D 145 51.07 -26.67 -21.14
CA GLY D 145 52.09 -27.65 -20.74
C GLY D 145 52.24 -27.80 -19.27
N THR D 146 52.44 -26.67 -18.55
CA THR D 146 52.70 -26.54 -17.09
C THR D 146 51.36 -26.88 -16.46
N GLY D 147 50.25 -26.23 -16.88
CA GLY D 147 49.01 -26.28 -16.20
C GLY D 147 48.56 -27.75 -16.21
N SER D 148 48.74 -28.43 -17.35
CA SER D 148 48.28 -29.76 -17.55
C SER D 148 49.07 -30.74 -16.81
N GLY D 149 50.44 -30.79 -17.02
CA GLY D 149 51.38 -31.78 -16.57
C GLY D 149 51.66 -31.69 -15.04
N LEU D 150 52.00 -30.42 -14.53
CA LEU D 150 52.28 -30.14 -13.16
C LEU D 150 51.02 -30.32 -12.40
N GLY D 151 49.89 -29.90 -12.97
CA GLY D 151 48.58 -30.06 -12.42
C GLY D 151 48.16 -31.50 -12.24
N SER D 152 48.39 -32.40 -13.19
CA SER D 152 48.23 -33.88 -13.10
C SER D 152 49.11 -34.58 -12.08
N ASN D 153 50.39 -34.14 -11.90
CA ASN D 153 51.29 -34.62 -10.85
C ASN D 153 50.71 -34.31 -9.43
N LEU D 154 50.18 -33.05 -9.18
CA LEU D 154 49.66 -32.64 -7.88
C LEU D 154 48.44 -33.39 -7.45
N LEU D 155 47.62 -33.58 -8.48
CA LEU D 155 46.34 -34.23 -8.32
C LEU D 155 46.54 -35.68 -7.92
N GLU D 156 47.51 -36.42 -8.55
CA GLU D 156 47.72 -37.86 -8.08
C GLU D 156 48.28 -38.06 -6.81
N ALA D 157 49.24 -37.21 -6.38
CA ALA D 157 49.87 -37.28 -5.06
C ALA D 157 48.90 -36.94 -3.99
N LEU D 158 48.04 -35.88 -4.11
CA LEU D 158 47.05 -35.54 -3.06
C LEU D 158 46.05 -36.61 -2.87
N CYS D 159 45.70 -37.27 -3.98
CA CYS D 159 44.78 -38.40 -4.00
C CYS D 159 45.24 -39.58 -3.16
N ASP D 160 46.49 -40.03 -3.28
CA ASP D 160 46.98 -41.18 -2.59
C ASP D 160 47.06 -40.79 -1.09
N ARG D 161 47.66 -39.57 -0.83
CA ARG D 161 48.02 -39.11 0.47
C ARG D 161 46.79 -38.89 1.29
N TYR D 162 45.77 -38.18 0.80
CA TYR D 162 44.50 -37.86 1.44
C TYR D 162 43.47 -38.57 0.59
N PRO D 163 42.86 -39.60 1.01
CA PRO D 163 41.88 -40.36 0.20
C PRO D 163 40.44 -40.28 0.71
N LYS D 164 40.21 -39.32 1.71
CA LYS D 164 38.96 -39.04 2.36
C LYS D 164 38.70 -37.53 2.24
N LYS D 165 39.56 -36.68 1.59
CA LYS D 165 39.21 -35.28 1.45
C LYS D 165 38.81 -35.18 0.04
N ILE D 166 38.09 -34.08 -0.20
CA ILE D 166 37.37 -33.91 -1.46
C ILE D 166 38.42 -33.33 -2.40
N LEU D 167 38.40 -33.72 -3.66
CA LEU D 167 39.14 -33.14 -4.69
C LEU D 167 38.06 -32.68 -5.68
N THR D 168 37.99 -31.38 -5.93
CA THR D 168 37.21 -30.79 -6.99
C THR D 168 38.28 -30.08 -7.86
N THR D 169 38.06 -30.03 -9.22
CA THR D 169 38.92 -29.42 -10.14
C THR D 169 38.03 -28.51 -10.94
N TYR D 170 38.65 -27.36 -11.41
CA TYR D 170 38.17 -26.50 -12.45
C TYR D 170 39.17 -26.65 -13.61
N SER D 171 38.81 -27.37 -14.68
CA SER D 171 39.72 -27.77 -15.77
C SER D 171 39.20 -27.00 -16.97
N VAL D 172 40.02 -26.29 -17.70
CA VAL D 172 39.78 -25.67 -18.99
C VAL D 172 40.22 -26.62 -20.07
N PHE D 173 39.31 -26.99 -20.99
CA PHE D 173 39.67 -27.87 -22.02
C PHE D 173 40.00 -27.01 -23.26
N PRO D 174 40.93 -27.40 -24.16
CA PRO D 174 41.30 -26.56 -25.25
C PRO D 174 40.17 -26.52 -26.21
N ALA D 175 40.24 -25.60 -27.22
CA ALA D 175 39.31 -25.55 -28.32
C ALA D 175 39.61 -26.69 -29.18
N ARG D 176 38.57 -27.10 -29.99
CA ARG D 176 38.58 -28.41 -30.63
C ARG D 176 39.59 -28.46 -31.75
N SER D 177 39.88 -27.26 -32.30
CA SER D 177 40.83 -26.84 -33.28
C SER D 177 41.66 -25.89 -32.53
N SER D 178 42.96 -25.77 -32.71
CA SER D 178 43.76 -24.82 -31.99
C SER D 178 44.97 -24.67 -32.79
N GLU D 179 45.81 -23.56 -32.56
CA GLU D 179 46.99 -23.09 -33.22
C GLU D 179 48.03 -24.18 -33.25
N VAL D 180 48.26 -24.78 -32.08
CA VAL D 180 49.18 -25.90 -31.71
C VAL D 180 48.31 -27.15 -31.81
N VAL D 181 48.90 -28.16 -32.42
CA VAL D 181 48.15 -29.44 -32.73
C VAL D 181 48.43 -30.47 -31.68
N VAL D 182 49.39 -30.06 -30.79
CA VAL D 182 49.73 -30.79 -29.60
C VAL D 182 48.70 -30.71 -28.48
N GLN D 183 47.57 -29.92 -28.62
CA GLN D 183 46.54 -29.80 -27.64
C GLN D 183 46.11 -31.18 -27.13
N SER D 184 45.97 -32.14 -28.10
CA SER D 184 45.49 -33.48 -27.90
C SER D 184 46.41 -34.32 -27.03
N TYR D 185 47.79 -34.12 -27.13
CA TYR D 185 48.79 -34.85 -26.32
C TYR D 185 48.62 -34.45 -24.88
N ASN D 186 48.50 -33.18 -24.63
CA ASN D 186 48.27 -32.64 -23.31
C ASN D 186 47.03 -33.16 -22.80
N THR D 187 45.92 -33.22 -23.53
CA THR D 187 44.66 -33.68 -23.06
C THR D 187 44.43 -35.11 -22.61
N ILE D 188 44.92 -36.00 -23.46
CA ILE D 188 44.83 -37.45 -23.32
C ILE D 188 45.57 -37.94 -22.09
N LEU D 189 46.84 -37.43 -21.93
CA LEU D 189 47.69 -37.66 -20.74
C LEU D 189 47.17 -37.14 -19.39
N ALA D 190 46.57 -35.95 -19.40
CA ALA D 190 45.93 -35.28 -18.30
C ALA D 190 44.67 -35.96 -17.88
N LEU D 191 43.90 -36.43 -18.86
CA LEU D 191 42.56 -36.99 -18.62
C LEU D 191 42.54 -38.21 -17.74
N ARG D 192 43.61 -39.01 -17.79
CA ARG D 192 43.82 -40.26 -17.01
C ARG D 192 43.89 -40.00 -15.49
N ARG D 193 44.61 -38.99 -15.00
CA ARG D 193 44.59 -38.52 -13.69
C ARG D 193 43.21 -37.84 -13.31
N LEU D 194 42.64 -37.08 -14.27
CA LEU D 194 41.38 -36.38 -14.03
C LEU D 194 40.20 -37.30 -13.85
N ILE D 195 40.16 -38.40 -14.62
CA ILE D 195 39.06 -39.32 -14.39
C ILE D 195 39.18 -39.99 -13.04
N GLU D 196 40.40 -40.52 -12.77
CA GLU D 196 40.54 -41.32 -11.55
C GLU D 196 40.74 -40.60 -10.23
N ASP D 197 41.62 -39.58 -10.21
CA ASP D 197 42.03 -38.91 -9.01
C ASP D 197 41.10 -37.85 -8.59
N SER D 198 40.21 -37.43 -9.41
CA SER D 198 39.33 -36.29 -9.12
C SER D 198 37.95 -36.91 -9.05
N ASP D 199 37.12 -36.35 -8.14
CA ASP D 199 35.82 -36.78 -7.87
C ASP D 199 34.82 -35.82 -8.53
N ALA D 200 35.35 -34.60 -8.78
CA ALA D 200 34.51 -33.71 -9.53
C ALA D 200 35.47 -32.90 -10.46
N THR D 201 35.01 -32.65 -11.76
CA THR D 201 35.71 -31.78 -12.66
C THR D 201 34.69 -30.77 -13.33
N VAL D 202 34.78 -29.41 -13.35
CA VAL D 202 34.06 -28.45 -14.01
C VAL D 202 34.87 -28.19 -15.25
N VAL D 203 34.27 -28.57 -16.42
CA VAL D 203 34.87 -28.42 -17.71
C VAL D 203 34.52 -27.00 -18.28
N PHE D 204 35.53 -26.23 -18.69
CA PHE D 204 35.50 -24.93 -19.27
C PHE D 204 35.99 -25.11 -20.67
N ASP D 205 35.11 -24.93 -21.71
CA ASP D 205 35.55 -25.10 -23.04
C ASP D 205 36.01 -23.85 -23.66
N ASN D 206 37.30 -23.77 -24.13
CA ASN D 206 37.89 -22.52 -24.58
C ASN D 206 37.30 -21.90 -25.85
N ALA D 207 36.79 -22.74 -26.75
CA ALA D 207 36.00 -22.30 -27.89
C ALA D 207 34.78 -21.55 -27.49
N SER D 208 34.08 -22.05 -26.43
CA SER D 208 32.89 -21.39 -25.92
C SER D 208 33.25 -20.03 -25.16
N LEU D 209 34.38 -20.04 -24.34
CA LEU D 209 34.84 -18.92 -23.64
C LEU D 209 35.26 -17.80 -24.47
N LEU D 210 35.96 -18.07 -25.65
CA LEU D 210 36.44 -16.99 -26.54
C LEU D 210 35.24 -16.28 -27.09
N ASN D 211 34.16 -17.06 -27.49
CA ASN D 211 33.02 -16.47 -28.18
C ASN D 211 32.37 -15.45 -27.25
N ILE D 212 32.28 -15.71 -25.89
CA ILE D 212 31.66 -14.81 -24.92
C ILE D 212 32.41 -13.51 -24.88
N SER D 213 33.77 -13.48 -24.83
CA SER D 213 34.62 -12.35 -24.77
C SER D 213 34.59 -11.55 -25.99
N GLY D 214 34.62 -12.15 -27.13
CA GLY D 214 34.49 -11.39 -28.43
C GLY D 214 33.15 -10.75 -28.68
N LYS D 215 32.09 -11.59 -28.50
CA LYS D 215 30.75 -11.09 -28.83
C LYS D 215 30.17 -10.08 -27.79
N VAL D 216 30.13 -10.44 -26.46
CA VAL D 216 29.56 -9.68 -25.37
C VAL D 216 30.37 -8.46 -24.91
N PHE D 217 31.68 -8.66 -24.68
CA PHE D 217 32.59 -7.66 -24.19
C PHE D 217 32.82 -6.66 -25.33
N ARG D 218 32.77 -7.13 -26.63
CA ARG D 218 33.09 -6.37 -27.85
C ARG D 218 34.63 -6.22 -27.91
N ASN D 219 35.37 -7.39 -27.81
CA ASN D 219 36.79 -7.52 -27.92
C ASN D 219 37.22 -7.70 -29.36
N PRO D 220 37.99 -6.94 -30.12
CA PRO D 220 38.50 -7.28 -31.40
C PRO D 220 39.71 -8.07 -31.30
N ASN D 221 40.37 -8.19 -30.10
CA ASN D 221 41.56 -9.02 -29.90
C ASN D 221 41.21 -9.76 -28.68
N ILE D 222 41.16 -11.10 -28.72
CA ILE D 222 40.72 -11.90 -27.64
C ILE D 222 41.90 -12.63 -27.15
N ASP D 223 42.35 -12.26 -25.89
CA ASP D 223 43.43 -12.91 -25.27
C ASP D 223 42.84 -13.65 -24.09
N LEU D 224 43.79 -14.27 -23.32
CA LEU D 224 43.47 -15.08 -22.15
C LEU D 224 42.85 -14.22 -21.13
N GLN D 225 43.37 -12.99 -21.01
CA GLN D 225 43.12 -12.13 -19.86
C GLN D 225 41.65 -11.83 -19.70
N HIS D 226 40.93 -11.63 -20.85
CA HIS D 226 39.52 -11.54 -20.97
C HIS D 226 38.68 -12.80 -20.60
N THR D 227 39.07 -13.98 -21.09
CA THR D 227 38.50 -15.29 -20.89
C THR D 227 38.62 -15.77 -19.43
N ASN D 228 39.79 -15.38 -18.79
CA ASN D 228 40.09 -15.67 -17.43
C ASN D 228 39.05 -15.02 -16.44
N GLN D 229 38.45 -13.85 -16.87
CA GLN D 229 37.46 -13.00 -16.16
C GLN D 229 36.21 -13.71 -15.93
N LEU D 230 35.81 -14.54 -16.95
CA LEU D 230 34.69 -15.40 -16.97
C LEU D 230 34.80 -16.52 -15.98
N ILE D 231 35.95 -17.16 -15.98
CA ILE D 231 36.19 -18.26 -15.14
C ILE D 231 36.15 -17.94 -13.65
N SER D 232 36.80 -16.79 -13.29
CA SER D 232 36.93 -16.23 -11.93
C SER D 232 35.51 -15.90 -11.42
N THR D 233 34.58 -15.43 -12.31
CA THR D 233 33.15 -15.12 -12.01
C THR D 233 32.41 -16.35 -11.62
N ILE D 234 32.61 -17.49 -12.34
CA ILE D 234 31.98 -18.78 -12.09
C ILE D 234 32.46 -19.40 -10.77
N ILE D 235 33.80 -19.41 -10.52
CA ILE D 235 34.38 -19.94 -9.29
C ILE D 235 33.87 -19.08 -8.15
N SER D 236 33.74 -17.82 -8.36
CA SER D 236 33.26 -16.91 -7.37
C SER D 236 31.77 -17.26 -6.98
N SER D 237 30.94 -17.50 -8.02
CA SER D 237 29.57 -17.69 -7.89
C SER D 237 29.19 -18.95 -7.09
N VAL D 238 29.91 -20.07 -7.16
CA VAL D 238 29.60 -21.29 -6.46
C VAL D 238 29.71 -21.04 -4.94
N THR D 239 30.57 -20.03 -4.56
CA THR D 239 30.85 -19.74 -3.16
C THR D 239 29.73 -18.99 -2.51
N ASN D 240 28.77 -18.45 -3.34
CA ASN D 240 27.62 -17.58 -2.92
C ASN D 240 26.80 -18.22 -1.80
N SER D 241 26.49 -19.52 -1.88
CA SER D 241 25.76 -20.34 -0.91
C SER D 241 26.44 -20.60 0.41
N ILE D 242 27.79 -20.52 0.41
CA ILE D 242 28.73 -20.64 1.50
C ILE D 242 28.71 -19.44 2.35
N ARG D 243 28.59 -18.23 1.70
CA ARG D 243 28.55 -16.93 2.25
C ARG D 243 27.29 -16.60 2.84
N PHE D 244 26.18 -17.33 2.50
CA PHE D 244 24.90 -17.25 3.00
C PHE D 244 24.43 -18.67 3.27
N PRO D 245 24.90 -19.34 4.31
CA PRO D 245 24.64 -20.75 4.50
C PRO D 245 23.34 -20.98 5.31
N SER D 246 22.33 -21.48 4.66
CA SER D 246 20.99 -21.42 5.22
C SER D 246 20.22 -22.59 4.57
N TYR D 247 20.94 -23.63 4.12
CA TYR D 247 20.38 -24.89 3.66
C TYR D 247 21.46 -25.89 3.94
N MET D 248 21.13 -27.13 4.11
CA MET D 248 22.01 -28.22 4.48
C MET D 248 22.99 -28.43 3.25
N TYR D 249 22.36 -28.25 2.07
CA TYR D 249 22.91 -28.42 0.76
C TYR D 249 23.74 -27.26 0.27
N SER D 250 24.06 -26.33 1.15
CA SER D 250 24.89 -25.24 0.79
C SER D 250 26.32 -25.48 1.35
N SER D 251 26.54 -26.65 1.99
CA SER D 251 27.88 -27.05 2.37
C SER D 251 28.58 -27.65 1.17
N MET D 252 29.90 -27.58 1.13
CA MET D 252 30.76 -27.95 0.03
C MET D 252 30.60 -29.41 -0.26
N SER D 253 30.59 -30.25 0.81
CA SER D 253 30.43 -31.68 0.67
C SER D 253 29.09 -32.03 0.06
N SER D 254 27.95 -31.39 0.55
CA SER D 254 26.64 -31.76 0.05
C SER D 254 26.25 -31.38 -1.40
N ILE D 255 26.86 -30.23 -1.86
CA ILE D 255 26.76 -29.71 -3.22
C ILE D 255 27.46 -30.68 -4.14
N TYR D 256 28.67 -31.15 -3.68
CA TYR D 256 29.49 -32.08 -4.38
C TYR D 256 28.81 -33.40 -4.64
N SER D 257 28.18 -33.91 -3.60
CA SER D 257 27.42 -35.16 -3.69
C SER D 257 26.28 -35.08 -4.68
N THR D 258 25.50 -33.93 -4.68
CA THR D 258 24.24 -33.71 -5.46
C THR D 258 24.65 -33.65 -6.94
N LEU D 259 25.72 -32.86 -7.27
CA LEU D 259 26.09 -32.53 -8.62
C LEU D 259 26.66 -33.61 -9.48
N ILE D 260 27.50 -34.47 -8.88
CA ILE D 260 28.22 -35.60 -9.46
C ILE D 260 27.42 -36.81 -9.09
N PRO D 261 26.85 -37.55 -10.03
CA PRO D 261 25.91 -38.58 -9.81
C PRO D 261 26.61 -39.90 -9.51
N SER D 262 27.80 -40.12 -10.08
CA SER D 262 28.55 -41.36 -9.87
C SER D 262 30.05 -40.97 -9.76
N PRO D 263 30.94 -41.82 -9.29
CA PRO D 263 32.29 -41.35 -9.11
C PRO D 263 32.97 -41.35 -10.50
N GLU D 264 32.44 -42.23 -11.43
CA GLU D 264 33.02 -42.32 -12.80
C GLU D 264 32.53 -41.23 -13.62
N LEU D 265 31.17 -40.92 -13.56
CA LEU D 265 30.55 -39.88 -14.44
C LEU D 265 30.45 -38.69 -13.58
N HIS D 266 31.30 -37.71 -13.77
CA HIS D 266 31.44 -36.56 -12.94
C HIS D 266 31.76 -35.30 -13.70
N PHE D 267 31.62 -35.26 -15.05
CA PHE D 267 31.95 -34.13 -15.86
C PHE D 267 30.82 -33.13 -16.02
N LEU D 268 31.10 -31.85 -15.61
CA LEU D 268 30.14 -30.76 -15.53
C LEU D 268 30.32 -29.72 -16.61
N SER D 269 29.16 -29.05 -16.96
CA SER D 269 29.18 -27.91 -17.74
C SER D 269 28.57 -26.90 -16.83
N PRO D 270 29.12 -25.74 -16.75
CA PRO D 270 28.45 -24.60 -16.14
C PRO D 270 27.88 -23.74 -17.26
N SER D 271 26.89 -22.85 -16.91
CA SER D 271 26.23 -21.87 -17.76
C SER D 271 26.11 -20.76 -16.79
N PHE D 272 26.04 -19.55 -17.33
CA PHE D 272 25.91 -18.40 -16.50
C PHE D 272 25.14 -17.42 -17.34
N THR D 273 24.35 -16.53 -16.69
CA THR D 273 23.65 -15.45 -17.44
C THR D 273 23.51 -14.36 -16.35
N PRO D 274 23.63 -13.05 -16.61
CA PRO D 274 23.98 -12.43 -17.87
C PRO D 274 25.46 -12.22 -17.71
N PHE D 275 26.16 -12.16 -18.88
CA PHE D 275 27.52 -11.69 -18.87
C PHE D 275 27.45 -10.17 -18.93
N THR D 276 27.96 -9.51 -17.85
CA THR D 276 28.10 -8.05 -17.75
C THR D 276 28.80 -7.69 -16.41
N SER D 277 29.08 -8.80 -15.61
CA SER D 277 29.81 -8.76 -14.33
C SER D 277 31.02 -9.57 -14.57
N ASP D 278 31.87 -9.19 -15.57
CA ASP D 278 33.15 -9.79 -15.78
C ASP D 278 34.04 -8.72 -16.22
N TYR D 279 33.96 -7.64 -15.49
CA TYR D 279 34.79 -6.43 -15.57
C TYR D 279 34.59 -5.75 -16.89
N ILE D 280 33.34 -5.59 -17.27
CA ILE D 280 32.85 -4.94 -18.48
C ILE D 280 31.53 -4.35 -18.09
N HIS D 281 31.11 -3.24 -18.81
CA HIS D 281 29.87 -2.67 -18.47
C HIS D 281 29.38 -1.91 -19.70
N ASP D 282 28.01 -1.97 -19.89
CA ASP D 282 27.28 -1.56 -21.03
C ASP D 282 26.36 -0.46 -20.58
N ASP D 283 25.05 -0.66 -20.46
CA ASP D 283 24.06 0.31 -19.91
C ASP D 283 22.87 -0.41 -19.22
N ILE D 284 22.98 -1.63 -19.16
CA ILE D 284 21.99 -2.44 -18.51
C ILE D 284 22.22 -2.54 -17.05
N ALA D 285 21.13 -2.58 -16.25
CA ALA D 285 21.14 -2.62 -14.81
C ALA D 285 19.91 -3.35 -14.33
N HIS D 286 18.99 -3.81 -15.26
CA HIS D 286 17.82 -4.63 -14.91
C HIS D 286 17.61 -5.66 -15.95
N LYS D 287 16.79 -6.76 -15.64
CA LYS D 287 16.46 -7.88 -16.46
C LYS D 287 15.13 -8.49 -16.03
N GLY D 288 14.49 -9.28 -16.88
CA GLY D 288 13.20 -9.95 -16.55
C GLY D 288 13.54 -11.26 -15.86
N HIS D 289 12.69 -11.78 -14.97
CA HIS D 289 12.92 -13.01 -14.34
C HIS D 289 12.89 -14.15 -15.17
N SER D 290 12.03 -14.24 -16.17
CA SER D 290 11.88 -15.40 -17.10
C SER D 290 13.14 -15.69 -17.91
N SER D 291 13.69 -14.55 -18.40
CA SER D 291 14.69 -14.34 -19.46
C SER D 291 15.98 -15.01 -18.98
N TYR D 292 16.39 -14.89 -17.72
CA TYR D 292 17.57 -15.56 -17.26
C TYR D 292 17.44 -17.05 -17.30
N ASP D 293 16.34 -17.66 -16.77
CA ASP D 293 16.25 -19.12 -16.72
C ASP D 293 16.14 -19.83 -18.05
N VAL D 294 15.39 -19.19 -19.04
CA VAL D 294 15.38 -19.81 -20.39
C VAL D 294 16.71 -19.82 -21.12
N MET D 295 17.47 -18.71 -20.98
CA MET D 295 18.80 -18.57 -21.51
C MET D 295 19.80 -19.45 -20.90
N LEU D 296 19.59 -19.71 -19.60
CA LEU D 296 20.41 -20.60 -18.79
C LEU D 296 20.44 -22.07 -19.30
N ASP D 297 19.33 -22.56 -19.87
CA ASP D 297 19.36 -23.90 -20.37
C ASP D 297 20.15 -24.09 -21.64
N LEU D 298 20.31 -23.00 -22.45
CA LEU D 298 20.83 -22.98 -23.79
C LEU D 298 22.20 -22.47 -23.77
N LEU D 299 22.91 -22.91 -24.90
CA LEU D 299 24.34 -22.92 -25.02
C LEU D 299 24.93 -21.55 -25.53
N ASP D 300 24.06 -20.65 -25.87
CA ASP D 300 24.51 -19.34 -26.34
C ASP D 300 25.15 -18.48 -25.25
N PRO D 301 24.66 -18.27 -23.94
CA PRO D 301 25.41 -17.55 -22.93
C PRO D 301 25.79 -18.58 -21.94
N SER D 302 26.94 -19.26 -22.31
CA SER D 302 27.42 -20.37 -21.59
C SER D 302 28.90 -20.43 -21.68
N ASN D 303 29.46 -21.26 -20.79
CA ASN D 303 30.87 -21.41 -20.53
C ASN D 303 31.28 -22.80 -20.94
N SER D 304 30.44 -23.54 -21.66
CA SER D 304 30.79 -24.77 -22.37
C SER D 304 29.98 -24.71 -23.59
N LEU D 305 30.45 -25.40 -24.68
CA LEU D 305 29.88 -25.30 -25.98
C LEU D 305 29.03 -26.61 -26.07
N VAL D 306 29.32 -27.64 -25.28
CA VAL D 306 28.47 -28.76 -25.18
C VAL D 306 27.55 -28.52 -24.04
N SER D 307 26.32 -28.22 -24.43
CA SER D 307 25.28 -27.82 -23.51
C SER D 307 24.04 -28.01 -24.31
N THR D 308 24.20 -28.33 -25.64
CA THR D 308 23.13 -28.68 -26.57
C THR D 308 23.93 -29.12 -27.69
N ALA D 309 23.80 -30.35 -28.10
CA ALA D 309 24.42 -30.87 -29.23
C ALA D 309 23.54 -31.93 -29.77
N MET D 310 23.77 -32.47 -31.05
CA MET D 310 23.06 -33.55 -31.60
C MET D 310 24.13 -34.66 -32.01
N ASN D 311 25.35 -34.30 -31.76
CA ASN D 311 26.57 -35.03 -32.05
C ASN D 311 26.86 -36.12 -31.08
N ASN D 312 26.18 -36.01 -29.96
CA ASN D 312 26.31 -36.79 -28.74
C ASN D 312 24.95 -36.65 -28.11
N PRO D 313 24.43 -37.69 -27.41
CA PRO D 313 23.31 -37.61 -26.47
C PRO D 313 23.43 -36.49 -25.46
N THR D 314 22.40 -35.61 -25.28
CA THR D 314 22.52 -34.53 -24.38
C THR D 314 21.37 -34.79 -23.55
N TYR D 315 21.68 -35.32 -22.33
CA TYR D 315 20.75 -35.67 -21.28
C TYR D 315 21.26 -35.19 -20.04
N PHE D 316 20.43 -34.60 -19.09
CA PHE D 316 20.88 -34.15 -17.79
C PHE D 316 20.76 -35.29 -16.83
N ASN D 317 21.85 -35.54 -16.07
CA ASN D 317 21.82 -36.42 -14.96
C ASN D 317 21.23 -35.60 -13.78
N VAL D 318 21.67 -34.31 -13.56
CA VAL D 318 21.13 -33.51 -12.41
C VAL D 318 21.32 -32.05 -12.77
N TYR D 319 20.53 -31.08 -12.20
CA TYR D 319 20.54 -29.74 -12.55
C TYR D 319 20.37 -29.01 -11.25
N ASN D 320 21.19 -27.95 -11.08
CA ASN D 320 21.25 -27.00 -9.99
C ASN D 320 21.36 -25.68 -10.59
N THR D 321 20.49 -24.71 -10.14
CA THR D 321 20.72 -23.35 -10.49
C THR D 321 20.90 -22.54 -9.19
N ILE D 322 21.94 -21.75 -9.12
CA ILE D 322 22.28 -20.97 -8.00
C ILE D 322 21.97 -19.56 -8.48
N ILE D 323 21.02 -18.88 -7.81
CA ILE D 323 20.47 -17.62 -8.22
C ILE D 323 21.18 -16.62 -7.35
N GLY D 324 21.66 -15.54 -8.02
CA GLY D 324 22.51 -14.49 -7.43
C GLY D 324 21.92 -13.05 -7.61
N ASN D 325 21.73 -12.22 -6.51
CA ASN D 325 21.31 -10.82 -6.42
C ASN D 325 20.19 -10.96 -5.53
N VAL D 326 19.77 -9.80 -4.95
CA VAL D 326 18.65 -9.75 -4.08
C VAL D 326 17.35 -9.70 -4.92
N GLU D 327 16.32 -10.25 -4.34
CA GLU D 327 14.98 -10.52 -4.84
C GLU D 327 14.31 -11.30 -3.80
N PRO D 328 13.02 -11.45 -3.61
CA PRO D 328 12.38 -12.27 -2.56
C PRO D 328 12.58 -13.69 -2.89
N ARG D 329 12.64 -14.62 -1.91
CA ARG D 329 12.79 -16.03 -2.24
C ARG D 329 11.62 -16.62 -3.05
N GLN D 330 10.37 -16.26 -2.76
CA GLN D 330 9.22 -16.89 -3.37
C GLN D 330 9.11 -16.73 -4.86
N ILE D 331 9.42 -15.56 -5.46
CA ILE D 331 9.36 -15.31 -6.88
C ILE D 331 10.45 -16.20 -7.60
N SER D 332 11.71 -16.29 -6.94
CA SER D 332 12.74 -17.17 -7.49
C SER D 332 12.39 -18.67 -7.45
N ARG D 333 11.75 -19.20 -6.32
CA ARG D 333 11.26 -20.59 -6.19
C ARG D 333 10.19 -20.88 -7.13
N ALA D 334 9.28 -19.98 -7.40
CA ALA D 334 8.19 -20.12 -8.32
C ALA D 334 8.65 -20.25 -9.77
N MET D 335 9.67 -19.50 -10.15
CA MET D 335 10.24 -19.59 -11.44
C MET D 335 10.85 -20.93 -11.72
N THR D 336 11.64 -21.43 -10.75
CA THR D 336 12.26 -22.68 -10.78
C THR D 336 11.25 -23.86 -10.89
N LYS D 337 10.11 -23.68 -10.18
CA LYS D 337 9.03 -24.67 -10.12
C LYS D 337 8.37 -24.92 -11.40
N LEU D 338 8.18 -23.81 -12.15
CA LEU D 338 7.67 -23.84 -13.49
C LEU D 338 8.60 -24.49 -14.49
N GLN D 339 9.90 -24.21 -14.39
CA GLN D 339 10.86 -24.78 -15.33
C GLN D 339 10.99 -26.26 -15.28
N GLN D 340 11.01 -26.93 -14.06
CA GLN D 340 11.10 -28.41 -13.90
C GLN D 340 9.89 -29.10 -14.36
N ARG D 341 8.69 -28.52 -14.05
CA ARG D 341 7.47 -29.19 -14.35
C ARG D 341 7.23 -29.35 -15.83
N ILE D 342 7.55 -28.28 -16.51
CA ILE D 342 7.38 -28.24 -17.97
C ILE D 342 8.25 -29.22 -18.66
N LYS D 343 9.43 -29.48 -18.08
CA LYS D 343 10.44 -30.40 -18.51
C LYS D 343 11.44 -29.76 -19.44
N PHE D 344 11.77 -28.45 -19.25
CA PHE D 344 12.77 -27.58 -19.92
C PHE D 344 14.14 -28.24 -19.95
N PRO D 345 14.74 -28.75 -18.88
CA PRO D 345 15.97 -29.55 -18.99
C PRO D 345 15.67 -30.92 -19.48
N SER D 346 16.47 -31.43 -20.39
CA SER D 346 16.25 -32.70 -21.03
C SER D 346 16.37 -33.79 -19.98
N TRP D 347 15.67 -34.94 -20.04
CA TRP D 347 15.58 -35.98 -18.96
C TRP D 347 15.52 -37.28 -19.69
N SER D 348 15.72 -38.35 -18.87
CA SER D 348 15.75 -39.71 -19.44
C SER D 348 14.84 -40.53 -18.64
N SER D 349 14.92 -41.86 -18.84
CA SER D 349 14.13 -42.87 -18.17
C SER D 349 14.73 -43.26 -16.82
N SER D 350 13.91 -43.43 -15.74
CA SER D 350 14.21 -43.94 -14.44
C SER D 350 15.00 -42.95 -13.63
N ALA D 351 14.75 -41.63 -13.93
CA ALA D 351 15.44 -40.48 -13.26
C ALA D 351 15.02 -39.20 -14.09
N MET D 352 14.21 -38.31 -13.43
CA MET D 352 13.55 -37.22 -14.02
C MET D 352 13.01 -36.48 -12.86
N HIS D 353 12.86 -35.10 -13.06
CA HIS D 353 12.26 -34.02 -12.27
C HIS D 353 13.16 -33.75 -11.11
N VAL D 354 14.49 -33.94 -11.39
CA VAL D 354 15.58 -33.76 -10.48
C VAL D 354 16.25 -32.43 -10.89
N ASN D 355 15.60 -31.30 -10.65
CA ASN D 355 16.03 -29.92 -10.89
C ASN D 355 15.72 -29.18 -9.63
N ILE D 356 16.81 -28.50 -9.00
CA ILE D 356 16.69 -27.77 -7.70
C ILE D 356 17.15 -26.31 -7.97
N GLY D 357 16.68 -25.35 -7.09
CA GLY D 357 17.15 -24.00 -7.22
C GLY D 357 17.43 -23.49 -5.87
N ARG D 358 18.51 -22.67 -5.77
CA ARG D 358 18.79 -22.00 -4.53
C ARG D 358 18.96 -20.53 -4.81
N ARG D 359 18.50 -19.60 -3.91
CA ARG D 359 18.63 -18.21 -4.09
C ARG D 359 19.49 -17.73 -2.92
N SER D 360 20.49 -16.83 -3.24
CA SER D 360 21.29 -16.12 -2.25
C SER D 360 21.53 -14.74 -2.81
N PRO D 361 21.83 -13.67 -2.06
CA PRO D 361 22.08 -12.41 -2.67
C PRO D 361 23.54 -12.26 -2.94
N TYR D 362 23.88 -12.07 -4.25
CA TYR D 362 25.18 -11.72 -4.72
C TYR D 362 25.47 -10.23 -4.46
N LEU D 363 26.73 -10.03 -4.17
CA LEU D 363 27.27 -8.79 -3.71
C LEU D 363 27.96 -8.30 -4.95
N PRO D 364 27.90 -6.97 -5.18
CA PRO D 364 28.53 -6.36 -6.35
C PRO D 364 30.00 -6.69 -6.46
N LEU D 365 30.25 -7.37 -7.60
CA LEU D 365 31.60 -7.61 -7.96
C LEU D 365 31.94 -6.82 -9.22
N GLN D 366 30.96 -5.96 -9.64
CA GLN D 366 31.09 -5.09 -10.71
C GLN D 366 30.08 -4.01 -10.19
N PRO D 367 30.28 -2.71 -10.41
CA PRO D 367 29.32 -1.73 -10.03
C PRO D 367 28.09 -1.76 -10.94
N ASN D 368 26.94 -1.30 -10.41
CA ASN D 368 25.69 -1.15 -11.08
C ASN D 368 25.06 -2.50 -11.19
N GLU D 369 25.27 -3.42 -10.19
CA GLU D 369 24.52 -4.64 -10.16
C GLU D 369 23.36 -4.49 -9.29
N ASN D 370 22.15 -4.56 -9.93
CA ASN D 370 20.86 -4.54 -9.43
C ASN D 370 20.07 -5.38 -10.34
N GLU D 371 20.85 -6.05 -11.29
CA GLU D 371 20.44 -6.84 -12.34
C GLU D 371 20.50 -8.24 -11.81
N VAL D 372 19.38 -8.95 -11.89
CA VAL D 372 19.37 -10.34 -11.49
C VAL D 372 20.21 -11.27 -12.34
N SER D 373 20.90 -12.26 -11.73
CA SER D 373 21.85 -13.11 -12.36
C SER D 373 21.60 -14.56 -11.82
N GLY D 374 22.18 -15.57 -12.43
CA GLY D 374 22.20 -16.90 -12.05
C GLY D 374 23.23 -17.65 -12.75
N MET D 375 23.66 -18.77 -12.17
CA MET D 375 24.62 -19.77 -12.63
C MET D 375 23.95 -21.17 -12.65
N MET D 376 24.41 -22.02 -13.56
CA MET D 376 23.94 -23.34 -13.72
C MET D 376 25.13 -24.14 -13.41
N LEU D 377 24.96 -25.26 -12.62
CA LEU D 377 25.93 -26.32 -12.60
C LEU D 377 25.03 -27.52 -13.00
N SER D 378 25.28 -28.27 -14.12
CA SER D 378 24.49 -29.45 -14.40
C SER D 378 25.44 -30.46 -14.91
N ASN D 379 25.03 -31.72 -14.71
CA ASN D 379 25.81 -32.82 -15.14
C ASN D 379 25.09 -33.40 -16.33
N MET D 380 25.68 -33.25 -17.61
CA MET D 380 25.10 -33.58 -18.86
C MET D 380 26.07 -34.50 -19.55
N SER D 381 25.51 -35.50 -20.33
CA SER D 381 26.21 -36.57 -20.98
C SER D 381 27.21 -36.06 -22.04
N THR D 382 26.88 -34.99 -22.77
CA THR D 382 27.50 -34.50 -23.99
C THR D 382 28.95 -34.08 -23.79
N VAL D 383 29.36 -33.75 -22.55
CA VAL D 383 30.67 -33.29 -22.16
C VAL D 383 31.74 -34.31 -22.62
N VAL D 384 31.25 -35.61 -22.74
CA VAL D 384 32.07 -36.76 -23.14
C VAL D 384 32.71 -36.64 -24.56
N ASN D 385 31.95 -35.88 -25.42
CA ASN D 385 32.25 -35.59 -26.83
C ASN D 385 33.58 -34.84 -26.98
N VAL D 386 33.94 -33.91 -26.07
CA VAL D 386 35.12 -33.13 -26.00
C VAL D 386 36.33 -34.05 -25.80
N PHE D 387 36.25 -35.11 -24.94
CA PHE D 387 37.37 -36.15 -24.75
C PHE D 387 37.58 -36.98 -26.03
N GLU D 388 36.46 -37.32 -26.71
CA GLU D 388 36.44 -38.10 -28.02
C GLU D 388 37.13 -37.43 -29.11
N ASN D 389 36.93 -36.06 -29.28
CA ASN D 389 37.52 -35.26 -30.29
C ASN D 389 39.12 -35.30 -30.05
N ALA D 390 39.52 -35.21 -28.72
CA ALA D 390 40.90 -35.24 -28.28
C ALA D 390 41.46 -36.55 -28.63
N CYS D 391 40.73 -37.70 -28.42
CA CYS D 391 41.14 -39.05 -28.66
C CYS D 391 41.38 -39.23 -30.18
N ASN D 392 40.48 -38.69 -31.04
CA ASN D 392 40.60 -38.81 -32.52
C ASN D 392 41.87 -38.06 -33.01
N THR D 393 42.13 -36.74 -32.52
CA THR D 393 43.23 -35.95 -32.96
C THR D 393 44.57 -36.51 -32.51
N PHE D 394 44.48 -37.06 -31.25
CA PHE D 394 45.57 -37.66 -30.55
C PHE D 394 46.10 -38.90 -31.27
N ASP D 395 45.21 -39.82 -31.73
CA ASP D 395 45.54 -41.04 -32.45
C ASP D 395 46.30 -40.71 -33.73
N LYS D 396 45.86 -39.67 -34.47
CA LYS D 396 46.52 -39.15 -35.67
C LYS D 396 47.91 -38.54 -35.53
N VAL D 397 48.20 -37.77 -34.52
CA VAL D 397 49.45 -37.15 -34.24
C VAL D 397 50.48 -38.23 -34.00
N PHE D 398 50.03 -39.23 -33.25
CA PHE D 398 50.70 -40.46 -32.79
C PHE D 398 51.11 -41.31 -33.93
N ALA D 399 50.17 -41.48 -34.88
CA ALA D 399 50.52 -42.15 -36.06
C ALA D 399 51.59 -41.55 -36.89
N LYS D 400 51.55 -40.22 -37.09
CA LYS D 400 52.39 -39.50 -38.00
C LYS D 400 53.85 -39.47 -37.58
N GLY D 401 54.10 -39.45 -36.23
CA GLY D 401 55.40 -39.27 -35.68
C GLY D 401 55.81 -37.81 -35.66
N ALA D 402 54.81 -36.90 -35.58
CA ALA D 402 55.15 -35.53 -35.60
C ALA D 402 54.78 -34.91 -34.30
N PHE D 403 55.81 -34.56 -33.54
CA PHE D 403 55.78 -33.94 -32.23
C PHE D 403 55.61 -34.88 -31.12
N LEU D 404 56.08 -36.15 -31.32
CA LEU D 404 56.21 -37.06 -30.25
C LEU D 404 57.50 -36.62 -29.47
N ASN D 405 58.44 -35.90 -30.14
CA ASN D 405 59.79 -35.66 -29.67
C ASN D 405 59.87 -35.06 -28.27
N ASN D 406 59.06 -34.01 -27.93
CA ASN D 406 59.14 -33.36 -26.65
C ASN D 406 58.77 -34.28 -25.52
N TYR D 407 57.76 -35.21 -25.75
CA TYR D 407 57.34 -36.18 -24.77
C TYR D 407 58.43 -37.19 -24.43
N ASN D 408 59.18 -37.65 -25.47
CA ASN D 408 60.10 -38.77 -25.37
C ASN D 408 61.27 -38.68 -24.43
N VAL D 409 61.73 -37.41 -24.18
CA VAL D 409 62.68 -36.96 -23.25
C VAL D 409 62.25 -37.23 -21.92
N GLY D 410 60.93 -37.13 -21.66
CA GLY D 410 60.31 -37.41 -20.40
C GLY D 410 60.60 -38.76 -19.91
N ASP D 411 60.86 -39.05 -18.58
CA ASP D 411 61.20 -40.36 -18.06
C ASP D 411 60.13 -41.38 -18.29
N LEU D 412 58.86 -40.91 -18.16
CA LEU D 412 57.63 -41.64 -18.15
C LEU D 412 57.44 -42.30 -19.47
N PHE D 413 57.89 -41.57 -20.53
CA PHE D 413 57.62 -41.85 -22.03
C PHE D 413 58.91 -42.20 -22.68
N GLN D 414 59.86 -42.77 -21.90
CA GLN D 414 61.17 -43.06 -22.39
C GLN D 414 61.19 -44.36 -23.28
N SER D 415 60.31 -45.30 -22.92
CA SER D 415 60.16 -46.53 -23.60
C SER D 415 58.79 -47.07 -23.05
N MET D 416 57.88 -46.18 -22.52
CA MET D 416 56.57 -46.49 -21.95
C MET D 416 55.50 -45.62 -22.52
N GLN D 417 54.51 -46.23 -23.27
CA GLN D 417 53.37 -45.49 -23.73
C GLN D 417 52.21 -46.17 -23.01
N ASN D 418 52.49 -46.66 -21.77
CA ASN D 418 51.57 -47.45 -20.91
C ASN D 418 50.36 -46.55 -20.44
N VAL D 419 50.58 -45.21 -20.20
CA VAL D 419 49.57 -44.23 -19.74
C VAL D 419 48.40 -44.07 -20.69
N GLN D 420 48.66 -44.10 -22.04
CA GLN D 420 47.70 -44.09 -23.11
C GLN D 420 46.86 -45.32 -23.14
N ASP D 421 47.54 -46.46 -22.89
CA ASP D 421 46.78 -47.72 -22.81
C ASP D 421 45.76 -47.79 -21.69
N GLU D 422 46.22 -47.28 -20.48
CA GLU D 422 45.53 -47.19 -19.19
C GLU D 422 44.33 -46.32 -19.44
N PHE D 423 44.52 -45.15 -20.18
CA PHE D 423 43.49 -44.19 -20.49
C PHE D 423 42.37 -44.74 -21.28
N ALA D 424 42.80 -45.58 -22.30
CA ALA D 424 41.95 -46.22 -23.34
C ALA D 424 40.90 -47.12 -22.73
N GLU D 425 41.28 -47.87 -21.65
CA GLU D 425 40.39 -48.58 -20.84
C GLU D 425 39.47 -47.70 -19.98
N SER D 426 40.01 -46.66 -19.38
CA SER D 426 39.21 -45.78 -18.44
C SER D 426 38.07 -45.09 -19.12
N ARG D 427 38.32 -44.63 -20.37
CA ARG D 427 37.32 -44.00 -21.20
C ARG D 427 36.19 -44.92 -21.62
N GLU D 428 36.55 -46.26 -21.88
CA GLU D 428 35.51 -47.23 -22.22
C GLU D 428 34.55 -47.49 -21.21
N VAL D 429 34.86 -47.63 -19.92
CA VAL D 429 33.90 -47.76 -18.79
C VAL D 429 33.11 -46.53 -18.63
N VAL D 430 33.67 -45.30 -18.75
CA VAL D 430 32.82 -44.14 -18.59
C VAL D 430 31.75 -44.01 -19.66
N GLN D 431 32.20 -44.31 -20.95
CA GLN D 431 31.37 -44.24 -22.16
C GLN D 431 30.25 -45.16 -22.09
N SER D 432 30.50 -46.42 -21.62
CA SER D 432 29.40 -47.37 -21.48
C SER D 432 28.36 -46.87 -20.43
N LEU D 433 28.79 -46.29 -19.32
CA LEU D 433 27.78 -45.79 -18.35
C LEU D 433 26.95 -44.66 -18.86
N MET D 434 27.35 -43.66 -19.68
CA MET D 434 26.60 -42.56 -20.21
C MET D 434 25.48 -42.99 -21.08
N GLU D 435 25.72 -44.04 -21.94
CA GLU D 435 24.74 -44.54 -22.84
C GLU D 435 23.70 -45.21 -21.96
N ASP D 436 24.19 -45.89 -20.85
CA ASP D 436 23.37 -46.65 -20.04
C ASP D 436 22.27 -45.81 -19.41
N TYR D 437 22.53 -44.47 -19.14
CA TYR D 437 21.56 -43.54 -18.53
C TYR D 437 20.24 -43.37 -19.31
N VAL D 438 20.33 -43.49 -20.67
CA VAL D 438 19.22 -43.42 -21.57
C VAL D 438 18.18 -44.51 -21.40
N ALA D 439 18.73 -45.67 -21.04
CA ALA D 439 17.98 -46.89 -20.75
C ALA D 439 17.28 -46.88 -19.40
N ALA D 440 16.37 -47.85 -19.12
CA ALA D 440 15.70 -47.81 -17.82
C ALA D 440 16.45 -48.56 -16.78
N GLU D 441 17.56 -49.16 -17.31
CA GLU D 441 18.55 -50.04 -16.64
C GLU D 441 19.62 -49.03 -16.42
N GLN D 442 19.71 -48.67 -15.15
CA GLN D 442 20.51 -47.57 -14.67
C GLN D 442 20.33 -47.60 -13.15
N ASP D 443 19.42 -48.45 -12.60
CA ASP D 443 19.36 -48.64 -11.14
C ASP D 443 18.88 -50.06 -10.82
N SER D 444 18.55 -50.81 -11.91
CA SER D 444 17.96 -52.07 -11.79
C SER D 444 18.88 -53.02 -11.10
N TYR D 445 20.14 -53.07 -11.49
CA TYR D 445 21.14 -53.85 -10.78
C TYR D 445 22.09 -52.93 -9.93
N UNK E 1 -32.07 6.33 44.51
CA UNK E 1 -32.50 7.05 43.32
C UNK E 1 -33.99 7.39 43.46
N UNK E 2 -34.78 6.73 42.62
CA UNK E 2 -36.21 6.75 42.51
C UNK E 2 -36.80 6.22 43.84
N UNK E 3 -36.15 5.16 44.41
CA UNK E 3 -36.64 4.40 45.57
C UNK E 3 -36.78 5.18 46.81
N UNK E 4 -35.78 6.10 47.08
CA UNK E 4 -35.74 7.01 48.20
C UNK E 4 -36.82 8.05 48.20
N UNK E 5 -37.05 8.55 47.02
CA UNK E 5 -37.99 9.65 46.77
C UNK E 5 -39.35 9.16 47.18
N UNK E 6 -39.74 7.88 46.79
CA UNK E 6 -41.03 7.31 47.09
C UNK E 6 -41.27 7.06 48.57
N UNK E 7 -40.29 6.49 49.45
CA UNK E 7 -40.51 6.20 50.84
C UNK E 7 -40.74 7.44 51.71
N UNK E 8 -40.10 8.59 51.40
CA UNK E 8 -40.39 9.89 52.07
C UNK E 8 -41.83 10.46 51.88
N UNK E 9 -42.31 10.29 50.61
CA UNK E 9 -43.64 10.71 50.26
C UNK E 9 -44.72 9.90 51.01
N UNK E 10 -44.49 8.58 51.15
CA UNK E 10 -45.33 7.71 51.97
C UNK E 10 -45.39 8.10 53.42
N UNK E 11 -44.22 8.46 54.05
CA UNK E 11 -44.13 8.98 55.38
C UNK E 11 -44.92 10.31 55.53
N UNK E 12 -44.84 11.22 54.52
CA UNK E 12 -45.50 12.51 54.61
C UNK E 12 -46.97 12.42 54.70
N UNK E 13 -47.56 11.68 53.73
CA UNK E 13 -48.96 11.42 53.67
C UNK E 13 -49.55 10.62 54.84
N UNK E 14 -48.78 9.62 55.38
CA UNK E 14 -49.21 8.79 56.51
C UNK E 14 -49.47 9.67 57.82
N UNK E 15 -48.65 10.72 58.11
CA UNK E 15 -48.79 11.59 59.23
C UNK E 15 -50.09 12.33 59.32
N UNK E 16 -50.56 12.80 58.10
CA UNK E 16 -51.70 13.61 57.90
C UNK E 16 -52.98 12.91 58.31
N UNK E 17 -53.01 11.57 58.03
CA UNK E 17 -54.05 10.58 58.44
C UNK E 17 -54.01 10.42 59.94
N UNK E 18 -52.89 10.35 60.57
CA UNK E 18 -52.77 10.24 62.02
C UNK E 18 -53.32 11.44 62.69
N UNK E 19 -53.01 12.64 62.19
CA UNK E 19 -53.56 13.90 62.61
C UNK E 19 -55.02 14.07 62.38
N UNK E 20 -55.55 13.62 61.22
CA UNK E 20 -56.95 13.72 60.78
C UNK E 20 -57.77 12.87 61.77
N UNK E 21 -57.27 11.67 62.11
CA UNK E 21 -57.98 10.79 63.05
C UNK E 21 -58.04 11.44 64.45
N UNK E 22 -57.07 12.29 64.89
CA UNK E 22 -57.06 13.03 66.17
C UNK E 22 -58.20 13.99 66.20
N UNK E 23 -58.49 14.73 65.12
CA UNK E 23 -59.63 15.66 65.06
C UNK E 23 -60.97 15.00 65.19
N UNK E 24 -61.05 13.88 64.49
CA UNK E 24 -62.30 13.13 64.56
C UNK E 24 -62.62 12.59 65.96
N UNK E 25 -61.61 11.99 66.69
CA UNK E 25 -61.89 11.40 67.94
C UNK E 25 -62.34 12.47 68.96
N UNK E 26 -61.75 13.68 68.85
CA UNK E 26 -62.00 14.84 69.64
C UNK E 26 -63.41 15.36 69.47
N UNK E 27 -63.79 15.60 68.22
CA UNK E 27 -65.04 16.14 67.84
C UNK E 27 -66.21 15.17 68.07
N UNK E 28 -65.95 13.83 68.02
CA UNK E 28 -66.91 12.83 68.38
C UNK E 28 -67.33 12.86 69.86
N UNK E 29 -66.48 13.36 70.79
CA UNK E 29 -66.81 13.48 72.22
C UNK E 29 -67.90 14.44 72.51
N UNK E 30 -67.87 15.60 71.84
CA UNK E 30 -68.79 16.72 71.97
C UNK E 30 -70.17 16.37 71.59
N UNK E 31 -70.28 15.48 70.53
CA UNK E 31 -71.54 14.93 70.05
C UNK E 31 -72.22 14.01 70.97
N UNK E 32 -71.42 13.10 71.66
CA UNK E 32 -71.96 12.20 72.71
C UNK E 32 -72.43 12.98 73.89
N UNK E 33 -71.71 14.02 74.29
CA UNK E 33 -72.12 14.82 75.37
C UNK E 33 -73.47 15.59 75.10
N UNK E 34 -73.61 16.19 73.92
CA UNK E 34 -74.88 16.86 73.58
C UNK E 34 -76.05 15.89 73.38
N UNK E 35 -75.80 14.66 72.81
CA UNK E 35 -76.85 13.65 72.59
C UNK E 35 -77.36 13.21 73.88
N UNK E 36 -76.52 13.17 74.92
CA UNK E 36 -76.95 12.86 76.25
C UNK E 36 -77.80 14.00 76.82
N UNK E 37 -77.51 15.29 76.52
CA UNK E 37 -78.12 16.55 76.94
C UNK E 37 -79.56 16.70 76.46
N UNK E 38 -79.71 16.28 75.16
CA UNK E 38 -80.91 16.23 74.41
C UNK E 38 -81.85 15.22 75.05
N UNK E 39 -81.33 13.98 75.50
CA UNK E 39 -82.13 13.00 76.23
C UNK E 39 -82.67 13.51 77.57
N UNK E 40 -81.76 14.11 78.30
CA UNK E 40 -82.02 14.60 79.61
C UNK E 40 -83.06 15.75 79.64
N UNK E 41 -82.95 16.75 78.71
CA UNK E 41 -83.79 17.89 78.59
C UNK E 41 -85.14 17.43 78.19
N UNK E 42 -85.16 16.48 77.28
CA UNK E 42 -86.32 15.84 76.72
C UNK E 42 -87.24 15.14 77.76
N UNK E 43 -86.57 14.47 78.72
CA UNK E 43 -87.32 13.86 79.76
C UNK E 43 -88.02 14.83 80.71
N UNK E 44 -87.31 15.92 81.25
CA UNK E 44 -87.77 16.71 82.32
C UNK E 44 -88.74 17.75 81.70
N UNK F 1 -46.53 -11.15 43.31
CA UNK F 1 -45.35 -10.28 43.10
C UNK F 1 -45.24 -9.20 44.09
N UNK F 2 -43.93 -8.94 44.38
CA UNK F 2 -43.53 -8.00 45.43
C UNK F 2 -44.00 -6.55 45.15
N UNK F 3 -43.94 -6.11 43.92
CA UNK F 3 -44.39 -4.84 43.54
C UNK F 3 -45.89 -4.56 43.75
N UNK F 4 -46.74 -5.52 43.44
CA UNK F 4 -48.13 -5.39 43.62
C UNK F 4 -48.47 -5.29 45.09
N UNK F 5 -47.82 -6.13 45.93
CA UNK F 5 -48.07 -6.17 47.36
C UNK F 5 -47.70 -4.89 48.01
N UNK F 6 -46.54 -4.23 47.69
CA UNK F 6 -46.27 -2.97 48.24
C UNK F 6 -47.16 -1.88 47.84
N UNK F 7 -47.55 -1.80 46.64
CA UNK F 7 -48.35 -0.82 45.97
C UNK F 7 -49.68 -0.74 46.60
N UNK F 8 -50.25 -1.97 46.91
CA UNK F 8 -51.56 -2.21 47.46
C UNK F 8 -51.76 -1.62 48.76
N UNK F 9 -50.67 -1.73 49.62
CA UNK F 9 -50.59 -1.28 50.98
C UNK F 9 -50.77 0.14 50.98
N UNK F 10 -50.16 0.82 50.02
CA UNK F 10 -50.29 2.28 49.87
C UNK F 10 -51.70 2.70 49.55
N UNK F 11 -52.39 1.88 48.66
CA UNK F 11 -53.80 2.14 48.25
C UNK F 11 -54.74 2.07 49.45
N UNK F 12 -54.57 1.16 50.39
CA UNK F 12 -55.35 0.96 51.61
C UNK F 12 -55.23 2.09 52.53
N UNK F 13 -54.01 2.60 52.67
CA UNK F 13 -53.75 3.85 53.47
C UNK F 13 -54.43 5.00 52.78
N UNK F 14 -54.44 5.03 51.44
CA UNK F 14 -55.00 6.06 50.60
C UNK F 14 -56.43 6.24 50.79
N UNK F 15 -57.12 5.07 50.95
CA UNK F 15 -58.57 5.02 51.16
C UNK F 15 -58.92 5.67 52.47
N UNK F 16 -58.08 5.32 53.45
CA UNK F 16 -58.17 5.70 54.86
C UNK F 16 -58.05 7.12 55.11
N UNK F 17 -57.04 7.68 54.37
CA UNK F 17 -56.68 9.04 54.51
C UNK F 17 -57.84 9.95 54.09
N UNK F 18 -58.51 9.59 52.99
CA UNK F 18 -59.69 10.24 52.42
C UNK F 18 -60.94 10.24 53.23
N UNK F 19 -61.26 8.96 53.85
CA UNK F 19 -62.45 8.79 54.62
C UNK F 19 -62.51 9.54 55.88
N UNK F 20 -61.32 9.64 56.52
CA UNK F 20 -61.13 10.25 57.81
C UNK F 20 -61.50 11.79 57.82
N UNK F 21 -61.25 12.39 56.58
CA UNK F 21 -61.54 13.81 56.23
C UNK F 21 -62.94 14.12 56.02
N UNK F 22 -63.59 13.17 55.27
CA UNK F 22 -65.04 13.08 54.88
C UNK F 22 -65.97 13.00 56.10
N UNK F 23 -65.59 12.09 57.03
CA UNK F 23 -66.20 11.84 58.32
C UNK F 23 -65.99 12.97 59.30
N UNK F 24 -64.84 13.67 59.29
CA UNK F 24 -64.58 14.83 60.08
C UNK F 24 -65.50 15.95 59.64
N UNK F 25 -65.84 16.05 58.33
CA UNK F 25 -66.82 17.08 58.03
C UNK F 25 -68.23 16.87 58.53
N UNK F 26 -68.70 15.55 58.66
CA UNK F 26 -69.99 15.24 59.28
C UNK F 26 -70.19 15.67 60.70
N UNK F 27 -69.08 15.68 61.49
CA UNK F 27 -69.09 16.07 62.90
C UNK F 27 -69.45 17.48 63.13
N UNK F 28 -68.92 18.37 62.23
CA UNK F 28 -69.18 19.77 62.10
C UNK F 28 -70.65 20.04 61.99
N UNK F 29 -71.34 19.28 61.05
CA UNK F 29 -72.78 19.39 60.75
C UNK F 29 -73.59 18.83 61.96
N UNK F 30 -73.14 17.68 62.52
CA UNK F 30 -73.80 16.99 63.61
C UNK F 30 -73.83 17.91 64.84
N UNK F 31 -72.70 18.70 65.20
CA UNK F 31 -72.68 19.62 66.31
C UNK F 31 -73.66 20.73 66.16
N UNK F 32 -73.81 21.19 64.89
CA UNK F 32 -74.65 22.34 64.62
C UNK F 32 -76.11 22.05 65.02
N UNK F 33 -76.54 20.87 64.57
CA UNK F 33 -77.88 20.45 64.65
C UNK F 33 -78.24 20.22 66.08
N UNK F 34 -77.37 19.54 66.84
CA UNK F 34 -77.57 19.25 68.28
C UNK F 34 -77.68 20.53 69.06
N UNK F 35 -76.98 21.58 68.74
CA UNK F 35 -77.17 22.88 69.47
C UNK F 35 -78.43 23.48 69.34
N UNK F 36 -78.92 23.52 68.07
CA UNK F 36 -80.25 24.15 67.83
C UNK F 36 -81.34 23.26 68.53
N UNK F 37 -81.22 21.90 68.58
CA UNK F 37 -82.19 21.03 69.26
C UNK F 37 -82.34 21.27 70.70
N UNK F 38 -81.13 21.58 71.38
CA UNK F 38 -80.98 21.76 72.83
C UNK F 38 -81.64 23.00 73.28
N UNK F 39 -81.48 24.06 72.44
CA UNK F 39 -81.97 25.39 72.69
C UNK F 39 -83.46 25.43 72.86
N UNK F 40 -84.18 24.82 71.88
CA UNK F 40 -85.64 24.80 71.85
C UNK F 40 -86.16 23.97 73.03
N UNK F 41 -85.37 22.92 73.33
CA UNK F 41 -85.70 21.99 74.37
C UNK F 41 -85.82 22.67 75.74
N UNK F 42 -84.77 23.59 76.04
CA UNK F 42 -84.46 24.18 77.26
C UNK F 42 -85.57 25.18 77.64
N UNK F 43 -86.01 26.07 76.66
CA UNK F 43 -87.00 27.05 76.89
C UNK F 43 -88.33 26.31 77.17
N UNK F 44 -88.64 25.31 76.32
CA UNK F 44 -89.87 24.49 76.40
C UNK F 44 -89.84 23.69 77.74
N GLN A 55 -70.51 25.30 68.10
CA GLN A 55 -70.33 26.07 69.42
C GLN A 55 -69.71 27.38 69.00
N GLU A 56 -69.87 28.43 69.84
CA GLU A 56 -69.43 29.79 69.61
C GLU A 56 -67.91 29.91 69.55
N ALA A 57 -67.28 29.10 70.45
CA ALA A 57 -65.88 29.02 70.61
C ALA A 57 -65.26 28.51 69.34
N LEU A 58 -65.92 27.48 68.69
CA LEU A 58 -65.53 26.90 67.42
C LEU A 58 -65.58 27.87 66.27
N VAL A 59 -66.62 28.78 66.14
CA VAL A 59 -66.81 29.80 65.12
C VAL A 59 -65.64 30.77 65.07
N VAL A 60 -65.19 31.16 66.30
CA VAL A 60 -64.04 32.00 66.42
C VAL A 60 -62.79 31.32 65.90
N LYS A 61 -62.61 29.97 66.16
CA LYS A 61 -61.44 29.24 65.78
C LYS A 61 -61.30 29.22 64.29
N ASP A 62 -62.47 29.02 63.56
CA ASP A 62 -62.65 29.04 62.14
C ASP A 62 -62.33 30.39 61.55
N LEU A 63 -62.68 31.53 62.20
CA LEU A 63 -62.37 32.86 61.69
C LEU A 63 -60.87 33.10 61.59
N LEU A 64 -60.10 32.66 62.62
CA LEU A 64 -58.66 32.69 62.65
C LEU A 64 -58.05 31.86 61.54
N ASN A 65 -58.55 30.62 61.27
CA ASN A 65 -58.06 29.69 60.30
C ASN A 65 -58.14 30.24 58.86
N VAL A 66 -59.22 30.91 58.58
CA VAL A 66 -59.59 31.52 57.32
C VAL A 66 -58.67 32.71 56.90
N LEU A 67 -58.30 33.56 57.90
CA LEU A 67 -57.41 34.69 57.75
C LEU A 67 -55.99 34.34 57.36
N ILE A 68 -55.55 33.16 57.86
CA ILE A 68 -54.31 32.58 57.40
C ILE A 68 -54.34 32.17 55.88
N GLY A 69 -55.53 31.83 55.32
CA GLY A 69 -55.67 31.45 53.93
C GLY A 69 -55.57 29.96 53.66
N LEU A 70 -55.29 29.13 54.65
CA LEU A 70 -54.92 27.72 54.55
C LEU A 70 -55.53 27.13 55.85
N GLU A 71 -56.46 26.16 55.83
CA GLU A 71 -57.09 25.64 57.05
C GLU A 71 -56.29 24.48 57.67
N GLY A 72 -56.13 24.29 59.02
CA GLY A 72 -55.18 23.32 59.46
C GLY A 72 -55.61 22.44 60.61
N THR A 73 -56.43 22.91 61.47
CA THR A 73 -56.93 22.17 62.62
C THR A 73 -58.38 22.48 62.93
N TYR A 74 -59.15 21.41 63.06
CA TYR A 74 -60.60 21.30 63.31
C TYR A 74 -61.31 21.24 62.01
N ILE A 75 -61.04 22.26 61.18
CA ILE A 75 -61.50 22.26 59.77
C ILE A 75 -60.10 21.96 59.11
N ARG A 76 -60.05 20.66 58.73
CA ARG A 76 -58.89 19.95 58.35
C ARG A 76 -58.52 20.03 56.88
N TYR A 77 -57.26 19.70 56.57
CA TYR A 77 -56.59 19.76 55.28
C TYR A 77 -56.25 18.32 55.07
N PHE A 78 -56.72 17.72 53.94
CA PHE A 78 -56.34 16.38 53.54
C PHE A 78 -55.43 16.67 52.33
N ASN A 79 -54.16 16.03 52.45
CA ASN A 79 -53.04 16.33 51.56
C ASN A 79 -53.37 16.03 50.07
N ASP A 80 -53.83 14.79 49.85
CA ASP A 80 -54.27 14.22 48.65
C ASP A 80 -55.76 14.36 48.43
N ILE A 90 -58.81 15.98 47.95
CA ILE A 90 -59.87 16.52 48.77
C ILE A 90 -59.56 17.89 49.25
N GLU A 91 -58.47 18.10 50.01
CA GLU A 91 -57.85 19.38 50.30
C GLU A 91 -58.46 19.90 51.64
N PHE A 92 -58.45 21.18 51.61
CA PHE A 92 -59.03 22.05 52.63
C PHE A 92 -60.57 21.94 52.68
N LYS A 93 -61.08 21.97 53.93
CA LYS A 93 -62.51 22.01 54.09
C LYS A 93 -62.71 22.99 55.26
N ILE A 94 -63.91 23.61 55.15
CA ILE A 94 -64.25 24.84 55.86
C ILE A 94 -65.54 24.75 56.54
N ALA A 95 -65.75 25.54 57.56
CA ALA A 95 -66.98 25.65 58.28
C ALA A 95 -68.10 26.22 57.43
N LYS A 96 -69.32 25.63 57.60
CA LYS A 96 -70.51 26.05 56.93
C LYS A 96 -71.37 26.70 58.05
N LYS A 97 -70.70 27.38 59.01
CA LYS A 97 -71.22 27.69 60.33
C LYS A 97 -70.84 29.15 60.47
N MET A 98 -71.14 29.98 59.40
CA MET A 98 -70.83 31.36 59.33
C MET A 98 -71.93 31.98 58.50
N ASP A 99 -72.03 33.36 58.57
CA ASP A 99 -72.91 34.25 57.94
C ASP A 99 -72.69 34.14 56.36
N PRO A 100 -73.65 34.11 55.43
CA PRO A 100 -73.36 33.79 54.03
C PRO A 100 -72.32 34.64 53.26
N SER A 101 -72.25 35.93 53.49
CA SER A 101 -71.35 36.94 52.91
C SER A 101 -69.95 36.63 53.27
N PHE A 102 -69.75 36.44 54.59
CA PHE A 102 -68.51 36.02 55.23
C PHE A 102 -68.08 34.66 54.71
N LYS A 103 -69.04 33.71 54.69
CA LYS A 103 -68.85 32.38 54.24
C LYS A 103 -68.51 32.13 52.79
N THR A 104 -69.09 32.83 51.76
CA THR A 104 -68.76 32.75 50.30
C THR A 104 -67.33 33.30 50.04
N PHE A 105 -66.96 34.47 50.66
CA PHE A 105 -65.69 35.05 50.58
C PHE A 105 -64.53 34.32 51.13
N SER A 106 -64.76 33.73 52.32
CA SER A 106 -63.76 32.89 53.00
C SER A 106 -63.46 31.72 52.19
N ARG A 107 -64.50 31.24 51.49
CA ARG A 107 -64.41 30.07 50.56
C ARG A 107 -63.53 30.46 49.43
N ARG A 108 -63.65 31.68 48.80
CA ARG A 108 -62.81 32.02 47.68
C ARG A 108 -61.34 32.20 48.15
N ILE A 109 -61.15 32.74 49.35
CA ILE A 109 -59.83 32.75 49.94
C ILE A 109 -59.29 31.31 50.08
N VAL A 110 -60.14 30.30 50.44
CA VAL A 110 -59.73 28.94 50.51
C VAL A 110 -59.21 28.37 49.19
N ARG A 111 -59.95 28.72 48.12
CA ARG A 111 -59.68 28.26 46.72
C ARG A 111 -58.38 28.77 46.19
N TYR A 112 -58.04 30.06 46.45
CA TYR A 112 -56.77 30.73 46.09
C TYR A 112 -55.70 29.90 46.82
N GLY A 113 -55.99 29.56 48.08
CA GLY A 113 -55.10 28.76 48.93
C GLY A 113 -54.93 27.34 48.40
N LYS A 114 -55.91 26.68 47.83
CA LYS A 114 -55.88 25.36 47.43
C LYS A 114 -54.89 25.25 46.27
N GLN A 115 -54.94 26.13 45.31
CA GLN A 115 -54.20 26.20 44.10
C GLN A 115 -52.76 26.38 44.48
N TYR A 116 -52.48 27.26 45.47
CA TYR A 116 -51.12 27.43 45.99
C TYR A 116 -50.52 26.15 46.57
N MET A 117 -51.40 25.40 47.37
CA MET A 117 -50.92 24.19 48.11
C MET A 117 -50.46 23.08 47.22
N ILE A 118 -51.25 22.84 46.13
CA ILE A 118 -51.16 21.86 45.07
C ILE A 118 -49.96 22.21 44.26
N LEU A 119 -49.67 23.52 43.98
CA LEU A 119 -48.45 23.85 43.22
C LEU A 119 -47.23 23.38 43.99
N THR A 120 -47.21 23.59 45.33
CA THR A 120 -46.10 23.14 46.19
C THR A 120 -45.96 21.64 46.06
N ARG A 121 -47.08 20.87 46.00
CA ARG A 121 -47.08 19.44 45.81
C ARG A 121 -46.53 18.95 44.48
N ALA A 122 -46.91 19.63 43.42
CA ALA A 122 -46.57 19.32 42.03
C ALA A 122 -45.08 19.49 41.93
N TYR A 123 -44.46 20.53 42.50
CA TYR A 123 -43.01 20.72 42.38
C TYR A 123 -42.24 19.55 42.99
N GLU A 124 -42.72 19.07 44.17
CA GLU A 124 -41.99 18.06 44.93
C GLU A 124 -41.92 16.86 44.01
N LYS A 125 -43.06 16.65 43.25
CA LYS A 125 -43.23 15.46 42.44
C LYS A 125 -42.19 15.28 41.30
N TRP A 126 -41.99 16.38 40.58
CA TRP A 126 -41.06 16.45 39.42
C TRP A 126 -39.67 16.38 39.95
N SER A 127 -39.44 16.93 41.13
CA SER A 127 -38.14 17.00 41.76
C SER A 127 -37.66 15.63 42.19
N ASP A 128 -36.30 15.45 42.16
CA ASP A 128 -35.58 14.27 42.54
C ASP A 128 -35.75 13.20 41.46
N THR A 129 -36.19 13.52 40.25
CA THR A 129 -36.61 12.58 39.21
C THR A 129 -35.97 12.97 37.84
N SER A 130 -36.41 14.11 37.32
CA SER A 130 -36.62 14.55 35.92
C SER A 130 -37.10 13.57 34.83
N PHE A 131 -37.72 14.27 33.83
CA PHE A 131 -38.51 13.82 32.77
C PHE A 131 -38.12 14.74 31.62
N GLY A 132 -37.01 15.44 31.82
CA GLY A 132 -36.43 16.38 30.95
C GLY A 132 -35.89 17.48 31.81
N MET A 133 -34.81 18.14 31.41
CA MET A 133 -34.08 19.25 32.08
C MET A 133 -34.98 20.47 32.11
N VAL A 134 -35.74 20.74 31.05
CA VAL A 134 -36.53 21.88 30.69
C VAL A 134 -37.65 22.09 31.69
N LEU A 135 -38.35 21.00 32.11
CA LEU A 135 -39.36 20.99 33.07
C LEU A 135 -38.89 21.39 34.41
N GLN A 136 -37.70 20.84 34.81
CA GLN A 136 -37.07 21.13 36.05
C GLN A 136 -36.62 22.58 36.24
N ARG A 137 -36.03 23.19 35.13
CA ARG A 137 -35.58 24.51 35.11
C ARG A 137 -36.80 25.45 35.29
N PHE A 138 -38.00 25.13 34.63
CA PHE A 138 -39.20 25.93 34.70
C PHE A 138 -39.73 25.96 36.20
N ALA A 139 -39.77 24.70 36.80
CA ALA A 139 -40.23 24.36 38.07
C ALA A 139 -39.42 25.05 39.17
N TYR A 140 -38.04 25.13 39.02
CA TYR A 140 -37.26 25.92 39.97
C TYR A 140 -37.49 27.43 39.95
N GLU A 141 -37.58 28.07 38.77
CA GLU A 141 -37.78 29.52 38.78
C GLU A 141 -39.20 29.99 39.34
N ILE A 142 -40.29 29.29 38.95
CA ILE A 142 -41.64 29.55 39.45
C ILE A 142 -41.85 29.30 40.98
N ARG A 143 -41.30 28.18 41.45
CA ARG A 143 -41.52 27.75 42.83
C ARG A 143 -40.95 28.81 43.66
N ARG A 144 -39.74 29.38 43.35
CA ARG A 144 -39.16 30.44 44.09
C ARG A 144 -39.93 31.79 44.11
N PHE A 145 -40.44 32.26 42.92
CA PHE A 145 -41.02 33.56 42.92
C PHE A 145 -42.30 33.59 43.71
N LEU A 146 -43.12 32.55 43.55
CA LEU A 146 -44.47 32.57 44.10
C LEU A 146 -44.46 32.57 45.59
N GLU A 147 -43.56 31.70 46.08
CA GLU A 147 -43.44 31.50 47.50
C GLU A 147 -42.95 32.81 48.26
N ASP A 148 -41.93 33.52 47.63
CA ASP A 148 -41.37 34.65 48.33
C ASP A 148 -42.32 35.76 48.54
N VAL A 149 -43.10 36.15 47.46
CA VAL A 149 -44.03 37.20 47.61
C VAL A 149 -45.18 36.88 48.59
N TYR A 150 -45.78 35.68 48.37
CA TYR A 150 -47.07 35.45 49.05
C TYR A 150 -46.89 35.36 50.53
N LEU A 151 -45.83 34.63 50.97
CA LEU A 151 -45.58 34.42 52.42
C LEU A 151 -45.26 35.77 53.04
N LYS A 152 -44.41 36.57 52.42
CA LYS A 152 -43.95 37.83 53.00
C LYS A 152 -45.17 38.83 53.13
N THR A 153 -45.99 38.98 52.13
CA THR A 153 -47.08 39.98 51.99
C THR A 153 -48.06 39.63 53.05
N LEU A 154 -48.43 38.28 53.15
CA LEU A 154 -49.51 37.70 53.96
C LEU A 154 -49.15 37.83 55.38
N VAL A 155 -47.97 37.56 55.83
CA VAL A 155 -47.50 37.47 57.25
C VAL A 155 -47.63 38.85 57.69
N GLU A 156 -47.27 39.90 56.85
CA GLU A 156 -47.47 41.27 57.28
C GLU A 156 -48.94 41.68 57.49
N ARG A 157 -49.81 41.25 56.62
CA ARG A 157 -51.21 41.54 56.67
C ARG A 157 -51.79 40.86 57.92
N LEU A 158 -51.42 39.59 58.24
CA LEU A 158 -51.99 38.73 59.33
C LEU A 158 -51.59 39.33 60.69
N GLU A 159 -50.33 39.87 60.80
CA GLU A 159 -49.93 40.42 62.06
C GLU A 159 -50.78 41.63 62.39
N ARG A 160 -50.98 42.42 61.28
CA ARG A 160 -51.61 43.72 61.16
C ARG A 160 -53.08 43.76 61.58
N ASP A 161 -53.75 42.65 61.10
CA ASP A 161 -55.10 42.28 61.24
C ASP A 161 -55.39 42.00 62.66
N PHE A 162 -54.47 41.23 63.23
CA PHE A 162 -54.42 40.70 64.57
C PHE A 162 -54.29 41.79 65.57
N ASN A 163 -53.39 42.76 65.29
CA ASN A 163 -53.06 43.87 66.14
C ASN A 163 -54.30 44.73 66.28
N LYS A 164 -55.05 45.01 65.18
CA LYS A 164 -56.23 45.87 65.26
C LYS A 164 -57.30 45.20 66.20
N VAL A 165 -57.61 43.94 65.81
CA VAL A 165 -58.46 43.10 66.69
C VAL A 165 -58.01 41.69 66.48
N PRO A 166 -58.00 40.74 67.46
CA PRO A 166 -57.45 39.41 67.27
C PRO A 166 -58.20 38.70 66.18
N ASN A 167 -59.45 39.02 65.92
CA ASN A 167 -60.24 38.33 64.96
C ASN A 167 -61.00 39.32 64.24
N PHE A 168 -60.32 39.83 63.20
CA PHE A 168 -60.64 41.00 62.53
C PHE A 168 -61.25 40.45 61.21
N SER A 169 -61.97 41.31 60.34
CA SER A 169 -62.77 40.81 59.20
C SER A 169 -61.90 40.27 58.17
N ILE A 170 -62.48 39.33 57.35
CA ILE A 170 -61.82 38.65 56.25
C ILE A 170 -61.36 39.61 55.10
N ARG A 171 -62.22 40.71 54.84
CA ARG A 171 -62.25 41.53 53.71
C ARG A 171 -60.90 42.29 53.39
N GLU A 172 -60.28 42.85 54.47
CA GLU A 172 -59.19 43.73 54.45
C GLU A 172 -58.02 42.99 53.93
N LEU A 173 -57.81 41.73 54.41
CA LEU A 173 -56.81 40.83 53.92
C LEU A 173 -57.11 40.52 52.43
N GLU A 174 -58.39 40.23 52.13
CA GLU A 174 -58.74 39.65 50.89
C GLU A 174 -58.46 40.57 49.73
N GLN A 175 -58.70 41.89 49.81
CA GLN A 175 -58.61 42.76 48.68
C GLN A 175 -57.17 42.77 48.20
N ILE A 176 -56.19 42.88 49.13
CA ILE A 176 -54.75 43.02 48.89
C ILE A 176 -54.18 41.73 48.28
N ILE A 177 -54.49 40.56 48.88
CA ILE A 177 -53.97 39.28 48.45
C ILE A 177 -54.46 38.94 47.09
N ASN A 178 -55.72 39.27 46.70
CA ASN A 178 -56.37 38.96 45.46
C ASN A 178 -55.61 39.53 44.26
N GLU A 179 -55.07 40.74 44.37
CA GLU A 179 -54.28 41.44 43.29
C GLU A 179 -52.98 40.66 42.95
N THR A 180 -52.25 40.26 43.99
CA THR A 180 -50.98 39.61 43.91
C THR A 180 -51.22 38.18 43.29
N GLU A 181 -52.28 37.48 43.85
CA GLU A 181 -52.57 36.11 43.56
C GLU A 181 -52.94 35.75 42.15
N VAL A 182 -53.90 36.52 41.60
CA VAL A 182 -54.68 36.12 40.43
C VAL A 182 -53.82 35.90 39.17
N ASN A 183 -52.93 36.92 38.87
CA ASN A 183 -52.22 37.09 37.68
C ASN A 183 -51.24 35.90 37.60
N LYS A 184 -50.49 35.64 38.70
CA LYS A 184 -49.37 34.81 38.86
C LYS A 184 -49.86 33.39 38.65
N GLN A 185 -50.93 33.05 39.43
CA GLN A 185 -51.31 31.66 39.75
C GLN A 185 -51.91 30.93 38.54
N MET A 186 -52.79 31.72 37.84
CA MET A 186 -53.66 31.16 36.84
C MET A 186 -52.83 30.59 35.67
N GLU A 187 -51.77 31.36 35.22
CA GLU A 187 -50.92 31.20 34.03
C GLU A 187 -50.13 29.93 34.21
N LEU A 188 -49.61 29.81 35.45
CA LEU A 188 -48.72 28.80 35.94
C LEU A 188 -49.34 27.45 36.05
N LEU A 189 -50.58 27.35 36.57
CA LEU A 189 -51.25 26.07 36.55
C LEU A 189 -51.56 25.57 35.20
N TYR A 190 -52.02 26.42 34.21
CA TYR A 190 -52.42 26.09 32.84
C TYR A 190 -51.23 25.52 32.13
N ASN A 191 -50.06 26.18 32.36
CA ASN A 191 -48.73 25.84 31.77
C ASN A 191 -48.20 24.44 32.20
N ILE A 192 -48.28 24.10 33.55
CA ILE A 192 -47.80 22.85 33.98
C ILE A 192 -48.59 21.67 33.43
N TYR A 193 -49.96 21.79 33.37
CA TYR A 193 -50.80 20.73 32.84
C TYR A 193 -50.58 20.42 31.29
N GLU A 194 -50.40 21.57 30.59
CA GLU A 194 -50.21 21.49 29.17
C GLU A 194 -48.96 20.83 28.71
N GLU A 195 -47.81 21.13 29.41
CA GLU A 195 -46.52 20.63 29.10
C GLU A 195 -46.40 19.08 29.24
N ILE A 196 -47.01 18.50 30.31
CA ILE A 196 -47.16 17.15 30.71
C ILE A 196 -47.99 16.42 29.64
N PHE A 197 -49.07 17.06 29.11
CA PHE A 197 -49.82 16.38 28.04
C PHE A 197 -49.08 16.15 26.73
N ARG A 198 -48.32 17.20 26.37
CA ARG A 198 -47.47 17.25 25.21
C ARG A 198 -46.41 16.26 25.24
N GLU A 199 -45.84 16.16 26.50
CA GLU A 199 -44.79 15.18 26.81
C GLU A 199 -45.32 13.73 26.67
N ILE A 200 -46.57 13.36 27.08
CA ILE A 200 -47.03 12.01 26.89
C ILE A 200 -47.14 11.69 25.40
N GLU A 201 -47.72 12.63 24.58
CA GLU A 201 -47.95 12.48 23.18
C GLU A 201 -46.64 12.34 22.38
N GLU A 202 -45.59 13.13 22.83
CA GLU A 202 -44.34 13.19 22.16
C GLU A 202 -43.79 11.75 22.31
N ARG A 203 -43.93 11.08 23.55
CA ARG A 203 -43.40 9.82 23.93
C ARG A 203 -43.98 8.64 23.16
N ARG A 204 -45.32 8.70 22.91
CA ARG A 204 -46.07 7.71 22.10
C ARG A 204 -45.57 7.66 20.70
N THR A 205 -45.30 8.85 20.15
CA THR A 205 -44.90 8.94 18.81
C THR A 205 -44.27 10.28 18.69
N LYS A 243 -38.41 16.95 25.34
CA LYS A 243 -39.66 17.79 25.36
C LYS A 243 -39.35 19.24 25.14
N GLY A 244 -38.07 19.53 24.76
CA GLY A 244 -37.46 20.88 24.72
C GLY A 244 -38.18 21.82 23.85
N GLY A 245 -38.36 21.34 22.57
CA GLY A 245 -38.98 22.08 21.53
C GLY A 245 -40.44 22.28 21.80
N ALA A 246 -41.16 21.34 22.38
CA ALA A 246 -42.58 21.50 22.72
C ALA A 246 -42.80 22.63 23.73
N ILE A 247 -41.90 22.74 24.79
CA ILE A 247 -42.09 23.72 25.83
C ILE A 247 -41.96 25.08 25.29
N LEU A 248 -40.96 25.22 24.37
CA LEU A 248 -40.80 26.57 23.69
C LEU A 248 -41.93 26.97 22.82
N LYS A 249 -42.42 26.02 22.03
CA LYS A 249 -43.53 26.29 21.11
C LYS A 249 -44.79 26.63 21.87
N ILE A 250 -45.13 25.88 23.01
CA ILE A 250 -46.37 26.13 23.72
C ILE A 250 -46.39 27.50 24.35
N PHE A 251 -45.24 27.92 24.89
CA PHE A 251 -44.98 29.22 25.56
C PHE A 251 -45.12 30.30 24.49
N GLN A 252 -44.67 30.11 23.26
CA GLN A 252 -44.69 31.05 22.10
C GLN A 252 -46.10 31.36 21.68
N GLN A 253 -46.98 30.36 21.66
CA GLN A 253 -48.39 30.54 21.46
C GLN A 253 -49.13 31.31 22.51
N LYS A 254 -48.78 31.08 23.82
CA LYS A 254 -49.32 31.62 25.02
C LYS A 254 -49.04 33.11 25.01
N ILE A 255 -47.79 33.47 24.54
CA ILE A 255 -47.35 34.90 24.46
C ILE A 255 -48.25 35.61 23.47
N LEU A 256 -48.58 35.01 22.32
CA LEU A 256 -49.52 35.60 21.38
C LEU A 256 -50.99 35.75 21.94
N GLU A 257 -51.50 34.73 22.76
CA GLU A 257 -52.79 34.79 23.41
C GLU A 257 -52.89 35.89 24.49
N ASN A 258 -51.78 36.13 25.18
CA ASN A 258 -51.70 37.20 26.17
C ASN A 258 -51.93 38.62 25.70
N LEU A 259 -51.56 38.98 24.45
CA LEU A 259 -51.42 40.36 23.92
C LEU A 259 -52.61 41.25 24.15
N GLY A 260 -52.34 42.39 24.79
CA GLY A 260 -53.31 43.40 24.82
C GLY A 260 -53.38 43.87 26.24
N ASP A 261 -52.66 43.24 27.19
CA ASP A 261 -52.31 43.80 28.46
C ASP A 261 -50.83 43.51 28.64
N ARG A 262 -50.06 44.54 28.97
CA ARG A 262 -48.65 44.59 29.13
C ARG A 262 -48.15 43.63 30.17
N SER A 263 -48.90 43.56 31.28
CA SER A 263 -48.54 42.78 32.48
C SER A 263 -48.43 41.27 32.14
N SER A 264 -49.47 40.74 31.46
CA SER A 264 -49.56 39.32 31.17
C SER A 264 -48.51 38.85 30.24
N VAL A 265 -48.41 39.61 29.14
CA VAL A 265 -47.49 39.40 28.04
C VAL A 265 -46.04 39.44 28.51
N MET A 266 -45.72 40.39 29.39
CA MET A 266 -44.40 40.49 29.94
C MET A 266 -44.04 39.33 30.75
N PHE A 267 -44.93 38.84 31.61
CA PHE A 267 -44.70 37.76 32.55
C PHE A 267 -44.38 36.52 31.82
N LEU A 268 -45.17 36.10 30.79
CA LEU A 268 -44.90 34.94 30.07
C LEU A 268 -43.68 35.04 29.28
N LYS A 269 -43.37 36.22 28.69
CA LYS A 269 -42.23 36.45 27.84
C LYS A 269 -40.95 36.19 28.64
N LYS A 270 -40.98 36.70 29.89
CA LYS A 270 -39.81 36.48 30.75
C LYS A 270 -39.49 35.03 31.09
N LEU A 271 -40.61 34.22 31.30
CA LEU A 271 -40.57 32.85 31.66
C LEU A 271 -39.94 32.04 30.61
N LEU A 272 -40.26 32.37 29.38
CA LEU A 272 -39.78 31.64 28.21
C LEU A 272 -38.26 31.75 28.08
N ASN A 273 -37.63 32.93 28.37
CA ASN A 273 -36.19 33.14 28.40
C ASN A 273 -35.51 32.16 29.44
N ASN A 274 -36.07 31.99 30.68
CA ASN A 274 -35.38 31.26 31.69
C ASN A 274 -35.29 29.75 31.33
N ILE A 275 -36.41 29.18 30.75
CA ILE A 275 -36.48 27.88 30.30
C ILE A 275 -35.56 27.72 29.09
N SER A 276 -35.57 28.80 28.24
CA SER A 276 -34.86 28.80 26.99
C SER A 276 -33.33 28.67 26.92
N GLN A 277 -32.58 29.09 27.99
CA GLN A 277 -31.12 29.07 28.05
C GLN A 277 -30.52 27.67 27.90
N ASP A 278 -31.11 26.57 28.46
CA ASP A 278 -30.60 25.24 28.35
C ASP A 278 -30.62 24.75 26.91
N TYR A 279 -31.73 25.09 26.24
CA TYR A 279 -32.03 24.74 24.90
C TYR A 279 -31.09 25.30 23.89
N CYS A 280 -30.85 26.55 24.12
CA CYS A 280 -29.94 27.45 23.43
C CYS A 280 -28.51 26.97 23.54
N THR A 281 -28.16 26.47 24.71
CA THR A 281 -26.83 25.94 25.06
C THR A 281 -26.64 24.72 24.15
N MET A 282 -27.66 23.80 24.04
CA MET A 282 -27.53 22.55 23.32
C MET A 282 -27.35 22.75 21.91
N LEU A 283 -28.09 23.69 21.25
CA LEU A 283 -28.04 24.13 19.88
C LEU A 283 -26.66 24.76 19.64
N TYR A 284 -26.14 25.53 20.56
CA TYR A 284 -24.92 26.24 20.28
C TYR A 284 -23.69 25.31 20.12
N GLU A 285 -23.65 24.29 21.04
CA GLU A 285 -22.52 23.31 21.20
C GLU A 285 -22.43 22.57 19.83
N TRP A 286 -23.61 22.13 19.30
CA TRP A 286 -23.73 21.45 18.03
C TRP A 286 -23.33 22.26 16.83
N LEU A 287 -24.02 23.42 16.75
CA LEU A 287 -23.77 24.25 15.62
C LEU A 287 -22.36 24.77 15.59
N THR A 288 -21.76 25.20 16.72
CA THR A 288 -20.46 25.84 16.78
C THR A 288 -19.37 24.81 16.79
N GLN A 289 -19.42 23.58 17.41
CA GLN A 289 -18.37 22.57 17.33
C GLN A 289 -18.78 21.02 17.22
N GLY A 290 -19.94 20.72 16.57
CA GLY A 290 -20.40 19.40 16.12
C GLY A 290 -20.95 18.52 17.21
N ILE A 291 -21.11 19.05 18.44
CA ILE A 291 -21.36 18.24 19.64
C ILE A 291 -22.88 18.26 19.85
N LEU A 292 -23.49 17.05 19.81
CA LEU A 292 -24.91 16.79 20.13
C LEU A 292 -25.01 16.50 21.58
N ASN A 293 -26.00 17.04 22.22
CA ASN A 293 -26.27 16.94 23.62
C ASN A 293 -27.57 16.45 23.75
N ASP A 294 -27.71 15.44 24.65
CA ASP A 294 -28.85 14.60 24.90
C ASP A 294 -28.93 14.29 26.40
N PRO A 295 -29.32 15.23 27.21
CA PRO A 295 -29.21 15.02 28.72
C PRO A 295 -30.35 14.21 29.34
N TYR A 296 -31.46 14.15 28.66
CA TYR A 296 -32.54 13.24 29.05
C TYR A 296 -33.10 12.75 27.73
N GLN A 297 -33.66 13.71 26.98
CA GLN A 297 -34.11 13.35 25.69
C GLN A 297 -34.23 14.66 24.88
N GLU A 298 -33.94 15.90 25.41
CA GLU A 298 -33.95 17.22 24.82
C GLU A 298 -33.11 17.19 23.58
N PHE A 299 -33.64 17.65 22.50
CA PHE A 299 -33.08 17.55 21.22
C PHE A 299 -33.38 16.11 20.71
N MET A 300 -34.43 16.00 19.87
CA MET A 300 -34.96 14.70 19.45
C MET A 300 -34.41 14.42 18.09
N THR A 301 -33.10 14.73 17.87
CA THR A 301 -32.15 14.32 16.81
C THR A 301 -31.21 13.25 17.31
N TYR A 302 -31.02 12.23 16.51
CA TYR A 302 -30.21 11.01 16.78
C TYR A 302 -29.35 10.83 15.54
N ASP A 303 -28.15 10.25 15.76
CA ASP A 303 -27.23 9.92 14.79
C ASP A 303 -27.50 8.70 13.95
N ASP A 304 -26.85 8.71 12.76
CA ASP A 304 -26.91 7.56 11.83
C ASP A 304 -25.58 6.99 11.69
N TRP A 320 -20.79 6.50 1.77
CA TRP A 320 -20.17 7.05 3.00
C TRP A 320 -20.57 8.48 3.28
N ASP A 321 -21.33 8.64 4.30
CA ASP A 321 -21.92 9.91 4.75
C ASP A 321 -22.15 9.70 6.19
N THR A 322 -22.55 10.79 6.90
CA THR A 322 -22.47 10.83 8.36
C THR A 322 -23.71 11.43 8.93
N GLN A 323 -24.77 11.40 8.08
CA GLN A 323 -26.05 12.08 8.19
C GLN A 323 -26.65 11.85 9.54
N TYR A 324 -27.73 12.68 9.90
CA TYR A 324 -28.40 12.57 11.15
C TYR A 324 -29.82 12.66 10.84
N PHE A 325 -30.68 12.14 11.73
CA PHE A 325 -32.13 12.25 11.48
C PHE A 325 -32.81 12.30 12.81
N ILE A 326 -34.10 12.58 12.76
CA ILE A 326 -34.93 12.88 13.87
C ILE A 326 -35.56 11.61 14.34
N ARG A 327 -35.55 11.29 15.64
CA ARG A 327 -36.18 10.10 16.23
C ARG A 327 -37.69 10.03 15.88
N LYS A 328 -38.27 8.79 15.83
CA LYS A 328 -39.65 8.68 15.40
C LYS A 328 -40.40 8.26 16.70
N ASP A 329 -39.66 8.23 17.86
CA ASP A 329 -40.25 7.90 19.08
C ASP A 329 -40.47 9.17 19.92
N VAL A 330 -39.86 10.32 19.53
CA VAL A 330 -39.96 11.61 19.99
C VAL A 330 -39.64 12.46 18.82
N LEU A 331 -40.49 13.44 18.63
CA LEU A 331 -40.60 14.21 17.40
C LEU A 331 -40.38 15.65 17.78
N LEU A 332 -40.02 16.49 16.82
CA LEU A 332 -39.84 17.93 16.95
C LEU A 332 -41.20 18.53 17.00
N ARG A 333 -41.36 19.72 17.67
CA ARG A 333 -42.56 20.37 17.95
C ARG A 333 -42.31 21.80 17.56
N ASP A 334 -41.04 22.19 17.47
CA ASP A 334 -40.47 23.53 17.08
C ASP A 334 -40.15 23.55 15.62
N CYS A 335 -40.48 22.45 14.93
CA CYS A 335 -40.40 22.47 13.49
C CYS A 335 -41.57 21.56 13.21
N ASP A 336 -42.50 21.98 12.34
CA ASP A 336 -43.77 21.37 12.00
C ASP A 336 -44.14 21.93 10.64
N SER A 337 -43.39 22.99 10.24
CA SER A 337 -43.64 23.55 8.96
C SER A 337 -42.71 22.92 7.96
N GLU A 338 -42.93 23.26 6.66
CA GLU A 338 -42.00 22.94 5.60
C GLU A 338 -40.65 23.65 5.77
N GLU A 339 -40.69 25.02 5.96
CA GLU A 339 -39.56 25.96 6.13
C GLU A 339 -38.81 25.71 7.41
N ASP A 340 -39.48 25.44 8.60
CA ASP A 340 -38.75 25.12 9.80
C ASP A 340 -38.04 23.81 9.73
N LYS A 341 -38.64 22.74 9.03
CA LYS A 341 -37.95 21.44 8.74
C LYS A 341 -36.74 21.57 7.86
N ASN A 342 -36.83 22.41 6.83
CA ASN A 342 -35.69 22.77 5.92
C ASN A 342 -34.61 23.52 6.69
N LEU A 343 -35.03 24.44 7.58
CA LEU A 343 -34.06 25.23 8.36
C LEU A 343 -33.28 24.38 9.24
N LEU A 344 -33.91 23.31 9.85
CA LEU A 344 -33.37 22.28 10.75
C LEU A 344 -32.27 21.42 9.97
N PHE A 345 -32.47 21.08 8.63
CA PHE A 345 -31.57 20.37 7.74
C PHE A 345 -30.29 21.15 7.53
N LYS A 346 -30.42 22.50 7.41
CA LYS A 346 -29.30 23.37 7.34
C LYS A 346 -28.43 23.35 8.65
N MET A 347 -29.03 23.27 9.81
CA MET A 347 -28.40 23.28 11.10
C MET A 347 -27.63 21.99 11.19
N LEU A 348 -28.23 20.90 10.62
CA LEU A 348 -27.66 19.59 10.54
C LEU A 348 -26.41 19.50 9.62
N ARG A 349 -26.47 20.16 8.44
CA ARG A 349 -25.39 20.14 7.54
C ARG A 349 -24.21 20.79 8.12
N THR A 350 -24.38 21.90 8.83
CA THR A 350 -23.29 22.58 9.47
C THR A 350 -22.61 21.81 10.61
N GLY A 351 -23.44 21.16 11.43
CA GLY A 351 -22.97 20.44 12.66
C GLY A 351 -22.10 19.27 12.26
N ILE A 352 -22.50 18.54 11.17
CA ILE A 352 -21.77 17.45 10.68
C ILE A 352 -20.44 17.82 10.09
N LEU A 353 -20.36 18.92 9.35
CA LEU A 353 -19.11 19.38 8.79
C LEU A 353 -18.08 19.66 9.96
N LEU A 354 -18.53 20.31 11.04
CA LEU A 354 -17.72 20.62 12.16
C LEU A 354 -17.24 19.45 12.85
N LYS A 355 -18.10 18.39 12.98
CA LYS A 355 -17.68 17.19 13.67
C LYS A 355 -16.56 16.47 12.94
N VAL A 356 -16.59 16.44 11.58
CA VAL A 356 -15.54 15.86 10.77
C VAL A 356 -14.25 16.60 10.92
N VAL A 357 -14.34 17.97 11.03
CA VAL A 357 -13.05 18.70 11.22
C VAL A 357 -12.40 18.42 12.56
N ARG A 358 -13.25 18.27 13.66
CA ARG A 358 -12.76 17.92 15.03
C ARG A 358 -12.19 16.53 15.11
N ALA A 359 -12.80 15.53 14.38
CA ALA A 359 -12.41 14.14 14.45
C ALA A 359 -11.05 13.80 14.01
N SER A 360 -10.61 14.52 13.00
CA SER A 360 -9.35 14.32 12.29
C SER A 360 -8.08 14.53 13.07
N LEU A 361 -8.14 14.74 14.40
CA LEU A 361 -7.01 15.16 15.19
C LEU A 361 -6.17 16.29 14.66
N GLN A 362 -6.78 17.40 14.06
CA GLN A 362 -5.95 18.42 13.51
C GLN A 362 -6.43 19.72 13.98
N ILE A 363 -7.74 20.11 13.77
CA ILE A 363 -8.24 21.42 14.21
C ILE A 363 -9.35 21.10 15.22
N PRO A 364 -9.08 21.24 16.53
CA PRO A 364 -9.98 20.81 17.59
C PRO A 364 -10.40 22.17 18.12
N THR A 365 -9.98 23.19 17.39
CA THR A 365 -10.15 24.64 17.90
C THR A 365 -11.48 25.17 17.34
N ILE A 366 -12.10 26.15 18.04
CA ILE A 366 -13.35 26.84 17.73
C ILE A 366 -13.15 27.64 16.42
N PRO A 367 -14.15 27.75 15.47
CA PRO A 367 -13.91 28.63 14.32
C PRO A 367 -13.77 30.12 14.65
N SER A 368 -12.66 30.80 14.18
CA SER A 368 -12.25 32.11 14.72
C SER A 368 -12.40 33.15 13.60
N ASN A 369 -13.01 32.77 12.44
CA ASN A 369 -13.36 33.67 11.33
C ASN A 369 -14.24 34.77 11.81
N SER A 370 -15.28 34.39 12.63
CA SER A 370 -16.17 35.39 13.15
C SER A 370 -16.70 34.81 14.41
N SER A 371 -17.16 35.79 15.35
CA SER A 371 -17.59 35.43 16.65
C SER A 371 -18.97 34.76 16.63
N ASP A 372 -19.10 33.60 17.30
CA ASP A 372 -20.27 32.78 17.31
C ASP A 372 -21.08 33.28 18.47
N ILE A 373 -20.49 33.96 19.46
CA ILE A 373 -21.26 34.40 20.67
C ILE A 373 -22.27 35.42 20.24
N THR A 374 -21.94 36.34 19.30
CA THR A 374 -22.83 37.50 18.96
C THR A 374 -24.19 37.10 18.44
N ILE A 375 -24.27 36.08 17.53
CA ILE A 375 -25.54 35.68 16.92
C ILE A 375 -26.57 35.10 17.93
N GLN A 376 -26.00 34.30 18.84
CA GLN A 376 -26.57 33.64 19.90
C GLN A 376 -27.12 34.61 20.92
N GLU A 377 -26.43 35.76 21.27
CA GLU A 377 -27.00 36.67 22.32
C GLU A 377 -28.26 37.28 21.86
N ILE A 378 -28.24 37.66 20.54
CA ILE A 378 -29.39 38.28 19.82
C ILE A 378 -30.56 37.25 19.78
N ASN A 379 -30.29 35.96 19.55
CA ASN A 379 -31.31 34.87 19.45
C ASN A 379 -32.04 34.78 20.72
N ASP A 380 -31.38 34.89 21.94
CA ASP A 380 -32.00 34.83 23.22
C ASP A 380 -32.90 35.98 23.46
N PHE A 381 -32.46 37.23 23.02
CA PHE A 381 -33.19 38.45 23.24
C PHE A 381 -34.48 38.45 22.53
N ALA A 382 -34.62 37.81 21.32
CA ALA A 382 -35.79 37.77 20.49
C ALA A 382 -36.99 37.23 21.23
N ASP A 383 -36.67 36.08 21.95
CA ASP A 383 -37.65 35.35 22.85
C ASP A 383 -38.56 34.49 21.97
N LEU A 384 -39.43 35.10 21.07
CA LEU A 384 -40.20 34.48 20.07
C LEU A 384 -39.20 34.29 18.96
N MET A 385 -38.81 33.07 18.59
CA MET A 385 -37.75 32.81 17.66
C MET A 385 -38.28 33.17 16.27
N GLU A 386 -37.71 34.30 15.77
CA GLU A 386 -38.01 34.78 14.48
C GLU A 386 -37.16 34.10 13.43
N GLY A 387 -37.71 34.00 12.17
CA GLY A 387 -37.08 33.26 11.12
C GLY A 387 -36.09 34.11 10.44
N SER A 388 -36.07 35.43 10.79
CA SER A 388 -35.09 36.37 10.25
C SER A 388 -33.79 36.10 10.95
N ASN A 389 -33.77 35.69 12.28
CA ASN A 389 -32.50 35.48 13.05
C ASN A 389 -32.15 34.05 13.16
N LEU A 390 -33.16 33.14 12.92
CA LEU A 390 -32.83 31.72 12.88
C LEU A 390 -32.10 31.40 11.59
N GLU A 391 -32.59 31.97 10.45
CA GLU A 391 -31.98 31.73 9.15
C GLU A 391 -30.65 32.34 8.97
N LEU A 392 -30.42 33.55 9.55
CA LEU A 392 -29.14 34.22 9.62
C LEU A 392 -28.17 33.38 10.38
N TYR A 393 -28.63 32.77 11.51
CA TYR A 393 -27.75 31.98 12.34
C TYR A 393 -27.18 30.81 11.70
N VAL A 394 -27.98 29.98 10.98
CA VAL A 394 -27.45 28.76 10.40
C VAL A 394 -26.46 29.15 9.33
N ASP A 395 -26.81 30.19 8.54
CA ASP A 395 -26.04 30.66 7.42
C ASP A 395 -24.67 31.16 7.86
N LYS A 396 -24.61 31.88 9.03
CA LYS A 396 -23.43 32.46 9.63
C LYS A 396 -22.45 31.41 10.05
N CYS A 397 -23.04 30.39 10.70
CA CYS A 397 -22.32 29.26 11.20
C CYS A 397 -21.72 28.37 10.10
N TYR A 398 -22.53 28.22 9.09
CA TYR A 398 -22.30 27.39 7.93
C TYR A 398 -21.09 27.91 7.16
N SER A 399 -21.01 29.20 6.92
CA SER A 399 -19.86 29.90 6.27
C SER A 399 -18.60 29.75 7.03
N ARG A 400 -18.66 29.92 8.32
CA ARG A 400 -17.54 29.74 9.21
C ARG A 400 -17.04 28.28 9.15
N ALA A 401 -18.03 27.33 9.14
CA ALA A 401 -17.82 25.89 9.04
C ALA A 401 -17.15 25.48 7.70
N ASN A 402 -17.54 26.10 6.46
CA ASN A 402 -17.03 25.88 5.17
C ASN A 402 -15.67 26.40 5.09
N GLU A 403 -15.32 27.62 5.65
CA GLU A 403 -14.02 28.17 5.56
C GLU A 403 -13.03 27.31 6.35
N ILE A 404 -13.31 26.83 7.61
CA ILE A 404 -12.41 25.96 8.38
C ILE A 404 -12.23 24.68 7.64
N PHE A 405 -13.19 24.10 6.96
CA PHE A 405 -13.22 22.86 6.10
C PHE A 405 -12.29 23.03 4.92
N LEU A 406 -12.35 24.23 4.27
CA LEU A 406 -11.44 24.52 3.16
C LEU A 406 -10.05 24.49 3.68
N LYS A 407 -9.73 25.08 4.86
CA LYS A 407 -8.46 25.05 5.65
C LYS A 407 -8.03 23.66 6.03
N LEU A 408 -8.97 22.80 6.51
CA LEU A 408 -8.73 21.39 6.98
C LEU A 408 -8.13 20.59 5.86
N PHE A 409 -8.72 20.72 4.64
CA PHE A 409 -8.30 20.10 3.41
C PHE A 409 -7.02 20.74 2.95
N PHE A 410 -6.94 22.12 2.78
CA PHE A 410 -5.87 22.83 2.06
C PHE A 410 -4.55 22.76 2.80
N GLN A 411 -4.60 23.26 4.03
CA GLN A 411 -3.50 23.41 4.89
C GLN A 411 -3.04 22.13 5.48
N GLY A 412 -3.97 21.32 6.08
CA GLY A 412 -3.58 20.10 6.74
C GLY A 412 -3.28 19.00 5.78
N TYR A 413 -4.22 18.77 4.81
CA TYR A 413 -4.13 17.61 3.96
C TYR A 413 -3.74 17.85 2.47
N ASP A 414 -3.42 19.04 2.08
CA ASP A 414 -2.93 19.34 0.76
C ASP A 414 -3.82 19.05 -0.35
N LEU A 415 -4.99 19.80 -0.36
CA LEU A 415 -6.19 19.57 -1.17
C LEU A 415 -5.95 19.60 -2.61
N ILE A 416 -5.12 20.49 -3.08
CA ILE A 416 -4.84 20.76 -4.47
C ILE A 416 -4.31 19.50 -5.22
N ASN A 417 -3.35 18.73 -4.60
CA ASN A 417 -3.01 17.47 -5.26
C ASN A 417 -4.04 16.39 -5.21
N VAL A 418 -4.79 16.30 -4.13
CA VAL A 418 -5.76 15.20 -3.91
C VAL A 418 -6.89 15.33 -4.90
N LEU A 419 -7.23 16.61 -5.20
CA LEU A 419 -8.16 16.91 -6.28
C LEU A 419 -7.70 16.53 -7.69
N LYS A 420 -6.41 16.78 -7.97
CA LYS A 420 -5.73 16.42 -9.24
C LYS A 420 -5.85 14.94 -9.37
N HIS A 421 -5.58 14.15 -8.24
CA HIS A 421 -5.59 12.68 -8.26
C HIS A 421 -6.97 12.21 -8.60
N LEU A 422 -8.05 12.87 -8.03
CA LEU A 422 -9.47 12.55 -8.23
C LEU A 422 -9.93 12.77 -9.61
N GLN A 423 -9.59 13.88 -10.37
CA GLN A 423 -9.90 14.09 -11.77
C GLN A 423 -9.18 12.99 -12.61
N GLN A 424 -7.96 12.69 -12.18
CA GLN A 424 -7.00 11.83 -12.86
C GLN A 424 -7.47 10.38 -13.05
N ILE A 425 -7.82 9.71 -11.90
CA ILE A 425 -8.22 8.40 -11.94
C ILE A 425 -9.65 8.20 -12.28
N PHE A 426 -10.64 8.80 -11.58
CA PHE A 426 -12.07 8.57 -11.54
C PHE A 426 -12.63 8.96 -12.84
N LEU A 427 -12.28 10.14 -13.38
CA LEU A 427 -12.80 10.60 -14.60
C LEU A 427 -11.89 10.32 -15.76
N GLY A 428 -10.67 9.73 -15.47
CA GLY A 428 -9.79 9.00 -16.34
C GLY A 428 -9.13 10.02 -17.16
N TYR A 429 -9.24 11.31 -16.74
CA TYR A 429 -8.86 12.44 -17.57
C TYR A 429 -7.39 12.38 -17.96
N GLN A 430 -6.52 12.01 -16.96
CA GLN A 430 -5.11 12.19 -17.14
C GLN A 430 -4.38 10.88 -16.97
N SER A 431 -5.13 9.72 -16.92
CA SER A 431 -4.53 8.44 -16.74
C SER A 431 -4.42 7.74 -18.04
N GLY A 432 -4.60 8.49 -19.15
CA GLY A 432 -4.52 7.91 -20.47
C GLY A 432 -3.14 7.39 -20.77
N HIS A 433 -2.10 8.18 -20.35
CA HIS A 433 -0.74 7.80 -20.51
C HIS A 433 -0.38 6.54 -19.76
N ASN A 434 -0.90 6.50 -18.51
CA ASN A 434 -0.76 5.42 -17.55
C ASN A 434 -1.40 4.14 -18.13
N VAL A 435 -2.62 4.28 -18.74
CA VAL A 435 -3.35 3.17 -19.37
C VAL A 435 -2.60 2.58 -20.57
N LEU A 436 -2.00 3.43 -21.45
CA LEU A 436 -1.21 2.97 -22.57
C LEU A 436 -0.02 2.15 -22.13
N LYS A 437 0.75 2.59 -21.18
CA LYS A 437 1.87 1.89 -20.69
C LYS A 437 1.50 0.53 -20.04
N PHE A 438 0.36 0.65 -19.30
CA PHE A 438 -0.29 -0.45 -18.55
C PHE A 438 -0.69 -1.58 -19.51
N LEU A 439 -1.28 -1.18 -20.70
CA LEU A 439 -1.76 -2.07 -21.77
C LEU A 439 -0.66 -2.83 -22.47
N THR A 440 0.57 -2.20 -22.69
CA THR A 440 1.70 -2.77 -23.41
C THR A 440 2.24 -4.00 -22.76
N LYS A 441 2.39 -3.93 -21.42
CA LYS A 441 2.71 -5.11 -20.64
C LYS A 441 1.43 -5.91 -20.44
N ASN A 442 1.52 -7.23 -20.75
CA ASN A 442 0.53 -8.21 -20.66
C ASN A 442 -0.51 -7.91 -21.71
N MET A 443 0.02 -7.48 -22.91
CA MET A 443 -0.94 -7.17 -23.98
C MET A 443 -1.70 -8.33 -24.58
N GLY A 444 -1.09 -9.56 -24.80
CA GLY A 444 -1.57 -10.77 -25.33
C GLY A 444 -2.67 -11.26 -24.38
N GLU A 445 -2.51 -11.15 -23.10
CA GLU A 445 -3.41 -11.69 -22.10
C GLU A 445 -4.70 -10.96 -22.08
N LEU A 446 -4.76 -9.59 -22.30
CA LEU A 446 -6.05 -8.86 -22.39
C LEU A 446 -6.78 -9.10 -23.67
N THR A 447 -6.07 -9.31 -24.76
CA THR A 447 -6.56 -9.52 -26.12
C THR A 447 -7.40 -10.80 -26.19
N LYS A 448 -6.99 -11.83 -25.44
CA LYS A 448 -7.59 -13.17 -25.38
C LYS A 448 -8.79 -13.05 -24.49
N HIS A 449 -9.78 -13.97 -24.66
CA HIS A 449 -11.02 -14.02 -23.96
C HIS A 449 -10.65 -14.33 -22.53
N TYR A 450 -11.69 -14.13 -21.63
CA TYR A 450 -11.61 -14.31 -20.19
C TYR A 450 -11.14 -15.73 -19.83
N ARG A 451 -10.27 -15.77 -18.78
CA ARG A 451 -9.66 -17.03 -18.35
C ARG A 451 -9.64 -17.10 -16.84
N ASN A 452 -9.06 -18.20 -16.35
CA ASN A 452 -8.91 -18.51 -14.99
C ASN A 452 -7.63 -17.73 -14.45
N ASP A 453 -6.47 -17.98 -15.14
CA ASP A 453 -5.17 -17.40 -14.78
C ASP A 453 -4.94 -15.93 -15.03
N ASN A 454 -5.60 -15.29 -16.05
CA ASN A 454 -5.46 -13.88 -16.56
C ASN A 454 -5.61 -12.87 -15.49
N ASN A 455 -6.68 -13.03 -14.62
CA ASN A 455 -7.10 -12.15 -13.55
C ASN A 455 -5.95 -12.06 -12.52
N ALA A 456 -5.33 -13.23 -12.18
CA ALA A 456 -4.28 -13.33 -11.21
C ALA A 456 -3.04 -12.59 -11.66
N ASN A 457 -2.74 -12.81 -12.96
CA ASN A 457 -1.57 -12.30 -13.58
C ASN A 457 -1.74 -10.76 -13.52
N TYR A 458 -2.94 -10.22 -13.81
CA TYR A 458 -3.37 -8.85 -13.82
C TYR A 458 -3.25 -8.19 -12.43
N ASP A 459 -3.67 -8.94 -11.37
CA ASP A 459 -3.62 -8.43 -10.01
C ASP A 459 -2.13 -8.16 -9.62
N LYS A 460 -1.28 -9.05 -10.01
CA LYS A 460 0.17 -8.84 -9.85
C LYS A 460 0.66 -7.68 -10.66
N LEU A 461 0.24 -7.48 -11.97
CA LEU A 461 0.62 -6.32 -12.72
C LEU A 461 0.13 -4.95 -12.12
N LEU A 462 -1.14 -4.86 -11.57
CA LEU A 462 -1.64 -3.68 -10.94
C LEU A 462 -0.91 -3.28 -9.65
N GLN A 463 -0.62 -4.30 -8.81
CA GLN A 463 0.03 -4.06 -7.49
C GLN A 463 1.48 -3.51 -7.78
N ASN A 464 2.23 -4.10 -8.75
CA ASN A 464 3.49 -3.57 -9.13
C ASN A 464 3.50 -2.23 -9.81
N PHE A 465 2.51 -1.96 -10.63
CA PHE A 465 2.34 -0.66 -11.32
C PHE A 465 2.08 0.43 -10.26
N GLU A 466 1.38 0.16 -9.18
CA GLU A 466 1.25 1.08 -8.07
C GLU A 466 2.46 1.46 -7.39
N LEU A 467 3.36 0.47 -7.14
CA LEU A 467 4.61 0.74 -6.49
C LEU A 467 5.59 1.65 -7.38
N GLU A 468 5.66 1.27 -8.66
CA GLU A 468 6.55 1.90 -9.60
C GLU A 468 6.21 3.39 -9.74
N ARG A 469 4.90 3.84 -9.68
CA ARG A 469 4.52 5.23 -9.90
C ARG A 469 4.86 6.09 -8.77
N GLN A 470 5.16 5.52 -7.57
CA GLN A 470 5.63 6.14 -6.36
C GLN A 470 4.60 7.01 -5.74
N SER A 471 4.89 7.53 -4.48
CA SER A 471 4.00 8.34 -3.72
C SER A 471 4.84 9.53 -3.25
N GLU A 472 4.11 10.65 -2.83
CA GLU A 472 4.89 11.81 -2.32
C GLU A 472 3.94 12.73 -1.60
N ASN A 473 2.70 12.18 -1.23
CA ASN A 473 1.52 12.93 -0.77
C ASN A 473 1.10 12.35 0.53
N PRO A 474 0.39 13.12 1.41
CA PRO A 474 -0.04 12.63 2.66
C PRO A 474 -1.10 11.58 2.48
N ASN A 475 -1.98 11.57 1.43
CA ASN A 475 -2.91 10.50 1.19
C ASN A 475 -2.88 10.39 -0.28
N ASN A 476 -2.90 9.12 -0.78
CA ASN A 476 -2.84 8.87 -2.18
C ASN A 476 -4.17 8.25 -2.61
N LEU A 477 -5.07 9.05 -3.27
CA LEU A 477 -6.23 8.42 -3.83
C LEU A 477 -5.92 7.37 -4.89
N MET A 478 -5.02 7.78 -5.84
CA MET A 478 -4.75 7.14 -7.08
C MET A 478 -4.05 5.82 -6.94
N ARG A 479 -3.00 5.71 -6.17
CA ARG A 479 -2.27 4.46 -5.95
C ARG A 479 -3.00 3.41 -5.19
N GLN A 480 -3.49 3.69 -3.98
CA GLN A 480 -4.03 2.79 -3.02
C GLN A 480 -5.34 2.21 -3.24
N LEU A 481 -6.26 3.11 -3.50
CA LEU A 481 -7.68 2.89 -3.47
C LEU A 481 -8.15 2.21 -4.72
N LEU A 482 -7.43 2.36 -5.82
CA LEU A 482 -7.67 1.79 -7.10
C LEU A 482 -7.45 0.30 -7.00
N MET A 483 -8.49 -0.50 -7.35
CA MET A 483 -8.47 -1.96 -7.36
C MET A 483 -9.11 -2.40 -8.59
N ILE A 484 -8.78 -3.67 -9.00
CA ILE A 484 -9.27 -4.20 -10.23
C ILE A 484 -10.38 -5.22 -9.89
N GLN A 485 -11.50 -5.16 -10.71
CA GLN A 485 -12.60 -6.10 -10.52
C GLN A 485 -12.79 -6.92 -11.76
N PHE A 486 -13.25 -8.19 -11.61
CA PHE A 486 -13.79 -8.94 -12.70
C PHE A 486 -15.23 -9.39 -12.44
N ASP A 487 -15.97 -9.35 -13.55
CA ASP A 487 -17.32 -9.77 -13.65
C ASP A 487 -17.41 -11.21 -14.15
N THR A 488 -16.26 -11.98 -14.15
CA THR A 488 -16.32 -13.38 -14.51
C THR A 488 -15.51 -14.12 -13.44
N GLU A 489 -15.42 -15.42 -13.58
CA GLU A 489 -14.76 -16.39 -12.73
C GLU A 489 -13.32 -16.04 -12.28
N THR A 490 -13.04 -16.64 -11.11
CA THR A 490 -11.83 -16.20 -10.46
C THR A 490 -11.07 -17.56 -10.23
N LYS A 554 -18.62 -11.54 -24.66
CA LYS A 554 -17.48 -11.77 -25.54
C LYS A 554 -16.22 -11.80 -24.78
N SER A 555 -15.13 -11.06 -25.27
CA SER A 555 -13.71 -11.01 -24.82
C SER A 555 -13.59 -10.77 -23.23
N ALA A 556 -12.31 -10.77 -22.78
CA ALA A 556 -11.91 -10.48 -21.43
C ALA A 556 -12.22 -9.07 -20.94
N ILE A 557 -12.00 -8.16 -21.90
CA ILE A 557 -11.97 -6.69 -21.90
C ILE A 557 -13.28 -6.11 -21.48
N TYR A 558 -14.44 -6.72 -21.94
CA TYR A 558 -15.79 -6.40 -21.64
C TYR A 558 -15.98 -6.57 -20.17
N HIS A 559 -15.39 -7.58 -19.62
CA HIS A 559 -15.49 -8.07 -18.23
C HIS A 559 -14.47 -7.42 -17.26
N LEU A 560 -13.92 -6.30 -17.62
CA LEU A 560 -12.92 -5.68 -16.82
C LEU A 560 -13.44 -4.44 -16.29
N LYS A 561 -13.27 -4.22 -14.94
CA LYS A 561 -13.73 -3.00 -14.35
C LYS A 561 -12.83 -2.77 -13.21
N PHE A 562 -12.89 -1.54 -12.72
CA PHE A 562 -12.11 -0.98 -11.69
C PHE A 562 -12.99 -0.58 -10.58
N ASP A 563 -12.58 -0.72 -9.31
CA ASP A 563 -13.33 -0.44 -8.10
C ASP A 563 -12.50 0.49 -7.27
N ILE A 564 -13.19 1.46 -6.76
CA ILE A 564 -12.67 2.55 -6.06
C ILE A 564 -13.17 2.56 -4.65
N ASN A 565 -12.24 2.77 -3.68
CA ASN A 565 -12.61 2.88 -2.27
C ASN A 565 -12.51 4.35 -1.91
N ILE A 566 -12.61 4.65 -0.59
CA ILE A 566 -12.54 6.10 -0.15
C ILE A 566 -11.92 6.12 1.39
N PRO A 567 -10.96 6.99 1.79
CA PRO A 567 -10.54 7.00 3.14
C PRO A 567 -11.11 8.28 3.81
N TYR A 568 -10.69 8.49 5.12
CA TYR A 568 -10.97 9.61 5.99
C TYR A 568 -10.02 10.74 5.55
N PRO A 569 -10.32 12.04 5.70
CA PRO A 569 -11.56 12.58 6.18
C PRO A 569 -12.56 12.83 5.08
N LEU A 570 -12.10 12.59 3.77
CA LEU A 570 -12.62 12.92 2.52
C LEU A 570 -13.95 12.30 2.24
N ASN A 571 -14.31 11.18 2.82
CA ASN A 571 -15.44 10.35 2.52
C ASN A 571 -16.81 10.94 2.56
N ILE A 572 -17.00 12.02 3.41
CA ILE A 572 -18.27 12.61 3.60
C ILE A 572 -18.97 13.20 2.48
N ILE A 573 -18.21 13.91 1.58
CA ILE A 573 -18.58 14.63 0.43
C ILE A 573 -18.25 13.84 -0.83
N ILE A 574 -17.95 12.46 -0.70
CA ILE A 574 -17.63 11.62 -1.79
C ILE A 574 -18.36 10.31 -1.48
N SER A 575 -19.66 10.26 -1.82
CA SER A 575 -20.61 9.21 -1.46
C SER A 575 -20.44 8.05 -2.45
N ARG A 576 -20.96 6.86 -2.03
CA ARG A 576 -20.77 5.61 -2.79
C ARG A 576 -21.42 5.67 -4.14
N THR A 577 -22.61 6.33 -4.21
CA THR A 577 -23.34 6.26 -5.44
C THR A 577 -22.64 6.96 -6.57
N CYS A 578 -22.03 8.15 -6.30
CA CYS A 578 -21.27 8.85 -7.32
C CYS A 578 -20.05 8.03 -7.71
N MET A 579 -19.32 7.37 -6.71
CA MET A 579 -18.10 6.62 -7.01
C MET A 579 -18.27 5.44 -7.90
N ILE A 580 -19.38 4.62 -7.80
CA ILE A 580 -19.63 3.55 -8.77
C ILE A 580 -19.87 4.03 -10.20
N LYS A 581 -20.60 5.20 -10.30
CA LYS A 581 -20.93 5.80 -11.55
C LYS A 581 -19.71 6.17 -12.30
N TYR A 582 -18.79 6.87 -11.59
CA TYR A 582 -17.45 7.30 -12.12
C TYR A 582 -16.60 6.07 -12.54
N GLN A 583 -16.71 4.95 -11.78
CA GLN A 583 -16.11 3.76 -12.32
C GLN A 583 -16.68 3.25 -13.65
N ILE A 584 -18.00 3.25 -13.86
CA ILE A 584 -18.58 2.68 -15.12
C ILE A 584 -18.20 3.56 -16.24
N ILE A 585 -18.21 4.89 -16.17
CA ILE A 585 -17.66 5.66 -17.31
C ILE A 585 -16.19 5.46 -17.61
N LEU A 586 -15.34 5.34 -16.54
CA LEU A 586 -13.90 5.13 -16.53
C LEU A 586 -13.56 3.85 -17.32
N ARG A 587 -14.34 2.76 -17.09
CA ARG A 587 -14.29 1.43 -17.67
C ARG A 587 -14.55 1.52 -19.14
N TYR A 588 -15.54 2.34 -19.63
CA TYR A 588 -15.82 2.47 -20.97
C TYR A 588 -14.69 3.13 -21.70
N GLN A 589 -14.10 4.21 -21.11
CA GLN A 589 -13.03 5.01 -21.72
C GLN A 589 -11.75 4.20 -21.99
N LEU A 590 -11.43 3.38 -20.93
CA LEU A 590 -10.23 2.56 -20.91
C LEU A 590 -10.14 1.49 -22.01
N VAL A 591 -11.34 0.84 -22.28
CA VAL A 591 -11.65 -0.14 -23.27
C VAL A 591 -11.46 0.40 -24.64
N LEU A 592 -11.86 1.64 -24.82
CA LEU A 592 -11.66 2.28 -26.13
C LEU A 592 -10.18 2.39 -26.43
N GLN A 593 -9.44 2.78 -25.42
CA GLN A 593 -7.98 2.93 -25.61
C GLN A 593 -7.28 1.62 -25.96
N TYR A 594 -7.73 0.52 -25.33
CA TYR A 594 -7.08 -0.77 -25.37
C TYR A 594 -7.15 -1.31 -26.75
N HIS A 595 -8.39 -1.24 -27.34
CA HIS A 595 -8.64 -1.66 -28.71
C HIS A 595 -7.93 -0.80 -29.70
N SER A 596 -7.75 0.52 -29.56
CA SER A 596 -7.03 1.26 -30.52
C SER A 596 -5.60 0.96 -30.71
N ARG A 597 -4.83 0.75 -29.64
CA ARG A 597 -3.42 0.38 -29.63
C ARG A 597 -3.17 -0.99 -30.21
N LEU A 598 -4.08 -1.94 -29.89
CA LEU A 598 -3.92 -3.25 -30.46
C LEU A 598 -4.15 -3.22 -31.97
N LEU A 599 -5.03 -2.43 -32.54
CA LEU A 599 -5.23 -2.25 -33.96
C LEU A 599 -4.03 -1.58 -34.60
N ASP A 600 -3.38 -0.52 -34.01
CA ASP A 600 -2.27 0.09 -34.63
C ASP A 600 -1.06 -0.71 -34.85
N GLU A 601 -0.74 -1.53 -33.83
CA GLU A 601 0.42 -2.35 -33.87
C GLU A 601 0.43 -3.41 -34.95
N THR A 602 -0.79 -4.04 -35.12
CA THR A 602 -0.94 -5.11 -36.10
C THR A 602 -0.74 -4.60 -37.55
N TRP A 603 -1.28 -3.43 -37.97
CA TRP A 603 -1.25 -2.85 -39.31
C TRP A 603 0.09 -2.40 -39.72
N MET A 604 0.92 -1.77 -38.84
CA MET A 604 2.31 -1.37 -39.15
C MET A 604 3.15 -2.65 -39.49
N ASP A 605 3.02 -3.79 -38.74
CA ASP A 605 3.76 -5.02 -38.98
C ASP A 605 3.47 -5.54 -40.34
N LEU A 606 2.21 -5.46 -40.79
CA LEU A 606 1.87 -5.98 -42.09
C LEU A 606 2.57 -5.14 -43.22
N ASN A 607 2.80 -3.83 -43.13
CA ASN A 607 3.36 -2.93 -44.15
C ASN A 607 4.85 -3.22 -44.42
N LYS A 608 5.60 -3.84 -43.43
CA LYS A 608 6.99 -4.22 -43.47
C LYS A 608 7.27 -5.22 -44.47
N THR A 609 8.62 -5.33 -44.86
CA THR A 609 8.88 -6.27 -45.93
C THR A 609 8.68 -7.75 -45.65
N PRO A 610 8.96 -8.31 -44.42
CA PRO A 610 8.88 -9.70 -44.15
C PRO A 610 7.48 -10.26 -44.10
N SER A 611 6.46 -9.37 -43.86
CA SER A 611 5.11 -9.78 -43.74
C SER A 611 4.37 -9.35 -45.02
N TRP A 612 5.07 -8.84 -46.06
CA TRP A 612 4.48 -8.28 -47.23
C TRP A 612 4.94 -9.27 -48.23
N LYS A 613 3.90 -9.95 -48.82
CA LYS A 613 4.13 -10.86 -49.92
C LYS A 613 3.24 -10.40 -50.98
N TYR A 614 3.79 -10.21 -52.19
CA TYR A 614 3.10 -9.62 -53.31
C TYR A 614 3.64 -10.48 -54.45
N ARG A 623 -1.11 -10.28 -56.59
CA ARG A 623 -2.10 -10.74 -55.54
C ARG A 623 -2.91 -9.54 -55.13
N ARG A 624 -4.15 -9.42 -55.62
CA ARG A 624 -4.99 -8.24 -55.38
C ARG A 624 -5.38 -8.05 -53.92
N ILE A 625 -5.67 -9.25 -53.31
CA ILE A 625 -6.27 -9.39 -52.01
C ILE A 625 -5.39 -8.65 -50.92
N VAL A 626 -4.04 -8.70 -51.10
CA VAL A 626 -3.06 -8.12 -50.19
C VAL A 626 -3.38 -6.59 -50.06
N ARG A 627 -3.58 -5.91 -51.18
CA ARG A 627 -3.87 -4.52 -51.24
C ARG A 627 -5.23 -4.13 -50.68
N ALA A 628 -6.22 -4.95 -50.87
CA ALA A 628 -7.52 -4.82 -50.45
C ALA A 628 -7.58 -4.90 -48.95
N THR A 629 -6.85 -5.87 -48.36
CA THR A 629 -6.79 -5.99 -46.88
C THR A 629 -6.23 -4.79 -46.26
N ARG A 630 -5.10 -4.21 -46.86
CA ARG A 630 -4.44 -3.06 -46.29
C ARG A 630 -5.39 -1.85 -46.21
N VAL A 631 -6.28 -1.60 -47.28
CA VAL A 631 -7.26 -0.53 -47.38
C VAL A 631 -8.32 -0.83 -46.32
N LEU A 632 -8.80 -2.05 -46.09
CA LEU A 632 -9.77 -2.33 -45.06
C LEU A 632 -9.26 -2.01 -43.63
N HIS A 633 -8.02 -2.37 -43.32
CA HIS A 633 -7.33 -2.20 -42.11
C HIS A 633 -7.19 -0.74 -41.70
N ALA A 634 -6.89 0.13 -42.66
CA ALA A 634 -6.89 1.66 -42.56
C ALA A 634 -8.28 2.14 -42.26
N LYS A 635 -9.31 1.56 -43.02
CA LYS A 635 -10.65 2.03 -42.86
C LYS A 635 -11.16 1.73 -41.43
N MET A 636 -10.83 0.51 -40.93
CA MET A 636 -11.22 0.06 -39.57
C MET A 636 -10.73 0.84 -38.45
N ASN A 637 -9.48 1.23 -38.68
CA ASN A 637 -8.73 2.00 -37.75
C ASN A 637 -9.26 3.40 -37.55
N HIS A 638 -9.78 4.02 -38.73
CA HIS A 638 -10.43 5.31 -38.82
C HIS A 638 -11.76 5.38 -38.07
N PHE A 639 -12.61 4.28 -38.21
CA PHE A 639 -13.94 4.23 -37.62
C PHE A 639 -13.70 4.23 -36.09
N ILE A 640 -12.75 3.45 -35.60
CA ILE A 640 -12.41 3.46 -34.19
C ILE A 640 -11.94 4.81 -33.69
N LYS A 641 -11.06 5.55 -34.44
CA LYS A 641 -10.51 6.85 -34.01
C LYS A 641 -11.49 7.90 -33.81
N THR A 642 -12.49 8.01 -34.73
CA THR A 642 -13.59 9.00 -34.70
C THR A 642 -14.51 8.76 -33.50
N ILE A 643 -14.87 7.50 -33.20
CA ILE A 643 -15.72 7.18 -32.04
C ILE A 643 -14.98 7.57 -30.71
N MET A 644 -13.61 7.25 -30.58
CA MET A 644 -12.93 7.58 -29.30
C MET A 644 -12.89 9.06 -29.11
N GLU A 645 -12.75 9.77 -30.21
CA GLU A 645 -12.63 11.21 -30.27
C GLU A 645 -13.85 11.79 -29.69
N TYR A 646 -15.07 11.34 -30.10
CA TYR A 646 -16.35 11.82 -29.73
C TYR A 646 -16.66 11.57 -28.35
N PHE A 647 -16.32 10.34 -27.92
CA PHE A 647 -16.46 9.91 -26.51
C PHE A 647 -15.73 10.80 -25.50
N ASN A 648 -14.49 11.08 -25.87
CA ASN A 648 -13.54 11.85 -25.13
C ASN A 648 -13.99 13.30 -25.03
N GLN A 649 -14.32 13.97 -26.12
CA GLN A 649 -14.71 15.33 -26.01
C GLN A 649 -16.01 15.51 -25.35
N ASN A 650 -17.12 14.77 -25.80
CA ASN A 650 -18.49 14.92 -25.28
C ASN A 650 -18.84 14.26 -23.94
N VAL A 651 -18.26 13.11 -23.60
CA VAL A 651 -18.27 12.66 -22.19
C VAL A 651 -17.19 13.17 -21.27
N ILE A 652 -15.87 12.67 -21.42
CA ILE A 652 -14.93 12.90 -20.39
C ILE A 652 -14.45 14.28 -20.22
N ASP A 653 -13.96 14.97 -21.27
CA ASP A 653 -13.41 16.36 -21.27
C ASP A 653 -14.48 17.35 -20.90
N LYS A 654 -15.69 17.17 -21.47
CA LYS A 654 -16.80 18.04 -21.21
C LYS A 654 -17.21 18.00 -19.71
N GLU A 655 -17.25 16.75 -19.17
CA GLU A 655 -17.66 16.43 -17.79
C GLU A 655 -16.65 17.04 -16.81
N VAL A 656 -15.29 16.87 -17.08
CA VAL A 656 -14.29 17.47 -16.22
C VAL A 656 -14.24 18.89 -16.17
N TYR A 657 -14.57 19.51 -17.28
CA TYR A 657 -14.47 20.92 -17.31
C TYR A 657 -15.37 21.53 -16.30
N SER A 658 -16.60 21.01 -16.28
CA SER A 658 -17.67 21.45 -15.45
C SER A 658 -17.40 21.23 -13.98
N LEU A 659 -16.79 20.12 -13.57
CA LEU A 659 -16.33 19.86 -12.19
C LEU A 659 -15.27 20.83 -11.64
N GLU A 660 -14.25 21.07 -12.56
CA GLU A 660 -13.17 21.97 -12.25
C GLU A 660 -13.59 23.39 -11.96
N LYS A 661 -14.54 23.83 -12.84
CA LYS A 661 -15.11 25.19 -12.91
C LYS A 661 -15.87 25.38 -11.63
N CYS A 662 -16.57 24.34 -11.26
CA CYS A 662 -17.44 24.43 -10.07
C CYS A 662 -16.64 24.63 -8.81
N TYR A 663 -15.45 23.89 -8.71
CA TYR A 663 -14.60 24.13 -7.60
C TYR A 663 -13.97 25.55 -7.59
N ARG A 664 -13.57 26.03 -8.76
CA ARG A 664 -12.87 27.31 -8.93
C ARG A 664 -13.70 28.56 -8.69
N ASN A 665 -15.01 28.71 -9.12
CA ASN A 665 -15.77 29.95 -8.85
C ASN A 665 -16.06 30.23 -7.38
N PRO A 666 -16.65 29.34 -6.52
CA PRO A 666 -16.60 29.67 -5.15
C PRO A 666 -15.73 28.56 -4.61
N THR A 667 -14.61 28.96 -4.01
CA THR A 667 -13.87 27.94 -3.32
C THR A 667 -14.44 27.87 -1.93
N LEU A 668 -15.22 26.82 -1.67
CA LEU A 668 -16.00 26.54 -0.46
C LEU A 668 -16.22 25.01 -0.44
N ALA A 669 -16.58 24.43 0.76
CA ALA A 669 -16.78 23.09 0.93
C ALA A 669 -17.96 22.69 0.02
N VAL A 670 -18.96 23.55 -0.08
CA VAL A 670 -20.25 23.51 -0.73
C VAL A 670 -20.04 23.30 -2.21
N ALA A 671 -18.99 23.87 -2.85
CA ALA A 671 -18.64 23.65 -4.23
C ALA A 671 -18.28 22.21 -4.58
N ILE A 672 -17.58 21.55 -3.69
CA ILE A 672 -17.18 20.15 -3.96
C ILE A 672 -18.40 19.24 -3.97
N GLN A 673 -19.37 19.41 -3.02
CA GLN A 673 -20.63 18.64 -2.92
C GLN A 673 -21.45 18.90 -4.18
N ASN A 674 -21.48 20.15 -4.64
CA ASN A 674 -22.16 20.46 -5.92
C ASN A 674 -21.58 19.79 -7.12
N GLU A 675 -20.19 19.80 -7.31
CA GLU A 675 -19.54 19.15 -8.42
C GLU A 675 -19.74 17.59 -8.50
N LEU A 676 -19.74 16.89 -7.33
CA LEU A 676 -19.97 15.45 -7.25
C LEU A 676 -21.35 15.10 -7.71
N GLU A 677 -22.33 15.95 -7.28
CA GLU A 677 -23.71 15.75 -7.66
C GLU A 677 -23.98 15.82 -9.18
N GLY A 678 -23.22 16.83 -9.79
CA GLY A 678 -23.23 17.09 -11.21
C GLY A 678 -22.71 15.97 -12.10
N GLY A 679 -21.62 15.35 -11.68
CA GLY A 679 -20.95 14.20 -12.29
C GLY A 679 -21.92 13.05 -12.29
N LEU A 680 -22.57 12.86 -11.11
CA LEU A 680 -23.41 11.69 -10.91
C LEU A 680 -24.64 11.78 -11.84
N THR A 681 -25.30 12.99 -12.09
CA THR A 681 -26.45 13.07 -13.03
C THR A 681 -26.09 12.79 -14.47
N ASN A 682 -24.86 13.34 -14.86
CA ASN A 682 -24.34 13.36 -16.23
C ASN A 682 -24.11 11.98 -16.79
N ILE A 683 -23.59 11.13 -15.88
CA ILE A 683 -23.34 9.71 -16.01
C ILE A 683 -24.58 8.82 -16.24
N MET A 684 -25.68 9.22 -15.60
CA MET A 684 -26.97 8.63 -15.84
C MET A 684 -27.43 8.87 -17.28
N THR A 685 -27.24 10.11 -17.73
CA THR A 685 -27.63 10.42 -19.10
C THR A 685 -26.77 9.63 -20.10
N ASN A 686 -25.48 9.49 -19.84
CA ASN A 686 -24.42 8.85 -20.66
C ASN A 686 -24.57 7.41 -20.90
N ARG A 687 -25.10 6.67 -19.91
CA ARG A 687 -25.32 5.23 -19.99
C ARG A 687 -26.19 4.71 -21.06
N CYS A 688 -27.43 5.29 -21.24
CA CYS A 688 -28.35 4.81 -22.25
C CYS A 688 -27.89 5.11 -23.54
N LEU A 689 -27.27 6.33 -23.65
CA LEU A 689 -26.79 6.97 -24.91
C LEU A 689 -25.71 6.16 -25.53
N SER A 690 -24.82 5.56 -24.75
CA SER A 690 -23.63 4.91 -25.29
C SER A 690 -23.88 3.50 -25.58
N ASP A 691 -23.40 3.05 -26.77
CA ASP A 691 -23.67 1.79 -27.32
C ASP A 691 -22.44 1.56 -28.23
N LEU A 692 -21.33 2.34 -28.15
CA LEU A 692 -20.15 2.11 -28.90
C LEU A 692 -19.37 0.78 -28.54
N ILE A 693 -19.33 0.34 -27.22
CA ILE A 693 -18.63 -0.80 -26.78
C ILE A 693 -19.07 -2.09 -27.39
N PRO A 694 -20.33 -2.48 -27.57
CA PRO A 694 -20.65 -3.76 -28.19
C PRO A 694 -20.21 -3.90 -29.60
N LEU A 695 -20.33 -2.82 -30.36
CA LEU A 695 -20.01 -2.68 -31.76
C LEU A 695 -18.52 -2.85 -31.99
N GLN A 696 -17.72 -2.20 -31.04
CA GLN A 696 -16.27 -2.29 -30.92
C GLN A 696 -15.78 -3.67 -30.65
N LEU A 697 -16.49 -4.48 -29.80
CA LEU A 697 -16.17 -5.88 -29.49
C LEU A 697 -16.15 -6.77 -30.67
N GLN A 698 -17.19 -6.57 -31.55
CA GLN A 698 -17.36 -7.35 -32.76
C GLN A 698 -16.24 -7.10 -33.64
N ILE A 699 -15.79 -5.78 -33.77
CA ILE A 699 -14.66 -5.34 -34.53
C ILE A 699 -13.38 -5.96 -34.11
N PHE A 700 -13.19 -6.01 -32.79
CA PHE A 700 -12.02 -6.63 -32.23
C PHE A 700 -11.78 -8.10 -32.61
N ASP A 701 -12.81 -8.93 -32.58
CA ASP A 701 -12.66 -10.35 -32.97
C ASP A 701 -12.29 -10.51 -34.43
N ILE A 702 -12.91 -9.76 -35.37
CA ILE A 702 -12.57 -9.75 -36.81
C ILE A 702 -11.23 -9.20 -37.13
N VAL A 703 -10.78 -8.14 -36.44
CA VAL A 703 -9.43 -7.55 -36.67
C VAL A 703 -8.28 -8.48 -36.34
N TYR A 704 -8.44 -9.19 -35.15
CA TYR A 704 -7.50 -10.21 -34.69
C TYR A 704 -7.37 -11.41 -35.63
N LYS A 705 -8.55 -11.86 -36.10
CA LYS A 705 -8.62 -12.89 -37.15
C LYS A 705 -8.11 -12.48 -38.47
N PHE A 706 -8.36 -11.15 -38.82
CA PHE A 706 -7.88 -10.55 -40.01
C PHE A 706 -6.43 -10.45 -40.21
N CYS A 707 -5.72 -9.99 -39.22
CA CYS A 707 -4.29 -9.88 -39.20
C CYS A 707 -3.67 -11.17 -39.33
N LYS A 708 -4.22 -12.17 -38.61
CA LYS A 708 -3.71 -13.53 -38.59
C LYS A 708 -3.80 -14.19 -39.87
N PHE A 709 -4.94 -14.01 -40.63
CA PHE A 709 -5.15 -14.57 -41.90
C PHE A 709 -4.23 -14.02 -43.01
N ILE A 710 -4.04 -12.70 -43.12
CA ILE A 710 -3.15 -12.05 -44.07
C ILE A 710 -1.66 -12.40 -43.82
N LYS A 711 -1.27 -12.54 -42.57
CA LYS A 711 0.08 -12.60 -42.15
C LYS A 711 0.83 -13.74 -42.78
N SER A 712 0.21 -14.96 -42.95
CA SER A 712 0.81 -16.06 -43.60
C SER A 712 0.08 -16.47 -44.81
N MET A 713 0.80 -16.41 -45.97
CA MET A 713 0.08 -16.70 -47.19
C MET A 713 1.09 -17.14 -48.27
N ARG A 714 2.34 -17.26 -47.84
CA ARG A 714 3.31 -17.82 -48.68
C ARG A 714 4.03 -18.86 -47.80
N GLU A 754 4.99 -22.29 -55.15
CA GLU A 754 4.87 -23.57 -54.35
C GLU A 754 3.39 -23.87 -54.20
N ASP A 755 3.03 -25.20 -54.09
CA ASP A 755 1.66 -25.65 -53.96
C ASP A 755 1.01 -25.21 -52.66
N ALA A 756 1.82 -25.26 -51.59
CA ALA A 756 1.38 -24.86 -50.24
C ALA A 756 1.01 -23.46 -50.22
N ALA A 757 1.77 -22.55 -50.94
CA ALA A 757 1.47 -21.12 -51.04
C ALA A 757 0.16 -20.87 -51.65
N LEU A 758 -0.02 -21.69 -52.71
CA LEU A 758 -1.22 -21.58 -53.58
C LEU A 758 -2.42 -21.97 -52.74
N GLU A 759 -2.28 -22.96 -51.86
CA GLU A 759 -3.34 -23.45 -50.99
C GLU A 759 -3.77 -22.40 -49.97
N LEU A 760 -2.80 -21.75 -49.34
CA LEU A 760 -3.02 -20.69 -48.31
C LEU A 760 -3.75 -19.55 -48.91
N ILE A 761 -3.40 -19.12 -50.16
CA ILE A 761 -4.07 -17.93 -50.84
C ILE A 761 -5.56 -18.19 -51.10
N GLN A 762 -6.02 -19.46 -51.48
CA GLN A 762 -7.36 -19.79 -51.73
C GLN A 762 -8.24 -19.63 -50.52
N LYS A 763 -7.71 -20.16 -49.42
CA LYS A 763 -8.33 -20.18 -48.06
C LYS A 763 -8.47 -18.73 -47.63
N LEU A 764 -7.42 -17.96 -47.85
CA LEU A 764 -7.30 -16.51 -47.59
C LEU A 764 -8.33 -15.64 -48.33
N ILE A 765 -8.68 -15.85 -49.65
CA ILE A 765 -9.75 -15.05 -50.32
C ILE A 765 -11.07 -15.26 -49.62
N GLU A 766 -11.34 -16.57 -49.25
CA GLU A 766 -12.62 -16.90 -48.61
C GLU A 766 -12.73 -16.23 -47.29
N TYR A 767 -11.68 -16.20 -46.46
CA TYR A 767 -11.57 -15.60 -45.23
C TYR A 767 -11.72 -14.11 -45.31
N ILE A 768 -11.11 -13.48 -46.34
CA ILE A 768 -11.12 -12.02 -46.53
C ILE A 768 -12.58 -11.60 -46.76
N SER A 769 -13.36 -12.29 -47.56
CA SER A 769 -14.72 -12.01 -48.00
C SER A 769 -15.73 -12.01 -46.86
N ASN A 770 -15.60 -13.04 -45.98
CA ASN A 770 -16.45 -13.14 -44.82
C ASN A 770 -16.14 -11.97 -43.91
N ALA A 771 -14.90 -11.67 -43.66
CA ALA A 771 -14.50 -10.55 -42.79
C ALA A 771 -14.97 -9.17 -43.32
N SER A 772 -14.87 -8.97 -44.64
CA SER A 772 -15.26 -7.85 -45.30
C SER A 772 -16.76 -7.57 -45.22
N SER A 773 -17.63 -8.61 -45.33
CA SER A 773 -19.05 -8.59 -45.24
C SER A 773 -19.58 -8.18 -43.88
N ILE A 774 -18.92 -8.68 -42.73
CA ILE A 774 -19.16 -8.32 -41.36
C ILE A 774 -18.80 -6.89 -41.20
N PHE A 775 -17.65 -6.45 -41.77
CA PHE A 775 -17.14 -5.12 -41.57
C PHE A 775 -18.18 -4.16 -42.16
N ARG A 776 -18.76 -4.42 -43.31
CA ARG A 776 -19.75 -3.57 -43.99
C ARG A 776 -21.02 -3.33 -43.15
N LYS A 777 -21.54 -4.41 -42.51
CA LYS A 777 -22.73 -4.35 -41.73
C LYS A 777 -22.46 -3.46 -40.54
N CYS A 778 -21.22 -3.57 -39.91
CA CYS A 778 -20.79 -2.74 -38.79
C CYS A 778 -20.77 -1.25 -39.08
N LEU A 779 -20.35 -0.88 -40.34
CA LEU A 779 -20.12 0.44 -40.82
C LEU A 779 -21.36 1.35 -40.73
N ILE A 780 -22.53 0.80 -41.04
CA ILE A 780 -23.76 1.49 -41.00
C ILE A 780 -24.02 1.99 -39.63
N ASN A 781 -23.73 1.12 -38.66
CA ASN A 781 -23.84 1.41 -37.27
C ASN A 781 -23.02 2.51 -36.73
N PHE A 782 -21.69 2.59 -37.18
CA PHE A 782 -20.83 3.73 -36.88
C PHE A 782 -21.29 5.07 -37.44
N THR A 783 -21.78 5.11 -38.67
CA THR A 783 -22.19 6.32 -39.34
C THR A 783 -23.41 6.89 -38.61
N GLN A 784 -24.46 6.05 -38.37
CA GLN A 784 -25.62 6.55 -37.63
C GLN A 784 -25.41 6.84 -36.13
N GLU A 785 -24.53 6.00 -35.53
CA GLU A 785 -24.05 5.95 -34.20
C GLU A 785 -25.18 5.45 -33.33
N LEU A 786 -26.28 5.00 -33.87
CA LEU A 786 -27.31 4.54 -32.96
C LEU A 786 -28.18 3.77 -33.85
N SER A 787 -28.36 2.44 -33.63
CA SER A 787 -29.31 1.67 -34.43
C SER A 787 -29.63 0.44 -33.62
N THR A 788 -30.48 -0.38 -34.34
CA THR A 788 -31.11 -1.57 -33.83
C THR A 788 -30.04 -2.63 -33.67
N GLU A 789 -29.10 -2.73 -34.66
CA GLU A 789 -27.99 -3.69 -34.54
C GLU A 789 -27.13 -3.46 -33.29
N LYS A 790 -26.89 -2.19 -32.94
CA LYS A 790 -26.12 -1.94 -31.70
C LYS A 790 -26.77 -2.38 -30.40
N PHE A 791 -28.10 -2.20 -30.30
CA PHE A 791 -28.83 -2.66 -29.17
C PHE A 791 -28.72 -4.12 -29.04
N ASP A 792 -28.92 -4.81 -30.19
CA ASP A 792 -28.96 -6.29 -30.34
C ASP A 792 -27.62 -6.87 -29.95
N PHE A 793 -26.44 -6.21 -30.28
CA PHE A 793 -25.12 -6.66 -29.83
C PHE A 793 -24.89 -6.67 -28.35
N TYR A 794 -25.39 -5.67 -27.63
CA TYR A 794 -25.37 -5.48 -26.24
C TYR A 794 -26.11 -6.55 -25.51
N ASP A 795 -27.33 -6.91 -26.01
CA ASP A 795 -28.08 -7.97 -25.34
C ASP A 795 -27.29 -9.24 -25.34
N SER A 796 -26.68 -9.52 -26.53
CA SER A 796 -25.89 -10.71 -26.74
C SER A 796 -24.67 -10.77 -25.78
N SER A 797 -23.95 -9.59 -25.59
CA SER A 797 -22.89 -9.44 -24.71
C SER A 797 -23.19 -9.65 -23.26
N SER A 798 -24.33 -9.10 -22.81
CA SER A 798 -24.85 -9.26 -21.46
C SER A 798 -25.22 -10.65 -21.08
N VAL A 799 -25.75 -11.40 -22.05
CA VAL A 799 -26.02 -12.80 -21.82
C VAL A 799 -24.80 -13.57 -21.52
N ASP A 800 -23.70 -13.39 -22.35
CA ASP A 800 -22.50 -14.21 -22.34
C ASP A 800 -22.80 -15.66 -22.63
N PRO B 180 -48.04 29.15 74.82
CA PRO B 180 -47.77 30.24 73.79
C PRO B 180 -46.98 29.71 72.63
N GLU B 181 -47.24 30.27 71.41
CA GLU B 181 -46.69 29.84 70.17
C GLU B 181 -45.18 30.11 70.15
N GLU B 182 -44.70 31.04 70.97
CA GLU B 182 -43.24 31.19 71.03
C GLU B 182 -42.48 29.96 71.55
N ASP B 183 -43.06 29.27 72.54
CA ASP B 183 -42.56 28.05 73.01
C ASP B 183 -42.62 26.95 71.95
N ILE B 184 -43.65 26.93 71.14
CA ILE B 184 -43.90 25.97 70.12
C ILE B 184 -42.85 26.16 69.14
N LEU B 185 -42.44 27.41 68.85
CA LEU B 185 -41.39 27.82 67.99
C LEU B 185 -40.06 27.38 68.43
N LYS B 186 -39.74 27.40 69.77
CA LYS B 186 -38.46 26.93 70.34
C LYS B 186 -38.26 25.36 70.11
N TYR B 187 -39.36 24.61 70.30
CA TYR B 187 -39.32 23.27 69.97
C TYR B 187 -39.12 22.89 68.49
N VAL B 188 -39.75 23.67 67.59
CA VAL B 188 -39.60 23.48 66.12
C VAL B 188 -38.20 23.77 65.69
N SER B 189 -37.52 24.81 66.33
CA SER B 189 -36.19 25.27 66.11
C SER B 189 -35.21 24.14 66.48
N TYR B 190 -35.50 23.41 67.57
CA TYR B 190 -34.78 22.25 68.02
C TYR B 190 -34.83 21.10 67.01
N THR B 191 -36.04 20.85 66.37
CA THR B 191 -36.36 19.83 65.40
C THR B 191 -35.54 19.93 64.21
N LEU B 192 -35.31 21.20 63.76
CA LEU B 192 -34.30 21.60 62.65
C LEU B 192 -32.82 21.40 62.93
N LEU B 193 -32.37 21.42 64.21
CA LEU B 193 -31.04 21.15 64.68
C LEU B 193 -30.73 19.62 64.72
N ALA B 194 -31.69 18.65 64.52
CA ALA B 194 -31.64 17.25 64.64
C ALA B 194 -31.51 16.84 66.09
N THR B 195 -32.14 17.59 67.02
CA THR B 195 -32.28 17.33 68.38
C THR B 195 -33.73 16.98 68.60
N THR B 196 -33.99 15.77 69.15
CA THR B 196 -35.31 15.24 69.37
C THR B 196 -36.00 16.11 70.44
N SER B 197 -37.02 16.85 70.00
CA SER B 197 -37.75 17.77 70.83
C SER B 197 -38.70 16.94 71.67
N ALA B 198 -39.44 17.59 72.61
CA ALA B 198 -40.36 16.92 73.50
C ALA B 198 -41.75 17.27 73.16
N LEU B 199 -42.02 17.73 71.96
CA LEU B 199 -43.25 18.33 71.67
C LEU B 199 -43.59 17.72 70.40
N PHE B 200 -42.60 17.29 69.52
CA PHE B 200 -42.84 16.56 68.29
C PHE B 200 -42.15 15.26 68.51
N PRO B 201 -42.62 14.09 68.12
CA PRO B 201 -42.07 12.77 68.40
C PRO B 201 -40.92 12.46 67.37
N PHE B 202 -40.02 11.58 67.78
CA PHE B 202 -38.98 11.18 66.88
C PHE B 202 -39.50 10.05 66.04
N ASP B 203 -39.37 10.23 64.66
CA ASP B 203 -39.39 9.13 63.72
C ASP B 203 -38.35 9.38 62.65
N HIS B 204 -37.87 8.24 62.10
CA HIS B 204 -37.04 8.09 60.96
C HIS B 204 -37.89 7.88 59.69
N GLU B 205 -39.26 7.87 59.82
CA GLU B 205 -40.20 7.88 58.70
C GLU B 205 -40.50 9.29 58.37
N GLN B 206 -40.76 10.14 59.40
CA GLN B 206 -41.09 11.51 59.33
C GLN B 206 -41.89 11.84 60.55
N ILE B 207 -41.36 12.89 61.30
CA ILE B 207 -41.89 13.47 62.47
C ILE B 207 -43.46 13.65 62.43
N GLN B 208 -44.23 13.00 63.30
CA GLN B 208 -45.67 13.13 63.30
C GLN B 208 -46.16 14.42 63.81
N ILE B 209 -47.37 14.72 63.23
CA ILE B 209 -48.07 15.92 63.45
C ILE B 209 -48.77 15.81 64.72
N PRO B 210 -48.78 16.80 65.56
CA PRO B 210 -49.67 16.77 66.72
C PRO B 210 -50.99 17.36 66.27
N SER B 211 -52.02 17.05 67.04
CA SER B 211 -53.38 17.36 66.65
C SER B 211 -53.98 18.00 67.78
N LYS B 212 -54.86 18.96 67.48
CA LYS B 212 -55.58 19.75 68.43
C LYS B 212 -54.66 20.91 68.95
N ILE B 213 -53.71 21.36 68.14
CA ILE B 213 -52.94 22.57 68.20
C ILE B 213 -53.71 23.56 67.41
N PRO B 214 -53.41 24.80 67.48
CA PRO B 214 -53.95 25.82 66.62
C PRO B 214 -53.77 25.50 65.18
N ASN B 215 -54.79 25.85 64.33
CA ASN B 215 -55.10 25.45 63.00
C ASN B 215 -54.04 25.67 61.94
N PHE B 216 -53.58 26.93 61.82
CA PHE B 216 -52.79 27.29 60.68
C PHE B 216 -51.43 26.94 60.79
N GLU B 217 -51.05 26.69 62.06
CA GLU B 217 -49.75 26.18 62.37
C GLU B 217 -49.47 24.84 61.83
N SER B 218 -50.53 23.99 61.78
CA SER B 218 -50.45 22.68 61.30
C SER B 218 -50.02 22.41 59.89
N GLY B 219 -50.47 23.25 58.92
CA GLY B 219 -50.04 23.07 57.54
C GLY B 219 -48.60 23.26 57.31
N LEU B 220 -48.19 24.36 58.01
CA LEU B 220 -46.80 24.80 58.07
C LEU B 220 -45.84 23.78 58.66
N LEU B 221 -46.31 23.13 59.77
CA LEU B 221 -45.56 22.07 60.37
C LEU B 221 -45.29 20.92 59.56
N HIS B 222 -46.21 20.44 58.65
CA HIS B 222 -46.01 19.33 57.73
C HIS B 222 -44.82 19.48 56.75
N LEU B 223 -44.77 20.69 56.17
CA LEU B 223 -43.66 21.02 55.23
C LEU B 223 -42.28 21.02 55.93
N ILE B 224 -42.24 21.61 57.14
CA ILE B 224 -41.08 21.66 58.07
C ILE B 224 -40.65 20.31 58.43
N PHE B 225 -41.66 19.34 58.63
CA PHE B 225 -41.36 17.96 59.05
C PHE B 225 -40.53 17.25 58.04
N GLU B 226 -40.79 17.46 56.70
CA GLU B 226 -39.95 16.93 55.68
C GLU B 226 -38.56 17.50 55.79
N ALA B 227 -38.46 18.91 55.95
CA ALA B 227 -37.16 19.58 55.87
C ALA B 227 -36.05 19.12 56.93
N GLY B 228 -36.66 19.03 58.16
CA GLY B 228 -35.93 18.66 59.36
C GLY B 228 -35.55 17.25 59.33
N LEU B 229 -36.38 16.36 58.77
CA LEU B 229 -36.14 14.96 58.51
C LEU B 229 -35.03 14.75 57.52
N LEU B 230 -34.96 15.57 56.38
CA LEU B 230 -33.89 15.40 55.43
C LEU B 230 -32.56 15.63 56.01
N TYR B 231 -32.46 16.71 56.80
CA TYR B 231 -31.24 17.05 57.50
C TYR B 231 -30.69 15.93 58.41
N GLN B 232 -31.61 15.28 59.18
CA GLN B 232 -31.24 14.22 60.15
C GLN B 232 -30.62 13.06 59.44
N SER B 233 -31.19 12.56 58.35
CA SER B 233 -30.71 11.43 57.48
C SER B 233 -29.46 11.61 56.85
N LEU B 234 -29.31 12.76 56.23
CA LEU B 234 -28.14 13.12 55.52
C LEU B 234 -26.97 13.14 56.48
N GLY B 235 -27.11 13.75 57.68
CA GLY B 235 -26.06 13.97 58.63
C GLY B 235 -25.40 12.69 59.08
N TYR B 236 -26.19 11.63 59.30
CA TYR B 236 -25.75 10.28 59.67
C TYR B 236 -24.93 9.63 58.59
N LYS B 237 -25.46 9.76 57.33
CA LYS B 237 -24.73 9.31 56.15
C LYS B 237 -23.41 9.99 55.87
N VAL B 238 -23.36 11.34 55.94
CA VAL B 238 -22.12 12.16 55.60
C VAL B 238 -21.01 11.75 56.62
N GLU B 239 -21.29 11.63 57.99
CA GLU B 239 -20.32 11.14 58.91
C GLU B 239 -19.83 9.73 58.70
N LYS B 240 -20.77 8.77 58.37
CA LYS B 240 -20.32 7.38 58.15
C LYS B 240 -19.44 7.17 57.00
N PHE B 241 -19.83 7.73 55.86
CA PHE B 241 -19.15 7.60 54.58
C PHE B 241 -17.91 8.43 54.51
N ARG B 242 -17.73 9.55 55.31
CA ARG B 242 -16.58 10.40 55.58
C ARG B 242 -15.43 9.61 56.04
N MET B 243 -15.61 8.78 57.12
CA MET B 243 -14.49 8.03 57.75
C MET B 243 -14.05 6.98 56.83
N LEU B 244 -15.07 6.30 56.23
CA LEU B 244 -14.83 5.21 55.28
C LEU B 244 -14.10 5.71 54.07
N ASN B 245 -13.05 4.98 53.66
CA ASN B 245 -12.13 5.25 52.53
C ASN B 245 -12.48 4.15 51.60
N ILE B 246 -12.71 4.51 50.34
CA ILE B 246 -13.07 3.59 49.25
C ILE B 246 -12.70 4.31 47.94
N SER B 247 -12.14 5.57 48.11
CA SER B 247 -11.62 6.38 46.96
C SER B 247 -11.51 7.77 47.63
N PRO B 248 -10.44 8.46 47.31
CA PRO B 248 -10.20 9.81 47.67
C PRO B 248 -11.13 10.69 46.90
N MET B 249 -11.68 10.33 45.71
CA MET B 249 -12.59 11.14 45.00
C MET B 249 -13.90 11.33 45.74
N LYS B 250 -14.33 10.18 46.35
CA LYS B 250 -15.54 10.09 47.12
C LYS B 250 -15.39 10.98 48.43
N LYS B 251 -14.23 10.92 49.10
CA LYS B 251 -14.02 11.73 50.24
C LYS B 251 -14.10 13.23 49.92
N ALA B 252 -13.56 13.64 48.74
CA ALA B 252 -13.62 14.99 48.24
C ALA B 252 -15.01 15.42 47.98
N LEU B 253 -15.93 14.52 47.49
CA LEU B 253 -17.33 14.84 47.40
C LEU B 253 -17.90 15.07 48.80
N ILE B 254 -17.62 14.17 49.75
CA ILE B 254 -18.10 14.27 51.06
C ILE B 254 -17.71 15.49 51.82
N ILE B 255 -16.44 15.89 51.79
CA ILE B 255 -15.91 17.10 52.49
C ILE B 255 -16.55 18.37 52.00
N GLU B 256 -16.72 18.42 50.62
CA GLU B 256 -17.40 19.54 49.99
C GLU B 256 -18.81 19.64 50.49
N ILE B 257 -19.61 18.50 50.55
CA ILE B 257 -20.94 18.50 51.01
C ILE B 257 -21.11 18.90 52.41
N SER B 258 -20.24 18.33 53.32
CA SER B 258 -20.23 18.63 54.75
C SER B 258 -20.02 20.09 55.06
N GLU B 259 -19.21 20.73 54.25
CA GLU B 259 -18.91 22.12 54.32
C GLU B 259 -20.11 23.06 54.00
N GLU B 260 -20.90 22.73 52.97
CA GLU B 260 -22.18 23.40 52.62
C GLU B 260 -23.22 23.18 53.70
N LEU B 261 -23.24 21.93 54.33
CA LEU B 261 -24.29 21.63 55.38
C LEU B 261 -24.00 22.45 56.65
N GLN B 262 -22.75 22.95 56.94
CA GLN B 262 -22.34 23.65 58.17
C GLN B 262 -23.15 24.88 58.41
N ASN B 263 -23.43 25.65 57.34
CA ASN B 263 -24.19 26.89 57.33
C ASN B 263 -25.59 26.79 57.79
N TYR B 264 -26.26 25.69 57.38
CA TYR B 264 -27.66 25.45 57.74
C TYR B 264 -27.83 25.31 59.19
N THR B 265 -26.90 24.52 59.80
CA THR B 265 -26.85 24.21 61.23
C THR B 265 -26.64 25.53 61.96
N ALA B 266 -25.72 26.39 61.38
CA ALA B 266 -25.40 27.65 61.94
C ALA B 266 -26.62 28.55 61.95
N PHE B 267 -27.51 28.61 60.89
CA PHE B 267 -28.64 29.51 60.90
C PHE B 267 -29.57 29.25 62.04
N VAL B 268 -29.79 27.92 62.25
CA VAL B 268 -30.60 27.43 63.36
C VAL B 268 -30.05 27.86 64.73
N ASN B 269 -28.71 27.77 64.89
CA ASN B 269 -28.03 28.14 66.14
C ASN B 269 -28.23 29.59 66.43
N ASN B 270 -28.12 30.44 65.32
CA ASN B 270 -28.27 31.89 65.39
C ASN B 270 -29.75 32.20 65.80
N LEU B 271 -30.82 31.50 65.26
CA LEU B 271 -32.16 31.85 65.56
C LEU B 271 -32.45 31.66 67.00
N VAL B 272 -32.08 30.53 67.60
CA VAL B 272 -32.38 30.18 68.98
C VAL B 272 -31.67 31.15 69.97
N SER B 273 -30.41 31.57 69.59
CA SER B 273 -29.60 32.40 70.37
C SER B 273 -30.20 33.73 70.68
N SER B 274 -30.83 34.31 69.62
CA SER B 274 -31.81 35.42 69.61
C SER B 274 -32.92 34.95 70.47
N GLY B 275 -33.74 34.00 69.87
CA GLY B 275 -34.88 33.40 70.65
C GLY B 275 -35.81 33.28 69.49
N THR B 276 -36.72 32.26 69.52
CA THR B 276 -37.61 31.88 68.41
C THR B 276 -38.88 32.42 68.91
N VAL B 277 -39.42 33.50 68.27
CA VAL B 277 -40.61 34.27 68.71
C VAL B 277 -41.46 34.58 67.45
N VAL B 278 -40.75 34.65 66.29
CA VAL B 278 -41.37 34.98 64.98
C VAL B 278 -41.80 33.74 64.32
N SER B 279 -42.92 33.85 63.53
CA SER B 279 -43.66 32.84 62.75
C SER B 279 -42.91 31.85 61.88
N LEU B 280 -43.57 30.69 61.62
CA LEU B 280 -43.14 29.61 60.75
C LEU B 280 -43.08 30.07 59.37
N LYS B 281 -43.96 31.00 58.97
CA LYS B 281 -43.90 31.58 57.62
C LYS B 281 -42.64 32.30 57.30
N SER B 282 -42.23 33.21 58.22
CA SER B 282 -41.02 34.01 58.06
C SER B 282 -39.74 33.16 58.08
N LEU B 283 -39.72 32.08 58.89
CA LEU B 283 -38.67 31.09 58.88
C LEU B 283 -38.49 30.38 57.58
N TYR B 284 -39.65 30.01 56.99
CA TYR B 284 -39.71 29.19 55.76
C TYR B 284 -39.10 29.91 54.61
N ARG B 285 -39.45 31.23 54.52
CA ARG B 285 -38.99 32.09 53.46
C ARG B 285 -37.52 32.20 53.51
N GLU B 286 -37.01 32.44 54.76
CA GLU B 286 -35.57 32.62 54.86
C GLU B 286 -34.58 31.52 54.51
N ILE B 287 -34.84 30.29 54.88
CA ILE B 287 -34.01 29.07 54.72
C ILE B 287 -34.65 28.24 53.57
N TYR B 288 -35.10 28.95 52.47
CA TYR B 288 -35.80 28.36 51.31
C TYR B 288 -34.97 27.50 50.49
N GLU B 289 -33.70 28.01 50.25
CA GLU B 289 -32.78 27.34 49.30
C GLU B 289 -32.48 25.95 49.79
N ASN B 290 -32.34 25.90 51.14
CA ASN B 290 -31.98 24.63 51.77
C ASN B 290 -32.97 23.54 51.60
N ILE B 291 -34.24 23.87 51.49
CA ILE B 291 -35.34 22.98 51.38
C ILE B 291 -35.25 22.16 50.13
N ILE B 292 -34.89 22.84 48.99
CA ILE B 292 -34.64 22.24 47.68
C ILE B 292 -33.37 21.39 47.69
N ARG B 293 -32.21 21.99 48.28
CA ARG B 293 -30.87 21.44 48.24
C ARG B 293 -30.76 20.18 48.92
N LEU B 294 -31.34 20.07 50.17
CA LEU B 294 -31.21 18.95 50.96
C LEU B 294 -31.77 17.64 50.43
N ARG B 295 -33.03 17.70 49.79
CA ARG B 295 -33.83 16.54 49.40
C ARG B 295 -33.11 15.85 48.36
N ILE B 296 -32.55 16.54 47.41
CA ILE B 296 -31.71 16.05 46.36
C ILE B 296 -30.40 15.47 46.88
N TYR B 297 -29.66 16.13 47.83
CA TYR B 297 -28.39 15.69 48.38
C TYR B 297 -28.43 14.36 49.09
N CYS B 298 -29.55 14.04 49.81
CA CYS B 298 -29.77 12.73 50.46
C CYS B 298 -29.80 11.62 49.40
N ARG B 299 -30.37 11.91 48.20
CA ARG B 299 -30.33 10.94 47.10
C ARG B 299 -28.94 10.64 46.68
N PHE B 300 -28.14 11.75 46.64
CA PHE B 300 -26.81 11.76 46.08
C PHE B 300 -25.91 10.83 46.82
N THR B 301 -26.03 10.89 48.16
CA THR B 301 -25.45 10.04 49.13
C THR B 301 -25.80 8.53 49.13
N GLU B 302 -27.10 8.17 48.90
CA GLU B 302 -27.54 6.85 48.67
C GLU B 302 -26.92 6.25 47.46
N HIS B 303 -26.95 6.94 46.35
CA HIS B 303 -26.45 6.52 45.03
C HIS B 303 -24.91 6.32 45.12
N LEU B 304 -24.23 7.18 45.92
CA LEU B 304 -22.80 7.22 46.13
C LEU B 304 -22.13 5.95 46.68
N GLU B 305 -22.97 5.21 47.42
CA GLU B 305 -22.60 3.89 48.02
C GLU B 305 -22.21 2.89 47.03
N GLU B 306 -22.91 2.85 45.91
CA GLU B 306 -22.74 1.79 44.98
C GLU B 306 -21.49 1.90 44.18
N LEU B 307 -21.17 3.08 43.77
CA LEU B 307 -20.12 3.44 42.82
C LEU B 307 -18.99 4.35 43.40
N SER B 308 -17.82 3.88 43.28
CA SER B 308 -16.62 4.54 43.83
C SER B 308 -15.54 4.22 42.84
N GLY B 309 -14.66 5.26 42.59
CA GLY B 309 -13.44 4.99 41.77
C GLY B 309 -13.76 5.57 40.46
N ASP B 310 -13.27 5.03 39.35
CA ASP B 310 -13.45 5.48 37.96
C ASP B 310 -14.91 5.42 37.50
N THR B 311 -15.70 4.54 38.13
CA THR B 311 -17.15 4.45 38.00
C THR B 311 -17.92 5.73 38.44
N PHE B 312 -17.38 6.37 39.45
CA PHE B 312 -17.87 7.50 40.15
C PHE B 312 -18.16 8.70 39.29
N LEU B 313 -17.22 8.86 38.36
CA LEU B 313 -17.22 9.88 37.34
C LEU B 313 -18.42 9.71 36.37
N ILE B 314 -18.75 8.44 36.02
CA ILE B 314 -19.85 8.24 35.10
C ILE B 314 -21.15 8.66 35.79
N GLU B 315 -21.33 8.22 37.11
CA GLU B 315 -22.53 8.42 37.96
C GLU B 315 -22.65 9.88 38.09
N LEU B 316 -21.61 10.68 38.35
CA LEU B 316 -21.54 12.07 38.64
C LEU B 316 -22.00 12.97 37.51
N ASN B 317 -21.63 12.58 36.24
CA ASN B 317 -21.98 13.20 35.02
C ASN B 317 -23.48 13.13 34.86
N ILE B 318 -24.00 11.91 35.12
CA ILE B 318 -25.40 11.53 35.02
C ILE B 318 -26.25 12.31 36.05
N PHE B 319 -25.83 12.40 37.38
CA PHE B 319 -26.42 13.09 38.44
C PHE B 319 -26.42 14.56 38.18
N LYS B 320 -25.41 15.09 37.50
CA LYS B 320 -25.41 16.46 37.02
C LYS B 320 -26.52 16.91 36.07
N SER B 321 -26.95 15.96 35.22
CA SER B 321 -27.86 16.19 34.12
C SER B 321 -29.21 16.49 34.69
N HIS B 322 -29.46 16.06 35.91
CA HIS B 322 -30.63 16.21 36.66
C HIS B 322 -30.59 17.47 37.50
N GLY B 323 -31.63 17.76 38.26
CA GLY B 323 -31.73 18.84 39.24
C GLY B 323 -32.15 20.04 38.47
N ASP B 324 -32.22 21.13 39.24
CA ASP B 324 -32.52 22.46 38.69
C ASP B 324 -31.20 23.21 38.49
N LEU B 325 -31.24 24.49 38.11
CA LEU B 325 -30.11 25.26 37.74
C LEU B 325 -29.02 25.39 38.75
N THR B 326 -29.40 25.62 40.10
CA THR B 326 -28.53 25.89 41.13
C THR B 326 -27.62 24.68 41.37
N ILE B 327 -28.30 23.53 41.39
CA ILE B 327 -27.79 22.27 41.80
C ILE B 327 -26.76 21.87 40.73
N ARG B 328 -27.14 22.00 39.43
CA ARG B 328 -26.33 21.74 38.32
C ARG B 328 -25.07 22.57 38.27
N LYS B 329 -25.17 23.86 38.58
CA LYS B 329 -23.97 24.75 38.58
C LYS B 329 -22.99 24.24 39.61
N ILE B 330 -23.46 23.83 40.88
CA ILE B 330 -22.62 23.32 41.95
C ILE B 330 -21.96 22.12 41.47
N ALA B 331 -22.72 21.24 40.90
CA ALA B 331 -22.38 19.88 40.42
C ALA B 331 -21.28 20.06 39.37
N THR B 332 -21.33 21.10 38.53
CA THR B 332 -20.25 21.25 37.58
C THR B 332 -18.87 21.46 38.27
N ASN B 333 -18.80 22.27 39.37
CA ASN B 333 -17.60 22.51 40.19
C ASN B 333 -17.06 21.19 40.87
N LEU B 334 -18.05 20.35 41.37
CA LEU B 334 -17.81 19.13 42.02
C LEU B 334 -17.18 18.10 41.00
N PHE B 335 -17.71 18.04 39.76
CA PHE B 335 -17.22 17.21 38.69
C PHE B 335 -15.80 17.49 38.36
N ASN B 336 -15.46 18.79 38.22
CA ASN B 336 -14.12 19.28 37.85
C ASN B 336 -13.02 18.87 38.82
N SER B 337 -13.35 18.93 40.13
CA SER B 337 -12.53 18.54 41.23
C SER B 337 -12.28 17.06 41.16
N MET B 338 -13.28 16.21 40.82
CA MET B 338 -12.96 14.75 40.77
C MET B 338 -11.96 14.48 39.66
N ILE B 339 -12.11 15.05 38.50
CA ILE B 339 -11.26 14.77 37.35
C ILE B 339 -9.80 15.12 37.53
N SER B 340 -9.56 16.17 38.36
CA SER B 340 -8.24 16.64 38.77
C SER B 340 -7.43 15.60 39.46
N LEU B 341 -8.20 14.84 40.32
CA LEU B 341 -7.70 13.68 41.12
C LEU B 341 -7.31 12.51 40.24
N TYR B 342 -8.20 12.30 39.20
CA TYR B 342 -7.99 11.29 38.18
C TYR B 342 -6.77 11.41 37.32
N TYR B 343 -6.55 12.74 36.86
CA TYR B 343 -5.36 13.07 36.12
C TYR B 343 -4.10 12.80 36.99
N GLU B 344 -4.19 13.12 38.27
CA GLU B 344 -3.08 13.03 39.25
C GLU B 344 -2.70 11.52 39.36
N TYR B 345 -3.69 10.64 39.45
CA TYR B 345 -3.46 9.21 39.51
C TYR B 345 -2.89 8.61 38.22
N LEU B 346 -3.41 9.09 37.13
CA LEU B 346 -2.95 8.83 35.79
C LEU B 346 -1.55 9.28 35.47
N MET B 347 -1.17 10.53 35.93
CA MET B 347 0.12 11.12 35.76
C MET B 347 1.25 10.34 36.44
N ASN B 348 1.00 9.80 37.72
CA ASN B 348 1.84 8.94 38.56
C ASN B 348 2.15 7.60 37.99
N TRP B 349 1.08 7.05 37.33
CA TRP B 349 1.19 5.83 36.58
C TRP B 349 2.07 6.07 35.43
N LEU B 350 1.73 7.07 34.58
CA LEU B 350 2.28 7.38 33.32
C LEU B 350 3.75 7.71 33.47
N THR B 351 4.17 8.54 34.39
CA THR B 351 5.60 8.92 34.57
C THR B 351 6.43 7.93 35.46
N LYS B 352 5.84 7.23 36.45
CA LYS B 352 6.71 6.41 37.32
C LYS B 352 6.25 5.00 37.49
N GLY B 353 5.33 4.45 36.62
CA GLY B 353 4.93 3.06 36.80
C GLY B 353 4.43 2.65 38.21
N LEU B 354 3.68 3.60 38.81
CA LEU B 354 3.13 3.45 40.13
C LEU B 354 1.65 2.93 40.02
N LEU B 355 1.26 1.88 40.78
CA LEU B 355 -0.06 1.35 40.82
C LEU B 355 -0.55 1.33 42.26
N ARG B 356 -1.69 1.95 42.49
CA ARG B 356 -2.22 2.12 43.78
C ARG B 356 -3.57 1.53 43.67
N ALA B 357 -3.80 0.71 42.56
CA ALA B 357 -5.08 0.10 42.27
C ALA B 357 -5.50 -0.89 43.36
N THR B 358 -6.36 -0.32 44.27
CA THR B 358 -6.87 -0.87 45.51
C THR B 358 -8.19 -0.18 45.68
N TYR B 359 -8.67 0.60 44.64
CA TYR B 359 -9.86 1.49 44.68
C TYR B 359 -10.55 1.36 43.39
N GLY B 360 -9.87 0.91 42.33
CA GLY B 360 -10.42 0.64 41.03
C GLY B 360 -10.57 1.92 40.33
N GLU B 361 -9.81 3.03 40.62
CA GLU B 361 -9.83 4.34 40.05
C GLU B 361 -8.76 4.47 39.00
N PHE B 362 -8.32 3.28 38.44
CA PHE B 362 -7.27 3.06 37.52
C PHE B 362 -8.05 2.27 36.50
N PHE B 363 -7.31 1.87 35.41
CA PHE B 363 -7.81 1.00 34.36
C PHE B 363 -6.82 -0.10 34.12
N ILE B 364 -5.90 -0.32 35.08
CA ILE B 364 -4.87 -1.32 34.97
C ILE B 364 -5.40 -2.43 35.91
N ALA B 365 -5.37 -3.73 35.46
CA ALA B 365 -5.91 -4.81 36.19
C ALA B 365 -4.67 -5.68 36.07
N GLU B 366 -4.43 -6.56 37.13
CA GLU B 366 -3.34 -7.45 37.13
C GLU B 366 -3.83 -8.62 36.32
N ASN B 367 -2.80 -9.27 35.76
CA ASN B 367 -2.87 -10.48 34.98
C ASN B 367 -3.55 -10.18 33.62
N TYR B 379 11.65 -9.98 37.44
CA TYR B 379 10.79 -9.39 36.43
C TYR B 379 9.80 -8.54 37.05
N HIS B 380 8.65 -8.27 36.36
CA HIS B 380 7.58 -7.44 36.88
C HIS B 380 6.41 -8.31 36.72
N ILE B 381 5.45 -8.13 37.62
CA ILE B 381 4.23 -8.96 37.57
C ILE B 381 3.45 -8.58 36.30
N PRO B 382 2.87 -9.46 35.42
CA PRO B 382 1.99 -9.10 34.30
C PRO B 382 0.76 -8.29 34.56
N ILE B 383 0.50 -7.19 33.84
CA ILE B 383 -0.62 -6.29 33.85
C ILE B 383 -1.24 -6.28 32.53
N GLU B 384 -2.50 -5.77 32.47
CA GLU B 384 -3.27 -5.62 31.27
C GLU B 384 -4.17 -4.46 31.64
N PHE B 385 -4.79 -3.94 30.54
CA PHE B 385 -5.76 -2.92 30.51
C PHE B 385 -7.12 -3.56 30.68
N ASN B 386 -7.94 -2.87 31.57
CA ASN B 386 -9.29 -3.17 31.86
C ASN B 386 -10.10 -2.21 31.05
N GLN B 387 -10.49 -2.66 29.86
CA GLN B 387 -11.11 -1.73 28.94
C GLN B 387 -12.48 -1.12 29.35
N GLU B 388 -13.34 -1.94 30.03
CA GLU B 388 -14.67 -1.67 30.38
C GLU B 388 -14.88 -0.53 31.26
N ARG B 389 -13.91 -0.40 32.18
CA ARG B 389 -13.84 0.62 33.18
C ARG B 389 -13.47 1.99 32.62
N VAL B 390 -12.70 2.05 31.43
CA VAL B 390 -12.23 3.24 30.81
C VAL B 390 -13.41 4.19 30.48
N PRO B 391 -13.31 5.52 30.63
CA PRO B 391 -14.41 6.49 30.39
C PRO B 391 -14.41 7.09 29.05
N ALA B 392 -15.30 8.04 28.89
CA ALA B 392 -15.53 8.72 27.61
C ALA B 392 -14.88 10.09 27.60
N PHE B 393 -14.27 10.55 28.73
CA PHE B 393 -13.64 11.84 29.03
C PHE B 393 -12.29 11.88 28.44
N ILE B 394 -11.53 10.76 28.69
CA ILE B 394 -10.25 10.54 28.01
C ILE B 394 -10.55 9.36 27.14
N PRO B 395 -10.68 9.38 25.82
CA PRO B 395 -11.10 8.26 24.92
C PRO B 395 -10.18 7.07 25.03
N LYS B 396 -10.64 5.89 24.52
CA LYS B 396 -9.91 4.69 24.63
C LYS B 396 -8.59 4.68 23.98
N GLU B 397 -8.36 5.26 22.78
CA GLU B 397 -6.92 5.30 22.29
C GLU B 397 -5.96 6.09 23.13
N LEU B 398 -6.32 7.32 23.63
CA LEU B 398 -5.52 8.10 24.45
C LEU B 398 -5.17 7.49 25.76
N ALA B 399 -6.14 6.86 26.44
CA ALA B 399 -6.03 6.10 27.67
C ALA B 399 -5.15 4.86 27.52
N TYR B 400 -5.26 4.13 26.35
CA TYR B 400 -4.46 2.91 26.02
C TYR B 400 -2.97 3.25 25.97
N LYS B 401 -2.63 4.44 25.38
CA LYS B 401 -1.29 4.97 25.14
C LYS B 401 -0.65 5.22 26.46
N ILE B 402 -1.42 5.73 27.47
CA ILE B 402 -0.95 5.91 28.78
C ILE B 402 -0.56 4.59 29.41
N PHE B 403 -1.35 3.58 29.18
CA PHE B 403 -1.07 2.25 29.64
C PHE B 403 0.27 1.77 29.06
N MET B 404 0.46 1.93 27.76
CA MET B 404 1.68 1.55 27.07
C MET B 404 2.91 2.35 27.55
N ILE B 405 2.74 3.68 27.74
CA ILE B 405 3.92 4.49 28.13
C ILE B 405 4.40 4.06 29.43
N GLY B 406 3.42 3.80 30.41
CA GLY B 406 3.77 3.35 31.74
C GLY B 406 4.46 2.01 31.84
N LYS B 407 3.99 1.03 31.06
CA LYS B 407 4.48 -0.31 30.96
C LYS B 407 5.86 -0.39 30.42
N SER B 408 6.12 0.48 29.42
CA SER B 408 7.30 0.75 28.77
C SER B 408 8.28 1.30 29.68
N TYR B 409 7.90 2.21 30.59
CA TYR B 409 8.80 2.77 31.49
C TYR B 409 9.26 1.65 32.41
N ILE B 410 8.36 0.74 32.87
CA ILE B 410 8.78 -0.25 33.88
C ILE B 410 9.81 -1.21 33.42
N PHE B 411 9.74 -1.69 32.18
CA PHE B 411 10.74 -2.52 31.67
C PHE B 411 12.10 -1.82 31.49
N LEU B 412 12.08 -0.49 31.10
CA LEU B 412 13.24 0.34 31.04
C LEU B 412 13.86 0.58 32.37
N GLU B 413 12.96 0.75 33.44
CA GLU B 413 13.27 1.05 34.78
C GLU B 413 14.05 -0.17 35.33
N LYS B 414 13.69 -1.45 35.00
CA LYS B 414 14.32 -2.61 35.44
C LYS B 414 15.73 -2.69 34.94
N TYR B 415 15.98 -2.31 33.71
CA TYR B 415 17.29 -2.28 33.08
C TYR B 415 18.26 -1.26 33.75
N CYS B 416 17.74 -0.02 34.04
CA CYS B 416 18.63 1.07 34.32
C CYS B 416 17.86 1.92 35.29
N LYS B 417 18.50 2.46 36.36
CA LYS B 417 17.93 3.31 37.37
C LYS B 417 17.61 4.66 36.86
N GLU B 418 18.45 5.12 35.99
CA GLU B 418 18.35 6.46 35.46
C GLU B 418 17.97 6.17 34.05
N VAL B 419 16.63 6.37 33.71
CA VAL B 419 16.24 6.22 32.34
C VAL B 419 15.12 7.20 32.09
N GLN B 420 15.09 7.84 30.83
CA GLN B 420 14.13 8.91 30.39
C GLN B 420 14.53 10.26 30.77
N TRP B 421 15.49 10.28 31.76
CA TRP B 421 16.17 11.47 32.34
C TRP B 421 15.16 12.58 32.70
N THR B 422 15.56 13.83 32.51
CA THR B 422 14.87 15.00 32.92
C THR B 422 13.59 15.26 32.35
N ASN B 423 13.34 14.72 31.12
CA ASN B 423 12.14 14.71 30.29
C ASN B 423 10.94 14.10 31.04
N GLU B 424 11.17 13.02 31.91
CA GLU B 424 10.15 12.44 32.70
C GLU B 424 9.50 13.33 33.75
N PHE B 425 10.35 14.11 34.43
CA PHE B 425 10.02 15.04 35.47
C PHE B 425 9.19 16.16 34.92
N SER B 426 9.60 16.66 33.74
CA SER B 426 8.95 17.70 33.03
C SER B 426 7.59 17.32 32.53
N LYS B 427 7.46 16.04 32.03
CA LYS B 427 6.19 15.61 31.52
C LYS B 427 5.15 15.56 32.72
N LYS B 428 5.66 15.11 33.86
CA LYS B 428 4.92 14.90 35.04
C LYS B 428 4.33 16.14 35.63
N TYR B 429 5.22 17.15 35.58
CA TYR B 429 5.11 18.50 36.09
C TYR B 429 4.04 19.20 35.37
N HIS B 430 4.01 19.08 34.03
CA HIS B 430 2.99 19.77 33.20
C HIS B 430 1.64 19.31 33.54
N VAL B 431 1.42 17.94 33.79
CA VAL B 431 0.11 17.41 34.16
C VAL B 431 -0.32 17.96 35.49
N LEU B 432 0.61 18.13 36.44
CA LEU B 432 0.43 18.67 37.85
C LEU B 432 0.00 20.08 37.84
N TYR B 433 0.66 20.80 36.89
CA TYR B 433 0.40 22.17 36.56
C TYR B 433 -1.06 22.39 36.05
N GLN B 434 -1.65 21.56 35.16
CA GLN B 434 -3.02 21.60 34.74
C GLN B 434 -4.04 21.31 35.84
N SER B 435 -3.70 20.29 36.74
CA SER B 435 -4.56 19.84 37.83
C SER B 435 -4.93 20.78 38.92
N ASN B 436 -3.96 21.74 39.14
CA ASN B 436 -4.01 22.83 40.09
C ASN B 436 -5.07 23.87 39.66
N SER B 437 -5.32 24.07 38.37
CA SER B 437 -6.27 24.99 37.84
C SER B 437 -7.55 24.22 37.35
N TYR B 438 -8.42 23.77 38.23
CA TYR B 438 -9.64 23.15 37.84
C TYR B 438 -9.45 21.88 36.91
N ARG B 439 -10.39 21.58 35.97
CA ARG B 439 -10.32 20.48 34.99
C ARG B 439 -9.19 21.05 34.05
N GLY B 440 -8.24 20.19 33.61
CA GLY B 440 -7.26 20.62 32.67
C GLY B 440 -7.84 20.78 31.35
N ILE B 441 -6.98 21.20 30.40
CA ILE B 441 -7.40 21.30 29.03
C ILE B 441 -7.20 19.92 28.55
N SER B 442 -8.16 19.31 27.87
CA SER B 442 -8.13 17.94 27.36
C SER B 442 -7.05 17.80 26.31
N THR B 443 -6.97 18.73 25.34
CA THR B 443 -6.06 18.66 24.20
C THR B 443 -4.68 18.71 24.69
N ASN B 444 -4.51 19.60 25.68
CA ASN B 444 -3.19 19.81 26.24
C ASN B 444 -2.65 18.51 26.86
N PHE B 445 -3.52 17.78 27.65
CA PHE B 445 -3.14 16.53 28.21
C PHE B 445 -2.86 15.43 27.14
N PHE B 446 -3.76 15.39 26.09
CA PHE B 446 -3.61 14.48 24.99
C PHE B 446 -2.35 14.66 24.16
N GLU B 447 -1.95 15.90 23.98
CA GLU B 447 -0.78 16.42 23.33
C GLU B 447 0.51 16.03 24.02
N ILE B 448 0.45 16.10 25.38
CA ILE B 448 1.58 15.72 26.22
C ILE B 448 1.70 14.19 26.05
N ILE B 449 0.49 13.42 26.01
CA ILE B 449 0.53 11.93 25.90
C ILE B 449 1.12 11.54 24.50
N ASN B 450 0.72 12.26 23.44
CA ASN B 450 1.20 12.01 22.13
C ASN B 450 2.76 12.23 21.93
N ASP B 451 3.35 13.30 22.50
CA ASP B 451 4.82 13.54 22.52
C ASP B 451 5.58 12.49 23.38
N GLN B 452 4.94 12.11 24.55
CA GLN B 452 5.49 11.07 25.39
C GLN B 452 5.44 9.77 24.74
N TYR B 453 4.43 9.37 24.01
CA TYR B 453 4.21 8.06 23.40
C TYR B 453 5.28 7.87 22.35
N SER B 454 5.47 8.91 21.50
CA SER B 454 6.45 8.90 20.44
C SER B 454 7.90 8.71 20.96
N GLU B 455 8.25 9.46 22.11
CA GLU B 455 9.53 9.46 22.78
C GLU B 455 9.79 8.13 23.33
N ILE B 456 8.76 7.54 23.98
CA ILE B 456 8.85 6.15 24.51
C ILE B 456 9.01 5.08 23.35
N VAL B 457 8.30 5.23 22.18
CA VAL B 457 8.42 4.36 21.03
C VAL B 457 9.80 4.42 20.45
N ASN B 458 10.34 5.67 20.28
CA ASN B 458 11.58 5.94 19.65
C ASN B 458 12.67 5.31 20.44
N HIS B 459 12.63 5.51 21.77
CA HIS B 459 13.50 4.99 22.71
C HIS B 459 13.47 3.48 22.91
N THR B 460 12.29 2.86 22.67
CA THR B 460 12.14 1.44 22.62
C THR B 460 12.85 0.85 21.49
N ASN B 461 12.83 1.38 20.28
CA ASN B 461 13.59 0.88 19.12
C ASN B 461 15.10 0.99 19.52
N GLN B 462 15.57 2.13 20.09
CA GLN B 462 17.03 2.29 20.44
C GLN B 462 17.50 1.34 21.44
N ILE B 463 16.69 1.11 22.52
CA ILE B 463 17.00 0.14 23.66
C ILE B 463 17.08 -1.24 23.08
N LEU B 464 16.19 -1.64 22.22
CA LEU B 464 16.19 -2.99 21.65
C LEU B 464 17.35 -3.20 20.71
N ASN B 465 17.47 -2.30 19.67
CA ASN B 465 18.41 -2.45 18.64
C ASN B 465 19.84 -2.26 19.04
N GLN B 466 20.18 -1.10 19.64
CA GLN B 466 21.52 -0.73 19.83
C GLN B 466 22.13 -1.42 21.04
N LYS B 467 21.39 -1.48 22.20
CA LYS B 467 22.03 -1.81 23.43
C LYS B 467 22.24 -3.36 23.45
N PHE B 468 21.22 -4.10 23.01
CA PHE B 468 21.18 -5.54 23.18
C PHE B 468 20.98 -6.24 21.91
N HIS B 469 21.56 -5.60 20.82
CA HIS B 469 21.65 -6.14 19.49
C HIS B 469 20.53 -6.90 18.94
N TYR B 470 19.31 -6.35 19.07
CA TYR B 470 18.09 -7.20 18.79
C TYR B 470 17.96 -7.75 17.35
N ARG B 471 18.18 -6.90 16.28
CA ARG B 471 17.86 -7.40 14.91
C ARG B 471 18.71 -8.62 14.49
N ASP B 472 20.04 -8.58 14.84
CA ASP B 472 20.89 -9.75 14.47
C ASP B 472 20.65 -11.02 15.31
N VAL B 473 20.30 -10.86 16.57
CA VAL B 473 19.95 -11.94 17.52
C VAL B 473 18.70 -12.58 17.09
N VAL B 474 17.63 -11.89 16.50
CA VAL B 474 16.43 -12.49 15.93
C VAL B 474 16.81 -13.44 14.80
N PHE B 475 17.81 -12.99 13.90
CA PHE B 475 18.27 -13.84 12.79
C PHE B 475 18.89 -15.08 13.33
N ALA B 476 19.72 -14.89 14.37
CA ALA B 476 20.43 -15.96 15.02
C ALA B 476 19.54 -17.00 15.63
N LEU B 477 18.39 -16.56 16.22
CA LEU B 477 17.34 -17.35 16.79
C LEU B 477 16.56 -18.26 15.78
N LYS B 478 16.31 -17.64 14.60
CA LYS B 478 15.82 -18.48 13.50
C LYS B 478 16.80 -19.62 13.11
N ASN B 479 18.11 -19.28 13.05
CA ASN B 479 19.14 -20.20 12.66
C ASN B 479 19.20 -21.38 13.65
N ILE B 480 19.27 -21.20 14.95
CA ILE B 480 19.42 -22.37 15.84
C ILE B 480 18.13 -23.16 16.18
N LEU B 481 17.11 -22.51 16.74
CA LEU B 481 15.82 -23.04 17.23
C LEU B 481 14.92 -23.57 16.13
N LEU B 482 14.74 -22.75 15.00
CA LEU B 482 14.02 -23.11 13.86
C LEU B 482 14.77 -23.88 12.79
N MET B 483 16.05 -24.19 13.01
CA MET B 483 17.04 -24.94 12.28
C MET B 483 17.20 -24.39 10.90
N GLY B 484 17.46 -23.05 10.78
CA GLY B 484 17.80 -22.39 9.55
C GLY B 484 19.16 -22.60 9.02
N LYS B 485 20.18 -22.79 9.90
CA LYS B 485 21.58 -23.06 9.36
C LYS B 485 21.83 -24.57 9.29
N SER B 486 21.81 -25.16 8.14
CA SER B 486 21.96 -26.57 7.95
C SER B 486 23.37 -26.95 8.29
N ASP B 487 24.31 -26.05 8.11
CA ASP B 487 25.69 -26.23 8.50
C ASP B 487 25.95 -26.34 9.98
N PHE B 488 25.24 -25.52 10.85
CA PHE B 488 25.33 -25.61 12.26
C PHE B 488 24.84 -26.93 12.77
N MET B 489 23.67 -27.32 12.21
CA MET B 489 22.97 -28.49 12.54
C MET B 489 23.67 -29.82 12.26
N ASP B 490 24.34 -29.86 11.13
CA ASP B 490 25.13 -31.07 10.72
C ASP B 490 26.23 -31.28 11.74
N ALA B 491 26.91 -30.13 12.07
CA ALA B 491 27.96 -30.18 13.10
C ALA B 491 27.40 -30.56 14.48
N LEU B 492 26.26 -30.00 14.91
CA LEU B 492 25.71 -30.22 16.21
C LEU B 492 25.39 -31.70 16.37
N ILE B 493 24.73 -32.30 15.36
CA ILE B 493 24.36 -33.73 15.38
C ILE B 493 25.53 -34.61 15.46
N GLU B 494 26.61 -34.34 14.68
CA GLU B 494 27.79 -35.13 14.80
C GLU B 494 28.38 -35.11 16.15
N LYS B 495 28.60 -33.95 16.82
CA LYS B 495 29.27 -33.89 18.13
C LYS B 495 28.40 -34.51 19.17
N ALA B 496 27.09 -34.28 19.16
CA ALA B 496 26.11 -34.68 20.14
C ALA B 496 25.85 -36.22 20.18
N ASN B 497 26.02 -36.92 18.99
CA ASN B 497 25.63 -38.25 18.62
C ASN B 497 26.08 -39.29 19.67
N ASP B 498 27.34 -39.19 20.25
CA ASP B 498 27.84 -40.23 21.22
C ASP B 498 26.97 -40.18 22.42
N ILE B 499 26.68 -38.92 22.87
CA ILE B 499 26.10 -38.60 24.18
C ILE B 499 24.71 -39.09 24.28
N LEU B 500 23.95 -38.92 23.21
CA LEU B 500 22.53 -39.22 23.07
C LEU B 500 22.39 -40.74 22.92
N ALA B 501 23.28 -41.54 22.37
CA ALA B 501 23.16 -43.00 22.41
C ALA B 501 23.08 -43.65 23.82
N THR B 502 23.81 -43.11 24.82
CA THR B 502 23.73 -43.59 26.17
C THR B 502 22.62 -42.78 26.76
N PRO B 503 21.73 -43.38 27.63
CA PRO B 503 20.63 -42.65 28.34
C PRO B 503 21.07 -41.47 29.12
N SER B 504 20.10 -40.43 29.27
CA SER B 504 20.51 -39.13 29.86
C SER B 504 19.95 -38.93 31.27
N ASP B 505 20.91 -38.58 32.24
CA ASP B 505 20.61 -38.16 33.57
C ASP B 505 20.96 -36.68 33.45
N SER B 506 21.56 -36.08 34.57
CA SER B 506 21.72 -34.68 34.61
C SER B 506 23.06 -34.25 34.20
N LEU B 507 24.09 -35.12 34.22
CA LEU B 507 25.43 -34.78 33.74
C LEU B 507 25.29 -34.72 32.21
N PRO B 508 24.50 -35.45 31.46
CA PRO B 508 24.43 -35.29 29.94
C PRO B 508 24.09 -33.93 29.57
N ASN B 509 23.22 -33.27 30.29
CA ASN B 509 22.65 -31.96 30.06
C ASN B 509 23.62 -30.86 30.04
N TYR B 510 24.60 -30.96 30.99
CA TYR B 510 25.75 -30.05 31.18
C TYR B 510 26.63 -30.17 29.91
N LYS B 511 26.95 -31.44 29.39
CA LYS B 511 27.74 -31.66 28.17
C LYS B 511 27.03 -31.15 26.98
N LEU B 512 25.68 -31.37 26.90
CA LEU B 512 24.85 -30.91 25.76
C LEU B 512 24.81 -29.43 25.59
N THR B 513 24.80 -28.57 26.68
CA THR B 513 24.87 -27.05 26.68
C THR B 513 26.21 -26.61 26.16
N ARG B 514 27.30 -27.26 26.50
CA ARG B 514 28.67 -26.94 26.06
C ARG B 514 28.85 -27.11 24.61
N VAL B 515 28.43 -28.28 24.00
CA VAL B 515 28.60 -28.57 22.61
C VAL B 515 27.79 -27.58 21.78
N LEU B 516 26.65 -27.18 22.39
CA LEU B 516 25.66 -26.22 21.81
C LEU B 516 26.17 -24.89 21.61
N GLN B 517 26.90 -24.41 22.68
CA GLN B 517 27.55 -23.08 22.65
C GLN B 517 28.67 -23.01 21.72
N GLU B 518 29.47 -24.09 21.75
CA GLU B 518 30.59 -24.31 20.84
C GLU B 518 30.18 -24.50 19.33
N ALA B 519 29.02 -25.13 19.04
CA ALA B 519 28.59 -25.22 17.71
C ALA B 519 28.31 -23.92 16.99
N VAL B 520 27.71 -22.94 17.69
CA VAL B 520 27.36 -21.60 17.23
C VAL B 520 28.66 -20.86 16.86
N GLN B 521 29.70 -20.94 17.66
CA GLN B 521 31.00 -20.34 17.38
C GLN B 521 31.70 -21.00 16.16
N LEU B 522 31.66 -22.38 16.00
CA LEU B 522 32.27 -23.08 14.86
C LEU B 522 31.63 -22.61 13.53
N SER B 523 30.28 -22.42 13.52
CA SER B 523 29.57 -21.94 12.36
C SER B 523 29.68 -20.43 12.06
N SER B 524 30.33 -19.73 12.95
CA SER B 524 30.51 -18.30 12.86
C SER B 524 29.45 -17.45 13.45
N LEU B 525 29.66 -16.90 14.60
CA LEU B 525 28.85 -15.83 15.22
C LEU B 525 29.95 -14.99 15.71
N ARG B 526 29.95 -13.71 15.27
CA ARG B 526 31.09 -12.86 15.54
C ARG B 526 31.08 -12.25 16.90
N HIS B 527 32.33 -11.84 17.33
CA HIS B 527 32.60 -11.19 18.59
C HIS B 527 33.27 -9.89 18.24
N LEU B 528 32.44 -8.84 18.40
CA LEU B 528 33.00 -7.56 18.03
C LEU B 528 32.18 -6.53 18.81
N MET B 529 32.39 -5.23 18.46
CA MET B 529 31.71 -4.04 18.93
C MET B 529 30.33 -3.99 18.48
N ASN B 530 30.04 -4.53 17.27
CA ASN B 530 28.79 -4.48 16.52
C ASN B 530 28.26 -5.89 16.31
N SER B 531 28.86 -6.87 17.12
CA SER B 531 28.50 -8.26 17.03
C SER B 531 28.37 -8.82 18.46
N PRO B 532 27.81 -9.99 18.71
CA PRO B 532 27.57 -10.59 19.99
C PRO B 532 28.75 -10.73 20.97
N ARG B 533 28.65 -10.07 22.11
CA ARG B 533 29.37 -10.26 23.29
C ARG B 533 28.33 -10.09 24.32
N ASN B 534 27.35 -9.15 24.12
CA ASN B 534 26.24 -8.98 24.93
C ASN B 534 25.16 -9.01 23.90
N SER B 535 24.48 -10.19 23.81
CA SER B 535 23.40 -10.42 22.89
C SER B 535 22.55 -11.47 23.62
N SER B 536 21.35 -11.74 23.10
CA SER B 536 20.42 -12.80 23.44
C SER B 536 21.02 -14.16 23.17
N VAL B 537 21.83 -14.27 22.12
CA VAL B 537 22.37 -15.54 21.72
C VAL B 537 23.28 -16.15 22.70
N ILE B 538 24.23 -15.34 23.22
CA ILE B 538 25.22 -15.86 24.13
C ILE B 538 24.73 -16.33 25.52
N ASN B 539 23.99 -15.40 26.12
CA ASN B 539 23.42 -15.50 27.47
C ASN B 539 22.31 -16.49 27.48
N GLY B 540 21.38 -16.32 26.55
CA GLY B 540 20.07 -16.92 26.54
C GLY B 540 19.89 -18.38 26.19
N LEU B 541 20.77 -19.00 25.40
CA LEU B 541 20.41 -20.33 24.97
C LEU B 541 21.11 -21.21 25.90
N ASP B 542 20.29 -22.26 26.26
CA ASP B 542 20.72 -23.36 27.12
C ASP B 542 20.15 -24.55 26.36
N ALA B 543 20.74 -25.79 26.35
CA ALA B 543 20.08 -26.98 25.84
C ALA B 543 19.56 -27.68 27.04
N ARG B 544 18.37 -28.19 26.94
CA ARG B 544 17.63 -28.82 28.03
C ARG B 544 17.47 -30.23 27.55
N VAL B 545 17.36 -31.05 28.55
CA VAL B 545 16.83 -32.41 28.30
C VAL B 545 15.68 -32.43 29.20
N LEU B 546 14.47 -32.92 28.75
CA LEU B 546 13.26 -32.91 29.57
C LEU B 546 12.45 -34.15 29.15
N ASP B 547 11.59 -33.97 28.09
CA ASP B 547 10.94 -35.05 27.36
C ASP B 547 10.45 -34.43 26.06
N LEU B 548 9.16 -34.10 26.04
CA LEU B 548 8.39 -33.41 24.97
C LEU B 548 8.71 -34.06 23.65
N GLY B 549 8.54 -35.40 23.69
CA GLY B 549 8.83 -36.16 22.52
C GLY B 549 8.74 -37.58 23.05
N HIS B 550 9.74 -38.34 22.54
CA HIS B 550 9.80 -39.74 22.86
C HIS B 550 10.83 -39.98 23.93
N GLY B 551 10.39 -40.20 25.20
CA GLY B 551 11.35 -40.39 26.26
C GLY B 551 11.62 -41.82 26.33
N SER B 552 11.02 -42.68 25.45
CA SER B 552 11.28 -44.07 25.40
C SER B 552 12.71 -44.36 24.80
N VAL B 553 13.31 -43.31 24.20
CA VAL B 553 14.59 -43.44 23.57
C VAL B 553 15.41 -42.25 23.99
N GLY B 554 16.75 -42.39 24.05
CA GLY B 554 17.70 -41.32 24.39
C GLY B 554 18.04 -40.37 23.28
N TRP B 555 17.60 -40.59 22.01
CA TRP B 555 17.96 -39.82 20.89
C TRP B 555 16.86 -38.79 20.52
N ASP B 556 15.83 -38.67 21.31
CA ASP B 556 14.75 -37.77 20.86
C ASP B 556 14.09 -37.14 22.11
N VAL B 557 14.91 -36.72 23.09
CA VAL B 557 14.49 -36.13 24.33
C VAL B 557 15.01 -34.68 24.28
N PHE B 558 15.88 -34.42 23.30
CA PHE B 558 16.61 -33.24 23.21
C PHE B 558 15.78 -32.06 22.98
N THR B 559 16.12 -30.90 23.63
CA THR B 559 15.43 -29.65 23.40
C THR B 559 16.31 -28.47 23.50
N LEU B 560 15.81 -27.25 23.09
CA LEU B 560 16.43 -26.01 23.19
C LEU B 560 15.51 -25.08 23.91
N ASP B 561 16.14 -24.31 24.80
CA ASP B 561 15.46 -23.35 25.66
C ASP B 561 16.16 -22.08 25.47
N TYR B 562 15.27 -21.08 25.28
CA TYR B 562 15.58 -19.66 24.96
C TYR B 562 15.02 -18.97 26.24
N ILE B 563 15.77 -18.05 26.96
CA ILE B 563 15.20 -17.52 28.18
C ILE B 563 15.44 -16.05 27.99
N LEU B 564 14.36 -15.29 28.23
CA LEU B 564 14.30 -13.88 27.85
C LEU B 564 14.69 -13.04 29.06
N TYR B 565 14.97 -11.72 28.87
CA TYR B 565 15.58 -10.83 29.90
C TYR B 565 14.74 -9.55 30.04
N PRO B 566 14.86 -8.64 31.04
CA PRO B 566 13.96 -7.52 31.25
C PRO B 566 13.63 -6.55 30.08
N PRO B 567 14.43 -6.07 29.16
CA PRO B 567 14.02 -5.32 28.02
C PRO B 567 13.18 -6.16 27.03
N LEU B 568 12.88 -7.40 27.32
CA LEU B 568 12.18 -8.32 26.52
C LEU B 568 11.20 -9.19 27.25
N SER B 569 10.86 -8.83 28.46
CA SER B 569 10.02 -9.58 29.31
C SER B 569 9.43 -8.75 30.41
N LEU B 570 8.07 -8.98 30.51
CA LEU B 570 7.20 -8.61 31.58
C LEU B 570 5.83 -9.08 31.31
N VAL B 571 5.51 -9.72 30.15
CA VAL B 571 4.24 -10.35 29.93
C VAL B 571 4.62 -11.75 29.42
N LEU B 572 5.77 -12.23 29.86
CA LEU B 572 6.27 -13.68 29.65
C LEU B 572 7.44 -13.79 30.55
N ASN B 573 7.24 -14.34 31.80
CA ASN B 573 8.19 -14.31 32.90
C ASN B 573 8.23 -15.71 33.36
N VAL B 574 8.45 -15.88 34.70
CA VAL B 574 8.56 -17.14 35.36
C VAL B 574 7.29 -17.51 36.03
N ASN B 575 6.29 -16.60 36.08
CA ASN B 575 4.96 -16.90 36.58
C ASN B 575 4.26 -17.96 35.71
N ARG B 576 4.36 -17.82 34.33
CA ARG B 576 3.77 -18.75 33.40
C ARG B 576 4.87 -18.90 32.37
N PRO B 577 5.48 -20.09 32.28
CA PRO B 577 6.57 -20.25 31.26
C PRO B 577 6.03 -21.05 30.11
N PHE B 578 4.87 -20.63 29.56
CA PHE B 578 4.06 -21.22 28.55
C PHE B 578 4.82 -21.15 27.25
N GLY B 579 5.34 -19.95 26.88
CA GLY B 579 6.03 -19.56 25.63
C GLY B 579 7.25 -20.31 25.54
N ARG B 580 8.02 -20.43 26.68
CA ARG B 580 9.23 -21.19 26.70
C ARG B 580 9.07 -22.70 26.48
N LYS B 581 7.97 -23.38 26.96
CA LYS B 581 7.68 -24.77 26.74
C LYS B 581 7.53 -24.93 25.26
N GLU B 582 6.87 -23.93 24.64
CA GLU B 582 6.51 -24.00 23.27
C GLU B 582 7.75 -24.14 22.44
N TYR B 583 8.76 -23.28 22.76
CA TYR B 583 10.05 -23.30 22.09
C TYR B 583 10.80 -24.68 22.23
N LEU B 584 10.79 -25.34 23.50
CA LEU B 584 11.29 -26.70 23.53
C LEU B 584 10.50 -27.66 22.66
N ARG B 585 9.16 -27.51 22.59
CA ARG B 585 8.32 -28.46 21.87
C ARG B 585 8.60 -28.48 20.38
N ILE B 586 8.74 -27.25 19.85
CA ILE B 586 8.88 -27.10 18.40
C ILE B 586 10.22 -27.73 18.06
N PHE B 587 11.24 -27.50 18.95
CA PHE B 587 12.64 -28.04 18.80
C PHE B 587 12.67 -29.51 18.65
N ASN B 588 11.88 -30.23 19.49
CA ASN B 588 11.83 -31.72 19.38
C ASN B 588 11.33 -32.37 18.12
N PHE B 589 10.25 -31.77 17.58
CA PHE B 589 9.74 -32.27 16.32
C PHE B 589 10.69 -32.07 15.19
N LEU B 590 11.31 -30.85 15.06
CA LEU B 590 12.41 -30.63 14.10
C LEU B 590 13.69 -31.35 14.21
N TRP B 591 14.25 -31.43 15.42
CA TRP B 591 15.51 -32.03 15.69
C TRP B 591 15.47 -33.51 15.35
N ARG B 592 14.40 -34.27 15.63
CA ARG B 592 14.33 -35.67 15.18
C ARG B 592 14.28 -35.79 13.65
N PHE B 593 13.55 -34.96 12.81
CA PHE B 593 13.57 -35.20 11.39
C PHE B 593 14.92 -34.95 10.77
N LYS B 594 15.60 -33.86 11.28
CA LYS B 594 16.86 -33.35 10.83
C LYS B 594 17.92 -34.36 11.05
N LYS B 595 17.85 -35.09 12.18
CA LYS B 595 18.74 -36.07 12.64
C LYS B 595 18.79 -37.28 11.75
N ASN B 596 17.60 -37.77 11.34
CA ASN B 596 17.44 -38.90 10.40
C ASN B 596 17.97 -38.57 9.03
N ASN B 597 17.70 -37.29 8.55
CA ASN B 597 18.25 -36.86 7.29
C ASN B 597 19.78 -36.79 7.28
N TYR B 598 20.44 -36.33 8.30
CA TYR B 598 21.81 -36.14 8.40
C TYR B 598 22.62 -37.50 8.32
N PHE B 599 22.15 -38.60 9.00
CA PHE B 599 22.67 -39.94 8.96
C PHE B 599 22.55 -40.50 7.62
N TYR B 600 21.35 -40.20 6.97
CA TYR B 600 21.21 -40.67 5.59
C TYR B 600 22.23 -40.06 4.74
N GLN B 601 22.43 -38.77 4.83
CA GLN B 601 23.32 -38.02 3.96
C GLN B 601 24.82 -38.42 4.05
N LYS B 602 25.29 -38.70 5.27
CA LYS B 602 26.65 -39.16 5.59
C LYS B 602 27.09 -40.49 5.04
N GLU B 603 26.16 -41.41 5.08
CA GLU B 603 26.41 -42.79 4.67
C GLU B 603 26.77 -42.70 3.21
N MET B 604 25.90 -41.92 2.55
CA MET B 604 26.04 -41.61 1.15
C MET B 604 27.31 -40.77 0.89
N LEU B 605 27.60 -39.76 1.70
CA LEU B 605 28.73 -38.89 1.45
C LEU B 605 30.03 -39.53 1.37
N LYS B 606 30.23 -40.49 2.26
CA LYS B 606 31.43 -41.33 2.29
C LYS B 606 31.54 -42.11 0.94
N SER B 607 30.37 -42.62 0.41
CA SER B 607 30.29 -43.47 -0.85
C SER B 607 30.63 -42.64 -2.04
N ASN B 608 30.38 -41.34 -1.99
CA ASN B 608 30.65 -40.45 -3.14
C ASN B 608 32.08 -40.32 -3.42
N ASP B 609 32.88 -40.51 -2.32
CA ASP B 609 34.32 -40.28 -2.36
C ASP B 609 35.01 -41.45 -3.10
N ILE B 610 36.22 -41.17 -3.35
CA ILE B 610 37.13 -41.92 -4.18
C ILE B 610 37.65 -43.20 -3.48
N ILE B 611 37.54 -43.19 -2.14
CA ILE B 611 37.90 -44.28 -1.24
C ILE B 611 37.09 -45.53 -1.50
N ARG B 612 35.80 -45.26 -1.73
CA ARG B 612 34.78 -46.23 -1.90
C ARG B 612 34.29 -45.94 -3.30
N ILE B 628 34.77 -52.10 -11.65
CA ILE B 628 33.94 -52.93 -12.57
C ILE B 628 32.54 -52.37 -12.84
N ASN B 629 31.65 -53.14 -13.52
CA ASN B 629 30.31 -52.65 -13.81
C ASN B 629 29.56 -52.46 -12.49
N LYS B 630 29.81 -53.33 -11.44
CA LYS B 630 29.22 -53.31 -10.09
C LYS B 630 29.48 -52.05 -9.34
N LEU B 631 30.68 -51.45 -9.46
CA LEU B 631 31.04 -50.16 -8.92
C LEU B 631 30.20 -49.06 -9.55
N SER B 632 30.02 -49.16 -10.87
CA SER B 632 29.16 -48.24 -11.57
C SER B 632 27.71 -48.29 -11.24
N ARG B 633 27.13 -49.45 -10.99
CA ARG B 633 25.70 -49.62 -10.59
C ARG B 633 25.34 -49.04 -9.24
N ILE B 634 26.21 -49.29 -8.24
CA ILE B 634 26.18 -48.70 -6.94
C ILE B 634 26.35 -47.22 -6.93
N SER B 635 27.25 -46.64 -7.79
CA SER B 635 27.39 -45.25 -7.86
C SER B 635 26.19 -44.44 -8.35
N ILE B 636 25.41 -44.93 -9.39
CA ILE B 636 24.19 -44.24 -9.87
C ILE B 636 23.08 -44.36 -8.84
N LEU B 637 22.84 -45.55 -8.25
CA LEU B 637 21.81 -45.83 -7.35
C LEU B 637 21.94 -44.91 -6.09
N ARG B 638 23.18 -44.75 -5.64
CA ARG B 638 23.67 -43.96 -4.51
C ARG B 638 23.36 -42.51 -4.78
N THR B 639 23.64 -42.04 -6.02
CA THR B 639 23.51 -40.64 -6.45
C THR B 639 22.02 -40.30 -6.44
N GLN B 640 21.21 -41.30 -6.88
CA GLN B 640 19.76 -41.11 -6.94
C GLN B 640 19.17 -40.88 -5.49
N PHE B 641 19.63 -41.69 -4.55
CA PHE B 641 19.15 -41.60 -3.18
C PHE B 641 19.47 -40.27 -2.48
N GLN B 642 20.76 -39.81 -2.86
CA GLN B 642 21.25 -38.52 -2.55
C GLN B 642 20.55 -37.42 -3.15
N GLN B 643 20.11 -37.56 -4.39
CA GLN B 643 19.23 -36.55 -5.03
C GLN B 643 17.88 -36.36 -4.35
N PHE B 644 17.19 -37.48 -4.02
CA PHE B 644 15.91 -37.49 -3.46
C PHE B 644 15.90 -36.71 -2.15
N ASN B 645 16.90 -37.05 -1.25
CA ASN B 645 17.04 -36.49 0.02
C ASN B 645 17.32 -34.98 -0.04
N SER B 646 18.21 -34.49 -1.00
CA SER B 646 18.59 -33.10 -1.20
C SER B 646 17.48 -32.18 -1.59
N LYS B 647 16.57 -32.73 -2.50
CA LYS B 647 15.45 -32.02 -3.01
C LYS B 647 14.38 -31.66 -1.97
N MET B 648 13.99 -32.61 -1.08
CA MET B 648 13.02 -32.34 -0.02
C MET B 648 13.54 -31.39 0.98
N GLU B 649 14.93 -31.54 1.33
CA GLU B 649 15.56 -30.80 2.42
C GLU B 649 15.46 -29.37 1.95
N SER B 650 15.69 -29.04 0.65
CA SER B 650 15.58 -27.71 0.00
C SER B 650 14.14 -27.10 0.13
N TYR B 651 13.13 -27.84 -0.26
CA TYR B 651 11.72 -27.38 -0.28
C TYR B 651 11.15 -27.09 1.04
N TYR B 652 11.38 -28.00 2.05
CA TYR B 652 11.08 -27.80 3.44
C TYR B 652 11.73 -26.59 4.10
N LEU B 653 13.07 -26.36 3.88
CA LEU B 653 13.65 -25.11 4.48
C LEU B 653 13.09 -23.81 3.90
N ASN B 654 13.05 -23.65 2.60
CA ASN B 654 12.75 -22.42 1.96
C ASN B 654 11.28 -22.06 2.02
N CYS B 655 10.42 -23.03 1.67
CA CYS B 655 8.93 -22.81 1.53
C CYS B 655 8.19 -22.60 2.83
N ILE B 656 8.58 -23.46 3.82
CA ILE B 656 7.91 -23.38 5.11
C ILE B 656 8.65 -22.38 5.90
N ILE B 657 9.91 -22.66 6.26
CA ILE B 657 10.58 -21.91 7.29
C ILE B 657 10.91 -20.49 6.88
N GLU B 658 11.51 -20.40 5.67
CA GLU B 658 11.99 -19.11 5.21
C GLU B 658 10.88 -18.11 5.01
N GLU B 659 9.80 -18.64 4.44
CA GLU B 659 8.63 -17.90 4.07
C GLU B 659 8.00 -17.29 5.29
N ASN B 660 7.80 -18.05 6.37
CA ASN B 660 7.20 -17.69 7.59
C ASN B 660 8.01 -16.68 8.28
N PHE B 661 9.41 -16.90 8.23
CA PHE B 661 10.34 -16.00 8.82
C PHE B 661 10.32 -14.62 8.14
N LYS B 662 10.19 -14.54 6.77
CA LYS B 662 10.16 -13.26 5.97
C LYS B 662 9.02 -12.32 6.36
N GLU B 663 7.78 -12.93 6.56
CA GLU B 663 6.66 -12.16 7.07
C GLU B 663 6.99 -11.65 8.54
N MET B 664 7.66 -12.43 9.44
CA MET B 664 7.86 -12.06 10.84
C MET B 664 8.66 -10.75 10.99
N THR B 665 9.74 -10.73 10.08
CA THR B 665 10.71 -9.72 9.91
C THR B 665 10.03 -8.48 9.39
N ARG B 666 9.06 -8.74 8.46
CA ARG B 666 8.33 -7.65 7.75
C ARG B 666 7.51 -6.80 8.68
N LYS B 667 6.76 -7.44 9.59
CA LYS B 667 6.09 -6.82 10.74
C LYS B 667 6.95 -6.16 11.79
N LEU B 668 8.11 -6.81 12.10
CA LEU B 668 9.09 -6.42 13.07
C LEU B 668 9.74 -5.08 12.74
N GLN B 669 10.10 -4.86 11.42
CA GLN B 669 10.73 -3.65 10.92
C GLN B 669 9.74 -2.46 10.90
N ARG B 670 8.50 -2.75 10.48
CA ARG B 670 7.51 -1.75 10.25
C ARG B 670 6.99 -0.85 11.34
N THR B 671 6.68 -1.46 12.51
CA THR B 671 6.21 -0.78 13.69
C THR B 671 7.43 -0.12 14.26
N LEU B 719 7.75 0.32 17.82
CA LEU B 719 7.54 -0.90 18.55
C LEU B 719 7.33 -0.66 20.03
N ASN B 720 6.95 -1.69 20.79
CA ASN B 720 6.62 -1.76 22.25
C ASN B 720 6.85 -3.25 22.46
N ILE B 721 6.76 -3.74 23.74
CA ILE B 721 6.94 -5.11 24.15
C ILE B 721 5.89 -6.06 23.53
N ASP B 722 4.58 -5.64 23.43
CA ASP B 722 3.54 -6.40 22.89
C ASP B 722 3.73 -6.90 21.45
N GLU B 723 4.40 -6.02 20.61
CA GLU B 723 4.72 -6.40 19.23
C GLU B 723 5.67 -7.60 19.16
N LEU B 724 6.66 -7.76 20.06
CA LEU B 724 7.60 -8.80 20.05
C LEU B 724 7.04 -10.13 20.38
N GLU B 725 6.15 -10.10 21.38
CA GLU B 725 5.38 -11.20 21.84
C GLU B 725 4.45 -11.81 20.76
N SER B 726 3.79 -10.89 19.96
CA SER B 726 2.91 -11.17 18.80
C SER B 726 3.64 -11.82 17.67
N VAL B 727 4.80 -11.27 17.17
CA VAL B 727 5.57 -11.91 16.09
C VAL B 727 6.07 -13.25 16.46
N HIS B 728 6.61 -13.50 17.70
CA HIS B 728 7.18 -14.86 18.05
C HIS B 728 6.10 -15.90 17.98
N ASN B 729 4.93 -15.58 18.52
CA ASN B 729 3.82 -16.43 18.49
C ASN B 729 3.29 -16.77 17.13
N THR B 730 3.22 -15.77 16.22
CA THR B 730 2.64 -15.81 14.91
C THR B 730 3.44 -16.77 14.12
N PHE B 731 4.73 -16.61 14.26
CA PHE B 731 5.76 -17.38 13.58
C PHE B 731 5.62 -18.90 13.91
N LEU B 732 5.49 -19.19 15.27
CA LEU B 732 5.35 -20.57 15.85
C LEU B 732 4.14 -21.28 15.46
N THR B 733 2.99 -20.52 15.40
CA THR B 733 1.73 -21.11 15.06
C THR B 733 1.73 -21.65 13.58
N ASN B 734 2.26 -20.77 12.64
CA ASN B 734 2.28 -21.11 11.22
C ASN B 734 3.17 -22.32 10.91
N ILE B 735 4.40 -22.43 11.47
CA ILE B 735 5.32 -23.52 11.30
C ILE B 735 4.73 -24.81 11.82
N LEU B 736 3.98 -24.67 12.90
CA LEU B 736 3.37 -25.83 13.55
C LEU B 736 2.36 -26.51 12.64
N SER B 737 1.55 -25.65 11.97
CA SER B 737 0.52 -26.14 11.11
C SER B 737 1.09 -27.01 9.94
N HIS B 738 2.17 -26.42 9.39
CA HIS B 738 2.97 -26.91 8.35
C HIS B 738 3.68 -28.23 8.73
N LYS B 739 4.21 -28.39 9.95
CA LYS B 739 4.70 -29.62 10.49
C LYS B 739 3.60 -30.74 10.57
N LEU B 740 2.32 -30.40 11.03
CA LEU B 740 1.32 -31.39 11.23
C LEU B 740 0.92 -31.96 9.92
N PHE B 741 0.64 -31.11 8.85
CA PHE B 741 0.14 -31.66 7.61
C PHE B 741 1.26 -32.42 6.87
N ALA B 742 2.37 -31.70 6.58
CA ALA B 742 3.45 -32.28 5.82
C ALA B 742 4.48 -33.15 6.42
N THR B 743 5.16 -32.62 7.45
CA THR B 743 6.50 -33.10 7.85
C THR B 743 6.62 -33.14 9.40
N GLN B 756 3.11 -34.98 8.68
CA GLN B 756 3.45 -36.24 9.36
C GLN B 756 3.63 -37.47 8.45
N PRO B 757 3.25 -37.63 7.13
CA PRO B 757 3.55 -38.79 6.29
C PRO B 757 5.02 -38.85 6.10
N TYR B 758 5.68 -37.70 5.99
CA TYR B 758 7.06 -37.74 5.70
C TYR B 758 7.99 -38.40 6.68
N PRO B 759 8.12 -38.20 8.02
CA PRO B 759 9.01 -38.94 8.91
C PRO B 759 8.72 -40.41 8.93
N THR B 760 7.43 -40.83 8.64
CA THR B 760 7.10 -42.21 8.64
C THR B 760 7.76 -42.93 7.48
N SER B 761 7.77 -42.32 6.30
CA SER B 761 8.47 -42.91 5.13
C SER B 761 9.96 -42.84 5.30
N LEU B 762 10.40 -41.68 5.91
CA LEU B 762 11.75 -41.25 5.98
C LEU B 762 12.67 -42.18 6.74
N VAL B 763 12.23 -42.76 7.88
CA VAL B 763 12.94 -43.75 8.64
C VAL B 763 13.14 -45.06 7.86
N LEU B 764 12.19 -45.56 7.06
CA LEU B 764 12.22 -46.68 6.23
C LEU B 764 13.29 -46.50 5.16
N LEU B 765 13.40 -45.26 4.54
CA LEU B 765 14.50 -44.89 3.65
C LEU B 765 15.85 -44.87 4.21
N LEU B 766 16.03 -44.36 5.47
CA LEU B 766 17.20 -44.34 6.24
C LEU B 766 17.73 -45.80 6.46
N ASN B 767 16.74 -46.71 6.77
CA ASN B 767 17.08 -48.15 7.05
C ASN B 767 17.71 -48.84 5.92
N SER B 768 17.07 -48.59 4.73
CA SER B 768 17.45 -49.11 3.47
C SER B 768 18.90 -48.58 3.11
N VAL B 769 19.19 -47.26 3.43
CA VAL B 769 20.40 -46.57 3.23
C VAL B 769 21.56 -47.26 3.94
N TYR B 770 21.33 -47.65 5.23
CA TYR B 770 22.29 -48.38 6.05
C TYR B 770 22.60 -49.73 5.49
N GLU B 771 21.58 -50.45 4.98
CA GLU B 771 21.79 -51.73 4.36
C GLU B 771 22.67 -51.65 3.13
N PHE B 772 22.47 -50.67 2.18
CA PHE B 772 23.13 -50.45 0.94
C PHE B 772 24.59 -50.21 1.11
N VAL B 773 24.94 -49.29 2.03
CA VAL B 773 26.31 -48.90 2.33
C VAL B 773 27.17 -50.03 2.89
N LYS B 774 26.52 -50.88 3.79
CA LYS B 774 27.22 -51.96 4.46
C LYS B 774 27.74 -53.02 3.48
N VAL B 775 26.90 -53.30 2.58
CA VAL B 775 27.07 -54.16 1.44
C VAL B 775 28.23 -53.58 0.50
N TYR B 776 28.15 -52.28 0.23
CA TYR B 776 29.00 -51.55 -0.67
C TYR B 776 30.37 -51.61 -0.16
N CYS B 777 30.60 -51.46 1.16
CA CYS B 777 31.95 -51.66 1.67
C CYS B 777 32.47 -53.10 1.40
N ASN B 778 31.57 -54.20 1.52
CA ASN B 778 32.12 -55.54 1.37
C ASN B 778 32.77 -55.91 -0.01
N LEU B 779 32.24 -55.41 -1.10
CA LEU B 779 32.65 -55.76 -2.41
C LEU B 779 32.23 -54.58 -3.19
N ASN B 780 33.22 -53.97 -4.00
CA ASN B 780 32.99 -52.67 -4.60
C ASN B 780 32.36 -52.91 -5.96
N SER B 798 34.84 -64.72 -1.22
CA SER B 798 34.92 -64.32 -2.63
C SER B 798 33.72 -64.48 -3.42
N ASN B 799 33.34 -65.79 -3.53
CA ASN B 799 32.21 -66.17 -4.27
C ASN B 799 30.96 -65.59 -3.67
N GLY B 800 30.88 -65.65 -2.30
CA GLY B 800 29.82 -65.26 -1.41
C GLY B 800 29.70 -63.76 -1.56
N LEU B 801 30.78 -62.99 -1.63
CA LEU B 801 30.79 -61.53 -1.71
C LEU B 801 30.13 -61.01 -2.98
N LEU B 802 30.42 -61.68 -4.17
CA LEU B 802 29.73 -61.33 -5.40
C LEU B 802 28.24 -61.63 -5.38
N GLY B 803 27.88 -62.76 -4.88
CA GLY B 803 26.57 -63.32 -4.74
C GLY B 803 25.68 -62.55 -3.87
N LYS B 804 26.22 -62.10 -2.68
CA LYS B 804 25.54 -61.27 -1.72
C LYS B 804 25.18 -59.92 -2.28
N PHE B 805 26.12 -59.34 -3.04
CA PHE B 805 26.07 -58.02 -3.51
C PHE B 805 24.89 -57.86 -4.52
N ASN B 806 24.75 -58.90 -5.44
CA ASN B 806 23.66 -58.85 -6.38
C ASN B 806 22.35 -58.96 -5.78
N THR B 807 22.21 -59.90 -4.73
CA THR B 807 20.95 -60.16 -4.07
C THR B 807 20.42 -58.95 -3.36
N ASN B 808 21.28 -58.22 -2.63
CA ASN B 808 21.02 -56.99 -1.96
C ASN B 808 20.71 -55.85 -2.84
N LEU B 809 21.40 -55.82 -3.99
CA LEU B 809 21.25 -54.79 -4.94
C LEU B 809 19.84 -54.65 -5.59
N LYS B 810 19.26 -55.86 -5.93
CA LYS B 810 17.95 -55.84 -6.51
C LYS B 810 16.98 -55.36 -5.49
N GLU B 811 17.16 -55.86 -4.28
CA GLU B 811 16.19 -55.62 -3.19
C GLU B 811 16.11 -54.13 -2.80
N ILE B 812 17.28 -53.47 -2.78
CA ILE B 812 17.35 -52.05 -2.46
C ILE B 812 16.66 -51.24 -3.53
N VAL B 813 16.84 -51.55 -4.85
CA VAL B 813 16.24 -50.79 -5.95
C VAL B 813 14.73 -50.92 -5.80
N SER B 814 14.22 -52.08 -5.43
CA SER B 814 12.76 -52.31 -5.37
C SER B 814 12.09 -51.53 -4.34
N GLN B 815 12.76 -51.48 -3.14
CA GLN B 815 12.21 -50.73 -1.99
C GLN B 815 12.16 -49.25 -2.35
N TYR B 816 13.18 -48.80 -3.03
CA TYR B 816 13.30 -47.53 -3.53
C TYR B 816 12.29 -47.13 -4.61
N LYS B 817 11.94 -48.02 -5.50
CA LYS B 817 11.05 -47.81 -6.60
C LYS B 817 9.65 -47.45 -6.18
N ASN B 818 9.17 -48.18 -5.16
CA ASN B 818 7.91 -47.90 -4.51
C ASN B 818 7.81 -46.65 -3.76
N PHE B 819 8.86 -46.31 -3.00
CA PHE B 819 9.06 -45.09 -2.26
C PHE B 819 9.10 -43.91 -3.16
N LYS B 820 9.77 -44.01 -4.30
CA LYS B 820 9.99 -42.99 -5.31
C LYS B 820 8.62 -42.50 -5.93
N ASP B 821 7.72 -43.44 -6.12
CA ASP B 821 6.38 -43.11 -6.60
C ASP B 821 5.68 -42.34 -5.51
N ARG B 822 5.83 -42.75 -4.20
CA ARG B 822 5.14 -42.08 -3.12
C ARG B 822 5.56 -40.67 -2.90
N LEU B 823 6.94 -40.46 -3.05
CA LEU B 823 7.58 -39.20 -2.89
C LEU B 823 7.12 -38.17 -3.87
N TYR B 824 6.84 -38.56 -5.11
CA TYR B 824 6.23 -37.65 -6.12
C TYR B 824 4.81 -37.19 -5.78
N ILE B 825 4.02 -38.16 -5.25
CA ILE B 825 2.60 -37.95 -4.93
C ILE B 825 2.51 -36.88 -3.89
N PHE B 826 3.49 -36.94 -2.91
CA PHE B 826 3.83 -36.04 -1.84
C PHE B 826 4.24 -34.68 -2.30
N ARG B 827 5.00 -34.47 -3.47
CA ARG B 827 5.26 -33.13 -3.98
C ARG B 827 4.13 -32.38 -4.38
N ALA B 828 3.10 -33.09 -5.01
CA ALA B 828 1.90 -32.48 -5.45
C ALA B 828 1.18 -31.86 -4.27
N ASP B 829 1.16 -32.54 -3.09
CA ASP B 829 0.55 -32.05 -1.87
C ASP B 829 1.27 -30.80 -1.46
N LEU B 830 2.64 -30.72 -1.57
CA LEU B 830 3.53 -29.66 -1.15
C LEU B 830 3.26 -28.39 -1.91
N LYS B 831 3.00 -28.55 -3.23
CA LYS B 831 2.73 -27.58 -4.27
C LYS B 831 1.43 -26.85 -4.02
N ASN B 832 0.38 -27.61 -3.54
CA ASN B 832 -0.85 -27.01 -3.19
C ASN B 832 -0.75 -26.26 -1.93
N ASP B 833 0.21 -26.63 -1.01
CA ASP B 833 0.32 -26.08 0.31
C ASP B 833 -0.90 -26.25 1.20
N GLY B 834 -1.42 -27.49 1.27
CA GLY B 834 -2.56 -27.92 2.07
C GLY B 834 -3.54 -28.42 1.06
N ASP B 835 -3.99 -29.65 1.13
CA ASP B 835 -4.97 -30.19 0.13
C ASP B 835 -5.63 -31.26 0.87
N GLU B 836 -6.69 -31.79 0.27
CA GLU B 836 -7.45 -32.92 0.87
C GLU B 836 -6.67 -34.17 0.86
N GLU B 837 -5.95 -34.45 -0.22
CA GLU B 837 -5.26 -35.74 -0.31
C GLU B 837 -4.20 -35.96 0.80
N LEU B 838 -3.43 -34.84 1.11
CA LEU B 838 -2.58 -34.81 2.27
C LEU B 838 -3.21 -34.91 3.61
N PHE B 839 -4.44 -34.25 3.81
CA PHE B 839 -5.14 -34.34 5.05
C PHE B 839 -5.42 -35.82 5.34
N LEU B 840 -5.94 -36.56 4.35
CA LEU B 840 -6.34 -37.97 4.43
C LEU B 840 -5.17 -38.93 4.72
N LEU B 841 -3.97 -38.74 4.11
CA LEU B 841 -2.84 -39.50 4.50
C LEU B 841 -2.52 -39.24 6.02
N SER B 842 -2.47 -37.97 6.48
CA SER B 842 -2.11 -37.60 7.85
C SER B 842 -3.10 -38.19 8.86
N LYS B 843 -4.40 -38.21 8.45
CA LYS B 843 -5.56 -38.72 9.11
C LYS B 843 -5.53 -40.25 9.34
N SER B 844 -5.11 -41.03 8.28
CA SER B 844 -4.96 -42.51 8.16
C SER B 844 -3.91 -42.98 9.18
N LEU B 845 -2.78 -42.30 9.23
CA LEU B 845 -1.61 -42.57 10.03
C LEU B 845 -2.03 -42.48 11.49
N ARG B 846 -2.84 -41.47 11.82
CA ARG B 846 -3.33 -41.27 13.19
C ARG B 846 -4.46 -42.27 13.60
N MET C 1 4.83 9.87 -22.93
CA MET C 1 3.94 8.82 -23.51
C MET C 1 4.33 7.58 -22.83
N GLY C 2 5.49 7.00 -23.18
CA GLY C 2 5.93 5.66 -22.84
C GLY C 2 6.08 4.78 -24.04
N GLY C 3 6.31 5.55 -25.18
CA GLY C 3 6.65 4.99 -26.46
C GLY C 3 7.58 5.95 -27.00
N GLU C 4 8.96 5.64 -26.87
CA GLU C 4 10.11 6.52 -27.16
C GLU C 4 10.41 6.65 -28.66
N ILE C 5 10.96 7.86 -29.00
CA ILE C 5 11.39 8.26 -30.30
C ILE C 5 12.84 8.68 -30.24
N ILE C 6 13.65 8.27 -31.20
CA ILE C 6 14.98 8.69 -31.37
C ILE C 6 14.95 9.49 -32.63
N THR C 7 15.63 10.61 -32.67
CA THR C 7 15.75 11.41 -33.88
C THR C 7 17.15 11.20 -34.31
N LEU C 8 17.30 10.94 -35.63
CA LEU C 8 18.54 10.54 -36.26
C LEU C 8 18.81 11.80 -37.03
N GLN C 9 19.94 12.40 -36.90
CA GLN C 9 20.24 13.65 -37.74
C GLN C 9 21.47 13.21 -38.58
N ALA C 10 21.32 13.30 -39.93
CA ALA C 10 22.39 12.83 -40.81
C ALA C 10 22.48 14.02 -41.76
N GLY C 11 23.71 14.42 -42.20
CA GLY C 11 23.93 15.44 -43.21
C GLY C 11 23.94 16.78 -42.64
N GLN C 12 24.16 17.77 -43.53
CA GLN C 12 24.20 19.20 -43.25
C GLN C 12 22.87 19.68 -42.78
N CYS C 13 21.79 19.33 -43.57
CA CYS C 13 20.47 19.72 -43.35
C CYS C 13 19.94 19.08 -42.10
N GLY C 14 20.16 17.70 -41.88
CA GLY C 14 19.59 16.97 -40.81
C GLY C 14 20.05 17.52 -39.45
N ASN C 15 21.37 17.87 -39.30
CA ASN C 15 21.91 18.36 -38.15
C ASN C 15 21.35 19.73 -37.83
N HIS C 16 21.17 20.64 -38.84
CA HIS C 16 20.71 22.02 -38.67
C HIS C 16 19.28 22.01 -38.20
N VAL C 17 18.47 21.22 -38.88
CA VAL C 17 17.09 21.18 -38.53
C VAL C 17 16.76 20.55 -37.13
N GLY C 18 17.53 19.47 -36.80
CA GLY C 18 17.40 18.74 -35.54
C GLY C 18 17.77 19.69 -34.36
N LYS C 19 18.83 20.54 -34.51
CA LYS C 19 19.30 21.46 -33.43
C LYS C 19 18.20 22.43 -33.07
N PHE C 20 17.58 23.00 -34.12
CA PHE C 20 16.60 24.08 -34.21
C PHE C 20 15.33 23.55 -33.58
N LEU C 21 14.97 22.24 -33.75
CA LEU C 21 13.88 21.62 -33.08
C LEU C 21 13.98 21.64 -31.58
N TRP C 22 15.18 21.26 -31.00
CA TRP C 22 15.41 21.13 -29.60
C TRP C 22 15.32 22.47 -29.01
N SER C 23 15.80 23.47 -29.82
CA SER C 23 15.61 24.84 -29.43
C SER C 23 14.17 25.35 -29.28
N GLN C 24 13.32 24.87 -30.23
CA GLN C 24 11.96 25.19 -30.28
C GLN C 24 11.09 24.61 -29.17
N LEU C 25 11.32 23.28 -28.87
CA LEU C 25 10.64 22.54 -27.77
C LEU C 25 11.03 23.06 -26.40
N ALA C 26 12.31 23.36 -26.29
CA ALA C 26 12.81 23.97 -25.08
C ALA C 26 12.22 25.32 -24.76
N LYS C 27 12.04 26.19 -25.79
CA LYS C 27 11.55 27.54 -25.67
C LYS C 27 10.08 27.44 -25.23
N GLU C 28 9.31 26.52 -25.84
CA GLU C 28 7.87 26.21 -25.62
C GLU C 28 7.55 25.63 -24.27
N HIS C 29 8.45 24.77 -23.75
CA HIS C 29 8.28 24.11 -22.52
C HIS C 29 9.02 24.79 -21.41
N ALA C 30 9.38 26.09 -21.56
CA ALA C 30 9.85 26.94 -20.51
C ALA C 30 11.01 26.34 -19.75
N ILE C 31 11.99 25.73 -20.49
CA ILE C 31 13.26 25.20 -19.97
C ILE C 31 14.41 25.88 -20.56
N GLY C 32 15.69 25.66 -20.07
CA GLY C 32 16.86 26.21 -20.66
C GLY C 32 17.16 25.79 -22.02
N THR C 33 18.10 26.58 -22.61
CA THR C 33 18.82 26.37 -23.85
C THR C 33 20.03 25.65 -23.73
N ASP C 34 20.38 25.32 -22.50
CA ASP C 34 21.46 24.37 -22.12
C ASP C 34 20.82 23.12 -21.65
N GLY C 35 19.52 23.02 -21.87
CA GLY C 35 18.67 21.89 -21.67
C GLY C 35 18.47 21.66 -20.14
N LEU C 36 18.47 22.76 -19.39
CA LEU C 36 18.35 22.79 -17.96
C LEU C 36 16.88 22.58 -17.57
N SER C 37 16.63 21.51 -16.80
CA SER C 37 15.31 21.17 -16.27
C SER C 37 14.86 22.19 -15.31
N GLN C 38 13.62 22.65 -15.60
CA GLN C 38 13.06 23.69 -14.72
C GLN C 38 11.58 23.79 -15.16
N LEU C 39 10.69 23.27 -14.30
CA LEU C 39 9.29 23.14 -14.65
C LEU C 39 8.52 23.98 -13.67
N PRO C 40 8.00 25.17 -14.08
CA PRO C 40 7.24 26.07 -13.21
C PRO C 40 5.69 25.76 -13.16
N ASP C 41 5.07 25.18 -14.20
CA ASP C 41 3.70 24.89 -14.14
C ASP C 41 3.49 23.55 -14.76
N SER C 42 4.56 22.70 -14.91
CA SER C 42 4.46 21.38 -15.45
C SER C 42 4.75 20.46 -14.36
N SER C 43 4.39 20.90 -13.14
CA SER C 43 4.45 20.15 -11.93
C SER C 43 3.10 19.40 -11.61
N THR C 44 2.07 19.71 -12.35
CA THR C 44 0.83 19.09 -12.24
C THR C 44 0.51 18.10 -13.34
N GLU C 45 1.50 17.80 -14.19
CA GLU C 45 1.46 17.05 -15.39
C GLU C 45 1.00 17.91 -16.49
N ARG C 46 1.92 18.48 -17.26
CA ARG C 46 1.65 19.17 -18.47
C ARG C 46 2.89 18.96 -19.38
N ASP C 47 3.45 17.80 -19.30
CA ASP C 47 4.58 17.35 -20.01
C ASP C 47 4.30 16.00 -20.27
N ASP C 48 4.57 15.52 -21.43
CA ASP C 48 4.45 14.15 -21.86
C ASP C 48 5.33 14.03 -23.04
N ASP C 49 5.97 15.20 -23.44
CA ASP C 49 7.09 15.22 -24.40
C ASP C 49 8.41 14.63 -23.97
N THR C 50 8.61 14.78 -22.64
CA THR C 50 9.89 14.57 -21.93
C THR C 50 10.50 13.25 -22.20
N LYS C 51 9.79 12.18 -21.79
CA LYS C 51 10.34 10.83 -21.96
C LYS C 51 10.47 10.43 -23.41
N PRO C 52 9.54 10.55 -24.36
CA PRO C 52 9.80 10.21 -25.73
C PRO C 52 10.84 10.89 -26.55
N PHE C 53 10.93 12.28 -26.50
CA PHE C 53 11.86 13.13 -27.16
C PHE C 53 13.23 13.34 -26.47
N PHE C 54 13.29 13.32 -25.05
CA PHE C 54 14.48 13.74 -24.33
C PHE C 54 14.76 12.57 -23.56
N ARG C 55 16.02 12.41 -23.01
CA ARG C 55 16.33 11.30 -22.05
C ARG C 55 17.06 12.01 -20.93
N GLU C 56 17.14 11.40 -19.73
CA GLU C 56 17.64 12.08 -18.56
C GLU C 56 19.04 11.75 -18.45
N ASN C 57 19.82 12.80 -18.14
CA ASN C 57 21.31 12.70 -18.11
C ASN C 57 21.50 12.87 -16.61
N SER C 58 22.73 12.76 -16.07
CA SER C 58 23.17 12.75 -14.65
C SER C 58 23.63 14.20 -14.17
N ARG C 59 23.45 15.22 -15.03
CA ARG C 59 23.69 16.62 -14.72
C ARG C 59 22.46 17.11 -14.01
N ASN C 60 21.34 16.35 -14.21
CA ASN C 60 19.98 16.70 -13.70
C ASN C 60 19.36 17.67 -14.63
N LYS C 61 19.65 17.45 -15.90
CA LYS C 61 19.32 18.18 -17.06
C LYS C 61 19.00 17.16 -18.20
N PHE C 62 18.14 17.57 -19.07
CA PHE C 62 17.68 16.74 -20.17
C PHE C 62 18.67 16.75 -21.28
N THR C 63 18.93 15.57 -22.00
CA THR C 63 19.77 15.59 -23.17
C THR C 63 18.92 14.86 -24.17
N PRO C 64 18.85 15.21 -25.45
CA PRO C 64 18.00 14.67 -26.46
C PRO C 64 18.54 13.26 -26.78
N ARG C 65 17.67 12.26 -27.00
CA ARG C 65 18.02 10.87 -27.34
C ARG C 65 18.20 10.74 -28.82
N ALA C 66 19.31 11.31 -29.19
CA ALA C 66 19.55 11.64 -30.57
C ALA C 66 20.97 11.36 -30.88
N ILE C 67 21.26 10.98 -32.13
CA ILE C 67 22.57 10.69 -32.70
C ILE C 67 22.77 11.75 -33.74
N MET C 68 23.96 12.49 -33.75
CA MET C 68 24.20 13.52 -34.72
C MET C 68 25.38 12.98 -35.47
N MET C 69 25.23 12.96 -36.85
CA MET C 69 26.19 12.42 -37.79
C MET C 69 26.35 13.35 -38.89
N ASP C 70 27.61 13.54 -39.34
CA ASP C 70 28.04 14.24 -40.57
C ASP C 70 29.56 14.46 -40.49
N SER C 71 30.13 15.39 -41.24
CA SER C 71 31.51 15.90 -41.05
C SER C 71 31.63 17.21 -40.28
N GLU C 72 32.68 18.06 -40.49
CA GLU C 72 33.00 19.30 -39.74
C GLU C 72 32.03 20.47 -39.82
N PRO C 73 31.44 20.95 -40.91
CA PRO C 73 30.65 22.19 -40.97
C PRO C 73 29.58 22.46 -39.92
N SER C 74 28.61 21.51 -39.73
CA SER C 74 27.50 21.69 -38.87
C SER C 74 27.80 21.73 -37.47
N VAL C 75 28.68 20.78 -37.00
CA VAL C 75 29.08 20.48 -35.68
C VAL C 75 29.81 21.58 -35.05
N ILE C 76 30.66 22.30 -35.88
CA ILE C 76 31.49 23.51 -35.55
C ILE C 76 30.46 24.62 -35.19
N ALA C 77 29.36 24.71 -35.96
CA ALA C 77 28.28 25.62 -35.66
C ALA C 77 27.63 25.35 -34.27
N ASP C 78 27.44 24.11 -33.86
CA ASP C 78 26.79 23.77 -32.61
C ASP C 78 27.55 24.23 -31.38
N VAL C 79 28.91 24.02 -31.48
CA VAL C 79 29.84 24.46 -30.41
C VAL C 79 29.92 25.91 -30.34
N GLU C 80 29.74 26.57 -31.49
CA GLU C 80 29.82 28.02 -31.65
C GLU C 80 28.66 28.72 -31.00
N ASN C 81 27.40 28.14 -31.02
CA ASN C 81 26.16 28.73 -30.54
C ASN C 81 26.05 28.36 -29.06
N THR C 82 24.88 28.33 -28.46
CA THR C 82 24.53 28.17 -27.07
C THR C 82 23.67 26.91 -27.00
N PHE C 83 23.49 26.23 -28.17
CA PHE C 83 22.64 25.07 -28.22
C PHE C 83 23.50 23.85 -27.97
N ARG C 84 24.80 24.00 -27.62
CA ARG C 84 25.70 22.87 -27.39
C ARG C 84 25.45 22.26 -26.05
N GLY C 85 24.77 22.99 -25.18
CA GLY C 85 24.50 22.50 -23.85
C GLY C 85 23.48 21.35 -23.80
N PHE C 86 22.64 21.21 -24.86
CA PHE C 86 21.63 20.20 -24.98
C PHE C 86 22.32 18.86 -24.98
N PHE C 87 23.20 18.63 -25.92
CA PHE C 87 23.89 17.38 -26.18
C PHE C 87 24.94 16.90 -25.20
N ASP C 88 25.05 15.55 -25.09
CA ASP C 88 26.08 14.81 -24.40
C ASP C 88 27.32 14.83 -25.36
N PRO C 89 28.58 14.67 -25.01
CA PRO C 89 29.72 14.68 -25.96
C PRO C 89 29.66 13.50 -26.88
N ARG C 90 28.98 12.42 -26.48
CA ARG C 90 28.69 11.14 -27.16
C ARG C 90 27.83 11.19 -28.35
N ASN C 91 26.82 12.19 -28.28
CA ASN C 91 25.83 12.49 -29.31
C ASN C 91 26.46 13.08 -30.49
N THR C 92 27.70 13.60 -30.28
CA THR C 92 28.39 14.23 -31.38
C THR C 92 29.29 13.30 -32.08
N TRP C 93 29.15 13.13 -33.43
CA TRP C 93 29.95 12.21 -34.22
C TRP C 93 30.48 13.02 -35.38
N VAL C 94 31.78 13.00 -35.70
CA VAL C 94 32.41 13.66 -36.79
C VAL C 94 33.22 12.69 -37.60
N ALA C 95 32.90 12.71 -38.92
CA ALA C 95 33.54 11.87 -39.92
C ALA C 95 35.04 12.05 -40.13
N SER C 96 35.89 10.89 -40.00
CA SER C 96 37.29 10.91 -40.15
C SER C 96 37.57 9.73 -41.04
N ASP C 97 36.60 9.31 -41.85
CA ASP C 97 36.80 8.24 -42.82
C ASP C 97 37.02 8.76 -44.20
N GLY C 98 36.87 10.04 -44.46
CA GLY C 98 36.96 10.75 -45.72
C GLY C 98 36.82 12.25 -45.42
N ALA C 99 35.92 12.52 -44.43
CA ALA C 99 35.56 13.74 -43.75
C ALA C 99 35.00 14.65 -44.77
N SER C 100 34.35 14.13 -45.82
CA SER C 100 33.58 14.93 -46.76
C SER C 100 32.32 14.22 -47.11
N ALA C 101 31.37 15.04 -47.29
CA ALA C 101 30.11 14.71 -47.83
C ALA C 101 30.21 14.14 -49.25
N GLY C 102 30.95 14.88 -50.03
CA GLY C 102 31.42 14.77 -51.39
C GLY C 102 30.40 15.31 -52.34
N ASN C 103 29.22 15.77 -51.77
CA ASN C 103 28.05 16.12 -52.57
C ASN C 103 27.71 14.90 -53.52
N SER C 104 27.73 13.68 -53.01
CA SER C 104 27.60 12.46 -53.76
C SER C 104 27.10 11.47 -52.73
N TRP C 105 26.10 10.67 -53.16
CA TRP C 105 25.47 9.68 -52.44
C TRP C 105 26.47 8.57 -52.14
N ALA C 106 27.26 8.20 -53.19
CA ALA C 106 28.17 7.05 -53.09
C ALA C 106 29.22 7.39 -51.99
N ASN C 107 29.82 8.59 -51.87
CA ASN C 107 30.73 8.98 -50.82
C ASN C 107 30.19 9.02 -49.44
N GLY C 108 28.97 9.55 -49.36
CA GLY C 108 28.19 9.59 -48.11
C GLY C 108 27.81 8.24 -47.58
N TYR C 109 27.42 7.27 -48.47
CA TYR C 109 27.03 5.86 -48.16
C TYR C 109 28.21 5.11 -47.64
N ASP C 110 29.40 5.22 -48.37
CA ASP C 110 30.62 4.50 -48.03
C ASP C 110 31.19 4.90 -46.68
N ILE C 111 31.12 6.24 -46.32
CA ILE C 111 31.61 6.66 -45.07
C ILE C 111 30.63 6.01 -43.93
N GLY C 112 29.33 5.98 -44.27
CA GLY C 112 28.33 5.33 -43.42
C GLY C 112 28.48 3.84 -43.12
N THR C 113 28.94 2.97 -44.06
CA THR C 113 29.13 1.56 -43.96
C THR C 113 30.16 1.28 -42.90
N ARG C 114 31.23 2.11 -42.92
CA ARG C 114 32.42 1.81 -42.08
C ARG C 114 32.17 1.79 -40.58
N ASN C 115 31.44 2.80 -40.13
CA ASN C 115 31.03 2.96 -38.81
C ASN C 115 29.55 2.68 -38.60
N GLN C 116 29.00 1.55 -39.29
CA GLN C 116 27.68 1.04 -39.23
C GLN C 116 27.49 0.52 -37.85
N ASP C 117 28.53 -0.17 -37.24
CA ASP C 117 28.51 -0.72 -35.93
C ASP C 117 28.41 0.39 -34.90
N ASP C 118 29.18 1.47 -35.05
CA ASP C 118 29.34 2.52 -34.07
C ASP C 118 28.00 3.30 -33.85
N ILE C 119 27.33 3.68 -34.98
CA ILE C 119 26.11 4.44 -34.92
C ILE C 119 25.01 3.49 -34.32
N LEU C 120 24.97 2.17 -34.76
CA LEU C 120 23.97 1.20 -34.32
C LEU C 120 24.18 0.94 -32.89
N ASN C 121 25.46 0.91 -32.38
CA ASN C 121 25.88 0.69 -30.99
C ASN C 121 25.27 1.80 -30.10
N LYS C 122 25.29 3.09 -30.57
CA LYS C 122 24.80 4.24 -29.82
C LYS C 122 23.29 4.18 -29.60
N ILE C 123 22.49 3.89 -30.71
CA ILE C 123 21.04 3.87 -30.68
C ILE C 123 20.67 2.70 -29.80
N ASP C 124 21.34 1.52 -29.91
CA ASP C 124 21.00 0.40 -29.14
C ASP C 124 21.12 0.65 -27.68
N LYS C 125 22.14 1.39 -27.22
CA LYS C 125 22.34 1.67 -25.83
C LYS C 125 21.18 2.41 -25.25
N GLU C 126 20.73 3.45 -25.95
CA GLU C 126 19.66 4.28 -25.53
C GLU C 126 18.35 3.52 -25.50
N ILE C 127 18.07 2.66 -26.51
CA ILE C 127 16.86 1.78 -26.63
C ILE C 127 16.79 0.75 -25.54
N ASP C 128 17.95 0.06 -25.22
CA ASP C 128 17.88 -1.04 -24.30
C ASP C 128 17.44 -0.55 -22.90
N SER C 129 17.85 0.70 -22.62
CA SER C 129 17.59 1.29 -21.32
C SER C 129 16.12 1.64 -21.03
N THR C 130 15.26 1.72 -22.13
CA THR C 130 13.82 2.03 -22.03
C THR C 130 13.02 0.75 -22.12
N ASP C 131 11.73 0.91 -21.79
CA ASP C 131 10.69 -0.17 -22.01
C ASP C 131 9.72 0.32 -22.98
N ASN C 132 9.45 -0.49 -24.06
CA ASN C 132 8.56 -0.20 -25.13
C ASN C 132 9.07 0.93 -25.98
N PHE C 133 10.05 0.61 -26.86
CA PHE C 133 10.66 1.61 -27.81
C PHE C 133 9.69 1.75 -28.97
N GLU C 134 9.19 2.93 -29.29
CA GLU C 134 8.27 3.00 -30.43
C GLU C 134 8.73 2.94 -31.86
N GLY C 135 9.79 3.75 -32.17
CA GLY C 135 10.45 3.86 -33.40
C GLY C 135 11.29 5.10 -33.65
N PHE C 136 11.69 5.29 -34.93
CA PHE C 136 12.74 6.24 -35.33
C PHE C 136 12.12 7.33 -36.12
N GLN C 137 12.75 8.55 -36.03
CA GLN C 137 12.50 9.63 -36.88
C GLN C 137 13.82 10.01 -37.49
N LEU C 138 13.90 10.11 -38.84
CA LEU C 138 15.16 10.52 -39.51
C LEU C 138 14.78 11.91 -40.11
N LEU C 139 15.67 12.92 -39.80
CA LEU C 139 15.74 14.22 -40.33
C LEU C 139 17.01 14.15 -41.15
N HIS C 140 16.85 14.50 -42.45
CA HIS C 140 17.96 14.47 -43.40
C HIS C 140 17.35 15.15 -44.62
N SER C 141 18.16 15.34 -45.70
CA SER C 141 17.86 15.81 -47.03
C SER C 141 18.21 14.63 -47.88
N VAL C 142 17.48 14.47 -49.03
CA VAL C 142 17.75 13.47 -50.08
C VAL C 142 18.75 14.06 -51.10
N ALA C 143 19.11 15.37 -50.86
CA ALA C 143 20.12 16.20 -51.54
C ALA C 143 21.37 16.09 -50.75
N GLY C 144 22.50 16.65 -51.15
CA GLY C 144 23.84 16.59 -50.53
C GLY C 144 24.39 15.21 -50.60
N GLY C 145 25.61 15.00 -50.13
CA GLY C 145 26.25 13.74 -50.03
C GLY C 145 25.92 12.93 -48.84
N THR C 146 26.08 13.53 -47.67
CA THR C 146 26.16 12.82 -46.39
C THR C 146 24.78 12.34 -45.98
N GLY C 147 23.76 13.25 -45.99
CA GLY C 147 22.34 13.03 -45.58
C GLY C 147 21.71 11.96 -46.45
N SER C 148 21.96 12.02 -47.77
CA SER C 148 21.36 11.18 -48.77
C SER C 148 21.93 9.84 -48.58
N GLY C 149 23.26 9.74 -48.69
CA GLY C 149 23.93 8.41 -48.76
C GLY C 149 23.95 7.68 -47.50
N LEU C 150 24.38 8.30 -46.38
CA LEU C 150 24.43 7.70 -45.05
C LEU C 150 23.00 7.46 -44.58
N GLY C 151 22.03 8.34 -44.85
CA GLY C 151 20.66 8.20 -44.47
C GLY C 151 19.99 6.97 -45.11
N SER C 152 20.27 6.67 -46.40
CA SER C 152 19.90 5.56 -47.14
C SER C 152 20.42 4.29 -46.68
N ASN C 153 21.71 4.22 -46.21
CA ASN C 153 22.33 3.11 -45.59
C ASN C 153 21.66 2.78 -44.27
N LEU C 154 21.35 3.82 -43.42
CA LEU C 154 20.75 3.63 -42.12
C LEU C 154 19.31 3.08 -42.16
N LEU C 155 18.46 3.56 -43.17
CA LEU C 155 17.11 3.06 -43.38
C LEU C 155 17.06 1.60 -43.77
N GLU C 156 17.97 1.13 -44.69
CA GLU C 156 18.01 -0.21 -45.20
C GLU C 156 18.33 -1.23 -44.11
N ALA C 157 19.34 -0.89 -43.27
CA ALA C 157 19.72 -1.72 -42.18
C ALA C 157 18.72 -1.93 -41.10
N LEU C 158 18.03 -0.85 -40.71
CA LEU C 158 17.06 -0.71 -39.69
C LEU C 158 15.87 -1.58 -40.10
N CYS C 159 15.47 -1.61 -41.45
CA CYS C 159 14.38 -2.38 -42.01
C CYS C 159 14.55 -3.88 -41.77
N ASP C 160 15.72 -4.36 -42.05
CA ASP C 160 16.16 -5.74 -41.95
C ASP C 160 16.24 -6.08 -40.49
N ARG C 161 16.89 -5.23 -39.57
CA ARG C 161 17.02 -5.61 -38.22
C ARG C 161 15.77 -5.72 -37.34
N TYR C 162 14.91 -4.67 -37.39
CA TYR C 162 13.74 -4.71 -36.55
C TYR C 162 12.59 -4.65 -37.50
N PRO C 163 11.70 -5.64 -37.58
CA PRO C 163 10.70 -5.65 -38.64
C PRO C 163 9.40 -5.27 -37.99
N LYS C 164 9.30 -4.29 -37.03
CA LYS C 164 8.08 -4.07 -36.38
C LYS C 164 7.98 -2.70 -35.74
N LYS C 165 9.14 -2.10 -35.60
CA LYS C 165 9.26 -0.75 -35.03
C LYS C 165 8.99 0.14 -36.23
N ILE C 166 8.40 1.35 -35.99
CA ILE C 166 7.96 2.23 -37.09
C ILE C 166 9.14 3.04 -37.52
N LEU C 167 9.36 3.31 -38.85
CA LEU C 167 10.51 4.16 -39.35
C LEU C 167 9.81 5.24 -40.03
N THR C 168 10.01 6.51 -39.64
CA THR C 168 9.38 7.72 -40.23
C THR C 168 10.41 8.55 -40.72
N THR C 169 10.17 9.29 -41.85
CA THR C 169 11.25 10.14 -42.30
C THR C 169 10.69 11.55 -42.45
N TYR C 170 11.49 12.56 -42.24
CA TYR C 170 11.31 13.88 -42.57
C TYR C 170 12.35 14.23 -43.57
N SER C 171 11.92 14.31 -44.83
CA SER C 171 12.88 14.40 -45.92
C SER C 171 12.79 15.75 -46.44
N VAL C 172 13.97 16.38 -46.55
CA VAL C 172 13.86 17.65 -47.27
C VAL C 172 14.12 17.27 -48.69
N PHE C 173 13.22 17.55 -49.63
CA PHE C 173 13.45 17.38 -51.02
C PHE C 173 13.83 18.72 -51.61
N PRO C 174 14.79 18.75 -52.52
CA PRO C 174 15.25 19.99 -53.08
C PRO C 174 14.26 20.58 -54.10
N ALA C 175 14.55 21.85 -54.34
CA ALA C 175 13.91 22.60 -55.38
C ALA C 175 14.76 22.40 -56.64
N ARG C 176 14.00 22.37 -57.75
CA ARG C 176 14.50 22.04 -59.09
C ARG C 176 15.09 23.20 -59.83
N SER C 177 15.48 24.32 -59.04
CA SER C 177 15.95 25.55 -59.52
C SER C 177 16.80 26.15 -58.34
N SER C 178 17.40 25.23 -57.48
CA SER C 178 18.15 25.62 -56.33
C SER C 178 19.36 24.69 -56.28
N GLU C 179 20.34 25.13 -55.48
CA GLU C 179 21.43 24.32 -55.02
C GLU C 179 22.35 23.84 -56.18
N VAL C 180 23.14 22.73 -55.84
CA VAL C 180 24.14 22.18 -56.80
C VAL C 180 23.49 21.53 -58.01
N VAL C 181 24.27 21.35 -59.09
CA VAL C 181 23.76 20.74 -60.28
C VAL C 181 23.64 19.19 -60.20
N VAL C 182 24.45 18.56 -59.25
CA VAL C 182 24.52 17.15 -58.95
C VAL C 182 23.31 16.61 -58.28
N GLN C 183 22.37 17.57 -57.97
CA GLN C 183 21.20 17.31 -57.14
C GLN C 183 20.33 16.21 -57.49
N SER C 184 20.10 16.08 -58.84
CA SER C 184 19.21 15.13 -59.41
C SER C 184 19.57 13.67 -59.18
N TYR C 185 20.92 13.43 -59.30
CA TYR C 185 21.58 12.16 -59.09
C TYR C 185 21.41 11.76 -57.60
N ASN C 186 21.68 12.70 -56.61
CA ASN C 186 21.59 12.40 -55.22
C ASN C 186 20.16 11.98 -54.88
N THR C 187 19.20 12.73 -55.44
CA THR C 187 17.82 12.63 -55.11
C THR C 187 17.23 11.26 -55.50
N ILE C 188 17.51 10.80 -56.69
CA ILE C 188 17.11 9.48 -57.24
C ILE C 188 17.69 8.22 -56.53
N LEU C 189 19.03 8.32 -56.29
CA LEU C 189 19.68 7.24 -55.58
C LEU C 189 19.12 7.07 -54.14
N ALA C 190 18.79 8.17 -53.39
CA ALA C 190 18.21 8.12 -52.08
C ALA C 190 16.82 7.61 -52.14
N LEU C 191 16.05 8.02 -53.14
CA LEU C 191 14.64 7.81 -53.31
C LEU C 191 14.23 6.27 -53.45
N ARG C 192 15.04 5.34 -54.02
CA ARG C 192 14.75 3.90 -54.11
C ARG C 192 14.64 3.35 -52.66
N ARG C 193 15.61 3.76 -51.84
CA ARG C 193 15.70 3.33 -50.47
C ARG C 193 14.59 3.90 -49.65
N LEU C 194 14.22 5.19 -49.91
CA LEU C 194 13.08 5.88 -49.26
C LEU C 194 11.73 5.38 -49.50
N ILE C 195 11.45 4.95 -50.76
CA ILE C 195 10.19 4.30 -51.08
C ILE C 195 10.05 2.97 -50.35
N GLU C 196 11.08 2.08 -50.47
CA GLU C 196 10.98 0.74 -49.92
C GLU C 196 11.17 0.55 -48.41
N ASP C 197 12.21 1.14 -47.74
CA ASP C 197 12.61 0.86 -46.37
C ASP C 197 11.90 1.63 -45.27
N SER C 198 11.21 2.72 -45.70
CA SER C 198 10.56 3.52 -44.73
C SER C 198 9.11 3.33 -44.82
N ASP C 199 8.56 3.12 -43.61
CA ASP C 199 7.14 3.04 -43.32
C ASP C 199 6.37 4.21 -43.68
N ALA C 200 6.92 5.43 -43.40
CA ALA C 200 6.24 6.65 -43.75
C ALA C 200 7.20 7.75 -44.08
N THR C 201 6.81 8.58 -45.11
CA THR C 201 7.63 9.69 -45.50
C THR C 201 6.77 10.86 -45.64
N VAL C 202 7.13 11.97 -44.85
CA VAL C 202 6.63 13.27 -45.04
C VAL C 202 7.67 14.04 -45.92
N VAL C 203 7.21 14.43 -47.13
CA VAL C 203 8.03 15.10 -48.13
C VAL C 203 7.88 16.56 -47.77
N PHE C 204 9.06 17.22 -47.69
CA PHE C 204 9.17 18.64 -47.45
C PHE C 204 9.78 19.34 -48.62
N ASP C 205 9.08 20.13 -49.38
CA ASP C 205 9.55 20.68 -50.58
C ASP C 205 10.12 22.00 -50.20
N ASN C 206 11.41 22.10 -50.47
CA ASN C 206 12.27 23.27 -50.20
C ASN C 206 11.84 24.48 -50.95
N ALA C 207 11.21 24.32 -52.18
CA ALA C 207 10.81 25.45 -53.04
C ALA C 207 9.80 26.34 -52.40
N SER C 208 8.81 25.57 -51.83
CA SER C 208 7.67 26.00 -51.06
C SER C 208 8.09 26.48 -49.69
N LEU C 209 9.05 25.81 -49.04
CA LEU C 209 9.49 26.33 -47.76
C LEU C 209 10.17 27.62 -47.91
N LEU C 210 11.00 27.85 -49.01
CA LEU C 210 11.73 29.13 -49.19
C LEU C 210 10.79 30.26 -49.43
N ASN C 211 9.69 30.07 -50.21
CA ASN C 211 8.66 31.08 -50.48
C ASN C 211 7.98 31.53 -49.24
N ILE C 212 7.65 30.54 -48.29
CA ILE C 212 7.01 30.76 -46.99
C ILE C 212 7.97 31.58 -46.14
N SER C 213 9.23 31.19 -46.19
CA SER C 213 10.26 31.78 -45.34
C SER C 213 10.42 33.24 -45.68
N GLY C 214 10.47 33.60 -46.99
CA GLY C 214 10.54 34.96 -47.40
C GLY C 214 9.25 35.80 -47.04
N LYS C 215 8.04 35.26 -47.42
CA LYS C 215 6.79 35.97 -47.26
C LYS C 215 6.29 36.05 -45.76
N VAL C 216 6.09 34.87 -45.08
CA VAL C 216 5.42 34.69 -43.78
C VAL C 216 6.35 35.10 -42.73
N PHE C 217 7.58 34.54 -42.85
CA PHE C 217 8.58 34.74 -41.85
C PHE C 217 9.19 36.13 -41.74
N ARG C 218 9.24 36.80 -42.93
CA ARG C 218 9.80 38.17 -43.05
C ARG C 218 11.25 38.32 -42.56
N ASN C 219 12.18 37.74 -43.37
CA ASN C 219 13.58 37.76 -43.03
C ASN C 219 14.29 38.78 -43.94
N PRO C 220 15.36 39.45 -43.49
CA PRO C 220 16.04 40.37 -44.40
C PRO C 220 16.88 39.67 -45.44
N ASN C 221 17.41 38.46 -45.05
CA ASN C 221 18.34 37.70 -45.86
C ASN C 221 18.08 36.35 -45.49
N ILE C 222 17.99 35.45 -46.49
CA ILE C 222 17.70 34.01 -46.42
C ILE C 222 18.95 33.20 -46.65
N ASP C 223 19.01 32.14 -45.90
CA ASP C 223 20.03 31.16 -45.96
C ASP C 223 19.32 29.86 -45.79
N LEU C 224 20.10 28.73 -45.92
CA LEU C 224 19.65 27.36 -45.72
C LEU C 224 19.20 27.09 -44.22
N GLN C 225 19.94 27.72 -43.24
CA GLN C 225 19.59 27.66 -41.81
C GLN C 225 18.27 28.21 -41.57
N HIS C 226 17.95 29.32 -42.28
CA HIS C 226 16.73 30.01 -42.16
C HIS C 226 15.57 29.17 -42.63
N THR C 227 15.81 28.45 -43.78
CA THR C 227 14.77 27.56 -44.34
C THR C 227 14.48 26.43 -43.45
N ASN C 228 15.44 25.87 -42.67
CA ASN C 228 15.30 24.81 -41.74
C ASN C 228 14.40 25.09 -40.53
N GLN C 229 14.34 26.42 -40.22
CA GLN C 229 13.54 27.01 -39.13
C GLN C 229 12.09 26.73 -39.28
N LEU C 230 11.57 26.84 -40.56
CA LEU C 230 10.17 26.58 -40.88
C LEU C 230 9.83 25.17 -40.68
N ILE C 231 10.66 24.19 -41.13
CA ILE C 231 10.37 22.80 -40.97
C ILE C 231 10.37 22.41 -39.49
N SER C 232 11.35 22.92 -38.67
CA SER C 232 11.50 22.58 -37.29
C SER C 232 10.27 23.03 -36.56
N THR C 233 9.70 24.19 -37.03
CA THR C 233 8.54 24.82 -36.51
C THR C 233 7.28 23.95 -36.69
N ILE C 234 7.11 23.30 -37.92
CA ILE C 234 5.98 22.51 -38.23
C ILE C 234 5.99 21.32 -37.32
N ILE C 235 7.22 20.65 -37.27
CA ILE C 235 7.44 19.44 -36.48
C ILE C 235 7.26 19.54 -35.03
N SER C 236 7.78 20.65 -34.45
CA SER C 236 7.67 21.05 -33.09
C SER C 236 6.23 21.36 -32.70
N SER C 237 5.49 22.07 -33.56
CA SER C 237 4.14 22.33 -33.17
C SER C 237 3.29 21.07 -33.08
N VAL C 238 3.48 20.03 -33.93
CA VAL C 238 2.67 18.82 -34.00
C VAL C 238 2.81 18.12 -32.68
N THR C 239 3.96 18.19 -31.99
CA THR C 239 4.25 17.51 -30.70
C THR C 239 3.72 18.19 -29.50
N ASN C 240 3.20 19.39 -29.57
CA ASN C 240 2.38 20.00 -28.57
C ASN C 240 1.18 19.13 -28.14
N SER C 241 0.53 18.51 -29.10
CA SER C 241 -0.70 17.68 -28.99
C SER C 241 -0.38 16.36 -28.25
N ILE C 242 0.85 15.89 -28.31
CA ILE C 242 1.41 14.75 -27.55
C ILE C 242 1.65 15.09 -26.14
N ARG C 243 2.22 16.32 -25.86
CA ARG C 243 2.72 16.82 -24.62
C ARG C 243 1.60 17.26 -23.66
N PHE C 244 0.34 17.51 -24.18
CA PHE C 244 -0.88 17.59 -23.40
C PHE C 244 -1.20 16.33 -22.66
N PRO C 245 -1.76 16.44 -21.44
CA PRO C 245 -2.10 15.25 -20.72
C PRO C 245 -3.49 14.65 -21.14
N SER C 246 -4.47 15.44 -21.52
CA SER C 246 -5.78 14.82 -21.82
C SER C 246 -5.83 14.34 -23.21
N TYR C 247 -4.85 14.61 -24.10
CA TYR C 247 -4.95 14.06 -25.40
C TYR C 247 -3.75 13.07 -25.38
N MET C 248 -3.94 11.91 -26.06
CA MET C 248 -3.04 10.79 -25.76
C MET C 248 -3.13 9.88 -26.94
N TYR C 249 -3.97 10.17 -27.91
CA TYR C 249 -4.09 9.33 -29.13
C TYR C 249 -3.42 10.14 -30.22
N SER C 250 -2.56 11.20 -29.93
CA SER C 250 -1.75 11.97 -30.87
C SER C 250 -0.46 11.23 -31.18
N SER C 251 -0.33 10.02 -30.64
CA SER C 251 0.85 9.21 -30.72
C SER C 251 1.23 9.04 -32.20
N MET C 252 2.56 8.87 -32.57
CA MET C 252 2.97 8.74 -33.90
C MET C 252 2.45 7.52 -34.61
N SER C 253 2.44 6.35 -33.91
CA SER C 253 2.01 5.07 -34.49
C SER C 253 0.57 5.24 -34.86
N SER C 254 -0.41 5.77 -34.10
CA SER C 254 -1.74 5.89 -34.57
C SER C 254 -2.16 6.90 -35.62
N ILE C 255 -1.50 8.01 -35.83
CA ILE C 255 -1.60 8.96 -36.88
C ILE C 255 -1.16 8.28 -38.11
N TYR C 256 -0.03 7.54 -38.09
CA TYR C 256 0.51 6.74 -39.23
C TYR C 256 -0.34 5.55 -39.64
N SER C 257 -0.91 4.91 -38.57
CA SER C 257 -1.78 3.73 -38.75
C SER C 257 -2.99 4.10 -39.60
N THR C 258 -3.67 5.25 -39.34
CA THR C 258 -4.80 5.76 -40.10
C THR C 258 -4.52 6.21 -41.54
N LEU C 259 -3.42 6.97 -41.63
CA LEU C 259 -3.02 7.58 -42.88
C LEU C 259 -2.49 6.69 -43.94
N ILE C 260 -1.70 5.67 -43.65
CA ILE C 260 -1.01 4.97 -44.65
C ILE C 260 -1.63 3.53 -44.76
N PRO C 261 -2.36 3.15 -45.74
CA PRO C 261 -2.93 1.80 -45.84
C PRO C 261 -1.88 0.90 -46.41
N SER C 262 -1.54 1.03 -47.71
CA SER C 262 -0.47 0.30 -48.31
C SER C 262 0.84 1.00 -48.14
N PRO C 263 2.06 0.46 -48.16
CA PRO C 263 3.25 1.24 -47.80
C PRO C 263 3.79 1.95 -49.07
N GLU C 264 2.99 1.89 -50.18
CA GLU C 264 3.22 2.57 -51.40
C GLU C 264 2.13 3.62 -51.49
N LEU C 265 1.72 4.03 -50.29
CA LEU C 265 0.68 5.00 -50.17
C LEU C 265 1.07 5.63 -48.89
N HIS C 266 2.36 5.67 -48.62
CA HIS C 266 2.98 6.20 -47.43
C HIS C 266 3.46 7.58 -47.66
N PHE C 267 3.30 8.06 -48.95
CA PHE C 267 3.80 9.37 -49.14
C PHE C 267 2.68 10.36 -48.82
N LEU C 268 3.08 11.23 -47.87
CA LEU C 268 2.26 12.24 -47.23
C LEU C 268 2.80 13.61 -47.57
N SER C 269 1.87 14.62 -47.51
CA SER C 269 2.25 16.01 -47.57
C SER C 269 1.82 16.62 -46.27
N PRO C 270 2.54 17.53 -45.62
CA PRO C 270 2.02 18.26 -44.46
C PRO C 270 1.62 19.68 -45.03
N SER C 271 0.76 20.44 -44.33
CA SER C 271 0.48 21.82 -44.53
C SER C 271 0.35 22.30 -43.06
N PHE C 272 0.68 23.59 -42.82
CA PHE C 272 0.60 24.12 -41.52
C PHE C 272 0.25 25.58 -41.82
N THR C 273 -0.50 26.17 -40.83
CA THR C 273 -0.78 27.54 -40.91
C THR C 273 -1.06 27.98 -39.50
N PRO C 274 -0.62 29.11 -39.00
CA PRO C 274 0.45 29.99 -39.55
C PRO C 274 1.77 29.26 -39.20
N PHE C 275 2.83 29.52 -40.00
CA PHE C 275 4.16 29.07 -39.73
C PHE C 275 4.85 29.79 -38.55
N THR C 276 4.29 30.93 -38.10
CA THR C 276 4.75 31.83 -37.03
C THR C 276 3.80 31.61 -36.00
N SER C 277 4.28 31.33 -34.76
CA SER C 277 3.52 30.91 -33.63
C SER C 277 4.49 30.95 -32.47
N ASP C 278 5.80 31.27 -32.70
CA ASP C 278 6.85 31.34 -31.73
C ASP C 278 7.47 32.65 -32.05
N TYR C 279 8.26 33.21 -31.16
CA TYR C 279 8.80 34.52 -31.36
C TYR C 279 10.08 34.40 -32.09
N ILE C 280 10.38 33.29 -32.80
CA ILE C 280 11.56 32.84 -33.44
C ILE C 280 11.87 33.86 -34.50
N HIS C 281 10.90 34.30 -35.15
CA HIS C 281 10.90 35.39 -36.03
C HIS C 281 9.57 36.04 -35.95
N ASP C 282 9.48 37.33 -36.37
CA ASP C 282 8.40 38.29 -36.34
C ASP C 282 7.07 37.74 -36.28
N ASP C 283 6.38 38.24 -35.22
CA ASP C 283 4.97 37.83 -34.97
C ASP C 283 3.97 38.43 -35.99
N ILE C 284 2.69 37.93 -36.06
CA ILE C 284 1.64 38.26 -37.02
C ILE C 284 0.35 38.46 -36.28
N ALA C 285 -0.59 38.97 -37.09
CA ALA C 285 -1.92 39.18 -36.81
C ALA C 285 -2.71 37.92 -36.62
N HIS C 286 -3.95 38.03 -36.10
CA HIS C 286 -4.72 36.95 -35.68
C HIS C 286 -5.95 36.98 -36.56
N LYS C 287 -6.20 35.74 -37.06
CA LYS C 287 -7.11 35.55 -38.14
C LYS C 287 -7.99 34.34 -37.82
N GLY C 288 -9.19 34.36 -38.41
CA GLY C 288 -10.27 33.48 -38.06
C GLY C 288 -9.99 32.05 -38.38
N HIS C 289 -11.05 31.30 -38.01
CA HIS C 289 -11.24 29.90 -38.24
C HIS C 289 -11.21 29.62 -39.71
N SER C 290 -11.91 30.47 -40.53
CA SER C 290 -12.06 30.24 -41.96
C SER C 290 -10.71 30.36 -42.57
N SER C 291 -9.98 31.41 -42.09
CA SER C 291 -8.81 31.94 -42.67
C SER C 291 -7.72 30.81 -42.68
N TYR C 292 -7.62 30.11 -41.55
CA TYR C 292 -6.68 29.02 -41.43
C TYR C 292 -7.05 27.87 -42.37
N ASP C 293 -8.35 27.54 -42.46
CA ASP C 293 -8.84 26.44 -43.21
C ASP C 293 -8.58 26.61 -44.74
N VAL C 294 -8.73 27.83 -45.30
CA VAL C 294 -8.52 28.16 -46.70
C VAL C 294 -7.06 27.98 -47.05
N MET C 295 -6.11 28.42 -46.15
CA MET C 295 -4.68 28.37 -46.31
C MET C 295 -4.11 26.97 -46.36
N LEU C 296 -4.71 26.04 -45.62
CA LEU C 296 -4.33 24.59 -45.70
C LEU C 296 -4.52 23.98 -47.03
N ASP C 297 -5.49 24.47 -47.80
CA ASP C 297 -5.67 23.94 -49.11
C ASP C 297 -4.60 24.34 -50.06
N LEU C 298 -4.06 25.57 -49.87
CA LEU C 298 -3.16 26.17 -50.86
C LEU C 298 -1.84 25.43 -50.98
N LEU C 299 -1.38 25.31 -52.22
CA LEU C 299 -0.22 24.52 -52.69
C LEU C 299 1.17 25.06 -52.23
N ASP C 300 1.28 26.33 -51.77
CA ASP C 300 2.51 26.90 -51.33
C ASP C 300 2.63 26.59 -49.84
N PRO C 301 1.68 26.62 -48.91
CA PRO C 301 1.95 26.15 -47.55
C PRO C 301 2.04 24.61 -47.54
N SER C 302 1.50 23.95 -48.54
CA SER C 302 1.64 22.47 -48.67
C SER C 302 3.04 22.19 -49.13
N ASN C 303 3.65 21.00 -48.72
CA ASN C 303 4.98 20.69 -49.15
C ASN C 303 4.93 19.46 -49.98
N SER C 304 5.13 19.71 -51.34
CA SER C 304 5.17 18.64 -52.37
C SER C 304 5.48 19.28 -53.65
N LEU C 305 6.38 18.74 -54.46
CA LEU C 305 6.82 19.29 -55.74
C LEU C 305 5.67 19.33 -56.72
N VAL C 306 5.55 20.50 -57.45
CA VAL C 306 4.45 20.69 -58.33
C VAL C 306 5.05 20.97 -59.68
N SER C 307 4.16 20.88 -60.72
CA SER C 307 4.63 21.04 -62.12
C SER C 307 3.49 21.60 -62.93
N THR C 308 2.25 21.54 -62.37
CA THR C 308 1.09 22.22 -62.99
C THR C 308 0.37 22.78 -61.79
N ALA C 309 -0.61 23.69 -62.12
CA ALA C 309 -1.39 24.26 -61.12
C ALA C 309 -2.85 24.49 -61.56
N MET C 310 -3.19 23.90 -62.73
CA MET C 310 -4.43 24.06 -63.51
C MET C 310 -5.05 22.77 -63.83
N ASN C 311 -4.27 21.73 -63.40
CA ASN C 311 -4.62 20.37 -63.71
C ASN C 311 -4.25 19.55 -62.54
N ASN C 312 -3.75 20.20 -61.46
CA ASN C 312 -3.25 19.51 -60.29
C ASN C 312 -4.36 18.79 -59.58
N PRO C 313 -4.17 17.56 -59.11
CA PRO C 313 -5.13 16.90 -58.27
C PRO C 313 -5.40 17.60 -56.93
N THR C 314 -6.37 17.09 -56.05
CA THR C 314 -6.81 17.62 -54.80
C THR C 314 -7.63 16.55 -54.13
N TYR C 315 -7.77 15.33 -54.82
CA TYR C 315 -8.44 14.17 -54.32
C TYR C 315 -7.64 13.64 -53.06
N PHE C 316 -8.32 13.57 -51.91
CA PHE C 316 -7.74 13.21 -50.61
C PHE C 316 -7.93 11.73 -50.56
N ASN C 317 -6.85 11.00 -50.30
CA ASN C 317 -6.82 9.59 -50.07
C ASN C 317 -7.23 9.34 -48.72
N VAL C 318 -6.81 10.09 -47.71
CA VAL C 318 -7.11 10.00 -46.29
C VAL C 318 -6.86 11.39 -45.78
N TYR C 319 -7.51 11.93 -44.68
CA TYR C 319 -7.32 13.33 -44.23
C TYR C 319 -7.23 13.43 -42.69
N ASN C 320 -6.29 14.25 -42.13
CA ASN C 320 -6.20 14.49 -40.71
C ASN C 320 -6.03 16.02 -40.58
N THR C 321 -6.83 16.67 -39.79
CA THR C 321 -6.55 18.09 -39.42
C THR C 321 -6.41 18.10 -37.93
N ILE C 322 -5.27 18.66 -37.37
CA ILE C 322 -5.05 18.81 -35.97
C ILE C 322 -5.10 20.27 -35.68
N ILE C 323 -6.10 20.77 -34.86
CA ILE C 323 -6.37 22.16 -34.76
C ILE C 323 -6.00 22.70 -33.42
N GLY C 324 -5.29 23.80 -33.33
CA GLY C 324 -4.79 24.35 -32.08
C GLY C 324 -5.25 25.73 -31.89
N ASN C 325 -5.90 25.92 -30.69
CA ASN C 325 -6.40 27.09 -30.08
C ASN C 325 -7.52 26.61 -29.30
N VAL C 326 -7.89 27.38 -28.20
CA VAL C 326 -8.96 26.94 -27.38
C VAL C 326 -10.27 27.48 -27.84
N GLU C 327 -11.30 26.60 -27.87
CA GLU C 327 -12.63 26.91 -28.22
C GLU C 327 -13.43 25.74 -27.66
N PRO C 328 -14.75 25.81 -27.27
CA PRO C 328 -15.54 24.68 -26.75
C PRO C 328 -15.46 23.50 -27.60
N ARG C 329 -15.15 22.30 -27.01
CA ARG C 329 -14.84 21.10 -27.79
C ARG C 329 -15.93 20.53 -28.62
N GLN C 330 -17.15 20.64 -28.10
CA GLN C 330 -18.40 20.06 -28.61
C GLN C 330 -18.74 20.65 -29.97
N ILE C 331 -18.56 21.94 -30.24
CA ILE C 331 -18.81 22.59 -31.50
C ILE C 331 -17.91 22.16 -32.69
N SER C 332 -16.54 22.01 -32.53
CA SER C 332 -15.56 21.63 -33.48
C SER C 332 -15.79 20.22 -33.86
N ARG C 333 -16.19 19.40 -32.83
CA ARG C 333 -16.49 17.99 -32.84
C ARG C 333 -17.73 17.75 -33.66
N ALA C 334 -18.73 18.61 -33.47
CA ALA C 334 -19.94 18.61 -34.22
C ALA C 334 -19.82 18.84 -35.64
N MET C 335 -18.97 19.80 -36.11
CA MET C 335 -18.64 20.04 -37.48
C MET C 335 -17.88 18.90 -38.11
N THR C 336 -16.97 18.23 -37.41
CA THR C 336 -16.27 17.11 -37.94
C THR C 336 -17.18 15.92 -38.36
N LYS C 337 -18.20 15.66 -37.53
CA LYS C 337 -19.16 14.58 -37.79
C LYS C 337 -19.98 14.84 -39.05
N LEU C 338 -20.37 16.13 -39.18
CA LEU C 338 -21.17 16.55 -40.26
C LEU C 338 -20.52 16.41 -41.53
N GLN C 339 -19.17 16.80 -41.46
CA GLN C 339 -18.21 16.77 -42.55
C GLN C 339 -17.98 15.37 -42.99
N GLN C 340 -17.92 14.43 -42.05
CA GLN C 340 -17.71 13.05 -42.49
C GLN C 340 -18.84 12.37 -43.22
N ARG C 341 -20.04 12.60 -42.63
CA ARG C 341 -21.19 11.95 -43.21
C ARG C 341 -21.54 12.46 -44.54
N ILE C 342 -21.43 13.84 -44.76
CA ILE C 342 -21.65 14.51 -46.00
C ILE C 342 -20.64 14.06 -47.01
N LYS C 343 -19.39 13.74 -46.52
CA LYS C 343 -18.22 13.29 -47.39
C LYS C 343 -17.87 14.43 -48.17
N PHE C 344 -17.54 15.60 -47.52
CA PHE C 344 -17.20 16.84 -48.12
C PHE C 344 -15.88 16.81 -48.81
N PRO C 345 -14.74 16.33 -48.26
CA PRO C 345 -13.49 16.16 -48.96
C PRO C 345 -13.69 15.25 -50.21
N SER C 346 -12.97 15.49 -51.26
CA SER C 346 -13.06 14.55 -52.43
C SER C 346 -12.37 13.24 -52.13
N TRP C 347 -12.85 12.15 -52.71
CA TRP C 347 -12.57 10.79 -52.34
C TRP C 347 -12.45 10.01 -53.58
N SER C 348 -11.74 8.92 -53.45
CA SER C 348 -11.42 8.03 -54.50
C SER C 348 -12.27 6.83 -54.34
N SER C 349 -12.07 5.86 -55.25
CA SER C 349 -12.89 4.63 -55.21
C SER C 349 -12.57 3.64 -54.13
N SER C 350 -11.42 3.80 -53.49
CA SER C 350 -10.88 2.97 -52.45
C SER C 350 -10.68 3.87 -51.31
N ALA C 351 -11.62 4.85 -51.11
CA ALA C 351 -11.61 5.70 -49.91
C ALA C 351 -13.06 6.01 -49.73
N MET C 352 -13.38 6.66 -48.59
CA MET C 352 -14.64 7.13 -48.14
C MET C 352 -14.61 7.09 -46.63
N HIS C 353 -15.43 7.96 -45.98
CA HIS C 353 -15.56 8.10 -44.55
C HIS C 353 -14.23 7.89 -43.83
N VAL C 354 -13.19 8.64 -44.22
CA VAL C 354 -11.89 8.35 -43.75
C VAL C 354 -11.23 9.73 -43.64
N ASN C 355 -11.87 10.58 -42.87
CA ASN C 355 -11.37 11.96 -42.63
C ASN C 355 -11.53 12.16 -41.17
N ILE C 356 -10.43 12.54 -40.43
CA ILE C 356 -10.49 12.62 -39.05
C ILE C 356 -10.04 14.11 -38.75
N GLY C 357 -10.48 14.53 -37.60
CA GLY C 357 -10.17 15.83 -37.09
C GLY C 357 -9.87 15.62 -35.65
N ARG C 358 -8.90 16.38 -35.16
CA ARG C 358 -8.52 16.42 -33.83
C ARG C 358 -8.61 17.88 -33.38
N ARG C 359 -9.09 18.11 -32.13
CA ARG C 359 -9.04 19.50 -31.53
C ARG C 359 -8.19 19.34 -30.30
N SER C 360 -7.31 20.34 -30.06
CA SER C 360 -6.30 20.33 -29.01
C SER C 360 -6.39 21.79 -28.71
N PRO C 361 -6.04 22.16 -27.49
CA PRO C 361 -5.92 23.58 -27.07
C PRO C 361 -4.56 24.13 -27.40
N TYR C 362 -4.24 25.37 -27.08
CA TYR C 362 -2.89 25.89 -27.22
C TYR C 362 -2.26 25.87 -25.85
N LEU C 363 -0.90 25.75 -25.85
CA LEU C 363 -0.13 25.52 -24.65
C LEU C 363 -0.22 26.74 -23.83
N PRO C 364 -0.11 26.62 -22.44
CA PRO C 364 -0.21 27.78 -21.59
C PRO C 364 1.06 27.94 -20.94
N LEU C 365 2.08 27.28 -21.46
CA LEU C 365 3.46 27.52 -21.00
C LEU C 365 4.12 28.34 -22.03
N GLN C 366 3.56 28.68 -23.23
CA GLN C 366 4.10 29.81 -24.03
C GLN C 366 2.93 30.40 -24.71
N PRO C 367 2.43 31.61 -24.43
CA PRO C 367 1.28 32.18 -25.07
C PRO C 367 1.84 33.01 -26.08
N ASN C 368 1.39 32.92 -27.33
CA ASN C 368 1.98 33.73 -28.40
C ASN C 368 0.89 33.72 -29.48
N GLU C 369 -0.35 33.17 -29.20
CA GLU C 369 -1.43 33.14 -30.22
C GLU C 369 -2.64 33.49 -29.40
N ASN C 370 -3.66 33.92 -30.14
CA ASN C 370 -4.99 34.41 -29.69
C ASN C 370 -5.94 34.17 -30.94
N GLU C 371 -5.53 33.20 -31.84
CA GLU C 371 -6.07 32.87 -33.14
C GLU C 371 -6.15 31.35 -33.22
N VAL C 372 -7.01 30.82 -34.19
CA VAL C 372 -7.23 29.46 -34.49
C VAL C 372 -6.17 29.22 -35.61
N SER C 373 -5.50 28.10 -35.34
CA SER C 373 -4.43 27.59 -36.18
C SER C 373 -4.62 26.08 -36.28
N GLY C 374 -3.89 25.54 -37.33
CA GLY C 374 -4.11 24.16 -37.73
C GLY C 374 -2.98 23.60 -38.48
N MET C 375 -2.96 22.25 -38.46
CA MET C 375 -1.97 21.45 -39.23
C MET C 375 -2.94 20.53 -39.97
N MET C 376 -2.52 20.29 -41.19
CA MET C 376 -3.08 19.22 -41.97
C MET C 376 -1.90 18.26 -42.30
N LEU C 377 -2.14 16.97 -42.10
CA LEU C 377 -1.38 15.89 -42.50
C LEU C 377 -2.35 15.14 -43.37
N SER C 378 -2.02 14.95 -44.61
CA SER C 378 -2.93 14.28 -45.52
C SER C 378 -2.13 13.38 -46.43
N ASN C 379 -2.81 12.29 -46.97
CA ASN C 379 -2.28 11.33 -47.87
C ASN C 379 -3.04 11.80 -49.06
N MET C 380 -2.34 12.41 -50.07
CA MET C 380 -2.82 13.13 -51.24
C MET C 380 -2.20 12.68 -52.38
N SER C 381 -3.00 12.63 -53.50
CA SER C 381 -2.62 12.16 -54.84
C SER C 381 -1.72 12.98 -55.63
N THR C 382 -1.49 14.27 -55.21
CA THR C 382 -0.64 15.30 -55.73
C THR C 382 0.84 14.77 -55.64
N VAL C 383 1.14 13.82 -54.76
CA VAL C 383 2.49 13.23 -54.70
C VAL C 383 3.01 12.62 -56.00
N VAL C 384 2.14 12.18 -56.90
CA VAL C 384 2.43 11.67 -58.22
C VAL C 384 3.21 12.67 -59.07
N ASN C 385 2.97 14.01 -58.89
CA ASN C 385 3.76 15.10 -59.45
C ASN C 385 5.23 15.06 -59.07
N VAL C 386 5.59 14.67 -57.79
CA VAL C 386 7.01 14.51 -57.42
C VAL C 386 7.65 13.46 -58.14
N PHE C 387 7.03 12.24 -58.37
CA PHE C 387 7.60 11.10 -58.98
C PHE C 387 7.86 11.43 -60.46
N GLU C 388 6.92 12.18 -61.02
CA GLU C 388 7.00 12.54 -62.45
C GLU C 388 8.22 13.39 -62.79
N ASN C 389 8.48 14.34 -61.86
CA ASN C 389 9.57 15.25 -61.92
C ASN C 389 10.90 14.61 -61.85
N ALA C 390 11.01 13.59 -60.93
CA ALA C 390 12.13 12.78 -60.52
C ALA C 390 12.58 11.89 -61.76
N CYS C 391 11.61 11.30 -62.55
CA CYS C 391 11.87 10.59 -63.76
C CYS C 391 12.45 11.41 -64.87
N ASN C 392 11.91 12.62 -65.03
CA ASN C 392 12.31 13.57 -66.08
C ASN C 392 13.75 14.00 -65.94
N THR C 393 14.15 14.35 -64.68
CA THR C 393 15.46 14.77 -64.27
C THR C 393 16.41 13.63 -64.43
N PHE C 394 15.96 12.39 -64.04
CA PHE C 394 16.79 11.25 -64.09
C PHE C 394 17.26 10.95 -65.53
N ASP C 395 16.28 10.98 -66.50
CA ASP C 395 16.66 10.77 -67.88
C ASP C 395 17.66 11.80 -68.40
N LYS C 396 17.40 13.12 -68.08
CA LYS C 396 18.22 14.11 -68.68
C LYS C 396 19.68 14.07 -68.30
N VAL C 397 19.90 13.78 -66.97
CA VAL C 397 21.20 13.68 -66.37
C VAL C 397 21.95 12.56 -67.00
N PHE C 398 21.23 11.37 -67.30
CA PHE C 398 21.75 10.31 -67.96
C PHE C 398 22.12 10.62 -69.39
N ALA C 399 21.27 11.38 -70.15
CA ALA C 399 21.50 11.78 -71.60
C ALA C 399 22.72 12.62 -71.83
N LYS C 400 22.96 13.61 -70.95
CA LYS C 400 24.16 14.42 -71.11
C LYS C 400 25.31 13.49 -70.87
N GLY C 401 25.16 12.52 -69.93
CA GLY C 401 26.26 11.52 -69.65
C GLY C 401 27.14 12.09 -68.53
N ALA C 402 26.86 13.42 -68.18
CA ALA C 402 27.67 14.15 -67.27
C ALA C 402 27.09 13.97 -65.86
N PHE C 403 28.06 14.04 -64.89
CA PHE C 403 27.89 14.23 -63.44
C PHE C 403 28.12 12.87 -62.81
N LEU C 404 28.71 11.86 -63.51
CA LEU C 404 28.99 10.56 -63.00
C LEU C 404 30.21 10.62 -62.13
N ASN C 405 31.17 11.60 -62.25
CA ASN C 405 32.48 11.58 -61.67
C ASN C 405 32.60 11.34 -60.13
N ASN C 406 31.83 12.01 -59.26
CA ASN C 406 31.94 11.97 -57.81
C ASN C 406 31.54 10.59 -57.26
N TYR C 407 30.59 9.99 -57.93
CA TYR C 407 30.04 8.74 -57.69
C TYR C 407 31.07 7.63 -57.96
N ASN C 408 31.83 7.80 -59.07
CA ASN C 408 32.56 6.72 -59.68
C ASN C 408 33.60 6.09 -58.76
N VAL C 409 34.24 6.91 -57.84
CA VAL C 409 35.29 6.50 -56.88
C VAL C 409 34.72 5.49 -55.95
N GLY C 410 33.41 5.63 -55.61
CA GLY C 410 32.64 4.77 -54.89
C GLY C 410 32.26 3.50 -55.67
N ASP C 411 32.32 2.29 -55.04
CA ASP C 411 32.11 0.99 -55.55
C ASP C 411 30.66 0.71 -56.10
N LEU C 412 29.62 1.29 -55.39
CA LEU C 412 28.28 1.03 -55.71
C LEU C 412 27.92 1.47 -57.08
N PHE C 413 28.47 2.59 -57.48
CA PHE C 413 28.10 3.24 -58.73
C PHE C 413 29.28 3.23 -59.71
N GLN C 414 30.14 2.23 -59.57
CA GLN C 414 31.40 2.16 -60.28
C GLN C 414 31.26 1.82 -61.80
N SER C 415 30.45 0.83 -62.03
CA SER C 415 30.19 0.23 -63.33
C SER C 415 28.87 -0.50 -63.18
N MET C 416 27.98 -0.04 -62.28
CA MET C 416 26.75 -0.61 -61.90
C MET C 416 25.71 0.34 -62.32
N GLN C 417 24.94 -0.11 -63.31
CA GLN C 417 23.73 0.58 -63.75
C GLN C 417 22.50 -0.11 -63.17
N ASN C 418 22.74 -1.15 -62.39
CA ASN C 418 21.71 -1.95 -61.75
C ASN C 418 21.03 -1.00 -60.71
N VAL C 419 21.85 -0.11 -60.07
CA VAL C 419 21.25 0.85 -59.09
C VAL C 419 20.18 1.75 -59.76
N GLN C 420 20.41 2.25 -61.04
CA GLN C 420 19.42 3.09 -61.74
C GLN C 420 18.24 2.31 -62.08
N ASP C 421 18.36 0.96 -62.56
CA ASP C 421 17.31 0.04 -63.06
C ASP C 421 16.36 -0.20 -61.92
N GLU C 422 16.96 -0.37 -60.67
CA GLU C 422 16.26 -0.66 -59.42
C GLU C 422 15.32 0.50 -59.04
N PHE C 423 15.81 1.74 -59.19
CA PHE C 423 15.08 2.95 -58.85
C PHE C 423 13.89 2.98 -59.78
N ALA C 424 14.04 2.70 -61.13
CA ALA C 424 12.98 2.88 -62.13
C ALA C 424 11.79 2.05 -61.75
N GLU C 425 12.03 0.76 -61.29
CA GLU C 425 10.94 -0.08 -60.87
C GLU C 425 10.25 0.35 -59.62
N SER C 426 11.09 0.76 -58.62
CA SER C 426 10.53 1.14 -57.33
C SER C 426 9.56 2.39 -57.39
N ARG C 427 10.04 3.36 -58.25
CA ARG C 427 9.32 4.57 -58.50
C ARG C 427 7.98 4.28 -59.19
N GLU C 428 7.96 3.27 -60.09
CA GLU C 428 6.80 2.88 -60.80
C GLU C 428 5.70 2.27 -59.92
N VAL C 429 6.12 1.42 -58.97
CA VAL C 429 5.13 0.78 -58.12
C VAL C 429 4.38 1.82 -57.21
N VAL C 430 5.01 2.84 -56.62
CA VAL C 430 4.28 3.92 -55.88
C VAL C 430 3.33 4.75 -56.75
N GLN C 431 3.79 5.15 -57.98
CA GLN C 431 2.97 5.92 -58.88
C GLN C 431 1.76 5.17 -59.33
N SER C 432 1.95 3.82 -59.60
CA SER C 432 0.87 2.91 -60.02
C SER C 432 -0.20 2.71 -58.86
N LEU C 433 0.25 2.57 -57.62
CA LEU C 433 -0.57 2.30 -56.46
C LEU C 433 -1.52 3.47 -56.17
N MET C 434 -1.03 4.74 -56.36
CA MET C 434 -1.87 5.93 -56.13
C MET C 434 -3.03 5.93 -57.15
N GLU C 435 -2.75 5.53 -58.42
CA GLU C 435 -3.70 5.42 -59.43
C GLU C 435 -4.70 4.37 -59.17
N ASP C 436 -4.26 3.22 -58.58
CA ASP C 436 -5.06 2.04 -58.25
C ASP C 436 -6.15 2.33 -57.20
N TYR C 437 -5.86 3.23 -56.27
CA TYR C 437 -6.62 3.75 -55.15
C TYR C 437 -7.88 4.43 -55.66
N VAL C 438 -7.86 4.95 -56.92
CA VAL C 438 -8.97 5.59 -57.62
C VAL C 438 -9.71 4.63 -58.61
N ALA C 439 -9.53 3.35 -58.38
CA ALA C 439 -10.12 2.28 -59.11
C ALA C 439 -10.56 1.17 -58.15
N ALA C 440 -11.20 0.19 -58.67
CA ALA C 440 -11.91 -0.85 -57.96
C ALA C 440 -10.96 -2.04 -57.82
N GLU C 441 -9.61 -1.84 -58.03
CA GLU C 441 -8.61 -2.87 -58.07
C GLU C 441 -8.45 -3.41 -56.74
N GLN C 442 -8.40 -2.51 -55.75
CA GLN C 442 -8.13 -2.78 -54.33
C GLN C 442 -9.45 -2.87 -53.69
N ASP C 443 -10.57 -2.91 -54.53
CA ASP C 443 -11.89 -3.22 -53.96
C ASP C 443 -12.18 -4.69 -54.41
N SER C 444 -11.24 -5.60 -54.00
CA SER C 444 -11.18 -6.98 -54.41
C SER C 444 -11.35 -7.85 -53.12
N TYR C 445 -12.54 -8.59 -52.95
CA TYR C 445 -12.86 -9.50 -51.88
C TYR C 445 -12.53 -11.01 -52.30
N MET D 1 27.98 -21.53 6.22
CA MET D 1 29.40 -21.23 6.67
C MET D 1 30.15 -22.49 7.06
N GLY D 2 31.56 -22.37 7.00
CA GLY D 2 32.44 -23.45 7.30
C GLY D 2 32.65 -24.37 6.12
N GLY D 3 33.82 -25.00 6.03
CA GLY D 3 34.10 -25.87 4.94
C GLY D 3 35.19 -25.23 4.11
N GLU D 4 36.46 -25.26 4.49
CA GLU D 4 37.49 -24.45 3.80
C GLU D 4 37.91 -25.25 2.54
N ILE D 5 38.31 -24.43 1.54
CA ILE D 5 38.90 -24.93 0.33
C ILE D 5 40.14 -24.24 0.09
N ILE D 6 41.21 -25.04 -0.32
CA ILE D 6 42.54 -24.39 -0.56
C ILE D 6 42.57 -24.58 -2.03
N THR D 7 43.04 -23.51 -2.70
CA THR D 7 43.00 -23.46 -4.11
C THR D 7 44.41 -23.63 -4.56
N LEU D 8 44.55 -24.51 -5.55
CA LEU D 8 45.73 -24.96 -6.21
C LEU D 8 45.65 -24.42 -7.66
N GLN D 9 46.66 -23.67 -8.10
CA GLN D 9 46.72 -23.06 -9.36
C GLN D 9 47.92 -23.55 -10.08
N ALA D 10 47.73 -24.16 -11.36
CA ALA D 10 48.88 -24.69 -12.03
C ALA D 10 48.84 -24.11 -13.36
N GLY D 11 49.96 -23.77 -13.96
CA GLY D 11 50.18 -23.29 -15.24
C GLY D 11 49.83 -21.86 -15.40
N GLN D 12 49.90 -21.47 -16.66
CA GLN D 12 49.59 -20.16 -17.10
C GLN D 12 48.17 -19.88 -16.88
N CYS D 13 47.17 -20.75 -17.25
CA CYS D 13 45.74 -20.50 -17.18
C CYS D 13 45.37 -20.37 -15.73
N GLY D 14 45.83 -21.35 -14.85
CA GLY D 14 45.34 -21.43 -13.53
C GLY D 14 45.67 -20.15 -12.80
N ASN D 15 46.94 -19.72 -13.01
CA ASN D 15 47.52 -18.56 -12.31
C ASN D 15 46.83 -17.26 -12.68
N HIS D 16 46.50 -17.09 -14.02
CA HIS D 16 45.80 -15.89 -14.39
C HIS D 16 44.40 -15.79 -13.83
N VAL D 17 43.56 -16.87 -13.94
CA VAL D 17 42.29 -16.87 -13.45
C VAL D 17 42.25 -16.79 -11.91
N GLY D 18 43.19 -17.51 -11.26
CA GLY D 18 43.26 -17.65 -9.74
C GLY D 18 43.50 -16.25 -9.13
N LYS D 19 44.41 -15.47 -9.80
CA LYS D 19 44.51 -14.05 -9.44
C LYS D 19 43.30 -13.24 -9.66
N PHE D 20 42.51 -13.38 -10.80
CA PHE D 20 41.24 -12.66 -11.02
C PHE D 20 40.11 -12.93 -10.01
N LEU D 21 39.98 -14.22 -9.59
CA LEU D 21 39.03 -14.64 -8.56
C LEU D 21 39.35 -13.98 -7.26
N TRP D 22 40.64 -13.90 -6.82
CA TRP D 22 41.02 -13.27 -5.58
C TRP D 22 40.75 -11.80 -5.66
N SER D 23 41.03 -11.22 -6.86
CA SER D 23 40.84 -9.79 -7.02
C SER D 23 39.43 -9.36 -6.89
N GLN D 24 38.48 -10.14 -7.43
CA GLN D 24 37.05 -9.93 -7.31
C GLN D 24 36.56 -10.05 -5.90
N LEU D 25 37.04 -11.09 -5.22
CA LEU D 25 36.69 -11.39 -3.86
C LEU D 25 37.11 -10.34 -2.82
N ALA D 26 38.33 -9.75 -2.99
CA ALA D 26 38.86 -8.65 -2.18
C ALA D 26 38.05 -7.36 -2.22
N LYS D 27 37.62 -7.05 -3.47
CA LYS D 27 36.83 -5.87 -3.87
C LYS D 27 35.51 -5.90 -3.20
N GLU D 28 34.87 -7.15 -3.26
CA GLU D 28 33.54 -7.39 -2.77
C GLU D 28 33.29 -7.31 -1.28
N HIS D 29 34.31 -7.75 -0.52
CA HIS D 29 34.10 -7.81 0.95
C HIS D 29 34.67 -6.68 1.70
N ALA D 30 34.90 -5.57 0.96
CA ALA D 30 35.46 -4.33 1.39
C ALA D 30 36.72 -4.45 2.20
N ILE D 31 37.77 -5.00 1.53
CA ILE D 31 39.08 -5.17 2.03
C ILE D 31 40.06 -4.81 0.93
N GLY D 32 41.33 -4.62 1.38
CA GLY D 32 42.33 -4.01 0.56
C GLY D 32 42.83 -4.82 -0.62
N THR D 33 43.82 -4.24 -1.23
CA THR D 33 44.52 -4.81 -2.36
C THR D 33 45.81 -5.32 -1.83
N ASP D 34 46.12 -5.09 -0.57
CA ASP D 34 47.12 -5.92 0.09
C ASP D 34 46.34 -6.91 1.06
N GLY D 35 44.98 -6.69 1.08
CA GLY D 35 44.10 -7.48 1.86
C GLY D 35 43.91 -7.17 3.27
N LEU D 36 43.97 -5.85 3.71
CA LEU D 36 43.83 -5.43 5.10
C LEU D 36 42.56 -5.80 5.68
N SER D 37 42.57 -6.29 6.97
CA SER D 37 41.36 -6.54 7.68
C SER D 37 40.57 -5.26 7.94
N GLN D 38 39.33 -5.20 7.46
CA GLN D 38 38.50 -4.04 7.52
C GLN D 38 37.18 -4.57 8.10
N LEU D 39 36.28 -3.65 8.41
CA LEU D 39 35.15 -3.75 9.30
C LEU D 39 33.99 -4.69 8.93
N PRO D 40 33.57 -4.77 7.68
CA PRO D 40 32.44 -5.59 7.34
C PRO D 40 32.94 -6.98 6.76
N ASP D 41 33.68 -7.69 7.58
CA ASP D 41 34.14 -9.05 7.33
C ASP D 41 33.93 -9.74 8.72
N SER D 42 34.03 -8.89 9.81
CA SER D 42 33.74 -9.36 11.17
C SER D 42 32.38 -8.88 11.62
N SER D 43 31.64 -8.27 10.72
CA SER D 43 30.27 -7.91 11.08
C SER D 43 29.34 -9.11 10.97
N THR D 44 28.37 -9.23 11.90
CA THR D 44 27.55 -10.37 12.06
C THR D 44 26.43 -10.40 11.08
N GLU D 45 26.09 -11.59 10.51
CA GLU D 45 24.98 -11.88 9.62
C GLU D 45 25.04 -11.08 8.39
N ARG D 46 26.20 -10.99 7.70
CA ARG D 46 26.32 -10.21 6.46
C ARG D 46 27.26 -11.05 5.64
N ASP D 47 28.47 -11.27 6.13
CA ASP D 47 29.45 -11.96 5.43
C ASP D 47 30.37 -12.27 6.62
N ASP D 48 30.55 -13.56 7.06
CA ASP D 48 31.48 -13.87 8.10
C ASP D 48 32.77 -14.39 7.59
N ASP D 49 33.03 -14.38 6.18
CA ASP D 49 34.11 -15.02 5.54
C ASP D 49 35.41 -14.37 5.97
N THR D 50 36.12 -15.08 6.83
CA THR D 50 37.39 -14.62 7.45
C THR D 50 38.24 -15.89 7.69
N LYS D 51 37.61 -17.02 7.30
CA LYS D 51 38.16 -18.32 7.52
C LYS D 51 37.76 -19.28 6.53
N PRO D 52 36.67 -19.22 5.74
CA PRO D 52 36.44 -20.25 4.79
C PRO D 52 37.47 -20.15 3.60
N PHE D 53 38.21 -19.03 3.33
CA PHE D 53 39.06 -19.01 2.15
C PHE D 53 40.27 -18.13 2.34
N PHE D 54 40.30 -17.40 3.54
CA PHE D 54 41.37 -16.52 4.00
C PHE D 54 41.88 -16.96 5.35
N ARG D 55 43.12 -16.51 5.64
CA ARG D 55 43.67 -16.64 6.95
C ARG D 55 44.19 -15.29 7.35
N GLU D 56 44.47 -15.19 8.64
CA GLU D 56 45.01 -14.07 9.28
C GLU D 56 46.43 -14.41 9.73
N ASN D 57 47.37 -13.48 9.55
CA ASN D 57 48.70 -13.39 10.08
C ASN D 57 48.63 -12.77 11.48
N SER D 58 49.75 -12.61 12.28
CA SER D 58 49.70 -11.88 13.52
C SER D 58 49.93 -10.39 13.19
N ARG D 59 49.96 -10.03 11.87
CA ARG D 59 50.13 -8.70 11.35
C ARG D 59 48.73 -8.13 11.14
N ASN D 60 47.70 -9.01 11.23
CA ASN D 60 46.21 -8.86 11.04
C ASN D 60 45.92 -8.37 9.64
N LYS D 61 46.33 -9.24 8.74
CA LYS D 61 45.97 -8.95 7.29
C LYS D 61 45.56 -10.26 6.80
N PHE D 62 44.70 -10.20 5.78
CA PHE D 62 44.22 -11.37 5.19
C PHE D 62 45.28 -11.89 4.14
N THR D 63 45.40 -13.23 4.08
CA THR D 63 46.10 -13.78 2.95
C THR D 63 45.22 -14.89 2.48
N PRO D 64 44.99 -15.01 1.16
CA PRO D 64 44.28 -16.11 0.58
C PRO D 64 45.05 -17.40 0.73
N ARG D 65 44.29 -18.50 1.01
CA ARG D 65 44.76 -19.84 1.04
C ARG D 65 44.83 -20.34 -0.40
N ALA D 66 45.92 -19.94 -1.15
CA ALA D 66 46.13 -20.25 -2.51
C ALA D 66 47.58 -20.58 -2.79
N ILE D 67 47.90 -21.55 -3.73
CA ILE D 67 49.24 -21.81 -4.17
C ILE D 67 49.30 -21.62 -5.64
N MET D 68 50.29 -20.79 -6.04
CA MET D 68 50.45 -20.43 -7.40
C MET D 68 51.79 -21.14 -7.79
N MET D 69 51.65 -21.88 -8.91
CA MET D 69 52.70 -22.60 -9.57
C MET D 69 52.74 -22.43 -11.06
N ASP D 70 53.97 -22.35 -11.64
CA ASP D 70 54.15 -22.16 -13.09
C ASP D 70 55.61 -21.91 -13.19
N SER D 71 56.03 -21.30 -14.26
CA SER D 71 57.30 -20.69 -14.61
C SER D 71 56.95 -19.19 -14.54
N GLU D 72 57.75 -18.46 -15.33
CA GLU D 72 57.85 -17.05 -15.43
C GLU D 72 56.60 -16.25 -15.93
N PRO D 73 55.77 -16.52 -17.02
CA PRO D 73 54.70 -15.63 -17.49
C PRO D 73 53.74 -15.02 -16.47
N SER D 74 53.09 -15.94 -15.70
CA SER D 74 52.07 -15.60 -14.77
C SER D 74 52.66 -14.87 -13.61
N VAL D 75 53.82 -15.33 -13.08
CA VAL D 75 54.38 -14.65 -11.91
C VAL D 75 54.77 -13.16 -12.14
N ILE D 76 55.33 -12.92 -13.39
CA ILE D 76 55.77 -11.67 -13.81
C ILE D 76 54.50 -10.73 -13.93
N ALA D 77 53.39 -11.34 -14.45
CA ALA D 77 52.14 -10.61 -14.60
C ALA D 77 51.61 -10.16 -13.23
N ASP D 78 51.66 -10.93 -12.16
CA ASP D 78 51.13 -10.78 -10.85
C ASP D 78 51.77 -9.66 -10.10
N VAL D 79 53.11 -9.42 -10.29
CA VAL D 79 53.84 -8.34 -9.72
C VAL D 79 53.48 -6.98 -10.22
N GLU D 80 53.09 -6.92 -11.47
CA GLU D 80 52.63 -5.71 -12.14
C GLU D 80 51.34 -5.19 -11.58
N ASN D 81 50.43 -6.08 -11.18
CA ASN D 81 49.17 -5.78 -10.54
C ASN D 81 49.30 -5.26 -9.15
N THR D 82 48.28 -4.68 -8.54
CA THR D 82 48.39 -4.22 -7.15
C THR D 82 47.87 -5.31 -6.22
N PHE D 83 47.62 -6.48 -6.82
CA PHE D 83 47.19 -7.71 -6.24
C PHE D 83 48.31 -8.66 -5.86
N ARG D 84 49.56 -8.19 -6.05
CA ARG D 84 50.86 -8.76 -5.71
C ARG D 84 51.04 -8.97 -4.20
N GLY D 85 50.48 -7.97 -3.49
CA GLY D 85 50.48 -7.96 -2.07
C GLY D 85 49.52 -8.85 -1.39
N PHE D 86 48.61 -9.50 -2.13
CA PHE D 86 47.53 -10.22 -1.53
C PHE D 86 47.90 -11.66 -1.69
N PHE D 87 49.18 -11.99 -1.84
CA PHE D 87 49.73 -13.28 -2.06
C PHE D 87 51.10 -13.07 -1.35
N ASP D 88 51.57 -14.05 -0.56
CA ASP D 88 52.88 -13.99 -0.02
C ASP D 88 53.90 -14.45 -1.04
N PRO D 89 55.18 -14.10 -0.98
CA PRO D 89 56.15 -14.54 -1.97
C PRO D 89 56.27 -16.07 -1.80
N ARG D 90 56.01 -16.66 -0.57
CA ARG D 90 56.10 -18.05 -0.33
C ARG D 90 55.01 -18.77 -1.08
N ASN D 91 53.83 -18.18 -1.26
CA ASN D 91 52.73 -18.83 -1.92
C ASN D 91 53.01 -18.97 -3.42
N THR D 92 53.96 -18.14 -3.89
CA THR D 92 54.41 -18.04 -5.24
C THR D 92 55.57 -18.94 -5.47
N TRP D 93 55.44 -19.85 -6.50
CA TRP D 93 56.36 -20.86 -6.87
C TRP D 93 56.58 -20.61 -8.31
N VAL D 94 57.87 -20.42 -8.62
CA VAL D 94 58.35 -20.12 -9.88
C VAL D 94 59.40 -21.16 -10.05
N ALA D 95 59.32 -22.03 -11.06
CA ALA D 95 60.33 -22.99 -11.32
C ALA D 95 60.30 -23.22 -12.81
N SER D 96 61.56 -23.21 -13.42
CA SER D 96 61.63 -23.21 -14.87
C SER D 96 62.60 -24.29 -15.21
N ASP D 97 62.83 -25.19 -14.26
CA ASP D 97 63.80 -26.28 -14.35
C ASP D 97 63.51 -27.46 -15.30
N GLY D 98 64.38 -27.45 -16.40
CA GLY D 98 64.15 -28.38 -17.50
C GLY D 98 63.00 -27.91 -18.32
N ALA D 99 62.48 -26.70 -18.10
CA ALA D 99 61.31 -26.11 -18.64
C ALA D 99 60.04 -26.96 -18.38
N SER D 100 58.90 -26.51 -18.99
CA SER D 100 57.63 -27.10 -18.85
C SER D 100 56.67 -26.34 -19.70
N ALA D 101 57.09 -25.22 -20.34
CA ALA D 101 56.28 -24.40 -21.19
C ALA D 101 56.65 -24.80 -22.51
N GLY D 102 55.71 -25.45 -23.21
CA GLY D 102 55.94 -25.79 -24.60
C GLY D 102 54.94 -26.82 -24.96
N ASN D 103 53.82 -26.92 -24.16
CA ASN D 103 52.73 -27.85 -24.39
C ASN D 103 53.13 -29.27 -24.45
N SER D 104 53.65 -29.73 -23.28
CA SER D 104 54.19 -31.00 -23.04
C SER D 104 53.88 -31.31 -21.59
N TRP D 105 53.12 -32.40 -21.40
CA TRP D 105 52.79 -33.00 -20.19
C TRP D 105 54.02 -33.57 -19.50
N ALA D 106 54.90 -34.24 -20.26
CA ALA D 106 56.04 -34.96 -19.64
C ALA D 106 56.94 -33.98 -18.88
N ASN D 107 57.27 -32.82 -19.44
CA ASN D 107 58.09 -31.77 -18.87
C ASN D 107 57.46 -31.18 -17.62
N GLY D 108 56.07 -31.01 -17.70
CA GLY D 108 55.28 -30.57 -16.54
C GLY D 108 55.20 -31.50 -15.34
N TYR D 109 55.03 -32.85 -15.58
CA TYR D 109 54.99 -33.91 -14.59
C TYR D 109 56.31 -34.05 -13.96
N ASP D 110 57.38 -34.12 -14.77
CA ASP D 110 58.70 -34.39 -14.21
C ASP D 110 59.27 -33.39 -13.28
N ILE D 111 59.08 -32.06 -13.58
CA ILE D 111 59.59 -30.95 -12.79
C ILE D 111 58.84 -30.96 -11.45
N GLY D 112 57.56 -31.29 -11.41
CA GLY D 112 56.76 -31.42 -10.25
C GLY D 112 57.36 -32.44 -9.29
N THR D 113 57.85 -33.56 -9.88
CA THR D 113 58.54 -34.61 -9.15
C THR D 113 59.79 -34.14 -8.55
N ARG D 114 60.52 -33.25 -9.26
CA ARG D 114 61.79 -32.78 -8.77
C ARG D 114 61.64 -32.01 -7.47
N ASN D 115 60.63 -31.17 -7.41
CA ASN D 115 60.35 -30.23 -6.29
C ASN D 115 59.24 -30.83 -5.57
N GLN D 116 59.21 -32.15 -5.34
CA GLN D 116 58.07 -32.92 -4.69
C GLN D 116 57.93 -32.51 -3.23
N ASP D 117 59.07 -32.44 -2.54
CA ASP D 117 59.03 -32.13 -1.15
C ASP D 117 58.56 -30.75 -0.91
N ASP D 118 59.02 -29.79 -1.69
CA ASP D 118 58.77 -28.37 -1.55
C ASP D 118 57.28 -28.03 -1.70
N ILE D 119 56.55 -28.61 -2.74
CA ILE D 119 55.15 -28.35 -3.03
C ILE D 119 54.33 -28.89 -1.91
N LEU D 120 54.60 -30.12 -1.40
CA LEU D 120 53.90 -30.69 -0.34
C LEU D 120 54.04 -29.94 0.95
N ASN D 121 55.27 -29.29 1.24
CA ASN D 121 55.58 -28.49 2.43
C ASN D 121 54.61 -27.31 2.57
N LYS D 122 54.43 -26.60 1.44
CA LYS D 122 53.45 -25.53 1.33
C LYS D 122 51.99 -25.99 1.48
N ILE D 123 51.54 -27.12 0.84
CA ILE D 123 50.20 -27.67 0.81
C ILE D 123 49.90 -28.12 2.24
N ASP D 124 50.85 -28.84 2.91
CA ASP D 124 50.66 -29.34 4.35
C ASP D 124 50.52 -28.12 5.33
N LYS D 125 51.23 -26.96 5.12
CA LYS D 125 51.15 -25.79 5.93
C LYS D 125 49.74 -25.24 5.91
N GLU D 126 49.14 -25.09 4.69
CA GLU D 126 47.78 -24.51 4.52
C GLU D 126 46.77 -25.50 5.17
N ILE D 127 46.90 -26.85 5.02
CA ILE D 127 45.99 -27.83 5.61
C ILE D 127 46.10 -27.76 7.18
N ASP D 128 47.31 -27.69 7.74
CA ASP D 128 47.55 -27.74 9.20
C ASP D 128 46.90 -26.48 9.79
N SER D 129 46.97 -25.34 9.05
CA SER D 129 46.41 -24.07 9.44
C SER D 129 44.90 -24.08 9.45
N THR D 130 44.27 -25.06 8.71
CA THR D 130 42.84 -25.25 8.60
C THR D 130 42.53 -26.32 9.65
N ASP D 131 41.28 -26.50 10.07
CA ASP D 131 40.85 -27.45 11.05
C ASP D 131 39.40 -27.88 10.84
N ASN D 132 38.83 -27.48 9.65
CA ASN D 132 37.50 -27.89 9.23
C ASN D 132 37.63 -28.04 7.68
N PHE D 133 38.60 -28.87 7.23
CA PHE D 133 38.97 -28.86 5.78
C PHE D 133 38.01 -29.78 5.05
N GLU D 134 37.29 -29.11 4.09
CA GLU D 134 36.43 -29.64 3.09
C GLU D 134 37.18 -30.31 1.91
N GLY D 135 38.21 -29.62 1.42
CA GLY D 135 38.78 -30.22 0.27
C GLY D 135 39.70 -29.27 -0.48
N PHE D 136 40.05 -29.68 -1.71
CA PHE D 136 40.99 -28.99 -2.62
C PHE D 136 40.22 -28.57 -3.83
N GLN D 137 40.62 -27.42 -4.40
CA GLN D 137 40.15 -26.93 -5.69
C GLN D 137 41.24 -26.70 -6.57
N LEU D 138 41.15 -27.15 -7.79
CA LEU D 138 42.08 -26.85 -8.82
C LEU D 138 41.46 -25.98 -9.86
N LEU D 139 42.21 -24.87 -10.15
CA LEU D 139 41.89 -24.07 -11.30
C LEU D 139 43.10 -24.29 -12.22
N HIS D 140 42.85 -24.76 -13.44
CA HIS D 140 43.89 -24.95 -14.39
C HIS D 140 43.32 -25.33 -15.72
N SER D 141 44.25 -25.47 -16.68
CA SER D 141 43.98 -25.93 -18.06
C SER D 141 44.71 -27.18 -18.24
N VAL D 142 44.12 -28.00 -19.13
CA VAL D 142 44.62 -29.27 -19.59
C VAL D 142 45.09 -29.03 -20.97
N ALA D 143 45.38 -27.77 -21.38
CA ALA D 143 45.80 -27.53 -22.77
C ALA D 143 47.24 -27.18 -22.83
N GLY D 144 47.82 -26.76 -21.70
CA GLY D 144 49.16 -26.30 -21.49
C GLY D 144 50.15 -27.42 -21.40
N GLY D 145 51.49 -27.11 -21.15
CA GLY D 145 52.53 -27.96 -20.69
C GLY D 145 52.49 -28.07 -19.24
N THR D 146 52.48 -26.86 -18.59
CA THR D 146 52.63 -26.69 -17.21
C THR D 146 51.37 -27.18 -16.58
N GLY D 147 50.16 -26.69 -17.04
CA GLY D 147 48.81 -26.96 -16.51
C GLY D 147 48.48 -28.41 -16.56
N SER D 148 48.85 -29.07 -17.74
CA SER D 148 48.43 -30.46 -17.99
C SER D 148 49.25 -31.34 -17.07
N GLY D 149 50.61 -31.33 -17.16
CA GLY D 149 51.46 -32.24 -16.45
C GLY D 149 51.51 -31.99 -14.95
N LEU D 150 51.82 -30.75 -14.57
CA LEU D 150 51.97 -30.42 -13.19
C LEU D 150 50.68 -30.51 -12.45
N GLY D 151 49.54 -30.11 -13.04
CA GLY D 151 48.21 -30.26 -12.42
C GLY D 151 47.81 -31.67 -12.13
N SER D 152 48.09 -32.60 -13.08
CA SER D 152 47.88 -34.01 -12.98
C SER D 152 48.72 -34.68 -11.97
N ASN D 153 49.96 -34.22 -11.81
CA ASN D 153 50.81 -34.71 -10.82
C ASN D 153 50.33 -34.44 -9.40
N LEU D 154 49.86 -33.17 -9.25
CA LEU D 154 49.41 -32.68 -7.99
C LEU D 154 48.23 -33.41 -7.56
N LEU D 155 47.33 -33.78 -8.44
CA LEU D 155 46.13 -34.55 -8.23
C LEU D 155 46.38 -35.98 -7.75
N GLU D 156 47.35 -36.62 -8.34
CA GLU D 156 47.82 -37.95 -7.97
C GLU D 156 48.43 -37.96 -6.54
N ALA D 157 49.24 -37.00 -6.16
CA ALA D 157 49.77 -36.90 -4.80
C ALA D 157 48.62 -36.62 -3.82
N LEU D 158 47.68 -35.73 -4.21
CA LEU D 158 46.64 -35.30 -3.36
C LEU D 158 45.65 -36.29 -2.94
N CYS D 159 45.32 -37.18 -3.84
CA CYS D 159 44.47 -38.36 -3.78
C CYS D 159 45.09 -39.35 -2.78
N ASP D 160 46.40 -39.58 -2.86
CA ASP D 160 47.12 -40.61 -2.07
C ASP D 160 47.23 -40.14 -0.61
N ARG D 161 47.67 -38.86 -0.43
CA ARG D 161 47.97 -38.40 0.96
C ARG D 161 46.57 -38.40 1.69
N TYR D 162 45.52 -37.76 1.12
CA TYR D 162 44.24 -37.70 1.67
C TYR D 162 43.16 -37.95 0.60
N PRO D 163 42.52 -39.18 0.58
CA PRO D 163 41.64 -39.59 -0.47
C PRO D 163 40.24 -39.23 0.02
N LYS D 164 40.05 -39.14 1.35
CA LYS D 164 38.78 -39.01 2.01
C LYS D 164 38.08 -37.71 1.78
N LYS D 165 38.84 -36.66 1.39
CA LYS D 165 38.36 -35.33 1.13
C LYS D 165 38.08 -35.16 -0.32
N ILE D 166 37.40 -34.08 -0.67
CA ILE D 166 36.91 -33.79 -2.04
C ILE D 166 38.08 -33.19 -2.75
N LEU D 167 38.23 -33.65 -4.01
CA LEU D 167 39.16 -33.09 -4.96
C LEU D 167 38.35 -32.62 -6.08
N THR D 168 38.33 -31.31 -6.36
CA THR D 168 37.53 -30.77 -7.39
C THR D 168 38.36 -30.07 -8.39
N THR D 169 37.97 -30.15 -9.64
CA THR D 169 38.74 -29.38 -10.60
C THR D 169 37.69 -28.66 -11.36
N TYR D 170 38.10 -27.49 -11.84
CA TYR D 170 37.59 -26.62 -12.86
C TYR D 170 38.61 -26.64 -13.98
N SER D 171 38.38 -27.34 -15.11
CA SER D 171 39.32 -27.57 -16.14
C SER D 171 38.98 -26.92 -17.39
N VAL D 172 39.92 -26.14 -18.06
CA VAL D 172 39.70 -25.54 -19.38
C VAL D 172 40.24 -26.52 -20.35
N PHE D 173 39.43 -27.02 -21.28
CA PHE D 173 39.81 -28.03 -22.28
C PHE D 173 40.16 -27.26 -23.54
N PRO D 174 41.18 -27.68 -24.36
CA PRO D 174 41.72 -26.92 -25.52
C PRO D 174 40.64 -26.96 -26.54
N ALA D 175 40.58 -26.01 -27.48
CA ALA D 175 39.62 -26.09 -28.55
C ALA D 175 39.86 -27.28 -29.47
N ARG D 176 38.85 -27.79 -30.19
CA ARG D 176 38.90 -29.04 -30.87
C ARG D 176 39.58 -28.90 -32.23
N SER D 177 39.73 -27.64 -32.73
CA SER D 177 40.20 -27.33 -34.04
C SER D 177 41.26 -26.35 -33.77
N SER D 178 42.03 -26.43 -32.65
CA SER D 178 43.07 -25.46 -32.23
C SER D 178 44.27 -25.42 -33.11
N GLU D 179 45.10 -24.35 -32.86
CA GLU D 179 46.22 -23.97 -33.69
C GLU D 179 47.32 -25.00 -33.64
N VAL D 180 47.61 -25.53 -32.43
CA VAL D 180 48.52 -26.57 -32.07
C VAL D 180 47.80 -27.90 -32.39
N VAL D 181 48.66 -29.02 -32.58
CA VAL D 181 48.23 -30.39 -32.84
C VAL D 181 48.49 -31.21 -31.65
N VAL D 182 49.45 -30.76 -30.77
CA VAL D 182 49.73 -31.45 -29.48
C VAL D 182 48.69 -31.32 -28.39
N GLN D 183 47.64 -30.54 -28.62
CA GLN D 183 46.54 -30.33 -27.61
C GLN D 183 45.98 -31.59 -27.04
N SER D 184 45.79 -32.60 -28.00
CA SER D 184 45.28 -33.89 -27.70
C SER D 184 46.16 -34.71 -26.81
N TYR D 185 47.44 -34.62 -26.93
CA TYR D 185 48.30 -35.35 -26.07
C TYR D 185 48.26 -34.86 -24.64
N ASN D 186 48.30 -33.53 -24.46
CA ASN D 186 48.18 -32.94 -23.16
C ASN D 186 46.85 -33.25 -22.53
N THR D 187 45.73 -33.16 -23.30
CA THR D 187 44.47 -33.41 -22.66
C THR D 187 44.32 -34.92 -22.23
N ILE D 188 44.69 -35.87 -23.14
CA ILE D 188 44.34 -37.29 -22.86
C ILE D 188 45.01 -37.86 -21.63
N LEU D 189 46.33 -37.55 -21.46
CA LEU D 189 47.08 -37.96 -20.30
C LEU D 189 46.58 -37.41 -19.07
N ALA D 190 46.22 -36.11 -19.15
CA ALA D 190 45.86 -35.36 -18.05
C ALA D 190 44.56 -35.81 -17.46
N LEU D 191 43.60 -36.09 -18.41
CA LEU D 191 42.23 -36.50 -18.20
C LEU D 191 42.22 -37.81 -17.52
N ARG D 192 43.18 -38.73 -17.71
CA ARG D 192 43.31 -40.00 -17.02
C ARG D 192 43.42 -39.81 -15.53
N ARG D 193 44.27 -38.84 -15.10
CA ARG D 193 44.46 -38.43 -13.69
C ARG D 193 43.20 -37.81 -13.18
N LEU D 194 42.47 -37.00 -14.00
CA LEU D 194 41.20 -36.47 -13.57
C LEU D 194 40.11 -37.62 -13.38
N ILE D 195 40.07 -38.66 -14.20
CA ILE D 195 39.04 -39.69 -14.14
C ILE D 195 39.18 -40.47 -12.86
N GLU D 196 40.48 -40.91 -12.63
CA GLU D 196 40.76 -41.59 -11.34
C GLU D 196 41.03 -40.84 -10.06
N ASP D 197 41.90 -39.79 -9.99
CA ASP D 197 42.22 -39.12 -8.75
C ASP D 197 41.16 -38.12 -8.36
N SER D 198 40.21 -37.67 -9.26
CA SER D 198 39.30 -36.64 -8.85
C SER D 198 37.91 -37.22 -8.82
N ASP D 199 37.05 -36.61 -7.93
CA ASP D 199 35.73 -36.99 -7.88
C ASP D 199 34.82 -35.91 -8.47
N ALA D 200 35.32 -34.73 -8.90
CA ALA D 200 34.59 -33.78 -9.62
C ALA D 200 35.53 -33.18 -10.60
N THR D 201 35.05 -32.99 -11.83
CA THR D 201 35.62 -32.12 -12.80
C THR D 201 34.51 -31.23 -13.45
N VAL D 202 34.58 -29.85 -13.42
CA VAL D 202 33.76 -28.96 -14.17
C VAL D 202 34.42 -28.50 -15.48
N VAL D 203 33.76 -28.96 -16.59
CA VAL D 203 34.40 -28.85 -17.89
C VAL D 203 34.04 -27.51 -18.46
N PHE D 204 35.13 -26.77 -18.84
CA PHE D 204 35.03 -25.56 -19.67
C PHE D 204 35.67 -25.74 -20.99
N ASP D 205 34.91 -25.84 -22.11
CA ASP D 205 35.54 -26.10 -23.36
C ASP D 205 35.72 -24.77 -24.04
N ASN D 206 37.00 -24.61 -24.51
CA ASN D 206 37.56 -23.37 -25.01
C ASN D 206 36.95 -22.86 -26.24
N ALA D 207 36.43 -23.75 -27.13
CA ALA D 207 35.75 -23.42 -28.34
C ALA D 207 34.50 -22.54 -28.06
N SER D 208 33.71 -22.93 -27.09
CA SER D 208 32.43 -22.32 -26.76
C SER D 208 32.70 -20.97 -26.20
N LEU D 209 33.77 -20.96 -25.30
CA LEU D 209 34.26 -19.81 -24.59
C LEU D 209 34.78 -18.75 -25.54
N LEU D 210 35.48 -19.14 -26.58
CA LEU D 210 36.23 -18.31 -27.57
C LEU D 210 35.24 -17.50 -28.27
N ASN D 211 34.09 -18.16 -28.70
CA ASN D 211 32.97 -17.56 -29.37
C ASN D 211 32.28 -16.49 -28.57
N ILE D 212 32.11 -16.72 -27.26
CA ILE D 212 31.54 -15.81 -26.22
C ILE D 212 32.40 -14.54 -26.07
N SER D 213 33.71 -14.79 -25.96
CA SER D 213 34.71 -13.77 -25.77
C SER D 213 34.70 -12.86 -27.01
N GLY D 214 34.69 -13.46 -28.21
CA GLY D 214 34.75 -12.76 -29.45
C GLY D 214 33.56 -11.94 -29.76
N LYS D 215 32.36 -12.54 -29.67
CA LYS D 215 31.19 -11.76 -29.92
C LYS D 215 30.75 -10.76 -28.84
N VAL D 216 30.57 -11.23 -27.62
CA VAL D 216 30.05 -10.54 -26.51
C VAL D 216 30.92 -9.52 -25.78
N PHE D 217 32.21 -9.81 -25.42
CA PHE D 217 33.15 -8.91 -24.81
C PHE D 217 33.64 -7.89 -25.75
N ARG D 218 33.72 -8.25 -27.06
CA ARG D 218 34.20 -7.48 -28.23
C ARG D 218 35.64 -7.12 -28.16
N ASN D 219 36.52 -8.04 -27.79
CA ASN D 219 37.97 -7.83 -27.89
C ASN D 219 38.51 -8.24 -29.30
N PRO D 220 39.58 -7.59 -29.93
CA PRO D 220 40.08 -8.00 -31.21
C PRO D 220 40.82 -9.35 -31.15
N ASN D 221 41.89 -9.38 -30.23
CA ASN D 221 42.72 -10.51 -29.98
C ASN D 221 42.44 -10.69 -28.46
N ILE D 222 41.76 -11.77 -28.18
CA ILE D 222 41.12 -11.96 -26.92
C ILE D 222 42.09 -12.10 -25.74
N ASP D 223 43.05 -13.09 -25.94
CA ASP D 223 44.00 -13.59 -24.96
C ASP D 223 43.31 -14.36 -23.83
N LEU D 224 44.14 -15.02 -23.01
CA LEU D 224 43.72 -15.81 -22.00
C LEU D 224 42.94 -15.04 -20.85
N GLN D 225 43.42 -13.84 -20.51
CA GLN D 225 42.84 -13.02 -19.45
C GLN D 225 41.40 -12.56 -19.67
N HIS D 226 41.06 -12.23 -20.90
CA HIS D 226 39.71 -11.84 -21.24
C HIS D 226 38.73 -12.97 -21.08
N THR D 227 39.13 -14.15 -21.63
CA THR D 227 38.27 -15.32 -21.43
C THR D 227 38.21 -15.78 -19.97
N ASN D 228 39.32 -15.63 -19.20
CA ASN D 228 39.48 -15.92 -17.75
C ASN D 228 38.56 -15.10 -16.86
N GLN D 229 38.12 -13.85 -17.27
CA GLN D 229 37.20 -13.00 -16.48
C GLN D 229 35.85 -13.64 -16.29
N LEU D 230 35.27 -14.37 -17.31
CA LEU D 230 34.00 -15.11 -17.17
C LEU D 230 34.12 -16.24 -16.20
N ILE D 231 35.26 -16.98 -16.28
CA ILE D 231 35.53 -18.21 -15.59
C ILE D 231 35.53 -17.79 -14.12
N SER D 232 36.17 -16.62 -13.76
CA SER D 232 36.24 -16.09 -12.42
C SER D 232 34.90 -15.75 -11.82
N THR D 233 34.09 -15.21 -12.70
CA THR D 233 32.71 -14.82 -12.36
C THR D 233 31.93 -16.07 -12.01
N ILE D 234 32.04 -17.14 -12.80
CA ILE D 234 31.35 -18.42 -12.62
C ILE D 234 31.83 -19.08 -11.35
N ILE D 235 33.20 -19.13 -11.10
CA ILE D 235 33.82 -19.88 -10.00
C ILE D 235 33.22 -19.23 -8.69
N SER D 236 33.14 -17.86 -8.72
CA SER D 236 32.71 -17.09 -7.59
C SER D 236 31.29 -17.41 -7.20
N SER D 237 30.36 -17.52 -8.15
CA SER D 237 28.93 -17.66 -7.79
C SER D 237 28.67 -18.99 -7.07
N VAL D 238 29.38 -20.12 -7.43
CA VAL D 238 29.20 -21.42 -6.82
C VAL D 238 29.60 -21.45 -5.26
N THR D 239 30.57 -20.67 -4.86
CA THR D 239 31.16 -20.57 -3.54
C THR D 239 30.40 -19.70 -2.56
N ASN D 240 29.34 -19.00 -3.11
CA ASN D 240 28.56 -18.02 -2.41
C ASN D 240 28.08 -18.51 -1.12
N SER D 241 27.57 -19.74 -1.07
CA SER D 241 26.93 -20.24 0.13
C SER D 241 27.84 -20.50 1.33
N ILE D 242 29.12 -20.72 1.06
CA ILE D 242 30.13 -20.91 2.01
C ILE D 242 30.35 -19.59 2.63
N ARG D 243 30.40 -18.49 1.80
CA ARG D 243 30.79 -17.19 2.33
C ARG D 243 29.73 -16.47 3.19
N PHE D 244 28.43 -16.88 3.02
CA PHE D 244 27.31 -16.15 3.58
C PHE D 244 26.69 -16.90 4.76
N PRO D 245 26.41 -16.15 5.86
CA PRO D 245 25.85 -16.69 7.06
C PRO D 245 24.34 -16.73 7.01
N SER D 246 23.65 -16.18 5.94
CA SER D 246 22.31 -15.81 5.88
C SER D 246 21.67 -16.45 4.71
N TYR D 247 22.43 -16.83 3.69
CA TYR D 247 21.96 -17.68 2.66
C TYR D 247 22.98 -18.80 2.74
N MET D 248 22.52 -20.06 2.85
CA MET D 248 23.44 -21.19 3.22
C MET D 248 22.57 -22.38 3.36
N TYR D 249 21.34 -22.31 2.73
CA TYR D 249 20.31 -23.28 2.80
C TYR D 249 20.71 -24.50 2.04
N SER D 250 21.41 -24.29 0.86
CA SER D 250 22.06 -25.39 0.22
C SER D 250 23.54 -25.06 0.29
N SER D 251 24.24 -25.83 1.12
CA SER D 251 25.70 -25.76 1.25
C SER D 251 26.28 -26.59 0.11
N MET D 252 27.64 -26.54 -0.01
CA MET D 252 28.45 -27.15 -1.03
C MET D 252 28.32 -28.61 -1.03
N SER D 253 28.36 -29.25 0.18
CA SER D 253 28.38 -30.70 0.22
C SER D 253 27.12 -31.38 -0.36
N SER D 254 25.91 -30.91 0.02
CA SER D 254 24.64 -31.46 -0.44
C SER D 254 24.48 -31.15 -1.92
N ILE D 255 25.04 -30.04 -2.38
CA ILE D 255 25.01 -29.69 -3.82
C ILE D 255 25.89 -30.74 -4.59
N TYR D 256 27.12 -31.04 -4.03
CA TYR D 256 28.08 -31.96 -4.68
C TYR D 256 27.44 -33.31 -4.75
N SER D 257 26.76 -33.78 -3.71
CA SER D 257 26.17 -35.06 -3.53
C SER D 257 25.14 -35.27 -4.60
N THR D 258 24.25 -34.25 -4.91
CA THR D 258 23.38 -34.48 -5.96
C THR D 258 24.00 -34.59 -7.33
N LEU D 259 24.93 -33.62 -7.65
CA LEU D 259 25.54 -33.51 -8.96
C LEU D 259 26.46 -34.58 -9.40
N ILE D 260 27.27 -35.10 -8.47
CA ILE D 260 28.35 -36.02 -8.89
C ILE D 260 27.65 -37.39 -9.04
N PRO D 261 27.72 -38.04 -10.24
CA PRO D 261 27.09 -39.33 -10.39
C PRO D 261 28.02 -40.51 -10.04
N SER D 262 29.36 -40.30 -10.12
CA SER D 262 30.27 -41.39 -9.88
C SER D 262 31.58 -40.88 -9.34
N PRO D 263 32.49 -41.75 -8.94
CA PRO D 263 33.83 -41.42 -8.44
C PRO D 263 34.81 -41.64 -9.65
N GLU D 264 34.30 -41.92 -10.87
CA GLU D 264 35.09 -42.12 -12.02
C GLU D 264 34.54 -41.21 -13.07
N LEU D 265 33.27 -40.96 -13.13
CA LEU D 265 32.61 -40.14 -14.12
C LEU D 265 31.97 -39.10 -13.23
N HIS D 266 32.20 -37.83 -13.60
CA HIS D 266 31.78 -36.73 -12.85
C HIS D 266 32.09 -35.64 -13.80
N PHE D 267 31.78 -35.65 -15.17
CA PHE D 267 31.99 -34.55 -15.96
C PHE D 267 30.70 -33.78 -15.75
N LEU D 268 30.89 -32.56 -15.29
CA LEU D 268 29.80 -31.72 -15.02
C LEU D 268 29.86 -30.67 -16.03
N SER D 269 28.73 -30.09 -16.42
CA SER D 269 28.80 -28.97 -17.32
C SER D 269 28.09 -27.73 -16.68
N PRO D 270 28.64 -26.50 -16.81
CA PRO D 270 28.11 -25.30 -16.30
C PRO D 270 27.40 -24.62 -17.41
N SER D 271 26.52 -23.65 -16.99
CA SER D 271 25.89 -22.58 -17.85
C SER D 271 25.79 -21.32 -17.00
N PHE D 272 25.75 -20.13 -17.58
CA PHE D 272 25.72 -18.82 -16.87
C PHE D 272 24.96 -17.86 -17.80
N THR D 273 24.30 -16.88 -17.16
CA THR D 273 23.54 -15.81 -17.79
C THR D 273 23.65 -14.68 -16.86
N PRO D 274 23.85 -13.46 -17.23
CA PRO D 274 24.15 -12.93 -18.54
C PRO D 274 25.61 -13.22 -18.86
N PHE D 275 26.05 -13.04 -20.13
CA PHE D 275 27.40 -13.15 -20.54
C PHE D 275 28.15 -11.84 -20.57
N THR D 276 27.45 -10.71 -20.42
CA THR D 276 27.99 -9.38 -20.38
C THR D 276 27.88 -9.20 -18.89
N SER D 277 29.03 -9.53 -18.22
CA SER D 277 29.04 -9.60 -16.80
C SER D 277 30.41 -9.25 -16.40
N ASP D 278 31.27 -8.77 -17.38
CA ASP D 278 32.61 -8.44 -17.13
C ASP D 278 33.00 -7.26 -18.03
N TYR D 279 32.11 -6.80 -18.89
CA TYR D 279 32.31 -5.69 -19.81
C TYR D 279 31.16 -4.83 -19.70
N ILE D 280 31.14 -3.70 -20.45
CA ILE D 280 29.90 -2.94 -20.52
C ILE D 280 30.01 -2.37 -21.90
N HIS D 281 28.83 -2.24 -22.62
CA HIS D 281 28.83 -1.59 -23.92
C HIS D 281 27.40 -1.14 -24.02
N ASP D 282 26.56 -1.51 -23.01
CA ASP D 282 25.19 -1.04 -23.07
C ASP D 282 24.91 -0.82 -21.63
N ASP D 283 23.76 -0.15 -21.31
CA ASP D 283 23.29 -0.02 -19.94
C ASP D 283 22.93 -1.32 -19.36
N ILE D 284 23.18 -1.45 -18.04
CA ILE D 284 23.10 -2.60 -17.21
C ILE D 284 21.77 -2.42 -16.42
N ALA D 285 20.76 -3.25 -16.73
CA ALA D 285 19.41 -3.11 -16.15
C ALA D 285 18.92 -4.53 -15.87
N HIS D 286 18.18 -4.79 -14.81
CA HIS D 286 17.42 -6.06 -14.48
C HIS D 286 16.73 -6.72 -15.60
N LYS D 287 16.56 -8.02 -15.40
CA LYS D 287 15.79 -8.91 -16.27
C LYS D 287 14.95 -9.58 -15.24
N GLY D 288 13.88 -10.27 -15.64
CA GLY D 288 13.03 -11.00 -14.72
C GLY D 288 13.67 -12.24 -14.23
N HIS D 289 13.07 -12.80 -13.11
CA HIS D 289 13.58 -14.08 -12.62
C HIS D 289 13.36 -15.28 -13.58
N SER D 290 12.17 -15.29 -14.20
CA SER D 290 11.83 -16.30 -15.19
C SER D 290 12.72 -16.31 -16.42
N SER D 291 13.11 -15.06 -16.89
CA SER D 291 13.90 -14.91 -18.08
C SER D 291 15.30 -15.55 -17.97
N TYR D 292 15.99 -15.24 -16.89
CA TYR D 292 17.28 -15.88 -16.70
C TYR D 292 17.27 -17.39 -16.43
N ASP D 293 16.30 -17.81 -15.60
CA ASP D 293 16.12 -19.13 -15.15
C ASP D 293 15.83 -20.12 -16.27
N VAL D 294 15.00 -19.71 -17.26
CA VAL D 294 14.70 -20.48 -18.45
C VAL D 294 15.85 -20.66 -19.40
N MET D 295 16.64 -19.64 -19.61
CA MET D 295 17.75 -19.46 -20.53
C MET D 295 18.92 -20.43 -20.16
N LEU D 296 19.11 -20.63 -18.83
CA LEU D 296 19.99 -21.56 -18.24
C LEU D 296 19.71 -22.96 -18.55
N ASP D 297 18.43 -23.31 -18.76
CA ASP D 297 18.12 -24.67 -19.23
C ASP D 297 18.50 -24.82 -20.67
N LEU D 298 18.55 -23.75 -21.57
CA LEU D 298 18.84 -23.94 -22.97
C LEU D 298 20.30 -24.42 -23.26
N LEU D 299 20.43 -25.20 -24.33
CA LEU D 299 21.60 -25.88 -24.75
C LEU D 299 22.69 -25.07 -25.36
N ASP D 300 22.16 -24.17 -26.24
CA ASP D 300 22.96 -23.34 -27.13
C ASP D 300 23.76 -22.32 -26.30
N PRO D 301 23.28 -21.65 -25.20
CA PRO D 301 24.17 -20.87 -24.43
C PRO D 301 24.78 -21.76 -23.38
N SER D 302 26.10 -21.97 -23.57
CA SER D 302 26.84 -22.72 -22.55
C SER D 302 28.33 -22.34 -22.69
N ASN D 303 29.10 -22.83 -21.68
CA ASN D 303 30.50 -22.61 -21.44
C ASN D 303 31.26 -23.88 -21.86
N SER D 304 30.62 -25.10 -21.60
CA SER D 304 31.15 -26.45 -22.10
C SER D 304 30.56 -26.55 -23.50
N LEU D 305 31.16 -27.28 -24.48
CA LEU D 305 30.44 -27.55 -25.75
C LEU D 305 29.32 -28.52 -25.57
N VAL D 306 28.15 -27.89 -25.68
CA VAL D 306 26.84 -28.47 -25.74
C VAL D 306 26.06 -27.65 -26.81
N SER D 307 25.22 -28.29 -27.62
CA SER D 307 24.38 -27.65 -28.67
C SER D 307 23.23 -28.66 -28.98
N THR D 308 22.33 -28.28 -29.89
CA THR D 308 21.14 -29.00 -30.37
C THR D 308 21.58 -29.64 -31.66
N ALA D 309 22.91 -29.54 -32.00
CA ALA D 309 23.62 -30.15 -33.16
C ALA D 309 23.87 -31.63 -32.99
N MET D 310 25.11 -32.14 -33.32
CA MET D 310 25.44 -33.52 -33.27
C MET D 310 25.86 -34.03 -31.91
N ASN D 311 25.59 -35.35 -31.71
CA ASN D 311 25.95 -36.16 -30.51
C ASN D 311 25.63 -35.47 -29.19
N ASN D 312 24.32 -35.23 -29.05
CA ASN D 312 23.76 -34.66 -27.85
C ASN D 312 22.62 -35.39 -27.44
N PRO D 313 22.42 -36.04 -26.34
CA PRO D 313 21.17 -36.74 -26.04
C PRO D 313 20.16 -35.89 -25.37
N THR D 314 20.59 -34.72 -24.82
CA THR D 314 19.81 -33.67 -24.24
C THR D 314 18.92 -34.13 -23.14
N TYR D 315 19.50 -34.70 -22.05
CA TYR D 315 18.84 -35.06 -20.89
C TYR D 315 19.75 -34.77 -19.67
N PHE D 316 19.05 -34.16 -18.68
CA PHE D 316 19.57 -33.80 -17.34
C PHE D 316 19.35 -35.04 -16.55
N ASN D 317 20.40 -35.47 -15.88
CA ASN D 317 20.35 -36.40 -14.76
C ASN D 317 19.93 -35.61 -13.54
N VAL D 318 20.53 -34.37 -13.32
CA VAL D 318 20.16 -33.55 -12.18
C VAL D 318 20.50 -32.15 -12.46
N TYR D 319 19.79 -31.18 -11.86
CA TYR D 319 19.99 -29.77 -12.12
C TYR D 319 19.98 -29.11 -10.73
N ASN D 320 21.01 -28.24 -10.62
CA ASN D 320 21.11 -27.26 -9.50
C ASN D 320 21.37 -25.91 -10.04
N THR D 321 20.67 -24.86 -9.65
CA THR D 321 20.88 -23.51 -10.13
C THR D 321 21.20 -22.72 -8.94
N ILE D 322 22.33 -21.91 -8.98
CA ILE D 322 22.79 -21.01 -7.94
C ILE D 322 22.56 -19.69 -8.55
N ILE D 323 21.59 -18.95 -7.92
CA ILE D 323 21.14 -17.72 -8.55
C ILE D 323 21.86 -16.71 -7.66
N GLY D 324 22.49 -15.71 -8.37
CA GLY D 324 23.28 -14.71 -7.75
C GLY D 324 22.74 -13.34 -8.10
N ASN D 325 22.49 -12.50 -6.98
CA ASN D 325 22.12 -11.06 -6.97
C ASN D 325 21.05 -10.79 -5.95
N VAL D 326 21.07 -9.60 -5.25
CA VAL D 326 20.06 -9.14 -4.24
C VAL D 326 18.71 -9.21 -4.77
N GLU D 327 17.87 -10.07 -4.15
CA GLU D 327 16.59 -10.38 -4.74
C GLU D 327 15.48 -10.86 -3.79
N PRO D 328 14.21 -10.90 -4.19
CA PRO D 328 13.19 -11.46 -3.38
C PRO D 328 13.09 -12.95 -3.81
N ARG D 329 13.50 -13.90 -2.93
CA ARG D 329 13.66 -15.32 -3.15
C ARG D 329 12.37 -16.10 -3.48
N GLN D 330 11.22 -15.75 -2.96
CA GLN D 330 10.00 -16.56 -2.98
C GLN D 330 9.52 -16.71 -4.42
N ILE D 331 9.65 -15.62 -5.24
CA ILE D 331 9.19 -15.60 -6.63
C ILE D 331 10.00 -16.53 -7.44
N SER D 332 11.33 -16.53 -7.18
CA SER D 332 12.28 -17.49 -7.80
C SER D 332 12.10 -18.93 -7.42
N ARG D 333 11.79 -19.23 -6.10
CA ARG D 333 11.58 -20.58 -5.56
C ARG D 333 10.27 -21.15 -6.22
N ALA D 334 9.28 -20.27 -6.35
CA ALA D 334 8.02 -20.55 -6.98
C ALA D 334 8.19 -20.89 -8.44
N MET D 335 9.07 -20.14 -9.16
CA MET D 335 9.37 -20.36 -10.60
C MET D 335 9.96 -21.70 -10.74
N THR D 336 10.91 -22.15 -9.89
CA THR D 336 11.50 -23.44 -9.92
C THR D 336 10.55 -24.59 -9.65
N LYS D 337 9.58 -24.39 -8.73
CA LYS D 337 8.52 -25.41 -8.41
C LYS D 337 7.68 -25.66 -9.59
N LEU D 338 7.33 -24.61 -10.38
CA LEU D 338 6.55 -24.73 -11.53
C LEU D 338 7.24 -25.48 -12.72
N GLN D 339 8.55 -25.19 -12.84
CA GLN D 339 9.44 -25.66 -13.92
C GLN D 339 9.53 -27.17 -13.79
N GLN D 340 9.66 -27.69 -12.55
CA GLN D 340 9.61 -29.16 -12.28
C GLN D 340 8.31 -29.76 -12.60
N ARG D 341 7.16 -29.10 -12.21
CA ARG D 341 5.87 -29.69 -12.53
C ARG D 341 5.54 -29.80 -14.00
N ILE D 342 5.86 -28.74 -14.83
CA ILE D 342 5.71 -28.64 -16.21
C ILE D 342 6.61 -29.63 -16.89
N LYS D 343 7.81 -29.92 -16.29
CA LYS D 343 8.82 -30.74 -16.72
C LYS D 343 9.54 -30.00 -17.94
N PHE D 344 9.88 -28.73 -17.80
CA PHE D 344 10.67 -28.01 -18.80
C PHE D 344 12.07 -28.68 -19.05
N PRO D 345 12.88 -29.05 -18.06
CA PRO D 345 14.10 -29.87 -18.33
C PRO D 345 13.58 -31.24 -18.79
N SER D 346 14.42 -32.07 -19.52
CA SER D 346 13.95 -33.38 -19.98
C SER D 346 14.57 -34.35 -19.03
N TRP D 347 13.87 -35.41 -18.73
CA TRP D 347 14.23 -36.31 -17.70
C TRP D 347 14.35 -37.69 -18.09
N SER D 348 15.24 -38.40 -17.31
CA SER D 348 15.60 -39.76 -17.45
C SER D 348 14.53 -40.72 -17.20
N SER D 349 14.81 -42.06 -17.49
CA SER D 349 13.88 -43.17 -17.28
C SER D 349 13.53 -43.41 -15.81
N SER D 350 14.57 -43.37 -14.97
CA SER D 350 14.31 -43.63 -13.56
C SER D 350 14.58 -42.49 -12.64
N ALA D 351 14.95 -41.29 -13.19
CA ALA D 351 15.22 -40.09 -12.38
C ALA D 351 14.39 -39.10 -13.04
N MET D 352 13.37 -38.56 -12.32
CA MET D 352 12.55 -37.45 -12.80
C MET D 352 12.43 -36.47 -11.65
N HIS D 353 11.79 -35.26 -12.02
CA HIS D 353 11.28 -34.25 -11.21
C HIS D 353 12.34 -33.79 -10.21
N VAL D 354 13.54 -33.48 -10.75
CA VAL D 354 14.60 -33.11 -9.86
C VAL D 354 15.47 -32.06 -10.54
N ASN D 355 15.03 -30.85 -10.23
CA ASN D 355 15.70 -29.59 -10.60
C ASN D 355 15.51 -28.79 -9.28
N ILE D 356 16.56 -28.25 -8.65
CA ILE D 356 16.53 -27.59 -7.37
C ILE D 356 17.20 -26.18 -7.43
N GLY D 357 17.00 -25.22 -6.52
CA GLY D 357 17.48 -23.88 -6.68
C GLY D 357 18.08 -23.28 -5.38
N ARG D 358 19.13 -22.46 -5.36
CA ARG D 358 19.54 -21.72 -4.21
C ARG D 358 19.55 -20.36 -4.72
N ARG D 359 19.10 -19.38 -3.91
CA ARG D 359 18.98 -17.97 -4.27
C ARG D 359 19.88 -17.39 -3.26
N SER D 360 20.73 -16.39 -3.66
CA SER D 360 21.61 -15.74 -2.80
C SER D 360 21.66 -14.37 -3.29
N PRO D 361 22.00 -13.41 -2.42
CA PRO D 361 22.33 -12.08 -2.78
C PRO D 361 23.76 -11.90 -3.17
N TYR D 362 24.12 -10.76 -3.88
CA TYR D 362 25.49 -10.33 -4.21
C TYR D 362 25.66 -9.13 -3.33
N LEU D 363 26.84 -9.11 -2.62
CA LEU D 363 27.18 -8.01 -1.71
C LEU D 363 27.38 -6.77 -2.48
N PRO D 364 27.04 -5.60 -2.03
CA PRO D 364 27.14 -4.35 -2.78
C PRO D 364 28.56 -3.86 -2.84
N LEU D 365 29.27 -4.38 -3.86
CA LEU D 365 30.59 -3.98 -4.16
C LEU D 365 31.13 -5.01 -5.22
N GLN D 366 30.26 -5.92 -5.72
CA GLN D 366 30.56 -6.91 -6.71
C GLN D 366 30.38 -6.17 -8.02
N PRO D 367 31.07 -6.53 -9.16
CA PRO D 367 30.87 -5.78 -10.36
C PRO D 367 29.57 -6.04 -10.99
N ASN D 368 28.91 -7.19 -10.68
CA ASN D 368 27.63 -7.65 -11.12
C ASN D 368 26.70 -7.23 -10.04
N GLU D 369 25.73 -6.24 -10.24
CA GLU D 369 24.90 -5.88 -9.04
C GLU D 369 23.76 -5.17 -9.48
N ASN D 370 23.83 -4.59 -10.70
CA ASN D 370 22.70 -3.82 -11.18
C ASN D 370 21.82 -4.62 -12.08
N GLU D 371 22.23 -5.80 -12.42
CA GLU D 371 21.62 -6.85 -13.16
C GLU D 371 21.76 -8.14 -12.47
N VAL D 372 20.72 -8.99 -12.54
CA VAL D 372 20.57 -10.35 -12.05
C VAL D 372 21.42 -11.30 -12.85
N SER D 373 21.93 -12.33 -12.09
CA SER D 373 22.72 -13.35 -12.79
C SER D 373 22.22 -14.59 -12.17
N GLY D 374 22.59 -15.68 -12.87
CA GLY D 374 22.27 -17.02 -12.36
C GLY D 374 23.26 -17.95 -12.97
N MET D 375 23.49 -19.07 -12.26
CA MET D 375 24.49 -20.01 -12.66
C MET D 375 23.73 -21.34 -12.70
N MET D 376 24.10 -22.22 -13.63
CA MET D 376 23.58 -23.59 -13.65
C MET D 376 24.81 -24.50 -13.40
N LEU D 377 24.67 -25.47 -12.56
CA LEU D 377 25.60 -26.56 -12.40
C LEU D 377 24.76 -27.73 -12.72
N SER D 378 25.13 -28.57 -13.76
CA SER D 378 24.29 -29.63 -14.15
C SER D 378 25.14 -30.80 -14.45
N ASN D 379 24.52 -32.04 -14.25
CA ASN D 379 25.02 -33.30 -14.69
C ASN D 379 24.09 -33.55 -15.83
N MET D 380 24.68 -33.39 -17.06
CA MET D 380 24.00 -33.66 -18.31
C MET D 380 25.06 -34.48 -18.97
N SER D 381 24.63 -35.46 -19.75
CA SER D 381 25.44 -36.31 -20.53
C SER D 381 25.75 -35.69 -21.89
N THR D 382 25.55 -34.34 -22.05
CA THR D 382 25.80 -33.64 -23.28
C THR D 382 27.23 -33.21 -23.30
N VAL D 383 27.83 -33.18 -22.11
CA VAL D 383 29.26 -32.87 -21.80
C VAL D 383 30.19 -33.86 -22.58
N VAL D 384 29.68 -35.11 -22.93
CA VAL D 384 30.31 -36.17 -23.60
C VAL D 384 30.83 -35.78 -24.89
N ASN D 385 30.19 -34.78 -25.57
CA ASN D 385 30.64 -34.31 -26.87
C ASN D 385 32.02 -33.78 -27.03
N VAL D 386 32.45 -33.11 -25.95
CA VAL D 386 33.74 -32.52 -25.85
C VAL D 386 34.85 -33.59 -25.91
N PHE D 387 34.61 -34.71 -25.15
CA PHE D 387 35.50 -35.88 -25.15
C PHE D 387 35.58 -36.57 -26.55
N GLU D 388 34.44 -36.64 -27.25
CA GLU D 388 34.30 -37.40 -28.56
C GLU D 388 35.10 -36.79 -29.63
N ASN D 389 35.10 -35.43 -29.76
CA ASN D 389 35.93 -34.63 -30.69
C ASN D 389 37.36 -34.82 -30.24
N ALA D 390 37.68 -34.92 -28.93
CA ALA D 390 39.02 -35.13 -28.39
C ALA D 390 39.66 -36.39 -28.81
N CYS D 391 38.82 -37.46 -28.80
CA CYS D 391 39.16 -38.81 -29.15
C CYS D 391 39.50 -38.89 -30.60
N ASN D 392 38.72 -38.22 -31.47
CA ASN D 392 38.90 -38.25 -32.91
C ASN D 392 40.22 -37.61 -33.34
N THR D 393 40.47 -36.43 -32.65
CA THR D 393 41.67 -35.65 -32.87
C THR D 393 42.90 -36.46 -32.38
N PHE D 394 42.83 -37.19 -31.22
CA PHE D 394 43.88 -37.92 -30.57
C PHE D 394 44.22 -39.06 -31.58
N ASP D 395 43.29 -39.73 -32.20
CA ASP D 395 43.54 -40.87 -33.13
C ASP D 395 44.34 -40.42 -34.40
N LYS D 396 44.02 -39.22 -34.98
CA LYS D 396 44.80 -38.64 -36.01
C LYS D 396 46.26 -38.27 -35.61
N VAL D 397 46.53 -37.63 -34.43
CA VAL D 397 48.03 -37.30 -34.18
C VAL D 397 48.91 -38.47 -33.98
N PHE D 398 48.42 -39.48 -33.28
CA PHE D 398 49.03 -40.78 -33.00
C PHE D 398 49.26 -41.58 -34.28
N ALA D 399 48.30 -41.63 -35.21
CA ALA D 399 48.42 -42.32 -36.47
C ALA D 399 49.57 -41.68 -37.27
N LYS D 400 49.65 -40.31 -37.27
CA LYS D 400 50.70 -39.61 -38.04
C LYS D 400 52.19 -39.85 -37.59
N GLY D 401 52.38 -40.01 -36.27
CA GLY D 401 53.68 -40.19 -35.65
C GLY D 401 54.45 -38.86 -35.67
N ALA D 402 53.85 -37.67 -35.55
CA ALA D 402 54.39 -36.33 -35.60
C ALA D 402 54.22 -35.88 -34.21
N PHE D 403 55.15 -34.92 -33.87
CA PHE D 403 55.21 -34.12 -32.65
C PHE D 403 55.19 -35.01 -31.36
N LEU D 404 55.92 -36.14 -31.53
CA LEU D 404 56.22 -37.05 -30.39
C LEU D 404 57.41 -36.40 -29.62
N ASN D 405 58.20 -35.59 -30.27
CA ASN D 405 59.46 -35.12 -29.92
C ASN D 405 59.57 -34.45 -28.57
N ASN D 406 58.58 -33.57 -28.27
CA ASN D 406 58.44 -32.79 -27.09
C ASN D 406 58.22 -33.77 -26.00
N TYR D 407 57.47 -34.94 -26.16
CA TYR D 407 57.28 -35.98 -25.13
C TYR D 407 58.56 -36.66 -24.81
N ASN D 408 59.36 -36.89 -25.84
CA ASN D 408 60.68 -37.59 -25.66
C ASN D 408 61.57 -36.84 -24.79
N VAL D 409 61.56 -35.50 -24.73
CA VAL D 409 62.42 -34.71 -23.86
C VAL D 409 62.19 -35.01 -22.42
N GLY D 410 60.91 -35.32 -22.08
CA GLY D 410 60.57 -35.59 -20.72
C GLY D 410 60.91 -37.06 -20.47
N ASP D 411 61.32 -37.41 -19.27
CA ASP D 411 61.69 -38.71 -18.81
C ASP D 411 60.54 -39.73 -18.83
N LEU D 412 59.27 -39.20 -18.51
CA LEU D 412 58.17 -40.10 -18.31
C LEU D 412 57.84 -40.89 -19.55
N PHE D 413 57.92 -40.24 -20.73
CA PHE D 413 57.64 -40.70 -22.06
C PHE D 413 58.93 -40.74 -22.82
N GLN D 414 60.06 -40.98 -22.15
CA GLN D 414 61.35 -41.00 -22.80
C GLN D 414 61.37 -41.94 -24.03
N SER D 415 60.85 -43.11 -23.80
CA SER D 415 60.89 -44.13 -24.75
C SER D 415 59.53 -44.83 -24.58
N MET D 416 58.76 -45.01 -25.70
CA MET D 416 57.41 -45.48 -25.75
C MET D 416 56.37 -44.59 -25.14
N GLN D 417 55.09 -44.86 -25.35
CA GLN D 417 53.95 -44.07 -25.06
C GLN D 417 52.86 -45.10 -24.87
N ASN D 418 53.16 -46.12 -23.99
CA ASN D 418 52.35 -47.26 -23.61
C ASN D 418 51.09 -46.85 -22.75
N VAL D 419 51.27 -45.80 -21.89
CA VAL D 419 50.23 -45.32 -20.96
C VAL D 419 49.08 -44.87 -21.85
N GLN D 420 49.36 -44.20 -22.95
CA GLN D 420 48.49 -43.71 -23.95
C GLN D 420 47.72 -44.71 -24.71
N ASP D 421 48.36 -45.80 -25.11
CA ASP D 421 47.69 -46.87 -25.84
C ASP D 421 46.60 -47.49 -24.96
N GLU D 422 47.02 -47.66 -23.70
CA GLU D 422 46.19 -48.25 -22.61
C GLU D 422 45.01 -47.33 -22.34
N PHE D 423 45.26 -45.99 -22.32
CA PHE D 423 44.25 -45.04 -21.96
C PHE D 423 43.10 -45.06 -23.00
N ALA D 424 43.42 -45.11 -24.31
CA ALA D 424 42.47 -45.01 -25.39
C ALA D 424 41.46 -46.13 -25.26
N GLU D 425 41.82 -47.36 -24.91
CA GLU D 425 40.90 -48.40 -24.66
C GLU D 425 39.99 -48.18 -23.43
N SER D 426 40.55 -47.66 -22.33
CA SER D 426 39.81 -47.41 -21.01
C SER D 426 38.74 -46.35 -21.05
N ARG D 427 38.97 -45.20 -21.75
CA ARG D 427 38.13 -43.98 -21.89
C ARG D 427 36.92 -44.32 -22.63
N GLU D 428 36.95 -45.29 -23.60
CA GLU D 428 35.77 -45.67 -24.40
C GLU D 428 34.74 -46.29 -23.50
N VAL D 429 35.17 -47.11 -22.48
CA VAL D 429 34.25 -47.69 -21.49
C VAL D 429 33.64 -46.58 -20.65
N VAL D 430 34.39 -45.54 -20.29
CA VAL D 430 33.92 -44.47 -19.46
C VAL D 430 32.79 -43.69 -20.12
N GLN D 431 32.98 -43.40 -21.47
CA GLN D 431 32.01 -42.74 -22.27
C GLN D 431 30.75 -43.50 -22.36
N SER D 432 30.77 -44.87 -22.52
CA SER D 432 29.58 -45.76 -22.67
C SER D 432 28.73 -45.69 -21.41
N LEU D 433 29.41 -45.62 -20.25
CA LEU D 433 28.73 -45.49 -18.97
C LEU D 433 27.98 -44.18 -18.84
N MET D 434 28.45 -43.05 -19.27
CA MET D 434 27.72 -41.75 -19.19
C MET D 434 26.46 -41.77 -19.98
N GLU D 435 26.50 -42.43 -21.14
CA GLU D 435 25.39 -42.71 -21.99
C GLU D 435 24.34 -43.68 -21.33
N ASP D 436 24.79 -44.68 -20.58
CA ASP D 436 23.88 -45.66 -19.95
C ASP D 436 22.98 -45.06 -18.93
N TYR D 437 23.45 -44.07 -18.22
CA TYR D 437 22.75 -43.37 -17.14
C TYR D 437 21.58 -42.67 -17.63
N VAL D 438 21.46 -42.21 -18.92
CA VAL D 438 20.33 -41.64 -19.61
C VAL D 438 19.30 -42.69 -19.78
N ALA D 439 19.70 -43.96 -19.87
CA ALA D 439 18.82 -45.05 -20.32
C ALA D 439 18.19 -45.73 -19.15
N ALA D 440 17.70 -46.94 -19.46
CA ALA D 440 17.06 -47.89 -18.53
C ALA D 440 17.97 -48.37 -17.44
N GLU D 441 19.26 -48.46 -17.75
CA GLU D 441 20.26 -49.02 -16.89
C GLU D 441 20.49 -48.34 -15.56
N GLN D 442 19.98 -47.16 -15.41
CA GLN D 442 20.02 -46.33 -14.27
C GLN D 442 19.53 -47.10 -13.03
N ASP D 443 18.43 -47.89 -13.15
CA ASP D 443 18.10 -48.78 -12.10
C ASP D 443 18.67 -50.13 -12.63
N SER D 444 19.29 -50.97 -11.74
CA SER D 444 19.99 -52.15 -12.13
C SER D 444 19.38 -53.22 -11.23
N TYR D 445 18.55 -54.15 -11.82
CA TYR D 445 17.98 -55.25 -11.21
C TYR D 445 18.95 -56.45 -11.35
N UNK E 1 -30.04 1.75 42.88
CA UNK E 1 -29.71 2.95 42.08
C UNK E 1 -30.97 3.71 41.83
N UNK E 2 -31.73 3.16 40.89
CA UNK E 2 -33.07 3.72 40.61
C UNK E 2 -34.07 3.63 41.76
N UNK E 3 -33.97 2.46 42.48
CA UNK E 3 -34.94 2.18 43.55
C UNK E 3 -34.83 3.16 44.72
N UNK E 4 -33.60 3.64 44.99
CA UNK E 4 -33.25 4.52 46.14
C UNK E 4 -33.97 5.82 45.94
N UNK E 5 -34.07 6.29 44.65
CA UNK E 5 -34.74 7.58 44.28
C UNK E 5 -36.19 7.53 44.63
N UNK E 6 -36.79 6.41 44.23
CA UNK E 6 -38.19 6.03 44.28
C UNK E 6 -38.59 5.96 45.74
N UNK E 7 -37.69 5.46 46.69
CA UNK E 7 -37.86 5.31 48.09
C UNK E 7 -38.24 6.63 48.85
N UNK E 8 -37.72 7.80 48.38
CA UNK E 8 -38.11 9.15 48.79
C UNK E 8 -39.51 9.44 48.54
N UNK E 9 -40.02 9.11 47.34
CA UNK E 9 -41.37 9.36 46.97
C UNK E 9 -42.23 8.59 47.80
N UNK E 10 -41.90 7.28 48.05
CA UNK E 10 -42.69 6.28 48.74
C UNK E 10 -42.89 6.73 50.22
N UNK E 11 -41.79 7.25 50.79
CA UNK E 11 -41.58 7.76 52.07
C UNK E 11 -42.45 8.98 52.29
N UNK E 12 -42.50 9.92 51.26
CA UNK E 12 -43.36 11.14 51.44
C UNK E 12 -44.88 10.83 51.54
N UNK E 13 -45.36 9.95 50.59
CA UNK E 13 -46.73 9.58 50.39
C UNK E 13 -47.21 8.87 51.61
N UNK E 14 -46.34 8.02 52.20
CA UNK E 14 -46.56 7.29 53.40
C UNK E 14 -46.77 8.24 54.54
N UNK E 15 -46.05 9.41 54.74
CA UNK E 15 -46.16 10.25 55.93
C UNK E 15 -47.56 10.74 56.05
N UNK E 16 -48.19 11.10 54.89
CA UNK E 16 -49.53 11.60 54.82
C UNK E 16 -50.56 10.63 55.30
N UNK E 17 -50.48 9.35 55.01
CA UNK E 17 -51.39 8.31 55.39
C UNK E 17 -51.36 8.07 56.88
N UNK E 18 -50.13 8.02 57.50
CA UNK E 18 -49.92 7.86 58.93
C UNK E 18 -50.58 9.11 59.64
N UNK E 19 -50.39 10.30 59.10
CA UNK E 19 -50.98 11.57 59.60
C UNK E 19 -52.51 11.61 59.47
N UNK E 20 -52.98 11.06 58.32
CA UNK E 20 -54.38 11.11 58.07
C UNK E 20 -55.21 10.33 59.04
N UNK E 21 -54.81 9.10 59.35
CA UNK E 21 -55.48 8.12 60.21
C UNK E 21 -55.54 8.61 61.66
N UNK E 22 -54.58 9.46 62.16
CA UNK E 22 -54.60 10.22 63.38
C UNK E 22 -55.72 11.27 63.44
N UNK E 23 -55.95 12.01 62.33
CA UNK E 23 -56.94 13.02 62.16
C UNK E 23 -58.32 12.46 62.36
N UNK E 24 -58.54 11.25 61.80
CA UNK E 24 -59.73 10.50 61.83
C UNK E 24 -60.10 10.07 63.18
N UNK E 25 -59.12 9.54 63.95
CA UNK E 25 -59.43 8.98 65.31
C UNK E 25 -59.91 10.10 66.18
N UNK E 26 -59.24 11.29 66.09
CA UNK E 26 -59.54 12.48 66.87
C UNK E 26 -60.94 13.05 66.58
N UNK E 27 -61.27 13.23 65.22
CA UNK E 27 -62.56 13.76 64.77
C UNK E 27 -63.66 12.79 65.08
N UNK E 28 -63.50 11.41 65.14
CA UNK E 28 -64.51 10.42 65.57
C UNK E 28 -64.91 10.57 67.05
N UNK E 29 -64.01 11.04 67.92
CA UNK E 29 -64.28 11.43 69.34
C UNK E 29 -65.22 12.64 69.54
N UNK E 30 -65.19 13.74 68.73
CA UNK E 30 -66.03 14.93 68.80
C UNK E 30 -67.48 14.57 68.55
N UNK E 31 -67.80 13.54 67.66
CA UNK E 31 -69.13 13.18 67.34
C UNK E 31 -69.82 12.60 68.54
N UNK E 32 -69.03 11.81 69.32
CA UNK E 32 -69.52 11.11 70.54
C UNK E 32 -69.85 12.13 71.55
N UNK E 33 -69.03 13.18 71.68
CA UNK E 33 -69.23 14.23 72.62
C UNK E 33 -70.48 15.00 72.27
N UNK E 34 -70.69 15.35 71.02
CA UNK E 34 -71.83 16.05 70.48
C UNK E 34 -73.11 15.26 70.61
N UNK E 35 -73.10 13.95 70.39
CA UNK E 35 -74.32 13.14 70.44
C UNK E 35 -74.97 13.10 71.92
N UNK E 36 -74.08 13.10 72.97
CA UNK E 36 -74.57 13.16 74.42
C UNK E 36 -75.26 14.42 74.76
N UNK E 37 -74.66 15.51 74.23
CA UNK E 37 -75.12 16.81 74.36
C UNK E 37 -76.50 17.00 73.68
N UNK E 38 -76.79 16.43 72.43
CA UNK E 38 -78.05 16.49 71.77
C UNK E 38 -79.08 15.75 72.54
N UNK E 39 -78.77 14.62 73.15
CA UNK E 39 -79.68 13.77 73.91
C UNK E 39 -80.27 14.54 75.04
N UNK E 40 -79.41 15.23 75.84
CA UNK E 40 -79.99 15.94 76.98
C UNK E 40 -80.82 17.11 76.59
N UNK E 41 -80.51 17.93 75.54
CA UNK E 41 -81.30 19.13 75.11
C UNK E 41 -82.67 18.80 74.57
N UNK E 42 -82.72 17.76 73.72
CA UNK E 42 -83.95 17.27 73.10
C UNK E 42 -85.03 16.80 74.06
N UNK E 43 -84.65 16.08 75.11
CA UNK E 43 -85.56 15.57 76.08
C UNK E 43 -86.23 16.60 76.89
N UNK E 44 -85.46 17.69 77.38
CA UNK E 44 -85.99 18.83 78.10
C UNK E 44 -86.91 19.62 77.21
N UNK F 1 -44.59 -14.08 39.12
CA UNK F 1 -43.15 -13.73 39.40
C UNK F 1 -42.92 -12.78 40.66
N UNK F 2 -41.57 -12.34 40.89
CA UNK F 2 -41.19 -11.31 41.87
C UNK F 2 -41.76 -9.99 41.49
N UNK F 3 -41.82 -9.67 40.20
CA UNK F 3 -42.31 -8.39 39.80
C UNK F 3 -43.72 -8.06 40.13
N UNK F 4 -44.66 -9.04 39.89
CA UNK F 4 -46.10 -8.94 40.10
C UNK F 4 -46.49 -8.81 41.53
N UNK F 5 -45.76 -9.56 42.38
CA UNK F 5 -45.87 -9.46 43.79
C UNK F 5 -45.53 -8.08 44.33
N UNK F 6 -44.46 -7.51 43.84
CA UNK F 6 -44.06 -6.16 44.21
C UNK F 6 -45.05 -5.01 43.74
N UNK F 7 -45.56 -5.10 42.47
CA UNK F 7 -46.47 -4.12 41.85
C UNK F 7 -47.76 -4.04 42.63
N UNK F 8 -48.31 -5.24 42.98
CA UNK F 8 -49.51 -5.39 43.78
C UNK F 8 -49.41 -4.80 45.13
N UNK F 9 -48.21 -4.98 45.75
CA UNK F 9 -47.90 -4.46 47.12
C UNK F 9 -47.94 -3.00 47.19
N UNK F 10 -47.40 -2.31 46.09
CA UNK F 10 -47.42 -0.91 45.93
C UNK F 10 -48.80 -0.48 45.83
N UNK F 11 -49.66 -1.20 45.10
CA UNK F 11 -51.11 -0.87 44.95
C UNK F 11 -51.89 -0.91 46.20
N UNK F 12 -51.54 -1.87 47.08
CA UNK F 12 -52.26 -2.03 48.31
C UNK F 12 -52.15 -0.85 49.24
N UNK F 13 -50.94 -0.31 49.30
CA UNK F 13 -50.56 0.83 50.08
C UNK F 13 -51.28 2.04 49.53
N UNK F 14 -51.35 2.10 48.16
CA UNK F 14 -52.04 3.17 47.50
C UNK F 14 -53.47 3.25 47.84
N UNK F 15 -54.09 2.03 47.93
CA UNK F 15 -55.56 1.89 48.17
C UNK F 15 -55.84 2.46 49.52
N UNK F 16 -54.96 2.19 50.49
CA UNK F 16 -55.04 2.64 51.86
C UNK F 16 -55.02 4.15 52.05
N UNK F 17 -54.14 4.78 51.25
CA UNK F 17 -53.97 6.18 51.24
C UNK F 17 -55.16 6.95 50.85
N UNK F 18 -55.81 6.45 49.81
CA UNK F 18 -57.06 7.06 49.41
C UNK F 18 -58.20 6.95 50.43
N UNK F 19 -58.41 5.74 51.00
CA UNK F 19 -59.45 5.40 52.00
C UNK F 19 -59.31 6.21 53.28
N UNK F 20 -58.20 6.48 53.87
CA UNK F 20 -58.07 7.31 55.00
C UNK F 20 -58.49 8.67 54.85
N UNK F 21 -58.37 9.20 53.65
CA UNK F 21 -58.90 10.42 53.27
C UNK F 21 -60.35 10.60 53.14
N UNK F 22 -60.97 9.61 52.43
CA UNK F 22 -62.38 9.51 52.18
C UNK F 22 -63.08 9.37 53.55
N UNK F 23 -62.58 8.52 54.48
CA UNK F 23 -63.19 8.24 55.74
C UNK F 23 -63.13 9.43 56.70
N UNK F 24 -62.03 10.18 56.65
CA UNK F 24 -61.92 11.38 57.37
C UNK F 24 -62.81 12.50 56.99
N UNK F 25 -63.03 12.61 55.69
CA UNK F 25 -63.86 13.71 55.17
C UNK F 25 -65.30 13.62 55.57
N UNK F 26 -65.85 12.34 55.73
CA UNK F 26 -67.21 12.08 56.22
C UNK F 26 -67.44 12.59 57.64
N UNK F 27 -66.39 12.50 58.55
CA UNK F 27 -66.38 12.98 59.87
C UNK F 27 -66.47 14.44 60.04
N UNK F 28 -65.82 15.14 59.09
CA UNK F 28 -65.74 16.59 58.90
C UNK F 28 -67.09 17.22 58.76
N UNK F 29 -67.94 16.58 57.94
CA UNK F 29 -69.24 16.97 57.65
C UNK F 29 -70.14 16.73 58.86
N UNK F 30 -69.97 15.52 59.55
CA UNK F 30 -70.78 15.09 60.69
C UNK F 30 -70.61 16.07 61.83
N UNK F 31 -69.37 16.58 62.10
CA UNK F 31 -69.12 17.57 63.16
C UNK F 31 -69.84 18.91 62.85
N UNK F 32 -69.86 19.30 61.58
CA UNK F 32 -70.64 20.51 61.17
C UNK F 32 -72.11 20.28 61.43
N UNK F 33 -72.66 19.08 61.06
CA UNK F 33 -74.08 18.84 61.14
C UNK F 33 -74.57 18.77 62.57
N UNK F 34 -73.82 18.11 63.53
CA UNK F 34 -74.10 17.98 64.97
C UNK F 34 -74.17 19.29 65.69
N UNK F 35 -73.29 20.27 65.29
CA UNK F 35 -73.28 21.59 65.81
C UNK F 35 -74.56 22.30 65.54
N UNK F 36 -75.08 22.27 64.34
CA UNK F 36 -76.30 22.94 63.89
C UNK F 36 -77.49 22.32 64.53
N UNK F 37 -77.46 21.02 64.73
CA UNK F 37 -78.53 20.33 65.47
C UNK F 37 -78.63 20.84 66.86
N UNK F 38 -77.47 21.11 67.55
CA UNK F 38 -77.35 21.61 68.90
C UNK F 38 -77.84 22.99 69.02
N UNK F 39 -77.61 23.83 68.02
CA UNK F 39 -78.06 25.26 68.02
C UNK F 39 -79.59 25.29 68.07
N UNK F 40 -80.28 24.47 67.20
CA UNK F 40 -81.78 24.49 67.19
C UNK F 40 -82.37 23.96 68.45
N UNK F 41 -81.84 22.90 69.12
CA UNK F 41 -82.42 22.38 70.39
C UNK F 41 -82.42 23.34 71.62
N UNK F 42 -81.31 24.00 71.84
CA UNK F 42 -81.01 24.86 72.86
C UNK F 42 -81.84 26.11 72.80
N UNK F 43 -81.90 26.69 71.53
CA UNK F 43 -82.58 27.98 71.25
C UNK F 43 -84.11 27.98 71.51
N UNK F 44 -84.88 27.00 71.01
CA UNK F 44 -86.28 26.83 71.12
C UNK F 44 -86.65 26.36 72.60
N GLN A 55 -72.30 39.52 68.10
CA GLN A 55 -72.50 38.51 67.00
C GLN A 55 -71.48 38.46 65.83
N GLU A 56 -71.47 39.62 65.13
CA GLU A 56 -70.71 39.83 63.91
C GLU A 56 -69.29 39.71 64.14
N ALA A 57 -68.75 40.21 65.26
CA ALA A 57 -67.33 40.11 65.63
C ALA A 57 -66.87 38.73 65.87
N LEU A 58 -67.75 37.98 66.52
CA LEU A 58 -67.36 36.58 66.78
C LEU A 58 -67.18 35.77 65.49
N VAL A 59 -68.08 36.02 64.56
CA VAL A 59 -68.05 35.24 63.29
C VAL A 59 -66.82 35.49 62.49
N VAL A 60 -66.38 36.80 62.38
CA VAL A 60 -65.26 37.23 61.58
C VAL A 60 -64.00 36.67 62.07
N LYS A 61 -63.85 36.67 63.43
CA LYS A 61 -62.63 36.11 63.96
C LYS A 61 -62.42 34.62 63.73
N ASP A 62 -63.44 33.77 63.88
CA ASP A 62 -63.47 32.33 63.73
C ASP A 62 -63.23 31.88 62.33
N LEU A 63 -63.84 32.64 61.40
CA LEU A 63 -63.59 32.31 60.01
C LEU A 63 -62.16 32.50 59.46
N LEU A 64 -61.56 33.66 59.89
CA LEU A 64 -60.18 33.90 59.40
C LEU A 64 -59.16 32.77 59.86
N ASN A 65 -59.38 32.46 61.16
CA ASN A 65 -58.46 31.49 61.82
C ASN A 65 -58.49 30.12 61.28
N VAL A 66 -59.73 29.56 60.99
CA VAL A 66 -59.80 28.27 60.47
C VAL A 66 -59.17 28.12 59.11
N LEU A 67 -59.42 29.12 58.28
CA LEU A 67 -58.79 29.07 56.95
C LEU A 67 -57.21 29.08 57.02
N ILE A 68 -56.61 29.81 57.99
CA ILE A 68 -55.13 29.92 58.12
C ILE A 68 -54.59 28.57 58.64
N GLY A 69 -55.58 27.83 59.35
CA GLY A 69 -55.42 26.66 60.11
C GLY A 69 -55.38 25.44 59.21
N LEU A 70 -54.49 24.46 59.53
CA LEU A 70 -54.22 23.29 58.71
C LEU A 70 -54.03 22.24 59.77
N GLU A 71 -54.73 21.07 59.70
CA GLU A 71 -54.67 19.91 60.56
C GLU A 71 -54.48 20.16 62.02
N GLY A 72 -55.54 20.80 62.59
CA GLY A 72 -55.60 21.19 64.07
C GLY A 72 -56.43 20.08 64.70
N THR A 73 -57.81 20.03 64.66
CA THR A 73 -58.57 18.94 65.24
C THR A 73 -59.95 19.00 64.67
N TYR A 74 -60.26 19.79 63.61
CA TYR A 74 -61.53 19.73 62.88
C TYR A 74 -61.40 20.40 61.52
N ILE A 75 -60.16 20.82 61.17
CA ILE A 75 -59.88 21.57 59.93
C ILE A 75 -59.24 20.59 59.00
N ARG A 76 -59.97 20.02 57.97
CA ARG A 76 -59.50 18.88 57.14
C ARG A 76 -58.78 19.31 55.90
N TYR A 77 -58.02 18.33 55.32
CA TYR A 77 -57.13 18.44 54.22
C TYR A 77 -57.59 17.47 53.12
N PHE A 78 -57.85 17.86 51.89
CA PHE A 78 -58.15 16.89 50.80
C PHE A 78 -57.03 16.93 49.86
N ASN A 79 -56.45 15.77 49.50
CA ASN A 79 -55.36 15.62 48.57
C ASN A 79 -55.67 15.98 47.11
N ASP A 80 -56.83 15.50 46.59
CA ASP A 80 -57.19 15.76 45.18
C ASP A 80 -58.17 16.93 45.24
N ILE A 90 -60.00 19.29 47.07
CA ILE A 90 -59.98 20.76 46.87
C ILE A 90 -58.77 21.38 47.49
N GLU A 91 -58.40 20.94 48.78
CA GLU A 91 -57.24 21.41 49.55
C GLU A 91 -57.77 21.43 50.90
N PHE A 92 -57.33 22.32 51.81
CA PHE A 92 -57.94 22.40 53.07
C PHE A 92 -59.27 22.99 52.99
N LYS A 93 -60.11 22.35 53.81
CA LYS A 93 -61.49 22.78 53.85
C LYS A 93 -62.00 22.72 55.24
N ILE A 94 -62.91 23.63 55.59
CA ILE A 94 -63.65 23.71 56.84
C ILE A 94 -65.05 23.82 56.46
N ALA A 95 -65.92 23.24 57.33
CA ALA A 95 -67.37 23.33 57.08
C ALA A 95 -67.92 24.74 57.09
N LYS A 96 -68.83 25.08 56.19
CA LYS A 96 -69.35 26.40 56.08
C LYS A 96 -70.78 26.48 56.67
N LYS A 97 -71.12 27.53 57.50
CA LYS A 97 -72.31 27.56 58.28
C LYS A 97 -72.65 29.05 58.52
N MET A 98 -71.72 29.93 58.01
CA MET A 98 -71.79 31.38 58.19
C MET A 98 -72.62 32.07 57.18
N ASP A 99 -72.88 33.40 57.45
CA ASP A 99 -73.71 34.29 56.78
C ASP A 99 -73.28 34.46 55.30
N PRO A 100 -74.16 34.91 54.34
CA PRO A 100 -73.88 34.88 52.90
C PRO A 100 -72.69 35.67 52.44
N SER A 101 -72.39 36.85 53.06
CA SER A 101 -71.36 37.74 52.67
C SER A 101 -69.97 37.16 52.85
N PHE A 102 -69.85 36.59 54.09
CA PHE A 102 -68.74 35.89 54.64
C PHE A 102 -68.53 34.64 53.91
N LYS A 103 -69.69 33.92 53.54
CA LYS A 103 -69.70 32.65 52.87
C LYS A 103 -69.04 32.75 51.51
N THR A 104 -69.34 33.82 50.76
CA THR A 104 -68.82 34.19 49.47
C THR A 104 -67.32 34.49 49.52
N PHE A 105 -66.91 35.29 50.55
CA PHE A 105 -65.51 35.68 50.85
C PHE A 105 -64.65 34.49 51.02
N SER A 106 -65.05 33.46 51.85
CA SER A 106 -64.24 32.31 52.14
C SER A 106 -63.90 31.51 50.88
N ARG A 107 -64.83 31.53 49.83
CA ARG A 107 -64.60 30.86 48.55
C ARG A 107 -63.44 31.51 47.86
N ARG A 108 -63.41 32.88 47.81
CA ARG A 108 -62.38 33.59 47.04
C ARG A 108 -61.00 33.31 47.56
N ILE A 109 -60.85 33.34 48.93
CA ILE A 109 -59.65 33.09 49.67
C ILE A 109 -59.16 31.65 49.46
N VAL A 110 -60.04 30.65 49.29
CA VAL A 110 -59.71 29.33 48.86
C VAL A 110 -58.98 29.32 47.59
N ARG A 111 -59.30 30.07 46.51
CA ARG A 111 -58.70 30.04 45.23
C ARG A 111 -57.16 30.35 45.45
N TYR A 112 -56.87 31.38 46.23
CA TYR A 112 -55.58 31.80 46.47
C TYR A 112 -54.67 30.74 47.12
N GLY A 113 -55.29 30.17 48.19
CA GLY A 113 -54.77 29.09 48.96
C GLY A 113 -54.67 27.71 48.26
N LYS A 114 -55.68 27.42 47.35
CA LYS A 114 -55.76 26.17 46.57
C LYS A 114 -54.55 26.08 45.64
N GLN A 115 -54.31 27.18 44.89
CA GLN A 115 -53.27 27.26 43.92
C GLN A 115 -51.93 27.19 44.58
N TYR A 116 -51.70 27.81 45.81
CA TYR A 116 -50.52 27.61 46.54
C TYR A 116 -50.31 26.16 46.87
N MET A 117 -51.33 25.35 47.31
CA MET A 117 -51.15 23.93 47.58
C MET A 117 -50.79 22.96 46.45
N ILE A 118 -51.50 23.19 45.22
CA ILE A 118 -51.30 22.39 44.09
C ILE A 118 -49.87 22.64 43.67
N LEU A 119 -49.46 23.93 43.72
CA LEU A 119 -48.17 24.28 43.37
C LEU A 119 -47.19 23.61 44.29
N THR A 120 -47.34 23.45 45.62
CA THR A 120 -46.37 22.73 46.42
C THR A 120 -46.18 21.28 45.92
N ARG A 121 -47.29 20.57 45.57
CA ARG A 121 -47.39 19.18 45.11
C ARG A 121 -46.61 19.07 43.85
N ALA A 122 -46.81 20.08 42.91
CA ALA A 122 -46.22 20.16 41.61
C ALA A 122 -44.69 20.31 41.68
N TYR A 123 -44.10 21.19 42.64
CA TYR A 123 -42.65 21.50 42.76
C TYR A 123 -41.95 20.27 43.10
N GLU A 124 -42.52 19.44 44.06
CA GLU A 124 -42.01 18.21 44.58
C GLU A 124 -41.87 17.21 43.48
N LYS A 125 -42.82 17.18 42.52
CA LYS A 125 -42.99 16.26 41.40
C LYS A 125 -41.77 16.40 40.53
N TRP A 126 -41.33 17.62 40.26
CA TRP A 126 -40.31 17.87 39.34
C TRP A 126 -39.12 18.49 40.05
N SER A 127 -38.73 17.89 41.21
CA SER A 127 -37.53 18.23 41.96
C SER A 127 -36.91 16.96 42.39
N ASP A 128 -35.60 16.89 42.73
CA ASP A 128 -34.94 15.70 43.16
C ASP A 128 -34.77 14.77 41.93
N THR A 129 -34.20 15.49 40.83
CA THR A 129 -34.15 15.15 39.42
C THR A 129 -35.51 14.92 38.83
N SER A 130 -35.54 14.87 37.49
CA SER A 130 -36.78 14.65 36.81
C SER A 130 -36.33 13.70 35.69
N PHE A 131 -36.56 14.08 34.37
CA PHE A 131 -36.09 13.34 33.27
C PHE A 131 -36.24 14.32 32.17
N GLY A 132 -35.99 15.60 32.56
CA GLY A 132 -36.04 16.64 31.63
C GLY A 132 -35.53 17.93 32.25
N MET A 133 -34.64 18.61 31.41
CA MET A 133 -34.04 19.88 31.83
C MET A 133 -35.08 20.94 31.99
N VAL A 134 -36.07 20.90 31.07
CA VAL A 134 -37.13 21.89 31.02
C VAL A 134 -38.01 21.80 32.25
N LEU A 135 -38.30 20.50 32.62
CA LEU A 135 -39.19 20.25 33.69
C LEU A 135 -38.68 20.79 35.01
N GLN A 136 -37.35 20.54 35.32
CA GLN A 136 -36.76 21.00 36.57
C GLN A 136 -36.70 22.52 36.69
N ARG A 137 -36.35 23.22 35.57
CA ARG A 137 -36.25 24.71 35.53
C ARG A 137 -37.52 25.41 35.81
N PHE A 138 -38.66 24.84 35.28
CA PHE A 138 -39.99 25.44 35.58
C PHE A 138 -40.34 25.32 37.02
N ALA A 139 -40.18 24.15 37.68
CA ALA A 139 -40.66 23.94 39.02
C ALA A 139 -40.03 24.85 40.01
N TYR A 140 -38.69 25.04 39.89
CA TYR A 140 -37.90 25.93 40.71
C TYR A 140 -38.24 27.41 40.58
N GLU A 141 -38.43 27.88 39.32
CA GLU A 141 -38.59 29.34 39.10
C GLU A 141 -39.91 29.92 39.69
N ILE A 142 -40.97 29.20 39.55
CA ILE A 142 -42.30 29.50 40.05
C ILE A 142 -42.25 29.55 41.53
N ARG A 143 -41.63 28.60 42.20
CA ARG A 143 -41.60 28.38 43.65
C ARG A 143 -40.89 29.53 44.38
N ARG A 144 -39.78 29.95 43.70
CA ARG A 144 -38.97 31.03 44.15
C ARG A 144 -39.79 32.30 44.13
N PHE A 145 -40.64 32.61 43.07
CA PHE A 145 -41.49 33.87 42.99
C PHE A 145 -42.57 33.73 44.10
N LEU A 146 -43.21 32.56 44.20
CA LEU A 146 -44.48 32.36 44.97
C LEU A 146 -44.30 32.58 46.47
N GLU A 147 -43.23 32.05 47.04
CA GLU A 147 -43.12 32.06 48.43
C GLU A 147 -43.02 33.43 49.04
N ASP A 148 -42.20 34.32 48.36
CA ASP A 148 -41.91 35.70 48.76
C ASP A 148 -43.03 36.59 48.74
N VAL A 149 -43.87 36.50 47.65
CA VAL A 149 -45.14 37.29 47.57
C VAL A 149 -46.07 36.93 48.59
N TYR A 150 -46.31 35.62 48.78
CA TYR A 150 -47.39 35.03 49.58
C TYR A 150 -47.19 35.38 51.04
N LEU A 151 -45.88 35.21 51.51
CA LEU A 151 -45.52 35.45 52.90
C LEU A 151 -45.72 36.90 53.18
N LYS A 152 -45.22 37.87 52.27
CA LYS A 152 -45.07 39.27 52.63
C LYS A 152 -46.52 39.76 52.91
N THR A 153 -47.51 39.48 52.00
CA THR A 153 -48.82 39.93 52.23
C THR A 153 -49.54 39.40 53.43
N LEU A 154 -49.60 38.07 53.67
CA LEU A 154 -50.41 37.43 54.60
C LEU A 154 -49.94 37.89 55.96
N VAL A 155 -48.59 37.91 56.20
CA VAL A 155 -47.91 38.20 57.47
C VAL A 155 -48.13 39.62 57.93
N GLU A 156 -48.04 40.60 56.95
CA GLU A 156 -48.42 41.96 57.30
C GLU A 156 -49.92 42.14 57.72
N ARG A 157 -50.88 41.46 57.01
CA ARG A 157 -52.26 41.63 57.42
C ARG A 157 -52.48 41.05 58.83
N LEU A 158 -51.91 39.87 59.07
CA LEU A 158 -52.27 39.13 60.30
C LEU A 158 -51.79 39.81 61.54
N GLU A 159 -50.53 40.35 61.51
CA GLU A 159 -49.96 41.11 62.55
C GLU A 159 -50.71 42.35 62.76
N ARG A 160 -51.15 43.00 61.69
CA ARG A 160 -51.92 44.25 61.78
C ARG A 160 -53.32 44.01 62.49
N ASP A 161 -54.02 42.93 62.15
CA ASP A 161 -55.35 42.55 62.79
C ASP A 161 -55.17 42.23 64.20
N PHE A 162 -54.07 41.48 64.70
CA PHE A 162 -53.93 40.94 66.03
C PHE A 162 -53.81 42.07 67.06
N ASN A 163 -52.96 43.09 66.71
CA ASN A 163 -52.76 44.23 67.47
C ASN A 163 -54.03 44.99 67.65
N LYS A 164 -54.74 45.20 66.51
CA LYS A 164 -55.83 46.16 66.28
C LYS A 164 -57.00 45.74 67.13
N VAL A 165 -57.31 44.42 67.03
CA VAL A 165 -58.35 43.82 67.77
C VAL A 165 -58.00 42.41 68.18
N PRO A 166 -58.60 41.80 69.28
CA PRO A 166 -58.45 40.37 69.55
C PRO A 166 -59.15 39.49 68.53
N ASN A 167 -59.92 40.13 67.58
CA ASN A 167 -60.63 39.60 66.44
C ASN A 167 -59.67 39.61 65.25
N PHE A 168 -60.16 39.11 64.11
CA PHE A 168 -59.36 39.02 62.90
C PHE A 168 -60.40 39.44 61.96
N SER A 169 -59.89 40.06 60.84
CA SER A 169 -60.66 40.72 59.86
C SER A 169 -60.56 40.18 58.43
N ILE A 170 -61.75 39.78 57.95
CA ILE A 170 -62.01 39.26 56.60
C ILE A 170 -61.63 40.38 55.66
N ARG A 171 -61.94 41.63 56.03
CA ARG A 171 -61.82 42.84 55.27
C ARG A 171 -60.42 43.04 54.83
N GLU A 172 -59.41 42.73 55.64
CA GLU A 172 -58.05 42.83 55.26
C GLU A 172 -57.64 41.84 54.20
N LEU A 173 -58.17 40.58 54.16
CA LEU A 173 -57.98 39.52 53.16
C LEU A 173 -58.41 39.85 51.82
N GLU A 174 -59.51 40.62 51.76
CA GLU A 174 -60.10 41.15 50.49
C GLU A 174 -59.26 42.09 49.68
N GLN A 175 -58.44 42.92 50.44
CA GLN A 175 -57.48 43.87 49.88
C GLN A 175 -56.42 43.00 49.16
N ILE A 176 -56.06 41.84 49.83
CA ILE A 176 -55.00 40.93 49.25
C ILE A 176 -55.44 40.33 47.88
N ILE A 177 -56.78 40.05 47.80
CA ILE A 177 -57.49 39.55 46.67
C ILE A 177 -57.45 40.53 45.45
N ASN A 178 -57.30 41.90 45.69
CA ASN A 178 -56.97 42.79 44.61
C ASN A 178 -55.59 42.49 43.93
N GLU A 179 -54.61 42.09 44.70
CA GLU A 179 -53.30 41.52 44.52
C GLU A 179 -53.25 40.13 43.83
N THR A 180 -54.28 39.25 44.21
CA THR A 180 -54.39 37.97 43.63
C THR A 180 -54.81 38.04 42.11
N GLU A 181 -55.40 39.20 41.65
CA GLU A 181 -55.64 39.43 40.26
C GLU A 181 -54.33 39.53 39.49
N VAL A 182 -53.22 40.03 40.12
CA VAL A 182 -51.83 39.99 39.66
C VAL A 182 -51.30 38.56 39.60
N ASN A 183 -51.72 37.72 40.58
CA ASN A 183 -51.49 36.33 40.68
C ASN A 183 -52.11 35.52 39.56
N LYS A 184 -53.08 36.03 38.88
CA LYS A 184 -53.73 35.39 37.70
C LYS A 184 -52.70 35.25 36.59
N GLN A 185 -51.75 36.11 36.57
CA GLN A 185 -50.64 35.87 35.61
C GLN A 185 -49.89 34.60 35.86
N MET A 186 -49.77 34.21 37.11
CA MET A 186 -49.26 32.86 37.51
C MET A 186 -50.10 31.73 37.16
N GLU A 187 -51.43 31.97 37.09
CA GLU A 187 -52.43 31.01 36.70
C GLU A 187 -52.19 30.65 35.27
N LEU A 188 -51.72 31.60 34.38
CA LEU A 188 -51.28 31.16 33.06
C LEU A 188 -50.13 30.19 33.07
N LEU A 189 -49.17 30.39 33.98
CA LEU A 189 -48.07 29.48 34.13
C LEU A 189 -48.54 28.09 34.56
N TYR A 190 -49.55 28.04 35.41
CA TYR A 190 -50.16 26.80 35.79
C TYR A 190 -50.83 26.10 34.63
N ASN A 191 -51.41 26.94 33.70
CA ASN A 191 -51.98 26.51 32.42
C ASN A 191 -50.88 25.82 31.52
N ILE A 192 -49.59 26.38 31.54
CA ILE A 192 -48.49 25.75 30.81
C ILE A 192 -48.08 24.39 31.34
N TYR A 193 -48.09 24.18 32.66
CA TYR A 193 -47.76 22.96 33.27
C TYR A 193 -48.69 21.87 32.90
N GLU A 194 -50.04 22.12 32.80
CA GLU A 194 -50.91 21.12 32.27
C GLU A 194 -50.66 20.80 30.87
N GLU A 195 -50.30 21.73 29.97
CA GLU A 195 -49.95 21.45 28.61
C GLU A 195 -48.74 20.57 28.46
N ILE A 196 -47.72 20.84 29.26
CA ILE A 196 -46.42 20.15 29.32
C ILE A 196 -46.71 18.71 29.75
N PHE A 197 -47.67 18.40 30.75
CA PHE A 197 -47.95 17.06 31.28
C PHE A 197 -48.45 16.26 30.13
N ARG A 198 -49.44 16.83 29.29
CA ARG A 198 -49.98 16.17 28.13
C ARG A 198 -48.87 15.95 27.15
N GLU A 199 -48.01 16.98 26.99
CA GLU A 199 -46.97 16.90 26.08
C GLU A 199 -45.97 15.76 26.38
N ILE A 200 -45.55 15.49 27.62
CA ILE A 200 -44.77 14.36 27.97
C ILE A 200 -45.48 13.07 27.74
N GLU A 201 -46.77 12.94 28.06
CA GLU A 201 -47.53 11.77 27.81
C GLU A 201 -47.67 11.42 26.31
N GLU A 202 -47.87 12.40 25.42
CA GLU A 202 -47.86 12.18 23.96
C GLU A 202 -46.51 11.80 23.43
N ARG A 203 -45.43 12.41 23.92
CA ARG A 203 -44.10 12.11 23.48
C ARG A 203 -43.67 10.70 23.86
N ARG A 204 -43.96 10.16 25.08
CA ARG A 204 -43.61 8.82 25.65
C ARG A 204 -44.37 7.86 24.81
N THR A 205 -45.63 8.03 24.42
CA THR A 205 -46.40 7.17 23.50
C THR A 205 -46.14 7.50 22.00
N LYS A 243 -37.78 16.51 24.31
CA LYS A 243 -38.78 17.31 25.03
C LYS A 243 -38.81 18.76 24.73
N GLY A 244 -37.55 19.30 24.74
CA GLY A 244 -37.29 20.72 24.80
C GLY A 244 -37.90 21.57 23.66
N GLY A 245 -37.66 21.29 22.36
CA GLY A 245 -38.09 22.14 21.25
C GLY A 245 -39.56 22.18 21.15
N ALA A 246 -40.41 21.12 21.39
CA ALA A 246 -41.79 21.16 21.42
C ALA A 246 -42.38 22.07 22.42
N ILE A 247 -41.73 22.07 23.59
CA ILE A 247 -42.16 22.93 24.72
C ILE A 247 -42.02 24.40 24.45
N LEU A 248 -40.86 24.76 23.78
CA LEU A 248 -40.58 26.11 23.32
C LEU A 248 -41.55 26.58 22.33
N LYS A 249 -41.96 25.75 21.37
CA LYS A 249 -42.88 26.23 20.36
C LYS A 249 -44.24 26.58 20.94
N ILE A 250 -44.67 25.71 21.87
CA ILE A 250 -45.94 25.89 22.65
C ILE A 250 -45.86 27.16 23.40
N PHE A 251 -44.71 27.50 24.01
CA PHE A 251 -44.56 28.69 24.85
C PHE A 251 -44.70 30.02 24.07
N GLN A 252 -44.16 30.04 22.83
CA GLN A 252 -44.34 31.09 21.88
C GLN A 252 -45.77 31.25 21.40
N GLN A 253 -46.46 30.14 21.19
CA GLN A 253 -47.83 30.19 20.80
C GLN A 253 -48.75 30.79 21.88
N LYS A 254 -48.56 30.41 23.19
CA LYS A 254 -49.32 31.02 24.30
C LYS A 254 -49.02 32.58 24.42
N ILE A 255 -47.78 33.11 24.22
CA ILE A 255 -47.37 34.51 24.33
C ILE A 255 -48.06 35.32 23.32
N LEU A 256 -48.27 34.84 22.06
CA LEU A 256 -49.06 35.31 20.96
C LEU A 256 -50.59 35.27 21.26
N GLU A 257 -51.12 34.18 21.95
CA GLU A 257 -52.55 34.25 22.28
C GLU A 257 -52.91 35.34 23.24
N ASN A 258 -52.14 35.53 24.36
CA ASN A 258 -52.48 36.48 25.45
C ASN A 258 -52.40 37.98 25.07
N LEU A 259 -51.49 38.39 24.12
CA LEU A 259 -51.17 39.74 23.71
C LEU A 259 -52.31 40.78 23.78
N GLY A 260 -51.84 42.00 24.21
CA GLY A 260 -52.65 43.17 24.57
C GLY A 260 -52.60 43.36 26.03
N ASP A 261 -52.01 42.41 26.82
CA ASP A 261 -51.80 42.52 28.23
C ASP A 261 -50.29 42.31 28.50
N ARG A 262 -49.55 43.37 28.63
CA ARG A 262 -48.10 43.52 28.66
C ARG A 262 -47.50 42.68 29.76
N SER A 263 -48.16 42.65 30.95
CA SER A 263 -47.61 42.02 32.14
C SER A 263 -47.42 40.47 32.00
N SER A 264 -48.42 39.78 31.37
CA SER A 264 -48.37 38.36 31.13
C SER A 264 -47.21 38.14 30.16
N VAL A 265 -47.19 38.94 29.07
CA VAL A 265 -46.29 38.84 27.93
C VAL A 265 -44.78 38.93 28.33
N MET A 266 -44.42 39.94 29.16
CA MET A 266 -43.10 40.15 29.73
C MET A 266 -42.64 39.00 30.65
N PHE A 267 -43.57 38.56 31.56
CA PHE A 267 -43.30 37.50 32.46
C PHE A 267 -43.00 36.17 31.83
N LEU A 268 -43.87 35.73 30.90
CA LEU A 268 -43.65 34.48 30.14
C LEU A 268 -42.48 34.56 29.28
N LYS A 269 -42.19 35.68 28.64
CA LYS A 269 -41.03 35.73 27.83
C LYS A 269 -39.72 35.51 28.61
N LYS A 270 -39.57 36.10 29.86
CA LYS A 270 -38.42 36.07 30.73
C LYS A 270 -38.22 34.66 31.10
N LEU A 271 -39.32 33.93 31.39
CA LEU A 271 -39.26 32.55 31.71
C LEU A 271 -38.78 31.76 30.50
N LEU A 272 -39.28 32.11 29.33
CA LEU A 272 -38.92 31.44 28.12
C LEU A 272 -37.47 31.53 27.83
N ASN A 273 -36.87 32.72 27.98
CA ASN A 273 -35.47 32.99 27.77
C ASN A 273 -34.65 32.14 28.69
N ASN A 274 -34.90 31.90 30.02
CA ASN A 274 -34.06 30.99 30.81
C ASN A 274 -34.13 29.56 30.30
N ILE A 275 -35.37 29.08 29.89
CA ILE A 275 -35.57 27.66 29.49
C ILE A 275 -34.75 27.37 28.20
N SER A 276 -34.83 28.35 27.25
CA SER A 276 -34.21 28.35 25.98
C SER A 276 -32.69 28.32 26.00
N GLN A 277 -31.98 28.77 27.10
CA GLN A 277 -30.55 29.00 27.17
C GLN A 277 -29.78 27.76 26.95
N ASP A 278 -30.35 26.66 27.52
CA ASP A 278 -29.84 25.31 27.34
C ASP A 278 -30.02 24.80 25.91
N TYR A 279 -31.19 25.17 25.33
CA TYR A 279 -31.53 24.82 23.98
C TYR A 279 -30.57 25.46 23.04
N CYS A 280 -30.27 26.80 23.26
CA CYS A 280 -29.37 27.63 22.44
C CYS A 280 -27.96 27.02 22.50
N THR A 281 -27.52 26.54 23.67
CA THR A 281 -26.22 25.87 23.96
C THR A 281 -26.17 24.52 23.18
N MET A 282 -27.30 23.72 23.14
CA MET A 282 -27.33 22.53 22.41
C MET A 282 -27.16 22.77 20.93
N LEU A 283 -27.81 23.83 20.36
CA LEU A 283 -27.71 24.21 19.02
C LEU A 283 -26.31 24.66 18.85
N TYR A 284 -25.69 25.45 19.73
CA TYR A 284 -24.37 25.99 19.50
C TYR A 284 -23.33 24.91 19.32
N GLU A 285 -23.36 23.86 20.23
CA GLU A 285 -22.48 22.75 20.30
C GLU A 285 -22.55 21.94 19.11
N TRP A 286 -23.79 21.67 18.57
CA TRP A 286 -23.96 20.97 17.27
C TRP A 286 -23.46 21.80 16.05
N LEU A 287 -24.08 22.98 15.93
CA LEU A 287 -23.85 23.87 14.72
C LEU A 287 -22.41 24.38 14.61
N THR A 288 -21.75 24.80 15.71
CA THR A 288 -20.36 25.22 15.59
C THR A 288 -19.30 24.14 15.67
N GLN A 289 -19.52 23.06 16.46
CA GLN A 289 -18.43 22.14 16.76
C GLN A 289 -18.75 20.68 16.61
N GLY A 290 -19.87 20.31 15.94
CA GLY A 290 -20.27 18.97 15.61
C GLY A 290 -20.37 17.97 16.69
N ILE A 291 -21.04 18.31 17.79
CA ILE A 291 -21.39 17.34 18.84
C ILE A 291 -22.55 17.77 19.67
N LEU A 292 -23.48 16.83 19.99
CA LEU A 292 -24.67 16.90 20.77
C LEU A 292 -24.74 15.63 21.49
N ASN A 293 -25.17 15.81 22.74
CA ASN A 293 -25.54 14.77 23.61
C ASN A 293 -26.54 15.23 24.56
N ASP A 294 -27.53 14.45 24.81
CA ASP A 294 -28.61 14.79 25.72
C ASP A 294 -28.89 13.50 26.43
N PRO A 295 -29.02 13.54 27.75
CA PRO A 295 -29.36 12.38 28.51
C PRO A 295 -30.75 12.61 28.98
N TYR A 296 -31.69 12.98 28.13
CA TYR A 296 -33.05 13.14 28.43
C TYR A 296 -33.89 13.16 27.21
N GLN A 297 -33.30 13.18 26.02
CA GLN A 297 -33.91 13.24 24.75
C GLN A 297 -34.46 14.55 24.60
N GLU A 298 -33.59 15.46 24.03
CA GLU A 298 -34.09 16.74 23.59
C GLU A 298 -33.42 17.05 22.26
N PHE A 299 -33.23 16.05 21.35
CA PHE A 299 -32.37 16.23 20.22
C PHE A 299 -33.19 16.82 19.15
N MET A 300 -32.60 17.65 18.25
CA MET A 300 -33.29 18.19 17.06
C MET A 300 -33.05 17.11 16.05
N THR A 301 -31.80 16.93 15.70
CA THR A 301 -31.24 15.80 14.98
C THR A 301 -30.51 14.81 15.88
N TYR A 302 -30.74 13.49 15.71
CA TYR A 302 -30.26 12.40 16.48
C TYR A 302 -29.72 11.33 15.55
N ASP A 303 -28.74 10.55 16.00
CA ASP A 303 -28.10 9.55 15.16
C ASP A 303 -29.05 8.44 15.03
N ASP A 304 -28.98 7.63 13.88
CA ASP A 304 -30.05 6.74 13.50
C ASP A 304 -31.41 7.40 13.18
N TRP A 320 -22.29 5.71 5.97
CA TRP A 320 -21.11 6.51 5.90
C TRP A 320 -20.22 6.34 7.12
N ASP A 321 -19.89 7.45 7.81
CA ASP A 321 -19.20 7.37 9.07
C ASP A 321 -20.29 7.40 10.09
N THR A 322 -21.34 8.19 9.79
CA THR A 322 -22.33 8.45 10.78
C THR A 322 -23.53 8.88 9.95
N GLN A 323 -24.79 8.84 10.56
CA GLN A 323 -25.98 9.16 9.81
C GLN A 323 -26.88 9.76 10.84
N TYR A 324 -27.62 10.79 10.43
CA TYR A 324 -28.46 11.51 11.36
C TYR A 324 -29.76 11.71 10.67
N PHE A 325 -30.85 11.93 11.47
CA PHE A 325 -32.21 12.15 10.97
C PHE A 325 -32.72 12.94 12.16
N ILE A 326 -33.95 13.45 11.93
CA ILE A 326 -34.73 14.33 12.79
C ILE A 326 -35.52 13.48 13.76
N ARG A 327 -35.56 13.86 15.06
CA ARG A 327 -36.40 13.17 16.02
C ARG A 327 -37.82 13.53 15.70
N LYS A 328 -38.75 12.55 16.01
CA LYS A 328 -40.17 12.57 15.72
C LYS A 328 -40.99 13.19 16.82
N ASP A 329 -40.48 13.32 18.07
CA ASP A 329 -41.18 13.56 19.37
C ASP A 329 -40.83 14.96 19.73
N VAL A 330 -39.55 15.32 19.40
CA VAL A 330 -38.97 16.62 19.72
C VAL A 330 -38.29 17.21 18.50
N LEU A 331 -38.74 18.42 18.09
CA LEU A 331 -38.25 19.13 16.93
C LEU A 331 -38.42 20.59 17.18
N LEU A 332 -37.35 21.31 16.87
CA LEU A 332 -37.41 22.72 16.88
C LEU A 332 -37.78 23.20 15.59
N ARG A 333 -39.03 23.80 15.42
CA ARG A 333 -39.52 24.21 14.11
C ARG A 333 -39.02 25.59 13.95
N ASP A 334 -38.13 25.75 12.95
CA ASP A 334 -37.41 26.97 12.65
C ASP A 334 -38.40 27.87 11.97
N CYS A 335 -39.08 27.23 11.01
CA CYS A 335 -40.30 27.71 10.29
C CYS A 335 -41.42 26.65 10.17
N ASP A 336 -42.14 26.58 9.04
CA ASP A 336 -43.30 25.68 8.92
C ASP A 336 -43.12 25.13 7.53
N SER A 337 -43.87 24.04 7.18
CA SER A 337 -44.13 23.58 5.84
C SER A 337 -42.86 22.96 5.34
N GLU A 338 -42.66 22.88 4.02
CA GLU A 338 -41.46 22.42 3.39
C GLU A 338 -40.25 23.20 3.72
N GLU A 339 -40.45 24.53 4.05
CA GLU A 339 -39.50 25.57 4.39
C GLU A 339 -38.72 25.19 5.60
N ASP A 340 -39.48 24.61 6.56
CA ASP A 340 -38.98 24.09 7.83
C ASP A 340 -37.99 23.00 7.56
N LYS A 341 -38.39 22.12 6.63
CA LYS A 341 -37.62 21.04 6.28
C LYS A 341 -36.34 21.37 5.66
N ASN A 342 -36.37 22.36 4.75
CA ASN A 342 -35.15 22.85 4.06
C ASN A 342 -34.16 23.45 5.08
N LEU A 343 -34.70 24.25 6.05
CA LEU A 343 -33.96 24.94 7.05
C LEU A 343 -33.30 23.97 7.94
N LEU A 344 -34.01 22.88 8.29
CA LEU A 344 -33.57 21.80 9.20
C LEU A 344 -32.38 21.13 8.52
N PHE A 345 -32.42 20.90 7.19
CA PHE A 345 -31.42 20.30 6.36
C PHE A 345 -30.21 21.17 6.41
N LYS A 346 -30.36 22.48 6.39
CA LYS A 346 -29.25 23.45 6.41
C LYS A 346 -28.52 23.29 7.76
N MET A 347 -29.22 23.09 8.89
CA MET A 347 -28.65 22.85 10.21
C MET A 347 -27.96 21.47 10.32
N LEU A 348 -28.53 20.35 9.74
CA LEU A 348 -27.98 19.03 9.64
C LEU A 348 -26.75 18.98 8.87
N ARG A 349 -26.63 19.71 7.70
CA ARG A 349 -25.42 19.79 6.92
C ARG A 349 -24.26 20.45 7.53
N THR A 350 -24.45 21.62 8.21
CA THR A 350 -23.33 22.26 8.88
C THR A 350 -22.84 21.38 10.02
N GLY A 351 -23.75 20.82 10.83
CA GLY A 351 -23.35 19.99 11.95
C GLY A 351 -22.64 18.74 11.53
N ILE A 352 -23.02 18.01 10.46
CA ILE A 352 -22.34 16.82 9.99
C ILE A 352 -20.97 17.14 9.48
N LEU A 353 -20.83 18.28 8.71
CA LEU A 353 -19.58 18.66 8.10
C LEU A 353 -18.53 18.90 9.09
N LEU A 354 -18.94 19.55 10.21
CA LEU A 354 -18.15 19.89 11.39
C LEU A 354 -17.66 18.64 12.22
N LYS A 355 -18.61 17.68 12.35
CA LYS A 355 -18.39 16.43 13.10
C LYS A 355 -17.33 15.52 12.48
N VAL A 356 -17.34 15.48 11.14
CA VAL A 356 -16.32 14.90 10.36
C VAL A 356 -14.99 15.54 10.37
N VAL A 357 -14.93 16.87 10.49
CA VAL A 357 -13.63 17.58 10.60
C VAL A 357 -12.87 17.24 11.87
N ARG A 358 -13.54 17.07 12.99
CA ARG A 358 -12.92 16.72 14.22
C ARG A 358 -12.31 15.27 14.19
N ALA A 359 -12.95 14.27 13.53
CA ALA A 359 -12.43 12.92 13.28
C ALA A 359 -11.18 12.90 12.43
N SER A 360 -11.08 13.93 11.49
CA SER A 360 -9.96 14.05 10.65
C SER A 360 -8.62 14.29 11.38
N LEU A 361 -8.50 14.25 12.74
CA LEU A 361 -7.26 14.49 13.50
C LEU A 361 -6.26 13.47 13.15
N GLN A 362 -5.16 14.02 12.56
CA GLN A 362 -3.96 13.30 12.13
C GLN A 362 -3.31 14.25 11.19
N ILE A 363 -4.16 15.08 10.49
CA ILE A 363 -3.77 16.35 9.82
C ILE A 363 -4.30 17.34 10.82
N PRO A 364 -3.43 18.21 11.52
CA PRO A 364 -3.86 19.20 12.48
C PRO A 364 -4.88 20.09 11.88
N THR A 365 -5.94 20.47 12.60
CA THR A 365 -6.92 21.44 12.18
C THR A 365 -7.27 22.24 13.46
N ILE A 366 -7.65 23.55 13.21
CA ILE A 366 -7.92 24.59 14.22
C ILE A 366 -9.28 25.16 13.88
N PRO A 367 -10.26 25.02 14.78
CA PRO A 367 -11.60 25.46 14.44
C PRO A 367 -11.79 26.95 14.82
N SER A 368 -10.68 27.72 15.15
CA SER A 368 -10.79 29.04 15.70
C SER A 368 -10.16 30.04 14.74
N ASN A 369 -9.35 29.57 13.69
CA ASN A 369 -8.80 30.52 12.70
C ASN A 369 -9.98 31.07 11.81
N SER A 370 -9.93 32.41 11.47
CA SER A 370 -10.78 33.22 10.58
C SER A 370 -12.20 32.93 10.80
N SER A 371 -12.57 32.90 12.14
CA SER A 371 -13.95 32.52 12.52
C SER A 371 -14.37 33.77 13.29
N ASP A 372 -15.60 34.32 12.87
CA ASP A 372 -16.04 35.47 13.63
C ASP A 372 -17.06 34.94 14.53
N ILE A 373 -16.52 34.51 15.72
CA ILE A 373 -17.22 33.88 16.85
C ILE A 373 -18.20 34.73 17.52
N THR A 374 -17.94 36.02 17.68
CA THR A 374 -18.62 37.05 18.46
C THR A 374 -20.08 37.27 18.03
N ILE A 375 -20.33 37.28 16.65
CA ILE A 375 -21.71 37.44 16.14
C ILE A 375 -22.55 36.27 16.57
N GLN A 376 -21.96 35.07 16.53
CA GLN A 376 -22.67 33.80 16.80
C GLN A 376 -23.16 33.71 18.22
N GLU A 377 -22.35 34.20 19.16
CA GLU A 377 -22.59 34.30 20.58
C GLU A 377 -23.77 35.31 20.79
N ILE A 378 -23.86 36.43 20.04
CA ILE A 378 -24.82 37.44 20.18
C ILE A 378 -26.18 36.91 19.89
N ASN A 379 -26.38 36.09 18.87
CA ASN A 379 -27.63 35.46 18.47
C ASN A 379 -28.13 34.56 19.59
N ASP A 380 -27.26 33.75 20.26
CA ASP A 380 -27.71 32.85 21.30
C ASP A 380 -28.26 33.54 22.55
N PHE A 381 -27.63 34.58 22.89
CA PHE A 381 -27.91 35.32 24.16
C PHE A 381 -29.34 35.98 24.09
N ALA A 382 -29.76 36.35 22.86
CA ALA A 382 -31.07 36.93 22.45
C ALA A 382 -32.30 36.12 22.87
N ASP A 383 -32.26 34.75 22.55
CA ASP A 383 -33.29 33.75 22.82
C ASP A 383 -34.50 34.15 22.04
N LEU A 384 -34.32 34.49 20.73
CA LEU A 384 -35.40 34.49 19.86
C LEU A 384 -35.35 33.24 18.97
N MET A 385 -36.42 32.40 18.98
CA MET A 385 -36.57 31.07 18.29
C MET A 385 -37.37 31.34 17.00
N GLU A 386 -37.45 32.63 16.57
CA GLU A 386 -38.14 33.06 15.34
C GLU A 386 -37.37 32.71 14.15
N GLY A 387 -37.99 32.60 13.00
CA GLY A 387 -37.38 32.13 11.81
C GLY A 387 -36.30 33.05 11.30
N SER A 388 -36.53 34.43 11.29
CA SER A 388 -35.52 35.46 10.67
C SER A 388 -34.22 35.35 11.42
N ASN A 389 -34.36 35.28 12.80
CA ASN A 389 -33.26 35.18 13.71
C ASN A 389 -32.35 33.98 13.67
N LEU A 390 -33.00 32.79 13.52
CA LEU A 390 -32.39 31.51 13.25
C LEU A 390 -31.71 31.48 11.87
N GLU A 391 -32.20 32.04 10.80
CA GLU A 391 -31.56 32.00 9.51
C GLU A 391 -30.23 32.71 9.48
N LEU A 392 -30.15 33.90 10.15
CA LEU A 392 -28.93 34.52 10.36
C LEU A 392 -27.95 33.72 11.09
N TYR A 393 -28.34 33.01 12.15
CA TYR A 393 -27.54 32.22 12.98
C TYR A 393 -26.82 31.06 12.30
N VAL A 394 -27.63 30.29 11.48
CA VAL A 394 -27.25 29.19 10.69
C VAL A 394 -26.30 29.60 9.67
N ASP A 395 -26.51 30.84 8.93
CA ASP A 395 -25.66 31.30 7.88
C ASP A 395 -24.23 31.52 8.37
N LYS A 396 -24.10 32.05 9.66
CA LYS A 396 -22.83 32.33 10.33
C LYS A 396 -22.08 30.99 10.58
N CYS A 397 -22.73 29.91 11.07
CA CYS A 397 -22.23 28.55 11.41
C CYS A 397 -21.77 27.80 10.17
N TYR A 398 -22.60 28.00 9.10
CA TYR A 398 -22.49 27.37 7.83
C TYR A 398 -21.18 27.75 7.22
N SER A 399 -20.90 29.09 7.21
CA SER A 399 -19.69 29.78 6.67
C SER A 399 -18.56 29.23 7.42
N ARG A 400 -18.65 29.09 8.79
CA ARG A 400 -17.58 28.51 9.62
C ARG A 400 -17.34 27.08 9.24
N ALA A 401 -18.37 26.23 9.02
CA ALA A 401 -18.13 24.79 8.73
C ALA A 401 -17.42 24.53 7.44
N ASN A 402 -17.80 25.31 6.34
CA ASN A 402 -17.10 25.13 5.08
C ASN A 402 -15.70 25.65 5.13
N GLU A 403 -15.46 26.81 5.72
CA GLU A 403 -14.12 27.41 5.66
C GLU A 403 -13.09 26.60 6.43
N ILE A 404 -13.40 26.07 7.67
CA ILE A 404 -12.53 25.19 8.42
C ILE A 404 -12.26 23.84 7.79
N PHE A 405 -13.26 23.28 7.06
CA PHE A 405 -13.11 22.06 6.33
C PHE A 405 -12.06 22.30 5.16
N LEU A 406 -12.24 23.45 4.46
CA LEU A 406 -11.48 23.91 3.33
C LEU A 406 -10.03 24.02 3.79
N LYS A 407 -9.74 24.60 4.92
CA LYS A 407 -8.33 24.79 5.36
C LYS A 407 -7.65 23.50 5.53
N LEU A 408 -8.54 22.62 6.13
CA LEU A 408 -8.13 21.29 6.60
C LEU A 408 -7.66 20.55 5.40
N PHE A 409 -8.50 20.58 4.32
CA PHE A 409 -8.26 19.90 3.08
C PHE A 409 -7.11 20.50 2.25
N PHE A 410 -7.14 21.82 1.98
CA PHE A 410 -6.27 22.53 1.17
C PHE A 410 -4.88 22.70 1.72
N GLN A 411 -4.75 23.25 2.92
CA GLN A 411 -3.56 23.57 3.56
C GLN A 411 -2.89 22.37 4.11
N GLY A 412 -3.57 21.53 4.96
CA GLY A 412 -3.00 20.43 5.68
C GLY A 412 -2.82 19.36 4.70
N TYR A 413 -3.83 18.94 3.85
CA TYR A 413 -3.83 17.73 3.03
C TYR A 413 -3.72 18.04 1.51
N ASP A 414 -3.71 19.31 0.98
CA ASP A 414 -3.49 19.66 -0.42
C ASP A 414 -4.71 19.22 -1.27
N LEU A 415 -5.80 19.96 -1.13
CA LEU A 415 -7.10 19.67 -1.78
C LEU A 415 -6.85 19.74 -3.24
N ILE A 416 -6.08 20.70 -3.84
CA ILE A 416 -6.01 20.87 -5.27
C ILE A 416 -5.56 19.59 -6.02
N ASN A 417 -4.55 18.83 -5.39
CA ASN A 417 -4.18 17.52 -5.82
C ASN A 417 -5.31 16.48 -5.61
N VAL A 418 -6.11 16.43 -4.51
CA VAL A 418 -7.21 15.45 -4.33
C VAL A 418 -8.30 15.70 -5.34
N LEU A 419 -8.55 16.97 -5.63
CA LEU A 419 -9.48 17.36 -6.66
C LEU A 419 -9.09 16.84 -8.11
N LYS A 420 -7.75 16.97 -8.47
CA LYS A 420 -7.18 16.45 -9.69
C LYS A 420 -7.45 14.95 -9.71
N HIS A 421 -7.22 14.25 -8.53
CA HIS A 421 -7.30 12.86 -8.45
C HIS A 421 -8.68 12.37 -8.78
N LEU A 422 -9.76 13.02 -8.37
CA LEU A 422 -11.08 12.61 -8.75
C LEU A 422 -11.24 12.80 -10.29
N GLN A 423 -10.77 13.87 -10.89
CA GLN A 423 -10.91 14.01 -12.30
C GLN A 423 -10.13 12.91 -13.08
N GLN A 424 -8.89 12.52 -12.59
CA GLN A 424 -8.03 11.55 -13.21
C GLN A 424 -8.70 10.22 -13.22
N ILE A 425 -9.21 9.79 -12.00
CA ILE A 425 -9.66 8.43 -11.89
C ILE A 425 -11.05 8.15 -12.44
N PHE A 426 -12.06 8.89 -11.92
CA PHE A 426 -13.47 8.62 -12.20
C PHE A 426 -13.95 8.91 -13.64
N LEU A 427 -13.59 10.10 -14.20
CA LEU A 427 -14.00 10.47 -15.57
C LEU A 427 -13.25 9.65 -16.63
N GLY A 428 -12.05 9.29 -16.21
CA GLY A 428 -11.16 8.25 -16.71
C GLY A 428 -10.29 8.47 -17.89
N TYR A 429 -10.30 9.69 -18.42
CA TYR A 429 -9.59 9.99 -19.60
C TYR A 429 -8.47 11.00 -19.38
N GLN A 430 -8.47 11.77 -18.23
CA GLN A 430 -7.55 12.81 -17.99
C GLN A 430 -6.21 12.21 -17.63
N SER A 431 -6.23 11.03 -17.07
CA SER A 431 -5.05 10.34 -16.52
C SER A 431 -4.21 9.81 -17.59
N GLY A 432 -4.74 9.59 -18.83
CA GLY A 432 -4.07 9.36 -20.17
C GLY A 432 -2.85 8.59 -20.33
N HIS A 433 -1.74 9.33 -20.21
CA HIS A 433 -0.46 8.79 -20.62
C HIS A 433 -0.01 7.54 -19.86
N ASN A 434 -0.21 7.52 -18.52
CA ASN A 434 0.13 6.40 -17.64
C ASN A 434 -0.68 5.18 -18.00
N VAL A 435 -1.98 5.35 -18.35
CA VAL A 435 -2.97 4.42 -18.73
C VAL A 435 -2.60 3.75 -20.00
N LEU A 436 -2.02 4.50 -21.00
CA LEU A 436 -1.51 4.07 -22.27
C LEU A 436 -0.37 3.13 -22.12
N LYS A 437 0.58 3.51 -21.17
CA LYS A 437 1.64 2.55 -20.86
C LYS A 437 1.10 1.28 -20.16
N PHE A 438 0.07 1.35 -19.23
CA PHE A 438 -0.57 0.23 -18.51
C PHE A 438 -1.23 -0.73 -19.52
N LEU A 439 -1.90 -0.15 -20.52
CA LEU A 439 -2.64 -0.74 -21.57
C LEU A 439 -1.77 -1.55 -22.37
N THR A 440 -0.53 -1.04 -22.62
CA THR A 440 0.44 -1.78 -23.44
C THR A 440 0.82 -3.07 -22.80
N LYS A 441 1.08 -2.93 -21.47
CA LYS A 441 1.66 -3.95 -20.56
C LYS A 441 0.70 -5.11 -20.37
N ASN A 442 -0.59 -4.79 -20.16
CA ASN A 442 -1.65 -5.68 -19.86
C ASN A 442 -2.10 -6.51 -21.05
N MET A 443 -1.80 -6.05 -22.24
CA MET A 443 -2.22 -6.43 -23.60
C MET A 443 -1.91 -7.95 -23.71
N GLY A 444 -0.68 -8.38 -23.21
CA GLY A 444 -0.42 -9.80 -23.30
C GLY A 444 -1.35 -10.70 -22.55
N GLU A 445 -1.72 -10.34 -21.28
CA GLU A 445 -2.55 -11.15 -20.41
C GLU A 445 -4.02 -11.22 -20.94
N LEU A 446 -4.51 -10.04 -21.51
CA LEU A 446 -5.87 -9.89 -22.02
C LEU A 446 -6.00 -10.60 -23.32
N THR A 447 -4.92 -10.74 -24.23
CA THR A 447 -5.06 -11.26 -25.60
C THR A 447 -5.61 -12.60 -25.61
N LYS A 448 -5.23 -13.40 -24.55
CA LYS A 448 -5.85 -14.76 -24.44
C LYS A 448 -6.97 -14.53 -23.46
N HIS A 449 -8.04 -15.33 -23.79
CA HIS A 449 -9.28 -15.51 -23.05
C HIS A 449 -8.98 -15.97 -21.66
N TYR A 450 -9.93 -15.84 -20.77
CA TYR A 450 -9.74 -16.08 -19.37
C TYR A 450 -9.23 -17.47 -18.96
N ARG A 451 -8.39 -17.43 -17.91
CA ARG A 451 -7.76 -18.59 -17.30
C ARG A 451 -7.96 -18.33 -15.87
N ASN A 452 -7.61 -19.33 -15.03
CA ASN A 452 -7.66 -19.36 -13.57
C ASN A 452 -6.63 -18.22 -13.17
N ASP A 453 -5.50 -18.17 -13.98
CA ASP A 453 -4.23 -17.38 -13.88
C ASP A 453 -4.35 -15.97 -14.16
N ASN A 454 -5.37 -15.65 -15.05
CA ASN A 454 -5.65 -14.28 -15.55
C ASN A 454 -5.83 -13.25 -14.42
N ASN A 455 -6.65 -13.61 -13.49
CA ASN A 455 -6.96 -12.81 -12.25
C ASN A 455 -5.70 -12.50 -11.45
N ALA A 456 -4.77 -13.50 -11.18
CA ALA A 456 -3.54 -13.31 -10.38
C ALA A 456 -2.56 -12.41 -11.03
N ASN A 457 -2.23 -12.59 -12.38
CA ASN A 457 -1.24 -12.01 -13.10
C ASN A 457 -1.56 -10.55 -13.27
N TYR A 458 -2.86 -10.25 -13.50
CA TYR A 458 -3.38 -8.92 -13.61
C TYR A 458 -3.25 -8.16 -12.29
N ASP A 459 -3.53 -8.83 -11.16
CA ASP A 459 -3.57 -8.21 -9.89
C ASP A 459 -2.25 -7.72 -9.49
N LYS A 460 -1.17 -8.49 -9.79
CA LYS A 460 0.26 -8.23 -9.59
C LYS A 460 0.66 -7.06 -10.38
N LEU A 461 0.25 -6.99 -11.62
CA LEU A 461 0.45 -5.91 -12.49
C LEU A 461 -0.19 -4.63 -12.06
N LEU A 462 -1.42 -4.73 -11.41
CA LEU A 462 -2.18 -3.61 -10.79
C LEU A 462 -1.50 -2.94 -9.68
N GLN A 463 -0.94 -3.74 -8.78
CA GLN A 463 -0.20 -3.22 -7.66
C GLN A 463 1.04 -2.60 -8.10
N ASN A 464 1.71 -3.24 -9.08
CA ASN A 464 3.01 -2.87 -9.55
C ASN A 464 2.96 -1.46 -10.21
N PHE A 465 1.86 -1.26 -10.91
CA PHE A 465 1.55 0.00 -11.59
C PHE A 465 1.27 1.10 -10.61
N GLU A 466 0.62 0.80 -9.48
CA GLU A 466 0.42 1.73 -8.36
C GLU A 466 1.70 2.24 -7.78
N LEU A 467 2.70 1.32 -7.52
CA LEU A 467 4.03 1.70 -7.10
C LEU A 467 4.84 2.50 -8.15
N GLU A 468 4.85 2.24 -9.47
CA GLU A 468 5.61 2.82 -10.52
C GLU A 468 5.38 4.34 -10.72
N ARG A 469 4.12 4.81 -10.30
CA ARG A 469 3.73 6.21 -10.41
C ARG A 469 3.71 6.90 -9.09
N GLN A 470 4.47 6.29 -8.17
CA GLN A 470 4.66 6.91 -6.87
C GLN A 470 3.48 7.44 -6.13
N SER A 471 3.64 8.57 -5.37
CA SER A 471 2.59 9.24 -4.74
C SER A 471 2.76 10.69 -5.22
N GLU A 472 1.72 11.42 -5.26
CA GLU A 472 1.66 12.86 -5.62
C GLU A 472 0.98 13.69 -4.58
N ASN A 473 0.68 13.09 -3.41
CA ASN A 473 -0.12 13.64 -2.33
C ASN A 473 0.46 12.93 -1.10
N PRO A 474 0.00 13.15 0.18
CA PRO A 474 0.69 12.47 1.25
C PRO A 474 0.36 11.00 1.18
N ASN A 475 -0.89 10.71 0.76
CA ASN A 475 -1.41 9.40 0.63
C ASN A 475 -2.24 9.59 -0.64
N ASN A 476 -2.16 8.65 -1.64
CA ASN A 476 -3.11 8.76 -2.82
C ASN A 476 -4.29 7.84 -2.51
N LEU A 477 -5.45 8.46 -2.32
CA LEU A 477 -6.78 7.92 -2.29
C LEU A 477 -7.12 7.32 -3.63
N MET A 478 -6.72 7.89 -4.79
CA MET A 478 -7.05 7.40 -6.12
C MET A 478 -6.48 6.03 -6.46
N ARG A 479 -5.14 5.80 -6.17
CA ARG A 479 -4.40 4.63 -6.53
C ARG A 479 -4.87 3.40 -5.81
N GLN A 480 -4.86 3.49 -4.45
CA GLN A 480 -5.06 2.30 -3.60
C GLN A 480 -6.44 1.77 -3.53
N LEU A 481 -7.44 2.66 -3.26
CA LEU A 481 -8.80 2.27 -3.05
C LEU A 481 -9.46 1.90 -4.29
N LEU A 482 -9.05 2.53 -5.47
CA LEU A 482 -9.65 2.24 -6.74
C LEU A 482 -8.85 1.20 -7.40
N MET A 483 -9.57 0.13 -7.71
CA MET A 483 -9.05 -1.13 -8.19
C MET A 483 -9.83 -1.64 -9.31
N ILE A 484 -9.15 -2.47 -10.12
CA ILE A 484 -9.78 -3.06 -11.26
C ILE A 484 -10.00 -4.60 -10.92
N GLN A 485 -11.23 -5.06 -11.30
CA GLN A 485 -11.69 -6.38 -10.91
C GLN A 485 -11.93 -7.20 -12.13
N PHE A 486 -11.76 -8.56 -11.94
CA PHE A 486 -12.14 -9.52 -12.97
C PHE A 486 -13.07 -10.56 -12.40
N ASP A 487 -14.21 -10.91 -13.13
CA ASP A 487 -15.22 -11.89 -12.69
C ASP A 487 -14.59 -13.27 -12.56
N THR A 488 -13.62 -13.62 -13.46
CA THR A 488 -12.94 -14.84 -13.48
C THR A 488 -12.17 -14.98 -12.19
N GLU A 489 -12.19 -16.21 -11.67
CA GLU A 489 -11.37 -16.51 -10.56
C GLU A 489 -11.34 -18.03 -10.48
N THR A 490 -11.86 -18.62 -11.55
CA THR A 490 -11.90 -20.05 -11.83
C THR A 490 -11.77 -20.40 -13.34
N LYS A 554 -16.89 -15.08 -22.24
CA LYS A 554 -16.23 -15.01 -23.60
C LYS A 554 -14.78 -15.06 -23.60
N SER A 555 -14.24 -14.02 -22.99
CA SER A 555 -12.87 -13.87 -22.83
C SER A 555 -12.68 -12.98 -21.61
N ALA A 556 -11.37 -12.77 -21.27
CA ALA A 556 -10.98 -11.97 -20.13
C ALA A 556 -11.43 -10.59 -20.29
N ILE A 557 -11.37 -10.04 -21.49
CA ILE A 557 -11.59 -8.66 -21.87
C ILE A 557 -12.99 -8.21 -21.51
N TYR A 558 -14.00 -9.11 -21.75
CA TYR A 558 -15.40 -8.90 -21.44
C TYR A 558 -15.50 -8.77 -19.97
N HIS A 559 -14.79 -9.61 -19.22
CA HIS A 559 -14.93 -9.80 -17.79
C HIS A 559 -14.44 -8.62 -16.98
N LEU A 560 -13.61 -7.75 -17.64
CA LEU A 560 -12.92 -6.58 -17.03
C LEU A 560 -13.88 -5.53 -16.51
N LYS A 561 -13.61 -5.01 -15.30
CA LYS A 561 -14.55 -4.10 -14.73
C LYS A 561 -13.69 -3.22 -13.84
N PHE A 562 -14.26 -2.11 -13.36
CA PHE A 562 -13.55 -1.21 -12.44
C PHE A 562 -14.45 -1.07 -11.23
N ASP A 563 -13.89 -1.02 -10.01
CA ASP A 563 -14.70 -0.93 -8.81
C ASP A 563 -14.10 0.23 -8.01
N ILE A 564 -15.02 1.10 -7.45
CA ILE A 564 -14.69 2.30 -6.76
C ILE A 564 -15.12 2.16 -5.37
N ASN A 565 -14.20 2.54 -4.46
CA ASN A 565 -14.52 2.67 -3.03
C ASN A 565 -13.96 4.00 -2.63
N ILE A 566 -14.73 4.68 -1.80
CA ILE A 566 -14.45 5.98 -1.35
C ILE A 566 -14.52 5.92 0.14
N PRO A 567 -13.42 6.28 0.89
CA PRO A 567 -13.43 6.41 2.28
C PRO A 567 -13.76 7.80 2.56
N TYR A 568 -13.69 8.12 3.87
CA TYR A 568 -13.83 9.40 4.57
C TYR A 568 -12.94 10.51 4.08
N PRO A 569 -13.12 11.89 4.12
CA PRO A 569 -14.33 12.61 4.60
C PRO A 569 -15.40 12.75 3.45
N LEU A 570 -15.04 12.35 2.24
CA LEU A 570 -15.83 12.54 1.05
C LEU A 570 -17.12 11.89 0.93
N ASN A 571 -17.27 10.75 1.61
CA ASN A 571 -18.41 9.90 1.54
C ASN A 571 -19.75 10.64 1.89
N ILE A 572 -19.65 11.65 2.80
CA ILE A 572 -20.79 12.45 3.30
C ILE A 572 -21.51 13.20 2.20
N ILE A 573 -20.77 13.86 1.26
CA ILE A 573 -21.30 14.58 0.01
C ILE A 573 -21.06 13.79 -1.24
N ILE A 574 -20.88 12.46 -1.11
CA ILE A 574 -20.91 11.59 -2.37
C ILE A 574 -21.87 10.48 -2.17
N SER A 575 -22.69 10.18 -3.21
CA SER A 575 -23.83 9.26 -2.92
C SER A 575 -23.42 7.89 -3.46
N ARG A 576 -24.23 6.90 -3.08
CA ARG A 576 -24.08 5.61 -3.59
C ARG A 576 -24.32 5.54 -5.13
N THR A 577 -25.30 6.37 -5.61
CA THR A 577 -25.75 6.46 -7.02
C THR A 577 -24.62 6.95 -7.85
N CYS A 578 -23.76 7.96 -7.44
CA CYS A 578 -22.71 8.53 -8.16
C CYS A 578 -21.61 7.54 -8.51
N MET A 579 -21.18 6.64 -7.50
CA MET A 579 -20.16 5.61 -7.61
C MET A 579 -20.63 4.58 -8.62
N ILE A 580 -21.98 4.30 -8.60
CA ILE A 580 -22.52 3.30 -9.49
C ILE A 580 -22.41 3.74 -10.95
N LYS A 581 -22.69 5.07 -11.26
CA LYS A 581 -22.49 5.71 -12.55
C LYS A 581 -21.06 5.66 -12.94
N TYR A 582 -20.14 6.06 -12.05
CA TYR A 582 -18.71 6.00 -12.43
C TYR A 582 -18.07 4.64 -12.80
N GLN A 583 -18.48 3.53 -12.05
CA GLN A 583 -17.91 2.31 -12.42
C GLN A 583 -18.32 1.81 -13.86
N ILE A 584 -19.62 2.09 -14.27
CA ILE A 584 -20.15 1.69 -15.58
C ILE A 584 -19.34 2.48 -16.61
N ILE A 585 -19.11 3.79 -16.38
CA ILE A 585 -18.49 4.62 -17.40
C ILE A 585 -16.99 4.11 -17.56
N LEU A 586 -16.28 3.77 -16.48
CA LEU A 586 -14.92 3.31 -16.61
C LEU A 586 -14.66 2.04 -17.41
N ARG A 587 -15.54 1.06 -17.22
CA ARG A 587 -15.47 -0.09 -18.13
C ARG A 587 -15.74 0.19 -19.60
N TYR A 588 -16.71 1.03 -19.97
CA TYR A 588 -16.89 1.22 -21.39
C TYR A 588 -15.67 1.90 -21.97
N GLN A 589 -15.08 2.96 -21.30
CA GLN A 589 -13.94 3.67 -21.80
C GLN A 589 -12.69 2.97 -21.92
N LEU A 590 -12.42 2.17 -20.87
CA LEU A 590 -11.14 1.43 -20.79
C LEU A 590 -10.93 0.45 -21.82
N VAL A 591 -12.03 -0.27 -22.22
CA VAL A 591 -12.10 -1.19 -23.33
C VAL A 591 -11.83 -0.54 -24.68
N LEU A 592 -12.43 0.71 -24.87
CA LEU A 592 -12.21 1.48 -26.09
C LEU A 592 -10.72 1.87 -26.26
N GLN A 593 -10.00 2.36 -25.20
CA GLN A 593 -8.67 2.75 -25.21
C GLN A 593 -7.78 1.57 -25.51
N TYR A 594 -8.16 0.38 -24.90
CA TYR A 594 -7.51 -0.90 -24.97
C TYR A 594 -7.52 -1.45 -26.33
N HIS A 595 -8.70 -1.38 -26.97
CA HIS A 595 -8.96 -1.88 -28.29
C HIS A 595 -8.27 -1.16 -29.36
N SER A 596 -8.10 0.18 -29.25
CA SER A 596 -7.29 1.00 -30.11
C SER A 596 -5.86 0.54 -29.98
N ARG A 597 -5.43 0.23 -28.70
CA ARG A 597 -4.00 -0.11 -28.44
C ARG A 597 -3.60 -1.40 -29.08
N LEU A 598 -4.41 -2.49 -29.03
CA LEU A 598 -4.10 -3.78 -29.66
C LEU A 598 -4.04 -3.78 -31.09
N LEU A 599 -4.96 -3.00 -31.71
CA LEU A 599 -5.16 -2.79 -33.15
C LEU A 599 -3.99 -2.11 -33.74
N ASP A 600 -3.47 -1.07 -33.06
CA ASP A 600 -2.35 -0.34 -33.69
C ASP A 600 -1.16 -1.36 -33.79
N GLU A 601 -0.96 -2.19 -32.66
CA GLU A 601 0.16 -3.08 -32.59
C GLU A 601 0.03 -4.12 -33.67
N THR A 602 -1.25 -4.64 -34.01
CA THR A 602 -1.46 -5.63 -35.01
C THR A 602 -1.07 -5.34 -36.39
N TRP A 603 -1.48 -4.12 -36.87
CA TRP A 603 -1.11 -3.60 -38.17
C TRP A 603 0.39 -3.36 -38.16
N MET A 604 0.97 -2.81 -37.09
CA MET A 604 2.37 -2.35 -37.06
C MET A 604 3.33 -3.53 -37.39
N ASP A 605 3.09 -4.76 -36.83
CA ASP A 605 3.85 -5.90 -37.03
C ASP A 605 3.88 -6.32 -38.50
N LEU A 606 2.68 -6.14 -39.12
CA LEU A 606 2.35 -6.69 -40.47
C LEU A 606 3.17 -6.13 -41.56
N ASN A 607 3.56 -4.83 -41.43
CA ASN A 607 4.34 -4.11 -42.39
C ASN A 607 5.78 -4.68 -42.44
N LYS A 608 6.17 -5.28 -41.31
CA LYS A 608 7.58 -5.68 -41.17
C LYS A 608 8.11 -6.80 -42.06
N THR A 609 7.49 -8.02 -41.94
CA THR A 609 7.86 -9.17 -42.67
C THR A 609 6.70 -9.73 -43.54
N PRO A 610 5.44 -9.89 -43.22
CA PRO A 610 4.50 -10.54 -44.11
C PRO A 610 3.69 -9.44 -44.78
N SER A 611 4.43 -8.51 -45.42
CA SER A 611 3.83 -7.50 -46.37
C SER A 611 3.61 -8.04 -47.68
N TRP A 612 4.35 -9.18 -47.93
CA TRP A 612 4.61 -9.89 -49.10
C TRP A 612 4.31 -11.31 -48.84
N LYS A 613 3.72 -11.97 -49.83
CA LYS A 613 3.42 -13.32 -49.87
C LYS A 613 3.56 -13.72 -51.32
N TYR A 614 4.29 -12.88 -52.03
CA TYR A 614 4.86 -13.31 -53.31
C TYR A 614 6.28 -13.90 -53.06
N ARG A 623 -0.80 -13.02 -50.98
CA ARG A 623 -0.55 -12.23 -52.21
C ARG A 623 -1.51 -11.07 -52.38
N ARG A 624 -2.63 -11.23 -53.13
CA ARG A 624 -3.65 -10.26 -53.32
C ARG A 624 -4.44 -10.00 -52.13
N ILE A 625 -4.60 -11.05 -51.33
CA ILE A 625 -5.30 -11.07 -50.06
C ILE A 625 -4.65 -10.13 -49.10
N VAL A 626 -3.32 -9.99 -49.09
CA VAL A 626 -2.61 -9.07 -48.14
C VAL A 626 -3.04 -7.56 -48.34
N ARG A 627 -3.18 -7.14 -49.60
CA ARG A 627 -3.57 -5.80 -50.00
C ARG A 627 -5.00 -5.53 -49.48
N ALA A 628 -5.94 -6.52 -49.58
CA ALA A 628 -7.30 -6.42 -49.10
C ALA A 628 -7.31 -6.24 -47.64
N THR A 629 -6.46 -7.07 -46.87
CA THR A 629 -6.40 -7.05 -45.45
C THR A 629 -5.95 -5.71 -44.94
N ARG A 630 -4.99 -5.01 -45.63
CA ARG A 630 -4.48 -3.73 -45.27
C ARG A 630 -5.55 -2.65 -45.33
N VAL A 631 -6.34 -2.61 -46.40
CA VAL A 631 -7.46 -1.69 -46.62
C VAL A 631 -8.60 -1.82 -45.63
N LEU A 632 -8.99 -3.13 -45.40
CA LEU A 632 -10.07 -3.48 -44.48
C LEU A 632 -9.76 -3.04 -43.05
N HIS A 633 -8.54 -3.26 -42.59
CA HIS A 633 -8.05 -2.98 -41.27
C HIS A 633 -8.13 -1.42 -41.05
N ALA A 634 -7.76 -0.66 -42.10
CA ALA A 634 -7.71 0.84 -42.13
C ALA A 634 -9.04 1.32 -41.90
N LYS A 635 -10.12 0.74 -42.51
CA LYS A 635 -11.48 1.11 -42.34
C LYS A 635 -11.94 0.87 -40.91
N MET A 636 -11.58 -0.30 -40.41
CA MET A 636 -11.87 -0.68 -39.03
C MET A 636 -11.21 0.20 -38.06
N ASN A 637 -9.98 0.72 -38.30
CA ASN A 637 -9.34 1.71 -37.42
C ASN A 637 -10.09 3.04 -37.40
N HIS A 638 -10.65 3.54 -38.56
CA HIS A 638 -11.39 4.81 -38.71
C HIS A 638 -12.70 4.71 -37.99
N PHE A 639 -13.45 3.58 -37.98
CA PHE A 639 -14.68 3.43 -37.21
C PHE A 639 -14.50 3.55 -35.76
N ILE A 640 -13.51 2.90 -35.23
CA ILE A 640 -13.14 2.98 -33.82
C ILE A 640 -12.68 4.37 -33.38
N LYS A 641 -11.84 5.07 -34.18
CA LYS A 641 -11.26 6.42 -33.85
C LYS A 641 -12.41 7.34 -33.66
N THR A 642 -13.47 7.27 -34.54
CA THR A 642 -14.64 8.12 -34.50
C THR A 642 -15.53 7.89 -33.23
N ILE A 643 -15.79 6.56 -32.85
CA ILE A 643 -16.54 6.21 -31.63
C ILE A 643 -15.76 6.73 -30.40
N MET A 644 -14.41 6.52 -30.32
CA MET A 644 -13.64 6.94 -29.24
C MET A 644 -13.62 8.45 -28.97
N GLU A 645 -13.45 9.19 -30.12
CA GLU A 645 -13.39 10.57 -30.16
C GLU A 645 -14.65 11.30 -29.62
N TYR A 646 -15.90 10.95 -30.17
CA TYR A 646 -17.14 11.45 -29.79
C TYR A 646 -17.53 11.02 -28.40
N PHE A 647 -17.33 9.77 -27.96
CA PHE A 647 -17.70 9.26 -26.63
C PHE A 647 -17.03 10.04 -25.51
N ASN A 648 -15.71 10.25 -25.70
CA ASN A 648 -14.84 11.08 -24.86
C ASN A 648 -15.18 12.58 -24.92
N GLN A 649 -15.29 13.15 -26.15
CA GLN A 649 -15.47 14.60 -26.28
C GLN A 649 -16.85 15.04 -25.74
N ASN A 650 -17.93 14.42 -26.19
CA ASN A 650 -19.22 14.92 -25.81
C ASN A 650 -19.63 14.62 -24.39
N VAL A 651 -19.32 13.39 -23.87
CA VAL A 651 -19.52 13.06 -22.47
C VAL A 651 -18.38 13.46 -21.50
N ILE A 652 -17.14 12.82 -21.55
CA ILE A 652 -16.09 12.87 -20.60
C ILE A 652 -15.33 14.17 -20.46
N ASP A 653 -14.83 14.68 -21.55
CA ASP A 653 -13.99 15.88 -21.56
C ASP A 653 -14.76 16.99 -21.08
N LYS A 654 -16.05 17.10 -21.54
CA LYS A 654 -16.96 18.18 -21.34
C LYS A 654 -17.26 18.28 -19.87
N GLU A 655 -17.50 17.09 -19.21
CA GLU A 655 -17.70 16.84 -17.76
C GLU A 655 -16.50 17.18 -17.02
N VAL A 656 -15.24 16.95 -17.55
CA VAL A 656 -14.06 17.35 -16.82
C VAL A 656 -14.03 18.84 -16.63
N TYR A 657 -14.31 19.58 -17.67
CA TYR A 657 -14.65 21.01 -17.59
C TYR A 657 -16.01 21.15 -16.80
N SER A 658 -16.39 22.36 -16.25
CA SER A 658 -17.59 22.50 -15.38
C SER A 658 -17.18 21.99 -14.01
N LEU A 659 -16.66 20.76 -13.79
CA LEU A 659 -16.08 20.35 -12.53
C LEU A 659 -14.94 21.18 -12.15
N GLU A 660 -13.96 21.54 -12.94
CA GLU A 660 -12.85 22.48 -12.59
C GLU A 660 -13.29 23.80 -12.35
N LYS A 661 -14.24 24.27 -13.20
CA LYS A 661 -14.79 25.60 -13.15
C LYS A 661 -15.51 25.80 -11.84
N CYS A 662 -16.28 24.82 -11.44
CA CYS A 662 -17.06 24.81 -10.22
C CYS A 662 -16.22 24.93 -9.01
N TYR A 663 -15.11 24.23 -9.02
CA TYR A 663 -14.21 24.35 -7.96
C TYR A 663 -13.62 25.74 -7.83
N ARG A 664 -13.24 26.34 -8.96
CA ARG A 664 -12.46 27.62 -8.96
C ARG A 664 -13.27 28.87 -8.49
N ASN A 665 -14.58 29.10 -8.83
CA ASN A 665 -15.27 30.32 -8.46
C ASN A 665 -15.43 30.49 -6.95
N PRO A 666 -15.96 29.56 -6.08
CA PRO A 666 -16.10 29.82 -4.68
C PRO A 666 -15.14 28.77 -4.07
N THR A 667 -15.29 28.47 -2.76
CA THR A 667 -14.61 27.50 -2.07
C THR A 667 -15.52 26.86 -1.06
N LEU A 668 -16.89 27.03 -1.22
CA LEU A 668 -17.88 26.46 -0.39
C LEU A 668 -17.93 25.00 -0.44
N ALA A 669 -18.53 24.43 0.64
CA ALA A 669 -18.94 23.09 0.65
C ALA A 669 -20.04 22.65 -0.27
N VAL A 670 -21.08 23.54 -0.44
CA VAL A 670 -22.31 23.34 -1.24
C VAL A 670 -22.02 23.12 -2.68
N ALA A 671 -21.03 23.84 -3.20
CA ALA A 671 -20.59 23.73 -4.55
C ALA A 671 -20.06 22.41 -4.99
N ILE A 672 -19.35 21.77 -4.06
CA ILE A 672 -18.76 20.49 -4.10
C ILE A 672 -19.87 19.46 -4.20
N GLN A 673 -20.96 19.55 -3.37
CA GLN A 673 -22.15 18.68 -3.41
C GLN A 673 -22.91 18.75 -4.69
N ASN A 674 -23.00 20.00 -5.25
CA ASN A 674 -23.62 20.33 -6.52
C ASN A 674 -23.02 19.60 -7.61
N GLU A 675 -21.66 19.69 -7.65
CA GLU A 675 -20.98 18.96 -8.74
C GLU A 675 -21.09 17.41 -8.75
N LEU A 676 -21.02 16.73 -7.59
CA LEU A 676 -21.18 15.31 -7.57
C LEU A 676 -22.53 14.76 -8.02
N GLU A 677 -23.60 15.47 -7.55
CA GLU A 677 -24.96 15.29 -7.75
C GLU A 677 -25.14 15.46 -9.31
N GLY A 678 -24.47 16.47 -9.93
CA GLY A 678 -24.45 16.93 -11.27
C GLY A 678 -23.89 15.76 -12.12
N GLY A 679 -22.87 15.03 -11.70
CA GLY A 679 -22.07 13.94 -12.24
C GLY A 679 -22.83 12.71 -12.40
N LEU A 680 -23.71 12.32 -11.47
CA LEU A 680 -24.49 11.19 -11.56
C LEU A 680 -25.53 11.30 -12.65
N THR A 681 -26.13 12.41 -12.84
CA THR A 681 -26.95 12.76 -13.98
C THR A 681 -26.19 13.10 -15.26
N ASN A 682 -26.80 12.88 -16.43
CA ASN A 682 -26.27 13.13 -17.75
C ASN A 682 -24.99 12.55 -18.02
N ILE A 683 -24.81 11.22 -17.71
CA ILE A 683 -23.65 10.45 -18.06
C ILE A 683 -24.15 9.03 -18.33
N MET A 684 -25.42 8.78 -17.90
CA MET A 684 -26.08 7.55 -18.14
C MET A 684 -26.52 7.50 -19.56
N THR A 685 -26.82 8.72 -20.08
CA THR A 685 -27.09 8.96 -21.44
C THR A 685 -25.84 8.83 -22.34
N ASN A 686 -25.99 7.94 -23.40
CA ASN A 686 -24.94 7.48 -24.27
C ASN A 686 -24.15 6.47 -23.52
N ARG A 687 -24.84 5.64 -22.69
CA ARG A 687 -24.16 4.53 -22.06
C ARG A 687 -25.30 3.50 -21.89
N CYS A 688 -26.43 3.69 -22.64
CA CYS A 688 -27.52 2.72 -22.56
C CYS A 688 -28.26 2.88 -23.84
N LEU A 689 -27.83 3.83 -24.70
CA LEU A 689 -28.38 4.15 -25.96
C LEU A 689 -27.42 3.59 -27.06
N SER A 690 -26.21 3.22 -26.64
CA SER A 690 -25.24 2.58 -27.49
C SER A 690 -24.45 1.82 -26.46
N ASP A 691 -23.92 0.57 -26.77
CA ASP A 691 -23.22 -0.31 -25.83
C ASP A 691 -21.96 -0.67 -26.66
N LEU A 692 -20.80 -0.04 -26.37
CA LEU A 692 -19.71 -0.17 -27.21
C LEU A 692 -18.99 -1.58 -27.23
N ILE A 693 -18.85 -2.19 -26.07
CA ILE A 693 -18.10 -3.40 -25.73
C ILE A 693 -18.60 -4.61 -26.49
N PRO A 694 -19.90 -4.93 -26.60
CA PRO A 694 -20.28 -6.14 -27.34
C PRO A 694 -19.75 -6.09 -28.71
N LEU A 695 -19.75 -4.91 -29.37
CA LEU A 695 -19.25 -4.65 -30.71
C LEU A 695 -17.73 -4.86 -30.78
N GLN A 696 -16.97 -4.33 -29.77
CA GLN A 696 -15.52 -4.37 -29.68
C GLN A 696 -15.08 -5.77 -29.54
N LEU A 697 -15.84 -6.60 -28.79
CA LEU A 697 -15.43 -7.98 -28.69
C LEU A 697 -15.45 -8.65 -30.02
N GLN A 698 -16.44 -8.37 -30.89
CA GLN A 698 -16.32 -9.02 -32.22
C GLN A 698 -15.10 -8.56 -33.11
N ILE A 699 -14.84 -7.25 -33.10
CA ILE A 699 -13.81 -6.55 -33.87
C ILE A 699 -12.49 -7.18 -33.37
N PHE A 700 -12.37 -7.40 -32.02
CA PHE A 700 -11.21 -8.04 -31.40
C PHE A 700 -10.94 -9.43 -31.94
N ASP A 701 -12.08 -10.22 -32.09
CA ASP A 701 -11.85 -11.55 -32.61
C ASP A 701 -11.31 -11.54 -34.03
N ILE A 702 -11.82 -10.69 -34.87
CA ILE A 702 -11.41 -10.51 -36.18
C ILE A 702 -9.99 -10.05 -36.42
N VAL A 703 -9.54 -9.08 -35.60
CA VAL A 703 -8.25 -8.49 -35.63
C VAL A 703 -7.15 -9.44 -35.35
N TYR A 704 -7.40 -10.27 -34.31
CA TYR A 704 -6.44 -11.31 -33.88
C TYR A 704 -6.26 -12.36 -35.01
N LYS A 705 -7.44 -12.71 -35.62
CA LYS A 705 -7.41 -13.67 -36.78
C LYS A 705 -6.71 -13.08 -37.92
N PHE A 706 -6.86 -11.79 -38.29
CA PHE A 706 -6.10 -11.27 -39.34
C PHE A 706 -4.60 -11.28 -39.16
N CYS A 707 -4.11 -10.78 -38.00
CA CYS A 707 -2.66 -10.81 -37.81
C CYS A 707 -2.02 -12.12 -37.81
N LYS A 708 -2.68 -13.09 -37.12
CA LYS A 708 -2.32 -14.43 -37.06
C LYS A 708 -2.39 -15.25 -38.35
N PHE A 709 -3.38 -15.08 -39.19
CA PHE A 709 -3.52 -15.62 -40.47
C PHE A 709 -2.45 -15.22 -41.45
N ILE A 710 -2.21 -13.87 -41.50
CA ILE A 710 -1.23 -13.25 -42.40
C ILE A 710 0.17 -13.66 -42.15
N LYS A 711 0.51 -13.77 -40.84
CA LYS A 711 1.87 -14.23 -40.42
C LYS A 711 2.27 -15.66 -40.90
N SER A 712 1.29 -16.62 -41.18
CA SER A 712 1.45 -17.97 -41.61
C SER A 712 2.26 -18.11 -42.89
N MET A 713 2.19 -16.96 -43.61
CA MET A 713 2.85 -16.66 -44.85
C MET A 713 2.31 -17.40 -46.06
N ARG A 714 3.17 -17.63 -47.11
CA ARG A 714 2.76 -18.33 -48.23
C ARG A 714 2.76 -19.84 -48.07
N GLU A 754 -0.72 -24.65 -48.22
CA GLU A 754 -0.20 -23.66 -49.20
C GLU A 754 -1.31 -23.03 -50.00
N ASP A 755 -1.85 -23.81 -51.05
CA ASP A 755 -2.99 -23.35 -51.89
C ASP A 755 -4.22 -23.20 -51.03
N ALA A 756 -4.47 -24.18 -50.06
CA ALA A 756 -5.54 -24.14 -49.08
C ALA A 756 -5.55 -22.97 -48.11
N ALA A 757 -4.28 -22.59 -47.67
CA ALA A 757 -4.10 -21.46 -46.71
C ALA A 757 -4.62 -20.23 -47.31
N LEU A 758 -4.31 -20.00 -48.61
CA LEU A 758 -4.62 -18.87 -49.39
C LEU A 758 -6.17 -18.74 -49.59
N GLU A 759 -6.86 -19.92 -49.87
CA GLU A 759 -8.24 -19.97 -50.16
C GLU A 759 -8.99 -19.55 -48.93
N LEU A 760 -8.62 -20.13 -47.77
CA LEU A 760 -9.26 -19.98 -46.48
C LEU A 760 -9.30 -18.54 -45.98
N ILE A 761 -8.17 -17.79 -46.20
CA ILE A 761 -7.98 -16.39 -45.89
C ILE A 761 -8.97 -15.53 -46.64
N GLN A 762 -9.18 -15.86 -47.93
CA GLN A 762 -10.03 -15.15 -48.83
C GLN A 762 -11.47 -15.22 -48.49
N LYS A 763 -11.87 -16.41 -48.04
CA LYS A 763 -13.23 -16.68 -47.49
C LYS A 763 -13.38 -15.79 -46.35
N LEU A 764 -12.32 -15.76 -45.47
CA LEU A 764 -12.41 -14.96 -44.24
C LEU A 764 -12.60 -13.45 -44.59
N ILE A 765 -11.93 -12.89 -45.64
CA ILE A 765 -11.87 -11.51 -45.97
C ILE A 765 -13.21 -11.02 -46.35
N GLU A 766 -13.91 -11.87 -47.12
CA GLU A 766 -15.21 -11.62 -47.64
C GLU A 766 -16.24 -11.48 -46.56
N TYR A 767 -16.22 -12.30 -45.42
CA TYR A 767 -16.97 -12.22 -44.25
C TYR A 767 -16.65 -10.93 -43.55
N ILE A 768 -15.39 -10.52 -43.40
CA ILE A 768 -14.88 -9.33 -42.74
C ILE A 768 -15.38 -8.03 -43.44
N SER A 769 -15.45 -8.00 -44.82
CA SER A 769 -15.92 -6.95 -45.72
C SER A 769 -17.39 -6.64 -45.49
N ASN A 770 -18.18 -7.70 -45.36
CA ASN A 770 -19.57 -7.52 -45.01
C ASN A 770 -19.75 -6.90 -43.63
N ALA A 771 -19.06 -7.35 -42.60
CA ALA A 771 -19.15 -6.84 -41.22
C ALA A 771 -18.76 -5.43 -41.05
N SER A 772 -17.68 -5.02 -41.82
CA SER A 772 -17.26 -3.65 -41.96
C SER A 772 -18.27 -2.79 -42.70
N SER A 773 -18.98 -3.31 -43.73
CA SER A 773 -19.91 -2.50 -44.52
C SER A 773 -21.08 -2.07 -43.70
N ILE A 774 -21.62 -2.97 -42.83
CA ILE A 774 -22.71 -2.74 -41.85
C ILE A 774 -22.23 -1.77 -40.80
N PHE A 775 -20.93 -1.96 -40.37
CA PHE A 775 -20.25 -1.01 -39.42
C PHE A 775 -20.30 0.41 -39.98
N ARG A 776 -20.03 0.53 -41.28
CA ARG A 776 -19.94 1.77 -42.00
C ARG A 776 -21.20 2.50 -42.02
N LYS A 777 -22.39 1.81 -42.25
CA LYS A 777 -23.71 2.43 -42.09
C LYS A 777 -23.98 2.88 -40.71
N CYS A 778 -23.54 2.04 -39.71
CA CYS A 778 -23.73 2.28 -38.28
C CYS A 778 -23.03 3.52 -37.76
N LEU A 779 -21.87 3.82 -38.32
CA LEU A 779 -20.96 4.85 -37.94
C LEU A 779 -21.68 6.19 -38.01
N ILE A 780 -22.58 6.42 -38.98
CA ILE A 780 -23.44 7.64 -39.17
C ILE A 780 -24.40 7.73 -37.95
N ASN A 781 -25.00 6.62 -37.48
CA ASN A 781 -26.00 6.47 -36.46
C ASN A 781 -25.38 6.91 -35.13
N PHE A 782 -24.02 6.71 -34.87
CA PHE A 782 -23.27 7.00 -33.63
C PHE A 782 -23.39 8.46 -33.33
N THR A 783 -23.23 9.34 -34.41
CA THR A 783 -23.12 10.72 -34.39
C THR A 783 -24.39 11.29 -33.83
N GLN A 784 -25.56 10.89 -34.41
CA GLN A 784 -26.89 11.17 -33.89
C GLN A 784 -26.98 10.65 -32.51
N GLU A 785 -27.73 11.34 -31.62
CA GLU A 785 -27.80 11.18 -30.20
C GLU A 785 -28.22 9.73 -29.90
N LEU A 786 -29.23 9.33 -30.62
CA LEU A 786 -29.76 8.02 -30.55
C LEU A 786 -30.29 7.76 -31.93
N SER A 787 -30.32 6.44 -32.30
CA SER A 787 -30.89 6.02 -33.51
C SER A 787 -31.25 4.51 -33.22
N THR A 788 -32.23 3.96 -33.97
CA THR A 788 -32.79 2.69 -33.76
C THR A 788 -31.75 1.62 -34.26
N GLU A 789 -31.11 1.81 -35.42
CA GLU A 789 -30.15 0.83 -35.98
C GLU A 789 -29.02 0.56 -34.99
N LYS A 790 -28.38 1.57 -34.28
CA LYS A 790 -27.30 1.29 -33.37
C LYS A 790 -27.70 0.46 -32.16
N PHE A 791 -28.93 0.73 -31.55
CA PHE A 791 -29.51 0.13 -30.39
C PHE A 791 -29.72 -1.38 -30.57
N ASP A 792 -30.34 -1.69 -31.78
CA ASP A 792 -30.48 -2.99 -32.35
C ASP A 792 -29.12 -3.62 -32.64
N PHE A 793 -28.10 -2.84 -33.14
CA PHE A 793 -26.78 -3.34 -33.54
C PHE A 793 -26.04 -3.90 -32.39
N TYR A 794 -26.15 -3.28 -31.23
CA TYR A 794 -25.46 -3.69 -30.03
C TYR A 794 -25.80 -5.00 -29.48
N ASP A 795 -27.14 -5.22 -29.52
CA ASP A 795 -27.80 -6.45 -29.09
C ASP A 795 -27.29 -7.66 -29.88
N SER A 796 -27.26 -7.48 -31.25
CA SER A 796 -26.66 -8.56 -32.12
C SER A 796 -25.14 -8.18 -32.36
N SER A 797 -24.47 -9.07 -33.14
CA SER A 797 -23.12 -9.03 -33.60
C SER A 797 -22.13 -9.02 -32.51
N SER A 798 -22.37 -9.99 -31.62
CA SER A 798 -21.68 -10.18 -30.42
C SER A 798 -21.93 -11.60 -30.06
N VAL A 799 -22.83 -12.31 -30.89
CA VAL A 799 -23.24 -13.70 -30.63
C VAL A 799 -22.35 -14.58 -31.48
N ASP A 800 -21.68 -13.96 -32.45
CA ASP A 800 -20.87 -14.67 -33.43
C ASP A 800 -19.38 -14.54 -32.97
N PRO B 180 -43.50 32.37 74.62
CA PRO B 180 -44.18 33.18 73.56
C PRO B 180 -43.88 32.42 72.28
N GLU B 181 -44.29 32.97 71.11
CA GLU B 181 -44.08 32.34 69.81
C GLU B 181 -42.55 32.29 69.53
N GLU B 182 -41.77 33.20 70.16
CA GLU B 182 -40.31 33.24 70.08
C GLU B 182 -39.61 31.99 70.60
N ASP B 183 -40.14 31.44 71.75
CA ASP B 183 -39.65 30.27 72.38
C ASP B 183 -39.81 29.03 71.55
N ILE B 184 -40.95 28.93 70.81
CA ILE B 184 -41.21 27.84 69.86
C ILE B 184 -40.21 27.96 68.77
N LEU B 185 -39.94 29.23 68.26
CA LEU B 185 -39.05 29.41 67.19
C LEU B 185 -37.61 28.97 67.43
N LYS B 186 -37.06 29.21 68.63
CA LYS B 186 -35.79 28.67 69.02
C LYS B 186 -35.74 27.23 69.10
N TYR B 187 -36.76 26.54 69.59
CA TYR B 187 -36.90 25.10 69.64
C TYR B 187 -36.94 24.39 68.31
N VAL B 188 -37.72 24.94 67.32
CA VAL B 188 -37.86 24.29 66.04
C VAL B 188 -36.48 24.26 65.35
N SER B 189 -35.72 25.35 65.47
CA SER B 189 -34.41 25.53 64.86
C SER B 189 -33.39 24.55 65.38
N TYR B 190 -33.45 24.30 66.72
CA TYR B 190 -32.52 23.42 67.51
C TYR B 190 -32.64 21.93 67.07
N THR B 191 -33.86 21.56 66.75
CA THR B 191 -34.18 20.33 66.18
C THR B 191 -33.55 20.11 64.84
N LEU B 192 -33.49 21.13 63.93
CA LEU B 192 -32.75 20.92 62.65
C LEU B 192 -31.27 20.77 62.92
N LEU B 193 -30.80 21.33 64.01
CA LEU B 193 -29.37 21.26 64.39
C LEU B 193 -28.91 19.93 64.95
N ALA B 194 -29.90 19.05 65.11
CA ALA B 194 -29.83 17.66 65.54
C ALA B 194 -29.88 17.43 67.08
N THR B 195 -30.89 18.00 67.66
CA THR B 195 -31.13 17.75 69.05
C THR B 195 -32.55 17.27 69.07
N THR B 196 -32.84 16.76 70.28
CA THR B 196 -34.13 16.24 70.73
C THR B 196 -34.90 17.31 71.40
N SER B 197 -36.22 17.14 71.67
CA SER B 197 -37.12 18.19 72.12
C SER B 197 -38.04 17.46 73.13
N ALA B 198 -38.67 18.22 74.02
CA ALA B 198 -39.69 17.84 74.89
C ALA B 198 -40.79 18.80 74.72
N LEU B 199 -40.81 19.56 73.57
CA LEU B 199 -41.76 20.59 73.40
C LEU B 199 -42.64 20.10 72.32
N PHE B 200 -42.19 19.10 71.55
CA PHE B 200 -43.03 18.56 70.52
C PHE B 200 -42.60 17.13 70.20
N PRO B 201 -43.45 16.25 69.70
CA PRO B 201 -43.10 14.85 69.37
C PRO B 201 -42.22 14.67 68.22
N PHE B 202 -41.92 15.71 67.39
CA PHE B 202 -41.03 15.59 66.21
C PHE B 202 -39.56 15.61 66.71
N ASP B 203 -38.81 14.52 66.34
CA ASP B 203 -37.36 14.47 66.41
C ASP B 203 -36.94 13.76 65.20
N HIS B 204 -37.82 12.91 64.70
CA HIS B 204 -37.75 12.23 63.44
C HIS B 204 -39.11 11.66 63.16
N GLU B 205 -40.02 11.79 64.15
CA GLU B 205 -41.39 11.28 64.04
C GLU B 205 -42.36 12.41 63.65
N GLN B 206 -43.64 12.05 63.44
CA GLN B 206 -44.78 12.80 63.12
C GLN B 206 -44.97 13.75 64.22
N ILE B 207 -45.65 14.87 63.86
CA ILE B 207 -46.08 15.86 64.84
C ILE B 207 -47.45 16.34 64.22
N GLN B 208 -48.49 16.58 65.04
CA GLN B 208 -49.91 17.05 64.67
C GLN B 208 -50.74 16.93 65.84
N ILE B 209 -50.85 18.09 66.56
CA ILE B 209 -51.45 18.10 67.86
C ILE B 209 -52.12 19.52 68.02
N PRO B 210 -53.20 19.66 68.71
CA PRO B 210 -53.89 20.92 68.89
C PRO B 210 -53.32 21.73 70.07
N SER B 211 -52.73 21.10 71.10
CA SER B 211 -52.35 21.74 72.32
C SER B 211 -51.16 21.08 72.84
N LYS B 212 -50.24 22.03 73.23
CA LYS B 212 -48.84 21.85 73.69
C LYS B 212 -48.16 22.99 73.02
N ILE B 213 -48.64 23.31 71.80
CA ILE B 213 -48.16 24.34 70.92
C ILE B 213 -49.51 24.63 70.20
N PRO B 214 -49.81 25.83 69.66
CA PRO B 214 -51.01 26.26 69.02
C PRO B 214 -51.42 25.28 67.88
N ASN B 215 -52.65 25.30 67.42
CA ASN B 215 -53.32 24.36 66.52
C ASN B 215 -52.55 24.22 65.17
N PHE B 216 -52.21 25.36 64.58
CA PHE B 216 -51.69 25.42 63.26
C PHE B 216 -50.27 25.94 63.28
N GLU B 217 -49.70 25.93 64.53
CA GLU B 217 -48.27 25.95 64.72
C GLU B 217 -47.74 24.54 64.40
N SER B 218 -48.56 23.56 64.84
CA SER B 218 -48.28 22.19 64.55
C SER B 218 -48.41 21.86 63.08
N GLY B 219 -49.41 22.47 62.31
CA GLY B 219 -49.60 22.26 60.92
C GLY B 219 -48.39 22.77 60.20
N LEU B 220 -47.84 23.96 60.57
CA LEU B 220 -46.63 24.53 59.94
C LEU B 220 -45.40 23.66 60.11
N LEU B 221 -45.31 23.14 61.38
CA LEU B 221 -44.24 22.35 61.86
C LEU B 221 -44.07 21.04 61.12
N HIS B 222 -45.26 20.50 60.67
CA HIS B 222 -45.39 19.35 59.80
C HIS B 222 -44.73 19.47 58.47
N LEU B 223 -45.02 20.62 57.80
CA LEU B 223 -44.53 20.94 56.45
C LEU B 223 -43.00 20.97 56.58
N ILE B 224 -42.48 21.58 57.67
CA ILE B 224 -41.08 21.71 58.07
C ILE B 224 -40.41 20.36 58.32
N PHE B 225 -41.13 19.37 58.88
CA PHE B 225 -40.54 18.13 59.37
C PHE B 225 -39.90 17.26 58.35
N GLU B 226 -40.46 17.23 57.14
CA GLU B 226 -39.95 16.46 56.02
C GLU B 226 -38.59 16.87 55.57
N ALA B 227 -38.38 18.24 55.43
CA ALA B 227 -37.14 18.89 55.12
C ALA B 227 -36.02 18.70 56.12
N GLY B 228 -36.36 18.83 57.38
CA GLY B 228 -35.57 18.67 58.54
C GLY B 228 -35.10 17.23 58.78
N LEU B 229 -36.02 16.33 58.40
CA LEU B 229 -35.78 14.86 58.44
C LEU B 229 -34.68 14.42 57.53
N LEU B 230 -34.67 14.98 56.26
CA LEU B 230 -33.59 14.65 55.33
C LEU B 230 -32.22 15.19 55.81
N TYR B 231 -32.29 16.44 56.37
CA TYR B 231 -31.13 17.13 56.87
C TYR B 231 -30.38 16.35 57.97
N GLN B 232 -31.05 15.69 58.92
CA GLN B 232 -30.49 14.84 59.94
C GLN B 232 -29.86 13.61 59.32
N SER B 233 -30.52 13.03 58.32
CA SER B 233 -30.07 11.80 57.70
C SER B 233 -28.72 12.05 56.98
N LEU B 234 -28.58 13.17 56.18
CA LEU B 234 -27.39 13.62 55.53
C LEU B 234 -26.32 13.96 56.51
N GLY B 235 -26.65 14.70 57.64
CA GLY B 235 -25.60 15.16 58.61
C GLY B 235 -24.81 14.01 59.22
N TYR B 236 -25.67 13.01 59.51
CA TYR B 236 -25.14 11.81 60.11
C TYR B 236 -24.20 11.11 59.18
N LYS B 237 -24.57 10.97 57.89
CA LYS B 237 -23.79 10.33 56.94
C LYS B 237 -22.45 10.94 56.64
N VAL B 238 -22.36 12.30 56.42
CA VAL B 238 -21.08 12.90 56.10
C VAL B 238 -20.04 12.83 57.16
N GLU B 239 -20.43 13.03 58.49
CA GLU B 239 -19.53 12.91 59.60
C GLU B 239 -18.96 11.55 59.86
N LYS B 240 -19.81 10.49 59.76
CA LYS B 240 -19.35 9.12 59.90
C LYS B 240 -18.38 8.73 58.81
N PHE B 241 -18.76 9.04 57.51
CA PHE B 241 -18.07 8.57 56.29
C PHE B 241 -16.77 9.33 56.05
N ARG B 242 -16.67 10.63 56.47
CA ARG B 242 -15.36 11.25 56.50
C ARG B 242 -14.40 10.60 57.39
N MET B 243 -13.21 10.48 56.80
CA MET B 243 -11.93 10.07 57.31
C MET B 243 -11.86 8.60 57.60
N LEU B 244 -12.93 7.94 57.29
CA LEU B 244 -13.11 6.50 57.45
C LEU B 244 -13.75 6.03 56.20
N ASN B 245 -13.14 6.39 55.06
CA ASN B 245 -13.50 5.93 53.74
C ASN B 245 -12.21 5.84 53.00
N ILE B 246 -12.14 4.85 52.06
CA ILE B 246 -11.15 4.62 51.11
C ILE B 246 -11.85 4.87 49.87
N SER B 247 -11.22 5.77 49.12
CA SER B 247 -11.58 6.38 47.87
C SER B 247 -11.38 7.81 48.22
N PRO B 248 -10.22 8.38 47.73
CA PRO B 248 -9.95 9.77 47.89
C PRO B 248 -10.75 10.63 47.06
N MET B 249 -11.26 10.19 45.90
CA MET B 249 -12.22 10.95 45.00
C MET B 249 -13.61 11.10 45.64
N LYS B 250 -14.11 10.04 46.31
CA LYS B 250 -15.29 9.99 47.12
C LYS B 250 -15.12 10.84 48.33
N LYS B 251 -13.90 10.76 48.91
CA LYS B 251 -13.55 11.49 50.15
C LYS B 251 -13.62 13.00 49.90
N ALA B 252 -13.18 13.47 48.71
CA ALA B 252 -13.24 14.83 48.36
C ALA B 252 -14.67 15.28 48.27
N LEU B 253 -15.70 14.48 47.81
CA LEU B 253 -17.08 14.86 47.76
C LEU B 253 -17.69 15.09 49.12
N ILE B 254 -17.40 14.15 50.10
CA ILE B 254 -17.88 14.21 51.44
C ILE B 254 -17.42 15.46 52.21
N ILE B 255 -16.15 15.77 51.94
CA ILE B 255 -15.47 16.91 52.46
C ILE B 255 -16.01 18.26 52.04
N GLU B 256 -16.35 18.39 50.73
CA GLU B 256 -16.98 19.62 50.26
C GLU B 256 -18.34 19.81 50.83
N ILE B 257 -19.21 18.71 50.94
CA ILE B 257 -20.62 18.76 51.33
C ILE B 257 -20.55 19.21 52.83
N SER B 258 -19.63 18.64 53.62
CA SER B 258 -19.58 19.08 55.05
C SER B 258 -19.29 20.55 55.34
N GLU B 259 -18.45 21.12 54.50
CA GLU B 259 -18.13 22.50 54.55
C GLU B 259 -19.26 23.40 54.24
N GLU B 260 -20.15 22.96 53.27
CA GLU B 260 -21.36 23.61 52.76
C GLU B 260 -22.24 23.74 54.00
N LEU B 261 -22.36 22.69 54.81
CA LEU B 261 -23.25 22.53 55.94
C LEU B 261 -22.91 23.40 57.16
N GLN B 262 -21.56 23.82 57.27
CA GLN B 262 -21.19 24.74 58.37
C GLN B 262 -21.97 26.04 58.32
N ASN B 263 -22.16 26.52 57.04
CA ASN B 263 -22.83 27.78 56.72
C ASN B 263 -24.22 27.96 57.19
N TYR B 264 -24.99 26.82 56.97
CA TYR B 264 -26.40 26.68 57.40
C TYR B 264 -26.46 26.81 58.87
N THR B 265 -25.47 26.09 59.55
CA THR B 265 -25.43 26.06 61.03
C THR B 265 -25.17 27.46 61.60
N ALA B 266 -24.27 28.29 60.91
CA ALA B 266 -24.00 29.68 61.39
C ALA B 266 -25.22 30.65 61.42
N PHE B 267 -26.03 30.50 60.32
CA PHE B 267 -27.25 31.22 60.15
C PHE B 267 -28.19 30.86 61.26
N VAL B 268 -28.26 29.51 61.61
CA VAL B 268 -29.18 29.05 62.65
C VAL B 268 -28.90 29.68 64.00
N ASN B 269 -27.59 29.78 64.35
CA ASN B 269 -27.12 30.44 65.50
C ASN B 269 -27.36 31.92 65.58
N ASN B 270 -27.13 32.64 64.41
CA ASN B 270 -27.27 34.07 64.27
C ASN B 270 -28.74 34.44 64.52
N LEU B 271 -29.57 33.58 63.92
CA LEU B 271 -31.02 33.74 63.96
C LEU B 271 -31.59 33.68 65.41
N VAL B 272 -31.13 32.64 66.15
CA VAL B 272 -31.58 32.38 67.50
C VAL B 272 -31.20 33.62 68.40
N SER B 273 -29.98 34.20 68.27
CA SER B 273 -29.48 35.32 69.08
C SER B 273 -30.29 36.54 68.87
N SER B 274 -30.55 36.91 67.57
CA SER B 274 -31.38 38.10 67.23
C SER B 274 -32.75 37.96 67.81
N GLY B 275 -33.64 37.29 67.03
CA GLY B 275 -34.95 36.89 67.31
C GLY B 275 -35.87 37.90 66.63
N THR B 276 -35.49 38.49 65.51
CA THR B 276 -36.20 39.48 64.71
C THR B 276 -37.51 39.08 64.19
N VAL B 277 -37.66 37.76 63.85
CA VAL B 277 -38.90 37.13 63.37
C VAL B 277 -39.46 36.27 64.46
N VAL B 278 -40.75 35.88 64.31
CA VAL B 278 -41.39 35.17 65.40
C VAL B 278 -42.34 34.16 64.81
N SER B 279 -42.45 34.21 63.41
CA SER B 279 -43.25 33.28 62.67
C SER B 279 -42.41 32.18 61.99
N LEU B 280 -42.92 30.91 62.02
CA LEU B 280 -42.35 29.72 61.50
C LEU B 280 -42.23 29.83 60.14
N LYS B 281 -43.18 30.43 59.40
CA LYS B 281 -43.23 30.63 57.91
C LYS B 281 -42.11 31.52 57.47
N SER B 282 -41.79 32.67 58.31
CA SER B 282 -40.66 33.57 57.98
C SER B 282 -39.37 32.81 58.03
N LEU B 283 -39.26 31.96 59.01
CA LEU B 283 -38.07 31.17 59.27
C LEU B 283 -37.75 30.23 58.15
N TYR B 284 -38.80 29.53 57.63
CA TYR B 284 -38.57 28.53 56.62
C TYR B 284 -38.09 29.19 55.27
N ARG B 285 -38.79 30.31 54.94
CA ARG B 285 -38.55 31.12 53.75
C ARG B 285 -37.16 31.68 53.84
N GLU B 286 -36.71 32.15 55.01
CA GLU B 286 -35.42 32.87 55.03
C GLU B 286 -34.29 31.98 54.64
N ILE B 287 -34.32 30.67 55.08
CA ILE B 287 -33.29 29.73 54.75
C ILE B 287 -33.85 28.77 53.67
N TYR B 288 -34.66 29.30 52.69
CA TYR B 288 -35.29 28.42 51.66
C TYR B 288 -34.39 27.81 50.71
N GLU B 289 -33.42 28.60 50.17
CA GLU B 289 -32.58 28.16 49.08
C GLU B 289 -31.75 26.86 49.36
N ASN B 290 -31.21 26.68 50.62
CA ASN B 290 -30.53 25.52 51.11
C ASN B 290 -31.44 24.25 51.17
N ILE B 291 -32.78 24.42 51.46
CA ILE B 291 -33.69 23.31 51.55
C ILE B 291 -33.72 22.66 50.21
N ILE B 292 -33.73 23.40 49.12
CA ILE B 292 -33.82 22.95 47.67
C ILE B 292 -32.51 22.23 47.32
N ARG B 293 -31.31 22.87 47.66
CA ARG B 293 -30.04 22.25 47.29
C ARG B 293 -29.71 20.98 47.97
N LEU B 294 -29.93 20.98 49.29
CA LEU B 294 -29.69 19.84 50.17
C LEU B 294 -30.56 18.73 49.75
N ARG B 295 -31.84 19.01 49.40
CA ARG B 295 -32.86 17.93 49.23
C ARG B 295 -32.51 17.02 48.09
N ILE B 296 -32.05 17.65 46.93
CA ILE B 296 -31.63 16.91 45.74
C ILE B 296 -30.44 16.08 46.12
N TYR B 297 -29.51 16.73 46.83
CA TYR B 297 -28.27 16.05 47.11
C TYR B 297 -28.42 14.78 47.87
N CYS B 298 -29.40 14.70 48.87
CA CYS B 298 -29.53 13.57 49.74
C CYS B 298 -29.84 12.28 49.08
N ARG B 299 -30.61 12.26 47.98
CA ARG B 299 -30.76 11.01 47.16
C ARG B 299 -29.47 10.55 46.57
N PHE B 300 -28.71 11.53 46.06
CA PHE B 300 -27.48 11.30 45.32
C PHE B 300 -26.46 10.54 46.17
N THR B 301 -26.25 10.93 47.47
CA THR B 301 -25.30 10.40 48.39
C THR B 301 -25.53 8.96 48.68
N GLU B 302 -26.80 8.58 48.75
CA GLU B 302 -27.31 7.30 49.02
C GLU B 302 -26.91 6.37 47.91
N HIS B 303 -27.05 6.81 46.55
CA HIS B 303 -26.61 6.02 45.42
C HIS B 303 -25.03 5.89 45.40
N LEU B 304 -24.22 6.89 45.89
CA LEU B 304 -22.80 6.90 45.86
C LEU B 304 -22.26 5.74 46.64
N GLU B 305 -22.95 5.25 47.67
CA GLU B 305 -22.52 4.15 48.49
C GLU B 305 -22.22 2.88 47.74
N GLU B 306 -23.15 2.72 46.71
CA GLU B 306 -23.19 1.51 45.89
C GLU B 306 -22.07 1.37 44.91
N LEU B 307 -21.70 2.53 44.27
CA LEU B 307 -20.76 2.65 43.16
C LEU B 307 -19.38 2.89 43.74
N SER B 308 -18.34 2.44 42.94
CA SER B 308 -16.93 2.58 43.41
C SER B 308 -16.08 2.89 42.21
N GLY B 309 -15.33 3.98 42.18
CA GLY B 309 -14.37 4.18 41.04
C GLY B 309 -14.76 5.27 40.13
N ASP B 310 -14.44 4.97 38.84
CA ASP B 310 -14.58 5.71 37.68
C ASP B 310 -16.00 6.08 37.29
N THR B 311 -16.97 5.30 37.75
CA THR B 311 -18.34 5.46 37.50
C THR B 311 -18.81 6.79 38.15
N PHE B 312 -18.13 7.36 39.19
CA PHE B 312 -18.51 8.62 39.78
C PHE B 312 -18.53 9.80 38.78
N LEU B 313 -17.55 9.80 37.84
CA LEU B 313 -17.45 10.75 36.83
C LEU B 313 -18.64 10.84 35.90
N ILE B 314 -19.18 9.60 35.60
CA ILE B 314 -20.30 9.42 34.77
C ILE B 314 -21.50 9.98 35.43
N GLU B 315 -21.74 9.75 36.74
CA GLU B 315 -22.88 10.23 37.48
C GLU B 315 -22.89 11.68 37.56
N LEU B 316 -21.78 12.37 37.86
CA LEU B 316 -21.62 13.77 37.96
C LEU B 316 -21.93 14.42 36.63
N ASN B 317 -21.47 13.83 35.48
CA ASN B 317 -21.71 14.46 34.24
C ASN B 317 -23.20 14.53 33.94
N ILE B 318 -23.86 13.36 34.20
CA ILE B 318 -25.33 13.20 33.85
C ILE B 318 -26.11 14.22 34.66
N PHE B 319 -25.88 14.32 35.96
CA PHE B 319 -26.56 15.22 36.82
C PHE B 319 -26.23 16.64 36.60
N LYS B 320 -25.00 16.96 36.07
CA LYS B 320 -24.63 18.26 35.60
C LYS B 320 -25.53 18.80 34.50
N SER B 321 -25.98 17.90 33.63
CA SER B 321 -26.80 18.17 32.45
C SER B 321 -28.20 18.77 32.81
N HIS B 322 -28.73 18.34 33.97
CA HIS B 322 -29.97 18.86 34.58
C HIS B 322 -29.97 20.37 34.80
N GLY B 323 -31.11 20.97 34.39
CA GLY B 323 -31.26 22.43 34.33
C GLY B 323 -31.49 23.09 35.68
N ASP B 324 -31.42 24.42 35.68
CA ASP B 324 -31.52 25.35 36.77
C ASP B 324 -30.08 25.50 37.19
N LEU B 325 -29.50 26.76 37.18
CA LEU B 325 -28.04 27.11 37.26
C LEU B 325 -27.26 26.57 38.44
N THR B 326 -27.80 26.56 39.69
CA THR B 326 -27.25 26.20 40.97
C THR B 326 -26.86 24.66 41.04
N ILE B 327 -27.72 23.78 40.53
CA ILE B 327 -27.62 22.27 40.60
C ILE B 327 -26.38 21.99 39.69
N ARG B 328 -26.24 22.63 38.45
CA ARG B 328 -25.13 22.55 37.51
C ARG B 328 -23.84 23.01 38.21
N LYS B 329 -23.93 24.14 39.02
CA LYS B 329 -22.75 24.76 39.72
C LYS B 329 -22.20 23.75 40.73
N ILE B 330 -23.10 23.04 41.48
CA ILE B 330 -22.73 22.02 42.40
C ILE B 330 -22.00 20.87 41.65
N ALA B 331 -22.57 20.39 40.51
CA ALA B 331 -22.10 19.23 39.85
C ALA B 331 -20.74 19.49 39.40
N THR B 332 -20.54 20.68 38.87
CA THR B 332 -19.18 21.13 38.29
C THR B 332 -18.14 21.18 39.32
N ASN B 333 -18.53 21.71 40.54
CA ASN B 333 -17.53 21.90 41.65
C ASN B 333 -16.94 20.62 42.12
N LEU B 334 -17.89 19.64 42.27
CA LEU B 334 -17.61 18.36 42.81
C LEU B 334 -16.62 17.57 41.91
N PHE B 335 -16.83 17.73 40.57
CA PHE B 335 -16.07 17.21 39.47
C PHE B 335 -14.66 17.69 39.54
N ASN B 336 -14.53 19.04 39.77
CA ASN B 336 -13.22 19.67 39.80
C ASN B 336 -12.32 19.09 40.83
N SER B 337 -12.90 18.82 42.06
CA SER B 337 -12.06 18.26 43.11
C SER B 337 -11.70 16.81 42.84
N MET B 338 -12.65 16.01 42.20
CA MET B 338 -12.43 14.67 41.81
C MET B 338 -11.40 14.45 40.83
N ILE B 339 -11.28 15.16 39.73
CA ILE B 339 -10.33 14.95 38.64
C ILE B 339 -8.90 15.12 39.16
N SER B 340 -8.62 16.00 40.24
CA SER B 340 -7.32 16.20 40.75
C SER B 340 -6.62 14.99 41.21
N LEU B 341 -7.34 14.08 41.82
CA LEU B 341 -6.96 12.73 42.25
C LEU B 341 -6.68 11.89 41.10
N TYR B 342 -7.49 11.99 40.04
CA TYR B 342 -7.22 11.26 38.81
C TYR B 342 -5.96 11.53 38.11
N TYR B 343 -5.65 12.87 37.89
CA TYR B 343 -4.35 13.32 37.30
C TYR B 343 -3.19 12.91 38.15
N GLU B 344 -3.20 12.93 39.55
CA GLU B 344 -2.20 12.40 40.46
C GLU B 344 -1.99 10.90 40.26
N TYR B 345 -3.07 10.05 40.15
CA TYR B 345 -2.92 8.60 40.08
C TYR B 345 -2.22 8.27 38.78
N LEU B 346 -2.64 8.97 37.62
CA LEU B 346 -2.15 8.90 36.37
C LEU B 346 -0.66 9.30 36.22
N MET B 347 -0.17 10.41 36.88
CA MET B 347 1.18 10.98 36.90
C MET B 347 2.14 9.97 37.52
N ASN B 348 1.70 9.32 38.57
CA ASN B 348 2.36 8.40 39.46
C ASN B 348 2.70 7.24 38.70
N TRP B 349 1.71 6.79 37.86
CA TRP B 349 1.72 5.59 37.06
C TRP B 349 2.77 5.83 36.04
N LEU B 350 2.61 7.01 35.30
CA LEU B 350 3.39 7.30 34.16
C LEU B 350 4.86 7.47 34.43
N THR B 351 5.23 8.19 35.51
CA THR B 351 6.60 8.44 35.73
C THR B 351 7.34 7.39 36.47
N LYS B 352 6.78 6.85 37.59
CA LYS B 352 7.50 5.84 38.39
C LYS B 352 7.24 4.40 37.87
N GLY B 353 6.06 4.15 37.21
CA GLY B 353 5.83 2.76 36.74
C GLY B 353 5.32 1.87 37.82
N LEU B 354 4.98 2.51 38.96
CA LEU B 354 4.41 1.96 40.10
C LEU B 354 2.99 2.48 40.08
N LEU B 355 2.06 1.54 40.18
CA LEU B 355 0.64 1.73 40.01
C LEU B 355 0.02 2.12 41.29
N ARG B 356 -1.06 2.95 41.18
CA ARG B 356 -1.81 3.41 42.28
C ARG B 356 -3.23 3.27 41.82
N ALA B 357 -3.73 2.02 41.70
CA ALA B 357 -5.05 1.66 41.29
C ALA B 357 -5.92 2.19 42.31
N THR B 358 -5.51 2.01 43.59
CA THR B 358 -6.29 2.43 44.78
C THR B 358 -7.42 1.57 45.13
N TYR B 359 -8.63 1.72 44.55
CA TYR B 359 -9.83 1.05 44.97
C TYR B 359 -10.51 0.98 43.64
N GLY B 360 -9.80 0.84 42.53
CA GLY B 360 -10.29 0.65 41.22
C GLY B 360 -10.78 1.91 40.56
N GLU B 361 -10.23 3.03 41.13
CA GLU B 361 -10.45 4.43 40.77
C GLU B 361 -9.74 4.74 39.45
N PHE B 362 -8.82 3.81 39.08
CA PHE B 362 -7.96 3.86 37.91
C PHE B 362 -8.18 2.57 37.25
N PHE B 363 -8.14 2.61 35.94
CA PHE B 363 -8.59 1.49 35.07
C PHE B 363 -7.40 0.51 34.69
N ILE B 364 -6.12 0.67 35.23
CA ILE B 364 -5.06 -0.23 35.18
C ILE B 364 -5.05 -0.95 36.54
N ALA B 365 -4.97 -2.28 36.52
CA ALA B 365 -4.94 -3.10 37.72
C ALA B 365 -3.75 -3.93 37.74
N GLU B 366 -3.19 -4.15 38.97
CA GLU B 366 -2.20 -5.21 39.17
C GLU B 366 -2.92 -6.41 39.42
N ASN B 367 -2.29 -7.55 39.03
CA ASN B 367 -2.95 -8.81 39.18
C ASN B 367 -3.00 -9.27 40.62
N TYR B 379 8.43 -14.77 37.66
CA TYR B 379 7.27 -14.09 38.24
C TYR B 379 7.65 -12.70 38.61
N HIS B 380 6.79 -11.72 38.31
CA HIS B 380 7.11 -10.36 38.54
C HIS B 380 5.92 -9.46 38.71
N ILE B 381 4.78 -10.09 38.91
CA ILE B 381 3.47 -9.47 39.00
C ILE B 381 3.12 -8.80 37.71
N PRO B 382 2.19 -9.40 36.91
CA PRO B 382 1.56 -8.75 35.81
C PRO B 382 0.84 -7.46 36.16
N ILE B 383 0.52 -6.58 35.22
CA ILE B 383 -0.22 -5.38 35.40
C ILE B 383 -0.91 -5.21 34.08
N GLU B 384 -2.23 -4.93 34.10
CA GLU B 384 -3.02 -4.93 32.89
C GLU B 384 -4.21 -4.04 32.95
N PHE B 385 -4.81 -3.83 31.74
CA PHE B 385 -5.85 -2.94 31.47
C PHE B 385 -7.26 -3.52 31.78
N ASN B 386 -8.17 -2.69 32.38
CA ASN B 386 -9.62 -2.83 32.57
C ASN B 386 -10.45 -1.98 31.64
N GLN B 387 -10.82 -2.49 30.47
CA GLN B 387 -11.44 -1.70 29.38
C GLN B 387 -12.82 -1.21 29.77
N GLU B 388 -13.53 -2.07 30.53
CA GLU B 388 -14.91 -1.85 30.99
C GLU B 388 -14.98 -0.66 31.82
N ARG B 389 -13.92 -0.50 32.73
CA ARG B 389 -14.00 0.49 33.77
C ARG B 389 -13.82 1.97 33.25
N VAL B 390 -13.10 2.20 32.15
CA VAL B 390 -12.70 3.55 31.68
C VAL B 390 -13.94 4.45 31.61
N PRO B 391 -13.87 5.83 31.78
CA PRO B 391 -14.95 6.77 31.66
C PRO B 391 -15.07 7.24 30.22
N ALA B 392 -15.79 8.36 30.00
CA ALA B 392 -15.89 8.92 28.62
C ALA B 392 -14.87 10.03 28.40
N PHE B 393 -14.24 10.41 29.51
CA PHE B 393 -13.27 11.54 29.57
C PHE B 393 -11.85 11.05 29.16
N ILE B 394 -11.76 9.65 29.20
CA ILE B 394 -10.61 8.96 28.77
C ILE B 394 -11.25 7.95 27.78
N PRO B 395 -11.19 8.12 26.45
CA PRO B 395 -11.75 7.23 25.40
C PRO B 395 -11.02 5.94 25.46
N LYS B 396 -11.51 4.87 24.83
CA LYS B 396 -10.80 3.64 24.85
C LYS B 396 -9.37 3.61 24.27
N GLU B 397 -9.07 4.31 23.16
CA GLU B 397 -7.70 4.50 22.59
C GLU B 397 -6.67 5.26 23.43
N LEU B 398 -7.05 6.36 24.10
CA LEU B 398 -6.25 7.20 24.93
C LEU B 398 -5.78 6.45 26.09
N ALA B 399 -6.69 5.58 26.65
CA ALA B 399 -6.52 4.65 27.75
C ALA B 399 -5.44 3.57 27.32
N TYR B 400 -5.38 3.08 26.07
CA TYR B 400 -4.35 2.17 25.55
C TYR B 400 -2.94 2.82 25.60
N LYS B 401 -2.83 4.15 25.19
CA LYS B 401 -1.62 4.84 25.21
C LYS B 401 -1.06 4.99 26.63
N ILE B 402 -1.99 5.26 27.58
CA ILE B 402 -1.57 5.39 28.96
C ILE B 402 -1.00 4.13 29.51
N PHE B 403 -1.60 2.94 29.15
CA PHE B 403 -1.10 1.61 29.51
C PHE B 403 0.26 1.40 28.91
N MET B 404 0.52 1.75 27.63
CA MET B 404 1.82 1.55 26.99
C MET B 404 2.88 2.31 27.67
N ILE B 405 2.65 3.62 28.12
CA ILE B 405 3.74 4.34 28.73
C ILE B 405 4.27 3.76 30.05
N GLY B 406 3.26 3.34 30.83
CA GLY B 406 3.37 2.78 32.15
C GLY B 406 4.15 1.46 32.10
N LYS B 407 3.85 0.63 31.08
CA LYS B 407 4.45 -0.66 30.78
C LYS B 407 5.93 -0.50 30.45
N SER B 408 6.30 0.56 29.65
CA SER B 408 7.66 0.87 29.26
C SER B 408 8.42 1.17 30.58
N TYR B 409 7.82 1.95 31.55
CA TYR B 409 8.47 2.21 32.87
C TYR B 409 8.71 0.94 33.68
N ILE B 410 7.82 -0.03 33.80
CA ILE B 410 8.12 -1.27 34.58
C ILE B 410 9.27 -2.04 33.90
N PHE B 411 9.33 -2.13 32.53
CA PHE B 411 10.35 -2.79 31.75
C PHE B 411 11.61 -2.23 31.86
N LEU B 412 11.73 -0.89 31.92
CA LEU B 412 12.93 -0.13 32.09
C LEU B 412 13.55 -0.34 33.43
N GLU B 413 12.68 -0.45 34.43
CA GLU B 413 13.06 -0.81 35.77
C GLU B 413 13.53 -2.19 35.89
N LYS B 414 12.92 -3.18 35.16
CA LYS B 414 13.29 -4.56 35.07
C LYS B 414 14.63 -4.76 34.48
N TYR B 415 14.92 -3.93 33.45
CA TYR B 415 16.21 -3.92 32.77
C TYR B 415 17.26 -3.44 33.74
N CYS B 416 16.82 -2.39 34.53
CA CYS B 416 17.67 -1.81 35.50
C CYS B 416 18.50 -0.72 34.98
N LYS B 417 17.88 0.51 34.98
CA LYS B 417 18.62 1.73 34.78
C LYS B 417 17.74 2.83 35.28
N GLU B 418 18.27 4.06 35.32
CA GLU B 418 17.51 5.19 35.75
C GLU B 418 16.40 5.53 34.85
N VAL B 419 15.44 6.25 35.47
CA VAL B 419 14.24 6.78 34.89
C VAL B 419 14.71 7.97 34.00
N GLN B 420 14.06 7.96 32.81
CA GLN B 420 14.25 8.93 31.74
C GLN B 420 13.87 10.32 32.16
N TRP B 421 14.90 11.22 32.43
CA TRP B 421 14.65 12.45 33.14
C TRP B 421 13.71 13.43 32.46
N THR B 422 13.82 13.71 31.15
CA THR B 422 13.02 14.82 30.55
C THR B 422 11.51 14.54 30.53
N ASN B 423 11.08 13.26 30.61
CA ASN B 423 9.69 12.90 30.86
C ASN B 423 9.20 13.52 32.21
N GLU B 424 10.00 13.56 33.35
CA GLU B 424 9.72 14.07 34.63
C GLU B 424 9.44 15.53 34.50
N PHE B 425 10.22 16.29 33.70
CA PHE B 425 10.01 17.71 33.48
C PHE B 425 8.70 18.07 32.78
N SER B 426 8.40 17.31 31.73
CA SER B 426 7.23 17.40 30.93
C SER B 426 5.98 17.04 31.75
N LYS B 427 6.07 16.01 32.63
CA LYS B 427 4.89 15.59 33.52
C LYS B 427 4.56 16.73 34.48
N LYS B 428 5.59 17.47 35.02
CA LYS B 428 5.40 18.56 35.90
C LYS B 428 4.67 19.67 35.24
N TYR B 429 5.00 20.02 33.96
CA TYR B 429 4.29 20.99 33.15
C TYR B 429 2.88 20.68 32.87
N HIS B 430 2.72 19.43 32.52
CA HIS B 430 1.47 18.84 32.12
C HIS B 430 0.45 18.81 33.21
N VAL B 431 0.86 18.48 34.40
CA VAL B 431 0.03 18.49 35.57
C VAL B 431 -0.40 19.92 36.03
N LEU B 432 0.49 20.93 35.92
CA LEU B 432 0.15 22.33 36.14
C LEU B 432 -0.85 22.82 35.12
N TYR B 433 -0.71 22.45 33.91
CA TYR B 433 -1.57 22.81 32.73
C TYR B 433 -3.00 22.29 32.94
N GLN B 434 -3.07 21.05 33.49
CA GLN B 434 -4.41 20.40 33.78
C GLN B 434 -4.98 21.32 34.89
N SER B 435 -4.20 21.77 35.85
CA SER B 435 -4.69 22.60 36.96
C SER B 435 -5.28 23.93 36.56
N ASN B 436 -4.88 24.62 35.48
CA ASN B 436 -5.33 25.93 35.03
C ASN B 436 -6.78 25.81 34.55
N SER B 437 -7.09 24.62 34.01
CA SER B 437 -8.38 24.15 33.56
C SER B 437 -9.23 23.92 34.80
N TYR B 438 -10.53 24.20 34.64
CA TYR B 438 -11.57 24.13 35.64
C TYR B 438 -12.24 22.77 35.48
N ARG B 439 -11.78 21.78 34.60
CA ARG B 439 -12.37 20.48 34.49
C ARG B 439 -11.57 19.64 33.47
N GLY B 440 -11.52 18.29 33.68
CA GLY B 440 -10.78 17.26 32.90
C GLY B 440 -11.60 16.97 31.69
N ILE B 441 -10.95 17.20 30.55
CA ILE B 441 -11.62 16.85 29.29
C ILE B 441 -10.64 15.86 28.60
N SER B 442 -11.17 15.22 27.45
CA SER B 442 -10.42 14.32 26.59
C SER B 442 -9.32 15.00 25.87
N THR B 443 -9.54 16.27 25.35
CA THR B 443 -8.60 16.97 24.59
C THR B 443 -7.31 17.31 25.24
N ASN B 444 -7.37 17.88 26.47
CA ASN B 444 -6.18 18.39 27.15
C ASN B 444 -5.28 17.18 27.45
N PHE B 445 -5.92 16.08 27.93
CA PHE B 445 -5.39 14.80 28.40
C PHE B 445 -4.72 14.10 27.24
N PHE B 446 -5.38 14.13 26.05
CA PHE B 446 -4.88 13.52 24.86
C PHE B 446 -3.58 14.25 24.42
N GLU B 447 -3.53 15.57 24.46
CA GLU B 447 -2.37 16.31 24.19
C GLU B 447 -1.17 16.03 25.09
N ILE B 448 -1.32 15.89 26.40
CA ILE B 448 -0.25 15.46 27.35
C ILE B 448 0.26 14.09 27.25
N ILE B 449 -0.53 13.06 27.04
CA ILE B 449 -0.27 11.65 26.78
C ILE B 449 0.47 11.47 25.50
N ASN B 450 0.02 12.16 24.40
CA ASN B 450 0.69 12.00 23.08
C ASN B 450 2.11 12.48 23.17
N ASP B 451 2.35 13.65 23.94
CA ASP B 451 3.67 14.21 24.03
C ASP B 451 4.61 13.23 24.79
N GLN B 452 4.10 12.66 25.88
CA GLN B 452 4.77 11.74 26.71
C GLN B 452 5.04 10.45 25.91
N TYR B 453 4.06 10.03 25.06
CA TYR B 453 4.01 8.77 24.33
C TYR B 453 5.14 8.78 23.30
N SER B 454 5.32 9.84 22.55
CA SER B 454 6.30 9.96 21.53
C SER B 454 7.69 9.86 22.10
N GLU B 455 7.95 10.55 23.30
CA GLU B 455 9.28 10.45 23.96
C GLU B 455 9.56 9.09 24.40
N ILE B 456 8.54 8.37 25.02
CA ILE B 456 8.65 7.07 25.61
C ILE B 456 8.92 5.90 24.62
N VAL B 457 8.22 5.91 23.45
CA VAL B 457 8.57 4.93 22.47
C VAL B 457 9.90 5.10 21.88
N ASN B 458 10.34 6.35 21.55
CA ASN B 458 11.70 6.65 21.00
C ASN B 458 12.77 6.27 21.97
N HIS B 459 12.59 6.61 23.29
CA HIS B 459 13.47 6.41 24.41
C HIS B 459 13.61 4.99 24.73
N THR B 460 12.49 4.20 24.59
CA THR B 460 12.49 2.78 24.71
C THR B 460 13.19 2.15 23.54
N ASN B 461 13.04 2.70 22.32
CA ASN B 461 13.59 2.06 21.12
C ASN B 461 15.10 1.91 21.21
N GLN B 462 15.79 3.02 21.61
CA GLN B 462 17.23 3.11 21.72
C GLN B 462 17.70 2.07 22.70
N ILE B 463 16.96 1.99 23.85
CA ILE B 463 17.24 1.01 24.90
C ILE B 463 17.15 -0.35 24.55
N LEU B 464 16.13 -0.78 23.77
CA LEU B 464 15.97 -2.12 23.30
C LEU B 464 17.01 -2.51 22.26
N ASN B 465 17.12 -1.68 21.17
CA ASN B 465 17.98 -2.07 20.15
C ASN B 465 19.37 -1.94 20.48
N GLN B 466 19.89 -0.73 20.87
CA GLN B 466 21.31 -0.64 21.07
C GLN B 466 21.72 -1.18 22.40
N LYS B 467 21.08 -0.85 23.49
CA LYS B 467 21.54 -1.15 24.85
C LYS B 467 21.44 -2.54 25.36
N PHE B 468 20.29 -3.23 25.09
CA PHE B 468 20.02 -4.50 25.79
C PHE B 468 19.79 -5.50 24.74
N HIS B 469 20.45 -5.31 23.55
CA HIS B 469 20.69 -6.27 22.46
C HIS B 469 19.59 -7.19 22.00
N TYR B 470 18.30 -6.68 22.01
CA TYR B 470 17.13 -7.38 21.74
C TYR B 470 17.08 -7.92 20.31
N ARG B 471 17.46 -7.10 19.31
CA ARG B 471 17.46 -7.39 17.91
C ARG B 471 18.26 -8.55 17.53
N ASP B 472 19.41 -8.64 18.21
CA ASP B 472 20.36 -9.71 18.20
C ASP B 472 19.79 -10.93 18.76
N VAL B 473 19.01 -10.92 19.92
CA VAL B 473 18.51 -12.18 20.38
C VAL B 473 17.46 -12.74 19.47
N VAL B 474 16.57 -11.85 18.92
CA VAL B 474 15.54 -12.23 17.91
C VAL B 474 16.17 -12.81 16.61
N PHE B 475 17.26 -12.28 16.07
CA PHE B 475 17.95 -12.78 14.90
C PHE B 475 18.44 -14.17 15.13
N ALA B 476 19.05 -14.32 16.34
CA ALA B 476 19.53 -15.56 16.87
C ALA B 476 18.48 -16.63 17.14
N LEU B 477 17.27 -16.17 17.64
CA LEU B 477 16.13 -17.01 18.01
C LEU B 477 15.56 -17.71 16.77
N LYS B 478 15.48 -16.97 15.67
CA LYS B 478 15.08 -17.49 14.35
C LYS B 478 15.98 -18.49 13.77
N ASN B 479 17.28 -18.20 13.90
CA ASN B 479 18.37 -18.97 13.41
C ASN B 479 18.50 -20.34 14.05
N ILE B 480 18.44 -20.41 15.42
CA ILE B 480 18.49 -21.69 16.08
C ILE B 480 17.11 -22.33 15.96
N LEU B 481 15.96 -21.71 16.44
CA LEU B 481 14.77 -22.40 16.67
C LEU B 481 13.96 -22.95 15.48
N LEU B 482 13.77 -22.07 14.41
CA LEU B 482 12.97 -22.32 13.28
C LEU B 482 13.79 -22.95 12.18
N MET B 483 15.00 -23.48 12.53
CA MET B 483 15.96 -24.11 11.64
C MET B 483 16.36 -23.20 10.49
N GLY B 484 16.75 -21.97 10.87
CA GLY B 484 17.20 -20.84 10.05
C GLY B 484 18.68 -20.80 9.90
N LYS B 485 19.31 -21.82 10.43
CA LYS B 485 20.73 -21.88 10.33
C LYS B 485 20.92 -23.36 10.26
N SER B 486 20.60 -23.93 9.10
CA SER B 486 20.46 -25.29 8.78
C SER B 486 21.90 -25.91 8.87
N ASP B 487 22.98 -25.05 8.62
CA ASP B 487 24.44 -25.36 8.71
C ASP B 487 24.75 -25.68 10.22
N PHE B 488 24.21 -24.89 11.21
CA PHE B 488 24.43 -25.15 12.63
C PHE B 488 23.95 -26.52 12.95
N MET B 489 22.69 -26.85 12.49
CA MET B 489 22.06 -28.04 12.73
C MET B 489 22.72 -29.23 12.16
N ASP B 490 23.26 -29.16 10.96
CA ASP B 490 23.96 -30.22 10.37
C ASP B 490 25.17 -30.58 11.14
N ALA B 491 25.99 -29.55 11.58
CA ALA B 491 27.20 -29.71 12.36
C ALA B 491 26.93 -30.42 13.74
N LEU B 492 25.81 -29.93 14.41
CA LEU B 492 25.37 -30.46 15.73
C LEU B 492 25.01 -31.91 15.64
N ILE B 493 24.25 -32.32 14.60
CA ILE B 493 23.90 -33.71 14.31
C ILE B 493 25.05 -34.64 14.06
N GLU B 494 26.08 -34.25 13.31
CA GLU B 494 27.23 -35.08 13.10
C GLU B 494 28.02 -35.33 14.41
N LYS B 495 28.34 -34.27 15.27
CA LYS B 495 29.14 -34.28 16.46
C LYS B 495 28.54 -35.05 17.55
N ALA B 496 27.14 -34.89 17.77
CA ALA B 496 26.19 -35.51 18.63
C ALA B 496 25.89 -36.95 18.27
N ASN B 497 26.03 -37.34 16.96
CA ASN B 497 25.47 -38.62 16.49
C ASN B 497 25.77 -39.89 17.34
N ASP B 498 27.09 -40.01 17.72
CA ASP B 498 27.63 -41.09 18.54
C ASP B 498 27.06 -41.21 19.97
N ILE B 499 26.85 -40.06 20.62
CA ILE B 499 26.39 -39.85 22.01
C ILE B 499 24.92 -40.30 22.12
N LEU B 500 24.10 -39.94 21.11
CA LEU B 500 22.74 -40.23 20.98
C LEU B 500 22.46 -41.63 20.52
N ALA B 501 23.35 -42.29 19.72
CA ALA B 501 23.12 -43.57 19.07
C ALA B 501 22.82 -44.68 20.01
N THR B 502 23.46 -44.75 21.15
CA THR B 502 23.24 -45.66 22.28
C THR B 502 22.25 -44.76 23.08
N PRO B 503 21.44 -45.32 24.08
CA PRO B 503 20.51 -44.59 24.88
C PRO B 503 21.08 -43.49 25.77
N SER B 504 20.21 -42.51 26.18
CA SER B 504 20.48 -41.26 26.75
C SER B 504 19.94 -41.28 28.22
N ASP B 505 20.88 -41.22 29.13
CA ASP B 505 20.84 -41.24 30.56
C ASP B 505 21.31 -39.85 31.02
N SER B 506 21.55 -39.57 32.31
CA SER B 506 21.79 -38.18 32.71
C SER B 506 22.94 -37.42 32.18
N LEU B 507 24.13 -38.04 32.06
CA LEU B 507 25.33 -37.39 31.37
C LEU B 507 25.19 -37.15 29.91
N PRO B 508 24.55 -37.91 29.01
CA PRO B 508 24.46 -37.51 27.64
C PRO B 508 23.91 -36.18 27.30
N ASN B 509 22.85 -35.80 28.03
CA ASN B 509 22.07 -34.54 27.95
C ASN B 509 22.96 -33.36 28.19
N TYR B 510 23.82 -33.52 29.18
CA TYR B 510 24.85 -32.54 29.69
C TYR B 510 25.91 -32.37 28.59
N LYS B 511 26.43 -33.46 27.91
CA LYS B 511 27.34 -33.33 26.74
C LYS B 511 26.66 -32.67 25.49
N LEU B 512 25.40 -33.00 25.16
CA LEU B 512 24.63 -32.51 23.99
C LEU B 512 24.36 -31.06 24.09
N THR B 513 24.11 -30.51 25.30
CA THR B 513 23.96 -29.05 25.52
C THR B 513 25.26 -28.34 25.27
N ARG B 514 26.39 -28.93 25.70
CA ARG B 514 27.70 -28.29 25.45
C ARG B 514 27.94 -28.32 23.93
N VAL B 515 27.64 -29.44 23.23
CA VAL B 515 27.74 -29.49 21.77
C VAL B 515 26.85 -28.52 21.06
N LEU B 516 25.66 -28.21 21.60
CA LEU B 516 24.65 -27.27 21.05
C LEU B 516 25.20 -25.94 21.01
N GLN B 517 25.85 -25.51 22.16
CA GLN B 517 26.53 -24.25 22.37
C GLN B 517 27.78 -24.04 21.49
N GLU B 518 28.54 -25.10 21.40
CA GLU B 518 29.68 -25.17 20.46
C GLU B 518 29.28 -25.06 18.94
N ALA B 519 28.17 -25.65 18.56
CA ALA B 519 27.80 -25.82 17.18
C ALA B 519 27.59 -24.51 16.50
N VAL B 520 26.97 -23.54 17.18
CA VAL B 520 26.68 -22.25 16.67
C VAL B 520 27.93 -21.48 16.41
N GLN B 521 28.89 -21.65 17.39
CA GLN B 521 30.15 -20.98 17.37
C GLN B 521 31.05 -21.37 16.24
N LEU B 522 31.06 -22.72 15.93
CA LEU B 522 31.83 -23.32 14.84
C LEU B 522 31.41 -22.77 13.51
N SER B 523 30.11 -22.56 13.26
CA SER B 523 29.64 -21.96 12.00
C SER B 523 29.87 -20.49 11.97
N SER B 524 30.37 -19.86 13.01
CA SER B 524 30.85 -18.47 13.04
C SER B 524 29.83 -17.48 13.64
N LEU B 525 30.34 -16.79 14.71
CA LEU B 525 29.45 -15.83 15.43
C LEU B 525 30.31 -14.64 15.66
N ARG B 526 29.86 -13.40 15.30
CA ARG B 526 30.69 -12.22 15.47
C ARG B 526 30.03 -11.26 16.50
N HIS B 527 30.81 -10.16 16.89
CA HIS B 527 30.35 -9.22 17.95
C HIS B 527 30.89 -7.88 17.50
N LEU B 528 31.13 -7.64 16.20
CA LEU B 528 31.71 -6.33 15.77
C LEU B 528 30.55 -5.40 15.53
N MET B 529 29.32 -5.83 15.72
CA MET B 529 28.11 -5.05 15.61
C MET B 529 27.45 -5.04 17.04
N ASN B 530 28.18 -5.44 18.09
CA ASN B 530 27.72 -5.39 19.42
C ASN B 530 26.53 -6.31 19.49
N SER B 531 26.79 -7.59 19.06
CA SER B 531 25.89 -8.66 18.85
C SER B 531 26.38 -9.70 19.80
N PRO B 532 25.78 -10.09 20.88
CA PRO B 532 26.24 -11.11 21.85
C PRO B 532 26.49 -12.42 21.15
N ARG B 533 27.61 -13.03 21.54
CA ARG B 533 27.83 -14.37 21.12
C ARG B 533 27.37 -15.33 22.15
N ASN B 534 26.94 -14.64 23.22
CA ASN B 534 26.54 -15.22 24.48
C ASN B 534 25.19 -14.57 24.57
N SER B 535 24.30 -15.02 23.62
CA SER B 535 22.89 -14.67 23.54
C SER B 535 21.98 -15.31 24.55
N SER B 536 20.69 -14.84 24.65
CA SER B 536 19.64 -15.41 25.45
C SER B 536 19.27 -16.82 25.06
N VAL B 537 19.18 -16.96 23.68
CA VAL B 537 18.84 -18.25 23.07
C VAL B 537 19.92 -19.30 23.29
N ILE B 538 21.28 -19.00 23.07
CA ILE B 538 22.32 -19.98 23.15
C ILE B 538 22.49 -20.58 24.55
N ASN B 539 22.58 -19.69 25.60
CA ASN B 539 22.84 -20.06 27.01
C ASN B 539 21.67 -20.81 27.69
N GLY B 540 20.45 -20.33 27.30
CA GLY B 540 19.19 -20.74 27.79
C GLY B 540 18.67 -21.64 26.67
N LEU B 541 19.35 -22.82 26.44
CA LEU B 541 18.89 -23.86 25.54
C LEU B 541 19.40 -25.07 26.25
N ASP B 542 18.34 -25.91 26.56
CA ASP B 542 18.54 -27.04 27.47
C ASP B 542 17.94 -28.19 26.76
N ALA B 543 18.55 -29.35 27.06
CA ALA B 543 18.20 -30.69 26.56
C ALA B 543 17.33 -31.22 27.65
N ARG B 544 16.23 -31.92 27.23
CA ARG B 544 15.26 -32.48 28.13
C ARG B 544 15.13 -33.94 28.02
N VAL B 545 14.74 -34.57 29.16
CA VAL B 545 14.32 -35.92 29.26
C VAL B 545 12.90 -35.81 29.59
N LEU B 546 12.08 -36.30 28.62
CA LEU B 546 10.67 -36.19 28.59
C LEU B 546 10.01 -37.17 29.58
N ASP B 547 10.32 -38.48 29.36
CA ASP B 547 9.79 -39.57 30.23
C ASP B 547 10.22 -40.90 29.81
N LEU B 548 10.99 -40.99 28.78
CA LEU B 548 11.50 -42.30 28.21
C LEU B 548 12.64 -42.78 29.14
N GLY B 549 13.65 -41.91 29.32
CA GLY B 549 14.88 -42.12 30.08
C GLY B 549 15.84 -43.00 29.24
N HIS B 550 16.05 -44.26 29.61
CA HIS B 550 16.84 -45.28 28.86
C HIS B 550 15.77 -45.98 27.95
N GLY B 551 15.82 -45.74 26.69
CA GLY B 551 14.94 -46.32 25.68
C GLY B 551 15.78 -47.30 24.85
N SER B 552 15.35 -47.57 23.55
CA SER B 552 16.08 -48.44 22.58
C SER B 552 17.00 -47.48 21.84
N VAL B 553 16.59 -46.12 21.73
CA VAL B 553 17.40 -45.19 20.99
C VAL B 553 17.21 -43.84 21.68
N GLY B 554 18.40 -43.10 21.78
CA GLY B 554 18.44 -41.86 22.45
C GLY B 554 18.00 -40.64 21.70
N TRP B 555 17.83 -40.76 20.36
CA TRP B 555 17.48 -39.61 19.50
C TRP B 555 16.09 -39.05 19.96
N ASP B 556 15.04 -39.93 20.24
CA ASP B 556 13.70 -39.63 20.64
C ASP B 556 13.70 -38.93 21.96
N VAL B 557 14.58 -39.37 22.86
CA VAL B 557 14.70 -38.79 24.20
C VAL B 557 15.27 -37.37 24.20
N PHE B 558 15.96 -37.01 23.14
CA PHE B 558 16.60 -35.74 22.98
C PHE B 558 15.54 -34.95 22.28
N THR B 559 15.33 -33.76 22.85
CA THR B 559 14.50 -32.71 22.30
C THR B 559 15.23 -31.46 22.76
N LEU B 560 14.82 -30.28 22.29
CA LEU B 560 15.52 -29.02 22.58
C LEU B 560 14.45 -28.11 23.12
N ASP B 561 14.74 -27.28 24.14
CA ASP B 561 13.62 -26.58 24.82
C ASP B 561 14.17 -25.15 24.86
N TYR B 562 13.30 -24.17 24.58
CA TYR B 562 13.61 -22.77 24.59
C TYR B 562 12.64 -22.28 25.58
N ILE B 563 13.18 -21.50 26.56
CA ILE B 563 12.43 -21.15 27.76
C ILE B 563 12.23 -19.67 27.77
N LEU B 564 11.38 -19.22 28.76
CA LEU B 564 10.99 -17.82 28.95
C LEU B 564 12.18 -16.85 29.21
N TYR B 565 12.11 -15.62 28.60
CA TYR B 565 13.06 -14.61 28.85
C TYR B 565 12.32 -13.31 28.68
N PRO B 566 12.78 -12.23 29.32
CA PRO B 566 12.43 -10.85 29.11
C PRO B 566 12.32 -10.60 27.60
N PRO B 567 11.28 -9.95 27.06
CA PRO B 567 10.20 -9.28 27.83
C PRO B 567 9.05 -10.18 28.19
N LEU B 568 9.11 -11.50 27.85
CA LEU B 568 7.90 -12.37 28.05
C LEU B 568 7.41 -12.48 29.52
N SER B 569 8.33 -12.33 30.48
CA SER B 569 8.23 -12.58 31.89
C SER B 569 7.11 -11.89 32.67
N LEU B 570 6.71 -10.66 32.17
CA LEU B 570 5.81 -9.80 32.86
C LEU B 570 4.47 -10.33 33.08
N VAL B 571 3.77 -10.99 32.08
CA VAL B 571 2.47 -11.57 32.13
C VAL B 571 2.55 -12.92 32.75
N LEU B 572 3.76 -13.57 32.69
CA LEU B 572 3.98 -14.87 33.25
C LEU B 572 3.85 -14.83 34.73
N ASN B 573 3.29 -15.92 35.34
CA ASN B 573 3.10 -15.93 36.75
C ASN B 573 4.06 -17.06 37.20
N VAL B 574 3.47 -17.88 38.13
CA VAL B 574 4.02 -18.98 38.86
C VAL B 574 3.61 -20.25 38.25
N ASN B 575 2.98 -20.21 37.11
CA ASN B 575 2.49 -21.38 36.40
C ASN B 575 3.65 -21.88 35.52
N ARG B 576 3.59 -23.16 35.04
CA ARG B 576 4.48 -23.68 34.04
C ARG B 576 4.21 -23.05 32.75
N PRO B 577 5.14 -22.39 32.07
CA PRO B 577 4.82 -21.47 31.03
C PRO B 577 4.03 -21.91 29.81
N PHE B 578 3.24 -20.92 29.25
CA PHE B 578 2.38 -21.04 28.12
C PHE B 578 3.27 -21.26 26.97
N GLY B 579 4.24 -20.30 26.87
CA GLY B 579 5.19 -20.10 25.83
C GLY B 579 6.21 -21.20 25.70
N ARG B 580 6.73 -21.71 26.86
CA ARG B 580 7.83 -22.60 26.91
C ARG B 580 7.50 -23.88 26.25
N LYS B 581 6.23 -24.35 26.38
CA LYS B 581 5.65 -25.45 25.63
C LYS B 581 5.52 -25.24 24.12
N GLU B 582 5.12 -24.03 23.64
CA GLU B 582 4.96 -23.76 22.27
C GLU B 582 6.24 -23.90 21.49
N TYR B 583 7.32 -23.28 21.99
CA TYR B 583 8.66 -23.55 21.44
C TYR B 583 9.23 -24.97 21.48
N LEU B 584 8.90 -25.74 22.60
CA LEU B 584 9.25 -27.13 22.66
C LEU B 584 8.64 -27.96 21.59
N ARG B 585 7.35 -27.73 21.26
CA ARG B 585 6.64 -28.44 20.16
C ARG B 585 7.28 -28.04 18.79
N ILE B 586 7.56 -26.76 18.56
CA ILE B 586 8.03 -26.25 17.34
C ILE B 586 9.35 -26.91 16.91
N PHE B 587 10.26 -26.98 17.95
CA PHE B 587 11.50 -27.70 17.80
C PHE B 587 11.30 -29.14 17.38
N ASN B 588 10.36 -29.89 17.92
CA ASN B 588 10.26 -31.26 17.63
C ASN B 588 9.96 -31.61 16.20
N PHE B 589 9.01 -30.81 15.65
CA PHE B 589 8.46 -31.11 14.34
C PHE B 589 9.51 -30.92 13.32
N LEU B 590 10.25 -29.76 13.42
CA LEU B 590 11.33 -29.41 12.48
C LEU B 590 12.42 -30.45 12.63
N TRP B 591 12.80 -30.84 13.89
CA TRP B 591 13.85 -31.71 14.22
C TRP B 591 13.73 -33.05 13.62
N ARG B 592 12.58 -33.65 13.66
CA ARG B 592 12.38 -34.99 13.19
C ARG B 592 12.68 -35.14 11.66
N PHE B 593 12.24 -34.13 10.83
CA PHE B 593 12.69 -34.27 9.42
C PHE B 593 14.16 -34.10 9.19
N LYS B 594 14.67 -33.10 9.94
CA LYS B 594 16.08 -32.77 9.81
C LYS B 594 17.01 -33.86 10.21
N LYS B 595 16.70 -34.64 11.27
CA LYS B 595 17.56 -35.68 11.74
C LYS B 595 17.70 -36.77 10.69
N ASN B 596 16.58 -37.26 10.11
CA ASN B 596 16.49 -38.34 9.12
C ASN B 596 17.12 -37.99 7.86
N ASN B 597 16.99 -36.70 7.43
CA ASN B 597 17.70 -36.23 6.28
C ASN B 597 19.21 -36.25 6.39
N TYR B 598 19.74 -35.86 7.54
CA TYR B 598 21.13 -35.92 7.73
C TYR B 598 21.68 -37.29 7.72
N PHE B 599 20.96 -38.24 8.40
CA PHE B 599 21.47 -39.56 8.57
C PHE B 599 21.63 -40.26 7.22
N TYR B 600 20.63 -40.04 6.32
CA TYR B 600 20.52 -40.59 4.97
C TYR B 600 21.70 -40.01 4.18
N GLN B 601 21.93 -38.67 4.35
CA GLN B 601 22.95 -37.97 3.72
C GLN B 601 24.35 -38.45 4.09
N LYS B 602 24.60 -38.74 5.42
CA LYS B 602 25.89 -39.23 5.88
C LYS B 602 26.34 -40.48 5.33
N GLU B 603 25.42 -41.43 5.22
CA GLU B 603 25.68 -42.74 4.73
C GLU B 603 26.11 -42.73 3.35
N MET B 604 25.48 -41.97 2.50
CA MET B 604 25.75 -41.77 1.13
C MET B 604 27.10 -41.15 0.84
N LEU B 605 27.46 -40.09 1.64
CA LEU B 605 28.75 -39.48 1.52
C LEU B 605 29.95 -40.44 1.86
N LYS B 606 29.81 -41.35 2.87
CA LYS B 606 30.84 -42.25 3.21
C LYS B 606 31.19 -43.20 2.08
N SER B 607 30.14 -43.77 1.42
CA SER B 607 30.21 -44.71 0.30
C SER B 607 30.48 -43.99 -1.06
N ASN B 608 31.19 -42.86 -1.08
CA ASN B 608 31.45 -42.21 -2.29
C ASN B 608 32.84 -41.72 -2.11
N ASP B 609 33.78 -42.23 -2.95
CA ASP B 609 35.16 -41.81 -2.98
C ASP B 609 35.46 -41.98 -4.45
N ILE B 610 36.38 -42.87 -4.78
CA ILE B 610 36.80 -43.12 -6.14
C ILE B 610 37.58 -44.42 -6.11
N ILE B 611 37.60 -45.10 -4.97
CA ILE B 611 38.29 -46.32 -4.74
C ILE B 611 37.37 -47.45 -4.13
N ARG B 612 36.31 -47.14 -3.38
CA ARG B 612 35.38 -48.05 -2.86
C ARG B 612 34.67 -48.79 -4.09
N ILE B 628 35.05 -48.32 -10.76
CA ILE B 628 34.07 -49.33 -10.72
C ILE B 628 32.78 -48.67 -11.02
N ASN B 629 31.90 -49.49 -11.64
CA ASN B 629 30.59 -49.11 -12.07
C ASN B 629 29.64 -48.83 -10.94
N LYS B 630 29.80 -49.52 -9.80
CA LYS B 630 28.94 -49.55 -8.68
C LYS B 630 28.75 -48.12 -8.10
N LEU B 631 29.84 -47.29 -8.10
CA LEU B 631 29.80 -45.92 -7.66
C LEU B 631 28.89 -45.10 -8.54
N SER B 632 28.92 -45.27 -9.86
CA SER B 632 28.07 -44.50 -10.71
C SER B 632 26.66 -44.81 -10.50
N ARG B 633 26.25 -46.13 -10.25
CA ARG B 633 24.84 -46.34 -10.14
C ARG B 633 24.26 -45.61 -8.91
N ILE B 634 24.96 -45.71 -7.77
CA ILE B 634 24.59 -45.14 -6.51
C ILE B 634 24.54 -43.64 -6.58
N SER B 635 25.51 -43.00 -7.34
CA SER B 635 25.54 -41.56 -7.60
C SER B 635 24.36 -41.06 -8.33
N ILE B 636 23.81 -41.65 -9.34
CA ILE B 636 22.62 -41.20 -10.02
C ILE B 636 21.41 -41.29 -9.13
N LEU B 637 21.27 -42.44 -8.36
CA LEU B 637 20.13 -42.64 -7.49
C LEU B 637 20.08 -41.58 -6.40
N ARG B 638 21.27 -41.31 -5.82
CA ARG B 638 21.54 -40.37 -4.78
C ARG B 638 21.16 -38.99 -5.29
N THR B 639 21.51 -38.65 -6.49
CA THR B 639 21.27 -37.35 -7.03
C THR B 639 19.80 -37.04 -7.22
N GLN B 640 19.05 -38.13 -7.64
CA GLN B 640 17.64 -38.02 -7.77
C GLN B 640 16.99 -37.72 -6.37
N PHE B 641 17.45 -38.54 -5.39
CA PHE B 641 16.99 -38.43 -4.03
C PHE B 641 17.33 -37.20 -3.33
N GLN B 642 18.54 -36.65 -3.60
CA GLN B 642 19.01 -35.35 -3.11
C GLN B 642 18.19 -34.24 -3.63
N GLN B 643 17.75 -34.29 -4.88
CA GLN B 643 17.04 -33.25 -5.45
C GLN B 643 15.66 -33.09 -4.82
N PHE B 644 14.88 -34.25 -4.62
CA PHE B 644 13.55 -34.16 -4.16
C PHE B 644 13.55 -33.55 -2.69
N ASN B 645 14.41 -34.12 -1.80
CA ASN B 645 14.39 -33.63 -0.39
C ASN B 645 14.81 -32.20 -0.27
N SER B 646 15.85 -31.80 -1.01
CA SER B 646 16.41 -30.44 -1.03
C SER B 646 15.34 -29.42 -1.57
N LYS B 647 14.57 -29.83 -2.54
CA LYS B 647 13.59 -28.98 -3.22
C LYS B 647 12.41 -28.68 -2.32
N MET B 648 11.95 -29.74 -1.57
CA MET B 648 10.79 -29.70 -0.66
C MET B 648 11.10 -28.68 0.45
N GLU B 649 12.36 -28.78 0.95
CA GLU B 649 13.09 -28.07 1.90
C GLU B 649 13.34 -26.68 1.40
N SER B 650 13.60 -26.48 0.13
CA SER B 650 13.82 -25.15 -0.43
C SER B 650 12.62 -24.30 -0.26
N TYR B 651 11.45 -24.90 -0.66
CA TYR B 651 10.15 -24.20 -0.74
C TYR B 651 9.80 -23.79 0.66
N TYR B 652 9.91 -24.72 1.65
CA TYR B 652 9.59 -24.36 3.03
C TYR B 652 10.43 -23.23 3.54
N LEU B 653 11.75 -23.24 3.38
CA LEU B 653 12.70 -22.28 3.92
C LEU B 653 12.48 -20.87 3.22
N ASN B 654 12.36 -20.87 1.85
CA ASN B 654 12.31 -19.69 1.06
C ASN B 654 10.94 -19.00 1.22
N CYS B 655 9.84 -19.73 0.92
CA CYS B 655 8.56 -19.15 0.88
C CYS B 655 7.97 -18.82 2.20
N ILE B 656 8.16 -19.71 3.23
CA ILE B 656 7.79 -19.34 4.58
C ILE B 656 8.84 -18.69 5.44
N ILE B 657 9.92 -19.34 5.74
CA ILE B 657 10.80 -18.96 6.88
C ILE B 657 11.61 -17.71 6.64
N GLU B 658 12.33 -17.52 5.53
CA GLU B 658 13.14 -16.39 5.23
C GLU B 658 12.22 -15.19 5.09
N GLU B 659 11.08 -15.35 4.41
CA GLU B 659 10.20 -14.31 4.02
C GLU B 659 9.57 -13.62 5.16
N ASN B 660 9.09 -14.53 6.06
CA ASN B 660 8.47 -14.06 7.26
C ASN B 660 9.46 -13.46 8.14
N PHE B 661 10.74 -13.91 8.23
CA PHE B 661 11.82 -13.36 9.05
C PHE B 661 12.15 -11.89 8.66
N LYS B 662 12.13 -11.61 7.35
CA LYS B 662 12.42 -10.31 6.79
C LYS B 662 11.41 -9.32 7.31
N GLU B 663 10.11 -9.68 7.41
CA GLU B 663 9.06 -8.87 7.92
C GLU B 663 9.31 -8.55 9.40
N MET B 664 9.80 -9.63 10.14
CA MET B 664 10.04 -9.46 11.55
C MET B 664 11.13 -8.41 11.86
N THR B 665 12.23 -8.43 11.13
CA THR B 665 13.36 -7.59 11.28
C THR B 665 12.93 -6.18 10.96
N ARG B 666 12.06 -5.98 9.94
CA ARG B 666 11.56 -4.74 9.52
C ARG B 666 10.74 -4.14 10.62
N LYS B 667 9.82 -4.85 11.31
CA LYS B 667 9.09 -4.34 12.45
C LYS B 667 9.90 -3.99 13.66
N LEU B 668 10.87 -4.86 13.99
CA LEU B 668 11.78 -4.97 15.14
C LEU B 668 12.69 -3.84 15.31
N GLN B 669 13.18 -3.39 14.15
CA GLN B 669 14.00 -2.21 14.12
C GLN B 669 13.21 -0.94 14.39
N ARG B 670 11.99 -0.90 13.83
CA ARG B 670 11.07 0.25 14.00
C ARG B 670 10.60 0.53 15.40
N THR B 671 10.17 -0.54 16.07
CA THR B 671 9.72 -0.48 17.39
C THR B 671 10.41 -1.77 17.99
N LEU B 719 6.52 -3.22 20.55
CA LEU B 719 7.62 -2.49 21.28
C LEU B 719 8.20 -3.45 22.25
N ASN B 720 7.72 -3.50 23.48
CA ASN B 720 8.26 -4.33 24.57
C ASN B 720 7.86 -5.75 24.38
N ILE B 721 6.84 -6.23 25.13
CA ILE B 721 6.31 -7.62 25.00
C ILE B 721 5.73 -7.97 23.69
N ASP B 722 5.01 -7.01 23.02
CA ASP B 722 4.28 -7.30 21.82
C ASP B 722 4.92 -7.84 20.67
N GLU B 723 6.14 -7.42 20.41
CA GLU B 723 6.98 -7.81 19.28
C GLU B 723 7.35 -9.27 19.38
N LEU B 724 7.60 -9.76 20.62
CA LEU B 724 7.95 -11.16 20.91
C LEU B 724 6.83 -12.13 20.65
N GLU B 725 5.64 -11.72 21.15
CA GLU B 725 4.38 -12.43 21.08
C GLU B 725 4.02 -12.61 19.60
N SER B 726 4.25 -11.57 18.82
CA SER B 726 3.99 -11.44 17.40
C SER B 726 4.76 -12.49 16.62
N VAL B 727 6.10 -12.56 16.89
CA VAL B 727 6.98 -13.48 16.17
C VAL B 727 6.56 -14.83 16.48
N HIS B 728 6.17 -15.04 17.78
CA HIS B 728 5.78 -16.31 18.28
C HIS B 728 4.50 -16.94 17.67
N ASN B 729 3.41 -16.11 17.43
CA ASN B 729 2.11 -16.53 16.86
C ASN B 729 2.19 -16.99 15.41
N THR B 730 3.07 -16.31 14.65
CA THR B 730 3.41 -16.53 13.25
C THR B 730 4.11 -17.88 13.15
N PHE B 731 5.10 -18.21 14.07
CA PHE B 731 5.85 -19.43 14.08
C PHE B 731 4.98 -20.58 14.25
N LEU B 732 4.05 -20.55 15.25
CA LEU B 732 3.19 -21.65 15.65
C LEU B 732 2.28 -21.97 14.47
N THR B 733 1.78 -20.93 13.80
CA THR B 733 0.84 -21.15 12.70
C THR B 733 1.56 -21.94 11.60
N ASN B 734 2.87 -21.58 11.33
CA ASN B 734 3.66 -22.19 10.21
C ASN B 734 3.89 -23.73 10.44
N ILE B 735 4.16 -24.12 11.69
CA ILE B 735 4.41 -25.46 12.21
C ILE B 735 3.17 -26.33 12.11
N LEU B 736 1.99 -25.68 12.42
CA LEU B 736 0.70 -26.37 12.38
C LEU B 736 0.38 -26.75 10.94
N SER B 737 0.72 -25.85 9.93
CA SER B 737 0.57 -26.16 8.49
C SER B 737 1.47 -27.38 8.18
N HIS B 738 2.67 -27.41 8.74
CA HIS B 738 3.62 -28.45 8.50
C HIS B 738 3.21 -29.76 8.99
N LYS B 739 2.54 -29.83 10.14
CA LYS B 739 2.07 -30.99 10.83
C LYS B 739 1.10 -31.73 9.92
N LEU B 740 0.21 -30.97 9.31
CA LEU B 740 -0.80 -31.47 8.40
C LEU B 740 -0.30 -32.01 7.11
N PHE B 741 0.64 -31.29 6.45
CA PHE B 741 1.12 -31.72 5.16
C PHE B 741 2.01 -32.88 5.37
N ALA B 742 3.05 -32.67 6.24
CA ALA B 742 4.16 -33.59 6.37
C ALA B 742 3.93 -34.80 7.19
N THR B 743 3.54 -34.59 8.48
CA THR B 743 3.69 -35.43 9.66
C THR B 743 2.41 -36.19 10.03
N GLN B 756 1.33 -36.92 7.12
CA GLN B 756 1.78 -38.28 7.45
C GLN B 756 2.65 -38.91 6.42
N PRO B 757 2.60 -38.67 5.07
CA PRO B 757 3.53 -39.37 4.18
C PRO B 757 4.94 -39.12 4.33
N TYR B 758 5.40 -37.92 4.64
CA TYR B 758 6.78 -37.50 4.61
C TYR B 758 7.71 -38.23 5.60
N PRO B 759 7.48 -38.45 6.89
CA PRO B 759 8.36 -39.28 7.73
C PRO B 759 8.49 -40.67 7.23
N THR B 760 7.43 -41.19 6.56
CA THR B 760 7.38 -42.65 6.23
C THR B 760 8.37 -42.96 5.23
N SER B 761 8.49 -42.04 4.17
CA SER B 761 9.38 -42.17 3.04
C SER B 761 10.78 -42.08 3.59
N LEU B 762 11.05 -41.11 4.55
CA LEU B 762 12.41 -40.94 4.97
C LEU B 762 12.94 -42.15 5.74
N VAL B 763 12.14 -42.82 6.65
CA VAL B 763 12.57 -44.03 7.49
C VAL B 763 12.86 -45.13 6.46
N LEU B 764 12.03 -45.25 5.39
CA LEU B 764 12.21 -46.27 4.39
C LEU B 764 13.49 -46.17 3.58
N LEU B 765 13.85 -44.92 3.21
CA LEU B 765 15.14 -44.66 2.63
C LEU B 765 16.29 -45.03 3.49
N LEU B 766 16.17 -44.72 4.81
CA LEU B 766 17.18 -44.96 5.76
C LEU B 766 17.52 -46.33 5.90
N ASN B 767 16.51 -47.23 5.84
CA ASN B 767 16.81 -48.69 5.83
C ASN B 767 17.60 -49.08 4.61
N SER B 768 17.29 -48.56 3.33
CA SER B 768 18.11 -48.90 2.16
C SER B 768 19.52 -48.46 2.25
N VAL B 769 19.78 -47.22 2.74
CA VAL B 769 21.15 -46.70 2.86
C VAL B 769 21.96 -47.64 3.86
N TYR B 770 21.32 -48.09 5.02
CA TYR B 770 22.04 -48.88 6.01
C TYR B 770 22.50 -50.20 5.37
N GLU B 771 21.64 -50.77 4.61
CA GLU B 771 21.86 -51.92 3.86
C GLU B 771 22.97 -51.62 2.82
N PHE B 772 22.95 -50.47 2.11
CA PHE B 772 23.95 -50.12 1.07
C PHE B 772 25.34 -50.10 1.63
N VAL B 773 25.49 -49.41 2.78
CA VAL B 773 26.83 -49.20 3.39
C VAL B 773 27.48 -50.59 3.77
N LYS B 774 26.66 -51.50 4.22
CA LYS B 774 27.01 -52.91 4.61
C LYS B 774 27.57 -53.63 3.42
N VAL B 775 26.93 -53.44 2.20
CA VAL B 775 27.48 -54.02 0.95
C VAL B 775 28.87 -53.51 0.71
N TYR B 776 29.10 -52.17 0.89
CA TYR B 776 30.39 -51.53 0.68
C TYR B 776 31.53 -51.96 1.60
N CYS B 777 31.32 -52.17 2.88
CA CYS B 777 32.27 -52.59 3.90
C CYS B 777 32.73 -53.95 3.44
N ASN B 778 31.82 -54.80 2.95
CA ASN B 778 32.06 -56.22 2.57
C ASN B 778 33.07 -56.35 1.40
N LEU B 779 33.06 -55.46 0.33
CA LEU B 779 33.92 -55.54 -0.86
C LEU B 779 35.38 -55.30 -0.43
N ASN B 780 36.29 -56.01 -1.10
CA ASN B 780 37.71 -56.05 -1.01
C ASN B 780 38.21 -55.70 -2.46
N SER B 798 36.65 -61.27 -3.34
CA SER B 798 36.59 -62.53 -4.13
C SER B 798 35.35 -62.58 -5.07
N ASN B 799 35.13 -63.76 -5.73
CA ASN B 799 34.05 -64.00 -6.64
C ASN B 799 32.81 -63.88 -5.84
N GLY B 800 32.73 -64.37 -4.62
CA GLY B 800 31.45 -64.29 -3.84
C GLY B 800 31.01 -62.92 -3.55
N LEU B 801 32.00 -62.10 -3.16
CA LEU B 801 31.80 -60.71 -2.73
C LEU B 801 31.25 -59.82 -3.81
N LEU B 802 31.80 -59.98 -5.01
CA LEU B 802 31.35 -59.31 -6.19
C LEU B 802 29.92 -59.77 -6.49
N GLY B 803 29.61 -61.06 -6.37
CA GLY B 803 28.25 -61.58 -6.68
C GLY B 803 27.23 -60.97 -5.74
N LYS B 804 27.58 -60.86 -4.44
CA LYS B 804 26.75 -60.38 -3.38
C LYS B 804 26.41 -58.87 -3.66
N PHE B 805 27.35 -58.02 -4.10
CA PHE B 805 27.07 -56.58 -4.34
C PHE B 805 26.02 -56.49 -5.39
N ASN B 806 26.11 -57.29 -6.52
CA ASN B 806 25.16 -57.10 -7.64
C ASN B 806 23.77 -57.43 -7.21
N THR B 807 23.57 -58.45 -6.44
CA THR B 807 22.26 -58.91 -5.95
C THR B 807 21.62 -57.96 -5.07
N ASN B 808 22.39 -57.41 -4.15
CA ASN B 808 21.95 -56.51 -3.21
C ASN B 808 21.51 -55.17 -3.83
N LEU B 809 22.27 -54.71 -4.84
CA LEU B 809 22.11 -53.41 -5.54
C LEU B 809 20.80 -53.42 -6.25
N LYS B 810 20.48 -54.60 -6.85
CA LYS B 810 19.23 -54.80 -7.60
C LYS B 810 17.93 -54.76 -6.74
N GLU B 811 18.04 -55.45 -5.48
CA GLU B 811 17.01 -55.48 -4.50
C GLU B 811 16.76 -54.11 -3.93
N ILE B 812 17.87 -53.35 -3.63
CA ILE B 812 17.86 -52.03 -3.09
C ILE B 812 17.22 -51.06 -3.99
N VAL B 813 17.45 -51.18 -5.32
CA VAL B 813 16.81 -50.41 -6.36
C VAL B 813 15.32 -50.63 -6.49
N SER B 814 14.76 -51.85 -6.39
CA SER B 814 13.36 -52.10 -6.42
C SER B 814 12.69 -51.51 -5.26
N GLN B 815 13.31 -51.58 -3.98
CA GLN B 815 12.73 -51.01 -2.79
C GLN B 815 12.75 -49.46 -3.04
N TYR B 816 13.86 -48.95 -3.64
CA TYR B 816 13.97 -47.50 -3.89
C TYR B 816 12.87 -47.00 -4.78
N LYS B 817 12.46 -47.66 -5.81
CA LYS B 817 11.46 -47.14 -6.70
C LYS B 817 10.05 -46.92 -5.98
N ASN B 818 9.63 -47.80 -5.08
CA ASN B 818 8.34 -47.76 -4.43
C ASN B 818 8.35 -46.43 -3.57
N PHE B 819 9.56 -46.24 -2.92
CA PHE B 819 9.79 -45.09 -2.05
C PHE B 819 9.73 -43.74 -2.78
N LYS B 820 10.32 -43.72 -4.01
CA LYS B 820 10.36 -42.63 -4.93
C LYS B 820 9.01 -42.17 -5.41
N ASP B 821 8.10 -43.13 -5.66
CA ASP B 821 6.71 -42.85 -6.13
C ASP B 821 5.97 -42.11 -4.99
N ARG B 822 6.22 -42.49 -3.68
CA ARG B 822 5.54 -41.84 -2.52
C ARG B 822 5.98 -40.38 -2.43
N LEU B 823 7.32 -40.19 -2.72
CA LEU B 823 8.02 -38.91 -2.73
C LEU B 823 7.49 -37.97 -3.82
N TYR B 824 7.15 -38.47 -5.02
CA TYR B 824 6.59 -37.60 -6.06
C TYR B 824 5.24 -36.97 -5.76
N ILE B 825 4.35 -37.78 -5.11
CA ILE B 825 3.01 -37.44 -4.69
C ILE B 825 3.05 -36.31 -3.63
N PHE B 826 4.02 -36.38 -2.67
CA PHE B 826 4.35 -35.37 -1.71
C PHE B 826 4.88 -34.07 -2.35
N ARG B 827 5.70 -34.16 -3.46
CA ARG B 827 6.23 -33.06 -4.15
C ARG B 827 5.17 -32.26 -4.82
N ALA B 828 4.13 -32.96 -5.33
CA ALA B 828 2.97 -32.47 -6.01
C ALA B 828 2.17 -31.59 -5.13
N ASP B 829 1.99 -32.01 -3.80
CA ASP B 829 1.28 -31.20 -2.84
C ASP B 829 1.94 -29.90 -2.58
N LEU B 830 3.29 -29.83 -2.44
CA LEU B 830 4.03 -28.58 -2.22
C LEU B 830 3.94 -27.66 -3.43
N LYS B 831 3.96 -28.21 -4.74
CA LYS B 831 3.92 -27.41 -5.97
C LYS B 831 2.59 -26.69 -6.07
N ASN B 832 1.49 -27.43 -5.78
CA ASN B 832 0.16 -27.02 -5.86
C ASN B 832 -0.13 -26.13 -4.77
N ASP B 833 0.58 -26.23 -3.65
CA ASP B 833 0.43 -25.59 -2.39
C ASP B 833 -0.98 -25.92 -1.85
N GLY B 834 -1.21 -27.23 -1.62
CA GLY B 834 -2.41 -27.80 -1.15
C GLY B 834 -2.85 -28.84 -2.13
N ASP B 835 -2.96 -30.10 -1.67
CA ASP B 835 -3.55 -31.09 -2.57
C ASP B 835 -4.44 -31.88 -1.76
N GLU B 836 -5.66 -32.16 -2.32
CA GLU B 836 -6.72 -32.83 -1.67
C GLU B 836 -6.41 -34.23 -1.44
N GLU B 837 -5.93 -34.92 -2.51
CA GLU B 837 -5.58 -36.34 -2.35
C GLU B 837 -4.44 -36.60 -1.37
N LEU B 838 -3.38 -35.70 -1.27
CA LEU B 838 -2.33 -35.86 -0.21
C LEU B 838 -2.95 -35.73 1.12
N PHE B 839 -3.97 -34.78 1.30
CA PHE B 839 -4.66 -34.67 2.55
C PHE B 839 -5.37 -35.96 2.94
N LEU B 840 -6.03 -36.54 1.95
CA LEU B 840 -6.86 -37.74 2.26
C LEU B 840 -6.00 -38.90 2.72
N LEU B 841 -4.86 -39.05 2.09
CA LEU B 841 -3.91 -40.06 2.43
C LEU B 841 -3.35 -39.92 3.77
N SER B 842 -2.92 -38.65 4.17
CA SER B 842 -2.41 -38.41 5.51
C SER B 842 -3.43 -38.65 6.59
N LYS B 843 -4.72 -38.31 6.28
CA LYS B 843 -5.89 -38.48 7.13
C LYS B 843 -6.19 -39.90 7.46
N SER B 844 -6.10 -40.81 6.47
CA SER B 844 -6.34 -42.21 6.74
C SER B 844 -5.37 -42.88 7.60
N LEU B 845 -4.07 -42.62 7.38
CA LEU B 845 -2.94 -43.19 8.10
C LEU B 845 -3.01 -42.83 9.59
N ARG B 846 -3.28 -41.54 9.89
CA ARG B 846 -3.45 -41.12 11.25
C ARG B 846 -4.73 -41.60 12.00
N MET C 1 9.29 7.20 -18.00
CA MET C 1 8.25 6.20 -18.41
C MET C 1 8.51 5.78 -19.82
N GLY C 2 7.65 4.85 -20.32
CA GLY C 2 7.77 4.14 -21.60
C GLY C 2 7.53 5.06 -22.74
N GLY C 3 7.51 4.36 -23.89
CA GLY C 3 7.19 4.93 -25.19
C GLY C 3 8.25 5.80 -25.70
N GLU C 4 9.48 5.43 -25.33
CA GLU C 4 10.61 6.34 -25.55
C GLU C 4 11.09 6.47 -26.99
N ILE C 5 11.58 7.65 -27.26
CA ILE C 5 12.00 7.95 -28.61
C ILE C 5 13.35 8.43 -28.63
N ILE C 6 14.10 7.84 -29.56
CA ILE C 6 15.55 8.09 -29.82
C ILE C 6 15.59 8.85 -31.20
N THR C 7 16.42 9.96 -31.24
CA THR C 7 16.67 10.79 -32.39
C THR C 7 18.08 10.58 -32.92
N LEU C 8 18.13 10.42 -34.28
CA LEU C 8 19.30 10.23 -35.10
C LEU C 8 19.37 11.50 -35.88
N GLN C 9 20.54 12.18 -35.86
CA GLN C 9 20.78 13.33 -36.62
C GLN C 9 21.90 12.92 -37.53
N ALA C 10 21.63 13.07 -38.85
CA ALA C 10 22.54 12.73 -39.98
C ALA C 10 22.47 13.94 -40.83
N GLY C 11 23.66 14.35 -41.38
CA GLY C 11 23.81 15.35 -42.42
C GLY C 11 23.89 16.73 -41.75
N GLN C 12 24.07 17.78 -42.64
CA GLN C 12 24.00 19.15 -42.22
C GLN C 12 22.60 19.61 -41.82
N CYS C 13 21.52 19.30 -42.63
CA CYS C 13 20.18 19.62 -42.39
C CYS C 13 19.69 18.91 -41.16
N GLY C 14 19.97 17.58 -41.04
CA GLY C 14 19.45 16.83 -39.83
C GLY C 14 19.97 17.42 -38.51
N ASN C 15 21.33 17.77 -38.54
CA ASN C 15 22.08 18.31 -37.38
C ASN C 15 21.57 19.76 -37.05
N HIS C 16 21.29 20.58 -38.02
CA HIS C 16 20.69 21.96 -37.83
C HIS C 16 19.29 21.95 -37.21
N VAL C 17 18.42 21.07 -37.79
CA VAL C 17 17.03 21.00 -37.40
C VAL C 17 17.01 20.49 -35.95
N GLY C 18 17.91 19.52 -35.61
CA GLY C 18 17.95 18.87 -34.30
C GLY C 18 18.28 19.86 -33.19
N LYS C 19 19.25 20.77 -33.46
CA LYS C 19 19.53 21.85 -32.48
C LYS C 19 18.33 22.81 -32.26
N PHE C 20 17.62 23.24 -33.35
CA PHE C 20 16.49 24.16 -33.16
C PHE C 20 15.29 23.50 -32.40
N LEU C 21 15.06 22.20 -32.73
CA LEU C 21 13.98 21.40 -32.18
C LEU C 21 14.09 21.22 -30.70
N TRP C 22 15.30 20.90 -30.20
CA TRP C 22 15.59 20.73 -28.83
C TRP C 22 15.54 21.99 -28.06
N SER C 23 16.01 23.09 -28.72
CA SER C 23 15.92 24.38 -28.10
C SER C 23 14.43 24.82 -27.75
N GLN C 24 13.43 24.57 -28.66
CA GLN C 24 12.10 24.80 -28.55
C GLN C 24 11.42 23.97 -27.46
N LEU C 25 11.71 22.62 -27.39
CA LEU C 25 11.21 21.73 -26.38
C LEU C 25 11.71 22.09 -24.98
N ALA C 26 13.02 22.47 -24.82
CA ALA C 26 13.69 22.75 -23.49
C ALA C 26 12.99 23.93 -22.82
N LYS C 27 12.70 24.99 -23.67
CA LYS C 27 12.09 26.22 -23.33
C LYS C 27 10.73 25.95 -22.90
N GLU C 28 9.96 25.02 -23.68
CA GLU C 28 8.56 24.83 -23.27
C GLU C 28 8.48 24.10 -21.93
N HIS C 29 9.43 23.16 -21.65
CA HIS C 29 9.37 22.41 -20.38
C HIS C 29 10.30 22.96 -19.31
N ALA C 30 10.74 24.28 -19.40
CA ALA C 30 11.46 25.10 -18.44
C ALA C 30 12.75 24.40 -18.03
N ILE C 31 13.62 24.02 -19.02
CA ILE C 31 14.86 23.26 -18.88
C ILE C 31 15.85 24.15 -19.56
N GLY C 32 17.12 24.22 -19.01
CA GLY C 32 18.14 25.06 -19.55
C GLY C 32 18.51 24.91 -20.97
N THR C 33 19.29 25.88 -21.51
CA THR C 33 19.74 25.89 -22.88
C THR C 33 21.02 25.03 -22.95
N ASP C 34 21.72 24.91 -21.77
CA ASP C 34 22.91 24.20 -21.55
C ASP C 34 22.69 22.96 -20.67
N GLY C 35 21.38 22.67 -20.49
CA GLY C 35 20.81 21.45 -19.91
C GLY C 35 20.90 21.48 -18.48
N LEU C 36 19.70 21.60 -17.91
CA LEU C 36 19.64 21.85 -16.50
C LEU C 36 18.51 21.12 -16.01
N SER C 37 18.80 20.18 -15.10
CA SER C 37 17.67 19.50 -14.52
C SER C 37 16.89 20.37 -13.59
N GLN C 38 15.51 20.39 -13.83
CA GLN C 38 14.54 21.17 -13.08
C GLN C 38 13.44 21.00 -14.13
N LEU C 39 12.19 21.11 -13.58
CA LEU C 39 11.03 20.98 -14.37
C LEU C 39 10.07 21.75 -13.56
N PRO C 40 8.95 22.15 -14.08
CA PRO C 40 8.03 22.99 -13.34
C PRO C 40 7.02 22.20 -12.69
N ASP C 41 7.20 20.88 -12.59
CA ASP C 41 6.14 20.01 -12.18
C ASP C 41 6.81 19.05 -11.39
N SER C 42 6.09 18.64 -10.32
CA SER C 42 6.62 17.62 -9.49
C SER C 42 5.62 17.02 -8.57
N SER C 43 4.35 17.44 -8.76
CA SER C 43 3.18 17.00 -7.95
C SER C 43 1.92 17.12 -8.75
N THR C 44 2.16 17.73 -9.98
CA THR C 44 1.17 17.93 -10.96
C THR C 44 1.75 17.34 -12.22
N GLU C 45 0.87 16.74 -13.01
CA GLU C 45 1.21 16.21 -14.27
C GLU C 45 0.72 17.14 -15.42
N ARG C 46 1.67 17.76 -16.13
CA ARG C 46 1.41 18.58 -17.24
C ARG C 46 2.67 18.61 -18.04
N ASP C 47 3.47 17.56 -17.91
CA ASP C 47 4.66 17.55 -18.64
C ASP C 47 4.81 16.07 -18.67
N ASP C 48 5.08 15.46 -19.82
CA ASP C 48 5.25 14.05 -19.98
C ASP C 48 6.21 13.82 -21.12
N ASP C 49 6.60 14.88 -21.84
CA ASP C 49 7.52 14.88 -22.97
C ASP C 49 8.88 14.62 -22.51
N THR C 50 9.17 15.04 -21.24
CA THR C 50 10.52 15.05 -20.68
C THR C 50 11.20 13.75 -20.80
N LYS C 51 10.80 12.64 -20.13
CA LYS C 51 11.51 11.39 -20.03
C LYS C 51 11.45 10.61 -21.34
N PRO C 52 10.44 10.49 -22.23
CA PRO C 52 10.56 9.77 -23.46
C PRO C 52 11.71 10.37 -24.43
N PHE C 53 11.69 11.76 -24.57
CA PHE C 53 12.52 12.40 -25.55
C PHE C 53 13.96 12.72 -25.03
N PHE C 54 14.10 13.03 -23.74
CA PHE C 54 15.29 13.50 -23.15
C PHE C 54 15.64 12.52 -22.00
N ARG C 55 16.90 12.50 -21.56
CA ARG C 55 17.36 11.65 -20.52
C ARG C 55 18.15 12.57 -19.53
N GLU C 56 18.32 12.13 -18.24
CA GLU C 56 18.93 12.88 -17.20
C GLU C 56 20.25 12.26 -17.05
N ASN C 57 21.34 13.10 -17.04
CA ASN C 57 22.70 12.70 -16.62
C ASN C 57 22.75 12.63 -15.08
N SER C 58 23.64 11.84 -14.46
CA SER C 58 23.77 11.84 -13.01
C SER C 58 24.33 13.09 -12.38
N ARG C 59 24.86 13.93 -13.36
CA ARG C 59 25.43 15.22 -13.01
C ARG C 59 24.41 16.28 -12.83
N ASN C 60 23.15 15.92 -13.06
CA ASN C 60 21.98 16.70 -13.08
C ASN C 60 21.98 17.72 -14.21
N LYS C 61 22.18 17.31 -15.44
CA LYS C 61 21.92 18.15 -16.63
C LYS C 61 20.93 17.26 -17.40
N PHE C 62 19.87 17.88 -18.03
CA PHE C 62 19.12 17.11 -18.99
C PHE C 62 19.94 17.20 -20.24
N THR C 63 19.90 16.12 -20.97
CA THR C 63 20.49 16.12 -22.28
C THR C 63 19.38 15.48 -23.12
N PRO C 64 19.04 15.89 -24.36
CA PRO C 64 18.12 15.23 -25.20
C PRO C 64 18.76 14.01 -25.67
N ARG C 65 17.98 12.95 -25.76
CA ARG C 65 18.40 11.66 -26.24
C ARG C 65 18.61 11.56 -27.78
N ALA C 66 19.81 12.01 -28.20
CA ALA C 66 20.08 12.25 -29.61
C ALA C 66 21.53 11.83 -29.99
N ILE C 67 21.72 11.33 -31.22
CA ILE C 67 23.01 10.91 -31.77
C ILE C 67 23.27 11.79 -32.89
N MET C 68 24.52 12.33 -32.97
CA MET C 68 24.88 13.11 -34.04
C MET C 68 25.92 12.37 -34.86
N MET C 69 25.63 12.32 -36.18
CA MET C 69 26.45 11.81 -37.16
C MET C 69 26.35 12.90 -38.22
N ASP C 70 27.48 13.24 -38.89
CA ASP C 70 27.50 14.33 -39.80
C ASP C 70 29.00 14.49 -40.10
N SER C 71 29.30 15.71 -40.63
CA SER C 71 30.58 16.23 -41.14
C SER C 71 30.83 17.59 -40.54
N GLU C 72 32.02 18.21 -40.87
CA GLU C 72 32.65 19.32 -40.20
C GLU C 72 31.91 20.62 -40.41
N PRO C 73 31.30 21.02 -41.59
CA PRO C 73 30.71 22.30 -41.81
C PRO C 73 29.62 22.63 -40.73
N SER C 74 28.68 21.63 -40.44
CA SER C 74 27.60 21.65 -39.47
C SER C 74 28.08 21.57 -38.06
N VAL C 75 29.07 20.71 -37.72
CA VAL C 75 29.57 20.44 -36.37
C VAL C 75 30.14 21.70 -35.80
N ILE C 76 30.82 22.46 -36.72
CA ILE C 76 31.41 23.72 -36.49
C ILE C 76 30.51 24.86 -36.12
N ALA C 77 29.32 24.79 -36.81
CA ALA C 77 28.19 25.65 -36.52
C ALA C 77 27.69 25.40 -35.01
N ASP C 78 27.60 24.11 -34.62
CA ASP C 78 27.17 23.73 -33.30
C ASP C 78 28.07 24.22 -32.08
N VAL C 79 29.48 24.17 -32.13
CA VAL C 79 30.36 24.56 -31.06
C VAL C 79 30.36 26.06 -30.83
N GLU C 80 30.10 26.85 -31.88
CA GLU C 80 29.82 28.24 -31.78
C GLU C 80 28.55 28.58 -31.08
N ASN C 81 27.50 27.73 -31.29
CA ASN C 81 26.25 27.97 -30.73
C ASN C 81 26.33 27.52 -29.22
N THR C 82 25.27 28.00 -28.40
CA THR C 82 25.08 27.66 -27.01
C THR C 82 24.08 26.52 -26.88
N PHE C 83 23.97 25.77 -27.97
CA PHE C 83 23.13 24.67 -28.14
C PHE C 83 23.92 23.39 -27.81
N ARG C 84 25.22 23.43 -27.46
CA ARG C 84 25.96 22.39 -26.82
C ARG C 84 25.55 22.44 -25.36
N GLY C 85 25.53 21.31 -24.73
CA GLY C 85 24.90 21.14 -23.46
C GLY C 85 23.55 20.58 -23.74
N PHE C 86 23.24 20.44 -25.08
CA PHE C 86 22.20 19.52 -25.51
C PHE C 86 22.84 18.28 -26.07
N PHE C 87 24.18 18.29 -26.29
CA PHE C 87 24.87 17.12 -26.77
C PHE C 87 26.19 17.12 -26.02
N ASP C 88 26.63 15.90 -25.64
CA ASP C 88 27.83 15.47 -24.98
C ASP C 88 28.82 15.36 -26.08
N PRO C 89 30.09 15.42 -25.81
CA PRO C 89 31.16 15.17 -26.81
C PRO C 89 31.12 13.67 -27.25
N ARG C 90 30.56 12.76 -26.41
CA ARG C 90 30.36 11.37 -26.64
C ARG C 90 29.37 11.10 -27.76
N ASN C 91 28.32 11.91 -27.89
CA ASN C 91 27.34 11.83 -28.89
C ASN C 91 27.89 12.29 -30.25
N THR C 92 29.02 13.01 -30.29
CA THR C 92 29.44 13.52 -31.57
C THR C 92 30.32 12.58 -32.31
N TRP C 93 29.94 12.26 -33.56
CA TRP C 93 30.75 11.53 -34.49
C TRP C 93 30.81 12.34 -35.76
N VAL C 94 32.00 12.67 -36.28
CA VAL C 94 32.35 13.53 -37.41
C VAL C 94 33.24 12.69 -38.29
N ALA C 95 32.91 12.59 -39.60
CA ALA C 95 33.71 11.98 -40.58
C ALA C 95 33.58 12.91 -41.74
N SER C 96 34.70 13.08 -42.49
CA SER C 96 34.52 13.89 -43.69
C SER C 96 35.51 13.22 -44.64
N ASP C 97 35.65 13.74 -45.87
CA ASP C 97 36.49 13.22 -46.97
C ASP C 97 36.65 14.40 -47.93
N GLY C 98 36.24 15.61 -47.51
CA GLY C 98 36.22 16.79 -48.31
C GLY C 98 34.81 17.22 -48.34
N ALA C 99 34.50 18.58 -48.06
CA ALA C 99 33.17 19.13 -47.87
C ALA C 99 32.28 18.31 -46.92
N SER C 100 30.94 18.38 -46.99
CA SER C 100 30.07 17.58 -46.23
C SER C 100 30.10 16.23 -46.85
N ALA C 101 29.98 16.19 -48.18
CA ALA C 101 30.16 14.97 -48.94
C ALA C 101 30.11 15.45 -50.36
N GLY C 102 30.05 16.81 -50.64
CA GLY C 102 30.09 17.39 -52.00
C GLY C 102 28.74 17.31 -52.61
N ASN C 103 27.68 17.12 -51.71
CA ASN C 103 26.35 16.95 -52.06
C ASN C 103 26.03 15.68 -52.92
N SER C 104 26.56 14.49 -52.48
CA SER C 104 26.42 13.27 -53.27
C SER C 104 26.24 12.06 -52.31
N TRP C 105 25.28 11.19 -52.76
CA TRP C 105 24.74 10.08 -52.07
C TRP C 105 25.87 9.02 -51.89
N ALA C 106 26.68 8.81 -52.98
CA ALA C 106 27.77 7.78 -53.01
C ALA C 106 28.81 8.06 -51.94
N ASN C 107 29.25 9.33 -51.70
CA ASN C 107 30.26 9.68 -50.69
C ASN C 107 29.75 9.47 -49.33
N GLY C 108 28.47 9.85 -49.06
CA GLY C 108 27.76 9.77 -47.75
C GLY C 108 27.57 8.38 -47.35
N TYR C 109 27.17 7.56 -48.30
CA TYR C 109 26.95 6.15 -48.12
C TYR C 109 28.23 5.44 -47.77
N ASP C 110 29.36 5.70 -48.54
CA ASP C 110 30.65 5.12 -48.39
C ASP C 110 31.27 5.51 -47.02
N ILE C 111 31.12 6.77 -46.52
CA ILE C 111 31.51 7.20 -45.22
C ILE C 111 30.71 6.48 -44.08
N GLY C 112 29.40 6.19 -44.23
CA GLY C 112 28.60 5.47 -43.31
C GLY C 112 29.02 4.01 -43.16
N THR C 113 29.53 3.35 -44.28
CA THR C 113 30.10 2.04 -44.22
C THR C 113 31.36 2.08 -43.38
N ARG C 114 32.23 3.05 -43.40
CA ARG C 114 33.43 3.06 -42.65
C ARG C 114 33.06 3.19 -41.17
N ASN C 115 33.85 2.52 -40.25
CA ASN C 115 33.66 2.63 -38.80
C ASN C 115 32.31 2.25 -38.31
N GLN C 116 32.01 0.92 -38.63
CA GLN C 116 30.76 0.30 -38.26
C GLN C 116 30.67 0.27 -36.70
N ASP C 117 31.78 -0.09 -35.98
CA ASP C 117 31.79 -0.39 -34.58
C ASP C 117 31.48 0.86 -33.82
N ASP C 118 32.06 2.06 -34.27
CA ASP C 118 31.88 3.36 -33.62
C ASP C 118 30.44 3.91 -33.64
N ILE C 119 29.73 3.78 -34.80
CA ILE C 119 28.33 4.18 -35.01
C ILE C 119 27.43 3.32 -34.13
N LEU C 120 27.74 2.00 -34.09
CA LEU C 120 27.02 1.07 -33.23
C LEU C 120 27.22 1.32 -31.72
N ASN C 121 28.39 1.82 -31.30
CA ASN C 121 28.72 2.20 -29.86
C ASN C 121 27.79 3.22 -29.33
N LYS C 122 27.52 4.24 -30.12
CA LYS C 122 26.75 5.39 -29.80
C LYS C 122 25.37 4.84 -29.62
N ILE C 123 24.93 4.00 -30.62
CA ILE C 123 23.59 3.47 -30.54
C ILE C 123 23.43 2.60 -29.37
N ASP C 124 24.40 1.68 -29.07
CA ASP C 124 24.27 0.67 -28.02
C ASP C 124 24.12 1.36 -26.58
N LYS C 125 24.88 2.48 -26.40
CA LYS C 125 24.82 3.28 -25.17
C LYS C 125 23.39 3.88 -25.00
N GLU C 126 22.74 4.39 -26.12
CA GLU C 126 21.44 5.04 -26.14
C GLU C 126 20.40 4.05 -25.83
N ILE C 127 20.57 2.78 -26.40
CA ILE C 127 19.67 1.70 -26.28
C ILE C 127 19.63 1.20 -24.89
N ASP C 128 20.82 1.08 -24.22
CA ASP C 128 20.91 0.64 -22.80
C ASP C 128 20.26 1.64 -21.84
N SER C 129 20.33 2.95 -22.09
CA SER C 129 19.78 4.02 -21.21
C SER C 129 18.21 4.00 -21.24
N THR C 130 17.55 3.35 -22.23
CA THR C 130 16.12 3.33 -22.31
C THR C 130 15.62 1.92 -21.95
N ASP C 131 14.38 1.69 -21.41
CA ASP C 131 13.97 0.33 -21.09
C ASP C 131 12.68 0.03 -21.83
N ASN C 132 12.41 0.90 -22.86
CA ASN C 132 11.24 0.71 -23.68
C ASN C 132 11.17 1.57 -24.86
N PHE C 133 12.04 1.27 -25.81
CA PHE C 133 12.24 2.02 -26.95
C PHE C 133 11.17 1.65 -27.90
N GLU C 134 10.29 2.68 -28.25
CA GLU C 134 9.21 2.56 -29.16
C GLU C 134 9.83 2.56 -30.48
N GLY C 135 10.79 3.47 -30.71
CA GLY C 135 11.32 3.48 -32.01
C GLY C 135 12.11 4.73 -32.22
N PHE C 136 12.48 4.88 -33.53
CA PHE C 136 13.42 5.83 -33.93
C PHE C 136 12.82 6.81 -34.84
N GLN C 137 13.50 8.02 -34.80
CA GLN C 137 13.24 9.19 -35.58
C GLN C 137 14.56 9.52 -36.26
N LEU C 138 14.63 9.65 -37.57
CA LEU C 138 15.81 10.15 -38.36
C LEU C 138 15.45 11.50 -38.91
N LEU C 139 16.35 12.47 -38.69
CA LEU C 139 16.28 13.81 -39.10
C LEU C 139 17.35 13.89 -40.14
N HIS C 140 17.01 14.30 -41.39
CA HIS C 140 17.96 14.39 -42.41
C HIS C 140 17.40 15.04 -43.59
N SER C 141 18.30 15.32 -44.58
CA SER C 141 17.95 15.87 -45.86
C SER C 141 18.33 14.85 -46.92
N VAL C 142 17.54 14.82 -48.03
CA VAL C 142 17.72 14.04 -49.19
C VAL C 142 18.05 15.05 -50.21
N ALA C 143 18.38 16.27 -49.72
CA ALA C 143 18.95 17.38 -50.54
C ALA C 143 20.40 17.43 -50.24
N GLY C 144 20.84 16.73 -49.20
CA GLY C 144 22.30 16.74 -48.83
C GLY C 144 23.05 15.60 -49.47
N GLY C 145 24.39 15.46 -49.27
CA GLY C 145 25.18 14.34 -49.65
C GLY C 145 25.17 13.26 -48.52
N THR C 146 25.47 13.81 -47.27
CA THR C 146 25.65 13.10 -46.05
C THR C 146 24.25 12.72 -45.66
N GLY C 147 23.29 13.64 -45.62
CA GLY C 147 21.94 13.43 -45.06
C GLY C 147 21.34 12.36 -45.84
N SER C 148 21.56 12.39 -47.23
CA SER C 148 21.03 11.32 -48.04
C SER C 148 21.76 9.98 -47.89
N GLY C 149 23.13 9.93 -48.14
CA GLY C 149 23.85 8.69 -48.28
C GLY C 149 23.98 7.95 -47.00
N LEU C 150 24.43 8.67 -45.98
CA LEU C 150 24.71 8.29 -44.62
C LEU C 150 23.37 7.99 -44.03
N GLY C 151 22.32 8.83 -44.44
CA GLY C 151 21.00 8.59 -43.92
C GLY C 151 20.40 7.23 -44.32
N SER C 152 20.57 6.82 -45.60
CA SER C 152 20.22 5.61 -46.24
C SER C 152 20.87 4.41 -45.76
N ASN C 153 22.13 4.45 -45.39
CA ASN C 153 22.99 3.42 -44.78
C ASN C 153 22.40 3.07 -43.40
N LEU C 154 22.01 4.14 -42.63
CA LEU C 154 21.43 4.04 -41.33
C LEU C 154 20.11 3.32 -41.34
N LEU C 155 19.20 3.59 -42.36
CA LEU C 155 17.91 2.90 -42.53
C LEU C 155 18.03 1.40 -42.80
N GLU C 156 19.03 0.95 -43.68
CA GLU C 156 19.29 -0.44 -43.97
C GLU C 156 19.80 -1.21 -42.72
N ALA C 157 20.78 -0.57 -41.93
CA ALA C 157 21.26 -1.20 -40.72
C ALA C 157 20.17 -1.38 -39.69
N LEU C 158 19.32 -0.35 -39.48
CA LEU C 158 18.29 -0.31 -38.48
C LEU C 158 17.16 -1.39 -38.57
N CYS C 159 16.75 -1.61 -39.86
CA CYS C 159 15.73 -2.51 -40.31
C CYS C 159 16.09 -3.94 -39.91
N ASP C 160 17.40 -4.27 -40.21
CA ASP C 160 18.00 -5.57 -39.98
C ASP C 160 18.20 -5.89 -38.52
N ARG C 161 18.79 -4.94 -37.76
CA ARG C 161 19.09 -5.11 -36.35
C ARG C 161 17.90 -5.23 -35.51
N TYR C 162 17.01 -4.27 -35.69
CA TYR C 162 15.76 -4.23 -35.04
C TYR C 162 14.68 -4.40 -36.12
N PRO C 163 13.98 -5.59 -36.24
CA PRO C 163 12.89 -5.70 -37.21
C PRO C 163 11.60 -5.68 -36.50
N LYS C 164 11.60 -5.38 -35.18
CA LYS C 164 10.46 -5.43 -34.30
C LYS C 164 9.97 -4.05 -33.99
N LYS C 165 10.74 -2.95 -34.29
CA LYS C 165 10.38 -1.60 -33.93
C LYS C 165 10.23 -0.72 -35.16
N ILE C 166 9.68 0.53 -34.92
CA ILE C 166 9.50 1.48 -35.96
C ILE C 166 10.68 2.35 -36.21
N LEU C 167 10.85 2.57 -37.53
CA LEU C 167 11.74 3.59 -38.02
C LEU C 167 10.95 4.61 -38.79
N THR C 168 10.97 5.96 -38.38
CA THR C 168 10.20 6.99 -38.99
C THR C 168 11.13 8.00 -39.48
N THR C 169 10.99 8.71 -40.60
CA THR C 169 11.95 9.64 -41.07
C THR C 169 11.21 10.89 -41.39
N TYR C 170 11.99 12.04 -41.21
CA TYR C 170 11.74 13.36 -41.59
C TYR C 170 12.71 13.67 -42.65
N SER C 171 12.19 13.68 -43.89
CA SER C 171 13.07 13.93 -45.01
C SER C 171 12.77 15.23 -45.65
N VAL C 172 13.84 16.05 -45.90
CA VAL C 172 13.71 17.29 -46.62
C VAL C 172 14.03 16.91 -48.08
N PHE C 173 13.10 17.22 -49.01
CA PHE C 173 13.29 16.92 -50.45
C PHE C 173 13.89 18.23 -51.03
N PRO C 174 14.72 18.16 -52.03
CA PRO C 174 15.38 19.35 -52.51
C PRO C 174 14.48 20.18 -53.42
N ALA C 175 13.45 19.51 -54.00
CA ALA C 175 12.53 20.05 -54.96
C ALA C 175 13.15 20.16 -56.32
N ARG C 176 12.38 20.71 -57.32
CA ARG C 176 12.95 20.84 -58.69
C ARG C 176 13.55 22.24 -58.90
N SER C 177 13.83 22.95 -57.74
CA SER C 177 14.46 24.25 -57.69
C SER C 177 15.60 23.99 -56.80
N SER C 178 16.84 23.93 -57.40
CA SER C 178 17.97 23.61 -56.61
C SER C 178 19.09 24.50 -57.06
N GLU C 179 20.21 24.42 -56.28
CA GLU C 179 21.37 25.14 -56.64
C GLU C 179 22.42 24.32 -57.36
N VAL C 180 22.24 23.05 -57.53
CA VAL C 180 23.14 22.14 -58.18
C VAL C 180 22.31 21.13 -58.78
N VAL C 181 22.88 20.26 -59.63
CA VAL C 181 22.08 19.27 -60.37
C VAL C 181 22.33 17.90 -59.82
N VAL C 182 23.38 17.59 -58.95
CA VAL C 182 23.60 16.20 -58.42
C VAL C 182 22.52 15.81 -57.42
N GLN C 183 21.59 16.76 -57.07
CA GLN C 183 20.39 16.64 -56.27
C GLN C 183 19.49 15.50 -56.83
N SER C 184 19.44 15.42 -58.25
CA SER C 184 18.65 14.42 -58.97
C SER C 184 19.03 12.98 -58.68
N TYR C 185 20.34 12.76 -58.61
CA TYR C 185 20.84 11.52 -58.23
C TYR C 185 20.46 11.25 -56.80
N ASN C 186 20.62 12.24 -55.87
CA ASN C 186 20.34 11.99 -54.49
C ASN C 186 18.84 11.58 -54.25
N THR C 187 17.82 12.21 -54.91
CA THR C 187 16.43 11.69 -54.63
C THR C 187 16.22 10.25 -55.08
N ILE C 188 16.63 9.87 -56.34
CA ILE C 188 16.38 8.53 -56.86
C ILE C 188 17.02 7.46 -56.00
N LEU C 189 18.32 7.60 -55.70
CA LEU C 189 19.13 6.56 -54.97
C LEU C 189 18.67 6.28 -53.60
N ALA C 190 18.30 7.39 -52.90
CA ALA C 190 17.80 7.48 -51.55
C ALA C 190 16.48 6.85 -51.38
N LEU C 191 15.61 7.09 -52.40
CA LEU C 191 14.18 6.74 -52.42
C LEU C 191 13.97 5.25 -52.35
N ARG C 192 14.92 4.51 -52.92
CA ARG C 192 14.84 3.03 -52.87
C ARG C 192 14.84 2.58 -51.50
N ARG C 193 15.72 3.12 -50.67
CA ARG C 193 15.78 2.82 -49.26
C ARG C 193 14.65 3.36 -48.50
N LEU C 194 14.24 4.58 -48.78
CA LEU C 194 13.15 5.20 -48.06
C LEU C 194 11.83 4.45 -48.28
N ILE C 195 11.50 3.89 -49.47
CA ILE C 195 10.26 3.09 -49.66
C ILE C 195 10.30 1.80 -48.88
N GLU C 196 11.39 1.06 -49.10
CA GLU C 196 11.40 -0.26 -48.58
C GLU C 196 11.76 -0.41 -47.12
N ASP C 197 12.82 0.25 -46.65
CA ASP C 197 13.33 0.12 -45.30
C ASP C 197 12.61 0.96 -44.30
N SER C 198 11.82 1.95 -44.71
CA SER C 198 11.16 2.84 -43.75
C SER C 198 9.66 2.57 -44.05
N ASP C 199 8.86 2.62 -42.95
CA ASP C 199 7.48 2.43 -43.07
C ASP C 199 6.83 3.77 -42.98
N ALA C 200 7.54 4.93 -42.76
CA ALA C 200 6.94 6.27 -42.89
C ALA C 200 7.93 7.29 -43.40
N THR C 201 7.51 8.24 -44.33
CA THR C 201 8.33 9.34 -44.75
C THR C 201 7.44 10.59 -44.62
N VAL C 202 7.85 11.63 -43.85
CA VAL C 202 7.19 12.92 -43.87
C VAL C 202 7.94 13.81 -44.80
N VAL C 203 7.36 14.25 -45.90
CA VAL C 203 8.09 14.99 -46.93
C VAL C 203 8.04 16.38 -46.53
N PHE C 204 9.20 17.05 -46.49
CA PHE C 204 9.32 18.51 -46.40
C PHE C 204 9.96 19.01 -47.73
N ASP C 205 9.23 19.63 -48.57
CA ASP C 205 9.80 20.02 -49.87
C ASP C 205 10.34 21.46 -49.66
N ASN C 206 11.68 21.58 -49.85
CA ASN C 206 12.49 22.76 -49.41
C ASN C 206 12.05 23.94 -50.17
N ALA C 207 11.51 23.92 -51.40
CA ALA C 207 10.98 25.00 -52.18
C ALA C 207 9.76 25.66 -51.54
N SER C 208 8.76 24.86 -51.01
CA SER C 208 7.66 25.47 -50.32
C SER C 208 8.12 26.08 -49.00
N LEU C 209 9.00 25.44 -48.20
CA LEU C 209 9.54 25.92 -46.95
C LEU C 209 10.31 27.19 -47.15
N LEU C 210 11.11 27.32 -48.24
CA LEU C 210 12.01 28.48 -48.53
C LEU C 210 11.31 29.77 -48.81
N ASN C 211 10.13 29.74 -49.61
CA ASN C 211 9.18 30.80 -49.93
C ASN C 211 8.51 31.33 -48.64
N ILE C 212 8.15 30.44 -47.73
CA ILE C 212 7.68 30.72 -46.35
C ILE C 212 8.68 31.41 -45.56
N SER C 213 9.94 30.91 -45.59
CA SER C 213 11.02 31.43 -44.78
C SER C 213 11.36 32.83 -45.04
N GLY C 214 11.49 33.16 -46.38
CA GLY C 214 11.71 34.57 -46.78
C GLY C 214 10.56 35.42 -46.47
N LYS C 215 9.31 35.05 -46.83
CA LYS C 215 8.16 35.88 -46.66
C LYS C 215 7.56 36.08 -45.20
N VAL C 216 7.20 34.92 -44.58
CA VAL C 216 6.42 34.87 -43.26
C VAL C 216 7.28 35.27 -42.07
N PHE C 217 8.44 34.61 -42.01
CA PHE C 217 9.36 34.73 -40.95
C PHE C 217 10.09 36.02 -41.01
N ARG C 218 10.39 36.62 -42.18
CA ARG C 218 10.86 38.01 -42.30
C ARG C 218 12.30 38.14 -41.78
N ASN C 219 13.22 37.33 -42.26
CA ASN C 219 14.65 37.48 -41.96
C ASN C 219 15.44 37.83 -43.16
N PRO C 220 16.64 38.37 -42.95
CA PRO C 220 17.50 38.74 -44.09
C PRO C 220 18.26 37.55 -44.61
N ASN C 221 18.11 36.33 -44.06
CA ASN C 221 18.79 35.13 -44.36
C ASN C 221 18.02 34.42 -45.44
N ILE C 222 18.48 33.28 -46.12
CA ILE C 222 17.80 32.60 -47.15
C ILE C 222 18.41 31.23 -47.29
N ASP C 223 19.36 30.98 -46.39
CA ASP C 223 20.14 29.74 -46.23
C ASP C 223 19.31 28.46 -45.94
N LEU C 224 19.94 27.27 -46.06
CA LEU C 224 19.42 26.01 -45.75
C LEU C 224 19.12 25.91 -44.35
N GLN C 225 20.11 26.55 -43.56
CA GLN C 225 20.08 26.61 -42.17
C GLN C 225 18.86 27.38 -41.67
N HIS C 226 18.54 28.47 -42.34
CA HIS C 226 17.48 29.38 -42.00
C HIS C 226 16.13 28.70 -42.13
N THR C 227 15.95 27.90 -43.23
CA THR C 227 14.82 27.16 -43.62
C THR C 227 14.46 25.95 -42.71
N ASN C 228 15.55 25.33 -42.17
CA ASN C 228 15.48 24.20 -41.23
C ASN C 228 14.77 24.60 -39.97
N GLN C 229 14.80 25.92 -39.58
CA GLN C 229 14.16 26.45 -38.40
C GLN C 229 12.66 26.22 -38.50
N LEU C 230 12.08 26.43 -39.75
CA LEU C 230 10.69 26.22 -40.10
C LEU C 230 10.26 24.84 -40.00
N ILE C 231 11.09 23.87 -40.47
CA ILE C 231 10.90 22.45 -40.45
C ILE C 231 10.86 22.02 -39.06
N SER C 232 11.75 22.51 -38.15
CA SER C 232 11.80 22.23 -36.77
C SER C 232 10.60 22.69 -35.99
N THR C 233 10.04 23.88 -36.40
CA THR C 233 8.83 24.50 -35.87
C THR C 233 7.71 23.54 -36.11
N ILE C 234 7.51 22.93 -37.27
CA ILE C 234 6.35 22.03 -37.54
C ILE C 234 6.47 20.77 -36.66
N ILE C 235 7.67 20.22 -36.58
CA ILE C 235 7.96 19.03 -35.83
C ILE C 235 7.70 19.28 -34.34
N SER C 236 8.06 20.45 -33.71
CA SER C 236 7.89 20.83 -32.31
C SER C 236 6.42 20.99 -32.01
N SER C 237 5.63 21.60 -32.94
CA SER C 237 4.20 21.76 -32.72
C SER C 237 3.50 20.42 -32.71
N VAL C 238 3.97 19.35 -33.52
CA VAL C 238 3.29 18.02 -33.60
C VAL C 238 3.37 17.33 -32.23
N THR C 239 4.43 17.56 -31.46
CA THR C 239 4.75 16.95 -30.22
C THR C 239 3.97 17.51 -29.05
N ASN C 240 3.16 18.59 -29.24
CA ASN C 240 2.38 19.38 -28.18
C ASN C 240 1.57 18.48 -27.35
N SER C 241 0.83 17.50 -27.98
CA SER C 241 -0.16 16.70 -27.43
C SER C 241 0.41 15.70 -26.37
N ILE C 242 1.72 15.36 -26.46
CA ILE C 242 2.41 14.38 -25.72
C ILE C 242 2.58 14.99 -24.29
N ARG C 243 2.97 16.25 -24.12
CA ARG C 243 3.24 16.74 -22.78
C ARG C 243 1.99 17.04 -22.04
N PHE C 244 0.82 17.19 -22.70
CA PHE C 244 -0.49 17.33 -22.04
C PHE C 244 -1.02 15.91 -21.65
N PRO C 245 -1.57 15.80 -20.42
CA PRO C 245 -1.72 14.53 -19.79
C PRO C 245 -2.86 13.73 -20.36
N SER C 246 -3.74 14.32 -21.16
CA SER C 246 -5.09 13.82 -21.35
C SER C 246 -5.28 13.10 -22.67
N TYR C 247 -4.24 13.13 -23.56
CA TYR C 247 -4.42 12.53 -24.92
C TYR C 247 -3.77 11.17 -24.84
N MET C 248 -4.15 10.31 -25.85
CA MET C 248 -3.76 8.90 -25.79
C MET C 248 -3.87 8.45 -27.24
N TYR C 249 -4.06 9.35 -28.25
CA TYR C 249 -3.96 9.07 -29.69
C TYR C 249 -2.80 9.93 -30.26
N SER C 250 -2.08 10.58 -29.32
CA SER C 250 -0.90 11.42 -29.29
C SER C 250 0.39 10.63 -29.55
N SER C 251 0.44 9.33 -29.19
CA SER C 251 1.58 8.45 -29.32
C SER C 251 1.96 8.26 -30.76
N MET C 252 3.32 8.13 -31.04
CA MET C 252 3.82 8.08 -32.36
C MET C 252 3.33 6.87 -33.16
N SER C 253 3.34 5.70 -32.53
CA SER C 253 3.03 4.42 -32.95
C SER C 253 1.51 4.30 -33.37
N SER C 254 0.68 4.85 -32.45
CA SER C 254 -0.73 4.86 -32.70
C SER C 254 -1.16 5.80 -33.86
N ILE C 255 -0.48 6.97 -34.09
CA ILE C 255 -0.77 7.85 -35.20
C ILE C 255 -0.46 7.17 -36.51
N TYR C 256 0.70 6.45 -36.55
CA TYR C 256 1.24 5.71 -37.69
C TYR C 256 0.40 4.56 -38.10
N SER C 257 -0.10 3.76 -37.16
CA SER C 257 -0.91 2.54 -37.46
C SER C 257 -2.18 2.90 -38.15
N THR C 258 -2.84 3.93 -37.58
CA THR C 258 -4.03 4.40 -38.17
C THR C 258 -3.89 5.07 -39.51
N LEU C 259 -2.88 5.95 -39.61
CA LEU C 259 -2.66 6.75 -40.80
C LEU C 259 -2.08 5.91 -41.95
N ILE C 260 -1.12 4.92 -41.61
CA ILE C 260 -0.40 4.26 -42.61
C ILE C 260 -0.78 2.78 -42.52
N PRO C 261 -1.51 2.18 -43.43
CA PRO C 261 -1.85 0.77 -43.45
C PRO C 261 -0.78 -0.07 -44.24
N SER C 262 0.04 0.59 -45.05
CA SER C 262 0.93 -0.14 -45.97
C SER C 262 2.25 0.60 -46.11
N PRO C 263 3.38 -0.03 -46.38
CA PRO C 263 4.58 0.72 -46.39
C PRO C 263 4.73 1.14 -47.86
N GLU C 264 3.75 0.91 -48.72
CA GLU C 264 3.79 1.09 -50.14
C GLU C 264 2.79 2.17 -50.51
N LEU C 265 2.46 2.97 -49.48
CA LEU C 265 1.64 4.15 -49.43
C LEU C 265 1.79 4.58 -48.05
N HIS C 266 2.91 5.33 -47.81
CA HIS C 266 3.34 5.74 -46.56
C HIS C 266 3.90 7.14 -46.60
N PHE C 267 3.75 7.82 -47.78
CA PHE C 267 4.36 9.13 -47.95
C PHE C 267 3.38 10.11 -47.36
N LEU C 268 3.85 10.84 -46.42
CA LEU C 268 2.99 11.70 -45.66
C LEU C 268 3.28 13.15 -46.09
N SER C 269 2.29 14.00 -46.02
CA SER C 269 2.45 15.41 -46.31
C SER C 269 2.05 16.21 -45.08
N PRO C 270 2.71 17.27 -44.61
CA PRO C 270 2.30 18.22 -43.61
C PRO C 270 1.79 19.51 -44.22
N SER C 271 1.02 20.33 -43.50
CA SER C 271 0.78 21.67 -43.91
C SER C 271 0.78 22.32 -42.56
N PHE C 272 1.16 23.60 -42.43
CA PHE C 272 1.07 24.24 -41.15
C PHE C 272 0.77 25.67 -41.38
N THR C 273 0.08 26.28 -40.37
CA THR C 273 -0.10 27.66 -40.24
C THR C 273 -0.25 27.91 -38.73
N PRO C 274 0.24 28.95 -38.25
CA PRO C 274 1.21 29.94 -38.74
C PRO C 274 2.61 29.38 -38.60
N PHE C 275 3.61 29.79 -39.40
CA PHE C 275 4.94 29.23 -39.20
C PHE C 275 5.85 30.01 -38.33
N THR C 276 5.46 31.27 -37.96
CA THR C 276 6.33 32.12 -37.15
C THR C 276 5.91 31.99 -35.69
N SER C 277 6.70 31.06 -35.07
CA SER C 277 6.57 30.57 -33.75
C SER C 277 7.94 30.02 -33.41
N ASP C 278 8.92 30.13 -34.31
CA ASP C 278 10.28 29.56 -34.10
C ASP C 278 10.98 29.92 -32.84
N TYR C 279 10.75 31.23 -32.41
CA TYR C 279 11.20 31.70 -31.10
C TYR C 279 10.41 32.97 -30.84
N ILE C 280 9.67 33.46 -31.83
CA ILE C 280 8.97 34.68 -31.82
C ILE C 280 7.81 34.59 -32.72
N HIS C 281 6.76 35.31 -32.39
CA HIS C 281 5.53 35.35 -33.16
C HIS C 281 5.23 36.75 -33.22
N ASP C 282 4.98 37.32 -34.44
CA ASP C 282 4.63 38.67 -34.80
C ASP C 282 4.01 38.67 -36.17
N ASP C 283 3.66 37.51 -36.70
CA ASP C 283 3.20 37.49 -38.09
C ASP C 283 1.79 37.95 -38.15
N ILE C 284 0.96 37.62 -37.13
CA ILE C 284 -0.35 38.19 -37.08
C ILE C 284 -0.65 38.21 -35.65
N ALA C 285 -1.35 39.22 -35.07
CA ALA C 285 -1.63 39.10 -33.63
C ALA C 285 -2.59 37.94 -33.36
N HIS C 286 -3.59 37.91 -34.22
CA HIS C 286 -4.64 36.92 -34.10
C HIS C 286 -5.22 36.67 -35.48
N LYS C 287 -5.55 35.35 -35.77
CA LYS C 287 -6.12 34.91 -37.07
C LYS C 287 -7.38 34.23 -36.77
N GLY C 288 -8.35 34.18 -37.73
CA GLY C 288 -9.59 33.55 -37.54
C GLY C 288 -9.52 32.05 -37.70
N HIS C 289 -10.67 31.27 -37.33
CA HIS C 289 -10.83 29.87 -37.55
C HIS C 289 -10.80 29.65 -38.97
N SER C 290 -11.40 30.53 -39.77
CA SER C 290 -11.37 30.41 -41.19
C SER C 290 -10.00 30.53 -41.82
N SER C 291 -9.14 31.50 -41.26
CA SER C 291 -7.79 31.78 -41.84
C SER C 291 -7.00 30.48 -41.68
N TYR C 292 -7.08 29.80 -40.51
CA TYR C 292 -6.24 28.60 -40.43
C TYR C 292 -6.56 27.49 -41.39
N ASP C 293 -7.92 27.23 -41.51
CA ASP C 293 -8.35 26.21 -42.42
C ASP C 293 -8.13 26.48 -43.91
N VAL C 294 -8.35 27.73 -44.33
CA VAL C 294 -8.14 28.08 -45.72
C VAL C 294 -6.69 27.91 -46.12
N MET C 295 -5.80 28.37 -45.21
CA MET C 295 -4.42 28.44 -45.51
C MET C 295 -3.76 27.05 -45.71
N LEU C 296 -4.20 25.97 -45.01
CA LEU C 296 -3.50 24.74 -45.14
C LEU C 296 -3.56 24.17 -46.63
N ASP C 297 -4.70 24.47 -47.31
CA ASP C 297 -4.91 24.02 -48.71
C ASP C 297 -4.08 24.75 -49.78
N LEU C 298 -3.65 26.00 -49.49
CA LEU C 298 -2.92 26.89 -50.36
C LEU C 298 -1.51 26.35 -50.51
N LEU C 299 -0.96 26.53 -51.72
CA LEU C 299 0.11 25.74 -52.20
C LEU C 299 1.32 26.03 -51.39
N ASP C 300 1.70 27.30 -51.11
CA ASP C 300 2.85 27.69 -50.36
C ASP C 300 2.89 27.16 -48.92
N PRO C 301 1.86 27.24 -48.10
CA PRO C 301 1.76 26.57 -46.82
C PRO C 301 1.89 25.06 -46.90
N SER C 302 1.54 24.48 -48.08
CA SER C 302 1.63 22.98 -48.28
C SER C 302 3.12 22.76 -48.43
N ASN C 303 3.61 21.72 -47.71
CA ASN C 303 5.06 21.42 -47.59
C ASN C 303 5.37 20.14 -48.39
N SER C 304 4.51 19.83 -49.37
CA SER C 304 4.72 18.86 -50.49
C SER C 304 4.53 19.66 -51.78
N LEU C 305 5.33 19.36 -52.83
CA LEU C 305 5.52 20.09 -54.05
C LEU C 305 4.16 20.26 -54.74
N VAL C 306 3.27 19.23 -54.72
CA VAL C 306 1.99 19.15 -55.33
C VAL C 306 1.06 19.35 -54.10
N SER C 307 -0.15 19.86 -54.42
CA SER C 307 -1.08 20.37 -53.49
C SER C 307 -1.92 19.26 -52.91
N THR C 308 -2.29 19.38 -51.64
CA THR C 308 -2.84 18.30 -50.89
C THR C 308 -3.74 18.93 -49.83
N ALA C 309 -4.95 18.45 -49.80
CA ALA C 309 -6.00 18.76 -48.85
C ALA C 309 -7.36 18.61 -49.34
N MET C 310 -7.65 18.86 -50.67
CA MET C 310 -8.90 18.75 -51.33
C MET C 310 -8.67 19.15 -52.77
N ASN C 311 -7.43 19.39 -53.22
CA ASN C 311 -7.10 20.02 -54.48
C ASN C 311 -7.01 19.13 -55.65
N ASN C 312 -6.74 17.80 -55.53
CA ASN C 312 -6.71 16.90 -56.72
C ASN C 312 -7.63 15.75 -56.50
N PRO C 313 -8.11 15.11 -57.61
CA PRO C 313 -9.04 14.00 -57.54
C PRO C 313 -8.46 12.66 -57.10
N THR C 314 -7.12 12.59 -57.00
CA THR C 314 -6.28 11.45 -56.60
C THR C 314 -6.62 11.17 -55.09
N TYR C 315 -6.70 9.82 -54.70
CA TYR C 315 -7.09 9.22 -53.47
C TYR C 315 -6.35 9.80 -52.27
N PHE C 316 -7.09 10.22 -51.28
CA PHE C 316 -6.61 10.55 -49.96
C PHE C 316 -6.73 9.32 -49.20
N ASN C 317 -5.66 8.84 -48.48
CA ASN C 317 -5.82 7.70 -47.65
C ASN C 317 -6.47 8.06 -46.33
N VAL C 318 -6.07 9.18 -45.72
CA VAL C 318 -6.45 9.47 -44.38
C VAL C 318 -6.30 10.98 -44.27
N TYR C 319 -7.03 11.58 -43.29
CA TYR C 319 -6.92 13.02 -43.04
C TYR C 319 -6.95 13.18 -41.58
N ASN C 320 -6.00 13.99 -41.09
CA ASN C 320 -5.85 14.43 -39.74
C ASN C 320 -5.58 15.91 -39.71
N THR C 321 -6.36 16.61 -38.79
CA THR C 321 -6.16 18.02 -38.57
C THR C 321 -5.79 18.10 -37.12
N ILE C 322 -4.66 18.80 -36.75
CA ILE C 322 -4.34 19.01 -35.31
C ILE C 322 -4.58 20.45 -35.11
N ILE C 323 -5.59 20.76 -34.22
CA ILE C 323 -6.13 22.06 -34.02
C ILE C 323 -5.46 22.45 -32.70
N GLY C 324 -4.83 23.62 -32.65
CA GLY C 324 -4.06 23.91 -31.47
C GLY C 324 -4.61 25.20 -31.00
N ASN C 325 -5.18 25.18 -29.73
CA ASN C 325 -5.76 26.41 -29.27
C ASN C 325 -6.02 26.18 -27.82
N VAL C 326 -6.09 27.38 -27.10
CA VAL C 326 -6.24 27.41 -25.69
C VAL C 326 -7.74 27.49 -25.31
N GLU C 327 -8.61 27.90 -26.31
CA GLU C 327 -10.05 27.86 -26.25
C GLU C 327 -10.69 26.44 -25.99
N PRO C 328 -11.89 26.34 -25.29
CA PRO C 328 -12.56 25.07 -24.92
C PRO C 328 -12.58 23.88 -25.88
N ARG C 329 -13.04 22.73 -25.31
CA ARG C 329 -13.30 21.49 -26.09
C ARG C 329 -14.40 21.59 -27.12
N GLN C 330 -15.49 22.38 -26.88
CA GLN C 330 -16.63 22.48 -27.80
C GLN C 330 -16.39 23.06 -29.19
N ILE C 331 -15.60 24.09 -29.33
CA ILE C 331 -15.35 24.62 -30.64
C ILE C 331 -14.61 23.66 -31.48
N SER C 332 -13.52 22.99 -30.92
CA SER C 332 -12.65 22.13 -31.69
C SER C 332 -13.30 20.85 -32.20
N ARG C 333 -14.15 20.18 -31.39
CA ARG C 333 -14.90 18.98 -31.83
C ARG C 333 -15.87 19.41 -32.87
N ALA C 334 -16.47 20.62 -32.66
CA ALA C 334 -17.50 21.11 -33.57
C ALA C 334 -17.00 21.32 -34.98
N MET C 335 -15.79 21.85 -35.14
CA MET C 335 -15.07 22.13 -36.36
C MET C 335 -14.77 20.90 -37.08
N THR C 336 -14.37 19.85 -36.33
CA THR C 336 -14.11 18.54 -36.85
C THR C 336 -15.38 17.94 -37.47
N LYS C 337 -16.53 18.22 -36.83
CA LYS C 337 -17.75 17.66 -37.32
C LYS C 337 -18.10 18.27 -38.66
N LEU C 338 -17.84 19.58 -38.82
CA LEU C 338 -18.11 20.25 -40.06
C LEU C 338 -17.25 19.85 -41.24
N GLN C 339 -15.96 19.68 -40.91
CA GLN C 339 -14.93 19.14 -41.84
C GLN C 339 -15.23 17.75 -42.36
N GLN C 340 -15.76 16.87 -41.51
CA GLN C 340 -16.27 15.57 -41.97
C GLN C 340 -17.46 15.70 -42.85
N ARG C 341 -18.43 16.60 -42.46
CA ARG C 341 -19.66 16.65 -43.24
C ARG C 341 -19.41 17.15 -44.66
N ILE C 342 -18.55 18.19 -44.79
CA ILE C 342 -18.16 18.81 -46.04
C ILE C 342 -17.40 17.81 -46.89
N LYS C 343 -16.56 16.89 -46.38
CA LYS C 343 -15.86 15.89 -47.15
C LYS C 343 -14.75 16.44 -47.96
N PHE C 344 -13.69 17.07 -47.33
CA PHE C 344 -12.51 17.52 -47.91
C PHE C 344 -11.68 16.45 -48.64
N PRO C 345 -11.45 15.11 -48.26
CA PRO C 345 -10.63 14.12 -48.94
C PRO C 345 -11.48 13.32 -49.94
N SER C 346 -10.78 12.62 -50.94
CA SER C 346 -11.41 11.72 -51.95
C SER C 346 -11.13 10.28 -51.61
N TRP C 347 -12.16 9.41 -51.58
CA TRP C 347 -12.10 8.03 -51.14
C TRP C 347 -13.01 7.36 -52.02
N SER C 348 -12.94 6.00 -52.02
CA SER C 348 -13.59 4.98 -52.73
C SER C 348 -15.00 4.69 -52.35
N SER C 349 -15.72 4.03 -53.34
CA SER C 349 -17.11 3.58 -53.34
C SER C 349 -17.28 2.39 -52.29
N SER C 350 -16.17 1.76 -51.78
CA SER C 350 -16.21 0.66 -50.83
C SER C 350 -15.60 1.01 -49.53
N ALA C 351 -15.71 2.31 -49.17
CA ALA C 351 -15.28 2.96 -47.96
C ALA C 351 -16.15 4.12 -47.70
N MET C 352 -15.98 4.68 -46.51
CA MET C 352 -16.52 5.93 -46.11
C MET C 352 -15.39 6.90 -45.84
N HIS C 353 -15.60 8.23 -46.23
CA HIS C 353 -14.69 9.37 -46.07
C HIS C 353 -14.72 9.68 -44.60
N VAL C 354 -13.51 9.80 -44.00
CA VAL C 354 -13.39 10.14 -42.55
C VAL C 354 -12.18 11.03 -42.54
N ASN C 355 -12.35 12.01 -41.65
CA ASN C 355 -11.47 13.10 -41.40
C ASN C 355 -11.57 13.05 -39.90
N ILE C 356 -10.38 12.95 -39.24
CA ILE C 356 -10.28 12.80 -37.74
C ILE C 356 -9.49 13.93 -37.29
N GLY C 357 -9.67 14.28 -35.97
CA GLY C 357 -9.30 15.54 -35.42
C GLY C 357 -8.58 15.38 -34.03
N ARG C 358 -7.61 16.26 -33.78
CA ARG C 358 -7.02 16.26 -32.50
C ARG C 358 -7.09 17.63 -31.97
N ARG C 359 -7.34 17.77 -30.66
CA ARG C 359 -7.26 19.06 -29.99
C ARG C 359 -6.21 18.98 -28.90
N SER C 360 -5.41 20.00 -28.76
CA SER C 360 -4.47 20.07 -27.70
C SER C 360 -4.30 21.57 -27.26
N PRO C 361 -3.88 21.92 -26.02
CA PRO C 361 -3.45 23.31 -25.78
C PRO C 361 -2.20 23.63 -26.50
N TYR C 362 -2.22 24.87 -27.10
CA TYR C 362 -1.08 25.38 -27.88
C TYR C 362 -0.05 25.76 -26.85
N LEU C 363 1.27 25.73 -27.26
CA LEU C 363 2.39 26.03 -26.39
C LEU C 363 2.30 27.39 -25.86
N PRO C 364 2.47 27.62 -24.54
CA PRO C 364 2.50 28.96 -24.01
C PRO C 364 3.82 29.35 -23.40
N LEU C 365 4.67 28.43 -22.95
CA LEU C 365 5.99 28.76 -22.40
C LEU C 365 6.85 29.14 -23.59
N GLN C 366 6.68 28.47 -24.69
CA GLN C 366 7.27 28.88 -25.97
C GLN C 366 6.53 30.16 -26.33
N PRO C 367 7.22 31.27 -26.72
CA PRO C 367 6.63 32.57 -26.93
C PRO C 367 5.74 32.59 -28.17
N ASN C 368 4.42 32.55 -27.95
CA ASN C 368 3.57 32.45 -29.10
C ASN C 368 2.37 33.18 -28.70
N GLU C 369 1.58 33.68 -29.67
CA GLU C 369 0.42 34.48 -29.36
C GLU C 369 -0.90 33.76 -29.36
N ASN C 370 -0.76 32.44 -29.41
CA ASN C 370 -1.75 31.41 -29.25
C ASN C 370 -2.81 31.34 -30.28
N GLU C 371 -3.78 32.29 -30.31
CA GLU C 371 -4.92 32.37 -31.25
C GLU C 371 -5.57 31.06 -31.49
N VAL C 372 -5.92 30.81 -32.76
CA VAL C 372 -6.39 29.51 -33.19
C VAL C 372 -5.37 29.19 -34.27
N SER C 373 -4.86 27.92 -34.28
CA SER C 373 -3.82 27.56 -35.20
C SER C 373 -4.17 26.21 -35.70
N GLY C 374 -3.45 25.84 -36.74
CA GLY C 374 -3.65 24.45 -37.03
C GLY C 374 -2.58 23.93 -37.96
N MET C 375 -2.45 22.56 -37.99
CA MET C 375 -1.58 21.76 -38.78
C MET C 375 -2.35 20.69 -39.45
N MET C 376 -1.98 20.26 -40.62
CA MET C 376 -2.66 19.09 -41.32
C MET C 376 -1.60 18.07 -41.47
N LEU C 377 -1.91 16.75 -41.19
CA LEU C 377 -1.02 15.66 -41.48
C LEU C 377 -1.88 14.69 -42.30
N SER C 378 -1.48 14.34 -43.58
CA SER C 378 -2.39 13.57 -44.47
C SER C 378 -1.48 12.69 -45.20
N ASN C 379 -2.02 11.58 -45.65
CA ASN C 379 -1.42 10.75 -46.68
C ASN C 379 -2.24 10.88 -47.91
N MET C 380 -1.62 11.38 -49.00
CA MET C 380 -2.29 11.65 -50.20
C MET C 380 -1.51 10.94 -51.29
N SER C 381 -2.18 10.41 -52.28
CA SER C 381 -1.50 9.54 -53.20
C SER C 381 -1.09 10.22 -54.53
N THR C 382 -0.87 11.52 -54.47
CA THR C 382 -0.45 12.36 -55.59
C THR C 382 1.08 12.58 -55.52
N VAL C 383 1.79 11.98 -54.55
CA VAL C 383 3.21 11.92 -54.26
C VAL C 383 3.95 11.40 -55.52
N VAL C 384 3.23 10.61 -56.41
CA VAL C 384 3.88 10.07 -57.56
C VAL C 384 4.48 11.01 -58.52
N ASN C 385 3.83 12.24 -58.65
CA ASN C 385 4.18 13.31 -59.51
C ASN C 385 5.56 13.84 -59.14
N VAL C 386 5.94 13.85 -57.81
CA VAL C 386 7.25 14.32 -57.32
C VAL C 386 8.40 13.46 -57.87
N PHE C 387 8.24 12.12 -57.89
CA PHE C 387 9.17 11.09 -58.45
C PHE C 387 9.29 11.16 -59.95
N GLU C 388 8.22 11.45 -60.68
CA GLU C 388 8.32 11.60 -62.17
C GLU C 388 9.24 12.79 -62.52
N ASN C 389 9.12 13.96 -61.78
CA ASN C 389 9.86 15.19 -62.03
C ASN C 389 11.31 14.84 -61.78
N ALA C 390 11.60 14.02 -60.67
CA ALA C 390 12.92 13.60 -60.34
C ALA C 390 13.57 12.69 -61.37
N CYS C 391 12.86 11.74 -61.95
CA CYS C 391 13.32 10.86 -62.94
C CYS C 391 13.64 11.71 -64.16
N ASN C 392 12.82 12.72 -64.60
CA ASN C 392 13.14 13.46 -65.82
C ASN C 392 14.44 14.21 -65.75
N THR C 393 14.68 14.99 -64.66
CA THR C 393 15.78 15.80 -64.52
C THR C 393 17.05 14.92 -64.41
N PHE C 394 16.93 13.77 -63.69
CA PHE C 394 18.03 12.83 -63.52
C PHE C 394 18.51 12.20 -64.79
N ASP C 395 17.55 11.79 -65.63
CA ASP C 395 17.79 11.09 -66.83
C ASP C 395 18.60 11.95 -67.79
N LYS C 396 18.19 13.32 -67.82
CA LYS C 396 18.79 14.29 -68.71
C LYS C 396 20.24 14.45 -68.35
N VAL C 397 20.56 14.50 -66.99
CA VAL C 397 21.91 14.76 -66.47
C VAL C 397 22.78 13.63 -66.86
N PHE C 398 22.20 12.39 -66.79
CA PHE C 398 22.81 11.11 -67.08
C PHE C 398 23.19 11.06 -68.61
N ALA C 399 22.31 11.59 -69.48
CA ALA C 399 22.47 11.61 -70.95
C ALA C 399 23.70 12.41 -71.23
N LYS C 400 23.86 13.62 -70.57
CA LYS C 400 24.96 14.48 -70.86
C LYS C 400 26.31 13.83 -70.44
N GLY C 401 26.32 13.09 -69.34
CA GLY C 401 27.53 12.45 -68.84
C GLY C 401 28.15 13.28 -67.82
N ALA C 402 27.57 14.45 -67.53
CA ALA C 402 28.00 15.40 -66.54
C ALA C 402 27.65 14.84 -65.20
N PHE C 403 28.55 14.98 -64.22
CA PHE C 403 28.50 14.62 -62.80
C PHE C 403 28.22 13.12 -62.39
N LEU C 404 28.76 12.25 -63.24
CA LEU C 404 28.86 10.82 -62.96
C LEU C 404 30.02 10.58 -61.99
N ASN C 405 31.00 11.54 -62.02
CA ASN C 405 32.29 11.46 -61.33
C ASN C 405 32.23 11.14 -59.85
N ASN C 406 31.33 11.84 -59.10
CA ASN C 406 31.23 11.54 -57.70
C ASN C 406 30.70 10.23 -57.37
N TYR C 407 29.73 9.71 -58.11
CA TYR C 407 29.13 8.38 -58.03
C TYR C 407 30.07 7.20 -58.32
N ASN C 408 30.95 7.32 -59.38
CA ASN C 408 31.72 6.16 -59.87
C ASN C 408 32.63 5.58 -58.85
N VAL C 409 33.06 6.47 -57.93
CA VAL C 409 33.97 6.18 -56.83
C VAL C 409 33.29 5.11 -55.92
N GLY C 410 31.92 5.17 -55.81
CA GLY C 410 31.25 4.18 -55.08
C GLY C 410 31.25 2.81 -55.78
N ASP C 411 31.06 1.75 -54.86
CA ASP C 411 31.03 0.36 -55.32
C ASP C 411 29.87 0.02 -56.25
N LEU C 412 28.68 0.57 -55.94
CA LEU C 412 27.51 0.35 -56.72
C LEU C 412 27.48 0.83 -58.14
N PHE C 413 28.10 2.01 -58.41
CA PHE C 413 28.03 2.61 -59.68
C PHE C 413 29.39 2.53 -60.36
N GLN C 414 30.24 1.55 -59.90
CA GLN C 414 31.55 1.28 -60.49
C GLN C 414 31.41 0.54 -61.81
N SER C 415 30.50 -0.47 -61.86
CA SER C 415 30.29 -1.26 -63.05
C SER C 415 28.88 -1.79 -63.00
N MET C 416 27.94 -1.20 -62.26
CA MET C 416 26.56 -1.59 -62.28
C MET C 416 25.66 -0.45 -62.17
N GLN C 417 24.34 -0.65 -62.42
CA GLN C 417 23.33 0.36 -62.12
C GLN C 417 22.24 -0.43 -61.57
N ASN C 418 22.63 -1.26 -60.52
CA ASN C 418 21.71 -2.13 -59.82
C ASN C 418 20.76 -1.34 -59.04
N VAL C 419 21.15 -0.26 -58.41
CA VAL C 419 20.36 0.60 -57.63
C VAL C 419 19.27 1.26 -58.48
N GLN C 420 19.55 1.63 -59.74
CA GLN C 420 18.63 2.31 -60.66
C GLN C 420 17.44 1.34 -61.03
N ASP C 421 17.74 0.03 -61.25
CA ASP C 421 16.75 -1.03 -61.39
C ASP C 421 15.88 -1.40 -60.29
N GLU C 422 16.44 -1.45 -59.04
CA GLU C 422 15.84 -1.75 -57.79
C GLU C 422 14.87 -0.68 -57.62
N PHE C 423 15.21 0.65 -57.85
CA PHE C 423 14.31 1.78 -57.55
C PHE C 423 13.18 1.67 -58.42
N ALA C 424 13.44 1.37 -59.73
CA ALA C 424 12.42 1.27 -60.75
C ALA C 424 11.34 0.29 -60.51
N GLU C 425 11.75 -0.93 -59.93
CA GLU C 425 10.79 -1.91 -59.50
C GLU C 425 9.94 -1.49 -58.28
N SER C 426 10.62 -0.89 -57.31
CA SER C 426 10.02 -0.49 -56.05
C SER C 426 8.96 0.49 -56.25
N ARG C 427 9.26 1.54 -57.15
CA ARG C 427 8.38 2.60 -57.52
C ARG C 427 7.22 2.00 -58.28
N GLU C 428 7.37 0.96 -59.16
CA GLU C 428 6.36 0.43 -59.97
C GLU C 428 5.23 -0.21 -59.15
N VAL C 429 5.57 -0.93 -58.04
CA VAL C 429 4.47 -1.50 -57.29
C VAL C 429 3.55 -0.47 -56.69
N VAL C 430 4.11 0.62 -56.13
CA VAL C 430 3.44 1.69 -55.48
C VAL C 430 2.53 2.44 -56.43
N GLN C 431 3.01 2.66 -57.67
CA GLN C 431 2.24 3.36 -58.69
C GLN C 431 1.02 2.52 -58.96
N SER C 432 1.11 1.15 -59.02
CA SER C 432 -0.07 0.35 -59.28
C SER C 432 -1.16 0.45 -58.20
N LEU C 433 -0.76 0.50 -56.92
CA LEU C 433 -1.67 0.57 -55.77
C LEU C 433 -2.41 1.92 -55.87
N MET C 434 -1.73 3.01 -56.24
CA MET C 434 -2.37 4.29 -56.19
C MET C 434 -3.46 4.32 -57.18
N GLU C 435 -3.21 3.63 -58.35
CA GLU C 435 -4.24 3.56 -59.37
C GLU C 435 -5.42 2.76 -58.99
N ASP C 436 -5.25 1.61 -58.30
CA ASP C 436 -6.37 0.84 -57.82
C ASP C 436 -7.31 1.55 -56.72
N TYR C 437 -6.69 2.44 -55.82
CA TYR C 437 -7.40 3.20 -54.83
C TYR C 437 -8.48 4.21 -55.37
N VAL C 438 -8.20 4.61 -56.57
CA VAL C 438 -9.02 5.47 -57.42
C VAL C 438 -10.22 4.75 -57.91
N ALA C 439 -10.02 3.46 -58.38
CA ALA C 439 -11.08 2.59 -58.79
C ALA C 439 -11.97 2.18 -57.56
N ALA C 440 -13.06 1.42 -57.81
CA ALA C 440 -14.01 1.14 -56.73
C ALA C 440 -13.45 0.02 -55.91
N GLU C 441 -12.78 -0.97 -56.58
CA GLU C 441 -12.06 -2.01 -55.83
C GLU C 441 -10.79 -1.37 -55.33
N GLN C 442 -10.61 -1.23 -53.98
CA GLN C 442 -9.50 -0.57 -53.38
C GLN C 442 -8.13 -1.24 -53.59
N ASP C 443 -8.05 -2.57 -53.61
CA ASP C 443 -7.02 -3.40 -54.06
C ASP C 443 -7.76 -4.71 -54.38
N SER C 444 -8.87 -4.98 -53.64
CA SER C 444 -9.65 -6.15 -53.83
C SER C 444 -10.93 -5.86 -53.21
N TYR C 445 -11.02 -6.01 -51.84
CA TYR C 445 -12.24 -5.78 -51.17
C TYR C 445 -12.19 -4.35 -50.61
N MET D 1 27.90 -23.89 4.47
CA MET D 1 29.30 -23.74 4.93
C MET D 1 30.18 -24.87 4.38
N GLY D 2 29.72 -26.11 4.79
CA GLY D 2 30.48 -27.31 4.53
C GLY D 2 31.70 -27.27 5.47
N GLY D 3 32.96 -27.49 5.01
CA GLY D 3 34.17 -27.46 5.78
C GLY D 3 35.08 -26.46 5.12
N GLU D 4 36.36 -26.56 5.50
CA GLU D 4 37.39 -25.62 5.05
C GLU D 4 37.83 -25.88 3.70
N ILE D 5 38.32 -24.86 2.94
CA ILE D 5 38.71 -25.01 1.52
C ILE D 5 40.10 -24.46 1.37
N ILE D 6 41.01 -25.15 0.70
CA ILE D 6 42.34 -24.65 0.45
C ILE D 6 42.32 -24.42 -0.99
N THR D 7 42.81 -23.30 -1.48
CA THR D 7 42.74 -22.95 -2.87
C THR D 7 44.15 -23.13 -3.42
N LEU D 8 44.26 -23.80 -4.60
CA LEU D 8 45.52 -24.02 -5.21
C LEU D 8 45.45 -23.29 -6.47
N GLN D 9 46.49 -22.45 -6.78
CA GLN D 9 46.51 -21.69 -8.00
C GLN D 9 47.70 -22.26 -8.68
N ALA D 10 47.44 -22.73 -9.91
CA ALA D 10 48.53 -23.29 -10.75
C ALA D 10 48.41 -22.72 -12.17
N GLY D 11 49.56 -22.45 -12.81
CA GLY D 11 49.60 -21.90 -14.27
C GLY D 11 49.33 -20.44 -14.33
N GLN D 12 49.52 -19.88 -15.60
CA GLN D 12 49.38 -18.48 -15.91
C GLN D 12 47.98 -18.05 -15.74
N CYS D 13 47.00 -18.83 -16.33
CA CYS D 13 45.57 -18.58 -16.19
C CYS D 13 45.15 -18.66 -14.75
N GLY D 14 45.56 -19.74 -14.08
CA GLY D 14 45.21 -20.11 -12.81
C GLY D 14 45.58 -19.12 -11.80
N ASN D 15 46.82 -18.55 -11.86
CA ASN D 15 47.25 -17.54 -10.86
C ASN D 15 46.48 -16.24 -11.07
N HIS D 16 46.28 -15.81 -12.32
CA HIS D 16 45.69 -14.55 -12.69
C HIS D 16 44.17 -14.59 -12.16
N VAL D 17 43.41 -15.65 -12.40
CA VAL D 17 41.98 -15.83 -12.05
C VAL D 17 41.91 -15.91 -10.54
N GLY D 18 42.90 -16.61 -9.97
CA GLY D 18 42.91 -16.75 -8.56
C GLY D 18 43.04 -15.44 -7.71
N LYS D 19 43.97 -14.48 -8.16
CA LYS D 19 44.13 -13.19 -7.53
C LYS D 19 42.89 -12.31 -7.61
N PHE D 20 42.21 -12.26 -8.76
CA PHE D 20 41.03 -11.39 -8.96
C PHE D 20 39.99 -11.91 -8.06
N LEU D 21 39.85 -13.31 -7.86
CA LEU D 21 38.85 -13.99 -7.08
C LEU D 21 38.99 -13.62 -5.59
N TRP D 22 40.28 -13.56 -5.07
CA TRP D 22 40.55 -13.08 -3.72
C TRP D 22 40.31 -11.65 -3.39
N SER D 23 40.62 -10.77 -4.37
CA SER D 23 40.35 -9.35 -4.25
C SER D 23 38.87 -9.22 -4.13
N GLN D 24 38.12 -10.06 -4.93
CA GLN D 24 36.69 -9.93 -4.99
C GLN D 24 35.98 -10.30 -3.66
N LEU D 25 36.40 -11.45 -3.00
CA LEU D 25 35.77 -11.93 -1.78
C LEU D 25 36.01 -10.84 -0.72
N ALA D 26 37.17 -10.26 -0.72
CA ALA D 26 37.54 -9.17 0.17
C ALA D 26 36.70 -7.92 0.04
N LYS D 27 36.30 -7.40 -1.17
CA LYS D 27 35.54 -6.23 -1.32
C LYS D 27 34.14 -6.42 -0.66
N GLU D 28 33.57 -7.61 -1.02
CA GLU D 28 32.23 -8.07 -0.72
C GLU D 28 31.99 -8.36 0.73
N HIS D 29 32.95 -8.93 1.48
CA HIS D 29 32.79 -9.22 2.88
C HIS D 29 33.54 -8.18 3.70
N ALA D 30 33.77 -6.94 3.17
CA ALA D 30 34.32 -5.86 4.00
C ALA D 30 35.66 -6.31 4.68
N ILE D 31 36.56 -6.95 3.89
CA ILE D 31 37.86 -7.33 4.54
C ILE D 31 38.81 -6.35 3.96
N GLY D 32 39.69 -5.71 4.78
CA GLY D 32 40.61 -4.69 4.36
C GLY D 32 41.67 -5.28 3.41
N THR D 33 42.57 -4.37 3.14
CA THR D 33 43.65 -4.44 2.15
C THR D 33 44.92 -5.10 2.69
N ASP D 34 44.77 -5.56 3.89
CA ASP D 34 45.83 -6.23 4.59
C ASP D 34 45.09 -7.15 5.62
N GLY D 35 43.71 -7.34 5.46
CA GLY D 35 42.97 -8.26 6.23
C GLY D 35 42.30 -7.64 7.38
N LEU D 36 41.44 -8.42 8.15
CA LEU D 36 40.63 -8.10 9.29
C LEU D 36 39.49 -7.33 8.91
N SER D 37 38.29 -7.70 9.49
CA SER D 37 37.02 -7.12 9.26
C SER D 37 37.07 -5.73 9.90
N GLN D 38 36.04 -4.91 9.43
CA GLN D 38 35.94 -3.56 9.94
C GLN D 38 34.55 -3.63 10.67
N LEU D 39 34.00 -2.46 11.03
CA LEU D 39 32.74 -2.06 11.65
C LEU D 39 31.52 -2.51 10.89
N PRO D 40 31.45 -2.62 9.55
CA PRO D 40 30.29 -3.25 8.92
C PRO D 40 30.64 -4.74 8.79
N ASP D 41 29.84 -5.60 9.42
CA ASP D 41 30.11 -7.00 9.49
C ASP D 41 28.78 -7.63 9.80
N SER D 42 28.70 -9.00 9.80
CA SER D 42 27.63 -9.76 10.17
C SER D 42 27.39 -9.52 11.63
N SER D 43 26.04 -9.54 11.99
CA SER D 43 25.53 -9.42 13.37
C SER D 43 25.67 -10.86 13.73
N THR D 44 24.56 -11.63 14.01
CA THR D 44 24.60 -12.99 14.57
C THR D 44 25.28 -13.88 13.62
N GLU D 45 25.04 -13.79 12.28
CA GLU D 45 25.58 -14.53 11.23
C GLU D 45 24.81 -14.20 10.02
N ARG D 46 25.51 -13.84 8.94
CA ARG D 46 24.93 -13.76 7.57
C ARG D 46 25.86 -13.81 6.46
N ASP D 47 27.07 -14.30 6.85
CA ASP D 47 28.19 -14.55 6.04
C ASP D 47 28.80 -15.77 6.71
N ASP D 48 29.52 -16.59 5.89
CA ASP D 48 30.01 -17.83 6.35
C ASP D 48 31.29 -17.93 5.52
N ASP D 49 31.66 -16.85 4.81
CA ASP D 49 32.87 -16.88 3.93
C ASP D 49 34.20 -16.92 4.74
N THR D 50 34.17 -16.25 5.94
CA THR D 50 35.45 -16.05 6.67
C THR D 50 36.28 -17.22 7.07
N LYS D 51 35.80 -18.16 7.90
CA LYS D 51 36.56 -19.29 8.37
C LYS D 51 36.88 -20.27 7.21
N PRO D 52 36.06 -20.73 6.28
CA PRO D 52 36.39 -21.63 5.17
C PRO D 52 37.49 -21.04 4.17
N PHE D 53 37.40 -19.83 3.73
CA PHE D 53 38.33 -19.25 2.80
C PHE D 53 39.59 -18.63 3.38
N PHE D 54 39.48 -18.06 4.61
CA PHE D 54 40.55 -17.31 5.25
C PHE D 54 40.86 -17.91 6.53
N ARG D 55 42.08 -17.62 7.16
CA ARG D 55 42.54 -18.19 8.39
C ARG D 55 42.99 -16.98 9.15
N GLU D 56 43.16 -17.21 10.52
CA GLU D 56 43.72 -16.25 11.43
C GLU D 56 45.02 -16.72 11.92
N ASN D 57 45.93 -15.77 12.02
CA ASN D 57 47.22 -15.94 12.48
C ASN D 57 47.41 -14.91 13.55
N SER D 58 48.45 -15.10 14.39
CA SER D 58 48.68 -14.30 15.60
C SER D 58 49.50 -12.99 15.22
N ARG D 59 49.16 -12.43 14.00
CA ARG D 59 49.58 -11.22 13.47
C ARG D 59 48.31 -10.39 13.38
N ASN D 60 47.17 -11.00 13.85
CA ASN D 60 45.78 -10.51 14.03
C ASN D 60 45.29 -10.02 12.73
N LYS D 61 45.48 -10.71 11.66
CA LYS D 61 44.96 -10.31 10.31
C LYS D 61 44.50 -11.54 9.66
N PHE D 62 43.51 -11.40 8.78
CA PHE D 62 42.96 -12.48 8.00
C PHE D 62 43.92 -12.65 6.90
N THR D 63 44.15 -13.89 6.51
CA THR D 63 45.08 -14.17 5.44
C THR D 63 44.38 -15.17 4.59
N PRO D 64 44.35 -15.10 3.22
CA PRO D 64 43.76 -16.15 2.41
C PRO D 64 44.57 -17.42 2.52
N ARG D 65 43.92 -18.63 2.61
CA ARG D 65 44.48 -19.95 2.77
C ARG D 65 44.52 -20.49 1.35
N ALA D 66 45.64 -20.04 0.67
CA ALA D 66 45.85 -20.16 -0.73
C ALA D 66 47.27 -20.55 -0.87
N ILE D 67 47.67 -21.40 -1.80
CA ILE D 67 49.03 -21.62 -2.20
C ILE D 67 49.06 -21.23 -3.60
N MET D 68 50.12 -20.36 -3.98
CA MET D 68 50.25 -19.98 -5.34
C MET D 68 51.57 -20.53 -5.88
N MET D 69 51.46 -21.22 -7.00
CA MET D 69 52.62 -21.96 -7.52
C MET D 69 52.78 -21.61 -8.94
N ASP D 70 54.08 -21.46 -9.24
CA ASP D 70 54.66 -21.16 -10.52
C ASP D 70 56.09 -20.92 -10.09
N SER D 71 56.78 -20.19 -11.08
CA SER D 71 58.15 -19.64 -11.05
C SER D 71 57.86 -18.15 -11.04
N GLU D 72 58.12 -17.43 -12.17
CA GLU D 72 57.83 -15.99 -12.30
C GLU D 72 56.34 -15.70 -12.28
N PRO D 73 55.36 -16.48 -13.01
CA PRO D 73 53.94 -16.10 -13.07
C PRO D 73 53.32 -15.76 -11.75
N SER D 74 53.35 -16.58 -10.68
CA SER D 74 52.65 -16.37 -9.48
C SER D 74 53.23 -15.17 -8.78
N VAL D 75 54.58 -14.97 -8.67
CA VAL D 75 55.07 -13.80 -7.98
C VAL D 75 54.64 -12.43 -8.64
N ILE D 76 54.64 -12.29 -9.94
CA ILE D 76 54.21 -11.11 -10.63
C ILE D 76 52.77 -10.83 -10.39
N ALA D 77 51.90 -11.88 -10.35
CA ALA D 77 50.51 -11.81 -10.14
C ALA D 77 50.18 -11.20 -8.81
N ASP D 78 50.89 -11.57 -7.67
CA ASP D 78 50.72 -10.93 -6.33
C ASP D 78 51.07 -9.50 -6.26
N VAL D 79 52.20 -9.03 -6.88
CA VAL D 79 52.55 -7.65 -6.89
C VAL D 79 51.59 -6.86 -7.77
N GLU D 80 50.96 -7.39 -8.85
CA GLU D 80 50.04 -6.70 -9.75
C GLU D 80 48.70 -6.31 -9.09
N ASN D 81 48.16 -7.18 -8.18
CA ASN D 81 46.85 -6.86 -7.58
C ASN D 81 47.04 -5.86 -6.43
N THR D 82 45.91 -5.27 -5.98
CA THR D 82 45.91 -4.29 -4.99
C THR D 82 45.80 -4.76 -3.57
N PHE D 83 45.56 -6.10 -3.40
CA PHE D 83 45.52 -6.73 -2.09
C PHE D 83 46.77 -7.50 -2.06
N ARG D 84 47.74 -6.93 -1.31
CA ARG D 84 49.05 -7.52 -1.09
C ARG D 84 49.48 -7.05 0.22
N GLY D 85 49.95 -8.04 1.03
CA GLY D 85 50.10 -7.82 2.44
C GLY D 85 48.82 -8.29 3.10
N PHE D 86 47.81 -8.61 2.31
CA PHE D 86 46.73 -9.45 2.64
C PHE D 86 47.25 -10.83 2.62
N PHE D 87 48.14 -11.08 1.63
CA PHE D 87 48.79 -12.35 1.48
C PHE D 87 50.06 -12.22 2.30
N ASP D 88 50.44 -13.46 2.75
CA ASP D 88 51.67 -13.63 3.48
C ASP D 88 52.71 -14.09 2.46
N PRO D 89 54.05 -13.91 2.69
CA PRO D 89 55.16 -14.38 1.82
C PRO D 89 55.05 -15.90 1.80
N ARG D 90 54.41 -16.59 2.80
CA ARG D 90 54.40 -18.00 2.86
C ARG D 90 53.56 -18.57 1.75
N ASN D 91 52.49 -17.81 1.40
CA ASN D 91 51.49 -18.27 0.39
C ASN D 91 52.04 -18.19 -0.99
N THR D 92 53.14 -17.42 -1.20
CA THR D 92 53.88 -17.44 -2.43
C THR D 92 54.91 -18.48 -2.42
N TRP D 93 54.90 -19.39 -3.41
CA TRP D 93 55.78 -20.49 -3.57
C TRP D 93 56.27 -20.27 -4.92
N VAL D 94 57.65 -20.20 -5.05
CA VAL D 94 58.37 -19.86 -6.22
C VAL D 94 59.40 -20.95 -6.35
N ALA D 95 59.36 -21.64 -7.55
CA ALA D 95 60.08 -22.83 -7.89
C ALA D 95 61.57 -22.62 -7.96
N SER D 96 62.36 -23.70 -7.63
CA SER D 96 63.85 -23.66 -7.64
C SER D 96 64.26 -23.84 -9.06
N ASP D 97 63.33 -24.46 -9.89
CA ASP D 97 63.68 -24.81 -11.23
C ASP D 97 62.43 -24.59 -12.04
N GLY D 98 62.45 -23.80 -13.18
CA GLY D 98 61.27 -23.56 -13.94
C GLY D 98 61.02 -24.47 -15.08
N ALA D 99 61.96 -25.48 -15.24
CA ALA D 99 62.05 -26.36 -16.34
C ALA D 99 62.15 -25.70 -17.70
N SER D 100 61.56 -26.25 -18.78
CA SER D 100 61.73 -25.72 -20.09
C SER D 100 60.32 -25.66 -20.59
N ALA D 101 59.28 -25.33 -19.73
CA ALA D 101 57.86 -25.09 -19.99
C ALA D 101 57.60 -24.26 -21.19
N GLY D 102 56.80 -24.74 -22.12
CA GLY D 102 56.43 -23.88 -23.16
C GLY D 102 55.26 -24.54 -23.78
N ASN D 103 54.35 -25.15 -23.01
CA ASN D 103 53.20 -25.90 -23.36
C ASN D 103 53.61 -27.33 -23.43
N SER D 104 54.36 -27.79 -22.36
CA SER D 104 54.65 -29.19 -22.29
C SER D 104 54.11 -29.72 -20.98
N TRP D 105 53.34 -30.85 -20.98
CA TRP D 105 52.77 -31.43 -19.75
C TRP D 105 53.86 -31.96 -18.80
N ALA D 106 54.89 -32.65 -19.43
CA ALA D 106 56.07 -33.27 -18.87
C ALA D 106 56.94 -32.29 -18.12
N ASN D 107 57.20 -31.10 -18.64
CA ASN D 107 58.00 -30.11 -17.97
C ASN D 107 57.46 -29.60 -16.63
N GLY D 108 56.14 -29.34 -16.64
CA GLY D 108 55.39 -28.82 -15.54
C GLY D 108 55.31 -29.79 -14.38
N TYR D 109 55.05 -31.12 -14.76
CA TYR D 109 55.07 -32.23 -13.94
C TYR D 109 56.38 -32.42 -13.38
N ASP D 110 57.54 -32.32 -14.16
CA ASP D 110 58.91 -32.55 -13.74
C ASP D 110 59.26 -31.54 -12.66
N ILE D 111 58.82 -30.24 -12.72
CA ILE D 111 59.17 -29.16 -11.75
C ILE D 111 58.54 -29.53 -10.45
N GLY D 112 57.24 -30.10 -10.58
CA GLY D 112 56.49 -30.49 -9.41
C GLY D 112 57.19 -31.60 -8.58
N THR D 113 57.77 -32.57 -9.38
CA THR D 113 58.51 -33.77 -8.90
C THR D 113 59.77 -33.45 -8.10
N ARG D 114 60.57 -32.45 -8.54
CA ARG D 114 61.77 -32.03 -7.88
C ARG D 114 61.55 -31.50 -6.54
N ASN D 115 60.54 -30.72 -6.43
CA ASN D 115 60.12 -29.99 -5.26
C ASN D 115 58.94 -30.63 -4.57
N GLN D 116 58.93 -32.08 -4.51
CA GLN D 116 57.86 -32.90 -4.02
C GLN D 116 57.56 -32.72 -2.53
N ASP D 117 58.71 -32.71 -1.81
CA ASP D 117 58.73 -32.42 -0.40
C ASP D 117 58.30 -31.01 -0.06
N ASP D 118 58.82 -29.91 -0.79
CA ASP D 118 58.62 -28.48 -0.53
C ASP D 118 57.11 -28.15 -0.67
N ILE D 119 56.44 -28.63 -1.75
CA ILE D 119 55.03 -28.42 -1.87
C ILE D 119 54.21 -29.13 -0.82
N LEU D 120 54.58 -30.43 -0.49
CA LEU D 120 53.87 -31.21 0.49
C LEU D 120 53.89 -30.63 1.92
N ASN D 121 55.04 -30.02 2.30
CA ASN D 121 55.28 -29.36 3.57
C ASN D 121 54.32 -28.26 3.71
N LYS D 122 54.13 -27.45 2.59
CA LYS D 122 53.33 -26.28 2.59
C LYS D 122 51.87 -26.69 2.82
N ILE D 123 51.50 -27.76 2.05
CA ILE D 123 50.14 -28.27 2.09
C ILE D 123 49.83 -28.78 3.42
N ASP D 124 50.72 -29.57 4.07
CA ASP D 124 50.50 -30.22 5.33
C ASP D 124 50.26 -29.23 6.47
N LYS D 125 50.96 -28.08 6.49
CA LYS D 125 50.90 -26.95 7.38
C LYS D 125 49.53 -26.36 7.29
N GLU D 126 49.04 -26.17 6.03
CA GLU D 126 47.76 -25.67 5.79
C GLU D 126 46.64 -26.66 6.27
N ILE D 127 46.81 -27.97 6.09
CA ILE D 127 45.83 -29.06 6.43
C ILE D 127 45.78 -29.04 7.99
N ASP D 128 46.95 -28.94 8.62
CA ASP D 128 47.03 -28.81 10.07
C ASP D 128 46.38 -27.50 10.60
N SER D 129 46.44 -26.35 9.85
CA SER D 129 45.78 -25.04 10.21
C SER D 129 44.30 -25.05 10.26
N THR D 130 43.70 -26.03 9.54
CA THR D 130 42.25 -26.30 9.47
C THR D 130 41.92 -27.20 10.54
N ASP D 131 40.64 -27.34 10.97
CA ASP D 131 40.26 -28.22 12.06
C ASP D 131 38.91 -28.76 11.71
N ASN D 132 38.47 -28.58 10.45
CA ASN D 132 37.14 -29.07 10.02
C ASN D 132 37.29 -28.96 8.56
N PHE D 133 38.16 -29.76 7.93
CA PHE D 133 38.45 -29.69 6.50
C PHE D 133 37.51 -30.38 5.56
N GLU D 134 36.75 -29.61 4.62
CA GLU D 134 36.09 -30.37 3.57
C GLU D 134 36.96 -30.95 2.41
N GLY D 135 37.82 -30.13 1.91
CA GLY D 135 38.61 -30.48 0.72
C GLY D 135 39.30 -29.35 0.01
N PHE D 136 39.85 -29.63 -1.23
CA PHE D 136 40.68 -28.69 -1.97
C PHE D 136 40.06 -28.32 -3.25
N GLN D 137 40.35 -27.09 -3.68
CA GLN D 137 39.95 -26.53 -4.94
C GLN D 137 41.11 -26.09 -5.74
N LEU D 138 41.14 -26.52 -7.01
CA LEU D 138 42.22 -26.18 -7.97
C LEU D 138 41.72 -25.14 -9.06
N LEU D 139 42.51 -24.08 -9.26
CA LEU D 139 42.19 -23.17 -10.33
C LEU D 139 43.32 -23.33 -11.32
N HIS D 140 43.02 -23.64 -12.62
CA HIS D 140 44.06 -23.79 -13.66
C HIS D 140 43.49 -23.95 -15.03
N SER D 141 44.36 -24.02 -16.02
CA SER D 141 44.01 -24.38 -17.35
C SER D 141 44.77 -25.63 -17.63
N VAL D 142 44.27 -26.54 -18.51
CA VAL D 142 44.95 -27.74 -18.94
C VAL D 142 45.43 -27.66 -20.44
N ALA D 143 45.66 -26.38 -20.83
CA ALA D 143 46.15 -25.83 -22.03
C ALA D 143 47.63 -25.60 -21.97
N GLY D 144 48.08 -25.02 -20.84
CA GLY D 144 49.48 -24.67 -20.65
C GLY D 144 50.37 -25.82 -20.58
N GLY D 145 51.67 -25.45 -20.37
CA GLY D 145 52.66 -26.41 -19.83
C GLY D 145 52.51 -26.50 -18.35
N THR D 146 52.52 -25.33 -17.69
CA THR D 146 52.66 -25.12 -16.26
C THR D 146 51.30 -25.53 -15.62
N GLY D 147 50.15 -24.96 -16.13
CA GLY D 147 48.86 -25.30 -15.46
C GLY D 147 48.50 -26.81 -15.57
N SER D 148 48.73 -27.42 -16.75
CA SER D 148 48.41 -28.74 -17.07
C SER D 148 49.26 -29.79 -16.20
N GLY D 149 50.57 -29.73 -16.41
CA GLY D 149 51.58 -30.61 -15.97
C GLY D 149 51.73 -30.45 -14.54
N LEU D 150 51.91 -29.21 -14.02
CA LEU D 150 52.19 -29.06 -12.60
C LEU D 150 50.97 -29.47 -11.80
N GLY D 151 49.73 -29.10 -12.34
CA GLY D 151 48.40 -29.21 -11.82
C GLY D 151 48.04 -30.59 -11.58
N SER D 152 48.42 -31.45 -12.57
CA SER D 152 48.29 -32.91 -12.62
C SER D 152 49.13 -33.61 -11.60
N ASN D 153 50.39 -33.11 -11.28
CA ASN D 153 51.27 -33.65 -10.21
C ASN D 153 50.63 -33.51 -8.87
N LEU D 154 50.13 -32.31 -8.64
CA LEU D 154 49.57 -31.88 -7.37
C LEU D 154 48.37 -32.68 -7.00
N LEU D 155 47.56 -32.97 -8.05
CA LEU D 155 46.34 -33.68 -8.03
C LEU D 155 46.58 -35.13 -7.56
N GLU D 156 47.66 -35.74 -8.07
CA GLU D 156 48.05 -37.05 -7.73
C GLU D 156 48.43 -37.19 -6.32
N ALA D 157 49.21 -36.20 -5.80
CA ALA D 157 49.71 -36.20 -4.47
C ALA D 157 48.63 -36.09 -3.42
N LEU D 158 47.59 -35.19 -3.62
CA LEU D 158 46.53 -34.93 -2.64
C LEU D 158 45.73 -36.17 -2.40
N CYS D 159 45.53 -36.91 -3.52
CA CYS D 159 44.79 -38.16 -3.57
C CYS D 159 45.41 -39.19 -2.70
N ASP D 160 46.70 -39.33 -2.83
CA ASP D 160 47.53 -40.40 -2.30
C ASP D 160 47.56 -40.15 -0.82
N ARG D 161 47.83 -38.89 -0.38
CA ARG D 161 47.94 -38.64 1.08
C ARG D 161 46.67 -38.87 1.78
N TYR D 162 45.51 -38.31 1.29
CA TYR D 162 44.21 -38.53 1.78
C TYR D 162 43.34 -38.84 0.60
N PRO D 163 42.72 -39.98 0.31
CA PRO D 163 41.93 -40.26 -0.90
C PRO D 163 40.51 -39.79 -0.61
N LYS D 164 40.14 -39.84 0.66
CA LYS D 164 38.77 -39.63 1.14
C LYS D 164 38.11 -38.32 0.70
N LYS D 165 38.86 -37.19 0.76
CA LYS D 165 38.36 -35.83 0.55
C LYS D 165 38.10 -35.46 -0.88
N ILE D 166 37.45 -34.31 -1.04
CA ILE D 166 36.98 -33.85 -2.27
C ILE D 166 38.16 -33.18 -3.00
N LEU D 167 38.21 -33.50 -4.30
CA LEU D 167 39.12 -32.79 -5.19
C LEU D 167 38.19 -32.31 -6.19
N THR D 168 38.06 -30.98 -6.33
CA THR D 168 37.29 -30.40 -7.36
C THR D 168 38.21 -29.51 -8.20
N THR D 169 38.00 -29.36 -9.58
CA THR D 169 38.80 -28.49 -10.38
C THR D 169 37.88 -27.67 -11.28
N TYR D 170 38.38 -26.51 -11.54
CA TYR D 170 37.80 -25.59 -12.53
C TYR D 170 38.85 -25.55 -13.52
N SER D 171 38.67 -26.25 -14.69
CA SER D 171 39.70 -26.31 -15.71
C SER D 171 39.24 -25.56 -16.89
N VAL D 172 40.08 -24.63 -17.47
CA VAL D 172 39.81 -24.04 -18.70
C VAL D 172 40.45 -25.00 -19.67
N PHE D 173 39.63 -25.55 -20.56
CA PHE D 173 39.93 -26.54 -21.55
C PHE D 173 40.29 -25.94 -22.87
N PRO D 174 41.18 -26.57 -23.71
CA PRO D 174 41.43 -26.05 -25.06
C PRO D 174 40.36 -26.75 -25.88
N ALA D 175 39.78 -25.98 -26.87
CA ALA D 175 38.72 -26.51 -27.68
C ALA D 175 39.16 -27.53 -28.69
N ARG D 176 40.20 -27.18 -29.50
CA ARG D 176 40.65 -28.10 -30.50
C ARG D 176 42.03 -27.64 -30.85
N SER D 177 42.42 -26.45 -30.29
CA SER D 177 43.63 -25.65 -30.47
C SER D 177 43.28 -24.24 -29.85
N SER D 178 44.11 -23.75 -28.89
CA SER D 178 43.90 -22.44 -28.28
C SER D 178 44.73 -21.43 -29.09
N GLU D 179 46.08 -21.74 -29.23
CA GLU D 179 47.00 -21.02 -30.11
C GLU D 179 48.09 -21.97 -30.45
N VAL D 180 48.07 -23.21 -29.87
CA VAL D 180 49.14 -24.17 -30.10
C VAL D 180 48.57 -25.51 -30.59
N VAL D 181 49.40 -26.41 -31.19
CA VAL D 181 48.98 -27.70 -31.71
C VAL D 181 49.64 -28.77 -30.89
N VAL D 182 50.44 -28.42 -29.91
CA VAL D 182 50.93 -29.35 -28.86
C VAL D 182 49.80 -29.69 -27.94
N GLN D 183 48.58 -29.09 -28.14
CA GLN D 183 47.39 -29.12 -27.39
C GLN D 183 46.95 -30.52 -27.01
N SER D 184 46.99 -31.54 -27.94
CA SER D 184 46.59 -32.95 -27.82
C SER D 184 47.45 -33.68 -26.76
N TYR D 185 48.76 -33.42 -26.67
CA TYR D 185 49.69 -33.96 -25.66
C TYR D 185 49.25 -33.41 -24.34
N ASN D 186 48.95 -32.07 -24.19
CA ASN D 186 48.59 -31.52 -22.87
C ASN D 186 47.33 -32.17 -22.24
N THR D 187 46.28 -32.28 -23.15
CA THR D 187 44.93 -32.81 -22.85
C THR D 187 44.87 -34.24 -22.53
N ILE D 188 45.58 -35.08 -23.37
CA ILE D 188 45.60 -36.55 -23.26
C ILE D 188 46.22 -36.92 -21.87
N LEU D 189 47.41 -36.27 -21.63
CA LEU D 189 48.21 -36.53 -20.44
C LEU D 189 47.58 -36.13 -19.13
N ALA D 190 46.94 -34.97 -19.16
CA ALA D 190 46.20 -34.48 -18.01
C ALA D 190 44.98 -35.24 -17.67
N LEU D 191 44.22 -35.67 -18.67
CA LEU D 191 42.95 -36.32 -18.50
C LEU D 191 43.07 -37.66 -17.71
N ARG D 192 44.24 -38.38 -17.81
CA ARG D 192 44.54 -39.53 -17.04
C ARG D 192 44.45 -39.21 -15.58
N ARG D 193 45.07 -38.09 -15.08
CA ARG D 193 44.88 -37.56 -13.72
C ARG D 193 43.52 -36.98 -13.40
N LEU D 194 42.85 -36.26 -14.36
CA LEU D 194 41.57 -35.61 -14.09
C LEU D 194 40.50 -36.66 -13.86
N ILE D 195 40.55 -37.72 -14.59
CA ILE D 195 39.66 -38.84 -14.35
C ILE D 195 39.88 -39.57 -13.06
N GLU D 196 41.11 -40.00 -12.83
CA GLU D 196 41.39 -40.85 -11.63
C GLU D 196 41.53 -40.07 -10.44
N ASP D 197 42.23 -38.93 -10.49
CA ASP D 197 42.55 -38.20 -9.26
C ASP D 197 41.48 -37.32 -8.77
N SER D 198 40.41 -36.92 -9.56
CA SER D 198 39.45 -35.90 -9.11
C SER D 198 38.10 -36.55 -9.26
N ASP D 199 37.16 -35.99 -8.48
CA ASP D 199 35.74 -36.41 -8.54
C ASP D 199 34.85 -35.33 -9.05
N ALA D 200 35.35 -34.13 -9.36
CA ALA D 200 34.57 -33.20 -10.14
C ALA D 200 35.55 -32.47 -11.05
N THR D 201 35.15 -32.22 -12.38
CA THR D 201 35.92 -31.37 -13.30
C THR D 201 34.92 -30.43 -13.96
N VAL D 202 35.14 -29.07 -13.86
CA VAL D 202 34.33 -28.11 -14.62
C VAL D 202 35.07 -27.79 -15.87
N VAL D 203 34.50 -28.14 -17.03
CA VAL D 203 35.13 -27.84 -18.32
C VAL D 203 34.64 -26.48 -18.70
N PHE D 204 35.53 -25.53 -19.02
CA PHE D 204 35.17 -24.22 -19.60
C PHE D 204 35.80 -24.32 -20.99
N ASP D 205 35.07 -24.44 -22.22
CA ASP D 205 35.86 -24.61 -23.49
C ASP D 205 35.96 -23.21 -24.09
N ASN D 206 37.24 -22.86 -24.45
CA ASN D 206 37.71 -21.57 -24.69
C ASN D 206 37.28 -20.95 -25.95
N ALA D 207 36.74 -21.72 -26.93
CA ALA D 207 36.18 -21.13 -28.17
C ALA D 207 35.08 -20.20 -27.80
N SER D 208 34.22 -20.70 -26.87
CA SER D 208 33.11 -19.98 -26.37
C SER D 208 33.52 -18.82 -25.49
N LEU D 209 34.56 -18.96 -24.61
CA LEU D 209 35.10 -17.94 -23.78
C LEU D 209 35.69 -16.82 -24.54
N LEU D 210 36.45 -17.05 -25.68
CA LEU D 210 36.98 -16.00 -26.59
C LEU D 210 35.86 -15.28 -27.32
N ASN D 211 34.82 -16.08 -27.78
CA ASN D 211 33.75 -15.46 -28.51
C ASN D 211 33.04 -14.47 -27.60
N ILE D 212 32.86 -14.79 -26.33
CA ILE D 212 32.29 -13.89 -25.32
C ILE D 212 33.14 -12.62 -25.14
N SER D 213 34.48 -12.71 -25.02
CA SER D 213 35.35 -11.57 -24.84
C SER D 213 35.29 -10.68 -26.04
N GLY D 214 35.30 -11.27 -27.29
CA GLY D 214 35.40 -10.57 -28.52
C GLY D 214 34.20 -9.68 -28.77
N LYS D 215 33.01 -10.39 -28.58
CA LYS D 215 31.68 -9.82 -28.73
C LYS D 215 31.22 -8.86 -27.71
N VAL D 216 31.24 -9.33 -26.40
CA VAL D 216 30.51 -8.59 -25.34
C VAL D 216 31.19 -7.32 -24.92
N PHE D 217 32.49 -7.36 -24.69
CA PHE D 217 33.38 -6.30 -24.14
C PHE D 217 33.52 -5.25 -25.21
N ARG D 218 33.48 -5.65 -26.55
CA ARG D 218 33.35 -4.73 -27.66
C ARG D 218 34.74 -4.11 -27.90
N ASN D 219 35.76 -4.94 -27.55
CA ASN D 219 37.15 -4.72 -27.77
C ASN D 219 37.75 -5.80 -28.72
N PRO D 220 38.47 -5.57 -29.80
CA PRO D 220 38.76 -6.57 -30.81
C PRO D 220 40.15 -7.16 -30.52
N ASN D 221 40.94 -6.58 -29.60
CA ASN D 221 42.20 -7.04 -29.15
C ASN D 221 41.89 -7.90 -27.98
N ILE D 222 41.84 -9.24 -28.20
CA ILE D 222 41.35 -10.31 -27.29
C ILE D 222 42.58 -10.66 -26.39
N ASP D 223 42.40 -10.86 -25.06
CA ASP D 223 43.54 -11.16 -24.25
C ASP D 223 43.24 -12.24 -23.22
N LEU D 224 44.29 -12.83 -22.68
CA LEU D 224 44.25 -13.84 -21.60
C LEU D 224 43.71 -13.22 -20.36
N GLN D 225 44.09 -11.95 -20.07
CA GLN D 225 43.72 -11.15 -18.94
C GLN D 225 42.24 -10.84 -18.90
N HIS D 226 41.58 -10.59 -20.06
CA HIS D 226 40.20 -10.33 -20.32
C HIS D 226 39.32 -11.48 -19.96
N THR D 227 39.73 -12.67 -20.41
CA THR D 227 39.00 -13.91 -20.27
C THR D 227 39.02 -14.29 -18.75
N ASN D 228 40.07 -14.00 -18.00
CA ASN D 228 40.14 -14.33 -16.60
C ASN D 228 39.11 -13.62 -15.79
N GLN D 229 38.62 -12.42 -16.20
CA GLN D 229 37.64 -11.67 -15.51
C GLN D 229 36.29 -12.40 -15.33
N LEU D 230 35.86 -13.06 -16.46
CA LEU D 230 34.65 -13.77 -16.66
C LEU D 230 34.62 -14.95 -15.80
N ILE D 231 35.79 -15.69 -15.78
CA ILE D 231 36.02 -16.95 -15.00
C ILE D 231 35.88 -16.55 -13.49
N SER D 232 36.48 -15.38 -13.06
CA SER D 232 36.43 -14.92 -11.71
C SER D 232 35.06 -14.62 -11.14
N THR D 233 34.15 -14.04 -12.01
CA THR D 233 32.75 -13.85 -11.68
C THR D 233 31.99 -15.13 -11.43
N ILE D 234 32.27 -16.05 -12.38
CA ILE D 234 31.61 -17.35 -12.42
C ILE D 234 32.03 -18.05 -11.16
N ILE D 235 33.34 -18.01 -10.85
CA ILE D 235 33.92 -18.72 -9.64
C ILE D 235 33.20 -18.00 -8.41
N SER D 236 33.03 -16.64 -8.37
CA SER D 236 32.50 -15.97 -7.14
C SER D 236 31.01 -16.39 -6.88
N SER D 237 30.19 -16.52 -7.93
CA SER D 237 28.77 -16.80 -7.92
C SER D 237 28.46 -18.19 -7.42
N VAL D 238 29.29 -19.22 -7.73
CA VAL D 238 29.00 -20.54 -7.27
C VAL D 238 29.04 -20.71 -5.73
N THR D 239 29.94 -19.91 -5.02
CA THR D 239 30.04 -19.97 -3.56
C THR D 239 29.05 -19.15 -2.89
N ASN D 240 28.25 -18.30 -3.61
CA ASN D 240 27.30 -17.46 -3.04
C ASN D 240 26.34 -18.11 -2.10
N SER D 241 25.80 -19.30 -2.46
CA SER D 241 24.86 -20.05 -1.65
C SER D 241 25.53 -20.65 -0.41
N ILE D 242 26.91 -20.85 -0.43
CA ILE D 242 27.61 -21.41 0.68
C ILE D 242 27.66 -20.38 1.79
N ARG D 243 27.95 -19.19 1.34
CA ARG D 243 28.29 -17.98 2.05
C ARG D 243 27.10 -17.24 2.69
N PHE D 244 25.88 -17.58 2.25
CA PHE D 244 24.65 -17.17 2.93
C PHE D 244 24.27 -18.40 3.77
N PRO D 245 23.78 -18.31 5.02
CA PRO D 245 23.58 -19.50 5.76
C PRO D 245 22.09 -19.95 5.60
N SER D 246 21.63 -21.07 6.20
CA SER D 246 20.38 -21.73 6.03
C SER D 246 20.34 -22.66 4.78
N TYR D 247 21.36 -23.56 4.64
CA TYR D 247 21.48 -24.53 3.62
C TYR D 247 22.02 -25.79 4.21
N MET D 248 21.97 -26.94 3.47
CA MET D 248 22.16 -28.30 3.94
C MET D 248 22.32 -29.14 2.68
N TYR D 249 22.10 -28.67 1.43
CA TYR D 249 22.34 -29.33 0.22
C TYR D 249 22.97 -28.36 -0.70
N SER D 250 23.46 -27.17 -0.15
CA SER D 250 24.20 -26.20 -0.87
C SER D 250 25.34 -25.74 0.04
N SER D 251 25.98 -26.79 0.61
CA SER D 251 27.27 -26.73 1.32
C SER D 251 28.28 -27.28 0.34
N MET D 252 29.63 -27.15 0.57
CA MET D 252 30.60 -27.48 -0.45
C MET D 252 30.61 -28.87 -0.89
N SER D 253 30.53 -29.89 0.03
CA SER D 253 30.36 -31.36 -0.24
C SER D 253 29.10 -31.72 -1.00
N SER D 254 27.98 -31.12 -0.49
CA SER D 254 26.62 -31.47 -0.94
C SER D 254 26.37 -31.03 -2.33
N ILE D 255 26.97 -29.85 -2.65
CA ILE D 255 26.88 -29.33 -4.04
C ILE D 255 27.61 -30.14 -5.01
N TYR D 256 28.87 -30.69 -4.77
CA TYR D 256 29.53 -31.68 -5.66
C TYR D 256 28.79 -33.03 -5.73
N SER D 257 28.27 -33.58 -4.59
CA SER D 257 27.57 -34.89 -4.66
C SER D 257 26.41 -34.93 -5.55
N THR D 258 25.56 -33.89 -5.44
CA THR D 258 24.37 -33.74 -6.21
C THR D 258 24.58 -33.56 -7.65
N LEU D 259 25.51 -32.68 -7.97
CA LEU D 259 25.85 -32.20 -9.29
C LEU D 259 26.59 -33.32 -10.13
N ILE D 260 27.42 -34.17 -9.54
CA ILE D 260 28.16 -35.21 -10.21
C ILE D 260 27.29 -36.43 -10.11
N PRO D 261 26.92 -37.21 -11.17
CA PRO D 261 26.15 -38.43 -10.99
C PRO D 261 27.02 -39.63 -11.38
N SER D 262 28.37 -39.38 -11.57
CA SER D 262 29.24 -40.54 -11.75
C SER D 262 30.66 -40.12 -11.45
N PRO D 263 31.60 -40.92 -11.12
CA PRO D 263 32.88 -40.31 -10.82
C PRO D 263 33.68 -40.07 -12.12
N GLU D 264 33.45 -40.79 -13.15
CA GLU D 264 34.24 -40.86 -14.32
C GLU D 264 33.46 -40.37 -15.47
N LEU D 265 32.40 -39.58 -15.20
CA LEU D 265 31.52 -38.82 -16.07
C LEU D 265 31.18 -37.81 -15.06
N HIS D 266 31.83 -36.67 -15.09
CA HIS D 266 31.92 -35.66 -14.01
C HIS D 266 32.28 -34.43 -14.68
N PHE D 267 32.31 -34.44 -16.05
CA PHE D 267 32.71 -33.22 -16.74
C PHE D 267 31.46 -32.37 -16.94
N LEU D 268 31.57 -31.11 -16.42
CA LEU D 268 30.48 -30.15 -16.22
C LEU D 268 30.63 -28.99 -17.16
N SER D 269 29.50 -28.31 -17.57
CA SER D 269 29.52 -27.16 -18.35
C SER D 269 28.90 -26.04 -17.66
N PRO D 270 29.43 -24.82 -17.71
CA PRO D 270 28.73 -23.65 -17.20
C PRO D 270 28.01 -22.82 -18.24
N SER D 271 27.07 -22.01 -17.78
CA SER D 271 26.52 -20.94 -18.50
C SER D 271 26.35 -19.86 -17.49
N PHE D 272 26.36 -18.55 -17.88
CA PHE D 272 26.22 -17.51 -16.88
C PHE D 272 25.55 -16.51 -17.65
N THR D 273 24.64 -15.79 -16.88
CA THR D 273 24.09 -14.60 -17.43
C THR D 273 23.84 -13.79 -16.26
N PRO D 274 24.12 -12.42 -16.24
CA PRO D 274 24.92 -11.70 -17.18
C PRO D 274 26.30 -11.77 -16.75
N PHE D 275 27.28 -11.39 -17.61
CA PHE D 275 28.77 -11.28 -17.43
C PHE D 275 29.19 -10.40 -16.26
N THR D 276 28.54 -9.24 -16.12
CA THR D 276 28.64 -8.34 -14.97
C THR D 276 30.04 -7.87 -14.65
N SER D 277 30.98 -7.85 -15.62
CA SER D 277 32.39 -7.32 -15.46
C SER D 277 33.06 -7.13 -16.73
N ASP D 278 32.23 -7.15 -17.79
CA ASP D 278 32.74 -6.84 -19.05
C ASP D 278 31.73 -5.89 -19.61
N TYR D 279 31.13 -5.06 -18.74
CA TYR D 279 30.20 -4.02 -19.24
C TYR D 279 31.01 -2.82 -19.63
N ILE D 280 30.38 -1.88 -20.41
CA ILE D 280 30.91 -0.60 -20.74
C ILE D 280 29.80 0.43 -20.88
N HIS D 281 28.80 0.23 -20.04
CA HIS D 281 27.62 1.04 -19.99
C HIS D 281 27.46 1.14 -18.53
N ASP D 282 26.84 2.23 -18.04
CA ASP D 282 26.48 2.50 -16.66
C ASP D 282 24.95 2.50 -16.56
N ASP D 283 24.22 2.42 -17.69
CA ASP D 283 22.75 2.48 -17.63
C ASP D 283 22.09 1.14 -17.17
N ILE D 284 22.61 -0.07 -17.56
CA ILE D 284 21.98 -1.31 -17.14
C ILE D 284 23.19 -2.22 -16.99
N ALA D 285 23.01 -3.28 -16.17
CA ALA D 285 24.05 -4.19 -15.88
C ALA D 285 23.47 -5.50 -15.30
N HIS D 286 22.18 -5.74 -15.57
CA HIS D 286 21.42 -6.90 -15.06
C HIS D 286 20.19 -7.37 -15.77
N LYS D 287 19.72 -6.69 -16.82
CA LYS D 287 18.54 -6.94 -17.67
C LYS D 287 17.25 -7.32 -16.89
N GLY D 288 16.39 -8.13 -17.57
CA GLY D 288 15.16 -8.60 -16.96
C GLY D 288 15.53 -9.85 -16.23
N HIS D 289 15.05 -10.07 -14.95
CA HIS D 289 15.40 -11.33 -14.29
C HIS D 289 14.83 -12.59 -14.95
N SER D 290 13.65 -12.47 -15.49
CA SER D 290 13.10 -13.57 -16.25
C SER D 290 13.94 -13.91 -17.51
N SER D 291 14.43 -12.94 -18.25
CA SER D 291 15.30 -13.15 -19.45
C SER D 291 16.65 -13.86 -19.18
N TYR D 292 17.33 -13.53 -18.08
CA TYR D 292 18.57 -14.20 -17.68
C TYR D 292 18.30 -15.70 -17.27
N ASP D 293 17.21 -15.85 -16.50
CA ASP D 293 16.85 -17.14 -16.04
C ASP D 293 16.44 -18.15 -17.08
N VAL D 294 15.64 -17.59 -18.11
CA VAL D 294 15.33 -18.41 -19.28
C VAL D 294 16.61 -18.68 -20.06
N MET D 295 17.57 -17.73 -20.24
CA MET D 295 18.71 -17.78 -21.11
C MET D 295 19.72 -18.80 -20.85
N LEU D 296 19.85 -19.14 -19.55
CA LEU D 296 20.74 -20.17 -19.07
C LEU D 296 20.44 -21.53 -19.67
N ASP D 297 19.14 -21.79 -19.98
CA ASP D 297 18.62 -22.95 -20.66
C ASP D 297 18.93 -22.99 -22.15
N LEU D 298 19.08 -21.81 -22.82
CA LEU D 298 19.45 -21.60 -24.18
C LEU D 298 20.97 -21.71 -24.21
N LEU D 299 21.56 -21.94 -25.43
CA LEU D 299 22.96 -22.16 -25.64
C LEU D 299 23.66 -20.81 -25.88
N ASP D 300 22.88 -19.68 -26.07
CA ASP D 300 23.36 -18.40 -26.53
C ASP D 300 24.41 -17.58 -25.64
N PRO D 301 24.33 -17.61 -24.27
CA PRO D 301 25.34 -16.95 -23.33
C PRO D 301 26.30 -17.99 -22.76
N SER D 302 26.18 -19.31 -23.16
CA SER D 302 27.03 -20.38 -22.65
C SER D 302 28.55 -20.12 -22.83
N ASN D 303 29.36 -20.72 -21.93
CA ASN D 303 30.81 -20.50 -21.88
C ASN D 303 31.43 -21.85 -22.11
N SER D 304 30.68 -22.86 -22.60
CA SER D 304 31.24 -24.11 -23.10
C SER D 304 30.65 -24.43 -24.43
N LEU D 305 31.14 -25.43 -25.14
CA LEU D 305 30.49 -25.98 -26.41
C LEU D 305 29.69 -27.20 -26.03
N VAL D 306 29.78 -27.60 -24.75
CA VAL D 306 29.25 -28.85 -24.18
C VAL D 306 27.85 -28.55 -23.84
N SER D 307 27.39 -27.32 -23.90
CA SER D 307 26.10 -26.90 -23.55
C SER D 307 25.09 -27.28 -24.59
N THR D 308 25.59 -27.38 -25.85
CA THR D 308 24.79 -27.68 -27.01
C THR D 308 25.25 -29.00 -27.57
N ALA D 309 24.55 -29.39 -28.67
CA ALA D 309 24.94 -30.58 -29.42
C ALA D 309 26.21 -30.27 -30.12
N MET D 310 27.10 -31.27 -30.09
CA MET D 310 28.35 -31.34 -30.78
C MET D 310 28.41 -32.60 -31.62
N ASN D 311 27.19 -33.19 -31.80
CA ASN D 311 26.99 -34.37 -32.65
C ASN D 311 26.61 -35.59 -31.82
N ASN D 312 26.34 -35.31 -30.46
CA ASN D 312 25.84 -36.20 -29.44
C ASN D 312 24.47 -35.56 -28.99
N PRO D 313 23.32 -36.18 -28.73
CA PRO D 313 22.07 -35.56 -28.21
C PRO D 313 22.23 -34.80 -26.96
N THR D 314 21.55 -33.62 -26.87
CA THR D 314 21.57 -32.78 -25.75
C THR D 314 20.60 -33.42 -24.78
N TYR D 315 21.12 -33.79 -23.58
CA TYR D 315 20.46 -34.50 -22.51
C TYR D 315 21.10 -34.03 -21.31
N PHE D 316 20.27 -33.57 -20.32
CA PHE D 316 20.87 -33.15 -19.03
C PHE D 316 20.87 -34.45 -18.19
N ASN D 317 22.01 -34.85 -17.57
CA ASN D 317 22.00 -35.88 -16.60
C ASN D 317 21.49 -35.21 -15.36
N VAL D 318 22.06 -33.99 -15.08
CA VAL D 318 21.58 -33.16 -13.98
C VAL D 318 21.93 -31.66 -14.13
N TYR D 319 21.13 -30.76 -13.46
CA TYR D 319 21.32 -29.38 -13.62
C TYR D 319 21.19 -28.74 -12.26
N ASN D 320 22.09 -27.81 -11.91
CA ASN D 320 21.92 -27.04 -10.71
C ASN D 320 22.15 -25.63 -11.17
N THR D 321 21.25 -24.73 -10.72
CA THR D 321 21.20 -23.30 -11.00
C THR D 321 21.35 -22.63 -9.65
N ILE D 322 22.27 -21.66 -9.50
CA ILE D 322 22.48 -20.86 -8.34
C ILE D 322 22.02 -19.53 -8.65
N ILE D 323 21.00 -19.01 -7.95
CA ILE D 323 20.47 -17.72 -8.28
C ILE D 323 21.14 -16.77 -7.27
N GLY D 324 21.73 -15.61 -7.80
CA GLY D 324 22.48 -14.62 -6.98
C GLY D 324 21.93 -13.21 -7.13
N ASN D 325 21.57 -12.74 -5.93
CA ASN D 325 21.29 -11.35 -5.59
C ASN D 325 19.84 -11.22 -5.47
N VAL D 326 19.40 -10.27 -4.56
CA VAL D 326 18.07 -10.02 -4.06
C VAL D 326 17.04 -9.97 -5.20
N GLU D 327 15.91 -10.50 -4.87
CA GLU D 327 14.70 -10.56 -5.73
C GLU D 327 13.70 -11.19 -4.74
N PRO D 328 12.42 -10.77 -4.67
CA PRO D 328 11.38 -11.45 -3.83
C PRO D 328 11.42 -12.91 -4.02
N ARG D 329 11.38 -13.68 -2.91
CA ARG D 329 11.53 -15.08 -2.84
C ARG D 329 10.51 -15.92 -3.57
N GLN D 330 9.24 -15.43 -3.55
CA GLN D 330 8.10 -16.06 -4.18
C GLN D 330 8.25 -16.09 -5.73
N ILE D 331 8.77 -15.01 -6.33
CA ILE D 331 8.93 -14.93 -7.80
C ILE D 331 9.97 -15.88 -8.20
N SER D 332 11.06 -15.95 -7.40
CA SER D 332 12.12 -16.92 -7.60
C SER D 332 11.73 -18.35 -7.41
N ARG D 333 10.85 -18.67 -6.42
CA ARG D 333 10.42 -20.00 -6.23
C ARG D 333 9.60 -20.48 -7.38
N ALA D 334 8.71 -19.53 -7.91
CA ALA D 334 7.80 -19.78 -9.02
C ALA D 334 8.62 -20.08 -10.28
N MET D 335 9.79 -19.36 -10.58
CA MET D 335 10.56 -19.61 -11.75
C MET D 335 11.18 -21.04 -11.72
N THR D 336 11.70 -21.48 -10.51
CA THR D 336 12.34 -22.86 -10.43
C THR D 336 11.33 -23.93 -10.72
N LYS D 337 10.02 -23.72 -10.23
CA LYS D 337 8.90 -24.65 -10.44
C LYS D 337 8.50 -24.86 -11.88
N LEU D 338 8.45 -23.74 -12.65
CA LEU D 338 8.18 -23.79 -14.04
C LEU D 338 9.31 -24.50 -14.84
N GLN D 339 10.55 -24.32 -14.48
CA GLN D 339 11.71 -24.87 -15.11
C GLN D 339 11.66 -26.36 -14.95
N GLN D 340 11.16 -26.92 -13.78
CA GLN D 340 10.97 -28.37 -13.68
C GLN D 340 9.85 -28.92 -14.56
N ARG D 341 8.73 -28.17 -14.55
CA ARG D 341 7.49 -28.51 -15.21
C ARG D 341 7.61 -28.60 -16.74
N ILE D 342 8.32 -27.61 -17.37
CA ILE D 342 8.55 -27.67 -18.80
C ILE D 342 9.34 -28.83 -19.34
N LYS D 343 10.37 -29.38 -18.56
CA LYS D 343 11.19 -30.65 -18.82
C LYS D 343 11.99 -30.25 -20.06
N PHE D 344 12.89 -29.23 -19.94
CA PHE D 344 13.73 -28.88 -21.05
C PHE D 344 14.62 -29.94 -21.68
N PRO D 345 15.27 -30.88 -21.01
CA PRO D 345 16.01 -31.95 -21.66
C PRO D 345 15.17 -33.22 -21.66
N SER D 346 15.56 -34.31 -22.47
CA SER D 346 14.94 -35.66 -22.49
C SER D 346 15.22 -36.43 -21.22
N TRP D 347 14.31 -37.31 -20.86
CA TRP D 347 14.39 -38.05 -19.67
C TRP D 347 14.26 -39.48 -20.02
N SER D 348 15.05 -40.23 -19.24
CA SER D 348 15.12 -41.69 -19.28
C SER D 348 14.82 -42.15 -17.92
N SER D 349 15.07 -43.46 -17.67
CA SER D 349 14.82 -43.98 -16.34
C SER D 349 15.96 -43.94 -15.39
N SER D 350 17.15 -43.54 -15.95
CA SER D 350 18.45 -43.40 -15.36
C SER D 350 18.44 -42.12 -14.54
N ALA D 351 18.34 -40.92 -15.21
CA ALA D 351 17.97 -39.65 -14.63
C ALA D 351 16.60 -39.20 -15.11
N MET D 352 15.76 -38.80 -14.12
CA MET D 352 14.39 -38.46 -14.39
C MET D 352 13.96 -37.34 -13.47
N HIS D 353 13.35 -36.24 -14.01
CA HIS D 353 12.82 -35.06 -13.35
C HIS D 353 13.69 -34.47 -12.30
N VAL D 354 14.98 -34.16 -12.74
CA VAL D 354 15.97 -33.65 -11.85
C VAL D 354 16.65 -32.39 -12.39
N ASN D 355 16.09 -31.26 -12.00
CA ASN D 355 16.56 -29.94 -12.34
C ASN D 355 16.44 -29.30 -10.99
N ILE D 356 17.48 -28.66 -10.37
CA ILE D 356 17.16 -28.01 -9.07
C ILE D 356 17.60 -26.59 -9.34
N GLY D 357 16.99 -25.62 -8.59
CA GLY D 357 17.39 -24.19 -8.70
C GLY D 357 17.41 -23.71 -7.24
N ARG D 358 18.35 -22.79 -6.85
CA ARG D 358 18.44 -22.40 -5.47
C ARG D 358 18.48 -20.97 -5.55
N ARG D 359 17.83 -20.33 -4.51
CA ARG D 359 17.90 -18.86 -4.45
C ARG D 359 18.63 -18.62 -3.15
N SER D 360 19.52 -17.60 -3.25
CA SER D 360 20.31 -17.10 -2.20
C SER D 360 20.37 -15.60 -2.54
N PRO D 361 20.50 -14.65 -1.65
CA PRO D 361 20.70 -13.21 -1.96
C PRO D 361 22.16 -12.91 -1.89
N TYR D 362 22.51 -11.64 -2.10
CA TYR D 362 23.90 -11.24 -2.05
C TYR D 362 24.25 -10.96 -0.59
N LEU D 363 25.53 -10.71 -0.30
CA LEU D 363 26.03 -10.50 1.06
C LEU D 363 25.84 -9.02 1.12
N PRO D 364 25.10 -8.44 2.06
CA PRO D 364 25.01 -6.99 2.19
C PRO D 364 26.05 -6.55 3.16
N LEU D 365 27.31 -6.84 2.82
CA LEU D 365 28.39 -6.29 3.68
C LEU D 365 29.21 -5.33 2.92
N GLN D 366 28.74 -4.98 1.72
CA GLN D 366 29.38 -4.10 0.78
C GLN D 366 28.27 -3.09 0.40
N PRO D 367 28.59 -2.05 -0.37
CA PRO D 367 27.61 -1.06 -0.97
C PRO D 367 26.68 -1.81 -1.86
N ASN D 368 25.39 -1.34 -1.82
CA ASN D 368 24.20 -1.70 -2.48
C ASN D 368 24.49 -1.90 -3.91
N GLU D 369 23.72 -2.88 -4.42
CA GLU D 369 23.62 -3.21 -5.84
C GLU D 369 22.37 -3.99 -6.15
N ASN D 370 21.95 -4.03 -7.46
CA ASN D 370 20.72 -4.61 -7.96
C ASN D 370 21.14 -5.34 -9.24
N GLU D 371 22.36 -5.96 -9.17
CA GLU D 371 22.91 -6.70 -10.25
C GLU D 371 22.40 -8.12 -10.10
N VAL D 372 21.30 -8.53 -10.83
CA VAL D 372 20.75 -9.87 -10.57
C VAL D 372 21.49 -10.67 -11.55
N SER D 373 22.08 -11.82 -11.13
CA SER D 373 22.86 -12.71 -11.91
C SER D 373 22.53 -14.10 -11.48
N GLY D 374 22.90 -15.17 -12.24
CA GLY D 374 22.88 -16.49 -11.76
C GLY D 374 23.71 -17.30 -12.72
N MET D 375 24.18 -18.48 -12.36
CA MET D 375 25.05 -19.34 -13.10
C MET D 375 24.31 -20.57 -13.12
N MET D 376 24.54 -21.29 -14.24
CA MET D 376 24.02 -22.67 -14.33
C MET D 376 25.20 -23.54 -14.47
N LEU D 377 25.25 -24.68 -13.75
CA LEU D 377 26.23 -25.78 -13.95
C LEU D 377 25.44 -26.97 -14.26
N SER D 378 25.71 -27.70 -15.36
CA SER D 378 24.92 -28.86 -15.73
C SER D 378 25.84 -29.90 -16.22
N ASN D 379 25.51 -31.18 -16.11
CA ASN D 379 26.22 -32.40 -16.55
C ASN D 379 25.51 -32.95 -17.73
N MET D 380 26.16 -32.80 -18.88
CA MET D 380 25.80 -33.28 -20.15
C MET D 380 26.98 -34.08 -20.62
N SER D 381 26.66 -35.24 -21.37
CA SER D 381 27.63 -36.27 -21.72
C SER D 381 28.04 -36.03 -23.15
N THR D 382 27.95 -34.77 -23.64
CA THR D 382 28.13 -34.30 -25.01
C THR D 382 29.60 -33.78 -25.15
N VAL D 383 30.28 -33.67 -24.00
CA VAL D 383 31.67 -33.40 -23.71
C VAL D 383 32.62 -34.39 -24.37
N VAL D 384 32.13 -35.62 -24.64
CA VAL D 384 32.95 -36.60 -25.26
C VAL D 384 33.53 -36.27 -26.62
N ASN D 385 32.86 -35.44 -27.47
CA ASN D 385 33.32 -35.03 -28.82
C ASN D 385 34.61 -34.32 -28.64
N VAL D 386 34.71 -33.54 -27.46
CA VAL D 386 35.90 -32.75 -27.16
C VAL D 386 37.15 -33.61 -26.98
N PHE D 387 36.99 -34.77 -26.28
CA PHE D 387 38.12 -35.68 -26.07
C PHE D 387 38.64 -36.29 -27.36
N GLU D 388 37.72 -36.58 -28.31
CA GLU D 388 37.94 -37.23 -29.58
C GLU D 388 38.80 -36.35 -30.43
N ASN D 389 38.61 -35.01 -30.41
CA ASN D 389 39.38 -34.19 -31.26
C ASN D 389 40.87 -34.26 -30.94
N ALA D 390 41.13 -34.24 -29.63
CA ALA D 390 42.44 -34.33 -29.05
C ALA D 390 43.04 -35.66 -29.29
N CYS D 391 42.24 -36.71 -29.15
CA CYS D 391 42.70 -38.07 -29.41
C CYS D 391 43.14 -38.33 -30.87
N ASN D 392 42.36 -37.88 -31.84
CA ASN D 392 42.65 -38.12 -33.25
C ASN D 392 43.95 -37.38 -33.65
N THR D 393 44.10 -36.15 -33.16
CA THR D 393 45.21 -35.34 -33.44
C THR D 393 46.45 -36.02 -32.82
N PHE D 394 46.29 -36.60 -31.60
CA PHE D 394 47.38 -37.29 -30.87
C PHE D 394 47.81 -38.44 -31.62
N ASP D 395 46.83 -39.24 -32.21
CA ASP D 395 47.20 -40.46 -32.85
C ASP D 395 48.10 -40.20 -34.11
N LYS D 396 47.75 -39.17 -34.93
CA LYS D 396 48.44 -38.85 -36.17
C LYS D 396 49.86 -38.43 -35.99
N VAL D 397 49.99 -37.55 -35.01
CA VAL D 397 51.30 -36.98 -34.62
C VAL D 397 52.19 -38.09 -34.06
N PHE D 398 51.62 -39.05 -33.27
CA PHE D 398 52.42 -40.13 -32.63
C PHE D 398 53.07 -40.93 -33.68
N ALA D 399 52.31 -41.28 -34.76
CA ALA D 399 52.83 -42.09 -35.84
C ALA D 399 54.06 -41.44 -36.55
N LYS D 400 54.02 -40.12 -36.80
CA LYS D 400 55.04 -39.34 -37.35
C LYS D 400 56.27 -39.19 -36.48
N GLY D 401 55.98 -39.05 -35.14
CA GLY D 401 56.97 -38.87 -34.07
C GLY D 401 57.15 -37.48 -33.60
N ALA D 402 56.19 -36.66 -33.95
CA ALA D 402 56.12 -35.26 -33.61
C ALA D 402 55.75 -35.07 -32.12
N PHE D 403 56.29 -33.97 -31.54
CA PHE D 403 55.99 -33.50 -30.20
C PHE D 403 56.36 -34.57 -29.12
N LEU D 404 57.60 -35.09 -29.21
CA LEU D 404 58.22 -35.88 -28.17
C LEU D 404 59.49 -35.14 -27.78
N ASN D 405 59.49 -33.78 -27.86
CA ASN D 405 60.58 -32.95 -27.32
C ASN D 405 60.06 -32.44 -26.11
N ASN D 406 60.71 -32.84 -25.02
CA ASN D 406 60.36 -32.57 -23.67
C ASN D 406 59.03 -33.25 -23.38
N TYR D 407 58.88 -34.54 -23.73
CA TYR D 407 57.86 -35.42 -23.27
C TYR D 407 58.53 -36.74 -23.36
N ASN D 408 59.80 -36.67 -22.81
CA ASN D 408 60.82 -37.68 -22.77
C ASN D 408 61.83 -37.37 -21.64
N VAL D 409 61.82 -36.13 -21.09
CA VAL D 409 62.61 -35.65 -19.96
C VAL D 409 61.74 -35.93 -18.69
N GLY D 410 60.48 -36.29 -18.84
CA GLY D 410 59.54 -36.57 -17.76
C GLY D 410 59.72 -38.06 -17.52
N ASP D 411 59.64 -38.39 -16.23
CA ASP D 411 59.93 -39.72 -15.67
C ASP D 411 58.98 -40.72 -16.19
N LEU D 412 57.61 -40.44 -16.37
CA LEU D 412 56.66 -41.39 -16.81
C LEU D 412 57.00 -41.87 -18.21
N PHE D 413 57.37 -40.94 -19.13
CA PHE D 413 57.63 -41.26 -20.49
C PHE D 413 59.04 -41.76 -20.77
N GLN D 414 60.04 -41.55 -19.91
CA GLN D 414 61.35 -41.96 -20.14
C GLN D 414 61.41 -43.36 -19.95
N SER D 415 60.49 -43.85 -19.08
CA SER D 415 60.49 -45.23 -18.76
C SER D 415 59.95 -46.04 -19.98
N MET D 416 58.68 -45.71 -20.40
CA MET D 416 57.94 -46.38 -21.41
C MET D 416 56.91 -45.37 -21.94
N GLN D 417 56.66 -45.37 -23.24
CA GLN D 417 55.74 -44.57 -23.98
C GLN D 417 54.52 -45.36 -24.26
N ASN D 418 54.39 -46.51 -23.56
CA ASN D 418 53.27 -47.43 -23.55
C ASN D 418 52.13 -46.87 -22.88
N VAL D 419 52.52 -46.11 -21.85
CA VAL D 419 51.64 -45.56 -20.92
C VAL D 419 50.61 -44.67 -21.57
N GLN D 420 50.98 -43.83 -22.57
CA GLN D 420 50.23 -42.91 -23.38
C GLN D 420 49.23 -43.62 -24.33
N ASP D 421 49.65 -44.72 -24.95
CA ASP D 421 48.80 -45.65 -25.77
C ASP D 421 47.72 -46.37 -24.99
N GLU D 422 48.08 -46.84 -23.78
CA GLU D 422 47.11 -47.52 -22.80
C GLU D 422 46.09 -46.44 -22.36
N PHE D 423 46.47 -45.20 -22.09
CA PHE D 423 45.53 -44.12 -21.70
C PHE D 423 44.59 -43.81 -22.83
N ALA D 424 45.08 -43.76 -24.06
CA ALA D 424 44.25 -43.52 -25.19
C ALA D 424 43.07 -44.46 -25.46
N GLU D 425 43.33 -45.79 -25.28
CA GLU D 425 42.26 -46.79 -25.54
C GLU D 425 41.23 -46.64 -24.51
N SER D 426 41.75 -46.42 -23.27
CA SER D 426 40.89 -46.33 -22.12
C SER D 426 39.90 -45.17 -22.23
N ARG D 427 40.41 -43.99 -22.68
CA ARG D 427 39.57 -42.76 -22.66
C ARG D 427 38.41 -42.92 -23.60
N GLU D 428 38.68 -43.65 -24.76
CA GLU D 428 37.52 -43.96 -25.70
C GLU D 428 36.40 -44.89 -25.11
N VAL D 429 36.78 -45.94 -24.29
CA VAL D 429 35.80 -46.77 -23.64
C VAL D 429 35.04 -46.08 -22.66
N VAL D 430 35.62 -45.17 -21.88
CA VAL D 430 34.96 -44.32 -20.88
C VAL D 430 33.94 -43.35 -21.50
N GLN D 431 34.28 -42.77 -22.64
CA GLN D 431 33.40 -41.98 -23.38
C GLN D 431 32.14 -42.70 -23.89
N SER D 432 32.26 -43.95 -24.32
CA SER D 432 31.19 -44.82 -24.70
C SER D 432 30.25 -45.11 -23.58
N LEU D 433 30.87 -45.33 -22.36
CA LEU D 433 30.15 -45.64 -21.16
C LEU D 433 29.23 -44.49 -20.78
N MET D 434 29.68 -43.16 -20.99
CA MET D 434 28.86 -41.96 -20.67
C MET D 434 27.59 -41.86 -21.46
N GLU D 435 27.68 -42.19 -22.81
CA GLU D 435 26.62 -42.22 -23.73
C GLU D 435 25.67 -43.36 -23.36
N ASP D 436 26.23 -44.50 -22.91
CA ASP D 436 25.43 -45.62 -22.36
C ASP D 436 24.67 -45.24 -21.03
N TYR D 437 25.25 -44.33 -20.20
CA TYR D 437 24.65 -43.88 -18.98
C TYR D 437 23.35 -43.14 -19.17
N VAL D 438 23.19 -42.49 -20.40
CA VAL D 438 22.02 -41.82 -20.86
C VAL D 438 20.88 -42.78 -21.07
N ALA D 439 21.20 -44.04 -21.40
CA ALA D 439 20.20 -45.05 -21.60
C ALA D 439 19.94 -45.81 -20.37
N ALA D 440 18.64 -46.29 -20.21
CA ALA D 440 18.08 -46.87 -18.98
C ALA D 440 18.76 -48.13 -18.53
N GLU D 441 19.79 -48.18 -17.61
CA GLU D 441 20.57 -49.40 -17.37
C GLU D 441 21.32 -49.32 -16.07
N GLN D 442 21.14 -48.19 -15.37
CA GLN D 442 21.75 -47.93 -14.03
C GLN D 442 20.74 -48.00 -12.96
N ASP D 443 19.47 -48.05 -13.30
CA ASP D 443 18.36 -48.22 -12.43
C ASP D 443 17.19 -47.97 -13.37
N SER D 444 16.24 -48.90 -13.36
CA SER D 444 15.09 -48.80 -14.18
C SER D 444 13.91 -49.31 -13.33
N TYR D 445 12.68 -48.94 -13.68
CA TYR D 445 11.46 -49.18 -12.93
C TYR D 445 11.04 -50.66 -13.25
N UNK E 1 -31.77 7.45 47.68
CA UNK E 1 -32.13 6.92 46.38
C UNK E 1 -33.49 7.27 45.93
N UNK E 2 -33.80 6.84 44.66
CA UNK E 2 -35.05 7.09 44.06
C UNK E 2 -36.17 6.39 44.76
N UNK E 3 -35.88 5.19 45.20
CA UNK E 3 -36.80 4.31 45.88
C UNK E 3 -37.31 4.90 47.11
N UNK E 4 -36.37 5.51 47.86
CA UNK E 4 -36.61 6.20 49.10
C UNK E 4 -37.46 7.42 48.95
N UNK E 5 -37.30 8.23 47.84
CA UNK E 5 -38.08 9.44 47.63
C UNK E 5 -39.56 9.17 47.51
N UNK E 6 -39.78 8.09 46.71
CA UNK E 6 -41.12 7.57 46.40
C UNK E 6 -41.85 7.01 47.64
N UNK E 7 -41.04 6.26 48.56
CA UNK E 7 -41.40 5.81 49.88
C UNK E 7 -41.78 6.87 50.83
N UNK E 8 -41.03 8.07 50.84
CA UNK E 8 -41.26 9.19 51.74
C UNK E 8 -42.61 9.79 51.51
N UNK E 9 -43.10 9.84 50.25
CA UNK E 9 -44.39 10.35 49.82
C UNK E 9 -45.49 9.54 50.43
N UNK E 10 -45.35 8.22 50.41
CA UNK E 10 -46.22 7.27 50.95
C UNK E 10 -46.28 7.44 52.50
N UNK E 11 -45.09 7.67 53.20
CA UNK E 11 -44.96 7.83 54.60
C UNK E 11 -45.78 9.02 54.97
N UNK E 12 -45.68 10.11 54.17
CA UNK E 12 -46.33 11.42 54.41
C UNK E 12 -47.84 11.25 54.34
N UNK E 13 -48.35 10.61 53.27
CA UNK E 13 -49.78 10.34 52.99
C UNK E 13 -50.29 9.45 54.08
N UNK E 14 -49.55 8.47 54.61
CA UNK E 14 -49.95 7.69 55.85
C UNK E 14 -50.09 8.56 57.12
N UNK E 15 -49.18 9.55 57.28
CA UNK E 15 -49.29 10.56 58.35
C UNK E 15 -50.61 11.36 58.31
N UNK E 16 -51.09 11.76 57.13
CA UNK E 16 -52.30 12.56 56.84
C UNK E 16 -53.51 11.79 57.31
N UNK E 17 -53.57 10.48 57.09
CA UNK E 17 -54.66 9.58 57.48
C UNK E 17 -54.66 9.54 59.04
N UNK E 18 -53.46 9.48 59.69
CA UNK E 18 -53.32 9.53 61.09
C UNK E 18 -53.90 10.87 61.64
N UNK E 19 -53.59 11.96 60.91
CA UNK E 19 -54.21 13.29 61.18
C UNK E 19 -55.73 13.35 61.02
N UNK E 20 -56.37 12.72 60.00
CA UNK E 20 -57.75 12.70 59.66
C UNK E 20 -58.52 11.98 60.72
N UNK E 21 -57.99 10.79 61.13
CA UNK E 21 -58.82 10.01 62.12
C UNK E 21 -59.00 10.83 63.48
N UNK E 22 -58.00 11.63 63.88
CA UNK E 22 -58.01 12.32 65.16
C UNK E 22 -59.13 13.38 65.30
N UNK E 23 -59.37 14.14 64.21
CA UNK E 23 -60.40 15.14 63.95
C UNK E 23 -61.73 14.38 63.98
N UNK E 24 -61.78 13.22 63.34
CA UNK E 24 -63.05 12.46 63.32
C UNK E 24 -63.56 12.01 64.77
N UNK E 25 -62.58 11.50 65.57
CA UNK E 25 -62.72 10.92 66.91
C UNK E 25 -63.18 12.02 67.88
N UNK E 26 -62.52 13.26 67.74
CA UNK E 26 -62.80 14.36 68.61
C UNK E 26 -64.26 14.87 68.40
N UNK E 27 -64.57 14.99 67.07
CA UNK E 27 -65.81 15.53 66.60
C UNK E 27 -66.99 14.56 66.92
N UNK E 28 -66.84 13.20 67.02
CA UNK E 28 -67.90 12.24 67.35
C UNK E 28 -68.44 12.36 68.75
N UNK E 29 -67.64 12.80 69.79
CA UNK E 29 -68.07 12.91 71.19
C UNK E 29 -69.15 13.93 71.30
N UNK E 30 -69.04 15.05 70.47
CA UNK E 30 -69.89 16.18 70.50
C UNK E 30 -71.39 15.80 70.15
N UNK E 31 -71.46 14.89 69.20
CA UNK E 31 -72.67 14.43 68.66
C UNK E 31 -73.45 13.67 69.69
N UNK E 32 -72.73 12.83 70.43
CA UNK E 32 -73.29 12.03 71.56
C UNK E 32 -73.76 12.90 72.80
N UNK E 33 -72.97 13.90 73.25
CA UNK E 33 -73.41 14.78 74.28
C UNK E 33 -74.57 15.70 73.86
N UNK E 34 -74.57 16.27 72.63
CA UNK E 34 -75.57 17.18 72.09
C UNK E 34 -76.89 16.45 71.88
N UNK E 35 -76.85 15.19 71.47
CA UNK E 35 -77.98 14.33 71.23
C UNK E 35 -78.75 14.05 72.51
N UNK E 36 -77.98 13.95 73.65
CA UNK E 36 -78.57 13.84 74.96
C UNK E 36 -79.34 15.11 75.45
N UNK E 37 -78.83 16.40 75.13
CA UNK E 37 -79.45 17.65 75.39
C UNK E 37 -80.70 17.72 74.66
N UNK E 38 -80.75 17.23 73.34
CA UNK E 38 -81.99 17.31 72.63
C UNK E 38 -83.07 16.45 73.27
N UNK E 39 -82.64 15.22 73.70
CA UNK E 39 -83.54 14.20 74.25
C UNK E 39 -84.22 14.72 75.47
N UNK E 40 -83.46 15.32 76.37
CA UNK E 40 -84.01 15.90 77.54
C UNK E 40 -84.91 17.15 77.32
N UNK E 41 -84.47 18.14 76.51
CA UNK E 41 -85.07 19.37 76.23
C UNK E 41 -86.34 19.29 75.50
N UNK E 42 -86.50 18.41 74.49
CA UNK E 42 -87.64 18.30 73.64
C UNK E 42 -88.88 18.07 74.48
N UNK E 43 -88.71 17.17 75.52
CA UNK E 43 -89.71 16.78 76.49
C UNK E 43 -90.18 17.88 77.36
N UNK E 44 -89.22 18.68 77.87
CA UNK E 44 -89.53 19.75 78.81
C UNK E 44 -90.31 20.89 78.19
N UNK F 1 -43.07 -8.72 40.20
CA UNK F 1 -41.84 -8.48 40.96
C UNK F 1 -42.08 -7.70 42.25
N UNK F 2 -41.02 -7.12 42.78
CA UNK F 2 -40.97 -6.33 43.99
C UNK F 2 -41.77 -5.13 43.91
N UNK F 3 -41.74 -4.52 42.72
CA UNK F 3 -42.41 -3.33 42.25
C UNK F 3 -43.92 -3.53 42.32
N UNK F 4 -44.45 -4.69 41.91
CA UNK F 4 -45.87 -4.99 42.19
C UNK F 4 -46.19 -5.15 43.60
N UNK F 5 -45.37 -5.72 44.49
CA UNK F 5 -45.65 -5.97 45.90
C UNK F 5 -45.87 -4.67 46.62
N UNK F 6 -44.91 -3.74 46.32
CA UNK F 6 -44.86 -2.42 46.98
C UNK F 6 -46.08 -1.60 46.61
N UNK F 7 -46.44 -1.63 45.25
CA UNK F 7 -47.52 -0.82 44.71
C UNK F 7 -48.87 -1.25 45.38
N UNK F 8 -49.13 -2.58 45.62
CA UNK F 8 -50.41 -2.99 46.18
C UNK F 8 -50.56 -2.40 47.54
N UNK F 9 -49.50 -2.34 48.35
CA UNK F 9 -49.51 -1.89 49.71
C UNK F 9 -49.83 -0.50 49.77
N UNK F 10 -49.33 0.28 48.80
CA UNK F 10 -49.57 1.75 48.74
C UNK F 10 -51.08 2.06 48.62
N UNK F 11 -51.84 1.28 47.77
CA UNK F 11 -53.26 1.38 47.58
C UNK F 11 -54.13 1.07 48.84
N UNK F 12 -53.73 0.09 49.63
CA UNK F 12 -54.49 -0.27 50.81
C UNK F 12 -54.56 0.85 51.76
N UNK F 13 -53.41 1.52 52.01
CA UNK F 13 -53.27 2.65 52.87
C UNK F 13 -54.02 3.76 52.23
N UNK F 14 -53.97 3.86 50.87
CA UNK F 14 -54.56 4.94 50.15
C UNK F 14 -56.03 4.93 50.37
N UNK F 15 -56.67 3.75 50.39
CA UNK F 15 -58.09 3.41 50.61
C UNK F 15 -58.46 3.83 52.02
N UNK F 16 -57.60 3.57 53.02
CA UNK F 16 -57.83 4.01 54.41
C UNK F 16 -57.94 5.55 54.55
N UNK F 17 -57.07 6.32 53.88
CA UNK F 17 -57.03 7.73 53.84
C UNK F 17 -58.29 8.38 53.31
N UNK F 18 -58.79 7.77 52.27
CA UNK F 18 -59.90 8.22 51.51
C UNK F 18 -61.16 8.19 52.35
N UNK F 19 -61.39 7.11 53.07
CA UNK F 19 -62.49 6.98 53.97
C UNK F 19 -62.54 7.94 55.13
N UNK F 20 -61.36 8.20 55.73
CA UNK F 20 -61.26 9.09 56.87
C UNK F 20 -61.72 10.53 56.68
N UNK F 21 -61.50 10.98 55.46
CA UNK F 21 -61.91 12.33 54.98
C UNK F 21 -63.40 12.31 54.77
N UNK F 22 -64.03 11.31 54.10
CA UNK F 22 -65.45 11.26 53.82
C UNK F 22 -66.27 11.31 55.12
N UNK F 23 -65.85 10.40 56.01
CA UNK F 23 -66.39 10.33 57.31
C UNK F 23 -66.14 11.47 58.24
N UNK F 24 -64.97 12.17 58.28
CA UNK F 24 -64.78 13.34 59.17
C UNK F 24 -65.70 14.52 58.71
N UNK F 25 -65.97 14.77 57.44
CA UNK F 25 -66.87 15.79 56.94
C UNK F 25 -68.28 15.51 57.29
N UNK F 26 -68.71 14.22 57.35
CA UNK F 26 -70.09 13.86 57.62
C UNK F 26 -70.48 14.44 58.94
N UNK F 27 -69.54 14.37 59.88
CA UNK F 27 -69.65 14.79 61.27
C UNK F 27 -69.85 16.27 61.42
N UNK F 28 -69.21 17.08 60.53
CA UNK F 28 -69.35 18.51 60.45
C UNK F 28 -70.77 18.93 60.19
N UNK F 29 -71.32 18.19 59.22
CA UNK F 29 -72.62 18.36 58.71
C UNK F 29 -73.68 17.97 59.73
N UNK F 30 -73.40 16.86 60.45
CA UNK F 30 -74.21 16.36 61.52
C UNK F 30 -74.33 17.35 62.68
N UNK F 31 -73.19 18.01 63.08
CA UNK F 31 -73.14 19.02 64.20
C UNK F 31 -73.94 20.17 63.92
N UNK F 32 -73.98 20.61 62.61
CA UNK F 32 -74.87 21.78 62.19
C UNK F 32 -76.30 21.41 62.44
N UNK F 33 -76.80 20.19 62.14
CA UNK F 33 -78.19 19.84 62.37
C UNK F 33 -78.51 19.78 63.84
N UNK F 34 -77.63 19.13 64.58
CA UNK F 34 -77.78 18.89 66.04
C UNK F 34 -77.81 20.16 66.83
N UNK F 35 -76.98 21.16 66.36
CA UNK F 35 -76.80 22.55 66.93
C UNK F 35 -78.02 23.30 66.73
N UNK F 36 -78.63 23.18 65.53
CA UNK F 36 -79.82 23.85 65.15
C UNK F 36 -81.01 23.44 65.90
N UNK F 37 -81.13 22.14 66.19
CA UNK F 37 -82.16 21.49 67.01
C UNK F 37 -82.18 21.95 68.46
N UNK F 38 -81.00 22.14 69.14
CA UNK F 38 -81.08 22.60 70.47
C UNK F 38 -81.64 24.01 70.46
N UNK F 39 -81.11 24.78 69.46
CA UNK F 39 -81.37 26.21 69.41
C UNK F 39 -82.88 26.50 69.25
N UNK F 40 -83.59 25.82 68.35
CA UNK F 40 -85.06 25.96 68.13
C UNK F 40 -85.86 25.45 69.28
N UNK F 41 -85.38 24.29 69.85
CA UNK F 41 -86.07 23.74 71.00
C UNK F 41 -86.11 24.64 72.25
N UNK F 42 -84.95 25.24 72.64
CA UNK F 42 -85.00 26.07 73.80
C UNK F 42 -85.91 27.33 73.62
N UNK F 43 -85.74 27.99 72.46
CA UNK F 43 -86.44 29.25 72.14
C UNK F 43 -88.00 29.10 72.07
N UNK F 44 -88.42 28.11 71.26
CA UNK F 44 -89.77 27.84 70.89
C UNK F 44 -90.33 26.75 71.89
#